data_4TZ5
#
_entry.id   4TZ5
#
_cell.length_a   54.098
_cell.length_b   100.960
_cell.length_c   104.176
_cell.angle_alpha   90.000
_cell.angle_beta   91.100
_cell.angle_gamma   90.000
#
_symmetry.space_group_name_H-M   'P 1 21 1'
#
loop_
_entity.id
_entity.type
_entity.pdbx_description
1 polymer 'Putative secreted protein'
2 branched beta-D-glucopyranose-(1-3)-beta-D-glucopyranose-(1-3)-beta-D-glucopyranose-(1-3)-beta-D-glucopyranose-(1-3)-beta-D-glucopyranose-(1-3)-beta-D-glucopyranose
3 branched beta-D-glucopyranose-(1-3)-beta-D-glucopyranose-(1-3)-beta-D-glucopyranose-(1-3)-beta-D-glucopyranose-(1-3)-beta-D-glucopyranose
4 non-polymer 1,2-ETHANEDIOL
5 water water
#
_entity_poly.entity_id   1
_entity_poly.type   'polypeptide(L)'
_entity_poly.pdbx_seq_one_letter_code
;EVVGGGDLGPNVLVFDPSTPDIQGKVDEVFRKQESNQFGTDRYALMFKPGTYNDINAQIGFYTSIAGLGLNPDDTTFNGD
VTVDAGWFDGNATQNFWRSAENLALNPVNGTNRWAVSQAAPFRRMHVKGGLNLAPDGYGWASGGYIADSKIDGEVGPYSQ
QQWYTRDSSVGGWGNGVWNMTFSGVEGAPAQSFPEPPYTTLETTPVSREKPFLYLDGDDYKVFVPAKRTNARGTSWGNGT
PEGESLPLDQFYVVKPGATAETINAAVDQGLHLLFTPGVYHVDQPIEIDRANTVALGLGLATIIPDNGVTALKVGDVDGV
KVAGLLVDAGPVNSETLVEVGSDGASGDHAANPTSLQDVFVRIGGAGPGKATTSIVVNSNDTIIDHTWVWRADHGEGVGW
ETNRADYGVHVKGDNVLATGLFVEHFNKYDVQWSGENGKTIFYQNAKAYDAPDQAAIQNGDIKGYAAYKVDDSVTTHEGW
GMGSYCYFNVNPDIRQQHGFQAPVKPGVKFHDLLVVSLGGKGQYEHVINDIGDPTSGDTTIPSQVVSFP
;
_entity_poly.pdbx_strand_id   A,B
#
loop_
_chem_comp.id
_chem_comp.type
_chem_comp.name
_chem_comp.formula
BGC D-saccharide, beta linking beta-D-glucopyranose 'C6 H12 O6'
EDO non-polymer 1,2-ETHANEDIOL 'C2 H6 O2'
#
# COMPACT_ATOMS: atom_id res chain seq x y z
N GLU A 1 -51.06 0.81 -14.44
CA GLU A 1 -50.29 0.23 -13.36
C GLU A 1 -49.37 -0.88 -13.92
N VAL A 2 -49.39 -2.11 -13.36
CA VAL A 2 -48.25 -3.12 -13.56
C VAL A 2 -48.67 -4.58 -13.16
N VAL A 3 -47.98 -5.21 -12.21
CA VAL A 3 -48.15 -6.66 -11.87
C VAL A 3 -46.81 -7.38 -11.75
N GLY A 4 -46.63 -8.02 -10.62
CA GLY A 4 -45.45 -8.82 -10.36
C GLY A 4 -45.28 -10.00 -11.30
N GLY A 5 -44.59 -11.01 -10.77
CA GLY A 5 -44.04 -12.14 -11.49
C GLY A 5 -44.53 -12.52 -12.89
N GLY A 6 -45.04 -13.74 -13.01
CA GLY A 6 -45.48 -14.26 -14.31
C GLY A 6 -44.44 -15.12 -15.00
N ASP A 7 -44.90 -16.05 -15.85
CA ASP A 7 -44.19 -16.60 -17.05
C ASP A 7 -42.72 -16.18 -17.29
N LEU A 8 -41.77 -17.09 -17.04
CA LEU A 8 -40.40 -16.79 -17.46
C LEU A 8 -40.24 -16.86 -18.99
N GLY A 9 -41.23 -17.44 -19.68
CA GLY A 9 -41.26 -17.42 -21.12
C GLY A 9 -40.59 -18.63 -21.77
N PRO A 10 -40.67 -18.70 -23.11
CA PRO A 10 -40.14 -19.87 -23.80
C PRO A 10 -38.60 -19.89 -23.94
N ASN A 11 -37.93 -18.80 -23.56
CA ASN A 11 -36.45 -18.75 -23.62
C ASN A 11 -35.76 -19.23 -22.33
N VAL A 12 -36.52 -19.53 -21.27
CA VAL A 12 -35.97 -20.10 -20.03
C VAL A 12 -36.42 -21.55 -19.95
N LEU A 13 -35.49 -22.46 -20.17
CA LEU A 13 -35.78 -23.88 -20.23
C LEU A 13 -35.53 -24.48 -18.84
N VAL A 14 -36.55 -25.13 -18.29
CA VAL A 14 -36.50 -25.59 -16.92
C VAL A 14 -36.53 -27.12 -16.90
N PHE A 15 -35.39 -27.73 -16.57
CA PHE A 15 -35.24 -29.18 -16.52
C PHE A 15 -35.36 -29.73 -15.11
N ASP A 16 -35.81 -30.98 -15.01
CA ASP A 16 -35.50 -31.75 -13.80
C ASP A 16 -35.16 -33.21 -14.16
N PRO A 17 -34.81 -34.04 -13.16
CA PRO A 17 -34.28 -35.36 -13.54
C PRO A 17 -35.27 -36.37 -14.11
N SER A 18 -36.40 -35.94 -14.65
CA SER A 18 -36.81 -36.50 -15.94
C SER A 18 -36.43 -35.46 -16.95
N THR A 19 -37.45 -34.78 -17.42
CA THR A 19 -37.44 -34.20 -18.70
C THR A 19 -36.87 -35.25 -19.62
N PRO A 20 -37.69 -35.74 -20.52
CA PRO A 20 -37.06 -36.73 -21.40
C PRO A 20 -35.92 -36.13 -22.21
N ASP A 21 -35.04 -36.99 -22.72
CA ASP A 21 -34.05 -36.54 -23.68
C ASP A 21 -33.37 -35.21 -23.28
N ILE A 22 -32.48 -35.26 -22.31
CA ILE A 22 -31.77 -34.03 -21.94
C ILE A 22 -30.63 -33.68 -22.89
N GLN A 23 -29.76 -34.64 -23.18
CA GLN A 23 -28.66 -34.41 -24.10
C GLN A 23 -29.22 -33.78 -25.36
N GLY A 24 -30.27 -34.40 -25.94
CA GLY A 24 -30.86 -33.89 -27.16
C GLY A 24 -31.34 -32.43 -27.08
N LYS A 25 -31.92 -32.06 -25.95
CA LYS A 25 -32.46 -30.70 -25.77
C LYS A 25 -31.36 -29.63 -25.57
N VAL A 26 -30.31 -30.00 -24.87
CA VAL A 26 -29.15 -29.11 -24.75
C VAL A 26 -28.27 -29.21 -26.02
N ASP A 27 -28.11 -30.42 -26.57
CA ASP A 27 -27.56 -30.61 -27.92
C ASP A 27 -28.20 -29.63 -28.94
N GLU A 28 -29.53 -29.55 -29.03
CA GLU A 28 -30.13 -28.68 -30.06
C GLU A 28 -29.59 -27.27 -29.85
N VAL A 29 -29.87 -26.72 -28.67
CA VAL A 29 -29.53 -25.33 -28.32
C VAL A 29 -28.08 -25.01 -28.70
N PHE A 30 -27.14 -25.90 -28.36
CA PHE A 30 -25.77 -25.74 -28.81
C PHE A 30 -25.67 -25.68 -30.34
N ARG A 31 -26.47 -26.44 -31.09
CA ARG A 31 -26.21 -26.48 -32.54
C ARG A 31 -26.59 -25.12 -33.10
N LYS A 32 -27.68 -24.60 -32.60
CA LYS A 32 -28.11 -23.28 -33.04
C LYS A 32 -27.30 -22.12 -32.45
N GLN A 33 -26.64 -22.34 -31.32
CA GLN A 33 -25.88 -21.26 -30.67
C GLN A 33 -24.35 -21.34 -30.84
N GLU A 34 -23.83 -22.49 -31.22
CA GLU A 34 -22.40 -22.69 -31.27
C GLU A 34 -21.62 -21.61 -32.05
N SER A 35 -22.08 -21.29 -33.24
CA SER A 35 -21.40 -20.35 -34.13
C SER A 35 -22.09 -19.01 -34.17
N ASN A 36 -23.11 -18.86 -33.32
CA ASN A 36 -24.05 -17.74 -33.44
C ASN A 36 -23.57 -16.49 -32.71
N GLN A 37 -22.46 -15.93 -33.21
CA GLN A 37 -21.71 -14.98 -32.41
C GLN A 37 -22.46 -13.66 -32.20
N PHE A 38 -23.19 -13.25 -33.21
CA PHE A 38 -23.83 -11.94 -33.23
C PHE A 38 -25.34 -12.04 -33.50
N GLY A 39 -25.93 -13.20 -33.26
CA GLY A 39 -27.36 -13.38 -33.47
C GLY A 39 -28.08 -12.87 -32.25
N THR A 40 -29.43 -12.79 -32.32
CA THR A 40 -30.20 -12.28 -31.24
C THR A 40 -30.92 -13.40 -30.45
N ASP A 41 -30.72 -14.68 -30.83
CA ASP A 41 -31.21 -15.78 -29.99
C ASP A 41 -30.58 -15.63 -28.58
N ARG A 42 -31.37 -15.94 -27.53
CA ARG A 42 -30.92 -15.93 -26.15
C ARG A 42 -31.54 -17.13 -25.41
N TYR A 43 -30.77 -17.76 -24.53
CA TYR A 43 -31.28 -18.89 -23.75
C TYR A 43 -30.68 -19.03 -22.36
N ALA A 44 -31.51 -19.41 -21.41
CA ALA A 44 -31.06 -19.75 -20.06
C ALA A 44 -31.54 -21.15 -19.79
N LEU A 45 -30.61 -21.98 -19.38
CA LEU A 45 -30.86 -23.40 -19.11
C LEU A 45 -30.81 -23.58 -17.59
N MET A 46 -31.94 -23.99 -17.01
CA MET A 46 -32.09 -23.98 -15.59
C MET A 46 -32.45 -25.36 -15.11
N PHE A 47 -31.67 -25.84 -14.14
CA PHE A 47 -31.79 -27.21 -13.63
C PHE A 47 -32.27 -27.21 -12.19
N LYS A 48 -33.43 -27.85 -11.98
CA LYS A 48 -33.97 -28.06 -10.64
C LYS A 48 -33.04 -28.92 -9.79
N PRO A 49 -33.07 -28.76 -8.45
CA PRO A 49 -32.18 -29.60 -7.64
C PRO A 49 -32.38 -31.10 -7.87
N GLY A 50 -31.27 -31.80 -7.84
CA GLY A 50 -31.25 -33.23 -8.08
C GLY A 50 -29.94 -33.66 -8.74
N THR A 51 -29.89 -34.94 -9.09
CA THR A 51 -28.75 -35.56 -9.72
C THR A 51 -29.11 -35.85 -11.15
N TYR A 52 -28.17 -35.53 -12.05
CA TYR A 52 -28.32 -35.67 -13.49
C TYR A 52 -27.16 -36.53 -14.08
N ASN A 53 -27.51 -37.61 -14.77
CA ASN A 53 -26.51 -38.53 -15.38
C ASN A 53 -26.29 -38.33 -16.88
N ASP A 54 -25.23 -38.97 -17.43
CA ASP A 54 -24.94 -39.03 -18.88
C ASP A 54 -25.30 -37.72 -19.51
N ILE A 55 -24.77 -36.69 -18.86
CA ILE A 55 -24.88 -35.34 -19.33
C ILE A 55 -23.51 -34.81 -19.80
N ASN A 56 -23.58 -33.98 -20.85
CA ASN A 56 -22.48 -33.11 -21.27
C ASN A 56 -23.11 -31.90 -21.95
N ALA A 57 -23.30 -30.84 -21.17
CA ALA A 57 -23.97 -29.62 -21.65
C ALA A 57 -22.93 -28.73 -22.30
N GLN A 58 -22.85 -28.76 -23.64
CA GLN A 58 -21.94 -27.86 -24.33
C GLN A 58 -22.68 -26.53 -24.46
N ILE A 59 -21.96 -25.46 -24.11
CA ILE A 59 -22.55 -24.13 -23.95
C ILE A 59 -22.05 -23.24 -25.11
N GLY A 60 -22.97 -22.76 -25.94
CA GLY A 60 -22.63 -21.87 -27.04
C GLY A 60 -22.81 -20.40 -26.67
N PHE A 61 -22.82 -19.55 -27.68
CA PHE A 61 -23.08 -18.13 -27.45
C PHE A 61 -24.44 -17.89 -26.80
N TYR A 62 -24.48 -16.87 -25.97
CA TYR A 62 -25.71 -16.36 -25.36
C TYR A 62 -26.54 -17.45 -24.68
N THR A 63 -25.84 -18.34 -24.02
CA THR A 63 -26.47 -19.42 -23.26
C THR A 63 -25.92 -19.35 -21.84
N SER A 64 -26.82 -19.23 -20.87
CA SER A 64 -26.48 -19.39 -19.46
C SER A 64 -26.99 -20.76 -18.96
N ILE A 65 -26.24 -21.35 -18.05
CA ILE A 65 -26.66 -22.63 -17.45
C ILE A 65 -26.51 -22.49 -15.96
N ALA A 66 -27.50 -22.97 -15.22
CA ALA A 66 -27.37 -22.94 -13.79
C ALA A 66 -28.33 -23.82 -13.08
N GLY A 67 -28.02 -23.97 -11.80
CA GLY A 67 -28.79 -24.77 -10.87
C GLY A 67 -29.71 -23.89 -10.04
N LEU A 68 -30.71 -24.53 -9.43
CA LEU A 68 -31.77 -23.84 -8.66
C LEU A 68 -31.84 -24.22 -7.19
N GLY A 69 -30.84 -24.95 -6.70
CA GLY A 69 -30.69 -25.10 -5.24
C GLY A 69 -30.20 -23.79 -4.65
N LEU A 70 -30.32 -23.61 -3.33
CA LEU A 70 -29.74 -22.48 -2.62
C LEU A 70 -28.23 -22.66 -2.71
N ASN A 71 -27.80 -23.92 -2.62
CA ASN A 71 -26.38 -24.30 -2.71
C ASN A 71 -25.92 -25.16 -3.92
N PRO A 72 -24.66 -24.99 -4.35
CA PRO A 72 -24.30 -25.63 -5.64
C PRO A 72 -24.43 -27.19 -5.66
N ASP A 73 -24.24 -27.85 -4.53
CA ASP A 73 -24.26 -29.33 -4.58
C ASP A 73 -25.65 -29.94 -4.53
N ASP A 74 -26.62 -29.10 -4.22
CA ASP A 74 -28.04 -29.40 -4.41
C ASP A 74 -28.37 -29.82 -5.87
N THR A 75 -27.58 -29.33 -6.85
CA THR A 75 -27.80 -29.64 -8.27
C THR A 75 -26.50 -30.17 -8.86
N THR A 76 -26.40 -31.51 -8.98
CA THR A 76 -25.20 -32.20 -9.39
C THR A 76 -25.29 -32.87 -10.77
N PHE A 77 -24.30 -32.59 -11.61
CA PHE A 77 -24.17 -33.28 -12.91
C PHE A 77 -23.06 -34.34 -12.75
N ASN A 78 -23.40 -35.58 -13.05
CA ASN A 78 -22.42 -36.61 -13.30
C ASN A 78 -22.16 -36.50 -14.77
N GLY A 79 -21.22 -35.62 -15.09
CA GLY A 79 -21.13 -35.06 -16.41
C GLY A 79 -20.62 -33.61 -16.42
N ASP A 80 -20.64 -33.02 -17.61
CA ASP A 80 -19.84 -31.82 -17.88
C ASP A 80 -20.67 -30.60 -18.30
N VAL A 81 -20.14 -29.43 -18.00
CA VAL A 81 -20.63 -28.16 -18.54
C VAL A 81 -19.44 -27.67 -19.36
N THR A 82 -19.54 -27.80 -20.67
CA THR A 82 -18.36 -27.76 -21.54
C THR A 82 -18.34 -26.59 -22.52
N VAL A 83 -17.22 -25.87 -22.58
CA VAL A 83 -16.94 -24.93 -23.67
C VAL A 83 -15.63 -25.31 -24.33
N ASP A 84 -15.70 -25.59 -25.62
CA ASP A 84 -14.51 -25.86 -26.43
C ASP A 84 -14.60 -24.94 -27.68
N ALA A 85 -13.66 -25.09 -28.60
CA ALA A 85 -13.54 -24.16 -29.74
C ALA A 85 -13.65 -24.84 -31.12
N GLY A 86 -14.26 -26.00 -31.18
CA GLY A 86 -14.48 -26.69 -32.46
C GLY A 86 -14.82 -25.76 -33.63
N TRP A 87 -15.74 -24.85 -33.39
CA TRP A 87 -16.27 -24.01 -34.46
C TRP A 87 -15.23 -23.03 -34.99
N PHE A 88 -14.13 -22.86 -34.26
CA PHE A 88 -13.09 -21.91 -34.65
C PHE A 88 -11.70 -22.57 -34.61
N ASP A 89 -11.63 -23.89 -34.85
CA ASP A 89 -10.38 -24.58 -35.07
C ASP A 89 -9.48 -24.48 -33.84
N GLY A 90 -10.05 -24.73 -32.66
CA GLY A 90 -9.22 -24.74 -31.47
C GLY A 90 -8.76 -23.40 -30.97
N ASN A 91 -9.11 -22.34 -31.71
CA ASN A 91 -8.93 -20.95 -31.29
C ASN A 91 -10.13 -20.50 -30.42
N ALA A 92 -9.89 -20.24 -29.13
CA ALA A 92 -10.98 -19.96 -28.19
C ALA A 92 -11.17 -18.46 -27.97
N THR A 93 -10.59 -17.62 -28.82
CA THR A 93 -10.59 -16.16 -28.54
C THR A 93 -11.85 -15.42 -28.96
N GLN A 94 -12.82 -16.13 -29.52
CA GLN A 94 -14.15 -15.56 -29.72
C GLN A 94 -15.22 -16.26 -28.88
N ASN A 95 -14.79 -17.01 -27.85
CA ASN A 95 -15.76 -17.74 -27.05
C ASN A 95 -16.30 -16.87 -25.92
N PHE A 96 -17.23 -16.01 -26.32
CA PHE A 96 -17.79 -14.96 -25.48
C PHE A 96 -19.26 -15.20 -25.03
N TRP A 97 -19.70 -14.40 -24.06
CA TRP A 97 -21.12 -14.14 -23.73
C TRP A 97 -21.89 -15.41 -23.35
N ARG A 98 -21.39 -16.10 -22.34
CA ARG A 98 -22.06 -17.29 -21.84
C ARG A 98 -21.78 -17.41 -20.36
N SER A 99 -22.33 -18.39 -19.65
CA SER A 99 -22.08 -18.43 -18.21
C SER A 99 -22.56 -19.74 -17.58
N ALA A 100 -21.95 -20.03 -16.43
CA ALA A 100 -22.29 -21.20 -15.61
C ALA A 100 -22.34 -20.75 -14.14
N GLU A 101 -23.41 -21.13 -13.44
CA GLU A 101 -23.53 -20.79 -12.02
C GLU A 101 -24.28 -21.85 -11.22
N ASN A 102 -23.87 -22.05 -9.97
CA ASN A 102 -24.67 -22.76 -8.93
C ASN A 102 -24.96 -24.21 -9.28
N LEU A 103 -23.90 -24.89 -9.69
CA LEU A 103 -23.94 -26.32 -10.03
C LEU A 103 -22.73 -27.04 -9.46
N ALA A 104 -22.91 -28.34 -9.20
CA ALA A 104 -21.80 -29.20 -8.87
C ALA A 104 -21.56 -30.12 -10.06
N LEU A 105 -20.29 -30.25 -10.48
CA LEU A 105 -19.92 -31.10 -11.62
C LEU A 105 -19.00 -32.24 -11.18
N ASN A 106 -19.34 -33.41 -11.66
CA ASN A 106 -18.52 -34.64 -11.48
C ASN A 106 -18.09 -35.06 -12.89
N PRO A 107 -16.99 -34.45 -13.39
CA PRO A 107 -16.73 -34.51 -14.83
C PRO A 107 -16.37 -35.90 -15.31
N VAL A 108 -16.87 -36.27 -16.47
CA VAL A 108 -16.86 -37.66 -16.88
C VAL A 108 -15.47 -38.28 -16.94
N ASN A 109 -14.43 -37.52 -17.29
CA ASN A 109 -13.06 -38.04 -17.21
C ASN A 109 -12.22 -37.42 -16.10
N GLY A 110 -12.87 -36.76 -15.15
CA GLY A 110 -12.12 -36.18 -14.06
C GLY A 110 -11.83 -34.69 -14.16
N THR A 111 -11.99 -34.13 -15.35
CA THR A 111 -11.67 -32.72 -15.58
C THR A 111 -12.74 -32.10 -16.46
N ASN A 112 -13.33 -30.99 -16.02
CA ASN A 112 -14.25 -30.24 -16.84
C ASN A 112 -13.50 -29.20 -17.67
N ARG A 113 -13.92 -29.03 -18.93
CA ARG A 113 -13.38 -28.02 -19.82
C ARG A 113 -14.27 -26.79 -19.94
N TRP A 114 -13.70 -25.64 -19.59
CA TRP A 114 -14.35 -24.32 -19.67
C TRP A 114 -13.37 -23.39 -20.41
N ALA A 115 -13.25 -23.59 -21.71
CA ALA A 115 -12.27 -22.89 -22.55
C ALA A 115 -12.84 -21.62 -23.17
N VAL A 116 -12.94 -20.59 -22.35
CA VAL A 116 -13.62 -19.35 -22.73
C VAL A 116 -12.67 -18.19 -22.85
N SER A 117 -13.15 -17.11 -23.47
CA SER A 117 -12.48 -15.83 -23.37
C SER A 117 -13.41 -14.90 -22.61
N GLN A 118 -13.58 -13.66 -23.06
CA GLN A 118 -14.20 -12.63 -22.23
C GLN A 118 -15.72 -12.80 -22.06
N ALA A 119 -16.24 -12.25 -20.96
CA ALA A 119 -17.69 -12.28 -20.62
C ALA A 119 -18.24 -13.68 -20.60
N ALA A 120 -17.52 -14.57 -19.91
CA ALA A 120 -17.97 -15.95 -19.71
C ALA A 120 -17.83 -16.40 -18.24
N PRO A 121 -18.58 -15.76 -17.34
CA PRO A 121 -18.38 -16.00 -15.91
C PRO A 121 -18.67 -17.44 -15.45
N PHE A 122 -17.93 -17.86 -14.43
CA PHE A 122 -17.98 -19.20 -13.82
C PHE A 122 -18.12 -18.87 -12.32
N ARG A 123 -19.38 -18.88 -11.85
CA ARG A 123 -19.71 -18.45 -10.49
C ARG A 123 -20.38 -19.55 -9.66
N ARG A 124 -20.05 -19.60 -8.38
CA ARG A 124 -20.76 -20.49 -7.45
C ARG A 124 -20.83 -21.93 -7.94
N MET A 125 -19.70 -22.38 -8.43
CA MET A 125 -19.58 -23.77 -8.90
C MET A 125 -18.76 -24.64 -7.98
N HIS A 126 -19.12 -25.92 -7.97
CA HIS A 126 -18.29 -26.93 -7.30
C HIS A 126 -17.87 -28.01 -8.28
N VAL A 127 -16.61 -27.96 -8.69
CA VAL A 127 -16.05 -28.97 -9.58
C VAL A 127 -15.37 -30.09 -8.78
N LYS A 128 -15.93 -31.28 -8.87
CA LYS A 128 -15.41 -32.41 -8.10
C LYS A 128 -14.36 -33.12 -9.00
N GLY A 129 -13.27 -32.39 -9.21
CA GLY A 129 -12.22 -32.78 -10.13
C GLY A 129 -11.44 -31.56 -10.57
N GLY A 130 -10.79 -31.67 -11.71
CA GLY A 130 -9.97 -30.61 -12.26
C GLY A 130 -10.76 -29.74 -13.21
N LEU A 131 -10.17 -28.61 -13.58
CA LEU A 131 -10.81 -27.64 -14.46
C LEU A 131 -9.79 -27.20 -15.49
N ASN A 132 -10.03 -27.57 -16.75
CA ASN A 132 -9.11 -27.17 -17.83
C ASN A 132 -9.74 -25.96 -18.54
N LEU A 133 -9.02 -24.85 -18.56
CA LEU A 133 -9.48 -23.62 -19.21
C LEU A 133 -9.01 -23.47 -20.65
N ALA A 134 -8.36 -24.50 -21.19
CA ALA A 134 -7.84 -24.42 -22.57
C ALA A 134 -8.64 -25.25 -23.56
N PRO A 135 -8.80 -24.75 -24.77
CA PRO A 135 -9.43 -25.62 -25.77
C PRO A 135 -8.57 -26.84 -26.01
N ASP A 136 -9.21 -27.89 -26.49
CA ASP A 136 -8.47 -29.08 -26.86
C ASP A 136 -7.54 -28.69 -28.01
N GLY A 137 -6.25 -29.03 -27.86
CA GLY A 137 -5.20 -28.63 -28.78
C GLY A 137 -4.41 -27.45 -28.28
N TYR A 138 -5.03 -26.80 -27.28
CA TYR A 138 -4.35 -25.87 -26.39
C TYR A 138 -4.00 -24.57 -27.20
N GLY A 139 -4.85 -24.27 -28.17
CA GLY A 139 -4.72 -23.04 -28.93
C GLY A 139 -5.07 -21.78 -28.14
N TRP A 140 -5.24 -20.69 -28.86
CA TRP A 140 -5.28 -19.40 -28.22
C TRP A 140 -6.55 -19.19 -27.41
N ALA A 141 -6.40 -18.50 -26.29
CA ALA A 141 -7.53 -18.20 -25.42
C ALA A 141 -7.28 -16.95 -24.60
N SER A 142 -8.34 -16.22 -24.24
CA SER A 142 -8.16 -14.92 -23.53
C SER A 142 -9.27 -14.62 -22.51
N GLY A 143 -9.40 -15.45 -21.49
CA GLY A 143 -10.37 -15.24 -20.45
C GLY A 143 -9.79 -14.36 -19.35
N GLY A 144 -10.33 -14.45 -18.13
CA GLY A 144 -11.47 -15.24 -17.77
C GLY A 144 -11.75 -14.92 -16.31
N TYR A 145 -12.80 -15.51 -15.75
CA TYR A 145 -13.33 -15.06 -14.48
C TYR A 145 -13.95 -16.21 -13.72
N ILE A 146 -13.41 -16.49 -12.54
CA ILE A 146 -14.02 -17.43 -11.61
C ILE A 146 -14.23 -16.74 -10.28
N ALA A 147 -15.43 -16.90 -9.72
CA ALA A 147 -15.74 -16.39 -8.41
C ALA A 147 -16.54 -17.36 -7.58
N ASP A 148 -16.29 -17.30 -6.29
CA ASP A 148 -17.10 -18.04 -5.29
C ASP A 148 -17.25 -19.50 -5.65
N SER A 149 -16.18 -20.09 -6.15
CA SER A 149 -16.19 -21.49 -6.58
C SER A 149 -15.17 -22.35 -5.85
N LYS A 150 -15.41 -23.65 -5.86
CA LYS A 150 -14.47 -24.60 -5.26
C LYS A 150 -14.15 -25.65 -6.30
N ILE A 151 -12.87 -25.70 -6.71
CA ILE A 151 -12.38 -26.71 -7.62
C ILE A 151 -11.58 -27.72 -6.80
N ASP A 152 -12.14 -28.91 -6.64
CA ASP A 152 -11.49 -29.91 -5.80
C ASP A 152 -10.10 -30.28 -6.33
N GLY A 153 -9.96 -30.26 -7.66
CA GLY A 153 -8.70 -30.57 -8.31
C GLY A 153 -7.85 -29.36 -8.71
N GLU A 154 -7.02 -29.54 -9.74
CA GLU A 154 -6.17 -28.49 -10.27
C GLU A 154 -6.92 -27.70 -11.33
N VAL A 155 -6.71 -26.38 -11.31
CA VAL A 155 -7.04 -25.54 -12.46
C VAL A 155 -5.86 -25.53 -13.44
N GLY A 156 -6.11 -25.85 -14.72
CA GLY A 156 -5.09 -25.83 -15.75
C GLY A 156 -5.35 -24.75 -16.81
N PRO A 157 -4.60 -23.62 -16.73
CA PRO A 157 -4.94 -22.63 -17.76
C PRO A 157 -4.28 -22.94 -19.09
N TYR A 158 -3.10 -23.59 -19.05
CA TYR A 158 -2.32 -23.88 -20.24
C TYR A 158 -2.13 -22.60 -21.08
N SER A 159 -2.85 -22.48 -22.19
CA SER A 159 -2.67 -21.38 -23.13
C SER A 159 -3.35 -20.06 -22.72
N GLN A 160 -4.32 -20.09 -21.81
CA GLN A 160 -4.95 -18.84 -21.36
C GLN A 160 -3.95 -17.76 -21.06
N GLN A 161 -4.12 -16.59 -21.69
CA GLN A 161 -3.16 -15.51 -21.51
C GLN A 161 -3.15 -14.96 -20.11
N GLN A 162 -4.37 -14.81 -19.56
CA GLN A 162 -4.62 -14.10 -18.33
C GLN A 162 -5.86 -14.71 -17.65
N TRP A 163 -6.05 -14.41 -16.36
CA TRP A 163 -7.20 -14.96 -15.63
C TRP A 163 -7.37 -14.26 -14.31
N TYR A 164 -8.61 -14.12 -13.87
CA TYR A 164 -8.90 -13.60 -12.53
C TYR A 164 -9.79 -14.57 -11.74
N THR A 165 -9.34 -14.86 -10.53
CA THR A 165 -10.08 -15.71 -9.63
C THR A 165 -10.26 -14.99 -8.33
N ARG A 166 -11.51 -14.99 -7.87
CA ARG A 166 -11.94 -14.28 -6.66
C ARG A 166 -12.64 -15.24 -5.68
N ASP A 167 -12.25 -15.12 -4.41
CA ASP A 167 -13.02 -15.69 -3.30
C ASP A 167 -13.50 -17.11 -3.55
N SER A 168 -12.54 -18.00 -3.63
CA SER A 168 -12.70 -19.32 -4.16
C SER A 168 -11.71 -20.23 -3.46
N SER A 169 -11.67 -21.47 -3.91
CA SER A 169 -10.68 -22.41 -3.38
C SER A 169 -10.37 -23.40 -4.48
N VAL A 170 -9.07 -23.66 -4.67
CA VAL A 170 -8.61 -24.50 -5.75
C VAL A 170 -7.64 -25.58 -5.25
N GLY A 171 -7.81 -26.78 -5.77
CA GLY A 171 -7.00 -27.91 -5.36
C GLY A 171 -5.64 -27.91 -6.03
N GLY A 172 -5.43 -26.98 -6.95
CA GLY A 172 -4.14 -26.84 -7.61
C GLY A 172 -4.24 -25.71 -8.63
N TRP A 173 -3.08 -25.22 -9.08
CA TRP A 173 -3.05 -24.22 -10.17
C TRP A 173 -1.91 -24.58 -11.11
N GLY A 174 -2.21 -24.78 -12.38
CA GLY A 174 -1.22 -25.37 -13.28
C GLY A 174 -0.07 -24.46 -13.73
N ASN A 175 -0.40 -23.22 -14.08
CA ASN A 175 0.57 -22.33 -14.72
C ASN A 175 0.05 -20.90 -14.84
N GLY A 176 0.95 -20.03 -15.26
CA GLY A 176 0.52 -18.74 -15.76
C GLY A 176 1.05 -18.55 -17.18
N VAL A 177 0.55 -17.53 -17.87
CA VAL A 177 1.11 -17.15 -19.20
C VAL A 177 1.57 -15.71 -19.10
N TRP A 178 0.64 -14.76 -19.05
CA TRP A 178 0.99 -13.34 -18.84
C TRP A 178 0.52 -12.70 -17.53
N ASN A 179 -0.67 -13.06 -17.04
CA ASN A 179 -1.21 -12.38 -15.85
C ASN A 179 -2.32 -13.16 -15.20
N MET A 180 -1.94 -13.99 -14.23
CA MET A 180 -2.90 -14.77 -13.48
C MET A 180 -2.97 -14.04 -12.14
N THR A 181 -4.16 -13.54 -11.82
CA THR A 181 -4.38 -12.73 -10.62
C THR A 181 -5.42 -13.42 -9.72
N PHE A 182 -5.14 -13.37 -8.42
CA PHE A 182 -5.96 -14.04 -7.44
C PHE A 182 -6.26 -13.12 -6.29
N SER A 183 -7.50 -13.10 -5.81
CA SER A 183 -7.79 -12.46 -4.54
C SER A 183 -8.76 -13.29 -3.70
N GLY A 184 -8.36 -13.56 -2.46
CA GLY A 184 -9.21 -14.36 -1.56
C GLY A 184 -9.34 -15.81 -2.01
N VAL A 185 -8.29 -16.30 -2.63
CA VAL A 185 -8.28 -17.67 -3.13
C VAL A 185 -7.40 -18.61 -2.31
N GLU A 186 -8.06 -19.54 -1.64
CA GLU A 186 -7.39 -20.62 -0.93
C GLU A 186 -6.86 -21.65 -1.92
N GLY A 187 -5.58 -21.99 -1.79
CA GLY A 187 -4.92 -22.85 -2.77
C GLY A 187 -4.26 -22.02 -3.84
N ALA A 188 -4.44 -20.69 -3.80
CA ALA A 188 -3.71 -19.84 -4.71
C ALA A 188 -2.22 -19.95 -4.43
N PRO A 189 -1.42 -19.98 -5.47
CA PRO A 189 0.00 -19.94 -5.15
C PRO A 189 0.44 -18.51 -4.86
N ALA A 190 1.47 -18.44 -4.02
CA ALA A 190 2.05 -17.18 -3.55
C ALA A 190 2.44 -16.22 -4.68
N GLN A 191 2.32 -14.94 -4.35
CA GLN A 191 2.79 -13.84 -5.16
C GLN A 191 4.20 -14.18 -5.66
N SER A 192 4.41 -14.07 -6.98
CA SER A 192 5.69 -14.43 -7.56
C SER A 192 6.08 -13.63 -8.80
N PHE A 193 5.14 -12.82 -9.30
CA PHE A 193 5.31 -12.08 -10.56
C PHE A 193 6.70 -11.45 -10.63
N PRO A 194 7.42 -11.57 -11.78
CA PRO A 194 6.96 -12.06 -13.09
C PRO A 194 7.03 -13.58 -13.33
N GLU A 195 7.82 -14.31 -12.52
CA GLU A 195 7.92 -15.77 -12.67
C GLU A 195 7.46 -16.54 -11.42
N PRO A 196 6.44 -17.40 -11.57
CA PRO A 196 5.47 -17.37 -12.70
C PRO A 196 4.66 -16.10 -12.63
N PRO A 197 3.82 -15.82 -13.64
CA PRO A 197 3.17 -14.50 -13.62
C PRO A 197 1.94 -14.54 -12.69
N TYR A 198 2.17 -14.51 -11.37
CA TYR A 198 1.09 -14.65 -10.38
C TYR A 198 1.04 -13.44 -9.48
N THR A 199 -0.13 -12.78 -9.45
CA THR A 199 -0.40 -11.66 -8.55
C THR A 199 -1.45 -12.11 -7.54
N THR A 200 -1.09 -12.10 -6.25
CA THR A 200 -1.88 -12.81 -5.26
C THR A 200 -2.11 -12.00 -4.04
N LEU A 201 -3.39 -11.75 -3.79
CA LEU A 201 -3.85 -11.06 -2.63
C LEU A 201 -4.61 -12.00 -1.74
N GLU A 202 -4.17 -12.06 -0.50
CA GLU A 202 -4.80 -12.91 0.52
C GLU A 202 -6.33 -12.72 0.56
N THR A 203 -6.79 -11.49 0.38
CA THR A 203 -8.21 -11.18 0.55
C THR A 203 -8.71 -10.19 -0.51
N THR A 204 -10.03 -10.24 -0.73
CA THR A 204 -10.71 -9.23 -1.52
C THR A 204 -11.32 -8.17 -0.60
N PRO A 205 -11.01 -6.89 -0.85
CA PRO A 205 -11.30 -5.89 0.19
C PRO A 205 -12.79 -5.77 0.51
N VAL A 206 -13.60 -5.80 -0.55
CA VAL A 206 -15.02 -5.96 -0.41
C VAL A 206 -15.54 -6.85 -1.54
N SER A 207 -16.59 -7.62 -1.28
CA SER A 207 -17.26 -8.38 -2.37
C SER A 207 -18.66 -8.67 -1.95
N ARG A 208 -19.50 -8.94 -2.92
CA ARG A 208 -20.89 -9.26 -2.62
C ARG A 208 -21.36 -10.15 -3.76
N GLU A 209 -21.62 -11.42 -3.46
CA GLU A 209 -21.89 -12.36 -4.55
C GLU A 209 -23.12 -11.97 -5.42
N LYS A 210 -23.09 -12.38 -6.67
CA LYS A 210 -24.11 -11.91 -7.62
C LYS A 210 -25.42 -12.62 -7.30
N PRO A 211 -26.53 -11.88 -7.33
CA PRO A 211 -27.83 -12.51 -7.09
C PRO A 211 -28.17 -13.60 -8.09
N PHE A 212 -29.00 -14.55 -7.67
CA PHE A 212 -29.39 -15.64 -8.54
C PHE A 212 -30.77 -16.20 -8.23
N LEU A 213 -31.40 -16.69 -9.28
CA LEU A 213 -32.68 -17.40 -9.17
C LEU A 213 -32.52 -18.78 -8.54
N TYR A 214 -33.42 -19.17 -7.63
CA TYR A 214 -33.42 -20.50 -7.10
C TYR A 214 -34.85 -20.91 -6.74
N LEU A 215 -35.02 -22.21 -6.48
CA LEU A 215 -36.34 -22.73 -6.12
C LEU A 215 -36.42 -22.94 -4.63
N ASP A 216 -37.58 -22.55 -4.11
CA ASP A 216 -37.98 -22.80 -2.76
C ASP A 216 -39.20 -23.72 -2.94
N GLY A 217 -38.93 -25.02 -2.97
CA GLY A 217 -39.89 -26.03 -3.37
C GLY A 217 -40.46 -25.81 -4.76
N ASP A 218 -41.66 -25.28 -4.78
CA ASP A 218 -42.27 -24.97 -6.05
C ASP A 218 -42.44 -23.44 -6.09
N ASP A 219 -41.59 -22.75 -5.31
CA ASP A 219 -41.59 -21.27 -5.34
C ASP A 219 -40.26 -20.68 -5.81
N TYR A 220 -40.31 -20.02 -6.97
CA TYR A 220 -39.15 -19.27 -7.48
C TYR A 220 -38.87 -18.09 -6.57
N LYS A 221 -37.57 -17.82 -6.36
CA LYS A 221 -37.08 -16.69 -5.59
C LYS A 221 -35.70 -16.30 -6.09
N VAL A 222 -35.24 -15.12 -5.67
CA VAL A 222 -33.90 -14.64 -5.99
C VAL A 222 -33.11 -14.43 -4.74
N PHE A 223 -32.05 -15.20 -4.58
CA PHE A 223 -31.17 -15.03 -3.43
C PHE A 223 -30.26 -13.84 -3.69
N VAL A 224 -30.08 -13.03 -2.65
CA VAL A 224 -29.37 -11.77 -2.78
C VAL A 224 -28.32 -11.66 -1.64
N PRO A 225 -27.10 -12.10 -1.90
CA PRO A 225 -26.03 -12.13 -0.89
C PRO A 225 -25.60 -10.77 -0.32
N ALA A 226 -25.28 -10.79 0.96
CA ALA A 226 -24.77 -9.61 1.65
C ALA A 226 -23.26 -9.44 1.38
N LYS A 227 -22.80 -8.17 1.38
CA LYS A 227 -21.41 -7.73 1.60
C LYS A 227 -20.53 -8.67 2.49
N ARG A 228 -19.40 -9.15 1.96
CA ARG A 228 -18.26 -9.55 2.81
C ARG A 228 -17.03 -8.67 2.59
N THR A 229 -16.45 -8.20 3.70
CA THR A 229 -15.27 -7.41 3.66
C THR A 229 -14.07 -8.35 3.96
N ASN A 230 -12.92 -8.09 3.35
CA ASN A 230 -11.79 -9.03 3.39
C ASN A 230 -12.21 -10.45 3.13
N ALA A 231 -12.93 -10.60 2.04
CA ALA A 231 -13.42 -11.89 1.64
C ALA A 231 -12.26 -12.85 1.28
N ARG A 232 -12.47 -14.12 1.63
CA ARG A 232 -11.58 -15.20 1.22
C ARG A 232 -12.30 -16.51 1.30
N GLY A 233 -12.10 -17.35 0.30
CA GLY A 233 -12.78 -18.64 0.24
C GLY A 233 -14.21 -18.45 -0.20
N THR A 234 -14.97 -19.54 -0.34
CA THR A 234 -16.33 -19.40 -0.82
C THR A 234 -17.32 -18.96 0.28
N SER A 235 -18.46 -18.46 -0.15
CA SER A 235 -19.47 -17.90 0.72
C SER A 235 -20.46 -18.97 1.22
N TRP A 236 -20.35 -20.13 0.62
CA TRP A 236 -21.35 -21.18 0.71
C TRP A 236 -20.77 -22.45 1.30
N GLY A 237 -19.42 -22.53 1.38
CA GLY A 237 -18.74 -23.79 1.66
C GLY A 237 -19.00 -24.43 3.02
N ASN A 238 -19.07 -23.57 4.05
CA ASN A 238 -19.40 -23.97 5.42
C ASN A 238 -20.84 -23.39 5.63
N GLY A 239 -21.67 -23.66 4.62
CA GLY A 239 -23.13 -23.69 4.72
C GLY A 239 -23.93 -22.39 4.78
N THR A 240 -25.26 -22.51 4.59
CA THR A 240 -26.18 -21.44 4.16
C THR A 240 -25.78 -19.98 4.47
N PRO A 241 -25.75 -19.14 3.42
CA PRO A 241 -24.97 -17.94 3.62
C PRO A 241 -25.90 -16.87 4.03
N GLU A 242 -25.35 -15.71 4.37
CA GLU A 242 -26.15 -14.57 4.69
C GLU A 242 -26.73 -13.96 3.42
N GLY A 243 -27.96 -13.48 3.55
CA GLY A 243 -28.69 -12.93 2.42
C GLY A 243 -30.14 -12.63 2.73
N GLU A 244 -30.90 -12.26 1.70
CA GLU A 244 -32.33 -12.02 1.81
C GLU A 244 -32.99 -12.71 0.59
N SER A 245 -34.23 -13.17 0.72
CA SER A 245 -34.81 -14.07 -0.30
C SER A 245 -36.11 -13.53 -0.88
N LEU A 246 -36.00 -13.02 -2.11
CA LEU A 246 -37.08 -12.27 -2.73
C LEU A 246 -37.90 -13.09 -3.72
N PRO A 247 -39.21 -13.27 -3.46
CA PRO A 247 -40.04 -14.04 -4.40
C PRO A 247 -40.11 -13.45 -5.76
N LEU A 248 -40.14 -14.33 -6.79
CA LEU A 248 -40.54 -13.97 -8.13
C LEU A 248 -41.66 -12.91 -8.11
N ASP A 249 -42.61 -13.03 -7.19
CA ASP A 249 -43.75 -12.12 -7.24
C ASP A 249 -43.42 -10.68 -6.90
N GLN A 250 -42.23 -10.44 -6.33
CA GLN A 250 -41.80 -9.08 -6.08
C GLN A 250 -40.79 -8.57 -7.16
N PHE A 251 -40.74 -9.32 -8.28
CA PHE A 251 -40.01 -8.91 -9.50
C PHE A 251 -40.94 -8.67 -10.66
N TYR A 252 -40.70 -7.59 -11.41
CA TYR A 252 -41.32 -7.39 -12.70
C TYR A 252 -40.50 -8.17 -13.74
N VAL A 253 -41.22 -8.87 -14.58
CA VAL A 253 -40.60 -9.90 -15.38
C VAL A 253 -40.73 -9.48 -16.82
N VAL A 254 -39.59 -9.04 -17.31
CA VAL A 254 -39.43 -8.34 -18.56
C VAL A 254 -39.43 -9.39 -19.65
N LYS A 255 -40.44 -9.29 -20.50
CA LYS A 255 -40.39 -9.98 -21.76
C LYS A 255 -40.33 -9.00 -22.92
N PRO A 256 -39.59 -9.40 -23.99
CA PRO A 256 -39.18 -8.61 -25.15
C PRO A 256 -40.28 -7.94 -25.93
N GLY A 257 -40.89 -6.98 -25.24
CA GLY A 257 -41.71 -5.94 -25.82
C GLY A 257 -42.28 -5.06 -24.70
N ALA A 258 -41.82 -5.22 -23.45
CA ALA A 258 -42.02 -4.15 -22.47
C ALA A 258 -41.31 -2.89 -22.97
N THR A 259 -41.72 -1.71 -22.46
CA THR A 259 -41.11 -0.39 -22.78
C THR A 259 -40.28 0.08 -21.62
N ALA A 260 -39.34 1.00 -21.84
CA ALA A 260 -38.68 1.57 -20.69
C ALA A 260 -39.72 2.28 -19.77
N GLU A 261 -40.82 2.82 -20.30
CA GLU A 261 -41.84 3.45 -19.39
C GLU A 261 -42.44 2.41 -18.39
N THR A 262 -42.71 1.18 -18.84
CA THR A 262 -43.33 0.15 -17.95
C THR A 262 -42.32 -0.51 -16.96
N ILE A 263 -41.13 -0.81 -17.47
CA ILE A 263 -40.02 -1.24 -16.65
C ILE A 263 -39.87 -0.20 -15.57
N ASN A 264 -40.03 1.03 -15.97
CA ASN A 264 -39.90 2.11 -15.04
C ASN A 264 -41.06 2.12 -14.04
N ALA A 265 -42.28 2.29 -14.55
CA ALA A 265 -43.51 2.15 -13.72
C ALA A 265 -43.27 1.13 -12.60
N ALA A 266 -42.87 -0.05 -13.04
CA ALA A 266 -42.58 -1.15 -12.15
C ALA A 266 -41.53 -0.78 -11.10
N VAL A 267 -40.43 -0.14 -11.49
CA VAL A 267 -39.45 0.27 -10.47
C VAL A 267 -40.01 1.33 -9.57
N ASP A 268 -40.68 2.35 -10.13
CA ASP A 268 -41.11 3.48 -9.32
C ASP A 268 -41.99 2.91 -8.17
N GLN A 269 -42.73 1.88 -8.59
CA GLN A 269 -43.65 1.05 -7.79
C GLN A 269 -43.08 0.24 -6.64
N GLY A 270 -41.80 -0.09 -6.73
CA GLY A 270 -41.18 -1.00 -5.78
C GLY A 270 -40.93 -2.43 -6.24
N LEU A 271 -41.16 -2.73 -7.51
CA LEU A 271 -40.81 -4.07 -8.02
C LEU A 271 -39.37 -4.11 -8.50
N HIS A 272 -38.71 -5.23 -8.24
CA HIS A 272 -37.41 -5.49 -8.80
C HIS A 272 -37.60 -5.89 -10.25
N LEU A 273 -36.49 -6.08 -10.97
CA LEU A 273 -36.53 -6.44 -12.38
C LEU A 273 -35.80 -7.73 -12.69
N LEU A 274 -36.48 -8.61 -13.42
CA LEU A 274 -35.90 -9.84 -13.93
C LEU A 274 -36.05 -9.86 -15.45
N PHE A 275 -34.95 -9.67 -16.15
CA PHE A 275 -34.97 -9.72 -17.60
C PHE A 275 -34.89 -11.16 -18.13
N THR A 276 -35.92 -11.60 -18.82
CA THR A 276 -35.89 -12.93 -19.41
C THR A 276 -35.02 -12.87 -20.67
N PRO A 277 -34.49 -14.01 -21.11
CA PRO A 277 -33.51 -13.95 -22.21
C PRO A 277 -34.13 -13.45 -23.49
N GLY A 278 -33.61 -12.33 -23.97
CA GLY A 278 -34.15 -11.66 -25.14
C GLY A 278 -33.32 -10.41 -25.38
N VAL A 279 -33.77 -9.66 -26.37
CA VAL A 279 -33.16 -8.40 -26.77
C VAL A 279 -34.21 -7.29 -26.63
N TYR A 280 -33.85 -6.25 -25.87
CA TYR A 280 -34.78 -5.23 -25.47
C TYR A 280 -34.35 -3.86 -25.98
N HIS A 281 -34.97 -3.43 -27.07
CA HIS A 281 -34.82 -2.07 -27.53
C HIS A 281 -35.66 -1.11 -26.66
N VAL A 282 -35.02 -0.03 -26.18
CA VAL A 282 -35.66 1.01 -25.42
C VAL A 282 -35.45 2.40 -26.07
N ASP A 283 -36.43 3.31 -25.91
CA ASP A 283 -36.40 4.66 -26.43
C ASP A 283 -36.19 5.68 -25.31
N GLN A 284 -36.21 5.19 -24.10
CA GLN A 284 -35.77 5.96 -22.95
C GLN A 284 -34.84 5.10 -22.04
N PRO A 285 -34.02 5.77 -21.21
CA PRO A 285 -33.18 5.07 -20.25
C PRO A 285 -34.03 4.28 -19.26
N ILE A 286 -33.61 3.05 -18.99
CA ILE A 286 -34.12 2.33 -17.84
C ILE A 286 -33.58 3.18 -16.69
N GLU A 287 -34.41 3.47 -15.70
CA GLU A 287 -34.04 4.37 -14.62
C GLU A 287 -34.30 3.71 -13.28
N ILE A 288 -33.23 3.31 -12.58
CA ILE A 288 -33.36 2.71 -11.27
C ILE A 288 -33.02 3.72 -10.17
N ASP A 289 -34.05 4.20 -9.48
CA ASP A 289 -33.80 5.16 -8.37
C ASP A 289 -34.48 4.80 -7.05
N ARG A 290 -34.55 3.51 -6.74
CA ARG A 290 -34.94 3.06 -5.40
C ARG A 290 -33.87 2.16 -4.82
N ALA A 291 -33.60 2.35 -3.53
CA ALA A 291 -32.54 1.60 -2.92
C ALA A 291 -32.85 0.11 -2.90
N ASN A 292 -31.80 -0.68 -2.99
CA ASN A 292 -31.86 -2.15 -2.91
C ASN A 292 -32.55 -2.81 -4.08
N THR A 293 -32.80 -2.06 -5.13
CA THR A 293 -33.38 -2.65 -6.35
C THR A 293 -32.42 -3.63 -6.97
N VAL A 294 -32.99 -4.72 -7.46
CA VAL A 294 -32.22 -5.79 -8.05
C VAL A 294 -32.70 -5.83 -9.48
N ALA A 295 -31.75 -5.78 -10.42
CA ALA A 295 -32.03 -5.88 -11.84
C ALA A 295 -31.17 -6.97 -12.43
N LEU A 296 -31.76 -8.15 -12.61
CA LEU A 296 -31.02 -9.36 -12.88
C LEU A 296 -31.44 -9.85 -14.25
N GLY A 297 -30.47 -10.11 -15.12
CA GLY A 297 -30.73 -10.63 -16.46
C GLY A 297 -30.43 -12.11 -16.56
N LEU A 298 -31.30 -12.84 -17.24
CA LEU A 298 -31.08 -14.27 -17.53
C LEU A 298 -30.68 -14.45 -19.00
N GLY A 299 -29.89 -15.49 -19.30
CA GLY A 299 -29.61 -15.85 -20.68
C GLY A 299 -28.98 -14.75 -21.53
N LEU A 300 -28.11 -13.93 -20.91
CA LEU A 300 -27.48 -12.76 -21.54
C LEU A 300 -28.51 -11.78 -22.14
N ALA A 301 -29.56 -11.49 -21.36
CA ALA A 301 -30.53 -10.52 -21.73
C ALA A 301 -29.82 -9.25 -22.11
N THR A 302 -30.29 -8.62 -23.19
CA THR A 302 -29.56 -7.52 -23.82
C THR A 302 -30.45 -6.30 -23.97
N ILE A 303 -29.91 -5.13 -23.65
CA ILE A 303 -30.61 -3.85 -23.77
C ILE A 303 -29.95 -3.07 -24.90
N ILE A 304 -30.76 -2.63 -25.86
CA ILE A 304 -30.29 -1.73 -26.91
C ILE A 304 -30.99 -0.39 -26.82
N PRO A 305 -30.21 0.69 -26.60
CA PRO A 305 -30.82 2.02 -26.55
C PRO A 305 -30.93 2.60 -27.93
N ASP A 306 -32.14 2.96 -28.32
CA ASP A 306 -32.39 3.61 -29.61
C ASP A 306 -32.26 5.13 -29.49
N ASN A 307 -32.19 5.84 -30.61
CA ASN A 307 -32.37 7.30 -30.62
C ASN A 307 -31.27 8.03 -29.84
N GLY A 308 -30.17 7.35 -29.61
CA GLY A 308 -29.00 7.92 -28.92
C GLY A 308 -29.16 8.06 -27.42
N VAL A 309 -30.18 7.42 -26.88
CA VAL A 309 -30.38 7.52 -25.43
C VAL A 309 -29.38 6.68 -24.60
N THR A 310 -29.26 6.99 -23.30
CA THR A 310 -28.53 6.14 -22.37
C THR A 310 -29.40 4.93 -22.10
N ALA A 311 -28.79 3.76 -21.93
CA ALA A 311 -29.57 2.54 -21.73
C ALA A 311 -30.03 2.40 -20.29
N LEU A 312 -29.17 2.75 -19.34
CA LEU A 312 -29.39 2.40 -17.95
C LEU A 312 -28.78 3.48 -17.06
N LYS A 313 -29.61 4.06 -16.20
CA LYS A 313 -29.16 5.07 -15.25
C LYS A 313 -29.65 4.70 -13.86
N VAL A 314 -28.70 4.57 -12.95
CA VAL A 314 -28.92 4.27 -11.54
C VAL A 314 -28.80 5.58 -10.76
N GLY A 315 -29.78 5.85 -9.92
CA GLY A 315 -29.74 7.04 -9.08
C GLY A 315 -28.81 6.96 -7.89
N ASP A 316 -28.89 7.99 -7.03
CA ASP A 316 -27.93 8.21 -5.95
C ASP A 316 -28.46 7.51 -4.69
N VAL A 317 -28.60 6.20 -4.79
CA VAL A 317 -29.20 5.40 -3.75
C VAL A 317 -28.29 4.21 -3.42
N ASP A 318 -28.48 3.66 -2.22
CA ASP A 318 -27.77 2.47 -1.77
C ASP A 318 -28.28 1.21 -2.47
N GLY A 319 -27.39 0.23 -2.58
CA GLY A 319 -27.74 -1.16 -2.71
C GLY A 319 -28.32 -1.67 -4.01
N VAL A 320 -28.21 -0.93 -5.10
CA VAL A 320 -28.71 -1.40 -6.38
C VAL A 320 -27.74 -2.44 -6.87
N LYS A 321 -28.30 -3.54 -7.39
CA LYS A 321 -27.48 -4.67 -7.83
C LYS A 321 -27.93 -4.97 -9.22
N VAL A 322 -27.11 -4.55 -10.16
CA VAL A 322 -27.36 -4.87 -11.56
C VAL A 322 -26.50 -6.06 -11.95
N ALA A 323 -27.10 -7.10 -12.53
CA ALA A 323 -26.39 -8.33 -12.78
C ALA A 323 -26.85 -9.00 -14.09
N GLY A 324 -25.88 -9.42 -14.91
CA GLY A 324 -26.15 -10.29 -16.02
C GLY A 324 -26.84 -9.68 -17.22
N LEU A 325 -26.47 -8.45 -17.54
CA LEU A 325 -26.99 -7.80 -18.73
C LEU A 325 -25.89 -7.42 -19.69
N LEU A 326 -26.20 -7.56 -20.98
CA LEU A 326 -25.38 -7.02 -22.07
C LEU A 326 -26.05 -5.74 -22.56
N VAL A 327 -25.29 -4.66 -22.61
CA VAL A 327 -25.77 -3.41 -23.19
C VAL A 327 -25.06 -3.25 -24.53
N ASP A 328 -25.84 -3.19 -25.61
CA ASP A 328 -25.36 -3.19 -26.98
C ASP A 328 -25.74 -1.85 -27.64
N ALA A 329 -24.73 -1.10 -28.06
CA ALA A 329 -24.98 0.23 -28.58
C ALA A 329 -25.82 0.18 -29.84
N GLY A 330 -26.64 1.20 -30.03
CA GLY A 330 -27.35 1.36 -31.28
C GLY A 330 -26.53 2.15 -32.30
N PRO A 331 -26.98 2.12 -33.56
CA PRO A 331 -26.31 2.85 -34.64
C PRO A 331 -26.24 4.38 -34.39
N VAL A 332 -27.25 4.94 -33.72
CA VAL A 332 -27.15 6.34 -33.31
C VAL A 332 -26.27 6.49 -32.07
N ASN A 333 -25.29 7.39 -32.15
CA ASN A 333 -24.39 7.60 -31.03
C ASN A 333 -25.08 7.96 -29.72
N SER A 334 -24.84 7.15 -28.71
CA SER A 334 -25.20 7.47 -27.35
C SER A 334 -24.08 8.14 -26.61
N GLU A 335 -24.45 9.21 -25.95
CA GLU A 335 -23.50 9.90 -25.10
C GLU A 335 -22.88 9.09 -24.01
N THR A 336 -23.74 8.37 -23.33
CA THR A 336 -23.33 7.33 -22.39
C THR A 336 -24.23 6.15 -22.56
N LEU A 337 -23.73 4.96 -22.21
CA LEU A 337 -24.58 3.79 -22.29
C LEU A 337 -25.08 3.36 -20.93
N VAL A 338 -24.20 3.50 -19.93
CA VAL A 338 -24.56 3.20 -18.55
C VAL A 338 -24.04 4.26 -17.61
N GLU A 339 -24.93 4.78 -16.77
CA GLU A 339 -24.49 5.72 -15.73
C GLU A 339 -24.83 5.19 -14.35
N VAL A 340 -23.88 5.29 -13.42
CA VAL A 340 -24.17 4.91 -12.04
C VAL A 340 -23.97 6.15 -11.14
N GLY A 341 -25.10 6.74 -10.79
CA GLY A 341 -25.15 7.97 -10.04
C GLY A 341 -25.15 9.22 -10.89
N SER A 342 -25.50 10.33 -10.27
CA SER A 342 -25.54 11.61 -10.97
C SER A 342 -24.19 12.33 -11.18
N ASP A 343 -24.22 13.31 -12.11
CA ASP A 343 -23.18 14.32 -12.43
C ASP A 343 -22.72 15.13 -11.19
N GLY A 344 -21.91 14.53 -10.32
CA GLY A 344 -21.49 15.17 -9.06
C GLY A 344 -22.13 14.50 -7.84
N ALA A 345 -21.81 13.22 -7.66
CA ALA A 345 -22.46 12.36 -6.67
C ALA A 345 -21.65 12.39 -5.38
N SER A 346 -22.25 12.94 -4.32
CA SER A 346 -21.44 13.44 -3.20
C SER A 346 -21.48 12.60 -1.90
N GLY A 347 -22.55 11.84 -1.78
CA GLY A 347 -22.81 11.09 -0.57
C GLY A 347 -22.06 9.79 -0.60
N ASP A 348 -22.31 8.97 0.41
CA ASP A 348 -21.63 7.71 0.51
C ASP A 348 -22.59 6.53 0.51
N HIS A 349 -22.01 5.36 0.22
CA HIS A 349 -22.75 4.13 0.19
C HIS A 349 -21.89 2.99 0.72
N ALA A 350 -21.18 3.27 1.82
CA ALA A 350 -20.24 2.31 2.39
C ALA A 350 -20.92 1.01 2.73
N ALA A 351 -21.94 1.12 3.58
CA ALA A 351 -22.52 -0.04 4.26
C ALA A 351 -23.31 -0.91 3.26
N ASN A 352 -23.65 -0.35 2.10
CA ASN A 352 -24.62 -0.93 1.18
C ASN A 352 -24.46 -0.36 -0.21
N PRO A 353 -23.34 -0.71 -0.87
CA PRO A 353 -23.01 -0.09 -2.16
C PRO A 353 -23.86 -0.57 -3.32
N THR A 354 -23.82 0.16 -4.43
CA THR A 354 -24.38 -0.30 -5.68
C THR A 354 -23.29 -1.08 -6.41
N SER A 355 -23.68 -2.15 -7.10
CA SER A 355 -22.72 -2.91 -7.92
C SER A 355 -23.22 -3.24 -9.31
N LEU A 356 -22.26 -3.35 -10.23
CA LEU A 356 -22.47 -3.94 -11.55
C LEU A 356 -21.72 -5.26 -11.58
N GLN A 357 -22.43 -6.33 -11.91
CA GLN A 357 -21.85 -7.68 -11.95
C GLN A 357 -22.24 -8.37 -13.25
N ASP A 358 -21.26 -8.92 -13.96
CA ASP A 358 -21.52 -9.50 -15.29
C ASP A 358 -22.34 -8.54 -16.12
N VAL A 359 -21.87 -7.29 -16.14
CA VAL A 359 -22.39 -6.27 -17.02
C VAL A 359 -21.38 -6.19 -18.18
N PHE A 360 -21.90 -6.41 -19.37
CA PHE A 360 -21.10 -6.42 -20.58
C PHE A 360 -21.63 -5.38 -21.53
N VAL A 361 -20.73 -4.62 -22.14
CA VAL A 361 -21.10 -3.55 -23.09
C VAL A 361 -20.43 -3.89 -24.41
N ARG A 362 -21.19 -3.80 -25.50
CA ARG A 362 -20.66 -4.03 -26.83
C ARG A 362 -20.96 -2.81 -27.71
N ILE A 363 -19.98 -2.37 -28.49
CA ILE A 363 -20.14 -1.24 -29.39
C ILE A 363 -19.79 -1.75 -30.79
N GLY A 364 -20.82 -2.06 -31.57
CA GLY A 364 -20.65 -2.61 -32.90
C GLY A 364 -20.53 -4.12 -32.92
N GLY A 365 -20.40 -4.74 -34.11
CA GLY A 365 -20.14 -6.16 -34.25
C GLY A 365 -21.36 -6.87 -34.82
N ALA A 366 -22.54 -6.45 -34.39
CA ALA A 366 -23.81 -7.02 -34.87
C ALA A 366 -24.55 -6.01 -35.72
N GLY A 367 -23.76 -5.15 -36.36
CA GLY A 367 -24.28 -3.96 -37.00
C GLY A 367 -23.51 -2.76 -36.47
N PRO A 368 -23.66 -1.60 -37.15
CA PRO A 368 -22.93 -0.47 -36.59
C PRO A 368 -23.48 -0.02 -35.23
N GLY A 369 -22.58 0.46 -34.39
CA GLY A 369 -22.94 1.01 -33.10
C GLY A 369 -21.89 2.03 -32.66
N LYS A 370 -22.29 3.01 -31.84
CA LYS A 370 -21.41 4.07 -31.40
C LYS A 370 -21.83 4.56 -30.04
N ALA A 371 -20.87 4.99 -29.23
CA ALA A 371 -21.18 5.67 -28.00
C ALA A 371 -19.94 6.40 -27.57
N THR A 372 -20.11 7.57 -26.98
CA THR A 372 -18.99 8.40 -26.57
C THR A 372 -18.23 7.81 -25.38
N THR A 373 -18.97 7.55 -24.30
CA THR A 373 -18.43 6.84 -23.13
C THR A 373 -19.39 5.69 -22.91
N SER A 374 -18.89 4.53 -22.47
CA SER A 374 -19.78 3.41 -22.26
C SER A 374 -20.36 3.36 -20.84
N ILE A 375 -19.48 3.38 -19.84
CA ILE A 375 -19.93 3.35 -18.45
C ILE A 375 -19.31 4.49 -17.70
N VAL A 376 -20.17 5.27 -17.06
CA VAL A 376 -19.76 6.35 -16.18
C VAL A 376 -20.13 5.99 -14.75
N VAL A 377 -19.12 6.00 -13.88
CA VAL A 377 -19.29 5.56 -12.52
C VAL A 377 -19.13 6.77 -11.57
N ASN A 378 -20.28 7.33 -11.19
CA ASN A 378 -20.34 8.53 -10.37
C ASN A 378 -20.42 8.30 -8.85
N SER A 379 -21.22 7.33 -8.45
CA SER A 379 -21.50 7.05 -7.03
C SER A 379 -20.32 6.51 -6.28
N ASN A 380 -20.11 7.06 -5.10
CA ASN A 380 -19.09 6.56 -4.23
C ASN A 380 -19.37 5.13 -3.78
N ASP A 381 -18.28 4.41 -3.57
CA ASP A 381 -18.26 3.04 -3.04
C ASP A 381 -18.80 1.96 -3.98
N THR A 382 -19.06 2.32 -5.22
CA THR A 382 -19.56 1.36 -6.20
C THR A 382 -18.56 0.21 -6.44
N ILE A 383 -19.10 -1.00 -6.56
CA ILE A 383 -18.34 -2.21 -6.86
C ILE A 383 -18.63 -2.62 -8.30
N ILE A 384 -17.55 -2.76 -9.09
CA ILE A 384 -17.64 -3.24 -10.45
C ILE A 384 -16.96 -4.61 -10.42
N ASP A 385 -17.73 -5.70 -10.49
CA ASP A 385 -17.25 -7.05 -10.24
C ASP A 385 -17.57 -7.88 -11.46
N HIS A 386 -16.58 -7.97 -12.31
CA HIS A 386 -16.64 -8.55 -13.65
C HIS A 386 -17.40 -7.71 -14.67
N THR A 387 -16.67 -6.96 -15.46
CA THR A 387 -17.27 -6.27 -16.59
C THR A 387 -16.38 -6.46 -17.82
N TRP A 388 -17.01 -6.58 -18.99
CA TRP A 388 -16.28 -6.52 -20.29
C TRP A 388 -16.94 -5.41 -21.08
N VAL A 389 -16.13 -4.41 -21.38
CA VAL A 389 -16.58 -3.19 -22.08
C VAL A 389 -15.74 -3.17 -23.35
N TRP A 390 -16.41 -3.47 -24.46
CA TRP A 390 -15.76 -3.92 -25.68
C TRP A 390 -16.26 -3.20 -26.93
N ARG A 391 -15.37 -2.41 -27.52
CA ARG A 391 -15.64 -1.83 -28.80
C ARG A 391 -15.27 -2.90 -29.80
N ALA A 392 -16.25 -3.38 -30.56
CA ALA A 392 -16.01 -4.52 -31.46
C ALA A 392 -14.82 -4.34 -32.41
N ASP A 393 -13.95 -5.36 -32.43
CA ASP A 393 -12.83 -5.42 -33.38
C ASP A 393 -13.08 -6.29 -34.59
N HIS A 394 -14.23 -6.95 -34.62
CA HIS A 394 -14.60 -7.78 -35.75
C HIS A 394 -16.10 -7.88 -35.74
N GLY A 395 -16.62 -8.48 -36.79
CA GLY A 395 -18.06 -8.54 -37.02
C GLY A 395 -18.51 -7.44 -37.96
N GLU A 396 -19.79 -7.12 -37.87
CA GLU A 396 -20.46 -6.21 -38.77
C GLU A 396 -20.58 -4.84 -38.15
N GLY A 397 -20.32 -3.79 -38.94
CA GLY A 397 -20.52 -2.46 -38.44
C GLY A 397 -19.38 -1.96 -37.59
N VAL A 398 -18.16 -2.42 -37.92
CA VAL A 398 -16.96 -1.88 -37.28
C VAL A 398 -16.02 -1.20 -38.28
N GLY A 399 -15.33 -0.21 -37.75
CA GLY A 399 -14.48 0.65 -38.53
C GLY A 399 -14.03 1.78 -37.60
N TRP A 400 -12.80 2.25 -37.83
CA TRP A 400 -12.21 3.32 -37.00
C TRP A 400 -13.23 4.44 -36.77
N GLU A 401 -13.94 4.81 -37.82
CA GLU A 401 -14.96 5.82 -37.71
C GLU A 401 -16.38 5.11 -37.65
N THR A 402 -16.58 3.98 -38.33
CA THR A 402 -17.91 3.30 -38.26
C THR A 402 -18.46 2.94 -36.87
N ASN A 403 -17.69 2.24 -36.04
CA ASN A 403 -18.12 1.99 -34.65
C ASN A 403 -17.23 2.72 -33.67
N ARG A 404 -16.94 3.98 -34.02
CA ARG A 404 -16.23 4.87 -33.11
C ARG A 404 -16.79 4.81 -31.68
N ALA A 405 -15.88 4.72 -30.72
CA ALA A 405 -16.25 4.80 -29.30
C ALA A 405 -15.03 5.30 -28.53
N ASP A 406 -15.06 6.57 -28.12
CA ASP A 406 -13.83 7.17 -27.61
C ASP A 406 -13.39 6.60 -26.25
N TYR A 407 -14.36 6.41 -25.36
CA TYR A 407 -14.07 6.19 -23.96
C TYR A 407 -14.81 4.98 -23.40
N GLY A 408 -14.10 4.08 -22.71
CA GLY A 408 -14.77 2.90 -22.19
C GLY A 408 -15.45 3.13 -20.87
N VAL A 409 -14.64 3.30 -19.82
CA VAL A 409 -15.09 3.43 -18.47
C VAL A 409 -14.44 4.66 -17.91
N HIS A 410 -15.26 5.49 -17.28
CA HIS A 410 -14.76 6.68 -16.59
C HIS A 410 -15.23 6.66 -15.15
N VAL A 411 -14.28 6.52 -14.21
CA VAL A 411 -14.64 6.47 -12.81
C VAL A 411 -14.43 7.81 -12.14
N LYS A 412 -15.53 8.38 -11.69
CA LYS A 412 -15.51 9.70 -11.05
C LYS A 412 -15.83 9.67 -9.55
N GLY A 413 -16.44 8.60 -9.07
CA GLY A 413 -16.69 8.47 -7.65
C GLY A 413 -15.48 8.00 -6.86
N ASP A 414 -15.59 8.14 -5.53
CA ASP A 414 -14.53 7.81 -4.61
C ASP A 414 -14.75 6.41 -4.01
N ASN A 415 -13.67 5.76 -3.61
CA ASN A 415 -13.71 4.44 -2.98
C ASN A 415 -14.37 3.38 -3.89
N VAL A 416 -14.21 3.52 -5.18
CA VAL A 416 -14.79 2.57 -6.14
C VAL A 416 -13.83 1.41 -6.29
N LEU A 417 -14.36 0.21 -6.45
CA LEU A 417 -13.55 -1.01 -6.51
C LEU A 417 -13.93 -1.75 -7.76
N ALA A 418 -12.93 -2.06 -8.58
CA ALA A 418 -13.14 -2.89 -9.77
C ALA A 418 -12.36 -4.19 -9.56
N THR A 419 -13.06 -5.32 -9.61
CA THR A 419 -12.47 -6.64 -9.53
C THR A 419 -12.84 -7.39 -10.82
N GLY A 420 -11.85 -7.65 -11.68
CA GLY A 420 -12.15 -8.35 -12.92
C GLY A 420 -12.55 -7.36 -14.01
N LEU A 421 -11.65 -6.46 -14.33
CA LEU A 421 -11.97 -5.35 -15.26
C LEU A 421 -11.37 -5.64 -16.64
N PHE A 422 -12.22 -5.78 -17.65
CA PHE A 422 -11.79 -6.09 -19.03
C PHE A 422 -12.34 -4.98 -19.95
N VAL A 423 -11.48 -4.18 -20.59
CA VAL A 423 -11.94 -3.07 -21.41
C VAL A 423 -11.05 -2.95 -22.65
N GLU A 424 -11.64 -2.98 -23.84
CA GLU A 424 -10.84 -3.11 -25.07
C GLU A 424 -11.32 -2.28 -26.25
N HIS A 425 -10.32 -1.73 -26.91
CA HIS A 425 -10.34 -1.25 -28.31
C HIS A 425 -10.89 0.16 -28.52
N PHE A 426 -11.04 0.92 -27.44
CA PHE A 426 -11.56 2.28 -27.59
C PHE A 426 -10.63 3.24 -28.37
N ASN A 427 -11.23 4.22 -29.06
CA ASN A 427 -10.44 5.14 -29.87
C ASN A 427 -9.53 6.02 -29.02
N LYS A 428 -9.97 6.35 -27.81
CA LYS A 428 -9.19 7.14 -26.87
C LYS A 428 -8.92 6.34 -25.59
N TYR A 429 -9.11 6.93 -24.40
CA TYR A 429 -8.80 6.22 -23.16
C TYR A 429 -9.80 5.09 -22.87
N ASP A 430 -9.33 3.86 -22.73
CA ASP A 430 -10.22 2.76 -22.42
C ASP A 430 -10.81 2.93 -21.02
N VAL A 431 -9.92 3.22 -20.08
CA VAL A 431 -10.32 3.51 -18.70
C VAL A 431 -9.66 4.80 -18.23
N GLN A 432 -10.50 5.69 -17.68
CA GLN A 432 -10.06 6.93 -16.99
C GLN A 432 -10.61 6.93 -15.56
N TRP A 433 -9.76 7.29 -14.60
CA TRP A 433 -10.12 7.30 -13.20
C TRP A 433 -9.81 8.65 -12.58
N SER A 434 -10.85 9.33 -12.10
CA SER A 434 -10.76 10.72 -11.63
C SER A 434 -11.13 10.80 -10.14
N GLY A 435 -11.87 9.82 -9.65
CA GLY A 435 -12.20 9.76 -8.24
C GLY A 435 -11.04 9.33 -7.37
N GLU A 436 -11.17 9.53 -6.06
CA GLU A 436 -10.14 9.15 -5.10
C GLU A 436 -10.25 7.72 -4.52
N ASN A 437 -9.10 7.19 -4.08
CA ASN A 437 -8.96 5.85 -3.44
C ASN A 437 -9.60 4.74 -4.25
N GLY A 438 -9.48 4.83 -5.56
CA GLY A 438 -9.93 3.73 -6.38
C GLY A 438 -8.99 2.55 -6.22
N LYS A 439 -9.52 1.37 -6.46
CA LYS A 439 -8.78 0.09 -6.41
C LYS A 439 -9.20 -0.75 -7.63
N THR A 440 -8.23 -1.27 -8.38
CA THR A 440 -8.50 -2.24 -9.44
C THR A 440 -7.70 -3.50 -9.18
N ILE A 441 -8.41 -4.61 -9.06
CA ILE A 441 -7.78 -5.93 -8.97
C ILE A 441 -8.10 -6.68 -10.23
N PHE A 442 -7.06 -6.87 -11.05
CA PHE A 442 -7.09 -7.42 -12.41
C PHE A 442 -7.64 -6.48 -13.47
N TYR A 443 -6.78 -6.16 -14.44
CA TYR A 443 -7.18 -5.47 -15.67
C TYR A 443 -6.62 -6.12 -16.92
N GLN A 444 -7.51 -6.30 -17.89
CA GLN A 444 -7.11 -6.75 -19.22
C GLN A 444 -7.62 -5.75 -20.24
N ASN A 445 -6.68 -5.29 -21.06
CA ASN A 445 -6.98 -4.43 -22.19
C ASN A 445 -6.26 -4.89 -23.45
N ALA A 446 -6.93 -4.72 -24.59
CA ALA A 446 -6.26 -4.64 -25.90
C ALA A 446 -6.63 -3.28 -26.51
N LYS A 447 -5.65 -2.65 -27.12
CA LYS A 447 -5.87 -1.35 -27.73
C LYS A 447 -6.62 -1.48 -29.06
N ALA A 448 -7.12 -0.37 -29.58
CA ALA A 448 -7.75 -0.35 -30.90
C ALA A 448 -6.85 -1.03 -31.92
N TYR A 449 -7.39 -1.99 -32.67
CA TYR A 449 -6.60 -2.71 -33.65
C TYR A 449 -6.64 -1.91 -34.98
N ASP A 450 -7.65 -1.06 -35.14
CA ASP A 450 -7.97 -0.43 -36.43
C ASP A 450 -7.43 0.99 -36.70
N ALA A 451 -6.61 1.54 -35.79
CA ALA A 451 -6.12 2.90 -35.92
C ALA A 451 -5.37 3.02 -37.25
N PRO A 452 -5.68 4.04 -38.06
CA PRO A 452 -5.06 3.98 -39.40
C PRO A 452 -3.65 4.57 -39.56
N ASP A 453 -3.23 5.41 -38.62
CA ASP A 453 -1.88 5.99 -38.65
C ASP A 453 -1.61 6.58 -37.27
N GLN A 454 -0.35 6.98 -37.04
CA GLN A 454 0.05 7.59 -35.78
C GLN A 454 -0.82 8.81 -35.44
N ALA A 455 -0.98 9.70 -36.41
CA ALA A 455 -1.73 10.94 -36.15
C ALA A 455 -3.10 10.67 -35.53
N ALA A 456 -3.82 9.71 -36.08
CA ALA A 456 -5.17 9.34 -35.56
C ALA A 456 -5.30 9.24 -34.01
N ILE A 457 -4.22 8.85 -33.34
CA ILE A 457 -4.24 8.54 -31.91
C ILE A 457 -3.32 9.46 -31.11
N GLN A 458 -2.98 10.58 -31.71
CA GLN A 458 -2.18 11.57 -31.01
C GLN A 458 -2.94 12.16 -29.78
N ASN A 459 -2.22 12.15 -28.62
CA ASN A 459 -2.68 12.59 -27.30
C ASN A 459 -1.83 13.79 -26.84
N GLY A 460 -1.79 14.89 -27.59
CA GLY A 460 -0.88 15.97 -27.22
C GLY A 460 0.54 15.55 -27.56
N ASP A 461 1.52 15.73 -26.66
CA ASP A 461 2.91 15.29 -26.90
C ASP A 461 3.05 13.77 -26.79
N ILE A 462 1.93 13.07 -26.56
CA ILE A 462 1.97 11.62 -26.33
C ILE A 462 1.35 10.84 -27.44
N LYS A 463 2.07 9.80 -27.85
CA LYS A 463 1.59 8.88 -28.87
C LYS A 463 0.68 7.85 -28.21
N GLY A 464 -0.55 7.83 -28.69
CA GLY A 464 -1.59 7.02 -28.09
C GLY A 464 -2.22 7.58 -26.85
N TYR A 465 -3.35 6.95 -26.48
CA TYR A 465 -4.04 7.16 -25.23
C TYR A 465 -3.83 5.93 -24.38
N ALA A 466 -3.46 6.15 -23.15
CA ALA A 466 -3.30 5.04 -22.23
C ALA A 466 -4.54 4.17 -22.23
N ALA A 467 -4.32 2.89 -22.04
CA ALA A 467 -5.43 1.99 -21.70
C ALA A 467 -6.04 2.27 -20.32
N TYR A 468 -5.25 2.81 -19.40
CA TYR A 468 -5.71 3.06 -18.04
C TYR A 468 -4.98 4.29 -17.56
N LYS A 469 -5.76 5.37 -17.41
CA LYS A 469 -5.27 6.62 -16.92
C LYS A 469 -5.89 7.06 -15.60
N VAL A 470 -5.01 7.38 -14.65
CA VAL A 470 -5.37 7.97 -13.38
C VAL A 470 -5.08 9.45 -13.51
N ASP A 471 -6.13 10.29 -13.32
CA ASP A 471 -5.99 11.74 -13.37
C ASP A 471 -4.84 12.29 -12.51
N ASP A 472 -4.19 13.35 -13.01
CA ASP A 472 -3.01 13.92 -12.39
C ASP A 472 -3.30 14.50 -11.00
N SER A 473 -4.52 15.02 -10.77
CA SER A 473 -4.83 15.59 -9.45
C SER A 473 -5.36 14.56 -8.44
N VAL A 474 -5.20 13.29 -8.78
CA VAL A 474 -5.56 12.20 -7.87
C VAL A 474 -4.46 11.89 -6.82
N THR A 475 -4.87 11.69 -5.57
CA THR A 475 -3.92 11.47 -4.49
C THR A 475 -3.70 10.01 -4.11
N THR A 476 -4.78 9.22 -4.16
CA THR A 476 -4.76 7.85 -3.67
C THR A 476 -5.39 6.97 -4.79
N HIS A 477 -4.68 5.92 -5.17
CA HIS A 477 -5.17 4.91 -6.15
C HIS A 477 -4.29 3.68 -6.05
N GLU A 478 -4.86 2.50 -6.27
CA GLU A 478 -4.01 1.30 -6.31
C GLU A 478 -4.57 0.28 -7.30
N GLY A 479 -3.66 -0.35 -8.05
CA GLY A 479 -4.03 -1.32 -9.06
C GLY A 479 -3.09 -2.51 -9.01
N TRP A 480 -3.65 -3.71 -9.18
CA TRP A 480 -2.90 -4.97 -9.14
C TRP A 480 -3.18 -5.84 -10.35
N GLY A 481 -2.12 -6.33 -11.00
CA GLY A 481 -2.28 -7.37 -12.03
C GLY A 481 -2.93 -6.88 -13.32
N MET A 482 -2.22 -6.02 -14.04
CA MET A 482 -2.79 -5.26 -15.11
C MET A 482 -1.98 -5.35 -16.41
N GLY A 483 -2.67 -5.65 -17.50
CA GLY A 483 -2.03 -5.77 -18.79
C GLY A 483 -2.77 -5.06 -19.93
N SER A 484 -1.97 -4.47 -20.81
CA SER A 484 -2.51 -3.88 -22.05
C SER A 484 -1.75 -4.46 -23.27
N TYR A 485 -2.51 -4.91 -24.27
CA TYR A 485 -1.91 -5.52 -25.49
C TYR A 485 -2.20 -4.69 -26.75
N CYS A 486 -1.30 -4.72 -27.72
CA CYS A 486 -1.53 -4.03 -28.99
C CYS A 486 -1.46 -4.98 -30.18
N TYR A 487 -2.23 -4.66 -31.21
CA TYR A 487 -2.26 -5.41 -32.47
C TYR A 487 -2.73 -4.44 -33.53
N PHE A 488 -1.82 -3.57 -33.90
CA PHE A 488 -2.14 -2.49 -34.83
C PHE A 488 -2.01 -3.12 -36.20
N ASN A 489 -3.11 -3.75 -36.64
CA ASN A 489 -3.11 -4.58 -37.85
C ASN A 489 -3.20 -3.73 -39.10
N VAL A 490 -3.97 -2.65 -39.00
CA VAL A 490 -4.13 -1.73 -40.11
C VAL A 490 -2.81 -1.02 -40.40
N ASN A 491 -2.10 -0.64 -39.34
CA ASN A 491 -0.83 0.07 -39.51
C ASN A 491 0.20 -0.38 -38.47
N PRO A 492 0.98 -1.43 -38.79
CA PRO A 492 1.90 -2.02 -37.80
C PRO A 492 3.09 -1.09 -37.43
N ASP A 493 3.33 -0.03 -38.18
CA ASP A 493 4.39 0.88 -37.81
C ASP A 493 3.99 1.85 -36.67
N ILE A 494 2.73 1.79 -36.22
CA ILE A 494 2.32 2.64 -35.11
C ILE A 494 3.08 2.29 -33.82
N ARG A 495 3.24 3.33 -33.00
CA ARG A 495 3.78 3.25 -31.65
C ARG A 495 2.77 3.75 -30.61
N GLN A 496 2.68 2.99 -29.52
CA GLN A 496 1.81 3.34 -28.39
C GLN A 496 2.72 3.72 -27.25
N GLN A 497 2.64 4.93 -26.73
CA GLN A 497 3.68 5.39 -25.79
C GLN A 497 3.68 4.51 -24.61
N HIS A 498 2.50 4.22 -24.04
CA HIS A 498 2.41 3.40 -22.83
C HIS A 498 1.05 2.74 -22.65
N GLY A 499 0.99 1.74 -21.77
CA GLY A 499 -0.26 1.15 -21.39
C GLY A 499 -1.00 1.92 -20.32
N PHE A 500 -0.24 2.52 -19.41
CA PHE A 500 -0.72 3.17 -18.19
C PHE A 500 -0.18 4.60 -18.07
N GLN A 501 -0.99 5.49 -17.51
CA GLN A 501 -0.59 6.89 -17.25
C GLN A 501 -1.11 7.31 -15.87
N ALA A 502 -0.24 7.92 -15.06
CA ALA A 502 -0.62 8.40 -13.69
C ALA A 502 0.25 9.55 -13.24
N PRO A 503 -0.23 10.36 -12.30
CA PRO A 503 0.77 11.22 -11.67
C PRO A 503 1.72 10.40 -10.81
N VAL A 504 2.84 11.03 -10.49
CA VAL A 504 3.82 10.49 -9.59
C VAL A 504 3.60 11.04 -8.17
N LYS A 505 3.26 10.15 -7.23
CA LYS A 505 2.70 10.50 -5.91
C LYS A 505 2.80 9.27 -5.01
N PRO A 506 3.21 9.46 -3.75
CA PRO A 506 3.27 8.24 -2.96
C PRO A 506 1.95 7.44 -2.75
N GLY A 507 0.80 8.10 -2.84
CA GLY A 507 -0.47 7.45 -2.63
C GLY A 507 -1.03 6.73 -3.86
N VAL A 508 -0.45 7.01 -5.03
CA VAL A 508 -0.73 6.24 -6.26
C VAL A 508 0.23 5.04 -6.45
N LYS A 509 -0.32 3.83 -6.37
CA LYS A 509 0.51 2.63 -6.46
C LYS A 509 -0.01 1.63 -7.47
N PHE A 510 0.91 1.03 -8.21
CA PHE A 510 0.61 -0.07 -9.10
C PHE A 510 1.53 -1.25 -8.81
N HIS A 511 0.98 -2.43 -9.02
CA HIS A 511 1.68 -3.68 -8.82
C HIS A 511 1.40 -4.64 -9.94
N ASP A 512 2.49 -5.08 -10.58
CA ASP A 512 2.50 -6.12 -11.63
C ASP A 512 1.78 -5.63 -12.89
N LEU A 513 2.44 -4.68 -13.55
CA LEU A 513 1.98 -4.09 -14.81
C LEU A 513 2.71 -4.72 -15.99
N LEU A 514 2.01 -4.82 -17.09
CA LEU A 514 2.66 -5.33 -18.31
C LEU A 514 2.01 -4.83 -19.58
N VAL A 515 2.83 -4.70 -20.64
CA VAL A 515 2.33 -4.46 -21.99
C VAL A 515 2.92 -5.48 -22.94
N VAL A 516 2.14 -5.79 -23.98
CA VAL A 516 2.53 -6.82 -24.92
C VAL A 516 2.12 -6.44 -26.33
N SER A 517 3.07 -6.57 -27.26
CA SER A 517 2.78 -6.48 -28.67
C SER A 517 2.52 -7.87 -29.27
N LEU A 518 1.35 -8.03 -29.88
CA LEU A 518 0.97 -9.29 -30.47
C LEU A 518 1.59 -9.49 -31.88
N GLY A 519 2.61 -10.33 -31.99
CA GLY A 519 3.26 -10.60 -33.26
C GLY A 519 3.85 -9.36 -33.96
N GLY A 520 4.37 -8.41 -33.20
CA GLY A 520 5.03 -7.25 -33.76
C GLY A 520 4.18 -6.25 -34.50
N LYS A 521 2.87 -6.38 -34.36
CA LYS A 521 1.93 -5.45 -34.98
C LYS A 521 1.88 -4.16 -34.13
N GLY A 522 2.80 -3.24 -34.43
CA GLY A 522 2.99 -2.09 -33.56
C GLY A 522 3.81 -2.45 -32.36
N GLN A 523 4.24 -1.43 -31.62
CA GLN A 523 4.98 -1.63 -30.39
C GLN A 523 4.63 -0.58 -29.34
N TYR A 524 4.84 -0.95 -28.07
CA TYR A 524 4.80 0.00 -26.97
C TYR A 524 6.17 0.65 -26.80
N GLU A 525 6.23 1.93 -26.43
CA GLU A 525 7.49 2.62 -26.09
C GLU A 525 7.92 2.37 -24.65
N HIS A 526 6.91 2.20 -23.80
CA HIS A 526 7.09 2.00 -22.37
C HIS A 526 5.88 1.31 -21.80
N VAL A 527 5.95 0.97 -20.51
CA VAL A 527 4.82 0.35 -19.81
C VAL A 527 3.87 1.38 -19.19
N ILE A 528 4.39 2.28 -18.38
CA ILE A 528 3.61 3.31 -17.72
C ILE A 528 4.36 4.63 -17.66
N ASN A 529 3.69 5.71 -18.05
CA ASN A 529 4.38 6.98 -18.24
C ASN A 529 5.56 6.71 -19.23
N ASP A 530 6.82 7.06 -18.91
CA ASP A 530 7.98 6.72 -19.77
C ASP A 530 8.87 5.76 -19.05
N ILE A 531 8.23 4.89 -18.32
CA ILE A 531 8.96 3.94 -17.54
C ILE A 531 8.64 2.50 -17.94
N GLY A 532 9.70 1.70 -17.98
CA GLY A 532 9.60 0.33 -18.44
C GLY A 532 10.02 0.20 -19.90
N ASP A 533 10.55 -0.97 -20.22
CA ASP A 533 11.11 -1.23 -21.53
C ASP A 533 10.09 -1.06 -22.64
N PRO A 534 10.55 -0.63 -23.82
CA PRO A 534 9.62 -0.82 -24.93
C PRO A 534 9.46 -2.31 -25.21
N THR A 535 8.39 -2.69 -25.91
CA THR A 535 8.32 -4.03 -26.45
C THR A 535 9.15 -4.06 -27.73
N SER A 536 9.70 -5.23 -28.07
CA SER A 536 10.51 -5.35 -29.29
C SER A 536 10.33 -6.72 -29.91
N GLY A 537 10.78 -6.86 -31.14
CA GLY A 537 10.67 -8.12 -31.90
C GLY A 537 9.22 -8.39 -32.31
N ASP A 538 8.99 -9.55 -32.91
CA ASP A 538 7.64 -9.99 -33.27
C ASP A 538 7.28 -11.26 -32.48
N THR A 539 7.91 -11.40 -31.32
CA THR A 539 7.97 -12.68 -30.60
C THR A 539 6.98 -12.80 -29.38
N THR A 540 6.21 -11.76 -29.12
CA THR A 540 5.14 -11.82 -28.09
C THR A 540 5.69 -11.79 -26.66
N ILE A 541 6.72 -11.01 -26.39
CA ILE A 541 7.23 -10.93 -25.01
C ILE A 541 6.74 -9.73 -24.26
N PRO A 542 6.03 -9.94 -23.15
CA PRO A 542 5.68 -8.76 -22.36
C PRO A 542 6.86 -7.96 -21.88
N SER A 543 6.66 -6.65 -21.76
CA SER A 543 7.53 -5.78 -20.96
C SER A 543 6.78 -5.47 -19.68
N GLN A 544 7.47 -5.53 -18.53
CA GLN A 544 6.81 -5.58 -17.24
C GLN A 544 7.35 -4.52 -16.33
N VAL A 545 6.49 -3.98 -15.49
CA VAL A 545 6.98 -3.22 -14.34
C VAL A 545 6.37 -3.86 -13.07
N VAL A 546 7.19 -4.12 -12.06
CA VAL A 546 6.73 -4.84 -10.87
C VAL A 546 6.10 -3.86 -9.85
N SER A 547 6.77 -2.72 -9.66
CA SER A 547 6.47 -1.79 -8.56
C SER A 547 6.40 -0.34 -9.10
N PHE A 548 5.39 0.46 -8.75
CA PHE A 548 5.43 1.90 -9.08
C PHE A 548 4.69 2.83 -8.10
N PRO A 549 5.14 4.13 -8.01
CA PRO A 549 6.33 4.74 -8.64
C PRO A 549 7.59 4.36 -7.90
N VAL B 2 -14.53 16.55 21.66
CA VAL B 2 -13.34 15.82 21.16
C VAL B 2 -13.07 14.54 21.98
N VAL B 3 -13.04 13.38 21.28
CA VAL B 3 -13.21 12.06 21.97
C VAL B 3 -11.95 11.18 21.99
N GLY B 4 -11.29 11.14 23.14
CA GLY B 4 -10.19 10.21 23.36
C GLY B 4 -10.49 8.72 23.45
N GLY B 5 -9.43 7.92 23.30
CA GLY B 5 -9.51 6.47 23.22
C GLY B 5 -9.91 5.99 21.82
N GLY B 6 -10.34 4.74 21.71
CA GLY B 6 -10.81 4.27 20.42
C GLY B 6 -9.81 3.38 19.70
N ASP B 7 -10.26 2.72 18.63
CA ASP B 7 -9.47 1.67 17.99
C ASP B 7 -8.26 2.28 17.30
N LEU B 8 -7.18 1.51 17.24
CA LEU B 8 -5.91 2.06 16.80
C LEU B 8 -5.71 2.05 15.28
N GLY B 9 -6.62 1.40 14.55
CA GLY B 9 -6.63 1.43 13.10
C GLY B 9 -5.96 0.23 12.45
N PRO B 10 -5.96 0.16 11.10
CA PRO B 10 -5.47 -1.08 10.50
C PRO B 10 -3.96 -1.11 10.30
N ASN B 11 -3.30 0.02 10.53
CA ASN B 11 -1.86 0.08 10.43
C ASN B 11 -1.11 -0.34 11.69
N VAL B 12 -1.87 -0.74 12.70
CA VAL B 12 -1.33 -1.34 13.90
C VAL B 12 -1.79 -2.78 13.94
N LEU B 13 -0.89 -3.71 13.58
CA LEU B 13 -1.16 -5.14 13.66
C LEU B 13 -0.91 -5.65 15.07
N VAL B 14 -1.94 -6.23 15.68
CA VAL B 14 -1.84 -6.72 17.04
C VAL B 14 -1.83 -8.24 16.96
N PHE B 15 -0.93 -8.80 17.74
CA PHE B 15 -0.64 -10.22 17.76
C PHE B 15 -0.76 -10.80 19.18
N ASP B 16 -1.35 -11.99 19.31
CA ASP B 16 -0.98 -12.92 20.42
C ASP B 16 -0.41 -14.25 19.91
N PRO B 17 0.09 -15.10 20.85
CA PRO B 17 0.70 -16.37 20.43
C PRO B 17 -0.26 -17.25 19.62
N SER B 18 -1.58 -17.00 19.69
CA SER B 18 -2.57 -17.81 18.98
C SER B 18 -3.06 -17.23 17.64
N THR B 19 -2.53 -16.08 17.24
CA THR B 19 -2.91 -15.55 15.93
C THR B 19 -2.38 -16.49 14.85
N PRO B 20 -3.14 -16.65 13.75
CA PRO B 20 -2.68 -17.57 12.70
C PRO B 20 -1.52 -17.04 11.85
N ASP B 21 -0.61 -17.94 11.50
CA ASP B 21 0.59 -17.60 10.72
C ASP B 21 1.25 -16.22 10.99
N ILE B 22 1.83 -16.09 12.17
CA ILE B 22 2.56 -14.87 12.47
C ILE B 22 3.78 -14.65 11.50
N GLN B 23 4.45 -15.72 11.05
CA GLN B 23 5.59 -15.59 10.13
C GLN B 23 5.10 -14.93 8.84
N GLY B 24 4.02 -15.48 8.25
CA GLY B 24 3.66 -15.04 6.91
C GLY B 24 3.28 -13.57 6.96
N LYS B 25 2.57 -13.20 8.03
CA LYS B 25 2.16 -11.81 8.25
C LYS B 25 3.41 -10.91 8.39
N VAL B 26 4.33 -11.21 9.29
CA VAL B 26 5.45 -10.28 9.40
C VAL B 26 6.26 -10.32 8.08
N ASP B 27 6.30 -11.48 7.42
CA ASP B 27 7.04 -11.58 6.17
C ASP B 27 6.36 -10.75 5.06
N GLU B 28 5.03 -10.65 5.17
CA GLU B 28 4.26 -9.90 4.20
C GLU B 28 4.42 -8.37 4.37
N VAL B 29 4.48 -7.88 5.62
CA VAL B 29 4.82 -6.47 5.86
C VAL B 29 6.25 -6.19 5.37
N PHE B 30 7.17 -7.13 5.62
CA PHE B 30 8.57 -6.97 5.21
C PHE B 30 8.70 -7.00 3.69
N ARG B 31 7.88 -7.80 3.04
CA ARG B 31 7.90 -7.88 1.59
C ARG B 31 7.69 -6.48 1.03
N LYS B 32 6.69 -5.77 1.54
CA LYS B 32 6.44 -4.42 1.05
C LYS B 32 7.42 -3.37 1.54
N GLN B 33 7.76 -3.42 2.81
CA GLN B 33 8.56 -2.36 3.42
C GLN B 33 10.08 -2.50 3.32
N GLU B 34 10.56 -3.64 2.86
CA GLU B 34 11.99 -3.92 2.78
C GLU B 34 12.80 -2.85 2.02
N SER B 35 12.30 -2.48 0.85
CA SER B 35 13.01 -1.60 -0.08
C SER B 35 12.35 -0.22 -0.16
N ASN B 36 11.34 0.01 0.68
CA ASN B 36 10.43 1.16 0.53
C ASN B 36 10.91 2.39 1.30
N GLN B 37 12.08 2.90 0.93
CA GLN B 37 12.79 3.91 1.70
C GLN B 37 12.03 5.24 1.91
N PHE B 38 11.26 5.63 0.91
CA PHE B 38 10.66 6.97 0.91
C PHE B 38 9.16 6.92 0.69
N GLY B 39 8.56 5.76 0.91
CA GLY B 39 7.12 5.60 0.72
C GLY B 39 6.33 6.20 1.87
N THR B 40 5.01 6.21 1.72
CA THR B 40 4.16 6.71 2.75
C THR B 40 3.48 5.61 3.56
N ASP B 41 3.75 4.33 3.27
CA ASP B 41 3.23 3.27 4.14
C ASP B 41 3.92 3.28 5.51
N ARG B 42 3.20 2.85 6.55
CA ARG B 42 3.66 2.90 7.93
C ARG B 42 3.00 1.75 8.70
N TYR B 43 3.77 1.07 9.54
CA TYR B 43 3.24 -0.05 10.29
C TYR B 43 3.80 -0.13 11.68
N ALA B 44 2.93 -0.45 12.63
CA ALA B 44 3.38 -0.85 13.97
C ALA B 44 2.93 -2.28 14.25
N LEU B 45 3.88 -3.12 14.67
CA LEU B 45 3.62 -4.53 14.98
C LEU B 45 3.68 -4.62 16.48
N MET B 46 2.54 -4.89 17.11
CA MET B 46 2.48 -4.94 18.55
C MET B 46 2.22 -6.40 18.94
N PHE B 47 2.95 -6.88 19.93
CA PHE B 47 2.79 -8.27 20.40
C PHE B 47 2.30 -8.30 21.85
N LYS B 48 1.13 -8.88 22.07
CA LYS B 48 0.65 -9.10 23.45
C LYS B 48 1.57 -10.04 24.22
N PRO B 49 1.61 -9.90 25.54
CA PRO B 49 2.48 -10.78 26.33
C PRO B 49 2.29 -12.26 26.04
N GLY B 50 3.41 -12.93 26.24
CA GLY B 50 3.47 -14.37 26.16
C GLY B 50 4.73 -14.75 25.41
N THR B 51 4.79 -16.01 24.97
CA THR B 51 5.87 -16.56 24.21
C THR B 51 5.47 -16.78 22.79
N TYR B 52 6.32 -16.35 21.87
CA TYR B 52 6.08 -16.55 20.49
C TYR B 52 7.24 -17.33 20.00
N ASN B 53 6.98 -18.55 19.57
CA ASN B 53 8.05 -19.37 19.11
C ASN B 53 8.06 -19.29 17.62
N ASP B 54 9.13 -19.75 17.01
CA ASP B 54 9.08 -19.99 15.59
C ASP B 54 9.11 -18.72 14.71
N ILE B 55 9.76 -17.67 15.21
CA ILE B 55 9.69 -16.35 14.58
C ILE B 55 11.03 -15.73 14.16
N ASN B 56 11.01 -15.13 12.97
CA ASN B 56 12.14 -14.50 12.26
C ASN B 56 11.43 -13.17 11.93
N ALA B 57 11.48 -12.11 12.74
CA ALA B 57 10.72 -10.88 12.39
C ALA B 57 11.66 -9.90 11.75
N GLN B 58 11.67 -9.89 10.42
CA GLN B 58 12.53 -8.98 9.72
C GLN B 58 11.81 -7.61 9.58
N ILE B 59 12.57 -6.57 9.87
CA ILE B 59 12.03 -5.25 10.07
C ILE B 59 12.52 -4.35 8.91
N GLY B 60 11.58 -3.96 8.04
CA GLY B 60 11.87 -3.03 6.97
C GLY B 60 11.72 -1.56 7.33
N PHE B 61 11.69 -0.69 6.32
CA PHE B 61 11.41 0.71 6.54
C PHE B 61 10.07 0.95 7.24
N TYR B 62 10.04 1.98 8.09
CA TYR B 62 8.80 2.53 8.66
C TYR B 62 7.98 1.46 9.36
N THR B 63 8.69 0.57 10.06
CA THR B 63 8.06 -0.52 10.80
C THR B 63 8.62 -0.46 12.21
N SER B 64 7.72 -0.35 13.18
CA SER B 64 8.03 -0.53 14.59
C SER B 64 7.57 -1.93 15.05
N ILE B 65 8.31 -2.47 15.98
CA ILE B 65 7.92 -3.76 16.58
C ILE B 65 8.13 -3.60 18.09
N ALA B 66 7.14 -4.03 18.86
CA ALA B 66 7.19 -3.89 20.28
C ALA B 66 6.30 -4.90 20.98
N GLY B 67 6.66 -5.16 22.23
CA GLY B 67 5.86 -5.93 23.15
C GLY B 67 4.98 -5.05 24.07
N LEU B 68 3.79 -5.55 24.34
CA LEU B 68 2.78 -4.87 25.15
C LEU B 68 2.71 -5.28 26.64
N GLY B 69 3.75 -5.93 27.15
CA GLY B 69 3.82 -6.33 28.57
C GLY B 69 4.41 -5.24 29.50
N LEU B 70 4.31 -5.42 30.82
CA LEU B 70 4.81 -4.45 31.81
C LEU B 70 6.28 -4.19 31.60
N ASN B 71 6.95 -5.28 31.33
CA ASN B 71 8.38 -5.21 31.24
C ASN B 71 8.79 -6.30 30.21
N PRO B 72 10.02 -6.20 29.74
CA PRO B 72 10.46 -6.82 28.49
C PRO B 72 10.25 -8.33 28.48
N ASP B 73 10.49 -8.95 29.63
CA ASP B 73 10.45 -10.41 29.65
C ASP B 73 9.03 -10.96 29.66
N ASP B 74 8.01 -10.09 29.65
CA ASP B 74 6.62 -10.53 29.54
C ASP B 74 6.30 -10.97 28.11
N THR B 75 7.05 -10.46 27.14
CA THR B 75 6.78 -10.73 25.72
C THR B 75 8.06 -11.29 25.13
N THR B 76 8.10 -12.63 24.98
CA THR B 76 9.31 -13.33 24.59
C THR B 76 9.17 -13.99 23.26
N PHE B 77 10.19 -13.76 22.45
CA PHE B 77 10.30 -14.44 21.17
C PHE B 77 11.39 -15.49 21.30
N ASN B 78 11.05 -16.74 20.99
CA ASN B 78 12.07 -17.74 20.70
C ASN B 78 12.32 -17.63 19.24
N GLY B 79 13.26 -16.74 18.94
CA GLY B 79 13.38 -16.20 17.60
C GLY B 79 14.03 -14.84 17.64
N ASP B 80 13.81 -14.08 16.56
CA ASP B 80 14.66 -12.96 16.20
C ASP B 80 13.84 -11.76 15.76
N VAL B 81 14.43 -10.59 15.99
CA VAL B 81 13.96 -9.30 15.46
C VAL B 81 15.16 -8.83 14.64
N THR B 82 15.10 -9.09 13.34
CA THR B 82 16.24 -8.98 12.44
C THR B 82 16.11 -7.71 11.60
N VAL B 83 17.25 -7.07 11.41
CA VAL B 83 17.48 -6.14 10.30
C VAL B 83 18.77 -6.55 9.64
N ASP B 84 18.71 -6.73 8.31
CA ASP B 84 19.85 -7.08 7.49
C ASP B 84 19.87 -6.15 6.27
N ALA B 85 20.82 -6.34 5.37
CA ALA B 85 21.08 -5.37 4.30
C ALA B 85 21.00 -6.00 2.90
N GLY B 86 20.37 -7.15 2.78
CA GLY B 86 20.36 -7.83 1.50
C GLY B 86 19.91 -6.91 0.37
N TRP B 87 19.04 -5.97 0.73
CA TRP B 87 18.35 -5.12 -0.22
C TRP B 87 19.23 -4.08 -0.89
N PHE B 88 20.21 -3.55 -0.16
CA PHE B 88 21.17 -2.59 -0.73
C PHE B 88 22.47 -3.34 -0.79
N ASP B 89 22.36 -4.58 -1.28
CA ASP B 89 23.55 -5.27 -1.79
C ASP B 89 24.59 -5.59 -0.68
N GLY B 90 24.16 -5.58 0.59
CA GLY B 90 25.04 -5.83 1.74
C GLY B 90 25.51 -4.59 2.50
N ASN B 91 25.18 -3.40 1.99
CA ASN B 91 25.57 -2.15 2.65
C ASN B 91 24.41 -1.67 3.53
N ALA B 92 24.69 -1.44 4.81
CA ALA B 92 23.65 -1.15 5.79
C ALA B 92 23.39 0.35 5.96
N THR B 93 24.04 1.19 5.16
CA THR B 93 23.99 2.63 5.43
C THR B 93 22.72 3.36 4.98
N GLN B 94 21.72 2.65 4.46
CA GLN B 94 20.42 3.27 4.28
C GLN B 94 19.34 2.56 5.12
N ASN B 95 19.73 1.81 6.15
CA ASN B 95 18.73 1.11 7.00
C ASN B 95 18.17 2.01 8.10
N PHE B 96 17.28 2.89 7.67
CA PHE B 96 16.74 3.93 8.53
C PHE B 96 15.31 3.69 8.99
N TRP B 97 14.87 4.47 9.97
CA TRP B 97 13.42 4.70 10.25
C TRP B 97 12.66 3.41 10.62
N ARG B 98 13.12 2.78 11.69
CA ARG B 98 12.43 1.59 12.21
C ARG B 98 12.77 1.47 13.68
N SER B 99 12.17 0.54 14.41
CA SER B 99 12.42 0.49 15.85
C SER B 99 12.02 -0.84 16.46
N ALA B 100 12.66 -1.16 17.57
CA ALA B 100 12.28 -2.32 18.41
C ALA B 100 12.26 -1.89 19.87
N GLU B 101 11.17 -2.26 20.56
CA GLU B 101 11.02 -1.91 21.98
C GLU B 101 10.28 -2.96 22.84
N ASN B 102 10.75 -3.18 24.05
CA ASN B 102 9.97 -3.88 25.08
C ASN B 102 9.64 -5.32 24.73
N LEU B 103 10.70 -6.01 24.31
CA LEU B 103 10.68 -7.43 23.96
C LEU B 103 11.91 -8.14 24.54
N ALA B 104 11.72 -9.44 24.82
CA ALA B 104 12.83 -10.32 25.16
C ALA B 104 13.06 -11.27 23.98
N LEU B 105 14.30 -11.38 23.54
CA LEU B 105 14.65 -12.23 22.41
C LEU B 105 15.59 -13.38 22.83
N ASN B 106 15.27 -14.55 22.33
CA ASN B 106 16.06 -15.76 22.52
C ASN B 106 16.49 -16.19 21.09
N PRO B 107 17.55 -15.58 20.58
CA PRO B 107 17.81 -15.67 19.14
C PRO B 107 18.13 -17.08 18.70
N VAL B 108 17.69 -17.42 17.52
CA VAL B 108 17.64 -18.82 17.14
C VAL B 108 19.04 -19.42 17.02
N ASN B 109 20.05 -18.60 16.69
CA ASN B 109 21.45 -19.08 16.66
C ASN B 109 22.30 -18.50 17.79
N GLY B 110 21.67 -17.91 18.79
CA GLY B 110 22.39 -17.35 19.92
C GLY B 110 22.72 -15.87 19.83
N THR B 111 22.67 -15.31 18.61
CA THR B 111 22.96 -13.89 18.40
C THR B 111 21.89 -13.24 17.54
N ASN B 112 21.32 -12.14 18.01
CA ASN B 112 20.34 -11.40 17.22
C ASN B 112 21.02 -10.35 16.33
N ARG B 113 20.57 -10.20 15.09
CA ARG B 113 21.20 -9.26 14.14
C ARG B 113 20.33 -8.00 14.00
N TRP B 114 20.92 -6.84 14.29
CA TRP B 114 20.24 -5.56 14.22
C TRP B 114 21.20 -4.60 13.49
N ALA B 115 21.34 -4.81 12.18
CA ALA B 115 22.30 -4.10 11.37
C ALA B 115 21.67 -2.84 10.79
N VAL B 116 21.57 -1.83 11.63
CA VAL B 116 20.87 -0.59 11.33
C VAL B 116 21.81 0.59 11.14
N SER B 117 21.29 1.68 10.57
CA SER B 117 21.98 2.97 10.55
C SER B 117 21.16 3.94 11.34
N GLN B 118 20.99 5.20 10.90
CA GLN B 118 20.38 6.19 11.76
C GLN B 118 18.88 6.00 11.90
N ALA B 119 18.34 6.53 13.01
CA ALA B 119 16.91 6.56 13.30
C ALA B 119 16.31 5.15 13.38
N ALA B 120 17.03 4.28 14.09
CA ALA B 120 16.59 2.88 14.28
C ALA B 120 16.80 2.46 15.72
N PRO B 121 16.08 3.11 16.64
CA PRO B 121 16.33 2.87 18.07
C PRO B 121 15.97 1.44 18.56
N PHE B 122 16.74 0.99 19.56
CA PHE B 122 16.58 -0.34 20.18
C PHE B 122 16.47 -0.01 21.67
N ARG B 123 15.24 -0.10 22.20
CA ARG B 123 14.96 0.36 23.56
C ARG B 123 14.28 -0.70 24.41
N ARG B 124 14.64 -0.74 25.68
CA ARG B 124 13.95 -1.61 26.63
C ARG B 124 13.84 -3.05 26.12
N MET B 125 14.96 -3.54 25.58
CA MET B 125 15.06 -4.89 25.04
C MET B 125 15.89 -5.75 25.98
N HIS B 126 15.55 -7.03 26.00
CA HIS B 126 16.35 -8.05 26.70
C HIS B 126 16.75 -9.12 25.73
N VAL B 127 18.01 -9.12 25.31
CA VAL B 127 18.55 -10.13 24.42
C VAL B 127 19.25 -11.26 25.16
N LYS B 128 18.72 -12.48 25.06
CA LYS B 128 19.26 -13.64 25.78
C LYS B 128 20.30 -14.32 24.90
N GLY B 129 21.31 -13.53 24.55
CA GLY B 129 22.42 -13.99 23.72
C GLY B 129 23.20 -12.75 23.30
N GLY B 130 23.81 -12.82 22.15
CA GLY B 130 24.59 -11.74 21.63
C GLY B 130 23.78 -10.88 20.71
N LEU B 131 24.40 -9.75 20.29
CA LEU B 131 23.78 -8.78 19.40
C LEU B 131 24.82 -8.39 18.37
N ASN B 132 24.51 -8.78 17.14
CA ASN B 132 25.29 -8.49 15.96
C ASN B 132 24.72 -7.21 15.33
N LEU B 133 25.52 -6.16 15.32
CA LEU B 133 25.10 -4.86 14.75
C LEU B 133 25.52 -4.71 13.28
N ALA B 134 26.15 -5.72 12.69
CA ALA B 134 26.64 -5.62 11.30
C ALA B 134 25.82 -6.48 10.34
N PRO B 135 25.65 -6.02 9.09
CA PRO B 135 25.04 -6.87 8.07
C PRO B 135 25.88 -8.13 7.87
N ASP B 136 25.27 -9.21 7.39
CA ASP B 136 26.03 -10.43 7.12
C ASP B 136 27.05 -10.09 6.06
N GLY B 137 28.25 -10.64 6.19
CA GLY B 137 29.38 -10.31 5.34
C GLY B 137 29.90 -8.88 5.44
N TYR B 138 29.41 -8.14 6.45
CA TYR B 138 30.15 -7.08 7.10
C TYR B 138 30.45 -5.86 6.20
N GLY B 139 29.43 -5.53 5.42
CA GLY B 139 29.38 -4.26 4.67
C GLY B 139 29.24 -3.05 5.60
N TRP B 140 29.14 -1.88 4.98
CA TRP B 140 29.18 -0.65 5.73
C TRP B 140 27.92 -0.42 6.58
N ALA B 141 28.09 0.27 7.70
CA ALA B 141 26.97 0.55 8.59
C ALA B 141 27.29 1.81 9.40
N SER B 142 26.26 2.59 9.67
CA SER B 142 26.42 3.90 10.33
C SER B 142 25.31 4.17 11.38
N GLY B 143 25.24 3.29 12.37
CA GLY B 143 24.29 3.42 13.46
C GLY B 143 24.79 4.37 14.53
N GLY B 144 24.23 4.36 15.72
CA GLY B 144 23.16 3.51 16.16
C GLY B 144 22.85 3.90 17.61
N TYR B 145 21.82 3.30 18.17
CA TYR B 145 21.26 3.76 19.44
C TYR B 145 20.64 2.63 20.24
N ILE B 146 21.19 2.35 21.41
CA ILE B 146 20.62 1.34 22.31
C ILE B 146 20.43 2.05 23.64
N ALA B 147 19.23 1.90 24.20
CA ALA B 147 18.98 2.40 25.55
C ALA B 147 18.11 1.46 26.36
N ASP B 148 18.35 1.50 27.67
CA ASP B 148 17.55 0.78 28.66
C ASP B 148 17.39 -0.69 28.33
N SER B 149 18.46 -1.28 27.84
CA SER B 149 18.44 -2.67 27.41
C SER B 149 19.45 -3.53 28.17
N LYS B 150 19.22 -4.83 28.11
CA LYS B 150 20.14 -5.80 28.72
C LYS B 150 20.47 -6.82 27.64
N ILE B 151 21.77 -6.88 27.31
CA ILE B 151 22.28 -7.85 26.37
C ILE B 151 23.07 -8.81 27.23
N ASP B 152 22.54 -10.01 27.39
CA ASP B 152 23.18 -10.99 28.26
C ASP B 152 24.52 -11.41 27.68
N GLY B 153 24.56 -11.51 26.36
CA GLY B 153 25.73 -11.89 25.63
C GLY B 153 26.57 -10.73 25.09
N GLU B 154 27.15 -10.92 23.91
CA GLU B 154 28.11 -9.95 23.37
C GLU B 154 27.50 -9.08 22.25
N VAL B 155 27.48 -7.77 22.44
CA VAL B 155 27.26 -6.83 21.36
C VAL B 155 28.50 -6.75 20.48
N GLY B 156 28.34 -7.12 19.21
CA GLY B 156 29.43 -7.03 18.23
C GLY B 156 29.15 -5.97 17.14
N PRO B 157 29.89 -4.86 17.16
CA PRO B 157 29.60 -3.87 16.10
C PRO B 157 30.21 -4.22 14.75
N TYR B 158 31.32 -4.96 14.76
CA TYR B 158 32.17 -5.17 13.59
C TYR B 158 32.41 -3.89 12.74
N SER B 159 31.70 -3.78 11.61
CA SER B 159 31.84 -2.65 10.67
C SER B 159 31.16 -1.35 11.09
N GLN B 160 30.30 -1.37 12.11
CA GLN B 160 29.64 -0.13 12.55
C GLN B 160 30.63 0.98 12.82
N GLN B 161 30.42 2.17 12.23
CA GLN B 161 31.41 3.22 12.39
C GLN B 161 31.43 3.75 13.81
N GLN B 162 30.23 3.92 14.34
CA GLN B 162 30.07 4.56 15.63
C GLN B 162 28.79 4.02 16.25
N TRP B 163 28.56 4.37 17.51
CA TRP B 163 27.42 3.85 18.25
C TRP B 163 27.29 4.55 19.60
N TYR B 164 26.04 4.70 20.07
CA TYR B 164 25.79 5.21 21.40
C TYR B 164 24.92 4.26 22.19
N THR B 165 25.37 3.92 23.39
CA THR B 165 24.61 3.05 24.28
C THR B 165 24.46 3.76 25.60
N ARG B 166 23.20 3.77 26.06
CA ARG B 166 22.86 4.46 27.32
C ARG B 166 22.09 3.55 28.29
N ASP B 167 22.48 3.63 29.56
CA ASP B 167 21.67 3.11 30.67
C ASP B 167 21.18 1.68 30.44
N SER B 168 22.18 0.82 30.34
CA SER B 168 22.00 -0.54 29.86
C SER B 168 23.02 -1.44 30.56
N SER B 169 22.99 -2.70 30.15
CA SER B 169 23.89 -3.72 30.64
C SER B 169 24.27 -4.63 29.46
N VAL B 170 25.57 -4.84 29.28
CA VAL B 170 26.07 -5.74 28.24
C VAL B 170 27.01 -6.77 28.85
N GLY B 171 27.00 -7.98 28.28
CA GLY B 171 27.90 -9.02 28.73
C GLY B 171 29.29 -8.88 28.14
N GLY B 172 29.44 -8.02 27.14
CA GLY B 172 30.75 -7.72 26.55
C GLY B 172 30.57 -6.82 25.35
N TRP B 173 31.67 -6.36 24.79
CA TRP B 173 31.65 -5.43 23.66
C TRP B 173 32.83 -5.71 22.72
N GLY B 174 32.53 -5.98 21.46
CA GLY B 174 33.49 -6.58 20.57
C GLY B 174 34.59 -5.68 20.06
N ASN B 175 34.25 -4.44 19.72
CA ASN B 175 35.23 -3.55 19.12
C ASN B 175 34.70 -2.15 19.05
N GLY B 176 35.63 -1.21 19.03
CA GLY B 176 35.38 0.17 18.66
C GLY B 176 36.12 0.56 17.37
N VAL B 177 35.37 1.15 16.44
CA VAL B 177 35.84 1.50 15.10
C VAL B 177 36.25 2.97 14.99
N TRP B 178 35.30 3.90 14.89
CA TRP B 178 35.60 5.35 15.00
C TRP B 178 35.17 6.03 16.32
N ASN B 179 33.97 5.70 16.80
CA ASN B 179 33.42 6.39 17.99
C ASN B 179 32.32 5.59 18.66
N MET B 180 32.68 4.88 19.71
CA MET B 180 31.73 4.05 20.45
C MET B 180 31.65 4.70 21.83
N THR B 181 30.47 5.28 22.12
CA THR B 181 30.24 6.04 23.35
C THR B 181 29.22 5.34 24.24
N PHE B 182 29.47 5.39 25.55
CA PHE B 182 28.64 4.69 26.52
C PHE B 182 28.38 5.64 27.67
N SER B 183 27.15 5.73 28.17
CA SER B 183 26.87 6.42 29.41
C SER B 183 25.94 5.56 30.26
N GLY B 184 26.35 5.31 31.48
CA GLY B 184 25.58 4.45 32.35
C GLY B 184 25.44 3.00 31.93
N VAL B 185 26.46 2.46 31.29
CA VAL B 185 26.37 1.10 30.76
C VAL B 185 27.20 0.12 31.61
N GLU B 186 26.48 -0.77 32.27
CA GLU B 186 27.12 -1.85 33.02
C GLU B 186 27.75 -2.81 32.02
N GLY B 187 29.06 -3.01 32.11
CA GLY B 187 29.77 -3.91 31.21
C GLY B 187 30.42 -3.24 30.00
N ALA B 188 30.29 -1.93 29.85
CA ALA B 188 30.97 -1.30 28.71
C ALA B 188 32.48 -1.42 28.89
N PRO B 189 33.24 -1.33 27.80
CA PRO B 189 34.67 -1.27 28.13
C PRO B 189 35.10 0.03 28.81
N ALA B 190 36.29 -0.02 29.38
CA ALA B 190 36.87 1.13 30.04
C ALA B 190 37.15 2.23 29.02
N GLN B 191 37.00 3.47 29.47
CA GLN B 191 37.46 4.64 28.73
C GLN B 191 38.87 4.37 28.20
N SER B 192 39.04 4.47 26.87
CA SER B 192 40.34 4.14 26.23
C SER B 192 40.73 5.00 25.02
N PHE B 193 39.89 5.98 24.66
CA PHE B 193 40.03 6.73 23.39
C PHE B 193 41.47 7.32 23.36
N PRO B 194 42.17 7.25 22.21
CA PRO B 194 41.68 7.00 20.85
C PRO B 194 41.76 5.58 20.33
N GLU B 195 42.42 4.67 21.04
CA GLU B 195 42.46 3.24 20.63
C GLU B 195 42.30 2.31 21.86
N PRO B 196 41.29 1.39 21.83
CA PRO B 196 40.15 1.42 20.88
C PRO B 196 39.32 2.68 21.14
N PRO B 197 38.43 3.06 20.21
CA PRO B 197 37.67 4.34 20.21
C PRO B 197 36.48 4.40 21.21
N TYR B 198 36.79 4.17 22.49
CA TYR B 198 35.77 4.08 23.54
C TYR B 198 35.74 5.30 24.45
N THR B 199 34.58 5.98 24.44
CA THR B 199 34.29 7.08 25.33
C THR B 199 33.27 6.58 26.34
N THR B 200 33.66 6.56 27.63
CA THR B 200 32.87 5.86 28.64
C THR B 200 32.61 6.73 29.87
N LEU B 201 31.32 6.97 30.10
CA LEU B 201 30.81 7.75 31.21
C LEU B 201 30.09 6.79 32.14
N GLU B 202 30.41 6.85 33.44
CA GLU B 202 29.87 5.91 34.41
C GLU B 202 28.36 6.08 34.56
N THR B 203 27.86 7.28 34.37
CA THR B 203 26.44 7.56 34.52
C THR B 203 25.99 8.55 33.47
N THR B 204 24.67 8.59 33.23
CA THR B 204 24.09 9.64 32.40
C THR B 204 23.54 10.70 33.32
N PRO B 205 23.87 11.98 33.08
CA PRO B 205 23.56 12.93 34.17
C PRO B 205 22.06 13.05 34.44
N VAL B 206 21.25 12.86 33.41
CA VAL B 206 19.86 12.47 33.63
C VAL B 206 19.27 11.87 32.36
N SER B 207 18.29 11.03 32.57
CA SER B 207 17.52 10.46 31.46
C SER B 207 16.11 10.25 31.96
N ARG B 208 15.28 9.83 31.04
CA ARG B 208 13.89 9.56 31.37
C ARG B 208 13.40 8.70 30.24
N GLU B 209 13.06 7.46 30.55
CA GLU B 209 12.80 6.51 29.49
C GLU B 209 11.54 6.81 28.70
N LYS B 210 11.64 6.51 27.40
CA LYS B 210 10.60 6.82 26.41
C LYS B 210 9.25 6.24 26.84
N PRO B 211 8.17 7.04 26.83
CA PRO B 211 6.86 6.44 27.10
C PRO B 211 6.46 5.38 26.06
N PHE B 212 5.68 4.37 26.46
CA PHE B 212 5.34 3.29 25.56
C PHE B 212 3.93 2.72 25.86
N LEU B 213 3.25 2.27 24.80
CA LEU B 213 1.96 1.61 24.91
C LEU B 213 2.11 0.23 25.55
N TYR B 214 1.17 -0.12 26.42
CA TYR B 214 1.13 -1.50 26.97
C TYR B 214 -0.33 -1.87 27.31
N LEU B 215 -0.56 -3.14 27.67
CA LEU B 215 -1.91 -3.61 28.03
C LEU B 215 -1.96 -4.07 29.51
N ASP B 216 -3.02 -3.71 30.24
CA ASP B 216 -3.12 -3.90 31.73
C ASP B 216 -4.07 -5.05 32.23
N GLY B 217 -3.91 -6.28 31.77
CA GLY B 217 -5.02 -7.22 31.90
C GLY B 217 -5.77 -7.13 30.62
N ASP B 218 -6.75 -6.26 30.48
CA ASP B 218 -7.35 -6.16 29.16
C ASP B 218 -7.05 -4.80 28.56
N ASP B 219 -6.62 -3.90 29.45
CA ASP B 219 -6.62 -2.42 29.28
C ASP B 219 -5.32 -1.82 28.71
N TYR B 220 -5.42 -1.35 27.48
CA TYR B 220 -4.38 -0.53 26.83
C TYR B 220 -4.10 0.77 27.56
N LYS B 221 -2.82 1.00 27.87
CA LYS B 221 -2.37 2.21 28.56
C LYS B 221 -0.98 2.64 28.06
N VAL B 222 -0.62 3.89 28.34
CA VAL B 222 0.73 4.39 28.07
C VAL B 222 1.51 4.54 29.41
N PHE B 223 2.62 3.82 29.50
CA PHE B 223 3.53 3.86 30.65
C PHE B 223 4.45 5.05 30.43
N VAL B 224 4.61 5.88 31.46
CA VAL B 224 5.41 7.09 31.39
C VAL B 224 6.48 6.99 32.46
N PRO B 225 7.69 6.57 32.09
CA PRO B 225 8.79 6.45 33.05
C PRO B 225 9.24 7.76 33.66
N ALA B 226 9.54 7.69 34.96
CA ALA B 226 10.10 8.81 35.70
C ALA B 226 11.57 9.04 35.36
N LYS B 227 11.95 10.30 35.45
CA LYS B 227 13.35 10.70 35.39
C LYS B 227 14.23 9.96 36.40
N ARG B 228 15.40 9.53 35.92
CA ARG B 228 16.54 9.23 36.79
C ARG B 228 17.64 10.27 36.63
N THR B 229 18.10 10.83 37.74
CA THR B 229 19.37 11.53 37.72
C THR B 229 20.47 10.49 38.01
N ASN B 230 21.59 10.59 37.29
CA ASN B 230 22.73 9.71 37.48
C ASN B 230 22.40 8.23 37.22
N ALA B 231 21.68 8.04 36.12
CA ALA B 231 21.29 6.76 35.61
C ALA B 231 22.50 5.90 35.28
N ARG B 232 22.42 4.65 35.70
CA ARG B 232 23.39 3.63 35.31
C ARG B 232 22.71 2.31 35.43
N GLY B 233 22.50 1.65 34.30
CA GLY B 233 21.81 0.38 34.27
C GLY B 233 20.38 0.52 33.78
N THR B 234 19.69 -0.60 33.60
CA THR B 234 18.32 -0.53 33.10
C THR B 234 17.40 0.05 34.18
N SER B 235 16.28 0.58 33.74
CA SER B 235 15.25 1.09 34.61
C SER B 235 14.43 -0.03 35.26
N TRP B 236 14.38 -1.19 34.60
CA TRP B 236 13.47 -2.30 34.94
C TRP B 236 14.14 -3.42 35.75
N GLY B 237 15.18 -3.02 36.45
CA GLY B 237 15.50 -3.58 37.76
C GLY B 237 14.74 -2.73 38.76
N ASN B 238 15.03 -3.00 40.03
CA ASN B 238 14.30 -2.53 41.19
C ASN B 238 12.95 -3.25 41.39
N GLY B 239 12.71 -4.27 40.57
CA GLY B 239 11.39 -4.87 40.49
C GLY B 239 10.37 -4.05 39.69
N THR B 240 9.80 -2.99 40.26
CA THR B 240 8.63 -2.35 39.66
C THR B 240 9.04 -0.99 39.11
N PRO B 241 8.73 -0.75 37.87
CA PRO B 241 9.15 0.59 37.55
C PRO B 241 8.26 1.69 38.14
N GLU B 242 8.06 1.79 39.48
CA GLU B 242 7.23 2.85 40.09
C GLU B 242 6.06 3.13 39.11
N GLY B 243 6.13 4.20 38.33
CA GLY B 243 5.12 4.48 37.35
C GLY B 243 4.51 5.83 37.44
N GLU B 244 4.14 6.31 36.24
CA GLU B 244 2.80 6.86 35.98
C GLU B 244 2.17 5.97 34.87
N SER B 245 0.85 5.84 34.80
CA SER B 245 0.19 5.07 33.71
C SER B 245 -1.10 5.74 33.23
N LEU B 246 -1.08 6.28 32.01
CA LEU B 246 -2.18 7.07 31.54
C LEU B 246 -3.11 6.35 30.51
N PRO B 247 -4.32 5.90 30.96
CA PRO B 247 -5.23 5.11 30.12
C PRO B 247 -5.45 5.66 28.73
N LEU B 248 -5.75 4.77 27.80
CA LEU B 248 -5.93 5.16 26.41
C LEU B 248 -7.06 6.17 26.24
N ASP B 249 -8.06 6.16 27.13
CA ASP B 249 -9.20 7.06 26.92
C ASP B 249 -8.79 8.52 27.30
N GLN B 250 -7.56 8.70 27.81
CA GLN B 250 -6.96 10.02 28.07
C GLN B 250 -6.12 10.53 26.86
N PHE B 251 -6.07 9.74 25.81
CA PHE B 251 -5.39 10.15 24.56
C PHE B 251 -6.38 10.43 23.44
N TYR B 252 -6.18 11.50 22.69
CA TYR B 252 -6.81 11.62 21.38
C TYR B 252 -6.02 10.71 20.44
N VAL B 253 -6.65 9.65 19.98
CA VAL B 253 -6.00 8.75 19.05
C VAL B 253 -6.18 9.52 17.75
N VAL B 254 -5.06 9.91 17.16
CA VAL B 254 -5.11 10.64 15.91
C VAL B 254 -5.00 9.60 14.81
N LYS B 255 -5.55 9.94 13.67
CA LYS B 255 -5.61 9.07 12.50
C LYS B 255 -5.43 10.05 11.33
N PRO B 256 -4.57 9.71 10.33
CA PRO B 256 -4.40 10.55 9.12
C PRO B 256 -5.74 11.08 8.53
N GLY B 257 -5.99 12.39 8.56
CA GLY B 257 -7.33 12.94 8.29
C GLY B 257 -7.80 13.86 9.43
N ALA B 258 -7.06 13.76 10.52
CA ALA B 258 -7.14 14.78 11.58
C ALA B 258 -6.46 16.07 11.13
N THR B 259 -7.00 17.21 11.54
CA THR B 259 -6.36 18.49 11.27
C THR B 259 -5.60 18.99 12.51
N ALA B 260 -4.70 19.96 12.33
CA ALA B 260 -4.14 20.67 13.46
C ALA B 260 -5.13 21.18 14.59
N GLU B 261 -6.32 21.69 14.23
CA GLU B 261 -7.32 22.10 15.27
C GLU B 261 -8.00 20.94 15.95
N THR B 262 -8.22 19.81 15.28
CA THR B 262 -8.71 18.70 16.09
C THR B 262 -7.55 18.30 17.04
N ILE B 263 -6.33 18.22 16.52
CA ILE B 263 -5.16 17.93 17.36
C ILE B 263 -5.01 19.01 18.43
N ASN B 264 -5.06 20.26 18.03
CA ASN B 264 -4.89 21.35 19.01
C ASN B 264 -6.01 21.49 20.04
N ALA B 265 -7.26 21.33 19.61
CA ALA B 265 -8.41 21.36 20.53
C ALA B 265 -8.29 20.23 21.55
N ALA B 266 -7.80 19.10 21.08
CA ALA B 266 -7.63 17.93 21.94
C ALA B 266 -6.69 18.26 23.08
N VAL B 267 -5.55 18.86 22.78
CA VAL B 267 -4.65 19.22 23.86
C VAL B 267 -5.36 20.22 24.72
N ASP B 268 -6.13 21.12 24.08
CA ASP B 268 -6.78 22.19 24.82
C ASP B 268 -7.80 21.65 25.88
N GLN B 269 -8.56 20.64 25.49
CA GLN B 269 -9.37 19.81 26.43
C GLN B 269 -8.56 19.19 27.59
N GLY B 270 -7.31 18.83 27.33
CA GLY B 270 -6.55 18.07 28.31
C GLY B 270 -6.21 16.66 27.90
N LEU B 271 -6.47 16.31 26.65
CA LEU B 271 -6.06 15.01 26.15
C LEU B 271 -4.59 15.00 25.76
N HIS B 272 -4.00 13.83 25.93
CA HIS B 272 -2.72 13.53 25.32
C HIS B 272 -2.93 13.15 23.86
N LEU B 273 -1.82 12.91 23.15
CA LEU B 273 -1.89 12.60 21.73
C LEU B 273 -1.17 11.29 21.43
N LEU B 274 -1.86 10.39 20.75
CA LEU B 274 -1.25 9.17 20.24
C LEU B 274 -1.42 9.16 18.73
N PHE B 275 -0.30 9.30 18.03
CA PHE B 275 -0.30 9.30 16.57
C PHE B 275 -0.23 7.88 16.04
N THR B 276 -1.30 7.42 15.40
CA THR B 276 -1.27 6.09 14.79
C THR B 276 -0.37 6.13 13.56
N PRO B 277 0.08 4.95 13.08
CA PRO B 277 1.03 5.04 11.97
C PRO B 277 0.41 5.60 10.71
N GLY B 278 0.99 6.69 10.23
CA GLY B 278 0.53 7.33 9.03
C GLY B 278 1.29 8.60 8.76
N VAL B 279 0.84 9.33 7.74
CA VAL B 279 1.44 10.60 7.32
C VAL B 279 0.37 11.67 7.45
N TYR B 280 0.71 12.68 8.23
CA TYR B 280 -0.23 13.72 8.69
C TYR B 280 0.21 15.08 8.14
N HIS B 281 -0.48 15.56 7.10
CA HIS B 281 -0.24 16.93 6.61
C HIS B 281 -0.98 17.90 7.55
N VAL B 282 -0.33 19.00 7.93
CA VAL B 282 -0.94 20.02 8.78
C VAL B 282 -0.79 21.44 8.18
N ASP B 283 -1.86 22.24 8.25
CA ASP B 283 -1.88 23.62 7.76
C ASP B 283 -1.55 24.70 8.80
N GLN B 284 -1.56 24.35 10.07
CA GLN B 284 -0.97 25.14 11.15
C GLN B 284 -0.07 24.27 12.02
N PRO B 285 0.81 24.89 12.82
CA PRO B 285 1.55 24.04 13.73
C PRO B 285 0.68 23.32 14.77
N ILE B 286 1.07 22.09 15.04
CA ILE B 286 0.60 21.39 16.21
C ILE B 286 1.27 22.09 17.35
N GLU B 287 0.44 22.48 18.30
CA GLU B 287 0.87 23.41 19.32
C GLU B 287 0.53 22.76 20.68
N ILE B 288 1.56 22.47 21.47
CA ILE B 288 1.39 21.80 22.73
C ILE B 288 1.87 22.66 23.87
N ASP B 289 0.96 23.29 24.58
CA ASP B 289 1.39 23.54 25.93
C ASP B 289 0.35 23.58 26.98
N ARG B 290 0.23 22.35 27.39
CA ARG B 290 -0.35 21.96 28.60
C ARG B 290 0.77 21.14 29.22
N ALA B 291 1.07 21.44 30.48
CA ALA B 291 2.14 20.73 31.12
C ALA B 291 1.88 19.22 31.11
N ASN B 292 2.96 18.47 31.03
CA ASN B 292 2.94 17.00 31.11
C ASN B 292 2.21 16.25 29.98
N THR B 293 1.96 16.94 28.88
CA THR B 293 1.38 16.32 27.70
C THR B 293 2.34 15.33 27.07
N VAL B 294 1.83 14.14 26.80
CA VAL B 294 2.55 13.10 26.03
C VAL B 294 2.08 13.14 24.57
N ALA B 295 3.03 13.18 23.64
CA ALA B 295 2.76 13.13 22.21
C ALA B 295 3.54 11.99 21.62
N LEU B 296 2.88 10.86 21.49
CA LEU B 296 3.54 9.55 21.24
C LEU B 296 3.17 9.04 19.85
N GLY B 297 4.18 8.81 19.00
CA GLY B 297 3.97 8.24 17.68
C GLY B 297 4.20 6.74 17.64
N LEU B 298 3.35 6.07 16.87
CA LEU B 298 3.50 4.65 16.54
C LEU B 298 3.92 4.46 15.08
N GLY B 299 4.77 3.45 14.84
CA GLY B 299 5.06 3.05 13.49
C GLY B 299 5.59 4.19 12.61
N LEU B 300 6.47 5.04 13.14
CA LEU B 300 7.16 6.06 12.31
C LEU B 300 6.13 7.06 11.74
N ALA B 301 5.08 7.27 12.51
CA ALA B 301 4.13 8.37 12.32
C ALA B 301 4.84 9.67 11.94
N THR B 302 4.34 10.32 10.89
CA THR B 302 5.05 11.41 10.25
C THR B 302 4.16 12.65 10.13
N ILE B 303 4.72 13.83 10.39
CA ILE B 303 4.02 15.09 10.25
C ILE B 303 4.71 15.88 9.14
N ILE B 304 3.93 16.34 8.19
CA ILE B 304 4.42 17.20 7.11
C ILE B 304 3.73 18.55 7.21
N PRO B 305 4.52 19.62 7.37
CA PRO B 305 3.88 20.93 7.39
C PRO B 305 3.66 21.49 6.00
N ASP B 306 2.45 21.95 5.75
CA ASP B 306 2.13 22.55 4.48
C ASP B 306 2.33 24.06 4.61
N ASN B 307 2.45 24.75 3.46
CA ASN B 307 2.30 26.22 3.44
C ASN B 307 3.41 26.94 4.23
N GLY B 308 4.53 26.25 4.41
CA GLY B 308 5.67 26.83 5.09
C GLY B 308 5.56 26.99 6.59
N VAL B 309 4.56 26.36 7.18
CA VAL B 309 4.37 26.51 8.62
C VAL B 309 5.34 25.64 9.43
N THR B 310 5.43 25.96 10.72
CA THR B 310 6.15 25.11 11.66
C THR B 310 5.29 23.88 11.96
N ALA B 311 5.86 22.69 12.09
CA ALA B 311 5.00 21.51 12.32
C ALA B 311 4.65 21.34 13.80
N LEU B 312 5.59 21.60 14.69
CA LEU B 312 5.36 21.31 16.11
C LEU B 312 5.99 22.38 17.01
N LYS B 313 5.17 22.86 17.95
CA LYS B 313 5.63 23.80 18.98
C LYS B 313 5.25 23.20 20.32
N VAL B 314 6.19 23.28 21.23
CA VAL B 314 5.91 23.08 22.66
C VAL B 314 6.01 24.45 23.34
N GLY B 315 5.05 24.71 24.22
CA GLY B 315 5.05 25.97 24.97
C GLY B 315 5.97 25.92 26.15
N ASP B 316 5.95 26.98 26.97
CA ASP B 316 6.95 27.17 28.03
C ASP B 316 6.62 26.43 29.32
N VAL B 317 6.13 25.20 29.15
CA VAL B 317 5.65 24.37 30.25
C VAL B 317 6.67 23.26 30.64
N ASP B 318 6.33 22.59 31.75
CA ASP B 318 7.05 21.44 32.27
C ASP B 318 6.56 20.16 31.57
N GLY B 319 7.42 19.16 31.47
CA GLY B 319 6.94 17.81 31.36
C GLY B 319 6.39 17.31 30.05
N VAL B 320 6.55 18.05 28.97
CA VAL B 320 6.02 17.60 27.71
C VAL B 320 6.93 16.49 27.18
N LYS B 321 6.33 15.40 26.73
CA LYS B 321 7.07 14.25 26.21
C LYS B 321 6.69 14.04 24.74
N VAL B 322 7.63 14.33 23.86
CA VAL B 322 7.46 14.13 22.44
C VAL B 322 8.30 12.93 22.11
N ALA B 323 7.68 11.95 21.44
CA ALA B 323 8.34 10.67 21.25
C ALA B 323 7.85 9.96 20.00
N GLY B 324 8.79 9.50 19.16
CA GLY B 324 8.47 8.59 18.08
C GLY B 324 8.04 9.11 16.71
N LEU B 325 8.26 10.40 16.45
CA LEU B 325 7.69 11.08 15.28
C LEU B 325 8.78 11.45 14.27
N LEU B 326 8.49 11.28 12.98
CA LEU B 326 9.27 11.88 11.90
C LEU B 326 8.60 13.17 11.46
N VAL B 327 9.35 14.26 11.46
CA VAL B 327 8.87 15.52 10.87
C VAL B 327 9.57 15.66 9.52
N ASP B 328 8.79 15.71 8.44
CA ASP B 328 9.29 15.69 7.07
C ASP B 328 8.94 17.04 6.42
N ALA B 329 9.94 17.81 6.02
CA ALA B 329 9.68 19.12 5.41
C ALA B 329 8.81 19.02 4.17
N GLY B 330 7.97 20.03 3.98
CA GLY B 330 7.23 20.21 2.74
C GLY B 330 8.05 21.02 1.75
N PRO B 331 7.63 21.04 0.48
CA PRO B 331 8.42 21.75 -0.53
C PRO B 331 8.49 23.26 -0.31
N VAL B 332 7.45 23.81 0.31
CA VAL B 332 7.52 25.23 0.71
C VAL B 332 8.40 25.37 1.93
N ASN B 333 9.39 26.24 1.82
CA ASN B 333 10.29 26.44 2.95
C ASN B 333 9.63 26.80 4.26
N SER B 334 9.95 26.02 5.29
CA SER B 334 9.51 26.33 6.63
C SER B 334 10.63 27.04 7.36
N GLU B 335 10.28 28.13 8.02
CA GLU B 335 11.23 28.89 8.79
C GLU B 335 11.82 28.07 9.94
N THR B 336 10.95 27.33 10.61
CA THR B 336 11.36 26.30 11.56
C THR B 336 10.49 25.06 11.39
N LEU B 337 11.02 23.87 11.74
CA LEU B 337 10.17 22.69 11.74
C LEU B 337 9.66 22.30 13.14
N VAL B 338 10.52 22.39 14.14
CA VAL B 338 10.15 22.09 15.54
C VAL B 338 10.69 23.18 16.46
N GLU B 339 9.82 23.75 17.29
CA GLU B 339 10.26 24.71 18.32
C GLU B 339 9.90 24.22 19.71
N VAL B 340 10.87 24.24 20.62
CA VAL B 340 10.61 23.80 21.98
C VAL B 340 10.83 25.01 22.86
N GLY B 341 9.72 25.64 23.25
CA GLY B 341 9.72 26.84 24.10
C GLY B 341 9.79 28.16 23.36
N SER B 342 9.60 29.28 24.07
CA SER B 342 9.61 30.61 23.45
C SER B 342 10.97 31.34 23.43
N ASP B 343 11.19 32.24 22.46
CA ASP B 343 12.48 32.93 22.41
C ASP B 343 12.79 33.71 23.61
N GLY B 344 14.00 33.55 24.14
CA GLY B 344 14.37 34.22 25.36
C GLY B 344 13.73 33.58 26.59
N ALA B 345 13.02 32.46 26.39
CA ALA B 345 12.43 31.63 27.45
C ALA B 345 13.29 31.47 28.68
N SER B 346 12.65 31.88 29.77
CA SER B 346 13.11 32.70 30.86
C SER B 346 12.59 32.08 32.16
N GLY B 347 12.33 30.78 32.09
CA GLY B 347 11.93 30.01 33.24
C GLY B 347 12.64 28.69 33.23
N ASP B 348 12.26 27.83 34.19
CA ASP B 348 13.07 26.77 34.74
C ASP B 348 12.21 25.50 34.77
N HIS B 349 12.74 24.36 34.30
CA HIS B 349 11.96 23.11 34.23
C HIS B 349 12.80 21.92 34.76
N ALA B 350 13.57 22.13 35.84
CA ALA B 350 14.57 21.14 36.25
C ALA B 350 13.94 19.86 36.79
N ALA B 351 12.90 20.01 37.60
CA ALA B 351 12.23 18.89 38.25
C ALA B 351 11.48 17.98 37.24
N ASN B 352 10.84 18.58 36.23
CA ASN B 352 10.17 17.83 35.15
C ASN B 352 10.40 18.49 33.80
N PRO B 353 11.53 18.13 33.17
CA PRO B 353 11.86 18.66 31.85
C PRO B 353 10.89 18.25 30.75
N THR B 354 10.89 19.03 29.67
CA THR B 354 10.36 18.61 28.38
C THR B 354 11.40 17.82 27.65
N SER B 355 10.94 16.77 26.95
CA SER B 355 11.83 15.85 26.28
C SER B 355 11.37 15.50 24.86
N LEU B 356 12.34 15.49 23.94
CA LEU B 356 12.20 14.96 22.59
C LEU B 356 12.98 13.64 22.55
N GLN B 357 12.34 12.57 22.10
CA GLN B 357 12.98 11.27 22.04
C GLN B 357 12.52 10.55 20.80
N ASP B 358 13.45 9.98 20.06
CA ASP B 358 13.12 9.37 18.76
C ASP B 358 12.30 10.34 17.90
N VAL B 359 12.77 11.58 17.86
CA VAL B 359 12.20 12.60 16.97
C VAL B 359 13.22 12.74 15.85
N PHE B 360 12.76 12.45 14.64
CA PHE B 360 13.59 12.47 13.48
C PHE B 360 13.08 13.54 12.55
N VAL B 361 13.99 14.22 11.86
CA VAL B 361 13.59 15.26 10.91
C VAL B 361 14.22 14.96 9.59
N ARG B 362 13.45 15.09 8.51
CA ARG B 362 13.96 14.86 7.16
C ARG B 362 13.66 16.08 6.30
N ILE B 363 14.65 16.53 5.53
CA ILE B 363 14.49 17.60 4.58
C ILE B 363 14.84 17.09 3.19
N GLY B 364 13.82 16.84 2.38
CA GLY B 364 14.02 16.27 1.06
C GLY B 364 14.13 14.75 1.06
N GLY B 365 14.24 14.18 -0.13
CA GLY B 365 14.49 12.75 -0.26
C GLY B 365 13.25 11.99 -0.72
N ALA B 366 12.10 12.35 -0.13
CA ALA B 366 10.81 11.81 -0.56
C ALA B 366 10.05 12.88 -1.33
N GLY B 367 10.83 13.63 -2.11
CA GLY B 367 10.34 14.77 -2.85
C GLY B 367 11.04 16.01 -2.33
N PRO B 368 10.86 17.16 -2.98
CA PRO B 368 11.58 18.34 -2.52
C PRO B 368 11.06 18.85 -1.19
N GLY B 369 11.98 19.25 -0.34
CA GLY B 369 11.67 19.80 0.94
C GLY B 369 12.73 20.85 1.30
N LYS B 370 12.28 21.91 1.98
CA LYS B 370 13.16 22.95 2.49
C LYS B 370 12.75 23.48 3.85
N ALA B 371 13.73 23.81 4.67
CA ALA B 371 13.54 24.48 5.96
C ALA B 371 14.79 25.24 6.37
N THR B 372 14.63 26.39 7.03
CA THR B 372 15.78 27.19 7.41
C THR B 372 16.50 26.64 8.66
N THR B 373 15.75 26.46 9.77
CA THR B 373 16.24 25.74 10.96
C THR B 373 15.27 24.62 11.28
N SER B 374 15.80 23.42 11.52
CA SER B 374 14.92 22.29 11.73
C SER B 374 14.39 22.21 13.17
N ILE B 375 15.29 22.28 14.13
CA ILE B 375 14.85 22.23 15.53
C ILE B 375 15.47 23.34 16.32
N VAL B 376 14.59 24.08 16.99
CA VAL B 376 14.94 25.19 17.84
C VAL B 376 14.59 24.84 19.26
N VAL B 377 15.59 24.85 20.12
CA VAL B 377 15.40 24.43 21.51
C VAL B 377 15.63 25.62 22.43
N ASN B 378 14.52 26.24 22.85
CA ASN B 378 14.55 27.42 23.74
C ASN B 378 14.38 27.10 25.22
N SER B 379 13.57 26.10 25.52
CA SER B 379 13.27 25.72 26.91
C SER B 379 14.48 25.22 27.71
N ASN B 380 14.70 25.84 28.86
CA ASN B 380 15.74 25.40 29.77
C ASN B 380 15.43 24.00 30.30
N ASP B 381 16.48 23.23 30.51
CA ASP B 381 16.42 21.88 31.07
C ASP B 381 15.94 20.78 30.12
N THR B 382 15.66 21.16 28.88
CA THR B 382 15.18 20.22 27.87
C THR B 382 16.16 19.07 27.64
N ILE B 383 15.60 17.87 27.52
CA ILE B 383 16.36 16.68 27.11
C ILE B 383 16.06 16.30 25.67
N ILE B 384 17.12 16.10 24.87
CA ILE B 384 16.97 15.65 23.51
C ILE B 384 17.68 14.28 23.46
N ASP B 385 16.90 13.20 23.55
CA ASP B 385 17.41 11.84 23.76
C ASP B 385 17.10 11.00 22.53
N HIS B 386 18.08 10.98 21.64
CA HIS B 386 17.99 10.30 20.35
C HIS B 386 17.24 11.07 19.32
N THR B 387 18.01 11.74 18.49
CA THR B 387 17.44 12.47 17.35
C THR B 387 18.36 12.34 16.14
N TRP B 388 17.75 12.23 14.96
CA TRP B 388 18.42 12.34 13.66
C TRP B 388 17.75 13.44 12.89
N VAL B 389 18.53 14.46 12.58
CA VAL B 389 18.08 15.67 11.89
C VAL B 389 18.89 15.66 10.61
N TRP B 390 18.22 15.37 9.50
CA TRP B 390 18.87 14.90 8.26
C TRP B 390 18.38 15.66 7.03
N ARG B 391 19.28 16.42 6.45
CA ARG B 391 19.06 17.05 5.14
C ARG B 391 19.41 15.96 4.14
N ALA B 392 18.45 15.53 3.33
CA ALA B 392 18.66 14.35 2.52
C ALA B 392 19.84 14.49 1.55
N ASP B 393 20.69 13.46 1.50
CA ASP B 393 21.78 13.41 0.56
C ASP B 393 21.49 12.55 -0.66
N HIS B 394 20.33 11.89 -0.68
CA HIS B 394 19.96 11.01 -1.77
C HIS B 394 18.45 10.90 -1.79
N GLY B 395 17.93 10.32 -2.85
CA GLY B 395 16.49 10.26 -3.02
C GLY B 395 16.06 11.15 -4.17
N GLU B 396 14.88 11.75 -4.01
CA GLU B 396 14.24 12.56 -5.00
C GLU B 396 13.92 13.93 -4.35
N GLY B 397 14.14 15.02 -5.09
CA GLY B 397 13.87 16.35 -4.53
C GLY B 397 15.10 16.92 -3.85
N VAL B 398 16.24 16.40 -4.28
CA VAL B 398 17.49 16.72 -3.64
C VAL B 398 18.46 17.57 -4.52
N GLY B 399 19.03 18.62 -3.90
CA GLY B 399 20.03 19.50 -4.53
C GLY B 399 20.51 20.61 -3.59
N TRP B 400 21.67 21.16 -3.89
CA TRP B 400 22.31 22.17 -3.02
C TRP B 400 21.32 23.30 -2.76
N GLU B 401 20.52 23.60 -3.78
CA GLU B 401 19.40 24.54 -3.64
C GLU B 401 18.04 23.80 -3.50
N THR B 402 17.84 22.74 -4.26
CA THR B 402 16.51 22.09 -4.33
C THR B 402 16.01 21.63 -2.94
N ASN B 403 16.88 21.06 -2.12
CA ASN B 403 16.52 20.82 -0.73
C ASN B 403 17.41 21.56 0.27
N ARG B 404 17.66 22.83 -0.05
CA ARG B 404 18.32 23.76 0.86
C ARG B 404 17.82 23.66 2.29
N ALA B 405 18.77 23.54 3.22
CA ALA B 405 18.44 23.64 4.64
C ALA B 405 19.68 24.14 5.35
N ASP B 406 19.65 25.38 5.80
CA ASP B 406 20.91 25.96 6.28
C ASP B 406 21.31 25.45 7.63
N TYR B 407 20.33 25.30 8.54
CA TYR B 407 20.62 24.99 9.93
C TYR B 407 19.87 23.80 10.47
N GLY B 408 20.55 22.98 11.24
CA GLY B 408 19.94 21.76 11.75
C GLY B 408 19.25 21.99 13.07
N VAL B 409 20.06 22.11 14.10
CA VAL B 409 19.58 22.30 15.48
C VAL B 409 20.21 23.54 16.05
N HIS B 410 19.39 24.37 16.70
CA HIS B 410 19.87 25.56 17.41
C HIS B 410 19.40 25.46 18.86
N VAL B 411 20.34 25.31 19.77
CA VAL B 411 20.00 25.23 21.20
C VAL B 411 20.28 26.59 21.83
N LYS B 412 19.22 27.24 22.29
CA LYS B 412 19.31 28.59 22.87
C LYS B 412 19.17 28.62 24.37
N GLY B 413 18.51 27.59 24.90
CA GLY B 413 18.22 27.48 26.33
C GLY B 413 19.41 26.92 27.11
N ASP B 414 19.29 27.03 28.45
CA ASP B 414 20.31 26.65 29.37
C ASP B 414 20.04 25.26 29.97
N ASN B 415 21.09 24.61 30.43
CA ASN B 415 21.02 23.27 31.04
C ASN B 415 20.40 22.21 30.10
N VAL B 416 20.54 22.40 28.80
CA VAL B 416 20.01 21.41 27.82
C VAL B 416 20.97 20.22 27.68
N LEU B 417 20.37 19.03 27.61
CA LEU B 417 21.18 17.79 27.50
C LEU B 417 20.76 17.08 26.22
N ALA B 418 21.73 16.78 25.38
CA ALA B 418 21.55 15.90 24.24
C ALA B 418 22.29 14.58 24.43
N THR B 419 21.58 13.46 24.30
CA THR B 419 22.18 12.14 24.43
C THR B 419 21.82 11.36 23.17
N GLY B 420 22.80 11.17 22.29
CA GLY B 420 22.58 10.48 21.01
C GLY B 420 22.12 11.44 19.94
N LEU B 421 22.97 12.40 19.63
CA LEU B 421 22.67 13.46 18.66
C LEU B 421 23.29 13.12 17.29
N PHE B 422 22.43 12.93 16.28
CA PHE B 422 22.86 12.66 14.89
C PHE B 422 22.30 13.80 14.00
N VAL B 423 23.17 14.58 13.37
CA VAL B 423 22.71 15.70 12.54
C VAL B 423 23.62 15.83 11.32
N GLU B 424 23.03 15.79 10.12
CA GLU B 424 23.86 15.68 8.91
C GLU B 424 23.37 16.49 7.72
N HIS B 425 24.37 17.05 7.04
CA HIS B 425 24.32 17.55 5.68
C HIS B 425 23.74 18.95 5.48
N PHE B 426 23.65 19.77 6.54
CA PHE B 426 23.11 21.11 6.40
C PHE B 426 24.04 22.04 5.60
N ASN B 427 23.47 23.03 4.91
CA ASN B 427 24.27 23.97 4.13
C ASN B 427 25.18 24.85 4.95
N LYS B 428 24.78 25.12 6.18
CA LYS B 428 25.55 25.96 7.11
C LYS B 428 25.76 25.15 8.40
N TYR B 429 25.62 25.73 9.59
CA TYR B 429 25.94 24.96 10.79
C TYR B 429 24.95 23.85 11.07
N ASP B 430 25.41 22.63 11.23
CA ASP B 430 24.49 21.53 11.53
C ASP B 430 23.91 21.75 12.91
N VAL B 431 24.79 22.05 13.85
CA VAL B 431 24.41 22.32 15.23
C VAL B 431 25.07 23.58 15.70
N GLN B 432 24.24 24.45 16.31
CA GLN B 432 24.73 25.62 17.01
C GLN B 432 24.19 25.66 18.40
N TRP B 433 25.01 26.10 19.32
CA TRP B 433 24.68 26.08 20.73
C TRP B 433 25.10 27.37 21.37
N SER B 434 24.10 28.13 21.81
CA SER B 434 24.34 29.41 22.46
C SER B 434 23.76 29.59 23.82
N GLY B 435 22.99 28.61 24.29
CA GLY B 435 22.65 28.57 25.69
C GLY B 435 23.82 28.14 26.54
N GLU B 436 23.66 28.33 27.83
CA GLU B 436 24.66 28.04 28.81
C GLU B 436 24.53 26.60 29.35
N ASN B 437 25.67 26.05 29.74
CA ASN B 437 25.70 24.77 30.43
C ASN B 437 25.17 23.61 29.62
N GLY B 438 25.22 23.71 28.31
CA GLY B 438 24.88 22.58 27.45
C GLY B 438 25.82 21.37 27.63
N LYS B 439 25.27 20.19 27.45
CA LYS B 439 26.04 18.96 27.38
C LYS B 439 25.55 18.09 26.23
N THR B 440 26.49 17.54 25.47
CA THR B 440 26.19 16.53 24.45
C THR B 440 27.01 15.26 24.73
N ILE B 441 26.31 14.15 24.85
CA ILE B 441 26.93 12.83 24.97
C ILE B 441 26.60 12.08 23.68
N PHE B 442 27.65 11.87 22.89
CA PHE B 442 27.62 11.29 21.53
C PHE B 442 27.04 12.22 20.47
N TYR B 443 27.86 12.51 19.46
CA TYR B 443 27.48 13.27 18.25
C TYR B 443 28.05 12.59 17.01
N GLN B 444 27.18 12.37 16.02
CA GLN B 444 27.59 11.95 14.68
C GLN B 444 27.07 12.95 13.67
N ASN B 445 28.02 13.53 12.94
CA ASN B 445 27.74 14.40 11.80
C ASN B 445 28.42 13.92 10.52
N ALA B 446 27.75 14.15 9.40
CA ALA B 446 28.42 14.19 8.09
C ALA B 446 28.00 15.49 7.43
N LYS B 447 28.97 16.20 6.88
CA LYS B 447 28.70 17.48 6.25
C LYS B 447 27.98 17.29 4.91
N ALA B 448 27.49 18.39 4.36
CA ALA B 448 26.81 18.34 3.05
C ALA B 448 27.74 17.67 2.03
N TYR B 449 27.23 16.88 1.09
CA TYR B 449 28.09 16.26 0.04
C TYR B 449 28.12 17.07 -1.24
N ASP B 450 27.11 17.91 -1.43
CA ASP B 450 26.85 18.55 -2.70
C ASP B 450 27.26 19.99 -2.77
N ALA B 451 28.04 20.43 -1.79
CA ALA B 451 28.61 21.76 -1.82
C ALA B 451 29.30 22.01 -3.15
N PRO B 452 28.80 22.98 -3.94
CA PRO B 452 29.42 22.93 -5.29
C PRO B 452 30.86 23.48 -5.47
N ASP B 453 31.35 24.24 -4.52
CA ASP B 453 32.68 24.81 -4.58
C ASP B 453 33.01 25.45 -3.23
N GLN B 454 34.23 25.95 -3.08
CA GLN B 454 34.63 26.49 -1.81
C GLN B 454 33.82 27.73 -1.40
N ALA B 455 33.52 28.60 -2.38
CA ALA B 455 32.82 29.85 -2.10
C ALA B 455 31.43 29.62 -1.50
N ALA B 456 30.84 28.47 -1.78
CA ALA B 456 29.46 28.18 -1.35
C ALA B 456 29.34 27.89 0.13
N ILE B 457 30.49 27.63 0.77
CA ILE B 457 30.54 27.38 2.21
C ILE B 457 31.50 28.37 2.92
N GLN B 458 31.78 29.48 2.22
CA GLN B 458 32.77 30.48 2.65
C GLN B 458 32.21 31.46 3.66
N ASN B 459 32.10 31.03 4.92
CA ASN B 459 31.57 31.89 5.99
C ASN B 459 32.57 32.85 6.60
N GLY B 460 32.71 34.00 5.96
CA GLY B 460 33.63 35.04 6.36
C GLY B 460 35.07 34.63 6.08
N ASP B 461 35.82 34.50 7.17
CA ASP B 461 37.20 34.07 7.22
C ASP B 461 37.36 32.54 7.28
N ILE B 462 36.26 31.85 7.54
CA ILE B 462 36.29 30.40 7.76
C ILE B 462 35.94 29.61 6.47
N LYS B 463 36.80 28.65 6.13
CA LYS B 463 36.46 27.67 5.09
C LYS B 463 35.40 26.72 5.70
N GLY B 464 34.15 26.89 5.28
CA GLY B 464 33.06 26.04 5.71
C GLY B 464 32.47 26.43 7.06
N TYR B 465 31.36 25.77 7.38
CA TYR B 465 30.70 25.92 8.69
C TYR B 465 30.91 24.70 9.58
N ALA B 466 31.26 24.91 10.83
CA ALA B 466 31.36 23.82 11.79
C ALA B 466 30.11 22.92 11.79
N ALA B 467 30.34 21.63 12.01
CA ALA B 467 29.25 20.71 12.32
C ALA B 467 28.64 21.00 13.69
N TYR B 468 29.43 21.56 14.58
CA TYR B 468 28.99 21.82 15.93
C TYR B 468 29.71 23.07 16.40
N LYS B 469 28.91 24.15 16.52
CA LYS B 469 29.37 25.46 16.87
C LYS B 469 28.86 25.87 18.23
N VAL B 470 29.77 26.10 19.17
CA VAL B 470 29.41 26.75 20.43
C VAL B 470 29.74 28.21 20.35
N ASP B 471 28.75 29.08 20.58
CA ASP B 471 29.02 30.51 20.42
C ASP B 471 30.09 30.95 21.42
N ASP B 472 30.88 31.94 21.01
CA ASP B 472 32.04 32.47 21.74
C ASP B 472 31.56 33.08 23.06
N SER B 473 30.31 33.55 23.06
CA SER B 473 29.74 34.19 24.23
C SER B 473 29.49 33.20 25.38
N VAL B 474 29.46 31.92 25.05
CA VAL B 474 29.11 30.92 26.03
C VAL B 474 30.20 30.74 27.09
N THR B 475 29.83 30.53 28.36
CA THR B 475 30.84 30.29 29.42
C THR B 475 31.09 28.82 29.79
N THR B 476 30.03 28.02 29.67
CA THR B 476 30.05 26.67 30.19
C THR B 476 29.41 25.73 29.13
N HIS B 477 30.10 24.64 28.82
CA HIS B 477 29.62 23.64 27.84
C HIS B 477 30.51 22.40 27.91
N GLU B 478 29.96 21.21 27.65
CA GLU B 478 30.80 20.01 27.63
C GLU B 478 30.23 19.00 26.64
N GLY B 479 31.10 18.38 25.85
CA GLY B 479 30.67 17.40 24.87
C GLY B 479 31.62 16.19 24.91
N TRP B 480 31.07 15.00 24.69
CA TRP B 480 31.84 13.76 24.75
C TRP B 480 31.53 12.89 23.53
N GLY B 481 32.57 12.37 22.87
CA GLY B 481 32.36 11.38 21.82
C GLY B 481 31.70 11.91 20.56
N MET B 482 32.43 12.79 19.88
CA MET B 482 31.85 13.55 18.82
C MET B 482 32.66 13.44 17.52
N GLY B 483 31.97 13.09 16.43
CA GLY B 483 32.63 12.98 15.13
C GLY B 483 31.92 13.72 14.01
N SER B 484 32.70 14.29 13.10
CA SER B 484 32.17 14.88 11.87
C SER B 484 32.89 14.31 10.64
N TYR B 485 32.14 13.85 9.64
CA TYR B 485 32.76 13.24 8.45
C TYR B 485 32.45 14.06 7.20
N CYS B 486 33.39 14.08 6.25
CA CYS B 486 33.14 14.76 4.96
C CYS B 486 33.23 13.83 3.78
N TYR B 487 32.45 14.15 2.76
CA TYR B 487 32.38 13.43 1.48
C TYR B 487 31.90 14.41 0.45
N PHE B 488 32.84 15.23 0.02
CA PHE B 488 32.54 16.33 -0.90
C PHE B 488 32.71 15.77 -2.30
N ASN B 489 31.66 15.09 -2.75
CA ASN B 489 31.78 14.23 -3.93
C ASN B 489 31.57 15.04 -5.17
N VAL B 490 30.81 16.13 -5.05
CA VAL B 490 30.60 17.02 -6.17
C VAL B 490 31.90 17.74 -6.48
N ASN B 491 32.59 18.20 -5.43
CA ASN B 491 33.88 18.84 -5.62
C ASN B 491 34.87 18.43 -4.55
N PRO B 492 35.68 17.40 -4.86
CA PRO B 492 36.65 16.86 -3.89
C PRO B 492 37.77 17.81 -3.50
N ASP B 493 37.95 18.93 -4.20
CA ASP B 493 39.04 19.85 -3.85
C ASP B 493 38.69 20.75 -2.67
N ILE B 494 37.43 20.66 -2.20
CA ILE B 494 36.98 21.41 -1.05
C ILE B 494 37.76 21.09 0.22
N ARG B 495 37.87 22.11 1.05
CA ARG B 495 38.47 22.04 2.37
C ARG B 495 37.48 22.54 3.40
N GLN B 496 37.29 21.75 4.47
CA GLN B 496 36.51 22.09 5.64
C GLN B 496 37.50 22.47 6.74
N GLN B 497 37.42 23.68 7.27
CA GLN B 497 38.45 24.14 8.24
C GLN B 497 38.41 23.34 9.53
N HIS B 498 37.21 22.95 9.95
CA HIS B 498 37.08 22.16 11.18
C HIS B 498 35.71 21.52 11.32
N GLY B 499 35.63 20.52 12.19
CA GLY B 499 34.36 19.90 12.53
C GLY B 499 33.63 20.67 13.60
N PHE B 500 34.43 21.26 14.49
CA PHE B 500 33.96 21.88 15.73
C PHE B 500 34.54 23.27 15.90
N GLN B 501 33.77 24.14 16.53
CA GLN B 501 34.15 25.50 16.78
C GLN B 501 33.61 25.97 18.15
N ALA B 502 34.50 26.54 18.96
CA ALA B 502 34.21 26.88 20.34
C ALA B 502 35.20 27.89 20.93
N PRO B 503 34.85 28.50 22.07
CA PRO B 503 35.79 29.38 22.73
C PRO B 503 36.67 28.69 23.73
N VAL B 504 37.82 29.30 24.00
CA VAL B 504 38.81 28.72 24.92
C VAL B 504 38.64 29.33 26.36
N LYS B 505 37.84 28.62 27.16
CA LYS B 505 37.39 29.04 28.46
C LYS B 505 37.49 27.84 29.39
N PRO B 506 37.75 28.06 30.70
CA PRO B 506 37.77 26.92 31.61
C PRO B 506 36.53 26.06 31.59
N GLY B 507 35.37 26.67 31.38
CA GLY B 507 34.13 25.95 31.52
C GLY B 507 33.65 25.33 30.21
N VAL B 508 34.43 25.47 29.13
CA VAL B 508 34.10 24.86 27.81
C VAL B 508 35.11 23.76 27.43
N LYS B 509 34.73 22.53 27.75
CA LYS B 509 35.63 21.38 27.64
C LYS B 509 35.03 20.35 26.64
N PHE B 510 35.84 19.77 25.78
CA PHE B 510 35.38 18.66 24.90
C PHE B 510 36.28 17.43 25.10
N HIS B 511 35.70 16.25 24.92
CA HIS B 511 36.37 14.97 25.11
C HIS B 511 36.14 14.06 23.92
N ASP B 512 37.22 13.59 23.29
CA ASP B 512 37.18 12.57 22.25
C ASP B 512 36.45 13.07 21.02
N LEU B 513 37.16 13.93 20.31
CA LEU B 513 36.71 14.52 19.05
C LEU B 513 37.45 13.86 17.86
N LEU B 514 36.75 13.74 16.74
CA LEU B 514 37.36 13.20 15.53
C LEU B 514 36.73 13.84 14.29
N VAL B 515 37.55 14.00 13.27
CA VAL B 515 37.03 14.24 11.93
C VAL B 515 37.59 13.24 10.94
N VAL B 516 36.82 12.97 9.88
CA VAL B 516 37.17 11.92 8.93
C VAL B 516 36.80 12.37 7.53
N SER B 517 37.77 12.34 6.60
CA SER B 517 37.47 12.43 5.18
C SER B 517 37.13 11.05 4.63
N LEU B 518 35.94 10.89 4.10
CA LEU B 518 35.55 9.61 3.54
C LEU B 518 36.12 9.36 2.10
N GLY B 519 37.24 8.65 1.97
CA GLY B 519 37.75 8.36 0.63
C GLY B 519 38.40 9.54 -0.09
N GLY B 520 39.03 10.46 0.65
CA GLY B 520 39.68 11.60 0.03
C GLY B 520 38.78 12.63 -0.64
N LYS B 521 37.48 12.51 -0.41
CA LYS B 521 36.52 13.44 -0.99
C LYS B 521 36.46 14.71 -0.15
N GLY B 522 37.37 15.61 -0.45
CA GLY B 522 37.60 16.74 0.40
C GLY B 522 38.53 16.35 1.54
N GLN B 523 38.92 17.35 2.34
CA GLN B 523 39.68 17.14 3.55
C GLN B 523 39.35 18.20 4.60
N TYR B 524 39.52 17.82 5.86
CA TYR B 524 39.51 18.78 6.98
C TYR B 524 40.89 19.41 7.18
N GLU B 525 40.96 20.71 7.52
CA GLU B 525 42.26 21.33 7.85
C GLU B 525 42.63 21.13 9.32
N HIS B 526 41.61 20.99 10.16
CA HIS B 526 41.78 20.82 11.60
C HIS B 526 40.56 20.09 12.16
N VAL B 527 40.60 19.81 13.45
CA VAL B 527 39.49 19.12 14.12
C VAL B 527 38.52 20.12 14.77
N ILE B 528 39.07 21.00 15.61
CA ILE B 528 38.29 22.03 16.31
C ILE B 528 39.05 23.36 16.21
N ASN B 529 38.37 24.45 15.88
CA ASN B 529 39.04 25.74 15.70
C ASN B 529 40.20 25.55 14.70
N ASP B 530 41.44 25.93 15.08
CA ASP B 530 42.66 25.66 14.27
C ASP B 530 43.48 24.52 14.86
N ILE B 531 42.88 23.79 15.78
CA ILE B 531 43.52 22.70 16.50
C ILE B 531 43.13 21.39 15.88
N GLY B 532 44.07 20.45 15.88
CA GLY B 532 43.85 19.12 15.28
C GLY B 532 44.63 19.06 13.98
N ASP B 533 45.18 17.90 13.67
CA ASP B 533 45.88 17.71 12.43
C ASP B 533 44.82 17.66 11.31
N PRO B 534 45.17 18.14 10.10
CA PRO B 534 44.28 17.92 8.96
C PRO B 534 44.14 16.43 8.66
N THR B 535 43.09 16.08 7.94
CA THR B 535 42.97 14.74 7.39
C THR B 535 43.82 14.71 6.13
N SER B 536 44.36 13.53 5.81
CA SER B 536 45.25 13.36 4.65
C SER B 536 45.04 12.01 4.01
N GLY B 537 45.51 11.86 2.77
CA GLY B 537 45.36 10.62 2.03
C GLY B 537 43.91 10.33 1.64
N ASP B 538 43.68 9.15 1.07
CA ASP B 538 42.32 8.66 0.78
C ASP B 538 42.03 7.35 1.49
N THR B 539 42.69 7.11 2.60
CA THR B 539 42.47 5.87 3.35
C THR B 539 41.54 6.07 4.55
N THR B 540 40.89 7.23 4.58
CA THR B 540 39.82 7.58 5.56
C THR B 540 40.19 7.14 6.99
N ILE B 541 41.30 7.74 7.42
CA ILE B 541 41.86 7.62 8.78
C ILE B 541 41.47 8.85 9.54
N PRO B 542 40.83 8.69 10.68
CA PRO B 542 40.42 9.96 11.28
C PRO B 542 41.52 10.75 11.93
N SER B 543 41.26 12.04 12.11
CA SER B 543 42.13 12.92 12.84
C SER B 543 41.45 13.22 14.15
N GLN B 544 42.19 13.18 15.24
CA GLN B 544 41.57 13.12 16.55
C GLN B 544 42.17 14.09 17.56
N VAL B 545 41.29 14.56 18.46
CA VAL B 545 41.70 15.36 19.65
C VAL B 545 41.10 14.70 20.91
N VAL B 546 41.95 14.32 21.87
CA VAL B 546 41.45 13.63 23.05
C VAL B 546 40.69 14.57 24.00
N SER B 547 41.37 15.68 24.31
CA SER B 547 40.86 16.69 25.23
C SER B 547 41.07 18.05 24.55
N PHE B 548 40.07 18.91 24.63
CA PHE B 548 40.14 20.30 24.19
C PHE B 548 39.41 21.10 25.24
N PRO B 549 39.94 22.30 25.61
CA PRO B 549 41.09 23.02 25.04
C PRO B 549 42.43 22.40 25.51
C2 BGC C . 1.78 -27.54 -25.51
C3 BGC C . 1.47 -26.80 -24.32
C4 BGC C . 0.75 -27.57 -23.24
C5 BGC C . 1.26 -29.00 -23.10
C6 BGC C . 0.44 -29.81 -22.17
C1 BGC C . 2.14 -29.01 -25.31
O1 BGC C . 1.98 -29.66 -26.44
O2 BGC C . 2.91 -26.88 -26.11
O3 BGC C . 0.74 -25.56 -24.74
O4 BGC C . 0.85 -26.91 -22.01
O5 BGC C . 1.25 -29.66 -24.35
O6 BGC C . 0.98 -31.05 -21.77
C2 BGC C . 0.66 -23.21 -24.85
C3 BGC C . 1.28 -21.94 -24.42
C4 BGC C . 1.54 -21.89 -22.98
C5 BGC C . 2.20 -23.19 -22.52
C6 BGC C . 2.44 -23.28 -21.07
C1 BGC C . 1.39 -24.42 -24.34
O2 BGC C . 0.59 -23.28 -26.25
O3 BGC C . 0.30 -20.92 -24.84
O4 BGC C . 2.41 -20.78 -22.66
O5 BGC C . 1.45 -24.34 -22.92
O6 BGC C . 2.97 -24.52 -20.59
C2 BGC C . -0.13 -18.78 -25.86
C3 BGC C . 0.47 -17.67 -26.64
C4 BGC C . 1.60 -17.13 -25.88
C5 BGC C . 2.60 -18.20 -25.57
C6 BGC C . 3.68 -17.62 -24.74
C1 BGC C . 0.90 -19.89 -25.60
O2 BGC C . -1.25 -19.34 -26.56
O3 BGC C . -0.54 -16.59 -26.70
O4 BGC C . 2.30 -16.09 -26.59
O5 BGC C . 1.96 -19.27 -24.83
O6 BGC C . 4.30 -18.53 -23.89
C2 BGC C . -2.03 -15.16 -27.86
C3 BGC C . -2.39 -14.49 -29.16
C4 BGC C . -1.17 -14.03 -29.90
C5 BGC C . -0.22 -15.22 -30.05
C6 BGC C . 1.11 -14.94 -30.78
C1 BGC C . -0.97 -16.24 -27.99
O2 BGC C . -3.14 -15.74 -27.20
O3 BGC C . -3.22 -13.37 -28.75
O4 BGC C . -1.50 -13.56 -31.17
O5 BGC C . 0.14 -15.66 -28.75
O6 BGC C . 2.16 -15.82 -30.46
C2 BGC C . -5.35 -12.25 -28.85
C3 BGC C . -6.40 -11.66 -29.77
C4 BGC C . -5.77 -11.06 -30.97
C5 BGC C . -4.78 -11.99 -31.60
C6 BGC C . -4.06 -11.40 -32.81
C1 BGC C . -4.31 -13.08 -29.57
O2 BGC C . -5.92 -13.06 -27.86
O3 BGC C . -7.10 -10.56 -29.06
O4 BGC C . -6.76 -10.61 -31.88
O5 BGC C . -3.76 -12.28 -30.64
O6 BGC C . -3.85 -12.31 -33.89
C2 BGC C . -9.13 -9.70 -28.20
C3 BGC C . -10.60 -9.76 -28.43
C4 BGC C . -10.91 -9.85 -29.83
C5 BGC C . -10.33 -11.13 -30.39
C6 BGC C . -10.48 -11.22 -31.89
C1 BGC C . -8.44 -10.89 -28.84
O2 BGC C . -8.80 -9.61 -26.82
O3 BGC C . -11.27 -8.53 -28.01
O4 BGC C . -12.34 -9.80 -30.09
O5 BGC C . -8.89 -11.13 -30.19
O6 BGC C . -10.02 -12.43 -32.37
C2 BGC D . -5.49 -32.50 -30.30
C3 BGC D . -5.76 -31.64 -31.44
C4 BGC D . -4.56 -30.94 -31.96
C5 BGC D . -3.38 -31.87 -32.16
C6 BGC D . -2.15 -31.10 -32.47
C1 BGC D . -4.34 -33.44 -30.56
O1 BGC D . -4.04 -34.10 -29.44
O2 BGC D . -6.65 -33.24 -29.88
O3 BGC D . -6.79 -30.68 -31.05
O4 BGC D . -4.80 -30.25 -33.18
O5 BGC D . -3.15 -32.71 -31.02
O6 BGC D . -0.97 -31.42 -31.79
C2 BGC D . -9.05 -30.10 -31.63
C3 BGC D . -9.96 -29.42 -32.61
C4 BGC D . -9.33 -28.30 -33.32
C5 BGC D . -7.94 -28.63 -33.85
C6 BGC D . -7.34 -27.47 -34.51
C1 BGC D . -7.58 -30.28 -32.09
O2 BGC D . -9.60 -31.34 -31.20
O3 BGC D . -11.16 -28.99 -31.95
O4 BGC D . -10.15 -27.89 -34.40
O5 BGC D . -7.06 -29.07 -32.76
O6 BGC D . -6.04 -27.64 -34.94
C2 BGC D . -12.91 -29.93 -30.65
C3 BGC D . -14.14 -30.75 -30.72
C4 BGC D . -14.98 -30.51 -31.92
C5 BGC D . -14.18 -30.52 -33.21
C6 BGC D . -14.99 -30.13 -34.43
C1 BGC D . -12.14 -29.93 -31.94
O2 BGC D . -12.05 -30.33 -29.57
O3 BGC D . -14.93 -30.46 -29.52
O4 BGC D . -16.01 -31.48 -32.03
O5 BGC D . -13.02 -29.65 -33.07
O6 BGC D . -15.59 -28.89 -34.44
C2 BGC D . -15.65 -31.37 -27.44
C3 BGC D . -16.39 -32.48 -26.82
C4 BGC D . -17.70 -32.69 -27.49
C5 BGC D . -17.44 -32.96 -28.96
C6 BGC D . -18.62 -33.17 -29.81
C1 BGC D . -15.42 -31.59 -28.91
O2 BGC D . -14.39 -31.09 -26.79
O3 BGC D . -16.53 -32.22 -25.41
O4 BGC D . -18.42 -33.80 -26.96
O5 BGC D . -16.71 -31.86 -29.54
O6 BGC D . -19.79 -33.67 -29.22
C2 BGC D . -15.05 -32.21 -23.49
C3 BGC D . -14.24 -33.02 -22.59
C4 BGC D . -15.00 -34.19 -22.08
C5 BGC D . -15.60 -34.97 -23.22
C6 BGC D . -16.52 -36.03 -22.70
C1 BGC D . -15.67 -33.01 -24.63
O2 BGC D . -14.30 -31.11 -24.06
O3 BGC D . -13.67 -32.21 -21.53
O4 BGC D . -14.23 -35.07 -21.25
O5 BGC D . -16.38 -34.14 -24.10
O6 BGC D . -16.99 -36.94 -23.69
C2 BGC E . 35.87 -8.93 8.40
C3 BGC E . 35.95 -8.11 9.58
C4 BGC E . 35.38 -8.76 10.78
C5 BGC E . 35.88 -10.20 10.92
C6 BGC E . 35.18 -10.89 12.03
C1 BGC E . 36.36 -10.35 8.61
O1 BGC E . 36.14 -11.08 7.54
O2 BGC E . 36.54 -8.40 7.26
O3 BGC E . 35.18 -6.86 9.30
O4 BGC E . 35.60 -8.04 11.95
O5 BGC E . 35.61 -10.93 9.73
O6 BGC E . 35.74 -12.12 12.44
C2 BGC E . 35.17 -4.53 9.00
C3 BGC E . 35.79 -3.24 9.39
C4 BGC E . 36.09 -3.17 10.80
C5 BGC E . 36.78 -4.42 11.29
C6 BGC E . 37.03 -4.42 12.75
C1 BGC E . 35.91 -5.73 9.56
O2 BGC E . 35.12 -4.58 7.59
O3 BGC E . 34.81 -2.20 9.00
O4 BGC E . 36.97 -2.06 11.11
O5 BGC E . 36.03 -5.60 10.96
O6 BGC E . 37.70 -5.55 13.24
C2 BGC E . 34.33 -0.05 7.99
C3 BGC E . 34.96 1.06 7.25
C4 BGC E . 36.15 1.61 7.93
C5 BGC E . 37.09 0.46 8.22
C6 BGC E . 38.29 0.93 8.97
C1 BGC E . 35.34 -1.17 8.23
O2 BGC E . 33.24 -0.62 7.24
O3 BGC E . 33.91 2.09 7.15
O4 BGC E . 36.87 2.60 7.13
O5 BGC E . 36.42 -0.57 8.99
O6 BGC E . 39.25 -0.09 9.12
C2 BGC E . 32.44 3.56 6.00
C3 BGC E . 32.20 4.31 4.74
C4 BGC E . 33.47 4.79 4.10
C5 BGC E . 34.47 3.64 4.01
C6 BGC E . 35.80 4.05 3.40
C1 BGC E . 33.54 2.51 5.90
O2 BGC E . 31.25 2.96 6.50
O3 BGC E . 31.35 5.40 5.16
O4 BGC E . 33.22 5.29 2.80
O5 BGC E . 34.72 3.14 5.33
O6 BGC E . 36.66 2.92 3.17
C2 BGC E . 29.26 6.59 5.05
C3 BGC E . 28.22 7.13 4.15
C4 BGC E . 28.75 7.79 2.93
C5 BGC E . 29.84 6.96 2.27
C6 BGC E . 30.77 7.82 1.44
C1 BGC E . 30.27 5.73 4.32
O2 BGC E . 28.61 5.80 6.02
O3 BGC E . 27.46 8.16 4.90
O4 BGC E . 27.69 8.02 2.00
O5 BGC E . 30.83 6.49 3.20
O6 BGC E . 31.65 6.97 0.75
C2 BGC E . 25.41 9.04 5.72
C3 BGC E . 23.93 8.95 5.56
C4 BGC E . 23.53 8.75 4.18
C5 BGC E . 24.18 7.47 3.67
C6 BGC E . 23.87 7.24 2.23
C1 BGC E . 26.10 7.87 5.06
O2 BGC E . 25.81 9.17 7.08
O3 BGC E . 23.32 10.24 5.95
O4 BGC E . 22.10 8.57 4.03
O5 BGC E . 25.62 7.62 3.75
O6 BGC E . 24.20 5.93 1.87
C2 BGC F . 28.76 -13.97 3.53
C3 BGC F . 28.57 -13.03 2.43
C4 BGC F . 29.81 -12.30 2.08
C5 BGC F . 30.99 -13.26 1.89
C6 BGC F . 32.27 -12.57 1.60
C1 BGC F . 29.93 -14.90 3.26
O1 BGC F . 30.14 -15.73 4.28
O2 BGC F . 27.57 -14.73 3.80
O3 BGC F . 27.44 -12.14 2.78
O4 BGC F . 29.66 -11.49 0.93
O5 BGC F . 31.14 -14.11 3.01
O6 BGC F . 32.74 -11.59 2.48
C2 BGC F . 25.23 -11.41 2.23
C3 BGC F . 24.36 -10.67 1.26
C4 BGC F . 25.07 -9.52 0.65
C5 BGC F . 26.50 -9.81 0.19
C6 BGC F . 27.17 -8.62 -0.28
C1 BGC F . 26.70 -11.66 1.76
O2 BGC F . 24.60 -12.59 2.77
O3 BGC F . 23.11 -10.23 1.86
O4 BGC F . 24.34 -8.96 -0.43
O5 BGC F . 27.34 -10.44 1.19
O6 BGC F . 28.33 -8.88 -0.99
C2 BGC F . 21.24 -11.05 3.18
C3 BGC F . 20.01 -11.89 3.09
C4 BGC F . 19.16 -11.54 1.95
C5 BGC F . 19.89 -11.31 0.61
C6 BGC F . 19.28 -10.20 -0.25
C1 BGC F . 22.10 -11.16 1.92
O2 BGC F . 22.03 -11.34 4.29
O3 BGC F . 19.21 -11.70 4.31
O4 BGC F . 18.22 -12.57 1.78
O5 BGC F . 21.29 -10.96 0.73
O6 BGC F . 17.99 -10.29 -0.68
C2 BGC F . 18.77 -12.64 6.50
C3 BGC F . 18.12 -13.79 7.18
C4 BGC F . 16.81 -14.10 6.56
C5 BGC F . 17.02 -14.39 5.07
C6 BGC F . 15.78 -14.68 4.34
C1 BGC F . 18.88 -12.84 5.00
O2 BGC F . 20.07 -12.34 7.07
O3 BGC F . 17.92 -13.44 8.57
O4 BGC F . 16.18 -15.20 7.25
O5 BGC F . 17.58 -13.25 4.44
O6 BGC F . 14.92 -13.59 4.18
C2 BGC F . 19.28 -13.28 10.60
C3 BGC F . 20.04 -14.12 11.50
C4 BGC F . 19.28 -15.28 12.02
C5 BGC F . 18.67 -16.04 10.89
C6 BGC F . 17.74 -17.12 11.35
C1 BGC F . 18.72 -14.15 9.48
O2 BGC F . 20.12 -12.25 10.04
O3 BGC F . 20.64 -13.37 12.61
O4 BGC F . 20.14 -16.20 12.69
O5 BGC F . 17.92 -15.18 10.07
O6 BGC F . 17.55 -18.11 10.33
C1 EDO G . -4.61 4.18 -28.97
O1 EDO G . -3.68 4.92 -28.21
C2 EDO G . -6.03 4.70 -28.81
O2 EDO G . -6.49 4.76 -27.44
H11 EDO G . -4.32 4.23 -30.02
H12 EDO G . -4.55 3.12 -28.69
HO1 EDO G . -2.78 4.64 -28.43
H21 EDO G . -6.72 4.08 -29.38
H22 EDO G . -6.06 5.71 -29.24
HO2 EDO G . -7.42 4.99 -27.41
C1 EDO H . 29.30 23.86 5.03
O1 EDO H . 30.58 24.02 5.68
C2 EDO H . 28.19 23.11 5.77
O2 EDO H . 28.09 23.37 7.19
H11 EDO H . 29.49 23.31 4.11
H12 EDO H . 28.92 24.85 4.73
HO1 EDO H . 31.23 24.37 5.05
H21 EDO H . 28.34 22.04 5.63
H22 EDO H . 27.23 23.34 5.31
HO2 EDO H . 27.17 23.23 7.45
N GLU A 1 -49.10 0.59 -13.45
CA GLU A 1 -49.27 -0.08 -12.15
C GLU A 1 -49.03 -1.62 -12.21
N VAL A 2 -48.28 -2.02 -13.28
CA VAL A 2 -47.55 -3.29 -13.48
C VAL A 2 -47.65 -4.27 -12.32
N VAL A 3 -47.86 -5.56 -12.63
CA VAL A 3 -47.80 -6.56 -11.58
C VAL A 3 -46.50 -7.36 -11.59
N GLY A 4 -46.09 -7.75 -10.41
CA GLY A 4 -44.94 -8.59 -10.27
C GLY A 4 -45.19 -9.99 -10.76
N GLY A 5 -44.10 -10.75 -10.86
CA GLY A 5 -44.12 -12.17 -11.06
C GLY A 5 -44.73 -12.57 -12.38
N GLY A 6 -44.98 -13.87 -12.52
CA GLY A 6 -45.47 -14.39 -13.79
C GLY A 6 -44.45 -15.13 -14.65
N ASP A 7 -44.93 -15.59 -15.80
CA ASP A 7 -44.19 -16.52 -16.64
C ASP A 7 -42.72 -16.17 -17.08
N LEU A 8 -41.79 -17.11 -16.84
CA LEU A 8 -40.38 -16.99 -17.28
C LEU A 8 -40.26 -16.94 -18.82
N GLY A 9 -41.30 -17.45 -19.49
CA GLY A 9 -41.42 -17.28 -20.91
C GLY A 9 -40.70 -18.39 -21.65
N PRO A 10 -40.73 -18.33 -22.99
CA PRO A 10 -40.28 -19.55 -23.63
C PRO A 10 -38.76 -19.65 -23.73
N ASN A 11 -37.99 -18.65 -23.32
CA ASN A 11 -36.54 -18.81 -23.46
C ASN A 11 -35.77 -19.18 -22.21
N VAL A 12 -36.49 -19.44 -21.12
CA VAL A 12 -35.94 -20.10 -19.95
C VAL A 12 -36.39 -21.56 -20.00
N LEU A 13 -35.41 -22.43 -20.24
CA LEU A 13 -35.60 -23.86 -20.38
C LEU A 13 -35.37 -24.52 -19.02
N VAL A 14 -36.43 -25.09 -18.44
CA VAL A 14 -36.37 -25.59 -17.07
C VAL A 14 -36.46 -27.11 -17.03
N PHE A 15 -35.35 -27.72 -16.62
CA PHE A 15 -35.21 -29.18 -16.58
C PHE A 15 -35.39 -29.68 -15.16
N ASP A 16 -35.99 -30.87 -15.02
CA ASP A 16 -35.89 -31.58 -13.75
C ASP A 16 -35.39 -33.00 -14.12
N PRO A 17 -35.04 -33.83 -13.12
CA PRO A 17 -34.41 -35.06 -13.62
C PRO A 17 -35.39 -36.00 -14.32
N SER A 18 -36.67 -35.63 -14.38
CA SER A 18 -37.70 -36.42 -15.07
C SER A 18 -37.96 -35.95 -16.52
N THR A 19 -37.06 -35.11 -17.07
CA THR A 19 -37.24 -34.53 -18.39
C THR A 19 -36.70 -35.38 -19.54
N PRO A 20 -37.60 -35.89 -20.36
CA PRO A 20 -37.08 -36.78 -21.39
C PRO A 20 -35.97 -36.20 -22.28
N ASP A 21 -34.94 -37.01 -22.49
CA ASP A 21 -33.85 -36.70 -23.42
C ASP A 21 -33.15 -35.34 -23.24
N ILE A 22 -32.69 -35.08 -22.03
CA ILE A 22 -31.98 -33.83 -21.77
C ILE A 22 -30.83 -33.64 -22.72
N GLN A 23 -30.11 -34.72 -22.98
CA GLN A 23 -28.90 -34.58 -23.76
C GLN A 23 -29.25 -34.02 -25.15
N GLY A 24 -30.37 -34.48 -25.74
CA GLY A 24 -30.79 -33.98 -27.03
C GLY A 24 -31.21 -32.50 -27.01
N LYS A 25 -31.82 -32.09 -25.93
CA LYS A 25 -32.35 -30.73 -25.82
C LYS A 25 -31.27 -29.69 -25.64
N VAL A 26 -30.13 -30.13 -25.15
CA VAL A 26 -29.07 -29.22 -24.80
C VAL A 26 -28.06 -29.29 -25.97
N ASP A 27 -27.85 -30.49 -26.50
CA ASP A 27 -27.27 -30.59 -27.82
C ASP A 27 -28.08 -29.76 -28.84
N GLU A 28 -29.38 -29.58 -28.64
CA GLU A 28 -30.15 -28.84 -29.63
C GLU A 28 -29.79 -27.36 -29.55
N VAL A 29 -29.67 -26.84 -28.33
CA VAL A 29 -29.52 -25.39 -28.16
C VAL A 29 -28.11 -25.01 -28.58
N PHE A 30 -27.19 -25.95 -28.38
CA PHE A 30 -25.80 -25.73 -28.73
C PHE A 30 -25.61 -25.67 -30.25
N ARG A 31 -26.26 -26.54 -31.02
CA ARG A 31 -26.01 -26.47 -32.48
C ARG A 31 -26.61 -25.20 -33.10
N LYS A 32 -27.68 -24.65 -32.52
CA LYS A 32 -28.14 -23.30 -32.96
C LYS A 32 -27.13 -22.23 -32.51
N GLN A 33 -26.63 -22.35 -31.29
CA GLN A 33 -25.85 -21.26 -30.67
C GLN A 33 -24.31 -21.35 -30.83
N GLU A 34 -23.78 -22.50 -31.26
CA GLU A 34 -22.35 -22.74 -31.29
C GLU A 34 -21.60 -21.62 -32.01
N SER A 35 -22.11 -21.26 -33.16
CA SER A 35 -21.45 -20.34 -34.08
C SER A 35 -22.14 -18.99 -34.13
N ASN A 36 -23.12 -18.80 -33.28
CA ASN A 36 -24.07 -17.69 -33.40
C ASN A 36 -23.57 -16.44 -32.68
N GLN A 37 -22.46 -15.90 -33.18
CA GLN A 37 -21.71 -14.92 -32.40
C GLN A 37 -22.51 -13.63 -32.20
N PHE A 38 -23.24 -13.20 -33.21
CA PHE A 38 -23.89 -11.88 -33.20
C PHE A 38 -25.43 -11.93 -33.35
N GLY A 39 -25.98 -13.13 -33.38
CA GLY A 39 -27.43 -13.27 -33.58
C GLY A 39 -28.14 -12.81 -32.32
N THR A 40 -29.47 -12.74 -32.37
CA THR A 40 -30.26 -12.21 -31.30
C THR A 40 -30.88 -13.33 -30.46
N ASP A 41 -30.57 -14.57 -30.83
CA ASP A 41 -30.94 -15.74 -30.07
C ASP A 41 -30.37 -15.68 -28.62
N ARG A 42 -31.21 -16.03 -27.63
CA ARG A 42 -30.88 -15.98 -26.19
C ARG A 42 -31.54 -17.11 -25.40
N TYR A 43 -30.79 -17.82 -24.55
CA TYR A 43 -31.43 -18.74 -23.60
C TYR A 43 -30.69 -19.00 -22.31
N ALA A 44 -31.50 -19.38 -21.34
CA ALA A 44 -31.05 -19.80 -20.04
C ALA A 44 -31.55 -21.19 -19.81
N LEU A 45 -30.64 -22.04 -19.41
CA LEU A 45 -30.92 -23.45 -19.12
C LEU A 45 -30.84 -23.61 -17.60
N MET A 46 -31.98 -23.94 -16.97
CA MET A 46 -32.09 -23.88 -15.53
C MET A 46 -32.46 -25.28 -15.04
N PHE A 47 -31.63 -25.80 -14.14
CA PHE A 47 -31.81 -27.16 -13.62
C PHE A 47 -32.30 -27.21 -12.17
N LYS A 48 -33.44 -27.85 -11.98
CA LYS A 48 -33.95 -28.10 -10.64
C LYS A 48 -33.02 -29.04 -9.86
N PRO A 49 -33.00 -28.91 -8.52
CA PRO A 49 -32.18 -29.85 -7.75
C PRO A 49 -32.54 -31.30 -7.99
N GLY A 50 -31.53 -32.14 -7.82
CA GLY A 50 -31.57 -33.53 -8.22
C GLY A 50 -30.16 -33.85 -8.75
N THR A 51 -30.05 -35.02 -9.36
CA THR A 51 -28.79 -35.52 -9.84
C THR A 51 -29.08 -35.96 -11.24
N TYR A 52 -28.24 -35.49 -12.16
CA TYR A 52 -28.42 -35.67 -13.57
C TYR A 52 -27.31 -36.53 -14.07
N ASN A 53 -27.68 -37.56 -14.82
CA ASN A 53 -26.69 -38.47 -15.39
C ASN A 53 -26.44 -38.24 -16.85
N ASP A 54 -25.33 -38.81 -17.35
CA ASP A 54 -25.00 -38.85 -18.78
C ASP A 54 -25.32 -37.55 -19.51
N ILE A 55 -24.80 -36.47 -18.95
CA ILE A 55 -24.96 -35.17 -19.56
C ILE A 55 -23.59 -34.58 -19.88
N ASN A 56 -23.49 -34.05 -21.10
CA ASN A 56 -22.39 -33.19 -21.46
C ASN A 56 -23.02 -31.99 -22.11
N ALA A 57 -23.25 -30.94 -21.31
CA ALA A 57 -23.88 -29.72 -21.79
C ALA A 57 -22.83 -28.80 -22.42
N GLN A 58 -22.83 -28.77 -23.73
CA GLN A 58 -22.00 -27.86 -24.50
C GLN A 58 -22.69 -26.52 -24.52
N ILE A 59 -21.96 -25.48 -24.15
CA ILE A 59 -22.53 -24.14 -23.99
C ILE A 59 -22.00 -23.23 -25.12
N GLY A 60 -22.93 -22.75 -25.94
CA GLY A 60 -22.57 -21.89 -27.06
C GLY A 60 -22.81 -20.43 -26.70
N PHE A 61 -22.87 -19.59 -27.73
CA PHE A 61 -23.09 -18.17 -27.50
C PHE A 61 -24.45 -17.89 -26.82
N TYR A 62 -24.46 -16.88 -25.99
CA TYR A 62 -25.68 -16.35 -25.36
C TYR A 62 -26.50 -17.44 -24.68
N THR A 63 -25.80 -18.34 -24.02
CA THR A 63 -26.43 -19.40 -23.23
C THR A 63 -25.87 -19.35 -21.81
N SER A 64 -26.77 -19.23 -20.86
CA SER A 64 -26.44 -19.40 -19.45
C SER A 64 -26.95 -20.77 -18.98
N ILE A 65 -26.17 -21.40 -18.13
CA ILE A 65 -26.61 -22.65 -17.47
C ILE A 65 -26.49 -22.48 -15.97
N ALA A 66 -27.50 -22.94 -15.24
CA ALA A 66 -27.48 -22.81 -13.79
C ALA A 66 -28.36 -23.81 -13.08
N GLY A 67 -28.00 -23.98 -11.82
CA GLY A 67 -28.76 -24.77 -10.88
C GLY A 67 -29.69 -23.89 -10.05
N LEU A 68 -30.79 -24.50 -9.59
CA LEU A 68 -31.83 -23.78 -8.84
C LEU A 68 -31.91 -24.23 -7.39
N GLY A 69 -30.89 -24.95 -6.93
CA GLY A 69 -30.80 -25.41 -5.55
C GLY A 69 -30.31 -24.32 -4.63
N LEU A 70 -30.29 -24.67 -3.35
CA LEU A 70 -29.94 -23.72 -2.31
C LEU A 70 -28.47 -23.42 -2.41
N ASN A 71 -27.68 -24.49 -2.50
CA ASN A 71 -26.28 -24.30 -2.81
C ASN A 71 -25.81 -25.16 -4.05
N PRO A 72 -24.64 -24.88 -4.63
CA PRO A 72 -24.32 -25.64 -5.84
C PRO A 72 -24.45 -27.19 -5.74
N ASP A 73 -24.10 -27.75 -4.59
CA ASP A 73 -24.10 -29.23 -4.43
C ASP A 73 -25.50 -29.85 -4.54
N ASP A 74 -26.54 -29.03 -4.42
CA ASP A 74 -27.91 -29.50 -4.55
C ASP A 74 -28.30 -29.87 -5.96
N THR A 75 -27.53 -29.37 -6.94
CA THR A 75 -27.82 -29.64 -8.34
C THR A 75 -26.51 -30.15 -8.93
N THR A 76 -26.41 -31.48 -9.08
CA THR A 76 -25.18 -32.14 -9.44
C THR A 76 -25.26 -32.85 -10.77
N PHE A 77 -24.29 -32.58 -11.63
CA PHE A 77 -24.17 -33.28 -12.92
C PHE A 77 -23.08 -34.34 -12.73
N ASN A 78 -23.44 -35.59 -13.02
CA ASN A 78 -22.47 -36.64 -13.30
C ASN A 78 -22.22 -36.51 -14.77
N GLY A 79 -21.29 -35.62 -15.06
CA GLY A 79 -21.12 -35.10 -16.41
C GLY A 79 -20.47 -33.73 -16.37
N ASP A 80 -20.67 -32.98 -17.47
CA ASP A 80 -19.83 -31.85 -17.81
C ASP A 80 -20.66 -30.63 -18.25
N VAL A 81 -20.13 -29.44 -18.01
CA VAL A 81 -20.61 -28.21 -18.66
C VAL A 81 -19.42 -27.69 -19.45
N THR A 82 -19.49 -27.85 -20.77
CA THR A 82 -18.31 -27.82 -21.63
C THR A 82 -18.35 -26.60 -22.53
N VAL A 83 -17.22 -25.92 -22.63
CA VAL A 83 -16.97 -24.96 -23.71
C VAL A 83 -15.62 -25.29 -24.35
N ASP A 84 -15.65 -25.54 -25.65
CA ASP A 84 -14.46 -25.80 -26.42
C ASP A 84 -14.57 -24.90 -27.67
N ALA A 85 -13.61 -25.02 -28.58
CA ALA A 85 -13.52 -24.10 -29.71
C ALA A 85 -13.40 -24.83 -31.06
N GLY A 86 -14.25 -25.84 -31.26
CA GLY A 86 -14.26 -26.54 -32.54
C GLY A 86 -14.72 -25.65 -33.68
N TRP A 87 -15.75 -24.84 -33.41
CA TRP A 87 -16.37 -23.98 -34.43
C TRP A 87 -15.43 -22.93 -34.94
N PHE A 88 -14.21 -22.90 -34.39
CA PHE A 88 -13.21 -21.92 -34.78
C PHE A 88 -11.81 -22.55 -34.87
N ASP A 89 -11.74 -23.82 -35.29
CA ASP A 89 -10.48 -24.51 -35.53
C ASP A 89 -9.57 -24.49 -34.31
N GLY A 90 -10.18 -24.58 -33.13
CA GLY A 90 -9.39 -24.70 -31.92
C GLY A 90 -8.93 -23.39 -31.32
N ASN A 91 -9.36 -22.27 -31.91
CA ASN A 91 -9.08 -20.93 -31.42
C ASN A 91 -10.21 -20.50 -30.48
N ALA A 92 -9.92 -20.26 -29.19
CA ALA A 92 -10.96 -19.94 -28.21
C ALA A 92 -11.15 -18.43 -27.99
N THR A 93 -10.52 -17.59 -28.80
CA THR A 93 -10.53 -16.14 -28.54
C THR A 93 -11.80 -15.41 -29.00
N GLN A 94 -12.74 -16.12 -29.60
CA GLN A 94 -14.09 -15.60 -29.83
C GLN A 94 -15.15 -16.26 -28.92
N ASN A 95 -14.76 -16.98 -27.85
CA ASN A 95 -15.75 -17.70 -27.03
C ASN A 95 -16.30 -16.84 -25.90
N PHE A 96 -17.19 -15.93 -26.31
CA PHE A 96 -17.80 -14.92 -25.45
C PHE A 96 -19.24 -15.19 -25.00
N TRP A 97 -19.70 -14.40 -24.03
CA TRP A 97 -21.11 -14.19 -23.71
C TRP A 97 -21.85 -15.47 -23.37
N ARG A 98 -21.45 -16.10 -22.27
CA ARG A 98 -22.12 -17.30 -21.81
C ARG A 98 -21.77 -17.48 -20.34
N SER A 99 -22.42 -18.38 -19.63
CA SER A 99 -22.17 -18.40 -18.19
C SER A 99 -22.63 -19.70 -17.55
N ALA A 100 -22.04 -19.96 -16.39
CA ALA A 100 -22.37 -21.15 -15.58
C ALA A 100 -22.36 -20.73 -14.12
N GLU A 101 -23.42 -21.15 -13.41
CA GLU A 101 -23.58 -20.79 -12.01
C GLU A 101 -24.33 -21.86 -11.19
N ASN A 102 -23.94 -22.01 -9.92
CA ASN A 102 -24.72 -22.73 -8.89
C ASN A 102 -24.97 -24.20 -9.25
N LEU A 103 -23.91 -24.87 -9.65
CA LEU A 103 -23.95 -26.29 -10.02
C LEU A 103 -22.74 -27.05 -9.45
N ALA A 104 -22.91 -28.35 -9.16
CA ALA A 104 -21.77 -29.22 -8.86
C ALA A 104 -21.54 -30.11 -10.07
N LEU A 105 -20.28 -30.24 -10.48
CA LEU A 105 -19.88 -31.07 -11.64
C LEU A 105 -18.96 -32.21 -11.21
N ASN A 106 -19.26 -33.38 -11.75
CA ASN A 106 -18.46 -34.61 -11.55
C ASN A 106 -18.03 -35.06 -12.95
N PRO A 107 -16.93 -34.45 -13.46
CA PRO A 107 -16.65 -34.61 -14.89
C PRO A 107 -16.29 -36.03 -15.28
N VAL A 108 -16.59 -36.44 -16.51
CA VAL A 108 -16.44 -37.85 -16.85
C VAL A 108 -15.03 -38.40 -16.81
N ASN A 109 -14.06 -37.58 -17.16
CA ASN A 109 -12.67 -38.03 -17.12
C ASN A 109 -11.95 -37.38 -15.96
N GLY A 110 -12.72 -36.76 -15.06
CA GLY A 110 -12.12 -36.13 -13.89
C GLY A 110 -11.77 -34.66 -14.09
N THR A 111 -12.00 -34.14 -15.29
CA THR A 111 -11.66 -32.75 -15.60
C THR A 111 -12.72 -32.11 -16.47
N ASN A 112 -13.31 -30.99 -16.00
CA ASN A 112 -14.25 -30.22 -16.79
C ASN A 112 -13.49 -29.18 -17.64
N ARG A 113 -13.92 -29.02 -18.90
CA ARG A 113 -13.37 -28.02 -19.80
C ARG A 113 -14.29 -26.79 -19.94
N TRP A 114 -13.76 -25.63 -19.56
CA TRP A 114 -14.42 -24.34 -19.76
C TRP A 114 -13.45 -23.41 -20.50
N ALA A 115 -13.28 -23.64 -21.79
CA ALA A 115 -12.29 -22.93 -22.59
C ALA A 115 -12.87 -21.66 -23.18
N VAL A 116 -12.95 -20.64 -22.37
CA VAL A 116 -13.64 -19.38 -22.74
C VAL A 116 -12.67 -18.22 -22.89
N SER A 117 -13.16 -17.13 -23.49
CA SER A 117 -12.50 -15.85 -23.39
C SER A 117 -13.41 -14.89 -22.61
N GLN A 118 -13.57 -13.65 -23.05
CA GLN A 118 -14.21 -12.63 -22.21
C GLN A 118 -15.71 -12.82 -22.04
N ALA A 119 -16.24 -12.25 -20.94
CA ALA A 119 -17.67 -12.28 -20.62
C ALA A 119 -18.23 -13.70 -20.56
N ALA A 120 -17.49 -14.60 -19.90
CA ALA A 120 -17.94 -15.98 -19.69
C ALA A 120 -17.84 -16.45 -18.22
N PRO A 121 -18.56 -15.77 -17.35
CA PRO A 121 -18.33 -16.01 -15.92
C PRO A 121 -18.66 -17.44 -15.44
N PHE A 122 -17.97 -17.86 -14.38
CA PHE A 122 -18.05 -19.19 -13.78
C PHE A 122 -18.15 -18.88 -12.29
N ARG A 123 -19.40 -18.91 -11.78
CA ARG A 123 -19.69 -18.48 -10.43
C ARG A 123 -20.37 -19.56 -9.60
N ARG A 124 -20.01 -19.62 -8.33
CA ARG A 124 -20.74 -20.48 -7.41
C ARG A 124 -20.81 -21.90 -7.91
N MET A 125 -19.68 -22.36 -8.40
CA MET A 125 -19.56 -23.73 -8.92
C MET A 125 -18.75 -24.62 -8.00
N HIS A 126 -19.12 -25.89 -7.99
CA HIS A 126 -18.29 -26.90 -7.32
C HIS A 126 -17.84 -27.93 -8.34
N VAL A 127 -16.54 -27.98 -8.62
CA VAL A 127 -16.00 -28.98 -9.55
C VAL A 127 -15.30 -30.07 -8.78
N LYS A 128 -15.88 -31.25 -8.80
CA LYS A 128 -15.32 -32.35 -8.04
C LYS A 128 -14.27 -33.04 -8.94
N GLY A 129 -13.15 -32.35 -9.08
CA GLY A 129 -12.12 -32.73 -10.04
C GLY A 129 -11.44 -31.49 -10.56
N GLY A 130 -10.84 -31.63 -11.73
CA GLY A 130 -10.03 -30.57 -12.32
C GLY A 130 -10.82 -29.71 -13.30
N LEU A 131 -10.23 -28.58 -13.64
CA LEU A 131 -10.87 -27.60 -14.51
C LEU A 131 -9.84 -27.19 -15.54
N ASN A 132 -10.06 -27.60 -16.77
CA ASN A 132 -9.19 -27.23 -17.89
C ASN A 132 -9.80 -25.99 -18.55
N LEU A 133 -9.05 -24.90 -18.56
CA LEU A 133 -9.49 -23.65 -19.20
C LEU A 133 -9.05 -23.50 -20.65
N ALA A 134 -8.36 -24.50 -21.18
CA ALA A 134 -7.83 -24.43 -22.57
C ALA A 134 -8.60 -25.24 -23.59
N PRO A 135 -8.75 -24.73 -24.80
CA PRO A 135 -9.42 -25.52 -25.84
C PRO A 135 -8.63 -26.80 -26.11
N ASP A 136 -9.28 -27.79 -26.72
CA ASP A 136 -8.56 -28.98 -27.13
C ASP A 136 -7.59 -28.56 -28.25
N GLY A 137 -6.31 -28.93 -28.10
CA GLY A 137 -5.24 -28.44 -28.96
C GLY A 137 -4.34 -27.37 -28.37
N TYR A 138 -4.79 -26.77 -27.27
CA TYR A 138 -4.07 -25.69 -26.57
C TYR A 138 -3.90 -24.44 -27.43
N GLY A 139 -4.90 -24.19 -28.26
CA GLY A 139 -4.94 -23.01 -29.12
C GLY A 139 -5.18 -21.76 -28.30
N TRP A 140 -5.33 -20.63 -28.97
CA TRP A 140 -5.33 -19.37 -28.26
C TRP A 140 -6.60 -19.17 -27.45
N ALA A 141 -6.44 -18.52 -26.31
CA ALA A 141 -7.54 -18.30 -25.38
C ALA A 141 -7.27 -17.07 -24.54
N SER A 142 -8.32 -16.28 -24.26
CA SER A 142 -8.18 -14.99 -23.57
C SER A 142 -9.35 -14.73 -22.61
N GLY A 143 -9.35 -15.47 -21.51
CA GLY A 143 -10.32 -15.29 -20.44
C GLY A 143 -9.79 -14.37 -19.35
N GLY A 144 -10.36 -14.41 -18.14
CA GLY A 144 -11.45 -15.26 -17.76
C GLY A 144 -11.74 -14.92 -16.28
N TYR A 145 -12.81 -15.51 -15.75
CA TYR A 145 -13.35 -15.05 -14.48
C TYR A 145 -13.98 -16.20 -13.74
N ILE A 146 -13.46 -16.47 -12.56
CA ILE A 146 -14.05 -17.43 -11.62
C ILE A 146 -14.23 -16.74 -10.28
N ALA A 147 -15.43 -16.89 -9.71
CA ALA A 147 -15.72 -16.38 -8.39
C ALA A 147 -16.53 -17.34 -7.57
N ASP A 148 -16.29 -17.31 -6.29
CA ASP A 148 -17.12 -18.05 -5.33
C ASP A 148 -17.22 -19.53 -5.67
N SER A 149 -16.13 -20.11 -6.16
CA SER A 149 -16.15 -21.51 -6.59
C SER A 149 -15.17 -22.40 -5.84
N LYS A 150 -15.46 -23.70 -5.84
CA LYS A 150 -14.55 -24.70 -5.25
C LYS A 150 -14.17 -25.71 -6.31
N ILE A 151 -12.88 -25.72 -6.66
CA ILE A 151 -12.31 -26.67 -7.60
C ILE A 151 -11.49 -27.66 -6.78
N ASP A 152 -11.96 -28.89 -6.70
CA ASP A 152 -11.32 -29.86 -5.82
C ASP A 152 -9.88 -30.22 -6.23
N GLY A 153 -9.63 -30.35 -7.54
CA GLY A 153 -8.28 -30.60 -8.02
C GLY A 153 -7.67 -29.34 -8.62
N GLU A 154 -6.96 -29.54 -9.73
CA GLU A 154 -6.12 -28.51 -10.31
C GLU A 154 -6.87 -27.71 -11.35
N VAL A 155 -6.81 -26.38 -11.25
CA VAL A 155 -7.10 -25.57 -12.43
C VAL A 155 -5.90 -25.51 -13.38
N GLY A 156 -6.13 -25.86 -14.67
CA GLY A 156 -5.11 -25.79 -15.69
C GLY A 156 -5.37 -24.73 -16.77
N PRO A 157 -4.63 -23.62 -16.74
CA PRO A 157 -4.94 -22.61 -17.76
C PRO A 157 -4.27 -22.91 -19.11
N TYR A 158 -3.13 -23.62 -19.11
CA TYR A 158 -2.35 -23.90 -20.30
C TYR A 158 -2.14 -22.62 -21.16
N SER A 159 -2.86 -22.49 -22.25
CA SER A 159 -2.65 -21.37 -23.17
C SER A 159 -3.34 -20.06 -22.76
N GLN A 160 -4.21 -20.08 -21.76
CA GLN A 160 -4.88 -18.83 -21.35
C GLN A 160 -3.88 -17.74 -21.06
N GLN A 161 -4.05 -16.58 -21.70
CA GLN A 161 -3.10 -15.48 -21.50
C GLN A 161 -3.12 -14.98 -20.09
N GLN A 162 -4.33 -14.83 -19.56
CA GLN A 162 -4.54 -14.21 -18.29
C GLN A 162 -5.84 -14.76 -17.66
N TRP A 163 -6.05 -14.46 -16.38
CA TRP A 163 -7.21 -14.96 -15.65
C TRP A 163 -7.38 -14.26 -14.31
N TYR A 164 -8.63 -14.11 -13.87
CA TYR A 164 -8.91 -13.60 -12.54
C TYR A 164 -9.80 -14.58 -11.76
N THR A 165 -9.34 -14.88 -10.56
CA THR A 165 -10.11 -15.71 -9.66
C THR A 165 -10.21 -15.00 -8.34
N ARG A 166 -11.41 -14.98 -7.78
CA ARG A 166 -11.56 -14.46 -6.42
C ARG A 166 -12.51 -15.30 -5.56
N ASP A 167 -12.23 -15.29 -4.27
CA ASP A 167 -13.14 -15.80 -3.26
C ASP A 167 -13.57 -17.23 -3.53
N SER A 168 -12.56 -18.05 -3.71
CA SER A 168 -12.66 -19.39 -4.21
C SER A 168 -11.70 -20.30 -3.45
N SER A 169 -11.82 -21.59 -3.76
CA SER A 169 -10.90 -22.59 -3.26
C SER A 169 -10.45 -23.44 -4.46
N VAL A 170 -9.12 -23.62 -4.62
CA VAL A 170 -8.60 -24.55 -5.61
C VAL A 170 -7.64 -25.58 -4.95
N GLY A 171 -7.61 -26.81 -5.44
CA GLY A 171 -6.59 -27.75 -5.00
C GLY A 171 -5.21 -27.39 -5.53
N GLY A 172 -5.21 -27.00 -6.80
CA GLY A 172 -3.99 -26.72 -7.51
C GLY A 172 -4.24 -25.65 -8.56
N TRP A 173 -3.17 -24.96 -8.92
CA TRP A 173 -3.18 -24.05 -10.06
C TRP A 173 -1.89 -24.26 -10.81
N GLY A 174 -2.01 -24.69 -12.06
CA GLY A 174 -0.88 -25.22 -12.78
C GLY A 174 0.15 -24.23 -13.30
N ASN A 175 -0.30 -23.19 -13.99
CA ASN A 175 0.65 -22.34 -14.71
C ASN A 175 0.14 -20.92 -14.88
N GLY A 176 1.10 -20.02 -15.05
CA GLY A 176 0.83 -18.62 -15.33
C GLY A 176 1.51 -18.29 -16.63
N VAL A 177 0.86 -17.42 -17.42
CA VAL A 177 1.21 -17.19 -18.83
C VAL A 177 1.59 -15.72 -18.99
N TRP A 178 0.63 -14.78 -18.99
CA TRP A 178 0.98 -13.34 -18.87
C TRP A 178 0.51 -12.69 -17.55
N ASN A 179 -0.67 -13.06 -17.05
CA ASN A 179 -1.21 -12.37 -15.87
C ASN A 179 -2.32 -13.15 -15.21
N MET A 180 -1.96 -13.93 -14.18
CA MET A 180 -2.93 -14.72 -13.44
C MET A 180 -3.02 -14.06 -12.07
N THR A 181 -4.17 -13.47 -11.80
CA THR A 181 -4.38 -12.70 -10.57
C THR A 181 -5.41 -13.42 -9.69
N PHE A 182 -5.18 -13.34 -8.40
CA PHE A 182 -5.98 -14.03 -7.41
C PHE A 182 -6.25 -13.11 -6.25
N SER A 183 -7.49 -13.08 -5.76
CA SER A 183 -7.76 -12.41 -4.51
C SER A 183 -8.71 -13.25 -3.67
N GLY A 184 -8.31 -13.51 -2.44
CA GLY A 184 -9.16 -14.32 -1.56
C GLY A 184 -9.35 -15.75 -2.03
N VAL A 185 -8.29 -16.27 -2.68
CA VAL A 185 -8.30 -17.63 -3.17
C VAL A 185 -7.49 -18.61 -2.29
N GLU A 186 -8.22 -19.47 -1.61
CA GLU A 186 -7.65 -20.56 -0.84
C GLU A 186 -6.99 -21.53 -1.79
N GLY A 187 -5.68 -21.64 -1.69
CA GLY A 187 -4.93 -22.55 -2.55
C GLY A 187 -4.32 -21.86 -3.76
N ALA A 188 -4.42 -20.53 -3.82
CA ALA A 188 -3.64 -19.81 -4.82
C ALA A 188 -2.16 -19.97 -4.52
N PRO A 189 -1.34 -19.90 -5.57
CA PRO A 189 0.08 -19.72 -5.27
C PRO A 189 0.39 -18.36 -4.70
N ALA A 190 1.49 -18.27 -3.97
CA ALA A 190 1.99 -16.98 -3.48
C ALA A 190 2.37 -15.95 -4.59
N GLN A 191 2.23 -14.67 -4.25
CA GLN A 191 2.77 -13.52 -4.97
C GLN A 191 4.17 -13.80 -5.50
N SER A 192 4.34 -13.77 -6.83
CA SER A 192 5.59 -14.21 -7.42
C SER A 192 6.05 -13.43 -8.66
N PHE A 193 5.13 -12.64 -9.24
CA PHE A 193 5.32 -11.94 -10.53
C PHE A 193 6.78 -11.45 -10.68
N PRO A 194 7.39 -11.61 -11.87
CA PRO A 194 6.75 -11.92 -13.16
C PRO A 194 6.97 -13.36 -13.60
N GLU A 195 7.64 -14.20 -12.78
CA GLU A 195 7.84 -15.61 -13.13
C GLU A 195 7.56 -16.59 -11.97
N PRO A 196 6.50 -17.39 -12.11
CA PRO A 196 5.41 -17.24 -13.07
C PRO A 196 4.67 -15.95 -12.73
N PRO A 197 3.89 -15.40 -13.66
CA PRO A 197 3.27 -14.08 -13.45
C PRO A 197 2.01 -14.25 -12.60
N TYR A 198 2.20 -14.49 -11.30
CA TYR A 198 1.10 -14.65 -10.34
C TYR A 198 1.02 -13.44 -9.43
N THR A 199 -0.12 -12.76 -9.44
CA THR A 199 -0.42 -11.64 -8.53
C THR A 199 -1.47 -12.11 -7.51
N THR A 200 -1.12 -12.14 -6.22
CA THR A 200 -1.91 -12.87 -5.23
C THR A 200 -2.14 -12.03 -4.01
N LEU A 201 -3.42 -11.81 -3.72
CA LEU A 201 -3.88 -11.01 -2.60
C LEU A 201 -4.63 -11.89 -1.65
N GLU A 202 -4.50 -11.66 -0.34
CA GLU A 202 -4.98 -12.63 0.62
C GLU A 202 -6.50 -12.52 0.69
N THR A 203 -6.98 -11.29 0.70
CA THR A 203 -8.38 -11.04 0.92
C THR A 203 -8.82 -10.12 -0.24
N THR A 204 -10.10 -10.20 -0.62
CA THR A 204 -10.71 -9.23 -1.51
C THR A 204 -11.27 -8.17 -0.58
N PRO A 205 -11.01 -6.87 -0.86
CA PRO A 205 -11.34 -5.97 0.26
C PRO A 205 -12.83 -5.81 0.49
N VAL A 206 -13.59 -5.80 -0.60
CA VAL A 206 -15.03 -6.00 -0.52
C VAL A 206 -15.52 -6.85 -1.66
N SER A 207 -16.48 -7.71 -1.37
CA SER A 207 -17.14 -8.42 -2.46
C SER A 207 -18.56 -8.69 -2.01
N ARG A 208 -19.42 -8.91 -2.97
CA ARG A 208 -20.79 -9.25 -2.66
C ARG A 208 -21.25 -10.16 -3.78
N GLU A 209 -21.61 -11.38 -3.46
CA GLU A 209 -21.88 -12.34 -4.52
C GLU A 209 -23.12 -11.96 -5.36
N LYS A 210 -23.11 -12.34 -6.63
CA LYS A 210 -24.17 -11.95 -7.54
C LYS A 210 -25.48 -12.60 -7.15
N PRO A 211 -26.58 -11.85 -7.19
CA PRO A 211 -27.88 -12.48 -7.00
C PRO A 211 -28.19 -13.56 -8.03
N PHE A 212 -29.00 -14.53 -7.64
CA PHE A 212 -29.39 -15.61 -8.56
C PHE A 212 -30.79 -16.19 -8.31
N LEU A 213 -31.42 -16.62 -9.39
CA LEU A 213 -32.66 -17.39 -9.31
C LEU A 213 -32.49 -18.78 -8.67
N TYR A 214 -33.40 -19.15 -7.76
CA TYR A 214 -33.52 -20.53 -7.34
C TYR A 214 -34.96 -20.95 -6.97
N LEU A 215 -35.10 -22.21 -6.50
CA LEU A 215 -36.38 -22.78 -6.05
C LEU A 215 -36.34 -23.11 -4.55
N ASP A 216 -37.29 -22.55 -3.79
CA ASP A 216 -37.23 -22.52 -2.34
C ASP A 216 -38.41 -23.31 -1.74
N GLY A 217 -38.83 -24.31 -2.53
CA GLY A 217 -39.73 -25.38 -2.12
C GLY A 217 -40.54 -25.82 -3.30
N ASP A 218 -41.45 -24.97 -3.70
CA ASP A 218 -41.87 -24.82 -5.08
C ASP A 218 -41.91 -23.33 -5.38
N ASP A 219 -41.39 -22.49 -4.47
CA ASP A 219 -41.43 -21.04 -4.73
C ASP A 219 -40.13 -20.62 -5.41
N TYR A 220 -40.25 -20.08 -6.61
CA TYR A 220 -39.08 -19.42 -7.21
C TYR A 220 -38.74 -18.29 -6.26
N LYS A 221 -37.45 -17.92 -6.20
CA LYS A 221 -36.99 -16.80 -5.38
C LYS A 221 -35.65 -16.34 -5.96
N VAL A 222 -35.22 -15.13 -5.59
CA VAL A 222 -33.91 -14.64 -6.00
C VAL A 222 -33.00 -14.40 -4.82
N PHE A 223 -32.06 -15.29 -4.57
CA PHE A 223 -31.11 -15.06 -3.47
C PHE A 223 -30.26 -13.83 -3.72
N VAL A 224 -30.17 -13.00 -2.69
CA VAL A 224 -29.37 -11.77 -2.68
C VAL A 224 -28.31 -11.84 -1.54
N PRO A 225 -27.11 -12.33 -1.84
CA PRO A 225 -26.03 -12.40 -0.83
C PRO A 225 -25.61 -11.04 -0.27
N ALA A 226 -25.13 -10.99 0.96
CA ALA A 226 -24.71 -9.73 1.60
C ALA A 226 -23.23 -9.52 1.33
N LYS A 227 -22.70 -8.32 1.55
CA LYS A 227 -21.26 -8.14 1.35
C LYS A 227 -20.48 -8.79 2.49
N ARG A 228 -19.29 -9.26 2.15
CA ARG A 228 -18.29 -9.48 3.20
C ARG A 228 -17.00 -8.75 2.79
N THR A 229 -16.45 -8.00 3.75
CA THR A 229 -15.23 -7.29 3.59
C THR A 229 -14.15 -8.29 3.81
N ASN A 230 -12.92 -7.88 3.50
CA ASN A 230 -11.74 -8.73 3.65
C ASN A 230 -12.08 -10.18 3.35
N ALA A 231 -12.65 -10.41 2.19
CA ALA A 231 -13.23 -11.68 1.88
C ALA A 231 -12.22 -12.75 1.37
N ARG A 232 -12.47 -14.01 1.73
CA ARG A 232 -11.64 -15.13 1.28
C ARG A 232 -12.38 -16.43 1.29
N GLY A 233 -12.17 -17.22 0.25
CA GLY A 233 -12.86 -18.51 0.11
C GLY A 233 -14.31 -18.35 -0.27
N THR A 234 -15.03 -19.46 -0.40
CA THR A 234 -16.41 -19.41 -0.86
C THR A 234 -17.39 -18.95 0.24
N SER A 235 -18.55 -18.46 -0.19
CA SER A 235 -19.68 -18.06 0.68
C SER A 235 -20.63 -19.18 1.16
N TRP A 236 -20.44 -20.36 0.62
CA TRP A 236 -21.40 -21.43 0.82
C TRP A 236 -20.81 -22.68 1.43
N GLY A 237 -19.50 -22.71 1.68
CA GLY A 237 -18.93 -23.92 2.28
C GLY A 237 -19.05 -24.04 3.80
N ASN A 238 -19.98 -23.28 4.38
CA ASN A 238 -20.09 -23.21 5.84
C ASN A 238 -21.56 -22.95 6.20
N GLY A 239 -22.46 -23.38 5.30
CA GLY A 239 -23.88 -23.46 5.57
C GLY A 239 -24.68 -22.29 5.02
N THR A 240 -24.80 -21.29 5.87
CA THR A 240 -25.56 -20.07 5.61
C THR A 240 -24.71 -18.96 5.06
N PRO A 241 -25.09 -18.44 3.90
CA PRO A 241 -24.75 -17.03 3.78
C PRO A 241 -25.97 -16.35 4.30
N GLU A 242 -25.83 -15.29 5.11
CA GLU A 242 -26.94 -14.36 5.22
C GLU A 242 -27.00 -13.81 3.82
N GLY A 243 -28.10 -13.18 3.50
CA GLY A 243 -28.25 -12.54 2.21
C GLY A 243 -29.72 -12.22 2.26
N GLU A 244 -30.46 -12.24 1.16
CA GLU A 244 -31.93 -12.15 1.28
C GLU A 244 -32.88 -13.06 0.51
N SER A 245 -32.72 -13.32 -0.77
CA SER A 245 -33.77 -14.22 -1.38
C SER A 245 -35.23 -13.65 -1.44
N LEU A 246 -35.51 -12.81 -2.43
CA LEU A 246 -36.80 -12.16 -2.55
C LEU A 246 -37.80 -13.07 -3.21
N PRO A 247 -39.09 -12.86 -2.91
CA PRO A 247 -40.09 -13.64 -3.67
C PRO A 247 -40.15 -13.30 -5.16
N LEU A 248 -40.34 -14.29 -6.03
CA LEU A 248 -40.44 -14.01 -7.47
C LEU A 248 -41.55 -12.98 -7.77
N ASP A 249 -42.61 -13.01 -6.96
CA ASP A 249 -43.71 -12.10 -7.15
C ASP A 249 -43.41 -10.66 -6.85
N GLN A 250 -42.21 -10.36 -6.32
CA GLN A 250 -41.82 -8.98 -6.16
C GLN A 250 -40.85 -8.51 -7.25
N PHE A 251 -40.84 -9.23 -8.39
CA PHE A 251 -40.18 -8.79 -9.64
C PHE A 251 -41.15 -8.55 -10.77
N TYR A 252 -40.89 -7.51 -11.57
CA TYR A 252 -41.47 -7.36 -12.87
C TYR A 252 -40.65 -8.28 -13.77
N VAL A 253 -41.33 -9.28 -14.34
CA VAL A 253 -40.68 -10.20 -15.25
C VAL A 253 -40.83 -9.54 -16.62
N VAL A 254 -39.68 -9.19 -17.20
CA VAL A 254 -39.55 -8.43 -18.44
C VAL A 254 -39.46 -9.38 -19.63
N LYS A 255 -40.43 -9.27 -20.54
CA LYS A 255 -40.49 -10.10 -21.75
C LYS A 255 -40.82 -9.27 -22.99
N PRO A 256 -40.45 -9.81 -24.19
CA PRO A 256 -40.67 -9.03 -25.43
C PRO A 256 -41.98 -8.28 -25.43
N GLY A 257 -41.92 -7.01 -25.85
CA GLY A 257 -43.04 -6.06 -25.78
C GLY A 257 -42.86 -4.95 -24.74
N ALA A 258 -42.11 -5.26 -23.69
CA ALA A 258 -41.89 -4.30 -22.61
C ALA A 258 -41.25 -3.01 -23.11
N THR A 259 -41.66 -1.88 -22.52
CA THR A 259 -41.10 -0.53 -22.80
C THR A 259 -40.29 -0.01 -21.63
N ALA A 260 -39.43 0.98 -21.84
CA ALA A 260 -38.78 1.65 -20.70
C ALA A 260 -39.79 2.19 -19.67
N GLU A 261 -40.95 2.61 -20.14
CA GLU A 261 -41.95 3.28 -19.28
C GLU A 261 -42.58 2.27 -18.31
N THR A 262 -42.98 1.11 -18.80
CA THR A 262 -43.55 0.11 -17.89
C THR A 262 -42.46 -0.36 -16.93
N ILE A 263 -41.30 -0.62 -17.49
CA ILE A 263 -40.18 -1.04 -16.67
C ILE A 263 -39.83 0.01 -15.61
N ASN A 264 -39.73 1.28 -16.00
CA ASN A 264 -39.45 2.34 -15.04
C ASN A 264 -40.61 2.49 -14.05
N ALA A 265 -41.82 2.24 -14.56
CA ALA A 265 -43.03 2.24 -13.70
C ALA A 265 -42.96 1.08 -12.69
N ALA A 266 -42.33 -0.02 -13.09
CA ALA A 266 -42.25 -1.18 -12.21
C ALA A 266 -41.39 -0.80 -11.02
N VAL A 267 -40.25 -0.18 -11.33
CA VAL A 267 -39.31 0.20 -10.29
C VAL A 267 -39.91 1.28 -9.36
N ASP A 268 -40.67 2.21 -9.91
CA ASP A 268 -41.32 3.22 -9.09
C ASP A 268 -42.36 2.61 -8.13
N GLN A 269 -43.02 1.55 -8.59
CA GLN A 269 -44.03 0.83 -7.78
C GLN A 269 -43.47 -0.17 -6.77
N GLY A 270 -42.13 -0.27 -6.68
CA GLY A 270 -41.53 -1.14 -5.69
C GLY A 270 -41.04 -2.49 -6.20
N LEU A 271 -41.20 -2.76 -7.48
CA LEU A 271 -40.83 -4.06 -8.04
C LEU A 271 -39.38 -4.07 -8.51
N HIS A 272 -38.68 -5.15 -8.17
CA HIS A 272 -37.39 -5.45 -8.77
C HIS A 272 -37.57 -5.87 -10.22
N LEU A 273 -36.45 -6.12 -10.91
CA LEU A 273 -36.48 -6.46 -12.33
C LEU A 273 -35.75 -7.76 -12.64
N LEU A 274 -36.46 -8.64 -13.34
CA LEU A 274 -35.88 -9.87 -13.85
C LEU A 274 -36.02 -9.87 -15.35
N PHE A 275 -34.91 -9.64 -16.03
CA PHE A 275 -34.91 -9.65 -17.48
C PHE A 275 -34.78 -11.05 -18.05
N THR A 276 -35.84 -11.53 -18.70
CA THR A 276 -35.83 -12.83 -19.34
C THR A 276 -34.96 -12.79 -20.61
N PRO A 277 -34.46 -13.95 -21.07
CA PRO A 277 -33.50 -13.89 -22.17
C PRO A 277 -34.13 -13.39 -23.45
N GLY A 278 -33.54 -12.35 -23.99
CA GLY A 278 -34.05 -11.71 -25.20
C GLY A 278 -33.27 -10.43 -25.42
N VAL A 279 -33.70 -9.73 -26.47
CA VAL A 279 -33.10 -8.48 -26.88
C VAL A 279 -34.15 -7.39 -26.81
N TYR A 280 -33.81 -6.33 -26.08
CA TYR A 280 -34.75 -5.30 -25.76
C TYR A 280 -34.29 -3.89 -26.11
N HIS A 281 -34.92 -3.37 -27.17
CA HIS A 281 -34.80 -1.98 -27.50
C HIS A 281 -35.60 -1.08 -26.53
N VAL A 282 -34.99 0.03 -26.12
CA VAL A 282 -35.65 1.03 -25.33
C VAL A 282 -35.54 2.42 -25.99
N ASP A 283 -36.48 3.33 -25.67
CA ASP A 283 -36.48 4.68 -26.21
C ASP A 283 -36.14 5.76 -25.18
N GLN A 284 -35.76 5.31 -24.00
CA GLN A 284 -35.50 6.17 -22.85
C GLN A 284 -34.60 5.33 -21.95
N PRO A 285 -33.72 5.97 -21.14
CA PRO A 285 -33.09 5.04 -20.19
C PRO A 285 -34.03 4.31 -19.27
N ILE A 286 -33.60 3.14 -18.91
CA ILE A 286 -34.19 2.45 -17.80
C ILE A 286 -33.66 3.25 -16.59
N GLU A 287 -34.57 3.75 -15.73
CA GLU A 287 -34.16 4.53 -14.54
C GLU A 287 -34.44 3.81 -13.22
N ILE A 288 -33.37 3.36 -12.57
CA ILE A 288 -33.42 2.72 -11.24
C ILE A 288 -33.02 3.69 -10.12
N ASP A 289 -34.03 4.23 -9.44
CA ASP A 289 -33.80 5.16 -8.31
C ASP A 289 -34.69 4.77 -7.13
N ARG A 290 -34.50 3.55 -6.70
CA ARG A 290 -35.10 3.06 -5.49
C ARG A 290 -34.05 2.22 -4.82
N ALA A 291 -33.75 2.59 -3.59
CA ALA A 291 -32.86 1.83 -2.81
C ALA A 291 -33.06 0.32 -2.94
N ASN A 292 -31.95 -0.38 -3.09
CA ASN A 292 -31.88 -1.86 -3.11
C ASN A 292 -32.51 -2.68 -4.15
N THR A 293 -32.95 -2.03 -5.21
CA THR A 293 -33.45 -2.72 -6.39
C THR A 293 -32.45 -3.71 -6.94
N VAL A 294 -32.96 -4.88 -7.26
CA VAL A 294 -32.21 -5.87 -8.01
C VAL A 294 -32.69 -5.82 -9.45
N ALA A 295 -31.74 -5.77 -10.39
CA ALA A 295 -32.01 -5.87 -11.83
C ALA A 295 -31.13 -6.95 -12.41
N LEU A 296 -31.75 -8.10 -12.66
CA LEU A 296 -31.02 -9.35 -12.93
C LEU A 296 -31.45 -9.86 -14.29
N GLY A 297 -30.49 -10.03 -15.19
CA GLY A 297 -30.71 -10.70 -16.46
C GLY A 297 -30.42 -12.20 -16.37
N LEU A 298 -31.20 -12.93 -17.17
CA LEU A 298 -30.96 -14.34 -17.44
C LEU A 298 -30.61 -14.49 -18.94
N GLY A 299 -29.80 -15.49 -19.25
CA GLY A 299 -29.56 -15.88 -20.62
C GLY A 299 -28.97 -14.77 -21.50
N LEU A 300 -28.09 -13.93 -20.94
CA LEU A 300 -27.49 -12.80 -21.65
C LEU A 300 -28.52 -11.79 -22.21
N ALA A 301 -29.56 -11.54 -21.41
CA ALA A 301 -30.52 -10.52 -21.71
C ALA A 301 -29.81 -9.25 -22.10
N THR A 302 -30.27 -8.65 -23.20
CA THR A 302 -29.57 -7.53 -23.82
C THR A 302 -30.47 -6.32 -23.97
N ILE A 303 -29.94 -5.13 -23.66
CA ILE A 303 -30.66 -3.88 -23.79
C ILE A 303 -29.96 -3.05 -24.89
N ILE A 304 -30.75 -2.60 -25.88
CA ILE A 304 -30.25 -1.70 -26.93
C ILE A 304 -30.94 -0.35 -26.79
N PRO A 305 -30.16 0.72 -26.53
CA PRO A 305 -30.80 2.05 -26.52
C PRO A 305 -30.92 2.59 -27.93
N ASP A 306 -32.12 3.00 -28.31
CA ASP A 306 -32.37 3.62 -29.60
C ASP A 306 -32.27 5.15 -29.50
N ASN A 307 -32.20 5.86 -30.63
CA ASN A 307 -32.35 7.32 -30.65
C ASN A 307 -31.27 8.03 -29.83
N GLY A 308 -30.18 7.35 -29.63
CA GLY A 308 -29.01 7.91 -28.94
C GLY A 308 -29.16 8.06 -27.45
N VAL A 309 -30.18 7.42 -26.88
CA VAL A 309 -30.32 7.56 -25.43
C VAL A 309 -29.32 6.68 -24.60
N THR A 310 -29.18 6.98 -23.31
CA THR A 310 -28.49 6.10 -22.37
C THR A 310 -29.39 4.92 -22.07
N ALA A 311 -28.80 3.73 -21.99
CA ALA A 311 -29.58 2.52 -21.74
C ALA A 311 -30.07 2.42 -20.29
N LEU A 312 -29.22 2.81 -19.36
CA LEU A 312 -29.53 2.68 -17.95
C LEU A 312 -28.95 3.86 -17.19
N LYS A 313 -29.75 4.47 -16.34
CA LYS A 313 -29.20 5.33 -15.29
C LYS A 313 -29.68 4.91 -13.89
N VAL A 314 -28.74 4.49 -13.04
CA VAL A 314 -28.96 4.26 -11.60
C VAL A 314 -28.83 5.57 -10.81
N GLY A 315 -29.81 5.83 -9.96
CA GLY A 315 -29.80 7.03 -9.12
C GLY A 315 -28.85 6.97 -7.94
N ASP A 316 -28.92 7.99 -7.08
CA ASP A 316 -27.95 8.18 -6.01
C ASP A 316 -28.48 7.49 -4.73
N VAL A 317 -28.70 6.19 -4.87
CA VAL A 317 -29.26 5.36 -3.83
C VAL A 317 -28.33 4.19 -3.45
N ASP A 318 -28.52 3.68 -2.25
CA ASP A 318 -27.85 2.47 -1.76
C ASP A 318 -28.33 1.21 -2.47
N GLY A 319 -27.43 0.25 -2.58
CA GLY A 319 -27.76 -1.14 -2.70
C GLY A 319 -28.32 -1.68 -4.01
N VAL A 320 -28.23 -0.93 -5.09
CA VAL A 320 -28.74 -1.43 -6.36
C VAL A 320 -27.78 -2.49 -6.84
N LYS A 321 -28.34 -3.56 -7.39
CA LYS A 321 -27.55 -4.72 -7.83
C LYS A 321 -27.96 -4.97 -9.27
N VAL A 322 -27.10 -4.56 -10.18
CA VAL A 322 -27.33 -4.81 -11.61
C VAL A 322 -26.48 -6.01 -11.99
N ALA A 323 -27.07 -6.99 -12.68
CA ALA A 323 -26.44 -8.29 -12.83
C ALA A 323 -26.87 -9.00 -14.13
N GLY A 324 -25.90 -9.48 -14.93
CA GLY A 324 -26.18 -10.35 -16.04
C GLY A 324 -26.86 -9.74 -17.25
N LEU A 325 -26.40 -8.54 -17.59
CA LEU A 325 -26.97 -7.80 -18.71
C LEU A 325 -25.89 -7.47 -19.72
N LEU A 326 -26.23 -7.57 -21.00
CA LEU A 326 -25.40 -7.03 -22.08
C LEU A 326 -26.05 -5.72 -22.47
N VAL A 327 -25.30 -4.63 -22.52
CA VAL A 327 -25.79 -3.38 -23.07
C VAL A 327 -25.11 -3.20 -24.40
N ASP A 328 -25.91 -3.07 -25.44
CA ASP A 328 -25.47 -3.11 -26.81
C ASP A 328 -25.77 -1.80 -27.56
N ALA A 329 -24.74 -1.10 -28.03
CA ALA A 329 -24.98 0.22 -28.60
C ALA A 329 -25.84 0.15 -29.86
N GLY A 330 -26.68 1.17 -30.05
CA GLY A 330 -27.40 1.32 -31.31
C GLY A 330 -26.56 2.10 -32.30
N PRO A 331 -26.98 2.10 -33.58
CA PRO A 331 -26.15 2.85 -34.54
C PRO A 331 -26.14 4.36 -34.32
N VAL A 332 -27.17 4.93 -33.68
CA VAL A 332 -27.12 6.35 -33.31
C VAL A 332 -26.26 6.50 -32.08
N ASN A 333 -25.28 7.39 -32.16
CA ASN A 333 -24.37 7.56 -31.03
C ASN A 333 -25.07 7.95 -29.73
N SER A 334 -24.83 7.16 -28.69
CA SER A 334 -25.21 7.51 -27.34
C SER A 334 -24.08 8.21 -26.61
N GLU A 335 -24.42 9.31 -25.97
CA GLU A 335 -23.45 10.04 -25.14
C GLU A 335 -22.87 9.15 -24.04
N THR A 336 -23.74 8.42 -23.37
CA THR A 336 -23.34 7.41 -22.42
C THR A 336 -24.22 6.18 -22.58
N LEU A 337 -23.72 5.00 -22.21
CA LEU A 337 -24.57 3.81 -22.28
C LEU A 337 -25.09 3.38 -20.92
N VAL A 338 -24.22 3.50 -19.91
CA VAL A 338 -24.59 3.19 -18.52
C VAL A 338 -24.08 4.27 -17.61
N GLU A 339 -24.95 4.80 -16.77
CA GLU A 339 -24.53 5.76 -15.73
C GLU A 339 -24.87 5.28 -14.34
N VAL A 340 -23.88 5.29 -13.43
CA VAL A 340 -24.14 4.92 -12.06
C VAL A 340 -23.96 6.14 -11.15
N GLY A 341 -25.11 6.68 -10.77
CA GLY A 341 -25.17 7.91 -10.02
C GLY A 341 -25.16 9.12 -10.91
N SER A 342 -25.51 10.27 -10.34
CA SER A 342 -25.48 11.52 -11.07
C SER A 342 -24.08 12.19 -11.18
N ASP A 343 -23.90 13.06 -12.19
CA ASP A 343 -22.63 13.84 -12.29
C ASP A 343 -22.30 14.53 -10.98
N GLY A 344 -21.18 14.16 -10.40
CA GLY A 344 -20.82 14.69 -9.09
C GLY A 344 -21.88 14.44 -8.02
N ALA A 345 -22.55 13.29 -8.10
CA ALA A 345 -23.07 12.60 -6.90
C ALA A 345 -22.07 12.66 -5.75
N SER A 346 -22.51 13.04 -4.55
CA SER A 346 -21.57 13.12 -3.41
C SER A 346 -21.91 12.28 -2.16
N GLY A 347 -22.93 11.45 -2.22
CA GLY A 347 -23.25 10.66 -1.04
C GLY A 347 -22.12 9.71 -0.64
N ASP A 348 -22.30 8.93 0.42
CA ASP A 348 -21.48 7.76 0.62
C ASP A 348 -22.44 6.56 0.60
N HIS A 349 -21.92 5.38 0.23
CA HIS A 349 -22.72 4.16 0.18
C HIS A 349 -21.93 2.96 0.73
N ALA A 350 -21.19 3.18 1.82
CA ALA A 350 -20.20 2.19 2.27
C ALA A 350 -20.86 0.92 2.77
N ALA A 351 -21.91 1.09 3.58
CA ALA A 351 -22.54 -0.03 4.28
C ALA A 351 -23.33 -0.91 3.28
N ASN A 352 -23.69 -0.34 2.12
CA ASN A 352 -24.60 -0.97 1.17
C ASN A 352 -24.42 -0.40 -0.23
N PRO A 353 -23.32 -0.80 -0.91
CA PRO A 353 -22.96 -0.21 -2.19
C PRO A 353 -23.90 -0.55 -3.31
N THR A 354 -23.82 0.17 -4.42
CA THR A 354 -24.37 -0.27 -5.69
C THR A 354 -23.28 -1.08 -6.37
N SER A 355 -23.68 -2.16 -7.07
CA SER A 355 -22.74 -2.99 -7.82
C SER A 355 -23.20 -3.29 -9.25
N LEU A 356 -22.23 -3.34 -10.14
CA LEU A 356 -22.43 -3.91 -11.47
C LEU A 356 -21.68 -5.25 -11.54
N GLN A 357 -22.41 -6.33 -11.84
CA GLN A 357 -21.79 -7.68 -11.96
C GLN A 357 -22.23 -8.36 -13.24
N ASP A 358 -21.26 -8.94 -13.94
CA ASP A 358 -21.52 -9.49 -15.27
C ASP A 358 -22.34 -8.52 -16.10
N VAL A 359 -21.87 -7.27 -16.17
CA VAL A 359 -22.48 -6.26 -17.00
C VAL A 359 -21.49 -6.06 -18.16
N PHE A 360 -21.92 -6.42 -19.36
CA PHE A 360 -21.06 -6.40 -20.55
C PHE A 360 -21.60 -5.44 -21.56
N VAL A 361 -20.72 -4.57 -22.10
CA VAL A 361 -21.10 -3.58 -23.13
C VAL A 361 -20.45 -3.96 -24.42
N ARG A 362 -21.18 -3.79 -25.51
CA ARG A 362 -20.63 -4.01 -26.82
C ARG A 362 -20.96 -2.78 -27.65
N ILE A 363 -19.96 -2.27 -28.38
CA ILE A 363 -20.20 -1.26 -29.42
C ILE A 363 -19.83 -1.81 -30.80
N GLY A 364 -20.85 -2.06 -31.60
CA GLY A 364 -20.67 -2.62 -32.94
C GLY A 364 -20.51 -4.14 -32.90
N GLY A 365 -20.41 -4.77 -34.09
CA GLY A 365 -20.17 -6.20 -34.23
C GLY A 365 -21.40 -6.90 -34.77
N ALA A 366 -22.55 -6.44 -34.32
CA ALA A 366 -23.84 -7.02 -34.74
C ALA A 366 -24.60 -5.97 -35.49
N GLY A 367 -23.85 -5.22 -36.30
CA GLY A 367 -24.35 -4.02 -36.91
C GLY A 367 -23.57 -2.81 -36.44
N PRO A 368 -23.73 -1.68 -37.13
CA PRO A 368 -23.01 -0.50 -36.67
C PRO A 368 -23.52 -0.03 -35.30
N GLY A 369 -22.59 0.39 -34.44
CA GLY A 369 -22.94 0.93 -33.15
C GLY A 369 -21.91 1.97 -32.70
N LYS A 370 -22.34 2.98 -31.93
CA LYS A 370 -21.48 4.06 -31.48
C LYS A 370 -21.87 4.56 -30.09
N ALA A 371 -20.89 4.95 -29.29
CA ALA A 371 -21.15 5.67 -28.05
C ALA A 371 -19.88 6.35 -27.60
N THR A 372 -20.01 7.54 -27.04
CA THR A 372 -18.88 8.30 -26.53
C THR A 372 -18.14 7.62 -25.38
N THR A 373 -18.86 7.47 -24.26
CA THR A 373 -18.32 6.88 -23.03
C THR A 373 -19.30 5.79 -22.62
N SER A 374 -18.82 4.57 -22.40
CA SER A 374 -19.70 3.40 -22.20
C SER A 374 -20.16 3.06 -20.78
N ILE A 375 -19.40 3.43 -19.77
CA ILE A 375 -19.90 3.35 -18.41
C ILE A 375 -19.29 4.52 -17.70
N VAL A 376 -20.13 5.30 -17.02
CA VAL A 376 -19.69 6.36 -16.13
C VAL A 376 -20.09 5.99 -14.71
N VAL A 377 -19.10 5.92 -13.82
CA VAL A 377 -19.35 5.58 -12.43
C VAL A 377 -19.17 6.83 -11.54
N ASN A 378 -20.28 7.47 -11.21
CA ASN A 378 -20.27 8.65 -10.35
C ASN A 378 -20.36 8.35 -8.84
N SER A 379 -21.15 7.34 -8.47
CA SER A 379 -21.47 7.09 -7.06
C SER A 379 -20.33 6.49 -6.29
N ASN A 380 -20.10 7.07 -5.14
CA ASN A 380 -19.09 6.58 -4.26
C ASN A 380 -19.34 5.15 -3.79
N ASP A 381 -18.24 4.43 -3.62
CA ASP A 381 -18.22 3.08 -3.04
C ASP A 381 -18.83 2.00 -3.97
N THR A 382 -19.05 2.34 -5.21
CA THR A 382 -19.57 1.37 -6.19
C THR A 382 -18.58 0.23 -6.45
N ILE A 383 -19.11 -0.98 -6.57
CA ILE A 383 -18.31 -2.15 -6.94
C ILE A 383 -18.63 -2.64 -8.36
N ILE A 384 -17.59 -2.77 -9.19
CA ILE A 384 -17.71 -3.32 -10.51
C ILE A 384 -16.98 -4.65 -10.45
N ASP A 385 -17.76 -5.72 -10.36
CA ASP A 385 -17.22 -7.07 -10.19
C ASP A 385 -17.57 -7.88 -11.43
N HIS A 386 -16.60 -7.90 -12.33
CA HIS A 386 -16.64 -8.49 -13.67
C HIS A 386 -17.42 -7.68 -14.70
N THR A 387 -16.69 -6.90 -15.47
CA THR A 387 -17.27 -6.22 -16.62
C THR A 387 -16.40 -6.46 -17.84
N TRP A 388 -17.02 -6.59 -19.01
CA TRP A 388 -16.27 -6.53 -20.29
C TRP A 388 -16.91 -5.42 -21.09
N VAL A 389 -16.09 -4.42 -21.40
CA VAL A 389 -16.55 -3.21 -22.05
C VAL A 389 -15.73 -3.17 -23.35
N TRP A 390 -16.41 -3.46 -24.46
CA TRP A 390 -15.76 -3.91 -25.68
C TRP A 390 -16.25 -3.20 -26.94
N ARG A 391 -15.37 -2.43 -27.55
CA ARG A 391 -15.65 -1.84 -28.83
C ARG A 391 -15.27 -2.92 -29.82
N ALA A 392 -16.24 -3.38 -30.61
CA ALA A 392 -16.03 -4.58 -31.44
C ALA A 392 -14.83 -4.41 -32.38
N ASP A 393 -13.96 -5.42 -32.43
CA ASP A 393 -12.84 -5.41 -33.37
C ASP A 393 -13.07 -6.27 -34.57
N HIS A 394 -14.21 -6.95 -34.64
CA HIS A 394 -14.58 -7.77 -35.78
C HIS A 394 -16.09 -7.88 -35.78
N GLY A 395 -16.63 -8.45 -36.85
CA GLY A 395 -18.08 -8.50 -37.06
C GLY A 395 -18.50 -7.54 -38.15
N GLU A 396 -19.76 -7.12 -38.10
CA GLU A 396 -20.24 -6.07 -38.99
C GLU A 396 -20.55 -4.78 -38.28
N GLY A 397 -20.39 -3.68 -39.02
CA GLY A 397 -20.62 -2.37 -38.46
C GLY A 397 -19.42 -1.90 -37.68
N VAL A 398 -18.23 -2.37 -38.07
CA VAL A 398 -17.01 -2.01 -37.36
C VAL A 398 -16.04 -1.24 -38.26
N GLY A 399 -15.30 -0.34 -37.64
CA GLY A 399 -14.38 0.50 -38.35
C GLY A 399 -14.01 1.71 -37.51
N TRP A 400 -12.83 2.26 -37.81
CA TRP A 400 -12.24 3.33 -36.96
C TRP A 400 -13.24 4.45 -36.78
N GLU A 401 -14.04 4.66 -37.80
CA GLU A 401 -14.97 5.77 -37.77
C GLU A 401 -16.41 5.10 -37.65
N THR A 402 -16.65 3.96 -38.32
CA THR A 402 -17.97 3.30 -38.28
C THR A 402 -18.52 2.91 -36.88
N ASN A 403 -17.74 2.22 -36.07
CA ASN A 403 -18.14 1.98 -34.68
C ASN A 403 -17.21 2.71 -33.71
N ARG A 404 -16.84 3.93 -34.10
CA ARG A 404 -16.10 4.78 -33.18
C ARG A 404 -16.72 4.87 -31.78
N ALA A 405 -15.87 4.69 -30.78
CA ALA A 405 -16.26 4.80 -29.39
C ALA A 405 -15.06 5.30 -28.59
N ASP A 406 -15.12 6.53 -28.13
CA ASP A 406 -13.91 7.17 -27.61
C ASP A 406 -13.43 6.60 -26.26
N TYR A 407 -14.36 6.40 -25.33
CA TYR A 407 -14.03 6.16 -23.94
C TYR A 407 -14.79 4.94 -23.40
N GLY A 408 -14.10 4.07 -22.68
CA GLY A 408 -14.77 2.86 -22.15
C GLY A 408 -15.44 3.08 -20.81
N VAL A 409 -14.62 3.15 -19.76
CA VAL A 409 -15.08 3.41 -18.43
C VAL A 409 -14.44 4.67 -17.91
N HIS A 410 -15.28 5.51 -17.29
CA HIS A 410 -14.83 6.71 -16.59
C HIS A 410 -15.26 6.61 -15.14
N VAL A 411 -14.33 6.48 -14.21
CA VAL A 411 -14.72 6.41 -12.80
C VAL A 411 -14.50 7.79 -12.17
N LYS A 412 -15.58 8.42 -11.74
CA LYS A 412 -15.50 9.73 -11.07
C LYS A 412 -15.74 9.66 -9.56
N GLY A 413 -16.50 8.66 -9.13
CA GLY A 413 -16.78 8.46 -7.73
C GLY A 413 -15.58 7.99 -6.91
N ASP A 414 -15.74 8.03 -5.58
CA ASP A 414 -14.70 7.71 -4.62
C ASP A 414 -14.86 6.33 -4.02
N ASN A 415 -13.73 5.74 -3.70
CA ASN A 415 -13.68 4.41 -3.09
C ASN A 415 -14.41 3.33 -3.91
N VAL A 416 -14.31 3.52 -5.21
CA VAL A 416 -14.85 2.56 -6.18
C VAL A 416 -13.86 1.41 -6.32
N LEU A 417 -14.39 0.20 -6.43
CA LEU A 417 -13.56 -1.00 -6.51
C LEU A 417 -13.96 -1.71 -7.76
N ALA A 418 -12.96 -2.07 -8.57
CA ALA A 418 -13.19 -2.90 -9.75
C ALA A 418 -12.41 -4.20 -9.57
N THR A 419 -13.10 -5.33 -9.61
CA THR A 419 -12.53 -6.65 -9.55
C THR A 419 -12.87 -7.38 -10.87
N GLY A 420 -11.85 -7.65 -11.68
CA GLY A 420 -12.11 -8.36 -12.92
C GLY A 420 -12.53 -7.39 -14.02
N LEU A 421 -11.65 -6.45 -14.35
CA LEU A 421 -11.99 -5.34 -15.26
C LEU A 421 -11.39 -5.63 -16.64
N PHE A 422 -12.24 -5.82 -17.64
CA PHE A 422 -11.79 -6.10 -19.01
C PHE A 422 -12.34 -4.96 -19.94
N VAL A 423 -11.49 -4.18 -20.60
CA VAL A 423 -11.96 -3.08 -21.42
C VAL A 423 -11.07 -2.95 -22.65
N GLU A 424 -11.67 -3.01 -23.84
CA GLU A 424 -10.86 -3.16 -25.07
C GLU A 424 -11.33 -2.32 -26.25
N HIS A 425 -10.31 -1.74 -26.90
CA HIS A 425 -10.32 -1.25 -28.29
C HIS A 425 -10.89 0.16 -28.50
N PHE A 426 -11.02 0.92 -27.44
CA PHE A 426 -11.55 2.28 -27.57
C PHE A 426 -10.63 3.23 -28.37
N ASN A 427 -11.23 4.21 -29.06
CA ASN A 427 -10.44 5.14 -29.87
C ASN A 427 -9.50 6.00 -29.02
N LYS A 428 -9.90 6.26 -27.78
CA LYS A 428 -9.09 7.01 -26.82
C LYS A 428 -8.86 6.24 -25.52
N TYR A 429 -9.08 6.85 -24.35
CA TYR A 429 -8.76 6.17 -23.11
C TYR A 429 -9.77 5.05 -22.83
N ASP A 430 -9.29 3.83 -22.72
CA ASP A 430 -10.16 2.70 -22.43
C ASP A 430 -10.75 2.89 -21.02
N VAL A 431 -9.87 3.16 -20.08
CA VAL A 431 -10.25 3.46 -18.70
C VAL A 431 -9.57 4.72 -18.21
N GLN A 432 -10.37 5.51 -17.49
CA GLN A 432 -9.99 6.84 -17.06
C GLN A 432 -10.56 6.99 -15.63
N TRP A 433 -9.70 7.28 -14.65
CA TRP A 433 -10.06 7.22 -13.25
C TRP A 433 -9.70 8.50 -12.50
N SER A 434 -10.73 9.26 -12.14
CA SER A 434 -10.44 10.56 -11.52
C SER A 434 -10.86 10.64 -10.08
N GLY A 435 -11.73 9.72 -9.65
CA GLY A 435 -12.16 9.67 -8.27
C GLY A 435 -11.01 9.28 -7.38
N GLU A 436 -11.17 9.47 -6.06
CA GLU A 436 -10.12 9.15 -5.11
C GLU A 436 -10.27 7.74 -4.52
N ASN A 437 -9.12 7.25 -4.04
CA ASN A 437 -8.88 5.88 -3.60
C ASN A 437 -9.64 4.78 -4.32
N GLY A 438 -9.54 4.84 -5.63
CA GLY A 438 -9.97 3.73 -6.43
C GLY A 438 -9.02 2.57 -6.24
N LYS A 439 -9.57 1.38 -6.45
CA LYS A 439 -8.79 0.14 -6.45
C LYS A 439 -9.23 -0.74 -7.63
N THR A 440 -8.25 -1.27 -8.38
CA THR A 440 -8.52 -2.24 -9.43
C THR A 440 -7.71 -3.51 -9.19
N ILE A 441 -8.43 -4.62 -9.07
CA ILE A 441 -7.80 -5.92 -8.98
C ILE A 441 -8.12 -6.69 -10.23
N PHE A 442 -7.07 -6.87 -11.04
CA PHE A 442 -7.08 -7.44 -12.40
C PHE A 442 -7.64 -6.51 -13.47
N TYR A 443 -6.77 -6.20 -14.44
CA TYR A 443 -7.17 -5.48 -15.67
C TYR A 443 -6.62 -6.13 -16.91
N GLN A 444 -7.50 -6.29 -17.89
CA GLN A 444 -7.11 -6.75 -19.22
C GLN A 444 -7.62 -5.74 -20.26
N ASN A 445 -6.68 -5.27 -21.07
CA ASN A 445 -6.97 -4.37 -22.18
C ASN A 445 -6.28 -4.84 -23.46
N ALA A 446 -6.94 -4.60 -24.59
CA ALA A 446 -6.27 -4.58 -25.90
C ALA A 446 -6.62 -3.25 -26.54
N LYS A 447 -5.63 -2.66 -27.17
CA LYS A 447 -5.82 -1.36 -27.81
C LYS A 447 -6.58 -1.50 -29.13
N ALA A 448 -7.14 -0.42 -29.62
CA ALA A 448 -7.78 -0.43 -30.93
C ALA A 448 -6.86 -1.04 -31.97
N TYR A 449 -7.39 -2.02 -32.70
CA TYR A 449 -6.61 -2.77 -33.67
C TYR A 449 -6.63 -1.99 -34.99
N ASP A 450 -7.67 -1.17 -35.17
CA ASP A 450 -7.99 -0.53 -36.43
C ASP A 450 -7.36 0.85 -36.70
N ALA A 451 -6.69 1.45 -35.70
CA ALA A 451 -6.08 2.77 -35.85
C ALA A 451 -5.35 2.92 -37.19
N PRO A 452 -5.69 3.95 -37.97
CA PRO A 452 -5.11 3.97 -39.32
C PRO A 452 -3.68 4.49 -39.45
N ASP A 453 -3.19 5.19 -38.43
CA ASP A 453 -1.89 5.84 -38.52
C ASP A 453 -1.65 6.58 -37.21
N GLN A 454 -0.42 7.00 -37.00
CA GLN A 454 -0.02 7.63 -35.73
C GLN A 454 -0.83 8.86 -35.36
N ALA A 455 -0.98 9.79 -36.30
CA ALA A 455 -1.58 11.09 -35.96
C ALA A 455 -3.01 10.97 -35.51
N ALA A 456 -3.67 9.91 -35.92
CA ALA A 456 -4.91 9.57 -35.24
C ALA A 456 -4.64 9.58 -33.73
N ILE A 457 -4.12 8.50 -33.21
CA ILE A 457 -4.07 8.35 -31.77
C ILE A 457 -3.19 9.38 -31.02
N GLN A 458 -2.71 10.42 -31.70
CA GLN A 458 -1.91 11.45 -31.05
C GLN A 458 -2.73 12.15 -29.96
N ASN A 459 -2.15 12.20 -28.76
CA ASN A 459 -2.80 12.61 -27.53
C ASN A 459 -1.95 13.73 -26.96
N GLY A 460 -2.01 14.91 -27.57
CA GLY A 460 -1.10 15.98 -27.20
C GLY A 460 0.29 15.66 -27.74
N ASP A 461 1.27 15.48 -26.88
CA ASP A 461 2.61 15.08 -27.34
C ASP A 461 2.86 13.62 -26.96
N ILE A 462 1.77 12.94 -26.62
CA ILE A 462 1.82 11.51 -26.35
C ILE A 462 1.25 10.81 -27.55
N LYS A 463 1.96 9.77 -28.00
CA LYS A 463 1.49 8.88 -29.05
C LYS A 463 0.53 7.88 -28.43
N GLY A 464 -0.70 7.84 -28.93
CA GLY A 464 -1.75 7.05 -28.33
C GLY A 464 -2.29 7.53 -26.99
N TYR A 465 -3.38 6.86 -26.58
CA TYR A 465 -4.07 7.09 -25.32
C TYR A 465 -3.85 5.89 -24.42
N ALA A 466 -3.54 6.16 -23.17
CA ALA A 466 -3.33 5.07 -22.24
C ALA A 466 -4.54 4.18 -22.23
N ALA A 467 -4.32 2.89 -22.04
CA ALA A 467 -5.42 1.99 -21.68
C ALA A 467 -6.05 2.27 -20.30
N TYR A 468 -5.26 2.81 -19.39
CA TYR A 468 -5.72 3.05 -18.03
C TYR A 468 -5.00 4.28 -17.53
N LYS A 469 -5.77 5.37 -17.41
CA LYS A 469 -5.28 6.61 -16.91
C LYS A 469 -5.86 7.00 -15.56
N VAL A 470 -4.97 7.20 -14.60
CA VAL A 470 -5.28 7.90 -13.38
C VAL A 470 -5.01 9.39 -13.60
N ASP A 471 -6.04 10.22 -13.42
CA ASP A 471 -5.89 11.68 -13.59
C ASP A 471 -4.68 12.23 -12.79
N ASP A 472 -3.89 13.14 -13.36
CA ASP A 472 -2.66 13.51 -12.65
C ASP A 472 -3.06 14.28 -11.35
N SER A 473 -4.31 14.75 -11.24
CA SER A 473 -4.76 15.34 -9.95
C SER A 473 -4.92 14.34 -8.79
N VAL A 474 -5.27 13.10 -9.09
CA VAL A 474 -5.64 12.11 -8.07
C VAL A 474 -4.54 11.95 -6.98
N THR A 475 -4.98 11.85 -5.72
CA THR A 475 -4.06 11.65 -4.61
C THR A 475 -3.78 10.19 -4.23
N THR A 476 -4.81 9.32 -4.20
CA THR A 476 -4.63 7.92 -3.84
C THR A 476 -5.36 7.02 -4.87
N HIS A 477 -4.69 5.94 -5.26
CA HIS A 477 -5.22 4.94 -6.19
C HIS A 477 -4.37 3.70 -5.98
N GLU A 478 -4.91 2.52 -6.25
CA GLU A 478 -4.04 1.33 -6.28
C GLU A 478 -4.56 0.27 -7.25
N GLY A 479 -3.65 -0.35 -8.00
CA GLY A 479 -3.99 -1.32 -9.02
C GLY A 479 -3.03 -2.51 -8.98
N TRP A 480 -3.59 -3.70 -9.18
CA TRP A 480 -2.85 -4.96 -9.14
C TRP A 480 -3.11 -5.81 -10.38
N GLY A 481 -2.05 -6.29 -11.02
CA GLY A 481 -2.24 -7.36 -12.00
C GLY A 481 -2.92 -6.87 -13.30
N MET A 482 -2.23 -6.04 -14.04
CA MET A 482 -2.84 -5.29 -15.11
C MET A 482 -2.01 -5.27 -16.41
N GLY A 483 -2.66 -5.63 -17.50
CA GLY A 483 -2.00 -5.73 -18.80
C GLY A 483 -2.76 -5.02 -19.92
N SER A 484 -1.96 -4.52 -20.86
CA SER A 484 -2.49 -3.92 -22.08
C SER A 484 -1.74 -4.48 -23.30
N TYR A 485 -2.50 -4.93 -24.30
CA TYR A 485 -1.91 -5.54 -25.50
C TYR A 485 -2.21 -4.70 -26.76
N CYS A 486 -1.31 -4.73 -27.72
CA CYS A 486 -1.53 -4.03 -28.99
C CYS A 486 -1.45 -4.98 -30.19
N TYR A 487 -2.11 -4.59 -31.26
CA TYR A 487 -2.24 -5.38 -32.47
C TYR A 487 -2.75 -4.43 -33.52
N PHE A 488 -1.86 -3.53 -33.88
CA PHE A 488 -2.15 -2.47 -34.82
C PHE A 488 -2.00 -3.11 -36.19
N ASN A 489 -3.01 -3.87 -36.60
CA ASN A 489 -2.85 -4.65 -37.84
C ASN A 489 -2.98 -3.75 -39.05
N VAL A 490 -3.95 -2.83 -39.02
CA VAL A 490 -4.09 -1.85 -40.09
C VAL A 490 -2.79 -1.11 -40.37
N ASN A 491 -2.12 -0.63 -39.32
CA ASN A 491 -0.86 0.09 -39.50
C ASN A 491 0.18 -0.34 -38.47
N PRO A 492 0.96 -1.38 -38.79
CA PRO A 492 1.84 -2.00 -37.82
C PRO A 492 3.14 -1.22 -37.61
N ASP A 493 3.26 -0.02 -38.17
CA ASP A 493 4.36 0.87 -37.84
C ASP A 493 4.00 1.87 -36.71
N ILE A 494 2.75 1.84 -36.24
CA ILE A 494 2.31 2.66 -35.11
C ILE A 494 3.09 2.35 -33.84
N ARG A 495 3.24 3.38 -33.01
CA ARG A 495 3.78 3.29 -31.66
C ARG A 495 2.76 3.75 -30.62
N GLN A 496 2.68 2.97 -29.54
CA GLN A 496 1.80 3.29 -28.40
C GLN A 496 2.69 3.64 -27.24
N GLN A 497 2.61 4.87 -26.72
CA GLN A 497 3.64 5.32 -25.78
C GLN A 497 3.67 4.49 -24.56
N HIS A 498 2.48 4.18 -24.03
CA HIS A 498 2.38 3.39 -22.79
C HIS A 498 1.02 2.74 -22.65
N GLY A 499 0.96 1.72 -21.78
CA GLY A 499 -0.31 1.13 -21.42
C GLY A 499 -1.04 1.89 -20.32
N PHE A 500 -0.26 2.51 -19.43
CA PHE A 500 -0.75 3.16 -18.20
C PHE A 500 -0.20 4.59 -18.07
N GLN A 501 -1.03 5.50 -17.55
CA GLN A 501 -0.64 6.89 -17.28
C GLN A 501 -1.11 7.31 -15.88
N ALA A 502 -0.23 7.91 -15.08
CA ALA A 502 -0.59 8.38 -13.71
C ALA A 502 0.39 9.45 -13.24
N PRO A 503 -0.02 10.26 -12.28
CA PRO A 503 0.96 11.12 -11.63
C PRO A 503 1.89 10.27 -10.77
N VAL A 504 3.04 10.84 -10.42
CA VAL A 504 3.96 10.25 -9.47
C VAL A 504 3.71 10.91 -8.12
N LYS A 505 3.16 10.09 -7.21
CA LYS A 505 2.68 10.51 -5.89
C LYS A 505 2.65 9.27 -5.01
N PRO A 506 3.16 9.38 -3.77
CA PRO A 506 3.19 8.16 -2.96
C PRO A 506 1.86 7.41 -2.71
N GLY A 507 0.72 8.10 -2.79
CA GLY A 507 -0.58 7.47 -2.64
C GLY A 507 -1.14 6.79 -3.91
N VAL A 508 -0.46 6.96 -5.06
CA VAL A 508 -0.82 6.34 -6.35
C VAL A 508 0.16 5.23 -6.73
N LYS A 509 -0.25 3.96 -6.63
CA LYS A 509 0.69 2.88 -6.93
C LYS A 509 0.08 1.74 -7.70
N PHE A 510 0.98 1.01 -8.34
CA PHE A 510 0.66 -0.15 -9.14
C PHE A 510 1.59 -1.28 -8.83
N HIS A 511 1.03 -2.46 -9.01
CA HIS A 511 1.69 -3.71 -8.79
C HIS A 511 1.42 -4.63 -9.93
N ASP A 512 2.52 -5.12 -10.51
CA ASP A 512 2.49 -6.11 -11.58
C ASP A 512 1.75 -5.60 -12.81
N LEU A 513 2.45 -4.74 -13.55
CA LEU A 513 1.99 -4.16 -14.81
C LEU A 513 2.70 -4.79 -16.00
N LEU A 514 1.97 -4.96 -17.08
CA LEU A 514 2.62 -5.43 -18.32
C LEU A 514 2.00 -4.86 -19.59
N VAL A 515 2.84 -4.72 -20.63
CA VAL A 515 2.34 -4.46 -21.98
C VAL A 515 2.92 -5.48 -22.92
N VAL A 516 2.17 -5.79 -23.96
CA VAL A 516 2.58 -6.80 -24.90
C VAL A 516 2.18 -6.45 -26.31
N SER A 517 3.13 -6.56 -27.24
CA SER A 517 2.81 -6.44 -28.65
C SER A 517 2.47 -7.77 -29.26
N LEU A 518 1.26 -7.89 -29.79
CA LEU A 518 0.86 -9.16 -30.36
C LEU A 518 1.56 -9.39 -31.72
N GLY A 519 2.74 -9.98 -31.67
CA GLY A 519 3.38 -10.43 -32.90
C GLY A 519 3.89 -9.30 -33.81
N GLY A 520 4.36 -8.21 -33.21
CA GLY A 520 4.99 -7.15 -33.96
C GLY A 520 4.12 -6.11 -34.60
N LYS A 521 2.81 -6.23 -34.43
CA LYS A 521 1.86 -5.27 -35.02
C LYS A 521 1.77 -4.03 -34.12
N GLY A 522 2.67 -3.08 -34.36
CA GLY A 522 2.83 -1.97 -33.47
C GLY A 522 3.74 -2.38 -32.34
N GLN A 523 4.24 -1.38 -31.61
CA GLN A 523 5.00 -1.61 -30.40
C GLN A 523 4.65 -0.57 -29.32
N TYR A 524 4.86 -0.94 -28.07
CA TYR A 524 4.82 0.01 -26.96
C TYR A 524 6.20 0.66 -26.80
N GLU A 525 6.25 1.94 -26.47
CA GLU A 525 7.49 2.64 -26.11
C GLU A 525 7.92 2.31 -24.68
N HIS A 526 6.90 2.08 -23.85
CA HIS A 526 7.05 1.94 -22.41
C HIS A 526 5.83 1.29 -21.83
N VAL A 527 5.92 0.96 -20.53
CA VAL A 527 4.81 0.36 -19.82
C VAL A 527 3.87 1.40 -19.19
N ILE A 528 4.42 2.29 -18.38
CA ILE A 528 3.66 3.37 -17.75
C ILE A 528 4.40 4.73 -17.88
N ASN A 529 3.62 5.80 -18.08
CA ASN A 529 4.18 7.10 -18.37
C ASN A 529 5.32 6.92 -19.39
N ASP A 530 6.54 7.41 -19.11
CA ASP A 530 7.71 7.07 -19.94
C ASP A 530 8.70 6.11 -19.21
N ILE A 531 8.14 5.21 -18.39
CA ILE A 531 8.86 4.14 -17.64
C ILE A 531 8.54 2.73 -18.16
N GLY A 532 9.54 1.87 -18.12
CA GLY A 532 9.43 0.50 -18.57
C GLY A 532 10.08 0.35 -19.94
N ASP A 533 10.52 -0.85 -20.26
CA ASP A 533 11.15 -1.10 -21.54
C ASP A 533 10.12 -1.06 -22.65
N PRO A 534 10.54 -0.65 -23.85
CA PRO A 534 9.62 -0.82 -24.96
C PRO A 534 9.45 -2.29 -25.26
N THR A 535 8.39 -2.68 -25.96
CA THR A 535 8.31 -4.03 -26.48
C THR A 535 9.08 -4.12 -27.80
N SER A 536 9.80 -5.22 -28.03
CA SER A 536 10.56 -5.39 -29.28
C SER A 536 10.35 -6.77 -29.90
N GLY A 537 10.75 -6.88 -31.15
CA GLY A 537 10.66 -8.14 -31.90
C GLY A 537 9.22 -8.43 -32.32
N ASP A 538 9.01 -9.62 -32.88
CA ASP A 538 7.67 -10.08 -33.26
C ASP A 538 7.24 -11.36 -32.54
N THR A 539 7.88 -11.67 -31.42
CA THR A 539 7.58 -12.93 -30.70
C THR A 539 6.82 -12.72 -29.35
N THR A 540 6.17 -11.57 -29.27
CA THR A 540 5.11 -11.30 -28.29
C THR A 540 5.57 -11.57 -26.85
N ILE A 541 6.71 -11.00 -26.49
CA ILE A 541 7.24 -11.13 -25.14
C ILE A 541 6.86 -9.90 -24.31
N PRO A 542 6.22 -10.10 -23.16
CA PRO A 542 5.77 -8.91 -22.42
C PRO A 542 6.85 -8.00 -21.87
N SER A 543 6.58 -6.71 -21.85
CA SER A 543 7.42 -5.78 -21.12
C SER A 543 6.73 -5.43 -19.79
N GLN A 544 7.52 -5.43 -18.72
CA GLN A 544 7.01 -5.70 -17.41
C GLN A 544 7.46 -4.63 -16.42
N VAL A 545 6.57 -4.27 -15.51
CA VAL A 545 6.93 -3.35 -14.42
C VAL A 545 6.34 -3.92 -13.12
N VAL A 546 7.19 -4.23 -12.13
CA VAL A 546 6.74 -4.93 -10.93
C VAL A 546 6.09 -3.97 -9.92
N SER A 547 6.74 -2.84 -9.68
CA SER A 547 6.22 -1.82 -8.75
C SER A 547 6.37 -0.43 -9.34
N PHE A 548 5.29 0.34 -9.32
CA PHE A 548 5.31 1.73 -9.69
C PHE A 548 4.64 2.51 -8.56
N PRO A 549 5.21 3.64 -8.14
CA PRO A 549 6.47 4.23 -8.65
C PRO A 549 7.67 3.39 -8.25
N VAL B 2 -13.75 16.50 19.65
CA VAL B 2 -12.76 15.45 19.94
C VAL B 2 -13.34 14.53 21.00
N VAL B 3 -12.94 13.27 20.98
CA VAL B 3 -13.22 12.36 22.10
C VAL B 3 -11.91 11.69 22.47
N GLY B 4 -11.86 11.23 23.71
CA GLY B 4 -10.75 10.47 24.20
C GLY B 4 -10.79 9.02 23.80
N GLY B 5 -9.61 8.42 23.69
CA GLY B 5 -9.51 7.09 23.17
C GLY B 5 -10.25 7.03 21.84
N GLY B 6 -10.25 5.88 21.25
CA GLY B 6 -10.82 5.80 19.94
C GLY B 6 -9.87 5.02 19.11
N ASP B 7 -10.07 5.11 17.82
CA ASP B 7 -9.87 3.88 17.11
C ASP B 7 -8.43 3.73 16.73
N LEU B 8 -7.79 2.63 17.08
CA LEU B 8 -6.30 2.54 16.90
C LEU B 8 -5.93 2.26 15.44
N GLY B 9 -6.65 1.36 14.79
CA GLY B 9 -6.68 1.37 13.35
C GLY B 9 -5.88 0.31 12.63
N PRO B 10 -5.95 0.32 11.27
CA PRO B 10 -5.49 -0.77 10.39
C PRO B 10 -4.01 -0.99 10.44
N ASN B 11 -3.29 0.13 10.57
CA ASN B 11 -1.86 0.12 10.51
C ASN B 11 -1.17 -0.23 11.82
N VAL B 12 -1.94 -0.41 12.90
CA VAL B 12 -1.44 -1.15 14.05
C VAL B 12 -1.89 -2.62 13.95
N LEU B 13 -0.94 -3.53 13.74
CA LEU B 13 -1.23 -4.96 13.68
C LEU B 13 -0.94 -5.57 15.06
N VAL B 14 -1.96 -6.14 15.69
CA VAL B 14 -1.87 -6.59 17.06
C VAL B 14 -1.94 -8.11 17.10
N PHE B 15 -0.84 -8.71 17.56
CA PHE B 15 -0.65 -10.14 17.60
C PHE B 15 -0.78 -10.69 19.01
N ASP B 16 -1.20 -11.93 19.10
CA ASP B 16 -1.33 -12.60 20.38
C ASP B 16 -0.90 -14.04 20.10
N PRO B 17 -0.85 -14.88 21.14
CA PRO B 17 -0.01 -16.00 20.75
C PRO B 17 -0.79 -17.14 20.13
N SER B 18 -1.98 -16.82 19.63
CA SER B 18 -2.85 -17.71 18.87
C SER B 18 -3.25 -17.12 17.53
N THR B 19 -2.65 -15.99 17.16
CA THR B 19 -2.97 -15.49 15.84
C THR B 19 -2.40 -16.40 14.77
N PRO B 20 -3.16 -16.59 13.69
CA PRO B 20 -2.71 -17.51 12.65
C PRO B 20 -1.59 -16.91 11.78
N ASP B 21 -0.82 -17.77 11.12
CA ASP B 21 0.39 -17.43 10.33
C ASP B 21 1.11 -16.13 10.77
N ILE B 22 1.66 -16.15 11.97
CA ILE B 22 2.40 -14.98 12.43
C ILE B 22 3.68 -14.72 11.54
N GLN B 23 4.43 -15.76 11.14
CA GLN B 23 5.61 -15.55 10.28
C GLN B 23 5.18 -14.93 8.94
N GLY B 24 4.09 -15.45 8.35
CA GLY B 24 3.75 -15.01 7.01
C GLY B 24 3.28 -13.58 7.04
N LYS B 25 2.52 -13.23 8.07
CA LYS B 25 2.06 -11.83 8.27
C LYS B 25 3.21 -10.86 8.49
N VAL B 26 4.10 -11.11 9.46
CA VAL B 26 5.22 -10.17 9.62
C VAL B 26 6.06 -10.17 8.34
N ASP B 27 6.09 -11.30 7.65
CA ASP B 27 6.75 -11.34 6.33
C ASP B 27 6.06 -10.48 5.23
N GLU B 28 4.72 -10.53 5.12
CA GLU B 28 3.96 -9.68 4.19
C GLU B 28 4.25 -8.18 4.36
N VAL B 29 4.46 -7.76 5.60
CA VAL B 29 4.85 -6.37 5.85
C VAL B 29 6.28 -6.18 5.33
N PHE B 30 7.19 -7.13 5.64
CA PHE B 30 8.59 -7.03 5.17
C PHE B 30 8.64 -7.13 3.64
N ARG B 31 7.74 -7.87 3.03
CA ARG B 31 7.72 -7.93 1.58
C ARG B 31 7.57 -6.51 1.05
N LYS B 32 6.58 -5.80 1.57
CA LYS B 32 6.29 -4.42 1.14
C LYS B 32 7.32 -3.37 1.57
N GLN B 33 7.84 -3.51 2.78
CA GLN B 33 8.61 -2.42 3.38
C GLN B 33 10.12 -2.52 3.25
N GLU B 34 10.62 -3.68 2.87
CA GLU B 34 12.05 -3.94 2.82
C GLU B 34 12.86 -2.86 2.09
N SER B 35 12.33 -2.45 0.95
CA SER B 35 13.09 -1.64 -0.01
C SER B 35 12.36 -0.31 -0.26
N ASN B 36 11.39 -0.01 0.60
CA ASN B 36 10.44 1.09 0.43
C ASN B 36 10.96 2.30 1.25
N GLN B 37 12.05 2.90 0.80
CA GLN B 37 12.78 3.83 1.64
C GLN B 37 12.03 5.17 1.88
N PHE B 38 11.30 5.59 0.88
CA PHE B 38 10.69 6.92 0.92
C PHE B 38 9.19 6.86 0.72
N GLY B 39 8.62 5.66 0.71
CA GLY B 39 7.17 5.48 0.63
C GLY B 39 6.43 6.03 1.85
N THR B 40 5.12 6.13 1.69
CA THR B 40 4.19 6.71 2.63
C THR B 40 3.57 5.63 3.55
N ASP B 41 3.80 4.35 3.25
CA ASP B 41 3.26 3.31 4.12
C ASP B 41 3.95 3.32 5.52
N ARG B 42 3.19 2.99 6.56
CA ARG B 42 3.64 2.96 7.95
C ARG B 42 3.02 1.74 8.69
N TYR B 43 3.82 1.08 9.52
CA TYR B 43 3.36 -0.09 10.26
C TYR B 43 3.82 -0.12 11.70
N ALA B 44 2.92 -0.48 12.61
CA ALA B 44 3.31 -0.85 13.98
C ALA B 44 2.81 -2.25 14.30
N LEU B 45 3.76 -3.14 14.64
CA LEU B 45 3.47 -4.53 14.96
C LEU B 45 3.63 -4.67 16.45
N MET B 46 2.51 -4.91 17.13
CA MET B 46 2.46 -4.91 18.57
C MET B 46 2.16 -6.35 19.01
N PHE B 47 2.96 -6.87 19.93
CA PHE B 47 2.80 -8.25 20.40
C PHE B 47 2.31 -8.30 21.85
N LYS B 48 1.13 -8.88 22.07
CA LYS B 48 0.61 -9.06 23.43
C LYS B 48 1.52 -9.95 24.25
N PRO B 49 1.57 -9.75 25.57
CA PRO B 49 2.44 -10.57 26.44
C PRO B 49 2.18 -12.07 26.31
N GLY B 50 3.31 -12.78 26.26
CA GLY B 50 3.32 -14.22 26.14
C GLY B 50 4.56 -14.67 25.40
N THR B 51 4.50 -15.88 24.83
CA THR B 51 5.64 -16.53 24.26
C THR B 51 5.38 -16.90 22.84
N TYR B 52 6.32 -16.56 21.97
CA TYR B 52 6.19 -16.78 20.55
C TYR B 52 7.36 -17.58 20.02
N ASN B 53 7.10 -18.78 19.49
CA ASN B 53 8.12 -19.58 18.84
C ASN B 53 8.15 -19.41 17.32
N ASP B 54 9.24 -19.91 16.76
CA ASP B 54 9.53 -19.87 15.33
C ASP B 54 9.07 -18.60 14.65
N ILE B 55 9.73 -17.56 15.11
CA ILE B 55 9.43 -16.23 14.66
C ILE B 55 10.71 -15.58 14.24
N ASN B 56 10.74 -15.15 13.00
CA ASN B 56 11.79 -14.24 12.64
C ASN B 56 11.28 -13.03 11.97
N ALA B 57 11.22 -11.99 12.77
CA ALA B 57 10.54 -10.75 12.39
C ALA B 57 11.59 -9.87 11.75
N GLN B 58 11.53 -9.83 10.44
CA GLN B 58 12.48 -9.05 9.68
C GLN B 58 11.81 -7.66 9.52
N ILE B 59 12.57 -6.62 9.85
CA ILE B 59 12.04 -5.29 10.01
C ILE B 59 12.54 -4.39 8.87
N GLY B 60 11.59 -3.95 8.04
CA GLY B 60 11.90 -3.00 6.97
C GLY B 60 11.72 -1.55 7.34
N PHE B 61 11.70 -0.70 6.31
CA PHE B 61 11.38 0.71 6.50
C PHE B 61 10.03 0.98 7.20
N TYR B 62 10.02 1.98 8.07
CA TYR B 62 8.79 2.52 8.67
C TYR B 62 7.96 1.44 9.35
N THR B 63 8.66 0.55 10.04
CA THR B 63 8.06 -0.53 10.78
C THR B 63 8.64 -0.47 12.20
N SER B 64 7.74 -0.35 13.18
CA SER B 64 8.05 -0.47 14.58
C SER B 64 7.59 -1.85 15.06
N ILE B 65 8.32 -2.40 16.00
CA ILE B 65 7.89 -3.69 16.61
C ILE B 65 8.10 -3.54 18.09
N ALA B 66 7.11 -4.00 18.87
CA ALA B 66 7.17 -3.87 20.31
C ALA B 66 6.29 -4.89 20.99
N GLY B 67 6.64 -5.15 22.25
CA GLY B 67 5.84 -5.93 23.16
C GLY B 67 4.91 -5.01 23.99
N LEU B 68 3.84 -5.60 24.49
CA LEU B 68 2.81 -4.86 25.21
C LEU B 68 2.72 -5.22 26.70
N GLY B 69 3.79 -5.80 27.24
CA GLY B 69 3.97 -5.98 28.67
C GLY B 69 4.46 -4.69 29.32
N LEU B 70 4.21 -4.54 30.61
CA LEU B 70 4.92 -3.59 31.46
C LEU B 70 6.44 -3.71 31.28
N ASN B 71 6.89 -4.96 31.35
CA ASN B 71 8.31 -5.29 31.24
C ASN B 71 8.69 -6.32 30.18
N PRO B 72 9.94 -6.24 29.73
CA PRO B 72 10.22 -6.80 28.39
C PRO B 72 10.16 -8.34 28.34
N ASP B 73 10.43 -8.96 29.48
CA ASP B 73 10.36 -10.42 29.53
C ASP B 73 8.93 -11.00 29.51
N ASP B 74 7.92 -10.14 29.70
CA ASP B 74 6.54 -10.58 29.53
C ASP B 74 6.24 -11.00 28.08
N THR B 75 7.05 -10.49 27.14
CA THR B 75 6.81 -10.73 25.71
C THR B 75 8.12 -11.25 25.12
N THR B 76 8.22 -12.59 25.02
CA THR B 76 9.45 -13.26 24.64
C THR B 76 9.28 -13.96 23.32
N PHE B 77 10.23 -13.74 22.46
CA PHE B 77 10.30 -14.43 21.19
C PHE B 77 11.40 -15.48 21.31
N ASN B 78 11.07 -16.72 20.99
CA ASN B 78 12.11 -17.71 20.71
C ASN B 78 12.38 -17.63 19.23
N GLY B 79 13.42 -16.87 18.90
CA GLY B 79 13.59 -16.34 17.56
C GLY B 79 14.15 -14.93 17.60
N ASP B 80 14.00 -14.19 16.48
CA ASP B 80 14.74 -12.95 16.27
C ASP B 80 13.91 -11.77 15.76
N VAL B 81 14.47 -10.58 15.99
CA VAL B 81 13.99 -9.34 15.39
C VAL B 81 15.18 -8.85 14.55
N THR B 82 15.08 -9.00 13.24
CA THR B 82 16.24 -8.98 12.34
C THR B 82 16.23 -7.82 11.36
N VAL B 83 17.28 -7.02 11.43
CA VAL B 83 17.58 -6.09 10.33
C VAL B 83 18.83 -6.54 9.64
N ASP B 84 18.71 -6.73 8.34
CA ASP B 84 19.82 -7.06 7.49
C ASP B 84 19.80 -6.14 6.25
N ALA B 85 20.69 -6.40 5.31
CA ALA B 85 20.97 -5.44 4.23
C ALA B 85 20.81 -6.04 2.82
N GLY B 86 20.16 -7.20 2.75
CA GLY B 86 19.86 -7.82 1.47
C GLY B 86 19.64 -6.83 0.33
N TRP B 87 18.69 -5.92 0.52
CA TRP B 87 18.20 -5.05 -0.57
C TRP B 87 19.25 -4.14 -1.10
N PHE B 88 20.27 -3.81 -0.31
CA PHE B 88 21.27 -2.86 -0.74
C PHE B 88 22.61 -3.55 -0.81
N ASP B 89 22.56 -4.83 -1.21
CA ASP B 89 23.76 -5.64 -1.45
C ASP B 89 24.75 -5.65 -0.28
N GLY B 90 24.24 -5.77 0.95
CA GLY B 90 25.10 -5.88 2.12
C GLY B 90 25.46 -4.55 2.74
N ASN B 91 25.14 -3.48 2.03
CA ASN B 91 25.37 -2.12 2.50
C ASN B 91 24.22 -1.70 3.43
N ALA B 92 24.49 -1.44 4.71
CA ALA B 92 23.41 -1.12 5.68
C ALA B 92 23.30 0.38 5.95
N THR B 93 23.97 1.20 5.16
CA THR B 93 23.98 2.64 5.43
C THR B 93 22.72 3.37 4.96
N GLN B 94 21.71 2.65 4.50
CA GLN B 94 20.42 3.28 4.30
C GLN B 94 19.32 2.57 5.13
N ASN B 95 19.72 1.81 6.14
CA ASN B 95 18.73 1.11 7.00
C ASN B 95 18.18 2.02 8.10
N PHE B 96 17.28 2.91 7.68
CA PHE B 96 16.75 3.94 8.55
C PHE B 96 15.32 3.67 9.01
N TRP B 97 14.86 4.45 9.97
CA TRP B 97 13.42 4.70 10.25
C TRP B 97 12.66 3.41 10.63
N ARG B 98 13.14 2.77 11.69
CA ARG B 98 12.46 1.60 12.20
C ARG B 98 12.79 1.46 13.69
N SER B 99 12.18 0.54 14.42
CA SER B 99 12.41 0.50 15.86
C SER B 99 12.02 -0.85 16.45
N ALA B 100 12.63 -1.16 17.58
CA ALA B 100 12.26 -2.33 18.42
C ALA B 100 12.21 -1.88 19.87
N GLU B 101 11.12 -2.22 20.57
CA GLU B 101 10.96 -1.86 21.98
C GLU B 101 10.26 -2.94 22.83
N ASN B 102 10.75 -3.16 24.04
CA ASN B 102 9.97 -3.85 25.07
C ASN B 102 9.65 -5.30 24.74
N LEU B 103 10.70 -5.99 24.30
CA LEU B 103 10.66 -7.42 23.91
C LEU B 103 11.90 -8.15 24.50
N ALA B 104 11.72 -9.44 24.81
CA ALA B 104 12.82 -10.32 25.13
C ALA B 104 13.06 -11.24 23.93
N LEU B 105 14.30 -11.38 23.51
CA LEU B 105 14.65 -12.24 22.39
C LEU B 105 15.57 -13.38 22.81
N ASN B 106 15.23 -14.58 22.37
CA ASN B 106 16.06 -15.78 22.53
C ASN B 106 16.46 -16.19 21.11
N PRO B 107 17.51 -15.54 20.59
CA PRO B 107 17.77 -15.63 19.15
C PRO B 107 18.19 -17.03 18.74
N VAL B 108 17.73 -17.43 17.58
CA VAL B 108 17.78 -18.81 17.20
C VAL B 108 19.23 -19.35 17.15
N ASN B 109 20.18 -18.58 16.61
CA ASN B 109 21.59 -19.05 16.63
C ASN B 109 22.38 -18.52 17.83
N GLY B 110 21.71 -17.91 18.80
CA GLY B 110 22.40 -17.37 19.95
C GLY B 110 22.79 -15.89 19.85
N THR B 111 22.55 -15.30 18.67
CA THR B 111 22.83 -13.89 18.45
C THR B 111 21.80 -13.28 17.52
N ASN B 112 21.25 -12.14 17.95
CA ASN B 112 20.28 -11.38 17.15
C ASN B 112 21.04 -10.38 16.28
N ARG B 113 20.59 -10.17 15.05
CA ARG B 113 21.23 -9.19 14.15
C ARG B 113 20.32 -7.94 13.97
N TRP B 114 20.84 -6.77 14.33
CA TRP B 114 20.17 -5.49 14.19
C TRP B 114 21.16 -4.56 13.46
N ALA B 115 21.28 -4.75 12.15
CA ALA B 115 22.29 -4.09 11.37
C ALA B 115 21.68 -2.82 10.80
N VAL B 116 21.52 -1.84 11.67
CA VAL B 116 20.80 -0.61 11.35
C VAL B 116 21.75 0.58 11.20
N SER B 117 21.28 1.65 10.55
CA SER B 117 21.98 2.93 10.58
C SER B 117 21.13 3.90 11.37
N GLN B 118 20.90 5.11 10.88
CA GLN B 118 20.34 6.14 11.75
C GLN B 118 18.83 5.99 11.89
N ALA B 119 18.32 6.54 13.00
CA ALA B 119 16.89 6.54 13.31
C ALA B 119 16.30 5.12 13.38
N ALA B 120 17.02 4.25 14.09
CA ALA B 120 16.61 2.86 14.32
C ALA B 120 16.83 2.43 15.77
N PRO B 121 16.13 3.11 16.69
CA PRO B 121 16.39 2.86 18.11
C PRO B 121 16.03 1.44 18.59
N PHE B 122 16.78 0.98 19.59
CA PHE B 122 16.59 -0.35 20.19
C PHE B 122 16.48 -0.03 21.67
N ARG B 123 15.25 -0.13 22.18
CA ARG B 123 14.96 0.34 23.54
C ARG B 123 14.25 -0.71 24.39
N ARG B 124 14.60 -0.73 25.66
CA ARG B 124 13.90 -1.61 26.57
C ARG B 124 13.84 -3.04 26.09
N MET B 125 14.98 -3.52 25.58
CA MET B 125 15.05 -4.88 25.07
C MET B 125 15.87 -5.75 26.01
N HIS B 126 15.51 -7.01 25.99
CA HIS B 126 16.27 -8.07 26.66
C HIS B 126 16.70 -9.07 25.61
N VAL B 127 18.00 -9.12 25.32
CA VAL B 127 18.56 -10.12 24.42
C VAL B 127 19.25 -11.25 25.20
N LYS B 128 18.67 -12.44 25.08
CA LYS B 128 19.20 -13.64 25.79
C LYS B 128 20.20 -14.34 24.86
N GLY B 129 21.25 -13.58 24.53
CA GLY B 129 22.31 -14.00 23.62
C GLY B 129 23.16 -12.78 23.31
N GLY B 130 23.89 -12.83 22.22
CA GLY B 130 24.62 -11.70 21.74
C GLY B 130 23.76 -10.81 20.88
N LEU B 131 24.40 -9.76 20.35
CA LEU B 131 23.71 -8.81 19.46
C LEU B 131 24.76 -8.34 18.47
N ASN B 132 24.57 -8.74 17.22
CA ASN B 132 25.42 -8.36 16.12
C ASN B 132 24.78 -7.15 15.39
N LEU B 133 25.58 -6.09 15.27
CA LEU B 133 25.13 -4.82 14.69
C LEU B 133 25.54 -4.66 13.23
N ALA B 134 26.24 -5.64 12.66
CA ALA B 134 26.73 -5.55 11.27
C ALA B 134 25.90 -6.44 10.35
N PRO B 135 25.72 -6.01 9.10
CA PRO B 135 25.00 -6.84 8.15
C PRO B 135 25.80 -8.09 7.83
N ASP B 136 25.11 -9.13 7.35
CA ASP B 136 25.72 -10.41 7.00
C ASP B 136 26.81 -10.09 6.02
N GLY B 137 28.03 -10.59 6.29
CA GLY B 137 29.22 -10.27 5.49
C GLY B 137 29.84 -8.87 5.58
N TYR B 138 29.49 -8.12 6.63
CA TYR B 138 30.25 -6.95 7.10
C TYR B 138 30.39 -5.73 6.18
N GLY B 139 29.40 -5.51 5.33
CA GLY B 139 29.30 -4.24 4.58
C GLY B 139 29.21 -3.03 5.51
N TRP B 140 29.19 -1.84 4.94
CA TRP B 140 29.26 -0.62 5.72
C TRP B 140 27.99 -0.39 6.57
N ALA B 141 28.17 0.30 7.70
CA ALA B 141 27.04 0.54 8.59
C ALA B 141 27.34 1.77 9.43
N SER B 142 26.30 2.56 9.70
CA SER B 142 26.46 3.85 10.36
C SER B 142 25.32 4.16 11.38
N GLY B 143 25.24 3.33 12.40
CA GLY B 143 24.25 3.46 13.46
C GLY B 143 24.75 4.41 14.52
N GLY B 144 24.23 4.37 15.75
CA GLY B 144 23.17 3.53 16.20
C GLY B 144 22.86 3.91 17.64
N TYR B 145 21.80 3.32 18.18
CA TYR B 145 21.26 3.77 19.45
C TYR B 145 20.65 2.63 20.26
N ILE B 146 21.22 2.35 21.43
CA ILE B 146 20.66 1.38 22.38
C ILE B 146 20.43 2.09 23.68
N ALA B 147 19.25 1.92 24.24
CA ALA B 147 18.98 2.42 25.59
C ALA B 147 18.11 1.48 26.40
N ASP B 148 18.32 1.52 27.72
CA ASP B 148 17.49 0.79 28.69
C ASP B 148 17.37 -0.71 28.34
N SER B 149 18.45 -1.28 27.84
CA SER B 149 18.47 -2.67 27.38
C SER B 149 19.49 -3.52 28.15
N LYS B 150 19.28 -4.83 28.09
CA LYS B 150 20.20 -5.79 28.72
C LYS B 150 20.51 -6.80 27.62
N ILE B 151 21.78 -6.85 27.23
CA ILE B 151 22.23 -7.83 26.25
C ILE B 151 23.04 -8.87 27.03
N ASP B 152 22.47 -10.04 27.30
CA ASP B 152 23.14 -11.02 28.15
C ASP B 152 24.57 -11.44 27.70
N GLY B 153 24.83 -11.49 26.39
CA GLY B 153 26.17 -11.80 25.89
C GLY B 153 26.91 -10.62 25.23
N GLU B 154 27.66 -10.88 24.16
CA GLU B 154 28.54 -9.88 23.58
C GLU B 154 27.78 -9.01 22.57
N VAL B 155 28.15 -7.74 22.52
CA VAL B 155 27.64 -6.85 21.49
C VAL B 155 28.73 -6.76 20.45
N GLY B 156 28.39 -7.05 19.20
CA GLY B 156 29.38 -7.08 18.12
C GLY B 156 29.09 -6.04 17.03
N PRO B 157 29.80 -4.91 17.04
CA PRO B 157 29.60 -3.91 15.98
C PRO B 157 30.18 -4.34 14.63
N TYR B 158 31.39 -4.89 14.68
CA TYR B 158 32.22 -5.16 13.52
C TYR B 158 32.44 -3.88 12.70
N SER B 159 31.76 -3.74 11.57
CA SER B 159 31.90 -2.60 10.66
C SER B 159 31.20 -1.30 11.08
N GLN B 160 30.36 -1.34 12.11
CA GLN B 160 29.69 -0.09 12.57
C GLN B 160 30.67 1.03 12.87
N GLN B 161 30.49 2.18 12.22
CA GLN B 161 31.45 3.26 12.40
C GLN B 161 31.46 3.77 13.81
N GLN B 162 30.25 3.94 14.34
CA GLN B 162 30.07 4.55 15.64
C GLN B 162 28.78 4.00 16.26
N TRP B 163 28.57 4.35 17.51
CA TRP B 163 27.42 3.83 18.26
C TRP B 163 27.27 4.53 19.60
N TYR B 164 26.02 4.67 20.08
CA TYR B 164 25.78 5.20 21.40
C TYR B 164 24.89 4.26 22.19
N THR B 165 25.33 3.91 23.38
CA THR B 165 24.57 3.04 24.27
C THR B 165 24.44 3.76 25.59
N ARG B 166 23.21 3.78 26.11
CA ARG B 166 23.02 4.33 27.47
C ARG B 166 22.14 3.48 28.37
N ASP B 167 22.47 3.56 29.65
CA ASP B 167 21.61 3.05 30.71
C ASP B 167 21.13 1.63 30.40
N SER B 168 22.12 0.77 30.30
CA SER B 168 21.98 -0.59 29.81
C SER B 168 23.00 -1.50 30.49
N SER B 169 22.88 -2.78 30.21
CA SER B 169 23.83 -3.80 30.65
C SER B 169 24.26 -4.62 29.43
N VAL B 170 25.56 -4.85 29.26
CA VAL B 170 26.05 -5.74 28.21
C VAL B 170 27.02 -6.79 28.79
N GLY B 171 27.03 -7.98 28.21
CA GLY B 171 27.94 -9.02 28.66
C GLY B 171 29.38 -8.68 28.34
N GLY B 172 29.57 -8.07 27.17
CA GLY B 172 30.87 -7.62 26.64
C GLY B 172 30.64 -6.81 25.40
N TRP B 173 31.72 -6.30 24.80
CA TRP B 173 31.66 -5.39 23.66
C TRP B 173 32.81 -5.68 22.70
N GLY B 174 32.48 -6.01 21.46
CA GLY B 174 33.45 -6.60 20.56
C GLY B 174 34.55 -5.71 20.02
N ASN B 175 34.24 -4.44 19.75
CA ASN B 175 35.23 -3.55 19.16
C ASN B 175 34.67 -2.16 19.03
N GLY B 176 35.60 -1.24 18.75
CA GLY B 176 35.26 0.11 18.35
C GLY B 176 35.98 0.45 17.05
N VAL B 177 35.26 1.15 16.16
CA VAL B 177 35.73 1.54 14.83
C VAL B 177 36.20 3.00 14.84
N TRP B 178 35.27 3.96 14.82
CA TRP B 178 35.62 5.38 14.99
C TRP B 178 35.18 6.05 16.32
N ASN B 179 34.00 5.68 16.82
CA ASN B 179 33.42 6.36 17.99
C ASN B 179 32.31 5.56 18.66
N MET B 180 32.66 4.79 19.69
CA MET B 180 31.70 4.01 20.46
C MET B 180 31.64 4.67 21.83
N THR B 181 30.49 5.27 22.14
CA THR B 181 30.27 6.03 23.37
C THR B 181 29.26 5.31 24.26
N PHE B 182 29.53 5.30 25.56
CA PHE B 182 28.67 4.63 26.53
C PHE B 182 28.42 5.61 27.67
N SER B 183 27.18 5.69 28.18
CA SER B 183 26.93 6.43 29.40
C SER B 183 25.97 5.60 30.27
N GLY B 184 26.37 5.34 31.49
CA GLY B 184 25.55 4.50 32.34
C GLY B 184 25.41 3.05 31.91
N VAL B 185 26.43 2.51 31.28
CA VAL B 185 26.36 1.14 30.77
C VAL B 185 27.19 0.17 31.62
N GLU B 186 26.48 -0.73 32.30
CA GLU B 186 27.14 -1.79 33.06
C GLU B 186 27.75 -2.77 32.05
N GLY B 187 29.06 -3.00 32.14
CA GLY B 187 29.76 -3.88 31.20
C GLY B 187 30.39 -3.19 30.00
N ALA B 188 30.33 -1.85 29.98
CA ALA B 188 30.96 -1.15 28.87
C ALA B 188 32.47 -1.27 29.01
N PRO B 189 33.17 -1.35 27.88
CA PRO B 189 34.60 -1.22 28.16
C PRO B 189 35.03 0.09 28.79
N ALA B 190 36.27 0.00 29.23
CA ALA B 190 36.94 1.06 29.94
C ALA B 190 37.22 2.19 28.97
N GLN B 191 37.14 3.42 29.48
CA GLN B 191 37.60 4.57 28.72
C GLN B 191 38.96 4.29 28.12
N SER B 192 39.14 4.58 26.83
CA SER B 192 40.42 4.29 26.17
C SER B 192 40.73 5.11 24.93
N PHE B 193 39.90 6.10 24.60
CA PHE B 193 40.00 6.78 23.30
C PHE B 193 41.42 7.37 23.26
N PRO B 194 42.05 7.43 22.08
CA PRO B 194 41.53 7.01 20.78
C PRO B 194 41.74 5.57 20.36
N GLU B 195 42.43 4.76 21.18
CA GLU B 195 42.91 3.38 20.83
C GLU B 195 42.56 2.29 21.87
N PRO B 196 41.49 1.48 21.65
CA PRO B 196 40.40 1.75 20.73
C PRO B 196 39.55 2.94 21.16
N PRO B 197 38.70 3.42 20.25
CA PRO B 197 37.97 4.69 20.45
C PRO B 197 36.67 4.47 21.26
N TYR B 198 36.84 4.22 22.56
CA TYR B 198 35.74 4.08 23.51
C TYR B 198 35.68 5.30 24.39
N THR B 199 34.50 5.94 24.41
CA THR B 199 34.17 7.08 25.26
C THR B 199 33.19 6.58 26.31
N THR B 200 33.59 6.58 27.58
CA THR B 200 32.87 5.83 28.60
C THR B 200 32.62 6.67 29.85
N LEU B 201 31.34 6.98 30.07
CA LEU B 201 30.86 7.72 31.22
C LEU B 201 30.14 6.78 32.16
N GLU B 202 30.48 6.81 33.45
CA GLU B 202 29.97 5.79 34.37
C GLU B 202 28.44 5.99 34.56
N THR B 203 27.94 7.21 34.54
CA THR B 203 26.48 7.45 34.63
C THR B 203 26.02 8.49 33.61
N THR B 204 24.71 8.49 33.28
CA THR B 204 24.12 9.56 32.45
C THR B 204 23.49 10.61 33.35
N PRO B 205 23.80 11.90 33.10
CA PRO B 205 23.46 12.87 34.16
C PRO B 205 21.97 12.97 34.46
N VAL B 206 21.17 12.83 33.41
CA VAL B 206 19.72 12.83 33.53
C VAL B 206 19.23 11.97 32.39
N SER B 207 18.27 11.10 32.66
CA SER B 207 17.53 10.45 31.56
C SER B 207 16.11 10.10 31.98
N ARG B 208 15.25 9.93 31.00
CA ARG B 208 13.87 9.58 31.29
C ARG B 208 13.40 8.70 30.14
N GLU B 209 13.05 7.47 30.47
CA GLU B 209 12.80 6.52 29.42
C GLU B 209 11.53 6.83 28.63
N LYS B 210 11.60 6.50 27.35
CA LYS B 210 10.53 6.80 26.36
C LYS B 210 9.18 6.20 26.85
N PRO B 211 8.09 6.99 26.82
CA PRO B 211 6.79 6.39 27.11
C PRO B 211 6.41 5.31 26.11
N PHE B 212 5.64 4.29 26.48
CA PHE B 212 5.30 3.28 25.53
C PHE B 212 3.91 2.71 25.84
N LEU B 213 3.23 2.28 24.78
CA LEU B 213 1.96 1.60 24.90
C LEU B 213 2.16 0.22 25.56
N TYR B 214 1.23 -0.15 26.43
CA TYR B 214 1.20 -1.54 26.95
C TYR B 214 -0.24 -1.96 27.27
N LEU B 215 -0.45 -3.12 27.89
CA LEU B 215 -1.80 -3.72 28.01
C LEU B 215 -2.17 -4.22 29.45
N ASP B 216 -2.37 -3.32 30.43
CA ASP B 216 -2.81 -3.78 31.76
C ASP B 216 -4.13 -4.54 31.56
N GLY B 217 -4.00 -5.85 31.32
CA GLY B 217 -5.10 -6.71 30.89
C GLY B 217 -5.36 -6.70 29.38
N ASP B 218 -6.43 -6.00 28.97
CA ASP B 218 -6.85 -5.93 27.58
C ASP B 218 -7.25 -4.50 27.10
N ASP B 219 -6.61 -3.45 27.65
CA ASP B 219 -7.19 -2.08 27.68
C ASP B 219 -6.38 -0.94 26.98
N TYR B 220 -5.09 -1.13 26.85
CA TYR B 220 -4.15 -0.11 26.46
C TYR B 220 -4.05 0.98 27.52
N LYS B 221 -2.80 1.24 27.88
CA LYS B 221 -2.36 2.34 28.72
C LYS B 221 -1.00 2.76 28.18
N VAL B 222 -0.59 3.99 28.44
CA VAL B 222 0.78 4.42 28.12
C VAL B 222 1.56 4.58 29.43
N PHE B 223 2.68 3.86 29.58
CA PHE B 223 3.56 4.04 30.71
C PHE B 223 4.44 5.24 30.49
N VAL B 224 4.57 6.07 31.52
CA VAL B 224 5.39 7.26 31.48
C VAL B 224 6.40 7.16 32.62
N PRO B 225 7.64 6.78 32.28
CA PRO B 225 8.71 6.73 33.27
C PRO B 225 9.02 8.05 33.98
N ALA B 226 9.13 8.00 35.30
CA ALA B 226 9.76 9.10 36.03
C ALA B 226 11.23 9.22 35.59
N LYS B 227 11.75 10.42 35.57
CA LYS B 227 13.17 10.59 35.20
C LYS B 227 14.11 9.92 36.18
N ARG B 228 15.38 9.95 35.79
CA ARG B 228 16.50 9.44 36.59
C ARG B 228 17.66 10.42 36.42
N THR B 229 18.41 10.60 37.50
CA THR B 229 19.64 11.37 37.46
C THR B 229 20.78 10.42 37.82
N ASN B 230 22.01 10.62 37.32
CA ASN B 230 23.08 9.68 37.65
C ASN B 230 22.74 8.27 37.17
N ALA B 231 22.05 8.16 36.03
CA ALA B 231 21.49 6.88 35.61
C ALA B 231 22.57 5.87 35.23
N ARG B 232 22.35 4.61 35.59
CA ARG B 232 23.28 3.55 35.24
C ARG B 232 22.59 2.20 35.28
N GLY B 233 22.56 1.52 34.15
CA GLY B 233 21.90 0.24 34.04
C GLY B 233 20.42 0.41 33.70
N THR B 234 19.70 -0.70 33.56
CA THR B 234 18.32 -0.62 33.11
C THR B 234 17.41 -0.09 34.22
N SER B 235 16.24 0.33 33.79
CA SER B 235 15.19 0.80 34.68
C SER B 235 14.32 -0.30 35.33
N TRP B 236 14.13 -1.44 34.66
CA TRP B 236 12.88 -2.28 34.78
C TRP B 236 12.73 -3.58 35.58
N GLY B 237 13.84 -4.32 35.67
CA GLY B 237 13.91 -5.74 36.00
C GLY B 237 14.15 -6.11 37.47
N ASN B 238 14.15 -5.09 38.31
CA ASN B 238 14.09 -5.27 39.77
C ASN B 238 12.71 -4.92 40.22
N GLY B 239 11.78 -5.75 39.76
CA GLY B 239 10.37 -5.59 40.07
C GLY B 239 9.77 -4.44 39.30
N THR B 240 10.41 -3.28 39.29
CA THR B 240 9.79 -2.18 38.58
C THR B 240 10.41 -0.87 38.22
N PRO B 241 10.07 -0.42 36.98
CA PRO B 241 10.21 0.93 36.50
C PRO B 241 9.26 1.89 37.21
N GLU B 242 9.80 3.07 37.47
CA GLU B 242 9.03 4.04 38.23
C GLU B 242 8.42 4.95 37.22
N GLY B 243 7.20 5.37 37.52
CA GLY B 243 6.48 6.26 36.64
C GLY B 243 5.01 6.02 36.82
N GLU B 244 4.31 6.41 35.75
CA GLU B 244 2.91 6.81 35.70
C GLU B 244 2.33 6.12 34.47
N SER B 245 1.11 5.60 34.57
CA SER B 245 0.50 4.88 33.41
C SER B 245 -0.92 5.38 33.03
N LEU B 246 -0.95 6.07 31.86
CA LEU B 246 -2.13 6.79 31.38
C LEU B 246 -3.06 5.90 30.58
N PRO B 247 -4.36 5.93 30.90
CA PRO B 247 -5.23 5.07 30.12
C PRO B 247 -5.44 5.62 28.71
N LEU B 248 -5.77 4.74 27.77
CA LEU B 248 -5.97 5.14 26.38
C LEU B 248 -7.10 6.17 26.25
N ASP B 249 -8.01 6.19 27.24
CA ASP B 249 -9.17 7.06 27.11
C ASP B 249 -8.82 8.52 27.18
N GLN B 250 -7.62 8.71 27.68
CA GLN B 250 -6.99 9.96 27.92
C GLN B 250 -6.17 10.49 26.75
N PHE B 251 -6.22 9.79 25.63
CA PHE B 251 -5.48 10.19 24.42
C PHE B 251 -6.43 10.45 23.29
N TYR B 252 -6.19 11.53 22.55
CA TYR B 252 -6.77 11.65 21.21
C TYR B 252 -5.94 10.75 20.30
N VAL B 253 -6.58 9.80 19.64
CA VAL B 253 -5.88 8.79 18.85
C VAL B 253 -5.86 9.27 17.41
N VAL B 254 -4.80 9.99 17.06
CA VAL B 254 -4.66 10.65 15.75
C VAL B 254 -4.68 9.68 14.56
N LYS B 255 -5.63 9.95 13.67
CA LYS B 255 -6.07 9.09 12.56
C LYS B 255 -5.99 9.88 11.24
N PRO B 256 -5.89 9.17 10.07
CA PRO B 256 -6.32 9.84 8.83
C PRO B 256 -7.65 10.63 8.94
N GLY B 257 -7.61 11.88 8.45
CA GLY B 257 -8.72 12.80 8.62
C GLY B 257 -8.30 13.98 9.50
N ALA B 258 -7.47 13.68 10.51
CA ALA B 258 -7.03 14.68 11.50
C ALA B 258 -6.37 15.94 10.94
N THR B 259 -6.62 17.03 11.64
CA THR B 259 -6.14 18.35 11.25
C THR B 259 -5.36 18.91 12.44
N ALA B 260 -4.49 19.89 12.21
CA ALA B 260 -3.82 20.57 13.32
C ALA B 260 -4.90 21.22 14.14
N GLU B 261 -5.94 21.61 13.43
CA GLU B 261 -7.15 22.10 14.02
C GLU B 261 -7.65 21.26 15.26
N THR B 262 -8.13 20.04 15.02
CA THR B 262 -8.71 19.14 16.07
C THR B 262 -7.68 18.74 17.11
N ILE B 263 -6.45 18.69 16.64
CA ILE B 263 -5.39 18.08 17.43
C ILE B 263 -5.06 19.04 18.51
N ASN B 264 -4.96 20.28 18.12
CA ASN B 264 -4.74 21.34 19.09
C ASN B 264 -5.91 21.47 20.04
N ALA B 265 -7.12 21.27 19.52
CA ALA B 265 -8.30 21.30 20.36
C ALA B 265 -8.26 20.17 21.39
N ALA B 266 -7.76 19.00 21.00
CA ALA B 266 -7.66 17.88 21.94
C ALA B 266 -6.75 18.26 23.09
N VAL B 267 -5.60 18.83 22.73
CA VAL B 267 -4.67 19.39 23.68
C VAL B 267 -5.37 20.41 24.54
N ASP B 268 -6.19 21.26 23.92
CA ASP B 268 -6.97 22.25 24.68
C ASP B 268 -7.84 21.61 25.82
N GLN B 269 -8.54 20.52 25.49
CA GLN B 269 -9.42 19.82 26.46
C GLN B 269 -8.65 19.22 27.63
N GLY B 270 -7.42 18.79 27.42
CA GLY B 270 -6.74 18.02 28.45
C GLY B 270 -6.23 16.69 27.99
N LEU B 271 -6.41 16.36 26.72
CA LEU B 271 -6.01 15.06 26.23
C LEU B 271 -4.56 15.01 25.79
N HIS B 272 -3.98 13.83 25.89
CA HIS B 272 -2.71 13.54 25.26
C HIS B 272 -2.92 13.14 23.80
N LEU B 273 -1.82 12.91 23.10
CA LEU B 273 -1.85 12.61 21.68
C LEU B 273 -1.16 11.28 21.38
N LEU B 274 -1.85 10.38 20.71
CA LEU B 274 -1.22 9.15 20.23
C LEU B 274 -1.35 9.16 18.72
N PHE B 275 -0.23 9.28 18.02
CA PHE B 275 -0.27 9.27 16.57
C PHE B 275 -0.18 7.86 16.01
N THR B 276 -1.22 7.44 15.31
CA THR B 276 -1.20 6.11 14.72
C THR B 276 -0.29 6.14 13.48
N PRO B 277 0.22 4.96 13.01
CA PRO B 277 1.10 5.03 11.86
C PRO B 277 0.43 5.58 10.63
N GLY B 278 1.01 6.65 10.14
CA GLY B 278 0.44 7.37 9.03
C GLY B 278 1.26 8.61 8.76
N VAL B 279 0.77 9.39 7.80
CA VAL B 279 1.47 10.58 7.33
C VAL B 279 0.40 11.66 7.40
N TYR B 280 0.72 12.69 8.17
CA TYR B 280 -0.21 13.74 8.56
C TYR B 280 0.23 15.12 8.07
N HIS B 281 -0.47 15.65 7.06
CA HIS B 281 -0.24 17.05 6.66
C HIS B 281 -0.97 17.98 7.63
N VAL B 282 -0.31 19.06 8.02
CA VAL B 282 -0.93 20.09 8.82
C VAL B 282 -0.79 21.45 8.10
N ASP B 283 -1.87 22.23 8.08
CA ASP B 283 -1.85 23.60 7.57
C ASP B 283 -1.51 24.66 8.61
N GLN B 284 -1.33 24.24 9.84
CA GLN B 284 -0.64 25.08 10.81
C GLN B 284 -0.02 24.28 11.93
N PRO B 285 0.73 24.98 12.80
CA PRO B 285 1.51 24.18 13.75
C PRO B 285 0.68 23.40 14.77
N ILE B 286 1.16 22.22 15.10
CA ILE B 286 0.69 21.48 16.25
C ILE B 286 1.27 22.19 17.45
N GLU B 287 0.38 22.65 18.33
CA GLU B 287 0.81 23.36 19.54
C GLU B 287 0.55 22.50 20.80
N ILE B 288 1.57 22.39 21.63
CA ILE B 288 1.45 21.68 22.88
C ILE B 288 1.83 22.69 23.98
N ASP B 289 0.78 23.28 24.54
CA ASP B 289 0.90 24.28 25.60
C ASP B 289 0.13 23.84 26.83
N ARG B 290 0.52 22.69 27.34
CA ARG B 290 -0.14 22.11 28.48
C ARG B 290 0.83 21.15 29.18
N ALA B 291 1.10 21.44 30.44
CA ALA B 291 2.12 20.70 31.15
C ALA B 291 1.83 19.19 31.14
N ASN B 292 2.90 18.41 31.04
CA ASN B 292 2.81 16.93 31.10
C ASN B 292 2.18 16.19 29.92
N THR B 293 1.91 16.90 28.85
CA THR B 293 1.37 16.30 27.64
C THR B 293 2.36 15.31 27.04
N VAL B 294 1.92 14.06 26.93
CA VAL B 294 2.57 13.07 26.06
C VAL B 294 2.10 13.16 24.60
N ALA B 295 3.05 13.23 23.68
CA ALA B 295 2.80 13.19 22.25
C ALA B 295 3.56 12.04 21.67
N LEU B 296 2.87 10.96 21.38
CA LEU B 296 3.53 9.66 21.14
C LEU B 296 3.12 9.11 19.77
N GLY B 297 4.11 8.92 18.90
CA GLY B 297 3.91 8.32 17.59
C GLY B 297 4.16 6.83 17.61
N LEU B 298 3.33 6.12 16.85
CA LEU B 298 3.49 4.72 16.52
C LEU B 298 3.96 4.51 15.08
N GLY B 299 4.78 3.48 14.86
CA GLY B 299 5.07 3.05 13.52
C GLY B 299 5.60 4.18 12.63
N LEU B 300 6.49 5.01 13.16
CA LEU B 300 7.14 6.07 12.41
C LEU B 300 6.10 7.07 11.83
N ALA B 301 5.07 7.32 12.61
CA ALA B 301 4.11 8.39 12.34
C ALA B 301 4.82 9.69 11.98
N THR B 302 4.33 10.34 10.93
CA THR B 302 5.06 11.43 10.28
C THR B 302 4.16 12.65 10.13
N ILE B 303 4.68 13.84 10.47
CA ILE B 303 3.97 15.09 10.24
C ILE B 303 4.69 15.86 9.15
N ILE B 304 3.92 16.32 8.16
CA ILE B 304 4.43 17.18 7.12
C ILE B 304 3.75 18.53 7.23
N PRO B 305 4.53 19.59 7.50
CA PRO B 305 3.88 20.91 7.49
C PRO B 305 3.70 21.47 6.08
N ASP B 306 2.51 21.98 5.78
CA ASP B 306 2.23 22.57 4.48
C ASP B 306 2.36 24.07 4.58
N ASN B 307 2.43 24.73 3.41
CA ASN B 307 2.40 26.20 3.31
C ASN B 307 3.47 26.93 4.16
N GLY B 308 4.59 26.26 4.40
CA GLY B 308 5.71 26.84 5.10
C GLY B 308 5.58 26.99 6.61
N VAL B 309 4.57 26.33 7.17
CA VAL B 309 4.33 26.47 8.60
C VAL B 309 5.32 25.61 9.41
N THR B 310 5.43 25.94 10.70
CA THR B 310 6.15 25.09 11.61
C THR B 310 5.28 23.86 11.89
N ALA B 311 5.87 22.68 12.01
CA ALA B 311 5.08 21.46 12.26
C ALA B 311 4.72 21.34 13.73
N LEU B 312 5.64 21.67 14.62
CA LEU B 312 5.41 21.39 16.03
C LEU B 312 6.00 22.48 16.92
N LYS B 313 5.14 23.03 17.80
CA LYS B 313 5.49 24.10 18.74
C LYS B 313 5.08 23.68 20.16
N VAL B 314 6.05 23.73 21.06
CA VAL B 314 5.84 23.31 22.44
C VAL B 314 5.99 24.55 23.26
N GLY B 315 5.01 24.77 24.14
CA GLY B 315 5.01 26.01 24.94
C GLY B 315 5.96 25.93 26.10
N ASP B 316 5.95 26.99 26.93
CA ASP B 316 6.88 27.13 28.06
C ASP B 316 6.35 26.42 29.32
N VAL B 317 6.15 25.11 29.18
CA VAL B 317 5.59 24.29 30.25
C VAL B 317 6.51 23.11 30.60
N ASP B 318 6.27 22.57 31.79
CA ASP B 318 6.99 21.43 32.32
C ASP B 318 6.52 20.14 31.62
N GLY B 319 7.41 19.16 31.48
CA GLY B 319 7.00 17.79 31.36
C GLY B 319 6.42 17.24 30.06
N VAL B 320 6.53 18.00 28.99
CA VAL B 320 5.99 17.56 27.72
C VAL B 320 6.92 16.47 27.19
N LYS B 321 6.34 15.36 26.75
CA LYS B 321 7.11 14.27 26.13
C LYS B 321 6.71 13.99 24.75
N VAL B 322 7.58 14.29 23.83
CA VAL B 322 7.33 14.05 22.44
C VAL B 322 8.18 12.87 22.05
N ALA B 323 7.54 11.89 21.42
CA ALA B 323 8.18 10.58 21.29
C ALA B 323 7.81 9.93 19.98
N GLY B 324 8.83 9.51 19.23
CA GLY B 324 8.66 8.64 18.10
C GLY B 324 7.95 9.19 16.89
N LEU B 325 8.30 10.43 16.52
CA LEU B 325 7.76 11.10 15.33
C LEU B 325 8.83 11.44 14.32
N LEU B 326 8.49 11.34 13.02
CA LEU B 326 9.30 11.87 11.94
C LEU B 326 8.66 13.17 11.41
N VAL B 327 9.36 14.28 11.52
CA VAL B 327 8.91 15.53 10.89
C VAL B 327 9.55 15.61 9.51
N ASP B 328 8.70 15.72 8.46
CA ASP B 328 9.11 15.55 7.04
C ASP B 328 8.82 16.92 6.35
N ALA B 329 9.86 17.66 5.97
CA ALA B 329 9.61 19.00 5.43
C ALA B 329 8.77 18.97 4.15
N GLY B 330 7.95 20.01 3.96
CA GLY B 330 7.23 20.22 2.72
C GLY B 330 8.08 21.00 1.73
N PRO B 331 7.68 21.01 0.46
CA PRO B 331 8.49 21.74 -0.54
C PRO B 331 8.52 23.25 -0.30
N VAL B 332 7.48 23.81 0.29
CA VAL B 332 7.56 25.23 0.68
C VAL B 332 8.41 25.36 1.92
N ASN B 333 9.39 26.25 1.85
CA ASN B 333 10.28 26.46 2.99
C ASN B 333 9.60 26.84 4.29
N SER B 334 9.91 26.07 5.34
CA SER B 334 9.49 26.40 6.70
C SER B 334 10.64 27.10 7.42
N GLU B 335 10.37 28.23 8.05
CA GLU B 335 11.34 28.96 8.87
C GLU B 335 11.90 28.08 9.96
N THR B 336 11.01 27.32 10.59
CA THR B 336 11.38 26.28 11.54
C THR B 336 10.51 25.06 11.37
N LEU B 337 11.04 23.86 11.71
CA LEU B 337 10.18 22.69 11.73
C LEU B 337 9.67 22.28 13.12
N VAL B 338 10.50 22.43 14.14
CA VAL B 338 10.13 22.10 15.53
C VAL B 338 10.67 23.15 16.47
N GLU B 339 9.80 23.70 17.30
CA GLU B 339 10.22 24.64 18.33
C GLU B 339 9.90 24.12 19.72
N VAL B 340 10.84 24.29 20.66
CA VAL B 340 10.59 23.86 22.01
C VAL B 340 10.78 25.06 22.91
N GLY B 341 9.65 25.64 23.28
CA GLY B 341 9.60 26.86 24.07
C GLY B 341 9.59 28.03 23.13
N SER B 342 9.25 29.20 23.63
CA SER B 342 9.32 30.35 22.74
C SER B 342 10.64 31.10 22.86
N ASP B 343 10.74 32.22 22.12
CA ASP B 343 11.97 32.99 22.07
C ASP B 343 12.27 33.84 23.32
N GLY B 344 13.45 33.62 23.90
CA GLY B 344 13.87 34.34 25.07
C GLY B 344 13.15 33.86 26.33
N ALA B 345 12.45 32.71 26.20
CA ALA B 345 11.88 31.99 27.35
C ALA B 345 12.88 31.95 28.43
N SER B 346 12.38 32.05 29.66
CA SER B 346 13.25 32.14 30.81
C SER B 346 12.55 31.66 32.07
N GLY B 347 12.22 30.40 32.02
CA GLY B 347 11.82 29.68 33.18
C GLY B 347 12.68 28.47 33.24
N ASP B 348 12.80 27.88 34.42
CA ASP B 348 13.48 26.61 34.60
C ASP B 348 12.44 25.47 34.74
N HIS B 349 12.77 24.26 34.25
CA HIS B 349 11.87 23.07 34.27
C HIS B 349 12.67 21.86 34.83
N ALA B 350 13.52 22.11 35.84
CA ALA B 350 14.57 21.14 36.15
C ALA B 350 14.01 19.88 36.81
N ALA B 351 12.95 20.02 37.61
CA ALA B 351 12.35 18.88 38.26
C ALA B 351 11.53 18.01 37.26
N ASN B 352 11.03 18.62 36.20
CA ASN B 352 10.12 17.95 35.26
C ASN B 352 10.30 18.52 33.84
N PRO B 353 11.40 18.15 33.21
CA PRO B 353 11.78 18.71 31.91
C PRO B 353 10.86 18.27 30.78
N THR B 354 10.92 19.01 29.68
CA THR B 354 10.38 18.57 28.39
C THR B 354 11.44 17.78 27.66
N SER B 355 11.02 16.75 26.95
CA SER B 355 11.94 16.07 26.06
C SER B 355 11.43 15.81 24.64
N LEU B 356 12.39 15.46 23.81
CA LEU B 356 12.17 14.91 22.51
C LEU B 356 12.96 13.59 22.51
N GLN B 357 12.31 12.51 22.11
CA GLN B 357 12.94 11.19 22.04
C GLN B 357 12.47 10.51 20.78
N ASP B 358 13.43 9.95 20.06
CA ASP B 358 13.14 9.35 18.74
C ASP B 358 12.34 10.35 17.90
N VAL B 359 12.81 11.59 17.89
CA VAL B 359 12.28 12.57 16.95
C VAL B 359 13.27 12.64 15.80
N PHE B 360 12.76 12.45 14.60
CA PHE B 360 13.57 12.43 13.43
C PHE B 360 13.07 13.50 12.48
N VAL B 361 13.98 14.23 11.87
CA VAL B 361 13.60 15.27 10.89
C VAL B 361 14.25 14.95 9.58
N ARG B 362 13.47 15.08 8.51
CA ARG B 362 13.98 14.86 7.15
C ARG B 362 13.66 16.10 6.31
N ILE B 363 14.65 16.58 5.57
CA ILE B 363 14.44 17.64 4.60
C ILE B 363 14.81 17.11 3.22
N GLY B 364 13.80 16.84 2.39
CA GLY B 364 14.04 16.29 1.06
C GLY B 364 14.13 14.79 1.04
N GLY B 365 14.23 14.19 -0.15
CA GLY B 365 14.43 12.75 -0.27
C GLY B 365 13.21 12.01 -0.83
N ALA B 366 12.02 12.36 -0.35
CA ALA B 366 10.79 11.81 -0.94
C ALA B 366 10.16 12.76 -1.98
N GLY B 367 10.90 13.81 -2.25
CA GLY B 367 10.41 14.92 -3.05
C GLY B 367 11.01 16.14 -2.39
N PRO B 368 11.04 17.30 -3.09
CA PRO B 368 11.73 18.45 -2.49
C PRO B 368 11.11 18.87 -1.18
N GLY B 369 11.99 19.25 -0.28
CA GLY B 369 11.60 19.81 0.98
C GLY B 369 12.67 20.85 1.36
N LYS B 370 12.24 21.90 2.06
CA LYS B 370 13.14 22.94 2.56
C LYS B 370 12.74 23.47 3.91
N ALA B 371 13.74 23.81 4.73
CA ALA B 371 13.54 24.51 5.99
C ALA B 371 14.80 25.25 6.40
N THR B 372 14.63 26.39 7.06
CA THR B 372 15.77 27.24 7.39
C THR B 372 16.49 26.75 8.67
N THR B 373 15.72 26.50 9.73
CA THR B 373 16.25 25.81 10.92
C THR B 373 15.30 24.70 11.27
N SER B 374 15.82 23.49 11.52
CA SER B 374 14.90 22.36 11.72
C SER B 374 14.38 22.27 13.16
N ILE B 375 15.28 22.30 14.12
CA ILE B 375 14.85 22.27 15.54
C ILE B 375 15.46 23.39 16.36
N VAL B 376 14.59 24.21 16.97
CA VAL B 376 15.04 25.24 17.93
C VAL B 376 14.65 24.80 19.30
N VAL B 377 15.62 24.80 20.17
CA VAL B 377 15.36 24.49 21.58
C VAL B 377 15.64 25.69 22.46
N ASN B 378 14.57 26.35 22.90
CA ASN B 378 14.65 27.46 23.84
C ASN B 378 14.43 27.12 25.29
N SER B 379 13.60 26.13 25.56
CA SER B 379 13.29 25.79 26.95
C SER B 379 14.48 25.26 27.74
N ASN B 380 14.72 25.89 28.88
CA ASN B 380 15.75 25.43 29.80
C ASN B 380 15.48 24.01 30.29
N ASP B 381 16.55 23.24 30.43
CA ASP B 381 16.54 21.89 31.01
C ASP B 381 15.96 20.79 30.10
N THR B 382 15.67 21.16 28.87
CA THR B 382 15.19 20.21 27.85
C THR B 382 16.18 19.09 27.61
N ILE B 383 15.62 17.89 27.47
CA ILE B 383 16.42 16.71 27.10
C ILE B 383 16.09 16.25 25.65
N ILE B 384 17.14 16.07 24.84
CA ILE B 384 17.01 15.57 23.48
C ILE B 384 17.69 14.22 23.51
N ASP B 385 16.90 13.16 23.55
CA ASP B 385 17.43 11.82 23.79
C ASP B 385 17.11 10.98 22.56
N HIS B 386 18.08 10.92 21.66
CA HIS B 386 17.96 10.31 20.32
C HIS B 386 17.22 11.14 19.28
N THR B 387 17.98 11.93 18.54
CA THR B 387 17.45 12.55 17.32
C THR B 387 18.33 12.32 16.10
N TRP B 388 17.71 12.25 14.93
CA TRP B 388 18.40 12.33 13.65
C TRP B 388 17.75 13.45 12.88
N VAL B 389 18.55 14.46 12.56
CA VAL B 389 18.08 15.67 11.87
C VAL B 389 18.91 15.66 10.59
N TRP B 390 18.22 15.36 9.49
CA TRP B 390 18.87 14.90 8.27
C TRP B 390 18.38 15.65 7.05
N ARG B 391 19.29 16.40 6.45
CA ARG B 391 19.04 17.00 5.15
C ARG B 391 19.38 15.93 4.13
N ALA B 392 18.43 15.50 3.32
CA ALA B 392 18.66 14.30 2.54
C ALA B 392 19.84 14.45 1.58
N ASP B 393 20.69 13.43 1.51
CA ASP B 393 21.78 13.40 0.56
C ASP B 393 21.48 12.53 -0.66
N HIS B 394 20.33 11.89 -0.70
CA HIS B 394 19.95 11.01 -1.81
C HIS B 394 18.45 10.90 -1.82
N GLY B 395 17.91 10.41 -2.92
CA GLY B 395 16.46 10.35 -3.06
C GLY B 395 15.98 11.27 -4.18
N GLU B 396 14.73 11.71 -4.07
CA GLU B 396 14.04 12.56 -5.03
C GLU B 396 13.93 13.94 -4.33
N GLY B 397 14.15 15.02 -5.06
CA GLY B 397 14.03 16.35 -4.47
C GLY B 397 15.24 16.78 -3.69
N VAL B 398 16.40 16.41 -4.22
CA VAL B 398 17.69 16.46 -3.58
C VAL B 398 18.62 17.40 -4.39
N GLY B 399 19.29 18.36 -3.71
CA GLY B 399 20.21 19.30 -4.37
C GLY B 399 20.58 20.52 -3.53
N TRP B 400 21.74 21.10 -3.84
CA TRP B 400 22.31 22.21 -3.07
C TRP B 400 21.31 23.32 -2.87
N GLU B 401 20.46 23.57 -3.86
CA GLU B 401 19.34 24.51 -3.73
C GLU B 401 17.98 23.80 -3.55
N THR B 402 17.80 22.71 -4.28
CA THR B 402 16.51 22.01 -4.34
C THR B 402 15.95 21.62 -2.97
N ASN B 403 16.83 21.13 -2.09
CA ASN B 403 16.48 20.86 -0.72
C ASN B 403 17.44 21.55 0.25
N ARG B 404 17.77 22.80 -0.05
CA ARG B 404 18.60 23.56 0.87
C ARG B 404 17.98 23.61 2.26
N ALA B 405 18.87 23.54 3.24
CA ALA B 405 18.49 23.67 4.63
C ALA B 405 19.71 24.16 5.38
N ASP B 406 19.72 25.42 5.79
CA ASP B 406 20.95 25.99 6.37
C ASP B 406 21.37 25.42 7.70
N TYR B 407 20.40 25.28 8.61
CA TYR B 407 20.70 24.96 10.01
C TYR B 407 19.91 23.81 10.57
N GLY B 408 20.61 22.88 11.22
CA GLY B 408 19.94 21.68 11.70
C GLY B 408 19.23 21.90 13.02
N VAL B 409 20.03 22.13 14.04
CA VAL B 409 19.56 22.31 15.42
C VAL B 409 20.21 23.53 16.01
N HIS B 410 19.39 24.33 16.71
CA HIS B 410 19.88 25.51 17.40
C HIS B 410 19.40 25.43 18.84
N VAL B 411 20.34 25.27 19.75
CA VAL B 411 19.98 25.21 21.18
C VAL B 411 20.22 26.58 21.82
N LYS B 412 19.14 27.21 22.27
CA LYS B 412 19.21 28.52 22.95
C LYS B 412 18.96 28.44 24.44
N GLY B 413 18.37 27.35 24.90
CA GLY B 413 18.02 27.17 26.31
C GLY B 413 19.26 26.80 27.14
N ASP B 414 19.17 26.99 28.46
CA ASP B 414 20.21 26.61 29.40
C ASP B 414 19.97 25.22 29.96
N ASN B 415 21.04 24.57 30.36
CA ASN B 415 21.01 23.22 30.91
C ASN B 415 20.33 22.22 30.00
N VAL B 416 20.55 22.36 28.71
CA VAL B 416 19.99 21.41 27.77
C VAL B 416 20.94 20.23 27.65
N LEU B 417 20.37 19.03 27.57
CA LEU B 417 21.18 17.80 27.47
C LEU B 417 20.75 17.10 26.20
N ALA B 418 21.73 16.76 25.37
CA ALA B 418 21.51 15.90 24.23
C ALA B 418 22.28 14.61 24.43
N THR B 419 21.57 13.48 24.34
CA THR B 419 22.19 12.16 24.40
C THR B 419 21.83 11.41 23.11
N GLY B 420 22.83 11.12 22.29
CA GLY B 420 22.59 10.47 20.99
C GLY B 420 22.11 11.46 19.95
N LEU B 421 22.99 12.39 19.63
CA LEU B 421 22.70 13.47 18.66
C LEU B 421 23.28 13.12 17.30
N PHE B 422 22.43 12.94 16.29
CA PHE B 422 22.85 12.68 14.89
C PHE B 422 22.31 13.82 14.00
N VAL B 423 23.18 14.59 13.37
CA VAL B 423 22.73 15.71 12.56
C VAL B 423 23.62 15.82 11.31
N GLU B 424 23.01 15.79 10.13
CA GLU B 424 23.83 15.70 8.91
C GLU B 424 23.35 16.51 7.71
N HIS B 425 24.36 17.03 7.01
CA HIS B 425 24.31 17.56 5.64
C HIS B 425 23.75 18.97 5.44
N PHE B 426 23.66 19.78 6.51
CA PHE B 426 23.14 21.13 6.38
C PHE B 426 24.08 22.06 5.59
N ASN B 427 23.49 23.04 4.89
CA ASN B 427 24.25 24.01 4.10
C ASN B 427 25.13 24.91 4.91
N LYS B 428 24.78 25.11 6.17
CA LYS B 428 25.55 25.93 7.11
C LYS B 428 25.83 25.09 8.38
N TYR B 429 25.80 25.66 9.58
CA TYR B 429 26.08 24.89 10.76
C TYR B 429 25.04 23.82 11.06
N ASP B 430 25.48 22.60 11.27
CA ASP B 430 24.50 21.54 11.52
C ASP B 430 23.91 21.74 12.89
N VAL B 431 24.79 22.02 13.86
CA VAL B 431 24.40 22.25 15.24
C VAL B 431 25.06 23.49 15.75
N GLN B 432 24.24 24.33 16.37
CA GLN B 432 24.76 25.44 17.12
C GLN B 432 24.15 25.66 18.43
N TRP B 433 25.00 26.04 19.35
CA TRP B 433 24.64 26.06 20.74
C TRP B 433 25.05 27.40 21.33
N SER B 434 24.04 28.14 21.78
CA SER B 434 24.21 29.47 22.39
C SER B 434 23.79 29.54 23.85
N GLY B 435 23.07 28.53 24.34
CA GLY B 435 22.70 28.48 25.73
C GLY B 435 23.81 27.98 26.65
N GLU B 436 23.67 28.28 27.93
CA GLU B 436 24.65 27.90 28.93
C GLU B 436 24.50 26.45 29.42
N ASN B 437 25.62 25.89 29.85
CA ASN B 437 25.69 24.55 30.50
C ASN B 437 25.06 23.48 29.69
N GLY B 438 25.16 23.62 28.38
CA GLY B 438 24.82 22.54 27.50
C GLY B 438 25.79 21.35 27.65
N LYS B 439 25.24 20.16 27.46
CA LYS B 439 26.02 18.92 27.43
C LYS B 439 25.55 18.08 26.26
N THR B 440 26.50 17.54 25.50
CA THR B 440 26.23 16.55 24.45
C THR B 440 27.03 15.27 24.73
N ILE B 441 26.32 14.16 24.86
CA ILE B 441 26.93 12.85 24.95
C ILE B 441 26.60 12.09 23.67
N PHE B 442 27.65 11.91 22.87
CA PHE B 442 27.62 11.32 21.52
C PHE B 442 27.04 12.23 20.45
N TYR B 443 27.87 12.51 19.44
CA TYR B 443 27.48 13.29 18.25
C TYR B 443 28.04 12.62 17.00
N GLN B 444 27.16 12.38 16.03
CA GLN B 444 27.57 11.96 14.69
C GLN B 444 27.06 12.96 13.68
N ASN B 445 28.01 13.52 12.92
CA ASN B 445 27.72 14.40 11.78
C ASN B 445 28.41 13.93 10.49
N ALA B 446 27.76 14.19 9.36
CA ALA B 446 28.41 14.19 8.05
C ALA B 446 28.03 15.49 7.39
N LYS B 447 29.03 16.20 6.86
CA LYS B 447 28.79 17.44 6.16
C LYS B 447 27.98 17.23 4.86
N ALA B 448 27.52 18.34 4.30
CA ALA B 448 26.80 18.28 3.02
C ALA B 448 27.73 17.71 1.96
N TYR B 449 27.24 16.93 1.00
CA TYR B 449 28.11 16.38 -0.07
C TYR B 449 28.15 17.26 -1.31
N ASP B 450 27.08 18.06 -1.50
CA ASP B 450 26.84 18.79 -2.76
C ASP B 450 27.31 20.22 -2.82
N ALA B 451 28.10 20.62 -1.84
CA ALA B 451 28.72 21.92 -1.90
C ALA B 451 29.40 22.03 -3.25
N PRO B 452 29.02 23.01 -4.06
CA PRO B 452 29.54 22.99 -5.44
C PRO B 452 30.98 23.50 -5.57
N ASP B 453 31.41 24.27 -4.60
CA ASP B 453 32.70 24.91 -4.60
C ASP B 453 32.94 25.66 -3.27
N GLN B 454 34.20 26.00 -3.04
CA GLN B 454 34.63 26.55 -1.78
C GLN B 454 33.86 27.82 -1.29
N ALA B 455 33.62 28.78 -2.19
CA ALA B 455 32.95 30.01 -1.76
C ALA B 455 31.56 29.72 -1.26
N ALA B 456 30.95 28.72 -1.84
CA ALA B 456 29.55 28.43 -1.56
C ALA B 456 29.37 27.96 -0.12
N ILE B 457 30.49 27.63 0.54
CA ILE B 457 30.49 27.33 1.98
C ILE B 457 31.46 28.22 2.76
N GLN B 458 31.87 29.33 2.15
CA GLN B 458 32.73 30.26 2.86
C GLN B 458 31.88 30.81 4.01
N ASN B 459 32.54 31.09 5.12
CA ASN B 459 31.83 31.49 6.34
C ASN B 459 32.69 32.62 6.94
N GLY B 460 32.75 33.78 6.24
CA GLY B 460 33.63 34.88 6.63
C GLY B 460 35.12 34.56 6.47
N ASP B 461 35.89 34.53 7.58
CA ASP B 461 37.32 34.17 7.56
C ASP B 461 37.57 32.66 7.87
N ILE B 462 36.57 31.85 7.52
CA ILE B 462 36.61 30.40 7.72
C ILE B 462 36.10 29.59 6.51
N LYS B 463 36.88 28.55 6.13
CA LYS B 463 36.50 27.60 5.08
C LYS B 463 35.41 26.66 5.70
N GLY B 464 34.18 26.80 5.26
CA GLY B 464 33.09 25.93 5.69
C GLY B 464 32.47 26.36 7.02
N TYR B 465 31.35 25.73 7.35
CA TYR B 465 30.68 25.93 8.67
C TYR B 465 30.88 24.71 9.56
N ALA B 466 31.23 24.92 10.81
CA ALA B 466 31.34 23.82 11.76
C ALA B 466 30.09 22.93 11.78
N ALA B 467 30.33 21.64 11.97
CA ALA B 467 29.24 20.70 12.31
C ALA B 467 28.64 21.00 13.68
N TYR B 468 29.45 21.53 14.57
CA TYR B 468 29.02 21.81 15.93
C TYR B 468 29.75 23.05 16.41
N LYS B 469 28.98 24.15 16.55
CA LYS B 469 29.49 25.41 17.00
C LYS B 469 28.89 25.84 18.30
N VAL B 470 29.77 26.16 19.23
CA VAL B 470 29.40 26.82 20.47
C VAL B 470 29.69 28.31 20.35
N ASP B 471 28.69 29.14 20.65
CA ASP B 471 28.85 30.61 20.52
C ASP B 471 30.03 31.05 21.41
N ASP B 472 30.73 32.12 21.04
CA ASP B 472 31.91 32.57 21.80
C ASP B 472 31.53 33.25 23.10
N SER B 473 30.28 33.65 23.17
CA SER B 473 29.74 34.22 24.38
C SER B 473 29.47 33.18 25.50
N VAL B 474 29.39 31.91 25.15
CA VAL B 474 29.06 30.90 26.16
C VAL B 474 30.14 30.71 27.24
N THR B 475 29.74 30.67 28.53
CA THR B 475 30.64 30.36 29.66
C THR B 475 30.98 28.88 29.75
N THR B 476 29.96 28.06 29.58
CA THR B 476 30.02 26.70 30.08
C THR B 476 29.39 25.75 29.06
N HIS B 477 30.09 24.65 28.74
CA HIS B 477 29.61 23.65 27.77
C HIS B 477 30.49 22.41 27.86
N GLU B 478 29.93 21.23 27.62
CA GLU B 478 30.76 20.03 27.60
C GLU B 478 30.20 19.00 26.64
N GLY B 479 31.07 18.37 25.85
CA GLY B 479 30.66 17.39 24.89
C GLY B 479 31.62 16.20 24.93
N TRP B 480 31.08 15.02 24.69
CA TRP B 480 31.86 13.77 24.75
C TRP B 480 31.54 12.92 23.53
N GLY B 481 32.58 12.42 22.85
CA GLY B 481 32.36 11.40 21.83
C GLY B 481 31.71 11.91 20.55
N MET B 482 32.43 12.77 19.85
CA MET B 482 31.84 13.52 18.77
C MET B 482 32.66 13.42 17.50
N GLY B 483 31.98 13.08 16.41
CA GLY B 483 32.65 12.95 15.11
C GLY B 483 31.94 13.66 13.97
N SER B 484 32.73 14.28 13.09
CA SER B 484 32.20 14.87 11.86
C SER B 484 32.94 14.28 10.64
N TYR B 485 32.19 13.85 9.62
CA TYR B 485 32.77 13.23 8.43
C TYR B 485 32.45 14.05 7.19
N CYS B 486 33.38 14.06 6.23
CA CYS B 486 33.11 14.73 4.94
C CYS B 486 33.19 13.81 3.75
N TYR B 487 32.40 14.15 2.75
CA TYR B 487 32.33 13.43 1.47
C TYR B 487 31.89 14.38 0.37
N PHE B 488 32.84 15.20 -0.04
CA PHE B 488 32.55 16.27 -1.00
C PHE B 488 32.68 15.76 -2.43
N ASN B 489 31.58 15.13 -2.88
CA ASN B 489 31.46 14.42 -4.19
C ASN B 489 30.70 15.22 -5.26
N VAL B 490 30.70 16.51 -5.08
CA VAL B 490 30.46 17.33 -6.21
C VAL B 490 31.85 17.82 -6.52
N ASN B 491 32.61 18.16 -5.46
CA ASN B 491 33.90 18.79 -5.65
C ASN B 491 34.90 18.44 -4.57
N PRO B 492 35.67 17.36 -4.79
CA PRO B 492 36.59 16.90 -3.74
C PRO B 492 37.77 17.80 -3.47
N ASP B 493 37.93 18.89 -4.22
CA ASP B 493 39.00 19.83 -3.92
C ASP B 493 38.67 20.73 -2.75
N ILE B 494 37.42 20.65 -2.26
CA ILE B 494 36.98 21.44 -1.12
C ILE B 494 37.73 21.11 0.16
N ARG B 495 37.83 22.12 1.00
CA ARG B 495 38.44 22.01 2.31
C ARG B 495 37.46 22.53 3.35
N GLN B 496 37.29 21.75 4.44
CA GLN B 496 36.49 22.09 5.59
C GLN B 496 37.47 22.48 6.71
N GLN B 497 37.39 23.69 7.24
CA GLN B 497 38.43 24.12 8.21
C GLN B 497 38.39 23.21 9.41
N HIS B 498 37.20 22.98 9.95
CA HIS B 498 37.09 22.18 11.17
C HIS B 498 35.73 21.55 11.33
N GLY B 499 35.67 20.54 12.21
CA GLY B 499 34.42 19.88 12.54
C GLY B 499 33.66 20.64 13.61
N PHE B 500 34.41 21.22 14.54
CA PHE B 500 33.89 21.83 15.76
C PHE B 500 34.50 23.23 15.92
N GLN B 501 33.72 24.15 16.48
CA GLN B 501 34.17 25.48 16.81
C GLN B 501 33.60 25.94 18.18
N ALA B 502 34.46 26.53 19.00
CA ALA B 502 34.07 26.89 20.34
C ALA B 502 35.04 27.89 20.95
N PRO B 503 34.55 28.62 21.96
CA PRO B 503 35.48 29.51 22.65
C PRO B 503 36.42 28.79 23.56
N VAL B 504 37.54 29.46 23.86
CA VAL B 504 38.64 28.85 24.57
C VAL B 504 38.60 29.36 26.03
N LYS B 505 38.03 28.59 26.95
CA LYS B 505 37.59 29.07 28.24
C LYS B 505 37.47 27.92 29.24
N PRO B 506 37.62 28.20 30.54
CA PRO B 506 37.71 27.14 31.56
C PRO B 506 36.51 26.21 31.56
N GLY B 507 35.33 26.78 31.39
CA GLY B 507 34.11 26.01 31.57
C GLY B 507 33.64 25.35 30.28
N VAL B 508 34.40 25.49 29.18
CA VAL B 508 34.11 24.75 27.92
C VAL B 508 35.12 23.61 27.71
N LYS B 509 34.64 22.38 27.76
CA LYS B 509 35.50 21.19 27.67
C LYS B 509 34.91 20.22 26.64
N PHE B 510 35.77 19.69 25.79
CA PHE B 510 35.37 18.58 24.91
C PHE B 510 36.27 17.38 25.15
N HIS B 511 35.72 16.21 24.89
CA HIS B 511 36.36 14.96 25.12
C HIS B 511 36.13 14.05 23.94
N ASP B 512 37.22 13.58 23.32
CA ASP B 512 37.16 12.53 22.31
C ASP B 512 36.43 13.06 21.08
N LEU B 513 37.14 13.93 20.36
CA LEU B 513 36.69 14.50 19.09
C LEU B 513 37.43 13.82 17.91
N LEU B 514 36.75 13.67 16.78
CA LEU B 514 37.38 13.18 15.56
C LEU B 514 36.74 13.80 14.33
N VAL B 515 37.56 13.96 13.31
CA VAL B 515 37.03 14.21 11.97
C VAL B 515 37.61 13.24 10.97
N VAL B 516 36.86 12.99 9.89
CA VAL B 516 37.22 11.92 8.96
C VAL B 516 36.82 12.32 7.52
N SER B 517 37.77 12.21 6.58
CA SER B 517 37.43 12.31 5.16
C SER B 517 37.13 10.93 4.60
N LEU B 518 35.94 10.75 4.04
CA LEU B 518 35.62 9.48 3.37
C LEU B 518 36.25 9.33 1.97
N GLY B 519 37.38 8.64 1.84
CA GLY B 519 37.85 8.33 0.51
C GLY B 519 38.51 9.55 -0.10
N GLY B 520 38.89 10.53 0.73
CA GLY B 520 39.60 11.72 0.27
C GLY B 520 38.76 12.68 -0.54
N LYS B 521 37.45 12.58 -0.37
CA LYS B 521 36.51 13.47 -1.01
C LYS B 521 36.42 14.74 -0.17
N GLY B 522 37.35 15.64 -0.45
CA GLY B 522 37.58 16.77 0.41
C GLY B 522 38.49 16.37 1.54
N GLN B 523 38.92 17.37 2.33
CA GLN B 523 39.67 17.14 3.54
C GLN B 523 39.32 18.21 4.59
N TYR B 524 39.48 17.82 5.85
CA TYR B 524 39.47 18.79 6.97
C TYR B 524 40.84 19.41 7.17
N GLU B 525 40.92 20.70 7.54
CA GLU B 525 42.22 21.34 7.86
C GLU B 525 42.61 21.14 9.33
N HIS B 526 41.60 21.03 10.18
CA HIS B 526 41.77 20.87 11.62
C HIS B 526 40.57 20.09 12.18
N VAL B 527 40.64 19.78 13.47
CA VAL B 527 39.55 19.08 14.16
C VAL B 527 38.59 20.09 14.79
N ILE B 528 39.14 20.98 15.62
CA ILE B 528 38.37 22.00 16.34
C ILE B 528 39.13 23.32 16.37
N ASN B 529 38.46 24.41 15.95
CA ASN B 529 39.11 25.70 15.80
C ASN B 529 40.30 25.47 14.87
N ASP B 530 41.52 25.90 15.24
CA ASP B 530 42.71 25.59 14.41
C ASP B 530 43.59 24.53 15.04
N ILE B 531 42.97 23.74 15.89
CA ILE B 531 43.65 22.67 16.60
C ILE B 531 43.14 21.35 16.00
N GLY B 532 44.08 20.41 15.88
CA GLY B 532 43.82 19.10 15.27
C GLY B 532 44.60 18.98 13.96
N ASP B 533 45.10 17.77 13.68
CA ASP B 533 45.70 17.47 12.39
C ASP B 533 44.67 17.65 11.29
N PRO B 534 45.12 18.15 10.12
CA PRO B 534 44.26 17.98 8.95
C PRO B 534 44.12 16.49 8.67
N THR B 535 43.07 16.12 7.94
CA THR B 535 42.98 14.78 7.39
C THR B 535 43.87 14.76 6.17
N SER B 536 44.29 13.57 5.76
CA SER B 536 45.16 13.47 4.61
C SER B 536 45.04 12.08 4.02
N GLY B 537 45.43 11.95 2.76
CA GLY B 537 45.32 10.68 2.05
C GLY B 537 43.88 10.37 1.65
N ASP B 538 43.69 9.17 1.10
CA ASP B 538 42.35 8.72 0.72
C ASP B 538 41.92 7.43 1.39
N THR B 539 42.61 6.99 2.44
CA THR B 539 42.14 5.75 3.10
C THR B 539 41.12 5.93 4.21
N THR B 540 40.88 7.14 4.68
CA THR B 540 39.83 7.40 5.69
C THR B 540 40.33 7.26 7.13
N ILE B 541 41.47 7.87 7.39
CA ILE B 541 42.04 7.93 8.74
C ILE B 541 41.51 9.06 9.54
N PRO B 542 40.84 8.75 10.68
CA PRO B 542 40.39 9.90 11.49
C PRO B 542 41.53 10.75 11.97
N SER B 543 41.27 12.03 12.11
CA SER B 543 42.17 12.93 12.83
C SER B 543 41.48 13.18 14.14
N GLN B 544 42.21 12.95 15.23
CA GLN B 544 41.59 12.87 16.55
C GLN B 544 42.15 13.93 17.51
N VAL B 545 41.27 14.40 18.41
CA VAL B 545 41.70 15.21 19.59
C VAL B 545 41.08 14.60 20.87
N VAL B 546 41.92 14.24 21.84
CA VAL B 546 41.41 13.60 23.04
C VAL B 546 40.68 14.59 23.95
N SER B 547 41.33 15.72 24.18
CA SER B 547 40.81 16.76 25.07
C SER B 547 41.00 18.11 24.42
N PHE B 548 40.02 18.99 24.57
CA PHE B 548 40.15 20.35 24.11
C PHE B 548 39.55 21.25 25.19
N PRO B 549 40.35 22.23 25.72
CA PRO B 549 41.81 22.39 25.49
C PRO B 549 42.70 21.57 26.44
C2 BGC C . 1.22 -27.74 -25.54
C3 BGC C . 1.21 -26.91 -24.36
C4 BGC C . 0.59 -27.60 -23.17
C5 BGC C . 1.14 -29.01 -23.03
C6 BGC C . 0.44 -29.81 -21.99
C1 BGC C . 1.80 -29.11 -25.29
O1 BGC C . 1.72 -29.84 -26.38
O2 BGC C . 2.00 -27.17 -26.60
O3 BGC C . 0.54 -25.60 -24.67
O4 BGC C . 0.80 -26.88 -22.00
O5 BGC C . 1.05 -29.76 -24.22
O6 BGC C . 1.05 -31.06 -21.72
C2 BGC C . 0.60 -23.25 -24.81
C3 BGC C . 1.24 -21.99 -24.37
C4 BGC C . 1.51 -21.91 -22.94
C5 BGC C . 2.13 -23.23 -22.48
C6 BGC C . 2.36 -23.34 -21.02
C1 BGC C . 1.28 -24.50 -24.30
O2 BGC C . 0.53 -23.34 -26.22
O3 BGC C . 0.28 -20.95 -24.81
O4 BGC C . 2.39 -20.81 -22.62
O5 BGC C . 1.32 -24.36 -22.88
O6 BGC C . 2.97 -24.55 -20.55
C2 BGC C . -0.14 -18.77 -25.79
C3 BGC C . 0.51 -17.62 -26.46
C4 BGC C . 1.62 -17.09 -25.65
C5 BGC C . 2.55 -18.23 -25.26
C6 BGC C . 3.69 -17.91 -24.40
C1 BGC C . 0.88 -19.89 -25.52
O2 BGC C . -1.18 -19.35 -26.61
O3 BGC C . -0.54 -16.57 -26.57
O4 BGC C . 2.36 -16.11 -26.38
O5 BGC C . 1.85 -19.31 -24.63
O6 BGC C . 4.69 -18.91 -24.47
C2 BGC C . -2.10 -15.23 -27.84
C3 BGC C . -2.38 -14.51 -29.13
C4 BGC C . -1.13 -14.03 -29.82
C5 BGC C . -0.12 -15.18 -29.89
C6 BGC C . 1.22 -14.76 -30.52
C1 BGC C . -0.96 -16.24 -27.88
O2 BGC C . -3.27 -15.89 -27.38
O3 BGC C . -3.18 -13.36 -28.79
O4 BGC C . -1.39 -13.58 -31.12
O5 BGC C . 0.17 -15.62 -28.56
O6 BGC C . 2.08 -15.85 -30.79
C2 BGC C . -5.32 -12.27 -28.89
C3 BGC C . -6.36 -11.66 -29.78
C4 BGC C . -5.73 -11.03 -30.95
C5 BGC C . -4.78 -11.98 -31.64
C6 BGC C . -4.02 -11.26 -32.75
C1 BGC C . -4.30 -13.11 -29.60
O2 BGC C . -5.91 -13.09 -27.90
O3 BGC C . -7.09 -10.54 -29.08
O4 BGC C . -6.71 -10.53 -31.82
O5 BGC C . -3.76 -12.36 -30.72
O6 BGC C . -2.95 -12.01 -33.31
C2 BGC C . -9.11 -9.69 -28.20
C3 BGC C . -10.58 -9.68 -28.40
C4 BGC C . -10.97 -9.93 -29.77
C5 BGC C . -10.41 -11.30 -30.11
C6 BGC C . -10.89 -11.81 -31.41
C1 BGC C . -8.41 -10.88 -28.84
O2 BGC C . -8.82 -9.65 -26.80
O3 BGC C . -11.09 -8.35 -28.08
O4 BGC C . -12.41 -9.89 -29.96
O5 BGC C . -8.94 -11.14 -30.16
O6 BGC C . -11.04 -10.94 -32.45
C2 BGC D . -5.17 -32.54 -30.27
C3 BGC D . -5.56 -31.70 -31.38
C4 BGC D . -4.44 -30.87 -31.94
C5 BGC D . -3.15 -31.64 -32.12
C6 BGC D . -2.02 -30.69 -32.34
C1 BGC D . -3.98 -33.38 -30.61
O1 BGC D . -3.63 -34.09 -29.54
O2 BGC D . -6.25 -33.35 -29.81
O3 BGC D . -6.72 -30.93 -30.90
O4 BGC D . -4.74 -30.25 -33.18
O5 BGC D . -2.86 -32.54 -31.05
O6 BGC D . -1.73 -30.31 -33.66
C2 BGC D . -8.94 -30.11 -31.51
C3 BGC D . -9.77 -29.35 -32.51
C4 BGC D . -9.03 -28.25 -33.17
C5 BGC D . -7.60 -28.62 -33.57
C6 BGC D . -6.84 -27.49 -34.07
C1 BGC D . -7.47 -30.41 -31.92
O2 BGC D . -9.57 -31.34 -31.16
O3 BGC D . -11.04 -28.94 -31.96
O4 BGC D . -9.69 -27.86 -34.35
O5 BGC D . -6.84 -29.22 -32.47
O6 BGC D . -5.46 -27.67 -34.09
C2 BGC D . -12.86 -29.88 -30.65
C3 BGC D . -14.04 -30.79 -30.73
C4 BGC D . -14.79 -30.73 -32.01
C5 BGC D . -13.94 -30.65 -33.26
C6 BGC D . -14.73 -30.31 -34.51
C1 BGC D . -12.02 -29.89 -31.92
O2 BGC D . -12.04 -30.21 -29.54
O3 BGC D . -14.97 -30.50 -29.61
O4 BGC D . -15.58 -31.89 -32.15
O5 BGC D . -12.84 -29.71 -33.11
O6 BGC D . -15.64 -29.27 -34.43
C2 BGC D . -15.63 -31.39 -27.45
C3 BGC D . -16.30 -32.51 -26.78
C4 BGC D . -17.61 -32.83 -27.42
C5 BGC D . -17.35 -33.10 -28.90
C6 BGC D . -18.55 -33.49 -29.66
C1 BGC D . -15.44 -31.62 -28.94
O2 BGC D . -14.35 -31.07 -26.87
O3 BGC D . -16.50 -32.20 -25.39
O4 BGC D . -18.24 -33.98 -26.81
O5 BGC D . -16.76 -31.94 -29.50
O6 BGC D . -19.52 -32.51 -29.89
C2 BGC D . -15.15 -32.11 -23.41
C3 BGC D . -14.43 -32.89 -22.42
C4 BGC D . -15.19 -34.01 -21.83
C5 BGC D . -15.91 -34.78 -22.89
C6 BGC D . -16.94 -35.72 -22.37
C1 BGC D . -15.74 -32.96 -24.50
O2 BGC D . -14.30 -31.11 -24.03
O3 BGC D . -13.89 -32.05 -21.37
O4 BGC D . -14.28 -34.92 -21.17
O5 BGC D . -16.58 -33.95 -23.87
O6 BGC D . -17.31 -36.72 -23.31
C2 BGC E . 35.64 -9.01 8.29
C3 BGC E . 35.71 -8.20 9.48
C4 BGC E . 35.04 -8.88 10.61
C5 BGC E . 35.55 -10.31 10.75
C6 BGC E . 34.85 -11.06 11.84
C1 BGC E . 36.13 -10.43 8.46
O1 BGC E . 35.92 -11.10 7.35
O2 BGC E . 36.33 -8.44 7.16
O3 BGC E . 35.07 -6.88 9.18
O4 BGC E . 35.27 -8.20 11.81
O5 BGC E . 35.40 -11.06 9.54
O6 BGC E . 35.49 -12.24 12.26
C2 BGC E . 35.12 -4.53 8.96
C3 BGC E . 35.74 -3.26 9.40
C4 BGC E . 36.06 -3.22 10.82
C5 BGC E . 36.67 -4.52 11.31
C6 BGC E . 36.80 -4.62 12.77
C1 BGC E . 35.83 -5.78 9.46
O2 BGC E . 35.13 -4.54 7.55
O3 BGC E . 34.76 -2.20 9.03
O4 BGC E . 36.98 -2.16 11.19
O5 BGC E . 35.93 -5.69 10.88
O6 BGC E . 37.56 -5.72 13.24
C2 BGC E . 34.29 -0.05 8.02
C3 BGC E . 34.96 1.10 7.36
C4 BGC E . 36.10 1.64 8.11
C5 BGC E . 37.02 0.49 8.43
C6 BGC E . 38.18 0.94 9.24
C1 BGC E . 35.30 -1.14 8.32
O2 BGC E . 33.27 -0.65 7.17
O3 BGC E . 33.95 2.17 7.29
O4 BGC E . 36.88 2.59 7.33
O5 BGC E . 36.33 -0.55 9.16
O6 BGC E . 39.18 -0.06 9.24
C2 BGC E . 32.48 3.63 6.17
C3 BGC E . 32.20 4.31 4.86
C4 BGC E . 33.46 4.78 4.17
C5 BGC E . 34.44 3.61 4.09
C6 BGC E . 35.77 4.02 3.46
C1 BGC E . 33.56 2.58 6.04
O2 BGC E . 31.36 2.96 6.78
O3 BGC E . 31.35 5.43 5.14
O4 BGC E . 33.20 5.30 2.87
O5 BGC E . 34.73 3.17 5.42
O6 BGC E . 36.58 2.88 3.13
C2 BGC E . 29.35 6.69 4.97
C3 BGC E . 28.22 7.14 4.12
C4 BGC E . 28.75 7.72 2.86
C5 BGC E . 29.66 6.72 2.17
C6 BGC E . 30.44 7.33 1.02
C1 BGC E . 30.26 5.72 4.28
O2 BGC E . 28.83 6.07 6.12
O3 BGC E . 27.47 8.20 4.87
O4 BGC E . 27.69 8.11 2.00
O5 BGC E . 30.73 6.36 3.05
O6 BGC E . 30.92 6.38 0.09
C2 BGC E . 25.43 9.10 5.74
C3 BGC E . 23.96 9.12 5.50
C4 BGC E . 23.67 8.98 4.09
C5 BGC E . 24.13 7.59 3.66
C6 BGC E . 23.78 7.39 2.24
C1 BGC E . 26.11 7.93 5.04
O2 BGC E . 25.72 9.10 7.13
O3 BGC E . 23.42 10.43 5.89
O4 BGC E . 22.26 9.14 3.85
O5 BGC E . 25.58 7.62 3.75
O6 BGC E . 24.51 8.16 1.36
C2 BGC F . 28.76 -14.21 3.77
C3 BGC F . 28.76 -13.06 2.87
C4 BGC F . 30.08 -12.40 2.80
C5 BGC F . 31.06 -13.44 2.29
C6 BGC F . 32.40 -12.89 1.95
C1 BGC F . 29.90 -15.17 3.49
O1 BGC F . 30.06 -16.03 4.51
O2 BGC F . 27.50 -14.87 3.62
O3 BGC F . 27.67 -12.16 3.27
O4 BGC F . 30.10 -11.26 1.97
O5 BGC F . 31.17 -14.49 3.26
O6 BGC F . 32.77 -11.67 2.52
C2 BGC F . 25.43 -11.50 2.56
C3 BGC F . 24.60 -10.75 1.54
C4 BGC F . 25.36 -9.64 0.93
C5 BGC F . 26.79 -9.98 0.49
C6 BGC F . 27.48 -8.80 0.03
C1 BGC F . 26.94 -11.74 2.20
O2 BGC F . 24.78 -12.70 2.93
O3 BGC F . 23.32 -10.27 2.06
O4 BGC F . 24.62 -9.14 -0.18
O5 BGC F . 27.61 -10.60 1.52
O6 BGC F . 28.68 -9.09 -0.62
C2 BGC F . 21.42 -11.12 3.30
C3 BGC F . 20.20 -11.97 3.19
C4 BGC F . 19.40 -11.66 2.00
C5 BGC F . 20.24 -11.62 0.71
C6 BGC F . 19.47 -11.17 -0.51
C1 BGC F . 22.26 -11.14 2.02
O2 BGC F . 22.23 -11.49 4.38
O3 BGC F . 19.39 -11.76 4.38
O4 BGC F . 18.33 -12.56 1.86
O5 BGC F . 21.42 -10.80 0.88
O6 BGC F . 18.66 -10.05 -0.37
C2 BGC F . 18.77 -12.63 6.50
C3 BGC F . 18.08 -13.77 7.16
C4 BGC F . 16.76 -14.03 6.54
C5 BGC F . 16.94 -14.27 5.03
C6 BGC F . 15.70 -14.42 4.26
C1 BGC F . 18.92 -12.87 5.03
O2 BGC F . 20.04 -12.32 7.13
O3 BGC F . 17.91 -13.43 8.55
O4 BGC F . 16.11 -15.14 7.18
O5 BGC F . 17.62 -13.17 4.44
O6 BGC F . 14.95 -13.26 4.07
C2 BGC F . 19.38 -13.30 10.47
C3 BGC F . 20.11 -14.15 11.41
C4 BGC F . 19.33 -15.27 11.97
C5 BGC F . 18.64 -16.01 10.89
C6 BGC F . 17.71 -17.05 11.40
C1 BGC F . 18.71 -14.15 9.42
O2 BGC F . 20.26 -12.35 9.81
O3 BGC F . 20.74 -13.39 12.48
O4 BGC F . 20.17 -16.19 12.68
O5 BGC F . 17.89 -15.11 10.09
O6 BGC F . 17.45 -18.05 10.43
C1 EDO G . -4.70 3.95 -29.50
O1 EDO G . -3.97 4.65 -28.48
C2 EDO G . -6.18 4.37 -29.49
O2 EDO G . -6.65 4.39 -28.14
H11 EDO G . -4.23 4.12 -30.46
H12 EDO G . -4.66 2.87 -29.30
HO1 EDO G . -3.08 4.30 -28.44
H21 EDO G . -6.76 3.69 -30.09
H22 EDO G . -6.27 5.38 -29.91
HO2 EDO G . -7.61 4.35 -28.13
C1 EDO H . 29.74 23.29 4.87
O1 EDO H . 30.75 23.94 5.64
C2 EDO H . 28.28 23.45 5.37
O2 EDO H . 28.08 24.64 6.13
H11 EDO H . 29.98 22.22 4.87
H12 EDO H . 29.83 23.64 3.84
HO1 EDO H . 31.60 23.82 5.21
H21 EDO H . 27.98 22.59 5.97
H22 EDO H . 27.63 23.47 4.50
HO2 EDO H . 27.31 25.06 5.76
N GLU A 1 -50.36 -0.14 -12.59
CA GLU A 1 -49.76 -0.96 -11.55
C GLU A 1 -49.29 -2.25 -12.17
N VAL A 2 -48.03 -2.28 -12.55
CA VAL A 2 -47.45 -3.50 -13.05
C VAL A 2 -47.62 -4.48 -11.90
N VAL A 3 -47.96 -5.73 -12.24
CA VAL A 3 -48.12 -6.80 -11.28
C VAL A 3 -46.71 -7.40 -11.10
N GLY A 4 -46.49 -8.23 -10.11
CA GLY A 4 -45.23 -8.95 -10.04
C GLY A 4 -45.43 -10.39 -10.45
N GLY A 5 -44.33 -11.11 -10.59
CA GLY A 5 -44.36 -12.54 -10.72
C GLY A 5 -44.90 -12.93 -12.07
N GLY A 6 -45.07 -14.23 -12.30
CA GLY A 6 -45.49 -14.72 -13.60
C GLY A 6 -44.49 -15.72 -14.15
N ASP A 7 -44.89 -16.31 -15.26
CA ASP A 7 -44.17 -17.39 -15.92
C ASP A 7 -42.91 -16.76 -16.55
N LEU A 8 -41.83 -17.53 -16.69
CA LEU A 8 -40.59 -16.92 -17.21
C LEU A 8 -40.48 -16.96 -18.73
N GLY A 9 -41.47 -17.54 -19.38
CA GLY A 9 -41.55 -17.47 -20.80
C GLY A 9 -40.71 -18.49 -21.55
N PRO A 10 -40.69 -18.39 -22.89
CA PRO A 10 -40.17 -19.49 -23.70
C PRO A 10 -38.66 -19.48 -24.03
N ASN A 11 -37.88 -18.56 -23.47
CA ASN A 11 -36.42 -18.64 -23.66
C ASN A 11 -35.71 -19.15 -22.39
N VAL A 12 -36.48 -19.56 -21.40
CA VAL A 12 -35.93 -20.16 -20.20
C VAL A 12 -36.40 -21.60 -20.10
N LEU A 13 -35.43 -22.49 -20.19
CA LEU A 13 -35.68 -23.91 -20.27
C LEU A 13 -35.45 -24.51 -18.88
N VAL A 14 -36.51 -25.04 -18.28
CA VAL A 14 -36.47 -25.52 -16.90
C VAL A 14 -36.53 -27.05 -16.88
N PHE A 15 -35.46 -27.68 -16.43
CA PHE A 15 -35.34 -29.12 -16.48
C PHE A 15 -35.48 -29.74 -15.11
N ASP A 16 -36.02 -30.96 -15.07
CA ASP A 16 -35.89 -31.82 -13.89
C ASP A 16 -35.09 -33.08 -14.20
N PRO A 17 -34.65 -33.82 -13.15
CA PRO A 17 -33.77 -34.93 -13.53
C PRO A 17 -34.45 -36.19 -14.17
N SER A 18 -35.76 -36.12 -14.45
CA SER A 18 -36.48 -37.12 -15.26
C SER A 18 -37.14 -36.51 -16.50
N THR A 19 -36.88 -35.23 -16.77
CA THR A 19 -37.45 -34.57 -17.93
C THR A 19 -36.99 -35.26 -19.21
N PRO A 20 -37.90 -35.46 -20.18
CA PRO A 20 -37.37 -36.28 -21.27
C PRO A 20 -36.32 -35.64 -22.19
N ASP A 21 -35.30 -36.43 -22.48
CA ASP A 21 -34.32 -36.19 -23.55
C ASP A 21 -33.45 -34.94 -23.33
N ILE A 22 -33.14 -34.68 -22.05
CA ILE A 22 -32.35 -33.49 -21.66
C ILE A 22 -31.16 -33.25 -22.56
N GLN A 23 -30.37 -34.29 -22.72
CA GLN A 23 -29.21 -34.16 -23.58
C GLN A 23 -29.68 -33.64 -24.93
N GLY A 24 -30.51 -34.43 -25.63
CA GLY A 24 -31.08 -33.98 -26.87
C GLY A 24 -31.51 -32.52 -26.78
N LYS A 25 -32.21 -32.12 -25.72
CA LYS A 25 -32.69 -30.74 -25.59
C LYS A 25 -31.55 -29.73 -25.49
N VAL A 26 -30.61 -30.01 -24.61
CA VAL A 26 -29.54 -29.05 -24.43
C VAL A 26 -28.75 -28.97 -25.72
N ASP A 27 -28.47 -30.11 -26.34
CA ASP A 27 -27.62 -30.23 -27.52
C ASP A 27 -28.26 -29.55 -28.77
N GLU A 28 -29.58 -29.63 -28.84
CA GLU A 28 -30.40 -28.87 -29.77
C GLU A 28 -29.98 -27.38 -29.72
N VAL A 29 -29.93 -26.84 -28.51
CA VAL A 29 -29.59 -25.42 -28.30
C VAL A 29 -28.13 -25.12 -28.75
N PHE A 30 -27.18 -25.99 -28.40
CA PHE A 30 -25.79 -25.76 -28.80
C PHE A 30 -25.59 -25.78 -30.33
N ARG A 31 -26.25 -26.67 -31.06
CA ARG A 31 -26.11 -26.71 -32.54
C ARG A 31 -26.52 -25.33 -33.09
N LYS A 32 -27.58 -24.75 -32.53
CA LYS A 32 -28.03 -23.41 -32.96
C LYS A 32 -27.07 -22.29 -32.51
N GLN A 33 -26.52 -22.42 -31.30
CA GLN A 33 -25.82 -21.29 -30.68
C GLN A 33 -24.30 -21.35 -30.86
N GLU A 34 -23.77 -22.48 -31.29
CA GLU A 34 -22.34 -22.71 -31.28
C GLU A 34 -21.55 -21.63 -32.03
N SER A 35 -21.96 -21.29 -33.23
CA SER A 35 -21.21 -20.27 -33.98
C SER A 35 -22.00 -18.98 -34.13
N ASN A 36 -23.06 -18.87 -33.33
CA ASN A 36 -24.02 -17.77 -33.40
C ASN A 36 -23.54 -16.49 -32.71
N GLN A 37 -22.42 -15.96 -33.20
CA GLN A 37 -21.69 -14.99 -32.40
C GLN A 37 -22.46 -13.68 -32.18
N PHE A 38 -23.21 -13.27 -33.19
CA PHE A 38 -23.84 -11.96 -33.19
C PHE A 38 -25.39 -11.98 -33.32
N GLY A 39 -25.98 -13.16 -33.32
CA GLY A 39 -27.43 -13.26 -33.46
C GLY A 39 -28.16 -12.80 -32.20
N THR A 40 -29.49 -12.68 -32.29
CA THR A 40 -30.32 -12.12 -31.26
C THR A 40 -30.93 -13.20 -30.36
N ASP A 41 -30.66 -14.45 -30.68
CA ASP A 41 -31.23 -15.54 -29.92
C ASP A 41 -30.53 -15.66 -28.55
N ARG A 42 -31.30 -16.01 -27.52
CA ARG A 42 -30.84 -16.01 -26.13
C ARG A 42 -31.48 -17.18 -25.41
N TYR A 43 -30.73 -17.86 -24.53
CA TYR A 43 -31.33 -18.89 -23.66
C TYR A 43 -30.71 -19.01 -22.30
N ALA A 44 -31.54 -19.41 -21.36
CA ALA A 44 -31.09 -19.74 -20.02
C ALA A 44 -31.59 -21.13 -19.77
N LEU A 45 -30.65 -21.99 -19.44
CA LEU A 45 -30.92 -23.40 -19.12
C LEU A 45 -30.87 -23.54 -17.62
N MET A 46 -31.97 -23.97 -17.01
CA MET A 46 -32.06 -23.97 -15.57
C MET A 46 -32.48 -25.32 -15.07
N PHE A 47 -31.67 -25.84 -14.16
CA PHE A 47 -31.83 -27.21 -13.65
C PHE A 47 -32.29 -27.23 -12.18
N LYS A 48 -33.44 -27.88 -11.95
CA LYS A 48 -33.98 -28.04 -10.58
C LYS A 48 -33.02 -28.91 -9.72
N PRO A 49 -33.04 -28.74 -8.40
CA PRO A 49 -32.15 -29.51 -7.52
C PRO A 49 -32.32 -31.01 -7.72
N GLY A 50 -31.19 -31.71 -7.77
CA GLY A 50 -31.16 -33.15 -7.94
C GLY A 50 -29.92 -33.66 -8.69
N THR A 51 -30.04 -34.89 -9.21
CA THR A 51 -28.95 -35.62 -9.85
C THR A 51 -29.23 -35.97 -11.27
N TYR A 52 -28.30 -35.51 -12.11
CA TYR A 52 -28.37 -35.60 -13.54
C TYR A 52 -27.22 -36.44 -14.03
N ASN A 53 -27.54 -37.62 -14.58
CA ASN A 53 -26.52 -38.51 -15.13
C ASN A 53 -26.40 -38.37 -16.65
N ASP A 54 -25.25 -38.77 -17.21
CA ASP A 54 -25.06 -38.94 -18.66
C ASP A 54 -25.31 -37.66 -19.45
N ILE A 55 -24.71 -36.57 -18.98
CA ILE A 55 -24.98 -35.26 -19.55
C ILE A 55 -23.64 -34.61 -19.92
N ASN A 56 -23.57 -34.05 -21.12
CA ASN A 56 -22.45 -33.22 -21.54
C ASN A 56 -23.09 -31.99 -22.15
N ALA A 57 -23.32 -30.96 -21.33
CA ALA A 57 -24.00 -29.76 -21.82
C ALA A 57 -23.00 -28.74 -22.34
N GLN A 58 -22.76 -28.80 -23.65
CA GLN A 58 -21.86 -27.85 -24.27
C GLN A 58 -22.62 -26.55 -24.45
N ILE A 59 -21.96 -25.46 -24.10
CA ILE A 59 -22.58 -24.15 -24.02
C ILE A 59 -22.04 -23.26 -25.16
N GLY A 60 -22.95 -22.76 -25.99
CA GLY A 60 -22.57 -21.88 -27.08
C GLY A 60 -22.79 -20.41 -26.69
N PHE A 61 -22.83 -19.55 -27.71
CA PHE A 61 -23.10 -18.14 -27.49
C PHE A 61 -24.45 -17.89 -26.81
N TYR A 62 -24.44 -16.91 -25.94
CA TYR A 62 -25.65 -16.37 -25.32
C TYR A 62 -26.50 -17.43 -24.66
N THR A 63 -25.81 -18.36 -24.01
CA THR A 63 -26.44 -19.42 -23.24
C THR A 63 -25.88 -19.34 -21.82
N SER A 64 -26.79 -19.23 -20.85
CA SER A 64 -26.49 -19.36 -19.43
C SER A 64 -26.99 -20.74 -18.94
N ILE A 65 -26.23 -21.36 -18.08
CA ILE A 65 -26.65 -22.63 -17.46
C ILE A 65 -26.51 -22.49 -15.98
N ALA A 66 -27.52 -22.94 -15.24
CA ALA A 66 -27.46 -22.85 -13.80
C ALA A 66 -28.33 -23.85 -13.10
N GLY A 67 -27.96 -24.07 -11.86
CA GLY A 67 -28.76 -24.84 -10.92
C GLY A 67 -29.68 -23.95 -10.08
N LEU A 68 -30.71 -24.55 -9.51
CA LEU A 68 -31.75 -23.82 -8.78
C LEU A 68 -31.85 -24.20 -7.31
N GLY A 69 -30.78 -24.77 -6.75
CA GLY A 69 -30.71 -25.04 -5.31
C GLY A 69 -30.37 -23.73 -4.62
N LEU A 70 -30.23 -23.73 -3.30
CA LEU A 70 -29.71 -22.54 -2.62
C LEU A 70 -28.21 -22.65 -2.68
N ASN A 71 -27.73 -23.86 -3.00
CA ASN A 71 -26.31 -24.21 -2.92
C ASN A 71 -25.82 -25.13 -4.07
N PRO A 72 -24.56 -24.98 -4.48
CA PRO A 72 -24.24 -25.67 -5.75
C PRO A 72 -24.40 -27.21 -5.68
N ASP A 73 -24.11 -27.76 -4.51
CA ASP A 73 -24.14 -29.21 -4.39
C ASP A 73 -25.60 -29.77 -4.42
N ASP A 74 -26.59 -28.88 -4.37
CA ASP A 74 -28.01 -29.26 -4.51
C ASP A 74 -28.31 -29.81 -5.92
N THR A 75 -27.53 -29.35 -6.90
CA THR A 75 -27.79 -29.68 -8.31
C THR A 75 -26.49 -30.19 -8.91
N THR A 76 -26.39 -31.52 -9.05
CA THR A 76 -25.17 -32.18 -9.48
C THR A 76 -25.28 -32.89 -10.82
N PHE A 77 -24.32 -32.59 -11.67
CA PHE A 77 -24.18 -33.30 -12.94
C PHE A 77 -23.08 -34.35 -12.75
N ASN A 78 -23.41 -35.61 -13.02
CA ASN A 78 -22.43 -36.63 -13.29
C ASN A 78 -22.19 -36.51 -14.78
N GLY A 79 -21.23 -35.66 -15.08
CA GLY A 79 -21.08 -35.11 -16.42
C GLY A 79 -20.46 -33.73 -16.39
N ASP A 80 -20.65 -32.99 -17.49
CA ASP A 80 -19.81 -31.85 -17.84
C ASP A 80 -20.65 -30.63 -18.28
N VAL A 81 -20.10 -29.45 -18.00
CA VAL A 81 -20.58 -28.19 -18.57
C VAL A 81 -19.39 -27.68 -19.40
N THR A 82 -19.48 -27.85 -20.71
CA THR A 82 -18.31 -27.81 -21.60
C THR A 82 -18.33 -26.60 -22.52
N VAL A 83 -17.23 -25.87 -22.57
CA VAL A 83 -16.95 -24.93 -23.65
C VAL A 83 -15.63 -25.34 -24.29
N ASP A 84 -15.64 -25.46 -25.60
CA ASP A 84 -14.44 -25.75 -26.37
C ASP A 84 -14.52 -24.90 -27.65
N ALA A 85 -13.57 -25.08 -28.55
CA ALA A 85 -13.42 -24.16 -29.68
C ALA A 85 -13.54 -24.83 -31.06
N GLY A 86 -14.29 -25.92 -31.15
CA GLY A 86 -14.47 -26.62 -32.43
C GLY A 86 -14.83 -25.69 -33.60
N TRP A 87 -15.74 -24.75 -33.34
CA TRP A 87 -16.30 -23.94 -34.42
C TRP A 87 -15.30 -22.95 -35.00
N PHE A 88 -14.13 -22.83 -34.36
CA PHE A 88 -13.09 -21.87 -34.74
C PHE A 88 -11.70 -22.56 -34.79
N ASP A 89 -11.64 -23.75 -35.41
CA ASP A 89 -10.45 -24.61 -35.45
C ASP A 89 -9.59 -24.46 -34.20
N GLY A 90 -10.21 -24.62 -33.04
CA GLY A 90 -9.45 -24.66 -31.80
C GLY A 90 -8.91 -23.36 -31.25
N ASN A 91 -9.26 -22.24 -31.87
CA ASN A 91 -8.94 -20.89 -31.37
C ASN A 91 -10.12 -20.46 -30.45
N ALA A 92 -9.86 -20.21 -29.15
CA ALA A 92 -10.95 -19.92 -28.20
C ALA A 92 -11.12 -18.43 -27.96
N THR A 93 -10.43 -17.59 -28.72
CA THR A 93 -10.48 -16.13 -28.47
C THR A 93 -11.75 -15.41 -28.89
N GLN A 94 -12.71 -16.13 -29.43
CA GLN A 94 -14.04 -15.54 -29.65
C GLN A 94 -15.12 -16.25 -28.84
N ASN A 95 -14.73 -17.02 -27.83
CA ASN A 95 -15.73 -17.74 -27.06
C ASN A 95 -16.20 -16.83 -25.93
N PHE A 96 -17.20 -16.03 -26.29
CA PHE A 96 -17.76 -14.98 -25.44
C PHE A 96 -19.22 -15.21 -25.00
N TRP A 97 -19.67 -14.41 -24.02
CA TRP A 97 -21.09 -14.18 -23.70
C TRP A 97 -21.85 -15.44 -23.33
N ARG A 98 -21.38 -16.11 -22.30
CA ARG A 98 -22.07 -17.30 -21.82
C ARG A 98 -21.76 -17.44 -20.34
N SER A 99 -22.39 -18.38 -19.65
CA SER A 99 -22.04 -18.50 -18.24
C SER A 99 -22.58 -19.75 -17.58
N ALA A 100 -22.00 -20.01 -16.42
CA ALA A 100 -22.34 -21.19 -15.59
C ALA A 100 -22.36 -20.75 -14.15
N GLU A 101 -23.45 -21.10 -13.44
CA GLU A 101 -23.56 -20.78 -12.01
C GLU A 101 -24.33 -21.86 -11.25
N ASN A 102 -23.99 -22.07 -10.00
CA ASN A 102 -24.91 -22.71 -9.06
C ASN A 102 -25.01 -24.22 -9.30
N LEU A 103 -23.91 -24.84 -9.70
CA LEU A 103 -23.90 -26.26 -10.02
C LEU A 103 -22.71 -27.02 -9.44
N ALA A 104 -22.90 -28.31 -9.15
CA ALA A 104 -21.76 -29.18 -8.86
C ALA A 104 -21.56 -30.10 -10.07
N LEU A 105 -20.30 -30.25 -10.49
CA LEU A 105 -19.92 -31.10 -11.64
C LEU A 105 -19.00 -32.24 -11.18
N ASN A 106 -19.28 -33.39 -11.74
CA ASN A 106 -18.48 -34.63 -11.53
C ASN A 106 -18.04 -35.08 -12.93
N PRO A 107 -16.97 -34.44 -13.46
CA PRO A 107 -16.74 -34.56 -14.91
C PRO A 107 -16.32 -35.97 -15.31
N VAL A 108 -16.76 -36.40 -16.48
CA VAL A 108 -16.67 -37.81 -16.85
C VAL A 108 -15.24 -38.34 -16.93
N ASN A 109 -14.28 -37.51 -17.32
CA ASN A 109 -12.88 -37.93 -17.36
C ASN A 109 -12.08 -37.38 -16.18
N GLY A 110 -12.77 -36.79 -15.22
CA GLY A 110 -12.07 -36.20 -14.07
C GLY A 110 -11.73 -34.71 -14.20
N THR A 111 -11.93 -34.16 -15.39
CA THR A 111 -11.64 -32.73 -15.63
C THR A 111 -12.73 -32.15 -16.49
N ASN A 112 -13.29 -31.00 -16.06
CA ASN A 112 -14.21 -30.26 -16.87
C ASN A 112 -13.46 -29.20 -17.71
N ARG A 113 -13.92 -29.03 -18.95
CA ARG A 113 -13.36 -28.07 -19.89
C ARG A 113 -14.24 -26.83 -19.98
N TRP A 114 -13.64 -25.66 -19.68
CA TRP A 114 -14.33 -24.36 -19.77
C TRP A 114 -13.37 -23.40 -20.49
N ALA A 115 -13.23 -23.64 -21.79
CA ALA A 115 -12.27 -22.93 -22.63
C ALA A 115 -12.89 -21.66 -23.26
N VAL A 116 -13.00 -20.65 -22.44
CA VAL A 116 -13.66 -19.39 -22.81
C VAL A 116 -12.70 -18.21 -22.91
N SER A 117 -13.19 -17.13 -23.49
CA SER A 117 -12.52 -15.85 -23.37
C SER A 117 -13.43 -14.90 -22.60
N GLN A 118 -13.59 -13.66 -23.04
CA GLN A 118 -14.20 -12.62 -22.20
C GLN A 118 -15.71 -12.80 -22.05
N ALA A 119 -16.25 -12.25 -20.95
CA ALA A 119 -17.69 -12.26 -20.68
C ALA A 119 -18.26 -13.66 -20.61
N ALA A 120 -17.56 -14.52 -19.90
CA ALA A 120 -17.99 -15.91 -19.73
C ALA A 120 -17.78 -16.39 -18.30
N PRO A 121 -18.53 -15.80 -17.37
CA PRO A 121 -18.31 -16.03 -15.93
C PRO A 121 -18.68 -17.45 -15.45
N PHE A 122 -18.02 -17.87 -14.37
CA PHE A 122 -18.10 -19.21 -13.78
C PHE A 122 -18.20 -18.92 -12.28
N ARG A 123 -19.45 -18.95 -11.76
CA ARG A 123 -19.76 -18.48 -10.42
C ARG A 123 -20.43 -19.55 -9.53
N ARG A 124 -20.04 -19.62 -8.27
CA ARG A 124 -20.61 -20.56 -7.30
C ARG A 124 -20.84 -21.95 -7.91
N MET A 125 -19.75 -22.42 -8.49
CA MET A 125 -19.63 -23.78 -9.01
C MET A 125 -18.82 -24.65 -8.07
N HIS A 126 -19.16 -25.92 -8.03
CA HIS A 126 -18.31 -26.91 -7.34
C HIS A 126 -17.87 -28.00 -8.27
N VAL A 127 -16.60 -27.98 -8.67
CA VAL A 127 -16.06 -29.00 -9.59
C VAL A 127 -15.36 -30.11 -8.81
N LYS A 128 -15.88 -31.33 -8.90
CA LYS A 128 -15.28 -32.44 -8.16
C LYS A 128 -14.25 -33.14 -9.08
N GLY A 129 -13.11 -32.49 -9.22
CA GLY A 129 -12.06 -32.93 -10.13
C GLY A 129 -11.41 -31.65 -10.61
N GLY A 130 -10.76 -31.73 -11.75
CA GLY A 130 -9.98 -30.60 -12.26
C GLY A 130 -10.79 -29.71 -13.18
N LEU A 131 -10.17 -28.61 -13.58
CA LEU A 131 -10.81 -27.64 -14.46
C LEU A 131 -9.78 -27.20 -15.49
N ASN A 132 -10.03 -27.59 -16.73
CA ASN A 132 -9.16 -27.20 -17.84
C ASN A 132 -9.77 -25.94 -18.46
N LEU A 133 -8.98 -24.89 -18.58
CA LEU A 133 -9.45 -23.63 -19.18
C LEU A 133 -9.04 -23.43 -20.62
N ALA A 134 -8.34 -24.41 -21.19
CA ALA A 134 -7.91 -24.31 -22.59
C ALA A 134 -8.66 -25.25 -23.53
N PRO A 135 -8.80 -24.85 -24.77
CA PRO A 135 -9.48 -25.72 -25.75
C PRO A 135 -8.68 -26.99 -25.99
N ASP A 136 -9.37 -28.11 -26.27
CA ASP A 136 -8.77 -29.31 -26.87
C ASP A 136 -7.88 -28.80 -27.99
N GLY A 137 -6.57 -29.09 -27.93
CA GLY A 137 -5.60 -28.57 -28.89
C GLY A 137 -4.65 -27.47 -28.38
N TYR A 138 -5.11 -26.75 -27.36
CA TYR A 138 -4.27 -25.85 -26.54
C TYR A 138 -3.96 -24.53 -27.28
N GLY A 139 -4.78 -24.25 -28.28
CA GLY A 139 -4.65 -23.02 -29.05
C GLY A 139 -5.09 -21.81 -28.23
N TRP A 140 -5.26 -20.69 -28.90
CA TRP A 140 -5.29 -19.43 -28.20
C TRP A 140 -6.56 -19.25 -27.35
N ALA A 141 -6.41 -18.53 -26.26
CA ALA A 141 -7.53 -18.22 -25.36
C ALA A 141 -7.24 -17.00 -24.53
N SER A 142 -8.30 -16.24 -24.22
CA SER A 142 -8.14 -14.93 -23.53
C SER A 142 -9.29 -14.68 -22.53
N GLY A 143 -9.38 -15.50 -21.50
CA GLY A 143 -10.35 -15.30 -20.44
C GLY A 143 -9.80 -14.38 -19.35
N GLY A 144 -10.34 -14.44 -18.15
CA GLY A 144 -11.45 -15.27 -17.76
C GLY A 144 -11.74 -14.92 -16.30
N TYR A 145 -12.80 -15.51 -15.75
CA TYR A 145 -13.33 -15.07 -14.47
C TYR A 145 -13.97 -16.22 -13.72
N ILE A 146 -13.42 -16.51 -12.54
CA ILE A 146 -14.00 -17.47 -11.60
C ILE A 146 -14.22 -16.76 -10.28
N ALA A 147 -15.42 -16.88 -9.74
CA ALA A 147 -15.72 -16.38 -8.42
C ALA A 147 -16.55 -17.34 -7.60
N ASP A 148 -16.30 -17.28 -6.30
CA ASP A 148 -17.08 -18.02 -5.31
C ASP A 148 -17.20 -19.50 -5.64
N SER A 149 -16.13 -20.09 -6.16
CA SER A 149 -16.18 -21.49 -6.59
C SER A 149 -15.18 -22.38 -5.87
N LYS A 150 -15.46 -23.67 -5.88
CA LYS A 150 -14.55 -24.66 -5.29
C LYS A 150 -14.19 -25.70 -6.35
N ILE A 151 -12.91 -25.73 -6.72
CA ILE A 151 -12.39 -26.74 -7.63
C ILE A 151 -11.56 -27.69 -6.79
N ASP A 152 -12.00 -28.93 -6.69
CA ASP A 152 -11.34 -29.87 -5.80
C ASP A 152 -9.93 -30.21 -6.28
N GLY A 153 -9.75 -30.32 -7.58
CA GLY A 153 -8.44 -30.63 -8.15
C GLY A 153 -7.72 -29.39 -8.68
N GLU A 154 -7.03 -29.57 -9.80
CA GLU A 154 -6.19 -28.53 -10.38
C GLU A 154 -6.90 -27.80 -11.53
N VAL A 155 -6.78 -26.48 -11.49
CA VAL A 155 -7.10 -25.66 -12.64
C VAL A 155 -5.86 -25.56 -13.54
N GLY A 156 -6.02 -25.91 -14.82
CA GLY A 156 -4.96 -25.81 -15.80
C GLY A 156 -5.26 -24.76 -16.85
N PRO A 157 -4.58 -23.61 -16.77
CA PRO A 157 -4.88 -22.62 -17.81
C PRO A 157 -4.31 -23.03 -19.16
N TYR A 158 -3.08 -23.57 -19.14
CA TYR A 158 -2.33 -23.91 -20.35
C TYR A 158 -2.15 -22.64 -21.22
N SER A 159 -2.83 -22.53 -22.35
CA SER A 159 -2.58 -21.39 -23.24
C SER A 159 -3.27 -20.08 -22.82
N GLN A 160 -4.10 -20.11 -21.80
CA GLN A 160 -4.84 -18.90 -21.39
C GLN A 160 -3.92 -17.76 -21.05
N GLN A 161 -4.09 -16.60 -21.69
CA GLN A 161 -3.14 -15.50 -21.46
C GLN A 161 -3.15 -14.96 -20.06
N GLN A 162 -4.36 -14.82 -19.53
CA GLN A 162 -4.58 -14.20 -18.27
C GLN A 162 -5.86 -14.77 -17.65
N TRP A 163 -6.06 -14.46 -16.36
CA TRP A 163 -7.21 -14.96 -15.62
C TRP A 163 -7.34 -14.27 -14.28
N TYR A 164 -8.59 -14.10 -13.85
CA TYR A 164 -8.91 -13.61 -12.52
C TYR A 164 -9.80 -14.57 -11.76
N THR A 165 -9.38 -14.87 -10.53
CA THR A 165 -10.12 -15.74 -9.65
C THR A 165 -10.25 -15.03 -8.34
N ARG A 166 -11.46 -14.98 -7.80
CA ARG A 166 -11.61 -14.47 -6.42
C ARG A 166 -12.51 -15.34 -5.53
N ASP A 167 -12.25 -15.18 -4.24
CA ASP A 167 -13.06 -15.71 -3.17
C ASP A 167 -13.56 -17.13 -3.48
N SER A 168 -12.59 -18.04 -3.49
CA SER A 168 -12.72 -19.35 -4.07
C SER A 168 -11.71 -20.28 -3.40
N SER A 169 -11.77 -21.56 -3.75
CA SER A 169 -10.70 -22.45 -3.33
C SER A 169 -10.36 -23.38 -4.47
N VAL A 170 -9.06 -23.61 -4.68
CA VAL A 170 -8.61 -24.51 -5.73
C VAL A 170 -7.66 -25.58 -5.13
N GLY A 171 -7.71 -26.77 -5.71
CA GLY A 171 -6.84 -27.85 -5.27
C GLY A 171 -5.44 -27.76 -5.84
N GLY A 172 -5.20 -26.70 -6.60
CA GLY A 172 -3.92 -26.43 -7.23
C GLY A 172 -4.11 -25.55 -8.47
N TRP A 173 -2.99 -25.06 -9.01
CA TRP A 173 -2.97 -24.13 -10.16
C TRP A 173 -1.81 -24.47 -11.07
N GLY A 174 -2.11 -24.72 -12.34
CA GLY A 174 -1.10 -25.29 -13.24
C GLY A 174 0.03 -24.36 -13.73
N ASN A 175 -0.31 -23.10 -14.01
CA ASN A 175 0.65 -22.18 -14.67
C ASN A 175 0.16 -20.74 -14.77
N GLY A 176 1.14 -19.86 -14.94
CA GLY A 176 0.90 -18.44 -15.24
C GLY A 176 1.62 -18.01 -16.53
N VAL A 177 0.82 -17.50 -17.47
CA VAL A 177 1.25 -17.20 -18.86
C VAL A 177 1.69 -15.74 -18.90
N TRP A 178 0.73 -14.81 -18.94
CA TRP A 178 1.04 -13.36 -18.82
C TRP A 178 0.54 -12.71 -17.51
N ASN A 179 -0.67 -13.05 -17.05
CA ASN A 179 -1.20 -12.39 -15.87
C ASN A 179 -2.31 -13.17 -15.22
N MET A 180 -1.94 -13.98 -14.22
CA MET A 180 -2.90 -14.76 -13.46
C MET A 180 -2.98 -14.06 -12.10
N THR A 181 -4.15 -13.50 -11.81
CA THR A 181 -4.38 -12.70 -10.61
C THR A 181 -5.40 -13.40 -9.72
N PHE A 182 -5.17 -13.31 -8.41
CA PHE A 182 -5.97 -14.01 -7.44
C PHE A 182 -6.23 -13.11 -6.26
N SER A 183 -7.48 -13.09 -5.78
CA SER A 183 -7.76 -12.41 -4.53
C SER A 183 -8.73 -13.24 -3.71
N GLY A 184 -8.34 -13.52 -2.48
CA GLY A 184 -9.20 -14.35 -1.63
C GLY A 184 -9.34 -15.80 -2.08
N VAL A 185 -8.27 -16.32 -2.67
CA VAL A 185 -8.29 -17.69 -3.19
C VAL A 185 -7.48 -18.65 -2.33
N GLU A 186 -8.20 -19.51 -1.62
CA GLU A 186 -7.59 -20.58 -0.85
C GLU A 186 -6.95 -21.53 -1.82
N GLY A 187 -5.64 -21.67 -1.73
CA GLY A 187 -4.91 -22.57 -2.60
C GLY A 187 -4.25 -21.91 -3.81
N ALA A 188 -4.32 -20.59 -3.90
CA ALA A 188 -3.67 -19.88 -5.01
C ALA A 188 -2.16 -20.05 -4.98
N PRO A 189 -1.49 -19.90 -6.14
CA PRO A 189 -0.05 -19.68 -5.97
C PRO A 189 0.29 -18.44 -5.15
N ALA A 190 1.38 -18.52 -4.38
CA ALA A 190 1.93 -17.34 -3.71
C ALA A 190 2.40 -16.31 -4.74
N GLN A 191 2.42 -15.04 -4.37
CA GLN A 191 2.95 -13.97 -5.19
C GLN A 191 4.31 -14.37 -5.81
N SER A 192 4.50 -14.12 -7.09
CA SER A 192 5.76 -14.44 -7.73
C SER A 192 6.09 -13.62 -8.98
N PHE A 193 5.20 -12.70 -9.36
CA PHE A 193 5.32 -11.95 -10.62
C PHE A 193 6.75 -11.40 -10.69
N PRO A 194 7.43 -11.51 -11.88
CA PRO A 194 6.92 -12.00 -13.16
C PRO A 194 7.03 -13.51 -13.42
N GLU A 195 7.75 -14.29 -12.57
CA GLU A 195 8.01 -15.69 -12.88
C GLU A 195 7.64 -16.72 -11.80
N PRO A 196 6.48 -17.39 -11.94
CA PRO A 196 5.42 -17.13 -12.93
C PRO A 196 4.69 -15.83 -12.61
N PRO A 197 3.87 -15.31 -13.55
CA PRO A 197 3.22 -13.99 -13.38
C PRO A 197 1.97 -14.04 -12.47
N TYR A 198 2.21 -14.50 -11.26
CA TYR A 198 1.14 -14.66 -10.28
C TYR A 198 1.06 -13.45 -9.37
N THR A 199 -0.08 -12.77 -9.43
CA THR A 199 -0.42 -11.65 -8.54
C THR A 199 -1.46 -12.14 -7.55
N THR A 200 -1.10 -12.14 -6.25
CA THR A 200 -1.87 -12.89 -5.27
C THR A 200 -2.07 -12.07 -4.06
N LEU A 201 -3.36 -11.80 -3.80
CA LEU A 201 -3.82 -11.05 -2.66
C LEU A 201 -4.56 -11.99 -1.75
N GLU A 202 -4.21 -11.96 -0.47
CA GLU A 202 -4.88 -12.86 0.51
C GLU A 202 -6.40 -12.71 0.51
N THR A 203 -6.86 -11.49 0.35
CA THR A 203 -8.26 -11.20 0.47
C THR A 203 -8.68 -10.23 -0.62
N THR A 204 -9.97 -10.25 -0.87
CA THR A 204 -10.65 -9.23 -1.63
C THR A 204 -11.21 -8.19 -0.63
N PRO A 205 -10.94 -6.89 -0.85
CA PRO A 205 -11.31 -5.94 0.22
C PRO A 205 -12.81 -5.91 0.56
N VAL A 206 -13.61 -5.97 -0.50
CA VAL A 206 -15.05 -6.07 -0.38
C VAL A 206 -15.55 -6.87 -1.57
N SER A 207 -16.51 -7.75 -1.33
CA SER A 207 -17.16 -8.46 -2.44
C SER A 207 -18.54 -8.86 -1.98
N ARG A 208 -19.46 -8.90 -2.92
CA ARG A 208 -20.82 -9.28 -2.59
C ARG A 208 -21.31 -10.17 -3.72
N GLU A 209 -21.64 -11.41 -3.43
CA GLU A 209 -21.93 -12.34 -4.52
C GLU A 209 -23.14 -11.94 -5.38
N LYS A 210 -23.09 -12.35 -6.63
CA LYS A 210 -24.13 -12.00 -7.59
C LYS A 210 -25.42 -12.66 -7.18
N PRO A 211 -26.52 -11.90 -7.23
CA PRO A 211 -27.84 -12.51 -7.00
C PRO A 211 -28.15 -13.60 -7.99
N PHE A 212 -28.97 -14.55 -7.58
CA PHE A 212 -29.37 -15.64 -8.47
C PHE A 212 -30.75 -16.22 -8.19
N LEU A 213 -31.40 -16.64 -9.26
CA LEU A 213 -32.69 -17.29 -9.14
C LEU A 213 -32.52 -18.70 -8.54
N TYR A 214 -33.38 -19.06 -7.59
CA TYR A 214 -33.37 -20.39 -7.06
C TYR A 214 -34.81 -20.78 -6.71
N LEU A 215 -34.98 -22.02 -6.28
CA LEU A 215 -36.28 -22.47 -5.78
C LEU A 215 -36.03 -22.84 -4.34
N ASP A 216 -36.49 -22.08 -3.33
CA ASP A 216 -36.09 -22.42 -1.96
C ASP A 216 -36.89 -23.62 -1.52
N GLY A 217 -37.09 -24.57 -2.44
CA GLY A 217 -38.20 -25.51 -2.37
C GLY A 217 -38.96 -25.61 -3.69
N ASP A 218 -40.27 -25.35 -3.68
CA ASP A 218 -41.01 -25.17 -4.93
C ASP A 218 -41.26 -23.69 -5.27
N ASP A 219 -40.72 -22.79 -4.47
CA ASP A 219 -41.05 -21.36 -4.61
C ASP A 219 -39.94 -20.56 -5.37
N TYR A 220 -40.28 -19.91 -6.48
CA TYR A 220 -39.25 -19.12 -7.25
C TYR A 220 -38.89 -17.88 -6.49
N LYS A 221 -37.59 -17.75 -6.26
CA LYS A 221 -37.06 -16.68 -5.44
C LYS A 221 -35.71 -16.29 -6.04
N VAL A 222 -35.27 -15.07 -5.72
CA VAL A 222 -33.93 -14.63 -6.04
C VAL A 222 -33.17 -14.46 -4.75
N PHE A 223 -32.08 -15.22 -4.63
CA PHE A 223 -31.21 -15.07 -3.48
C PHE A 223 -30.28 -13.87 -3.69
N VAL A 224 -30.16 -13.07 -2.64
CA VAL A 224 -29.36 -11.86 -2.63
C VAL A 224 -28.30 -11.92 -1.52
N PRO A 225 -27.12 -12.44 -1.86
CA PRO A 225 -26.03 -12.54 -0.88
C PRO A 225 -25.68 -11.21 -0.25
N ALA A 226 -25.47 -11.23 1.05
CA ALA A 226 -24.98 -10.07 1.80
C ALA A 226 -23.49 -9.84 1.50
N LYS A 227 -23.00 -8.61 1.63
CA LYS A 227 -21.58 -8.34 1.36
C LYS A 227 -20.59 -8.83 2.41
N ARG A 228 -19.39 -9.15 1.94
CA ARG A 228 -18.22 -9.35 2.80
C ARG A 228 -17.16 -8.29 2.65
N THR A 229 -16.43 -8.03 3.73
CA THR A 229 -15.24 -7.26 3.65
C THR A 229 -14.05 -8.20 3.84
N ASN A 230 -12.87 -7.84 3.29
CA ASN A 230 -11.68 -8.69 3.35
C ASN A 230 -12.05 -10.14 3.18
N ALA A 231 -12.71 -10.41 2.06
CA ALA A 231 -13.29 -11.70 1.85
C ALA A 231 -12.24 -12.72 1.37
N ARG A 232 -12.44 -13.96 1.77
CA ARG A 232 -11.57 -15.07 1.34
C ARG A 232 -12.30 -16.39 1.37
N GLY A 233 -12.11 -17.18 0.31
CA GLY A 233 -12.79 -18.47 0.19
C GLY A 233 -14.24 -18.30 -0.21
N THR A 234 -14.97 -19.41 -0.36
CA THR A 234 -16.35 -19.33 -0.84
C THR A 234 -17.31 -18.79 0.23
N SER A 235 -18.44 -18.24 -0.21
CA SER A 235 -19.52 -17.81 0.66
C SER A 235 -20.27 -18.99 1.25
N TRP A 236 -20.31 -20.06 0.47
CA TRP A 236 -21.21 -21.17 0.72
C TRP A 236 -20.58 -22.39 1.40
N GLY A 237 -19.31 -22.36 1.77
CA GLY A 237 -18.66 -23.60 2.20
C GLY A 237 -19.01 -24.22 3.56
N ASN A 238 -19.82 -23.54 4.34
CA ASN A 238 -20.10 -24.04 5.69
C ASN A 238 -21.49 -23.58 6.11
N GLY A 239 -22.51 -24.26 5.58
CA GLY A 239 -23.87 -23.78 5.60
C GLY A 239 -24.05 -22.40 4.96
N THR A 240 -24.91 -22.33 3.95
CA THR A 240 -25.83 -21.19 3.76
C THR A 240 -25.31 -19.80 4.15
N PRO A 241 -25.19 -18.90 3.18
CA PRO A 241 -24.55 -17.63 3.54
C PRO A 241 -25.55 -16.57 3.97
N GLU A 242 -24.99 -15.47 4.44
CA GLU A 242 -25.69 -14.32 4.85
C GLU A 242 -26.35 -13.76 3.57
N GLY A 243 -27.60 -13.37 3.69
CA GLY A 243 -28.21 -12.64 2.62
C GLY A 243 -29.65 -12.74 2.90
N GLU A 244 -30.45 -12.59 1.88
CA GLU A 244 -31.85 -12.81 2.11
C GLU A 244 -32.51 -12.97 0.75
N SER A 245 -33.79 -13.32 0.75
CA SER A 245 -34.43 -13.65 -0.49
C SER A 245 -35.57 -12.76 -0.93
N LEU A 246 -35.82 -12.74 -2.23
CA LEU A 246 -36.94 -12.00 -2.80
C LEU A 246 -37.85 -12.97 -3.54
N PRO A 247 -39.14 -13.07 -3.12
CA PRO A 247 -39.96 -13.92 -4.01
C PRO A 247 -40.11 -13.41 -5.43
N LEU A 248 -40.31 -14.32 -6.40
CA LEU A 248 -40.53 -13.93 -7.80
C LEU A 248 -41.64 -12.87 -7.95
N ASP A 249 -42.67 -12.95 -7.12
CA ASP A 249 -43.77 -12.00 -7.26
C ASP A 249 -43.38 -10.59 -6.81
N GLN A 250 -42.13 -10.39 -6.39
CA GLN A 250 -41.61 -9.06 -6.13
C GLN A 250 -40.81 -8.47 -7.31
N PHE A 251 -40.82 -9.19 -8.44
CA PHE A 251 -40.13 -8.76 -9.66
C PHE A 251 -41.11 -8.52 -10.77
N TYR A 252 -40.84 -7.49 -11.56
CA TYR A 252 -41.46 -7.38 -12.85
C TYR A 252 -40.66 -8.30 -13.74
N VAL A 253 -41.33 -9.30 -14.29
CA VAL A 253 -40.68 -10.31 -15.10
C VAL A 253 -40.75 -9.75 -16.53
N VAL A 254 -39.66 -9.12 -16.95
CA VAL A 254 -39.55 -8.38 -18.21
C VAL A 254 -39.49 -9.38 -19.37
N LYS A 255 -40.35 -9.15 -20.37
CA LYS A 255 -40.40 -9.94 -21.62
C LYS A 255 -40.32 -8.97 -22.81
N PRO A 256 -39.77 -9.42 -23.98
CA PRO A 256 -39.98 -8.55 -25.16
C PRO A 256 -41.43 -8.05 -25.26
N GLY A 257 -41.54 -6.80 -25.72
CA GLY A 257 -42.78 -6.05 -25.69
C GLY A 257 -42.79 -4.99 -24.57
N ALA A 258 -41.93 -5.17 -23.57
CA ALA A 258 -41.80 -4.15 -22.51
C ALA A 258 -41.16 -2.81 -22.95
N THR A 259 -41.86 -1.70 -22.77
CA THR A 259 -41.22 -0.39 -23.00
C THR A 259 -40.38 0.00 -21.82
N ALA A 260 -39.52 1.00 -22.00
CA ALA A 260 -38.85 1.62 -20.87
C ALA A 260 -39.85 2.25 -19.89
N GLU A 261 -40.98 2.77 -20.39
CA GLU A 261 -41.93 3.38 -19.45
C GLU A 261 -42.46 2.38 -18.44
N THR A 262 -42.80 1.21 -18.93
CA THR A 262 -43.34 0.19 -18.05
C THR A 262 -42.26 -0.32 -17.06
N ILE A 263 -41.05 -0.48 -17.57
CA ILE A 263 -39.96 -0.95 -16.74
C ILE A 263 -39.74 0.05 -15.61
N ASN A 264 -39.51 1.30 -15.98
CA ASN A 264 -39.41 2.41 -15.04
C ASN A 264 -40.56 2.46 -14.01
N ALA A 265 -41.80 2.35 -14.48
CA ALA A 265 -42.98 2.37 -13.56
C ALA A 265 -42.97 1.17 -12.60
N ALA A 266 -42.45 0.05 -13.05
CA ALA A 266 -42.40 -1.10 -12.16
C ALA A 266 -41.43 -0.78 -11.05
N VAL A 267 -40.34 -0.10 -11.43
CA VAL A 267 -39.35 0.33 -10.49
C VAL A 267 -39.92 1.42 -9.51
N ASP A 268 -40.65 2.43 -10.03
CA ASP A 268 -41.24 3.46 -9.15
C ASP A 268 -42.12 2.79 -8.10
N GLN A 269 -42.83 1.78 -8.59
CA GLN A 269 -43.92 1.14 -7.87
C GLN A 269 -43.38 0.18 -6.77
N GLY A 270 -42.08 -0.13 -6.81
CA GLY A 270 -41.47 -0.99 -5.80
C GLY A 270 -40.99 -2.36 -6.23
N LEU A 271 -41.17 -2.70 -7.50
CA LEU A 271 -40.74 -4.00 -8.01
C LEU A 271 -39.26 -4.00 -8.38
N HIS A 272 -38.66 -5.17 -8.22
CA HIS A 272 -37.36 -5.45 -8.77
C HIS A 272 -37.53 -5.85 -10.25
N LEU A 273 -36.42 -6.04 -10.96
CA LEU A 273 -36.49 -6.44 -12.37
C LEU A 273 -35.76 -7.74 -12.67
N LEU A 274 -36.47 -8.61 -13.39
CA LEU A 274 -35.91 -9.84 -13.92
C LEU A 274 -36.11 -9.86 -15.43
N PHE A 275 -35.01 -9.72 -16.15
CA PHE A 275 -35.04 -9.79 -17.60
C PHE A 275 -34.97 -11.22 -18.15
N THR A 276 -36.00 -11.68 -18.83
CA THR A 276 -35.95 -13.01 -19.42
C THR A 276 -35.07 -12.93 -20.66
N PRO A 277 -34.72 -14.07 -21.25
CA PRO A 277 -33.64 -13.97 -22.25
C PRO A 277 -34.14 -13.53 -23.61
N GLY A 278 -33.52 -12.45 -24.10
CA GLY A 278 -33.95 -11.81 -25.33
C GLY A 278 -33.24 -10.49 -25.47
N VAL A 279 -33.72 -9.73 -26.45
CA VAL A 279 -33.13 -8.46 -26.84
C VAL A 279 -34.19 -7.34 -26.75
N TYR A 280 -33.90 -6.32 -25.93
CA TYR A 280 -34.85 -5.29 -25.55
C TYR A 280 -34.39 -3.92 -26.06
N HIS A 281 -35.08 -3.41 -27.07
CA HIS A 281 -34.82 -2.07 -27.52
C HIS A 281 -35.65 -1.10 -26.67
N VAL A 282 -35.03 -0.03 -26.15
CA VAL A 282 -35.74 1.00 -25.44
C VAL A 282 -35.59 2.39 -26.09
N ASP A 283 -36.62 3.22 -25.91
CA ASP A 283 -36.68 4.57 -26.43
C ASP A 283 -36.28 5.60 -25.41
N GLN A 284 -36.18 5.12 -24.18
CA GLN A 284 -35.89 5.93 -23.01
C GLN A 284 -34.94 5.12 -22.11
N PRO A 285 -34.13 5.82 -21.31
CA PRO A 285 -33.23 5.06 -20.46
C PRO A 285 -33.99 4.40 -19.31
N ILE A 286 -33.57 3.21 -18.99
CA ILE A 286 -34.13 2.54 -17.85
C ILE A 286 -33.57 3.31 -16.64
N GLU A 287 -34.45 3.63 -15.71
CA GLU A 287 -34.04 4.37 -14.54
C GLU A 287 -34.26 3.53 -13.29
N ILE A 288 -33.24 3.46 -12.45
CA ILE A 288 -33.36 2.73 -11.20
C ILE A 288 -33.05 3.71 -10.10
N ASP A 289 -34.15 4.09 -9.44
CA ASP A 289 -34.14 5.06 -8.34
C ASP A 289 -34.83 4.61 -7.06
N ARG A 290 -34.51 3.42 -6.64
CA ARG A 290 -34.95 2.92 -5.35
C ARG A 290 -33.83 2.07 -4.78
N ALA A 291 -33.51 2.30 -3.53
CA ALA A 291 -32.44 1.51 -2.97
C ALA A 291 -32.78 0.05 -2.90
N ASN A 292 -31.73 -0.75 -3.02
CA ASN A 292 -31.83 -2.22 -2.95
C ASN A 292 -32.57 -2.85 -4.11
N THR A 293 -32.79 -2.11 -5.18
CA THR A 293 -33.38 -2.71 -6.39
C THR A 293 -32.42 -3.67 -7.01
N VAL A 294 -32.92 -4.87 -7.25
CA VAL A 294 -32.17 -5.88 -7.99
C VAL A 294 -32.67 -5.82 -9.43
N ALA A 295 -31.71 -5.75 -10.37
CA ALA A 295 -31.97 -5.81 -11.80
C ALA A 295 -31.15 -6.94 -12.37
N LEU A 296 -31.79 -8.10 -12.56
CA LEU A 296 -31.09 -9.34 -12.86
C LEU A 296 -31.51 -9.78 -14.24
N GLY A 297 -30.54 -10.17 -15.04
CA GLY A 297 -30.78 -10.70 -16.38
C GLY A 297 -30.45 -12.18 -16.43
N LEU A 298 -31.24 -12.94 -17.18
CA LEU A 298 -30.88 -14.33 -17.49
C LEU A 298 -30.62 -14.51 -18.99
N GLY A 299 -29.85 -15.53 -19.32
CA GLY A 299 -29.62 -15.90 -20.71
C GLY A 299 -29.02 -14.77 -21.56
N LEU A 300 -28.13 -13.95 -20.96
CA LEU A 300 -27.52 -12.83 -21.65
C LEU A 300 -28.53 -11.80 -22.20
N ALA A 301 -29.56 -11.51 -21.39
CA ALA A 301 -30.53 -10.50 -21.72
C ALA A 301 -29.81 -9.24 -22.10
N THR A 302 -30.29 -8.62 -23.18
CA THR A 302 -29.56 -7.53 -23.83
C THR A 302 -30.45 -6.31 -24.00
N ILE A 303 -29.91 -5.15 -23.65
CA ILE A 303 -30.61 -3.87 -23.81
C ILE A 303 -29.93 -3.07 -24.93
N ILE A 304 -30.74 -2.62 -25.88
CA ILE A 304 -30.27 -1.72 -26.94
C ILE A 304 -30.98 -0.38 -26.79
N PRO A 305 -30.21 0.70 -26.59
CA PRO A 305 -30.88 1.99 -26.54
C PRO A 305 -31.00 2.55 -27.93
N ASP A 306 -32.18 3.05 -28.28
CA ASP A 306 -32.41 3.66 -29.57
C ASP A 306 -32.27 5.18 -29.40
N ASN A 307 -32.23 5.93 -30.50
CA ASN A 307 -32.49 7.37 -30.45
C ASN A 307 -31.34 8.10 -29.73
N GLY A 308 -30.24 7.39 -29.59
CA GLY A 308 -29.03 7.91 -28.95
C GLY A 308 -29.18 8.05 -27.46
N VAL A 309 -30.22 7.42 -26.92
CA VAL A 309 -30.45 7.55 -25.48
C VAL A 309 -29.46 6.68 -24.64
N THR A 310 -29.34 6.98 -23.33
CA THR A 310 -28.55 6.14 -22.43
C THR A 310 -29.37 4.91 -22.12
N ALA A 311 -28.75 3.75 -21.96
CA ALA A 311 -29.53 2.55 -21.72
C ALA A 311 -29.99 2.42 -20.26
N LEU A 312 -29.12 2.75 -19.31
CA LEU A 312 -29.37 2.51 -17.90
C LEU A 312 -28.81 3.62 -17.07
N LYS A 313 -29.66 4.20 -16.23
CA LYS A 313 -29.21 5.17 -15.24
C LYS A 313 -29.63 4.69 -13.85
N VAL A 314 -28.67 4.62 -12.95
CA VAL A 314 -28.91 4.33 -11.53
C VAL A 314 -28.79 5.63 -10.72
N GLY A 315 -29.76 5.89 -9.86
CA GLY A 315 -29.73 7.09 -9.01
C GLY A 315 -28.75 7.01 -7.85
N ASP A 316 -28.66 8.05 -7.02
CA ASP A 316 -27.64 8.11 -5.95
C ASP A 316 -28.11 7.42 -4.68
N VAL A 317 -28.66 6.22 -4.86
CA VAL A 317 -29.21 5.43 -3.76
C VAL A 317 -28.31 4.25 -3.41
N ASP A 318 -28.52 3.66 -2.25
CA ASP A 318 -27.79 2.47 -1.83
C ASP A 318 -28.28 1.21 -2.53
N GLY A 319 -27.39 0.24 -2.61
CA GLY A 319 -27.70 -1.16 -2.71
C GLY A 319 -28.28 -1.70 -3.99
N VAL A 320 -28.22 -0.94 -5.08
CA VAL A 320 -28.74 -1.42 -6.34
C VAL A 320 -27.78 -2.49 -6.83
N LYS A 321 -28.36 -3.55 -7.39
CA LYS A 321 -27.63 -4.75 -7.77
C LYS A 321 -28.04 -5.01 -9.18
N VAL A 322 -27.18 -4.62 -10.10
CA VAL A 322 -27.43 -4.90 -11.51
C VAL A 322 -26.52 -6.03 -11.96
N ALA A 323 -27.08 -7.14 -12.45
CA ALA A 323 -26.28 -8.28 -12.82
C ALA A 323 -26.77 -8.96 -14.11
N GLY A 324 -25.79 -9.37 -14.94
CA GLY A 324 -26.04 -10.23 -16.07
C GLY A 324 -26.84 -9.61 -17.18
N LEU A 325 -26.39 -8.42 -17.58
CA LEU A 325 -26.96 -7.71 -18.71
C LEU A 325 -25.87 -7.37 -19.70
N LEU A 326 -26.18 -7.55 -20.98
CA LEU A 326 -25.37 -7.04 -22.09
C LEU A 326 -26.01 -5.77 -22.68
N VAL A 327 -25.34 -4.64 -22.58
CA VAL A 327 -25.81 -3.37 -23.13
C VAL A 327 -25.09 -3.23 -24.48
N ASP A 328 -25.81 -3.21 -25.61
CA ASP A 328 -25.19 -3.15 -26.95
C ASP A 328 -25.67 -1.88 -27.68
N ALA A 329 -24.69 -1.10 -28.13
CA ALA A 329 -24.99 0.22 -28.64
C ALA A 329 -25.83 0.16 -29.90
N GLY A 330 -26.64 1.19 -30.07
CA GLY A 330 -27.40 1.32 -31.29
C GLY A 330 -26.56 2.11 -32.28
N PRO A 331 -26.98 2.08 -33.55
CA PRO A 331 -26.27 2.83 -34.60
C PRO A 331 -26.27 4.37 -34.41
N VAL A 332 -27.25 4.92 -33.71
CA VAL A 332 -27.17 6.33 -33.30
C VAL A 332 -26.27 6.47 -32.07
N ASN A 333 -25.31 7.36 -32.13
CA ASN A 333 -24.39 7.56 -30.99
C ASN A 333 -25.10 7.98 -29.68
N SER A 334 -24.85 7.20 -28.62
CA SER A 334 -25.20 7.58 -27.28
C SER A 334 -24.04 8.23 -26.55
N GLU A 335 -24.32 9.35 -25.89
CA GLU A 335 -23.30 10.05 -25.11
C GLU A 335 -22.81 9.18 -23.97
N THR A 336 -23.71 8.42 -23.38
CA THR A 336 -23.34 7.39 -22.43
C THR A 336 -24.24 6.18 -22.57
N LEU A 337 -23.73 4.99 -22.23
CA LEU A 337 -24.58 3.79 -22.28
C LEU A 337 -25.08 3.37 -20.91
N VAL A 338 -24.20 3.46 -19.91
CA VAL A 338 -24.55 3.16 -18.53
C VAL A 338 -24.05 4.23 -17.60
N GLU A 339 -24.92 4.75 -16.74
CA GLU A 339 -24.48 5.68 -15.66
C GLU A 339 -24.90 5.23 -14.28
N VAL A 340 -23.92 5.18 -13.38
CA VAL A 340 -24.18 4.78 -12.01
C VAL A 340 -24.00 6.02 -11.14
N GLY A 341 -25.13 6.59 -10.77
CA GLY A 341 -25.14 7.74 -9.91
C GLY A 341 -25.23 8.94 -10.79
N SER A 342 -24.75 10.06 -10.29
CA SER A 342 -24.93 11.28 -11.07
C SER A 342 -23.76 12.22 -10.87
N ASP A 343 -23.51 13.09 -11.86
CA ASP A 343 -22.28 13.91 -11.88
C ASP A 343 -22.11 14.75 -10.63
N GLY A 344 -20.92 14.72 -10.02
CA GLY A 344 -20.73 15.33 -8.71
C GLY A 344 -21.74 14.89 -7.65
N ALA A 345 -22.06 13.61 -7.56
CA ALA A 345 -22.68 13.13 -6.33
C ALA A 345 -21.53 12.83 -5.39
N SER A 346 -21.80 12.93 -4.08
CA SER A 346 -20.80 12.99 -3.01
C SER A 346 -21.18 12.14 -1.78
N GLY A 347 -22.44 11.72 -1.76
CA GLY A 347 -22.93 10.91 -0.68
C GLY A 347 -22.11 9.65 -0.63
N ASP A 348 -22.28 8.88 0.43
CA ASP A 348 -21.54 7.67 0.56
C ASP A 348 -22.51 6.48 0.59
N HIS A 349 -22.00 5.31 0.22
CA HIS A 349 -22.79 4.10 0.17
C HIS A 349 -21.98 2.93 0.72
N ALA A 350 -21.17 3.28 1.72
CA ALA A 350 -20.31 2.37 2.50
C ALA A 350 -20.95 1.03 2.82
N ALA A 351 -22.01 1.15 3.60
CA ALA A 351 -22.64 0.02 4.26
C ALA A 351 -23.44 -0.85 3.26
N ASN A 352 -23.65 -0.36 2.05
CA ASN A 352 -24.61 -0.97 1.13
C ASN A 352 -24.46 -0.37 -0.25
N PRO A 353 -23.34 -0.71 -0.90
CA PRO A 353 -23.00 -0.11 -2.17
C PRO A 353 -23.86 -0.59 -3.32
N THR A 354 -23.81 0.14 -4.42
CA THR A 354 -24.38 -0.30 -5.67
C THR A 354 -23.30 -1.10 -6.38
N SER A 355 -23.72 -2.14 -7.11
CA SER A 355 -22.79 -2.98 -7.87
C SER A 355 -23.27 -3.26 -9.28
N LEU A 356 -22.30 -3.34 -10.18
CA LEU A 356 -22.49 -3.92 -11.51
C LEU A 356 -21.71 -5.24 -11.56
N GLN A 357 -22.41 -6.33 -11.87
CA GLN A 357 -21.78 -7.66 -11.95
C GLN A 357 -22.20 -8.37 -13.24
N ASP A 358 -21.23 -8.93 -13.95
CA ASP A 358 -21.49 -9.50 -15.27
C ASP A 358 -22.32 -8.53 -16.10
N VAL A 359 -21.84 -7.29 -16.13
CA VAL A 359 -22.37 -6.27 -17.00
C VAL A 359 -21.37 -6.17 -18.18
N PHE A 360 -21.89 -6.41 -19.38
CA PHE A 360 -21.09 -6.44 -20.59
C PHE A 360 -21.62 -5.40 -21.54
N VAL A 361 -20.71 -4.64 -22.13
CA VAL A 361 -21.09 -3.58 -23.09
C VAL A 361 -20.41 -3.91 -24.41
N ARG A 362 -21.16 -3.77 -25.50
CA ARG A 362 -20.64 -4.00 -26.84
C ARG A 362 -20.93 -2.78 -27.68
N ILE A 363 -19.94 -2.29 -28.44
CA ILE A 363 -20.15 -1.23 -29.42
C ILE A 363 -19.78 -1.76 -30.81
N GLY A 364 -20.81 -2.05 -31.58
CA GLY A 364 -20.65 -2.59 -32.93
C GLY A 364 -20.54 -4.10 -32.96
N GLY A 365 -20.40 -4.69 -34.17
CA GLY A 365 -20.15 -6.10 -34.33
C GLY A 365 -21.38 -6.87 -34.80
N ALA A 366 -22.54 -6.46 -34.31
CA ALA A 366 -23.83 -7.02 -34.72
C ALA A 366 -24.59 -5.95 -35.44
N GLY A 367 -23.84 -5.24 -36.27
CA GLY A 367 -24.34 -4.04 -36.88
C GLY A 367 -23.64 -2.84 -36.31
N PRO A 368 -23.77 -1.69 -37.00
CA PRO A 368 -23.01 -0.49 -36.70
C PRO A 368 -23.47 -0.03 -35.32
N GLY A 369 -22.56 0.43 -34.47
CA GLY A 369 -22.93 0.96 -33.17
C GLY A 369 -21.90 2.00 -32.69
N LYS A 370 -22.33 2.96 -31.87
CA LYS A 370 -21.46 4.05 -31.43
C LYS A 370 -21.84 4.55 -30.07
N ALA A 371 -20.86 4.95 -29.27
CA ALA A 371 -21.15 5.63 -28.03
C ALA A 371 -19.91 6.36 -27.58
N THR A 372 -20.09 7.53 -26.98
CA THR A 372 -18.96 8.35 -26.54
C THR A 372 -18.22 7.77 -25.32
N THR A 373 -18.97 7.53 -24.25
CA THR A 373 -18.40 7.02 -22.98
C THR A 373 -19.33 5.88 -22.54
N SER A 374 -18.83 4.65 -22.46
CA SER A 374 -19.70 3.52 -22.22
C SER A 374 -20.27 3.42 -20.80
N ILE A 375 -19.37 3.43 -19.81
CA ILE A 375 -19.79 3.39 -18.41
C ILE A 375 -19.19 4.49 -17.59
N VAL A 376 -20.07 5.30 -17.00
CA VAL A 376 -19.64 6.33 -16.07
C VAL A 376 -20.07 5.95 -14.67
N VAL A 377 -19.09 5.85 -13.77
CA VAL A 377 -19.37 5.55 -12.37
C VAL A 377 -19.20 6.82 -11.53
N ASN A 378 -20.35 7.41 -11.19
CA ASN A 378 -20.43 8.60 -10.38
C ASN A 378 -20.46 8.32 -8.88
N SER A 379 -21.21 7.31 -8.47
CA SER A 379 -21.55 7.15 -7.05
C SER A 379 -20.42 6.49 -6.25
N ASN A 380 -20.13 7.08 -5.12
CA ASN A 380 -19.10 6.58 -4.26
C ASN A 380 -19.35 5.13 -3.82
N ASP A 381 -18.25 4.41 -3.60
CA ASP A 381 -18.30 3.08 -3.01
C ASP A 381 -18.81 1.98 -3.98
N THR A 382 -19.02 2.34 -5.22
CA THR A 382 -19.54 1.39 -6.21
C THR A 382 -18.56 0.24 -6.45
N ILE A 383 -19.11 -0.96 -6.57
CA ILE A 383 -18.34 -2.17 -6.88
C ILE A 383 -18.63 -2.61 -8.31
N ILE A 384 -17.58 -2.75 -9.12
CA ILE A 384 -17.70 -3.32 -10.46
C ILE A 384 -16.98 -4.68 -10.41
N ASP A 385 -17.77 -5.74 -10.28
CA ASP A 385 -17.25 -7.11 -10.16
C ASP A 385 -17.60 -7.90 -11.42
N HIS A 386 -16.62 -7.92 -12.31
CA HIS A 386 -16.64 -8.52 -13.64
C HIS A 386 -17.38 -7.69 -14.67
N THR A 387 -16.64 -6.93 -15.44
CA THR A 387 -17.26 -6.24 -16.57
C THR A 387 -16.41 -6.46 -17.82
N TRP A 388 -17.06 -6.53 -19.00
CA TRP A 388 -16.32 -6.50 -20.29
C TRP A 388 -16.95 -5.42 -21.09
N VAL A 389 -16.11 -4.43 -21.42
CA VAL A 389 -16.53 -3.22 -22.10
C VAL A 389 -15.71 -3.18 -23.37
N TRP A 390 -16.39 -3.46 -24.48
CA TRP A 390 -15.75 -3.92 -25.70
C TRP A 390 -16.26 -3.18 -26.93
N ARG A 391 -15.38 -2.38 -27.51
CA ARG A 391 -15.61 -1.81 -28.80
C ARG A 391 -15.24 -2.89 -29.82
N ALA A 392 -16.21 -3.36 -30.60
CA ALA A 392 -15.98 -4.54 -31.44
C ALA A 392 -14.82 -4.36 -32.42
N ASP A 393 -13.95 -5.37 -32.49
CA ASP A 393 -12.82 -5.39 -33.41
C ASP A 393 -13.07 -6.27 -34.62
N HIS A 394 -14.20 -6.97 -34.63
CA HIS A 394 -14.61 -7.81 -35.75
C HIS A 394 -16.13 -7.86 -35.75
N GLY A 395 -16.69 -8.45 -36.79
CA GLY A 395 -18.14 -8.47 -37.01
C GLY A 395 -18.64 -7.37 -37.93
N GLU A 396 -19.96 -7.28 -38.12
CA GLU A 396 -20.61 -6.29 -39.00
C GLU A 396 -20.65 -4.91 -38.33
N GLY A 397 -20.39 -3.85 -39.10
CA GLY A 397 -20.55 -2.50 -38.57
C GLY A 397 -19.39 -2.01 -37.73
N VAL A 398 -18.18 -2.42 -38.12
CA VAL A 398 -16.95 -2.12 -37.42
C VAL A 398 -16.05 -1.24 -38.28
N GLY A 399 -15.31 -0.36 -37.63
CA GLY A 399 -14.32 0.45 -38.29
C GLY A 399 -14.02 1.69 -37.47
N TRP A 400 -12.88 2.30 -37.79
CA TRP A 400 -12.34 3.43 -37.02
C TRP A 400 -13.40 4.54 -36.83
N GLU A 401 -14.20 4.83 -37.86
CA GLU A 401 -15.34 5.75 -37.70
C GLU A 401 -16.66 5.00 -37.51
N THR A 402 -16.83 3.89 -38.23
CA THR A 402 -18.08 3.14 -38.26
C THR A 402 -18.58 2.79 -36.85
N ASN A 403 -17.74 2.18 -36.04
CA ASN A 403 -18.11 1.94 -34.64
C ASN A 403 -17.16 2.65 -33.70
N ARG A 404 -16.80 3.87 -34.08
CA ARG A 404 -16.04 4.74 -33.21
C ARG A 404 -16.66 4.86 -31.81
N ALA A 405 -15.83 4.68 -30.79
CA ALA A 405 -16.26 4.80 -29.39
C ALA A 405 -15.04 5.29 -28.59
N ASP A 406 -15.08 6.54 -28.16
CA ASP A 406 -13.85 7.15 -27.63
C ASP A 406 -13.40 6.59 -26.27
N TYR A 407 -14.36 6.39 -25.36
CA TYR A 407 -14.03 6.16 -23.97
C TYR A 407 -14.80 4.96 -23.41
N GLY A 408 -14.10 4.06 -22.71
CA GLY A 408 -14.75 2.87 -22.15
C GLY A 408 -15.45 3.12 -20.83
N VAL A 409 -14.66 3.27 -19.78
CA VAL A 409 -15.12 3.41 -18.42
C VAL A 409 -14.47 4.64 -17.85
N HIS A 410 -15.30 5.49 -17.25
CA HIS A 410 -14.80 6.67 -16.56
C HIS A 410 -15.28 6.62 -15.13
N VAL A 411 -14.35 6.48 -14.18
CA VAL A 411 -14.75 6.40 -12.78
C VAL A 411 -14.54 7.76 -12.16
N LYS A 412 -15.62 8.44 -11.84
CA LYS A 412 -15.56 9.76 -11.18
C LYS A 412 -15.85 9.75 -9.70
N GLY A 413 -16.32 8.63 -9.17
CA GLY A 413 -16.63 8.55 -7.76
C GLY A 413 -15.47 8.05 -6.91
N ASP A 414 -15.64 8.13 -5.58
CA ASP A 414 -14.59 7.81 -4.64
C ASP A 414 -14.81 6.41 -4.03
N ASN A 415 -13.72 5.77 -3.69
CA ASN A 415 -13.72 4.44 -3.03
C ASN A 415 -14.41 3.37 -3.90
N VAL A 416 -14.29 3.54 -5.21
CA VAL A 416 -14.82 2.57 -6.17
C VAL A 416 -13.85 1.41 -6.31
N LEU A 417 -14.37 0.19 -6.42
CA LEU A 417 -13.53 -1.01 -6.51
C LEU A 417 -13.94 -1.75 -7.75
N ALA A 418 -12.94 -2.09 -8.55
CA ALA A 418 -13.16 -2.93 -9.73
C ALA A 418 -12.38 -4.21 -9.48
N THR A 419 -13.04 -5.34 -9.68
CA THR A 419 -12.46 -6.66 -9.52
C THR A 419 -12.84 -7.43 -10.80
N GLY A 420 -11.86 -7.65 -11.67
CA GLY A 420 -12.14 -8.35 -12.92
C GLY A 420 -12.57 -7.36 -14.00
N LEU A 421 -11.69 -6.42 -14.31
CA LEU A 421 -12.03 -5.31 -15.24
C LEU A 421 -11.43 -5.61 -16.61
N PHE A 422 -12.26 -5.79 -17.64
CA PHE A 422 -11.76 -6.10 -19.00
C PHE A 422 -12.32 -4.98 -19.94
N VAL A 423 -11.47 -4.21 -20.59
CA VAL A 423 -11.95 -3.12 -21.42
C VAL A 423 -11.06 -2.97 -22.66
N GLU A 424 -11.64 -3.00 -23.84
CA GLU A 424 -10.83 -3.15 -25.07
C GLU A 424 -11.32 -2.32 -26.26
N HIS A 425 -10.32 -1.73 -26.91
CA HIS A 425 -10.33 -1.25 -28.31
C HIS A 425 -10.91 0.15 -28.52
N PHE A 426 -11.04 0.93 -27.45
CA PHE A 426 -11.56 2.28 -27.60
C PHE A 426 -10.63 3.24 -28.37
N ASN A 427 -11.23 4.25 -29.02
CA ASN A 427 -10.42 5.15 -29.86
C ASN A 427 -9.51 6.05 -29.02
N LYS A 428 -9.92 6.35 -27.79
CA LYS A 428 -9.14 7.13 -26.85
C LYS A 428 -8.88 6.34 -25.57
N TYR A 429 -9.16 6.93 -24.40
CA TYR A 429 -8.85 6.25 -23.16
C TYR A 429 -9.84 5.11 -22.84
N ASP A 430 -9.35 3.89 -22.74
CA ASP A 430 -10.22 2.76 -22.41
C ASP A 430 -10.79 2.93 -21.01
N VAL A 431 -9.91 3.20 -20.08
CA VAL A 431 -10.30 3.49 -18.70
C VAL A 431 -9.65 4.78 -18.24
N GLN A 432 -10.48 5.66 -17.66
CA GLN A 432 -10.04 6.88 -16.97
C GLN A 432 -10.58 6.87 -15.55
N TRP A 433 -9.72 7.22 -14.61
CA TRP A 433 -10.06 7.24 -13.20
C TRP A 433 -9.75 8.61 -12.61
N SER A 434 -10.81 9.27 -12.18
CA SER A 434 -10.72 10.65 -11.70
C SER A 434 -10.95 10.73 -10.21
N GLY A 435 -11.65 9.73 -9.66
CA GLY A 435 -12.04 9.71 -8.26
C GLY A 435 -10.95 9.26 -7.36
N GLU A 436 -11.14 9.47 -6.05
CA GLU A 436 -10.16 9.12 -5.05
C GLU A 436 -10.29 7.71 -4.52
N ASN A 437 -9.14 7.18 -4.10
CA ASN A 437 -9.04 5.87 -3.45
C ASN A 437 -9.65 4.75 -4.26
N GLY A 438 -9.52 4.86 -5.58
CA GLY A 438 -9.94 3.78 -6.43
C GLY A 438 -9.00 2.59 -6.27
N LYS A 439 -9.55 1.40 -6.49
CA LYS A 439 -8.79 0.15 -6.48
C LYS A 439 -9.22 -0.74 -7.64
N THR A 440 -8.26 -1.27 -8.40
CA THR A 440 -8.53 -2.28 -9.43
C THR A 440 -7.72 -3.52 -9.16
N ILE A 441 -8.41 -4.64 -9.03
CA ILE A 441 -7.78 -5.95 -8.97
C ILE A 441 -8.11 -6.70 -10.23
N PHE A 442 -7.06 -6.89 -11.04
CA PHE A 442 -7.08 -7.46 -12.39
C PHE A 442 -7.63 -6.51 -13.47
N TYR A 443 -6.75 -6.23 -14.45
CA TYR A 443 -7.14 -5.49 -15.66
C TYR A 443 -6.58 -6.14 -16.92
N GLN A 444 -7.46 -6.26 -17.90
CA GLN A 444 -7.08 -6.73 -19.21
C GLN A 444 -7.60 -5.72 -20.25
N ASN A 445 -6.68 -5.23 -21.06
CA ASN A 445 -7.00 -4.37 -22.17
C ASN A 445 -6.27 -4.84 -23.42
N ALA A 446 -6.92 -4.65 -24.56
CA ALA A 446 -6.25 -4.58 -25.86
C ALA A 446 -6.63 -3.24 -26.48
N LYS A 447 -5.66 -2.62 -27.13
CA LYS A 447 -5.92 -1.31 -27.71
C LYS A 447 -6.65 -1.48 -29.05
N ALA A 448 -7.13 -0.38 -29.61
CA ALA A 448 -7.76 -0.41 -30.93
C ALA A 448 -6.83 -1.03 -31.96
N TYR A 449 -7.34 -1.96 -32.79
CA TYR A 449 -6.53 -2.56 -33.82
C TYR A 449 -6.51 -1.73 -35.08
N ASP A 450 -7.56 -0.92 -35.25
CA ASP A 450 -7.82 -0.28 -36.53
C ASP A 450 -7.39 1.19 -36.65
N ALA A 451 -6.53 1.69 -35.75
CA ALA A 451 -6.08 3.06 -35.87
C ALA A 451 -5.34 3.09 -37.21
N PRO A 452 -5.66 4.07 -38.07
CA PRO A 452 -5.11 4.04 -39.43
C PRO A 452 -3.67 4.53 -39.55
N ASP A 453 -3.21 5.27 -38.54
CA ASP A 453 -1.91 5.91 -38.62
C ASP A 453 -1.64 6.56 -37.28
N GLN A 454 -0.38 6.96 -37.08
CA GLN A 454 0.05 7.56 -35.82
C GLN A 454 -0.77 8.80 -35.44
N ALA A 455 -0.78 9.79 -36.32
CA ALA A 455 -1.51 11.03 -36.02
C ALA A 455 -2.98 10.82 -35.68
N ALA A 456 -3.60 9.78 -36.22
CA ALA A 456 -5.01 9.52 -35.83
C ALA A 456 -5.20 9.36 -34.31
N ILE A 457 -4.13 9.01 -33.59
CA ILE A 457 -4.18 8.76 -32.16
C ILE A 457 -3.24 9.62 -31.35
N GLN A 458 -2.89 10.77 -31.89
CA GLN A 458 -2.10 11.68 -31.08
C GLN A 458 -2.98 12.20 -29.92
N ASN A 459 -2.37 12.31 -28.74
CA ASN A 459 -2.98 12.97 -27.62
C ASN A 459 -1.95 13.92 -27.06
N GLY A 460 -1.77 15.04 -27.76
CA GLY A 460 -0.85 16.07 -27.33
C GLY A 460 0.55 15.65 -27.69
N ASP A 461 1.42 15.61 -26.69
CA ASP A 461 2.80 15.17 -26.88
C ASP A 461 2.95 13.63 -26.81
N ILE A 462 1.89 12.98 -26.32
CA ILE A 462 1.86 11.53 -26.15
C ILE A 462 1.40 10.84 -27.41
N LYS A 463 2.14 9.81 -27.80
CA LYS A 463 1.69 8.93 -28.86
C LYS A 463 0.64 7.96 -28.32
N GLY A 464 -0.58 8.07 -28.82
CA GLY A 464 -1.72 7.30 -28.32
C GLY A 464 -2.27 7.65 -26.96
N TYR A 465 -3.34 6.94 -26.57
CA TYR A 465 -4.05 7.13 -25.30
C TYR A 465 -3.83 5.92 -24.41
N ALA A 466 -3.51 6.16 -23.16
CA ALA A 466 -3.32 5.06 -22.23
C ALA A 466 -4.54 4.18 -22.22
N ALA A 467 -4.32 2.90 -22.01
CA ALA A 467 -5.42 1.98 -21.68
C ALA A 467 -6.05 2.27 -20.31
N TYR A 468 -5.25 2.78 -19.39
CA TYR A 468 -5.70 3.02 -18.03
C TYR A 468 -4.97 4.24 -17.53
N LYS A 469 -5.75 5.31 -17.38
CA LYS A 469 -5.27 6.57 -16.93
C LYS A 469 -5.87 7.00 -15.60
N VAL A 470 -4.99 7.42 -14.70
CA VAL A 470 -5.39 8.05 -13.47
C VAL A 470 -5.08 9.52 -13.62
N ASP A 471 -6.07 10.39 -13.40
CA ASP A 471 -5.87 11.85 -13.54
C ASP A 471 -4.72 12.33 -12.64
N ASP A 472 -4.01 13.35 -13.16
CA ASP A 472 -2.95 14.12 -12.48
C ASP A 472 -3.38 14.61 -11.09
N SER A 473 -4.60 15.18 -11.01
CA SER A 473 -5.16 15.68 -9.75
C SER A 473 -5.37 14.61 -8.68
N VAL A 474 -5.59 13.38 -9.14
CA VAL A 474 -5.87 12.29 -8.24
C VAL A 474 -4.71 12.14 -7.26
N THR A 475 -5.05 11.72 -6.07
CA THR A 475 -4.15 11.76 -4.95
C THR A 475 -3.95 10.34 -4.36
N THR A 476 -5.00 9.50 -4.43
CA THR A 476 -4.98 8.15 -3.86
C THR A 476 -5.52 7.16 -4.94
N HIS A 477 -4.75 6.12 -5.28
CA HIS A 477 -5.17 5.04 -6.22
C HIS A 477 -4.30 3.77 -6.07
N GLU A 478 -4.88 2.59 -6.26
CA GLU A 478 -4.05 1.37 -6.30
C GLU A 478 -4.58 0.30 -7.26
N GLY A 479 -3.68 -0.29 -8.04
CA GLY A 479 -4.03 -1.30 -9.02
C GLY A 479 -3.08 -2.49 -8.96
N TRP A 480 -3.62 -3.69 -9.14
CA TRP A 480 -2.84 -4.94 -9.12
C TRP A 480 -3.11 -5.80 -10.33
N GLY A 481 -2.05 -6.27 -10.98
CA GLY A 481 -2.20 -7.33 -11.98
C GLY A 481 -2.90 -6.87 -13.26
N MET A 482 -2.20 -6.03 -14.03
CA MET A 482 -2.80 -5.26 -15.09
C MET A 482 -2.01 -5.35 -16.38
N GLY A 483 -2.70 -5.61 -17.48
CA GLY A 483 -2.05 -5.73 -18.76
C GLY A 483 -2.78 -5.10 -19.95
N SER A 484 -1.98 -4.49 -20.82
CA SER A 484 -2.50 -3.89 -22.07
C SER A 484 -1.74 -4.47 -23.29
N TYR A 485 -2.49 -4.96 -24.27
CA TYR A 485 -1.88 -5.57 -25.48
C TYR A 485 -2.19 -4.71 -26.73
N CYS A 486 -1.29 -4.75 -27.72
CA CYS A 486 -1.52 -4.06 -28.99
C CYS A 486 -1.46 -5.00 -30.20
N TYR A 487 -2.26 -4.68 -31.22
CA TYR A 487 -2.33 -5.42 -32.46
C TYR A 487 -2.76 -4.43 -33.54
N PHE A 488 -1.83 -3.55 -33.88
CA PHE A 488 -2.13 -2.45 -34.79
C PHE A 488 -1.99 -3.04 -36.18
N ASN A 489 -3.02 -3.76 -36.63
CA ASN A 489 -2.90 -4.59 -37.83
C ASN A 489 -3.28 -3.86 -39.09
N VAL A 490 -3.94 -2.71 -38.99
CA VAL A 490 -4.07 -1.85 -40.16
C VAL A 490 -2.76 -1.15 -40.45
N ASN A 491 -2.11 -0.64 -39.39
CA ASN A 491 -0.83 0.06 -39.53
C ASN A 491 0.20 -0.34 -38.47
N PRO A 492 0.96 -1.41 -38.74
CA PRO A 492 1.90 -1.96 -37.74
C PRO A 492 3.14 -1.10 -37.50
N ASP A 493 3.27 0.04 -38.17
CA ASP A 493 4.30 1.02 -37.84
C ASP A 493 3.98 1.86 -36.60
N ILE A 494 2.72 1.80 -36.16
CA ILE A 494 2.29 2.64 -35.04
C ILE A 494 3.10 2.33 -33.79
N ARG A 495 3.26 3.38 -32.99
CA ARG A 495 3.80 3.30 -31.64
C ARG A 495 2.79 3.78 -30.60
N GLN A 496 2.71 3.02 -29.51
CA GLN A 496 1.82 3.32 -28.39
C GLN A 496 2.74 3.69 -27.24
N GLN A 497 2.64 4.90 -26.73
CA GLN A 497 3.66 5.36 -25.79
C GLN A 497 3.67 4.55 -24.54
N HIS A 498 2.47 4.21 -24.03
CA HIS A 498 2.38 3.40 -22.80
C HIS A 498 1.02 2.71 -22.68
N GLY A 499 0.94 1.68 -21.82
CA GLY A 499 -0.35 1.12 -21.47
C GLY A 499 -1.06 1.88 -20.37
N PHE A 500 -0.26 2.53 -19.52
CA PHE A 500 -0.72 3.17 -18.28
C PHE A 500 -0.17 4.59 -18.13
N GLN A 501 -0.97 5.47 -17.53
CA GLN A 501 -0.55 6.83 -17.20
C GLN A 501 -1.09 7.25 -15.85
N ALA A 502 -0.24 7.86 -15.04
CA ALA A 502 -0.61 8.22 -13.65
C ALA A 502 0.37 9.22 -13.11
N PRO A 503 0.04 9.81 -11.97
CA PRO A 503 0.96 10.71 -11.31
C PRO A 503 1.96 9.88 -10.55
N VAL A 504 3.13 10.45 -10.34
CA VAL A 504 4.07 9.99 -9.33
C VAL A 504 3.71 10.79 -8.07
N LYS A 505 2.98 10.10 -7.19
CA LYS A 505 2.57 10.57 -5.87
C LYS A 505 2.62 9.34 -4.97
N PRO A 506 3.18 9.44 -3.76
CA PRO A 506 3.22 8.22 -2.95
C PRO A 506 1.90 7.53 -2.61
N GLY A 507 0.75 8.16 -2.91
CA GLY A 507 -0.57 7.58 -2.72
C GLY A 507 -1.16 6.93 -3.99
N VAL A 508 -0.37 6.90 -5.07
CA VAL A 508 -0.77 6.28 -6.37
C VAL A 508 0.18 5.10 -6.69
N LYS A 509 -0.34 3.89 -6.48
CA LYS A 509 0.48 2.68 -6.42
C LYS A 509 0.03 1.69 -7.46
N PHE A 510 0.96 1.09 -8.21
CA PHE A 510 0.65 -0.04 -9.07
C PHE A 510 1.58 -1.24 -8.82
N HIS A 511 0.98 -2.42 -8.95
CA HIS A 511 1.65 -3.70 -8.85
C HIS A 511 1.40 -4.58 -10.03
N ASP A 512 2.50 -5.08 -10.60
CA ASP A 512 2.49 -6.14 -11.62
C ASP A 512 1.83 -5.69 -12.89
N LEU A 513 2.61 -4.94 -13.67
CA LEU A 513 2.14 -4.25 -14.86
C LEU A 513 2.81 -4.91 -16.06
N LEU A 514 2.05 -5.13 -17.10
CA LEU A 514 2.65 -5.62 -18.36
C LEU A 514 2.04 -4.94 -19.58
N VAL A 515 2.85 -4.74 -20.62
CA VAL A 515 2.34 -4.44 -21.97
C VAL A 515 2.91 -5.46 -22.95
N VAL A 516 2.15 -5.73 -24.02
CA VAL A 516 2.52 -6.77 -24.97
C VAL A 516 2.12 -6.43 -26.38
N SER A 517 3.07 -6.59 -27.31
CA SER A 517 2.79 -6.49 -28.73
C SER A 517 2.49 -7.85 -29.32
N LEU A 518 1.29 -7.98 -29.89
CA LEU A 518 0.88 -9.25 -30.46
C LEU A 518 1.44 -9.42 -31.90
N GLY A 519 2.39 -10.34 -32.09
CA GLY A 519 3.02 -10.55 -33.37
C GLY A 519 3.81 -9.36 -33.94
N GLY A 520 4.30 -8.49 -33.07
CA GLY A 520 5.05 -7.34 -33.46
C GLY A 520 4.28 -6.36 -34.33
N LYS A 521 2.96 -6.39 -34.25
CA LYS A 521 2.13 -5.45 -35.00
C LYS A 521 1.90 -4.16 -34.13
N GLY A 522 2.76 -3.17 -34.36
CA GLY A 522 2.86 -2.04 -33.47
C GLY A 522 3.78 -2.41 -32.33
N GLN A 523 4.26 -1.40 -31.61
CA GLN A 523 5.00 -1.63 -30.39
C GLN A 523 4.66 -0.57 -29.33
N TYR A 524 4.85 -0.94 -28.05
CA TYR A 524 4.80 0.02 -26.96
C TYR A 524 6.19 0.64 -26.80
N GLU A 525 6.26 1.91 -26.42
CA GLU A 525 7.54 2.57 -26.12
C GLU A 525 7.94 2.37 -24.65
N HIS A 526 6.92 2.21 -23.81
CA HIS A 526 7.09 2.03 -22.37
C HIS A 526 5.88 1.34 -21.78
N VAL A 527 5.97 0.99 -20.49
CA VAL A 527 4.84 0.38 -19.80
C VAL A 527 3.87 1.40 -19.18
N ILE A 528 4.41 2.29 -18.35
CA ILE A 528 3.64 3.29 -17.62
C ILE A 528 4.37 4.63 -17.72
N ASN A 529 3.65 5.68 -18.08
CA ASN A 529 4.31 6.93 -18.36
C ASN A 529 5.52 6.60 -19.31
N ASP A 530 6.68 7.22 -19.09
CA ASP A 530 7.85 6.90 -19.91
C ASP A 530 8.83 6.01 -19.09
N ILE A 531 8.24 5.08 -18.32
CA ILE A 531 8.91 4.03 -17.54
C ILE A 531 8.62 2.61 -18.08
N GLY A 532 9.62 1.74 -18.02
CA GLY A 532 9.48 0.36 -18.49
C GLY A 532 10.02 0.22 -19.91
N ASP A 533 10.51 -0.97 -20.26
CA ASP A 533 11.07 -1.26 -21.59
C ASP A 533 10.04 -1.07 -22.67
N PRO A 534 10.48 -0.61 -23.85
CA PRO A 534 9.58 -0.81 -24.98
C PRO A 534 9.36 -2.30 -25.24
N THR A 535 8.36 -2.67 -26.03
CA THR A 535 8.30 -4.05 -26.51
C THR A 535 9.08 -4.23 -27.80
N SER A 536 9.79 -5.37 -27.93
CA SER A 536 10.72 -5.67 -29.04
C SER A 536 10.34 -6.89 -29.86
N GLY A 537 10.93 -6.98 -31.06
CA GLY A 537 10.76 -8.14 -31.95
C GLY A 537 9.30 -8.43 -32.33
N ASP A 538 9.10 -9.62 -32.90
CA ASP A 538 7.77 -10.11 -33.29
C ASP A 538 7.32 -11.31 -32.46
N THR A 539 7.79 -11.39 -31.21
CA THR A 539 7.65 -12.63 -30.42
C THR A 539 6.73 -12.56 -29.20
N THR A 540 6.06 -11.44 -29.03
CA THR A 540 4.97 -11.36 -28.06
C THR A 540 5.56 -11.62 -26.66
N ILE A 541 6.72 -11.05 -26.40
CA ILE A 541 7.32 -11.11 -25.08
C ILE A 541 6.92 -9.86 -24.26
N PRO A 542 6.31 -10.06 -23.09
CA PRO A 542 5.85 -8.88 -22.32
C PRO A 542 6.91 -7.96 -21.69
N SER A 543 6.70 -6.65 -21.77
CA SER A 543 7.47 -5.70 -20.99
C SER A 543 6.73 -5.42 -19.68
N GLN A 544 7.46 -5.52 -18.56
CA GLN A 544 6.86 -5.55 -17.24
C GLN A 544 7.41 -4.47 -16.34
N VAL A 545 6.51 -3.97 -15.50
CA VAL A 545 6.94 -3.17 -14.35
C VAL A 545 6.32 -3.82 -13.07
N VAL A 546 7.15 -4.17 -12.08
CA VAL A 546 6.69 -4.93 -10.92
C VAL A 546 6.04 -3.99 -9.88
N SER A 547 6.71 -2.88 -9.61
CA SER A 547 6.26 -1.95 -8.55
C SER A 547 6.34 -0.47 -9.04
N PHE A 548 5.40 0.38 -8.62
CA PHE A 548 5.44 1.82 -8.93
C PHE A 548 4.64 2.70 -7.92
N PRO A 549 5.24 3.80 -7.38
CA PRO A 549 6.66 4.09 -7.19
C PRO A 549 7.21 2.89 -6.46
N VAL B 2 -15.54 16.09 20.34
CA VAL B 2 -14.16 15.61 20.45
C VAL B 2 -14.07 14.58 21.61
N VAL B 3 -13.38 13.45 21.41
CA VAL B 3 -13.27 12.44 22.47
C VAL B 3 -12.00 11.56 22.42
N GLY B 4 -11.73 10.85 23.53
CA GLY B 4 -10.53 10.04 23.63
C GLY B 4 -10.68 8.54 23.40
N GLY B 5 -9.54 7.88 23.22
CA GLY B 5 -9.41 6.43 22.98
C GLY B 5 -10.00 5.81 21.72
N GLY B 6 -10.38 4.53 21.80
CA GLY B 6 -10.97 3.81 20.67
C GLY B 6 -9.96 3.39 19.60
N ASP B 7 -10.45 2.69 18.58
CA ASP B 7 -9.63 2.12 17.51
C ASP B 7 -8.31 2.78 17.13
N LEU B 8 -7.26 1.95 17.06
CA LEU B 8 -5.95 2.39 16.59
C LEU B 8 -5.74 2.23 15.09
N GLY B 9 -6.76 1.75 14.39
CA GLY B 9 -6.74 1.78 12.94
C GLY B 9 -6.11 0.54 12.36
N PRO B 10 -6.00 0.51 11.01
CA PRO B 10 -5.53 -0.63 10.22
C PRO B 10 -4.02 -0.85 10.20
N ASN B 11 -3.24 0.17 10.58
CA ASN B 11 -1.79 -0.02 10.59
C ASN B 11 -1.16 -0.19 11.97
N VAL B 12 -1.97 -0.36 13.01
CA VAL B 12 -1.49 -1.05 14.21
C VAL B 12 -1.89 -2.55 14.12
N LEU B 13 -0.91 -3.41 13.77
CA LEU B 13 -1.11 -4.85 13.64
C LEU B 13 -0.79 -5.58 14.94
N VAL B 14 -1.79 -6.26 15.47
CA VAL B 14 -1.74 -6.77 16.81
C VAL B 14 -1.72 -8.29 16.79
N PHE B 15 -0.84 -8.85 17.61
CA PHE B 15 -0.62 -10.27 17.67
C PHE B 15 -0.74 -10.77 19.11
N ASP B 16 -1.45 -11.90 19.27
CA ASP B 16 -1.37 -12.74 20.48
C ASP B 16 -0.84 -14.11 20.04
N PRO B 17 -0.59 -15.06 20.97
CA PRO B 17 0.22 -16.15 20.40
C PRO B 17 -0.53 -17.21 19.57
N SER B 18 -1.87 -17.11 19.58
CA SER B 18 -2.82 -18.00 18.88
C SER B 18 -3.34 -17.42 17.57
N THR B 19 -3.19 -16.10 17.43
CA THR B 19 -3.79 -15.39 16.33
C THR B 19 -2.79 -15.93 15.27
N PRO B 20 -3.29 -16.33 14.08
CA PRO B 20 -2.72 -17.30 13.13
C PRO B 20 -1.74 -16.76 12.06
N ASP B 21 -0.88 -17.64 11.55
CA ASP B 21 0.14 -17.31 10.55
C ASP B 21 1.00 -16.06 10.90
N ILE B 22 1.55 -16.05 12.10
CA ILE B 22 2.27 -14.85 12.51
C ILE B 22 3.47 -14.60 11.59
N GLN B 23 4.20 -15.65 11.24
CA GLN B 23 5.39 -15.48 10.41
C GLN B 23 4.97 -14.87 9.08
N GLY B 24 3.92 -15.43 8.48
CA GLY B 24 3.55 -15.03 7.14
C GLY B 24 3.13 -13.57 7.14
N LYS B 25 2.47 -13.15 8.19
CA LYS B 25 2.02 -11.75 8.31
C LYS B 25 3.14 -10.75 8.43
N VAL B 26 4.13 -10.99 9.29
CA VAL B 26 5.25 -10.03 9.36
C VAL B 26 6.09 -10.17 8.10
N ASP B 27 6.05 -11.36 7.50
CA ASP B 27 6.70 -11.57 6.20
C ASP B 27 6.10 -10.78 4.98
N GLU B 28 4.77 -10.52 4.91
CA GLU B 28 4.24 -9.60 3.85
C GLU B 28 4.56 -8.15 4.15
N VAL B 29 4.50 -7.75 5.43
CA VAL B 29 4.82 -6.36 5.77
C VAL B 29 6.24 -6.13 5.31
N PHE B 30 7.10 -7.10 5.60
CA PHE B 30 8.51 -6.99 5.23
C PHE B 30 8.68 -7.03 3.72
N ARG B 31 7.88 -7.82 3.03
CA ARG B 31 8.00 -7.86 1.60
C ARG B 31 7.82 -6.45 1.07
N LYS B 32 6.77 -5.80 1.54
CA LYS B 32 6.39 -4.45 1.08
C LYS B 32 7.25 -3.30 1.56
N GLN B 33 7.85 -3.47 2.72
CA GLN B 33 8.64 -2.39 3.32
C GLN B 33 10.16 -2.51 3.20
N GLU B 34 10.66 -3.69 2.87
CA GLU B 34 12.09 -3.93 2.83
C GLU B 34 12.89 -2.83 2.13
N SER B 35 12.49 -2.47 0.93
CA SER B 35 13.22 -1.39 0.23
C SER B 35 12.39 -0.17 -0.05
N ASN B 36 11.29 0.02 0.68
CA ASN B 36 10.37 1.14 0.47
C ASN B 36 10.84 2.38 1.25
N GLN B 37 12.05 2.83 0.94
CA GLN B 37 12.76 3.84 1.71
C GLN B 37 12.02 5.18 1.90
N PHE B 38 11.27 5.60 0.91
CA PHE B 38 10.71 6.95 0.91
C PHE B 38 9.19 7.00 0.75
N GLY B 39 8.54 5.86 0.77
CA GLY B 39 7.09 5.84 0.54
C GLY B 39 6.34 6.40 1.72
N THR B 40 5.05 6.17 1.71
CA THR B 40 4.58 5.93 2.99
C THR B 40 4.03 4.56 3.03
N ASP B 41 3.06 4.37 3.84
CA ASP B 41 2.82 3.13 4.49
C ASP B 41 3.77 3.19 5.67
N ARG B 42 3.13 2.96 6.79
CA ARG B 42 3.70 2.97 8.09
C ARG B 42 3.04 1.78 8.75
N TYR B 43 3.79 1.09 9.59
CA TYR B 43 3.33 -0.12 10.24
C TYR B 43 3.82 -0.18 11.65
N ALA B 44 2.92 -0.48 12.58
CA ALA B 44 3.32 -0.85 13.95
C ALA B 44 2.88 -2.28 14.26
N LEU B 45 3.84 -3.10 14.70
CA LEU B 45 3.59 -4.48 15.10
C LEU B 45 3.69 -4.48 16.62
N MET B 46 2.56 -4.85 17.24
CA MET B 46 2.38 -4.84 18.68
C MET B 46 2.14 -6.28 19.06
N PHE B 47 2.92 -6.80 19.99
CA PHE B 47 2.78 -8.19 20.44
C PHE B 47 2.29 -8.28 21.87
N LYS B 48 1.13 -8.90 22.10
CA LYS B 48 0.63 -9.11 23.47
C LYS B 48 1.57 -9.97 24.32
N PRO B 49 1.58 -9.75 25.64
CA PRO B 49 2.46 -10.50 26.53
C PRO B 49 2.21 -12.01 26.45
N GLY B 50 3.29 -12.75 26.21
CA GLY B 50 3.31 -14.21 26.11
C GLY B 50 4.64 -14.70 25.48
N THR B 51 4.72 -15.96 25.00
CA THR B 51 5.91 -16.38 24.23
C THR B 51 5.52 -16.88 22.86
N TYR B 52 6.37 -16.53 21.92
CA TYR B 52 6.15 -16.76 20.52
C TYR B 52 7.33 -17.61 20.06
N ASN B 53 7.04 -18.70 19.35
CA ASN B 53 8.05 -19.63 18.89
C ASN B 53 8.22 -19.46 17.37
N ASP B 54 9.35 -19.92 16.84
CA ASP B 54 9.54 -20.07 15.40
C ASP B 54 9.37 -18.74 14.63
N ILE B 55 9.77 -17.64 15.28
CA ILE B 55 9.58 -16.32 14.69
C ILE B 55 10.87 -15.64 14.32
N ASN B 56 10.89 -15.03 13.15
CA ASN B 56 12.01 -14.20 12.71
C ASN B 56 11.37 -13.01 12.04
N ALA B 57 11.27 -11.94 12.79
CA ALA B 57 10.54 -10.78 12.34
C ALA B 57 11.57 -9.85 11.72
N GLN B 58 11.57 -9.79 10.41
CA GLN B 58 12.50 -8.93 9.71
C GLN B 58 11.81 -7.56 9.59
N ILE B 59 12.56 -6.52 9.90
CA ILE B 59 12.00 -5.20 10.03
C ILE B 59 12.54 -4.38 8.85
N GLY B 60 11.62 -3.94 8.00
CA GLY B 60 11.94 -3.01 6.93
C GLY B 60 11.74 -1.56 7.32
N PHE B 61 11.66 -0.71 6.29
CA PHE B 61 11.36 0.69 6.49
C PHE B 61 10.02 0.97 7.19
N TYR B 62 10.02 1.95 8.09
CA TYR B 62 8.80 2.51 8.69
C TYR B 62 7.96 1.44 9.37
N THR B 63 8.68 0.55 10.06
CA THR B 63 8.08 -0.56 10.80
C THR B 63 8.66 -0.49 12.23
N SER B 64 7.76 -0.42 13.23
CA SER B 64 8.12 -0.37 14.66
C SER B 64 7.61 -1.56 15.50
N ILE B 65 8.44 -2.53 15.81
CA ILE B 65 7.95 -3.75 16.53
C ILE B 65 8.13 -3.58 18.05
N ALA B 66 7.13 -4.01 18.82
CA ALA B 66 7.17 -3.90 20.28
C ALA B 66 6.29 -4.91 20.98
N GLY B 67 6.63 -5.16 22.24
CA GLY B 67 5.80 -5.90 23.17
C GLY B 67 4.86 -4.96 23.95
N LEU B 68 3.88 -5.56 24.62
CA LEU B 68 2.82 -4.84 25.33
C LEU B 68 2.70 -5.22 26.81
N GLY B 69 3.74 -5.83 27.36
CA GLY B 69 3.79 -6.25 28.78
C GLY B 69 4.35 -5.16 29.68
N LEU B 70 4.27 -5.26 31.02
CA LEU B 70 4.77 -4.13 31.81
C LEU B 70 6.26 -4.09 31.56
N ASN B 71 6.80 -5.27 31.32
CA ASN B 71 8.24 -5.42 31.21
C ASN B 71 8.67 -6.39 30.10
N PRO B 72 9.90 -6.22 29.60
CA PRO B 72 10.28 -6.88 28.33
C PRO B 72 10.28 -8.40 28.40
N ASP B 73 10.52 -8.94 29.59
CA ASP B 73 10.57 -10.39 29.72
C ASP B 73 9.17 -11.01 29.60
N ASP B 74 8.13 -10.16 29.59
CA ASP B 74 6.76 -10.64 29.48
C ASP B 74 6.31 -10.95 28.06
N THR B 75 7.05 -10.44 27.09
CA THR B 75 6.78 -10.75 25.68
C THR B 75 8.08 -11.28 25.10
N THR B 76 8.16 -12.61 24.99
CA THR B 76 9.38 -13.28 24.64
C THR B 76 9.23 -13.97 23.30
N PHE B 77 10.20 -13.74 22.45
CA PHE B 77 10.27 -14.42 21.19
C PHE B 77 11.37 -15.48 21.31
N ASN B 78 11.03 -16.72 21.02
CA ASN B 78 12.05 -17.73 20.72
C ASN B 78 12.28 -17.63 19.25
N GLY B 79 13.30 -16.85 18.92
CA GLY B 79 13.38 -16.24 17.61
C GLY B 79 14.03 -14.88 17.66
N ASP B 80 13.80 -14.10 16.60
CA ASP B 80 14.67 -12.96 16.26
C ASP B 80 13.84 -11.75 15.82
N VAL B 81 14.42 -10.58 16.04
CA VAL B 81 13.92 -9.31 15.48
C VAL B 81 15.08 -8.83 14.63
N THR B 82 15.03 -9.07 13.33
CA THR B 82 16.18 -8.96 12.45
C THR B 82 16.12 -7.74 11.54
N VAL B 83 17.25 -7.05 11.45
CA VAL B 83 17.48 -6.10 10.34
C VAL B 83 18.74 -6.53 9.64
N ASP B 84 18.59 -6.83 8.36
CA ASP B 84 19.71 -7.13 7.48
C ASP B 84 19.69 -6.15 6.29
N ALA B 85 20.58 -6.38 5.33
CA ALA B 85 20.88 -5.41 4.29
C ALA B 85 20.76 -6.05 2.90
N GLY B 86 19.81 -6.95 2.77
CA GLY B 86 19.63 -7.69 1.52
C GLY B 86 19.40 -6.79 0.31
N TRP B 87 18.50 -5.81 0.45
CA TRP B 87 18.09 -4.98 -0.70
C TRP B 87 19.14 -4.02 -1.19
N PHE B 88 20.09 -3.64 -0.33
CA PHE B 88 21.12 -2.66 -0.70
C PHE B 88 22.45 -3.39 -0.77
N ASP B 89 22.33 -4.64 -1.21
CA ASP B 89 23.48 -5.56 -1.43
C ASP B 89 24.63 -5.52 -0.42
N GLY B 90 24.24 -5.55 0.85
CA GLY B 90 25.14 -5.81 1.95
C GLY B 90 25.57 -4.56 2.66
N ASN B 91 25.18 -3.41 2.10
CA ASN B 91 25.51 -2.10 2.69
C ASN B 91 24.35 -1.66 3.57
N ALA B 92 24.60 -1.46 4.86
CA ALA B 92 23.53 -1.13 5.82
C ALA B 92 23.35 0.37 5.98
N THR B 93 24.07 1.17 5.19
CA THR B 93 24.03 2.62 5.41
C THR B 93 22.76 3.30 4.92
N GLN B 94 21.70 2.55 4.66
CA GLN B 94 20.43 3.19 4.46
C GLN B 94 19.29 2.51 5.20
N ASN B 95 19.65 1.74 6.23
CA ASN B 95 18.62 1.03 7.02
C ASN B 95 18.08 1.95 8.10
N PHE B 96 17.27 2.90 7.65
CA PHE B 96 16.77 3.95 8.50
C PHE B 96 15.33 3.69 8.98
N TRP B 97 14.90 4.44 9.98
CA TRP B 97 13.46 4.69 10.27
C TRP B 97 12.69 3.42 10.63
N ARG B 98 13.12 2.79 11.72
CA ARG B 98 12.44 1.60 12.21
C ARG B 98 12.78 1.43 13.69
N SER B 99 12.13 0.53 14.40
CA SER B 99 12.38 0.49 15.85
C SER B 99 12.01 -0.87 16.46
N ALA B 100 12.66 -1.16 17.56
CA ALA B 100 12.33 -2.34 18.40
C ALA B 100 12.25 -1.89 19.86
N GLU B 101 11.19 -2.30 20.57
CA GLU B 101 11.05 -1.94 21.98
C GLU B 101 10.29 -2.99 22.82
N ASN B 102 10.76 -3.24 24.03
CA ASN B 102 9.93 -3.91 25.04
C ASN B 102 9.62 -5.35 24.72
N LEU B 103 10.69 -6.03 24.28
CA LEU B 103 10.68 -7.45 23.95
C LEU B 103 11.92 -8.16 24.56
N ALA B 104 11.73 -9.45 24.87
CA ALA B 104 12.83 -10.34 25.18
C ALA B 104 13.04 -11.26 23.97
N LEU B 105 14.28 -11.38 23.54
CA LEU B 105 14.61 -12.21 22.39
C LEU B 105 15.59 -13.36 22.76
N ASN B 106 15.24 -14.56 22.33
CA ASN B 106 16.05 -15.77 22.50
C ASN B 106 16.46 -16.20 21.08
N PRO B 107 17.52 -15.58 20.57
CA PRO B 107 17.74 -15.69 19.12
C PRO B 107 18.17 -17.08 18.72
N VAL B 108 17.71 -17.53 17.56
CA VAL B 108 17.77 -18.94 17.22
C VAL B 108 19.20 -19.47 17.20
N ASN B 109 20.14 -18.69 16.66
CA ASN B 109 21.52 -19.18 16.60
C ASN B 109 22.37 -18.62 17.71
N GLY B 110 21.74 -17.93 18.66
CA GLY B 110 22.42 -17.44 19.85
C GLY B 110 22.73 -15.95 19.77
N THR B 111 22.55 -15.37 18.59
CA THR B 111 22.92 -14.00 18.30
C THR B 111 21.84 -13.33 17.48
N ASN B 112 21.32 -12.21 17.98
CA ASN B 112 20.34 -11.42 17.24
C ASN B 112 21.08 -10.38 16.37
N ARG B 113 20.58 -10.16 15.14
CA ARG B 113 21.24 -9.28 14.13
C ARG B 113 20.37 -8.00 13.97
N TRP B 114 20.89 -6.82 14.31
CA TRP B 114 20.16 -5.53 14.19
C TRP B 114 21.11 -4.58 13.46
N ALA B 115 21.27 -4.80 12.16
CA ALA B 115 22.27 -4.11 11.38
C ALA B 115 21.64 -2.85 10.80
N VAL B 116 21.54 -1.84 11.64
CA VAL B 116 20.83 -0.61 11.30
C VAL B 116 21.77 0.56 11.12
N SER B 117 21.24 1.65 10.54
CA SER B 117 21.94 2.94 10.52
C SER B 117 21.12 3.91 11.34
N GLN B 118 21.00 5.18 10.92
CA GLN B 118 20.38 6.18 11.75
C GLN B 118 18.88 6.00 11.88
N ALA B 119 18.33 6.56 12.97
CA ALA B 119 16.90 6.55 13.27
C ALA B 119 16.30 5.14 13.37
N ALA B 120 16.99 4.27 14.11
CA ALA B 120 16.58 2.88 14.27
C ALA B 120 16.73 2.40 15.72
N PRO B 121 16.02 3.09 16.64
CA PRO B 121 16.21 2.84 18.07
C PRO B 121 15.88 1.40 18.56
N PHE B 122 16.63 0.97 19.57
CA PHE B 122 16.52 -0.36 20.19
C PHE B 122 16.46 -0.04 21.67
N ARG B 123 15.24 -0.09 22.22
CA ARG B 123 14.98 0.37 23.56
C ARG B 123 14.30 -0.70 24.38
N ARG B 124 14.62 -0.74 25.66
CA ARG B 124 13.90 -1.59 26.57
C ARG B 124 13.82 -3.04 26.07
N MET B 125 14.96 -3.50 25.56
CA MET B 125 15.07 -4.87 25.06
C MET B 125 15.88 -5.72 26.00
N HIS B 126 15.54 -6.99 26.00
CA HIS B 126 16.36 -8.00 26.68
C HIS B 126 16.73 -9.07 25.67
N VAL B 127 18.00 -9.10 25.32
CA VAL B 127 18.53 -10.13 24.43
C VAL B 127 19.25 -11.22 25.21
N LYS B 128 18.64 -12.40 25.27
CA LYS B 128 19.21 -13.59 25.90
C LYS B 128 20.20 -14.22 24.92
N GLY B 129 21.31 -13.52 24.70
CA GLY B 129 22.38 -13.94 23.79
C GLY B 129 23.18 -12.73 23.36
N GLY B 130 23.83 -12.83 22.23
CA GLY B 130 24.58 -11.73 21.70
C GLY B 130 23.73 -10.82 20.86
N LEU B 131 24.39 -9.82 20.26
CA LEU B 131 23.74 -8.85 19.39
C LEU B 131 24.79 -8.40 18.39
N ASN B 132 24.57 -8.77 17.14
CA ASN B 132 25.42 -8.37 16.05
C ASN B 132 24.78 -7.16 15.36
N LEU B 133 25.54 -6.07 15.32
CA LEU B 133 25.08 -4.82 14.74
C LEU B 133 25.49 -4.70 13.26
N ALA B 134 26.02 -5.76 12.70
CA ALA B 134 26.49 -5.75 11.31
C ALA B 134 25.57 -6.52 10.34
N PRO B 135 25.56 -6.08 9.08
CA PRO B 135 24.90 -6.89 8.05
C PRO B 135 25.77 -8.11 7.75
N ASP B 136 25.16 -9.15 7.19
CA ASP B 136 25.92 -10.33 6.78
C ASP B 136 26.84 -9.85 5.67
N GLY B 137 28.13 -10.14 5.79
CA GLY B 137 29.11 -9.67 4.81
C GLY B 137 30.02 -8.60 5.40
N TYR B 138 29.64 -8.05 6.57
CA TYR B 138 30.38 -7.00 7.26
C TYR B 138 30.52 -5.76 6.34
N GLY B 139 29.49 -5.51 5.54
CA GLY B 139 29.39 -4.33 4.66
C GLY B 139 29.14 -3.06 5.48
N TRP B 140 28.78 -1.97 4.82
CA TRP B 140 28.94 -0.69 5.45
C TRP B 140 27.74 -0.42 6.38
N ALA B 141 27.99 0.23 7.51
CA ALA B 141 26.94 0.53 8.48
C ALA B 141 27.29 1.78 9.32
N SER B 142 26.26 2.57 9.64
CA SER B 142 26.45 3.86 10.33
C SER B 142 25.31 4.16 11.37
N GLY B 143 25.21 3.29 12.37
CA GLY B 143 24.26 3.46 13.46
C GLY B 143 24.79 4.41 14.53
N GLY B 144 24.25 4.40 15.74
CA GLY B 144 23.18 3.57 16.20
C GLY B 144 22.89 3.94 17.65
N TYR B 145 21.82 3.36 18.18
CA TYR B 145 21.28 3.81 19.46
C TYR B 145 20.64 2.65 20.25
N ILE B 146 21.20 2.37 21.42
CA ILE B 146 20.62 1.38 22.35
C ILE B 146 20.43 2.08 23.68
N ALA B 147 19.24 1.94 24.24
CA ALA B 147 18.97 2.44 25.57
C ALA B 147 18.11 1.47 26.39
N ASP B 148 18.36 1.49 27.70
CA ASP B 148 17.57 0.76 28.69
C ASP B 148 17.39 -0.70 28.32
N SER B 149 18.47 -1.29 27.80
CA SER B 149 18.45 -2.69 27.37
C SER B 149 19.48 -3.55 28.10
N LYS B 150 19.29 -4.86 27.99
CA LYS B 150 20.16 -5.84 28.64
C LYS B 150 20.50 -6.86 27.56
N ILE B 151 21.79 -6.90 27.22
CA ILE B 151 22.29 -7.86 26.24
C ILE B 151 23.09 -8.86 27.06
N ASP B 152 22.63 -10.10 27.07
CA ASP B 152 23.17 -11.08 28.00
C ASP B 152 24.62 -11.50 27.64
N GLY B 153 24.99 -11.45 26.36
CA GLY B 153 26.37 -11.67 25.99
C GLY B 153 27.02 -10.48 25.31
N GLU B 154 27.87 -10.74 24.34
CA GLU B 154 28.66 -9.70 23.69
C GLU B 154 27.78 -8.90 22.70
N VAL B 155 28.07 -7.60 22.57
CA VAL B 155 27.50 -6.82 21.48
C VAL B 155 28.64 -6.69 20.49
N GLY B 156 28.40 -7.06 19.24
CA GLY B 156 29.45 -7.01 18.22
C GLY B 156 29.13 -5.99 17.10
N PRO B 157 29.85 -4.86 17.09
CA PRO B 157 29.54 -3.84 16.06
C PRO B 157 30.17 -4.19 14.71
N TYR B 158 31.33 -4.86 14.77
CA TYR B 158 32.16 -5.14 13.60
C TYR B 158 32.44 -3.89 12.72
N SER B 159 31.73 -3.75 11.60
CA SER B 159 31.87 -2.62 10.65
C SER B 159 31.17 -1.32 11.06
N GLN B 160 30.34 -1.35 12.09
CA GLN B 160 29.67 -0.10 12.54
C GLN B 160 30.65 1.01 12.85
N GLN B 161 30.45 2.18 12.25
CA GLN B 161 31.43 3.24 12.40
C GLN B 161 31.46 3.75 13.81
N GLN B 162 30.25 3.90 14.36
CA GLN B 162 30.07 4.53 15.65
C GLN B 162 28.78 4.01 16.26
N TRP B 163 28.56 4.33 17.54
CA TRP B 163 27.42 3.83 18.27
C TRP B 163 27.27 4.54 19.61
N TYR B 164 26.03 4.68 20.08
CA TYR B 164 25.79 5.23 21.42
C TYR B 164 24.92 4.27 22.19
N THR B 165 25.36 3.93 23.39
CA THR B 165 24.59 3.06 24.27
C THR B 165 24.45 3.76 25.59
N ARG B 166 23.21 3.79 26.09
CA ARG B 166 23.02 4.32 27.45
C ARG B 166 22.11 3.49 28.35
N ASP B 167 22.44 3.58 29.63
CA ASP B 167 21.59 3.11 30.73
C ASP B 167 21.12 1.69 30.46
N SER B 168 22.12 0.83 30.29
CA SER B 168 21.94 -0.53 29.83
C SER B 168 22.94 -1.46 30.53
N SER B 169 22.85 -2.72 30.18
CA SER B 169 23.77 -3.76 30.65
C SER B 169 24.20 -4.62 29.44
N VAL B 170 25.50 -4.85 29.30
CA VAL B 170 26.03 -5.73 28.26
C VAL B 170 26.96 -6.77 28.89
N GLY B 171 26.88 -8.02 28.46
CA GLY B 171 27.78 -9.02 29.01
C GLY B 171 29.17 -8.74 28.47
N GLY B 172 29.22 -8.20 27.26
CA GLY B 172 30.47 -7.86 26.62
C GLY B 172 30.35 -6.92 25.44
N TRP B 173 31.45 -6.32 25.06
CA TRP B 173 31.44 -5.39 23.94
C TRP B 173 32.68 -5.65 23.12
N GLY B 174 32.49 -5.91 21.83
CA GLY B 174 33.51 -6.53 21.03
C GLY B 174 34.58 -5.66 20.39
N ASN B 175 34.22 -4.46 19.90
CA ASN B 175 35.18 -3.64 19.18
C ASN B 175 34.63 -2.27 18.92
N GLY B 176 35.53 -1.34 18.61
CA GLY B 176 35.16 0.01 18.26
C GLY B 176 35.92 0.42 17.01
N VAL B 177 35.25 1.18 16.15
CA VAL B 177 35.73 1.57 14.83
C VAL B 177 36.19 3.03 14.87
N TRP B 178 35.26 4.00 14.79
CA TRP B 178 35.60 5.42 14.98
C TRP B 178 35.16 6.05 16.31
N ASN B 179 33.97 5.68 16.80
CA ASN B 179 33.42 6.34 18.00
C ASN B 179 32.32 5.52 18.66
N MET B 180 32.68 4.77 19.70
CA MET B 180 31.70 4.00 20.47
C MET B 180 31.67 4.68 21.83
N THR B 181 30.50 5.26 22.14
CA THR B 181 30.28 6.01 23.37
C THR B 181 29.26 5.30 24.26
N PHE B 182 29.54 5.28 25.55
CA PHE B 182 28.69 4.64 26.54
C PHE B 182 28.43 5.63 27.68
N SER B 183 27.19 5.72 28.16
CA SER B 183 26.90 6.43 29.41
C SER B 183 25.94 5.59 30.25
N GLY B 184 26.36 5.30 31.47
CA GLY B 184 25.56 4.45 32.32
C GLY B 184 25.41 3.01 31.90
N VAL B 185 26.45 2.44 31.31
CA VAL B 185 26.37 1.08 30.79
C VAL B 185 27.21 0.10 31.62
N GLU B 186 26.50 -0.77 32.31
CA GLU B 186 27.13 -1.89 33.00
C GLU B 186 27.76 -2.79 31.98
N GLY B 187 29.07 -2.99 32.06
CA GLY B 187 29.79 -3.86 31.14
C GLY B 187 30.43 -3.10 29.98
N ALA B 188 30.28 -1.77 29.99
CA ALA B 188 30.93 -0.94 28.97
C ALA B 188 32.43 -1.21 28.99
N PRO B 189 33.06 -1.35 27.82
CA PRO B 189 34.52 -1.35 28.00
C PRO B 189 35.10 -0.04 28.52
N ALA B 190 36.30 -0.15 29.07
CA ALA B 190 36.94 0.94 29.78
C ALA B 190 37.21 2.14 28.88
N GLN B 191 37.07 3.35 29.43
CA GLN B 191 37.48 4.60 28.73
C GLN B 191 38.90 4.43 28.18
N SER B 192 39.05 4.57 26.86
CA SER B 192 40.33 4.26 26.20
C SER B 192 40.71 5.12 25.00
N PHE B 193 39.81 6.00 24.53
CA PHE B 193 40.00 6.76 23.28
C PHE B 193 41.45 7.29 23.24
N PRO B 194 42.15 7.19 22.09
CA PRO B 194 41.65 6.75 20.77
C PRO B 194 41.70 5.26 20.47
N GLU B 195 42.40 4.47 21.25
CA GLU B 195 42.53 3.06 20.87
C GLU B 195 42.25 2.04 22.01
N PRO B 196 41.16 1.22 21.85
CA PRO B 196 40.09 1.45 20.87
C PRO B 196 39.39 2.76 21.20
N PRO B 197 38.53 3.25 20.31
CA PRO B 197 38.05 4.64 20.55
C PRO B 197 36.79 4.70 21.44
N TYR B 198 36.89 4.11 22.62
CA TYR B 198 35.77 4.07 23.55
C TYR B 198 35.73 5.29 24.44
N THR B 199 34.58 5.98 24.43
CA THR B 199 34.30 7.09 25.34
C THR B 199 33.26 6.60 26.33
N THR B 200 33.66 6.57 27.61
CA THR B 200 32.89 5.85 28.61
C THR B 200 32.65 6.74 29.85
N LEU B 201 31.37 6.99 30.12
CA LEU B 201 30.90 7.76 31.26
C LEU B 201 30.15 6.81 32.19
N GLU B 202 30.47 6.84 33.48
CA GLU B 202 29.87 5.87 34.41
C GLU B 202 28.37 6.00 34.54
N THR B 203 27.87 7.22 34.50
CA THR B 203 26.45 7.47 34.64
C THR B 203 26.00 8.47 33.60
N THR B 204 24.69 8.51 33.35
CA THR B 204 24.10 9.53 32.47
C THR B 204 23.48 10.60 33.35
N PRO B 205 23.82 11.88 33.12
CA PRO B 205 23.48 12.88 34.16
C PRO B 205 22.01 12.95 34.48
N VAL B 206 21.20 12.89 33.42
CA VAL B 206 19.76 12.70 33.59
C VAL B 206 19.21 11.93 32.40
N SER B 207 18.18 11.16 32.66
CA SER B 207 17.46 10.47 31.60
C SER B 207 16.06 10.13 32.04
N ARG B 208 15.20 9.97 31.07
CA ARG B 208 13.82 9.60 31.36
C ARG B 208 13.34 8.72 30.22
N GLU B 209 13.06 7.47 30.53
CA GLU B 209 12.81 6.53 29.46
C GLU B 209 11.55 6.88 28.65
N LYS B 210 11.63 6.52 27.38
CA LYS B 210 10.58 6.82 26.40
C LYS B 210 9.24 6.25 26.89
N PRO B 211 8.17 7.06 26.85
CA PRO B 211 6.84 6.49 27.11
C PRO B 211 6.47 5.39 26.11
N PHE B 212 5.68 4.39 26.50
CA PHE B 212 5.30 3.34 25.58
C PHE B 212 3.91 2.74 25.88
N LEU B 213 3.25 2.32 24.80
CA LEU B 213 1.96 1.66 24.85
C LEU B 213 2.11 0.23 25.39
N TYR B 214 1.19 -0.18 26.25
CA TYR B 214 1.20 -1.58 26.73
C TYR B 214 -0.23 -2.08 27.00
N LEU B 215 -0.37 -3.29 27.53
CA LEU B 215 -1.71 -3.81 27.91
C LEU B 215 -1.77 -4.40 29.34
N ASP B 216 -2.98 -4.41 29.91
CA ASP B 216 -3.27 -5.10 31.17
C ASP B 216 -4.12 -6.32 30.84
N GLY B 217 -4.15 -6.66 29.56
CA GLY B 217 -5.20 -7.48 29.03
C GLY B 217 -6.49 -6.72 28.81
N ASP B 218 -7.10 -6.36 29.92
CA ASP B 218 -8.37 -5.61 29.93
C ASP B 218 -8.21 -4.08 29.67
N ASP B 219 -7.07 -3.60 29.15
CA ASP B 219 -7.00 -2.19 28.73
C ASP B 219 -5.59 -1.68 28.31
N TYR B 220 -5.52 -1.13 27.11
CA TYR B 220 -4.33 -0.38 26.73
C TYR B 220 -4.12 0.74 27.75
N LYS B 221 -2.85 1.11 27.93
CA LYS B 221 -2.42 2.23 28.77
C LYS B 221 -1.10 2.67 28.10
N VAL B 222 -0.65 3.89 28.39
CA VAL B 222 0.71 4.32 28.04
C VAL B 222 1.49 4.48 29.35
N PHE B 223 2.64 3.85 29.43
CA PHE B 223 3.51 3.97 30.58
C PHE B 223 4.42 5.16 30.42
N VAL B 224 4.51 5.99 31.46
CA VAL B 224 5.34 7.18 31.44
C VAL B 224 6.37 7.04 32.55
N PRO B 225 7.59 6.66 32.20
CA PRO B 225 8.57 6.46 33.28
C PRO B 225 8.78 7.68 34.19
N ALA B 226 9.77 7.59 35.04
CA ALA B 226 10.08 8.66 35.96
C ALA B 226 11.52 9.08 35.63
N LYS B 227 11.80 10.38 35.79
CA LYS B 227 13.16 10.94 35.65
C LYS B 227 14.14 10.04 36.36
N ARG B 228 15.40 10.10 35.94
CA ARG B 228 16.49 9.47 36.69
C ARG B 228 17.73 10.34 36.61
N THR B 229 18.42 10.55 37.73
CA THR B 229 19.65 11.34 37.68
C THR B 229 20.93 10.47 37.85
N ASN B 230 21.97 10.77 37.07
CA ASN B 230 23.15 9.91 37.02
C ASN B 230 22.74 8.42 36.94
N ALA B 231 22.00 8.15 35.87
CA ALA B 231 21.47 6.83 35.58
C ALA B 231 22.59 5.88 35.25
N ARG B 232 22.45 4.64 35.70
CA ARG B 232 23.33 3.55 35.31
C ARG B 232 22.52 2.26 35.31
N GLY B 233 22.67 1.47 34.25
CA GLY B 233 21.91 0.24 34.14
C GLY B 233 20.45 0.46 33.78
N THR B 234 19.71 -0.63 33.66
CA THR B 234 18.33 -0.54 33.18
C THR B 234 17.41 -0.02 34.27
N SER B 235 16.27 0.49 33.81
CA SER B 235 15.20 0.95 34.67
C SER B 235 14.28 -0.19 35.15
N TRP B 236 14.39 -1.35 34.52
CA TRP B 236 13.44 -2.45 34.74
C TRP B 236 14.06 -3.69 35.38
N GLY B 237 15.34 -3.66 35.72
CA GLY B 237 15.99 -4.88 36.21
C GLY B 237 15.80 -5.18 37.70
N ASN B 238 15.08 -4.30 38.39
CA ASN B 238 14.81 -4.42 39.81
C ASN B 238 13.32 -4.47 39.78
N GLY B 239 12.86 -4.54 38.53
CA GLY B 239 11.48 -4.64 38.17
C GLY B 239 11.03 -3.26 37.88
N THR B 240 9.76 -3.12 38.19
CA THR B 240 9.00 -1.92 38.07
C THR B 240 9.79 -0.68 38.25
N PRO B 241 9.99 0.04 37.16
CA PRO B 241 10.41 1.39 37.51
C PRO B 241 9.23 2.12 38.07
N GLU B 242 9.56 3.16 38.79
CA GLU B 242 8.62 4.18 38.97
C GLU B 242 8.09 4.66 37.64
N GLY B 243 6.85 5.13 37.72
CA GLY B 243 6.32 6.11 36.79
C GLY B 243 4.83 6.03 36.94
N GLU B 244 4.09 6.43 35.94
CA GLU B 244 2.71 6.01 35.98
C GLU B 244 2.10 5.89 34.65
N SER B 245 0.86 5.43 34.69
CA SER B 245 0.16 5.03 33.50
C SER B 245 -0.83 6.09 33.12
N LEU B 246 -1.14 6.11 31.83
CA LEU B 246 -2.23 6.89 31.36
C LEU B 246 -3.18 5.97 30.60
N PRO B 247 -4.44 5.82 31.10
CA PRO B 247 -5.30 4.93 30.34
C PRO B 247 -5.49 5.48 28.93
N LEU B 248 -5.70 4.61 27.97
CA LEU B 248 -5.77 5.06 26.57
C LEU B 248 -6.94 6.04 26.28
N ASP B 249 -7.99 6.11 27.13
CA ASP B 249 -9.09 7.06 26.88
C ASP B 249 -8.76 8.48 27.26
N GLN B 250 -7.57 8.69 27.83
CA GLN B 250 -7.08 10.05 28.06
C GLN B 250 -6.14 10.50 26.92
N PHE B 251 -6.06 9.72 25.84
CA PHE B 251 -5.38 10.16 24.60
C PHE B 251 -6.38 10.48 23.51
N TYR B 252 -6.11 11.51 22.70
CA TYR B 252 -6.73 11.62 21.39
C TYR B 252 -5.96 10.71 20.42
N VAL B 253 -6.67 9.76 19.79
CA VAL B 253 -6.03 8.78 18.91
C VAL B 253 -6.16 9.34 17.51
N VAL B 254 -5.02 9.81 17.00
CA VAL B 254 -5.00 10.50 15.72
C VAL B 254 -4.81 9.53 14.53
N LYS B 255 -5.73 9.62 13.58
CA LYS B 255 -5.53 9.08 12.23
C LYS B 255 -5.27 10.24 11.22
N PRO B 256 -4.50 9.96 10.14
CA PRO B 256 -4.19 10.96 9.10
C PRO B 256 -5.43 11.74 8.60
N GLY B 257 -5.29 13.01 8.18
CA GLY B 257 -6.42 13.94 8.24
C GLY B 257 -6.38 14.86 9.47
N ALA B 258 -7.01 14.47 10.59
CA ALA B 258 -6.85 15.15 11.89
C ALA B 258 -6.12 16.50 11.89
N THR B 259 -6.64 17.44 11.14
CA THR B 259 -6.37 18.85 11.30
C THR B 259 -5.64 19.26 12.60
N ALA B 260 -4.64 20.14 12.45
CA ALA B 260 -4.01 20.82 13.57
C ALA B 260 -5.04 21.35 14.54
N GLU B 261 -6.02 22.04 13.95
CA GLU B 261 -7.32 22.32 14.51
C GLU B 261 -7.79 21.23 15.52
N THR B 262 -8.06 20.02 15.04
CA THR B 262 -8.53 18.92 15.92
C THR B 262 -7.43 18.45 16.89
N ILE B 263 -6.18 18.43 16.44
CA ILE B 263 -5.09 17.99 17.31
C ILE B 263 -4.95 19.01 18.41
N ASN B 264 -4.87 20.26 18.03
CA ASN B 264 -4.72 21.32 19.03
C ASN B 264 -5.87 21.44 20.00
N ALA B 265 -7.09 21.25 19.51
CA ALA B 265 -8.25 21.30 20.38
C ALA B 265 -8.21 20.14 21.38
N ALA B 266 -7.68 19.00 20.95
CA ALA B 266 -7.57 17.87 21.85
C ALA B 266 -6.69 18.23 23.04
N VAL B 267 -5.55 18.88 22.77
CA VAL B 267 -4.65 19.23 23.85
C VAL B 267 -5.30 20.21 24.78
N ASP B 268 -5.81 21.30 24.22
CA ASP B 268 -6.37 22.37 25.05
C ASP B 268 -7.46 21.84 26.01
N GLN B 269 -8.12 20.75 25.61
CA GLN B 269 -9.18 20.13 26.42
C GLN B 269 -8.62 19.17 27.50
N GLY B 270 -7.32 18.86 27.39
CA GLY B 270 -6.65 18.03 28.38
C GLY B 270 -6.22 16.65 27.94
N LEU B 271 -6.45 16.31 26.68
CA LEU B 271 -6.05 15.00 26.16
C LEU B 271 -4.59 14.98 25.75
N HIS B 272 -4.00 13.80 25.86
CA HIS B 272 -2.70 13.55 25.28
C HIS B 272 -2.88 13.15 23.83
N LEU B 273 -1.78 12.92 23.12
CA LEU B 273 -1.82 12.60 21.69
C LEU B 273 -1.13 11.26 21.40
N LEU B 274 -1.83 10.38 20.70
CA LEU B 274 -1.23 9.14 20.23
C LEU B 274 -1.37 9.14 18.74
N PHE B 275 -0.27 9.35 18.04
CA PHE B 275 -0.27 9.31 16.60
C PHE B 275 -0.10 7.89 16.12
N THR B 276 -1.20 7.34 15.58
CA THR B 276 -1.21 6.04 14.93
C THR B 276 -0.53 6.12 13.61
N PRO B 277 -0.04 4.98 13.10
CA PRO B 277 0.92 5.09 12.00
C PRO B 277 0.32 5.62 10.73
N GLY B 278 0.97 6.67 10.24
CA GLY B 278 0.59 7.25 8.98
C GLY B 278 1.33 8.54 8.74
N VAL B 279 0.87 9.28 7.72
CA VAL B 279 1.45 10.55 7.31
C VAL B 279 0.39 11.63 7.44
N TYR B 280 0.70 12.66 8.20
CA TYR B 280 -0.22 13.74 8.57
C TYR B 280 0.23 15.12 8.04
N HIS B 281 -0.46 15.65 7.04
CA HIS B 281 -0.28 17.07 6.66
C HIS B 281 -0.96 17.99 7.67
N VAL B 282 -0.32 19.08 8.05
CA VAL B 282 -0.95 20.07 8.94
C VAL B 282 -0.89 21.50 8.30
N ASP B 283 -2.01 22.23 8.27
CA ASP B 283 -2.03 23.62 7.79
C ASP B 283 -1.56 24.63 8.82
N GLN B 284 -1.00 24.15 9.91
CA GLN B 284 -0.72 25.01 11.02
C GLN B 284 0.05 24.17 12.05
N PRO B 285 0.89 24.83 12.86
CA PRO B 285 1.64 24.08 13.86
C PRO B 285 0.73 23.30 14.82
N ILE B 286 1.16 22.11 15.14
CA ILE B 286 0.63 21.39 16.28
C ILE B 286 1.13 22.13 17.49
N GLU B 287 0.19 22.40 18.38
CA GLU B 287 0.34 23.27 19.53
C GLU B 287 0.33 22.48 20.81
N ILE B 288 1.44 22.37 21.51
CA ILE B 288 1.45 21.62 22.77
C ILE B 288 1.89 22.54 23.92
N ASP B 289 0.90 23.16 24.55
CA ASP B 289 1.12 24.17 25.59
C ASP B 289 0.40 23.85 26.89
N ARG B 290 0.49 22.58 27.26
CA ARG B 290 -0.15 22.09 28.45
C ARG B 290 0.84 21.15 29.15
N ALA B 291 1.12 21.44 30.42
CA ALA B 291 2.17 20.72 31.10
C ALA B 291 1.89 19.21 31.13
N ASN B 292 2.95 18.42 31.03
CA ASN B 292 2.84 16.95 31.12
C ASN B 292 2.16 16.21 29.96
N THR B 293 1.92 16.93 28.87
CA THR B 293 1.38 16.30 27.67
C THR B 293 2.35 15.33 27.08
N VAL B 294 1.85 14.11 26.86
CA VAL B 294 2.54 13.09 26.04
C VAL B 294 2.06 13.15 24.57
N ALA B 295 3.00 13.18 23.65
CA ALA B 295 2.74 13.07 22.23
C ALA B 295 3.56 11.93 21.70
N LEU B 296 2.95 10.76 21.63
CA LEU B 296 3.63 9.51 21.27
C LEU B 296 3.20 9.06 19.88
N GLY B 297 4.16 8.82 18.97
CA GLY B 297 3.85 8.22 17.68
C GLY B 297 4.19 6.75 17.62
N LEU B 298 3.34 6.02 16.91
CA LEU B 298 3.55 4.62 16.63
C LEU B 298 3.96 4.44 15.15
N GLY B 299 4.80 3.44 14.89
CA GLY B 299 5.08 3.05 13.53
C GLY B 299 5.58 4.22 12.64
N LEU B 300 6.46 5.07 13.18
CA LEU B 300 7.10 6.12 12.40
C LEU B 300 6.06 7.12 11.82
N ALA B 301 5.02 7.33 12.61
CA ALA B 301 4.07 8.42 12.40
C ALA B 301 4.82 9.68 12.00
N THR B 302 4.38 10.30 10.91
CA THR B 302 5.08 11.41 10.28
C THR B 302 4.18 12.64 10.18
N ILE B 303 4.68 13.83 10.52
CA ILE B 303 3.98 15.08 10.27
C ILE B 303 4.69 15.85 9.17
N ILE B 304 3.92 16.34 8.22
CA ILE B 304 4.42 17.22 7.16
C ILE B 304 3.73 18.55 7.23
N PRO B 305 4.48 19.63 7.52
CA PRO B 305 3.75 20.89 7.47
C PRO B 305 3.60 21.45 6.06
N ASP B 306 2.46 22.08 5.78
CA ASP B 306 2.19 22.62 4.47
C ASP B 306 2.36 24.11 4.57
N ASN B 307 2.54 24.77 3.41
CA ASN B 307 2.38 26.22 3.32
C ASN B 307 3.44 26.96 4.17
N GLY B 308 4.55 26.29 4.43
CA GLY B 308 5.68 26.88 5.13
C GLY B 308 5.57 27.00 6.63
N VAL B 309 4.58 26.35 7.20
CA VAL B 309 4.38 26.46 8.64
C VAL B 309 5.36 25.59 9.45
N THR B 310 5.47 25.92 10.73
CA THR B 310 6.18 25.10 11.68
C THR B 310 5.31 23.88 12.00
N ALA B 311 5.90 22.69 12.13
CA ALA B 311 5.12 21.47 12.37
C ALA B 311 4.68 21.35 13.82
N LEU B 312 5.57 21.71 14.72
CA LEU B 312 5.35 21.46 16.13
C LEU B 312 5.95 22.57 16.97
N LYS B 313 5.11 23.19 17.80
CA LYS B 313 5.53 24.29 18.71
C LYS B 313 5.08 23.97 20.11
N VAL B 314 6.02 23.84 21.02
CA VAL B 314 5.70 23.42 22.38
C VAL B 314 5.84 24.67 23.23
N GLY B 315 4.83 24.94 24.07
CA GLY B 315 4.89 26.10 24.95
C GLY B 315 5.87 25.97 26.11
N ASP B 316 5.90 27.02 26.94
CA ASP B 316 6.86 27.17 28.06
C ASP B 316 6.39 26.45 29.34
N VAL B 317 6.10 25.17 29.19
CA VAL B 317 5.51 24.35 30.25
C VAL B 317 6.42 23.15 30.60
N ASP B 318 6.20 22.58 31.78
CA ASP B 318 6.95 21.45 32.26
C ASP B 318 6.47 20.15 31.60
N GLY B 319 7.36 19.18 31.44
CA GLY B 319 6.95 17.79 31.37
C GLY B 319 6.34 17.29 30.09
N VAL B 320 6.52 18.01 29.00
CA VAL B 320 6.01 17.57 27.72
C VAL B 320 6.94 16.50 27.20
N LYS B 321 6.37 15.39 26.77
CA LYS B 321 7.11 14.28 26.22
C LYS B 321 6.71 13.98 24.78
N VAL B 322 7.59 14.34 23.87
CA VAL B 322 7.40 14.11 22.46
C VAL B 322 8.25 12.90 22.14
N ALA B 323 7.66 11.88 21.54
CA ALA B 323 8.45 10.72 21.17
C ALA B 323 7.89 9.92 19.97
N GLY B 324 8.79 9.43 19.13
CA GLY B 324 8.39 8.54 18.06
C GLY B 324 7.66 9.17 16.91
N LEU B 325 8.22 10.29 16.42
CA LEU B 325 7.66 11.09 15.33
C LEU B 325 8.72 11.51 14.35
N LEU B 326 8.40 11.40 13.06
CA LEU B 326 9.24 11.90 11.99
C LEU B 326 8.61 13.16 11.41
N VAL B 327 9.32 14.27 11.46
CA VAL B 327 8.83 15.51 10.86
C VAL B 327 9.50 15.63 9.50
N ASP B 328 8.72 15.72 8.42
CA ASP B 328 9.22 15.63 7.03
C ASP B 328 8.89 16.98 6.38
N ALA B 329 9.91 17.73 5.95
CA ALA B 329 9.65 19.05 5.38
C ALA B 329 8.78 19.00 4.13
N GLY B 330 7.95 20.01 3.96
CA GLY B 330 7.22 20.20 2.70
C GLY B 330 8.06 21.02 1.73
N PRO B 331 7.62 21.09 0.46
CA PRO B 331 8.46 21.77 -0.54
C PRO B 331 8.54 23.27 -0.30
N VAL B 332 7.51 23.82 0.31
CA VAL B 332 7.56 25.24 0.71
C VAL B 332 8.42 25.39 1.94
N ASN B 333 9.42 26.25 1.85
CA ASN B 333 10.31 26.46 3.00
C ASN B 333 9.62 26.83 4.29
N SER B 334 9.91 26.06 5.35
CA SER B 334 9.50 26.44 6.70
C SER B 334 10.66 27.12 7.42
N GLU B 335 10.41 28.27 8.04
CA GLU B 335 11.47 28.97 8.79
C GLU B 335 11.95 28.10 9.96
N THR B 336 11.03 27.34 10.54
CA THR B 336 11.37 26.33 11.55
C THR B 336 10.48 25.10 11.41
N LEU B 337 11.01 23.91 11.75
CA LEU B 337 10.17 22.72 11.76
C LEU B 337 9.67 22.32 13.15
N VAL B 338 10.50 22.47 14.17
CA VAL B 338 10.16 22.11 15.56
C VAL B 338 10.72 23.18 16.48
N GLU B 339 9.85 23.78 17.29
CA GLU B 339 10.29 24.70 18.33
C GLU B 339 9.93 24.21 19.71
N VAL B 340 10.91 24.18 20.60
CA VAL B 340 10.67 23.74 21.96
C VAL B 340 10.85 24.96 22.85
N GLY B 341 9.73 25.58 23.20
CA GLY B 341 9.69 26.80 24.00
C GLY B 341 9.70 28.07 23.17
N SER B 342 9.41 29.20 23.81
CA SER B 342 9.35 30.49 23.08
C SER B 342 10.72 31.19 23.02
N ASP B 343 10.88 32.19 22.15
CA ASP B 343 12.19 32.84 21.99
C ASP B 343 12.60 33.62 23.28
N GLY B 344 13.83 33.47 23.76
CA GLY B 344 14.09 33.87 25.14
C GLY B 344 13.17 33.09 26.10
N ALA B 345 13.46 31.80 26.29
CA ALA B 345 12.76 31.03 27.30
C ALA B 345 13.63 30.91 28.54
N SER B 346 13.09 31.43 29.65
CA SER B 346 13.84 31.90 30.82
C SER B 346 13.36 31.31 32.14
N GLY B 347 12.30 30.55 32.07
CA GLY B 347 11.90 29.72 33.19
C GLY B 347 12.87 28.59 33.39
N ASP B 348 12.66 27.84 34.47
CA ASP B 348 13.34 26.59 34.67
C ASP B 348 12.34 25.45 34.72
N HIS B 349 12.76 24.28 34.25
CA HIS B 349 11.92 23.06 34.25
C HIS B 349 12.74 21.86 34.82
N ALA B 350 13.51 22.11 35.88
CA ALA B 350 14.52 21.14 36.33
C ALA B 350 13.92 19.84 36.85
N ALA B 351 12.90 19.97 37.69
CA ALA B 351 12.28 18.80 38.31
C ALA B 351 11.54 17.93 37.25
N ASN B 352 10.93 18.58 36.26
CA ASN B 352 10.15 17.90 35.23
C ASN B 352 10.33 18.53 33.83
N PRO B 353 11.40 18.11 33.16
CA PRO B 353 11.83 18.63 31.86
C PRO B 353 10.86 18.26 30.74
N THR B 354 10.90 19.05 29.67
CA THR B 354 10.38 18.61 28.37
C THR B 354 11.43 17.78 27.67
N SER B 355 10.98 16.77 26.95
CA SER B 355 11.90 15.95 26.16
C SER B 355 11.42 15.65 24.74
N LEU B 356 12.41 15.48 23.86
CA LEU B 356 12.20 14.96 22.52
C LEU B 356 12.97 13.63 22.50
N GLN B 357 12.30 12.56 22.12
CA GLN B 357 12.92 11.23 22.03
C GLN B 357 12.50 10.51 20.78
N ASP B 358 13.47 9.97 20.05
CA ASP B 358 13.16 9.38 18.74
C ASP B 358 12.33 10.36 17.91
N VAL B 359 12.77 11.62 17.92
CA VAL B 359 12.19 12.64 17.05
C VAL B 359 13.18 12.86 15.92
N PHE B 360 12.74 12.50 14.74
CA PHE B 360 13.55 12.59 13.56
C PHE B 360 13.08 13.77 12.70
N VAL B 361 13.96 14.22 11.83
CA VAL B 361 13.60 15.28 10.88
C VAL B 361 14.25 14.95 9.57
N ARG B 362 13.48 15.11 8.49
CA ARG B 362 13.97 14.86 7.14
C ARG B 362 13.64 16.07 6.28
N ILE B 363 14.59 16.52 5.49
CA ILE B 363 14.40 17.61 4.58
C ILE B 363 14.80 17.12 3.19
N GLY B 364 13.80 16.83 2.36
CA GLY B 364 14.06 16.31 1.03
C GLY B 364 14.14 14.80 1.01
N GLY B 365 14.28 14.21 -0.18
CA GLY B 365 14.50 12.77 -0.30
C GLY B 365 13.28 12.02 -0.82
N ALA B 366 12.10 12.50 -0.47
CA ALA B 366 10.84 11.91 -0.93
C ALA B 366 10.15 12.88 -1.86
N GLY B 367 10.92 13.83 -2.31
CA GLY B 367 10.45 14.93 -3.12
C GLY B 367 10.97 16.17 -2.42
N PRO B 368 11.00 17.31 -3.13
CA PRO B 368 11.68 18.47 -2.58
C PRO B 368 11.11 18.87 -1.23
N GLY B 369 12.01 19.28 -0.36
CA GLY B 369 11.66 19.77 0.93
C GLY B 369 12.72 20.83 1.31
N LYS B 370 12.27 21.88 2.00
CA LYS B 370 13.16 22.94 2.52
C LYS B 370 12.76 23.47 3.88
N ALA B 371 13.75 23.84 4.69
CA ALA B 371 13.53 24.54 5.96
C ALA B 371 14.79 25.27 6.38
N THR B 372 14.62 26.40 7.04
CA THR B 372 15.77 27.23 7.40
C THR B 372 16.52 26.67 8.62
N THR B 373 15.78 26.45 9.71
CA THR B 373 16.28 25.79 10.90
C THR B 373 15.34 24.68 11.30
N SER B 374 15.85 23.48 11.52
CA SER B 374 14.96 22.34 11.73
C SER B 374 14.42 22.27 13.17
N ILE B 375 15.31 22.28 14.14
CA ILE B 375 14.87 22.24 15.54
C ILE B 375 15.48 23.37 16.35
N VAL B 376 14.61 24.16 16.99
CA VAL B 376 15.05 25.24 17.86
C VAL B 376 14.66 24.87 19.25
N VAL B 377 15.67 24.75 20.11
CA VAL B 377 15.41 24.40 21.50
C VAL B 377 15.61 25.60 22.40
N ASN B 378 14.49 26.18 22.82
CA ASN B 378 14.50 27.39 23.65
C ASN B 378 14.43 27.10 25.13
N SER B 379 13.60 26.16 25.49
CA SER B 379 13.34 25.89 26.89
C SER B 379 14.47 25.26 27.71
N ASN B 380 14.73 25.86 28.86
CA ASN B 380 15.73 25.39 29.76
C ASN B 380 15.43 23.98 30.26
N ASP B 381 16.51 23.23 30.45
CA ASP B 381 16.51 21.89 31.03
C ASP B 381 15.95 20.79 30.10
N THR B 382 15.68 21.15 28.86
CA THR B 382 15.18 20.21 27.85
C THR B 382 16.16 19.07 27.64
N ILE B 383 15.61 17.86 27.53
CA ILE B 383 16.39 16.66 27.20
C ILE B 383 16.10 16.23 25.75
N ILE B 384 17.17 16.06 24.95
CA ILE B 384 17.04 15.59 23.58
C ILE B 384 17.72 14.22 23.56
N ASP B 385 16.92 13.16 23.55
CA ASP B 385 17.42 11.81 23.78
C ASP B 385 17.09 10.98 22.55
N HIS B 386 18.07 10.91 21.66
CA HIS B 386 17.96 10.31 20.33
C HIS B 386 17.24 11.15 19.30
N THR B 387 18.03 11.87 18.54
CA THR B 387 17.50 12.56 17.36
C THR B 387 18.37 12.34 16.13
N TRP B 388 17.73 12.26 14.97
CA TRP B 388 18.40 12.35 13.66
C TRP B 388 17.74 13.46 12.88
N VAL B 389 18.55 14.48 12.57
CA VAL B 389 18.09 15.68 11.89
C VAL B 389 18.92 15.67 10.62
N TRP B 390 18.24 15.37 9.52
CA TRP B 390 18.90 14.90 8.29
C TRP B 390 18.40 15.65 7.06
N ARG B 391 19.30 16.42 6.46
CA ARG B 391 19.08 16.99 5.14
C ARG B 391 19.42 15.92 4.11
N ALA B 392 18.46 15.47 3.31
CA ALA B 392 18.69 14.30 2.48
C ALA B 392 19.86 14.41 1.49
N ASP B 393 20.75 13.40 1.48
CA ASP B 393 21.83 13.30 0.50
C ASP B 393 21.50 12.47 -0.74
N HIS B 394 20.40 11.73 -0.69
CA HIS B 394 19.93 10.92 -1.82
C HIS B 394 18.41 10.92 -1.83
N GLY B 395 17.81 10.34 -2.86
CA GLY B 395 16.34 10.34 -2.99
C GLY B 395 15.90 11.37 -4.03
N GLU B 396 14.60 11.64 -4.19
CA GLU B 396 14.18 12.69 -5.16
C GLU B 396 14.01 13.97 -4.33
N GLY B 397 14.09 15.10 -5.03
CA GLY B 397 13.86 16.38 -4.37
C GLY B 397 15.12 16.81 -3.65
N VAL B 398 16.26 16.41 -4.20
CA VAL B 398 17.58 16.67 -3.63
C VAL B 398 18.45 17.62 -4.48
N GLY B 399 19.31 18.42 -3.82
CA GLY B 399 20.12 19.43 -4.51
C GLY B 399 20.50 20.61 -3.61
N TRP B 400 21.61 21.27 -3.95
CA TRP B 400 22.22 22.29 -3.12
C TRP B 400 21.23 23.41 -2.91
N GLU B 401 20.32 23.55 -3.85
CA GLU B 401 19.27 24.57 -3.81
C GLU B 401 17.94 23.83 -3.59
N THR B 402 17.76 22.75 -4.31
CA THR B 402 16.52 21.97 -4.32
C THR B 402 16.00 21.60 -2.91
N ASN B 403 16.86 21.00 -2.07
CA ASN B 403 16.51 20.79 -0.68
C ASN B 403 17.44 21.51 0.27
N ARG B 404 17.73 22.76 -0.07
CA ARG B 404 18.52 23.59 0.83
C ARG B 404 17.94 23.65 2.25
N ALA B 405 18.83 23.58 3.21
CA ALA B 405 18.46 23.65 4.62
C ALA B 405 19.66 24.13 5.38
N ASP B 406 19.63 25.37 5.84
CA ASP B 406 20.88 25.98 6.34
C ASP B 406 21.30 25.43 7.67
N TYR B 407 20.34 25.29 8.59
CA TYR B 407 20.63 25.02 9.98
C TYR B 407 19.88 23.84 10.58
N GLY B 408 20.60 22.98 11.28
CA GLY B 408 20.00 21.76 11.78
C GLY B 408 19.31 22.00 13.10
N VAL B 409 20.12 22.07 14.13
CA VAL B 409 19.63 22.28 15.49
C VAL B 409 20.26 23.51 16.04
N HIS B 410 19.44 24.32 16.71
CA HIS B 410 19.91 25.52 17.40
C HIS B 410 19.41 25.46 18.83
N VAL B 411 20.34 25.36 19.76
CA VAL B 411 19.99 25.25 21.19
C VAL B 411 20.24 26.59 21.86
N LYS B 412 19.16 27.24 22.29
CA LYS B 412 19.25 28.56 22.91
C LYS B 412 18.99 28.50 24.42
N GLY B 413 18.36 27.43 24.88
CA GLY B 413 18.07 27.27 26.32
C GLY B 413 19.31 26.87 27.11
N ASP B 414 19.21 27.00 28.45
CA ASP B 414 20.26 26.65 29.37
C ASP B 414 19.98 25.26 29.98
N ASN B 415 21.02 24.61 30.43
CA ASN B 415 20.96 23.24 31.00
C ASN B 415 20.36 22.19 30.06
N VAL B 416 20.50 22.41 28.77
CA VAL B 416 20.01 21.42 27.79
C VAL B 416 20.97 20.24 27.67
N LEU B 417 20.38 19.05 27.58
CA LEU B 417 21.17 17.81 27.47
C LEU B 417 20.76 17.11 26.20
N ALA B 418 21.75 16.78 25.38
CA ALA B 418 21.56 15.92 24.21
C ALA B 418 22.31 14.60 24.42
N THR B 419 21.56 13.50 24.32
CA THR B 419 22.13 12.16 24.40
C THR B 419 21.81 11.44 23.07
N GLY B 420 22.85 11.11 22.28
CA GLY B 420 22.63 10.47 21.00
C GLY B 420 22.12 11.46 19.97
N LEU B 421 22.99 12.39 19.60
CA LEU B 421 22.69 13.47 18.67
C LEU B 421 23.29 13.13 17.29
N PHE B 422 22.43 12.96 16.27
CA PHE B 422 22.87 12.67 14.89
C PHE B 422 22.32 13.79 13.99
N VAL B 423 23.17 14.60 13.37
CA VAL B 423 22.72 15.72 12.55
C VAL B 423 23.60 15.82 11.31
N GLU B 424 23.00 15.77 10.11
CA GLU B 424 23.83 15.67 8.90
C GLU B 424 23.35 16.50 7.71
N HIS B 425 24.35 17.04 7.02
CA HIS B 425 24.29 17.54 5.66
C HIS B 425 23.76 18.97 5.44
N PHE B 426 23.64 19.77 6.52
CA PHE B 426 23.09 21.12 6.39
C PHE B 426 24.04 22.05 5.61
N ASN B 427 23.46 23.01 4.88
CA ASN B 427 24.27 23.95 4.10
C ASN B 427 25.20 24.78 4.94
N LYS B 428 24.75 25.14 6.13
CA LYS B 428 25.52 25.96 7.07
C LYS B 428 25.76 25.12 8.34
N TYR B 429 25.61 25.69 9.53
CA TYR B 429 25.92 24.95 10.75
C TYR B 429 24.93 23.85 11.07
N ASP B 430 25.39 22.63 11.22
CA ASP B 430 24.46 21.53 11.49
C ASP B 430 23.93 21.74 12.89
N VAL B 431 24.82 22.02 13.83
CA VAL B 431 24.43 22.32 15.21
C VAL B 431 25.10 23.57 15.71
N GLN B 432 24.27 24.42 16.32
CA GLN B 432 24.74 25.64 16.97
C GLN B 432 24.20 25.75 18.36
N TRP B 433 25.08 26.02 19.31
CA TRP B 433 24.69 26.05 20.71
C TRP B 433 25.04 27.40 21.30
N SER B 434 23.96 28.08 21.72
CA SER B 434 23.94 29.44 22.26
C SER B 434 23.77 29.48 23.77
N GLY B 435 23.21 28.42 24.37
CA GLY B 435 22.81 28.46 25.77
C GLY B 435 23.85 27.95 26.77
N GLU B 436 23.72 28.31 28.03
CA GLU B 436 24.67 27.90 29.01
C GLU B 436 24.49 26.46 29.50
N ASN B 437 25.63 25.93 29.92
CA ASN B 437 25.73 24.57 30.47
C ASN B 437 25.13 23.49 29.62
N GLY B 438 25.22 23.64 28.31
CA GLY B 438 24.85 22.54 27.44
C GLY B 438 25.81 21.35 27.61
N LYS B 439 25.26 20.15 27.39
CA LYS B 439 26.03 18.93 27.40
C LYS B 439 25.55 18.07 26.25
N THR B 440 26.50 17.50 25.51
CA THR B 440 26.20 16.52 24.45
C THR B 440 27.00 15.24 24.75
N ILE B 441 26.30 14.13 24.84
CA ILE B 441 26.91 12.83 24.97
C ILE B 441 26.59 12.07 23.69
N PHE B 442 27.64 11.92 22.88
CA PHE B 442 27.61 11.34 21.52
C PHE B 442 27.03 12.25 20.45
N TYR B 443 27.86 12.55 19.45
CA TYR B 443 27.49 13.30 18.24
C TYR B 443 28.06 12.61 17.00
N GLN B 444 27.17 12.40 16.02
CA GLN B 444 27.55 12.00 14.67
C GLN B 444 27.05 13.00 13.67
N ASN B 445 28.00 13.52 12.89
CA ASN B 445 27.72 14.42 11.78
C ASN B 445 28.40 13.93 10.51
N ALA B 446 27.75 14.16 9.37
CA ALA B 446 28.40 14.19 8.07
C ALA B 446 28.03 15.52 7.44
N LYS B 447 29.02 16.18 6.84
CA LYS B 447 28.78 17.45 6.20
C LYS B 447 28.00 17.28 4.89
N ALA B 448 27.51 18.41 4.37
CA ALA B 448 26.82 18.39 3.08
C ALA B 448 27.76 17.79 2.02
N TYR B 449 27.25 16.91 1.17
CA TYR B 449 28.07 16.18 0.17
C TYR B 449 28.08 16.98 -1.18
N ASP B 450 27.04 17.81 -1.40
CA ASP B 450 26.83 18.55 -2.67
C ASP B 450 27.28 20.01 -2.74
N ALA B 451 28.08 20.46 -1.79
CA ALA B 451 28.62 21.80 -1.91
C ALA B 451 29.38 21.90 -3.24
N PRO B 452 29.01 22.90 -4.10
CA PRO B 452 29.59 22.89 -5.45
C PRO B 452 31.00 23.45 -5.58
N ASP B 453 31.40 24.24 -4.59
CA ASP B 453 32.68 24.91 -4.59
C ASP B 453 33.01 25.48 -3.20
N GLN B 454 34.22 25.95 -3.06
CA GLN B 454 34.69 26.47 -1.82
C GLN B 454 33.89 27.73 -1.40
N ALA B 455 33.66 28.63 -2.38
CA ALA B 455 33.01 29.90 -2.13
C ALA B 455 31.68 29.68 -1.43
N ALA B 456 30.97 28.68 -1.91
CA ALA B 456 29.59 28.42 -1.50
C ALA B 456 29.44 28.04 -0.04
N ILE B 457 30.56 27.71 0.63
CA ILE B 457 30.54 27.38 2.07
C ILE B 457 31.49 28.30 2.86
N GLN B 458 31.98 29.34 2.20
CA GLN B 458 32.87 30.29 2.83
C GLN B 458 32.02 30.99 3.89
N ASN B 459 32.50 30.97 5.13
CA ASN B 459 31.77 31.41 6.34
C ASN B 459 32.57 32.57 7.00
N GLY B 460 32.54 33.78 6.40
CA GLY B 460 33.43 34.86 6.82
C GLY B 460 34.90 34.53 6.52
N ASP B 461 35.74 34.56 7.54
CA ASP B 461 37.16 34.19 7.45
C ASP B 461 37.37 32.68 7.36
N ILE B 462 36.30 31.92 7.53
CA ILE B 462 36.38 30.48 7.76
C ILE B 462 35.92 29.68 6.54
N LYS B 463 36.70 28.66 6.20
CA LYS B 463 36.34 27.75 5.14
C LYS B 463 35.36 26.69 5.67
N GLY B 464 34.10 26.88 5.30
CA GLY B 464 33.02 26.00 5.71
C GLY B 464 32.45 26.42 7.06
N TYR B 465 31.34 25.77 7.39
CA TYR B 465 30.66 25.94 8.68
C TYR B 465 30.88 24.72 9.58
N ALA B 466 31.27 24.92 10.82
CA ALA B 466 31.40 23.80 11.76
C ALA B 466 30.14 22.92 11.81
N ALA B 467 30.34 21.63 12.02
CA ALA B 467 29.26 20.71 12.33
C ALA B 467 28.62 21.01 13.69
N TYR B 468 29.40 21.57 14.59
CA TYR B 468 28.97 21.83 15.96
C TYR B 468 29.70 23.06 16.43
N LYS B 469 28.95 24.16 16.54
CA LYS B 469 29.45 25.43 16.98
C LYS B 469 28.88 25.89 18.29
N VAL B 470 29.77 26.08 19.25
CA VAL B 470 29.43 26.68 20.54
C VAL B 470 29.73 28.14 20.42
N ASP B 471 28.69 28.94 20.65
CA ASP B 471 28.81 30.37 20.50
C ASP B 471 29.92 30.93 21.39
N ASP B 472 30.53 31.98 20.86
CA ASP B 472 31.57 32.71 21.50
C ASP B 472 31.35 33.11 22.94
N SER B 473 30.14 33.55 23.22
CA SER B 473 29.84 34.17 24.48
C SER B 473 29.42 33.16 25.53
N VAL B 474 29.36 31.90 25.14
CA VAL B 474 29.04 30.87 26.10
C VAL B 474 30.15 30.72 27.14
N THR B 475 29.77 30.50 28.39
CA THR B 475 30.72 30.34 29.49
C THR B 475 31.00 28.86 29.85
N THR B 476 29.97 28.03 29.74
CA THR B 476 30.06 26.63 30.17
C THR B 476 29.42 25.73 29.10
N HIS B 477 30.11 24.64 28.76
CA HIS B 477 29.62 23.64 27.80
C HIS B 477 30.51 22.41 27.88
N GLU B 478 29.94 21.21 27.68
CA GLU B 478 30.77 20.00 27.64
C GLU B 478 30.21 19.00 26.65
N GLY B 479 31.08 18.38 25.86
CA GLY B 479 30.68 17.42 24.87
C GLY B 479 31.62 16.20 24.93
N TRP B 480 31.05 15.03 24.70
CA TRP B 480 31.83 13.78 24.77
C TRP B 480 31.54 12.91 23.54
N GLY B 481 32.58 12.43 22.86
CA GLY B 481 32.38 11.41 21.85
C GLY B 481 31.70 11.89 20.58
N MET B 482 32.43 12.74 19.86
CA MET B 482 31.82 13.48 18.79
C MET B 482 32.64 13.42 17.51
N GLY B 483 31.95 13.16 16.40
CA GLY B 483 32.62 13.07 15.10
C GLY B 483 31.90 13.77 13.98
N SER B 484 32.70 14.33 13.08
CA SER B 484 32.19 14.91 11.85
C SER B 484 32.93 14.32 10.66
N TYR B 485 32.19 13.87 9.64
CA TYR B 485 32.81 13.28 8.45
C TYR B 485 32.45 14.06 7.20
N CYS B 486 33.38 14.09 6.24
CA CYS B 486 33.14 14.76 4.96
C CYS B 486 33.22 13.83 3.78
N TYR B 487 32.44 14.16 2.76
CA TYR B 487 32.42 13.44 1.49
C TYR B 487 31.87 14.39 0.44
N PHE B 488 32.78 15.26 0.03
CA PHE B 488 32.45 16.32 -0.91
C PHE B 488 32.63 15.73 -2.28
N ASN B 489 31.62 15.00 -2.71
CA ASN B 489 31.80 14.13 -3.87
C ASN B 489 31.46 14.85 -5.14
N VAL B 490 30.75 15.97 -5.01
CA VAL B 490 30.57 16.90 -6.13
C VAL B 490 31.88 17.63 -6.44
N ASN B 491 32.56 18.12 -5.40
CA ASN B 491 33.80 18.87 -5.58
C ASN B 491 34.84 18.48 -4.55
N PRO B 492 35.60 17.42 -4.86
CA PRO B 492 36.51 16.86 -3.86
C PRO B 492 37.72 17.70 -3.56
N ASP B 493 37.84 18.87 -4.18
CA ASP B 493 38.93 19.80 -3.87
C ASP B 493 38.64 20.69 -2.68
N ILE B 494 37.42 20.62 -2.14
CA ILE B 494 37.01 21.45 -1.02
C ILE B 494 37.79 21.11 0.25
N ARG B 495 37.98 22.15 1.04
CA ARG B 495 38.53 22.07 2.39
C ARG B 495 37.52 22.58 3.38
N GLN B 496 37.32 21.81 4.47
CA GLN B 496 36.51 22.18 5.62
C GLN B 496 37.47 22.59 6.75
N GLN B 497 37.42 23.83 7.23
CA GLN B 497 38.45 24.34 8.23
C GLN B 497 38.43 23.39 9.41
N HIS B 498 37.23 23.00 9.89
CA HIS B 498 37.10 22.20 11.13
C HIS B 498 35.73 21.53 11.29
N GLY B 499 35.68 20.54 12.18
CA GLY B 499 34.43 19.89 12.54
C GLY B 499 33.67 20.63 13.63
N PHE B 500 34.43 21.24 14.54
CA PHE B 500 33.92 21.85 15.76
C PHE B 500 34.50 23.25 15.92
N GLN B 501 33.71 24.14 16.49
CA GLN B 501 34.13 25.49 16.80
C GLN B 501 33.57 25.93 18.16
N ALA B 502 34.43 26.50 18.98
CA ALA B 502 34.07 26.85 20.35
C ALA B 502 35.07 27.84 20.91
N PRO B 503 34.61 28.71 21.84
CA PRO B 503 35.64 29.54 22.46
C PRO B 503 36.62 28.71 23.25
N VAL B 504 37.71 29.35 23.67
CA VAL B 504 38.62 28.67 24.57
C VAL B 504 38.58 29.36 25.92
N LYS B 505 37.98 28.62 26.87
CA LYS B 505 37.56 29.08 28.16
C LYS B 505 37.53 27.88 29.09
N PRO B 506 37.75 28.10 30.41
CA PRO B 506 37.86 26.98 31.35
C PRO B 506 36.61 26.12 31.49
N GLY B 507 35.43 26.72 31.36
CA GLY B 507 34.21 25.97 31.56
C GLY B 507 33.72 25.31 30.28
N VAL B 508 34.42 25.50 29.15
CA VAL B 508 34.07 24.82 27.88
C VAL B 508 35.06 23.67 27.67
N LYS B 509 34.54 22.48 27.46
CA LYS B 509 35.35 21.26 27.47
C LYS B 509 34.84 20.30 26.43
N PHE B 510 35.74 19.72 25.68
CA PHE B 510 35.36 18.60 24.81
C PHE B 510 36.27 17.41 25.10
N HIS B 511 35.70 16.24 24.91
CA HIS B 511 36.37 14.98 25.15
C HIS B 511 36.15 14.10 23.93
N ASP B 512 37.22 13.61 23.30
CA ASP B 512 37.15 12.57 22.27
C ASP B 512 36.43 13.08 21.02
N LEU B 513 37.13 13.97 20.32
CA LEU B 513 36.70 14.52 19.05
C LEU B 513 37.45 13.85 17.88
N LEU B 514 36.75 13.68 16.76
CA LEU B 514 37.37 13.20 15.55
C LEU B 514 36.75 13.84 14.31
N VAL B 515 37.57 13.98 13.30
CA VAL B 515 37.04 14.20 11.97
C VAL B 515 37.61 13.23 10.96
N VAL B 516 36.84 12.95 9.90
CA VAL B 516 37.19 11.90 8.97
C VAL B 516 36.82 12.32 7.54
N SER B 517 37.78 12.24 6.62
CA SER B 517 37.47 12.35 5.20
C SER B 517 37.13 10.99 4.66
N LEU B 518 35.97 10.86 4.05
CA LEU B 518 35.56 9.59 3.46
C LEU B 518 36.22 9.39 2.05
N GLY B 519 37.27 8.58 2.01
CA GLY B 519 37.92 8.29 0.74
C GLY B 519 38.60 9.48 0.08
N GLY B 520 38.88 10.56 0.83
CA GLY B 520 39.61 11.71 0.34
C GLY B 520 38.80 12.66 -0.50
N LYS B 521 37.48 12.57 -0.32
CA LYS B 521 36.54 13.45 -0.98
C LYS B 521 36.41 14.76 -0.21
N GLY B 522 37.38 15.63 -0.46
CA GLY B 522 37.60 16.77 0.38
C GLY B 522 38.48 16.38 1.55
N GLN B 523 38.91 17.37 2.33
CA GLN B 523 39.66 17.14 3.55
C GLN B 523 39.32 18.22 4.60
N TYR B 524 39.52 17.86 5.85
CA TYR B 524 39.50 18.82 6.98
C TYR B 524 40.87 19.45 7.17
N GLU B 525 40.96 20.74 7.50
CA GLU B 525 42.26 21.36 7.82
C GLU B 525 42.65 21.17 9.30
N HIS B 526 41.64 20.97 10.14
CA HIS B 526 41.82 20.75 11.59
C HIS B 526 40.60 20.04 12.16
N VAL B 527 40.67 19.75 13.45
CA VAL B 527 39.55 19.12 14.16
C VAL B 527 38.57 20.13 14.74
N ILE B 528 39.08 21.05 15.58
CA ILE B 528 38.26 22.07 16.26
C ILE B 528 38.95 23.44 16.18
N ASN B 529 38.21 24.51 15.84
CA ASN B 529 38.83 25.81 15.61
C ASN B 529 39.96 25.65 14.58
N ASP B 530 41.17 26.14 14.88
CA ASP B 530 42.41 25.83 14.13
C ASP B 530 43.30 24.82 14.86
N ILE B 531 42.70 23.96 15.68
CA ILE B 531 43.40 22.94 16.48
C ILE B 531 43.09 21.57 15.92
N GLY B 532 44.12 20.74 15.85
CA GLY B 532 44.02 19.40 15.28
C GLY B 532 44.71 19.31 13.92
N ASP B 533 45.18 18.11 13.61
CA ASP B 533 45.84 17.97 12.34
C ASP B 533 44.78 17.76 11.26
N PRO B 534 45.12 18.20 10.04
CA PRO B 534 44.26 17.99 8.88
C PRO B 534 44.12 16.50 8.62
N THR B 535 43.07 16.12 7.90
CA THR B 535 42.99 14.78 7.35
C THR B 535 43.91 14.75 6.12
N SER B 536 44.37 13.55 5.75
CA SER B 536 45.23 13.39 4.57
C SER B 536 45.02 12.03 3.92
N GLY B 537 45.43 11.90 2.66
CA GLY B 537 45.29 10.64 1.93
C GLY B 537 43.84 10.36 1.55
N ASP B 538 43.61 9.20 0.91
CA ASP B 538 42.25 8.68 0.68
C ASP B 538 42.06 7.37 1.46
N THR B 539 42.75 7.26 2.59
CA THR B 539 42.73 6.07 3.44
C THR B 539 41.55 6.06 4.45
N THR B 540 40.86 7.18 4.54
CA THR B 540 39.79 7.47 5.56
C THR B 540 40.25 7.19 7.03
N ILE B 541 41.42 7.72 7.34
CA ILE B 541 41.94 7.66 8.73
C ILE B 541 41.51 8.89 9.53
N PRO B 542 40.83 8.67 10.68
CA PRO B 542 40.39 9.82 11.48
C PRO B 542 41.53 10.68 11.95
N SER B 543 41.26 11.97 12.08
CA SER B 543 42.12 12.89 12.79
C SER B 543 41.45 13.18 14.11
N GLN B 544 42.19 13.06 15.20
CA GLN B 544 41.56 13.07 16.52
C GLN B 544 42.13 14.09 17.48
N VAL B 545 41.28 14.54 18.41
CA VAL B 545 41.72 15.27 19.62
C VAL B 545 41.09 14.66 20.89
N VAL B 546 41.95 14.37 21.86
CA VAL B 546 41.53 13.69 23.07
C VAL B 546 40.76 14.62 24.04
N SER B 547 41.41 15.74 24.36
CA SER B 547 40.85 16.71 25.31
C SER B 547 41.01 18.08 24.71
N PHE B 548 40.00 18.91 24.89
CA PHE B 548 40.03 20.28 24.43
C PHE B 548 39.39 21.13 25.53
N PRO B 549 39.99 22.30 25.82
CA PRO B 549 41.23 22.77 25.21
C PRO B 549 42.46 21.96 25.56
C2 BGC C . 1.39 -27.70 -25.51
C3 BGC C . 1.34 -26.85 -24.35
C4 BGC C . 0.70 -27.52 -23.15
C5 BGC C . 1.25 -28.94 -22.99
C6 BGC C . 0.58 -29.73 -21.92
C1 BGC C . 1.94 -29.08 -25.22
O1 BGC C . 1.84 -29.82 -26.30
O2 BGC C . 2.23 -27.12 -26.52
O3 BGC C . 0.70 -25.55 -24.75
O4 BGC C . 0.91 -26.83 -21.95
O5 BGC C . 1.15 -29.70 -24.18
O6 BGC C . 1.13 -31.02 -21.74
C2 BGC C . 0.70 -23.20 -24.87
C3 BGC C . 1.35 -21.93 -24.45
C4 BGC C . 1.67 -21.88 -23.02
C5 BGC C . 2.28 -23.20 -22.56
C6 BGC C . 2.47 -23.30 -21.10
C1 BGC C . 1.39 -24.42 -24.36
O2 BGC C . 0.60 -23.27 -26.28
O3 BGC C . 0.34 -20.91 -24.81
O4 BGC C . 2.55 -20.79 -22.69
O5 BGC C . 1.44 -24.32 -22.94
O6 BGC C . 2.96 -24.55 -20.61
C2 BGC C . -0.16 -18.72 -25.68
C3 BGC C . 0.42 -17.57 -26.41
C4 BGC C . 1.63 -17.06 -25.73
C5 BGC C . 2.59 -18.20 -25.44
C6 BGC C . 3.77 -17.78 -24.68
C1 BGC C . 0.89 -19.82 -25.51
O2 BGC C . -1.24 -19.30 -26.43
O3 BGC C . -0.58 -16.49 -26.41
O4 BGC C . 2.31 -16.05 -26.49
O5 BGC C . 1.94 -19.26 -24.72
O6 BGC C . 4.63 -18.88 -24.49
C2 BGC C . -2.06 -15.06 -27.69
C3 BGC C . -2.29 -14.36 -29.00
C4 BGC C . -1.01 -13.86 -29.62
C5 BGC C . -0.02 -15.02 -29.69
C6 BGC C . 1.32 -14.65 -30.33
C1 BGC C . -0.94 -16.07 -27.70
O2 BGC C . -3.27 -15.73 -27.37
O3 BGC C . -3.18 -13.26 -28.71
O4 BGC C . -1.24 -13.40 -30.91
O5 BGC C . 0.25 -15.50 -28.35
O6 BGC C . 2.10 -15.78 -30.66
C2 BGC C . -5.35 -12.25 -28.90
C3 BGC C . -6.46 -11.80 -29.80
C4 BGC C . -6.00 -11.37 -31.13
C5 BGC C . -4.91 -12.22 -31.72
C6 BGC C . -4.24 -11.32 -32.74
C1 BGC C . -4.28 -13.09 -29.57
O2 BGC C . -5.88 -13.02 -27.86
O3 BGC C . -7.12 -10.66 -29.08
O4 BGC C . -7.08 -11.19 -32.04
O5 BGC C . -3.82 -12.41 -30.78
O6 BGC C . -3.76 -10.12 -32.21
C2 BGC C . -9.12 -9.71 -28.19
C3 BGC C . -10.59 -9.74 -28.38
C4 BGC C . -10.94 -9.89 -29.77
C5 BGC C . -10.40 -11.22 -30.29
C6 BGC C . -10.59 -11.41 -31.76
C1 BGC C . -8.47 -10.92 -28.84
O2 BGC C . -8.77 -9.71 -26.81
O3 BGC C . -11.23 -8.49 -27.94
O4 BGC C . -12.38 -9.81 -30.03
O5 BGC C . -8.95 -11.16 -30.17
O6 BGC C . -10.18 -10.36 -32.58
C2 BGC D . -5.52 -32.43 -30.41
C3 BGC D . -5.68 -31.59 -31.57
C4 BGC D . -4.44 -30.86 -31.90
C5 BGC D . -3.16 -31.67 -31.64
C6 BGC D . -2.39 -31.12 -30.49
C1 BGC D . -4.51 -33.52 -30.62
O1 BGC D . -4.08 -33.96 -29.43
O2 BGC D . -6.78 -33.02 -30.03
O3 BGC D . -6.77 -30.68 -31.25
O4 BGC D . -4.45 -30.35 -33.22
O5 BGC D . -3.36 -33.06 -31.42
O6 BGC D . -1.05 -30.79 -30.68
C2 BGC D . -9.07 -30.12 -31.74
C3 BGC D . -10.01 -29.37 -32.64
C4 BGC D . -9.43 -28.19 -33.31
C5 BGC D . -8.04 -28.49 -33.85
C6 BGC D . -7.40 -27.32 -34.43
C1 BGC D . -7.61 -30.27 -32.24
O2 BGC D . -9.67 -31.34 -31.35
O3 BGC D . -11.21 -29.03 -31.93
O4 BGC D . -10.30 -27.80 -34.35
O5 BGC D . -7.15 -28.99 -32.80
O6 BGC D . -6.09 -27.52 -34.77
C2 BGC D . -12.97 -29.94 -30.71
C3 BGC D . -14.18 -30.78 -30.81
C4 BGC D . -14.99 -30.54 -32.03
C5 BGC D . -14.16 -30.58 -33.32
C6 BGC D . -14.89 -30.13 -34.57
C1 BGC D . -12.15 -30.00 -31.97
O2 BGC D . -12.12 -30.29 -29.63
O3 BGC D . -14.99 -30.54 -29.60
O4 BGC D . -16.05 -31.47 -32.15
O5 BGC D . -12.93 -29.80 -33.18
O6 BGC D . -15.55 -28.91 -34.53
C2 BGC D . -15.62 -31.44 -27.46
C3 BGC D . -16.28 -32.58 -26.81
C4 BGC D . -17.53 -33.01 -27.49
C5 BGC D . -17.22 -33.27 -28.96
C6 BGC D . -18.34 -33.61 -29.86
C1 BGC D . -15.38 -31.67 -28.94
O2 BGC D . -14.38 -31.06 -26.83
O3 BGC D . -16.47 -32.22 -25.41
O4 BGC D . -18.16 -34.16 -26.85
O5 BGC D . -16.65 -32.08 -29.53
O6 BGC D . -19.58 -33.00 -29.68
C2 BGC D . -15.10 -32.16 -23.41
C3 BGC D . -14.37 -32.95 -22.45
C4 BGC D . -15.16 -34.11 -21.93
C5 BGC D . -15.78 -34.86 -23.07
C6 BGC D . -16.73 -35.89 -22.58
C1 BGC D . -15.69 -32.97 -24.54
O2 BGC D . -14.18 -31.24 -24.00
O3 BGC D . -13.78 -32.13 -21.41
O4 BGC D . -14.30 -35.02 -21.24
O5 BGC D . -16.50 -34.02 -23.98
O6 BGC D . -17.14 -36.84 -23.59
C2 BGC E . 35.48 -9.10 8.07
C3 BGC E . 35.54 -8.31 9.29
C4 BGC E . 34.80 -9.03 10.37
C5 BGC E . 35.34 -10.45 10.50
C6 BGC E . 34.64 -11.22 11.57
C1 BGC E . 36.01 -10.50 8.23
O1 BGC E . 35.89 -11.18 7.11
O2 BGC E . 36.21 -8.56 6.96
O3 BGC E . 34.97 -6.93 9.10
O4 BGC E . 34.96 -8.38 11.56
O5 BGC E . 35.25 -11.17 9.27
O6 BGC E . 35.42 -12.27 12.10
C2 BGC E . 35.12 -4.57 8.89
C3 BGC E . 35.74 -3.32 9.35
C4 BGC E . 36.03 -3.31 10.77
C5 BGC E . 36.67 -4.61 11.23
C6 BGC E . 36.82 -4.70 12.70
C1 BGC E . 35.77 -5.84 9.41
O2 BGC E . 35.15 -4.52 7.47
O3 BGC E . 34.80 -2.24 9.04
O4 BGC E . 36.88 -2.21 11.16
O5 BGC E . 35.94 -5.76 10.80
O6 BGC E . 37.57 -5.79 13.19
C2 BGC E . 34.29 -0.12 8.01
C3 BGC E . 34.90 0.98 7.25
C4 BGC E . 36.13 1.51 7.85
C5 BGC E . 37.07 0.40 8.26
C6 BGC E . 38.23 0.95 9.01
C1 BGC E . 35.33 -1.19 8.29
O2 BGC E . 33.23 -0.71 7.23
O3 BGC E . 33.89 2.05 7.19
O4 BGC E . 36.79 2.35 6.85
O5 BGC E . 36.39 -0.59 9.08
O6 BGC E . 39.19 -0.04 9.29
C2 BGC E . 32.40 3.54 5.98
C3 BGC E . 32.21 4.28 4.72
C4 BGC E . 33.53 4.71 4.11
C5 BGC E . 34.51 3.52 4.10
C6 BGC E . 36.01 3.70 4.07
C1 BGC E . 33.43 2.42 5.94
O2 BGC E . 31.12 3.04 6.38
O3 BGC E . 31.36 5.39 5.11
O4 BGC E . 33.24 5.26 2.82
O5 BGC E . 34.61 3.05 5.43
O6 BGC E . 36.54 2.69 3.23
C2 BGC E . 29.23 6.55 5.02
C3 BGC E . 28.17 7.10 4.14
C4 BGC E . 28.76 7.76 2.93
C5 BGC E . 29.72 6.82 2.21
C6 BGC E . 30.48 7.55 1.13
C1 BGC E . 30.26 5.72 4.28
O2 BGC E . 28.60 5.74 5.98
O3 BGC E . 27.41 8.10 4.92
O4 BGC E . 27.77 8.21 2.05
O5 BGC E . 30.77 6.46 3.13
O6 BGC E . 31.52 6.78 0.54
C2 BGC E . 25.34 8.91 5.87
C3 BGC E . 23.87 8.91 5.66
C4 BGC E . 23.56 8.69 4.26
C5 BGC E . 24.09 7.31 3.88
C6 BGC E . 23.76 6.88 2.48
C1 BGC E . 26.06 7.76 5.17
O2 BGC E . 25.59 8.91 7.27
O3 BGC E . 23.37 10.27 5.94
O4 BGC E . 22.14 8.78 4.00
O5 BGC E . 25.53 7.46 3.89
O6 BGC E . 23.43 7.87 1.59
C2 BGC F . 28.61 -13.93 3.26
C3 BGC F . 28.55 -12.96 2.17
C4 BGC F . 29.86 -12.35 1.86
C5 BGC F . 30.91 -13.43 1.67
C6 BGC F . 32.25 -12.91 1.30
C1 BGC F . 29.75 -14.91 3.13
O1 BGC F . 29.89 -15.64 4.25
O2 BGC F . 27.35 -14.63 3.38
O3 BGC F . 27.55 -11.93 2.56
O4 BGC F . 29.82 -11.50 0.73
O5 BGC F . 31.00 -14.21 2.86
O6 BGC F . 33.08 -13.79 0.58
C2 BGC F . 25.33 -11.31 2.14
C3 BGC F . 24.31 -10.65 1.22
C4 BGC F . 24.93 -9.51 0.49
C5 BGC F . 26.26 -9.87 -0.16
C6 BGC F . 26.80 -8.77 -0.94
C1 BGC F . 26.75 -11.49 1.56
O2 BGC F . 24.90 -12.53 2.73
O3 BGC F . 23.13 -10.22 1.92
O4 BGC F . 24.06 -8.88 -0.46
O5 BGC F . 27.23 -10.28 0.86
O6 BGC F . 28.06 -8.99 -1.41
C2 BGC F . 21.23 -11.07 3.21
C3 BGC F . 20.03 -11.92 3.13
C4 BGC F . 19.22 -11.64 1.95
C5 BGC F . 20.06 -11.69 0.67
C6 BGC F . 19.28 -11.24 -0.54
C1 BGC F . 22.10 -11.15 1.95
O2 BGC F . 22.00 -11.37 4.33
O3 BGC F . 19.20 -11.73 4.32
O4 BGC F . 18.17 -12.56 1.88
O5 BGC F . 21.28 -10.92 0.77
O6 BGC F . 20.06 -10.67 -1.52
C2 BGC F . 18.78 -12.67 6.50
C3 BGC F . 18.14 -13.84 7.17
C4 BGC F . 16.81 -14.09 6.55
C5 BGC F . 17.01 -14.41 5.07
C6 BGC F . 15.77 -14.73 4.36
C1 BGC F . 18.89 -12.87 5.01
O2 BGC F . 20.05 -12.31 7.12
O3 BGC F . 17.97 -13.48 8.56
O4 BGC F . 16.12 -15.18 7.18
O5 BGC F . 17.60 -13.29 4.42
O6 BGC F . 14.84 -13.69 4.24
C2 BGC F . 19.32 -13.28 10.55
C3 BGC F . 20.08 -14.11 11.47
C4 BGC F . 19.29 -15.24 12.02
C5 BGC F . 18.60 -16.02 10.95
C6 BGC F . 17.61 -16.99 11.48
C1 BGC F . 18.74 -14.17 9.46
O2 BGC F . 20.16 -12.25 9.98
O3 BGC F . 20.75 -13.34 12.52
O4 BGC F . 20.12 -16.18 12.72
O5 BGC F . 17.89 -15.16 10.07
O6 BGC F . 16.99 -17.80 10.47
C1 EDO G . -4.65 4.49 -29.36
O1 EDO G . -3.60 4.56 -28.43
C2 EDO G . -5.78 5.20 -28.64
O2 EDO G . -6.70 4.36 -27.98
H11 EDO G . -4.40 5.04 -30.26
H12 EDO G . -4.90 3.46 -29.62
HO1 EDO G . -2.85 4.06 -28.76
H21 EDO G . -6.26 5.86 -29.35
H22 EDO G . -5.31 5.81 -27.88
HO2 EDO G . -7.19 4.88 -27.33
C1 EDO H . 30.05 23.06 4.84
O1 EDO H . 30.74 23.94 5.71
C2 EDO H . 28.57 23.45 4.90
O2 EDO H . 27.97 23.08 6.13
H11 EDO H . 30.19 22.02 5.11
H12 EDO H . 30.39 23.19 3.81
HO1 EDO H . 31.69 23.84 5.57
H21 EDO H . 28.01 23.01 4.07
H22 EDO H . 28.54 24.53 4.80
HO2 EDO H . 27.12 23.51 6.23
N GLU A 1 -49.59 -1.23 -9.88
CA GLU A 1 -50.39 -1.83 -10.93
C GLU A 1 -49.63 -2.70 -12.00
N VAL A 2 -48.31 -2.82 -11.93
CA VAL A 2 -47.60 -3.95 -12.59
C VAL A 2 -47.86 -5.24 -11.81
N VAL A 3 -48.45 -6.23 -12.47
CA VAL A 3 -48.56 -7.54 -11.88
C VAL A 3 -47.11 -8.00 -11.58
N GLY A 4 -46.90 -8.69 -10.46
CA GLY A 4 -45.55 -8.96 -10.02
C GLY A 4 -45.27 -10.46 -10.14
N GLY A 5 -44.36 -10.82 -11.02
CA GLY A 5 -43.98 -12.20 -11.22
C GLY A 5 -44.67 -12.71 -12.48
N GLY A 6 -45.08 -13.99 -12.45
CA GLY A 6 -45.71 -14.58 -13.63
C GLY A 6 -44.69 -15.17 -14.57
N ASP A 7 -45.16 -15.75 -15.67
CA ASP A 7 -44.39 -16.64 -16.49
C ASP A 7 -42.98 -16.15 -16.88
N LEU A 8 -41.98 -17.06 -16.77
CA LEU A 8 -40.59 -16.77 -17.18
C LEU A 8 -40.38 -16.94 -18.70
N GLY A 9 -41.28 -17.68 -19.33
CA GLY A 9 -41.34 -17.73 -20.78
C GLY A 9 -40.57 -18.82 -21.53
N PRO A 10 -40.65 -18.75 -22.87
CA PRO A 10 -40.20 -19.86 -23.70
C PRO A 10 -38.67 -20.00 -23.76
N ASN A 11 -37.93 -18.96 -23.39
CA ASN A 11 -36.45 -19.04 -23.49
C ASN A 11 -35.74 -19.38 -22.20
N VAL A 12 -36.49 -19.60 -21.13
CA VAL A 12 -35.94 -20.18 -19.90
C VAL A 12 -36.40 -21.62 -19.95
N LEU A 13 -35.47 -22.55 -20.19
CA LEU A 13 -35.85 -23.96 -20.20
C LEU A 13 -35.52 -24.46 -18.82
N VAL A 14 -36.55 -24.86 -18.10
CA VAL A 14 -36.30 -25.50 -16.83
C VAL A 14 -36.38 -27.02 -17.02
N PHE A 15 -35.41 -27.67 -16.41
CA PHE A 15 -35.24 -29.10 -16.47
C PHE A 15 -35.30 -29.64 -15.06
N ASP A 16 -35.81 -30.86 -14.96
CA ASP A 16 -35.82 -31.59 -13.69
C ASP A 16 -35.13 -32.93 -13.97
N PRO A 17 -34.74 -33.70 -12.94
CA PRO A 17 -34.11 -34.93 -13.38
C PRO A 17 -35.13 -35.99 -13.86
N SER A 18 -36.42 -35.67 -13.96
CA SER A 18 -37.40 -36.54 -14.67
C SER A 18 -37.54 -36.23 -16.18
N THR A 19 -37.19 -35.01 -16.60
CA THR A 19 -37.39 -34.60 -18.00
C THR A 19 -36.71 -35.58 -18.94
N PRO A 20 -37.39 -35.97 -20.05
CA PRO A 20 -36.76 -36.88 -21.03
C PRO A 20 -35.85 -36.15 -21.97
N ASP A 21 -34.97 -36.91 -22.59
CA ASP A 21 -34.08 -36.37 -23.59
C ASP A 21 -33.51 -35.01 -23.18
N ILE A 22 -32.96 -34.92 -21.98
CA ILE A 22 -32.40 -33.64 -21.54
C ILE A 22 -31.20 -33.31 -22.38
N GLN A 23 -30.39 -34.32 -22.56
CA GLN A 23 -29.23 -34.20 -23.41
C GLN A 23 -29.71 -33.69 -24.78
N GLY A 24 -30.60 -34.41 -25.46
CA GLY A 24 -31.02 -33.98 -26.78
C GLY A 24 -31.44 -32.50 -26.80
N LYS A 25 -32.12 -32.07 -25.75
CA LYS A 25 -32.61 -30.68 -25.68
C LYS A 25 -31.46 -29.69 -25.52
N VAL A 26 -30.42 -30.08 -24.81
CA VAL A 26 -29.30 -29.16 -24.65
C VAL A 26 -28.41 -29.19 -25.92
N ASP A 27 -28.19 -30.36 -26.51
CA ASP A 27 -27.54 -30.44 -27.82
C ASP A 27 -28.32 -29.55 -28.79
N GLU A 28 -29.60 -29.37 -28.53
CA GLU A 28 -30.44 -28.66 -29.49
C GLU A 28 -30.15 -27.17 -29.49
N VAL A 29 -30.10 -26.60 -28.31
CA VAL A 29 -29.76 -25.20 -28.16
C VAL A 29 -28.32 -25.03 -28.70
N PHE A 30 -27.42 -25.92 -28.31
CA PHE A 30 -26.01 -25.81 -28.71
C PHE A 30 -25.77 -25.73 -30.23
N ARG A 31 -26.43 -26.57 -31.02
CA ARG A 31 -26.13 -26.57 -32.46
C ARG A 31 -26.56 -25.22 -33.05
N LYS A 32 -27.61 -24.65 -32.49
CA LYS A 32 -28.07 -23.33 -32.96
C LYS A 32 -27.26 -22.14 -32.44
N GLN A 33 -26.63 -22.32 -31.28
CA GLN A 33 -25.90 -21.23 -30.61
C GLN A 33 -24.36 -21.33 -30.82
N GLU A 34 -23.85 -22.43 -31.34
CA GLU A 34 -22.44 -22.67 -31.29
C GLU A 34 -21.60 -21.61 -31.99
N SER A 35 -21.92 -21.28 -33.23
CA SER A 35 -21.13 -20.25 -33.90
C SER A 35 -21.91 -18.96 -34.08
N ASN A 36 -22.99 -18.85 -33.30
CA ASN A 36 -23.93 -17.73 -33.42
C ASN A 36 -23.49 -16.50 -32.62
N GLN A 37 -22.39 -15.91 -33.11
CA GLN A 37 -21.63 -14.94 -32.35
C GLN A 37 -22.43 -13.64 -32.15
N PHE A 38 -23.24 -13.26 -33.12
CA PHE A 38 -23.87 -11.93 -33.09
C PHE A 38 -25.41 -11.93 -33.11
N GLY A 39 -25.96 -13.12 -33.33
CA GLY A 39 -27.42 -13.32 -33.41
C GLY A 39 -28.11 -12.77 -32.17
N THR A 40 -29.43 -12.60 -32.27
CA THR A 40 -30.24 -12.09 -31.20
C THR A 40 -30.87 -13.21 -30.36
N ASP A 41 -30.68 -14.48 -30.73
CA ASP A 41 -31.23 -15.57 -29.92
C ASP A 41 -30.47 -15.70 -28.59
N ARG A 42 -31.22 -16.18 -27.61
CA ARG A 42 -30.85 -16.05 -26.21
C ARG A 42 -31.52 -17.20 -25.47
N TYR A 43 -30.77 -17.84 -24.55
CA TYR A 43 -31.32 -18.94 -23.75
C TYR A 43 -30.73 -19.02 -22.36
N ALA A 44 -31.55 -19.42 -21.41
CA ALA A 44 -31.10 -19.74 -20.05
C ALA A 44 -31.65 -21.10 -19.65
N LEU A 45 -30.72 -22.01 -19.40
CA LEU A 45 -31.04 -23.39 -18.98
C LEU A 45 -30.92 -23.43 -17.45
N MET A 46 -31.96 -23.88 -16.73
CA MET A 46 -31.95 -23.81 -15.28
C MET A 46 -32.31 -25.15 -14.72
N PHE A 47 -31.39 -25.82 -14.07
CA PHE A 47 -31.67 -27.18 -13.59
C PHE A 47 -32.18 -27.21 -12.16
N LYS A 48 -33.34 -27.83 -11.99
CA LYS A 48 -33.88 -28.04 -10.65
C LYS A 48 -32.95 -28.95 -9.84
N PRO A 49 -32.96 -28.81 -8.51
CA PRO A 49 -32.11 -29.65 -7.68
C PRO A 49 -32.35 -31.14 -7.93
N GLY A 50 -31.26 -31.88 -7.84
CA GLY A 50 -31.29 -33.30 -8.13
C GLY A 50 -29.93 -33.74 -8.66
N THR A 51 -29.91 -34.89 -9.34
CA THR A 51 -28.69 -35.48 -9.86
C THR A 51 -28.97 -36.04 -11.26
N TYR A 52 -28.23 -35.47 -12.21
CA TYR A 52 -28.37 -35.72 -13.64
C TYR A 52 -27.16 -36.50 -14.14
N ASN A 53 -27.41 -37.71 -14.65
CA ASN A 53 -26.37 -38.54 -15.23
C ASN A 53 -26.26 -38.37 -16.74
N ASP A 54 -25.16 -38.83 -17.34
CA ASP A 54 -24.98 -38.91 -18.79
C ASP A 54 -25.28 -37.60 -19.52
N ILE A 55 -24.48 -36.60 -19.24
CA ILE A 55 -24.76 -35.28 -19.72
C ILE A 55 -23.48 -34.53 -19.96
N ASN A 56 -23.41 -34.00 -21.17
CA ASN A 56 -22.29 -33.20 -21.64
C ASN A 56 -22.96 -31.97 -22.20
N ALA A 57 -23.22 -30.99 -21.32
CA ALA A 57 -23.89 -29.73 -21.67
C ALA A 57 -22.90 -28.78 -22.32
N GLN A 58 -22.92 -28.72 -23.63
CA GLN A 58 -22.02 -27.84 -24.37
C GLN A 58 -22.72 -26.51 -24.48
N ILE A 59 -22.00 -25.45 -24.15
CA ILE A 59 -22.58 -24.12 -24.01
C ILE A 59 -22.05 -23.21 -25.15
N GLY A 60 -22.96 -22.72 -25.98
CA GLY A 60 -22.58 -21.87 -27.10
C GLY A 60 -22.78 -20.41 -26.71
N PHE A 61 -22.84 -19.55 -27.74
CA PHE A 61 -23.09 -18.14 -27.49
C PHE A 61 -24.45 -17.90 -26.81
N TYR A 62 -24.47 -16.90 -25.97
CA TYR A 62 -25.69 -16.37 -25.35
C TYR A 62 -26.54 -17.45 -24.67
N THR A 63 -25.85 -18.36 -24.00
CA THR A 63 -26.48 -19.43 -23.26
C THR A 63 -25.97 -19.36 -21.83
N SER A 64 -26.91 -19.26 -20.92
CA SER A 64 -26.66 -19.34 -19.49
C SER A 64 -27.08 -20.75 -19.00
N ILE A 65 -26.33 -21.30 -18.07
CA ILE A 65 -26.72 -22.58 -17.43
C ILE A 65 -26.54 -22.45 -15.95
N ALA A 66 -27.54 -22.87 -15.19
CA ALA A 66 -27.43 -22.79 -13.75
C ALA A 66 -28.29 -23.82 -13.07
N GLY A 67 -27.90 -24.06 -11.83
CA GLY A 67 -28.73 -24.82 -10.91
C GLY A 67 -29.74 -23.89 -10.26
N LEU A 68 -30.75 -24.51 -9.62
CA LEU A 68 -31.78 -23.76 -8.90
C LEU A 68 -31.78 -24.22 -7.46
N GLY A 69 -30.70 -24.90 -7.06
CA GLY A 69 -30.53 -25.39 -5.71
C GLY A 69 -30.23 -24.26 -4.77
N LEU A 70 -30.15 -24.54 -3.47
CA LEU A 70 -29.82 -23.45 -2.56
C LEU A 70 -28.34 -23.40 -2.43
N ASN A 71 -27.78 -24.60 -2.36
CA ASN A 71 -26.35 -24.82 -2.41
C ASN A 71 -25.93 -25.36 -3.82
N PRO A 72 -24.69 -25.11 -4.26
CA PRO A 72 -24.39 -25.65 -5.60
C PRO A 72 -24.50 -27.19 -5.61
N ASP A 73 -24.10 -27.81 -4.51
CA ASP A 73 -24.14 -29.27 -4.45
C ASP A 73 -25.60 -29.84 -4.42
N ASP A 74 -26.60 -28.97 -4.34
CA ASP A 74 -28.01 -29.34 -4.52
C ASP A 74 -28.34 -29.81 -5.94
N THR A 75 -27.55 -29.37 -6.92
CA THR A 75 -27.80 -29.66 -8.32
C THR A 75 -26.51 -30.19 -8.90
N THR A 76 -26.44 -31.53 -8.97
CA THR A 76 -25.27 -32.27 -9.37
C THR A 76 -25.33 -32.86 -10.78
N PHE A 77 -24.29 -32.59 -11.56
CA PHE A 77 -24.13 -33.22 -12.88
C PHE A 77 -23.05 -34.31 -12.74
N ASN A 78 -23.40 -35.54 -13.08
CA ASN A 78 -22.44 -36.60 -13.32
C ASN A 78 -22.21 -36.53 -14.81
N GLY A 79 -21.25 -35.68 -15.14
CA GLY A 79 -21.15 -35.12 -16.47
C GLY A 79 -20.49 -33.76 -16.42
N ASP A 80 -20.72 -32.96 -17.47
CA ASP A 80 -19.87 -31.82 -17.79
C ASP A 80 -20.66 -30.60 -18.28
N VAL A 81 -20.05 -29.45 -18.11
CA VAL A 81 -20.50 -28.20 -18.72
C VAL A 81 -19.30 -27.74 -19.54
N THR A 82 -19.36 -28.01 -20.85
CA THR A 82 -18.22 -27.90 -21.76
C THR A 82 -18.31 -26.63 -22.56
N VAL A 83 -17.19 -25.91 -22.64
CA VAL A 83 -16.96 -24.94 -23.70
C VAL A 83 -15.64 -25.31 -24.36
N ASP A 84 -15.70 -25.55 -25.66
CA ASP A 84 -14.54 -25.84 -26.48
C ASP A 84 -14.68 -24.88 -27.71
N ALA A 85 -13.74 -24.98 -28.64
CA ALA A 85 -13.68 -24.07 -29.78
C ALA A 85 -13.88 -24.75 -31.14
N GLY A 86 -14.36 -25.98 -31.15
CA GLY A 86 -14.80 -26.65 -32.37
C GLY A 86 -15.06 -25.74 -33.57
N TRP A 87 -16.00 -24.82 -33.38
CA TRP A 87 -16.46 -23.96 -34.46
C TRP A 87 -15.37 -23.04 -35.04
N PHE A 88 -14.29 -22.81 -34.31
CA PHE A 88 -13.28 -21.84 -34.73
C PHE A 88 -11.91 -22.51 -34.86
N ASP A 89 -11.92 -23.74 -35.38
CA ASP A 89 -10.69 -24.43 -35.70
C ASP A 89 -9.74 -24.47 -34.50
N GLY A 90 -10.30 -24.39 -33.30
CA GLY A 90 -9.56 -24.59 -32.08
C GLY A 90 -8.99 -23.36 -31.42
N ASN A 91 -9.39 -22.19 -31.95
CA ASN A 91 -9.01 -20.89 -31.41
C ASN A 91 -10.15 -20.46 -30.49
N ALA A 92 -9.87 -20.21 -29.19
CA ALA A 92 -10.95 -19.90 -28.24
C ALA A 92 -11.11 -18.39 -27.98
N THR A 93 -10.42 -17.56 -28.74
CA THR A 93 -10.46 -16.11 -28.47
C THR A 93 -11.73 -15.38 -28.88
N GLN A 94 -12.69 -16.12 -29.41
CA GLN A 94 -14.03 -15.55 -29.61
C GLN A 94 -15.15 -16.24 -28.80
N ASN A 95 -14.77 -17.00 -27.76
CA ASN A 95 -15.77 -17.73 -26.99
C ASN A 95 -16.34 -16.86 -25.87
N PHE A 96 -17.22 -15.96 -26.30
CA PHE A 96 -17.79 -14.92 -25.47
C PHE A 96 -19.25 -15.17 -25.03
N TRP A 97 -19.71 -14.39 -24.06
CA TRP A 97 -21.12 -14.19 -23.69
C TRP A 97 -21.87 -15.48 -23.35
N ARG A 98 -21.49 -16.08 -22.24
CA ARG A 98 -22.13 -17.32 -21.81
C ARG A 98 -21.75 -17.56 -20.36
N SER A 99 -22.51 -18.36 -19.64
CA SER A 99 -22.25 -18.41 -18.21
C SER A 99 -22.67 -19.74 -17.57
N ALA A 100 -22.01 -20.01 -16.45
CA ALA A 100 -22.31 -21.19 -15.60
C ALA A 100 -22.35 -20.75 -14.14
N GLU A 101 -23.43 -21.13 -13.44
CA GLU A 101 -23.56 -20.76 -12.03
C GLU A 101 -24.29 -21.83 -11.22
N ASN A 102 -23.91 -21.98 -9.95
CA ASN A 102 -24.71 -22.72 -8.94
C ASN A 102 -24.95 -24.20 -9.28
N LEU A 103 -23.90 -24.86 -9.71
CA LEU A 103 -23.93 -26.30 -10.05
C LEU A 103 -22.74 -27.05 -9.45
N ALA A 104 -22.94 -28.35 -9.19
CA ALA A 104 -21.81 -29.24 -8.88
C ALA A 104 -21.58 -30.15 -10.07
N LEU A 105 -20.31 -30.25 -10.50
CA LEU A 105 -19.93 -31.10 -11.64
C LEU A 105 -19.02 -32.24 -11.18
N ASN A 106 -19.32 -33.41 -11.71
CA ASN A 106 -18.51 -34.63 -11.54
C ASN A 106 -18.08 -35.07 -12.95
N PRO A 107 -16.99 -34.48 -13.47
CA PRO A 107 -16.77 -34.60 -14.91
C PRO A 107 -16.37 -36.01 -15.32
N VAL A 108 -16.76 -36.43 -16.51
CA VAL A 108 -16.60 -37.82 -16.89
C VAL A 108 -15.16 -38.29 -16.84
N ASN A 109 -14.22 -37.50 -17.33
CA ASN A 109 -12.82 -37.94 -17.30
C ASN A 109 -12.04 -37.38 -16.15
N GLY A 110 -12.74 -36.79 -15.19
CA GLY A 110 -12.05 -36.20 -14.06
C GLY A 110 -11.76 -34.70 -14.18
N THR A 111 -11.93 -34.17 -15.38
CA THR A 111 -11.68 -32.73 -15.62
C THR A 111 -12.76 -32.12 -16.47
N ASN A 112 -13.29 -30.98 -16.01
CA ASN A 112 -14.26 -30.22 -16.76
C ASN A 112 -13.52 -29.19 -17.62
N ARG A 113 -13.90 -29.07 -18.89
CA ARG A 113 -13.32 -28.09 -19.76
C ARG A 113 -14.20 -26.86 -19.93
N TRP A 114 -13.57 -25.71 -19.77
CA TRP A 114 -14.27 -24.43 -19.83
C TRP A 114 -13.34 -23.43 -20.51
N ALA A 115 -13.20 -23.63 -21.81
CA ALA A 115 -12.24 -22.90 -22.63
C ALA A 115 -12.87 -21.66 -23.25
N VAL A 116 -12.99 -20.65 -22.43
CA VAL A 116 -13.63 -19.39 -22.79
C VAL A 116 -12.68 -18.21 -22.89
N SER A 117 -13.16 -17.12 -23.48
CA SER A 117 -12.49 -15.84 -23.39
C SER A 117 -13.39 -14.90 -22.62
N GLN A 118 -13.59 -13.65 -23.08
CA GLN A 118 -14.20 -12.63 -22.22
C GLN A 118 -15.71 -12.80 -22.07
N ALA A 119 -16.26 -12.25 -20.97
CA ALA A 119 -17.69 -12.26 -20.69
C ALA A 119 -18.25 -13.68 -20.58
N ALA A 120 -17.50 -14.53 -19.90
CA ALA A 120 -17.94 -15.91 -19.71
C ALA A 120 -17.78 -16.38 -18.26
N PRO A 121 -18.54 -15.76 -17.36
CA PRO A 121 -18.28 -16.01 -15.93
C PRO A 121 -18.64 -17.43 -15.45
N PHE A 122 -17.98 -17.84 -14.38
CA PHE A 122 -18.07 -19.19 -13.79
C PHE A 122 -18.19 -18.89 -12.29
N ARG A 123 -19.44 -18.91 -11.80
CA ARG A 123 -19.75 -18.47 -10.45
C ARG A 123 -20.41 -19.55 -9.60
N ARG A 124 -20.03 -19.61 -8.34
CA ARG A 124 -20.75 -20.46 -7.40
C ARG A 124 -20.83 -21.89 -7.88
N MET A 125 -19.70 -22.35 -8.39
CA MET A 125 -19.58 -23.74 -8.88
C MET A 125 -18.74 -24.61 -7.97
N HIS A 126 -19.08 -25.88 -7.97
CA HIS A 126 -18.27 -26.89 -7.29
C HIS A 126 -17.84 -27.96 -8.24
N VAL A 127 -16.60 -27.89 -8.68
CA VAL A 127 -16.03 -28.92 -9.55
C VAL A 127 -15.33 -29.99 -8.73
N LYS A 128 -15.96 -31.14 -8.65
CA LYS A 128 -15.36 -32.24 -7.93
C LYS A 128 -14.45 -32.81 -9.00
N GLY A 129 -13.18 -32.42 -8.95
CA GLY A 129 -12.22 -32.73 -10.00
C GLY A 129 -11.51 -31.52 -10.51
N GLY A 130 -10.89 -31.65 -11.68
CA GLY A 130 -10.08 -30.58 -12.24
C GLY A 130 -10.85 -29.74 -13.22
N LEU A 131 -10.26 -28.60 -13.60
CA LEU A 131 -10.90 -27.63 -14.49
C LEU A 131 -9.85 -27.23 -15.53
N ASN A 132 -10.08 -27.62 -16.78
CA ASN A 132 -9.19 -27.25 -17.89
C ASN A 132 -9.79 -26.02 -18.56
N LEU A 133 -9.05 -24.92 -18.55
CA LEU A 133 -9.49 -23.67 -19.22
C LEU A 133 -9.03 -23.53 -20.66
N ALA A 134 -8.35 -24.54 -21.20
CA ALA A 134 -7.84 -24.47 -22.59
C ALA A 134 -8.66 -25.29 -23.58
N PRO A 135 -8.80 -24.80 -24.79
CA PRO A 135 -9.50 -25.58 -25.85
C PRO A 135 -8.76 -26.87 -26.19
N ASP A 136 -9.42 -27.83 -26.84
CA ASP A 136 -8.80 -29.11 -27.27
C ASP A 136 -7.66 -28.69 -28.19
N GLY A 137 -6.45 -29.09 -27.82
CA GLY A 137 -5.24 -28.80 -28.59
C GLY A 137 -4.52 -27.50 -28.24
N TYR A 138 -5.04 -26.82 -27.23
CA TYR A 138 -4.30 -25.74 -26.57
C TYR A 138 -4.13 -24.50 -27.46
N GLY A 139 -5.12 -24.22 -28.27
CA GLY A 139 -5.14 -23.02 -29.13
C GLY A 139 -5.16 -21.72 -28.30
N TRP A 140 -5.35 -20.60 -28.96
CA TRP A 140 -5.29 -19.35 -28.23
C TRP A 140 -6.57 -19.15 -27.42
N ALA A 141 -6.40 -18.51 -26.26
CA ALA A 141 -7.55 -18.21 -25.39
C ALA A 141 -7.26 -17.01 -24.52
N SER A 142 -8.29 -16.19 -24.27
CA SER A 142 -8.13 -14.89 -23.55
C SER A 142 -9.24 -14.63 -22.51
N GLY A 143 -9.36 -15.49 -21.51
CA GLY A 143 -10.33 -15.28 -20.45
C GLY A 143 -9.80 -14.37 -19.36
N GLY A 144 -10.32 -14.46 -18.14
CA GLY A 144 -11.44 -15.28 -17.76
C GLY A 144 -11.75 -14.92 -16.29
N TYR A 145 -12.81 -15.51 -15.75
CA TYR A 145 -13.33 -15.07 -14.47
C TYR A 145 -13.94 -16.24 -13.75
N ILE A 146 -13.43 -16.51 -12.55
CA ILE A 146 -14.04 -17.45 -11.63
C ILE A 146 -14.23 -16.76 -10.30
N ALA A 147 -15.42 -16.91 -9.74
CA ALA A 147 -15.72 -16.38 -8.43
C ALA A 147 -16.53 -17.33 -7.61
N ASP A 148 -16.24 -17.32 -6.33
CA ASP A 148 -17.09 -18.01 -5.34
C ASP A 148 -17.23 -19.49 -5.67
N SER A 149 -16.16 -20.08 -6.18
CA SER A 149 -16.17 -21.50 -6.58
C SER A 149 -15.16 -22.36 -5.83
N LYS A 150 -15.43 -23.66 -5.87
CA LYS A 150 -14.54 -24.66 -5.26
C LYS A 150 -14.17 -25.67 -6.32
N ILE A 151 -12.89 -25.69 -6.71
CA ILE A 151 -12.35 -26.68 -7.62
C ILE A 151 -11.56 -27.68 -6.79
N ASP A 152 -12.06 -28.90 -6.67
CA ASP A 152 -11.39 -29.86 -5.80
C ASP A 152 -9.98 -30.20 -6.28
N GLY A 153 -9.82 -30.31 -7.60
CA GLY A 153 -8.53 -30.60 -8.20
C GLY A 153 -7.76 -29.39 -8.69
N GLU A 154 -7.02 -29.59 -9.77
CA GLU A 154 -6.15 -28.56 -10.32
C GLU A 154 -6.87 -27.75 -11.38
N VAL A 155 -6.74 -26.44 -11.31
CA VAL A 155 -7.05 -25.59 -12.45
C VAL A 155 -5.85 -25.51 -13.41
N GLY A 156 -6.06 -25.82 -14.70
CA GLY A 156 -5.00 -25.74 -15.71
C GLY A 156 -5.27 -24.73 -16.82
N PRO A 157 -4.61 -23.56 -16.76
CA PRO A 157 -4.95 -22.60 -17.82
C PRO A 157 -4.29 -22.94 -19.16
N TYR A 158 -3.13 -23.63 -19.14
CA TYR A 158 -2.37 -23.94 -20.35
C TYR A 158 -2.18 -22.64 -21.19
N SER A 159 -2.86 -22.52 -22.33
CA SER A 159 -2.62 -21.38 -23.21
C SER A 159 -3.31 -20.07 -22.78
N GLN A 160 -4.20 -20.12 -21.80
CA GLN A 160 -4.89 -18.88 -21.39
C GLN A 160 -3.92 -17.77 -21.06
N GLN A 161 -4.12 -16.59 -21.66
CA GLN A 161 -3.17 -15.49 -21.47
C GLN A 161 -3.16 -14.95 -20.08
N GLN A 162 -4.37 -14.79 -19.55
CA GLN A 162 -4.61 -14.10 -18.32
C GLN A 162 -5.86 -14.71 -17.66
N TRP A 163 -6.05 -14.42 -16.37
CA TRP A 163 -7.19 -14.94 -15.65
C TRP A 163 -7.36 -14.25 -14.31
N TYR A 164 -8.61 -14.10 -13.88
CA TYR A 164 -8.90 -13.59 -12.53
C TYR A 164 -9.80 -14.57 -11.75
N THR A 165 -9.35 -14.89 -10.53
CA THR A 165 -10.10 -15.74 -9.63
C THR A 165 -10.27 -15.01 -8.32
N ARG A 166 -11.54 -15.00 -7.88
CA ARG A 166 -12.00 -14.30 -6.67
C ARG A 166 -12.65 -15.23 -5.63
N ASP A 167 -12.24 -15.10 -4.38
CA ASP A 167 -12.99 -15.61 -3.23
C ASP A 167 -13.56 -17.03 -3.45
N SER A 168 -12.61 -17.96 -3.57
CA SER A 168 -12.79 -19.27 -4.15
C SER A 168 -11.80 -20.23 -3.46
N SER A 169 -11.86 -21.51 -3.83
CA SER A 169 -10.85 -22.48 -3.34
C SER A 169 -10.42 -23.40 -4.48
N VAL A 170 -9.12 -23.62 -4.59
CA VAL A 170 -8.59 -24.50 -5.62
C VAL A 170 -7.63 -25.54 -5.03
N GLY A 171 -7.62 -26.71 -5.64
CA GLY A 171 -6.71 -27.77 -5.20
C GLY A 171 -5.28 -27.50 -5.62
N GLY A 172 -5.14 -26.56 -6.54
CA GLY A 172 -3.88 -26.27 -7.18
C GLY A 172 -4.07 -25.46 -8.44
N TRP A 173 -2.98 -24.93 -8.95
CA TRP A 173 -2.97 -24.06 -10.13
C TRP A 173 -1.79 -24.42 -11.01
N GLY A 174 -2.05 -24.74 -12.27
CA GLY A 174 -1.02 -25.30 -13.12
C GLY A 174 0.08 -24.37 -13.62
N ASN A 175 -0.29 -23.15 -14.02
CA ASN A 175 0.66 -22.26 -14.70
C ASN A 175 0.09 -20.84 -14.89
N GLY A 176 0.99 -19.92 -15.21
CA GLY A 176 0.63 -18.52 -15.44
C GLY A 176 1.39 -17.94 -16.64
N VAL A 177 0.64 -17.47 -17.64
CA VAL A 177 1.20 -17.13 -18.98
C VAL A 177 1.65 -15.67 -18.95
N TRP A 178 0.71 -14.74 -19.05
CA TRP A 178 1.04 -13.32 -18.88
C TRP A 178 0.57 -12.73 -17.54
N ASN A 179 -0.65 -13.07 -17.07
CA ASN A 179 -1.19 -12.41 -15.88
C ASN A 179 -2.30 -13.18 -15.22
N MET A 180 -1.94 -13.98 -14.22
CA MET A 180 -2.92 -14.74 -13.44
C MET A 180 -2.98 -14.00 -12.11
N THR A 181 -4.16 -13.49 -11.80
CA THR A 181 -4.36 -12.70 -10.58
C THR A 181 -5.38 -13.42 -9.69
N PHE A 182 -5.15 -13.33 -8.39
CA PHE A 182 -5.96 -14.02 -7.41
C PHE A 182 -6.26 -13.10 -6.24
N SER A 183 -7.51 -13.07 -5.78
CA SER A 183 -7.79 -12.42 -4.52
C SER A 183 -8.76 -13.26 -3.69
N GLY A 184 -8.37 -13.50 -2.45
CA GLY A 184 -9.18 -14.32 -1.55
C GLY A 184 -9.33 -15.77 -1.99
N VAL A 185 -8.28 -16.29 -2.63
CA VAL A 185 -8.31 -17.65 -3.17
C VAL A 185 -7.50 -18.63 -2.31
N GLU A 186 -8.22 -19.50 -1.62
CA GLU A 186 -7.59 -20.56 -0.84
C GLU A 186 -6.90 -21.48 -1.78
N GLY A 187 -5.60 -21.62 -1.63
CA GLY A 187 -4.84 -22.55 -2.45
C GLY A 187 -4.25 -21.90 -3.70
N ALA A 188 -4.38 -20.58 -3.82
CA ALA A 188 -3.70 -19.87 -4.89
C ALA A 188 -2.18 -20.00 -4.80
N PRO A 189 -1.50 -19.92 -5.96
CA PRO A 189 -0.05 -19.75 -5.82
C PRO A 189 0.32 -18.47 -5.05
N ALA A 190 1.40 -18.53 -4.28
CA ALA A 190 1.97 -17.33 -3.64
C ALA A 190 2.39 -16.28 -4.70
N GLN A 191 2.31 -15.01 -4.31
CA GLN A 191 2.77 -13.86 -5.07
C GLN A 191 4.19 -14.11 -5.61
N SER A 192 4.40 -13.99 -6.92
CA SER A 192 5.72 -14.20 -7.48
C SER A 192 6.02 -13.50 -8.81
N PHE A 193 5.14 -12.58 -9.22
CA PHE A 193 5.33 -11.83 -10.46
C PHE A 193 6.72 -11.18 -10.33
N PRO A 194 7.55 -11.27 -11.38
CA PRO A 194 7.18 -11.53 -12.77
C PRO A 194 7.19 -12.99 -13.19
N GLU A 195 7.49 -13.94 -12.25
CA GLU A 195 7.83 -15.38 -12.48
C GLU A 195 7.37 -16.43 -11.43
N PRO A 196 6.42 -17.32 -11.76
CA PRO A 196 5.42 -17.14 -12.83
C PRO A 196 4.72 -15.83 -12.57
N PRO A 197 3.94 -15.34 -13.54
CA PRO A 197 3.22 -14.07 -13.51
C PRO A 197 1.97 -14.20 -12.63
N TYR A 198 2.19 -14.49 -11.34
CA TYR A 198 1.10 -14.69 -10.37
C TYR A 198 0.99 -13.48 -9.45
N THR A 199 -0.15 -12.78 -9.49
CA THR A 199 -0.44 -11.68 -8.57
C THR A 199 -1.46 -12.15 -7.55
N THR A 200 -1.09 -12.17 -6.26
CA THR A 200 -1.87 -12.92 -5.27
C THR A 200 -2.10 -12.09 -4.05
N LEU A 201 -3.39 -11.85 -3.78
CA LEU A 201 -3.84 -11.06 -2.66
C LEU A 201 -4.58 -11.94 -1.69
N GLU A 202 -4.22 -11.80 -0.41
CA GLU A 202 -4.76 -12.55 0.73
C GLU A 202 -6.29 -12.54 0.71
N THR A 203 -6.84 -11.35 0.52
CA THR A 203 -8.26 -11.13 0.71
C THR A 203 -8.74 -10.21 -0.42
N THR A 204 -10.04 -10.29 -0.71
CA THR A 204 -10.70 -9.32 -1.53
C THR A 204 -11.29 -8.20 -0.65
N PRO A 205 -10.98 -6.93 -0.96
CA PRO A 205 -11.34 -5.79 -0.08
C PRO A 205 -12.79 -5.76 0.41
N VAL A 206 -13.69 -5.84 -0.55
CA VAL A 206 -15.08 -6.13 -0.26
C VAL A 206 -15.61 -6.86 -1.52
N SER A 207 -16.45 -7.88 -1.33
CA SER A 207 -17.13 -8.54 -2.47
C SER A 207 -18.55 -8.84 -2.04
N ARG A 208 -19.45 -8.94 -3.00
CA ARG A 208 -20.83 -9.30 -2.69
C ARG A 208 -21.29 -10.20 -3.81
N GLU A 209 -21.64 -11.43 -3.49
CA GLU A 209 -21.89 -12.40 -4.55
C GLU A 209 -23.15 -12.09 -5.40
N LYS A 210 -23.06 -12.34 -6.68
CA LYS A 210 -24.15 -11.97 -7.60
C LYS A 210 -25.46 -12.65 -7.19
N PRO A 211 -26.56 -11.89 -7.23
CA PRO A 211 -27.86 -12.53 -6.97
C PRO A 211 -28.20 -13.57 -8.01
N PHE A 212 -29.00 -14.55 -7.61
CA PHE A 212 -29.39 -15.61 -8.52
C PHE A 212 -30.77 -16.21 -8.24
N LEU A 213 -31.41 -16.67 -9.29
CA LEU A 213 -32.69 -17.36 -9.17
C LEU A 213 -32.50 -18.75 -8.53
N TYR A 214 -33.39 -19.12 -7.60
CA TYR A 214 -33.38 -20.47 -7.04
C TYR A 214 -34.79 -20.90 -6.62
N LEU A 215 -34.90 -22.12 -6.11
CA LEU A 215 -36.15 -22.60 -5.47
C LEU A 215 -36.00 -22.83 -3.95
N ASP A 216 -37.08 -22.51 -3.23
CA ASP A 216 -37.22 -22.75 -1.78
C ASP A 216 -38.48 -23.55 -1.46
N GLY A 217 -39.21 -23.99 -2.48
CA GLY A 217 -40.47 -24.70 -2.29
C GLY A 217 -40.83 -25.54 -3.50
N ASP A 218 -41.97 -25.20 -4.10
CA ASP A 218 -42.22 -25.43 -5.50
C ASP A 218 -42.01 -24.05 -6.10
N ASP A 219 -41.45 -23.07 -5.35
CA ASP A 219 -41.51 -21.65 -5.78
C ASP A 219 -40.20 -20.88 -5.96
N TYR A 220 -40.31 -19.90 -6.85
CA TYR A 220 -39.15 -19.15 -7.33
C TYR A 220 -38.79 -17.93 -6.46
N LYS A 221 -37.50 -17.83 -6.16
CA LYS A 221 -36.96 -16.76 -5.33
C LYS A 221 -35.62 -16.30 -5.94
N VAL A 222 -35.22 -15.09 -5.59
CA VAL A 222 -33.88 -14.59 -5.90
C VAL A 222 -33.09 -14.32 -4.63
N PHE A 223 -32.08 -15.14 -4.39
CA PHE A 223 -31.20 -14.95 -3.22
C PHE A 223 -30.31 -13.73 -3.45
N VAL A 224 -30.24 -12.87 -2.44
CA VAL A 224 -29.44 -11.65 -2.49
C VAL A 224 -28.40 -11.66 -1.36
N PRO A 225 -27.16 -12.01 -1.66
CA PRO A 225 -26.18 -12.11 -0.56
C PRO A 225 -25.69 -10.78 0.03
N ALA A 226 -25.40 -10.77 1.32
CA ALA A 226 -24.85 -9.58 1.97
C ALA A 226 -23.43 -9.40 1.43
N LYS A 227 -22.73 -8.37 1.91
CA LYS A 227 -21.36 -8.09 1.48
C LYS A 227 -20.46 -8.82 2.46
N ARG A 228 -19.28 -9.17 1.99
CA ARG A 228 -18.17 -9.50 2.85
C ARG A 228 -17.14 -8.40 2.76
N THR A 229 -16.43 -8.19 3.86
CA THR A 229 -15.30 -7.30 3.80
C THR A 229 -14.07 -8.19 4.04
N ASN A 230 -12.97 -7.83 3.40
CA ASN A 230 -11.78 -8.70 3.36
C ASN A 230 -12.14 -10.15 3.18
N ALA A 231 -12.79 -10.43 2.06
CA ALA A 231 -13.28 -11.75 1.80
C ALA A 231 -12.19 -12.72 1.32
N ARG A 232 -12.36 -13.98 1.71
CA ARG A 232 -11.54 -15.07 1.17
C ARG A 232 -12.23 -16.39 1.29
N GLY A 233 -12.13 -17.21 0.25
CA GLY A 233 -12.85 -18.48 0.23
C GLY A 233 -14.29 -18.32 -0.24
N THR A 234 -15.00 -19.43 -0.37
CA THR A 234 -16.37 -19.37 -0.84
C THR A 234 -17.35 -18.91 0.25
N SER A 235 -18.50 -18.39 -0.20
CA SER A 235 -19.54 -17.87 0.69
C SER A 235 -20.45 -18.97 1.21
N TRP A 236 -20.45 -20.09 0.50
CA TRP A 236 -21.28 -21.24 0.80
C TRP A 236 -20.58 -22.41 1.50
N GLY A 237 -19.25 -22.47 1.56
CA GLY A 237 -18.61 -23.62 2.21
C GLY A 237 -19.07 -24.08 3.62
N ASN A 238 -20.18 -23.47 4.07
CA ASN A 238 -20.43 -22.86 5.40
C ASN A 238 -21.58 -21.77 5.07
N GLY A 239 -22.73 -21.97 5.70
CA GLY A 239 -23.67 -20.91 6.09
C GLY A 239 -24.40 -20.09 5.03
N THR A 240 -25.71 -19.94 5.20
CA THR A 240 -26.56 -19.48 4.13
C THR A 240 -26.81 -17.89 4.06
N PRO A 241 -25.74 -17.06 3.89
CA PRO A 241 -25.20 -15.74 4.22
C PRO A 241 -26.04 -14.76 5.02
N GLU A 242 -26.74 -13.81 4.38
CA GLU A 242 -27.08 -12.49 5.02
C GLU A 242 -27.46 -11.66 3.81
N GLY A 243 -28.71 -11.21 3.79
CA GLY A 243 -29.32 -10.83 2.54
C GLY A 243 -30.26 -11.91 1.97
N GLU A 244 -31.50 -11.68 2.31
CA GLU A 244 -32.63 -12.42 1.91
C GLU A 244 -32.70 -13.03 0.53
N SER A 245 -33.68 -13.92 0.48
CA SER A 245 -34.34 -14.24 -0.73
C SER A 245 -35.31 -13.11 -0.98
N LEU A 246 -35.81 -13.07 -2.20
CA LEU A 246 -36.97 -12.29 -2.49
C LEU A 246 -37.85 -13.26 -3.22
N PRO A 247 -39.17 -13.15 -3.08
CA PRO A 247 -39.98 -14.01 -3.96
C PRO A 247 -40.15 -13.47 -5.36
N LEU A 248 -40.39 -14.37 -6.33
CA LEU A 248 -40.57 -13.94 -7.71
C LEU A 248 -41.67 -12.85 -7.84
N ASP A 249 -42.65 -12.84 -6.93
CA ASP A 249 -43.69 -11.82 -7.03
C ASP A 249 -43.26 -10.41 -6.62
N GLN A 250 -41.99 -10.23 -6.24
CA GLN A 250 -41.46 -8.90 -5.99
C GLN A 250 -40.63 -8.40 -7.17
N PHE A 251 -40.68 -9.17 -8.28
CA PHE A 251 -40.01 -8.84 -9.53
C PHE A 251 -40.97 -8.62 -10.65
N TYR A 252 -40.75 -7.56 -11.43
CA TYR A 252 -41.35 -7.44 -12.73
C TYR A 252 -40.53 -8.34 -13.63
N VAL A 253 -41.19 -9.39 -14.11
CA VAL A 253 -40.55 -10.33 -15.01
C VAL A 253 -40.76 -9.70 -16.37
N VAL A 254 -39.68 -9.12 -16.93
CA VAL A 254 -39.72 -8.33 -18.15
C VAL A 254 -39.56 -9.28 -19.35
N LYS A 255 -40.41 -9.08 -20.36
CA LYS A 255 -40.49 -9.96 -21.53
C LYS A 255 -40.28 -9.12 -22.81
N PRO A 256 -40.22 -9.78 -24.01
CA PRO A 256 -40.32 -9.05 -25.28
C PRO A 256 -41.65 -8.27 -25.38
N GLY A 257 -41.55 -7.01 -25.85
CA GLY A 257 -42.68 -6.10 -25.83
C GLY A 257 -42.90 -5.36 -24.50
N ALA A 258 -41.90 -5.31 -23.63
CA ALA A 258 -41.96 -4.35 -22.54
C ALA A 258 -41.46 -3.06 -23.12
N THR A 259 -41.68 -1.95 -22.42
CA THR A 259 -41.08 -0.65 -22.81
C THR A 259 -40.34 -0.05 -21.64
N ALA A 260 -39.42 0.87 -21.87
CA ALA A 260 -38.73 1.45 -20.73
C ALA A 260 -39.74 2.19 -19.84
N GLU A 261 -40.78 2.75 -20.46
CA GLU A 261 -41.88 3.37 -19.70
C GLU A 261 -42.47 2.39 -18.63
N THR A 262 -42.79 1.17 -19.04
CA THR A 262 -43.35 0.18 -18.08
C THR A 262 -42.29 -0.34 -17.05
N ILE A 263 -41.10 -0.63 -17.54
CA ILE A 263 -40.00 -1.04 -16.67
C ILE A 263 -39.79 0.02 -15.61
N ASN A 264 -39.75 1.25 -16.06
CA ASN A 264 -39.52 2.37 -15.18
C ASN A 264 -40.62 2.56 -14.13
N ALA A 265 -41.87 2.32 -14.51
CA ALA A 265 -43.01 2.44 -13.57
C ALA A 265 -43.01 1.29 -12.56
N ALA A 266 -42.54 0.14 -13.01
CA ALA A 266 -42.43 -0.99 -12.10
C ALA A 266 -41.44 -0.72 -10.96
N VAL A 267 -40.27 -0.18 -11.25
CA VAL A 267 -39.35 0.08 -10.15
C VAL A 267 -39.95 1.20 -9.28
N ASP A 268 -40.63 2.15 -9.94
CA ASP A 268 -41.30 3.26 -9.24
C ASP A 268 -42.69 2.98 -8.79
N GLN A 269 -42.77 2.33 -7.64
CA GLN A 269 -43.90 1.44 -7.36
C GLN A 269 -43.43 0.27 -6.54
N GLY A 270 -42.16 -0.10 -6.68
CA GLY A 270 -41.58 -1.05 -5.76
C GLY A 270 -41.16 -2.44 -6.22
N LEU A 271 -41.19 -2.71 -7.52
CA LEU A 271 -40.81 -4.04 -8.03
C LEU A 271 -39.34 -4.09 -8.43
N HIS A 272 -38.73 -5.24 -8.21
CA HIS A 272 -37.41 -5.52 -8.78
C HIS A 272 -37.60 -5.92 -10.24
N LEU A 273 -36.47 -6.13 -10.94
CA LEU A 273 -36.50 -6.48 -12.36
C LEU A 273 -35.77 -7.79 -12.67
N LEU A 274 -36.46 -8.66 -13.38
CA LEU A 274 -35.86 -9.88 -13.93
C LEU A 274 -36.06 -9.84 -15.43
N PHE A 275 -34.97 -9.61 -16.14
CA PHE A 275 -34.98 -9.64 -17.59
C PHE A 275 -34.85 -11.07 -18.10
N THR A 276 -35.88 -11.57 -18.75
CA THR A 276 -35.86 -12.90 -19.32
C THR A 276 -34.98 -12.83 -20.57
N PRO A 277 -34.43 -13.98 -21.02
CA PRO A 277 -33.49 -13.91 -22.14
C PRO A 277 -34.15 -13.36 -23.38
N GLY A 278 -33.55 -12.31 -23.91
CA GLY A 278 -34.05 -11.66 -25.11
C GLY A 278 -33.26 -10.39 -25.36
N VAL A 279 -33.70 -9.69 -26.41
CA VAL A 279 -33.13 -8.44 -26.86
C VAL A 279 -34.18 -7.34 -26.82
N TYR A 280 -33.91 -6.32 -25.97
CA TYR A 280 -34.86 -5.29 -25.64
C TYR A 280 -34.40 -3.91 -26.11
N HIS A 281 -35.06 -3.40 -27.13
CA HIS A 281 -34.85 -2.02 -27.54
C HIS A 281 -35.63 -1.07 -26.63
N VAL A 282 -34.98 0.00 -26.16
CA VAL A 282 -35.61 1.03 -25.37
C VAL A 282 -35.46 2.40 -26.06
N ASP A 283 -36.40 3.31 -25.79
CA ASP A 283 -36.42 4.62 -26.41
C ASP A 283 -36.22 5.73 -25.41
N GLN A 284 -36.17 5.33 -24.16
CA GLN A 284 -36.11 6.23 -23.02
C GLN A 284 -35.10 5.51 -22.07
N PRO A 285 -34.24 6.25 -21.32
CA PRO A 285 -33.38 5.41 -20.47
C PRO A 285 -34.14 4.57 -19.42
N ILE A 286 -33.60 3.41 -19.09
CA ILE A 286 -34.13 2.71 -17.93
C ILE A 286 -33.60 3.41 -16.69
N GLU A 287 -34.49 3.64 -15.73
CA GLU A 287 -34.09 4.38 -14.53
C GLU A 287 -34.34 3.62 -13.24
N ILE A 288 -33.28 3.42 -12.48
CA ILE A 288 -33.39 2.74 -11.20
C ILE A 288 -33.08 3.76 -10.14
N ASP A 289 -34.12 4.29 -9.50
CA ASP A 289 -33.87 5.25 -8.40
C ASP A 289 -34.61 4.90 -7.13
N ARG A 290 -34.44 3.65 -6.77
CA ARG A 290 -35.03 3.09 -5.59
C ARG A 290 -33.97 2.24 -4.91
N ALA A 291 -33.69 2.55 -3.65
CA ALA A 291 -32.68 1.85 -2.96
C ALA A 291 -32.94 0.37 -3.00
N ASN A 292 -31.87 -0.40 -3.14
CA ASN A 292 -31.93 -1.84 -2.96
C ASN A 292 -32.46 -2.66 -4.11
N THR A 293 -32.74 -1.99 -5.20
CA THR A 293 -33.34 -2.66 -6.36
C THR A 293 -32.38 -3.65 -6.97
N VAL A 294 -32.96 -4.74 -7.44
CA VAL A 294 -32.22 -5.81 -8.05
C VAL A 294 -32.70 -5.85 -9.49
N ALA A 295 -31.74 -5.78 -10.42
CA ALA A 295 -31.99 -5.87 -11.84
C ALA A 295 -31.11 -6.98 -12.40
N LEU A 296 -31.72 -8.14 -12.61
CA LEU A 296 -30.99 -9.37 -12.88
C LEU A 296 -31.42 -9.88 -14.24
N GLY A 297 -30.46 -10.06 -15.14
CA GLY A 297 -30.74 -10.64 -16.44
C GLY A 297 -30.44 -12.13 -16.46
N LEU A 298 -31.25 -12.85 -17.24
CA LEU A 298 -31.05 -14.28 -17.52
C LEU A 298 -30.63 -14.47 -19.00
N GLY A 299 -29.88 -15.52 -19.30
CA GLY A 299 -29.60 -15.87 -20.67
C GLY A 299 -29.02 -14.75 -21.55
N LEU A 300 -28.10 -13.93 -21.00
CA LEU A 300 -27.51 -12.81 -21.71
C LEU A 300 -28.54 -11.79 -22.24
N ALA A 301 -29.60 -11.57 -21.46
CA ALA A 301 -30.53 -10.52 -21.76
C ALA A 301 -29.81 -9.25 -22.15
N THR A 302 -30.27 -8.65 -23.25
CA THR A 302 -29.56 -7.55 -23.89
C THR A 302 -30.44 -6.33 -24.04
N ILE A 303 -29.92 -5.17 -23.66
CA ILE A 303 -30.64 -3.90 -23.77
C ILE A 303 -29.96 -3.08 -24.85
N ILE A 304 -30.74 -2.63 -25.83
CA ILE A 304 -30.24 -1.72 -26.86
C ILE A 304 -30.95 -0.40 -26.79
N PRO A 305 -30.18 0.69 -26.67
CA PRO A 305 -30.85 1.99 -26.62
C PRO A 305 -30.95 2.58 -27.99
N ASP A 306 -32.15 2.99 -28.35
CA ASP A 306 -32.42 3.64 -29.62
C ASP A 306 -32.29 5.15 -29.48
N ASN A 307 -32.17 5.87 -30.60
CA ASN A 307 -32.33 7.33 -30.62
C ASN A 307 -31.25 8.05 -29.81
N GLY A 308 -30.15 7.35 -29.60
CA GLY A 308 -28.98 7.90 -28.94
C GLY A 308 -29.14 8.08 -27.44
N VAL A 309 -30.18 7.47 -26.87
CA VAL A 309 -30.33 7.65 -25.43
C VAL A 309 -29.39 6.73 -24.60
N THR A 310 -29.27 7.03 -23.31
CA THR A 310 -28.57 6.17 -22.38
C THR A 310 -29.41 4.94 -22.09
N ALA A 311 -28.78 3.78 -21.95
CA ALA A 311 -29.53 2.55 -21.72
C ALA A 311 -29.96 2.38 -20.26
N LEU A 312 -29.06 2.63 -19.31
CA LEU A 312 -29.35 2.38 -17.90
C LEU A 312 -28.74 3.48 -17.05
N LYS A 313 -29.59 4.15 -16.29
CA LYS A 313 -29.14 5.09 -15.27
C LYS A 313 -29.62 4.74 -13.88
N VAL A 314 -28.66 4.42 -13.02
CA VAL A 314 -28.89 4.18 -11.60
C VAL A 314 -28.81 5.52 -10.83
N GLY A 315 -29.76 5.70 -9.95
CA GLY A 315 -29.89 6.93 -9.21
C GLY A 315 -28.97 6.92 -8.00
N ASP A 316 -29.16 7.91 -7.11
CA ASP A 316 -28.19 8.23 -6.08
C ASP A 316 -28.53 7.54 -4.76
N VAL A 317 -28.77 6.25 -4.90
CA VAL A 317 -29.28 5.43 -3.81
C VAL A 317 -28.30 4.30 -3.46
N ASP A 318 -28.47 3.73 -2.27
CA ASP A 318 -27.78 2.51 -1.85
C ASP A 318 -28.30 1.23 -2.49
N GLY A 319 -27.41 0.25 -2.59
CA GLY A 319 -27.76 -1.14 -2.72
C GLY A 319 -28.34 -1.66 -4.02
N VAL A 320 -28.18 -0.93 -5.12
CA VAL A 320 -28.71 -1.40 -6.38
C VAL A 320 -27.76 -2.48 -6.86
N LYS A 321 -28.35 -3.57 -7.38
CA LYS A 321 -27.58 -4.73 -7.81
C LYS A 321 -27.95 -4.98 -9.24
N VAL A 322 -27.09 -4.55 -10.15
CA VAL A 322 -27.28 -4.78 -11.58
C VAL A 322 -26.44 -5.98 -11.96
N ALA A 323 -27.01 -6.89 -12.73
CA ALA A 323 -26.48 -8.24 -12.80
C ALA A 323 -26.87 -8.98 -14.10
N GLY A 324 -25.86 -9.41 -14.87
CA GLY A 324 -26.08 -10.30 -15.98
C GLY A 324 -26.85 -9.68 -17.11
N LEU A 325 -26.33 -8.58 -17.59
CA LEU A 325 -26.93 -7.88 -18.71
C LEU A 325 -25.88 -7.49 -19.72
N LEU A 326 -26.26 -7.55 -20.99
CA LEU A 326 -25.42 -7.02 -22.08
C LEU A 326 -26.06 -5.73 -22.58
N VAL A 327 -25.30 -4.66 -22.62
CA VAL A 327 -25.76 -3.41 -23.21
C VAL A 327 -25.05 -3.22 -24.54
N ASP A 328 -25.83 -3.22 -25.62
CA ASP A 328 -25.33 -3.18 -26.98
C ASP A 328 -25.73 -1.85 -27.65
N ALA A 329 -24.73 -1.10 -28.09
CA ALA A 329 -24.99 0.23 -28.61
C ALA A 329 -25.82 0.16 -29.88
N GLY A 330 -26.65 1.17 -30.06
CA GLY A 330 -27.38 1.33 -31.32
C GLY A 330 -26.54 2.11 -32.32
N PRO A 331 -26.98 2.12 -33.59
CA PRO A 331 -26.26 2.89 -34.61
C PRO A 331 -26.19 4.40 -34.34
N VAL A 332 -27.21 4.96 -33.68
CA VAL A 332 -27.13 6.37 -33.28
C VAL A 332 -26.27 6.50 -32.04
N ASN A 333 -25.27 7.36 -32.12
CA ASN A 333 -24.36 7.55 -30.98
C ASN A 333 -25.07 7.93 -29.70
N SER A 334 -24.83 7.14 -28.66
CA SER A 334 -25.21 7.52 -27.31
C SER A 334 -24.07 8.20 -26.60
N GLU A 335 -24.33 9.32 -25.95
CA GLU A 335 -23.27 9.98 -25.20
C GLU A 335 -22.81 9.14 -24.01
N THR A 336 -23.73 8.44 -23.38
CA THR A 336 -23.39 7.38 -22.44
C THR A 336 -24.27 6.16 -22.61
N LEU A 337 -23.76 4.98 -22.23
CA LEU A 337 -24.60 3.79 -22.28
C LEU A 337 -25.10 3.38 -20.89
N VAL A 338 -24.22 3.51 -19.89
CA VAL A 338 -24.58 3.18 -18.52
C VAL A 338 -24.07 4.25 -17.59
N GLU A 339 -24.95 4.78 -16.73
CA GLU A 339 -24.50 5.72 -15.67
C GLU A 339 -24.85 5.26 -14.27
N VAL A 340 -23.86 5.26 -13.37
CA VAL A 340 -24.12 4.93 -11.97
C VAL A 340 -23.98 6.19 -11.10
N GLY A 341 -25.14 6.75 -10.80
CA GLY A 341 -25.24 7.99 -10.06
C GLY A 341 -25.16 9.20 -10.96
N SER A 342 -25.45 10.36 -10.40
CA SER A 342 -25.24 11.62 -11.13
C SER A 342 -23.88 12.34 -10.92
N ASP A 343 -23.56 13.31 -11.80
CA ASP A 343 -22.28 14.07 -11.73
C ASP A 343 -22.11 14.90 -10.49
N GLY A 344 -20.97 14.72 -9.82
CA GLY A 344 -20.74 15.34 -8.50
C GLY A 344 -21.47 14.76 -7.27
N ALA A 345 -22.02 13.55 -7.40
CA ALA A 345 -22.79 12.90 -6.30
C ALA A 345 -21.95 12.54 -5.07
N SER A 346 -21.97 13.34 -4.01
CA SER A 346 -20.94 13.21 -2.95
C SER A 346 -21.38 12.40 -1.71
N GLY A 347 -22.52 11.73 -1.82
CA GLY A 347 -22.97 10.92 -0.71
C GLY A 347 -22.13 9.68 -0.67
N ASP A 348 -22.12 8.97 0.45
CA ASP A 348 -21.47 7.68 0.48
C ASP A 348 -22.48 6.54 0.54
N HIS A 349 -21.99 5.35 0.18
CA HIS A 349 -22.80 4.15 0.17
C HIS A 349 -21.98 2.97 0.70
N ALA A 350 -21.21 3.23 1.76
CA ALA A 350 -20.18 2.29 2.19
C ALA A 350 -20.76 0.96 2.66
N ALA A 351 -21.74 0.99 3.55
CA ALA A 351 -22.24 -0.27 4.11
C ALA A 351 -22.92 -1.10 3.00
N ASN A 352 -23.79 -0.42 2.25
CA ASN A 352 -24.61 -1.04 1.21
C ASN A 352 -24.41 -0.40 -0.16
N PRO A 353 -23.30 -0.77 -0.84
CA PRO A 353 -22.97 -0.17 -2.12
C PRO A 353 -23.86 -0.60 -3.27
N THR A 354 -23.82 0.15 -4.37
CA THR A 354 -24.38 -0.28 -5.64
C THR A 354 -23.31 -1.05 -6.37
N SER A 355 -23.71 -2.11 -7.07
CA SER A 355 -22.73 -2.91 -7.80
C SER A 355 -23.21 -3.29 -9.20
N LEU A 356 -22.23 -3.41 -10.10
CA LEU A 356 -22.42 -3.94 -11.44
C LEU A 356 -21.69 -5.27 -11.54
N GLN A 357 -22.42 -6.33 -11.88
CA GLN A 357 -21.85 -7.68 -11.95
C GLN A 357 -22.26 -8.37 -13.24
N ASP A 358 -21.28 -8.92 -13.95
CA ASP A 358 -21.54 -9.49 -15.28
C ASP A 358 -22.36 -8.52 -16.12
N VAL A 359 -21.83 -7.31 -16.23
CA VAL A 359 -22.37 -6.30 -17.10
C VAL A 359 -21.34 -6.24 -18.23
N PHE A 360 -21.85 -6.44 -19.44
CA PHE A 360 -21.02 -6.46 -20.62
C PHE A 360 -21.58 -5.46 -21.59
N VAL A 361 -20.70 -4.63 -22.13
CA VAL A 361 -21.09 -3.60 -23.09
C VAL A 361 -20.44 -3.91 -24.42
N ARG A 362 -21.19 -3.76 -25.50
CA ARG A 362 -20.66 -4.00 -26.83
C ARG A 362 -20.95 -2.78 -27.67
N ILE A 363 -19.96 -2.35 -28.45
CA ILE A 363 -20.14 -1.26 -29.40
C ILE A 363 -19.77 -1.79 -30.81
N GLY A 364 -20.78 -2.06 -31.61
CA GLY A 364 -20.61 -2.64 -32.95
C GLY A 364 -20.50 -4.15 -32.94
N GLY A 365 -20.38 -4.78 -34.13
CA GLY A 365 -20.10 -6.20 -34.26
C GLY A 365 -21.31 -6.94 -34.82
N ALA A 366 -22.48 -6.47 -34.43
CA ALA A 366 -23.77 -7.04 -34.88
C ALA A 366 -24.54 -6.01 -35.68
N GLY A 367 -23.78 -5.12 -36.29
CA GLY A 367 -24.32 -3.96 -36.95
C GLY A 367 -23.62 -2.73 -36.41
N PRO A 368 -23.75 -1.57 -37.10
CA PRO A 368 -23.04 -0.39 -36.63
C PRO A 368 -23.51 -0.01 -35.25
N GLY A 369 -22.58 0.46 -34.42
CA GLY A 369 -22.92 0.95 -33.10
C GLY A 369 -21.89 1.99 -32.66
N LYS A 370 -22.32 2.97 -31.88
CA LYS A 370 -21.46 4.06 -31.45
C LYS A 370 -21.86 4.56 -30.08
N ALA A 371 -20.88 4.95 -29.26
CA ALA A 371 -21.17 5.64 -28.02
C ALA A 371 -19.92 6.37 -27.58
N THR A 372 -20.09 7.54 -26.98
CA THR A 372 -18.98 8.37 -26.60
C THR A 372 -18.24 7.80 -25.38
N THR A 373 -19.00 7.54 -24.33
CA THR A 373 -18.49 6.89 -23.14
C THR A 373 -19.45 5.73 -22.87
N SER A 374 -18.90 4.61 -22.39
CA SER A 374 -19.74 3.45 -22.19
C SER A 374 -20.29 3.39 -20.78
N ILE A 375 -19.40 3.36 -19.80
CA ILE A 375 -19.82 3.30 -18.40
C ILE A 375 -19.23 4.48 -17.66
N VAL A 376 -20.11 5.28 -17.05
CA VAL A 376 -19.72 6.36 -16.16
C VAL A 376 -20.12 5.99 -14.73
N VAL A 377 -19.14 5.96 -13.84
CA VAL A 377 -19.35 5.51 -12.48
C VAL A 377 -19.14 6.73 -11.52
N ASN A 378 -20.25 7.39 -11.14
CA ASN A 378 -20.17 8.57 -10.24
C ASN A 378 -20.33 8.28 -8.76
N SER A 379 -21.18 7.32 -8.42
CA SER A 379 -21.51 7.04 -7.02
C SER A 379 -20.33 6.46 -6.27
N ASN A 380 -20.06 7.06 -5.13
CA ASN A 380 -19.08 6.54 -4.23
C ASN A 380 -19.36 5.10 -3.79
N ASP A 381 -18.28 4.38 -3.56
CA ASP A 381 -18.28 3.03 -3.00
C ASP A 381 -18.81 1.94 -3.96
N THR A 382 -19.05 2.31 -5.19
CA THR A 382 -19.56 1.37 -6.19
C THR A 382 -18.55 0.23 -6.42
N ILE A 383 -19.09 -0.96 -6.59
CA ILE A 383 -18.30 -2.15 -6.94
C ILE A 383 -18.62 -2.62 -8.36
N ILE A 384 -17.59 -2.78 -9.18
CA ILE A 384 -17.75 -3.34 -10.51
C ILE A 384 -16.97 -4.65 -10.49
N ASP A 385 -17.71 -5.74 -10.57
CA ASP A 385 -17.17 -7.06 -10.30
C ASP A 385 -17.51 -7.89 -11.51
N HIS A 386 -16.48 -8.10 -12.31
CA HIS A 386 -16.59 -8.60 -13.67
C HIS A 386 -17.37 -7.72 -14.65
N THR A 387 -16.65 -6.95 -15.44
CA THR A 387 -17.26 -6.27 -16.57
C THR A 387 -16.38 -6.44 -17.81
N TRP A 388 -17.00 -6.59 -19.00
CA TRP A 388 -16.27 -6.51 -20.28
C TRP A 388 -16.93 -5.40 -21.07
N VAL A 389 -16.13 -4.40 -21.40
CA VAL A 389 -16.59 -3.19 -22.08
C VAL A 389 -15.74 -3.16 -23.35
N TRP A 390 -16.40 -3.43 -24.47
CA TRP A 390 -15.72 -3.90 -25.68
C TRP A 390 -16.25 -3.17 -26.91
N ARG A 391 -15.36 -2.40 -27.53
CA ARG A 391 -15.65 -1.82 -28.81
C ARG A 391 -15.26 -2.88 -29.81
N ALA A 392 -16.24 -3.36 -30.58
CA ALA A 392 -16.02 -4.54 -31.43
C ALA A 392 -14.83 -4.37 -32.39
N ASP A 393 -13.96 -5.39 -32.44
CA ASP A 393 -12.86 -5.43 -33.38
C ASP A 393 -13.11 -6.31 -34.58
N HIS A 394 -14.26 -7.00 -34.64
CA HIS A 394 -14.64 -7.84 -35.79
C HIS A 394 -16.15 -7.93 -35.83
N GLY A 395 -16.68 -8.49 -36.90
CA GLY A 395 -18.13 -8.54 -37.11
C GLY A 395 -18.58 -7.35 -37.93
N GLU A 396 -19.89 -7.13 -38.02
CA GLU A 396 -20.42 -6.01 -38.84
C GLU A 396 -20.67 -4.72 -38.17
N GLY A 397 -20.49 -3.67 -38.98
CA GLY A 397 -20.67 -2.34 -38.47
C GLY A 397 -19.45 -1.92 -37.68
N VAL A 398 -18.29 -2.37 -38.18
CA VAL A 398 -16.99 -2.18 -37.55
C VAL A 398 -16.09 -1.26 -38.39
N GLY A 399 -15.37 -0.35 -37.73
CA GLY A 399 -14.50 0.60 -38.43
C GLY A 399 -14.11 1.80 -37.59
N TRP A 400 -13.01 2.48 -37.98
CA TRP A 400 -12.43 3.57 -37.15
C TRP A 400 -13.49 4.63 -36.81
N GLU A 401 -14.35 4.99 -37.76
CA GLU A 401 -15.54 5.79 -37.42
C GLU A 401 -16.83 5.00 -37.43
N THR A 402 -16.89 3.92 -38.21
CA THR A 402 -18.15 3.18 -38.30
C THR A 402 -18.65 2.79 -36.89
N ASN A 403 -17.77 2.21 -36.07
CA ASN A 403 -18.11 1.97 -34.65
C ASN A 403 -17.20 2.72 -33.68
N ARG A 404 -16.89 3.97 -34.04
CA ARG A 404 -16.12 4.82 -33.14
C ARG A 404 -16.73 4.86 -31.75
N ALA A 405 -15.87 4.65 -30.76
CA ALA A 405 -16.23 4.73 -29.34
C ALA A 405 -15.00 5.20 -28.55
N ASP A 406 -15.03 6.43 -28.07
CA ASP A 406 -13.77 7.00 -27.60
C ASP A 406 -13.34 6.54 -26.22
N TYR A 407 -14.30 6.39 -25.32
CA TYR A 407 -14.00 6.16 -23.92
C TYR A 407 -14.79 4.97 -23.37
N GLY A 408 -14.09 4.07 -22.69
CA GLY A 408 -14.75 2.87 -22.18
C GLY A 408 -15.42 3.09 -20.84
N VAL A 409 -14.62 3.24 -19.79
CA VAL A 409 -15.09 3.43 -18.45
C VAL A 409 -14.44 4.67 -17.91
N HIS A 410 -15.27 5.51 -17.28
CA HIS A 410 -14.80 6.69 -16.57
C HIS A 410 -15.28 6.60 -15.12
N VAL A 411 -14.35 6.47 -14.18
CA VAL A 411 -14.75 6.40 -12.78
C VAL A 411 -14.48 7.76 -12.17
N LYS A 412 -15.52 8.44 -11.74
CA LYS A 412 -15.33 9.67 -10.95
C LYS A 412 -15.75 9.55 -9.48
N GLY A 413 -16.29 8.40 -9.09
CA GLY A 413 -16.62 8.16 -7.70
C GLY A 413 -15.42 7.81 -6.82
N ASP A 414 -15.56 8.08 -5.53
CA ASP A 414 -14.54 7.73 -4.56
C ASP A 414 -14.79 6.35 -4.00
N ASN A 415 -13.68 5.71 -3.63
CA ASN A 415 -13.69 4.40 -2.98
C ASN A 415 -14.37 3.36 -3.89
N VAL A 416 -14.27 3.57 -5.20
CA VAL A 416 -14.80 2.60 -6.18
C VAL A 416 -13.84 1.42 -6.30
N LEU A 417 -14.39 0.23 -6.47
CA LEU A 417 -13.61 -1.02 -6.48
C LEU A 417 -13.96 -1.74 -7.75
N ALA A 418 -12.96 -2.03 -8.56
CA ALA A 418 -13.15 -2.86 -9.75
C ALA A 418 -12.38 -4.16 -9.52
N THR A 419 -13.08 -5.29 -9.65
CA THR A 419 -12.49 -6.61 -9.55
C THR A 419 -12.84 -7.36 -10.87
N GLY A 420 -11.84 -7.66 -11.69
CA GLY A 420 -12.11 -8.36 -12.93
C GLY A 420 -12.54 -7.38 -14.01
N LEU A 421 -11.67 -6.43 -14.33
CA LEU A 421 -11.99 -5.36 -15.26
C LEU A 421 -11.40 -5.63 -16.65
N PHE A 422 -12.24 -5.80 -17.66
CA PHE A 422 -11.77 -6.09 -19.04
C PHE A 422 -12.33 -4.97 -19.96
N VAL A 423 -11.48 -4.19 -20.61
CA VAL A 423 -11.94 -3.07 -21.41
C VAL A 423 -11.05 -2.94 -22.66
N GLU A 424 -11.64 -2.99 -23.85
CA GLU A 424 -10.84 -3.15 -25.08
C GLU A 424 -11.32 -2.31 -26.27
N HIS A 425 -10.31 -1.74 -26.91
CA HIS A 425 -10.32 -1.26 -28.29
C HIS A 425 -10.88 0.15 -28.50
N PHE A 426 -11.04 0.91 -27.43
CA PHE A 426 -11.54 2.27 -27.59
C PHE A 426 -10.61 3.21 -28.37
N ASN A 427 -11.19 4.21 -29.04
CA ASN A 427 -10.41 5.13 -29.86
C ASN A 427 -9.51 6.03 -29.03
N LYS A 428 -9.90 6.30 -27.79
CA LYS A 428 -9.15 7.11 -26.85
C LYS A 428 -8.87 6.31 -25.57
N TYR A 429 -9.09 6.88 -24.38
CA TYR A 429 -8.78 6.18 -23.15
C TYR A 429 -9.81 5.08 -22.85
N ASP A 430 -9.36 3.84 -22.74
CA ASP A 430 -10.26 2.75 -22.40
C ASP A 430 -10.85 2.93 -21.01
N VAL A 431 -9.98 3.21 -20.07
CA VAL A 431 -10.35 3.49 -18.69
C VAL A 431 -9.69 4.76 -18.21
N GLN A 432 -10.52 5.63 -17.62
CA GLN A 432 -10.10 6.84 -16.90
C GLN A 432 -10.60 6.80 -15.47
N TRP A 433 -9.77 7.28 -14.56
CA TRP A 433 -10.09 7.27 -13.14
C TRP A 433 -9.75 8.59 -12.50
N SER A 434 -10.82 9.32 -12.18
CA SER A 434 -10.75 10.67 -11.63
C SER A 434 -10.82 10.58 -10.14
N GLY A 435 -11.75 9.74 -9.66
CA GLY A 435 -12.14 9.70 -8.27
C GLY A 435 -11.02 9.28 -7.37
N GLU A 436 -11.22 9.43 -6.05
CA GLU A 436 -10.17 9.11 -5.11
C GLU A 436 -10.28 7.69 -4.50
N ASN A 437 -9.14 7.17 -4.03
CA ASN A 437 -9.02 5.85 -3.35
C ASN A 437 -9.62 4.74 -4.19
N GLY A 438 -9.50 4.86 -5.50
CA GLY A 438 -9.93 3.78 -6.38
C GLY A 438 -8.99 2.58 -6.25
N LYS A 439 -9.55 1.40 -6.48
CA LYS A 439 -8.80 0.14 -6.47
C LYS A 439 -9.22 -0.75 -7.64
N THR A 440 -8.24 -1.28 -8.37
CA THR A 440 -8.48 -2.25 -9.43
C THR A 440 -7.66 -3.51 -9.17
N ILE A 441 -8.38 -4.63 -9.06
CA ILE A 441 -7.77 -5.94 -8.97
C ILE A 441 -8.09 -6.70 -10.22
N PHE A 442 -7.05 -6.88 -11.05
CA PHE A 442 -7.09 -7.43 -12.40
C PHE A 442 -7.64 -6.49 -13.47
N TYR A 443 -6.76 -6.21 -14.45
CA TYR A 443 -7.16 -5.48 -15.65
C TYR A 443 -6.62 -6.12 -16.90
N GLN A 444 -7.50 -6.27 -17.88
CA GLN A 444 -7.12 -6.73 -19.20
C GLN A 444 -7.62 -5.73 -20.24
N ASN A 445 -6.69 -5.26 -21.05
CA ASN A 445 -6.97 -4.36 -22.16
C ASN A 445 -6.26 -4.84 -23.42
N ALA A 446 -6.91 -4.63 -24.56
CA ALA A 446 -6.24 -4.57 -25.85
C ALA A 446 -6.62 -3.24 -26.51
N LYS A 447 -5.66 -2.66 -27.19
CA LYS A 447 -5.85 -1.34 -27.79
C LYS A 447 -6.44 -1.48 -29.19
N ALA A 448 -7.16 -0.45 -29.59
CA ALA A 448 -7.75 -0.41 -30.93
C ALA A 448 -6.83 -0.96 -32.00
N TYR A 449 -7.32 -1.93 -32.79
CA TYR A 449 -6.53 -2.51 -33.86
C TYR A 449 -6.50 -1.62 -35.09
N ASP A 450 -7.57 -0.85 -35.27
CA ASP A 450 -7.86 -0.17 -36.52
C ASP A 450 -7.52 1.33 -36.56
N ALA A 451 -6.51 1.75 -35.81
CA ALA A 451 -6.09 3.13 -35.90
C ALA A 451 -5.38 3.22 -37.25
N PRO A 452 -5.69 4.25 -38.04
CA PRO A 452 -5.18 4.37 -39.42
C PRO A 452 -3.69 4.64 -39.53
N ASP A 453 -3.17 5.30 -38.51
CA ASP A 453 -1.85 5.90 -38.59
C ASP A 453 -1.65 6.58 -37.25
N GLN A 454 -0.43 7.03 -37.02
CA GLN A 454 -0.07 7.64 -35.76
C GLN A 454 -0.96 8.84 -35.41
N ALA A 455 -1.12 9.74 -36.38
CA ALA A 455 -1.76 11.02 -36.03
C ALA A 455 -3.21 10.80 -35.60
N ALA A 456 -3.79 9.68 -35.99
CA ALA A 456 -5.16 9.36 -35.54
C ALA A 456 -5.28 9.13 -34.03
N ILE A 457 -4.15 9.02 -33.36
CA ILE A 457 -4.12 8.67 -31.94
C ILE A 457 -3.12 9.52 -31.16
N GLN A 458 -2.60 10.56 -31.80
CA GLN A 458 -1.69 11.48 -31.11
C GLN A 458 -2.50 12.30 -30.13
N ASN A 459 -2.04 12.28 -28.85
CA ASN A 459 -2.78 12.65 -27.63
C ASN A 459 -1.99 13.81 -27.04
N GLY A 460 -2.03 14.95 -27.73
CA GLY A 460 -1.18 16.09 -27.42
C GLY A 460 0.25 15.75 -27.81
N ASP A 461 1.14 15.75 -26.81
CA ASP A 461 2.52 15.39 -27.05
C ASP A 461 2.72 13.84 -26.86
N ILE A 462 1.68 13.15 -26.36
CA ILE A 462 1.78 11.70 -26.12
C ILE A 462 1.39 10.90 -27.34
N LYS A 463 2.17 9.88 -27.67
CA LYS A 463 1.78 8.89 -28.68
C LYS A 463 0.77 7.88 -28.14
N GLY A 464 -0.47 8.03 -28.53
CA GLY A 464 -1.54 7.14 -28.11
C GLY A 464 -2.20 7.58 -26.84
N TYR A 465 -3.33 6.94 -26.53
CA TYR A 465 -4.06 7.12 -25.30
C TYR A 465 -3.84 5.92 -24.42
N ALA A 466 -3.51 6.16 -23.17
CA ALA A 466 -3.34 5.07 -22.23
C ALA A 466 -4.55 4.17 -22.25
N ALA A 467 -4.32 2.89 -22.04
CA ALA A 467 -5.42 1.97 -21.70
C ALA A 467 -6.04 2.24 -20.34
N TYR A 468 -5.27 2.78 -19.41
CA TYR A 468 -5.74 3.01 -18.05
C TYR A 468 -5.02 4.23 -17.53
N LYS A 469 -5.79 5.29 -17.39
CA LYS A 469 -5.29 6.55 -16.94
C LYS A 469 -5.87 6.99 -15.60
N VAL A 470 -4.99 7.26 -14.64
CA VAL A 470 -5.35 7.91 -13.40
C VAL A 470 -5.07 9.40 -13.54
N ASP A 471 -6.08 10.22 -13.25
CA ASP A 471 -5.98 11.66 -13.37
C ASP A 471 -4.82 12.30 -12.54
N ASP A 472 -4.25 13.39 -13.05
CA ASP A 472 -2.99 13.97 -12.57
C ASP A 472 -3.02 14.32 -11.10
N SER A 473 -4.24 14.40 -10.59
CA SER A 473 -4.62 15.21 -9.46
C SER A 473 -5.23 14.35 -8.36
N VAL A 474 -5.28 13.08 -8.68
CA VAL A 474 -5.54 12.01 -7.72
C VAL A 474 -4.36 11.75 -6.77
N THR A 475 -4.66 11.32 -5.54
CA THR A 475 -3.65 11.19 -4.50
C THR A 475 -3.46 9.77 -4.04
N THR A 476 -4.59 9.03 -4.04
CA THR A 476 -4.64 7.67 -3.56
C THR A 476 -5.32 6.88 -4.71
N HIS A 477 -4.62 5.87 -5.19
CA HIS A 477 -5.18 4.91 -6.17
C HIS A 477 -4.36 3.67 -5.96
N GLU A 478 -4.91 2.50 -6.28
CA GLU A 478 -4.05 1.31 -6.31
C GLU A 478 -4.58 0.24 -7.27
N GLY A 479 -3.68 -0.35 -8.07
CA GLY A 479 -4.02 -1.34 -9.06
C GLY A 479 -3.10 -2.53 -8.99
N TRP A 480 -3.65 -3.72 -9.17
CA TRP A 480 -2.88 -4.97 -9.14
C TRP A 480 -3.15 -5.82 -10.36
N GLY A 481 -2.08 -6.31 -10.99
CA GLY A 481 -2.23 -7.34 -12.03
C GLY A 481 -2.92 -6.85 -13.30
N MET A 482 -2.23 -5.95 -14.01
CA MET A 482 -2.84 -5.19 -15.07
C MET A 482 -2.02 -5.22 -16.37
N GLY A 483 -2.68 -5.62 -17.46
CA GLY A 483 -2.03 -5.73 -18.76
C GLY A 483 -2.76 -5.01 -19.90
N SER A 484 -1.96 -4.51 -20.82
CA SER A 484 -2.48 -3.89 -22.05
C SER A 484 -1.73 -4.46 -23.27
N TYR A 485 -2.48 -4.91 -24.27
CA TYR A 485 -1.88 -5.50 -25.49
C TYR A 485 -2.21 -4.67 -26.76
N CYS A 486 -1.32 -4.72 -27.74
CA CYS A 486 -1.54 -4.01 -29.00
C CYS A 486 -1.47 -4.97 -30.18
N TYR A 487 -2.19 -4.61 -31.22
CA TYR A 487 -2.25 -5.37 -32.45
C TYR A 487 -2.73 -4.41 -33.52
N PHE A 488 -1.80 -3.56 -33.91
CA PHE A 488 -2.09 -2.50 -34.85
C PHE A 488 -1.99 -3.14 -36.22
N ASN A 489 -3.06 -3.85 -36.59
CA ASN A 489 -3.10 -4.63 -37.84
C ASN A 489 -3.20 -3.72 -39.04
N VAL A 490 -3.96 -2.64 -38.88
CA VAL A 490 -4.19 -1.64 -39.91
C VAL A 490 -2.85 -1.02 -40.25
N ASN A 491 -2.12 -0.56 -39.23
CA ASN A 491 -0.84 0.11 -39.46
C ASN A 491 0.19 -0.32 -38.42
N PRO A 492 0.96 -1.38 -38.74
CA PRO A 492 1.91 -1.95 -37.76
C PRO A 492 3.15 -1.08 -37.50
N ASP A 493 3.30 0.07 -38.15
CA ASP A 493 4.37 1.00 -37.79
C ASP A 493 4.01 1.92 -36.61
N ILE A 494 2.76 1.86 -36.19
CA ILE A 494 2.31 2.69 -35.08
C ILE A 494 3.08 2.36 -33.81
N ARG A 495 3.24 3.39 -32.99
CA ARG A 495 3.79 3.28 -31.65
C ARG A 495 2.78 3.76 -30.60
N GLN A 496 2.66 2.97 -29.53
CA GLN A 496 1.83 3.32 -28.38
C GLN A 496 2.77 3.71 -27.22
N GLN A 497 2.69 4.93 -26.71
CA GLN A 497 3.72 5.41 -25.78
C GLN A 497 3.70 4.57 -24.52
N HIS A 498 2.50 4.20 -24.04
CA HIS A 498 2.38 3.40 -22.80
C HIS A 498 1.02 2.74 -22.68
N GLY A 499 0.92 1.72 -21.81
CA GLY A 499 -0.35 1.15 -21.46
C GLY A 499 -1.05 1.90 -20.33
N PHE A 500 -0.24 2.47 -19.44
CA PHE A 500 -0.71 3.13 -18.20
C PHE A 500 -0.17 4.54 -18.06
N GLN A 501 -0.97 5.41 -17.46
CA GLN A 501 -0.54 6.78 -17.20
C GLN A 501 -1.09 7.23 -15.86
N ALA A 502 -0.24 7.84 -15.02
CA ALA A 502 -0.67 8.25 -13.67
C ALA A 502 0.30 9.25 -13.11
N PRO A 503 -0.17 10.10 -12.17
CA PRO A 503 0.81 10.83 -11.38
C PRO A 503 1.85 9.92 -10.72
N VAL A 504 3.02 10.47 -10.44
CA VAL A 504 4.02 9.85 -9.57
C VAL A 504 3.92 10.44 -8.17
N LYS A 505 3.28 9.67 -7.30
CA LYS A 505 2.91 10.05 -5.95
C LYS A 505 2.99 8.77 -5.14
N PRO A 506 3.26 8.91 -3.85
CA PRO A 506 3.47 7.76 -2.97
C PRO A 506 2.14 6.99 -2.76
N GLY A 507 1.04 7.69 -2.96
CA GLY A 507 -0.27 7.13 -2.72
C GLY A 507 -0.90 6.53 -3.97
N VAL A 508 -0.30 6.77 -5.13
CA VAL A 508 -0.71 6.17 -6.42
C VAL A 508 0.25 5.02 -6.72
N LYS A 509 -0.26 3.81 -6.52
CA LYS A 509 0.57 2.61 -6.48
C LYS A 509 0.06 1.65 -7.52
N PHE A 510 0.97 1.06 -8.29
CA PHE A 510 0.63 -0.11 -9.10
C PHE A 510 1.58 -1.26 -8.84
N HIS A 511 0.99 -2.45 -8.98
CA HIS A 511 1.64 -3.69 -8.76
C HIS A 511 1.39 -4.62 -9.91
N ASP A 512 2.48 -5.07 -10.53
CA ASP A 512 2.47 -6.08 -11.59
C ASP A 512 1.76 -5.60 -12.83
N LEU A 513 2.42 -4.67 -13.53
CA LEU A 513 1.99 -4.13 -14.81
C LEU A 513 2.71 -4.77 -16.00
N LEU A 514 1.99 -4.95 -17.08
CA LEU A 514 2.64 -5.44 -18.32
C LEU A 514 2.00 -4.86 -19.58
N VAL A 515 2.83 -4.72 -20.62
CA VAL A 515 2.34 -4.43 -21.97
C VAL A 515 2.91 -5.45 -22.93
N VAL A 516 2.14 -5.77 -23.98
CA VAL A 516 2.55 -6.77 -24.93
C VAL A 516 2.14 -6.43 -26.35
N SER A 517 3.10 -6.52 -27.27
CA SER A 517 2.81 -6.43 -28.69
C SER A 517 2.45 -7.78 -29.26
N LEU A 518 1.24 -7.89 -29.80
CA LEU A 518 0.85 -9.16 -30.37
C LEU A 518 1.58 -9.43 -31.69
N GLY A 519 2.79 -9.97 -31.59
CA GLY A 519 3.50 -10.42 -32.78
C GLY A 519 4.03 -9.31 -33.70
N GLY A 520 4.45 -8.19 -33.13
CA GLY A 520 5.08 -7.13 -33.90
C GLY A 520 4.19 -6.11 -34.56
N LYS A 521 2.87 -6.25 -34.38
CA LYS A 521 1.92 -5.32 -34.97
C LYS A 521 1.83 -4.04 -34.12
N GLY A 522 2.72 -3.11 -34.41
CA GLY A 522 2.94 -2.00 -33.52
C GLY A 522 3.80 -2.42 -32.35
N GLN A 523 4.24 -1.42 -31.59
CA GLN A 523 4.99 -1.64 -30.38
C GLN A 523 4.65 -0.59 -29.33
N TYR A 524 4.86 -0.94 -28.06
CA TYR A 524 4.81 0.01 -26.96
C TYR A 524 6.19 0.64 -26.78
N GLU A 525 6.25 1.93 -26.47
CA GLU A 525 7.53 2.59 -26.19
C GLU A 525 7.93 2.43 -24.70
N HIS A 526 6.92 2.26 -23.85
CA HIS A 526 7.09 2.09 -22.41
C HIS A 526 5.89 1.34 -21.83
N VAL A 527 5.97 0.99 -20.53
CA VAL A 527 4.85 0.38 -19.84
C VAL A 527 3.87 1.40 -19.22
N ILE A 528 4.39 2.31 -18.41
CA ILE A 528 3.59 3.32 -17.72
C ILE A 528 4.29 4.68 -17.68
N ASN A 529 3.58 5.72 -18.11
CA ASN A 529 4.19 7.02 -18.27
C ASN A 529 5.35 6.85 -19.26
N ASP A 530 6.52 7.44 -19.01
CA ASP A 530 7.65 7.15 -19.87
C ASP A 530 8.65 6.23 -19.16
N ILE A 531 8.12 5.24 -18.43
CA ILE A 531 8.89 4.20 -17.69
C ILE A 531 8.56 2.78 -18.16
N GLY A 532 9.56 1.91 -18.11
CA GLY A 532 9.43 0.53 -18.58
C GLY A 532 10.17 0.38 -19.89
N ASP A 533 10.50 -0.86 -20.25
CA ASP A 533 11.11 -1.10 -21.53
C ASP A 533 10.08 -1.05 -22.65
N PRO A 534 10.50 -0.63 -23.84
CA PRO A 534 9.59 -0.82 -24.96
C PRO A 534 9.45 -2.30 -25.24
N THR A 535 8.40 -2.68 -25.97
CA THR A 535 8.37 -4.01 -26.55
C THR A 535 9.29 -4.02 -27.80
N SER A 536 9.78 -5.21 -28.15
CA SER A 536 10.64 -5.42 -29.32
C SER A 536 10.33 -6.76 -29.97
N GLY A 537 10.89 -6.97 -31.16
CA GLY A 537 10.69 -8.19 -31.94
C GLY A 537 9.24 -8.42 -32.33
N ASP A 538 9.00 -9.61 -32.87
CA ASP A 538 7.67 -10.04 -33.30
C ASP A 538 7.24 -11.32 -32.57
N THR A 539 7.86 -11.59 -31.42
CA THR A 539 7.62 -12.84 -30.68
C THR A 539 6.73 -12.72 -29.41
N THR A 540 6.16 -11.55 -29.18
CA THR A 540 5.11 -11.42 -28.17
C THR A 540 5.70 -11.72 -26.76
N ILE A 541 6.69 -10.92 -26.40
CA ILE A 541 7.30 -10.91 -25.06
C ILE A 541 6.80 -9.74 -24.24
N PRO A 542 6.22 -10.00 -23.05
CA PRO A 542 5.82 -8.83 -22.27
C PRO A 542 6.95 -7.94 -21.76
N SER A 543 6.72 -6.63 -21.71
CA SER A 543 7.57 -5.71 -20.94
C SER A 543 6.83 -5.38 -19.63
N GLN A 544 7.54 -5.46 -18.49
CA GLN A 544 6.89 -5.47 -17.19
C GLN A 544 7.46 -4.36 -16.30
N VAL A 545 6.59 -3.78 -15.47
CA VAL A 545 7.04 -3.06 -14.29
C VAL A 545 6.42 -3.81 -13.09
N VAL A 546 7.23 -4.26 -12.14
CA VAL A 546 6.75 -5.08 -11.05
C VAL A 546 6.10 -4.18 -9.99
N SER A 547 6.78 -3.08 -9.70
CA SER A 547 6.35 -2.15 -8.68
C SER A 547 6.48 -0.71 -9.16
N PHE A 548 5.49 0.08 -8.80
CA PHE A 548 5.40 1.44 -9.23
C PHE A 548 4.70 2.27 -8.15
N PRO A 549 5.23 3.47 -7.87
CA PRO A 549 6.47 4.13 -8.33
C PRO A 549 7.52 4.09 -7.24
N VAL B 2 -13.24 16.28 20.35
CA VAL B 2 -12.64 15.04 19.87
C VAL B 2 -12.80 13.94 20.92
N VAL B 3 -13.42 12.83 20.53
CA VAL B 3 -13.65 11.73 21.48
C VAL B 3 -12.36 11.10 21.97
N GLY B 4 -12.26 11.05 23.30
CA GLY B 4 -11.14 10.45 23.98
C GLY B 4 -11.08 9.01 23.61
N GLY B 5 -9.91 8.58 23.18
CA GLY B 5 -9.69 7.18 22.86
C GLY B 5 -10.13 6.85 21.44
N GLY B 6 -10.35 5.55 21.26
CA GLY B 6 -10.71 5.03 19.96
C GLY B 6 -9.84 3.83 19.57
N ASP B 7 -10.31 3.03 18.61
CA ASP B 7 -9.55 1.87 18.15
C ASP B 7 -8.25 2.43 17.59
N LEU B 8 -7.24 1.56 17.40
CA LEU B 8 -5.94 2.02 16.90
C LEU B 8 -5.75 2.04 15.37
N GLY B 9 -6.65 1.40 14.63
CA GLY B 9 -6.65 1.50 13.19
C GLY B 9 -5.99 0.32 12.49
N PRO B 10 -6.03 0.33 11.14
CA PRO B 10 -5.60 -0.80 10.31
C PRO B 10 -4.11 -0.98 10.29
N ASN B 11 -3.48 0.13 10.67
CA ASN B 11 -2.08 0.30 10.48
C ASN B 11 -1.29 -0.07 11.75
N VAL B 12 -2.01 -0.36 12.85
CA VAL B 12 -1.44 -1.11 13.97
C VAL B 12 -1.87 -2.59 13.95
N LEU B 13 -0.90 -3.48 13.75
CA LEU B 13 -1.16 -4.91 13.72
C LEU B 13 -0.86 -5.53 15.08
N VAL B 14 -1.90 -6.13 15.67
CA VAL B 14 -1.85 -6.58 17.05
C VAL B 14 -1.92 -8.10 17.04
N PHE B 15 -0.89 -8.73 17.60
CA PHE B 15 -0.71 -10.16 17.55
C PHE B 15 -0.85 -10.79 18.93
N ASP B 16 -1.33 -12.04 18.93
CA ASP B 16 -1.49 -12.87 20.14
C ASP B 16 -0.74 -14.18 19.83
N PRO B 17 -0.52 -15.08 20.80
CA PRO B 17 0.24 -16.23 20.31
C PRO B 17 -0.55 -17.17 19.40
N SER B 18 -1.88 -17.20 19.58
CA SER B 18 -2.79 -17.97 18.74
C SER B 18 -3.06 -17.32 17.40
N THR B 19 -2.59 -16.10 17.21
CA THR B 19 -2.85 -15.48 15.93
C THR B 19 -2.34 -16.39 14.78
N PRO B 20 -3.14 -16.54 13.72
CA PRO B 20 -2.74 -17.42 12.60
C PRO B 20 -1.53 -16.95 11.76
N ASP B 21 -0.59 -17.86 11.51
CA ASP B 21 0.51 -17.63 10.57
C ASP B 21 1.24 -16.27 10.86
N ILE B 22 1.55 -16.04 12.13
CA ILE B 22 2.27 -14.82 12.53
C ILE B 22 3.44 -14.54 11.58
N GLN B 23 4.26 -15.55 11.33
CA GLN B 23 5.41 -15.38 10.47
C GLN B 23 5.00 -14.86 9.09
N GLY B 24 3.92 -15.42 8.52
CA GLY B 24 3.52 -15.00 7.18
C GLY B 24 3.10 -13.54 7.18
N LYS B 25 2.41 -13.14 8.24
CA LYS B 25 1.90 -11.78 8.36
C LYS B 25 2.90 -10.77 8.88
N VAL B 26 4.08 -11.21 9.36
CA VAL B 26 5.21 -10.26 9.53
C VAL B 26 6.09 -10.28 8.27
N ASP B 27 6.19 -11.42 7.59
CA ASP B 27 6.93 -11.53 6.33
C ASP B 27 6.29 -10.72 5.15
N GLU B 28 4.94 -10.63 5.09
CA GLU B 28 4.32 -9.78 4.06
C GLU B 28 4.57 -8.28 4.35
N VAL B 29 4.45 -7.85 5.62
CA VAL B 29 4.74 -6.44 5.91
C VAL B 29 6.15 -6.14 5.44
N PHE B 30 7.08 -7.07 5.72
CA PHE B 30 8.47 -6.92 5.31
C PHE B 30 8.63 -6.92 3.79
N ARG B 31 7.83 -7.73 3.10
CA ARG B 31 7.87 -7.80 1.65
C ARG B 31 7.67 -6.39 1.09
N LYS B 32 6.67 -5.69 1.61
CA LYS B 32 6.31 -4.32 1.14
C LYS B 32 7.26 -3.23 1.55
N GLN B 33 7.89 -3.44 2.69
CA GLN B 33 8.64 -2.36 3.33
C GLN B 33 10.14 -2.46 3.19
N GLU B 34 10.65 -3.62 2.81
CA GLU B 34 12.10 -3.82 2.80
C GLU B 34 12.90 -2.76 2.04
N SER B 35 12.47 -2.43 0.84
CA SER B 35 13.24 -1.48 0.01
C SER B 35 12.50 -0.16 -0.13
N ASN B 36 11.37 0.01 0.56
CA ASN B 36 10.46 1.15 0.32
C ASN B 36 10.91 2.35 1.18
N GLN B 37 12.07 2.89 0.85
CA GLN B 37 12.76 3.87 1.67
C GLN B 37 11.99 5.20 1.89
N PHE B 38 11.26 5.61 0.90
CA PHE B 38 10.65 6.93 0.91
C PHE B 38 9.14 6.90 0.75
N GLY B 39 8.55 5.70 0.74
CA GLY B 39 7.09 5.53 0.65
C GLY B 39 6.34 5.98 1.90
N THR B 40 5.06 6.24 1.73
CA THR B 40 4.29 6.83 2.79
C THR B 40 3.62 5.71 3.71
N ASP B 41 3.77 4.47 3.32
CA ASP B 41 3.20 3.41 4.16
C ASP B 41 3.93 3.37 5.51
N ARG B 42 3.18 3.00 6.55
CA ARG B 42 3.65 2.94 7.93
C ARG B 42 2.97 1.76 8.66
N TYR B 43 3.73 1.04 9.49
CA TYR B 43 3.17 -0.04 10.30
C TYR B 43 3.74 -0.11 11.69
N ALA B 44 2.90 -0.44 12.67
CA ALA B 44 3.37 -0.83 14.00
C ALA B 44 2.91 -2.25 14.30
N LEU B 45 3.87 -3.13 14.62
CA LEU B 45 3.60 -4.52 14.99
C LEU B 45 3.67 -4.62 16.49
N MET B 46 2.55 -5.01 17.10
CA MET B 46 2.43 -4.99 18.54
C MET B 46 2.05 -6.37 19.05
N PHE B 47 2.90 -6.91 19.89
CA PHE B 47 2.74 -8.28 20.38
C PHE B 47 2.29 -8.33 21.83
N LYS B 48 1.13 -8.94 22.05
CA LYS B 48 0.64 -9.16 23.43
C LYS B 48 1.60 -10.01 24.26
N PRO B 49 1.58 -9.82 25.58
CA PRO B 49 2.37 -10.62 26.53
C PRO B 49 2.17 -12.10 26.33
N GLY B 50 3.29 -12.80 26.26
CA GLY B 50 3.27 -14.25 26.13
C GLY B 50 4.55 -14.74 25.49
N THR B 51 4.48 -15.93 24.88
CA THR B 51 5.63 -16.62 24.38
C THR B 51 5.41 -17.01 22.92
N TYR B 52 6.41 -16.74 22.07
CA TYR B 52 6.29 -16.85 20.61
C TYR B 52 7.47 -17.60 20.01
N ASN B 53 7.18 -18.67 19.27
CA ASN B 53 8.16 -19.58 18.73
C ASN B 53 8.17 -19.50 17.21
N ASP B 54 9.23 -20.06 16.61
CA ASP B 54 9.46 -20.04 15.17
C ASP B 54 9.02 -18.69 14.60
N ILE B 55 9.71 -17.67 15.06
CA ILE B 55 9.47 -16.33 14.58
C ILE B 55 10.78 -15.69 14.25
N ASN B 56 10.86 -15.12 13.04
CA ASN B 56 11.99 -14.25 12.72
C ASN B 56 11.37 -13.05 12.05
N ALA B 57 11.30 -11.98 12.80
CA ALA B 57 10.59 -10.78 12.36
C ALA B 57 11.61 -9.85 11.74
N GLN B 58 11.66 -9.85 10.41
CA GLN B 58 12.56 -8.97 9.71
C GLN B 58 11.84 -7.62 9.59
N ILE B 59 12.58 -6.56 9.86
CA ILE B 59 12.03 -5.26 10.07
C ILE B 59 12.52 -4.34 8.92
N GLY B 60 11.56 -3.93 8.08
CA GLY B 60 11.85 -3.01 6.98
C GLY B 60 11.71 -1.56 7.34
N PHE B 61 11.69 -0.70 6.32
CA PHE B 61 11.41 0.71 6.53
C PHE B 61 10.11 0.96 7.27
N TYR B 62 10.12 2.00 8.11
CA TYR B 62 8.98 2.53 8.86
C TYR B 62 8.08 1.44 9.43
N THR B 63 8.73 0.49 10.07
CA THR B 63 8.07 -0.57 10.80
C THR B 63 8.64 -0.48 12.21
N SER B 64 7.72 -0.38 13.17
CA SER B 64 8.04 -0.47 14.58
C SER B 64 7.56 -1.86 15.06
N ILE B 65 8.31 -2.44 15.98
CA ILE B 65 7.89 -3.73 16.57
C ILE B 65 8.11 -3.59 18.07
N ALA B 66 7.11 -3.99 18.84
CA ALA B 66 7.19 -3.90 20.29
C ALA B 66 6.30 -4.90 20.98
N GLY B 67 6.65 -5.16 22.23
CA GLY B 67 5.82 -5.91 23.15
C GLY B 67 4.88 -4.97 23.92
N LEU B 68 3.83 -5.55 24.49
CA LEU B 68 2.78 -4.81 25.20
C LEU B 68 2.72 -5.22 26.67
N GLY B 69 3.84 -5.76 27.14
CA GLY B 69 4.01 -6.15 28.52
C GLY B 69 4.42 -5.01 29.42
N LEU B 70 4.15 -5.19 30.71
CA LEU B 70 4.79 -4.44 31.78
C LEU B 70 6.30 -4.32 31.58
N ASN B 71 6.94 -5.49 31.49
CA ASN B 71 8.41 -5.68 31.46
C ASN B 71 8.73 -6.35 30.11
N PRO B 72 9.96 -6.19 29.64
CA PRO B 72 10.36 -6.81 28.35
C PRO B 72 10.19 -8.33 28.40
N ASP B 73 10.58 -8.90 29.53
CA ASP B 73 10.58 -10.37 29.63
C ASP B 73 9.14 -10.95 29.60
N ASP B 74 8.14 -10.07 29.64
CA ASP B 74 6.74 -10.51 29.57
C ASP B 74 6.30 -10.90 28.14
N THR B 75 7.06 -10.47 27.14
CA THR B 75 6.77 -10.79 25.72
C THR B 75 8.06 -11.31 25.11
N THR B 76 8.16 -12.64 24.99
CA THR B 76 9.42 -13.28 24.61
C THR B 76 9.29 -14.04 23.31
N PHE B 77 10.16 -13.70 22.37
CA PHE B 77 10.30 -14.43 21.13
C PHE B 77 11.39 -15.47 21.28
N ASN B 78 11.07 -16.71 20.94
CA ASN B 78 12.09 -17.71 20.68
C ASN B 78 12.40 -17.63 19.22
N GLY B 79 13.40 -16.82 18.92
CA GLY B 79 13.52 -16.26 17.61
C GLY B 79 14.09 -14.86 17.66
N ASP B 80 13.82 -14.08 16.61
CA ASP B 80 14.65 -12.94 16.27
C ASP B 80 13.83 -11.74 15.80
N VAL B 81 14.37 -10.56 16.08
CA VAL B 81 13.89 -9.32 15.48
C VAL B 81 15.06 -8.82 14.64
N THR B 82 15.01 -9.04 13.32
CA THR B 82 16.18 -8.96 12.46
C THR B 82 16.14 -7.75 11.53
N VAL B 83 17.27 -7.08 11.41
CA VAL B 83 17.52 -6.15 10.29
C VAL B 83 18.81 -6.54 9.63
N ASP B 84 18.73 -6.81 8.33
CA ASP B 84 19.89 -7.11 7.53
C ASP B 84 19.85 -6.18 6.30
N ALA B 85 20.76 -6.38 5.35
CA ALA B 85 20.98 -5.38 4.31
C ALA B 85 20.90 -6.02 2.90
N GLY B 86 20.12 -7.07 2.80
CA GLY B 86 19.98 -7.78 1.54
C GLY B 86 19.64 -6.85 0.38
N TRP B 87 18.63 -6.01 0.59
CA TRP B 87 18.05 -5.21 -0.49
C TRP B 87 18.97 -4.13 -1.01
N PHE B 88 20.03 -3.78 -0.26
CA PHE B 88 21.02 -2.83 -0.74
C PHE B 88 22.37 -3.46 -0.87
N ASP B 89 22.39 -4.63 -1.50
CA ASP B 89 23.67 -5.28 -1.84
C ASP B 89 24.66 -5.52 -0.64
N GLY B 90 24.18 -5.59 0.61
CA GLY B 90 25.03 -5.82 1.78
C GLY B 90 25.44 -4.57 2.54
N ASN B 91 25.06 -3.42 2.00
CA ASN B 91 25.40 -2.08 2.52
C ASN B 91 24.28 -1.65 3.47
N ALA B 92 24.56 -1.40 4.76
CA ALA B 92 23.48 -1.11 5.73
C ALA B 92 23.31 0.38 5.99
N THR B 93 23.98 1.22 5.20
CA THR B 93 23.98 2.66 5.49
C THR B 93 22.72 3.42 5.06
N GLN B 94 21.74 2.73 4.48
CA GLN B 94 20.43 3.31 4.31
C GLN B 94 19.34 2.57 5.14
N ASN B 95 19.73 1.84 6.17
CA ASN B 95 18.73 1.11 6.99
C ASN B 95 18.14 1.99 8.09
N PHE B 96 17.29 2.90 7.65
CA PHE B 96 16.79 3.95 8.51
C PHE B 96 15.36 3.69 8.98
N TRP B 97 14.92 4.44 9.97
CA TRP B 97 13.48 4.70 10.26
C TRP B 97 12.71 3.42 10.62
N ARG B 98 13.16 2.76 11.70
CA ARG B 98 12.47 1.59 12.20
C ARG B 98 12.79 1.44 13.69
N SER B 99 12.15 0.53 14.41
CA SER B 99 12.40 0.49 15.85
C SER B 99 12.01 -0.86 16.45
N ALA B 100 12.66 -1.16 17.56
CA ALA B 100 12.34 -2.34 18.41
C ALA B 100 12.24 -1.88 19.86
N GLU B 101 11.16 -2.30 20.55
CA GLU B 101 10.82 -1.81 21.92
C GLU B 101 10.21 -2.92 22.80
N ASN B 102 10.71 -3.09 24.01
CA ASN B 102 9.97 -3.82 25.06
C ASN B 102 9.67 -5.29 24.77
N LEU B 103 10.74 -5.98 24.41
CA LEU B 103 10.71 -7.41 24.08
C LEU B 103 11.95 -8.14 24.63
N ALA B 104 11.76 -9.45 24.89
CA ALA B 104 12.86 -10.34 25.15
C ALA B 104 13.06 -11.25 23.93
N LEU B 105 14.29 -11.39 23.51
CA LEU B 105 14.63 -12.25 22.38
C LEU B 105 15.56 -13.40 22.81
N ASN B 106 15.23 -14.58 22.32
CA ASN B 106 16.02 -15.80 22.50
C ASN B 106 16.44 -16.22 21.08
N PRO B 107 17.50 -15.60 20.58
CA PRO B 107 17.74 -15.70 19.13
C PRO B 107 18.20 -17.11 18.73
N VAL B 108 17.75 -17.54 17.57
CA VAL B 108 17.80 -18.95 17.19
C VAL B 108 19.21 -19.54 17.07
N ASN B 109 20.17 -18.74 16.62
CA ASN B 109 21.57 -19.19 16.52
C ASN B 109 22.40 -18.61 17.68
N GLY B 110 21.73 -17.99 18.63
CA GLY B 110 22.38 -17.47 19.82
C GLY B 110 22.66 -15.97 19.79
N THR B 111 22.53 -15.34 18.63
CA THR B 111 22.81 -13.90 18.49
C THR B 111 21.88 -13.25 17.52
N ASN B 112 21.28 -12.14 17.95
CA ASN B 112 20.31 -11.43 17.13
C ASN B 112 21.03 -10.37 16.30
N ARG B 113 20.63 -10.19 15.05
CA ARG B 113 21.23 -9.14 14.21
C ARG B 113 20.31 -7.92 14.07
N TRP B 114 20.86 -6.75 14.38
CA TRP B 114 20.19 -5.46 14.25
C TRP B 114 21.18 -4.55 13.48
N ALA B 115 21.29 -4.78 12.17
CA ALA B 115 22.30 -4.11 11.37
C ALA B 115 21.69 -2.84 10.77
N VAL B 116 21.56 -1.84 11.61
CA VAL B 116 20.86 -0.60 11.27
C VAL B 116 21.80 0.58 11.14
N SER B 117 21.35 1.65 10.47
CA SER B 117 22.03 2.93 10.56
C SER B 117 21.12 3.88 11.32
N GLN B 118 20.97 5.14 10.89
CA GLN B 118 20.37 6.15 11.76
C GLN B 118 18.87 5.99 11.92
N ALA B 119 18.34 6.52 13.02
CA ALA B 119 16.89 6.56 13.31
C ALA B 119 16.32 5.15 13.39
N ALA B 120 17.03 4.30 14.10
CA ALA B 120 16.63 2.91 14.30
C ALA B 120 16.88 2.54 15.74
N PRO B 121 16.06 3.10 16.64
CA PRO B 121 16.25 2.86 18.07
C PRO B 121 15.93 1.41 18.54
N PHE B 122 16.65 0.98 19.58
CA PHE B 122 16.52 -0.37 20.17
C PHE B 122 16.44 -0.04 21.65
N ARG B 123 15.21 -0.11 22.18
CA ARG B 123 14.95 0.34 23.53
C ARG B 123 14.23 -0.71 24.38
N ARG B 124 14.57 -0.74 25.65
CA ARG B 124 13.88 -1.61 26.60
C ARG B 124 13.82 -3.04 26.10
N MET B 125 14.97 -3.52 25.60
CA MET B 125 15.10 -4.85 25.02
C MET B 125 15.90 -5.73 25.96
N HIS B 126 15.54 -7.01 26.00
CA HIS B 126 16.36 -8.04 26.65
C HIS B 126 16.74 -9.06 25.60
N VAL B 127 18.03 -9.12 25.30
CA VAL B 127 18.57 -10.13 24.41
C VAL B 127 19.28 -11.23 25.18
N LYS B 128 18.73 -12.43 25.12
CA LYS B 128 19.29 -13.61 25.81
C LYS B 128 20.26 -14.32 24.87
N GLY B 129 21.24 -13.55 24.40
CA GLY B 129 22.34 -14.05 23.57
C GLY B 129 23.21 -12.86 23.18
N GLY B 130 23.63 -12.88 21.96
CA GLY B 130 24.51 -11.85 21.48
C GLY B 130 23.71 -10.94 20.59
N LEU B 131 24.33 -9.81 20.20
CA LEU B 131 23.69 -8.83 19.34
C LEU B 131 24.74 -8.40 18.36
N ASN B 132 24.54 -8.77 17.11
CA ASN B 132 25.41 -8.38 16.04
C ASN B 132 24.79 -7.17 15.36
N LEU B 133 25.57 -6.11 15.30
CA LEU B 133 25.13 -4.84 14.71
C LEU B 133 25.56 -4.67 13.27
N ALA B 134 26.19 -5.67 12.66
CA ALA B 134 26.69 -5.53 11.27
C ALA B 134 25.93 -6.47 10.33
N PRO B 135 25.70 -6.02 9.10
CA PRO B 135 24.99 -6.85 8.12
C PRO B 135 25.77 -8.11 7.76
N ASP B 136 25.13 -8.99 7.01
CA ASP B 136 25.79 -10.21 6.54
C ASP B 136 26.71 -9.86 5.36
N GLY B 137 27.99 -10.22 5.52
CA GLY B 137 29.06 -9.70 4.63
C GLY B 137 29.98 -8.66 5.29
N TYR B 138 29.58 -8.08 6.45
CA TYR B 138 30.36 -7.07 7.17
C TYR B 138 30.54 -5.76 6.39
N GLY B 139 29.55 -5.46 5.56
CA GLY B 139 29.48 -4.21 4.82
C GLY B 139 29.37 -2.97 5.70
N TRP B 140 29.26 -1.83 5.05
CA TRP B 140 29.25 -0.58 5.74
C TRP B 140 27.95 -0.38 6.56
N ALA B 141 28.09 0.31 7.67
CA ALA B 141 26.96 0.53 8.56
C ALA B 141 27.26 1.76 9.41
N SER B 142 26.25 2.58 9.62
CA SER B 142 26.40 3.85 10.33
C SER B 142 25.27 4.14 11.38
N GLY B 143 25.23 3.31 12.41
CA GLY B 143 24.26 3.46 13.49
C GLY B 143 24.79 4.38 14.58
N GLY B 144 24.25 4.33 15.78
CA GLY B 144 23.14 3.54 16.21
C GLY B 144 22.87 3.92 17.66
N TYR B 145 21.82 3.32 18.21
CA TYR B 145 21.27 3.79 19.48
C TYR B 145 20.64 2.65 20.25
N ILE B 146 21.21 2.35 21.42
CA ILE B 146 20.66 1.34 22.33
C ILE B 146 20.45 2.06 23.65
N ALA B 147 19.25 1.92 24.21
CA ALA B 147 18.98 2.41 25.55
C ALA B 147 18.10 1.48 26.37
N ASP B 148 18.32 1.51 27.68
CA ASP B 148 17.50 0.80 28.66
C ASP B 148 17.37 -0.69 28.32
N SER B 149 18.47 -1.29 27.87
CA SER B 149 18.47 -2.68 27.43
C SER B 149 19.48 -3.54 28.19
N LYS B 150 19.22 -4.83 28.21
CA LYS B 150 20.18 -5.81 28.77
C LYS B 150 20.49 -6.78 27.64
N ILE B 151 21.77 -6.81 27.24
CA ILE B 151 22.27 -7.80 26.29
C ILE B 151 23.07 -8.81 27.12
N ASP B 152 22.65 -10.06 27.09
CA ASP B 152 23.25 -11.08 27.97
C ASP B 152 24.70 -11.46 27.60
N GLY B 153 24.99 -11.54 26.31
CA GLY B 153 26.36 -11.78 25.89
C GLY B 153 26.96 -10.55 25.23
N GLU B 154 27.66 -10.78 24.14
CA GLU B 154 28.55 -9.77 23.56
C GLU B 154 27.81 -8.95 22.48
N VAL B 155 28.08 -7.66 22.51
CA VAL B 155 27.62 -6.77 21.47
C VAL B 155 28.73 -6.75 20.45
N GLY B 156 28.39 -7.07 19.21
CA GLY B 156 29.37 -7.08 18.13
C GLY B 156 29.09 -6.03 17.06
N PRO B 157 29.82 -4.90 17.11
CA PRO B 157 29.63 -3.89 16.06
C PRO B 157 30.19 -4.31 14.70
N TYR B 158 31.36 -4.97 14.70
CA TYR B 158 32.17 -5.20 13.51
C TYR B 158 32.43 -3.89 12.69
N SER B 159 31.74 -3.75 11.55
CA SER B 159 31.88 -2.61 10.66
C SER B 159 31.21 -1.30 11.10
N GLN B 160 30.34 -1.34 12.10
CA GLN B 160 29.67 -0.10 12.56
C GLN B 160 30.64 1.03 12.86
N GLN B 161 30.44 2.19 12.23
CA GLN B 161 31.42 3.25 12.39
C GLN B 161 31.45 3.76 13.81
N GLN B 162 30.25 3.92 14.35
CA GLN B 162 30.07 4.55 15.64
C GLN B 162 28.78 4.01 16.27
N TRP B 163 28.58 4.33 17.55
CA TRP B 163 27.43 3.81 18.27
C TRP B 163 27.28 4.52 19.61
N TYR B 164 26.02 4.64 20.09
CA TYR B 164 25.80 5.20 21.42
C TYR B 164 24.92 4.26 22.19
N THR B 165 25.36 3.90 23.39
CA THR B 165 24.58 3.06 24.28
C THR B 165 24.44 3.77 25.60
N ARG B 166 23.20 3.80 26.11
CA ARG B 166 22.99 4.32 27.47
C ARG B 166 22.10 3.47 28.36
N ASP B 167 22.46 3.51 29.64
CA ASP B 167 21.64 2.97 30.71
C ASP B 167 21.12 1.58 30.42
N SER B 168 22.11 0.71 30.34
CA SER B 168 21.94 -0.62 29.84
C SER B 168 22.95 -1.52 30.54
N SER B 169 22.87 -2.80 30.21
CA SER B 169 23.82 -3.80 30.67
C SER B 169 24.25 -4.67 29.46
N VAL B 170 25.55 -4.85 29.30
CA VAL B 170 26.06 -5.72 28.24
C VAL B 170 27.00 -6.77 28.82
N GLY B 171 26.94 -7.98 28.29
CA GLY B 171 27.87 -9.03 28.70
C GLY B 171 29.24 -8.68 28.17
N GLY B 172 29.32 -8.38 26.87
CA GLY B 172 30.58 -8.04 26.22
C GLY B 172 30.41 -6.90 25.26
N TRP B 173 31.52 -6.35 24.82
CA TRP B 173 31.56 -5.36 23.74
C TRP B 173 32.81 -5.67 22.91
N GLY B 174 32.60 -5.98 21.64
CA GLY B 174 33.62 -6.61 20.84
C GLY B 174 34.68 -5.71 20.22
N ASN B 175 34.34 -4.46 19.94
CA ASN B 175 35.25 -3.57 19.22
C ASN B 175 34.67 -2.20 19.02
N GLY B 176 35.58 -1.26 18.72
CA GLY B 176 35.24 0.08 18.31
C GLY B 176 35.99 0.46 17.03
N VAL B 177 35.27 1.09 16.10
CA VAL B 177 35.79 1.52 14.79
C VAL B 177 36.22 3.00 14.86
N TRP B 178 35.27 3.94 14.85
CA TRP B 178 35.60 5.36 15.00
C TRP B 178 35.17 6.03 16.33
N ASN B 179 33.99 5.67 16.85
CA ASN B 179 33.44 6.36 18.03
C ASN B 179 32.31 5.57 18.70
N MET B 180 32.67 4.80 19.72
CA MET B 180 31.70 4.03 20.48
C MET B 180 31.63 4.69 21.84
N THR B 181 30.48 5.30 22.14
CA THR B 181 30.24 6.03 23.38
C THR B 181 29.24 5.30 24.27
N PHE B 182 29.46 5.35 25.58
CA PHE B 182 28.65 4.64 26.55
C PHE B 182 28.41 5.61 27.70
N SER B 183 27.17 5.72 28.18
CA SER B 183 26.91 6.43 29.42
C SER B 183 25.97 5.60 30.27
N GLY B 184 26.38 5.32 31.48
CA GLY B 184 25.58 4.50 32.36
C GLY B 184 25.43 3.06 31.92
N VAL B 185 26.46 2.51 31.29
CA VAL B 185 26.37 1.15 30.75
C VAL B 185 27.15 0.16 31.61
N GLU B 186 26.43 -0.73 32.29
CA GLU B 186 27.09 -1.79 33.04
C GLU B 186 27.72 -2.76 32.06
N GLY B 187 29.01 -3.00 32.25
CA GLY B 187 29.73 -3.94 31.44
C GLY B 187 30.40 -3.32 30.24
N ALA B 188 30.26 -2.02 30.01
CA ALA B 188 30.96 -1.38 28.88
C ALA B 188 32.49 -1.45 29.04
N PRO B 189 33.23 -1.29 27.94
CA PRO B 189 34.68 -1.18 28.17
C PRO B 189 35.09 0.15 28.83
N ALA B 190 36.22 0.11 29.53
CA ALA B 190 36.75 1.32 30.13
C ALA B 190 37.14 2.33 29.07
N GLN B 191 37.07 3.59 29.50
CA GLN B 191 37.53 4.74 28.73
C GLN B 191 38.90 4.42 28.13
N SER B 192 39.00 4.60 26.81
CA SER B 192 40.09 4.03 26.01
C SER B 192 40.64 5.03 24.97
N PHE B 193 39.87 6.09 24.65
CA PHE B 193 40.05 6.84 23.41
C PHE B 193 41.48 7.41 23.43
N PRO B 194 42.19 7.40 22.29
CA PRO B 194 41.74 7.22 20.91
C PRO B 194 41.54 5.82 20.38
N GLU B 195 42.23 4.78 20.85
CA GLU B 195 42.03 3.45 20.23
C GLU B 195 42.36 2.38 21.24
N PRO B 196 41.43 1.42 21.49
CA PRO B 196 40.10 1.40 20.85
C PRO B 196 39.36 2.69 21.24
N PRO B 197 38.56 3.24 20.34
CA PRO B 197 38.12 4.63 20.60
C PRO B 197 36.81 4.64 21.37
N TYR B 198 36.90 4.24 22.63
CA TYR B 198 35.76 4.10 23.52
C TYR B 198 35.72 5.28 24.45
N THR B 199 34.55 5.95 24.46
CA THR B 199 34.28 7.07 25.34
C THR B 199 33.26 6.58 26.34
N THR B 200 33.65 6.51 27.62
CA THR B 200 32.84 5.82 28.61
C THR B 200 32.61 6.68 29.85
N LEU B 201 31.33 6.98 30.09
CA LEU B 201 30.86 7.72 31.26
C LEU B 201 30.13 6.74 32.16
N GLU B 202 30.45 6.72 33.47
CA GLU B 202 29.83 5.73 34.38
C GLU B 202 28.35 6.04 34.54
N THR B 203 27.94 7.29 34.35
CA THR B 203 26.53 7.68 34.54
C THR B 203 26.06 8.64 33.45
N THR B 204 24.76 8.63 33.13
CA THR B 204 24.13 9.70 32.35
C THR B 204 23.49 10.65 33.37
N PRO B 205 23.74 11.96 33.26
CA PRO B 205 23.35 12.70 34.47
C PRO B 205 21.86 12.94 34.59
N VAL B 206 21.14 12.87 33.47
CA VAL B 206 19.70 12.78 33.53
C VAL B 206 19.22 11.97 32.34
N SER B 207 18.20 11.18 32.59
CA SER B 207 17.57 10.42 31.54
C SER B 207 16.17 10.05 31.98
N ARG B 208 15.28 9.97 31.02
CA ARG B 208 13.89 9.64 31.32
C ARG B 208 13.39 8.74 30.20
N GLU B 209 13.13 7.49 30.54
CA GLU B 209 12.85 6.54 29.48
C GLU B 209 11.60 6.95 28.69
N LYS B 210 11.60 6.58 27.42
CA LYS B 210 10.51 6.96 26.51
C LYS B 210 9.18 6.32 26.93
N PRO B 211 8.08 7.08 26.83
CA PRO B 211 6.78 6.44 27.08
C PRO B 211 6.46 5.35 26.07
N PHE B 212 5.64 4.38 26.46
CA PHE B 212 5.27 3.32 25.55
C PHE B 212 3.89 2.72 25.86
N LEU B 213 3.24 2.24 24.79
CA LEU B 213 1.96 1.59 24.86
C LEU B 213 2.09 0.23 25.53
N TYR B 214 1.13 -0.12 26.37
CA TYR B 214 1.10 -1.47 26.95
C TYR B 214 -0.27 -1.81 27.52
N LEU B 215 -0.52 -3.10 27.69
CA LEU B 215 -1.77 -3.56 28.29
C LEU B 215 -1.62 -3.86 29.83
N ASP B 216 -2.52 -3.34 30.68
CA ASP B 216 -2.36 -3.38 32.18
C ASP B 216 -3.35 -4.30 32.93
N GLY B 217 -3.82 -5.29 32.17
CA GLY B 217 -4.78 -6.27 32.63
C GLY B 217 -5.09 -6.79 31.25
N ASP B 218 -6.32 -6.76 30.87
CA ASP B 218 -6.63 -6.72 29.46
C ASP B 218 -6.86 -5.21 28.98
N ASP B 219 -6.26 -4.21 29.68
CA ASP B 219 -6.43 -2.74 29.33
C ASP B 219 -5.18 -1.88 28.87
N TYR B 220 -5.36 -1.17 27.76
CA TYR B 220 -4.30 -0.31 27.16
C TYR B 220 -4.08 0.98 27.94
N LYS B 221 -2.79 1.22 28.22
CA LYS B 221 -2.29 2.37 28.94
C LYS B 221 -0.97 2.77 28.29
N VAL B 222 -0.56 4.00 28.56
CA VAL B 222 0.77 4.45 28.21
C VAL B 222 1.55 4.62 29.53
N PHE B 223 2.67 3.92 29.66
CA PHE B 223 3.56 4.10 30.79
C PHE B 223 4.43 5.29 30.56
N VAL B 224 4.55 6.14 31.57
CA VAL B 224 5.39 7.31 31.53
C VAL B 224 6.48 7.12 32.59
N PRO B 225 7.70 6.81 32.16
CA PRO B 225 8.81 6.63 33.12
C PRO B 225 9.21 7.85 33.91
N ALA B 226 9.62 7.57 35.13
CA ALA B 226 10.11 8.63 36.00
C ALA B 226 11.51 8.98 35.57
N LYS B 227 11.80 10.27 35.64
CA LYS B 227 13.16 10.71 35.39
C LYS B 227 14.13 10.01 36.31
N ARG B 228 15.36 9.90 35.83
CA ARG B 228 16.50 9.54 36.64
C ARG B 228 17.59 10.54 36.39
N THR B 229 18.26 10.91 37.47
CA THR B 229 19.51 11.59 37.37
C THR B 229 20.60 10.58 37.72
N ASN B 230 21.79 10.67 37.11
CA ASN B 230 22.92 9.84 37.51
C ASN B 230 22.67 8.36 37.25
N ALA B 231 21.99 8.15 36.13
CA ALA B 231 21.45 6.87 35.73
C ALA B 231 22.53 5.89 35.31
N ARG B 232 22.30 4.65 35.69
CA ARG B 232 23.14 3.56 35.28
C ARG B 232 22.30 2.27 35.25
N GLY B 233 22.55 1.44 34.26
CA GLY B 233 21.81 0.20 34.09
C GLY B 233 20.35 0.41 33.70
N THR B 234 19.60 -0.68 33.59
CA THR B 234 18.22 -0.61 33.14
C THR B 234 17.29 -0.03 34.22
N SER B 235 16.13 0.44 33.76
CA SER B 235 15.08 1.00 34.59
C SER B 235 14.08 -0.05 35.07
N TRP B 236 14.41 -1.30 34.85
CA TRP B 236 13.46 -2.39 34.97
C TRP B 236 14.13 -3.64 35.51
N GLY B 237 13.30 -4.64 35.70
CA GLY B 237 13.64 -5.83 36.47
C GLY B 237 14.30 -5.52 37.81
N ASN B 238 13.56 -4.91 38.76
CA ASN B 238 13.99 -4.84 40.20
C ASN B 238 12.76 -4.84 41.16
N GLY B 239 11.57 -4.58 40.59
CA GLY B 239 10.26 -4.72 41.24
C GLY B 239 9.09 -4.06 40.48
N THR B 240 8.96 -2.75 40.46
CA THR B 240 8.15 -2.20 39.37
C THR B 240 8.81 -0.93 38.90
N PRO B 241 8.92 -0.82 37.57
CA PRO B 241 9.36 0.46 37.08
C PRO B 241 8.64 1.65 37.74
N GLU B 242 9.36 2.73 38.07
CA GLU B 242 8.74 3.95 38.60
C GLU B 242 8.26 4.92 37.50
N GLY B 243 7.02 5.38 37.67
CA GLY B 243 6.27 5.96 36.57
C GLY B 243 4.79 5.96 36.91
N GLU B 244 4.00 6.47 35.96
CA GLU B 244 2.57 6.73 36.16
C GLU B 244 2.01 6.22 34.87
N SER B 245 0.73 5.85 34.83
CA SER B 245 0.16 5.22 33.62
C SER B 245 -1.15 5.84 33.20
N LEU B 246 -1.19 6.22 31.92
CA LEU B 246 -2.30 6.95 31.38
C LEU B 246 -3.18 5.96 30.58
N PRO B 247 -4.48 5.88 30.90
CA PRO B 247 -5.36 5.06 30.09
C PRO B 247 -5.50 5.59 28.67
N LEU B 248 -5.76 4.73 27.70
CA LEU B 248 -5.84 5.17 26.30
C LEU B 248 -6.99 6.18 26.10
N ASP B 249 -8.00 6.14 26.96
CA ASP B 249 -9.11 7.12 26.88
C ASP B 249 -8.67 8.52 27.31
N GLN B 250 -7.50 8.62 27.96
CA GLN B 250 -6.85 9.90 28.25
C GLN B 250 -6.03 10.41 27.04
N PHE B 251 -6.24 9.83 25.85
CA PHE B 251 -5.56 10.27 24.61
C PHE B 251 -6.50 10.54 23.45
N TYR B 252 -6.20 11.53 22.63
CA TYR B 252 -6.76 11.63 21.29
C TYR B 252 -5.97 10.71 20.37
N VAL B 253 -6.65 9.73 19.77
CA VAL B 253 -6.00 8.73 18.92
C VAL B 253 -6.11 9.32 17.51
N VAL B 254 -4.99 9.84 17.01
CA VAL B 254 -4.96 10.50 15.69
C VAL B 254 -4.81 9.53 14.50
N LYS B 255 -5.67 9.74 13.51
CA LYS B 255 -5.72 9.03 12.21
C LYS B 255 -5.85 10.15 11.07
N PRO B 256 -5.25 9.97 9.82
CA PRO B 256 -4.82 11.09 8.91
C PRO B 256 -5.72 12.17 8.14
N GLY B 257 -5.01 13.11 7.48
CA GLY B 257 -5.63 14.09 6.56
C GLY B 257 -5.81 15.42 7.26
N ALA B 258 -5.20 15.45 8.42
CA ALA B 258 -5.85 16.11 9.47
C ALA B 258 -5.56 17.59 9.50
N THR B 259 -6.26 18.12 10.50
CA THR B 259 -6.28 19.48 10.80
C THR B 259 -5.49 19.47 12.10
N ALA B 260 -4.42 20.26 12.10
CA ALA B 260 -3.77 20.72 13.31
C ALA B 260 -4.63 21.83 13.91
N GLU B 261 -5.94 21.74 13.67
CA GLU B 261 -6.96 22.42 14.40
C GLU B 261 -7.55 21.37 15.40
N THR B 262 -7.85 20.21 14.85
CA THR B 262 -8.45 19.11 15.61
C THR B 262 -7.47 18.58 16.70
N ILE B 263 -6.20 18.57 16.39
CA ILE B 263 -5.20 18.08 17.32
C ILE B 263 -5.03 19.06 18.45
N ASN B 264 -4.97 20.32 18.11
CA ASN B 264 -4.74 21.37 19.09
C ASN B 264 -5.90 21.48 20.07
N ALA B 265 -7.09 21.28 19.51
CA ALA B 265 -8.32 21.13 20.27
C ALA B 265 -8.16 20.13 21.41
N ALA B 266 -7.72 18.94 21.06
CA ALA B 266 -7.56 17.87 22.03
C ALA B 266 -6.63 18.31 23.13
N VAL B 267 -5.51 18.92 22.75
CA VAL B 267 -4.55 19.38 23.72
C VAL B 267 -5.20 20.41 24.64
N ASP B 268 -5.93 21.38 24.05
CA ASP B 268 -6.63 22.40 24.85
C ASP B 268 -7.79 21.78 25.69
N GLN B 269 -8.52 20.81 25.09
CA GLN B 269 -9.59 20.04 25.77
C GLN B 269 -9.00 19.05 26.82
N GLY B 270 -7.66 18.95 26.88
CA GLY B 270 -7.00 18.18 27.94
C GLY B 270 -6.44 16.81 27.63
N LEU B 271 -6.56 16.36 26.38
CA LEU B 271 -6.10 15.02 26.00
C LEU B 271 -4.61 15.01 25.66
N HIS B 272 -4.01 13.85 25.88
CA HIS B 272 -2.71 13.55 25.33
C HIS B 272 -2.90 13.13 23.87
N LEU B 273 -1.80 12.87 23.17
CA LEU B 273 -1.83 12.58 21.74
C LEU B 273 -1.11 11.27 21.41
N LEU B 274 -1.81 10.39 20.71
CA LEU B 274 -1.22 9.15 20.20
C LEU B 274 -1.39 9.17 18.70
N PHE B 275 -0.29 9.32 17.98
CA PHE B 275 -0.36 9.32 16.54
C PHE B 275 -0.25 7.88 16.05
N THR B 276 -1.33 7.37 15.48
CA THR B 276 -1.26 6.05 14.84
C THR B 276 -0.41 6.14 13.59
N PRO B 277 0.07 4.99 13.08
CA PRO B 277 0.99 5.06 11.96
C PRO B 277 0.35 5.62 10.72
N GLY B 278 0.91 6.72 10.24
CA GLY B 278 0.44 7.32 9.01
C GLY B 278 1.24 8.58 8.73
N VAL B 279 0.78 9.34 7.74
CA VAL B 279 1.41 10.59 7.36
C VAL B 279 0.37 11.67 7.44
N TYR B 280 0.70 12.70 8.22
CA TYR B 280 -0.23 13.74 8.63
C TYR B 280 0.22 15.13 8.11
N HIS B 281 -0.50 15.66 7.13
CA HIS B 281 -0.22 17.03 6.68
C HIS B 281 -0.96 18.00 7.60
N VAL B 282 -0.30 19.07 8.01
CA VAL B 282 -0.96 20.14 8.73
C VAL B 282 -0.70 21.51 8.06
N ASP B 283 -1.75 22.34 8.05
CA ASP B 283 -1.69 23.69 7.47
C ASP B 283 -1.52 24.75 8.55
N GLN B 284 -1.53 24.29 9.79
CA GLN B 284 -1.12 25.07 10.95
C GLN B 284 -0.22 24.31 11.89
N PRO B 285 0.54 25.05 12.70
CA PRO B 285 1.37 24.32 13.66
C PRO B 285 0.62 23.45 14.71
N ILE B 286 1.15 22.26 14.99
CA ILE B 286 0.72 21.47 16.13
C ILE B 286 1.40 21.98 17.37
N GLU B 287 0.57 22.63 18.19
CA GLU B 287 0.95 23.46 19.33
C GLU B 287 0.59 22.79 20.67
N ILE B 288 1.61 22.45 21.46
CA ILE B 288 1.46 21.74 22.73
C ILE B 288 1.87 22.64 23.90
N ASP B 289 0.86 23.11 24.60
CA ASP B 289 1.01 24.17 25.55
C ASP B 289 0.10 23.84 26.75
N ARG B 290 0.40 22.67 27.31
CA ARG B 290 -0.26 22.12 28.48
C ARG B 290 0.76 21.16 29.16
N ALA B 291 1.05 21.44 30.43
CA ALA B 291 2.11 20.72 31.10
C ALA B 291 1.86 19.20 31.11
N ASN B 292 2.95 18.46 30.95
CA ASN B 292 2.94 17.00 31.03
C ASN B 292 2.16 16.25 29.94
N THR B 293 1.95 16.94 28.84
CA THR B 293 1.38 16.34 27.65
C THR B 293 2.36 15.37 27.04
N VAL B 294 1.83 14.18 26.73
CA VAL B 294 2.57 13.12 26.02
C VAL B 294 2.09 13.09 24.56
N ALA B 295 3.03 13.18 23.63
CA ALA B 295 2.75 13.09 22.20
C ALA B 295 3.58 11.95 21.65
N LEU B 296 2.97 10.77 21.67
CA LEU B 296 3.63 9.51 21.32
C LEU B 296 3.22 9.01 19.93
N GLY B 297 4.21 8.80 19.05
CA GLY B 297 3.95 8.22 17.73
C GLY B 297 4.20 6.73 17.68
N LEU B 298 3.34 6.04 16.90
CA LEU B 298 3.50 4.63 16.57
C LEU B 298 3.96 4.46 15.12
N GLY B 299 4.76 3.43 14.86
CA GLY B 299 5.05 3.04 13.50
C GLY B 299 5.57 4.18 12.63
N LEU B 300 6.45 5.02 13.20
CA LEU B 300 7.07 6.16 12.53
C LEU B 300 6.03 7.13 11.92
N ALA B 301 5.02 7.45 12.72
CA ALA B 301 4.06 8.46 12.38
C ALA B 301 4.80 9.72 11.96
N THR B 302 4.33 10.32 10.86
CA THR B 302 5.06 11.41 10.21
C THR B 302 4.17 12.64 10.10
N ILE B 303 4.72 13.83 10.39
CA ILE B 303 4.03 15.09 10.27
C ILE B 303 4.71 15.88 9.16
N ILE B 304 3.93 16.32 8.19
CA ILE B 304 4.43 17.19 7.15
C ILE B 304 3.72 18.54 7.26
N PRO B 305 4.49 19.61 7.52
CA PRO B 305 3.84 20.91 7.52
C PRO B 305 3.80 21.54 6.14
N ASP B 306 2.62 22.00 5.75
CA ASP B 306 2.44 22.62 4.47
C ASP B 306 2.37 24.11 4.61
N ASN B 307 2.39 24.80 3.46
CA ASN B 307 2.29 26.26 3.42
C ASN B 307 3.41 26.97 4.19
N GLY B 308 4.51 26.26 4.39
CA GLY B 308 5.66 26.80 5.09
C GLY B 308 5.54 26.96 6.59
N VAL B 309 4.55 26.32 7.18
CA VAL B 309 4.36 26.48 8.62
C VAL B 309 5.34 25.62 9.41
N THR B 310 5.44 25.93 10.70
CA THR B 310 6.17 25.09 11.63
C THR B 310 5.29 23.89 11.98
N ALA B 311 5.86 22.68 12.08
CA ALA B 311 5.05 21.49 12.31
C ALA B 311 4.74 21.32 13.78
N LEU B 312 5.67 21.69 14.65
CA LEU B 312 5.46 21.47 16.07
C LEU B 312 6.07 22.57 16.92
N LYS B 313 5.26 23.09 17.85
CA LYS B 313 5.69 24.18 18.77
C LYS B 313 5.28 23.90 20.19
N VAL B 314 6.19 23.43 21.04
CA VAL B 314 5.84 23.21 22.46
C VAL B 314 5.96 24.51 23.26
N GLY B 315 5.01 24.72 24.18
CA GLY B 315 5.00 25.94 24.99
C GLY B 315 5.99 25.89 26.16
N ASP B 316 6.05 26.99 26.91
CA ASP B 316 6.99 27.19 28.03
C ASP B 316 6.52 26.46 29.30
N VAL B 317 6.12 25.21 29.12
CA VAL B 317 5.56 24.37 30.18
C VAL B 317 6.51 23.20 30.52
N ASP B 318 6.26 22.61 31.68
CA ASP B 318 7.06 21.52 32.19
C ASP B 318 6.54 20.18 31.66
N GLY B 319 7.43 19.20 31.48
CA GLY B 319 7.01 17.82 31.38
C GLY B 319 6.43 17.27 30.09
N VAL B 320 6.52 18.02 29.02
CA VAL B 320 6.01 17.55 27.74
C VAL B 320 6.94 16.46 27.22
N LYS B 321 6.36 15.38 26.74
CA LYS B 321 7.12 14.26 26.19
C LYS B 321 6.71 13.96 24.76
N VAL B 322 7.58 14.33 23.86
CA VAL B 322 7.37 14.08 22.45
C VAL B 322 8.22 12.87 22.13
N ALA B 323 7.61 11.87 21.51
CA ALA B 323 8.36 10.66 21.23
C ALA B 323 7.85 9.95 19.99
N GLY B 324 8.79 9.50 19.16
CA GLY B 324 8.50 8.60 18.08
C GLY B 324 7.84 9.18 16.85
N LEU B 325 8.25 10.39 16.47
CA LEU B 325 7.71 11.09 15.30
C LEU B 325 8.80 11.44 14.31
N LEU B 326 8.46 11.34 13.02
CA LEU B 326 9.29 11.86 11.94
C LEU B 326 8.62 13.14 11.42
N VAL B 327 9.33 14.25 11.44
CA VAL B 327 8.85 15.50 10.85
C VAL B 327 9.56 15.67 9.51
N ASP B 328 8.79 15.71 8.41
CA ASP B 328 9.31 15.71 7.05
C ASP B 328 8.94 17.03 6.40
N ALA B 329 9.95 17.79 5.97
CA ALA B 329 9.68 19.10 5.41
C ALA B 329 8.81 19.02 4.15
N GLY B 330 7.95 20.02 3.97
CA GLY B 330 7.21 20.21 2.73
C GLY B 330 8.06 20.97 1.72
N PRO B 331 7.63 21.00 0.45
CA PRO B 331 8.50 21.71 -0.50
C PRO B 331 8.55 23.22 -0.33
N VAL B 332 7.53 23.79 0.28
CA VAL B 332 7.59 25.21 0.67
C VAL B 332 8.42 25.37 1.92
N ASN B 333 9.39 26.26 1.83
CA ASN B 333 10.30 26.45 2.97
C ASN B 333 9.62 26.82 4.27
N SER B 334 9.94 26.04 5.30
CA SER B 334 9.53 26.33 6.64
C SER B 334 10.65 27.02 7.39
N GLU B 335 10.28 28.14 7.99
CA GLU B 335 11.11 28.91 8.86
C GLU B 335 11.77 28.07 9.96
N THR B 336 10.92 27.31 10.65
CA THR B 336 11.37 26.28 11.57
C THR B 336 10.51 25.05 11.38
N LEU B 337 11.04 23.86 11.70
CA LEU B 337 10.18 22.68 11.72
C LEU B 337 9.66 22.30 13.12
N VAL B 338 10.49 22.44 14.15
CA VAL B 338 10.12 22.12 15.53
C VAL B 338 10.68 23.17 16.46
N GLU B 339 9.81 23.77 17.28
CA GLU B 339 10.26 24.70 18.33
C GLU B 339 9.93 24.18 19.70
N VAL B 340 10.92 24.18 20.60
CA VAL B 340 10.73 23.73 21.97
C VAL B 340 10.83 24.95 22.84
N GLY B 341 9.68 25.54 23.15
CA GLY B 341 9.62 26.80 23.86
C GLY B 341 9.55 28.02 23.02
N SER B 342 9.01 29.06 23.61
CA SER B 342 8.72 30.28 22.88
C SER B 342 10.03 31.01 22.64
N ASP B 343 10.15 31.75 21.53
CA ASP B 343 11.33 32.59 21.35
C ASP B 343 11.47 33.62 22.48
N GLY B 344 12.35 33.32 23.43
CA GLY B 344 12.54 34.17 24.62
C GLY B 344 12.63 33.58 26.04
N ALA B 345 12.42 32.28 26.20
CA ALA B 345 12.07 31.70 27.53
C ALA B 345 13.14 31.59 28.61
N SER B 346 12.73 32.02 29.82
CA SER B 346 13.58 32.25 30.95
C SER B 346 13.29 31.34 32.15
N GLY B 347 12.21 30.58 32.04
CA GLY B 347 11.82 29.72 33.12
C GLY B 347 12.63 28.46 33.24
N ASP B 348 12.67 27.92 34.47
CA ASP B 348 13.43 26.72 34.77
C ASP B 348 12.48 25.51 34.92
N HIS B 349 12.81 24.36 34.29
CA HIS B 349 11.96 23.15 34.29
C HIS B 349 12.74 21.94 34.86
N ALA B 350 13.54 22.16 35.92
CA ALA B 350 14.53 21.14 36.30
C ALA B 350 13.91 19.85 36.84
N ALA B 351 12.85 19.99 37.66
CA ALA B 351 12.22 18.87 38.35
C ALA B 351 11.23 18.08 37.44
N ASN B 352 11.14 18.47 36.17
CA ASN B 352 10.17 17.88 35.25
C ASN B 352 10.34 18.50 33.85
N PRO B 353 11.45 18.16 33.20
CA PRO B 353 11.77 18.78 31.91
C PRO B 353 10.87 18.30 30.78
N THR B 354 10.91 19.04 29.66
CA THR B 354 10.39 18.58 28.38
C THR B 354 11.44 17.79 27.68
N SER B 355 11.02 16.72 27.01
CA SER B 355 11.95 15.95 26.21
C SER B 355 11.43 15.59 24.81
N LEU B 356 12.38 15.46 23.90
CA LEU B 356 12.17 14.95 22.57
C LEU B 356 12.95 13.63 22.51
N GLN B 357 12.30 12.56 22.09
CA GLN B 357 12.92 11.24 22.03
C GLN B 357 12.49 10.53 20.78
N ASP B 358 13.45 10.00 20.04
CA ASP B 358 13.15 9.40 18.75
C ASP B 358 12.32 10.38 17.91
N VAL B 359 12.75 11.64 17.90
CA VAL B 359 12.22 12.64 16.97
C VAL B 359 13.22 12.73 15.84
N PHE B 360 12.73 12.47 14.63
CA PHE B 360 13.57 12.48 13.46
C PHE B 360 13.08 13.58 12.53
N VAL B 361 14.00 14.22 11.84
CA VAL B 361 13.64 15.27 10.90
C VAL B 361 14.26 14.95 9.58
N ARG B 362 13.48 15.10 8.52
CA ARG B 362 13.98 14.86 7.15
C ARG B 362 13.68 16.10 6.34
N ILE B 363 14.62 16.51 5.51
CA ILE B 363 14.47 17.58 4.57
C ILE B 363 14.81 17.08 3.18
N GLY B 364 13.79 16.82 2.37
CA GLY B 364 14.00 16.27 1.03
C GLY B 364 14.12 14.76 1.03
N GLY B 365 14.22 14.17 -0.15
CA GLY B 365 14.46 12.74 -0.27
C GLY B 365 13.22 12.01 -0.76
N ALA B 366 12.08 12.45 -0.26
CA ALA B 366 10.79 11.95 -0.72
C ALA B 366 10.06 13.02 -1.48
N GLY B 367 10.84 13.76 -2.27
CA GLY B 367 10.37 14.92 -3.02
C GLY B 367 11.02 16.16 -2.41
N PRO B 368 11.00 17.32 -3.10
CA PRO B 368 11.69 18.45 -2.49
C PRO B 368 11.10 18.86 -1.16
N GLY B 369 11.99 19.25 -0.27
CA GLY B 369 11.64 19.81 1.00
C GLY B 369 12.71 20.84 1.36
N LYS B 370 12.29 21.89 2.07
CA LYS B 370 13.21 22.91 2.54
C LYS B 370 12.79 23.46 3.90
N ALA B 371 13.78 23.81 4.72
CA ALA B 371 13.56 24.50 5.97
C ALA B 371 14.80 25.26 6.37
N THR B 372 14.62 26.40 7.02
CA THR B 372 15.76 27.23 7.36
C THR B 372 16.49 26.68 8.61
N THR B 373 15.72 26.47 9.69
CA THR B 373 16.22 25.77 10.88
C THR B 373 15.26 24.63 11.18
N SER B 374 15.79 23.48 11.56
CA SER B 374 14.94 22.30 11.76
C SER B 374 14.40 22.22 13.18
N ILE B 375 15.30 22.14 14.15
CA ILE B 375 14.87 22.19 15.55
C ILE B 375 15.49 23.35 16.31
N VAL B 376 14.60 24.13 16.94
CA VAL B 376 15.00 25.22 17.82
C VAL B 376 14.62 24.84 19.24
N VAL B 377 15.62 24.82 20.11
CA VAL B 377 15.42 24.42 21.50
C VAL B 377 15.60 25.62 22.42
N ASN B 378 14.47 26.21 22.82
CA ASN B 378 14.46 27.39 23.70
C ASN B 378 14.32 27.07 25.20
N SER B 379 13.53 26.07 25.54
CA SER B 379 13.29 25.67 26.94
C SER B 379 14.50 25.23 27.70
N ASN B 380 14.72 25.85 28.86
CA ASN B 380 15.75 25.42 29.76
C ASN B 380 15.47 24.02 30.27
N ASP B 381 16.55 23.26 30.39
CA ASP B 381 16.57 21.93 30.98
C ASP B 381 15.98 20.82 30.08
N THR B 382 15.68 21.16 28.84
CA THR B 382 15.19 20.23 27.84
C THR B 382 16.17 19.07 27.60
N ILE B 383 15.60 17.89 27.46
CA ILE B 383 16.36 16.68 27.11
C ILE B 383 16.07 16.29 25.65
N ILE B 384 17.13 16.08 24.86
CA ILE B 384 17.01 15.56 23.51
C ILE B 384 17.71 14.20 23.57
N ASP B 385 16.91 13.14 23.55
CA ASP B 385 17.42 11.78 23.77
C ASP B 385 17.09 10.97 22.54
N HIS B 386 18.08 10.92 21.66
CA HIS B 386 17.97 10.30 20.34
C HIS B 386 17.23 11.11 19.30
N THR B 387 18.02 11.82 18.53
CA THR B 387 17.47 12.53 17.38
C THR B 387 18.37 12.35 16.16
N TRP B 388 17.74 12.24 14.98
CA TRP B 388 18.41 12.33 13.67
C TRP B 388 17.75 13.44 12.89
N VAL B 389 18.54 14.47 12.60
CA VAL B 389 18.09 15.68 11.91
C VAL B 389 18.91 15.67 10.61
N TRP B 390 18.23 15.36 9.50
CA TRP B 390 18.88 14.89 8.27
C TRP B 390 18.39 15.66 7.05
N ARG B 391 19.29 16.42 6.47
CA ARG B 391 19.07 17.01 5.16
C ARG B 391 19.42 15.93 4.14
N ALA B 392 18.44 15.49 3.36
CA ALA B 392 18.65 14.32 2.52
C ALA B 392 19.82 14.46 1.56
N ASP B 393 20.66 13.43 1.49
CA ASP B 393 21.77 13.38 0.55
C ASP B 393 21.48 12.54 -0.68
N HIS B 394 20.37 11.82 -0.69
CA HIS B 394 19.97 10.96 -1.79
C HIS B 394 18.46 10.88 -1.81
N GLY B 395 17.91 10.29 -2.86
CA GLY B 395 16.47 10.27 -3.07
C GLY B 395 16.02 11.32 -4.06
N GLU B 396 14.73 11.61 -4.07
CA GLU B 396 14.15 12.52 -5.04
C GLU B 396 13.97 13.92 -4.41
N GLY B 397 14.27 14.95 -5.21
CA GLY B 397 14.11 16.32 -4.73
C GLY B 397 15.25 16.75 -3.84
N VAL B 398 16.45 16.38 -4.28
CA VAL B 398 17.67 16.61 -3.56
C VAL B 398 18.61 17.47 -4.44
N GLY B 399 19.26 18.46 -3.80
CA GLY B 399 20.19 19.36 -4.48
C GLY B 399 20.67 20.48 -3.56
N TRP B 400 21.92 20.89 -3.74
CA TRP B 400 22.50 22.01 -2.98
C TRP B 400 21.50 23.12 -2.79
N GLU B 401 20.63 23.29 -3.78
CA GLU B 401 19.58 24.29 -3.73
C GLU B 401 18.14 23.71 -3.62
N THR B 402 17.89 22.60 -4.30
CA THR B 402 16.56 21.99 -4.33
C THR B 402 16.02 21.63 -2.92
N ASN B 403 16.85 21.04 -2.09
CA ASN B 403 16.47 20.79 -0.71
C ASN B 403 17.36 21.52 0.27
N ARG B 404 17.60 22.81 0.03
CA ARG B 404 18.40 23.60 0.98
C ARG B 404 17.84 23.54 2.38
N ALA B 405 18.76 23.43 3.31
CA ALA B 405 18.46 23.59 4.72
C ALA B 405 19.70 24.12 5.41
N ASP B 406 19.67 25.37 5.85
CA ASP B 406 20.91 25.95 6.41
C ASP B 406 21.34 25.36 7.73
N TYR B 407 20.37 25.25 8.64
CA TYR B 407 20.64 24.96 10.02
C TYR B 407 19.88 23.78 10.56
N GLY B 408 20.59 22.90 11.23
CA GLY B 408 19.96 21.70 11.78
C GLY B 408 19.28 21.98 13.11
N VAL B 409 20.11 22.06 14.12
CA VAL B 409 19.65 22.25 15.50
C VAL B 409 20.27 23.50 16.07
N HIS B 410 19.44 24.33 16.71
CA HIS B 410 19.90 25.54 17.42
C HIS B 410 19.42 25.45 18.84
N VAL B 411 20.35 25.30 19.76
CA VAL B 411 20.00 25.25 21.19
C VAL B 411 20.28 26.60 21.84
N LYS B 412 19.20 27.27 22.23
CA LYS B 412 19.25 28.61 22.86
C LYS B 412 19.04 28.54 24.37
N GLY B 413 18.41 27.46 24.84
CA GLY B 413 18.11 27.29 26.26
C GLY B 413 19.30 26.85 27.09
N ASP B 414 19.18 27.00 28.43
CA ASP B 414 20.18 26.63 29.39
C ASP B 414 19.96 25.23 29.95
N ASN B 415 21.06 24.60 30.32
CA ASN B 415 21.04 23.30 30.96
C ASN B 415 20.35 22.23 30.09
N VAL B 416 20.48 22.40 28.78
CA VAL B 416 19.96 21.42 27.82
C VAL B 416 20.92 20.24 27.69
N LEU B 417 20.34 19.03 27.61
CA LEU B 417 21.16 17.82 27.49
C LEU B 417 20.75 17.12 26.21
N ALA B 418 21.73 16.82 25.37
CA ALA B 418 21.53 15.91 24.26
C ALA B 418 22.25 14.60 24.57
N THR B 419 21.57 13.50 24.31
CA THR B 419 22.17 12.17 24.40
C THR B 419 21.84 11.41 23.11
N GLY B 420 22.85 11.12 22.29
CA GLY B 420 22.62 10.47 21.00
C GLY B 420 22.14 11.46 19.96
N LEU B 421 23.00 12.39 19.62
CA LEU B 421 22.70 13.44 18.65
C LEU B 421 23.30 13.13 17.28
N PHE B 422 22.43 12.93 16.28
CA PHE B 422 22.84 12.68 14.89
C PHE B 422 22.29 13.82 14.00
N VAL B 423 23.16 14.59 13.36
CA VAL B 423 22.72 15.71 12.53
C VAL B 423 23.61 15.80 11.31
N GLU B 424 23.01 15.75 10.12
CA GLU B 424 23.85 15.64 8.90
C GLU B 424 23.38 16.47 7.72
N HIS B 425 24.39 17.01 7.01
CA HIS B 425 24.33 17.51 5.65
C HIS B 425 23.78 18.92 5.45
N PHE B 426 23.71 19.74 6.53
CA PHE B 426 23.14 21.06 6.40
C PHE B 426 24.05 22.02 5.60
N ASN B 427 23.45 22.97 4.88
CA ASN B 427 24.23 23.95 4.14
C ASN B 427 25.17 24.78 4.96
N LYS B 428 24.76 25.11 6.18
CA LYS B 428 25.54 25.93 7.10
C LYS B 428 25.79 25.10 8.38
N TYR B 429 25.64 25.68 9.57
CA TYR B 429 25.94 24.95 10.79
C TYR B 429 24.93 23.86 11.08
N ASP B 430 25.39 22.64 11.25
CA ASP B 430 24.46 21.55 11.53
C ASP B 430 23.90 21.77 12.91
N VAL B 431 24.79 22.07 13.85
CA VAL B 431 24.42 22.32 15.23
C VAL B 431 25.08 23.58 15.71
N GLN B 432 24.25 24.43 16.31
CA GLN B 432 24.70 25.66 16.96
C GLN B 432 24.19 25.72 18.36
N TRP B 433 25.07 25.97 19.31
CA TRP B 433 24.71 26.05 20.72
C TRP B 433 25.04 27.44 21.25
N SER B 434 23.98 28.11 21.70
CA SER B 434 23.99 29.48 22.25
C SER B 434 23.72 29.52 23.74
N GLY B 435 23.02 28.52 24.25
CA GLY B 435 22.69 28.48 25.66
C GLY B 435 23.83 28.03 26.56
N GLU B 436 23.68 28.29 27.85
CA GLU B 436 24.69 28.00 28.84
C GLU B 436 24.54 26.59 29.39
N ASN B 437 25.67 26.05 29.85
CA ASN B 437 25.65 24.79 30.59
C ASN B 437 25.11 23.63 29.76
N GLY B 438 25.30 23.68 28.44
CA GLY B 438 24.87 22.59 27.59
C GLY B 438 25.81 21.37 27.68
N LYS B 439 25.24 20.18 27.47
CA LYS B 439 26.02 18.94 27.44
C LYS B 439 25.54 18.09 26.28
N THR B 440 26.49 17.54 25.53
CA THR B 440 26.22 16.53 24.49
C THR B 440 27.02 15.25 24.76
N ILE B 441 26.32 14.14 24.86
CA ILE B 441 26.94 12.83 24.98
C ILE B 441 26.61 12.08 23.69
N PHE B 442 27.66 11.90 22.88
CA PHE B 442 27.60 11.31 21.52
C PHE B 442 27.02 12.24 20.46
N TYR B 443 27.86 12.53 19.45
CA TYR B 443 27.47 13.29 18.24
C TYR B 443 28.05 12.62 16.99
N GLN B 444 27.18 12.42 16.00
CA GLN B 444 27.58 11.97 14.67
C GLN B 444 27.06 12.95 13.65
N ASN B 445 28.00 13.48 12.88
CA ASN B 445 27.72 14.40 11.77
C ASN B 445 28.42 13.93 10.51
N ALA B 446 27.75 14.17 9.38
CA ALA B 446 28.39 14.21 8.07
C ALA B 446 28.02 15.55 7.48
N LYS B 447 28.98 16.16 6.80
CA LYS B 447 28.76 17.46 6.18
C LYS B 447 27.91 17.31 4.93
N ALA B 448 27.51 18.43 4.36
CA ALA B 448 26.84 18.40 3.08
C ALA B 448 27.76 17.70 2.07
N TYR B 449 27.23 16.79 1.26
CA TYR B 449 28.04 16.05 0.27
C TYR B 449 28.07 16.80 -1.05
N ASP B 450 27.12 17.72 -1.24
CA ASP B 450 26.85 18.33 -2.52
C ASP B 450 27.25 19.78 -2.69
N ALA B 451 28.04 20.30 -1.76
CA ALA B 451 28.63 21.60 -2.00
C ALA B 451 29.46 21.58 -3.30
N PRO B 452 29.26 22.59 -4.19
CA PRO B 452 29.84 22.61 -5.54
C PRO B 452 31.19 23.32 -5.64
N ASP B 453 31.51 24.11 -4.62
CA ASP B 453 32.72 24.94 -4.59
C ASP B 453 32.94 25.62 -3.24
N GLN B 454 34.20 25.97 -3.03
CA GLN B 454 34.62 26.52 -1.78
C GLN B 454 33.83 27.79 -1.47
N ALA B 455 33.55 28.59 -2.50
CA ALA B 455 32.76 29.80 -2.36
C ALA B 455 31.47 29.52 -1.60
N ALA B 456 30.83 28.40 -1.95
CA ALA B 456 29.46 28.10 -1.49
C ALA B 456 29.36 27.82 -0.01
N ILE B 457 30.53 27.61 0.63
CA ILE B 457 30.55 27.34 2.06
C ILE B 457 31.48 28.28 2.85
N GLN B 458 31.84 29.41 2.26
CA GLN B 458 32.70 30.35 2.98
C GLN B 458 31.91 30.93 4.17
N ASN B 459 32.63 31.28 5.24
CA ASN B 459 32.00 31.51 6.54
C ASN B 459 32.89 32.41 7.43
N GLY B 460 32.88 33.71 7.14
CA GLY B 460 33.73 34.70 7.78
C GLY B 460 35.22 34.61 7.45
N ASP B 461 35.98 33.98 8.30
CA ASP B 461 37.41 33.95 8.13
C ASP B 461 37.64 32.48 7.77
N ILE B 462 36.52 31.74 7.69
CA ILE B 462 36.51 30.30 7.87
C ILE B 462 36.03 29.60 6.61
N LYS B 463 36.79 28.58 6.21
CA LYS B 463 36.36 27.71 5.14
C LYS B 463 35.34 26.69 5.69
N GLY B 464 34.12 26.76 5.19
CA GLY B 464 33.03 25.88 5.62
C GLY B 464 32.43 26.31 6.95
N TYR B 465 31.33 25.68 7.32
CA TYR B 465 30.67 25.87 8.62
C TYR B 465 30.89 24.67 9.54
N ALA B 466 31.20 24.91 10.80
CA ALA B 466 31.32 23.81 11.77
C ALA B 466 30.09 22.91 11.81
N ALA B 467 30.32 21.62 12.00
CA ALA B 467 29.24 20.70 12.33
C ALA B 467 28.63 21.00 13.70
N TYR B 468 29.42 21.56 14.59
CA TYR B 468 29.00 21.81 15.96
C TYR B 468 29.74 23.04 16.44
N LYS B 469 28.97 24.14 16.56
CA LYS B 469 29.49 25.41 16.98
C LYS B 469 28.91 25.86 18.30
N VAL B 470 29.79 26.08 19.26
CA VAL B 470 29.45 26.75 20.51
C VAL B 470 29.72 28.25 20.37
N ASP B 471 28.71 29.07 20.69
CA ASP B 471 28.88 30.55 20.64
C ASP B 471 30.05 31.05 21.51
N ASP B 472 30.69 32.13 21.06
CA ASP B 472 31.69 32.85 21.86
C ASP B 472 31.13 33.41 23.19
N SER B 473 29.86 33.80 23.21
CA SER B 473 29.16 34.27 24.44
C SER B 473 29.23 33.22 25.55
N VAL B 474 29.25 31.95 25.16
CA VAL B 474 29.10 30.86 26.11
C VAL B 474 30.25 30.67 27.14
N THR B 475 29.87 30.50 28.41
CA THR B 475 30.80 30.28 29.53
C THR B 475 31.07 28.80 29.88
N THR B 476 29.99 28.00 29.82
CA THR B 476 30.05 26.60 30.23
C THR B 476 29.43 25.71 29.12
N HIS B 477 30.14 24.65 28.74
CA HIS B 477 29.64 23.66 27.78
C HIS B 477 30.51 22.41 27.92
N GLU B 478 29.95 21.24 27.65
CA GLU B 478 30.77 20.03 27.64
C GLU B 478 30.21 19.00 26.65
N GLY B 479 31.09 18.37 25.88
CA GLY B 479 30.67 17.42 24.88
C GLY B 479 31.61 16.21 24.92
N TRP B 480 31.04 15.04 24.65
CA TRP B 480 31.79 13.77 24.74
C TRP B 480 31.49 12.89 23.52
N GLY B 481 32.54 12.38 22.88
CA GLY B 481 32.33 11.38 21.83
C GLY B 481 31.69 11.90 20.57
N MET B 482 32.42 12.78 19.89
CA MET B 482 31.85 13.57 18.84
C MET B 482 32.64 13.48 17.55
N GLY B 483 31.93 13.19 16.46
CA GLY B 483 32.59 13.09 15.15
C GLY B 483 31.88 13.82 14.02
N SER B 484 32.68 14.34 13.09
CA SER B 484 32.20 14.91 11.85
C SER B 484 32.94 14.29 10.65
N TYR B 485 32.19 13.84 9.65
CA TYR B 485 32.77 13.21 8.46
C TYR B 485 32.44 14.04 7.22
N CYS B 486 33.36 14.04 6.24
CA CYS B 486 33.08 14.71 4.96
C CYS B 486 33.20 13.81 3.76
N TYR B 487 32.41 14.14 2.75
CA TYR B 487 32.40 13.46 1.45
C TYR B 487 31.90 14.42 0.40
N PHE B 488 32.81 15.28 -0.01
CA PHE B 488 32.49 16.32 -0.97
C PHE B 488 32.69 15.72 -2.35
N ASN B 489 31.76 14.86 -2.73
CA ASN B 489 31.97 14.02 -3.92
C ASN B 489 31.60 14.82 -5.14
N VAL B 490 30.81 15.88 -4.95
CA VAL B 490 30.62 16.82 -6.05
C VAL B 490 31.93 17.47 -6.44
N ASN B 491 32.67 17.98 -5.45
CA ASN B 491 33.93 18.69 -5.73
C ASN B 491 34.93 18.39 -4.64
N PRO B 492 35.76 17.35 -4.87
CA PRO B 492 36.61 16.78 -3.82
C PRO B 492 37.85 17.56 -3.51
N ASP B 493 37.94 18.80 -4.02
CA ASP B 493 39.09 19.65 -3.76
C ASP B 493 38.73 20.72 -2.70
N ILE B 494 37.47 20.67 -2.22
CA ILE B 494 37.01 21.50 -1.13
C ILE B 494 37.73 21.15 0.18
N ARG B 495 37.80 22.14 1.04
CA ARG B 495 38.41 22.03 2.34
C ARG B 495 37.44 22.53 3.39
N GLN B 496 37.25 21.72 4.44
CA GLN B 496 36.45 22.06 5.60
C GLN B 496 37.43 22.45 6.69
N GLN B 497 37.35 23.65 7.22
CA GLN B 497 38.40 24.05 8.17
C GLN B 497 38.40 23.22 9.43
N HIS B 498 37.21 22.92 9.94
CA HIS B 498 37.09 22.15 11.17
C HIS B 498 35.72 21.51 11.31
N GLY B 499 35.63 20.50 12.18
CA GLY B 499 34.36 19.88 12.53
C GLY B 499 33.63 20.66 13.61
N PHE B 500 34.42 21.26 14.48
CA PHE B 500 33.95 21.87 15.73
C PHE B 500 34.53 23.27 15.89
N GLN B 501 33.75 24.16 16.50
CA GLN B 501 34.16 25.51 16.83
C GLN B 501 33.62 25.94 18.19
N ALA B 502 34.48 26.53 19.00
CA ALA B 502 34.14 26.88 20.36
C ALA B 502 35.13 27.87 20.93
N PRO B 503 34.69 28.67 21.92
CA PRO B 503 35.69 29.43 22.68
C PRO B 503 36.60 28.61 23.58
N VAL B 504 37.70 29.23 24.02
CA VAL B 504 38.59 28.65 25.03
C VAL B 504 38.32 29.30 26.40
N LYS B 505 37.80 28.51 27.32
CA LYS B 505 37.26 29.03 28.55
C LYS B 505 37.38 27.87 29.49
N PRO B 506 37.71 28.13 30.76
CA PRO B 506 37.82 26.96 31.66
C PRO B 506 36.58 26.09 31.67
N GLY B 507 35.41 26.69 31.45
CA GLY B 507 34.16 25.94 31.60
C GLY B 507 33.67 25.34 30.28
N VAL B 508 34.41 25.51 29.17
CA VAL B 508 34.07 24.85 27.87
C VAL B 508 35.09 23.75 27.60
N LYS B 509 34.61 22.53 27.52
CA LYS B 509 35.47 21.37 27.41
C LYS B 509 34.89 20.33 26.46
N PHE B 510 35.75 19.78 25.63
CA PHE B 510 35.40 18.63 24.80
C PHE B 510 36.26 17.41 25.13
N HIS B 511 35.72 16.23 24.87
CA HIS B 511 36.40 14.97 25.10
C HIS B 511 36.17 14.07 23.92
N ASP B 512 37.25 13.59 23.29
CA ASP B 512 37.19 12.58 22.25
C ASP B 512 36.47 13.08 21.00
N LEU B 513 37.17 13.98 20.30
CA LEU B 513 36.73 14.57 19.04
C LEU B 513 37.46 13.87 17.88
N LEU B 514 36.73 13.63 16.79
CA LEU B 514 37.34 13.14 15.57
C LEU B 514 36.75 13.86 14.36
N VAL B 515 37.57 13.99 13.32
CA VAL B 515 37.04 14.27 11.99
C VAL B 515 37.61 13.28 10.98
N VAL B 516 36.85 13.01 9.90
CA VAL B 516 37.24 11.95 8.97
C VAL B 516 36.82 12.32 7.54
N SER B 517 37.76 12.23 6.60
CA SER B 517 37.44 12.31 5.18
C SER B 517 37.12 10.93 4.64
N LEU B 518 35.95 10.76 4.07
CA LEU B 518 35.59 9.48 3.46
C LEU B 518 36.17 9.32 2.04
N GLY B 519 37.29 8.61 1.87
CA GLY B 519 37.80 8.37 0.54
C GLY B 519 38.52 9.57 -0.06
N GLY B 520 39.00 10.50 0.77
CA GLY B 520 39.68 11.69 0.28
C GLY B 520 38.84 12.67 -0.52
N LYS B 521 37.53 12.54 -0.35
CA LYS B 521 36.59 13.44 -1.00
C LYS B 521 36.47 14.72 -0.18
N GLY B 522 37.36 15.64 -0.45
CA GLY B 522 37.58 16.75 0.42
C GLY B 522 38.51 16.35 1.55
N GLN B 523 38.91 17.35 2.33
CA GLN B 523 39.67 17.14 3.54
C GLN B 523 39.34 18.21 4.58
N TYR B 524 39.54 17.84 5.83
CA TYR B 524 39.51 18.79 6.96
C TYR B 524 40.87 19.43 7.17
N GLU B 525 40.95 20.72 7.49
CA GLU B 525 42.25 21.35 7.84
C GLU B 525 42.62 21.14 9.32
N HIS B 526 41.60 21.02 10.16
CA HIS B 526 41.77 20.86 11.62
C HIS B 526 40.58 20.09 12.17
N VAL B 527 40.65 19.77 13.46
CA VAL B 527 39.53 19.10 14.15
C VAL B 527 38.56 20.10 14.77
N ILE B 528 39.09 21.00 15.60
CA ILE B 528 38.30 22.03 16.28
C ILE B 528 39.03 23.37 16.20
N ASN B 529 38.30 24.45 15.90
CA ASN B 529 38.91 25.75 15.70
C ASN B 529 40.06 25.58 14.68
N ASP B 530 41.31 25.90 15.07
CA ASP B 530 42.49 25.66 14.23
C ASP B 530 43.42 24.69 14.92
N ILE B 531 42.85 23.86 15.79
CA ILE B 531 43.57 22.78 16.47
C ILE B 531 43.19 21.45 15.88
N GLY B 532 44.17 20.58 15.80
CA GLY B 532 44.00 19.22 15.28
C GLY B 532 44.71 19.10 13.94
N ASP B 533 45.16 17.87 13.67
CA ASP B 533 45.79 17.58 12.41
C ASP B 533 44.73 17.65 11.31
N PRO B 534 45.12 18.12 10.12
CA PRO B 534 44.25 17.93 8.96
C PRO B 534 44.13 16.44 8.67
N THR B 535 43.09 16.08 7.94
CA THR B 535 42.99 14.74 7.38
C THR B 535 43.79 14.67 6.09
N SER B 536 44.35 13.48 5.84
CA SER B 536 45.30 13.24 4.79
C SER B 536 44.98 11.99 3.99
N GLY B 537 45.33 11.98 2.70
CA GLY B 537 45.22 10.77 1.87
C GLY B 537 43.77 10.40 1.47
N ASP B 538 43.61 9.19 0.90
CA ASP B 538 42.29 8.57 0.64
C ASP B 538 41.96 7.35 1.51
N THR B 539 42.59 7.21 2.67
CA THR B 539 42.35 6.01 3.52
C THR B 539 41.38 6.10 4.74
N THR B 540 40.61 7.16 4.78
CA THR B 540 39.60 7.42 5.87
C THR B 540 40.18 7.11 7.25
N ILE B 541 41.39 7.61 7.45
CA ILE B 541 42.02 7.70 8.77
C ILE B 541 41.49 8.89 9.54
N PRO B 542 40.92 8.66 10.73
CA PRO B 542 40.44 9.80 11.49
C PRO B 542 41.56 10.68 12.00
N SER B 543 41.27 11.98 12.09
CA SER B 543 42.15 12.91 12.80
C SER B 543 41.48 13.18 14.13
N GLN B 544 42.22 12.94 15.22
CA GLN B 544 41.60 12.88 16.55
C GLN B 544 42.15 13.94 17.52
N VAL B 545 41.28 14.38 18.43
CA VAL B 545 41.72 15.18 19.60
C VAL B 545 41.11 14.55 20.88
N VAL B 546 41.96 14.17 21.83
CA VAL B 546 41.46 13.54 23.06
C VAL B 546 40.75 14.56 23.99
N SER B 547 41.42 15.69 24.22
CA SER B 547 40.92 16.72 25.13
C SER B 547 41.09 18.08 24.46
N PHE B 548 40.05 18.88 24.51
CA PHE B 548 40.13 20.25 24.06
C PHE B 548 39.49 21.08 25.15
N PRO B 549 40.15 22.20 25.54
CA PRO B 549 41.42 22.67 24.90
C PRO B 549 42.69 21.83 25.13
C2 BGC C . 1.32 -27.78 -25.29
C3 BGC C . 1.30 -26.85 -24.20
C4 BGC C . 0.70 -27.47 -22.97
C5 BGC C . 1.27 -28.85 -22.69
C6 BGC C . 0.50 -29.58 -21.63
C1 BGC C . 2.09 -29.01 -24.90
O1 BGC C . 2.23 -29.80 -25.93
O2 BGC C . 1.88 -27.24 -26.50
O3 BGC C . 0.62 -25.60 -24.68
O4 BGC C . 0.95 -26.72 -21.81
O5 BGC C . 1.35 -29.68 -23.83
O6 BGC C . 1.17 -30.61 -20.94
C2 BGC C . 0.58 -23.25 -24.86
C3 BGC C . 1.21 -21.98 -24.45
C4 BGC C . 1.42 -21.89 -23.01
C5 BGC C . 2.09 -23.15 -22.49
C6 BGC C . 2.15 -23.06 -21.03
C1 BGC C . 1.31 -24.45 -24.33
O2 BGC C . 0.51 -23.36 -26.27
O3 BGC C . 0.25 -20.95 -24.90
O4 BGC C . 2.28 -20.79 -22.64
O5 BGC C . 1.38 -24.34 -22.90
O6 BGC C . 3.31 -23.47 -20.39
C2 BGC C . -0.15 -18.78 -25.86
C3 BGC C . 0.45 -17.66 -26.60
C4 BGC C . 1.60 -17.13 -25.86
C5 BGC C . 2.59 -18.23 -25.56
C6 BGC C . 3.74 -17.70 -24.79
C1 BGC C . 0.88 -19.90 -25.63
O2 BGC C . -1.26 -19.32 -26.58
O3 BGC C . -0.54 -16.57 -26.59
O4 BGC C . 2.27 -16.08 -26.56
O5 BGC C . 1.93 -19.31 -24.84
O6 BGC C . 4.14 -18.53 -23.73
C2 BGC C . -2.06 -15.15 -27.77
C3 BGC C . -2.33 -14.45 -29.07
C4 BGC C . -1.07 -13.90 -29.66
C5 BGC C . -0.04 -15.03 -29.79
C6 BGC C . 1.32 -14.58 -30.31
C1 BGC C . -0.96 -16.19 -27.88
O2 BGC C . -3.22 -15.78 -27.28
O3 BGC C . -3.23 -13.36 -28.78
O4 BGC C . -1.27 -13.35 -30.92
O5 BGC C . 0.22 -15.61 -28.51
O6 BGC C . 2.18 -15.68 -30.44
C2 BGC C . -5.36 -12.28 -28.89
C3 BGC C . -6.40 -11.68 -29.77
C4 BGC C . -5.78 -11.07 -30.96
C5 BGC C . -4.87 -12.03 -31.68
C6 BGC C . -4.15 -11.32 -32.81
C1 BGC C . -4.34 -13.15 -29.62
O2 BGC C . -5.96 -13.10 -27.92
O3 BGC C . -7.08 -10.59 -29.01
O4 BGC C . -6.77 -10.56 -31.81
O5 BGC C . -3.81 -12.42 -30.78
O6 BGC C . -3.13 -12.01 -33.46
C2 BGC C . -9.16 -9.68 -28.19
C3 BGC C . -10.65 -9.81 -28.33
C4 BGC C . -10.98 -9.90 -29.73
C5 BGC C . -10.37 -11.13 -30.36
C6 BGC C . -10.63 -10.98 -31.83
C1 BGC C . -8.46 -10.87 -28.85
O2 BGC C . -8.78 -9.56 -26.84
O3 BGC C . -11.47 -8.66 -27.84
O4 BGC C . -12.42 -9.91 -29.98
O5 BGC C . -8.92 -11.10 -30.20
O6 BGC C . -9.90 -11.79 -32.61
C2 BGC D . -5.38 -32.58 -30.30
C3 BGC D . -5.63 -31.68 -31.40
C4 BGC D . -4.43 -30.95 -31.89
C5 BGC D . -3.21 -31.84 -32.06
C6 BGC D . -1.99 -31.01 -32.20
C1 BGC D . -4.23 -33.51 -30.57
O1 BGC D . -3.98 -34.23 -29.48
O2 BGC D . -6.54 -33.34 -29.94
O3 BGC D . -6.66 -30.75 -30.91
O4 BGC D . -4.65 -30.26 -33.10
O5 BGC D . -3.03 -32.76 -30.96
O6 BGC D . -1.35 -30.59 -31.03
C2 BGC D . -8.85 -29.98 -31.47
C3 BGC D . -9.74 -29.29 -32.47
C4 BGC D . -9.08 -28.10 -33.06
C5 BGC D . -7.62 -28.36 -33.46
C6 BGC D . -7.00 -27.22 -34.10
C1 BGC D . -7.37 -30.16 -31.92
O2 BGC D . -9.32 -31.25 -31.08
O3 BGC D . -11.07 -28.95 -31.98
O4 BGC D . -9.73 -27.71 -34.25
O5 BGC D . -6.79 -28.89 -32.38
O6 BGC D . -6.03 -27.58 -35.00
C2 BGC D . -12.90 -29.87 -30.71
C3 BGC D . -14.18 -30.61 -30.79
C4 BGC D . -14.99 -30.30 -31.98
C5 BGC D . -14.18 -30.39 -33.26
C6 BGC D . -14.97 -29.90 -34.46
C1 BGC D . -12.06 -29.92 -31.98
O2 BGC D . -12.15 -30.37 -29.63
O3 BGC D . -14.91 -30.39 -29.54
O4 BGC D . -16.12 -31.16 -32.10
O5 BGC D . -12.88 -29.73 -33.19
O6 BGC D . -14.31 -29.90 -35.67
C2 BGC D . -15.51 -31.27 -27.40
C3 BGC D . -16.25 -32.37 -26.80
C4 BGC D . -17.51 -32.46 -27.54
C5 BGC D . -17.21 -33.00 -28.94
C6 BGC D . -18.38 -33.32 -29.79
C1 BGC D . -15.28 -31.54 -28.89
O2 BGC D . -14.24 -31.05 -26.76
O3 BGC D . -16.53 -32.18 -25.39
O4 BGC D . -18.30 -33.39 -26.84
O5 BGC D . -16.50 -31.97 -29.59
O6 BGC D . -19.48 -32.49 -29.78
C2 BGC D . -15.10 -32.12 -23.42
C3 BGC D . -14.34 -32.94 -22.49
C4 BGC D . -15.06 -34.15 -22.02
C5 BGC D . -15.60 -34.93 -23.20
C6 BGC D . -16.39 -36.17 -22.85
C1 BGC D . -15.68 -32.94 -24.57
O2 BGC D . -14.27 -31.08 -23.97
O3 BGC D . -13.88 -32.10 -21.41
O4 BGC D . -14.23 -35.00 -21.20
O5 BGC D . -16.41 -34.07 -24.02
O6 BGC D . -17.18 -36.23 -21.67
C2 BGC E . 36.03 -8.86 8.34
C3 BGC E . 36.06 -8.07 9.54
C4 BGC E . 35.43 -8.78 10.66
C5 BGC E . 35.94 -10.23 10.76
C6 BGC E . 35.16 -11.05 11.73
C1 BGC E . 36.64 -10.23 8.53
O1 BGC E . 36.62 -10.91 7.40
O2 BGC E . 36.63 -8.27 7.18
O3 BGC E . 35.31 -6.80 9.31
O4 BGC E . 35.63 -8.10 11.87
O5 BGC E . 35.79 -10.90 9.52
O6 BGC E . 35.57 -12.40 11.77
C2 BGC E . 35.18 -4.48 9.13
C3 BGC E . 35.80 -3.20 9.48
C4 BGC E . 36.15 -3.10 10.89
C5 BGC E . 36.83 -4.37 11.36
C6 BGC E . 37.11 -4.41 12.81
C1 BGC E . 35.98 -5.66 9.62
O2 BGC E . 35.05 -4.58 7.71
O3 BGC E . 34.83 -2.17 9.08
O4 BGC E . 37.09 -2.03 11.16
O5 BGC E . 36.08 -5.55 11.04
O6 BGC E . 37.65 -5.66 13.23
C2 BGC E . 34.37 -0.03 8.01
C3 BGC E . 35.00 1.10 7.29
C4 BGC E . 36.15 1.67 8.03
C5 BGC E . 37.09 0.54 8.42
C6 BGC E . 38.24 1.04 9.20
C1 BGC E . 35.38 -1.11 8.35
O2 BGC E . 33.31 -0.62 7.22
O3 BGC E . 33.98 2.14 7.17
O4 BGC E . 36.93 2.60 7.22
O5 BGC E . 36.40 -0.50 9.18
O6 BGC E . 39.18 0.00 9.34
C2 BGC E . 32.45 3.54 6.03
C3 BGC E . 32.14 4.24 4.75
C4 BGC E . 33.39 4.70 4.03
C5 BGC E . 34.40 3.57 3.93
C6 BGC E . 35.69 3.99 3.23
C1 BGC E . 33.57 2.52 5.91
O2 BGC E . 31.31 2.93 6.66
O3 BGC E . 31.35 5.38 5.15
O4 BGC E . 33.10 5.19 2.73
O5 BGC E . 34.71 3.15 5.25
O6 BGC E . 36.56 2.86 3.07
C2 BGC E . 29.29 6.65 5.07
C3 BGC E . 28.23 7.16 4.15
C4 BGC E . 28.83 7.76 2.94
C5 BGC E . 29.72 6.74 2.25
C6 BGC E . 30.39 7.27 1.00
C1 BGC E . 30.27 5.76 4.32
O2 BGC E . 28.68 5.89 6.10
O3 BGC E . 27.43 8.20 4.86
O4 BGC E . 27.82 8.22 2.09
O5 BGC E . 30.80 6.48 3.17
O6 BGC E . 30.87 6.27 0.12
C2 BGC E . 25.39 9.04 5.75
C3 BGC E . 23.92 8.99 5.58
C4 BGC E . 23.56 8.78 4.20
C5 BGC E . 24.14 7.43 3.74
C6 BGC E . 23.93 7.09 2.31
C1 BGC E . 26.09 7.86 5.09
O2 BGC E . 25.73 9.13 7.13
O3 BGC E . 23.33 10.29 5.96
O4 BGC E . 22.13 8.81 4.01
O5 BGC E . 25.57 7.56 3.80
O6 BGC E . 24.60 7.97 1.45
C2 BGC F . 28.85 -13.95 3.61
C3 BGC F . 28.72 -13.01 2.53
C4 BGC F . 29.96 -12.26 2.27
C5 BGC F . 31.15 -13.20 2.11
C6 BGC F . 32.43 -12.45 2.08
C1 BGC F . 29.97 -14.93 3.33
O1 BGC F . 30.11 -15.79 4.36
O2 BGC F . 27.61 -14.65 3.82
O3 BGC F . 27.60 -12.12 2.88
O4 BGC F . 29.88 -11.43 1.15
O5 BGC F . 31.22 -14.19 3.13
O6 BGC F . 33.30 -12.76 1.03
C2 BGC F . 25.44 -11.40 2.34
C3 BGC F . 24.54 -10.68 1.38
C4 BGC F . 25.23 -9.51 0.76
C5 BGC F . 26.65 -9.79 0.28
C6 BGC F . 27.34 -8.58 -0.10
C1 BGC F . 26.87 -11.67 1.84
O2 BGC F . 24.85 -12.58 2.87
O3 BGC F . 23.30 -10.22 2.00
O4 BGC F . 24.46 -9.02 -0.33
O5 BGC F . 27.50 -10.48 1.25
O6 BGC F . 28.53 -8.84 -0.76
C2 BGC F . 21.45 -11.07 3.27
C3 BGC F . 20.28 -11.98 3.20
C4 BGC F . 19.44 -11.70 2.02
C5 BGC F . 20.26 -11.71 0.72
C6 BGC F . 19.43 -11.27 -0.48
C1 BGC F . 22.28 -11.13 2.00
O2 BGC F . 22.27 -11.37 4.36
O3 BGC F . 19.53 -11.77 4.43
O4 BGC F . 18.40 -12.63 1.90
O5 BGC F . 21.45 -10.89 0.82
O6 BGC F . 18.74 -10.08 -0.38
C2 BGC F . 18.83 -12.66 6.51
C3 BGC F . 18.11 -13.80 7.14
C4 BGC F . 16.81 -14.02 6.44
C5 BGC F . 17.10 -14.29 4.97
C6 BGC F . 15.94 -14.58 4.10
C1 BGC F . 19.03 -12.88 5.03
O2 BGC F . 20.10 -12.33 7.15
O3 BGC F . 17.88 -13.48 8.54
O4 BGC F . 16.07 -15.10 7.07
O5 BGC F . 17.73 -13.16 4.38
O6 BGC F . 14.79 -14.89 4.80
C2 BGC F . 19.22 -13.29 10.55
C3 BGC F . 20.00 -14.13 11.46
C4 BGC F . 19.32 -15.36 11.92
C5 BGC F . 18.85 -16.14 10.73
C6 BGC F . 18.14 -17.41 11.02
C1 BGC F . 18.68 -14.16 9.44
O2 BGC F . 20.07 -12.28 9.97
O3 BGC F . 20.60 -13.36 12.55
O4 BGC F . 20.19 -16.16 12.71
O5 BGC F . 17.97 -15.26 10.02
O6 BGC F . 17.48 -18.07 9.96
C1 EDO G . -4.20 3.95 -29.15
O1 EDO G . -3.74 5.07 -28.39
C2 EDO G . -5.67 4.14 -29.53
O2 EDO G . -6.48 4.39 -28.38
H11 EDO G . -3.59 3.85 -30.05
H12 EDO G . -4.08 3.04 -28.57
HO1 EDO G . -2.81 4.94 -28.17
H21 EDO G . -6.03 3.23 -30.05
H22 EDO G . -5.76 4.98 -30.23
HO2 EDO G . -7.41 4.22 -28.61
C1 EDO H . 29.91 22.64 4.25
O1 EDO H . 30.65 23.08 5.41
C2 EDO H . 28.39 22.95 4.32
O2 EDO H . 28.04 23.15 5.69
H11 EDO H . 30.03 21.57 4.14
H12 EDO H . 30.32 23.13 3.37
HO1 EDO H . 31.59 22.99 5.24
H21 EDO H . 27.82 22.11 3.93
H22 EDO H . 28.12 23.83 3.73
HO2 EDO H . 27.09 23.02 5.80
N GLU A 1 -52.17 -3.52 -13.38
CA GLU A 1 -50.80 -3.44 -12.84
C GLU A 1 -49.86 -4.66 -13.15
N VAL A 2 -48.59 -4.47 -12.83
CA VAL A 2 -47.50 -5.23 -13.40
C VAL A 2 -47.41 -6.63 -12.84
N VAL A 3 -48.50 -7.09 -12.25
CA VAL A 3 -48.40 -7.91 -11.04
C VAL A 3 -47.15 -8.75 -11.07
N GLY A 4 -46.35 -8.64 -10.03
CA GLY A 4 -45.08 -9.26 -10.15
C GLY A 4 -45.18 -10.74 -10.47
N GLY A 5 -44.08 -11.30 -10.96
CA GLY A 5 -43.84 -12.73 -11.02
C GLY A 5 -44.35 -13.37 -12.32
N GLY A 6 -44.48 -14.69 -12.30
CA GLY A 6 -45.16 -15.41 -13.36
C GLY A 6 -44.19 -15.95 -14.40
N ASP A 7 -44.68 -16.05 -15.65
CA ASP A 7 -44.00 -16.77 -16.73
C ASP A 7 -42.64 -16.25 -17.26
N LEU A 8 -41.65 -17.13 -17.14
CA LEU A 8 -40.31 -16.87 -17.63
C LEU A 8 -40.23 -17.03 -19.16
N GLY A 9 -41.31 -17.52 -19.75
CA GLY A 9 -41.37 -17.63 -21.19
C GLY A 9 -40.51 -18.73 -21.81
N PRO A 10 -40.58 -18.85 -23.13
CA PRO A 10 -40.09 -20.02 -23.88
C PRO A 10 -38.56 -20.12 -23.95
N ASN A 11 -37.89 -19.10 -23.46
CA ASN A 11 -36.44 -18.99 -23.63
C ASN A 11 -35.69 -19.29 -22.35
N VAL A 12 -36.44 -19.58 -21.29
CA VAL A 12 -35.90 -20.18 -20.07
C VAL A 12 -36.38 -21.61 -20.09
N LEU A 13 -35.39 -22.51 -20.21
CA LEU A 13 -35.61 -23.93 -20.36
C LEU A 13 -35.39 -24.57 -18.96
N VAL A 14 -36.47 -25.09 -18.35
CA VAL A 14 -36.43 -25.58 -16.97
C VAL A 14 -36.45 -27.12 -17.00
N PHE A 15 -35.27 -27.69 -16.83
CA PHE A 15 -35.09 -29.14 -16.75
C PHE A 15 -35.38 -29.72 -15.38
N ASP A 16 -35.91 -30.94 -15.37
CA ASP A 16 -35.82 -31.73 -14.17
C ASP A 16 -35.26 -33.11 -14.51
N PRO A 17 -34.89 -33.86 -13.47
CA PRO A 17 -34.22 -35.14 -13.71
C PRO A 17 -35.14 -36.06 -14.50
N SER A 18 -36.46 -35.87 -14.35
CA SER A 18 -37.48 -36.58 -15.13
C SER A 18 -37.77 -36.02 -16.52
N THR A 19 -37.11 -34.94 -16.93
CA THR A 19 -37.27 -34.38 -18.28
C THR A 19 -36.81 -35.33 -19.39
N PRO A 20 -37.74 -35.79 -20.23
CA PRO A 20 -37.25 -36.67 -21.30
C PRO A 20 -36.33 -35.99 -22.29
N ASP A 21 -35.17 -36.59 -22.51
CA ASP A 21 -34.31 -36.22 -23.62
C ASP A 21 -33.45 -35.00 -23.33
N ILE A 22 -33.30 -34.65 -22.03
CA ILE A 22 -32.50 -33.46 -21.63
C ILE A 22 -31.27 -33.28 -22.50
N GLN A 23 -30.56 -34.37 -22.69
CA GLN A 23 -29.35 -34.29 -23.48
C GLN A 23 -29.69 -33.77 -24.88
N GLY A 24 -30.66 -34.40 -25.55
CA GLY A 24 -31.07 -33.95 -26.86
C GLY A 24 -31.47 -32.47 -26.90
N LYS A 25 -32.09 -31.99 -25.82
CA LYS A 25 -32.62 -30.62 -25.81
C LYS A 25 -31.49 -29.61 -25.65
N VAL A 26 -30.55 -29.93 -24.80
CA VAL A 26 -29.44 -29.01 -24.59
C VAL A 26 -28.60 -29.01 -25.89
N ASP A 27 -28.50 -30.16 -26.58
CA ASP A 27 -27.77 -30.25 -27.86
C ASP A 27 -28.36 -29.47 -29.01
N GLU A 28 -29.67 -29.46 -29.15
CA GLU A 28 -30.23 -28.68 -30.24
C GLU A 28 -29.98 -27.19 -29.94
N VAL A 29 -29.97 -26.78 -28.67
CA VAL A 29 -29.63 -25.37 -28.35
C VAL A 29 -28.17 -25.07 -28.75
N PHE A 30 -27.24 -25.93 -28.33
CA PHE A 30 -25.83 -25.75 -28.67
C PHE A 30 -25.67 -25.65 -30.16
N ARG A 31 -26.37 -26.54 -30.87
CA ARG A 31 -26.31 -26.61 -32.32
C ARG A 31 -26.55 -25.22 -32.90
N LYS A 32 -27.68 -24.65 -32.46
CA LYS A 32 -28.13 -23.31 -32.89
C LYS A 32 -27.16 -22.21 -32.44
N GLN A 33 -26.60 -22.34 -31.24
CA GLN A 33 -25.78 -21.26 -30.64
C GLN A 33 -24.26 -21.38 -30.79
N GLU A 34 -23.77 -22.53 -31.26
CA GLU A 34 -22.35 -22.79 -31.32
C GLU A 34 -21.58 -21.65 -32.01
N SER A 35 -22.04 -21.25 -33.18
CA SER A 35 -21.31 -20.29 -34.00
C SER A 35 -22.02 -18.97 -34.18
N ASN A 36 -23.12 -18.77 -33.46
CA ASN A 36 -23.96 -17.59 -33.70
C ASN A 36 -23.52 -16.42 -32.81
N GLN A 37 -22.38 -15.87 -33.21
CA GLN A 37 -21.66 -14.94 -32.37
C GLN A 37 -22.46 -13.65 -32.16
N PHE A 38 -23.21 -13.25 -33.17
CA PHE A 38 -23.85 -11.94 -33.19
C PHE A 38 -25.40 -11.98 -33.34
N GLY A 39 -25.99 -13.15 -33.31
CA GLY A 39 -27.44 -13.25 -33.51
C GLY A 39 -28.16 -12.85 -32.25
N THR A 40 -29.48 -12.78 -32.33
CA THR A 40 -30.31 -12.31 -31.27
C THR A 40 -30.97 -13.43 -30.45
N ASP A 41 -30.75 -14.70 -30.81
CA ASP A 41 -31.19 -15.78 -29.94
C ASP A 41 -30.56 -15.68 -28.55
N ARG A 42 -31.36 -16.01 -27.53
CA ARG A 42 -30.93 -15.98 -26.13
C ARG A 42 -31.56 -17.15 -25.38
N TYR A 43 -30.77 -17.83 -24.55
CA TYR A 43 -31.26 -18.97 -23.76
C TYR A 43 -30.70 -19.06 -22.36
N ALA A 44 -31.55 -19.43 -21.42
CA ALA A 44 -31.14 -19.74 -20.06
C ALA A 44 -31.62 -21.15 -19.82
N LEU A 45 -30.69 -22.01 -19.41
CA LEU A 45 -30.99 -23.41 -19.12
C LEU A 45 -30.91 -23.56 -17.59
N MET A 46 -32.02 -23.90 -16.92
CA MET A 46 -32.09 -23.85 -15.47
C MET A 46 -32.31 -25.30 -15.04
N PHE A 47 -31.59 -25.78 -14.03
CA PHE A 47 -31.76 -27.16 -13.56
C PHE A 47 -32.26 -27.21 -12.12
N LYS A 48 -33.43 -27.83 -11.94
CA LYS A 48 -33.99 -28.01 -10.60
C LYS A 48 -33.07 -28.91 -9.76
N PRO A 49 -33.08 -28.74 -8.43
CA PRO A 49 -32.23 -29.56 -7.56
C PRO A 49 -32.44 -31.06 -7.81
N GLY A 50 -31.35 -31.78 -7.84
CA GLY A 50 -31.35 -33.21 -8.16
C GLY A 50 -29.99 -33.66 -8.70
N THR A 51 -29.95 -34.88 -9.21
CA THR A 51 -28.75 -35.46 -9.77
C THR A 51 -29.10 -35.89 -11.16
N TYR A 52 -28.21 -35.53 -12.07
CA TYR A 52 -28.39 -35.67 -13.50
C TYR A 52 -27.26 -36.51 -14.04
N ASN A 53 -27.58 -37.65 -14.66
CA ASN A 53 -26.55 -38.52 -15.21
C ASN A 53 -26.40 -38.32 -16.71
N ASP A 54 -25.25 -38.72 -17.27
CA ASP A 54 -25.10 -38.91 -18.72
C ASP A 54 -25.30 -37.62 -19.53
N ILE A 55 -24.61 -36.58 -19.09
CA ILE A 55 -24.85 -35.26 -19.64
C ILE A 55 -23.52 -34.56 -19.95
N ASN A 56 -23.50 -33.94 -21.12
CA ASN A 56 -22.37 -33.17 -21.61
C ASN A 56 -23.06 -31.95 -22.19
N ALA A 57 -23.28 -30.94 -21.33
CA ALA A 57 -23.97 -29.72 -21.75
C ALA A 57 -22.96 -28.76 -22.34
N GLN A 58 -22.89 -28.74 -23.67
CA GLN A 58 -21.98 -27.83 -24.33
C GLN A 58 -22.70 -26.51 -24.46
N ILE A 59 -21.98 -25.45 -24.13
CA ILE A 59 -22.54 -24.12 -23.97
C ILE A 59 -22.04 -23.24 -25.14
N GLY A 60 -22.96 -22.76 -25.97
CA GLY A 60 -22.58 -21.86 -27.07
C GLY A 60 -22.77 -20.40 -26.69
N PHE A 61 -22.83 -19.54 -27.72
CA PHE A 61 -23.08 -18.13 -27.49
C PHE A 61 -24.44 -17.88 -26.82
N TYR A 62 -24.49 -16.85 -26.00
CA TYR A 62 -25.71 -16.35 -25.38
C TYR A 62 -26.54 -17.43 -24.70
N THR A 63 -25.84 -18.35 -24.04
CA THR A 63 -26.48 -19.41 -23.27
C THR A 63 -25.96 -19.33 -21.84
N SER A 64 -26.88 -19.26 -20.89
CA SER A 64 -26.57 -19.36 -19.48
C SER A 64 -27.05 -20.76 -18.99
N ILE A 65 -26.31 -21.29 -18.04
CA ILE A 65 -26.70 -22.58 -17.42
C ILE A 65 -26.51 -22.45 -15.93
N ALA A 66 -27.53 -22.82 -15.17
CA ALA A 66 -27.40 -22.80 -13.72
C ALA A 66 -28.31 -23.80 -13.04
N GLY A 67 -27.97 -24.03 -11.79
CA GLY A 67 -28.76 -24.83 -10.88
C GLY A 67 -29.69 -23.92 -10.07
N LEU A 68 -30.75 -24.51 -9.50
CA LEU A 68 -31.78 -23.75 -8.79
C LEU A 68 -31.91 -24.02 -7.26
N GLY A 69 -30.79 -24.33 -6.58
CA GLY A 69 -30.70 -24.26 -5.10
C GLY A 69 -29.72 -23.19 -4.61
N LEU A 70 -29.76 -22.88 -3.31
CA LEU A 70 -28.68 -22.12 -2.63
C LEU A 70 -27.28 -22.62 -2.95
N ASN A 71 -27.05 -23.87 -2.53
CA ASN A 71 -25.77 -24.51 -2.61
C ASN A 71 -25.66 -25.19 -3.99
N PRO A 72 -24.52 -25.03 -4.64
CA PRO A 72 -24.35 -25.71 -5.93
C PRO A 72 -24.54 -27.25 -5.87
N ASP A 73 -24.39 -27.87 -4.70
CA ASP A 73 -24.46 -29.34 -4.75
C ASP A 73 -25.86 -29.92 -4.66
N ASP A 74 -26.83 -29.10 -4.34
CA ASP A 74 -28.22 -29.49 -4.55
C ASP A 74 -28.48 -29.88 -6.00
N THR A 75 -27.60 -29.45 -6.92
CA THR A 75 -27.76 -29.75 -8.35
C THR A 75 -26.41 -30.24 -8.89
N THR A 76 -26.20 -31.58 -8.92
CA THR A 76 -24.97 -32.19 -9.44
C THR A 76 -25.17 -32.84 -10.79
N PHE A 77 -24.26 -32.58 -11.69
CA PHE A 77 -24.19 -33.34 -12.94
C PHE A 77 -23.07 -34.38 -12.76
N ASN A 78 -23.42 -35.62 -13.04
CA ASN A 78 -22.44 -36.66 -13.30
C ASN A 78 -22.18 -36.52 -14.77
N GLY A 79 -21.24 -35.63 -15.04
CA GLY A 79 -21.08 -35.01 -16.34
C GLY A 79 -20.64 -33.55 -16.34
N ASP A 80 -20.70 -32.96 -17.53
CA ASP A 80 -19.90 -31.79 -17.83
C ASP A 80 -20.73 -30.60 -18.29
N VAL A 81 -20.23 -29.42 -17.99
CA VAL A 81 -20.69 -28.20 -18.63
C VAL A 81 -19.46 -27.70 -19.39
N THR A 82 -19.52 -27.79 -20.71
CA THR A 82 -18.33 -27.77 -21.55
C THR A 82 -18.31 -26.60 -22.53
N VAL A 83 -17.22 -25.83 -22.54
CA VAL A 83 -16.91 -24.91 -23.65
C VAL A 83 -15.61 -25.36 -24.31
N ASP A 84 -15.66 -25.57 -25.62
CA ASP A 84 -14.47 -25.89 -26.40
C ASP A 84 -14.50 -24.95 -27.63
N ALA A 85 -13.54 -25.12 -28.53
CA ALA A 85 -13.34 -24.17 -29.63
C ALA A 85 -13.37 -24.82 -31.02
N GLY A 86 -14.11 -25.92 -31.18
CA GLY A 86 -14.13 -26.61 -32.47
C GLY A 86 -14.63 -25.74 -33.62
N TRP A 87 -15.57 -24.86 -33.30
CA TRP A 87 -16.24 -24.07 -34.33
C TRP A 87 -15.27 -23.07 -34.96
N PHE A 88 -14.24 -22.69 -34.21
CA PHE A 88 -13.24 -21.75 -34.70
C PHE A 88 -11.87 -22.44 -34.80
N ASP A 89 -11.91 -23.75 -35.07
CA ASP A 89 -10.72 -24.53 -35.37
C ASP A 89 -9.69 -24.43 -34.25
N GLY A 90 -10.16 -24.58 -33.01
CA GLY A 90 -9.25 -24.69 -31.89
C GLY A 90 -8.87 -23.38 -31.24
N ASN A 91 -9.28 -22.30 -31.90
CA ASN A 91 -9.07 -20.93 -31.43
C ASN A 91 -10.20 -20.53 -30.47
N ALA A 92 -9.91 -20.29 -29.18
CA ALA A 92 -10.97 -19.94 -28.22
C ALA A 92 -11.08 -18.45 -27.94
N THR A 93 -10.44 -17.61 -28.75
CA THR A 93 -10.45 -16.16 -28.48
C THR A 93 -11.73 -15.43 -28.89
N GLN A 94 -12.69 -16.15 -29.41
CA GLN A 94 -14.01 -15.55 -29.63
C GLN A 94 -15.11 -16.26 -28.82
N ASN A 95 -14.74 -17.02 -27.77
CA ASN A 95 -15.75 -17.72 -26.97
C ASN A 95 -16.29 -16.82 -25.86
N PHE A 96 -17.20 -15.94 -26.29
CA PHE A 96 -17.78 -14.92 -25.43
C PHE A 96 -19.24 -15.18 -25.02
N TRP A 97 -19.70 -14.39 -24.05
CA TRP A 97 -21.12 -14.18 -23.72
C TRP A 97 -21.85 -15.48 -23.35
N ARG A 98 -21.45 -16.11 -22.26
CA ARG A 98 -22.11 -17.31 -21.78
C ARG A 98 -21.82 -17.57 -20.28
N SER A 99 -22.70 -18.29 -19.60
CA SER A 99 -22.65 -18.36 -18.12
C SER A 99 -22.69 -19.77 -17.61
N ALA A 100 -21.98 -20.04 -16.51
CA ALA A 100 -22.28 -21.22 -15.65
C ALA A 100 -22.34 -20.79 -14.18
N GLU A 101 -23.40 -21.20 -13.48
CA GLU A 101 -23.53 -20.86 -12.06
C GLU A 101 -24.29 -21.91 -11.24
N ASN A 102 -23.87 -22.08 -9.98
CA ASN A 102 -24.70 -22.74 -8.94
C ASN A 102 -24.95 -24.22 -9.27
N LEU A 103 -23.89 -24.89 -9.67
CA LEU A 103 -23.91 -26.33 -9.98
C LEU A 103 -22.71 -27.06 -9.40
N ALA A 104 -22.88 -28.36 -9.14
CA ALA A 104 -21.74 -29.24 -8.88
C ALA A 104 -21.52 -30.12 -10.08
N LEU A 105 -20.27 -30.25 -10.51
CA LEU A 105 -19.91 -31.10 -11.66
C LEU A 105 -19.02 -32.24 -11.21
N ASN A 106 -19.34 -33.41 -11.70
CA ASN A 106 -18.54 -34.65 -11.52
C ASN A 106 -18.11 -35.09 -12.91
N PRO A 107 -17.02 -34.47 -13.43
CA PRO A 107 -16.72 -34.57 -14.86
C PRO A 107 -16.31 -35.97 -15.30
N VAL A 108 -16.64 -36.33 -16.52
CA VAL A 108 -16.64 -37.73 -16.89
C VAL A 108 -15.22 -38.29 -16.95
N ASN A 109 -14.23 -37.48 -17.29
CA ASN A 109 -12.83 -37.92 -17.18
C ASN A 109 -12.08 -37.28 -16.03
N GLY A 110 -12.83 -36.74 -15.08
CA GLY A 110 -12.18 -36.15 -13.92
C GLY A 110 -11.87 -34.67 -14.07
N THR A 111 -11.97 -34.15 -15.29
CA THR A 111 -11.65 -32.73 -15.57
C THR A 111 -12.71 -32.06 -16.43
N ASN A 112 -13.28 -30.94 -15.95
CA ASN A 112 -14.25 -30.19 -16.72
C ASN A 112 -13.51 -29.14 -17.58
N ARG A 113 -13.96 -28.93 -18.83
CA ARG A 113 -13.36 -27.97 -19.73
C ARG A 113 -14.27 -26.75 -19.92
N TRP A 114 -13.77 -25.58 -19.51
CA TRP A 114 -14.42 -24.27 -19.71
C TRP A 114 -13.45 -23.38 -20.50
N ALA A 115 -13.31 -23.66 -21.80
CA ALA A 115 -12.35 -22.96 -22.65
C ALA A 115 -12.94 -21.69 -23.27
N VAL A 116 -12.97 -20.65 -22.46
CA VAL A 116 -13.63 -19.39 -22.81
C VAL A 116 -12.68 -18.23 -22.93
N SER A 117 -13.19 -17.13 -23.50
CA SER A 117 -12.51 -15.86 -23.42
C SER A 117 -13.40 -14.90 -22.62
N GLN A 118 -13.57 -13.66 -23.07
CA GLN A 118 -14.19 -12.63 -22.22
C GLN A 118 -15.72 -12.79 -22.07
N ALA A 119 -16.26 -12.25 -20.96
CA ALA A 119 -17.69 -12.28 -20.63
C ALA A 119 -18.24 -13.70 -20.61
N ALA A 120 -17.54 -14.58 -19.90
CA ALA A 120 -18.00 -15.94 -19.71
C ALA A 120 -17.81 -16.41 -18.26
N PRO A 121 -18.57 -15.80 -17.36
CA PRO A 121 -18.33 -16.03 -15.93
C PRO A 121 -18.66 -17.45 -15.45
N PHE A 122 -17.95 -17.87 -14.41
CA PHE A 122 -18.06 -19.20 -13.79
C PHE A 122 -18.18 -18.90 -12.29
N ARG A 123 -19.42 -18.94 -11.79
CA ARG A 123 -19.75 -18.47 -10.44
C ARG A 123 -20.41 -19.55 -9.59
N ARG A 124 -20.04 -19.61 -8.32
CA ARG A 124 -20.75 -20.49 -7.38
C ARG A 124 -20.83 -21.91 -7.94
N MET A 125 -19.70 -22.37 -8.45
CA MET A 125 -19.57 -23.74 -8.99
C MET A 125 -18.75 -24.61 -8.07
N HIS A 126 -19.12 -25.88 -8.03
CA HIS A 126 -18.31 -26.89 -7.33
C HIS A 126 -17.83 -27.88 -8.35
N VAL A 127 -16.54 -27.94 -8.60
CA VAL A 127 -16.03 -28.95 -9.54
C VAL A 127 -15.37 -30.09 -8.79
N LYS A 128 -15.99 -31.26 -8.88
CA LYS A 128 -15.45 -32.41 -8.17
C LYS A 128 -14.47 -33.10 -9.13
N GLY A 129 -13.26 -32.57 -9.18
CA GLY A 129 -12.32 -32.89 -10.24
C GLY A 129 -11.52 -31.66 -10.61
N GLY A 130 -10.87 -31.73 -11.76
CA GLY A 130 -10.07 -30.60 -12.24
C GLY A 130 -10.84 -29.74 -13.22
N LEU A 131 -10.24 -28.61 -13.60
CA LEU A 131 -10.87 -27.63 -14.47
C LEU A 131 -9.81 -27.20 -15.50
N ASN A 132 -10.03 -27.58 -16.75
CA ASN A 132 -9.15 -27.22 -17.87
C ASN A 132 -9.74 -25.98 -18.55
N LEU A 133 -9.00 -24.88 -18.58
CA LEU A 133 -9.48 -23.64 -19.19
C LEU A 133 -9.08 -23.47 -20.66
N ALA A 134 -8.36 -24.45 -21.21
CA ALA A 134 -7.87 -24.35 -22.59
C ALA A 134 -8.61 -25.24 -23.58
N PRO A 135 -8.82 -24.76 -24.78
CA PRO A 135 -9.45 -25.62 -25.80
C PRO A 135 -8.55 -26.78 -26.17
N ASP A 136 -9.09 -27.66 -27.00
CA ASP A 136 -8.42 -28.95 -27.33
C ASP A 136 -7.31 -28.84 -28.41
N GLY A 137 -6.06 -28.88 -27.95
CA GLY A 137 -4.89 -28.60 -28.76
C GLY A 137 -4.15 -27.41 -28.18
N TYR A 138 -4.77 -26.82 -27.16
CA TYR A 138 -4.23 -25.73 -26.37
C TYR A 138 -4.06 -24.48 -27.23
N GLY A 139 -5.08 -24.19 -28.03
CA GLY A 139 -5.01 -23.04 -28.92
C GLY A 139 -5.07 -21.74 -28.16
N TRP A 140 -5.32 -20.67 -28.90
CA TRP A 140 -5.32 -19.39 -28.27
C TRP A 140 -6.59 -19.21 -27.41
N ALA A 141 -6.44 -18.52 -26.28
CA ALA A 141 -7.55 -18.27 -25.35
C ALA A 141 -7.28 -17.04 -24.49
N SER A 142 -8.32 -16.27 -24.17
CA SER A 142 -8.12 -14.97 -23.50
C SER A 142 -9.17 -14.64 -22.44
N GLY A 143 -9.46 -15.57 -21.54
CA GLY A 143 -10.39 -15.31 -20.47
C GLY A 143 -9.81 -14.41 -19.37
N GLY A 144 -10.33 -14.49 -18.15
CA GLY A 144 -11.46 -15.29 -17.78
C GLY A 144 -11.76 -14.94 -16.32
N TYR A 145 -12.81 -15.56 -15.76
CA TYR A 145 -13.35 -15.08 -14.49
C TYR A 145 -13.99 -16.23 -13.73
N ILE A 146 -13.46 -16.49 -12.54
CA ILE A 146 -14.04 -17.46 -11.61
C ILE A 146 -14.24 -16.76 -10.28
N ALA A 147 -15.43 -16.89 -9.73
CA ALA A 147 -15.72 -16.40 -8.40
C ALA A 147 -16.54 -17.36 -7.59
N ASP A 148 -16.31 -17.27 -6.29
CA ASP A 148 -17.11 -18.03 -5.31
C ASP A 148 -17.23 -19.51 -5.67
N SER A 149 -16.16 -20.08 -6.19
CA SER A 149 -16.18 -21.49 -6.59
C SER A 149 -15.17 -22.38 -5.85
N LYS A 150 -15.45 -23.67 -5.84
CA LYS A 150 -14.55 -24.68 -5.23
C LYS A 150 -14.18 -25.68 -6.30
N ILE A 151 -12.88 -25.72 -6.65
CA ILE A 151 -12.34 -26.69 -7.59
C ILE A 151 -11.52 -27.68 -6.76
N ASP A 152 -12.04 -28.88 -6.61
CA ASP A 152 -11.40 -29.88 -5.75
C ASP A 152 -9.97 -30.24 -6.22
N GLY A 153 -9.77 -30.32 -7.54
CA GLY A 153 -8.47 -30.62 -8.09
C GLY A 153 -7.74 -29.39 -8.60
N GLU A 154 -6.99 -29.56 -9.69
CA GLU A 154 -6.15 -28.52 -10.25
C GLU A 154 -7.00 -27.72 -11.25
N VAL A 155 -6.98 -26.38 -11.12
CA VAL A 155 -7.32 -25.53 -12.27
C VAL A 155 -6.13 -25.38 -13.22
N GLY A 156 -6.28 -25.75 -14.50
CA GLY A 156 -5.22 -25.62 -15.48
C GLY A 156 -5.41 -24.66 -16.65
N PRO A 157 -4.67 -23.54 -16.66
CA PRO A 157 -4.96 -22.59 -17.75
C PRO A 157 -4.29 -22.90 -19.08
N TYR A 158 -3.13 -23.58 -19.07
CA TYR A 158 -2.37 -23.87 -20.28
C TYR A 158 -2.16 -22.61 -21.15
N SER A 159 -2.85 -22.50 -22.28
CA SER A 159 -2.62 -21.37 -23.19
C SER A 159 -3.29 -20.07 -22.73
N GLN A 160 -4.15 -20.11 -21.72
CA GLN A 160 -4.89 -18.89 -21.34
C GLN A 160 -3.94 -17.77 -21.03
N GLN A 161 -4.11 -16.62 -21.70
CA GLN A 161 -3.17 -15.51 -21.49
C GLN A 161 -3.14 -14.98 -20.09
N GLN A 162 -4.35 -14.83 -19.55
CA GLN A 162 -4.57 -14.19 -18.28
C GLN A 162 -5.85 -14.77 -17.65
N TRP A 163 -6.05 -14.46 -16.37
CA TRP A 163 -7.23 -14.95 -15.63
C TRP A 163 -7.36 -14.25 -14.29
N TYR A 164 -8.60 -14.07 -13.86
CA TYR A 164 -8.90 -13.57 -12.53
C TYR A 164 -9.79 -14.56 -11.76
N THR A 165 -9.33 -14.88 -10.55
CA THR A 165 -10.09 -15.75 -9.66
C THR A 165 -10.25 -15.03 -8.34
N ARG A 166 -11.48 -14.99 -7.84
CA ARG A 166 -11.69 -14.44 -6.48
C ARG A 166 -12.58 -15.30 -5.57
N ASP A 167 -12.27 -15.17 -4.29
CA ASP A 167 -13.06 -15.72 -3.20
C ASP A 167 -13.54 -17.15 -3.47
N SER A 168 -12.56 -18.02 -3.58
CA SER A 168 -12.70 -19.37 -4.10
C SER A 168 -11.71 -20.31 -3.39
N SER A 169 -11.83 -21.60 -3.71
CA SER A 169 -10.94 -22.66 -3.19
C SER A 169 -10.45 -23.44 -4.42
N VAL A 170 -9.13 -23.60 -4.61
CA VAL A 170 -8.61 -24.47 -5.67
C VAL A 170 -7.60 -25.53 -5.13
N GLY A 171 -7.78 -26.77 -5.52
CA GLY A 171 -6.87 -27.84 -5.07
C GLY A 171 -5.48 -27.75 -5.66
N GLY A 172 -5.33 -26.92 -6.71
CA GLY A 172 -4.03 -26.52 -7.23
C GLY A 172 -4.19 -25.57 -8.42
N TRP A 173 -3.13 -24.85 -8.76
CA TRP A 173 -3.14 -23.95 -9.94
C TRP A 173 -1.93 -24.22 -10.77
N GLY A 174 -2.12 -24.64 -12.00
CA GLY A 174 -1.07 -25.28 -12.76
C GLY A 174 0.06 -24.42 -13.36
N ASN A 175 -0.26 -23.23 -13.81
CA ASN A 175 0.65 -22.60 -14.77
C ASN A 175 0.09 -21.24 -15.12
N GLY A 176 0.98 -20.27 -15.24
CA GLY A 176 0.59 -18.94 -15.66
C GLY A 176 1.21 -18.62 -17.01
N VAL A 177 0.73 -17.57 -17.66
CA VAL A 177 1.17 -17.20 -19.03
C VAL A 177 1.61 -15.74 -19.02
N TRP A 178 0.68 -14.78 -19.05
CA TRP A 178 1.01 -13.34 -18.86
C TRP A 178 0.52 -12.70 -17.53
N ASN A 179 -0.67 -13.06 -17.04
CA ASN A 179 -1.21 -12.38 -15.87
C ASN A 179 -2.32 -13.17 -15.21
N MET A 180 -1.94 -13.98 -14.20
CA MET A 180 -2.92 -14.76 -13.45
C MET A 180 -3.01 -14.07 -12.08
N THR A 181 -4.17 -13.49 -11.80
CA THR A 181 -4.39 -12.73 -10.58
C THR A 181 -5.43 -13.44 -9.71
N PHE A 182 -5.20 -13.35 -8.40
CA PHE A 182 -6.00 -14.03 -7.43
C PHE A 182 -6.27 -13.10 -6.27
N SER A 183 -7.51 -13.05 -5.79
CA SER A 183 -7.77 -12.41 -4.53
C SER A 183 -8.75 -13.24 -3.69
N GLY A 184 -8.35 -13.51 -2.46
CA GLY A 184 -9.19 -14.32 -1.56
C GLY A 184 -9.34 -15.77 -1.98
N VAL A 185 -8.29 -16.30 -2.61
CA VAL A 185 -8.31 -17.66 -3.12
C VAL A 185 -7.44 -18.63 -2.31
N GLU A 186 -8.12 -19.54 -1.61
CA GLU A 186 -7.47 -20.64 -0.89
C GLU A 186 -6.86 -21.59 -1.88
N GLY A 187 -5.58 -21.92 -1.70
CA GLY A 187 -4.90 -22.76 -2.66
C GLY A 187 -4.30 -21.94 -3.79
N ALA A 188 -4.46 -20.62 -3.75
CA ALA A 188 -3.76 -19.78 -4.71
C ALA A 188 -2.28 -19.93 -4.49
N PRO A 189 -1.52 -19.79 -5.55
CA PRO A 189 -0.11 -19.66 -5.21
C PRO A 189 0.27 -18.25 -4.76
N ALA A 190 1.29 -18.20 -3.89
CA ALA A 190 1.80 -16.92 -3.40
C ALA A 190 2.27 -15.99 -4.53
N GLN A 191 2.26 -14.70 -4.24
CA GLN A 191 2.81 -13.63 -5.06
C GLN A 191 4.19 -13.96 -5.63
N SER A 192 4.34 -14.09 -6.96
CA SER A 192 5.65 -14.34 -7.53
C SER A 192 5.95 -13.66 -8.88
N PHE A 193 5.09 -12.73 -9.28
CA PHE A 193 5.25 -12.04 -10.58
C PHE A 193 6.67 -11.50 -10.67
N PRO A 194 7.34 -11.65 -11.84
CA PRO A 194 6.76 -12.14 -13.10
C PRO A 194 6.98 -13.62 -13.46
N GLU A 195 7.77 -14.40 -12.71
CA GLU A 195 7.87 -15.84 -13.00
C GLU A 195 7.54 -16.76 -11.81
N PRO A 196 6.39 -17.46 -11.89
CA PRO A 196 5.32 -17.22 -12.88
C PRO A 196 4.65 -15.88 -12.64
N PRO A 197 3.77 -15.46 -13.56
CA PRO A 197 3.18 -14.10 -13.48
C PRO A 197 1.95 -14.09 -12.55
N TYR A 198 2.18 -14.53 -11.32
CA TYR A 198 1.11 -14.67 -10.32
C TYR A 198 1.07 -13.46 -9.42
N THR A 199 -0.09 -12.78 -9.45
CA THR A 199 -0.40 -11.66 -8.55
C THR A 199 -1.45 -12.13 -7.54
N THR A 200 -1.08 -12.16 -6.24
CA THR A 200 -1.87 -12.91 -5.27
C THR A 200 -2.09 -12.10 -4.06
N LEU A 201 -3.38 -11.84 -3.80
CA LEU A 201 -3.82 -11.04 -2.70
C LEU A 201 -4.56 -11.93 -1.75
N GLU A 202 -4.23 -11.84 -0.47
CA GLU A 202 -4.70 -12.84 0.46
C GLU A 202 -6.28 -12.62 0.59
N THR A 203 -6.76 -11.38 0.55
CA THR A 203 -8.20 -11.13 0.67
C THR A 203 -8.68 -10.20 -0.45
N THR A 204 -9.99 -10.27 -0.72
CA THR A 204 -10.65 -9.26 -1.54
C THR A 204 -11.25 -8.20 -0.59
N PRO A 205 -10.98 -6.90 -0.84
CA PRO A 205 -11.36 -5.88 0.17
C PRO A 205 -12.88 -5.78 0.51
N VAL A 206 -13.69 -5.82 -0.53
CA VAL A 206 -15.12 -6.07 -0.37
C VAL A 206 -15.57 -6.89 -1.57
N SER A 207 -16.42 -7.88 -1.33
CA SER A 207 -17.22 -8.46 -2.42
C SER A 207 -18.62 -8.68 -1.98
N ARG A 208 -19.47 -8.96 -2.94
CA ARG A 208 -20.86 -9.28 -2.62
C ARG A 208 -21.35 -10.16 -3.75
N GLU A 209 -21.63 -11.42 -3.45
CA GLU A 209 -21.94 -12.35 -4.53
C GLU A 209 -23.19 -11.96 -5.38
N LYS A 210 -23.15 -12.32 -6.64
CA LYS A 210 -24.21 -11.95 -7.58
C LYS A 210 -25.50 -12.63 -7.19
N PRO A 211 -26.61 -11.89 -7.21
CA PRO A 211 -27.89 -12.57 -6.98
C PRO A 211 -28.22 -13.60 -8.04
N PHE A 212 -28.97 -14.62 -7.64
CA PHE A 212 -29.36 -15.68 -8.55
C PHE A 212 -30.75 -16.23 -8.25
N LEU A 213 -31.41 -16.67 -9.30
CA LEU A 213 -32.70 -17.33 -9.14
C LEU A 213 -32.52 -18.77 -8.57
N TYR A 214 -33.41 -19.18 -7.66
CA TYR A 214 -33.44 -20.55 -7.14
C TYR A 214 -34.89 -20.99 -6.86
N LEU A 215 -35.14 -22.31 -6.70
CA LEU A 215 -36.53 -22.86 -6.56
C LEU A 215 -36.82 -23.25 -5.10
N ASP A 216 -38.01 -23.85 -4.80
CA ASP A 216 -38.42 -24.33 -3.41
C ASP A 216 -39.21 -25.61 -3.00
N GLY A 217 -40.49 -25.73 -3.35
CA GLY A 217 -41.25 -26.96 -3.13
C GLY A 217 -41.97 -27.26 -4.44
N ASP A 218 -42.81 -26.27 -4.78
CA ASP A 218 -43.16 -25.84 -6.11
C ASP A 218 -42.05 -24.78 -6.20
N ASP A 219 -42.32 -23.49 -6.49
CA ASP A 219 -41.54 -22.25 -6.02
C ASP A 219 -40.28 -21.60 -6.67
N TYR A 220 -40.25 -20.24 -6.69
CA TYR A 220 -39.11 -19.42 -7.24
C TYR A 220 -38.83 -18.14 -6.44
N LYS A 221 -37.57 -17.97 -6.03
CA LYS A 221 -37.08 -16.75 -5.39
C LYS A 221 -35.73 -16.30 -6.02
N VAL A 222 -35.29 -15.11 -5.65
CA VAL A 222 -33.97 -14.60 -6.00
C VAL A 222 -33.19 -14.41 -4.73
N PHE A 223 -32.07 -15.12 -4.62
CA PHE A 223 -31.20 -14.96 -3.46
C PHE A 223 -30.27 -13.78 -3.72
N VAL A 224 -30.24 -12.87 -2.75
CA VAL A 224 -29.36 -11.72 -2.82
C VAL A 224 -28.30 -11.78 -1.66
N PRO A 225 -27.08 -12.25 -1.97
CA PRO A 225 -26.00 -12.44 -0.99
C PRO A 225 -25.61 -11.22 -0.19
N ALA A 226 -25.29 -11.48 1.07
CA ALA A 226 -24.79 -10.48 1.97
C ALA A 226 -23.36 -10.14 1.60
N LYS A 227 -23.05 -8.87 1.66
CA LYS A 227 -21.72 -8.47 1.35
C LYS A 227 -20.66 -8.97 2.35
N ARG A 228 -19.48 -9.20 1.82
CA ARG A 228 -18.36 -9.64 2.64
C ARG A 228 -17.19 -8.64 2.63
N THR A 229 -16.63 -8.37 3.81
CA THR A 229 -15.43 -7.57 3.92
C THR A 229 -14.23 -8.44 4.19
N ASN A 230 -13.06 -8.00 3.70
CA ASN A 230 -11.86 -8.82 3.82
C ASN A 230 -12.15 -10.27 3.43
N ALA A 231 -12.59 -10.48 2.20
CA ALA A 231 -13.22 -11.72 1.82
C ALA A 231 -12.22 -12.79 1.34
N ARG A 232 -12.51 -14.05 1.65
CA ARG A 232 -11.63 -15.15 1.24
C ARG A 232 -12.29 -16.48 1.29
N GLY A 233 -12.15 -17.25 0.22
CA GLY A 233 -12.88 -18.51 0.08
C GLY A 233 -14.34 -18.31 -0.30
N THR A 234 -15.10 -19.41 -0.35
CA THR A 234 -16.48 -19.35 -0.82
C THR A 234 -17.48 -18.89 0.27
N SER A 235 -18.65 -18.42 -0.16
CA SER A 235 -19.78 -17.98 0.70
C SER A 235 -20.78 -19.07 1.05
N TRP A 236 -20.41 -20.27 0.72
CA TRP A 236 -21.34 -21.37 0.82
C TRP A 236 -20.76 -22.59 1.50
N GLY A 237 -19.45 -22.80 1.44
CA GLY A 237 -18.95 -24.14 1.78
C GLY A 237 -18.87 -24.49 3.27
N ASN A 238 -19.50 -23.66 4.07
CA ASN A 238 -19.01 -23.50 5.41
C ASN A 238 -19.87 -22.57 6.20
N GLY A 239 -21.00 -23.11 6.67
CA GLY A 239 -21.82 -22.48 7.68
C GLY A 239 -23.12 -21.99 7.09
N THR A 240 -23.75 -22.83 6.25
CA THR A 240 -24.72 -22.32 5.23
C THR A 240 -24.20 -20.98 4.59
N PRO A 241 -25.12 -19.99 4.11
CA PRO A 241 -24.94 -18.59 3.55
C PRO A 241 -25.73 -17.17 3.92
N GLU A 242 -24.96 -16.16 4.38
CA GLU A 242 -25.43 -14.77 4.73
C GLU A 242 -26.19 -14.07 3.54
N GLY A 243 -27.44 -13.68 3.78
CA GLY A 243 -28.25 -13.13 2.73
C GLY A 243 -29.73 -13.21 2.98
N GLU A 244 -30.44 -12.29 2.37
CA GLU A 244 -31.89 -12.17 2.44
C GLU A 244 -32.29 -12.51 1.01
N SER A 245 -33.54 -12.97 0.81
CA SER A 245 -34.03 -13.35 -0.51
C SER A 245 -35.03 -12.34 -1.06
N LEU A 246 -35.60 -12.62 -2.25
CA LEU A 246 -36.82 -11.96 -2.72
C LEU A 246 -37.76 -12.95 -3.41
N PRO A 247 -39.02 -13.08 -2.93
CA PRO A 247 -39.86 -13.98 -3.73
C PRO A 247 -40.07 -13.52 -5.17
N LEU A 248 -40.26 -14.45 -6.12
CA LEU A 248 -40.41 -14.01 -7.51
C LEU A 248 -41.58 -13.02 -7.72
N ASP A 249 -42.59 -13.10 -6.86
CA ASP A 249 -43.66 -12.10 -6.81
C ASP A 249 -43.25 -10.64 -6.78
N GLN A 250 -42.08 -10.34 -6.22
CA GLN A 250 -41.66 -8.96 -6.14
C GLN A 250 -40.76 -8.53 -7.28
N PHE A 251 -40.74 -9.34 -8.35
CA PHE A 251 -40.05 -8.96 -9.57
C PHE A 251 -41.03 -8.74 -10.67
N TYR A 252 -40.77 -7.67 -11.43
CA TYR A 252 -41.40 -7.50 -12.70
C TYR A 252 -40.60 -8.32 -13.70
N VAL A 253 -41.30 -9.20 -14.37
CA VAL A 253 -40.69 -10.14 -15.29
C VAL A 253 -40.80 -9.53 -16.69
N VAL A 254 -39.65 -9.10 -17.21
CA VAL A 254 -39.52 -8.37 -18.46
C VAL A 254 -39.51 -9.35 -19.66
N LYS A 255 -40.50 -9.17 -20.55
CA LYS A 255 -40.71 -9.91 -21.81
C LYS A 255 -40.77 -9.03 -23.10
N PRO A 256 -40.57 -9.67 -24.32
CA PRO A 256 -41.06 -9.16 -25.61
C PRO A 256 -42.29 -8.28 -25.52
N GLY A 257 -42.18 -7.05 -26.00
CA GLY A 257 -43.24 -6.07 -25.79
C GLY A 257 -43.00 -5.15 -24.60
N ALA A 258 -42.05 -5.44 -23.71
CA ALA A 258 -41.73 -4.42 -22.70
C ALA A 258 -41.48 -3.06 -23.36
N THR A 259 -41.38 -2.03 -22.52
CA THR A 259 -40.93 -0.67 -22.87
C THR A 259 -40.28 -0.05 -21.67
N ALA A 260 -39.33 0.84 -21.90
CA ALA A 260 -38.67 1.52 -20.78
C ALA A 260 -39.75 2.13 -19.86
N GLU A 261 -40.79 2.67 -20.44
CA GLU A 261 -41.89 3.24 -19.68
C GLU A 261 -42.50 2.19 -18.72
N THR A 262 -42.73 0.99 -19.22
CA THR A 262 -43.30 -0.06 -18.39
C THR A 262 -42.25 -0.49 -17.35
N ILE A 263 -40.97 -0.34 -17.69
CA ILE A 263 -39.93 -0.88 -16.80
C ILE A 263 -39.76 0.10 -15.66
N ASN A 264 -39.75 1.37 -16.03
CA ASN A 264 -39.53 2.48 -15.11
C ASN A 264 -40.68 2.64 -14.08
N ALA A 265 -41.90 2.29 -14.46
CA ALA A 265 -43.05 2.39 -13.52
C ALA A 265 -43.02 1.26 -12.47
N ALA A 266 -42.78 0.05 -12.95
CA ALA A 266 -42.57 -1.12 -12.08
C ALA A 266 -41.56 -0.78 -10.99
N VAL A 267 -40.46 -0.16 -11.37
CA VAL A 267 -39.49 0.24 -10.37
C VAL A 267 -40.15 1.27 -9.42
N ASP A 268 -40.77 2.35 -9.92
CA ASP A 268 -41.27 3.31 -8.92
C ASP A 268 -42.57 2.80 -8.23
N GLN A 269 -43.08 1.65 -8.69
CA GLN A 269 -44.09 0.88 -7.93
C GLN A 269 -43.49 -0.04 -6.84
N GLY A 270 -42.16 -0.20 -6.79
CA GLY A 270 -41.56 -1.04 -5.76
C GLY A 270 -41.05 -2.41 -6.20
N LEU A 271 -41.18 -2.71 -7.48
CA LEU A 271 -40.78 -4.02 -7.98
C LEU A 271 -39.32 -4.04 -8.38
N HIS A 272 -38.72 -5.20 -8.24
CA HIS A 272 -37.41 -5.47 -8.80
C HIS A 272 -37.58 -5.88 -10.27
N LEU A 273 -36.47 -6.04 -10.98
CA LEU A 273 -36.50 -6.44 -12.40
C LEU A 273 -35.76 -7.76 -12.68
N LEU A 274 -36.45 -8.61 -13.42
CA LEU A 274 -35.89 -9.85 -13.95
C LEU A 274 -36.12 -9.87 -15.45
N PHE A 275 -35.04 -9.75 -16.19
CA PHE A 275 -35.11 -9.79 -17.65
C PHE A 275 -35.08 -11.21 -18.26
N THR A 276 -36.08 -11.58 -19.05
CA THR A 276 -36.11 -12.92 -19.61
C THR A 276 -35.30 -12.94 -20.92
N PRO A 277 -34.86 -14.13 -21.37
CA PRO A 277 -33.77 -14.03 -22.34
C PRO A 277 -34.29 -13.51 -23.64
N GLY A 278 -33.64 -12.47 -24.16
CA GLY A 278 -34.11 -11.76 -25.34
C GLY A 278 -33.31 -10.48 -25.53
N VAL A 279 -33.74 -9.72 -26.52
CA VAL A 279 -33.16 -8.45 -26.88
C VAL A 279 -34.22 -7.35 -26.74
N TYR A 280 -33.90 -6.32 -25.95
CA TYR A 280 -34.85 -5.30 -25.60
C TYR A 280 -34.39 -3.92 -26.09
N HIS A 281 -35.09 -3.40 -27.08
CA HIS A 281 -34.86 -2.03 -27.49
C HIS A 281 -35.65 -1.05 -26.59
N VAL A 282 -34.99 0.04 -26.19
CA VAL A 282 -35.63 1.08 -25.41
C VAL A 282 -35.40 2.48 -26.01
N ASP A 283 -36.40 3.36 -25.90
CA ASP A 283 -36.23 4.73 -26.35
C ASP A 283 -36.11 5.74 -25.23
N GLN A 284 -35.89 5.24 -24.04
CA GLN A 284 -35.51 6.10 -22.92
C GLN A 284 -34.68 5.28 -21.96
N PRO A 285 -33.87 5.96 -21.13
CA PRO A 285 -33.12 5.21 -20.12
C PRO A 285 -34.01 4.43 -19.16
N ILE A 286 -33.63 3.18 -18.95
CA ILE A 286 -34.13 2.45 -17.82
C ILE A 286 -33.56 3.21 -16.62
N GLU A 287 -34.45 3.64 -15.73
CA GLU A 287 -34.09 4.50 -14.59
C GLU A 287 -34.38 3.77 -13.28
N ILE A 288 -33.33 3.42 -12.55
CA ILE A 288 -33.50 2.88 -11.21
C ILE A 288 -33.16 3.94 -10.18
N ASP A 289 -34.21 4.42 -9.52
CA ASP A 289 -34.13 5.54 -8.51
C ASP A 289 -34.65 5.02 -7.14
N ARG A 290 -34.46 3.73 -6.87
CA ARG A 290 -35.02 3.10 -5.69
C ARG A 290 -33.98 2.23 -4.97
N ALA A 291 -33.76 2.50 -3.69
CA ALA A 291 -32.79 1.74 -2.95
C ALA A 291 -33.00 0.23 -2.97
N ASN A 292 -31.90 -0.50 -3.01
CA ASN A 292 -31.90 -1.98 -2.92
C ASN A 292 -32.51 -2.72 -4.10
N THR A 293 -32.77 -2.02 -5.18
CA THR A 293 -33.36 -2.68 -6.37
C THR A 293 -32.40 -3.66 -7.01
N VAL A 294 -32.95 -4.82 -7.31
CA VAL A 294 -32.20 -5.85 -8.03
C VAL A 294 -32.69 -5.82 -9.47
N ALA A 295 -31.73 -5.80 -10.40
CA ALA A 295 -31.99 -5.79 -11.83
C ALA A 295 -31.13 -6.88 -12.44
N LEU A 296 -31.74 -8.04 -12.66
CA LEU A 296 -31.01 -9.28 -12.88
C LEU A 296 -31.40 -9.82 -14.23
N GLY A 297 -30.41 -10.10 -15.07
CA GLY A 297 -30.65 -10.67 -16.40
C GLY A 297 -30.40 -12.17 -16.42
N LEU A 298 -31.23 -12.86 -17.21
CA LEU A 298 -31.06 -14.29 -17.48
C LEU A 298 -30.68 -14.49 -18.97
N GLY A 299 -29.89 -15.51 -19.28
CA GLY A 299 -29.63 -15.88 -20.66
C GLY A 299 -29.03 -14.76 -21.53
N LEU A 300 -28.16 -13.93 -20.96
CA LEU A 300 -27.52 -12.83 -21.67
C LEU A 300 -28.53 -11.82 -22.24
N ALA A 301 -29.58 -11.55 -21.45
CA ALA A 301 -30.53 -10.52 -21.75
C ALA A 301 -29.80 -9.25 -22.14
N THR A 302 -30.27 -8.63 -23.21
CA THR A 302 -29.56 -7.52 -23.85
C THR A 302 -30.44 -6.31 -24.01
N ILE A 303 -29.91 -5.13 -23.67
CA ILE A 303 -30.63 -3.88 -23.81
C ILE A 303 -29.94 -3.08 -24.91
N ILE A 304 -30.72 -2.61 -25.88
CA ILE A 304 -30.22 -1.70 -26.91
C ILE A 304 -30.91 -0.36 -26.79
N PRO A 305 -30.14 0.72 -26.57
CA PRO A 305 -30.77 2.03 -26.52
C PRO A 305 -30.91 2.58 -27.92
N ASP A 306 -32.12 2.98 -28.29
CA ASP A 306 -32.36 3.61 -29.58
C ASP A 306 -32.27 5.15 -29.47
N ASN A 307 -32.13 5.84 -30.61
CA ASN A 307 -32.28 7.30 -30.66
C ASN A 307 -31.21 8.01 -29.83
N GLY A 308 -30.11 7.34 -29.62
CA GLY A 308 -28.94 7.90 -28.91
C GLY A 308 -29.13 8.06 -27.43
N VAL A 309 -30.17 7.43 -26.89
CA VAL A 309 -30.37 7.59 -25.46
C VAL A 309 -29.41 6.72 -24.61
N THR A 310 -29.32 7.02 -23.31
CA THR A 310 -28.58 6.19 -22.40
C THR A 310 -29.44 4.98 -22.02
N ALA A 311 -28.84 3.79 -21.99
CA ALA A 311 -29.62 2.57 -21.76
C ALA A 311 -30.06 2.40 -20.30
N LEU A 312 -29.15 2.67 -19.38
CA LEU A 312 -29.36 2.31 -18.01
C LEU A 312 -28.70 3.28 -17.09
N LYS A 313 -29.48 3.70 -16.14
CA LYS A 313 -28.94 4.56 -15.14
C LYS A 313 -29.59 4.38 -13.81
N VAL A 314 -28.79 4.78 -12.86
CA VAL A 314 -28.97 4.37 -11.51
C VAL A 314 -28.80 5.65 -10.74
N GLY A 315 -29.84 5.97 -9.99
CA GLY A 315 -29.85 7.20 -9.22
C GLY A 315 -28.93 7.04 -8.04
N ASP A 316 -28.95 8.03 -7.16
CA ASP A 316 -27.86 8.04 -6.23
C ASP A 316 -28.47 7.53 -4.85
N VAL A 317 -28.49 6.20 -4.78
CA VAL A 317 -29.20 5.40 -3.78
C VAL A 317 -28.35 4.16 -3.40
N ASP A 318 -28.48 3.71 -2.16
CA ASP A 318 -27.83 2.50 -1.69
C ASP A 318 -28.32 1.23 -2.42
N GLY A 319 -27.41 0.25 -2.53
CA GLY A 319 -27.76 -1.14 -2.72
C GLY A 319 -28.35 -1.65 -4.02
N VAL A 320 -28.17 -0.94 -5.13
CA VAL A 320 -28.73 -1.41 -6.39
C VAL A 320 -27.77 -2.48 -6.89
N LYS A 321 -28.34 -3.56 -7.41
CA LYS A 321 -27.56 -4.72 -7.85
C LYS A 321 -27.94 -5.00 -9.28
N VAL A 322 -27.11 -4.53 -10.19
CA VAL A 322 -27.31 -4.76 -11.62
C VAL A 322 -26.47 -5.96 -12.00
N ALA A 323 -27.06 -6.97 -12.66
CA ALA A 323 -26.41 -8.26 -12.82
C ALA A 323 -26.87 -9.01 -14.10
N GLY A 324 -25.90 -9.45 -14.93
CA GLY A 324 -26.19 -10.38 -16.00
C GLY A 324 -26.88 -9.80 -17.22
N LEU A 325 -26.42 -8.62 -17.61
CA LEU A 325 -26.97 -7.88 -18.73
C LEU A 325 -25.88 -7.56 -19.75
N LEU A 326 -26.24 -7.57 -21.03
CA LEU A 326 -25.39 -7.02 -22.09
C LEU A 326 -26.06 -5.74 -22.57
N VAL A 327 -25.33 -4.65 -22.59
CA VAL A 327 -25.80 -3.43 -23.22
C VAL A 327 -25.08 -3.28 -24.55
N ASP A 328 -25.84 -3.14 -25.62
CA ASP A 328 -25.36 -3.20 -26.99
C ASP A 328 -25.72 -1.87 -27.65
N ALA A 329 -24.70 -1.10 -28.04
CA ALA A 329 -24.96 0.22 -28.60
C ALA A 329 -25.83 0.16 -29.85
N GLY A 330 -26.63 1.19 -30.03
CA GLY A 330 -27.35 1.38 -31.28
C GLY A 330 -26.51 2.17 -32.29
N PRO A 331 -26.95 2.17 -33.57
CA PRO A 331 -26.21 2.91 -34.60
C PRO A 331 -26.18 4.43 -34.40
N VAL A 332 -27.19 4.96 -33.73
CA VAL A 332 -27.13 6.35 -33.32
C VAL A 332 -26.25 6.47 -32.09
N ASN A 333 -25.30 7.38 -32.15
CA ASN A 333 -24.38 7.55 -31.03
C ASN A 333 -25.09 7.94 -29.73
N SER A 334 -24.84 7.14 -28.68
CA SER A 334 -25.23 7.48 -27.34
C SER A 334 -24.11 8.19 -26.60
N GLU A 335 -24.44 9.29 -25.96
CA GLU A 335 -23.42 10.01 -25.21
C GLU A 335 -22.85 9.15 -24.08
N THR A 336 -23.72 8.43 -23.40
CA THR A 336 -23.33 7.43 -22.42
C THR A 336 -24.23 6.20 -22.55
N LEU A 337 -23.72 5.00 -22.23
CA LEU A 337 -24.57 3.81 -22.28
C LEU A 337 -25.09 3.40 -20.92
N VAL A 338 -24.22 3.53 -19.91
CA VAL A 338 -24.60 3.20 -18.53
C VAL A 338 -24.07 4.26 -17.60
N GLU A 339 -24.93 4.78 -16.73
CA GLU A 339 -24.49 5.75 -15.71
C GLU A 339 -24.81 5.20 -14.33
N VAL A 340 -23.85 5.27 -13.42
CA VAL A 340 -24.13 4.87 -12.05
C VAL A 340 -23.96 6.10 -11.12
N GLY A 341 -25.10 6.66 -10.76
CA GLY A 341 -25.16 7.87 -9.97
C GLY A 341 -25.01 9.08 -10.84
N SER A 342 -24.93 10.23 -10.18
CA SER A 342 -24.96 11.51 -10.90
C SER A 342 -23.65 12.30 -10.81
N ASP A 343 -23.52 13.26 -11.72
CA ASP A 343 -22.32 14.11 -11.78
C ASP A 343 -22.13 15.05 -10.59
N GLY A 344 -21.12 14.76 -9.75
CA GLY A 344 -20.84 15.55 -8.55
C GLY A 344 -21.21 14.89 -7.22
N ALA A 345 -22.09 13.88 -7.30
CA ALA A 345 -22.56 13.15 -6.10
C ALA A 345 -21.42 12.75 -5.17
N SER A 346 -21.55 13.16 -3.90
CA SER A 346 -20.51 12.97 -2.89
C SER A 346 -21.13 12.27 -1.67
N GLY A 347 -22.35 11.78 -1.83
CA GLY A 347 -22.94 10.95 -0.82
C GLY A 347 -22.17 9.65 -0.75
N ASP A 348 -22.28 9.02 0.42
CA ASP A 348 -21.66 7.79 0.81
C ASP A 348 -22.59 6.61 0.64
N HIS A 349 -22.03 5.45 0.23
CA HIS A 349 -22.81 4.24 0.14
C HIS A 349 -22.03 3.05 0.67
N ALA A 350 -21.24 3.26 1.74
CA ALA A 350 -20.22 2.28 2.06
C ALA A 350 -20.78 0.98 2.62
N ALA A 351 -21.73 1.06 3.55
CA ALA A 351 -22.32 -0.15 4.12
C ALA A 351 -22.96 -1.02 3.02
N ASN A 352 -23.75 -0.37 2.17
CA ASN A 352 -24.57 -1.02 1.17
C ASN A 352 -24.37 -0.41 -0.22
N PRO A 353 -23.25 -0.79 -0.90
CA PRO A 353 -22.81 -0.45 -2.27
C PRO A 353 -23.83 -0.67 -3.34
N THR A 354 -23.81 0.13 -4.41
CA THR A 354 -24.38 -0.28 -5.68
C THR A 354 -23.28 -1.08 -6.37
N SER A 355 -23.67 -2.14 -7.10
CA SER A 355 -22.72 -2.99 -7.82
C SER A 355 -23.20 -3.24 -9.25
N LEU A 356 -22.22 -3.33 -10.15
CA LEU A 356 -22.41 -3.90 -11.48
C LEU A 356 -21.69 -5.25 -11.53
N GLN A 357 -22.41 -6.33 -11.86
CA GLN A 357 -21.80 -7.67 -11.97
C GLN A 357 -22.23 -8.35 -13.26
N ASP A 358 -21.27 -8.93 -13.98
CA ASP A 358 -21.54 -9.48 -15.31
C ASP A 358 -22.37 -8.49 -16.13
N VAL A 359 -21.94 -7.24 -16.09
CA VAL A 359 -22.41 -6.23 -17.01
C VAL A 359 -21.39 -6.14 -18.14
N PHE A 360 -21.90 -6.36 -19.35
CA PHE A 360 -21.09 -6.36 -20.54
C PHE A 360 -21.59 -5.26 -21.45
N VAL A 361 -20.68 -4.59 -22.14
CA VAL A 361 -21.06 -3.54 -23.10
C VAL A 361 -20.42 -3.89 -24.41
N ARG A 362 -21.17 -3.78 -25.49
CA ARG A 362 -20.64 -4.01 -26.83
C ARG A 362 -20.94 -2.78 -27.67
N ILE A 363 -19.94 -2.34 -28.46
CA ILE A 363 -20.12 -1.26 -29.43
C ILE A 363 -19.80 -1.78 -30.83
N GLY A 364 -20.83 -2.06 -31.62
CA GLY A 364 -20.66 -2.66 -32.94
C GLY A 364 -20.54 -4.17 -32.92
N GLY A 365 -20.38 -4.79 -34.11
CA GLY A 365 -20.13 -6.22 -34.24
C GLY A 365 -21.35 -6.91 -34.82
N ALA A 366 -22.51 -6.47 -34.35
CA ALA A 366 -23.79 -7.01 -34.82
C ALA A 366 -24.55 -5.97 -35.57
N GLY A 367 -23.79 -5.20 -36.34
CA GLY A 367 -24.32 -4.02 -36.96
C GLY A 367 -23.61 -2.81 -36.39
N PRO A 368 -23.57 -1.70 -37.17
CA PRO A 368 -22.85 -0.51 -36.78
C PRO A 368 -23.38 -0.05 -35.43
N GLY A 369 -22.49 0.40 -34.54
CA GLY A 369 -22.90 0.93 -33.24
C GLY A 369 -21.88 1.97 -32.75
N LYS A 370 -22.32 2.97 -31.96
CA LYS A 370 -21.43 4.03 -31.49
C LYS A 370 -21.85 4.56 -30.13
N ALA A 371 -20.88 4.95 -29.29
CA ALA A 371 -21.20 5.66 -28.06
C ALA A 371 -19.94 6.36 -27.60
N THR A 372 -20.11 7.51 -26.95
CA THR A 372 -18.99 8.33 -26.54
C THR A 372 -18.24 7.77 -25.33
N THR A 373 -18.96 7.57 -24.24
CA THR A 373 -18.41 6.91 -23.04
C THR A 373 -19.38 5.77 -22.81
N SER A 374 -18.85 4.60 -22.43
CA SER A 374 -19.70 3.45 -22.25
C SER A 374 -20.25 3.33 -20.83
N ILE A 375 -19.37 3.41 -19.84
CA ILE A 375 -19.81 3.37 -18.43
C ILE A 375 -19.20 4.50 -17.62
N VAL A 376 -20.05 5.32 -17.03
CA VAL A 376 -19.62 6.32 -16.05
C VAL A 376 -20.05 5.92 -14.65
N VAL A 377 -19.06 5.82 -13.75
CA VAL A 377 -19.35 5.51 -12.34
C VAL A 377 -19.17 6.76 -11.49
N ASN A 378 -20.31 7.30 -11.11
CA ASN A 378 -20.36 8.55 -10.39
C ASN A 378 -20.45 8.30 -8.86
N SER A 379 -21.17 7.26 -8.47
CA SER A 379 -21.45 6.99 -7.05
C SER A 379 -20.27 6.44 -6.28
N ASN A 380 -20.06 7.05 -5.13
CA ASN A 380 -19.06 6.56 -4.25
C ASN A 380 -19.36 5.13 -3.79
N ASP A 381 -18.28 4.38 -3.61
CA ASP A 381 -18.28 3.04 -3.02
C ASP A 381 -18.83 1.95 -3.95
N THR A 382 -19.05 2.31 -5.20
CA THR A 382 -19.56 1.38 -6.19
C THR A 382 -18.56 0.24 -6.45
N ILE A 383 -19.11 -0.95 -6.60
CA ILE A 383 -18.35 -2.17 -6.88
C ILE A 383 -18.63 -2.63 -8.31
N ILE A 384 -17.58 -2.79 -9.10
CA ILE A 384 -17.69 -3.27 -10.46
C ILE A 384 -16.99 -4.62 -10.43
N ASP A 385 -17.77 -5.71 -10.32
CA ASP A 385 -17.26 -7.07 -10.18
C ASP A 385 -17.57 -7.87 -11.41
N HIS A 386 -16.59 -7.91 -12.30
CA HIS A 386 -16.64 -8.52 -13.65
C HIS A 386 -17.40 -7.67 -14.67
N THR A 387 -16.65 -6.92 -15.45
CA THR A 387 -17.25 -6.25 -16.60
C THR A 387 -16.38 -6.47 -17.83
N TRP A 388 -17.00 -6.58 -19.00
CA TRP A 388 -16.28 -6.52 -20.30
C TRP A 388 -16.92 -5.42 -21.07
N VAL A 389 -16.10 -4.42 -21.40
CA VAL A 389 -16.56 -3.20 -22.07
C VAL A 389 -15.73 -3.18 -23.37
N TRP A 390 -16.41 -3.46 -24.46
CA TRP A 390 -15.75 -3.93 -25.69
C TRP A 390 -16.26 -3.19 -26.92
N ARG A 391 -15.38 -2.39 -27.51
CA ARG A 391 -15.65 -1.82 -28.79
C ARG A 391 -15.25 -2.89 -29.81
N ALA A 392 -16.22 -3.36 -30.59
CA ALA A 392 -16.00 -4.53 -31.44
C ALA A 392 -14.82 -4.34 -32.41
N ASP A 393 -13.96 -5.36 -32.46
CA ASP A 393 -12.83 -5.38 -33.38
C ASP A 393 -13.11 -6.24 -34.61
N HIS A 394 -14.23 -6.96 -34.62
CA HIS A 394 -14.62 -7.81 -35.73
C HIS A 394 -16.12 -7.91 -35.75
N GLY A 395 -16.62 -8.54 -36.80
CA GLY A 395 -18.04 -8.65 -37.04
C GLY A 395 -18.48 -7.58 -38.03
N GLU A 396 -19.76 -7.22 -37.99
CA GLU A 396 -20.28 -6.24 -38.94
C GLU A 396 -20.56 -4.89 -38.29
N GLY A 397 -20.38 -3.84 -39.08
CA GLY A 397 -20.51 -2.50 -38.57
C GLY A 397 -19.33 -2.01 -37.74
N VAL A 398 -18.14 -2.52 -38.05
CA VAL A 398 -16.93 -2.06 -37.35
C VAL A 398 -16.03 -1.24 -38.27
N GLY A 399 -15.28 -0.35 -37.66
CA GLY A 399 -14.36 0.49 -38.39
C GLY A 399 -14.01 1.71 -37.56
N TRP A 400 -12.88 2.32 -37.90
CA TRP A 400 -12.33 3.43 -37.10
C TRP A 400 -13.37 4.57 -36.92
N GLU A 401 -14.24 4.75 -37.91
CA GLU A 401 -15.35 5.72 -37.79
C GLU A 401 -16.65 5.01 -37.52
N THR A 402 -16.86 3.90 -38.22
CA THR A 402 -18.14 3.23 -38.26
C THR A 402 -18.64 2.81 -36.87
N ASN A 403 -17.75 2.28 -36.04
CA ASN A 403 -18.09 2.00 -34.64
C ASN A 403 -17.16 2.73 -33.68
N ARG A 404 -16.80 3.96 -34.05
CA ARG A 404 -16.06 4.84 -33.16
C ARG A 404 -16.69 4.87 -31.76
N ALA A 405 -15.85 4.65 -30.75
CA ALA A 405 -16.25 4.79 -29.35
C ALA A 405 -15.04 5.29 -28.56
N ASP A 406 -15.08 6.54 -28.12
CA ASP A 406 -13.85 7.16 -27.60
C ASP A 406 -13.39 6.61 -26.25
N TYR A 407 -14.33 6.41 -25.34
CA TYR A 407 -14.04 6.18 -23.94
C TYR A 407 -14.80 4.97 -23.39
N GLY A 408 -14.10 4.07 -22.71
CA GLY A 408 -14.76 2.89 -22.19
C GLY A 408 -15.44 3.12 -20.85
N VAL A 409 -14.63 3.30 -19.82
CA VAL A 409 -15.09 3.45 -18.48
C VAL A 409 -14.44 4.67 -17.91
N HIS A 410 -15.28 5.52 -17.33
CA HIS A 410 -14.78 6.66 -16.56
C HIS A 410 -15.29 6.58 -15.14
N VAL A 411 -14.38 6.50 -14.18
CA VAL A 411 -14.77 6.44 -12.77
C VAL A 411 -14.54 7.81 -12.17
N LYS A 412 -15.60 8.42 -11.66
CA LYS A 412 -15.51 9.73 -11.00
C LYS A 412 -15.69 9.65 -9.47
N GLY A 413 -16.51 8.71 -9.05
CA GLY A 413 -16.74 8.48 -7.63
C GLY A 413 -15.50 7.99 -6.87
N ASP A 414 -15.60 8.09 -5.53
CA ASP A 414 -14.53 7.82 -4.61
C ASP A 414 -14.77 6.41 -4.01
N ASN A 415 -13.68 5.77 -3.64
CA ASN A 415 -13.69 4.42 -3.04
C ASN A 415 -14.39 3.37 -3.92
N VAL A 416 -14.29 3.55 -5.23
CA VAL A 416 -14.84 2.57 -6.19
C VAL A 416 -13.85 1.42 -6.33
N LEU A 417 -14.38 0.21 -6.51
CA LEU A 417 -13.56 -1.01 -6.53
C LEU A 417 -13.93 -1.73 -7.77
N ALA A 418 -12.94 -2.06 -8.59
CA ALA A 418 -13.15 -2.89 -9.77
C ALA A 418 -12.39 -4.20 -9.57
N THR A 419 -13.10 -5.33 -9.60
CA THR A 419 -12.50 -6.64 -9.54
C THR A 419 -12.86 -7.38 -10.86
N GLY A 420 -11.84 -7.67 -11.68
CA GLY A 420 -12.11 -8.37 -12.92
C GLY A 420 -12.53 -7.39 -14.02
N LEU A 421 -11.65 -6.46 -14.33
CA LEU A 421 -11.97 -5.35 -15.26
C LEU A 421 -11.38 -5.65 -16.64
N PHE A 422 -12.23 -5.81 -17.66
CA PHE A 422 -11.77 -6.11 -19.02
C PHE A 422 -12.32 -4.99 -19.95
N VAL A 423 -11.47 -4.20 -20.60
CA VAL A 423 -11.93 -3.10 -21.42
C VAL A 423 -11.05 -2.97 -22.66
N GLU A 424 -11.64 -3.00 -23.84
CA GLU A 424 -10.84 -3.16 -25.08
C GLU A 424 -11.32 -2.31 -26.25
N HIS A 425 -10.32 -1.73 -26.90
CA HIS A 425 -10.32 -1.25 -28.29
C HIS A 425 -10.89 0.15 -28.49
N PHE A 426 -11.03 0.92 -27.42
CA PHE A 426 -11.55 2.27 -27.59
C PHE A 426 -10.62 3.22 -28.37
N ASN A 427 -11.21 4.23 -29.03
CA ASN A 427 -10.44 5.17 -29.86
C ASN A 427 -9.55 6.10 -29.03
N LYS A 428 -9.92 6.31 -27.77
CA LYS A 428 -9.15 7.11 -26.83
C LYS A 428 -8.89 6.31 -25.56
N TYR A 429 -9.14 6.88 -24.39
CA TYR A 429 -8.80 6.18 -23.15
C TYR A 429 -9.82 5.06 -22.83
N ASP A 430 -9.33 3.83 -22.74
CA ASP A 430 -10.20 2.73 -22.42
C ASP A 430 -10.78 2.90 -21.02
N VAL A 431 -9.89 3.16 -20.08
CA VAL A 431 -10.26 3.45 -18.71
C VAL A 431 -9.58 4.71 -18.25
N GLN A 432 -10.39 5.55 -17.63
CA GLN A 432 -9.95 6.81 -17.05
C GLN A 432 -10.55 6.92 -15.63
N TRP A 433 -9.72 7.31 -14.67
CA TRP A 433 -10.11 7.28 -13.28
C TRP A 433 -9.78 8.62 -12.64
N SER A 434 -10.81 9.32 -12.17
CA SER A 434 -10.56 10.56 -11.43
C SER A 434 -10.87 10.54 -9.97
N GLY A 435 -11.85 9.74 -9.56
CA GLY A 435 -12.20 9.68 -8.16
C GLY A 435 -11.03 9.24 -7.31
N GLU A 436 -11.13 9.41 -5.99
CA GLU A 436 -10.03 9.09 -5.11
C GLU A 436 -10.19 7.68 -4.48
N ASN A 437 -9.05 7.13 -4.03
CA ASN A 437 -8.93 5.81 -3.35
C ASN A 437 -9.57 4.70 -4.15
N GLY A 438 -9.48 4.83 -5.46
CA GLY A 438 -9.92 3.77 -6.35
C GLY A 438 -9.00 2.57 -6.22
N LYS A 439 -9.55 1.39 -6.49
CA LYS A 439 -8.82 0.12 -6.44
C LYS A 439 -9.28 -0.75 -7.61
N THR A 440 -8.32 -1.29 -8.37
CA THR A 440 -8.55 -2.25 -9.43
C THR A 440 -7.73 -3.50 -9.18
N ILE A 441 -8.42 -4.63 -9.05
CA ILE A 441 -7.79 -5.93 -8.96
C ILE A 441 -8.10 -6.69 -10.22
N PHE A 442 -7.06 -6.87 -11.03
CA PHE A 442 -7.09 -7.42 -12.40
C PHE A 442 -7.63 -6.48 -13.49
N TYR A 443 -6.76 -6.18 -14.45
CA TYR A 443 -7.15 -5.47 -15.66
C TYR A 443 -6.60 -6.12 -16.91
N GLN A 444 -7.48 -6.28 -17.88
CA GLN A 444 -7.09 -6.73 -19.21
C GLN A 444 -7.62 -5.74 -20.25
N ASN A 445 -6.69 -5.27 -21.07
CA ASN A 445 -6.98 -4.36 -22.16
C ASN A 445 -6.28 -4.83 -23.42
N ALA A 446 -6.91 -4.58 -24.56
CA ALA A 446 -6.19 -4.53 -25.82
C ALA A 446 -6.61 -3.26 -26.53
N LYS A 447 -5.63 -2.65 -27.17
CA LYS A 447 -5.85 -1.36 -27.81
C LYS A 447 -6.65 -1.54 -29.10
N ALA A 448 -7.10 -0.43 -29.65
CA ALA A 448 -7.80 -0.50 -30.93
C ALA A 448 -6.85 -1.03 -31.98
N TYR A 449 -7.32 -1.97 -32.79
CA TYR A 449 -6.50 -2.57 -33.84
C TYR A 449 -6.49 -1.74 -35.09
N ASP A 450 -7.55 -0.95 -35.27
CA ASP A 450 -7.85 -0.32 -36.53
C ASP A 450 -7.46 1.17 -36.63
N ALA A 451 -6.52 1.60 -35.80
CA ALA A 451 -6.06 2.99 -35.89
C ALA A 451 -5.35 3.06 -37.23
N PRO A 452 -5.65 4.08 -38.04
CA PRO A 452 -5.13 4.16 -39.42
C PRO A 452 -3.69 4.65 -39.55
N ASP A 453 -3.23 5.45 -38.58
CA ASP A 453 -1.86 5.97 -38.58
C ASP A 453 -1.63 6.64 -37.24
N GLN A 454 -0.38 7.05 -37.03
CA GLN A 454 0.01 7.67 -35.77
C GLN A 454 -0.79 8.93 -35.47
N ALA A 455 -1.04 9.73 -36.50
CA ALA A 455 -1.69 11.01 -36.27
C ALA A 455 -3.07 10.80 -35.67
N ALA A 456 -3.70 9.69 -35.98
CA ALA A 456 -5.08 9.48 -35.51
C ALA A 456 -5.25 9.10 -34.02
N ILE A 457 -4.14 8.82 -33.34
CA ILE A 457 -4.14 8.57 -31.89
C ILE A 457 -3.18 9.48 -31.13
N GLN A 458 -2.64 10.47 -31.84
CA GLN A 458 -1.83 11.54 -31.28
C GLN A 458 -2.63 12.29 -30.21
N ASN A 459 -2.03 12.51 -29.00
CA ASN A 459 -2.75 12.96 -27.78
C ASN A 459 -1.87 13.87 -26.91
N GLY A 460 -1.98 15.18 -27.15
CA GLY A 460 -0.98 16.14 -26.73
C GLY A 460 0.37 15.79 -27.35
N ASP A 461 1.37 15.70 -26.50
CA ASP A 461 2.62 15.14 -26.92
C ASP A 461 2.51 13.57 -27.00
N ILE A 462 1.73 12.98 -26.11
CA ILE A 462 1.71 11.51 -26.00
C ILE A 462 1.33 10.85 -27.33
N LYS A 463 2.10 9.85 -27.75
CA LYS A 463 1.64 8.96 -28.81
C LYS A 463 0.66 7.94 -28.24
N GLY A 464 -0.59 8.05 -28.65
CA GLY A 464 -1.66 7.19 -28.16
C GLY A 464 -2.26 7.62 -26.85
N TYR A 465 -3.35 6.95 -26.48
CA TYR A 465 -4.05 7.16 -25.22
C TYR A 465 -3.84 5.95 -24.37
N ALA A 466 -3.50 6.17 -23.12
CA ALA A 466 -3.32 5.05 -22.22
C ALA A 466 -4.54 4.17 -22.24
N ALA A 467 -4.33 2.87 -22.07
CA ALA A 467 -5.43 1.96 -21.72
C ALA A 467 -6.05 2.25 -20.35
N TYR A 468 -5.26 2.79 -19.44
CA TYR A 468 -5.72 3.01 -18.05
C TYR A 468 -5.00 4.26 -17.58
N LYS A 469 -5.78 5.34 -17.46
CA LYS A 469 -5.28 6.61 -17.04
C LYS A 469 -5.87 7.04 -15.73
N VAL A 470 -4.98 7.52 -14.88
CA VAL A 470 -5.37 8.10 -13.64
C VAL A 470 -5.06 9.57 -13.69
N ASP A 471 -6.08 10.39 -13.40
CA ASP A 471 -5.94 11.85 -13.50
C ASP A 471 -4.78 12.35 -12.63
N ASP A 472 -4.05 13.33 -13.14
CA ASP A 472 -2.92 13.94 -12.42
C ASP A 472 -3.35 14.47 -11.08
N SER A 473 -4.61 14.91 -11.01
CA SER A 473 -5.12 15.58 -9.82
C SER A 473 -5.29 14.66 -8.60
N VAL A 474 -5.25 13.34 -8.84
CA VAL A 474 -5.58 12.31 -7.84
C VAL A 474 -4.46 11.95 -6.81
N THR A 475 -4.85 11.77 -5.53
CA THR A 475 -3.86 11.43 -4.48
C THR A 475 -3.66 9.96 -4.13
N THR A 476 -4.74 9.17 -4.15
CA THR A 476 -4.68 7.80 -3.73
C THR A 476 -5.36 6.96 -4.83
N HIS A 477 -4.65 5.93 -5.27
CA HIS A 477 -5.19 4.95 -6.24
C HIS A 477 -4.35 3.71 -6.06
N GLU A 478 -4.92 2.55 -6.34
CA GLU A 478 -4.09 1.35 -6.33
C GLU A 478 -4.60 0.31 -7.33
N GLY A 479 -3.68 -0.31 -8.08
CA GLY A 479 -4.02 -1.33 -9.05
C GLY A 479 -3.07 -2.52 -8.98
N TRP A 480 -3.63 -3.72 -9.15
CA TRP A 480 -2.87 -4.97 -9.10
C TRP A 480 -3.17 -5.84 -10.31
N GLY A 481 -2.10 -6.30 -10.97
CA GLY A 481 -2.26 -7.34 -11.99
C GLY A 481 -2.93 -6.87 -13.29
N MET A 482 -2.22 -6.03 -14.02
CA MET A 482 -2.82 -5.25 -15.07
C MET A 482 -2.01 -5.28 -16.38
N GLY A 483 -2.68 -5.62 -17.47
CA GLY A 483 -2.03 -5.71 -18.77
C GLY A 483 -2.76 -5.02 -19.92
N SER A 484 -1.97 -4.48 -20.83
CA SER A 484 -2.48 -3.87 -22.07
C SER A 484 -1.75 -4.47 -23.28
N TYR A 485 -2.51 -4.92 -24.27
CA TYR A 485 -1.93 -5.53 -25.49
C TYR A 485 -2.21 -4.69 -26.75
N CYS A 486 -1.28 -4.71 -27.70
CA CYS A 486 -1.52 -4.02 -28.98
C CYS A 486 -1.45 -4.97 -30.16
N TYR A 487 -2.20 -4.63 -31.21
CA TYR A 487 -2.23 -5.37 -32.45
C TYR A 487 -2.71 -4.41 -33.52
N PHE A 488 -1.81 -3.53 -33.89
CA PHE A 488 -2.14 -2.46 -34.82
C PHE A 488 -2.02 -3.09 -36.21
N ASN A 489 -3.08 -3.81 -36.59
CA ASN A 489 -3.06 -4.61 -37.82
C ASN A 489 -3.31 -3.74 -39.06
N VAL A 490 -4.06 -2.66 -38.90
CA VAL A 490 -4.21 -1.68 -39.98
C VAL A 490 -2.83 -1.09 -40.31
N ASN A 491 -2.12 -0.62 -39.27
CA ASN A 491 -0.86 0.11 -39.46
C ASN A 491 0.20 -0.30 -38.41
N PRO A 492 0.94 -1.40 -38.70
CA PRO A 492 1.89 -1.94 -37.72
C PRO A 492 3.15 -1.08 -37.49
N ASP A 493 3.26 0.07 -38.15
CA ASP A 493 4.31 1.03 -37.82
C ASP A 493 3.99 1.92 -36.62
N ILE A 494 2.74 1.85 -36.16
CA ILE A 494 2.31 2.67 -35.05
C ILE A 494 3.09 2.34 -33.80
N ARG A 495 3.24 3.37 -32.97
CA ARG A 495 3.80 3.28 -31.64
C ARG A 495 2.80 3.77 -30.60
N GLN A 496 2.65 2.97 -29.56
CA GLN A 496 1.82 3.31 -28.40
C GLN A 496 2.78 3.67 -27.26
N GLN A 497 2.68 4.87 -26.73
CA GLN A 497 3.69 5.33 -25.77
C GLN A 497 3.69 4.50 -24.54
N HIS A 498 2.48 4.15 -24.04
CA HIS A 498 2.35 3.37 -22.80
C HIS A 498 0.98 2.71 -22.67
N GLY A 499 0.90 1.68 -21.82
CA GLY A 499 -0.40 1.12 -21.48
C GLY A 499 -1.09 1.89 -20.37
N PHE A 500 -0.30 2.51 -19.51
CA PHE A 500 -0.75 3.15 -18.28
C PHE A 500 -0.25 4.59 -18.11
N GLN A 501 -1.11 5.40 -17.51
CA GLN A 501 -0.97 6.84 -17.32
C GLN A 501 -1.24 7.24 -15.89
N ALA A 502 -0.28 7.82 -15.14
CA ALA A 502 -0.59 8.25 -13.76
C ALA A 502 0.44 9.21 -13.18
N PRO A 503 0.00 10.01 -12.20
CA PRO A 503 0.97 10.79 -11.44
C PRO A 503 1.93 9.89 -10.66
N VAL A 504 3.10 10.42 -10.38
CA VAL A 504 4.07 9.81 -9.50
C VAL A 504 4.00 10.43 -8.11
N LYS A 505 3.21 9.81 -7.25
CA LYS A 505 3.02 10.17 -5.83
C LYS A 505 3.12 8.88 -5.01
N PRO A 506 3.60 8.94 -3.73
CA PRO A 506 3.49 7.61 -3.11
C PRO A 506 2.09 7.07 -2.83
N GLY A 507 1.01 7.85 -2.95
CA GLY A 507 -0.33 7.33 -2.72
C GLY A 507 -0.95 6.64 -3.95
N VAL A 508 -0.30 6.77 -5.10
CA VAL A 508 -0.74 6.20 -6.41
C VAL A 508 0.22 5.08 -6.85
N LYS A 509 -0.18 3.84 -6.58
CA LYS A 509 0.72 2.69 -6.73
C LYS A 509 0.12 1.66 -7.64
N PHE A 510 0.98 0.95 -8.35
CA PHE A 510 0.61 -0.22 -9.14
C PHE A 510 1.54 -1.36 -8.80
N HIS A 511 1.02 -2.56 -9.02
CA HIS A 511 1.73 -3.79 -8.88
C HIS A 511 1.47 -4.65 -10.07
N ASP A 512 2.56 -5.17 -10.63
CA ASP A 512 2.54 -6.18 -11.69
C ASP A 512 1.80 -5.67 -12.91
N LEU A 513 2.46 -4.72 -13.58
CA LEU A 513 2.02 -4.15 -14.85
C LEU A 513 2.74 -4.82 -16.03
N LEU A 514 1.99 -5.04 -17.08
CA LEU A 514 2.62 -5.53 -18.32
C LEU A 514 2.01 -4.92 -19.58
N VAL A 515 2.85 -4.74 -20.62
CA VAL A 515 2.37 -4.46 -21.97
C VAL A 515 2.93 -5.48 -22.93
N VAL A 516 2.15 -5.80 -23.95
CA VAL A 516 2.54 -6.82 -24.89
C VAL A 516 2.16 -6.47 -26.31
N SER A 517 3.12 -6.60 -27.23
CA SER A 517 2.84 -6.47 -28.64
C SER A 517 2.48 -7.80 -29.28
N LEU A 518 1.26 -7.89 -29.82
CA LEU A 518 0.83 -9.14 -30.41
C LEU A 518 1.46 -9.36 -31.81
N GLY A 519 2.59 -10.06 -31.85
CA GLY A 519 3.20 -10.46 -33.10
C GLY A 519 3.88 -9.32 -33.88
N GLY A 520 4.35 -8.29 -33.20
CA GLY A 520 5.06 -7.20 -33.85
C GLY A 520 4.19 -6.18 -34.54
N LYS A 521 2.87 -6.30 -34.37
CA LYS A 521 1.93 -5.36 -34.97
C LYS A 521 1.83 -4.09 -34.09
N GLY A 522 2.74 -3.16 -34.40
CA GLY A 522 2.94 -2.01 -33.54
C GLY A 522 3.77 -2.43 -32.34
N GLN A 523 4.23 -1.44 -31.59
CA GLN A 523 4.97 -1.67 -30.37
C GLN A 523 4.65 -0.61 -29.31
N TYR A 524 4.89 -0.95 -28.04
CA TYR A 524 4.81 0.02 -26.96
C TYR A 524 6.19 0.69 -26.79
N GLU A 525 6.22 1.96 -26.42
CA GLU A 525 7.49 2.63 -26.09
C GLU A 525 7.92 2.38 -24.65
N HIS A 526 6.92 2.22 -23.80
CA HIS A 526 7.09 2.04 -22.37
C HIS A 526 5.87 1.35 -21.79
N VAL A 527 5.94 1.01 -20.50
CA VAL A 527 4.80 0.41 -19.82
C VAL A 527 3.83 1.46 -19.20
N ILE A 528 4.36 2.31 -18.34
CA ILE A 528 3.60 3.38 -17.69
C ILE A 528 4.37 4.69 -17.80
N ASN A 529 3.66 5.77 -18.13
CA ASN A 529 4.31 7.05 -18.30
C ASN A 529 5.51 6.87 -19.30
N ASP A 530 6.75 7.24 -18.94
CA ASP A 530 7.95 6.94 -19.74
C ASP A 530 8.86 5.90 -19.05
N ILE A 531 8.24 5.06 -18.23
CA ILE A 531 8.90 4.01 -17.43
C ILE A 531 8.65 2.62 -18.02
N GLY A 532 9.69 1.78 -18.02
CA GLY A 532 9.59 0.41 -18.48
C GLY A 532 10.10 0.34 -19.90
N ASP A 533 10.59 -0.83 -20.29
CA ASP A 533 11.17 -0.98 -21.60
C ASP A 533 10.11 -0.95 -22.67
N PRO A 534 10.51 -0.59 -23.89
CA PRO A 534 9.58 -0.76 -25.00
C PRO A 534 9.44 -2.25 -25.28
N THR A 535 8.38 -2.66 -25.97
CA THR A 535 8.33 -4.00 -26.50
C THR A 535 9.13 -4.08 -27.79
N SER A 536 9.82 -5.19 -28.00
CA SER A 536 10.68 -5.36 -29.17
C SER A 536 10.41 -6.70 -29.81
N GLY A 537 10.67 -6.79 -31.11
CA GLY A 537 10.63 -8.04 -31.88
C GLY A 537 9.20 -8.39 -32.27
N ASP A 538 9.02 -9.58 -32.86
CA ASP A 538 7.71 -10.11 -33.22
C ASP A 538 7.35 -11.34 -32.36
N THR A 539 7.91 -11.40 -31.16
CA THR A 539 7.76 -12.61 -30.32
C THR A 539 6.78 -12.48 -29.12
N THR A 540 6.04 -11.38 -29.07
CA THR A 540 4.98 -11.21 -28.08
C THR A 540 5.56 -11.43 -26.64
N ILE A 541 6.79 -11.04 -26.46
CA ILE A 541 7.41 -11.05 -25.15
C ILE A 541 6.93 -9.85 -24.33
N PRO A 542 6.34 -10.09 -23.15
CA PRO A 542 5.85 -8.91 -22.41
C PRO A 542 6.94 -8.01 -21.87
N SER A 543 6.64 -6.72 -21.78
CA SER A 543 7.47 -5.77 -21.04
C SER A 543 6.75 -5.39 -19.74
N GLN A 544 7.48 -5.25 -18.64
CA GLN A 544 6.89 -5.39 -17.32
C GLN A 544 7.40 -4.37 -16.38
N VAL A 545 6.50 -3.93 -15.52
CA VAL A 545 6.93 -3.08 -14.43
C VAL A 545 6.32 -3.73 -13.20
N VAL A 546 7.19 -4.30 -12.33
CA VAL A 546 6.75 -5.15 -11.25
C VAL A 546 6.08 -4.30 -10.16
N SER A 547 6.61 -3.09 -9.97
CA SER A 547 6.08 -2.12 -9.03
C SER A 547 6.20 -0.70 -9.55
N PHE A 548 5.36 0.20 -9.02
CA PHE A 548 5.37 1.60 -9.35
C PHE A 548 4.67 2.45 -8.25
N PRO A 549 5.28 3.60 -7.87
CA PRO A 549 6.53 4.15 -8.43
C PRO A 549 7.80 3.49 -7.83
N VAL B 2 -14.04 16.51 20.08
CA VAL B 2 -12.88 15.65 20.20
C VAL B 2 -12.93 14.63 21.37
N VAL B 3 -12.99 13.35 21.02
CA VAL B 3 -13.14 12.29 22.02
C VAL B 3 -11.81 11.56 22.31
N GLY B 4 -11.73 10.89 23.45
CA GLY B 4 -10.56 10.06 23.74
C GLY B 4 -10.76 8.57 23.53
N GLY B 5 -9.64 7.87 23.32
CA GLY B 5 -9.61 6.41 23.27
C GLY B 5 -10.01 5.80 21.93
N GLY B 6 -10.27 4.49 21.95
CA GLY B 6 -10.71 3.77 20.77
C GLY B 6 -9.73 2.86 20.03
N ASP B 7 -10.16 2.44 18.85
CA ASP B 7 -9.39 1.54 17.99
C ASP B 7 -8.23 2.30 17.39
N LEU B 8 -7.12 1.60 17.12
CA LEU B 8 -5.90 2.24 16.60
C LEU B 8 -5.68 2.09 15.10
N GLY B 9 -6.63 1.45 14.45
CA GLY B 9 -6.65 1.45 13.00
C GLY B 9 -5.90 0.27 12.44
N PRO B 10 -5.92 0.14 11.09
CA PRO B 10 -5.43 -1.11 10.52
C PRO B 10 -3.92 -1.14 10.24
N ASN B 11 -3.23 -0.01 10.47
CA ASN B 11 -1.78 0.06 10.39
C ASN B 11 -1.08 -0.37 11.70
N VAL B 12 -1.88 -0.78 12.69
CA VAL B 12 -1.34 -1.31 13.92
C VAL B 12 -1.85 -2.72 14.03
N LEU B 13 -0.95 -3.68 13.79
CA LEU B 13 -1.28 -5.10 13.79
C LEU B 13 -0.99 -5.63 15.19
N VAL B 14 -2.03 -6.16 15.82
CA VAL B 14 -1.92 -6.61 17.20
C VAL B 14 -1.90 -8.12 17.16
N PHE B 15 -0.78 -8.66 17.63
CA PHE B 15 -0.49 -10.07 17.63
C PHE B 15 -0.64 -10.69 19.01
N ASP B 16 -1.03 -11.95 19.03
CA ASP B 16 -1.12 -12.71 20.25
C ASP B 16 -0.61 -14.11 19.89
N PRO B 17 -0.19 -14.90 20.89
CA PRO B 17 0.29 -16.24 20.55
C PRO B 17 -0.65 -17.12 19.71
N SER B 18 -1.97 -16.92 19.80
CA SER B 18 -2.99 -17.68 19.03
C SER B 18 -3.23 -17.15 17.61
N THR B 19 -2.64 -16.00 17.30
CA THR B 19 -2.73 -15.46 15.96
C THR B 19 -2.23 -16.47 14.91
N PRO B 20 -3.11 -16.88 13.98
CA PRO B 20 -2.57 -17.82 12.97
C PRO B 20 -1.58 -17.16 12.03
N ASP B 21 -0.59 -17.94 11.61
CA ASP B 21 0.41 -17.54 10.61
C ASP B 21 1.12 -16.20 10.91
N ILE B 22 1.49 -16.01 12.16
CA ILE B 22 2.24 -14.80 12.53
C ILE B 22 3.42 -14.56 11.54
N GLN B 23 4.15 -15.62 11.18
CA GLN B 23 5.33 -15.43 10.33
C GLN B 23 4.96 -14.85 8.96
N GLY B 24 3.96 -15.42 8.29
CA GLY B 24 3.72 -14.99 6.92
C GLY B 24 3.29 -13.55 6.96
N LYS B 25 2.52 -13.20 7.98
CA LYS B 25 2.04 -11.83 8.17
C LYS B 25 3.18 -10.85 8.40
N VAL B 26 4.10 -11.16 9.29
CA VAL B 26 5.24 -10.24 9.48
C VAL B 26 6.10 -10.25 8.21
N ASP B 27 6.18 -11.42 7.57
CA ASP B 27 6.90 -11.50 6.30
C ASP B 27 6.24 -10.67 5.19
N GLU B 28 4.90 -10.61 5.17
CA GLU B 28 4.20 -9.82 4.15
C GLU B 28 4.44 -8.32 4.34
N VAL B 29 4.46 -7.84 5.59
CA VAL B 29 4.76 -6.43 5.80
C VAL B 29 6.21 -6.15 5.39
N PHE B 30 7.13 -7.08 5.72
CA PHE B 30 8.52 -6.93 5.29
C PHE B 30 8.71 -6.92 3.78
N ARG B 31 7.97 -7.75 3.06
CA ARG B 31 8.10 -7.78 1.61
C ARG B 31 7.88 -6.40 1.03
N LYS B 32 6.81 -5.77 1.45
CA LYS B 32 6.49 -4.41 1.01
C LYS B 32 7.41 -3.32 1.50
N GLN B 33 7.82 -3.43 2.75
CA GLN B 33 8.62 -2.39 3.37
C GLN B 33 10.13 -2.53 3.24
N GLU B 34 10.59 -3.63 2.65
CA GLU B 34 12.00 -3.94 2.61
C GLU B 34 12.84 -2.85 1.94
N SER B 35 12.43 -2.52 0.74
CA SER B 35 13.11 -1.56 -0.13
C SER B 35 12.32 -0.25 -0.18
N ASN B 36 11.36 -0.08 0.74
CA ASN B 36 10.40 1.06 0.76
C ASN B 36 10.94 2.34 1.43
N GLN B 37 12.06 2.86 0.94
CA GLN B 37 12.79 3.88 1.68
C GLN B 37 12.07 5.24 1.87
N PHE B 38 11.29 5.62 0.88
CA PHE B 38 10.67 6.94 0.88
C PHE B 38 9.15 6.91 0.68
N GLY B 39 8.53 5.73 0.68
CA GLY B 39 7.07 5.62 0.57
C GLY B 39 6.36 6.08 1.84
N THR B 40 5.04 6.23 1.76
CA THR B 40 4.28 6.74 2.86
C THR B 40 3.61 5.63 3.78
N ASP B 41 3.68 4.36 3.43
CA ASP B 41 3.08 3.37 4.34
C ASP B 41 3.89 3.27 5.65
N ARG B 42 3.16 2.99 6.71
CA ARG B 42 3.66 2.93 8.05
C ARG B 42 3.04 1.72 8.71
N TYR B 43 3.82 1.05 9.55
CA TYR B 43 3.36 -0.14 10.25
C TYR B 43 3.87 -0.19 11.66
N ALA B 44 2.97 -0.46 12.60
CA ALA B 44 3.35 -0.83 13.97
C ALA B 44 2.91 -2.26 14.23
N LEU B 45 3.88 -3.13 14.56
CA LEU B 45 3.62 -4.53 14.94
C LEU B 45 3.74 -4.61 16.45
N MET B 46 2.63 -4.92 17.15
CA MET B 46 2.48 -4.77 18.61
C MET B 46 2.14 -6.20 19.10
N PHE B 47 2.95 -6.76 19.99
CA PHE B 47 2.80 -8.15 20.46
C PHE B 47 2.31 -8.24 21.90
N LYS B 48 1.18 -8.89 22.10
CA LYS B 48 0.67 -9.09 23.45
C LYS B 48 1.57 -10.02 24.25
N PRO B 49 1.59 -9.86 25.58
CA PRO B 49 2.34 -10.74 26.49
C PRO B 49 2.16 -12.21 26.15
N GLY B 50 3.27 -12.91 26.24
CA GLY B 50 3.26 -14.36 26.10
C GLY B 50 4.59 -14.80 25.51
N THR B 51 4.66 -16.04 24.97
CA THR B 51 5.86 -16.49 24.28
C THR B 51 5.50 -16.91 22.88
N TYR B 52 6.36 -16.53 21.95
CA TYR B 52 6.15 -16.75 20.55
C TYR B 52 7.30 -17.57 20.04
N ASN B 53 7.01 -18.77 19.54
CA ASN B 53 8.03 -19.60 18.93
C ASN B 53 8.07 -19.39 17.43
N ASP B 54 9.19 -19.80 16.83
CA ASP B 54 9.23 -20.01 15.40
C ASP B 54 9.00 -18.71 14.64
N ILE B 55 9.68 -17.65 15.11
CA ILE B 55 9.53 -16.36 14.45
C ILE B 55 10.83 -15.72 14.11
N ASN B 56 10.87 -15.18 12.89
CA ASN B 56 11.99 -14.36 12.47
C ASN B 56 11.37 -13.13 11.86
N ALA B 57 11.25 -12.10 12.66
CA ALA B 57 10.58 -10.89 12.22
C ALA B 57 11.61 -9.96 11.65
N GLN B 58 11.63 -9.88 10.33
CA GLN B 58 12.56 -9.02 9.66
C GLN B 58 11.84 -7.65 9.55
N ILE B 59 12.58 -6.60 9.88
CA ILE B 59 12.04 -5.27 10.07
C ILE B 59 12.52 -4.38 8.90
N GLY B 60 11.56 -3.97 8.07
CA GLY B 60 11.84 -3.05 6.98
C GLY B 60 11.70 -1.58 7.34
N PHE B 61 11.69 -0.73 6.31
CA PHE B 61 11.39 0.69 6.52
C PHE B 61 10.05 0.96 7.22
N TYR B 62 10.04 1.97 8.08
CA TYR B 62 8.82 2.52 8.70
C TYR B 62 7.99 1.46 9.38
N THR B 63 8.69 0.54 10.04
CA THR B 63 8.09 -0.55 10.78
C THR B 63 8.64 -0.47 12.20
N SER B 64 7.74 -0.34 13.17
CA SER B 64 8.05 -0.47 14.59
C SER B 64 7.55 -1.84 15.11
N ILE B 65 8.33 -2.44 15.99
CA ILE B 65 7.93 -3.73 16.58
C ILE B 65 8.13 -3.58 18.07
N ALA B 66 7.15 -4.05 18.85
CA ALA B 66 7.22 -3.92 20.29
C ALA B 66 6.31 -4.92 20.98
N GLY B 67 6.65 -5.16 22.22
CA GLY B 67 5.82 -5.91 23.15
C GLY B 67 4.87 -4.98 23.92
N LEU B 68 3.93 -5.61 24.62
CA LEU B 68 2.85 -4.91 25.30
C LEU B 68 2.72 -5.29 26.78
N GLY B 69 3.77 -5.87 27.34
CA GLY B 69 3.77 -6.30 28.74
C GLY B 69 4.01 -5.13 29.69
N LEU B 70 4.02 -5.34 31.01
CA LEU B 70 4.55 -4.24 31.82
C LEU B 70 5.99 -4.22 31.38
N ASN B 71 6.66 -5.36 31.57
CA ASN B 71 8.11 -5.53 31.37
C ASN B 71 8.51 -6.28 30.08
N PRO B 72 9.76 -6.09 29.60
CA PRO B 72 10.10 -6.76 28.34
C PRO B 72 10.02 -8.29 28.36
N ASP B 73 10.39 -8.89 29.49
CA ASP B 73 10.37 -10.36 29.57
C ASP B 73 8.96 -10.94 29.46
N ASP B 74 7.96 -10.09 29.70
CA ASP B 74 6.55 -10.50 29.58
C ASP B 74 6.21 -10.91 28.12
N THR B 75 7.02 -10.48 27.16
CA THR B 75 6.79 -10.77 25.72
C THR B 75 8.09 -11.27 25.13
N THR B 76 8.21 -12.59 24.99
CA THR B 76 9.43 -13.24 24.60
C THR B 76 9.26 -13.92 23.26
N PHE B 77 10.24 -13.74 22.41
CA PHE B 77 10.31 -14.43 21.15
C PHE B 77 11.40 -15.47 21.29
N ASN B 78 11.05 -16.72 21.03
CA ASN B 78 12.06 -17.73 20.74
C ASN B 78 12.29 -17.64 19.27
N GLY B 79 13.23 -16.77 18.96
CA GLY B 79 13.34 -16.24 17.63
C GLY B 79 13.98 -14.87 17.66
N ASP B 80 13.73 -14.10 16.60
CA ASP B 80 14.60 -12.99 16.22
C ASP B 80 13.80 -11.77 15.78
N VAL B 81 14.46 -10.63 15.91
CA VAL B 81 14.00 -9.36 15.32
C VAL B 81 15.21 -8.87 14.52
N THR B 82 15.14 -9.03 13.21
CA THR B 82 16.30 -9.00 12.33
C THR B 82 16.25 -7.82 11.37
N VAL B 83 17.26 -6.97 11.43
CA VAL B 83 17.50 -6.03 10.34
C VAL B 83 18.75 -6.50 9.63
N ASP B 84 18.61 -6.73 8.33
CA ASP B 84 19.72 -7.06 7.46
C ASP B 84 19.76 -6.10 6.25
N ALA B 85 20.78 -6.26 5.41
CA ALA B 85 21.11 -5.30 4.36
C ALA B 85 21.18 -5.97 2.98
N GLY B 86 20.33 -6.96 2.78
CA GLY B 86 20.35 -7.69 1.55
C GLY B 86 19.86 -6.82 0.43
N TRP B 87 18.83 -6.00 0.73
CA TRP B 87 18.14 -5.21 -0.27
C TRP B 87 19.06 -4.19 -0.91
N PHE B 88 20.22 -3.96 -0.31
CA PHE B 88 21.17 -2.94 -0.77
C PHE B 88 22.55 -3.56 -0.80
N ASP B 89 22.62 -4.72 -1.49
CA ASP B 89 23.68 -5.74 -1.30
C ASP B 89 24.79 -5.56 -0.32
N GLY B 90 24.35 -5.59 0.92
CA GLY B 90 25.22 -5.76 2.04
C GLY B 90 25.55 -4.48 2.73
N ASN B 91 25.21 -3.35 2.09
CA ASN B 91 25.53 -2.05 2.66
C ASN B 91 24.36 -1.62 3.56
N ALA B 92 24.62 -1.38 4.85
CA ALA B 92 23.58 -1.09 5.83
C ALA B 92 23.35 0.41 5.97
N THR B 93 24.03 1.23 5.18
CA THR B 93 24.01 2.68 5.43
C THR B 93 22.74 3.40 5.02
N GLN B 94 21.75 2.70 4.47
CA GLN B 94 20.45 3.29 4.29
C GLN B 94 19.36 2.58 5.13
N ASN B 95 19.75 1.81 6.15
CA ASN B 95 18.73 1.11 6.99
C ASN B 95 18.18 2.01 8.09
N PHE B 96 17.30 2.91 7.67
CA PHE B 96 16.77 3.94 8.55
C PHE B 96 15.32 3.68 8.99
N TRP B 97 14.88 4.44 9.98
CA TRP B 97 13.43 4.68 10.23
C TRP B 97 12.64 3.41 10.61
N ARG B 98 13.07 2.79 11.70
CA ARG B 98 12.40 1.61 12.19
C ARG B 98 12.75 1.44 13.67
N SER B 99 12.04 0.62 14.43
CA SER B 99 12.29 0.58 15.88
C SER B 99 11.90 -0.78 16.46
N ALA B 100 12.55 -1.10 17.56
CA ALA B 100 12.22 -2.29 18.38
C ALA B 100 12.20 -1.88 19.84
N GLU B 101 11.13 -2.25 20.55
CA GLU B 101 10.96 -1.86 21.97
C GLU B 101 10.24 -2.93 22.81
N ASN B 102 10.73 -3.14 24.04
CA ASN B 102 9.96 -3.85 25.06
C ASN B 102 9.65 -5.30 24.74
N LEU B 103 10.70 -5.99 24.30
CA LEU B 103 10.68 -7.43 23.98
C LEU B 103 11.90 -8.17 24.56
N ALA B 104 11.71 -9.47 24.83
CA ALA B 104 12.81 -10.35 25.13
C ALA B 104 13.04 -11.27 23.91
N LEU B 105 14.28 -11.38 23.48
CA LEU B 105 14.64 -12.25 22.37
C LEU B 105 15.53 -13.41 22.84
N ASN B 106 15.25 -14.58 22.31
CA ASN B 106 16.03 -15.80 22.48
C ASN B 106 16.44 -16.23 21.06
N PRO B 107 17.49 -15.61 20.54
CA PRO B 107 17.74 -15.74 19.09
C PRO B 107 18.19 -17.14 18.72
N VAL B 108 17.76 -17.59 17.56
CA VAL B 108 17.95 -18.98 17.20
C VAL B 108 19.42 -19.43 17.21
N ASN B 109 20.30 -18.65 16.59
CA ASN B 109 21.67 -19.10 16.52
C ASN B 109 22.43 -18.57 17.73
N GLY B 110 21.71 -17.92 18.62
CA GLY B 110 22.30 -17.39 19.84
C GLY B 110 22.63 -15.91 19.71
N THR B 111 22.32 -15.37 18.54
CA THR B 111 22.79 -14.05 18.12
C THR B 111 21.73 -13.40 17.25
N ASN B 112 21.20 -12.27 17.74
CA ASN B 112 20.22 -11.51 16.99
C ASN B 112 20.96 -10.41 16.24
N ARG B 113 20.57 -10.20 14.99
CA ARG B 113 21.27 -9.24 14.12
C ARG B 113 20.38 -7.98 13.93
N TRP B 114 20.95 -6.83 14.25
CA TRP B 114 20.28 -5.54 14.21
C TRP B 114 21.19 -4.57 13.42
N ALA B 115 21.30 -4.80 12.12
CA ALA B 115 22.29 -4.13 11.29
C ALA B 115 21.71 -2.85 10.70
N VAL B 116 21.62 -1.85 11.54
CA VAL B 116 20.90 -0.61 11.20
C VAL B 116 21.83 0.57 11.06
N SER B 117 21.36 1.65 10.43
CA SER B 117 22.03 2.95 10.52
C SER B 117 21.14 3.91 11.32
N GLN B 118 20.98 5.17 10.89
CA GLN B 118 20.36 6.17 11.76
C GLN B 118 18.85 6.00 11.93
N ALA B 119 18.34 6.57 13.02
CA ALA B 119 16.92 6.57 13.38
C ALA B 119 16.32 5.14 13.42
N ALA B 120 17.03 4.26 14.11
CA ALA B 120 16.64 2.85 14.27
C ALA B 120 16.79 2.42 15.72
N PRO B 121 16.04 3.09 16.61
CA PRO B 121 16.21 2.86 18.06
C PRO B 121 15.93 1.40 18.53
N PHE B 122 16.70 0.96 19.53
CA PHE B 122 16.55 -0.36 20.16
C PHE B 122 16.46 -0.03 21.65
N ARG B 123 15.23 -0.10 22.19
CA ARG B 123 14.97 0.33 23.56
C ARG B 123 14.27 -0.72 24.41
N ARG B 124 14.58 -0.73 25.69
CA ARG B 124 13.90 -1.60 26.63
C ARG B 124 13.82 -3.02 26.11
N MET B 125 14.94 -3.51 25.57
CA MET B 125 15.02 -4.87 25.04
C MET B 125 15.85 -5.75 25.98
N HIS B 126 15.51 -7.02 25.99
CA HIS B 126 16.39 -8.03 26.61
C HIS B 126 16.77 -9.05 25.56
N VAL B 127 18.05 -9.11 25.25
CA VAL B 127 18.58 -10.13 24.37
C VAL B 127 19.30 -11.20 25.17
N LYS B 128 18.65 -12.34 25.31
CA LYS B 128 19.23 -13.50 25.97
C LYS B 128 20.16 -14.17 24.99
N GLY B 129 21.32 -13.52 24.79
CA GLY B 129 22.31 -13.92 23.79
C GLY B 129 23.13 -12.70 23.36
N GLY B 130 23.75 -12.82 22.21
CA GLY B 130 24.53 -11.75 21.66
C GLY B 130 23.74 -10.90 20.68
N LEU B 131 24.35 -9.79 20.27
CA LEU B 131 23.67 -8.81 19.41
C LEU B 131 24.72 -8.34 18.43
N ASN B 132 24.57 -8.76 17.20
CA ASN B 132 25.42 -8.31 16.13
C ASN B 132 24.77 -7.15 15.38
N LEU B 133 25.55 -6.09 15.27
CA LEU B 133 25.09 -4.83 14.69
C LEU B 133 25.52 -4.68 13.21
N ALA B 134 26.16 -5.69 12.63
CA ALA B 134 26.67 -5.60 11.24
C ALA B 134 25.87 -6.49 10.32
N PRO B 135 25.67 -6.06 9.07
CA PRO B 135 25.01 -6.93 8.09
C PRO B 135 25.82 -8.21 7.80
N ASP B 136 25.14 -9.26 7.35
CA ASP B 136 25.72 -10.54 6.85
C ASP B 136 26.71 -10.03 5.79
N GLY B 137 27.97 -10.47 5.84
CA GLY B 137 29.00 -9.99 4.90
C GLY B 137 29.86 -8.82 5.40
N TYR B 138 29.46 -8.18 6.53
CA TYR B 138 30.22 -7.14 7.20
C TYR B 138 30.44 -5.80 6.40
N GLY B 139 29.57 -5.53 5.44
CA GLY B 139 29.52 -4.24 4.73
C GLY B 139 29.34 -3.00 5.62
N TRP B 140 29.34 -1.83 5.01
CA TRP B 140 29.31 -0.60 5.78
C TRP B 140 28.02 -0.40 6.62
N ALA B 141 28.18 0.25 7.76
CA ALA B 141 27.05 0.53 8.63
C ALA B 141 27.34 1.80 9.45
N SER B 142 26.29 2.59 9.69
CA SER B 142 26.42 3.89 10.33
C SER B 142 25.29 4.16 11.38
N GLY B 143 25.27 3.32 12.39
CA GLY B 143 24.32 3.42 13.49
C GLY B 143 24.80 4.40 14.54
N GLY B 144 24.22 4.41 15.73
CA GLY B 144 23.17 3.58 16.18
C GLY B 144 22.88 3.94 17.64
N TYR B 145 21.82 3.34 18.18
CA TYR B 145 21.24 3.80 19.44
C TYR B 145 20.63 2.63 20.23
N ILE B 146 21.17 2.38 21.41
CA ILE B 146 20.63 1.36 22.32
C ILE B 146 20.44 2.03 23.67
N ALA B 147 19.24 1.91 24.22
CA ALA B 147 18.98 2.40 25.56
C ALA B 147 18.11 1.45 26.36
N ASP B 148 18.32 1.49 27.67
CA ASP B 148 17.52 0.77 28.66
C ASP B 148 17.37 -0.71 28.31
N SER B 149 18.46 -1.31 27.84
CA SER B 149 18.47 -2.71 27.41
C SER B 149 19.48 -3.57 28.16
N LYS B 150 19.21 -4.87 28.18
CA LYS B 150 20.11 -5.87 28.80
C LYS B 150 20.42 -6.86 27.67
N ILE B 151 21.68 -6.88 27.21
CA ILE B 151 22.12 -7.91 26.23
C ILE B 151 23.00 -8.88 27.04
N ASP B 152 22.52 -10.09 27.30
CA ASP B 152 23.24 -11.02 28.16
C ASP B 152 24.63 -11.36 27.65
N GLY B 153 24.75 -11.54 26.35
CA GLY B 153 26.02 -11.86 25.74
C GLY B 153 26.78 -10.65 25.27
N GLU B 154 27.24 -10.69 24.02
CA GLU B 154 28.19 -9.69 23.53
C GLU B 154 27.69 -8.85 22.31
N VAL B 155 27.43 -7.58 22.55
CA VAL B 155 27.28 -6.64 21.44
C VAL B 155 28.52 -6.59 20.54
N GLY B 156 28.35 -7.00 19.28
CA GLY B 156 29.43 -6.98 18.30
C GLY B 156 29.14 -5.99 17.16
N PRO B 157 29.87 -4.87 17.13
CA PRO B 157 29.58 -3.88 16.08
C PRO B 157 30.20 -4.23 14.71
N TYR B 158 31.35 -4.93 14.73
CA TYR B 158 32.19 -5.16 13.54
C TYR B 158 32.40 -3.87 12.70
N SER B 159 31.74 -3.74 11.56
CA SER B 159 31.90 -2.60 10.66
C SER B 159 31.19 -1.32 11.09
N GLN B 160 30.33 -1.35 12.11
CA GLN B 160 29.67 -0.09 12.57
C GLN B 160 30.66 1.02 12.86
N GLN B 161 30.48 2.20 12.24
CA GLN B 161 31.45 3.25 12.42
C GLN B 161 31.46 3.78 13.84
N GLN B 162 30.25 3.95 14.36
CA GLN B 162 30.03 4.56 15.64
C GLN B 162 28.75 4.01 16.26
N TRP B 163 28.54 4.33 17.53
CA TRP B 163 27.39 3.81 18.27
C TRP B 163 27.25 4.52 19.61
N TYR B 164 26.00 4.70 20.08
CA TYR B 164 25.78 5.23 21.40
C TYR B 164 24.92 4.26 22.19
N THR B 165 25.38 3.90 23.38
CA THR B 165 24.61 3.06 24.28
C THR B 165 24.47 3.77 25.60
N ARG B 166 23.23 3.79 26.08
CA ARG B 166 23.02 4.32 27.45
C ARG B 166 22.12 3.48 28.33
N ASP B 167 22.45 3.52 29.61
CA ASP B 167 21.62 2.97 30.68
C ASP B 167 21.12 1.59 30.39
N SER B 168 22.11 0.73 30.29
CA SER B 168 21.96 -0.62 29.80
C SER B 168 22.98 -1.49 30.51
N SER B 169 22.89 -2.78 30.21
CA SER B 169 23.84 -3.78 30.69
C SER B 169 24.25 -4.64 29.47
N VAL B 170 25.56 -4.84 29.28
CA VAL B 170 26.04 -5.75 28.23
C VAL B 170 27.01 -6.78 28.82
N GLY B 171 27.05 -7.97 28.25
CA GLY B 171 28.00 -9.00 28.69
C GLY B 171 29.42 -8.77 28.22
N GLY B 172 29.58 -7.98 27.15
CA GLY B 172 30.88 -7.62 26.55
C GLY B 172 30.65 -6.77 25.31
N TRP B 173 31.72 -6.22 24.75
CA TRP B 173 31.66 -5.30 23.61
C TRP B 173 32.78 -5.60 22.63
N GLY B 174 32.39 -6.03 21.45
CA GLY B 174 33.33 -6.58 20.48
C GLY B 174 34.45 -5.66 20.08
N ASN B 175 34.12 -4.45 19.60
CA ASN B 175 35.11 -3.60 18.97
C ASN B 175 34.62 -2.20 18.88
N GLY B 176 35.57 -1.27 18.78
CA GLY B 176 35.30 0.13 18.50
C GLY B 176 36.05 0.57 17.25
N VAL B 177 35.31 1.13 16.30
CA VAL B 177 35.78 1.48 14.97
C VAL B 177 36.25 2.96 14.91
N TRP B 178 35.31 3.90 14.85
CA TRP B 178 35.63 5.34 15.02
C TRP B 178 35.18 6.03 16.33
N ASN B 179 33.98 5.68 16.82
CA ASN B 179 33.42 6.35 18.01
C ASN B 179 32.30 5.55 18.67
N MET B 180 32.66 4.76 19.68
CA MET B 180 31.69 4.01 20.45
C MET B 180 31.65 4.71 21.81
N THR B 181 30.48 5.28 22.13
CA THR B 181 30.27 6.02 23.37
C THR B 181 29.24 5.31 24.25
N PHE B 182 29.48 5.35 25.56
CA PHE B 182 28.64 4.65 26.53
C PHE B 182 28.40 5.61 27.69
N SER B 183 27.16 5.72 28.16
CA SER B 183 26.89 6.40 29.41
C SER B 183 25.95 5.56 30.26
N GLY B 184 26.36 5.32 31.49
CA GLY B 184 25.56 4.48 32.36
C GLY B 184 25.44 3.03 31.94
N VAL B 185 26.46 2.50 31.29
CA VAL B 185 26.37 1.13 30.76
C VAL B 185 27.20 0.16 31.61
N GLU B 186 26.52 -0.73 32.33
CA GLU B 186 27.28 -1.74 33.06
C GLU B 186 27.80 -2.76 32.10
N GLY B 187 29.10 -2.98 32.18
CA GLY B 187 29.76 -3.90 31.27
C GLY B 187 30.44 -3.20 30.11
N ALA B 188 30.28 -1.89 30.00
CA ALA B 188 30.97 -1.12 28.95
C ALA B 188 32.49 -1.25 29.07
N PRO B 189 33.20 -1.25 27.95
CA PRO B 189 34.65 -1.20 28.14
C PRO B 189 35.09 0.11 28.78
N ALA B 190 36.26 0.08 29.40
CA ALA B 190 36.79 1.27 30.05
C ALA B 190 37.13 2.32 29.04
N GLN B 191 37.12 3.57 29.49
CA GLN B 191 37.56 4.72 28.72
C GLN B 191 38.95 4.45 28.16
N SER B 192 39.08 4.55 26.83
CA SER B 192 40.28 4.07 26.10
C SER B 192 40.70 4.97 24.93
N PHE B 193 39.86 5.97 24.60
CA PHE B 193 40.00 6.72 23.32
C PHE B 193 41.39 7.38 23.33
N PRO B 194 42.11 7.31 22.21
CA PRO B 194 41.66 6.90 20.87
C PRO B 194 41.68 5.41 20.51
N GLU B 195 42.41 4.58 21.24
CA GLU B 195 42.48 3.14 20.87
C GLU B 195 42.22 2.09 21.98
N PRO B 196 41.12 1.29 21.83
CA PRO B 196 40.06 1.49 20.84
C PRO B 196 39.33 2.81 21.12
N PRO B 197 38.49 3.23 20.17
CA PRO B 197 37.82 4.53 20.39
C PRO B 197 36.54 4.39 21.25
N TYR B 198 36.76 4.31 22.55
CA TYR B 198 35.71 4.10 23.55
C TYR B 198 35.67 5.30 24.45
N THR B 199 34.53 5.99 24.43
CA THR B 199 34.24 7.10 25.33
C THR B 199 33.26 6.61 26.36
N THR B 200 33.69 6.63 27.63
CA THR B 200 32.96 5.92 28.69
C THR B 200 32.63 6.78 29.91
N LEU B 201 31.34 7.01 30.08
CA LEU B 201 30.78 7.76 31.18
C LEU B 201 30.11 6.80 32.09
N GLU B 202 30.58 6.82 33.32
CA GLU B 202 29.90 6.29 34.49
C GLU B 202 28.40 6.16 34.43
N THR B 203 27.79 7.32 34.42
CA THR B 203 26.39 7.48 34.59
C THR B 203 26.01 8.45 33.50
N THR B 204 24.71 8.54 33.21
CA THR B 204 24.16 9.58 32.34
C THR B 204 23.55 10.63 33.25
N PRO B 205 23.86 11.91 33.00
CA PRO B 205 23.56 12.88 34.07
C PRO B 205 22.06 13.03 34.37
N VAL B 206 21.24 13.18 33.33
CA VAL B 206 19.83 12.84 33.49
C VAL B 206 19.29 12.00 32.30
N SER B 207 18.30 11.18 32.58
CA SER B 207 17.56 10.51 31.50
C SER B 207 16.17 10.15 31.99
N ARG B 208 15.27 10.00 31.03
CA ARG B 208 13.90 9.65 31.37
C ARG B 208 13.38 8.81 30.23
N GLU B 209 13.07 7.56 30.55
CA GLU B 209 12.79 6.64 29.48
C GLU B 209 11.54 7.01 28.66
N LYS B 210 11.59 6.59 27.41
CA LYS B 210 10.57 6.88 26.39
C LYS B 210 9.21 6.26 26.83
N PRO B 211 8.10 7.01 26.72
CA PRO B 211 6.82 6.33 27.00
C PRO B 211 6.49 5.24 25.99
N PHE B 212 5.65 4.28 26.35
CA PHE B 212 5.30 3.22 25.42
C PHE B 212 3.91 2.72 25.77
N LEU B 213 3.20 2.29 24.74
CA LEU B 213 1.91 1.65 24.87
C LEU B 213 2.12 0.28 25.53
N TYR B 214 1.24 -0.08 26.44
CA TYR B 214 1.29 -1.46 26.98
C TYR B 214 -0.12 -1.94 27.31
N LEU B 215 -0.27 -3.21 27.66
CA LEU B 215 -1.55 -3.70 28.20
C LEU B 215 -1.55 -3.95 29.72
N ASP B 216 -2.63 -3.45 30.36
CA ASP B 216 -3.07 -3.84 31.71
C ASP B 216 -4.32 -4.69 31.51
N GLY B 217 -4.06 -5.95 31.19
CA GLY B 217 -5.10 -6.87 30.77
C GLY B 217 -5.46 -6.66 29.32
N ASP B 218 -6.72 -6.29 29.09
CA ASP B 218 -7.28 -5.92 27.80
C ASP B 218 -7.50 -4.41 27.74
N ASP B 219 -6.88 -3.70 28.67
CA ASP B 219 -6.93 -2.24 28.62
C ASP B 219 -5.61 -1.62 28.06
N TYR B 220 -5.66 -0.94 26.91
CA TYR B 220 -4.47 -0.19 26.48
C TYR B 220 -4.17 0.94 27.44
N LYS B 221 -2.88 1.20 27.64
CA LYS B 221 -2.41 2.33 28.45
C LYS B 221 -1.01 2.71 27.98
N VAL B 222 -0.59 3.91 28.32
CA VAL B 222 0.77 4.37 28.05
C VAL B 222 1.54 4.54 29.38
N PHE B 223 2.64 3.83 29.54
CA PHE B 223 3.50 3.96 30.70
C PHE B 223 4.44 5.12 30.49
N VAL B 224 4.46 6.09 31.41
CA VAL B 224 5.42 7.20 31.34
C VAL B 224 6.46 7.06 32.46
N PRO B 225 7.67 6.63 32.10
CA PRO B 225 8.79 6.49 33.04
C PRO B 225 9.12 7.74 33.82
N ALA B 226 9.52 7.51 35.06
CA ALA B 226 9.99 8.53 35.96
C ALA B 226 11.43 8.84 35.60
N LYS B 227 11.90 9.98 36.10
CA LYS B 227 13.16 10.51 35.65
C LYS B 227 14.22 9.97 36.55
N ARG B 228 15.36 9.63 35.93
CA ARG B 228 16.54 9.17 36.67
C ARG B 228 17.65 10.20 36.65
N THR B 229 18.30 10.34 37.81
CA THR B 229 19.48 11.17 37.95
C THR B 229 20.75 10.32 38.03
N ASN B 230 21.81 10.83 37.41
CA ASN B 230 23.05 10.08 37.22
C ASN B 230 22.77 8.56 37.05
N ALA B 231 22.08 8.25 35.95
CA ALA B 231 21.55 6.93 35.69
C ALA B 231 22.62 5.94 35.25
N ARG B 232 22.44 4.69 35.67
CA ARG B 232 23.28 3.57 35.25
C ARG B 232 22.48 2.28 35.26
N GLY B 233 22.59 1.51 34.20
CA GLY B 233 21.87 0.25 34.08
C GLY B 233 20.41 0.43 33.67
N THR B 234 19.70 -0.68 33.56
CA THR B 234 18.32 -0.65 33.09
C THR B 234 17.41 -0.11 34.20
N SER B 235 16.24 0.38 33.77
CA SER B 235 15.26 0.93 34.67
C SER B 235 14.33 -0.16 35.19
N TRP B 236 14.34 -1.31 34.52
CA TRP B 236 13.42 -2.40 34.80
C TRP B 236 14.22 -3.57 35.43
N GLY B 237 13.52 -4.49 36.05
CA GLY B 237 14.14 -5.72 36.59
C GLY B 237 15.02 -5.75 37.87
N ASN B 238 14.38 -6.10 38.99
CA ASN B 238 14.54 -5.51 40.35
C ASN B 238 13.25 -4.71 40.52
N GLY B 239 13.18 -3.86 41.54
CA GLY B 239 11.95 -3.14 41.88
C GLY B 239 10.63 -3.68 41.34
N THR B 240 9.62 -2.82 41.31
CA THR B 240 8.55 -2.99 40.34
C THR B 240 9.20 -2.41 39.03
N PRO B 241 8.58 -1.38 38.35
CA PRO B 241 9.01 -0.24 37.50
C PRO B 241 8.27 1.13 37.69
N GLU B 242 9.04 2.17 38.05
CA GLU B 242 8.57 3.44 38.56
C GLU B 242 7.97 4.32 37.46
N GLY B 243 6.72 4.73 37.62
CA GLY B 243 6.20 5.75 36.74
C GLY B 243 4.74 5.90 36.96
N GLU B 244 4.05 6.32 35.92
CA GLU B 244 2.62 6.52 36.01
C GLU B 244 2.04 5.98 34.72
N SER B 245 1.00 5.14 34.82
CA SER B 245 0.39 4.45 33.66
C SER B 245 -0.87 5.21 33.24
N LEU B 246 -0.92 5.81 32.03
CA LEU B 246 -2.13 6.56 31.65
C LEU B 246 -3.09 5.69 30.87
N PRO B 247 -4.42 5.83 31.08
CA PRO B 247 -5.35 5.06 30.26
C PRO B 247 -5.53 5.64 28.85
N LEU B 248 -5.69 4.76 27.87
CA LEU B 248 -5.88 5.19 26.49
C LEU B 248 -7.05 6.18 26.36
N ASP B 249 -8.01 6.13 27.31
CA ASP B 249 -9.15 7.06 27.39
C ASP B 249 -8.77 8.51 27.25
N GLN B 250 -7.60 8.84 27.80
CA GLN B 250 -7.17 10.23 27.89
C GLN B 250 -6.11 10.57 26.85
N PHE B 251 -6.11 9.81 25.77
CA PHE B 251 -5.42 10.21 24.53
C PHE B 251 -6.40 10.48 23.42
N TYR B 252 -6.12 11.50 22.65
CA TYR B 252 -6.75 11.62 21.34
C TYR B 252 -5.94 10.74 20.39
N VAL B 253 -6.61 9.79 19.73
CA VAL B 253 -5.97 8.84 18.82
C VAL B 253 -6.11 9.44 17.43
N VAL B 254 -4.96 9.86 16.88
CA VAL B 254 -4.93 10.51 15.59
C VAL B 254 -4.86 9.45 14.48
N LYS B 255 -5.88 9.47 13.64
CA LYS B 255 -5.98 8.62 12.46
C LYS B 255 -6.04 9.58 11.25
N PRO B 256 -5.91 9.04 10.01
CA PRO B 256 -6.14 9.95 8.89
C PRO B 256 -7.54 10.62 8.92
N GLY B 257 -7.61 11.82 8.35
CA GLY B 257 -8.74 12.71 8.57
C GLY B 257 -8.35 13.95 9.42
N ALA B 258 -7.56 13.78 10.48
CA ALA B 258 -7.37 14.92 11.42
C ALA B 258 -6.87 16.27 10.83
N THR B 259 -6.94 17.33 11.64
CA THR B 259 -6.34 18.64 11.37
C THR B 259 -5.53 19.16 12.56
N ALA B 260 -4.58 20.07 12.31
CA ALA B 260 -3.94 20.77 13.40
C ALA B 260 -5.01 21.33 14.37
N GLU B 261 -6.07 21.88 13.76
CA GLU B 261 -7.16 22.51 14.48
C GLU B 261 -7.64 21.55 15.58
N THR B 262 -8.05 20.40 15.10
CA THR B 262 -8.68 19.42 15.93
C THR B 262 -7.67 18.87 16.96
N ILE B 263 -6.43 18.67 16.51
CA ILE B 263 -5.40 18.11 17.39
C ILE B 263 -5.09 19.08 18.47
N ASN B 264 -5.08 20.34 18.12
CA ASN B 264 -4.84 21.38 19.11
C ASN B 264 -5.98 21.51 20.14
N ALA B 265 -7.22 21.31 19.71
CA ALA B 265 -8.34 21.32 20.66
C ALA B 265 -8.22 20.15 21.65
N ALA B 266 -7.71 19.02 21.20
CA ALA B 266 -7.53 17.90 22.11
C ALA B 266 -6.58 18.29 23.24
N VAL B 267 -5.42 18.83 22.89
CA VAL B 267 -4.51 19.25 23.92
C VAL B 267 -5.21 20.30 24.79
N ASP B 268 -6.02 21.18 24.16
CA ASP B 268 -6.85 22.18 24.89
C ASP B 268 -7.80 21.56 25.94
N GLN B 269 -8.42 20.45 25.55
CA GLN B 269 -9.44 19.75 26.34
C GLN B 269 -8.86 18.82 27.47
N GLY B 270 -7.54 18.61 27.45
CA GLY B 270 -6.89 17.86 28.52
C GLY B 270 -6.19 16.62 28.05
N LEU B 271 -6.40 16.28 26.77
CA LEU B 271 -5.99 14.99 26.27
C LEU B 271 -4.54 15.01 25.84
N HIS B 272 -3.96 13.83 25.91
CA HIS B 272 -2.68 13.55 25.29
C HIS B 272 -2.89 13.15 23.83
N LEU B 273 -1.79 12.88 23.13
CA LEU B 273 -1.83 12.58 21.71
C LEU B 273 -1.13 11.27 21.39
N LEU B 274 -1.80 10.37 20.71
CA LEU B 274 -1.20 9.12 20.24
C LEU B 274 -1.37 9.12 18.74
N PHE B 275 -0.26 9.26 18.01
CA PHE B 275 -0.34 9.28 16.56
C PHE B 275 -0.25 7.87 16.02
N THR B 276 -1.35 7.40 15.45
CA THR B 276 -1.33 6.08 14.82
C THR B 276 -0.48 6.14 13.58
N PRO B 277 -0.02 4.98 13.09
CA PRO B 277 0.95 5.08 12.00
C PRO B 277 0.35 5.59 10.73
N GLY B 278 0.97 6.65 10.22
CA GLY B 278 0.47 7.29 9.02
C GLY B 278 1.29 8.53 8.73
N VAL B 279 0.84 9.28 7.72
CA VAL B 279 1.47 10.54 7.33
C VAL B 279 0.40 11.63 7.39
N TYR B 280 0.70 12.65 8.19
CA TYR B 280 -0.25 13.69 8.59
C TYR B 280 0.19 15.08 8.12
N HIS B 281 -0.58 15.69 7.21
CA HIS B 281 -0.29 17.07 6.80
C HIS B 281 -0.98 18.05 7.78
N VAL B 282 -0.33 19.16 8.07
CA VAL B 282 -0.97 20.17 8.92
C VAL B 282 -0.84 21.54 8.26
N ASP B 283 -1.96 22.25 8.16
CA ASP B 283 -1.99 23.62 7.65
C ASP B 283 -1.56 24.69 8.67
N GLN B 284 -1.41 24.28 9.92
CA GLN B 284 -0.78 25.10 10.94
C GLN B 284 -0.03 24.22 11.99
N PRO B 285 0.84 24.84 12.80
CA PRO B 285 1.60 24.11 13.81
C PRO B 285 0.72 23.33 14.79
N ILE B 286 1.12 22.11 15.02
CA ILE B 286 0.70 21.40 16.21
C ILE B 286 1.26 22.16 17.39
N GLU B 287 0.39 22.33 18.38
CA GLU B 287 0.60 23.22 19.51
C GLU B 287 0.44 22.47 20.79
N ILE B 288 1.49 22.39 21.61
CA ILE B 288 1.42 21.71 22.88
C ILE B 288 1.87 22.66 23.99
N ASP B 289 0.89 23.28 24.63
CA ASP B 289 1.14 24.31 25.64
C ASP B 289 0.50 23.96 26.97
N ARG B 290 0.35 22.67 27.20
CA ARG B 290 -0.15 22.17 28.48
C ARG B 290 0.89 21.25 29.14
N ALA B 291 1.16 21.50 30.42
CA ALA B 291 2.18 20.75 31.12
C ALA B 291 1.90 19.23 31.12
N ASN B 292 2.98 18.47 30.99
CA ASN B 292 2.93 17.00 30.99
C ASN B 292 2.15 16.25 29.91
N THR B 293 1.89 16.95 28.84
CA THR B 293 1.33 16.34 27.65
C THR B 293 2.30 15.37 27.01
N VAL B 294 1.79 14.18 26.73
CA VAL B 294 2.51 13.11 26.01
C VAL B 294 2.05 13.08 24.55
N ALA B 295 3.00 13.18 23.64
CA ALA B 295 2.73 13.08 22.21
C ALA B 295 3.57 11.95 21.68
N LEU B 296 2.94 10.78 21.60
CA LEU B 296 3.63 9.50 21.31
C LEU B 296 3.25 8.96 19.93
N GLY B 297 4.25 8.73 19.06
CA GLY B 297 4.05 8.11 17.78
C GLY B 297 4.27 6.61 17.78
N LEU B 298 3.44 5.92 17.00
CA LEU B 298 3.65 4.52 16.67
C LEU B 298 4.08 4.41 15.20
N GLY B 299 4.83 3.38 14.86
CA GLY B 299 5.07 3.03 13.48
C GLY B 299 5.59 4.19 12.61
N LEU B 300 6.49 5.01 13.16
CA LEU B 300 7.13 6.09 12.40
C LEU B 300 6.10 7.07 11.81
N ALA B 301 5.05 7.29 12.57
CA ALA B 301 4.09 8.37 12.34
C ALA B 301 4.84 9.65 11.96
N THR B 302 4.38 10.28 10.89
CA THR B 302 5.10 11.41 10.28
C THR B 302 4.19 12.63 10.15
N ILE B 303 4.74 13.81 10.42
CA ILE B 303 4.00 15.06 10.29
C ILE B 303 4.73 15.87 9.21
N ILE B 304 3.96 16.36 8.24
CA ILE B 304 4.48 17.20 7.17
C ILE B 304 3.76 18.54 7.21
N PRO B 305 4.48 19.63 7.54
CA PRO B 305 3.64 20.81 7.45
C PRO B 305 3.64 21.46 6.07
N ASP B 306 2.46 21.95 5.72
CA ASP B 306 2.19 22.56 4.44
C ASP B 306 2.35 24.05 4.59
N ASN B 307 2.46 24.75 3.45
CA ASN B 307 2.29 26.21 3.43
C ASN B 307 3.42 26.93 4.17
N GLY B 308 4.52 26.23 4.41
CA GLY B 308 5.69 26.80 5.08
C GLY B 308 5.57 26.99 6.58
N VAL B 309 4.57 26.36 7.17
CA VAL B 309 4.37 26.50 8.61
C VAL B 309 5.32 25.63 9.42
N THR B 310 5.40 25.93 10.71
CA THR B 310 6.14 25.11 11.65
C THR B 310 5.31 23.88 11.99
N ALA B 311 5.93 22.71 12.11
CA ALA B 311 5.20 21.49 12.38
C ALA B 311 4.74 21.37 13.83
N LEU B 312 5.65 21.64 14.75
CA LEU B 312 5.35 21.38 16.15
C LEU B 312 5.99 22.45 17.02
N LYS B 313 5.16 23.05 17.88
CA LYS B 313 5.62 24.04 18.88
C LYS B 313 5.21 23.58 20.25
N VAL B 314 6.18 23.47 21.14
CA VAL B 314 5.88 23.16 22.53
C VAL B 314 6.01 24.44 23.34
N GLY B 315 5.06 24.66 24.24
CA GLY B 315 5.05 25.90 24.99
C GLY B 315 5.99 25.86 26.18
N ASP B 316 6.00 26.93 26.99
CA ASP B 316 6.95 27.11 28.11
C ASP B 316 6.50 26.39 29.39
N VAL B 317 6.14 25.12 29.25
CA VAL B 317 5.54 24.35 30.32
C VAL B 317 6.44 23.14 30.67
N ASP B 318 6.21 22.58 31.86
CA ASP B 318 6.95 21.43 32.33
C ASP B 318 6.47 20.15 31.63
N GLY B 319 7.37 19.19 31.44
CA GLY B 319 6.99 17.80 31.36
C GLY B 319 6.44 17.27 30.05
N VAL B 320 6.55 18.04 28.99
CA VAL B 320 6.02 17.61 27.71
C VAL B 320 6.97 16.55 27.19
N LYS B 321 6.40 15.50 26.64
CA LYS B 321 7.21 14.36 26.24
C LYS B 321 6.77 13.91 24.85
N VAL B 322 7.56 14.34 23.88
CA VAL B 322 7.31 14.05 22.49
C VAL B 322 8.21 12.93 22.09
N ALA B 323 7.64 11.93 21.41
CA ALA B 323 8.45 10.76 21.11
C ALA B 323 7.91 9.95 19.94
N GLY B 324 8.81 9.41 19.14
CA GLY B 324 8.44 8.51 18.08
C GLY B 324 7.85 9.11 16.84
N LEU B 325 8.27 10.33 16.48
CA LEU B 325 7.72 11.06 15.31
C LEU B 325 8.78 11.48 14.34
N LEU B 326 8.47 11.34 13.05
CA LEU B 326 9.26 11.91 11.98
C LEU B 326 8.56 13.20 11.57
N VAL B 327 9.33 14.26 11.39
CA VAL B 327 8.83 15.50 10.80
C VAL B 327 9.48 15.53 9.43
N ASP B 328 8.70 15.70 8.35
CA ASP B 328 9.21 15.64 6.99
C ASP B 328 8.89 17.01 6.37
N ALA B 329 9.91 17.78 6.01
CA ALA B 329 9.67 19.10 5.42
C ALA B 329 8.81 19.02 4.15
N GLY B 330 7.99 20.04 3.95
CA GLY B 330 7.24 20.22 2.72
C GLY B 330 8.08 21.04 1.74
N PRO B 331 7.63 21.12 0.49
CA PRO B 331 8.46 21.74 -0.57
C PRO B 331 8.54 23.26 -0.37
N VAL B 332 7.53 23.80 0.28
CA VAL B 332 7.57 25.22 0.67
C VAL B 332 8.42 25.38 1.91
N ASN B 333 9.39 26.26 1.83
CA ASN B 333 10.29 26.47 2.97
C ASN B 333 9.60 26.82 4.27
N SER B 334 9.92 26.04 5.33
CA SER B 334 9.51 26.39 6.66
C SER B 334 10.66 27.09 7.38
N GLU B 335 10.37 28.22 8.00
CA GLU B 335 11.36 28.93 8.81
C GLU B 335 11.91 28.07 9.95
N THR B 336 11.01 27.32 10.58
CA THR B 336 11.39 26.28 11.52
C THR B 336 10.49 25.07 11.39
N LEU B 337 10.99 23.87 11.72
CA LEU B 337 10.13 22.70 11.72
C LEU B 337 9.64 22.27 13.13
N VAL B 338 10.52 22.33 14.12
CA VAL B 338 10.16 22.04 15.53
C VAL B 338 10.73 23.13 16.43
N GLU B 339 9.87 23.69 17.29
CA GLU B 339 10.32 24.60 18.34
C GLU B 339 10.00 24.06 19.72
N VAL B 340 10.91 24.20 20.66
CA VAL B 340 10.65 23.79 22.02
C VAL B 340 10.81 25.03 22.87
N GLY B 341 9.69 25.65 23.21
CA GLY B 341 9.66 26.84 24.05
C GLY B 341 9.73 28.13 23.27
N SER B 342 9.53 29.26 23.95
CA SER B 342 9.51 30.55 23.24
C SER B 342 10.89 31.18 23.09
N ASP B 343 11.04 32.05 22.10
CA ASP B 343 12.26 32.84 22.01
C ASP B 343 12.59 33.61 23.28
N GLY B 344 13.82 33.51 23.76
CA GLY B 344 14.11 34.06 25.08
C GLY B 344 13.15 33.35 26.05
N ALA B 345 13.32 32.03 26.18
CA ALA B 345 12.58 31.29 27.19
C ALA B 345 13.42 31.16 28.42
N SER B 346 12.99 31.78 29.52
CA SER B 346 13.80 31.85 30.74
C SER B 346 13.23 31.26 32.02
N GLY B 347 12.12 30.55 31.94
CA GLY B 347 11.76 29.76 33.10
C GLY B 347 12.61 28.53 33.20
N ASP B 348 12.64 27.94 34.39
CA ASP B 348 13.30 26.65 34.58
C ASP B 348 12.32 25.47 34.67
N HIS B 349 12.80 24.29 34.28
CA HIS B 349 11.97 23.08 34.19
C HIS B 349 12.81 21.88 34.73
N ALA B 350 13.55 22.09 35.83
CA ALA B 350 14.54 21.10 36.26
C ALA B 350 13.92 19.84 36.84
N ALA B 351 12.89 20.01 37.67
CA ALA B 351 12.26 18.90 38.37
C ALA B 351 11.29 18.11 37.44
N ASN B 352 11.13 18.56 36.20
CA ASN B 352 10.19 17.94 35.26
C ASN B 352 10.35 18.53 33.85
N PRO B 353 11.46 18.18 33.21
CA PRO B 353 11.83 18.70 31.88
C PRO B 353 10.90 18.27 30.76
N THR B 354 10.94 19.03 29.66
CA THR B 354 10.38 18.61 28.38
C THR B 354 11.40 17.82 27.65
N SER B 355 10.95 16.85 26.87
CA SER B 355 11.88 16.04 26.10
C SER B 355 11.41 15.75 24.67
N LEU B 356 12.40 15.44 23.86
CA LEU B 356 12.23 14.94 22.52
C LEU B 356 13.03 13.64 22.46
N GLN B 357 12.35 12.54 22.15
CA GLN B 357 13.00 11.22 22.05
C GLN B 357 12.55 10.53 20.79
N ASP B 358 13.49 9.97 20.05
CA ASP B 358 13.16 9.38 18.75
C ASP B 358 12.32 10.35 17.91
N VAL B 359 12.80 11.58 17.87
CA VAL B 359 12.22 12.60 17.00
C VAL B 359 13.24 12.76 15.88
N PHE B 360 12.77 12.46 14.66
CA PHE B 360 13.58 12.51 13.49
C PHE B 360 13.07 13.62 12.59
N VAL B 361 13.98 14.22 11.84
CA VAL B 361 13.61 15.26 10.88
C VAL B 361 14.23 14.94 9.56
N ARG B 362 13.45 15.06 8.48
CA ARG B 362 13.96 14.83 7.12
C ARG B 362 13.66 16.06 6.28
N ILE B 363 14.65 16.51 5.52
CA ILE B 363 14.49 17.58 4.58
C ILE B 363 14.85 17.08 3.19
N GLY B 364 13.83 16.83 2.36
CA GLY B 364 14.05 16.28 1.03
C GLY B 364 14.14 14.77 1.01
N GLY B 365 14.28 14.17 -0.17
CA GLY B 365 14.50 12.74 -0.26
C GLY B 365 13.26 11.98 -0.72
N ALA B 366 12.11 12.40 -0.19
CA ALA B 366 10.80 11.90 -0.66
C ALA B 366 10.08 12.98 -1.45
N GLY B 367 10.86 13.67 -2.27
CA GLY B 367 10.39 14.81 -3.02
C GLY B 367 11.02 16.03 -2.38
N PRO B 368 10.97 17.18 -3.06
CA PRO B 368 11.67 18.35 -2.57
C PRO B 368 11.11 18.83 -1.24
N GLY B 369 12.01 19.22 -0.36
CA GLY B 369 11.65 19.77 0.92
C GLY B 369 12.70 20.82 1.31
N LYS B 370 12.25 21.86 2.02
CA LYS B 370 13.13 22.92 2.53
C LYS B 370 12.74 23.45 3.89
N ALA B 371 13.74 23.83 4.67
CA ALA B 371 13.55 24.49 5.95
C ALA B 371 14.79 25.25 6.36
N THR B 372 14.61 26.40 7.01
CA THR B 372 15.75 27.22 7.39
C THR B 372 16.48 26.65 8.62
N THR B 373 15.73 26.47 9.72
CA THR B 373 16.23 25.76 10.90
C THR B 373 15.28 24.63 11.22
N SER B 374 15.81 23.45 11.54
CA SER B 374 14.91 22.32 11.73
C SER B 374 14.38 22.25 13.15
N ILE B 375 15.28 22.29 14.11
CA ILE B 375 14.86 22.24 15.52
C ILE B 375 15.48 23.35 16.33
N VAL B 376 14.60 24.12 16.98
CA VAL B 376 15.01 25.21 17.85
C VAL B 376 14.66 24.82 19.26
N VAL B 377 15.66 24.78 20.11
CA VAL B 377 15.45 24.46 21.52
C VAL B 377 15.66 25.67 22.42
N ASN B 378 14.54 26.25 22.84
CA ASN B 378 14.53 27.44 23.68
C ASN B 378 14.41 27.18 25.16
N SER B 379 13.67 26.16 25.53
CA SER B 379 13.37 25.90 26.94
C SER B 379 14.50 25.26 27.74
N ASN B 380 14.75 25.86 28.90
CA ASN B 380 15.78 25.37 29.81
C ASN B 380 15.45 23.96 30.26
N ASP B 381 16.51 23.20 30.46
CA ASP B 381 16.48 21.86 31.05
C ASP B 381 15.94 20.78 30.10
N THR B 382 15.67 21.16 28.87
CA THR B 382 15.20 20.21 27.86
C THR B 382 16.18 19.09 27.63
N ILE B 383 15.62 17.88 27.51
CA ILE B 383 16.40 16.70 27.12
C ILE B 383 16.10 16.26 25.67
N ILE B 384 17.14 16.10 24.85
CA ILE B 384 17.00 15.53 23.53
C ILE B 384 17.71 14.21 23.60
N ASP B 385 16.94 13.13 23.57
CA ASP B 385 17.45 11.79 23.80
C ASP B 385 17.12 10.98 22.57
N HIS B 386 18.09 10.94 21.66
CA HIS B 386 17.98 10.32 20.34
C HIS B 386 17.23 11.16 19.30
N THR B 387 18.01 11.94 18.56
CA THR B 387 17.47 12.52 17.31
C THR B 387 18.38 12.31 16.11
N TRP B 388 17.75 12.21 14.94
CA TRP B 388 18.41 12.31 13.64
C TRP B 388 17.75 13.42 12.86
N VAL B 389 18.55 14.43 12.56
CA VAL B 389 18.11 15.65 11.88
C VAL B 389 18.93 15.65 10.59
N TRP B 390 18.24 15.37 9.49
CA TRP B 390 18.87 14.89 8.27
C TRP B 390 18.39 15.64 7.04
N ARG B 391 19.29 16.41 6.45
CA ARG B 391 19.03 16.99 5.13
C ARG B 391 19.39 15.91 4.15
N ALA B 392 18.42 15.44 3.37
CA ALA B 392 18.66 14.27 2.54
C ALA B 392 19.83 14.43 1.56
N ASP B 393 20.68 13.40 1.47
CA ASP B 393 21.77 13.37 0.51
C ASP B 393 21.47 12.51 -0.70
N HIS B 394 20.33 11.84 -0.72
CA HIS B 394 19.94 10.96 -1.82
C HIS B 394 18.44 10.85 -1.83
N GLY B 395 17.91 10.33 -2.93
CA GLY B 395 16.47 10.28 -3.15
C GLY B 395 15.95 11.47 -3.94
N GLU B 396 14.64 11.56 -4.09
CA GLU B 396 14.01 12.59 -4.88
C GLU B 396 13.96 13.93 -4.15
N GLY B 397 14.18 15.00 -4.92
CA GLY B 397 14.13 16.36 -4.40
C GLY B 397 15.40 16.90 -3.76
N VAL B 398 16.56 16.31 -4.06
CA VAL B 398 17.83 16.64 -3.37
C VAL B 398 18.83 17.40 -4.27
N GLY B 399 19.29 18.54 -3.76
CA GLY B 399 20.22 19.41 -4.45
C GLY B 399 20.61 20.60 -3.58
N TRP B 400 21.71 21.24 -3.93
CA TRP B 400 22.32 22.28 -3.08
C TRP B 400 21.34 23.41 -2.91
N GLU B 401 20.40 23.53 -3.83
CA GLU B 401 19.36 24.54 -3.70
C GLU B 401 17.98 23.86 -3.57
N THR B 402 17.76 22.78 -4.30
CA THR B 402 16.43 22.14 -4.32
C THR B 402 15.95 21.66 -2.94
N ASN B 403 16.83 21.07 -2.11
CA ASN B 403 16.48 20.82 -0.71
C ASN B 403 17.40 21.52 0.27
N ARG B 404 17.69 22.79 -0.03
CA ARG B 404 18.43 23.64 0.89
C ARG B 404 17.88 23.59 2.30
N ALA B 405 18.81 23.47 3.25
CA ALA B 405 18.46 23.60 4.66
C ALA B 405 19.67 24.14 5.36
N ASP B 406 19.60 25.38 5.81
CA ASP B 406 20.81 26.02 6.31
C ASP B 406 21.26 25.45 7.64
N TYR B 407 20.31 25.31 8.57
CA TYR B 407 20.64 25.00 9.95
C TYR B 407 19.88 23.80 10.50
N GLY B 408 20.56 22.97 11.26
CA GLY B 408 19.95 21.75 11.75
C GLY B 408 19.27 22.01 13.09
N VAL B 409 20.09 22.08 14.10
CA VAL B 409 19.61 22.29 15.48
C VAL B 409 20.27 23.53 16.06
N HIS B 410 19.45 24.37 16.71
CA HIS B 410 19.95 25.56 17.43
C HIS B 410 19.45 25.45 18.86
N VAL B 411 20.37 25.28 19.79
CA VAL B 411 20.00 25.21 21.21
C VAL B 411 20.26 26.58 21.83
N LYS B 412 19.20 27.23 22.29
CA LYS B 412 19.29 28.56 22.93
C LYS B 412 19.02 28.53 24.42
N GLY B 413 18.37 27.45 24.88
CA GLY B 413 18.05 27.29 26.29
C GLY B 413 19.29 26.90 27.09
N ASP B 414 19.19 27.07 28.42
CA ASP B 414 20.23 26.70 29.34
C ASP B 414 20.00 25.30 29.90
N ASN B 415 21.10 24.65 30.14
CA ASN B 415 21.13 23.34 30.76
C ASN B 415 20.33 22.26 30.03
N VAL B 416 20.45 22.38 28.73
CA VAL B 416 19.93 21.39 27.80
C VAL B 416 20.90 20.22 27.67
N LEU B 417 20.33 19.02 27.60
CA LEU B 417 21.15 17.79 27.50
C LEU B 417 20.74 17.08 26.23
N ALA B 418 21.73 16.77 25.40
CA ALA B 418 21.55 15.91 24.25
C ALA B 418 22.29 14.60 24.45
N THR B 419 21.57 13.50 24.31
CA THR B 419 22.19 12.17 24.37
C THR B 419 21.85 11.46 23.06
N GLY B 420 22.86 11.10 22.27
CA GLY B 420 22.63 10.46 20.99
C GLY B 420 22.14 11.45 19.97
N LEU B 421 23.00 12.40 19.63
CA LEU B 421 22.71 13.47 18.67
C LEU B 421 23.32 13.13 17.29
N PHE B 422 22.45 12.97 16.28
CA PHE B 422 22.85 12.68 14.89
C PHE B 422 22.29 13.81 13.99
N VAL B 423 23.16 14.61 13.37
CA VAL B 423 22.73 15.74 12.55
C VAL B 423 23.62 15.83 11.31
N GLU B 424 23.02 15.76 10.12
CA GLU B 424 23.84 15.70 8.90
C GLU B 424 23.37 16.53 7.70
N HIS B 425 24.37 17.05 7.00
CA HIS B 425 24.31 17.57 5.64
C HIS B 425 23.73 18.98 5.44
N PHE B 426 23.65 19.79 6.51
CA PHE B 426 23.12 21.12 6.37
C PHE B 426 24.06 22.05 5.60
N ASN B 427 23.48 23.01 4.86
CA ASN B 427 24.28 23.97 4.10
C ASN B 427 25.19 24.82 4.93
N LYS B 428 24.75 25.11 6.15
CA LYS B 428 25.50 25.94 7.10
C LYS B 428 25.74 25.13 8.38
N TYR B 429 25.58 25.72 9.56
CA TYR B 429 25.88 24.98 10.78
C TYR B 429 24.90 23.86 11.08
N ASP B 430 25.39 22.65 11.25
CA ASP B 430 24.47 21.54 11.53
C ASP B 430 23.90 21.77 12.92
N VAL B 431 24.80 22.05 13.85
CA VAL B 431 24.41 22.34 15.23
C VAL B 431 25.08 23.59 15.73
N GLN B 432 24.26 24.43 16.36
CA GLN B 432 24.71 25.63 17.06
C GLN B 432 24.16 25.69 18.46
N TRP B 433 24.93 26.25 19.38
CA TRP B 433 24.59 26.19 20.79
C TRP B 433 24.86 27.50 21.53
N SER B 434 23.79 28.28 21.72
CA SER B 434 23.78 29.64 22.31
C SER B 434 23.62 29.68 23.78
N GLY B 435 23.16 28.57 24.35
CA GLY B 435 22.77 28.56 25.74
C GLY B 435 23.91 28.11 26.62
N GLU B 436 23.76 28.37 27.91
CA GLU B 436 24.72 28.02 28.91
C GLU B 436 24.58 26.58 29.41
N ASN B 437 25.72 26.05 29.82
CA ASN B 437 25.80 24.73 30.42
C ASN B 437 25.12 23.62 29.64
N GLY B 438 25.25 23.68 28.32
CA GLY B 438 24.87 22.55 27.48
C GLY B 438 25.82 21.34 27.64
N LYS B 439 25.26 20.16 27.44
CA LYS B 439 26.02 18.92 27.40
C LYS B 439 25.53 18.07 26.25
N THR B 440 26.47 17.50 25.50
CA THR B 440 26.16 16.53 24.44
C THR B 440 26.99 15.27 24.71
N ILE B 441 26.31 14.15 24.82
CA ILE B 441 26.95 12.85 24.95
C ILE B 441 26.62 12.08 23.67
N PHE B 442 27.66 11.89 22.87
CA PHE B 442 27.62 11.29 21.51
C PHE B 442 27.03 12.22 20.46
N TYR B 443 27.87 12.54 19.46
CA TYR B 443 27.47 13.31 18.25
C TYR B 443 28.04 12.62 17.01
N GLN B 444 27.16 12.39 16.03
CA GLN B 444 27.55 11.98 14.68
C GLN B 444 27.05 12.98 13.66
N ASN B 445 27.99 13.49 12.88
CA ASN B 445 27.72 14.40 11.76
C ASN B 445 28.40 13.93 10.49
N ALA B 446 27.74 14.19 9.36
CA ALA B 446 28.34 14.21 8.03
C ALA B 446 27.99 15.56 7.43
N LYS B 447 28.99 16.23 6.89
CA LYS B 447 28.77 17.48 6.22
C LYS B 447 28.01 17.30 4.90
N ALA B 448 27.56 18.42 4.34
CA ALA B 448 26.86 18.40 3.06
C ALA B 448 27.77 17.72 2.04
N TYR B 449 27.29 16.66 1.41
CA TYR B 449 28.05 15.85 0.46
C TYR B 449 28.05 16.56 -0.91
N ASP B 450 27.26 17.64 -1.06
CA ASP B 450 26.86 18.17 -2.34
C ASP B 450 27.21 19.65 -2.58
N ALA B 451 28.04 20.23 -1.72
CA ALA B 451 28.51 21.59 -1.95
C ALA B 451 29.26 21.77 -3.29
N PRO B 452 28.89 22.78 -4.10
CA PRO B 452 29.49 22.84 -5.45
C PRO B 452 30.94 23.37 -5.54
N ASP B 453 31.36 24.16 -4.56
CA ASP B 453 32.70 24.75 -4.55
C ASP B 453 32.98 25.46 -3.21
N GLN B 454 34.22 25.92 -3.06
CA GLN B 454 34.65 26.47 -1.80
C GLN B 454 33.83 27.69 -1.41
N ALA B 455 33.63 28.59 -2.37
CA ALA B 455 32.94 29.84 -2.11
C ALA B 455 31.55 29.62 -1.52
N ALA B 456 30.93 28.51 -1.90
CA ALA B 456 29.51 28.26 -1.55
C ALA B 456 29.35 27.86 -0.09
N ILE B 457 30.49 27.66 0.59
CA ILE B 457 30.49 27.38 2.02
C ILE B 457 31.46 28.30 2.78
N GLN B 458 31.89 29.37 2.11
CA GLN B 458 32.81 30.29 2.77
C GLN B 458 32.02 30.94 3.87
N ASN B 459 32.65 31.14 5.01
CA ASN B 459 31.90 31.75 6.08
C ASN B 459 32.61 32.75 6.94
N GLY B 460 32.30 34.01 6.64
CA GLY B 460 33.10 35.10 7.15
C GLY B 460 34.44 34.69 6.59
N ASP B 461 35.49 34.68 7.41
CA ASP B 461 36.66 34.13 6.87
C ASP B 461 36.44 32.68 6.63
N ILE B 462 36.50 31.96 7.72
CA ILE B 462 36.48 30.51 7.83
C ILE B 462 36.01 29.73 6.60
N LYS B 463 36.79 28.70 6.24
CA LYS B 463 36.40 27.80 5.16
C LYS B 463 35.42 26.73 5.74
N GLY B 464 34.16 26.84 5.33
CA GLY B 464 33.13 25.94 5.82
C GLY B 464 32.49 26.38 7.13
N TYR B 465 31.36 25.75 7.42
CA TYR B 465 30.64 25.92 8.69
C TYR B 465 30.88 24.70 9.55
N ALA B 466 31.24 24.90 10.80
CA ALA B 466 31.40 23.78 11.72
C ALA B 466 30.14 22.90 11.79
N ALA B 467 30.32 21.61 11.99
CA ALA B 467 29.22 20.71 12.31
C ALA B 467 28.62 20.99 13.68
N TYR B 468 29.41 21.54 14.56
CA TYR B 468 29.01 21.79 15.94
C TYR B 468 29.74 23.02 16.43
N LYS B 469 28.94 24.07 16.63
CA LYS B 469 29.37 25.41 16.90
C LYS B 469 28.84 25.82 18.25
N VAL B 470 29.73 26.24 19.12
CA VAL B 470 29.36 26.85 20.38
C VAL B 470 29.73 28.31 20.30
N ASP B 471 28.75 29.19 20.51
CA ASP B 471 28.99 30.62 20.33
C ASP B 471 30.14 31.08 21.25
N ASP B 472 30.84 32.12 20.81
CA ASP B 472 32.12 32.59 21.40
C ASP B 472 32.01 32.87 22.84
N SER B 473 30.85 33.44 23.24
CA SER B 473 30.57 34.06 24.54
C SER B 473 29.79 33.16 25.52
N VAL B 474 29.74 31.87 25.21
CA VAL B 474 29.29 30.91 26.18
C VAL B 474 30.37 30.64 27.25
N THR B 475 29.95 30.53 28.52
CA THR B 475 30.81 30.22 29.66
C THR B 475 31.13 28.75 29.81
N THR B 476 30.07 27.95 29.76
CA THR B 476 30.15 26.57 30.18
C THR B 476 29.46 25.70 29.12
N HIS B 477 30.15 24.62 28.76
CA HIS B 477 29.64 23.64 27.78
C HIS B 477 30.52 22.40 27.86
N GLU B 478 29.96 21.24 27.57
CA GLU B 478 30.79 20.03 27.59
C GLU B 478 30.22 19.00 26.63
N GLY B 479 31.09 18.37 25.85
CA GLY B 479 30.68 17.39 24.87
C GLY B 479 31.63 16.18 24.94
N TRP B 480 31.07 14.99 24.71
CA TRP B 480 31.85 13.74 24.75
C TRP B 480 31.54 12.88 23.54
N GLY B 481 32.59 12.38 22.88
CA GLY B 481 32.39 11.39 21.83
C GLY B 481 31.71 11.91 20.58
N MET B 482 32.44 12.78 19.88
CA MET B 482 31.84 13.55 18.82
C MET B 482 32.64 13.44 17.52
N GLY B 483 31.96 13.11 16.42
CA GLY B 483 32.63 13.04 15.12
C GLY B 483 31.89 13.77 14.00
N SER B 484 32.68 14.37 13.10
CA SER B 484 32.17 14.91 11.83
C SER B 484 32.91 14.32 10.63
N TYR B 485 32.16 13.87 9.62
CA TYR B 485 32.76 13.24 8.44
C TYR B 485 32.42 14.05 7.19
N CYS B 486 33.36 14.10 6.25
CA CYS B 486 33.13 14.80 4.97
C CYS B 486 33.24 13.87 3.77
N TYR B 487 32.41 14.14 2.78
CA TYR B 487 32.39 13.43 1.49
C TYR B 487 31.89 14.40 0.42
N PHE B 488 32.82 15.25 0.02
CA PHE B 488 32.53 16.36 -0.89
C PHE B 488 32.68 15.81 -2.30
N ASN B 489 31.64 15.07 -2.68
CA ASN B 489 31.57 14.20 -3.85
C ASN B 489 31.50 15.05 -5.11
N VAL B 490 30.80 16.15 -5.00
CA VAL B 490 30.59 17.03 -6.12
C VAL B 490 31.88 17.75 -6.45
N ASN B 491 32.66 18.06 -5.42
CA ASN B 491 33.89 18.78 -5.65
C ASN B 491 34.89 18.42 -4.58
N PRO B 492 35.64 17.35 -4.83
CA PRO B 492 36.51 16.86 -3.77
C PRO B 492 37.83 17.60 -3.56
N ASP B 493 38.02 18.79 -4.16
CA ASP B 493 39.14 19.65 -3.76
C ASP B 493 38.74 20.64 -2.68
N ILE B 494 37.49 20.55 -2.20
CA ILE B 494 37.02 21.39 -1.13
C ILE B 494 37.76 21.09 0.17
N ARG B 495 37.85 22.11 1.01
CA ARG B 495 38.48 22.03 2.31
C ARG B 495 37.51 22.53 3.36
N GLN B 496 37.36 21.77 4.45
CA GLN B 496 36.51 22.10 5.57
C GLN B 496 37.47 22.46 6.71
N GLN B 497 37.38 23.66 7.24
CA GLN B 497 38.43 24.08 8.21
C GLN B 497 38.40 23.26 9.49
N HIS B 498 37.19 22.93 9.95
CA HIS B 498 37.07 22.16 11.17
C HIS B 498 35.71 21.52 11.32
N GLY B 499 35.64 20.51 12.19
CA GLY B 499 34.37 19.89 12.52
C GLY B 499 33.63 20.67 13.59
N PHE B 500 34.43 21.28 14.46
CA PHE B 500 33.96 21.89 15.69
C PHE B 500 34.55 23.28 15.86
N GLN B 501 33.78 24.15 16.49
CA GLN B 501 34.14 25.53 16.70
C GLN B 501 33.59 26.00 18.08
N ALA B 502 34.47 26.53 18.92
CA ALA B 502 34.14 26.84 20.32
C ALA B 502 35.14 27.80 20.95
N PRO B 503 34.75 28.44 22.06
CA PRO B 503 35.72 29.30 22.69
C PRO B 503 36.69 28.52 23.52
N VAL B 504 37.73 29.22 23.95
CA VAL B 504 38.73 28.67 24.82
C VAL B 504 38.52 29.31 26.20
N LYS B 505 37.89 28.55 27.08
CA LYS B 505 37.46 29.01 28.36
C LYS B 505 37.43 27.85 29.31
N PRO B 506 37.75 28.12 30.59
CA PRO B 506 37.85 26.99 31.52
C PRO B 506 36.59 26.14 31.66
N GLY B 507 35.39 26.70 31.46
CA GLY B 507 34.19 25.91 31.60
C GLY B 507 33.70 25.31 30.29
N VAL B 508 34.43 25.49 29.18
CA VAL B 508 34.12 24.82 27.89
C VAL B 508 35.13 23.70 27.68
N LYS B 509 34.67 22.49 27.46
CA LYS B 509 35.54 21.32 27.46
C LYS B 509 34.96 20.30 26.48
N PHE B 510 35.83 19.71 25.68
CA PHE B 510 35.42 18.60 24.85
C PHE B 510 36.31 17.39 25.09
N HIS B 511 35.71 16.21 24.96
CA HIS B 511 36.36 14.94 25.19
C HIS B 511 36.15 14.06 23.95
N ASP B 512 37.23 13.61 23.30
CA ASP B 512 37.16 12.60 22.24
C ASP B 512 36.42 13.11 21.01
N LEU B 513 37.06 14.09 20.36
CA LEU B 513 36.65 14.63 19.07
C LEU B 513 37.37 13.92 17.91
N LEU B 514 36.68 13.75 16.80
CA LEU B 514 37.34 13.26 15.60
C LEU B 514 36.71 13.87 14.34
N VAL B 515 37.54 13.98 13.31
CA VAL B 515 37.04 14.25 11.98
C VAL B 515 37.60 13.25 10.97
N VAL B 516 36.82 12.98 9.90
CA VAL B 516 37.19 11.95 8.96
C VAL B 516 36.82 12.35 7.52
N SER B 517 37.78 12.26 6.60
CA SER B 517 37.48 12.33 5.17
C SER B 517 37.14 10.95 4.64
N LEU B 518 35.96 10.82 4.07
CA LEU B 518 35.56 9.56 3.46
C LEU B 518 36.22 9.35 2.05
N GLY B 519 37.34 8.64 1.97
CA GLY B 519 37.90 8.29 0.69
C GLY B 519 38.64 9.45 0.02
N GLY B 520 38.97 10.50 0.78
CA GLY B 520 39.64 11.68 0.24
C GLY B 520 38.78 12.63 -0.57
N LYS B 521 37.46 12.53 -0.35
CA LYS B 521 36.53 13.44 -1.00
C LYS B 521 36.45 14.71 -0.16
N GLY B 522 37.34 15.64 -0.46
CA GLY B 522 37.59 16.75 0.41
C GLY B 522 38.49 16.35 1.57
N GLN B 523 38.94 17.36 2.34
CA GLN B 523 39.69 17.13 3.56
C GLN B 523 39.34 18.19 4.60
N TYR B 524 39.50 17.80 5.86
CA TYR B 524 39.50 18.76 6.99
C TYR B 524 40.87 19.38 7.17
N GLU B 525 40.96 20.66 7.54
CA GLU B 525 42.27 21.27 7.82
C GLU B 525 42.65 21.11 9.30
N HIS B 526 41.63 20.94 10.14
CA HIS B 526 41.82 20.78 11.60
C HIS B 526 40.61 20.06 12.20
N VAL B 527 40.71 19.72 13.49
CA VAL B 527 39.59 19.09 14.21
C VAL B 527 38.61 20.10 14.81
N ILE B 528 39.13 20.99 15.66
CA ILE B 528 38.32 21.97 16.40
C ILE B 528 39.03 23.31 16.48
N ASN B 529 38.39 24.36 15.95
CA ASN B 529 39.10 25.61 15.73
C ASN B 529 40.30 25.24 14.84
N ASP B 530 41.50 25.71 15.17
CA ASP B 530 42.65 25.52 14.29
C ASP B 530 43.61 24.54 14.91
N ILE B 531 43.05 23.68 15.75
CA ILE B 531 43.79 22.68 16.48
C ILE B 531 43.37 21.29 16.01
N GLY B 532 44.31 20.35 16.04
CA GLY B 532 44.10 19.00 15.49
C GLY B 532 44.65 18.92 14.08
N ASP B 533 45.20 17.78 13.72
CA ASP B 533 45.80 17.65 12.42
C ASP B 533 44.74 17.66 11.32
N PRO B 534 45.13 18.12 10.11
CA PRO B 534 44.26 17.94 8.94
C PRO B 534 44.13 16.44 8.66
N THR B 535 43.09 16.06 7.92
CA THR B 535 43.00 14.71 7.39
C THR B 535 43.81 14.66 6.11
N SER B 536 44.43 13.51 5.81
CA SER B 536 45.24 13.36 4.60
C SER B 536 45.00 12.02 3.92
N GLY B 537 45.50 11.89 2.70
CA GLY B 537 45.37 10.64 1.95
C GLY B 537 43.92 10.39 1.57
N ASP B 538 43.66 9.18 1.05
CA ASP B 538 42.28 8.75 0.76
C ASP B 538 41.96 7.41 1.40
N THR B 539 42.59 7.10 2.54
CA THR B 539 42.28 5.85 3.30
C THR B 539 41.40 6.00 4.58
N THR B 540 40.74 7.13 4.72
CA THR B 540 39.71 7.27 5.79
C THR B 540 40.24 7.01 7.20
N ILE B 541 41.36 7.66 7.48
CA ILE B 541 42.03 7.63 8.78
C ILE B 541 41.58 8.86 9.54
N PRO B 542 40.89 8.67 10.68
CA PRO B 542 40.42 9.85 11.41
C PRO B 542 41.56 10.67 11.93
N SER B 543 41.31 11.97 12.05
CA SER B 543 42.14 12.88 12.81
C SER B 543 41.46 13.15 14.13
N GLN B 544 42.19 12.99 15.23
CA GLN B 544 41.56 12.93 16.54
C GLN B 544 42.09 14.00 17.48
N VAL B 545 41.23 14.46 18.39
CA VAL B 545 41.65 15.27 19.56
C VAL B 545 41.06 14.68 20.85
N VAL B 546 41.90 14.28 21.80
CA VAL B 546 41.35 13.67 23.01
C VAL B 546 40.73 14.74 23.93
N SER B 547 41.44 15.86 24.03
CA SER B 547 41.18 16.92 25.00
C SER B 547 41.25 18.37 24.44
N PHE B 548 40.11 19.06 24.45
CA PHE B 548 40.06 20.52 24.22
C PHE B 548 39.31 21.17 25.40
N PRO B 549 39.79 22.34 25.88
CA PRO B 549 41.02 22.98 25.41
C PRO B 549 42.20 22.13 25.88
C2 BGC C . 1.47 -27.69 -25.22
C3 BGC C . 1.42 -26.74 -24.14
C4 BGC C . 0.85 -27.38 -22.90
C5 BGC C . 1.54 -28.72 -22.61
C6 BGC C . 0.84 -29.65 -21.70
C1 BGC C . 2.42 -28.79 -24.81
O1 BGC C . 2.73 -29.59 -25.77
O2 BGC C . 1.84 -27.22 -26.53
O3 BGC C . 0.75 -25.48 -24.59
O4 BGC C . 0.99 -26.58 -21.76
O5 BGC C . 1.72 -29.52 -23.76
O6 BGC C . 0.24 -29.14 -20.55
C2 BGC C . 0.72 -23.13 -24.78
C3 BGC C . 1.39 -21.86 -24.43
C4 BGC C . 1.74 -21.78 -23.02
C5 BGC C . 2.37 -23.08 -22.56
C6 BGC C . 2.54 -23.02 -21.11
C1 BGC C . 1.44 -24.34 -24.25
O2 BGC C . 0.50 -23.26 -26.18
O3 BGC C . 0.41 -20.83 -24.79
O4 BGC C . 2.65 -20.72 -22.68
O5 BGC C . 1.52 -24.20 -22.84
O6 BGC C . 1.44 -23.43 -20.35
C2 BGC C . -0.13 -18.80 -25.93
C3 BGC C . 0.44 -17.62 -26.61
C4 BGC C . 1.67 -17.14 -25.97
C5 BGC C . 2.68 -18.26 -25.92
C6 BGC C . 3.93 -17.74 -25.30
C1 BGC C . 0.93 -19.88 -25.70
O2 BGC C . -1.18 -19.39 -26.70
O3 BGC C . -0.54 -16.51 -26.49
O4 BGC C . 2.25 -16.03 -26.65
O5 BGC C . 2.08 -19.26 -25.07
O6 BGC C . 4.20 -18.24 -24.02
C2 BGC C . -2.04 -15.05 -27.71
C3 BGC C . -2.30 -14.39 -29.03
C4 BGC C . -1.00 -13.86 -29.61
C5 BGC C . -0.05 -15.05 -29.76
C6 BGC C . 1.26 -14.69 -30.45
C1 BGC C . -0.94 -16.09 -27.77
O2 BGC C . -3.21 -15.72 -27.27
O3 BGC C . -3.20 -13.29 -28.73
O4 BGC C . -1.15 -13.26 -30.86
O5 BGC C . 0.23 -15.55 -28.46
O6 BGC C . 2.07 -15.85 -30.67
C2 BGC C . -5.32 -12.21 -28.85
C3 BGC C . -6.36 -11.63 -29.74
C4 BGC C . -5.71 -10.95 -30.88
C5 BGC C . -4.78 -11.88 -31.60
C6 BGC C . -4.04 -11.09 -32.66
C1 BGC C . -4.28 -13.07 -29.57
O2 BGC C . -5.91 -13.00 -27.87
O3 BGC C . -7.11 -10.58 -29.00
O4 BGC C . -6.70 -10.44 -31.73
O5 BGC C . -3.75 -12.37 -30.72
O6 BGC C . -3.17 -11.87 -33.44
C2 BGC C . -9.15 -9.74 -28.15
C3 BGC C . -10.62 -9.76 -28.34
C4 BGC C . -11.00 -9.95 -29.71
C5 BGC C . -10.44 -11.30 -30.13
C6 BGC C . -10.85 -11.58 -31.52
C1 BGC C . -8.45 -10.93 -28.81
O2 BGC C . -8.84 -9.72 -26.77
O3 BGC C . -11.25 -8.49 -27.94
O4 BGC C . -12.42 -9.86 -29.93
O5 BGC C . -8.98 -11.19 -30.12
O6 BGC C . -10.38 -10.68 -32.45
C2 BGC D . -5.35 -32.59 -30.34
C3 BGC D . -5.73 -31.75 -31.45
C4 BGC D . -4.62 -30.90 -31.98
C5 BGC D . -3.32 -31.65 -32.16
C6 BGC D . -2.21 -30.68 -32.38
C1 BGC D . -4.13 -33.41 -30.64
O1 BGC D . -3.77 -34.06 -29.54
O2 BGC D . -6.44 -33.45 -29.94
O3 BGC D . -6.90 -30.99 -31.00
O4 BGC D . -4.92 -30.27 -33.21
O5 BGC D . -3.01 -32.55 -31.09
O6 BGC D . -1.06 -31.12 -33.04
C2 BGC D . -9.07 -30.13 -31.61
C3 BGC D . -9.88 -29.40 -32.63
C4 BGC D . -9.10 -28.33 -33.33
C5 BGC D . -7.63 -28.63 -33.62
C6 BGC D . -6.88 -27.46 -34.06
C1 BGC D . -7.60 -30.43 -32.02
O2 BGC D . -9.72 -31.34 -31.21
O3 BGC D . -11.15 -28.98 -32.05
O4 BGC D . -9.65 -28.10 -34.61
O5 BGC D . -6.92 -29.21 -32.50
O6 BGC D . -5.52 -27.64 -34.25
C2 BGC D . -12.94 -29.90 -30.74
C3 BGC D . -14.17 -30.74 -30.81
C4 BGC D . -15.02 -30.48 -31.98
C5 BGC D . -14.24 -30.53 -33.29
C6 BGC D . -15.14 -30.08 -34.44
C1 BGC D . -12.15 -29.92 -32.03
O2 BGC D . -12.12 -30.29 -29.64
O3 BGC D . -14.95 -30.51 -29.59
O4 BGC D . -16.10 -31.39 -32.08
O5 BGC D . -13.01 -29.73 -33.21
O6 BGC D . -15.90 -28.94 -34.29
C2 BGC D . -15.65 -31.44 -27.48
C3 BGC D . -16.33 -32.59 -26.84
C4 BGC D . -17.62 -32.88 -27.50
C5 BGC D . -17.34 -33.13 -28.98
C6 BGC D . -18.55 -33.39 -29.82
C1 BGC D . -15.37 -31.67 -28.95
O2 BGC D . -14.44 -31.05 -26.77
O3 BGC D . -16.54 -32.26 -25.46
O4 BGC D . -18.28 -34.03 -26.91
O5 BGC D . -16.66 -32.02 -29.57
O6 BGC D . -19.51 -32.37 -29.93
C2 BGC D . -15.15 -32.14 -23.47
C3 BGC D . -14.37 -32.94 -22.54
C4 BGC D . -15.10 -34.11 -21.98
C5 BGC D . -15.74 -34.91 -23.08
C6 BGC D . -16.64 -36.00 -22.60
C1 BGC D . -15.72 -32.99 -24.58
O2 BGC D . -14.38 -31.09 -24.08
O3 BGC D . -13.74 -32.12 -21.51
O4 BGC D . -14.24 -34.95 -21.21
O5 BGC D . -16.49 -34.07 -23.99
O6 BGC D . -17.08 -36.90 -23.61
C2 BGC E . 35.62 -9.02 8.29
C3 BGC E . 35.79 -8.20 9.45
C4 BGC E . 35.23 -8.80 10.69
C5 BGC E . 35.77 -10.22 10.85
C6 BGC E . 35.09 -10.90 11.98
C1 BGC E . 36.03 -10.46 8.48
O1 BGC E . 35.59 -11.17 7.47
O2 BGC E . 36.32 -8.52 7.13
O3 BGC E . 35.11 -6.92 9.11
O4 BGC E . 35.53 -8.08 11.86
O5 BGC E . 35.49 -11.02 9.71
O6 BGC E . 35.53 -12.21 12.19
C2 BGC E . 35.08 -4.60 8.87
C3 BGC E . 35.63 -3.34 9.37
C4 BGC E . 35.74 -3.39 10.80
C5 BGC E . 36.56 -4.57 11.26
C6 BGC E . 36.74 -4.68 12.72
C1 BGC E . 35.83 -5.80 9.40
O2 BGC E . 35.23 -4.57 7.47
O3 BGC E . 34.75 -2.21 8.99
O4 BGC E . 36.33 -2.21 11.31
O5 BGC E . 35.92 -5.77 10.81
O6 BGC E . 37.50 -5.80 13.16
C2 BGC E . 34.34 -0.02 8.07
C3 BGC E . 34.98 1.12 7.38
C4 BGC E . 36.13 1.68 8.14
C5 BGC E . 37.06 0.55 8.48
C6 BGC E . 38.22 1.04 9.27
C1 BGC E . 35.35 -1.11 8.36
O2 BGC E . 33.31 -0.61 7.25
O3 BGC E . 33.95 2.17 7.22
O4 BGC E . 36.93 2.66 7.40
O5 BGC E . 36.39 -0.53 9.20
O6 BGC E . 39.09 -0.04 9.54
C2 BGC E . 32.47 3.61 6.02
C3 BGC E . 32.25 4.35 4.76
C4 BGC E . 33.53 4.84 4.11
C5 BGC E . 34.50 3.65 4.02
C6 BGC E . 35.85 3.99 3.44
C1 BGC E . 33.54 2.54 5.94
O2 BGC E . 31.22 3.05 6.46
O3 BGC E . 31.40 5.44 5.17
O4 BGC E . 33.25 5.30 2.80
O5 BGC E . 34.73 3.14 5.34
O6 BGC E . 36.63 2.80 3.19
C2 BGC E . 29.31 6.65 5.02
C3 BGC E . 28.25 7.18 4.14
C4 BGC E . 28.84 7.86 2.96
C5 BGC E . 29.82 6.94 2.25
C6 BGC E . 30.62 7.75 1.26
C1 BGC E . 30.30 5.76 4.31
O2 BGC E . 28.71 5.89 6.05
O3 BGC E . 27.44 8.16 4.89
O4 BGC E . 27.82 8.23 2.07
O5 BGC E . 30.84 6.50 3.16
O6 BGC E . 31.55 6.94 0.55
C2 BGC E . 25.38 8.98 5.79
C3 BGC E . 23.91 8.99 5.60
C4 BGC E . 23.55 8.82 4.21
C5 BGC E . 24.10 7.45 3.77
C6 BGC E . 23.77 7.15 2.37
C1 BGC E . 26.08 7.84 5.07
O2 BGC E . 25.69 8.95 7.18
O3 BGC E . 23.39 10.31 5.96
O4 BGC E . 22.14 8.84 3.95
O5 BGC E . 25.53 7.58 3.77
O6 BGC E . 24.09 8.17 1.50
C2 BGC F . 28.62 -14.05 3.34
C3 BGC F . 28.51 -13.08 2.28
C4 BGC F . 29.80 -12.46 1.94
C5 BGC F . 30.83 -13.49 1.51
C6 BGC F . 32.24 -13.08 1.82
C1 BGC F . 29.67 -15.11 3.10
O1 BGC F . 30.31 -15.37 4.24
O2 BGC F . 27.35 -14.67 3.59
O3 BGC F . 27.50 -12.09 2.68
O4 BGC F . 29.69 -11.45 0.96
O5 BGC F . 30.64 -14.81 2.03
O6 BGC F . 32.60 -11.74 1.76
C2 BGC F . 25.33 -11.35 2.21
C3 BGC F . 24.42 -10.62 1.29
C4 BGC F . 25.08 -9.45 0.66
C5 BGC F . 26.44 -9.78 0.06
C6 BGC F . 26.97 -8.58 -0.56
C1 BGC F . 26.75 -11.60 1.67
O2 BGC F . 24.75 -12.57 2.71
O3 BGC F . 23.21 -10.19 1.97
O4 BGC F . 24.23 -8.86 -0.31
O5 BGC F . 27.35 -10.39 1.03
O6 BGC F . 27.43 -7.59 0.27
C2 BGC F . 21.37 -11.08 3.22
C3 BGC F . 20.21 -12.00 3.15
C4 BGC F . 19.36 -11.72 1.99
C5 BGC F . 20.18 -11.67 0.68
C6 BGC F . 19.37 -11.29 -0.54
C1 BGC F . 22.19 -11.10 1.94
O2 BGC F . 22.22 -11.38 4.30
O3 BGC F . 19.45 -11.82 4.38
O4 BGC F . 18.31 -12.66 1.87
O5 BGC F . 21.32 -10.79 0.82
O6 BGC F . 18.78 -10.04 -0.53
C2 BGC F . 18.84 -12.78 6.46
C3 BGC F . 18.26 -13.99 7.07
C4 BGC F . 16.93 -14.23 6.47
C5 BGC F . 17.10 -14.48 4.97
C6 BGC F . 15.84 -14.68 4.24
C1 BGC F . 19.03 -12.97 4.97
O2 BGC F . 20.06 -12.35 7.11
O3 BGC F . 18.06 -13.64 8.45
O4 BGC F . 16.23 -15.31 7.12
O5 BGC F . 17.74 -13.34 4.37
O6 BGC F . 14.93 -13.63 4.25
C2 BGC F . 19.41 -13.36 10.40
C3 BGC F . 20.10 -14.14 11.41
C4 BGC F . 19.32 -15.25 11.98
C5 BGC F . 18.69 -16.06 10.89
C6 BGC F . 17.78 -17.13 11.36
C1 BGC F . 18.81 -14.31 9.38
O2 BGC F . 20.29 -12.42 9.72
O3 BGC F . 20.68 -13.31 12.45
O4 BGC F . 20.14 -16.15 12.71
O5 BGC F . 17.93 -15.20 10.07
O6 BGC F . 17.50 -18.10 10.36
C1 EDO G . -5.05 3.96 -29.37
O1 EDO G . -4.18 4.68 -28.47
C2 EDO G . -6.54 3.97 -28.94
O2 EDO G . -6.73 4.67 -27.69
H11 EDO G . -4.94 4.37 -30.37
H12 EDO G . -4.72 2.92 -29.42
HO1 EDO G . -3.34 4.88 -28.91
H21 EDO G . -6.89 2.94 -28.85
H22 EDO G . -7.14 4.44 -29.72
HO2 EDO G . -7.54 4.37 -27.26
C1 EDO H . 29.00 23.41 4.88
O1 EDO H . 28.07 23.31 5.95
C2 EDO H . 28.74 22.19 4.01
O2 EDO H . 28.00 21.22 4.76
H11 EDO H . 30.03 23.40 5.25
H12 EDO H . 28.85 24.34 4.32
HO1 EDO H . 28.38 23.89 6.65
H21 EDO H . 29.71 21.76 3.69
H22 EDO H . 28.19 22.50 3.12
HO2 EDO H . 27.07 21.30 4.52
N GLU A 1 -50.82 0.07 -13.21
CA GLU A 1 -50.02 -0.66 -12.22
C GLU A 1 -49.44 -1.98 -12.73
N VAL A 2 -48.14 -2.07 -12.53
CA VAL A 2 -47.37 -3.17 -13.00
C VAL A 2 -47.54 -4.21 -11.95
N VAL A 3 -47.65 -5.44 -12.42
CA VAL A 3 -47.99 -6.54 -11.58
C VAL A 3 -46.70 -7.27 -11.15
N GLY A 4 -46.81 -8.32 -10.36
CA GLY A 4 -45.64 -9.03 -9.87
C GLY A 4 -45.60 -10.43 -10.45
N GLY A 5 -44.41 -11.00 -10.61
CA GLY A 5 -44.27 -12.29 -11.25
C GLY A 5 -44.90 -12.30 -12.64
N GLY A 6 -44.68 -13.38 -13.37
CA GLY A 6 -45.25 -13.65 -14.70
C GLY A 6 -44.41 -14.61 -15.54
N ASP A 7 -44.91 -15.78 -15.94
CA ASP A 7 -44.22 -16.66 -16.94
C ASP A 7 -42.71 -16.35 -17.20
N LEU A 8 -41.79 -17.23 -16.80
CA LEU A 8 -40.41 -16.88 -17.12
C LEU A 8 -40.16 -16.95 -18.64
N GLY A 9 -41.07 -17.62 -19.35
CA GLY A 9 -41.06 -17.62 -20.78
C GLY A 9 -40.34 -18.74 -21.55
N PRO A 10 -40.49 -18.74 -22.88
CA PRO A 10 -39.98 -19.81 -23.74
C PRO A 10 -38.47 -19.74 -24.08
N ASN A 11 -37.72 -18.76 -23.54
CA ASN A 11 -36.24 -18.78 -23.64
C ASN A 11 -35.60 -19.23 -22.32
N VAL A 12 -36.42 -19.60 -21.34
CA VAL A 12 -35.94 -20.14 -20.06
C VAL A 12 -36.37 -21.60 -19.99
N LEU A 13 -35.41 -22.47 -20.26
CA LEU A 13 -35.61 -23.91 -20.33
C LEU A 13 -35.39 -24.52 -18.95
N VAL A 14 -36.46 -25.03 -18.36
CA VAL A 14 -36.44 -25.53 -16.99
C VAL A 14 -36.47 -27.05 -17.04
N PHE A 15 -35.40 -27.66 -16.57
CA PHE A 15 -35.33 -29.11 -16.46
C PHE A 15 -35.41 -29.55 -15.01
N ASP A 16 -36.00 -30.73 -14.77
CA ASP A 16 -35.65 -31.48 -13.55
C ASP A 16 -35.14 -32.91 -13.99
N PRO A 17 -34.63 -33.76 -13.07
CA PRO A 17 -33.90 -34.88 -13.72
C PRO A 17 -34.79 -35.97 -14.46
N SER A 18 -36.10 -35.85 -14.27
CA SER A 18 -37.06 -36.76 -14.92
C SER A 18 -37.37 -36.28 -16.36
N THR A 19 -36.80 -35.14 -16.80
CA THR A 19 -37.18 -34.58 -18.11
C THR A 19 -36.87 -35.47 -19.29
N PRO A 20 -37.86 -35.69 -20.17
CA PRO A 20 -37.39 -36.50 -21.31
C PRO A 20 -36.37 -35.78 -22.17
N ASP A 21 -35.32 -36.49 -22.53
CA ASP A 21 -34.45 -36.06 -23.61
C ASP A 21 -33.70 -34.78 -23.24
N ILE A 22 -33.07 -34.77 -22.07
CA ILE A 22 -32.26 -33.59 -21.67
C ILE A 22 -31.07 -33.40 -22.59
N GLN A 23 -30.32 -34.47 -22.78
CA GLN A 23 -29.11 -34.38 -23.60
C GLN A 23 -29.53 -33.83 -24.96
N GLY A 24 -30.63 -34.35 -25.53
CA GLY A 24 -31.07 -33.89 -26.82
C GLY A 24 -31.55 -32.44 -26.82
N LYS A 25 -32.14 -32.00 -25.71
CA LYS A 25 -32.69 -30.64 -25.63
C LYS A 25 -31.55 -29.63 -25.54
N VAL A 26 -30.58 -29.94 -24.70
CA VAL A 26 -29.47 -29.02 -24.55
C VAL A 26 -28.62 -29.00 -25.84
N ASP A 27 -28.50 -30.14 -26.52
CA ASP A 27 -27.68 -30.30 -27.74
C ASP A 27 -28.27 -29.54 -28.95
N GLU A 28 -29.58 -29.50 -29.07
CA GLU A 28 -30.21 -28.74 -30.18
C GLU A 28 -30.09 -27.20 -29.90
N VAL A 29 -30.02 -26.81 -28.62
CA VAL A 29 -29.62 -25.42 -28.24
C VAL A 29 -28.18 -25.10 -28.62
N PHE A 30 -27.30 -26.07 -28.42
CA PHE A 30 -25.90 -25.85 -28.74
C PHE A 30 -25.69 -25.70 -30.25
N ARG A 31 -26.32 -26.57 -31.04
CA ARG A 31 -26.10 -26.49 -32.49
C ARG A 31 -26.64 -25.15 -33.05
N LYS A 32 -27.71 -24.63 -32.46
CA LYS A 32 -28.19 -23.27 -32.84
C LYS A 32 -27.31 -22.11 -32.36
N GLN A 33 -26.66 -22.28 -31.22
CA GLN A 33 -25.89 -21.20 -30.57
C GLN A 33 -24.36 -21.29 -30.78
N GLU A 34 -23.85 -22.46 -31.15
CA GLU A 34 -22.41 -22.71 -31.27
C GLU A 34 -21.62 -21.63 -32.03
N SER A 35 -22.13 -21.26 -33.18
CA SER A 35 -21.46 -20.39 -34.13
C SER A 35 -22.12 -19.01 -34.16
N ASN A 36 -23.13 -18.84 -33.33
CA ASN A 36 -24.07 -17.71 -33.44
C ASN A 36 -23.56 -16.47 -32.71
N GLN A 37 -22.42 -15.94 -33.17
CA GLN A 37 -21.68 -14.97 -32.36
C GLN A 37 -22.45 -13.64 -32.18
N PHE A 38 -23.24 -13.28 -33.18
CA PHE A 38 -23.87 -11.97 -33.20
C PHE A 38 -25.41 -12.02 -33.39
N GLY A 39 -26.00 -13.19 -33.24
CA GLY A 39 -27.45 -13.31 -33.41
C GLY A 39 -28.16 -12.78 -32.18
N THR A 40 -29.50 -12.67 -32.26
CA THR A 40 -30.33 -12.17 -31.21
C THR A 40 -30.99 -13.26 -30.39
N ASP A 41 -30.71 -14.53 -30.69
CA ASP A 41 -31.24 -15.57 -29.83
C ASP A 41 -30.56 -15.63 -28.47
N ARG A 42 -31.36 -15.97 -27.46
CA ARG A 42 -30.93 -15.98 -26.06
C ARG A 42 -31.55 -17.18 -25.38
N TYR A 43 -30.78 -17.85 -24.52
CA TYR A 43 -31.22 -19.04 -23.78
C TYR A 43 -30.66 -19.08 -22.38
N ALA A 44 -31.48 -19.46 -21.42
CA ALA A 44 -31.01 -19.76 -20.08
C ALA A 44 -31.54 -21.14 -19.77
N LEU A 45 -30.62 -22.03 -19.42
CA LEU A 45 -30.93 -23.42 -19.12
C LEU A 45 -30.86 -23.55 -17.59
N MET A 46 -31.98 -23.95 -16.98
CA MET A 46 -32.09 -23.94 -15.55
C MET A 46 -32.45 -25.35 -15.11
N PHE A 47 -31.67 -25.84 -14.15
CA PHE A 47 -31.84 -27.22 -13.64
C PHE A 47 -32.30 -27.22 -12.20
N LYS A 48 -33.47 -27.82 -11.97
CA LYS A 48 -33.99 -28.04 -10.62
C LYS A 48 -33.03 -28.90 -9.78
N PRO A 49 -33.06 -28.72 -8.45
CA PRO A 49 -32.21 -29.57 -7.60
C PRO A 49 -32.41 -31.05 -7.87
N GLY A 50 -31.31 -31.78 -7.86
CA GLY A 50 -31.32 -33.22 -8.14
C GLY A 50 -29.97 -33.65 -8.72
N THR A 51 -29.92 -34.90 -9.20
CA THR A 51 -28.71 -35.49 -9.75
C THR A 51 -29.01 -35.96 -11.15
N TYR A 52 -28.19 -35.47 -12.08
CA TYR A 52 -28.38 -35.63 -13.50
C TYR A 52 -27.24 -36.41 -14.07
N ASN A 53 -27.50 -37.65 -14.47
CA ASN A 53 -26.46 -38.44 -15.04
C ASN A 53 -26.51 -38.39 -16.52
N ASP A 54 -25.36 -38.65 -17.11
CA ASP A 54 -25.29 -38.81 -18.53
C ASP A 54 -25.69 -37.58 -19.35
N ILE A 55 -24.77 -36.64 -19.26
CA ILE A 55 -25.00 -35.29 -19.67
C ILE A 55 -23.63 -34.72 -19.99
N ASN A 56 -23.51 -34.14 -21.19
CA ASN A 56 -22.35 -33.30 -21.52
C ASN A 56 -22.90 -32.06 -22.17
N ALA A 57 -23.23 -31.05 -21.35
CA ALA A 57 -23.86 -29.82 -21.86
C ALA A 57 -22.82 -28.91 -22.49
N GLN A 58 -22.95 -28.72 -23.79
CA GLN A 58 -22.09 -27.82 -24.50
C GLN A 58 -22.80 -26.49 -24.52
N ILE A 59 -22.06 -25.46 -24.14
CA ILE A 59 -22.60 -24.11 -24.01
C ILE A 59 -22.04 -23.22 -25.15
N GLY A 60 -22.95 -22.76 -26.00
CA GLY A 60 -22.58 -21.88 -27.10
C GLY A 60 -22.77 -20.41 -26.69
N PHE A 61 -22.84 -19.54 -27.69
CA PHE A 61 -23.09 -18.13 -27.45
C PHE A 61 -24.44 -17.89 -26.78
N TYR A 62 -24.49 -16.86 -25.96
CA TYR A 62 -25.74 -16.33 -25.39
C TYR A 62 -26.56 -17.41 -24.70
N THR A 63 -25.86 -18.31 -24.02
CA THR A 63 -26.49 -19.38 -23.26
C THR A 63 -25.95 -19.34 -21.83
N SER A 64 -26.84 -19.23 -20.86
CA SER A 64 -26.48 -19.39 -19.46
C SER A 64 -26.98 -20.77 -18.99
N ILE A 65 -26.24 -21.36 -18.08
CA ILE A 65 -26.68 -22.61 -17.44
C ILE A 65 -26.51 -22.47 -15.95
N ALA A 66 -27.51 -22.92 -15.19
CA ALA A 66 -27.40 -22.86 -13.74
C ALA A 66 -28.33 -23.82 -13.04
N GLY A 67 -27.97 -24.04 -11.79
CA GLY A 67 -28.78 -24.82 -10.87
C GLY A 67 -29.70 -23.93 -10.05
N LEU A 68 -30.75 -24.54 -9.48
CA LEU A 68 -31.79 -23.81 -8.75
C LEU A 68 -31.88 -24.22 -7.27
N GLY A 69 -30.83 -24.89 -6.78
CA GLY A 69 -30.65 -25.08 -5.35
C GLY A 69 -30.16 -23.77 -4.79
N LEU A 70 -30.27 -23.64 -3.47
CA LEU A 70 -29.75 -22.51 -2.72
C LEU A 70 -28.29 -22.79 -2.49
N ASN A 71 -27.89 -24.07 -2.51
CA ASN A 71 -26.45 -24.38 -2.59
C ASN A 71 -25.91 -25.36 -3.75
N PRO A 72 -24.67 -25.12 -4.23
CA PRO A 72 -24.30 -25.72 -5.53
C PRO A 72 -24.44 -27.25 -5.63
N ASP A 73 -24.21 -27.96 -4.54
CA ASP A 73 -24.24 -29.42 -4.65
C ASP A 73 -25.65 -30.00 -4.69
N ASP A 74 -26.67 -29.20 -4.42
CA ASP A 74 -28.05 -29.66 -4.58
C ASP A 74 -28.42 -29.93 -6.03
N THR A 75 -27.64 -29.36 -6.95
CA THR A 75 -27.83 -29.63 -8.36
C THR A 75 -26.52 -30.17 -8.93
N THR A 76 -26.46 -31.51 -9.02
CA THR A 76 -25.28 -32.28 -9.38
C THR A 76 -25.34 -32.89 -10.78
N PHE A 77 -24.33 -32.59 -11.57
CA PHE A 77 -24.17 -33.28 -12.86
C PHE A 77 -23.07 -34.34 -12.73
N ASN A 78 -23.43 -35.58 -13.02
CA ASN A 78 -22.47 -36.62 -13.31
C ASN A 78 -22.22 -36.54 -14.79
N GLY A 79 -21.27 -35.68 -15.10
CA GLY A 79 -21.13 -35.12 -16.43
C GLY A 79 -20.46 -33.76 -16.39
N ASP A 80 -20.67 -32.99 -17.46
CA ASP A 80 -19.81 -31.84 -17.80
C ASP A 80 -20.64 -30.64 -18.27
N VAL A 81 -20.11 -29.44 -18.03
CA VAL A 81 -20.57 -28.24 -18.74
C VAL A 81 -19.36 -27.73 -19.53
N THR A 82 -19.40 -27.96 -20.83
CA THR A 82 -18.25 -27.87 -21.72
C THR A 82 -18.32 -26.59 -22.54
N VAL A 83 -17.23 -25.85 -22.59
CA VAL A 83 -16.96 -24.92 -23.67
C VAL A 83 -15.65 -25.35 -24.33
N ASP A 84 -15.71 -25.51 -25.65
CA ASP A 84 -14.55 -25.83 -26.46
C ASP A 84 -14.64 -24.88 -27.69
N ALA A 85 -13.65 -24.94 -28.58
CA ALA A 85 -13.61 -24.03 -29.72
C ALA A 85 -13.60 -24.76 -31.07
N GLY A 86 -14.28 -25.89 -31.18
CA GLY A 86 -14.41 -26.55 -32.47
C GLY A 86 -14.87 -25.64 -33.62
N TRP A 87 -15.88 -24.80 -33.36
CA TRP A 87 -16.44 -23.93 -34.42
C TRP A 87 -15.40 -22.98 -35.00
N PHE A 88 -14.34 -22.70 -34.24
CA PHE A 88 -13.31 -21.76 -34.69
C PHE A 88 -11.93 -22.44 -34.79
N ASP A 89 -11.91 -23.74 -35.15
CA ASP A 89 -10.67 -24.47 -35.40
C ASP A 89 -9.68 -24.33 -34.22
N GLY A 90 -10.09 -24.76 -33.04
CA GLY A 90 -9.16 -24.76 -31.93
C GLY A 90 -8.87 -23.41 -31.28
N ASN A 91 -9.31 -22.33 -31.91
CA ASN A 91 -9.06 -20.97 -31.41
C ASN A 91 -10.21 -20.51 -30.49
N ALA A 92 -9.93 -20.29 -29.20
CA ALA A 92 -10.98 -19.96 -28.22
C ALA A 92 -11.13 -18.46 -27.98
N THR A 93 -10.45 -17.63 -28.76
CA THR A 93 -10.46 -16.19 -28.51
C THR A 93 -11.72 -15.45 -28.93
N GLN A 94 -12.71 -16.18 -29.41
CA GLN A 94 -14.02 -15.57 -29.62
C GLN A 94 -15.13 -16.26 -28.83
N ASN A 95 -14.76 -17.00 -27.77
CA ASN A 95 -15.76 -17.74 -27.00
C ASN A 95 -16.30 -16.86 -25.88
N PHE A 96 -17.20 -15.98 -26.31
CA PHE A 96 -17.77 -14.95 -25.47
C PHE A 96 -19.21 -15.22 -25.02
N TRP A 97 -19.68 -14.42 -24.06
CA TRP A 97 -21.09 -14.21 -23.72
C TRP A 97 -21.81 -15.51 -23.40
N ARG A 98 -21.42 -16.12 -22.30
CA ARG A 98 -22.09 -17.30 -21.81
C ARG A 98 -21.76 -17.45 -20.34
N SER A 99 -22.37 -18.40 -19.65
CA SER A 99 -22.10 -18.44 -18.21
C SER A 99 -22.57 -19.75 -17.58
N ALA A 100 -21.98 -20.02 -16.42
CA ALA A 100 -22.30 -21.20 -15.61
C ALA A 100 -22.33 -20.76 -14.15
N GLU A 101 -23.38 -21.18 -13.44
CA GLU A 101 -23.50 -20.83 -12.03
C GLU A 101 -24.30 -21.87 -11.22
N ASN A 102 -23.89 -22.07 -9.97
CA ASN A 102 -24.69 -22.76 -8.94
C ASN A 102 -24.97 -24.23 -9.29
N LEU A 103 -23.90 -24.90 -9.68
CA LEU A 103 -23.93 -26.34 -10.03
C LEU A 103 -22.73 -27.06 -9.43
N ALA A 104 -22.90 -28.36 -9.18
CA ALA A 104 -21.78 -29.24 -8.87
C ALA A 104 -21.56 -30.12 -10.07
N LEU A 105 -20.30 -30.25 -10.48
CA LEU A 105 -19.93 -31.11 -11.62
C LEU A 105 -19.00 -32.24 -11.17
N ASN A 106 -19.31 -33.41 -11.70
CA ASN A 106 -18.51 -34.64 -11.51
C ASN A 106 -18.07 -35.05 -12.91
N PRO A 107 -16.98 -34.44 -13.41
CA PRO A 107 -16.74 -34.51 -14.86
C PRO A 107 -16.37 -35.89 -15.34
N VAL A 108 -16.90 -36.26 -16.50
CA VAL A 108 -16.95 -37.65 -16.90
C VAL A 108 -15.56 -38.30 -16.97
N ASN A 109 -14.50 -37.51 -17.22
CA ASN A 109 -13.11 -37.99 -17.14
C ASN A 109 -12.24 -37.39 -16.04
N GLY A 110 -12.86 -36.74 -15.06
CA GLY A 110 -12.08 -36.18 -13.97
C GLY A 110 -11.81 -34.68 -14.09
N THR A 111 -11.94 -34.13 -15.31
CA THR A 111 -11.66 -32.71 -15.55
C THR A 111 -12.72 -32.13 -16.45
N ASN A 112 -13.29 -30.99 -16.03
CA ASN A 112 -14.24 -30.25 -16.83
C ASN A 112 -13.51 -29.19 -17.67
N ARG A 113 -13.96 -29.02 -18.92
CA ARG A 113 -13.41 -28.04 -19.82
C ARG A 113 -14.30 -26.80 -19.96
N TRP A 114 -13.71 -25.65 -19.62
CA TRP A 114 -14.38 -24.35 -19.73
C TRP A 114 -13.40 -23.42 -20.46
N ALA A 115 -13.26 -23.64 -21.76
CA ALA A 115 -12.28 -22.93 -22.58
C ALA A 115 -12.88 -21.66 -23.21
N VAL A 116 -12.97 -20.65 -22.40
CA VAL A 116 -13.65 -19.39 -22.77
C VAL A 116 -12.69 -18.21 -22.88
N SER A 117 -13.19 -17.11 -23.45
CA SER A 117 -12.49 -15.83 -23.39
C SER A 117 -13.39 -14.87 -22.62
N GLN A 118 -13.54 -13.63 -23.06
CA GLN A 118 -14.19 -12.61 -22.23
C GLN A 118 -15.72 -12.82 -22.07
N ALA A 119 -16.26 -12.27 -20.98
CA ALA A 119 -17.69 -12.30 -20.68
C ALA A 119 -18.25 -13.72 -20.61
N ALA A 120 -17.50 -14.60 -19.96
CA ALA A 120 -17.96 -15.98 -19.73
C ALA A 120 -17.79 -16.41 -18.26
N PRO A 121 -18.57 -15.80 -17.37
CA PRO A 121 -18.31 -16.05 -15.95
C PRO A 121 -18.67 -17.48 -15.45
N PHE A 122 -17.96 -17.90 -14.41
CA PHE A 122 -18.06 -19.24 -13.80
C PHE A 122 -18.16 -18.92 -12.31
N ARG A 123 -19.39 -18.94 -11.80
CA ARG A 123 -19.67 -18.50 -10.44
C ARG A 123 -20.40 -19.55 -9.63
N ARG A 124 -20.07 -19.63 -8.35
CA ARG A 124 -20.84 -20.49 -7.44
C ARG A 124 -20.85 -21.93 -7.93
N MET A 125 -19.70 -22.37 -8.42
CA MET A 125 -19.55 -23.74 -8.94
C MET A 125 -18.74 -24.63 -8.01
N HIS A 126 -19.10 -25.89 -8.01
CA HIS A 126 -18.28 -26.91 -7.34
C HIS A 126 -17.86 -27.93 -8.34
N VAL A 127 -16.57 -27.96 -8.65
CA VAL A 127 -16.04 -28.95 -9.59
C VAL A 127 -15.34 -30.06 -8.81
N LYS A 128 -15.90 -31.26 -8.85
CA LYS A 128 -15.34 -32.39 -8.11
C LYS A 128 -14.36 -33.09 -9.06
N GLY A 129 -13.26 -32.38 -9.31
CA GLY A 129 -12.22 -32.81 -10.21
C GLY A 129 -11.44 -31.59 -10.61
N GLY A 130 -10.78 -31.67 -11.74
CA GLY A 130 -9.96 -30.58 -12.23
C GLY A 130 -10.78 -29.71 -13.15
N LEU A 131 -10.17 -28.61 -13.60
CA LEU A 131 -10.85 -27.65 -14.46
C LEU A 131 -9.81 -27.20 -15.49
N ASN A 132 -10.04 -27.59 -16.74
CA ASN A 132 -9.17 -27.22 -17.87
C ASN A 132 -9.76 -25.98 -18.53
N LEU A 133 -8.99 -24.92 -18.64
CA LEU A 133 -9.46 -23.64 -19.24
C LEU A 133 -9.04 -23.42 -20.69
N ALA A 134 -8.40 -24.42 -21.29
CA ALA A 134 -7.94 -24.33 -22.70
C ALA A 134 -8.67 -25.28 -23.62
N PRO A 135 -8.90 -24.86 -24.85
CA PRO A 135 -9.61 -25.74 -25.80
C PRO A 135 -8.79 -26.98 -26.12
N ASP A 136 -9.45 -28.01 -26.62
CA ASP A 136 -8.70 -29.18 -27.06
C ASP A 136 -7.80 -28.67 -28.15
N GLY A 137 -6.49 -28.94 -28.01
CA GLY A 137 -5.50 -28.48 -28.96
C GLY A 137 -4.61 -27.34 -28.45
N TYR A 138 -5.07 -26.71 -27.38
CA TYR A 138 -4.27 -25.77 -26.57
C TYR A 138 -4.08 -24.45 -27.35
N GLY A 139 -5.04 -24.17 -28.22
CA GLY A 139 -4.99 -22.99 -29.06
C GLY A 139 -5.16 -21.71 -28.26
N TRP A 140 -5.40 -20.63 -28.97
CA TRP A 140 -5.37 -19.33 -28.36
C TRP A 140 -6.59 -19.11 -27.48
N ALA A 141 -6.37 -18.53 -26.31
CA ALA A 141 -7.46 -18.28 -25.35
C ALA A 141 -7.22 -17.02 -24.55
N SER A 142 -8.29 -16.26 -24.29
CA SER A 142 -8.16 -14.97 -23.58
C SER A 142 -9.31 -14.71 -22.59
N GLY A 143 -9.36 -15.50 -21.53
CA GLY A 143 -10.34 -15.30 -20.46
C GLY A 143 -9.80 -14.38 -19.37
N GLY A 144 -10.34 -14.45 -18.15
CA GLY A 144 -11.48 -15.26 -17.77
C GLY A 144 -11.77 -14.93 -16.30
N TYR A 145 -12.83 -15.52 -15.76
CA TYR A 145 -13.35 -15.08 -14.48
C TYR A 145 -13.98 -16.22 -13.73
N ILE A 146 -13.44 -16.51 -12.55
CA ILE A 146 -14.04 -17.46 -11.62
C ILE A 146 -14.23 -16.75 -10.29
N ALA A 147 -15.42 -16.91 -9.73
CA ALA A 147 -15.70 -16.41 -8.41
C ALA A 147 -16.54 -17.36 -7.60
N ASP A 148 -16.32 -17.32 -6.30
CA ASP A 148 -17.18 -18.04 -5.36
C ASP A 148 -17.28 -19.52 -5.69
N SER A 149 -16.18 -20.11 -6.16
CA SER A 149 -16.20 -21.52 -6.58
C SER A 149 -15.19 -22.38 -5.82
N LYS A 150 -15.45 -23.69 -5.83
CA LYS A 150 -14.48 -24.66 -5.27
C LYS A 150 -14.16 -25.69 -6.33
N ILE A 151 -12.88 -25.78 -6.69
CA ILE A 151 -12.34 -26.80 -7.58
C ILE A 151 -11.55 -27.77 -6.70
N ASP A 152 -12.01 -29.01 -6.63
CA ASP A 152 -11.34 -30.03 -5.83
C ASP A 152 -9.89 -30.20 -6.26
N GLY A 153 -9.70 -30.30 -7.58
CA GLY A 153 -8.41 -30.59 -8.16
C GLY A 153 -7.74 -29.35 -8.70
N GLU A 154 -7.05 -29.54 -9.82
CA GLU A 154 -6.22 -28.51 -10.38
C GLU A 154 -6.96 -27.78 -11.48
N VAL A 155 -6.88 -26.45 -11.41
CA VAL A 155 -7.16 -25.60 -12.55
C VAL A 155 -5.93 -25.54 -13.46
N GLY A 156 -6.11 -25.88 -14.74
CA GLY A 156 -5.04 -25.80 -15.73
C GLY A 156 -5.34 -24.74 -16.79
N PRO A 157 -4.61 -23.62 -16.77
CA PRO A 157 -4.93 -22.60 -17.78
C PRO A 157 -4.30 -22.91 -19.13
N TYR A 158 -3.15 -23.61 -19.10
CA TYR A 158 -2.41 -23.92 -20.30
C TYR A 158 -2.17 -22.64 -21.16
N SER A 159 -2.87 -22.49 -22.28
CA SER A 159 -2.64 -21.36 -23.19
C SER A 159 -3.32 -20.05 -22.77
N GLN A 160 -4.18 -20.06 -21.76
CA GLN A 160 -4.87 -18.82 -21.35
C GLN A 160 -3.89 -17.72 -21.02
N GLN A 161 -4.06 -16.54 -21.62
CA GLN A 161 -3.10 -15.47 -21.40
C GLN A 161 -3.09 -14.93 -20.01
N GLN A 162 -4.30 -14.81 -19.49
CA GLN A 162 -4.55 -14.16 -18.24
C GLN A 162 -5.82 -14.74 -17.63
N TRP A 163 -6.04 -14.45 -16.35
CA TRP A 163 -7.21 -14.96 -15.63
C TRP A 163 -7.38 -14.25 -14.31
N TYR A 164 -8.62 -14.11 -13.86
CA TYR A 164 -8.92 -13.60 -12.53
C TYR A 164 -9.80 -14.56 -11.75
N THR A 165 -9.34 -14.86 -10.54
CA THR A 165 -10.08 -15.73 -9.65
C THR A 165 -10.22 -15.03 -8.33
N ARG A 166 -11.44 -15.03 -7.81
CA ARG A 166 -11.64 -14.48 -6.45
C ARG A 166 -12.54 -15.35 -5.57
N ASP A 167 -12.26 -15.24 -4.28
CA ASP A 167 -13.10 -15.75 -3.22
C ASP A 167 -13.57 -17.16 -3.54
N SER A 168 -12.58 -18.04 -3.60
CA SER A 168 -12.71 -19.38 -4.12
C SER A 168 -11.71 -20.29 -3.42
N SER A 169 -11.77 -21.56 -3.78
CA SER A 169 -10.85 -22.58 -3.29
C SER A 169 -10.41 -23.45 -4.48
N VAL A 170 -9.09 -23.64 -4.64
CA VAL A 170 -8.59 -24.51 -5.70
C VAL A 170 -7.62 -25.56 -5.11
N GLY A 171 -7.74 -26.79 -5.57
CA GLY A 171 -6.81 -27.84 -5.18
C GLY A 171 -5.39 -27.63 -5.67
N GLY A 172 -5.25 -26.73 -6.64
CA GLY A 172 -3.97 -26.31 -7.16
C GLY A 172 -4.16 -25.51 -8.44
N TRP A 173 -3.06 -24.97 -8.94
CA TRP A 173 -3.07 -24.06 -10.09
C TRP A 173 -1.83 -24.30 -10.89
N GLY A 174 -1.98 -24.74 -12.14
CA GLY A 174 -0.89 -25.31 -12.90
C GLY A 174 0.17 -24.38 -13.52
N ASN A 175 -0.26 -23.22 -14.01
CA ASN A 175 0.66 -22.35 -14.76
C ASN A 175 0.09 -20.93 -14.94
N GLY A 176 0.99 -20.02 -15.26
CA GLY A 176 0.61 -18.65 -15.56
C GLY A 176 0.31 -18.59 -17.02
N VAL A 177 0.62 -17.44 -17.65
CA VAL A 177 1.10 -17.21 -19.06
C VAL A 177 1.55 -15.76 -19.03
N TRP A 178 0.62 -14.81 -19.10
CA TRP A 178 0.97 -13.37 -18.88
C TRP A 178 0.50 -12.75 -17.55
N ASN A 179 -0.70 -13.06 -17.06
CA ASN A 179 -1.21 -12.38 -15.87
C ASN A 179 -2.31 -13.15 -15.20
N MET A 180 -1.95 -13.98 -14.21
CA MET A 180 -2.92 -14.73 -13.43
C MET A 180 -3.00 -13.98 -12.11
N THR A 181 -4.19 -13.49 -11.78
CA THR A 181 -4.40 -12.70 -10.56
C THR A 181 -5.45 -13.42 -9.70
N PHE A 182 -5.21 -13.37 -8.39
CA PHE A 182 -5.99 -14.06 -7.39
C PHE A 182 -6.26 -13.13 -6.24
N SER A 183 -7.52 -13.05 -5.80
CA SER A 183 -7.80 -12.40 -4.54
C SER A 183 -8.74 -13.25 -3.68
N GLY A 184 -8.31 -13.56 -2.48
CA GLY A 184 -9.15 -14.34 -1.57
C GLY A 184 -9.34 -15.77 -2.03
N VAL A 185 -8.28 -16.29 -2.65
CA VAL A 185 -8.31 -17.64 -3.16
C VAL A 185 -7.46 -18.62 -2.32
N GLU A 186 -8.15 -19.53 -1.64
CA GLU A 186 -7.52 -20.63 -0.90
C GLU A 186 -6.91 -21.59 -1.90
N GLY A 187 -5.60 -21.80 -1.79
CA GLY A 187 -4.89 -22.64 -2.74
C GLY A 187 -4.29 -21.82 -3.87
N ALA A 188 -4.39 -20.51 -3.80
CA ALA A 188 -3.69 -19.69 -4.78
C ALA A 188 -2.19 -19.86 -4.54
N PRO A 189 -1.40 -19.92 -5.61
CA PRO A 189 0.04 -19.84 -5.38
C PRO A 189 0.41 -18.52 -4.73
N ALA A 190 1.54 -18.46 -4.02
CA ALA A 190 2.02 -17.18 -3.45
C ALA A 190 2.38 -16.13 -4.53
N GLN A 191 2.43 -14.86 -4.12
CA GLN A 191 2.90 -13.76 -4.97
C GLN A 191 4.27 -14.13 -5.56
N SER A 192 4.43 -13.96 -6.88
CA SER A 192 5.67 -14.36 -7.53
C SER A 192 6.04 -13.57 -8.78
N PHE A 193 5.14 -12.68 -9.22
CA PHE A 193 5.34 -11.89 -10.44
C PHE A 193 6.74 -11.28 -10.44
N PRO A 194 7.47 -11.35 -11.59
CA PRO A 194 6.96 -11.81 -12.89
C PRO A 194 7.00 -13.33 -13.04
N GLU A 195 7.69 -14.05 -12.14
CA GLU A 195 7.96 -15.46 -12.39
C GLU A 195 7.52 -16.42 -11.23
N PRO A 196 6.50 -17.27 -11.49
CA PRO A 196 5.51 -17.18 -12.56
C PRO A 196 4.74 -15.87 -12.48
N PRO A 197 3.92 -15.57 -13.50
CA PRO A 197 3.17 -14.29 -13.56
C PRO A 197 1.94 -14.29 -12.64
N TYR A 198 2.19 -14.51 -11.35
CA TYR A 198 1.12 -14.65 -10.35
C TYR A 198 1.06 -13.44 -9.44
N THR A 199 -0.09 -12.75 -9.48
CA THR A 199 -0.41 -11.64 -8.56
C THR A 199 -1.46 -12.12 -7.57
N THR A 200 -1.11 -12.14 -6.28
CA THR A 200 -1.87 -12.91 -5.32
C THR A 200 -2.10 -12.07 -4.11
N LEU A 201 -3.38 -11.78 -3.89
CA LEU A 201 -3.85 -11.01 -2.76
C LEU A 201 -4.56 -11.95 -1.81
N GLU A 202 -4.16 -11.91 -0.56
CA GLU A 202 -4.78 -12.76 0.45
C GLU A 202 -6.32 -12.62 0.56
N THR A 203 -6.84 -11.39 0.39
CA THR A 203 -8.26 -11.15 0.53
C THR A 203 -8.75 -10.21 -0.56
N THR A 204 -10.07 -10.26 -0.77
CA THR A 204 -10.76 -9.27 -1.56
C THR A 204 -11.34 -8.24 -0.59
N PRO A 205 -11.00 -6.96 -0.79
CA PRO A 205 -11.37 -5.94 0.21
C PRO A 205 -12.88 -5.93 0.55
N VAL A 206 -13.67 -5.84 -0.51
CA VAL A 206 -15.12 -5.92 -0.43
C VAL A 206 -15.58 -6.76 -1.60
N SER A 207 -16.54 -7.65 -1.37
CA SER A 207 -17.24 -8.38 -2.47
C SER A 207 -18.60 -8.78 -1.99
N ARG A 208 -19.50 -8.89 -2.95
CA ARG A 208 -20.86 -9.27 -2.63
C ARG A 208 -21.35 -10.16 -3.76
N GLU A 209 -21.64 -11.42 -3.46
CA GLU A 209 -21.91 -12.36 -4.54
C GLU A 209 -23.14 -11.98 -5.39
N LYS A 210 -23.11 -12.40 -6.63
CA LYS A 210 -24.15 -12.03 -7.57
C LYS A 210 -25.46 -12.64 -7.16
N PRO A 211 -26.54 -11.87 -7.21
CA PRO A 211 -27.85 -12.51 -6.99
C PRO A 211 -28.20 -13.53 -8.05
N PHE A 212 -29.04 -14.49 -7.67
CA PHE A 212 -29.39 -15.59 -8.54
C PHE A 212 -30.75 -16.18 -8.19
N LEU A 213 -31.38 -16.71 -9.21
CA LEU A 213 -32.69 -17.32 -9.04
C LEU A 213 -32.52 -18.73 -8.48
N TYR A 214 -33.41 -19.11 -7.56
CA TYR A 214 -33.39 -20.46 -7.01
C TYR A 214 -34.78 -20.91 -6.65
N LEU A 215 -34.86 -22.14 -6.14
CA LEU A 215 -36.11 -22.67 -5.57
C LEU A 215 -36.04 -22.92 -4.08
N ASP A 216 -37.08 -22.40 -3.42
CA ASP A 216 -37.65 -22.87 -2.18
C ASP A 216 -38.85 -23.76 -2.42
N GLY A 217 -38.64 -25.07 -2.37
CA GLY A 217 -39.68 -26.02 -2.72
C GLY A 217 -40.56 -25.69 -3.91
N ASP A 218 -40.15 -25.80 -5.15
CA ASP A 218 -41.17 -25.35 -6.16
C ASP A 218 -41.69 -23.86 -5.95
N ASP A 219 -41.17 -23.08 -4.96
CA ASP A 219 -41.40 -21.61 -4.91
C ASP A 219 -40.08 -21.00 -5.38
N TYR A 220 -40.20 -20.00 -6.24
CA TYR A 220 -39.04 -19.35 -6.85
C TYR A 220 -38.78 -18.09 -6.09
N LYS A 221 -37.53 -17.64 -6.18
CA LYS A 221 -36.99 -16.65 -5.27
C LYS A 221 -35.63 -16.29 -5.86
N VAL A 222 -35.26 -15.03 -5.73
CA VAL A 222 -33.90 -14.61 -6.05
C VAL A 222 -33.16 -14.47 -4.74
N PHE A 223 -32.09 -15.22 -4.59
CA PHE A 223 -31.20 -15.01 -3.44
C PHE A 223 -30.29 -13.81 -3.69
N VAL A 224 -30.23 -12.94 -2.70
CA VAL A 224 -29.36 -11.78 -2.73
C VAL A 224 -28.38 -11.85 -1.54
N PRO A 225 -27.14 -12.21 -1.84
CA PRO A 225 -26.11 -12.34 -0.80
C PRO A 225 -25.63 -11.05 -0.16
N ALA A 226 -25.20 -11.21 1.07
CA ALA A 226 -24.71 -10.12 1.88
C ALA A 226 -23.26 -9.81 1.51
N LYS A 227 -22.83 -8.56 1.71
CA LYS A 227 -21.44 -8.19 1.46
C LYS A 227 -20.51 -8.89 2.41
N ARG A 228 -19.34 -9.25 1.92
CA ARG A 228 -18.20 -9.49 2.81
C ARG A 228 -17.11 -8.43 2.69
N THR A 229 -16.40 -8.22 3.80
CA THR A 229 -15.22 -7.42 3.80
C THR A 229 -14.07 -8.41 4.01
N ASN A 230 -12.87 -8.03 3.54
CA ASN A 230 -11.69 -8.94 3.47
C ASN A 230 -12.08 -10.40 3.22
N ALA A 231 -12.74 -10.61 2.09
CA ALA A 231 -13.27 -11.90 1.74
C ALA A 231 -12.16 -12.89 1.30
N ARG A 232 -12.43 -14.16 1.59
CA ARG A 232 -11.53 -15.24 1.19
C ARG A 232 -12.22 -16.57 1.24
N GLY A 233 -12.08 -17.35 0.18
CA GLY A 233 -12.78 -18.63 0.13
C GLY A 233 -14.23 -18.43 -0.27
N THR A 234 -14.98 -19.51 -0.41
CA THR A 234 -16.36 -19.41 -0.86
C THR A 234 -17.32 -19.00 0.26
N SER A 235 -18.51 -18.56 -0.14
CA SER A 235 -19.61 -18.20 0.77
C SER A 235 -20.58 -19.34 1.18
N TRP A 236 -20.47 -20.53 0.60
CA TRP A 236 -21.58 -21.51 0.57
C TRP A 236 -21.50 -22.99 1.04
N GLY A 237 -20.37 -23.40 1.61
CA GLY A 237 -20.17 -24.77 2.07
C GLY A 237 -19.77 -24.84 3.53
N ASN A 238 -20.59 -24.16 4.32
CA ASN A 238 -20.56 -24.16 5.78
C ASN A 238 -22.03 -24.13 6.21
N GLY A 239 -22.91 -24.44 5.28
CA GLY A 239 -24.31 -24.07 5.43
C GLY A 239 -24.46 -22.63 4.98
N THR A 240 -25.35 -22.40 4.02
CA THR A 240 -25.99 -21.09 3.77
C THR A 240 -25.34 -19.73 4.12
N PRO A 241 -25.04 -18.94 3.06
CA PRO A 241 -25.14 -17.46 3.07
C PRO A 241 -26.50 -17.04 3.59
N GLU A 242 -26.55 -15.80 4.01
CA GLU A 242 -27.23 -15.56 5.25
C GLU A 242 -28.20 -14.44 5.12
N GLY A 243 -28.25 -13.80 3.95
CA GLY A 243 -29.26 -12.77 3.71
C GLY A 243 -30.57 -13.17 3.07
N GLU A 244 -30.86 -12.59 1.88
CA GLU A 244 -32.25 -12.31 1.48
C GLU A 244 -32.92 -12.95 0.21
N SER A 245 -34.19 -13.32 0.39
CA SER A 245 -34.99 -14.06 -0.60
C SER A 245 -36.08 -13.16 -1.15
N LEU A 246 -35.92 -12.66 -2.39
CA LEU A 246 -36.99 -11.85 -2.93
C LEU A 246 -37.91 -12.69 -3.77
N PRO A 247 -39.13 -13.01 -3.23
CA PRO A 247 -40.19 -13.73 -3.96
C PRO A 247 -40.24 -13.35 -5.41
N LEU A 248 -40.50 -14.27 -6.35
CA LEU A 248 -40.53 -13.87 -7.76
C LEU A 248 -41.68 -12.85 -7.93
N ASP A 249 -42.72 -12.95 -7.12
CA ASP A 249 -43.78 -11.96 -7.23
C ASP A 249 -43.38 -10.61 -6.62
N GLN A 250 -42.10 -10.40 -6.32
CA GLN A 250 -41.55 -9.07 -6.07
C GLN A 250 -40.78 -8.48 -7.27
N PHE A 251 -40.77 -9.21 -8.40
CA PHE A 251 -40.13 -8.78 -9.62
C PHE A 251 -41.12 -8.60 -10.73
N TYR A 252 -40.86 -7.58 -11.54
CA TYR A 252 -41.43 -7.47 -12.86
C TYR A 252 -40.61 -8.37 -13.76
N VAL A 253 -41.28 -9.37 -14.34
CA VAL A 253 -40.64 -10.27 -15.30
C VAL A 253 -40.70 -9.60 -16.66
N VAL A 254 -39.58 -9.02 -17.07
CA VAL A 254 -39.41 -8.36 -18.38
C VAL A 254 -39.37 -9.40 -19.48
N LYS A 255 -40.24 -9.21 -20.47
CA LYS A 255 -40.39 -10.07 -21.64
C LYS A 255 -40.44 -9.21 -22.91
N PRO A 256 -40.54 -9.86 -24.11
CA PRO A 256 -40.71 -9.25 -25.44
C PRO A 256 -41.41 -7.88 -25.56
N GLY A 257 -42.70 -7.76 -25.30
CA GLY A 257 -43.31 -6.43 -25.45
C GLY A 257 -42.78 -5.16 -24.68
N ALA A 258 -41.91 -5.31 -23.66
CA ALA A 258 -41.76 -4.25 -22.63
C ALA A 258 -41.11 -2.91 -23.05
N THR A 259 -41.66 -1.82 -22.53
CA THR A 259 -41.11 -0.47 -22.78
C THR A 259 -40.32 0.06 -21.58
N ALA A 260 -39.40 1.01 -21.80
CA ALA A 260 -38.69 1.60 -20.67
C ALA A 260 -39.71 2.24 -19.72
N GLU A 261 -40.78 2.73 -20.31
CA GLU A 261 -41.83 3.35 -19.52
C GLU A 261 -42.41 2.40 -18.48
N THR A 262 -42.77 1.21 -18.92
CA THR A 262 -43.33 0.19 -18.00
C THR A 262 -42.24 -0.37 -17.05
N ILE A 263 -41.02 -0.48 -17.56
CA ILE A 263 -39.92 -0.93 -16.73
C ILE A 263 -39.71 0.06 -15.60
N ASN A 264 -39.65 1.33 -15.95
CA ASN A 264 -39.42 2.40 -14.97
C ASN A 264 -40.62 2.56 -14.00
N ALA A 265 -41.83 2.29 -14.49
CA ALA A 265 -43.04 2.33 -13.63
C ALA A 265 -43.02 1.16 -12.63
N ALA A 266 -42.53 0.02 -13.09
CA ALA A 266 -42.39 -1.15 -12.23
C ALA A 266 -41.47 -0.80 -11.05
N VAL A 267 -40.44 -0.04 -11.37
CA VAL A 267 -39.39 0.25 -10.42
C VAL A 267 -39.80 1.41 -9.55
N ASP A 268 -40.66 2.29 -10.07
CA ASP A 268 -41.03 3.40 -9.25
C ASP A 268 -41.90 2.94 -8.12
N GLN A 269 -42.67 1.93 -8.47
CA GLN A 269 -43.82 1.51 -7.71
C GLN A 269 -43.44 0.36 -6.76
N GLY A 270 -42.17 -0.06 -6.80
CA GLY A 270 -41.69 -1.02 -5.83
C GLY A 270 -40.92 -2.21 -6.36
N LEU A 271 -41.31 -2.72 -7.51
CA LEU A 271 -40.81 -4.02 -7.99
C LEU A 271 -39.33 -4.02 -8.38
N HIS A 272 -38.71 -5.18 -8.21
CA HIS A 272 -37.40 -5.45 -8.77
C HIS A 272 -37.57 -5.88 -10.23
N LEU A 273 -36.46 -6.14 -10.91
CA LEU A 273 -36.49 -6.48 -12.33
C LEU A 273 -35.76 -7.78 -12.64
N LEU A 274 -36.45 -8.62 -13.39
CA LEU A 274 -35.88 -9.85 -13.91
C LEU A 274 -36.01 -9.84 -15.43
N PHE A 275 -34.90 -9.65 -16.11
CA PHE A 275 -34.86 -9.68 -17.57
C PHE A 275 -34.75 -11.11 -18.09
N THR A 276 -35.82 -11.59 -18.68
CA THR A 276 -35.84 -12.91 -19.25
C THR A 276 -35.00 -12.84 -20.54
N PRO A 277 -34.49 -13.99 -21.03
CA PRO A 277 -33.53 -13.89 -22.13
C PRO A 277 -34.15 -13.36 -23.42
N GLY A 278 -33.50 -12.35 -23.98
CA GLY A 278 -34.01 -11.71 -25.18
C GLY A 278 -33.27 -10.40 -25.39
N VAL A 279 -33.77 -9.68 -26.39
CA VAL A 279 -33.26 -8.36 -26.78
C VAL A 279 -34.36 -7.30 -26.68
N TYR A 280 -34.01 -6.21 -26.02
CA TYR A 280 -34.95 -5.24 -25.60
C TYR A 280 -34.48 -3.87 -26.05
N HIS A 281 -35.14 -3.32 -27.05
CA HIS A 281 -34.86 -1.98 -27.47
C HIS A 281 -35.58 -0.99 -26.53
N VAL A 282 -34.85 0.07 -26.13
CA VAL A 282 -35.44 1.11 -25.33
C VAL A 282 -35.28 2.50 -25.95
N ASP A 283 -36.48 3.09 -26.14
CA ASP A 283 -36.78 4.46 -26.49
C ASP A 283 -36.23 5.57 -25.62
N GLN A 284 -36.03 5.23 -24.37
CA GLN A 284 -35.71 6.16 -23.30
C GLN A 284 -34.94 5.30 -22.23
N PRO A 285 -34.11 5.93 -21.41
CA PRO A 285 -33.30 5.12 -20.49
C PRO A 285 -34.08 4.32 -19.42
N ILE A 286 -33.57 3.15 -19.10
CA ILE A 286 -34.13 2.37 -18.00
C ILE A 286 -33.57 2.98 -16.74
N GLU A 287 -34.45 3.30 -15.81
CA GLU A 287 -34.08 4.12 -14.68
C GLU A 287 -34.39 3.57 -13.30
N ILE A 288 -33.34 3.49 -12.49
CA ILE A 288 -33.45 2.89 -11.18
C ILE A 288 -33.03 3.88 -10.14
N ASP A 289 -34.01 4.45 -9.45
CA ASP A 289 -33.68 5.31 -8.33
C ASP A 289 -34.34 4.92 -7.03
N ARG A 290 -34.43 3.63 -6.84
CA ARG A 290 -35.06 3.08 -5.69
C ARG A 290 -34.03 2.22 -4.97
N ALA A 291 -33.77 2.53 -3.71
CA ALA A 291 -32.74 1.79 -3.00
C ALA A 291 -32.95 0.28 -3.02
N ASN A 292 -31.86 -0.46 -3.12
CA ASN A 292 -31.84 -1.94 -3.11
C ASN A 292 -32.50 -2.69 -4.23
N THR A 293 -32.69 -2.02 -5.33
CA THR A 293 -33.33 -2.63 -6.49
C THR A 293 -32.37 -3.61 -7.13
N VAL A 294 -32.86 -4.83 -7.25
CA VAL A 294 -32.18 -5.87 -8.00
C VAL A 294 -32.67 -5.83 -9.44
N ALA A 295 -31.71 -5.80 -10.38
CA ALA A 295 -32.00 -5.86 -11.81
C ALA A 295 -31.13 -6.94 -12.40
N LEU A 296 -31.72 -8.10 -12.61
CA LEU A 296 -31.00 -9.34 -12.87
C LEU A 296 -31.41 -9.85 -14.23
N GLY A 297 -30.45 -10.05 -15.11
CA GLY A 297 -30.71 -10.66 -16.41
C GLY A 297 -30.46 -12.17 -16.38
N LEU A 298 -31.25 -12.85 -17.21
CA LEU A 298 -31.10 -14.27 -17.51
C LEU A 298 -30.71 -14.47 -18.99
N GLY A 299 -29.90 -15.47 -19.27
CA GLY A 299 -29.59 -15.86 -20.64
C GLY A 299 -29.02 -14.76 -21.52
N LEU A 300 -28.12 -13.91 -20.97
CA LEU A 300 -27.54 -12.80 -21.71
C LEU A 300 -28.54 -11.78 -22.26
N ALA A 301 -29.59 -11.53 -21.46
CA ALA A 301 -30.54 -10.50 -21.75
C ALA A 301 -29.80 -9.24 -22.10
N THR A 302 -30.24 -8.62 -23.20
CA THR A 302 -29.53 -7.52 -23.81
C THR A 302 -30.42 -6.30 -23.96
N ILE A 303 -29.88 -5.12 -23.63
CA ILE A 303 -30.59 -3.86 -23.79
C ILE A 303 -29.93 -3.11 -24.93
N ILE A 304 -30.74 -2.66 -25.90
CA ILE A 304 -30.27 -1.73 -26.93
C ILE A 304 -30.99 -0.40 -26.77
N PRO A 305 -30.23 0.70 -26.60
CA PRO A 305 -30.89 2.00 -26.59
C PRO A 305 -30.98 2.56 -27.98
N ASP A 306 -32.18 2.95 -28.37
CA ASP A 306 -32.40 3.59 -29.66
C ASP A 306 -32.28 5.12 -29.52
N ASN A 307 -32.26 5.84 -30.64
CA ASN A 307 -32.44 7.31 -30.65
C ASN A 307 -31.31 8.02 -29.85
N GLY A 308 -30.22 7.31 -29.65
CA GLY A 308 -29.03 7.85 -28.99
C GLY A 308 -29.19 8.05 -27.50
N VAL A 309 -30.23 7.44 -26.92
CA VAL A 309 -30.41 7.63 -25.49
C VAL A 309 -29.47 6.71 -24.66
N THR A 310 -29.38 7.00 -23.35
CA THR A 310 -28.62 6.18 -22.42
C THR A 310 -29.43 4.92 -22.12
N ALA A 311 -28.77 3.79 -21.88
CA ALA A 311 -29.50 2.56 -21.66
C ALA A 311 -29.94 2.38 -20.21
N LEU A 312 -29.02 2.58 -19.26
CA LEU A 312 -29.31 2.38 -17.85
C LEU A 312 -28.72 3.50 -17.04
N LYS A 313 -29.58 4.16 -16.29
CA LYS A 313 -29.13 5.09 -15.28
C LYS A 313 -29.62 4.67 -13.89
N VAL A 314 -28.67 4.68 -12.97
CA VAL A 314 -28.89 4.34 -11.57
C VAL A 314 -28.76 5.63 -10.77
N GLY A 315 -29.76 5.92 -9.95
CA GLY A 315 -29.73 7.12 -9.13
C GLY A 315 -28.83 6.99 -7.91
N ASP A 316 -28.88 8.02 -7.06
CA ASP A 316 -27.95 8.20 -5.97
C ASP A 316 -28.48 7.47 -4.71
N VAL A 317 -28.71 6.18 -4.85
CA VAL A 317 -29.26 5.36 -3.78
C VAL A 317 -28.33 4.20 -3.42
N ASP A 318 -28.49 3.66 -2.22
CA ASP A 318 -27.77 2.47 -1.78
C ASP A 318 -28.29 1.21 -2.47
N GLY A 319 -27.41 0.23 -2.56
CA GLY A 319 -27.76 -1.16 -2.71
C GLY A 319 -28.33 -1.67 -4.01
N VAL A 320 -28.20 -0.94 -5.11
CA VAL A 320 -28.71 -1.42 -6.38
C VAL A 320 -27.74 -2.49 -6.86
N LYS A 321 -28.30 -3.59 -7.37
CA LYS A 321 -27.52 -4.74 -7.81
C LYS A 321 -27.95 -5.03 -9.22
N VAL A 322 -27.15 -4.55 -10.15
CA VAL A 322 -27.36 -4.84 -11.56
C VAL A 322 -26.50 -6.03 -11.94
N ALA A 323 -27.08 -7.07 -12.55
CA ALA A 323 -26.31 -8.29 -12.82
C ALA A 323 -26.77 -9.04 -14.11
N GLY A 324 -25.79 -9.48 -14.93
CA GLY A 324 -26.03 -10.39 -16.03
C GLY A 324 -26.73 -9.83 -17.24
N LEU A 325 -26.31 -8.62 -17.59
CA LEU A 325 -26.89 -7.90 -18.72
C LEU A 325 -25.84 -7.47 -19.69
N LEU A 326 -26.17 -7.58 -20.98
CA LEU A 326 -25.36 -6.98 -22.05
C LEU A 326 -26.05 -5.71 -22.52
N VAL A 327 -25.31 -4.62 -22.55
CA VAL A 327 -25.77 -3.38 -23.17
C VAL A 327 -25.04 -3.22 -24.51
N ASP A 328 -25.83 -3.13 -25.56
CA ASP A 328 -25.40 -3.17 -26.94
C ASP A 328 -25.75 -1.83 -27.62
N ALA A 329 -24.73 -1.09 -28.04
CA ALA A 329 -24.99 0.23 -28.61
C ALA A 329 -25.83 0.15 -29.88
N GLY A 330 -26.64 1.18 -30.08
CA GLY A 330 -27.37 1.33 -31.33
C GLY A 330 -26.54 2.15 -32.32
N PRO A 331 -26.96 2.17 -33.60
CA PRO A 331 -26.23 2.91 -34.64
C PRO A 331 -26.21 4.43 -34.39
N VAL A 332 -27.22 4.96 -33.72
CA VAL A 332 -27.18 6.36 -33.31
C VAL A 332 -26.30 6.48 -32.08
N ASN A 333 -25.31 7.35 -32.15
CA ASN A 333 -24.39 7.52 -31.03
C ASN A 333 -25.07 7.94 -29.72
N SER A 334 -24.84 7.17 -28.66
CA SER A 334 -25.22 7.55 -27.31
C SER A 334 -24.08 8.23 -26.58
N GLU A 335 -24.34 9.33 -25.92
CA GLU A 335 -23.22 9.96 -25.20
C GLU A 335 -22.78 9.15 -23.98
N THR A 336 -23.70 8.41 -23.40
CA THR A 336 -23.36 7.36 -22.43
C THR A 336 -24.25 6.16 -22.59
N LEU A 337 -23.75 4.97 -22.23
CA LEU A 337 -24.58 3.79 -22.29
C LEU A 337 -25.08 3.38 -20.92
N VAL A 338 -24.20 3.48 -19.92
CA VAL A 338 -24.56 3.15 -18.54
C VAL A 338 -24.05 4.23 -17.65
N GLU A 339 -24.89 4.71 -16.75
CA GLU A 339 -24.45 5.65 -15.71
C GLU A 339 -24.81 5.19 -14.32
N VAL A 340 -23.85 5.28 -13.40
CA VAL A 340 -24.13 4.94 -12.01
C VAL A 340 -23.96 6.19 -11.13
N GLY A 341 -25.11 6.76 -10.82
CA GLY A 341 -25.18 7.98 -10.06
C GLY A 341 -25.20 9.18 -10.97
N SER A 342 -25.62 10.31 -10.41
CA SER A 342 -25.59 11.58 -11.10
C SER A 342 -24.19 12.19 -11.22
N ASP A 343 -23.99 13.21 -12.07
CA ASP A 343 -22.63 13.79 -12.16
C ASP A 343 -22.24 14.73 -10.94
N GLY A 344 -21.17 14.39 -10.20
CA GLY A 344 -20.73 15.12 -8.98
C GLY A 344 -21.29 14.66 -7.62
N ALA A 345 -21.92 13.49 -7.61
CA ALA A 345 -22.59 12.99 -6.38
C ALA A 345 -21.53 12.72 -5.32
N SER A 346 -21.83 13.04 -4.06
CA SER A 346 -20.79 12.84 -3.04
C SER A 346 -21.35 12.21 -1.77
N GLY A 347 -22.57 11.72 -1.85
CA GLY A 347 -23.09 10.87 -0.80
C GLY A 347 -22.26 9.60 -0.74
N ASP A 348 -22.14 9.04 0.47
CA ASP A 348 -21.54 7.73 0.79
C ASP A 348 -22.52 6.59 0.64
N HIS A 349 -22.03 5.41 0.19
CA HIS A 349 -22.84 4.20 0.16
C HIS A 349 -22.05 3.02 0.69
N ALA A 350 -21.23 3.26 1.71
CA ALA A 350 -20.18 2.31 2.03
C ALA A 350 -20.73 0.99 2.59
N ALA A 351 -21.71 1.05 3.48
CA ALA A 351 -22.24 -0.18 4.06
C ALA A 351 -22.93 -1.04 2.98
N ASN A 352 -23.72 -0.36 2.14
CA ASN A 352 -24.62 -1.00 1.19
C ASN A 352 -24.46 -0.38 -0.18
N PRO A 353 -23.35 -0.73 -0.85
CA PRO A 353 -23.04 -0.11 -2.13
C PRO A 353 -23.89 -0.59 -3.28
N THR A 354 -23.85 0.15 -4.39
CA THR A 354 -24.39 -0.32 -5.66
C THR A 354 -23.31 -1.11 -6.35
N SER A 355 -23.70 -2.16 -7.06
CA SER A 355 -22.76 -2.96 -7.85
C SER A 355 -23.25 -3.29 -9.24
N LEU A 356 -22.27 -3.43 -10.13
CA LEU A 356 -22.45 -3.98 -11.45
C LEU A 356 -21.69 -5.30 -11.51
N GLN A 357 -22.42 -6.36 -11.87
CA GLN A 357 -21.85 -7.70 -11.97
C GLN A 357 -22.25 -8.38 -13.27
N ASP A 358 -21.27 -8.96 -13.97
CA ASP A 358 -21.51 -9.50 -15.31
C ASP A 358 -22.37 -8.54 -16.12
N VAL A 359 -21.94 -7.28 -16.09
CA VAL A 359 -22.46 -6.27 -16.99
C VAL A 359 -21.44 -6.14 -18.13
N PHE A 360 -21.93 -6.40 -19.33
CA PHE A 360 -21.12 -6.36 -20.54
C PHE A 360 -21.63 -5.24 -21.45
N VAL A 361 -20.71 -4.62 -22.18
CA VAL A 361 -21.02 -3.55 -23.12
C VAL A 361 -20.41 -3.94 -24.43
N ARG A 362 -21.16 -3.78 -25.52
CA ARG A 362 -20.64 -4.00 -26.85
C ARG A 362 -20.95 -2.77 -27.70
N ILE A 363 -19.95 -2.31 -28.45
CA ILE A 363 -20.16 -1.23 -29.43
C ILE A 363 -19.79 -1.76 -30.81
N GLY A 364 -20.81 -2.04 -31.62
CA GLY A 364 -20.62 -2.57 -32.96
C GLY A 364 -20.56 -4.09 -32.97
N GLY A 365 -20.44 -4.70 -34.16
CA GLY A 365 -20.25 -6.15 -34.29
C GLY A 365 -21.52 -6.82 -34.75
N ALA A 366 -22.59 -6.50 -34.06
CA ALA A 366 -23.95 -6.93 -34.34
C ALA A 366 -24.45 -5.53 -34.40
N GLY A 367 -24.90 -5.32 -35.64
CA GLY A 367 -24.86 -4.03 -36.38
C GLY A 367 -23.80 -2.97 -36.10
N PRO A 368 -23.88 -1.84 -36.86
CA PRO A 368 -23.05 -0.69 -36.54
C PRO A 368 -23.53 -0.08 -35.22
N GLY A 369 -22.59 0.40 -34.41
CA GLY A 369 -22.93 0.96 -33.12
C GLY A 369 -21.90 2.01 -32.72
N LYS A 370 -22.32 3.03 -31.96
CA LYS A 370 -21.45 4.14 -31.56
C LYS A 370 -21.83 4.58 -30.14
N ALA A 371 -20.85 4.95 -29.32
CA ALA A 371 -21.15 5.67 -28.07
C ALA A 371 -19.90 6.38 -27.59
N THR A 372 -20.08 7.54 -26.97
CA THR A 372 -18.96 8.36 -26.55
C THR A 372 -18.23 7.79 -25.34
N THR A 373 -18.97 7.53 -24.27
CA THR A 373 -18.42 6.92 -23.05
C THR A 373 -19.37 5.80 -22.68
N SER A 374 -18.86 4.60 -22.46
CA SER A 374 -19.74 3.46 -22.21
C SER A 374 -20.31 3.43 -20.79
N ILE A 375 -19.42 3.48 -19.80
CA ILE A 375 -19.84 3.36 -18.41
C ILE A 375 -19.24 4.49 -17.60
N VAL A 376 -20.11 5.31 -17.00
CA VAL A 376 -19.68 6.35 -16.11
C VAL A 376 -20.06 5.96 -14.69
N VAL A 377 -19.06 5.89 -13.81
CA VAL A 377 -19.30 5.55 -12.42
C VAL A 377 -19.14 6.81 -11.54
N ASN A 378 -20.27 7.40 -11.20
CA ASN A 378 -20.28 8.57 -10.33
C ASN A 378 -20.42 8.28 -8.83
N SER A 379 -21.20 7.27 -8.46
CA SER A 379 -21.54 7.06 -7.06
C SER A 379 -20.37 6.50 -6.29
N ASN A 380 -20.13 7.09 -5.15
CA ASN A 380 -19.09 6.63 -4.31
C ASN A 380 -19.35 5.18 -3.80
N ASP A 381 -18.27 4.44 -3.59
CA ASP A 381 -18.29 3.10 -3.01
C ASP A 381 -18.84 1.99 -3.95
N THR A 382 -19.06 2.33 -5.20
CA THR A 382 -19.54 1.38 -6.19
C THR A 382 -18.56 0.21 -6.44
N ILE A 383 -19.11 -0.98 -6.59
CA ILE A 383 -18.38 -2.20 -6.90
C ILE A 383 -18.66 -2.62 -8.34
N ILE A 384 -17.60 -2.77 -9.14
CA ILE A 384 -17.69 -3.29 -10.48
C ILE A 384 -16.98 -4.63 -10.45
N ASP A 385 -17.75 -5.71 -10.46
CA ASP A 385 -17.24 -7.05 -10.24
C ASP A 385 -17.54 -7.89 -11.47
N HIS A 386 -16.54 -7.97 -12.32
CA HIS A 386 -16.61 -8.54 -13.67
C HIS A 386 -17.40 -7.71 -14.67
N THR A 387 -16.69 -6.91 -15.43
CA THR A 387 -17.29 -6.24 -16.58
C THR A 387 -16.42 -6.47 -17.82
N TRP A 388 -17.04 -6.56 -18.99
CA TRP A 388 -16.31 -6.51 -20.29
C TRP A 388 -16.95 -5.40 -21.08
N VAL A 389 -16.14 -4.40 -21.40
CA VAL A 389 -16.58 -3.19 -22.09
C VAL A 389 -15.74 -3.18 -23.37
N TRP A 390 -16.42 -3.46 -24.46
CA TRP A 390 -15.77 -3.93 -25.69
C TRP A 390 -16.26 -3.18 -26.93
N ARG A 391 -15.38 -2.40 -27.52
CA ARG A 391 -15.66 -1.81 -28.81
C ARG A 391 -15.28 -2.88 -29.81
N ALA A 392 -16.24 -3.34 -30.61
CA ALA A 392 -16.02 -4.54 -31.42
C ALA A 392 -14.84 -4.34 -32.38
N ASP A 393 -13.98 -5.36 -32.45
CA ASP A 393 -12.86 -5.39 -33.40
C ASP A 393 -13.12 -6.26 -34.61
N HIS A 394 -14.24 -6.96 -34.63
CA HIS A 394 -14.60 -7.77 -35.78
C HIS A 394 -16.11 -7.88 -35.79
N GLY A 395 -16.62 -8.45 -36.88
CA GLY A 395 -18.04 -8.53 -37.15
C GLY A 395 -18.50 -7.59 -38.26
N GLU A 396 -19.77 -7.18 -38.13
CA GLU A 396 -20.40 -6.23 -39.05
C GLU A 396 -20.50 -4.87 -38.37
N GLY A 397 -20.41 -3.78 -39.14
CA GLY A 397 -20.59 -2.46 -38.53
C GLY A 397 -19.38 -1.98 -37.76
N VAL A 398 -18.19 -2.31 -38.27
CA VAL A 398 -16.94 -2.23 -37.51
C VAL A 398 -15.75 -1.52 -38.21
N GLY A 399 -15.46 -0.31 -37.77
CA GLY A 399 -14.31 0.39 -38.32
C GLY A 399 -13.97 1.63 -37.50
N TRP A 400 -12.79 2.18 -37.80
CA TRP A 400 -12.23 3.29 -37.04
C TRP A 400 -13.25 4.43 -36.86
N GLU A 401 -14.12 4.65 -37.83
CA GLU A 401 -15.16 5.64 -37.66
C GLU A 401 -16.58 5.00 -37.55
N THR A 402 -16.84 3.90 -38.26
CA THR A 402 -18.17 3.29 -38.28
C THR A 402 -18.65 2.85 -36.89
N ASN A 403 -17.77 2.31 -36.07
CA ASN A 403 -18.12 2.02 -34.67
C ASN A 403 -17.19 2.73 -33.71
N ARG A 404 -16.87 3.97 -34.05
CA ARG A 404 -16.09 4.77 -33.13
C ARG A 404 -16.72 4.88 -31.73
N ALA A 405 -15.87 4.68 -30.73
CA ALA A 405 -16.25 4.77 -29.30
C ALA A 405 -15.04 5.30 -28.55
N ASP A 406 -15.09 6.55 -28.13
CA ASP A 406 -13.86 7.18 -27.61
C ASP A 406 -13.40 6.61 -26.27
N TYR A 407 -14.35 6.40 -25.37
CA TYR A 407 -14.04 6.18 -23.97
C TYR A 407 -14.82 4.98 -23.42
N GLY A 408 -14.14 4.08 -22.71
CA GLY A 408 -14.82 2.90 -22.17
C GLY A 408 -15.50 3.16 -20.84
N VAL A 409 -14.70 3.22 -19.78
CA VAL A 409 -15.15 3.43 -18.44
C VAL A 409 -14.49 4.67 -17.91
N HIS A 410 -15.32 5.48 -17.27
CA HIS A 410 -14.81 6.62 -16.55
C HIS A 410 -15.29 6.57 -15.11
N VAL A 411 -14.34 6.47 -14.19
CA VAL A 411 -14.68 6.40 -12.77
C VAL A 411 -14.49 7.77 -12.15
N LYS A 412 -15.59 8.40 -11.76
CA LYS A 412 -15.57 9.74 -11.11
C LYS A 412 -15.88 9.68 -9.62
N GLY A 413 -16.32 8.52 -9.14
CA GLY A 413 -16.66 8.38 -7.74
C GLY A 413 -15.44 7.97 -6.90
N ASP A 414 -15.59 8.09 -5.58
CA ASP A 414 -14.56 7.77 -4.61
C ASP A 414 -14.83 6.38 -4.02
N ASN A 415 -13.76 5.72 -3.60
CA ASN A 415 -13.83 4.38 -2.98
C ASN A 415 -14.47 3.32 -3.89
N VAL A 416 -14.32 3.52 -5.19
CA VAL A 416 -14.83 2.56 -6.19
C VAL A 416 -13.83 1.42 -6.34
N LEU A 417 -14.34 0.21 -6.51
CA LEU A 417 -13.51 -1.00 -6.54
C LEU A 417 -13.89 -1.75 -7.77
N ALA A 418 -12.89 -2.08 -8.57
CA ALA A 418 -13.09 -2.89 -9.77
C ALA A 418 -12.31 -4.19 -9.56
N THR A 419 -13.00 -5.31 -9.62
CA THR A 419 -12.40 -6.63 -9.55
C THR A 419 -12.79 -7.37 -10.85
N GLY A 420 -11.81 -7.67 -11.69
CA GLY A 420 -12.11 -8.36 -12.93
C GLY A 420 -12.54 -7.38 -14.02
N LEU A 421 -11.66 -6.44 -14.33
CA LEU A 421 -11.97 -5.34 -15.27
C LEU A 421 -11.37 -5.63 -16.64
N PHE A 422 -12.21 -5.81 -17.66
CA PHE A 422 -11.76 -6.11 -19.03
C PHE A 422 -12.31 -4.99 -19.95
N VAL A 423 -11.46 -4.18 -20.60
CA VAL A 423 -11.95 -3.08 -21.42
C VAL A 423 -11.07 -2.95 -22.66
N GLU A 424 -11.66 -3.00 -23.85
CA GLU A 424 -10.85 -3.15 -25.08
C GLU A 424 -11.31 -2.32 -26.27
N HIS A 425 -10.30 -1.76 -26.91
CA HIS A 425 -10.32 -1.26 -28.29
C HIS A 425 -10.89 0.15 -28.49
N PHE A 426 -11.04 0.91 -27.43
CA PHE A 426 -11.54 2.27 -27.58
C PHE A 426 -10.61 3.23 -28.35
N ASN A 427 -11.22 4.22 -29.03
CA ASN A 427 -10.41 5.13 -29.85
C ASN A 427 -9.49 6.02 -29.03
N LYS A 428 -9.91 6.34 -27.81
CA LYS A 428 -9.13 7.14 -26.86
C LYS A 428 -8.88 6.33 -25.59
N TYR A 429 -9.16 6.90 -24.42
CA TYR A 429 -8.85 6.24 -23.17
C TYR A 429 -9.82 5.07 -22.90
N ASP A 430 -9.32 3.87 -22.71
CA ASP A 430 -10.20 2.75 -22.42
C ASP A 430 -10.78 2.90 -21.02
N VAL A 431 -9.90 3.17 -20.06
CA VAL A 431 -10.29 3.46 -18.69
C VAL A 431 -9.63 4.75 -18.22
N GLN A 432 -10.44 5.60 -17.58
CA GLN A 432 -9.98 6.83 -16.91
C GLN A 432 -10.53 6.87 -15.50
N TRP A 433 -9.67 7.23 -14.57
CA TRP A 433 -10.03 7.17 -13.17
C TRP A 433 -9.67 8.45 -12.46
N SER A 434 -10.69 9.24 -12.15
CA SER A 434 -10.42 10.54 -11.54
C SER A 434 -10.79 10.60 -10.08
N GLY A 435 -11.48 9.57 -9.57
CA GLY A 435 -11.91 9.56 -8.18
C GLY A 435 -10.83 9.16 -7.18
N GLU A 436 -10.98 9.59 -5.92
CA GLU A 436 -10.04 9.24 -4.85
C GLU A 436 -10.23 7.78 -4.42
N ASN A 437 -9.10 7.20 -4.02
CA ASN A 437 -9.02 5.84 -3.50
C ASN A 437 -9.86 4.97 -4.35
N GLY A 438 -9.44 4.79 -5.58
CA GLY A 438 -9.96 3.73 -6.40
C GLY A 438 -9.01 2.55 -6.24
N LYS A 439 -9.55 1.36 -6.46
CA LYS A 439 -8.80 0.11 -6.43
C LYS A 439 -9.20 -0.74 -7.63
N THR A 440 -8.22 -1.24 -8.38
CA THR A 440 -8.47 -2.25 -9.42
C THR A 440 -7.66 -3.51 -9.17
N ILE A 441 -8.39 -4.61 -9.06
CA ILE A 441 -7.78 -5.93 -8.97
C ILE A 441 -8.09 -6.69 -10.24
N PHE A 442 -7.04 -6.84 -11.05
CA PHE A 442 -7.06 -7.43 -12.39
C PHE A 442 -7.61 -6.51 -13.47
N TYR A 443 -6.76 -6.21 -14.45
CA TYR A 443 -7.16 -5.48 -15.65
C TYR A 443 -6.61 -6.12 -16.90
N GLN A 444 -7.48 -6.28 -17.88
CA GLN A 444 -7.10 -6.74 -19.21
C GLN A 444 -7.62 -5.75 -20.25
N ASN A 445 -6.69 -5.31 -21.09
CA ASN A 445 -6.99 -4.43 -22.20
C ASN A 445 -6.28 -4.87 -23.46
N ALA A 446 -6.93 -4.68 -24.60
CA ALA A 446 -6.25 -4.61 -25.89
C ALA A 446 -6.65 -3.28 -26.55
N LYS A 447 -5.66 -2.64 -27.15
CA LYS A 447 -5.88 -1.34 -27.78
C LYS A 447 -6.53 -1.48 -29.14
N ALA A 448 -7.12 -0.41 -29.64
CA ALA A 448 -7.78 -0.43 -30.94
C ALA A 448 -6.84 -0.91 -32.05
N TYR A 449 -7.31 -1.88 -32.86
CA TYR A 449 -6.49 -2.42 -33.93
C TYR A 449 -6.44 -1.56 -35.20
N ASP A 450 -7.51 -0.76 -35.37
CA ASP A 450 -7.84 -0.10 -36.61
C ASP A 450 -7.52 1.41 -36.65
N ALA A 451 -6.53 1.84 -35.85
CA ALA A 451 -6.09 3.21 -35.92
C ALA A 451 -5.38 3.25 -37.26
N PRO A 452 -5.64 4.28 -38.07
CA PRO A 452 -5.13 4.30 -39.44
C PRO A 452 -3.67 4.69 -39.52
N ASP A 453 -3.19 5.39 -38.49
CA ASP A 453 -1.87 5.96 -38.55
C ASP A 453 -1.59 6.67 -37.25
N GLN A 454 -0.34 7.04 -37.04
CA GLN A 454 0.07 7.65 -35.79
C GLN A 454 -0.75 8.90 -35.46
N ALA A 455 -1.05 9.71 -36.46
CA ALA A 455 -1.75 10.96 -36.19
C ALA A 455 -3.14 10.74 -35.61
N ALA A 456 -3.81 9.70 -36.06
CA ALA A 456 -5.16 9.38 -35.55
C ALA A 456 -5.24 9.11 -34.03
N ILE A 457 -4.12 8.80 -33.40
CA ILE A 457 -4.10 8.46 -31.97
C ILE A 457 -3.24 9.44 -31.15
N GLN A 458 -2.88 10.54 -31.76
CA GLN A 458 -2.11 11.56 -31.07
C GLN A 458 -2.94 12.25 -29.99
N ASN A 459 -2.27 12.49 -28.83
CA ASN A 459 -2.92 12.84 -27.57
C ASN A 459 -2.07 13.89 -26.87
N GLY A 460 -2.33 15.16 -27.21
CA GLY A 460 -1.47 16.26 -26.80
C GLY A 460 -0.05 15.96 -27.21
N ASP A 461 0.75 15.56 -26.23
CA ASP A 461 2.17 15.35 -26.42
C ASP A 461 2.46 13.86 -26.29
N ILE A 462 1.43 13.04 -26.40
CA ILE A 462 1.61 11.61 -26.20
C ILE A 462 1.21 10.86 -27.44
N LYS A 463 2.02 9.87 -27.82
CA LYS A 463 1.60 8.92 -28.85
C LYS A 463 0.65 7.90 -28.25
N GLY A 464 -0.59 7.97 -28.70
CA GLY A 464 -1.65 7.13 -28.19
C GLY A 464 -2.25 7.60 -26.90
N TYR A 465 -3.35 6.92 -26.53
CA TYR A 465 -4.05 7.12 -25.29
C TYR A 465 -3.84 5.90 -24.41
N ALA A 466 -3.52 6.12 -23.17
CA ALA A 466 -3.35 5.03 -22.25
C ALA A 466 -4.56 4.15 -22.24
N ALA A 467 -4.34 2.86 -22.04
CA ALA A 467 -5.44 1.95 -21.70
C ALA A 467 -6.07 2.26 -20.34
N TYR A 468 -5.27 2.78 -19.40
CA TYR A 468 -5.74 3.06 -18.04
C TYR A 468 -5.00 4.27 -17.55
N LYS A 469 -5.77 5.35 -17.40
CA LYS A 469 -5.29 6.64 -16.98
C LYS A 469 -5.84 7.05 -15.63
N VAL A 470 -4.94 7.32 -14.70
CA VAL A 470 -5.29 7.94 -13.45
C VAL A 470 -5.02 9.41 -13.57
N ASP A 471 -6.06 10.23 -13.35
CA ASP A 471 -5.91 11.67 -13.45
C ASP A 471 -4.81 12.27 -12.56
N ASP A 472 -4.26 13.37 -13.05
CA ASP A 472 -3.16 14.05 -12.41
C ASP A 472 -3.47 14.57 -11.01
N SER A 473 -4.70 15.08 -10.83
CA SER A 473 -5.24 15.61 -9.57
C SER A 473 -5.44 14.55 -8.47
N VAL A 474 -5.52 13.29 -8.88
CA VAL A 474 -5.86 12.21 -7.98
C VAL A 474 -4.76 12.06 -6.91
N THR A 475 -5.18 11.85 -5.66
CA THR A 475 -4.23 11.59 -4.58
C THR A 475 -3.89 10.14 -4.28
N THR A 476 -4.92 9.28 -4.19
CA THR A 476 -4.69 7.90 -3.85
C THR A 476 -5.38 7.04 -4.90
N HIS A 477 -4.66 5.99 -5.31
CA HIS A 477 -5.15 4.96 -6.24
C HIS A 477 -4.30 3.72 -6.06
N GLU A 478 -4.86 2.55 -6.33
CA GLU A 478 -4.04 1.35 -6.34
C GLU A 478 -4.58 0.29 -7.31
N GLY A 479 -3.66 -0.31 -8.07
CA GLY A 479 -3.99 -1.32 -9.08
C GLY A 479 -3.07 -2.52 -9.00
N TRP A 480 -3.64 -3.71 -9.20
CA TRP A 480 -2.90 -4.98 -9.14
C TRP A 480 -3.17 -5.85 -10.35
N GLY A 481 -2.10 -6.30 -11.00
CA GLY A 481 -2.23 -7.36 -12.02
C GLY A 481 -2.93 -6.90 -13.31
N MET A 482 -2.23 -6.06 -14.09
CA MET A 482 -2.85 -5.30 -15.13
C MET A 482 -2.03 -5.28 -16.42
N GLY A 483 -2.67 -5.65 -17.51
CA GLY A 483 -2.03 -5.70 -18.81
C GLY A 483 -2.78 -4.99 -19.92
N SER A 484 -1.98 -4.49 -20.85
CA SER A 484 -2.51 -3.90 -22.08
C SER A 484 -1.76 -4.50 -23.29
N TYR A 485 -2.52 -4.95 -24.28
CA TYR A 485 -1.92 -5.57 -25.49
C TYR A 485 -2.23 -4.72 -26.74
N CYS A 486 -1.30 -4.73 -27.70
CA CYS A 486 -1.51 -4.02 -28.97
C CYS A 486 -1.42 -4.98 -30.17
N TYR A 487 -2.13 -4.62 -31.22
CA TYR A 487 -2.23 -5.39 -32.44
C TYR A 487 -2.71 -4.43 -33.52
N PHE A 488 -1.79 -3.58 -33.90
CA PHE A 488 -2.12 -2.50 -34.82
C PHE A 488 -2.00 -3.10 -36.20
N ASN A 489 -3.01 -3.88 -36.58
CA ASN A 489 -2.90 -4.65 -37.83
C ASN A 489 -3.12 -3.78 -39.06
N VAL A 490 -3.96 -2.76 -38.92
CA VAL A 490 -4.14 -1.77 -39.99
C VAL A 490 -2.81 -1.06 -40.28
N ASN A 491 -2.11 -0.63 -39.23
CA ASN A 491 -0.89 0.15 -39.39
C ASN A 491 0.17 -0.27 -38.36
N PRO A 492 0.92 -1.37 -38.65
CA PRO A 492 1.88 -1.89 -37.67
C PRO A 492 3.09 -0.99 -37.43
N ASP A 493 3.25 0.07 -38.20
CA ASP A 493 4.29 1.05 -37.90
C ASP A 493 3.97 1.94 -36.67
N ILE A 494 2.72 1.89 -36.20
CA ILE A 494 2.32 2.70 -35.06
C ILE A 494 3.11 2.36 -33.81
N ARG A 495 3.26 3.40 -32.98
CA ARG A 495 3.80 3.31 -31.63
C ARG A 495 2.79 3.79 -30.59
N GLN A 496 2.69 3.03 -29.49
CA GLN A 496 1.86 3.38 -28.33
C GLN A 496 2.82 3.73 -27.16
N GLN A 497 2.77 4.95 -26.64
CA GLN A 497 3.77 5.39 -25.63
C GLN A 497 3.71 4.53 -24.40
N HIS A 498 2.49 4.16 -24.00
CA HIS A 498 2.37 3.36 -22.78
C HIS A 498 1.00 2.74 -22.67
N GLY A 499 0.91 1.70 -21.81
CA GLY A 499 -0.38 1.14 -21.44
C GLY A 499 -1.07 1.90 -20.33
N PHE A 500 -0.28 2.53 -19.46
CA PHE A 500 -0.74 3.19 -18.23
C PHE A 500 -0.18 4.63 -18.10
N GLN A 501 -0.99 5.52 -17.55
CA GLN A 501 -0.61 6.91 -17.31
C GLN A 501 -1.09 7.31 -15.92
N ALA A 502 -0.21 7.86 -15.07
CA ALA A 502 -0.62 8.26 -13.70
C ALA A 502 0.34 9.29 -13.16
N PRO A 503 -0.13 10.09 -12.22
CA PRO A 503 0.82 10.97 -11.55
C PRO A 503 1.75 10.17 -10.63
N VAL A 504 2.96 10.68 -10.46
CA VAL A 504 3.95 10.07 -9.58
C VAL A 504 3.82 10.62 -8.16
N LYS A 505 3.07 9.93 -7.31
CA LYS A 505 2.71 10.38 -5.97
C LYS A 505 2.68 9.18 -5.05
N PRO A 506 3.10 9.36 -3.77
CA PRO A 506 2.92 8.25 -2.85
C PRO A 506 1.56 7.54 -2.82
N GLY A 507 0.47 8.29 -2.70
CA GLY A 507 -0.87 7.73 -2.69
C GLY A 507 -1.23 6.92 -3.93
N VAL A 508 -0.48 7.06 -5.04
CA VAL A 508 -0.74 6.32 -6.29
C VAL A 508 0.25 5.14 -6.49
N LYS A 509 -0.30 3.94 -6.57
CA LYS A 509 0.52 2.74 -6.55
C LYS A 509 0.00 1.72 -7.54
N PHE A 510 0.93 1.10 -8.27
CA PHE A 510 0.59 0.02 -9.18
C PHE A 510 1.55 -1.17 -8.94
N HIS A 511 0.96 -2.36 -8.99
CA HIS A 511 1.63 -3.63 -8.83
C HIS A 511 1.40 -4.55 -10.00
N ASP A 512 2.51 -5.09 -10.53
CA ASP A 512 2.50 -6.11 -11.59
C ASP A 512 1.79 -5.61 -12.83
N LEU A 513 2.48 -4.73 -13.54
CA LEU A 513 2.00 -4.12 -14.78
C LEU A 513 2.73 -4.76 -15.98
N LEU A 514 2.03 -4.94 -17.07
CA LEU A 514 2.70 -5.37 -18.32
C LEU A 514 2.03 -4.84 -19.57
N VAL A 515 2.85 -4.71 -20.63
CA VAL A 515 2.33 -4.47 -21.97
C VAL A 515 2.90 -5.48 -22.94
N VAL A 516 2.15 -5.76 -24.00
CA VAL A 516 2.53 -6.79 -24.95
C VAL A 516 2.11 -6.47 -26.37
N SER A 517 3.05 -6.61 -27.31
CA SER A 517 2.74 -6.51 -28.71
C SER A 517 2.44 -7.87 -29.34
N LEU A 518 1.25 -8.02 -29.91
CA LEU A 518 0.87 -9.29 -30.51
C LEU A 518 1.37 -9.46 -31.97
N GLY A 519 2.19 -10.47 -32.23
CA GLY A 519 2.75 -10.65 -33.56
C GLY A 519 3.56 -9.44 -34.05
N GLY A 520 3.81 -8.48 -33.18
CA GLY A 520 4.77 -7.45 -33.47
C GLY A 520 4.14 -6.36 -34.30
N LYS A 521 2.81 -6.37 -34.35
CA LYS A 521 2.01 -5.39 -35.04
C LYS A 521 1.93 -4.12 -34.19
N GLY A 522 2.91 -3.24 -34.40
CA GLY A 522 3.02 -2.07 -33.57
C GLY A 522 3.83 -2.43 -32.35
N GLN A 523 4.26 -1.41 -31.60
CA GLN A 523 4.99 -1.63 -30.38
C GLN A 523 4.65 -0.58 -29.32
N TYR A 524 4.87 -0.94 -28.06
CA TYR A 524 4.82 0.03 -26.97
C TYR A 524 6.20 0.66 -26.78
N GLU A 525 6.25 1.93 -26.42
CA GLU A 525 7.52 2.60 -26.10
C GLU A 525 7.93 2.37 -24.65
N HIS A 526 6.92 2.20 -23.80
CA HIS A 526 7.10 2.04 -22.37
C HIS A 526 5.88 1.35 -21.81
N VAL A 527 5.94 1.04 -20.51
CA VAL A 527 4.82 0.39 -19.83
C VAL A 527 3.84 1.38 -19.20
N ILE A 528 4.36 2.27 -18.36
CA ILE A 528 3.57 3.27 -17.66
C ILE A 528 4.31 4.60 -17.68
N ASN A 529 3.63 5.67 -18.11
CA ASN A 529 4.31 6.93 -18.30
C ASN A 529 5.53 6.65 -19.25
N ASP A 530 6.75 7.09 -18.90
CA ASP A 530 7.97 6.72 -19.67
C ASP A 530 8.94 5.76 -18.94
N ILE A 531 8.34 4.97 -18.06
CA ILE A 531 8.97 3.83 -17.38
C ILE A 531 8.59 2.51 -18.05
N GLY A 532 9.54 1.60 -18.04
CA GLY A 532 9.33 0.24 -18.53
C GLY A 532 9.99 0.13 -19.88
N ASP A 533 10.47 -1.05 -20.22
CA ASP A 533 11.11 -1.24 -21.50
C ASP A 533 10.07 -1.13 -22.62
N PRO A 534 10.50 -0.66 -23.80
CA PRO A 534 9.62 -0.83 -24.95
C PRO A 534 9.44 -2.31 -25.21
N THR A 535 8.39 -2.68 -25.93
CA THR A 535 8.33 -4.02 -26.50
C THR A 535 9.21 -4.04 -27.76
N SER A 536 9.75 -5.22 -28.09
CA SER A 536 10.54 -5.36 -29.31
C SER A 536 10.36 -6.75 -29.92
N GLY A 537 10.76 -6.88 -31.18
CA GLY A 537 10.66 -8.14 -31.94
C GLY A 537 9.21 -8.41 -32.34
N ASP A 538 8.98 -9.59 -32.93
CA ASP A 538 7.63 -10.07 -33.25
C ASP A 538 7.32 -11.33 -32.44
N THR A 539 7.92 -11.45 -31.26
CA THR A 539 7.79 -12.72 -30.50
C THR A 539 6.83 -12.65 -29.30
N THR A 540 6.13 -11.53 -29.20
CA THR A 540 5.05 -11.37 -28.24
C THR A 540 5.56 -11.66 -26.83
N ILE A 541 6.67 -11.06 -26.48
CA ILE A 541 7.19 -11.20 -25.12
C ILE A 541 6.86 -9.94 -24.31
N PRO A 542 6.23 -10.12 -23.16
CA PRO A 542 5.75 -8.94 -22.43
C PRO A 542 6.85 -8.07 -21.93
N SER A 543 6.59 -6.76 -21.86
CA SER A 543 7.43 -5.83 -21.12
C SER A 543 6.73 -5.47 -19.80
N GLN A 544 7.46 -5.59 -18.70
CA GLN A 544 6.88 -5.65 -17.38
C GLN A 544 7.37 -4.57 -16.44
N VAL A 545 6.54 -4.20 -15.48
CA VAL A 545 6.99 -3.32 -14.40
C VAL A 545 6.33 -3.83 -13.10
N VAL A 546 7.16 -4.35 -12.18
CA VAL A 546 6.72 -5.01 -10.97
C VAL A 546 6.10 -4.07 -9.91
N SER A 547 6.85 -3.04 -9.52
CA SER A 547 6.35 -2.01 -8.55
C SER A 547 6.40 -0.66 -9.24
N PHE A 548 5.32 0.11 -9.11
CA PHE A 548 5.30 1.51 -9.53
C PHE A 548 4.69 2.41 -8.43
N PRO A 549 5.23 3.63 -8.29
CA PRO A 549 6.54 4.03 -8.84
C PRO A 549 7.65 3.04 -8.44
N VAL B 2 -13.35 17.01 19.62
CA VAL B 2 -12.46 15.84 19.79
C VAL B 2 -12.80 15.07 21.02
N VAL B 3 -12.45 13.78 21.00
CA VAL B 3 -12.68 12.82 22.09
C VAL B 3 -11.47 11.90 22.43
N GLY B 4 -11.54 11.20 23.57
CA GLY B 4 -10.51 10.23 23.94
C GLY B 4 -10.73 8.75 23.63
N GLY B 5 -9.61 8.06 23.40
CA GLY B 5 -9.57 6.61 23.15
C GLY B 5 -9.97 6.20 21.73
N GLY B 6 -10.47 4.99 21.59
CA GLY B 6 -10.90 4.56 20.26
C GLY B 6 -9.87 3.76 19.45
N ASP B 7 -10.30 3.41 18.24
CA ASP B 7 -9.62 2.47 17.31
C ASP B 7 -8.26 2.98 16.84
N LEU B 8 -7.25 2.12 16.96
CA LEU B 8 -5.89 2.44 16.51
C LEU B 8 -5.70 2.18 15.03
N GLY B 9 -6.66 1.50 14.43
CA GLY B 9 -6.74 1.53 13.00
C GLY B 9 -5.99 0.42 12.31
N PRO B 10 -5.94 0.52 10.96
CA PRO B 10 -5.54 -0.49 9.96
C PRO B 10 -4.06 -0.82 10.02
N ASN B 11 -3.27 0.16 10.44
CA ASN B 11 -1.83 0.08 10.36
C ASN B 11 -1.11 -0.46 11.58
N VAL B 12 -1.85 -0.84 12.61
CA VAL B 12 -1.26 -1.43 13.79
C VAL B 12 -1.82 -2.83 13.90
N LEU B 13 -0.95 -3.81 13.67
CA LEU B 13 -1.30 -5.22 13.76
C LEU B 13 -0.98 -5.67 15.17
N VAL B 14 -1.99 -6.13 15.90
CA VAL B 14 -1.80 -6.61 17.25
C VAL B 14 -1.92 -8.13 17.23
N PHE B 15 -0.79 -8.80 17.49
CA PHE B 15 -0.76 -10.26 17.56
C PHE B 15 -0.81 -10.75 19.02
N ASP B 16 -1.34 -11.95 19.22
CA ASP B 16 -1.11 -12.71 20.45
C ASP B 16 -0.58 -14.11 20.06
N PRO B 17 -0.21 -14.92 21.06
CA PRO B 17 0.34 -16.23 20.73
C PRO B 17 -0.58 -17.17 19.95
N SER B 18 -1.88 -16.90 19.86
CA SER B 18 -2.80 -17.76 19.09
C SER B 18 -3.19 -17.27 17.70
N THR B 19 -2.72 -16.09 17.31
CA THR B 19 -3.05 -15.55 16.01
C THR B 19 -2.63 -16.48 14.88
N PRO B 20 -3.41 -16.50 13.81
CA PRO B 20 -2.99 -17.33 12.69
C PRO B 20 -1.84 -16.66 11.98
N ASP B 21 -0.91 -17.44 11.44
CA ASP B 21 -0.01 -16.97 10.42
C ASP B 21 0.94 -15.85 10.83
N ILE B 22 1.38 -15.85 12.09
CA ILE B 22 2.26 -14.74 12.51
C ILE B 22 3.40 -14.50 11.50
N GLN B 23 4.14 -15.55 11.16
CA GLN B 23 5.29 -15.39 10.29
C GLN B 23 4.91 -14.81 8.91
N GLY B 24 3.84 -15.32 8.29
CA GLY B 24 3.57 -14.89 6.93
C GLY B 24 3.10 -13.46 6.97
N LYS B 25 2.39 -13.13 8.04
CA LYS B 25 1.88 -11.76 8.26
C LYS B 25 3.05 -10.81 8.37
N VAL B 26 4.01 -11.15 9.23
CA VAL B 26 5.18 -10.25 9.40
C VAL B 26 6.10 -10.31 8.16
N ASP B 27 6.21 -11.47 7.52
CA ASP B 27 6.99 -11.58 6.28
C ASP B 27 6.33 -10.77 5.13
N GLU B 28 4.99 -10.62 5.21
CA GLU B 28 4.24 -9.85 4.21
C GLU B 28 4.44 -8.33 4.36
N VAL B 29 4.49 -7.83 5.61
CA VAL B 29 4.82 -6.42 5.85
C VAL B 29 6.25 -6.16 5.37
N PHE B 30 7.15 -7.10 5.66
CA PHE B 30 8.55 -6.97 5.27
C PHE B 30 8.67 -7.00 3.75
N ARG B 31 7.81 -7.76 3.08
CA ARG B 31 7.84 -7.81 1.62
C ARG B 31 7.64 -6.41 1.08
N LYS B 32 6.70 -5.70 1.66
CA LYS B 32 6.23 -4.38 1.18
C LYS B 32 7.14 -3.24 1.60
N GLN B 33 7.77 -3.41 2.74
CA GLN B 33 8.56 -2.33 3.33
C GLN B 33 10.08 -2.46 3.16
N GLU B 34 10.55 -3.63 2.73
CA GLU B 34 11.97 -3.91 2.56
C GLU B 34 12.81 -2.82 1.85
N SER B 35 12.36 -2.45 0.66
CA SER B 35 13.11 -1.55 -0.22
C SER B 35 12.46 -0.16 -0.20
N ASN B 36 11.45 -0.02 0.64
CA ASN B 36 10.47 1.07 0.56
C ASN B 36 10.97 2.32 1.31
N GLN B 37 12.10 2.86 0.88
CA GLN B 37 12.83 3.86 1.65
C GLN B 37 12.06 5.17 1.86
N PHE B 38 11.30 5.57 0.87
CA PHE B 38 10.67 6.88 0.91
C PHE B 38 9.16 6.85 0.71
N GLY B 39 8.53 5.68 0.70
CA GLY B 39 7.08 5.61 0.63
C GLY B 39 6.43 6.08 1.94
N THR B 40 5.11 6.29 1.90
CA THR B 40 4.33 6.87 2.98
C THR B 40 3.59 5.75 3.80
N ASP B 41 3.80 4.51 3.39
CA ASP B 41 3.25 3.36 4.11
C ASP B 41 3.92 3.30 5.50
N ARG B 42 3.17 2.95 6.54
CA ARG B 42 3.68 2.91 7.92
C ARG B 42 3.09 1.68 8.61
N TYR B 43 3.81 1.10 9.56
CA TYR B 43 3.30 -0.05 10.30
C TYR B 43 3.78 -0.08 11.74
N ALA B 44 2.91 -0.47 12.66
CA ALA B 44 3.34 -0.84 14.01
C ALA B 44 2.89 -2.26 14.29
N LEU B 45 3.81 -3.11 14.74
CA LEU B 45 3.55 -4.51 15.06
C LEU B 45 3.61 -4.59 16.57
N MET B 46 2.47 -4.87 17.22
CA MET B 46 2.38 -4.82 18.69
C MET B 46 2.05 -6.28 19.13
N PHE B 47 2.90 -6.80 20.02
CA PHE B 47 2.78 -8.20 20.49
C PHE B 47 2.28 -8.27 21.91
N LYS B 48 1.13 -8.92 22.10
CA LYS B 48 0.62 -9.15 23.45
C LYS B 48 1.58 -10.03 24.23
N PRO B 49 1.59 -9.89 25.56
CA PRO B 49 2.35 -10.79 26.44
C PRO B 49 2.16 -12.25 26.08
N GLY B 50 3.25 -12.97 26.23
CA GLY B 50 3.26 -14.43 26.09
C GLY B 50 4.61 -14.85 25.51
N THR B 51 4.70 -16.08 24.97
CA THR B 51 5.90 -16.51 24.26
C THR B 51 5.54 -16.99 22.87
N TYR B 52 6.38 -16.59 21.95
CA TYR B 52 6.20 -16.80 20.54
C TYR B 52 7.36 -17.62 20.06
N ASN B 53 7.07 -18.77 19.46
CA ASN B 53 8.08 -19.65 18.93
C ASN B 53 8.16 -19.49 17.43
N ASP B 54 9.28 -19.94 16.88
CA ASP B 54 9.51 -19.99 15.45
C ASP B 54 9.14 -18.67 14.71
N ILE B 55 9.73 -17.59 15.21
CA ILE B 55 9.58 -16.31 14.54
C ILE B 55 10.88 -15.66 14.18
N ASN B 56 10.91 -15.13 12.97
CA ASN B 56 12.02 -14.28 12.56
C ASN B 56 11.38 -13.06 11.97
N ALA B 57 11.38 -11.99 12.74
CA ALA B 57 10.62 -10.79 12.39
C ALA B 57 11.63 -9.88 11.74
N GLN B 58 11.62 -9.88 10.42
CA GLN B 58 12.51 -8.98 9.68
C GLN B 58 11.79 -7.62 9.58
N ILE B 59 12.53 -6.58 9.90
CA ILE B 59 11.97 -5.26 10.04
C ILE B 59 12.49 -4.39 8.89
N GLY B 60 11.53 -3.95 8.06
CA GLY B 60 11.85 -3.02 6.97
C GLY B 60 11.75 -1.56 7.36
N PHE B 61 11.81 -0.68 6.36
CA PHE B 61 11.46 0.72 6.55
C PHE B 61 10.12 0.93 7.25
N TYR B 62 10.07 1.96 8.10
CA TYR B 62 8.84 2.50 8.67
C TYR B 62 7.99 1.44 9.36
N THR B 63 8.70 0.53 10.04
CA THR B 63 8.08 -0.54 10.79
C THR B 63 8.65 -0.45 12.21
N SER B 64 7.75 -0.31 13.19
CA SER B 64 8.07 -0.45 14.60
C SER B 64 7.56 -1.81 15.14
N ILE B 65 8.36 -2.45 15.97
CA ILE B 65 7.93 -3.72 16.60
C ILE B 65 8.13 -3.56 18.09
N ALA B 66 7.15 -4.03 18.87
CA ALA B 66 7.19 -3.88 20.31
C ALA B 66 6.29 -4.89 20.99
N GLY B 67 6.64 -5.14 22.25
CA GLY B 67 5.85 -5.93 23.17
C GLY B 67 4.95 -5.03 24.03
N LEU B 68 3.83 -5.58 24.49
CA LEU B 68 2.80 -4.84 25.23
C LEU B 68 2.65 -5.26 26.71
N GLY B 69 3.70 -5.85 27.31
CA GLY B 69 3.59 -6.43 28.65
C GLY B 69 3.90 -5.70 29.99
N LEU B 70 4.61 -4.59 29.96
CA LEU B 70 5.14 -3.84 31.18
C LEU B 70 6.51 -4.27 31.57
N ASN B 71 6.82 -5.55 31.59
CA ASN B 71 8.21 -5.97 31.63
C ASN B 71 8.58 -6.52 30.23
N PRO B 72 9.81 -6.26 29.81
CA PRO B 72 10.13 -6.74 28.46
C PRO B 72 10.12 -8.27 28.37
N ASP B 73 10.49 -8.94 29.46
CA ASP B 73 10.47 -10.39 29.43
C ASP B 73 9.02 -10.93 29.45
N ASP B 74 8.03 -10.04 29.62
CA ASP B 74 6.62 -10.46 29.59
C ASP B 74 6.26 -10.87 28.15
N THR B 75 7.07 -10.44 27.18
CA THR B 75 6.83 -10.72 25.76
C THR B 75 8.13 -11.25 25.17
N THR B 76 8.23 -12.58 25.07
CA THR B 76 9.43 -13.23 24.63
C THR B 76 9.25 -13.90 23.30
N PHE B 77 10.24 -13.72 22.46
CA PHE B 77 10.31 -14.44 21.20
C PHE B 77 11.39 -15.48 21.32
N ASN B 78 11.05 -16.73 21.01
CA ASN B 78 12.05 -17.73 20.72
C ASN B 78 12.30 -17.63 19.25
N GLY B 79 13.24 -16.76 18.94
CA GLY B 79 13.36 -16.22 17.61
C GLY B 79 14.02 -14.87 17.65
N ASP B 80 13.83 -14.10 16.58
CA ASP B 80 14.72 -12.99 16.28
C ASP B 80 13.92 -11.79 15.76
N VAL B 81 14.46 -10.59 16.00
CA VAL B 81 13.95 -9.36 15.37
C VAL B 81 15.12 -8.82 14.57
N THR B 82 15.09 -9.06 13.25
CA THR B 82 16.27 -8.95 12.40
C THR B 82 16.16 -7.71 11.54
N VAL B 83 17.31 -7.06 11.39
CA VAL B 83 17.59 -6.15 10.26
C VAL B 83 18.96 -6.53 9.67
N ASP B 84 19.01 -6.68 8.35
CA ASP B 84 20.24 -6.99 7.59
C ASP B 84 20.06 -6.15 6.29
N ALA B 85 20.95 -6.35 5.33
CA ALA B 85 21.08 -5.37 4.25
C ALA B 85 21.00 -6.01 2.85
N GLY B 86 20.34 -7.15 2.76
CA GLY B 86 20.17 -7.80 1.47
C GLY B 86 19.82 -6.86 0.33
N TRP B 87 18.80 -6.00 0.52
CA TRP B 87 18.18 -5.26 -0.59
C TRP B 87 19.13 -4.22 -1.12
N PHE B 88 20.27 -4.04 -0.45
CA PHE B 88 21.21 -2.97 -0.80
C PHE B 88 22.58 -3.56 -0.85
N ASP B 89 22.61 -4.85 -1.23
CA ASP B 89 23.85 -5.57 -1.47
C ASP B 89 24.83 -5.44 -0.30
N GLY B 90 24.38 -5.85 0.88
CA GLY B 90 25.22 -5.83 2.07
C GLY B 90 25.51 -4.50 2.73
N ASN B 91 25.22 -3.38 2.04
CA ASN B 91 25.49 -2.04 2.57
C ASN B 91 24.33 -1.64 3.47
N ALA B 92 24.55 -1.46 4.76
CA ALA B 92 23.47 -1.14 5.70
C ALA B 92 23.34 0.36 5.96
N THR B 93 24.02 1.19 5.15
CA THR B 93 24.00 2.64 5.42
C THR B 93 22.73 3.37 5.03
N GLN B 94 21.71 2.67 4.53
CA GLN B 94 20.44 3.29 4.35
C GLN B 94 19.34 2.57 5.15
N ASN B 95 19.74 1.81 6.17
CA ASN B 95 18.73 1.11 7.01
C ASN B 95 18.20 2.03 8.12
N PHE B 96 17.29 2.91 7.67
CA PHE B 96 16.77 3.96 8.53
C PHE B 96 15.33 3.70 8.99
N TRP B 97 14.89 4.46 9.98
CA TRP B 97 13.44 4.69 10.27
C TRP B 97 12.67 3.42 10.64
N ARG B 98 13.10 2.78 11.72
CA ARG B 98 12.44 1.58 12.19
C ARG B 98 12.80 1.43 13.67
N SER B 99 12.17 0.51 14.40
CA SER B 99 12.41 0.48 15.85
C SER B 99 12.01 -0.86 16.45
N ALA B 100 12.63 -1.15 17.58
CA ALA B 100 12.25 -2.31 18.42
C ALA B 100 12.22 -1.90 19.89
N GLU B 101 11.16 -2.32 20.60
CA GLU B 101 10.99 -1.94 22.00
C GLU B 101 10.28 -2.99 22.85
N ASN B 102 10.73 -3.13 24.09
CA ASN B 102 9.95 -3.84 25.11
C ASN B 102 9.67 -5.30 24.77
N LEU B 103 10.75 -5.98 24.42
CA LEU B 103 10.73 -7.41 24.09
C LEU B 103 11.95 -8.13 24.65
N ALA B 104 11.76 -9.43 24.95
CA ALA B 104 12.85 -10.34 25.19
C ALA B 104 13.06 -11.22 23.93
N LEU B 105 14.29 -11.38 23.52
CA LEU B 105 14.62 -12.23 22.38
C LEU B 105 15.54 -13.38 22.80
N ASN B 106 15.21 -14.57 22.32
CA ASN B 106 16.02 -15.78 22.49
C ASN B 106 16.42 -16.21 21.07
N PRO B 107 17.47 -15.59 20.54
CA PRO B 107 17.73 -15.70 19.09
C PRO B 107 18.17 -17.09 18.66
N VAL B 108 17.74 -17.51 17.48
CA VAL B 108 17.80 -18.94 17.13
C VAL B 108 19.20 -19.53 17.10
N ASN B 109 20.19 -18.71 16.77
CA ASN B 109 21.56 -19.19 16.73
C ASN B 109 22.36 -18.51 17.83
N GLY B 110 21.70 -17.95 18.83
CA GLY B 110 22.42 -17.42 19.98
C GLY B 110 22.76 -15.95 19.91
N THR B 111 22.59 -15.34 18.73
CA THR B 111 22.66 -13.88 18.70
C THR B 111 21.84 -13.29 17.60
N ASN B 112 21.32 -12.13 17.91
CA ASN B 112 20.36 -11.44 17.10
C ASN B 112 21.07 -10.37 16.28
N ARG B 113 20.64 -10.16 15.04
CA ARG B 113 21.27 -9.17 14.17
C ARG B 113 20.35 -7.91 13.98
N TRP B 114 20.82 -6.74 14.44
CA TRP B 114 20.15 -5.43 14.24
C TRP B 114 21.15 -4.56 13.47
N ALA B 115 21.29 -4.81 12.17
CA ALA B 115 22.28 -4.13 11.36
C ALA B 115 21.68 -2.85 10.76
N VAL B 116 21.57 -1.83 11.60
CA VAL B 116 20.84 -0.61 11.28
C VAL B 116 21.76 0.59 11.13
N SER B 117 21.22 1.65 10.53
CA SER B 117 21.88 2.94 10.50
C SER B 117 21.09 3.89 11.35
N GLN B 118 20.96 5.15 10.92
CA GLN B 118 20.36 6.17 11.77
C GLN B 118 18.87 6.00 11.90
N ALA B 119 18.30 6.56 12.97
CA ALA B 119 16.86 6.58 13.25
C ALA B 119 16.28 5.17 13.36
N ALA B 120 17.02 4.31 14.05
CA ALA B 120 16.62 2.92 14.30
C ALA B 120 16.89 2.58 15.76
N PRO B 121 16.09 3.15 16.67
CA PRO B 121 16.42 2.90 18.08
C PRO B 121 16.09 1.45 18.54
N PHE B 122 16.78 1.03 19.60
CA PHE B 122 16.63 -0.32 20.20
C PHE B 122 16.49 -0.01 21.69
N ARG B 123 15.26 -0.11 22.21
CA ARG B 123 14.97 0.32 23.57
C ARG B 123 14.25 -0.74 24.42
N ARG B 124 14.54 -0.76 25.71
CA ARG B 124 13.88 -1.68 26.66
C ARG B 124 13.83 -3.08 26.09
N MET B 125 14.95 -3.52 25.54
CA MET B 125 15.08 -4.86 24.95
C MET B 125 15.85 -5.75 25.92
N HIS B 126 15.49 -7.02 25.98
CA HIS B 126 16.31 -8.04 26.67
C HIS B 126 16.73 -9.08 25.67
N VAL B 127 18.00 -9.09 25.28
CA VAL B 127 18.53 -10.12 24.39
C VAL B 127 19.22 -11.24 25.16
N LYS B 128 18.68 -12.45 25.09
CA LYS B 128 19.24 -13.59 25.84
C LYS B 128 20.23 -14.33 24.94
N GLY B 129 21.30 -13.62 24.60
CA GLY B 129 22.32 -14.09 23.64
C GLY B 129 23.18 -12.89 23.27
N GLY B 130 23.69 -12.87 22.07
CA GLY B 130 24.53 -11.77 21.65
C GLY B 130 23.78 -10.89 20.68
N LEU B 131 24.41 -9.76 20.31
CA LEU B 131 23.79 -8.79 19.41
C LEU B 131 24.85 -8.39 18.40
N ASN B 132 24.59 -8.75 17.15
CA ASN B 132 25.41 -8.39 16.02
C ASN B 132 24.78 -7.17 15.36
N LEU B 133 25.55 -6.10 15.30
CA LEU B 133 25.12 -4.82 14.71
C LEU B 133 25.51 -4.67 13.25
N ALA B 134 26.08 -5.70 12.64
CA ALA B 134 26.60 -5.61 11.27
C ALA B 134 25.79 -6.48 10.32
N PRO B 135 25.65 -6.06 9.06
CA PRO B 135 24.98 -6.92 8.09
C PRO B 135 25.79 -8.18 7.85
N ASP B 136 25.18 -9.24 7.34
CA ASP B 136 25.94 -10.42 6.97
C ASP B 136 26.83 -9.91 5.84
N GLY B 137 28.13 -10.27 5.86
CA GLY B 137 29.10 -9.74 4.88
C GLY B 137 29.98 -8.64 5.46
N TYR B 138 29.54 -8.07 6.60
CA TYR B 138 30.23 -7.00 7.27
C TYR B 138 30.38 -5.75 6.35
N GLY B 139 29.33 -5.48 5.58
CA GLY B 139 29.22 -4.26 4.80
C GLY B 139 29.16 -3.01 5.67
N TRP B 140 29.17 -1.87 5.00
CA TRP B 140 29.20 -0.61 5.68
C TRP B 140 27.95 -0.40 6.59
N ALA B 141 28.16 0.27 7.72
CA ALA B 141 27.04 0.59 8.61
C ALA B 141 27.36 1.83 9.44
N SER B 142 26.33 2.64 9.67
CA SER B 142 26.45 3.94 10.34
C SER B 142 25.31 4.18 11.39
N GLY B 143 25.27 3.30 12.37
CA GLY B 143 24.33 3.41 13.48
C GLY B 143 24.83 4.39 14.53
N GLY B 144 24.27 4.38 15.73
CA GLY B 144 23.20 3.55 16.19
C GLY B 144 22.90 3.93 17.63
N TYR B 145 21.85 3.31 18.19
CA TYR B 145 21.31 3.77 19.45
C TYR B 145 20.67 2.63 20.25
N ILE B 146 21.21 2.34 21.44
CA ILE B 146 20.65 1.35 22.35
C ILE B 146 20.46 2.06 23.67
N ALA B 147 19.26 1.91 24.22
CA ALA B 147 18.98 2.41 25.56
C ALA B 147 18.11 1.47 26.39
N ASP B 148 18.33 1.51 27.69
CA ASP B 148 17.52 0.80 28.67
C ASP B 148 17.39 -0.69 28.33
N SER B 149 18.47 -1.27 27.83
CA SER B 149 18.46 -2.67 27.39
C SER B 149 19.47 -3.52 28.16
N LYS B 150 19.23 -4.82 28.14
CA LYS B 150 20.15 -5.80 28.75
C LYS B 150 20.43 -6.85 27.69
N ILE B 151 21.71 -7.03 27.33
CA ILE B 151 22.11 -8.00 26.29
C ILE B 151 22.54 -9.44 26.75
N ASP B 152 22.86 -9.66 27.99
CA ASP B 152 23.40 -10.98 28.41
C ASP B 152 24.75 -11.33 27.82
N GLY B 153 24.84 -11.40 26.50
CA GLY B 153 26.08 -11.74 25.86
C GLY B 153 26.80 -10.56 25.27
N GLU B 154 27.41 -10.79 24.13
CA GLU B 154 28.31 -9.81 23.58
C GLU B 154 27.54 -8.88 22.64
N VAL B 155 28.11 -7.73 22.39
CA VAL B 155 27.58 -6.82 21.38
C VAL B 155 28.72 -6.70 20.43
N GLY B 156 28.49 -7.09 19.18
CA GLY B 156 29.54 -7.08 18.17
C GLY B 156 29.20 -6.01 17.12
N PRO B 157 29.90 -4.88 17.15
CA PRO B 157 29.57 -3.86 16.13
C PRO B 157 30.24 -4.15 14.79
N TYR B 158 31.36 -4.88 14.80
CA TYR B 158 32.19 -5.12 13.62
C TYR B 158 32.45 -3.86 12.76
N SER B 159 31.76 -3.75 11.62
CA SER B 159 31.90 -2.62 10.69
C SER B 159 31.22 -1.30 11.12
N GLN B 160 30.32 -1.34 12.09
CA GLN B 160 29.66 -0.09 12.57
C GLN B 160 30.65 1.03 12.85
N GLN B 161 30.46 2.19 12.23
CA GLN B 161 31.45 3.25 12.40
C GLN B 161 31.47 3.79 13.82
N GLN B 162 30.26 3.97 14.35
CA GLN B 162 30.07 4.58 15.64
C GLN B 162 28.80 4.04 16.26
N TRP B 163 28.61 4.33 17.54
CA TRP B 163 27.45 3.83 18.27
C TRP B 163 27.28 4.53 19.61
N TYR B 164 26.03 4.67 20.07
CA TYR B 164 25.77 5.20 21.41
C TYR B 164 24.89 4.25 22.18
N THR B 165 25.33 3.92 23.39
CA THR B 165 24.56 3.05 24.27
C THR B 165 24.42 3.77 25.60
N ARG B 166 23.18 3.77 26.10
CA ARG B 166 22.99 4.29 27.48
C ARG B 166 22.08 3.47 28.36
N ASP B 167 22.43 3.54 29.64
CA ASP B 167 21.58 3.07 30.73
C ASP B 167 21.11 1.66 30.43
N SER B 168 22.11 0.81 30.32
CA SER B 168 21.96 -0.55 29.85
C SER B 168 22.96 -1.44 30.58
N SER B 169 22.91 -2.72 30.21
CA SER B 169 23.83 -3.74 30.69
C SER B 169 24.22 -4.64 29.51
N VAL B 170 25.52 -4.84 29.30
CA VAL B 170 26.01 -5.73 28.25
C VAL B 170 26.94 -6.79 28.86
N GLY B 171 26.86 -8.01 28.40
CA GLY B 171 27.76 -9.05 28.90
C GLY B 171 29.19 -8.80 28.41
N GLY B 172 29.31 -8.14 27.24
CA GLY B 172 30.61 -7.80 26.63
C GLY B 172 30.43 -6.86 25.45
N TRP B 173 31.53 -6.29 24.99
CA TRP B 173 31.56 -5.41 23.82
C TRP B 173 32.79 -5.70 22.98
N GLY B 174 32.59 -6.02 21.70
CA GLY B 174 33.65 -6.54 20.86
C GLY B 174 34.68 -5.55 20.36
N ASN B 175 34.25 -4.40 19.85
CA ASN B 175 35.21 -3.52 19.19
C ASN B 175 34.63 -2.18 18.90
N GLY B 176 35.55 -1.24 18.71
CA GLY B 176 35.23 0.13 18.33
C GLY B 176 35.98 0.44 17.05
N VAL B 177 35.30 1.16 16.14
CA VAL B 177 35.82 1.54 14.83
C VAL B 177 36.29 3.01 14.86
N TRP B 178 35.35 3.96 14.82
CA TRP B 178 35.67 5.38 15.03
C TRP B 178 35.18 6.04 16.34
N ASN B 179 33.99 5.69 16.82
CA ASN B 179 33.44 6.36 18.03
C ASN B 179 32.33 5.58 18.71
N MET B 180 32.69 4.71 19.64
CA MET B 180 31.70 4.02 20.46
C MET B 180 31.68 4.75 21.80
N THR B 181 30.51 5.27 22.13
CA THR B 181 30.26 6.03 23.36
C THR B 181 29.23 5.32 24.23
N PHE B 182 29.46 5.36 25.55
CA PHE B 182 28.64 4.65 26.51
C PHE B 182 28.42 5.60 27.67
N SER B 183 27.19 5.68 28.18
CA SER B 183 26.95 6.38 29.43
C SER B 183 25.95 5.56 30.26
N GLY B 184 26.33 5.26 31.49
CA GLY B 184 25.49 4.44 32.33
C GLY B 184 25.39 2.99 31.93
N VAL B 185 26.42 2.48 31.29
CA VAL B 185 26.39 1.10 30.79
C VAL B 185 27.30 0.18 31.62
N GLU B 186 26.69 -0.79 32.29
CA GLU B 186 27.51 -1.81 32.96
C GLU B 186 27.91 -2.90 32.01
N GLY B 187 29.22 -3.14 31.93
CA GLY B 187 29.78 -4.02 30.92
C GLY B 187 30.42 -3.20 29.80
N ALA B 188 30.33 -1.88 29.96
CA ALA B 188 30.93 -0.99 28.98
C ALA B 188 32.43 -1.18 29.04
N PRO B 189 33.08 -1.25 27.87
CA PRO B 189 34.54 -1.26 27.87
C PRO B 189 35.06 -0.02 28.58
N ALA B 190 36.21 -0.15 29.24
CA ALA B 190 36.86 0.98 29.90
C ALA B 190 37.14 2.15 28.93
N GLN B 191 37.06 3.37 29.45
CA GLN B 191 37.50 4.55 28.71
C GLN B 191 38.91 4.34 28.14
N SER B 192 39.08 4.51 26.82
CA SER B 192 40.40 4.29 26.21
C SER B 192 40.73 5.15 24.98
N PHE B 193 39.85 6.10 24.62
CA PHE B 193 40.05 6.88 23.38
C PHE B 193 41.45 7.50 23.49
N PRO B 194 42.22 7.52 22.41
CA PRO B 194 41.84 7.32 21.01
C PRO B 194 41.69 5.88 20.60
N GLU B 195 42.43 4.94 21.19
CA GLU B 195 42.29 3.53 20.77
C GLU B 195 42.35 2.46 21.89
N PRO B 196 41.41 1.47 21.87
CA PRO B 196 40.12 1.47 21.15
C PRO B 196 39.39 2.77 21.32
N PRO B 197 38.61 3.19 20.31
CA PRO B 197 38.03 4.54 20.50
C PRO B 197 36.72 4.43 21.27
N TYR B 198 36.88 4.29 22.57
CA TYR B 198 35.79 4.11 23.54
C TYR B 198 35.74 5.31 24.43
N THR B 199 34.55 5.95 24.44
CA THR B 199 34.23 7.07 25.31
C THR B 199 33.21 6.56 26.30
N THR B 200 33.63 6.46 27.56
CA THR B 200 32.84 5.74 28.55
C THR B 200 32.69 6.61 29.79
N LEU B 201 31.43 6.92 30.11
CA LEU B 201 31.02 7.67 31.29
C LEU B 201 30.24 6.73 32.20
N GLU B 202 30.54 6.71 33.51
CA GLU B 202 29.90 5.69 34.42
C GLU B 202 28.38 5.95 34.47
N THR B 203 27.96 7.19 34.33
CA THR B 203 26.54 7.56 34.44
C THR B 203 26.07 8.46 33.29
N THR B 204 24.74 8.57 33.16
CA THR B 204 24.11 9.59 32.33
C THR B 204 23.58 10.66 33.25
N PRO B 205 23.95 11.92 33.01
CA PRO B 205 23.64 12.90 34.07
C PRO B 205 22.14 13.01 34.31
N VAL B 206 21.37 12.93 33.24
CA VAL B 206 19.93 12.88 33.38
C VAL B 206 19.29 12.10 32.23
N SER B 207 18.34 11.25 32.59
CA SER B 207 17.62 10.49 31.58
C SER B 207 16.21 10.15 32.02
N ARG B 208 15.36 9.98 31.04
CA ARG B 208 13.98 9.59 31.30
C ARG B 208 13.64 8.70 30.13
N GLU B 209 13.04 7.56 30.44
CA GLU B 209 12.81 6.57 29.41
C GLU B 209 11.55 6.85 28.63
N LYS B 210 11.60 6.50 27.35
CA LYS B 210 10.51 6.83 26.41
C LYS B 210 9.18 6.21 26.87
N PRO B 211 8.09 6.99 26.84
CA PRO B 211 6.78 6.38 27.09
C PRO B 211 6.44 5.31 26.06
N PHE B 212 5.62 4.33 26.44
CA PHE B 212 5.29 3.24 25.53
C PHE B 212 3.88 2.68 25.82
N LEU B 213 3.16 2.29 24.77
CA LEU B 213 1.88 1.61 24.93
C LEU B 213 2.11 0.22 25.49
N TYR B 214 1.19 -0.22 26.34
CA TYR B 214 1.23 -1.61 26.80
C TYR B 214 -0.19 -2.03 27.20
N LEU B 215 -0.35 -3.26 27.64
CA LEU B 215 -1.65 -3.77 28.06
C LEU B 215 -1.76 -4.09 29.55
N ASP B 216 -2.96 -3.77 30.08
CA ASP B 216 -3.35 -3.90 31.47
C ASP B 216 -4.56 -4.85 31.53
N GLY B 217 -4.35 -6.15 31.38
CA GLY B 217 -5.47 -7.08 31.21
C GLY B 217 -6.03 -7.08 29.78
N ASP B 218 -7.14 -6.39 29.54
CA ASP B 218 -7.41 -5.99 28.14
C ASP B 218 -7.46 -4.50 27.89
N ASP B 219 -7.12 -3.69 28.90
CA ASP B 219 -7.09 -2.22 28.71
C ASP B 219 -5.73 -1.69 28.22
N TYR B 220 -5.72 -1.04 27.07
CA TYR B 220 -4.53 -0.29 26.67
C TYR B 220 -4.23 0.87 27.63
N LYS B 221 -2.93 1.11 27.83
CA LYS B 221 -2.44 2.24 28.61
C LYS B 221 -1.09 2.66 28.02
N VAL B 222 -0.61 3.82 28.45
CA VAL B 222 0.71 4.33 28.09
C VAL B 222 1.51 4.49 29.40
N PHE B 223 2.63 3.79 29.51
CA PHE B 223 3.52 3.96 30.64
C PHE B 223 4.41 5.14 30.44
N VAL B 224 4.52 5.99 31.46
CA VAL B 224 5.33 7.19 31.41
C VAL B 224 6.39 7.07 32.50
N PRO B 225 7.57 6.58 32.12
CA PRO B 225 8.68 6.41 33.06
C PRO B 225 9.12 7.63 33.81
N ALA B 226 9.87 7.34 34.86
CA ALA B 226 10.28 8.33 35.82
C ALA B 226 11.68 8.85 35.54
N LYS B 227 11.83 10.11 35.89
CA LYS B 227 13.08 10.80 35.62
C LYS B 227 14.11 10.18 36.51
N ARG B 228 15.31 10.02 35.96
CA ARG B 228 16.42 9.46 36.72
C ARG B 228 17.62 10.39 36.66
N THR B 229 18.32 10.52 37.78
CA THR B 229 19.56 11.27 37.81
C THR B 229 20.77 10.33 37.98
N ASN B 230 21.89 10.62 37.31
CA ASN B 230 23.06 9.74 37.36
C ASN B 230 22.68 8.27 37.10
N ALA B 231 21.93 8.09 36.03
CA ALA B 231 21.42 6.80 35.63
C ALA B 231 22.54 5.83 35.28
N ARG B 232 22.35 4.56 35.65
CA ARG B 232 23.18 3.44 35.19
C ARG B 232 22.30 2.19 35.12
N GLY B 233 22.60 1.33 34.17
CA GLY B 233 21.83 0.10 34.04
C GLY B 233 20.37 0.35 33.66
N THR B 234 19.62 -0.74 33.58
CA THR B 234 18.25 -0.68 33.10
C THR B 234 17.30 -0.14 34.20
N SER B 235 16.16 0.36 33.74
CA SER B 235 15.11 0.86 34.61
C SER B 235 14.10 -0.21 35.04
N TRP B 236 14.33 -1.42 34.61
CA TRP B 236 13.33 -2.49 34.76
C TRP B 236 13.97 -3.72 35.38
N GLY B 237 13.13 -4.59 35.85
CA GLY B 237 13.50 -5.72 36.72
C GLY B 237 14.35 -5.44 37.98
N ASN B 238 14.10 -4.35 38.71
CA ASN B 238 14.46 -4.24 40.15
C ASN B 238 13.13 -4.57 40.80
N GLY B 239 12.30 -5.34 40.09
CA GLY B 239 10.85 -5.28 40.22
C GLY B 239 9.96 -4.64 39.10
N THR B 240 10.25 -3.40 38.58
CA THR B 240 9.28 -2.42 37.87
C THR B 240 9.76 -1.04 38.18
N PRO B 241 9.78 -0.06 37.22
CA PRO B 241 10.21 1.24 37.76
C PRO B 241 9.13 2.19 38.24
N GLU B 242 9.58 3.26 38.86
CA GLU B 242 8.68 4.35 39.13
C GLU B 242 8.23 4.94 37.76
N GLY B 243 7.01 5.48 37.76
CA GLY B 243 6.43 6.07 36.57
C GLY B 243 5.00 5.62 36.47
N GLU B 244 4.17 6.49 35.95
CA GLU B 244 2.75 6.20 35.93
C GLU B 244 2.34 5.76 34.57
N SER B 245 1.07 5.33 34.51
CA SER B 245 0.45 5.07 33.24
C SER B 245 -0.12 6.37 32.76
N LEU B 246 -0.92 6.18 31.69
CA LEU B 246 -2.10 6.96 31.34
C LEU B 246 -3.09 5.98 30.65
N PRO B 247 -4.37 5.90 31.09
CA PRO B 247 -5.40 5.21 30.32
C PRO B 247 -5.55 5.65 28.87
N LEU B 248 -5.79 4.73 27.95
CA LEU B 248 -5.91 5.08 26.52
C LEU B 248 -7.00 6.13 26.27
N ASP B 249 -8.06 6.13 27.09
CA ASP B 249 -9.18 7.08 26.85
C ASP B 249 -8.76 8.51 27.23
N GLN B 250 -7.53 8.64 27.74
CA GLN B 250 -6.91 9.92 28.05
C GLN B 250 -6.16 10.48 26.83
N PHE B 251 -6.18 9.75 25.73
CA PHE B 251 -5.52 10.18 24.48
C PHE B 251 -6.50 10.45 23.36
N TYR B 252 -6.24 11.49 22.57
CA TYR B 252 -6.81 11.62 21.24
C TYR B 252 -6.00 10.72 20.30
N VAL B 253 -6.68 9.76 19.68
CA VAL B 253 -6.05 8.84 18.71
C VAL B 253 -6.11 9.44 17.34
N VAL B 254 -5.00 10.03 16.95
CA VAL B 254 -4.83 10.70 15.68
C VAL B 254 -4.79 9.63 14.58
N LYS B 255 -5.81 9.60 13.71
CA LYS B 255 -5.76 8.89 12.41
C LYS B 255 -5.59 9.98 11.37
N PRO B 256 -4.74 9.75 10.35
CA PRO B 256 -4.63 10.78 9.29
C PRO B 256 -6.02 11.02 8.74
N GLY B 257 -6.67 12.06 9.27
CA GLY B 257 -8.11 12.31 9.24
C GLY B 257 -8.33 13.45 10.25
N ALA B 258 -7.46 13.45 11.24
CA ALA B 258 -7.27 14.62 12.08
C ALA B 258 -6.77 15.74 11.19
N THR B 259 -6.78 16.95 11.73
CA THR B 259 -6.10 18.07 11.17
C THR B 259 -5.40 18.77 12.32
N ALA B 260 -4.66 19.84 12.02
CA ALA B 260 -4.12 20.69 13.04
C ALA B 260 -5.17 21.31 13.99
N GLU B 261 -6.30 21.85 13.52
CA GLU B 261 -7.22 22.47 14.52
C GLU B 261 -7.73 21.40 15.54
N THR B 262 -8.08 20.19 15.11
CA THR B 262 -8.52 19.16 16.10
C THR B 262 -7.45 18.66 17.08
N ILE B 263 -6.23 18.44 16.57
CA ILE B 263 -5.11 18.02 17.43
C ILE B 263 -5.00 19.03 18.50
N ASN B 264 -4.92 20.27 18.10
CA ASN B 264 -4.72 21.36 19.04
C ASN B 264 -5.86 21.51 20.02
N ALA B 265 -7.07 21.35 19.52
CA ALA B 265 -8.25 21.38 20.36
C ALA B 265 -8.22 20.22 21.36
N ALA B 266 -7.69 19.08 20.95
CA ALA B 266 -7.61 17.95 21.86
C ALA B 266 -6.71 18.30 23.04
N VAL B 267 -5.60 18.97 22.72
CA VAL B 267 -4.65 19.44 23.72
C VAL B 267 -5.26 20.28 24.83
N ASP B 268 -5.98 21.33 24.44
CA ASP B 268 -6.42 22.29 25.45
C ASP B 268 -7.67 21.76 26.14
N GLN B 269 -8.31 20.76 25.53
CA GLN B 269 -9.34 20.02 26.23
C GLN B 269 -8.73 18.98 27.23
N GLY B 270 -7.40 18.89 27.28
CA GLY B 270 -6.75 18.03 28.28
C GLY B 270 -6.31 16.65 27.84
N LEU B 271 -6.47 16.35 26.55
CA LEU B 271 -6.07 15.04 26.05
C LEU B 271 -4.61 14.98 25.63
N HIS B 272 -4.00 13.84 25.87
CA HIS B 272 -2.71 13.54 25.28
C HIS B 272 -2.90 13.15 23.82
N LEU B 273 -1.80 12.87 23.13
CA LEU B 273 -1.84 12.59 21.70
C LEU B 273 -1.13 11.26 21.38
N LEU B 274 -1.83 10.37 20.73
CA LEU B 274 -1.23 9.14 20.22
C LEU B 274 -1.39 9.14 18.71
N PHE B 275 -0.27 9.22 18.01
CA PHE B 275 -0.31 9.25 16.56
C PHE B 275 -0.24 7.84 16.01
N THR B 276 -1.33 7.37 15.41
CA THR B 276 -1.29 6.06 14.80
C THR B 276 -0.45 6.11 13.54
N PRO B 277 0.06 4.94 13.06
CA PRO B 277 1.01 5.03 11.96
C PRO B 277 0.41 5.57 10.70
N GLY B 278 1.00 6.65 10.20
CA GLY B 278 0.48 7.29 9.02
C GLY B 278 1.25 8.56 8.73
N VAL B 279 0.75 9.33 7.78
CA VAL B 279 1.35 10.60 7.40
C VAL B 279 0.30 11.67 7.50
N TYR B 280 0.65 12.72 8.23
CA TYR B 280 -0.27 13.75 8.64
C TYR B 280 0.19 15.12 8.12
N HIS B 281 -0.48 15.60 7.07
CA HIS B 281 -0.20 16.94 6.57
C HIS B 281 -0.97 17.92 7.48
N VAL B 282 -0.30 18.98 7.93
CA VAL B 282 -0.91 20.02 8.74
C VAL B 282 -0.70 21.40 8.05
N ASP B 283 -1.68 22.31 8.19
CA ASP B 283 -1.53 23.69 7.70
C ASP B 283 -1.45 24.75 8.81
N GLN B 284 -1.37 24.32 10.04
CA GLN B 284 -0.87 25.14 11.13
C GLN B 284 -0.02 24.26 12.08
N PRO B 285 0.86 24.88 12.87
CA PRO B 285 1.62 24.16 13.89
C PRO B 285 0.76 23.37 14.89
N ILE B 286 1.14 22.13 15.11
CA ILE B 286 0.67 21.41 16.27
C ILE B 286 1.25 22.09 17.49
N GLU B 287 0.36 22.60 18.33
CA GLU B 287 0.71 23.41 19.52
C GLU B 287 0.54 22.54 20.76
N ILE B 288 1.61 22.32 21.52
CA ILE B 288 1.50 21.58 22.79
C ILE B 288 1.88 22.50 23.93
N ASP B 289 0.86 22.79 24.71
CA ASP B 289 0.90 23.89 25.62
C ASP B 289 0.30 23.68 26.98
N ARG B 290 0.26 22.42 27.33
CA ARG B 290 -0.27 21.98 28.59
C ARG B 290 0.82 21.11 29.22
N ALA B 291 1.15 21.44 30.46
CA ALA B 291 2.20 20.70 31.14
C ALA B 291 1.90 19.20 31.14
N ASN B 292 2.96 18.41 31.02
CA ASN B 292 2.89 16.94 31.11
C ASN B 292 2.18 16.21 29.95
N THR B 293 1.98 16.93 28.86
CA THR B 293 1.38 16.34 27.68
C THR B 293 2.32 15.36 27.06
N VAL B 294 1.78 14.17 26.77
CA VAL B 294 2.49 13.13 26.02
C VAL B 294 2.03 13.17 24.56
N ALA B 295 2.99 13.18 23.65
CA ALA B 295 2.74 13.11 22.22
C ALA B 295 3.57 11.98 21.68
N LEU B 296 2.90 10.88 21.40
CA LEU B 296 3.58 9.58 21.20
C LEU B 296 3.19 9.04 19.83
N GLY B 297 4.20 8.77 18.99
CA GLY B 297 3.97 8.21 17.67
C GLY B 297 4.21 6.72 17.67
N LEU B 298 3.37 6.03 16.91
CA LEU B 298 3.52 4.63 16.60
C LEU B 298 3.92 4.45 15.12
N GLY B 299 4.77 3.47 14.86
CA GLY B 299 5.05 3.05 13.51
C GLY B 299 5.58 4.19 12.63
N LEU B 300 6.49 5.03 13.14
CA LEU B 300 7.15 6.06 12.34
C LEU B 300 6.14 7.08 11.78
N ALA B 301 5.07 7.29 12.54
CA ALA B 301 4.14 8.38 12.35
C ALA B 301 4.86 9.67 11.96
N THR B 302 4.38 10.28 10.88
CA THR B 302 5.07 11.40 10.25
C THR B 302 4.17 12.63 10.16
N ILE B 303 4.73 13.82 10.44
CA ILE B 303 4.01 15.07 10.31
C ILE B 303 4.70 15.86 9.19
N ILE B 304 3.93 16.32 8.21
CA ILE B 304 4.43 17.19 7.15
C ILE B 304 3.73 18.55 7.24
N PRO B 305 4.51 19.63 7.46
CA PRO B 305 3.87 20.94 7.44
C PRO B 305 3.80 21.55 6.03
N ASP B 306 2.58 21.63 5.50
CA ASP B 306 2.23 22.44 4.33
C ASP B 306 2.37 23.95 4.53
N ASN B 307 2.48 24.69 3.40
CA ASN B 307 2.34 26.16 3.41
C ASN B 307 3.43 26.91 4.20
N GLY B 308 4.58 26.27 4.37
CA GLY B 308 5.71 26.85 5.10
C GLY B 308 5.56 27.02 6.61
N VAL B 309 4.58 26.35 7.19
CA VAL B 309 4.38 26.47 8.62
C VAL B 309 5.35 25.61 9.42
N THR B 310 5.45 25.92 10.71
CA THR B 310 6.16 25.08 11.67
C THR B 310 5.29 23.88 12.01
N ALA B 311 5.86 22.69 12.12
CA ALA B 311 5.06 21.48 12.35
C ALA B 311 4.66 21.35 13.82
N LEU B 312 5.59 21.65 14.71
CA LEU B 312 5.34 21.45 16.14
C LEU B 312 5.99 22.53 16.99
N LYS B 313 5.18 23.09 17.89
CA LYS B 313 5.64 24.13 18.85
C LYS B 313 5.19 23.78 20.24
N VAL B 314 6.15 23.53 21.13
CA VAL B 314 5.85 23.25 22.54
C VAL B 314 5.95 24.57 23.26
N GLY B 315 4.97 24.84 24.12
CA GLY B 315 5.01 26.05 24.93
C GLY B 315 5.96 25.95 26.11
N ASP B 316 5.94 27.02 26.91
CA ASP B 316 6.78 27.20 28.07
C ASP B 316 6.24 26.41 29.27
N VAL B 317 6.13 25.10 29.13
CA VAL B 317 5.56 24.27 30.18
C VAL B 317 6.46 23.07 30.52
N ASP B 318 6.24 22.59 31.75
CA ASP B 318 6.97 21.46 32.29
C ASP B 318 6.50 20.15 31.63
N GLY B 319 7.40 19.19 31.49
CA GLY B 319 7.02 17.81 31.38
C GLY B 319 6.46 17.28 30.06
N VAL B 320 6.54 18.04 29.00
CA VAL B 320 6.01 17.58 27.73
C VAL B 320 6.94 16.49 27.19
N LYS B 321 6.35 15.41 26.70
CA LYS B 321 7.11 14.28 26.20
C LYS B 321 6.69 14.06 24.76
N VAL B 322 7.64 14.28 23.85
CA VAL B 322 7.40 14.09 22.44
C VAL B 322 8.23 12.89 22.07
N ALA B 323 7.62 11.91 21.40
CA ALA B 323 8.38 10.70 21.12
C ALA B 323 7.84 9.93 19.93
N GLY B 324 8.76 9.43 19.10
CA GLY B 324 8.40 8.51 18.04
C GLY B 324 7.93 9.09 16.74
N LEU B 325 8.19 10.38 16.51
CA LEU B 325 7.65 11.09 15.34
C LEU B 325 8.72 11.48 14.36
N LEU B 326 8.42 11.30 13.07
CA LEU B 326 9.23 11.86 11.99
C LEU B 326 8.54 13.17 11.56
N VAL B 327 9.34 14.21 11.39
CA VAL B 327 8.85 15.48 10.83
C VAL B 327 9.58 15.69 9.50
N ASP B 328 8.81 15.70 8.41
CA ASP B 328 9.31 15.65 7.03
C ASP B 328 8.94 17.01 6.40
N ALA B 329 9.94 17.79 5.99
CA ALA B 329 9.67 19.10 5.40
C ALA B 329 8.77 19.00 4.16
N GLY B 330 7.94 20.02 3.97
CA GLY B 330 7.20 20.22 2.73
C GLY B 330 8.06 20.99 1.73
N PRO B 331 7.66 20.97 0.46
CA PRO B 331 8.47 21.72 -0.53
C PRO B 331 8.48 23.25 -0.35
N VAL B 332 7.45 23.81 0.28
CA VAL B 332 7.51 25.23 0.70
C VAL B 332 8.39 25.36 1.93
N ASN B 333 9.36 26.25 1.85
CA ASN B 333 10.26 26.46 2.99
C ASN B 333 9.59 26.83 4.29
N SER B 334 9.91 26.06 5.34
CA SER B 334 9.52 26.38 6.68
C SER B 334 10.69 27.07 7.40
N GLU B 335 10.38 28.17 8.05
CA GLU B 335 11.36 28.91 8.82
C GLU B 335 11.89 28.07 9.97
N THR B 336 10.98 27.34 10.60
CA THR B 336 11.35 26.30 11.56
C THR B 336 10.46 25.08 11.39
N LEU B 337 10.98 23.88 11.69
CA LEU B 337 10.15 22.68 11.71
C LEU B 337 9.64 22.30 13.12
N VAL B 338 10.51 22.43 14.11
CA VAL B 338 10.17 22.12 15.51
C VAL B 338 10.73 23.18 16.45
N GLU B 339 9.86 23.78 17.27
CA GLU B 339 10.31 24.65 18.34
C GLU B 339 10.00 24.05 19.71
N VAL B 340 10.89 24.27 20.66
CA VAL B 340 10.66 23.79 22.00
C VAL B 340 10.84 24.99 22.90
N GLY B 341 9.71 25.60 23.23
CA GLY B 341 9.69 26.81 24.03
C GLY B 341 9.67 28.03 23.15
N SER B 342 9.32 29.15 23.75
CA SER B 342 9.17 30.38 22.97
C SER B 342 10.52 31.06 22.74
N ASP B 343 10.59 31.77 21.59
CA ASP B 343 11.62 32.75 21.18
C ASP B 343 12.04 33.30 22.55
N GLY B 344 13.28 33.12 22.89
CA GLY B 344 13.81 33.64 24.14
C GLY B 344 12.88 33.39 25.33
N ALA B 345 12.78 32.14 25.77
CA ALA B 345 12.11 31.76 27.01
C ALA B 345 13.04 31.67 28.21
N SER B 346 12.46 31.82 29.40
CA SER B 346 13.18 32.26 30.62
C SER B 346 13.01 31.45 31.92
N GLY B 347 12.02 30.57 31.97
CA GLY B 347 11.80 29.77 33.16
C GLY B 347 12.62 28.52 33.25
N ASP B 348 12.64 27.90 34.43
CA ASP B 348 13.32 26.63 34.63
C ASP B 348 12.33 25.47 34.67
N HIS B 349 12.78 24.29 34.23
CA HIS B 349 11.92 23.09 34.17
C HIS B 349 12.69 21.90 34.77
N ALA B 350 13.41 22.19 35.86
CA ALA B 350 14.37 21.28 36.47
C ALA B 350 13.83 19.92 36.85
N ALA B 351 12.83 19.95 37.71
CA ALA B 351 12.30 18.75 38.33
C ALA B 351 11.59 17.88 37.26
N ASN B 352 11.02 18.55 36.26
CA ASN B 352 10.18 17.91 35.23
C ASN B 352 10.32 18.53 33.82
N PRO B 353 11.41 18.16 33.15
CA PRO B 353 11.73 18.77 31.84
C PRO B 353 10.83 18.31 30.70
N THR B 354 10.89 19.06 29.61
CA THR B 354 10.33 18.63 28.32
C THR B 354 11.40 17.85 27.61
N SER B 355 10.96 16.86 26.85
CA SER B 355 11.90 16.04 26.11
C SER B 355 11.40 15.65 24.73
N LEU B 356 12.37 15.46 23.84
CA LEU B 356 12.17 14.97 22.51
C LEU B 356 12.95 13.65 22.48
N GLN B 357 12.27 12.57 22.13
CA GLN B 357 12.90 11.24 22.05
C GLN B 357 12.49 10.55 20.78
N ASP B 358 13.45 9.98 20.06
CA ASP B 358 13.14 9.38 18.75
C ASP B 358 12.31 10.35 17.89
N VAL B 359 12.75 11.60 17.87
CA VAL B 359 12.19 12.60 16.99
C VAL B 359 13.18 12.76 15.85
N PHE B 360 12.72 12.44 14.65
CA PHE B 360 13.57 12.48 13.49
C PHE B 360 13.05 13.54 12.53
N VAL B 361 13.97 14.20 11.85
CA VAL B 361 13.59 15.24 10.90
C VAL B 361 14.25 14.95 9.57
N ARG B 362 13.48 15.10 8.50
CA ARG B 362 13.96 14.86 7.13
C ARG B 362 13.66 16.09 6.29
N ILE B 363 14.65 16.57 5.54
CA ILE B 363 14.47 17.61 4.58
C ILE B 363 14.82 17.09 3.20
N GLY B 364 13.80 16.82 2.38
CA GLY B 364 14.03 16.30 1.04
C GLY B 364 14.13 14.79 1.03
N GLY B 365 14.26 14.21 -0.16
CA GLY B 365 14.48 12.77 -0.27
C GLY B 365 13.23 12.03 -0.71
N ALA B 366 12.09 12.39 -0.12
CA ALA B 366 10.80 11.85 -0.52
C ALA B 366 10.02 12.90 -1.34
N GLY B 367 10.78 13.65 -2.12
CA GLY B 367 10.27 14.81 -2.83
C GLY B 367 10.93 16.06 -2.29
N PRO B 368 10.84 17.19 -3.02
CA PRO B 368 11.59 18.34 -2.54
C PRO B 368 11.05 18.85 -1.21
N GLY B 369 11.97 19.30 -0.38
CA GLY B 369 11.67 19.80 0.93
C GLY B 369 12.72 20.83 1.32
N LYS B 370 12.29 21.86 2.03
CA LYS B 370 13.17 22.92 2.52
C LYS B 370 12.76 23.45 3.87
N ALA B 371 13.73 23.79 4.70
CA ALA B 371 13.52 24.49 5.96
C ALA B 371 14.78 25.24 6.36
N THR B 372 14.62 26.38 7.02
CA THR B 372 15.77 27.19 7.39
C THR B 372 16.50 26.61 8.61
N THR B 373 15.75 26.41 9.69
CA THR B 373 16.24 25.75 10.90
C THR B 373 15.28 24.64 11.27
N SER B 374 15.81 23.44 11.50
CA SER B 374 14.90 22.30 11.74
C SER B 374 14.40 22.19 13.19
N ILE B 375 15.29 22.27 14.16
CA ILE B 375 14.85 22.25 15.56
C ILE B 375 15.49 23.36 16.36
N VAL B 376 14.63 24.17 17.00
CA VAL B 376 15.10 25.23 17.88
C VAL B 376 14.68 24.87 19.27
N VAL B 377 15.66 24.74 20.14
CA VAL B 377 15.40 24.43 21.55
C VAL B 377 15.64 25.67 22.40
N ASN B 378 14.54 26.32 22.80
CA ASN B 378 14.58 27.49 23.68
C ASN B 378 14.42 27.16 25.18
N SER B 379 13.61 26.18 25.51
CA SER B 379 13.29 25.90 26.91
C SER B 379 14.44 25.30 27.72
N ASN B 380 14.68 25.89 28.88
CA ASN B 380 15.72 25.40 29.78
C ASN B 380 15.39 23.97 30.21
N ASP B 381 16.44 23.19 30.47
CA ASP B 381 16.33 21.83 31.04
C ASP B 381 15.91 20.74 30.06
N THR B 382 15.69 21.13 28.82
CA THR B 382 15.19 20.21 27.81
C THR B 382 16.17 19.07 27.58
N ILE B 383 15.61 17.87 27.48
CA ILE B 383 16.41 16.69 27.13
C ILE B 383 16.10 16.23 25.68
N ILE B 384 17.14 16.08 24.85
CA ILE B 384 16.98 15.53 23.53
C ILE B 384 17.71 14.21 23.57
N ASP B 385 16.94 13.13 23.55
CA ASP B 385 17.45 11.78 23.79
C ASP B 385 17.11 10.96 22.55
N HIS B 386 18.10 10.85 21.67
CA HIS B 386 17.97 10.25 20.34
C HIS B 386 17.24 11.08 19.32
N THR B 387 18.04 11.74 18.52
CA THR B 387 17.51 12.56 17.43
C THR B 387 18.36 12.38 16.17
N TRP B 388 17.70 12.29 15.02
CA TRP B 388 18.35 12.35 13.70
C TRP B 388 17.70 13.45 12.90
N VAL B 389 18.51 14.46 12.59
CA VAL B 389 18.09 15.67 11.89
C VAL B 389 18.91 15.67 10.61
N TRP B 390 18.24 15.36 9.51
CA TRP B 390 18.89 14.91 8.28
C TRP B 390 18.41 15.67 7.07
N ARG B 391 19.31 16.43 6.46
CA ARG B 391 19.06 17.01 5.15
C ARG B 391 19.42 15.92 4.16
N ALA B 392 18.46 15.50 3.33
CA ALA B 392 18.66 14.34 2.50
C ALA B 392 19.83 14.47 1.50
N ASP B 393 20.70 13.46 1.47
CA ASP B 393 21.78 13.38 0.52
C ASP B 393 21.47 12.51 -0.70
N HIS B 394 20.36 11.79 -0.67
CA HIS B 394 19.95 10.96 -1.80
C HIS B 394 18.45 10.94 -1.83
N GLY B 395 17.91 10.61 -2.98
CA GLY B 395 16.47 10.48 -3.10
C GLY B 395 15.86 11.32 -4.19
N GLU B 396 14.57 11.54 -4.05
CA GLU B 396 13.88 12.45 -4.90
C GLU B 396 13.83 13.79 -4.25
N GLY B 397 14.07 14.78 -5.10
CA GLY B 397 14.17 16.18 -4.73
C GLY B 397 15.32 16.64 -3.86
N VAL B 398 16.55 16.28 -4.24
CA VAL B 398 17.76 16.65 -3.51
C VAL B 398 18.68 17.47 -4.41
N GLY B 399 19.34 18.46 -3.78
CA GLY B 399 20.15 19.45 -4.49
C GLY B 399 20.54 20.63 -3.59
N TRP B 400 21.70 21.18 -3.86
CA TRP B 400 22.29 22.25 -3.04
C TRP B 400 21.30 23.36 -2.81
N GLU B 401 20.47 23.64 -3.81
CA GLU B 401 19.34 24.55 -3.65
C GLU B 401 17.99 23.84 -3.49
N THR B 402 17.79 22.79 -4.27
CA THR B 402 16.51 22.08 -4.29
C THR B 402 16.00 21.67 -2.90
N ASN B 403 16.88 21.09 -2.08
CA ASN B 403 16.52 20.83 -0.70
C ASN B 403 17.45 21.55 0.29
N ARG B 404 17.76 22.81 -0.03
CA ARG B 404 18.56 23.64 0.87
C ARG B 404 17.96 23.67 2.28
N ALA B 405 18.85 23.54 3.24
CA ALA B 405 18.49 23.65 4.65
C ALA B 405 19.69 24.14 5.38
N ASP B 406 19.66 25.39 5.83
CA ASP B 406 20.90 25.99 6.33
C ASP B 406 21.33 25.46 7.68
N TYR B 407 20.36 25.32 8.60
CA TYR B 407 20.66 25.01 9.99
C TYR B 407 19.90 23.82 10.52
N GLY B 408 20.58 22.95 11.22
CA GLY B 408 19.95 21.74 11.74
C GLY B 408 19.26 22.00 13.06
N VAL B 409 20.07 22.04 14.10
CA VAL B 409 19.58 22.24 15.48
C VAL B 409 20.23 23.48 16.03
N HIS B 410 19.42 24.32 16.70
CA HIS B 410 19.89 25.51 17.40
C HIS B 410 19.42 25.44 18.84
N VAL B 411 20.35 25.30 19.76
CA VAL B 411 20.00 25.24 21.18
C VAL B 411 20.25 26.59 21.84
N LYS B 412 19.16 27.23 22.26
CA LYS B 412 19.21 28.53 22.97
C LYS B 412 18.96 28.43 24.46
N GLY B 413 18.32 27.36 24.92
CA GLY B 413 17.98 27.22 26.34
C GLY B 413 19.21 26.83 27.14
N ASP B 414 19.15 26.99 28.49
CA ASP B 414 20.22 26.63 29.38
C ASP B 414 19.99 25.24 29.98
N ASN B 415 21.07 24.59 30.35
CA ASN B 415 21.02 23.28 30.97
C ASN B 415 20.31 22.23 30.09
N VAL B 416 20.49 22.37 28.79
CA VAL B 416 19.96 21.38 27.84
C VAL B 416 20.92 20.23 27.68
N LEU B 417 20.37 19.02 27.59
CA LEU B 417 21.19 17.80 27.47
C LEU B 417 20.78 17.12 26.18
N ALA B 418 21.76 16.76 25.37
CA ALA B 418 21.58 15.91 24.21
C ALA B 418 22.31 14.58 24.40
N THR B 419 21.58 13.47 24.32
CA THR B 419 22.16 12.13 24.40
C THR B 419 21.83 11.39 23.10
N GLY B 420 22.83 11.18 22.26
CA GLY B 420 22.60 10.49 21.00
C GLY B 420 22.11 11.46 19.95
N LEU B 421 22.98 12.42 19.63
CA LEU B 421 22.70 13.50 18.68
C LEU B 421 23.29 13.16 17.30
N PHE B 422 22.42 12.94 16.30
CA PHE B 422 22.84 12.68 14.90
C PHE B 422 22.31 13.82 14.00
N VAL B 423 23.17 14.59 13.36
CA VAL B 423 22.75 15.73 12.53
C VAL B 423 23.65 15.83 11.30
N GLU B 424 23.05 15.77 10.11
CA GLU B 424 23.86 15.65 8.88
C GLU B 424 23.39 16.48 7.68
N HIS B 425 24.39 17.00 6.99
CA HIS B 425 24.33 17.57 5.65
C HIS B 425 23.71 18.94 5.47
N PHE B 426 23.64 19.75 6.53
CA PHE B 426 23.12 21.10 6.39
C PHE B 426 24.05 22.01 5.58
N ASN B 427 23.47 22.91 4.78
CA ASN B 427 24.26 23.87 4.03
C ASN B 427 25.22 24.67 4.90
N LYS B 428 24.77 25.05 6.09
CA LYS B 428 25.53 25.87 7.04
C LYS B 428 25.79 25.07 8.33
N TYR B 429 25.59 25.65 9.50
CA TYR B 429 25.93 24.96 10.73
C TYR B 429 24.93 23.86 11.07
N ASP B 430 25.40 22.64 11.25
CA ASP B 430 24.50 21.54 11.54
C ASP B 430 23.91 21.75 12.92
N VAL B 431 24.80 22.02 13.87
CA VAL B 431 24.40 22.31 15.25
C VAL B 431 25.07 23.56 15.72
N GLN B 432 24.24 24.42 16.33
CA GLN B 432 24.72 25.60 17.02
C GLN B 432 24.20 25.61 18.42
N TRP B 433 25.01 26.12 19.32
CA TRP B 433 24.71 26.07 20.73
C TRP B 433 25.14 27.34 21.39
N SER B 434 24.17 28.11 21.86
CA SER B 434 24.52 29.35 22.55
C SER B 434 23.78 29.60 23.85
N GLY B 435 23.18 28.53 24.39
CA GLY B 435 22.75 28.49 25.77
C GLY B 435 23.82 27.91 26.70
N GLU B 436 23.72 28.29 27.96
CA GLU B 436 24.69 27.95 28.97
C GLU B 436 24.53 26.51 29.48
N ASN B 437 25.64 25.96 29.97
CA ASN B 437 25.70 24.61 30.56
C ASN B 437 25.12 23.51 29.69
N GLY B 438 25.21 23.68 28.38
CA GLY B 438 24.87 22.59 27.46
C GLY B 438 25.81 21.38 27.62
N LYS B 439 25.25 20.19 27.45
CA LYS B 439 26.02 18.96 27.41
C LYS B 439 25.55 18.08 26.26
N THR B 440 26.49 17.53 25.50
CA THR B 440 26.21 16.53 24.47
C THR B 440 27.03 15.26 24.74
N ILE B 441 26.33 14.16 24.87
CA ILE B 441 26.94 12.84 24.95
C ILE B 441 26.60 12.08 23.67
N PHE B 442 27.65 11.90 22.86
CA PHE B 442 27.63 11.29 21.51
C PHE B 442 27.06 12.21 20.44
N TYR B 443 27.88 12.52 19.45
CA TYR B 443 27.49 13.30 18.25
C TYR B 443 28.07 12.63 17.01
N GLN B 444 27.20 12.41 16.01
CA GLN B 444 27.61 11.98 14.68
C GLN B 444 27.09 12.95 13.66
N ASN B 445 28.02 13.53 12.93
CA ASN B 445 27.72 14.41 11.80
C ASN B 445 28.41 13.93 10.52
N ALA B 446 27.73 14.13 9.39
CA ALA B 446 28.36 14.19 8.07
C ALA B 446 27.97 15.49 7.40
N LYS B 447 28.98 16.22 6.96
CA LYS B 447 28.78 17.45 6.21
C LYS B 447 28.00 17.25 4.90
N ALA B 448 27.54 18.38 4.36
CA ALA B 448 26.89 18.38 3.06
C ALA B 448 27.78 17.66 2.05
N TYR B 449 27.20 16.83 1.19
CA TYR B 449 27.96 15.97 0.28
C TYR B 449 28.00 16.73 -1.11
N ASP B 450 27.09 17.71 -1.32
CA ASP B 450 26.87 18.37 -2.64
C ASP B 450 27.25 19.86 -2.74
N ALA B 451 28.05 20.31 -1.80
CA ALA B 451 28.63 21.63 -1.91
C ALA B 451 29.34 21.79 -3.25
N PRO B 452 28.95 22.77 -4.06
CA PRO B 452 29.57 22.75 -5.40
C PRO B 452 30.98 23.37 -5.53
N ASP B 453 31.38 24.20 -4.57
CA ASP B 453 32.67 24.88 -4.60
C ASP B 453 32.98 25.46 -3.22
N GLN B 454 34.18 26.00 -3.09
CA GLN B 454 34.61 26.53 -1.83
C GLN B 454 33.85 27.78 -1.43
N ALA B 455 33.54 28.64 -2.40
CA ALA B 455 32.87 29.89 -2.09
C ALA B 455 31.50 29.63 -1.46
N ALA B 456 30.90 28.49 -1.78
CA ALA B 456 29.51 28.17 -1.37
C ALA B 456 29.35 27.89 0.10
N ILE B 457 30.46 27.52 0.77
CA ILE B 457 30.44 27.28 2.21
C ILE B 457 31.33 28.27 3.05
N GLN B 458 31.55 29.48 2.52
CA GLN B 458 32.52 30.47 3.08
C GLN B 458 32.31 31.27 4.42
N ASN B 459 31.89 30.67 5.49
CA ASN B 459 31.70 31.49 6.69
C ASN B 459 32.73 32.65 6.88
N GLY B 460 32.55 33.74 6.12
CA GLY B 460 33.48 34.86 6.04
C GLY B 460 34.96 34.48 5.98
N ASP B 461 35.67 34.58 7.10
CA ASP B 461 37.06 34.15 7.18
C ASP B 461 37.32 32.63 7.31
N ILE B 462 36.28 31.85 7.55
CA ILE B 462 36.39 30.41 7.80
C ILE B 462 35.92 29.65 6.57
N LYS B 463 36.67 28.60 6.21
CA LYS B 463 36.26 27.73 5.13
C LYS B 463 35.27 26.67 5.65
N GLY B 464 34.03 26.79 5.23
CA GLY B 464 32.97 25.91 5.69
C GLY B 464 32.45 26.40 7.03
N TYR B 465 31.44 25.72 7.50
CA TYR B 465 30.73 26.02 8.75
C TYR B 465 30.89 24.77 9.59
N ALA B 466 31.26 24.93 10.84
CA ALA B 466 31.37 23.81 11.77
C ALA B 466 30.12 22.94 11.80
N ALA B 467 30.34 21.64 12.00
CA ALA B 467 29.25 20.73 12.31
C ALA B 467 28.64 21.02 13.70
N TYR B 468 29.44 21.57 14.59
CA TYR B 468 29.01 21.84 15.95
C TYR B 468 29.76 23.05 16.46
N LYS B 469 29.00 24.14 16.63
CA LYS B 469 29.53 25.41 17.09
C LYS B 469 28.89 25.89 18.36
N VAL B 470 29.72 26.10 19.38
CA VAL B 470 29.31 26.72 20.62
C VAL B 470 29.73 28.13 20.49
N ASP B 471 28.87 29.14 20.52
CA ASP B 471 29.59 30.39 20.22
C ASP B 471 30.26 30.98 21.47
N ASP B 472 31.08 31.96 21.22
CA ASP B 472 32.23 32.29 22.04
C ASP B 472 31.72 33.22 23.16
N SER B 473 30.42 33.48 23.17
CA SER B 473 29.81 34.18 24.29
C SER B 473 29.39 33.17 25.38
N VAL B 474 29.50 31.87 25.09
CA VAL B 474 29.16 30.87 26.11
C VAL B 474 30.25 30.71 27.16
N THR B 475 29.91 30.58 28.45
CA THR B 475 30.94 30.26 29.46
C THR B 475 31.07 28.81 29.90
N THR B 476 29.99 28.04 29.78
CA THR B 476 30.01 26.64 30.21
C THR B 476 29.42 25.73 29.12
N HIS B 477 30.15 24.68 28.75
CA HIS B 477 29.66 23.66 27.80
C HIS B 477 30.52 22.40 27.89
N GLU B 478 29.97 21.24 27.60
CA GLU B 478 30.78 20.03 27.62
C GLU B 478 30.22 18.99 26.65
N GLY B 479 31.09 18.35 25.88
CA GLY B 479 30.67 17.38 24.90
C GLY B 479 31.64 16.19 24.94
N TRP B 480 31.08 15.00 24.73
CA TRP B 480 31.86 13.75 24.77
C TRP B 480 31.54 12.91 23.54
N GLY B 481 32.58 12.39 22.87
CA GLY B 481 32.35 11.39 21.83
C GLY B 481 31.69 11.92 20.57
N MET B 482 32.41 12.78 19.87
CA MET B 482 31.83 13.54 18.80
C MET B 482 32.63 13.42 17.52
N GLY B 483 31.95 13.12 16.42
CA GLY B 483 32.62 12.99 15.12
C GLY B 483 31.91 13.70 14.00
N SER B 484 32.71 14.27 13.09
CA SER B 484 32.20 14.86 11.87
C SER B 484 32.95 14.29 10.64
N TYR B 485 32.18 13.84 9.65
CA TYR B 485 32.77 13.25 8.45
C TYR B 485 32.44 14.08 7.22
N CYS B 486 33.39 14.11 6.27
CA CYS B 486 33.14 14.77 4.96
C CYS B 486 33.22 13.82 3.79
N TYR B 487 32.44 14.15 2.77
CA TYR B 487 32.37 13.43 1.49
C TYR B 487 31.89 14.40 0.42
N PHE B 488 32.84 15.20 -0.02
CA PHE B 488 32.55 16.30 -0.94
C PHE B 488 32.64 15.75 -2.35
N ASN B 489 31.54 15.08 -2.69
CA ASN B 489 31.34 14.36 -3.92
C ASN B 489 31.49 15.18 -5.14
N VAL B 490 30.75 16.26 -5.11
CA VAL B 490 30.57 17.09 -6.24
C VAL B 490 31.88 17.79 -6.50
N ASN B 491 32.59 18.18 -5.41
CA ASN B 491 33.87 18.86 -5.57
C ASN B 491 34.88 18.45 -4.50
N PRO B 492 35.65 17.38 -4.78
CA PRO B 492 36.56 16.87 -3.72
C PRO B 492 37.73 17.78 -3.42
N ASP B 493 37.93 18.81 -4.24
CA ASP B 493 38.96 19.79 -3.98
C ASP B 493 38.65 20.70 -2.77
N ILE B 494 37.42 20.60 -2.22
CA ILE B 494 37.00 21.42 -1.09
C ILE B 494 37.76 21.12 0.20
N ARG B 495 37.87 22.14 1.03
CA ARG B 495 38.46 22.04 2.36
C ARG B 495 37.47 22.54 3.40
N GLN B 496 37.31 21.75 4.48
CA GLN B 496 36.52 22.08 5.64
C GLN B 496 37.50 22.47 6.74
N GLN B 497 37.42 23.70 7.25
CA GLN B 497 38.43 24.16 8.26
C GLN B 497 38.42 23.31 9.51
N HIS B 498 37.22 22.93 9.96
CA HIS B 498 37.10 22.14 11.17
C HIS B 498 35.73 21.51 11.32
N GLY B 499 35.65 20.49 12.18
CA GLY B 499 34.39 19.88 12.53
C GLY B 499 33.64 20.68 13.58
N PHE B 500 34.41 21.33 14.45
CA PHE B 500 33.94 21.94 15.70
C PHE B 500 34.51 23.35 15.86
N GLN B 501 33.75 24.23 16.48
CA GLN B 501 34.16 25.58 16.82
C GLN B 501 33.69 25.95 18.23
N ALA B 502 34.59 26.48 19.05
CA ALA B 502 34.27 26.74 20.43
C ALA B 502 35.17 27.79 21.02
N PRO B 503 34.64 28.58 21.97
CA PRO B 503 35.59 29.44 22.68
C PRO B 503 36.60 28.65 23.47
N VAL B 504 37.73 29.30 23.75
CA VAL B 504 38.71 28.75 24.65
C VAL B 504 38.40 29.43 26.00
N LYS B 505 37.94 28.64 26.97
CA LYS B 505 37.49 29.04 28.29
C LYS B 505 37.55 27.84 29.21
N PRO B 506 37.77 28.07 30.53
CA PRO B 506 37.86 26.88 31.40
C PRO B 506 36.56 26.08 31.55
N GLY B 507 35.41 26.71 31.33
CA GLY B 507 34.16 26.02 31.54
C GLY B 507 33.68 25.35 30.26
N VAL B 508 34.40 25.52 29.15
CA VAL B 508 34.06 24.84 27.87
C VAL B 508 35.08 23.73 27.59
N LYS B 509 34.61 22.50 27.55
CA LYS B 509 35.47 21.34 27.45
C LYS B 509 34.90 20.32 26.48
N PHE B 510 35.79 19.73 25.71
CA PHE B 510 35.40 18.58 24.88
C PHE B 510 36.29 17.39 25.12
N HIS B 511 35.71 16.21 24.94
CA HIS B 511 36.40 14.94 25.12
C HIS B 511 36.16 14.05 23.91
N ASP B 512 37.23 13.59 23.27
CA ASP B 512 37.17 12.54 22.26
C ASP B 512 36.45 13.05 21.04
N LEU B 513 37.14 13.97 20.34
CA LEU B 513 36.69 14.53 19.06
C LEU B 513 37.43 13.87 17.89
N LEU B 514 36.76 13.74 16.74
CA LEU B 514 37.38 13.22 15.53
C LEU B 514 36.75 13.85 14.30
N VAL B 515 37.56 14.03 13.27
CA VAL B 515 37.02 14.28 11.94
C VAL B 515 37.58 13.27 10.97
N VAL B 516 36.83 13.03 9.88
CA VAL B 516 37.18 11.97 8.96
C VAL B 516 36.79 12.33 7.52
N SER B 517 37.75 12.26 6.60
CA SER B 517 37.42 12.35 5.18
C SER B 517 37.13 10.95 4.65
N LEU B 518 35.97 10.77 4.03
CA LEU B 518 35.60 9.48 3.44
C LEU B 518 36.24 9.28 2.02
N GLY B 519 37.30 8.50 1.93
CA GLY B 519 37.88 8.18 0.64
C GLY B 519 38.56 9.38 0.00
N GLY B 520 39.15 10.28 0.79
CA GLY B 520 39.88 11.44 0.30
C GLY B 520 39.02 12.46 -0.46
N LYS B 521 37.71 12.34 -0.27
CA LYS B 521 36.74 13.28 -0.83
C LYS B 521 36.64 14.54 -0.01
N GLY B 522 37.35 15.58 -0.44
CA GLY B 522 37.59 16.71 0.41
C GLY B 522 38.52 16.34 1.55
N GLN B 523 38.90 17.35 2.33
CA GLN B 523 39.66 17.14 3.56
C GLN B 523 39.33 18.21 4.59
N TYR B 524 39.52 17.84 5.85
CA TYR B 524 39.50 18.79 6.99
C TYR B 524 40.86 19.45 7.19
N GLU B 525 40.93 20.73 7.54
CA GLU B 525 42.22 21.38 7.87
C GLU B 525 42.63 21.16 9.33
N HIS B 526 41.63 21.01 10.20
CA HIS B 526 41.82 20.81 11.65
C HIS B 526 40.61 20.07 12.19
N VAL B 527 40.66 19.76 13.47
CA VAL B 527 39.53 19.10 14.16
C VAL B 527 38.56 20.11 14.77
N ILE B 528 39.10 20.99 15.61
CA ILE B 528 38.30 21.99 16.30
C ILE B 528 39.11 23.29 16.28
N ASN B 529 38.48 24.43 15.93
CA ASN B 529 39.23 25.68 15.74
C ASN B 529 40.57 25.45 14.99
N ASP B 530 41.71 25.99 15.51
CA ASP B 530 43.05 25.85 14.89
C ASP B 530 43.63 24.46 15.02
N ILE B 531 43.00 23.67 15.87
CA ILE B 531 43.62 22.55 16.56
C ILE B 531 43.29 21.20 15.95
N GLY B 532 44.29 20.31 16.02
CA GLY B 532 44.19 18.96 15.49
C GLY B 532 44.72 18.91 14.07
N ASP B 533 45.26 17.76 13.67
CA ASP B 533 45.84 17.63 12.34
C ASP B 533 44.75 17.75 11.29
N PRO B 534 45.13 18.20 10.09
CA PRO B 534 44.27 17.99 8.93
C PRO B 534 44.12 16.48 8.67
N THR B 535 43.09 16.12 7.93
CA THR B 535 42.98 14.77 7.38
C THR B 535 43.83 14.74 6.13
N SER B 536 44.35 13.56 5.80
CA SER B 536 45.20 13.44 4.63
C SER B 536 45.06 12.07 4.02
N GLY B 537 45.53 11.96 2.78
CA GLY B 537 45.38 10.74 2.00
C GLY B 537 43.92 10.45 1.63
N ASP B 538 43.73 9.23 1.14
CA ASP B 538 42.41 8.75 0.81
C ASP B 538 42.08 7.50 1.57
N THR B 539 42.78 7.28 2.67
CA THR B 539 42.72 5.99 3.35
C THR B 539 41.80 6.06 4.58
N THR B 540 41.06 7.15 4.71
CA THR B 540 39.90 7.16 5.60
C THR B 540 40.29 7.04 7.08
N ILE B 541 41.42 7.64 7.42
CA ILE B 541 41.89 7.58 8.81
C ILE B 541 41.53 8.85 9.55
N PRO B 542 40.82 8.71 10.68
CA PRO B 542 40.41 9.91 11.42
C PRO B 542 41.54 10.73 11.97
N SER B 543 41.29 12.01 12.13
CA SER B 543 42.17 12.90 12.86
C SER B 543 41.48 13.20 14.16
N GLN B 544 42.18 13.00 15.27
CA GLN B 544 41.54 13.00 16.58
C GLN B 544 42.12 14.04 17.53
N VAL B 545 41.26 14.49 18.45
CA VAL B 545 41.66 15.34 19.58
C VAL B 545 41.05 14.73 20.86
N VAL B 546 41.90 14.33 21.82
CA VAL B 546 41.43 13.66 23.03
C VAL B 546 40.71 14.67 23.94
N SER B 547 41.40 15.79 24.15
CA SER B 547 40.89 16.86 24.98
C SER B 547 40.93 18.21 24.26
N PHE B 548 39.81 18.93 24.32
CA PHE B 548 39.82 20.32 23.93
C PHE B 548 39.23 21.16 25.05
N PRO B 549 39.91 22.29 25.37
CA PRO B 549 41.24 22.69 24.95
C PRO B 549 42.03 22.64 26.23
C2 BGC C . 1.35 -27.74 -25.42
C3 BGC C . 1.25 -26.86 -24.28
C4 BGC C . 0.67 -27.53 -23.06
C5 BGC C . 1.29 -28.91 -22.84
C6 BGC C . 0.50 -29.75 -21.92
C1 BGC C . 2.16 -28.95 -25.04
O1 BGC C . 2.32 -29.72 -26.11
O2 BGC C . 1.97 -27.18 -26.58
O3 BGC C . 0.51 -25.62 -24.69
O4 BGC C . 0.86 -26.82 -21.88
O5 BGC C . 1.41 -29.66 -24.03
O6 BGC C . 1.01 -31.06 -21.79
C2 BGC C . 0.55 -23.26 -24.91
C3 BGC C . 1.23 -22.00 -24.50
C4 BGC C . 1.54 -21.96 -23.08
C5 BGC C . 2.21 -23.26 -22.68
C6 BGC C . 2.48 -23.43 -21.25
C1 BGC C . 1.25 -24.50 -24.42
O2 BGC C . 0.50 -23.36 -26.31
O3 BGC C . 0.27 -20.94 -24.89
O4 BGC C . 2.41 -20.87 -22.72
O5 BGC C . 1.38 -24.39 -23.01
O6 BGC C . 2.06 -22.44 -20.37
C2 BGC C . -0.14 -18.80 -25.90
C3 BGC C . 0.47 -17.65 -26.61
C4 BGC C . 1.62 -17.14 -25.87
C5 BGC C . 2.60 -18.28 -25.67
C6 BGC C . 3.73 -17.82 -24.84
C1 BGC C . 0.86 -19.95 -25.71
O2 BGC C . -1.28 -19.34 -26.57
O3 BGC C . -0.54 -16.55 -26.57
O4 BGC C . 2.34 -16.09 -26.51
O5 BGC C . 1.93 -19.35 -24.96
O6 BGC C . 4.49 -18.85 -24.29
C2 BGC C . -2.06 -15.13 -27.74
C3 BGC C . -2.33 -14.42 -29.05
C4 BGC C . -1.06 -13.93 -29.69
C5 BGC C . -0.06 -15.10 -29.79
C6 BGC C . 1.27 -14.73 -30.44
C1 BGC C . -0.95 -16.14 -27.84
O2 BGC C . -3.24 -15.81 -27.29
O3 BGC C . -3.19 -13.31 -28.72
O4 BGC C . -1.24 -13.44 -30.98
O5 BGC C . 0.23 -15.54 -28.46
O6 BGC C . 2.11 -15.86 -30.65
C2 BGC C . -5.29 -12.23 -28.88
C3 BGC C . -6.34 -11.67 -29.77
C4 BGC C . -5.72 -10.96 -30.90
C5 BGC C . -4.70 -11.83 -31.58
C6 BGC C . -3.97 -11.07 -32.66
C1 BGC C . -4.24 -13.07 -29.59
O2 BGC C . -5.85 -13.03 -27.87
O3 BGC C . -7.05 -10.62 -28.99
O4 BGC C . -6.69 -10.53 -31.81
O5 BGC C . -3.69 -12.28 -30.67
O6 BGC C . -3.08 -11.89 -33.40
C2 BGC C . -9.15 -9.72 -28.28
C3 BGC C . -10.62 -9.80 -28.51
C4 BGC C . -10.91 -9.94 -29.92
C5 BGC C . -10.21 -11.20 -30.39
C6 BGC C . -10.49 -11.57 -31.79
C1 BGC C . -8.41 -10.91 -28.92
O2 BGC C . -8.82 -9.67 -26.92
O3 BGC C . -11.28 -8.55 -28.15
O4 BGC C . -12.32 -10.05 -30.25
O5 BGC C . -8.78 -10.99 -30.31
O6 BGC C . -10.07 -12.83 -32.15
C2 BGC D . -5.53 -32.33 -30.99
C3 BGC D . -5.64 -31.37 -32.06
C4 BGC D . -4.42 -30.56 -32.30
C5 BGC D . -3.09 -31.26 -32.16
C6 BGC D . -2.12 -30.26 -31.65
C1 BGC D . -4.28 -33.19 -31.06
O1 BGC D . -4.16 -33.84 -29.90
O2 BGC D . -6.69 -33.17 -30.93
O3 BGC D . -6.69 -30.41 -31.71
O4 BGC D . -4.51 -29.91 -33.55
O5 BGC D . -3.05 -32.42 -31.30
O6 BGC D . -2.55 -28.91 -31.59
C2 BGC D . -8.87 -29.59 -31.82
C3 BGC D . -9.98 -29.20 -32.68
C4 BGC D . -9.46 -28.06 -33.48
C5 BGC D . -8.24 -28.43 -34.33
C6 BGC D . -7.34 -27.32 -34.53
C1 BGC D . -7.71 -30.26 -32.59
O2 BGC D . -9.18 -30.37 -30.71
O3 BGC D . -11.16 -28.91 -31.89
O4 BGC D . -10.46 -27.51 -34.31
O5 BGC D . -7.40 -29.54 -33.85
O6 BGC D . -6.06 -27.66 -34.92
C2 BGC D . -12.92 -29.93 -30.64
C3 BGC D . -14.16 -30.76 -30.78
C4 BGC D . -14.92 -30.58 -32.02
C5 BGC D . -14.07 -30.53 -33.27
C6 BGC D . -14.86 -30.11 -34.51
C1 BGC D . -12.11 -29.89 -31.91
O2 BGC D . -12.11 -30.36 -29.57
O3 BGC D . -15.05 -30.47 -29.65
O4 BGC D . -15.87 -31.61 -32.16
O5 BGC D . -12.95 -29.63 -33.07
O6 BGC D . -15.57 -28.94 -34.43
C2 BGC D . -15.72 -31.33 -27.48
C3 BGC D . -16.45 -32.44 -26.84
C4 BGC D . -17.75 -32.72 -27.51
C5 BGC D . -17.44 -33.03 -28.96
C6 BGC D . -18.62 -33.31 -29.82
C1 BGC D . -15.49 -31.58 -28.96
O2 BGC D . -14.46 -31.05 -26.85
O3 BGC D . -16.68 -32.20 -25.43
O4 BGC D . -18.39 -33.85 -26.89
O5 BGC D . -16.76 -31.94 -29.58
O6 BGC D . -19.86 -33.46 -29.20
C2 BGC D . -15.18 -32.10 -23.49
C3 BGC D . -14.41 -32.89 -22.54
C4 BGC D . -15.15 -34.04 -21.99
C5 BGC D . -15.74 -34.78 -23.13
C6 BGC D . -16.60 -35.85 -22.61
C1 BGC D . -15.81 -32.92 -24.60
O2 BGC D . -14.37 -31.08 -24.12
O3 BGC D . -13.80 -32.11 -21.48
O4 BGC D . -14.33 -34.99 -21.28
O5 BGC D . -16.57 -33.95 -23.94
O6 BGC D . -17.10 -36.79 -23.55
C2 BGC E . 35.65 -9.04 8.27
C3 BGC E . 35.71 -8.18 9.42
C4 BGC E . 35.15 -8.82 10.64
C5 BGC E . 35.82 -10.18 10.82
C6 BGC E . 35.33 -10.83 12.04
C1 BGC E . 36.26 -10.40 8.57
O1 BGC E . 36.20 -11.17 7.51
O2 BGC E . 36.29 -8.51 7.10
O3 BGC E . 35.02 -6.90 9.09
O4 BGC E . 35.43 -8.13 11.81
O5 BGC E . 35.53 -10.99 9.68
O6 BGC E . 34.35 -11.79 11.80
C2 BGC E . 35.07 -4.59 8.85
C3 BGC E . 35.74 -3.32 9.21
C4 BGC E . 36.06 -3.27 10.63
C5 BGC E . 36.69 -4.54 11.15
C6 BGC E . 36.79 -4.61 12.63
C1 BGC E . 35.80 -5.80 9.35
O2 BGC E . 35.07 -4.63 7.44
O3 BGC E . 34.79 -2.25 8.85
O4 BGC E . 36.95 -2.17 10.88
O5 BGC E . 35.96 -5.72 10.75
O6 BGC E . 37.52 -5.71 13.16
C2 BGC E . 34.32 -0.09 7.88
C3 BGC E . 34.97 1.07 7.20
C4 BGC E . 36.15 1.60 7.92
C5 BGC E . 37.10 0.47 8.21
C6 BGC E . 38.16 0.96 9.13
C1 BGC E . 35.32 -1.22 8.08
O2 BGC E . 33.23 -0.63 7.12
O3 BGC E . 33.99 2.16 7.15
O4 BGC E . 36.91 2.58 7.16
O5 BGC E . 36.42 -0.64 8.84
O6 BGC E . 38.97 -0.10 9.62
C2 BGC E . 32.46 3.57 6.04
C3 BGC E . 32.12 4.24 4.76
C4 BGC E . 33.34 4.68 3.98
C5 BGC E . 34.37 3.55 3.89
C6 BGC E . 35.69 3.98 3.27
C1 BGC E . 33.55 2.54 5.90
O2 BGC E . 31.33 2.93 6.65
O3 BGC E . 31.38 5.41 5.15
O4 BGC E . 32.99 5.14 2.69
O5 BGC E . 34.69 3.15 5.22
O6 BGC E . 36.60 2.87 3.12
C2 BGC E . 29.25 6.56 5.05
C3 BGC E . 28.22 7.13 4.15
C4 BGC E . 28.83 7.84 2.99
C5 BGC E . 29.80 6.91 2.28
C6 BGC E . 30.64 7.61 1.22
C1 BGC E . 30.28 5.73 4.31
O2 BGC E . 28.60 5.72 5.99
O3 BGC E . 27.45 8.14 4.91
O4 BGC E . 27.82 8.27 2.10
O5 BGC E . 30.83 6.50 3.20
O6 BGC E . 31.43 6.69 0.49
C2 BGC E . 25.41 9.08 5.71
C3 BGC E . 23.94 9.06 5.51
C4 BGC E . 23.62 8.92 4.10
C5 BGC E . 24.15 7.56 3.67
C6 BGC E . 23.83 7.16 2.27
C1 BGC E . 26.08 7.88 5.08
O2 BGC E . 25.73 9.17 7.10
O3 BGC E . 23.35 10.33 5.93
O4 BGC E . 22.19 8.92 3.88
O5 BGC E . 25.59 7.60 3.76
O6 BGC E . 24.28 5.88 1.93
C2 BGC F . 29.03 -13.87 3.66
C3 BGC F . 28.79 -13.00 2.53
C4 BGC F . 30.03 -12.36 2.03
C5 BGC F . 31.13 -13.39 1.80
C6 BGC F . 32.43 -12.74 1.48
C1 BGC F . 30.09 -14.90 3.36
O1 BGC F . 30.31 -15.69 4.43
O2 BGC F . 27.84 -14.54 4.10
O3 BGC F . 27.80 -11.98 2.93
O4 BGC F . 29.85 -11.59 0.85
O5 BGC F . 31.32 -14.24 2.94
O6 BGC F . 32.85 -11.69 2.31
C2 BGC F . 25.56 -11.27 2.40
C3 BGC F . 24.60 -10.67 1.41
C4 BGC F . 25.25 -9.52 0.72
C5 BGC F . 26.65 -9.87 0.19
C6 BGC F . 27.23 -8.81 -0.61
C1 BGC F . 27.02 -11.51 1.92
O2 BGC F . 25.13 -12.48 3.00
O3 BGC F . 23.30 -10.24 1.95
O4 BGC F . 24.44 -9.01 -0.31
O5 BGC F . 27.57 -10.30 1.24
O6 BGC F . 28.52 -9.02 -1.01
C2 BGC F . 21.49 -11.15 3.30
C3 BGC F . 20.29 -12.03 3.27
C4 BGC F . 19.49 -11.84 2.06
C5 BGC F . 20.34 -12.04 0.83
C6 BGC F . 19.48 -12.01 -0.42
C1 BGC F . 22.31 -11.19 2.01
O2 BGC F . 22.32 -11.46 4.40
O3 BGC F . 19.45 -11.72 4.41
O4 BGC F . 18.37 -12.68 1.97
O5 BGC F . 21.41 -11.06 0.84
O6 BGC F . 19.77 -11.00 -1.31
C2 BGC F . 18.77 -12.59 6.54
C3 BGC F . 18.06 -13.73 7.18
C4 BGC F . 16.73 -13.91 6.55
C5 BGC F . 16.91 -14.14 5.06
C6 BGC F . 15.64 -14.35 4.35
C1 BGC F . 18.90 -12.81 5.05
O2 BGC F . 20.06 -12.32 7.14
O3 BGC F . 17.91 -13.41 8.56
O4 BGC F . 16.03 -15.04 7.11
O5 BGC F . 17.58 -13.03 4.46
O6 BGC F . 15.87 -14.64 3.00
C2 BGC F . 19.34 -13.29 10.51
C3 BGC F . 20.07 -14.12 11.44
C4 BGC F . 19.29 -15.24 11.99
C5 BGC F . 18.71 -16.02 10.87
C6 BGC F . 17.82 -17.13 11.30
C1 BGC F . 18.73 -14.15 9.43
O2 BGC F . 20.20 -12.28 9.95
O3 BGC F . 20.68 -13.28 12.48
O4 BGC F . 20.12 -16.14 12.72
O5 BGC F . 17.93 -15.15 10.06
O6 BGC F . 17.33 -17.94 10.21
C1 EDO G . -4.43 4.05 -29.31
O1 EDO G . -3.73 4.90 -28.42
C2 EDO G . -5.82 4.64 -29.50
O2 EDO G . -6.58 4.42 -28.30
H11 EDO G . -3.89 3.98 -30.27
H12 EDO G . -4.51 3.04 -28.89
HO1 EDO G . -2.88 4.51 -28.19
H21 EDO G . -6.33 4.18 -30.35
H22 EDO G . -5.73 5.71 -29.68
HO2 EDO G . -7.52 4.31 -28.54
C1 EDO H . 29.74 23.82 6.09
O1 EDO H . 28.58 23.44 6.89
C2 EDO H . 29.35 23.70 4.68
O2 EDO H . 28.88 25.04 4.55
H11 EDO H . 30.66 23.28 6.29
H12 EDO H . 29.86 24.89 6.17
HO1 EDO H . 28.76 23.78 7.77
H21 EDO H . 28.54 22.97 4.53
H22 EDO H . 30.22 23.45 4.06
HO2 EDO H . 28.09 25.05 3.97
N GLU A 1 -51.04 -0.36 -12.81
CA GLU A 1 -50.52 -1.57 -12.17
C GLU A 1 -49.74 -2.48 -13.15
N VAL A 2 -48.41 -2.41 -13.01
CA VAL A 2 -47.49 -3.47 -13.38
C VAL A 2 -47.64 -4.54 -12.30
N VAL A 3 -47.88 -5.77 -12.73
CA VAL A 3 -48.22 -6.85 -11.82
C VAL A 3 -47.06 -7.76 -11.49
N GLY A 4 -46.57 -7.48 -10.30
CA GLY A 4 -45.64 -8.30 -9.58
C GLY A 4 -44.88 -9.03 -10.61
N GLY A 5 -45.07 -10.35 -10.64
CA GLY A 5 -44.20 -11.23 -11.38
C GLY A 5 -44.42 -11.43 -12.92
N GLY A 6 -44.59 -12.75 -13.25
CA GLY A 6 -44.86 -13.48 -14.54
C GLY A 6 -44.39 -15.01 -14.68
N ASP A 7 -44.97 -15.82 -15.60
CA ASP A 7 -44.31 -17.05 -16.12
C ASP A 7 -42.94 -16.56 -16.67
N LEU A 8 -41.92 -17.41 -16.72
CA LEU A 8 -40.59 -16.93 -17.17
C LEU A 8 -40.39 -16.90 -18.69
N GLY A 9 -41.25 -17.62 -19.42
CA GLY A 9 -41.23 -17.58 -20.87
C GLY A 9 -40.52 -18.69 -21.64
N PRO A 10 -40.60 -18.62 -22.98
CA PRO A 10 -40.08 -19.71 -23.81
C PRO A 10 -38.54 -19.79 -23.80
N ASN A 11 -37.86 -18.71 -23.47
CA ASN A 11 -36.39 -18.74 -23.55
C ASN A 11 -35.69 -19.24 -22.30
N VAL A 12 -36.46 -19.55 -21.26
CA VAL A 12 -35.93 -20.15 -20.02
C VAL A 12 -36.35 -21.61 -20.06
N LEU A 13 -35.39 -22.49 -20.40
CA LEU A 13 -35.63 -23.93 -20.45
C LEU A 13 -35.36 -24.53 -19.09
N VAL A 14 -36.41 -25.05 -18.47
CA VAL A 14 -36.30 -25.62 -17.14
C VAL A 14 -36.33 -27.13 -17.19
N PHE A 15 -35.45 -27.73 -16.41
CA PHE A 15 -35.26 -29.16 -16.38
C PHE A 15 -35.38 -29.65 -14.93
N ASP A 16 -36.04 -30.80 -14.74
CA ASP A 16 -35.81 -31.63 -13.55
C ASP A 16 -35.23 -33.02 -13.96
N PRO A 17 -34.76 -33.84 -12.99
CA PRO A 17 -34.10 -35.11 -13.40
C PRO A 17 -34.95 -36.10 -14.21
N SER A 18 -36.25 -35.85 -14.34
CA SER A 18 -37.16 -36.74 -15.09
C SER A 18 -37.60 -36.23 -16.44
N THR A 19 -37.18 -35.01 -16.79
CA THR A 19 -37.58 -34.43 -18.06
C THR A 19 -37.01 -35.28 -19.18
N PRO A 20 -37.86 -35.72 -20.11
CA PRO A 20 -37.23 -36.68 -21.04
C PRO A 20 -36.37 -35.96 -22.08
N ASP A 21 -35.23 -36.55 -22.36
CA ASP A 21 -34.30 -36.16 -23.43
C ASP A 21 -33.63 -34.82 -23.14
N ILE A 22 -33.07 -34.69 -21.94
CA ILE A 22 -32.28 -33.51 -21.62
C ILE A 22 -31.09 -33.31 -22.56
N GLN A 23 -30.24 -34.33 -22.64
CA GLN A 23 -29.09 -34.23 -23.51
C GLN A 23 -29.48 -33.77 -24.92
N GLY A 24 -30.57 -34.34 -25.47
CA GLY A 24 -31.08 -33.89 -26.75
C GLY A 24 -31.51 -32.41 -26.78
N LYS A 25 -32.15 -31.92 -25.73
CA LYS A 25 -32.73 -30.56 -25.75
C LYS A 25 -31.66 -29.51 -25.55
N VAL A 26 -30.77 -29.85 -24.66
CA VAL A 26 -29.66 -28.98 -24.42
C VAL A 26 -28.81 -28.93 -25.72
N ASP A 27 -28.75 -30.06 -26.45
CA ASP A 27 -28.13 -30.14 -27.79
C ASP A 27 -28.69 -29.27 -28.89
N GLU A 28 -29.97 -29.36 -29.23
CA GLU A 28 -30.46 -28.45 -30.31
C GLU A 28 -30.32 -26.97 -29.92
N VAL A 29 -30.02 -26.66 -28.66
CA VAL A 29 -29.64 -25.28 -28.29
C VAL A 29 -28.17 -25.02 -28.71
N PHE A 30 -27.25 -25.93 -28.38
CA PHE A 30 -25.85 -25.76 -28.78
C PHE A 30 -25.67 -25.71 -30.28
N ARG A 31 -26.41 -26.52 -31.04
CA ARG A 31 -26.23 -26.55 -32.50
C ARG A 31 -26.65 -25.20 -33.05
N LYS A 32 -27.70 -24.66 -32.47
CA LYS A 32 -28.15 -23.30 -32.85
C LYS A 32 -27.19 -22.20 -32.43
N GLN A 33 -26.68 -22.28 -31.21
CA GLN A 33 -25.87 -21.21 -30.64
C GLN A 33 -24.34 -21.33 -30.80
N GLU A 34 -23.78 -22.43 -31.34
CA GLU A 34 -22.34 -22.61 -31.20
C GLU A 34 -21.53 -21.59 -32.01
N SER A 35 -21.98 -21.27 -33.20
CA SER A 35 -21.28 -20.30 -34.03
C SER A 35 -22.10 -19.04 -34.21
N ASN A 36 -23.08 -18.83 -33.33
CA ASN A 36 -24.03 -17.72 -33.45
C ASN A 36 -23.54 -16.45 -32.75
N GLN A 37 -22.37 -15.96 -33.18
CA GLN A 37 -21.66 -14.96 -32.39
C GLN A 37 -22.43 -13.64 -32.19
N PHE A 38 -23.20 -13.25 -33.20
CA PHE A 38 -23.84 -11.94 -33.21
C PHE A 38 -25.37 -11.97 -33.44
N GLY A 39 -26.00 -13.06 -33.01
CA GLY A 39 -27.45 -13.20 -33.12
C GLY A 39 -28.33 -12.44 -32.12
N THR A 40 -29.61 -12.72 -32.19
CA THR A 40 -30.54 -12.15 -31.27
C THR A 40 -31.09 -13.28 -30.41
N ASP A 41 -30.83 -14.53 -30.80
CA ASP A 41 -31.28 -15.69 -30.04
C ASP A 41 -30.63 -15.66 -28.61
N ARG A 42 -31.41 -16.00 -27.56
CA ARG A 42 -30.96 -15.98 -26.16
C ARG A 42 -31.58 -17.15 -25.37
N TYR A 43 -30.76 -17.85 -24.55
CA TYR A 43 -31.22 -19.02 -23.77
C TYR A 43 -30.68 -19.06 -22.36
N ALA A 44 -31.53 -19.43 -21.43
CA ALA A 44 -31.13 -19.74 -20.07
C ALA A 44 -31.60 -21.15 -19.79
N LEU A 45 -30.67 -22.00 -19.38
CA LEU A 45 -30.96 -23.39 -19.05
C LEU A 45 -30.92 -23.53 -17.53
N MET A 46 -32.03 -23.96 -16.91
CA MET A 46 -32.19 -23.87 -15.48
C MET A 46 -32.56 -25.23 -14.89
N PHE A 47 -31.63 -25.82 -14.15
CA PHE A 47 -31.79 -27.20 -13.62
C PHE A 47 -32.26 -27.23 -12.17
N LYS A 48 -33.44 -27.83 -11.93
CA LYS A 48 -33.92 -28.03 -10.57
C LYS A 48 -33.01 -29.00 -9.80
N PRO A 49 -32.97 -28.89 -8.47
CA PRO A 49 -32.14 -29.80 -7.66
C PRO A 49 -32.41 -31.26 -7.96
N GLY A 50 -31.35 -32.03 -7.81
CA GLY A 50 -31.39 -33.46 -8.08
C GLY A 50 -30.01 -33.81 -8.63
N THR A 51 -29.93 -35.01 -9.19
CA THR A 51 -28.69 -35.53 -9.73
C THR A 51 -29.02 -35.94 -11.14
N TYR A 52 -28.15 -35.48 -12.03
CA TYR A 52 -28.33 -35.58 -13.46
C TYR A 52 -27.23 -36.43 -14.03
N ASN A 53 -27.60 -37.56 -14.60
CA ASN A 53 -26.61 -38.48 -15.11
C ASN A 53 -26.52 -38.42 -16.61
N ASP A 54 -25.35 -38.73 -17.15
CA ASP A 54 -25.18 -38.82 -18.60
C ASP A 54 -25.61 -37.49 -19.29
N ILE A 55 -25.05 -36.38 -18.83
CA ILE A 55 -25.08 -35.18 -19.64
C ILE A 55 -23.69 -34.67 -19.99
N ASN A 56 -23.62 -34.07 -21.17
CA ASN A 56 -22.53 -33.16 -21.50
C ASN A 56 -23.20 -31.92 -22.08
N ALA A 57 -23.32 -30.90 -21.23
CA ALA A 57 -24.01 -29.65 -21.59
C ALA A 57 -22.98 -28.71 -22.23
N GLN A 58 -22.84 -28.80 -23.56
CA GLN A 58 -21.98 -27.88 -24.31
C GLN A 58 -22.68 -26.53 -24.44
N ILE A 59 -21.95 -25.48 -24.12
CA ILE A 59 -22.51 -24.12 -23.96
C ILE A 59 -22.02 -23.23 -25.13
N GLY A 60 -22.95 -22.75 -25.93
CA GLY A 60 -22.60 -21.88 -27.05
C GLY A 60 -22.79 -20.41 -26.68
N PHE A 61 -22.85 -19.56 -27.70
CA PHE A 61 -23.09 -18.14 -27.49
C PHE A 61 -24.44 -17.89 -26.81
N TYR A 62 -24.46 -16.88 -25.98
CA TYR A 62 -25.68 -16.36 -25.36
C TYR A 62 -26.52 -17.45 -24.68
N THR A 63 -25.83 -18.37 -24.05
CA THR A 63 -26.46 -19.42 -23.25
C THR A 63 -25.92 -19.34 -21.82
N SER A 64 -26.83 -19.22 -20.88
CA SER A 64 -26.51 -19.37 -19.46
C SER A 64 -27.00 -20.75 -18.99
N ILE A 65 -26.27 -21.36 -18.08
CA ILE A 65 -26.70 -22.62 -17.44
C ILE A 65 -26.55 -22.45 -15.97
N ALA A 66 -27.55 -22.90 -15.21
CA ALA A 66 -27.46 -22.81 -13.78
C ALA A 66 -28.32 -23.81 -13.07
N GLY A 67 -27.96 -24.01 -11.82
CA GLY A 67 -28.74 -24.82 -10.91
C GLY A 67 -29.72 -23.91 -10.16
N LEU A 68 -30.77 -24.52 -9.62
CA LEU A 68 -31.81 -23.78 -8.91
C LEU A 68 -31.91 -24.22 -7.45
N GLY A 69 -30.87 -24.92 -6.95
CA GLY A 69 -30.78 -25.25 -5.53
C GLY A 69 -30.30 -24.03 -4.79
N LEU A 70 -30.49 -23.98 -3.47
CA LEU A 70 -30.01 -22.82 -2.71
C LEU A 70 -28.56 -23.04 -2.36
N ASN A 71 -28.14 -24.30 -2.36
CA ASN A 71 -26.70 -24.61 -2.32
C ASN A 71 -26.24 -25.19 -3.68
N PRO A 72 -24.96 -25.03 -3.99
CA PRO A 72 -24.57 -25.46 -5.33
C PRO A 72 -24.54 -27.03 -5.46
N ASP A 73 -24.20 -27.76 -4.40
CA ASP A 73 -24.30 -29.23 -4.49
C ASP A 73 -25.71 -29.79 -4.38
N ASP A 74 -26.72 -28.97 -4.30
CA ASP A 74 -28.06 -29.50 -4.47
C ASP A 74 -28.39 -29.84 -5.92
N THR A 75 -27.58 -29.36 -6.87
CA THR A 75 -27.80 -29.63 -8.29
C THR A 75 -26.50 -30.15 -8.89
N THR A 76 -26.42 -31.48 -9.06
CA THR A 76 -25.20 -32.18 -9.43
C THR A 76 -25.26 -32.85 -10.79
N PHE A 77 -24.27 -32.56 -11.62
CA PHE A 77 -24.14 -33.24 -12.92
C PHE A 77 -23.05 -34.32 -12.76
N ASN A 78 -23.43 -35.56 -13.02
CA ASN A 78 -22.46 -36.61 -13.32
C ASN A 78 -22.24 -36.50 -14.79
N GLY A 79 -21.31 -35.61 -15.11
CA GLY A 79 -21.16 -35.10 -16.44
C GLY A 79 -20.53 -33.72 -16.41
N ASP A 80 -20.68 -32.98 -17.52
CA ASP A 80 -19.84 -31.83 -17.82
C ASP A 80 -20.65 -30.60 -18.25
N VAL A 81 -20.06 -29.44 -18.03
CA VAL A 81 -20.52 -28.16 -18.53
C VAL A 81 -19.32 -27.67 -19.38
N THR A 82 -19.41 -27.90 -20.69
CA THR A 82 -18.26 -27.84 -21.59
C THR A 82 -18.33 -26.61 -22.49
N VAL A 83 -17.19 -25.93 -22.65
CA VAL A 83 -16.97 -24.96 -23.71
C VAL A 83 -15.64 -25.32 -24.34
N ASP A 84 -15.68 -25.59 -25.64
CA ASP A 84 -14.47 -25.89 -26.43
C ASP A 84 -14.55 -24.93 -27.63
N ALA A 85 -13.61 -25.09 -28.55
CA ALA A 85 -13.44 -24.10 -29.60
C ALA A 85 -13.33 -24.76 -30.99
N GLY A 86 -14.00 -25.88 -31.17
CA GLY A 86 -13.91 -26.61 -32.45
C GLY A 86 -14.40 -25.79 -33.64
N TRP A 87 -15.31 -24.88 -33.35
CA TRP A 87 -16.04 -24.14 -34.38
C TRP A 87 -15.19 -23.05 -34.98
N PHE A 88 -14.10 -22.77 -34.30
CA PHE A 88 -13.13 -21.78 -34.71
C PHE A 88 -11.78 -22.45 -34.75
N ASP A 89 -11.82 -23.78 -34.90
CA ASP A 89 -10.76 -24.52 -35.50
C ASP A 89 -9.61 -24.50 -34.47
N GLY A 90 -10.05 -24.41 -33.21
CA GLY A 90 -9.19 -24.64 -32.06
C GLY A 90 -8.84 -23.38 -31.31
N ASN A 91 -9.26 -22.25 -31.89
CA ASN A 91 -8.98 -20.92 -31.36
C ASN A 91 -10.15 -20.49 -30.44
N ALA A 92 -9.89 -20.26 -29.15
CA ALA A 92 -10.96 -19.94 -28.20
C ALA A 92 -11.14 -18.44 -27.97
N THR A 93 -10.45 -17.60 -28.74
CA THR A 93 -10.48 -16.14 -28.47
C THR A 93 -11.76 -15.42 -28.89
N GLN A 94 -12.74 -16.16 -29.38
CA GLN A 94 -14.07 -15.57 -29.59
C GLN A 94 -15.21 -16.28 -28.81
N ASN A 95 -14.86 -16.98 -27.72
CA ASN A 95 -15.89 -17.74 -26.98
C ASN A 95 -16.65 -16.93 -25.91
N PHE A 96 -17.13 -15.78 -26.33
CA PHE A 96 -17.79 -14.84 -25.47
C PHE A 96 -19.24 -15.16 -25.04
N TRP A 97 -19.71 -14.37 -24.06
CA TRP A 97 -21.13 -14.17 -23.73
C TRP A 97 -21.85 -15.47 -23.38
N ARG A 98 -21.46 -16.07 -22.27
CA ARG A 98 -22.11 -17.28 -21.80
C ARG A 98 -21.76 -17.48 -20.33
N SER A 99 -22.47 -18.33 -19.61
CA SER A 99 -22.13 -18.44 -18.20
C SER A 99 -22.59 -19.75 -17.56
N ALA A 100 -21.97 -20.04 -16.43
CA ALA A 100 -22.31 -21.22 -15.60
C ALA A 100 -22.34 -20.79 -14.14
N GLU A 101 -23.41 -21.19 -13.43
CA GLU A 101 -23.65 -20.72 -12.05
C GLU A 101 -24.32 -21.85 -11.22
N ASN A 102 -23.87 -22.07 -9.99
CA ASN A 102 -24.66 -22.77 -8.95
C ASN A 102 -24.95 -24.24 -9.29
N LEU A 103 -23.90 -24.92 -9.70
CA LEU A 103 -23.93 -26.35 -10.04
C LEU A 103 -22.73 -27.08 -9.45
N ALA A 104 -22.91 -28.36 -9.15
CA ALA A 104 -21.80 -29.25 -8.84
C ALA A 104 -21.58 -30.14 -10.04
N LEU A 105 -20.31 -30.27 -10.46
CA LEU A 105 -19.94 -31.10 -11.61
C LEU A 105 -19.04 -32.25 -11.16
N ASN A 106 -19.37 -33.42 -11.65
CA ASN A 106 -18.55 -34.64 -11.46
C ASN A 106 -18.09 -35.04 -12.86
N PRO A 107 -16.98 -34.42 -13.33
CA PRO A 107 -16.69 -34.51 -14.76
C PRO A 107 -16.34 -35.92 -15.23
N VAL A 108 -16.76 -36.22 -16.44
CA VAL A 108 -16.90 -37.59 -16.86
C VAL A 108 -15.53 -38.25 -16.99
N ASN A 109 -14.48 -37.47 -17.28
CA ASN A 109 -13.10 -37.99 -17.19
C ASN A 109 -12.25 -37.37 -16.07
N GLY A 110 -12.89 -36.74 -15.11
CA GLY A 110 -12.14 -36.15 -14.00
C GLY A 110 -11.79 -34.68 -14.16
N THR A 111 -11.93 -34.14 -15.37
CA THR A 111 -11.68 -32.70 -15.58
C THR A 111 -12.76 -32.10 -16.47
N ASN A 112 -13.30 -30.97 -16.02
CA ASN A 112 -14.26 -30.21 -16.80
C ASN A 112 -13.50 -29.16 -17.65
N ARG A 113 -13.91 -29.01 -18.91
CA ARG A 113 -13.33 -28.00 -19.80
C ARG A 113 -14.26 -26.78 -19.92
N TRP A 114 -13.71 -25.61 -19.60
CA TRP A 114 -14.41 -24.33 -19.74
C TRP A 114 -13.42 -23.40 -20.44
N ALA A 115 -13.26 -23.64 -21.74
CA ALA A 115 -12.26 -22.93 -22.51
C ALA A 115 -12.84 -21.64 -23.09
N VAL A 116 -13.19 -20.73 -22.21
CA VAL A 116 -13.84 -19.45 -22.62
C VAL A 116 -12.83 -18.31 -22.85
N SER A 117 -13.27 -17.20 -23.43
CA SER A 117 -12.55 -15.93 -23.35
C SER A 117 -13.43 -14.94 -22.57
N GLN A 118 -13.56 -13.70 -23.03
CA GLN A 118 -14.18 -12.66 -22.21
C GLN A 118 -15.70 -12.83 -22.05
N ALA A 119 -16.25 -12.28 -20.96
CA ALA A 119 -17.68 -12.30 -20.66
C ALA A 119 -18.23 -13.71 -20.62
N ALA A 120 -17.51 -14.58 -19.91
CA ALA A 120 -17.98 -15.94 -19.71
C ALA A 120 -17.79 -16.40 -18.26
N PRO A 121 -18.56 -15.80 -17.36
CA PRO A 121 -18.29 -16.03 -15.92
C PRO A 121 -18.65 -17.45 -15.44
N PHE A 122 -17.94 -17.88 -14.40
CA PHE A 122 -18.06 -19.22 -13.78
C PHE A 122 -18.18 -18.90 -12.29
N ARG A 123 -19.43 -18.95 -11.79
CA ARG A 123 -19.76 -18.50 -10.44
C ARG A 123 -20.44 -19.56 -9.57
N ARG A 124 -20.07 -19.58 -8.30
CA ARG A 124 -20.74 -20.48 -7.34
C ARG A 124 -20.81 -21.90 -7.88
N MET A 125 -19.69 -22.36 -8.40
CA MET A 125 -19.58 -23.73 -8.93
C MET A 125 -18.75 -24.62 -8.01
N HIS A 126 -19.12 -25.89 -7.99
CA HIS A 126 -18.29 -26.90 -7.32
C HIS A 126 -17.86 -27.91 -8.33
N VAL A 127 -16.56 -27.95 -8.61
CA VAL A 127 -16.03 -28.96 -9.56
C VAL A 127 -15.36 -30.09 -8.79
N LYS A 128 -15.98 -31.25 -8.83
CA LYS A 128 -15.44 -32.41 -8.12
C LYS A 128 -14.53 -33.09 -9.12
N GLY A 129 -13.46 -32.35 -9.45
CA GLY A 129 -12.44 -32.77 -10.38
C GLY A 129 -11.54 -31.59 -10.68
N GLY A 130 -10.80 -31.69 -11.77
CA GLY A 130 -9.94 -30.60 -12.23
C GLY A 130 -10.74 -29.71 -13.16
N LEU A 131 -10.12 -28.61 -13.59
CA LEU A 131 -10.80 -27.64 -14.44
C LEU A 131 -9.79 -27.19 -15.47
N ASN A 132 -10.03 -27.56 -16.73
CA ASN A 132 -9.15 -27.13 -17.80
C ASN A 132 -9.77 -25.94 -18.53
N LEU A 133 -9.03 -24.86 -18.60
CA LEU A 133 -9.48 -23.63 -19.23
C LEU A 133 -9.03 -23.47 -20.66
N ALA A 134 -8.40 -24.51 -21.22
CA ALA A 134 -7.90 -24.48 -22.61
C ALA A 134 -8.70 -25.30 -23.62
N PRO A 135 -8.85 -24.80 -24.84
CA PRO A 135 -9.49 -25.57 -25.90
C PRO A 135 -8.74 -26.86 -26.17
N ASP A 136 -9.37 -27.86 -26.78
CA ASP A 136 -8.62 -29.07 -27.16
C ASP A 136 -7.57 -28.62 -28.18
N GLY A 137 -6.35 -29.08 -27.95
CA GLY A 137 -5.18 -28.75 -28.78
C GLY A 137 -4.46 -27.47 -28.36
N TYR A 138 -5.04 -26.77 -27.39
CA TYR A 138 -4.38 -25.71 -26.61
C TYR A 138 -4.13 -24.48 -27.50
N GLY A 139 -5.09 -24.24 -28.39
CA GLY A 139 -5.12 -23.05 -29.22
C GLY A 139 -5.27 -21.81 -28.36
N TRP A 140 -5.37 -20.66 -29.00
CA TRP A 140 -5.35 -19.41 -28.27
C TRP A 140 -6.58 -19.23 -27.38
N ALA A 141 -6.37 -18.51 -26.28
CA ALA A 141 -7.46 -18.31 -25.30
C ALA A 141 -7.23 -17.03 -24.52
N SER A 142 -8.32 -16.32 -24.21
CA SER A 142 -8.20 -14.99 -23.57
C SER A 142 -9.33 -14.70 -22.56
N GLY A 143 -9.46 -15.56 -21.55
CA GLY A 143 -10.37 -15.32 -20.45
C GLY A 143 -9.82 -14.39 -19.37
N GLY A 144 -10.37 -14.44 -18.16
CA GLY A 144 -11.47 -15.27 -17.77
C GLY A 144 -11.74 -14.94 -16.30
N TYR A 145 -12.80 -15.53 -15.75
CA TYR A 145 -13.32 -15.07 -14.47
C TYR A 145 -13.97 -16.21 -13.72
N ILE A 146 -13.43 -16.49 -12.54
CA ILE A 146 -14.02 -17.45 -11.63
C ILE A 146 -14.21 -16.75 -10.29
N ALA A 147 -15.41 -16.90 -9.73
CA ALA A 147 -15.71 -16.39 -8.39
C ALA A 147 -16.53 -17.36 -7.57
N ASP A 148 -16.27 -17.32 -6.27
CA ASP A 148 -17.10 -18.05 -5.30
C ASP A 148 -17.24 -19.52 -5.65
N SER A 149 -16.16 -20.13 -6.14
CA SER A 149 -16.19 -21.53 -6.57
C SER A 149 -15.16 -22.38 -5.84
N LYS A 150 -15.43 -23.68 -5.83
CA LYS A 150 -14.49 -24.64 -5.23
C LYS A 150 -14.20 -25.68 -6.29
N ILE A 151 -12.93 -25.73 -6.71
CA ILE A 151 -12.48 -26.72 -7.67
C ILE A 151 -11.60 -27.71 -6.90
N ASP A 152 -12.10 -28.91 -6.71
CA ASP A 152 -11.43 -29.84 -5.80
C ASP A 152 -10.02 -30.21 -6.29
N GLY A 153 -9.85 -30.27 -7.62
CA GLY A 153 -8.56 -30.59 -8.22
C GLY A 153 -7.76 -29.39 -8.71
N GLU A 154 -6.98 -29.57 -9.78
CA GLU A 154 -6.10 -28.53 -10.28
C GLU A 154 -6.81 -27.77 -11.40
N VAL A 155 -6.69 -26.44 -11.38
CA VAL A 155 -7.05 -25.64 -12.55
C VAL A 155 -5.84 -25.57 -13.49
N GLY A 156 -6.08 -25.85 -14.78
CA GLY A 156 -5.04 -25.80 -15.78
C GLY A 156 -5.33 -24.73 -16.82
N PRO A 157 -4.61 -23.59 -16.76
CA PRO A 157 -4.93 -22.60 -17.78
C PRO A 157 -4.29 -22.94 -19.14
N TYR A 158 -3.12 -23.59 -19.12
CA TYR A 158 -2.35 -23.92 -20.34
C TYR A 158 -2.13 -22.62 -21.16
N SER A 159 -2.81 -22.49 -22.29
CA SER A 159 -2.59 -21.35 -23.19
C SER A 159 -3.31 -20.06 -22.77
N GLN A 160 -4.18 -20.12 -21.78
CA GLN A 160 -4.88 -18.90 -21.35
C GLN A 160 -3.94 -17.78 -21.04
N GLN A 161 -4.13 -16.62 -21.67
CA GLN A 161 -3.18 -15.52 -21.48
C GLN A 161 -3.16 -15.00 -20.09
N GLN A 162 -4.37 -14.84 -19.55
CA GLN A 162 -4.56 -14.19 -18.29
C GLN A 162 -5.85 -14.75 -17.65
N TRP A 163 -6.04 -14.46 -16.37
CA TRP A 163 -7.20 -14.97 -15.64
C TRP A 163 -7.37 -14.26 -14.31
N TYR A 164 -8.62 -14.10 -13.88
CA TYR A 164 -8.90 -13.59 -12.55
C TYR A 164 -9.79 -14.56 -11.78
N THR A 165 -9.35 -14.87 -10.56
CA THR A 165 -10.11 -15.72 -9.67
C THR A 165 -10.24 -15.00 -8.36
N ARG A 166 -11.47 -14.93 -7.84
CA ARG A 166 -11.64 -14.38 -6.48
C ARG A 166 -12.54 -15.24 -5.59
N ASP A 167 -12.24 -15.16 -4.30
CA ASP A 167 -13.07 -15.69 -3.24
C ASP A 167 -13.55 -17.13 -3.54
N SER A 168 -12.55 -17.98 -3.71
CA SER A 168 -12.72 -19.33 -4.17
C SER A 168 -11.75 -20.28 -3.46
N SER A 169 -11.86 -21.56 -3.78
CA SER A 169 -10.92 -22.55 -3.29
C SER A 169 -10.46 -23.42 -4.47
N VAL A 170 -9.15 -23.61 -4.61
CA VAL A 170 -8.61 -24.49 -5.66
C VAL A 170 -7.65 -25.54 -5.04
N GLY A 171 -7.65 -26.72 -5.62
CA GLY A 171 -6.76 -27.78 -5.12
C GLY A 171 -5.38 -27.73 -5.75
N GLY A 172 -5.28 -27.02 -6.87
CA GLY A 172 -4.04 -26.88 -7.61
C GLY A 172 -4.22 -25.74 -8.62
N TRP A 173 -3.11 -25.12 -9.02
CA TRP A 173 -3.10 -24.14 -10.11
C TRP A 173 -1.85 -24.32 -10.91
N GLY A 174 -2.00 -24.74 -12.15
CA GLY A 174 -0.90 -25.32 -12.91
C GLY A 174 0.15 -24.39 -13.52
N ASN A 175 -0.28 -23.22 -14.00
CA ASN A 175 0.64 -22.37 -14.77
C ASN A 175 0.08 -20.96 -14.95
N GLY A 176 0.99 -20.03 -15.21
CA GLY A 176 0.65 -18.67 -15.58
C GLY A 176 1.36 -18.28 -16.86
N VAL A 177 0.65 -17.52 -17.72
CA VAL A 177 1.16 -17.15 -19.07
C VAL A 177 1.61 -15.71 -18.99
N TRP A 178 0.67 -14.77 -19.03
CA TRP A 178 1.00 -13.34 -18.87
C TRP A 178 0.51 -12.71 -17.55
N ASN A 179 -0.67 -13.08 -17.05
CA ASN A 179 -1.20 -12.41 -15.87
C ASN A 179 -2.35 -13.17 -15.21
N MET A 180 -1.99 -13.98 -14.21
CA MET A 180 -2.95 -14.75 -13.45
C MET A 180 -3.02 -14.03 -12.10
N THR A 181 -4.18 -13.48 -11.79
CA THR A 181 -4.38 -12.70 -10.56
C THR A 181 -5.42 -13.42 -9.70
N PHE A 182 -5.19 -13.35 -8.39
CA PHE A 182 -5.97 -14.04 -7.41
C PHE A 182 -6.26 -13.10 -6.25
N SER A 183 -7.51 -13.07 -5.79
CA SER A 183 -7.80 -12.39 -4.53
C SER A 183 -8.72 -13.26 -3.70
N GLY A 184 -8.30 -13.54 -2.47
CA GLY A 184 -9.13 -14.34 -1.57
C GLY A 184 -9.33 -15.78 -2.00
N VAL A 185 -8.30 -16.31 -2.64
CA VAL A 185 -8.33 -17.67 -3.16
C VAL A 185 -7.50 -18.61 -2.30
N GLU A 186 -8.19 -19.51 -1.62
CA GLU A 186 -7.54 -20.60 -0.87
C GLU A 186 -6.93 -21.56 -1.87
N GLY A 187 -5.61 -21.74 -1.78
CA GLY A 187 -4.90 -22.61 -2.71
C GLY A 187 -4.27 -21.86 -3.87
N ALA A 188 -4.38 -20.53 -3.90
CA ALA A 188 -3.68 -19.80 -4.96
C ALA A 188 -2.17 -20.03 -4.87
N PRO A 189 -1.48 -20.05 -6.03
CA PRO A 189 0.00 -20.08 -6.02
C PRO A 189 0.52 -18.82 -5.36
N ALA A 190 1.69 -18.86 -4.72
CA ALA A 190 2.21 -17.69 -3.99
C ALA A 190 2.52 -16.56 -4.96
N GLN A 191 2.45 -15.31 -4.47
CA GLN A 191 2.88 -14.17 -5.26
C GLN A 191 4.27 -14.49 -5.83
N SER A 192 4.47 -14.19 -7.10
CA SER A 192 5.73 -14.51 -7.74
C SER A 192 6.08 -13.68 -8.96
N PHE A 193 5.21 -12.73 -9.33
CA PHE A 193 5.37 -11.97 -10.58
C PHE A 193 6.78 -11.34 -10.58
N PRO A 194 7.48 -11.32 -11.74
CA PRO A 194 6.94 -11.59 -13.07
C PRO A 194 7.02 -13.04 -13.49
N GLU A 195 7.48 -13.96 -12.63
CA GLU A 195 7.99 -15.26 -13.08
C GLU A 195 7.85 -16.44 -12.09
N PRO A 196 6.70 -17.15 -12.09
CA PRO A 196 5.50 -16.99 -12.91
C PRO A 196 4.74 -15.70 -12.62
N PRO A 197 3.83 -15.31 -13.54
CA PRO A 197 3.04 -14.08 -13.53
C PRO A 197 1.85 -14.11 -12.55
N TYR A 198 2.13 -14.48 -11.31
CA TYR A 198 1.09 -14.62 -10.29
C TYR A 198 1.05 -13.42 -9.40
N THR A 199 -0.08 -12.73 -9.43
CA THR A 199 -0.41 -11.63 -8.54
C THR A 199 -1.45 -12.12 -7.54
N THR A 200 -1.10 -12.12 -6.26
CA THR A 200 -1.88 -12.87 -5.27
C THR A 200 -2.10 -12.03 -4.07
N LEU A 201 -3.39 -11.77 -3.81
CA LEU A 201 -3.85 -11.06 -2.66
C LEU A 201 -4.58 -12.01 -1.75
N GLU A 202 -4.22 -12.02 -0.47
CA GLU A 202 -4.79 -13.00 0.46
C GLU A 202 -6.33 -12.77 0.58
N THR A 203 -6.81 -11.55 0.36
CA THR A 203 -8.23 -11.21 0.49
C THR A 203 -8.75 -10.26 -0.61
N THR A 204 -10.08 -10.23 -0.76
CA THR A 204 -10.75 -9.21 -1.55
C THR A 204 -11.35 -8.18 -0.59
N PRO A 205 -11.00 -6.88 -0.76
CA PRO A 205 -11.43 -5.91 0.28
C PRO A 205 -12.93 -5.90 0.61
N VAL A 206 -13.72 -5.88 -0.44
CA VAL A 206 -15.14 -6.12 -0.32
C VAL A 206 -15.61 -6.82 -1.59
N SER A 207 -16.53 -7.77 -1.40
CA SER A 207 -17.21 -8.43 -2.53
C SER A 207 -18.61 -8.65 -2.07
N ARG A 208 -19.49 -8.92 -3.01
CA ARG A 208 -20.85 -9.25 -2.66
C ARG A 208 -21.37 -10.14 -3.77
N GLU A 209 -21.60 -11.40 -3.46
CA GLU A 209 -21.86 -12.35 -4.54
C GLU A 209 -23.11 -12.01 -5.37
N LYS A 210 -23.08 -12.36 -6.63
CA LYS A 210 -24.17 -11.98 -7.51
C LYS A 210 -25.48 -12.61 -7.11
N PRO A 211 -26.57 -11.85 -7.16
CA PRO A 211 -27.86 -12.49 -6.93
C PRO A 211 -28.19 -13.54 -7.97
N PHE A 212 -28.98 -14.54 -7.59
CA PHE A 212 -29.36 -15.61 -8.50
C PHE A 212 -30.74 -16.17 -8.22
N LEU A 213 -31.38 -16.64 -9.27
CA LEU A 213 -32.68 -17.28 -9.14
C LEU A 213 -32.52 -18.69 -8.56
N TYR A 214 -33.40 -19.09 -7.65
CA TYR A 214 -33.41 -20.47 -7.21
C TYR A 214 -34.82 -20.88 -6.79
N LEU A 215 -34.91 -22.11 -6.29
CA LEU A 215 -36.12 -22.61 -5.68
C LEU A 215 -35.97 -22.86 -4.18
N ASP A 216 -36.90 -22.23 -3.48
CA ASP A 216 -37.42 -22.66 -2.23
C ASP A 216 -38.63 -23.63 -2.55
N GLY A 217 -38.38 -24.94 -2.47
CA GLY A 217 -39.39 -25.93 -2.82
C GLY A 217 -40.01 -25.81 -4.20
N ASP A 218 -41.33 -25.54 -4.18
CA ASP A 218 -42.01 -24.74 -5.20
C ASP A 218 -42.14 -23.32 -4.61
N ASP A 219 -41.03 -22.60 -4.60
CA ASP A 219 -41.04 -21.13 -4.49
C ASP A 219 -39.87 -20.66 -5.38
N TYR A 220 -40.16 -20.07 -6.55
CA TYR A 220 -39.07 -19.31 -7.23
C TYR A 220 -38.82 -18.09 -6.37
N LYS A 221 -37.54 -17.84 -6.13
CA LYS A 221 -37.08 -16.70 -5.34
C LYS A 221 -35.70 -16.29 -5.89
N VAL A 222 -35.27 -15.09 -5.57
CA VAL A 222 -33.92 -14.63 -5.91
C VAL A 222 -33.13 -14.43 -4.64
N PHE A 223 -32.09 -15.23 -4.46
CA PHE A 223 -31.19 -14.99 -3.31
C PHE A 223 -30.28 -13.79 -3.56
N VAL A 224 -30.16 -12.97 -2.53
CA VAL A 224 -29.36 -11.76 -2.56
C VAL A 224 -28.36 -11.78 -1.39
N PRO A 225 -27.10 -12.08 -1.67
CA PRO A 225 -26.12 -12.07 -0.56
C PRO A 225 -25.66 -10.68 -0.11
N ALA A 226 -25.45 -10.51 1.18
CA ALA A 226 -24.86 -9.27 1.68
C ALA A 226 -23.36 -9.36 1.42
N LYS A 227 -22.67 -8.23 1.35
CA LYS A 227 -21.22 -8.23 1.16
C LYS A 227 -20.45 -8.97 2.25
N ARG A 228 -19.22 -9.32 1.89
CA ARG A 228 -18.16 -9.71 2.83
C ARG A 228 -17.04 -8.72 2.69
N THR A 229 -16.47 -8.28 3.81
CA THR A 229 -15.29 -7.45 3.76
C THR A 229 -14.08 -8.34 4.06
N ASN A 230 -12.95 -7.99 3.48
CA ASN A 230 -11.74 -8.84 3.52
C ASN A 230 -12.12 -10.27 3.25
N ALA A 231 -12.82 -10.45 2.15
CA ALA A 231 -13.33 -11.73 1.75
C ALA A 231 -12.22 -12.73 1.32
N ARG A 232 -12.41 -13.97 1.75
CA ARG A 232 -11.59 -15.09 1.30
C ARG A 232 -12.36 -16.36 1.34
N GLY A 233 -12.18 -17.17 0.30
CA GLY A 233 -12.89 -18.45 0.20
C GLY A 233 -14.34 -18.29 -0.23
N THR A 234 -15.05 -19.42 -0.34
CA THR A 234 -16.43 -19.35 -0.83
C THR A 234 -17.37 -18.82 0.26
N SER A 235 -18.48 -18.25 -0.18
CA SER A 235 -19.53 -17.77 0.71
C SER A 235 -20.30 -18.92 1.31
N TRP A 236 -20.34 -20.01 0.56
CA TRP A 236 -21.33 -21.07 0.69
C TRP A 236 -20.78 -22.35 1.24
N GLY A 237 -19.46 -22.49 1.26
CA GLY A 237 -18.82 -23.79 1.28
C GLY A 237 -19.64 -24.61 2.25
N ASN A 238 -19.64 -24.10 3.51
CA ASN A 238 -20.56 -24.33 4.60
C ASN A 238 -22.05 -24.14 4.32
N GLY A 239 -22.65 -24.89 3.42
CA GLY A 239 -24.07 -24.62 3.23
C GLY A 239 -24.55 -23.16 2.97
N THR A 240 -24.99 -22.46 4.04
CA THR A 240 -26.19 -21.57 4.04
C THR A 240 -25.88 -20.05 4.46
N PRO A 241 -25.72 -19.13 3.48
CA PRO A 241 -25.02 -17.83 3.63
C PRO A 241 -25.80 -16.60 4.09
N GLU A 242 -25.11 -15.52 4.46
CA GLU A 242 -25.73 -14.22 4.70
C GLU A 242 -26.54 -13.81 3.46
N GLY A 243 -27.78 -13.32 3.60
CA GLY A 243 -28.42 -12.53 2.55
C GLY A 243 -29.94 -12.38 2.59
N GLU A 244 -30.57 -12.02 1.46
CA GLU A 244 -32.04 -11.97 1.37
C GLU A 244 -32.62 -12.87 0.24
N SER A 245 -33.80 -13.42 0.51
CA SER A 245 -34.43 -14.39 -0.39
C SER A 245 -35.72 -13.79 -0.87
N LEU A 246 -35.78 -13.35 -2.13
CA LEU A 246 -36.91 -12.55 -2.60
C LEU A 246 -37.83 -13.27 -3.58
N PRO A 247 -39.12 -13.34 -3.24
CA PRO A 247 -40.03 -14.07 -4.15
C PRO A 247 -40.17 -13.45 -5.52
N LEU A 248 -40.46 -14.29 -6.53
CA LEU A 248 -40.64 -13.82 -7.88
C LEU A 248 -41.76 -12.75 -7.98
N ASP A 249 -42.75 -12.76 -7.10
CA ASP A 249 -43.85 -11.83 -7.28
C ASP A 249 -43.51 -10.39 -6.89
N GLN A 250 -42.26 -10.14 -6.45
CA GLN A 250 -41.73 -8.80 -6.31
C GLN A 250 -40.88 -8.32 -7.47
N PHE A 251 -40.88 -9.07 -8.59
CA PHE A 251 -40.09 -8.71 -9.77
C PHE A 251 -40.99 -8.54 -10.94
N TYR A 252 -40.86 -7.46 -11.68
CA TYR A 252 -41.46 -7.45 -12.98
C TYR A 252 -40.66 -8.39 -13.87
N VAL A 253 -41.33 -9.38 -14.46
CA VAL A 253 -40.65 -10.24 -15.45
C VAL A 253 -40.64 -9.51 -16.80
N VAL A 254 -39.46 -9.09 -17.19
CA VAL A 254 -39.30 -8.34 -18.41
C VAL A 254 -39.30 -9.31 -19.59
N LYS A 255 -40.30 -9.16 -20.43
CA LYS A 255 -40.25 -9.79 -21.74
C LYS A 255 -40.40 -8.69 -22.84
N PRO A 256 -39.97 -8.97 -24.10
CA PRO A 256 -40.17 -8.13 -25.30
C PRO A 256 -40.72 -6.65 -25.36
N GLY A 257 -41.97 -6.41 -25.78
CA GLY A 257 -42.44 -5.06 -26.00
C GLY A 257 -42.34 -4.17 -24.77
N ALA A 258 -41.87 -4.72 -23.65
CA ALA A 258 -41.57 -3.89 -22.48
C ALA A 258 -40.85 -2.57 -22.83
N THR A 259 -41.53 -1.49 -22.58
CA THR A 259 -41.00 -0.21 -22.96
C THR A 259 -40.20 0.33 -21.82
N ALA A 260 -39.22 1.16 -22.17
CA ALA A 260 -38.75 2.23 -21.32
C ALA A 260 -39.82 2.74 -20.32
N GLU A 261 -41.09 2.65 -20.68
CA GLU A 261 -42.11 3.23 -19.83
C GLU A 261 -42.56 2.23 -18.76
N THR A 262 -42.78 0.99 -19.13
CA THR A 262 -43.24 0.00 -18.14
C THR A 262 -42.11 -0.48 -17.16
N ILE A 263 -40.87 -0.44 -17.60
CA ILE A 263 -39.77 -0.86 -16.71
C ILE A 263 -39.65 0.12 -15.54
N ASN A 264 -39.47 1.41 -15.84
CA ASN A 264 -39.41 2.45 -14.81
C ASN A 264 -40.64 2.51 -13.89
N ALA A 265 -41.82 2.28 -14.47
CA ALA A 265 -43.06 2.22 -13.68
C ALA A 265 -43.00 1.06 -12.66
N ALA A 266 -42.40 -0.05 -13.08
CA ALA A 266 -42.28 -1.18 -12.18
C ALA A 266 -41.42 -0.78 -10.98
N VAL A 267 -40.26 -0.17 -11.24
CA VAL A 267 -39.33 0.15 -10.17
C VAL A 267 -39.92 1.21 -9.24
N ASP A 268 -40.54 2.23 -9.81
CA ASP A 268 -41.08 3.26 -8.96
C ASP A 268 -42.21 2.68 -8.09
N GLN A 269 -42.84 1.65 -8.61
CA GLN A 269 -43.92 1.00 -7.86
C GLN A 269 -43.40 -0.02 -6.80
N GLY A 270 -42.07 -0.25 -6.78
CA GLY A 270 -41.48 -1.08 -5.74
C GLY A 270 -41.03 -2.45 -6.19
N LEU A 271 -41.21 -2.76 -7.47
CA LEU A 271 -40.80 -4.05 -8.01
C LEU A 271 -39.33 -4.06 -8.41
N HIS A 272 -38.72 -5.22 -8.22
CA HIS A 272 -37.41 -5.48 -8.78
C HIS A 272 -37.58 -5.87 -10.24
N LEU A 273 -36.45 -6.05 -10.95
CA LEU A 273 -36.49 -6.43 -12.36
C LEU A 273 -35.78 -7.74 -12.66
N LEU A 274 -36.46 -8.60 -13.40
CA LEU A 274 -35.90 -9.85 -13.91
C LEU A 274 -36.10 -9.87 -15.42
N PHE A 275 -34.99 -9.74 -16.13
CA PHE A 275 -34.98 -9.75 -17.58
C PHE A 275 -34.95 -11.17 -18.18
N THR A 276 -35.94 -11.53 -18.97
CA THR A 276 -35.96 -12.86 -19.54
C THR A 276 -35.16 -12.88 -20.85
N PRO A 277 -34.65 -14.06 -21.25
CA PRO A 277 -33.66 -13.99 -22.33
C PRO A 277 -34.28 -13.46 -23.58
N GLY A 278 -33.65 -12.40 -24.10
CA GLY A 278 -34.12 -11.68 -25.28
C GLY A 278 -33.38 -10.36 -25.41
N VAL A 279 -33.95 -9.46 -26.21
CA VAL A 279 -33.35 -8.19 -26.57
C VAL A 279 -34.45 -7.12 -26.44
N TYR A 280 -34.26 -6.10 -25.60
CA TYR A 280 -35.30 -5.09 -25.44
C TYR A 280 -34.64 -3.86 -26.07
N HIS A 281 -35.29 -3.29 -27.06
CA HIS A 281 -34.89 -1.98 -27.52
C HIS A 281 -35.66 -1.04 -26.63
N VAL A 282 -34.99 0.01 -26.14
CA VAL A 282 -35.64 1.01 -25.34
C VAL A 282 -35.59 2.39 -26.04
N ASP A 283 -36.71 3.12 -26.01
CA ASP A 283 -36.73 4.50 -26.51
C ASP A 283 -36.33 5.57 -25.52
N GLN A 284 -36.32 5.19 -24.26
CA GLN A 284 -35.88 6.04 -23.16
C GLN A 284 -34.96 5.21 -22.24
N PRO A 285 -34.13 5.89 -21.45
CA PRO A 285 -33.29 5.10 -20.57
C PRO A 285 -34.05 4.41 -19.43
N ILE A 286 -33.53 3.27 -19.04
CA ILE A 286 -34.07 2.60 -17.87
C ILE A 286 -33.51 3.29 -16.63
N GLU A 287 -34.42 3.67 -15.75
CA GLU A 287 -34.01 4.45 -14.59
C GLU A 287 -34.32 3.70 -13.30
N ILE A 288 -33.27 3.38 -12.56
CA ILE A 288 -33.40 2.71 -11.30
C ILE A 288 -33.07 3.75 -10.22
N ASP A 289 -34.10 4.14 -9.47
CA ASP A 289 -33.93 5.16 -8.40
C ASP A 289 -34.62 4.77 -7.07
N ARG A 290 -34.53 3.50 -6.72
CA ARG A 290 -35.01 2.98 -5.46
C ARG A 290 -33.91 2.13 -4.85
N ALA A 291 -33.55 2.41 -3.60
CA ALA A 291 -32.50 1.67 -2.98
C ALA A 291 -32.83 0.19 -2.97
N ASN A 292 -31.78 -0.62 -3.05
CA ASN A 292 -31.86 -2.10 -3.03
C ASN A 292 -32.56 -2.77 -4.18
N THR A 293 -32.80 -2.04 -5.24
CA THR A 293 -33.38 -2.67 -6.42
C THR A 293 -32.41 -3.65 -7.02
N VAL A 294 -32.94 -4.83 -7.30
CA VAL A 294 -32.20 -5.85 -8.02
C VAL A 294 -32.69 -5.82 -9.45
N ALA A 295 -31.73 -5.79 -10.40
CA ALA A 295 -32.01 -5.83 -11.83
C ALA A 295 -31.17 -6.93 -12.41
N LEU A 296 -31.77 -8.10 -12.57
CA LEU A 296 -31.04 -9.34 -12.85
C LEU A 296 -31.44 -9.82 -14.23
N GLY A 297 -30.46 -10.11 -15.06
CA GLY A 297 -30.68 -10.65 -16.40
C GLY A 297 -30.42 -12.16 -16.42
N LEU A 298 -31.26 -12.85 -17.19
CA LEU A 298 -31.07 -14.27 -17.47
C LEU A 298 -30.69 -14.46 -18.96
N GLY A 299 -29.89 -15.47 -19.25
CA GLY A 299 -29.67 -15.87 -20.63
C GLY A 299 -29.08 -14.78 -21.53
N LEU A 300 -28.21 -13.93 -21.00
CA LEU A 300 -27.58 -12.91 -21.81
C LEU A 300 -28.55 -11.81 -22.26
N ALA A 301 -29.58 -11.56 -21.44
CA ALA A 301 -30.53 -10.52 -21.71
C ALA A 301 -29.81 -9.25 -22.10
N THR A 302 -30.28 -8.63 -23.18
CA THR A 302 -29.56 -7.52 -23.83
C THR A 302 -30.45 -6.31 -23.93
N ILE A 303 -29.91 -5.13 -23.65
CA ILE A 303 -30.63 -3.86 -23.79
C ILE A 303 -29.95 -3.08 -24.89
N ILE A 304 -30.74 -2.62 -25.86
CA ILE A 304 -30.24 -1.72 -26.91
C ILE A 304 -30.92 -0.37 -26.81
N PRO A 305 -30.14 0.71 -26.59
CA PRO A 305 -30.80 2.02 -26.53
C PRO A 305 -30.93 2.58 -27.92
N ASP A 306 -32.13 3.01 -28.28
CA ASP A 306 -32.39 3.66 -29.57
C ASP A 306 -32.27 5.17 -29.45
N ASN A 307 -32.20 5.87 -30.57
CA ASN A 307 -32.39 7.33 -30.62
C ASN A 307 -31.29 8.05 -29.82
N GLY A 308 -30.20 7.35 -29.61
CA GLY A 308 -29.02 7.90 -28.92
C GLY A 308 -29.15 8.06 -27.41
N VAL A 309 -30.14 7.39 -26.83
CA VAL A 309 -30.26 7.52 -25.37
C VAL A 309 -29.24 6.66 -24.57
N THR A 310 -29.12 6.95 -23.27
CA THR A 310 -28.40 6.08 -22.34
C THR A 310 -29.28 4.88 -22.09
N ALA A 311 -28.69 3.71 -21.91
CA ALA A 311 -29.50 2.51 -21.71
C ALA A 311 -30.00 2.41 -20.28
N LEU A 312 -29.14 2.72 -19.32
CA LEU A 312 -29.43 2.41 -17.94
C LEU A 312 -28.82 3.50 -17.05
N LYS A 313 -29.67 4.11 -16.23
CA LYS A 313 -29.19 5.04 -15.21
C LYS A 313 -29.62 4.55 -13.84
N VAL A 314 -28.70 4.66 -12.92
CA VAL A 314 -28.93 4.33 -11.53
C VAL A 314 -28.86 5.65 -10.76
N GLY A 315 -29.80 5.86 -9.86
CA GLY A 315 -29.80 7.07 -9.05
C GLY A 315 -28.85 7.01 -7.87
N ASP A 316 -28.88 8.04 -7.02
CA ASP A 316 -27.90 8.21 -5.93
C ASP A 316 -28.34 7.50 -4.65
N VAL A 317 -28.64 6.20 -4.82
CA VAL A 317 -29.22 5.37 -3.78
C VAL A 317 -28.32 4.16 -3.44
N ASP A 318 -28.50 3.66 -2.23
CA ASP A 318 -27.79 2.49 -1.74
C ASP A 318 -28.29 1.22 -2.42
N GLY A 319 -27.40 0.24 -2.55
CA GLY A 319 -27.74 -1.15 -2.69
C GLY A 319 -28.30 -1.68 -3.99
N VAL A 320 -28.22 -0.93 -5.08
CA VAL A 320 -28.73 -1.41 -6.35
C VAL A 320 -27.78 -2.50 -6.83
N LYS A 321 -28.34 -3.56 -7.39
CA LYS A 321 -27.55 -4.70 -7.83
C LYS A 321 -27.95 -4.97 -9.26
N VAL A 322 -27.10 -4.55 -10.17
CA VAL A 322 -27.30 -4.80 -11.59
C VAL A 322 -26.48 -6.01 -11.98
N ALA A 323 -27.08 -7.00 -12.64
CA ALA A 323 -26.45 -8.31 -12.77
C ALA A 323 -26.83 -9.01 -14.11
N GLY A 324 -25.83 -9.43 -14.90
CA GLY A 324 -26.04 -10.40 -15.95
C GLY A 324 -26.76 -9.93 -17.21
N LEU A 325 -26.29 -8.78 -17.66
CA LEU A 325 -26.90 -8.01 -18.74
C LEU A 325 -25.86 -7.60 -19.73
N LEU A 326 -26.25 -7.58 -21.00
CA LEU A 326 -25.41 -7.02 -22.07
C LEU A 326 -26.08 -5.74 -22.54
N VAL A 327 -25.35 -4.64 -22.51
CA VAL A 327 -25.80 -3.40 -23.13
C VAL A 327 -25.08 -3.21 -24.45
N ASP A 328 -25.86 -3.14 -25.50
CA ASP A 328 -25.37 -3.13 -26.86
C ASP A 328 -25.75 -1.83 -27.59
N ALA A 329 -24.73 -1.09 -28.07
CA ALA A 329 -25.01 0.22 -28.62
C ALA A 329 -25.82 0.15 -29.90
N GLY A 330 -26.66 1.16 -30.11
CA GLY A 330 -27.38 1.27 -31.36
C GLY A 330 -26.55 2.11 -32.33
N PRO A 331 -26.97 2.14 -33.61
CA PRO A 331 -26.23 2.89 -34.64
C PRO A 331 -26.17 4.41 -34.38
N VAL A 332 -27.19 4.95 -33.72
CA VAL A 332 -27.14 6.36 -33.32
C VAL A 332 -26.27 6.50 -32.07
N ASN A 333 -25.30 7.39 -32.14
CA ASN A 333 -24.37 7.58 -31.02
C ASN A 333 -25.08 7.97 -29.71
N SER A 334 -24.86 7.15 -28.67
CA SER A 334 -25.19 7.52 -27.31
C SER A 334 -24.05 8.20 -26.58
N GLU A 335 -24.37 9.30 -25.94
CA GLU A 335 -23.40 10.04 -25.12
C GLU A 335 -22.83 9.16 -24.01
N THR A 336 -23.71 8.45 -23.34
CA THR A 336 -23.33 7.39 -22.41
C THR A 336 -24.22 6.16 -22.57
N LEU A 337 -23.71 4.97 -22.22
CA LEU A 337 -24.55 3.78 -22.25
C LEU A 337 -25.06 3.37 -20.88
N VAL A 338 -24.21 3.50 -19.87
CA VAL A 338 -24.60 3.19 -18.50
C VAL A 338 -24.10 4.26 -17.56
N GLU A 339 -24.98 4.78 -16.69
CA GLU A 339 -24.58 5.78 -15.68
C GLU A 339 -24.96 5.39 -14.25
N VAL A 340 -23.94 5.25 -13.39
CA VAL A 340 -24.16 4.91 -11.99
C VAL A 340 -23.99 6.16 -11.13
N GLY A 341 -25.12 6.75 -10.80
CA GLY A 341 -25.13 7.97 -10.05
C GLY A 341 -25.15 9.20 -10.92
N SER A 342 -25.61 10.28 -10.33
CA SER A 342 -25.55 11.56 -10.99
C SER A 342 -24.17 12.23 -11.00
N ASP A 343 -23.90 13.05 -12.03
CA ASP A 343 -22.62 13.78 -12.09
C ASP A 343 -22.49 14.78 -10.98
N GLY A 344 -21.48 14.60 -10.15
CA GLY A 344 -21.25 15.44 -8.98
C GLY A 344 -21.63 14.82 -7.63
N ALA A 345 -22.26 13.65 -7.68
CA ALA A 345 -22.72 12.96 -6.46
C ALA A 345 -21.59 12.58 -5.49
N SER A 346 -21.83 12.89 -4.21
CA SER A 346 -20.80 12.85 -3.17
C SER A 346 -21.38 12.27 -1.87
N GLY A 347 -22.53 11.61 -1.96
CA GLY A 347 -23.04 10.86 -0.82
C GLY A 347 -22.04 9.76 -0.54
N ASP A 348 -22.32 8.87 0.39
CA ASP A 348 -21.46 7.72 0.58
C ASP A 348 -22.43 6.54 0.68
N HIS A 349 -21.96 5.35 0.30
CA HIS A 349 -22.80 4.16 0.24
C HIS A 349 -22.02 2.96 0.73
N ALA A 350 -21.14 3.18 1.70
CA ALA A 350 -20.18 2.13 2.00
C ALA A 350 -20.82 0.92 2.67
N ALA A 351 -21.84 1.15 3.50
CA ALA A 351 -22.46 0.04 4.20
C ALA A 351 -23.19 -0.89 3.18
N ASN A 352 -23.78 -0.27 2.16
CA ASN A 352 -24.62 -0.97 1.19
C ASN A 352 -24.45 -0.38 -0.22
N PRO A 353 -23.31 -0.70 -0.88
CA PRO A 353 -22.92 -0.30 -2.24
C PRO A 353 -23.88 -0.64 -3.33
N THR A 354 -23.84 0.13 -4.42
CA THR A 354 -24.40 -0.30 -5.67
C THR A 354 -23.33 -1.13 -6.35
N SER A 355 -23.79 -2.19 -7.01
CA SER A 355 -22.91 -3.16 -7.64
C SER A 355 -23.30 -3.38 -9.08
N LEU A 356 -22.29 -3.50 -9.91
CA LEU A 356 -22.45 -3.92 -11.28
C LEU A 356 -21.67 -5.21 -11.50
N GLN A 357 -22.37 -6.30 -11.83
CA GLN A 357 -21.75 -7.63 -11.97
C GLN A 357 -22.20 -8.33 -13.24
N ASP A 358 -21.23 -8.92 -13.94
CA ASP A 358 -21.47 -9.51 -15.27
C ASP A 358 -22.30 -8.55 -16.11
N VAL A 359 -21.73 -7.36 -16.25
CA VAL A 359 -22.28 -6.34 -17.10
C VAL A 359 -21.27 -6.24 -18.23
N PHE A 360 -21.81 -6.41 -19.43
CA PHE A 360 -21.02 -6.46 -20.63
C PHE A 360 -21.57 -5.41 -21.52
N VAL A 361 -20.68 -4.60 -22.12
CA VAL A 361 -21.15 -3.66 -23.15
C VAL A 361 -20.40 -3.88 -24.44
N ARG A 362 -21.15 -3.76 -25.52
CA ARG A 362 -20.62 -3.99 -26.85
C ARG A 362 -20.93 -2.78 -27.70
N ILE A 363 -19.92 -2.28 -28.43
CA ILE A 363 -20.09 -1.23 -29.43
C ILE A 363 -19.76 -1.78 -30.82
N GLY A 364 -20.79 -2.06 -31.61
CA GLY A 364 -20.68 -2.62 -32.95
C GLY A 364 -20.63 -4.15 -32.97
N GLY A 365 -20.58 -4.80 -34.16
CA GLY A 365 -20.33 -6.25 -34.30
C GLY A 365 -21.47 -7.13 -34.85
N ALA A 366 -22.52 -7.25 -34.04
CA ALA A 366 -23.88 -7.59 -34.52
C ALA A 366 -23.83 -6.20 -34.78
N GLY A 367 -24.62 -5.65 -35.70
CA GLY A 367 -24.35 -4.44 -36.56
C GLY A 367 -23.66 -3.09 -36.17
N PRO A 368 -23.85 -1.97 -36.97
CA PRO A 368 -23.09 -0.75 -36.63
C PRO A 368 -23.53 -0.15 -35.29
N GLY A 369 -22.59 0.31 -34.47
CA GLY A 369 -22.94 0.92 -33.20
C GLY A 369 -21.92 1.96 -32.73
N LYS A 370 -22.35 2.97 -31.95
CA LYS A 370 -21.46 4.02 -31.47
C LYS A 370 -21.86 4.57 -30.09
N ALA A 371 -20.86 4.96 -29.29
CA ALA A 371 -21.14 5.65 -28.05
C ALA A 371 -19.88 6.38 -27.58
N THR A 372 -20.06 7.54 -26.97
CA THR A 372 -18.94 8.37 -26.52
C THR A 372 -18.20 7.79 -25.32
N THR A 373 -18.96 7.50 -24.26
CA THR A 373 -18.43 6.89 -23.03
C THR A 373 -19.40 5.78 -22.67
N SER A 374 -18.87 4.58 -22.42
CA SER A 374 -19.74 3.44 -22.25
C SER A 374 -20.30 3.36 -20.82
N ILE A 375 -19.41 3.38 -19.84
CA ILE A 375 -19.83 3.33 -18.45
C ILE A 375 -19.22 4.49 -17.69
N VAL A 376 -20.08 5.25 -17.02
CA VAL A 376 -19.64 6.32 -16.13
C VAL A 376 -20.08 5.97 -14.72
N VAL A 377 -19.12 5.91 -13.81
CA VAL A 377 -19.50 5.66 -12.43
C VAL A 377 -19.21 6.85 -11.52
N ASN A 378 -20.30 7.50 -11.14
CA ASN A 378 -20.26 8.65 -10.26
C ASN A 378 -20.37 8.33 -8.78
N SER A 379 -21.13 7.29 -8.44
CA SER A 379 -21.44 6.99 -7.03
C SER A 379 -20.29 6.39 -6.24
N ASN A 380 -20.05 7.03 -5.12
CA ASN A 380 -19.02 6.56 -4.22
C ASN A 380 -19.31 5.14 -3.76
N ASP A 381 -18.22 4.39 -3.55
CA ASP A 381 -18.21 3.03 -3.02
C ASP A 381 -18.80 1.95 -3.96
N THR A 382 -19.05 2.31 -5.20
CA THR A 382 -19.57 1.35 -6.18
C THR A 382 -18.57 0.19 -6.41
N ILE A 383 -19.12 -1.02 -6.45
CA ILE A 383 -18.41 -2.25 -6.85
C ILE A 383 -18.66 -2.62 -8.30
N ILE A 384 -17.58 -2.81 -9.06
CA ILE A 384 -17.66 -3.30 -10.42
C ILE A 384 -16.94 -4.64 -10.41
N ASP A 385 -17.74 -5.71 -10.39
CA ASP A 385 -17.22 -7.06 -10.22
C ASP A 385 -17.54 -7.88 -11.44
N HIS A 386 -16.54 -7.98 -12.30
CA HIS A 386 -16.60 -8.55 -13.65
C HIS A 386 -17.39 -7.73 -14.64
N THR A 387 -16.65 -6.97 -15.44
CA THR A 387 -17.25 -6.29 -16.57
C THR A 387 -16.38 -6.45 -17.81
N TRP A 388 -17.01 -6.55 -18.99
CA TRP A 388 -16.29 -6.50 -20.29
C TRP A 388 -16.94 -5.40 -21.09
N VAL A 389 -16.14 -4.40 -21.40
CA VAL A 389 -16.59 -3.20 -22.09
C VAL A 389 -15.75 -3.17 -23.36
N TRP A 390 -16.41 -3.46 -24.47
CA TRP A 390 -15.75 -3.93 -25.69
C TRP A 390 -16.25 -3.20 -26.94
N ARG A 391 -15.38 -2.40 -27.54
CA ARG A 391 -15.67 -1.85 -28.83
C ARG A 391 -15.28 -2.91 -29.82
N ALA A 392 -16.23 -3.37 -30.62
CA ALA A 392 -16.01 -4.56 -31.44
C ALA A 392 -14.84 -4.37 -32.41
N ASP A 393 -13.95 -5.36 -32.43
CA ASP A 393 -12.85 -5.39 -33.38
C ASP A 393 -13.08 -6.28 -34.58
N HIS A 394 -14.21 -6.99 -34.62
CA HIS A 394 -14.60 -7.83 -35.76
C HIS A 394 -16.11 -7.94 -35.86
N GLY A 395 -16.57 -8.45 -36.99
CA GLY A 395 -18.00 -8.57 -37.29
C GLY A 395 -18.54 -7.46 -38.18
N GLU A 396 -19.83 -7.22 -38.04
CA GLU A 396 -20.54 -6.27 -38.89
C GLU A 396 -20.59 -4.90 -38.24
N GLY A 397 -20.35 -3.86 -39.04
CA GLY A 397 -20.45 -2.50 -38.52
C GLY A 397 -19.24 -2.04 -37.75
N VAL A 398 -18.07 -2.55 -38.14
CA VAL A 398 -16.79 -2.19 -37.54
C VAL A 398 -16.02 -1.23 -38.44
N GLY A 399 -15.41 -0.23 -37.83
CA GLY A 399 -14.65 0.77 -38.56
C GLY A 399 -14.14 1.85 -37.61
N TRP A 400 -12.95 2.37 -37.90
CA TRP A 400 -12.36 3.44 -37.07
C TRP A 400 -13.38 4.59 -36.94
N GLU A 401 -14.26 4.69 -37.93
CA GLU A 401 -15.33 5.67 -37.93
C GLU A 401 -16.65 4.96 -37.61
N THR A 402 -16.86 3.82 -38.26
CA THR A 402 -18.16 3.15 -38.29
C THR A 402 -18.66 2.76 -36.89
N ASN A 403 -17.79 2.20 -36.06
CA ASN A 403 -18.14 1.94 -34.66
C ASN A 403 -17.23 2.69 -33.71
N ARG A 404 -16.94 3.95 -34.05
CA ARG A 404 -16.12 4.76 -33.15
C ARG A 404 -16.73 4.78 -31.74
N ALA A 405 -15.85 4.68 -30.76
CA ALA A 405 -16.24 4.81 -29.36
C ALA A 405 -15.03 5.33 -28.58
N ASP A 406 -15.09 6.58 -28.14
CA ASP A 406 -13.89 7.25 -27.58
C ASP A 406 -13.41 6.59 -26.28
N TYR A 407 -14.34 6.40 -25.34
CA TYR A 407 -13.99 6.15 -23.96
C TYR A 407 -14.77 4.95 -23.40
N GLY A 408 -14.07 4.07 -22.68
CA GLY A 408 -14.72 2.87 -22.14
C GLY A 408 -15.46 3.11 -20.83
N VAL A 409 -14.68 3.30 -19.77
CA VAL A 409 -15.13 3.45 -18.43
C VAL A 409 -14.48 4.70 -17.89
N HIS A 410 -15.31 5.54 -17.27
CA HIS A 410 -14.81 6.73 -16.56
C HIS A 410 -15.30 6.64 -15.12
N VAL A 411 -14.37 6.55 -14.18
CA VAL A 411 -14.77 6.48 -12.78
C VAL A 411 -14.52 7.83 -12.14
N LYS A 412 -15.60 8.47 -11.72
CA LYS A 412 -15.54 9.75 -10.97
C LYS A 412 -15.64 9.60 -9.46
N GLY A 413 -16.55 8.74 -9.04
CA GLY A 413 -16.73 8.46 -7.62
C GLY A 413 -15.48 8.03 -6.87
N ASP A 414 -15.58 8.17 -5.54
CA ASP A 414 -14.53 7.83 -4.62
C ASP A 414 -14.77 6.43 -4.05
N ASN A 415 -13.67 5.77 -3.73
CA ASN A 415 -13.68 4.45 -3.08
C ASN A 415 -14.38 3.37 -3.92
N VAL A 416 -14.28 3.53 -5.23
CA VAL A 416 -14.83 2.57 -6.17
C VAL A 416 -13.85 1.43 -6.34
N LEU A 417 -14.37 0.21 -6.48
CA LEU A 417 -13.53 -1.00 -6.50
C LEU A 417 -13.90 -1.74 -7.74
N ALA A 418 -12.90 -2.08 -8.54
CA ALA A 418 -13.12 -2.87 -9.74
C ALA A 418 -12.34 -4.19 -9.58
N THR A 419 -13.06 -5.31 -9.67
CA THR A 419 -12.49 -6.64 -9.57
C THR A 419 -12.85 -7.38 -10.87
N GLY A 420 -11.84 -7.68 -11.69
CA GLY A 420 -12.12 -8.37 -12.93
C GLY A 420 -12.56 -7.38 -14.01
N LEU A 421 -11.67 -6.44 -14.33
CA LEU A 421 -11.99 -5.34 -15.26
C LEU A 421 -11.37 -5.64 -16.65
N PHE A 422 -12.21 -5.81 -17.67
CA PHE A 422 -11.76 -6.12 -19.03
C PHE A 422 -12.30 -5.00 -19.95
N VAL A 423 -11.45 -4.20 -20.59
CA VAL A 423 -11.93 -3.09 -21.41
C VAL A 423 -11.05 -2.96 -22.65
N GLU A 424 -11.64 -2.98 -23.84
CA GLU A 424 -10.85 -3.14 -25.08
C GLU A 424 -11.31 -2.31 -26.27
N HIS A 425 -10.29 -1.74 -26.90
CA HIS A 425 -10.30 -1.24 -28.30
C HIS A 425 -10.85 0.18 -28.51
N PHE A 426 -11.05 0.93 -27.43
CA PHE A 426 -11.56 2.28 -27.59
C PHE A 426 -10.64 3.23 -28.37
N ASN A 427 -11.24 4.23 -29.04
CA ASN A 427 -10.44 5.15 -29.86
C ASN A 427 -9.52 6.04 -29.01
N LYS A 428 -9.94 6.33 -27.78
CA LYS A 428 -9.15 7.13 -26.85
C LYS A 428 -8.89 6.34 -25.55
N TYR A 429 -9.09 6.92 -24.36
CA TYR A 429 -8.79 6.22 -23.12
C TYR A 429 -9.79 5.08 -22.84
N ASP A 430 -9.33 3.85 -22.74
CA ASP A 430 -10.21 2.73 -22.42
C ASP A 430 -10.79 2.90 -21.02
N VAL A 431 -9.90 3.20 -20.09
CA VAL A 431 -10.28 3.50 -18.71
C VAL A 431 -9.62 4.78 -18.25
N GLN A 432 -10.45 5.67 -17.68
CA GLN A 432 -10.03 6.90 -16.99
C GLN A 432 -10.57 6.89 -15.56
N TRP A 433 -9.70 7.23 -14.60
CA TRP A 433 -10.06 7.27 -13.21
C TRP A 433 -9.76 8.64 -12.66
N SER A 434 -10.82 9.30 -12.19
CA SER A 434 -10.76 10.70 -11.78
C SER A 434 -11.01 10.81 -10.30
N GLY A 435 -11.84 9.89 -9.80
CA GLY A 435 -12.18 9.81 -8.39
C GLY A 435 -11.04 9.45 -7.50
N GLU A 436 -11.25 9.54 -6.18
CA GLU A 436 -10.22 9.20 -5.21
C GLU A 436 -10.29 7.78 -4.67
N ASN A 437 -9.10 7.27 -4.34
CA ASN A 437 -9.00 6.03 -3.64
C ASN A 437 -9.62 4.83 -4.35
N GLY A 438 -9.57 4.87 -5.66
CA GLY A 438 -10.01 3.73 -6.44
C GLY A 438 -9.02 2.59 -6.27
N LYS A 439 -9.49 1.38 -6.47
CA LYS A 439 -8.60 0.25 -6.77
C LYS A 439 -9.14 -0.69 -7.77
N THR A 440 -8.21 -1.30 -8.51
CA THR A 440 -8.53 -2.31 -9.49
C THR A 440 -7.70 -3.53 -9.19
N ILE A 441 -8.40 -4.65 -9.05
CA ILE A 441 -7.78 -5.95 -8.98
C ILE A 441 -8.10 -6.71 -10.23
N PHE A 442 -7.05 -6.87 -11.05
CA PHE A 442 -7.08 -7.42 -12.40
C PHE A 442 -7.64 -6.49 -13.47
N TYR A 443 -6.78 -6.20 -14.45
CA TYR A 443 -7.17 -5.47 -15.67
C TYR A 443 -6.61 -6.13 -16.91
N GLN A 444 -7.48 -6.30 -17.89
CA GLN A 444 -7.09 -6.75 -19.22
C GLN A 444 -7.60 -5.76 -20.25
N ASN A 445 -6.67 -5.31 -21.10
CA ASN A 445 -6.97 -4.42 -22.19
C ASN A 445 -6.27 -4.84 -23.47
N ALA A 446 -6.94 -4.64 -24.59
CA ALA A 446 -6.30 -4.57 -25.92
C ALA A 446 -6.61 -3.20 -26.50
N LYS A 447 -5.63 -2.60 -27.15
CA LYS A 447 -5.85 -1.30 -27.77
C LYS A 447 -6.56 -1.50 -29.11
N ALA A 448 -7.14 -0.43 -29.62
CA ALA A 448 -7.77 -0.47 -30.93
C ALA A 448 -6.84 -1.06 -31.99
N TYR A 449 -7.32 -2.03 -32.76
CA TYR A 449 -6.52 -2.59 -33.84
C TYR A 449 -6.55 -1.71 -35.08
N ASP A 450 -7.64 -0.95 -35.20
CA ASP A 450 -8.00 -0.29 -36.45
C ASP A 450 -7.50 1.18 -36.64
N ALA A 451 -6.61 1.68 -35.79
CA ALA A 451 -6.15 3.05 -35.97
C ALA A 451 -5.40 3.05 -37.30
N PRO A 452 -5.71 4.01 -38.18
CA PRO A 452 -5.09 3.97 -39.52
C PRO A 452 -3.70 4.60 -39.62
N ASP A 453 -3.32 5.38 -38.62
CA ASP A 453 -2.05 6.08 -38.68
C ASP A 453 -1.72 6.62 -37.30
N GLN A 454 -0.46 6.98 -37.12
CA GLN A 454 0.00 7.53 -35.84
C GLN A 454 -0.79 8.77 -35.48
N ALA A 455 -1.01 9.62 -36.48
CA ALA A 455 -1.63 10.89 -36.18
C ALA A 455 -3.06 10.70 -35.72
N ALA A 456 -3.65 9.53 -36.00
CA ALA A 456 -5.05 9.27 -35.57
C ALA A 456 -5.19 9.04 -34.03
N ILE A 457 -4.08 8.75 -33.37
CA ILE A 457 -4.07 8.47 -31.94
C ILE A 457 -3.23 9.46 -31.14
N GLN A 458 -2.82 10.55 -31.77
CA GLN A 458 -2.01 11.53 -31.05
C GLN A 458 -2.87 12.19 -29.95
N ASN A 459 -2.23 12.35 -28.78
CA ASN A 459 -2.88 12.64 -27.52
C ASN A 459 -2.11 13.81 -26.93
N GLY A 460 -2.21 14.96 -27.59
CA GLY A 460 -1.35 16.09 -27.28
C GLY A 460 0.10 15.72 -27.58
N ASP A 461 0.89 15.70 -26.52
CA ASP A 461 2.33 15.50 -26.59
C ASP A 461 2.65 14.00 -26.56
N ILE A 462 1.64 13.17 -26.38
CA ILE A 462 1.87 11.73 -26.21
C ILE A 462 1.34 10.90 -27.37
N LYS A 463 2.10 9.87 -27.76
CA LYS A 463 1.62 8.95 -28.78
C LYS A 463 0.63 7.94 -28.21
N GLY A 464 -0.60 8.01 -28.72
CA GLY A 464 -1.68 7.16 -28.24
C GLY A 464 -2.26 7.59 -26.94
N TYR A 465 -3.35 6.92 -26.56
CA TYR A 465 -4.06 7.12 -25.30
C TYR A 465 -3.86 5.92 -24.41
N ALA A 466 -3.48 6.15 -23.18
CA ALA A 466 -3.35 5.05 -22.24
C ALA A 466 -4.57 4.17 -22.24
N ALA A 467 -4.35 2.89 -22.06
CA ALA A 467 -5.44 1.97 -21.68
C ALA A 467 -6.07 2.26 -20.32
N TYR A 468 -5.29 2.80 -19.40
CA TYR A 468 -5.76 3.08 -18.03
C TYR A 468 -5.03 4.32 -17.57
N LYS A 469 -5.79 5.42 -17.51
CA LYS A 469 -5.29 6.71 -17.09
C LYS A 469 -5.86 7.10 -15.75
N VAL A 470 -4.97 7.54 -14.88
CA VAL A 470 -5.39 8.17 -13.65
C VAL A 470 -5.05 9.60 -13.79
N ASP A 471 -5.99 10.48 -13.46
CA ASP A 471 -5.70 11.89 -13.66
C ASP A 471 -4.70 12.46 -12.61
N ASP A 472 -4.07 13.57 -13.02
CA ASP A 472 -3.24 14.50 -12.21
C ASP A 472 -4.06 15.20 -11.08
N SER A 473 -5.35 15.00 -11.14
CA SER A 473 -6.24 15.43 -10.07
C SER A 473 -5.98 14.49 -8.81
N VAL A 474 -5.68 13.21 -9.04
CA VAL A 474 -5.90 12.17 -8.02
C VAL A 474 -4.86 12.28 -6.87
N THR A 475 -4.83 11.33 -5.94
CA THR A 475 -3.95 11.34 -4.78
C THR A 475 -3.72 9.95 -4.19
N THR A 476 -4.78 9.14 -4.09
CA THR A 476 -4.63 7.74 -3.75
C THR A 476 -5.35 6.90 -4.81
N HIS A 477 -4.63 5.88 -5.26
CA HIS A 477 -5.13 4.90 -6.23
C HIS A 477 -4.24 3.67 -6.09
N GLU A 478 -4.81 2.47 -6.27
CA GLU A 478 -3.96 1.28 -6.30
C GLU A 478 -4.53 0.22 -7.26
N GLY A 479 -3.65 -0.34 -8.08
CA GLY A 479 -4.02 -1.34 -9.07
C GLY A 479 -3.09 -2.53 -9.00
N TRP A 480 -3.64 -3.73 -9.19
CA TRP A 480 -2.88 -4.97 -9.14
C TRP A 480 -3.16 -5.83 -10.34
N GLY A 481 -2.10 -6.30 -11.00
CA GLY A 481 -2.27 -7.34 -12.03
C GLY A 481 -2.95 -6.83 -13.31
N MET A 482 -2.26 -5.93 -14.03
CA MET A 482 -2.85 -5.16 -15.09
C MET A 482 -2.03 -5.27 -16.38
N GLY A 483 -2.71 -5.63 -17.47
CA GLY A 483 -2.08 -5.74 -18.77
C GLY A 483 -2.81 -5.01 -19.91
N SER A 484 -1.99 -4.52 -20.83
CA SER A 484 -2.49 -3.89 -22.06
C SER A 484 -1.75 -4.48 -23.28
N TYR A 485 -2.51 -4.92 -24.28
CA TYR A 485 -1.92 -5.54 -25.49
C TYR A 485 -2.23 -4.69 -26.75
N CYS A 486 -1.33 -4.73 -27.73
CA CYS A 486 -1.55 -4.02 -28.99
C CYS A 486 -1.45 -4.96 -30.20
N TYR A 487 -2.23 -4.67 -31.23
CA TYR A 487 -2.24 -5.40 -32.47
C TYR A 487 -2.71 -4.43 -33.53
N PHE A 488 -1.77 -3.57 -33.92
CA PHE A 488 -2.07 -2.50 -34.85
C PHE A 488 -1.96 -3.12 -36.22
N ASN A 489 -2.99 -3.89 -36.58
CA ASN A 489 -2.98 -4.67 -37.82
C ASN A 489 -3.08 -3.83 -39.09
N VAL A 490 -3.96 -2.84 -39.10
CA VAL A 490 -4.02 -1.95 -40.26
C VAL A 490 -2.67 -1.30 -40.49
N ASN A 491 -2.07 -0.78 -39.42
CA ASN A 491 -0.83 0.01 -39.54
C ASN A 491 0.19 -0.36 -38.45
N PRO A 492 0.92 -1.49 -38.66
CA PRO A 492 1.89 -1.96 -37.66
C PRO A 492 3.09 -1.02 -37.41
N ASP A 493 3.24 0.06 -38.18
CA ASP A 493 4.29 1.02 -37.87
C ASP A 493 3.96 1.93 -36.67
N ILE A 494 2.71 1.88 -36.19
CA ILE A 494 2.30 2.72 -35.08
C ILE A 494 3.08 2.39 -33.82
N ARG A 495 3.25 3.41 -33.00
CA ARG A 495 3.79 3.30 -31.65
C ARG A 495 2.77 3.77 -30.61
N GLN A 496 2.66 2.97 -29.54
CA GLN A 496 1.81 3.28 -28.40
C GLN A 496 2.75 3.67 -27.25
N GLN A 497 2.66 4.89 -26.76
CA GLN A 497 3.66 5.37 -25.80
C GLN A 497 3.66 4.51 -24.57
N HIS A 498 2.48 4.16 -24.07
CA HIS A 498 2.38 3.38 -22.81
C HIS A 498 1.03 2.72 -22.65
N GLY A 499 0.96 1.71 -21.77
CA GLY A 499 -0.31 1.12 -21.41
C GLY A 499 -1.03 1.88 -20.31
N PHE A 500 -0.25 2.47 -19.40
CA PHE A 500 -0.75 3.13 -18.18
C PHE A 500 -0.21 4.55 -18.05
N GLN A 501 -1.03 5.47 -17.56
CA GLN A 501 -0.59 6.82 -17.23
C GLN A 501 -1.11 7.26 -15.88
N ALA A 502 -0.25 7.84 -15.05
CA ALA A 502 -0.65 8.27 -13.71
C ALA A 502 0.35 9.25 -13.17
N PRO A 503 -0.10 10.10 -12.25
CA PRO A 503 0.86 10.89 -11.51
C PRO A 503 1.83 10.01 -10.73
N VAL A 504 2.96 10.60 -10.38
CA VAL A 504 3.94 10.00 -9.51
C VAL A 504 3.78 10.60 -8.12
N LYS A 505 2.82 10.08 -7.34
CA LYS A 505 2.53 10.56 -5.99
C LYS A 505 2.55 9.37 -5.06
N PRO A 506 2.92 9.59 -3.79
CA PRO A 506 3.11 8.39 -2.98
C PRO A 506 1.83 7.57 -2.70
N GLY A 507 0.66 8.20 -2.82
CA GLY A 507 -0.60 7.53 -2.61
C GLY A 507 -1.08 6.79 -3.87
N VAL A 508 -0.42 7.05 -5.02
CA VAL A 508 -0.67 6.31 -6.29
C VAL A 508 0.36 5.19 -6.53
N LYS A 509 -0.16 3.97 -6.79
CA LYS A 509 0.57 2.72 -6.61
C LYS A 509 0.09 1.70 -7.61
N PHE A 510 1.02 1.05 -8.32
CA PHE A 510 0.72 -0.06 -9.19
C PHE A 510 1.68 -1.23 -9.01
N HIS A 511 1.04 -2.40 -8.91
CA HIS A 511 1.66 -3.69 -8.81
C HIS A 511 1.41 -4.53 -10.02
N ASP A 512 2.51 -5.07 -10.55
CA ASP A 512 2.49 -6.10 -11.57
C ASP A 512 1.80 -5.64 -12.84
N LEU A 513 2.54 -4.84 -13.62
CA LEU A 513 2.08 -4.23 -14.86
C LEU A 513 2.78 -4.90 -16.06
N LEU A 514 2.03 -5.16 -17.10
CA LEU A 514 2.64 -5.64 -18.35
C LEU A 514 2.01 -5.00 -19.60
N VAL A 515 2.85 -4.76 -20.62
CA VAL A 515 2.34 -4.45 -21.96
C VAL A 515 2.92 -5.44 -22.92
N VAL A 516 2.17 -5.71 -23.99
CA VAL A 516 2.59 -6.73 -24.92
C VAL A 516 2.15 -6.42 -26.33
N SER A 517 3.11 -6.55 -27.26
CA SER A 517 2.80 -6.46 -28.67
C SER A 517 2.48 -7.82 -29.26
N LEU A 518 1.30 -7.95 -29.84
CA LEU A 518 0.92 -9.22 -30.38
C LEU A 518 1.52 -9.41 -31.78
N GLY A 519 2.76 -9.89 -31.82
CA GLY A 519 3.32 -10.38 -33.06
C GLY A 519 3.94 -9.26 -33.89
N GLY A 520 4.40 -8.22 -33.23
CA GLY A 520 5.05 -7.10 -33.90
C GLY A 520 4.16 -6.10 -34.58
N LYS A 521 2.85 -6.22 -34.39
CA LYS A 521 1.89 -5.28 -34.96
C LYS A 521 1.80 -4.03 -34.07
N GLY A 522 2.66 -3.07 -34.38
CA GLY A 522 2.87 -1.96 -33.47
C GLY A 522 3.78 -2.38 -32.34
N GLN A 523 4.23 -1.38 -31.59
CA GLN A 523 4.97 -1.64 -30.37
C GLN A 523 4.63 -0.58 -29.33
N TYR A 524 4.87 -0.93 -28.06
CA TYR A 524 4.82 0.04 -26.96
C TYR A 524 6.19 0.69 -26.77
N GLU A 525 6.25 1.97 -26.44
CA GLU A 525 7.50 2.66 -26.10
C GLU A 525 7.91 2.41 -24.66
N HIS A 526 6.90 2.27 -23.80
CA HIS A 526 7.09 2.10 -22.37
C HIS A 526 5.90 1.35 -21.81
N VAL A 527 5.95 1.01 -20.52
CA VAL A 527 4.81 0.39 -19.84
C VAL A 527 3.85 1.41 -19.22
N ILE A 528 4.39 2.28 -18.39
CA ILE A 528 3.62 3.30 -17.70
C ILE A 528 4.35 4.62 -17.77
N ASN A 529 3.63 5.70 -18.14
CA ASN A 529 4.28 6.97 -18.30
C ASN A 529 5.45 6.82 -19.31
N ASP A 530 6.70 6.91 -18.87
CA ASP A 530 7.88 6.82 -19.74
C ASP A 530 8.87 5.86 -19.09
N ILE A 531 8.27 4.89 -18.41
CA ILE A 531 8.99 3.92 -17.61
C ILE A 531 8.63 2.46 -17.98
N GLY A 532 9.64 1.60 -17.88
CA GLY A 532 9.59 0.23 -18.37
C GLY A 532 10.12 0.20 -19.79
N ASP A 533 10.57 -0.96 -20.23
CA ASP A 533 11.15 -1.08 -21.55
C ASP A 533 10.10 -1.01 -22.65
N PRO A 534 10.52 -0.58 -23.85
CA PRO A 534 9.59 -0.80 -24.96
C PRO A 534 9.44 -2.29 -25.21
N THR A 535 8.40 -2.68 -25.93
CA THR A 535 8.36 -4.05 -26.45
C THR A 535 9.23 -4.08 -27.71
N SER A 536 9.83 -5.25 -28.00
CA SER A 536 10.64 -5.43 -29.22
C SER A 536 10.33 -6.74 -29.89
N GLY A 537 10.71 -6.83 -31.16
CA GLY A 537 10.63 -8.06 -31.95
C GLY A 537 9.18 -8.34 -32.34
N ASP A 538 8.93 -9.52 -32.88
CA ASP A 538 7.58 -10.00 -33.24
C ASP A 538 7.31 -11.27 -32.46
N THR A 539 7.95 -11.40 -31.31
CA THR A 539 7.98 -12.65 -30.57
C THR A 539 6.96 -12.64 -29.39
N THR A 540 6.24 -11.54 -29.25
CA THR A 540 5.15 -11.41 -28.27
C THR A 540 5.66 -11.79 -26.87
N ILE A 541 6.69 -11.08 -26.43
CA ILE A 541 7.17 -11.19 -25.07
C ILE A 541 6.77 -9.94 -24.30
N PRO A 542 6.12 -10.12 -23.16
CA PRO A 542 5.70 -8.91 -22.41
C PRO A 542 6.85 -8.05 -21.92
N SER A 543 6.63 -6.75 -21.82
CA SER A 543 7.47 -5.84 -21.05
C SER A 543 6.77 -5.50 -19.73
N GLN A 544 7.49 -5.61 -18.62
CA GLN A 544 6.87 -5.66 -17.30
C GLN A 544 7.42 -4.58 -16.39
N VAL A 545 6.56 -4.12 -15.50
CA VAL A 545 7.00 -3.29 -14.39
C VAL A 545 6.38 -3.92 -13.13
N VAL A 546 7.21 -4.29 -12.15
CA VAL A 546 6.73 -4.98 -10.95
C VAL A 546 6.05 -3.98 -9.99
N SER A 547 6.64 -2.79 -9.87
CA SER A 547 6.09 -1.75 -9.00
C SER A 547 6.21 -0.31 -9.56
N PHE A 548 5.31 0.56 -9.13
CA PHE A 548 5.36 1.99 -9.43
C PHE A 548 4.77 2.66 -8.17
N PRO A 549 5.35 3.80 -7.67
CA PRO A 549 6.20 4.78 -8.38
C PRO A 549 7.65 5.08 -7.95
N VAL B 2 -12.77 15.00 17.37
CA VAL B 2 -12.27 14.97 18.76
C VAL B 2 -13.00 13.92 19.61
N VAL B 3 -12.76 14.00 20.93
CA VAL B 3 -12.97 12.94 21.93
C VAL B 3 -11.72 12.04 22.11
N GLY B 4 -11.58 11.47 23.31
CA GLY B 4 -10.51 10.52 23.61
C GLY B 4 -10.78 9.02 23.40
N GLY B 5 -9.68 8.29 23.16
CA GLY B 5 -9.73 6.86 22.91
C GLY B 5 -10.09 6.52 21.46
N GLY B 6 -10.20 5.24 21.16
CA GLY B 6 -10.42 4.83 19.79
C GLY B 6 -9.44 3.76 19.39
N ASP B 7 -9.86 2.91 18.44
CA ASP B 7 -9.04 1.81 17.92
C ASP B 7 -7.92 2.31 17.01
N LEU B 8 -6.79 1.61 17.01
CA LEU B 8 -5.56 2.17 16.43
C LEU B 8 -5.48 2.01 14.91
N GLY B 9 -6.65 1.75 14.33
CA GLY B 9 -6.73 1.72 12.88
C GLY B 9 -5.99 0.55 12.30
N PRO B 10 -5.86 0.53 10.97
CA PRO B 10 -5.45 -0.73 10.34
C PRO B 10 -3.95 -0.96 10.13
N ASN B 11 -3.07 -0.04 10.50
CA ASN B 11 -1.65 -0.32 10.41
C ASN B 11 -0.98 -0.60 11.70
N VAL B 12 -1.78 -0.78 12.76
CA VAL B 12 -1.29 -1.32 13.98
C VAL B 12 -1.81 -2.74 14.01
N LEU B 13 -0.89 -3.66 13.72
CA LEU B 13 -1.18 -5.06 13.68
C LEU B 13 -0.89 -5.61 15.08
N VAL B 14 -1.92 -6.17 15.71
CA VAL B 14 -1.83 -6.68 17.06
C VAL B 14 -1.87 -8.22 16.99
N PHE B 15 -0.87 -8.85 17.58
CA PHE B 15 -0.80 -10.31 17.60
C PHE B 15 -0.89 -10.80 19.04
N ASP B 16 -1.54 -11.94 19.22
CA ASP B 16 -1.39 -12.69 20.47
C ASP B 16 -0.84 -14.07 20.07
N PRO B 17 -0.53 -14.93 21.04
CA PRO B 17 -0.06 -16.24 20.59
C PRO B 17 -1.09 -17.13 19.86
N SER B 18 -2.37 -16.74 19.88
CA SER B 18 -3.41 -17.50 19.12
C SER B 18 -3.46 -17.12 17.65
N THR B 19 -2.73 -16.07 17.27
CA THR B 19 -2.85 -15.54 15.93
C THR B 19 -2.66 -16.54 14.83
N PRO B 20 -3.57 -16.53 13.87
CA PRO B 20 -3.22 -17.36 12.72
C PRO B 20 -2.00 -16.78 12.04
N ASP B 21 -1.02 -17.63 11.77
CA ASP B 21 0.02 -17.34 10.79
C ASP B 21 0.84 -16.06 11.07
N ILE B 22 1.58 -16.03 12.17
CA ILE B 22 2.42 -14.87 12.47
C ILE B 22 3.56 -14.68 11.41
N GLN B 23 4.36 -15.71 11.13
CA GLN B 23 5.57 -15.53 10.30
C GLN B 23 5.20 -15.23 8.84
N GLY B 24 3.94 -15.47 8.45
CA GLY B 24 3.50 -15.04 7.13
C GLY B 24 3.12 -13.58 7.16
N LYS B 25 2.40 -13.21 8.22
CA LYS B 25 1.99 -11.82 8.45
C LYS B 25 3.22 -10.96 8.60
N VAL B 26 4.22 -11.38 9.36
CA VAL B 26 5.40 -10.50 9.43
C VAL B 26 6.22 -10.50 8.10
N ASP B 27 6.32 -11.63 7.39
CA ASP B 27 7.09 -11.63 6.13
C ASP B 27 6.37 -10.85 4.98
N GLU B 28 5.03 -10.69 5.01
CA GLU B 28 4.38 -9.86 3.97
C GLU B 28 4.64 -8.37 4.20
N VAL B 29 4.58 -7.91 5.47
CA VAL B 29 4.87 -6.49 5.75
C VAL B 29 6.32 -6.18 5.37
N PHE B 30 7.26 -7.07 5.73
CA PHE B 30 8.70 -6.78 5.57
C PHE B 30 8.91 -6.11 4.20
N ARG B 31 9.25 -6.92 3.24
CA ARG B 31 8.64 -7.09 1.94
C ARG B 31 7.79 -6.08 1.24
N LYS B 32 6.63 -5.68 1.78
CA LYS B 32 5.98 -4.38 1.43
C LYS B 32 6.99 -3.24 1.69
N GLN B 33 7.79 -3.42 2.74
CA GLN B 33 8.56 -2.31 3.32
C GLN B 33 10.10 -2.48 3.32
N GLU B 34 10.57 -3.61 2.82
CA GLU B 34 12.00 -3.93 2.74
C GLU B 34 12.83 -2.85 2.00
N SER B 35 12.40 -2.51 0.80
CA SER B 35 13.13 -1.52 -0.02
C SER B 35 12.36 -0.21 -0.13
N ASN B 36 11.37 -0.01 0.74
CA ASN B 36 10.43 1.12 0.65
C ASN B 36 10.95 2.35 1.39
N GLN B 37 12.08 2.86 0.96
CA GLN B 37 12.79 3.88 1.71
C GLN B 37 12.00 5.19 1.91
N PHE B 38 11.27 5.61 0.89
CA PHE B 38 10.66 6.95 0.90
C PHE B 38 9.15 6.94 0.72
N GLY B 39 8.54 5.76 0.66
CA GLY B 39 7.09 5.64 0.54
C GLY B 39 6.36 6.01 1.82
N THR B 40 5.06 6.28 1.68
CA THR B 40 4.22 6.76 2.74
C THR B 40 3.66 5.65 3.65
N ASP B 41 3.82 4.37 3.32
CA ASP B 41 3.23 3.44 4.26
C ASP B 41 3.96 3.33 5.60
N ARG B 42 3.21 2.95 6.63
CA ARG B 42 3.68 2.93 8.00
C ARG B 42 3.04 1.74 8.71
N TYR B 43 3.83 1.04 9.52
CA TYR B 43 3.34 -0.10 10.29
C TYR B 43 3.85 -0.13 11.70
N ALA B 44 2.97 -0.44 12.63
CA ALA B 44 3.36 -0.84 13.99
C ALA B 44 2.91 -2.28 14.22
N LEU B 45 3.86 -3.11 14.65
CA LEU B 45 3.61 -4.52 14.95
C LEU B 45 3.66 -4.61 16.46
N MET B 46 2.52 -4.98 17.06
CA MET B 46 2.35 -5.04 18.48
C MET B 46 2.08 -6.44 18.92
N PHE B 47 2.88 -6.90 19.87
CA PHE B 47 2.77 -8.27 20.40
C PHE B 47 2.30 -8.31 21.85
N LYS B 48 1.13 -8.92 22.08
CA LYS B 48 0.65 -9.14 23.45
C LYS B 48 1.58 -10.00 24.31
N PRO B 49 1.53 -9.81 25.63
CA PRO B 49 2.20 -10.66 26.64
C PRO B 49 2.06 -12.15 26.32
N GLY B 50 3.19 -12.84 26.22
CA GLY B 50 3.16 -14.30 26.11
C GLY B 50 4.52 -14.82 25.64
N THR B 51 4.57 -15.97 24.96
CA THR B 51 5.80 -16.50 24.40
C THR B 51 5.50 -16.94 22.96
N TYR B 52 6.35 -16.49 22.04
CA TYR B 52 6.17 -16.68 20.63
C TYR B 52 7.33 -17.48 20.10
N ASN B 53 7.03 -18.54 19.36
CA ASN B 53 8.07 -19.39 18.89
C ASN B 53 8.14 -19.41 17.38
N ASP B 54 9.30 -19.79 16.87
CA ASP B 54 9.52 -19.94 15.45
C ASP B 54 9.20 -18.67 14.69
N ILE B 55 9.86 -17.63 15.17
CA ILE B 55 9.69 -16.30 14.63
C ILE B 55 10.98 -15.65 14.21
N ASN B 56 10.99 -15.21 12.95
CA ASN B 56 12.06 -14.37 12.41
C ASN B 56 11.40 -13.12 11.90
N ALA B 57 11.34 -12.09 12.73
CA ALA B 57 10.62 -10.88 12.35
C ALA B 57 11.62 -9.96 11.69
N GLN B 58 11.62 -9.93 10.37
CA GLN B 58 12.50 -9.01 9.65
C GLN B 58 11.81 -7.63 9.58
N ILE B 59 12.59 -6.59 9.87
CA ILE B 59 12.04 -5.28 10.13
C ILE B 59 12.51 -4.35 8.97
N GLY B 60 11.55 -3.95 8.12
CA GLY B 60 11.85 -3.03 7.02
C GLY B 60 11.70 -1.57 7.35
N PHE B 61 11.67 -0.73 6.32
CA PHE B 61 11.39 0.69 6.54
C PHE B 61 10.07 0.93 7.25
N TYR B 62 10.07 1.99 8.07
CA TYR B 62 8.89 2.52 8.76
C TYR B 62 8.03 1.43 9.39
N THR B 63 8.71 0.50 10.05
CA THR B 63 8.08 -0.58 10.78
C THR B 63 8.65 -0.48 12.19
N SER B 64 7.75 -0.32 13.16
CA SER B 64 8.07 -0.47 14.57
C SER B 64 7.59 -1.87 15.05
N ILE B 65 8.32 -2.43 15.99
CA ILE B 65 7.87 -3.71 16.59
C ILE B 65 8.10 -3.59 18.09
N ALA B 66 7.11 -4.01 18.87
CA ALA B 66 7.19 -3.90 20.32
C ALA B 66 6.31 -4.92 21.02
N GLY B 67 6.63 -5.17 22.28
CA GLY B 67 5.81 -5.93 23.20
C GLY B 67 4.88 -5.01 24.02
N LEU B 68 3.82 -5.60 24.55
CA LEU B 68 2.76 -4.85 25.26
C LEU B 68 2.66 -5.22 26.74
N GLY B 69 3.76 -5.73 27.27
CA GLY B 69 3.93 -5.93 28.71
C GLY B 69 4.43 -4.65 29.36
N LEU B 70 4.37 -4.53 30.68
CA LEU B 70 5.06 -3.41 31.32
C LEU B 70 6.53 -3.69 31.12
N ASN B 71 6.88 -4.97 30.91
CA ASN B 71 8.30 -5.34 30.82
C ASN B 71 8.68 -6.36 29.75
N PRO B 72 9.93 -6.26 29.30
CA PRO B 72 10.40 -6.94 28.09
C PRO B 72 10.21 -8.45 28.21
N ASP B 73 10.52 -8.97 29.38
CA ASP B 73 10.43 -10.42 29.55
C ASP B 73 8.99 -10.93 29.52
N ASP B 74 8.03 -10.01 29.60
CA ASP B 74 6.62 -10.40 29.50
C ASP B 74 6.26 -10.88 28.11
N THR B 75 7.06 -10.44 27.13
CA THR B 75 6.80 -10.75 25.71
C THR B 75 8.09 -11.27 25.12
N THR B 76 8.18 -12.59 25.01
CA THR B 76 9.39 -13.26 24.60
C THR B 76 9.21 -13.92 23.27
N PHE B 77 10.22 -13.76 22.44
CA PHE B 77 10.28 -14.43 21.15
C PHE B 77 11.37 -15.47 21.27
N ASN B 78 11.03 -16.73 21.00
CA ASN B 78 12.08 -17.71 20.69
C ASN B 78 12.32 -17.61 19.21
N GLY B 79 13.23 -16.71 18.90
CA GLY B 79 13.37 -16.21 17.56
C GLY B 79 14.03 -14.87 17.58
N ASP B 80 13.89 -14.11 16.50
CA ASP B 80 14.74 -12.97 16.21
C ASP B 80 13.91 -11.78 15.75
N VAL B 81 14.45 -10.58 16.02
CA VAL B 81 13.99 -9.33 15.43
C VAL B 81 15.19 -8.85 14.60
N THR B 82 15.10 -9.03 13.29
CA THR B 82 16.25 -8.97 12.41
C THR B 82 16.18 -7.76 11.49
N VAL B 83 17.29 -7.03 11.41
CA VAL B 83 17.54 -6.11 10.31
C VAL B 83 18.86 -6.51 9.67
N ASP B 84 18.80 -6.75 8.36
CA ASP B 84 19.95 -7.08 7.54
C ASP B 84 19.87 -6.17 6.29
N ALA B 85 20.76 -6.36 5.33
CA ALA B 85 20.91 -5.42 4.23
C ALA B 85 20.82 -6.08 2.84
N GLY B 86 20.05 -7.15 2.76
CA GLY B 86 19.83 -7.83 1.50
C GLY B 86 19.49 -6.90 0.33
N TRP B 87 18.55 -5.99 0.55
CA TRP B 87 18.06 -5.19 -0.56
C TRP B 87 19.09 -4.21 -1.11
N PHE B 88 20.31 -4.17 -0.57
CA PHE B 88 21.25 -3.04 -0.82
C PHE B 88 22.69 -3.52 -0.80
N ASP B 89 22.82 -4.74 -1.34
CA ASP B 89 23.98 -5.60 -1.27
C ASP B 89 24.90 -5.46 -0.04
N GLY B 90 24.26 -5.74 1.09
CA GLY B 90 24.92 -5.85 2.38
C GLY B 90 25.52 -4.56 2.84
N ASN B 91 25.15 -3.46 2.17
CA ASN B 91 25.47 -2.10 2.60
C ASN B 91 24.31 -1.67 3.50
N ALA B 92 24.55 -1.43 4.79
CA ALA B 92 23.45 -1.14 5.72
C ALA B 92 23.31 0.37 5.96
N THR B 93 24.02 1.19 5.19
CA THR B 93 23.99 2.64 5.42
C THR B 93 22.72 3.36 5.02
N GLN B 94 21.72 2.65 4.48
CA GLN B 94 20.42 3.25 4.29
C GLN B 94 19.35 2.56 5.16
N ASN B 95 19.75 1.82 6.19
CA ASN B 95 18.73 1.11 7.01
C ASN B 95 18.15 2.00 8.12
N PHE B 96 17.28 2.89 7.68
CA PHE B 96 16.76 3.94 8.54
C PHE B 96 15.31 3.69 8.98
N TRP B 97 14.88 4.45 9.98
CA TRP B 97 13.43 4.69 10.26
C TRP B 97 12.69 3.41 10.65
N ARG B 98 13.14 2.77 11.72
CA ARG B 98 12.46 1.57 12.20
C ARG B 98 12.76 1.44 13.69
N SER B 99 12.11 0.55 14.40
CA SER B 99 12.36 0.52 15.85
C SER B 99 11.95 -0.81 16.47
N ALA B 100 12.59 -1.12 17.58
CA ALA B 100 12.25 -2.31 18.39
C ALA B 100 12.19 -1.89 19.84
N GLU B 101 11.13 -2.31 20.55
CA GLU B 101 11.03 -2.01 21.98
C GLU B 101 10.26 -3.03 22.82
N ASN B 102 10.71 -3.15 24.05
CA ASN B 102 9.93 -3.84 25.08
C ASN B 102 9.64 -5.30 24.77
N LEU B 103 10.72 -5.98 24.37
CA LEU B 103 10.68 -7.41 24.04
C LEU B 103 11.90 -8.15 24.62
N ALA B 104 11.73 -9.45 24.87
CA ALA B 104 12.83 -10.34 25.18
C ALA B 104 13.05 -11.25 23.96
N LEU B 105 14.28 -11.39 23.54
CA LEU B 105 14.63 -12.24 22.40
C LEU B 105 15.56 -13.39 22.79
N ASN B 106 15.22 -14.58 22.34
CA ASN B 106 16.04 -15.77 22.50
C ASN B 106 16.45 -16.21 21.08
N PRO B 107 17.50 -15.58 20.56
CA PRO B 107 17.77 -15.71 19.11
C PRO B 107 18.14 -17.12 18.70
N VAL B 108 17.67 -17.52 17.53
CA VAL B 108 17.71 -18.92 17.16
C VAL B 108 19.12 -19.51 17.15
N ASN B 109 20.13 -18.74 16.75
CA ASN B 109 21.48 -19.27 16.95
C ASN B 109 22.32 -18.48 17.94
N GLY B 110 21.69 -17.91 18.94
CA GLY B 110 22.41 -17.34 20.05
C GLY B 110 22.74 -15.86 19.89
N THR B 111 22.62 -15.33 18.67
CA THR B 111 22.87 -13.90 18.49
C THR B 111 21.90 -13.27 17.52
N ASN B 112 21.31 -12.17 17.95
CA ASN B 112 20.30 -11.46 17.17
C ASN B 112 21.00 -10.39 16.33
N ARG B 113 20.59 -10.25 15.07
CA ARG B 113 21.21 -9.25 14.19
C ARG B 113 20.32 -7.99 14.03
N TRP B 114 20.93 -6.83 14.26
CA TRP B 114 20.27 -5.56 14.24
C TRP B 114 21.19 -4.58 13.47
N ALA B 115 21.31 -4.80 12.16
CA ALA B 115 22.27 -4.10 11.36
C ALA B 115 21.66 -2.84 10.77
N VAL B 116 21.57 -1.82 11.61
CA VAL B 116 20.86 -0.59 11.27
C VAL B 116 21.81 0.58 11.13
N SER B 117 21.31 1.69 10.55
CA SER B 117 22.02 2.95 10.56
C SER B 117 21.16 3.91 11.35
N GLN B 118 21.00 5.16 10.91
CA GLN B 118 20.37 6.16 11.76
C GLN B 118 18.86 5.99 11.91
N ALA B 119 18.33 6.52 13.01
CA ALA B 119 16.91 6.55 13.33
C ALA B 119 16.30 5.14 13.40
N ALA B 120 17.00 4.27 14.12
CA ALA B 120 16.58 2.87 14.26
C ALA B 120 16.72 2.41 15.71
N PRO B 121 15.97 3.06 16.61
CA PRO B 121 16.18 2.80 18.05
C PRO B 121 15.84 1.36 18.54
N PHE B 122 16.57 0.96 19.58
CA PHE B 122 16.47 -0.38 20.20
C PHE B 122 16.39 -0.06 21.69
N ARG B 123 15.16 -0.10 22.22
CA ARG B 123 14.88 0.33 23.58
C ARG B 123 14.21 -0.74 24.43
N ARG B 124 14.61 -0.80 25.68
CA ARG B 124 13.91 -1.64 26.62
C ARG B 124 13.85 -3.06 26.11
N MET B 125 14.99 -3.54 25.59
CA MET B 125 15.10 -4.86 24.99
C MET B 125 15.90 -5.75 25.93
N HIS B 126 15.55 -7.03 25.95
CA HIS B 126 16.37 -8.05 26.63
C HIS B 126 16.76 -9.08 25.61
N VAL B 127 18.04 -9.10 25.24
CA VAL B 127 18.60 -10.12 24.38
C VAL B 127 19.30 -11.21 25.18
N LYS B 128 18.74 -12.42 25.11
CA LYS B 128 19.26 -13.56 25.88
C LYS B 128 20.28 -14.29 24.99
N GLY B 129 21.37 -13.58 24.70
CA GLY B 129 22.39 -13.99 23.75
C GLY B 129 23.16 -12.73 23.38
N GLY B 130 23.87 -12.76 22.28
CA GLY B 130 24.56 -11.58 21.83
C GLY B 130 23.77 -10.81 20.78
N LEU B 131 24.39 -9.73 20.31
CA LEU B 131 23.74 -8.80 19.38
C LEU B 131 24.78 -8.39 18.37
N ASN B 132 24.54 -8.78 17.13
CA ASN B 132 25.39 -8.40 16.02
C ASN B 132 24.78 -7.17 15.34
N LEU B 133 25.58 -6.12 15.26
CA LEU B 133 25.15 -4.84 14.68
C LEU B 133 25.56 -4.70 13.21
N ALA B 134 26.28 -5.65 12.65
CA ALA B 134 26.70 -5.57 11.24
C ALA B 134 25.87 -6.49 10.31
N PRO B 135 25.63 -6.06 9.06
CA PRO B 135 24.90 -6.88 8.10
C PRO B 135 25.73 -8.11 7.77
N ASP B 136 25.13 -9.13 7.19
CA ASP B 136 25.92 -10.29 6.75
C ASP B 136 26.78 -9.84 5.56
N GLY B 137 28.09 -10.08 5.67
CA GLY B 137 29.07 -9.50 4.73
C GLY B 137 30.05 -8.53 5.40
N TYR B 138 29.66 -8.01 6.57
CA TYR B 138 30.41 -6.97 7.26
C TYR B 138 30.57 -5.73 6.35
N GLY B 139 29.55 -5.47 5.57
CA GLY B 139 29.46 -4.24 4.78
C GLY B 139 29.31 -2.98 5.64
N TRP B 140 29.27 -1.84 4.98
CA TRP B 140 29.23 -0.58 5.67
C TRP B 140 27.97 -0.38 6.55
N ALA B 141 28.13 0.31 7.66
CA ALA B 141 27.01 0.57 8.54
C ALA B 141 27.32 1.82 9.38
N SER B 142 26.29 2.60 9.67
CA SER B 142 26.44 3.90 10.34
C SER B 142 25.32 4.17 11.38
N GLY B 143 25.28 3.29 12.38
CA GLY B 143 24.31 3.42 13.47
C GLY B 143 24.78 4.41 14.51
N GLY B 144 24.21 4.39 15.73
CA GLY B 144 23.17 3.53 16.18
C GLY B 144 22.87 3.92 17.62
N TYR B 145 21.83 3.32 18.19
CA TYR B 145 21.28 3.78 19.47
C TYR B 145 20.65 2.64 20.27
N ILE B 146 21.20 2.35 21.44
CA ILE B 146 20.64 1.32 22.34
C ILE B 146 20.44 2.02 23.65
N ALA B 147 19.24 1.89 24.21
CA ALA B 147 18.98 2.40 25.55
C ALA B 147 18.12 1.45 26.37
N ASP B 148 18.35 1.49 27.67
CA ASP B 148 17.53 0.79 28.66
C ASP B 148 17.41 -0.69 28.33
N SER B 149 18.49 -1.28 27.84
CA SER B 149 18.48 -2.68 27.39
C SER B 149 19.48 -3.53 28.15
N LYS B 150 19.22 -4.82 28.13
CA LYS B 150 20.17 -5.79 28.70
C LYS B 150 20.50 -6.81 27.61
N ILE B 151 21.77 -6.86 27.23
CA ILE B 151 22.26 -7.86 26.29
C ILE B 151 23.12 -8.84 27.10
N ASP B 152 22.67 -10.09 27.21
CA ASP B 152 23.38 -11.05 28.05
C ASP B 152 24.81 -11.32 27.62
N GLY B 153 25.05 -11.59 26.35
CA GLY B 153 26.42 -11.76 25.88
C GLY B 153 26.96 -10.51 25.22
N GLU B 154 27.77 -10.67 24.16
CA GLU B 154 28.46 -9.54 23.55
C GLU B 154 27.55 -8.85 22.54
N VAL B 155 27.56 -7.52 22.56
CA VAL B 155 27.25 -6.78 21.35
C VAL B 155 28.51 -6.62 20.53
N GLY B 156 28.41 -7.01 19.27
CA GLY B 156 29.54 -6.92 18.35
C GLY B 156 29.24 -5.93 17.23
N PRO B 157 29.96 -4.82 17.19
CA PRO B 157 29.62 -3.84 16.13
C PRO B 157 30.24 -4.18 14.78
N TYR B 158 31.36 -4.91 14.79
CA TYR B 158 32.15 -5.19 13.59
C TYR B 158 32.40 -3.91 12.74
N SER B 159 31.68 -3.78 11.63
CA SER B 159 31.76 -2.66 10.68
C SER B 159 31.19 -1.34 11.15
N GLN B 160 30.32 -1.36 12.15
CA GLN B 160 29.65 -0.10 12.60
C GLN B 160 30.64 1.02 12.87
N GLN B 161 30.44 2.17 12.22
CA GLN B 161 31.42 3.24 12.38
C GLN B 161 31.46 3.75 13.81
N GLN B 162 30.26 3.89 14.36
CA GLN B 162 30.09 4.54 15.65
C GLN B 162 28.80 4.03 16.25
N TRP B 163 28.59 4.34 17.53
CA TRP B 163 27.42 3.83 18.26
C TRP B 163 27.27 4.54 19.59
N TYR B 164 26.03 4.64 20.08
CA TYR B 164 25.79 5.20 21.41
C TYR B 164 24.91 4.24 22.19
N THR B 165 25.36 3.90 23.38
CA THR B 165 24.59 3.04 24.26
C THR B 165 24.44 3.76 25.58
N ARG B 166 23.19 3.77 26.06
CA ARG B 166 22.90 4.41 27.37
C ARG B 166 22.10 3.50 28.30
N ASP B 167 22.48 3.53 29.58
CA ASP B 167 21.65 2.99 30.65
C ASP B 167 21.15 1.58 30.38
N SER B 168 22.14 0.74 30.28
CA SER B 168 21.98 -0.60 29.82
C SER B 168 23.01 -1.48 30.53
N SER B 169 22.97 -2.74 30.16
CA SER B 169 23.89 -3.74 30.66
C SER B 169 24.30 -4.60 29.47
N VAL B 170 25.59 -4.83 29.31
CA VAL B 170 26.08 -5.71 28.24
C VAL B 170 27.05 -6.73 28.83
N GLY B 171 27.07 -7.92 28.25
CA GLY B 171 27.96 -8.97 28.74
C GLY B 171 29.35 -8.77 28.19
N GLY B 172 29.41 -8.21 26.98
CA GLY B 172 30.66 -7.97 26.26
C GLY B 172 30.46 -6.89 25.23
N TRP B 173 31.57 -6.37 24.72
CA TRP B 173 31.59 -5.39 23.65
C TRP B 173 32.76 -5.69 22.73
N GLY B 174 32.45 -5.98 21.49
CA GLY B 174 33.40 -6.58 20.59
C GLY B 174 34.52 -5.66 20.16
N ASN B 175 34.19 -4.42 19.76
CA ASN B 175 35.21 -3.56 19.19
C ASN B 175 34.65 -2.19 18.96
N GLY B 176 35.56 -1.27 18.64
CA GLY B 176 35.16 -0.02 18.01
C GLY B 176 35.51 0.07 16.52
N VAL B 177 35.32 1.25 15.97
CA VAL B 177 35.79 1.60 14.64
C VAL B 177 36.28 3.03 14.77
N TRP B 178 35.33 3.98 14.74
CA TRP B 178 35.65 5.39 14.98
C TRP B 178 35.19 6.02 16.31
N ASN B 179 34.00 5.65 16.82
CA ASN B 179 33.44 6.33 18.01
C ASN B 179 32.31 5.54 18.68
N MET B 180 32.65 4.71 19.66
CA MET B 180 31.69 3.99 20.47
C MET B 180 31.66 4.71 21.82
N THR B 181 30.51 5.29 22.15
CA THR B 181 30.28 6.02 23.39
C THR B 181 29.26 5.29 24.25
N PHE B 182 29.48 5.34 25.56
CA PHE B 182 28.65 4.64 26.54
C PHE B 182 28.42 5.62 27.68
N SER B 183 27.19 5.72 28.18
CA SER B 183 26.91 6.42 29.42
C SER B 183 25.96 5.56 30.26
N GLY B 184 26.37 5.28 31.48
CA GLY B 184 25.57 4.45 32.35
C GLY B 184 25.45 3.00 31.94
N VAL B 185 26.46 2.47 31.30
CA VAL B 185 26.37 1.11 30.76
C VAL B 185 27.20 0.13 31.58
N GLU B 186 26.50 -0.78 32.23
CA GLU B 186 27.17 -1.84 32.99
C GLU B 186 27.79 -2.83 32.00
N GLY B 187 29.10 -3.03 32.10
CA GLY B 187 29.79 -3.94 31.20
C GLY B 187 30.41 -3.21 30.03
N ALA B 188 30.27 -1.89 30.00
CA ALA B 188 30.90 -1.09 28.94
C ALA B 188 32.41 -1.28 29.00
N PRO B 189 33.07 -1.26 27.84
CA PRO B 189 34.53 -1.27 27.98
C PRO B 189 35.04 0.00 28.65
N ALA B 190 36.24 -0.12 29.18
CA ALA B 190 36.87 0.99 29.87
C ALA B 190 37.16 2.13 28.91
N GLN B 191 37.04 3.36 29.41
CA GLN B 191 37.49 4.55 28.68
C GLN B 191 38.89 4.34 28.09
N SER B 192 39.05 4.47 26.78
CA SER B 192 40.39 4.34 26.16
C SER B 192 40.69 5.09 24.86
N PHE B 193 39.77 5.95 24.41
CA PHE B 193 39.96 6.72 23.16
C PHE B 193 41.39 7.28 23.18
N PRO B 194 42.06 7.34 22.03
CA PRO B 194 41.64 6.90 20.70
C PRO B 194 41.74 5.41 20.42
N GLU B 195 42.43 4.63 21.25
CA GLU B 195 42.66 3.17 20.95
C GLU B 195 42.29 2.18 22.05
N PRO B 196 41.20 1.41 21.87
CA PRO B 196 40.20 1.65 20.81
C PRO B 196 39.41 2.94 21.10
N PRO B 197 38.63 3.42 20.13
CA PRO B 197 37.94 4.70 20.39
C PRO B 197 36.66 4.54 21.23
N TYR B 198 36.87 4.39 22.54
CA TYR B 198 35.82 4.16 23.52
C TYR B 198 35.74 5.35 24.46
N THR B 199 34.56 5.98 24.46
CA THR B 199 34.24 7.10 25.35
C THR B 199 33.23 6.59 26.35
N THR B 200 33.66 6.52 27.62
CA THR B 200 32.90 5.83 28.66
C THR B 200 32.65 6.72 29.90
N LEU B 201 31.36 6.96 30.14
CA LEU B 201 30.85 7.74 31.27
C LEU B 201 30.09 6.82 32.20
N GLU B 202 30.32 6.97 33.52
CA GLU B 202 29.86 6.03 34.53
C GLU B 202 28.34 6.10 34.56
N THR B 203 27.84 7.30 34.49
CA THR B 203 26.41 7.51 34.53
C THR B 203 26.00 8.50 33.46
N THR B 204 24.69 8.54 33.18
CA THR B 204 24.10 9.58 32.34
C THR B 204 23.55 10.63 33.29
N PRO B 205 23.88 11.92 33.06
CA PRO B 205 23.50 12.91 34.09
C PRO B 205 22.00 12.99 34.39
N VAL B 206 21.20 12.95 33.35
CA VAL B 206 19.75 12.84 33.50
C VAL B 206 19.22 12.04 32.33
N SER B 207 18.25 11.20 32.60
CA SER B 207 17.54 10.54 31.51
C SER B 207 16.14 10.30 32.00
N ARG B 208 15.29 9.94 31.07
CA ARG B 208 13.91 9.62 31.41
C ARG B 208 13.45 8.76 30.27
N GLU B 209 13.09 7.53 30.58
CA GLU B 209 12.78 6.64 29.50
C GLU B 209 11.54 7.03 28.72
N LYS B 210 11.54 6.60 27.47
CA LYS B 210 10.48 6.96 26.54
C LYS B 210 9.14 6.33 26.97
N PRO B 211 8.04 7.07 26.82
CA PRO B 211 6.76 6.39 27.07
C PRO B 211 6.44 5.32 26.04
N PHE B 212 5.61 4.33 26.41
CA PHE B 212 5.27 3.29 25.48
C PHE B 212 3.88 2.73 25.80
N LEU B 213 3.21 2.27 24.74
CA LEU B 213 1.92 1.62 24.84
C LEU B 213 2.11 0.23 25.46
N TYR B 214 1.17 -0.15 26.31
CA TYR B 214 1.19 -1.52 26.83
C TYR B 214 -0.21 -1.91 27.25
N LEU B 215 -0.35 -3.18 27.59
CA LEU B 215 -1.63 -3.67 28.10
C LEU B 215 -1.63 -3.94 29.60
N ASP B 216 -2.72 -3.47 30.20
CA ASP B 216 -3.16 -3.98 31.46
C ASP B 216 -4.33 -4.88 31.17
N GLY B 217 -4.18 -6.15 31.54
CA GLY B 217 -5.14 -7.16 31.15
C GLY B 217 -5.44 -6.91 29.70
N ASP B 218 -6.72 -6.66 29.43
CA ASP B 218 -7.23 -6.22 28.12
C ASP B 218 -7.20 -4.71 27.92
N ASP B 219 -6.55 -3.98 28.83
CA ASP B 219 -6.63 -2.50 28.77
C ASP B 219 -5.38 -1.73 28.39
N TYR B 220 -5.47 -1.17 27.19
CA TYR B 220 -4.42 -0.30 26.67
C TYR B 220 -4.15 0.86 27.62
N LYS B 221 -2.87 1.07 27.89
CA LYS B 221 -2.40 2.24 28.63
C LYS B 221 -1.08 2.67 27.98
N VAL B 222 -0.64 3.89 28.30
CA VAL B 222 0.71 4.34 27.97
C VAL B 222 1.47 4.50 29.29
N PHE B 223 2.61 3.85 29.38
CA PHE B 223 3.47 3.94 30.54
C PHE B 223 4.41 5.12 30.38
N VAL B 224 4.48 5.95 31.43
CA VAL B 224 5.33 7.13 31.43
C VAL B 224 6.38 6.99 32.51
N PRO B 225 7.58 6.50 32.14
CA PRO B 225 8.69 6.31 33.07
C PRO B 225 9.11 7.59 33.76
N ALA B 226 9.69 7.43 34.95
CA ALA B 226 10.09 8.55 35.77
C ALA B 226 11.53 8.99 35.47
N LYS B 227 11.75 10.25 35.79
CA LYS B 227 13.02 10.93 35.59
C LYS B 227 14.07 10.21 36.41
N ARG B 228 15.27 10.07 35.85
CA ARG B 228 16.41 9.52 36.59
C ARG B 228 17.52 10.53 36.57
N THR B 229 18.33 10.53 37.62
CA THR B 229 19.55 11.33 37.61
C THR B 229 20.77 10.44 37.89
N ASN B 230 21.90 10.69 37.23
CA ASN B 230 23.06 9.83 37.36
C ASN B 230 22.65 8.35 37.11
N ALA B 231 21.93 8.15 36.02
CA ALA B 231 21.41 6.84 35.66
C ALA B 231 22.52 5.85 35.33
N ARG B 232 22.29 4.59 35.69
CA ARG B 232 23.18 3.50 35.32
C ARG B 232 22.36 2.21 35.26
N GLY B 233 22.64 1.38 34.28
CA GLY B 233 21.89 0.15 34.10
C GLY B 233 20.43 0.41 33.72
N THR B 234 19.62 -0.64 33.67
CA THR B 234 18.27 -0.53 33.12
C THR B 234 17.32 -0.02 34.20
N SER B 235 16.21 0.54 33.74
CA SER B 235 15.19 1.04 34.61
C SER B 235 14.35 -0.09 35.22
N TRP B 236 14.44 -1.26 34.63
CA TRP B 236 13.48 -2.35 34.83
C TRP B 236 14.13 -3.66 35.31
N GLY B 237 13.27 -4.56 35.69
CA GLY B 237 13.73 -5.76 36.37
C GLY B 237 14.50 -5.42 37.65
N ASN B 238 13.95 -4.47 38.41
CA ASN B 238 14.22 -4.39 39.84
C ASN B 238 12.93 -3.99 40.61
N GLY B 239 11.76 -4.50 40.19
CA GLY B 239 10.48 -4.24 40.84
C GLY B 239 9.53 -3.50 39.90
N THR B 240 8.34 -3.05 40.37
CA THR B 240 7.53 -2.18 39.52
C THR B 240 8.45 -1.07 38.96
N PRO B 241 8.11 -0.56 37.80
CA PRO B 241 9.01 0.52 37.37
C PRO B 241 8.60 1.94 37.91
N GLU B 242 9.56 2.72 38.37
CA GLU B 242 9.45 4.19 38.46
C GLU B 242 8.53 4.85 37.43
N GLY B 243 7.29 5.21 37.78
CA GLY B 243 6.51 5.98 36.82
C GLY B 243 5.00 6.00 36.96
N GLU B 244 4.34 6.25 35.83
CA GLU B 244 2.90 6.41 35.78
C GLU B 244 2.28 5.89 34.47
N SER B 245 1.02 5.45 34.60
CA SER B 245 0.31 4.75 33.51
C SER B 245 -0.91 5.55 33.19
N LEU B 246 -1.01 5.99 31.95
CA LEU B 246 -2.19 6.67 31.46
C LEU B 246 -3.07 5.67 30.70
N PRO B 247 -4.40 5.76 30.82
CA PRO B 247 -5.32 5.04 29.94
C PRO B 247 -5.38 5.59 28.52
N LEU B 248 -5.64 4.76 27.50
CA LEU B 248 -5.73 5.25 26.13
C LEU B 248 -6.88 6.24 25.91
N ASP B 249 -8.01 6.03 26.58
CA ASP B 249 -9.11 7.00 26.58
C ASP B 249 -8.69 8.40 27.09
N GLN B 250 -7.50 8.50 27.68
CA GLN B 250 -6.86 9.78 28.06
C GLN B 250 -6.26 10.46 26.83
N PHE B 251 -6.07 9.68 25.78
CA PHE B 251 -5.40 10.17 24.56
C PHE B 251 -6.39 10.44 23.45
N TYR B 252 -6.14 11.46 22.65
CA TYR B 252 -6.73 11.54 21.30
C TYR B 252 -5.96 10.56 20.42
N VAL B 253 -6.66 9.62 19.77
CA VAL B 253 -5.99 8.63 18.93
C VAL B 253 -6.07 9.20 17.52
N VAL B 254 -4.96 9.87 17.17
CA VAL B 254 -4.82 10.61 15.92
C VAL B 254 -4.74 9.65 14.75
N LYS B 255 -5.57 9.89 13.75
CA LYS B 255 -5.43 9.19 12.48
C LYS B 255 -5.11 10.27 11.39
N PRO B 256 -4.13 10.00 10.50
CA PRO B 256 -3.70 10.85 9.39
C PRO B 256 -4.89 11.50 8.74
N GLY B 257 -4.75 12.67 8.10
CA GLY B 257 -5.93 13.40 7.68
C GLY B 257 -6.26 14.54 8.61
N ALA B 258 -5.98 14.36 9.90
CA ALA B 258 -6.43 15.25 10.96
C ALA B 258 -5.85 16.68 10.84
N THR B 259 -6.69 17.65 11.19
CA THR B 259 -6.33 19.05 11.21
C THR B 259 -5.61 19.45 12.51
N ALA B 260 -4.56 20.25 12.40
CA ALA B 260 -3.84 20.68 13.60
C ALA B 260 -4.79 21.34 14.63
N GLU B 261 -5.86 21.93 14.09
CA GLU B 261 -6.96 22.40 14.92
C GLU B 261 -7.63 21.33 15.77
N THR B 262 -8.00 20.20 15.15
CA THR B 262 -8.53 19.11 15.99
C THR B 262 -7.46 18.57 16.92
N ILE B 263 -6.26 18.38 16.41
CA ILE B 263 -5.16 17.98 17.26
C ILE B 263 -5.00 19.00 18.35
N ASN B 264 -4.89 20.25 17.98
CA ASN B 264 -4.65 21.29 18.99
C ASN B 264 -5.81 21.46 19.97
N ALA B 265 -7.03 21.22 19.51
CA ALA B 265 -8.20 21.31 20.38
C ALA B 265 -8.14 20.22 21.47
N ALA B 266 -7.69 19.04 21.10
CA ALA B 266 -7.62 17.94 22.05
C ALA B 266 -6.69 18.28 23.21
N VAL B 267 -5.53 18.85 22.88
CA VAL B 267 -4.60 19.20 23.93
C VAL B 267 -5.30 20.26 24.74
N ASP B 268 -6.04 21.14 24.02
CA ASP B 268 -7.03 22.10 24.61
C ASP B 268 -8.24 21.51 25.36
N GLN B 269 -8.41 20.21 25.28
CA GLN B 269 -9.40 19.57 26.10
C GLN B 269 -8.73 18.46 26.91
N GLY B 270 -7.47 18.70 27.28
CA GLY B 270 -6.80 17.90 28.29
C GLY B 270 -6.31 16.54 27.83
N LEU B 271 -6.43 16.28 26.53
CA LEU B 271 -6.08 14.96 26.01
C LEU B 271 -4.61 14.93 25.66
N HIS B 272 -4.00 13.78 25.87
CA HIS B 272 -2.71 13.50 25.29
C HIS B 272 -2.91 13.13 23.82
N LEU B 273 -1.81 12.91 23.12
CA LEU B 273 -1.84 12.62 21.70
C LEU B 273 -1.15 11.31 21.41
N LEU B 274 -1.84 10.42 20.72
CA LEU B 274 -1.22 9.18 20.23
C LEU B 274 -1.38 9.15 18.73
N PHE B 275 -0.28 9.31 18.01
CA PHE B 275 -0.34 9.29 16.57
C PHE B 275 -0.29 7.85 16.03
N THR B 276 -1.42 7.36 15.49
CA THR B 276 -1.41 6.05 14.80
C THR B 276 -0.49 6.12 13.58
N PRO B 277 0.03 4.95 13.09
CA PRO B 277 0.99 5.08 12.00
C PRO B 277 0.37 5.62 10.74
N GLY B 278 0.99 6.68 10.23
CA GLY B 278 0.60 7.24 8.97
C GLY B 278 1.34 8.54 8.74
N VAL B 279 0.90 9.29 7.72
CA VAL B 279 1.53 10.54 7.29
C VAL B 279 0.45 11.61 7.38
N TYR B 280 0.69 12.61 8.23
CA TYR B 280 -0.31 13.65 8.58
C TYR B 280 0.13 15.03 8.03
N HIS B 281 -0.57 15.51 7.01
CA HIS B 281 -0.25 16.84 6.52
C HIS B 281 -1.00 17.85 7.41
N VAL B 282 -0.32 18.93 7.76
CA VAL B 282 -0.90 19.98 8.57
C VAL B 282 -0.69 21.35 7.87
N ASP B 283 -1.67 22.26 8.03
CA ASP B 283 -1.57 23.60 7.46
C ASP B 283 -1.49 24.72 8.50
N GLN B 284 -1.48 24.35 9.78
CA GLN B 284 -1.24 25.25 10.91
C GLN B 284 -0.33 24.45 11.91
N PRO B 285 0.48 25.16 12.71
CA PRO B 285 1.30 24.26 13.56
C PRO B 285 0.53 23.47 14.66
N ILE B 286 1.14 22.39 15.12
CA ILE B 286 0.65 21.67 16.28
C ILE B 286 1.27 22.28 17.53
N GLU B 287 0.40 22.81 18.39
CA GLU B 287 0.84 23.43 19.64
C GLU B 287 0.71 22.41 20.80
N ILE B 288 1.64 22.45 21.73
CA ILE B 288 1.45 21.72 22.95
C ILE B 288 1.82 22.70 24.06
N ASP B 289 0.79 23.33 24.61
CA ASP B 289 0.94 24.35 25.66
C ASP B 289 0.29 23.93 26.97
N ARG B 290 0.40 22.65 27.27
CA ARG B 290 -0.19 22.05 28.45
C ARG B 290 0.84 21.15 29.15
N ALA B 291 1.12 21.44 30.42
CA ALA B 291 2.15 20.72 31.14
C ALA B 291 1.88 19.21 31.15
N ASN B 292 2.96 18.45 31.06
CA ASN B 292 2.90 16.98 31.10
C ASN B 292 2.18 16.26 29.96
N THR B 293 2.00 16.95 28.85
CA THR B 293 1.37 16.36 27.67
C THR B 293 2.32 15.37 27.05
N VAL B 294 1.77 14.21 26.72
CA VAL B 294 2.51 13.16 26.00
C VAL B 294 2.03 13.12 24.55
N ALA B 295 2.99 13.15 23.64
CA ALA B 295 2.72 13.09 22.21
C ALA B 295 3.54 11.95 21.67
N LEU B 296 2.91 10.80 21.55
CA LEU B 296 3.60 9.54 21.23
C LEU B 296 3.21 9.07 19.84
N GLY B 297 4.19 8.86 18.96
CA GLY B 297 3.95 8.27 17.66
C GLY B 297 4.23 6.78 17.63
N LEU B 298 3.37 6.07 16.92
CA LEU B 298 3.52 4.66 16.61
C LEU B 298 3.90 4.45 15.13
N GLY B 299 4.72 3.44 14.87
CA GLY B 299 5.04 3.04 13.52
C GLY B 299 5.58 4.19 12.65
N LEU B 300 6.47 5.03 13.20
CA LEU B 300 7.15 6.08 12.44
C LEU B 300 6.13 7.08 11.84
N ALA B 301 5.08 7.34 12.62
CA ALA B 301 4.11 8.39 12.36
C ALA B 301 4.82 9.68 11.97
N THR B 302 4.35 10.30 10.90
CA THR B 302 5.06 11.40 10.25
C THR B 302 4.17 12.63 10.11
N ILE B 303 4.73 13.81 10.37
CA ILE B 303 4.03 15.07 10.24
C ILE B 303 4.73 15.87 9.15
N ILE B 304 3.95 16.32 8.18
CA ILE B 304 4.42 17.20 7.12
C ILE B 304 3.73 18.57 7.21
N PRO B 305 4.52 19.63 7.46
CA PRO B 305 3.99 20.99 7.52
C PRO B 305 3.75 21.54 6.11
N ASP B 306 2.53 21.98 5.79
CA ASP B 306 2.21 22.55 4.49
C ASP B 306 2.34 24.06 4.60
N ASN B 307 2.42 24.75 3.45
CA ASN B 307 2.33 26.21 3.38
C ASN B 307 3.43 26.94 4.19
N GLY B 308 4.54 26.24 4.42
CA GLY B 308 5.69 26.81 5.10
C GLY B 308 5.55 26.96 6.60
N VAL B 309 4.55 26.33 7.20
CA VAL B 309 4.36 26.48 8.63
C VAL B 309 5.35 25.61 9.43
N THR B 310 5.46 25.93 10.72
CA THR B 310 6.16 25.08 11.66
C THR B 310 5.29 23.85 11.96
N ALA B 311 5.89 22.68 12.14
CA ALA B 311 5.08 21.47 12.38
C ALA B 311 4.67 21.36 13.85
N LEU B 312 5.60 21.65 14.75
CA LEU B 312 5.36 21.44 16.16
C LEU B 312 5.95 22.59 17.01
N LYS B 313 5.09 23.20 17.83
CA LYS B 313 5.53 24.23 18.80
C LYS B 313 5.12 23.81 20.18
N VAL B 314 6.11 23.61 21.05
CA VAL B 314 5.85 23.26 22.44
C VAL B 314 5.95 24.53 23.26
N GLY B 315 4.99 24.73 24.15
CA GLY B 315 4.94 25.94 24.96
C GLY B 315 5.90 25.90 26.12
N ASP B 316 5.88 26.95 26.96
CA ASP B 316 6.85 27.14 28.05
C ASP B 316 6.39 26.44 29.33
N VAL B 317 6.14 25.13 29.19
CA VAL B 317 5.57 24.31 30.25
C VAL B 317 6.48 23.12 30.62
N ASP B 318 6.23 22.60 31.82
CA ASP B 318 6.95 21.46 32.36
C ASP B 318 6.52 20.17 31.64
N GLY B 319 7.42 19.20 31.49
CA GLY B 319 7.01 17.83 31.37
C GLY B 319 6.41 17.28 30.10
N VAL B 320 6.54 18.01 29.00
CA VAL B 320 6.00 17.55 27.73
C VAL B 320 6.93 16.47 27.21
N LYS B 321 6.33 15.40 26.72
CA LYS B 321 7.11 14.25 26.26
C LYS B 321 6.70 13.97 24.81
N VAL B 322 7.58 14.32 23.89
CA VAL B 322 7.35 14.09 22.48
C VAL B 322 8.22 12.93 22.09
N ALA B 323 7.61 11.94 21.44
CA ALA B 323 8.30 10.66 21.24
C ALA B 323 7.85 9.93 19.99
N GLY B 324 8.81 9.46 19.19
CA GLY B 324 8.53 8.58 18.08
C GLY B 324 7.89 9.15 16.85
N LEU B 325 8.23 10.39 16.52
CA LEU B 325 7.67 11.08 15.37
C LEU B 325 8.73 11.50 14.38
N LEU B 326 8.37 11.42 13.10
CA LEU B 326 9.23 11.91 12.03
C LEU B 326 8.57 13.19 11.51
N VAL B 327 9.34 14.27 11.45
CA VAL B 327 8.87 15.50 10.84
C VAL B 327 9.56 15.61 9.49
N ASP B 328 8.77 15.74 8.42
CA ASP B 328 9.27 15.67 7.06
C ASP B 328 8.92 17.01 6.39
N ALA B 329 9.94 17.80 6.01
CA ALA B 329 9.69 19.10 5.40
C ALA B 329 8.80 19.03 4.17
N GLY B 330 7.97 20.04 4.00
CA GLY B 330 7.24 20.23 2.75
C GLY B 330 8.06 21.01 1.73
N PRO B 331 7.59 21.05 0.48
CA PRO B 331 8.27 21.74 -0.63
C PRO B 331 8.46 23.23 -0.36
N VAL B 332 7.47 23.81 0.29
CA VAL B 332 7.54 25.22 0.67
C VAL B 332 8.41 25.38 1.90
N ASN B 333 9.41 26.24 1.79
CA ASN B 333 10.31 26.43 2.96
C ASN B 333 9.62 26.80 4.25
N SER B 334 9.94 26.02 5.30
CA SER B 334 9.51 26.35 6.63
C SER B 334 10.65 27.04 7.38
N GLU B 335 10.31 28.15 8.00
CA GLU B 335 11.24 28.89 8.82
C GLU B 335 11.86 28.04 9.94
N THR B 336 11.00 27.29 10.60
CA THR B 336 11.40 26.27 11.54
C THR B 336 10.51 25.06 11.40
N LEU B 337 11.00 23.86 11.75
CA LEU B 337 10.16 22.67 11.76
C LEU B 337 9.64 22.28 13.15
N VAL B 338 10.49 22.42 14.16
CA VAL B 338 10.13 22.11 15.54
C VAL B 338 10.71 23.17 16.47
N GLU B 339 9.85 23.76 17.31
CA GLU B 339 10.30 24.73 18.31
C GLU B 339 9.89 24.35 19.71
N VAL B 340 10.87 24.16 20.58
CA VAL B 340 10.60 23.81 21.97
C VAL B 340 10.78 25.06 22.85
N GLY B 341 9.67 25.69 23.22
CA GLY B 341 9.64 26.95 23.98
C GLY B 341 9.74 28.21 23.13
N SER B 342 9.52 29.37 23.75
CA SER B 342 9.58 30.66 23.04
C SER B 342 10.99 31.31 22.97
N ASP B 343 11.23 32.27 22.06
CA ASP B 343 12.56 32.94 22.06
C ASP B 343 12.77 33.64 23.38
N GLY B 344 13.99 33.57 23.90
CA GLY B 344 14.28 34.21 25.17
C GLY B 344 13.53 33.55 26.33
N ALA B 345 12.77 32.48 26.04
CA ALA B 345 12.14 31.66 27.07
C ALA B 345 13.03 31.55 28.27
N SER B 346 12.49 31.98 29.41
CA SER B 346 13.27 32.11 30.64
C SER B 346 12.62 31.53 31.88
N GLY B 347 11.89 30.45 31.73
CA GLY B 347 11.57 29.64 32.90
C GLY B 347 12.46 28.43 33.06
N ASP B 348 12.28 27.75 34.18
CA ASP B 348 13.15 26.67 34.60
C ASP B 348 12.25 25.46 34.51
N HIS B 349 12.80 24.27 34.26
CA HIS B 349 11.97 23.04 34.19
C HIS B 349 12.80 21.87 34.74
N ALA B 350 13.60 22.11 35.79
CA ALA B 350 14.61 21.13 36.22
C ALA B 350 13.99 19.87 36.82
N ALA B 351 12.96 20.03 37.66
CA ALA B 351 12.29 18.89 38.28
C ALA B 351 11.62 17.98 37.21
N ASN B 352 10.94 18.61 36.26
CA ASN B 352 10.17 17.91 35.23
C ASN B 352 10.35 18.54 33.86
N PRO B 353 11.43 18.15 33.20
CA PRO B 353 11.72 18.78 31.91
C PRO B 353 10.85 18.28 30.77
N THR B 354 10.91 19.03 29.67
CA THR B 354 10.38 18.59 28.38
C THR B 354 11.41 17.76 27.65
N SER B 355 10.93 16.76 26.93
CA SER B 355 11.79 15.90 26.14
C SER B 355 11.39 15.76 24.65
N LEU B 356 12.40 15.46 23.85
CA LEU B 356 12.22 14.94 22.53
C LEU B 356 12.96 13.61 22.54
N GLN B 357 12.31 12.55 22.08
CA GLN B 357 12.95 11.23 22.03
C GLN B 357 12.49 10.50 20.79
N ASP B 358 13.45 9.97 20.05
CA ASP B 358 13.14 9.38 18.76
C ASP B 358 12.33 10.35 17.91
N VAL B 359 12.77 11.61 17.92
CA VAL B 359 12.22 12.62 17.02
C VAL B 359 13.23 12.78 15.87
N PHE B 360 12.75 12.49 14.67
CA PHE B 360 13.59 12.50 13.50
C PHE B 360 13.09 13.58 12.57
N VAL B 361 13.99 14.22 11.87
CA VAL B 361 13.61 15.28 10.93
C VAL B 361 14.27 14.97 9.60
N ARG B 362 13.50 15.10 8.51
CA ARG B 362 14.00 14.88 7.16
C ARG B 362 13.67 16.10 6.31
N ILE B 363 14.65 16.56 5.55
CA ILE B 363 14.47 17.61 4.59
C ILE B 363 14.83 17.10 3.21
N GLY B 364 13.81 16.83 2.40
CA GLY B 364 14.05 16.30 1.07
C GLY B 364 14.16 14.79 1.05
N GLY B 365 14.27 14.20 -0.14
CA GLY B 365 14.49 12.77 -0.23
C GLY B 365 13.23 12.03 -0.62
N ALA B 366 12.13 12.33 0.08
CA ALA B 366 10.82 11.80 -0.31
C ALA B 366 10.06 12.88 -1.08
N GLY B 367 10.81 13.60 -1.92
CA GLY B 367 10.31 14.75 -2.64
C GLY B 367 11.08 15.99 -2.23
N PRO B 368 10.93 17.11 -2.96
CA PRO B 368 11.68 18.28 -2.54
C PRO B 368 11.11 18.83 -1.24
N GLY B 369 12.01 19.29 -0.39
CA GLY B 369 11.67 19.80 0.92
C GLY B 369 12.71 20.85 1.32
N LYS B 370 12.28 21.89 2.05
CA LYS B 370 13.17 22.95 2.55
C LYS B 370 12.76 23.48 3.92
N ALA B 371 13.75 23.82 4.73
CA ALA B 371 13.53 24.52 5.99
C ALA B 371 14.80 25.26 6.39
N THR B 372 14.63 26.42 7.00
CA THR B 372 15.76 27.25 7.40
C THR B 372 16.50 26.66 8.61
N THR B 373 15.74 26.44 9.69
CA THR B 373 16.23 25.76 10.89
C THR B 373 15.29 24.62 11.19
N SER B 374 15.84 23.45 11.53
CA SER B 374 14.94 22.31 11.74
C SER B 374 14.40 22.25 13.19
N ILE B 375 15.29 22.35 14.16
CA ILE B 375 14.88 22.27 15.56
C ILE B 375 15.48 23.39 16.36
N VAL B 376 14.60 24.17 17.01
CA VAL B 376 15.04 25.25 17.89
C VAL B 376 14.62 24.89 19.27
N VAL B 377 15.61 24.80 20.15
CA VAL B 377 15.37 24.42 21.55
C VAL B 377 15.58 25.63 22.44
N ASN B 378 14.46 26.21 22.85
CA ASN B 378 14.44 27.43 23.65
C ASN B 378 14.37 27.17 25.16
N SER B 379 13.65 26.14 25.54
CA SER B 379 13.36 25.85 26.94
C SER B 379 14.50 25.24 27.72
N ASN B 380 14.73 25.80 28.90
CA ASN B 380 15.76 25.32 29.78
C ASN B 380 15.44 23.94 30.30
N ASP B 381 16.51 23.18 30.46
CA ASP B 381 16.49 21.84 31.03
C ASP B 381 15.94 20.76 30.08
N THR B 382 15.66 21.16 28.86
CA THR B 382 15.18 20.23 27.83
C THR B 382 16.17 19.10 27.60
N ILE B 383 15.61 17.91 27.42
CA ILE B 383 16.42 16.74 27.14
C ILE B 383 16.12 16.24 25.71
N ILE B 384 17.17 16.10 24.89
CA ILE B 384 17.04 15.56 23.55
C ILE B 384 17.73 14.20 23.62
N ASP B 385 16.93 13.15 23.57
CA ASP B 385 17.42 11.78 23.76
C ASP B 385 17.08 10.96 22.52
N HIS B 386 18.07 10.88 21.65
CA HIS B 386 17.98 10.26 20.32
C HIS B 386 17.24 11.08 19.30
N THR B 387 18.03 11.72 18.46
CA THR B 387 17.48 12.52 17.38
C THR B 387 18.33 12.34 16.13
N TRP B 388 17.69 12.28 14.97
CA TRP B 388 18.37 12.35 13.67
C TRP B 388 17.72 13.46 12.88
N VAL B 389 18.53 14.47 12.57
CA VAL B 389 18.08 15.67 11.88
C VAL B 389 18.91 15.66 10.59
N TRP B 390 18.23 15.35 9.49
CA TRP B 390 18.87 14.89 8.25
C TRP B 390 18.37 15.66 7.04
N ARG B 391 19.27 16.43 6.44
CA ARG B 391 19.02 16.99 5.14
C ARG B 391 19.38 15.92 4.14
N ALA B 392 18.43 15.46 3.33
CA ALA B 392 18.66 14.28 2.53
C ALA B 392 19.84 14.45 1.56
N ASP B 393 20.71 13.43 1.51
CA ASP B 393 21.80 13.37 0.54
C ASP B 393 21.47 12.55 -0.69
N HIS B 394 20.34 11.87 -0.70
CA HIS B 394 19.96 10.99 -1.79
C HIS B 394 18.45 10.89 -1.81
N GLY B 395 17.93 10.33 -2.89
CA GLY B 395 16.49 10.29 -3.11
C GLY B 395 16.07 11.30 -4.16
N GLU B 396 14.82 11.74 -4.06
CA GLU B 396 14.18 12.63 -5.01
C GLU B 396 13.99 14.00 -4.37
N GLY B 397 14.27 15.08 -5.10
CA GLY B 397 14.06 16.41 -4.53
C GLY B 397 15.24 16.83 -3.72
N VAL B 398 16.41 16.46 -4.23
CA VAL B 398 17.66 16.57 -3.51
C VAL B 398 18.68 17.37 -4.36
N GLY B 399 19.33 18.35 -3.71
CA GLY B 399 20.21 19.32 -4.38
C GLY B 399 20.61 20.51 -3.51
N TRP B 400 21.78 21.07 -3.82
CA TRP B 400 22.34 22.19 -3.05
C TRP B 400 21.34 23.27 -2.80
N GLU B 401 20.51 23.60 -3.78
CA GLU B 401 19.41 24.53 -3.54
C GLU B 401 18.03 23.81 -3.55
N THR B 402 17.90 22.70 -4.28
CA THR B 402 16.63 21.93 -4.26
C THR B 402 16.08 21.65 -2.83
N ASN B 403 16.87 21.02 -2.01
CA ASN B 403 16.49 20.81 -0.62
C ASN B 403 17.43 21.53 0.34
N ARG B 404 17.70 22.79 0.00
CA ARG B 404 18.46 23.67 0.87
C ARG B 404 17.89 23.65 2.29
N ALA B 405 18.80 23.54 3.25
CA ALA B 405 18.45 23.64 4.66
C ALA B 405 19.66 24.17 5.40
N ASP B 406 19.62 25.41 5.85
CA ASP B 406 20.84 26.02 6.37
C ASP B 406 21.30 25.45 7.69
N TYR B 407 20.34 25.27 8.61
CA TYR B 407 20.66 24.98 10.01
C TYR B 407 19.89 23.80 10.57
N GLY B 408 20.59 22.92 11.26
CA GLY B 408 19.97 21.70 11.75
C GLY B 408 19.27 21.97 13.07
N VAL B 409 20.08 22.08 14.09
CA VAL B 409 19.59 22.25 15.47
C VAL B 409 20.24 23.49 16.04
N HIS B 410 19.42 24.31 16.71
CA HIS B 410 19.92 25.50 17.41
C HIS B 410 19.42 25.43 18.84
N VAL B 411 20.34 25.26 19.76
CA VAL B 411 20.00 25.21 21.19
C VAL B 411 20.28 26.55 21.82
N LYS B 412 19.22 27.21 22.28
CA LYS B 412 19.30 28.54 22.90
C LYS B 412 18.95 28.50 24.40
N GLY B 413 18.41 27.38 24.89
CA GLY B 413 18.07 27.23 26.32
C GLY B 413 19.27 26.79 27.15
N ASP B 414 19.17 26.95 28.49
CA ASP B 414 20.24 26.60 29.39
C ASP B 414 20.02 25.22 29.98
N ASN B 415 21.12 24.57 30.30
CA ASN B 415 21.12 23.24 30.90
C ASN B 415 20.35 22.23 30.06
N VAL B 416 20.51 22.38 28.76
CA VAL B 416 19.99 21.39 27.81
C VAL B 416 20.94 20.23 27.66
N LEU B 417 20.38 19.02 27.59
CA LEU B 417 21.19 17.80 27.50
C LEU B 417 20.79 17.12 26.21
N ALA B 418 21.75 16.78 25.38
CA ALA B 418 21.54 15.91 24.24
C ALA B 418 22.26 14.58 24.47
N THR B 419 21.55 13.48 24.32
CA THR B 419 22.16 12.15 24.41
C THR B 419 21.82 11.36 23.14
N GLY B 420 22.82 11.12 22.30
CA GLY B 420 22.59 10.47 21.00
C GLY B 420 22.11 11.47 19.98
N LEU B 421 23.00 12.40 19.63
CA LEU B 421 22.70 13.48 18.66
C LEU B 421 23.31 13.14 17.29
N PHE B 422 22.44 12.93 16.29
CA PHE B 422 22.84 12.67 14.89
C PHE B 422 22.30 13.81 14.00
N VAL B 423 23.17 14.61 13.39
CA VAL B 423 22.75 15.74 12.55
C VAL B 423 23.62 15.83 11.31
N GLU B 424 23.03 15.78 10.13
CA GLU B 424 23.84 15.70 8.89
C GLU B 424 23.36 16.51 7.68
N HIS B 425 24.37 17.05 6.99
CA HIS B 425 24.32 17.61 5.64
C HIS B 425 23.76 19.02 5.43
N PHE B 426 23.65 19.82 6.51
CA PHE B 426 23.11 21.17 6.38
C PHE B 426 24.04 22.10 5.58
N ASN B 427 23.48 23.09 4.86
CA ASN B 427 24.28 24.03 4.11
C ASN B 427 25.26 24.77 4.98
N LYS B 428 24.81 25.13 6.17
CA LYS B 428 25.58 25.95 7.11
C LYS B 428 25.80 25.13 8.39
N TYR B 429 25.65 25.70 9.57
CA TYR B 429 25.92 24.97 10.80
C TYR B 429 24.93 23.87 11.11
N ASP B 430 25.38 22.63 11.25
CA ASP B 430 24.44 21.54 11.52
C ASP B 430 23.90 21.75 12.92
N VAL B 431 24.80 22.06 13.84
CA VAL B 431 24.45 22.30 15.24
C VAL B 431 25.07 23.60 15.73
N GLN B 432 24.22 24.46 16.30
CA GLN B 432 24.64 25.73 16.90
C GLN B 432 24.15 25.80 18.36
N TRP B 433 25.02 26.20 19.28
CA TRP B 433 24.68 26.19 20.73
C TRP B 433 24.98 27.53 21.41
N SER B 434 23.89 28.29 21.59
CA SER B 434 23.88 29.61 22.26
C SER B 434 23.77 29.48 23.80
N GLY B 435 22.93 28.57 24.28
CA GLY B 435 22.69 28.44 25.70
C GLY B 435 23.87 28.04 26.57
N GLU B 436 23.74 28.27 27.87
CA GLU B 436 24.74 27.97 28.84
C GLU B 436 24.58 26.54 29.39
N ASN B 437 25.69 26.00 29.87
CA ASN B 437 25.73 24.68 30.49
C ASN B 437 25.14 23.55 29.67
N GLY B 438 25.21 23.67 28.35
CA GLY B 438 24.84 22.55 27.51
C GLY B 438 25.80 21.35 27.66
N LYS B 439 25.25 20.16 27.44
CA LYS B 439 26.03 18.93 27.43
C LYS B 439 25.58 18.08 26.25
N THR B 440 26.54 17.52 25.52
CA THR B 440 26.23 16.54 24.45
C THR B 440 27.05 15.27 24.72
N ILE B 441 26.34 14.16 24.85
CA ILE B 441 26.95 12.84 24.96
C ILE B 441 26.58 12.09 23.67
N PHE B 442 27.62 11.92 22.85
CA PHE B 442 27.60 11.32 21.50
C PHE B 442 27.02 12.23 20.43
N TYR B 443 27.87 12.54 19.44
CA TYR B 443 27.48 13.31 18.23
C TYR B 443 28.05 12.62 16.99
N GLN B 444 27.17 12.38 16.01
CA GLN B 444 27.56 11.96 14.66
C GLN B 444 27.06 12.96 13.65
N ASN B 445 28.02 13.51 12.91
CA ASN B 445 27.74 14.42 11.79
C ASN B 445 28.40 13.92 10.50
N ALA B 446 27.74 14.21 9.38
CA ALA B 446 28.38 14.20 8.06
C ALA B 446 27.95 15.45 7.32
N LYS B 447 28.95 16.27 7.01
CA LYS B 447 28.77 17.47 6.20
C LYS B 447 28.08 17.26 4.83
N ALA B 448 27.57 18.36 4.30
CA ALA B 448 26.89 18.35 3.01
C ALA B 448 27.81 17.80 1.92
N TYR B 449 27.31 16.93 1.05
CA TYR B 449 28.14 16.33 0.00
C TYR B 449 28.16 17.22 -1.27
N ASP B 450 27.10 18.03 -1.42
CA ASP B 450 26.82 18.72 -2.69
C ASP B 450 27.25 20.17 -2.86
N ALA B 451 28.05 20.68 -1.94
CA ALA B 451 28.63 21.98 -2.14
C ALA B 451 29.42 21.96 -3.44
N PRO B 452 29.06 22.84 -4.40
CA PRO B 452 29.62 22.79 -5.75
C PRO B 452 31.06 23.30 -5.82
N ASP B 453 31.41 24.17 -4.87
CA ASP B 453 32.75 24.75 -4.79
C ASP B 453 33.04 25.34 -3.38
N GLN B 454 34.26 25.81 -3.20
CA GLN B 454 34.71 26.34 -1.94
C GLN B 454 33.92 27.57 -1.53
N ALA B 455 33.79 28.49 -2.49
CA ALA B 455 33.22 29.79 -2.22
C ALA B 455 31.79 29.64 -1.74
N ALA B 456 31.14 28.56 -2.15
CA ALA B 456 29.73 28.36 -1.82
C ALA B 456 29.52 28.05 -0.33
N ILE B 457 30.61 27.71 0.38
CA ILE B 457 30.56 27.47 1.83
C ILE B 457 31.45 28.41 2.66
N GLN B 458 31.84 29.56 2.10
CA GLN B 458 32.60 30.51 2.93
C GLN B 458 31.79 30.99 4.13
N ASN B 459 32.44 31.11 5.31
CA ASN B 459 31.85 31.62 6.56
C ASN B 459 32.77 32.70 7.18
N GLY B 460 32.66 33.95 6.71
CA GLY B 460 33.68 34.98 7.00
C GLY B 460 35.07 34.57 6.49
N ASP B 461 36.09 34.57 7.36
CA ASP B 461 37.43 34.12 6.93
C ASP B 461 37.66 32.65 7.31
N ILE B 462 36.56 31.90 7.35
CA ILE B 462 36.59 30.47 7.70
C ILE B 462 36.00 29.65 6.55
N LYS B 463 36.73 28.58 6.21
CA LYS B 463 36.33 27.70 5.15
C LYS B 463 35.28 26.69 5.67
N GLY B 464 34.04 26.88 5.25
CA GLY B 464 32.95 26.01 5.62
C GLY B 464 32.41 26.39 7.00
N TYR B 465 31.33 25.72 7.38
CA TYR B 465 30.67 25.93 8.68
C TYR B 465 30.88 24.71 9.57
N ALA B 466 31.26 24.92 10.81
CA ALA B 466 31.35 23.83 11.78
C ALA B 466 30.11 22.93 11.79
N ALA B 467 30.33 21.64 11.98
CA ALA B 467 29.23 20.73 12.31
C ALA B 467 28.61 21.02 13.67
N TYR B 468 29.40 21.55 14.58
CA TYR B 468 28.97 21.78 15.95
C TYR B 468 29.71 23.01 16.44
N LYS B 469 28.92 24.09 16.60
CA LYS B 469 29.43 25.38 16.97
C LYS B 469 28.89 25.83 18.30
N VAL B 470 29.79 26.08 19.23
CA VAL B 470 29.47 26.76 20.47
C VAL B 470 29.73 28.25 20.29
N ASP B 471 28.73 29.07 20.64
CA ASP B 471 28.91 30.50 20.50
C ASP B 471 30.02 31.01 21.42
N ASP B 472 30.70 32.04 20.99
CA ASP B 472 31.71 32.69 21.79
C ASP B 472 31.09 33.36 23.04
N SER B 473 29.82 33.63 22.96
CA SER B 473 29.15 34.24 24.07
C SER B 473 28.96 33.19 25.21
N VAL B 474 29.37 31.94 24.99
CA VAL B 474 29.14 30.94 26.04
C VAL B 474 30.25 30.72 27.09
N THR B 475 29.83 30.56 28.35
CA THR B 475 30.74 30.29 29.49
C THR B 475 31.03 28.83 29.85
N THR B 476 29.99 28.01 29.78
CA THR B 476 30.07 26.61 30.21
C THR B 476 29.43 25.71 29.14
N HIS B 477 30.13 24.64 28.76
CA HIS B 477 29.63 23.64 27.79
C HIS B 477 30.52 22.40 27.89
N GLU B 478 29.96 21.22 27.63
CA GLU B 478 30.78 20.00 27.64
C GLU B 478 30.22 18.99 26.65
N GLY B 479 31.09 18.39 25.84
CA GLY B 479 30.68 17.41 24.87
C GLY B 479 31.64 16.20 24.92
N TRP B 480 31.08 15.02 24.68
CA TRP B 480 31.86 13.78 24.75
C TRP B 480 31.55 12.91 23.53
N GLY B 481 32.59 12.40 22.88
CA GLY B 481 32.38 11.40 21.84
C GLY B 481 31.71 11.91 20.58
N MET B 482 32.44 12.77 19.87
CA MET B 482 31.85 13.53 18.82
C MET B 482 32.64 13.44 17.52
N GLY B 483 31.93 13.17 16.42
CA GLY B 483 32.62 13.07 15.13
C GLY B 483 31.91 13.81 14.01
N SER B 484 32.73 14.30 13.09
CA SER B 484 32.21 14.90 11.87
C SER B 484 32.94 14.32 10.65
N TYR B 485 32.19 13.87 9.65
CA TYR B 485 32.79 13.24 8.46
C TYR B 485 32.45 14.05 7.22
N CYS B 486 33.37 14.06 6.25
CA CYS B 486 33.10 14.74 4.99
C CYS B 486 33.22 13.81 3.81
N TYR B 487 32.45 14.15 2.79
CA TYR B 487 32.41 13.44 1.50
C TYR B 487 31.91 14.40 0.45
N PHE B 488 32.84 15.23 0.01
CA PHE B 488 32.52 16.31 -0.93
C PHE B 488 32.62 15.71 -2.32
N ASN B 489 31.53 15.00 -2.67
CA ASN B 489 31.43 14.13 -3.85
C ASN B 489 31.43 14.96 -5.10
N VAL B 490 30.72 16.08 -5.03
CA VAL B 490 30.58 16.96 -6.18
C VAL B 490 31.92 17.60 -6.49
N ASN B 491 32.66 17.98 -5.44
CA ASN B 491 33.91 18.72 -5.61
C ASN B 491 34.92 18.39 -4.54
N PRO B 492 35.72 17.33 -4.79
CA PRO B 492 36.60 16.85 -3.72
C PRO B 492 37.95 17.55 -3.57
N ASP B 493 38.07 18.78 -4.11
CA ASP B 493 39.18 19.67 -3.75
C ASP B 493 38.77 20.67 -2.67
N ILE B 494 37.50 20.61 -2.28
CA ILE B 494 36.99 21.43 -1.20
C ILE B 494 37.71 21.11 0.11
N ARG B 495 37.72 22.11 0.97
CA ARG B 495 38.37 22.04 2.25
C ARG B 495 37.42 22.56 3.33
N GLN B 496 37.30 21.78 4.42
CA GLN B 496 36.49 22.09 5.58
C GLN B 496 37.47 22.46 6.70
N GLN B 497 37.39 23.69 7.22
CA GLN B 497 38.38 24.15 8.22
C GLN B 497 38.40 23.25 9.44
N HIS B 498 37.21 22.94 9.95
CA HIS B 498 37.09 22.16 11.18
C HIS B 498 35.72 21.52 11.32
N GLY B 499 35.64 20.52 12.19
CA GLY B 499 34.37 19.89 12.52
C GLY B 499 33.65 20.64 13.60
N PHE B 500 34.43 21.28 14.47
CA PHE B 500 33.95 21.89 15.70
C PHE B 500 34.54 23.29 15.86
N GLN B 501 33.75 24.17 16.44
CA GLN B 501 34.18 25.51 16.83
C GLN B 501 33.60 25.92 18.18
N ALA B 502 34.48 26.45 19.02
CA ALA B 502 34.09 26.90 20.34
C ALA B 502 35.06 27.95 20.84
N PRO B 503 34.60 28.75 21.79
CA PRO B 503 35.55 29.62 22.49
C PRO B 503 36.50 28.84 23.39
N VAL B 504 37.66 29.43 23.69
CA VAL B 504 38.68 28.78 24.51
C VAL B 504 38.54 29.45 25.88
N LYS B 505 37.97 28.68 26.80
CA LYS B 505 37.54 29.13 28.10
C LYS B 505 37.46 27.95 29.01
N PRO B 506 37.70 28.19 30.31
CA PRO B 506 37.90 27.09 31.24
C PRO B 506 36.65 26.26 31.53
N GLY B 507 35.47 26.80 31.27
CA GLY B 507 34.24 26.04 31.49
C GLY B 507 33.72 25.39 30.22
N VAL B 508 34.42 25.54 29.09
CA VAL B 508 34.04 24.89 27.81
C VAL B 508 35.04 23.78 27.49
N LYS B 509 34.55 22.55 27.53
CA LYS B 509 35.46 21.45 27.32
C LYS B 509 34.89 20.31 26.49
N PHE B 510 35.76 19.73 25.68
CA PHE B 510 35.38 18.59 24.87
C PHE B 510 36.28 17.40 25.13
N HIS B 511 35.73 16.22 24.90
CA HIS B 511 36.40 14.95 25.10
C HIS B 511 36.16 14.07 23.89
N ASP B 512 37.25 13.56 23.29
CA ASP B 512 37.18 12.53 22.27
C ASP B 512 36.44 13.06 21.05
N LEU B 513 37.15 13.88 20.30
CA LEU B 513 36.68 14.46 19.05
C LEU B 513 37.45 13.86 17.86
N LEU B 514 36.76 13.66 16.73
CA LEU B 514 37.43 13.25 15.51
C LEU B 514 36.76 13.86 14.30
N VAL B 515 37.57 14.02 13.26
CA VAL B 515 37.05 14.28 11.93
C VAL B 515 37.60 13.25 10.94
N VAL B 516 36.84 12.97 9.87
CA VAL B 516 37.20 11.90 8.95
C VAL B 516 36.81 12.30 7.51
N SER B 517 37.77 12.20 6.59
CA SER B 517 37.47 12.28 5.16
C SER B 517 37.11 10.90 4.67
N LEU B 518 35.91 10.77 4.14
CA LEU B 518 35.47 9.51 3.55
C LEU B 518 36.03 9.34 2.12
N GLY B 519 37.29 8.93 1.98
CA GLY B 519 37.79 8.61 0.67
C GLY B 519 38.34 9.83 -0.03
N GLY B 520 38.93 10.76 0.73
CA GLY B 520 39.54 11.96 0.16
C GLY B 520 38.63 12.85 -0.65
N LYS B 521 37.33 12.65 -0.50
CA LYS B 521 36.40 13.55 -1.11
C LYS B 521 36.37 14.78 -0.21
N GLY B 522 37.32 15.67 -0.47
CA GLY B 522 37.59 16.77 0.42
C GLY B 522 38.50 16.37 1.57
N GLN B 523 38.91 17.37 2.35
CA GLN B 523 39.67 17.15 3.56
C GLN B 523 39.32 18.21 4.62
N TYR B 524 39.46 17.82 5.88
CA TYR B 524 39.47 18.78 7.00
C TYR B 524 40.85 19.41 7.19
N GLU B 525 40.94 20.70 7.53
CA GLU B 525 42.25 21.31 7.84
C GLU B 525 42.64 21.10 9.30
N HIS B 526 41.62 20.96 10.16
CA HIS B 526 41.82 20.73 11.61
C HIS B 526 40.59 20.02 12.16
N VAL B 527 40.64 19.71 13.45
CA VAL B 527 39.51 19.08 14.14
C VAL B 527 38.55 20.11 14.76
N ILE B 528 39.10 20.99 15.59
CA ILE B 528 38.32 22.03 16.30
C ILE B 528 39.08 23.35 16.27
N ASN B 529 38.39 24.45 15.93
CA ASN B 529 39.04 25.74 15.72
C ASN B 529 40.22 25.52 14.76
N ASP B 530 41.46 25.85 15.15
CA ASP B 530 42.66 25.55 14.33
C ASP B 530 43.56 24.55 15.04
N ILE B 531 42.94 23.68 15.81
CA ILE B 531 43.61 22.62 16.54
C ILE B 531 43.26 21.26 15.95
N GLY B 532 44.26 20.38 15.99
CA GLY B 532 44.15 19.03 15.44
C GLY B 532 44.71 18.91 14.04
N ASP B 533 45.17 17.71 13.72
CA ASP B 533 45.74 17.47 12.42
C ASP B 533 44.69 17.65 11.32
N PRO B 534 45.14 18.15 10.15
CA PRO B 534 44.28 17.98 8.98
C PRO B 534 44.13 16.49 8.71
N THR B 535 43.08 16.11 7.98
CA THR B 535 43.03 14.79 7.41
C THR B 535 43.90 14.82 6.17
N SER B 536 44.21 13.64 5.63
CA SER B 536 45.07 13.55 4.48
C SER B 536 45.06 12.12 3.97
N GLY B 537 45.42 11.94 2.70
CA GLY B 537 45.31 10.66 2.03
C GLY B 537 43.87 10.38 1.61
N ASP B 538 43.64 9.20 1.01
CA ASP B 538 42.29 8.74 0.68
C ASP B 538 41.92 7.46 1.41
N THR B 539 42.55 7.26 2.56
CA THR B 539 42.46 6.01 3.30
C THR B 539 41.49 6.04 4.50
N THR B 540 40.88 7.18 4.70
CA THR B 540 39.83 7.34 5.74
C THR B 540 40.30 7.00 7.16
N ILE B 541 41.34 7.71 7.57
CA ILE B 541 41.86 7.54 8.91
C ILE B 541 41.55 8.80 9.66
N PRO B 542 40.90 8.67 10.82
CA PRO B 542 40.42 9.87 11.50
C PRO B 542 41.56 10.71 11.99
N SER B 543 41.31 12.01 12.12
CA SER B 543 42.19 12.90 12.85
C SER B 543 41.51 13.20 14.14
N GLN B 544 42.23 13.02 15.24
CA GLN B 544 41.58 13.01 16.55
C GLN B 544 42.16 14.03 17.50
N VAL B 545 41.31 14.47 18.41
CA VAL B 545 41.80 15.14 19.63
C VAL B 545 41.14 14.54 20.89
N VAL B 546 41.96 14.18 21.88
CA VAL B 546 41.40 13.56 23.08
C VAL B 546 40.71 14.59 23.97
N SER B 547 41.40 15.72 24.19
CA SER B 547 40.91 16.80 25.07
C SER B 547 41.09 18.18 24.46
N PHE B 548 40.08 19.03 24.62
CA PHE B 548 40.17 20.44 24.22
C PHE B 548 39.49 21.22 25.37
N PRO B 549 40.03 22.41 25.71
CA PRO B 549 41.18 23.08 25.07
C PRO B 549 42.50 22.50 25.58
C2 BGC C . 1.26 -27.81 -25.12
C3 BGC C . 1.21 -26.85 -24.06
C4 BGC C . 0.66 -27.46 -22.79
C5 BGC C . 1.23 -28.84 -22.50
C6 BGC C . 0.46 -29.61 -21.49
C1 BGC C . 2.14 -28.92 -24.62
O1 BGC C . 2.61 -29.64 -25.58
O2 BGC C . 1.78 -27.36 -26.39
O3 BGC C . 0.48 -25.62 -24.51
O4 BGC C . 0.88 -26.66 -21.67
O5 BGC C . 1.35 -29.67 -23.65
O6 BGC C . 1.00 -30.86 -21.11
C2 BGC C . 0.53 -23.29 -24.93
C3 BGC C . 1.13 -21.98 -24.58
C4 BGC C . 1.38 -21.90 -23.17
C5 BGC C . 2.33 -23.03 -23.07
C6 BGC C . 3.42 -22.70 -22.15
C1 BGC C . 1.25 -24.49 -24.36
O2 BGC C . 0.47 -23.38 -26.34
O3 BGC C . 0.19 -20.95 -25.01
O4 BGC C . 2.03 -20.73 -22.67
O5 BGC C . 1.55 -24.24 -22.96
O6 BGC C . 4.66 -23.25 -22.43
C2 BGC C . -0.17 -18.82 -25.97
C3 BGC C . 0.45 -17.65 -26.60
C4 BGC C . 1.59 -17.13 -25.83
C5 BGC C . 2.55 -18.27 -25.55
C6 BGC C . 3.72 -17.85 -24.74
C1 BGC C . 0.86 -19.92 -25.71
O2 BGC C . -1.21 -19.40 -26.77
O3 BGC C . -0.58 -16.59 -26.60
O4 BGC C . 2.30 -16.11 -26.54
O5 BGC C . 1.87 -19.34 -24.85
O6 BGC C . 4.61 -18.91 -24.53
C2 BGC C . -2.06 -15.14 -27.78
C3 BGC C . -2.31 -14.41 -29.07
C4 BGC C . -1.04 -13.89 -29.67
C5 BGC C . -0.06 -15.06 -29.81
C6 BGC C . 1.27 -14.67 -30.43
C1 BGC C . -0.97 -16.19 -27.87
O2 BGC C . -3.27 -15.75 -27.34
O3 BGC C . -3.18 -13.32 -28.69
O4 BGC C . -1.22 -13.33 -30.92
O5 BGC C . 0.21 -15.59 -28.51
O6 BGC C . 2.14 -15.78 -30.48
C2 BGC C . -5.27 -12.21 -28.82
C3 BGC C . -6.31 -11.60 -29.70
C4 BGC C . -5.61 -10.83 -30.74
C5 BGC C . -4.71 -11.74 -31.50
C6 BGC C . -4.05 -10.95 -32.63
C1 BGC C . -4.22 -13.03 -29.55
O2 BGC C . -5.86 -13.04 -27.87
O3 BGC C . -7.08 -10.60 -28.91
O4 BGC C . -6.50 -10.19 -31.59
O5 BGC C . -3.67 -12.27 -30.65
O6 BGC C . -3.14 -11.73 -33.38
C2 BGC C . -9.16 -9.73 -28.19
C3 BGC C . -10.64 -9.80 -28.37
C4 BGC C . -10.97 -10.00 -29.78
C5 BGC C . -10.37 -11.32 -30.21
C6 BGC C . -10.73 -11.67 -31.63
C1 BGC C . -8.44 -10.94 -28.80
O2 BGC C . -8.79 -9.63 -26.83
O3 BGC C . -11.33 -8.58 -27.95
O4 BGC C . -12.41 -10.00 -30.05
O5 BGC C . -8.92 -11.18 -30.15
O6 BGC C . -10.31 -12.94 -32.06
C2 BGC D . -5.44 -32.46 -30.34
C3 BGC D . -5.61 -31.56 -31.47
C4 BGC D . -4.35 -30.88 -31.94
C5 BGC D . -3.19 -31.86 -32.08
C6 BGC D . -1.91 -31.13 -32.28
C1 BGC D . -4.32 -33.44 -30.56
O1 BGC D . -4.08 -34.08 -29.42
O2 BGC D . -6.63 -33.17 -30.02
O3 BGC D . -6.65 -30.60 -31.09
O4 BGC D . -4.52 -30.22 -33.17
O5 BGC D . -3.08 -32.78 -30.98
O6 BGC D . -1.25 -30.69 -31.13
C2 BGC D . -8.92 -30.04 -31.64
C3 BGC D . -9.88 -29.35 -32.56
C4 BGC D . -9.29 -28.16 -33.20
C5 BGC D . -7.85 -28.39 -33.70
C6 BGC D . -7.28 -27.17 -34.26
C1 BGC D . -7.44 -30.16 -32.12
O2 BGC D . -9.41 -31.29 -31.19
O3 BGC D . -11.09 -29.00 -31.88
O4 BGC D . -10.10 -27.74 -34.28
O5 BGC D . -6.95 -28.88 -32.66
O6 BGC D . -6.17 -27.35 -35.06
C2 BGC D . -12.90 -29.95 -30.64
C3 BGC D . -14.13 -30.79 -30.74
C4 BGC D . -14.86 -30.68 -32.03
C5 BGC D . -13.99 -30.62 -33.27
C6 BGC D . -14.75 -30.26 -34.53
C1 BGC D . -12.07 -29.96 -31.90
O2 BGC D . -12.08 -30.33 -29.56
O3 BGC D . -15.08 -30.45 -29.67
O4 BGC D . -15.75 -31.76 -32.15
O5 BGC D . -12.88 -29.71 -33.08
O6 BGC D . -15.65 -29.21 -34.46
C2 BGC D . -15.76 -31.27 -27.46
C3 BGC D . -16.43 -32.40 -26.78
C4 BGC D . -17.76 -32.66 -27.38
C5 BGC D . -17.55 -32.96 -28.85
C6 BGC D . -18.83 -33.31 -29.49
C1 BGC D . -15.58 -31.53 -28.94
O2 BGC D . -14.49 -30.97 -26.84
O3 BGC D . -16.60 -32.16 -25.37
O4 BGC D . -18.34 -33.82 -26.77
O5 BGC D . -16.91 -31.85 -29.49
O6 BGC D . -19.69 -34.10 -28.71
C2 BGC D . -15.19 -32.04 -23.40
C3 BGC D . -14.49 -32.80 -22.38
C4 BGC D . -15.25 -33.94 -21.79
C5 BGC D . -15.90 -34.73 -22.89
C6 BGC D . -16.86 -35.78 -22.43
C1 BGC D . -15.82 -32.90 -24.49
O2 BGC D . -14.27 -31.14 -24.05
O3 BGC D . -13.94 -31.98 -21.33
O4 BGC D . -14.32 -34.81 -21.13
O5 BGC D . -16.61 -33.91 -23.85
O6 BGC D . -17.06 -36.81 -23.40
C2 BGC E . 35.61 -9.04 8.19
C3 BGC E . 35.75 -8.20 9.35
C4 BGC E . 35.16 -8.84 10.57
C5 BGC E . 35.60 -10.30 10.70
C6 BGC E . 34.84 -11.02 11.76
C1 BGC E . 36.20 -10.41 8.43
O1 BGC E . 36.13 -11.15 7.35
O2 BGC E . 36.18 -8.51 6.98
O3 BGC E . 35.10 -6.89 9.08
O4 BGC E . 35.51 -8.17 11.73
O5 BGC E . 35.40 -11.02 9.49
O6 BGC E . 35.45 -12.18 12.27
C2 BGC E . 35.16 -4.56 8.88
C3 BGC E . 35.78 -3.28 9.32
C4 BGC E . 36.06 -3.24 10.74
C5 BGC E . 36.72 -4.53 11.19
C6 BGC E . 36.95 -4.60 12.65
C1 BGC E . 35.84 -5.79 9.41
O2 BGC E . 35.23 -4.59 7.46
O3 BGC E . 34.84 -2.22 8.94
O4 BGC E . 36.94 -2.15 11.08
O5 BGC E . 35.97 -5.70 10.82
O6 BGC E . 37.64 -5.76 13.09
C2 BGC E . 34.35 -0.08 7.92
C3 BGC E . 34.99 1.07 7.23
C4 BGC E . 36.18 1.60 7.92
C5 BGC E . 37.14 0.48 8.22
C6 BGC E . 38.25 0.98 9.08
C1 BGC E . 35.37 -1.19 8.15
O2 BGC E . 33.25 -0.63 7.13
O3 BGC E . 33.98 2.13 7.20
O4 BGC E . 36.89 2.57 7.09
O5 BGC E . 36.44 -0.58 8.90
O6 BGC E . 38.93 -0.06 9.73
C2 BGC E . 32.45 3.58 6.10
C3 BGC E . 32.17 4.27 4.80
C4 BGC E . 33.42 4.75 4.09
C5 BGC E . 34.39 3.58 3.99
C6 BGC E . 35.69 3.96 3.30
C1 BGC E . 33.55 2.55 5.96
O2 BGC E . 31.29 2.98 6.68
O3 BGC E . 31.36 5.38 5.18
O4 BGC E . 33.14 5.26 2.80
O5 BGC E . 34.70 3.16 5.32
O6 BGC E . 36.54 2.83 3.09
C2 BGC E . 29.26 6.57 5.05
C3 BGC E . 28.24 7.17 4.15
C4 BGC E . 28.83 7.81 2.94
C5 BGC E . 29.80 6.87 2.27
C6 BGC E . 30.59 7.53 1.17
C1 BGC E . 30.30 5.74 4.31
O2 BGC E . 28.60 5.76 6.00
O3 BGC E . 27.50 8.21 4.91
O4 BGC E . 27.78 8.15 2.04
O5 BGC E . 30.85 6.55 3.21
O6 BGC E . 31.46 6.60 0.55
C2 BGC E . 25.44 9.08 5.74
C3 BGC E . 23.97 9.05 5.56
C4 BGC E . 23.63 8.79 4.17
C5 BGC E . 24.16 7.41 3.81
C6 BGC E . 23.82 6.96 2.43
C1 BGC E . 26.14 7.91 5.11
O2 BGC E . 25.77 9.18 7.11
O3 BGC E . 23.40 10.35 5.91
O4 BGC E . 22.20 8.85 3.90
O5 BGC E . 25.62 7.57 3.82
O6 BGC E . 24.37 5.71 2.04
C2 BGC F . 28.44 -14.02 3.26
C3 BGC F . 28.46 -13.04 2.18
C4 BGC F . 29.79 -12.49 1.83
C5 BGC F . 30.82 -13.61 1.74
C6 BGC F . 32.21 -13.17 1.44
C1 BGC F . 29.56 -15.04 3.18
O1 BGC F . 29.66 -15.75 4.31
O2 BGC F . 27.15 -14.65 3.35
O3 BGC F . 27.56 -11.93 2.55
O4 BGC F . 29.73 -11.74 0.63
O5 BGC F . 30.82 -14.35 2.95
O6 BGC F . 32.85 -12.37 2.39
C2 BGC F . 25.44 -11.17 2.17
C3 BGC F . 24.40 -10.61 1.24
C4 BGC F . 24.94 -9.43 0.49
C5 BGC F . 26.33 -9.70 -0.08
C6 BGC F . 26.83 -8.53 -0.78
C1 BGC F . 26.81 -11.42 1.55
O2 BGC F . 25.09 -12.33 2.92
O3 BGC F . 23.22 -10.20 1.96
O4 BGC F . 24.06 -8.94 -0.53
O5 BGC F . 27.29 -10.15 0.93
O6 BGC F . 27.92 -8.78 -1.58
C2 BGC F . 21.46 -11.15 3.29
C3 BGC F . 20.27 -12.03 3.21
C4 BGC F . 19.42 -11.74 2.05
C5 BGC F . 20.21 -11.73 0.74
C6 BGC F . 19.39 -11.38 -0.49
C1 BGC F . 22.23 -11.15 1.98
O2 BGC F . 22.32 -11.44 4.36
O3 BGC F . 19.48 -11.76 4.41
O4 BGC F . 18.39 -12.67 1.94
O5 BGC F . 21.35 -10.86 0.87
O6 BGC F . 18.73 -10.17 -0.51
C2 BGC F . 18.86 -12.63 6.53
C3 BGC F . 18.15 -13.73 7.19
C4 BGC F . 16.83 -13.98 6.56
C5 BGC F . 17.02 -14.24 5.08
C6 BGC F . 15.75 -14.58 4.40
C1 BGC F . 18.97 -12.87 5.04
O2 BGC F . 20.14 -12.35 7.17
O3 BGC F . 17.94 -13.36 8.57
O4 BGC F . 16.16 -15.09 7.14
O5 BGC F . 17.64 -13.11 4.45
O6 BGC F . 14.80 -13.56 4.30
C2 BGC F . 19.30 -13.26 10.56
C3 BGC F . 20.06 -14.09 11.48
C4 BGC F . 19.31 -15.26 12.00
C5 BGC F . 18.68 -16.01 10.88
C6 BGC F . 17.82 -17.11 11.39
C1 BGC F . 18.70 -14.11 9.47
O2 BGC F . 20.16 -12.27 9.95
O3 BGC F . 20.62 -13.31 12.58
O4 BGC F . 20.16 -16.17 12.70
O5 BGC F . 17.90 -15.14 10.09
O6 BGC F . 17.69 -18.15 10.44
C1 EDO G . -4.42 4.04 -29.41
O1 EDO G . -3.82 4.88 -28.42
C2 EDO G . -5.94 4.26 -29.45
O2 EDO G . -6.41 4.52 -28.12
H11 EDO G . -3.96 4.22 -30.39
H12 EDO G . -4.22 2.99 -29.15
HO1 EDO G . -2.86 4.80 -28.48
H21 EDO G . -6.43 3.38 -29.85
H22 EDO G . -6.18 5.11 -30.09
HO2 EDO G . -7.32 4.20 -28.03
C1 EDO H . 30.12 22.93 4.21
O1 EDO H . 30.79 23.36 5.39
C2 EDO H . 28.70 23.48 4.15
O2 EDO H . 27.97 23.05 5.28
H11 EDO H . 30.09 21.85 4.18
H12 EDO H . 30.67 23.28 3.34
HO1 EDO H . 31.68 22.99 5.42
H21 EDO H . 28.18 23.12 3.25
H22 EDO H . 28.74 24.57 4.12
HO2 EDO H . 27.03 23.05 5.06
N GLU A 1 -51.06 -0.29 -14.32
CA GLU A 1 -50.14 -0.40 -13.16
C GLU A 1 -49.67 -1.83 -12.67
N VAL A 2 -48.42 -1.82 -12.16
CA VAL A 2 -47.53 -2.99 -12.24
C VAL A 2 -47.84 -4.04 -11.15
N VAL A 3 -47.20 -5.16 -11.33
CA VAL A 3 -47.77 -6.51 -11.16
C VAL A 3 -46.62 -7.46 -11.42
N GLY A 4 -46.11 -8.09 -10.36
CA GLY A 4 -44.98 -8.96 -10.48
C GLY A 4 -45.26 -10.44 -10.63
N GLY A 5 -44.19 -11.20 -10.84
CA GLY A 5 -44.26 -12.63 -10.95
C GLY A 5 -44.75 -13.11 -12.31
N GLY A 6 -45.21 -14.34 -12.38
CA GLY A 6 -45.73 -14.88 -13.63
C GLY A 6 -44.63 -15.66 -14.33
N ASP A 7 -44.90 -16.23 -15.50
CA ASP A 7 -43.93 -17.19 -16.04
C ASP A 7 -42.79 -16.47 -16.74
N LEU A 8 -41.73 -17.24 -16.99
CA LEU A 8 -40.46 -16.70 -17.48
C LEU A 8 -40.31 -16.82 -18.99
N GLY A 9 -41.30 -17.45 -19.61
CA GLY A 9 -41.34 -17.51 -21.04
C GLY A 9 -40.54 -18.62 -21.72
N PRO A 10 -40.63 -18.67 -23.06
CA PRO A 10 -40.11 -19.78 -23.84
C PRO A 10 -38.58 -19.87 -23.87
N ASN A 11 -37.88 -18.82 -23.45
CA ASN A 11 -36.40 -18.81 -23.57
C ASN A 11 -35.67 -19.25 -22.32
N VAL A 12 -36.43 -19.58 -21.28
CA VAL A 12 -35.89 -20.22 -20.09
C VAL A 12 -36.33 -21.68 -20.14
N LEU A 13 -35.35 -22.58 -20.38
CA LEU A 13 -35.59 -24.01 -20.48
C LEU A 13 -35.36 -24.59 -19.08
N VAL A 14 -36.42 -25.14 -18.46
CA VAL A 14 -36.37 -25.58 -17.07
C VAL A 14 -36.42 -27.10 -17.07
N PHE A 15 -35.39 -27.71 -16.49
CA PHE A 15 -35.23 -29.15 -16.51
C PHE A 15 -35.31 -29.76 -15.13
N ASP A 16 -35.72 -31.03 -15.10
CA ASP A 16 -35.53 -31.86 -13.91
C ASP A 16 -35.12 -33.29 -14.33
N PRO A 17 -34.90 -34.22 -13.37
CA PRO A 17 -34.51 -35.58 -13.79
C PRO A 17 -35.61 -36.31 -14.54
N SER A 18 -36.86 -35.90 -14.32
CA SER A 18 -38.01 -36.52 -14.99
C SER A 18 -38.09 -36.04 -16.44
N THR A 19 -37.28 -35.05 -16.78
CA THR A 19 -37.49 -34.37 -18.04
C THR A 19 -37.03 -35.26 -19.21
N PRO A 20 -38.00 -35.74 -20.01
CA PRO A 20 -37.63 -36.66 -21.11
C PRO A 20 -36.55 -36.09 -22.12
N ASP A 21 -35.48 -36.88 -22.46
CA ASP A 21 -34.31 -36.49 -23.35
C ASP A 21 -33.61 -35.13 -23.02
N ILE A 22 -33.00 -34.99 -21.84
CA ILE A 22 -32.34 -33.70 -21.52
C ILE A 22 -31.15 -33.41 -22.40
N GLN A 23 -30.29 -34.39 -22.56
CA GLN A 23 -29.13 -34.19 -23.40
C GLN A 23 -29.57 -33.73 -24.80
N GLY A 24 -30.48 -34.48 -25.43
CA GLY A 24 -31.05 -34.07 -26.69
C GLY A 24 -31.48 -32.59 -26.69
N LYS A 25 -32.09 -32.12 -25.61
CA LYS A 25 -32.53 -30.73 -25.56
C LYS A 25 -31.37 -29.72 -25.46
N VAL A 26 -30.21 -30.16 -24.98
CA VAL A 26 -29.08 -29.24 -24.85
C VAL A 26 -28.18 -29.24 -26.14
N ASP A 27 -28.07 -30.39 -26.82
CA ASP A 27 -27.42 -30.49 -28.14
C ASP A 27 -28.10 -29.65 -29.28
N GLU A 28 -29.42 -29.72 -29.34
CA GLU A 28 -30.27 -28.90 -30.22
C GLU A 28 -29.95 -27.39 -30.02
N VAL A 29 -30.18 -26.87 -28.82
CA VAL A 29 -29.75 -25.48 -28.46
C VAL A 29 -28.28 -25.21 -28.80
N PHE A 30 -27.36 -26.05 -28.31
CA PHE A 30 -25.92 -25.81 -28.56
C PHE A 30 -25.61 -25.75 -30.05
N ARG A 31 -26.09 -26.72 -30.84
CA ARG A 31 -25.87 -26.68 -32.31
C ARG A 31 -26.23 -25.33 -32.88
N LYS A 32 -27.34 -24.76 -32.42
CA LYS A 32 -27.79 -23.46 -32.98
C LYS A 32 -26.90 -22.31 -32.51
N GLN A 33 -26.53 -22.33 -31.23
CA GLN A 33 -25.81 -21.20 -30.63
C GLN A 33 -24.30 -21.28 -30.81
N GLU A 34 -23.79 -22.46 -31.09
CA GLU A 34 -22.36 -22.71 -31.22
C GLU A 34 -21.55 -21.63 -31.97
N SER A 35 -22.00 -21.28 -33.16
CA SER A 35 -21.29 -20.31 -33.99
C SER A 35 -22.11 -19.02 -34.17
N ASN A 36 -23.11 -18.82 -33.30
CA ASN A 36 -24.08 -17.72 -33.41
C ASN A 36 -23.61 -16.47 -32.64
N GLN A 37 -22.48 -15.94 -33.09
CA GLN A 37 -21.77 -14.96 -32.30
C GLN A 37 -22.52 -13.66 -32.13
N PHE A 38 -23.23 -13.25 -33.17
CA PHE A 38 -23.88 -11.94 -33.18
C PHE A 38 -25.42 -12.01 -33.36
N GLY A 39 -25.98 -13.20 -33.27
CA GLY A 39 -27.43 -13.36 -33.45
C GLY A 39 -28.13 -12.84 -32.23
N THR A 40 -29.45 -12.73 -32.30
CA THR A 40 -30.23 -12.15 -31.24
C THR A 40 -30.90 -13.19 -30.38
N ASP A 41 -30.65 -14.47 -30.67
CA ASP A 41 -31.22 -15.52 -29.89
C ASP A 41 -30.52 -15.64 -28.51
N ARG A 42 -31.30 -16.02 -27.50
CA ARG A 42 -30.88 -16.03 -26.11
C ARG A 42 -31.53 -17.23 -25.42
N TYR A 43 -30.79 -17.87 -24.52
CA TYR A 43 -31.27 -19.04 -23.77
C TYR A 43 -30.67 -19.06 -22.38
N ALA A 44 -31.49 -19.43 -21.40
CA ALA A 44 -31.00 -19.76 -20.07
C ALA A 44 -31.49 -21.16 -19.78
N LEU A 45 -30.57 -22.02 -19.39
CA LEU A 45 -30.85 -23.42 -19.11
C LEU A 45 -30.81 -23.59 -17.58
N MET A 46 -31.96 -23.91 -16.97
CA MET A 46 -32.10 -23.87 -15.54
C MET A 46 -32.43 -25.28 -15.07
N PHE A 47 -31.60 -25.80 -14.18
CA PHE A 47 -31.80 -27.17 -13.67
C PHE A 47 -32.26 -27.19 -12.22
N LYS A 48 -33.44 -27.79 -12.03
CA LYS A 48 -34.00 -28.00 -10.70
C LYS A 48 -33.10 -28.92 -9.84
N PRO A 49 -33.15 -28.75 -8.51
CA PRO A 49 -32.26 -29.54 -7.64
C PRO A 49 -32.47 -31.05 -7.79
N GLY A 50 -31.35 -31.76 -7.81
CA GLY A 50 -31.30 -33.21 -8.02
C GLY A 50 -29.96 -33.65 -8.63
N THR A 51 -29.95 -34.87 -9.13
CA THR A 51 -28.76 -35.51 -9.67
C THR A 51 -29.08 -35.93 -11.10
N TYR A 52 -28.24 -35.47 -12.03
CA TYR A 52 -28.43 -35.69 -13.47
C TYR A 52 -27.27 -36.49 -14.02
N ASN A 53 -27.55 -37.69 -14.54
CA ASN A 53 -26.51 -38.53 -15.14
C ASN A 53 -26.39 -38.36 -16.64
N ASP A 54 -25.27 -38.80 -17.21
CA ASP A 54 -25.16 -38.99 -18.66
C ASP A 54 -25.44 -37.67 -19.41
N ILE A 55 -24.78 -36.61 -18.95
CA ILE A 55 -24.99 -35.26 -19.48
C ILE A 55 -23.63 -34.65 -19.83
N ASN A 56 -23.54 -34.09 -21.03
CA ASN A 56 -22.40 -33.25 -21.44
C ASN A 56 -22.99 -32.04 -22.11
N ALA A 57 -23.25 -31.00 -21.31
CA ALA A 57 -23.87 -29.79 -21.84
C ALA A 57 -22.83 -28.86 -22.44
N GLN A 58 -22.85 -28.77 -23.76
CA GLN A 58 -21.96 -27.87 -24.47
C GLN A 58 -22.70 -26.54 -24.51
N ILE A 59 -22.00 -25.49 -24.14
CA ILE A 59 -22.56 -24.14 -23.97
C ILE A 59 -22.05 -23.25 -25.12
N GLY A 60 -22.96 -22.77 -25.96
CA GLY A 60 -22.60 -21.89 -27.07
C GLY A 60 -22.79 -20.42 -26.68
N PHE A 61 -22.84 -19.57 -27.70
CA PHE A 61 -23.11 -18.15 -27.48
C PHE A 61 -24.47 -17.91 -26.82
N TYR A 62 -24.52 -16.86 -26.03
CA TYR A 62 -25.72 -16.34 -25.39
C TYR A 62 -26.52 -17.42 -24.67
N THR A 63 -25.82 -18.32 -24.01
CA THR A 63 -26.45 -19.39 -23.23
C THR A 63 -25.90 -19.34 -21.80
N SER A 64 -26.81 -19.25 -20.85
CA SER A 64 -26.49 -19.38 -19.44
C SER A 64 -26.96 -20.79 -19.00
N ILE A 65 -26.17 -21.43 -18.16
CA ILE A 65 -26.62 -22.68 -17.52
C ILE A 65 -26.49 -22.51 -16.03
N ALA A 66 -27.49 -23.00 -15.28
CA ALA A 66 -27.48 -22.84 -13.85
C ALA A 66 -28.34 -23.83 -13.11
N GLY A 67 -27.96 -24.03 -11.86
CA GLY A 67 -28.76 -24.81 -10.91
C GLY A 67 -29.72 -23.92 -10.10
N LEU A 68 -30.72 -24.54 -9.48
CA LEU A 68 -31.77 -23.80 -8.77
C LEU A 68 -31.92 -24.16 -7.29
N GLY A 69 -30.90 -24.76 -6.67
CA GLY A 69 -30.94 -25.10 -5.24
C GLY A 69 -30.44 -23.90 -4.45
N LEU A 70 -30.67 -23.81 -3.14
CA LEU A 70 -30.03 -22.69 -2.41
C LEU A 70 -28.53 -22.86 -2.42
N ASN A 71 -28.04 -24.08 -2.62
CA ASN A 71 -26.57 -24.28 -2.77
C ASN A 71 -26.06 -25.20 -3.93
N PRO A 72 -24.78 -25.07 -4.29
CA PRO A 72 -24.35 -25.71 -5.55
C PRO A 72 -24.46 -27.26 -5.50
N ASP A 73 -24.15 -27.80 -4.33
CA ASP A 73 -24.26 -29.24 -4.02
C ASP A 73 -25.72 -29.73 -3.89
N ASP A 74 -26.66 -28.99 -4.43
CA ASP A 74 -28.03 -29.44 -4.50
C ASP A 74 -28.42 -29.82 -5.91
N THR A 75 -27.62 -29.38 -6.90
CA THR A 75 -27.87 -29.67 -8.30
C THR A 75 -26.56 -30.23 -8.90
N THR A 76 -26.42 -31.56 -8.95
CA THR A 76 -25.20 -32.22 -9.41
C THR A 76 -25.31 -32.90 -10.78
N PHE A 77 -24.33 -32.61 -11.63
CA PHE A 77 -24.22 -33.32 -12.91
C PHE A 77 -23.12 -34.37 -12.76
N ASN A 78 -23.47 -35.62 -13.05
CA ASN A 78 -22.48 -36.64 -13.31
C ASN A 78 -22.23 -36.55 -14.78
N GLY A 79 -21.28 -35.68 -15.09
CA GLY A 79 -21.12 -35.14 -16.42
C GLY A 79 -20.47 -33.77 -16.39
N ASP A 80 -20.69 -32.99 -17.46
CA ASP A 80 -19.85 -31.83 -17.78
C ASP A 80 -20.65 -30.60 -18.23
N VAL A 81 -20.04 -29.44 -18.04
CA VAL A 81 -20.52 -28.17 -18.61
C VAL A 81 -19.32 -27.71 -19.46
N THR A 82 -19.40 -27.98 -20.77
CA THR A 82 -18.26 -27.91 -21.69
C THR A 82 -18.33 -26.65 -22.53
N VAL A 83 -17.21 -25.93 -22.62
CA VAL A 83 -16.97 -24.96 -23.69
C VAL A 83 -15.65 -25.33 -24.34
N ASP A 84 -15.69 -25.55 -25.65
CA ASP A 84 -14.52 -25.84 -26.46
C ASP A 84 -14.58 -24.90 -27.70
N ALA A 85 -13.59 -25.02 -28.58
CA ALA A 85 -13.43 -24.08 -29.69
C ALA A 85 -13.42 -24.75 -31.07
N GLY A 86 -14.16 -25.84 -31.20
CA GLY A 86 -14.20 -26.56 -32.47
C GLY A 86 -14.61 -25.67 -33.65
N TRP A 87 -15.58 -24.80 -33.41
CA TRP A 87 -16.18 -23.99 -34.47
C TRP A 87 -15.23 -22.95 -35.04
N PHE A 88 -14.17 -22.65 -34.30
CA PHE A 88 -13.18 -21.63 -34.67
C PHE A 88 -11.80 -22.30 -34.87
N ASP A 89 -11.78 -23.57 -35.31
CA ASP A 89 -10.54 -24.39 -35.45
C ASP A 89 -9.65 -24.37 -34.18
N GLY A 90 -10.24 -24.59 -33.00
CA GLY A 90 -9.45 -24.67 -31.78
C GLY A 90 -8.87 -23.37 -31.25
N ASN A 91 -9.32 -22.27 -31.85
CA ASN A 91 -9.03 -20.92 -31.39
C ASN A 91 -10.18 -20.47 -30.48
N ALA A 92 -9.91 -20.23 -29.19
CA ALA A 92 -10.98 -19.92 -28.22
C ALA A 92 -11.15 -18.42 -27.96
N THR A 93 -10.55 -17.58 -28.79
CA THR A 93 -10.57 -16.12 -28.52
C THR A 93 -11.79 -15.41 -29.02
N GLN A 94 -12.79 -16.16 -29.46
CA GLN A 94 -14.09 -15.55 -29.68
C GLN A 94 -15.20 -16.26 -28.86
N ASN A 95 -14.81 -16.98 -27.80
CA ASN A 95 -15.80 -17.71 -26.98
C ASN A 95 -16.36 -16.83 -25.87
N PHE A 96 -17.22 -15.91 -26.30
CA PHE A 96 -17.80 -14.90 -25.44
C PHE A 96 -19.25 -15.18 -25.01
N TRP A 97 -19.72 -14.36 -24.06
CA TRP A 97 -21.13 -14.17 -23.74
C TRP A 97 -21.84 -15.48 -23.40
N ARG A 98 -21.42 -16.10 -22.31
CA ARG A 98 -22.08 -17.30 -21.81
C ARG A 98 -21.76 -17.45 -20.33
N SER A 99 -22.43 -18.34 -19.62
CA SER A 99 -22.20 -18.38 -18.17
C SER A 99 -22.62 -19.70 -17.55
N ALA A 100 -21.98 -20.01 -16.43
CA ALA A 100 -22.32 -21.19 -15.60
C ALA A 100 -22.36 -20.74 -14.13
N GLU A 101 -23.42 -21.13 -13.41
CA GLU A 101 -23.53 -20.74 -11.99
C GLU A 101 -24.27 -21.83 -11.21
N ASN A 102 -23.86 -22.08 -9.98
CA ASN A 102 -24.72 -22.73 -8.96
C ASN A 102 -24.96 -24.22 -9.26
N LEU A 103 -23.91 -24.88 -9.68
CA LEU A 103 -23.94 -26.32 -10.03
C LEU A 103 -22.76 -27.04 -9.43
N ALA A 104 -22.93 -28.35 -9.16
CA ALA A 104 -21.79 -29.22 -8.86
C ALA A 104 -21.57 -30.13 -10.06
N LEU A 105 -20.30 -30.29 -10.46
CA LEU A 105 -19.93 -31.12 -11.61
C LEU A 105 -19.02 -32.26 -11.17
N ASN A 106 -19.33 -33.43 -11.70
CA ASN A 106 -18.52 -34.64 -11.52
C ASN A 106 -18.10 -35.07 -12.94
N PRO A 107 -17.02 -34.46 -13.47
CA PRO A 107 -16.75 -34.60 -14.92
C PRO A 107 -16.31 -36.02 -15.32
N VAL A 108 -16.76 -36.55 -16.44
CA VAL A 108 -16.53 -37.98 -16.66
C VAL A 108 -15.06 -38.43 -16.77
N ASN A 109 -14.14 -37.57 -17.16
CA ASN A 109 -12.71 -37.98 -17.14
C ASN A 109 -11.92 -37.36 -16.00
N GLY A 110 -12.61 -36.76 -15.05
CA GLY A 110 -11.93 -36.16 -13.93
C GLY A 110 -11.75 -34.66 -14.07
N THR A 111 -11.94 -34.15 -15.28
CA THR A 111 -11.65 -32.74 -15.58
C THR A 111 -12.72 -32.13 -16.48
N ASN A 112 -13.29 -31.00 -16.04
CA ASN A 112 -14.22 -30.24 -16.84
C ASN A 112 -13.47 -29.19 -17.68
N ARG A 113 -13.90 -29.02 -18.93
CA ARG A 113 -13.34 -28.03 -19.81
C ARG A 113 -14.25 -26.80 -19.95
N TRP A 114 -13.67 -25.63 -19.66
CA TRP A 114 -14.35 -24.33 -19.76
C TRP A 114 -13.39 -23.39 -20.51
N ALA A 115 -13.25 -23.63 -21.81
CA ALA A 115 -12.25 -22.93 -22.62
C ALA A 115 -12.80 -21.65 -23.26
N VAL A 116 -13.02 -20.68 -22.40
CA VAL A 116 -13.65 -19.39 -22.77
C VAL A 116 -12.68 -18.22 -22.89
N SER A 117 -13.17 -17.12 -23.47
CA SER A 117 -12.48 -15.86 -23.37
C SER A 117 -13.38 -14.88 -22.61
N GLN A 118 -13.56 -13.65 -23.07
CA GLN A 118 -14.19 -12.63 -22.22
C GLN A 118 -15.71 -12.81 -22.05
N ALA A 119 -16.23 -12.27 -20.94
CA ALA A 119 -17.66 -12.32 -20.58
C ALA A 119 -18.23 -13.73 -20.51
N ALA A 120 -17.44 -14.64 -19.95
CA ALA A 120 -17.90 -16.01 -19.71
C ALA A 120 -17.72 -16.39 -18.23
N PRO A 121 -18.53 -15.78 -17.36
CA PRO A 121 -18.29 -16.03 -15.92
C PRO A 121 -18.63 -17.47 -15.47
N PHE A 122 -17.90 -17.91 -14.44
CA PHE A 122 -18.03 -19.24 -13.79
C PHE A 122 -18.15 -18.89 -12.31
N ARG A 123 -19.40 -18.92 -11.81
CA ARG A 123 -19.70 -18.48 -10.45
C ARG A 123 -20.37 -19.56 -9.60
N ARG A 124 -20.01 -19.62 -8.33
CA ARG A 124 -20.73 -20.47 -7.39
C ARG A 124 -20.81 -21.91 -7.91
N MET A 125 -19.70 -22.37 -8.44
CA MET A 125 -19.59 -23.74 -8.95
C MET A 125 -18.77 -24.64 -8.01
N HIS A 126 -19.11 -25.92 -8.03
CA HIS A 126 -18.29 -26.92 -7.34
C HIS A 126 -17.86 -27.98 -8.33
N VAL A 127 -16.58 -27.97 -8.68
CA VAL A 127 -16.05 -28.99 -9.59
C VAL A 127 -15.37 -30.09 -8.79
N LYS A 128 -15.91 -31.30 -8.84
CA LYS A 128 -15.28 -32.33 -8.00
C LYS A 128 -13.88 -32.71 -8.54
N GLY A 129 -13.62 -32.51 -9.82
CA GLY A 129 -12.34 -32.83 -10.40
C GLY A 129 -11.50 -31.61 -10.70
N GLY A 130 -10.79 -31.70 -11.81
CA GLY A 130 -9.94 -30.63 -12.28
C GLY A 130 -10.75 -29.73 -13.20
N LEU A 131 -10.14 -28.64 -13.60
CA LEU A 131 -10.79 -27.65 -14.45
C LEU A 131 -9.77 -27.18 -15.49
N ASN A 132 -10.01 -27.58 -16.73
CA ASN A 132 -9.16 -27.21 -17.87
C ASN A 132 -9.78 -25.98 -18.56
N LEU A 133 -9.09 -24.86 -18.53
CA LEU A 133 -9.53 -23.64 -19.21
C LEU A 133 -9.05 -23.46 -20.66
N ALA A 134 -8.37 -24.44 -21.23
CA ALA A 134 -7.86 -24.30 -22.62
C ALA A 134 -8.60 -25.20 -23.61
N PRO A 135 -8.81 -24.73 -24.83
CA PRO A 135 -9.50 -25.62 -25.79
C PRO A 135 -8.64 -26.83 -26.14
N ASP A 136 -9.28 -27.76 -26.85
CA ASP A 136 -8.66 -29.01 -27.33
C ASP A 136 -7.56 -28.59 -28.31
N GLY A 137 -6.31 -28.96 -28.02
CA GLY A 137 -5.14 -28.57 -28.81
C GLY A 137 -4.29 -27.42 -28.28
N TYR A 138 -4.71 -26.87 -27.14
CA TYR A 138 -4.02 -25.76 -26.47
C TYR A 138 -3.89 -24.49 -27.34
N GLY A 139 -4.86 -24.25 -28.19
CA GLY A 139 -4.86 -23.06 -29.04
C GLY A 139 -5.14 -21.80 -28.23
N TRP A 140 -5.28 -20.67 -28.92
CA TRP A 140 -5.29 -19.39 -28.23
C TRP A 140 -6.56 -19.16 -27.40
N ALA A 141 -6.40 -18.50 -26.27
CA ALA A 141 -7.54 -18.28 -25.36
C ALA A 141 -7.27 -17.11 -24.45
N SER A 142 -8.31 -16.29 -24.21
CA SER A 142 -8.15 -14.99 -23.53
C SER A 142 -9.28 -14.70 -22.54
N GLY A 143 -9.39 -15.53 -21.51
CA GLY A 143 -10.36 -15.31 -20.45
C GLY A 143 -9.80 -14.39 -19.37
N GLY A 144 -10.33 -14.44 -18.15
CA GLY A 144 -11.44 -15.28 -17.75
C GLY A 144 -11.72 -14.94 -16.29
N TYR A 145 -12.77 -15.55 -15.74
CA TYR A 145 -13.32 -15.07 -14.47
C TYR A 145 -13.97 -16.21 -13.72
N ILE A 146 -13.45 -16.49 -12.53
CA ILE A 146 -14.04 -17.45 -11.62
C ILE A 146 -14.25 -16.75 -10.29
N ALA A 147 -15.44 -16.92 -9.72
CA ALA A 147 -15.80 -16.37 -8.44
C ALA A 147 -16.56 -17.35 -7.58
N ASP A 148 -16.31 -17.26 -6.28
CA ASP A 148 -17.06 -18.03 -5.29
C ASP A 148 -17.24 -19.51 -5.66
N SER A 149 -16.17 -20.11 -6.16
CA SER A 149 -16.17 -21.51 -6.60
C SER A 149 -15.17 -22.37 -5.85
N LYS A 150 -15.44 -23.66 -5.87
CA LYS A 150 -14.52 -24.64 -5.27
C LYS A 150 -14.17 -25.66 -6.34
N ILE A 151 -12.88 -25.71 -6.69
CA ILE A 151 -12.38 -26.69 -7.63
C ILE A 151 -11.55 -27.66 -6.80
N ASP A 152 -11.97 -28.91 -6.74
CA ASP A 152 -11.34 -29.81 -5.80
C ASP A 152 -9.95 -30.24 -6.27
N GLY A 153 -9.77 -30.39 -7.58
CA GLY A 153 -8.47 -30.68 -8.17
C GLY A 153 -7.73 -29.44 -8.67
N GLU A 154 -6.99 -29.59 -9.77
CA GLU A 154 -6.11 -28.55 -10.29
C GLU A 154 -6.80 -27.73 -11.37
N VAL A 155 -6.61 -26.41 -11.32
CA VAL A 155 -6.95 -25.58 -12.48
C VAL A 155 -5.77 -25.56 -13.46
N GLY A 156 -6.03 -25.85 -14.75
CA GLY A 156 -5.01 -25.83 -15.79
C GLY A 156 -5.28 -24.75 -16.83
N PRO A 157 -4.61 -23.59 -16.72
CA PRO A 157 -4.93 -22.57 -17.73
C PRO A 157 -4.28 -22.88 -19.07
N TYR A 158 -3.16 -23.61 -19.08
CA TYR A 158 -2.39 -23.91 -20.28
C TYR A 158 -2.15 -22.63 -21.14
N SER A 159 -2.82 -22.51 -22.29
CA SER A 159 -2.59 -21.38 -23.18
C SER A 159 -3.29 -20.08 -22.76
N GLN A 160 -4.12 -20.11 -21.72
CA GLN A 160 -4.84 -18.88 -21.34
C GLN A 160 -3.89 -17.75 -21.00
N GLN A 161 -4.07 -16.60 -21.66
CA GLN A 161 -3.13 -15.51 -21.45
C GLN A 161 -3.12 -14.98 -20.05
N GLN A 162 -4.33 -14.83 -19.51
CA GLN A 162 -4.51 -14.23 -18.22
C GLN A 162 -5.81 -14.75 -17.62
N TRP A 163 -6.03 -14.42 -16.34
CA TRP A 163 -7.19 -14.95 -15.62
C TRP A 163 -7.33 -14.25 -14.28
N TYR A 164 -8.58 -14.08 -13.86
CA TYR A 164 -8.90 -13.60 -12.53
C TYR A 164 -9.80 -14.58 -11.76
N THR A 165 -9.36 -14.91 -10.55
CA THR A 165 -10.12 -15.76 -9.67
C THR A 165 -10.28 -15.02 -8.37
N ARG A 166 -11.50 -14.98 -7.86
CA ARG A 166 -11.71 -14.39 -6.52
C ARG A 166 -12.58 -15.25 -5.62
N ASP A 167 -12.27 -15.13 -4.33
CA ASP A 167 -13.09 -15.68 -3.26
C ASP A 167 -13.52 -17.13 -3.51
N SER A 168 -12.51 -17.95 -3.75
CA SER A 168 -12.69 -19.31 -4.17
C SER A 168 -11.74 -20.24 -3.41
N SER A 169 -11.81 -21.52 -3.76
CA SER A 169 -10.87 -22.50 -3.27
C SER A 169 -10.43 -23.40 -4.42
N VAL A 170 -9.12 -23.58 -4.62
CA VAL A 170 -8.63 -24.49 -5.66
C VAL A 170 -7.72 -25.59 -5.07
N GLY A 171 -7.72 -26.74 -5.71
CA GLY A 171 -6.84 -27.84 -5.31
C GLY A 171 -5.46 -27.81 -5.95
N GLY A 172 -5.35 -27.12 -7.08
CA GLY A 172 -4.09 -26.98 -7.78
C GLY A 172 -4.23 -25.80 -8.74
N TRP A 173 -3.10 -25.25 -9.18
CA TRP A 173 -3.08 -24.24 -10.24
C TRP A 173 -1.81 -24.47 -11.04
N GLY A 174 -1.98 -24.67 -12.33
CA GLY A 174 -0.93 -25.29 -13.12
C GLY A 174 0.15 -24.43 -13.76
N ASN A 175 -0.20 -23.20 -14.13
CA ASN A 175 0.74 -22.35 -14.86
C ASN A 175 0.16 -20.94 -14.97
N GLY A 176 1.07 -20.00 -15.21
CA GLY A 176 0.71 -18.63 -15.56
C GLY A 176 1.44 -18.26 -16.85
N VAL A 177 0.76 -17.45 -17.69
CA VAL A 177 1.27 -17.13 -19.04
C VAL A 177 1.69 -15.68 -19.03
N TRP A 178 0.72 -14.76 -19.03
CA TRP A 178 1.00 -13.32 -18.86
C TRP A 178 0.53 -12.71 -17.53
N ASN A 179 -0.69 -13.03 -17.08
CA ASN A 179 -1.21 -12.36 -15.87
C ASN A 179 -2.31 -13.17 -15.21
N MET A 180 -1.93 -13.97 -14.22
CA MET A 180 -2.88 -14.74 -13.45
C MET A 180 -2.98 -14.04 -12.10
N THR A 181 -4.15 -13.52 -11.79
CA THR A 181 -4.37 -12.70 -10.60
C THR A 181 -5.39 -13.40 -9.71
N PHE A 182 -5.09 -13.39 -8.41
CA PHE A 182 -5.93 -14.02 -7.41
C PHE A 182 -6.25 -13.08 -6.27
N SER A 183 -7.49 -13.07 -5.81
CA SER A 183 -7.81 -12.43 -4.55
C SER A 183 -8.78 -13.25 -3.70
N GLY A 184 -8.40 -13.51 -2.46
CA GLY A 184 -9.25 -14.34 -1.59
C GLY A 184 -9.35 -15.79 -2.02
N VAL A 185 -8.27 -16.30 -2.62
CA VAL A 185 -8.27 -17.67 -3.15
C VAL A 185 -7.46 -18.64 -2.28
N GLU A 186 -8.18 -19.51 -1.60
CA GLU A 186 -7.58 -20.60 -0.84
C GLU A 186 -6.95 -21.55 -1.82
N GLY A 187 -5.63 -21.69 -1.73
CA GLY A 187 -4.91 -22.64 -2.58
C GLY A 187 -4.24 -21.94 -3.76
N ALA A 188 -4.37 -20.62 -3.82
CA ALA A 188 -3.69 -19.86 -4.86
C ALA A 188 -2.18 -20.04 -4.75
N PRO A 189 -1.47 -19.95 -5.89
CA PRO A 189 -0.01 -19.85 -5.78
C PRO A 189 0.41 -18.54 -5.13
N ALA A 190 1.51 -18.57 -4.38
CA ALA A 190 2.00 -17.35 -3.72
C ALA A 190 2.40 -16.32 -4.78
N GLN A 191 2.35 -15.06 -4.38
CA GLN A 191 2.81 -13.97 -5.20
C GLN A 191 4.22 -14.28 -5.71
N SER A 192 4.42 -14.11 -7.02
CA SER A 192 5.70 -14.40 -7.61
C SER A 192 6.01 -13.59 -8.88
N PHE A 193 5.13 -12.66 -9.26
CA PHE A 193 5.30 -11.90 -10.53
C PHE A 193 6.75 -11.38 -10.60
N PRO A 194 7.41 -11.45 -11.78
CA PRO A 194 6.84 -11.72 -13.10
C PRO A 194 7.06 -13.12 -13.69
N GLU A 195 7.77 -14.02 -12.98
CA GLU A 195 8.13 -15.37 -13.51
C GLU A 195 7.98 -16.44 -12.41
N PRO A 196 6.83 -17.17 -12.33
CA PRO A 196 5.63 -17.04 -13.15
C PRO A 196 4.72 -15.88 -12.74
N PRO A 197 3.90 -15.40 -13.68
CA PRO A 197 3.10 -14.18 -13.60
C PRO A 197 1.93 -14.38 -12.66
N TYR A 198 2.19 -14.45 -11.35
CA TYR A 198 1.14 -14.64 -10.35
C TYR A 198 1.08 -13.43 -9.44
N THR A 199 -0.09 -12.79 -9.43
CA THR A 199 -0.39 -11.67 -8.55
C THR A 199 -1.42 -12.19 -7.56
N THR A 200 -1.05 -12.23 -6.28
CA THR A 200 -1.84 -12.98 -5.32
C THR A 200 -2.04 -12.18 -4.09
N LEU A 201 -3.32 -11.91 -3.82
CA LEU A 201 -3.76 -11.16 -2.67
C LEU A 201 -4.59 -12.03 -1.75
N GLU A 202 -4.14 -12.17 -0.50
CA GLU A 202 -4.84 -13.06 0.46
C GLU A 202 -6.37 -12.81 0.53
N THR A 203 -6.80 -11.55 0.56
CA THR A 203 -8.23 -11.25 0.66
C THR A 203 -8.68 -10.27 -0.43
N THR A 204 -9.99 -10.33 -0.72
CA THR A 204 -10.66 -9.35 -1.54
C THR A 204 -11.23 -8.22 -0.67
N PRO A 205 -10.90 -6.97 -1.03
CA PRO A 205 -11.20 -5.81 -0.15
C PRO A 205 -12.67 -5.65 0.26
N VAL A 206 -13.55 -5.75 -0.73
CA VAL A 206 -14.99 -5.87 -0.52
C VAL A 206 -15.52 -6.79 -1.58
N SER A 207 -16.54 -7.58 -1.28
CA SER A 207 -17.09 -8.51 -2.26
C SER A 207 -18.54 -8.83 -1.91
N ARG A 208 -19.40 -8.94 -2.91
CA ARG A 208 -20.82 -9.26 -2.63
C ARG A 208 -21.28 -10.15 -3.77
N GLU A 209 -21.60 -11.40 -3.48
CA GLU A 209 -21.84 -12.33 -4.58
C GLU A 209 -23.13 -11.97 -5.38
N LYS A 210 -23.10 -12.24 -6.67
CA LYS A 210 -24.18 -11.84 -7.57
C LYS A 210 -25.47 -12.54 -7.16
N PRO A 211 -26.59 -11.81 -7.16
CA PRO A 211 -27.86 -12.47 -6.87
C PRO A 211 -28.23 -13.51 -7.93
N PHE A 212 -29.01 -14.51 -7.56
CA PHE A 212 -29.41 -15.59 -8.46
C PHE A 212 -30.78 -16.20 -8.17
N LEU A 213 -31.39 -16.73 -9.21
CA LEU A 213 -32.68 -17.41 -9.11
C LEU A 213 -32.51 -18.79 -8.47
N TYR A 214 -33.42 -19.18 -7.60
CA TYR A 214 -33.46 -20.55 -7.14
C TYR A 214 -34.87 -20.89 -6.74
N LEU A 215 -35.08 -22.12 -6.27
CA LEU A 215 -36.42 -22.54 -5.91
C LEU A 215 -36.62 -22.77 -4.41
N ASP A 216 -35.87 -23.65 -3.83
CA ASP A 216 -36.56 -24.34 -2.71
C ASP A 216 -38.12 -24.82 -3.02
N GLY A 217 -39.09 -24.38 -2.24
CA GLY A 217 -40.37 -25.13 -2.07
C GLY A 217 -41.49 -25.11 -3.13
N ASP A 218 -41.06 -25.48 -4.35
CA ASP A 218 -41.73 -25.38 -5.67
C ASP A 218 -41.62 -23.95 -6.12
N ASP A 219 -40.91 -23.14 -5.34
CA ASP A 219 -40.85 -21.72 -5.58
C ASP A 219 -39.69 -20.85 -5.95
N TYR A 220 -39.95 -20.03 -6.95
CA TYR A 220 -39.00 -19.12 -7.54
C TYR A 220 -38.82 -17.90 -6.65
N LYS A 221 -37.57 -17.75 -6.25
CA LYS A 221 -37.09 -16.61 -5.49
C LYS A 221 -35.74 -16.27 -6.08
N VAL A 222 -35.27 -15.09 -5.72
CA VAL A 222 -33.94 -14.66 -6.07
C VAL A 222 -33.17 -14.51 -4.79
N PHE A 223 -32.11 -15.29 -4.66
CA PHE A 223 -31.28 -15.16 -3.48
C PHE A 223 -30.37 -13.94 -3.60
N VAL A 224 -30.28 -13.19 -2.51
CA VAL A 224 -29.44 -11.99 -2.45
C VAL A 224 -28.35 -12.06 -1.36
N PRO A 225 -27.17 -12.52 -1.75
CA PRO A 225 -26.04 -12.65 -0.82
C PRO A 225 -25.66 -11.33 -0.22
N ALA A 226 -25.29 -11.40 1.03
CA ALA A 226 -24.72 -10.32 1.81
C ALA A 226 -23.26 -10.08 1.46
N LYS A 227 -22.84 -8.83 1.52
CA LYS A 227 -21.42 -8.50 1.31
C LYS A 227 -20.49 -9.11 2.36
N ARG A 228 -19.26 -9.38 1.93
CA ARG A 228 -18.09 -9.57 2.80
C ARG A 228 -17.06 -8.45 2.56
N THR A 229 -16.26 -8.11 3.58
CA THR A 229 -15.11 -7.26 3.37
C THR A 229 -13.93 -8.20 3.73
N ASN A 230 -12.77 -8.09 3.04
CA ASN A 230 -11.65 -9.00 3.29
C ASN A 230 -12.08 -10.45 3.11
N ALA A 231 -12.79 -10.67 2.01
CA ALA A 231 -13.32 -11.96 1.66
C ALA A 231 -12.22 -12.96 1.34
N ARG A 232 -12.47 -14.22 1.66
CA ARG A 232 -11.56 -15.29 1.27
C ARG A 232 -12.23 -16.61 1.31
N GLY A 233 -12.06 -17.37 0.24
CA GLY A 233 -12.75 -18.66 0.14
C GLY A 233 -14.20 -18.47 -0.22
N THR A 234 -14.95 -19.56 -0.33
CA THR A 234 -16.33 -19.48 -0.77
C THR A 234 -17.29 -19.08 0.37
N SER A 235 -18.45 -18.58 -0.01
CA SER A 235 -19.53 -18.13 0.89
C SER A 235 -20.64 -19.18 1.15
N TRP A 236 -20.57 -20.26 0.40
CA TRP A 236 -21.57 -21.32 0.43
C TRP A 236 -20.85 -22.50 1.00
N GLY A 237 -19.54 -22.42 0.83
CA GLY A 237 -18.72 -22.60 1.96
C GLY A 237 -19.61 -22.51 3.18
N ASN A 238 -20.33 -21.38 3.41
CA ASN A 238 -20.95 -21.28 4.75
C ASN A 238 -22.42 -21.09 5.18
N GLY A 239 -22.57 -21.11 6.52
CA GLY A 239 -23.83 -21.08 7.27
C GLY A 239 -25.08 -21.35 6.46
N THR A 240 -25.53 -20.37 5.66
CA THR A 240 -26.57 -20.54 4.63
C THR A 240 -26.56 -19.18 3.87
N PRO A 241 -25.72 -19.13 2.85
CA PRO A 241 -24.97 -18.04 2.22
C PRO A 241 -24.94 -16.70 2.98
N GLU A 242 -25.80 -16.51 3.97
CA GLU A 242 -26.10 -15.17 4.46
C GLU A 242 -26.60 -14.26 3.30
N GLY A 243 -27.81 -13.72 3.44
CA GLY A 243 -28.41 -12.88 2.41
C GLY A 243 -29.91 -12.69 2.55
N GLU A 244 -30.63 -12.48 1.43
CA GLU A 244 -32.12 -12.49 1.45
C GLU A 244 -32.82 -13.20 0.26
N SER A 245 -34.14 -13.48 0.40
CA SER A 245 -34.92 -14.23 -0.61
C SER A 245 -36.15 -13.44 -1.06
N LEU A 246 -36.01 -12.85 -2.25
CA LEU A 246 -37.06 -12.03 -2.82
C LEU A 246 -37.93 -12.90 -3.72
N PRO A 247 -39.20 -13.13 -3.31
CA PRO A 247 -40.00 -14.03 -4.17
C PRO A 247 -40.18 -13.47 -5.55
N LEU A 248 -40.35 -14.36 -6.53
CA LEU A 248 -40.47 -13.94 -7.91
C LEU A 248 -41.59 -12.92 -8.09
N ASP A 249 -42.61 -13.01 -7.23
CA ASP A 249 -43.69 -12.05 -7.30
C ASP A 249 -43.33 -10.61 -6.78
N GLN A 250 -42.09 -10.39 -6.31
CA GLN A 250 -41.59 -9.01 -6.12
C GLN A 250 -40.75 -8.48 -7.28
N PHE A 251 -40.72 -9.24 -8.39
CA PHE A 251 -40.05 -8.81 -9.62
C PHE A 251 -41.03 -8.61 -10.72
N TYR A 252 -40.79 -7.56 -11.52
CA TYR A 252 -41.43 -7.41 -12.79
C TYR A 252 -40.65 -8.29 -13.76
N VAL A 253 -41.35 -9.22 -14.38
CA VAL A 253 -40.72 -10.15 -15.32
C VAL A 253 -40.77 -9.53 -16.69
N VAL A 254 -39.62 -9.01 -17.11
CA VAL A 254 -39.44 -8.29 -18.35
C VAL A 254 -39.40 -9.33 -19.48
N LYS A 255 -40.25 -9.09 -20.48
CA LYS A 255 -40.58 -10.01 -21.56
C LYS A 255 -40.64 -9.25 -22.89
N PRO A 256 -40.49 -9.98 -24.05
CA PRO A 256 -40.59 -9.29 -25.35
C PRO A 256 -41.83 -8.43 -25.41
N GLY A 257 -41.60 -7.16 -25.77
CA GLY A 257 -42.62 -6.13 -25.81
C GLY A 257 -42.52 -5.01 -24.76
N ALA A 258 -41.86 -5.31 -23.64
CA ALA A 258 -41.75 -4.38 -22.55
C ALA A 258 -41.17 -3.05 -23.01
N THR A 259 -41.66 -1.95 -22.45
CA THR A 259 -41.03 -0.65 -22.72
C THR A 259 -40.32 -0.09 -21.50
N ALA A 260 -39.37 0.79 -21.75
CA ALA A 260 -38.70 1.50 -20.67
C ALA A 260 -39.71 2.25 -19.78
N GLU A 261 -40.74 2.85 -20.36
CA GLU A 261 -41.67 3.58 -19.49
C GLU A 261 -42.39 2.50 -18.60
N THR A 262 -42.63 1.33 -19.16
CA THR A 262 -43.19 0.20 -18.40
C THR A 262 -42.18 -0.32 -17.32
N ILE A 263 -40.95 -0.58 -17.72
CA ILE A 263 -39.92 -1.03 -16.78
C ILE A 263 -39.76 -0.04 -15.67
N ASN A 264 -39.84 1.22 -16.01
CA ASN A 264 -39.58 2.26 -15.04
C ASN A 264 -40.71 2.27 -14.02
N ALA A 265 -41.94 2.38 -14.49
CA ALA A 265 -43.13 2.35 -13.60
C ALA A 265 -43.04 1.19 -12.58
N ALA A 266 -42.51 0.07 -13.03
CA ALA A 266 -42.28 -1.06 -12.12
C ALA A 266 -41.39 -0.66 -10.91
N VAL A 267 -40.20 -0.14 -11.17
CA VAL A 267 -39.29 0.23 -10.08
C VAL A 267 -39.96 1.18 -9.08
N ASP A 268 -40.55 2.24 -9.61
CA ASP A 268 -41.06 3.31 -8.76
C ASP A 268 -42.18 2.78 -7.92
N GLN A 269 -42.87 1.77 -8.44
CA GLN A 269 -43.93 1.12 -7.71
C GLN A 269 -43.27 0.24 -6.65
N GLY A 270 -42.02 -0.16 -6.87
CA GLY A 270 -41.33 -0.98 -5.90
C GLY A 270 -40.99 -2.39 -6.29
N LEU A 271 -41.21 -2.74 -7.55
CA LEU A 271 -40.84 -4.07 -8.05
C LEU A 271 -39.37 -4.09 -8.42
N HIS A 272 -38.75 -5.23 -8.23
CA HIS A 272 -37.43 -5.47 -8.78
C HIS A 272 -37.58 -5.88 -10.25
N LEU A 273 -36.47 -6.07 -10.95
CA LEU A 273 -36.49 -6.45 -12.37
C LEU A 273 -35.76 -7.75 -12.67
N LEU A 274 -36.47 -8.63 -13.37
CA LEU A 274 -35.90 -9.88 -13.88
C LEU A 274 -36.07 -9.88 -15.40
N PHE A 275 -34.97 -9.65 -16.10
CA PHE A 275 -34.98 -9.69 -17.55
C PHE A 275 -34.84 -11.12 -18.05
N THR A 276 -35.86 -11.63 -18.71
CA THR A 276 -35.81 -12.97 -19.25
C THR A 276 -34.92 -12.87 -20.49
N PRO A 277 -34.49 -14.01 -21.06
CA PRO A 277 -33.52 -13.90 -22.17
C PRO A 277 -34.19 -13.34 -23.42
N GLY A 278 -33.56 -12.30 -23.95
CA GLY A 278 -34.10 -11.62 -25.11
C GLY A 278 -33.29 -10.35 -25.35
N VAL A 279 -33.74 -9.63 -26.36
CA VAL A 279 -33.19 -8.34 -26.75
C VAL A 279 -34.30 -7.29 -26.54
N TYR A 280 -33.97 -6.23 -25.79
CA TYR A 280 -34.94 -5.24 -25.42
C TYR A 280 -34.46 -3.88 -25.96
N HIS A 281 -35.12 -3.38 -26.99
CA HIS A 281 -34.85 -2.04 -27.45
C HIS A 281 -35.59 -1.03 -26.53
N VAL A 282 -34.93 0.06 -26.16
CA VAL A 282 -35.57 1.09 -25.36
C VAL A 282 -35.45 2.50 -25.97
N ASP A 283 -36.60 3.19 -26.00
CA ASP A 283 -36.72 4.60 -26.32
C ASP A 283 -36.15 5.66 -25.37
N GLN A 284 -35.81 5.27 -24.15
CA GLN A 284 -35.34 6.18 -23.08
C GLN A 284 -34.67 5.27 -22.05
N PRO A 285 -33.78 5.83 -21.19
CA PRO A 285 -33.09 4.99 -20.21
C PRO A 285 -34.01 4.17 -19.33
N ILE A 286 -33.49 3.04 -18.91
CA ILE A 286 -34.07 2.30 -17.81
C ILE A 286 -33.55 3.09 -16.62
N GLU A 287 -34.46 3.49 -15.74
CA GLU A 287 -34.08 4.28 -14.58
C GLU A 287 -34.30 3.48 -13.29
N ILE A 288 -33.26 3.39 -12.47
CA ILE A 288 -33.36 2.69 -11.21
C ILE A 288 -33.03 3.67 -10.08
N ASP A 289 -34.09 4.11 -9.40
CA ASP A 289 -33.95 5.13 -8.35
C ASP A 289 -34.63 4.74 -7.04
N ARG A 290 -34.49 3.47 -6.68
CA ARG A 290 -34.96 2.94 -5.41
C ARG A 290 -33.85 2.07 -4.82
N ALA A 291 -33.53 2.32 -3.57
CA ALA A 291 -32.47 1.55 -2.97
C ALA A 291 -32.80 0.08 -2.93
N ASN A 292 -31.76 -0.73 -3.01
CA ASN A 292 -31.85 -2.20 -2.99
C ASN A 292 -32.54 -2.82 -4.16
N THR A 293 -32.78 -2.06 -5.21
CA THR A 293 -33.38 -2.67 -6.41
C THR A 293 -32.41 -3.68 -6.99
N VAL A 294 -32.95 -4.86 -7.27
CA VAL A 294 -32.21 -5.87 -8.04
C VAL A 294 -32.68 -5.80 -9.49
N ALA A 295 -31.71 -5.79 -10.41
CA ALA A 295 -31.95 -5.79 -11.84
C ALA A 295 -31.12 -6.90 -12.43
N LEU A 296 -31.77 -8.05 -12.66
CA LEU A 296 -31.06 -9.31 -12.88
C LEU A 296 -31.43 -9.85 -14.25
N GLY A 297 -30.44 -10.06 -15.10
CA GLY A 297 -30.66 -10.63 -16.43
C GLY A 297 -30.37 -12.12 -16.48
N LEU A 298 -31.22 -12.82 -17.23
CA LEU A 298 -31.07 -14.25 -17.49
C LEU A 298 -30.67 -14.46 -18.97
N GLY A 299 -29.88 -15.47 -19.25
CA GLY A 299 -29.63 -15.85 -20.63
C GLY A 299 -29.00 -14.74 -21.51
N LEU A 300 -28.12 -13.91 -20.94
CA LEU A 300 -27.49 -12.82 -21.67
C LEU A 300 -28.51 -11.80 -22.22
N ALA A 301 -29.54 -11.53 -21.43
CA ALA A 301 -30.51 -10.52 -21.75
C ALA A 301 -29.80 -9.26 -22.13
N THR A 302 -30.27 -8.62 -23.20
CA THR A 302 -29.55 -7.52 -23.84
C THR A 302 -30.45 -6.31 -24.00
N ILE A 303 -29.91 -5.14 -23.69
CA ILE A 303 -30.63 -3.89 -23.79
C ILE A 303 -29.96 -3.04 -24.87
N ILE A 304 -30.73 -2.63 -25.88
CA ILE A 304 -30.25 -1.72 -26.92
C ILE A 304 -30.96 -0.37 -26.79
N PRO A 305 -30.20 0.70 -26.54
CA PRO A 305 -30.85 2.02 -26.52
C PRO A 305 -30.97 2.52 -27.93
N ASP A 306 -32.14 3.01 -28.30
CA ASP A 306 -32.35 3.61 -29.61
C ASP A 306 -32.25 5.13 -29.48
N ASN A 307 -32.24 5.86 -30.61
CA ASN A 307 -32.40 7.32 -30.63
C ASN A 307 -31.29 8.04 -29.85
N GLY A 308 -30.20 7.34 -29.64
CA GLY A 308 -29.02 7.89 -28.97
C GLY A 308 -29.17 8.07 -27.48
N VAL A 309 -30.22 7.48 -26.91
CA VAL A 309 -30.39 7.64 -25.47
C VAL A 309 -29.45 6.71 -24.64
N THR A 310 -29.33 7.01 -23.34
CA THR A 310 -28.60 6.18 -22.40
C THR A 310 -29.43 4.95 -22.08
N ALA A 311 -28.78 3.80 -21.91
CA ALA A 311 -29.51 2.56 -21.67
C ALA A 311 -29.93 2.38 -20.21
N LEU A 312 -29.01 2.63 -19.29
CA LEU A 312 -29.23 2.27 -17.90
C LEU A 312 -28.60 3.32 -16.99
N LYS A 313 -29.41 3.77 -16.05
CA LYS A 313 -29.11 4.95 -15.25
C LYS A 313 -29.54 4.60 -13.85
N VAL A 314 -28.57 4.57 -12.95
CA VAL A 314 -28.81 4.26 -11.56
C VAL A 314 -28.77 5.54 -10.74
N GLY A 315 -29.71 5.66 -9.84
CA GLY A 315 -29.82 6.87 -9.04
C GLY A 315 -28.83 6.91 -7.89
N ASP A 316 -28.86 8.00 -7.12
CA ASP A 316 -27.95 8.19 -6.01
C ASP A 316 -28.62 7.51 -4.83
N VAL A 317 -28.60 6.18 -4.84
CA VAL A 317 -29.24 5.36 -3.82
C VAL A 317 -28.32 4.19 -3.44
N ASP A 318 -28.45 3.72 -2.21
CA ASP A 318 -27.77 2.51 -1.76
C ASP A 318 -28.28 1.24 -2.45
N GLY A 319 -27.39 0.27 -2.55
CA GLY A 319 -27.75 -1.12 -2.68
C GLY A 319 -28.31 -1.66 -3.97
N VAL A 320 -28.17 -0.95 -5.09
CA VAL A 320 -28.71 -1.43 -6.34
C VAL A 320 -27.76 -2.49 -6.84
N LYS A 321 -28.34 -3.54 -7.40
CA LYS A 321 -27.57 -4.72 -7.81
C LYS A 321 -27.99 -4.99 -9.22
N VAL A 322 -27.12 -4.61 -10.14
CA VAL A 322 -27.35 -4.85 -11.55
C VAL A 322 -26.49 -6.04 -11.96
N ALA A 323 -27.08 -7.11 -12.52
CA ALA A 323 -26.32 -8.29 -12.83
C ALA A 323 -26.80 -9.04 -14.09
N GLY A 324 -25.84 -9.48 -14.91
CA GLY A 324 -26.11 -10.38 -15.99
C GLY A 324 -26.79 -9.77 -17.20
N LEU A 325 -26.28 -8.62 -17.62
CA LEU A 325 -26.88 -7.87 -18.70
C LEU A 325 -25.84 -7.42 -19.68
N LEU A 326 -26.18 -7.56 -20.96
CA LEU A 326 -25.38 -7.01 -22.06
C LEU A 326 -26.05 -5.74 -22.56
N VAL A 327 -25.29 -4.67 -22.66
CA VAL A 327 -25.79 -3.44 -23.29
C VAL A 327 -25.04 -3.26 -24.61
N ASP A 328 -25.81 -3.20 -25.68
CA ASP A 328 -25.35 -3.24 -27.06
C ASP A 328 -25.73 -1.88 -27.68
N ALA A 329 -24.72 -1.11 -28.09
CA ALA A 329 -24.98 0.22 -28.60
C ALA A 329 -25.83 0.17 -29.85
N GLY A 330 -26.64 1.20 -30.04
CA GLY A 330 -27.36 1.37 -31.29
C GLY A 330 -26.52 2.16 -32.30
N PRO A 331 -26.94 2.14 -33.57
CA PRO A 331 -26.25 2.89 -34.62
C PRO A 331 -26.22 4.40 -34.39
N VAL A 332 -27.21 4.95 -33.69
CA VAL A 332 -27.15 6.36 -33.30
C VAL A 332 -26.28 6.50 -32.06
N ASN A 333 -25.28 7.36 -32.14
CA ASN A 333 -24.36 7.55 -31.01
C ASN A 333 -25.07 7.95 -29.71
N SER A 334 -24.84 7.17 -28.65
CA SER A 334 -25.22 7.57 -27.31
C SER A 334 -24.08 8.24 -26.58
N GLU A 335 -24.38 9.34 -25.93
CA GLU A 335 -23.37 10.07 -25.14
C GLU A 335 -22.83 9.18 -24.02
N THR A 336 -23.72 8.45 -23.39
CA THR A 336 -23.35 7.41 -22.42
C THR A 336 -24.24 6.19 -22.57
N LEU A 337 -23.72 5.00 -22.24
CA LEU A 337 -24.57 3.80 -22.28
C LEU A 337 -25.05 3.37 -20.90
N VAL A 338 -24.17 3.49 -19.91
CA VAL A 338 -24.53 3.18 -18.53
C VAL A 338 -24.01 4.26 -17.60
N GLU A 339 -24.88 4.78 -16.76
CA GLU A 339 -24.47 5.71 -15.68
C GLU A 339 -24.78 5.16 -14.31
N VAL A 340 -23.82 5.22 -13.39
CA VAL A 340 -24.10 4.92 -12.00
C VAL A 340 -23.95 6.18 -11.14
N GLY A 341 -25.10 6.75 -10.83
CA GLY A 341 -25.15 7.96 -10.05
C GLY A 341 -25.13 9.19 -10.92
N SER A 342 -25.44 10.31 -10.31
CA SER A 342 -25.37 11.61 -10.98
C SER A 342 -23.97 12.27 -10.95
N ASP A 343 -23.70 13.20 -11.87
CA ASP A 343 -22.36 13.83 -11.88
C ASP A 343 -22.11 14.69 -10.63
N GLY A 344 -20.90 14.63 -10.07
CA GLY A 344 -20.62 15.27 -8.79
C GLY A 344 -21.23 14.64 -7.54
N ALA A 345 -22.16 13.68 -7.71
CA ALA A 345 -22.80 12.98 -6.58
C ALA A 345 -21.75 12.71 -5.52
N SER A 346 -22.06 13.06 -4.27
CA SER A 346 -21.03 13.07 -3.21
C SER A 346 -21.50 12.47 -1.89
N GLY A 347 -22.57 11.70 -1.99
CA GLY A 347 -23.04 10.95 -0.85
C GLY A 347 -22.31 9.63 -0.82
N ASP A 348 -22.27 9.01 0.36
CA ASP A 348 -21.52 7.79 0.59
C ASP A 348 -22.49 6.58 0.63
N HIS A 349 -21.99 5.40 0.26
CA HIS A 349 -22.82 4.21 0.20
C HIS A 349 -22.05 3.00 0.69
N ALA A 350 -21.22 3.22 1.72
CA ALA A 350 -20.19 2.24 2.10
C ALA A 350 -20.80 0.97 2.70
N ALA A 351 -21.84 1.13 3.53
CA ALA A 351 -22.47 -0.01 4.20
C ALA A 351 -23.13 -0.94 3.17
N ASN A 352 -23.70 -0.32 2.12
CA ASN A 352 -24.59 -0.98 1.18
C ASN A 352 -24.42 -0.34 -0.19
N PRO A 353 -23.31 -0.68 -0.87
CA PRO A 353 -22.99 -0.01 -2.12
C PRO A 353 -23.80 -0.56 -3.28
N THR A 354 -23.79 0.15 -4.40
CA THR A 354 -24.38 -0.33 -5.64
C THR A 354 -23.28 -1.10 -6.38
N SER A 355 -23.69 -2.13 -7.12
CA SER A 355 -22.75 -2.89 -7.96
C SER A 355 -23.25 -3.21 -9.35
N LEU A 356 -22.28 -3.37 -10.26
CA LEU A 356 -22.47 -3.97 -11.58
C LEU A 356 -21.71 -5.29 -11.59
N GLN A 357 -22.41 -6.38 -11.83
CA GLN A 357 -21.78 -7.70 -11.96
C GLN A 357 -22.22 -8.39 -13.25
N ASP A 358 -21.25 -8.96 -13.97
CA ASP A 358 -21.53 -9.51 -15.31
C ASP A 358 -22.39 -8.54 -16.13
N VAL A 359 -21.95 -7.29 -16.19
CA VAL A 359 -22.60 -6.25 -16.95
C VAL A 359 -21.68 -5.87 -18.07
N PHE A 360 -21.96 -6.41 -19.27
CA PHE A 360 -21.09 -6.34 -20.44
C PHE A 360 -21.59 -5.31 -21.43
N VAL A 361 -20.67 -4.59 -22.07
CA VAL A 361 -21.11 -3.68 -23.13
C VAL A 361 -20.38 -3.91 -24.42
N ARG A 362 -21.14 -3.79 -25.51
CA ARG A 362 -20.61 -4.01 -26.84
C ARG A 362 -20.94 -2.79 -27.69
N ILE A 363 -19.94 -2.27 -28.41
CA ILE A 363 -20.17 -1.22 -29.42
C ILE A 363 -19.80 -1.76 -30.81
N GLY A 364 -20.81 -2.00 -31.63
CA GLY A 364 -20.61 -2.58 -32.94
C GLY A 364 -20.54 -4.11 -32.90
N GLY A 365 -20.45 -4.73 -34.08
CA GLY A 365 -20.18 -6.16 -34.21
C GLY A 365 -21.41 -6.85 -34.76
N ALA A 366 -22.57 -6.42 -34.29
CA ALA A 366 -23.85 -7.02 -34.73
C ALA A 366 -24.59 -5.99 -35.55
N GLY A 367 -23.80 -5.20 -36.29
CA GLY A 367 -24.24 -4.02 -37.00
C GLY A 367 -23.58 -2.79 -36.40
N PRO A 368 -23.74 -1.63 -37.05
CA PRO A 368 -23.08 -0.41 -36.61
C PRO A 368 -23.57 0.01 -35.23
N GLY A 369 -22.63 0.41 -34.38
CA GLY A 369 -22.95 0.91 -33.07
C GLY A 369 -21.93 1.97 -32.64
N LYS A 370 -22.36 2.95 -31.83
CA LYS A 370 -21.48 4.04 -31.43
C LYS A 370 -21.86 4.57 -30.07
N ALA A 371 -20.88 4.98 -29.28
CA ALA A 371 -21.15 5.67 -28.04
C ALA A 371 -19.89 6.39 -27.56
N THR A 372 -20.08 7.52 -26.88
CA THR A 372 -19.00 8.41 -26.48
C THR A 372 -18.31 8.00 -25.18
N THR A 373 -19.06 7.51 -24.21
CA THR A 373 -18.48 6.92 -23.02
C THR A 373 -19.42 5.78 -22.68
N SER A 374 -18.88 4.59 -22.45
CA SER A 374 -19.74 3.46 -22.22
C SER A 374 -20.33 3.39 -20.79
N ILE A 375 -19.45 3.43 -19.80
CA ILE A 375 -19.86 3.33 -18.39
C ILE A 375 -19.28 4.50 -17.64
N VAL A 376 -20.15 5.30 -17.03
CA VAL A 376 -19.71 6.37 -16.12
C VAL A 376 -20.09 5.97 -14.71
N VAL A 377 -19.08 5.85 -13.85
CA VAL A 377 -19.32 5.47 -12.46
C VAL A 377 -19.18 6.69 -11.56
N ASN A 378 -20.32 7.20 -11.15
CA ASN A 378 -20.29 8.33 -10.28
C ASN A 378 -20.50 8.18 -8.81
N SER A 379 -21.21 7.14 -8.40
CA SER A 379 -21.54 6.97 -7.01
C SER A 379 -20.33 6.48 -6.26
N ASN A 380 -20.12 7.08 -5.11
CA ASN A 380 -19.11 6.59 -4.24
C ASN A 380 -19.38 5.14 -3.79
N ASP A 381 -18.28 4.42 -3.62
CA ASP A 381 -18.26 3.08 -3.04
C ASP A 381 -18.83 1.96 -3.97
N THR A 382 -19.09 2.33 -5.19
CA THR A 382 -19.57 1.36 -6.20
C THR A 382 -18.57 0.21 -6.44
N ILE A 383 -19.10 -1.00 -6.51
CA ILE A 383 -18.32 -2.18 -6.89
C ILE A 383 -18.63 -2.60 -8.33
N ILE A 384 -17.57 -2.79 -9.12
CA ILE A 384 -17.67 -3.26 -10.47
C ILE A 384 -16.95 -4.61 -10.46
N ASP A 385 -17.73 -5.69 -10.48
CA ASP A 385 -17.19 -7.03 -10.27
C ASP A 385 -17.53 -7.87 -11.47
N HIS A 386 -16.54 -7.99 -12.33
CA HIS A 386 -16.62 -8.57 -13.67
C HIS A 386 -17.40 -7.72 -14.67
N THR A 387 -16.67 -6.96 -15.46
CA THR A 387 -17.29 -6.26 -16.59
C THR A 387 -16.42 -6.46 -17.83
N TRP A 388 -17.05 -6.56 -19.01
CA TRP A 388 -16.32 -6.51 -20.31
C TRP A 388 -16.96 -5.41 -21.09
N VAL A 389 -16.15 -4.39 -21.38
CA VAL A 389 -16.59 -3.18 -22.08
C VAL A 389 -15.74 -3.17 -23.35
N TRP A 390 -16.41 -3.44 -24.46
CA TRP A 390 -15.76 -3.91 -25.67
C TRP A 390 -16.26 -3.19 -26.92
N ARG A 391 -15.38 -2.41 -27.53
CA ARG A 391 -15.65 -1.84 -28.82
C ARG A 391 -15.28 -2.91 -29.82
N ALA A 392 -16.24 -3.38 -30.61
CA ALA A 392 -16.00 -4.57 -31.44
C ALA A 392 -14.83 -4.39 -32.41
N ASP A 393 -13.96 -5.39 -32.45
CA ASP A 393 -12.84 -5.41 -33.38
C ASP A 393 -13.12 -6.25 -34.61
N HIS A 394 -14.24 -6.96 -34.61
CA HIS A 394 -14.64 -7.78 -35.76
C HIS A 394 -16.15 -7.90 -35.77
N GLY A 395 -16.67 -8.54 -36.81
CA GLY A 395 -18.11 -8.61 -37.07
C GLY A 395 -18.59 -7.52 -38.02
N GLU A 396 -19.90 -7.22 -38.03
CA GLU A 396 -20.42 -6.17 -38.94
C GLU A 396 -20.52 -4.84 -38.26
N GLY A 397 -20.33 -3.83 -39.09
CA GLY A 397 -20.48 -2.47 -38.62
C GLY A 397 -19.34 -1.99 -37.76
N VAL A 398 -18.12 -2.47 -38.07
CA VAL A 398 -16.92 -1.98 -37.36
C VAL A 398 -16.06 -1.16 -38.31
N GLY A 399 -15.33 -0.24 -37.72
CA GLY A 399 -14.42 0.61 -38.46
C GLY A 399 -14.04 1.81 -37.60
N TRP A 400 -12.90 2.41 -37.94
CA TRP A 400 -12.34 3.49 -37.11
C TRP A 400 -13.37 4.60 -36.86
N GLU A 401 -14.23 4.83 -37.84
CA GLU A 401 -15.38 5.74 -37.66
C GLU A 401 -16.69 4.99 -37.48
N THR A 402 -16.86 3.90 -38.21
CA THR A 402 -18.14 3.21 -38.26
C THR A 402 -18.65 2.80 -36.87
N ASN A 403 -17.79 2.26 -36.03
CA ASN A 403 -18.16 1.98 -34.63
C ASN A 403 -17.26 2.70 -33.66
N ARG A 404 -16.95 3.95 -33.99
CA ARG A 404 -16.16 4.76 -33.08
C ARG A 404 -16.77 4.78 -31.68
N ALA A 405 -15.88 4.73 -30.70
CA ALA A 405 -16.26 4.80 -29.29
C ALA A 405 -15.04 5.29 -28.53
N ASP A 406 -15.08 6.54 -28.10
CA ASP A 406 -13.85 7.16 -27.62
C ASP A 406 -13.40 6.60 -26.26
N TYR A 407 -14.36 6.42 -25.35
CA TYR A 407 -14.06 6.19 -23.95
C TYR A 407 -14.84 4.99 -23.39
N GLY A 408 -14.13 4.08 -22.70
CA GLY A 408 -14.79 2.89 -22.18
C GLY A 408 -15.47 3.13 -20.84
N VAL A 409 -14.67 3.26 -19.80
CA VAL A 409 -15.13 3.44 -18.46
C VAL A 409 -14.47 4.66 -17.90
N HIS A 410 -15.29 5.53 -17.31
CA HIS A 410 -14.80 6.70 -16.59
C HIS A 410 -15.29 6.61 -15.15
N VAL A 411 -14.34 6.54 -14.21
CA VAL A 411 -14.70 6.46 -12.80
C VAL A 411 -14.49 7.82 -12.15
N LYS A 412 -15.58 8.44 -11.73
CA LYS A 412 -15.53 9.73 -11.04
C LYS A 412 -15.74 9.64 -9.51
N GLY A 413 -16.51 8.64 -9.08
CA GLY A 413 -16.77 8.46 -7.67
C GLY A 413 -15.54 8.04 -6.88
N ASP A 414 -15.63 8.17 -5.55
CA ASP A 414 -14.55 7.86 -4.64
C ASP A 414 -14.78 6.46 -4.04
N ASN A 415 -13.69 5.80 -3.75
CA ASN A 415 -13.68 4.50 -3.07
C ASN A 415 -14.36 3.41 -3.91
N VAL A 416 -14.25 3.55 -5.22
CA VAL A 416 -14.84 2.58 -6.17
C VAL A 416 -13.86 1.42 -6.30
N LEU A 417 -14.40 0.20 -6.39
CA LEU A 417 -13.58 -1.02 -6.48
C LEU A 417 -13.94 -1.72 -7.74
N ALA A 418 -12.94 -2.04 -8.57
CA ALA A 418 -13.14 -2.88 -9.75
C ALA A 418 -12.38 -4.19 -9.51
N THR A 419 -13.08 -5.31 -9.68
CA THR A 419 -12.56 -6.66 -9.53
C THR A 419 -12.88 -7.43 -10.83
N GLY A 420 -11.87 -7.64 -11.67
CA GLY A 420 -12.10 -8.35 -12.92
C GLY A 420 -12.53 -7.38 -14.01
N LEU A 421 -11.64 -6.45 -14.35
CA LEU A 421 -11.97 -5.33 -15.26
C LEU A 421 -11.37 -5.61 -16.65
N PHE A 422 -12.22 -5.80 -17.65
CA PHE A 422 -11.78 -6.10 -19.03
C PHE A 422 -12.33 -4.98 -19.96
N VAL A 423 -11.47 -4.19 -20.57
CA VAL A 423 -11.93 -3.09 -21.40
C VAL A 423 -11.03 -2.97 -22.66
N GLU A 424 -11.63 -3.01 -23.85
CA GLU A 424 -10.84 -3.16 -25.07
C GLU A 424 -11.32 -2.33 -26.26
N HIS A 425 -10.32 -1.78 -26.93
CA HIS A 425 -10.34 -1.26 -28.31
C HIS A 425 -10.95 0.13 -28.49
N PHE A 426 -11.06 0.91 -27.44
CA PHE A 426 -11.57 2.26 -27.59
C PHE A 426 -10.64 3.22 -28.37
N ASN A 427 -11.23 4.21 -29.04
CA ASN A 427 -10.42 5.12 -29.87
C ASN A 427 -9.52 6.01 -29.02
N LYS A 428 -9.96 6.33 -27.79
CA LYS A 428 -9.23 7.18 -26.87
C LYS A 428 -8.95 6.39 -25.57
N TYR A 429 -9.14 6.97 -24.39
CA TYR A 429 -8.83 6.26 -23.16
C TYR A 429 -9.82 5.11 -22.88
N ASP A 430 -9.32 3.89 -22.73
CA ASP A 430 -10.19 2.77 -22.41
C ASP A 430 -10.80 2.94 -21.01
N VAL A 431 -9.92 3.23 -20.07
CA VAL A 431 -10.32 3.52 -18.69
C VAL A 431 -9.67 4.81 -18.23
N GLN A 432 -10.49 5.71 -17.66
CA GLN A 432 -10.05 6.93 -16.95
C GLN A 432 -10.61 6.93 -15.52
N TRP A 433 -9.77 7.33 -14.56
CA TRP A 433 -10.13 7.27 -13.15
C TRP A 433 -9.75 8.55 -12.45
N SER A 434 -10.76 9.32 -12.10
CA SER A 434 -10.57 10.62 -11.47
C SER A 434 -10.85 10.53 -9.97
N GLY A 435 -11.52 9.45 -9.54
CA GLY A 435 -11.92 9.38 -8.15
C GLY A 435 -10.78 9.06 -7.22
N GLU A 436 -11.03 9.27 -5.93
CA GLU A 436 -10.06 8.95 -4.93
C GLU A 436 -10.27 7.56 -4.34
N ASN A 437 -9.17 7.03 -3.79
CA ASN A 437 -9.00 5.67 -3.21
C ASN A 437 -9.63 4.63 -4.09
N GLY A 438 -9.46 4.81 -5.39
CA GLY A 438 -9.88 3.80 -6.33
C GLY A 438 -8.96 2.59 -6.23
N LYS A 439 -9.52 1.43 -6.52
CA LYS A 439 -8.78 0.16 -6.49
C LYS A 439 -9.23 -0.73 -7.64
N THR A 440 -8.25 -1.26 -8.40
CA THR A 440 -8.52 -2.27 -9.43
C THR A 440 -7.68 -3.51 -9.16
N ILE A 441 -8.39 -4.63 -9.00
CA ILE A 441 -7.77 -5.93 -8.96
C ILE A 441 -8.11 -6.69 -10.23
N PHE A 442 -7.07 -6.88 -11.04
CA PHE A 442 -7.10 -7.43 -12.41
C PHE A 442 -7.65 -6.49 -13.48
N TYR A 443 -6.77 -6.20 -14.46
CA TYR A 443 -7.17 -5.49 -15.67
C TYR A 443 -6.61 -6.15 -16.91
N GLN A 444 -7.47 -6.30 -17.90
CA GLN A 444 -7.09 -6.75 -19.22
C GLN A 444 -7.60 -5.73 -20.24
N ASN A 445 -6.68 -5.25 -21.06
CA ASN A 445 -6.98 -4.37 -22.16
C ASN A 445 -6.28 -4.83 -23.43
N ALA A 446 -6.92 -4.59 -24.55
CA ALA A 446 -6.26 -4.59 -25.86
C ALA A 446 -6.63 -3.25 -26.51
N LYS A 447 -5.64 -2.65 -27.14
CA LYS A 447 -5.86 -1.34 -27.77
C LYS A 447 -6.59 -1.50 -29.10
N ALA A 448 -7.11 -0.40 -29.64
CA ALA A 448 -7.77 -0.46 -30.94
C ALA A 448 -6.83 -0.98 -32.02
N TYR A 449 -7.31 -1.89 -32.87
CA TYR A 449 -6.49 -2.39 -33.96
C TYR A 449 -6.46 -1.49 -35.18
N ASP A 450 -7.54 -0.75 -35.37
CA ASP A 450 -7.78 -0.02 -36.62
C ASP A 450 -7.36 1.47 -36.74
N ALA A 451 -6.54 2.01 -35.85
CA ALA A 451 -6.17 3.40 -35.98
C ALA A 451 -5.36 3.39 -37.28
N PRO A 452 -5.71 4.26 -38.24
CA PRO A 452 -5.16 4.19 -39.61
C PRO A 452 -3.71 4.69 -39.68
N ASP A 453 -3.29 5.49 -38.70
CA ASP A 453 -1.90 5.91 -38.60
C ASP A 453 -1.65 6.60 -37.27
N GLN A 454 -0.39 7.02 -37.06
CA GLN A 454 0.01 7.66 -35.82
C GLN A 454 -0.79 8.92 -35.49
N ALA A 455 -1.15 9.69 -36.52
CA ALA A 455 -1.88 10.94 -36.22
C ALA A 455 -3.23 10.68 -35.58
N ALA A 456 -3.90 9.60 -35.98
CA ALA A 456 -5.24 9.26 -35.45
C ALA A 456 -5.28 8.89 -33.94
N ILE A 457 -4.12 8.80 -33.31
CA ILE A 457 -4.03 8.46 -31.89
C ILE A 457 -3.15 9.45 -31.14
N GLN A 458 -2.70 10.46 -31.85
CA GLN A 458 -1.89 11.52 -31.30
C GLN A 458 -2.64 12.28 -30.21
N ASN A 459 -2.14 12.27 -28.97
CA ASN A 459 -2.88 12.76 -27.79
C ASN A 459 -2.08 13.79 -27.03
N GLY A 460 -2.48 15.04 -27.18
CA GLY A 460 -1.61 16.15 -26.80
C GLY A 460 -0.18 15.83 -27.23
N ASP A 461 0.69 15.70 -26.24
CA ASP A 461 2.13 15.46 -26.44
C ASP A 461 2.51 13.99 -26.44
N ILE A 462 1.52 13.11 -26.44
CA ILE A 462 1.78 11.68 -26.23
C ILE A 462 1.24 10.86 -27.41
N LYS A 463 2.01 9.86 -27.86
CA LYS A 463 1.51 8.94 -28.90
C LYS A 463 0.53 7.91 -28.34
N GLY A 464 -0.66 7.85 -28.91
CA GLY A 464 -1.75 7.05 -28.34
C GLY A 464 -2.28 7.54 -27.02
N TYR A 465 -3.37 6.90 -26.58
CA TYR A 465 -4.00 7.13 -25.28
C TYR A 465 -3.78 5.92 -24.39
N ALA A 466 -3.52 6.17 -23.13
CA ALA A 466 -3.36 5.07 -22.21
C ALA A 466 -4.56 4.16 -22.24
N ALA A 467 -4.32 2.89 -22.04
CA ALA A 467 -5.41 1.96 -21.69
C ALA A 467 -6.03 2.26 -20.32
N TYR A 468 -5.24 2.83 -19.42
CA TYR A 468 -5.67 3.07 -18.04
C TYR A 468 -4.96 4.31 -17.56
N LYS A 469 -5.74 5.40 -17.48
CA LYS A 469 -5.29 6.69 -17.03
C LYS A 469 -5.89 7.07 -15.67
N VAL A 470 -5.02 7.33 -14.70
CA VAL A 470 -5.46 7.97 -13.47
C VAL A 470 -5.12 9.43 -13.60
N ASP A 471 -6.12 10.27 -13.37
CA ASP A 471 -5.96 11.69 -13.60
C ASP A 471 -4.80 12.26 -12.80
N ASP A 472 -4.12 13.17 -13.51
CA ASP A 472 -3.09 14.06 -13.05
C ASP A 472 -3.33 14.41 -11.54
N SER A 473 -4.60 14.69 -11.20
CA SER A 473 -4.98 15.26 -9.89
C SER A 473 -5.19 14.30 -8.70
N VAL A 474 -5.40 13.02 -8.99
CA VAL A 474 -5.74 12.04 -7.96
C VAL A 474 -4.61 11.96 -6.89
N THR A 475 -4.95 11.86 -5.60
CA THR A 475 -3.89 11.58 -4.61
C THR A 475 -3.76 10.13 -4.15
N THR A 476 -4.86 9.36 -4.07
CA THR A 476 -4.75 7.99 -3.61
C THR A 476 -5.46 7.03 -4.66
N HIS A 477 -4.70 6.06 -5.18
CA HIS A 477 -5.20 5.02 -6.16
C HIS A 477 -4.36 3.78 -6.00
N GLU A 478 -4.91 2.63 -6.35
CA GLU A 478 -4.11 1.41 -6.35
C GLU A 478 -4.60 0.37 -7.35
N GLY A 479 -3.67 -0.27 -8.07
CA GLY A 479 -4.01 -1.30 -9.04
C GLY A 479 -3.08 -2.50 -8.94
N TRP A 480 -3.64 -3.70 -9.13
CA TRP A 480 -2.90 -4.96 -9.10
C TRP A 480 -3.20 -5.82 -10.30
N GLY A 481 -2.15 -6.28 -10.99
CA GLY A 481 -2.31 -7.34 -11.99
C GLY A 481 -2.95 -6.87 -13.31
N MET A 482 -2.24 -6.02 -14.04
CA MET A 482 -2.82 -5.25 -15.11
C MET A 482 -2.00 -5.29 -16.40
N GLY A 483 -2.65 -5.66 -17.50
CA GLY A 483 -1.99 -5.75 -18.79
C GLY A 483 -2.74 -5.07 -19.93
N SER A 484 -1.96 -4.51 -20.84
CA SER A 484 -2.49 -3.89 -22.06
C SER A 484 -1.75 -4.47 -23.28
N TYR A 485 -2.50 -4.93 -24.27
CA TYR A 485 -1.90 -5.54 -25.48
C TYR A 485 -2.21 -4.71 -26.75
N CYS A 486 -1.30 -4.74 -27.73
CA CYS A 486 -1.52 -4.05 -29.00
C CYS A 486 -1.45 -5.00 -30.20
N TYR A 487 -2.24 -4.69 -31.22
CA TYR A 487 -2.27 -5.41 -32.48
C TYR A 487 -2.72 -4.41 -33.53
N PHE A 488 -1.79 -3.56 -33.92
CA PHE A 488 -2.12 -2.46 -34.82
C PHE A 488 -2.11 -3.02 -36.22
N ASN A 489 -3.19 -3.74 -36.51
CA ASN A 489 -3.43 -4.49 -37.73
C ASN A 489 -3.22 -3.64 -38.96
N VAL A 490 -3.99 -2.57 -39.01
CA VAL A 490 -4.08 -1.73 -40.18
C VAL A 490 -2.77 -1.02 -40.42
N ASN A 491 -2.07 -0.63 -39.35
CA ASN A 491 -0.80 0.09 -39.48
C ASN A 491 0.19 -0.36 -38.42
N PRO A 492 0.95 -1.44 -38.71
CA PRO A 492 1.89 -2.00 -37.73
C PRO A 492 3.11 -1.11 -37.48
N ASP A 493 3.26 -0.02 -38.21
CA ASP A 493 4.29 0.96 -37.92
C ASP A 493 3.95 1.88 -36.70
N ILE A 494 2.71 1.83 -36.21
CA ILE A 494 2.32 2.67 -35.07
C ILE A 494 3.12 2.34 -33.82
N ARG A 495 3.28 3.37 -33.01
CA ARG A 495 3.82 3.28 -31.65
C ARG A 495 2.81 3.77 -30.60
N GLN A 496 2.70 3.00 -29.52
CA GLN A 496 1.84 3.34 -28.37
C GLN A 496 2.79 3.71 -27.23
N GLN A 497 2.72 4.93 -26.71
CA GLN A 497 3.75 5.33 -25.74
C GLN A 497 3.72 4.44 -24.54
N HIS A 498 2.52 4.18 -24.01
CA HIS A 498 2.39 3.40 -22.78
C HIS A 498 1.02 2.73 -22.67
N GLY A 499 0.93 1.69 -21.82
CA GLY A 499 -0.34 1.11 -21.46
C GLY A 499 -1.05 1.88 -20.36
N PHE A 500 -0.26 2.53 -19.50
CA PHE A 500 -0.73 3.16 -18.26
C PHE A 500 -0.20 4.58 -18.11
N GLN A 501 -1.04 5.47 -17.58
CA GLN A 501 -0.61 6.82 -17.22
C GLN A 501 -1.10 7.20 -15.84
N ALA A 502 -0.23 7.81 -15.03
CA ALA A 502 -0.60 8.23 -13.67
C ALA A 502 0.44 9.16 -13.13
N PRO A 503 0.06 9.96 -12.12
CA PRO A 503 1.07 10.71 -11.38
C PRO A 503 2.05 9.78 -10.67
N VAL A 504 3.20 10.31 -10.30
CA VAL A 504 4.18 9.61 -9.46
C VAL A 504 4.16 10.14 -8.04
N LYS A 505 3.03 9.95 -7.33
CA LYS A 505 2.82 10.37 -5.93
C LYS A 505 2.81 9.16 -5.00
N PRO A 506 3.19 9.33 -3.72
CA PRO A 506 3.16 8.04 -3.00
C PRO A 506 1.79 7.47 -2.59
N GLY A 507 0.71 8.16 -2.89
CA GLY A 507 -0.64 7.64 -2.71
C GLY A 507 -1.20 6.94 -3.96
N VAL A 508 -0.47 7.01 -5.09
CA VAL A 508 -0.85 6.37 -6.37
C VAL A 508 0.10 5.20 -6.74
N LYS A 509 -0.46 3.98 -6.69
CA LYS A 509 0.29 2.74 -6.63
C LYS A 509 -0.09 1.71 -7.68
N PHE A 510 0.91 1.10 -8.29
CA PHE A 510 0.68 -0.04 -9.16
C PHE A 510 1.62 -1.22 -8.91
N HIS A 511 1.00 -2.40 -8.95
CA HIS A 511 1.67 -3.68 -8.83
C HIS A 511 1.40 -4.56 -10.00
N ASP A 512 2.50 -5.07 -10.59
CA ASP A 512 2.47 -6.10 -11.62
C ASP A 512 1.73 -5.60 -12.86
N LEU A 513 2.41 -4.71 -13.59
CA LEU A 513 1.92 -4.13 -14.84
C LEU A 513 2.66 -4.76 -16.01
N LEU A 514 1.96 -4.99 -17.10
CA LEU A 514 2.65 -5.42 -18.33
C LEU A 514 2.01 -4.86 -19.59
N VAL A 515 2.83 -4.71 -20.63
CA VAL A 515 2.32 -4.43 -21.96
C VAL A 515 2.90 -5.44 -22.91
N VAL A 516 2.15 -5.75 -23.97
CA VAL A 516 2.60 -6.74 -24.91
C VAL A 516 2.16 -6.43 -26.32
N SER A 517 3.09 -6.55 -27.27
CA SER A 517 2.76 -6.48 -28.69
C SER A 517 2.46 -7.86 -29.29
N LEU A 518 1.27 -8.02 -29.89
CA LEU A 518 0.94 -9.29 -30.51
C LEU A 518 1.55 -9.46 -31.91
N GLY A 519 2.56 -10.32 -32.06
CA GLY A 519 3.14 -10.58 -33.36
C GLY A 519 3.82 -9.34 -33.98
N GLY A 520 4.31 -8.44 -33.14
CA GLY A 520 5.01 -7.27 -33.59
C GLY A 520 4.22 -6.26 -34.41
N LYS A 521 2.90 -6.32 -34.30
CA LYS A 521 2.02 -5.37 -34.99
C LYS A 521 1.85 -4.12 -34.11
N GLY A 522 2.73 -3.16 -34.36
CA GLY A 522 2.88 -2.02 -33.49
C GLY A 522 3.75 -2.43 -32.33
N GLN A 523 4.26 -1.42 -31.61
CA GLN A 523 5.00 -1.65 -30.39
C GLN A 523 4.65 -0.62 -29.32
N TYR A 524 4.82 -1.00 -28.06
CA TYR A 524 4.80 -0.05 -26.95
C TYR A 524 6.19 0.55 -26.79
N GLU A 525 6.28 1.77 -26.34
CA GLU A 525 7.57 2.40 -26.07
C GLU A 525 7.96 2.35 -24.61
N HIS A 526 6.93 2.25 -23.77
CA HIS A 526 7.09 2.13 -22.33
C HIS A 526 5.90 1.37 -21.79
N VAL A 527 5.98 1.00 -20.51
CA VAL A 527 4.86 0.40 -19.83
C VAL A 527 3.92 1.44 -19.22
N ILE A 528 4.45 2.28 -18.35
CA ILE A 528 3.68 3.32 -17.67
C ILE A 528 4.38 4.66 -17.79
N ASN A 529 3.61 5.71 -18.08
CA ASN A 529 4.15 7.02 -18.29
C ASN A 529 5.29 6.89 -19.32
N ASP A 530 6.50 7.29 -18.93
CA ASP A 530 7.67 7.17 -19.77
C ASP A 530 8.69 6.20 -19.13
N ILE A 531 8.15 5.23 -18.35
CA ILE A 531 8.92 4.18 -17.64
C ILE A 531 8.71 2.78 -18.17
N GLY A 532 9.78 1.99 -18.13
CA GLY A 532 9.75 0.59 -18.49
C GLY A 532 10.15 0.42 -19.94
N ASP A 533 10.61 -0.78 -20.29
CA ASP A 533 11.12 -1.04 -21.64
C ASP A 533 10.07 -0.92 -22.70
N PRO A 534 10.50 -0.56 -23.90
CA PRO A 534 9.57 -0.79 -25.00
C PRO A 534 9.43 -2.28 -25.22
N THR A 535 8.38 -2.69 -25.93
CA THR A 535 8.36 -4.03 -26.48
C THR A 535 9.27 -4.04 -27.71
N SER A 536 9.75 -5.23 -28.09
CA SER A 536 10.56 -5.39 -29.30
C SER A 536 10.30 -6.73 -29.95
N GLY A 537 10.77 -6.88 -31.17
CA GLY A 537 10.65 -8.13 -31.91
C GLY A 537 9.21 -8.39 -32.34
N ASP A 538 9.00 -9.56 -32.92
CA ASP A 538 7.65 -10.03 -33.24
C ASP A 538 7.34 -11.29 -32.45
N THR A 539 7.92 -11.36 -31.27
CA THR A 539 8.04 -12.62 -30.51
C THR A 539 7.02 -12.69 -29.32
N THR A 540 6.22 -11.65 -29.21
CA THR A 540 5.16 -11.55 -28.18
C THR A 540 5.70 -11.73 -26.75
N ILE A 541 6.76 -10.99 -26.41
CA ILE A 541 7.32 -11.03 -25.07
C ILE A 541 6.81 -9.84 -24.26
N PRO A 542 6.18 -10.08 -23.12
CA PRO A 542 5.73 -8.90 -22.39
C PRO A 542 6.86 -8.06 -21.86
N SER A 543 6.68 -6.74 -21.79
CA SER A 543 7.51 -5.84 -20.98
C SER A 543 6.78 -5.49 -19.68
N GLN A 544 7.48 -5.50 -18.55
CA GLN A 544 6.86 -5.53 -17.23
C GLN A 544 7.45 -4.47 -16.31
N VAL A 545 6.59 -3.85 -15.51
CA VAL A 545 7.04 -3.12 -14.34
C VAL A 545 6.37 -3.77 -13.11
N VAL A 546 7.16 -4.06 -12.08
CA VAL A 546 6.68 -4.81 -10.94
C VAL A 546 6.00 -3.84 -9.97
N SER A 547 6.58 -2.65 -9.90
CA SER A 547 6.22 -1.71 -8.86
C SER A 547 6.38 -0.25 -9.29
N PHE A 548 5.31 0.49 -9.07
CA PHE A 548 5.28 1.88 -9.42
C PHE A 548 4.60 2.62 -8.25
N PRO A 549 5.13 3.81 -7.92
CA PRO A 549 6.40 4.31 -8.46
C PRO A 549 7.64 3.64 -7.87
N VAL B 2 -12.40 15.06 18.66
CA VAL B 2 -11.75 15.44 19.91
C VAL B 2 -12.58 14.82 21.06
N VAL B 3 -12.70 13.50 20.98
CA VAL B 3 -12.94 12.66 22.12
C VAL B 3 -11.67 11.87 22.25
N GLY B 4 -11.37 11.43 23.47
CA GLY B 4 -10.30 10.49 23.66
C GLY B 4 -10.70 9.05 23.44
N GLY B 5 -9.68 8.20 23.27
CA GLY B 5 -9.85 6.75 23.21
C GLY B 5 -10.09 6.11 21.83
N GLY B 6 -10.38 4.81 21.81
CA GLY B 6 -10.73 4.16 20.55
C GLY B 6 -9.78 3.11 19.98
N ASP B 7 -10.11 2.64 18.79
CA ASP B 7 -9.40 1.51 18.19
C ASP B 7 -8.18 2.03 17.43
N LEU B 8 -7.10 1.25 17.45
CA LEU B 8 -5.80 1.77 16.99
C LEU B 8 -5.68 1.97 15.48
N GLY B 9 -6.66 1.49 14.72
CA GLY B 9 -6.67 1.67 13.28
C GLY B 9 -6.03 0.49 12.57
N PRO B 10 -6.08 0.46 11.22
CA PRO B 10 -5.56 -0.72 10.52
C PRO B 10 -4.10 -0.67 10.13
N ASN B 11 -3.35 0.32 10.59
CA ASN B 11 -1.90 0.30 10.44
C ASN B 11 -1.21 -0.14 11.73
N VAL B 12 -2.01 -0.53 12.72
CA VAL B 12 -1.47 -1.25 13.85
C VAL B 12 -1.95 -2.71 13.80
N LEU B 13 -0.97 -3.61 13.82
CA LEU B 13 -1.20 -5.03 13.72
C LEU B 13 -0.92 -5.63 15.09
N VAL B 14 -1.95 -6.20 15.71
CA VAL B 14 -1.83 -6.72 17.05
C VAL B 14 -1.80 -8.24 16.96
N PHE B 15 -0.81 -8.83 17.61
CA PHE B 15 -0.61 -10.26 17.64
C PHE B 15 -0.73 -10.79 19.06
N ASP B 16 -1.31 -11.97 19.18
CA ASP B 16 -1.21 -12.79 20.39
C ASP B 16 -0.64 -14.14 19.94
N PRO B 17 -0.29 -15.00 20.90
CA PRO B 17 0.39 -16.20 20.40
C PRO B 17 -0.50 -17.16 19.59
N SER B 18 -1.81 -16.91 19.55
CA SER B 18 -2.73 -17.71 18.72
C SER B 18 -3.09 -17.14 17.34
N THR B 19 -2.58 -15.95 16.99
CA THR B 19 -2.91 -15.43 15.67
C THR B 19 -2.21 -16.19 14.52
N PRO B 20 -2.99 -16.53 13.51
CA PRO B 20 -2.43 -17.42 12.47
C PRO B 20 -1.39 -16.84 11.49
N ASP B 21 -0.45 -17.65 11.02
CA ASP B 21 0.36 -17.25 9.86
C ASP B 21 1.14 -16.00 10.44
N ILE B 22 1.55 -16.04 11.73
CA ILE B 22 2.31 -14.90 12.28
C ILE B 22 3.54 -14.60 11.40
N GLN B 23 4.31 -15.64 11.08
CA GLN B 23 5.48 -15.44 10.26
C GLN B 23 5.05 -14.83 8.93
N GLY B 24 3.99 -15.36 8.31
CA GLY B 24 3.73 -14.96 6.94
C GLY B 24 3.21 -13.53 6.91
N LYS B 25 2.52 -13.14 7.98
CA LYS B 25 2.10 -11.76 8.14
C LYS B 25 3.30 -10.86 8.33
N VAL B 26 4.10 -11.12 9.37
CA VAL B 26 5.24 -10.21 9.58
C VAL B 26 6.13 -10.25 8.33
N ASP B 27 6.15 -11.40 7.64
CA ASP B 27 6.86 -11.49 6.36
C ASP B 27 6.22 -10.66 5.20
N GLU B 28 4.87 -10.56 5.17
CA GLU B 28 4.26 -9.75 4.12
C GLU B 28 4.47 -8.24 4.38
N VAL B 29 4.47 -7.82 5.66
CA VAL B 29 4.82 -6.44 5.94
C VAL B 29 6.26 -6.18 5.45
N PHE B 30 7.18 -7.09 5.78
CA PHE B 30 8.58 -6.94 5.35
C PHE B 30 8.75 -6.89 3.83
N ARG B 31 8.04 -7.70 3.09
CA ARG B 31 8.29 -7.64 1.67
C ARG B 31 7.78 -6.36 1.04
N LYS B 32 6.71 -5.80 1.60
CA LYS B 32 6.24 -4.44 1.19
C LYS B 32 7.21 -3.35 1.60
N GLN B 33 7.83 -3.50 2.75
CA GLN B 33 8.57 -2.41 3.35
C GLN B 33 10.06 -2.51 3.20
N GLU B 34 10.54 -3.73 2.98
CA GLU B 34 11.95 -4.02 2.85
C GLU B 34 12.83 -2.94 2.17
N SER B 35 12.47 -2.52 0.97
CA SER B 35 13.25 -1.41 0.35
C SER B 35 12.41 -0.21 -0.03
N ASN B 36 11.31 0.00 0.70
CA ASN B 36 10.39 1.12 0.43
C ASN B 36 10.90 2.33 1.23
N GLN B 37 11.98 2.94 0.77
CA GLN B 37 12.74 3.87 1.62
C GLN B 37 12.01 5.21 1.86
N PHE B 38 11.24 5.62 0.88
CA PHE B 38 10.65 6.95 0.91
C PHE B 38 9.14 6.92 0.71
N GLY B 39 8.54 5.74 0.70
CA GLY B 39 7.09 5.60 0.57
C GLY B 39 6.34 6.07 1.82
N THR B 40 5.02 6.18 1.71
CA THR B 40 4.20 6.68 2.77
C THR B 40 3.56 5.58 3.63
N ASP B 41 3.79 4.32 3.27
CA ASP B 41 3.30 3.21 4.09
C ASP B 41 3.94 3.26 5.51
N ARG B 42 3.17 2.89 6.53
CA ARG B 42 3.61 2.90 7.92
C ARG B 42 2.92 1.74 8.65
N TYR B 43 3.66 1.01 9.48
CA TYR B 43 3.03 0.01 10.34
C TYR B 43 3.69 -0.12 11.69
N ALA B 44 2.87 -0.44 12.70
CA ALA B 44 3.36 -0.84 14.00
C ALA B 44 2.91 -2.28 14.25
N LEU B 45 3.89 -3.10 14.65
CA LEU B 45 3.65 -4.49 15.00
C LEU B 45 3.69 -4.59 16.51
N MET B 46 2.55 -4.98 17.08
CA MET B 46 2.30 -5.02 18.51
C MET B 46 2.09 -6.44 18.94
N PHE B 47 2.94 -6.90 19.85
CA PHE B 47 2.77 -8.25 20.42
C PHE B 47 2.27 -8.27 21.88
N LYS B 48 1.10 -8.88 22.09
CA LYS B 48 0.61 -9.14 23.46
C LYS B 48 1.58 -10.01 24.26
N PRO B 49 1.61 -9.84 25.58
CA PRO B 49 2.50 -10.69 26.39
C PRO B 49 2.20 -12.16 26.25
N GLY B 50 3.30 -12.88 26.18
CA GLY B 50 3.31 -14.31 26.01
C GLY B 50 4.61 -14.72 25.33
N THR B 51 4.64 -15.95 24.85
CA THR B 51 5.77 -16.50 24.13
C THR B 51 5.43 -16.78 22.69
N TYR B 52 6.35 -16.43 21.81
CA TYR B 52 6.19 -16.67 20.40
C TYR B 52 7.39 -17.47 19.92
N ASN B 53 7.13 -18.59 19.26
CA ASN B 53 8.17 -19.47 18.77
C ASN B 53 8.24 -19.46 17.25
N ASP B 54 9.35 -19.96 16.71
CA ASP B 54 9.57 -20.10 15.26
C ASP B 54 9.33 -18.77 14.51
N ILE B 55 9.72 -17.67 15.14
CA ILE B 55 9.41 -16.32 14.63
C ILE B 55 10.69 -15.60 14.24
N ASN B 56 10.77 -15.14 12.99
CA ASN B 56 11.93 -14.35 12.53
C ASN B 56 11.34 -13.10 11.97
N ALA B 57 11.31 -12.05 12.78
CA ALA B 57 10.62 -10.82 12.39
C ALA B 57 11.62 -9.87 11.76
N GLN B 58 11.67 -9.92 10.44
CA GLN B 58 12.54 -9.00 9.70
C GLN B 58 11.80 -7.63 9.59
N ILE B 59 12.56 -6.58 9.87
CA ILE B 59 11.99 -5.27 10.08
C ILE B 59 12.50 -4.36 8.93
N GLY B 60 11.56 -3.95 8.07
CA GLY B 60 11.88 -3.01 6.99
C GLY B 60 11.73 -1.56 7.36
N PHE B 61 11.73 -0.71 6.35
CA PHE B 61 11.41 0.70 6.54
C PHE B 61 10.07 0.93 7.24
N TYR B 62 10.05 1.97 8.08
CA TYR B 62 8.83 2.52 8.68
C TYR B 62 8.00 1.44 9.37
N THR B 63 8.70 0.54 10.04
CA THR B 63 8.08 -0.53 10.79
C THR B 63 8.64 -0.46 12.20
N SER B 64 7.73 -0.36 13.17
CA SER B 64 8.05 -0.48 14.58
C SER B 64 7.59 -1.87 15.07
N ILE B 65 8.32 -2.44 16.00
CA ILE B 65 7.90 -3.73 16.58
C ILE B 65 8.10 -3.59 18.08
N ALA B 66 7.12 -4.03 18.85
CA ALA B 66 7.18 -3.91 20.29
C ALA B 66 6.28 -4.92 20.98
N GLY B 67 6.64 -5.21 22.23
CA GLY B 67 5.82 -5.96 23.17
C GLY B 67 4.92 -5.04 24.00
N LEU B 68 3.88 -5.63 24.58
CA LEU B 68 2.82 -4.89 25.28
C LEU B 68 2.72 -5.27 26.75
N GLY B 69 3.75 -5.92 27.29
CA GLY B 69 3.88 -6.13 28.74
C GLY B 69 4.46 -4.89 29.40
N LEU B 70 4.16 -4.64 30.68
CA LEU B 70 4.86 -3.58 31.44
C LEU B 70 6.35 -3.79 31.38
N ASN B 71 6.74 -5.05 31.30
CA ASN B 71 8.12 -5.50 31.48
C ASN B 71 8.61 -6.28 30.18
N PRO B 72 9.90 -6.16 29.79
CA PRO B 72 10.29 -6.76 28.48
C PRO B 72 10.14 -8.28 28.43
N ASP B 73 10.51 -8.92 29.53
CA ASP B 73 10.50 -10.38 29.55
C ASP B 73 9.10 -10.96 29.66
N ASP B 74 8.07 -10.12 29.56
CA ASP B 74 6.69 -10.61 29.49
C ASP B 74 6.24 -10.91 28.08
N THR B 75 7.02 -10.45 27.10
CA THR B 75 6.75 -10.75 25.69
C THR B 75 8.07 -11.27 25.12
N THR B 76 8.17 -12.59 24.97
CA THR B 76 9.42 -13.24 24.60
C THR B 76 9.26 -13.96 23.30
N PHE B 77 10.22 -13.74 22.43
CA PHE B 77 10.31 -14.45 21.18
C PHE B 77 11.38 -15.50 21.31
N ASN B 78 11.03 -16.74 21.01
CA ASN B 78 12.04 -17.75 20.72
C ASN B 78 12.26 -17.62 19.25
N GLY B 79 13.18 -16.72 18.94
CA GLY B 79 13.27 -16.17 17.61
C GLY B 79 13.99 -14.84 17.63
N ASP B 80 13.86 -14.11 16.52
CA ASP B 80 14.74 -12.99 16.22
C ASP B 80 13.94 -11.78 15.75
N VAL B 81 14.51 -10.61 15.98
CA VAL B 81 14.04 -9.35 15.38
C VAL B 81 15.25 -8.87 14.56
N THR B 82 15.17 -9.04 13.24
CA THR B 82 16.31 -9.02 12.34
C THR B 82 16.24 -7.81 11.42
N VAL B 83 17.32 -7.04 11.42
CA VAL B 83 17.56 -6.11 10.33
C VAL B 83 18.85 -6.50 9.66
N ASP B 84 18.76 -6.66 8.35
CA ASP B 84 19.89 -7.03 7.54
C ASP B 84 19.86 -6.14 6.29
N ALA B 85 20.84 -6.32 5.41
CA ALA B 85 21.03 -5.36 4.32
C ALA B 85 20.95 -5.99 2.92
N GLY B 86 20.13 -7.02 2.77
CA GLY B 86 20.08 -7.72 1.50
C GLY B 86 19.68 -6.84 0.33
N TRP B 87 18.61 -6.05 0.52
CA TRP B 87 17.97 -5.29 -0.55
C TRP B 87 18.94 -4.20 -1.06
N PHE B 88 19.81 -3.69 -0.19
CA PHE B 88 20.89 -2.79 -0.63
C PHE B 88 22.23 -3.50 -0.68
N ASP B 89 22.25 -4.78 -1.07
CA ASP B 89 23.55 -5.44 -1.41
C ASP B 89 24.57 -5.55 -0.24
N GLY B 90 24.08 -5.73 0.98
CA GLY B 90 24.96 -5.88 2.14
C GLY B 90 25.48 -4.58 2.72
N ASN B 91 25.12 -3.46 2.09
CA ASN B 91 25.45 -2.12 2.59
C ASN B 91 24.30 -1.68 3.51
N ALA B 92 24.57 -1.41 4.80
CA ALA B 92 23.50 -1.07 5.75
C ALA B 92 23.35 0.43 6.01
N THR B 93 24.04 1.26 5.24
CA THR B 93 24.04 2.70 5.51
C THR B 93 22.77 3.43 5.13
N GLN B 94 21.82 2.74 4.52
CA GLN B 94 20.52 3.32 4.34
C GLN B 94 19.44 2.59 5.14
N ASN B 95 19.84 1.84 6.18
CA ASN B 95 18.82 1.14 7.01
C ASN B 95 18.27 2.03 8.12
N PHE B 96 17.32 2.88 7.70
CA PHE B 96 16.78 3.92 8.54
C PHE B 96 15.34 3.67 8.98
N TRP B 97 14.90 4.42 9.98
CA TRP B 97 13.44 4.66 10.24
C TRP B 97 12.67 3.38 10.60
N ARG B 98 13.11 2.75 11.69
CA ARG B 98 12.42 1.58 12.20
C ARG B 98 12.75 1.44 13.68
N SER B 99 12.09 0.57 14.42
CA SER B 99 12.38 0.52 15.86
C SER B 99 12.00 -0.83 16.45
N ALA B 100 12.62 -1.14 17.57
CA ALA B 100 12.24 -2.29 18.41
C ALA B 100 12.22 -1.87 19.86
N GLU B 101 11.18 -2.29 20.59
CA GLU B 101 11.04 -1.91 22.01
C GLU B 101 10.30 -2.98 22.86
N ASN B 102 10.77 -3.17 24.08
CA ASN B 102 9.97 -3.87 25.10
C ASN B 102 9.67 -5.32 24.76
N LEU B 103 10.72 -5.99 24.32
CA LEU B 103 10.69 -7.42 23.97
C LEU B 103 11.91 -8.14 24.54
N ALA B 104 11.72 -9.44 24.81
CA ALA B 104 12.83 -10.32 25.11
C ALA B 104 13.04 -11.24 23.90
N LEU B 105 14.29 -11.41 23.51
CA LEU B 105 14.65 -12.25 22.38
C LEU B 105 15.58 -13.40 22.80
N ASN B 106 15.24 -14.59 22.33
CA ASN B 106 16.04 -15.79 22.51
C ASN B 106 16.44 -16.21 21.08
N PRO B 107 17.48 -15.57 20.54
CA PRO B 107 17.78 -15.73 19.11
C PRO B 107 18.20 -17.13 18.73
N VAL B 108 17.73 -17.58 17.58
CA VAL B 108 17.82 -18.97 17.23
C VAL B 108 19.26 -19.50 17.12
N ASN B 109 20.19 -18.68 16.65
CA ASN B 109 21.57 -19.14 16.57
C ASN B 109 22.35 -18.64 17.77
N GLY B 110 21.66 -17.96 18.66
CA GLY B 110 22.26 -17.40 19.85
C GLY B 110 22.53 -15.89 19.77
N THR B 111 22.52 -15.35 18.56
CA THR B 111 22.84 -13.92 18.33
C THR B 111 21.79 -13.29 17.44
N ASN B 112 21.22 -12.18 17.91
CA ASN B 112 20.26 -11.43 17.12
C ASN B 112 20.99 -10.37 16.29
N ARG B 113 20.56 -10.18 15.05
CA ARG B 113 21.21 -9.20 14.15
C ARG B 113 20.32 -7.93 13.98
N TRP B 114 20.84 -6.76 14.36
CA TRP B 114 20.16 -5.47 14.19
C TRP B 114 21.14 -4.56 13.44
N ALA B 115 21.30 -4.81 12.15
CA ALA B 115 22.28 -4.11 11.34
C ALA B 115 21.67 -2.86 10.74
N VAL B 116 21.62 -1.83 11.55
CA VAL B 116 20.90 -0.58 11.22
C VAL B 116 21.85 0.58 11.07
N SER B 117 21.39 1.65 10.42
CA SER B 117 22.05 2.96 10.51
C SER B 117 21.15 3.91 11.30
N GLN B 118 20.97 5.16 10.88
CA GLN B 118 20.37 6.16 11.75
C GLN B 118 18.87 6.01 11.92
N ALA B 119 18.35 6.53 13.03
CA ALA B 119 16.91 6.56 13.33
C ALA B 119 16.32 5.14 13.40
N ALA B 120 17.02 4.25 14.09
CA ALA B 120 16.60 2.86 14.25
C ALA B 120 16.72 2.41 15.71
N PRO B 121 15.93 3.01 16.61
CA PRO B 121 16.17 2.76 18.02
C PRO B 121 15.80 1.34 18.52
N PHE B 122 16.45 0.96 19.61
CA PHE B 122 16.40 -0.40 20.20
C PHE B 122 16.37 -0.07 21.67
N ARG B 123 15.16 -0.09 22.22
CA ARG B 123 14.93 0.38 23.57
C ARG B 123 14.28 -0.69 24.41
N ARG B 124 14.63 -0.72 25.67
CA ARG B 124 13.95 -1.61 26.58
C ARG B 124 13.88 -3.04 26.09
N MET B 125 15.00 -3.52 25.54
CA MET B 125 15.09 -4.88 25.03
C MET B 125 15.89 -5.75 26.00
N HIS B 126 15.57 -7.02 26.00
CA HIS B 126 16.36 -8.04 26.69
C HIS B 126 16.74 -9.11 25.70
N VAL B 127 17.99 -9.09 25.27
CA VAL B 127 18.53 -10.12 24.38
C VAL B 127 19.24 -11.22 25.15
N LYS B 128 18.70 -12.43 25.07
CA LYS B 128 19.26 -13.60 25.78
C LYS B 128 20.25 -14.30 24.85
N GLY B 129 21.30 -13.55 24.51
CA GLY B 129 22.36 -13.96 23.59
C GLY B 129 23.17 -12.72 23.25
N GLY B 130 24.00 -12.80 22.24
CA GLY B 130 24.67 -11.64 21.73
C GLY B 130 23.77 -10.80 20.85
N LEU B 131 24.38 -9.77 20.26
CA LEU B 131 23.67 -8.82 19.40
C LEU B 131 24.71 -8.37 18.41
N ASN B 132 24.53 -8.77 17.18
CA ASN B 132 25.39 -8.37 16.09
C ASN B 132 24.76 -7.16 15.37
N LEU B 133 25.54 -6.09 15.31
CA LEU B 133 25.10 -4.82 14.72
C LEU B 133 25.53 -4.67 13.26
N ALA B 134 26.18 -5.68 12.68
CA ALA B 134 26.66 -5.57 11.30
C ALA B 134 25.83 -6.43 10.36
N PRO B 135 25.68 -5.98 9.11
CA PRO B 135 24.99 -6.80 8.12
C PRO B 135 25.81 -8.04 7.83
N ASP B 136 25.15 -9.06 7.31
CA ASP B 136 25.81 -10.31 6.91
C ASP B 136 26.79 -9.91 5.81
N GLY B 137 28.07 -10.29 5.98
CA GLY B 137 29.15 -9.85 5.08
C GLY B 137 30.01 -8.68 5.57
N TYR B 138 29.59 -8.03 6.66
CA TYR B 138 30.37 -6.98 7.36
C TYR B 138 30.58 -5.69 6.52
N GLY B 139 29.60 -5.37 5.70
CA GLY B 139 29.56 -4.12 4.94
C GLY B 139 29.40 -2.90 5.82
N TRP B 140 29.57 -1.72 5.23
CA TRP B 140 29.53 -0.49 6.00
C TRP B 140 28.21 -0.32 6.77
N ALA B 141 28.29 0.37 7.89
CA ALA B 141 27.09 0.61 8.66
C ALA B 141 27.32 1.84 9.53
N SER B 142 26.27 2.62 9.75
CA SER B 142 26.38 3.94 10.38
C SER B 142 25.24 4.22 11.40
N GLY B 143 25.10 3.32 12.36
CA GLY B 143 24.18 3.51 13.46
C GLY B 143 24.75 4.43 14.52
N GLY B 144 24.26 4.36 15.75
CA GLY B 144 23.18 3.54 16.19
C GLY B 144 22.88 3.94 17.64
N TYR B 145 21.84 3.33 18.19
CA TYR B 145 21.30 3.78 19.46
C TYR B 145 20.66 2.64 20.24
N ILE B 146 21.18 2.37 21.43
CA ILE B 146 20.60 1.34 22.32
C ILE B 146 20.43 2.04 23.64
N ALA B 147 19.24 1.91 24.20
CA ALA B 147 18.98 2.42 25.54
C ALA B 147 18.11 1.47 26.38
N ASP B 148 18.36 1.51 27.68
CA ASP B 148 17.57 0.78 28.67
C ASP B 148 17.42 -0.70 28.33
N SER B 149 18.49 -1.31 27.84
CA SER B 149 18.45 -2.71 27.43
C SER B 149 19.46 -3.55 28.22
N LYS B 150 19.14 -4.84 28.30
CA LYS B 150 20.05 -5.86 28.87
C LYS B 150 20.42 -6.81 27.71
N ILE B 151 21.70 -6.82 27.33
CA ILE B 151 22.20 -7.79 26.33
C ILE B 151 23.04 -8.80 27.14
N ASP B 152 22.55 -10.01 27.36
CA ASP B 152 23.30 -10.97 28.19
C ASP B 152 24.68 -11.29 27.63
N GLY B 153 24.73 -11.54 26.33
CA GLY B 153 25.97 -11.81 25.64
C GLY B 153 26.77 -10.59 25.20
N GLU B 154 27.52 -10.73 24.11
CA GLU B 154 28.44 -9.68 23.66
C GLU B 154 27.84 -8.83 22.51
N VAL B 155 27.80 -7.52 22.70
CA VAL B 155 27.47 -6.63 21.60
C VAL B 155 28.66 -6.55 20.66
N GLY B 156 28.46 -6.94 19.40
CA GLY B 156 29.53 -6.89 18.41
C GLY B 156 29.22 -5.90 17.28
N PRO B 157 29.95 -4.79 17.24
CA PRO B 157 29.62 -3.82 16.18
C PRO B 157 30.25 -4.13 14.82
N TYR B 158 31.31 -4.95 14.78
CA TYR B 158 32.13 -5.17 13.58
C TYR B 158 32.38 -3.87 12.76
N SER B 159 31.77 -3.76 11.59
CA SER B 159 31.90 -2.61 10.70
C SER B 159 31.23 -1.31 11.13
N GLN B 160 30.37 -1.34 12.14
CA GLN B 160 29.70 -0.09 12.58
C GLN B 160 30.66 1.05 12.89
N GLN B 161 30.46 2.19 12.23
CA GLN B 161 31.43 3.27 12.38
C GLN B 161 31.46 3.76 13.80
N GLN B 162 30.26 3.92 14.34
CA GLN B 162 30.09 4.54 15.63
C GLN B 162 28.81 4.01 16.27
N TRP B 163 28.58 4.36 17.53
CA TRP B 163 27.41 3.84 18.26
C TRP B 163 27.26 4.53 19.60
N TYR B 164 26.01 4.67 20.07
CA TYR B 164 25.76 5.20 21.40
C TYR B 164 24.87 4.25 22.18
N THR B 165 25.29 3.95 23.39
CA THR B 165 24.54 3.06 24.28
C THR B 165 24.36 3.79 25.59
N ARG B 166 23.10 3.77 26.05
CA ARG B 166 22.67 4.52 27.26
C ARG B 166 21.98 3.56 28.26
N ASP B 167 22.43 3.62 29.51
CA ASP B 167 21.64 3.14 30.67
C ASP B 167 21.15 1.71 30.45
N SER B 168 22.13 0.84 30.39
CA SER B 168 21.97 -0.50 29.87
C SER B 168 22.98 -1.41 30.57
N SER B 169 22.93 -2.68 30.18
CA SER B 169 23.87 -3.69 30.67
C SER B 169 24.26 -4.59 29.48
N VAL B 170 25.55 -4.81 29.31
CA VAL B 170 26.04 -5.72 28.28
C VAL B 170 26.98 -6.75 28.90
N GLY B 171 26.91 -7.99 28.46
CA GLY B 171 27.82 -9.00 28.98
C GLY B 171 29.24 -8.64 28.56
N GLY B 172 29.39 -8.23 27.28
CA GLY B 172 30.67 -7.78 26.72
C GLY B 172 30.50 -6.88 25.50
N TRP B 173 31.57 -6.19 25.15
CA TRP B 173 31.59 -5.35 23.93
C TRP B 173 32.83 -5.60 23.07
N GLY B 174 32.63 -5.83 21.77
CA GLY B 174 33.70 -6.22 20.87
C GLY B 174 34.72 -5.22 20.37
N ASN B 175 34.29 -4.03 19.88
CA ASN B 175 35.17 -3.08 19.13
C ASN B 175 34.47 -1.75 18.82
N GLY B 176 35.02 -0.81 18.00
CA GLY B 176 34.19 0.33 17.57
C GLY B 176 34.51 1.27 16.34
N VAL B 177 35.47 0.90 15.50
CA VAL B 177 35.96 1.65 14.34
C VAL B 177 36.37 3.08 14.69
N TRP B 178 35.41 4.00 14.70
CA TRP B 178 35.69 5.42 14.98
C TRP B 178 35.19 6.03 16.32
N ASN B 179 34.00 5.68 16.78
CA ASN B 179 33.46 6.36 17.99
C ASN B 179 32.36 5.55 18.65
N MET B 180 32.71 4.84 19.71
CA MET B 180 31.72 4.05 20.47
C MET B 180 31.67 4.71 21.84
N THR B 181 30.50 5.29 22.13
CA THR B 181 30.26 6.04 23.36
C THR B 181 29.23 5.31 24.24
N PHE B 182 29.48 5.35 25.54
CA PHE B 182 28.66 4.65 26.51
C PHE B 182 28.40 5.63 27.64
N SER B 183 27.17 5.70 28.16
CA SER B 183 26.90 6.43 29.38
C SER B 183 25.97 5.58 30.25
N GLY B 184 26.38 5.34 31.48
CA GLY B 184 25.59 4.50 32.36
C GLY B 184 25.47 3.05 31.93
N VAL B 185 26.49 2.52 31.29
CA VAL B 185 26.40 1.16 30.75
C VAL B 185 27.24 0.17 31.59
N GLU B 186 26.54 -0.76 32.24
CA GLU B 186 27.18 -1.83 32.99
C GLU B 186 27.81 -2.79 32.00
N GLY B 187 29.10 -3.04 32.13
CA GLY B 187 29.80 -3.92 31.21
C GLY B 187 30.48 -3.18 30.09
N ALA B 188 30.29 -1.86 30.03
CA ALA B 188 30.91 -1.06 28.97
C ALA B 188 32.43 -1.26 29.01
N PRO B 189 33.08 -1.22 27.85
CA PRO B 189 34.54 -1.20 28.06
C PRO B 189 35.04 0.10 28.69
N ALA B 190 36.15 -0.01 29.40
CA ALA B 190 36.79 1.14 30.03
C ALA B 190 37.11 2.24 29.03
N GLN B 191 37.09 3.47 29.53
CA GLN B 191 37.55 4.64 28.77
C GLN B 191 38.93 4.35 28.14
N SER B 192 39.10 4.60 26.83
CA SER B 192 40.37 4.29 26.17
C SER B 192 40.69 5.06 24.88
N PHE B 193 39.81 5.97 24.47
CA PHE B 193 39.96 6.67 23.18
C PHE B 193 41.40 7.20 23.13
N PRO B 194 42.12 7.02 22.02
CA PRO B 194 41.62 6.42 20.76
C PRO B 194 41.74 4.90 20.66
N GLU B 195 42.56 4.27 21.49
CA GLU B 195 42.77 2.82 21.37
C GLU B 195 42.14 1.86 22.41
N PRO B 196 41.02 1.20 22.07
CA PRO B 196 40.10 1.45 20.96
C PRO B 196 39.33 2.73 21.21
N PRO B 197 38.45 3.10 20.28
CA PRO B 197 37.86 4.46 20.39
C PRO B 197 36.58 4.50 21.27
N TYR B 198 36.83 4.36 22.57
CA TYR B 198 35.77 4.15 23.56
C TYR B 198 35.70 5.34 24.50
N THR B 199 34.54 6.01 24.46
CA THR B 199 34.22 7.12 25.33
C THR B 199 33.22 6.57 26.31
N THR B 200 33.62 6.51 27.59
CA THR B 200 32.86 5.80 28.59
C THR B 200 32.64 6.66 29.82
N LEU B 201 31.36 6.90 30.09
CA LEU B 201 30.85 7.72 31.16
C LEU B 201 30.13 6.79 32.11
N GLU B 202 30.52 6.79 33.40
CA GLU B 202 29.98 5.80 34.34
C GLU B 202 28.45 6.04 34.55
N THR B 203 27.96 7.26 34.35
CA THR B 203 26.52 7.53 34.48
C THR B 203 26.07 8.50 33.42
N THR B 204 24.77 8.50 33.11
CA THR B 204 24.17 9.53 32.28
C THR B 204 23.60 10.63 33.18
N PRO B 205 23.88 11.90 32.86
CA PRO B 205 23.47 13.12 33.55
C PRO B 205 22.02 13.13 34.04
N VAL B 206 21.09 13.21 33.11
CA VAL B 206 19.70 12.83 33.41
C VAL B 206 19.29 11.91 32.31
N SER B 207 18.30 11.12 32.60
CA SER B 207 17.61 10.41 31.52
C SER B 207 16.23 10.08 31.99
N ARG B 208 15.33 9.95 31.04
CA ARG B 208 13.97 9.61 31.35
C ARG B 208 13.57 8.72 30.20
N GLU B 209 13.09 7.53 30.53
CA GLU B 209 12.85 6.57 29.48
C GLU B 209 11.61 6.93 28.67
N LYS B 210 11.62 6.51 27.41
CA LYS B 210 10.55 6.88 26.48
C LYS B 210 9.20 6.27 26.92
N PRO B 211 8.13 7.04 26.86
CA PRO B 211 6.81 6.43 27.10
C PRO B 211 6.48 5.35 26.08
N PHE B 212 5.66 4.36 26.46
CA PHE B 212 5.32 3.30 25.54
C PHE B 212 3.93 2.72 25.87
N LEU B 213 3.24 2.29 24.81
CA LEU B 213 1.98 1.59 24.88
C LEU B 213 2.18 0.18 25.44
N TYR B 214 1.24 -0.27 26.26
CA TYR B 214 1.21 -1.69 26.71
C TYR B 214 -0.21 -2.11 27.06
N LEU B 215 -0.39 -3.21 27.80
CA LEU B 215 -1.73 -3.63 28.28
C LEU B 215 -1.93 -4.27 29.68
N ASP B 216 -2.38 -3.59 30.73
CA ASP B 216 -2.97 -4.31 31.93
C ASP B 216 -3.63 -5.70 31.67
N GLY B 217 -3.69 -6.12 30.39
CA GLY B 217 -4.56 -7.16 29.85
C GLY B 217 -5.50 -6.66 28.80
N ASP B 218 -6.13 -5.57 29.12
CA ASP B 218 -7.42 -5.25 28.54
C ASP B 218 -7.66 -3.77 28.84
N ASP B 219 -6.76 -3.20 29.62
CA ASP B 219 -6.67 -1.79 29.72
C ASP B 219 -5.38 -1.37 28.97
N TYR B 220 -5.58 -0.89 27.74
CA TYR B 220 -4.49 -0.30 26.97
C TYR B 220 -4.15 0.98 27.68
N LYS B 221 -2.86 1.21 27.85
CA LYS B 221 -2.34 2.35 28.57
C LYS B 221 -0.98 2.72 27.99
N VAL B 222 -0.54 3.94 28.31
CA VAL B 222 0.82 4.34 28.03
C VAL B 222 1.57 4.52 29.37
N PHE B 223 2.69 3.84 29.51
CA PHE B 223 3.59 4.05 30.63
C PHE B 223 4.43 5.25 30.44
N VAL B 224 4.59 6.02 31.50
CA VAL B 224 5.41 7.21 31.49
C VAL B 224 6.48 7.06 32.54
N PRO B 225 7.67 6.59 32.13
CA PRO B 225 8.80 6.49 33.05
C PRO B 225 9.20 7.81 33.64
N ALA B 226 9.76 7.72 34.84
CA ALA B 226 10.13 8.89 35.61
C ALA B 226 11.61 9.29 35.37
N LYS B 227 11.89 10.56 35.64
CA LYS B 227 13.26 11.14 35.64
C LYS B 227 14.21 10.20 36.43
N ARG B 228 15.33 9.80 35.82
CA ARG B 228 16.51 9.36 36.59
C ARG B 228 17.61 10.37 36.44
N THR B 229 18.37 10.48 37.52
CA THR B 229 19.47 11.38 37.58
C THR B 229 20.70 10.50 37.92
N ASN B 230 21.85 10.78 37.29
CA ASN B 230 23.04 9.91 37.36
C ASN B 230 22.69 8.44 37.13
N ALA B 231 21.97 8.22 36.03
CA ALA B 231 21.43 6.93 35.68
C ALA B 231 22.52 5.93 35.32
N ARG B 232 22.32 4.71 35.78
CA ARG B 232 23.12 3.60 35.36
C ARG B 232 22.23 2.34 35.31
N GLY B 233 22.54 1.48 34.36
CA GLY B 233 21.80 0.24 34.22
C GLY B 233 20.34 0.42 33.80
N THR B 234 19.59 -0.68 33.80
CA THR B 234 18.25 -0.71 33.24
C THR B 234 17.26 -0.21 34.30
N SER B 235 16.08 0.19 33.82
CA SER B 235 15.05 0.76 34.64
C SER B 235 13.98 -0.25 35.08
N TRP B 236 14.12 -1.48 34.64
CA TRP B 236 13.07 -2.50 34.73
C TRP B 236 13.59 -3.74 35.40
N GLY B 237 12.92 -4.86 35.23
CA GLY B 237 13.04 -6.00 36.13
C GLY B 237 12.13 -5.69 37.33
N ASN B 238 12.49 -6.07 38.54
CA ASN B 238 11.97 -5.51 39.85
C ASN B 238 10.60 -4.84 40.08
N GLY B 239 10.10 -5.09 41.29
CA GLY B 239 9.11 -4.28 41.97
C GLY B 239 8.15 -3.53 41.06
N THR B 240 8.61 -2.40 40.58
CA THR B 240 7.91 -1.64 39.60
C THR B 240 8.97 -0.76 38.98
N PRO B 241 9.16 -0.83 37.66
CA PRO B 241 9.76 0.42 37.14
C PRO B 241 8.98 1.73 37.56
N GLU B 242 9.60 2.75 38.14
CA GLU B 242 8.75 3.93 38.48
C GLU B 242 8.19 4.64 37.24
N GLY B 243 6.89 4.96 37.33
CA GLY B 243 6.22 5.75 36.31
C GLY B 243 4.73 5.99 36.56
N GLU B 244 4.05 6.49 35.52
CA GLU B 244 2.60 6.72 35.52
C GLU B 244 1.92 6.00 34.36
N SER B 245 0.78 5.36 34.66
CA SER B 245 -0.03 4.63 33.66
C SER B 245 -1.21 5.47 33.23
N LEU B 246 -1.18 5.94 31.98
CA LEU B 246 -2.22 6.80 31.47
C LEU B 246 -3.19 6.01 30.58
N PRO B 247 -4.44 5.78 31.06
CA PRO B 247 -5.33 5.00 30.20
C PRO B 247 -5.59 5.61 28.82
N LEU B 248 -5.73 4.76 27.82
CA LEU B 248 -5.87 5.20 26.43
C LEU B 248 -7.04 6.18 26.25
N ASP B 249 -8.02 6.14 27.17
CA ASP B 249 -9.15 7.10 27.19
C ASP B 249 -8.68 8.55 27.33
N GLN B 250 -7.49 8.73 27.89
CA GLN B 250 -6.91 10.05 28.14
C GLN B 250 -6.10 10.54 26.92
N PHE B 251 -6.18 9.80 25.80
CA PHE B 251 -5.51 10.21 24.52
C PHE B 251 -6.47 10.48 23.38
N TYR B 252 -6.19 11.51 22.57
CA TYR B 252 -6.79 11.61 21.23
C TYR B 252 -6.00 10.70 20.29
N VAL B 253 -6.64 9.62 19.81
CA VAL B 253 -5.98 8.66 18.90
C VAL B 253 -6.03 9.21 17.49
N VAL B 254 -4.94 9.85 17.08
CA VAL B 254 -4.92 10.60 15.82
C VAL B 254 -4.83 9.67 14.60
N LYS B 255 -5.61 10.02 13.60
CA LYS B 255 -5.66 9.35 12.30
C LYS B 255 -5.10 10.37 11.30
N PRO B 256 -4.18 9.93 10.40
CA PRO B 256 -3.85 10.83 9.27
C PRO B 256 -5.15 11.35 8.64
N GLY B 257 -5.38 12.67 8.44
CA GLY B 257 -6.70 13.16 8.04
C GLY B 257 -7.35 14.09 9.07
N ALA B 258 -7.21 13.75 10.36
CA ALA B 258 -7.37 14.79 11.40
C ALA B 258 -6.59 16.05 10.97
N THR B 259 -6.93 17.20 11.53
CA THR B 259 -6.13 18.41 11.32
C THR B 259 -5.40 18.94 12.56
N ALA B 260 -4.49 19.89 12.34
CA ALA B 260 -3.86 20.66 13.41
C ALA B 260 -4.91 21.29 14.33
N GLU B 261 -5.98 21.81 13.71
CA GLU B 261 -7.04 22.43 14.47
C GLU B 261 -7.62 21.41 15.47
N THR B 262 -7.97 20.19 15.06
CA THR B 262 -8.57 19.32 16.11
C THR B 262 -7.53 18.73 17.06
N ILE B 263 -6.35 18.35 16.55
CA ILE B 263 -5.22 17.93 17.39
C ILE B 263 -5.02 18.99 18.45
N ASN B 264 -5.04 20.23 18.04
CA ASN B 264 -4.81 21.33 19.00
C ASN B 264 -5.93 21.51 20.02
N ALA B 265 -7.18 21.35 19.58
CA ALA B 265 -8.30 21.44 20.49
C ALA B 265 -8.26 20.27 21.48
N ALA B 266 -7.79 19.11 21.03
CA ALA B 266 -7.67 17.95 21.91
C ALA B 266 -6.80 18.24 23.11
N VAL B 267 -5.66 18.86 22.87
CA VAL B 267 -4.66 19.07 23.90
C VAL B 267 -5.10 20.16 24.86
N ASP B 268 -5.72 21.19 24.29
CA ASP B 268 -6.43 22.24 25.05
C ASP B 268 -7.39 21.62 26.13
N GLN B 269 -8.09 20.58 25.71
CA GLN B 269 -9.11 19.84 26.47
C GLN B 269 -8.55 19.02 27.64
N GLY B 270 -7.26 18.71 27.59
CA GLY B 270 -6.70 17.83 28.59
C GLY B 270 -6.22 16.52 28.03
N LEU B 271 -6.47 16.28 26.73
CA LEU B 271 -6.08 15.03 26.11
C LEU B 271 -4.60 15.02 25.74
N HIS B 272 -4.02 13.84 25.88
CA HIS B 272 -2.73 13.53 25.29
C HIS B 272 -2.91 13.14 23.82
N LEU B 273 -1.82 12.91 23.13
CA LEU B 273 -1.84 12.63 21.69
C LEU B 273 -1.14 11.30 21.37
N LEU B 274 -1.85 10.39 20.72
CA LEU B 274 -1.24 9.18 20.20
C LEU B 274 -1.40 9.15 18.70
N PHE B 275 -0.31 9.29 17.98
CA PHE B 275 -0.38 9.28 16.52
C PHE B 275 -0.31 7.85 16.00
N THR B 276 -1.40 7.37 15.40
CA THR B 276 -1.35 6.06 14.74
C THR B 276 -0.43 6.14 13.56
N PRO B 277 0.00 4.96 13.03
CA PRO B 277 0.97 5.09 11.96
C PRO B 277 0.38 5.60 10.67
N GLY B 278 0.98 6.69 10.19
CA GLY B 278 0.59 7.25 8.93
C GLY B 278 1.28 8.58 8.71
N VAL B 279 0.74 9.36 7.77
CA VAL B 279 1.32 10.63 7.40
C VAL B 279 0.27 11.70 7.55
N TYR B 280 0.60 12.73 8.30
CA TYR B 280 -0.37 13.76 8.64
C TYR B 280 0.12 15.09 8.06
N HIS B 281 -0.54 15.60 7.02
CA HIS B 281 -0.23 16.95 6.55
C HIS B 281 -0.94 17.92 7.50
N VAL B 282 -0.26 19.01 7.86
CA VAL B 282 -0.83 20.04 8.70
C VAL B 282 -0.64 21.41 8.02
N ASP B 283 -1.62 22.30 8.16
CA ASP B 283 -1.52 23.64 7.58
C ASP B 283 -1.37 24.73 8.64
N GLN B 284 -1.14 24.33 9.88
CA GLN B 284 -0.84 25.22 11.00
C GLN B 284 -0.08 24.35 12.02
N PRO B 285 0.76 25.00 12.85
CA PRO B 285 1.54 24.15 13.77
C PRO B 285 0.71 23.38 14.80
N ILE B 286 1.12 22.15 15.07
CA ILE B 286 0.65 21.42 16.23
C ILE B 286 1.27 22.11 17.41
N GLU B 287 0.41 22.52 18.33
CA GLU B 287 0.78 23.38 19.45
C GLU B 287 0.50 22.65 20.76
N ILE B 288 1.53 22.46 21.56
CA ILE B 288 1.39 21.74 22.82
C ILE B 288 1.80 22.70 23.96
N ASP B 289 0.79 23.31 24.56
CA ASP B 289 0.98 24.31 25.62
C ASP B 289 0.29 23.91 26.92
N ARG B 290 0.38 22.63 27.24
CA ARG B 290 -0.22 22.08 28.43
C ARG B 290 0.81 21.19 29.14
N ALA B 291 1.06 21.50 30.40
CA ALA B 291 2.13 20.84 31.08
C ALA B 291 1.85 19.34 31.09
N ASN B 292 2.90 18.57 30.89
CA ASN B 292 2.79 17.13 31.06
C ASN B 292 2.17 16.32 29.92
N THR B 293 1.96 16.98 28.80
CA THR B 293 1.36 16.32 27.65
C THR B 293 2.34 15.34 27.05
N VAL B 294 1.81 14.15 26.77
CA VAL B 294 2.53 13.10 26.01
C VAL B 294 2.05 13.14 24.56
N ALA B 295 3.00 13.20 23.64
CA ALA B 295 2.73 13.13 22.22
C ALA B 295 3.54 12.00 21.66
N LEU B 296 2.91 10.85 21.56
CA LEU B 296 3.58 9.59 21.21
C LEU B 296 3.18 9.16 19.80
N GLY B 297 4.15 8.84 18.95
CA GLY B 297 3.84 8.26 17.65
C GLY B 297 4.20 6.80 17.57
N LEU B 298 3.37 6.06 16.84
CA LEU B 298 3.56 4.65 16.59
C LEU B 298 3.93 4.43 15.12
N GLY B 299 4.77 3.44 14.85
CA GLY B 299 5.06 3.04 13.50
C GLY B 299 5.59 4.19 12.61
N LEU B 300 6.47 5.04 13.15
CA LEU B 300 7.16 6.07 12.37
C LEU B 300 6.13 7.08 11.80
N ALA B 301 5.09 7.30 12.58
CA ALA B 301 4.13 8.38 12.34
C ALA B 301 4.85 9.66 11.97
N THR B 302 4.38 10.29 10.89
CA THR B 302 5.09 11.39 10.27
C THR B 302 4.19 12.62 10.14
N ILE B 303 4.74 13.81 10.42
CA ILE B 303 4.00 15.05 10.27
C ILE B 303 4.70 15.86 9.19
N ILE B 304 3.93 16.33 8.21
CA ILE B 304 4.43 17.19 7.15
C ILE B 304 3.76 18.55 7.23
N PRO B 305 4.57 19.61 7.40
CA PRO B 305 4.08 20.99 7.46
C PRO B 305 3.83 21.50 6.04
N ASP B 306 2.59 21.87 5.73
CA ASP B 306 2.28 22.47 4.45
C ASP B 306 2.41 23.98 4.58
N ASN B 307 2.55 24.66 3.43
CA ASN B 307 2.40 26.12 3.39
C ASN B 307 3.45 26.89 4.20
N GLY B 308 4.57 26.24 4.45
CA GLY B 308 5.71 26.84 5.14
C GLY B 308 5.58 26.98 6.64
N VAL B 309 4.60 26.33 7.23
CA VAL B 309 4.39 26.47 8.67
C VAL B 309 5.36 25.59 9.45
N THR B 310 5.50 25.92 10.73
CA THR B 310 6.23 25.05 11.65
C THR B 310 5.32 23.87 11.98
N ALA B 311 5.87 22.66 12.07
CA ALA B 311 5.04 21.49 12.27
C ALA B 311 4.68 21.34 13.74
N LEU B 312 5.64 21.62 14.62
CA LEU B 312 5.40 21.42 16.04
C LEU B 312 6.04 22.47 16.94
N LYS B 313 5.23 23.01 17.85
CA LYS B 313 5.65 24.10 18.76
C LYS B 313 5.27 23.69 20.18
N VAL B 314 6.26 23.38 21.02
CA VAL B 314 5.99 23.14 22.46
C VAL B 314 6.08 24.42 23.28
N GLY B 315 5.17 24.58 24.24
CA GLY B 315 5.08 25.85 24.97
C GLY B 315 5.99 25.89 26.18
N ASP B 316 5.96 27.00 26.93
CA ASP B 316 6.83 27.24 28.10
C ASP B 316 6.26 26.49 29.31
N VAL B 317 6.17 25.17 29.19
CA VAL B 317 5.59 24.33 30.23
C VAL B 317 6.50 23.14 30.58
N ASP B 318 6.27 22.60 31.77
CA ASP B 318 6.98 21.44 32.26
C ASP B 318 6.48 20.14 31.61
N GLY B 319 7.37 19.16 31.46
CA GLY B 319 6.97 17.78 31.36
C GLY B 319 6.37 17.26 30.07
N VAL B 320 6.52 18.01 28.99
CA VAL B 320 6.01 17.56 27.71
C VAL B 320 6.95 16.47 27.19
N LYS B 321 6.36 15.39 26.70
CA LYS B 321 7.12 14.26 26.19
C LYS B 321 6.71 13.97 24.76
N VAL B 322 7.58 14.35 23.84
CA VAL B 322 7.37 14.09 22.43
C VAL B 322 8.26 12.92 22.12
N ALA B 323 7.66 11.89 21.52
CA ALA B 323 8.40 10.65 21.30
C ALA B 323 7.93 9.93 20.03
N GLY B 324 8.88 9.45 19.23
CA GLY B 324 8.55 8.64 18.09
C GLY B 324 7.73 9.36 17.06
N LEU B 325 8.33 10.36 16.42
CA LEU B 325 7.70 11.07 15.31
C LEU B 325 8.76 11.46 14.34
N LEU B 326 8.43 11.37 13.06
CA LEU B 326 9.25 11.89 11.98
C LEU B 326 8.58 13.17 11.49
N VAL B 327 9.33 14.25 11.38
CA VAL B 327 8.80 15.50 10.88
C VAL B 327 9.52 15.73 9.54
N ASP B 328 8.75 15.76 8.44
CA ASP B 328 9.29 15.68 7.09
C ASP B 328 8.92 17.00 6.39
N ALA B 329 9.92 17.80 6.01
CA ALA B 329 9.66 19.10 5.41
C ALA B 329 8.76 19.01 4.17
N GLY B 330 7.95 20.03 3.97
CA GLY B 330 7.22 20.21 2.72
C GLY B 330 8.05 21.01 1.74
N PRO B 331 7.62 21.07 0.48
CA PRO B 331 8.42 21.75 -0.55
C PRO B 331 8.50 23.27 -0.33
N VAL B 332 7.47 23.83 0.28
CA VAL B 332 7.53 25.24 0.69
C VAL B 332 8.40 25.39 1.92
N ASN B 333 9.39 26.26 1.82
CA ASN B 333 10.30 26.48 2.97
C ASN B 333 9.62 26.83 4.27
N SER B 334 9.93 26.07 5.32
CA SER B 334 9.52 26.39 6.67
C SER B 334 10.65 27.09 7.42
N GLU B 335 10.33 28.21 8.04
CA GLU B 335 11.30 28.94 8.85
C GLU B 335 11.87 28.06 9.95
N THR B 336 10.99 27.31 10.59
CA THR B 336 11.38 26.29 11.55
C THR B 336 10.49 25.07 11.39
N LEU B 337 11.02 23.87 11.71
CA LEU B 337 10.18 22.68 11.74
C LEU B 337 9.66 22.30 13.15
N VAL B 338 10.50 22.44 14.17
CA VAL B 338 10.14 22.11 15.56
C VAL B 338 10.71 23.18 16.48
N GLU B 339 9.83 23.76 17.30
CA GLU B 339 10.26 24.72 18.32
C GLU B 339 9.91 24.23 19.71
N VAL B 340 10.87 24.26 20.64
CA VAL B 340 10.61 23.86 22.01
C VAL B 340 10.82 25.09 22.87
N GLY B 341 9.70 25.69 23.26
CA GLY B 341 9.69 26.91 24.06
C GLY B 341 9.75 28.17 23.23
N SER B 342 9.51 29.32 23.86
CA SER B 342 9.53 30.57 23.11
C SER B 342 10.92 31.19 22.99
N ASP B 343 11.04 32.15 22.06
CA ASP B 343 12.25 32.97 21.94
C ASP B 343 12.66 33.79 23.17
N GLY B 344 13.81 33.48 23.76
CA GLY B 344 14.28 34.16 24.96
C GLY B 344 13.43 33.79 26.18
N ALA B 345 12.73 32.66 26.10
CA ALA B 345 12.09 32.07 27.27
C ALA B 345 13.08 31.77 28.35
N SER B 346 12.55 31.79 29.57
CA SER B 346 13.31 32.23 30.72
C SER B 346 13.15 31.36 31.97
N GLY B 347 12.07 30.62 31.98
CA GLY B 347 11.76 29.80 33.12
C GLY B 347 12.54 28.54 33.19
N ASP B 348 12.53 27.91 34.37
CA ASP B 348 13.31 26.72 34.61
C ASP B 348 12.37 25.52 34.75
N HIS B 349 12.81 24.33 34.33
CA HIS B 349 11.94 23.12 34.27
C HIS B 349 12.70 21.91 34.85
N ALA B 350 13.53 22.14 35.89
CA ALA B 350 14.53 21.14 36.27
C ALA B 350 13.94 19.86 36.85
N ALA B 351 12.92 20.00 37.72
CA ALA B 351 12.28 18.86 38.35
C ALA B 351 11.49 17.98 37.34
N ASN B 352 11.05 18.58 36.22
CA ASN B 352 10.18 17.90 35.24
C ASN B 352 10.37 18.49 33.83
N PRO B 353 11.46 18.10 33.17
CA PRO B 353 11.78 18.69 31.86
C PRO B 353 10.84 18.26 30.74
N THR B 354 10.87 19.02 29.65
CA THR B 354 10.36 18.58 28.35
C THR B 354 11.43 17.79 27.65
N SER B 355 11.01 16.77 26.91
CA SER B 355 11.97 16.06 26.07
C SER B 355 11.43 15.65 24.70
N LEU B 356 12.36 15.52 23.76
CA LEU B 356 12.14 14.89 22.48
C LEU B 356 12.86 13.54 22.60
N GLN B 357 12.29 12.51 22.02
CA GLN B 357 12.91 11.19 22.04
C GLN B 357 12.49 10.50 20.77
N ASP B 358 13.46 9.96 20.05
CA ASP B 358 13.15 9.36 18.76
C ASP B 358 12.32 10.33 17.92
N VAL B 359 12.78 11.58 17.90
CA VAL B 359 12.19 12.59 17.04
C VAL B 359 13.19 12.78 15.90
N PHE B 360 12.72 12.48 14.68
CA PHE B 360 13.56 12.50 13.51
C PHE B 360 13.09 13.64 12.62
N VAL B 361 14.00 14.19 11.85
CA VAL B 361 13.63 15.27 10.93
C VAL B 361 14.26 14.97 9.60
N ARG B 362 13.48 15.09 8.53
CA ARG B 362 13.98 14.85 7.17
C ARG B 362 13.66 16.05 6.28
N ILE B 363 14.65 16.53 5.54
CA ILE B 363 14.47 17.59 4.59
C ILE B 363 14.82 17.10 3.20
N GLY B 364 13.78 16.84 2.39
CA GLY B 364 14.00 16.28 1.06
C GLY B 364 14.12 14.78 1.05
N GLY B 365 14.26 14.19 -0.13
CA GLY B 365 14.47 12.76 -0.24
C GLY B 365 13.22 12.03 -0.72
N ALA B 366 12.07 12.42 -0.16
CA ALA B 366 10.77 11.92 -0.64
C ALA B 366 10.05 13.01 -1.42
N GLY B 367 10.82 13.71 -2.22
CA GLY B 367 10.35 14.88 -2.94
C GLY B 367 11.04 16.10 -2.36
N PRO B 368 11.06 17.22 -3.10
CA PRO B 368 11.78 18.36 -2.55
C PRO B 368 11.17 18.83 -1.24
N GLY B 369 12.04 19.27 -0.35
CA GLY B 369 11.65 19.81 0.92
C GLY B 369 12.70 20.85 1.32
N LYS B 370 12.26 21.89 2.04
CA LYS B 370 13.14 22.95 2.51
C LYS B 370 12.75 23.46 3.89
N ALA B 371 13.75 23.80 4.71
CA ALA B 371 13.55 24.51 5.96
C ALA B 371 14.81 25.25 6.36
N THR B 372 14.63 26.38 7.04
CA THR B 372 15.76 27.20 7.42
C THR B 372 16.49 26.65 8.66
N THR B 373 15.74 26.39 9.75
CA THR B 373 16.30 25.80 10.98
C THR B 373 15.39 24.75 11.56
N SER B 374 15.84 23.50 11.53
CA SER B 374 14.95 22.36 11.73
C SER B 374 14.40 22.27 13.17
N ILE B 375 15.29 22.23 14.13
CA ILE B 375 14.88 22.23 15.55
C ILE B 375 15.51 23.35 16.34
N VAL B 376 14.64 24.15 16.97
CA VAL B 376 15.08 25.23 17.86
C VAL B 376 14.66 24.88 19.25
N VAL B 377 15.66 24.78 20.11
CA VAL B 377 15.44 24.35 21.48
C VAL B 377 15.65 25.50 22.40
N ASN B 378 14.52 25.98 22.89
CA ASN B 378 14.53 27.12 23.76
C ASN B 378 14.43 26.95 25.24
N SER B 379 13.55 26.07 25.63
CA SER B 379 13.30 25.80 27.02
C SER B 379 14.50 25.24 27.77
N ASN B 380 14.77 25.88 28.91
CA ASN B 380 15.79 25.41 29.81
C ASN B 380 15.44 24.00 30.28
N ASP B 381 16.48 23.21 30.49
CA ASP B 381 16.38 21.87 31.06
C ASP B 381 15.91 20.78 30.08
N THR B 382 15.63 21.16 28.87
CA THR B 382 15.18 20.22 27.84
C THR B 382 16.18 19.10 27.62
N ILE B 383 15.62 17.89 27.50
CA ILE B 383 16.39 16.73 27.13
C ILE B 383 16.09 16.30 25.68
N ILE B 384 17.14 16.08 24.88
CA ILE B 384 17.03 15.57 23.54
C ILE B 384 17.73 14.22 23.58
N ASP B 385 16.94 13.15 23.57
CA ASP B 385 17.44 11.80 23.78
C ASP B 385 17.12 10.99 22.54
N HIS B 386 18.09 10.95 21.64
CA HIS B 386 17.97 10.32 20.31
C HIS B 386 17.21 11.14 19.29
N THR B 387 17.98 11.89 18.53
CA THR B 387 17.44 12.52 17.33
C THR B 387 18.35 12.32 16.12
N TRP B 388 17.72 12.27 14.94
CA TRP B 388 18.40 12.33 13.64
C TRP B 388 17.75 13.44 12.87
N VAL B 389 18.55 14.47 12.58
CA VAL B 389 18.08 15.67 11.89
C VAL B 389 18.89 15.66 10.61
N TRP B 390 18.21 15.34 9.52
CA TRP B 390 18.85 14.88 8.29
C TRP B 390 18.36 15.63 7.06
N ARG B 391 19.25 16.40 6.46
CA ARG B 391 18.99 16.94 5.13
C ARG B 391 19.36 15.89 4.13
N ALA B 392 18.43 15.44 3.31
CA ALA B 392 18.68 14.27 2.49
C ALA B 392 19.85 14.43 1.52
N ASP B 393 20.69 13.40 1.44
CA ASP B 393 21.78 13.32 0.48
C ASP B 393 21.45 12.51 -0.76
N HIS B 394 20.32 11.82 -0.75
CA HIS B 394 19.93 10.92 -1.84
C HIS B 394 18.43 10.82 -1.87
N GLY B 395 17.88 10.30 -2.96
CA GLY B 395 16.44 10.29 -3.20
C GLY B 395 15.96 11.40 -4.13
N GLU B 396 14.66 11.63 -4.22
CA GLU B 396 14.15 12.67 -5.14
C GLU B 396 14.02 13.99 -4.40
N GLY B 397 14.33 15.07 -5.12
CA GLY B 397 14.16 16.40 -4.57
C GLY B 397 15.32 16.81 -3.70
N VAL B 398 16.51 16.32 -4.09
CA VAL B 398 17.75 16.73 -3.44
C VAL B 398 18.61 17.57 -4.38
N GLY B 399 19.35 18.49 -3.76
CA GLY B 399 20.18 19.47 -4.46
C GLY B 399 20.57 20.60 -3.52
N TRP B 400 21.79 21.07 -3.74
CA TRP B 400 22.37 22.18 -2.97
C TRP B 400 21.35 23.29 -2.75
N GLU B 401 20.54 23.58 -3.76
CA GLU B 401 19.42 24.50 -3.59
C GLU B 401 18.05 23.82 -3.46
N THR B 402 17.82 22.77 -4.23
CA THR B 402 16.53 22.08 -4.25
C THR B 402 16.01 21.69 -2.86
N ASN B 403 16.88 21.14 -2.02
CA ASN B 403 16.52 20.88 -0.65
C ASN B 403 17.45 21.60 0.34
N ARG B 404 17.75 22.86 0.01
CA ARG B 404 18.57 23.70 0.89
C ARG B 404 17.94 23.70 2.28
N ALA B 405 18.83 23.57 3.24
CA ALA B 405 18.45 23.68 4.65
C ALA B 405 19.67 24.16 5.38
N ASP B 406 19.65 25.39 5.84
CA ASP B 406 20.91 25.97 6.36
C ASP B 406 21.33 25.42 7.69
N TYR B 407 20.36 25.29 8.60
CA TYR B 407 20.65 24.98 9.98
C TYR B 407 19.90 23.79 10.52
N GLY B 408 20.59 22.93 11.23
CA GLY B 408 19.96 21.73 11.77
C GLY B 408 19.30 22.03 13.10
N VAL B 409 20.12 22.01 14.12
CA VAL B 409 19.65 22.20 15.50
C VAL B 409 20.25 23.47 16.05
N HIS B 410 19.42 24.27 16.69
CA HIS B 410 19.87 25.48 17.37
C HIS B 410 19.41 25.47 18.81
N VAL B 411 20.35 25.40 19.73
CA VAL B 411 19.99 25.32 21.16
C VAL B 411 20.24 26.65 21.83
N LYS B 412 19.15 27.30 22.26
CA LYS B 412 19.21 28.60 22.97
C LYS B 412 19.02 28.48 24.46
N GLY B 413 18.37 27.41 24.89
CA GLY B 413 18.06 27.21 26.31
C GLY B 413 19.29 26.82 27.10
N ASP B 414 19.17 26.92 28.44
CA ASP B 414 20.22 26.58 29.37
C ASP B 414 19.98 25.21 29.98
N ASN B 415 21.08 24.59 30.37
CA ASN B 415 21.04 23.27 30.97
C ASN B 415 20.32 22.25 30.07
N VAL B 416 20.51 22.39 28.77
CA VAL B 416 19.99 21.40 27.81
C VAL B 416 20.95 20.23 27.68
N LEU B 417 20.37 19.02 27.60
CA LEU B 417 21.18 17.79 27.50
C LEU B 417 20.75 17.08 26.24
N ALA B 418 21.72 16.76 25.40
CA ALA B 418 21.51 15.90 24.24
C ALA B 418 22.26 14.61 24.47
N THR B 419 21.56 13.48 24.32
CA THR B 419 22.19 12.16 24.40
C THR B 419 21.86 11.41 23.11
N GLY B 420 22.87 11.12 22.29
CA GLY B 420 22.64 10.48 20.99
C GLY B 420 22.12 11.46 19.96
N LEU B 421 22.98 12.42 19.63
CA LEU B 421 22.69 13.47 18.65
C LEU B 421 23.30 13.14 17.28
N PHE B 422 22.45 12.93 16.28
CA PHE B 422 22.85 12.67 14.88
C PHE B 422 22.30 13.80 13.99
N VAL B 423 23.16 14.60 13.36
CA VAL B 423 22.73 15.73 12.54
C VAL B 423 23.63 15.83 11.31
N GLU B 424 23.03 15.77 10.11
CA GLU B 424 23.84 15.65 8.89
C GLU B 424 23.37 16.48 7.69
N HIS B 425 24.37 17.03 7.02
CA HIS B 425 24.31 17.57 5.66
C HIS B 425 23.72 18.96 5.47
N PHE B 426 23.65 19.77 6.54
CA PHE B 426 23.11 21.11 6.40
C PHE B 426 24.04 22.05 5.60
N ASN B 427 23.45 23.04 4.92
CA ASN B 427 24.24 23.97 4.13
C ASN B 427 25.19 24.82 4.96
N LYS B 428 24.78 25.13 6.17
CA LYS B 428 25.57 25.96 7.11
C LYS B 428 25.78 25.12 8.38
N TYR B 429 25.67 25.71 9.58
CA TYR B 429 25.95 24.94 10.79
C TYR B 429 24.94 23.86 11.08
N ASP B 430 25.40 22.63 11.29
CA ASP B 430 24.47 21.54 11.55
C ASP B 430 23.90 21.75 12.94
N VAL B 431 24.78 22.03 13.89
CA VAL B 431 24.36 22.36 15.25
C VAL B 431 25.06 23.60 15.72
N GLN B 432 24.25 24.45 16.33
CA GLN B 432 24.72 25.67 16.96
C GLN B 432 24.19 25.71 18.37
N TRP B 433 25.05 26.01 19.31
CA TRP B 433 24.71 26.00 20.72
C TRP B 433 25.14 27.31 21.36
N SER B 434 24.15 28.11 21.71
CA SER B 434 24.37 29.43 22.32
C SER B 434 23.88 29.57 23.76
N GLY B 435 23.04 28.67 24.23
CA GLY B 435 22.66 28.73 25.61
C GLY B 435 23.78 28.22 26.52
N GLU B 436 23.68 28.42 27.82
CA GLU B 436 24.74 27.97 28.71
C GLU B 436 24.53 26.57 29.32
N ASN B 437 25.67 26.04 29.77
CA ASN B 437 25.71 24.80 30.49
C ASN B 437 25.10 23.65 29.73
N GLY B 438 25.25 23.67 28.42
CA GLY B 438 24.81 22.56 27.60
C GLY B 438 25.79 21.38 27.65
N LYS B 439 25.25 20.20 27.39
CA LYS B 439 26.05 18.98 27.36
C LYS B 439 25.56 18.09 26.24
N THR B 440 26.49 17.51 25.51
CA THR B 440 26.19 16.52 24.46
C THR B 440 27.01 15.26 24.72
N ILE B 441 26.31 14.15 24.86
CA ILE B 441 26.95 12.84 24.94
C ILE B 441 26.60 12.08 23.67
N PHE B 442 27.65 11.86 22.87
CA PHE B 442 27.61 11.27 21.51
C PHE B 442 27.04 12.20 20.44
N TYR B 443 27.88 12.51 19.44
CA TYR B 443 27.48 13.28 18.24
C TYR B 443 28.05 12.60 17.00
N GLN B 444 27.18 12.41 16.00
CA GLN B 444 27.60 11.97 14.67
C GLN B 444 27.08 12.95 13.64
N ASN B 445 28.02 13.50 12.89
CA ASN B 445 27.72 14.40 11.77
C ASN B 445 28.39 13.92 10.49
N ALA B 446 27.73 14.22 9.37
CA ALA B 446 28.37 14.27 8.06
C ALA B 446 28.05 15.65 7.50
N LYS B 447 28.99 16.17 6.73
CA LYS B 447 28.82 17.48 6.15
C LYS B 447 28.07 17.31 4.84
N ALA B 448 27.56 18.42 4.33
CA ALA B 448 26.89 18.40 3.04
C ALA B 448 27.82 17.76 2.01
N TYR B 449 27.35 16.75 1.30
CA TYR B 449 28.16 16.09 0.26
C TYR B 449 28.19 16.90 -1.02
N ASP B 450 27.14 17.70 -1.22
CA ASP B 450 26.86 18.28 -2.52
C ASP B 450 27.19 19.75 -2.64
N ALA B 451 28.04 20.25 -1.75
CA ALA B 451 28.58 21.58 -1.96
C ALA B 451 29.38 21.63 -3.28
N PRO B 452 29.05 22.58 -4.17
CA PRO B 452 29.67 22.59 -5.50
C PRO B 452 31.03 23.28 -5.60
N ASP B 453 31.34 24.13 -4.62
CA ASP B 453 32.62 24.83 -4.54
C ASP B 453 32.87 25.56 -3.20
N GLN B 454 34.12 25.99 -3.02
CA GLN B 454 34.57 26.56 -1.77
C GLN B 454 33.84 27.84 -1.31
N ALA B 455 33.75 28.86 -2.18
CA ALA B 455 33.15 30.12 -1.77
C ALA B 455 31.72 29.89 -1.32
N ALA B 456 31.09 28.90 -1.92
CA ALA B 456 29.68 28.64 -1.63
C ALA B 456 29.48 28.13 -0.20
N ILE B 457 30.59 27.83 0.49
CA ILE B 457 30.53 27.46 1.92
C ILE B 457 31.43 28.34 2.76
N GLN B 458 31.75 29.54 2.28
CA GLN B 458 32.58 30.41 3.11
C GLN B 458 31.80 30.91 4.34
N ASN B 459 32.55 31.13 5.43
CA ASN B 459 31.99 31.47 6.75
C ASN B 459 32.91 32.44 7.56
N GLY B 460 32.96 33.72 7.15
CA GLY B 460 33.80 34.72 7.82
C GLY B 460 35.28 34.69 7.38
N ASP B 461 36.20 34.36 8.28
CA ASP B 461 37.57 34.12 7.87
C ASP B 461 37.80 32.59 7.90
N ILE B 462 36.68 31.85 7.79
CA ILE B 462 36.64 30.39 7.89
C ILE B 462 36.08 29.70 6.65
N LYS B 463 36.76 28.63 6.23
CA LYS B 463 36.26 27.79 5.15
C LYS B 463 35.29 26.74 5.68
N GLY B 464 34.04 26.86 5.25
CA GLY B 464 32.98 25.93 5.63
C GLY B 464 32.40 26.31 6.98
N TYR B 465 31.30 25.64 7.33
CA TYR B 465 30.60 25.84 8.61
C TYR B 465 30.84 24.64 9.53
N ALA B 466 31.22 24.90 10.78
CA ALA B 466 31.35 23.81 11.75
C ALA B 466 30.10 22.91 11.80
N ALA B 467 30.33 21.62 12.01
CA ALA B 467 29.24 20.71 12.31
C ALA B 467 28.61 21.02 13.67
N TYR B 468 29.39 21.58 14.56
CA TYR B 468 28.97 21.82 15.92
C TYR B 468 29.69 23.07 16.42
N LYS B 469 28.92 24.18 16.53
CA LYS B 469 29.42 25.48 16.93
C LYS B 469 28.87 25.92 18.27
N VAL B 470 29.77 26.07 19.24
CA VAL B 470 29.45 26.72 20.51
C VAL B 470 29.76 28.21 20.38
N ASP B 471 28.77 29.09 20.60
CA ASP B 471 29.02 30.53 20.40
C ASP B 471 30.12 30.99 21.38
N ASP B 472 30.88 31.98 20.93
CA ASP B 472 32.03 32.55 21.65
C ASP B 472 31.60 33.10 23.02
N SER B 473 30.34 33.55 23.13
CA SER B 473 29.84 34.18 24.35
C SER B 473 29.64 33.21 25.52
N VAL B 474 29.55 31.93 25.23
CA VAL B 474 29.19 30.94 26.23
C VAL B 474 30.28 30.68 27.29
N THR B 475 29.90 30.57 28.58
CA THR B 475 30.89 30.22 29.64
C THR B 475 31.15 28.72 29.86
N THR B 476 30.06 27.93 29.86
CA THR B 476 30.18 26.48 30.07
C THR B 476 29.54 25.70 28.97
N HIS B 477 30.22 24.64 28.57
CA HIS B 477 29.66 23.65 27.67
C HIS B 477 30.51 22.39 27.82
N GLU B 478 29.95 21.22 27.58
CA GLU B 478 30.77 20.00 27.61
C GLU B 478 30.21 18.98 26.63
N GLY B 479 31.09 18.37 25.85
CA GLY B 479 30.68 17.41 24.85
C GLY B 479 31.64 16.21 24.93
N TRP B 480 31.08 15.01 24.72
CA TRP B 480 31.89 13.77 24.76
C TRP B 480 31.57 12.92 23.54
N GLY B 481 32.60 12.42 22.87
CA GLY B 481 32.39 11.38 21.86
C GLY B 481 31.73 11.86 20.59
N MET B 482 32.47 12.69 19.85
CA MET B 482 31.87 13.46 18.81
C MET B 482 32.65 13.42 17.52
N GLY B 483 31.94 13.17 16.42
CA GLY B 483 32.59 13.05 15.10
C GLY B 483 31.86 13.74 13.99
N SER B 484 32.65 14.32 13.08
CA SER B 484 32.15 14.91 11.85
C SER B 484 32.89 14.31 10.64
N TYR B 485 32.15 13.85 9.65
CA TYR B 485 32.76 13.23 8.46
C TYR B 485 32.44 14.03 7.21
N CYS B 486 33.38 14.07 6.26
CA CYS B 486 33.13 14.74 4.98
C CYS B 486 33.24 13.81 3.78
N TYR B 487 32.48 14.15 2.76
CA TYR B 487 32.41 13.43 1.48
C TYR B 487 31.89 14.39 0.43
N PHE B 488 32.78 15.25 0.00
CA PHE B 488 32.43 16.30 -0.94
C PHE B 488 32.61 15.68 -2.30
N ASN B 489 31.57 14.96 -2.74
CA ASN B 489 31.71 14.13 -3.96
C ASN B 489 31.54 14.99 -5.17
N VAL B 490 30.77 16.08 -5.03
CA VAL B 490 30.60 16.99 -6.14
C VAL B 490 31.93 17.67 -6.47
N ASN B 491 32.65 18.13 -5.44
CA ASN B 491 33.91 18.83 -5.64
C ASN B 491 34.90 18.41 -4.57
N PRO B 492 35.67 17.34 -4.86
CA PRO B 492 36.55 16.79 -3.82
C PRO B 492 37.81 17.56 -3.57
N ASP B 493 37.96 18.76 -4.17
CA ASP B 493 39.08 19.62 -3.84
C ASP B 493 38.70 20.65 -2.76
N ILE B 494 37.45 20.58 -2.27
CA ILE B 494 37.00 21.41 -1.16
C ILE B 494 37.75 21.12 0.13
N ARG B 495 37.79 22.14 0.99
CA ARG B 495 38.39 22.08 2.32
C ARG B 495 37.40 22.57 3.38
N GLN B 496 37.28 21.77 4.45
CA GLN B 496 36.48 22.09 5.61
C GLN B 496 37.46 22.46 6.72
N GLN B 497 37.37 23.66 7.27
CA GLN B 497 38.46 24.07 8.21
C GLN B 497 38.44 23.24 9.47
N HIS B 498 37.23 22.91 9.94
CA HIS B 498 37.11 22.14 11.17
C HIS B 498 35.74 21.49 11.30
N GLY B 499 35.65 20.50 12.18
CA GLY B 499 34.40 19.88 12.52
C GLY B 499 33.65 20.65 13.59
N PHE B 500 34.42 21.28 14.47
CA PHE B 500 33.93 21.87 15.72
C PHE B 500 34.51 23.29 15.90
N GLN B 501 33.71 24.18 16.47
CA GLN B 501 34.13 25.52 16.84
C GLN B 501 33.57 25.95 18.20
N ALA B 502 34.44 26.51 19.03
CA ALA B 502 34.08 26.87 20.39
C ALA B 502 35.05 27.89 20.96
N PRO B 503 34.60 28.62 22.00
CA PRO B 503 35.54 29.53 22.67
C PRO B 503 36.57 28.82 23.52
N VAL B 504 37.58 29.55 23.99
CA VAL B 504 38.59 28.96 24.85
C VAL B 504 38.41 29.42 26.29
N LYS B 505 37.88 28.56 27.19
CA LYS B 505 37.35 28.96 28.50
C LYS B 505 37.45 27.81 29.48
N PRO B 506 37.83 28.08 30.75
CA PRO B 506 37.99 26.83 31.48
C PRO B 506 36.69 26.08 31.70
N GLY B 507 35.53 26.66 31.41
CA GLY B 507 34.28 25.95 31.57
C GLY B 507 33.78 25.31 30.27
N VAL B 508 34.47 25.51 29.15
CA VAL B 508 34.10 24.88 27.86
C VAL B 508 35.12 23.79 27.54
N LYS B 509 34.65 22.56 27.45
CA LYS B 509 35.55 21.52 27.01
C LYS B 509 34.94 20.31 26.35
N PHE B 510 35.79 19.68 25.58
CA PHE B 510 35.40 18.55 24.79
C PHE B 510 36.31 17.37 25.05
N HIS B 511 35.72 16.19 24.95
CA HIS B 511 36.40 14.92 25.14
C HIS B 511 36.17 14.07 23.90
N ASP B 512 37.25 13.57 23.30
CA ASP B 512 37.20 12.55 22.27
C ASP B 512 36.47 13.06 21.04
N LEU B 513 37.16 13.94 20.31
CA LEU B 513 36.69 14.52 19.07
C LEU B 513 37.44 13.92 17.87
N LEU B 514 36.74 13.76 16.75
CA LEU B 514 37.38 13.30 15.54
C LEU B 514 36.73 13.86 14.30
N VAL B 515 37.54 13.96 13.27
CA VAL B 515 37.02 14.22 11.94
C VAL B 515 37.59 13.22 10.95
N VAL B 516 36.82 12.93 9.91
CA VAL B 516 37.19 11.90 8.96
C VAL B 516 36.82 12.33 7.54
N SER B 517 37.78 12.28 6.61
CA SER B 517 37.47 12.34 5.19
C SER B 517 37.12 10.95 4.66
N LEU B 518 35.93 10.82 4.09
CA LEU B 518 35.47 9.53 3.60
C LEU B 518 35.94 9.30 2.14
N GLY B 519 37.14 8.74 1.92
CA GLY B 519 37.59 8.42 0.58
C GLY B 519 38.35 9.58 -0.06
N GLY B 520 38.98 10.44 0.75
CA GLY B 520 39.68 11.61 0.24
C GLY B 520 38.83 12.63 -0.52
N LYS B 521 37.51 12.53 -0.32
CA LYS B 521 36.58 13.44 -0.98
C LYS B 521 36.49 14.71 -0.16
N GLY B 522 37.40 15.64 -0.46
CA GLY B 522 37.59 16.77 0.40
C GLY B 522 38.48 16.38 1.55
N GLN B 523 38.89 17.38 2.34
CA GLN B 523 39.64 17.14 3.55
C GLN B 523 39.32 18.20 4.60
N TYR B 524 39.51 17.82 5.85
CA TYR B 524 39.50 18.75 6.98
C TYR B 524 40.88 19.37 7.17
N GLU B 525 40.96 20.65 7.57
CA GLU B 525 42.26 21.28 7.86
C GLU B 525 42.65 21.13 9.34
N HIS B 526 41.63 21.02 10.19
CA HIS B 526 41.78 20.86 11.64
C HIS B 526 40.59 20.10 12.19
N VAL B 527 40.65 19.77 13.48
CA VAL B 527 39.52 19.11 14.15
C VAL B 527 38.55 20.09 14.79
N ILE B 528 39.08 20.98 15.62
CA ILE B 528 38.29 22.01 16.31
C ILE B 528 39.07 23.31 16.32
N ASN B 529 38.42 24.43 15.96
CA ASN B 529 39.14 25.67 15.82
C ASN B 529 40.36 25.42 14.93
N ASP B 530 41.58 25.78 15.37
CA ASP B 530 42.79 25.50 14.60
C ASP B 530 43.61 24.44 15.26
N ILE B 531 42.92 23.60 15.99
CA ILE B 531 43.55 22.52 16.71
C ILE B 531 43.10 21.26 16.01
N GLY B 532 44.02 20.29 15.92
CA GLY B 532 43.79 19.01 15.26
C GLY B 532 44.63 18.99 14.00
N ASP B 533 45.14 17.84 13.57
CA ASP B 533 45.83 17.81 12.30
C ASP B 533 44.75 17.76 11.24
N PRO B 534 45.09 18.22 10.03
CA PRO B 534 44.25 17.97 8.87
C PRO B 534 44.13 16.47 8.64
N THR B 535 43.08 16.09 7.92
CA THR B 535 43.01 14.75 7.36
C THR B 535 43.89 14.71 6.12
N SER B 536 44.42 13.53 5.80
CA SER B 536 45.24 13.36 4.60
C SER B 536 45.00 12.01 3.93
N GLY B 537 45.47 11.87 2.70
CA GLY B 537 45.36 10.59 2.01
C GLY B 537 43.92 10.29 1.60
N ASP B 538 43.74 9.05 1.12
CA ASP B 538 42.55 8.58 0.43
C ASP B 538 41.89 7.45 1.25
N THR B 539 42.48 7.13 2.40
CA THR B 539 42.16 5.89 3.12
C THR B 539 41.29 6.01 4.37
N THR B 540 40.75 7.19 4.62
CA THR B 540 39.69 7.30 5.64
C THR B 540 40.19 6.95 7.04
N ILE B 541 41.33 7.54 7.35
CA ILE B 541 41.87 7.56 8.72
C ILE B 541 41.50 8.82 9.49
N PRO B 542 40.83 8.68 10.64
CA PRO B 542 40.41 9.88 11.40
C PRO B 542 41.55 10.72 11.93
N SER B 543 41.26 12.00 12.12
CA SER B 543 42.15 12.89 12.86
C SER B 543 41.48 13.16 14.18
N GLN B 544 42.22 12.97 15.26
CA GLN B 544 41.63 12.88 16.59
C GLN B 544 42.16 13.94 17.56
N VAL B 545 41.27 14.42 18.46
CA VAL B 545 41.64 15.34 19.58
C VAL B 545 41.06 14.79 20.91
N VAL B 546 41.92 14.28 21.78
CA VAL B 546 41.45 13.61 23.00
C VAL B 546 40.73 14.60 23.91
N SER B 547 41.42 15.71 24.17
CA SER B 547 40.90 16.79 25.00
C SER B 547 41.06 18.14 24.31
N PHE B 548 40.07 18.97 24.51
CA PHE B 548 40.17 20.34 24.07
C PHE B 548 39.60 21.14 25.20
N PRO B 549 40.28 22.25 25.53
CA PRO B 549 41.43 22.92 24.84
C PRO B 549 42.88 22.34 24.58
C2 BGC C . 2.08 -27.44 -25.45
C3 BGC C . 1.67 -26.71 -24.26
C4 BGC C . 0.94 -27.52 -23.23
C5 BGC C . 1.52 -28.92 -23.06
C6 BGC C . 0.76 -29.74 -22.07
C1 BGC C . 2.48 -28.89 -25.21
O1 BGC C . 2.42 -29.52 -26.36
O2 BGC C . 3.16 -26.71 -26.08
O3 BGC C . 0.87 -25.53 -24.75
O4 BGC C . 0.85 -26.89 -21.98
O5 BGC C . 1.55 -29.57 -24.32
O6 BGC C . 1.11 -31.11 -22.03
C2 BGC C . 0.67 -23.19 -24.83
C3 BGC C . 1.30 -21.92 -24.42
C4 BGC C . 1.56 -21.85 -22.98
C5 BGC C . 2.17 -23.16 -22.47
C6 BGC C . 2.36 -23.26 -21.02
C1 BGC C . 1.45 -24.37 -24.33
O2 BGC C . 0.54 -23.28 -26.23
O3 BGC C . 0.31 -20.90 -24.84
O4 BGC C . 2.46 -20.76 -22.67
O5 BGC C . 1.42 -24.32 -22.90
O6 BGC C . 2.97 -24.44 -20.56
C2 BGC C . -0.14 -18.85 -25.97
C3 BGC C . 0.46 -17.74 -26.74
C4 BGC C . 1.56 -17.14 -25.96
C5 BGC C . 2.57 -18.20 -25.59
C6 BGC C . 3.64 -17.69 -24.70
C1 BGC C . 0.90 -19.93 -25.67
O2 BGC C . -1.23 -19.45 -26.68
O3 BGC C . -0.64 -16.75 -26.86
O4 BGC C . 2.26 -16.12 -26.65
O5 BGC C . 1.93 -19.29 -24.88
O6 BGC C . 4.46 -18.71 -24.20
C2 BGC C . -2.13 -15.33 -28.00
C3 BGC C . -2.47 -14.59 -29.27
C4 BGC C . -1.23 -14.15 -30.00
C5 BGC C . -0.24 -15.31 -30.16
C6 BGC C . 1.08 -14.91 -30.84
C1 BGC C . -1.06 -16.40 -28.15
O2 BGC C . -3.27 -15.88 -27.33
O3 BGC C . -3.23 -13.44 -28.85
O4 BGC C . -1.57 -13.65 -31.26
O5 BGC C . 0.08 -15.80 -28.86
O6 BGC C . 1.88 -16.04 -31.18
C2 BGC C . -5.32 -12.23 -28.87
C3 BGC C . -6.39 -11.70 -29.76
C4 BGC C . -5.80 -11.05 -30.94
C5 BGC C . -4.85 -11.98 -31.64
C6 BGC C . -4.17 -11.27 -32.81
C1 BGC C . -4.34 -13.10 -29.62
O2 BGC C . -5.88 -13.01 -27.84
O3 BGC C . -7.13 -10.64 -29.03
O4 BGC C . -6.79 -10.59 -31.82
O5 BGC C . -3.79 -12.35 -30.74
O6 BGC C . -3.17 -12.02 -33.49
C2 BGC C . -9.12 -9.72 -28.20
C3 BGC C . -10.60 -9.74 -28.36
C4 BGC C . -10.93 -9.99 -29.76
C5 BGC C . -10.42 -11.35 -30.18
C6 BGC C . -10.72 -11.58 -31.63
C1 BGC C . -8.47 -10.96 -28.78
O2 BGC C . -8.78 -9.64 -26.84
O3 BGC C . -11.15 -8.41 -28.03
O4 BGC C . -12.31 -9.84 -30.21
O5 BGC C . -8.99 -11.18 -30.10
O6 BGC C . -10.18 -10.61 -32.43
C2 BGC D . -5.53 -32.60 -30.46
C3 BGC D . -5.81 -31.76 -31.62
C4 BGC D . -4.63 -30.94 -32.05
C5 BGC D . -3.34 -31.72 -32.11
C6 BGC D . -2.18 -30.80 -32.23
C1 BGC D . -4.28 -33.43 -30.61
O1 BGC D . -4.01 -34.06 -29.47
O2 BGC D . -6.62 -33.45 -30.12
O3 BGC D . -6.99 -30.96 -31.27
O4 BGC D . -4.81 -30.26 -33.29
O5 BGC D . -3.13 -32.59 -30.99
O6 BGC D . -1.52 -30.45 -31.05
C2 BGC D . -9.21 -30.20 -31.79
C3 BGC D . -10.08 -29.41 -32.71
C4 BGC D . -9.37 -28.29 -33.37
C5 BGC D . -8.03 -28.72 -33.95
C6 BGC D . -7.34 -27.61 -34.60
C1 BGC D . -7.77 -30.49 -32.29
O2 BGC D . -9.90 -31.35 -31.32
O3 BGC D . -11.26 -28.96 -31.99
O4 BGC D . -10.19 -27.74 -34.38
O5 BGC D . -7.18 -29.28 -32.90
O6 BGC D . -6.16 -27.94 -35.22
C2 BGC D . -13.05 -29.86 -30.71
C3 BGC D . -14.27 -30.68 -30.80
C4 BGC D . -15.09 -30.41 -32.01
C5 BGC D . -14.27 -30.52 -33.29
C6 BGC D . -15.03 -30.11 -34.54
C1 BGC D . -12.25 -29.90 -31.99
O2 BGC D . -12.21 -30.24 -29.64
O3 BGC D . -15.07 -30.46 -29.60
O4 BGC D . -16.22 -31.26 -32.10
O5 BGC D . -13.06 -29.73 -33.17
O6 BGC D . -15.72 -28.91 -34.45
C2 BGC D . -15.71 -31.40 -27.45
C3 BGC D . -16.37 -32.54 -26.81
C4 BGC D . -17.67 -32.82 -27.47
C5 BGC D . -17.39 -33.08 -28.94
C6 BGC D . -18.56 -33.46 -29.78
C1 BGC D . -15.48 -31.60 -28.94
O2 BGC D . -14.47 -31.04 -26.80
O3 BGC D . -16.51 -32.27 -25.39
O4 BGC D . -18.36 -33.95 -26.90
O5 BGC D . -16.79 -31.93 -29.53
O6 BGC D . -19.62 -32.54 -29.86
C2 BGC D . -15.05 -32.23 -23.40
C3 BGC D . -14.20 -33.08 -22.59
C4 BGC D . -14.92 -34.22 -22.00
C5 BGC D . -15.73 -34.96 -23.02
C6 BGC D . -16.86 -35.72 -22.37
C1 BGC D . -15.64 -33.01 -24.57
O2 BGC D . -14.21 -31.18 -23.93
O3 BGC D . -13.51 -32.33 -21.57
O4 BGC D . -14.00 -35.07 -21.31
O5 BGC D . -16.37 -34.15 -24.05
O6 BGC D . -17.36 -36.78 -23.18
C2 BGC E . 35.80 -8.99 8.39
C3 BGC E . 35.76 -8.15 9.55
C4 BGC E . 35.02 -8.82 10.65
C5 BGC E . 35.47 -10.26 10.85
C6 BGC E . 34.52 -10.96 11.73
C1 BGC E . 36.44 -10.32 8.73
O1 BGC E . 36.62 -11.05 7.66
O2 BGC E . 36.41 -8.45 7.20
O3 BGC E . 35.09 -6.87 9.19
O4 BGC E . 35.22 -8.17 11.86
O5 BGC E . 35.51 -10.98 9.62
O6 BGC E . 34.79 -12.32 11.81
C2 BGC E . 35.10 -4.53 9.02
C3 BGC E . 35.71 -3.26 9.47
C4 BGC E . 35.89 -3.23 10.89
C5 BGC E . 36.57 -4.48 11.35
C6 BGC E . 36.84 -4.29 12.78
C1 BGC E . 35.80 -5.76 9.57
O2 BGC E . 35.16 -4.52 7.61
O3 BGC E . 34.79 -2.19 9.09
O4 BGC E . 36.78 -2.18 11.32
O5 BGC E . 35.85 -5.67 11.00
O6 BGC E . 37.94 -3.47 12.98
C2 BGC E . 34.35 -0.02 8.10
C3 BGC E . 34.98 1.14 7.42
C4 BGC E . 36.09 1.72 8.21
C5 BGC E . 37.00 0.60 8.64
C6 BGC E . 38.18 1.07 9.42
C1 BGC E . 35.38 -1.08 8.46
O2 BGC E . 33.33 -0.63 7.27
O3 BGC E . 33.92 2.14 7.28
O4 BGC E . 36.92 2.66 7.47
O5 BGC E . 36.31 -0.45 9.37
O6 BGC E . 39.06 -0.02 9.58
C2 BGC E . 32.49 3.62 6.09
C3 BGC E . 32.29 4.38 4.82
C4 BGC E . 33.60 4.90 4.26
C5 BGC E . 34.55 3.71 4.17
C6 BGC E . 35.90 4.06 3.57
C1 BGC E . 33.57 2.55 6.01
O2 BGC E . 31.30 3.00 6.57
O3 BGC E . 31.40 5.46 5.18
O4 BGC E . 33.39 5.45 2.96
O5 BGC E . 34.76 3.18 5.49
O6 BGC E . 36.61 2.88 3.18
C2 BGC E . 29.32 6.62 5.03
C3 BGC E . 28.25 7.14 4.16
C4 BGC E . 28.84 7.79 2.98
C5 BGC E . 29.79 6.86 2.25
C6 BGC E . 30.53 7.64 1.19
C1 BGC E . 30.33 5.76 4.32
O2 BGC E . 28.69 5.86 6.05
O3 BGC E . 27.50 8.18 4.92
O4 BGC E . 27.82 8.28 2.12
O5 BGC E . 30.85 6.48 3.15
O6 BGC E . 31.60 6.91 0.63
C2 BGC E . 25.44 9.08 5.71
C3 BGC E . 23.96 9.05 5.52
C4 BGC E . 23.60 8.88 4.12
C5 BGC E . 24.19 7.56 3.63
C6 BGC E . 23.90 7.27 2.20
C1 BGC E . 26.11 7.91 5.04
O2 BGC E . 25.76 9.13 7.10
O3 BGC E . 23.39 10.33 5.95
O4 BGC E . 22.16 8.80 3.93
O5 BGC E . 25.62 7.65 3.73
O6 BGC E . 24.24 5.94 1.89
C2 BGC F . 28.71 -13.95 3.43
C3 BGC F . 28.65 -12.97 2.36
C4 BGC F . 29.93 -12.28 2.08
C5 BGC F . 31.08 -13.26 1.98
C6 BGC F . 32.38 -12.53 1.95
C1 BGC F . 29.87 -14.91 3.27
O1 BGC F . 29.98 -15.69 4.36
O2 BGC F . 27.46 -14.67 3.54
O3 BGC F . 27.62 -11.98 2.72
O4 BGC F . 29.85 -11.50 0.91
O5 BGC F . 31.12 -14.19 3.05
O6 BGC F . 33.20 -12.80 0.85
C2 BGC F . 25.44 -11.29 2.19
C3 BGC F . 24.48 -10.60 1.27
C4 BGC F . 25.13 -9.45 0.62
C5 BGC F . 26.53 -9.81 0.07
C6 BGC F . 27.16 -8.72 -0.65
C1 BGC F . 26.89 -11.51 1.69
O2 BGC F . 24.89 -12.50 2.75
O3 BGC F . 23.28 -10.19 1.99
O4 BGC F . 24.32 -8.90 -0.41
O5 BGC F . 27.44 -10.27 1.11
O6 BGC F . 28.46 -9.00 -0.99
C2 BGC F . 21.45 -11.08 3.25
C3 BGC F . 20.25 -11.95 3.16
C4 BGC F . 19.41 -11.57 2.02
C5 BGC F . 20.19 -11.51 0.69
C6 BGC F . 19.41 -10.87 -0.44
C1 BGC F . 22.26 -11.10 1.97
O2 BGC F . 22.27 -11.41 4.35
O3 BGC F . 19.52 -11.79 4.39
O4 BGC F . 18.30 -12.43 1.90
O5 BGC F . 21.42 -10.76 0.84
O6 BGC F . 18.30 -11.53 -0.87
C2 BGC F . 18.85 -12.71 6.48
C3 BGC F . 18.21 -13.89 7.12
C4 BGC F . 16.88 -14.10 6.49
C5 BGC F . 17.08 -14.31 4.98
C6 BGC F . 15.84 -14.55 4.23
C1 BGC F . 19.01 -12.91 5.00
O2 BGC F . 20.09 -12.30 7.13
O3 BGC F . 18.03 -13.57 8.50
O4 BGC F . 16.18 -15.19 7.10
O5 BGC F . 17.68 -13.16 4.42
O6 BGC F . 14.71 -14.85 5.00
C2 BGC F . 19.36 -13.37 10.51
C3 BGC F . 20.10 -14.19 11.47
C4 BGC F . 19.33 -15.33 11.99
C5 BGC F . 18.75 -16.11 10.87
C6 BGC F . 17.82 -17.16 11.34
C1 BGC F . 18.82 -14.25 9.40
O2 BGC F . 20.21 -12.32 9.97
O3 BGC F . 20.64 -13.41 12.57
O4 BGC F . 20.17 -16.22 12.72
O5 BGC F . 18.00 -15.26 10.01
O6 BGC F . 17.50 -18.11 10.33
C1 EDO G . -3.95 3.87 -29.53
O1 EDO G . -3.76 4.76 -28.42
C2 EDO G . -5.45 3.73 -29.66
O2 EDO G . -6.08 4.67 -28.75
H11 EDO G . -3.51 4.26 -30.44
H12 EDO G . -3.51 2.89 -29.33
HO1 EDO G . -2.94 4.54 -27.97
H21 EDO G . -5.74 2.71 -29.40
H22 EDO G . -5.79 3.93 -30.68
HO2 EDO G . -6.93 4.31 -28.46
C1 EDO H . 30.02 22.86 4.69
O1 EDO H . 31.00 23.37 5.57
C2 EDO H . 28.80 23.72 4.96
O2 EDO H . 27.88 23.04 5.79
H11 EDO H . 29.81 21.81 4.90
H12 EDO H . 30.35 22.97 3.65
HO1 EDO H . 31.88 23.03 5.30
H21 EDO H . 28.34 24.00 4.01
H22 EDO H . 29.13 24.63 5.46
HO2 EDO H . 27.64 23.59 6.54
N GLU A 1 -49.47 0.02 -11.50
CA GLU A 1 -49.76 -1.15 -10.69
C GLU A 1 -49.29 -2.38 -11.46
N VAL A 2 -48.16 -2.26 -12.17
CA VAL A 2 -47.55 -3.37 -12.93
C VAL A 2 -47.42 -4.58 -12.04
N VAL A 3 -48.03 -5.69 -12.42
CA VAL A 3 -48.01 -6.83 -11.52
C VAL A 3 -46.80 -7.72 -11.68
N GLY A 4 -46.24 -8.08 -10.53
CA GLY A 4 -45.05 -8.88 -10.49
C GLY A 4 -45.26 -10.37 -10.59
N GLY A 5 -44.16 -11.06 -10.81
CA GLY A 5 -44.11 -12.50 -10.77
C GLY A 5 -44.78 -13.03 -12.01
N GLY A 6 -44.82 -14.36 -12.10
CA GLY A 6 -45.50 -15.07 -13.17
C GLY A 6 -44.53 -15.94 -13.94
N ASP A 7 -44.87 -16.10 -15.22
CA ASP A 7 -44.20 -17.01 -16.16
C ASP A 7 -42.85 -16.51 -16.69
N LEU A 8 -41.83 -17.37 -16.66
CA LEU A 8 -40.49 -16.98 -17.11
C LEU A 8 -40.28 -16.99 -18.63
N GLY A 9 -41.22 -17.62 -19.36
CA GLY A 9 -41.17 -17.62 -20.81
C GLY A 9 -40.45 -18.77 -21.52
N PRO A 10 -40.59 -18.82 -22.86
CA PRO A 10 -40.05 -19.98 -23.58
C PRO A 10 -38.54 -19.99 -23.81
N ASN A 11 -37.82 -18.89 -23.57
CA ASN A 11 -36.35 -18.97 -23.71
C ASN A 11 -35.63 -19.27 -22.40
N VAL A 12 -36.40 -19.57 -21.36
CA VAL A 12 -35.89 -20.20 -20.14
C VAL A 12 -36.33 -21.65 -20.18
N LEU A 13 -35.38 -22.54 -20.52
CA LEU A 13 -35.58 -23.99 -20.56
C LEU A 13 -35.34 -24.58 -19.17
N VAL A 14 -36.37 -25.12 -18.57
CA VAL A 14 -36.23 -25.61 -17.21
C VAL A 14 -36.36 -27.12 -17.14
N PHE A 15 -35.28 -27.75 -16.70
CA PHE A 15 -35.16 -29.19 -16.66
C PHE A 15 -35.38 -29.75 -15.27
N ASP A 16 -35.95 -30.94 -15.23
CA ASP A 16 -36.08 -31.68 -13.99
C ASP A 16 -35.32 -33.01 -14.19
N PRO A 17 -35.03 -33.75 -13.11
CA PRO A 17 -34.24 -34.97 -13.33
C PRO A 17 -34.89 -36.06 -14.23
N SER A 18 -36.22 -36.07 -14.35
CA SER A 18 -36.89 -37.00 -15.28
C SER A 18 -37.51 -36.29 -16.49
N THR A 19 -36.99 -35.10 -16.79
CA THR A 19 -37.33 -34.47 -18.04
C THR A 19 -36.76 -35.38 -19.11
N PRO A 20 -37.59 -35.75 -20.08
CA PRO A 20 -37.03 -36.65 -21.09
C PRO A 20 -36.13 -35.92 -22.09
N ASP A 21 -35.17 -36.65 -22.62
CA ASP A 21 -34.30 -36.18 -23.70
C ASP A 21 -33.49 -34.92 -23.35
N ILE A 22 -33.16 -34.72 -22.06
CA ILE A 22 -32.35 -33.52 -21.68
C ILE A 22 -31.09 -33.32 -22.53
N GLN A 23 -30.20 -34.30 -22.47
CA GLN A 23 -29.02 -34.24 -23.33
C GLN A 23 -29.49 -33.86 -24.74
N GLY A 24 -30.68 -34.36 -25.10
CA GLY A 24 -31.31 -33.95 -26.33
C GLY A 24 -31.65 -32.47 -26.34
N LYS A 25 -32.33 -31.95 -25.29
CA LYS A 25 -32.82 -30.56 -25.36
C LYS A 25 -31.68 -29.55 -25.32
N VAL A 26 -30.55 -29.98 -24.77
CA VAL A 26 -29.40 -29.09 -24.68
C VAL A 26 -28.53 -29.12 -25.97
N ASP A 27 -28.33 -30.29 -26.58
CA ASP A 27 -27.56 -30.41 -27.83
C ASP A 27 -28.15 -29.61 -29.02
N GLU A 28 -29.46 -29.54 -29.10
CA GLU A 28 -30.08 -28.77 -30.18
C GLU A 28 -29.72 -27.29 -29.98
N VAL A 29 -29.87 -26.80 -28.74
CA VAL A 29 -29.56 -25.38 -28.43
C VAL A 29 -28.10 -25.07 -28.85
N PHE A 30 -27.17 -25.98 -28.54
CA PHE A 30 -25.77 -25.77 -28.87
C PHE A 30 -25.56 -25.64 -30.37
N ARG A 31 -26.17 -26.53 -31.15
CA ARG A 31 -25.99 -26.45 -32.60
C ARG A 31 -26.62 -25.12 -33.12
N LYS A 32 -27.70 -24.67 -32.50
CA LYS A 32 -28.22 -23.31 -32.80
C LYS A 32 -27.18 -22.23 -32.42
N GLN A 33 -26.55 -22.37 -31.25
CA GLN A 33 -25.74 -21.27 -30.70
C GLN A 33 -24.23 -21.38 -30.83
N GLU A 34 -23.70 -22.50 -31.31
CA GLU A 34 -22.29 -22.71 -31.25
C GLU A 34 -21.52 -21.64 -32.01
N SER A 35 -21.94 -21.39 -33.25
CA SER A 35 -21.26 -20.38 -34.07
C SER A 35 -22.01 -19.06 -34.11
N ASN A 36 -23.00 -18.90 -33.23
CA ASN A 36 -23.92 -17.75 -33.33
C ASN A 36 -23.46 -16.52 -32.54
N GLN A 37 -22.34 -15.97 -33.00
CA GLN A 37 -21.62 -14.96 -32.25
C GLN A 37 -22.41 -13.67 -32.12
N PHE A 38 -23.15 -13.30 -33.16
CA PHE A 38 -23.81 -11.98 -33.21
C PHE A 38 -25.32 -12.07 -33.44
N GLY A 39 -25.88 -13.25 -33.26
CA GLY A 39 -27.31 -13.43 -33.46
C GLY A 39 -28.03 -12.95 -32.23
N THR A 40 -29.35 -12.82 -32.33
CA THR A 40 -30.15 -12.32 -31.25
C THR A 40 -30.86 -13.44 -30.48
N ASP A 41 -30.55 -14.67 -30.85
CA ASP A 41 -30.99 -15.81 -30.11
C ASP A 41 -30.40 -15.76 -28.65
N ARG A 42 -31.25 -16.04 -27.65
CA ARG A 42 -30.89 -16.00 -26.24
C ARG A 42 -31.54 -17.16 -25.46
N TYR A 43 -30.78 -17.81 -24.59
CA TYR A 43 -31.28 -18.94 -23.79
C TYR A 43 -30.72 -19.03 -22.38
N ALA A 44 -31.58 -19.38 -21.44
CA ALA A 44 -31.18 -19.77 -20.09
C ALA A 44 -31.58 -21.22 -19.92
N LEU A 45 -30.66 -22.00 -19.39
CA LEU A 45 -30.91 -23.41 -19.09
C LEU A 45 -30.84 -23.54 -17.58
N MET A 46 -31.97 -23.92 -16.96
CA MET A 46 -32.08 -23.91 -15.53
C MET A 46 -32.40 -25.32 -15.08
N PHE A 47 -31.62 -25.80 -14.12
CA PHE A 47 -31.80 -27.18 -13.63
C PHE A 47 -32.28 -27.21 -12.17
N LYS A 48 -33.46 -27.80 -11.98
CA LYS A 48 -33.99 -28.03 -10.63
C LYS A 48 -33.06 -28.94 -9.80
N PRO A 49 -33.12 -28.79 -8.47
CA PRO A 49 -32.39 -29.69 -7.56
C PRO A 49 -32.50 -31.16 -7.94
N GLY A 50 -31.40 -31.88 -7.82
CA GLY A 50 -31.35 -33.31 -8.09
C GLY A 50 -29.99 -33.71 -8.69
N THR A 51 -29.94 -34.94 -9.18
CA THR A 51 -28.76 -35.52 -9.77
C THR A 51 -29.10 -35.93 -11.18
N TYR A 52 -28.28 -35.45 -12.10
CA TYR A 52 -28.45 -35.71 -13.52
C TYR A 52 -27.31 -36.59 -13.94
N ASN A 53 -27.59 -37.67 -14.66
CA ASN A 53 -26.51 -38.50 -15.21
C ASN A 53 -26.45 -38.36 -16.71
N ASP A 54 -25.39 -38.89 -17.34
CA ASP A 54 -25.39 -39.09 -18.79
C ASP A 54 -25.53 -37.71 -19.48
N ILE A 55 -24.71 -36.75 -19.07
CA ILE A 55 -24.86 -35.37 -19.55
C ILE A 55 -23.56 -34.68 -19.90
N ASN A 56 -23.57 -34.08 -21.09
CA ASN A 56 -22.51 -33.18 -21.51
C ASN A 56 -23.19 -32.01 -22.13
N ALA A 57 -23.39 -30.97 -21.32
CA ALA A 57 -23.98 -29.74 -21.81
C ALA A 57 -22.91 -28.83 -22.40
N GLN A 58 -22.86 -28.80 -23.73
CA GLN A 58 -22.01 -27.85 -24.43
C GLN A 58 -22.73 -26.53 -24.50
N ILE A 59 -21.99 -25.48 -24.17
CA ILE A 59 -22.54 -24.14 -24.00
C ILE A 59 -22.02 -23.24 -25.15
N GLY A 60 -22.94 -22.75 -25.97
CA GLY A 60 -22.60 -21.87 -27.09
C GLY A 60 -22.81 -20.42 -26.69
N PHE A 61 -22.82 -19.54 -27.70
CA PHE A 61 -23.08 -18.13 -27.47
C PHE A 61 -24.43 -17.90 -26.80
N TYR A 62 -24.48 -16.88 -25.98
CA TYR A 62 -25.69 -16.37 -25.36
C TYR A 62 -26.54 -17.45 -24.70
N THR A 63 -25.84 -18.34 -24.02
CA THR A 63 -26.48 -19.39 -23.24
C THR A 63 -25.90 -19.32 -21.84
N SER A 64 -26.78 -19.23 -20.86
CA SER A 64 -26.40 -19.41 -19.46
C SER A 64 -26.88 -20.81 -19.03
N ILE A 65 -26.12 -21.45 -18.16
CA ILE A 65 -26.59 -22.66 -17.47
C ILE A 65 -26.47 -22.48 -15.98
N ALA A 66 -27.49 -22.92 -15.24
CA ALA A 66 -27.42 -22.85 -13.79
C ALA A 66 -28.31 -23.84 -13.08
N GLY A 67 -27.95 -24.03 -11.82
CA GLY A 67 -28.72 -24.81 -10.88
C GLY A 67 -29.66 -23.92 -10.04
N LEU A 68 -30.71 -24.53 -9.49
CA LEU A 68 -31.77 -23.80 -8.79
C LEU A 68 -31.89 -24.19 -7.31
N GLY A 69 -30.84 -24.79 -6.75
CA GLY A 69 -30.87 -25.32 -5.39
C GLY A 69 -30.41 -24.29 -4.40
N LEU A 70 -30.32 -24.64 -3.13
CA LEU A 70 -29.87 -23.68 -2.14
C LEU A 70 -28.41 -23.86 -1.82
N ASN A 71 -27.84 -24.93 -2.36
CA ASN A 71 -26.42 -25.24 -2.28
C ASN A 71 -25.90 -25.52 -3.77
N PRO A 72 -24.66 -25.18 -4.11
CA PRO A 72 -24.27 -25.74 -5.42
C PRO A 72 -24.38 -27.31 -5.49
N ASP A 73 -24.01 -28.03 -4.44
CA ASP A 73 -24.15 -29.48 -4.43
C ASP A 73 -25.62 -29.95 -4.57
N ASP A 74 -26.59 -29.03 -4.45
CA ASP A 74 -28.02 -29.39 -4.62
C ASP A 74 -28.35 -29.83 -6.01
N THR A 75 -27.55 -29.37 -6.98
CA THR A 75 -27.82 -29.64 -8.38
C THR A 75 -26.53 -30.16 -8.95
N THR A 76 -26.48 -31.49 -9.11
CA THR A 76 -25.27 -32.20 -9.41
C THR A 76 -25.32 -32.89 -10.78
N PHE A 77 -24.32 -32.60 -11.60
CA PHE A 77 -24.18 -33.30 -12.88
C PHE A 77 -23.08 -34.35 -12.72
N ASN A 78 -23.43 -35.60 -12.99
CA ASN A 78 -22.44 -36.63 -13.26
C ASN A 78 -22.20 -36.52 -14.73
N GLY A 79 -21.30 -35.60 -15.04
CA GLY A 79 -21.17 -35.07 -16.37
C GLY A 79 -20.50 -33.71 -16.34
N ASP A 80 -20.75 -32.93 -17.40
CA ASP A 80 -19.89 -31.79 -17.76
C ASP A 80 -20.70 -30.59 -18.22
N VAL A 81 -20.16 -29.41 -17.94
CA VAL A 81 -20.66 -28.18 -18.54
C VAL A 81 -19.48 -27.67 -19.34
N THR A 82 -19.57 -27.77 -20.66
CA THR A 82 -18.38 -27.77 -21.52
C THR A 82 -18.37 -26.61 -22.51
N VAL A 83 -17.24 -25.92 -22.59
CA VAL A 83 -16.96 -24.96 -23.66
C VAL A 83 -15.62 -25.32 -24.31
N ASP A 84 -15.67 -25.56 -25.62
CA ASP A 84 -14.50 -25.87 -26.43
C ASP A 84 -14.58 -24.94 -27.67
N ALA A 85 -13.63 -25.08 -28.58
CA ALA A 85 -13.55 -24.15 -29.73
C ALA A 85 -13.77 -24.80 -31.12
N GLY A 86 -14.43 -25.96 -31.15
CA GLY A 86 -14.75 -26.61 -32.41
C GLY A 86 -15.06 -25.67 -33.58
N TRP A 87 -15.93 -24.71 -33.32
CA TRP A 87 -16.48 -23.88 -34.39
C TRP A 87 -15.50 -22.86 -34.93
N PHE A 88 -14.37 -22.70 -34.26
CA PHE A 88 -13.37 -21.70 -34.66
C PHE A 88 -12.01 -22.36 -34.82
N ASP A 89 -12.01 -23.55 -35.43
CA ASP A 89 -10.81 -24.38 -35.63
C ASP A 89 -9.83 -24.41 -34.44
N GLY A 90 -10.34 -24.36 -33.21
CA GLY A 90 -9.49 -24.60 -32.05
C GLY A 90 -8.95 -23.36 -31.40
N ASN A 91 -9.36 -22.21 -31.93
CA ASN A 91 -9.02 -20.92 -31.36
C ASN A 91 -10.19 -20.49 -30.44
N ALA A 92 -9.91 -20.26 -29.16
CA ALA A 92 -10.96 -19.92 -28.19
C ALA A 92 -11.13 -18.43 -27.95
N THR A 93 -10.48 -17.59 -28.77
CA THR A 93 -10.51 -16.14 -28.49
C THR A 93 -11.79 -15.41 -28.94
N GLN A 94 -12.74 -16.15 -29.47
CA GLN A 94 -14.08 -15.58 -29.68
C GLN A 94 -15.18 -16.28 -28.86
N ASN A 95 -14.80 -17.01 -27.80
CA ASN A 95 -15.80 -17.71 -26.99
C ASN A 95 -16.34 -16.83 -25.88
N PHE A 96 -17.21 -15.93 -26.31
CA PHE A 96 -17.79 -14.91 -25.46
C PHE A 96 -19.24 -15.18 -25.03
N TRP A 97 -19.72 -14.40 -24.06
CA TRP A 97 -21.14 -14.18 -23.76
C TRP A 97 -21.89 -15.46 -23.38
N ARG A 98 -21.43 -16.11 -22.32
CA ARG A 98 -22.10 -17.30 -21.81
C ARG A 98 -21.79 -17.42 -20.33
N SER A 99 -22.45 -18.31 -19.60
CA SER A 99 -22.20 -18.37 -18.16
C SER A 99 -22.63 -19.71 -17.54
N ALA A 100 -22.01 -19.99 -16.40
CA ALA A 100 -22.33 -21.17 -15.58
C ALA A 100 -22.37 -20.75 -14.12
N GLU A 101 -23.45 -21.14 -13.42
CA GLU A 101 -23.63 -20.74 -12.03
C GLU A 101 -24.34 -21.84 -11.23
N ASN A 102 -23.90 -22.02 -9.98
CA ASN A 102 -24.69 -22.72 -8.95
C ASN A 102 -24.94 -24.21 -9.27
N LEU A 103 -23.89 -24.86 -9.71
CA LEU A 103 -23.92 -26.30 -10.05
C LEU A 103 -22.74 -27.03 -9.44
N ALA A 104 -22.91 -28.34 -9.14
CA ALA A 104 -21.77 -29.21 -8.85
C ALA A 104 -21.55 -30.13 -10.03
N LEU A 105 -20.29 -30.26 -10.47
CA LEU A 105 -19.94 -31.09 -11.63
C LEU A 105 -19.03 -32.23 -11.20
N ASN A 106 -19.35 -33.41 -11.69
CA ASN A 106 -18.53 -34.63 -11.52
C ASN A 106 -18.10 -35.08 -12.92
N PRO A 107 -17.00 -34.50 -13.44
CA PRO A 107 -16.78 -34.59 -14.88
C PRO A 107 -16.40 -35.99 -15.31
N VAL A 108 -16.85 -36.39 -16.48
CA VAL A 108 -16.77 -37.77 -16.90
C VAL A 108 -15.34 -38.30 -16.96
N ASN A 109 -14.37 -37.48 -17.37
CA ASN A 109 -12.96 -37.92 -17.33
C ASN A 109 -12.17 -37.38 -16.15
N GLY A 110 -12.87 -36.77 -15.20
CA GLY A 110 -12.18 -36.19 -14.04
C GLY A 110 -11.87 -34.70 -14.13
N THR A 111 -11.99 -34.13 -15.33
CA THR A 111 -11.68 -32.71 -15.55
C THR A 111 -12.72 -32.08 -16.44
N ASN A 112 -13.31 -30.96 -15.99
CA ASN A 112 -14.24 -30.20 -16.79
C ASN A 112 -13.49 -29.18 -17.65
N ARG A 113 -13.88 -29.06 -18.91
CA ARG A 113 -13.30 -28.05 -19.77
C ARG A 113 -14.19 -26.85 -19.97
N TRP A 114 -13.59 -25.69 -19.74
CA TRP A 114 -14.32 -24.42 -19.80
C TRP A 114 -13.39 -23.42 -20.50
N ALA A 115 -13.24 -23.63 -21.80
CA ALA A 115 -12.27 -22.91 -22.60
C ALA A 115 -12.89 -21.66 -23.23
N VAL A 116 -12.95 -20.63 -22.41
CA VAL A 116 -13.63 -19.37 -22.76
C VAL A 116 -12.68 -18.19 -22.89
N SER A 117 -13.19 -17.10 -23.46
CA SER A 117 -12.49 -15.83 -23.39
C SER A 117 -13.39 -14.87 -22.63
N GLN A 118 -13.56 -13.63 -23.06
CA GLN A 118 -14.19 -12.63 -22.21
C GLN A 118 -15.71 -12.82 -22.05
N ALA A 119 -16.25 -12.28 -20.95
CA ALA A 119 -17.68 -12.30 -20.64
C ALA A 119 -18.24 -13.71 -20.58
N ALA A 120 -17.50 -14.58 -19.89
CA ALA A 120 -17.95 -15.96 -19.69
C ALA A 120 -17.77 -16.38 -18.23
N PRO A 121 -18.55 -15.77 -17.34
CA PRO A 121 -18.30 -16.02 -15.92
C PRO A 121 -18.62 -17.46 -15.45
N PHE A 122 -17.92 -17.86 -14.38
CA PHE A 122 -18.02 -19.20 -13.77
C PHE A 122 -18.15 -18.90 -12.28
N ARG A 123 -19.40 -18.97 -11.78
CA ARG A 123 -19.71 -18.50 -10.44
C ARG A 123 -20.41 -19.56 -9.59
N ARG A 124 -20.06 -19.57 -8.32
CA ARG A 124 -20.67 -20.50 -7.34
C ARG A 124 -20.83 -21.90 -7.89
N MET A 125 -19.72 -22.38 -8.42
CA MET A 125 -19.62 -23.76 -8.93
C MET A 125 -18.77 -24.64 -8.01
N HIS A 126 -19.10 -25.92 -8.01
CA HIS A 126 -18.26 -26.91 -7.33
C HIS A 126 -17.83 -27.96 -8.32
N VAL A 127 -16.55 -27.98 -8.66
CA VAL A 127 -16.01 -28.98 -9.59
C VAL A 127 -15.33 -30.12 -8.81
N LYS A 128 -15.92 -31.29 -8.86
CA LYS A 128 -15.34 -32.44 -8.13
C LYS A 128 -14.28 -33.09 -9.00
N GLY A 129 -13.19 -32.36 -9.21
CA GLY A 129 -12.16 -32.76 -10.16
C GLY A 129 -11.40 -31.55 -10.62
N GLY A 130 -10.76 -31.69 -11.75
CA GLY A 130 -9.96 -30.62 -12.31
C GLY A 130 -10.79 -29.72 -13.21
N LEU A 131 -10.21 -28.59 -13.58
CA LEU A 131 -10.85 -27.62 -14.46
C LEU A 131 -9.81 -27.20 -15.49
N ASN A 132 -10.06 -27.58 -16.73
CA ASN A 132 -9.18 -27.21 -17.86
C ASN A 132 -9.78 -25.99 -18.53
N LEU A 133 -9.01 -24.92 -18.64
CA LEU A 133 -9.50 -23.67 -19.28
C LEU A 133 -9.04 -23.52 -20.71
N ALA A 134 -8.35 -24.54 -21.23
CA ALA A 134 -7.85 -24.52 -22.61
C ALA A 134 -8.70 -25.31 -23.58
N PRO A 135 -8.85 -24.82 -24.80
CA PRO A 135 -9.55 -25.66 -25.80
C PRO A 135 -8.73 -26.92 -26.12
N ASP A 136 -9.40 -27.93 -26.70
CA ASP A 136 -8.72 -29.19 -27.03
C ASP A 136 -7.65 -28.80 -28.05
N GLY A 137 -6.39 -29.09 -27.70
CA GLY A 137 -5.23 -28.75 -28.52
C GLY A 137 -4.43 -27.53 -28.11
N TYR A 138 -4.85 -26.89 -27.03
CA TYR A 138 -4.12 -25.78 -26.41
C TYR A 138 -3.96 -24.53 -27.31
N GLY A 139 -4.95 -24.28 -28.14
CA GLY A 139 -4.97 -23.10 -28.99
C GLY A 139 -5.16 -21.83 -28.19
N TRP A 140 -5.27 -20.70 -28.88
CA TRP A 140 -5.30 -19.41 -28.20
C TRP A 140 -6.56 -19.20 -27.37
N ALA A 141 -6.37 -18.54 -26.24
CA ALA A 141 -7.49 -18.23 -25.33
C ALA A 141 -7.22 -16.99 -24.51
N SER A 142 -8.27 -16.24 -24.18
CA SER A 142 -8.12 -14.93 -23.53
C SER A 142 -9.26 -14.65 -22.53
N GLY A 143 -9.42 -15.52 -21.55
CA GLY A 143 -10.36 -15.31 -20.46
C GLY A 143 -9.80 -14.40 -19.37
N GLY A 144 -10.33 -14.47 -18.16
CA GLY A 144 -11.45 -15.26 -17.76
C GLY A 144 -11.73 -14.92 -16.29
N TYR A 145 -12.78 -15.53 -15.74
CA TYR A 145 -13.32 -15.07 -14.45
C TYR A 145 -13.95 -16.23 -13.71
N ILE A 146 -13.43 -16.50 -12.52
CA ILE A 146 -14.04 -17.46 -11.61
C ILE A 146 -14.23 -16.76 -10.28
N ALA A 147 -15.43 -16.88 -9.72
CA ALA A 147 -15.74 -16.37 -8.40
C ALA A 147 -16.54 -17.34 -7.57
N ASP A 148 -16.28 -17.29 -6.27
CA ASP A 148 -17.08 -18.01 -5.28
C ASP A 148 -17.23 -19.50 -5.64
N SER A 149 -16.16 -20.09 -6.17
CA SER A 149 -16.18 -21.49 -6.61
C SER A 149 -15.18 -22.37 -5.86
N LYS A 150 -15.49 -23.67 -5.80
CA LYS A 150 -14.53 -24.65 -5.25
C LYS A 150 -14.17 -25.67 -6.32
N ILE A 151 -12.88 -25.70 -6.65
CA ILE A 151 -12.30 -26.66 -7.58
C ILE A 151 -11.55 -27.67 -6.73
N ASP A 152 -12.06 -28.89 -6.63
CA ASP A 152 -11.44 -29.89 -5.78
C ASP A 152 -10.01 -30.25 -6.26
N GLY A 153 -9.80 -30.22 -7.58
CA GLY A 153 -8.49 -30.55 -8.12
C GLY A 153 -7.73 -29.31 -8.61
N GLU A 154 -6.93 -29.52 -9.66
CA GLU A 154 -5.99 -28.55 -10.18
C GLU A 154 -6.72 -27.69 -11.21
N VAL A 155 -6.63 -26.36 -11.10
CA VAL A 155 -7.03 -25.53 -12.25
C VAL A 155 -5.89 -25.47 -13.29
N GLY A 156 -6.20 -25.78 -14.57
CA GLY A 156 -5.20 -25.74 -15.63
C GLY A 156 -5.44 -24.74 -16.76
N PRO A 157 -4.69 -23.62 -16.77
CA PRO A 157 -4.96 -22.63 -17.82
C PRO A 157 -4.30 -22.97 -19.15
N TYR A 158 -3.14 -23.64 -19.10
CA TYR A 158 -2.35 -23.93 -20.29
C TYR A 158 -2.14 -22.64 -21.14
N SER A 159 -2.84 -22.52 -22.27
CA SER A 159 -2.61 -21.38 -23.19
C SER A 159 -3.32 -20.08 -22.78
N GLN A 160 -4.19 -20.12 -21.78
CA GLN A 160 -4.88 -18.88 -21.37
C GLN A 160 -3.91 -17.76 -21.04
N GLN A 161 -4.08 -16.61 -21.69
CA GLN A 161 -3.14 -15.49 -21.48
C GLN A 161 -3.12 -14.97 -20.07
N GLN A 162 -4.33 -14.81 -19.55
CA GLN A 162 -4.54 -14.17 -18.27
C GLN A 162 -5.82 -14.74 -17.63
N TRP A 163 -6.02 -14.45 -16.34
CA TRP A 163 -7.18 -14.97 -15.61
C TRP A 163 -7.35 -14.25 -14.29
N TYR A 164 -8.59 -14.13 -13.83
CA TYR A 164 -8.88 -13.60 -12.50
C TYR A 164 -9.78 -14.57 -11.73
N THR A 165 -9.34 -14.90 -10.52
CA THR A 165 -10.09 -15.74 -9.64
C THR A 165 -10.22 -15.00 -8.32
N ARG A 166 -11.44 -14.97 -7.79
CA ARG A 166 -11.69 -14.36 -6.48
C ARG A 166 -12.56 -15.23 -5.57
N ASP A 167 -12.27 -15.10 -4.27
CA ASP A 167 -13.06 -15.64 -3.19
C ASP A 167 -13.56 -17.07 -3.46
N SER A 168 -12.58 -17.93 -3.64
CA SER A 168 -12.72 -19.29 -4.12
C SER A 168 -11.75 -20.23 -3.39
N SER A 169 -11.81 -21.51 -3.76
CA SER A 169 -10.81 -22.48 -3.31
C SER A 169 -10.43 -23.41 -4.45
N VAL A 170 -9.12 -23.64 -4.64
CA VAL A 170 -8.65 -24.59 -5.62
C VAL A 170 -7.81 -25.71 -4.97
N GLY A 171 -7.70 -26.82 -5.68
CA GLY A 171 -6.83 -27.91 -5.26
C GLY A 171 -5.41 -27.79 -5.82
N GLY A 172 -5.19 -26.75 -6.61
CA GLY A 172 -3.94 -26.55 -7.31
C GLY A 172 -4.14 -25.58 -8.46
N TRP A 173 -3.09 -24.85 -8.78
CA TRP A 173 -3.08 -23.97 -9.96
C TRP A 173 -1.80 -24.16 -10.71
N GLY A 174 -1.91 -24.62 -11.95
CA GLY A 174 -0.78 -25.26 -12.62
C GLY A 174 0.21 -24.43 -13.43
N ASN A 175 -0.20 -23.27 -13.91
CA ASN A 175 0.71 -22.48 -14.74
C ASN A 175 -0.05 -21.25 -15.11
N GLY A 176 0.68 -20.26 -15.57
CA GLY A 176 0.04 -19.31 -16.43
C GLY A 176 0.99 -18.69 -17.40
N VAL A 177 0.54 -17.59 -17.98
CA VAL A 177 1.08 -17.13 -19.27
C VAL A 177 1.55 -15.70 -19.10
N TRP A 178 0.62 -14.73 -19.16
CA TRP A 178 0.99 -13.32 -18.93
C TRP A 178 0.52 -12.72 -17.58
N ASN A 179 -0.68 -13.06 -17.09
CA ASN A 179 -1.18 -12.39 -15.89
C ASN A 179 -2.31 -13.16 -15.21
N MET A 180 -1.95 -13.97 -14.20
CA MET A 180 -2.93 -14.72 -13.44
C MET A 180 -3.00 -14.01 -12.10
N THR A 181 -4.17 -13.48 -11.78
CA THR A 181 -4.38 -12.69 -10.56
C THR A 181 -5.40 -13.42 -9.69
N PHE A 182 -5.16 -13.37 -8.38
CA PHE A 182 -5.97 -14.04 -7.40
C PHE A 182 -6.27 -13.11 -6.25
N SER A 183 -7.52 -13.07 -5.79
CA SER A 183 -7.81 -12.42 -4.53
C SER A 183 -8.78 -13.26 -3.70
N GLY A 184 -8.37 -13.55 -2.47
CA GLY A 184 -9.22 -14.35 -1.57
C GLY A 184 -9.37 -15.79 -2.01
N VAL A 185 -8.32 -16.29 -2.65
CA VAL A 185 -8.33 -17.66 -3.16
C VAL A 185 -7.47 -18.61 -2.30
N GLU A 186 -8.15 -19.49 -1.58
CA GLU A 186 -7.47 -20.59 -0.90
C GLU A 186 -6.84 -21.51 -1.91
N GLY A 187 -5.53 -21.66 -1.83
CA GLY A 187 -4.82 -22.53 -2.75
C GLY A 187 -4.21 -21.79 -3.94
N ALA A 188 -4.33 -20.47 -3.96
CA ALA A 188 -3.69 -19.71 -5.04
C ALA A 188 -2.18 -19.90 -5.00
N PRO A 189 -1.53 -20.11 -6.17
CA PRO A 189 -0.06 -20.13 -6.11
C PRO A 189 0.48 -18.78 -5.61
N ALA A 190 1.57 -18.77 -4.84
CA ALA A 190 2.01 -17.56 -4.09
C ALA A 190 2.40 -16.37 -4.99
N GLN A 191 2.28 -15.15 -4.47
CA GLN A 191 2.74 -13.94 -5.17
C GLN A 191 4.17 -14.19 -5.69
N SER A 192 4.34 -14.09 -7.03
CA SER A 192 5.55 -14.53 -7.71
C SER A 192 6.00 -13.64 -8.90
N PHE A 193 5.14 -12.70 -9.33
CA PHE A 193 5.29 -11.97 -10.62
C PHE A 193 6.69 -11.35 -10.72
N PRO A 194 7.37 -11.46 -11.90
CA PRO A 194 6.80 -12.03 -13.13
C PRO A 194 6.99 -13.55 -13.33
N GLU A 195 7.64 -14.29 -12.39
CA GLU A 195 7.84 -15.74 -12.64
C GLU A 195 7.40 -16.72 -11.47
N PRO A 196 6.32 -17.50 -11.70
CA PRO A 196 5.33 -17.25 -12.76
C PRO A 196 4.58 -15.92 -12.51
N PRO A 197 3.87 -15.43 -13.53
CA PRO A 197 3.21 -14.11 -13.46
C PRO A 197 1.95 -14.18 -12.59
N TYR A 198 2.18 -14.44 -11.29
CA TYR A 198 1.10 -14.62 -10.32
C TYR A 198 1.03 -13.42 -9.39
N THR A 199 -0.11 -12.73 -9.43
CA THR A 199 -0.42 -11.63 -8.52
C THR A 199 -1.46 -12.14 -7.53
N THR A 200 -1.10 -12.17 -6.23
CA THR A 200 -1.88 -12.92 -5.26
C THR A 200 -2.10 -12.09 -4.05
N LEU A 201 -3.39 -11.82 -3.77
CA LEU A 201 -3.84 -11.03 -2.66
C LEU A 201 -4.59 -11.98 -1.75
N GLU A 202 -4.34 -11.94 -0.43
CA GLU A 202 -4.92 -12.98 0.43
C GLU A 202 -6.43 -12.75 0.65
N THR A 203 -6.88 -11.49 0.62
CA THR A 203 -8.30 -11.20 0.69
C THR A 203 -8.73 -10.28 -0.45
N THR A 204 -10.04 -10.29 -0.71
CA THR A 204 -10.66 -9.31 -1.55
C THR A 204 -11.23 -8.25 -0.64
N PRO A 205 -10.83 -7.00 -0.86
CA PRO A 205 -11.39 -5.85 -0.15
C PRO A 205 -12.84 -5.91 0.31
N VAL A 206 -13.72 -5.82 -0.67
CA VAL A 206 -15.15 -5.99 -0.47
C VAL A 206 -15.61 -6.81 -1.64
N SER A 207 -16.45 -7.81 -1.40
CA SER A 207 -17.19 -8.45 -2.50
C SER A 207 -18.59 -8.68 -2.03
N ARG A 208 -19.47 -8.93 -2.98
CA ARG A 208 -20.83 -9.28 -2.61
C ARG A 208 -21.31 -10.15 -3.75
N GLU A 209 -21.64 -11.40 -3.45
CA GLU A 209 -21.91 -12.32 -4.54
C GLU A 209 -23.24 -11.96 -5.29
N LYS A 210 -23.15 -11.95 -6.60
CA LYS A 210 -24.29 -11.67 -7.47
C LYS A 210 -25.52 -12.46 -7.12
N PRO A 211 -26.67 -11.80 -7.18
CA PRO A 211 -27.91 -12.54 -6.93
C PRO A 211 -28.20 -13.58 -7.97
N PHE A 212 -28.96 -14.59 -7.58
CA PHE A 212 -29.37 -15.64 -8.50
C PHE A 212 -30.75 -16.20 -8.18
N LEU A 213 -31.40 -16.67 -9.23
CA LEU A 213 -32.71 -17.29 -9.06
C LEU A 213 -32.54 -18.73 -8.56
N TYR A 214 -33.45 -19.15 -7.68
CA TYR A 214 -33.42 -20.49 -7.15
C TYR A 214 -34.79 -20.92 -6.67
N LEU A 215 -34.86 -22.20 -6.33
CA LEU A 215 -36.06 -22.80 -5.81
C LEU A 215 -35.83 -23.20 -4.37
N ASP A 216 -36.42 -22.29 -3.55
CA ASP A 216 -36.79 -22.58 -2.15
C ASP A 216 -37.85 -23.78 -1.83
N GLY A 217 -38.68 -24.26 -2.81
CA GLY A 217 -39.28 -25.63 -2.93
C GLY A 217 -39.63 -25.87 -4.42
N ASP A 218 -40.88 -25.55 -4.85
CA ASP A 218 -41.10 -24.87 -6.19
C ASP A 218 -41.71 -23.46 -5.98
N ASP A 219 -41.24 -22.78 -4.93
CA ASP A 219 -41.55 -21.36 -4.69
C ASP A 219 -40.68 -20.26 -5.30
N TYR A 220 -39.52 -20.55 -5.84
CA TYR A 220 -38.89 -19.56 -6.82
C TYR A 220 -38.69 -18.17 -6.27
N LYS A 221 -37.43 -17.91 -5.95
CA LYS A 221 -36.98 -16.72 -5.29
C LYS A 221 -35.65 -16.31 -5.91
N VAL A 222 -35.28 -15.06 -5.70
CA VAL A 222 -33.93 -14.60 -5.99
C VAL A 222 -33.19 -14.43 -4.67
N PHE A 223 -32.03 -15.05 -4.59
CA PHE A 223 -31.15 -14.88 -3.42
C PHE A 223 -30.24 -13.68 -3.63
N VAL A 224 -30.30 -12.75 -2.68
CA VAL A 224 -29.39 -11.61 -2.63
C VAL A 224 -28.37 -11.76 -1.49
N PRO A 225 -27.15 -12.15 -1.84
CA PRO A 225 -26.15 -12.29 -0.76
C PRO A 225 -25.69 -11.00 -0.14
N ALA A 226 -25.34 -11.10 1.11
CA ALA A 226 -24.81 -9.99 1.87
C ALA A 226 -23.34 -9.74 1.49
N LYS A 227 -22.89 -8.48 1.63
CA LYS A 227 -21.48 -8.13 1.46
C LYS A 227 -20.58 -8.81 2.47
N ARG A 228 -19.41 -9.22 2.03
CA ARG A 228 -18.31 -9.40 2.99
C ARG A 228 -17.14 -8.49 2.68
N THR A 229 -16.39 -8.21 3.74
CA THR A 229 -15.28 -7.33 3.68
C THR A 229 -14.05 -8.16 3.96
N ASN A 230 -12.89 -7.70 3.48
CA ASN A 230 -11.68 -8.52 3.52
C ASN A 230 -12.01 -9.97 3.35
N ALA A 231 -12.41 -10.36 2.16
CA ALA A 231 -13.06 -11.64 2.00
C ALA A 231 -12.13 -12.68 1.38
N ARG A 232 -12.38 -13.94 1.73
CA ARG A 232 -11.55 -15.08 1.29
C ARG A 232 -12.35 -16.33 1.31
N GLY A 233 -12.14 -17.19 0.30
CA GLY A 233 -12.85 -18.46 0.23
C GLY A 233 -14.29 -18.30 -0.19
N THR A 234 -15.01 -19.42 -0.31
CA THR A 234 -16.37 -19.36 -0.83
C THR A 234 -17.36 -18.80 0.18
N SER A 235 -18.46 -18.24 -0.32
CA SER A 235 -19.57 -17.69 0.47
C SER A 235 -20.29 -18.83 1.15
N TRP A 236 -20.39 -19.91 0.40
CA TRP A 236 -21.06 -21.10 0.84
C TRP A 236 -20.08 -21.90 1.70
N GLY A 237 -19.47 -22.96 1.20
CA GLY A 237 -19.08 -24.09 2.07
C GLY A 237 -19.88 -24.25 3.38
N ASN A 238 -19.65 -23.32 4.32
CA ASN A 238 -20.23 -23.32 5.69
C ASN A 238 -21.74 -23.62 5.89
N GLY A 239 -22.58 -23.44 4.84
CA GLY A 239 -23.91 -24.06 4.70
C GLY A 239 -25.19 -23.24 4.84
N THR A 240 -25.26 -22.17 4.03
CA THR A 240 -26.25 -21.04 4.01
C THR A 240 -25.49 -19.79 4.44
N PRO A 241 -25.63 -18.65 3.74
CA PRO A 241 -24.89 -17.51 4.34
C PRO A 241 -25.54 -16.09 4.23
N GLU A 242 -26.15 -15.53 5.27
CA GLU A 242 -26.41 -14.06 5.43
C GLU A 242 -27.51 -13.31 4.60
N GLY A 243 -27.60 -13.61 3.34
CA GLY A 243 -28.35 -12.76 2.47
C GLY A 243 -29.82 -12.87 2.66
N GLU A 244 -30.51 -12.43 1.61
CA GLU A 244 -31.95 -12.51 1.52
C GLU A 244 -32.62 -13.11 0.32
N SER A 245 -33.78 -13.69 0.57
CA SER A 245 -34.59 -14.21 -0.53
C SER A 245 -35.80 -13.34 -0.89
N LEU A 246 -35.73 -12.78 -2.10
CA LEU A 246 -36.87 -12.06 -2.63
C LEU A 246 -37.80 -13.04 -3.28
N PRO A 247 -39.11 -12.92 -3.03
CA PRO A 247 -39.97 -13.79 -3.85
C PRO A 247 -40.13 -13.32 -5.29
N LEU A 248 -40.33 -14.25 -6.21
CA LEU A 248 -40.50 -13.90 -7.63
C LEU A 248 -41.66 -12.90 -7.88
N ASP A 249 -42.68 -12.88 -7.04
CA ASP A 249 -43.76 -11.92 -7.29
C ASP A 249 -43.46 -10.46 -6.90
N GLN A 250 -42.29 -10.16 -6.35
CA GLN A 250 -41.88 -8.76 -6.14
C GLN A 250 -40.87 -8.35 -7.25
N PHE A 251 -40.95 -9.07 -8.39
CA PHE A 251 -40.18 -8.78 -9.62
C PHE A 251 -41.09 -8.54 -10.81
N TYR A 252 -40.83 -7.47 -11.56
CA TYR A 252 -41.41 -7.39 -12.87
C TYR A 252 -40.61 -8.28 -13.81
N VAL A 253 -41.31 -9.16 -14.52
CA VAL A 253 -40.67 -10.10 -15.43
C VAL A 253 -40.72 -9.49 -16.84
N VAL A 254 -39.57 -9.00 -17.26
CA VAL A 254 -39.40 -8.35 -18.55
C VAL A 254 -39.48 -9.41 -19.64
N LYS A 255 -40.53 -9.28 -20.47
CA LYS A 255 -40.97 -10.14 -21.62
C LYS A 255 -40.82 -9.31 -22.90
N PRO A 256 -40.60 -9.95 -24.10
CA PRO A 256 -40.71 -9.04 -25.26
C PRO A 256 -42.06 -8.31 -25.24
N GLY A 257 -42.09 -7.06 -25.74
CA GLY A 257 -43.23 -6.17 -25.54
C GLY A 257 -43.00 -5.12 -24.44
N ALA A 258 -41.99 -5.33 -23.58
CA ALA A 258 -41.73 -4.36 -22.51
C ALA A 258 -41.17 -3.06 -23.02
N THR A 259 -41.39 -2.01 -22.24
CA THR A 259 -41.06 -0.64 -22.66
C THR A 259 -40.37 0.02 -21.48
N ALA A 260 -39.44 0.95 -21.71
CA ALA A 260 -38.70 1.54 -20.58
C ALA A 260 -39.69 2.27 -19.69
N GLU A 261 -40.75 2.69 -20.34
CA GLU A 261 -41.90 3.29 -19.72
C GLU A 261 -42.52 2.30 -18.68
N THR A 262 -42.81 1.10 -19.15
CA THR A 262 -43.32 0.03 -18.31
C THR A 262 -42.27 -0.41 -17.25
N ILE A 263 -41.04 -0.65 -17.69
CA ILE A 263 -39.95 -1.05 -16.79
C ILE A 263 -39.78 0.00 -15.71
N ASN A 264 -39.84 1.26 -16.11
CA ASN A 264 -39.57 2.36 -15.19
C ASN A 264 -40.70 2.49 -14.15
N ALA A 265 -41.93 2.26 -14.60
CA ALA A 265 -43.11 2.24 -13.70
C ALA A 265 -43.02 1.09 -12.69
N ALA A 266 -42.35 0.01 -13.08
CA ALA A 266 -42.28 -1.13 -12.17
C ALA A 266 -41.41 -0.80 -10.96
N VAL A 267 -40.33 -0.07 -11.20
CA VAL A 267 -39.40 0.27 -10.15
C VAL A 267 -40.09 1.29 -9.24
N ASP A 268 -40.63 2.31 -9.90
CA ASP A 268 -41.55 3.29 -9.33
C ASP A 268 -42.38 2.67 -8.21
N GLN A 269 -43.05 1.57 -8.58
CA GLN A 269 -44.05 0.92 -7.75
C GLN A 269 -43.42 -0.05 -6.75
N GLY A 270 -42.10 -0.23 -6.80
CA GLY A 270 -41.44 -1.05 -5.82
C GLY A 270 -40.94 -2.40 -6.27
N LEU A 271 -41.23 -2.78 -7.51
CA LEU A 271 -40.79 -4.08 -8.03
C LEU A 271 -39.32 -4.06 -8.42
N HIS A 272 -38.69 -5.21 -8.25
CA HIS A 272 -37.37 -5.46 -8.77
C HIS A 272 -37.55 -5.88 -10.22
N LEU A 273 -36.44 -6.10 -10.92
CA LEU A 273 -36.49 -6.44 -12.34
C LEU A 273 -35.76 -7.73 -12.65
N LEU A 274 -36.44 -8.59 -13.40
CA LEU A 274 -35.88 -9.83 -13.86
C LEU A 274 -36.05 -9.84 -15.37
N PHE A 275 -34.95 -9.63 -16.07
CA PHE A 275 -34.98 -9.68 -17.52
C PHE A 275 -34.85 -11.11 -18.02
N THR A 276 -35.90 -11.64 -18.65
CA THR A 276 -35.84 -12.95 -19.23
C THR A 276 -34.94 -12.87 -20.46
N PRO A 277 -34.43 -14.00 -20.97
CA PRO A 277 -33.51 -13.90 -22.11
C PRO A 277 -34.19 -13.33 -23.34
N GLY A 278 -33.58 -12.27 -23.85
CA GLY A 278 -34.07 -11.64 -25.07
C GLY A 278 -33.28 -10.37 -25.32
N VAL A 279 -33.72 -9.67 -26.35
CA VAL A 279 -33.16 -8.40 -26.78
C VAL A 279 -34.24 -7.32 -26.69
N TYR A 280 -33.93 -6.25 -25.95
CA TYR A 280 -34.90 -5.25 -25.62
C TYR A 280 -34.43 -3.88 -26.10
N HIS A 281 -35.12 -3.33 -27.07
CA HIS A 281 -34.89 -1.96 -27.47
C HIS A 281 -35.62 -1.02 -26.51
N VAL A 282 -34.97 0.09 -26.16
CA VAL A 282 -35.54 1.05 -25.27
C VAL A 282 -35.39 2.48 -25.86
N ASP A 283 -36.49 3.25 -25.84
CA ASP A 283 -36.48 4.60 -26.37
C ASP A 283 -36.19 5.71 -25.37
N GLN A 284 -35.91 5.32 -24.15
CA GLN A 284 -35.60 6.25 -23.06
C GLN A 284 -34.79 5.39 -22.03
N PRO A 285 -34.00 6.04 -21.16
CA PRO A 285 -33.21 5.21 -20.27
C PRO A 285 -34.06 4.41 -19.28
N ILE A 286 -33.59 3.23 -19.00
CA ILE A 286 -34.09 2.50 -17.86
C ILE A 286 -33.55 3.20 -16.63
N GLU A 287 -34.44 3.60 -15.74
CA GLU A 287 -34.04 4.38 -14.58
C GLU A 287 -34.27 3.60 -13.27
N ILE A 288 -33.23 3.47 -12.47
CA ILE A 288 -33.34 2.72 -11.22
C ILE A 288 -33.06 3.66 -10.07
N ASP A 289 -34.14 4.16 -9.47
CA ASP A 289 -34.05 5.18 -8.41
C ASP A 289 -34.73 4.74 -7.11
N ARG A 290 -34.50 3.51 -6.73
CA ARG A 290 -34.97 3.01 -5.45
C ARG A 290 -33.88 2.16 -4.85
N ALA A 291 -33.59 2.44 -3.59
CA ALA A 291 -32.60 1.68 -2.90
C ALA A 291 -32.90 0.19 -2.94
N ASN A 292 -31.83 -0.57 -3.08
CA ASN A 292 -31.86 -2.05 -3.09
C ASN A 292 -32.65 -2.73 -4.17
N THR A 293 -32.72 -2.08 -5.31
CA THR A 293 -33.38 -2.67 -6.47
C THR A 293 -32.43 -3.67 -7.08
N VAL A 294 -32.95 -4.87 -7.31
CA VAL A 294 -32.21 -5.90 -8.04
C VAL A 294 -32.68 -5.83 -9.47
N ALA A 295 -31.71 -5.76 -10.39
CA ALA A 295 -31.91 -5.76 -11.82
C ALA A 295 -31.10 -6.89 -12.39
N LEU A 296 -31.77 -7.98 -12.73
CA LEU A 296 -31.10 -9.27 -12.89
C LEU A 296 -31.47 -9.89 -14.23
N GLY A 297 -30.48 -10.01 -15.11
CA GLY A 297 -30.66 -10.65 -16.41
C GLY A 297 -30.53 -12.18 -16.32
N LEU A 298 -31.25 -12.84 -17.21
CA LEU A 298 -31.01 -14.26 -17.49
C LEU A 298 -30.66 -14.46 -18.95
N GLY A 299 -29.82 -15.45 -19.23
CA GLY A 299 -29.60 -15.89 -20.59
C GLY A 299 -29.03 -14.79 -21.48
N LEU A 300 -28.17 -13.93 -20.93
CA LEU A 300 -27.52 -12.84 -21.66
C LEU A 300 -28.52 -11.81 -22.22
N ALA A 301 -29.58 -11.56 -21.44
CA ALA A 301 -30.53 -10.53 -21.79
C ALA A 301 -29.80 -9.26 -22.15
N THR A 302 -30.27 -8.63 -23.24
CA THR A 302 -29.56 -7.52 -23.86
C THR A 302 -30.44 -6.30 -24.03
N ILE A 303 -29.91 -5.14 -23.68
CA ILE A 303 -30.61 -3.86 -23.79
C ILE A 303 -29.96 -3.06 -24.91
N ILE A 304 -30.76 -2.59 -25.86
CA ILE A 304 -30.28 -1.70 -26.92
C ILE A 304 -30.92 -0.33 -26.84
N PRO A 305 -30.11 0.71 -26.57
CA PRO A 305 -30.71 2.05 -26.54
C PRO A 305 -30.85 2.67 -27.92
N ASP A 306 -32.09 2.90 -28.33
CA ASP A 306 -32.37 3.57 -29.60
C ASP A 306 -32.27 5.10 -29.48
N ASN A 307 -32.22 5.82 -30.61
CA ASN A 307 -32.38 7.28 -30.62
C ASN A 307 -31.27 8.01 -29.84
N GLY A 308 -30.19 7.31 -29.59
CA GLY A 308 -29.01 7.88 -28.92
C GLY A 308 -29.13 8.06 -27.42
N VAL A 309 -30.14 7.41 -26.83
CA VAL A 309 -30.25 7.55 -25.38
C VAL A 309 -29.27 6.66 -24.57
N THR A 310 -29.15 6.96 -23.28
CA THR A 310 -28.46 6.10 -22.34
C THR A 310 -29.36 4.91 -22.04
N ALA A 311 -28.78 3.73 -21.91
CA ALA A 311 -29.57 2.52 -21.69
C ALA A 311 -30.02 2.38 -20.23
N LEU A 312 -29.11 2.60 -19.29
CA LEU A 312 -29.39 2.39 -17.87
C LEU A 312 -28.89 3.57 -17.07
N LYS A 313 -29.76 4.20 -16.31
CA LYS A 313 -29.31 5.14 -15.28
C LYS A 313 -29.81 4.79 -13.88
N VAL A 314 -28.84 4.43 -13.04
CA VAL A 314 -29.00 4.22 -11.60
C VAL A 314 -28.90 5.52 -10.79
N GLY A 315 -29.74 5.63 -9.78
CA GLY A 315 -29.81 6.84 -8.98
C GLY A 315 -28.81 6.87 -7.85
N ASP A 316 -28.86 7.95 -7.05
CA ASP A 316 -27.90 8.18 -5.97
C ASP A 316 -28.37 7.48 -4.69
N VAL A 317 -28.66 6.20 -4.83
CA VAL A 317 -29.24 5.38 -3.77
C VAL A 317 -28.31 4.19 -3.43
N ASP A 318 -28.51 3.64 -2.24
CA ASP A 318 -27.79 2.46 -1.79
C ASP A 318 -28.30 1.20 -2.48
N GLY A 319 -27.39 0.25 -2.62
CA GLY A 319 -27.73 -1.15 -2.73
C GLY A 319 -28.30 -1.69 -4.03
N VAL A 320 -28.22 -0.93 -5.11
CA VAL A 320 -28.75 -1.42 -6.38
C VAL A 320 -27.79 -2.48 -6.86
N LYS A 321 -28.36 -3.56 -7.40
CA LYS A 321 -27.58 -4.72 -7.82
C LYS A 321 -27.96 -5.00 -9.25
N VAL A 322 -27.11 -4.57 -10.15
CA VAL A 322 -27.32 -4.80 -11.56
C VAL A 322 -26.45 -5.97 -11.99
N ALA A 323 -27.02 -6.97 -12.64
CA ALA A 323 -26.18 -8.07 -13.06
C ALA A 323 -26.76 -8.97 -14.18
N GLY A 324 -25.85 -9.46 -15.04
CA GLY A 324 -26.20 -10.41 -16.07
C GLY A 324 -26.78 -9.81 -17.32
N LEU A 325 -26.40 -8.57 -17.60
CA LEU A 325 -26.97 -7.84 -18.71
C LEU A 325 -25.89 -7.51 -19.72
N LEU A 326 -26.26 -7.56 -20.99
CA LEU A 326 -25.41 -7.04 -22.08
C LEU A 326 -26.08 -5.76 -22.59
N VAL A 327 -25.36 -4.66 -22.56
CA VAL A 327 -25.82 -3.42 -23.16
C VAL A 327 -25.10 -3.24 -24.49
N ASP A 328 -25.88 -3.13 -25.56
CA ASP A 328 -25.39 -3.17 -26.93
C ASP A 328 -25.73 -1.86 -27.63
N ALA A 329 -24.72 -1.12 -28.09
CA ALA A 329 -24.98 0.21 -28.63
C ALA A 329 -25.82 0.15 -29.88
N GLY A 330 -26.66 1.16 -30.07
CA GLY A 330 -27.35 1.32 -31.34
C GLY A 330 -26.51 2.13 -32.33
N PRO A 331 -26.94 2.16 -33.60
CA PRO A 331 -26.22 2.93 -34.62
C PRO A 331 -26.20 4.44 -34.39
N VAL A 332 -27.21 4.96 -33.70
CA VAL A 332 -27.16 6.36 -33.28
C VAL A 332 -26.29 6.48 -32.02
N ASN A 333 -25.30 7.36 -32.09
CA ASN A 333 -24.40 7.54 -30.97
C ASN A 333 -25.09 7.92 -29.69
N SER A 334 -24.85 7.13 -28.65
CA SER A 334 -25.19 7.49 -27.30
C SER A 334 -24.06 8.19 -26.58
N GLU A 335 -24.41 9.31 -25.98
CA GLU A 335 -23.52 10.10 -25.12
C GLU A 335 -22.96 9.25 -23.95
N THR A 336 -23.80 8.43 -23.38
CA THR A 336 -23.37 7.36 -22.48
C THR A 336 -24.25 6.16 -22.64
N LEU A 337 -23.74 4.97 -22.28
CA LEU A 337 -24.58 3.79 -22.32
C LEU A 337 -25.08 3.37 -20.94
N VAL A 338 -24.22 3.51 -19.93
CA VAL A 338 -24.58 3.20 -18.55
C VAL A 338 -24.07 4.28 -17.62
N GLU A 339 -24.94 4.79 -16.76
CA GLU A 339 -24.51 5.74 -15.70
C GLU A 339 -24.81 5.14 -14.35
N VAL A 340 -23.88 5.31 -13.40
CA VAL A 340 -24.10 4.81 -12.06
C VAL A 340 -23.94 6.04 -11.14
N GLY A 341 -25.10 6.61 -10.81
CA GLY A 341 -25.16 7.83 -10.06
C GLY A 341 -25.11 9.06 -10.91
N SER A 342 -25.60 10.14 -10.32
CA SER A 342 -25.61 11.42 -10.97
C SER A 342 -24.26 12.15 -11.02
N ASP A 343 -24.17 13.05 -11.99
CA ASP A 343 -22.98 13.88 -12.20
C ASP A 343 -22.53 14.62 -10.90
N GLY A 344 -21.26 14.50 -10.52
CA GLY A 344 -20.77 15.11 -9.27
C GLY A 344 -21.28 14.58 -7.92
N ALA A 345 -21.83 13.36 -7.95
CA ALA A 345 -22.30 12.56 -6.79
C ALA A 345 -21.49 12.63 -5.49
N SER A 346 -22.23 13.11 -4.48
CA SER A 346 -21.73 13.63 -3.20
C SER A 346 -22.27 13.01 -1.86
N GLY A 347 -22.40 11.70 -1.86
CA GLY A 347 -22.87 10.98 -0.70
C GLY A 347 -22.06 9.72 -0.65
N ASP A 348 -22.24 8.94 0.40
CA ASP A 348 -21.50 7.73 0.54
C ASP A 348 -22.46 6.54 0.64
N HIS A 349 -21.97 5.36 0.25
CA HIS A 349 -22.80 4.17 0.20
C HIS A 349 -21.98 2.98 0.71
N ALA A 350 -21.22 3.19 1.78
CA ALA A 350 -20.23 2.17 2.13
C ALA A 350 -20.90 0.92 2.69
N ALA A 351 -21.87 1.11 3.58
CA ALA A 351 -22.52 0.00 4.26
C ALA A 351 -23.29 -0.88 3.25
N ASN A 352 -23.79 -0.27 2.18
CA ASN A 352 -24.65 -0.93 1.20
C ASN A 352 -24.41 -0.37 -0.21
N PRO A 353 -23.32 -0.83 -0.88
CA PRO A 353 -22.82 -0.46 -2.21
C PRO A 353 -23.83 -0.63 -3.28
N THR A 354 -23.76 0.15 -4.37
CA THR A 354 -24.36 -0.26 -5.62
C THR A 354 -23.29 -1.09 -6.33
N SER A 355 -23.71 -2.11 -7.07
CA SER A 355 -22.77 -2.94 -7.83
C SER A 355 -23.25 -3.23 -9.24
N LEU A 356 -22.27 -3.28 -10.14
CA LEU A 356 -22.43 -3.87 -11.47
C LEU A 356 -21.67 -5.20 -11.51
N GLN A 357 -22.35 -6.30 -11.83
CA GLN A 357 -21.66 -7.59 -11.93
C GLN A 357 -22.14 -8.33 -13.19
N ASP A 358 -21.21 -8.94 -13.92
CA ASP A 358 -21.50 -9.49 -15.25
C ASP A 358 -22.32 -8.53 -16.07
N VAL A 359 -21.81 -7.31 -16.15
CA VAL A 359 -22.34 -6.29 -17.02
C VAL A 359 -21.36 -6.17 -18.18
N PHE A 360 -21.89 -6.39 -19.37
CA PHE A 360 -21.09 -6.40 -20.58
C PHE A 360 -21.64 -5.35 -21.50
N VAL A 361 -20.74 -4.66 -22.17
CA VAL A 361 -21.13 -3.59 -23.09
C VAL A 361 -20.43 -3.89 -24.39
N ARG A 362 -21.18 -3.78 -25.49
CA ARG A 362 -20.64 -3.99 -26.81
C ARG A 362 -20.94 -2.76 -27.64
N ILE A 363 -19.95 -2.25 -28.38
CA ILE A 363 -20.18 -1.22 -29.40
C ILE A 363 -19.80 -1.77 -30.78
N GLY A 364 -20.82 -2.07 -31.57
CA GLY A 364 -20.62 -2.63 -32.91
C GLY A 364 -20.52 -4.14 -32.92
N GLY A 365 -20.45 -4.74 -34.13
CA GLY A 365 -20.18 -6.17 -34.29
C GLY A 365 -21.41 -6.89 -34.81
N ALA A 366 -22.57 -6.48 -34.31
CA ALA A 366 -23.86 -7.02 -34.76
C ALA A 366 -24.59 -6.00 -35.59
N GLY A 367 -23.80 -5.19 -36.29
CA GLY A 367 -24.28 -3.99 -36.95
C GLY A 367 -23.57 -2.79 -36.40
N PRO A 368 -23.61 -1.64 -37.12
CA PRO A 368 -22.87 -0.53 -36.54
C PRO A 368 -23.48 -0.04 -35.23
N GLY A 369 -22.59 0.42 -34.36
CA GLY A 369 -22.97 0.96 -33.08
C GLY A 369 -21.92 2.02 -32.69
N LYS A 370 -22.34 3.04 -31.94
CA LYS A 370 -21.44 4.10 -31.53
C LYS A 370 -21.84 4.59 -30.14
N ALA A 371 -20.87 4.97 -29.33
CA ALA A 371 -21.15 5.63 -28.06
C ALA A 371 -19.90 6.35 -27.60
N THR A 372 -20.09 7.51 -27.00
CA THR A 372 -18.99 8.35 -26.56
C THR A 372 -18.25 7.77 -25.33
N THR A 373 -19.00 7.54 -24.26
CA THR A 373 -18.44 6.90 -23.05
C THR A 373 -19.40 5.77 -22.68
N SER A 374 -18.87 4.58 -22.41
CA SER A 374 -19.75 3.45 -22.23
C SER A 374 -20.29 3.35 -20.80
N ILE A 375 -19.40 3.43 -19.82
CA ILE A 375 -19.82 3.40 -18.42
C ILE A 375 -19.20 4.52 -17.62
N VAL A 376 -20.06 5.33 -17.02
CA VAL A 376 -19.63 6.38 -16.09
C VAL A 376 -20.07 6.00 -14.70
N VAL A 377 -19.10 5.89 -13.80
CA VAL A 377 -19.47 5.61 -12.42
C VAL A 377 -19.18 6.82 -11.51
N ASN A 378 -20.28 7.45 -11.15
CA ASN A 378 -20.25 8.63 -10.29
C ASN A 378 -20.37 8.34 -8.81
N SER A 379 -21.18 7.35 -8.45
CA SER A 379 -21.48 7.06 -7.04
C SER A 379 -20.30 6.49 -6.28
N ASN A 380 -20.08 7.07 -5.12
CA ASN A 380 -19.07 6.59 -4.25
C ASN A 380 -19.36 5.16 -3.79
N ASP A 381 -18.28 4.41 -3.59
CA ASP A 381 -18.32 3.08 -3.00
C ASP A 381 -18.82 1.97 -3.96
N THR A 382 -19.03 2.33 -5.20
CA THR A 382 -19.54 1.38 -6.20
C THR A 382 -18.54 0.24 -6.44
N ILE A 383 -19.08 -0.96 -6.58
CA ILE A 383 -18.31 -2.17 -6.87
C ILE A 383 -18.59 -2.62 -8.31
N ILE A 384 -17.55 -2.74 -9.14
CA ILE A 384 -17.71 -3.29 -10.49
C ILE A 384 -16.97 -4.64 -10.46
N ASP A 385 -17.76 -5.72 -10.35
CA ASP A 385 -17.26 -7.07 -10.18
C ASP A 385 -17.56 -7.88 -11.43
N HIS A 386 -16.55 -7.95 -12.27
CA HIS A 386 -16.61 -8.54 -13.64
C HIS A 386 -17.38 -7.70 -14.65
N THR A 387 -16.64 -6.94 -15.45
CA THR A 387 -17.27 -6.27 -16.59
C THR A 387 -16.39 -6.47 -17.82
N TRP A 388 -17.01 -6.58 -19.00
CA TRP A 388 -16.28 -6.52 -20.29
C TRP A 388 -16.91 -5.41 -21.07
N VAL A 389 -16.07 -4.42 -21.38
CA VAL A 389 -16.49 -3.22 -22.08
C VAL A 389 -15.69 -3.17 -23.36
N TRP A 390 -16.38 -3.44 -24.47
CA TRP A 390 -15.74 -3.91 -25.69
C TRP A 390 -16.25 -3.19 -26.93
N ARG A 391 -15.37 -2.41 -27.54
CA ARG A 391 -15.65 -1.83 -28.81
C ARG A 391 -15.28 -2.89 -29.81
N ALA A 392 -16.25 -3.37 -30.59
CA ALA A 392 -16.03 -4.56 -31.42
C ALA A 392 -14.84 -4.38 -32.37
N ASP A 393 -13.96 -5.40 -32.43
CA ASP A 393 -12.83 -5.40 -33.38
C ASP A 393 -13.08 -6.24 -34.61
N HIS A 394 -14.19 -6.99 -34.61
CA HIS A 394 -14.59 -7.78 -35.76
C HIS A 394 -16.11 -7.88 -35.75
N GLY A 395 -16.65 -8.44 -36.81
CA GLY A 395 -18.09 -8.50 -37.03
C GLY A 395 -18.59 -7.45 -38.00
N GLU A 396 -19.91 -7.26 -38.03
CA GLU A 396 -20.53 -6.30 -38.94
C GLU A 396 -20.61 -4.91 -38.32
N GLY A 397 -20.37 -3.89 -39.14
CA GLY A 397 -20.49 -2.53 -38.68
C GLY A 397 -19.36 -2.05 -37.76
N VAL A 398 -18.14 -2.46 -38.09
CA VAL A 398 -16.98 -2.01 -37.34
C VAL A 398 -16.00 -1.29 -38.25
N GLY A 399 -15.27 -0.38 -37.64
CA GLY A 399 -14.32 0.43 -38.35
C GLY A 399 -14.04 1.67 -37.52
N TRP A 400 -12.88 2.26 -37.83
CA TRP A 400 -12.34 3.36 -37.02
C TRP A 400 -13.47 4.36 -36.68
N GLU A 401 -14.17 4.87 -37.71
CA GLU A 401 -15.33 5.75 -37.47
C GLU A 401 -16.67 5.02 -37.47
N THR A 402 -16.78 3.91 -38.18
CA THR A 402 -18.05 3.21 -38.26
C THR A 402 -18.59 2.82 -36.87
N ASN A 403 -17.75 2.23 -36.03
CA ASN A 403 -18.13 1.97 -34.63
C ASN A 403 -17.17 2.68 -33.69
N ARG A 404 -16.74 3.86 -34.14
CA ARG A 404 -16.02 4.81 -33.30
C ARG A 404 -16.64 4.93 -31.90
N ALA A 405 -15.81 4.69 -30.87
CA ALA A 405 -16.22 4.80 -29.47
C ALA A 405 -15.04 5.28 -28.61
N ASP A 406 -15.08 6.54 -28.18
CA ASP A 406 -13.87 7.16 -27.62
C ASP A 406 -13.41 6.60 -26.25
N TYR A 407 -14.35 6.43 -25.33
CA TYR A 407 -14.03 6.18 -23.93
C TYR A 407 -14.79 4.96 -23.38
N GLY A 408 -14.09 4.07 -22.70
CA GLY A 408 -14.75 2.88 -22.16
C GLY A 408 -15.44 3.10 -20.83
N VAL A 409 -14.63 3.25 -19.78
CA VAL A 409 -15.07 3.39 -18.42
C VAL A 409 -14.45 4.63 -17.85
N HIS A 410 -15.31 5.45 -17.26
CA HIS A 410 -14.91 6.66 -16.57
C HIS A 410 -15.32 6.57 -15.11
N VAL A 411 -14.37 6.50 -14.18
CA VAL A 411 -14.75 6.42 -12.77
C VAL A 411 -14.53 7.79 -12.13
N LYS A 412 -15.62 8.46 -11.77
CA LYS A 412 -15.57 9.79 -11.10
C LYS A 412 -15.76 9.70 -9.57
N GLY A 413 -16.46 8.66 -9.11
CA GLY A 413 -16.71 8.48 -7.70
C GLY A 413 -15.49 8.05 -6.91
N ASP A 414 -15.59 8.18 -5.58
CA ASP A 414 -14.52 7.88 -4.66
C ASP A 414 -14.78 6.50 -4.02
N ASN A 415 -13.71 5.79 -3.68
CA ASN A 415 -13.75 4.47 -3.05
C ASN A 415 -14.43 3.38 -3.90
N VAL A 416 -14.30 3.55 -5.21
CA VAL A 416 -14.84 2.59 -6.17
C VAL A 416 -13.87 1.41 -6.31
N LEU A 417 -14.40 0.21 -6.41
CA LEU A 417 -13.60 -1.02 -6.47
C LEU A 417 -13.95 -1.74 -7.72
N ALA A 418 -12.95 -2.07 -8.53
CA ALA A 418 -13.16 -2.90 -9.72
C ALA A 418 -12.40 -4.21 -9.54
N THR A 419 -13.10 -5.33 -9.61
CA THR A 419 -12.55 -6.67 -9.52
C THR A 419 -12.90 -7.41 -10.84
N GLY A 420 -11.89 -7.67 -11.67
CA GLY A 420 -12.16 -8.36 -12.91
C GLY A 420 -12.56 -7.40 -14.03
N LEU A 421 -11.68 -6.46 -14.35
CA LEU A 421 -12.02 -5.35 -15.26
C LEU A 421 -11.43 -5.63 -16.65
N PHE A 422 -12.27 -5.83 -17.65
CA PHE A 422 -11.80 -6.11 -19.02
C PHE A 422 -12.34 -5.00 -19.95
N VAL A 423 -11.47 -4.20 -20.56
CA VAL A 423 -11.94 -3.12 -21.42
C VAL A 423 -11.04 -2.98 -22.67
N GLU A 424 -11.64 -3.00 -23.84
CA GLU A 424 -10.85 -3.17 -25.07
C GLU A 424 -11.32 -2.32 -26.26
N HIS A 425 -10.31 -1.74 -26.90
CA HIS A 425 -10.32 -1.25 -28.30
C HIS A 425 -10.86 0.16 -28.50
N PHE A 426 -11.04 0.92 -27.43
CA PHE A 426 -11.55 2.29 -27.61
C PHE A 426 -10.63 3.25 -28.39
N ASN A 427 -11.27 4.22 -29.06
CA ASN A 427 -10.54 5.20 -29.88
C ASN A 427 -9.50 5.94 -29.03
N LYS A 428 -9.90 6.30 -27.81
CA LYS A 428 -9.12 7.11 -26.89
C LYS A 428 -8.88 6.33 -25.59
N TYR A 429 -9.12 6.92 -24.41
CA TYR A 429 -8.80 6.25 -23.16
C TYR A 429 -9.79 5.12 -22.83
N ASP A 430 -9.31 3.89 -22.72
CA ASP A 430 -10.19 2.77 -22.41
C ASP A 430 -10.77 2.92 -21.02
N VAL A 431 -9.88 3.17 -20.08
CA VAL A 431 -10.27 3.45 -18.71
C VAL A 431 -9.58 4.70 -18.24
N GLN A 432 -10.36 5.53 -17.56
CA GLN A 432 -9.82 6.74 -17.01
C GLN A 432 -10.49 6.98 -15.64
N TRP A 433 -9.67 7.29 -14.64
CA TRP A 433 -10.11 7.30 -13.26
C TRP A 433 -9.81 8.65 -12.62
N SER A 434 -10.87 9.30 -12.17
CA SER A 434 -10.79 10.69 -11.69
C SER A 434 -11.18 10.88 -10.23
N GLY A 435 -11.78 9.84 -9.64
CA GLY A 435 -12.16 9.85 -8.23
C GLY A 435 -11.00 9.34 -7.41
N GLU A 436 -11.04 9.52 -6.09
CA GLU A 436 -9.93 9.06 -5.28
C GLU A 436 -10.14 7.70 -4.61
N ASN A 437 -9.02 7.12 -4.15
CA ASN A 437 -8.99 5.84 -3.46
C ASN A 437 -9.64 4.73 -4.29
N GLY A 438 -9.47 4.81 -5.59
CA GLY A 438 -9.91 3.74 -6.44
C GLY A 438 -8.98 2.55 -6.27
N LYS A 439 -9.54 1.38 -6.48
CA LYS A 439 -8.80 0.10 -6.43
C LYS A 439 -9.23 -0.74 -7.61
N THR A 440 -8.25 -1.25 -8.38
CA THR A 440 -8.50 -2.24 -9.43
C THR A 440 -7.68 -3.50 -9.16
N ILE A 441 -8.40 -4.62 -9.04
CA ILE A 441 -7.78 -5.94 -8.97
C ILE A 441 -8.10 -6.70 -10.22
N PHE A 442 -7.05 -6.86 -11.04
CA PHE A 442 -7.08 -7.41 -12.39
C PHE A 442 -7.64 -6.48 -13.47
N TYR A 443 -6.78 -6.22 -14.45
CA TYR A 443 -7.17 -5.49 -15.67
C TYR A 443 -6.61 -6.13 -16.92
N GLN A 444 -7.48 -6.31 -17.90
CA GLN A 444 -7.10 -6.75 -19.23
C GLN A 444 -7.61 -5.72 -20.26
N ASN A 445 -6.67 -5.24 -21.07
CA ASN A 445 -6.95 -4.34 -22.17
C ASN A 445 -6.28 -4.82 -23.44
N ALA A 446 -6.94 -4.60 -24.57
CA ALA A 446 -6.26 -4.57 -25.86
C ALA A 446 -6.65 -3.26 -26.52
N LYS A 447 -5.66 -2.62 -27.11
CA LYS A 447 -5.86 -1.34 -27.76
C LYS A 447 -6.65 -1.52 -29.06
N ALA A 448 -7.11 -0.41 -29.61
CA ALA A 448 -7.78 -0.45 -30.91
C ALA A 448 -6.87 -1.08 -31.97
N TYR A 449 -7.39 -2.07 -32.71
CA TYR A 449 -6.61 -2.75 -33.74
C TYR A 449 -6.64 -1.98 -35.07
N ASP A 450 -7.61 -1.07 -35.22
CA ASP A 450 -7.84 -0.38 -36.49
C ASP A 450 -7.39 1.09 -36.56
N ALA A 451 -6.48 1.51 -35.70
CA ALA A 451 -5.97 2.86 -35.81
C ALA A 451 -5.32 2.96 -37.17
N PRO A 452 -5.66 4.01 -37.95
CA PRO A 452 -5.17 4.11 -39.35
C PRO A 452 -3.70 4.53 -39.49
N ASP A 453 -3.25 5.33 -38.55
CA ASP A 453 -1.92 5.93 -38.62
C ASP A 453 -1.65 6.62 -37.26
N GLN A 454 -0.39 6.97 -37.02
CA GLN A 454 -0.01 7.59 -35.76
C GLN A 454 -0.86 8.82 -35.50
N ALA A 455 -0.98 9.63 -36.56
CA ALA A 455 -1.76 10.87 -36.55
C ALA A 455 -3.06 10.72 -35.80
N ALA A 456 -3.70 9.57 -35.94
CA ALA A 456 -5.06 9.40 -35.41
C ALA A 456 -5.15 9.30 -33.87
N ILE A 457 -4.11 8.78 -33.25
CA ILE A 457 -4.12 8.46 -31.82
C ILE A 457 -3.23 9.39 -31.01
N GLN A 458 -2.78 10.46 -31.65
CA GLN A 458 -2.01 11.49 -30.97
C GLN A 458 -2.87 12.12 -29.85
N ASN A 459 -2.33 12.12 -28.60
CA ASN A 459 -2.98 12.64 -27.40
C ASN A 459 -2.12 13.77 -26.85
N GLY A 460 -2.40 15.01 -27.25
CA GLY A 460 -1.48 16.12 -26.94
C GLY A 460 -0.02 15.69 -27.20
N ASP A 461 0.79 15.68 -26.16
CA ASP A 461 2.17 15.18 -26.28
C ASP A 461 2.28 13.72 -25.88
N ILE A 462 1.35 12.91 -26.33
CA ILE A 462 1.57 11.51 -26.09
C ILE A 462 1.22 10.82 -27.36
N LYS A 463 2.07 9.88 -27.76
CA LYS A 463 1.68 8.92 -28.78
C LYS A 463 0.71 7.95 -28.16
N GLY A 464 -0.54 8.06 -28.55
CA GLY A 464 -1.59 7.18 -28.07
C GLY A 464 -2.24 7.65 -26.81
N TYR A 465 -3.34 6.96 -26.48
CA TYR A 465 -4.07 7.14 -25.25
C TYR A 465 -3.85 5.93 -24.40
N ALA A 466 -3.49 6.15 -23.17
CA ALA A 466 -3.31 5.04 -22.24
C ALA A 466 -4.54 4.17 -22.24
N ALA A 467 -4.33 2.88 -22.05
CA ALA A 467 -5.42 1.97 -21.70
C ALA A 467 -6.05 2.27 -20.33
N TYR A 468 -5.26 2.80 -19.41
CA TYR A 468 -5.72 3.07 -18.05
C TYR A 468 -5.00 4.32 -17.56
N LYS A 469 -5.76 5.43 -17.45
CA LYS A 469 -5.26 6.70 -16.97
C LYS A 469 -5.87 7.11 -15.65
N VAL A 470 -5.01 7.52 -14.74
CA VAL A 470 -5.44 8.17 -13.53
C VAL A 470 -5.13 9.65 -13.65
N ASP A 471 -6.16 10.50 -13.40
CA ASP A 471 -6.04 11.98 -13.44
C ASP A 471 -4.81 12.38 -12.60
N ASP A 472 -4.12 13.42 -13.04
CA ASP A 472 -2.96 13.97 -12.32
C ASP A 472 -3.39 14.51 -10.95
N SER A 473 -4.68 14.92 -10.86
CA SER A 473 -5.28 15.58 -9.66
C SER A 473 -5.44 14.64 -8.41
N VAL A 474 -5.36 13.33 -8.67
CA VAL A 474 -5.59 12.23 -7.71
C VAL A 474 -4.49 11.97 -6.65
N THR A 475 -4.93 11.94 -5.41
CA THR A 475 -4.01 11.67 -4.35
C THR A 475 -3.75 10.17 -4.07
N THR A 476 -4.78 9.30 -4.06
CA THR A 476 -4.59 7.87 -3.79
C THR A 476 -5.31 7.01 -4.86
N HIS A 477 -4.58 6.01 -5.35
CA HIS A 477 -5.12 4.96 -6.25
C HIS A 477 -4.27 3.72 -6.08
N GLU A 478 -4.85 2.55 -6.35
CA GLU A 478 -4.05 1.34 -6.34
C GLU A 478 -4.57 0.27 -7.30
N GLY A 479 -3.66 -0.32 -8.07
CA GLY A 479 -4.01 -1.32 -9.07
C GLY A 479 -3.10 -2.53 -9.00
N TRP A 480 -3.66 -3.72 -9.18
CA TRP A 480 -2.92 -4.97 -9.14
C TRP A 480 -3.24 -5.86 -10.33
N GLY A 481 -2.20 -6.32 -11.01
CA GLY A 481 -2.36 -7.38 -12.02
C GLY A 481 -2.98 -6.87 -13.33
N MET A 482 -2.25 -6.03 -14.04
CA MET A 482 -2.82 -5.23 -15.11
C MET A 482 -2.00 -5.29 -16.42
N GLY A 483 -2.66 -5.66 -17.51
CA GLY A 483 -2.01 -5.79 -18.81
C GLY A 483 -2.76 -5.08 -19.92
N SER A 484 -1.96 -4.50 -20.83
CA SER A 484 -2.48 -3.89 -22.05
C SER A 484 -1.72 -4.47 -23.27
N TYR A 485 -2.48 -4.93 -24.28
CA TYR A 485 -1.88 -5.54 -25.48
C TYR A 485 -2.21 -4.70 -26.75
N CYS A 486 -1.28 -4.69 -27.69
CA CYS A 486 -1.51 -4.00 -28.98
C CYS A 486 -1.43 -4.96 -30.17
N TYR A 487 -2.19 -4.63 -31.21
CA TYR A 487 -2.24 -5.37 -32.45
C TYR A 487 -2.76 -4.43 -33.53
N PHE A 488 -1.86 -3.53 -33.89
CA PHE A 488 -2.16 -2.49 -34.84
C PHE A 488 -1.95 -3.16 -36.17
N ASN A 489 -2.93 -3.94 -36.62
CA ASN A 489 -2.72 -4.71 -37.85
C ASN A 489 -3.15 -3.95 -39.10
N VAL A 490 -3.85 -2.82 -38.95
CA VAL A 490 -4.04 -1.89 -40.07
C VAL A 490 -2.79 -1.08 -40.38
N ASN A 491 -2.07 -0.61 -39.35
CA ASN A 491 -0.77 0.06 -39.60
C ASN A 491 0.21 -0.31 -38.49
N PRO A 492 0.98 -1.39 -38.71
CA PRO A 492 1.87 -1.91 -37.68
C PRO A 492 3.15 -1.10 -37.41
N ASP A 493 3.36 0.06 -38.04
CA ASP A 493 4.50 0.89 -37.67
C ASP A 493 4.08 1.94 -36.62
N ILE A 494 2.81 1.88 -36.21
CA ILE A 494 2.33 2.69 -35.10
C ILE A 494 3.08 2.35 -33.83
N ARG A 495 3.26 3.38 -33.02
CA ARG A 495 3.77 3.28 -31.67
C ARG A 495 2.75 3.76 -30.63
N GLN A 496 2.64 2.97 -29.57
CA GLN A 496 1.78 3.30 -28.43
C GLN A 496 2.70 3.68 -27.30
N GLN A 497 2.60 4.90 -26.78
CA GLN A 497 3.62 5.31 -25.84
C GLN A 497 3.65 4.50 -24.60
N HIS A 498 2.48 4.23 -24.02
CA HIS A 498 2.40 3.43 -22.79
C HIS A 498 1.05 2.74 -22.67
N GLY A 499 1.00 1.71 -21.79
CA GLY A 499 -0.26 1.13 -21.40
C GLY A 499 -0.98 1.90 -20.31
N PHE A 500 -0.22 2.48 -19.38
CA PHE A 500 -0.74 3.10 -18.15
C PHE A 500 -0.20 4.53 -18.02
N GLN A 501 -1.03 5.43 -17.49
CA GLN A 501 -0.65 6.84 -17.27
C GLN A 501 -1.16 7.26 -15.91
N ALA A 502 -0.30 7.85 -15.09
CA ALA A 502 -0.72 8.15 -13.72
C ALA A 502 0.36 8.93 -13.05
N PRO A 503 -0.02 9.68 -11.99
CA PRO A 503 0.92 10.55 -11.32
C PRO A 503 1.94 9.76 -10.56
N VAL A 504 3.09 10.39 -10.38
CA VAL A 504 4.16 9.83 -9.60
C VAL A 504 4.08 10.31 -8.18
N LYS A 505 3.39 9.55 -7.34
CA LYS A 505 3.17 9.88 -5.93
C LYS A 505 3.17 8.60 -5.12
N PRO A 506 3.58 8.69 -3.86
CA PRO A 506 3.57 7.43 -3.10
C PRO A 506 2.16 6.89 -2.84
N GLY A 507 1.14 7.72 -3.04
CA GLY A 507 -0.23 7.36 -2.73
C GLY A 507 -0.94 6.75 -3.93
N VAL A 508 -0.33 6.92 -5.12
CA VAL A 508 -0.73 6.25 -6.38
C VAL A 508 0.21 5.10 -6.75
N LYS A 509 -0.34 3.90 -6.65
CA LYS A 509 0.43 2.66 -6.52
C LYS A 509 -0.02 1.60 -7.53
N PHE A 510 0.91 1.04 -8.30
CA PHE A 510 0.65 -0.12 -9.15
C PHE A 510 1.62 -1.27 -8.87
N HIS A 511 1.04 -2.47 -9.02
CA HIS A 511 1.69 -3.74 -8.86
C HIS A 511 1.43 -4.64 -10.04
N ASP A 512 2.52 -5.17 -10.60
CA ASP A 512 2.52 -6.18 -11.66
C ASP A 512 1.80 -5.67 -12.89
N LEU A 513 2.53 -4.82 -13.60
CA LEU A 513 2.09 -4.18 -14.83
C LEU A 513 2.79 -4.83 -16.02
N LEU A 514 2.04 -5.01 -17.08
CA LEU A 514 2.65 -5.51 -18.33
C LEU A 514 2.01 -4.89 -19.57
N VAL A 515 2.83 -4.70 -20.62
CA VAL A 515 2.32 -4.40 -21.95
C VAL A 515 2.91 -5.40 -22.92
N VAL A 516 2.15 -5.73 -23.96
CA VAL A 516 2.59 -6.73 -24.90
C VAL A 516 2.17 -6.42 -26.31
N SER A 517 3.11 -6.56 -27.25
CA SER A 517 2.78 -6.43 -28.65
C SER A 517 2.44 -7.79 -29.26
N LEU A 518 1.23 -7.90 -29.80
CA LEU A 518 0.86 -9.16 -30.40
C LEU A 518 1.61 -9.34 -31.73
N GLY A 519 2.76 -9.98 -31.66
CA GLY A 519 3.45 -10.45 -32.85
C GLY A 519 3.94 -9.35 -33.79
N GLY A 520 4.43 -8.23 -33.26
CA GLY A 520 5.04 -7.23 -34.11
C GLY A 520 4.17 -6.13 -34.66
N LYS A 521 2.86 -6.23 -34.43
CA LYS A 521 1.90 -5.27 -34.99
C LYS A 521 1.81 -4.03 -34.10
N GLY A 522 2.69 -3.08 -34.38
CA GLY A 522 2.88 -1.97 -33.49
C GLY A 522 3.77 -2.38 -32.34
N GLN A 523 4.27 -1.39 -31.61
CA GLN A 523 4.99 -1.64 -30.38
C GLN A 523 4.65 -0.60 -29.33
N TYR A 524 4.90 -0.95 -28.07
CA TYR A 524 4.84 0.00 -26.97
C TYR A 524 6.22 0.63 -26.79
N GLU A 525 6.26 1.90 -26.43
CA GLU A 525 7.51 2.57 -26.11
C GLU A 525 7.91 2.42 -24.65
N HIS A 526 6.90 2.35 -23.80
CA HIS A 526 7.08 2.17 -22.37
C HIS A 526 5.89 1.39 -21.81
N VAL A 527 5.98 1.02 -20.52
CA VAL A 527 4.87 0.36 -19.84
C VAL A 527 3.87 1.35 -19.22
N ILE A 528 4.39 2.29 -18.44
CA ILE A 528 3.59 3.32 -17.78
C ILE A 528 4.35 4.64 -17.80
N ASN A 529 3.66 5.73 -18.11
CA ASN A 529 4.32 7.01 -18.28
C ASN A 529 5.51 6.84 -19.28
N ASP A 530 6.73 7.26 -18.91
CA ASP A 530 7.93 6.99 -19.72
C ASP A 530 8.82 5.92 -19.07
N ILE A 531 8.20 5.07 -18.26
CA ILE A 531 8.90 4.02 -17.49
C ILE A 531 8.69 2.64 -18.06
N GLY A 532 9.78 1.89 -18.10
CA GLY A 532 9.74 0.51 -18.50
C GLY A 532 10.09 0.34 -19.94
N ASP A 533 10.65 -0.81 -20.24
CA ASP A 533 11.22 -1.10 -21.53
C ASP A 533 10.17 -1.07 -22.64
N PRO A 534 10.54 -0.63 -23.84
CA PRO A 534 9.60 -0.79 -24.95
C PRO A 534 9.43 -2.26 -25.23
N THR A 535 8.38 -2.63 -25.95
CA THR A 535 8.32 -3.98 -26.47
C THR A 535 9.21 -4.01 -27.72
N SER A 536 9.71 -5.19 -28.08
CA SER A 536 10.59 -5.30 -29.23
C SER A 536 10.44 -6.68 -29.83
N GLY A 537 10.62 -6.78 -31.14
CA GLY A 537 10.58 -8.04 -31.89
C GLY A 537 9.13 -8.34 -32.31
N ASP A 538 8.90 -9.48 -32.96
CA ASP A 538 7.54 -9.98 -33.22
C ASP A 538 7.32 -11.27 -32.41
N THR A 539 7.87 -11.33 -31.21
CA THR A 539 7.83 -12.57 -30.38
C THR A 539 6.90 -12.50 -29.14
N THR A 540 6.20 -11.40 -29.02
CA THR A 540 5.11 -11.30 -28.05
C THR A 540 5.63 -11.52 -26.60
N ILE A 541 6.85 -11.11 -26.33
CA ILE A 541 7.31 -11.11 -24.96
C ILE A 541 6.82 -9.87 -24.23
N PRO A 542 6.13 -10.05 -23.09
CA PRO A 542 5.70 -8.86 -22.38
C PRO A 542 6.82 -7.98 -21.87
N SER A 543 6.61 -6.68 -21.83
CA SER A 543 7.46 -5.75 -21.09
C SER A 543 6.76 -5.49 -19.76
N GLN A 544 7.45 -5.76 -18.67
CA GLN A 544 6.83 -5.71 -17.35
C GLN A 544 7.40 -4.66 -16.47
N VAL A 545 6.60 -4.29 -15.50
CA VAL A 545 7.03 -3.44 -14.42
C VAL A 545 6.40 -4.04 -13.13
N VAL A 546 7.24 -4.55 -12.21
CA VAL A 546 6.76 -5.09 -10.96
C VAL A 546 6.09 -4.03 -10.03
N SER A 547 6.71 -2.85 -9.93
CA SER A 547 6.40 -1.87 -8.89
C SER A 547 6.42 -0.39 -9.33
N PHE A 548 5.42 0.38 -8.90
CA PHE A 548 5.37 1.80 -9.18
C PHE A 548 4.54 2.53 -8.10
N PRO A 549 5.06 3.66 -7.51
CA PRO A 549 6.46 4.02 -7.20
C PRO A 549 6.75 4.23 -5.61
N VAL B 2 -14.98 16.39 21.56
CA VAL B 2 -13.65 15.82 21.28
C VAL B 2 -13.49 14.54 22.08
N VAL B 3 -13.30 13.42 21.38
CA VAL B 3 -13.50 12.10 21.98
C VAL B 3 -12.14 11.40 22.11
N GLY B 4 -11.98 10.67 23.19
CA GLY B 4 -10.69 10.09 23.53
C GLY B 4 -10.85 8.61 23.52
N GLY B 5 -9.75 7.93 23.21
CA GLY B 5 -9.68 6.48 23.17
C GLY B 5 -10.08 5.90 21.81
N GLY B 6 -10.42 4.63 21.81
CA GLY B 6 -10.86 3.97 20.58
C GLY B 6 -9.86 2.94 20.06
N ASP B 7 -10.10 2.51 18.81
CA ASP B 7 -9.31 1.43 18.23
C ASP B 7 -8.09 2.07 17.58
N LEU B 8 -7.02 1.30 17.47
CA LEU B 8 -5.73 1.80 17.00
C LEU B 8 -5.65 1.92 15.48
N GLY B 9 -6.56 1.25 14.78
CA GLY B 9 -6.72 1.47 13.37
C GLY B 9 -6.14 0.39 12.47
N PRO B 10 -6.15 0.64 11.14
CA PRO B 10 -5.77 -0.30 10.06
C PRO B 10 -4.29 -0.56 9.99
N ASN B 11 -3.50 0.32 10.61
CA ASN B 11 -2.07 0.26 10.46
C ASN B 11 -1.30 -0.14 11.74
N VAL B 12 -2.00 -0.33 12.85
CA VAL B 12 -1.42 -1.07 13.96
C VAL B 12 -1.84 -2.55 13.95
N LEU B 13 -0.88 -3.44 13.71
CA LEU B 13 -1.12 -4.87 13.64
C LEU B 13 -0.84 -5.54 14.98
N VAL B 14 -1.83 -6.24 15.51
CA VAL B 14 -1.76 -6.73 16.85
C VAL B 14 -1.74 -8.26 16.81
N PHE B 15 -0.85 -8.83 17.60
CA PHE B 15 -0.65 -10.27 17.67
C PHE B 15 -0.80 -10.75 19.10
N ASP B 16 -1.45 -11.89 19.28
CA ASP B 16 -1.30 -12.66 20.52
C ASP B 16 -0.74 -14.04 20.13
N PRO B 17 -0.25 -14.82 21.09
CA PRO B 17 0.15 -16.16 20.67
C PRO B 17 -1.08 -16.99 20.41
N SER B 18 -1.32 -17.31 19.15
CA SER B 18 -2.57 -17.89 18.64
C SER B 18 -3.09 -17.12 17.49
N THR B 19 -2.78 -15.81 17.46
CA THR B 19 -3.29 -14.97 16.39
C THR B 19 -2.73 -15.79 15.24
N PRO B 20 -3.53 -16.08 14.20
CA PRO B 20 -3.00 -17.11 13.29
C PRO B 20 -1.94 -16.60 12.29
N ASP B 21 -1.03 -17.47 11.87
CA ASP B 21 -0.13 -17.20 10.75
C ASP B 21 0.81 -15.99 10.98
N ILE B 22 1.46 -15.94 12.14
CA ILE B 22 2.20 -14.74 12.54
C ILE B 22 3.44 -14.52 11.68
N GLN B 23 4.08 -15.59 11.25
CA GLN B 23 5.30 -15.43 10.48
C GLN B 23 4.96 -14.88 9.08
N GLY B 24 3.90 -15.39 8.45
CA GLY B 24 3.57 -14.94 7.10
C GLY B 24 3.15 -13.47 7.12
N LYS B 25 2.38 -13.14 8.15
CA LYS B 25 1.91 -11.77 8.44
C LYS B 25 3.07 -10.82 8.52
N VAL B 26 3.97 -11.11 9.45
CA VAL B 26 5.10 -10.23 9.68
C VAL B 26 6.00 -10.31 8.45
N ASP B 27 6.00 -11.45 7.77
CA ASP B 27 6.67 -11.51 6.47
C ASP B 27 6.03 -10.63 5.35
N GLU B 28 4.67 -10.57 5.23
CA GLU B 28 4.01 -9.70 4.22
C GLU B 28 4.38 -8.23 4.44
N VAL B 29 4.37 -7.75 5.70
CA VAL B 29 4.73 -6.35 5.94
C VAL B 29 6.16 -6.14 5.42
N PHE B 30 7.06 -7.10 5.67
CA PHE B 30 8.46 -6.96 5.27
C PHE B 30 8.67 -6.97 3.75
N ARG B 31 7.90 -7.75 3.03
CA ARG B 31 8.07 -7.76 1.59
C ARG B 31 7.76 -6.40 1.02
N LYS B 32 6.70 -5.79 1.55
CA LYS B 32 6.30 -4.43 1.15
C LYS B 32 7.38 -3.39 1.51
N GLN B 33 7.96 -3.53 2.69
CA GLN B 33 8.73 -2.45 3.28
C GLN B 33 10.22 -2.56 3.16
N GLU B 34 10.71 -3.74 2.84
CA GLU B 34 12.12 -3.98 2.77
C GLU B 34 12.91 -2.91 1.98
N SER B 35 12.46 -2.58 0.78
CA SER B 35 13.12 -1.60 -0.11
C SER B 35 12.39 -0.24 -0.14
N ASN B 36 11.41 -0.06 0.75
CA ASN B 36 10.47 1.09 0.68
C ASN B 36 11.01 2.30 1.45
N GLN B 37 12.10 2.90 0.97
CA GLN B 37 12.83 3.90 1.72
C GLN B 37 12.08 5.24 1.90
N PHE B 38 11.28 5.59 0.92
CA PHE B 38 10.67 6.91 0.91
C PHE B 38 9.15 6.88 0.72
N GLY B 39 8.56 5.69 0.79
CA GLY B 39 7.12 5.53 0.68
C GLY B 39 6.37 6.05 1.90
N THR B 40 5.05 6.20 1.77
CA THR B 40 4.23 6.74 2.83
C THR B 40 3.53 5.66 3.69
N ASP B 41 3.67 4.38 3.34
CA ASP B 41 3.05 3.36 4.19
C ASP B 41 3.81 3.28 5.53
N ARG B 42 3.09 2.96 6.61
CA ARG B 42 3.63 2.92 7.96
C ARG B 42 2.99 1.73 8.70
N TYR B 43 3.79 1.05 9.52
CA TYR B 43 3.32 -0.09 10.28
C TYR B 43 3.82 -0.11 11.71
N ALA B 44 2.92 -0.46 12.64
CA ALA B 44 3.31 -0.82 14.01
C ALA B 44 2.85 -2.24 14.29
N LEU B 45 3.77 -3.09 14.72
CA LEU B 45 3.50 -4.48 15.01
C LEU B 45 3.60 -4.61 16.51
N MET B 46 2.48 -4.76 17.24
CA MET B 46 2.56 -4.98 18.66
C MET B 46 2.29 -6.43 18.94
N PHE B 47 3.00 -6.93 19.93
CA PHE B 47 2.81 -8.32 20.40
C PHE B 47 2.31 -8.34 21.83
N LYS B 48 1.13 -8.93 22.05
CA LYS B 48 0.63 -9.09 23.43
C LYS B 48 1.54 -10.01 24.24
N PRO B 49 1.56 -9.84 25.58
CA PRO B 49 2.31 -10.74 26.47
C PRO B 49 2.01 -12.19 26.20
N GLY B 50 3.05 -12.99 26.31
CA GLY B 50 2.93 -14.43 26.21
C GLY B 50 4.27 -14.87 25.63
N THR B 51 4.28 -16.00 24.95
CA THR B 51 5.47 -16.38 24.22
C THR B 51 5.20 -16.79 22.80
N TYR B 52 6.24 -16.64 22.01
CA TYR B 52 6.17 -16.77 20.58
C TYR B 52 7.37 -17.60 20.13
N ASN B 53 7.07 -18.68 19.41
CA ASN B 53 8.04 -19.60 18.86
C ASN B 53 8.12 -19.53 17.33
N ASP B 54 9.27 -19.98 16.80
CA ASP B 54 9.58 -20.01 15.38
C ASP B 54 9.20 -18.68 14.70
N ILE B 55 9.79 -17.61 15.20
CA ILE B 55 9.51 -16.27 14.70
C ILE B 55 10.83 -15.65 14.33
N ASN B 56 10.88 -15.05 13.15
CA ASN B 56 12.01 -14.22 12.78
C ASN B 56 11.42 -12.97 12.20
N ALA B 57 11.18 -11.96 13.02
CA ALA B 57 10.55 -10.73 12.52
C ALA B 57 11.61 -9.87 11.85
N GLN B 58 11.67 -9.94 10.52
CA GLN B 58 12.53 -9.02 9.77
C GLN B 58 11.81 -7.65 9.62
N ILE B 59 12.57 -6.60 9.86
CA ILE B 59 12.01 -5.28 10.00
C ILE B 59 12.51 -4.39 8.86
N GLY B 60 11.57 -3.93 8.03
CA GLY B 60 11.88 -2.98 6.98
C GLY B 60 11.72 -1.52 7.36
N PHE B 61 11.77 -0.64 6.36
CA PHE B 61 11.45 0.76 6.56
C PHE B 61 10.12 0.99 7.26
N TYR B 62 10.09 2.00 8.13
CA TYR B 62 8.86 2.53 8.73
C TYR B 62 8.02 1.45 9.41
N THR B 63 8.71 0.53 10.06
CA THR B 63 8.06 -0.54 10.81
C THR B 63 8.63 -0.46 12.21
N SER B 64 7.73 -0.32 13.18
CA SER B 64 8.06 -0.45 14.58
C SER B 64 7.59 -1.84 15.08
N ILE B 65 8.33 -2.42 16.01
CA ILE B 65 7.90 -3.71 16.60
C ILE B 65 8.12 -3.57 18.09
N ALA B 66 7.14 -4.00 18.86
CA ALA B 66 7.22 -3.91 20.31
C ALA B 66 6.32 -4.91 21.00
N GLY B 67 6.65 -5.16 22.25
CA GLY B 67 5.86 -5.94 23.19
C GLY B 67 4.97 -5.03 24.06
N LEU B 68 3.88 -5.60 24.55
CA LEU B 68 2.85 -4.85 25.27
C LEU B 68 2.74 -5.23 26.75
N GLY B 69 3.84 -5.70 27.32
CA GLY B 69 3.87 -6.19 28.71
C GLY B 69 4.52 -5.23 29.68
N LEU B 70 4.42 -5.50 30.99
CA LEU B 70 4.96 -4.58 32.01
C LEU B 70 6.40 -4.84 32.39
N ASN B 71 7.04 -5.66 31.55
CA ASN B 71 8.48 -5.79 31.50
C ASN B 71 8.82 -6.49 30.20
N PRO B 72 10.05 -6.29 29.71
CA PRO B 72 10.41 -6.83 28.39
C PRO B 72 10.21 -8.36 28.37
N ASP B 73 10.52 -8.99 29.49
CA ASP B 73 10.42 -10.44 29.53
C ASP B 73 8.96 -10.95 29.51
N ASP B 74 7.99 -10.03 29.64
CA ASP B 74 6.58 -10.37 29.47
C ASP B 74 6.29 -10.93 28.06
N THR B 75 6.99 -10.40 27.06
CA THR B 75 6.71 -10.76 25.66
C THR B 75 8.01 -11.29 25.09
N THR B 76 8.09 -12.62 25.00
CA THR B 76 9.30 -13.31 24.63
C THR B 76 9.17 -13.93 23.28
N PHE B 77 10.22 -13.78 22.51
CA PHE B 77 10.32 -14.41 21.22
C PHE B 77 11.40 -15.47 21.33
N ASN B 78 11.03 -16.71 21.02
CA ASN B 78 12.05 -17.72 20.74
C ASN B 78 12.30 -17.64 19.27
N GLY B 79 13.35 -16.91 18.94
CA GLY B 79 13.44 -16.28 17.65
C GLY B 79 14.02 -14.88 17.71
N ASP B 80 13.74 -14.09 16.66
CA ASP B 80 14.59 -12.95 16.33
C ASP B 80 13.77 -11.74 15.89
N VAL B 81 14.36 -10.56 16.12
CA VAL B 81 13.93 -9.30 15.51
C VAL B 81 15.11 -8.83 14.66
N THR B 82 15.05 -9.06 13.34
CA THR B 82 16.19 -8.97 12.44
C THR B 82 16.12 -7.73 11.56
N VAL B 83 17.26 -7.06 11.44
CA VAL B 83 17.51 -6.13 10.33
C VAL B 83 18.82 -6.51 9.66
N ASP B 84 18.77 -6.68 8.35
CA ASP B 84 19.92 -7.04 7.54
C ASP B 84 19.87 -6.16 6.27
N ALA B 85 20.82 -6.34 5.36
CA ALA B 85 21.05 -5.39 4.27
C ALA B 85 20.96 -6.02 2.85
N GLY B 86 20.43 -7.22 2.76
CA GLY B 86 20.29 -7.85 1.47
C GLY B 86 19.81 -6.92 0.38
N TRP B 87 18.92 -5.99 0.76
CA TRP B 87 18.23 -5.14 -0.20
C TRP B 87 19.16 -4.12 -0.87
N PHE B 88 20.18 -3.66 -0.14
CA PHE B 88 21.16 -2.72 -0.66
C PHE B 88 22.48 -3.41 -0.89
N ASP B 89 22.40 -4.59 -1.51
CA ASP B 89 23.57 -5.43 -1.82
C ASP B 89 24.66 -5.62 -0.73
N GLY B 90 24.24 -5.57 0.55
CA GLY B 90 25.13 -5.81 1.68
C GLY B 90 25.47 -4.56 2.48
N ASN B 91 25.13 -3.39 1.96
CA ASN B 91 25.47 -2.09 2.60
C ASN B 91 24.30 -1.64 3.50
N ALA B 92 24.57 -1.41 4.78
CA ALA B 92 23.54 -1.13 5.77
C ALA B 92 23.35 0.36 5.99
N THR B 93 24.03 1.19 5.19
CA THR B 93 23.99 2.65 5.42
C THR B 93 22.73 3.33 4.94
N GLN B 94 21.70 2.59 4.56
CA GLN B 94 20.42 3.22 4.35
C GLN B 94 19.30 2.53 5.13
N ASN B 95 19.67 1.78 6.17
CA ASN B 95 18.67 1.09 7.00
C ASN B 95 18.09 1.98 8.09
N PHE B 96 17.29 2.96 7.65
CA PHE B 96 16.77 3.98 8.54
C PHE B 96 15.33 3.71 8.99
N TRP B 97 14.87 4.46 9.98
CA TRP B 97 13.41 4.70 10.26
C TRP B 97 12.65 3.42 10.61
N ARG B 98 13.08 2.79 11.71
CA ARG B 98 12.40 1.59 12.19
C ARG B 98 12.76 1.43 13.68
N SER B 99 12.12 0.54 14.41
CA SER B 99 12.37 0.52 15.86
C SER B 99 11.99 -0.80 16.47
N ALA B 100 12.65 -1.12 17.58
CA ALA B 100 12.30 -2.29 18.40
C ALA B 100 12.26 -1.90 19.85
N GLU B 101 11.21 -2.35 20.56
CA GLU B 101 11.07 -2.02 21.97
C GLU B 101 10.29 -3.03 22.84
N ASN B 102 10.74 -3.20 24.08
CA ASN B 102 9.93 -3.88 25.10
C ASN B 102 9.60 -5.34 24.76
N LEU B 103 10.66 -6.01 24.29
CA LEU B 103 10.65 -7.43 23.91
C LEU B 103 11.89 -8.15 24.53
N ALA B 104 11.72 -9.45 24.83
CA ALA B 104 12.85 -10.30 25.12
C ALA B 104 13.07 -11.23 23.91
N LEU B 105 14.32 -11.39 23.51
CA LEU B 105 14.67 -12.25 22.39
C LEU B 105 15.58 -13.39 22.83
N ASN B 106 15.27 -14.57 22.34
CA ASN B 106 16.06 -15.78 22.52
C ASN B 106 16.45 -16.20 21.10
N PRO B 107 17.50 -15.58 20.57
CA PRO B 107 17.76 -15.70 19.13
C PRO B 107 18.14 -17.12 18.72
N VAL B 108 17.67 -17.52 17.56
CA VAL B 108 17.68 -18.91 17.15
C VAL B 108 19.09 -19.52 17.09
N ASN B 109 20.10 -18.72 16.76
CA ASN B 109 21.47 -19.20 16.78
C ASN B 109 22.35 -18.53 17.82
N GLY B 110 21.70 -17.97 18.83
CA GLY B 110 22.37 -17.38 19.97
C GLY B 110 22.70 -15.89 19.83
N THR B 111 22.59 -15.37 18.61
CA THR B 111 22.96 -13.97 18.34
C THR B 111 21.91 -13.33 17.46
N ASN B 112 21.35 -12.20 17.90
CA ASN B 112 20.35 -11.49 17.11
C ASN B 112 21.06 -10.42 16.28
N ARG B 113 20.60 -10.21 15.06
CA ARG B 113 21.23 -9.20 14.20
C ARG B 113 20.34 -7.96 14.01
N TRP B 114 20.88 -6.79 14.35
CA TRP B 114 20.20 -5.50 14.21
C TRP B 114 21.16 -4.56 13.45
N ALA B 115 21.29 -4.81 12.15
CA ALA B 115 22.27 -4.13 11.33
C ALA B 115 21.67 -2.86 10.74
N VAL B 116 21.57 -1.84 11.58
CA VAL B 116 20.84 -0.62 11.24
C VAL B 116 21.77 0.56 11.09
N SER B 117 21.25 1.66 10.53
CA SER B 117 21.96 2.93 10.55
C SER B 117 21.11 3.90 11.35
N GLN B 118 20.98 5.16 10.94
CA GLN B 118 20.36 6.17 11.79
C GLN B 118 18.87 5.99 11.93
N ALA B 119 18.33 6.53 13.02
CA ALA B 119 16.89 6.55 13.32
C ALA B 119 16.30 5.14 13.39
N ALA B 120 17.02 4.26 14.08
CA ALA B 120 16.62 2.86 14.24
C ALA B 120 16.79 2.46 15.69
N PRO B 121 15.97 3.04 16.57
CA PRO B 121 16.18 2.80 18.01
C PRO B 121 15.81 1.37 18.52
N PHE B 122 16.55 0.98 19.56
CA PHE B 122 16.47 -0.38 20.18
C PHE B 122 16.41 -0.05 21.66
N ARG B 123 15.19 -0.09 22.21
CA ARG B 123 14.95 0.38 23.57
C ARG B 123 14.29 -0.69 24.40
N ARG B 124 14.62 -0.72 25.68
CA ARG B 124 13.90 -1.60 26.59
C ARG B 124 13.85 -3.04 26.08
N MET B 125 14.99 -3.51 25.57
CA MET B 125 15.11 -4.83 24.97
C MET B 125 15.91 -5.73 25.93
N HIS B 126 15.53 -7.00 26.00
CA HIS B 126 16.39 -8.01 26.64
C HIS B 126 16.75 -9.10 25.65
N VAL B 127 18.02 -9.12 25.26
CA VAL B 127 18.54 -10.14 24.39
C VAL B 127 19.25 -11.26 25.15
N LYS B 128 18.69 -12.46 25.08
CA LYS B 128 19.23 -13.63 25.81
C LYS B 128 20.30 -14.33 24.96
N GLY B 129 21.19 -13.53 24.40
CA GLY B 129 22.36 -14.01 23.69
C GLY B 129 23.19 -12.79 23.28
N GLY B 130 23.69 -12.84 22.08
CA GLY B 130 24.55 -11.81 21.58
C GLY B 130 23.79 -10.92 20.64
N LEU B 131 24.40 -9.79 20.29
CA LEU B 131 23.77 -8.80 19.40
C LEU B 131 24.80 -8.38 18.39
N ASN B 132 24.56 -8.77 17.15
CA ASN B 132 25.38 -8.41 16.02
C ASN B 132 24.77 -7.17 15.35
N LEU B 133 25.55 -6.10 15.30
CA LEU B 133 25.11 -4.82 14.71
C LEU B 133 25.51 -4.68 13.26
N ALA B 134 26.12 -5.71 12.66
CA ALA B 134 26.61 -5.61 11.28
C ALA B 134 25.79 -6.48 10.34
N PRO B 135 25.64 -6.03 9.09
CA PRO B 135 24.92 -6.85 8.11
C PRO B 135 25.73 -8.05 7.70
N ASP B 136 25.11 -8.89 6.91
CA ASP B 136 25.95 -9.92 6.31
C ASP B 136 26.71 -9.54 5.06
N GLY B 137 27.97 -9.95 5.14
CA GLY B 137 29.07 -9.36 4.37
C GLY B 137 30.04 -8.52 5.20
N TYR B 138 29.63 -8.04 6.40
CA TYR B 138 30.35 -7.04 7.18
C TYR B 138 30.55 -5.73 6.37
N GLY B 139 29.64 -5.52 5.43
CA GLY B 139 29.60 -4.26 4.66
C GLY B 139 29.33 -3.05 5.55
N TRP B 140 29.32 -1.88 4.93
CA TRP B 140 29.23 -0.63 5.66
C TRP B 140 27.97 -0.46 6.55
N ALA B 141 28.16 0.24 7.66
CA ALA B 141 27.04 0.53 8.55
C ALA B 141 27.33 1.79 9.36
N SER B 142 26.28 2.55 9.68
CA SER B 142 26.43 3.83 10.37
C SER B 142 25.28 4.16 11.38
N GLY B 143 25.18 3.32 12.40
CA GLY B 143 24.22 3.50 13.48
C GLY B 143 24.80 4.38 14.56
N GLY B 144 24.26 4.36 15.77
CA GLY B 144 23.16 3.56 16.19
C GLY B 144 22.87 3.92 17.64
N TYR B 145 21.83 3.31 18.18
CA TYR B 145 21.28 3.75 19.46
C TYR B 145 20.66 2.61 20.24
N ILE B 146 21.21 2.35 21.42
CA ILE B 146 20.63 1.36 22.34
C ILE B 146 20.45 2.05 23.66
N ALA B 147 19.25 1.92 24.23
CA ALA B 147 18.98 2.42 25.56
C ALA B 147 18.11 1.48 26.37
N ASP B 148 18.35 1.50 27.67
CA ASP B 148 17.55 0.79 28.66
C ASP B 148 17.41 -0.69 28.31
N SER B 149 18.50 -1.30 27.88
CA SER B 149 18.49 -2.68 27.41
C SER B 149 19.49 -3.54 28.16
N LYS B 150 19.25 -4.83 28.11
CA LYS B 150 20.16 -5.84 28.71
C LYS B 150 20.48 -6.85 27.62
N ILE B 151 21.76 -6.88 27.23
CA ILE B 151 22.26 -7.83 26.25
C ILE B 151 23.10 -8.85 26.99
N ASP B 152 22.58 -10.07 27.11
CA ASP B 152 23.18 -11.08 27.99
C ASP B 152 24.60 -11.44 27.61
N GLY B 153 24.87 -11.56 26.32
CA GLY B 153 26.22 -11.82 25.86
C GLY B 153 26.87 -10.61 25.23
N GLU B 154 27.58 -10.82 24.13
CA GLU B 154 28.47 -9.80 23.57
C GLU B 154 27.76 -8.93 22.53
N VAL B 155 27.97 -7.63 22.64
CA VAL B 155 27.57 -6.68 21.61
C VAL B 155 28.69 -6.66 20.58
N GLY B 156 28.38 -7.01 19.34
CA GLY B 156 29.39 -7.03 18.28
C GLY B 156 29.11 -5.98 17.18
N PRO B 157 29.89 -4.89 17.18
CA PRO B 157 29.60 -3.88 16.16
C PRO B 157 30.27 -4.15 14.79
N TYR B 158 31.40 -4.88 14.79
CA TYR B 158 32.20 -5.15 13.59
C TYR B 158 32.44 -3.88 12.71
N SER B 159 31.75 -3.77 11.59
CA SER B 159 31.88 -2.64 10.65
C SER B 159 31.20 -1.35 11.07
N GLN B 160 30.37 -1.38 12.11
CA GLN B 160 29.70 -0.12 12.55
C GLN B 160 30.67 1.00 12.86
N GLN B 161 30.46 2.17 12.23
CA GLN B 161 31.45 3.24 12.40
C GLN B 161 31.46 3.76 13.82
N GLN B 162 30.26 3.90 14.35
CA GLN B 162 30.08 4.52 15.65
C GLN B 162 28.77 4.02 16.26
N TRP B 163 28.58 4.32 17.54
CA TRP B 163 27.40 3.82 18.27
C TRP B 163 27.26 4.53 19.60
N TYR B 164 26.02 4.66 20.09
CA TYR B 164 25.77 5.20 21.41
C TYR B 164 24.88 4.25 22.20
N THR B 165 25.32 3.94 23.40
CA THR B 165 24.57 3.06 24.28
C THR B 165 24.42 3.76 25.59
N ARG B 166 23.19 3.79 26.10
CA ARG B 166 22.99 4.33 27.46
C ARG B 166 22.10 3.49 28.36
N ASP B 167 22.44 3.57 29.64
CA ASP B 167 21.61 3.07 30.74
C ASP B 167 21.13 1.65 30.47
N SER B 168 22.13 0.79 30.37
CA SER B 168 21.97 -0.56 29.87
C SER B 168 23.00 -1.46 30.55
N SER B 169 22.92 -2.75 30.22
CA SER B 169 23.94 -3.72 30.62
C SER B 169 24.31 -4.61 29.42
N VAL B 170 25.60 -4.86 29.27
CA VAL B 170 26.09 -5.73 28.20
C VAL B 170 27.03 -6.78 28.80
N GLY B 171 27.00 -7.98 28.25
CA GLY B 171 27.87 -9.05 28.72
C GLY B 171 29.28 -8.87 28.21
N GLY B 172 29.47 -7.97 27.24
CA GLY B 172 30.77 -7.69 26.62
C GLY B 172 30.58 -6.85 25.37
N TRP B 173 31.67 -6.30 24.89
CA TRP B 173 31.66 -5.38 23.74
C TRP B 173 32.88 -5.65 22.88
N GLY B 174 32.66 -5.96 21.60
CA GLY B 174 33.70 -6.56 20.79
C GLY B 174 34.76 -5.66 20.21
N ASN B 175 34.38 -4.44 19.85
CA ASN B 175 35.34 -3.57 19.19
C ASN B 175 34.72 -2.23 18.95
N GLY B 176 35.61 -1.28 18.70
CA GLY B 176 35.21 0.06 18.27
C GLY B 176 35.93 0.44 16.99
N VAL B 177 35.23 1.16 16.10
CA VAL B 177 35.74 1.57 14.80
C VAL B 177 36.21 3.03 14.85
N TRP B 178 35.28 3.99 14.79
CA TRP B 178 35.60 5.41 15.00
C TRP B 178 35.17 6.05 16.33
N ASN B 179 33.99 5.67 16.85
CA ASN B 179 33.44 6.35 18.03
C ASN B 179 32.32 5.57 18.71
N MET B 180 32.68 4.69 19.64
CA MET B 180 31.68 4.01 20.46
C MET B 180 31.70 4.78 21.78
N THR B 181 30.51 5.29 22.13
CA THR B 181 30.30 6.05 23.35
C THR B 181 29.27 5.34 24.24
N PHE B 182 29.49 5.41 25.55
CA PHE B 182 28.66 4.70 26.52
C PHE B 182 28.42 5.66 27.69
N SER B 183 27.17 5.72 28.19
CA SER B 183 26.88 6.43 29.43
C SER B 183 25.93 5.56 30.28
N GLY B 184 26.34 5.29 31.50
CA GLY B 184 25.54 4.44 32.35
C GLY B 184 25.42 2.99 31.93
N VAL B 185 26.45 2.46 31.29
CA VAL B 185 26.35 1.10 30.75
C VAL B 185 27.17 0.13 31.59
N GLU B 186 26.47 -0.77 32.29
CA GLU B 186 27.17 -1.80 33.03
C GLU B 186 27.81 -2.75 32.06
N GLY B 187 29.10 -2.98 32.22
CA GLY B 187 29.82 -3.90 31.34
C GLY B 187 30.44 -3.21 30.16
N ALA B 188 30.28 -1.89 30.07
CA ALA B 188 30.92 -1.12 29.00
C ALA B 188 32.44 -1.29 29.05
N PRO B 189 33.10 -1.25 27.90
CA PRO B 189 34.57 -1.26 28.05
C PRO B 189 35.06 0.05 28.69
N ALA B 190 36.19 -0.03 29.38
CA ALA B 190 36.75 1.14 30.05
C ALA B 190 37.06 2.28 29.07
N GLN B 191 37.06 3.51 29.58
CA GLN B 191 37.49 4.68 28.80
C GLN B 191 38.86 4.42 28.21
N SER B 192 39.04 4.59 26.90
CA SER B 192 40.38 4.37 26.29
C SER B 192 40.73 5.17 25.05
N PHE B 193 39.90 6.16 24.72
CA PHE B 193 40.05 6.90 23.47
C PHE B 193 41.49 7.43 23.53
N PRO B 194 42.20 7.43 22.40
CA PRO B 194 41.81 7.15 21.01
C PRO B 194 41.79 5.70 20.57
N GLU B 195 42.50 4.85 21.31
CA GLU B 195 42.69 3.42 20.92
C GLU B 195 42.41 2.43 22.05
N PRO B 196 41.41 1.51 21.88
CA PRO B 196 40.32 1.56 20.88
C PRO B 196 39.45 2.81 21.18
N PRO B 197 38.64 3.26 20.22
CA PRO B 197 37.91 4.55 20.33
C PRO B 197 36.66 4.51 21.23
N TYR B 198 36.89 4.29 22.53
CA TYR B 198 35.85 4.11 23.51
C TYR B 198 35.75 5.29 24.43
N THR B 199 34.57 5.93 24.41
CA THR B 199 34.22 7.04 25.26
C THR B 199 33.22 6.53 26.27
N THR B 200 33.67 6.45 27.52
CA THR B 200 32.94 5.73 28.56
C THR B 200 32.74 6.66 29.73
N LEU B 201 31.45 6.87 30.09
CA LEU B 201 30.98 7.68 31.20
C LEU B 201 30.23 6.80 32.19
N GLU B 202 30.60 6.91 33.47
CA GLU B 202 29.96 6.14 34.56
C GLU B 202 28.45 6.19 34.50
N THR B 203 27.92 7.38 34.33
CA THR B 203 26.48 7.65 34.45
C THR B 203 26.01 8.58 33.37
N THR B 204 24.68 8.59 33.15
CA THR B 204 24.04 9.61 32.29
C THR B 204 23.53 10.68 33.23
N PRO B 205 23.84 11.96 32.95
CA PRO B 205 23.47 13.04 33.88
C PRO B 205 21.99 13.08 34.27
N VAL B 206 21.14 13.06 33.26
CA VAL B 206 19.74 12.72 33.51
C VAL B 206 19.23 11.94 32.31
N SER B 207 18.24 11.11 32.58
CA SER B 207 17.53 10.40 31.53
C SER B 207 16.14 10.10 32.01
N ARG B 208 15.25 9.96 31.05
CA ARG B 208 13.87 9.62 31.34
C ARG B 208 13.46 8.71 30.21
N GLU B 209 13.06 7.50 30.55
CA GLU B 209 12.81 6.52 29.51
C GLU B 209 11.58 6.87 28.67
N LYS B 210 11.62 6.47 27.40
CA LYS B 210 10.55 6.79 26.42
C LYS B 210 9.22 6.20 26.89
N PRO B 211 8.14 7.00 26.84
CA PRO B 211 6.82 6.39 27.10
C PRO B 211 6.47 5.32 26.07
N PHE B 212 5.62 4.35 26.44
CA PHE B 212 5.25 3.33 25.48
C PHE B 212 3.88 2.72 25.81
N LEU B 213 3.21 2.24 24.76
CA LEU B 213 1.92 1.57 24.84
C LEU B 213 2.10 0.18 25.48
N TYR B 214 1.20 -0.17 26.37
CA TYR B 214 1.17 -1.52 26.92
C TYR B 214 -0.25 -1.91 27.32
N LEU B 215 -0.46 -3.20 27.55
CA LEU B 215 -1.78 -3.70 27.97
C LEU B 215 -1.84 -3.91 29.49
N ASP B 216 -2.93 -3.50 30.10
CA ASP B 216 -3.22 -3.84 31.48
C ASP B 216 -4.61 -4.56 31.47
N GLY B 217 -4.56 -5.88 31.26
CA GLY B 217 -5.77 -6.67 30.99
C GLY B 217 -5.97 -6.76 29.47
N ASP B 218 -7.05 -6.19 28.96
CA ASP B 218 -6.95 -5.55 27.64
C ASP B 218 -7.56 -4.16 27.65
N ASP B 219 -7.32 -3.43 28.74
CA ASP B 219 -7.29 -2.00 28.70
C ASP B 219 -5.92 -1.68 28.06
N TYR B 220 -5.86 -0.76 27.10
CA TYR B 220 -4.56 -0.23 26.68
C TYR B 220 -4.22 0.98 27.53
N LYS B 221 -2.93 1.15 27.79
CA LYS B 221 -2.39 2.31 28.48
C LYS B 221 -1.05 2.67 27.90
N VAL B 222 -0.56 3.84 28.32
CA VAL B 222 0.77 4.33 28.01
C VAL B 222 1.54 4.49 29.33
N PHE B 223 2.63 3.76 29.47
CA PHE B 223 3.52 3.89 30.62
C PHE B 223 4.45 5.07 30.43
N VAL B 224 4.51 5.94 31.43
CA VAL B 224 5.33 7.14 31.37
C VAL B 224 6.39 7.08 32.49
N PRO B 225 7.60 6.60 32.16
CA PRO B 225 8.68 6.48 33.15
C PRO B 225 9.09 7.78 33.79
N ALA B 226 9.56 7.64 35.02
CA ALA B 226 9.96 8.77 35.82
C ALA B 226 11.43 8.98 35.54
N LYS B 227 11.89 10.22 35.67
CA LYS B 227 13.30 10.49 35.38
C LYS B 227 14.22 9.86 36.39
N ARG B 228 15.40 9.46 35.91
CA ARG B 228 16.55 9.15 36.74
C ARG B 228 17.65 10.18 36.61
N THR B 229 18.21 10.57 37.74
CA THR B 229 19.43 11.36 37.75
C THR B 229 20.59 10.42 38.07
N ASN B 230 21.74 10.62 37.44
CA ASN B 230 22.88 9.71 37.58
C ASN B 230 22.56 8.26 37.21
N ALA B 231 21.89 8.11 36.07
CA ALA B 231 21.40 6.84 35.58
C ALA B 231 22.55 5.90 35.21
N ARG B 232 22.42 4.64 35.60
CA ARG B 232 23.35 3.58 35.18
C ARG B 232 22.60 2.25 35.16
N GLY B 233 22.69 1.51 34.06
CA GLY B 233 22.02 0.24 33.95
C GLY B 233 20.53 0.40 33.63
N THR B 234 19.81 -0.71 33.44
CA THR B 234 18.41 -0.59 33.08
C THR B 234 17.55 -0.08 34.24
N SER B 235 16.35 0.34 33.87
CA SER B 235 15.37 0.89 34.76
C SER B 235 14.37 -0.16 35.25
N TRP B 236 14.34 -1.26 34.54
CA TRP B 236 13.34 -2.31 34.75
C TRP B 236 13.96 -3.57 35.31
N GLY B 237 15.29 -3.62 35.49
CA GLY B 237 15.88 -4.81 36.13
C GLY B 237 15.07 -5.17 37.38
N ASN B 238 14.92 -4.23 38.29
CA ASN B 238 14.50 -4.51 39.68
C ASN B 238 12.98 -4.51 40.08
N GLY B 239 12.04 -4.38 39.13
CA GLY B 239 10.59 -4.23 39.43
C GLY B 239 9.83 -3.23 38.54
N THR B 240 8.57 -2.85 38.88
CA THR B 240 7.89 -1.74 38.16
C THR B 240 8.86 -0.60 38.32
N PRO B 241 9.24 0.10 37.21
CA PRO B 241 9.99 1.28 37.61
C PRO B 241 9.02 2.29 38.06
N GLU B 242 9.55 3.35 38.65
CA GLU B 242 8.82 4.56 38.89
C GLU B 242 8.31 5.17 37.60
N GLY B 243 6.99 5.21 37.55
CA GLY B 243 6.33 5.91 36.48
C GLY B 243 4.85 5.79 36.72
N GLU B 244 4.08 6.16 35.72
CA GLU B 244 2.64 5.95 35.79
C GLU B 244 2.03 5.94 34.41
N SER B 245 0.78 5.40 34.44
CA SER B 245 0.02 4.80 33.33
C SER B 245 -1.21 5.63 32.98
N LEU B 246 -1.12 6.20 31.78
CA LEU B 246 -2.18 6.99 31.21
C LEU B 246 -3.11 6.00 30.52
N PRO B 247 -4.41 5.98 30.90
CA PRO B 247 -5.32 5.08 30.20
C PRO B 247 -5.53 5.58 28.79
N LEU B 248 -5.81 4.68 27.85
CA LEU B 248 -5.88 5.07 26.44
C LEU B 248 -7.00 6.10 26.23
N ASP B 249 -8.01 6.10 27.09
CA ASP B 249 -9.11 7.06 26.93
C ASP B 249 -8.70 8.50 27.23
N GLN B 250 -7.50 8.67 27.78
CA GLN B 250 -6.92 9.98 28.03
C GLN B 250 -6.07 10.50 26.84
N PHE B 251 -6.16 9.78 25.72
CA PHE B 251 -5.43 10.17 24.50
C PHE B 251 -6.36 10.42 23.34
N TYR B 252 -6.14 11.50 22.61
CA TYR B 252 -6.73 11.64 21.28
C TYR B 252 -5.96 10.75 20.31
N VAL B 253 -6.67 9.90 19.56
CA VAL B 253 -6.04 8.89 18.67
C VAL B 253 -5.99 9.42 17.26
N VAL B 254 -4.91 10.11 16.94
CA VAL B 254 -4.78 10.81 15.68
C VAL B 254 -4.68 9.78 14.58
N LYS B 255 -5.49 9.97 13.56
CA LYS B 255 -5.46 9.16 12.38
C LYS B 255 -5.21 10.15 11.23
N PRO B 256 -4.67 9.63 10.15
CA PRO B 256 -4.78 10.26 8.83
C PRO B 256 -6.23 10.79 8.60
N GLY B 257 -6.41 12.12 8.40
CA GLY B 257 -7.73 12.78 8.28
C GLY B 257 -7.80 13.97 9.25
N ALA B 258 -7.49 13.67 10.51
CA ALA B 258 -7.18 14.61 11.58
C ALA B 258 -6.52 15.92 11.17
N THR B 259 -7.27 16.98 11.17
CA THR B 259 -6.64 18.26 11.02
C THR B 259 -5.86 18.60 12.29
N ALA B 260 -4.81 19.38 12.11
CA ALA B 260 -4.19 20.07 13.21
C ALA B 260 -5.29 20.62 14.10
N GLU B 261 -6.16 21.42 13.49
CA GLU B 261 -7.30 22.03 14.16
C GLU B 261 -7.76 21.21 15.38
N THR B 262 -8.09 19.95 15.14
CA THR B 262 -8.62 19.09 16.21
C THR B 262 -7.54 18.61 17.17
N ILE B 263 -6.34 18.39 16.64
CA ILE B 263 -5.20 17.95 17.45
C ILE B 263 -4.97 18.99 18.50
N ASN B 264 -4.88 20.22 18.05
CA ASN B 264 -4.72 21.30 19.01
C ASN B 264 -5.92 21.41 19.94
N ALA B 265 -7.09 21.12 19.40
CA ALA B 265 -8.33 21.12 20.16
C ALA B 265 -8.19 20.09 21.29
N ALA B 266 -7.74 18.90 20.94
CA ALA B 266 -7.58 17.84 21.94
C ALA B 266 -6.63 18.27 23.06
N VAL B 267 -5.46 18.77 22.67
CA VAL B 267 -4.55 19.26 23.68
C VAL B 267 -5.23 20.38 24.47
N ASP B 268 -5.81 21.36 23.77
CA ASP B 268 -6.53 22.48 24.44
C ASP B 268 -7.61 21.97 25.39
N GLN B 269 -8.26 20.87 25.04
CA GLN B 269 -9.26 20.34 25.95
C GLN B 269 -8.74 19.27 26.97
N GLY B 270 -7.44 18.99 26.99
CA GLY B 270 -6.88 18.12 28.02
C GLY B 270 -6.39 16.72 27.66
N LEU B 271 -6.48 16.34 26.39
CA LEU B 271 -6.08 14.99 25.97
C LEU B 271 -4.59 14.96 25.65
N HIS B 272 -4.01 13.80 25.84
CA HIS B 272 -2.72 13.50 25.26
C HIS B 272 -2.90 13.13 23.79
N LEU B 273 -1.79 12.90 23.10
CA LEU B 273 -1.81 12.59 21.68
C LEU B 273 -1.12 11.26 21.39
N LEU B 274 -1.83 10.38 20.70
CA LEU B 274 -1.24 9.15 20.19
C LEU B 274 -1.43 9.16 18.69
N PHE B 275 -0.33 9.35 17.98
CA PHE B 275 -0.35 9.31 16.53
C PHE B 275 -0.23 7.88 16.06
N THR B 276 -1.31 7.35 15.47
CA THR B 276 -1.18 6.01 14.89
C THR B 276 -0.46 6.10 13.57
N PRO B 277 0.02 4.95 13.03
CA PRO B 277 0.96 5.07 11.92
C PRO B 277 0.36 5.58 10.63
N GLY B 278 0.97 6.65 10.13
CA GLY B 278 0.60 7.25 8.87
C GLY B 278 1.33 8.57 8.67
N VAL B 279 0.87 9.34 7.69
CA VAL B 279 1.51 10.58 7.27
C VAL B 279 0.43 11.66 7.39
N TYR B 280 0.70 12.66 8.22
CA TYR B 280 -0.27 13.68 8.60
C TYR B 280 0.14 15.06 8.09
N HIS B 281 -0.61 15.63 7.15
CA HIS B 281 -0.27 16.99 6.68
C HIS B 281 -0.96 18.00 7.61
N VAL B 282 -0.28 19.06 7.98
CA VAL B 282 -0.87 20.09 8.80
C VAL B 282 -0.60 21.46 8.16
N ASP B 283 -1.55 22.38 8.25
CA ASP B 283 -1.27 23.70 7.69
C ASP B 283 -1.45 24.77 8.77
N GLN B 284 -1.55 24.29 10.00
CA GLN B 284 -1.26 25.10 11.17
C GLN B 284 -0.28 24.28 12.03
N PRO B 285 0.57 24.99 12.80
CA PRO B 285 1.43 24.21 13.68
C PRO B 285 0.66 23.45 14.78
N ILE B 286 1.17 22.27 15.11
CA ILE B 286 0.72 21.58 16.30
C ILE B 286 1.23 22.33 17.49
N GLU B 287 0.35 22.60 18.44
CA GLU B 287 0.74 23.36 19.63
C GLU B 287 0.46 22.52 20.87
N ILE B 288 1.51 22.29 21.64
CA ILE B 288 1.44 21.53 22.87
C ILE B 288 1.92 22.44 24.01
N ASP B 289 0.96 23.07 24.69
CA ASP B 289 1.21 24.12 25.69
C ASP B 289 0.50 23.88 27.03
N ARG B 290 0.15 22.61 27.28
CA ARG B 290 -0.30 22.10 28.58
C ARG B 290 0.81 21.23 29.19
N ALA B 291 1.11 21.47 30.47
CA ALA B 291 2.16 20.70 31.11
C ALA B 291 1.84 19.21 31.13
N ASN B 292 2.89 18.39 31.05
CA ASN B 292 2.77 16.92 31.16
C ASN B 292 2.13 16.19 29.96
N THR B 293 1.91 16.92 28.88
CA THR B 293 1.36 16.32 27.67
C THR B 293 2.34 15.35 27.05
N VAL B 294 1.83 14.16 26.75
CA VAL B 294 2.57 13.14 26.02
C VAL B 294 2.08 13.11 24.56
N ALA B 295 3.00 13.18 23.62
CA ALA B 295 2.72 13.08 22.20
C ALA B 295 3.53 11.95 21.65
N LEU B 296 2.89 10.80 21.59
CA LEU B 296 3.56 9.53 21.28
C LEU B 296 3.18 9.05 19.87
N GLY B 297 4.18 8.86 19.01
CA GLY B 297 3.95 8.29 17.68
C GLY B 297 4.19 6.78 17.65
N LEU B 298 3.36 6.10 16.87
CA LEU B 298 3.48 4.68 16.57
C LEU B 298 3.89 4.46 15.11
N GLY B 299 4.74 3.48 14.87
CA GLY B 299 5.04 3.06 13.51
C GLY B 299 5.56 4.20 12.61
N LEU B 300 6.44 5.05 13.16
CA LEU B 300 7.12 6.09 12.37
C LEU B 300 6.09 7.10 11.80
N ALA B 301 5.06 7.33 12.59
CA ALA B 301 4.11 8.40 12.35
C ALA B 301 4.82 9.69 11.96
N THR B 302 4.36 10.30 10.88
CA THR B 302 5.07 11.40 10.25
C THR B 302 4.16 12.63 10.10
N ILE B 303 4.72 13.82 10.37
CA ILE B 303 4.01 15.09 10.24
C ILE B 303 4.70 15.87 9.14
N ILE B 304 3.92 16.35 8.19
CA ILE B 304 4.42 17.23 7.13
C ILE B 304 3.73 18.58 7.25
N PRO B 305 4.51 19.65 7.51
CA PRO B 305 3.89 20.97 7.51
C PRO B 305 3.83 21.62 6.11
N ASP B 306 2.60 21.83 5.67
CA ASP B 306 2.28 22.52 4.43
C ASP B 306 2.40 24.03 4.57
N ASN B 307 2.49 24.73 3.43
CA ASN B 307 2.38 26.19 3.40
C ASN B 307 3.47 26.91 4.20
N GLY B 308 4.60 26.23 4.43
CA GLY B 308 5.74 26.81 5.14
C GLY B 308 5.57 26.96 6.65
N VAL B 309 4.55 26.34 7.22
CA VAL B 309 4.36 26.47 8.64
C VAL B 309 5.34 25.61 9.45
N THR B 310 5.44 25.95 10.73
CA THR B 310 6.14 25.13 11.69
C THR B 310 5.29 23.90 12.01
N ALA B 311 5.88 22.71 12.09
CA ALA B 311 5.11 21.50 12.33
C ALA B 311 4.69 21.38 13.79
N LEU B 312 5.62 21.64 14.69
CA LEU B 312 5.40 21.32 16.09
C LEU B 312 6.01 22.39 16.97
N LYS B 313 5.18 22.93 17.85
CA LYS B 313 5.63 23.86 18.89
C LYS B 313 5.22 23.34 20.25
N VAL B 314 6.18 23.35 21.16
CA VAL B 314 5.89 23.08 22.56
C VAL B 314 6.02 24.41 23.28
N GLY B 315 5.09 24.68 24.18
CA GLY B 315 5.16 25.96 24.85
C GLY B 315 5.99 25.89 26.11
N ASP B 316 5.91 26.96 26.91
CA ASP B 316 6.76 27.14 28.08
C ASP B 316 6.11 26.47 29.29
N VAL B 317 6.20 25.15 29.28
CA VAL B 317 5.56 24.33 30.28
C VAL B 317 6.45 23.12 30.59
N ASP B 318 6.22 22.55 31.76
CA ASP B 318 7.00 21.43 32.21
C ASP B 318 6.48 20.12 31.60
N GLY B 319 7.38 19.14 31.45
CA GLY B 319 6.97 17.76 31.37
C GLY B 319 6.40 17.25 30.07
N VAL B 320 6.50 18.02 29.02
CA VAL B 320 6.01 17.57 27.73
C VAL B 320 6.95 16.49 27.21
N LYS B 321 6.37 15.40 26.75
CA LYS B 321 7.13 14.26 26.24
C LYS B 321 6.69 13.97 24.81
N VAL B 322 7.59 14.24 23.89
CA VAL B 322 7.32 13.97 22.50
C VAL B 322 8.24 12.87 22.08
N ALA B 323 7.65 11.83 21.52
CA ALA B 323 8.45 10.67 21.20
C ALA B 323 7.93 9.93 19.98
N GLY B 324 8.86 9.48 19.15
CA GLY B 324 8.54 8.59 18.05
C GLY B 324 7.85 9.19 16.86
N LEU B 325 8.24 10.41 16.49
CA LEU B 325 7.71 11.11 15.33
C LEU B 325 8.79 11.50 14.35
N LEU B 326 8.47 11.37 13.06
CA LEU B 326 9.27 11.90 11.98
C LEU B 326 8.59 13.19 11.52
N VAL B 327 9.36 14.26 11.42
CA VAL B 327 8.86 15.51 10.83
C VAL B 327 9.51 15.58 9.46
N ASP B 328 8.72 15.70 8.40
CA ASP B 328 9.22 15.65 7.02
C ASP B 328 8.89 17.01 6.38
N ALA B 329 9.91 17.76 5.97
CA ALA B 329 9.67 19.08 5.41
C ALA B 329 8.81 19.01 4.16
N GLY B 330 7.97 20.03 3.97
CA GLY B 330 7.26 20.19 2.72
C GLY B 330 8.08 21.00 1.73
N PRO B 331 7.64 21.04 0.46
CA PRO B 331 8.37 21.75 -0.58
C PRO B 331 8.46 23.25 -0.31
N VAL B 332 7.43 23.82 0.31
CA VAL B 332 7.50 25.24 0.71
C VAL B 332 8.39 25.37 1.93
N ASN B 333 9.40 26.22 1.82
CA ASN B 333 10.31 26.42 2.96
C ASN B 333 9.64 26.78 4.26
N SER B 334 9.95 26.01 5.31
CA SER B 334 9.53 26.36 6.65
C SER B 334 10.66 27.05 7.41
N GLU B 335 10.34 28.17 8.01
CA GLU B 335 11.30 28.89 8.82
C GLU B 335 11.86 28.04 9.97
N THR B 336 10.99 27.30 10.62
CA THR B 336 11.40 26.25 11.53
C THR B 336 10.51 25.05 11.38
N LEU B 337 11.02 23.85 11.69
CA LEU B 337 10.15 22.68 11.71
C LEU B 337 9.63 22.29 13.11
N VAL B 338 10.48 22.43 14.11
CA VAL B 338 10.13 22.11 15.51
C VAL B 338 10.72 23.16 16.42
N GLU B 339 9.86 23.70 17.29
CA GLU B 339 10.30 24.62 18.34
C GLU B 339 9.95 24.10 19.72
N VAL B 340 10.91 24.12 20.64
CA VAL B 340 10.65 23.77 22.02
C VAL B 340 10.79 25.04 22.85
N GLY B 341 9.64 25.63 23.21
CA GLY B 341 9.59 26.87 23.96
C GLY B 341 9.57 28.06 23.04
N SER B 342 9.07 29.18 23.54
CA SER B 342 9.03 30.40 22.75
C SER B 342 10.43 31.02 22.52
N ASP B 343 10.60 31.95 21.56
CA ASP B 343 11.91 32.62 21.42
C ASP B 343 12.10 33.39 22.74
N GLY B 344 13.30 33.34 23.30
CA GLY B 344 13.56 33.95 24.61
C GLY B 344 12.73 33.44 25.79
N ALA B 345 12.31 32.18 25.77
CA ALA B 345 11.74 31.55 27.00
C ALA B 345 12.68 31.70 28.20
N SER B 346 12.24 32.18 29.37
CA SER B 346 13.13 32.07 30.57
C SER B 346 12.63 31.45 31.90
N GLY B 347 11.80 30.43 31.81
CA GLY B 347 11.57 29.61 33.01
C GLY B 347 12.55 28.47 33.22
N ASP B 348 12.65 27.91 34.43
CA ASP B 348 13.35 26.63 34.62
C ASP B 348 12.34 25.47 34.59
N HIS B 349 12.80 24.27 34.24
CA HIS B 349 11.95 23.08 34.18
C HIS B 349 12.75 21.89 34.78
N ALA B 350 13.47 22.12 35.89
CA ALA B 350 14.46 21.15 36.37
C ALA B 350 13.86 19.84 36.81
N ALA B 351 12.85 19.94 37.67
CA ALA B 351 12.26 18.80 38.32
C ALA B 351 11.49 17.93 37.28
N ASN B 352 11.01 18.56 36.23
CA ASN B 352 10.15 17.90 35.23
C ASN B 352 10.34 18.53 33.84
N PRO B 353 11.45 18.16 33.18
CA PRO B 353 11.79 18.75 31.88
C PRO B 353 10.87 18.30 30.77
N THR B 354 10.93 19.02 29.65
CA THR B 354 10.38 18.58 28.37
C THR B 354 11.41 17.74 27.63
N SER B 355 10.91 16.73 26.92
CA SER B 355 11.74 15.76 26.23
C SER B 355 11.36 15.62 24.74
N LEU B 356 12.36 15.44 23.89
CA LEU B 356 12.16 15.04 22.53
C LEU B 356 12.99 13.73 22.35
N GLN B 357 12.27 12.62 22.21
CA GLN B 357 12.86 11.27 22.07
C GLN B 357 12.46 10.56 20.79
N ASP B 358 13.44 10.01 20.07
CA ASP B 358 13.14 9.40 18.78
C ASP B 358 12.31 10.35 17.92
N VAL B 359 12.75 11.60 17.90
CA VAL B 359 12.21 12.60 17.00
C VAL B 359 13.21 12.74 15.87
N PHE B 360 12.72 12.45 14.67
CA PHE B 360 13.56 12.49 13.48
C PHE B 360 13.06 13.61 12.61
N VAL B 361 13.96 14.17 11.82
CA VAL B 361 13.59 15.24 10.90
C VAL B 361 14.26 14.96 9.59
N ARG B 362 13.50 15.12 8.51
CA ARG B 362 14.00 14.87 7.16
C ARG B 362 13.70 16.08 6.28
N ILE B 363 14.69 16.56 5.55
CA ILE B 363 14.49 17.61 4.56
C ILE B 363 14.79 17.06 3.20
N GLY B 364 13.76 16.81 2.40
CA GLY B 364 13.96 16.27 1.08
C GLY B 364 14.11 14.77 1.07
N GLY B 365 14.21 14.18 -0.12
CA GLY B 365 14.49 12.76 -0.23
C GLY B 365 13.26 12.00 -0.68
N ALA B 366 12.12 12.36 -0.08
CA ALA B 366 10.83 11.84 -0.52
C ALA B 366 10.07 12.91 -1.31
N GLY B 367 10.83 13.64 -2.11
CA GLY B 367 10.34 14.77 -2.85
C GLY B 367 11.03 16.02 -2.35
N PRO B 368 10.74 17.16 -2.97
CA PRO B 368 11.42 18.38 -2.61
C PRO B 368 11.01 18.85 -1.23
N GLY B 369 11.98 19.26 -0.43
CA GLY B 369 11.70 19.77 0.90
C GLY B 369 12.73 20.83 1.28
N LYS B 370 12.27 21.88 1.98
CA LYS B 370 13.16 22.95 2.48
C LYS B 370 12.76 23.46 3.87
N ALA B 371 13.75 23.79 4.69
CA ALA B 371 13.54 24.50 5.96
C ALA B 371 14.80 25.24 6.37
N THR B 372 14.62 26.37 7.04
CA THR B 372 15.75 27.22 7.41
C THR B 372 16.50 26.69 8.65
N THR B 373 15.75 26.35 9.69
CA THR B 373 16.32 25.81 10.91
C THR B 373 15.37 24.74 11.38
N SER B 374 15.86 23.51 11.55
CA SER B 374 14.95 22.38 11.73
C SER B 374 14.41 22.31 13.16
N ILE B 375 15.30 22.24 14.13
CA ILE B 375 14.89 22.24 15.53
C ILE B 375 15.49 23.37 16.33
N VAL B 376 14.61 24.15 16.99
CA VAL B 376 15.00 25.23 17.88
C VAL B 376 14.65 24.85 19.29
N VAL B 377 15.66 24.78 20.15
CA VAL B 377 15.39 24.49 21.57
C VAL B 377 15.62 25.72 22.42
N ASN B 378 14.50 26.31 22.84
CA ASN B 378 14.49 27.49 23.70
C ASN B 378 14.36 27.18 25.19
N SER B 379 13.60 26.17 25.54
CA SER B 379 13.31 25.87 26.93
C SER B 379 14.47 25.28 27.71
N ASN B 380 14.72 25.88 28.87
CA ASN B 380 15.74 25.40 29.77
C ASN B 380 15.44 23.96 30.25
N ASP B 381 16.51 23.19 30.44
CA ASP B 381 16.47 21.86 31.05
C ASP B 381 15.95 20.75 30.10
N THR B 382 15.68 21.14 28.87
CA THR B 382 15.18 20.21 27.85
C THR B 382 16.15 19.07 27.64
N ILE B 383 15.59 17.86 27.55
CA ILE B 383 16.35 16.68 27.16
C ILE B 383 16.07 16.26 25.70
N ILE B 384 17.12 16.07 24.91
CA ILE B 384 17.01 15.53 23.58
C ILE B 384 17.69 14.19 23.60
N ASP B 385 16.89 13.14 23.58
CA ASP B 385 17.38 11.78 23.77
C ASP B 385 17.08 10.97 22.50
N HIS B 386 18.06 10.92 21.62
CA HIS B 386 17.97 10.30 20.31
C HIS B 386 17.21 11.12 19.29
N THR B 387 17.98 11.87 18.53
CA THR B 387 17.43 12.49 17.32
C THR B 387 18.34 12.31 16.13
N TRP B 388 17.72 12.26 14.96
CA TRP B 388 18.41 12.34 13.66
C TRP B 388 17.75 13.44 12.89
N VAL B 389 18.54 14.46 12.56
CA VAL B 389 18.08 15.66 11.89
C VAL B 389 18.91 15.64 10.61
N TRP B 390 18.23 15.34 9.51
CA TRP B 390 18.88 14.89 8.28
C TRP B 390 18.39 15.63 7.05
N ARG B 391 19.30 16.38 6.45
CA ARG B 391 19.06 17.00 5.16
C ARG B 391 19.39 15.94 4.13
N ALA B 392 18.44 15.52 3.32
CA ALA B 392 18.66 14.33 2.50
C ALA B 392 19.85 14.44 1.53
N ASP B 393 20.69 13.40 1.49
CA ASP B 393 21.78 13.33 0.53
C ASP B 393 21.44 12.50 -0.71
N HIS B 394 20.32 11.80 -0.71
CA HIS B 394 19.94 10.94 -1.83
C HIS B 394 18.44 10.84 -1.86
N GLY B 395 17.90 10.41 -2.99
CA GLY B 395 16.45 10.31 -3.21
C GLY B 395 15.90 11.37 -4.16
N GLU B 396 14.59 11.60 -4.15
CA GLU B 396 14.00 12.69 -4.94
C GLU B 396 14.04 14.01 -4.15
N GLY B 397 14.14 15.11 -4.91
CA GLY B 397 13.95 16.43 -4.34
C GLY B 397 15.19 16.93 -3.66
N VAL B 398 16.34 16.40 -4.09
CA VAL B 398 17.62 16.72 -3.47
C VAL B 398 18.58 17.50 -4.39
N GLY B 399 19.24 18.49 -3.77
CA GLY B 399 20.26 19.32 -4.41
C GLY B 399 20.58 20.56 -3.60
N TRP B 400 21.68 21.23 -3.96
CA TRP B 400 22.27 22.28 -3.12
C TRP B 400 21.26 23.35 -2.83
N GLU B 401 20.45 23.66 -3.83
CA GLU B 401 19.33 24.55 -3.62
C GLU B 401 17.99 23.79 -3.54
N THR B 402 17.84 22.70 -4.29
CA THR B 402 16.60 21.90 -4.32
C THR B 402 16.03 21.59 -2.93
N ASN B 403 16.85 21.00 -2.08
CA ASN B 403 16.50 20.81 -0.68
C ASN B 403 17.42 21.55 0.29
N ARG B 404 17.68 22.82 -0.03
CA ARG B 404 18.47 23.70 0.84
C ARG B 404 17.90 23.68 2.27
N ALA B 405 18.83 23.57 3.21
CA ALA B 405 18.48 23.62 4.62
C ALA B 405 19.68 24.14 5.38
N ASP B 406 19.63 25.38 5.83
CA ASP B 406 20.86 26.00 6.35
C ASP B 406 21.30 25.44 7.67
N TYR B 407 20.34 25.28 8.58
CA TYR B 407 20.66 25.00 9.98
C TYR B 407 19.90 23.80 10.54
N GLY B 408 20.59 22.95 11.29
CA GLY B 408 19.97 21.73 11.78
C GLY B 408 19.26 21.97 13.10
N VAL B 409 20.08 22.06 14.11
CA VAL B 409 19.60 22.24 15.50
C VAL B 409 20.23 23.48 16.06
N HIS B 410 19.41 24.33 16.68
CA HIS B 410 19.89 25.50 17.40
C HIS B 410 19.41 25.46 18.84
N VAL B 411 20.34 25.33 19.75
CA VAL B 411 19.99 25.24 21.18
C VAL B 411 20.27 26.59 21.84
N LYS B 412 19.20 27.20 22.33
CA LYS B 412 19.30 28.53 22.97
C LYS B 412 18.99 28.47 24.45
N GLY B 413 18.32 27.41 24.88
CA GLY B 413 18.00 27.22 26.31
C GLY B 413 19.27 26.84 27.08
N ASP B 414 19.22 27.04 28.41
CA ASP B 414 20.29 26.70 29.32
C ASP B 414 20.03 25.32 29.96
N ASN B 415 21.09 24.66 30.40
CA ASN B 415 20.99 23.36 31.05
C ASN B 415 20.33 22.29 30.15
N VAL B 416 20.48 22.43 28.84
CA VAL B 416 19.99 21.41 27.88
C VAL B 416 20.94 20.22 27.73
N LEU B 417 20.35 19.03 27.62
CA LEU B 417 21.16 17.80 27.49
C LEU B 417 20.74 17.09 26.20
N ALA B 418 21.74 16.75 25.40
CA ALA B 418 21.56 15.90 24.25
C ALA B 418 22.32 14.59 24.45
N THR B 419 21.58 13.49 24.35
CA THR B 419 22.17 12.15 24.41
C THR B 419 21.81 11.41 23.11
N GLY B 420 22.82 11.12 22.30
CA GLY B 420 22.60 10.47 21.00
C GLY B 420 22.11 11.46 19.98
N LEU B 421 22.99 12.38 19.60
CA LEU B 421 22.68 13.47 18.67
C LEU B 421 23.29 13.15 17.30
N PHE B 422 22.43 12.95 16.28
CA PHE B 422 22.84 12.68 14.90
C PHE B 422 22.29 13.81 14.00
N VAL B 423 23.16 14.60 13.36
CA VAL B 423 22.72 15.73 12.55
C VAL B 423 23.62 15.82 11.32
N GLU B 424 23.03 15.78 10.13
CA GLU B 424 23.85 15.67 8.91
C GLU B 424 23.37 16.49 7.72
N HIS B 425 24.36 17.02 7.01
CA HIS B 425 24.28 17.52 5.65
C HIS B 425 23.71 18.95 5.44
N PHE B 426 23.66 19.76 6.50
CA PHE B 426 23.14 21.12 6.38
C PHE B 426 24.05 22.06 5.57
N ASN B 427 23.46 23.05 4.88
CA ASN B 427 24.24 24.01 4.11
C ASN B 427 25.11 24.93 4.94
N LYS B 428 24.71 25.17 6.19
CA LYS B 428 25.49 25.97 7.14
C LYS B 428 25.74 25.14 8.40
N TYR B 429 25.66 25.72 9.60
CA TYR B 429 25.97 24.96 10.80
C TYR B 429 24.96 23.87 11.08
N ASP B 430 25.41 22.64 11.19
CA ASP B 430 24.49 21.53 11.51
C ASP B 430 23.93 21.76 12.90
N VAL B 431 24.82 22.03 13.84
CA VAL B 431 24.44 22.30 15.22
C VAL B 431 25.09 23.57 15.72
N GLN B 432 24.26 24.43 16.32
CA GLN B 432 24.71 25.65 16.98
C GLN B 432 24.18 25.71 18.40
N TRP B 433 25.03 26.09 19.34
CA TRP B 433 24.68 26.07 20.75
C TRP B 433 25.01 27.40 21.42
N SER B 434 23.96 28.15 21.74
CA SER B 434 24.06 29.51 22.28
C SER B 434 23.66 29.65 23.74
N GLY B 435 23.03 28.61 24.30
CA GLY B 435 22.68 28.60 25.71
C GLY B 435 23.80 28.09 26.57
N GLU B 436 23.64 28.24 27.88
CA GLU B 436 24.67 27.95 28.84
C GLU B 436 24.52 26.53 29.43
N ASN B 437 25.64 25.99 29.93
CA ASN B 437 25.68 24.65 30.55
C ASN B 437 25.09 23.57 29.67
N GLY B 438 25.28 23.67 28.36
CA GLY B 438 24.86 22.59 27.48
C GLY B 438 25.81 21.38 27.63
N LYS B 439 25.26 20.20 27.42
CA LYS B 439 26.04 18.95 27.40
C LYS B 439 25.58 18.07 26.27
N THR B 440 26.52 17.51 25.51
CA THR B 440 26.22 16.52 24.48
C THR B 440 27.02 15.26 24.73
N ILE B 441 26.32 14.14 24.83
CA ILE B 441 26.93 12.83 24.95
C ILE B 441 26.58 12.08 23.66
N PHE B 442 27.63 11.90 22.86
CA PHE B 442 27.62 11.31 21.50
C PHE B 442 27.05 12.23 20.45
N TYR B 443 27.89 12.56 19.46
CA TYR B 443 27.50 13.33 18.27
C TYR B 443 28.05 12.62 17.02
N GLN B 444 27.16 12.41 16.04
CA GLN B 444 27.57 11.97 14.70
C GLN B 444 27.06 12.96 13.68
N ASN B 445 28.02 13.50 12.93
CA ASN B 445 27.73 14.41 11.81
C ASN B 445 28.42 13.94 10.51
N ALA B 446 27.76 14.21 9.38
CA ALA B 446 28.41 14.25 8.07
C ALA B 446 28.06 15.58 7.44
N LYS B 447 29.03 16.15 6.72
CA LYS B 447 28.88 17.45 6.09
C LYS B 447 28.20 17.33 4.73
N ALA B 448 27.57 18.41 4.30
CA ALA B 448 26.90 18.42 3.00
C ALA B 448 27.84 17.91 1.89
N TYR B 449 27.36 17.01 1.04
CA TYR B 449 28.20 16.47 -0.07
C TYR B 449 28.18 17.38 -1.28
N ASP B 450 27.05 18.07 -1.47
CA ASP B 450 26.80 18.76 -2.73
C ASP B 450 27.26 20.19 -2.83
N ALA B 451 28.05 20.65 -1.88
CA ALA B 451 28.62 21.97 -2.00
C ALA B 451 29.37 22.01 -3.32
N PRO B 452 28.98 22.92 -4.23
CA PRO B 452 29.59 22.86 -5.57
C PRO B 452 31.02 23.42 -5.69
N ASP B 453 31.37 24.30 -4.77
CA ASP B 453 32.66 24.96 -4.76
C ASP B 453 33.02 25.40 -3.34
N GLN B 454 34.25 25.89 -3.17
CA GLN B 454 34.67 26.39 -1.88
C GLN B 454 33.84 27.59 -1.45
N ALA B 455 33.52 28.47 -2.40
CA ALA B 455 32.83 29.72 -2.09
C ALA B 455 31.45 29.50 -1.44
N ALA B 456 30.74 28.48 -1.90
CA ALA B 456 29.38 28.18 -1.42
C ALA B 456 29.30 27.94 0.08
N ILE B 457 30.46 27.66 0.70
CA ILE B 457 30.51 27.33 2.13
C ILE B 457 31.47 28.26 2.89
N GLN B 458 31.87 29.35 2.26
CA GLN B 458 32.71 30.31 2.96
C GLN B 458 31.88 30.96 4.07
N ASN B 459 32.50 31.12 5.22
CA ASN B 459 31.79 31.46 6.46
C ASN B 459 32.63 32.58 7.12
N GLY B 460 32.47 33.81 6.63
CA GLY B 460 33.42 34.89 6.91
C GLY B 460 34.84 34.54 6.48
N ASP B 461 35.74 34.49 7.46
CA ASP B 461 37.12 34.14 7.20
C ASP B 461 37.38 32.64 7.34
N ILE B 462 36.32 31.87 7.60
CA ILE B 462 36.49 30.43 7.81
C ILE B 462 35.99 29.65 6.60
N LYS B 463 36.74 28.62 6.21
CA LYS B 463 36.32 27.74 5.13
C LYS B 463 35.34 26.68 5.68
N GLY B 464 34.10 26.79 5.25
CA GLY B 464 33.03 25.93 5.72
C GLY B 464 32.46 26.37 7.07
N TYR B 465 31.36 25.73 7.45
CA TYR B 465 30.66 25.97 8.72
C TYR B 465 30.87 24.74 9.58
N ALA B 466 31.24 24.92 10.83
CA ALA B 466 31.42 23.77 11.72
C ALA B 466 30.15 22.91 11.79
N ALA B 467 30.34 21.61 11.98
CA ALA B 467 29.24 20.71 12.32
C ALA B 467 28.63 21.01 13.69
N TYR B 468 29.41 21.56 14.58
CA TYR B 468 28.99 21.84 15.93
C TYR B 468 29.71 23.08 16.41
N LYS B 469 28.94 24.18 16.56
CA LYS B 469 29.47 25.46 16.98
C LYS B 469 28.91 25.88 18.29
N VAL B 470 29.80 26.11 19.25
CA VAL B 470 29.43 26.74 20.51
C VAL B 470 29.75 28.22 20.40
N ASP B 471 28.75 29.06 20.63
CA ASP B 471 28.94 30.49 20.49
C ASP B 471 30.01 31.04 21.47
N ASP B 472 30.70 32.10 21.05
CA ASP B 472 31.74 32.81 21.83
C ASP B 472 31.27 33.37 23.19
N SER B 473 29.98 33.60 23.32
CA SER B 473 29.47 34.18 24.54
C SER B 473 29.42 33.11 25.61
N VAL B 474 29.26 31.88 25.17
CA VAL B 474 29.06 30.77 26.08
C VAL B 474 30.24 30.59 27.04
N THR B 475 29.90 30.45 28.31
CA THR B 475 30.84 30.27 29.39
C THR B 475 31.10 28.82 29.76
N THR B 476 30.02 28.04 29.76
CA THR B 476 30.10 26.65 30.18
C THR B 476 29.47 25.74 29.11
N HIS B 477 30.17 24.65 28.75
CA HIS B 477 29.67 23.66 27.80
C HIS B 477 30.54 22.41 27.90
N GLU B 478 29.99 21.24 27.66
CA GLU B 478 30.80 20.02 27.64
C GLU B 478 30.24 19.02 26.64
N GLY B 479 31.10 18.38 25.88
CA GLY B 479 30.67 17.40 24.89
C GLY B 479 31.62 16.20 24.93
N TRP B 480 31.06 15.02 24.70
CA TRP B 480 31.82 13.77 24.77
C TRP B 480 31.52 12.89 23.54
N GLY B 481 32.57 12.41 22.89
CA GLY B 481 32.39 11.40 21.85
C GLY B 481 31.73 11.89 20.58
N MET B 482 32.44 12.77 19.88
CA MET B 482 31.84 13.49 18.80
C MET B 482 32.64 13.40 17.52
N GLY B 483 31.97 13.10 16.41
CA GLY B 483 32.66 12.98 15.12
C GLY B 483 31.92 13.65 13.98
N SER B 484 32.70 14.26 13.09
CA SER B 484 32.17 14.87 11.87
C SER B 484 32.92 14.30 10.65
N TYR B 485 32.17 13.85 9.64
CA TYR B 485 32.78 13.25 8.46
C TYR B 485 32.45 14.08 7.21
N CYS B 486 33.38 14.09 6.25
CA CYS B 486 33.12 14.76 4.96
C CYS B 486 33.21 13.82 3.78
N TYR B 487 32.41 14.13 2.78
CA TYR B 487 32.36 13.40 1.52
C TYR B 487 31.91 14.36 0.43
N PHE B 488 32.85 15.21 0.04
CA PHE B 488 32.55 16.32 -0.86
C PHE B 488 32.70 15.79 -2.26
N ASN B 489 31.65 15.12 -2.68
CA ASN B 489 31.74 14.39 -3.91
C ASN B 489 31.78 15.33 -5.08
N VAL B 490 30.83 16.26 -5.09
CA VAL B 490 30.63 17.07 -6.27
C VAL B 490 31.89 17.89 -6.52
N ASN B 491 32.57 18.29 -5.44
CA ASN B 491 33.87 18.94 -5.59
C ASN B 491 34.86 18.53 -4.51
N PRO B 492 35.62 17.46 -4.79
CA PRO B 492 36.51 16.91 -3.77
C PRO B 492 37.81 17.64 -3.58
N ASP B 493 37.97 18.79 -4.21
CA ASP B 493 39.07 19.69 -3.90
C ASP B 493 38.70 20.66 -2.75
N ILE B 494 37.45 20.58 -2.27
CA ILE B 494 37.02 21.40 -1.14
C ILE B 494 37.75 21.09 0.16
N ARG B 495 37.84 22.12 0.99
CA ARG B 495 38.45 22.05 2.32
C ARG B 495 37.47 22.54 3.36
N GLN B 496 37.32 21.77 4.44
CA GLN B 496 36.49 22.10 5.58
C GLN B 496 37.46 22.46 6.70
N GLN B 497 37.38 23.68 7.23
CA GLN B 497 38.44 24.09 8.21
C GLN B 497 38.41 23.21 9.43
N HIS B 498 37.22 22.93 9.95
CA HIS B 498 37.08 22.15 11.18
C HIS B 498 35.72 21.50 11.32
N GLY B 499 35.66 20.49 12.20
CA GLY B 499 34.39 19.88 12.54
C GLY B 499 33.64 20.64 13.62
N PHE B 500 34.40 21.31 14.47
CA PHE B 500 33.91 21.95 15.69
C PHE B 500 34.51 23.33 15.85
N GLN B 501 33.72 24.22 16.41
CA GLN B 501 34.16 25.54 16.80
C GLN B 501 33.63 25.94 18.19
N ALA B 502 34.50 26.51 19.02
CA ALA B 502 34.13 26.84 20.38
C ALA B 502 35.14 27.78 20.99
N PRO B 503 34.73 28.47 22.06
CA PRO B 503 35.70 29.36 22.71
C PRO B 503 36.65 28.59 23.57
N VAL B 504 37.75 29.25 23.91
CA VAL B 504 38.71 28.67 24.81
C VAL B 504 38.50 29.31 26.19
N LYS B 505 37.87 28.55 27.08
CA LYS B 505 37.45 29.02 28.36
C LYS B 505 37.50 27.91 29.37
N PRO B 506 37.69 28.27 30.65
CA PRO B 506 37.57 27.38 31.80
C PRO B 506 36.52 26.27 31.66
N GLY B 507 35.28 26.69 31.48
CA GLY B 507 34.18 25.77 31.60
C GLY B 507 33.68 25.24 30.27
N VAL B 508 34.44 25.42 29.17
CA VAL B 508 34.06 24.85 27.85
C VAL B 508 35.03 23.76 27.43
N LYS B 509 34.67 22.51 27.70
CA LYS B 509 35.53 21.37 27.52
C LYS B 509 34.95 20.35 26.53
N PHE B 510 35.80 19.72 25.74
CA PHE B 510 35.35 18.61 24.92
C PHE B 510 36.27 17.41 25.10
N HIS B 511 35.72 16.22 24.92
CA HIS B 511 36.39 14.95 25.13
C HIS B 511 36.15 14.05 23.94
N ASP B 512 37.23 13.56 23.31
CA ASP B 512 37.19 12.55 22.26
C ASP B 512 36.46 13.08 21.07
N LEU B 513 37.16 13.95 20.33
CA LEU B 513 36.67 14.52 19.08
C LEU B 513 37.43 13.91 17.88
N LEU B 514 36.74 13.81 16.75
CA LEU B 514 37.37 13.36 15.53
C LEU B 514 36.71 13.92 14.30
N VAL B 515 37.53 14.02 13.27
CA VAL B 515 37.02 14.27 11.94
C VAL B 515 37.58 13.26 10.96
N VAL B 516 36.82 12.99 9.89
CA VAL B 516 37.18 11.93 8.95
C VAL B 516 36.80 12.33 7.53
N SER B 517 37.74 12.25 6.60
CA SER B 517 37.42 12.33 5.17
C SER B 517 37.11 10.94 4.66
N LEU B 518 35.95 10.77 4.05
CA LEU B 518 35.61 9.49 3.41
C LEU B 518 36.30 9.30 2.01
N GLY B 519 37.36 8.51 1.93
CA GLY B 519 37.92 8.19 0.62
C GLY B 519 38.53 9.41 -0.08
N GLY B 520 39.04 10.37 0.69
CA GLY B 520 39.74 11.52 0.13
C GLY B 520 38.88 12.56 -0.57
N LYS B 521 37.57 12.47 -0.35
CA LYS B 521 36.65 13.40 -0.98
C LYS B 521 36.52 14.66 -0.13
N GLY B 522 37.34 15.65 -0.45
CA GLY B 522 37.55 16.76 0.42
C GLY B 522 38.47 16.36 1.56
N GLN B 523 38.91 17.36 2.33
CA GLN B 523 39.68 17.14 3.54
C GLN B 523 39.35 18.20 4.59
N TYR B 524 39.53 17.82 5.84
CA TYR B 524 39.50 18.77 6.98
C TYR B 524 40.86 19.44 7.19
N GLU B 525 40.93 20.72 7.50
CA GLU B 525 42.21 21.37 7.82
C GLU B 525 42.58 21.16 9.29
N HIS B 526 41.55 21.05 10.13
CA HIS B 526 41.74 20.84 11.57
C HIS B 526 40.55 20.10 12.16
N VAL B 527 40.64 19.81 13.45
CA VAL B 527 39.54 19.15 14.18
C VAL B 527 38.55 20.14 14.80
N ILE B 528 39.07 21.05 15.62
CA ILE B 528 38.26 22.06 16.30
C ILE B 528 38.97 23.42 16.30
N ASN B 529 38.28 24.48 15.83
CA ASN B 529 38.92 25.79 15.67
C ASN B 529 40.09 25.67 14.66
N ASP B 530 41.35 25.97 15.06
CA ASP B 530 42.55 25.69 14.25
C ASP B 530 43.45 24.65 14.89
N ILE B 531 42.85 23.82 15.74
CA ILE B 531 43.53 22.76 16.47
C ILE B 531 43.17 21.40 15.89
N GLY B 532 44.16 20.50 15.89
CA GLY B 532 43.95 19.15 15.36
C GLY B 532 44.62 19.06 14.01
N ASP B 533 45.16 17.89 13.72
CA ASP B 533 45.82 17.68 12.46
C ASP B 533 44.78 17.65 11.33
N PRO B 534 45.18 18.11 10.14
CA PRO B 534 44.31 17.93 8.97
C PRO B 534 44.16 16.44 8.67
N THR B 535 43.09 16.09 7.95
CA THR B 535 42.97 14.76 7.40
C THR B 535 43.79 14.72 6.14
N SER B 536 44.23 13.52 5.78
CA SER B 536 45.23 13.37 4.76
C SER B 536 45.04 12.04 4.04
N GLY B 537 45.42 11.98 2.76
CA GLY B 537 45.30 10.75 1.95
C GLY B 537 43.86 10.42 1.54
N ASP B 538 43.68 9.24 0.95
CA ASP B 538 42.35 8.68 0.66
C ASP B 538 42.15 7.40 1.50
N THR B 539 42.85 7.31 2.64
CA THR B 539 42.85 6.09 3.47
C THR B 539 41.70 6.06 4.49
N THR B 540 40.92 7.14 4.52
CA THR B 540 39.85 7.43 5.54
C THR B 540 40.25 7.05 6.98
N ILE B 541 41.35 7.67 7.38
CA ILE B 541 41.82 7.58 8.77
C ILE B 541 41.51 8.84 9.56
N PRO B 542 40.82 8.69 10.69
CA PRO B 542 40.42 9.90 11.42
C PRO B 542 41.57 10.72 11.96
N SER B 543 41.31 12.01 12.08
CA SER B 543 42.15 12.93 12.82
C SER B 543 41.45 13.18 14.13
N GLN B 544 42.18 13.04 15.23
CA GLN B 544 41.54 12.96 16.54
C GLN B 544 42.11 13.98 17.51
N VAL B 545 41.25 14.49 18.40
CA VAL B 545 41.68 15.31 19.57
C VAL B 545 41.06 14.72 20.87
N VAL B 546 41.90 14.30 21.80
CA VAL B 546 41.41 13.62 23.00
C VAL B 546 40.69 14.58 23.94
N SER B 547 41.34 15.71 24.21
CA SER B 547 40.78 16.74 25.08
C SER B 547 41.01 18.11 24.50
N PHE B 548 40.02 18.97 24.72
CA PHE B 548 40.07 20.37 24.35
C PHE B 548 39.40 21.15 25.49
N PRO B 549 39.90 22.37 25.79
CA PRO B 549 40.99 23.12 25.15
C PRO B 549 42.35 22.65 25.65
C2 BGC C . 1.31 -27.80 -25.16
C3 BGC C . 1.34 -26.82 -24.14
C4 BGC C . 0.77 -27.40 -22.87
C5 BGC C . 1.41 -28.75 -22.55
C6 BGC C . 0.65 -29.56 -21.56
C1 BGC C . 2.25 -28.90 -24.74
O1 BGC C . 2.56 -29.68 -25.73
O2 BGC C . 1.67 -27.34 -26.48
O3 BGC C . 0.71 -25.56 -24.67
O4 BGC C . 0.96 -26.56 -21.76
O5 BGC C . 1.54 -29.60 -23.67
O6 BGC C . 0.79 -30.97 -21.75
C2 BGC C . 0.68 -23.22 -24.85
C3 BGC C . 1.33 -21.94 -24.48
C4 BGC C . 1.66 -21.84 -23.06
C5 BGC C . 2.28 -23.15 -22.58
C6 BGC C . 2.55 -23.18 -21.12
C1 BGC C . 1.41 -24.43 -24.33
O2 BGC C . 0.52 -23.33 -26.25
O3 BGC C . 0.31 -20.96 -24.92
O4 BGC C . 2.56 -20.76 -22.73
O5 BGC C . 1.45 -24.29 -22.90
O6 BGC C . 2.97 -24.43 -20.60
C2 BGC C . -0.17 -18.81 -25.90
C3 BGC C . 0.45 -17.64 -26.55
C4 BGC C . 1.56 -17.09 -25.76
C5 BGC C . 2.52 -18.17 -25.32
C6 BGC C . 3.50 -17.66 -24.33
C1 BGC C . 0.89 -19.88 -25.62
O2 BGC C . -1.16 -19.41 -26.76
O3 BGC C . -0.59 -16.58 -26.59
O4 BGC C . 2.32 -16.11 -26.48
O5 BGC C . 1.84 -19.28 -24.71
O6 BGC C . 4.36 -18.66 -23.87
C2 BGC C . -2.05 -15.13 -27.80
C3 BGC C . -2.33 -14.46 -29.12
C4 BGC C . -1.07 -13.93 -29.72
C5 BGC C . -0.06 -15.09 -29.83
C6 BGC C . 1.27 -14.68 -30.45
C1 BGC C . -0.97 -16.20 -27.88
O2 BGC C . -3.22 -15.74 -27.28
O3 BGC C . -3.22 -13.36 -28.83
O4 BGC C . -1.28 -13.41 -30.99
O5 BGC C . 0.21 -15.62 -28.52
O6 BGC C . 2.05 -15.82 -30.75
C2 BGC C . -5.35 -12.28 -28.93
C3 BGC C . -6.46 -11.77 -29.79
C4 BGC C . -5.89 -11.16 -31.01
C5 BGC C . -4.98 -12.10 -31.74
C6 BGC C . -4.34 -11.40 -32.93
C1 BGC C . -4.34 -13.15 -29.65
O2 BGC C . -5.88 -13.03 -27.88
O3 BGC C . -7.14 -10.70 -29.02
O4 BGC C . -6.91 -10.67 -31.85
O5 BGC C . -3.90 -12.47 -30.87
O6 BGC C . -3.32 -12.10 -33.62
C2 BGC C . -9.17 -9.85 -28.13
C3 BGC C . -10.62 -9.73 -28.43
C4 BGC C . -10.95 -9.92 -29.82
C5 BGC C . -10.40 -11.28 -30.25
C6 BGC C . -10.65 -11.68 -31.68
C1 BGC C . -8.48 -11.02 -28.80
O2 BGC C . -8.93 -9.96 -26.74
O3 BGC C . -11.05 -8.38 -28.07
O4 BGC C . -12.37 -9.85 -30.08
O5 BGC C . -8.96 -11.19 -30.14
O6 BGC C . -11.30 -10.80 -32.54
C2 BGC D . -5.43 -32.60 -30.33
C3 BGC D . -5.76 -31.79 -31.48
C4 BGC D . -4.59 -30.97 -31.95
C5 BGC D . -3.36 -31.83 -32.14
C6 BGC D . -2.17 -30.98 -32.45
C1 BGC D . -4.24 -33.49 -30.57
O1 BGC D . -3.92 -34.11 -29.44
O2 BGC D . -6.56 -33.37 -29.88
O3 BGC D . -6.94 -31.04 -31.07
O4 BGC D . -4.80 -30.24 -33.13
O5 BGC D . -3.09 -32.70 -31.04
O6 BGC D . -1.10 -31.61 -33.10
C2 BGC D . -9.14 -30.24 -31.69
C3 BGC D . -9.93 -29.38 -32.63
C4 BGC D . -9.13 -28.29 -33.24
C5 BGC D . -7.72 -28.69 -33.68
C6 BGC D . -6.86 -27.58 -34.09
C1 BGC D . -7.67 -30.54 -32.10
O2 BGC D . -9.88 -31.42 -31.44
O3 BGC D . -11.16 -28.93 -31.99
O4 BGC D . -9.81 -27.76 -34.36
O5 BGC D . -6.99 -29.35 -32.61
O6 BGC D . -5.48 -27.81 -34.05
C2 BGC D . -13.00 -29.87 -30.69
C3 BGC D . -14.18 -30.76 -30.77
C4 BGC D . -14.85 -30.95 -32.09
C5 BGC D . -13.98 -30.74 -33.32
C6 BGC D . -14.76 -30.41 -34.58
C1 BGC D . -12.15 -29.88 -31.95
O2 BGC D . -12.16 -30.22 -29.61
O3 BGC D . -15.19 -30.39 -29.75
O4 BGC D . -15.37 -32.26 -32.16
O5 BGC D . -12.98 -29.71 -33.13
O6 BGC D . -15.57 -29.30 -34.52
C2 BGC D . -15.72 -31.23 -27.49
C3 BGC D . -16.37 -32.36 -26.79
C4 BGC D . -17.69 -32.70 -27.37
C5 BGC D . -17.47 -32.96 -28.86
C6 BGC D . -18.64 -33.45 -29.63
C1 BGC D . -15.66 -31.45 -29.01
O2 BGC D . -14.37 -30.99 -27.02
O3 BGC D . -16.47 -32.11 -25.36
O4 BGC D . -18.21 -33.88 -26.73
O5 BGC D . -17.01 -31.76 -29.47
O6 BGC D . -19.86 -33.59 -29.00
C2 BGC D . -15.11 -32.19 -23.39
C3 BGC D . -14.35 -33.05 -22.51
C4 BGC D . -15.20 -34.13 -21.94
C5 BGC D . -15.91 -34.86 -23.03
C6 BGC D . -16.97 -35.79 -22.52
C1 BGC D . -15.71 -32.95 -24.54
O2 BGC D . -14.26 -31.14 -23.92
O3 BGC D . -13.65 -32.27 -21.52
O4 BGC D . -14.39 -35.06 -21.21
O5 BGC D . -16.56 -33.98 -23.99
O6 BGC D . -17.31 -36.84 -23.43
C2 BGC E . 36.20 -8.90 8.67
C3 BGC E . 36.08 -7.98 9.77
C4 BGC E . 35.48 -8.64 10.96
C5 BGC E . 36.18 -9.94 11.29
C6 BGC E . 35.31 -10.77 12.17
C1 BGC E . 37.12 -10.01 9.05
O1 BGC E . 37.24 -10.77 8.01
O2 BGC E . 36.55 -8.39 7.38
O3 BGC E . 35.23 -6.86 9.30
O4 BGC E . 35.55 -7.84 12.08
O5 BGC E . 36.44 -10.72 10.14
O6 BGC E . 35.59 -12.16 12.18
C2 BGC E . 35.10 -4.54 8.99
C3 BGC E . 35.72 -3.28 9.45
C4 BGC E . 36.08 -3.24 10.88
C5 BGC E . 36.74 -4.54 11.37
C6 BGC E . 37.00 -4.89 12.79
C1 BGC E . 35.88 -5.71 9.53
O2 BGC E . 35.14 -4.63 7.56
O3 BGC E . 34.80 -2.22 9.00
O4 BGC E . 36.95 -2.09 11.10
O5 BGC E . 35.99 -5.67 10.93
O6 BGC E . 37.97 -5.88 12.97
C2 BGC E . 34.36 -0.06 8.03
C3 BGC E . 34.99 1.08 7.33
C4 BGC E . 36.17 1.61 8.04
C5 BGC E . 37.12 0.47 8.30
C6 BGC E . 38.27 0.94 9.10
C1 BGC E . 35.37 -1.16 8.26
O2 BGC E . 33.30 -0.63 7.25
O3 BGC E . 33.98 2.16 7.30
O4 BGC E . 36.89 2.62 7.29
O5 BGC E . 36.46 -0.60 9.03
O6 BGC E . 39.09 -0.15 9.46
C2 BGC E . 32.50 3.62 6.17
C3 BGC E . 32.23 4.33 4.88
C4 BGC E . 33.51 4.80 4.21
C5 BGC E . 34.50 3.65 4.13
C6 BGC E . 35.82 4.04 3.48
C1 BGC E . 33.60 2.58 6.05
O2 BGC E . 31.35 2.96 6.74
O3 BGC E . 31.36 5.44 5.20
O4 BGC E . 33.26 5.31 2.91
O5 BGC E . 34.78 3.17 5.46
O6 BGC E . 36.62 2.91 3.12
C2 BGC E . 29.21 6.54 5.05
C3 BGC E . 28.16 7.10 4.15
C4 BGC E . 28.68 7.69 2.89
C5 BGC E . 29.75 6.85 2.24
C6 BGC E . 30.51 7.74 1.27
C1 BGC E . 30.27 5.71 4.33
O2 BGC E . 28.55 5.68 5.98
O3 BGC E . 27.45 8.17 4.90
O4 BGC E . 27.67 7.89 1.90
O5 BGC E . 30.77 6.45 3.18
O6 BGC E . 31.59 7.09 0.68
C2 BGC E . 25.40 9.03 5.78
C3 BGC E . 23.93 8.97 5.63
C4 BGC E . 23.57 8.70 4.26
C5 BGC E . 24.12 7.34 3.87
C6 BGC E . 23.77 7.09 2.44
C1 BGC E . 26.10 7.85 5.12
O2 BGC E . 25.77 9.16 7.14
O3 BGC E . 23.39 10.31 5.94
O4 BGC E . 22.14 8.73 4.01
O5 BGC E . 25.55 7.54 3.85
O6 BGC E . 24.47 7.92 1.56
C2 BGC F . 28.85 -14.03 3.72
C3 BGC F . 28.52 -13.24 2.54
C4 BGC F . 29.69 -12.60 1.91
C5 BGC F . 30.83 -13.58 1.74
C6 BGC F . 32.06 -12.94 1.20
C1 BGC F . 29.99 -14.98 3.47
O1 BGC F . 30.33 -15.66 4.59
O2 BGC F . 27.71 -14.74 4.17
O3 BGC F . 27.49 -12.27 2.94
O4 BGC F . 29.41 -11.99 0.66
O5 BGC F . 31.13 -14.22 2.97
O6 BGC F . 32.01 -12.50 -0.12
C2 BGC F . 25.35 -11.45 2.41
C3 BGC F . 24.52 -10.68 1.43
C4 BGC F . 25.24 -9.55 0.81
C5 BGC F . 26.66 -9.89 0.35
C6 BGC F . 27.35 -8.70 -0.09
C1 BGC F . 26.78 -11.76 1.92
O2 BGC F . 24.68 -12.61 2.89
O3 BGC F . 23.28 -10.20 2.03
O4 BGC F . 24.51 -9.05 -0.29
O5 BGC F . 27.47 -10.58 1.33
O6 BGC F . 28.51 -8.99 -0.79
C2 BGC F . 21.45 -11.09 3.33
C3 BGC F . 20.22 -11.93 3.24
C4 BGC F . 19.42 -11.70 2.04
C5 BGC F . 20.25 -11.69 0.74
C6 BGC F . 19.50 -11.24 -0.51
C1 BGC F . 22.27 -11.13 2.05
O2 BGC F . 22.29 -11.45 4.41
O3 BGC F . 19.41 -11.68 4.42
O4 BGC F . 18.41 -12.67 1.93
O5 BGC F . 21.44 -10.88 0.88
O6 BGC F . 18.64 -10.16 -0.41
C2 BGC F . 18.81 -12.62 6.56
C3 BGC F . 18.15 -13.80 7.19
C4 BGC F . 16.85 -14.06 6.52
C5 BGC F . 17.09 -14.31 5.04
C6 BGC F . 15.88 -14.69 4.28
C1 BGC F . 18.95 -12.81 5.06
O2 BGC F . 20.07 -12.28 7.19
O3 BGC F . 17.93 -13.46 8.57
O4 BGC F . 16.10 -15.12 7.15
O5 BGC F . 17.63 -13.12 4.46
O6 BGC F . 14.89 -13.72 4.16
C2 BGC F . 19.23 -13.31 10.57
C3 BGC F . 20.01 -14.13 11.47
C4 BGC F . 19.23 -15.27 12.02
C5 BGC F . 18.53 -16.06 10.96
C6 BGC F . 17.49 -16.94 11.57
C1 BGC F . 18.68 -14.19 9.48
O2 BGC F . 20.09 -12.32 9.98
O3 BGC F . 20.62 -13.33 12.52
O4 BGC F . 20.12 -16.18 12.66
O5 BGC F . 17.85 -15.19 10.07
O6 BGC F . 16.17 -16.39 11.79
C1 EDO G . -4.36 4.31 -29.00
O1 EDO G . -3.54 4.85 -27.98
C2 EDO G . -5.70 5.01 -28.98
O2 EDO G . -6.59 4.47 -27.98
H11 EDO G . -3.88 4.44 -29.96
H12 EDO G . -4.49 3.24 -28.82
HO1 EDO G . -2.64 4.55 -28.10
H21 EDO G . -6.18 4.89 -29.95
H22 EDO G . -5.55 6.07 -28.80
HO2 EDO G . -7.47 4.44 -28.34
C1 EDO H . 29.66 23.46 5.00
O1 EDO H . 30.22 24.51 5.76
C2 EDO H . 28.23 23.15 5.41
O2 EDO H . 28.04 23.27 6.84
H11 EDO H . 30.28 22.57 5.16
H12 EDO H . 29.71 23.71 3.95
HO1 EDO H . 31.14 24.53 5.49
H21 EDO H . 27.98 22.13 5.11
H22 EDO H . 27.55 23.80 4.87
HO2 EDO H . 27.13 23.07 7.07
N GLU A 1 -50.02 0.82 -14.07
CA GLU A 1 -49.88 -0.36 -13.27
C GLU A 1 -49.13 -1.53 -13.94
N VAL A 2 -48.34 -2.27 -13.14
CA VAL A 2 -47.61 -3.47 -13.60
C VAL A 2 -48.08 -4.76 -12.88
N VAL A 3 -47.40 -5.11 -11.78
CA VAL A 3 -47.46 -6.44 -11.07
C VAL A 3 -46.48 -7.55 -11.48
N GLY A 4 -45.83 -8.15 -10.48
CA GLY A 4 -44.69 -8.95 -10.76
C GLY A 4 -44.86 -10.43 -10.49
N GLY A 5 -43.94 -11.22 -11.02
CA GLY A 5 -43.98 -12.66 -10.90
C GLY A 5 -44.63 -13.25 -12.14
N GLY A 6 -44.88 -14.55 -12.08
CA GLY A 6 -45.51 -15.30 -13.16
C GLY A 6 -44.51 -16.21 -13.84
N ASP A 7 -44.73 -16.48 -15.13
CA ASP A 7 -43.90 -17.47 -15.81
C ASP A 7 -42.76 -16.81 -16.60
N LEU A 8 -41.65 -17.52 -16.78
CA LEU A 8 -40.45 -16.86 -17.27
C LEU A 8 -40.24 -16.90 -18.79
N GLY A 9 -41.18 -17.53 -19.48
CA GLY A 9 -41.22 -17.52 -20.92
C GLY A 9 -40.46 -18.63 -21.64
N PRO A 10 -40.54 -18.62 -22.98
CA PRO A 10 -40.03 -19.79 -23.69
C PRO A 10 -38.49 -19.82 -23.83
N ASN A 11 -37.82 -18.68 -23.62
CA ASN A 11 -36.34 -18.64 -23.72
C ASN A 11 -35.65 -19.18 -22.47
N VAL A 12 -36.42 -19.54 -21.45
CA VAL A 12 -35.90 -20.18 -20.24
C VAL A 12 -36.36 -21.64 -20.22
N LEU A 13 -35.40 -22.56 -20.36
CA LEU A 13 -35.67 -24.00 -20.35
C LEU A 13 -35.43 -24.56 -18.95
N VAL A 14 -36.50 -25.02 -18.30
CA VAL A 14 -36.42 -25.60 -16.97
C VAL A 14 -36.36 -27.11 -17.10
N PHE A 15 -35.49 -27.71 -16.31
CA PHE A 15 -35.25 -29.14 -16.31
C PHE A 15 -35.31 -29.67 -14.84
N ASP A 16 -35.87 -30.86 -14.64
CA ASP A 16 -35.54 -31.67 -13.44
C ASP A 16 -34.97 -33.05 -13.86
N PRO A 17 -34.46 -33.86 -12.90
CA PRO A 17 -33.91 -35.11 -13.44
C PRO A 17 -34.92 -36.09 -14.04
N SER A 18 -36.24 -35.81 -14.03
CA SER A 18 -37.21 -36.67 -14.73
C SER A 18 -37.38 -36.30 -16.22
N THR A 19 -36.99 -35.08 -16.59
CA THR A 19 -37.37 -34.55 -17.89
C THR A 19 -36.93 -35.42 -19.07
N PRO A 20 -37.88 -35.76 -19.95
CA PRO A 20 -37.59 -36.33 -21.28
C PRO A 20 -36.46 -35.66 -22.08
N ASP A 21 -35.47 -36.47 -22.45
CA ASP A 21 -34.32 -36.11 -23.31
C ASP A 21 -33.71 -34.76 -23.06
N ILE A 22 -33.38 -34.48 -21.80
CA ILE A 22 -32.47 -33.37 -21.47
C ILE A 22 -31.27 -33.21 -22.41
N GLN A 23 -30.39 -34.20 -22.41
CA GLN A 23 -29.21 -34.12 -23.24
C GLN A 23 -29.61 -33.76 -24.67
N GLY A 24 -30.66 -34.39 -25.19
CA GLY A 24 -31.09 -34.06 -26.52
C GLY A 24 -31.64 -32.63 -26.60
N LYS A 25 -32.28 -32.13 -25.56
CA LYS A 25 -32.71 -30.74 -25.65
C LYS A 25 -31.48 -29.87 -25.67
N VAL A 26 -30.70 -29.98 -24.61
CA VAL A 26 -29.56 -29.08 -24.47
C VAL A 26 -28.69 -29.04 -25.74
N ASP A 27 -28.46 -30.20 -26.40
CA ASP A 27 -27.65 -30.28 -27.66
C ASP A 27 -28.34 -29.53 -28.83
N GLU A 28 -29.67 -29.49 -28.87
CA GLU A 28 -30.41 -28.72 -29.90
C GLU A 28 -30.05 -27.24 -29.70
N VAL A 29 -30.10 -26.75 -28.47
CA VAL A 29 -29.73 -25.35 -28.21
C VAL A 29 -28.26 -25.11 -28.67
N PHE A 30 -27.40 -26.09 -28.39
CA PHE A 30 -26.00 -25.96 -28.76
C PHE A 30 -25.79 -25.82 -30.27
N ARG A 31 -26.47 -26.60 -31.12
CA ARG A 31 -26.12 -26.52 -32.57
C ARG A 31 -26.57 -25.16 -33.09
N LYS A 32 -27.65 -24.64 -32.56
CA LYS A 32 -28.10 -23.30 -32.94
C LYS A 32 -27.09 -22.21 -32.52
N GLN A 33 -26.52 -22.32 -31.32
CA GLN A 33 -25.74 -21.18 -30.72
C GLN A 33 -24.25 -21.25 -30.83
N GLU A 34 -23.76 -22.45 -31.06
CA GLU A 34 -22.38 -22.71 -31.32
C GLU A 34 -21.60 -21.62 -32.10
N SER A 35 -22.05 -21.33 -33.31
CA SER A 35 -21.41 -20.36 -34.21
C SER A 35 -22.12 -19.03 -34.20
N ASN A 36 -23.05 -18.85 -33.28
CA ASN A 36 -24.00 -17.74 -33.38
C ASN A 36 -23.52 -16.50 -32.63
N GLN A 37 -22.38 -15.96 -33.10
CA GLN A 37 -21.64 -14.96 -32.33
C GLN A 37 -22.43 -13.67 -32.13
N PHE A 38 -23.18 -13.32 -33.15
CA PHE A 38 -23.83 -12.00 -33.21
C PHE A 38 -25.34 -12.08 -33.44
N GLY A 39 -25.92 -13.24 -33.28
CA GLY A 39 -27.37 -13.38 -33.47
C GLY A 39 -28.10 -12.89 -32.25
N THR A 40 -29.41 -12.79 -32.38
CA THR A 40 -30.24 -12.25 -31.33
C THR A 40 -30.88 -13.34 -30.47
N ASP A 41 -30.65 -14.61 -30.76
CA ASP A 41 -31.20 -15.64 -29.88
C ASP A 41 -30.51 -15.65 -28.51
N ARG A 42 -31.29 -16.03 -27.49
CA ARG A 42 -30.87 -16.02 -26.11
C ARG A 42 -31.51 -17.20 -25.38
N TYR A 43 -30.74 -17.85 -24.51
CA TYR A 43 -31.24 -18.99 -23.71
C TYR A 43 -30.68 -19.02 -22.33
N ALA A 44 -31.52 -19.42 -21.41
CA ALA A 44 -31.08 -19.79 -20.07
C ALA A 44 -31.57 -21.20 -19.84
N LEU A 45 -30.63 -22.05 -19.46
CA LEU A 45 -30.90 -23.44 -19.08
C LEU A 45 -30.84 -23.53 -17.55
N MET A 46 -31.94 -23.95 -16.91
CA MET A 46 -32.08 -23.89 -15.47
C MET A 46 -32.43 -25.30 -14.99
N PHE A 47 -31.60 -25.82 -14.10
CA PHE A 47 -31.79 -27.18 -13.59
C PHE A 47 -32.29 -27.18 -12.14
N LYS A 48 -33.46 -27.80 -11.93
CA LYS A 48 -33.97 -27.97 -10.57
C LYS A 48 -33.04 -28.84 -9.71
N PRO A 49 -33.09 -28.65 -8.38
CA PRO A 49 -32.26 -29.47 -7.48
C PRO A 49 -32.39 -30.99 -7.77
N GLY A 50 -31.25 -31.67 -7.79
CA GLY A 50 -31.19 -33.12 -8.01
C GLY A 50 -29.84 -33.57 -8.60
N THR A 51 -29.77 -34.86 -8.97
CA THR A 51 -28.59 -35.43 -9.62
C THR A 51 -28.99 -35.86 -11.02
N TYR A 52 -28.15 -35.52 -11.98
CA TYR A 52 -28.38 -35.74 -13.41
C TYR A 52 -27.26 -36.62 -13.93
N ASN A 53 -27.56 -37.72 -14.64
CA ASN A 53 -26.50 -38.60 -15.22
C ASN A 53 -26.32 -38.44 -16.75
N ASP A 54 -25.20 -38.97 -17.30
CA ASP A 54 -24.80 -38.90 -18.74
C ASP A 54 -25.31 -37.60 -19.39
N ILE A 55 -24.64 -36.52 -19.02
CA ILE A 55 -24.98 -35.20 -19.50
C ILE A 55 -23.66 -34.54 -19.85
N ASN A 56 -23.56 -34.06 -21.09
CA ASN A 56 -22.45 -33.17 -21.44
C ASN A 56 -23.06 -31.99 -22.11
N ALA A 57 -23.32 -30.95 -21.31
CA ALA A 57 -23.94 -29.74 -21.79
C ALA A 57 -22.88 -28.83 -22.41
N GLN A 58 -22.86 -28.77 -23.73
CA GLN A 58 -21.98 -27.87 -24.43
C GLN A 58 -22.70 -26.53 -24.50
N ILE A 59 -21.98 -25.48 -24.13
CA ILE A 59 -22.54 -24.13 -23.97
C ILE A 59 -22.03 -23.22 -25.11
N GLY A 60 -22.95 -22.76 -25.95
CA GLY A 60 -22.59 -21.89 -27.07
C GLY A 60 -22.81 -20.42 -26.70
N PHE A 61 -22.83 -19.56 -27.71
CA PHE A 61 -23.09 -18.15 -27.48
C PHE A 61 -24.46 -17.89 -26.82
N TYR A 62 -24.50 -16.85 -26.01
CA TYR A 62 -25.72 -16.35 -25.37
C TYR A 62 -26.54 -17.44 -24.69
N THR A 63 -25.85 -18.33 -24.01
CA THR A 63 -26.47 -19.40 -23.25
C THR A 63 -25.91 -19.34 -21.84
N SER A 64 -26.82 -19.27 -20.89
CA SER A 64 -26.49 -19.43 -19.48
C SER A 64 -27.02 -20.79 -18.98
N ILE A 65 -26.29 -21.38 -18.06
CA ILE A 65 -26.69 -22.64 -17.40
C ILE A 65 -26.53 -22.43 -15.92
N ALA A 66 -27.55 -22.76 -15.14
CA ALA A 66 -27.43 -22.73 -13.68
C ALA A 66 -28.31 -23.77 -13.01
N GLY A 67 -27.93 -24.05 -11.78
CA GLY A 67 -28.76 -24.83 -10.88
C GLY A 67 -29.69 -23.92 -10.07
N LEU A 68 -30.72 -24.50 -9.45
CA LEU A 68 -31.74 -23.69 -8.76
C LEU A 68 -31.76 -23.85 -7.23
N GLY A 69 -30.61 -23.74 -6.56
CA GLY A 69 -30.53 -23.75 -5.09
C GLY A 69 -29.75 -22.60 -4.48
N LEU A 70 -29.65 -22.55 -3.15
CA LEU A 70 -28.61 -21.72 -2.57
C LEU A 70 -27.29 -22.45 -2.83
N ASN A 71 -27.31 -23.70 -2.37
CA ASN A 71 -26.08 -24.49 -2.33
C ASN A 71 -25.78 -25.17 -3.72
N PRO A 72 -24.55 -25.01 -4.20
CA PRO A 72 -24.30 -25.61 -5.53
C PRO A 72 -24.44 -27.14 -5.51
N ASP A 73 -24.11 -27.78 -4.41
CA ASP A 73 -24.19 -29.24 -4.36
C ASP A 73 -25.63 -29.81 -4.43
N ASP A 74 -26.65 -28.96 -4.36
CA ASP A 74 -28.04 -29.39 -4.53
C ASP A 74 -28.38 -29.83 -5.93
N THR A 75 -27.59 -29.37 -6.90
CA THR A 75 -27.81 -29.72 -8.30
C THR A 75 -26.49 -30.26 -8.84
N THR A 76 -26.34 -31.61 -8.83
CA THR A 76 -25.16 -32.31 -9.34
C THR A 76 -25.28 -32.86 -10.76
N PHE A 77 -24.29 -32.58 -11.60
CA PHE A 77 -24.17 -33.28 -12.89
C PHE A 77 -23.08 -34.35 -12.75
N ASN A 78 -23.43 -35.57 -13.06
CA ASN A 78 -22.48 -36.64 -13.33
C ASN A 78 -22.22 -36.53 -14.80
N GLY A 79 -21.27 -35.67 -15.11
CA GLY A 79 -21.10 -35.13 -16.45
C GLY A 79 -20.49 -33.74 -16.43
N ASP A 80 -20.58 -33.06 -17.58
CA ASP A 80 -19.75 -31.87 -17.85
C ASP A 80 -20.59 -30.67 -18.32
N VAL A 81 -20.03 -29.49 -18.11
CA VAL A 81 -20.53 -28.24 -18.70
C VAL A 81 -19.34 -27.74 -19.52
N THR A 82 -19.40 -27.94 -20.83
CA THR A 82 -18.25 -27.87 -21.71
C THR A 82 -18.31 -26.60 -22.56
N VAL A 83 -17.20 -25.88 -22.64
CA VAL A 83 -16.93 -24.93 -23.71
C VAL A 83 -15.61 -25.30 -24.35
N ASP A 84 -15.65 -25.57 -25.64
CA ASP A 84 -14.47 -25.86 -26.44
C ASP A 84 -14.59 -24.92 -27.66
N ALA A 85 -13.63 -25.03 -28.56
CA ALA A 85 -13.53 -24.06 -29.63
C ALA A 85 -13.30 -24.76 -30.96
N GLY A 86 -14.10 -25.79 -31.24
CA GLY A 86 -13.93 -26.52 -32.50
C GLY A 86 -14.47 -25.71 -33.67
N TRP A 87 -15.42 -24.85 -33.34
CA TRP A 87 -16.18 -24.11 -34.34
C TRP A 87 -15.34 -23.00 -34.94
N PHE A 88 -14.24 -22.70 -34.26
CA PHE A 88 -13.25 -21.75 -34.76
C PHE A 88 -11.87 -22.41 -34.79
N ASP A 89 -11.90 -23.65 -35.24
CA ASP A 89 -10.92 -24.72 -34.97
C ASP A 89 -9.72 -24.40 -34.07
N GLY A 90 -9.95 -24.50 -32.77
CA GLY A 90 -8.82 -24.57 -31.85
C GLY A 90 -8.69 -23.32 -31.06
N ASN A 91 -9.00 -22.23 -31.73
CA ASN A 91 -8.74 -20.91 -31.22
C ASN A 91 -9.99 -20.44 -30.41
N ALA A 92 -9.81 -20.20 -29.11
CA ALA A 92 -10.94 -19.92 -28.22
C ALA A 92 -11.16 -18.44 -27.96
N THR A 93 -10.51 -17.57 -28.74
CA THR A 93 -10.54 -16.13 -28.48
C THR A 93 -11.80 -15.41 -28.94
N GLN A 94 -12.76 -16.15 -29.43
CA GLN A 94 -14.09 -15.55 -29.65
C GLN A 94 -15.18 -16.26 -28.84
N ASN A 95 -14.78 -17.01 -27.81
CA ASN A 95 -15.75 -17.75 -27.04
C ASN A 95 -16.27 -16.86 -25.91
N PHE A 96 -17.19 -15.98 -26.30
CA PHE A 96 -17.78 -14.97 -25.45
C PHE A 96 -19.24 -15.20 -25.01
N TRP A 97 -19.69 -14.38 -24.05
CA TRP A 97 -21.11 -14.16 -23.70
C TRP A 97 -21.83 -15.45 -23.34
N ARG A 98 -21.39 -16.11 -22.29
CA ARG A 98 -22.07 -17.30 -21.82
C ARG A 98 -21.79 -17.47 -20.33
N SER A 99 -22.46 -18.44 -19.70
CA SER A 99 -22.69 -18.37 -18.26
C SER A 99 -22.78 -19.74 -17.61
N ALA A 100 -22.09 -19.95 -16.47
CA ALA A 100 -22.34 -21.14 -15.61
C ALA A 100 -22.39 -20.74 -14.13
N GLU A 101 -23.47 -21.16 -13.45
CA GLU A 101 -23.66 -20.80 -12.03
C GLU A 101 -24.37 -21.87 -11.21
N ASN A 102 -23.93 -22.05 -9.97
CA ASN A 102 -24.70 -22.76 -8.93
C ASN A 102 -24.95 -24.22 -9.28
N LEU A 103 -23.88 -24.90 -9.67
CA LEU A 103 -23.91 -26.33 -10.01
C LEU A 103 -22.71 -27.06 -9.42
N ALA A 104 -22.88 -28.35 -9.11
CA ALA A 104 -21.74 -29.23 -8.84
C ALA A 104 -21.53 -30.12 -10.04
N LEU A 105 -20.27 -30.25 -10.47
CA LEU A 105 -19.90 -31.09 -11.62
C LEU A 105 -18.98 -32.23 -11.19
N ASN A 106 -19.25 -33.38 -11.75
CA ASN A 106 -18.46 -34.60 -11.52
C ASN A 106 -18.01 -35.03 -12.92
N PRO A 107 -16.89 -34.43 -13.42
CA PRO A 107 -16.64 -34.55 -14.86
C PRO A 107 -16.40 -35.98 -15.29
N VAL A 108 -16.81 -36.29 -16.49
CA VAL A 108 -16.88 -37.66 -16.94
C VAL A 108 -15.47 -38.28 -17.06
N ASN A 109 -14.44 -37.47 -17.32
CA ASN A 109 -13.04 -37.97 -17.31
C ASN A 109 -12.20 -37.40 -16.17
N GLY A 110 -12.83 -36.78 -15.18
CA GLY A 110 -12.08 -36.21 -14.07
C GLY A 110 -11.74 -34.72 -14.18
N THR A 111 -11.98 -34.15 -15.35
CA THR A 111 -11.68 -32.72 -15.59
C THR A 111 -12.76 -32.14 -16.48
N ASN A 112 -13.32 -30.99 -16.05
CA ASN A 112 -14.26 -30.25 -16.87
C ASN A 112 -13.50 -29.19 -17.71
N ARG A 113 -13.91 -29.02 -18.97
CA ARG A 113 -13.33 -28.05 -19.90
C ARG A 113 -14.26 -26.83 -19.97
N TRP A 114 -13.71 -25.65 -19.62
CA TRP A 114 -14.40 -24.35 -19.75
C TRP A 114 -13.41 -23.42 -20.48
N ALA A 115 -13.28 -23.65 -21.78
CA ALA A 115 -12.30 -22.95 -22.60
C ALA A 115 -12.87 -21.66 -23.21
N VAL A 116 -12.97 -20.65 -22.36
CA VAL A 116 -13.62 -19.38 -22.71
C VAL A 116 -12.65 -18.21 -22.88
N SER A 117 -13.17 -17.12 -23.47
CA SER A 117 -12.50 -15.83 -23.38
C SER A 117 -13.42 -14.88 -22.59
N GLN A 118 -13.58 -13.63 -23.03
CA GLN A 118 -14.18 -12.62 -22.18
C GLN A 118 -15.69 -12.82 -22.02
N ALA A 119 -16.25 -12.28 -20.93
CA ALA A 119 -17.69 -12.29 -20.66
C ALA A 119 -18.24 -13.71 -20.65
N ALA A 120 -17.54 -14.57 -19.93
CA ALA A 120 -17.98 -15.95 -19.75
C ALA A 120 -17.80 -16.40 -18.29
N PRO A 121 -18.53 -15.78 -17.38
CA PRO A 121 -18.30 -16.03 -15.95
C PRO A 121 -18.64 -17.46 -15.47
N PHE A 122 -17.93 -17.88 -14.43
CA PHE A 122 -18.03 -19.19 -13.79
C PHE A 122 -18.16 -18.86 -12.30
N ARG A 123 -19.42 -18.88 -11.79
CA ARG A 123 -19.73 -18.46 -10.44
C ARG A 123 -20.40 -19.55 -9.60
N ARG A 124 -20.02 -19.63 -8.33
CA ARG A 124 -20.75 -20.47 -7.38
C ARG A 124 -20.84 -21.90 -7.90
N MET A 125 -19.71 -22.36 -8.39
CA MET A 125 -19.59 -23.74 -8.91
C MET A 125 -18.75 -24.64 -8.01
N HIS A 126 -19.10 -25.91 -8.01
CA HIS A 126 -18.28 -26.95 -7.37
C HIS A 126 -17.79 -27.87 -8.47
N VAL A 127 -16.49 -28.02 -8.59
CA VAL A 127 -15.96 -28.99 -9.56
C VAL A 127 -15.27 -30.10 -8.79
N LYS A 128 -15.85 -31.30 -8.84
CA LYS A 128 -15.33 -32.41 -8.04
C LYS A 128 -14.29 -33.13 -8.90
N GLY A 129 -13.19 -32.40 -9.10
CA GLY A 129 -12.21 -32.70 -10.13
C GLY A 129 -11.45 -31.47 -10.58
N GLY A 130 -10.80 -31.62 -11.71
CA GLY A 130 -9.98 -30.57 -12.30
C GLY A 130 -10.79 -29.71 -13.25
N LEU A 131 -10.23 -28.57 -13.61
CA LEU A 131 -10.88 -27.63 -14.52
C LEU A 131 -9.81 -27.18 -15.49
N ASN A 132 -10.03 -27.57 -16.73
CA ASN A 132 -9.16 -27.20 -17.85
C ASN A 132 -9.79 -25.97 -18.51
N LEU A 133 -9.04 -24.89 -18.61
CA LEU A 133 -9.52 -23.63 -19.20
C LEU A 133 -9.09 -23.42 -20.65
N ALA A 134 -8.36 -24.38 -21.22
CA ALA A 134 -7.89 -24.22 -22.62
C ALA A 134 -8.59 -25.18 -23.58
N PRO A 135 -8.80 -24.76 -24.80
CA PRO A 135 -9.44 -25.67 -25.76
C PRO A 135 -8.54 -26.86 -26.05
N ASP A 136 -9.14 -27.90 -26.62
CA ASP A 136 -8.42 -29.12 -27.04
C ASP A 136 -7.28 -28.70 -27.96
N GLY A 137 -6.06 -29.13 -27.66
CA GLY A 137 -4.91 -28.83 -28.50
C GLY A 137 -4.24 -27.52 -28.17
N TYR A 138 -4.81 -26.82 -27.18
CA TYR A 138 -4.11 -25.75 -26.47
C TYR A 138 -3.93 -24.51 -27.34
N GLY A 139 -4.87 -24.30 -28.23
CA GLY A 139 -4.90 -23.09 -29.06
C GLY A 139 -5.18 -21.84 -28.24
N TRP A 140 -5.30 -20.71 -28.92
CA TRP A 140 -5.32 -19.43 -28.25
C TRP A 140 -6.59 -19.20 -27.44
N ALA A 141 -6.42 -18.51 -26.32
CA ALA A 141 -7.53 -18.23 -25.41
C ALA A 141 -7.26 -16.98 -24.59
N SER A 142 -8.32 -16.23 -24.26
CA SER A 142 -8.16 -14.93 -23.56
C SER A 142 -9.29 -14.67 -22.54
N GLY A 143 -9.38 -15.52 -21.53
CA GLY A 143 -10.36 -15.35 -20.46
C GLY A 143 -9.88 -14.34 -19.43
N GLY A 144 -10.44 -14.35 -18.21
CA GLY A 144 -11.40 -15.32 -17.74
C GLY A 144 -11.74 -14.93 -16.29
N TYR A 145 -12.83 -15.51 -15.76
CA TYR A 145 -13.36 -15.06 -14.48
C TYR A 145 -14.00 -16.21 -13.74
N ILE A 146 -13.45 -16.49 -12.55
CA ILE A 146 -14.06 -17.44 -11.63
C ILE A 146 -14.24 -16.74 -10.30
N ALA A 147 -15.42 -16.90 -9.73
CA ALA A 147 -15.69 -16.40 -8.40
C ALA A 147 -16.51 -17.35 -7.58
N ASP A 148 -16.24 -17.31 -6.28
CA ASP A 148 -17.08 -18.02 -5.29
C ASP A 148 -17.23 -19.50 -5.65
N SER A 149 -16.15 -20.10 -6.15
CA SER A 149 -16.17 -21.50 -6.57
C SER A 149 -15.15 -22.38 -5.84
N LYS A 150 -15.41 -23.68 -5.86
CA LYS A 150 -14.49 -24.68 -5.26
C LYS A 150 -14.17 -25.70 -6.32
N ILE A 151 -12.89 -25.78 -6.69
CA ILE A 151 -12.41 -26.80 -7.60
C ILE A 151 -11.54 -27.75 -6.80
N ASP A 152 -12.04 -28.95 -6.62
CA ASP A 152 -11.39 -29.89 -5.75
C ASP A 152 -10.00 -30.23 -6.27
N GLY A 153 -9.85 -30.20 -7.59
CA GLY A 153 -8.56 -30.50 -8.19
C GLY A 153 -7.76 -29.27 -8.59
N GLU A 154 -6.92 -29.46 -9.60
CA GLU A 154 -6.02 -28.45 -10.13
C GLU A 154 -6.77 -27.63 -11.17
N VAL A 155 -6.69 -26.29 -11.10
CA VAL A 155 -7.06 -25.53 -12.29
C VAL A 155 -5.91 -25.43 -13.29
N GLY A 156 -6.16 -25.79 -14.57
CA GLY A 156 -5.15 -25.74 -15.61
C GLY A 156 -5.39 -24.73 -16.73
N PRO A 157 -4.64 -23.61 -16.72
CA PRO A 157 -4.93 -22.61 -17.76
C PRO A 157 -4.30 -22.94 -19.10
N TYR A 158 -3.14 -23.62 -19.09
CA TYR A 158 -2.38 -23.91 -20.28
C TYR A 158 -2.15 -22.61 -21.12
N SER A 159 -2.84 -22.47 -22.24
CA SER A 159 -2.60 -21.37 -23.18
C SER A 159 -3.35 -20.08 -22.82
N GLN A 160 -4.30 -20.15 -21.90
CA GLN A 160 -4.97 -18.93 -21.45
C GLN A 160 -4.00 -17.82 -21.14
N GLN A 161 -4.17 -16.67 -21.80
CA GLN A 161 -3.26 -15.55 -21.60
C GLN A 161 -3.21 -15.05 -20.18
N GLN A 162 -4.40 -14.86 -19.62
CA GLN A 162 -4.54 -14.24 -18.33
C GLN A 162 -5.84 -14.77 -17.69
N TRP A 163 -6.04 -14.45 -16.41
CA TRP A 163 -7.21 -14.96 -15.65
C TRP A 163 -7.36 -14.26 -14.33
N TYR A 164 -8.61 -14.11 -13.88
CA TYR A 164 -8.89 -13.59 -12.53
C TYR A 164 -9.78 -14.57 -11.75
N THR A 165 -9.33 -14.89 -10.55
CA THR A 165 -10.10 -15.75 -9.67
C THR A 165 -10.26 -15.04 -8.37
N ARG A 166 -11.48 -15.01 -7.84
CA ARG A 166 -11.67 -14.48 -6.48
C ARG A 166 -12.56 -15.32 -5.58
N ASP A 167 -12.24 -15.22 -4.29
CA ASP A 167 -13.08 -15.72 -3.20
C ASP A 167 -13.57 -17.14 -3.46
N SER A 168 -12.59 -18.00 -3.63
CA SER A 168 -12.74 -19.34 -4.15
C SER A 168 -11.78 -20.29 -3.42
N SER A 169 -11.87 -21.56 -3.79
CA SER A 169 -10.89 -22.56 -3.32
C SER A 169 -10.47 -23.44 -4.49
N VAL A 170 -9.16 -23.62 -4.68
CA VAL A 170 -8.62 -24.49 -5.71
C VAL A 170 -7.67 -25.53 -5.11
N GLY A 171 -7.79 -26.77 -5.56
CA GLY A 171 -6.84 -27.81 -5.19
C GLY A 171 -5.41 -27.50 -5.62
N GLY A 172 -5.23 -26.46 -6.44
CA GLY A 172 -3.97 -26.16 -7.08
C GLY A 172 -4.13 -25.44 -8.42
N TRP A 173 -3.02 -24.94 -8.93
CA TRP A 173 -2.97 -24.09 -10.14
C TRP A 173 -1.86 -24.54 -11.06
N GLY A 174 -2.14 -24.79 -12.33
CA GLY A 174 -1.13 -25.36 -13.22
C GLY A 174 -0.01 -24.43 -13.70
N ASN A 175 -0.37 -23.19 -14.05
CA ASN A 175 0.59 -22.25 -14.66
C ASN A 175 0.05 -20.84 -14.81
N GLY A 176 0.94 -19.97 -15.23
CA GLY A 176 0.57 -18.64 -15.67
C GLY A 176 0.93 -18.55 -17.14
N VAL A 177 0.63 -17.41 -17.75
CA VAL A 177 1.14 -17.09 -19.10
C VAL A 177 1.59 -15.65 -19.06
N TRP A 178 0.64 -14.71 -18.97
CA TRP A 178 0.98 -13.30 -18.84
C TRP A 178 0.50 -12.68 -17.52
N ASN A 179 -0.70 -13.04 -17.06
CA ASN A 179 -1.22 -12.38 -15.86
C ASN A 179 -2.33 -13.17 -15.20
N MET A 180 -1.96 -13.96 -14.18
CA MET A 180 -2.92 -14.76 -13.43
C MET A 180 -3.01 -14.07 -12.08
N THR A 181 -4.16 -13.45 -11.83
CA THR A 181 -4.39 -12.68 -10.61
C THR A 181 -5.41 -13.41 -9.73
N PHE A 182 -5.14 -13.38 -8.43
CA PHE A 182 -5.99 -14.02 -7.44
C PHE A 182 -6.24 -13.10 -6.29
N SER A 183 -7.49 -13.07 -5.79
CA SER A 183 -7.74 -12.42 -4.53
C SER A 183 -8.71 -13.27 -3.68
N GLY A 184 -8.28 -13.54 -2.44
CA GLY A 184 -9.13 -14.34 -1.55
C GLY A 184 -9.30 -15.78 -1.98
N VAL A 185 -8.26 -16.32 -2.58
CA VAL A 185 -8.29 -17.66 -3.13
C VAL A 185 -7.43 -18.62 -2.32
N GLU A 186 -8.11 -19.54 -1.67
CA GLU A 186 -7.47 -20.62 -0.93
C GLU A 186 -6.89 -21.59 -1.93
N GLY A 187 -5.58 -21.85 -1.82
CA GLY A 187 -4.93 -22.73 -2.77
C GLY A 187 -4.25 -21.99 -3.92
N ALA A 188 -4.40 -20.67 -3.98
CA ALA A 188 -3.74 -19.90 -5.04
C ALA A 188 -2.22 -20.02 -4.94
N PRO A 189 -1.54 -20.12 -6.10
CA PRO A 189 -0.07 -20.13 -6.04
C PRO A 189 0.44 -18.83 -5.45
N ALA A 190 1.64 -18.86 -4.88
CA ALA A 190 2.13 -17.73 -4.08
C ALA A 190 2.44 -16.57 -5.00
N GLN A 191 2.34 -15.35 -4.49
CA GLN A 191 2.79 -14.18 -5.22
C GLN A 191 4.21 -14.46 -5.77
N SER A 192 4.38 -14.27 -7.07
CA SER A 192 5.65 -14.57 -7.73
C SER A 192 5.90 -13.67 -8.96
N PHE A 193 5.16 -12.56 -9.10
CA PHE A 193 5.32 -11.74 -10.30
C PHE A 193 6.72 -11.08 -10.32
N PRO A 194 7.40 -11.07 -11.51
CA PRO A 194 6.87 -11.41 -12.84
C PRO A 194 7.00 -12.87 -13.23
N GLU A 195 7.69 -13.71 -12.44
CA GLU A 195 7.85 -15.14 -12.84
C GLU A 195 7.76 -16.20 -11.75
N PRO A 196 6.73 -17.03 -11.83
CA PRO A 196 5.60 -16.91 -12.77
C PRO A 196 4.80 -15.61 -12.53
N PRO A 197 3.87 -15.25 -13.44
CA PRO A 197 3.17 -13.95 -13.35
C PRO A 197 1.94 -13.97 -12.41
N TYR A 198 2.17 -14.54 -11.24
CA TYR A 198 1.11 -14.69 -10.25
C TYR A 198 1.04 -13.45 -9.38
N THR A 199 -0.11 -12.78 -9.43
CA THR A 199 -0.42 -11.66 -8.53
C THR A 199 -1.48 -12.14 -7.54
N THR A 200 -1.11 -12.18 -6.25
CA THR A 200 -1.91 -12.90 -5.26
C THR A 200 -2.12 -12.05 -4.05
N LEU A 201 -3.40 -11.77 -3.78
CA LEU A 201 -3.87 -11.00 -2.64
C LEU A 201 -4.63 -11.92 -1.71
N GLU A 202 -4.54 -11.67 -0.40
CA GLU A 202 -4.96 -12.68 0.55
C GLU A 202 -6.46 -12.66 0.68
N THR A 203 -7.02 -11.46 0.60
CA THR A 203 -8.43 -11.30 0.68
C THR A 203 -8.82 -10.32 -0.43
N THR A 204 -10.11 -10.34 -0.75
CA THR A 204 -10.70 -9.33 -1.57
C THR A 204 -11.27 -8.30 -0.63
N PRO A 205 -10.90 -7.02 -0.83
CA PRO A 205 -11.32 -6.01 0.17
C PRO A 205 -12.80 -6.06 0.52
N VAL A 206 -13.59 -5.84 -0.52
CA VAL A 206 -15.04 -5.93 -0.44
C VAL A 206 -15.50 -6.82 -1.58
N SER A 207 -16.46 -7.72 -1.32
CA SER A 207 -17.16 -8.41 -2.42
C SER A 207 -18.58 -8.65 -2.01
N ARG A 208 -19.42 -8.92 -2.98
CA ARG A 208 -20.79 -9.28 -2.66
C ARG A 208 -21.28 -10.15 -3.78
N GLU A 209 -21.63 -11.39 -3.45
CA GLU A 209 -21.97 -12.34 -4.51
C GLU A 209 -23.21 -11.96 -5.38
N LYS A 210 -23.12 -12.27 -6.67
CA LYS A 210 -24.18 -11.97 -7.63
C LYS A 210 -25.47 -12.61 -7.18
N PRO A 211 -26.56 -11.85 -7.22
CA PRO A 211 -27.85 -12.48 -6.93
C PRO A 211 -28.18 -13.57 -7.94
N PHE A 212 -28.98 -14.55 -7.57
CA PHE A 212 -29.34 -15.62 -8.50
C PHE A 212 -30.72 -16.20 -8.23
N LEU A 213 -31.36 -16.68 -9.28
CA LEU A 213 -32.65 -17.34 -9.16
C LEU A 213 -32.49 -18.75 -8.56
N TYR A 214 -33.35 -19.13 -7.62
CA TYR A 214 -33.45 -20.51 -7.20
C TYR A 214 -34.90 -20.88 -6.90
N LEU A 215 -35.14 -22.16 -6.62
CA LEU A 215 -36.46 -22.64 -6.20
C LEU A 215 -36.42 -23.01 -4.70
N ASP A 216 -37.40 -22.54 -3.92
CA ASP A 216 -37.38 -22.69 -2.46
C ASP A 216 -38.57 -23.52 -2.11
N GLY A 217 -38.28 -24.78 -1.80
CA GLY A 217 -39.21 -25.86 -2.07
C GLY A 217 -39.68 -25.81 -3.51
N ASP A 218 -40.94 -25.46 -3.74
CA ASP A 218 -41.39 -25.31 -5.11
C ASP A 218 -41.59 -23.86 -5.58
N ASP A 219 -41.17 -22.81 -4.87
CA ASP A 219 -41.78 -21.46 -5.12
C ASP A 219 -41.36 -20.43 -6.26
N TYR A 220 -40.05 -20.38 -6.57
CA TYR A 220 -39.18 -19.34 -7.33
C TYR A 220 -38.87 -18.12 -6.48
N LYS A 221 -37.58 -17.89 -6.26
CA LYS A 221 -37.09 -16.70 -5.57
C LYS A 221 -35.70 -16.32 -6.08
N VAL A 222 -35.27 -15.10 -5.74
CA VAL A 222 -33.94 -14.63 -6.03
C VAL A 222 -33.18 -14.45 -4.74
N PHE A 223 -32.08 -15.17 -4.62
CA PHE A 223 -31.19 -14.99 -3.47
C PHE A 223 -30.25 -13.82 -3.70
N VAL A 224 -30.13 -12.99 -2.68
CA VAL A 224 -29.28 -11.82 -2.74
C VAL A 224 -28.17 -11.87 -1.65
N PRO A 225 -26.93 -12.13 -2.08
CA PRO A 225 -25.79 -12.21 -1.15
C PRO A 225 -25.49 -10.92 -0.41
N ALA A 226 -25.13 -11.12 0.86
CA ALA A 226 -24.67 -10.04 1.73
C ALA A 226 -23.20 -9.73 1.42
N LYS A 227 -22.83 -8.44 1.52
CA LYS A 227 -21.44 -7.99 1.37
C LYS A 227 -20.56 -8.73 2.38
N ARG A 228 -19.43 -9.24 1.87
CA ARG A 228 -18.34 -9.68 2.72
C ARG A 228 -17.24 -8.64 2.72
N THR A 229 -16.56 -8.57 3.85
CA THR A 229 -15.48 -7.65 3.98
C THR A 229 -14.23 -8.53 4.19
N ASN A 230 -13.16 -8.11 3.53
CA ASN A 230 -11.96 -8.92 3.26
C ASN A 230 -12.26 -10.42 3.15
N ALA A 231 -12.92 -10.73 2.04
CA ALA A 231 -13.40 -12.05 1.72
C ALA A 231 -12.27 -13.02 1.37
N ARG A 232 -12.51 -14.27 1.68
CA ARG A 232 -11.58 -15.33 1.31
C ARG A 232 -12.30 -16.63 1.29
N GLY A 233 -12.07 -17.42 0.26
CA GLY A 233 -12.79 -18.68 0.10
C GLY A 233 -14.24 -18.45 -0.27
N THR A 234 -15.02 -19.52 -0.37
CA THR A 234 -16.40 -19.41 -0.83
C THR A 234 -17.39 -18.91 0.25
N SER A 235 -18.55 -18.43 -0.20
CA SER A 235 -19.64 -17.90 0.64
C SER A 235 -20.76 -18.90 0.94
N TRP A 236 -20.54 -20.11 0.47
CA TRP A 236 -21.52 -21.17 0.61
C TRP A 236 -20.82 -22.32 1.23
N GLY A 237 -19.50 -22.26 1.11
CA GLY A 237 -18.64 -23.00 1.95
C GLY A 237 -18.61 -22.31 3.27
N ASN A 238 -18.73 -23.17 4.26
CA ASN A 238 -18.44 -22.89 5.68
C ASN A 238 -19.91 -22.83 6.07
N GLY A 239 -20.52 -21.65 6.06
CA GLY A 239 -21.94 -21.54 6.40
C GLY A 239 -22.87 -21.23 5.24
N THR A 240 -24.06 -21.80 5.42
CA THR A 240 -25.40 -21.38 4.99
C THR A 240 -25.55 -20.14 4.07
N PRO A 241 -26.62 -20.15 3.31
CA PRO A 241 -26.74 -18.96 2.48
C PRO A 241 -27.28 -17.74 3.21
N GLU A 242 -26.39 -16.75 3.30
CA GLU A 242 -26.50 -15.49 4.04
C GLU A 242 -26.82 -14.24 3.19
N GLY A 243 -28.04 -13.70 3.38
CA GLY A 243 -28.59 -12.71 2.46
C GLY A 243 -30.09 -12.51 2.55
N GLU A 244 -30.75 -12.32 1.39
CA GLU A 244 -32.21 -12.16 1.38
C GLU A 244 -32.88 -12.97 0.25
N SER A 245 -34.01 -13.60 0.54
CA SER A 245 -34.76 -14.30 -0.52
C SER A 245 -35.96 -13.48 -0.96
N LEU A 246 -35.84 -12.89 -2.15
CA LEU A 246 -36.93 -12.16 -2.73
C LEU A 246 -37.86 -13.17 -3.38
N PRO A 247 -39.17 -13.15 -3.05
CA PRO A 247 -40.02 -13.86 -4.02
C PRO A 247 -40.14 -13.31 -5.44
N LEU A 248 -40.22 -14.23 -6.41
CA LEU A 248 -40.35 -13.85 -7.82
C LEU A 248 -41.52 -12.87 -8.02
N ASP A 249 -42.55 -13.09 -7.24
CA ASP A 249 -43.70 -12.22 -7.23
C ASP A 249 -43.38 -10.76 -6.81
N GLN A 250 -42.17 -10.50 -6.29
CA GLN A 250 -41.70 -9.13 -6.07
C GLN A 250 -40.84 -8.54 -7.22
N PHE A 251 -40.84 -9.25 -8.37
CA PHE A 251 -40.07 -8.88 -9.57
C PHE A 251 -40.96 -8.62 -10.76
N TYR A 252 -40.78 -7.51 -11.46
CA TYR A 252 -41.42 -7.38 -12.74
C TYR A 252 -40.68 -8.26 -13.74
N VAL A 253 -41.42 -9.16 -14.40
CA VAL A 253 -40.80 -10.10 -15.34
C VAL A 253 -40.80 -9.51 -16.74
N VAL A 254 -39.65 -9.00 -17.13
CA VAL A 254 -39.47 -8.28 -18.37
C VAL A 254 -39.37 -9.29 -19.53
N LYS A 255 -40.33 -9.18 -20.44
CA LYS A 255 -40.33 -9.91 -21.69
C LYS A 255 -40.15 -8.83 -22.81
N PRO A 256 -39.44 -9.17 -23.94
CA PRO A 256 -38.93 -8.31 -25.06
C PRO A 256 -39.90 -7.26 -25.49
N GLY A 257 -39.48 -6.14 -26.09
CA GLY A 257 -40.46 -5.13 -26.37
C GLY A 257 -41.20 -4.55 -25.18
N ALA A 258 -40.63 -4.66 -24.00
CA ALA A 258 -41.21 -3.97 -22.84
C ALA A 258 -40.68 -2.55 -22.90
N THR A 259 -41.54 -1.60 -22.61
CA THR A 259 -41.12 -0.22 -22.77
C THR A 259 -40.31 0.15 -21.56
N ALA A 260 -39.32 1.01 -21.74
CA ALA A 260 -38.69 1.59 -20.58
C ALA A 260 -39.79 2.31 -19.79
N GLU A 261 -40.85 2.71 -20.48
CA GLU A 261 -41.92 3.36 -19.72
C GLU A 261 -42.54 2.32 -18.74
N THR A 262 -42.89 1.12 -19.21
CA THR A 262 -43.43 0.12 -18.26
C THR A 262 -42.32 -0.25 -17.26
N ILE A 263 -41.08 -0.20 -17.71
CA ILE A 263 -40.02 -0.81 -16.93
C ILE A 263 -39.64 0.08 -15.76
N ASN A 264 -39.42 1.36 -16.02
CA ASN A 264 -39.28 2.33 -14.93
C ASN A 264 -40.50 2.35 -13.96
N ALA A 265 -41.73 2.34 -14.52
CA ALA A 265 -42.95 2.34 -13.68
C ALA A 265 -42.93 1.16 -12.70
N ALA A 266 -42.35 0.05 -13.12
CA ALA A 266 -42.33 -1.11 -12.23
C ALA A 266 -41.43 -0.82 -11.03
N VAL A 267 -40.26 -0.21 -11.29
CA VAL A 267 -39.32 0.09 -10.23
C VAL A 267 -39.86 1.16 -9.26
N ASP A 268 -40.25 2.30 -9.85
CA ASP A 268 -40.76 3.45 -9.12
C ASP A 268 -41.75 3.03 -8.07
N GLN A 269 -42.56 2.05 -8.42
CA GLN A 269 -43.69 1.72 -7.59
C GLN A 269 -43.53 0.37 -6.86
N GLY A 270 -42.27 -0.11 -6.75
CA GLY A 270 -41.91 -1.17 -5.80
C GLY A 270 -41.11 -2.37 -6.30
N LEU A 271 -41.25 -2.70 -7.56
CA LEU A 271 -40.78 -4.00 -8.04
C LEU A 271 -39.30 -4.00 -8.42
N HIS A 272 -38.68 -5.15 -8.21
CA HIS A 272 -37.38 -5.44 -8.78
C HIS A 272 -37.57 -5.85 -10.24
N LEU A 273 -36.46 -6.01 -10.96
CA LEU A 273 -36.51 -6.39 -12.38
C LEU A 273 -35.81 -7.71 -12.69
N LEU A 274 -36.51 -8.55 -13.44
CA LEU A 274 -35.96 -9.80 -13.95
C LEU A 274 -36.07 -9.82 -15.47
N PHE A 275 -34.96 -9.56 -16.14
CA PHE A 275 -34.95 -9.60 -17.58
C PHE A 275 -34.80 -11.04 -18.07
N THR A 276 -35.86 -11.59 -18.67
CA THR A 276 -35.79 -12.91 -19.25
C THR A 276 -34.87 -12.83 -20.46
N PRO A 277 -34.41 -13.98 -20.99
CA PRO A 277 -33.49 -13.90 -22.12
C PRO A 277 -34.14 -13.29 -23.34
N GLY A 278 -33.48 -12.31 -23.91
CA GLY A 278 -33.98 -11.68 -25.13
C GLY A 278 -33.28 -10.34 -25.32
N VAL A 279 -33.81 -9.58 -26.28
CA VAL A 279 -33.27 -8.29 -26.67
C VAL A 279 -34.33 -7.21 -26.53
N TYR A 280 -33.99 -6.17 -25.76
CA TYR A 280 -34.93 -5.15 -25.45
C TYR A 280 -34.43 -3.83 -26.01
N HIS A 281 -35.02 -3.39 -27.10
CA HIS A 281 -34.83 -2.03 -27.53
C HIS A 281 -35.66 -1.07 -26.67
N VAL A 282 -34.99 0.00 -26.16
CA VAL A 282 -35.65 1.03 -25.38
C VAL A 282 -35.50 2.43 -26.01
N ASP A 283 -36.59 3.21 -25.95
CA ASP A 283 -36.68 4.58 -26.45
C ASP A 283 -36.16 5.65 -25.52
N GLN A 284 -35.95 5.27 -24.27
CA GLN A 284 -35.61 6.20 -23.17
C GLN A 284 -34.87 5.34 -22.15
N PRO A 285 -34.09 5.98 -21.27
CA PRO A 285 -33.31 5.15 -20.34
C PRO A 285 -34.14 4.35 -19.33
N ILE A 286 -33.53 3.27 -18.89
CA ILE A 286 -34.02 2.49 -17.76
C ILE A 286 -33.50 3.24 -16.54
N GLU A 287 -34.43 3.57 -15.66
CA GLU A 287 -34.09 4.35 -14.49
C GLU A 287 -34.32 3.58 -13.20
N ILE A 288 -33.24 3.37 -12.46
CA ILE A 288 -33.31 2.67 -11.19
C ILE A 288 -32.95 3.66 -10.09
N ASP A 289 -33.98 4.17 -9.41
CA ASP A 289 -33.76 5.21 -8.37
C ASP A 289 -34.42 4.85 -7.05
N ARG A 290 -34.43 3.58 -6.76
CA ARG A 290 -35.02 3.06 -5.55
C ARG A 290 -33.97 2.19 -4.90
N ALA A 291 -33.65 2.46 -3.63
CA ALA A 291 -32.60 1.71 -2.98
C ALA A 291 -32.89 0.22 -2.95
N ASN A 292 -31.83 -0.57 -3.02
CA ASN A 292 -31.88 -2.04 -2.94
C ASN A 292 -32.54 -2.74 -4.12
N THR A 293 -32.77 -2.02 -5.20
CA THR A 293 -33.37 -2.64 -6.40
C THR A 293 -32.41 -3.63 -6.99
N VAL A 294 -32.97 -4.76 -7.40
CA VAL A 294 -32.19 -5.81 -8.05
C VAL A 294 -32.69 -5.82 -9.48
N ALA A 295 -31.73 -5.82 -10.42
CA ALA A 295 -32.04 -5.88 -11.84
C ALA A 295 -31.21 -6.98 -12.45
N LEU A 296 -31.79 -8.18 -12.51
CA LEU A 296 -31.06 -9.39 -12.86
C LEU A 296 -31.41 -9.72 -14.28
N GLY A 297 -30.43 -10.15 -15.05
CA GLY A 297 -30.65 -10.67 -16.39
C GLY A 297 -30.42 -12.18 -16.39
N LEU A 298 -31.21 -12.88 -17.20
CA LEU A 298 -30.99 -14.30 -17.49
C LEU A 298 -30.63 -14.47 -18.98
N GLY A 299 -29.86 -15.51 -19.28
CA GLY A 299 -29.63 -15.88 -20.66
C GLY A 299 -29.04 -14.76 -21.50
N LEU A 300 -28.17 -13.92 -20.92
CA LEU A 300 -27.53 -12.82 -21.64
C LEU A 300 -28.53 -11.80 -22.20
N ALA A 301 -29.59 -11.52 -21.42
CA ALA A 301 -30.54 -10.50 -21.75
C ALA A 301 -29.83 -9.22 -22.14
N THR A 302 -30.30 -8.60 -23.22
CA THR A 302 -29.57 -7.53 -23.87
C THR A 302 -30.43 -6.31 -24.10
N ILE A 303 -29.93 -5.16 -23.67
CA ILE A 303 -30.65 -3.90 -23.79
C ILE A 303 -29.95 -3.06 -24.87
N ILE A 304 -30.73 -2.61 -25.86
CA ILE A 304 -30.23 -1.70 -26.90
C ILE A 304 -30.91 -0.34 -26.81
N PRO A 305 -30.13 0.72 -26.53
CA PRO A 305 -30.76 2.04 -26.51
C PRO A 305 -30.87 2.63 -27.90
N ASP A 306 -32.08 2.94 -28.33
CA ASP A 306 -32.33 3.58 -29.61
C ASP A 306 -32.20 5.11 -29.48
N ASN A 307 -32.13 5.81 -30.61
CA ASN A 307 -32.28 7.27 -30.65
C ASN A 307 -31.23 8.01 -29.84
N GLY A 308 -30.13 7.33 -29.59
CA GLY A 308 -28.97 7.91 -28.92
C GLY A 308 -29.14 8.06 -27.43
N VAL A 309 -30.18 7.42 -26.88
CA VAL A 309 -30.36 7.56 -25.44
C VAL A 309 -29.36 6.71 -24.61
N THR A 310 -29.31 6.98 -23.30
CA THR A 310 -28.57 6.17 -22.36
C THR A 310 -29.42 4.95 -22.04
N ALA A 311 -28.80 3.78 -21.94
CA ALA A 311 -29.57 2.54 -21.70
C ALA A 311 -30.00 2.40 -20.25
N LEU A 312 -29.10 2.70 -19.32
CA LEU A 312 -29.36 2.49 -17.92
C LEU A 312 -28.83 3.63 -17.11
N LYS A 313 -29.66 4.17 -16.24
CA LYS A 313 -29.19 5.11 -15.23
C LYS A 313 -29.68 4.72 -13.85
N VAL A 314 -28.71 4.55 -12.96
CA VAL A 314 -28.94 4.27 -11.54
C VAL A 314 -28.82 5.58 -10.78
N GLY A 315 -29.76 5.86 -9.91
CA GLY A 315 -29.72 7.08 -9.13
C GLY A 315 -28.79 7.00 -7.94
N ASP A 316 -28.87 8.02 -7.08
CA ASP A 316 -27.94 8.21 -5.97
C ASP A 316 -28.51 7.51 -4.74
N VAL A 317 -28.65 6.20 -4.84
CA VAL A 317 -29.26 5.39 -3.81
C VAL A 317 -28.36 4.20 -3.44
N ASP A 318 -28.52 3.69 -2.22
CA ASP A 318 -27.81 2.49 -1.77
C ASP A 318 -28.31 1.23 -2.46
N GLY A 319 -27.42 0.26 -2.58
CA GLY A 319 -27.76 -1.13 -2.73
C GLY A 319 -28.34 -1.66 -4.01
N VAL A 320 -28.23 -0.93 -5.11
CA VAL A 320 -28.72 -1.42 -6.37
C VAL A 320 -27.76 -2.47 -6.85
N LYS A 321 -28.33 -3.54 -7.40
CA LYS A 321 -27.51 -4.67 -7.83
C LYS A 321 -27.97 -4.98 -9.21
N VAL A 322 -27.15 -4.61 -10.16
CA VAL A 322 -27.39 -4.89 -11.56
C VAL A 322 -26.53 -6.09 -11.95
N ALA A 323 -27.10 -7.20 -12.44
CA ALA A 323 -26.29 -8.32 -12.85
C ALA A 323 -26.80 -9.06 -14.11
N GLY A 324 -25.85 -9.52 -14.95
CA GLY A 324 -26.12 -10.47 -16.00
C GLY A 324 -26.64 -9.93 -17.32
N LEU A 325 -26.31 -8.68 -17.59
CA LEU A 325 -26.88 -7.93 -18.71
C LEU A 325 -25.85 -7.54 -19.72
N LEU A 326 -26.23 -7.57 -21.00
CA LEU A 326 -25.42 -7.00 -22.07
C LEU A 326 -26.09 -5.72 -22.54
N VAL A 327 -25.36 -4.62 -22.54
CA VAL A 327 -25.84 -3.42 -23.22
C VAL A 327 -25.07 -3.26 -24.53
N ASP A 328 -25.82 -3.13 -25.61
CA ASP A 328 -25.31 -3.18 -26.96
C ASP A 328 -25.70 -1.86 -27.65
N ALA A 329 -24.71 -1.10 -28.08
CA ALA A 329 -24.98 0.22 -28.61
C ALA A 329 -25.81 0.14 -29.87
N GLY A 330 -26.64 1.16 -30.08
CA GLY A 330 -27.38 1.29 -31.32
C GLY A 330 -26.57 2.13 -32.30
N PRO A 331 -27.01 2.14 -33.57
CA PRO A 331 -26.30 2.89 -34.60
C PRO A 331 -26.22 4.40 -34.34
N VAL A 332 -27.23 4.97 -33.70
CA VAL A 332 -27.14 6.38 -33.31
C VAL A 332 -26.26 6.50 -32.09
N ASN A 333 -25.28 7.39 -32.14
CA ASN A 333 -24.37 7.57 -31.01
C ASN A 333 -25.09 7.97 -29.70
N SER A 334 -24.84 7.20 -28.65
CA SER A 334 -25.22 7.56 -27.31
C SER A 334 -24.08 8.25 -26.56
N GLU A 335 -24.43 9.34 -25.89
CA GLU A 335 -23.50 10.07 -25.01
C GLU A 335 -22.88 9.15 -23.98
N THR A 336 -23.74 8.40 -23.33
CA THR A 336 -23.36 7.34 -22.42
C THR A 336 -24.25 6.14 -22.60
N LEU A 337 -23.74 4.96 -22.27
CA LEU A 337 -24.60 3.76 -22.32
C LEU A 337 -25.08 3.36 -20.94
N VAL A 338 -24.19 3.47 -19.96
CA VAL A 338 -24.54 3.16 -18.58
C VAL A 338 -24.04 4.27 -17.66
N GLU A 339 -24.92 4.71 -16.76
CA GLU A 339 -24.53 5.71 -15.73
C GLU A 339 -24.85 5.24 -14.32
N VAL A 340 -23.87 5.29 -13.40
CA VAL A 340 -24.13 4.95 -12.00
C VAL A 340 -23.97 6.20 -11.12
N GLY A 341 -25.11 6.77 -10.77
CA GLY A 341 -25.16 7.98 -9.97
C GLY A 341 -25.28 9.22 -10.85
N SER A 342 -25.71 10.33 -10.25
CA SER A 342 -25.74 11.64 -10.93
C SER A 342 -24.32 12.24 -11.14
N ASP A 343 -24.10 13.16 -12.12
CA ASP A 343 -22.77 13.86 -12.14
C ASP A 343 -22.55 14.66 -10.87
N GLY A 344 -21.34 14.63 -10.35
CA GLY A 344 -21.08 15.30 -9.08
C GLY A 344 -21.83 14.79 -7.84
N ALA A 345 -22.68 13.76 -7.97
CA ALA A 345 -23.27 13.11 -6.78
C ALA A 345 -22.15 12.93 -5.75
N SER A 346 -22.43 13.17 -4.47
CA SER A 346 -21.35 13.37 -3.47
C SER A 346 -21.62 12.60 -2.15
N GLY A 347 -22.68 11.79 -2.16
CA GLY A 347 -23.02 10.99 -0.98
C GLY A 347 -22.37 9.63 -0.97
N ASP A 348 -22.18 9.10 0.24
CA ASP A 348 -21.51 7.83 0.43
C ASP A 348 -22.47 6.63 0.55
N HIS A 349 -21.97 5.44 0.18
CA HIS A 349 -22.78 4.22 0.18
C HIS A 349 -21.98 3.03 0.71
N ALA A 350 -21.21 3.26 1.77
CA ALA A 350 -20.18 2.28 2.13
C ALA A 350 -20.75 1.01 2.78
N ALA A 351 -21.79 1.11 3.59
CA ALA A 351 -22.37 -0.10 4.19
C ALA A 351 -23.03 -0.95 3.08
N ASN A 352 -23.89 -0.30 2.30
CA ASN A 352 -24.65 -0.94 1.24
C ASN A 352 -24.46 -0.35 -0.15
N PRO A 353 -23.32 -0.68 -0.80
CA PRO A 353 -23.02 -0.07 -2.10
C PRO A 353 -23.84 -0.59 -3.27
N THR A 354 -23.78 0.13 -4.40
CA THR A 354 -24.35 -0.31 -5.65
C THR A 354 -23.27 -1.09 -6.38
N SER A 355 -23.68 -2.14 -7.08
CA SER A 355 -22.75 -2.95 -7.88
C SER A 355 -23.23 -3.25 -9.29
N LEU A 356 -22.25 -3.39 -10.17
CA LEU A 356 -22.43 -3.98 -11.49
C LEU A 356 -21.71 -5.32 -11.52
N GLN A 357 -22.43 -6.38 -11.85
CA GLN A 357 -21.82 -7.71 -11.97
C GLN A 357 -22.22 -8.38 -13.27
N ASP A 358 -21.24 -8.92 -13.98
CA ASP A 358 -21.49 -9.49 -15.31
C ASP A 358 -22.36 -8.56 -16.16
N VAL A 359 -21.95 -7.29 -16.18
CA VAL A 359 -22.53 -6.28 -17.04
C VAL A 359 -21.55 -6.09 -18.19
N PHE A 360 -21.96 -6.45 -19.40
CA PHE A 360 -21.07 -6.44 -20.56
C PHE A 360 -21.58 -5.44 -21.55
N VAL A 361 -20.70 -4.63 -22.12
CA VAL A 361 -21.12 -3.65 -23.12
C VAL A 361 -20.48 -4.02 -24.45
N ARG A 362 -21.21 -3.80 -25.53
CA ARG A 362 -20.67 -3.99 -26.86
C ARG A 362 -20.96 -2.76 -27.68
N ILE A 363 -19.95 -2.27 -28.42
CA ILE A 363 -20.18 -1.24 -29.44
C ILE A 363 -19.81 -1.78 -30.83
N GLY A 364 -20.82 -2.06 -31.65
CA GLY A 364 -20.61 -2.61 -32.97
C GLY A 364 -20.53 -4.12 -32.97
N GLY A 365 -20.44 -4.74 -34.17
CA GLY A 365 -20.20 -6.16 -34.29
C GLY A 365 -21.46 -6.87 -34.75
N ALA A 366 -22.60 -6.50 -34.18
CA ALA A 366 -23.92 -7.04 -34.58
C ALA A 366 -24.67 -5.98 -35.35
N GLY A 367 -23.89 -5.21 -36.10
CA GLY A 367 -24.38 -4.03 -36.78
C GLY A 367 -23.64 -2.80 -36.33
N PRO A 368 -23.83 -1.66 -37.03
CA PRO A 368 -23.10 -0.46 -36.65
C PRO A 368 -23.55 -0.02 -35.26
N GLY A 369 -22.60 0.43 -34.43
CA GLY A 369 -22.93 0.93 -33.12
C GLY A 369 -21.90 1.98 -32.67
N LYS A 370 -22.33 2.95 -31.88
CA LYS A 370 -21.46 4.04 -31.42
C LYS A 370 -21.84 4.53 -30.05
N ALA A 371 -20.86 4.96 -29.26
CA ALA A 371 -21.14 5.66 -28.02
C ALA A 371 -19.91 6.38 -27.57
N THR A 372 -20.08 7.54 -26.96
CA THR A 372 -18.96 8.36 -26.53
C THR A 372 -18.23 7.77 -25.32
N THR A 373 -18.97 7.54 -24.24
CA THR A 373 -18.42 6.94 -23.02
C THR A 373 -19.38 5.81 -22.67
N SER A 374 -18.87 4.61 -22.43
CA SER A 374 -19.75 3.48 -22.22
C SER A 374 -20.34 3.38 -20.81
N ILE A 375 -19.47 3.43 -19.81
CA ILE A 375 -19.90 3.35 -18.41
C ILE A 375 -19.27 4.49 -17.64
N VAL A 376 -20.12 5.29 -17.01
CA VAL A 376 -19.67 6.32 -16.06
C VAL A 376 -20.07 5.93 -14.66
N VAL A 377 -19.07 5.87 -13.77
CA VAL A 377 -19.32 5.53 -12.37
C VAL A 377 -19.16 6.80 -11.52
N ASN A 378 -20.30 7.40 -11.19
CA ASN A 378 -20.33 8.59 -10.33
C ASN A 378 -20.43 8.27 -8.84
N SER A 379 -21.21 7.23 -8.50
CA SER A 379 -21.53 6.94 -7.09
C SER A 379 -20.35 6.40 -6.30
N ASN A 380 -20.10 7.06 -5.19
CA ASN A 380 -19.09 6.60 -4.30
C ASN A 380 -19.37 5.17 -3.82
N ASP A 381 -18.29 4.44 -3.60
CA ASP A 381 -18.30 3.10 -3.02
C ASP A 381 -18.80 1.98 -3.96
N THR A 382 -19.08 2.34 -5.20
CA THR A 382 -19.57 1.38 -6.20
C THR A 382 -18.57 0.23 -6.44
N ILE A 383 -19.12 -0.95 -6.65
CA ILE A 383 -18.34 -2.14 -6.93
C ILE A 383 -18.64 -2.61 -8.33
N ILE A 384 -17.58 -2.79 -9.11
CA ILE A 384 -17.70 -3.20 -10.48
C ILE A 384 -16.96 -4.54 -10.52
N ASP A 385 -17.68 -5.64 -10.71
CA ASP A 385 -17.18 -6.97 -10.38
C ASP A 385 -17.52 -7.86 -11.54
N HIS A 386 -16.51 -8.01 -12.38
CA HIS A 386 -16.60 -8.57 -13.72
C HIS A 386 -17.39 -7.69 -14.69
N THR A 387 -16.67 -6.92 -15.47
CA THR A 387 -17.28 -6.22 -16.59
C THR A 387 -16.40 -6.47 -17.82
N TRP A 388 -17.03 -6.59 -19.01
CA TRP A 388 -16.29 -6.54 -20.29
C TRP A 388 -16.90 -5.42 -21.07
N VAL A 389 -16.05 -4.45 -21.39
CA VAL A 389 -16.44 -3.20 -22.01
C VAL A 389 -15.68 -3.15 -23.35
N TRP A 390 -16.41 -3.45 -24.42
CA TRP A 390 -15.77 -3.91 -25.65
C TRP A 390 -16.27 -3.20 -26.91
N ARG A 391 -15.38 -2.43 -27.53
CA ARG A 391 -15.65 -1.89 -28.82
C ARG A 391 -15.24 -2.95 -29.82
N ALA A 392 -16.21 -3.40 -30.62
CA ALA A 392 -15.99 -4.56 -31.47
C ALA A 392 -14.82 -4.36 -32.46
N ASP A 393 -13.95 -5.37 -32.53
CA ASP A 393 -12.84 -5.41 -33.49
C ASP A 393 -13.17 -6.25 -34.73
N HIS A 394 -14.25 -7.01 -34.65
CA HIS A 394 -14.65 -7.85 -35.78
C HIS A 394 -16.16 -7.94 -35.83
N GLY A 395 -16.66 -8.53 -36.90
CA GLY A 395 -18.09 -8.62 -37.19
C GLY A 395 -18.52 -7.56 -38.18
N GLU A 396 -19.80 -7.17 -38.15
CA GLU A 396 -20.26 -6.05 -39.01
C GLU A 396 -20.46 -4.78 -38.27
N GLY A 397 -20.35 -3.71 -39.04
CA GLY A 397 -20.54 -2.40 -38.47
C GLY A 397 -19.34 -1.96 -37.67
N VAL A 398 -18.14 -2.42 -38.07
CA VAL A 398 -16.89 -2.08 -37.40
C VAL A 398 -15.98 -1.25 -38.30
N GLY A 399 -15.25 -0.35 -37.66
CA GLY A 399 -14.36 0.54 -38.36
C GLY A 399 -14.02 1.75 -37.50
N TRP A 400 -12.83 2.29 -37.78
CA TRP A 400 -12.29 3.42 -37.01
C TRP A 400 -13.33 4.55 -36.77
N GLU A 401 -14.17 4.83 -37.76
CA GLU A 401 -15.33 5.74 -37.55
C GLU A 401 -16.64 4.98 -37.46
N THR A 402 -16.79 3.90 -38.21
CA THR A 402 -18.07 3.21 -38.28
C THR A 402 -18.59 2.82 -36.89
N ASN A 403 -17.75 2.20 -36.07
CA ASN A 403 -18.10 1.97 -34.66
C ASN A 403 -17.19 2.74 -33.70
N ARG A 404 -16.85 4.00 -34.04
CA ARG A 404 -16.09 4.84 -33.07
C ARG A 404 -16.73 4.82 -31.68
N ALA A 405 -15.88 4.64 -30.68
CA ALA A 405 -16.24 4.85 -29.28
C ALA A 405 -15.00 5.35 -28.58
N ASP A 406 -15.00 6.64 -28.23
CA ASP A 406 -13.79 7.23 -27.65
C ASP A 406 -13.38 6.62 -26.29
N TYR A 407 -14.35 6.46 -25.38
CA TYR A 407 -14.05 6.18 -23.99
C TYR A 407 -14.83 4.97 -23.43
N GLY A 408 -14.14 4.08 -22.73
CA GLY A 408 -14.79 2.88 -22.20
C GLY A 408 -15.45 3.09 -20.85
N VAL A 409 -14.62 3.23 -19.81
CA VAL A 409 -15.09 3.42 -18.46
C VAL A 409 -14.45 4.66 -17.88
N HIS A 410 -15.29 5.47 -17.24
CA HIS A 410 -14.81 6.65 -16.53
C HIS A 410 -15.30 6.60 -15.10
N VAL A 411 -14.38 6.51 -14.15
CA VAL A 411 -14.77 6.40 -12.76
C VAL A 411 -14.57 7.77 -12.13
N LYS A 412 -15.66 8.37 -11.66
CA LYS A 412 -15.65 9.69 -11.01
C LYS A 412 -15.85 9.66 -9.50
N GLY A 413 -16.66 8.73 -9.02
CA GLY A 413 -16.83 8.59 -7.60
C GLY A 413 -15.59 8.09 -6.86
N ASP A 414 -15.72 8.08 -5.54
CA ASP A 414 -14.65 7.78 -4.63
C ASP A 414 -14.83 6.41 -4.02
N ASN A 415 -13.71 5.79 -3.72
CA ASN A 415 -13.67 4.44 -3.14
C ASN A 415 -14.40 3.37 -3.95
N VAL A 416 -14.27 3.52 -5.26
CA VAL A 416 -14.85 2.57 -6.19
C VAL A 416 -13.88 1.41 -6.33
N LEU A 417 -14.41 0.20 -6.45
CA LEU A 417 -13.59 -1.01 -6.50
C LEU A 417 -13.97 -1.73 -7.76
N ALA A 418 -12.97 -2.06 -8.57
CA ALA A 418 -13.17 -2.87 -9.78
C ALA A 418 -12.38 -4.16 -9.59
N THR A 419 -13.07 -5.31 -9.61
CA THR A 419 -12.47 -6.61 -9.54
C THR A 419 -12.84 -7.36 -10.84
N GLY A 420 -11.84 -7.63 -11.69
CA GLY A 420 -12.12 -8.35 -12.92
C GLY A 420 -12.55 -7.36 -14.02
N LEU A 421 -11.66 -6.43 -14.32
CA LEU A 421 -11.97 -5.32 -15.25
C LEU A 421 -11.38 -5.62 -16.62
N PHE A 422 -12.23 -5.80 -17.63
CA PHE A 422 -11.79 -6.11 -19.01
C PHE A 422 -12.35 -4.98 -19.94
N VAL A 423 -11.50 -4.20 -20.59
CA VAL A 423 -11.96 -3.10 -21.42
C VAL A 423 -11.06 -2.96 -22.67
N GLU A 424 -11.66 -3.01 -23.86
CA GLU A 424 -10.84 -3.16 -25.07
C GLU A 424 -11.30 -2.33 -26.26
N HIS A 425 -10.30 -1.75 -26.91
CA HIS A 425 -10.32 -1.27 -28.30
C HIS A 425 -10.91 0.13 -28.51
N PHE A 426 -11.06 0.90 -27.45
CA PHE A 426 -11.58 2.26 -27.61
C PHE A 426 -10.64 3.21 -28.39
N ASN A 427 -11.22 4.20 -29.06
CA ASN A 427 -10.41 5.12 -29.86
C ASN A 427 -9.47 5.95 -29.00
N LYS A 428 -9.95 6.32 -27.81
CA LYS A 428 -9.16 7.10 -26.86
C LYS A 428 -8.88 6.31 -25.58
N TYR A 429 -9.08 6.90 -24.39
CA TYR A 429 -8.79 6.21 -23.15
C TYR A 429 -9.81 5.10 -22.83
N ASP A 430 -9.35 3.86 -22.77
CA ASP A 430 -10.23 2.76 -22.41
C ASP A 430 -10.82 2.94 -21.03
N VAL A 431 -9.93 3.23 -20.09
CA VAL A 431 -10.32 3.50 -18.71
C VAL A 431 -9.66 4.78 -18.24
N GLN A 432 -10.49 5.60 -17.62
CA GLN A 432 -10.13 6.86 -16.96
C GLN A 432 -10.63 6.90 -15.54
N TRP A 433 -9.74 7.21 -14.61
CA TRP A 433 -10.08 7.27 -13.21
C TRP A 433 -9.78 8.65 -12.66
N SER A 434 -10.82 9.30 -12.16
CA SER A 434 -10.72 10.69 -11.69
C SER A 434 -11.07 10.82 -10.23
N GLY A 435 -11.77 9.83 -9.68
CA GLY A 435 -12.17 9.81 -8.29
C GLY A 435 -11.05 9.34 -7.40
N GLU A 436 -11.19 9.52 -6.08
CA GLU A 436 -10.15 9.12 -5.14
C GLU A 436 -10.25 7.69 -4.59
N ASN A 437 -9.09 7.18 -4.14
CA ASN A 437 -8.94 5.88 -3.50
C ASN A 437 -9.63 4.77 -4.28
N GLY A 438 -9.48 4.85 -5.58
CA GLY A 438 -9.93 3.77 -6.42
C GLY A 438 -8.99 2.60 -6.26
N LYS A 439 -9.54 1.39 -6.44
CA LYS A 439 -8.80 0.12 -6.40
C LYS A 439 -9.20 -0.72 -7.61
N THR A 440 -8.22 -1.22 -8.39
CA THR A 440 -8.48 -2.23 -9.43
C THR A 440 -7.67 -3.48 -9.15
N ILE A 441 -8.38 -4.61 -9.03
CA ILE A 441 -7.77 -5.92 -8.96
C ILE A 441 -8.09 -6.69 -10.22
N PHE A 442 -7.05 -6.88 -11.02
CA PHE A 442 -7.09 -7.42 -12.39
C PHE A 442 -7.62 -6.48 -13.48
N TYR A 443 -6.75 -6.17 -14.44
CA TYR A 443 -7.14 -5.46 -15.66
C TYR A 443 -6.60 -6.12 -16.91
N GLN A 444 -7.48 -6.27 -17.88
CA GLN A 444 -7.12 -6.73 -19.20
C GLN A 444 -7.63 -5.71 -20.24
N ASN A 445 -6.68 -5.22 -21.04
CA ASN A 445 -6.98 -4.36 -22.17
C ASN A 445 -6.27 -4.81 -23.42
N ALA A 446 -6.92 -4.61 -24.56
CA ALA A 446 -6.23 -4.57 -25.84
C ALA A 446 -6.60 -3.25 -26.49
N LYS A 447 -5.64 -2.67 -27.19
CA LYS A 447 -5.83 -1.36 -27.81
C LYS A 447 -6.70 -1.50 -29.05
N ALA A 448 -7.13 -0.37 -29.60
CA ALA A 448 -7.81 -0.41 -30.87
C ALA A 448 -6.89 -1.05 -31.90
N TYR A 449 -7.43 -2.01 -32.65
CA TYR A 449 -6.64 -2.73 -33.62
C TYR A 449 -6.69 -2.02 -34.98
N ASP A 450 -7.54 -0.97 -35.11
CA ASP A 450 -7.75 -0.30 -36.42
C ASP A 450 -7.31 1.18 -36.65
N ALA A 451 -6.55 1.81 -35.76
CA ALA A 451 -6.13 3.21 -35.99
C ALA A 451 -5.44 3.27 -37.36
N PRO A 452 -5.75 4.30 -38.16
CA PRO A 452 -5.22 4.34 -39.54
C PRO A 452 -3.77 4.77 -39.64
N ASP A 453 -3.28 5.42 -38.59
CA ASP A 453 -1.93 5.95 -38.61
C ASP A 453 -1.67 6.64 -37.28
N GLN A 454 -0.43 7.07 -37.09
CA GLN A 454 -0.02 7.65 -35.81
C GLN A 454 -0.85 8.89 -35.41
N ALA A 455 -1.01 9.83 -36.33
CA ALA A 455 -1.68 11.09 -35.94
C ALA A 455 -3.09 10.88 -35.47
N ALA A 456 -3.75 9.85 -35.98
CA ALA A 456 -5.14 9.56 -35.59
C ALA A 456 -5.28 9.17 -34.11
N ILE A 457 -4.16 9.02 -33.42
CA ILE A 457 -4.14 8.69 -32.01
C ILE A 457 -3.18 9.58 -31.23
N GLN A 458 -2.77 10.67 -31.85
CA GLN A 458 -2.00 11.67 -31.12
C GLN A 458 -2.85 12.29 -29.99
N ASN A 459 -2.19 12.56 -28.85
CA ASN A 459 -2.84 12.90 -27.59
C ASN A 459 -1.96 13.92 -26.97
N GLY A 460 -2.14 15.10 -27.51
CA GLY A 460 -1.12 16.11 -27.50
C GLY A 460 0.17 15.57 -28.11
N ASP A 461 1.01 15.11 -27.21
CA ASP A 461 2.43 14.99 -27.43
C ASP A 461 2.87 13.63 -26.83
N ILE A 462 1.85 12.89 -26.47
CA ILE A 462 1.92 11.47 -26.17
C ILE A 462 1.39 10.80 -27.40
N LYS A 463 2.09 9.77 -27.85
CA LYS A 463 1.55 8.93 -28.92
C LYS A 463 0.53 7.96 -28.36
N GLY A 464 -0.68 7.95 -28.91
CA GLY A 464 -1.78 7.16 -28.37
C GLY A 464 -2.31 7.59 -27.01
N TYR A 465 -3.38 6.91 -26.57
CA TYR A 465 -4.04 7.13 -25.30
C TYR A 465 -3.86 5.91 -24.42
N ALA A 466 -3.50 6.14 -23.19
CA ALA A 466 -3.34 5.03 -22.26
C ALA A 466 -4.55 4.15 -22.24
N ALA A 467 -4.34 2.87 -22.04
CA ALA A 467 -5.44 1.97 -21.69
C ALA A 467 -6.06 2.27 -20.31
N TYR A 468 -5.28 2.83 -19.41
CA TYR A 468 -5.74 3.08 -18.04
C TYR A 468 -4.98 4.30 -17.54
N LYS A 469 -5.75 5.38 -17.41
CA LYS A 469 -5.27 6.66 -16.96
C LYS A 469 -5.86 7.06 -15.59
N VAL A 470 -4.98 7.32 -14.64
CA VAL A 470 -5.33 7.89 -13.36
C VAL A 470 -5.01 9.35 -13.50
N ASP A 471 -6.00 10.25 -13.43
CA ASP A 471 -5.72 11.67 -13.57
C ASP A 471 -4.57 12.15 -12.63
N ASP A 472 -3.64 12.99 -13.11
CA ASP A 472 -2.52 13.51 -12.26
C ASP A 472 -3.01 14.19 -10.96
N SER A 473 -4.33 14.44 -10.82
CA SER A 473 -4.89 15.03 -9.58
C SER A 473 -5.17 14.05 -8.44
N VAL A 474 -5.60 12.85 -8.81
CA VAL A 474 -5.81 11.78 -7.86
C VAL A 474 -4.61 11.69 -6.88
N THR A 475 -4.91 11.55 -5.60
CA THR A 475 -3.88 11.48 -4.58
C THR A 475 -3.68 10.05 -4.13
N THR A 476 -4.74 9.25 -4.23
CA THR A 476 -4.70 7.89 -3.76
C THR A 476 -5.33 7.00 -4.86
N HIS A 477 -4.57 6.00 -5.30
CA HIS A 477 -5.06 4.95 -6.25
C HIS A 477 -4.18 3.72 -6.11
N GLU A 478 -4.78 2.53 -6.23
CA GLU A 478 -3.96 1.32 -6.32
C GLU A 478 -4.54 0.30 -7.31
N GLY A 479 -3.64 -0.31 -8.07
CA GLY A 479 -3.99 -1.33 -9.04
C GLY A 479 -3.07 -2.54 -8.97
N TRP A 480 -3.65 -3.73 -9.16
CA TRP A 480 -2.91 -4.99 -9.13
C TRP A 480 -3.19 -5.86 -10.33
N GLY A 481 -2.14 -6.31 -11.01
CA GLY A 481 -2.30 -7.36 -12.02
C GLY A 481 -2.96 -6.89 -13.32
N MET A 482 -2.25 -6.04 -14.05
CA MET A 482 -2.84 -5.27 -15.12
C MET A 482 -2.01 -5.30 -16.41
N GLY A 483 -2.68 -5.63 -17.51
CA GLY A 483 -2.03 -5.77 -18.80
C GLY A 483 -2.77 -5.05 -19.93
N SER A 484 -1.97 -4.52 -20.85
CA SER A 484 -2.49 -3.90 -22.07
C SER A 484 -1.74 -4.47 -23.30
N TYR A 485 -2.50 -4.92 -24.30
CA TYR A 485 -1.91 -5.55 -25.50
C TYR A 485 -2.22 -4.71 -26.76
N CYS A 486 -1.30 -4.72 -27.73
CA CYS A 486 -1.53 -4.03 -29.00
C CYS A 486 -1.46 -4.98 -30.19
N TYR A 487 -2.26 -4.68 -31.21
CA TYR A 487 -2.30 -5.40 -32.48
C TYR A 487 -2.79 -4.41 -33.53
N PHE A 488 -1.89 -3.52 -33.90
CA PHE A 488 -2.23 -2.47 -34.83
C PHE A 488 -2.15 -3.12 -36.21
N ASN A 489 -3.29 -3.71 -36.62
CA ASN A 489 -3.41 -4.61 -37.82
C ASN A 489 -3.47 -3.81 -39.06
N VAL A 490 -3.99 -2.61 -38.99
CA VAL A 490 -4.07 -1.83 -40.21
C VAL A 490 -2.70 -1.29 -40.50
N ASN A 491 -2.06 -0.68 -39.49
CA ASN A 491 -0.78 0.01 -39.67
C ASN A 491 0.20 -0.39 -38.56
N PRO A 492 0.96 -1.47 -38.78
CA PRO A 492 1.84 -1.96 -37.71
C PRO A 492 3.14 -1.16 -37.54
N ASP A 493 3.33 -0.03 -38.23
CA ASP A 493 4.41 0.85 -37.84
C ASP A 493 4.00 1.87 -36.73
N ILE A 494 2.75 1.79 -36.25
CA ILE A 494 2.33 2.64 -35.13
C ILE A 494 3.12 2.31 -33.85
N ARG A 495 3.27 3.35 -33.03
CA ARG A 495 3.80 3.28 -31.67
C ARG A 495 2.81 3.77 -30.60
N GLN A 496 2.66 2.98 -29.53
CA GLN A 496 1.81 3.32 -28.39
C GLN A 496 2.74 3.73 -27.24
N GLN A 497 2.65 4.95 -26.73
CA GLN A 497 3.67 5.40 -25.78
C GLN A 497 3.67 4.52 -24.58
N HIS A 498 2.48 4.22 -24.05
CA HIS A 498 2.39 3.41 -22.82
C HIS A 498 1.05 2.74 -22.66
N GLY A 499 1.00 1.73 -21.78
CA GLY A 499 -0.26 1.12 -21.41
C GLY A 499 -1.00 1.89 -20.33
N PHE A 500 -0.24 2.50 -19.42
CA PHE A 500 -0.73 3.16 -18.22
C PHE A 500 -0.19 4.58 -18.10
N GLN A 501 -1.01 5.48 -17.59
CA GLN A 501 -0.59 6.84 -17.25
C GLN A 501 -1.11 7.22 -15.88
N ALA A 502 -0.23 7.78 -15.05
CA ALA A 502 -0.62 8.15 -13.67
C ALA A 502 0.38 9.12 -13.12
N PRO A 503 -0.04 9.92 -12.14
CA PRO A 503 0.95 10.76 -11.49
C PRO A 503 1.89 9.93 -10.65
N VAL A 504 3.07 10.49 -10.46
CA VAL A 504 4.09 9.96 -9.58
C VAL A 504 3.92 10.59 -8.21
N LYS A 505 3.50 9.77 -7.27
CA LYS A 505 2.98 10.22 -5.97
C LYS A 505 2.94 9.04 -5.03
N PRO A 506 3.04 9.33 -3.71
CA PRO A 506 2.99 8.23 -2.78
C PRO A 506 1.75 7.39 -2.92
N GLY A 507 0.60 8.03 -2.80
CA GLY A 507 -0.62 7.31 -2.58
C GLY A 507 -1.16 6.69 -3.86
N VAL A 508 -0.49 6.94 -4.99
CA VAL A 508 -0.77 6.22 -6.25
C VAL A 508 0.21 5.03 -6.39
N LYS A 509 -0.34 3.83 -6.58
CA LYS A 509 0.46 2.60 -6.62
C LYS A 509 0.00 1.67 -7.70
N PHE A 510 0.95 1.02 -8.38
CA PHE A 510 0.65 -0.17 -9.17
C PHE A 510 1.62 -1.31 -8.86
N HIS A 511 1.05 -2.50 -8.99
CA HIS A 511 1.70 -3.76 -8.77
C HIS A 511 1.44 -4.65 -9.95
N ASP A 512 2.53 -5.10 -10.56
CA ASP A 512 2.52 -6.11 -11.62
C ASP A 512 1.82 -5.64 -12.88
N LEU A 513 2.50 -4.71 -13.57
CA LEU A 513 2.03 -4.15 -14.84
C LEU A 513 2.75 -4.80 -16.02
N LEU A 514 2.03 -4.93 -17.09
CA LEU A 514 2.67 -5.41 -18.32
C LEU A 514 2.02 -4.89 -19.58
N VAL A 515 2.85 -4.74 -20.63
CA VAL A 515 2.34 -4.49 -21.97
C VAL A 515 2.92 -5.49 -22.92
N VAL A 516 2.16 -5.78 -23.98
CA VAL A 516 2.57 -6.76 -24.96
C VAL A 516 2.15 -6.41 -26.36
N SER A 517 3.09 -6.56 -27.30
CA SER A 517 2.77 -6.48 -28.71
C SER A 517 2.48 -7.86 -29.28
N LEU A 518 1.29 -8.00 -29.86
CA LEU A 518 0.91 -9.27 -30.46
C LEU A 518 1.57 -9.44 -31.86
N GLY A 519 2.50 -10.37 -31.98
CA GLY A 519 3.18 -10.62 -33.24
C GLY A 519 3.84 -9.40 -33.90
N GLY A 520 4.28 -8.43 -33.11
CA GLY A 520 5.00 -7.30 -33.61
C GLY A 520 4.21 -6.27 -34.39
N LYS A 521 2.88 -6.37 -34.30
CA LYS A 521 2.00 -5.40 -34.96
C LYS A 521 1.93 -4.12 -34.13
N GLY A 522 2.90 -3.26 -34.39
CA GLY A 522 3.06 -2.08 -33.59
C GLY A 522 3.84 -2.46 -32.36
N GLN A 523 4.28 -1.43 -31.63
CA GLN A 523 5.00 -1.64 -30.39
C GLN A 523 4.65 -0.57 -29.35
N TYR A 524 4.88 -0.92 -28.09
CA TYR A 524 4.81 0.04 -26.98
C TYR A 524 6.17 0.70 -26.78
N GLU A 525 6.21 1.98 -26.45
CA GLU A 525 7.46 2.69 -26.12
C GLU A 525 7.90 2.42 -24.69
N HIS A 526 6.89 2.25 -23.84
CA HIS A 526 7.09 2.05 -22.42
C HIS A 526 5.87 1.35 -21.85
N VAL A 527 5.94 1.04 -20.56
CA VAL A 527 4.84 0.38 -19.88
C VAL A 527 3.86 1.38 -19.23
N ILE A 528 4.38 2.25 -18.38
CA ILE A 528 3.61 3.28 -17.71
C ILE A 528 4.35 4.61 -17.80
N ASN A 529 3.62 5.69 -18.11
CA ASN A 529 4.28 6.96 -18.27
C ASN A 529 5.49 6.73 -19.21
N ASP A 530 6.71 6.98 -18.75
CA ASP A 530 7.89 6.78 -19.56
C ASP A 530 8.91 5.80 -18.87
N ILE A 531 8.33 4.97 -18.00
CA ILE A 531 8.99 3.86 -17.31
C ILE A 531 8.66 2.51 -17.96
N GLY A 532 9.63 1.61 -17.96
CA GLY A 532 9.47 0.28 -18.50
C GLY A 532 10.05 0.21 -19.90
N ASP A 533 10.54 -0.95 -20.28
CA ASP A 533 11.13 -1.13 -21.58
C ASP A 533 10.09 -1.03 -22.67
N PRO A 534 10.51 -0.60 -23.86
CA PRO A 534 9.60 -0.81 -24.97
C PRO A 534 9.46 -2.30 -25.22
N THR A 535 8.41 -2.70 -25.94
CA THR A 535 8.34 -4.04 -26.50
C THR A 535 9.19 -4.09 -27.78
N SER A 536 9.71 -5.28 -28.11
CA SER A 536 10.53 -5.47 -29.32
C SER A 536 10.31 -6.82 -29.96
N GLY A 537 10.85 -6.97 -31.16
CA GLY A 537 10.68 -8.17 -31.99
C GLY A 537 9.22 -8.43 -32.36
N ASP A 538 9.00 -9.61 -32.94
CA ASP A 538 7.66 -10.12 -33.21
C ASP A 538 7.39 -11.34 -32.32
N THR A 539 8.03 -11.38 -31.16
CA THR A 539 8.02 -12.61 -30.33
C THR A 539 6.99 -12.59 -29.18
N THR A 540 6.20 -11.52 -29.12
CA THR A 540 5.10 -11.39 -28.15
C THR A 540 5.62 -11.64 -26.73
N ILE A 541 6.77 -11.10 -26.44
CA ILE A 541 7.34 -11.19 -25.11
C ILE A 541 6.88 -9.99 -24.32
N PRO A 542 6.28 -10.19 -23.15
CA PRO A 542 5.77 -8.99 -22.46
C PRO A 542 6.85 -8.09 -21.93
N SER A 543 6.59 -6.80 -21.85
CA SER A 543 7.43 -5.87 -21.10
C SER A 543 6.73 -5.52 -19.78
N GLN A 544 7.45 -5.68 -18.67
CA GLN A 544 6.85 -5.70 -17.36
C GLN A 544 7.37 -4.64 -16.46
N VAL A 545 6.57 -4.36 -15.44
CA VAL A 545 6.97 -3.42 -14.41
C VAL A 545 6.35 -3.95 -13.11
N VAL A 546 7.19 -4.28 -12.12
CA VAL A 546 6.69 -4.92 -10.90
C VAL A 546 6.04 -3.90 -9.94
N SER A 547 6.74 -2.80 -9.69
CA SER A 547 6.30 -1.82 -8.72
C SER A 547 6.54 -0.39 -9.26
N PHE A 548 5.49 0.44 -9.23
CA PHE A 548 5.53 1.86 -9.64
C PHE A 548 4.72 2.66 -8.60
N PRO A 549 5.04 3.96 -8.40
CA PRO A 549 6.14 4.79 -8.89
C PRO A 549 7.31 4.59 -7.98
N VAL B 2 -12.98 14.82 18.78
CA VAL B 2 -11.66 15.44 18.71
C VAL B 2 -11.07 15.04 20.02
N VAL B 3 -11.16 13.73 20.27
CA VAL B 3 -11.56 13.19 21.56
C VAL B 3 -10.64 12.04 21.81
N GLY B 4 -11.07 11.08 22.65
CA GLY B 4 -10.14 10.09 23.18
C GLY B 4 -10.55 8.64 23.41
N GLY B 5 -9.52 7.80 23.38
CA GLY B 5 -9.71 6.37 23.33
C GLY B 5 -10.06 5.81 21.98
N GLY B 6 -10.34 4.52 21.95
CA GLY B 6 -10.88 3.88 20.76
C GLY B 6 -9.85 2.97 20.09
N ASP B 7 -10.12 2.60 18.84
CA ASP B 7 -9.31 1.58 18.19
C ASP B 7 -8.21 2.16 17.33
N LEU B 8 -7.08 1.49 17.35
CA LEU B 8 -5.89 2.14 16.85
C LEU B 8 -5.66 2.00 15.35
N GLY B 9 -6.52 1.25 14.68
CA GLY B 9 -6.60 1.32 13.24
C GLY B 9 -6.13 0.15 12.40
N PRO B 10 -6.18 0.33 11.07
CA PRO B 10 -5.74 -0.67 10.09
C PRO B 10 -4.26 -0.90 10.16
N ASN B 11 -3.57 0.07 10.76
CA ASN B 11 -2.17 0.20 10.47
C ASN B 11 -1.27 -0.28 11.63
N VAL B 12 -1.91 -0.48 12.79
CA VAL B 12 -1.35 -1.25 13.89
C VAL B 12 -1.87 -2.70 13.92
N LEU B 13 -1.00 -3.69 13.67
CA LEU B 13 -1.37 -5.11 13.82
C LEU B 13 -1.03 -5.59 15.24
N VAL B 14 -2.06 -6.09 15.93
CA VAL B 14 -1.93 -6.53 17.31
C VAL B 14 -2.00 -8.05 17.32
N PHE B 15 -0.85 -8.67 17.59
CA PHE B 15 -0.70 -10.11 17.64
C PHE B 15 -0.84 -10.64 19.06
N ASP B 16 -1.25 -11.90 19.23
CA ASP B 16 -1.02 -12.63 20.49
C ASP B 16 -0.23 -13.90 20.14
N PRO B 17 -0.13 -14.91 21.01
CA PRO B 17 0.02 -16.19 20.30
C PRO B 17 -1.21 -16.38 19.41
N SER B 18 -2.16 -17.31 19.60
CA SER B 18 -3.23 -17.67 18.61
C SER B 18 -3.17 -16.94 17.27
N THR B 19 -3.78 -17.37 16.18
CA THR B 19 -3.60 -16.52 14.92
C THR B 19 -3.54 -17.32 13.68
N PRO B 20 -4.47 -17.03 12.78
CA PRO B 20 -4.23 -17.35 11.37
C PRO B 20 -3.29 -16.42 10.65
N ASP B 21 -1.96 -16.71 10.74
CA ASP B 21 -0.93 -16.54 9.66
C ASP B 21 0.54 -15.97 10.14
N ILE B 22 0.87 -15.89 11.43
CA ILE B 22 1.90 -14.87 11.74
C ILE B 22 3.39 -14.84 11.34
N GLN B 23 4.06 -15.93 10.96
CA GLN B 23 5.36 -15.74 10.31
C GLN B 23 5.19 -15.43 8.82
N GLY B 24 3.94 -15.47 8.31
CA GLY B 24 3.73 -14.99 6.95
C GLY B 24 3.33 -13.52 7.01
N LYS B 25 2.54 -13.19 8.03
CA LYS B 25 2.03 -11.82 8.24
C LYS B 25 3.07 -10.77 8.49
N VAL B 26 4.02 -11.03 9.39
CA VAL B 26 5.05 -10.03 9.59
C VAL B 26 5.91 -10.04 8.36
N ASP B 27 6.02 -11.18 7.69
CA ASP B 27 6.82 -11.12 6.49
C ASP B 27 6.18 -10.46 5.26
N GLU B 28 4.84 -10.49 5.10
CA GLU B 28 4.29 -9.67 4.02
C GLU B 28 4.41 -8.15 4.30
N VAL B 29 4.50 -7.75 5.59
CA VAL B 29 4.87 -6.36 5.89
C VAL B 29 6.30 -6.13 5.39
N PHE B 30 7.21 -7.07 5.70
CA PHE B 30 8.61 -6.93 5.28
C PHE B 30 8.72 -6.94 3.77
N ARG B 31 7.88 -7.72 3.10
CA ARG B 31 7.98 -7.77 1.66
C ARG B 31 7.74 -6.42 1.05
N LYS B 32 6.69 -5.75 1.52
CA LYS B 32 6.35 -4.39 1.05
C LYS B 32 7.34 -3.32 1.52
N GLN B 33 7.80 -3.44 2.75
CA GLN B 33 8.59 -2.39 3.36
C GLN B 33 10.10 -2.49 3.22
N GLU B 34 10.62 -3.66 2.86
CA GLU B 34 12.05 -3.90 2.83
C GLU B 34 12.85 -2.82 2.10
N SER B 35 12.38 -2.46 0.93
CA SER B 35 13.03 -1.43 0.11
C SER B 35 12.25 -0.13 0.00
N ASN B 36 11.22 0.01 0.82
CA ASN B 36 10.30 1.15 0.72
C ASN B 36 10.90 2.35 1.44
N GLN B 37 12.01 2.89 0.94
CA GLN B 37 12.76 3.88 1.70
C GLN B 37 12.01 5.22 1.89
N PHE B 38 11.24 5.60 0.89
CA PHE B 38 10.66 6.94 0.88
C PHE B 38 9.15 6.92 0.64
N GLY B 39 8.50 5.82 0.95
CA GLY B 39 7.03 5.72 0.82
C GLY B 39 6.29 6.37 1.99
N THR B 40 4.96 6.31 1.95
CA THR B 40 4.17 6.90 3.02
C THR B 40 3.57 5.80 3.91
N ASP B 41 3.71 4.56 3.48
CA ASP B 41 3.21 3.44 4.28
C ASP B 41 3.94 3.31 5.61
N ARG B 42 3.18 2.96 6.65
CA ARG B 42 3.68 2.90 8.02
C ARG B 42 2.99 1.75 8.74
N TYR B 43 3.77 0.98 9.48
CA TYR B 43 3.23 -0.13 10.23
C TYR B 43 3.78 -0.17 11.62
N ALA B 44 2.90 -0.46 12.58
CA ALA B 44 3.32 -0.81 13.94
C ALA B 44 2.84 -2.23 14.24
N LEU B 45 3.78 -3.11 14.59
CA LEU B 45 3.47 -4.52 14.87
C LEU B 45 3.63 -4.72 16.35
N MET B 46 2.51 -4.86 17.07
CA MET B 46 2.55 -4.89 18.50
C MET B 46 2.18 -6.32 18.96
N PHE B 47 2.96 -6.83 19.92
CA PHE B 47 2.80 -8.22 20.41
C PHE B 47 2.31 -8.26 21.85
N LYS B 48 1.14 -8.86 22.04
CA LYS B 48 0.62 -9.07 23.39
C LYS B 48 1.53 -10.02 24.18
N PRO B 49 1.62 -9.83 25.50
CA PRO B 49 2.44 -10.68 26.38
C PRO B 49 2.25 -12.17 26.14
N GLY B 50 3.36 -12.89 26.25
CA GLY B 50 3.40 -14.34 26.09
C GLY B 50 4.71 -14.75 25.41
N THR B 51 4.86 -16.04 25.01
CA THR B 51 6.04 -16.48 24.28
C THR B 51 5.64 -16.97 22.90
N TYR B 52 6.42 -16.53 21.93
CA TYR B 52 6.18 -16.74 20.53
C TYR B 52 7.32 -17.54 19.98
N ASN B 53 7.08 -18.79 19.61
CA ASN B 53 8.04 -19.59 18.89
C ASN B 53 8.02 -19.36 17.38
N ASP B 54 9.03 -19.94 16.74
CA ASP B 54 9.04 -20.12 15.29
C ASP B 54 9.16 -18.77 14.55
N ILE B 55 9.75 -17.75 15.19
CA ILE B 55 9.70 -16.38 14.66
C ILE B 55 11.01 -15.75 14.26
N ASN B 56 11.00 -15.11 13.10
CA ASN B 56 12.08 -14.22 12.74
C ASN B 56 11.38 -13.02 12.15
N ALA B 57 11.36 -11.95 12.90
CA ALA B 57 10.60 -10.76 12.53
C ALA B 57 11.61 -9.85 11.86
N GLN B 58 11.58 -9.84 10.54
CA GLN B 58 12.46 -8.93 9.82
C GLN B 58 11.76 -7.58 9.62
N ILE B 59 12.53 -6.54 9.88
CA ILE B 59 11.98 -5.22 10.03
C ILE B 59 12.49 -4.34 8.87
N GLY B 60 11.56 -3.94 8.01
CA GLY B 60 11.86 -3.02 6.94
C GLY B 60 11.71 -1.57 7.32
N PHE B 61 11.70 -0.70 6.31
CA PHE B 61 11.39 0.71 6.52
C PHE B 61 10.07 0.97 7.23
N TYR B 62 10.08 2.00 8.08
CA TYR B 62 8.89 2.52 8.77
C TYR B 62 8.04 1.44 9.41
N THR B 63 8.72 0.51 10.07
CA THR B 63 8.10 -0.57 10.78
C THR B 63 8.65 -0.49 12.20
N SER B 64 7.77 -0.39 13.18
CA SER B 64 8.13 -0.54 14.57
C SER B 64 7.65 -1.92 15.04
N ILE B 65 8.37 -2.48 16.00
CA ILE B 65 7.92 -3.77 16.59
C ILE B 65 8.10 -3.59 18.07
N ALA B 66 7.10 -3.99 18.84
CA ALA B 66 7.17 -3.86 20.28
C ALA B 66 6.30 -4.88 20.97
N GLY B 67 6.67 -5.16 22.20
CA GLY B 67 5.84 -5.90 23.14
C GLY B 67 4.90 -4.95 23.92
N LEU B 68 3.80 -5.52 24.37
CA LEU B 68 2.79 -4.79 25.14
C LEU B 68 2.75 -5.26 26.61
N GLY B 69 3.80 -5.94 27.06
CA GLY B 69 3.90 -6.36 28.45
C GLY B 69 4.34 -5.27 29.42
N LEU B 70 4.21 -5.57 30.72
CA LEU B 70 4.57 -4.63 31.81
C LEU B 70 6.07 -4.73 32.06
N ASN B 71 6.70 -5.68 31.39
CA ASN B 71 8.15 -5.88 31.53
C ASN B 71 8.64 -6.43 30.13
N PRO B 72 9.91 -6.20 29.73
CA PRO B 72 10.31 -6.76 28.41
C PRO B 72 10.13 -8.29 28.33
N ASP B 73 10.51 -8.99 29.39
CA ASP B 73 10.39 -10.46 29.32
C ASP B 73 8.98 -10.99 29.22
N ASP B 74 8.00 -10.16 29.58
CA ASP B 74 6.62 -10.63 29.51
C ASP B 74 6.21 -10.94 28.08
N THR B 75 6.99 -10.45 27.12
CA THR B 75 6.73 -10.72 25.69
C THR B 75 8.01 -11.24 25.06
N THR B 76 8.06 -12.57 24.88
CA THR B 76 9.28 -13.27 24.62
C THR B 76 9.19 -13.97 23.31
N PHE B 77 10.21 -13.76 22.51
CA PHE B 77 10.32 -14.46 21.25
C PHE B 77 11.40 -15.51 21.39
N ASN B 78 11.05 -16.74 21.06
CA ASN B 78 12.06 -17.74 20.75
C ASN B 78 12.23 -17.60 19.29
N GLY B 79 13.14 -16.70 18.97
CA GLY B 79 13.21 -16.13 17.66
C GLY B 79 13.93 -14.80 17.71
N ASP B 80 13.67 -13.98 16.69
CA ASP B 80 14.59 -12.92 16.31
C ASP B 80 13.82 -11.71 15.83
N VAL B 81 14.41 -10.54 16.08
CA VAL B 81 14.00 -9.29 15.43
C VAL B 81 15.21 -8.86 14.58
N THR B 82 15.11 -9.04 13.27
CA THR B 82 16.25 -8.98 12.36
C THR B 82 16.18 -7.77 11.44
N VAL B 83 17.25 -6.99 11.45
CA VAL B 83 17.52 -6.08 10.34
C VAL B 83 18.80 -6.49 9.66
N ASP B 84 18.70 -6.69 8.36
CA ASP B 84 19.81 -7.07 7.53
C ASP B 84 19.91 -6.15 6.29
N ALA B 85 21.01 -6.25 5.55
CA ALA B 85 21.23 -5.32 4.44
C ALA B 85 21.15 -5.95 3.04
N GLY B 86 20.43 -7.06 2.92
CA GLY B 86 20.36 -7.76 1.66
C GLY B 86 19.98 -6.85 0.51
N TRP B 87 19.22 -5.81 0.81
CA TRP B 87 18.54 -5.08 -0.26
C TRP B 87 19.38 -3.99 -0.89
N PHE B 88 20.38 -3.50 -0.14
CA PHE B 88 21.41 -2.62 -0.67
C PHE B 88 22.70 -3.39 -0.74
N ASP B 89 22.55 -4.67 -1.05
CA ASP B 89 23.68 -5.43 -1.53
C ASP B 89 24.73 -5.68 -0.48
N GLY B 90 24.25 -5.62 0.76
CA GLY B 90 25.04 -5.86 1.95
C GLY B 90 25.53 -4.59 2.62
N ASN B 91 25.13 -3.44 2.06
CA ASN B 91 25.46 -2.13 2.61
C ASN B 91 24.33 -1.67 3.52
N ALA B 92 24.58 -1.42 4.81
CA ALA B 92 23.48 -1.12 5.75
C ALA B 92 23.32 0.38 5.97
N THR B 93 23.98 1.20 5.16
CA THR B 93 23.93 2.65 5.37
C THR B 93 22.71 3.36 4.80
N GLN B 94 21.64 2.64 4.52
CA GLN B 94 20.38 3.29 4.29
C GLN B 94 19.26 2.58 5.10
N ASN B 95 19.65 1.79 6.09
CA ASN B 95 18.66 1.09 6.94
C ASN B 95 18.13 2.00 8.04
N PHE B 96 17.28 2.92 7.63
CA PHE B 96 16.76 3.94 8.52
C PHE B 96 15.32 3.68 8.98
N TRP B 97 14.88 4.45 9.96
CA TRP B 97 13.43 4.69 10.23
C TRP B 97 12.67 3.42 10.61
N ARG B 98 13.09 2.78 11.69
CA ARG B 98 12.41 1.59 12.18
C ARG B 98 12.75 1.43 13.66
N SER B 99 12.08 0.56 14.40
CA SER B 99 12.37 0.50 15.83
C SER B 99 11.99 -0.83 16.45
N ALA B 100 12.62 -1.11 17.58
CA ALA B 100 12.29 -2.28 18.41
C ALA B 100 12.25 -1.87 19.87
N GLU B 101 11.19 -2.28 20.57
CA GLU B 101 11.02 -1.90 21.97
C GLU B 101 10.28 -2.97 22.82
N ASN B 102 10.75 -3.14 24.05
CA ASN B 102 9.96 -3.86 25.08
C ASN B 102 9.65 -5.31 24.74
N LEU B 103 10.70 -5.99 24.30
CA LEU B 103 10.69 -7.43 23.98
C LEU B 103 11.92 -8.14 24.58
N ALA B 104 11.73 -9.43 24.89
CA ALA B 104 12.83 -10.34 25.12
C ALA B 104 13.02 -11.21 23.88
N LEU B 105 14.27 -11.40 23.49
CA LEU B 105 14.63 -12.25 22.37
C LEU B 105 15.55 -13.39 22.81
N ASN B 106 15.22 -14.59 22.35
CA ASN B 106 16.01 -15.80 22.52
C ASN B 106 16.44 -16.21 21.09
N PRO B 107 17.48 -15.57 20.58
CA PRO B 107 17.75 -15.69 19.14
C PRO B 107 18.20 -17.10 18.77
N VAL B 108 17.73 -17.60 17.64
CA VAL B 108 17.98 -19.00 17.31
C VAL B 108 19.47 -19.35 17.34
N ASN B 109 20.24 -18.60 16.58
CA ASN B 109 21.62 -18.95 16.34
C ASN B 109 22.47 -18.55 17.55
N GLY B 110 21.82 -17.95 18.52
CA GLY B 110 22.47 -17.48 19.73
C GLY B 110 22.72 -15.97 19.74
N THR B 111 22.58 -15.35 18.57
CA THR B 111 22.88 -13.92 18.40
C THR B 111 21.85 -13.28 17.52
N ASN B 112 21.32 -12.15 17.96
CA ASN B 112 20.32 -11.42 17.20
C ASN B 112 21.03 -10.39 16.33
N ARG B 113 20.59 -10.26 15.09
CA ARG B 113 21.16 -9.25 14.19
C ARG B 113 20.28 -8.00 14.07
N TRP B 114 20.89 -6.84 14.30
CA TRP B 114 20.22 -5.57 14.23
C TRP B 114 21.17 -4.60 13.51
N ALA B 115 21.30 -4.79 12.20
CA ALA B 115 22.29 -4.10 11.40
C ALA B 115 21.68 -2.83 10.80
N VAL B 116 21.55 -1.83 11.66
CA VAL B 116 20.82 -0.61 11.33
C VAL B 116 21.76 0.57 11.16
N SER B 117 21.28 1.63 10.50
CA SER B 117 21.99 2.91 10.56
C SER B 117 21.13 3.88 11.34
N GLN B 118 20.97 5.13 10.90
CA GLN B 118 20.38 6.14 11.76
C GLN B 118 18.89 5.99 11.91
N ALA B 119 18.35 6.55 13.01
CA ALA B 119 16.91 6.58 13.32
C ALA B 119 16.31 5.18 13.37
N ALA B 120 17.05 4.30 14.04
CA ALA B 120 16.64 2.92 14.27
C ALA B 120 16.92 2.56 15.72
N PRO B 121 16.09 3.09 16.63
CA PRO B 121 16.28 2.85 18.07
C PRO B 121 15.95 1.40 18.55
N PHE B 122 16.70 0.97 19.57
CA PHE B 122 16.56 -0.37 20.19
C PHE B 122 16.46 -0.05 21.68
N ARG B 123 15.24 -0.14 22.20
CA ARG B 123 14.94 0.32 23.56
C ARG B 123 14.23 -0.73 24.40
N ARG B 124 14.51 -0.75 25.68
CA ARG B 124 13.71 -1.59 26.55
C ARG B 124 13.78 -3.05 26.09
N MET B 125 14.93 -3.48 25.55
CA MET B 125 15.10 -4.85 25.02
C MET B 125 15.90 -5.72 25.97
N HIS B 126 15.56 -7.00 25.98
CA HIS B 126 16.35 -8.04 26.65
C HIS B 126 16.73 -9.09 25.64
N VAL B 127 18.01 -9.14 25.28
CA VAL B 127 18.54 -10.16 24.40
C VAL B 127 19.24 -11.28 25.18
N LYS B 128 18.69 -12.49 25.13
CA LYS B 128 19.24 -13.64 25.87
C LYS B 128 20.29 -14.34 25.00
N GLY B 129 21.30 -13.57 24.61
CA GLY B 129 22.36 -13.98 23.69
C GLY B 129 23.17 -12.77 23.30
N GLY B 130 23.86 -12.85 22.19
CA GLY B 130 24.60 -11.74 21.67
C GLY B 130 23.77 -10.89 20.75
N LEU B 131 24.38 -9.79 20.27
CA LEU B 131 23.69 -8.86 19.40
C LEU B 131 24.73 -8.38 18.42
N ASN B 132 24.56 -8.75 17.17
CA ASN B 132 25.43 -8.28 16.12
C ASN B 132 24.79 -7.12 15.40
N LEU B 133 25.58 -6.06 15.26
CA LEU B 133 25.10 -4.78 14.70
C LEU B 133 25.51 -4.65 13.24
N ALA B 134 26.12 -5.69 12.68
CA ALA B 134 26.61 -5.62 11.30
C ALA B 134 25.76 -6.47 10.35
N PRO B 135 25.68 -6.05 9.09
CA PRO B 135 25.01 -6.90 8.10
C PRO B 135 25.89 -8.11 7.86
N ASP B 136 25.29 -9.21 7.47
CA ASP B 136 26.05 -10.42 7.13
C ASP B 136 27.01 -10.03 6.05
N GLY B 137 28.28 -10.44 6.22
CA GLY B 137 29.36 -10.05 5.31
C GLY B 137 30.06 -8.73 5.65
N TYR B 138 29.57 -8.01 6.67
CA TYR B 138 30.31 -6.94 7.32
C TYR B 138 30.50 -5.66 6.49
N GLY B 139 29.79 -5.51 5.40
CA GLY B 139 29.65 -4.23 4.70
C GLY B 139 29.42 -3.00 5.60
N TRP B 140 29.25 -1.84 4.98
CA TRP B 140 29.23 -0.61 5.74
C TRP B 140 27.92 -0.38 6.55
N ALA B 141 28.09 0.26 7.70
CA ALA B 141 27.00 0.56 8.61
C ALA B 141 27.31 1.84 9.37
N SER B 142 26.28 2.62 9.67
CA SER B 142 26.43 3.92 10.32
C SER B 142 25.32 4.19 11.39
N GLY B 143 25.28 3.31 12.37
CA GLY B 143 24.35 3.44 13.50
C GLY B 143 24.84 4.41 14.56
N GLY B 144 24.28 4.38 15.77
CA GLY B 144 23.20 3.56 16.19
C GLY B 144 22.89 3.95 17.63
N TYR B 145 21.85 3.35 18.19
CA TYR B 145 21.28 3.79 19.45
C TYR B 145 20.66 2.64 20.23
N ILE B 146 21.21 2.35 21.40
CA ILE B 146 20.62 1.35 22.32
C ILE B 146 20.44 2.05 23.64
N ALA B 147 19.26 1.89 24.22
CA ALA B 147 18.98 2.39 25.56
C ALA B 147 18.09 1.46 26.39
N ASP B 148 18.32 1.50 27.70
CA ASP B 148 17.51 0.75 28.68
C ASP B 148 17.37 -0.73 28.31
N SER B 149 18.47 -1.33 27.86
CA SER B 149 18.46 -2.73 27.41
C SER B 149 19.49 -3.58 28.14
N LYS B 150 19.30 -4.88 28.01
CA LYS B 150 20.16 -5.90 28.67
C LYS B 150 20.51 -6.87 27.56
N ILE B 151 21.79 -6.91 27.20
CA ILE B 151 22.29 -7.90 26.26
C ILE B 151 23.17 -8.83 27.09
N ASP B 152 22.80 -10.11 27.11
CA ASP B 152 23.42 -11.03 28.04
C ASP B 152 24.86 -11.35 27.69
N GLY B 153 25.11 -11.60 26.41
CA GLY B 153 26.48 -11.81 25.99
C GLY B 153 27.03 -10.59 25.30
N GLU B 154 27.75 -10.80 24.22
CA GLU B 154 28.52 -9.73 23.59
C GLU B 154 27.66 -8.95 22.57
N VAL B 155 27.90 -7.64 22.52
CA VAL B 155 27.46 -6.82 21.40
C VAL B 155 28.65 -6.70 20.47
N GLY B 156 28.45 -7.07 19.22
CA GLY B 156 29.53 -7.02 18.24
C GLY B 156 29.18 -5.98 17.17
N PRO B 157 29.89 -4.86 17.17
CA PRO B 157 29.53 -3.86 16.13
C PRO B 157 30.18 -4.17 14.79
N TYR B 158 31.33 -4.85 14.81
CA TYR B 158 32.15 -5.14 13.63
C TYR B 158 32.39 -3.87 12.79
N SER B 159 31.66 -3.75 11.69
CA SER B 159 31.81 -2.66 10.72
C SER B 159 31.17 -1.34 11.11
N GLN B 160 30.30 -1.35 12.10
CA GLN B 160 29.65 -0.09 12.55
C GLN B 160 30.66 1.02 12.83
N GLN B 161 30.44 2.20 12.23
CA GLN B 161 31.41 3.27 12.39
C GLN B 161 31.44 3.78 13.81
N GLN B 162 30.24 3.96 14.35
CA GLN B 162 30.06 4.57 15.65
C GLN B 162 28.79 4.00 16.28
N TRP B 163 28.59 4.30 17.56
CA TRP B 163 27.43 3.81 18.27
C TRP B 163 27.27 4.50 19.61
N TYR B 164 26.03 4.66 20.09
CA TYR B 164 25.80 5.21 21.42
C TYR B 164 24.92 4.26 22.21
N THR B 165 25.39 3.89 23.39
CA THR B 165 24.61 3.04 24.28
C THR B 165 24.45 3.78 25.60
N ARG B 166 23.21 3.83 26.08
CA ARG B 166 23.01 4.35 27.47
C ARG B 166 22.11 3.49 28.36
N ASP B 167 22.45 3.55 29.64
CA ASP B 167 21.60 3.04 30.72
C ASP B 167 21.13 1.62 30.43
N SER B 168 22.13 0.77 30.27
CA SER B 168 21.97 -0.60 29.83
C SER B 168 22.97 -1.51 30.56
N SER B 169 22.88 -2.79 30.27
CA SER B 169 23.89 -3.76 30.69
C SER B 169 24.25 -4.66 29.50
N VAL B 170 25.55 -4.85 29.29
CA VAL B 170 26.03 -5.74 28.23
C VAL B 170 26.98 -6.77 28.85
N GLY B 171 26.94 -7.99 28.34
CA GLY B 171 27.81 -9.04 28.85
C GLY B 171 29.21 -8.92 28.25
N GLY B 172 29.36 -8.08 27.23
CA GLY B 172 30.65 -7.80 26.59
C GLY B 172 30.49 -6.86 25.42
N TRP B 173 31.56 -6.16 25.08
CA TRP B 173 31.61 -5.29 23.90
C TRP B 173 32.86 -5.66 23.12
N GLY B 174 32.72 -5.90 21.82
CA GLY B 174 33.77 -6.51 21.02
C GLY B 174 34.78 -5.60 20.34
N ASN B 175 34.36 -4.42 19.86
CA ASN B 175 35.30 -3.54 19.19
C ASN B 175 34.74 -2.15 19.02
N GLY B 176 35.68 -1.21 18.97
CA GLY B 176 35.41 0.16 18.57
C GLY B 176 36.05 0.45 17.21
N VAL B 177 35.33 1.20 16.39
CA VAL B 177 35.73 1.51 15.02
C VAL B 177 36.17 2.98 14.94
N TRP B 178 35.23 3.92 14.82
CA TRP B 178 35.55 5.35 14.98
C TRP B 178 35.14 6.03 16.30
N ASN B 179 33.95 5.70 16.81
CA ASN B 179 33.43 6.38 18.01
C ASN B 179 32.30 5.59 18.68
N MET B 180 32.67 4.80 19.68
CA MET B 180 31.70 4.01 20.45
C MET B 180 31.64 4.67 21.82
N THR B 181 30.47 5.26 22.13
CA THR B 181 30.23 6.00 23.38
C THR B 181 29.19 5.30 24.24
N PHE B 182 29.42 5.35 25.55
CA PHE B 182 28.64 4.64 26.54
C PHE B 182 28.39 5.61 27.68
N SER B 183 27.15 5.71 28.17
CA SER B 183 26.89 6.41 29.41
C SER B 183 25.94 5.55 30.27
N GLY B 184 26.35 5.28 31.48
CA GLY B 184 25.57 4.43 32.35
C GLY B 184 25.42 2.99 31.91
N VAL B 185 26.46 2.44 31.32
CA VAL B 185 26.35 1.09 30.79
C VAL B 185 27.17 0.09 31.61
N GLU B 186 26.43 -0.74 32.34
CA GLU B 186 27.04 -1.84 33.07
C GLU B 186 27.68 -2.79 32.05
N GLY B 187 28.99 -2.94 32.11
CA GLY B 187 29.69 -3.84 31.21
C GLY B 187 30.38 -3.12 30.07
N ALA B 188 30.27 -1.78 30.04
CA ALA B 188 30.91 -0.98 29.02
C ALA B 188 32.44 -1.20 29.07
N PRO B 189 33.09 -1.25 27.91
CA PRO B 189 34.55 -1.33 27.97
C PRO B 189 35.12 -0.02 28.52
N ALA B 190 36.24 -0.11 29.21
CA ALA B 190 36.82 1.05 29.88
C ALA B 190 37.20 2.17 28.92
N GLN B 191 37.09 3.40 29.41
CA GLN B 191 37.54 4.60 28.69
C GLN B 191 38.93 4.39 28.08
N SER B 192 38.98 4.28 26.74
CA SER B 192 40.18 3.88 25.98
C SER B 192 40.68 4.91 24.94
N PHE B 193 39.82 5.87 24.56
CA PHE B 193 39.96 6.59 23.28
C PHE B 193 41.36 7.23 23.19
N PRO B 194 42.04 7.08 22.07
CA PRO B 194 41.57 6.51 20.80
C PRO B 194 41.65 4.99 20.60
N GLU B 195 42.36 4.26 21.47
CA GLU B 195 42.53 2.80 21.27
C GLU B 195 41.96 1.82 22.34
N PRO B 196 40.83 1.18 22.05
CA PRO B 196 39.90 1.41 20.96
C PRO B 196 39.25 2.76 21.20
N PRO B 197 38.42 3.18 20.26
CA PRO B 197 37.86 4.53 20.39
C PRO B 197 36.59 4.53 21.27
N TYR B 198 36.79 4.22 22.55
CA TYR B 198 35.73 4.10 23.55
C TYR B 198 35.71 5.32 24.45
N THR B 199 34.57 6.01 24.45
CA THR B 199 34.29 7.11 25.37
C THR B 199 33.26 6.61 26.35
N THR B 200 33.64 6.57 27.63
CA THR B 200 32.87 5.85 28.65
C THR B 200 32.62 6.69 29.92
N LEU B 201 31.34 7.02 30.10
CA LEU B 201 30.83 7.76 31.25
C LEU B 201 30.08 6.78 32.12
N GLU B 202 30.34 6.85 33.42
CA GLU B 202 29.76 5.88 34.36
C GLU B 202 28.27 6.05 34.53
N THR B 203 27.83 7.27 34.30
CA THR B 203 26.47 7.65 34.52
C THR B 203 26.03 8.54 33.40
N THR B 204 24.72 8.61 33.17
CA THR B 204 24.12 9.62 32.31
C THR B 204 23.55 10.69 33.21
N PRO B 205 23.88 11.97 32.95
CA PRO B 205 23.56 13.03 33.93
C PRO B 205 22.07 13.18 34.19
N VAL B 206 21.28 13.11 33.13
CA VAL B 206 19.88 12.75 33.32
C VAL B 206 19.30 12.00 32.16
N SER B 207 18.14 11.47 32.42
CA SER B 207 17.57 10.49 31.53
C SER B 207 16.18 10.18 31.99
N ARG B 208 15.31 9.93 31.03
CA ARG B 208 13.94 9.58 31.32
C ARG B 208 13.46 8.72 30.18
N GLU B 209 13.07 7.49 30.48
CA GLU B 209 12.79 6.55 29.44
C GLU B 209 11.49 6.85 28.66
N LYS B 210 11.62 6.72 27.34
CA LYS B 210 10.54 6.94 26.39
C LYS B 210 9.22 6.30 26.85
N PRO B 211 8.12 7.06 26.80
CA PRO B 211 6.80 6.44 27.08
C PRO B 211 6.45 5.37 26.06
N PHE B 212 5.63 4.39 26.43
CA PHE B 212 5.30 3.33 25.51
C PHE B 212 3.90 2.73 25.83
N LEU B 213 3.22 2.30 24.77
CA LEU B 213 1.95 1.61 24.86
C LEU B 213 2.14 0.22 25.48
N TYR B 214 1.24 -0.15 26.37
CA TYR B 214 1.24 -1.50 26.94
C TYR B 214 -0.15 -1.91 27.42
N LEU B 215 -0.23 -3.07 28.05
CA LEU B 215 -1.48 -3.62 28.57
C LEU B 215 -1.45 -3.84 30.12
N ASP B 216 -2.32 -3.18 30.90
CA ASP B 216 -2.89 -3.82 32.14
C ASP B 216 -4.15 -4.50 31.68
N GLY B 217 -3.94 -5.80 31.45
CA GLY B 217 -4.83 -6.70 30.75
C GLY B 217 -5.91 -6.09 29.91
N ASP B 218 -5.91 -6.49 28.68
CA ASP B 218 -7.03 -6.17 27.83
C ASP B 218 -7.26 -4.65 27.58
N ASP B 219 -6.91 -3.79 28.53
CA ASP B 219 -7.11 -2.37 28.36
C ASP B 219 -5.95 -2.04 27.41
N TYR B 220 -5.84 -0.81 26.92
CA TYR B 220 -4.54 -0.31 26.52
C TYR B 220 -4.20 0.81 27.48
N LYS B 221 -2.91 1.04 27.65
CA LYS B 221 -2.45 2.18 28.43
C LYS B 221 -1.16 2.65 27.78
N VAL B 222 -0.62 3.74 28.33
CA VAL B 222 0.71 4.24 28.03
C VAL B 222 1.49 4.44 29.35
N PHE B 223 2.64 3.81 29.47
CA PHE B 223 3.51 3.96 30.62
C PHE B 223 4.44 5.16 30.47
N VAL B 224 4.51 5.99 31.52
CA VAL B 224 5.33 7.20 31.52
C VAL B 224 6.40 7.08 32.61
N PRO B 225 7.60 6.66 32.21
CA PRO B 225 8.67 6.49 33.21
C PRO B 225 9.03 7.76 33.94
N ALA B 226 9.27 7.58 35.22
CA ALA B 226 9.80 8.63 36.02
C ALA B 226 11.28 8.89 35.59
N LYS B 227 11.80 10.02 36.01
CA LYS B 227 13.09 10.49 35.54
C LYS B 227 14.13 9.91 36.43
N ARG B 228 15.36 9.83 35.93
CA ARG B 228 16.48 9.32 36.73
C ARG B 228 17.69 10.22 36.58
N THR B 229 18.34 10.52 37.71
CA THR B 229 19.57 11.30 37.64
C THR B 229 20.83 10.40 37.82
N ASN B 230 21.90 10.69 37.09
CA ASN B 230 23.13 9.91 37.19
C ASN B 230 22.80 8.42 37.05
N ALA B 231 22.07 8.15 35.98
CA ALA B 231 21.53 6.85 35.68
C ALA B 231 22.62 5.87 35.27
N ARG B 232 22.42 4.63 35.69
CA ARG B 232 23.21 3.52 35.19
C ARG B 232 22.32 2.30 35.17
N GLY B 233 22.60 1.38 34.25
CA GLY B 233 21.82 0.17 34.16
C GLY B 233 20.38 0.41 33.75
N THR B 234 19.60 -0.66 33.72
CA THR B 234 18.26 -0.60 33.15
C THR B 234 17.28 -0.10 34.22
N SER B 235 16.25 0.58 33.74
CA SER B 235 15.16 1.06 34.54
C SER B 235 14.25 -0.06 35.06
N TRP B 236 14.22 -1.19 34.37
CA TRP B 236 13.05 -2.11 34.48
C TRP B 236 12.99 -3.32 35.44
N GLY B 237 14.06 -4.09 35.57
CA GLY B 237 14.00 -5.40 36.24
C GLY B 237 14.18 -5.53 37.79
N ASN B 238 13.74 -4.57 38.63
CA ASN B 238 14.00 -4.62 40.11
C ASN B 238 12.73 -4.52 41.07
N GLY B 239 11.99 -5.63 41.26
CA GLY B 239 10.66 -5.64 41.89
C GLY B 239 9.61 -5.46 40.80
N THR B 240 9.30 -4.20 40.53
CA THR B 240 8.70 -3.84 39.26
C THR B 240 9.46 -2.56 38.76
N PRO B 241 9.19 -2.00 37.54
CA PRO B 241 9.83 -0.72 37.16
C PRO B 241 8.92 0.45 37.47
N GLU B 242 9.43 1.69 37.34
CA GLU B 242 8.77 2.87 37.93
C GLU B 242 8.14 3.99 36.95
N GLY B 243 7.03 4.65 37.35
CA GLY B 243 6.43 5.75 36.55
C GLY B 243 4.94 5.56 36.22
N GLU B 244 4.30 6.53 35.54
CA GLU B 244 2.82 6.64 35.45
C GLU B 244 2.15 5.81 34.41
N SER B 245 0.96 5.31 34.79
CA SER B 245 0.00 4.73 33.87
C SER B 245 -0.73 5.86 33.22
N LEU B 246 -1.31 5.62 32.04
CA LEU B 246 -2.29 6.54 31.49
C LEU B 246 -3.25 5.75 30.61
N PRO B 247 -4.54 5.70 30.99
CA PRO B 247 -5.48 4.97 30.16
C PRO B 247 -5.55 5.54 28.75
N LEU B 248 -5.80 4.67 27.77
CA LEU B 248 -5.88 5.06 26.36
C LEU B 248 -6.97 6.13 26.10
N ASP B 249 -8.07 6.12 26.85
CA ASP B 249 -9.10 7.12 26.60
C ASP B 249 -8.77 8.50 27.17
N GLN B 250 -7.55 8.66 27.72
CA GLN B 250 -6.97 9.96 28.09
C GLN B 250 -6.15 10.51 26.89
N PHE B 251 -6.10 9.73 25.82
CA PHE B 251 -5.40 10.14 24.58
C PHE B 251 -6.37 10.42 23.45
N TYR B 252 -6.15 11.48 22.69
CA TYR B 252 -6.72 11.54 21.34
C TYR B 252 -5.95 10.57 20.47
N VAL B 253 -6.64 9.51 19.99
CA VAL B 253 -6.05 8.60 19.02
C VAL B 253 -6.16 9.30 17.68
N VAL B 254 -5.01 9.83 17.25
CA VAL B 254 -4.87 10.62 16.05
C VAL B 254 -4.78 9.67 14.83
N LYS B 255 -5.59 9.96 13.83
CA LYS B 255 -5.91 9.07 12.73
C LYS B 255 -5.67 9.92 11.45
N PRO B 256 -4.61 9.60 10.62
CA PRO B 256 -4.00 10.49 9.59
C PRO B 256 -4.98 11.18 8.70
N GLY B 257 -4.60 12.31 8.05
CA GLY B 257 -5.54 13.29 7.55
C GLY B 257 -6.08 14.31 8.56
N ALA B 258 -5.51 14.39 9.76
CA ALA B 258 -6.21 15.15 10.83
C ALA B 258 -5.88 16.64 10.75
N THR B 259 -6.75 17.47 11.31
CA THR B 259 -6.51 18.89 11.31
C THR B 259 -5.64 19.24 12.53
N ALA B 260 -4.59 20.03 12.31
CA ALA B 260 -3.88 20.62 13.43
C ALA B 260 -4.90 21.28 14.37
N GLU B 261 -5.98 21.79 13.78
CA GLU B 261 -7.05 22.33 14.57
C GLU B 261 -7.66 21.27 15.49
N THR B 262 -7.95 20.07 14.98
CA THR B 262 -8.50 19.02 15.86
C THR B 262 -7.51 18.65 16.99
N ILE B 263 -6.25 18.48 16.60
CA ILE B 263 -5.17 18.08 17.50
C ILE B 263 -4.97 19.11 18.60
N ASN B 264 -4.98 20.37 18.23
CA ASN B 264 -4.82 21.45 19.20
C ASN B 264 -5.98 21.60 20.19
N ALA B 265 -7.20 21.47 19.70
CA ALA B 265 -8.37 21.49 20.60
C ALA B 265 -8.29 20.30 21.56
N ALA B 266 -7.79 19.17 21.07
CA ALA B 266 -7.69 17.96 21.87
C ALA B 266 -6.80 18.18 23.08
N VAL B 267 -5.60 18.72 22.87
CA VAL B 267 -4.72 19.05 23.98
C VAL B 267 -5.39 20.10 24.81
N ASP B 268 -6.22 20.89 24.12
CA ASP B 268 -7.04 21.92 24.75
C ASP B 268 -8.37 21.42 25.34
N GLN B 269 -8.39 20.15 25.66
CA GLN B 269 -9.45 19.61 26.47
C GLN B 269 -8.85 18.61 27.45
N GLY B 270 -7.51 18.56 27.56
CA GLY B 270 -6.88 17.71 28.55
C GLY B 270 -6.26 16.45 28.00
N LEU B 271 -6.46 16.19 26.71
CA LEU B 271 -6.04 14.93 26.12
C LEU B 271 -4.59 14.93 25.68
N HIS B 272 -3.97 13.78 25.85
CA HIS B 272 -2.67 13.52 25.29
C HIS B 272 -2.87 13.14 23.84
N LEU B 273 -1.78 12.89 23.12
CA LEU B 273 -1.86 12.60 21.70
C LEU B 273 -1.16 11.28 21.39
N LEU B 274 -1.85 10.41 20.70
CA LEU B 274 -1.23 9.18 20.23
C LEU B 274 -1.39 9.15 18.73
N PHE B 275 -0.29 9.28 18.01
CA PHE B 275 -0.34 9.28 16.56
C PHE B 275 -0.21 7.86 16.03
N THR B 276 -1.26 7.34 15.41
CA THR B 276 -1.09 6.00 14.83
C THR B 276 -0.33 6.10 13.51
N PRO B 277 0.12 4.94 12.98
CA PRO B 277 1.06 4.96 11.85
C PRO B 277 0.45 5.50 10.59
N GLY B 278 1.01 6.61 10.13
CA GLY B 278 0.48 7.30 8.99
C GLY B 278 1.25 8.57 8.73
N VAL B 279 0.80 9.31 7.73
CA VAL B 279 1.41 10.56 7.32
C VAL B 279 0.35 11.64 7.41
N TYR B 280 0.66 12.65 8.21
CA TYR B 280 -0.27 13.70 8.55
C TYR B 280 0.19 15.05 7.97
N HIS B 281 -0.50 15.53 6.92
CA HIS B 281 -0.28 16.89 6.42
C HIS B 281 -0.99 17.86 7.37
N VAL B 282 -0.32 18.92 7.78
CA VAL B 282 -0.86 19.93 8.68
C VAL B 282 -0.73 21.38 8.13
N ASP B 283 -1.80 22.17 8.23
CA ASP B 283 -1.84 23.53 7.67
C ASP B 283 -1.57 24.66 8.70
N GLN B 284 -1.47 24.30 9.96
CA GLN B 284 -1.03 25.19 11.03
C GLN B 284 -0.16 24.42 11.99
N PRO B 285 0.60 25.14 12.83
CA PRO B 285 1.40 24.27 13.70
C PRO B 285 0.61 23.49 14.76
N ILE B 286 1.12 22.31 15.08
CA ILE B 286 0.67 21.57 16.24
C ILE B 286 1.24 22.21 17.46
N GLU B 287 0.36 22.35 18.42
CA GLU B 287 0.52 23.30 19.51
C GLU B 287 0.35 22.65 20.85
N ILE B 288 1.44 22.45 21.60
CA ILE B 288 1.33 21.83 22.91
C ILE B 288 1.69 22.86 24.03
N ASP B 289 0.67 23.54 24.58
CA ASP B 289 0.80 24.52 25.69
C ASP B 289 0.25 23.92 26.99
N ARG B 290 0.28 22.61 27.12
CA ARG B 290 -0.19 21.99 28.38
C ARG B 290 0.86 21.11 29.07
N ALA B 291 1.11 21.45 30.34
CA ALA B 291 2.15 20.76 31.08
C ALA B 291 1.87 19.24 31.12
N ASN B 292 2.95 18.48 30.96
CA ASN B 292 2.89 17.01 31.07
C ASN B 292 2.19 16.25 29.94
N THR B 293 1.92 16.94 28.86
CA THR B 293 1.38 16.29 27.66
C THR B 293 2.39 15.31 27.08
N VAL B 294 1.94 14.06 26.95
CA VAL B 294 2.59 13.06 26.05
C VAL B 294 2.07 13.16 24.61
N ALA B 295 3.00 13.19 23.65
CA ALA B 295 2.71 13.08 22.23
C ALA B 295 3.54 11.93 21.71
N LEU B 296 2.91 10.77 21.59
CA LEU B 296 3.60 9.50 21.27
C LEU B 296 3.25 9.01 19.86
N GLY B 297 4.27 8.76 19.03
CA GLY B 297 4.07 8.20 17.70
C GLY B 297 4.28 6.71 17.67
N LEU B 298 3.41 6.04 16.92
CA LEU B 298 3.51 4.64 16.61
C LEU B 298 4.03 4.46 15.18
N GLY B 299 4.76 3.39 14.91
CA GLY B 299 5.07 3.02 13.53
C GLY B 299 5.60 4.17 12.65
N LEU B 300 6.46 5.03 13.21
CA LEU B 300 7.12 6.09 12.46
C LEU B 300 6.10 7.08 11.86
N ALA B 301 5.04 7.33 12.63
CA ALA B 301 4.10 8.41 12.34
C ALA B 301 4.84 9.68 11.97
N THR B 302 4.36 10.32 10.90
CA THR B 302 5.08 11.42 10.26
C THR B 302 4.20 12.67 10.15
N ILE B 303 4.75 13.85 10.48
CA ILE B 303 4.04 15.11 10.28
C ILE B 303 4.74 15.86 9.16
N ILE B 304 3.97 16.32 8.19
CA ILE B 304 4.46 17.19 7.14
C ILE B 304 3.75 18.52 7.24
N PRO B 305 4.49 19.62 7.51
CA PRO B 305 3.71 20.86 7.49
C PRO B 305 3.69 21.49 6.11
N ASP B 306 2.51 22.01 5.76
CA ASP B 306 2.24 22.56 4.45
C ASP B 306 2.40 24.05 4.52
N ASN B 307 2.57 24.69 3.36
CA ASN B 307 2.48 26.16 3.25
C ASN B 307 3.53 26.92 4.11
N GLY B 308 4.64 26.27 4.39
CA GLY B 308 5.76 26.88 5.11
C GLY B 308 5.59 26.99 6.62
N VAL B 309 4.59 26.33 7.17
CA VAL B 309 4.37 26.44 8.60
C VAL B 309 5.34 25.59 9.41
N THR B 310 5.44 25.93 10.70
CA THR B 310 6.15 25.09 11.65
C THR B 310 5.27 23.86 11.96
N ALA B 311 5.88 22.68 12.06
CA ALA B 311 5.11 21.45 12.28
C ALA B 311 4.71 21.33 13.74
N LEU B 312 5.63 21.64 14.62
CA LEU B 312 5.41 21.41 16.04
C LEU B 312 5.99 22.51 16.91
N LYS B 313 5.13 23.01 17.80
CA LYS B 313 5.50 24.10 18.74
C LYS B 313 5.08 23.72 20.14
N VAL B 314 6.07 23.67 21.04
CA VAL B 314 5.81 23.35 22.44
C VAL B 314 5.92 24.64 23.21
N GLY B 315 4.93 24.89 24.08
CA GLY B 315 4.93 26.07 24.93
C GLY B 315 5.92 25.98 26.08
N ASP B 316 5.99 27.04 26.90
CA ASP B 316 6.99 27.12 27.99
C ASP B 316 6.43 26.47 29.27
N VAL B 317 6.07 25.20 29.14
CA VAL B 317 5.45 24.40 30.22
C VAL B 317 6.25 23.13 30.56
N ASP B 318 6.14 22.68 31.81
CA ASP B 318 6.88 21.51 32.28
C ASP B 318 6.42 20.19 31.59
N GLY B 319 7.36 19.23 31.45
CA GLY B 319 6.98 17.84 31.34
C GLY B 319 6.41 17.29 30.06
N VAL B 320 6.52 18.03 28.98
CA VAL B 320 6.00 17.58 27.71
C VAL B 320 6.92 16.48 27.19
N LYS B 321 6.35 15.38 26.74
CA LYS B 321 7.11 14.24 26.25
C LYS B 321 6.73 13.92 24.80
N VAL B 322 7.58 14.31 23.88
CA VAL B 322 7.37 14.03 22.48
C VAL B 322 8.24 12.86 22.14
N ALA B 323 7.66 11.83 21.55
CA ALA B 323 8.46 10.65 21.23
C ALA B 323 7.86 9.93 20.04
N GLY B 324 8.71 9.40 19.17
CA GLY B 324 8.20 8.84 17.96
C GLY B 324 7.51 9.96 17.22
N LEU B 325 8.19 10.40 16.18
CA LEU B 325 7.64 11.23 15.15
C LEU B 325 8.77 11.52 14.23
N LEU B 326 8.50 11.35 12.95
CA LEU B 326 9.32 11.91 11.90
C LEU B 326 8.63 13.19 11.44
N VAL B 327 9.37 14.29 11.47
CA VAL B 327 8.91 15.54 10.86
C VAL B 327 9.58 15.68 9.50
N ASP B 328 8.78 15.71 8.44
CA ASP B 328 9.28 15.64 7.06
C ASP B 328 8.93 16.98 6.38
N ALA B 329 9.95 17.75 5.97
CA ALA B 329 9.67 19.07 5.42
C ALA B 329 8.80 19.00 4.16
N GLY B 330 7.96 20.00 3.97
CA GLY B 330 7.25 20.19 2.72
C GLY B 330 8.09 21.00 1.74
N PRO B 331 7.68 21.03 0.48
CA PRO B 331 8.46 21.71 -0.56
C PRO B 331 8.55 23.23 -0.33
N VAL B 332 7.54 23.77 0.34
CA VAL B 332 7.58 25.19 0.71
C VAL B 332 8.42 25.40 1.94
N ASN B 333 9.37 26.29 1.81
CA ASN B 333 10.25 26.60 2.95
C ASN B 333 9.57 26.86 4.25
N SER B 334 9.89 26.03 5.23
CA SER B 334 9.49 26.29 6.60
C SER B 334 10.59 27.04 7.34
N GLU B 335 10.21 28.14 7.94
CA GLU B 335 11.08 28.92 8.80
C GLU B 335 11.73 28.07 9.92
N THR B 336 10.89 27.34 10.64
CA THR B 336 11.34 26.26 11.52
C THR B 336 10.44 25.04 11.37
N LEU B 337 10.95 23.85 11.70
CA LEU B 337 10.12 22.66 11.71
C LEU B 337 9.61 22.27 13.11
N VAL B 338 10.46 22.39 14.11
CA VAL B 338 10.14 22.09 15.51
C VAL B 338 10.67 23.18 16.45
N GLU B 339 9.79 23.73 17.30
CA GLU B 339 10.20 24.66 18.35
C GLU B 339 9.95 24.06 19.73
N VAL B 340 10.92 24.18 20.63
CA VAL B 340 10.71 23.76 21.99
C VAL B 340 10.85 24.98 22.89
N GLY B 341 9.71 25.51 23.32
CA GLY B 341 9.64 26.77 24.04
C GLY B 341 9.49 27.89 23.06
N SER B 342 8.98 29.01 23.57
CA SER B 342 8.94 30.24 22.80
C SER B 342 10.29 31.00 22.85
N ASP B 343 10.32 32.21 22.30
CA ASP B 343 11.57 33.02 22.42
C ASP B 343 11.88 33.79 23.72
N GLY B 344 12.31 33.14 24.82
CA GLY B 344 13.13 33.89 25.78
C GLY B 344 13.25 33.52 27.24
N ALA B 345 13.06 32.26 27.61
CA ALA B 345 12.34 31.99 28.86
C ALA B 345 13.29 31.73 29.99
N SER B 346 13.48 32.66 30.92
CA SER B 346 14.49 32.37 31.94
C SER B 346 13.80 31.50 33.03
N GLY B 347 12.66 30.91 32.61
CA GLY B 347 11.97 29.92 33.39
C GLY B 347 12.67 28.60 33.37
N ASP B 348 12.61 27.91 34.51
CA ASP B 348 13.43 26.74 34.77
C ASP B 348 12.49 25.52 34.93
N HIS B 349 12.82 24.37 34.30
CA HIS B 349 11.95 23.18 34.29
C HIS B 349 12.68 21.96 34.89
N ALA B 350 13.55 22.18 35.89
CA ALA B 350 14.53 21.16 36.29
C ALA B 350 13.91 19.86 36.81
N ALA B 351 12.89 19.99 37.67
CA ALA B 351 12.28 18.84 38.31
C ALA B 351 11.49 17.98 37.29
N ASN B 352 11.07 18.57 36.19
CA ASN B 352 10.13 17.94 35.27
C ASN B 352 10.30 18.54 33.87
N PRO B 353 11.39 18.15 33.20
CA PRO B 353 11.73 18.75 31.91
C PRO B 353 10.84 18.28 30.77
N THR B 354 10.89 19.06 29.69
CA THR B 354 10.39 18.62 28.38
C THR B 354 11.44 17.81 27.68
N SER B 355 11.00 16.77 26.99
CA SER B 355 11.91 15.96 26.23
C SER B 355 11.38 15.56 24.85
N LEU B 356 12.33 15.47 23.90
CA LEU B 356 12.11 14.90 22.60
C LEU B 356 12.91 13.60 22.59
N GLN B 357 12.30 12.53 22.13
CA GLN B 357 12.99 11.23 22.04
C GLN B 357 12.55 10.52 20.78
N ASP B 358 13.50 9.94 20.06
CA ASP B 358 13.17 9.36 18.75
C ASP B 358 12.32 10.34 17.93
N VAL B 359 12.75 11.59 17.93
CA VAL B 359 12.16 12.60 17.04
C VAL B 359 13.15 12.79 15.92
N PHE B 360 12.71 12.44 14.71
CA PHE B 360 13.55 12.54 13.55
C PHE B 360 13.06 13.69 12.68
N VAL B 361 13.95 14.18 11.84
CA VAL B 361 13.60 15.25 10.92
C VAL B 361 14.25 14.96 9.58
N ARG B 362 13.47 15.10 8.51
CA ARG B 362 13.98 14.86 7.16
C ARG B 362 13.67 16.07 6.30
N ILE B 363 14.66 16.55 5.54
CA ILE B 363 14.48 17.62 4.59
C ILE B 363 14.84 17.10 3.20
N GLY B 364 13.80 16.85 2.39
CA GLY B 364 14.02 16.30 1.06
C GLY B 364 14.11 14.79 1.04
N GLY B 365 14.27 14.21 -0.15
CA GLY B 365 14.48 12.77 -0.27
C GLY B 365 13.27 12.00 -0.78
N ALA B 366 12.10 12.41 -0.32
CA ALA B 366 10.83 11.82 -0.78
C ALA B 366 10.07 12.87 -1.52
N GLY B 367 10.84 13.68 -2.23
CA GLY B 367 10.32 14.83 -2.90
C GLY B 367 11.09 16.04 -2.41
N PRO B 368 10.85 17.19 -3.05
CA PRO B 368 11.60 18.35 -2.62
C PRO B 368 11.08 18.85 -1.28
N GLY B 369 12.00 19.31 -0.45
CA GLY B 369 11.70 19.77 0.88
C GLY B 369 12.73 20.82 1.31
N LYS B 370 12.28 21.86 2.00
CA LYS B 370 13.15 22.92 2.56
C LYS B 370 12.75 23.45 3.92
N ALA B 371 13.74 23.80 4.72
CA ALA B 371 13.53 24.49 6.00
C ALA B 371 14.79 25.24 6.39
N THR B 372 14.62 26.39 7.03
CA THR B 372 15.75 27.22 7.39
C THR B 372 16.48 26.63 8.60
N THR B 373 15.75 26.46 9.71
CA THR B 373 16.24 25.76 10.91
C THR B 373 15.28 24.65 11.32
N SER B 374 15.82 23.46 11.52
CA SER B 374 14.95 22.31 11.76
C SER B 374 14.40 22.26 13.18
N ILE B 375 15.27 22.39 14.17
CA ILE B 375 14.83 22.28 15.56
C ILE B 375 15.47 23.38 16.37
N VAL B 376 14.61 24.17 17.00
CA VAL B 376 15.02 25.26 17.89
C VAL B 376 14.64 24.86 19.29
N VAL B 377 15.64 24.80 20.15
CA VAL B 377 15.41 24.47 21.57
C VAL B 377 15.66 25.67 22.45
N ASN B 378 14.56 26.30 22.84
CA ASN B 378 14.55 27.50 23.67
C ASN B 378 14.48 27.17 25.17
N SER B 379 13.67 26.19 25.52
CA SER B 379 13.37 25.89 26.91
C SER B 379 14.50 25.27 27.73
N ASN B 380 14.73 25.87 28.90
CA ASN B 380 15.74 25.38 29.81
C ASN B 380 15.42 23.95 30.26
N ASP B 381 16.48 23.19 30.47
CA ASP B 381 16.42 21.86 31.04
C ASP B 381 15.90 20.76 30.08
N THR B 382 15.65 21.15 28.85
CA THR B 382 15.18 20.20 27.82
C THR B 382 16.17 19.07 27.60
N ILE B 383 15.62 17.87 27.50
CA ILE B 383 16.40 16.68 27.13
C ILE B 383 16.09 16.28 25.67
N ILE B 384 17.11 16.10 24.84
CA ILE B 384 16.92 15.48 23.53
C ILE B 384 17.71 14.19 23.60
N ASP B 385 16.96 13.10 23.56
CA ASP B 385 17.48 11.77 23.76
C ASP B 385 17.15 10.99 22.50
N HIS B 386 18.14 10.87 21.62
CA HIS B 386 18.00 10.29 20.28
C HIS B 386 17.25 11.16 19.29
N THR B 387 18.02 11.90 18.51
CA THR B 387 17.47 12.54 17.32
C THR B 387 18.36 12.31 16.11
N TRP B 388 17.73 12.25 14.93
CA TRP B 388 18.40 12.33 13.64
C TRP B 388 17.74 13.44 12.88
N VAL B 389 18.54 14.44 12.55
CA VAL B 389 18.07 15.65 11.87
C VAL B 389 18.89 15.65 10.59
N TRP B 390 18.23 15.34 9.50
CA TRP B 390 18.88 14.87 8.27
C TRP B 390 18.40 15.63 7.06
N ARG B 391 19.29 16.41 6.47
CA ARG B 391 19.05 17.00 5.16
C ARG B 391 19.39 15.93 4.15
N ALA B 392 18.42 15.48 3.36
CA ALA B 392 18.63 14.31 2.54
C ALA B 392 19.81 14.45 1.56
N ASP B 393 20.67 13.43 1.51
CA ASP B 393 21.76 13.37 0.56
C ASP B 393 21.47 12.49 -0.67
N HIS B 394 20.32 11.83 -0.69
CA HIS B 394 19.94 10.94 -1.79
C HIS B 394 18.43 10.84 -1.77
N GLY B 395 17.87 10.13 -2.74
CA GLY B 395 16.42 10.11 -2.89
C GLY B 395 16.01 11.13 -3.92
N GLU B 396 14.76 11.60 -3.84
CA GLU B 396 14.15 12.54 -4.78
C GLU B 396 14.07 13.94 -4.19
N GLY B 397 14.22 14.95 -5.04
CA GLY B 397 14.06 16.32 -4.59
C GLY B 397 15.23 16.75 -3.76
N VAL B 398 16.43 16.33 -4.20
CA VAL B 398 17.68 16.62 -3.52
C VAL B 398 18.66 17.41 -4.41
N GLY B 399 19.28 18.43 -3.79
CA GLY B 399 20.22 19.33 -4.45
C GLY B 399 20.60 20.51 -3.57
N TRP B 400 21.83 20.96 -3.71
CA TRP B 400 22.32 22.14 -2.96
C TRP B 400 21.26 23.23 -2.77
N GLU B 401 20.52 23.56 -3.83
CA GLU B 401 19.31 24.43 -3.76
C GLU B 401 18.01 23.64 -3.56
N THR B 402 17.81 22.59 -4.35
CA THR B 402 16.51 21.91 -4.41
C THR B 402 15.96 21.56 -3.02
N ASN B 403 16.85 21.24 -2.09
CA ASN B 403 16.45 20.92 -0.76
C ASN B 403 17.36 21.60 0.26
N ARG B 404 17.65 22.88 -0.01
CA ARG B 404 18.48 23.68 0.88
C ARG B 404 17.91 23.65 2.30
N ALA B 405 18.83 23.53 3.23
CA ALA B 405 18.48 23.60 4.63
C ALA B 405 19.69 24.11 5.36
N ASP B 406 19.65 25.36 5.82
CA ASP B 406 20.88 25.97 6.33
C ASP B 406 21.30 25.44 7.68
N TYR B 407 20.34 25.33 8.61
CA TYR B 407 20.66 24.99 9.99
C TYR B 407 19.90 23.79 10.53
N GLY B 408 20.59 22.95 11.27
CA GLY B 408 19.96 21.74 11.79
C GLY B 408 19.28 21.97 13.12
N VAL B 409 20.11 21.99 14.14
CA VAL B 409 19.64 22.20 15.52
C VAL B 409 20.23 23.51 16.04
N HIS B 410 19.40 24.31 16.70
CA HIS B 410 19.88 25.50 17.42
C HIS B 410 19.39 25.45 18.86
N VAL B 411 20.33 25.31 19.78
CA VAL B 411 20.00 25.26 21.21
C VAL B 411 20.24 26.64 21.83
N LYS B 412 19.14 27.30 22.22
CA LYS B 412 19.14 28.65 22.84
C LYS B 412 19.01 28.54 24.37
N GLY B 413 18.42 27.45 24.86
CA GLY B 413 18.10 27.28 26.29
C GLY B 413 19.32 26.89 27.09
N ASP B 414 19.22 27.01 28.43
CA ASP B 414 20.26 26.65 29.35
C ASP B 414 20.00 25.26 29.96
N ASN B 415 21.08 24.60 30.37
CA ASN B 415 21.01 23.27 30.97
C ASN B 415 20.37 22.21 30.07
N VAL B 416 20.50 22.40 28.77
CA VAL B 416 19.99 21.42 27.81
C VAL B 416 20.95 20.24 27.65
N LEU B 417 20.38 19.04 27.58
CA LEU B 417 21.20 17.81 27.49
C LEU B 417 20.79 17.10 26.22
N ALA B 418 21.77 16.80 25.37
CA ALA B 418 21.55 15.93 24.24
C ALA B 418 22.29 14.62 24.46
N THR B 419 21.58 13.51 24.30
CA THR B 419 22.20 12.18 24.38
C THR B 419 21.85 11.44 23.08
N GLY B 420 22.87 11.11 22.27
CA GLY B 420 22.62 10.49 20.98
C GLY B 420 22.11 11.48 19.97
N LEU B 421 22.97 12.43 19.62
CA LEU B 421 22.67 13.49 18.65
C LEU B 421 23.28 13.14 17.29
N PHE B 422 22.42 12.94 16.28
CA PHE B 422 22.84 12.67 14.89
C PHE B 422 22.28 13.81 13.99
N VAL B 423 23.14 14.59 13.36
CA VAL B 423 22.72 15.72 12.55
C VAL B 423 23.61 15.84 11.31
N GLU B 424 23.01 15.79 10.13
CA GLU B 424 23.85 15.70 8.91
C GLU B 424 23.36 16.51 7.70
N HIS B 425 24.37 17.04 7.01
CA HIS B 425 24.31 17.55 5.65
C HIS B 425 23.75 18.96 5.44
N PHE B 426 23.66 19.75 6.52
CA PHE B 426 23.15 21.10 6.39
C PHE B 426 24.06 22.04 5.60
N ASN B 427 23.47 23.00 4.87
CA ASN B 427 24.27 23.97 4.13
C ASN B 427 25.22 24.77 4.98
N LYS B 428 24.78 25.08 6.20
CA LYS B 428 25.55 25.92 7.14
C LYS B 428 25.81 25.09 8.43
N TYR B 429 25.72 25.69 9.62
CA TYR B 429 26.00 24.95 10.84
C TYR B 429 24.97 23.86 11.13
N ASP B 430 25.41 22.62 11.25
CA ASP B 430 24.47 21.54 11.53
C ASP B 430 23.90 21.76 12.91
N VAL B 431 24.81 22.07 13.83
CA VAL B 431 24.43 22.31 15.23
C VAL B 431 25.07 23.58 15.72
N GLN B 432 24.20 24.40 16.31
CA GLN B 432 24.53 25.70 16.89
C GLN B 432 24.09 25.75 18.34
N TRP B 433 25.02 25.98 19.26
CA TRP B 433 24.70 26.08 20.68
C TRP B 433 25.05 27.45 21.26
N SER B 434 24.01 28.13 21.71
CA SER B 434 24.08 29.46 22.33
C SER B 434 23.91 29.46 23.83
N GLY B 435 23.01 28.62 24.32
CA GLY B 435 22.69 28.60 25.72
C GLY B 435 23.84 28.10 26.57
N GLU B 436 23.66 28.23 27.88
CA GLU B 436 24.64 27.92 28.87
C GLU B 436 24.51 26.49 29.41
N ASN B 437 25.65 25.96 29.84
CA ASN B 437 25.68 24.65 30.51
C ASN B 437 25.11 23.55 29.68
N GLY B 438 25.22 23.67 28.37
CA GLY B 438 24.89 22.57 27.48
C GLY B 438 25.82 21.36 27.63
N LYS B 439 25.27 20.18 27.40
CA LYS B 439 26.03 18.94 27.39
C LYS B 439 25.56 18.08 26.25
N THR B 440 26.51 17.52 25.50
CA THR B 440 26.22 16.52 24.48
C THR B 440 27.03 15.26 24.75
N ILE B 441 26.32 14.16 24.89
CA ILE B 441 26.94 12.83 24.97
C ILE B 441 26.60 12.08 23.67
N PHE B 442 27.64 11.87 22.87
CA PHE B 442 27.61 11.31 21.50
C PHE B 442 27.04 12.22 20.43
N TYR B 443 27.88 12.53 19.43
CA TYR B 443 27.48 13.30 18.23
C TYR B 443 28.04 12.62 16.99
N GLN B 444 27.16 12.44 16.00
CA GLN B 444 27.56 11.99 14.65
C GLN B 444 27.04 12.97 13.64
N ASN B 445 27.99 13.50 12.87
CA ASN B 445 27.70 14.43 11.77
C ASN B 445 28.40 13.97 10.50
N ALA B 446 27.74 14.18 9.37
CA ALA B 446 28.41 14.19 8.06
C ALA B 446 28.02 15.50 7.39
N LYS B 447 29.03 16.19 6.88
CA LYS B 447 28.80 17.48 6.21
C LYS B 447 28.11 17.31 4.85
N ALA B 448 27.54 18.40 4.34
CA ALA B 448 26.87 18.37 3.05
C ALA B 448 27.79 17.72 2.02
N TYR B 449 27.27 16.73 1.30
CA TYR B 449 28.03 15.91 0.35
C TYR B 449 28.06 16.72 -0.97
N ASP B 450 27.14 17.69 -1.12
CA ASP B 450 26.81 18.26 -2.41
C ASP B 450 27.20 19.72 -2.62
N ALA B 451 28.01 20.25 -1.72
CA ALA B 451 28.60 21.58 -1.91
C ALA B 451 29.31 21.73 -3.26
N PRO B 452 28.94 22.74 -4.06
CA PRO B 452 29.52 22.78 -5.42
C PRO B 452 30.97 23.30 -5.55
N ASP B 453 31.44 24.01 -4.55
CA ASP B 453 32.74 24.64 -4.63
C ASP B 453 33.03 25.33 -3.30
N GLN B 454 34.22 25.86 -3.17
CA GLN B 454 34.67 26.38 -1.91
C GLN B 454 33.87 27.58 -1.42
N ALA B 455 33.72 28.61 -2.26
CA ALA B 455 33.10 29.85 -1.83
C ALA B 455 31.72 29.58 -1.29
N ALA B 456 30.98 28.82 -2.05
CA ALA B 456 29.63 28.45 -1.67
C ALA B 456 29.48 27.92 -0.22
N ILE B 457 30.60 27.61 0.47
CA ILE B 457 30.58 27.34 1.91
C ILE B 457 31.49 28.29 2.73
N GLN B 458 31.89 29.39 2.12
CA GLN B 458 32.74 30.35 2.82
C GLN B 458 31.91 30.97 3.93
N ASN B 459 32.50 31.06 5.12
CA ASN B 459 31.77 31.49 6.31
C ASN B 459 32.61 32.60 6.98
N GLY B 460 32.57 33.81 6.38
CA GLY B 460 33.54 34.86 6.67
C GLY B 460 34.94 34.45 6.22
N ASP B 461 35.92 34.49 7.15
CA ASP B 461 37.29 34.01 6.87
C ASP B 461 37.52 32.59 7.35
N ILE B 462 36.43 31.81 7.37
CA ILE B 462 36.44 30.39 7.69
C ILE B 462 35.95 29.61 6.48
N LYS B 463 36.76 28.62 6.08
CA LYS B 463 36.34 27.70 5.05
C LYS B 463 35.32 26.74 5.69
N GLY B 464 34.10 26.80 5.19
CA GLY B 464 33.00 25.95 5.65
C GLY B 464 32.42 26.37 6.99
N TYR B 465 31.34 25.69 7.35
CA TYR B 465 30.64 25.88 8.63
C TYR B 465 30.86 24.68 9.53
N ALA B 466 31.22 24.91 10.79
CA ALA B 466 31.34 23.82 11.76
C ALA B 466 30.11 22.91 11.79
N ALA B 467 30.34 21.62 11.99
CA ALA B 467 29.27 20.70 12.31
C ALA B 467 28.65 21.02 13.67
N TYR B 468 29.43 21.59 14.56
CA TYR B 468 28.99 21.83 15.92
C TYR B 468 29.71 23.09 16.41
N LYS B 469 28.94 24.19 16.49
CA LYS B 469 29.44 25.49 16.96
C LYS B 469 28.90 25.79 18.32
N VAL B 470 29.80 26.17 19.20
CA VAL B 470 29.45 26.78 20.46
C VAL B 470 29.77 28.25 20.35
N ASP B 471 28.78 29.08 20.61
CA ASP B 471 28.97 30.52 20.48
C ASP B 471 30.08 31.02 21.43
N ASP B 472 30.83 32.03 20.99
CA ASP B 472 32.02 32.50 21.72
C ASP B 472 31.58 33.10 23.07
N SER B 473 30.35 33.57 23.13
CA SER B 473 29.86 34.19 24.35
C SER B 473 29.44 33.18 25.41
N VAL B 474 29.60 31.90 25.11
CA VAL B 474 29.25 30.87 26.07
C VAL B 474 30.36 30.63 27.11
N THR B 475 29.96 30.46 28.36
CA THR B 475 30.91 30.25 29.45
C THR B 475 31.16 28.79 29.81
N THR B 476 30.08 28.00 29.69
CA THR B 476 30.10 26.63 30.17
C THR B 476 29.44 25.71 29.14
N HIS B 477 30.13 24.61 28.79
CA HIS B 477 29.62 23.63 27.83
C HIS B 477 30.50 22.39 27.89
N GLU B 478 29.94 21.21 27.68
CA GLU B 478 30.76 20.00 27.64
C GLU B 478 30.22 19.00 26.62
N GLY B 479 31.11 18.38 25.87
CA GLY B 479 30.71 17.40 24.88
C GLY B 479 31.66 16.19 24.94
N TRP B 480 31.10 15.00 24.74
CA TRP B 480 31.89 13.76 24.77
C TRP B 480 31.57 12.91 23.54
N GLY B 481 32.61 12.44 22.84
CA GLY B 481 32.41 11.41 21.83
C GLY B 481 31.74 11.91 20.57
N MET B 482 32.45 12.79 19.88
CA MET B 482 31.83 13.52 18.81
C MET B 482 32.65 13.43 17.53
N GLY B 483 31.95 13.14 16.42
CA GLY B 483 32.62 13.04 15.12
C GLY B 483 31.89 13.71 13.99
N SER B 484 32.67 14.27 13.07
CA SER B 484 32.16 14.88 11.85
C SER B 484 32.91 14.30 10.65
N TYR B 485 32.15 13.82 9.66
CA TYR B 485 32.77 13.23 8.47
C TYR B 485 32.44 14.05 7.23
N CYS B 486 33.38 14.09 6.27
CA CYS B 486 33.12 14.76 4.99
C CYS B 486 33.22 13.82 3.79
N TYR B 487 32.47 14.19 2.76
CA TYR B 487 32.41 13.45 1.50
C TYR B 487 31.91 14.41 0.44
N PHE B 488 32.84 15.23 0.01
CA PHE B 488 32.51 16.33 -0.91
C PHE B 488 32.67 15.74 -2.30
N ASN B 489 31.65 15.01 -2.72
CA ASN B 489 31.74 14.18 -3.91
C ASN B 489 31.54 15.01 -5.15
N VAL B 490 30.81 16.11 -5.02
CA VAL B 490 30.61 16.99 -6.15
C VAL B 490 31.89 17.73 -6.45
N ASN B 491 32.56 18.24 -5.40
CA ASN B 491 33.82 18.94 -5.57
C ASN B 491 34.85 18.50 -4.53
N PRO B 492 35.61 17.45 -4.88
CA PRO B 492 36.50 16.88 -3.85
C PRO B 492 37.72 17.69 -3.56
N ASP B 493 37.85 18.86 -4.19
CA ASP B 493 38.96 19.76 -3.90
C ASP B 493 38.64 20.73 -2.75
N ILE B 494 37.41 20.63 -2.22
CA ILE B 494 36.99 21.43 -1.07
C ILE B 494 37.80 21.13 0.18
N ARG B 495 37.91 22.15 1.01
CA ARG B 495 38.50 22.07 2.35
C ARG B 495 37.50 22.56 3.37
N GLN B 496 37.31 21.77 4.44
CA GLN B 496 36.50 22.10 5.59
C GLN B 496 37.48 22.49 6.71
N GLN B 497 37.41 23.71 7.23
CA GLN B 497 38.46 24.14 8.21
C GLN B 497 38.42 23.28 9.47
N HIS B 498 37.22 22.95 9.93
CA HIS B 498 37.09 22.18 11.16
C HIS B 498 35.72 21.53 11.31
N GLY B 499 35.65 20.53 12.18
CA GLY B 499 34.39 19.89 12.53
C GLY B 499 33.65 20.65 13.60
N PHE B 500 34.43 21.23 14.51
CA PHE B 500 33.95 21.83 15.75
C PHE B 500 34.53 23.23 15.91
N GLN B 501 33.76 24.10 16.53
CA GLN B 501 34.14 25.47 16.79
C GLN B 501 33.61 25.94 18.16
N ALA B 502 34.50 26.50 18.97
CA ALA B 502 34.16 26.92 20.31
C ALA B 502 35.08 28.01 20.84
N PRO B 503 34.62 28.70 21.89
CA PRO B 503 35.58 29.53 22.63
C PRO B 503 36.52 28.73 23.47
N VAL B 504 37.61 29.41 23.84
CA VAL B 504 38.68 28.80 24.58
C VAL B 504 38.53 29.39 26.01
N LYS B 505 37.99 28.58 26.93
CA LYS B 505 37.52 28.97 28.26
C LYS B 505 37.48 27.82 29.23
N PRO B 506 37.77 28.10 30.53
CA PRO B 506 37.74 27.12 31.62
C PRO B 506 36.52 26.20 31.61
N GLY B 507 35.35 26.76 31.39
CA GLY B 507 34.12 26.02 31.56
C GLY B 507 33.67 25.33 30.27
N VAL B 508 34.39 25.53 29.16
CA VAL B 508 34.11 24.77 27.92
C VAL B 508 35.12 23.65 27.73
N LYS B 509 34.62 22.43 27.64
CA LYS B 509 35.51 21.31 27.39
C LYS B 509 34.89 20.29 26.44
N PHE B 510 35.75 19.70 25.63
CA PHE B 510 35.36 18.57 24.82
C PHE B 510 36.28 17.38 25.07
N HIS B 511 35.71 16.20 24.97
CA HIS B 511 36.36 14.93 25.20
C HIS B 511 36.17 14.03 23.98
N ASP B 512 37.26 13.59 23.34
CA ASP B 512 37.21 12.56 22.30
C ASP B 512 36.49 13.08 21.06
N LEU B 513 37.16 13.98 20.36
CA LEU B 513 36.67 14.57 19.12
C LEU B 513 37.41 13.97 17.93
N LEU B 514 36.76 14.01 16.77
CA LEU B 514 37.37 13.46 15.59
C LEU B 514 36.75 13.99 14.31
N VAL B 515 37.56 14.03 13.27
CA VAL B 515 37.04 14.24 11.94
C VAL B 515 37.63 13.24 10.96
N VAL B 516 36.87 12.97 9.89
CA VAL B 516 37.23 11.92 8.95
C VAL B 516 36.82 12.33 7.52
N SER B 517 37.74 12.23 6.56
CA SER B 517 37.40 12.37 5.15
C SER B 517 37.07 11.01 4.55
N LEU B 518 35.91 10.82 3.97
CA LEU B 518 35.63 9.56 3.28
C LEU B 518 36.35 9.42 1.89
N GLY B 519 37.29 8.50 1.74
CA GLY B 519 37.86 8.28 0.41
C GLY B 519 38.54 9.52 -0.15
N GLY B 520 39.02 10.42 0.71
CA GLY B 520 39.71 11.61 0.24
C GLY B 520 38.85 12.62 -0.51
N LYS B 521 37.54 12.54 -0.28
CA LYS B 521 36.61 13.47 -0.91
C LYS B 521 36.48 14.73 -0.12
N GLY B 522 37.35 15.67 -0.45
CA GLY B 522 37.57 16.80 0.41
C GLY B 522 38.48 16.39 1.54
N GLN B 523 38.92 17.38 2.32
CA GLN B 523 39.68 17.16 3.53
C GLN B 523 39.34 18.22 4.57
N TYR B 524 39.52 17.84 5.83
CA TYR B 524 39.48 18.79 6.96
C TYR B 524 40.86 19.40 7.17
N GLU B 525 40.94 20.69 7.52
CA GLU B 525 42.23 21.32 7.86
C GLU B 525 42.61 21.14 9.33
N HIS B 526 41.59 20.97 10.16
CA HIS B 526 41.76 20.82 11.62
C HIS B 526 40.56 20.07 12.17
N VAL B 527 40.65 19.74 13.45
CA VAL B 527 39.53 19.10 14.15
C VAL B 527 38.56 20.11 14.78
N ILE B 528 39.10 21.00 15.60
CA ILE B 528 38.30 22.03 16.29
C ILE B 528 39.01 23.38 16.23
N ASN B 529 38.32 24.44 15.83
CA ASN B 529 38.96 25.74 15.70
C ASN B 529 40.18 25.63 14.76
N ASP B 530 41.40 26.00 15.19
CA ASP B 530 42.64 25.74 14.43
C ASP B 530 43.36 24.50 14.96
N ILE B 531 42.79 23.82 15.96
CA ILE B 531 43.48 22.72 16.65
C ILE B 531 43.17 21.40 15.95
N GLY B 532 44.18 20.52 15.91
CA GLY B 532 44.04 19.19 15.35
C GLY B 532 44.71 19.03 14.00
N ASP B 533 45.22 17.83 13.71
CA ASP B 533 45.81 17.57 12.42
C ASP B 533 44.74 17.72 11.32
N PRO B 534 45.15 18.18 10.13
CA PRO B 534 44.29 17.99 8.96
C PRO B 534 44.13 16.49 8.68
N THR B 535 43.09 16.12 7.93
CA THR B 535 43.02 14.77 7.37
C THR B 535 43.88 14.74 6.11
N SER B 536 44.34 13.55 5.73
CA SER B 536 45.19 13.42 4.56
C SER B 536 45.02 12.04 3.97
N GLY B 537 45.42 11.89 2.71
CA GLY B 537 45.29 10.61 2.00
C GLY B 537 43.85 10.34 1.60
N ASP B 538 43.62 9.17 0.97
CA ASP B 538 42.27 8.73 0.63
C ASP B 538 41.88 7.39 1.28
N THR B 539 42.52 7.02 2.38
CA THR B 539 42.21 5.75 3.08
C THR B 539 41.41 5.96 4.39
N THR B 540 40.84 7.15 4.49
CA THR B 540 39.81 7.49 5.51
C THR B 540 40.17 7.04 6.96
N ILE B 541 41.32 7.55 7.38
CA ILE B 541 41.83 7.46 8.77
C ILE B 541 41.51 8.74 9.55
N PRO B 542 40.85 8.60 10.71
CA PRO B 542 40.43 9.78 11.50
C PRO B 542 41.55 10.69 11.96
N SER B 543 41.26 11.98 12.09
CA SER B 543 42.11 12.90 12.83
C SER B 543 41.43 13.17 14.12
N GLN B 544 42.15 13.10 15.23
CA GLN B 544 41.50 13.14 16.53
C GLN B 544 42.09 14.13 17.50
N VAL B 545 41.22 14.61 18.39
CA VAL B 545 41.64 15.38 19.58
C VAL B 545 41.05 14.72 20.85
N VAL B 546 41.89 14.30 21.78
CA VAL B 546 41.38 13.64 22.97
C VAL B 546 40.70 14.60 23.96
N SER B 547 41.41 15.68 24.26
CA SER B 547 40.91 16.69 25.20
C SER B 547 41.06 18.04 24.48
N PHE B 548 40.03 18.89 24.58
CA PHE B 548 40.14 20.26 24.13
C PHE B 548 39.48 21.14 25.18
N PRO B 549 40.12 22.28 25.52
CA PRO B 549 41.55 22.57 25.33
C PRO B 549 42.11 22.22 26.68
C2 BGC C . 1.97 -27.49 -25.35
C3 BGC C . 1.59 -26.74 -24.18
C4 BGC C . 0.84 -27.52 -23.13
C5 BGC C . 1.40 -28.92 -22.94
C6 BGC C . 0.58 -29.79 -22.06
C1 BGC C . 2.45 -28.91 -25.06
O1 BGC C . 2.48 -29.61 -26.16
O2 BGC C . 3.01 -26.77 -26.04
O3 BGC C . 0.83 -25.53 -24.62
O4 BGC C . 0.83 -26.84 -21.90
O5 BGC C . 1.51 -29.60 -24.17
O6 BGC C . 0.97 -31.13 -22.06
C2 BGC C . 0.66 -23.18 -24.72
C3 BGC C . 1.29 -21.91 -24.33
C4 BGC C . 1.64 -21.80 -22.91
C5 BGC C . 2.29 -23.10 -22.43
C6 BGC C . 2.53 -23.13 -20.97
C1 BGC C . 1.44 -24.36 -24.22
O2 BGC C . 0.50 -23.29 -26.12
O3 BGC C . 0.29 -20.88 -24.74
O4 BGC C . 2.56 -20.73 -22.66
O5 BGC C . 1.50 -24.26 -22.80
O6 BGC C . 3.00 -24.35 -20.43
C2 BGC C . -0.17 -18.76 -25.77
C3 BGC C . 0.44 -17.66 -26.54
C4 BGC C . 1.66 -17.18 -25.88
C5 BGC C . 2.61 -18.35 -25.71
C6 BGC C . 3.88 -18.00 -25.03
C1 BGC C . 0.85 -19.87 -25.55
O2 BGC C . -1.25 -19.33 -26.54
O3 BGC C . -0.54 -16.55 -26.55
O4 BGC C . 2.28 -16.13 -26.62
O5 BGC C . 1.95 -19.28 -24.85
O6 BGC C . 3.79 -18.06 -23.64
C2 BGC C . -2.04 -15.11 -27.72
C3 BGC C . -2.32 -14.43 -29.02
C4 BGC C . -1.05 -13.96 -29.71
C5 BGC C . -0.06 -15.12 -29.79
C6 BGC C . 1.28 -14.80 -30.47
C1 BGC C . -0.94 -16.14 -27.81
O2 BGC C . -3.20 -15.80 -27.23
O3 BGC C . -3.18 -13.29 -28.73
O4 BGC C . -1.31 -13.49 -31.00
O5 BGC C . 0.22 -15.53 -28.46
O6 BGC C . 2.03 -15.96 -30.82
C2 BGC C . -5.33 -12.25 -28.87
C3 BGC C . -6.40 -11.70 -29.77
C4 BGC C . -5.78 -11.06 -30.94
C5 BGC C . -4.83 -12.00 -31.60
C6 BGC C . -4.18 -11.25 -32.76
C1 BGC C . -4.28 -13.10 -29.58
O2 BGC C . -5.88 -13.04 -27.86
O3 BGC C . -7.10 -10.65 -28.99
O4 BGC C . -6.74 -10.58 -31.86
O5 BGC C . -3.76 -12.37 -30.71
O6 BGC C . -3.31 -12.09 -33.46
C2 BGC C . -9.12 -9.69 -28.16
C3 BGC C . -10.60 -9.70 -28.36
C4 BGC C . -10.95 -9.90 -29.76
C5 BGC C . -10.41 -11.24 -30.21
C6 BGC C . -10.74 -11.58 -31.62
C1 BGC C . -8.45 -10.93 -28.78
O2 BGC C . -8.77 -9.57 -26.81
O3 BGC C . -11.18 -8.40 -27.95
O4 BGC C . -12.39 -9.84 -29.99
O5 BGC C . -8.95 -11.16 -30.12
O6 BGC C . -10.15 -12.75 -32.10
C2 BGC D . -5.45 -32.63 -30.41
C3 BGC D . -5.62 -31.70 -31.52
C4 BGC D . -4.36 -31.02 -31.94
C5 BGC D . -3.17 -31.97 -32.05
C6 BGC D . -1.91 -31.19 -32.17
C1 BGC D . -4.31 -33.58 -30.62
O1 BGC D . -4.13 -34.27 -29.49
O2 BGC D . -6.64 -33.36 -30.13
O3 BGC D . -6.63 -30.73 -31.08
O4 BGC D . -4.50 -30.31 -33.16
O5 BGC D . -3.07 -32.86 -30.95
O6 BGC D . -1.82 -30.24 -33.20
C2 BGC D . -8.90 -30.04 -31.56
C3 BGC D . -9.85 -29.39 -32.54
C4 BGC D . -9.22 -28.27 -33.27
C5 BGC D . -7.82 -28.61 -33.76
C6 BGC D . -7.23 -27.48 -34.48
C1 BGC D . -7.44 -30.25 -32.06
O2 BGC D . -9.42 -31.26 -31.07
O3 BGC D . -11.08 -28.97 -31.91
O4 BGC D . -10.00 -27.90 -34.38
O5 BGC D . -6.95 -29.00 -32.66
O6 BGC D . -5.99 -27.75 -35.00
C2 BGC D . -12.90 -29.90 -30.63
C3 BGC D . -14.15 -30.70 -30.76
C4 BGC D . -14.92 -30.42 -31.99
C5 BGC D . -14.07 -30.50 -33.26
C6 BGC D . -14.79 -30.08 -34.52
C1 BGC D . -12.06 -29.92 -31.89
O2 BGC D . -12.11 -30.33 -29.53
O3 BGC D . -15.00 -30.45 -29.58
O4 BGC D . -16.01 -31.30 -32.12
O5 BGC D . -12.85 -29.71 -33.11
O6 BGC D . -15.60 -28.96 -34.46
C2 BGC D . -15.72 -31.37 -27.46
C3 BGC D . -16.42 -32.52 -26.84
C4 BGC D . -17.70 -32.84 -27.52
C5 BGC D . -17.36 -33.09 -28.99
C6 BGC D . -18.48 -33.51 -29.88
C1 BGC D . -15.48 -31.58 -28.95
O2 BGC D . -14.48 -31.09 -26.78
O3 BGC D . -16.63 -32.26 -25.42
O4 BGC D . -18.31 -34.00 -26.95
O5 BGC D . -16.78 -31.90 -29.54
O6 BGC D . -19.68 -32.81 -29.77
C2 BGC D . -15.20 -32.14 -23.47
C3 BGC D . -14.45 -32.93 -22.51
C4 BGC D . -15.18 -34.08 -21.92
C5 BGC D . -15.83 -34.87 -23.02
C6 BGC D . -16.81 -35.88 -22.49
C1 BGC D . -15.78 -32.99 -24.58
O2 BGC D . -14.31 -31.15 -24.06
O3 BGC D . -13.82 -32.09 -21.51
O4 BGC D . -14.29 -34.98 -21.22
O5 BGC D . -16.54 -34.07 -23.97
O6 BGC D . -17.20 -36.85 -23.47
C2 BGC E . 35.96 -8.93 8.41
C3 BGC E . 35.86 -8.12 9.59
C4 BGC E . 35.21 -8.78 10.74
C5 BGC E . 35.73 -10.20 10.91
C6 BGC E . 34.95 -10.93 11.94
C1 BGC E . 36.48 -10.32 8.69
O1 BGC E . 36.44 -11.05 7.61
O2 BGC E . 36.86 -8.35 7.46
O3 BGC E . 35.16 -6.85 9.20
O4 BGC E . 35.46 -8.07 11.90
O5 BGC E . 35.63 -10.93 9.71
O6 BGC E . 35.45 -12.21 12.29
C2 BGC E . 35.18 -4.51 9.01
C3 BGC E . 35.80 -3.26 9.49
C4 BGC E . 36.01 -3.24 10.93
C5 BGC E . 36.65 -4.54 11.39
C6 BGC E . 36.84 -4.65 12.84
C1 BGC E . 35.88 -5.74 9.53
O2 BGC E . 35.23 -4.50 7.59
O3 BGC E . 34.87 -2.18 9.10
O4 BGC E . 36.88 -2.15 11.31
O5 BGC E . 35.92 -5.68 10.95
O6 BGC E . 37.57 -5.79 13.25
C2 BGC E . 34.38 -0.03 8.08
C3 BGC E . 34.99 1.10 7.37
C4 BGC E . 36.09 1.72 8.11
C5 BGC E . 37.05 0.64 8.59
C6 BGC E . 38.11 1.20 9.45
C1 BGC E . 35.43 -1.08 8.43
O2 BGC E . 33.33 -0.63 7.29
O3 BGC E . 33.94 2.11 7.21
O4 BGC E . 36.87 2.61 7.25
O5 BGC E . 36.39 -0.46 9.28
O6 BGC E . 39.01 0.17 9.82
C2 BGC E . 32.46 3.54 6.05
C3 BGC E . 32.17 4.26 4.77
C4 BGC E . 33.43 4.73 4.09
C5 BGC E . 34.43 3.58 4.03
C6 BGC E . 35.73 3.97 3.34
C1 BGC E . 33.56 2.51 5.94
O2 BGC E . 31.31 2.95 6.65
O3 BGC E . 31.35 5.38 5.15
O4 BGC E . 33.14 5.28 2.82
O5 BGC E . 34.72 3.16 5.35
O6 BGC E . 36.52 2.82 3.06
C2 BGC E . 29.21 6.52 5.05
C3 BGC E . 28.24 7.17 4.13
C4 BGC E . 28.91 7.92 3.04
C5 BGC E . 29.83 7.01 2.25
C6 BGC E . 30.70 7.80 1.27
C1 BGC E . 30.25 5.71 4.31
O2 BGC E . 28.49 5.64 5.93
O3 BGC E . 27.42 8.13 4.91
O4 BGC E . 27.91 8.47 2.22
O5 BGC E . 30.80 6.39 3.12
O6 BGC E . 31.79 7.09 0.74
C2 BGC E . 25.35 8.92 5.80
C3 BGC E . 23.91 8.94 5.58
C4 BGC E . 23.56 8.81 4.18
C5 BGC E . 24.07 7.47 3.67
C6 BGC E . 23.78 7.11 2.22
C1 BGC E . 26.06 7.78 5.09
O2 BGC E . 25.63 8.95 7.20
O3 BGC E . 23.42 10.27 5.96
O4 BGC E . 22.13 8.84 3.99
O5 BGC E . 25.53 7.52 3.79
O6 BGC E . 22.55 7.30 1.53
C2 BGC F . 28.74 -13.96 3.31
C3 BGC F . 28.52 -13.03 2.23
C4 BGC F . 29.76 -12.34 1.77
C5 BGC F . 30.90 -13.31 1.54
C6 BGC F . 32.17 -12.61 1.23
C1 BGC F . 29.90 -14.90 3.05
O1 BGC F . 30.18 -15.61 4.16
O2 BGC F . 27.54 -14.70 3.57
O3 BGC F . 27.47 -12.09 2.67
O4 BGC F . 29.55 -11.60 0.58
O5 BGC F . 31.09 -14.17 2.64
O6 BGC F . 33.25 -13.40 0.82
C2 BGC F . 25.25 -11.40 2.22
C3 BGC F . 24.39 -10.58 1.32
C4 BGC F . 25.11 -9.41 0.76
C5 BGC F . 26.43 -9.81 0.12
C6 BGC F . 27.09 -8.68 -0.47
C1 BGC F . 26.68 -11.66 1.67
O2 BGC F . 24.59 -12.58 2.73
O3 BGC F . 23.15 -10.16 1.95
O4 BGC F . 24.37 -8.73 -0.23
O5 BGC F . 27.33 -10.46 1.07
O6 BGC F . 28.32 -9.02 -0.99
C2 BGC F . 21.47 -11.17 3.29
C3 BGC F . 20.24 -12.03 3.22
C4 BGC F . 19.37 -11.75 2.06
C5 BGC F . 20.17 -11.76 0.74
C6 BGC F . 19.42 -11.34 -0.50
C1 BGC F . 22.21 -11.15 1.96
O2 BGC F . 22.37 -11.49 4.31
O3 BGC F . 19.53 -11.79 4.46
O4 BGC F . 18.29 -12.65 1.95
O5 BGC F . 21.30 -10.89 0.85
O6 BGC F . 20.24 -10.87 -1.51
C2 BGC F . 18.81 -12.69 6.54
C3 BGC F . 18.12 -13.84 7.16
C4 BGC F . 16.79 -14.03 6.52
C5 BGC F . 16.98 -14.25 5.01
C6 BGC F . 15.74 -14.49 4.25
C1 BGC F . 18.97 -12.89 5.05
O2 BGC F . 20.07 -12.36 7.19
O3 BGC F . 17.96 -13.50 8.54
O4 BGC F . 16.08 -15.11 7.14
O5 BGC F . 17.65 -13.13 4.44
O6 BGC F . 14.80 -13.45 4.21
C2 BGC F . 19.31 -13.30 10.57
C3 BGC F . 20.07 -14.11 11.50
C4 BGC F . 19.33 -15.28 12.01
C5 BGC F . 18.73 -16.06 10.88
C6 BGC F . 17.79 -17.11 11.34
C1 BGC F . 18.77 -14.17 9.45
O2 BGC F . 20.16 -12.27 9.99
O3 BGC F . 20.64 -13.36 12.62
O4 BGC F . 20.20 -16.17 12.70
O5 BGC F . 17.98 -15.19 10.05
O6 BGC F . 17.49 -18.08 10.36
C1 EDO G . -4.67 4.02 -29.37
O1 EDO G . -3.91 4.67 -28.38
C2 EDO G . -6.11 4.50 -29.27
O2 EDO G . -6.51 4.56 -27.88
H11 EDO G . -4.27 4.24 -30.36
H12 EDO G . -4.65 2.93 -29.22
HO1 EDO G . -2.98 4.37 -28.43
H21 EDO G . -6.78 3.83 -29.81
H22 EDO G . -6.15 5.49 -29.71
HO2 EDO G . -7.47 4.65 -27.82
C1 EDO H . 30.08 22.80 4.55
O1 EDO H . 30.83 23.40 5.62
C2 EDO H . 28.55 22.70 4.71
O2 EDO H . 28.18 21.31 4.47
H11 EDO H . 30.45 21.77 4.42
H12 EDO H . 30.31 23.34 3.63
HO1 EDO H . 31.74 23.50 5.35
H21 EDO H . 28.03 23.32 3.97
H22 EDO H . 28.22 23.02 5.70
HO2 EDO H . 27.29 21.15 4.81
N GLU A 1 -51.31 -1.02 -12.18
CA GLU A 1 -50.43 -1.96 -11.53
C GLU A 1 -49.66 -2.70 -12.60
N VAL A 2 -48.33 -2.65 -12.54
CA VAL A 2 -47.58 -3.66 -13.27
C VAL A 2 -47.63 -4.81 -12.31
N VAL A 3 -47.86 -5.99 -12.91
CA VAL A 3 -47.99 -7.27 -12.24
C VAL A 3 -46.62 -7.85 -11.98
N GLY A 4 -46.51 -8.59 -10.88
CA GLY A 4 -45.25 -9.25 -10.54
C GLY A 4 -45.28 -10.76 -10.79
N GLY A 5 -44.11 -11.38 -10.90
CA GLY A 5 -43.99 -12.78 -11.22
C GLY A 5 -44.52 -13.18 -12.60
N GLY A 6 -45.00 -14.41 -12.73
CA GLY A 6 -45.50 -14.92 -14.02
C GLY A 6 -44.51 -15.91 -14.67
N ASP A 7 -44.78 -16.36 -15.90
CA ASP A 7 -43.83 -17.27 -16.61
C ASP A 7 -42.56 -16.59 -17.16
N LEU A 8 -41.47 -17.35 -17.14
CA LEU A 8 -40.19 -16.86 -17.64
C LEU A 8 -40.00 -16.89 -19.16
N GLY A 9 -40.90 -17.55 -19.88
CA GLY A 9 -40.78 -17.64 -21.32
C GLY A 9 -40.23 -18.95 -21.84
N PRO A 10 -40.36 -19.17 -23.16
CA PRO A 10 -39.81 -20.38 -23.77
C PRO A 10 -38.27 -20.42 -23.86
N ASN A 11 -37.61 -19.30 -23.61
CA ASN A 11 -36.14 -19.27 -23.61
C ASN A 11 -35.51 -19.44 -22.26
N VAL A 12 -36.34 -19.65 -21.25
CA VAL A 12 -35.85 -20.16 -19.98
C VAL A 12 -36.35 -21.59 -19.94
N LEU A 13 -35.41 -22.49 -20.15
CA LEU A 13 -35.69 -23.91 -20.23
C LEU A 13 -35.46 -24.51 -18.85
N VAL A 14 -36.52 -25.08 -18.29
CA VAL A 14 -36.47 -25.60 -16.93
C VAL A 14 -36.47 -27.12 -16.99
N PHE A 15 -35.37 -27.73 -16.57
CA PHE A 15 -35.20 -29.19 -16.56
C PHE A 15 -35.35 -29.76 -15.16
N ASP A 16 -35.79 -31.02 -15.08
CA ASP A 16 -35.73 -31.77 -13.81
C ASP A 16 -35.02 -33.12 -14.11
N PRO A 17 -34.69 -33.94 -13.09
CA PRO A 17 -34.14 -35.24 -13.52
C PRO A 17 -35.09 -36.21 -14.31
N SER A 18 -36.41 -35.95 -14.35
CA SER A 18 -37.39 -36.69 -15.20
C SER A 18 -37.73 -36.20 -16.65
N THR A 19 -37.17 -35.07 -17.08
CA THR A 19 -37.25 -34.62 -18.47
C THR A 19 -36.80 -35.67 -19.51
N PRO A 20 -37.69 -36.10 -20.44
CA PRO A 20 -37.03 -36.94 -21.46
C PRO A 20 -36.14 -36.08 -22.33
N ASP A 21 -35.21 -36.69 -23.04
CA ASP A 21 -34.47 -35.97 -24.06
C ASP A 21 -33.67 -34.77 -23.41
N ILE A 22 -33.13 -34.88 -22.19
CA ILE A 22 -32.37 -33.70 -21.64
C ILE A 22 -31.17 -33.37 -22.51
N GLN A 23 -30.33 -34.36 -22.68
CA GLN A 23 -29.16 -34.23 -23.51
C GLN A 23 -29.53 -33.78 -24.93
N GLY A 24 -30.59 -34.38 -25.49
CA GLY A 24 -31.10 -33.96 -26.77
C GLY A 24 -31.52 -32.48 -26.75
N LYS A 25 -32.17 -32.06 -25.67
CA LYS A 25 -32.67 -30.67 -25.61
C LYS A 25 -31.48 -29.71 -25.51
N VAL A 26 -30.42 -30.18 -24.88
CA VAL A 26 -29.30 -29.30 -24.62
C VAL A 26 -28.44 -29.18 -25.90
N ASP A 27 -28.22 -30.30 -26.59
CA ASP A 27 -27.51 -30.28 -27.86
C ASP A 27 -28.32 -29.49 -28.95
N GLU A 28 -29.63 -29.59 -28.90
CA GLU A 28 -30.54 -28.76 -29.70
C GLU A 28 -30.24 -27.24 -29.59
N VAL A 29 -29.91 -26.78 -28.39
CA VAL A 29 -29.59 -25.35 -28.17
C VAL A 29 -28.16 -25.03 -28.63
N PHE A 30 -27.21 -25.91 -28.32
CA PHE A 30 -25.80 -25.66 -28.63
C PHE A 30 -25.54 -25.64 -30.13
N ARG A 31 -26.15 -26.57 -30.87
CA ARG A 31 -25.88 -26.60 -32.32
C ARG A 31 -26.37 -25.30 -32.97
N LYS A 32 -27.46 -24.72 -32.45
CA LYS A 32 -27.96 -23.41 -32.95
C LYS A 32 -27.06 -22.25 -32.54
N GLN A 33 -26.46 -22.40 -31.39
CA GLN A 33 -25.84 -21.27 -30.75
C GLN A 33 -24.30 -21.28 -30.76
N GLU A 34 -23.71 -22.39 -31.17
CA GLU A 34 -22.29 -22.54 -31.05
C GLU A 34 -21.49 -21.53 -31.89
N SER A 35 -21.99 -21.25 -33.08
CA SER A 35 -21.35 -20.34 -34.02
C SER A 35 -22.04 -18.98 -34.06
N ASN A 36 -23.11 -18.85 -33.28
CA ASN A 36 -24.04 -17.69 -33.36
C ASN A 36 -23.54 -16.49 -32.55
N GLN A 37 -22.46 -15.92 -33.05
CA GLN A 37 -21.72 -14.94 -32.30
C GLN A 37 -22.49 -13.65 -32.12
N PHE A 38 -23.23 -13.25 -33.14
CA PHE A 38 -23.86 -11.94 -33.16
C PHE A 38 -25.39 -11.96 -33.34
N GLY A 39 -26.00 -13.11 -33.17
CA GLY A 39 -27.47 -13.23 -33.31
C GLY A 39 -28.17 -12.75 -32.05
N THR A 40 -29.49 -12.55 -32.15
CA THR A 40 -30.31 -12.03 -31.10
C THR A 40 -31.01 -13.12 -30.30
N ASP A 41 -30.79 -14.38 -30.66
CA ASP A 41 -31.35 -15.46 -29.86
C ASP A 41 -30.65 -15.53 -28.49
N ARG A 42 -31.40 -15.95 -27.48
CA ARG A 42 -30.93 -15.96 -26.08
C ARG A 42 -31.57 -17.15 -25.37
N TYR A 43 -30.79 -17.84 -24.54
CA TYR A 43 -31.27 -18.99 -23.78
C TYR A 43 -30.72 -19.06 -22.38
N ALA A 44 -31.56 -19.45 -21.43
CA ALA A 44 -31.13 -19.75 -20.06
C ALA A 44 -31.60 -21.15 -19.73
N LEU A 45 -30.63 -22.01 -19.43
CA LEU A 45 -30.91 -23.41 -19.09
C LEU A 45 -30.87 -23.53 -17.57
N MET A 46 -32.01 -23.93 -16.96
CA MET A 46 -32.13 -23.90 -15.52
C MET A 46 -32.44 -25.33 -15.08
N PHE A 47 -31.69 -25.79 -14.08
CA PHE A 47 -31.83 -27.18 -13.58
C PHE A 47 -32.29 -27.20 -12.14
N LYS A 48 -33.45 -27.80 -11.91
CA LYS A 48 -33.98 -27.95 -10.55
C LYS A 48 -33.09 -28.83 -9.65
N PRO A 49 -33.14 -28.60 -8.32
CA PRO A 49 -32.30 -29.38 -7.39
C PRO A 49 -32.49 -30.91 -7.55
N GLY A 50 -31.37 -31.62 -7.76
CA GLY A 50 -31.31 -33.08 -7.95
C GLY A 50 -29.94 -33.55 -8.51
N THR A 51 -29.85 -34.82 -8.91
CA THR A 51 -28.66 -35.37 -9.55
C THR A 51 -29.05 -35.75 -10.97
N TYR A 52 -28.10 -35.62 -11.89
CA TYR A 52 -28.35 -35.70 -13.33
C TYR A 52 -27.24 -36.51 -13.97
N ASN A 53 -27.57 -37.65 -14.58
CA ASN A 53 -26.56 -38.53 -15.15
C ASN A 53 -26.42 -38.37 -16.65
N ASP A 54 -25.28 -38.79 -17.21
CA ASP A 54 -25.14 -38.94 -18.66
C ASP A 54 -25.42 -37.63 -19.41
N ILE A 55 -24.80 -36.57 -18.94
CA ILE A 55 -25.02 -35.25 -19.50
C ILE A 55 -23.69 -34.57 -19.80
N ASN A 56 -23.63 -33.99 -21.00
CA ASN A 56 -22.52 -33.12 -21.34
C ASN A 56 -23.13 -31.92 -22.00
N ALA A 57 -23.29 -30.87 -21.20
CA ALA A 57 -23.95 -29.63 -21.61
C ALA A 57 -22.90 -28.76 -22.28
N GLN A 58 -22.89 -28.76 -23.61
CA GLN A 58 -22.01 -27.85 -24.31
C GLN A 58 -22.72 -26.52 -24.45
N ILE A 59 -21.99 -25.46 -24.12
CA ILE A 59 -22.55 -24.13 -24.02
C ILE A 59 -22.02 -23.24 -25.16
N GLY A 60 -22.93 -22.74 -25.98
CA GLY A 60 -22.59 -21.89 -27.10
C GLY A 60 -22.78 -20.43 -26.70
N PHE A 61 -22.83 -19.57 -27.72
CA PHE A 61 -23.06 -18.16 -27.48
C PHE A 61 -24.41 -17.89 -26.78
N TYR A 62 -24.44 -16.88 -25.95
CA TYR A 62 -25.65 -16.36 -25.34
C TYR A 62 -26.51 -17.45 -24.68
N THR A 63 -25.83 -18.37 -24.02
CA THR A 63 -26.47 -19.43 -23.25
C THR A 63 -25.91 -19.35 -21.83
N SER A 64 -26.81 -19.25 -20.87
CA SER A 64 -26.49 -19.38 -19.46
C SER A 64 -26.99 -20.76 -18.99
N ILE A 65 -26.25 -21.36 -18.08
CA ILE A 65 -26.68 -22.62 -17.45
C ILE A 65 -26.51 -22.47 -15.97
N ALA A 66 -27.52 -22.91 -15.22
CA ALA A 66 -27.46 -22.81 -13.77
C ALA A 66 -28.33 -23.81 -13.07
N GLY A 67 -27.94 -24.05 -11.83
CA GLY A 67 -28.75 -24.82 -10.90
C GLY A 67 -29.70 -23.90 -10.14
N LEU A 68 -30.77 -24.48 -9.61
CA LEU A 68 -31.81 -23.73 -8.92
C LEU A 68 -31.90 -24.17 -7.45
N GLY A 69 -30.80 -24.75 -6.93
CA GLY A 69 -30.78 -25.20 -5.54
C GLY A 69 -30.31 -24.13 -4.60
N LEU A 70 -30.34 -24.47 -3.32
CA LEU A 70 -29.98 -23.53 -2.27
C LEU A 70 -28.49 -23.40 -2.19
N ASN A 71 -27.80 -24.36 -2.77
CA ASN A 71 -26.37 -24.53 -2.57
C ASN A 71 -25.86 -25.21 -3.86
N PRO A 72 -24.61 -24.97 -4.26
CA PRO A 72 -24.38 -25.54 -5.60
C PRO A 72 -24.54 -27.08 -5.66
N ASP A 73 -24.19 -27.78 -4.59
CA ASP A 73 -24.29 -29.24 -4.67
C ASP A 73 -25.77 -29.73 -4.71
N ASP A 74 -26.74 -28.88 -4.44
CA ASP A 74 -28.15 -29.26 -4.58
C ASP A 74 -28.44 -29.77 -5.99
N THR A 75 -27.60 -29.37 -6.94
CA THR A 75 -27.77 -29.70 -8.36
C THR A 75 -26.41 -30.21 -8.91
N THR A 76 -26.21 -31.56 -8.92
CA THR A 76 -25.00 -32.18 -9.47
C THR A 76 -25.18 -32.85 -10.81
N PHE A 77 -24.26 -32.55 -11.71
CA PHE A 77 -24.17 -33.30 -12.96
C PHE A 77 -23.08 -34.36 -12.77
N ASN A 78 -23.42 -35.60 -13.04
CA ASN A 78 -22.43 -36.64 -13.27
C ASN A 78 -22.20 -36.53 -14.76
N GLY A 79 -21.29 -35.64 -15.07
CA GLY A 79 -21.15 -35.09 -16.41
C GLY A 79 -20.43 -33.76 -16.37
N ASP A 80 -20.71 -32.92 -17.38
CA ASP A 80 -19.82 -31.82 -17.77
C ASP A 80 -20.62 -30.60 -18.25
N VAL A 81 -20.06 -29.43 -18.02
CA VAL A 81 -20.56 -28.19 -18.61
C VAL A 81 -19.39 -27.67 -19.45
N THR A 82 -19.49 -27.86 -20.76
CA THR A 82 -18.31 -27.84 -21.63
C THR A 82 -18.32 -26.64 -22.54
N VAL A 83 -17.19 -25.96 -22.64
CA VAL A 83 -16.90 -25.01 -23.71
C VAL A 83 -15.55 -25.38 -24.31
N ASP A 84 -15.53 -25.60 -25.63
CA ASP A 84 -14.30 -25.88 -26.36
C ASP A 84 -14.37 -24.99 -27.61
N ALA A 85 -13.49 -25.20 -28.58
CA ALA A 85 -13.35 -24.22 -29.67
C ALA A 85 -13.42 -24.86 -31.07
N GLY A 86 -14.15 -25.97 -31.19
CA GLY A 86 -14.29 -26.64 -32.48
C GLY A 86 -14.77 -25.75 -33.62
N TRP A 87 -15.67 -24.83 -33.32
CA TRP A 87 -16.31 -24.03 -34.37
C TRP A 87 -15.32 -23.04 -34.99
N PHE A 88 -14.26 -22.75 -34.27
CA PHE A 88 -13.25 -21.78 -34.67
C PHE A 88 -11.93 -22.51 -34.76
N ASP A 89 -12.04 -23.78 -35.15
CA ASP A 89 -10.97 -24.73 -35.28
C ASP A 89 -9.83 -24.52 -34.33
N GLY A 90 -10.19 -24.56 -33.06
CA GLY A 90 -9.20 -24.64 -32.03
C GLY A 90 -8.89 -23.33 -31.34
N ASN A 91 -9.29 -22.20 -31.94
CA ASN A 91 -9.02 -20.88 -31.35
C ASN A 91 -10.17 -20.48 -30.42
N ALA A 92 -9.88 -20.16 -29.15
CA ALA A 92 -10.95 -19.87 -28.17
C ALA A 92 -11.17 -18.37 -27.95
N THR A 93 -10.48 -17.52 -28.72
CA THR A 93 -10.52 -16.07 -28.52
C THR A 93 -11.81 -15.38 -28.90
N GLN A 94 -12.79 -16.14 -29.33
CA GLN A 94 -14.10 -15.59 -29.54
C GLN A 94 -15.22 -16.31 -28.81
N ASN A 95 -14.86 -17.07 -27.77
CA ASN A 95 -15.84 -17.77 -26.94
C ASN A 95 -16.39 -16.87 -25.83
N PHE A 96 -17.18 -15.92 -26.29
CA PHE A 96 -17.77 -14.89 -25.46
C PHE A 96 -19.22 -15.16 -25.02
N TRP A 97 -19.67 -14.38 -24.05
CA TRP A 97 -21.08 -14.18 -23.70
C TRP A 97 -21.80 -15.48 -23.37
N ARG A 98 -21.39 -16.11 -22.29
CA ARG A 98 -22.09 -17.29 -21.82
C ARG A 98 -21.76 -17.46 -20.34
N SER A 99 -22.41 -18.36 -19.62
CA SER A 99 -22.14 -18.44 -18.19
C SER A 99 -22.60 -19.74 -17.54
N ALA A 100 -22.02 -20.02 -16.38
CA ALA A 100 -22.37 -21.19 -15.57
C ALA A 100 -22.42 -20.76 -14.10
N GLU A 101 -23.52 -21.14 -13.42
CA GLU A 101 -23.72 -20.74 -12.01
C GLU A 101 -24.43 -21.83 -11.19
N ASN A 102 -24.04 -21.96 -9.93
CA ASN A 102 -24.76 -22.74 -8.89
C ASN A 102 -24.97 -24.22 -9.26
N LEU A 103 -23.90 -24.86 -9.66
CA LEU A 103 -23.94 -26.29 -10.04
C LEU A 103 -22.74 -27.02 -9.47
N ALA A 104 -22.90 -28.34 -9.23
CA ALA A 104 -21.75 -29.18 -8.92
C ALA A 104 -21.50 -30.11 -10.10
N LEU A 105 -20.25 -30.24 -10.51
CA LEU A 105 -19.89 -31.09 -11.66
C LEU A 105 -18.98 -32.23 -11.20
N ASN A 106 -19.31 -33.40 -11.68
CA ASN A 106 -18.49 -34.60 -11.52
C ASN A 106 -18.06 -35.03 -12.92
N PRO A 107 -16.97 -34.41 -13.42
CA PRO A 107 -16.66 -34.53 -14.85
C PRO A 107 -16.34 -35.94 -15.28
N VAL A 108 -16.83 -36.30 -16.45
CA VAL A 108 -16.85 -37.69 -16.88
C VAL A 108 -15.44 -38.28 -16.95
N ASN A 109 -14.44 -37.49 -17.35
CA ASN A 109 -13.06 -37.98 -17.37
C ASN A 109 -12.22 -37.45 -16.21
N GLY A 110 -12.87 -36.78 -15.26
CA GLY A 110 -12.14 -36.22 -14.12
C GLY A 110 -11.91 -34.71 -14.16
N THR A 111 -11.96 -34.16 -15.36
CA THR A 111 -11.64 -32.75 -15.60
C THR A 111 -12.72 -32.13 -16.46
N ASN A 112 -13.26 -30.99 -16.02
CA ASN A 112 -14.21 -30.24 -16.82
C ASN A 112 -13.46 -29.19 -17.67
N ARG A 113 -13.91 -29.00 -18.91
CA ARG A 113 -13.34 -28.00 -19.78
C ARG A 113 -14.25 -26.77 -19.95
N TRP A 114 -13.69 -25.60 -19.63
CA TRP A 114 -14.38 -24.30 -19.76
C TRP A 114 -13.39 -23.38 -20.49
N ALA A 115 -13.26 -23.61 -21.79
CA ALA A 115 -12.25 -22.92 -22.61
C ALA A 115 -12.77 -21.63 -23.23
N VAL A 116 -13.02 -20.66 -22.38
CA VAL A 116 -13.66 -19.41 -22.79
C VAL A 116 -12.70 -18.23 -22.92
N SER A 117 -13.22 -17.13 -23.47
CA SER A 117 -12.53 -15.86 -23.39
C SER A 117 -13.43 -14.90 -22.61
N GLN A 118 -13.58 -13.66 -23.05
CA GLN A 118 -14.19 -12.64 -22.19
C GLN A 118 -15.70 -12.82 -22.04
N ALA A 119 -16.24 -12.29 -20.93
CA ALA A 119 -17.67 -12.28 -20.65
C ALA A 119 -18.25 -13.68 -20.58
N ALA A 120 -17.51 -14.56 -19.90
CA ALA A 120 -17.95 -15.94 -19.68
C ALA A 120 -17.78 -16.37 -18.23
N PRO A 121 -18.56 -15.77 -17.35
CA PRO A 121 -18.33 -16.01 -15.91
C PRO A 121 -18.66 -17.44 -15.44
N PHE A 122 -17.96 -17.88 -14.39
CA PHE A 122 -18.10 -19.21 -13.79
C PHE A 122 -18.20 -18.92 -12.29
N ARG A 123 -19.46 -18.95 -11.79
CA ARG A 123 -19.73 -18.52 -10.43
C ARG A 123 -20.42 -19.57 -9.58
N ARG A 124 -20.06 -19.58 -8.29
CA ARG A 124 -20.67 -20.49 -7.32
C ARG A 124 -20.82 -21.90 -7.89
N MET A 125 -19.70 -22.36 -8.40
CA MET A 125 -19.58 -23.72 -8.94
C MET A 125 -18.77 -24.62 -8.00
N HIS A 126 -19.15 -25.89 -8.01
CA HIS A 126 -18.34 -26.90 -7.34
C HIS A 126 -17.85 -27.91 -8.36
N VAL A 127 -16.56 -27.95 -8.61
CA VAL A 127 -16.00 -28.94 -9.54
C VAL A 127 -15.29 -30.03 -8.76
N LYS A 128 -15.89 -31.21 -8.79
CA LYS A 128 -15.35 -32.35 -8.04
C LYS A 128 -14.40 -33.06 -9.00
N GLY A 129 -13.27 -32.41 -9.21
CA GLY A 129 -12.29 -32.79 -10.21
C GLY A 129 -11.48 -31.58 -10.61
N GLY A 130 -10.80 -31.70 -11.72
CA GLY A 130 -9.93 -30.65 -12.25
C GLY A 130 -10.70 -29.75 -13.20
N LEU A 131 -10.07 -28.64 -13.59
CA LEU A 131 -10.71 -27.67 -14.45
C LEU A 131 -9.70 -27.24 -15.50
N ASN A 132 -9.98 -27.61 -16.74
CA ASN A 132 -9.14 -27.25 -17.88
C ASN A 132 -9.75 -26.00 -18.53
N LEU A 133 -9.00 -24.91 -18.57
CA LEU A 133 -9.47 -23.66 -19.19
C LEU A 133 -9.03 -23.48 -20.64
N ALA A 134 -8.30 -24.46 -21.16
CA ALA A 134 -7.78 -24.36 -22.55
C ALA A 134 -8.54 -25.20 -23.55
N PRO A 135 -8.73 -24.67 -24.75
CA PRO A 135 -9.37 -25.52 -25.77
C PRO A 135 -8.54 -26.78 -26.01
N ASP A 136 -9.17 -27.81 -26.53
CA ASP A 136 -8.44 -29.02 -26.90
C ASP A 136 -7.52 -28.66 -28.06
N GLY A 137 -6.23 -29.00 -27.90
CA GLY A 137 -5.17 -28.63 -28.83
C GLY A 137 -4.36 -27.46 -28.31
N TYR A 138 -4.85 -26.89 -27.21
CA TYR A 138 -4.17 -25.82 -26.48
C TYR A 138 -4.10 -24.53 -27.32
N GLY A 139 -5.09 -24.33 -28.19
CA GLY A 139 -5.14 -23.14 -29.02
C GLY A 139 -5.29 -21.85 -28.21
N TRP A 140 -5.29 -20.73 -28.90
CA TRP A 140 -5.30 -19.43 -28.25
C TRP A 140 -6.53 -19.26 -27.33
N ALA A 141 -6.36 -18.51 -26.26
CA ALA A 141 -7.47 -18.23 -25.34
C ALA A 141 -7.22 -16.96 -24.54
N SER A 142 -8.28 -16.21 -24.25
CA SER A 142 -8.12 -14.90 -23.55
C SER A 142 -9.25 -14.62 -22.53
N GLY A 143 -9.41 -15.49 -21.55
CA GLY A 143 -10.38 -15.27 -20.47
C GLY A 143 -9.81 -14.36 -19.38
N GLY A 144 -10.34 -14.42 -18.17
CA GLY A 144 -11.44 -15.26 -17.76
C GLY A 144 -11.74 -14.93 -16.29
N TYR A 145 -12.80 -15.52 -15.77
CA TYR A 145 -13.34 -15.09 -14.48
C TYR A 145 -13.99 -16.24 -13.73
N ILE A 146 -13.48 -16.49 -12.54
CA ILE A 146 -14.05 -17.47 -11.62
C ILE A 146 -14.22 -16.76 -10.29
N ALA A 147 -15.41 -16.91 -9.72
CA ALA A 147 -15.71 -16.38 -8.39
C ALA A 147 -16.52 -17.34 -7.58
N ASP A 148 -16.27 -17.30 -6.29
CA ASP A 148 -17.09 -18.02 -5.33
C ASP A 148 -17.19 -19.50 -5.66
N SER A 149 -16.13 -20.06 -6.19
CA SER A 149 -16.14 -21.46 -6.62
C SER A 149 -15.14 -22.33 -5.88
N LYS A 150 -15.39 -23.62 -5.92
CA LYS A 150 -14.48 -24.60 -5.31
C LYS A 150 -14.17 -25.65 -6.35
N ILE A 151 -12.90 -25.67 -6.77
CA ILE A 151 -12.42 -26.63 -7.74
C ILE A 151 -11.51 -27.59 -6.92
N ASP A 152 -11.88 -28.85 -6.88
CA ASP A 152 -11.32 -29.72 -5.87
C ASP A 152 -9.92 -30.24 -6.24
N GLY A 153 -9.65 -30.37 -7.53
CA GLY A 153 -8.30 -30.63 -7.98
C GLY A 153 -7.66 -29.35 -8.49
N GLU A 154 -6.89 -29.49 -9.57
CA GLU A 154 -6.06 -28.42 -10.08
C GLU A 154 -6.79 -27.62 -11.16
N VAL A 155 -6.76 -26.29 -11.06
CA VAL A 155 -7.14 -25.50 -12.22
C VAL A 155 -6.01 -25.43 -13.25
N GLY A 156 -6.32 -25.74 -14.51
CA GLY A 156 -5.34 -25.73 -15.60
C GLY A 156 -5.53 -24.72 -16.73
N PRO A 157 -4.73 -23.64 -16.74
CA PRO A 157 -4.98 -22.62 -17.80
C PRO A 157 -4.33 -22.98 -19.14
N TYR A 158 -3.14 -23.59 -19.09
CA TYR A 158 -2.35 -23.90 -20.28
C TYR A 158 -2.15 -22.62 -21.14
N SER A 159 -2.84 -22.51 -22.27
CA SER A 159 -2.61 -21.38 -23.18
C SER A 159 -3.32 -20.08 -22.76
N GLN A 160 -4.19 -20.12 -21.76
CA GLN A 160 -4.88 -18.88 -21.33
C GLN A 160 -3.89 -17.78 -21.01
N GLN A 161 -4.06 -16.61 -21.66
CA GLN A 161 -3.12 -15.51 -21.46
C GLN A 161 -3.09 -14.97 -20.06
N GLN A 162 -4.30 -14.84 -19.51
CA GLN A 162 -4.53 -14.18 -18.25
C GLN A 162 -5.84 -14.73 -17.62
N TRP A 163 -6.03 -14.45 -16.34
CA TRP A 163 -7.21 -14.97 -15.62
C TRP A 163 -7.37 -14.27 -14.30
N TYR A 164 -8.62 -14.11 -13.86
CA TYR A 164 -8.91 -13.60 -12.53
C TYR A 164 -9.81 -14.57 -11.75
N THR A 165 -9.35 -14.88 -10.54
CA THR A 165 -10.09 -15.74 -9.64
C THR A 165 -10.23 -15.02 -8.32
N ARG A 166 -11.47 -14.98 -7.81
CA ARG A 166 -11.77 -14.31 -6.53
C ARG A 166 -12.57 -15.23 -5.59
N ASP A 167 -12.23 -15.14 -4.31
CA ASP A 167 -13.02 -15.67 -3.21
C ASP A 167 -13.52 -17.10 -3.47
N SER A 168 -12.55 -17.99 -3.55
CA SER A 168 -12.70 -19.30 -4.13
C SER A 168 -11.75 -20.26 -3.41
N SER A 169 -11.85 -21.54 -3.74
CA SER A 169 -10.79 -22.48 -3.32
C SER A 169 -10.39 -23.39 -4.48
N VAL A 170 -9.09 -23.63 -4.62
CA VAL A 170 -8.57 -24.54 -5.63
C VAL A 170 -7.64 -25.58 -4.93
N GLY A 171 -7.55 -26.78 -5.49
CA GLY A 171 -6.58 -27.74 -4.95
C GLY A 171 -5.17 -27.37 -5.37
N GLY A 172 -5.12 -26.53 -6.40
CA GLY A 172 -3.88 -26.17 -7.05
C GLY A 172 -4.14 -25.42 -8.33
N TRP A 173 -3.08 -24.82 -8.82
CA TRP A 173 -3.16 -23.94 -9.98
C TRP A 173 -1.88 -24.10 -10.70
N GLY A 174 -1.97 -24.60 -11.91
CA GLY A 174 -0.80 -25.17 -12.53
C GLY A 174 0.18 -24.23 -13.18
N ASN A 175 -0.29 -23.17 -13.84
CA ASN A 175 0.64 -22.33 -14.60
C ASN A 175 0.06 -20.93 -14.87
N GLY A 176 0.94 -20.04 -15.28
CA GLY A 176 0.55 -18.68 -15.67
C GLY A 176 1.29 -18.23 -16.92
N VAL A 177 0.57 -17.54 -17.82
CA VAL A 177 1.14 -17.13 -19.14
C VAL A 177 1.61 -15.70 -19.00
N TRP A 178 0.69 -14.74 -19.04
CA TRP A 178 1.03 -13.32 -18.81
C TRP A 178 0.53 -12.71 -17.49
N ASN A 179 -0.66 -13.07 -17.02
CA ASN A 179 -1.21 -12.38 -15.85
C ASN A 179 -2.32 -13.16 -15.20
N MET A 180 -1.95 -13.95 -14.19
CA MET A 180 -2.91 -14.74 -13.45
C MET A 180 -3.01 -14.05 -12.10
N THR A 181 -4.18 -13.50 -11.80
CA THR A 181 -4.39 -12.70 -10.59
C THR A 181 -5.42 -13.42 -9.71
N PHE A 182 -5.19 -13.35 -8.42
CA PHE A 182 -6.00 -14.03 -7.44
C PHE A 182 -6.27 -13.12 -6.26
N SER A 183 -7.51 -13.07 -5.79
CA SER A 183 -7.79 -12.41 -4.53
C SER A 183 -8.75 -13.25 -3.68
N GLY A 184 -8.36 -13.52 -2.45
CA GLY A 184 -9.20 -14.34 -1.56
C GLY A 184 -9.36 -15.78 -2.02
N VAL A 185 -8.31 -16.29 -2.66
CA VAL A 185 -8.28 -17.66 -3.16
C VAL A 185 -7.44 -18.64 -2.30
N GLU A 186 -8.15 -19.51 -1.60
CA GLU A 186 -7.53 -20.62 -0.86
C GLU A 186 -6.93 -21.59 -1.86
N GLY A 187 -5.62 -21.74 -1.79
CA GLY A 187 -4.89 -22.63 -2.68
C GLY A 187 -4.24 -21.90 -3.86
N ALA A 188 -4.35 -20.58 -3.89
CA ALA A 188 -3.72 -19.82 -4.97
C ALA A 188 -2.21 -19.93 -4.89
N PRO A 189 -1.54 -20.07 -6.05
CA PRO A 189 -0.07 -20.04 -6.01
C PRO A 189 0.43 -18.75 -5.36
N ALA A 190 1.59 -18.81 -4.71
CA ALA A 190 2.11 -17.64 -3.96
C ALA A 190 2.47 -16.52 -4.92
N GLN A 191 2.40 -15.29 -4.43
CA GLN A 191 2.79 -14.10 -5.18
C GLN A 191 4.21 -14.37 -5.71
N SER A 192 4.43 -14.13 -7.00
CA SER A 192 5.75 -14.34 -7.53
C SER A 192 6.16 -13.45 -8.68
N PHE A 193 5.17 -12.74 -9.26
CA PHE A 193 5.36 -11.91 -10.46
C PHE A 193 6.74 -11.28 -10.44
N PRO A 194 7.46 -11.29 -11.59
CA PRO A 194 6.97 -11.65 -12.92
C PRO A 194 7.07 -13.14 -13.29
N GLU A 195 7.55 -14.01 -12.38
CA GLU A 195 7.88 -15.41 -12.67
C GLU A 195 7.52 -16.50 -11.59
N PRO A 196 6.48 -17.37 -11.84
CA PRO A 196 5.43 -17.18 -12.88
C PRO A 196 4.70 -15.86 -12.66
N PRO A 197 3.80 -15.49 -13.60
CA PRO A 197 3.19 -14.13 -13.53
C PRO A 197 1.94 -14.12 -12.63
N TYR A 198 2.18 -14.50 -11.37
CA TYR A 198 1.12 -14.62 -10.35
C TYR A 198 1.09 -13.40 -9.46
N THR A 199 -0.08 -12.74 -9.45
CA THR A 199 -0.39 -11.65 -8.53
C THR A 199 -1.44 -12.15 -7.54
N THR A 200 -1.10 -12.15 -6.25
CA THR A 200 -1.86 -12.91 -5.28
C THR A 200 -2.10 -12.07 -4.08
N LEU A 201 -3.38 -11.77 -3.86
CA LEU A 201 -3.86 -11.10 -2.69
C LEU A 201 -4.59 -12.07 -1.80
N GLU A 202 -4.22 -12.07 -0.53
CA GLU A 202 -4.87 -12.91 0.49
C GLU A 202 -6.39 -12.74 0.55
N THR A 203 -6.82 -11.48 0.46
CA THR A 203 -8.22 -11.11 0.64
C THR A 203 -8.68 -10.21 -0.52
N THR A 204 -10.00 -10.25 -0.78
CA THR A 204 -10.67 -9.21 -1.56
C THR A 204 -11.29 -8.17 -0.60
N PRO A 205 -11.03 -6.86 -0.82
CA PRO A 205 -11.46 -5.87 0.20
C PRO A 205 -12.94 -5.87 0.51
N VAL A 206 -13.73 -5.88 -0.56
CA VAL A 206 -15.15 -6.15 -0.47
C VAL A 206 -15.56 -7.00 -1.63
N SER A 207 -16.48 -7.92 -1.38
CA SER A 207 -17.21 -8.55 -2.48
C SER A 207 -18.62 -8.73 -2.01
N ARG A 208 -19.52 -8.93 -2.95
CA ARG A 208 -20.90 -9.22 -2.61
C ARG A 208 -21.36 -10.11 -3.74
N GLU A 209 -21.59 -11.37 -3.44
CA GLU A 209 -21.88 -12.33 -4.51
C GLU A 209 -23.15 -11.96 -5.34
N LYS A 210 -23.13 -12.33 -6.61
CA LYS A 210 -24.20 -11.97 -7.52
C LYS A 210 -25.51 -12.60 -7.11
N PRO A 211 -26.61 -11.85 -7.21
CA PRO A 211 -27.91 -12.48 -6.91
C PRO A 211 -28.25 -13.53 -7.95
N PHE A 212 -28.95 -14.59 -7.55
CA PHE A 212 -29.36 -15.62 -8.48
C PHE A 212 -30.76 -16.19 -8.21
N LEU A 213 -31.41 -16.62 -9.26
CA LEU A 213 -32.71 -17.28 -9.16
C LEU A 213 -32.55 -18.70 -8.56
N TYR A 214 -33.43 -19.09 -7.65
CA TYR A 214 -33.46 -20.45 -7.18
C TYR A 214 -34.88 -20.86 -6.79
N LEU A 215 -35.00 -22.10 -6.31
CA LEU A 215 -36.26 -22.63 -5.78
C LEU A 215 -36.19 -22.93 -4.28
N ASP A 216 -37.19 -22.40 -3.57
CA ASP A 216 -37.46 -22.67 -2.18
C ASP A 216 -38.75 -23.52 -2.25
N GLY A 217 -38.56 -24.84 -2.23
CA GLY A 217 -39.57 -25.79 -2.62
C GLY A 217 -39.83 -25.70 -4.11
N ASP A 218 -41.07 -25.34 -4.43
CA ASP A 218 -41.49 -25.04 -5.79
C ASP A 218 -41.59 -23.52 -6.00
N ASP A 219 -41.30 -22.69 -4.99
CA ASP A 219 -41.41 -21.22 -5.10
C ASP A 219 -40.18 -20.59 -5.79
N TYR A 220 -40.31 -19.96 -6.95
CA TYR A 220 -39.16 -19.19 -7.50
C TYR A 220 -38.89 -18.02 -6.60
N LYS A 221 -37.62 -17.85 -6.28
CA LYS A 221 -37.10 -16.70 -5.56
C LYS A 221 -35.74 -16.31 -6.13
N VAL A 222 -35.28 -15.12 -5.71
CA VAL A 222 -33.93 -14.67 -6.00
C VAL A 222 -33.17 -14.45 -4.72
N PHE A 223 -32.14 -15.26 -4.51
CA PHE A 223 -31.25 -15.09 -3.36
C PHE A 223 -30.33 -13.89 -3.56
N VAL A 224 -30.15 -13.14 -2.49
CA VAL A 224 -29.35 -11.93 -2.54
C VAL A 224 -28.29 -11.93 -1.41
N PRO A 225 -27.06 -12.26 -1.77
CA PRO A 225 -25.95 -12.38 -0.80
C PRO A 225 -25.55 -11.13 -0.05
N ALA A 226 -25.09 -11.36 1.15
CA ALA A 226 -24.56 -10.31 2.01
C ALA A 226 -23.17 -9.85 1.53
N LYS A 227 -22.87 -8.57 1.82
CA LYS A 227 -21.54 -7.97 1.66
C LYS A 227 -20.51 -8.75 2.49
N ARG A 228 -19.41 -9.16 1.85
CA ARG A 228 -18.21 -9.64 2.55
C ARG A 228 -17.15 -8.51 2.58
N THR A 229 -16.49 -8.30 3.73
CA THR A 229 -15.31 -7.46 3.77
C THR A 229 -14.09 -8.34 4.05
N ASN A 230 -12.94 -7.91 3.54
CA ASN A 230 -11.74 -8.78 3.50
C ASN A 230 -12.11 -10.22 3.21
N ALA A 231 -12.85 -10.40 2.13
CA ALA A 231 -13.36 -11.69 1.78
C ALA A 231 -12.27 -12.72 1.34
N ARG A 232 -12.50 -13.97 1.72
CA ARG A 232 -11.68 -15.08 1.25
C ARG A 232 -12.50 -16.33 1.22
N GLY A 233 -12.13 -17.26 0.34
CA GLY A 233 -12.84 -18.53 0.24
C GLY A 233 -14.29 -18.37 -0.19
N THR A 234 -15.01 -19.47 -0.35
CA THR A 234 -16.39 -19.37 -0.81
C THR A 234 -17.33 -18.89 0.29
N SER A 235 -18.48 -18.35 -0.12
CA SER A 235 -19.52 -17.86 0.79
C SER A 235 -20.39 -19.00 1.34
N TRP A 236 -20.39 -20.10 0.60
CA TRP A 236 -21.25 -21.25 0.82
C TRP A 236 -20.52 -22.51 1.31
N GLY A 237 -19.19 -22.55 1.21
CA GLY A 237 -18.43 -23.75 1.60
C GLY A 237 -18.90 -24.44 2.89
N ASN A 238 -19.05 -23.65 3.97
CA ASN A 238 -19.82 -23.99 5.19
C ASN A 238 -21.33 -23.80 5.02
N GLY A 239 -21.91 -24.18 3.88
CA GLY A 239 -23.37 -24.17 3.81
C GLY A 239 -24.20 -23.06 3.15
N THR A 240 -24.86 -22.21 3.98
CA THR A 240 -26.08 -21.49 3.51
C THR A 240 -26.09 -20.00 3.71
N PRO A 241 -26.11 -19.26 2.61
CA PRO A 241 -25.19 -18.20 2.96
C PRO A 241 -25.89 -17.00 3.49
N GLU A 242 -25.08 -16.03 3.83
CA GLU A 242 -25.69 -14.81 4.26
C GLU A 242 -26.30 -14.10 3.10
N GLY A 243 -27.53 -13.66 3.31
CA GLY A 243 -28.11 -12.71 2.40
C GLY A 243 -29.55 -12.55 2.74
N GLU A 244 -30.36 -12.28 1.72
CA GLU A 244 -31.78 -12.33 1.89
C GLU A 244 -32.46 -12.92 0.67
N SER A 245 -33.67 -13.46 0.86
CA SER A 245 -34.44 -14.06 -0.23
C SER A 245 -35.61 -13.18 -0.67
N LEU A 246 -35.87 -13.15 -1.98
CA LEU A 246 -36.96 -12.34 -2.52
C LEU A 246 -37.88 -13.13 -3.44
N PRO A 247 -39.16 -13.31 -3.04
CA PRO A 247 -40.17 -13.87 -3.96
C PRO A 247 -40.24 -13.34 -5.37
N LEU A 248 -40.43 -14.25 -6.31
CA LEU A 248 -40.58 -13.89 -7.72
C LEU A 248 -41.75 -12.91 -7.82
N ASP A 249 -42.70 -13.13 -6.94
CA ASP A 249 -43.76 -12.17 -6.67
C ASP A 249 -43.33 -10.72 -6.71
N GLN A 250 -42.11 -10.47 -6.22
CA GLN A 250 -41.58 -9.14 -5.97
C GLN A 250 -40.80 -8.56 -7.19
N PHE A 251 -40.79 -9.31 -8.30
CA PHE A 251 -40.12 -8.92 -9.55
C PHE A 251 -41.06 -8.67 -10.70
N TYR A 252 -40.82 -7.61 -11.47
CA TYR A 252 -41.44 -7.46 -12.76
C TYR A 252 -40.62 -8.36 -13.69
N VAL A 253 -41.23 -9.46 -14.15
CA VAL A 253 -40.55 -10.41 -15.02
C VAL A 253 -40.72 -9.86 -16.44
N VAL A 254 -39.65 -9.21 -16.94
CA VAL A 254 -39.58 -8.51 -18.23
C VAL A 254 -39.47 -9.48 -19.40
N LYS A 255 -40.27 -9.23 -20.42
CA LYS A 255 -40.32 -10.04 -21.65
C LYS A 255 -39.92 -9.21 -22.86
N PRO A 256 -39.60 -9.89 -23.98
CA PRO A 256 -39.60 -9.21 -25.29
C PRO A 256 -40.85 -8.33 -25.60
N GLY A 257 -40.66 -7.01 -25.80
CA GLY A 257 -41.74 -6.04 -26.06
C GLY A 257 -42.07 -5.00 -24.95
N ALA A 258 -41.51 -5.20 -23.75
CA ALA A 258 -41.54 -4.15 -22.74
C ALA A 258 -40.84 -2.86 -23.21
N THR A 259 -41.52 -1.73 -22.93
CA THR A 259 -40.94 -0.36 -23.03
C THR A 259 -40.28 0.10 -21.75
N ALA A 260 -39.43 1.14 -21.89
CA ALA A 260 -38.80 1.77 -20.74
C ALA A 260 -39.81 2.21 -19.67
N GLU A 261 -40.90 2.88 -20.07
CA GLU A 261 -41.89 3.41 -19.07
C GLU A 261 -42.40 2.38 -18.08
N THR A 262 -42.69 1.17 -18.57
CA THR A 262 -43.29 0.13 -17.70
C THR A 262 -42.28 -0.55 -16.72
N ILE A 263 -41.17 -1.04 -17.27
CA ILE A 263 -39.94 -1.21 -16.50
C ILE A 263 -39.77 -0.07 -15.49
N ASN A 264 -39.72 1.17 -15.97
CA ASN A 264 -39.45 2.30 -15.09
C ASN A 264 -40.57 2.52 -14.06
N ALA A 265 -41.81 2.29 -14.49
CA ALA A 265 -42.96 2.36 -13.57
C ALA A 265 -42.99 1.15 -12.61
N ALA A 266 -42.47 0.02 -13.10
CA ALA A 266 -42.36 -1.15 -12.23
C ALA A 266 -41.45 -0.80 -11.05
N VAL A 267 -40.33 -0.15 -11.37
CA VAL A 267 -39.38 0.24 -10.34
C VAL A 267 -39.96 1.29 -9.41
N ASP A 268 -40.67 2.26 -9.97
CA ASP A 268 -41.18 3.33 -9.13
C ASP A 268 -42.19 2.78 -8.09
N GLN A 269 -42.86 1.69 -8.48
CA GLN A 269 -43.89 1.02 -7.66
C GLN A 269 -43.35 0.01 -6.65
N GLY A 270 -42.04 -0.23 -6.64
CA GLY A 270 -41.45 -1.13 -5.68
C GLY A 270 -41.09 -2.53 -6.16
N LEU A 271 -41.17 -2.77 -7.46
CA LEU A 271 -40.77 -4.08 -8.01
C LEU A 271 -39.31 -4.08 -8.43
N HIS A 272 -38.66 -5.20 -8.20
CA HIS A 272 -37.35 -5.47 -8.76
C HIS A 272 -37.55 -5.87 -10.23
N LEU A 273 -36.45 -6.12 -10.94
CA LEU A 273 -36.51 -6.45 -12.36
C LEU A 273 -35.80 -7.75 -12.68
N LEU A 274 -36.49 -8.59 -13.42
CA LEU A 274 -35.93 -9.85 -13.91
C LEU A 274 -36.07 -9.87 -15.42
N PHE A 275 -34.96 -9.66 -16.09
CA PHE A 275 -34.96 -9.69 -17.55
C PHE A 275 -34.85 -11.11 -18.06
N THR A 276 -35.91 -11.62 -18.66
CA THR A 276 -35.86 -12.94 -19.29
C THR A 276 -34.91 -12.86 -20.49
N PRO A 277 -34.45 -14.01 -21.01
CA PRO A 277 -33.50 -13.90 -22.13
C PRO A 277 -34.16 -13.38 -23.38
N GLY A 278 -33.54 -12.33 -23.91
CA GLY A 278 -34.04 -11.70 -25.12
C GLY A 278 -33.28 -10.41 -25.35
N VAL A 279 -33.72 -9.70 -26.38
CA VAL A 279 -33.13 -8.44 -26.82
C VAL A 279 -34.19 -7.33 -26.74
N TYR A 280 -33.88 -6.30 -25.96
CA TYR A 280 -34.83 -5.28 -25.57
C TYR A 280 -34.39 -3.94 -26.12
N HIS A 281 -35.17 -3.36 -27.02
CA HIS A 281 -34.88 -2.00 -27.46
C HIS A 281 -35.66 -1.02 -26.58
N VAL A 282 -34.99 0.07 -26.15
CA VAL A 282 -35.59 1.09 -25.33
C VAL A 282 -35.44 2.50 -25.96
N ASP A 283 -36.50 3.33 -25.87
CA ASP A 283 -36.45 4.72 -26.33
C ASP A 283 -36.19 5.82 -25.30
N GLN A 284 -36.03 5.46 -24.05
CA GLN A 284 -35.50 6.36 -23.01
C GLN A 284 -34.68 5.52 -22.03
N PRO A 285 -33.81 6.16 -21.18
CA PRO A 285 -33.11 5.32 -20.22
C PRO A 285 -33.99 4.55 -19.25
N ILE A 286 -33.58 3.32 -18.99
CA ILE A 286 -34.13 2.57 -17.87
C ILE A 286 -33.56 3.21 -16.62
N GLU A 287 -34.42 3.64 -15.71
CA GLU A 287 -33.99 4.37 -14.53
C GLU A 287 -34.19 3.50 -13.29
N ILE A 288 -33.18 3.47 -12.43
CA ILE A 288 -33.30 2.78 -11.16
C ILE A 288 -32.95 3.76 -10.05
N ASP A 289 -33.99 4.33 -9.45
CA ASP A 289 -33.81 5.40 -8.43
C ASP A 289 -34.48 4.97 -7.13
N ARG A 290 -34.47 3.68 -6.86
CA ARG A 290 -35.06 3.14 -5.65
C ARG A 290 -34.02 2.28 -4.94
N ALA A 291 -33.76 2.58 -3.67
CA ALA A 291 -32.82 1.79 -2.92
C ALA A 291 -33.06 0.29 -2.98
N ASN A 292 -31.95 -0.44 -3.04
CA ASN A 292 -31.92 -1.92 -3.01
C ASN A 292 -32.54 -2.67 -4.18
N THR A 293 -32.68 -2.00 -5.31
CA THR A 293 -33.33 -2.65 -6.46
C THR A 293 -32.38 -3.62 -7.10
N VAL A 294 -32.89 -4.83 -7.26
CA VAL A 294 -32.18 -5.88 -7.97
C VAL A 294 -32.67 -5.82 -9.42
N ALA A 295 -31.72 -5.79 -10.36
CA ALA A 295 -31.97 -5.83 -11.80
C ALA A 295 -31.16 -6.95 -12.41
N LEU A 296 -31.78 -8.10 -12.58
CA LEU A 296 -31.07 -9.34 -12.85
C LEU A 296 -31.45 -9.82 -14.25
N GLY A 297 -30.46 -10.04 -15.10
CA GLY A 297 -30.68 -10.63 -16.41
C GLY A 297 -30.50 -12.16 -16.36
N LEU A 298 -31.25 -12.83 -17.22
CA LEU A 298 -31.09 -14.27 -17.45
C LEU A 298 -30.66 -14.47 -18.93
N GLY A 299 -29.84 -15.46 -19.21
CA GLY A 299 -29.60 -15.86 -20.59
C GLY A 299 -29.00 -14.77 -21.47
N LEU A 300 -28.12 -13.94 -20.90
CA LEU A 300 -27.50 -12.81 -21.62
C LEU A 300 -28.53 -11.80 -22.20
N ALA A 301 -29.58 -11.53 -21.41
CA ALA A 301 -30.54 -10.50 -21.73
C ALA A 301 -29.81 -9.24 -22.12
N THR A 302 -30.29 -8.61 -23.18
CA THR A 302 -29.55 -7.52 -23.84
C THR A 302 -30.41 -6.29 -24.02
N ILE A 303 -29.89 -5.13 -23.66
CA ILE A 303 -30.58 -3.86 -23.79
C ILE A 303 -29.91 -3.06 -24.90
N ILE A 304 -30.72 -2.60 -25.86
CA ILE A 304 -30.23 -1.71 -26.91
C ILE A 304 -30.92 -0.34 -26.82
N PRO A 305 -30.13 0.73 -26.53
CA PRO A 305 -30.78 2.05 -26.53
C PRO A 305 -30.94 2.56 -27.95
N ASP A 306 -32.14 2.99 -28.31
CA ASP A 306 -32.39 3.62 -29.61
C ASP A 306 -32.29 5.13 -29.46
N ASN A 307 -32.35 5.87 -30.58
CA ASN A 307 -32.49 7.33 -30.55
C ASN A 307 -31.32 8.03 -29.84
N GLY A 308 -30.24 7.32 -29.67
CA GLY A 308 -29.04 7.86 -29.00
C GLY A 308 -29.18 8.05 -27.51
N VAL A 309 -30.21 7.45 -26.93
CA VAL A 309 -30.38 7.62 -25.49
C VAL A 309 -29.43 6.73 -24.63
N THR A 310 -29.39 7.01 -23.32
CA THR A 310 -28.65 6.18 -22.39
C THR A 310 -29.47 4.94 -22.06
N ALA A 311 -28.84 3.77 -21.96
CA ALA A 311 -29.59 2.54 -21.73
C ALA A 311 -30.03 2.40 -20.29
N LEU A 312 -29.13 2.70 -19.36
CA LEU A 312 -29.41 2.48 -17.97
C LEU A 312 -28.75 3.53 -17.12
N LYS A 313 -29.57 4.17 -16.29
CA LYS A 313 -29.06 5.10 -15.30
C LYS A 313 -29.51 4.64 -13.92
N VAL A 314 -28.60 4.78 -12.96
CA VAL A 314 -28.87 4.37 -11.59
C VAL A 314 -28.77 5.61 -10.74
N GLY A 315 -29.75 5.76 -9.87
CA GLY A 315 -29.80 6.93 -9.00
C GLY A 315 -28.82 6.89 -7.85
N ASP A 316 -28.84 7.94 -7.01
CA ASP A 316 -27.82 8.17 -5.99
C ASP A 316 -28.12 7.44 -4.70
N VAL A 317 -28.69 6.24 -4.85
CA VAL A 317 -29.17 5.40 -3.75
C VAL A 317 -28.20 4.27 -3.37
N ASP A 318 -28.46 3.64 -2.22
CA ASP A 318 -27.77 2.45 -1.77
C ASP A 318 -28.28 1.20 -2.47
N GLY A 319 -27.41 0.21 -2.56
CA GLY A 319 -27.79 -1.16 -2.69
C GLY A 319 -28.33 -1.69 -4.00
N VAL A 320 -28.22 -0.95 -5.09
CA VAL A 320 -28.74 -1.42 -6.36
C VAL A 320 -27.77 -2.47 -6.85
N LYS A 321 -28.35 -3.58 -7.34
CA LYS A 321 -27.56 -4.71 -7.81
C LYS A 321 -28.01 -4.96 -9.23
N VAL A 322 -27.14 -4.62 -10.16
CA VAL A 322 -27.37 -4.88 -11.58
C VAL A 322 -26.51 -6.06 -11.97
N ALA A 323 -27.11 -7.12 -12.53
CA ALA A 323 -26.40 -8.35 -12.69
C ALA A 323 -26.76 -9.05 -14.02
N GLY A 324 -25.74 -9.38 -14.84
CA GLY A 324 -25.94 -10.23 -15.99
C GLY A 324 -26.69 -9.67 -17.17
N LEU A 325 -26.35 -8.45 -17.55
CA LEU A 325 -26.96 -7.83 -18.72
C LEU A 325 -25.87 -7.50 -19.72
N LEU A 326 -26.23 -7.53 -21.00
CA LEU A 326 -25.40 -6.99 -22.07
C LEU A 326 -26.05 -5.71 -22.55
N VAL A 327 -25.29 -4.64 -22.64
CA VAL A 327 -25.75 -3.41 -23.26
C VAL A 327 -25.02 -3.24 -24.59
N ASP A 328 -25.79 -3.24 -25.68
CA ASP A 328 -25.29 -3.24 -27.05
C ASP A 328 -25.70 -1.90 -27.68
N ALA A 329 -24.71 -1.13 -28.11
CA ALA A 329 -25.00 0.20 -28.62
C ALA A 329 -25.82 0.14 -29.90
N GLY A 330 -26.65 1.16 -30.09
CA GLY A 330 -27.37 1.31 -31.35
C GLY A 330 -26.55 2.14 -32.32
N PRO A 331 -26.97 2.19 -33.60
CA PRO A 331 -26.25 2.92 -34.65
C PRO A 331 -26.20 4.44 -34.43
N VAL A 332 -27.20 4.97 -33.73
CA VAL A 332 -27.13 6.37 -33.31
C VAL A 332 -26.25 6.49 -32.08
N ASN A 333 -25.30 7.39 -32.14
CA ASN A 333 -24.38 7.56 -31.03
C ASN A 333 -25.07 7.94 -29.72
N SER A 334 -24.81 7.14 -28.69
CA SER A 334 -25.18 7.48 -27.34
C SER A 334 -24.06 8.18 -26.60
N GLU A 335 -24.41 9.29 -25.98
CA GLU A 335 -23.46 10.05 -25.15
C GLU A 335 -22.91 9.20 -24.00
N THR A 336 -23.78 8.41 -23.39
CA THR A 336 -23.38 7.35 -22.48
C THR A 336 -24.29 6.15 -22.63
N LEU A 337 -23.78 4.97 -22.26
CA LEU A 337 -24.62 3.78 -22.30
C LEU A 337 -25.12 3.37 -20.92
N VAL A 338 -24.24 3.51 -19.92
CA VAL A 338 -24.57 3.18 -18.54
C VAL A 338 -24.05 4.24 -17.63
N GLU A 339 -24.91 4.74 -16.75
CA GLU A 339 -24.45 5.62 -15.67
C GLU A 339 -24.81 5.10 -14.30
N VAL A 340 -23.87 5.21 -13.37
CA VAL A 340 -24.10 4.81 -12.01
C VAL A 340 -23.95 6.07 -11.11
N GLY A 341 -25.10 6.66 -10.80
CA GLY A 341 -25.17 7.92 -10.09
C GLY A 341 -25.13 9.11 -11.03
N SER A 342 -25.37 10.30 -10.49
CA SER A 342 -25.15 11.51 -11.29
C SER A 342 -23.79 12.21 -11.15
N ASP A 343 -23.53 13.11 -12.10
CA ASP A 343 -22.28 13.90 -12.11
C ASP A 343 -22.08 14.81 -10.89
N GLY A 344 -21.06 14.51 -10.07
CA GLY A 344 -20.73 15.29 -8.88
C GLY A 344 -21.36 14.84 -7.55
N ALA A 345 -22.29 13.88 -7.60
CA ALA A 345 -22.90 13.28 -6.39
C ALA A 345 -21.82 12.91 -5.38
N SER A 346 -22.00 13.27 -4.10
CA SER A 346 -20.92 13.16 -3.10
C SER A 346 -21.30 12.55 -1.75
N GLY A 347 -22.32 11.72 -1.76
CA GLY A 347 -22.80 11.08 -0.56
C GLY A 347 -21.84 9.98 -0.26
N ASP A 348 -22.37 8.90 0.29
CA ASP A 348 -21.62 7.69 0.37
C ASP A 348 -22.55 6.51 0.51
N HIS A 349 -22.02 5.33 0.19
CA HIS A 349 -22.81 4.12 0.18
C HIS A 349 -22.02 2.95 0.71
N ALA A 350 -21.23 3.20 1.76
CA ALA A 350 -20.21 2.20 2.12
C ALA A 350 -20.83 0.95 2.74
N ALA A 351 -21.87 1.14 3.54
CA ALA A 351 -22.48 0.01 4.24
C ALA A 351 -23.30 -0.87 3.26
N ASN A 352 -23.72 -0.29 2.12
CA ASN A 352 -24.63 -0.95 1.19
C ASN A 352 -24.45 -0.36 -0.20
N PRO A 353 -23.35 -0.75 -0.87
CA PRO A 353 -22.99 -0.15 -2.15
C PRO A 353 -23.86 -0.61 -3.28
N THR A 354 -23.81 0.12 -4.40
CA THR A 354 -24.38 -0.32 -5.66
C THR A 354 -23.30 -1.09 -6.38
N SER A 355 -23.70 -2.20 -7.02
CA SER A 355 -22.75 -3.02 -7.78
C SER A 355 -23.20 -3.23 -9.21
N LEU A 356 -22.23 -3.41 -10.09
CA LEU A 356 -22.43 -3.93 -11.44
C LEU A 356 -21.68 -5.25 -11.58
N GLN A 357 -22.42 -6.31 -11.91
CA GLN A 357 -21.91 -7.68 -11.91
C GLN A 357 -22.27 -8.36 -13.24
N ASP A 358 -21.27 -8.89 -13.93
CA ASP A 358 -21.50 -9.47 -15.26
C ASP A 358 -22.35 -8.52 -16.10
N VAL A 359 -21.89 -7.27 -16.19
CA VAL A 359 -22.51 -6.28 -17.04
C VAL A 359 -21.52 -6.07 -18.18
N PHE A 360 -21.93 -6.46 -19.39
CA PHE A 360 -21.07 -6.44 -20.56
C PHE A 360 -21.59 -5.38 -21.50
N VAL A 361 -20.68 -4.63 -22.12
CA VAL A 361 -21.10 -3.64 -23.12
C VAL A 361 -20.39 -3.91 -24.41
N ARG A 362 -21.14 -3.79 -25.49
CA ARG A 362 -20.62 -4.02 -26.81
C ARG A 362 -20.96 -2.81 -27.68
N ILE A 363 -19.97 -2.34 -28.46
CA ILE A 363 -20.20 -1.24 -29.38
C ILE A 363 -19.81 -1.74 -30.77
N GLY A 364 -20.82 -2.04 -31.57
CA GLY A 364 -20.63 -2.61 -32.90
C GLY A 364 -20.53 -4.12 -32.89
N GLY A 365 -20.38 -4.74 -34.07
CA GLY A 365 -20.12 -6.17 -34.22
C GLY A 365 -21.34 -6.87 -34.81
N ALA A 366 -22.51 -6.38 -34.42
CA ALA A 366 -23.78 -6.94 -34.92
C ALA A 366 -24.54 -5.87 -35.68
N GLY A 367 -23.77 -5.10 -36.43
CA GLY A 367 -24.26 -3.91 -37.06
C GLY A 367 -23.62 -2.69 -36.42
N PRO A 368 -23.61 -1.55 -37.14
CA PRO A 368 -22.93 -0.41 -36.54
C PRO A 368 -23.52 0.00 -35.20
N GLY A 369 -22.62 0.41 -34.32
CA GLY A 369 -22.97 0.90 -33.03
C GLY A 369 -21.92 1.93 -32.62
N LYS A 370 -22.31 2.91 -31.81
CA LYS A 370 -21.43 4.00 -31.43
C LYS A 370 -21.83 4.57 -30.09
N ALA A 371 -20.86 5.00 -29.30
CA ALA A 371 -21.16 5.65 -28.04
C ALA A 371 -19.91 6.38 -27.59
N THR A 372 -20.09 7.53 -26.97
CA THR A 372 -18.98 8.35 -26.54
C THR A 372 -18.23 7.76 -25.35
N THR A 373 -18.97 7.56 -24.26
CA THR A 373 -18.42 6.94 -23.05
C THR A 373 -19.38 5.80 -22.71
N SER A 374 -18.86 4.60 -22.49
CA SER A 374 -19.73 3.46 -22.25
C SER A 374 -20.29 3.38 -20.83
N ILE A 375 -19.41 3.44 -19.83
CA ILE A 375 -19.85 3.40 -18.44
C ILE A 375 -19.23 4.52 -17.63
N VAL A 376 -20.10 5.33 -17.03
CA VAL A 376 -19.67 6.38 -16.12
C VAL A 376 -20.05 5.99 -14.73
N VAL A 377 -19.05 5.91 -13.85
CA VAL A 377 -19.35 5.60 -12.47
C VAL A 377 -19.14 6.81 -11.54
N ASN A 378 -20.28 7.38 -11.15
CA ASN A 378 -20.29 8.55 -10.27
C ASN A 378 -20.43 8.25 -8.79
N SER A 379 -21.19 7.22 -8.44
CA SER A 379 -21.49 6.92 -7.05
C SER A 379 -20.31 6.39 -6.28
N ASN A 380 -20.09 7.01 -5.14
CA ASN A 380 -19.07 6.55 -4.25
C ASN A 380 -19.33 5.12 -3.79
N ASP A 381 -18.25 4.39 -3.58
CA ASP A 381 -18.25 3.03 -3.06
C ASP A 381 -18.82 1.96 -4.01
N THR A 382 -19.06 2.34 -5.24
CA THR A 382 -19.58 1.39 -6.23
C THR A 382 -18.58 0.25 -6.47
N ILE A 383 -19.13 -0.94 -6.67
CA ILE A 383 -18.35 -2.13 -6.92
C ILE A 383 -18.64 -2.63 -8.33
N ILE A 384 -17.59 -2.80 -9.12
CA ILE A 384 -17.71 -3.33 -10.46
C ILE A 384 -16.98 -4.67 -10.42
N ASP A 385 -17.74 -5.75 -10.44
CA ASP A 385 -17.22 -7.09 -10.23
C ASP A 385 -17.54 -7.89 -11.46
N HIS A 386 -16.54 -7.97 -12.32
CA HIS A 386 -16.61 -8.55 -13.66
C HIS A 386 -17.39 -7.72 -14.67
N THR A 387 -16.66 -6.97 -15.46
CA THR A 387 -17.27 -6.26 -16.59
C THR A 387 -16.39 -6.46 -17.82
N TRP A 388 -17.03 -6.57 -18.99
CA TRP A 388 -16.31 -6.51 -20.29
C TRP A 388 -16.95 -5.40 -21.08
N VAL A 389 -16.14 -4.40 -21.39
CA VAL A 389 -16.58 -3.18 -22.08
C VAL A 389 -15.74 -3.17 -23.36
N TRP A 390 -16.40 -3.44 -24.46
CA TRP A 390 -15.75 -3.89 -25.69
C TRP A 390 -16.25 -3.15 -26.95
N ARG A 391 -15.38 -2.35 -27.55
CA ARG A 391 -15.65 -1.77 -28.84
C ARG A 391 -15.29 -2.87 -29.83
N ALA A 392 -16.27 -3.37 -30.58
CA ALA A 392 -16.04 -4.55 -31.43
C ALA A 392 -14.84 -4.38 -32.39
N ASP A 393 -13.97 -5.40 -32.41
CA ASP A 393 -12.84 -5.42 -33.35
C ASP A 393 -13.07 -6.29 -34.58
N HIS A 394 -14.19 -6.99 -34.63
CA HIS A 394 -14.56 -7.82 -35.78
C HIS A 394 -16.07 -7.94 -35.78
N GLY A 395 -16.61 -8.52 -36.83
CA GLY A 395 -18.05 -8.59 -37.06
C GLY A 395 -18.51 -7.60 -38.13
N GLU A 396 -19.79 -7.26 -38.06
CA GLU A 396 -20.41 -6.34 -39.02
C GLU A 396 -20.57 -4.96 -38.32
N GLY A 397 -20.40 -3.85 -39.05
CA GLY A 397 -20.59 -2.53 -38.44
C GLY A 397 -19.42 -2.12 -37.56
N VAL A 398 -18.24 -2.20 -38.14
CA VAL A 398 -17.01 -2.14 -37.39
C VAL A 398 -16.02 -1.32 -38.24
N GLY A 399 -15.31 -0.38 -37.64
CA GLY A 399 -14.44 0.51 -38.39
C GLY A 399 -14.02 1.73 -37.57
N TRP A 400 -12.87 2.29 -37.90
CA TRP A 400 -12.28 3.34 -37.05
C TRP A 400 -13.28 4.50 -36.80
N GLU A 401 -14.12 4.83 -37.79
CA GLU A 401 -15.24 5.76 -37.55
C GLU A 401 -16.60 5.04 -37.44
N THR A 402 -16.77 3.95 -38.18
CA THR A 402 -18.06 3.25 -38.25
C THR A 402 -18.60 2.84 -36.87
N ASN A 403 -17.74 2.25 -36.04
CA ASN A 403 -18.11 1.99 -34.65
C ASN A 403 -17.17 2.73 -33.70
N ARG A 404 -16.85 3.97 -34.07
CA ARG A 404 -16.12 4.87 -33.18
C ARG A 404 -16.72 4.89 -31.77
N ALA A 405 -15.87 4.70 -30.77
CA ALA A 405 -16.27 4.71 -29.36
C ALA A 405 -15.05 5.17 -28.56
N ASP A 406 -15.07 6.39 -28.06
CA ASP A 406 -13.80 6.96 -27.59
C ASP A 406 -13.36 6.54 -26.22
N TYR A 407 -14.33 6.35 -25.32
CA TYR A 407 -14.04 6.17 -23.91
C TYR A 407 -14.82 4.97 -23.37
N GLY A 408 -14.12 4.07 -22.68
CA GLY A 408 -14.78 2.88 -22.16
C GLY A 408 -15.45 3.11 -20.82
N VAL A 409 -14.66 3.18 -19.76
CA VAL A 409 -15.13 3.43 -18.42
C VAL A 409 -14.45 4.67 -17.89
N HIS A 410 -15.25 5.55 -17.31
CA HIS A 410 -14.73 6.69 -16.57
C HIS A 410 -15.23 6.63 -15.13
N VAL A 411 -14.32 6.51 -14.16
CA VAL A 411 -14.76 6.43 -12.77
C VAL A 411 -14.57 7.81 -12.14
N LYS A 412 -15.66 8.45 -11.77
CA LYS A 412 -15.65 9.76 -11.06
C LYS A 412 -15.81 9.66 -9.53
N GLY A 413 -16.54 8.65 -9.07
CA GLY A 413 -16.79 8.47 -7.65
C GLY A 413 -15.56 8.04 -6.87
N ASP A 414 -15.65 8.17 -5.54
CA ASP A 414 -14.53 7.92 -4.67
C ASP A 414 -14.78 6.54 -4.02
N ASN A 415 -13.70 5.85 -3.68
CA ASN A 415 -13.73 4.51 -3.06
C ASN A 415 -14.39 3.42 -3.92
N VAL A 416 -14.23 3.54 -5.22
CA VAL A 416 -14.81 2.57 -6.18
C VAL A 416 -13.84 1.41 -6.31
N LEU A 417 -14.37 0.21 -6.41
CA LEU A 417 -13.57 -1.02 -6.49
C LEU A 417 -13.95 -1.74 -7.76
N ALA A 418 -12.95 -2.06 -8.58
CA ALA A 418 -13.16 -2.89 -9.77
C ALA A 418 -12.38 -4.19 -9.56
N THR A 419 -13.07 -5.31 -9.65
CA THR A 419 -12.50 -6.65 -9.54
C THR A 419 -12.87 -7.42 -10.84
N GLY A 420 -11.87 -7.66 -11.69
CA GLY A 420 -12.14 -8.36 -12.94
C GLY A 420 -12.56 -7.37 -14.03
N LEU A 421 -11.68 -6.43 -14.34
CA LEU A 421 -11.98 -5.33 -15.26
C LEU A 421 -11.37 -5.62 -16.65
N PHE A 422 -12.23 -5.76 -17.66
CA PHE A 422 -11.79 -6.09 -19.03
C PHE A 422 -12.34 -4.98 -19.95
N VAL A 423 -11.49 -4.18 -20.60
CA VAL A 423 -11.96 -3.07 -21.40
C VAL A 423 -11.07 -2.94 -22.65
N GLU A 424 -11.66 -2.93 -23.83
CA GLU A 424 -10.86 -3.09 -25.06
C GLU A 424 -11.33 -2.29 -26.25
N HIS A 425 -10.31 -1.73 -26.91
CA HIS A 425 -10.32 -1.26 -28.30
C HIS A 425 -10.91 0.15 -28.50
N PHE A 426 -11.05 0.92 -27.43
CA PHE A 426 -11.56 2.28 -27.59
C PHE A 426 -10.63 3.24 -28.37
N ASN A 427 -11.22 4.24 -29.04
CA ASN A 427 -10.43 5.15 -29.88
C ASN A 427 -9.53 6.06 -29.04
N LYS A 428 -9.91 6.30 -27.78
CA LYS A 428 -9.14 7.12 -26.85
C LYS A 428 -8.87 6.33 -25.56
N TYR A 429 -9.06 6.92 -24.38
CA TYR A 429 -8.77 6.17 -23.15
C TYR A 429 -9.81 5.06 -22.87
N ASP A 430 -9.35 3.84 -22.70
CA ASP A 430 -10.25 2.74 -22.43
C ASP A 430 -10.83 2.90 -21.02
N VAL A 431 -9.96 3.20 -20.08
CA VAL A 431 -10.35 3.49 -18.69
C VAL A 431 -9.70 4.78 -18.23
N GLN A 432 -10.54 5.68 -17.69
CA GLN A 432 -10.12 6.90 -16.96
C GLN A 432 -10.65 6.88 -15.54
N TRP A 433 -9.81 7.36 -14.62
CA TRP A 433 -10.14 7.36 -13.21
C TRP A 433 -9.74 8.66 -12.58
N SER A 434 -10.74 9.41 -12.12
CA SER A 434 -10.45 10.65 -11.40
C SER A 434 -10.96 10.63 -9.96
N GLY A 435 -11.67 9.58 -9.58
CA GLY A 435 -12.15 9.47 -8.22
C GLY A 435 -10.97 9.17 -7.34
N GLU A 436 -11.09 9.48 -6.05
CA GLU A 436 -10.06 9.15 -5.10
C GLU A 436 -10.21 7.75 -4.52
N ASN A 437 -9.07 7.21 -4.07
CA ASN A 437 -8.93 5.87 -3.46
C ASN A 437 -9.59 4.76 -4.25
N GLY A 438 -9.44 4.85 -5.56
CA GLY A 438 -9.89 3.77 -6.42
C GLY A 438 -8.98 2.57 -6.23
N LYS A 439 -9.55 1.39 -6.44
CA LYS A 439 -8.83 0.11 -6.43
C LYS A 439 -9.26 -0.74 -7.61
N THR A 440 -8.27 -1.25 -8.37
CA THR A 440 -8.51 -2.23 -9.44
C THR A 440 -7.70 -3.49 -9.18
N ILE A 441 -8.41 -4.61 -9.07
CA ILE A 441 -7.80 -5.93 -8.95
C ILE A 441 -8.11 -6.70 -10.20
N PHE A 442 -7.07 -6.85 -11.02
CA PHE A 442 -7.09 -7.41 -12.38
C PHE A 442 -7.64 -6.49 -13.46
N TYR A 443 -6.78 -6.19 -14.45
CA TYR A 443 -7.17 -5.48 -15.67
C TYR A 443 -6.62 -6.15 -16.91
N GLN A 444 -7.49 -6.30 -17.89
CA GLN A 444 -7.12 -6.76 -19.22
C GLN A 444 -7.62 -5.74 -20.25
N ASN A 445 -6.68 -5.26 -21.05
CA ASN A 445 -6.95 -4.36 -22.17
C ASN A 445 -6.25 -4.82 -23.44
N ALA A 446 -6.92 -4.57 -24.57
CA ALA A 446 -6.24 -4.52 -25.87
C ALA A 446 -6.59 -3.19 -26.53
N LYS A 447 -5.59 -2.61 -27.17
CA LYS A 447 -5.76 -1.33 -27.85
C LYS A 447 -6.61 -1.49 -29.12
N ALA A 448 -7.11 -0.38 -29.63
CA ALA A 448 -7.80 -0.41 -30.92
C ALA A 448 -6.86 -0.94 -32.00
N TYR A 449 -7.33 -1.93 -32.76
CA TYR A 449 -6.50 -2.55 -33.78
C TYR A 449 -6.49 -1.74 -35.06
N ASP A 450 -7.57 -0.98 -35.26
CA ASP A 450 -7.82 -0.34 -36.54
C ASP A 450 -7.39 1.13 -36.66
N ALA A 451 -6.58 1.65 -35.75
CA ALA A 451 -6.13 3.03 -35.86
C ALA A 451 -5.40 3.12 -37.20
N PRO A 452 -5.79 4.06 -38.06
CA PRO A 452 -5.13 3.94 -39.38
C PRO A 452 -3.73 4.54 -39.52
N ASP A 453 -3.26 5.28 -38.52
CA ASP A 453 -1.96 5.92 -38.61
C ASP A 453 -1.67 6.59 -37.27
N GLN A 454 -0.42 7.01 -37.11
CA GLN A 454 -0.01 7.62 -35.84
C GLN A 454 -0.82 8.86 -35.47
N ALA A 455 -0.94 9.79 -36.42
CA ALA A 455 -1.58 11.08 -36.11
C ALA A 455 -3.02 10.94 -35.67
N ALA A 456 -3.66 9.87 -36.10
CA ALA A 456 -5.05 9.64 -35.65
C ALA A 456 -5.20 9.21 -34.18
N ILE A 457 -4.09 8.88 -33.51
CA ILE A 457 -4.13 8.54 -32.08
C ILE A 457 -3.25 9.47 -31.26
N GLN A 458 -2.84 10.55 -31.89
CA GLN A 458 -2.04 11.54 -31.22
C GLN A 458 -2.84 12.18 -30.05
N ASN A 459 -2.23 12.19 -28.86
CA ASN A 459 -2.87 12.57 -27.60
C ASN A 459 -2.18 13.83 -27.17
N GLY A 460 -2.24 14.82 -28.07
CA GLY A 460 -1.48 16.03 -28.01
C GLY A 460 -0.01 15.72 -28.11
N ASP A 461 0.58 15.61 -26.93
CA ASP A 461 1.97 15.38 -26.73
C ASP A 461 2.32 13.96 -27.09
N ILE A 462 1.50 13.07 -26.56
CA ILE A 462 1.85 11.68 -26.36
C ILE A 462 1.29 10.86 -27.48
N LYS A 463 2.01 9.80 -27.87
CA LYS A 463 1.50 8.91 -28.89
C LYS A 463 0.51 7.92 -28.31
N GLY A 464 -0.72 8.00 -28.82
CA GLY A 464 -1.82 7.21 -28.30
C GLY A 464 -2.33 7.63 -26.95
N TYR A 465 -3.41 6.93 -26.55
CA TYR A 465 -4.08 7.12 -25.30
C TYR A 465 -3.85 5.90 -24.42
N ALA A 466 -3.53 6.15 -23.19
CA ALA A 466 -3.35 5.07 -22.25
C ALA A 466 -4.57 4.18 -22.25
N ALA A 467 -4.33 2.90 -22.06
CA ALA A 467 -5.42 1.97 -21.70
C ALA A 467 -6.04 2.27 -20.35
N TYR A 468 -5.25 2.81 -19.43
CA TYR A 468 -5.71 3.06 -18.06
C TYR A 468 -4.98 4.30 -17.57
N LYS A 469 -5.75 5.37 -17.43
CA LYS A 469 -5.25 6.64 -16.98
C LYS A 469 -5.85 7.06 -15.64
N VAL A 470 -4.99 7.37 -14.70
CA VAL A 470 -5.38 8.01 -13.47
C VAL A 470 -5.09 9.49 -13.60
N ASP A 471 -6.13 10.32 -13.39
CA ASP A 471 -6.05 11.78 -13.50
C ASP A 471 -4.85 12.26 -12.68
N ASP A 472 -4.12 13.24 -13.21
CA ASP A 472 -3.01 13.84 -12.50
C ASP A 472 -3.44 14.45 -11.17
N SER A 473 -4.71 14.90 -11.10
CA SER A 473 -5.33 15.53 -9.93
C SER A 473 -5.34 14.60 -8.69
N VAL A 474 -5.04 13.32 -8.91
CA VAL A 474 -5.42 12.29 -7.95
C VAL A 474 -4.37 11.92 -6.88
N THR A 475 -4.86 11.68 -5.67
CA THR A 475 -3.99 11.51 -4.51
C THR A 475 -3.73 10.05 -4.14
N THR A 476 -4.77 9.22 -4.24
CA THR A 476 -4.75 7.85 -3.76
C THR A 476 -5.39 6.97 -4.85
N HIS A 477 -4.65 5.92 -5.25
CA HIS A 477 -5.14 4.91 -6.22
C HIS A 477 -4.25 3.67 -6.12
N GLU A 478 -4.83 2.49 -6.24
CA GLU A 478 -4.01 1.28 -6.30
C GLU A 478 -4.58 0.24 -7.28
N GLY A 479 -3.67 -0.35 -8.07
CA GLY A 479 -4.04 -1.33 -9.08
C GLY A 479 -3.10 -2.51 -9.00
N TRP A 480 -3.64 -3.73 -9.13
CA TRP A 480 -2.87 -4.96 -9.11
C TRP A 480 -3.16 -5.81 -10.31
N GLY A 481 -2.12 -6.26 -11.01
CA GLY A 481 -2.29 -7.31 -12.01
C GLY A 481 -2.95 -6.84 -13.31
N MET A 482 -2.25 -5.96 -14.01
CA MET A 482 -2.85 -5.22 -15.10
C MET A 482 -2.02 -5.24 -16.39
N GLY A 483 -2.67 -5.63 -17.47
CA GLY A 483 -2.04 -5.75 -18.77
C GLY A 483 -2.77 -5.02 -19.89
N SER A 484 -1.97 -4.50 -20.83
CA SER A 484 -2.50 -3.88 -22.06
C SER A 484 -1.75 -4.46 -23.29
N TYR A 485 -2.51 -4.94 -24.28
CA TYR A 485 -1.90 -5.53 -25.49
C TYR A 485 -2.21 -4.71 -26.76
N CYS A 486 -1.30 -4.73 -27.72
CA CYS A 486 -1.51 -4.05 -29.00
C CYS A 486 -1.40 -4.99 -30.21
N TYR A 487 -2.08 -4.60 -31.28
CA TYR A 487 -2.19 -5.36 -32.50
C TYR A 487 -2.72 -4.40 -33.54
N PHE A 488 -1.80 -3.54 -33.94
CA PHE A 488 -2.10 -2.45 -34.85
C PHE A 488 -1.94 -3.00 -36.24
N ASN A 489 -2.87 -3.87 -36.61
CA ASN A 489 -2.75 -4.61 -37.87
C ASN A 489 -2.95 -3.67 -39.06
N VAL A 490 -3.92 -2.75 -38.98
CA VAL A 490 -4.12 -1.78 -40.06
C VAL A 490 -2.81 -1.08 -40.37
N ASN A 491 -2.10 -0.62 -39.34
CA ASN A 491 -0.82 0.06 -39.53
C ASN A 491 0.19 -0.34 -38.46
N PRO A 492 0.95 -1.43 -38.72
CA PRO A 492 1.88 -1.95 -37.72
C PRO A 492 3.12 -1.09 -37.45
N ASP A 493 3.32 0.03 -38.13
CA ASP A 493 4.42 0.90 -37.75
C ASP A 493 4.02 1.91 -36.66
N ILE A 494 2.75 1.86 -36.22
CA ILE A 494 2.31 2.70 -35.12
C ILE A 494 3.10 2.37 -33.85
N ARG A 495 3.25 3.38 -33.01
CA ARG A 495 3.79 3.27 -31.66
C ARG A 495 2.79 3.74 -30.61
N GLN A 496 2.65 2.95 -29.55
CA GLN A 496 1.80 3.29 -28.42
C GLN A 496 2.74 3.65 -27.27
N GLN A 497 2.62 4.85 -26.73
CA GLN A 497 3.65 5.32 -25.83
C GLN A 497 3.67 4.45 -24.62
N HIS A 498 2.48 4.20 -24.04
CA HIS A 498 2.39 3.41 -22.80
C HIS A 498 1.03 2.75 -22.65
N GLY A 499 0.95 1.71 -21.80
CA GLY A 499 -0.32 1.11 -21.45
C GLY A 499 -1.05 1.89 -20.37
N PHE A 500 -0.30 2.53 -19.49
CA PHE A 500 -0.81 3.17 -18.29
C PHE A 500 -0.22 4.59 -18.10
N GLN A 501 -1.01 5.50 -17.56
CA GLN A 501 -0.56 6.86 -17.24
C GLN A 501 -1.12 7.30 -15.88
N ALA A 502 -0.28 7.90 -15.05
CA ALA A 502 -0.71 8.37 -13.71
C ALA A 502 0.28 9.37 -13.19
N PRO A 503 -0.19 10.29 -12.35
CA PRO A 503 0.80 11.14 -11.71
C PRO A 503 1.73 10.29 -10.83
N VAL A 504 2.87 10.86 -10.46
CA VAL A 504 3.89 10.16 -9.71
C VAL A 504 3.85 10.67 -8.25
N LYS A 505 3.50 9.78 -7.30
CA LYS A 505 3.06 10.19 -5.93
C LYS A 505 3.01 8.97 -4.99
N PRO A 506 3.17 9.18 -3.66
CA PRO A 506 3.36 7.91 -2.96
C PRO A 506 2.10 7.05 -2.80
N GLY A 507 0.94 7.69 -2.92
CA GLY A 507 -0.32 7.03 -2.67
C GLY A 507 -0.98 6.48 -3.92
N VAL A 508 -0.40 6.80 -5.09
CA VAL A 508 -0.81 6.25 -6.41
C VAL A 508 0.14 5.11 -6.74
N LYS A 509 -0.36 3.88 -6.57
CA LYS A 509 0.48 2.70 -6.45
C LYS A 509 0.04 1.64 -7.41
N PHE A 510 0.98 1.04 -8.15
CA PHE A 510 0.68 -0.10 -8.99
C PHE A 510 1.59 -1.29 -8.71
N HIS A 511 1.02 -2.45 -8.97
CA HIS A 511 1.64 -3.74 -8.78
C HIS A 511 1.39 -4.62 -9.98
N ASP A 512 2.49 -5.09 -10.58
CA ASP A 512 2.49 -6.11 -11.63
C ASP A 512 1.77 -5.63 -12.89
N LEU A 513 2.44 -4.71 -13.58
CA LEU A 513 1.98 -4.14 -14.84
C LEU A 513 2.71 -4.78 -16.00
N LEU A 514 1.99 -4.95 -17.09
CA LEU A 514 2.65 -5.44 -18.33
C LEU A 514 2.00 -4.87 -19.58
N VAL A 515 2.81 -4.73 -20.63
CA VAL A 515 2.31 -4.43 -21.97
C VAL A 515 2.90 -5.43 -22.92
N VAL A 516 2.14 -5.74 -23.98
CA VAL A 516 2.54 -6.79 -24.91
C VAL A 516 2.12 -6.44 -26.33
N SER A 517 3.08 -6.54 -27.26
CA SER A 517 2.78 -6.45 -28.68
C SER A 517 2.48 -7.82 -29.27
N LEU A 518 1.29 -7.98 -29.85
CA LEU A 518 0.95 -9.26 -30.42
C LEU A 518 1.59 -9.43 -31.81
N GLY A 519 2.75 -10.07 -31.83
CA GLY A 519 3.34 -10.48 -33.10
C GLY A 519 3.93 -9.31 -33.90
N GLY A 520 4.33 -8.25 -33.21
CA GLY A 520 5.01 -7.14 -33.88
C GLY A 520 4.15 -6.11 -34.57
N LYS A 521 2.84 -6.23 -34.42
CA LYS A 521 1.91 -5.27 -35.02
C LYS A 521 1.74 -4.05 -34.08
N GLY A 522 2.54 -3.03 -34.38
CA GLY A 522 2.80 -1.97 -33.46
C GLY A 522 3.74 -2.40 -32.35
N GLN A 523 4.22 -1.41 -31.61
CA GLN A 523 4.98 -1.64 -30.41
C GLN A 523 4.66 -0.58 -29.34
N TYR A 524 4.86 -0.95 -28.07
CA TYR A 524 4.81 0.02 -26.98
C TYR A 524 6.19 0.65 -26.80
N GLU A 525 6.25 1.92 -26.45
CA GLU A 525 7.54 2.58 -26.15
C GLU A 525 7.94 2.40 -24.67
N HIS A 526 6.93 2.21 -23.83
CA HIS A 526 7.09 2.09 -22.38
C HIS A 526 5.89 1.35 -21.81
N VAL A 527 5.96 1.02 -20.52
CA VAL A 527 4.85 0.38 -19.82
C VAL A 527 3.86 1.39 -19.21
N ILE A 528 4.40 2.29 -18.40
CA ILE A 528 3.61 3.31 -17.72
C ILE A 528 4.37 4.65 -17.71
N ASN A 529 3.68 5.73 -18.09
CA ASN A 529 4.34 7.00 -18.27
C ASN A 529 5.55 6.72 -19.22
N ASP A 530 6.76 7.14 -18.84
CA ASP A 530 7.97 6.82 -19.61
C ASP A 530 8.90 5.82 -18.91
N ILE A 531 8.29 4.97 -18.10
CA ILE A 531 8.96 3.93 -17.32
C ILE A 531 8.77 2.57 -17.96
N GLY A 532 9.87 1.81 -18.00
CA GLY A 532 9.86 0.43 -18.42
C GLY A 532 10.33 0.33 -19.85
N ASP A 533 10.55 -0.88 -20.29
CA ASP A 533 11.14 -1.13 -21.58
C ASP A 533 10.11 -1.03 -22.68
N PRO A 534 10.54 -0.62 -23.88
CA PRO A 534 9.61 -0.82 -24.98
C PRO A 534 9.47 -2.33 -25.26
N THR A 535 8.43 -2.70 -26.00
CA THR A 535 8.33 -4.06 -26.54
C THR A 535 9.06 -4.19 -27.89
N SER A 536 9.81 -5.29 -28.08
CA SER A 536 10.60 -5.52 -29.32
C SER A 536 10.26 -6.82 -30.02
N GLY A 537 10.83 -6.99 -31.20
CA GLY A 537 10.69 -8.23 -31.96
C GLY A 537 9.25 -8.49 -32.37
N ASP A 538 9.04 -9.70 -32.91
CA ASP A 538 7.69 -10.14 -33.26
C ASP A 538 7.27 -11.41 -32.51
N THR A 539 7.96 -11.72 -31.43
CA THR A 539 7.70 -12.97 -30.66
C THR A 539 6.92 -12.73 -29.32
N THR A 540 6.19 -11.61 -29.27
CA THR A 540 5.14 -11.39 -28.27
C THR A 540 5.67 -11.57 -26.81
N ILE A 541 6.74 -10.87 -26.49
CA ILE A 541 7.36 -10.91 -25.15
C ILE A 541 6.86 -9.79 -24.25
N PRO A 542 6.20 -10.13 -23.14
CA PRO A 542 5.73 -8.97 -22.36
C PRO A 542 6.84 -8.05 -21.81
N SER A 543 6.64 -6.73 -21.86
CA SER A 543 7.44 -5.79 -21.06
C SER A 543 6.73 -5.49 -19.74
N GLN A 544 7.46 -5.68 -18.65
CA GLN A 544 6.85 -5.74 -17.31
C GLN A 544 7.40 -4.66 -16.40
N VAL A 545 6.54 -4.17 -15.53
CA VAL A 545 6.97 -3.31 -14.44
C VAL A 545 6.37 -3.92 -13.15
N VAL A 546 7.24 -4.31 -12.21
CA VAL A 546 6.77 -4.92 -10.97
C VAL A 546 6.10 -3.88 -10.04
N SER A 547 6.68 -2.68 -9.94
CA SER A 547 6.18 -1.67 -8.99
C SER A 547 6.30 -0.20 -9.40
N PHE A 548 5.31 0.59 -9.00
CA PHE A 548 5.29 2.01 -9.27
C PHE A 548 4.70 2.72 -8.03
N PRO A 549 5.19 3.93 -7.68
CA PRO A 549 6.39 4.62 -8.20
C PRO A 549 7.56 4.39 -7.25
N VAL B 2 -13.51 16.77 21.51
CA VAL B 2 -12.82 15.65 20.88
C VAL B 2 -13.27 14.43 21.62
N VAL B 3 -12.99 13.25 21.10
CA VAL B 3 -13.39 12.02 21.77
C VAL B 3 -12.16 11.17 22.14
N GLY B 4 -11.74 11.25 23.40
CA GLY B 4 -10.60 10.45 23.84
C GLY B 4 -10.80 8.98 23.51
N GLY B 5 -9.70 8.26 23.28
CA GLY B 5 -9.74 6.84 22.93
C GLY B 5 -10.03 6.52 21.46
N GLY B 6 -10.10 5.23 21.16
CA GLY B 6 -10.27 4.80 19.77
C GLY B 6 -9.63 3.45 19.43
N ASP B 7 -10.17 2.77 18.40
CA ASP B 7 -9.43 1.67 17.71
C ASP B 7 -8.11 2.22 17.18
N LEU B 8 -7.05 1.44 17.38
CA LEU B 8 -5.71 1.88 16.95
C LEU B 8 -5.63 2.03 15.44
N GLY B 9 -6.57 1.43 14.73
CA GLY B 9 -6.65 1.60 13.30
C GLY B 9 -5.93 0.49 12.56
N PRO B 10 -6.01 0.48 11.22
CA PRO B 10 -5.50 -0.68 10.48
C PRO B 10 -4.05 -0.69 10.04
N ASN B 11 -3.19 0.17 10.60
CA ASN B 11 -1.75 0.01 10.40
C ASN B 11 -1.06 -0.45 11.67
N VAL B 12 -1.86 -0.84 12.65
CA VAL B 12 -1.35 -1.39 13.86
C VAL B 12 -1.86 -2.82 13.87
N LEU B 13 -0.92 -3.73 13.65
CA LEU B 13 -1.18 -5.15 13.54
C LEU B 13 -0.87 -5.70 14.93
N VAL B 14 -1.91 -6.18 15.60
CA VAL B 14 -1.80 -6.66 16.96
C VAL B 14 -1.83 -8.17 16.93
N PHE B 15 -0.81 -8.74 17.55
CA PHE B 15 -0.57 -10.15 17.55
C PHE B 15 -0.74 -10.73 18.92
N ASP B 16 -1.10 -12.01 18.99
CA ASP B 16 -1.07 -12.69 20.28
C ASP B 16 -0.76 -14.17 20.07
N PRO B 17 -0.84 -15.01 21.13
CA PRO B 17 -0.41 -16.37 20.83
C PRO B 17 -1.45 -17.11 19.99
N SER B 18 -2.69 -16.75 20.17
CA SER B 18 -3.75 -17.33 19.33
C SER B 18 -3.49 -17.04 17.83
N THR B 19 -2.76 -15.96 17.53
CA THR B 19 -2.92 -15.33 16.22
C THR B 19 -2.60 -16.24 15.04
N PRO B 20 -3.50 -16.33 14.06
CA PRO B 20 -3.17 -17.19 12.92
C PRO B 20 -2.01 -16.65 12.06
N ASP B 21 -1.08 -17.53 11.70
CA ASP B 21 -0.05 -17.27 10.70
C ASP B 21 0.88 -16.05 11.00
N ILE B 22 1.47 -16.00 12.18
CA ILE B 22 2.31 -14.83 12.54
C ILE B 22 3.50 -14.60 11.59
N GLN B 23 4.26 -15.66 11.30
CA GLN B 23 5.46 -15.52 10.50
C GLN B 23 4.97 -14.95 9.18
N GLY B 24 3.87 -15.53 8.70
CA GLY B 24 3.19 -15.04 7.52
C GLY B 24 2.80 -13.58 7.58
N LYS B 25 2.22 -13.13 8.68
CA LYS B 25 1.90 -11.70 8.80
C LYS B 25 3.16 -10.84 8.74
N VAL B 26 4.25 -11.17 9.43
CA VAL B 26 5.33 -10.19 9.46
C VAL B 26 6.16 -10.19 8.16
N ASP B 27 6.26 -11.34 7.49
CA ASP B 27 6.94 -11.35 6.19
C ASP B 27 6.20 -10.48 5.14
N GLU B 28 4.85 -10.54 5.06
CA GLU B 28 4.15 -9.75 4.02
C GLU B 28 4.20 -8.24 4.28
N VAL B 29 4.35 -7.82 5.55
CA VAL B 29 4.75 -6.43 5.86
C VAL B 29 6.17 -6.19 5.35
N PHE B 30 7.09 -7.13 5.63
CA PHE B 30 8.49 -6.95 5.27
C PHE B 30 8.73 -6.91 3.74
N ARG B 31 8.02 -7.75 3.00
CA ARG B 31 8.06 -7.72 1.54
C ARG B 31 7.76 -6.34 1.05
N LYS B 32 6.68 -5.77 1.55
CA LYS B 32 6.25 -4.42 1.17
C LYS B 32 7.22 -3.32 1.57
N GLN B 33 7.78 -3.45 2.76
CA GLN B 33 8.57 -2.36 3.30
C GLN B 33 10.07 -2.49 3.01
N GLU B 34 10.58 -3.71 2.90
CA GLU B 34 12.02 -3.96 2.79
C GLU B 34 12.81 -2.86 2.11
N SER B 35 12.36 -2.42 0.95
CA SER B 35 13.03 -1.28 0.31
C SER B 35 12.12 -0.13 0.05
N ASN B 36 11.15 0.06 0.93
CA ASN B 36 10.24 1.17 0.81
C ASN B 36 10.83 2.41 1.50
N GLN B 37 12.01 2.84 1.06
CA GLN B 37 12.77 3.87 1.76
C GLN B 37 12.03 5.22 1.92
N PHE B 38 11.30 5.62 0.89
CA PHE B 38 10.67 6.93 0.90
C PHE B 38 9.16 6.87 0.70
N GLY B 39 8.57 5.67 0.71
CA GLY B 39 7.12 5.55 0.58
C GLY B 39 6.40 6.04 1.83
N THR B 40 5.08 6.15 1.75
CA THR B 40 4.32 6.70 2.82
C THR B 40 3.55 5.64 3.61
N ASP B 41 3.74 4.36 3.29
CA ASP B 41 3.14 3.32 4.14
C ASP B 41 3.86 3.29 5.51
N ARG B 42 3.15 2.89 6.55
CA ARG B 42 3.65 2.90 7.92
C ARG B 42 2.98 1.77 8.68
N TYR B 43 3.76 1.03 9.48
CA TYR B 43 3.23 -0.06 10.27
C TYR B 43 3.77 -0.12 11.68
N ALA B 44 2.91 -0.47 12.63
CA ALA B 44 3.33 -0.84 13.98
C ALA B 44 2.91 -2.29 14.25
N LEU B 45 3.87 -3.13 14.63
CA LEU B 45 3.61 -4.56 14.90
C LEU B 45 3.70 -4.72 16.41
N MET B 46 2.55 -5.00 17.05
CA MET B 46 2.43 -4.97 18.50
C MET B 46 2.11 -6.39 18.98
N PHE B 47 2.88 -6.84 19.97
CA PHE B 47 2.76 -8.20 20.51
C PHE B 47 2.26 -8.26 21.94
N LYS B 48 1.11 -8.88 22.13
CA LYS B 48 0.61 -9.11 23.49
C LYS B 48 1.55 -10.00 24.31
N PRO B 49 1.57 -9.81 25.63
CA PRO B 49 2.38 -10.65 26.54
C PRO B 49 2.18 -12.14 26.30
N GLY B 50 3.30 -12.83 26.25
CA GLY B 50 3.31 -14.28 26.11
C GLY B 50 4.58 -14.71 25.38
N THR B 51 4.65 -15.97 24.97
CA THR B 51 5.82 -16.50 24.32
C THR B 51 5.50 -16.99 22.90
N TYR B 52 6.43 -16.72 22.00
CA TYR B 52 6.24 -16.89 20.57
C TYR B 52 7.42 -17.70 20.06
N ASN B 53 7.11 -18.80 19.36
CA ASN B 53 8.09 -19.72 18.83
C ASN B 53 8.22 -19.57 17.30
N ASP B 54 9.35 -20.04 16.76
CA ASP B 54 9.69 -20.00 15.33
C ASP B 54 9.24 -18.70 14.61
N ILE B 55 9.78 -17.62 15.16
CA ILE B 55 9.49 -16.27 14.69
C ILE B 55 10.80 -15.60 14.29
N ASN B 56 10.83 -15.12 13.05
CA ASN B 56 11.97 -14.40 12.50
C ASN B 56 11.38 -13.09 12.03
N ALA B 57 11.50 -12.03 12.79
CA ALA B 57 10.73 -10.80 12.54
C ALA B 57 11.66 -9.86 11.79
N GLN B 58 11.59 -9.89 10.48
CA GLN B 58 12.44 -9.00 9.69
C GLN B 58 11.76 -7.62 9.58
N ILE B 59 12.53 -6.60 9.88
CA ILE B 59 12.00 -5.26 10.02
C ILE B 59 12.52 -4.40 8.87
N GLY B 60 11.59 -3.92 8.05
CA GLY B 60 11.90 -3.01 6.97
C GLY B 60 11.74 -1.56 7.33
N PHE B 61 11.72 -0.69 6.31
CA PHE B 61 11.41 0.71 6.54
C PHE B 61 10.07 0.95 7.25
N TYR B 62 10.04 1.98 8.09
CA TYR B 62 8.79 2.52 8.63
C TYR B 62 7.96 1.45 9.34
N THR B 63 8.67 0.54 10.02
CA THR B 63 8.05 -0.53 10.78
C THR B 63 8.62 -0.46 12.21
N SER B 64 7.72 -0.32 13.18
CA SER B 64 8.04 -0.46 14.59
C SER B 64 7.55 -1.83 15.10
N ILE B 65 8.32 -2.43 15.99
CA ILE B 65 7.91 -3.72 16.59
C ILE B 65 8.12 -3.57 18.09
N ALA B 66 7.13 -3.99 18.87
CA ALA B 66 7.21 -3.89 20.30
C ALA B 66 6.32 -4.91 21.00
N GLY B 67 6.65 -5.15 22.26
CA GLY B 67 5.83 -5.94 23.17
C GLY B 67 4.90 -5.02 23.97
N LEU B 68 3.88 -5.63 24.56
CA LEU B 68 2.86 -4.91 25.33
C LEU B 68 2.79 -5.32 26.81
N GLY B 69 3.82 -6.01 27.32
CA GLY B 69 3.84 -6.46 28.70
C GLY B 69 4.50 -5.45 29.65
N LEU B 70 4.34 -5.56 30.97
CA LEU B 70 4.99 -4.50 31.78
C LEU B 70 6.49 -4.69 31.92
N ASN B 71 7.05 -5.86 31.63
CA ASN B 71 8.51 -5.97 31.50
C ASN B 71 8.86 -6.63 30.16
N PRO B 72 10.01 -6.25 29.60
CA PRO B 72 10.41 -6.82 28.30
C PRO B 72 10.23 -8.33 28.27
N ASP B 73 10.56 -8.97 29.40
CA ASP B 73 10.53 -10.43 29.40
C ASP B 73 9.11 -10.98 29.48
N ASP B 74 8.11 -10.10 29.62
CA ASP B 74 6.70 -10.51 29.58
C ASP B 74 6.27 -10.89 28.15
N THR B 75 7.06 -10.46 27.17
CA THR B 75 6.76 -10.74 25.76
C THR B 75 8.02 -11.30 25.11
N THR B 76 8.13 -12.63 25.02
CA THR B 76 9.38 -13.22 24.53
C THR B 76 9.22 -13.99 23.26
N PHE B 77 10.20 -13.76 22.41
CA PHE B 77 10.29 -14.43 21.15
C PHE B 77 11.37 -15.47 21.30
N ASN B 78 11.02 -16.71 21.02
CA ASN B 78 12.03 -17.72 20.73
C ASN B 78 12.28 -17.57 19.27
N GLY B 79 13.15 -16.62 18.98
CA GLY B 79 13.34 -16.16 17.63
C GLY B 79 14.03 -14.83 17.64
N ASP B 80 13.88 -14.07 16.55
CA ASP B 80 14.73 -12.93 16.24
C ASP B 80 13.90 -11.75 15.79
N VAL B 81 14.42 -10.55 16.07
CA VAL B 81 13.92 -9.30 15.51
C VAL B 81 15.07 -8.79 14.66
N THR B 82 15.04 -9.04 13.35
CA THR B 82 16.20 -8.94 12.48
C THR B 82 16.16 -7.75 11.53
N VAL B 83 17.28 -7.04 11.44
CA VAL B 83 17.53 -6.12 10.33
C VAL B 83 18.82 -6.53 9.67
N ASP B 84 18.76 -6.71 8.36
CA ASP B 84 19.90 -7.04 7.53
C ASP B 84 19.86 -6.16 6.26
N ALA B 85 20.81 -6.34 5.36
CA ALA B 85 21.04 -5.38 4.27
C ALA B 85 20.89 -6.01 2.86
N GLY B 86 20.27 -7.17 2.80
CA GLY B 86 20.18 -7.84 1.52
C GLY B 86 19.70 -6.94 0.39
N TRP B 87 18.72 -6.07 0.70
CA TRP B 87 18.04 -5.29 -0.32
C TRP B 87 18.99 -4.29 -0.98
N PHE B 88 20.21 -4.16 -0.46
CA PHE B 88 21.11 -3.08 -0.86
C PHE B 88 22.52 -3.65 -0.87
N ASP B 89 22.64 -4.80 -1.55
CA ASP B 89 23.85 -5.67 -1.55
C ASP B 89 24.81 -5.60 -0.35
N GLY B 90 24.24 -5.69 0.84
CA GLY B 90 25.01 -5.84 2.06
C GLY B 90 25.52 -4.56 2.66
N ASN B 91 25.12 -3.43 2.06
CA ASN B 91 25.43 -2.09 2.57
C ASN B 91 24.28 -1.69 3.48
N ALA B 92 24.53 -1.43 4.77
CA ALA B 92 23.46 -1.13 5.73
C ALA B 92 23.32 0.37 5.97
N THR B 93 23.99 1.20 5.17
CA THR B 93 23.94 2.65 5.36
C THR B 93 22.73 3.36 4.78
N GLN B 94 21.64 2.64 4.53
CA GLN B 94 20.39 3.30 4.35
C GLN B 94 19.29 2.57 5.14
N ASN B 95 19.68 1.82 6.15
CA ASN B 95 18.68 1.11 6.99
C ASN B 95 18.13 2.01 8.09
N PHE B 96 17.29 2.94 7.66
CA PHE B 96 16.77 3.96 8.53
C PHE B 96 15.34 3.69 8.99
N TRP B 97 14.88 4.45 9.98
CA TRP B 97 13.44 4.70 10.24
C TRP B 97 12.67 3.42 10.61
N ARG B 98 13.10 2.78 11.69
CA ARG B 98 12.43 1.60 12.20
C ARG B 98 12.74 1.46 13.68
N SER B 99 12.09 0.57 14.41
CA SER B 99 12.22 0.59 15.87
C SER B 99 11.93 -0.80 16.45
N ALA B 100 12.62 -1.13 17.54
CA ALA B 100 12.26 -2.29 18.38
C ALA B 100 12.22 -1.89 19.84
N GLU B 101 11.17 -2.31 20.56
CA GLU B 101 11.03 -1.95 21.98
C GLU B 101 10.30 -3.00 22.84
N ASN B 102 10.75 -3.18 24.07
CA ASN B 102 9.96 -3.86 25.11
C ASN B 102 9.65 -5.32 24.79
N LEU B 103 10.70 -6.00 24.35
CA LEU B 103 10.68 -7.43 24.00
C LEU B 103 11.90 -8.16 24.61
N ALA B 104 11.72 -9.47 24.87
CA ALA B 104 12.83 -10.35 25.14
C ALA B 104 13.06 -11.28 23.93
N LEU B 105 14.29 -11.41 23.52
CA LEU B 105 14.63 -12.26 22.39
C LEU B 105 15.57 -13.40 22.79
N ASN B 106 15.25 -14.59 22.33
CA ASN B 106 16.07 -15.78 22.47
C ASN B 106 16.44 -16.20 21.04
N PRO B 107 17.45 -15.55 20.48
CA PRO B 107 17.71 -15.71 19.04
C PRO B 107 18.14 -17.12 18.71
N VAL B 108 17.68 -17.60 17.56
CA VAL B 108 17.87 -18.98 17.17
C VAL B 108 19.29 -19.46 17.33
N ASN B 109 20.25 -18.73 16.80
CA ASN B 109 21.64 -19.17 16.95
C ASN B 109 22.41 -18.43 18.02
N GLY B 110 21.72 -17.90 19.00
CA GLY B 110 22.39 -17.27 20.11
C GLY B 110 22.80 -15.82 19.88
N THR B 111 22.62 -15.31 18.65
CA THR B 111 22.91 -13.91 18.36
C THR B 111 21.83 -13.32 17.50
N ASN B 112 21.29 -12.16 17.94
CA ASN B 112 20.31 -11.41 17.16
C ASN B 112 21.03 -10.34 16.31
N ARG B 113 20.55 -10.09 15.09
CA ARG B 113 21.21 -9.14 14.15
C ARG B 113 20.30 -7.86 13.97
N TRP B 114 20.77 -6.68 14.43
CA TRP B 114 20.09 -5.37 14.23
C TRP B 114 21.12 -4.51 13.46
N ALA B 115 21.29 -4.80 12.17
CA ALA B 115 22.27 -4.13 11.33
C ALA B 115 21.68 -2.85 10.73
N VAL B 116 21.58 -1.84 11.57
CA VAL B 116 20.86 -0.61 11.25
C VAL B 116 21.79 0.57 11.11
N SER B 117 21.26 1.65 10.52
CA SER B 117 21.93 2.94 10.50
C SER B 117 21.13 3.90 11.34
N GLN B 118 20.96 5.16 10.91
CA GLN B 118 20.39 6.16 11.79
C GLN B 118 18.89 6.01 11.92
N ALA B 119 18.35 6.52 13.04
CA ALA B 119 16.91 6.56 13.33
C ALA B 119 16.30 5.14 13.40
N ALA B 120 17.02 4.27 14.11
CA ALA B 120 16.61 2.87 14.28
C ALA B 120 16.81 2.44 15.73
N PRO B 121 16.07 3.07 16.64
CA PRO B 121 16.35 2.82 18.06
C PRO B 121 15.97 1.39 18.55
N PHE B 122 16.70 0.95 19.58
CA PHE B 122 16.55 -0.40 20.17
C PHE B 122 16.46 -0.06 21.65
N ARG B 123 15.24 -0.13 22.18
CA ARG B 123 14.97 0.35 23.54
C ARG B 123 14.28 -0.70 24.39
N ARG B 124 14.62 -0.72 25.66
CA ARG B 124 13.93 -1.60 26.59
C ARG B 124 13.86 -3.03 26.10
N MET B 125 14.98 -3.52 25.59
CA MET B 125 15.08 -4.86 25.02
C MET B 125 15.89 -5.73 25.95
N HIS B 126 15.54 -7.01 25.98
CA HIS B 126 16.37 -8.02 26.67
C HIS B 126 16.73 -9.08 25.67
N VAL B 127 17.99 -9.08 25.24
CA VAL B 127 18.51 -10.10 24.36
C VAL B 127 19.22 -11.20 25.15
N LYS B 128 18.64 -12.39 25.15
CA LYS B 128 19.23 -13.53 25.83
C LYS B 128 20.23 -14.08 24.82
N GLY B 129 21.45 -13.58 24.87
CA GLY B 129 22.46 -13.97 23.89
C GLY B 129 23.17 -12.73 23.38
N GLY B 130 23.73 -12.81 22.20
CA GLY B 130 24.53 -11.75 21.67
C GLY B 130 23.77 -10.91 20.69
N LEU B 131 24.38 -9.78 20.30
CA LEU B 131 23.75 -8.81 19.42
C LEU B 131 24.79 -8.37 18.42
N ASN B 132 24.55 -8.75 17.18
CA ASN B 132 25.37 -8.36 16.07
C ASN B 132 24.75 -7.13 15.39
N LEU B 133 25.55 -6.07 15.28
CA LEU B 133 25.08 -4.80 14.72
C LEU B 133 25.48 -4.68 13.24
N ALA B 134 25.99 -5.77 12.66
CA ALA B 134 26.50 -5.76 11.30
C ALA B 134 25.63 -6.56 10.32
N PRO B 135 25.61 -6.13 9.05
CA PRO B 135 24.96 -6.94 8.03
C PRO B 135 25.77 -8.22 7.78
N ASP B 136 25.14 -9.28 7.28
CA ASP B 136 25.89 -10.49 6.97
C ASP B 136 26.86 -10.07 5.92
N GLY B 137 28.14 -10.44 6.11
CA GLY B 137 29.23 -10.05 5.23
C GLY B 137 29.97 -8.76 5.59
N TYR B 138 29.53 -8.09 6.67
CA TYR B 138 30.31 -7.06 7.36
C TYR B 138 30.64 -5.80 6.47
N GLY B 139 29.78 -5.56 5.50
CA GLY B 139 29.74 -4.30 4.75
C GLY B 139 29.37 -3.06 5.57
N TRP B 140 29.36 -1.93 4.90
CA TRP B 140 29.10 -0.64 5.51
C TRP B 140 27.85 -0.52 6.43
N ALA B 141 28.03 0.18 7.55
CA ALA B 141 26.94 0.46 8.46
C ALA B 141 27.28 1.72 9.29
N SER B 142 26.26 2.51 9.62
CA SER B 142 26.46 3.81 10.28
C SER B 142 25.34 4.13 11.32
N GLY B 143 25.29 3.32 12.36
CA GLY B 143 24.31 3.48 13.43
C GLY B 143 24.79 4.44 14.50
N GLY B 144 24.23 4.41 15.72
CA GLY B 144 23.21 3.54 16.19
C GLY B 144 22.89 3.94 17.64
N TYR B 145 21.85 3.33 18.20
CA TYR B 145 21.28 3.80 19.46
C TYR B 145 20.66 2.66 20.25
N ILE B 146 21.22 2.36 21.42
CA ILE B 146 20.64 1.36 22.32
C ILE B 146 20.45 2.06 23.65
N ALA B 147 19.25 1.92 24.23
CA ALA B 147 18.98 2.44 25.57
C ALA B 147 18.12 1.48 26.38
N ASP B 148 18.34 1.52 27.69
CA ASP B 148 17.54 0.80 28.67
C ASP B 148 17.38 -0.69 28.31
N SER B 149 18.46 -1.28 27.84
CA SER B 149 18.47 -2.69 27.40
C SER B 149 19.47 -3.54 28.16
N LYS B 150 19.25 -4.85 28.09
CA LYS B 150 20.18 -5.83 28.70
C LYS B 150 20.49 -6.85 27.60
N ILE B 151 21.76 -6.87 27.21
CA ILE B 151 22.27 -7.87 26.26
C ILE B 151 23.06 -8.85 27.10
N ASP B 152 22.55 -10.06 27.32
CA ASP B 152 23.26 -11.02 28.17
C ASP B 152 24.64 -11.36 27.63
N GLY B 153 24.71 -11.53 26.32
CA GLY B 153 25.94 -11.83 25.64
C GLY B 153 26.77 -10.62 25.22
N GLU B 154 27.58 -10.76 24.19
CA GLU B 154 28.40 -9.63 23.72
C GLU B 154 27.68 -8.88 22.60
N VAL B 155 27.90 -7.58 22.57
CA VAL B 155 27.51 -6.73 21.44
C VAL B 155 28.67 -6.73 20.44
N GLY B 156 28.37 -7.10 19.20
CA GLY B 156 29.38 -7.12 18.15
C GLY B 156 29.13 -6.03 17.08
N PRO B 157 29.87 -4.92 17.17
CA PRO B 157 29.57 -3.90 16.14
C PRO B 157 30.24 -4.19 14.78
N TYR B 158 31.38 -4.89 14.79
CA TYR B 158 32.19 -5.17 13.60
C TYR B 158 32.46 -3.90 12.74
N SER B 159 31.73 -3.76 11.64
CA SER B 159 31.89 -2.64 10.71
C SER B 159 31.26 -1.32 11.17
N GLN B 160 30.30 -1.36 12.08
CA GLN B 160 29.66 -0.10 12.59
C GLN B 160 30.66 1.02 12.89
N GLN B 161 30.46 2.18 12.24
CA GLN B 161 31.45 3.24 12.39
C GLN B 161 31.47 3.76 13.81
N GLN B 162 30.27 3.91 14.35
CA GLN B 162 30.08 4.55 15.64
C GLN B 162 28.79 4.02 16.25
N TRP B 163 28.60 4.33 17.53
CA TRP B 163 27.43 3.83 18.27
C TRP B 163 27.28 4.53 19.61
N TYR B 164 26.02 4.65 20.08
CA TYR B 164 25.79 5.21 21.40
C TYR B 164 24.90 4.26 22.18
N THR B 165 25.35 3.93 23.38
CA THR B 165 24.61 3.05 24.26
C THR B 165 24.45 3.76 25.58
N ARG B 166 23.22 3.80 26.07
CA ARG B 166 23.00 4.34 27.42
C ARG B 166 22.12 3.51 28.33
N ASP B 167 22.45 3.59 29.62
CA ASP B 167 21.61 3.10 30.70
C ASP B 167 21.10 1.68 30.41
N SER B 168 22.07 0.81 30.25
CA SER B 168 21.89 -0.55 29.76
C SER B 168 22.86 -1.50 30.46
N SER B 169 22.70 -2.78 30.15
CA SER B 169 23.58 -3.85 30.64
C SER B 169 24.14 -4.66 29.46
N VAL B 170 25.46 -4.80 29.36
CA VAL B 170 26.04 -5.68 28.33
C VAL B 170 26.98 -6.73 28.92
N GLY B 171 26.99 -7.93 28.35
CA GLY B 171 27.90 -8.96 28.78
C GLY B 171 29.30 -8.84 28.17
N GLY B 172 29.45 -8.00 27.15
CA GLY B 172 30.75 -7.72 26.49
C GLY B 172 30.57 -6.81 25.29
N TRP B 173 31.68 -6.36 24.70
CA TRP B 173 31.69 -5.41 23.57
C TRP B 173 32.85 -5.69 22.62
N GLY B 174 32.53 -6.00 21.37
CA GLY B 174 33.52 -6.57 20.49
C GLY B 174 34.60 -5.63 20.08
N ASN B 175 34.20 -4.45 19.66
CA ASN B 175 35.16 -3.55 19.05
C ASN B 175 34.62 -2.17 18.95
N GLY B 176 35.56 -1.26 18.76
CA GLY B 176 35.27 0.07 18.27
C GLY B 176 35.85 0.24 16.87
N VAL B 177 35.37 1.26 16.19
CA VAL B 177 35.76 1.57 14.84
C VAL B 177 36.22 3.03 14.83
N TRP B 178 35.29 3.99 14.78
CA TRP B 178 35.63 5.41 14.99
C TRP B 178 35.18 6.04 16.33
N ASN B 179 34.00 5.67 16.84
CA ASN B 179 33.43 6.35 18.01
C ASN B 179 32.31 5.56 18.69
N MET B 180 32.67 4.75 19.69
CA MET B 180 31.70 4.02 20.50
C MET B 180 31.66 4.75 21.84
N THR B 181 30.50 5.32 22.14
CA THR B 181 30.25 6.06 23.38
C THR B 181 29.21 5.35 24.25
N PHE B 182 29.41 5.43 25.55
CA PHE B 182 28.61 4.69 26.51
C PHE B 182 28.39 5.64 27.68
N SER B 183 27.16 5.74 28.18
CA SER B 183 26.90 6.45 29.43
C SER B 183 25.98 5.56 30.26
N GLY B 184 26.37 5.29 31.49
CA GLY B 184 25.54 4.43 32.33
C GLY B 184 25.42 2.97 31.92
N VAL B 185 26.42 2.44 31.24
CA VAL B 185 26.33 1.08 30.72
C VAL B 185 27.15 0.10 31.58
N GLU B 186 26.47 -0.79 32.30
CA GLU B 186 27.25 -1.79 33.05
C GLU B 186 27.80 -2.78 32.06
N GLY B 187 29.09 -3.06 32.19
CA GLY B 187 29.77 -3.93 31.27
C GLY B 187 30.38 -3.15 30.14
N ALA B 188 30.23 -1.83 30.16
CA ALA B 188 30.87 -0.99 29.13
C ALA B 188 32.39 -1.24 29.14
N PRO B 189 33.03 -1.19 27.95
CA PRO B 189 34.50 -1.20 28.00
C PRO B 189 35.05 0.07 28.64
N ALA B 190 36.22 -0.06 29.23
CA ALA B 190 36.84 1.08 29.91
C ALA B 190 37.17 2.21 28.93
N GLN B 191 37.10 3.45 29.42
CA GLN B 191 37.54 4.63 28.66
C GLN B 191 38.94 4.42 28.12
N SER B 192 39.12 4.37 26.79
CA SER B 192 40.48 4.44 26.19
C SER B 192 40.72 5.25 24.95
N PHE B 193 39.89 6.25 24.64
CA PHE B 193 40.07 6.95 23.37
C PHE B 193 41.52 7.41 23.36
N PRO B 194 42.20 7.30 22.22
CA PRO B 194 41.69 6.95 20.89
C PRO B 194 41.73 5.48 20.50
N GLU B 195 42.33 4.60 21.31
CA GLU B 195 42.54 3.16 20.95
C GLU B 195 42.19 2.11 22.02
N PRO B 196 41.15 1.30 21.80
CA PRO B 196 40.12 1.56 20.78
C PRO B 196 39.41 2.86 21.14
N PRO B 197 38.64 3.40 20.21
CA PRO B 197 38.01 4.70 20.47
C PRO B 197 36.70 4.49 21.25
N TYR B 198 36.86 4.27 22.55
CA TYR B 198 35.75 4.08 23.49
C TYR B 198 35.71 5.29 24.39
N THR B 199 34.54 5.95 24.39
CA THR B 199 34.23 7.06 25.28
C THR B 199 33.22 6.56 26.28
N THR B 200 33.64 6.52 27.54
CA THR B 200 32.90 5.79 28.56
C THR B 200 32.69 6.64 29.80
N LEU B 201 31.41 6.93 30.07
CA LEU B 201 30.96 7.70 31.21
C LEU B 201 30.17 6.80 32.15
N GLU B 202 30.45 6.86 33.45
CA GLU B 202 29.80 5.91 34.36
C GLU B 202 28.30 6.10 34.40
N THR B 203 27.83 7.33 34.40
CA THR B 203 26.40 7.56 34.49
C THR B 203 25.94 8.55 33.42
N THR B 204 24.64 8.56 33.13
CA THR B 204 24.05 9.58 32.27
C THR B 204 23.49 10.64 33.22
N PRO B 205 23.85 11.91 33.02
CA PRO B 205 23.52 12.87 34.11
C PRO B 205 22.03 13.02 34.38
N VAL B 206 21.22 13.00 33.31
CA VAL B 206 19.77 12.96 33.43
C VAL B 206 19.27 12.05 32.32
N SER B 207 18.33 11.17 32.63
CA SER B 207 17.60 10.46 31.57
C SER B 207 16.19 10.12 32.01
N ARG B 208 15.33 9.94 31.03
CA ARG B 208 13.95 9.66 31.31
C ARG B 208 13.54 8.74 30.20
N GLU B 209 13.11 7.54 30.55
CA GLU B 209 12.86 6.57 29.51
C GLU B 209 11.59 6.92 28.75
N LYS B 210 11.61 6.59 27.47
CA LYS B 210 10.52 7.03 26.60
C LYS B 210 9.19 6.36 26.96
N PRO B 211 8.08 7.07 26.80
CA PRO B 211 6.80 6.42 27.10
C PRO B 211 6.44 5.34 26.07
N PHE B 212 5.67 4.33 26.46
CA PHE B 212 5.32 3.29 25.54
C PHE B 212 3.92 2.72 25.84
N LEU B 213 3.25 2.29 24.76
CA LEU B 213 1.98 1.62 24.80
C LEU B 213 2.15 0.22 25.37
N TYR B 214 1.24 -0.19 26.24
CA TYR B 214 1.28 -1.58 26.73
C TYR B 214 -0.07 -2.02 27.23
N LEU B 215 -0.13 -3.25 27.75
CA LEU B 215 -1.36 -3.71 28.36
C LEU B 215 -1.34 -3.86 29.86
N ASP B 216 -2.22 -3.12 30.52
CA ASP B 216 -2.41 -3.45 31.92
C ASP B 216 -3.38 -4.56 32.05
N GLY B 217 -2.87 -5.71 31.67
CA GLY B 217 -3.46 -6.97 32.02
C GLY B 217 -4.78 -6.75 31.41
N ASP B 218 -4.77 -6.59 30.09
CA ASP B 218 -5.95 -6.29 29.32
C ASP B 218 -6.65 -4.88 29.28
N ASP B 219 -6.04 -3.79 29.74
CA ASP B 219 -6.53 -2.45 29.30
C ASP B 219 -5.44 -1.70 28.49
N TYR B 220 -5.82 -0.95 27.47
CA TYR B 220 -4.80 -0.25 26.66
C TYR B 220 -4.33 1.00 27.41
N LYS B 221 -3.03 1.06 27.71
CA LYS B 221 -2.44 2.21 28.42
C LYS B 221 -1.08 2.59 27.84
N VAL B 222 -0.62 3.78 28.24
CA VAL B 222 0.74 4.24 27.99
C VAL B 222 1.47 4.43 29.33
N PHE B 223 2.64 3.82 29.43
CA PHE B 223 3.49 3.93 30.59
C PHE B 223 4.41 5.12 30.42
N VAL B 224 4.45 5.99 31.43
CA VAL B 224 5.28 7.18 31.41
C VAL B 224 6.32 7.09 32.52
N PRO B 225 7.54 6.68 32.17
CA PRO B 225 8.58 6.56 33.19
C PRO B 225 8.97 7.88 33.83
N ALA B 226 9.26 7.86 35.13
CA ALA B 226 9.79 9.02 35.83
C ALA B 226 11.29 9.12 35.58
N LYS B 227 11.81 10.33 35.60
CA LYS B 227 13.25 10.54 35.35
C LYS B 227 14.19 10.00 36.40
N ARG B 228 15.43 9.80 35.96
CA ARG B 228 16.54 9.36 36.79
C ARG B 228 17.70 10.32 36.65
N THR B 229 18.24 10.85 37.75
CA THR B 229 19.61 11.42 37.68
C THR B 229 20.72 10.39 37.73
N ASN B 230 21.85 10.72 37.12
CA ASN B 230 23.02 9.85 37.11
C ASN B 230 22.64 8.38 37.00
N ALA B 231 21.90 8.13 35.94
CA ALA B 231 21.36 6.84 35.62
C ALA B 231 22.47 5.85 35.29
N ARG B 232 22.24 4.58 35.63
CA ARG B 232 23.12 3.49 35.24
C ARG B 232 22.29 2.20 35.24
N GLY B 233 22.56 1.35 34.27
CA GLY B 233 21.80 0.13 34.08
C GLY B 233 20.34 0.39 33.73
N THR B 234 19.53 -0.67 33.67
CA THR B 234 18.19 -0.56 33.12
C THR B 234 17.22 -0.03 34.16
N SER B 235 16.16 0.57 33.63
CA SER B 235 15.08 1.11 34.41
C SER B 235 14.24 -0.02 34.98
N TRP B 236 14.20 -1.12 34.23
CA TRP B 236 13.25 -2.22 34.45
C TRP B 236 13.84 -3.52 34.99
N GLY B 237 15.13 -3.58 35.34
CA GLY B 237 15.78 -4.88 35.57
C GLY B 237 15.77 -5.65 36.90
N ASN B 238 15.22 -5.10 37.97
CA ASN B 238 15.17 -5.91 39.21
C ASN B 238 13.82 -5.70 39.81
N GLY B 239 13.61 -4.55 40.42
CA GLY B 239 12.31 -4.23 40.95
C GLY B 239 11.89 -2.96 40.26
N THR B 240 10.75 -3.00 39.60
CA THR B 240 10.34 -2.01 38.59
C THR B 240 10.80 -0.49 38.74
N PRO B 241 10.53 0.31 37.70
CA PRO B 241 10.76 1.76 37.85
C PRO B 241 9.55 2.65 38.18
N GLU B 242 9.88 3.72 38.92
CA GLU B 242 9.08 4.91 39.01
C GLU B 242 8.44 5.25 37.65
N GLY B 243 7.11 5.32 37.67
CA GLY B 243 6.39 5.55 36.44
C GLY B 243 4.92 5.39 36.68
N GLU B 244 4.11 6.01 35.82
CA GLU B 244 2.67 6.07 35.98
C GLU B 244 2.03 5.68 34.63
N SER B 245 0.81 5.12 34.71
CA SER B 245 0.08 4.54 33.54
C SER B 245 -1.09 5.42 33.18
N LEU B 246 -1.17 5.84 31.90
CA LEU B 246 -2.25 6.69 31.41
C LEU B 246 -3.20 5.86 30.54
N PRO B 247 -4.49 5.77 30.92
CA PRO B 247 -5.47 5.17 30.02
C PRO B 247 -5.52 5.74 28.60
N LEU B 248 -5.65 4.86 27.62
CA LEU B 248 -5.78 5.26 26.22
C LEU B 248 -6.97 6.19 26.00
N ASP B 249 -8.05 6.04 26.77
CA ASP B 249 -9.22 6.95 26.62
C ASP B 249 -8.87 8.39 27.07
N GLN B 250 -7.65 8.59 27.59
CA GLN B 250 -7.14 9.92 27.92
C GLN B 250 -6.21 10.45 26.81
N PHE B 251 -6.05 9.67 25.74
CA PHE B 251 -5.34 10.13 24.52
C PHE B 251 -6.30 10.39 23.39
N TYR B 252 -6.12 11.48 22.65
CA TYR B 252 -6.71 11.59 21.32
C TYR B 252 -5.92 10.68 20.38
N VAL B 253 -6.61 9.77 19.71
CA VAL B 253 -5.97 8.81 18.79
C VAL B 253 -5.99 9.37 17.38
N VAL B 254 -4.86 9.94 16.95
CA VAL B 254 -4.71 10.56 15.64
C VAL B 254 -4.66 9.48 14.53
N LYS B 255 -5.59 9.56 13.60
CA LYS B 255 -5.68 8.68 12.45
C LYS B 255 -5.93 9.52 11.19
N PRO B 256 -5.55 9.01 9.99
CA PRO B 256 -5.45 9.95 8.85
C PRO B 256 -6.80 10.66 8.55
N GLY B 257 -6.76 11.91 8.03
CA GLY B 257 -7.87 12.84 8.12
C GLY B 257 -7.71 13.98 9.15
N ALA B 258 -7.44 13.64 10.43
CA ALA B 258 -7.08 14.61 11.49
C ALA B 258 -6.38 15.89 11.01
N THR B 259 -6.75 17.03 11.56
CA THR B 259 -6.13 18.29 11.21
C THR B 259 -5.48 18.92 12.43
N ALA B 260 -4.60 19.88 12.16
CA ALA B 260 -4.00 20.70 13.19
C ALA B 260 -5.03 21.23 14.15
N GLU B 261 -6.15 21.69 13.60
CA GLU B 261 -7.14 22.28 14.45
C GLU B 261 -7.71 21.28 15.48
N THR B 262 -8.05 20.09 15.02
CA THR B 262 -8.59 19.06 15.92
C THR B 262 -7.56 18.59 16.95
N ILE B 263 -6.36 18.26 16.48
CA ILE B 263 -5.27 17.87 17.35
C ILE B 263 -5.06 18.94 18.38
N ASN B 264 -4.98 20.15 17.91
CA ASN B 264 -4.73 21.25 18.84
C ASN B 264 -5.83 21.38 19.86
N ALA B 265 -7.07 21.28 19.41
CA ALA B 265 -8.24 21.30 20.27
C ALA B 265 -8.20 20.20 21.33
N ALA B 266 -7.68 19.04 20.97
CA ALA B 266 -7.61 17.92 21.91
C ALA B 266 -6.75 18.23 23.14
N VAL B 267 -5.59 18.87 22.92
CA VAL B 267 -4.60 19.08 23.98
C VAL B 267 -4.95 20.26 24.88
N ASP B 268 -5.45 21.32 24.26
CA ASP B 268 -5.92 22.49 25.04
C ASP B 268 -6.98 22.03 26.04
N GLN B 269 -7.66 20.96 25.67
CA GLN B 269 -8.74 20.42 26.45
C GLN B 269 -8.30 19.47 27.57
N GLY B 270 -7.14 18.86 27.46
CA GLY B 270 -6.75 17.88 28.45
C GLY B 270 -6.22 16.57 27.94
N LEU B 271 -6.47 16.27 26.68
CA LEU B 271 -6.06 15.00 26.13
C LEU B 271 -4.59 14.98 25.73
N HIS B 272 -3.99 13.82 25.91
CA HIS B 272 -2.71 13.53 25.30
C HIS B 272 -2.92 13.13 23.85
N LEU B 273 -1.82 12.90 23.14
CA LEU B 273 -1.86 12.59 21.71
C LEU B 273 -1.17 11.25 21.40
N LEU B 274 -1.87 10.37 20.72
CA LEU B 274 -1.26 9.15 20.22
C LEU B 274 -1.42 9.15 18.72
N PHE B 275 -0.32 9.28 17.99
CA PHE B 275 -0.36 9.29 16.55
C PHE B 275 -0.24 7.86 16.03
N THR B 276 -1.28 7.30 15.44
CA THR B 276 -1.06 5.96 14.87
C THR B 276 -0.36 6.05 13.54
N PRO B 277 0.17 4.91 13.04
CA PRO B 277 1.09 4.96 11.92
C PRO B 277 0.47 5.52 10.66
N GLY B 278 1.06 6.60 10.18
CA GLY B 278 0.54 7.27 9.00
C GLY B 278 1.28 8.59 8.78
N VAL B 279 0.81 9.34 7.80
CA VAL B 279 1.40 10.59 7.37
C VAL B 279 0.35 11.69 7.48
N TYR B 280 0.67 12.71 8.26
CA TYR B 280 -0.26 13.75 8.66
C TYR B 280 0.17 15.13 8.15
N HIS B 281 -0.57 15.66 7.17
CA HIS B 281 -0.31 17.04 6.74
C HIS B 281 -0.99 18.03 7.72
N VAL B 282 -0.29 19.09 8.10
CA VAL B 282 -0.89 20.10 8.96
C VAL B 282 -0.72 21.49 8.30
N ASP B 283 -1.77 22.31 8.36
CA ASP B 283 -1.76 23.68 7.84
C ASP B 283 -1.40 24.76 8.87
N GLN B 284 -1.14 24.33 10.10
CA GLN B 284 -0.40 25.11 11.10
C GLN B 284 0.27 24.15 12.08
N PRO B 285 1.20 24.65 12.89
CA PRO B 285 1.82 23.89 13.97
C PRO B 285 0.80 23.24 14.85
N ILE B 286 1.07 21.99 15.12
CA ILE B 286 0.50 21.34 16.28
C ILE B 286 1.02 22.20 17.42
N GLU B 287 0.25 22.38 18.45
CA GLU B 287 0.69 23.25 19.55
C GLU B 287 0.41 22.55 20.84
N ILE B 288 1.49 22.32 21.58
CA ILE B 288 1.43 21.65 22.87
C ILE B 288 1.83 22.64 23.97
N ASP B 289 0.81 22.99 24.74
CA ASP B 289 0.73 24.21 25.53
C ASP B 289 0.12 23.83 26.88
N ARG B 290 0.32 22.57 27.27
CA ARG B 290 -0.14 22.01 28.55
C ARG B 290 0.94 21.15 29.19
N ALA B 291 1.25 21.42 30.46
CA ALA B 291 2.28 20.67 31.13
C ALA B 291 1.93 19.19 31.13
N ASN B 292 2.97 18.37 31.04
CA ASN B 292 2.86 16.92 31.14
C ASN B 292 2.19 16.18 29.97
N THR B 293 1.96 16.91 28.90
CA THR B 293 1.39 16.33 27.70
C THR B 293 2.34 15.35 27.06
N VAL B 294 1.81 14.18 26.74
CA VAL B 294 2.54 13.11 26.03
C VAL B 294 2.06 13.12 24.57
N ALA B 295 3.00 13.20 23.64
CA ALA B 295 2.73 13.09 22.22
C ALA B 295 3.56 11.95 21.69
N LEU B 296 2.91 10.81 21.55
CA LEU B 296 3.59 9.52 21.28
C LEU B 296 3.21 9.02 19.89
N GLY B 297 4.21 8.70 19.06
CA GLY B 297 4.00 8.17 17.73
C GLY B 297 4.24 6.68 17.68
N LEU B 298 3.39 5.99 16.93
CA LEU B 298 3.53 4.57 16.62
C LEU B 298 3.97 4.42 15.16
N GLY B 299 4.79 3.42 14.86
CA GLY B 299 5.03 3.04 13.49
C GLY B 299 5.57 4.17 12.60
N LEU B 300 6.47 5.01 13.14
CA LEU B 300 7.14 6.06 12.34
C LEU B 300 6.12 7.08 11.79
N ALA B 301 5.06 7.30 12.57
CA ALA B 301 4.11 8.40 12.37
C ALA B 301 4.81 9.69 11.98
N THR B 302 4.32 10.31 10.92
CA THR B 302 5.04 11.42 10.29
C THR B 302 4.17 12.65 10.16
N ILE B 303 4.75 13.83 10.43
CA ILE B 303 4.04 15.10 10.30
C ILE B 303 4.72 15.88 9.18
N ILE B 304 3.92 16.35 8.22
CA ILE B 304 4.40 17.21 7.16
C ILE B 304 3.69 18.56 7.24
N PRO B 305 4.44 19.63 7.56
CA PRO B 305 3.77 20.93 7.56
C PRO B 305 3.63 21.55 6.18
N ASP B 306 2.48 22.14 5.89
CA ASP B 306 2.20 22.67 4.58
C ASP B 306 2.37 24.14 4.65
N ASN B 307 2.54 24.75 3.47
CA ASN B 307 2.47 26.19 3.33
C ASN B 307 3.50 26.93 4.19
N GLY B 308 4.63 26.29 4.42
CA GLY B 308 5.75 26.89 5.12
C GLY B 308 5.63 26.99 6.63
N VAL B 309 4.62 26.34 7.18
CA VAL B 309 4.37 26.48 8.62
C VAL B 309 5.33 25.62 9.42
N THR B 310 5.44 25.94 10.71
CA THR B 310 6.15 25.10 11.64
C THR B 310 5.29 23.88 11.96
N ALA B 311 5.87 22.69 12.07
CA ALA B 311 5.09 21.48 12.32
C ALA B 311 4.68 21.35 13.77
N LEU B 312 5.59 21.66 14.68
CA LEU B 312 5.24 21.58 16.07
C LEU B 312 5.94 22.63 16.95
N LYS B 313 5.12 23.30 17.76
CA LYS B 313 5.58 24.34 18.74
C LYS B 313 5.16 23.99 20.15
N VAL B 314 6.11 23.59 21.00
CA VAL B 314 5.84 23.28 22.41
C VAL B 314 5.96 24.57 23.21
N GLY B 315 4.99 24.81 24.11
CA GLY B 315 4.99 26.01 24.94
C GLY B 315 5.94 25.93 26.13
N ASP B 316 5.90 26.93 27.00
CA ASP B 316 6.91 27.11 28.07
C ASP B 316 6.54 26.38 29.36
N VAL B 317 6.12 25.14 29.19
CA VAL B 317 5.56 24.33 30.26
C VAL B 317 6.49 23.15 30.60
N ASP B 318 6.26 22.58 31.78
CA ASP B 318 6.99 21.43 32.28
C ASP B 318 6.51 20.14 31.60
N GLY B 319 7.40 19.16 31.45
CA GLY B 319 6.99 17.79 31.35
C GLY B 319 6.39 17.26 30.06
N VAL B 320 6.52 18.02 28.99
CA VAL B 320 6.01 17.58 27.71
C VAL B 320 6.94 16.49 27.18
N LYS B 321 6.37 15.40 26.74
CA LYS B 321 7.13 14.26 26.23
C LYS B 321 6.70 13.98 24.79
N VAL B 322 7.58 14.32 23.88
CA VAL B 322 7.37 14.08 22.46
C VAL B 322 8.22 12.90 22.11
N ALA B 323 7.61 11.89 21.52
CA ALA B 323 8.35 10.66 21.26
C ALA B 323 7.86 9.93 20.00
N GLY B 324 8.81 9.47 19.20
CA GLY B 324 8.51 8.60 18.08
C GLY B 324 7.82 9.18 16.88
N LEU B 325 8.21 10.40 16.51
CA LEU B 325 7.66 11.11 15.34
C LEU B 325 8.75 11.49 14.36
N LEU B 326 8.44 11.38 13.06
CA LEU B 326 9.27 11.90 11.98
C LEU B 326 8.60 13.19 11.51
N VAL B 327 9.33 14.29 11.51
CA VAL B 327 8.84 15.52 10.89
C VAL B 327 9.52 15.58 9.56
N ASP B 328 8.74 15.85 8.51
CA ASP B 328 9.26 15.77 7.16
C ASP B 328 8.89 17.07 6.43
N ALA B 329 9.90 17.84 6.03
CA ALA B 329 9.66 19.13 5.41
C ALA B 329 8.80 19.04 4.16
N GLY B 330 7.96 20.04 3.96
CA GLY B 330 7.24 20.23 2.71
C GLY B 330 8.07 21.02 1.71
N PRO B 331 7.65 21.03 0.45
CA PRO B 331 8.45 21.77 -0.56
C PRO B 331 8.49 23.28 -0.35
N VAL B 332 7.47 23.83 0.29
CA VAL B 332 7.53 25.25 0.70
C VAL B 332 8.40 25.39 1.94
N ASN B 333 9.39 26.25 1.85
CA ASN B 333 10.29 26.45 2.99
C ASN B 333 9.59 26.83 4.27
N SER B 334 9.87 26.03 5.32
CA SER B 334 9.48 26.38 6.67
C SER B 334 10.65 27.06 7.39
N GLU B 335 10.36 28.17 8.06
CA GLU B 335 11.34 28.85 8.89
C GLU B 335 11.91 27.99 9.98
N THR B 336 11.00 27.27 10.62
CA THR B 336 11.36 26.27 11.60
C THR B 336 10.49 25.05 11.40
N LEU B 337 11.02 23.86 11.72
CA LEU B 337 10.16 22.68 11.73
C LEU B 337 9.66 22.29 13.12
N VAL B 338 10.50 22.43 14.14
CA VAL B 338 10.13 22.13 15.53
C VAL B 338 10.69 23.19 16.47
N GLU B 339 9.80 23.79 17.28
CA GLU B 339 10.22 24.74 18.32
C GLU B 339 9.87 24.23 19.70
N VAL B 340 10.86 24.21 20.58
CA VAL B 340 10.67 23.72 21.94
C VAL B 340 10.84 24.93 22.84
N GLY B 341 9.70 25.51 23.23
CA GLY B 341 9.69 26.77 23.97
C GLY B 341 9.58 27.94 23.03
N SER B 342 9.10 29.06 23.52
CA SER B 342 9.02 30.22 22.64
C SER B 342 10.28 31.09 22.73
N ASP B 343 10.51 31.98 21.74
CA ASP B 343 11.79 32.66 21.58
C ASP B 343 12.03 33.71 22.69
N GLY B 344 12.96 33.38 23.58
CA GLY B 344 13.19 34.14 24.80
C GLY B 344 12.49 33.45 25.98
N ALA B 345 13.06 32.32 26.43
CA ALA B 345 12.38 31.42 27.38
C ALA B 345 13.20 31.17 28.65
N SER B 346 12.97 32.03 29.66
CA SER B 346 13.73 31.99 30.88
C SER B 346 12.95 31.47 32.10
N GLY B 347 12.00 30.59 31.88
CA GLY B 347 11.58 29.75 33.00
C GLY B 347 12.43 28.54 33.12
N ASP B 348 12.35 27.86 34.26
CA ASP B 348 13.04 26.58 34.40
C ASP B 348 12.19 25.39 34.73
N HIS B 349 12.67 24.22 34.29
CA HIS B 349 11.88 22.99 34.26
C HIS B 349 12.74 21.83 34.82
N ALA B 350 13.53 22.07 35.88
CA ALA B 350 14.52 21.10 36.32
C ALA B 350 13.91 19.81 36.87
N ALA B 351 12.89 19.94 37.71
CA ALA B 351 12.28 18.81 38.38
C ALA B 351 11.39 18.00 37.41
N ASN B 352 11.12 18.54 36.23
CA ASN B 352 10.14 17.95 35.32
C ASN B 352 10.31 18.52 33.89
N PRO B 353 11.42 18.17 33.22
CA PRO B 353 11.68 18.81 31.93
C PRO B 353 10.84 18.28 30.77
N THR B 354 10.90 19.02 29.66
CA THR B 354 10.37 18.59 28.37
C THR B 354 11.43 17.78 27.67
N SER B 355 10.99 16.75 26.96
CA SER B 355 11.90 15.93 26.19
C SER B 355 11.40 15.62 24.77
N LEU B 356 12.37 15.48 23.88
CA LEU B 356 12.18 14.96 22.55
C LEU B 356 12.94 13.62 22.56
N GLN B 357 12.28 12.56 22.12
CA GLN B 357 12.91 11.25 22.05
C GLN B 357 12.48 10.54 20.79
N ASP B 358 13.45 9.97 20.09
CA ASP B 358 13.16 9.38 18.78
C ASP B 358 12.36 10.37 17.92
N VAL B 359 12.83 11.61 17.88
CA VAL B 359 12.27 12.61 16.97
C VAL B 359 13.27 12.73 15.83
N PHE B 360 12.76 12.45 14.63
CA PHE B 360 13.59 12.46 13.45
C PHE B 360 13.06 13.52 12.53
N VAL B 361 13.97 14.18 11.84
CA VAL B 361 13.59 15.25 10.94
C VAL B 361 14.25 14.97 9.62
N ARG B 362 13.48 15.13 8.53
CA ARG B 362 13.96 14.87 7.19
C ARG B 362 13.65 16.08 6.30
N ILE B 363 14.64 16.55 5.55
CA ILE B 363 14.44 17.61 4.59
C ILE B 363 14.80 17.10 3.21
N GLY B 364 13.79 16.85 2.39
CA GLY B 364 14.03 16.32 1.07
C GLY B 364 14.12 14.81 1.06
N GLY B 365 14.29 14.23 -0.12
CA GLY B 365 14.44 12.78 -0.20
C GLY B 365 13.12 12.09 -0.51
N ALA B 366 12.07 12.37 0.27
CA ALA B 366 10.74 11.83 -0.07
C ALA B 366 9.94 12.85 -0.92
N GLY B 367 10.70 13.53 -1.76
CA GLY B 367 10.20 14.67 -2.48
C GLY B 367 11.03 15.89 -2.16
N PRO B 368 10.77 16.99 -2.87
CA PRO B 368 11.57 18.17 -2.58
C PRO B 368 11.09 18.77 -1.27
N GLY B 369 12.01 19.28 -0.48
CA GLY B 369 11.70 19.78 0.84
C GLY B 369 12.75 20.81 1.28
N LYS B 370 12.31 21.85 2.00
CA LYS B 370 13.19 22.93 2.47
C LYS B 370 12.79 23.45 3.85
N ALA B 371 13.76 23.75 4.71
CA ALA B 371 13.54 24.47 5.96
C ALA B 371 14.79 25.24 6.36
N THR B 372 14.60 26.39 6.99
CA THR B 372 15.73 27.22 7.33
C THR B 372 16.48 26.67 8.56
N THR B 373 15.74 26.47 9.66
CA THR B 373 16.27 25.80 10.85
C THR B 373 15.30 24.68 11.24
N SER B 374 15.84 23.49 11.53
CA SER B 374 14.97 22.33 11.74
C SER B 374 14.41 22.26 13.16
N ILE B 375 15.30 22.24 14.13
CA ILE B 375 14.85 22.21 15.53
C ILE B 375 15.48 23.35 16.31
N VAL B 376 14.59 24.12 16.96
CA VAL B 376 14.99 25.22 17.83
C VAL B 376 14.62 24.84 19.23
N VAL B 377 15.63 24.78 20.09
CA VAL B 377 15.44 24.38 21.47
C VAL B 377 15.61 25.60 22.37
N ASN B 378 14.48 26.15 22.82
CA ASN B 378 14.45 27.34 23.68
C ASN B 378 14.33 27.07 25.18
N SER B 379 13.60 26.04 25.54
CA SER B 379 13.31 25.75 26.94
C SER B 379 14.50 25.26 27.74
N ASN B 380 14.76 25.90 28.89
CA ASN B 380 15.77 25.41 29.82
C ASN B 380 15.46 23.99 30.24
N ASP B 381 16.51 23.21 30.44
CA ASP B 381 16.46 21.86 31.01
C ASP B 381 15.92 20.76 30.08
N THR B 382 15.64 21.14 28.85
CA THR B 382 15.16 20.19 27.84
C THR B 382 16.14 19.05 27.61
N ILE B 383 15.60 17.85 27.54
CA ILE B 383 16.40 16.68 27.13
C ILE B 383 16.10 16.25 25.69
N ILE B 384 17.15 16.06 24.90
CA ILE B 384 17.04 15.57 23.55
C ILE B 384 17.74 14.22 23.54
N ASP B 385 16.94 13.16 23.56
CA ASP B 385 17.44 11.80 23.76
C ASP B 385 17.12 10.99 22.52
N HIS B 386 18.11 10.92 21.64
CA HIS B 386 17.98 10.31 20.30
C HIS B 386 17.22 11.13 19.29
N THR B 387 17.98 11.90 18.54
CA THR B 387 17.44 12.51 17.32
C THR B 387 18.36 12.36 16.12
N TRP B 388 17.75 12.24 14.95
CA TRP B 388 18.43 12.33 13.67
C TRP B 388 17.76 13.45 12.90
N VAL B 389 18.56 14.47 12.59
CA VAL B 389 18.10 15.67 11.90
C VAL B 389 18.90 15.66 10.60
N TRP B 390 18.21 15.36 9.51
CA TRP B 390 18.86 14.90 8.28
C TRP B 390 18.35 15.65 7.06
N ARG B 391 19.24 16.41 6.45
CA ARG B 391 19.00 16.98 5.13
C ARG B 391 19.37 15.92 4.14
N ALA B 392 18.40 15.44 3.36
CA ALA B 392 18.65 14.27 2.54
C ALA B 392 19.84 14.43 1.59
N ASP B 393 20.67 13.39 1.52
CA ASP B 393 21.77 13.36 0.57
C ASP B 393 21.48 12.52 -0.67
N HIS B 394 20.36 11.82 -0.68
CA HIS B 394 19.97 10.98 -1.80
C HIS B 394 18.45 10.88 -1.83
N GLY B 395 17.93 10.36 -2.93
CA GLY B 395 16.49 10.31 -3.17
C GLY B 395 15.99 11.45 -4.06
N GLU B 396 14.66 11.59 -4.10
CA GLU B 396 13.96 12.55 -4.96
C GLU B 396 13.90 13.89 -4.21
N GLY B 397 14.14 14.98 -4.94
CA GLY B 397 13.99 16.32 -4.37
C GLY B 397 15.20 16.81 -3.62
N VAL B 398 16.39 16.38 -4.05
CA VAL B 398 17.64 16.80 -3.41
C VAL B 398 18.56 17.58 -4.39
N GLY B 399 19.29 18.53 -3.79
CA GLY B 399 20.23 19.41 -4.49
C GLY B 399 20.61 20.55 -3.55
N TRP B 400 21.81 21.08 -3.75
CA TRP B 400 22.33 22.19 -2.96
C TRP B 400 21.23 23.18 -2.58
N GLU B 401 20.54 23.68 -3.64
CA GLU B 401 19.31 24.52 -3.60
C GLU B 401 18.04 23.78 -3.28
N THR B 402 17.81 22.76 -4.09
CA THR B 402 16.49 22.15 -4.21
C THR B 402 15.98 21.70 -2.84
N ASN B 403 16.87 21.17 -2.01
CA ASN B 403 16.51 20.89 -0.64
C ASN B 403 17.45 21.58 0.33
N ARG B 404 17.76 22.85 0.03
CA ARG B 404 18.58 23.66 0.92
C ARG B 404 17.97 23.64 2.30
N ALA B 405 18.86 23.55 3.27
CA ALA B 405 18.48 23.64 4.67
C ALA B 405 19.68 24.15 5.40
N ASP B 406 19.63 25.39 5.85
CA ASP B 406 20.86 26.02 6.35
C ASP B 406 21.31 25.46 7.67
N TYR B 407 20.34 25.28 8.58
CA TYR B 407 20.64 24.98 9.97
C TYR B 407 19.90 23.78 10.54
N GLY B 408 20.59 22.93 11.27
CA GLY B 408 19.96 21.71 11.77
C GLY B 408 19.28 21.98 13.09
N VAL B 409 20.10 22.10 14.11
CA VAL B 409 19.61 22.31 15.47
C VAL B 409 20.26 23.52 16.07
N HIS B 410 19.42 24.37 16.70
CA HIS B 410 19.91 25.55 17.42
C HIS B 410 19.41 25.45 18.84
N VAL B 411 20.35 25.31 19.77
CA VAL B 411 19.98 25.25 21.19
C VAL B 411 20.25 26.61 21.82
N LYS B 412 19.17 27.25 22.25
CA LYS B 412 19.24 28.60 22.86
C LYS B 412 19.02 28.59 24.38
N GLY B 413 18.42 27.52 24.89
CA GLY B 413 18.14 27.37 26.33
C GLY B 413 19.33 26.88 27.13
N ASP B 414 19.27 27.04 28.47
CA ASP B 414 20.29 26.63 29.40
C ASP B 414 20.05 25.22 29.97
N ASN B 415 21.11 24.54 30.38
CA ASN B 415 21.04 23.19 30.95
C ASN B 415 20.35 22.17 30.07
N VAL B 416 20.51 22.33 28.78
CA VAL B 416 19.98 21.37 27.81
C VAL B 416 20.93 20.21 27.65
N LEU B 417 20.36 19.00 27.60
CA LEU B 417 21.17 17.77 27.50
C LEU B 417 20.74 17.05 26.24
N ALA B 418 21.70 16.79 25.37
CA ALA B 418 21.52 15.89 24.25
C ALA B 418 22.21 14.57 24.56
N THR B 419 21.53 13.47 24.28
CA THR B 419 22.14 12.15 24.36
C THR B 419 21.82 11.41 23.05
N GLY B 420 22.85 11.10 22.27
CA GLY B 420 22.63 10.46 20.98
C GLY B 420 22.13 11.43 19.93
N LEU B 421 22.99 12.40 19.60
CA LEU B 421 22.66 13.45 18.64
C LEU B 421 23.27 13.13 17.26
N PHE B 422 22.42 12.96 16.26
CA PHE B 422 22.85 12.67 14.87
C PHE B 422 22.32 13.81 14.00
N VAL B 423 23.18 14.59 13.36
CA VAL B 423 22.74 15.73 12.53
C VAL B 423 23.64 15.83 11.30
N GLU B 424 23.04 15.78 10.11
CA GLU B 424 23.86 15.68 8.89
C GLU B 424 23.38 16.49 7.68
N HIS B 425 24.39 17.03 6.99
CA HIS B 425 24.34 17.57 5.64
C HIS B 425 23.77 18.98 5.44
N PHE B 426 23.67 19.80 6.50
CA PHE B 426 23.12 21.14 6.36
C PHE B 426 24.04 22.08 5.56
N ASN B 427 23.47 23.04 4.82
CA ASN B 427 24.28 24.01 4.06
C ASN B 427 25.11 24.95 4.91
N LYS B 428 24.79 25.05 6.19
CA LYS B 428 25.55 25.92 7.10
C LYS B 428 25.79 25.13 8.40
N TYR B 429 25.58 25.72 9.57
CA TYR B 429 25.87 24.98 10.81
C TYR B 429 24.89 23.87 11.09
N ASP B 430 25.37 22.65 11.26
CA ASP B 430 24.46 21.55 11.52
C ASP B 430 23.87 21.74 12.91
N VAL B 431 24.77 22.06 13.83
CA VAL B 431 24.40 22.37 15.22
C VAL B 431 25.13 23.60 15.71
N GLN B 432 24.35 24.45 16.38
CA GLN B 432 24.87 25.62 17.09
C GLN B 432 24.31 25.64 18.48
N TRP B 433 25.07 26.15 19.43
CA TRP B 433 24.66 26.10 20.82
C TRP B 433 25.02 27.41 21.47
N SER B 434 24.01 28.22 21.73
CA SER B 434 24.24 29.50 22.38
C SER B 434 23.67 29.61 23.81
N GLY B 435 22.89 28.63 24.25
CA GLY B 435 22.50 28.59 25.64
C GLY B 435 23.68 28.24 26.51
N GLU B 436 23.47 28.28 27.82
CA GLU B 436 24.52 28.06 28.78
C GLU B 436 24.47 26.64 29.30
N ASN B 437 25.65 26.14 29.63
CA ASN B 437 25.73 24.86 30.30
C ASN B 437 25.12 23.69 29.57
N GLY B 438 25.25 23.70 28.25
CA GLY B 438 24.86 22.55 27.46
C GLY B 438 25.81 21.36 27.63
N LYS B 439 25.26 20.17 27.46
CA LYS B 439 26.03 18.93 27.43
C LYS B 439 25.56 18.09 26.24
N THR B 440 26.50 17.54 25.48
CA THR B 440 26.19 16.52 24.45
C THR B 440 27.03 15.27 24.72
N ILE B 441 26.33 14.15 24.83
CA ILE B 441 26.93 12.84 24.96
C ILE B 441 26.60 12.09 23.66
N PHE B 442 27.65 11.89 22.86
CA PHE B 442 27.62 11.32 21.51
C PHE B 442 27.03 12.24 20.45
N TYR B 443 27.86 12.55 19.44
CA TYR B 443 27.47 13.30 18.23
C TYR B 443 28.04 12.62 17.00
N GLN B 444 27.17 12.41 16.02
CA GLN B 444 27.56 11.97 14.68
C GLN B 444 27.06 12.96 13.67
N ASN B 445 28.01 13.53 12.94
CA ASN B 445 27.74 14.43 11.81
C ASN B 445 28.40 13.94 10.52
N ALA B 446 27.71 14.18 9.40
CA ALA B 446 28.33 14.22 8.08
C ALA B 446 27.98 15.57 7.47
N LYS B 447 28.97 16.18 6.84
CA LYS B 447 28.77 17.46 6.17
C LYS B 447 28.04 17.26 4.84
N ALA B 448 27.57 18.38 4.29
CA ALA B 448 26.93 18.38 2.99
C ALA B 448 27.85 17.69 1.97
N TYR B 449 27.37 16.62 1.34
CA TYR B 449 28.12 15.85 0.34
C TYR B 449 28.08 16.56 -1.00
N ASP B 450 27.33 17.67 -1.04
CA ASP B 450 26.83 18.21 -2.26
C ASP B 450 27.23 19.67 -2.48
N ALA B 451 28.07 20.23 -1.62
CA ALA B 451 28.60 21.57 -1.89
C ALA B 451 29.30 21.68 -3.28
N PRO B 452 28.89 22.66 -4.12
CA PRO B 452 29.45 22.77 -5.49
C PRO B 452 30.91 23.20 -5.61
N ASP B 453 31.36 24.05 -4.69
CA ASP B 453 32.72 24.55 -4.66
C ASP B 453 32.93 25.49 -3.46
N GLN B 454 34.20 25.78 -3.19
CA GLN B 454 34.62 26.41 -1.95
C GLN B 454 33.91 27.73 -1.61
N ALA B 455 33.72 28.57 -2.64
CA ALA B 455 33.05 29.87 -2.50
C ALA B 455 31.75 29.70 -1.75
N ALA B 456 31.10 28.58 -2.02
CA ALA B 456 29.71 28.39 -1.65
C ALA B 456 29.51 28.13 -0.16
N ILE B 457 30.57 27.66 0.51
CA ILE B 457 30.50 27.37 1.95
C ILE B 457 31.43 28.30 2.74
N GLN B 458 31.82 29.41 2.12
CA GLN B 458 32.70 30.34 2.79
C GLN B 458 31.88 31.15 3.77
N ASN B 459 31.93 30.76 5.04
CA ASN B 459 31.39 31.57 6.14
C ASN B 459 32.41 32.60 6.51
N GLY B 460 32.43 33.68 5.75
CA GLY B 460 33.29 34.79 6.06
C GLY B 460 34.71 34.47 5.65
N ASP B 461 35.59 34.48 6.63
CA ASP B 461 36.96 34.17 6.38
C ASP B 461 37.30 32.75 6.83
N ILE B 462 36.27 32.00 7.21
CA ILE B 462 36.40 30.58 7.59
C ILE B 462 35.94 29.71 6.44
N LYS B 463 36.75 28.70 6.12
CA LYS B 463 36.42 27.72 5.10
C LYS B 463 35.38 26.79 5.73
N GLY B 464 34.12 26.99 5.37
CA GLY B 464 33.05 26.07 5.76
C GLY B 464 32.44 26.43 7.11
N TYR B 465 31.36 25.72 7.41
CA TYR B 465 30.64 25.87 8.67
C TYR B 465 30.89 24.67 9.57
N ALA B 466 31.23 24.90 10.82
CA ALA B 466 31.36 23.80 11.78
C ALA B 466 30.10 22.90 11.81
N ALA B 467 30.33 21.61 12.00
CA ALA B 467 29.26 20.69 12.32
C ALA B 467 28.63 20.98 13.68
N TYR B 468 29.43 21.52 14.58
CA TYR B 468 29.01 21.80 15.94
C TYR B 468 29.74 23.03 16.44
N LYS B 469 28.97 24.12 16.61
CA LYS B 469 29.48 25.41 17.01
C LYS B 469 28.96 25.84 18.35
N VAL B 470 29.84 25.93 19.36
CA VAL B 470 29.52 26.56 20.65
C VAL B 470 29.78 28.05 20.50
N ASP B 471 28.74 28.85 20.72
CA ASP B 471 28.84 30.30 20.66
C ASP B 471 30.05 30.84 21.43
N ASP B 472 30.77 31.76 20.78
CA ASP B 472 32.05 32.29 21.25
C ASP B 472 31.98 32.80 22.62
N SER B 473 30.78 33.25 23.03
CA SER B 473 30.59 33.88 24.33
C SER B 473 29.87 33.03 25.39
N VAL B 474 29.55 31.80 25.07
CA VAL B 474 29.05 30.91 26.08
C VAL B 474 30.13 30.71 27.14
N THR B 475 29.74 30.50 28.40
CA THR B 475 30.75 30.27 29.44
C THR B 475 31.03 28.82 29.79
N THR B 476 29.97 28.02 29.79
CA THR B 476 30.05 26.63 30.23
C THR B 476 29.42 25.72 29.14
N HIS B 477 30.11 24.64 28.78
CA HIS B 477 29.61 23.64 27.79
C HIS B 477 30.50 22.39 27.92
N GLU B 478 29.93 21.20 27.70
CA GLU B 478 30.73 19.97 27.71
C GLU B 478 30.19 18.99 26.68
N GLY B 479 31.08 18.35 25.94
CA GLY B 479 30.69 17.40 24.92
C GLY B 479 31.63 16.20 24.96
N TRP B 480 31.06 15.01 24.73
CA TRP B 480 31.83 13.74 24.77
C TRP B 480 31.51 12.89 23.53
N GLY B 481 32.56 12.44 22.84
CA GLY B 481 32.38 11.44 21.79
C GLY B 481 31.70 11.93 20.53
N MET B 482 32.41 12.81 19.83
CA MET B 482 31.79 13.55 18.77
C MET B 482 32.61 13.43 17.49
N GLY B 483 31.94 13.09 16.39
CA GLY B 483 32.62 13.02 15.08
C GLY B 483 31.89 13.75 13.96
N SER B 484 32.68 14.29 13.03
CA SER B 484 32.16 14.91 11.81
C SER B 484 32.90 14.33 10.61
N TYR B 485 32.16 13.84 9.61
CA TYR B 485 32.78 13.22 8.44
C TYR B 485 32.45 14.05 7.19
N CYS B 486 33.38 14.09 6.24
CA CYS B 486 33.13 14.75 4.94
C CYS B 486 33.23 13.79 3.77
N TYR B 487 32.59 14.18 2.68
CA TYR B 487 32.47 13.43 1.43
C TYR B 487 31.94 14.39 0.40
N PHE B 488 32.83 15.27 0.01
CA PHE B 488 32.49 16.31 -0.94
C PHE B 488 32.71 15.69 -2.31
N ASN B 489 31.74 14.89 -2.74
CA ASN B 489 31.96 14.08 -3.94
C ASN B 489 31.66 14.89 -5.18
N VAL B 490 30.85 15.93 -5.04
CA VAL B 490 30.64 16.87 -6.13
C VAL B 490 31.92 17.62 -6.45
N ASN B 491 32.62 18.10 -5.42
CA ASN B 491 33.86 18.84 -5.62
C ASN B 491 34.85 18.48 -4.53
N PRO B 492 35.60 17.39 -4.77
CA PRO B 492 36.48 16.89 -3.72
C PRO B 492 37.76 17.64 -3.55
N ASP B 493 37.90 18.81 -4.20
CA ASP B 493 39.02 19.69 -3.91
C ASP B 493 38.70 20.63 -2.76
N ILE B 494 37.45 20.57 -2.28
CA ILE B 494 37.00 21.41 -1.21
C ILE B 494 37.72 21.10 0.10
N ARG B 495 37.81 22.12 0.95
CA ARG B 495 38.43 22.01 2.26
C ARG B 495 37.48 22.52 3.33
N GLN B 496 37.31 21.75 4.41
CA GLN B 496 36.52 22.11 5.57
C GLN B 496 37.49 22.47 6.70
N GLN B 497 37.42 23.69 7.23
CA GLN B 497 38.47 24.12 8.21
C GLN B 497 38.45 23.24 9.45
N HIS B 498 37.24 22.95 9.94
CA HIS B 498 37.10 22.17 11.17
C HIS B 498 35.72 21.54 11.31
N GLY B 499 35.63 20.56 12.20
CA GLY B 499 34.36 19.93 12.53
C GLY B 499 33.64 20.67 13.63
N PHE B 500 34.44 21.28 14.50
CA PHE B 500 34.01 21.81 15.80
C PHE B 500 34.55 23.23 15.96
N GLN B 501 33.76 24.10 16.56
CA GLN B 501 34.14 25.47 16.85
C GLN B 501 33.60 25.94 18.22
N ALA B 502 34.47 26.52 19.03
CA ALA B 502 34.11 26.86 20.41
C ALA B 502 35.11 27.80 21.01
N PRO B 503 34.66 28.62 21.98
CA PRO B 503 35.67 29.44 22.61
C PRO B 503 36.55 28.63 23.49
N VAL B 504 37.73 29.17 23.71
CA VAL B 504 38.64 28.66 24.71
C VAL B 504 38.32 29.41 26.04
N LYS B 505 37.94 28.66 27.07
CA LYS B 505 37.44 29.13 28.36
C LYS B 505 37.50 28.00 29.35
N PRO B 506 37.55 28.32 30.66
CA PRO B 506 37.59 27.30 31.72
C PRO B 506 36.48 26.26 31.67
N GLY B 507 35.26 26.75 31.42
CA GLY B 507 34.09 25.92 31.57
C GLY B 507 33.60 25.34 30.25
N VAL B 508 34.35 25.55 29.15
CA VAL B 508 34.04 24.90 27.86
C VAL B 508 35.06 23.78 27.61
N LYS B 509 34.58 22.60 27.27
CA LYS B 509 35.44 21.44 27.29
C LYS B 509 34.86 20.32 26.44
N PHE B 510 35.72 19.73 25.64
CA PHE B 510 35.31 18.61 24.79
C PHE B 510 36.22 17.41 25.09
N HIS B 511 35.66 16.23 24.93
CA HIS B 511 36.35 14.98 25.16
C HIS B 511 36.16 14.08 23.94
N ASP B 512 37.25 13.59 23.37
CA ASP B 512 37.23 12.58 22.32
C ASP B 512 36.49 13.13 21.12
N LEU B 513 37.23 13.92 20.35
CA LEU B 513 36.73 14.58 19.14
C LEU B 513 37.41 13.98 17.92
N LEU B 514 36.72 14.02 16.78
CA LEU B 514 37.36 13.54 15.57
C LEU B 514 36.70 14.00 14.29
N VAL B 515 37.52 14.01 13.27
CA VAL B 515 37.02 14.21 11.92
C VAL B 515 37.60 13.20 10.96
N VAL B 516 36.84 12.94 9.88
CA VAL B 516 37.20 11.90 8.95
C VAL B 516 36.81 12.31 7.51
N SER B 517 37.75 12.18 6.56
CA SER B 517 37.43 12.30 5.15
C SER B 517 37.09 10.94 4.56
N LEU B 518 35.90 10.81 3.98
CA LEU B 518 35.53 9.56 3.30
C LEU B 518 36.16 9.46 1.87
N GLY B 519 37.26 8.73 1.76
CA GLY B 519 37.75 8.42 0.44
C GLY B 519 38.48 9.58 -0.18
N GLY B 520 38.89 10.58 0.62
CA GLY B 520 39.63 11.73 0.09
C GLY B 520 38.77 12.72 -0.63
N LYS B 521 37.46 12.57 -0.41
CA LYS B 521 36.50 13.47 -1.00
C LYS B 521 36.42 14.74 -0.16
N GLY B 522 37.35 15.65 -0.46
CA GLY B 522 37.60 16.75 0.41
C GLY B 522 38.50 16.35 1.58
N GLN B 523 38.93 17.36 2.34
CA GLN B 523 39.68 17.14 3.57
C GLN B 523 39.35 18.21 4.61
N TYR B 524 39.51 17.83 5.86
CA TYR B 524 39.48 18.78 7.00
C TYR B 524 40.84 19.42 7.18
N GLU B 525 40.92 20.70 7.53
CA GLU B 525 42.22 21.35 7.83
C GLU B 525 42.63 21.14 9.31
N HIS B 526 41.62 20.97 10.15
CA HIS B 526 41.79 20.82 11.60
C HIS B 526 40.58 20.08 12.16
N VAL B 527 40.64 19.77 13.45
CA VAL B 527 39.51 19.10 14.13
C VAL B 527 38.55 20.10 14.78
N ILE B 528 39.09 20.99 15.61
CA ILE B 528 38.32 22.03 16.30
C ILE B 528 39.10 23.34 16.28
N ASN B 529 38.45 24.46 15.90
CA ASN B 529 39.18 25.71 15.71
C ASN B 529 40.43 25.39 14.86
N ASP B 530 41.62 25.90 15.22
CA ASP B 530 42.82 25.57 14.43
C ASP B 530 43.68 24.58 15.19
N ILE B 531 43.01 23.63 15.82
CA ILE B 531 43.62 22.57 16.63
C ILE B 531 43.37 21.23 15.95
N GLY B 532 44.38 20.37 16.00
CA GLY B 532 44.27 19.01 15.50
C GLY B 532 44.75 18.94 14.07
N ASP B 533 45.20 17.76 13.67
CA ASP B 533 45.80 17.58 12.38
C ASP B 533 44.73 17.67 11.28
N PRO B 534 45.13 18.16 10.08
CA PRO B 534 44.25 17.94 8.94
C PRO B 534 44.13 16.44 8.64
N THR B 535 43.07 16.06 7.92
CA THR B 535 42.97 14.72 7.38
C THR B 535 43.77 14.64 6.11
N SER B 536 44.46 13.52 5.89
CA SER B 536 45.28 13.35 4.69
C SER B 536 45.01 12.03 3.99
N GLY B 537 45.49 11.93 2.76
CA GLY B 537 45.34 10.72 1.96
C GLY B 537 43.89 10.39 1.57
N ASP B 538 43.73 9.19 1.02
CA ASP B 538 42.41 8.69 0.62
C ASP B 538 42.05 7.52 1.51
N THR B 539 42.89 7.31 2.51
CA THR B 539 42.90 6.10 3.34
C THR B 539 41.80 6.05 4.41
N THR B 540 41.03 7.13 4.57
CA THR B 540 39.87 7.06 5.46
C THR B 540 40.26 6.88 6.92
N ILE B 541 41.39 7.47 7.30
CA ILE B 541 41.80 7.40 8.71
C ILE B 541 41.53 8.71 9.50
N PRO B 542 40.92 8.59 10.69
CA PRO B 542 40.47 9.79 11.43
C PRO B 542 41.58 10.68 11.92
N SER B 543 41.28 11.97 12.06
CA SER B 543 42.13 12.90 12.80
C SER B 543 41.43 13.17 14.11
N GLN B 544 42.19 13.06 15.19
CA GLN B 544 41.58 12.97 16.53
C GLN B 544 42.15 13.99 17.51
N VAL B 545 41.29 14.41 18.44
CA VAL B 545 41.75 15.16 19.64
C VAL B 545 41.13 14.52 20.89
N VAL B 546 41.95 14.23 21.90
CA VAL B 546 41.43 13.53 23.08
C VAL B 546 40.74 14.51 24.02
N SER B 547 41.47 15.56 24.35
CA SER B 547 41.02 16.60 25.25
C SER B 547 41.21 17.94 24.52
N PHE B 548 40.20 18.81 24.55
CA PHE B 548 40.33 20.18 24.06
C PHE B 548 39.58 21.03 25.09
N PRO B 549 40.19 22.16 25.53
CA PRO B 549 41.50 22.63 25.05
C PRO B 549 42.72 21.82 25.54
C2 BGC C . 1.24 -27.79 -25.31
C3 BGC C . 1.29 -26.85 -24.22
C4 BGC C . 0.76 -27.45 -22.94
C5 BGC C . 1.35 -28.82 -22.66
C6 BGC C . 0.61 -29.55 -21.61
C1 BGC C . 1.95 -29.08 -24.96
O1 BGC C . 1.83 -29.93 -25.96
O2 BGC C . 1.84 -27.32 -26.52
O3 BGC C . 0.65 -25.56 -24.65
O4 BGC C . 0.99 -26.65 -21.82
O5 BGC C . 1.33 -29.68 -23.78
O6 BGC C . 0.90 -30.94 -21.55
C2 BGC C . 0.68 -23.21 -24.81
C3 BGC C . 1.33 -21.94 -24.40
C4 BGC C . 1.66 -21.86 -22.99
C5 BGC C . 2.23 -23.21 -22.51
C6 BGC C . 2.40 -23.31 -21.05
C1 BGC C . 1.36 -24.44 -24.30
O2 BGC C . 0.59 -23.28 -26.23
O3 BGC C . 0.32 -20.91 -24.80
O4 BGC C . 2.62 -20.81 -22.69
O5 BGC C . 1.40 -24.32 -22.89
O6 BGC C . 2.95 -24.53 -20.59
C2 BGC C . -0.16 -18.74 -25.72
C3 BGC C . 0.45 -17.58 -26.40
C4 BGC C . 1.60 -17.05 -25.65
C5 BGC C . 2.55 -18.18 -25.28
C6 BGC C . 3.64 -17.76 -24.38
C1 BGC C . 0.88 -19.85 -25.50
O2 BGC C . -1.22 -19.32 -26.51
O3 BGC C . -0.61 -16.55 -26.39
O4 BGC C . 2.34 -16.09 -26.41
O5 BGC C . 1.88 -19.27 -24.66
O6 BGC C . 4.54 -18.80 -24.21
C2 BGC C . -2.03 -15.07 -27.63
C3 BGC C . -2.24 -14.37 -28.93
C4 BGC C . -0.93 -13.85 -29.49
C5 BGC C . 0.07 -15.01 -29.55
C6 BGC C . 1.40 -14.69 -30.21
C1 BGC C . -0.90 -16.07 -27.66
O2 BGC C . -3.20 -15.79 -27.27
O3 BGC C . -3.15 -13.28 -28.68
O4 BGC C . -1.08 -13.28 -30.75
O5 BGC C . 0.31 -15.42 -28.20
O6 BGC C . 2.07 -15.84 -30.69
C2 BGC C . -5.30 -12.24 -28.86
C3 BGC C . -6.37 -11.69 -29.75
C4 BGC C . -5.75 -11.01 -30.91
C5 BGC C . -4.76 -11.93 -31.58
C6 BGC C . -4.05 -11.20 -32.71
C1 BGC C . -4.24 -13.09 -29.53
O2 BGC C . -5.88 -13.05 -27.89
O3 BGC C . -7.12 -10.66 -28.99
O4 BGC C . -6.74 -10.52 -31.79
O5 BGC C . -3.73 -12.33 -30.67
O6 BGC C . -3.19 -12.01 -33.48
C2 BGC C . -9.17 -9.79 -28.15
C3 BGC C . -10.64 -9.79 -28.38
C4 BGC C . -10.96 -10.01 -29.79
C5 BGC C . -10.39 -11.36 -30.22
C6 BGC C . -10.62 -11.81 -31.64
C1 BGC C . -8.47 -10.99 -28.80
O2 BGC C . -8.85 -9.73 -26.77
O3 BGC C . -11.27 -8.52 -27.99
O4 BGC C . -12.38 -9.89 -30.04
O5 BGC C . -8.94 -11.21 -30.13
O6 BGC C . -11.92 -11.89 -32.13
C2 BGC D . -5.55 -32.40 -30.68
C3 BGC D . -5.64 -31.47 -31.78
C4 BGC D . -4.37 -30.76 -32.13
C5 BGC D . -3.18 -31.69 -32.18
C6 BGC D . -1.95 -30.88 -32.18
C1 BGC D . -4.35 -33.33 -30.76
O1 BGC D . -4.19 -33.93 -29.57
O2 BGC D . -6.74 -33.18 -30.54
O3 BGC D . -6.59 -30.41 -31.41
O4 BGC D . -4.49 -30.05 -33.34
O5 BGC D . -3.11 -32.62 -31.09
O6 BGC D . -0.80 -31.51 -32.67
C2 BGC D . -8.88 -29.92 -31.71
C3 BGC D . -9.94 -29.36 -32.61
C4 BGC D . -9.52 -28.23 -33.46
C5 BGC D . -8.15 -28.48 -34.10
C6 BGC D . -7.63 -27.33 -34.78
C1 BGC D . -7.50 -30.08 -32.37
O2 BGC D . -9.20 -31.14 -31.07
O3 BGC D . -11.10 -28.98 -31.86
O4 BGC D . -10.52 -27.98 -34.42
O5 BGC D . -7.16 -28.83 -33.07
O6 BGC D . -6.32 -27.43 -35.19
C2 BGC D . -12.86 -29.91 -30.63
C3 BGC D . -14.06 -30.75 -30.75
C4 BGC D . -14.87 -30.57 -31.97
C5 BGC D . -14.05 -30.52 -33.27
C6 BGC D . -14.85 -30.06 -34.47
C1 BGC D . -12.06 -29.94 -31.90
O2 BGC D . -12.01 -30.32 -29.57
O3 BGC D . -14.86 -30.44 -29.56
O4 BGC D . -15.81 -31.61 -32.11
O5 BGC D . -12.87 -29.69 -33.09
O6 BGC D . -15.61 -28.91 -34.34
C2 BGC D . -15.58 -31.24 -27.47
C3 BGC D . -16.45 -32.25 -26.89
C4 BGC D . -17.71 -32.17 -27.67
C5 BGC D . -17.43 -32.78 -29.02
C6 BGC D . -18.55 -32.91 -30.01
C1 BGC D . -15.29 -31.57 -28.92
O2 BGC D . -14.31 -31.08 -26.81
O3 BGC D . -16.67 -32.17 -25.45
O4 BGC D . -18.78 -32.82 -27.02
O5 BGC D . -16.50 -31.92 -29.68
O6 BGC D . -19.88 -33.16 -29.69
C2 BGC D . -15.19 -32.10 -23.52
C3 BGC D . -14.41 -32.90 -22.58
C4 BGC D . -15.13 -34.10 -22.09
C5 BGC D . -15.63 -34.94 -23.23
C6 BGC D . -16.61 -35.93 -22.71
C1 BGC D . -15.73 -32.91 -24.69
O2 BGC D . -14.35 -31.05 -24.06
O3 BGC D . -13.96 -32.10 -21.46
O4 BGC D . -14.30 -34.91 -21.24
O5 BGC D . -16.33 -34.16 -24.24
O6 BGC D . -17.10 -36.84 -23.69
C2 BGC E . 35.84 -9.02 8.43
C3 BGC E . 35.79 -8.12 9.54
C4 BGC E . 35.19 -8.75 10.76
C5 BGC E . 35.78 -10.12 11.01
C6 BGC E . 34.97 -10.80 12.04
C1 BGC E . 36.59 -10.28 8.81
O1 BGC E . 36.72 -11.06 7.77
O2 BGC E . 36.43 -8.49 7.22
O3 BGC E . 35.08 -6.90 9.09
O4 BGC E . 35.44 -8.06 11.93
O5 BGC E . 35.77 -10.91 9.84
O6 BGC E . 35.05 -12.20 12.02
C2 BGC E . 35.09 -4.55 8.89
C3 BGC E . 35.70 -3.31 9.42
C4 BGC E . 35.82 -3.38 10.86
C5 BGC E . 36.52 -4.64 11.31
C6 BGC E . 36.63 -4.79 12.78
C1 BGC E . 35.79 -5.78 9.41
O2 BGC E . 35.20 -4.55 7.48
O3 BGC E . 34.79 -2.21 9.03
O4 BGC E . 36.55 -2.30 11.39
O5 BGC E . 35.86 -5.80 10.82
O6 BGC E . 37.44 -5.85 13.23
C2 BGC E . 34.33 -0.04 8.06
C3 BGC E . 34.97 1.07 7.31
C4 BGC E . 36.14 1.61 8.04
C5 BGC E . 37.08 0.46 8.32
C6 BGC E . 38.26 0.96 9.05
C1 BGC E . 35.33 -1.15 8.31
O2 BGC E . 33.27 -0.61 7.32
O3 BGC E . 33.99 2.16 7.20
O4 BGC E . 36.91 2.59 7.29
O5 BGC E . 36.39 -0.56 9.09
O6 BGC E . 39.16 -0.08 9.32
C2 BGC E . 32.46 3.54 6.08
C3 BGC E . 32.14 4.22 4.80
C4 BGC E . 33.37 4.68 4.05
C5 BGC E . 34.38 3.54 3.94
C6 BGC E . 35.68 4.00 3.30
C1 BGC E . 33.57 2.52 5.93
O2 BGC E . 31.33 2.94 6.70
O3 BGC E . 31.34 5.37 5.18
O4 BGC E . 33.05 5.20 2.79
O5 BGC E . 34.71 3.12 5.26
O6 BGC E . 36.58 2.92 3.08
C2 BGC E . 29.24 6.56 5.02
C3 BGC E . 28.18 7.10 4.12
C4 BGC E . 28.75 7.76 2.92
C5 BGC E . 29.80 6.89 2.26
C6 BGC E . 30.63 7.62 1.24
C1 BGC E . 30.27 5.71 4.31
O2 BGC E . 28.62 5.79 6.02
O3 BGC E . 27.44 8.12 4.91
O4 BGC E . 27.72 8.13 2.02
O5 BGC E . 30.82 6.49 3.20
O6 BGC E . 31.44 6.71 0.51
C2 BGC E . 25.42 9.03 5.77
C3 BGC E . 23.95 9.04 5.58
C4 BGC E . 23.58 8.83 4.20
C5 BGC E . 24.14 7.49 3.74
C6 BGC E . 23.86 7.13 2.31
C1 BGC E . 26.08 7.85 5.09
O2 BGC E . 25.78 9.10 7.15
O3 BGC E . 23.44 10.40 5.90
O4 BGC E . 22.14 8.82 4.01
O5 BGC E . 25.59 7.63 3.78
O6 BGC E . 24.33 5.87 1.91
C2 BGC F . 28.68 -13.88 3.24
C3 BGC F . 28.40 -13.01 2.12
C4 BGC F . 29.59 -12.34 1.55
C5 BGC F . 30.69 -13.35 1.30
C6 BGC F . 31.90 -12.75 0.68
C1 BGC F . 29.90 -14.76 3.06
O1 BGC F . 30.24 -15.28 4.25
O2 BGC F . 27.51 -14.68 3.52
O3 BGC F . 27.33 -12.11 2.58
O4 BGC F . 29.36 -11.63 0.34
O5 BGC F . 31.03 -14.02 2.50
O6 BGC F . 32.84 -13.63 0.13
C2 BGC F . 25.13 -11.41 2.04
C3 BGC F . 24.25 -10.66 1.08
C4 BGC F . 24.95 -9.49 0.50
C5 BGC F . 26.34 -9.80 -0.03
C6 BGC F . 27.00 -8.64 -0.57
C1 BGC F . 26.59 -11.63 1.57
O2 BGC F . 24.51 -12.59 2.59
O3 BGC F . 23.03 -10.25 1.75
O4 BGC F . 24.18 -8.83 -0.50
O5 BGC F . 27.20 -10.38 0.99
O6 BGC F . 28.21 -8.91 -1.18
C2 BGC F . 21.25 -11.10 3.09
C3 BGC F . 20.02 -11.93 3.07
C4 BGC F . 19.15 -11.59 1.95
C5 BGC F . 19.85 -11.54 0.59
C6 BGC F . 18.99 -10.83 -0.44
C1 BGC F . 22.04 -11.20 1.80
O2 BGC F . 22.05 -11.34 4.22
O3 BGC F . 19.30 -11.68 4.32
O4 BGC F . 18.09 -12.51 1.86
O5 BGC F . 21.16 -10.92 0.67
O6 BGC F . 19.22 -9.49 -0.60
C2 BGC F . 18.74 -12.57 6.49
C3 BGC F . 18.01 -13.70 7.13
C4 BGC F . 16.71 -13.95 6.47
C5 BGC F . 16.96 -14.25 4.99
C6 BGC F . 15.76 -14.51 4.18
C1 BGC F . 18.89 -12.79 5.00
O2 BGC F . 20.02 -12.31 7.11
O3 BGC F . 17.84 -13.38 8.53
O4 BGC F . 15.95 -15.00 7.08
O5 BGC F . 17.59 -13.12 4.40
O6 BGC F . 14.79 -13.50 4.20
C2 BGC F . 19.28 -13.25 10.47
C3 BGC F . 20.07 -14.09 11.38
C4 BGC F . 19.33 -15.25 11.93
C5 BGC F . 18.71 -16.02 10.81
C6 BGC F . 17.84 -17.11 11.33
C1 BGC F . 18.66 -14.11 9.41
O2 BGC F . 20.13 -12.28 9.81
O3 BGC F . 20.65 -13.31 12.46
O4 BGC F . 20.16 -16.16 12.66
O5 BGC F . 17.91 -15.17 10.03
O6 BGC F . 17.59 -18.12 10.38
C1 EDO G . -4.41 3.89 -29.56
O1 EDO G . -3.96 4.58 -28.39
C2 EDO G . -5.72 4.50 -30.04
O2 EDO G . -6.77 4.31 -29.09
H11 EDO G . -3.65 3.92 -30.34
H12 EDO G . -4.58 2.83 -29.32
HO1 EDO G . -3.25 4.08 -27.97
H21 EDO G . -6.02 4.04 -30.99
H22 EDO G . -5.56 5.57 -30.21
HO2 EDO G . -7.61 4.56 -29.50
C1 EDO H . 29.25 23.68 4.85
O1 EDO H . 29.82 24.71 5.65
C2 EDO H . 27.96 23.12 5.42
O2 EDO H . 27.90 23.34 6.83
H11 EDO H . 29.98 22.87 4.76
H12 EDO H . 29.06 24.07 3.85
HO1 EDO H . 30.63 25.01 5.21
H21 EDO H . 27.90 22.05 5.22
H22 EDO H . 27.12 23.57 4.92
HO2 EDO H . 27.06 23.00 7.17
N GLU A 1 -49.47 0.91 -11.63
CA GLU A 1 -49.98 -0.24 -10.88
C GLU A 1 -49.66 -1.34 -11.85
N VAL A 2 -48.37 -1.74 -11.87
CA VAL A 2 -47.76 -2.72 -12.76
C VAL A 2 -47.75 -4.03 -11.99
N VAL A 3 -47.68 -5.17 -12.71
CA VAL A 3 -48.05 -6.48 -12.16
C VAL A 3 -46.95 -7.61 -12.05
N GLY A 4 -46.61 -8.04 -10.84
CA GLY A 4 -45.41 -8.86 -10.63
C GLY A 4 -45.46 -10.37 -10.92
N GLY A 5 -44.30 -11.04 -10.84
CA GLY A 5 -44.18 -12.48 -10.98
C GLY A 5 -44.56 -13.05 -12.36
N GLY A 6 -44.78 -14.35 -12.43
CA GLY A 6 -45.14 -14.97 -13.69
C GLY A 6 -44.19 -16.06 -14.17
N ASP A 7 -44.42 -16.56 -15.38
CA ASP A 7 -43.48 -17.56 -15.86
C ASP A 7 -42.47 -16.85 -16.71
N LEU A 8 -41.38 -17.57 -16.89
CA LEU A 8 -40.11 -17.01 -17.33
C LEU A 8 -40.08 -17.00 -18.86
N GLY A 9 -41.01 -17.73 -19.44
CA GLY A 9 -41.16 -17.80 -20.87
C GLY A 9 -40.44 -18.95 -21.56
N PRO A 10 -40.66 -19.06 -22.87
CA PRO A 10 -40.04 -20.17 -23.59
C PRO A 10 -38.55 -19.98 -23.84
N ASN A 11 -37.97 -18.84 -23.42
CA ASN A 11 -36.51 -18.67 -23.53
C ASN A 11 -35.79 -19.20 -22.29
N VAL A 12 -36.50 -19.42 -21.18
CA VAL A 12 -35.96 -20.10 -19.99
C VAL A 12 -36.40 -21.56 -20.09
N LEU A 13 -35.42 -22.43 -20.32
CA LEU A 13 -35.62 -23.88 -20.46
C LEU A 13 -35.35 -24.56 -19.13
N VAL A 14 -36.37 -25.17 -18.53
CA VAL A 14 -36.16 -25.74 -17.22
C VAL A 14 -36.27 -27.24 -17.25
N PHE A 15 -35.23 -27.88 -16.72
CA PHE A 15 -35.18 -29.32 -16.57
C PHE A 15 -35.20 -29.78 -15.11
N ASP A 16 -35.47 -31.07 -14.92
CA ASP A 16 -35.17 -31.75 -13.65
C ASP A 16 -34.68 -33.14 -14.01
N PRO A 17 -34.37 -34.00 -13.03
CA PRO A 17 -34.01 -35.31 -13.58
C PRO A 17 -35.05 -36.08 -14.43
N SER A 18 -36.36 -35.85 -14.26
CA SER A 18 -37.40 -36.60 -15.00
C SER A 18 -37.47 -36.30 -16.51
N THR A 19 -36.85 -35.20 -16.94
CA THR A 19 -37.01 -34.69 -18.30
C THR A 19 -36.47 -35.65 -19.38
N PRO A 20 -37.33 -36.11 -20.29
CA PRO A 20 -36.76 -36.99 -21.31
C PRO A 20 -35.74 -36.24 -22.17
N ASP A 21 -34.77 -36.95 -22.72
CA ASP A 21 -34.00 -36.34 -23.76
C ASP A 21 -33.39 -34.99 -23.36
N ILE A 22 -33.13 -34.80 -22.06
CA ILE A 22 -32.43 -33.60 -21.59
C ILE A 22 -31.23 -33.33 -22.45
N GLN A 23 -30.42 -34.36 -22.59
CA GLN A 23 -29.21 -34.21 -23.38
C GLN A 23 -29.56 -33.79 -24.81
N GLY A 24 -30.55 -34.43 -25.44
CA GLY A 24 -30.96 -34.04 -26.77
C GLY A 24 -31.44 -32.58 -26.79
N LYS A 25 -32.21 -32.18 -25.78
CA LYS A 25 -32.74 -30.81 -25.74
C LYS A 25 -31.57 -29.85 -25.75
N VAL A 26 -30.72 -29.99 -24.75
CA VAL A 26 -29.61 -29.05 -24.64
C VAL A 26 -28.66 -29.05 -25.88
N ASP A 27 -28.38 -30.23 -26.48
CA ASP A 27 -27.62 -30.30 -27.76
C ASP A 27 -28.25 -29.50 -28.93
N GLU A 28 -29.56 -29.50 -29.05
CA GLU A 28 -30.22 -28.77 -30.15
C GLU A 28 -30.05 -27.24 -29.99
N VAL A 29 -30.12 -26.75 -28.76
CA VAL A 29 -29.74 -25.37 -28.46
C VAL A 29 -28.30 -25.16 -28.94
N PHE A 30 -27.35 -25.93 -28.39
CA PHE A 30 -25.94 -25.77 -28.74
C PHE A 30 -25.71 -25.70 -30.24
N ARG A 31 -26.38 -26.56 -31.00
CA ARG A 31 -26.20 -26.58 -32.46
C ARG A 31 -26.61 -25.18 -33.00
N LYS A 32 -27.67 -24.59 -32.43
CA LYS A 32 -28.12 -23.23 -32.82
C LYS A 32 -27.33 -22.00 -32.32
N GLN A 33 -26.60 -22.10 -31.19
CA GLN A 33 -25.72 -20.97 -30.76
C GLN A 33 -24.24 -21.21 -30.89
N GLU A 34 -23.83 -22.41 -31.28
CA GLU A 34 -22.42 -22.72 -31.31
C GLU A 34 -21.60 -21.63 -32.01
N SER A 35 -22.01 -21.28 -33.22
CA SER A 35 -21.31 -20.22 -33.96
C SER A 35 -22.15 -18.97 -34.16
N ASN A 36 -23.19 -18.83 -33.35
CA ASN A 36 -24.12 -17.70 -33.42
C ASN A 36 -23.60 -16.48 -32.67
N GLN A 37 -22.50 -15.93 -33.18
CA GLN A 37 -21.73 -14.98 -32.39
C GLN A 37 -22.49 -13.67 -32.20
N PHE A 38 -23.22 -13.26 -33.22
CA PHE A 38 -23.86 -11.94 -33.22
C PHE A 38 -25.40 -11.99 -33.38
N GLY A 39 -25.98 -13.17 -33.21
CA GLY A 39 -27.44 -13.31 -33.30
C GLY A 39 -28.22 -12.64 -32.18
N THR A 40 -29.54 -12.76 -32.25
CA THR A 40 -30.41 -12.22 -31.24
C THR A 40 -31.05 -13.33 -30.39
N ASP A 41 -30.83 -14.59 -30.76
CA ASP A 41 -31.31 -15.71 -29.96
C ASP A 41 -30.65 -15.66 -28.55
N ARG A 42 -31.41 -15.96 -27.50
CA ARG A 42 -30.94 -15.97 -26.11
C ARG A 42 -31.58 -17.15 -25.38
N TYR A 43 -30.81 -17.84 -24.55
CA TYR A 43 -31.33 -18.99 -23.82
C TYR A 43 -30.73 -19.09 -22.40
N ALA A 44 -31.57 -19.41 -21.44
CA ALA A 44 -31.15 -19.76 -20.08
C ALA A 44 -31.60 -21.18 -19.84
N LEU A 45 -30.67 -22.01 -19.41
CA LEU A 45 -30.94 -23.42 -19.12
C LEU A 45 -30.86 -23.60 -17.61
N MET A 46 -32.00 -23.95 -17.00
CA MET A 46 -32.12 -23.92 -15.58
C MET A 46 -32.43 -25.34 -15.12
N PHE A 47 -31.65 -25.83 -14.16
CA PHE A 47 -31.82 -27.21 -13.67
C PHE A 47 -32.29 -27.24 -12.21
N LYS A 48 -33.46 -27.86 -12.00
CA LYS A 48 -33.98 -28.09 -10.65
C LYS A 48 -33.03 -29.00 -9.85
N PRO A 49 -33.02 -28.88 -8.53
CA PRO A 49 -32.20 -29.79 -7.71
C PRO A 49 -32.51 -31.25 -8.01
N GLY A 50 -31.50 -32.09 -7.87
CA GLY A 50 -31.57 -33.51 -8.22
C GLY A 50 -30.18 -33.89 -8.78
N THR A 51 -30.10 -35.06 -9.40
CA THR A 51 -28.86 -35.62 -9.90
C THR A 51 -29.12 -36.07 -11.32
N TYR A 52 -28.35 -35.48 -12.23
CA TYR A 52 -28.48 -35.73 -13.65
C TYR A 52 -27.34 -36.63 -14.07
N ASN A 53 -27.64 -37.65 -14.88
CA ASN A 53 -26.59 -38.55 -15.39
C ASN A 53 -26.31 -38.36 -16.88
N ASP A 54 -25.16 -38.86 -17.36
CA ASP A 54 -24.80 -38.90 -18.78
C ASP A 54 -25.13 -37.60 -19.50
N ILE A 55 -24.47 -36.54 -19.08
CA ILE A 55 -24.75 -35.21 -19.60
C ILE A 55 -23.45 -34.52 -19.92
N ASN A 56 -23.42 -33.98 -21.14
CA ASN A 56 -22.31 -33.23 -21.70
C ASN A 56 -23.03 -31.97 -22.19
N ALA A 57 -23.34 -31.00 -21.29
CA ALA A 57 -23.97 -29.71 -21.67
C ALA A 57 -22.95 -28.78 -22.30
N GLN A 58 -22.90 -28.76 -23.62
CA GLN A 58 -22.02 -27.85 -24.32
C GLN A 58 -22.73 -26.51 -24.45
N ILE A 59 -22.00 -25.45 -24.15
CA ILE A 59 -22.56 -24.11 -24.00
C ILE A 59 -22.06 -23.21 -25.14
N GLY A 60 -22.95 -22.75 -26.00
CA GLY A 60 -22.56 -21.85 -27.10
C GLY A 60 -22.80 -20.40 -26.70
N PHE A 61 -22.86 -19.53 -27.71
CA PHE A 61 -23.09 -18.12 -27.47
C PHE A 61 -24.44 -17.88 -26.80
N TYR A 62 -24.49 -16.86 -25.97
CA TYR A 62 -25.71 -16.35 -25.38
C TYR A 62 -26.52 -17.43 -24.70
N THR A 63 -25.82 -18.35 -24.06
CA THR A 63 -26.45 -19.38 -23.25
C THR A 63 -25.89 -19.32 -21.83
N SER A 64 -26.79 -19.22 -20.87
CA SER A 64 -26.45 -19.37 -19.46
C SER A 64 -26.94 -20.77 -19.00
N ILE A 65 -26.19 -21.39 -18.13
CA ILE A 65 -26.63 -22.66 -17.50
C ILE A 65 -26.48 -22.52 -16.02
N ALA A 66 -27.46 -23.02 -15.29
CA ALA A 66 -27.45 -22.85 -13.84
C ALA A 66 -28.30 -23.85 -13.11
N GLY A 67 -27.94 -24.03 -11.85
CA GLY A 67 -28.74 -24.82 -10.91
C GLY A 67 -29.71 -23.93 -10.15
N LEU A 68 -30.79 -24.52 -9.65
CA LEU A 68 -31.82 -23.77 -8.93
C LEU A 68 -31.89 -24.19 -7.45
N GLY A 69 -30.80 -24.76 -6.93
CA GLY A 69 -30.79 -25.30 -5.56
C GLY A 69 -30.31 -24.28 -4.57
N LEU A 70 -30.24 -24.65 -3.30
CA LEU A 70 -29.84 -23.67 -2.32
C LEU A 70 -28.38 -23.43 -2.58
N ASN A 71 -27.63 -24.49 -2.35
CA ASN A 71 -26.20 -24.54 -2.60
C ASN A 71 -25.93 -25.01 -4.04
N PRO A 72 -24.70 -24.85 -4.53
CA PRO A 72 -24.40 -25.48 -5.83
C PRO A 72 -24.55 -27.01 -5.70
N ASP A 73 -24.22 -27.50 -4.52
CA ASP A 73 -24.14 -28.95 -4.32
C ASP A 73 -25.50 -29.67 -4.25
N ASP A 74 -26.58 -28.93 -4.41
CA ASP A 74 -27.92 -29.50 -4.48
C ASP A 74 -28.33 -29.83 -5.93
N THR A 75 -27.57 -29.30 -6.90
CA THR A 75 -27.83 -29.59 -8.31
C THR A 75 -26.53 -30.11 -8.93
N THR A 76 -26.53 -31.41 -9.17
CA THR A 76 -25.34 -32.17 -9.40
C THR A 76 -25.35 -32.88 -10.76
N PHE A 77 -24.34 -32.61 -11.57
CA PHE A 77 -24.22 -33.28 -12.88
C PHE A 77 -23.13 -34.36 -12.73
N ASN A 78 -23.49 -35.59 -13.04
CA ASN A 78 -22.53 -36.64 -13.32
C ASN A 78 -22.25 -36.55 -14.79
N GLY A 79 -21.22 -35.76 -15.07
CA GLY A 79 -21.05 -35.16 -16.40
C GLY A 79 -20.41 -33.78 -16.33
N ASP A 80 -20.72 -32.96 -17.34
CA ASP A 80 -19.91 -31.80 -17.73
C ASP A 80 -20.72 -30.61 -18.22
N VAL A 81 -20.15 -29.44 -17.95
CA VAL A 81 -20.60 -28.18 -18.55
C VAL A 81 -19.39 -27.68 -19.36
N THR A 82 -19.50 -27.81 -20.67
CA THR A 82 -18.33 -27.80 -21.56
C THR A 82 -18.34 -26.61 -22.52
N VAL A 83 -17.22 -25.89 -22.58
CA VAL A 83 -16.94 -24.95 -23.67
C VAL A 83 -15.65 -25.32 -24.34
N ASP A 84 -15.72 -25.55 -25.63
CA ASP A 84 -14.56 -25.87 -26.44
C ASP A 84 -14.58 -24.93 -27.65
N ALA A 85 -13.62 -25.14 -28.54
CA ALA A 85 -13.36 -24.22 -29.63
C ALA A 85 -13.50 -24.91 -30.99
N GLY A 86 -14.45 -25.84 -31.10
CA GLY A 86 -14.77 -26.55 -32.34
C GLY A 86 -15.33 -25.76 -33.52
N TRP A 87 -16.05 -24.70 -33.26
CA TRP A 87 -16.61 -23.91 -34.34
C TRP A 87 -15.56 -22.99 -34.94
N PHE A 88 -14.44 -22.82 -34.24
CA PHE A 88 -13.35 -21.97 -34.73
C PHE A 88 -11.98 -22.68 -34.78
N ASP A 89 -11.98 -23.96 -35.18
CA ASP A 89 -10.76 -24.60 -35.66
C ASP A 89 -9.70 -24.60 -34.55
N GLY A 90 -10.15 -24.40 -33.30
CA GLY A 90 -9.29 -24.60 -32.14
C GLY A 90 -8.93 -23.33 -31.39
N ASN A 91 -9.36 -22.21 -31.95
CA ASN A 91 -9.09 -20.89 -31.42
C ASN A 91 -10.23 -20.49 -30.46
N ALA A 92 -9.93 -20.28 -29.17
CA ALA A 92 -10.97 -19.94 -28.18
C ALA A 92 -11.15 -18.44 -27.97
N THR A 93 -10.48 -17.61 -28.77
CA THR A 93 -10.51 -16.15 -28.49
C THR A 93 -11.78 -15.43 -28.91
N GLN A 94 -12.75 -16.16 -29.44
CA GLN A 94 -14.08 -15.58 -29.64
C GLN A 94 -15.18 -16.29 -28.82
N ASN A 95 -14.81 -17.00 -27.75
CA ASN A 95 -15.82 -17.71 -26.95
C ASN A 95 -16.41 -16.82 -25.85
N PHE A 96 -17.19 -15.86 -26.30
CA PHE A 96 -17.80 -14.87 -25.45
C PHE A 96 -19.26 -15.15 -25.01
N TRP A 97 -19.73 -14.36 -24.04
CA TRP A 97 -21.14 -14.16 -23.70
C TRP A 97 -21.88 -15.45 -23.36
N ARG A 98 -21.44 -16.10 -22.29
CA ARG A 98 -22.12 -17.29 -21.82
C ARG A 98 -21.78 -17.48 -20.34
N SER A 99 -22.47 -18.34 -19.63
CA SER A 99 -22.10 -18.46 -18.22
C SER A 99 -22.60 -19.75 -17.57
N ALA A 100 -22.00 -20.02 -16.42
CA ALA A 100 -22.33 -21.20 -15.60
C ALA A 100 -22.37 -20.78 -14.14
N GLU A 101 -23.43 -21.17 -13.43
CA GLU A 101 -23.54 -20.80 -12.00
C GLU A 101 -24.30 -21.86 -11.20
N ASN A 102 -23.95 -22.02 -9.93
CA ASN A 102 -24.73 -22.75 -8.91
C ASN A 102 -24.96 -24.22 -9.27
N LEU A 103 -23.90 -24.87 -9.69
CA LEU A 103 -23.93 -26.31 -10.04
C LEU A 103 -22.73 -27.04 -9.46
N ALA A 104 -22.92 -28.33 -9.15
CA ALA A 104 -21.79 -29.22 -8.85
C ALA A 104 -21.56 -30.12 -10.05
N LEU A 105 -20.30 -30.23 -10.47
CA LEU A 105 -19.91 -31.07 -11.61
C LEU A 105 -18.99 -32.22 -11.19
N ASN A 106 -19.29 -33.38 -11.72
CA ASN A 106 -18.50 -34.61 -11.52
C ASN A 106 -18.05 -35.05 -12.93
N PRO A 107 -16.97 -34.43 -13.43
CA PRO A 107 -16.69 -34.56 -14.86
C PRO A 107 -16.31 -35.96 -15.29
N VAL A 108 -16.74 -36.35 -16.47
CA VAL A 108 -16.68 -37.74 -16.87
C VAL A 108 -15.28 -38.29 -16.99
N ASN A 109 -14.33 -37.44 -17.39
CA ASN A 109 -12.92 -37.87 -17.50
C ASN A 109 -12.10 -37.39 -16.29
N GLY A 110 -12.77 -36.80 -15.30
CA GLY A 110 -12.06 -36.23 -14.16
C GLY A 110 -11.80 -34.73 -14.21
N THR A 111 -12.00 -34.14 -15.38
CA THR A 111 -11.67 -32.75 -15.63
C THR A 111 -12.72 -32.11 -16.51
N ASN A 112 -13.29 -30.99 -16.03
CA ASN A 112 -14.24 -30.21 -16.78
C ASN A 112 -13.50 -29.17 -17.65
N ARG A 113 -13.93 -29.03 -18.90
CA ARG A 113 -13.41 -28.01 -19.80
C ARG A 113 -14.30 -26.77 -19.91
N TRP A 114 -13.71 -25.61 -19.64
CA TRP A 114 -14.39 -24.31 -19.76
C TRP A 114 -13.43 -23.38 -20.48
N ALA A 115 -13.26 -23.62 -21.79
CA ALA A 115 -12.25 -22.92 -22.58
C ALA A 115 -12.83 -21.64 -23.18
N VAL A 116 -13.00 -20.66 -22.34
CA VAL A 116 -13.67 -19.40 -22.71
C VAL A 116 -12.71 -18.23 -22.85
N SER A 117 -13.20 -17.15 -23.47
CA SER A 117 -12.52 -15.87 -23.41
C SER A 117 -13.41 -14.90 -22.63
N GLN A 118 -13.58 -13.65 -23.08
CA GLN A 118 -14.19 -12.64 -22.22
C GLN A 118 -15.71 -12.81 -22.05
N ALA A 119 -16.24 -12.26 -20.96
CA ALA A 119 -17.68 -12.28 -20.66
C ALA A 119 -18.23 -13.70 -20.61
N ALA A 120 -17.52 -14.55 -19.89
CA ALA A 120 -17.96 -15.93 -19.69
C ALA A 120 -17.83 -16.39 -18.22
N PRO A 121 -18.61 -15.77 -17.35
CA PRO A 121 -18.33 -16.00 -15.92
C PRO A 121 -18.68 -17.43 -15.44
N PHE A 122 -17.94 -17.88 -14.43
CA PHE A 122 -18.07 -19.19 -13.80
C PHE A 122 -18.18 -18.89 -12.30
N ARG A 123 -19.42 -18.93 -11.80
CA ARG A 123 -19.72 -18.50 -10.45
C ARG A 123 -20.41 -19.56 -9.59
N ARG A 124 -20.03 -19.63 -8.33
CA ARG A 124 -20.77 -20.49 -7.41
C ARG A 124 -20.83 -21.93 -7.91
N MET A 125 -19.69 -22.38 -8.40
CA MET A 125 -19.57 -23.75 -8.93
C MET A 125 -18.75 -24.64 -8.02
N HIS A 126 -19.09 -25.90 -8.01
CA HIS A 126 -18.28 -26.92 -7.34
C HIS A 126 -17.84 -27.94 -8.36
N VAL A 127 -16.55 -27.99 -8.63
CA VAL A 127 -16.02 -29.00 -9.56
C VAL A 127 -15.35 -30.12 -8.77
N LYS A 128 -15.97 -31.30 -8.76
CA LYS A 128 -15.35 -32.47 -8.08
C LYS A 128 -14.33 -33.06 -9.05
N GLY A 129 -13.21 -32.38 -9.20
CA GLY A 129 -12.26 -32.75 -10.22
C GLY A 129 -11.46 -31.54 -10.61
N GLY A 130 -10.83 -31.65 -11.77
CA GLY A 130 -9.98 -30.59 -12.30
C GLY A 130 -10.75 -29.75 -13.28
N LEU A 131 -10.16 -28.59 -13.62
CA LEU A 131 -10.81 -27.63 -14.49
C LEU A 131 -9.78 -27.20 -15.52
N ASN A 132 -10.02 -27.59 -16.75
CA ASN A 132 -9.17 -27.22 -17.88
C ASN A 132 -9.78 -26.00 -18.57
N LEU A 133 -9.04 -24.90 -18.59
CA LEU A 133 -9.49 -23.67 -19.25
C LEU A 133 -9.00 -23.51 -20.67
N ALA A 134 -8.36 -24.53 -21.23
CA ALA A 134 -7.87 -24.48 -22.63
C ALA A 134 -8.70 -25.31 -23.57
N PRO A 135 -8.83 -24.86 -24.80
CA PRO A 135 -9.56 -25.74 -25.71
C PRO A 135 -8.75 -26.97 -25.99
N ASP A 136 -9.51 -27.98 -26.38
CA ASP A 136 -9.02 -29.07 -27.16
C ASP A 136 -7.95 -28.53 -28.04
N GLY A 137 -6.72 -28.99 -27.82
CA GLY A 137 -5.63 -28.66 -28.70
C GLY A 137 -4.72 -27.48 -28.35
N TYR A 138 -5.00 -26.83 -27.22
CA TYR A 138 -4.16 -25.77 -26.66
C TYR A 138 -4.04 -24.52 -27.56
N GLY A 139 -5.08 -24.26 -28.34
CA GLY A 139 -5.17 -23.05 -29.17
C GLY A 139 -5.26 -21.80 -28.31
N TRP A 140 -5.32 -20.65 -28.95
CA TRP A 140 -5.28 -19.41 -28.23
C TRP A 140 -6.54 -19.20 -27.40
N ALA A 141 -6.38 -18.50 -26.27
CA ALA A 141 -7.50 -18.33 -25.34
C ALA A 141 -7.29 -17.12 -24.49
N SER A 142 -8.37 -16.39 -24.21
CA SER A 142 -8.25 -15.05 -23.64
C SER A 142 -9.32 -14.70 -22.61
N GLY A 143 -9.40 -15.51 -21.55
CA GLY A 143 -10.35 -15.28 -20.47
C GLY A 143 -9.79 -14.39 -19.36
N GLY A 144 -10.35 -14.43 -18.16
CA GLY A 144 -11.47 -15.28 -17.77
C GLY A 144 -11.75 -14.93 -16.30
N TYR A 145 -12.81 -15.50 -15.76
CA TYR A 145 -13.34 -15.04 -14.48
C TYR A 145 -13.97 -16.21 -13.72
N ILE A 146 -13.44 -16.47 -12.53
CA ILE A 146 -14.04 -17.42 -11.61
C ILE A 146 -14.22 -16.73 -10.27
N ALA A 147 -15.41 -16.88 -9.73
CA ALA A 147 -15.72 -16.38 -8.42
C ALA A 147 -16.52 -17.35 -7.60
N ASP A 148 -16.28 -17.29 -6.31
CA ASP A 148 -17.06 -18.03 -5.32
C ASP A 148 -17.20 -19.51 -5.68
N SER A 149 -16.13 -20.10 -6.17
CA SER A 149 -16.15 -21.51 -6.61
C SER A 149 -15.17 -22.41 -5.88
N LYS A 150 -15.44 -23.70 -5.95
CA LYS A 150 -14.61 -24.70 -5.26
C LYS A 150 -14.19 -25.71 -6.31
N ILE A 151 -12.88 -25.74 -6.60
CA ILE A 151 -12.29 -26.65 -7.58
C ILE A 151 -11.45 -27.67 -6.82
N ASP A 152 -11.82 -28.94 -6.88
CA ASP A 152 -11.22 -29.92 -5.97
C ASP A 152 -9.75 -30.28 -6.26
N GLY A 153 -9.45 -30.65 -7.51
CA GLY A 153 -8.08 -30.79 -7.96
C GLY A 153 -7.61 -29.47 -8.58
N GLU A 154 -6.99 -29.55 -9.76
CA GLU A 154 -6.28 -28.42 -10.31
C GLU A 154 -7.06 -27.69 -11.39
N VAL A 155 -6.96 -26.36 -11.37
CA VAL A 155 -7.21 -25.58 -12.58
C VAL A 155 -5.94 -25.53 -13.44
N GLY A 156 -6.09 -25.89 -14.73
CA GLY A 156 -5.02 -25.80 -15.71
C GLY A 156 -5.29 -24.75 -16.79
N PRO A 157 -4.61 -23.60 -16.72
CA PRO A 157 -4.98 -22.63 -17.76
C PRO A 157 -4.30 -22.89 -19.10
N TYR A 158 -3.19 -23.64 -19.08
CA TYR A 158 -2.39 -23.92 -20.27
C TYR A 158 -2.18 -22.64 -21.16
N SER A 159 -2.86 -22.54 -22.29
CA SER A 159 -2.59 -21.44 -23.22
C SER A 159 -3.30 -20.13 -22.79
N GLN A 160 -4.15 -20.17 -21.79
CA GLN A 160 -4.84 -18.94 -21.35
C GLN A 160 -3.87 -17.81 -21.01
N GLN A 161 -4.06 -16.65 -21.64
CA GLN A 161 -3.13 -15.54 -21.45
C GLN A 161 -3.12 -14.98 -20.06
N GLN A 162 -4.33 -14.81 -19.53
CA GLN A 162 -4.54 -14.18 -18.26
C GLN A 162 -5.83 -14.72 -17.64
N TRP A 163 -6.04 -14.43 -16.37
CA TRP A 163 -7.21 -14.95 -15.66
C TRP A 163 -7.36 -14.26 -14.31
N TYR A 164 -8.61 -14.10 -13.88
CA TYR A 164 -8.92 -13.59 -12.55
C TYR A 164 -9.81 -14.57 -11.78
N THR A 165 -9.38 -14.90 -10.56
CA THR A 165 -10.13 -15.74 -9.67
C THR A 165 -10.28 -15.02 -8.36
N ARG A 166 -11.51 -14.94 -7.85
CA ARG A 166 -11.72 -14.38 -6.51
C ARG A 166 -12.59 -15.26 -5.60
N ASP A 167 -12.24 -15.18 -4.32
CA ASP A 167 -13.03 -15.71 -3.23
C ASP A 167 -13.53 -17.14 -3.49
N SER A 168 -12.55 -18.01 -3.65
CA SER A 168 -12.73 -19.35 -4.17
C SER A 168 -11.80 -20.29 -3.42
N SER A 169 -11.85 -21.56 -3.77
CA SER A 169 -10.85 -22.52 -3.29
C SER A 169 -10.44 -23.44 -4.44
N VAL A 170 -9.13 -23.61 -4.61
CA VAL A 170 -8.59 -24.48 -5.65
C VAL A 170 -7.60 -25.50 -5.03
N GLY A 171 -7.58 -26.71 -5.56
CA GLY A 171 -6.65 -27.71 -5.04
C GLY A 171 -5.31 -27.73 -5.75
N GLY A 172 -5.22 -27.00 -6.85
CA GLY A 172 -4.00 -26.95 -7.64
C GLY A 172 -4.10 -25.81 -8.67
N TRP A 173 -2.96 -25.28 -9.07
CA TRP A 173 -2.89 -24.32 -10.19
C TRP A 173 -1.76 -24.70 -11.14
N GLY A 174 -2.08 -24.91 -12.40
CA GLY A 174 -1.08 -25.45 -13.31
C GLY A 174 0.04 -24.51 -13.69
N ASN A 175 -0.30 -23.29 -14.04
CA ASN A 175 0.66 -22.47 -14.75
C ASN A 175 0.00 -21.16 -15.03
N GLY A 176 0.83 -20.18 -15.34
CA GLY A 176 0.30 -19.01 -15.98
C GLY A 176 0.99 -18.75 -17.30
N VAL A 177 0.70 -17.57 -17.85
CA VAL A 177 1.22 -17.19 -19.18
C VAL A 177 1.66 -15.74 -19.05
N TRP A 178 0.71 -14.79 -19.13
CA TRP A 178 1.01 -13.36 -18.90
C TRP A 178 0.54 -12.73 -17.57
N ASN A 179 -0.65 -13.07 -17.08
CA ASN A 179 -1.17 -12.39 -15.89
C ASN A 179 -2.30 -13.15 -15.20
N MET A 180 -1.93 -13.94 -14.18
CA MET A 180 -2.88 -14.73 -13.42
C MET A 180 -2.99 -14.03 -12.06
N THR A 181 -4.16 -13.47 -11.78
CA THR A 181 -4.38 -12.72 -10.54
C THR A 181 -5.41 -13.45 -9.68
N PHE A 182 -5.17 -13.39 -8.37
CA PHE A 182 -5.99 -14.07 -7.41
C PHE A 182 -6.29 -13.13 -6.26
N SER A 183 -7.54 -13.10 -5.79
CA SER A 183 -7.82 -12.41 -4.54
C SER A 183 -8.76 -13.27 -3.69
N GLY A 184 -8.36 -13.48 -2.45
CA GLY A 184 -9.17 -14.33 -1.54
C GLY A 184 -9.30 -15.77 -1.99
N VAL A 185 -8.24 -16.30 -2.62
CA VAL A 185 -8.28 -17.65 -3.16
C VAL A 185 -7.45 -18.63 -2.31
N GLU A 186 -8.16 -19.53 -1.64
CA GLU A 186 -7.54 -20.62 -0.90
C GLU A 186 -6.94 -21.60 -1.88
N GLY A 187 -5.63 -21.82 -1.78
CA GLY A 187 -4.93 -22.70 -2.70
C GLY A 187 -4.26 -21.99 -3.87
N ALA A 188 -4.44 -20.67 -3.98
CA ALA A 188 -3.74 -19.89 -5.02
C ALA A 188 -2.22 -20.04 -4.93
N PRO A 189 -1.52 -20.11 -6.08
CA PRO A 189 -0.05 -20.05 -5.92
C PRO A 189 0.43 -18.74 -5.28
N ALA A 190 1.63 -18.74 -4.72
CA ALA A 190 2.11 -17.56 -3.98
C ALA A 190 2.48 -16.40 -4.94
N GLN A 191 2.34 -15.17 -4.43
CA GLN A 191 2.78 -13.95 -5.13
C GLN A 191 4.19 -14.19 -5.72
N SER A 192 4.30 -14.17 -7.06
CA SER A 192 5.52 -14.58 -7.76
C SER A 192 6.03 -13.56 -8.79
N PHE A 193 5.16 -12.62 -9.20
CA PHE A 193 5.31 -11.88 -10.49
C PHE A 193 6.71 -11.25 -10.65
N PRO A 194 7.28 -11.29 -11.89
CA PRO A 194 6.66 -11.78 -13.12
C PRO A 194 6.76 -13.29 -13.32
N GLU A 195 7.63 -14.00 -12.63
CA GLU A 195 7.79 -15.42 -12.95
C GLU A 195 7.50 -16.39 -11.74
N PRO A 196 6.45 -17.22 -11.86
CA PRO A 196 5.30 -17.01 -12.77
C PRO A 196 4.65 -15.63 -12.53
N PRO A 197 3.78 -15.13 -13.44
CA PRO A 197 3.19 -13.79 -13.25
C PRO A 197 1.88 -13.85 -12.44
N TYR A 198 2.07 -14.45 -11.27
CA TYR A 198 0.99 -14.65 -10.32
C TYR A 198 0.99 -13.43 -9.42
N THR A 199 -0.14 -12.74 -9.43
CA THR A 199 -0.43 -11.63 -8.51
C THR A 199 -1.47 -12.13 -7.53
N THR A 200 -1.14 -12.13 -6.23
CA THR A 200 -1.94 -12.83 -5.25
C THR A 200 -2.19 -11.99 -4.04
N LEU A 201 -3.46 -11.76 -3.74
CA LEU A 201 -3.89 -11.01 -2.59
C LEU A 201 -4.63 -11.90 -1.65
N GLU A 202 -4.44 -11.67 -0.36
CA GLU A 202 -4.94 -12.55 0.67
C GLU A 202 -6.45 -12.51 0.69
N THR A 203 -6.95 -11.29 0.62
CA THR A 203 -8.35 -11.03 0.75
C THR A 203 -8.80 -10.11 -0.40
N THR A 204 -10.13 -10.07 -0.61
CA THR A 204 -10.77 -9.07 -1.45
C THR A 204 -11.44 -7.99 -0.57
N PRO A 205 -11.05 -6.71 -0.70
CA PRO A 205 -11.44 -5.80 0.42
C PRO A 205 -12.94 -5.55 0.51
N VAL A 206 -13.64 -5.79 -0.59
CA VAL A 206 -15.09 -5.80 -0.58
C VAL A 206 -15.63 -6.68 -1.70
N SER A 207 -16.66 -7.45 -1.41
CA SER A 207 -17.21 -8.43 -2.37
C SER A 207 -18.63 -8.68 -1.99
N ARG A 208 -19.47 -8.87 -2.96
CA ARG A 208 -20.86 -9.20 -2.65
C ARG A 208 -21.27 -10.15 -3.75
N GLU A 209 -21.62 -11.37 -3.41
CA GLU A 209 -21.88 -12.32 -4.48
C GLU A 209 -23.12 -11.94 -5.37
N LYS A 210 -23.10 -12.40 -6.61
CA LYS A 210 -24.13 -12.01 -7.57
C LYS A 210 -25.46 -12.65 -7.17
N PRO A 211 -26.55 -11.88 -7.21
CA PRO A 211 -27.87 -12.48 -6.97
C PRO A 211 -28.23 -13.55 -7.97
N PHE A 212 -29.03 -14.55 -7.60
CA PHE A 212 -29.41 -15.60 -8.52
C PHE A 212 -30.80 -16.18 -8.25
N LEU A 213 -31.45 -16.60 -9.32
CA LEU A 213 -32.72 -17.30 -9.22
C LEU A 213 -32.53 -18.66 -8.52
N TYR A 214 -33.42 -19.02 -7.60
CA TYR A 214 -33.47 -20.38 -7.15
C TYR A 214 -34.88 -20.81 -6.79
N LEU A 215 -34.93 -22.04 -6.29
CA LEU A 215 -36.17 -22.66 -5.91
C LEU A 215 -36.21 -22.93 -4.42
N ASP A 216 -37.10 -22.24 -3.74
CA ASP A 216 -37.31 -22.42 -2.31
C ASP A 216 -38.40 -23.44 -2.05
N GLY A 217 -37.99 -24.69 -1.94
CA GLY A 217 -38.84 -25.86 -2.05
C GLY A 217 -39.69 -25.63 -3.27
N ASP A 218 -39.13 -25.86 -4.44
CA ASP A 218 -39.38 -24.94 -5.51
C ASP A 218 -39.73 -23.49 -4.96
N ASP A 219 -40.98 -22.94 -4.99
CA ASP A 219 -41.19 -21.49 -4.80
C ASP A 219 -40.04 -20.63 -5.51
N TYR A 220 -40.26 -20.10 -6.72
CA TYR A 220 -39.21 -19.31 -7.43
C TYR A 220 -38.87 -18.05 -6.66
N LYS A 221 -37.57 -17.81 -6.51
CA LYS A 221 -37.05 -16.64 -5.85
C LYS A 221 -35.64 -16.31 -6.26
N VAL A 222 -35.16 -15.19 -5.71
CA VAL A 222 -33.81 -14.70 -5.91
C VAL A 222 -33.12 -14.49 -4.57
N PHE A 223 -32.05 -15.25 -4.34
CA PHE A 223 -31.16 -15.02 -3.19
C PHE A 223 -30.28 -13.83 -3.51
N VAL A 224 -30.16 -12.95 -2.52
CA VAL A 224 -29.35 -11.75 -2.63
C VAL A 224 -28.26 -11.77 -1.56
N PRO A 225 -27.04 -12.11 -1.95
CA PRO A 225 -25.90 -12.06 -1.01
C PRO A 225 -25.63 -10.67 -0.45
N ALA A 226 -25.52 -10.59 0.87
CA ALA A 226 -25.04 -9.38 1.54
C ALA A 226 -23.54 -9.30 1.36
N LYS A 227 -22.96 -8.10 1.35
CA LYS A 227 -21.50 -7.90 1.38
C LYS A 227 -20.65 -8.86 2.26
N ARG A 228 -19.40 -8.96 1.85
CA ARG A 228 -18.29 -9.43 2.66
C ARG A 228 -17.12 -8.45 2.53
N THR A 229 -16.54 -8.06 3.67
CA THR A 229 -15.30 -7.33 3.68
C THR A 229 -14.16 -8.31 3.77
N ASN A 230 -12.96 -7.87 3.36
CA ASN A 230 -11.75 -8.69 3.44
C ASN A 230 -12.08 -10.15 3.28
N ALA A 231 -12.59 -10.50 2.11
CA ALA A 231 -13.18 -11.79 1.90
C ALA A 231 -12.18 -12.83 1.38
N ARG A 232 -12.45 -14.09 1.69
CA ARG A 232 -11.60 -15.19 1.27
C ARG A 232 -12.32 -16.50 1.34
N GLY A 233 -12.12 -17.32 0.31
CA GLY A 233 -12.79 -18.61 0.24
C GLY A 233 -14.22 -18.43 -0.20
N THR A 234 -14.95 -19.54 -0.38
CA THR A 234 -16.31 -19.45 -0.87
C THR A 234 -17.27 -18.98 0.21
N SER A 235 -18.39 -18.44 -0.22
CA SER A 235 -19.38 -17.90 0.67
C SER A 235 -20.31 -18.95 1.27
N TRP A 236 -20.40 -20.07 0.55
CA TRP A 236 -21.40 -21.12 0.73
C TRP A 236 -20.99 -22.45 1.27
N GLY A 237 -19.70 -22.74 1.38
CA GLY A 237 -19.39 -24.06 1.94
C GLY A 237 -20.08 -24.19 3.30
N ASN A 238 -19.64 -23.35 4.22
CA ASN A 238 -20.10 -23.41 5.61
C ASN A 238 -21.65 -23.35 5.81
N GLY A 239 -22.23 -24.06 6.77
CA GLY A 239 -23.70 -24.04 6.94
C GLY A 239 -24.66 -23.67 5.77
N THR A 240 -24.77 -22.34 5.51
CA THR A 240 -25.30 -21.66 4.30
C THR A 240 -25.05 -20.12 4.39
N PRO A 241 -24.78 -19.39 3.24
CA PRO A 241 -24.47 -17.94 3.21
C PRO A 241 -25.46 -16.89 3.75
N GLU A 242 -24.81 -15.83 4.23
CA GLU A 242 -25.51 -14.65 4.68
C GLU A 242 -26.30 -13.98 3.55
N GLY A 243 -27.56 -13.69 3.87
CA GLY A 243 -28.36 -12.75 3.13
C GLY A 243 -29.84 -13.05 3.11
N GLU A 244 -30.53 -12.37 2.20
CA GLU A 244 -31.98 -12.38 2.05
C GLU A 244 -32.52 -13.05 0.78
N SER A 245 -33.80 -13.42 0.80
CA SER A 245 -34.45 -13.90 -0.41
C SER A 245 -35.67 -13.06 -0.85
N LEU A 246 -35.82 -12.90 -2.16
CA LEU A 246 -36.93 -12.12 -2.70
C LEU A 246 -37.87 -12.99 -3.52
N PRO A 247 -39.17 -13.02 -3.14
CA PRO A 247 -40.13 -13.76 -3.97
C PRO A 247 -40.16 -13.37 -5.41
N LEU A 248 -40.25 -14.35 -6.32
CA LEU A 248 -40.51 -14.06 -7.74
C LEU A 248 -41.54 -12.94 -8.00
N ASP A 249 -42.64 -12.92 -7.25
CA ASP A 249 -43.70 -11.98 -7.61
C ASP A 249 -43.43 -10.55 -7.10
N GLN A 250 -42.28 -10.37 -6.43
CA GLN A 250 -41.75 -9.04 -6.17
C GLN A 250 -40.87 -8.52 -7.31
N PHE A 251 -40.85 -9.28 -8.42
CA PHE A 251 -40.14 -8.88 -9.63
C PHE A 251 -41.07 -8.68 -10.76
N TYR A 252 -40.81 -7.62 -11.52
CA TYR A 252 -41.35 -7.49 -12.84
C TYR A 252 -40.56 -8.39 -13.73
N VAL A 253 -41.27 -9.34 -14.33
CA VAL A 253 -40.64 -10.31 -15.21
C VAL A 253 -40.75 -9.70 -16.61
N VAL A 254 -39.66 -9.08 -17.05
CA VAL A 254 -39.53 -8.35 -18.32
C VAL A 254 -39.43 -9.35 -19.48
N LYS A 255 -40.29 -9.11 -20.47
CA LYS A 255 -40.51 -9.99 -21.61
C LYS A 255 -40.57 -9.12 -22.87
N PRO A 256 -40.33 -9.76 -24.07
CA PRO A 256 -40.52 -9.03 -25.34
C PRO A 256 -41.78 -8.25 -25.35
N GLY A 257 -41.65 -6.99 -25.75
CA GLY A 257 -42.74 -6.03 -25.70
C GLY A 257 -42.62 -4.91 -24.65
N ALA A 258 -41.72 -5.05 -23.67
CA ALA A 258 -41.68 -4.10 -22.53
C ALA A 258 -40.96 -2.72 -22.67
N THR A 259 -41.72 -1.64 -22.87
CA THR A 259 -41.11 -0.29 -22.97
C THR A 259 -40.33 0.05 -21.73
N ALA A 260 -39.36 0.98 -21.84
CA ALA A 260 -38.68 1.53 -20.67
C ALA A 260 -39.73 2.24 -19.80
N GLU A 261 -40.78 2.71 -20.43
CA GLU A 261 -41.82 3.36 -19.67
C GLU A 261 -42.45 2.31 -18.75
N THR A 262 -42.62 1.11 -19.28
CA THR A 262 -43.11 0.00 -18.48
C THR A 262 -42.04 -0.48 -17.42
N ILE A 263 -40.75 -0.46 -17.76
CA ILE A 263 -39.75 -0.87 -16.78
C ILE A 263 -39.67 0.12 -15.63
N ASN A 264 -39.43 1.37 -15.97
CA ASN A 264 -39.37 2.42 -14.97
C ASN A 264 -40.60 2.48 -14.03
N ALA A 265 -41.81 2.32 -14.59
CA ALA A 265 -43.05 2.22 -13.78
C ALA A 265 -42.95 1.08 -12.76
N ALA A 266 -42.36 -0.02 -13.22
CA ALA A 266 -42.19 -1.19 -12.36
C ALA A 266 -41.42 -0.78 -11.12
N VAL A 267 -40.34 -0.03 -11.33
CA VAL A 267 -39.49 0.38 -10.24
C VAL A 267 -40.16 1.40 -9.31
N ASP A 268 -40.97 2.35 -9.83
CA ASP A 268 -41.63 3.30 -8.90
C ASP A 268 -42.59 2.59 -7.96
N GLN A 269 -43.00 1.39 -8.33
CA GLN A 269 -44.01 0.69 -7.56
C GLN A 269 -43.46 -0.42 -6.68
N GLY A 270 -42.13 -0.44 -6.57
CA GLY A 270 -41.51 -1.30 -5.58
C GLY A 270 -41.01 -2.60 -6.14
N LEU A 271 -41.18 -2.82 -7.44
CA LEU A 271 -40.78 -4.10 -8.03
C LEU A 271 -39.33 -4.09 -8.45
N HIS A 272 -38.69 -5.22 -8.24
CA HIS A 272 -37.37 -5.47 -8.78
C HIS A 272 -37.55 -5.88 -10.24
N LEU A 273 -36.45 -6.10 -10.94
CA LEU A 273 -36.48 -6.46 -12.36
C LEU A 273 -35.75 -7.77 -12.66
N LEU A 274 -36.43 -8.64 -13.38
CA LEU A 274 -35.85 -9.86 -13.91
C LEU A 274 -36.03 -9.81 -15.42
N PHE A 275 -34.97 -9.49 -16.12
CA PHE A 275 -34.96 -9.53 -17.57
C PHE A 275 -34.74 -10.97 -18.03
N THR A 276 -35.80 -11.56 -18.59
CA THR A 276 -35.75 -12.89 -19.17
C THR A 276 -34.91 -12.82 -20.44
N PRO A 277 -34.47 -13.97 -20.97
CA PRO A 277 -33.52 -13.87 -22.08
C PRO A 277 -34.16 -13.25 -23.29
N GLY A 278 -33.44 -12.34 -23.91
CA GLY A 278 -33.95 -11.72 -25.11
C GLY A 278 -33.20 -10.42 -25.33
N VAL A 279 -33.63 -9.75 -26.40
CA VAL A 279 -33.07 -8.48 -26.82
C VAL A 279 -34.15 -7.39 -26.79
N TYR A 280 -33.87 -6.35 -26.00
CA TYR A 280 -34.83 -5.33 -25.68
C TYR A 280 -34.37 -3.96 -26.16
N HIS A 281 -35.04 -3.43 -27.17
CA HIS A 281 -34.83 -2.06 -27.55
C HIS A 281 -35.62 -1.11 -26.64
N VAL A 282 -34.96 -0.03 -26.16
CA VAL A 282 -35.61 1.00 -25.40
C VAL A 282 -35.51 2.39 -26.07
N ASP A 283 -36.57 3.19 -25.87
CA ASP A 283 -36.66 4.55 -26.42
C ASP A 283 -36.27 5.62 -25.44
N GLN A 284 -36.29 5.28 -24.17
CA GLN A 284 -35.88 6.18 -23.08
C GLN A 284 -35.00 5.40 -22.08
N PRO A 285 -34.20 6.11 -21.29
CA PRO A 285 -33.33 5.41 -20.34
C PRO A 285 -34.09 4.60 -19.29
N ILE A 286 -33.57 3.42 -18.99
CA ILE A 286 -34.09 2.70 -17.85
C ILE A 286 -33.56 3.39 -16.61
N GLU A 287 -34.46 3.76 -15.72
CA GLU A 287 -34.05 4.42 -14.49
C GLU A 287 -34.25 3.48 -13.34
N ILE A 288 -33.27 3.50 -12.45
CA ILE A 288 -33.46 2.86 -11.17
C ILE A 288 -33.09 3.88 -10.15
N ASP A 289 -34.08 4.38 -9.43
CA ASP A 289 -33.78 5.28 -8.29
C ASP A 289 -34.56 4.88 -7.05
N ARG A 290 -34.49 3.60 -6.74
CA ARG A 290 -35.04 3.07 -5.52
C ARG A 290 -33.96 2.20 -4.89
N ALA A 291 -33.63 2.46 -3.63
CA ALA A 291 -32.60 1.72 -2.98
C ALA A 291 -32.90 0.22 -3.00
N ASN A 292 -31.84 -0.58 -3.01
CA ASN A 292 -31.90 -2.06 -2.94
C ASN A 292 -32.55 -2.77 -4.11
N THR A 293 -32.81 -2.04 -5.19
CA THR A 293 -33.37 -2.68 -6.40
C THR A 293 -32.41 -3.68 -7.02
N VAL A 294 -32.90 -4.89 -7.21
CA VAL A 294 -32.17 -5.89 -8.00
C VAL A 294 -32.66 -5.81 -9.44
N ALA A 295 -31.71 -5.75 -10.38
CA ALA A 295 -31.99 -5.85 -11.80
C ALA A 295 -31.15 -6.95 -12.40
N LEU A 296 -31.77 -8.12 -12.58
CA LEU A 296 -31.05 -9.35 -12.88
C LEU A 296 -31.44 -9.86 -14.26
N GLY A 297 -30.45 -10.07 -15.12
CA GLY A 297 -30.67 -10.64 -16.44
C GLY A 297 -30.42 -12.13 -16.46
N LEU A 298 -31.28 -12.87 -17.18
CA LEU A 298 -31.08 -14.28 -17.44
C LEU A 298 -30.68 -14.47 -18.92
N GLY A 299 -29.86 -15.46 -19.20
CA GLY A 299 -29.63 -15.86 -20.57
C GLY A 299 -29.06 -14.77 -21.49
N LEU A 300 -28.18 -13.92 -20.95
CA LEU A 300 -27.54 -12.86 -21.72
C LEU A 300 -28.53 -11.80 -22.26
N ALA A 301 -29.57 -11.53 -21.46
CA ALA A 301 -30.54 -10.50 -21.76
C ALA A 301 -29.80 -9.24 -22.13
N THR A 302 -30.27 -8.61 -23.22
CA THR A 302 -29.55 -7.51 -23.84
C THR A 302 -30.45 -6.29 -23.96
N ILE A 303 -29.89 -5.11 -23.66
CA ILE A 303 -30.57 -3.84 -23.77
C ILE A 303 -29.95 -3.10 -24.95
N ILE A 304 -30.79 -2.63 -25.88
CA ILE A 304 -30.32 -1.72 -26.94
C ILE A 304 -31.02 -0.37 -26.84
N PRO A 305 -30.23 0.69 -26.59
CA PRO A 305 -30.86 2.01 -26.56
C PRO A 305 -30.96 2.57 -27.96
N ASP A 306 -32.15 2.98 -28.33
CA ASP A 306 -32.40 3.58 -29.64
C ASP A 306 -32.26 5.11 -29.52
N ASN A 307 -32.12 5.82 -30.64
CA ASN A 307 -32.26 7.29 -30.66
C ASN A 307 -31.19 8.01 -29.84
N GLY A 308 -30.09 7.33 -29.61
CA GLY A 308 -28.95 7.92 -28.92
C GLY A 308 -29.16 8.10 -27.43
N VAL A 309 -30.22 7.49 -26.91
CA VAL A 309 -30.44 7.63 -25.48
C VAL A 309 -29.50 6.73 -24.65
N THR A 310 -29.41 7.00 -23.34
CA THR A 310 -28.63 6.21 -22.41
C THR A 310 -29.42 4.97 -22.05
N ALA A 311 -28.77 3.81 -21.91
CA ALA A 311 -29.50 2.56 -21.70
C ALA A 311 -29.96 2.41 -20.27
N LEU A 312 -29.10 2.69 -19.30
CA LEU A 312 -29.43 2.45 -17.91
C LEU A 312 -28.74 3.48 -17.04
N LYS A 313 -29.51 4.04 -16.14
CA LYS A 313 -29.03 5.02 -15.19
C LYS A 313 -29.51 4.59 -13.82
N VAL A 314 -28.57 4.51 -12.90
CA VAL A 314 -28.86 4.28 -11.49
C VAL A 314 -28.75 5.63 -10.77
N GLY A 315 -29.76 5.95 -9.98
CA GLY A 315 -29.70 7.16 -9.16
C GLY A 315 -28.83 7.02 -7.91
N ASP A 316 -28.88 8.03 -7.04
CA ASP A 316 -27.95 8.17 -5.92
C ASP A 316 -28.47 7.48 -4.67
N VAL A 317 -28.64 6.17 -4.79
CA VAL A 317 -29.26 5.36 -3.76
C VAL A 317 -28.36 4.16 -3.41
N ASP A 318 -28.48 3.68 -2.18
CA ASP A 318 -27.78 2.48 -1.73
C ASP A 318 -28.28 1.22 -2.45
N GLY A 319 -27.38 0.25 -2.57
CA GLY A 319 -27.71 -1.15 -2.70
C GLY A 319 -28.30 -1.68 -4.00
N VAL A 320 -28.22 -0.93 -5.08
CA VAL A 320 -28.73 -1.41 -6.35
C VAL A 320 -27.77 -2.47 -6.85
N LYS A 321 -28.35 -3.54 -7.41
CA LYS A 321 -27.59 -4.70 -7.83
C LYS A 321 -28.01 -4.96 -9.25
N VAL A 322 -27.12 -4.61 -10.16
CA VAL A 322 -27.36 -4.84 -11.57
C VAL A 322 -26.48 -6.00 -11.97
N ALA A 323 -27.05 -7.07 -12.56
CA ALA A 323 -26.23 -8.17 -12.95
C ALA A 323 -26.77 -9.01 -14.13
N GLY A 324 -25.83 -9.47 -14.98
CA GLY A 324 -26.12 -10.37 -16.05
C GLY A 324 -26.80 -9.76 -17.26
N LEU A 325 -26.39 -8.53 -17.57
CA LEU A 325 -26.95 -7.80 -18.69
C LEU A 325 -25.87 -7.44 -19.69
N LEU A 326 -26.20 -7.55 -20.98
CA LEU A 326 -25.38 -7.01 -22.06
C LEU A 326 -26.07 -5.75 -22.56
N VAL A 327 -25.36 -4.65 -22.60
CA VAL A 327 -25.89 -3.47 -23.28
C VAL A 327 -25.15 -3.35 -24.59
N ASP A 328 -25.90 -3.20 -25.67
CA ASP A 328 -25.39 -3.21 -27.03
C ASP A 328 -25.74 -1.85 -27.66
N ALA A 329 -24.71 -1.11 -28.09
CA ALA A 329 -24.97 0.22 -28.62
C ALA A 329 -25.81 0.15 -29.89
N GLY A 330 -26.68 1.13 -30.07
CA GLY A 330 -27.40 1.27 -31.33
C GLY A 330 -26.58 2.09 -32.31
N PRO A 331 -26.98 2.07 -33.59
CA PRO A 331 -26.21 2.83 -34.58
C PRO A 331 -26.15 4.33 -34.29
N VAL A 332 -27.18 4.91 -33.68
CA VAL A 332 -27.12 6.32 -33.30
C VAL A 332 -26.27 6.49 -32.03
N ASN A 333 -25.28 7.37 -32.11
CA ASN A 333 -24.39 7.57 -30.97
C ASN A 333 -25.10 7.98 -29.68
N SER A 334 -24.86 7.19 -28.63
CA SER A 334 -25.21 7.58 -27.28
C SER A 334 -24.08 8.27 -26.54
N GLU A 335 -24.40 9.39 -25.90
CA GLU A 335 -23.48 10.12 -25.00
C GLU A 335 -22.86 9.17 -23.98
N THR A 336 -23.74 8.41 -23.34
CA THR A 336 -23.35 7.36 -22.40
C THR A 336 -24.24 6.15 -22.60
N LEU A 337 -23.76 4.95 -22.22
CA LEU A 337 -24.61 3.77 -22.29
C LEU A 337 -25.10 3.35 -20.92
N VAL A 338 -24.21 3.47 -19.93
CA VAL A 338 -24.57 3.20 -18.55
C VAL A 338 -24.06 4.31 -17.64
N GLU A 339 -24.92 4.83 -16.78
CA GLU A 339 -24.47 5.79 -15.74
C GLU A 339 -24.75 5.19 -14.36
N VAL A 340 -23.80 5.34 -13.42
CA VAL A 340 -24.08 4.93 -12.06
C VAL A 340 -23.93 6.14 -11.14
N GLY A 341 -25.10 6.67 -10.80
CA GLY A 341 -25.21 7.91 -10.09
C GLY A 341 -25.19 9.12 -10.97
N SER A 342 -25.65 10.23 -10.40
CA SER A 342 -25.61 11.53 -11.05
C SER A 342 -24.28 12.22 -11.22
N ASP A 343 -24.24 12.93 -12.37
CA ASP A 343 -23.09 13.69 -12.76
C ASP A 343 -23.01 14.67 -11.56
N GLY A 344 -21.98 14.48 -10.73
CA GLY A 344 -21.67 15.35 -9.58
C GLY A 344 -22.63 15.25 -8.36
N ALA A 345 -22.19 14.37 -7.44
CA ALA A 345 -22.99 13.72 -6.37
C ALA A 345 -21.91 13.08 -5.47
N SER A 346 -22.02 13.16 -4.15
CA SER A 346 -20.83 12.81 -3.32
C SER A 346 -21.16 12.24 -1.92
N GLY A 347 -22.40 11.86 -1.77
CA GLY A 347 -22.84 11.13 -0.60
C GLY A 347 -22.02 9.87 -0.54
N ASP A 348 -22.29 9.00 0.41
CA ASP A 348 -21.57 7.77 0.52
C ASP A 348 -22.51 6.57 0.58
N HIS A 349 -21.99 5.38 0.26
CA HIS A 349 -22.80 4.18 0.20
C HIS A 349 -22.04 2.98 0.74
N ALA A 350 -21.32 3.22 1.85
CA ALA A 350 -20.26 2.29 2.26
C ALA A 350 -20.79 0.97 2.79
N ALA A 351 -21.86 0.98 3.58
CA ALA A 351 -22.33 -0.29 4.14
C ALA A 351 -23.05 -1.09 3.04
N ASN A 352 -23.80 -0.36 2.19
CA ASN A 352 -24.65 -0.95 1.17
C ASN A 352 -24.48 -0.33 -0.21
N PRO A 353 -23.35 -0.65 -0.86
CA PRO A 353 -23.00 -0.04 -2.13
C PRO A 353 -23.83 -0.57 -3.28
N THR A 354 -23.79 0.15 -4.41
CA THR A 354 -24.35 -0.33 -5.65
C THR A 354 -23.26 -1.13 -6.35
N SER A 355 -23.66 -2.19 -7.08
CA SER A 355 -22.70 -2.99 -7.87
C SER A 355 -23.18 -3.29 -9.28
N LEU A 356 -22.23 -3.35 -10.19
CA LEU A 356 -22.38 -3.94 -11.51
C LEU A 356 -21.71 -5.30 -11.53
N GLN A 357 -22.44 -6.35 -11.89
CA GLN A 357 -21.90 -7.71 -11.92
C GLN A 357 -22.25 -8.40 -13.23
N ASP A 358 -21.25 -8.93 -13.93
CA ASP A 358 -21.45 -9.50 -15.26
C ASP A 358 -22.31 -8.56 -16.12
N VAL A 359 -21.88 -7.29 -16.19
CA VAL A 359 -22.54 -6.28 -16.98
C VAL A 359 -21.63 -5.95 -18.13
N PHE A 360 -21.96 -6.43 -19.33
CA PHE A 360 -21.09 -6.38 -20.50
C PHE A 360 -21.60 -5.32 -21.45
N VAL A 361 -20.69 -4.62 -22.12
CA VAL A 361 -21.07 -3.58 -23.10
C VAL A 361 -20.42 -3.92 -24.42
N ARG A 362 -21.18 -3.77 -25.51
CA ARG A 362 -20.65 -3.99 -26.84
C ARG A 362 -20.96 -2.77 -27.68
N ILE A 363 -19.96 -2.32 -28.46
CA ILE A 363 -20.15 -1.26 -29.44
C ILE A 363 -19.80 -1.79 -30.82
N GLY A 364 -20.82 -2.06 -31.63
CA GLY A 364 -20.65 -2.66 -32.94
C GLY A 364 -20.51 -4.16 -32.91
N GLY A 365 -20.39 -4.77 -34.10
CA GLY A 365 -20.14 -6.21 -34.24
C GLY A 365 -21.38 -6.89 -34.80
N ALA A 366 -22.53 -6.43 -34.37
CA ALA A 366 -23.83 -6.97 -34.82
C ALA A 366 -24.61 -5.92 -35.59
N GLY A 367 -23.85 -5.18 -36.38
CA GLY A 367 -24.36 -4.04 -37.09
C GLY A 367 -23.92 -2.80 -36.35
N PRO A 368 -23.82 -1.67 -37.07
CA PRO A 368 -23.12 -0.50 -36.53
C PRO A 368 -23.61 -0.05 -35.18
N GLY A 369 -22.67 0.38 -34.35
CA GLY A 369 -22.99 0.95 -33.06
C GLY A 369 -21.94 1.98 -32.64
N LYS A 370 -22.34 3.00 -31.86
CA LYS A 370 -21.45 4.08 -31.46
C LYS A 370 -21.84 4.58 -30.09
N ALA A 371 -20.86 4.96 -29.28
CA ALA A 371 -21.13 5.61 -28.03
C ALA A 371 -19.88 6.36 -27.60
N THR A 372 -20.06 7.55 -27.03
CA THR A 372 -18.95 8.40 -26.63
C THR A 372 -18.22 7.81 -25.40
N THR A 373 -18.99 7.52 -24.36
CA THR A 373 -18.46 6.86 -23.17
C THR A 373 -19.42 5.69 -22.94
N SER A 374 -18.94 4.61 -22.35
CA SER A 374 -19.79 3.44 -22.21
C SER A 374 -20.37 3.31 -20.81
N ILE A 375 -19.48 3.32 -19.83
CA ILE A 375 -19.89 3.32 -18.43
C ILE A 375 -19.27 4.49 -17.71
N VAL A 376 -20.08 5.27 -17.01
CA VAL A 376 -19.62 6.29 -16.08
C VAL A 376 -20.05 5.95 -14.66
N VAL A 377 -19.08 5.92 -13.76
CA VAL A 377 -19.35 5.58 -12.37
C VAL A 377 -19.15 6.84 -11.51
N ASN A 378 -20.25 7.48 -11.14
CA ASN A 378 -20.18 8.64 -10.25
C ASN A 378 -20.33 8.32 -8.76
N SER A 379 -21.12 7.29 -8.45
CA SER A 379 -21.46 6.96 -7.07
C SER A 379 -20.33 6.36 -6.27
N ASN A 380 -20.06 7.03 -5.17
CA ASN A 380 -19.05 6.58 -4.27
C ASN A 380 -19.33 5.15 -3.79
N ASP A 381 -18.26 4.42 -3.58
CA ASP A 381 -18.28 3.09 -3.00
C ASP A 381 -18.82 1.98 -3.95
N THR A 382 -19.07 2.33 -5.19
CA THR A 382 -19.57 1.38 -6.19
C THR A 382 -18.57 0.22 -6.41
N ILE A 383 -19.11 -0.99 -6.51
CA ILE A 383 -18.37 -2.21 -6.87
C ILE A 383 -18.60 -2.60 -8.34
N ILE A 384 -17.53 -2.68 -9.13
CA ILE A 384 -17.59 -3.23 -10.48
C ILE A 384 -16.93 -4.61 -10.39
N ASP A 385 -17.74 -5.68 -10.40
CA ASP A 385 -17.25 -7.06 -10.23
C ASP A 385 -17.56 -7.88 -11.47
N HIS A 386 -16.52 -8.05 -12.28
CA HIS A 386 -16.59 -8.60 -13.63
C HIS A 386 -17.36 -7.76 -14.65
N THR A 387 -16.63 -7.03 -15.46
CA THR A 387 -17.24 -6.30 -16.56
C THR A 387 -16.41 -6.51 -17.83
N TRP A 388 -17.04 -6.54 -19.01
CA TRP A 388 -16.30 -6.48 -20.30
C TRP A 388 -16.94 -5.39 -21.10
N VAL A 389 -16.13 -4.38 -21.42
CA VAL A 389 -16.58 -3.17 -22.10
C VAL A 389 -15.74 -3.15 -23.37
N TRP A 390 -16.41 -3.45 -24.47
CA TRP A 390 -15.74 -3.90 -25.69
C TRP A 390 -16.24 -3.17 -26.92
N ARG A 391 -15.36 -2.37 -27.52
CA ARG A 391 -15.63 -1.83 -28.82
C ARG A 391 -15.25 -2.91 -29.80
N ALA A 392 -16.21 -3.38 -30.59
CA ALA A 392 -15.99 -4.54 -31.45
C ALA A 392 -14.82 -4.37 -32.45
N ASP A 393 -13.96 -5.40 -32.52
CA ASP A 393 -12.84 -5.44 -33.47
C ASP A 393 -13.16 -6.26 -34.72
N HIS A 394 -14.23 -7.03 -34.66
CA HIS A 394 -14.64 -7.85 -35.80
C HIS A 394 -16.14 -7.92 -35.80
N GLY A 395 -16.65 -8.51 -36.86
CA GLY A 395 -18.07 -8.61 -37.10
C GLY A 395 -18.52 -7.51 -38.05
N GLU A 396 -19.80 -7.19 -37.97
CA GLU A 396 -20.43 -6.24 -38.89
C GLU A 396 -20.50 -4.86 -38.29
N GLY A 397 -20.31 -3.85 -39.14
CA GLY A 397 -20.42 -2.48 -38.66
C GLY A 397 -19.30 -2.02 -37.75
N VAL A 398 -18.07 -2.44 -38.05
CA VAL A 398 -16.88 -1.94 -37.37
C VAL A 398 -16.05 -1.08 -38.34
N GLY A 399 -15.33 -0.13 -37.80
CA GLY A 399 -14.67 0.90 -38.59
C GLY A 399 -14.18 2.00 -37.66
N TRP A 400 -13.05 2.63 -38.03
CA TRP A 400 -12.39 3.60 -37.13
C TRP A 400 -13.40 4.70 -36.84
N GLU A 401 -14.25 4.98 -37.82
CA GLU A 401 -15.43 5.83 -37.65
C GLU A 401 -16.71 5.03 -37.48
N THR A 402 -16.86 3.93 -38.22
CA THR A 402 -18.13 3.22 -38.30
C THR A 402 -18.64 2.83 -36.91
N ASN A 403 -17.74 2.34 -36.06
CA ASN A 403 -18.09 2.08 -34.66
C ASN A 403 -17.14 2.78 -33.71
N ARG A 404 -16.74 4.04 -34.02
CA ARG A 404 -15.94 4.80 -33.06
C ARG A 404 -16.63 4.84 -31.74
N ALA A 405 -15.84 4.61 -30.70
CA ALA A 405 -16.26 4.77 -29.32
C ALA A 405 -15.06 5.29 -28.55
N ASP A 406 -15.09 6.56 -28.16
CA ASP A 406 -13.88 7.18 -27.62
C ASP A 406 -13.44 6.62 -26.26
N TYR A 407 -14.39 6.40 -25.35
CA TYR A 407 -14.07 6.13 -23.95
C TYR A 407 -14.83 4.91 -23.41
N GLY A 408 -14.13 4.03 -22.69
CA GLY A 408 -14.76 2.83 -22.16
C GLY A 408 -15.44 3.06 -20.82
N VAL A 409 -14.64 3.12 -19.76
CA VAL A 409 -15.13 3.40 -18.44
C VAL A 409 -14.44 4.63 -17.90
N HIS A 410 -15.26 5.46 -17.26
CA HIS A 410 -14.76 6.63 -16.56
C HIS A 410 -15.26 6.58 -15.13
N VAL A 411 -14.34 6.43 -14.18
CA VAL A 411 -14.74 6.34 -12.77
C VAL A 411 -14.50 7.69 -12.16
N LYS A 412 -15.56 8.31 -11.68
CA LYS A 412 -15.48 9.64 -11.05
C LYS A 412 -15.88 9.63 -9.58
N GLY A 413 -16.47 8.53 -9.10
CA GLY A 413 -16.75 8.39 -7.69
C GLY A 413 -15.50 8.02 -6.89
N ASP A 414 -15.63 8.12 -5.55
CA ASP A 414 -14.57 7.81 -4.62
C ASP A 414 -14.80 6.42 -4.01
N ASN A 415 -13.71 5.77 -3.63
CA ASN A 415 -13.72 4.45 -3.00
C ASN A 415 -14.38 3.37 -3.89
N VAL A 416 -14.26 3.55 -5.20
CA VAL A 416 -14.81 2.59 -6.16
C VAL A 416 -13.84 1.42 -6.31
N LEU A 417 -14.38 0.21 -6.44
CA LEU A 417 -13.56 -1.00 -6.52
C LEU A 417 -13.96 -1.74 -7.77
N ALA A 418 -12.97 -2.07 -8.59
CA ALA A 418 -13.18 -2.87 -9.79
C ALA A 418 -12.39 -4.18 -9.66
N THR A 419 -13.10 -5.31 -9.59
CA THR A 419 -12.50 -6.63 -9.52
C THR A 419 -12.85 -7.39 -10.82
N GLY A 420 -11.84 -7.66 -11.64
CA GLY A 420 -12.08 -8.36 -12.90
C GLY A 420 -12.52 -7.38 -13.99
N LEU A 421 -11.64 -6.45 -14.33
CA LEU A 421 -11.99 -5.37 -15.26
C LEU A 421 -11.40 -5.63 -16.64
N PHE A 422 -12.24 -5.81 -17.66
CA PHE A 422 -11.79 -6.11 -19.03
C PHE A 422 -12.34 -4.99 -19.96
N VAL A 423 -11.48 -4.20 -20.60
CA VAL A 423 -11.96 -3.09 -21.42
C VAL A 423 -11.07 -2.95 -22.66
N GLU A 424 -11.66 -2.98 -23.85
CA GLU A 424 -10.83 -3.13 -25.08
C GLU A 424 -11.32 -2.32 -26.27
N HIS A 425 -10.31 -1.75 -26.92
CA HIS A 425 -10.32 -1.24 -28.30
C HIS A 425 -10.94 0.14 -28.49
N PHE A 426 -11.02 0.94 -27.43
CA PHE A 426 -11.55 2.28 -27.59
C PHE A 426 -10.62 3.24 -28.38
N ASN A 427 -11.21 4.23 -29.06
CA ASN A 427 -10.42 5.15 -29.89
C ASN A 427 -9.49 6.02 -29.04
N LYS A 428 -9.92 6.30 -27.80
CA LYS A 428 -9.15 7.11 -26.86
C LYS A 428 -8.88 6.32 -25.57
N TYR A 429 -9.08 6.89 -24.36
CA TYR A 429 -8.73 6.14 -23.16
C TYR A 429 -9.79 5.07 -22.87
N ASP A 430 -9.33 3.84 -22.73
CA ASP A 430 -10.22 2.75 -22.41
C ASP A 430 -10.81 2.91 -21.01
N VAL A 431 -9.93 3.21 -20.08
CA VAL A 431 -10.31 3.51 -18.71
C VAL A 431 -9.66 4.79 -18.23
N GLN A 432 -10.49 5.67 -17.64
CA GLN A 432 -10.06 6.85 -16.91
C GLN A 432 -10.57 6.82 -15.48
N TRP A 433 -9.72 7.25 -14.55
CA TRP A 433 -10.09 7.29 -13.15
C TRP A 433 -9.79 8.67 -12.57
N SER A 434 -10.87 9.34 -12.14
CA SER A 434 -10.81 10.74 -11.70
C SER A 434 -11.22 10.91 -10.24
N GLY A 435 -11.71 9.82 -9.65
CA GLY A 435 -12.14 9.81 -8.26
C GLY A 435 -11.04 9.36 -7.35
N GLU A 436 -11.21 9.52 -6.03
CA GLU A 436 -10.18 9.16 -5.08
C GLU A 436 -10.29 7.74 -4.56
N ASN A 437 -9.13 7.21 -4.17
CA ASN A 437 -9.04 5.94 -3.47
C ASN A 437 -9.61 4.77 -4.27
N GLY A 438 -9.49 4.85 -5.57
CA GLY A 438 -9.92 3.77 -6.41
C GLY A 438 -8.98 2.57 -6.25
N LYS A 439 -9.53 1.38 -6.44
CA LYS A 439 -8.78 0.12 -6.43
C LYS A 439 -9.20 -0.73 -7.63
N THR A 440 -8.23 -1.25 -8.39
CA THR A 440 -8.50 -2.27 -9.42
C THR A 440 -7.67 -3.52 -9.14
N ILE A 441 -8.37 -4.64 -9.02
CA ILE A 441 -7.75 -5.95 -8.96
C ILE A 441 -8.08 -6.69 -10.23
N PHE A 442 -7.04 -6.86 -11.05
CA PHE A 442 -7.06 -7.43 -12.40
C PHE A 442 -7.62 -6.49 -13.47
N TYR A 443 -6.76 -6.20 -14.46
CA TYR A 443 -7.16 -5.50 -15.66
C TYR A 443 -6.61 -6.14 -16.92
N GLN A 444 -7.49 -6.28 -17.90
CA GLN A 444 -7.10 -6.73 -19.23
C GLN A 444 -7.62 -5.72 -20.26
N ASN A 445 -6.70 -5.26 -21.09
CA ASN A 445 -7.01 -4.40 -22.23
C ASN A 445 -6.27 -4.86 -23.46
N ALA A 446 -6.91 -4.69 -24.62
CA ALA A 446 -6.22 -4.61 -25.90
C ALA A 446 -6.49 -3.20 -26.43
N LYS A 447 -5.58 -2.69 -27.23
CA LYS A 447 -5.80 -1.37 -27.81
C LYS A 447 -6.61 -1.51 -29.09
N ALA A 448 -7.09 -0.39 -29.60
CA ALA A 448 -7.76 -0.36 -30.89
C ALA A 448 -6.90 -1.10 -31.91
N TYR A 449 -7.50 -2.03 -32.65
CA TYR A 449 -6.76 -2.87 -33.56
C TYR A 449 -6.75 -2.19 -34.92
N ASP A 450 -7.63 -1.19 -35.10
CA ASP A 450 -7.88 -0.59 -36.41
C ASP A 450 -7.39 0.87 -36.63
N ALA A 451 -6.55 1.41 -35.74
CA ALA A 451 -6.07 2.77 -35.85
C ALA A 451 -5.35 2.96 -37.20
N PRO A 452 -5.67 4.03 -37.94
CA PRO A 452 -5.17 4.22 -39.31
C PRO A 452 -3.70 4.60 -39.44
N ASP A 453 -3.19 5.34 -38.47
CA ASP A 453 -1.87 5.94 -38.61
C ASP A 453 -1.59 6.65 -37.29
N GLN A 454 -0.33 7.08 -37.10
CA GLN A 454 0.09 7.68 -35.85
C GLN A 454 -0.68 8.97 -35.53
N ALA A 455 -1.14 9.64 -36.57
CA ALA A 455 -1.85 10.90 -36.33
C ALA A 455 -3.22 10.69 -35.70
N ALA A 456 -3.89 9.59 -36.04
CA ALA A 456 -5.25 9.33 -35.51
C ALA A 456 -5.33 9.13 -33.99
N ILE A 457 -4.18 8.93 -33.37
CA ILE A 457 -4.11 8.59 -31.95
C ILE A 457 -3.15 9.50 -31.19
N GLN A 458 -2.68 10.54 -31.86
CA GLN A 458 -1.82 11.51 -31.20
C GLN A 458 -2.63 12.22 -30.11
N ASN A 459 -2.07 12.32 -28.89
CA ASN A 459 -2.81 12.80 -27.70
C ASN A 459 -1.95 13.80 -26.95
N GLY A 460 -1.98 15.03 -27.42
CA GLY A 460 -1.06 16.05 -26.94
C GLY A 460 0.33 15.75 -27.47
N ASP A 461 1.32 15.77 -26.59
CA ASP A 461 2.69 15.37 -26.95
C ASP A 461 2.87 13.85 -26.67
N ILE A 462 1.77 13.13 -26.41
CA ILE A 462 1.83 11.67 -26.14
C ILE A 462 1.40 10.87 -27.36
N LYS A 463 2.17 9.84 -27.73
CA LYS A 463 1.69 8.92 -28.78
C LYS A 463 0.65 7.95 -28.27
N GLY A 464 -0.57 8.06 -28.77
CA GLY A 464 -1.68 7.24 -28.30
C GLY A 464 -2.24 7.62 -26.95
N TYR A 465 -3.31 6.91 -26.55
CA TYR A 465 -4.01 7.14 -25.30
C TYR A 465 -3.84 5.92 -24.40
N ALA A 466 -3.52 6.17 -23.17
CA ALA A 466 -3.33 5.07 -22.24
C ALA A 466 -4.53 4.17 -22.22
N ALA A 467 -4.31 2.88 -22.04
CA ALA A 467 -5.40 1.94 -21.68
C ALA A 467 -6.03 2.25 -20.32
N TYR A 468 -5.26 2.81 -19.41
CA TYR A 468 -5.72 3.03 -18.03
C TYR A 468 -5.00 4.27 -17.54
N LYS A 469 -5.82 5.32 -17.35
CA LYS A 469 -5.39 6.65 -17.05
C LYS A 469 -5.92 7.13 -15.69
N VAL A 470 -4.98 7.41 -14.79
CA VAL A 470 -5.28 8.02 -13.52
C VAL A 470 -5.03 9.49 -13.68
N ASP A 471 -6.05 10.31 -13.39
CA ASP A 471 -5.89 11.76 -13.53
C ASP A 471 -4.80 12.34 -12.62
N ASP A 472 -4.24 13.47 -13.05
CA ASP A 472 -3.19 14.15 -12.30
C ASP A 472 -3.55 14.59 -10.91
N SER A 473 -4.76 15.11 -10.68
CA SER A 473 -5.07 15.56 -9.32
C SER A 473 -5.46 14.44 -8.33
N VAL A 474 -5.42 13.19 -8.80
CA VAL A 474 -5.68 12.05 -7.91
C VAL A 474 -4.55 11.88 -6.85
N THR A 475 -4.97 11.74 -5.59
CA THR A 475 -4.06 11.52 -4.47
C THR A 475 -3.76 10.06 -4.13
N THR A 476 -4.80 9.20 -4.16
CA THR A 476 -4.67 7.85 -3.68
C THR A 476 -5.35 6.96 -4.74
N HIS A 477 -4.62 5.95 -5.22
CA HIS A 477 -5.16 4.97 -6.19
C HIS A 477 -4.33 3.73 -6.08
N GLU A 478 -4.92 2.57 -6.34
CA GLU A 478 -4.11 1.37 -6.35
C GLU A 478 -4.63 0.30 -7.31
N GLY A 479 -3.68 -0.30 -8.04
CA GLY A 479 -3.98 -1.31 -9.04
C GLY A 479 -3.06 -2.52 -8.98
N TRP A 480 -3.63 -3.71 -9.14
CA TRP A 480 -2.90 -4.97 -9.11
C TRP A 480 -3.17 -5.83 -10.33
N GLY A 481 -2.11 -6.28 -10.99
CA GLY A 481 -2.26 -7.32 -12.02
C GLY A 481 -2.94 -6.86 -13.31
N MET A 482 -2.24 -5.99 -14.04
CA MET A 482 -2.83 -5.24 -15.13
C MET A 482 -1.99 -5.29 -16.42
N GLY A 483 -2.64 -5.66 -17.51
CA GLY A 483 -1.99 -5.78 -18.80
C GLY A 483 -2.72 -5.08 -19.95
N SER A 484 -1.93 -4.48 -20.83
CA SER A 484 -2.46 -3.87 -22.06
C SER A 484 -1.72 -4.47 -23.27
N TYR A 485 -2.48 -4.93 -24.27
CA TYR A 485 -1.89 -5.54 -25.47
C TYR A 485 -2.19 -4.69 -26.73
N CYS A 486 -1.29 -4.73 -27.70
CA CYS A 486 -1.52 -4.04 -28.98
C CYS A 486 -1.44 -5.00 -30.19
N TYR A 487 -2.23 -4.69 -31.21
CA TYR A 487 -2.26 -5.42 -32.46
C TYR A 487 -2.75 -4.45 -33.53
N PHE A 488 -1.81 -3.60 -33.92
CA PHE A 488 -2.12 -2.55 -34.87
C PHE A 488 -1.96 -3.21 -36.24
N ASN A 489 -2.95 -4.03 -36.61
CA ASN A 489 -2.91 -4.85 -37.83
C ASN A 489 -3.00 -4.00 -39.07
N VAL A 490 -3.82 -2.97 -39.00
CA VAL A 490 -3.97 -2.12 -40.15
C VAL A 490 -2.67 -1.38 -40.44
N ASN A 491 -2.09 -0.75 -39.42
CA ASN A 491 -0.85 0.02 -39.58
C ASN A 491 0.17 -0.32 -38.47
N PRO A 492 0.92 -1.42 -38.68
CA PRO A 492 1.82 -1.85 -37.61
C PRO A 492 3.11 -1.05 -37.44
N ASP A 493 3.25 0.08 -38.12
CA ASP A 493 4.31 1.01 -37.81
C ASP A 493 3.97 1.91 -36.63
N ILE A 494 2.72 1.87 -36.19
CA ILE A 494 2.28 2.70 -35.09
C ILE A 494 3.07 2.38 -33.83
N ARG A 495 3.24 3.41 -33.02
CA ARG A 495 3.78 3.31 -31.68
C ARG A 495 2.78 3.77 -30.62
N GLN A 496 2.67 2.95 -29.57
CA GLN A 496 1.82 3.26 -28.41
C GLN A 496 2.75 3.63 -27.27
N GLN A 497 2.64 4.83 -26.76
CA GLN A 497 3.67 5.31 -25.88
C GLN A 497 3.66 4.55 -24.57
N HIS A 498 2.47 4.18 -24.06
CA HIS A 498 2.39 3.37 -22.83
C HIS A 498 1.02 2.71 -22.68
N GLY A 499 0.94 1.71 -21.79
CA GLY A 499 -0.34 1.14 -21.42
C GLY A 499 -1.06 1.90 -20.33
N PHE A 500 -0.29 2.54 -19.46
CA PHE A 500 -0.76 3.18 -18.23
C PHE A 500 -0.22 4.60 -18.07
N GLN A 501 -1.01 5.49 -17.50
CA GLN A 501 -0.56 6.85 -17.21
C GLN A 501 -1.11 7.31 -15.87
N ALA A 502 -0.23 7.85 -15.01
CA ALA A 502 -0.66 8.31 -13.67
C ALA A 502 0.30 9.35 -13.17
N PRO A 503 -0.19 10.25 -12.29
CA PRO A 503 0.81 11.05 -11.60
C PRO A 503 1.74 10.19 -10.75
N VAL A 504 2.90 10.76 -10.46
CA VAL A 504 3.91 10.08 -9.67
C VAL A 504 3.84 10.65 -8.23
N LYS A 505 3.31 9.83 -7.32
CA LYS A 505 2.92 10.22 -5.96
C LYS A 505 2.95 8.98 -5.07
N PRO A 506 3.33 9.15 -3.79
CA PRO A 506 3.53 7.99 -2.93
C PRO A 506 2.32 7.04 -2.75
N GLY A 507 1.11 7.53 -3.00
CA GLY A 507 -0.08 6.74 -2.73
C GLY A 507 -0.86 6.28 -3.95
N VAL A 508 -0.24 6.38 -5.15
CA VAL A 508 -0.92 6.10 -6.44
C VAL A 508 -0.21 4.89 -7.04
N LYS A 509 -0.32 3.77 -6.34
CA LYS A 509 0.62 2.68 -6.57
C LYS A 509 0.06 1.62 -7.50
N PHE A 510 0.96 1.03 -8.28
CA PHE A 510 0.65 -0.12 -9.10
C PHE A 510 1.57 -1.29 -8.80
N HIS A 511 1.01 -2.47 -9.01
CA HIS A 511 1.69 -3.73 -8.83
C HIS A 511 1.43 -4.62 -10.01
N ASP A 512 2.52 -5.12 -10.58
CA ASP A 512 2.50 -6.14 -11.63
C ASP A 512 1.77 -5.65 -12.88
N LEU A 513 2.42 -4.71 -13.57
CA LEU A 513 1.95 -4.15 -14.82
C LEU A 513 2.69 -4.79 -16.00
N LEU A 514 1.97 -4.98 -17.08
CA LEU A 514 2.63 -5.44 -18.31
C LEU A 514 2.00 -4.85 -19.58
N VAL A 515 2.81 -4.72 -20.62
CA VAL A 515 2.33 -4.46 -21.98
C VAL A 515 2.89 -5.46 -22.94
N VAL A 516 2.13 -5.75 -24.01
CA VAL A 516 2.48 -6.79 -24.95
C VAL A 516 2.11 -6.44 -26.37
N SER A 517 3.08 -6.56 -27.28
CA SER A 517 2.78 -6.47 -28.70
C SER A 517 2.46 -7.84 -29.28
N LEU A 518 1.25 -7.98 -29.85
CA LEU A 518 0.88 -9.24 -30.44
C LEU A 518 1.45 -9.39 -31.87
N GLY A 519 2.44 -10.25 -32.04
CA GLY A 519 3.03 -10.50 -33.35
C GLY A 519 3.78 -9.28 -33.91
N GLY A 520 4.18 -8.38 -33.02
CA GLY A 520 4.99 -7.24 -33.37
C GLY A 520 4.26 -6.28 -34.28
N LYS A 521 2.94 -6.36 -34.28
CA LYS A 521 2.06 -5.41 -34.98
C LYS A 521 1.91 -4.13 -34.15
N GLY A 522 2.78 -3.17 -34.43
CA GLY A 522 2.91 -2.03 -33.54
C GLY A 522 3.77 -2.40 -32.36
N GLN A 523 4.24 -1.39 -31.63
CA GLN A 523 5.01 -1.62 -30.41
C GLN A 523 4.68 -0.57 -29.33
N TYR A 524 4.87 -0.95 -28.07
CA TYR A 524 4.81 0.01 -26.96
C TYR A 524 6.19 0.64 -26.78
N GLU A 525 6.25 1.93 -26.44
CA GLU A 525 7.51 2.59 -26.06
C GLU A 525 7.91 2.38 -24.62
N HIS A 526 6.90 2.21 -23.77
CA HIS A 526 7.10 2.01 -22.35
C HIS A 526 5.88 1.33 -21.79
N VAL A 527 5.94 0.99 -20.50
CA VAL A 527 4.82 0.38 -19.82
C VAL A 527 3.83 1.41 -19.23
N ILE A 528 4.36 2.31 -18.44
CA ILE A 528 3.55 3.31 -17.74
C ILE A 528 4.32 4.61 -17.64
N ASN A 529 3.70 5.70 -18.10
CA ASN A 529 4.43 6.93 -18.28
C ASN A 529 5.69 6.57 -19.17
N ASP A 530 6.92 6.88 -18.74
CA ASP A 530 8.12 6.47 -19.50
C ASP A 530 9.05 5.47 -18.83
N ILE A 531 8.43 4.76 -17.91
CA ILE A 531 9.02 3.75 -17.10
C ILE A 531 8.77 2.44 -17.82
N GLY A 532 9.78 1.58 -17.80
CA GLY A 532 9.68 0.26 -18.38
C GLY A 532 10.16 0.29 -19.82
N ASP A 533 10.58 -0.88 -20.26
CA ASP A 533 11.21 -1.00 -21.55
C ASP A 533 10.18 -1.03 -22.66
N PRO A 534 10.59 -0.62 -23.85
CA PRO A 534 9.62 -0.76 -24.94
C PRO A 534 9.41 -2.22 -25.21
N THR A 535 8.37 -2.57 -25.94
CA THR A 535 8.36 -3.91 -26.47
C THR A 535 9.39 -3.90 -27.61
N SER A 536 9.65 -5.09 -28.16
CA SER A 536 10.57 -5.28 -29.26
C SER A 536 10.38 -6.67 -29.86
N GLY A 537 10.63 -6.79 -31.15
CA GLY A 537 10.58 -8.05 -31.89
C GLY A 537 9.15 -8.39 -32.33
N ASP A 538 8.98 -9.59 -32.90
CA ASP A 538 7.67 -10.10 -33.30
C ASP A 538 7.35 -11.35 -32.49
N THR A 539 8.02 -11.50 -31.36
CA THR A 539 7.96 -12.76 -30.60
C THR A 539 7.00 -12.70 -29.36
N THR A 540 6.26 -11.60 -29.25
CA THR A 540 5.17 -11.47 -28.26
C THR A 540 5.67 -11.74 -26.85
N ILE A 541 6.67 -10.98 -26.45
CA ILE A 541 7.26 -11.06 -25.11
C ILE A 541 6.82 -9.86 -24.27
N PRO A 542 6.16 -10.09 -23.14
CA PRO A 542 5.74 -8.91 -22.36
C PRO A 542 6.82 -8.00 -21.73
N SER A 543 6.66 -6.69 -21.88
CA SER A 543 7.43 -5.74 -21.07
C SER A 543 6.72 -5.48 -19.74
N GLN A 544 7.45 -5.70 -18.64
CA GLN A 544 6.85 -5.76 -17.31
C GLN A 544 7.37 -4.66 -16.41
N VAL A 545 6.53 -4.26 -15.47
CA VAL A 545 6.93 -3.35 -14.41
C VAL A 545 6.36 -3.94 -13.11
N VAL A 546 7.22 -4.25 -12.13
CA VAL A 546 6.75 -4.89 -10.91
C VAL A 546 6.03 -3.93 -9.93
N SER A 547 6.66 -2.80 -9.63
CA SER A 547 6.10 -1.80 -8.68
C SER A 547 6.21 -0.40 -9.30
N PHE A 548 5.09 0.31 -9.32
CA PHE A 548 5.09 1.69 -9.71
C PHE A 548 4.64 2.39 -8.44
N PRO A 549 5.46 3.30 -8.00
CA PRO A 549 6.93 3.13 -8.06
C PRO A 549 7.38 2.39 -6.80
N VAL B 2 -13.60 16.32 19.98
CA VAL B 2 -12.69 15.19 20.20
C VAL B 2 -13.10 14.34 21.39
N VAL B 3 -13.09 13.03 21.17
CA VAL B 3 -13.33 12.05 22.23
C VAL B 3 -11.98 11.41 22.53
N GLY B 4 -11.80 10.81 23.70
CA GLY B 4 -10.61 10.00 23.93
C GLY B 4 -10.80 8.55 23.54
N GLY B 5 -9.68 7.84 23.38
CA GLY B 5 -9.65 6.42 23.06
C GLY B 5 -10.11 6.07 21.65
N GLY B 6 -10.34 4.78 21.44
CA GLY B 6 -10.71 4.32 20.11
C GLY B 6 -9.69 3.34 19.56
N ASP B 7 -10.07 2.60 18.53
CA ASP B 7 -9.24 1.51 17.99
C ASP B 7 -7.86 2.04 17.58
N LEU B 8 -6.88 1.21 17.24
CA LEU B 8 -5.58 1.74 16.83
C LEU B 8 -5.52 1.93 15.30
N GLY B 9 -6.54 1.45 14.61
CA GLY B 9 -6.56 1.48 13.16
C GLY B 9 -5.81 0.30 12.59
N PRO B 10 -5.90 0.12 11.25
CA PRO B 10 -5.41 -1.06 10.52
C PRO B 10 -3.89 -1.14 10.27
N ASN B 11 -3.18 -0.02 10.44
CA ASN B 11 -1.72 -0.03 10.45
C ASN B 11 -1.08 -0.37 11.80
N VAL B 12 -1.89 -0.66 12.82
CA VAL B 12 -1.38 -1.23 14.06
C VAL B 12 -1.88 -2.67 14.11
N LEU B 13 -0.96 -3.60 13.87
CA LEU B 13 -1.25 -5.03 13.84
C LEU B 13 -0.94 -5.60 15.22
N VAL B 14 -1.96 -6.13 15.89
CA VAL B 14 -1.81 -6.58 17.29
C VAL B 14 -1.94 -8.10 17.39
N PHE B 15 -0.80 -8.75 17.55
CA PHE B 15 -0.69 -10.20 17.51
C PHE B 15 -0.76 -10.81 18.90
N ASP B 16 -1.10 -12.08 18.95
CA ASP B 16 -0.78 -12.91 20.12
C ASP B 16 -0.19 -14.26 19.71
N PRO B 17 0.38 -15.02 20.67
CA PRO B 17 0.88 -16.33 20.25
C PRO B 17 -0.21 -17.20 19.58
N SER B 18 -1.50 -16.95 19.87
CA SER B 18 -2.68 -17.64 19.29
C SER B 18 -3.01 -17.21 17.85
N THR B 19 -2.66 -15.97 17.49
CA THR B 19 -2.88 -15.50 16.13
C THR B 19 -2.27 -16.49 15.15
N PRO B 20 -3.02 -16.96 14.14
CA PRO B 20 -2.38 -17.85 13.17
C PRO B 20 -1.53 -17.09 12.18
N ASP B 21 -0.76 -17.85 11.41
CA ASP B 21 0.38 -17.38 10.65
C ASP B 21 0.93 -15.98 11.00
N ILE B 22 1.38 -15.85 12.24
CA ILE B 22 2.12 -14.65 12.63
C ILE B 22 3.25 -14.40 11.61
N GLN B 23 4.01 -15.44 11.31
CA GLN B 23 5.20 -15.26 10.51
C GLN B 23 4.90 -14.79 9.09
N GLY B 24 3.87 -15.30 8.42
CA GLY B 24 3.69 -14.90 7.04
C GLY B 24 3.16 -13.48 7.03
N LYS B 25 2.46 -13.13 8.10
CA LYS B 25 1.98 -11.75 8.30
C LYS B 25 3.17 -10.81 8.43
N VAL B 26 4.11 -11.10 9.33
CA VAL B 26 5.23 -10.17 9.48
C VAL B 26 6.10 -10.24 8.22
N ASP B 27 6.17 -11.42 7.59
CA ASP B 27 6.90 -11.59 6.31
C ASP B 27 6.30 -10.83 5.10
N GLU B 28 4.97 -10.61 5.11
CA GLU B 28 4.30 -9.83 4.08
C GLU B 28 4.48 -8.31 4.29
N VAL B 29 4.48 -7.85 5.55
CA VAL B 29 4.80 -6.44 5.82
C VAL B 29 6.22 -6.18 5.39
N PHE B 30 7.11 -7.13 5.67
CA PHE B 30 8.51 -6.98 5.28
C PHE B 30 8.65 -7.01 3.77
N ARG B 31 7.83 -7.81 3.14
CA ARG B 31 7.74 -7.80 1.69
C ARG B 31 7.54 -6.36 1.22
N LYS B 32 6.49 -5.75 1.78
CA LYS B 32 5.97 -4.38 1.51
C LYS B 32 7.10 -3.32 1.70
N GLN B 33 7.80 -3.48 2.80
CA GLN B 33 8.58 -2.37 3.34
C GLN B 33 10.08 -2.50 3.17
N GLU B 34 10.53 -3.67 2.74
CA GLU B 34 11.93 -4.00 2.63
C GLU B 34 12.77 -2.90 2.00
N SER B 35 12.36 -2.47 0.81
CA SER B 35 13.13 -1.49 0.06
C SER B 35 12.36 -0.17 -0.10
N ASN B 36 11.31 0.01 0.68
CA ASN B 36 10.38 1.15 0.55
C ASN B 36 10.92 2.37 1.30
N GLN B 37 12.04 2.92 0.85
CA GLN B 37 12.78 3.89 1.66
C GLN B 37 12.05 5.23 1.88
N PHE B 38 11.26 5.62 0.91
CA PHE B 38 10.66 6.96 0.92
C PHE B 38 9.14 6.94 0.73
N GLY B 39 8.50 5.84 1.06
CA GLY B 39 7.05 5.68 0.96
C GLY B 39 6.20 6.42 2.00
N THR B 40 4.89 6.29 1.86
CA THR B 40 3.96 6.82 2.84
C THR B 40 3.41 5.70 3.73
N ASP B 41 3.63 4.44 3.36
CA ASP B 41 3.17 3.31 4.20
C ASP B 41 3.89 3.28 5.55
N ARG B 42 3.17 2.91 6.61
CA ARG B 42 3.68 2.89 7.98
C ARG B 42 3.02 1.73 8.74
N TYR B 43 3.80 1.01 9.54
CA TYR B 43 3.27 -0.09 10.36
C TYR B 43 3.84 -0.15 11.73
N ALA B 44 2.97 -0.43 12.69
CA ALA B 44 3.38 -0.81 14.06
C ALA B 44 2.92 -2.23 14.33
N LEU B 45 3.90 -3.08 14.66
CA LEU B 45 3.66 -4.49 14.98
C LEU B 45 3.75 -4.58 16.49
N MET B 46 2.65 -5.04 17.10
CA MET B 46 2.54 -5.03 18.54
C MET B 46 2.14 -6.43 19.00
N PHE B 47 2.88 -6.90 19.99
CA PHE B 47 2.78 -8.27 20.49
C PHE B 47 2.29 -8.31 21.94
N LYS B 48 1.12 -8.90 22.14
CA LYS B 48 0.62 -9.13 23.51
C LYS B 48 1.58 -9.99 24.32
N PRO B 49 1.59 -9.85 25.65
CA PRO B 49 2.46 -10.75 26.42
C PRO B 49 2.17 -12.23 26.20
N GLY B 50 3.26 -12.97 26.15
CA GLY B 50 3.21 -14.42 25.97
C GLY B 50 4.56 -14.88 25.43
N THR B 51 4.61 -16.09 24.87
CA THR B 51 5.81 -16.66 24.29
C THR B 51 5.51 -17.01 22.83
N TYR B 52 6.44 -16.69 21.93
CA TYR B 52 6.23 -16.85 20.48
C TYR B 52 7.42 -17.58 19.87
N ASN B 53 7.18 -18.76 19.30
CA ASN B 53 8.20 -19.62 18.78
C ASN B 53 8.26 -19.50 17.26
N ASP B 54 9.39 -19.96 16.72
CA ASP B 54 9.59 -20.09 15.28
C ASP B 54 9.26 -18.77 14.57
N ILE B 55 9.76 -17.69 15.16
CA ILE B 55 9.53 -16.37 14.60
C ILE B 55 10.83 -15.66 14.22
N ASN B 56 10.83 -15.11 13.03
CA ASN B 56 11.97 -14.34 12.55
C ASN B 56 11.35 -13.10 11.93
N ALA B 57 11.33 -12.04 12.70
CA ALA B 57 10.63 -10.81 12.30
C ALA B 57 11.64 -9.88 11.69
N GLN B 58 11.66 -9.86 10.37
CA GLN B 58 12.53 -8.97 9.63
C GLN B 58 11.81 -7.61 9.55
N ILE B 59 12.57 -6.56 9.85
CA ILE B 59 12.02 -5.24 10.05
C ILE B 59 12.52 -4.35 8.91
N GLY B 60 11.59 -3.95 8.03
CA GLY B 60 11.90 -3.01 6.96
C GLY B 60 11.73 -1.56 7.33
N PHE B 61 11.75 -0.68 6.33
CA PHE B 61 11.43 0.73 6.54
C PHE B 61 10.09 0.94 7.26
N TYR B 62 10.06 2.01 8.07
CA TYR B 62 8.84 2.53 8.69
C TYR B 62 8.02 1.44 9.37
N THR B 63 8.71 0.55 10.05
CA THR B 63 8.10 -0.54 10.78
C THR B 63 8.66 -0.48 12.20
N SER B 64 7.76 -0.37 13.15
CA SER B 64 8.09 -0.52 14.56
C SER B 64 7.58 -1.89 15.06
N ILE B 65 8.35 -2.49 15.95
CA ILE B 65 7.92 -3.76 16.58
C ILE B 65 8.12 -3.59 18.08
N ALA B 66 7.14 -4.04 18.86
CA ALA B 66 7.18 -3.88 20.30
C ALA B 66 6.31 -4.89 20.99
N GLY B 67 6.65 -5.13 22.25
CA GLY B 67 5.86 -5.95 23.16
C GLY B 67 4.97 -5.05 24.03
N LEU B 68 3.82 -5.59 24.44
CA LEU B 68 2.81 -4.85 25.21
C LEU B 68 2.78 -5.29 26.68
N GLY B 69 3.84 -5.94 27.12
CA GLY B 69 4.06 -6.18 28.54
C GLY B 69 4.49 -4.94 29.30
N LEU B 70 4.25 -4.96 30.60
CA LEU B 70 4.92 -4.09 31.55
C LEU B 70 6.45 -4.17 31.45
N ASN B 71 6.99 -5.41 31.39
CA ASN B 71 8.44 -5.75 31.34
C ASN B 71 8.75 -6.35 29.97
N PRO B 72 9.97 -6.17 29.47
CA PRO B 72 10.40 -6.87 28.24
C PRO B 72 10.19 -8.39 28.35
N ASP B 73 10.51 -8.94 29.52
CA ASP B 73 10.38 -10.40 29.70
C ASP B 73 8.97 -10.85 30.04
N ASP B 74 7.99 -10.03 29.66
CA ASP B 74 6.59 -10.40 29.58
C ASP B 74 6.17 -10.78 28.15
N THR B 75 7.02 -10.42 27.18
CA THR B 75 6.77 -10.73 25.78
C THR B 75 8.08 -11.27 25.20
N THR B 76 8.24 -12.61 25.13
CA THR B 76 9.48 -13.16 24.56
C THR B 76 9.26 -13.96 23.30
N PHE B 77 10.24 -13.79 22.45
CA PHE B 77 10.30 -14.44 21.18
C PHE B 77 11.36 -15.50 21.33
N ASN B 78 11.04 -16.73 20.94
CA ASN B 78 12.07 -17.72 20.68
C ASN B 78 12.34 -17.65 19.21
N GLY B 79 13.41 -16.96 18.89
CA GLY B 79 13.56 -16.36 17.57
C GLY B 79 14.07 -14.94 17.64
N ASP B 80 13.87 -14.18 16.54
CA ASP B 80 14.68 -13.01 16.25
C ASP B 80 13.88 -11.79 15.80
N VAL B 81 14.47 -10.61 16.03
CA VAL B 81 14.00 -9.35 15.43
C VAL B 81 15.18 -8.88 14.60
N THR B 82 15.12 -9.13 13.30
CA THR B 82 16.25 -8.98 12.42
C THR B 82 16.09 -7.68 11.65
N VAL B 83 17.23 -7.05 11.45
CA VAL B 83 17.47 -6.12 10.35
C VAL B 83 18.79 -6.51 9.74
N ASP B 84 18.72 -6.75 8.45
CA ASP B 84 19.87 -7.08 7.68
C ASP B 84 19.88 -6.20 6.45
N ALA B 85 20.99 -6.30 5.75
CA ALA B 85 21.13 -5.67 4.48
C ALA B 85 21.36 -6.81 3.52
N GLY B 86 20.26 -7.09 2.83
CA GLY B 86 20.25 -7.86 1.62
C GLY B 86 19.82 -6.96 0.46
N TRP B 87 18.82 -6.10 0.70
CA TRP B 87 18.18 -5.32 -0.36
C TRP B 87 19.09 -4.24 -0.96
N PHE B 88 20.14 -3.87 -0.23
CA PHE B 88 21.11 -2.87 -0.72
C PHE B 88 22.42 -3.59 -0.85
N ASP B 89 22.27 -4.83 -1.35
CA ASP B 89 23.36 -5.73 -1.70
C ASP B 89 24.46 -5.97 -0.65
N GLY B 90 24.21 -5.53 0.61
CA GLY B 90 25.10 -5.79 1.74
C GLY B 90 25.46 -4.54 2.52
N ASN B 91 25.11 -3.37 1.96
CA ASN B 91 25.42 -2.06 2.53
C ASN B 91 24.26 -1.65 3.46
N ALA B 92 24.53 -1.43 4.76
CA ALA B 92 23.45 -1.13 5.72
C ALA B 92 23.30 0.36 5.98
N THR B 93 24.00 1.19 5.20
CA THR B 93 23.93 2.63 5.41
C THR B 93 22.72 3.31 4.82
N GLN B 94 21.63 2.59 4.59
CA GLN B 94 20.39 3.24 4.39
C GLN B 94 19.28 2.53 5.17
N ASN B 95 19.66 1.79 6.20
CA ASN B 95 18.66 1.07 7.01
C ASN B 95 18.09 1.99 8.10
N PHE B 96 17.28 2.93 7.65
CA PHE B 96 16.78 3.97 8.53
C PHE B 96 15.34 3.71 9.01
N TRP B 97 14.91 4.47 10.00
CA TRP B 97 13.46 4.71 10.29
C TRP B 97 12.70 3.43 10.68
N ARG B 98 13.16 2.77 11.73
CA ARG B 98 12.47 1.58 12.22
C ARG B 98 12.80 1.43 13.70
N SER B 99 12.13 0.55 14.44
CA SER B 99 12.40 0.52 15.87
C SER B 99 12.00 -0.82 16.47
N ALA B 100 12.66 -1.15 17.57
CA ALA B 100 12.30 -2.32 18.40
C ALA B 100 12.26 -1.89 19.86
N GLU B 101 11.22 -2.33 20.56
CA GLU B 101 11.08 -1.98 21.98
C GLU B 101 10.33 -3.02 22.81
N ASN B 102 10.78 -3.21 24.05
CA ASN B 102 9.97 -3.89 25.07
C ASN B 102 9.65 -5.35 24.74
N LEU B 103 10.70 -6.03 24.28
CA LEU B 103 10.69 -7.46 23.96
C LEU B 103 11.93 -8.16 24.56
N ALA B 104 11.76 -9.45 24.87
CA ALA B 104 12.87 -10.33 25.14
C ALA B 104 13.08 -11.26 23.94
N LEU B 105 14.31 -11.38 23.51
CA LEU B 105 14.64 -12.23 22.38
C LEU B 105 15.56 -13.38 22.81
N ASN B 106 15.23 -14.58 22.34
CA ASN B 106 16.03 -15.79 22.51
C ASN B 106 16.43 -16.21 21.09
N PRO B 107 17.46 -15.57 20.56
CA PRO B 107 17.71 -15.68 19.10
C PRO B 107 18.16 -17.08 18.71
N VAL B 108 17.74 -17.51 17.53
CA VAL B 108 17.84 -18.92 17.19
C VAL B 108 19.28 -19.45 17.16
N ASN B 109 20.23 -18.70 16.63
CA ASN B 109 21.64 -19.16 16.66
C ASN B 109 22.41 -18.54 17.80
N GLY B 110 21.72 -17.95 18.76
CA GLY B 110 22.37 -17.38 19.93
C GLY B 110 22.75 -15.90 19.81
N THR B 111 22.62 -15.34 18.60
CA THR B 111 22.92 -13.91 18.38
C THR B 111 21.85 -13.29 17.50
N ASN B 112 21.30 -12.16 17.94
CA ASN B 112 20.31 -11.42 17.15
C ASN B 112 21.05 -10.39 16.29
N ARG B 113 20.60 -10.23 15.05
CA ARG B 113 21.23 -9.25 14.14
C ARG B 113 20.34 -7.99 14.01
N TRP B 114 20.91 -6.83 14.34
CA TRP B 114 20.24 -5.55 14.25
C TRP B 114 21.19 -4.59 13.48
N ALA B 115 21.28 -4.79 12.17
CA ALA B 115 22.27 -4.11 11.35
C ALA B 115 21.66 -2.85 10.73
N VAL B 116 21.57 -1.83 11.55
CA VAL B 116 20.88 -0.59 11.18
C VAL B 116 21.81 0.58 11.07
N SER B 117 21.31 1.67 10.47
CA SER B 117 22.00 2.96 10.55
C SER B 117 21.14 3.92 11.34
N GLN B 118 20.95 5.16 10.89
CA GLN B 118 20.36 6.17 11.76
C GLN B 118 18.87 6.00 11.90
N ALA B 119 18.34 6.54 13.01
CA ALA B 119 16.91 6.56 13.32
C ALA B 119 16.33 5.15 13.40
N ALA B 120 17.06 4.27 14.06
CA ALA B 120 16.67 2.87 14.26
C ALA B 120 16.86 2.48 15.72
N PRO B 121 16.04 3.07 16.60
CA PRO B 121 16.18 2.84 18.04
C PRO B 121 15.86 1.39 18.53
N PHE B 122 16.56 1.01 19.60
CA PHE B 122 16.46 -0.34 20.19
C PHE B 122 16.42 -0.05 21.67
N ARG B 123 15.20 -0.11 22.24
CA ARG B 123 14.96 0.34 23.60
C ARG B 123 14.26 -0.69 24.49
N ARG B 124 14.60 -0.67 25.77
CA ARG B 124 14.00 -1.57 26.77
C ARG B 124 13.85 -2.99 26.18
N MET B 125 14.97 -3.50 25.65
CA MET B 125 15.04 -4.84 25.10
C MET B 125 15.87 -5.74 26.01
N HIS B 126 15.53 -7.01 25.98
CA HIS B 126 16.34 -8.07 26.62
C HIS B 126 16.76 -9.04 25.54
N VAL B 127 18.06 -9.19 25.35
CA VAL B 127 18.57 -10.16 24.41
C VAL B 127 19.28 -11.28 25.16
N LYS B 128 18.76 -12.50 25.03
CA LYS B 128 19.26 -13.65 25.79
C LYS B 128 20.32 -14.41 24.96
N GLY B 129 21.25 -13.60 24.42
CA GLY B 129 22.44 -14.06 23.69
C GLY B 129 23.22 -12.81 23.30
N GLY B 130 23.91 -12.87 22.19
CA GLY B 130 24.62 -11.74 21.66
C GLY B 130 23.79 -10.88 20.71
N LEU B 131 24.40 -9.77 20.30
CA LEU B 131 23.75 -8.80 19.41
C LEU B 131 24.81 -8.38 18.40
N ASN B 132 24.54 -8.74 17.16
CA ASN B 132 25.35 -8.41 16.02
C ASN B 132 24.76 -7.16 15.36
N LEU B 133 25.53 -6.08 15.32
CA LEU B 133 25.08 -4.82 14.74
C LEU B 133 25.48 -4.66 13.26
N ALA B 134 26.03 -5.70 12.63
CA ALA B 134 26.53 -5.58 11.26
C ALA B 134 25.77 -6.50 10.30
N PRO B 135 25.65 -6.10 9.04
CA PRO B 135 24.96 -6.96 8.06
C PRO B 135 25.73 -8.25 7.81
N ASP B 136 25.11 -9.26 7.20
CA ASP B 136 25.87 -10.46 6.87
C ASP B 136 26.89 -10.03 5.89
N GLY B 137 28.11 -10.55 6.09
CA GLY B 137 29.24 -10.22 5.25
C GLY B 137 29.83 -8.83 5.47
N TYR B 138 29.48 -8.19 6.60
CA TYR B 138 30.20 -7.02 7.12
C TYR B 138 30.35 -5.82 6.14
N GLY B 139 29.28 -5.54 5.42
CA GLY B 139 29.15 -4.32 4.62
C GLY B 139 29.02 -3.06 5.46
N TRP B 140 28.88 -1.93 4.80
CA TRP B 140 28.99 -0.71 5.53
C TRP B 140 27.77 -0.43 6.45
N ALA B 141 28.01 0.22 7.57
CA ALA B 141 26.94 0.50 8.53
C ALA B 141 27.27 1.76 9.36
N SER B 142 26.23 2.56 9.63
CA SER B 142 26.40 3.87 10.30
C SER B 142 25.28 4.16 11.35
N GLY B 143 25.24 3.32 12.37
CA GLY B 143 24.29 3.45 13.48
C GLY B 143 24.82 4.37 14.55
N GLY B 144 24.24 4.35 15.76
CA GLY B 144 23.14 3.53 16.17
C GLY B 144 22.85 3.90 17.62
N TYR B 145 21.82 3.30 18.20
CA TYR B 145 21.27 3.78 19.47
C TYR B 145 20.65 2.63 20.27
N ILE B 146 21.23 2.34 21.43
CA ILE B 146 20.65 1.35 22.36
C ILE B 146 20.45 2.05 23.66
N ALA B 147 19.25 1.92 24.22
CA ALA B 147 18.97 2.42 25.55
C ALA B 147 18.12 1.46 26.39
N ASP B 148 18.39 1.50 27.69
CA ASP B 148 17.62 0.79 28.69
C ASP B 148 17.46 -0.69 28.37
N SER B 149 18.53 -1.29 27.86
CA SER B 149 18.51 -2.67 27.40
C SER B 149 19.53 -3.52 28.14
N LYS B 150 19.32 -4.81 28.03
CA LYS B 150 20.22 -5.77 28.69
C LYS B 150 20.51 -6.82 27.66
N ILE B 151 21.79 -6.93 27.33
CA ILE B 151 22.26 -7.88 26.31
C ILE B 151 23.10 -8.87 27.08
N ASP B 152 22.56 -10.05 27.34
CA ASP B 152 23.24 -11.02 28.20
C ASP B 152 24.60 -11.41 27.65
N GLY B 153 24.62 -11.60 26.34
CA GLY B 153 25.84 -11.91 25.63
C GLY B 153 26.69 -10.72 25.18
N GLU B 154 27.38 -10.89 24.07
CA GLU B 154 28.29 -9.86 23.56
C GLU B 154 27.61 -9.00 22.47
N VAL B 155 27.82 -7.70 22.56
CA VAL B 155 27.51 -6.77 21.49
C VAL B 155 28.65 -6.71 20.50
N GLY B 156 28.37 -7.06 19.25
CA GLY B 156 29.38 -7.06 18.21
C GLY B 156 29.09 -6.02 17.11
N PRO B 157 29.86 -4.91 17.11
CA PRO B 157 29.60 -3.89 16.08
C PRO B 157 30.23 -4.19 14.74
N TYR B 158 31.31 -4.97 14.74
CA TYR B 158 32.15 -5.20 13.56
C TYR B 158 32.40 -3.90 12.74
N SER B 159 31.74 -3.77 11.60
CA SER B 159 31.91 -2.64 10.69
C SER B 159 31.22 -1.33 11.11
N GLN B 160 30.31 -1.37 12.07
CA GLN B 160 29.67 -0.11 12.55
C GLN B 160 30.64 1.02 12.85
N GLN B 161 30.43 2.18 12.24
CA GLN B 161 31.40 3.25 12.38
C GLN B 161 31.44 3.78 13.80
N GLN B 162 30.24 3.96 14.34
CA GLN B 162 30.08 4.57 15.64
C GLN B 162 28.81 4.02 16.26
N TRP B 163 28.61 4.32 17.54
CA TRP B 163 27.44 3.83 18.27
C TRP B 163 27.29 4.53 19.62
N TYR B 164 26.04 4.66 20.10
CA TYR B 164 25.79 5.21 21.42
C TYR B 164 24.90 4.25 22.19
N THR B 165 25.34 3.91 23.39
CA THR B 165 24.58 3.05 24.27
C THR B 165 24.44 3.77 25.61
N ARG B 166 23.21 3.83 26.10
CA ARG B 166 23.00 4.35 27.48
C ARG B 166 22.11 3.49 28.37
N ASP B 167 22.46 3.53 29.64
CA ASP B 167 21.64 3.00 30.73
C ASP B 167 21.14 1.61 30.44
N SER B 168 22.11 0.74 30.32
CA SER B 168 21.95 -0.59 29.81
C SER B 168 22.96 -1.50 30.51
N SER B 169 22.90 -2.77 30.16
CA SER B 169 23.86 -3.76 30.65
C SER B 169 24.28 -4.64 29.46
N VAL B 170 25.58 -4.82 29.29
CA VAL B 170 26.08 -5.70 28.24
C VAL B 170 27.05 -6.73 28.83
N GLY B 171 27.06 -7.91 28.24
CA GLY B 171 27.96 -8.96 28.68
C GLY B 171 29.35 -8.81 28.11
N GLY B 172 29.47 -8.08 27.02
CA GLY B 172 30.77 -7.76 26.42
C GLY B 172 30.58 -6.83 25.25
N TRP B 173 31.67 -6.35 24.68
CA TRP B 173 31.66 -5.39 23.59
C TRP B 173 32.86 -5.68 22.68
N GLY B 174 32.56 -6.08 21.46
CA GLY B 174 33.57 -6.68 20.61
C GLY B 174 34.66 -5.75 20.15
N ASN B 175 34.29 -4.55 19.72
CA ASN B 175 35.25 -3.68 19.05
C ASN B 175 34.68 -2.30 18.89
N GLY B 176 35.54 -1.39 18.47
CA GLY B 176 35.09 -0.07 18.10
C GLY B 176 35.88 0.41 16.90
N VAL B 177 35.21 1.16 16.03
CA VAL B 177 35.73 1.59 14.74
C VAL B 177 36.20 3.05 14.84
N TRP B 178 35.28 4.02 14.75
CA TRP B 178 35.63 5.43 14.99
C TRP B 178 35.17 6.06 16.33
N ASN B 179 33.99 5.68 16.83
CA ASN B 179 33.42 6.36 18.01
C ASN B 179 32.31 5.56 18.67
N MET B 180 32.67 4.76 19.66
CA MET B 180 31.69 4.02 20.44
C MET B 180 31.67 4.73 21.79
N THR B 181 30.50 5.27 22.13
CA THR B 181 30.26 6.01 23.36
C THR B 181 29.24 5.29 24.24
N PHE B 182 29.49 5.31 25.53
CA PHE B 182 28.65 4.63 26.51
C PHE B 182 28.40 5.63 27.63
N SER B 183 27.17 5.69 28.15
CA SER B 183 26.90 6.43 29.37
C SER B 183 25.97 5.59 30.24
N GLY B 184 26.39 5.33 31.46
CA GLY B 184 25.63 4.47 32.33
C GLY B 184 25.49 3.03 31.92
N VAL B 185 26.50 2.47 31.29
CA VAL B 185 26.38 1.10 30.77
C VAL B 185 27.21 0.11 31.62
N GLU B 186 26.49 -0.77 32.31
CA GLU B 186 27.15 -1.85 33.05
C GLU B 186 27.77 -2.80 32.03
N GLY B 187 29.07 -3.02 32.12
CA GLY B 187 29.75 -3.95 31.22
C GLY B 187 30.41 -3.27 30.03
N ALA B 188 30.27 -1.95 29.93
CA ALA B 188 30.94 -1.22 28.86
C ALA B 188 32.45 -1.36 28.98
N PRO B 189 33.16 -1.29 27.87
CA PRO B 189 34.62 -1.27 28.00
C PRO B 189 35.07 0.03 28.66
N ALA B 190 36.22 -0.01 29.32
CA ALA B 190 36.71 1.20 29.97
C ALA B 190 37.13 2.22 28.94
N GLN B 191 37.01 3.48 29.34
CA GLN B 191 37.51 4.61 28.57
C GLN B 191 38.93 4.35 28.13
N SER B 192 39.20 4.49 26.82
CA SER B 192 40.58 4.43 26.32
C SER B 192 40.92 5.29 25.16
N PHE B 193 39.95 6.08 24.69
CA PHE B 193 40.10 6.80 23.42
C PHE B 193 41.47 7.49 23.48
N PRO B 194 42.20 7.48 22.37
CA PRO B 194 41.76 7.17 21.01
C PRO B 194 41.87 5.70 20.58
N GLU B 195 42.48 4.85 21.39
CA GLU B 195 42.57 3.39 21.05
C GLU B 195 42.28 2.35 22.13
N PRO B 196 41.29 1.46 21.91
CA PRO B 196 40.21 1.52 20.93
C PRO B 196 39.32 2.73 21.24
N PRO B 197 38.28 2.97 20.43
CA PRO B 197 37.81 4.37 20.36
C PRO B 197 36.59 4.54 21.29
N TYR B 198 36.80 4.20 22.56
CA TYR B 198 35.72 4.10 23.54
C TYR B 198 35.71 5.32 24.45
N THR B 199 34.55 6.00 24.45
CA THR B 199 34.28 7.09 25.35
C THR B 199 33.28 6.59 26.39
N THR B 200 33.68 6.61 27.67
CA THR B 200 32.93 5.93 28.73
C THR B 200 32.56 6.81 29.96
N LEU B 201 31.27 7.01 30.11
CA LEU B 201 30.72 7.79 31.22
C LEU B 201 30.03 6.84 32.13
N GLU B 202 30.37 6.99 33.40
CA GLU B 202 29.79 6.17 34.45
C GLU B 202 28.30 6.25 34.51
N THR B 203 27.78 7.46 34.39
CA THR B 203 26.36 7.67 34.52
C THR B 203 25.92 8.63 33.44
N THR B 204 24.63 8.60 33.11
CA THR B 204 24.03 9.63 32.28
C THR B 204 23.50 10.66 33.26
N PRO B 205 23.87 11.93 33.08
CA PRO B 205 23.51 12.98 34.07
C PRO B 205 22.01 13.11 34.30
N VAL B 206 21.22 13.13 33.23
CA VAL B 206 19.77 12.96 33.37
C VAL B 206 19.28 12.03 32.26
N SER B 207 18.36 11.16 32.59
CA SER B 207 17.65 10.42 31.54
C SER B 207 16.24 10.12 32.04
N ARG B 208 15.34 9.91 31.10
CA ARG B 208 13.97 9.61 31.47
C ARG B 208 13.47 8.75 30.34
N GLU B 209 13.07 7.54 30.64
CA GLU B 209 12.82 6.65 29.54
C GLU B 209 11.57 7.02 28.75
N LYS B 210 11.59 6.59 27.49
CA LYS B 210 10.55 6.92 26.52
C LYS B 210 9.20 6.29 26.92
N PRO B 211 8.11 7.05 26.85
CA PRO B 211 6.79 6.42 27.09
C PRO B 211 6.44 5.36 26.08
N PHE B 212 5.63 4.37 26.46
CA PHE B 212 5.30 3.29 25.55
C PHE B 212 3.90 2.73 25.82
N LEU B 213 3.24 2.28 24.75
CA LEU B 213 1.95 1.62 24.86
C LEU B 213 2.16 0.23 25.45
N TYR B 214 1.26 -0.13 26.33
CA TYR B 214 1.24 -1.51 26.81
C TYR B 214 -0.15 -1.90 27.23
N LEU B 215 -0.25 -3.15 27.66
CA LEU B 215 -1.49 -3.67 28.27
C LEU B 215 -1.47 -3.86 29.81
N ASP B 216 -2.53 -3.34 30.47
CA ASP B 216 -2.82 -3.62 31.89
C ASP B 216 -4.04 -4.51 31.91
N GLY B 217 -3.79 -5.80 32.07
CA GLY B 217 -4.81 -6.78 31.76
C GLY B 217 -5.14 -6.75 30.28
N ASP B 218 -6.41 -6.55 29.94
CA ASP B 218 -6.75 -6.43 28.51
C ASP B 218 -7.01 -4.96 28.12
N ASP B 219 -6.63 -4.01 28.98
CA ASP B 219 -6.80 -2.58 28.63
C ASP B 219 -5.49 -1.84 28.31
N TYR B 220 -5.60 -0.87 27.39
CA TYR B 220 -4.43 -0.17 26.88
C TYR B 220 -4.12 1.17 27.58
N LYS B 221 -2.86 1.28 27.97
CA LYS B 221 -2.31 2.40 28.74
C LYS B 221 -0.97 2.83 28.15
N VAL B 222 -0.60 4.08 28.36
CA VAL B 222 0.77 4.47 28.09
C VAL B 222 1.51 4.57 29.43
N PHE B 223 2.64 3.89 29.53
CA PHE B 223 3.52 4.01 30.68
C PHE B 223 4.43 5.18 30.47
N VAL B 224 4.56 6.02 31.49
CA VAL B 224 5.41 7.21 31.41
C VAL B 224 6.43 7.12 32.53
N PRO B 225 7.67 6.72 32.19
CA PRO B 225 8.76 6.60 33.17
C PRO B 225 9.10 7.87 33.92
N ALA B 226 9.42 7.70 35.19
CA ALA B 226 9.83 8.81 36.01
C ALA B 226 11.28 9.12 35.64
N LYS B 227 11.60 10.41 35.61
CA LYS B 227 12.97 10.97 35.61
C LYS B 227 14.02 10.18 36.40
N ARG B 228 15.20 10.02 35.82
CA ARG B 228 16.35 9.44 36.54
C ARG B 228 17.51 10.42 36.52
N THR B 229 18.08 10.72 37.69
CA THR B 229 19.34 11.46 37.71
C THR B 229 20.51 10.54 38.09
N ASN B 230 21.60 10.65 37.34
CA ASN B 230 22.79 9.82 37.45
C ASN B 230 22.53 8.32 37.21
N ALA B 231 21.83 8.06 36.10
CA ALA B 231 21.43 6.74 35.68
C ALA B 231 22.59 5.83 35.27
N ARG B 232 22.48 4.58 35.69
CA ARG B 232 23.38 3.52 35.26
C ARG B 232 22.58 2.22 35.30
N GLY B 233 22.59 1.52 34.19
CA GLY B 233 21.85 0.28 34.08
C GLY B 233 20.39 0.52 33.74
N THR B 234 19.60 -0.56 33.69
CA THR B 234 18.24 -0.44 33.17
C THR B 234 17.26 0.02 34.27
N SER B 235 16.09 0.45 33.81
CA SER B 235 15.02 0.91 34.67
C SER B 235 14.03 -0.19 35.12
N TRP B 236 14.18 -1.37 34.55
CA TRP B 236 13.30 -2.50 34.77
C TRP B 236 14.13 -3.63 35.36
N GLY B 237 13.44 -4.67 35.80
CA GLY B 237 14.10 -5.83 36.40
C GLY B 237 13.87 -6.01 37.90
N ASN B 238 13.32 -5.00 38.62
CA ASN B 238 12.85 -5.26 39.99
C ASN B 238 11.34 -5.10 40.33
N GLY B 239 10.71 -3.94 40.04
CA GLY B 239 9.38 -3.58 40.55
C GLY B 239 8.29 -3.01 39.62
N THR B 240 8.10 -1.69 39.74
CA THR B 240 7.04 -0.85 39.19
C THR B 240 7.72 0.24 38.24
N PRO B 241 8.92 -0.08 37.70
CA PRO B 241 9.86 1.01 37.37
C PRO B 241 9.74 2.49 37.91
N GLU B 242 8.86 2.87 38.79
CA GLU B 242 8.28 4.24 38.84
C GLU B 242 8.00 4.84 37.51
N GLY B 243 6.70 4.79 37.34
CA GLY B 243 5.94 5.55 36.40
C GLY B 243 4.59 5.61 37.09
N GLU B 244 3.75 6.42 36.50
CA GLU B 244 2.32 6.43 36.75
C GLU B 244 1.87 6.13 35.37
N SER B 245 0.76 5.42 35.15
CA SER B 245 0.29 5.04 33.80
C SER B 245 -0.98 5.77 33.31
N LEU B 246 -0.97 6.17 32.04
CA LEU B 246 -2.10 6.89 31.49
C LEU B 246 -3.01 5.95 30.66
N PRO B 247 -4.33 5.88 31.00
CA PRO B 247 -5.20 5.00 30.22
C PRO B 247 -5.46 5.58 28.83
N LEU B 248 -5.63 4.68 27.86
CA LEU B 248 -5.81 5.07 26.46
C LEU B 248 -6.95 6.09 26.24
N ASP B 249 -8.01 6.06 27.07
CA ASP B 249 -9.15 6.95 26.77
C ASP B 249 -8.89 8.42 27.18
N GLN B 250 -7.69 8.75 27.66
CA GLN B 250 -7.37 10.18 27.71
C GLN B 250 -6.20 10.56 26.79
N PHE B 251 -6.13 9.78 25.71
CA PHE B 251 -5.42 10.19 24.48
C PHE B 251 -6.40 10.44 23.36
N TYR B 252 -6.20 11.51 22.61
CA TYR B 252 -6.78 11.62 21.28
C TYR B 252 -5.96 10.72 20.37
N VAL B 253 -6.61 9.69 19.83
CA VAL B 253 -5.94 8.70 18.98
C VAL B 253 -6.04 9.28 17.59
N VAL B 254 -4.96 9.91 17.13
CA VAL B 254 -4.96 10.66 15.87
C VAL B 254 -4.87 9.69 14.69
N LYS B 255 -5.68 9.90 13.67
CA LYS B 255 -5.56 9.16 12.42
C LYS B 255 -5.56 10.12 11.21
N PRO B 256 -4.94 9.69 10.09
CA PRO B 256 -4.87 10.44 8.82
C PRO B 256 -5.99 11.42 8.47
N GLY B 257 -5.63 12.62 7.99
CA GLY B 257 -6.64 13.58 7.59
C GLY B 257 -7.11 14.41 8.76
N ALA B 258 -6.43 14.29 9.91
CA ALA B 258 -6.80 15.15 11.04
C ALA B 258 -6.06 16.45 10.99
N THR B 259 -6.81 17.50 11.18
CA THR B 259 -6.28 18.82 11.13
C THR B 259 -5.48 19.11 12.41
N ALA B 260 -4.56 20.08 12.34
CA ALA B 260 -3.82 20.59 13.49
C ALA B 260 -4.76 21.27 14.53
N GLU B 261 -5.65 22.09 14.00
CA GLU B 261 -6.97 22.34 14.53
C GLU B 261 -7.51 21.35 15.59
N THR B 262 -7.83 20.16 15.13
CA THR B 262 -8.43 19.12 15.95
C THR B 262 -7.44 18.58 17.00
N ILE B 263 -6.25 18.21 16.52
CA ILE B 263 -5.09 17.91 17.37
C ILE B 263 -4.99 18.99 18.42
N ASN B 264 -4.98 20.24 17.99
CA ASN B 264 -4.83 21.35 18.97
C ASN B 264 -5.98 21.45 19.98
N ALA B 265 -7.20 21.20 19.52
CA ALA B 265 -8.34 21.20 20.43
C ALA B 265 -8.19 20.10 21.45
N ALA B 266 -7.65 18.96 21.04
CA ALA B 266 -7.56 17.83 21.94
C ALA B 266 -6.72 18.19 23.17
N VAL B 267 -5.58 18.83 22.94
CA VAL B 267 -4.67 19.19 24.01
C VAL B 267 -5.26 20.25 24.90
N ASP B 268 -6.06 21.09 24.25
CA ASP B 268 -6.83 22.10 24.93
C ASP B 268 -7.73 21.45 25.96
N GLN B 269 -8.41 20.41 25.51
CA GLN B 269 -9.36 19.75 26.40
C GLN B 269 -8.79 18.68 27.37
N GLY B 270 -7.48 18.58 27.47
CA GLY B 270 -6.90 17.74 28.51
C GLY B 270 -6.31 16.46 28.00
N LEU B 271 -6.44 16.23 26.71
CA LEU B 271 -6.01 14.96 26.14
C LEU B 271 -4.55 14.96 25.72
N HIS B 272 -3.95 13.80 25.88
CA HIS B 272 -2.67 13.53 25.27
C HIS B 272 -2.88 13.13 23.81
N LEU B 273 -1.79 12.95 23.08
CA LEU B 273 -1.84 12.60 21.66
C LEU B 273 -1.13 11.28 21.38
N LEU B 274 -1.82 10.40 20.69
CA LEU B 274 -1.23 9.15 20.21
C LEU B 274 -1.39 9.13 18.71
N PHE B 275 -0.27 9.33 18.02
CA PHE B 275 -0.25 9.30 16.58
C PHE B 275 -0.11 7.86 16.10
N THR B 276 -1.22 7.35 15.58
CA THR B 276 -1.27 6.07 14.92
C THR B 276 -0.46 6.13 13.63
N PRO B 277 -0.01 4.97 13.10
CA PRO B 277 0.98 5.09 12.02
C PRO B 277 0.39 5.59 10.74
N GLY B 278 0.99 6.67 10.23
CA GLY B 278 0.52 7.31 9.02
C GLY B 278 1.30 8.59 8.76
N VAL B 279 0.87 9.32 7.73
CA VAL B 279 1.51 10.55 7.30
C VAL B 279 0.43 11.62 7.37
N TYR B 280 0.71 12.63 8.20
CA TYR B 280 -0.26 13.66 8.55
C TYR B 280 0.22 15.02 8.03
N HIS B 281 -0.50 15.58 7.07
CA HIS B 281 -0.17 16.94 6.64
C HIS B 281 -0.95 17.97 7.47
N VAL B 282 -0.27 19.00 7.94
CA VAL B 282 -0.86 20.00 8.81
C VAL B 282 -0.77 21.41 8.24
N ASP B 283 -1.73 22.20 8.70
CA ASP B 283 -2.16 23.51 8.25
C ASP B 283 -1.53 24.64 9.04
N GLN B 284 -0.84 24.25 10.09
CA GLN B 284 -0.57 25.07 11.26
C GLN B 284 0.21 24.13 12.19
N PRO B 285 1.13 24.67 12.98
CA PRO B 285 1.85 23.95 14.03
C PRO B 285 0.88 23.23 14.95
N ILE B 286 1.19 21.99 15.21
CA ILE B 286 0.63 21.33 16.35
C ILE B 286 1.24 22.08 17.51
N GLU B 287 0.38 22.61 18.38
CA GLU B 287 0.81 23.46 19.50
C GLU B 287 0.49 22.73 20.80
N ILE B 288 1.53 22.42 21.55
CA ILE B 288 1.41 21.74 22.83
C ILE B 288 1.82 22.71 23.95
N ASP B 289 0.79 23.22 24.63
CA ASP B 289 0.97 24.20 25.68
C ASP B 289 0.27 23.81 26.99
N ARG B 290 0.16 22.51 27.22
CA ARG B 290 -0.27 21.96 28.52
C ARG B 290 0.85 21.12 29.14
N ALA B 291 1.15 21.41 30.41
CA ALA B 291 2.19 20.69 31.10
C ALA B 291 1.89 19.17 31.11
N ASN B 292 2.95 18.38 31.04
CA ASN B 292 2.85 16.91 31.12
C ASN B 292 2.18 16.20 29.94
N THR B 293 1.94 16.94 28.89
CA THR B 293 1.36 16.35 27.68
C THR B 293 2.31 15.36 27.06
N VAL B 294 1.77 14.19 26.74
CA VAL B 294 2.52 13.14 26.03
C VAL B 294 2.04 13.15 24.58
N ALA B 295 2.98 13.19 23.66
CA ALA B 295 2.71 13.08 22.23
C ALA B 295 3.51 11.95 21.67
N LEU B 296 2.87 10.80 21.58
CA LEU B 296 3.56 9.53 21.26
C LEU B 296 3.18 9.04 19.86
N GLY B 297 4.19 8.75 19.03
CA GLY B 297 3.96 8.19 17.70
C GLY B 297 4.21 6.70 17.67
N LEU B 298 3.38 6.01 16.89
CA LEU B 298 3.55 4.61 16.57
C LEU B 298 3.93 4.45 15.10
N GLY B 299 4.76 3.44 14.82
CA GLY B 299 5.05 3.05 13.48
C GLY B 299 5.59 4.18 12.60
N LEU B 300 6.48 5.03 13.14
CA LEU B 300 7.16 6.08 12.37
C LEU B 300 6.14 7.09 11.79
N ALA B 301 5.09 7.32 12.58
CA ALA B 301 4.12 8.38 12.33
C ALA B 301 4.84 9.67 11.97
N THR B 302 4.37 10.30 10.89
CA THR B 302 5.07 11.41 10.26
C THR B 302 4.17 12.64 10.15
N ILE B 303 4.72 13.82 10.46
CA ILE B 303 4.03 15.08 10.26
C ILE B 303 4.74 15.86 9.17
N ILE B 304 3.97 16.32 8.20
CA ILE B 304 4.46 17.21 7.15
C ILE B 304 3.75 18.56 7.21
N PRO B 305 4.49 19.61 7.56
CA PRO B 305 3.83 20.92 7.52
C PRO B 305 3.72 21.48 6.10
N ASP B 306 2.52 21.93 5.74
CA ASP B 306 2.25 22.55 4.45
C ASP B 306 2.36 24.06 4.57
N ASN B 307 2.44 24.77 3.43
CA ASN B 307 2.30 26.23 3.43
C ASN B 307 3.42 26.96 4.18
N GLY B 308 4.51 26.24 4.44
CA GLY B 308 5.68 26.80 5.10
C GLY B 308 5.57 26.96 6.60
N VAL B 309 4.57 26.32 7.18
CA VAL B 309 4.34 26.45 8.61
C VAL B 309 5.31 25.59 9.43
N THR B 310 5.46 25.95 10.69
CA THR B 310 6.17 25.11 11.63
C THR B 310 5.29 23.87 11.96
N ALA B 311 5.88 22.70 12.12
CA ALA B 311 5.09 21.51 12.35
C ALA B 311 4.69 21.36 13.82
N LEU B 312 5.61 21.69 14.70
CA LEU B 312 5.38 21.43 16.10
C LEU B 312 5.99 22.54 16.95
N LYS B 313 5.15 23.09 17.83
CA LYS B 313 5.58 24.17 18.73
C LYS B 313 5.15 23.82 20.13
N VAL B 314 6.12 23.58 21.00
CA VAL B 314 5.83 23.29 22.41
C VAL B 314 5.98 24.55 23.23
N GLY B 315 5.06 24.74 24.16
CA GLY B 315 5.05 25.97 24.94
C GLY B 315 5.94 25.91 26.16
N ASP B 316 5.86 27.00 26.94
CA ASP B 316 6.73 27.27 28.07
C ASP B 316 6.32 26.54 29.35
N VAL B 317 6.17 25.21 29.23
CA VAL B 317 5.62 24.33 30.27
C VAL B 317 6.53 23.13 30.61
N ASP B 318 6.27 22.61 31.81
CA ASP B 318 6.93 21.46 32.39
C ASP B 318 6.48 20.16 31.69
N GLY B 319 7.40 19.21 31.54
CA GLY B 319 7.02 17.82 31.38
C GLY B 319 6.43 17.29 30.08
N VAL B 320 6.54 18.04 29.00
CA VAL B 320 6.04 17.57 27.73
C VAL B 320 6.97 16.48 27.20
N LYS B 321 6.38 15.39 26.74
CA LYS B 321 7.13 14.23 26.25
C LYS B 321 6.72 13.94 24.79
N VAL B 322 7.61 14.31 23.89
CA VAL B 322 7.39 14.05 22.49
C VAL B 322 8.29 12.90 22.12
N ALA B 323 7.70 11.86 21.52
CA ALA B 323 8.50 10.70 21.14
C ALA B 323 7.92 9.90 19.94
N GLY B 324 8.80 9.43 19.04
CA GLY B 324 8.40 8.53 17.96
C GLY B 324 8.19 9.07 16.56
N LEU B 325 8.21 10.38 16.47
CA LEU B 325 7.69 11.11 15.32
C LEU B 325 8.78 11.48 14.35
N LEU B 326 8.44 11.41 13.07
CA LEU B 326 9.28 11.88 11.99
C LEU B 326 8.63 13.14 11.42
N VAL B 327 9.33 14.26 11.46
CA VAL B 327 8.81 15.50 10.88
C VAL B 327 9.49 15.63 9.52
N ASP B 328 8.71 15.75 8.44
CA ASP B 328 9.22 15.68 7.06
C ASP B 328 8.90 17.03 6.41
N ALA B 329 9.92 17.78 6.00
CA ALA B 329 9.67 19.09 5.40
C ALA B 329 8.81 18.98 4.13
N GLY B 330 7.94 19.97 3.95
CA GLY B 330 7.23 20.18 2.70
C GLY B 330 8.08 20.99 1.71
N PRO B 331 7.68 21.01 0.44
CA PRO B 331 8.54 21.74 -0.51
C PRO B 331 8.56 23.26 -0.33
N VAL B 332 7.54 23.82 0.31
CA VAL B 332 7.58 25.24 0.68
C VAL B 332 8.44 25.40 1.94
N ASN B 333 9.41 26.29 1.85
CA ASN B 333 10.32 26.55 2.99
C ASN B 333 9.60 26.86 4.28
N SER B 334 9.89 26.05 5.31
CA SER B 334 9.48 26.37 6.65
C SER B 334 10.64 27.07 7.37
N GLU B 335 10.35 28.16 8.02
CA GLU B 335 11.33 28.88 8.81
C GLU B 335 11.89 28.04 9.95
N THR B 336 11.00 27.33 10.62
CA THR B 336 11.38 26.27 11.54
C THR B 336 10.48 25.06 11.37
N LEU B 337 11.00 23.86 11.67
CA LEU B 337 10.15 22.68 11.69
C LEU B 337 9.62 22.29 13.09
N VAL B 338 10.49 22.34 14.09
CA VAL B 338 10.15 22.07 15.49
C VAL B 338 10.71 23.15 16.41
N GLU B 339 9.84 23.68 17.29
CA GLU B 339 10.30 24.60 18.34
C GLU B 339 9.96 24.08 19.72
N VAL B 340 10.89 24.19 20.67
CA VAL B 340 10.57 23.87 22.06
C VAL B 340 10.80 25.11 22.92
N GLY B 341 9.69 25.73 23.27
CA GLY B 341 9.68 26.93 24.09
C GLY B 341 9.66 28.13 23.18
N SER B 342 9.22 29.25 23.73
CA SER B 342 9.10 30.43 22.93
C SER B 342 10.45 31.08 22.74
N ASP B 343 10.55 31.93 21.74
CA ASP B 343 11.75 32.69 21.53
C ASP B 343 12.02 33.56 22.81
N GLY B 344 13.18 33.37 23.45
CA GLY B 344 13.52 34.01 24.72
C GLY B 344 12.92 33.46 26.03
N ALA B 345 12.54 32.19 26.06
CA ALA B 345 11.99 31.61 27.30
C ALA B 345 13.01 31.49 28.42
N SER B 346 12.57 31.96 29.58
CA SER B 346 13.39 32.28 30.71
C SER B 346 13.18 31.39 31.95
N GLY B 347 12.11 30.63 31.96
CA GLY B 347 11.84 29.82 33.14
C GLY B 347 12.63 28.56 33.23
N ASP B 348 12.57 27.90 34.40
CA ASP B 348 13.24 26.62 34.60
C ASP B 348 12.27 25.45 34.68
N HIS B 349 12.75 24.25 34.29
CA HIS B 349 11.92 23.06 34.23
C HIS B 349 12.73 21.87 34.78
N ALA B 350 13.56 22.12 35.82
CA ALA B 350 14.58 21.14 36.23
C ALA B 350 13.98 19.87 36.83
N ALA B 351 12.91 20.01 37.61
CA ALA B 351 12.28 18.89 38.31
C ALA B 351 11.28 18.12 37.40
N ASN B 352 11.17 18.50 36.13
CA ASN B 352 10.18 17.90 35.22
C ASN B 352 10.35 18.52 33.82
N PRO B 353 11.42 18.13 33.14
CA PRO B 353 11.79 18.67 31.85
C PRO B 353 10.85 18.27 30.73
N THR B 354 10.90 19.03 29.65
CA THR B 354 10.37 18.58 28.36
C THR B 354 11.44 17.78 27.66
N SER B 355 11.02 16.73 26.97
CA SER B 355 11.96 15.97 26.17
C SER B 355 11.43 15.60 24.79
N LEU B 356 12.38 15.45 23.87
CA LEU B 356 12.17 14.93 22.55
C LEU B 356 12.99 13.63 22.46
N GLN B 357 12.31 12.53 22.15
CA GLN B 357 12.96 11.21 22.05
C GLN B 357 12.52 10.51 20.80
N ASP B 358 13.49 9.95 20.07
CA ASP B 358 13.19 9.37 18.75
C ASP B 358 12.36 10.35 17.91
N VAL B 359 12.81 11.60 17.90
CA VAL B 359 12.23 12.59 17.00
C VAL B 359 13.21 12.73 15.86
N PHE B 360 12.73 12.44 14.66
CA PHE B 360 13.56 12.46 13.48
C PHE B 360 13.04 13.55 12.56
N VAL B 361 13.95 14.16 11.82
CA VAL B 361 13.58 15.27 10.95
C VAL B 361 14.24 14.99 9.60
N ARG B 362 13.47 15.13 8.53
CA ARG B 362 13.95 14.87 7.17
C ARG B 362 13.63 16.09 6.31
N ILE B 363 14.59 16.53 5.52
CA ILE B 363 14.42 17.60 4.58
C ILE B 363 14.81 17.10 3.19
N GLY B 364 13.79 16.84 2.35
CA GLY B 364 14.01 16.27 1.03
C GLY B 364 14.12 14.76 1.03
N GLY B 365 14.22 14.16 -0.14
CA GLY B 365 14.46 12.73 -0.24
C GLY B 365 13.27 11.99 -0.84
N ALA B 366 12.10 12.47 -0.49
CA ALA B 366 10.85 11.97 -1.05
C ALA B 366 10.11 13.06 -1.79
N GLY B 367 10.87 13.92 -2.45
CA GLY B 367 10.36 15.06 -3.19
C GLY B 367 11.09 16.24 -2.57
N PRO B 368 11.04 17.45 -3.20
CA PRO B 368 11.71 18.54 -2.49
C PRO B 368 11.09 18.87 -1.17
N GLY B 369 11.96 19.27 -0.27
CA GLY B 369 11.58 19.82 0.99
C GLY B 369 12.65 20.85 1.36
N LYS B 370 12.22 21.92 2.05
CA LYS B 370 13.12 22.96 2.55
C LYS B 370 12.74 23.46 3.91
N ALA B 371 13.74 23.80 4.72
CA ALA B 371 13.52 24.51 5.96
C ALA B 371 14.78 25.25 6.35
N THR B 372 14.63 26.41 6.98
CA THR B 372 15.79 27.20 7.32
C THR B 372 16.51 26.61 8.54
N THR B 373 15.78 26.44 9.65
CA THR B 373 16.29 25.82 10.88
C THR B 373 15.35 24.72 11.32
N SER B 374 15.86 23.51 11.55
CA SER B 374 14.97 22.37 11.75
C SER B 374 14.41 22.30 13.17
N ILE B 375 15.30 22.30 14.15
CA ILE B 375 14.84 22.25 15.55
C ILE B 375 15.47 23.36 16.35
N VAL B 376 14.61 24.16 16.98
CA VAL B 376 15.05 25.23 17.89
C VAL B 376 14.64 24.86 19.29
N VAL B 377 15.63 24.76 20.15
CA VAL B 377 15.36 24.52 21.57
C VAL B 377 15.60 25.78 22.37
N ASN B 378 14.49 26.35 22.83
CA ASN B 378 14.52 27.52 23.71
C ASN B 378 14.41 27.20 25.18
N SER B 379 13.64 26.18 25.52
CA SER B 379 13.31 25.95 26.92
C SER B 379 14.43 25.28 27.73
N ASN B 380 14.70 25.87 28.88
CA ASN B 380 15.72 25.40 29.78
C ASN B 380 15.42 23.98 30.27
N ASP B 381 16.50 23.23 30.46
CA ASP B 381 16.49 21.89 31.06
C ASP B 381 15.93 20.78 30.12
N THR B 382 15.67 21.14 28.88
CA THR B 382 15.18 20.20 27.87
C THR B 382 16.17 19.08 27.66
N ILE B 383 15.64 17.86 27.58
CA ILE B 383 16.40 16.68 27.14
C ILE B 383 16.11 16.29 25.69
N ILE B 384 17.15 16.13 24.88
CA ILE B 384 16.97 15.55 23.56
C ILE B 384 17.76 14.24 23.53
N ASP B 385 16.97 13.17 23.54
CA ASP B 385 17.46 11.80 23.76
C ASP B 385 17.13 10.97 22.53
N HIS B 386 18.08 10.93 21.61
CA HIS B 386 17.98 10.30 20.31
C HIS B 386 17.24 11.13 19.28
N THR B 387 18.03 11.86 18.53
CA THR B 387 17.48 12.55 17.37
C THR B 387 18.37 12.36 16.13
N TRP B 388 17.74 12.24 14.97
CA TRP B 388 18.42 12.31 13.67
C TRP B 388 17.76 13.42 12.89
N VAL B 389 18.55 14.45 12.58
CA VAL B 389 18.09 15.66 11.90
C VAL B 389 18.91 15.65 10.61
N TRP B 390 18.23 15.35 9.51
CA TRP B 390 18.88 14.89 8.28
C TRP B 390 18.39 15.64 7.06
N ARG B 391 19.30 16.40 6.46
CA ARG B 391 19.05 16.98 5.15
C ARG B 391 19.41 15.93 4.13
N ALA B 392 18.44 15.49 3.35
CA ALA B 392 18.65 14.31 2.54
C ALA B 392 19.84 14.42 1.59
N ASP B 393 20.70 13.41 1.53
CA ASP B 393 21.78 13.36 0.56
C ASP B 393 21.48 12.52 -0.66
N HIS B 394 20.36 11.80 -0.68
CA HIS B 394 19.98 10.95 -1.80
C HIS B 394 18.47 10.85 -1.82
N GLY B 395 17.94 10.30 -2.91
CA GLY B 395 16.50 10.28 -3.13
C GLY B 395 16.04 11.41 -4.04
N GLU B 396 14.72 11.62 -4.09
CA GLU B 396 14.11 12.61 -4.99
C GLU B 396 14.00 13.98 -4.30
N GLY B 397 14.26 15.03 -5.07
CA GLY B 397 14.16 16.39 -4.55
C GLY B 397 15.34 16.81 -3.71
N VAL B 398 16.55 16.35 -4.10
CA VAL B 398 17.79 16.67 -3.40
C VAL B 398 18.76 17.40 -4.34
N GLY B 399 19.41 18.40 -3.75
CA GLY B 399 20.31 19.31 -4.45
C GLY B 399 20.63 20.56 -3.62
N TRP B 400 21.68 21.27 -4.02
CA TRP B 400 22.27 22.29 -3.17
C TRP B 400 21.28 23.40 -2.99
N GLU B 401 20.39 23.55 -3.97
CA GLU B 401 19.26 24.45 -3.82
C GLU B 401 17.93 23.72 -3.71
N THR B 402 17.83 22.57 -4.36
CA THR B 402 16.57 21.80 -4.41
C THR B 402 16.00 21.54 -3.00
N ASN B 403 16.86 21.05 -2.11
CA ASN B 403 16.49 20.84 -0.72
C ASN B 403 17.42 21.57 0.26
N ARG B 404 17.74 22.83 -0.06
CA ARG B 404 18.56 23.64 0.84
C ARG B 404 17.95 23.68 2.25
N ALA B 405 18.83 23.56 3.23
CA ALA B 405 18.47 23.65 4.63
C ALA B 405 19.67 24.17 5.38
N ASP B 406 19.65 25.43 5.82
CA ASP B 406 20.87 26.02 6.37
C ASP B 406 21.30 25.45 7.70
N TYR B 407 20.34 25.29 8.61
CA TYR B 407 20.65 24.99 9.99
C TYR B 407 19.90 23.79 10.53
N GLY B 408 20.61 22.95 11.27
CA GLY B 408 20.01 21.73 11.80
C GLY B 408 19.35 22.03 13.12
N VAL B 409 20.14 21.97 14.17
CA VAL B 409 19.64 22.23 15.53
C VAL B 409 20.26 23.50 16.07
N HIS B 410 19.43 24.33 16.71
CA HIS B 410 19.88 25.57 17.38
C HIS B 410 19.41 25.48 18.82
N VAL B 411 20.34 25.32 19.75
CA VAL B 411 19.99 25.27 21.18
C VAL B 411 20.24 26.61 21.84
N LYS B 412 19.15 27.23 22.31
CA LYS B 412 19.19 28.55 22.96
C LYS B 412 18.96 28.46 24.47
N GLY B 413 18.34 27.37 24.92
CA GLY B 413 18.06 27.18 26.35
C GLY B 413 19.34 26.84 27.10
N ASP B 414 19.28 26.98 28.44
CA ASP B 414 20.33 26.62 29.36
C ASP B 414 20.05 25.23 29.96
N ASN B 415 21.11 24.58 30.41
CA ASN B 415 21.07 23.22 30.96
C ASN B 415 20.40 22.21 30.06
N VAL B 416 20.54 22.41 28.75
CA VAL B 416 20.01 21.43 27.80
C VAL B 416 20.98 20.26 27.66
N LEU B 417 20.41 19.05 27.60
CA LEU B 417 21.22 17.82 27.47
C LEU B 417 20.79 17.13 26.19
N ALA B 418 21.77 16.74 25.39
CA ALA B 418 21.55 15.89 24.24
C ALA B 418 22.30 14.59 24.40
N THR B 419 21.58 13.47 24.34
CA THR B 419 22.19 12.15 24.38
C THR B 419 21.86 11.43 23.05
N GLY B 420 22.89 11.10 22.26
CA GLY B 420 22.65 10.46 20.96
C GLY B 420 22.12 11.46 19.95
N LEU B 421 22.98 12.41 19.62
CA LEU B 421 22.68 13.48 18.67
C LEU B 421 23.28 13.17 17.30
N PHE B 422 22.43 12.97 16.28
CA PHE B 422 22.85 12.68 14.90
C PHE B 422 22.29 13.81 13.99
N VAL B 423 23.15 14.59 13.35
CA VAL B 423 22.70 15.71 12.53
C VAL B 423 23.60 15.82 11.31
N GLU B 424 23.01 15.78 10.11
CA GLU B 424 23.85 15.69 8.90
C GLU B 424 23.37 16.52 7.70
N HIS B 425 24.38 17.04 7.01
CA HIS B 425 24.34 17.58 5.66
C HIS B 425 23.76 18.99 5.45
N PHE B 426 23.64 19.78 6.52
CA PHE B 426 23.10 21.13 6.38
C PHE B 426 24.03 22.06 5.57
N ASN B 427 23.45 23.06 4.87
CA ASN B 427 24.27 23.97 4.09
C ASN B 427 25.14 24.90 4.91
N LYS B 428 24.79 25.08 6.17
CA LYS B 428 25.56 25.93 7.10
C LYS B 428 25.80 25.13 8.40
N TYR B 429 25.69 25.72 9.58
CA TYR B 429 25.95 24.98 10.79
C TYR B 429 24.95 23.87 11.08
N ASP B 430 25.43 22.65 11.25
CA ASP B 430 24.51 21.55 11.54
C ASP B 430 23.92 21.75 12.93
N VAL B 431 24.80 22.03 13.88
CA VAL B 431 24.41 22.33 15.26
C VAL B 431 25.08 23.60 15.74
N GLN B 432 24.25 24.47 16.31
CA GLN B 432 24.72 25.71 16.93
C GLN B 432 24.18 25.77 18.34
N TRP B 433 25.04 26.06 19.29
CA TRP B 433 24.66 26.09 20.70
C TRP B 433 25.01 27.46 21.24
N SER B 434 23.95 28.15 21.71
CA SER B 434 24.01 29.50 22.25
C SER B 434 23.71 29.61 23.75
N GLY B 435 23.09 28.59 24.34
CA GLY B 435 22.75 28.62 25.76
C GLY B 435 23.83 28.08 26.68
N GLU B 436 23.65 28.26 27.97
CA GLU B 436 24.65 27.93 28.96
C GLU B 436 24.53 26.48 29.42
N ASN B 437 25.66 25.94 29.84
CA ASN B 437 25.72 24.62 30.49
C ASN B 437 25.13 23.55 29.63
N GLY B 438 25.23 23.70 28.32
CA GLY B 438 24.86 22.62 27.42
C GLY B 438 25.81 21.42 27.56
N LYS B 439 25.28 20.25 27.25
CA LYS B 439 26.02 19.00 27.32
C LYS B 439 25.55 18.10 26.20
N THR B 440 26.50 17.55 25.44
CA THR B 440 26.21 16.54 24.41
C THR B 440 27.02 15.28 24.72
N ILE B 441 26.32 14.17 24.87
CA ILE B 441 26.95 12.85 24.97
C ILE B 441 26.62 12.10 23.67
N PHE B 442 27.66 11.91 22.89
CA PHE B 442 27.63 11.32 21.52
C PHE B 442 27.05 12.25 20.45
N TYR B 443 27.87 12.53 19.45
CA TYR B 443 27.50 13.31 18.27
C TYR B 443 28.05 12.63 17.02
N GLN B 444 27.17 12.45 16.03
CA GLN B 444 27.56 12.01 14.70
C GLN B 444 27.06 13.01 13.68
N ASN B 445 28.02 13.53 12.92
CA ASN B 445 27.75 14.44 11.79
C ASN B 445 28.43 13.95 10.49
N ALA B 446 27.74 14.20 9.37
CA ALA B 446 28.37 14.20 8.05
C ALA B 446 28.01 15.54 7.45
N LYS B 447 29.01 16.16 6.81
CA LYS B 447 28.80 17.45 6.17
C LYS B 447 28.08 17.27 4.82
N ALA B 448 27.58 18.38 4.29
CA ALA B 448 26.88 18.34 3.01
C ALA B 448 27.80 17.74 1.94
N TYR B 449 27.35 16.73 1.17
CA TYR B 449 28.20 16.15 0.11
C TYR B 449 28.18 16.97 -1.16
N ASP B 450 27.11 17.74 -1.31
CA ASP B 450 26.76 18.30 -2.59
C ASP B 450 27.16 19.75 -2.73
N ALA B 451 27.92 20.23 -1.77
CA ALA B 451 28.58 21.50 -1.90
C ALA B 451 29.33 21.62 -3.24
N PRO B 452 29.01 22.65 -4.06
CA PRO B 452 29.58 22.70 -5.43
C PRO B 452 30.99 23.29 -5.57
N ASP B 453 31.34 24.19 -4.66
CA ASP B 453 32.65 24.81 -4.63
C ASP B 453 32.94 25.48 -3.27
N GLN B 454 34.18 25.91 -3.11
CA GLN B 454 34.64 26.43 -1.85
C GLN B 454 33.86 27.66 -1.39
N ALA B 455 33.57 28.58 -2.33
CA ALA B 455 32.86 29.79 -1.95
C ALA B 455 31.45 29.51 -1.43
N ALA B 456 30.90 28.34 -1.76
CA ALA B 456 29.52 27.98 -1.36
C ALA B 456 29.37 27.75 0.14
N ILE B 457 30.50 27.47 0.80
CA ILE B 457 30.48 27.20 2.25
C ILE B 457 31.44 28.12 3.01
N GLN B 458 31.82 29.21 2.38
CA GLN B 458 32.63 30.18 3.10
C GLN B 458 31.80 30.72 4.26
N ASN B 459 32.36 30.58 5.44
CA ASN B 459 31.79 31.14 6.68
C ASN B 459 32.62 32.40 6.83
N GLY B 460 32.53 33.24 5.79
CA GLY B 460 33.24 34.49 5.71
C GLY B 460 34.78 34.37 5.68
N ASP B 461 35.38 34.40 6.87
CA ASP B 461 36.80 34.16 7.03
C ASP B 461 37.23 32.72 7.47
N ILE B 462 36.26 31.82 7.43
CA ILE B 462 36.42 30.41 7.75
C ILE B 462 36.00 29.60 6.53
N LYS B 463 36.82 28.61 6.16
CA LYS B 463 36.45 27.71 5.09
C LYS B 463 35.43 26.69 5.67
N GLY B 464 34.18 26.81 5.27
CA GLY B 464 33.13 25.93 5.75
C GLY B 464 32.51 26.37 7.08
N TYR B 465 31.38 25.75 7.40
CA TYR B 465 30.68 25.96 8.69
C TYR B 465 30.87 24.74 9.57
N ALA B 466 31.24 24.93 10.82
CA ALA B 466 31.38 23.80 11.74
C ALA B 466 30.14 22.91 11.79
N ALA B 467 30.34 21.62 12.00
CA ALA B 467 29.24 20.71 12.32
C ALA B 467 28.64 21.00 13.68
N TYR B 468 29.43 21.56 14.57
CA TYR B 468 28.99 21.82 15.93
C TYR B 468 29.73 23.05 16.41
N LYS B 469 28.95 24.14 16.56
CA LYS B 469 29.46 25.41 16.98
C LYS B 469 28.92 25.83 18.30
N VAL B 470 29.83 26.08 19.25
CA VAL B 470 29.51 26.73 20.50
C VAL B 470 29.81 28.21 20.37
N ASP B 471 28.76 28.98 20.61
CA ASP B 471 28.79 30.43 20.70
C ASP B 471 29.99 30.94 21.53
N ASP B 472 30.78 31.92 21.10
CA ASP B 472 31.91 32.26 21.99
C ASP B 472 31.49 33.22 23.15
N SER B 473 30.22 33.61 23.21
CA SER B 473 29.71 34.21 24.45
C SER B 473 29.42 33.15 25.50
N VAL B 474 29.43 31.88 25.12
CA VAL B 474 29.09 30.85 26.07
C VAL B 474 30.17 30.64 27.16
N THR B 475 29.72 30.53 28.42
CA THR B 475 30.60 30.35 29.60
C THR B 475 30.94 28.87 29.91
N THR B 476 29.94 27.99 29.90
CA THR B 476 30.19 26.57 30.23
C THR B 476 29.52 25.68 29.17
N HIS B 477 30.21 24.62 28.77
CA HIS B 477 29.67 23.63 27.81
C HIS B 477 30.56 22.40 27.89
N GLU B 478 29.99 21.22 27.63
CA GLU B 478 30.80 20.01 27.63
C GLU B 478 30.24 19.03 26.64
N GLY B 479 31.11 18.36 25.90
CA GLY B 479 30.69 17.38 24.91
C GLY B 479 31.65 16.19 24.93
N TRP B 480 31.09 15.00 24.70
CA TRP B 480 31.84 13.75 24.77
C TRP B 480 31.53 12.85 23.56
N GLY B 481 32.55 12.31 22.91
CA GLY B 481 32.32 11.30 21.89
C GLY B 481 31.73 11.88 20.61
N MET B 482 32.47 12.79 19.96
CA MET B 482 31.94 13.56 18.83
C MET B 482 32.71 13.40 17.53
N GLY B 483 31.97 13.12 16.45
CA GLY B 483 32.60 13.05 15.11
C GLY B 483 31.87 13.81 14.01
N SER B 484 32.66 14.42 13.12
CA SER B 484 32.15 14.98 11.87
C SER B 484 32.90 14.34 10.67
N TYR B 485 32.16 13.86 9.67
CA TYR B 485 32.76 13.23 8.47
C TYR B 485 32.44 14.05 7.22
N CYS B 486 33.37 14.08 6.26
CA CYS B 486 33.12 14.75 4.97
C CYS B 486 33.23 13.81 3.79
N TYR B 487 32.46 14.14 2.78
CA TYR B 487 32.41 13.43 1.49
C TYR B 487 31.91 14.43 0.46
N PHE B 488 32.85 15.24 -0.01
CA PHE B 488 32.52 16.32 -0.93
C PHE B 488 32.69 15.74 -2.31
N ASN B 489 31.66 15.00 -2.72
CA ASN B 489 31.81 14.18 -3.90
C ASN B 489 31.60 15.00 -5.15
N VAL B 490 30.86 16.10 -5.02
CA VAL B 490 30.65 17.00 -6.12
C VAL B 490 31.92 17.77 -6.43
N ASN B 491 32.64 18.15 -5.37
CA ASN B 491 33.86 18.92 -5.54
C ASN B 491 34.89 18.51 -4.50
N PRO B 492 35.66 17.44 -4.83
CA PRO B 492 36.62 16.83 -3.90
C PRO B 492 37.77 17.71 -3.49
N ASP B 493 38.00 18.85 -4.16
CA ASP B 493 39.14 19.70 -3.78
C ASP B 493 38.73 20.72 -2.71
N ILE B 494 37.49 20.62 -2.22
CA ILE B 494 37.03 21.44 -1.12
C ILE B 494 37.79 21.13 0.16
N ARG B 495 37.90 22.15 1.01
CA ARG B 495 38.49 22.04 2.33
C ARG B 495 37.51 22.54 3.36
N GLN B 496 37.28 21.73 4.40
CA GLN B 496 36.47 22.08 5.53
C GLN B 496 37.43 22.48 6.66
N GLN B 497 37.37 23.69 7.19
CA GLN B 497 38.46 24.06 8.15
C GLN B 497 38.41 23.22 9.40
N HIS B 498 37.21 22.94 9.90
CA HIS B 498 37.09 22.16 11.13
C HIS B 498 35.72 21.52 11.30
N GLY B 499 35.66 20.54 12.18
CA GLY B 499 34.39 19.89 12.53
C GLY B 499 33.65 20.66 13.60
N PHE B 500 34.44 21.28 14.46
CA PHE B 500 34.00 21.87 15.72
C PHE B 500 34.56 23.28 15.87
N GLN B 501 33.76 24.16 16.44
CA GLN B 501 34.19 25.50 16.84
C GLN B 501 33.60 25.94 18.19
N ALA B 502 34.44 26.50 19.04
CA ALA B 502 34.06 26.84 20.39
C ALA B 502 35.08 27.76 21.02
N PRO B 503 34.63 28.67 21.91
CA PRO B 503 35.55 29.53 22.67
C PRO B 503 36.44 28.79 23.64
N VAL B 504 37.68 29.28 23.79
CA VAL B 504 38.62 28.70 24.71
C VAL B 504 38.42 29.36 26.10
N LYS B 505 37.93 28.56 27.06
CA LYS B 505 37.52 28.97 28.38
C LYS B 505 37.57 27.76 29.28
N PRO B 506 37.92 27.94 30.57
CA PRO B 506 37.92 26.80 31.49
C PRO B 506 36.59 26.05 31.62
N GLY B 507 35.45 26.69 31.38
CA GLY B 507 34.17 26.02 31.57
C GLY B 507 33.70 25.34 30.29
N VAL B 508 34.39 25.56 29.16
CA VAL B 508 34.09 24.88 27.88
C VAL B 508 35.11 23.77 27.61
N LYS B 509 34.62 22.56 27.44
CA LYS B 509 35.49 21.40 27.47
C LYS B 509 34.92 20.30 26.56
N PHE B 510 35.78 19.68 25.78
CA PHE B 510 35.35 18.55 24.92
C PHE B 510 36.29 17.35 25.10
N HIS B 511 35.72 16.18 24.91
CA HIS B 511 36.40 14.93 25.12
C HIS B 511 36.17 14.05 23.91
N ASP B 512 37.25 13.56 23.30
CA ASP B 512 37.20 12.56 22.25
C ASP B 512 36.47 13.06 21.03
N LEU B 513 37.20 13.89 20.29
CA LEU B 513 36.76 14.46 19.05
C LEU B 513 37.49 13.80 17.87
N LEU B 514 36.77 13.65 16.75
CA LEU B 514 37.37 13.17 15.54
C LEU B 514 36.73 13.83 14.33
N VAL B 515 37.55 13.96 13.30
CA VAL B 515 37.03 14.23 11.96
C VAL B 515 37.59 13.26 10.95
N VAL B 516 36.83 13.00 9.88
CA VAL B 516 37.19 11.94 8.94
C VAL B 516 36.79 12.36 7.52
N SER B 517 37.73 12.25 6.57
CA SER B 517 37.41 12.33 5.16
C SER B 517 37.09 10.94 4.65
N LEU B 518 35.92 10.77 4.04
CA LEU B 518 35.54 9.51 3.42
C LEU B 518 36.07 9.38 1.94
N GLY B 519 37.11 8.58 1.71
CA GLY B 519 37.59 8.40 0.34
C GLY B 519 38.31 9.62 -0.21
N GLY B 520 39.00 10.37 0.65
CA GLY B 520 39.70 11.57 0.22
C GLY B 520 38.85 12.59 -0.51
N LYS B 521 37.53 12.48 -0.33
CA LYS B 521 36.61 13.43 -0.95
C LYS B 521 36.51 14.68 -0.10
N GLY B 522 37.34 15.66 -0.45
CA GLY B 522 37.56 16.78 0.41
C GLY B 522 38.47 16.39 1.56
N GLN B 523 38.89 17.39 2.33
CA GLN B 523 39.67 17.16 3.54
C GLN B 523 39.36 18.23 4.59
N TYR B 524 39.50 17.84 5.85
CA TYR B 524 39.49 18.77 6.98
C TYR B 524 40.86 19.43 7.18
N GLU B 525 40.94 20.72 7.49
CA GLU B 525 42.23 21.37 7.78
C GLU B 525 42.62 21.17 9.27
N HIS B 526 41.60 20.96 10.10
CA HIS B 526 41.77 20.83 11.55
C HIS B 526 40.57 20.08 12.14
N VAL B 527 40.64 19.81 13.44
CA VAL B 527 39.55 19.13 14.16
C VAL B 527 38.56 20.12 14.78
N ILE B 528 39.08 20.99 15.64
CA ILE B 528 38.29 22.04 16.33
C ILE B 528 39.04 23.35 16.19
N ASN B 529 38.32 24.44 15.93
CA ASN B 529 38.96 25.73 15.75
C ASN B 529 40.08 25.51 14.69
N ASP B 530 41.29 26.02 14.91
CA ASP B 530 42.45 25.83 14.01
C ASP B 530 43.45 24.83 14.62
N ILE B 531 42.91 23.76 15.23
CA ILE B 531 43.63 22.86 16.13
C ILE B 531 43.39 21.38 15.83
N GLY B 532 44.46 20.62 15.97
CA GLY B 532 44.46 19.22 15.57
C GLY B 532 44.81 19.10 14.10
N ASP B 533 45.17 17.88 13.72
CA ASP B 533 45.83 17.66 12.46
C ASP B 533 44.79 17.61 11.33
N PRO B 534 45.19 18.09 10.13
CA PRO B 534 44.34 17.87 8.96
C PRO B 534 44.19 16.39 8.67
N THR B 535 43.12 16.03 7.96
CA THR B 535 43.00 14.71 7.37
C THR B 535 43.82 14.70 6.10
N SER B 536 44.44 13.56 5.78
CA SER B 536 45.23 13.41 4.58
C SER B 536 45.01 12.06 3.97
N GLY B 537 45.34 11.94 2.68
CA GLY B 537 45.23 10.69 1.95
C GLY B 537 43.78 10.41 1.55
N ASP B 538 43.56 9.23 0.97
CA ASP B 538 42.21 8.79 0.57
C ASP B 538 41.77 7.53 1.28
N THR B 539 42.48 7.22 2.36
CA THR B 539 42.36 5.94 3.05
C THR B 539 41.52 5.99 4.36
N THR B 540 40.85 7.10 4.59
CA THR B 540 39.78 7.12 5.62
C THR B 540 40.25 6.88 7.06
N ILE B 541 41.34 7.57 7.40
CA ILE B 541 41.86 7.55 8.76
C ILE B 541 41.49 8.82 9.52
N PRO B 542 40.85 8.67 10.68
CA PRO B 542 40.43 9.88 11.39
C PRO B 542 41.56 10.72 11.93
N SER B 543 41.31 12.01 12.08
CA SER B 543 42.18 12.89 12.84
C SER B 543 41.49 13.16 14.15
N GLN B 544 42.21 12.95 15.24
CA GLN B 544 41.60 12.83 16.55
C GLN B 544 42.15 13.87 17.53
N VAL B 545 41.28 14.31 18.45
CA VAL B 545 41.72 15.12 19.60
C VAL B 545 41.11 14.54 20.92
N VAL B 546 41.94 14.24 21.91
CA VAL B 546 41.43 13.57 23.10
C VAL B 546 40.71 14.55 24.04
N SER B 547 41.38 15.66 24.31
CA SER B 547 40.86 16.66 25.24
C SER B 547 40.94 18.02 24.57
N PHE B 548 39.93 18.85 24.81
CA PHE B 548 39.95 20.23 24.35
C PHE B 548 39.61 21.13 25.55
N PRO B 549 40.33 22.24 25.67
CA PRO B 549 41.52 22.59 24.88
C PRO B 549 42.67 21.56 24.90
C2 BGC C . 1.39 -27.73 -25.42
C3 BGC C . 1.32 -26.82 -24.30
C4 BGC C . 0.60 -27.51 -23.16
C5 BGC C . 1.05 -28.96 -22.96
C6 BGC C . 0.13 -29.78 -22.13
C1 BGC C . 2.17 -28.94 -24.98
O1 BGC C . 2.55 -29.63 -26.00
O2 BGC C . 2.00 -27.19 -26.61
O3 BGC C . 0.72 -25.52 -24.74
O4 BGC C . 0.83 -26.84 -21.96
O5 BGC C . 1.23 -29.69 -24.16
O6 BGC C . 0.64 -31.06 -21.85
C2 BGC C . 0.67 -23.19 -24.84
C3 BGC C . 1.31 -21.93 -24.41
C4 BGC C . 1.59 -21.85 -22.98
C5 BGC C . 2.21 -23.16 -22.48
C6 BGC C . 2.42 -23.21 -21.02
C1 BGC C . 1.39 -24.40 -24.31
O2 BGC C . 0.58 -23.29 -26.25
O3 BGC C . 0.33 -20.88 -24.80
O4 BGC C . 2.47 -20.76 -22.68
O5 BGC C . 1.41 -24.31 -22.88
O6 BGC C . 2.95 -24.41 -20.48
C2 BGC C . -0.10 -18.83 -25.94
C3 BGC C . 0.48 -17.68 -26.64
C4 BGC C . 1.61 -17.11 -25.88
C5 BGC C . 2.60 -18.20 -25.53
C6 BGC C . 3.67 -17.71 -24.62
C1 BGC C . 0.91 -19.92 -25.64
O2 BGC C . -1.16 -19.44 -26.72
O3 BGC C . -0.55 -16.62 -26.60
O4 BGC C . 2.32 -16.11 -26.60
O5 BGC C . 1.94 -19.29 -24.86
O6 BGC C . 4.52 -18.74 -24.23
C2 BGC C . -1.97 -15.08 -27.73
C3 BGC C . -2.29 -14.39 -29.03
C4 BGC C . -1.04 -13.89 -29.71
C5 BGC C . -0.04 -15.05 -29.82
C6 BGC C . 1.28 -14.66 -30.49
C1 BGC C . -0.92 -16.16 -27.87
O2 BGC C . -3.11 -15.71 -27.18
O3 BGC C . -3.17 -13.30 -28.67
O4 BGC C . -1.30 -13.43 -31.00
O5 BGC C . 0.25 -15.56 -28.51
O6 BGC C . 2.06 -15.81 -30.75
C2 BGC C . -5.29 -12.19 -28.79
C3 BGC C . -6.31 -11.59 -29.71
C4 BGC C . -5.67 -10.91 -30.85
C5 BGC C . -4.70 -11.84 -31.51
C6 BGC C . -3.98 -11.18 -32.67
C1 BGC C . -4.24 -13.03 -29.51
O2 BGC C . -5.91 -13.06 -27.89
O3 BGC C . -7.10 -10.55 -28.99
O4 BGC C . -6.64 -10.48 -31.75
O5 BGC C . -3.68 -12.24 -30.58
O6 BGC C . -3.03 -12.00 -33.32
C2 BGC C . -9.17 -9.70 -28.19
C3 BGC C . -10.66 -9.78 -28.34
C4 BGC C . -11.00 -10.00 -29.73
C5 BGC C . -10.41 -11.33 -30.16
C6 BGC C . -10.77 -11.49 -31.56
C1 BGC C . -8.46 -10.89 -28.83
O2 BGC C . -8.80 -9.58 -26.83
O3 BGC C . -11.40 -8.57 -27.90
O4 BGC C . -12.40 -10.02 -30.07
O5 BGC C . -8.97 -11.12 -30.16
O6 BGC C . -10.11 -10.60 -32.40
C2 BGC D . -5.44 -32.67 -30.29
C3 BGC D . -5.76 -31.87 -31.45
C4 BGC D . -4.59 -31.04 -31.90
C5 BGC D . -3.29 -31.82 -31.99
C6 BGC D . -2.14 -30.89 -32.14
C1 BGC D . -4.23 -33.53 -30.52
O1 BGC D . -3.95 -34.20 -29.39
O2 BGC D . -6.55 -33.47 -29.86
O3 BGC D . -6.97 -31.10 -31.07
O4 BGC D . -4.79 -30.39 -33.14
O5 BGC D . -3.07 -32.73 -30.90
O6 BGC D . -1.30 -30.70 -31.04
C2 BGC D . -9.15 -30.25 -31.73
C3 BGC D . -9.95 -29.39 -32.67
C4 BGC D . -9.16 -28.27 -33.23
C5 BGC D . -7.73 -28.65 -33.61
C6 BGC D . -7.03 -27.49 -34.13
C1 BGC D . -7.65 -30.51 -32.09
O2 BGC D . -9.88 -31.45 -31.49
O3 BGC D . -11.19 -28.96 -32.06
O4 BGC D . -9.77 -27.76 -34.38
O5 BGC D . -6.98 -29.27 -32.53
O6 BGC D . -6.04 -27.76 -35.03
C2 BGC D . -13.07 -29.86 -30.78
C3 BGC D . -14.30 -30.68 -30.86
C4 BGC D . -15.11 -30.39 -32.05
C5 BGC D . -14.25 -30.48 -33.31
C6 BGC D . -14.99 -30.08 -34.55
C1 BGC D . -12.20 -29.89 -32.03
O2 BGC D . -12.35 -30.35 -29.67
O3 BGC D . -15.07 -30.46 -29.63
O4 BGC D . -16.17 -31.30 -32.16
O5 BGC D . -13.02 -29.70 -33.23
O6 BGC D . -14.17 -29.96 -35.65
C2 BGC D . -15.68 -31.36 -27.45
C3 BGC D . -16.36 -32.50 -26.80
C4 BGC D . -17.66 -32.78 -27.46
C5 BGC D . -17.33 -33.12 -28.92
C6 BGC D . -18.47 -33.49 -29.80
C1 BGC D . -15.46 -31.59 -28.94
O2 BGC D . -14.43 -31.07 -26.78
O3 BGC D . -16.56 -32.22 -25.41
O4 BGC D . -18.33 -33.88 -26.83
O5 BGC D . -16.74 -31.98 -29.52
O6 BGC D . -19.76 -33.19 -29.40
C2 BGC D . -15.18 -32.10 -23.45
C3 BGC D . -14.45 -32.88 -22.47
C4 BGC D . -15.22 -33.98 -21.85
C5 BGC D . -15.91 -34.77 -22.92
C6 BGC D . -16.90 -35.76 -22.38
C1 BGC D . -15.77 -32.97 -24.54
O2 BGC D . -14.34 -31.11 -24.07
O3 BGC D . -13.86 -32.04 -21.45
O4 BGC D . -14.30 -34.89 -21.22
O5 BGC D . -16.59 -33.96 -23.90
O6 BGC D . -17.21 -36.79 -23.32
C2 BGC E . 36.16 -8.90 8.64
C3 BGC E . 36.04 -8.00 9.76
C4 BGC E . 35.41 -8.64 10.95
C5 BGC E . 35.98 -10.03 11.20
C6 BGC E . 35.17 -10.76 12.19
C1 BGC E . 36.87 -10.16 9.02
O1 BGC E . 36.99 -10.92 7.97
O2 BGC E . 36.77 -8.34 7.46
O3 BGC E . 35.21 -6.86 9.29
O4 BGC E . 35.61 -7.86 12.08
O5 BGC E . 35.99 -10.81 10.01
O6 BGC E . 35.66 -12.04 12.55
C2 BGC E . 35.15 -4.54 8.93
C3 BGC E . 35.76 -3.26 9.34
C4 BGC E . 36.08 -3.18 10.76
C5 BGC E . 36.72 -4.45 11.29
C6 BGC E . 36.87 -4.51 12.75
C1 BGC E . 35.90 -5.72 9.48
O2 BGC E . 35.15 -4.57 7.50
O3 BGC E . 34.79 -2.22 8.92
O4 BGC E . 37.01 -2.11 11.04
O5 BGC E . 36.00 -5.62 10.89
O6 BGC E . 37.54 -5.67 13.23
C2 BGC E . 34.33 -0.10 7.91
C3 BGC E . 34.96 1.02 7.18
C4 BGC E . 36.16 1.56 7.87
C5 BGC E . 37.12 0.44 8.14
C6 BGC E . 38.24 0.93 8.99
C1 BGC E . 35.33 -1.21 8.13
O2 BGC E . 33.23 -0.66 7.16
O3 BGC E . 33.95 2.09 7.15
O4 BGC E . 36.86 2.60 7.12
O5 BGC E . 36.43 -0.62 8.86
O6 BGC E . 39.08 -0.12 9.40
C2 BGC E . 32.45 3.56 6.07
C3 BGC E . 32.19 4.28 4.78
C4 BGC E . 33.47 4.79 4.14
C5 BGC E . 34.50 3.67 4.10
C6 BGC E . 35.90 4.07 3.63
C1 BGC E . 33.54 2.51 5.92
O2 BGC E . 31.32 2.94 6.68
O3 BGC E . 31.30 5.38 5.12
O4 BGC E . 33.16 5.29 2.86
O5 BGC E . 34.72 3.17 5.41
O6 BGC E . 36.64 2.92 3.21
C2 BGC E . 29.15 6.50 4.97
C3 BGC E . 28.07 7.01 4.10
C4 BGC E . 28.53 7.55 2.80
C5 BGC E . 29.57 6.68 2.12
C6 BGC E . 30.18 7.63 1.11
C1 BGC E . 30.20 5.66 4.25
O2 BGC E . 28.53 5.70 5.97
O3 BGC E . 27.41 8.12 4.85
O4 BGC E . 27.48 7.83 1.89
O5 BGC E . 30.65 6.35 3.03
O6 BGC E . 31.57 7.62 1.03
C2 BGC E . 25.40 9.06 5.73
C3 BGC E . 23.94 9.06 5.52
C4 BGC E . 23.60 8.95 4.13
C5 BGC E . 24.14 7.63 3.57
C6 BGC E . 23.92 7.45 2.10
C1 BGC E . 26.05 7.87 5.05
O2 BGC E . 25.70 9.11 7.12
O3 BGC E . 23.36 10.35 5.95
O4 BGC E . 22.15 8.95 3.96
O5 BGC E . 25.57 7.64 3.73
O6 BGC E . 24.25 6.15 1.71
C2 BGC F . 28.77 -14.05 3.60
C3 BGC F . 28.48 -13.21 2.44
C4 BGC F . 29.66 -12.54 1.85
C5 BGC F . 30.85 -13.47 1.70
C6 BGC F . 32.08 -12.72 1.31
C1 BGC F . 29.96 -14.94 3.36
O1 BGC F . 30.29 -15.62 4.48
O2 BGC F . 27.63 -14.86 3.93
O3 BGC F . 27.45 -12.21 2.86
O4 BGC F . 29.37 -11.92 0.60
O5 BGC F . 31.11 -14.14 2.93
O6 BGC F . 32.56 -11.73 2.17
C2 BGC F . 25.30 -11.42 2.34
C3 BGC F . 24.41 -10.70 1.38
C4 BGC F . 25.12 -9.56 0.74
C5 BGC F . 26.53 -9.90 0.24
C6 BGC F . 27.20 -8.73 -0.29
C1 BGC F . 26.73 -11.72 1.84
O2 BGC F . 24.68 -12.60 2.87
O3 BGC F . 23.19 -10.24 1.99
O4 BGC F . 24.34 -9.02 -0.31
O5 BGC F . 27.39 -10.53 1.24
O6 BGC F . 28.41 -9.01 -0.91
C2 BGC F . 21.31 -11.09 3.28
C3 BGC F . 20.06 -11.91 3.16
C4 BGC F . 19.30 -11.64 1.96
C5 BGC F . 20.18 -11.71 0.70
C6 BGC F . 19.46 -11.37 -0.58
C1 BGC F . 22.16 -11.14 2.01
O2 BGC F . 22.09 -11.42 4.40
O3 BGC F . 19.18 -11.67 4.30
O4 BGC F . 18.19 -12.49 1.86
O5 BGC F . 21.34 -10.86 0.86
O6 BGC F . 18.72 -10.21 -0.59
C2 BGC F . 18.74 -12.60 6.48
C3 BGC F . 18.11 -13.78 7.13
C4 BGC F . 16.78 -14.07 6.56
C5 BGC F . 16.91 -14.32 5.07
C6 BGC F . 15.62 -14.61 4.42
C1 BGC F . 18.82 -12.80 4.99
O2 BGC F . 20.03 -12.27 7.07
O3 BGC F . 17.99 -13.45 8.51
O4 BGC F . 16.17 -15.20 7.22
O5 BGC F . 17.53 -13.19 4.42
O6 BGC F . 14.72 -13.55 4.28
C2 BGC F . 19.31 -13.31 10.51
C3 BGC F . 20.06 -14.13 11.44
C4 BGC F . 19.30 -15.28 11.94
C5 BGC F . 18.71 -16.06 10.81
C6 BGC F . 17.83 -17.16 11.27
C1 BGC F . 18.76 -14.18 9.40
O2 BGC F . 20.17 -12.30 9.94
O3 BGC F . 20.61 -13.34 12.53
O4 BGC F . 20.17 -16.15 12.66
O5 BGC F . 17.94 -15.18 10.00
O6 BGC F . 17.62 -18.16 10.26
C1 EDO G . -5.14 4.72 -29.11
O1 EDO G . -3.86 4.74 -28.44
C2 EDO G . -6.30 4.73 -28.10
O2 EDO G . -7.11 3.58 -28.13
H11 EDO G . -5.22 5.60 -29.75
H12 EDO G . -5.18 3.83 -29.74
HO1 EDO G . -3.17 5.03 -29.05
H21 EDO G . -6.90 5.60 -28.26
H22 EDO G . -5.89 4.85 -27.10
HO2 EDO G . -7.82 3.69 -27.47
C1 EDO H . 29.83 23.08 5.03
O1 EDO H . 30.70 24.08 5.54
C2 EDO H . 28.38 23.44 5.34
O2 EDO H . 28.04 23.43 6.74
H11 EDO H . 30.09 22.12 5.44
H12 EDO H . 29.96 23.01 3.95
HO1 EDO H . 31.61 23.87 5.26
H21 EDO H . 27.72 22.75 4.80
H22 EDO H . 28.20 24.44 4.94
HO2 EDO H . 27.10 23.60 6.87
N GLU A 1 -50.18 0.93 -13.34
CA GLU A 1 -49.69 -0.05 -12.38
C GLU A 1 -48.97 -1.18 -13.16
N VAL A 2 -48.37 -2.12 -12.38
CA VAL A 2 -47.61 -3.26 -12.88
C VAL A 2 -47.73 -4.51 -11.98
N VAL A 3 -48.05 -5.66 -12.57
CA VAL A 3 -48.12 -6.92 -11.83
C VAL A 3 -46.71 -7.56 -11.68
N GLY A 4 -46.49 -8.29 -10.60
CA GLY A 4 -45.24 -9.01 -10.42
C GLY A 4 -45.35 -10.51 -10.69
N GLY A 5 -44.20 -11.19 -10.71
CA GLY A 5 -44.14 -12.63 -10.84
C GLY A 5 -44.60 -13.11 -12.20
N GLY A 6 -44.65 -14.43 -12.35
CA GLY A 6 -45.15 -15.02 -13.56
C GLY A 6 -44.21 -15.99 -14.23
N ASP A 7 -44.60 -16.29 -15.47
CA ASP A 7 -43.98 -17.33 -16.24
C ASP A 7 -42.68 -16.85 -16.91
N LEU A 8 -41.65 -17.65 -16.72
CA LEU A 8 -40.31 -17.25 -17.09
C LEU A 8 -40.15 -17.13 -18.61
N GLY A 9 -40.99 -17.84 -19.34
CA GLY A 9 -41.02 -17.74 -20.77
C GLY A 9 -40.32 -18.88 -21.52
N PRO A 10 -40.55 -18.94 -22.84
CA PRO A 10 -40.06 -20.06 -23.65
C PRO A 10 -38.53 -20.10 -23.81
N ASN A 11 -37.85 -18.98 -23.53
CA ASN A 11 -36.39 -18.92 -23.63
C ASN A 11 -35.70 -19.30 -22.31
N VAL A 12 -36.48 -19.58 -21.26
CA VAL A 12 -35.97 -20.18 -20.03
C VAL A 12 -36.41 -21.64 -20.08
N LEU A 13 -35.43 -22.51 -20.37
CA LEU A 13 -35.66 -23.95 -20.47
C LEU A 13 -35.36 -24.59 -19.13
N VAL A 14 -36.40 -25.04 -18.42
CA VAL A 14 -36.21 -25.54 -17.08
C VAL A 14 -36.36 -27.07 -17.00
N PHE A 15 -35.27 -27.74 -16.61
CA PHE A 15 -35.19 -29.21 -16.52
C PHE A 15 -35.30 -29.74 -15.09
N ASP A 16 -35.85 -30.95 -14.94
CA ASP A 16 -35.55 -31.73 -13.73
C ASP A 16 -35.06 -33.16 -14.08
N PRO A 17 -34.95 -34.08 -13.09
CA PRO A 17 -34.17 -35.22 -13.60
C PRO A 17 -34.98 -36.12 -14.55
N SER A 18 -36.30 -35.90 -14.61
CA SER A 18 -37.27 -36.72 -15.36
C SER A 18 -37.73 -36.20 -16.75
N THR A 19 -37.30 -35.00 -17.13
CA THR A 19 -37.47 -34.52 -18.49
C THR A 19 -36.84 -35.50 -19.49
N PRO A 20 -37.58 -35.91 -20.55
CA PRO A 20 -36.83 -36.81 -21.45
C PRO A 20 -35.83 -36.08 -22.32
N ASP A 21 -34.85 -36.82 -22.81
CA ASP A 21 -33.97 -36.36 -23.86
C ASP A 21 -33.21 -35.06 -23.56
N ILE A 22 -32.94 -34.84 -22.27
CA ILE A 22 -32.20 -33.65 -21.81
C ILE A 22 -30.99 -33.40 -22.68
N GLN A 23 -30.24 -34.44 -22.95
CA GLN A 23 -29.04 -34.28 -23.77
C GLN A 23 -29.45 -33.77 -25.17
N GLY A 24 -30.55 -34.31 -25.73
CA GLY A 24 -30.97 -33.86 -27.04
C GLY A 24 -31.43 -32.40 -27.02
N LYS A 25 -32.00 -31.99 -25.90
CA LYS A 25 -32.49 -30.62 -25.76
C LYS A 25 -31.36 -29.59 -25.56
N VAL A 26 -30.24 -30.03 -25.01
CA VAL A 26 -29.12 -29.12 -24.82
C VAL A 26 -28.18 -29.20 -26.07
N ASP A 27 -28.23 -30.34 -26.78
CA ASP A 27 -27.60 -30.44 -28.11
C ASP A 27 -28.28 -29.57 -29.22
N GLU A 28 -29.60 -29.49 -29.26
CA GLU A 28 -30.19 -28.62 -30.30
C GLU A 28 -29.93 -27.16 -29.98
N VAL A 29 -29.94 -26.77 -28.70
CA VAL A 29 -29.66 -25.36 -28.36
C VAL A 29 -28.22 -25.06 -28.75
N PHE A 30 -27.29 -25.95 -28.38
CA PHE A 30 -25.90 -25.76 -28.72
C PHE A 30 -25.67 -25.67 -30.22
N ARG A 31 -26.35 -26.53 -30.99
CA ARG A 31 -26.14 -26.58 -32.44
C ARG A 31 -26.42 -25.24 -33.02
N LYS A 32 -27.48 -24.64 -32.52
CA LYS A 32 -27.89 -23.38 -33.07
C LYS A 32 -27.17 -22.17 -32.48
N GLN A 33 -26.55 -22.35 -31.32
CA GLN A 33 -25.81 -21.26 -30.67
C GLN A 33 -24.28 -21.33 -30.81
N GLU A 34 -23.73 -22.47 -31.17
CA GLU A 34 -22.29 -22.68 -31.18
C GLU A 34 -21.52 -21.61 -31.96
N SER A 35 -22.12 -21.21 -33.06
CA SER A 35 -21.51 -20.38 -34.08
C SER A 35 -22.17 -18.99 -34.15
N ASN A 36 -23.20 -18.81 -33.34
CA ASN A 36 -24.16 -17.68 -33.43
C ASN A 36 -23.65 -16.44 -32.72
N GLN A 37 -22.46 -15.98 -33.15
CA GLN A 37 -21.72 -15.01 -32.36
C GLN A 37 -22.48 -13.69 -32.15
N PHE A 38 -23.20 -13.27 -33.17
CA PHE A 38 -23.85 -11.97 -33.15
C PHE A 38 -25.38 -12.00 -33.37
N GLY A 39 -25.99 -13.16 -33.28
CA GLY A 39 -27.44 -13.24 -33.48
C GLY A 39 -28.20 -12.77 -32.26
N THR A 40 -29.53 -12.79 -32.33
CA THR A 40 -30.34 -12.33 -31.25
C THR A 40 -31.01 -13.46 -30.41
N ASP A 41 -30.77 -14.75 -30.77
CA ASP A 41 -31.21 -15.95 -29.99
C ASP A 41 -30.63 -15.74 -28.58
N ARG A 42 -31.43 -15.98 -27.53
CA ARG A 42 -30.97 -15.97 -26.15
C ARG A 42 -31.58 -17.18 -25.41
N TYR A 43 -30.79 -17.83 -24.55
CA TYR A 43 -31.28 -18.99 -23.79
C TYR A 43 -30.72 -19.08 -22.38
N ALA A 44 -31.56 -19.43 -21.43
CA ALA A 44 -31.12 -19.78 -20.10
C ALA A 44 -31.56 -21.22 -19.89
N LEU A 45 -30.66 -22.00 -19.35
CA LEU A 45 -30.93 -23.42 -19.07
C LEU A 45 -30.84 -23.58 -17.55
N MET A 46 -31.96 -23.95 -16.93
CA MET A 46 -32.09 -23.91 -15.50
C MET A 46 -32.43 -25.31 -15.05
N PHE A 47 -31.67 -25.80 -14.08
CA PHE A 47 -31.81 -27.18 -13.61
C PHE A 47 -32.27 -27.21 -12.18
N LYS A 48 -33.47 -27.79 -11.99
CA LYS A 48 -33.98 -28.04 -10.64
C LYS A 48 -33.06 -28.95 -9.82
N PRO A 49 -33.08 -28.80 -8.49
CA PRO A 49 -32.20 -29.63 -7.65
C PRO A 49 -32.39 -31.13 -7.91
N GLY A 50 -31.29 -31.84 -7.80
CA GLY A 50 -31.28 -33.28 -8.04
C GLY A 50 -29.93 -33.70 -8.61
N THR A 51 -29.84 -34.93 -9.09
CA THR A 51 -28.64 -35.46 -9.70
C THR A 51 -29.02 -35.87 -11.11
N TYR A 52 -28.14 -35.51 -12.05
CA TYR A 52 -28.36 -35.66 -13.48
C TYR A 52 -27.20 -36.43 -14.07
N ASN A 53 -27.48 -37.57 -14.70
CA ASN A 53 -26.43 -38.41 -15.24
C ASN A 53 -26.22 -38.21 -16.77
N ASP A 54 -25.18 -38.86 -17.33
CA ASP A 54 -24.94 -38.91 -18.79
C ASP A 54 -25.22 -37.57 -19.51
N ILE A 55 -24.70 -36.50 -18.92
CA ILE A 55 -24.98 -35.15 -19.40
C ILE A 55 -23.67 -34.42 -19.75
N ASN A 56 -23.55 -34.02 -21.02
CA ASN A 56 -22.42 -33.18 -21.46
C ASN A 56 -23.03 -31.96 -22.09
N ALA A 57 -23.29 -30.95 -21.25
CA ALA A 57 -23.97 -29.72 -21.66
C ALA A 57 -22.97 -28.75 -22.26
N GLN A 58 -22.91 -28.73 -23.58
CA GLN A 58 -22.04 -27.80 -24.26
C GLN A 58 -22.77 -26.49 -24.42
N ILE A 59 -22.04 -25.44 -24.12
CA ILE A 59 -22.62 -24.11 -24.00
C ILE A 59 -22.08 -23.22 -25.15
N GLY A 60 -22.98 -22.71 -25.99
CA GLY A 60 -22.59 -21.83 -27.09
C GLY A 60 -22.78 -20.37 -26.66
N PHE A 61 -22.80 -19.51 -27.68
CA PHE A 61 -23.08 -18.12 -27.47
C PHE A 61 -24.43 -17.88 -26.79
N TYR A 62 -24.47 -16.86 -25.98
CA TYR A 62 -25.69 -16.34 -25.36
C TYR A 62 -26.49 -17.45 -24.67
N THR A 63 -25.78 -18.36 -24.03
CA THR A 63 -26.43 -19.41 -23.25
C THR A 63 -25.88 -19.34 -21.82
N SER A 64 -26.80 -19.25 -20.87
CA SER A 64 -26.48 -19.37 -19.45
C SER A 64 -26.99 -20.76 -18.96
N ILE A 65 -26.22 -21.38 -18.09
CA ILE A 65 -26.65 -22.65 -17.47
C ILE A 65 -26.50 -22.52 -15.98
N ALA A 66 -27.51 -22.97 -15.24
CA ALA A 66 -27.44 -22.89 -13.80
C ALA A 66 -28.32 -23.88 -13.11
N GLY A 67 -27.97 -24.09 -11.86
CA GLY A 67 -28.79 -24.86 -10.95
C GLY A 67 -29.78 -23.91 -10.27
N LEU A 68 -30.80 -24.50 -9.63
CA LEU A 68 -31.83 -23.69 -9.00
C LEU A 68 -31.81 -24.04 -7.55
N GLY A 69 -30.62 -24.42 -7.09
CA GLY A 69 -30.40 -24.72 -5.70
C GLY A 69 -29.95 -23.50 -4.97
N LEU A 70 -30.50 -23.40 -3.78
CA LEU A 70 -29.98 -22.52 -2.75
C LEU A 70 -28.44 -22.73 -2.59
N ASN A 71 -27.99 -23.98 -2.64
CA ASN A 71 -26.53 -24.25 -2.59
C ASN A 71 -25.98 -25.12 -3.81
N PRO A 72 -24.71 -24.94 -4.20
CA PRO A 72 -24.27 -25.63 -5.43
C PRO A 72 -24.36 -27.18 -5.42
N ASP A 73 -24.03 -27.83 -4.29
CA ASP A 73 -24.09 -29.30 -4.24
C ASP A 73 -25.52 -29.80 -4.08
N ASP A 74 -26.50 -29.00 -4.44
CA ASP A 74 -27.86 -29.49 -4.46
C ASP A 74 -28.37 -29.79 -5.88
N THR A 75 -27.60 -29.31 -6.88
CA THR A 75 -27.85 -29.63 -8.28
C THR A 75 -26.54 -30.15 -8.86
N THR A 76 -26.41 -31.48 -8.94
CA THR A 76 -25.18 -32.11 -9.36
C THR A 76 -25.26 -32.84 -10.72
N PHE A 77 -24.27 -32.57 -11.56
CA PHE A 77 -24.16 -33.27 -12.86
C PHE A 77 -23.07 -34.34 -12.70
N ASN A 78 -23.41 -35.58 -12.98
CA ASN A 78 -22.43 -36.61 -13.25
C ASN A 78 -22.19 -36.50 -14.73
N GLY A 79 -21.28 -35.59 -15.04
CA GLY A 79 -21.15 -35.06 -16.39
C GLY A 79 -20.58 -33.66 -16.38
N ASP A 80 -20.71 -32.97 -17.50
CA ASP A 80 -19.86 -31.81 -17.80
C ASP A 80 -20.66 -30.62 -18.27
N VAL A 81 -20.11 -29.45 -18.05
CA VAL A 81 -20.55 -28.23 -18.73
C VAL A 81 -19.35 -27.71 -19.49
N THR A 82 -19.41 -27.90 -20.81
CA THR A 82 -18.25 -27.86 -21.67
C THR A 82 -18.32 -26.61 -22.52
N VAL A 83 -17.25 -25.84 -22.53
CA VAL A 83 -16.96 -24.92 -23.62
C VAL A 83 -15.66 -25.34 -24.28
N ASP A 84 -15.74 -25.54 -25.59
CA ASP A 84 -14.58 -25.79 -26.42
C ASP A 84 -14.66 -24.88 -27.67
N ALA A 85 -13.71 -25.04 -28.59
CA ALA A 85 -13.46 -24.09 -29.63
C ALA A 85 -13.45 -24.78 -31.02
N GLY A 86 -14.10 -25.93 -31.15
CA GLY A 86 -14.12 -26.62 -32.43
C GLY A 86 -14.60 -25.72 -33.58
N TRP A 87 -15.58 -24.87 -33.28
CA TRP A 87 -16.26 -24.07 -34.30
C TRP A 87 -15.39 -22.99 -34.90
N PHE A 88 -14.30 -22.63 -34.23
CA PHE A 88 -13.31 -21.68 -34.78
C PHE A 88 -11.91 -22.35 -34.79
N ASP A 89 -11.83 -23.51 -35.46
CA ASP A 89 -10.91 -24.62 -35.13
C ASP A 89 -9.73 -24.36 -34.17
N GLY A 90 -10.03 -24.56 -32.88
CA GLY A 90 -8.98 -24.65 -31.89
C GLY A 90 -8.79 -23.35 -31.13
N ASN A 91 -9.09 -22.25 -31.81
CA ASN A 91 -8.91 -20.90 -31.29
C ASN A 91 -10.12 -20.48 -30.43
N ALA A 92 -9.89 -20.24 -29.13
CA ALA A 92 -10.97 -19.93 -28.19
C ALA A 92 -11.15 -18.43 -27.96
N THR A 93 -10.50 -17.59 -28.77
CA THR A 93 -10.54 -16.13 -28.53
C THR A 93 -11.81 -15.40 -28.98
N GLN A 94 -12.77 -16.13 -29.49
CA GLN A 94 -14.09 -15.55 -29.73
C GLN A 94 -15.17 -16.27 -28.90
N ASN A 95 -14.77 -16.99 -27.82
CA ASN A 95 -15.75 -17.73 -27.03
C ASN A 95 -16.32 -16.88 -25.89
N PHE A 96 -17.21 -16.00 -26.31
CA PHE A 96 -17.79 -14.95 -25.47
C PHE A 96 -19.24 -15.20 -25.03
N TRP A 97 -19.71 -14.38 -24.08
CA TRP A 97 -21.11 -14.17 -23.73
C TRP A 97 -21.86 -15.47 -23.38
N ARG A 98 -21.47 -16.07 -22.26
CA ARG A 98 -22.10 -17.30 -21.81
C ARG A 98 -21.76 -17.46 -20.33
N SER A 99 -22.40 -18.37 -19.61
CA SER A 99 -22.13 -18.41 -18.18
C SER A 99 -22.58 -19.72 -17.54
N ALA A 100 -21.98 -20.00 -16.40
CA ALA A 100 -22.28 -21.20 -15.58
C ALA A 100 -22.34 -20.76 -14.13
N GLU A 101 -23.39 -21.22 -13.45
CA GLU A 101 -23.61 -20.82 -12.05
C GLU A 101 -24.36 -21.89 -11.24
N ASN A 102 -23.93 -22.05 -9.99
CA ASN A 102 -24.72 -22.74 -8.94
C ASN A 102 -24.96 -24.22 -9.26
N LEU A 103 -23.89 -24.88 -9.69
CA LEU A 103 -23.92 -26.32 -10.04
C LEU A 103 -22.74 -27.05 -9.41
N ALA A 104 -22.92 -28.35 -9.15
CA ALA A 104 -21.79 -29.23 -8.84
C ALA A 104 -21.55 -30.14 -10.05
N LEU A 105 -20.28 -30.25 -10.46
CA LEU A 105 -19.90 -31.07 -11.61
C LEU A 105 -19.00 -32.21 -11.18
N ASN A 106 -19.34 -33.39 -11.67
CA ASN A 106 -18.53 -34.61 -11.49
C ASN A 106 -18.10 -35.04 -12.89
N PRO A 107 -17.02 -34.43 -13.41
CA PRO A 107 -16.72 -34.51 -14.84
C PRO A 107 -16.39 -35.91 -15.33
N VAL A 108 -16.84 -36.27 -16.52
CA VAL A 108 -16.78 -37.66 -16.93
C VAL A 108 -15.39 -38.23 -16.99
N ASN A 109 -14.37 -37.46 -17.36
CA ASN A 109 -12.99 -37.98 -17.30
C ASN A 109 -12.17 -37.41 -16.15
N GLY A 110 -12.84 -36.77 -15.20
CA GLY A 110 -12.12 -36.17 -14.09
C GLY A 110 -11.73 -34.70 -14.25
N THR A 111 -12.07 -34.11 -15.38
CA THR A 111 -11.68 -32.72 -15.67
C THR A 111 -12.74 -32.07 -16.52
N ASN A 112 -13.30 -30.97 -16.01
CA ASN A 112 -14.28 -30.19 -16.74
C ASN A 112 -13.51 -29.18 -17.62
N ARG A 113 -13.94 -29.05 -18.88
CA ARG A 113 -13.36 -28.08 -19.77
C ARG A 113 -14.23 -26.86 -19.96
N TRP A 114 -13.64 -25.71 -19.65
CA TRP A 114 -14.32 -24.43 -19.71
C TRP A 114 -13.35 -23.46 -20.39
N ALA A 115 -13.25 -23.61 -21.69
CA ALA A 115 -12.25 -22.90 -22.46
C ALA A 115 -12.77 -21.59 -23.01
N VAL A 116 -13.05 -20.64 -22.15
CA VAL A 116 -13.69 -19.39 -22.59
C VAL A 116 -12.72 -18.22 -22.81
N SER A 117 -13.21 -17.16 -23.44
CA SER A 117 -12.51 -15.88 -23.39
C SER A 117 -13.40 -14.91 -22.61
N GLN A 118 -13.55 -13.65 -23.04
CA GLN A 118 -14.19 -12.64 -22.21
C GLN A 118 -15.70 -12.79 -22.06
N ALA A 119 -16.23 -12.25 -20.95
CA ALA A 119 -17.67 -12.26 -20.62
C ALA A 119 -18.23 -13.68 -20.57
N ALA A 120 -17.49 -14.56 -19.90
CA ALA A 120 -17.94 -15.94 -19.68
C ALA A 120 -17.80 -16.37 -18.22
N PRO A 121 -18.58 -15.76 -17.36
CA PRO A 121 -18.36 -16.03 -15.93
C PRO A 121 -18.69 -17.47 -15.49
N PHE A 122 -17.96 -17.91 -14.45
CA PHE A 122 -18.07 -19.23 -13.82
C PHE A 122 -18.18 -18.90 -12.33
N ARG A 123 -19.43 -18.93 -11.81
CA ARG A 123 -19.71 -18.50 -10.45
C ARG A 123 -20.40 -19.58 -9.63
N ARG A 124 -20.06 -19.63 -8.35
CA ARG A 124 -20.81 -20.48 -7.43
C ARG A 124 -20.85 -21.92 -7.89
N MET A 125 -19.70 -22.38 -8.35
CA MET A 125 -19.57 -23.77 -8.85
C MET A 125 -18.74 -24.66 -7.93
N HIS A 126 -19.11 -25.94 -7.90
CA HIS A 126 -18.27 -26.97 -7.26
C HIS A 126 -17.84 -27.92 -8.34
N VAL A 127 -16.55 -27.96 -8.61
CA VAL A 127 -16.01 -28.94 -9.56
C VAL A 127 -15.34 -30.05 -8.77
N LYS A 128 -15.95 -31.21 -8.85
CA LYS A 128 -15.44 -32.34 -8.08
C LYS A 128 -14.45 -33.09 -9.03
N GLY A 129 -13.46 -32.31 -9.47
CA GLY A 129 -12.36 -32.76 -10.31
C GLY A 129 -11.46 -31.58 -10.60
N GLY A 130 -10.69 -31.70 -11.66
CA GLY A 130 -9.85 -30.60 -12.13
C GLY A 130 -10.68 -29.74 -13.05
N LEU A 131 -10.07 -28.70 -13.61
CA LEU A 131 -10.78 -27.75 -14.45
C LEU A 131 -9.80 -27.21 -15.49
N ASN A 132 -10.04 -27.59 -16.74
CA ASN A 132 -9.17 -27.22 -17.87
C ASN A 132 -9.76 -25.98 -18.55
N LEU A 133 -9.01 -24.89 -18.58
CA LEU A 133 -9.48 -23.64 -19.20
C LEU A 133 -9.03 -23.45 -20.63
N ALA A 134 -8.34 -24.42 -21.20
CA ALA A 134 -7.85 -24.30 -22.60
C ALA A 134 -8.56 -25.25 -23.54
N PRO A 135 -8.85 -24.80 -24.74
CA PRO A 135 -9.52 -25.71 -25.69
C PRO A 135 -8.66 -26.92 -25.98
N ASP A 136 -9.31 -27.97 -26.47
CA ASP A 136 -8.64 -29.17 -26.98
C ASP A 136 -7.62 -28.69 -28.01
N GLY A 137 -6.37 -29.15 -27.85
CA GLY A 137 -5.28 -28.78 -28.73
C GLY A 137 -4.48 -27.55 -28.32
N TYR A 138 -4.95 -26.90 -27.26
CA TYR A 138 -4.23 -25.82 -26.59
C TYR A 138 -4.10 -24.55 -27.45
N GLY A 139 -5.12 -24.26 -28.23
CA GLY A 139 -5.13 -23.05 -29.07
C GLY A 139 -5.19 -21.77 -28.23
N TRP A 140 -5.35 -20.66 -28.92
CA TRP A 140 -5.33 -19.38 -28.26
C TRP A 140 -6.56 -19.20 -27.37
N ALA A 141 -6.36 -18.51 -26.25
CA ALA A 141 -7.49 -18.23 -25.34
C ALA A 141 -7.23 -17.01 -24.47
N SER A 142 -8.29 -16.24 -24.19
CA SER A 142 -8.14 -14.93 -23.50
C SER A 142 -9.26 -14.64 -22.48
N GLY A 143 -9.42 -15.51 -21.48
CA GLY A 143 -10.39 -15.28 -20.44
C GLY A 143 -9.82 -14.37 -19.37
N GLY A 144 -10.37 -14.42 -18.15
CA GLY A 144 -11.48 -15.26 -17.78
C GLY A 144 -11.75 -14.93 -16.31
N TYR A 145 -12.82 -15.51 -15.77
CA TYR A 145 -13.34 -15.08 -14.48
C TYR A 145 -13.99 -16.24 -13.75
N ILE A 146 -13.44 -16.53 -12.58
CA ILE A 146 -14.05 -17.48 -11.65
C ILE A 146 -14.25 -16.77 -10.32
N ALA A 147 -15.43 -16.91 -9.74
CA ALA A 147 -15.71 -16.42 -8.41
C ALA A 147 -16.54 -17.39 -7.63
N ASP A 148 -16.32 -17.38 -6.34
CA ASP A 148 -17.24 -18.06 -5.44
C ASP A 148 -17.29 -19.55 -5.72
N SER A 149 -16.17 -20.11 -6.15
CA SER A 149 -16.18 -21.52 -6.59
C SER A 149 -15.18 -22.39 -5.85
N LYS A 150 -15.49 -23.67 -5.80
CA LYS A 150 -14.58 -24.66 -5.21
C LYS A 150 -14.24 -25.65 -6.29
N ILE A 151 -12.95 -25.70 -6.64
CA ILE A 151 -12.47 -26.62 -7.64
C ILE A 151 -11.56 -27.62 -6.86
N ASP A 152 -12.02 -28.86 -6.71
CA ASP A 152 -11.34 -29.80 -5.79
C ASP A 152 -9.90 -30.16 -6.20
N GLY A 153 -9.69 -30.36 -7.50
CA GLY A 153 -8.36 -30.64 -8.01
C GLY A 153 -7.68 -29.38 -8.55
N GLU A 154 -6.92 -29.53 -9.63
CA GLU A 154 -6.07 -28.45 -10.11
C GLU A 154 -6.71 -27.70 -11.26
N VAL A 155 -6.56 -26.38 -11.25
CA VAL A 155 -6.92 -25.59 -12.43
C VAL A 155 -5.74 -25.54 -13.41
N GLY A 156 -5.97 -25.88 -14.70
CA GLY A 156 -4.94 -25.81 -15.72
C GLY A 156 -5.22 -24.77 -16.82
N PRO A 157 -4.55 -23.62 -16.75
CA PRO A 157 -4.92 -22.64 -17.78
C PRO A 157 -4.30 -22.98 -19.13
N TYR A 158 -3.14 -23.65 -19.11
CA TYR A 158 -2.36 -23.93 -20.30
C TYR A 158 -2.16 -22.63 -21.14
N SER A 159 -2.86 -22.48 -22.26
CA SER A 159 -2.62 -21.37 -23.18
C SER A 159 -3.30 -20.06 -22.76
N GLN A 160 -4.17 -20.11 -21.77
CA GLN A 160 -4.88 -18.89 -21.36
C GLN A 160 -3.92 -17.76 -21.03
N GLN A 161 -4.11 -16.60 -21.67
CA GLN A 161 -3.16 -15.49 -21.47
C GLN A 161 -3.14 -14.97 -20.08
N GLN A 162 -4.35 -14.82 -19.54
CA GLN A 162 -4.57 -14.18 -18.26
C GLN A 162 -5.85 -14.75 -17.64
N TRP A 163 -6.06 -14.44 -16.37
CA TRP A 163 -7.24 -14.96 -15.64
C TRP A 163 -7.38 -14.26 -14.31
N TYR A 164 -8.62 -14.12 -13.85
CA TYR A 164 -8.90 -13.60 -12.51
C TYR A 164 -9.80 -14.57 -11.75
N THR A 165 -9.34 -14.89 -10.54
CA THR A 165 -10.11 -15.74 -9.65
C THR A 165 -10.28 -15.00 -8.34
N ARG A 166 -11.51 -14.94 -7.85
CA ARG A 166 -11.72 -14.34 -6.51
C ARG A 166 -12.61 -15.23 -5.60
N ASP A 167 -12.30 -15.15 -4.32
CA ASP A 167 -13.13 -15.70 -3.27
C ASP A 167 -13.60 -17.13 -3.55
N SER A 168 -12.61 -18.02 -3.58
CA SER A 168 -12.74 -19.34 -4.14
C SER A 168 -11.78 -20.29 -3.45
N SER A 169 -11.89 -21.57 -3.80
CA SER A 169 -10.92 -22.57 -3.33
C SER A 169 -10.49 -23.45 -4.48
N VAL A 170 -9.18 -23.64 -4.62
CA VAL A 170 -8.63 -24.48 -5.68
C VAL A 170 -7.65 -25.53 -5.08
N GLY A 171 -7.62 -26.73 -5.65
CA GLY A 171 -6.74 -27.76 -5.13
C GLY A 171 -5.32 -27.67 -5.68
N GLY A 172 -5.14 -26.75 -6.63
CA GLY A 172 -3.88 -26.56 -7.33
C GLY A 172 -4.09 -25.63 -8.51
N TRP A 173 -3.01 -25.02 -8.96
CA TRP A 173 -3.05 -24.15 -10.14
C TRP A 173 -1.85 -24.48 -10.99
N GLY A 174 -2.09 -24.82 -12.26
CA GLY A 174 -1.04 -25.41 -13.10
C GLY A 174 0.05 -24.50 -13.67
N ASN A 175 -0.31 -23.29 -14.07
CA ASN A 175 0.69 -22.42 -14.70
C ASN A 175 0.13 -21.03 -14.89
N GLY A 176 1.04 -20.06 -14.99
CA GLY A 176 0.67 -18.66 -15.24
C GLY A 176 0.48 -18.58 -16.72
N VAL A 177 0.88 -17.45 -17.32
CA VAL A 177 1.25 -17.25 -18.74
C VAL A 177 1.59 -15.77 -18.92
N TRP A 178 0.60 -14.87 -18.97
CA TRP A 178 0.85 -13.42 -18.94
C TRP A 178 0.48 -12.76 -17.59
N ASN A 179 -0.69 -13.08 -17.04
CA ASN A 179 -1.17 -12.39 -15.85
C ASN A 179 -2.30 -13.15 -15.18
N MET A 180 -1.95 -13.95 -14.16
CA MET A 180 -2.92 -14.74 -13.43
C MET A 180 -3.03 -14.06 -12.06
N THR A 181 -4.19 -13.49 -11.78
CA THR A 181 -4.41 -12.69 -10.58
C THR A 181 -5.43 -13.42 -9.71
N PHE A 182 -5.20 -13.34 -8.40
CA PHE A 182 -6.00 -14.04 -7.42
C PHE A 182 -6.28 -13.11 -6.27
N SER A 183 -7.52 -13.07 -5.79
CA SER A 183 -7.79 -12.41 -4.54
C SER A 183 -8.78 -13.23 -3.72
N GLY A 184 -8.39 -13.52 -2.48
CA GLY A 184 -9.25 -14.33 -1.63
C GLY A 184 -9.36 -15.79 -2.05
N VAL A 185 -8.29 -16.30 -2.65
CA VAL A 185 -8.29 -17.68 -3.13
C VAL A 185 -7.43 -18.62 -2.30
N GLU A 186 -8.11 -19.52 -1.58
CA GLU A 186 -7.46 -20.62 -0.88
C GLU A 186 -6.90 -21.59 -1.87
N GLY A 187 -5.59 -21.86 -1.80
CA GLY A 187 -4.95 -22.74 -2.76
C GLY A 187 -4.25 -22.01 -3.90
N ALA A 188 -4.39 -20.67 -3.95
CA ALA A 188 -3.63 -19.93 -4.96
C ALA A 188 -2.13 -20.17 -4.75
N PRO A 189 -1.37 -20.23 -5.84
CA PRO A 189 0.09 -20.27 -5.64
C PRO A 189 0.72 -18.89 -5.52
N ALA A 190 1.81 -18.87 -4.79
CA ALA A 190 2.33 -17.68 -4.09
C ALA A 190 2.51 -16.45 -4.99
N GLN A 191 2.36 -15.26 -4.42
CA GLN A 191 2.71 -14.01 -5.12
C GLN A 191 4.13 -14.18 -5.63
N SER A 192 4.34 -13.95 -6.94
CA SER A 192 5.56 -14.39 -7.58
C SER A 192 5.94 -13.60 -8.86
N PHE A 193 5.09 -12.68 -9.30
CA PHE A 193 5.27 -11.95 -10.59
C PHE A 193 6.68 -11.38 -10.76
N PRO A 194 7.25 -11.41 -11.99
CA PRO A 194 6.74 -12.06 -13.21
C PRO A 194 7.05 -13.56 -13.41
N GLU A 195 7.94 -14.19 -12.62
CA GLU A 195 7.97 -15.65 -12.65
C GLU A 195 7.64 -16.26 -11.30
N PRO A 196 6.59 -17.09 -11.28
CA PRO A 196 5.53 -17.20 -12.29
C PRO A 196 4.77 -15.87 -12.36
N PRO A 197 3.95 -15.63 -13.40
CA PRO A 197 3.24 -14.35 -13.51
C PRO A 197 2.00 -14.34 -12.60
N TYR A 198 2.22 -14.51 -11.31
CA TYR A 198 1.11 -14.63 -10.33
C TYR A 198 1.05 -13.44 -9.43
N THR A 199 -0.09 -12.74 -9.47
CA THR A 199 -0.40 -11.64 -8.54
C THR A 199 -1.45 -12.15 -7.55
N THR A 200 -1.11 -12.16 -6.26
CA THR A 200 -1.89 -12.91 -5.29
C THR A 200 -2.09 -12.06 -4.07
N LEU A 201 -3.38 -11.79 -3.80
CA LEU A 201 -3.81 -11.00 -2.68
C LEU A 201 -4.56 -11.92 -1.75
N GLU A 202 -4.28 -11.86 -0.45
CA GLU A 202 -4.95 -12.81 0.44
C GLU A 202 -6.47 -12.59 0.46
N THR A 203 -6.91 -11.35 0.58
CA THR A 203 -8.32 -11.10 0.69
C THR A 203 -8.76 -10.20 -0.46
N THR A 204 -10.07 -10.25 -0.73
CA THR A 204 -10.74 -9.27 -1.54
C THR A 204 -11.33 -8.21 -0.59
N PRO A 205 -11.05 -6.92 -0.83
CA PRO A 205 -11.45 -5.81 0.07
C PRO A 205 -12.91 -5.78 0.49
N VAL A 206 -13.72 -5.97 -0.53
CA VAL A 206 -15.16 -5.96 -0.46
C VAL A 206 -15.57 -6.86 -1.59
N SER A 207 -16.47 -7.80 -1.33
CA SER A 207 -17.16 -8.50 -2.45
C SER A 207 -18.58 -8.69 -2.02
N ARG A 208 -19.44 -8.93 -2.98
CA ARG A 208 -20.82 -9.29 -2.66
C ARG A 208 -21.29 -10.17 -3.79
N GLU A 209 -21.61 -11.42 -3.49
CA GLU A 209 -21.89 -12.36 -4.56
C GLU A 209 -23.13 -11.98 -5.43
N LYS A 210 -23.11 -12.40 -6.69
CA LYS A 210 -24.18 -12.01 -7.62
C LYS A 210 -25.47 -12.64 -7.21
N PRO A 211 -26.58 -11.90 -7.33
CA PRO A 211 -27.89 -12.50 -7.14
C PRO A 211 -28.20 -13.61 -8.12
N PHE A 212 -28.96 -14.60 -7.67
CA PHE A 212 -29.37 -15.66 -8.55
C PHE A 212 -30.74 -16.20 -8.24
N LEU A 213 -31.40 -16.63 -9.30
CA LEU A 213 -32.70 -17.28 -9.20
C LEU A 213 -32.57 -18.70 -8.61
N TYR A 214 -33.49 -19.07 -7.71
CA TYR A 214 -33.60 -20.46 -7.33
C TYR A 214 -35.02 -20.82 -6.92
N LEU A 215 -35.17 -22.05 -6.43
CA LEU A 215 -36.46 -22.56 -5.99
C LEU A 215 -36.49 -22.79 -4.49
N ASP A 216 -37.48 -22.18 -3.86
CA ASP A 216 -37.69 -22.39 -2.46
C ASP A 216 -38.85 -23.38 -2.41
N GLY A 217 -38.45 -24.64 -2.34
CA GLY A 217 -39.33 -25.74 -2.06
C GLY A 217 -40.10 -26.04 -3.29
N ASP A 218 -41.03 -25.15 -3.56
CA ASP A 218 -41.58 -25.01 -4.87
C ASP A 218 -42.13 -23.61 -4.86
N ASP A 219 -41.30 -22.73 -5.40
CA ASP A 219 -41.62 -21.37 -5.76
C ASP A 219 -40.30 -20.73 -6.13
N TYR A 220 -40.29 -20.10 -7.29
CA TYR A 220 -39.13 -19.33 -7.71
C TYR A 220 -38.91 -18.14 -6.83
N LYS A 221 -37.64 -17.87 -6.56
CA LYS A 221 -37.20 -16.65 -5.93
C LYS A 221 -35.78 -16.30 -6.32
N VAL A 222 -35.33 -15.16 -5.78
CA VAL A 222 -34.01 -14.64 -6.04
C VAL A 222 -33.26 -14.46 -4.74
N PHE A 223 -32.07 -15.03 -4.73
CA PHE A 223 -31.20 -14.96 -3.56
C PHE A 223 -30.25 -13.79 -3.74
N VAL A 224 -30.13 -13.00 -2.68
CA VAL A 224 -29.32 -11.78 -2.67
C VAL A 224 -28.23 -11.83 -1.57
N PRO A 225 -27.02 -12.24 -1.94
CA PRO A 225 -25.89 -12.32 -0.99
C PRO A 225 -25.54 -11.02 -0.26
N ALA A 226 -25.18 -11.20 1.00
CA ALA A 226 -24.71 -10.11 1.82
C ALA A 226 -23.26 -9.83 1.43
N LYS A 227 -22.70 -8.69 1.85
CA LYS A 227 -21.36 -8.39 1.41
C LYS A 227 -20.39 -8.86 2.44
N ARG A 228 -19.21 -9.23 1.99
CA ARG A 228 -18.11 -9.24 2.93
C ARG A 228 -16.91 -8.41 2.54
N THR A 229 -16.16 -8.01 3.57
CA THR A 229 -14.96 -7.29 3.34
C THR A 229 -13.88 -8.27 3.78
N ASN A 230 -12.68 -8.13 3.21
CA ASN A 230 -11.61 -9.08 3.48
C ASN A 230 -12.06 -10.50 3.19
N ALA A 231 -12.85 -10.62 2.14
CA ALA A 231 -13.38 -11.89 1.70
C ALA A 231 -12.26 -12.88 1.34
N ARG A 232 -12.47 -14.14 1.68
CA ARG A 232 -11.59 -15.21 1.27
C ARG A 232 -12.29 -16.52 1.28
N GLY A 233 -12.08 -17.32 0.25
CA GLY A 233 -12.82 -18.58 0.07
C GLY A 233 -14.28 -18.35 -0.26
N THR A 234 -15.07 -19.44 -0.29
CA THR A 234 -16.44 -19.36 -0.78
C THR A 234 -17.42 -18.90 0.32
N SER A 235 -18.58 -18.39 -0.12
CA SER A 235 -19.70 -17.99 0.75
C SER A 235 -20.63 -19.14 1.12
N TRP A 236 -20.46 -20.24 0.45
CA TRP A 236 -21.39 -21.35 0.54
C TRP A 236 -20.76 -22.61 1.09
N GLY A 237 -19.49 -22.56 1.48
CA GLY A 237 -18.89 -23.74 2.09
C GLY A 237 -19.56 -24.38 3.32
N ASN A 238 -20.41 -23.64 4.01
CA ASN A 238 -20.84 -24.11 5.34
C ASN A 238 -21.97 -23.38 5.97
N GLY A 239 -23.13 -23.40 5.30
CA GLY A 239 -24.32 -22.85 5.88
C GLY A 239 -25.37 -22.59 4.84
N THR A 240 -26.63 -22.72 5.24
CA THR A 240 -27.72 -22.24 4.43
C THR A 240 -27.40 -20.79 4.17
N PRO A 241 -26.57 -20.51 3.15
CA PRO A 241 -25.70 -19.34 3.09
C PRO A 241 -26.03 -18.22 4.07
N GLU A 242 -26.79 -17.18 3.65
CA GLU A 242 -26.70 -15.72 4.00
C GLU A 242 -26.87 -14.71 2.77
N GLY A 243 -27.98 -14.87 2.02
CA GLY A 243 -28.34 -13.88 0.97
C GLY A 243 -29.52 -12.98 1.40
N GLU A 244 -30.44 -12.59 0.48
CA GLU A 244 -31.87 -12.75 0.86
C GLU A 244 -33.05 -12.73 -0.10
N SER A 245 -34.00 -13.55 0.33
CA SER A 245 -34.84 -14.24 -0.62
C SER A 245 -36.02 -13.38 -1.00
N LEU A 246 -35.98 -12.96 -2.26
CA LEU A 246 -37.01 -12.13 -2.80
C LEU A 246 -37.91 -12.97 -3.69
N PRO A 247 -39.17 -13.20 -3.25
CA PRO A 247 -40.07 -13.97 -4.12
C PRO A 247 -40.26 -13.40 -5.49
N LEU A 248 -40.52 -14.28 -6.46
CA LEU A 248 -40.56 -13.88 -7.85
C LEU A 248 -41.66 -12.84 -8.02
N ASP A 249 -42.64 -12.91 -7.12
CA ASP A 249 -43.76 -12.01 -7.20
C ASP A 249 -43.37 -10.51 -6.86
N GLN A 250 -42.16 -10.27 -6.32
CA GLN A 250 -41.59 -8.91 -6.10
C GLN A 250 -40.82 -8.38 -7.33
N PHE A 251 -40.71 -9.20 -8.37
CA PHE A 251 -39.99 -8.81 -9.59
C PHE A 251 -40.94 -8.60 -10.70
N TYR A 252 -40.73 -7.52 -11.46
CA TYR A 252 -41.37 -7.39 -12.74
C TYR A 252 -40.59 -8.22 -13.74
N VAL A 253 -41.31 -9.05 -14.47
CA VAL A 253 -40.67 -10.01 -15.35
C VAL A 253 -40.72 -9.47 -16.79
N VAL A 254 -39.56 -8.96 -17.17
CA VAL A 254 -39.36 -8.28 -18.43
C VAL A 254 -39.44 -9.32 -19.54
N LYS A 255 -40.45 -9.17 -20.37
CA LYS A 255 -40.64 -10.04 -21.53
C LYS A 255 -40.75 -9.25 -22.80
N PRO A 256 -40.41 -9.91 -23.95
CA PRO A 256 -40.46 -9.22 -25.23
C PRO A 256 -41.64 -8.27 -25.37
N GLY A 257 -41.27 -7.03 -25.69
CA GLY A 257 -42.15 -5.87 -25.85
C GLY A 257 -41.92 -4.73 -24.83
N ALA A 258 -41.56 -5.04 -23.59
CA ALA A 258 -41.66 -4.04 -22.48
C ALA A 258 -40.94 -2.67 -22.58
N THR A 259 -41.71 -1.60 -22.50
CA THR A 259 -41.12 -0.28 -22.70
C THR A 259 -40.32 0.14 -21.50
N ALA A 260 -39.38 1.07 -21.71
CA ALA A 260 -38.68 1.67 -20.59
C ALA A 260 -39.70 2.29 -19.63
N GLU A 261 -40.71 2.93 -20.22
CA GLU A 261 -41.82 3.51 -19.45
C GLU A 261 -42.37 2.47 -18.44
N THR A 262 -42.82 1.33 -18.92
CA THR A 262 -43.30 0.25 -18.04
C THR A 262 -42.24 -0.22 -17.00
N ILE A 263 -41.03 -0.46 -17.49
CA ILE A 263 -39.91 -0.90 -16.62
C ILE A 263 -39.72 0.12 -15.53
N ASN A 264 -39.53 1.37 -15.94
CA ASN A 264 -39.40 2.48 -15.01
C ASN A 264 -40.58 2.56 -14.01
N ALA A 265 -41.81 2.35 -14.51
CA ALA A 265 -43.01 2.33 -13.64
C ALA A 265 -42.93 1.20 -12.61
N ALA A 266 -42.37 0.08 -13.05
CA ALA A 266 -42.30 -1.10 -12.20
C ALA A 266 -41.41 -0.78 -11.01
N VAL A 267 -40.24 -0.21 -11.30
CA VAL A 267 -39.31 0.14 -10.25
C VAL A 267 -39.95 1.13 -9.29
N ASP A 268 -40.65 2.11 -9.87
CA ASP A 268 -41.37 3.16 -9.10
C ASP A 268 -42.50 2.55 -8.22
N GLN A 269 -43.18 1.54 -8.77
CA GLN A 269 -44.20 0.76 -8.02
C GLN A 269 -43.55 -0.10 -6.88
N GLY A 270 -42.20 -0.19 -6.86
CA GLY A 270 -41.51 -0.96 -5.84
C GLY A 270 -41.11 -2.39 -6.22
N LEU A 271 -41.17 -2.69 -7.51
CA LEU A 271 -40.79 -4.02 -7.99
C LEU A 271 -39.32 -4.03 -8.40
N HIS A 272 -38.70 -5.18 -8.22
CA HIS A 272 -37.40 -5.47 -8.79
C HIS A 272 -37.60 -5.88 -10.25
N LEU A 273 -36.49 -6.10 -10.96
CA LEU A 273 -36.53 -6.48 -12.37
C LEU A 273 -35.78 -7.78 -12.68
N LEU A 274 -36.45 -8.67 -13.41
CA LEU A 274 -35.84 -9.89 -13.95
C LEU A 274 -36.01 -9.86 -15.47
N PHE A 275 -34.92 -9.61 -16.16
CA PHE A 275 -34.91 -9.65 -17.61
C PHE A 275 -34.84 -11.10 -18.12
N THR A 276 -35.91 -11.56 -18.77
CA THR A 276 -35.94 -12.89 -19.35
C THR A 276 -35.13 -12.83 -20.65
N PRO A 277 -34.53 -13.97 -21.05
CA PRO A 277 -33.55 -13.86 -22.14
C PRO A 277 -34.18 -13.28 -23.38
N GLY A 278 -33.50 -12.29 -23.93
CA GLY A 278 -33.97 -11.67 -25.16
C GLY A 278 -33.22 -10.37 -25.36
N VAL A 279 -33.71 -9.63 -26.35
CA VAL A 279 -33.14 -8.36 -26.78
C VAL A 279 -34.22 -7.28 -26.66
N TYR A 280 -33.90 -6.25 -25.88
CA TYR A 280 -34.84 -5.23 -25.52
C TYR A 280 -34.36 -3.87 -26.04
N HIS A 281 -34.93 -3.45 -27.17
CA HIS A 281 -34.74 -2.08 -27.65
C HIS A 281 -35.59 -1.12 -26.81
N VAL A 282 -34.95 -0.09 -26.22
CA VAL A 282 -35.63 0.96 -25.49
C VAL A 282 -35.42 2.34 -26.16
N ASP A 283 -36.43 3.22 -26.03
CA ASP A 283 -36.36 4.55 -26.62
C ASP A 283 -36.19 5.62 -25.55
N GLN A 284 -36.04 5.18 -24.32
CA GLN A 284 -35.49 6.07 -23.33
C GLN A 284 -34.84 5.27 -22.17
N PRO A 285 -34.09 5.97 -21.30
CA PRO A 285 -33.27 5.22 -20.34
C PRO A 285 -34.05 4.46 -19.28
N ILE A 286 -33.52 3.32 -18.92
CA ILE A 286 -34.04 2.61 -17.79
C ILE A 286 -33.47 3.25 -16.54
N GLU A 287 -34.33 3.54 -15.58
CA GLU A 287 -33.97 4.34 -14.44
C GLU A 287 -34.24 3.61 -13.11
N ILE A 288 -33.18 3.35 -12.34
CA ILE A 288 -33.26 2.59 -11.10
C ILE A 288 -32.90 3.45 -9.87
N ASP A 289 -33.89 4.24 -9.45
CA ASP A 289 -33.73 5.24 -8.34
C ASP A 289 -34.47 4.79 -7.06
N ARG A 290 -34.42 3.51 -6.76
CA ARG A 290 -34.93 2.97 -5.51
C ARG A 290 -33.85 2.08 -4.88
N ALA A 291 -33.62 2.30 -3.60
CA ALA A 291 -32.60 1.53 -2.94
C ALA A 291 -32.88 0.04 -2.91
N ASN A 292 -31.83 -0.76 -2.99
CA ASN A 292 -31.90 -2.23 -2.94
C ASN A 292 -32.64 -2.82 -4.15
N THR A 293 -32.71 -2.10 -5.26
CA THR A 293 -33.35 -2.67 -6.48
C THR A 293 -32.39 -3.66 -7.11
N VAL A 294 -32.89 -4.88 -7.26
CA VAL A 294 -32.17 -5.90 -8.02
C VAL A 294 -32.68 -5.85 -9.45
N ALA A 295 -31.75 -5.86 -10.41
CA ALA A 295 -32.06 -5.94 -11.84
C ALA A 295 -31.26 -7.05 -12.44
N LEU A 296 -31.78 -8.27 -12.41
CA LEU A 296 -31.02 -9.46 -12.80
C LEU A 296 -31.40 -9.85 -14.19
N GLY A 297 -30.41 -10.07 -15.03
CA GLY A 297 -30.62 -10.61 -16.38
C GLY A 297 -30.48 -12.12 -16.35
N LEU A 298 -31.24 -12.78 -17.23
CA LEU A 298 -31.15 -14.21 -17.48
C LEU A 298 -30.72 -14.45 -18.95
N GLY A 299 -29.88 -15.44 -19.22
CA GLY A 299 -29.63 -15.83 -20.60
C GLY A 299 -29.01 -14.74 -21.49
N LEU A 300 -28.11 -13.94 -20.91
CA LEU A 300 -27.50 -12.77 -21.55
C LEU A 300 -28.53 -11.80 -22.18
N ALA A 301 -29.61 -11.54 -21.42
CA ALA A 301 -30.54 -10.51 -21.77
C ALA A 301 -29.80 -9.25 -22.14
N THR A 302 -30.27 -8.62 -23.21
CA THR A 302 -29.55 -7.52 -23.82
C THR A 302 -30.45 -6.31 -23.98
N ILE A 303 -29.93 -5.13 -23.63
CA ILE A 303 -30.64 -3.88 -23.78
C ILE A 303 -29.95 -3.08 -24.87
N ILE A 304 -30.71 -2.65 -25.88
CA ILE A 304 -30.22 -1.73 -26.92
C ILE A 304 -30.92 -0.39 -26.76
N PRO A 305 -30.14 0.69 -26.58
CA PRO A 305 -30.81 1.99 -26.54
C PRO A 305 -30.93 2.56 -27.94
N ASP A 306 -32.13 2.97 -28.30
CA ASP A 306 -32.37 3.58 -29.59
C ASP A 306 -32.25 5.11 -29.50
N ASN A 307 -32.09 5.78 -30.64
CA ASN A 307 -32.22 7.24 -30.72
C ASN A 307 -31.21 7.99 -29.86
N GLY A 308 -30.10 7.34 -29.62
CA GLY A 308 -28.96 7.92 -28.91
C GLY A 308 -29.13 8.05 -27.41
N VAL A 309 -30.13 7.38 -26.85
CA VAL A 309 -30.29 7.51 -25.41
C VAL A 309 -29.28 6.64 -24.59
N THR A 310 -29.13 6.96 -23.29
CA THR A 310 -28.46 6.07 -22.35
C THR A 310 -29.37 4.88 -22.07
N ALA A 311 -28.80 3.68 -21.95
CA ALA A 311 -29.61 2.50 -21.73
C ALA A 311 -30.11 2.42 -20.27
N LEU A 312 -29.24 2.76 -19.34
CA LEU A 312 -29.50 2.52 -17.94
C LEU A 312 -28.97 3.66 -17.08
N LYS A 313 -29.84 4.26 -16.28
CA LYS A 313 -29.41 5.25 -15.29
C LYS A 313 -29.81 4.87 -13.86
N VAL A 314 -28.80 4.57 -13.05
CA VAL A 314 -28.99 4.32 -11.62
C VAL A 314 -28.83 5.62 -10.82
N GLY A 315 -29.79 5.88 -9.96
CA GLY A 315 -29.77 7.10 -9.15
C GLY A 315 -28.83 7.02 -7.97
N ASP A 316 -28.91 8.04 -7.11
CA ASP A 316 -27.97 8.21 -6.02
C ASP A 316 -28.57 7.51 -4.78
N VAL A 317 -28.60 6.18 -4.82
CA VAL A 317 -29.27 5.37 -3.81
C VAL A 317 -28.39 4.15 -3.42
N ASP A 318 -28.50 3.69 -2.18
CA ASP A 318 -27.81 2.49 -1.70
C ASP A 318 -28.29 1.24 -2.44
N GLY A 319 -27.38 0.28 -2.59
CA GLY A 319 -27.71 -1.11 -2.71
C GLY A 319 -28.29 -1.66 -4.01
N VAL A 320 -28.18 -0.92 -5.10
CA VAL A 320 -28.70 -1.42 -6.36
C VAL A 320 -27.77 -2.51 -6.84
N LYS A 321 -28.37 -3.58 -7.36
CA LYS A 321 -27.62 -4.75 -7.82
C LYS A 321 -27.99 -4.98 -9.25
N VAL A 322 -27.08 -4.59 -10.13
CA VAL A 322 -27.26 -4.76 -11.57
C VAL A 322 -26.48 -6.00 -11.97
N ALA A 323 -27.11 -6.98 -12.62
CA ALA A 323 -26.47 -8.25 -12.81
C ALA A 323 -26.90 -8.98 -14.11
N GLY A 324 -25.90 -9.39 -14.90
CA GLY A 324 -26.13 -10.29 -16.01
C GLY A 324 -26.79 -9.70 -17.23
N LEU A 325 -26.42 -8.47 -17.55
CA LEU A 325 -26.97 -7.79 -18.70
C LEU A 325 -25.89 -7.46 -19.71
N LEU A 326 -26.22 -7.55 -20.99
CA LEU A 326 -25.38 -7.05 -22.09
C LEU A 326 -26.03 -5.75 -22.61
N VAL A 327 -25.28 -4.67 -22.60
CA VAL A 327 -25.73 -3.39 -23.13
C VAL A 327 -25.06 -3.19 -24.50
N ASP A 328 -25.88 -3.14 -25.53
CA ASP A 328 -25.44 -3.18 -26.92
C ASP A 328 -25.78 -1.86 -27.62
N ALA A 329 -24.76 -1.13 -28.07
CA ALA A 329 -25.00 0.18 -28.63
C ALA A 329 -25.82 0.13 -29.92
N GLY A 330 -26.65 1.15 -30.10
CA GLY A 330 -27.40 1.31 -31.35
C GLY A 330 -26.58 2.15 -32.32
N PRO A 331 -27.01 2.19 -33.59
CA PRO A 331 -26.19 2.91 -34.60
C PRO A 331 -26.19 4.42 -34.40
N VAL A 332 -27.20 4.96 -33.73
CA VAL A 332 -27.13 6.36 -33.31
C VAL A 332 -26.27 6.48 -32.05
N ASN A 333 -25.29 7.37 -32.12
CA ASN A 333 -24.38 7.56 -31.00
C ASN A 333 -25.09 7.94 -29.70
N SER A 334 -24.85 7.15 -28.66
CA SER A 334 -25.21 7.51 -27.32
C SER A 334 -24.08 8.19 -26.57
N GLU A 335 -24.39 9.30 -25.95
CA GLU A 335 -23.42 10.06 -25.16
C GLU A 335 -22.86 9.19 -24.03
N THR A 336 -23.74 8.45 -23.38
CA THR A 336 -23.34 7.39 -22.45
C THR A 336 -24.22 6.16 -22.63
N LEU A 337 -23.74 4.98 -22.19
CA LEU A 337 -24.59 3.79 -22.23
C LEU A 337 -25.12 3.39 -20.85
N VAL A 338 -24.27 3.50 -19.83
CA VAL A 338 -24.62 3.15 -18.45
C VAL A 338 -24.12 4.19 -17.47
N GLU A 339 -25.01 4.86 -16.76
CA GLU A 339 -24.53 5.73 -15.68
C GLU A 339 -24.78 5.07 -14.35
N VAL A 340 -23.87 5.27 -13.40
CA VAL A 340 -24.15 4.86 -12.05
C VAL A 340 -23.99 6.10 -11.16
N GLY A 341 -25.12 6.70 -10.83
CA GLY A 341 -25.15 7.92 -10.06
C GLY A 341 -25.01 9.17 -10.90
N SER A 342 -25.27 10.32 -10.28
CA SER A 342 -25.15 11.60 -10.96
C SER A 342 -23.82 12.37 -10.81
N ASP A 343 -23.47 13.18 -11.83
CA ASP A 343 -22.28 14.08 -11.80
C ASP A 343 -22.15 14.81 -10.49
N GLY A 344 -20.93 14.87 -9.98
CA GLY A 344 -20.70 15.46 -8.67
C GLY A 344 -21.35 14.69 -7.52
N ALA A 345 -21.96 13.53 -7.78
CA ALA A 345 -22.71 12.75 -6.75
C ALA A 345 -21.81 12.53 -5.58
N SER A 346 -22.41 12.74 -4.43
CA SER A 346 -21.68 13.20 -3.29
C SER A 346 -21.88 12.34 -2.07
N GLY A 347 -22.93 11.56 -2.09
CA GLY A 347 -23.21 10.81 -0.88
C GLY A 347 -22.31 9.62 -0.82
N ASP A 348 -22.14 9.06 0.38
CA ASP A 348 -21.41 7.82 0.53
C ASP A 348 -22.37 6.63 0.68
N HIS A 349 -21.89 5.45 0.27
CA HIS A 349 -22.75 4.28 0.24
C HIS A 349 -22.01 3.05 0.76
N ALA A 350 -21.27 3.26 1.85
CA ALA A 350 -20.25 2.33 2.26
C ALA A 350 -20.83 1.02 2.78
N ALA A 351 -21.87 1.08 3.61
CA ALA A 351 -22.39 -0.16 4.19
C ALA A 351 -23.06 -1.01 3.08
N ASN A 352 -23.91 -0.35 2.29
CA ASN A 352 -24.70 -0.96 1.22
C ASN A 352 -24.47 -0.33 -0.15
N PRO A 353 -23.36 -0.71 -0.81
CA PRO A 353 -22.97 -0.14 -2.10
C PRO A 353 -23.85 -0.60 -3.25
N THR A 354 -23.78 0.11 -4.36
CA THR A 354 -24.35 -0.33 -5.63
C THR A 354 -23.26 -1.13 -6.35
N SER A 355 -23.66 -2.18 -7.07
CA SER A 355 -22.70 -2.98 -7.86
C SER A 355 -23.16 -3.23 -9.27
N LEU A 356 -22.21 -3.28 -10.19
CA LEU A 356 -22.40 -3.92 -11.50
C LEU A 356 -21.68 -5.26 -11.54
N GLN A 357 -22.41 -6.34 -11.84
CA GLN A 357 -21.78 -7.67 -11.94
C GLN A 357 -22.21 -8.36 -13.22
N ASP A 358 -21.24 -8.90 -13.96
CA ASP A 358 -21.50 -9.51 -15.27
C ASP A 358 -22.31 -8.54 -16.11
N VAL A 359 -21.71 -7.38 -16.27
CA VAL A 359 -22.24 -6.35 -17.12
C VAL A 359 -21.27 -6.31 -18.26
N PHE A 360 -21.80 -6.46 -19.45
CA PHE A 360 -21.02 -6.45 -20.65
C PHE A 360 -21.58 -5.39 -21.55
N VAL A 361 -20.69 -4.61 -22.16
CA VAL A 361 -21.07 -3.58 -23.12
C VAL A 361 -20.41 -3.92 -24.43
N ARG A 362 -21.16 -3.79 -25.51
CA ARG A 362 -20.63 -4.01 -26.83
C ARG A 362 -20.94 -2.79 -27.69
N ILE A 363 -19.94 -2.29 -28.42
CA ILE A 363 -20.17 -1.24 -29.40
C ILE A 363 -19.80 -1.76 -30.80
N GLY A 364 -20.82 -2.05 -31.58
CA GLY A 364 -20.65 -2.59 -32.93
C GLY A 364 -20.51 -4.11 -32.91
N GLY A 365 -20.40 -4.71 -34.12
CA GLY A 365 -20.17 -6.14 -34.26
C GLY A 365 -21.42 -6.86 -34.78
N ALA A 366 -22.57 -6.45 -34.30
CA ALA A 366 -23.86 -7.03 -34.71
C ALA A 366 -24.61 -6.01 -35.55
N GLY A 367 -23.82 -5.21 -36.26
CA GLY A 367 -24.31 -4.01 -36.90
C GLY A 367 -23.63 -2.80 -36.34
N PRO A 368 -23.66 -1.68 -37.10
CA PRO A 368 -22.98 -0.48 -36.62
C PRO A 368 -23.53 -0.03 -35.26
N GLY A 369 -22.63 0.44 -34.40
CA GLY A 369 -22.98 0.97 -33.11
C GLY A 369 -21.94 2.01 -32.66
N LYS A 370 -22.34 2.99 -31.84
CA LYS A 370 -21.44 4.04 -31.35
C LYS A 370 -21.85 4.55 -30.01
N ALA A 371 -20.88 4.97 -29.21
CA ALA A 371 -21.19 5.66 -27.98
C ALA A 371 -19.93 6.37 -27.53
N THR A 372 -20.09 7.51 -26.89
CA THR A 372 -18.97 8.34 -26.52
C THR A 372 -18.22 7.80 -25.32
N THR A 373 -18.95 7.52 -24.25
CA THR A 373 -18.38 6.92 -23.03
C THR A 373 -19.34 5.81 -22.61
N SER A 374 -18.85 4.58 -22.47
CA SER A 374 -19.75 3.47 -22.22
C SER A 374 -20.30 3.41 -20.80
N ILE A 375 -19.41 3.47 -19.80
CA ILE A 375 -19.81 3.39 -18.40
C ILE A 375 -19.19 4.50 -17.58
N VAL A 376 -20.05 5.33 -17.02
CA VAL A 376 -19.63 6.36 -16.10
C VAL A 376 -20.07 6.00 -14.70
N VAL A 377 -19.10 5.92 -13.78
CA VAL A 377 -19.39 5.54 -12.41
C VAL A 377 -19.19 6.78 -11.52
N ASN A 378 -20.29 7.44 -11.16
CA ASN A 378 -20.21 8.60 -10.27
C ASN A 378 -20.38 8.31 -8.78
N SER A 379 -21.23 7.35 -8.45
CA SER A 379 -21.55 7.06 -7.04
C SER A 379 -20.39 6.47 -6.27
N ASN A 380 -20.13 7.06 -5.13
CA ASN A 380 -19.10 6.57 -4.25
C ASN A 380 -19.38 5.15 -3.78
N ASP A 381 -18.31 4.40 -3.55
CA ASP A 381 -18.35 3.06 -2.98
C ASP A 381 -18.83 1.95 -3.94
N THR A 382 -19.07 2.33 -5.17
CA THR A 382 -19.55 1.37 -6.18
C THR A 382 -18.55 0.23 -6.42
N ILE A 383 -19.10 -0.97 -6.56
CA ILE A 383 -18.34 -2.18 -6.87
C ILE A 383 -18.61 -2.61 -8.32
N ILE A 384 -17.55 -2.84 -9.09
CA ILE A 384 -17.67 -3.27 -10.48
C ILE A 384 -16.93 -4.61 -10.58
N ASP A 385 -17.68 -5.67 -10.27
CA ASP A 385 -17.21 -7.03 -10.15
C ASP A 385 -17.55 -7.82 -11.39
N HIS A 386 -16.60 -7.81 -12.32
CA HIS A 386 -16.65 -8.46 -13.64
C HIS A 386 -17.41 -7.65 -14.68
N THR A 387 -16.66 -6.90 -15.47
CA THR A 387 -17.25 -6.20 -16.60
C THR A 387 -16.38 -6.44 -17.83
N TRP A 388 -17.01 -6.55 -19.01
CA TRP A 388 -16.29 -6.50 -20.30
C TRP A 388 -16.96 -5.41 -21.07
N VAL A 389 -16.17 -4.39 -21.38
CA VAL A 389 -16.61 -3.18 -22.06
C VAL A 389 -15.76 -3.17 -23.35
N TRP A 390 -16.43 -3.47 -24.45
CA TRP A 390 -15.76 -3.92 -25.67
C TRP A 390 -16.27 -3.20 -26.91
N ARG A 391 -15.38 -2.42 -27.51
CA ARG A 391 -15.65 -1.84 -28.79
C ARG A 391 -15.27 -2.92 -29.79
N ALA A 392 -16.23 -3.38 -30.59
CA ALA A 392 -16.01 -4.55 -31.44
C ALA A 392 -14.83 -4.36 -32.40
N ASP A 393 -13.96 -5.38 -32.47
CA ASP A 393 -12.85 -5.40 -33.44
C ASP A 393 -13.13 -6.28 -34.65
N HIS A 394 -14.23 -7.02 -34.64
CA HIS A 394 -14.62 -7.86 -35.76
C HIS A 394 -16.12 -7.90 -35.80
N GLY A 395 -16.66 -8.48 -36.86
CA GLY A 395 -18.12 -8.46 -37.07
C GLY A 395 -18.57 -7.47 -38.12
N GLU A 396 -19.85 -7.18 -38.04
CA GLU A 396 -20.52 -6.23 -38.93
C GLU A 396 -20.67 -4.89 -38.23
N GLY A 397 -20.38 -3.80 -38.95
CA GLY A 397 -20.60 -2.48 -38.37
C GLY A 397 -19.38 -1.98 -37.61
N VAL A 398 -18.21 -2.50 -38.03
CA VAL A 398 -16.89 -2.16 -37.48
C VAL A 398 -16.08 -1.20 -38.35
N GLY A 399 -15.33 -0.35 -37.68
CA GLY A 399 -14.36 0.50 -38.34
C GLY A 399 -14.01 1.68 -37.45
N TRP A 400 -12.80 2.21 -37.71
CA TRP A 400 -12.28 3.36 -36.98
C TRP A 400 -13.36 4.44 -36.89
N GLU A 401 -14.15 4.52 -37.96
CA GLU A 401 -15.29 5.45 -38.12
C GLU A 401 -16.63 4.83 -37.75
N THR A 402 -16.84 3.69 -38.36
CA THR A 402 -18.10 2.99 -38.35
C THR A 402 -18.59 2.75 -36.91
N ASN A 403 -17.72 2.23 -36.06
CA ASN A 403 -18.09 2.02 -34.64
C ASN A 403 -17.20 2.76 -33.66
N ARG A 404 -16.90 4.03 -33.98
CA ARG A 404 -16.22 4.90 -33.01
C ARG A 404 -16.81 4.79 -31.61
N ALA A 405 -15.92 4.73 -30.65
CA ALA A 405 -16.29 4.87 -29.24
C ALA A 405 -15.08 5.37 -28.53
N ASP A 406 -15.08 6.63 -28.17
CA ASP A 406 -13.85 7.20 -27.65
C ASP A 406 -13.42 6.67 -26.27
N TYR A 407 -14.37 6.46 -25.36
CA TYR A 407 -14.02 6.23 -23.97
C TYR A 407 -14.79 5.02 -23.42
N GLY A 408 -14.09 4.13 -22.72
CA GLY A 408 -14.75 2.93 -22.20
C GLY A 408 -15.43 3.12 -20.85
N VAL A 409 -14.61 3.32 -19.83
CA VAL A 409 -15.03 3.35 -18.44
C VAL A 409 -14.40 4.59 -17.86
N HIS A 410 -15.25 5.39 -17.23
CA HIS A 410 -14.81 6.61 -16.56
C HIS A 410 -15.29 6.59 -15.12
N VAL A 411 -14.37 6.51 -14.17
CA VAL A 411 -14.77 6.40 -12.76
C VAL A 411 -14.52 7.78 -12.14
N LYS A 412 -15.57 8.47 -11.76
CA LYS A 412 -15.47 9.78 -11.04
C LYS A 412 -15.73 9.66 -9.52
N GLY A 413 -16.53 8.67 -9.13
CA GLY A 413 -16.78 8.41 -7.73
C GLY A 413 -15.53 8.00 -6.95
N ASP A 414 -15.62 8.11 -5.62
CA ASP A 414 -14.52 7.83 -4.72
C ASP A 414 -14.78 6.48 -4.02
N ASN A 415 -13.71 5.81 -3.70
CA ASN A 415 -13.74 4.49 -3.04
C ASN A 415 -14.41 3.40 -3.92
N VAL A 416 -14.28 3.56 -5.22
CA VAL A 416 -14.82 2.59 -6.18
C VAL A 416 -13.85 1.43 -6.32
N LEU A 417 -14.39 0.23 -6.44
CA LEU A 417 -13.58 -1.00 -6.51
C LEU A 417 -13.95 -1.74 -7.75
N ALA A 418 -12.94 -2.06 -8.57
CA ALA A 418 -13.15 -2.89 -9.76
C ALA A 418 -12.38 -4.20 -9.57
N THR A 419 -13.09 -5.33 -9.62
CA THR A 419 -12.51 -6.64 -9.54
C THR A 419 -12.86 -7.38 -10.87
N GLY A 420 -11.85 -7.69 -11.66
CA GLY A 420 -12.12 -8.37 -12.93
C GLY A 420 -12.53 -7.39 -14.02
N LEU A 421 -11.64 -6.45 -14.33
CA LEU A 421 -11.97 -5.35 -15.26
C LEU A 421 -11.37 -5.64 -16.65
N PHE A 422 -12.22 -5.78 -17.67
CA PHE A 422 -11.77 -6.10 -19.03
C PHE A 422 -12.32 -4.98 -19.96
N VAL A 423 -11.47 -4.19 -20.60
CA VAL A 423 -11.93 -3.08 -21.41
C VAL A 423 -11.05 -2.95 -22.66
N GLU A 424 -11.65 -2.98 -23.85
CA GLU A 424 -10.85 -3.15 -25.07
C GLU A 424 -11.32 -2.32 -26.27
N HIS A 425 -10.33 -1.74 -26.91
CA HIS A 425 -10.33 -1.27 -28.31
C HIS A 425 -10.90 0.15 -28.51
N PHE A 426 -11.05 0.93 -27.44
CA PHE A 426 -11.57 2.28 -27.61
C PHE A 426 -10.64 3.25 -28.38
N ASN A 427 -11.24 4.24 -29.05
CA ASN A 427 -10.47 5.18 -29.90
C ASN A 427 -9.52 6.04 -29.06
N LYS A 428 -9.91 6.30 -27.81
CA LYS A 428 -9.14 7.10 -26.87
C LYS A 428 -8.88 6.30 -25.59
N TYR A 429 -9.10 6.88 -24.41
CA TYR A 429 -8.77 6.18 -23.18
C TYR A 429 -9.79 5.06 -22.86
N ASP A 430 -9.33 3.83 -22.75
CA ASP A 430 -10.19 2.73 -22.40
C ASP A 430 -10.79 2.93 -21.01
N VAL A 431 -9.92 3.20 -20.07
CA VAL A 431 -10.31 3.48 -18.70
C VAL A 431 -9.65 4.76 -18.21
N GLN A 432 -10.49 5.62 -17.61
CA GLN A 432 -10.07 6.81 -16.87
C GLN A 432 -10.58 6.73 -15.45
N TRP A 433 -9.74 7.19 -14.55
CA TRP A 433 -10.09 7.24 -13.15
C TRP A 433 -9.83 8.62 -12.60
N SER A 434 -10.91 9.28 -12.18
CA SER A 434 -10.94 10.68 -11.77
C SER A 434 -11.06 10.72 -10.28
N GLY A 435 -11.84 9.78 -9.74
CA GLY A 435 -12.21 9.77 -8.33
C GLY A 435 -11.09 9.33 -7.43
N GLU A 436 -11.27 9.53 -6.12
CA GLU A 436 -10.26 9.19 -5.14
C GLU A 436 -10.35 7.78 -4.59
N ASN A 437 -9.20 7.29 -4.16
CA ASN A 437 -9.10 5.99 -3.50
C ASN A 437 -9.64 4.82 -4.33
N GLY A 438 -9.50 4.90 -5.63
CA GLY A 438 -9.91 3.80 -6.46
C GLY A 438 -9.02 2.59 -6.26
N LYS A 439 -9.59 1.42 -6.47
CA LYS A 439 -8.85 0.13 -6.45
C LYS A 439 -9.28 -0.72 -7.63
N THR A 440 -8.30 -1.24 -8.39
CA THR A 440 -8.54 -2.26 -9.42
C THR A 440 -7.72 -3.50 -9.15
N ILE A 441 -8.41 -4.63 -9.05
CA ILE A 441 -7.78 -5.93 -8.97
C ILE A 441 -8.10 -6.69 -10.24
N PHE A 442 -7.05 -6.89 -11.03
CA PHE A 442 -7.08 -7.45 -12.38
C PHE A 442 -7.64 -6.51 -13.46
N TYR A 443 -6.78 -6.23 -14.44
CA TYR A 443 -7.16 -5.50 -15.66
C TYR A 443 -6.62 -6.15 -16.91
N GLN A 444 -7.50 -6.29 -17.89
CA GLN A 444 -7.09 -6.74 -19.21
C GLN A 444 -7.61 -5.73 -20.23
N ASN A 445 -6.67 -5.27 -21.06
CA ASN A 445 -6.96 -4.41 -22.17
C ASN A 445 -6.27 -4.88 -23.43
N ALA A 446 -6.93 -4.66 -24.56
CA ALA A 446 -6.27 -4.58 -25.86
C ALA A 446 -6.64 -3.24 -26.50
N LYS A 447 -5.66 -2.66 -27.17
CA LYS A 447 -5.82 -1.37 -27.81
C LYS A 447 -6.56 -1.53 -29.13
N ALA A 448 -7.14 -0.44 -29.60
CA ALA A 448 -7.74 -0.42 -30.93
C ALA A 448 -6.83 -1.12 -31.95
N TYR A 449 -7.38 -2.03 -32.77
CA TYR A 449 -6.57 -2.68 -33.80
C TYR A 449 -6.53 -1.86 -35.08
N ASP A 450 -7.58 -1.06 -35.27
CA ASP A 450 -7.86 -0.50 -36.56
C ASP A 450 -7.42 0.95 -36.70
N ALA A 451 -6.54 1.41 -35.82
CA ALA A 451 -6.06 2.76 -35.91
C ALA A 451 -5.34 2.89 -37.25
N PRO A 452 -5.67 3.92 -38.04
CA PRO A 452 -5.08 3.94 -39.40
C PRO A 452 -3.69 4.57 -39.50
N ASP A 453 -3.36 5.46 -38.57
CA ASP A 453 -2.08 6.17 -38.62
C ASP A 453 -1.73 6.74 -37.25
N GLN A 454 -0.46 7.07 -37.06
CA GLN A 454 -0.01 7.64 -35.79
C GLN A 454 -0.83 8.90 -35.40
N ALA A 455 -1.01 9.80 -36.36
CA ALA A 455 -1.69 11.06 -36.02
C ALA A 455 -3.10 10.89 -35.51
N ALA A 456 -3.82 9.90 -36.01
CA ALA A 456 -5.20 9.70 -35.55
C ALA A 456 -5.31 9.28 -34.08
N ILE A 457 -4.17 9.01 -33.46
CA ILE A 457 -4.09 8.76 -32.03
C ILE A 457 -3.05 9.62 -31.35
N GLN A 458 -2.66 10.72 -31.99
CA GLN A 458 -1.76 11.64 -31.29
C GLN A 458 -2.59 12.30 -30.20
N ASN A 459 -1.97 12.54 -29.04
CA ASN A 459 -2.66 12.91 -27.82
C ASN A 459 -1.75 13.88 -27.14
N GLY A 460 -1.54 15.02 -27.82
CA GLY A 460 -0.61 16.03 -27.36
C GLY A 460 0.78 15.51 -27.65
N ASP A 461 1.67 15.83 -26.73
CA ASP A 461 3.02 15.28 -26.60
C ASP A 461 2.98 13.73 -26.42
N ILE A 462 1.78 13.15 -26.21
CA ILE A 462 1.66 11.68 -26.08
C ILE A 462 1.30 10.96 -27.39
N LYS A 463 2.07 9.93 -27.74
CA LYS A 463 1.66 8.98 -28.77
C LYS A 463 0.64 7.98 -28.23
N GLY A 464 -0.59 8.09 -28.71
CA GLY A 464 -1.70 7.26 -28.28
C GLY A 464 -2.24 7.62 -26.92
N TYR A 465 -3.35 6.95 -26.55
CA TYR A 465 -4.04 7.15 -25.30
C TYR A 465 -3.84 5.93 -24.41
N ALA A 466 -3.55 6.18 -23.16
CA ALA A 466 -3.35 5.07 -22.23
C ALA A 466 -4.55 4.17 -22.25
N ALA A 467 -4.32 2.89 -22.04
CA ALA A 467 -5.42 1.98 -21.67
C ALA A 467 -6.03 2.27 -20.30
N TYR A 468 -5.25 2.82 -19.39
CA TYR A 468 -5.73 3.09 -18.03
C TYR A 468 -4.98 4.34 -17.55
N LYS A 469 -5.76 5.41 -17.41
CA LYS A 469 -5.26 6.71 -17.02
C LYS A 469 -5.85 7.15 -15.70
N VAL A 470 -4.97 7.52 -14.79
CA VAL A 470 -5.35 8.10 -13.53
C VAL A 470 -5.06 9.58 -13.62
N ASP A 471 -6.11 10.40 -13.39
CA ASP A 471 -6.05 11.88 -13.47
C ASP A 471 -4.83 12.43 -12.73
N ASP A 472 -4.30 13.54 -13.23
CA ASP A 472 -3.16 14.18 -12.63
C ASP A 472 -3.39 14.67 -11.24
N SER A 473 -4.63 15.05 -10.91
CA SER A 473 -4.97 15.56 -9.57
C SER A 473 -5.33 14.47 -8.53
N VAL A 474 -5.42 13.23 -8.97
CA VAL A 474 -5.80 12.16 -8.05
C VAL A 474 -4.70 12.00 -6.97
N THR A 475 -5.13 11.97 -5.72
CA THR A 475 -4.22 11.79 -4.61
C THR A 475 -3.92 10.32 -4.32
N THR A 476 -4.98 9.47 -4.31
CA THR A 476 -4.89 8.08 -3.88
C THR A 476 -5.45 7.12 -4.95
N HIS A 477 -4.67 6.12 -5.34
CA HIS A 477 -5.11 5.04 -6.27
C HIS A 477 -4.26 3.78 -6.12
N GLU A 478 -4.86 2.61 -6.29
CA GLU A 478 -4.08 1.37 -6.31
C GLU A 478 -4.61 0.31 -7.30
N GLY A 479 -3.68 -0.32 -8.01
CA GLY A 479 -4.01 -1.32 -9.01
C GLY A 479 -3.07 -2.52 -8.97
N TRP A 480 -3.63 -3.72 -9.17
CA TRP A 480 -2.89 -4.97 -9.16
C TRP A 480 -3.20 -5.84 -10.36
N GLY A 481 -2.16 -6.30 -11.05
CA GLY A 481 -2.34 -7.36 -12.06
C GLY A 481 -3.00 -6.90 -13.36
N MET A 482 -2.27 -6.12 -14.13
CA MET A 482 -2.83 -5.26 -15.14
C MET A 482 -2.00 -5.24 -16.43
N GLY A 483 -2.65 -5.65 -17.52
CA GLY A 483 -2.01 -5.80 -18.82
C GLY A 483 -2.75 -5.04 -19.91
N SER A 484 -1.96 -4.54 -20.84
CA SER A 484 -2.48 -3.91 -22.06
C SER A 484 -1.74 -4.50 -23.28
N TYR A 485 -2.50 -4.95 -24.27
CA TYR A 485 -1.92 -5.56 -25.49
C TYR A 485 -2.24 -4.73 -26.76
N CYS A 486 -1.32 -4.74 -27.71
CA CYS A 486 -1.53 -4.05 -29.00
C CYS A 486 -1.46 -5.01 -30.20
N TYR A 487 -2.27 -4.73 -31.22
CA TYR A 487 -2.29 -5.47 -32.50
C TYR A 487 -2.77 -4.46 -33.55
N PHE A 488 -1.85 -3.56 -33.87
CA PHE A 488 -2.15 -2.52 -34.85
C PHE A 488 -2.04 -3.19 -36.21
N ASN A 489 -3.17 -3.80 -36.57
CA ASN A 489 -3.39 -4.68 -37.73
C ASN A 489 -3.35 -3.90 -39.01
N VAL A 490 -3.92 -2.71 -38.96
CA VAL A 490 -4.02 -1.88 -40.15
C VAL A 490 -2.73 -1.13 -40.42
N ASN A 491 -2.06 -0.65 -39.35
CA ASN A 491 -0.84 0.16 -39.47
C ASN A 491 0.19 -0.28 -38.43
N PRO A 492 0.94 -1.36 -38.73
CA PRO A 492 1.89 -1.93 -37.76
C PRO A 492 3.12 -1.05 -37.46
N ASP A 493 3.28 0.08 -38.14
CA ASP A 493 4.37 0.99 -37.78
C ASP A 493 4.00 1.91 -36.61
N ILE A 494 2.75 1.83 -36.16
CA ILE A 494 2.33 2.63 -35.02
C ILE A 494 3.13 2.31 -33.78
N ARG A 495 3.27 3.34 -32.96
CA ARG A 495 3.82 3.27 -31.62
C ARG A 495 2.82 3.76 -30.57
N GLN A 496 2.73 2.99 -29.48
CA GLN A 496 1.83 3.32 -28.36
C GLN A 496 2.70 3.67 -27.16
N GLN A 497 2.72 4.92 -26.72
CA GLN A 497 3.74 5.33 -25.74
C GLN A 497 3.69 4.50 -24.50
N HIS A 498 2.48 4.19 -24.02
CA HIS A 498 2.37 3.41 -22.79
C HIS A 498 1.02 2.75 -22.66
N GLY A 499 0.95 1.73 -21.79
CA GLY A 499 -0.32 1.14 -21.44
C GLY A 499 -1.03 1.90 -20.33
N PHE A 500 -0.26 2.48 -19.41
CA PHE A 500 -0.75 3.13 -18.19
C PHE A 500 -0.20 4.56 -18.05
N GLN A 501 -1.02 5.45 -17.50
CA GLN A 501 -0.65 6.85 -17.26
C GLN A 501 -1.16 7.29 -15.89
N ALA A 502 -0.28 7.89 -15.09
CA ALA A 502 -0.68 8.36 -13.73
C ALA A 502 0.35 9.34 -13.22
N PRO A 503 -0.08 10.32 -12.43
CA PRO A 503 0.94 11.16 -11.81
C PRO A 503 1.80 10.29 -10.89
N VAL A 504 2.95 10.82 -10.49
CA VAL A 504 3.87 10.13 -9.60
C VAL A 504 3.76 10.68 -8.18
N LYS A 505 3.21 9.86 -7.28
CA LYS A 505 2.70 10.31 -5.97
C LYS A 505 2.79 9.15 -4.99
N PRO A 506 2.84 9.46 -3.69
CA PRO A 506 2.95 8.36 -2.74
C PRO A 506 1.76 7.38 -2.71
N GLY A 507 0.56 7.93 -2.70
CA GLY A 507 -0.64 7.14 -2.62
C GLY A 507 -1.22 6.63 -3.93
N VAL A 508 -0.53 6.78 -5.07
CA VAL A 508 -1.06 6.33 -6.39
C VAL A 508 -0.30 5.14 -7.02
N LYS A 509 -0.44 3.93 -6.46
CA LYS A 509 0.50 2.85 -6.77
C LYS A 509 -0.02 1.74 -7.66
N PHE A 510 0.90 1.02 -8.29
CA PHE A 510 0.58 -0.13 -9.11
C PHE A 510 1.49 -1.31 -8.76
N HIS A 511 0.95 -2.49 -9.02
CA HIS A 511 1.66 -3.74 -8.89
C HIS A 511 1.40 -4.61 -10.08
N ASP A 512 2.50 -5.07 -10.68
CA ASP A 512 2.50 -6.13 -11.67
C ASP A 512 1.80 -5.67 -12.94
N LEU A 513 2.48 -4.75 -13.61
CA LEU A 513 2.03 -4.16 -14.85
C LEU A 513 2.75 -4.80 -16.04
N LEU A 514 2.02 -4.98 -17.10
CA LEU A 514 2.64 -5.48 -18.33
C LEU A 514 2.02 -4.89 -19.60
N VAL A 515 2.85 -4.71 -20.63
CA VAL A 515 2.34 -4.41 -21.97
C VAL A 515 2.93 -5.43 -22.92
N VAL A 516 2.17 -5.74 -23.97
CA VAL A 516 2.54 -6.78 -24.90
C VAL A 516 2.15 -6.43 -26.31
N SER A 517 3.10 -6.55 -27.25
CA SER A 517 2.77 -6.44 -28.66
C SER A 517 2.46 -7.80 -29.26
N LEU A 518 1.27 -7.92 -29.84
CA LEU A 518 0.91 -9.19 -30.42
C LEU A 518 1.59 -9.39 -31.76
N GLY A 519 2.77 -10.00 -31.73
CA GLY A 519 3.47 -10.38 -32.93
C GLY A 519 3.96 -9.23 -33.85
N GLY A 520 4.45 -8.13 -33.31
CA GLY A 520 5.02 -7.07 -34.15
C GLY A 520 4.11 -5.99 -34.69
N LYS A 521 2.81 -6.12 -34.45
CA LYS A 521 1.81 -5.21 -35.03
C LYS A 521 1.68 -3.99 -34.10
N GLY A 522 2.49 -2.97 -34.40
CA GLY A 522 2.78 -1.94 -33.42
C GLY A 522 3.77 -2.39 -32.36
N GLN A 523 4.26 -1.41 -31.61
CA GLN A 523 5.01 -1.62 -30.38
C GLN A 523 4.66 -0.57 -29.33
N TYR A 524 4.89 -0.93 -28.06
CA TYR A 524 4.85 0.03 -26.95
C TYR A 524 6.23 0.67 -26.77
N GLU A 525 6.28 1.94 -26.41
CA GLU A 525 7.52 2.64 -26.07
C GLU A 525 7.95 2.38 -24.64
N HIS A 526 6.94 2.21 -23.80
CA HIS A 526 7.10 2.06 -22.37
C HIS A 526 5.89 1.34 -21.81
N VAL A 527 5.94 1.00 -20.52
CA VAL A 527 4.82 0.37 -19.83
C VAL A 527 3.85 1.36 -19.19
N ILE A 528 4.40 2.26 -18.38
CA ILE A 528 3.63 3.30 -17.70
C ILE A 528 4.39 4.64 -17.76
N ASN A 529 3.69 5.70 -18.13
CA ASN A 529 4.35 6.98 -18.29
C ASN A 529 5.57 6.76 -19.24
N ASP A 530 6.77 7.24 -18.90
CA ASP A 530 7.96 6.98 -19.73
C ASP A 530 8.92 5.93 -19.11
N ILE A 531 8.35 5.13 -18.22
CA ILE A 531 9.07 4.02 -17.57
C ILE A 531 8.66 2.62 -18.05
N GLY A 532 9.62 1.70 -18.02
CA GLY A 532 9.40 0.35 -18.48
C GLY A 532 9.86 0.24 -19.92
N ASP A 533 10.56 -0.85 -20.24
CA ASP A 533 11.12 -1.06 -21.58
C ASP A 533 10.08 -1.01 -22.67
N PRO A 534 10.47 -0.59 -23.88
CA PRO A 534 9.58 -0.81 -25.01
C PRO A 534 9.41 -2.29 -25.25
N THR A 535 8.37 -2.66 -25.98
CA THR A 535 8.33 -4.03 -26.52
C THR A 535 9.14 -4.06 -27.81
N SER A 536 9.76 -5.20 -28.08
CA SER A 536 10.55 -5.36 -29.32
C SER A 536 10.34 -6.73 -29.92
N GLY A 537 10.68 -6.83 -31.21
CA GLY A 537 10.63 -8.10 -31.96
C GLY A 537 9.19 -8.39 -32.38
N ASP A 538 8.97 -9.56 -32.97
CA ASP A 538 7.62 -10.00 -33.34
C ASP A 538 7.25 -11.22 -32.53
N THR A 539 7.73 -11.24 -31.30
CA THR A 539 7.82 -12.47 -30.53
C THR A 539 6.95 -12.49 -29.24
N THR A 540 6.17 -11.43 -29.07
CA THR A 540 5.10 -11.40 -28.07
C THR A 540 5.65 -11.68 -26.67
N ILE A 541 6.82 -11.15 -26.34
CA ILE A 541 7.25 -11.14 -24.95
C ILE A 541 6.78 -9.88 -24.24
N PRO A 542 6.01 -10.02 -23.16
CA PRO A 542 5.65 -8.86 -22.37
C PRO A 542 6.80 -8.04 -21.86
N SER A 543 6.62 -6.71 -21.81
CA SER A 543 7.48 -5.82 -21.04
C SER A 543 6.76 -5.48 -19.74
N GLN A 544 7.44 -5.61 -18.58
CA GLN A 544 6.74 -5.50 -17.30
C GLN A 544 7.37 -4.54 -16.36
N VAL A 545 6.53 -4.10 -15.44
CA VAL A 545 7.01 -3.35 -14.30
C VAL A 545 6.37 -4.01 -13.07
N VAL A 546 7.23 -4.45 -12.13
CA VAL A 546 6.76 -5.07 -10.91
C VAL A 546 6.09 -4.04 -9.96
N SER A 547 6.65 -2.85 -9.83
CA SER A 547 5.94 -1.81 -9.07
C SER A 547 6.25 -0.34 -9.26
N PHE A 548 5.21 0.48 -8.99
CA PHE A 548 5.19 1.92 -9.17
C PHE A 548 4.53 2.53 -7.89
N PRO A 549 5.13 3.62 -7.34
CA PRO A 549 6.07 4.43 -8.11
C PRO A 549 7.49 4.36 -7.58
N VAL B 2 -15.27 16.10 21.15
CA VAL B 2 -14.01 15.59 20.60
C VAL B 2 -13.43 14.60 21.62
N VAL B 3 -13.20 13.36 21.20
CA VAL B 3 -13.22 12.28 22.18
C VAL B 3 -11.88 11.59 22.36
N GLY B 4 -11.62 11.15 23.59
CA GLY B 4 -10.50 10.27 23.84
C GLY B 4 -10.73 8.79 23.55
N GLY B 5 -9.60 8.06 23.44
CA GLY B 5 -9.60 6.61 23.24
C GLY B 5 -9.87 6.20 21.80
N GLY B 6 -10.32 4.97 21.61
CA GLY B 6 -10.64 4.57 20.25
C GLY B 6 -9.63 3.66 19.60
N ASP B 7 -10.10 3.04 18.54
CA ASP B 7 -9.47 2.02 17.80
C ASP B 7 -8.05 2.40 17.28
N LEU B 8 -7.04 1.53 17.32
CA LEU B 8 -5.71 1.98 16.85
C LEU B 8 -5.58 2.03 15.33
N GLY B 9 -6.47 1.32 14.63
CA GLY B 9 -6.53 1.41 13.19
C GLY B 9 -5.87 0.26 12.47
N PRO B 10 -5.94 0.28 11.12
CA PRO B 10 -5.48 -0.88 10.33
C PRO B 10 -3.99 -1.11 10.40
N ASN B 11 -3.25 0.00 10.53
CA ASN B 11 -1.81 -0.04 10.51
C ASN B 11 -1.14 -0.34 11.84
N VAL B 12 -1.93 -0.64 12.88
CA VAL B 12 -1.38 -1.21 14.08
C VAL B 12 -1.87 -2.65 14.16
N LEU B 13 -0.98 -3.60 13.84
CA LEU B 13 -1.29 -5.01 13.83
C LEU B 13 -0.97 -5.57 15.21
N VAL B 14 -1.99 -6.07 15.89
CA VAL B 14 -1.80 -6.61 17.21
C VAL B 14 -1.86 -8.14 17.09
N PHE B 15 -0.80 -8.75 17.59
CA PHE B 15 -0.60 -10.18 17.57
C PHE B 15 -0.71 -10.74 18.97
N ASP B 16 -1.17 -11.98 19.07
CA ASP B 16 -1.02 -12.75 20.31
C ASP B 16 -0.57 -14.16 19.95
N PRO B 17 -0.33 -14.99 20.95
CA PRO B 17 -0.16 -16.42 20.70
C PRO B 17 -1.37 -17.09 20.08
N SER B 18 -2.56 -16.55 20.32
CA SER B 18 -3.74 -17.13 19.68
C SER B 18 -3.61 -16.91 18.18
N THR B 19 -2.73 -16.00 17.74
CA THR B 19 -2.83 -15.49 16.38
C THR B 19 -2.24 -16.46 15.34
N PRO B 20 -3.08 -17.00 14.44
CA PRO B 20 -2.59 -17.77 13.29
C PRO B 20 -1.65 -17.05 12.37
N ASP B 21 -0.77 -17.84 11.80
CA ASP B 21 0.16 -17.44 10.77
C ASP B 21 0.88 -16.10 11.03
N ILE B 22 1.43 -15.96 12.24
CA ILE B 22 2.16 -14.74 12.57
C ILE B 22 3.31 -14.53 11.58
N GLN B 23 4.04 -15.60 11.31
CA GLN B 23 5.22 -15.47 10.48
C GLN B 23 4.90 -15.01 9.06
N GLY B 24 3.83 -15.51 8.43
CA GLY B 24 3.56 -15.10 7.06
C GLY B 24 3.17 -13.63 7.06
N LYS B 25 2.52 -13.23 8.13
CA LYS B 25 2.06 -11.85 8.27
C LYS B 25 3.22 -10.88 8.45
N VAL B 26 4.31 -11.25 9.13
CA VAL B 26 5.45 -10.32 9.18
C VAL B 26 6.28 -10.41 7.87
N ASP B 27 6.36 -11.60 7.27
CA ASP B 27 6.91 -11.73 5.92
C ASP B 27 6.18 -10.83 4.88
N GLU B 28 4.83 -10.67 4.97
CA GLU B 28 4.10 -9.71 4.05
C GLU B 28 4.50 -8.26 4.29
N VAL B 29 4.50 -7.83 5.56
CA VAL B 29 4.81 -6.42 5.86
C VAL B 29 6.23 -6.13 5.40
N PHE B 30 7.15 -7.05 5.74
CA PHE B 30 8.54 -6.92 5.32
C PHE B 30 8.68 -6.91 3.80
N ARG B 31 7.83 -7.68 3.12
CA ARG B 31 7.85 -7.68 1.67
C ARG B 31 7.46 -6.30 1.17
N LYS B 32 6.37 -5.74 1.67
CA LYS B 32 5.92 -4.37 1.32
C LYS B 32 6.96 -3.30 1.65
N GLN B 33 7.62 -3.45 2.79
CA GLN B 33 8.41 -2.37 3.37
C GLN B 33 9.92 -2.47 3.18
N GLU B 34 10.40 -3.66 2.86
CA GLU B 34 11.82 -3.98 2.73
C GLU B 34 12.67 -2.92 2.06
N SER B 35 12.23 -2.47 0.90
CA SER B 35 13.02 -1.53 0.09
C SER B 35 12.30 -0.19 -0.03
N ASN B 36 11.31 0.00 0.85
CA ASN B 36 10.35 1.11 0.75
C ASN B 36 10.91 2.36 1.46
N GLN B 37 12.00 2.91 0.95
CA GLN B 37 12.76 3.88 1.70
C GLN B 37 12.03 5.21 1.89
N PHE B 38 11.30 5.63 0.88
CA PHE B 38 10.69 6.96 0.91
C PHE B 38 9.19 6.93 0.73
N GLY B 39 8.61 5.73 0.65
CA GLY B 39 7.14 5.60 0.57
C GLY B 39 6.44 6.08 1.83
N THR B 40 5.11 6.21 1.74
CA THR B 40 4.32 6.72 2.81
C THR B 40 3.64 5.60 3.63
N ASP B 41 3.88 4.37 3.20
CA ASP B 41 3.42 3.18 3.94
C ASP B 41 3.97 3.24 5.42
N ARG B 42 3.17 2.89 6.44
CA ARG B 42 3.63 2.86 7.85
C ARG B 42 2.95 1.74 8.66
N TYR B 43 3.74 1.02 9.46
CA TYR B 43 3.21 -0.07 10.30
C TYR B 43 3.80 -0.13 11.70
N ALA B 44 2.93 -0.45 12.66
CA ALA B 44 3.37 -0.84 14.00
C ALA B 44 2.93 -2.26 14.29
N LEU B 45 3.89 -3.07 14.71
CA LEU B 45 3.66 -4.46 15.09
C LEU B 45 3.73 -4.49 16.61
N MET B 46 2.61 -4.89 17.22
CA MET B 46 2.48 -4.88 18.66
C MET B 46 2.11 -6.31 19.08
N PHE B 47 2.89 -6.83 20.02
CA PHE B 47 2.77 -8.22 20.47
C PHE B 47 2.30 -8.27 21.90
N LYS B 48 1.14 -8.88 22.11
CA LYS B 48 0.69 -9.12 23.48
C LYS B 48 1.61 -10.05 24.24
N PRO B 49 1.63 -9.90 25.56
CA PRO B 49 2.49 -10.77 26.37
C PRO B 49 2.32 -12.25 26.09
N GLY B 50 3.45 -12.92 26.27
CA GLY B 50 3.54 -14.36 26.17
C GLY B 50 4.78 -14.76 25.38
N THR B 51 4.87 -16.05 25.05
CA THR B 51 6.01 -16.64 24.37
C THR B 51 5.63 -16.98 22.93
N TYR B 52 6.44 -16.50 21.99
CA TYR B 52 6.21 -16.66 20.57
C TYR B 52 7.36 -17.40 19.93
N ASN B 53 7.06 -18.48 19.20
CA ASN B 53 8.11 -19.36 18.76
C ASN B 53 8.18 -19.46 17.24
N ASP B 54 9.28 -20.04 16.73
CA ASP B 54 9.70 -20.03 15.31
C ASP B 54 9.30 -18.75 14.57
N ILE B 55 9.81 -17.65 15.11
CA ILE B 55 9.55 -16.35 14.55
C ILE B 55 10.84 -15.67 14.14
N ASN B 56 10.86 -15.15 12.91
CA ASN B 56 11.97 -14.30 12.48
C ASN B 56 11.38 -13.10 11.81
N ALA B 57 11.10 -12.11 12.63
CA ALA B 57 10.49 -10.87 12.17
C ALA B 57 11.55 -9.93 11.64
N GLN B 58 11.62 -9.86 10.33
CA GLN B 58 12.54 -8.96 9.67
C GLN B 58 11.81 -7.62 9.58
N ILE B 59 12.56 -6.56 9.86
CA ILE B 59 12.00 -5.25 10.00
C ILE B 59 12.51 -4.37 8.85
N GLY B 60 11.57 -3.94 8.01
CA GLY B 60 11.86 -3.01 6.94
C GLY B 60 11.70 -1.54 7.30
N PHE B 61 11.63 -0.69 6.27
CA PHE B 61 11.34 0.71 6.47
C PHE B 61 10.01 1.00 7.16
N TYR B 62 10.05 1.97 8.06
CA TYR B 62 8.89 2.51 8.76
C TYR B 62 8.05 1.42 9.37
N THR B 63 8.74 0.50 10.04
CA THR B 63 8.09 -0.56 10.79
C THR B 63 8.67 -0.47 12.20
N SER B 64 7.78 -0.32 13.17
CA SER B 64 8.13 -0.50 14.56
C SER B 64 7.67 -1.89 15.04
N ILE B 65 8.38 -2.45 16.00
CA ILE B 65 7.94 -3.72 16.60
C ILE B 65 8.12 -3.57 18.09
N ALA B 66 7.11 -4.00 18.85
CA ALA B 66 7.19 -3.91 20.29
C ALA B 66 6.29 -4.92 20.98
N GLY B 67 6.65 -5.18 22.24
CA GLY B 67 5.83 -5.95 23.16
C GLY B 67 4.90 -5.00 23.92
N LEU B 68 3.82 -5.57 24.46
CA LEU B 68 2.78 -4.82 25.16
C LEU B 68 2.71 -5.23 26.63
N GLY B 69 3.82 -5.77 27.12
CA GLY B 69 3.94 -6.28 28.47
C GLY B 69 4.35 -5.24 29.48
N LEU B 70 4.24 -5.60 30.76
CA LEU B 70 4.69 -4.74 31.86
C LEU B 70 6.15 -4.49 31.62
N ASN B 71 6.89 -5.59 31.47
CA ASN B 71 8.32 -5.53 31.21
C ASN B 71 8.68 -6.32 29.95
N PRO B 72 9.92 -6.11 29.46
CA PRO B 72 10.36 -6.77 28.23
C PRO B 72 10.20 -8.27 28.37
N ASP B 73 10.53 -8.76 29.57
CA ASP B 73 10.48 -10.20 29.87
C ASP B 73 9.07 -10.82 30.01
N ASP B 74 8.04 -10.05 29.63
CA ASP B 74 6.66 -10.54 29.54
C ASP B 74 6.29 -10.94 28.10
N THR B 75 7.03 -10.40 27.13
CA THR B 75 6.78 -10.68 25.71
C THR B 75 8.06 -11.22 25.13
N THR B 76 8.10 -12.55 24.96
CA THR B 76 9.30 -13.28 24.62
C THR B 76 9.19 -13.99 23.31
N PHE B 77 10.19 -13.76 22.48
CA PHE B 77 10.31 -14.44 21.21
C PHE B 77 11.41 -15.48 21.29
N ASN B 78 11.07 -16.73 21.01
CA ASN B 78 12.12 -17.71 20.69
C ASN B 78 12.36 -17.58 19.23
N GLY B 79 13.20 -16.60 18.92
CA GLY B 79 13.37 -16.15 17.56
C GLY B 79 14.06 -14.82 17.58
N ASP B 80 13.95 -14.11 16.46
CA ASP B 80 14.80 -12.97 16.17
C ASP B 80 14.00 -11.80 15.65
N VAL B 81 14.44 -10.60 16.04
CA VAL B 81 13.97 -9.32 15.50
C VAL B 81 15.15 -8.81 14.65
N THR B 82 15.10 -9.05 13.35
CA THR B 82 16.25 -8.94 12.45
C THR B 82 16.16 -7.74 11.52
N VAL B 83 17.28 -7.01 11.43
CA VAL B 83 17.55 -6.10 10.32
C VAL B 83 18.86 -6.52 9.66
N ASP B 84 18.79 -6.72 8.35
CA ASP B 84 19.95 -7.04 7.54
C ASP B 84 19.88 -6.15 6.28
N ALA B 85 20.79 -6.35 5.34
CA ALA B 85 20.97 -5.41 4.24
C ALA B 85 20.82 -6.06 2.85
N GLY B 86 19.96 -7.06 2.77
CA GLY B 86 19.65 -7.75 1.50
C GLY B 86 19.19 -6.89 0.31
N TRP B 87 18.71 -5.69 0.55
CA TRP B 87 18.23 -4.92 -0.59
C TRP B 87 19.29 -4.11 -1.21
N PHE B 88 20.47 -4.09 -0.61
CA PHE B 88 21.41 -3.03 -0.95
C PHE B 88 22.82 -3.58 -0.90
N ASP B 89 22.90 -4.79 -1.45
CA ASP B 89 23.90 -5.84 -1.17
C ASP B 89 24.93 -5.62 -0.12
N GLY B 90 24.49 -6.04 1.06
CA GLY B 90 25.27 -6.01 2.27
C GLY B 90 25.68 -4.66 2.77
N ASN B 91 25.18 -3.58 2.16
CA ASN B 91 25.45 -2.21 2.63
C ASN B 91 24.29 -1.71 3.50
N ALA B 92 24.54 -1.45 4.78
CA ALA B 92 23.47 -1.12 5.74
C ALA B 92 23.32 0.38 5.93
N THR B 93 24.05 1.17 5.16
CA THR B 93 24.03 2.61 5.36
C THR B 93 22.77 3.34 4.94
N GLN B 94 21.74 2.64 4.48
CA GLN B 94 20.45 3.25 4.35
C GLN B 94 19.36 2.54 5.18
N ASN B 95 19.74 1.78 6.19
CA ASN B 95 18.72 1.09 7.01
C ASN B 95 18.18 1.99 8.11
N PHE B 96 17.29 2.87 7.68
CA PHE B 96 16.77 3.93 8.54
C PHE B 96 15.34 3.68 9.00
N TRP B 97 14.92 4.45 9.99
CA TRP B 97 13.48 4.70 10.27
C TRP B 97 12.70 3.42 10.63
N ARG B 98 13.13 2.77 11.71
CA ARG B 98 12.43 1.61 12.22
C ARG B 98 12.75 1.45 13.69
N SER B 99 12.12 0.53 14.42
CA SER B 99 12.40 0.48 15.86
C SER B 99 12.04 -0.85 16.46
N ALA B 100 12.68 -1.17 17.57
CA ALA B 100 12.32 -2.33 18.41
C ALA B 100 12.26 -1.91 19.86
N GLU B 101 11.20 -2.34 20.55
CA GLU B 101 11.02 -1.98 21.95
C GLU B 101 10.28 -3.03 22.82
N ASN B 102 10.74 -3.20 24.05
CA ASN B 102 9.94 -3.89 25.08
C ASN B 102 9.64 -5.36 24.77
N LEU B 103 10.70 -6.02 24.33
CA LEU B 103 10.69 -7.45 23.98
C LEU B 103 11.92 -8.16 24.57
N ALA B 104 11.75 -9.46 24.87
CA ALA B 104 12.87 -10.34 25.13
C ALA B 104 13.08 -11.24 23.92
N LEU B 105 14.32 -11.39 23.49
CA LEU B 105 14.67 -12.24 22.36
C LEU B 105 15.59 -13.40 22.77
N ASN B 106 15.23 -14.59 22.32
CA ASN B 106 16.04 -15.78 22.51
C ASN B 106 16.46 -16.19 21.09
N PRO B 107 17.54 -15.59 20.60
CA PRO B 107 17.78 -15.64 19.15
C PRO B 107 18.16 -17.04 18.71
N VAL B 108 17.65 -17.40 17.54
CA VAL B 108 17.54 -18.78 17.16
C VAL B 108 18.91 -19.44 17.09
N ASN B 109 19.95 -18.63 16.85
CA ASN B 109 21.29 -19.16 17.03
C ASN B 109 22.15 -18.39 18.01
N GLY B 110 21.56 -17.90 19.09
CA GLY B 110 22.37 -17.29 20.12
C GLY B 110 22.77 -15.84 19.88
N THR B 111 22.56 -15.32 18.66
CA THR B 111 22.92 -13.93 18.34
C THR B 111 21.86 -13.29 17.48
N ASN B 112 21.32 -12.16 17.96
CA ASN B 112 20.32 -11.40 17.19
C ASN B 112 21.03 -10.36 16.31
N ARG B 113 20.61 -10.27 15.04
CA ARG B 113 21.22 -9.31 14.10
C ARG B 113 20.32 -8.05 13.97
N TRP B 114 20.89 -6.89 14.27
CA TRP B 114 20.19 -5.62 14.17
C TRP B 114 21.16 -4.63 13.48
N ALA B 115 21.30 -4.79 12.17
CA ALA B 115 22.30 -4.10 11.39
C ALA B 115 21.69 -2.84 10.78
N VAL B 116 21.53 -1.84 11.64
CA VAL B 116 20.80 -0.63 11.30
C VAL B 116 21.74 0.53 11.08
N SER B 117 21.21 1.62 10.51
CA SER B 117 21.93 2.89 10.54
C SER B 117 21.10 3.86 11.34
N GLN B 118 20.95 5.11 10.88
CA GLN B 118 20.37 6.14 11.74
C GLN B 118 18.87 5.99 11.90
N ALA B 119 18.34 6.51 13.01
CA ALA B 119 16.91 6.53 13.32
C ALA B 119 16.30 5.12 13.37
N ALA B 120 17.00 4.24 14.10
CA ALA B 120 16.59 2.85 14.28
C ALA B 120 16.76 2.41 15.73
N PRO B 121 16.06 3.08 16.64
CA PRO B 121 16.29 2.83 18.07
C PRO B 121 15.94 1.39 18.56
N PHE B 122 16.66 0.97 19.59
CA PHE B 122 16.55 -0.37 20.19
C PHE B 122 16.46 -0.04 21.68
N ARG B 123 15.22 -0.10 22.19
CA ARG B 123 14.94 0.35 23.56
C ARG B 123 14.24 -0.70 24.40
N ARG B 124 14.58 -0.74 25.68
CA ARG B 124 13.88 -1.61 26.60
C ARG B 124 13.82 -3.04 26.10
N MET B 125 14.95 -3.53 25.55
CA MET B 125 15.06 -4.88 25.01
C MET B 125 15.87 -5.76 25.97
N HIS B 126 15.57 -7.05 25.92
CA HIS B 126 16.36 -8.06 26.64
C HIS B 126 16.75 -9.12 25.65
N VAL B 127 18.01 -9.14 25.26
CA VAL B 127 18.54 -10.17 24.39
C VAL B 127 19.25 -11.26 25.17
N LYS B 128 18.69 -12.47 25.14
CA LYS B 128 19.25 -13.60 25.89
C LYS B 128 20.28 -14.28 24.97
N GLY B 129 21.34 -13.53 24.69
CA GLY B 129 22.39 -13.96 23.75
C GLY B 129 23.22 -12.75 23.35
N GLY B 130 23.81 -12.82 22.18
CA GLY B 130 24.60 -11.75 21.64
C GLY B 130 23.78 -10.88 20.71
N LEU B 131 24.41 -9.78 20.27
CA LEU B 131 23.77 -8.80 19.39
C LEU B 131 24.82 -8.42 18.36
N ASN B 132 24.53 -8.77 17.11
CA ASN B 132 25.36 -8.45 15.98
C ASN B 132 24.76 -7.19 15.33
N LEU B 133 25.55 -6.12 15.30
CA LEU B 133 25.09 -4.84 14.72
C LEU B 133 25.52 -4.71 13.25
N ALA B 134 26.14 -5.74 12.67
CA ALA B 134 26.68 -5.63 11.30
C ALA B 134 25.83 -6.46 10.34
N PRO B 135 25.66 -5.98 9.10
CA PRO B 135 24.97 -6.82 8.12
C PRO B 135 25.86 -8.01 7.80
N ASP B 136 25.25 -9.11 7.35
CA ASP B 136 26.01 -10.30 6.95
C ASP B 136 26.88 -9.89 5.78
N GLY B 137 28.19 -10.12 5.87
CA GLY B 137 29.14 -9.58 4.88
C GLY B 137 30.09 -8.56 5.48
N TYR B 138 29.66 -7.96 6.64
CA TYR B 138 30.45 -7.00 7.43
C TYR B 138 30.61 -5.66 6.70
N GLY B 139 29.86 -5.51 5.61
CA GLY B 139 29.73 -4.26 4.87
C GLY B 139 29.43 -3.01 5.70
N TRP B 140 29.38 -1.87 5.03
CA TRP B 140 29.27 -0.60 5.71
C TRP B 140 28.02 -0.41 6.59
N ALA B 141 28.18 0.28 7.72
CA ALA B 141 27.05 0.57 8.58
C ALA B 141 27.35 1.81 9.41
N SER B 142 26.32 2.61 9.65
CA SER B 142 26.46 3.90 10.34
C SER B 142 25.31 4.18 11.37
N GLY B 143 25.23 3.31 12.37
CA GLY B 143 24.27 3.46 13.46
C GLY B 143 24.81 4.36 14.55
N GLY B 144 24.25 4.33 15.76
CA GLY B 144 23.14 3.54 16.18
C GLY B 144 22.85 3.93 17.62
N TYR B 145 21.79 3.33 18.18
CA TYR B 145 21.25 3.78 19.45
C TYR B 145 20.65 2.61 20.25
N ILE B 146 21.19 2.36 21.43
CA ILE B 146 20.64 1.34 22.34
C ILE B 146 20.43 2.05 23.65
N ALA B 147 19.24 1.89 24.21
CA ALA B 147 18.96 2.40 25.54
C ALA B 147 18.10 1.47 26.38
N ASP B 148 18.34 1.50 27.69
CA ASP B 148 17.54 0.77 28.69
C ASP B 148 17.39 -0.71 28.32
N SER B 149 18.48 -1.30 27.86
CA SER B 149 18.49 -2.69 27.41
C SER B 149 19.51 -3.53 28.16
N LYS B 150 19.29 -4.84 28.06
CA LYS B 150 20.20 -5.83 28.69
C LYS B 150 20.51 -6.83 27.62
N ILE B 151 21.79 -6.86 27.21
CA ILE B 151 22.30 -7.84 26.26
C ILE B 151 23.10 -8.83 27.09
N ASP B 152 22.61 -10.06 27.20
CA ASP B 152 23.23 -11.05 28.09
C ASP B 152 24.65 -11.43 27.67
N GLY B 153 24.86 -11.57 26.37
CA GLY B 153 26.21 -11.80 25.88
C GLY B 153 26.85 -10.57 25.28
N GLU B 154 27.53 -10.77 24.15
CA GLU B 154 28.42 -9.75 23.59
C GLU B 154 27.67 -8.96 22.50
N VAL B 155 27.78 -7.63 22.55
CA VAL B 155 27.42 -6.78 21.41
C VAL B 155 28.61 -6.69 20.47
N GLY B 156 28.39 -7.07 19.21
CA GLY B 156 29.43 -7.04 18.21
C GLY B 156 29.12 -6.00 17.11
N PRO B 157 29.82 -4.87 17.14
CA PRO B 157 29.58 -3.86 16.07
C PRO B 157 30.18 -4.24 14.71
N TYR B 158 31.38 -4.83 14.77
CA TYR B 158 32.19 -5.12 13.60
C TYR B 158 32.46 -3.88 12.71
N SER B 159 31.74 -3.75 11.60
CA SER B 159 31.87 -2.61 10.70
C SER B 159 31.18 -1.32 11.13
N GLN B 160 30.27 -1.36 12.09
CA GLN B 160 29.62 -0.10 12.55
C GLN B 160 30.62 1.01 12.84
N GLN B 161 30.43 2.18 12.21
CA GLN B 161 31.43 3.24 12.38
C GLN B 161 31.45 3.76 13.81
N GLN B 162 30.24 3.93 14.34
CA GLN B 162 30.06 4.56 15.62
C GLN B 162 28.76 4.05 16.24
N TRP B 163 28.57 4.35 17.51
CA TRP B 163 27.42 3.82 18.26
C TRP B 163 27.28 4.53 19.60
N TYR B 164 26.02 4.69 20.07
CA TYR B 164 25.77 5.20 21.41
C TYR B 164 24.89 4.23 22.17
N THR B 165 25.34 3.88 23.37
CA THR B 165 24.57 3.05 24.28
C THR B 165 24.39 3.78 25.60
N ARG B 166 23.12 3.80 26.04
CA ARG B 166 22.71 4.54 27.26
C ARG B 166 22.01 3.62 28.27
N ASP B 167 22.41 3.74 29.54
CA ASP B 167 21.63 3.20 30.66
C ASP B 167 21.15 1.76 30.43
N SER B 168 22.14 0.88 30.34
CA SER B 168 21.98 -0.49 29.87
C SER B 168 23.00 -1.43 30.56
N SER B 169 22.92 -2.71 30.20
CA SER B 169 23.89 -3.74 30.62
C SER B 169 24.30 -4.58 29.42
N VAL B 170 25.59 -4.83 29.29
CA VAL B 170 26.06 -5.72 28.23
C VAL B 170 27.00 -6.77 28.83
N GLY B 171 26.93 -7.97 28.31
CA GLY B 171 27.79 -9.03 28.80
C GLY B 171 29.19 -8.91 28.21
N GLY B 172 29.33 -8.16 27.11
CA GLY B 172 30.62 -7.92 26.44
C GLY B 172 30.50 -6.91 25.32
N TRP B 173 31.62 -6.35 24.89
CA TRP B 173 31.64 -5.40 23.75
C TRP B 173 32.86 -5.69 22.86
N GLY B 174 32.59 -6.02 21.60
CA GLY B 174 33.58 -6.58 20.73
C GLY B 174 34.65 -5.64 20.23
N ASN B 175 34.28 -4.41 19.88
CA ASN B 175 35.19 -3.51 19.20
C ASN B 175 34.57 -2.18 18.93
N GLY B 176 35.34 -1.35 18.24
CA GLY B 176 34.80 -0.13 17.69
C GLY B 176 35.77 0.41 16.64
N VAL B 177 35.23 1.18 15.71
CA VAL B 177 35.90 1.69 14.52
C VAL B 177 36.36 3.09 14.82
N TRP B 178 35.42 4.03 14.82
CA TRP B 178 35.69 5.46 15.03
C TRP B 178 35.21 6.08 16.37
N ASN B 179 34.02 5.71 16.85
CA ASN B 179 33.45 6.39 18.03
C ASN B 179 32.33 5.60 18.68
N MET B 180 32.67 4.88 19.73
CA MET B 180 31.72 4.02 20.44
C MET B 180 31.65 4.69 21.82
N THR B 181 30.49 5.31 22.12
CA THR B 181 30.23 6.02 23.37
C THR B 181 29.20 5.31 24.25
N PHE B 182 29.42 5.37 25.55
CA PHE B 182 28.62 4.66 26.53
C PHE B 182 28.39 5.63 27.67
N SER B 183 27.16 5.72 28.18
CA SER B 183 26.89 6.45 29.39
C SER B 183 25.97 5.59 30.24
N GLY B 184 26.39 5.29 31.46
CA GLY B 184 25.59 4.45 32.33
C GLY B 184 25.43 3.01 31.91
N VAL B 185 26.45 2.44 31.31
CA VAL B 185 26.37 1.10 30.75
C VAL B 185 27.20 0.12 31.58
N GLU B 186 26.50 -0.76 32.26
CA GLU B 186 27.17 -1.84 32.96
C GLU B 186 27.78 -2.79 31.94
N GLY B 187 29.07 -3.04 32.05
CA GLY B 187 29.74 -3.93 31.11
C GLY B 187 30.44 -3.16 30.02
N ALA B 188 30.31 -1.83 30.04
CA ALA B 188 30.96 -1.00 29.03
C ALA B 188 32.49 -1.10 29.18
N PRO B 189 33.21 -1.17 28.06
CA PRO B 189 34.68 -1.13 28.24
C PRO B 189 35.12 0.21 28.87
N ALA B 190 36.21 0.20 29.62
CA ALA B 190 36.67 1.44 30.28
C ALA B 190 36.95 2.53 29.25
N GLN B 191 37.09 3.76 29.73
CA GLN B 191 37.54 4.84 28.87
C GLN B 191 38.89 4.45 28.25
N SER B 192 39.04 4.62 26.93
CA SER B 192 40.32 4.29 26.26
C SER B 192 40.66 5.05 24.97
N PHE B 193 39.81 6.02 24.55
CA PHE B 193 39.93 6.67 23.22
C PHE B 193 41.36 7.17 23.10
N PRO B 194 41.92 7.17 21.89
CA PRO B 194 41.43 6.55 20.64
C PRO B 194 41.63 5.03 20.47
N GLU B 195 42.54 4.42 21.21
CA GLU B 195 42.79 2.97 21.01
C GLU B 195 42.32 2.09 22.15
N PRO B 196 41.23 1.32 21.92
CA PRO B 196 40.24 1.54 20.85
C PRO B 196 39.40 2.80 21.17
N PRO B 197 38.51 3.19 20.26
CA PRO B 197 37.92 4.53 20.42
C PRO B 197 36.64 4.50 21.28
N TYR B 198 36.83 4.19 22.56
CA TYR B 198 35.75 4.08 23.55
C TYR B 198 35.74 5.29 24.45
N THR B 199 34.60 5.99 24.43
CA THR B 199 34.29 7.10 25.32
C THR B 199 33.27 6.60 26.32
N THR B 200 33.66 6.59 27.60
CA THR B 200 32.91 5.89 28.64
C THR B 200 32.65 6.77 29.88
N LEU B 201 31.36 7.01 30.13
CA LEU B 201 30.86 7.77 31.26
C LEU B 201 30.10 6.81 32.13
N GLU B 202 30.43 6.80 33.41
CA GLU B 202 29.80 5.82 34.30
C GLU B 202 28.32 6.09 34.47
N THR B 203 27.90 7.34 34.36
CA THR B 203 26.48 7.67 34.49
C THR B 203 26.01 8.63 33.40
N THR B 204 24.68 8.66 33.18
CA THR B 204 24.05 9.67 32.35
C THR B 204 23.44 10.74 33.25
N PRO B 205 23.77 12.01 32.98
CA PRO B 205 23.39 13.05 33.98
C PRO B 205 21.90 13.17 34.24
N VAL B 206 21.10 12.84 33.23
CA VAL B 206 19.70 12.57 33.48
C VAL B 206 19.18 11.75 32.33
N SER B 207 18.16 10.99 32.61
CA SER B 207 17.51 10.30 31.52
C SER B 207 16.12 9.84 31.92
N ARG B 208 15.21 9.97 30.99
CA ARG B 208 13.83 9.61 31.26
C ARG B 208 13.42 8.69 30.15
N GLU B 209 13.09 7.45 30.51
CA GLU B 209 12.82 6.48 29.47
C GLU B 209 11.56 6.84 28.69
N LYS B 210 11.62 6.52 27.41
CA LYS B 210 10.57 6.92 26.47
C LYS B 210 9.22 6.26 26.85
N PRO B 211 8.13 7.03 26.80
CA PRO B 211 6.82 6.39 27.06
C PRO B 211 6.49 5.32 26.04
N PHE B 212 5.66 4.34 26.42
CA PHE B 212 5.32 3.28 25.48
C PHE B 212 3.93 2.73 25.80
N LEU B 213 3.24 2.31 24.74
CA LEU B 213 1.96 1.66 24.81
C LEU B 213 2.20 0.28 25.38
N TYR B 214 1.33 -0.14 26.31
CA TYR B 214 1.35 -1.52 26.81
C TYR B 214 -0.01 -2.06 27.19
N LEU B 215 -0.05 -3.15 27.95
CA LEU B 215 -1.34 -3.59 28.46
C LEU B 215 -1.33 -3.84 29.95
N ASP B 216 -2.25 -3.15 30.63
CA ASP B 216 -2.56 -3.40 32.03
C ASP B 216 -3.74 -4.38 32.02
N GLY B 217 -3.44 -5.66 32.10
CA GLY B 217 -4.43 -6.71 31.95
C GLY B 217 -5.00 -6.65 30.56
N ASP B 218 -6.26 -6.25 30.47
CA ASP B 218 -7.01 -6.34 29.23
C ASP B 218 -7.17 -4.90 28.68
N ASP B 219 -6.56 -3.93 29.37
CA ASP B 219 -6.73 -2.51 29.02
C ASP B 219 -5.45 -1.80 28.47
N TYR B 220 -5.55 -1.16 27.29
CA TYR B 220 -4.41 -0.36 26.81
C TYR B 220 -4.15 0.88 27.66
N LYS B 221 -2.86 1.15 27.89
CA LYS B 221 -2.37 2.26 28.71
C LYS B 221 -0.99 2.69 28.17
N VAL B 222 -0.59 3.92 28.44
CA VAL B 222 0.76 4.36 28.16
C VAL B 222 1.56 4.53 29.46
N PHE B 223 2.69 3.83 29.58
CA PHE B 223 3.59 4.05 30.70
C PHE B 223 4.43 5.26 30.46
N VAL B 224 4.61 6.05 31.52
CA VAL B 224 5.42 7.24 31.44
C VAL B 224 6.46 7.10 32.54
N PRO B 225 7.67 6.67 32.17
CA PRO B 225 8.82 6.54 33.07
C PRO B 225 9.23 7.84 33.72
N ALA B 226 9.32 7.82 35.05
CA ALA B 226 9.87 8.95 35.76
C ALA B 226 11.35 9.10 35.43
N LYS B 227 11.78 10.34 35.51
CA LYS B 227 13.19 10.73 35.39
C LYS B 227 14.15 9.93 36.27
N ARG B 228 15.39 9.78 35.80
CA ARG B 228 16.46 9.19 36.61
C ARG B 228 17.66 10.13 36.69
N THR B 229 18.13 10.36 37.91
CA THR B 229 19.32 11.16 38.24
C THR B 229 20.59 10.30 38.20
N ASN B 230 21.66 10.72 37.52
CA ASN B 230 22.89 9.89 37.45
C ASN B 230 22.62 8.41 37.12
N ALA B 231 21.94 8.19 36.00
CA ALA B 231 21.42 6.89 35.62
C ALA B 231 22.51 5.90 35.25
N ARG B 232 22.30 4.66 35.66
CA ARG B 232 23.15 3.54 35.28
C ARG B 232 22.30 2.26 35.23
N GLY B 233 22.57 1.41 34.25
CA GLY B 233 21.80 0.20 34.09
C GLY B 233 20.36 0.48 33.68
N THR B 234 19.56 -0.57 33.58
CA THR B 234 18.21 -0.42 33.02
C THR B 234 17.17 0.03 34.07
N SER B 235 16.00 0.41 33.54
CA SER B 235 14.94 1.09 34.25
C SER B 235 14.00 0.09 34.83
N TRP B 236 13.55 -0.78 33.94
CA TRP B 236 13.00 -2.04 34.38
C TRP B 236 14.20 -2.54 35.18
N GLY B 237 15.14 -3.26 34.60
CA GLY B 237 16.31 -3.61 35.36
C GLY B 237 16.05 -4.73 36.28
N ASN B 238 15.37 -4.44 37.38
CA ASN B 238 14.95 -5.45 38.27
C ASN B 238 13.43 -5.61 38.30
N GLY B 239 12.72 -4.48 38.27
CA GLY B 239 11.29 -4.47 38.56
C GLY B 239 10.34 -3.66 37.72
N THR B 240 9.77 -2.68 38.38
CA THR B 240 8.74 -1.88 37.80
C THR B 240 9.30 -0.61 38.19
N PRO B 241 9.37 0.33 37.26
CA PRO B 241 10.22 1.43 37.73
C PRO B 241 9.39 2.57 38.27
N GLU B 242 10.03 3.51 38.96
CA GLU B 242 9.56 4.90 39.02
C GLU B 242 8.76 5.26 37.75
N GLY B 243 7.44 5.33 37.87
CA GLY B 243 6.64 5.84 36.80
C GLY B 243 5.19 5.71 37.12
N GLU B 244 4.38 6.11 36.16
CA GLU B 244 2.95 6.03 36.32
C GLU B 244 2.25 5.75 35.00
N SER B 245 1.00 5.35 35.19
CA SER B 245 0.06 4.80 34.24
C SER B 245 -0.86 5.83 33.55
N LEU B 246 -1.00 5.85 32.20
CA LEU B 246 -2.04 6.71 31.57
C LEU B 246 -3.09 5.93 30.72
N PRO B 247 -4.39 6.13 30.98
CA PRO B 247 -5.48 5.50 30.24
C PRO B 247 -5.46 5.83 28.75
N LEU B 248 -5.55 4.83 27.88
CA LEU B 248 -5.77 5.10 26.45
C LEU B 248 -6.91 6.08 26.16
N ASP B 249 -8.01 6.06 26.93
CA ASP B 249 -9.11 6.99 26.63
C ASP B 249 -8.78 8.42 27.17
N GLN B 250 -7.53 8.66 27.61
CA GLN B 250 -7.03 10.01 27.95
C GLN B 250 -6.14 10.54 26.82
N PHE B 251 -6.04 9.75 25.77
CA PHE B 251 -5.35 10.17 24.52
C PHE B 251 -6.36 10.41 23.43
N TYR B 252 -6.14 11.46 22.65
CA TYR B 252 -6.78 11.55 21.34
C TYR B 252 -5.94 10.63 20.45
N VAL B 253 -6.59 9.72 19.76
CA VAL B 253 -5.89 8.73 18.93
C VAL B 253 -6.01 9.29 17.51
N VAL B 254 -4.91 9.86 17.02
CA VAL B 254 -4.93 10.59 15.75
C VAL B 254 -4.68 9.68 14.53
N LYS B 255 -5.65 9.73 13.63
CA LYS B 255 -5.63 8.93 12.42
C LYS B 255 -5.69 9.90 11.21
N PRO B 256 -4.73 9.76 10.24
CA PRO B 256 -4.25 10.75 9.23
C PRO B 256 -5.32 11.63 8.60
N GLY B 257 -4.96 12.81 8.06
CA GLY B 257 -5.95 13.78 7.69
C GLY B 257 -6.27 14.85 8.72
N ALA B 258 -6.23 14.48 10.00
CA ALA B 258 -6.74 15.35 11.07
C ALA B 258 -6.10 16.72 11.16
N THR B 259 -6.97 17.70 11.22
CA THR B 259 -6.54 19.06 11.28
C THR B 259 -5.65 19.22 12.54
N ALA B 260 -4.68 20.14 12.42
CA ALA B 260 -3.99 20.71 13.58
C ALA B 260 -4.98 21.32 14.62
N GLU B 261 -5.99 22.07 14.15
CA GLU B 261 -7.02 22.65 15.05
C GLU B 261 -7.67 21.61 15.98
N THR B 262 -8.09 20.46 15.44
CA THR B 262 -8.67 19.32 16.23
C THR B 262 -7.62 18.70 17.11
N ILE B 263 -6.48 18.43 16.49
CA ILE B 263 -5.35 17.95 17.23
C ILE B 263 -5.11 18.95 18.33
N ASN B 264 -5.18 20.21 17.97
CA ASN B 264 -4.93 21.30 18.95
C ASN B 264 -5.99 21.47 20.05
N ALA B 265 -7.26 21.32 19.74
CA ALA B 265 -8.30 21.50 20.78
C ALA B 265 -8.23 20.33 21.77
N ALA B 266 -7.92 19.16 21.24
CA ALA B 266 -7.68 17.98 22.06
C ALA B 266 -6.70 18.27 23.20
N VAL B 267 -5.57 18.87 22.86
CA VAL B 267 -4.58 19.17 23.87
C VAL B 267 -5.12 20.11 24.95
N ASP B 268 -5.72 21.22 24.55
CA ASP B 268 -6.35 22.11 25.54
C ASP B 268 -7.52 21.45 26.28
N GLN B 269 -8.33 20.67 25.56
CA GLN B 269 -9.41 19.93 26.22
C GLN B 269 -8.85 18.82 27.14
N GLY B 270 -7.52 18.82 27.35
CA GLY B 270 -6.92 18.01 28.39
C GLY B 270 -6.26 16.72 27.96
N LEU B 271 -6.47 16.34 26.69
CA LEU B 271 -6.02 15.03 26.23
C LEU B 271 -4.55 15.03 25.82
N HIS B 272 -3.98 13.84 25.90
CA HIS B 272 -2.70 13.54 25.30
C HIS B 272 -2.90 13.15 23.83
N LEU B 273 -1.81 12.88 23.13
CA LEU B 273 -1.86 12.57 21.70
C LEU B 273 -1.17 11.25 21.40
N LEU B 274 -1.82 10.40 20.64
CA LEU B 274 -1.23 9.16 20.15
C LEU B 274 -1.42 9.15 18.64
N PHE B 275 -0.34 9.36 17.90
CA PHE B 275 -0.40 9.31 16.45
C PHE B 275 -0.34 7.89 15.97
N THR B 276 -1.39 7.41 15.31
CA THR B 276 -1.30 6.06 14.77
C THR B 276 -0.39 6.10 13.57
N PRO B 277 -0.01 4.92 13.01
CA PRO B 277 0.95 5.04 11.93
C PRO B 277 0.36 5.59 10.67
N GLY B 278 0.97 6.65 10.18
CA GLY B 278 0.41 7.36 9.06
C GLY B 278 1.24 8.59 8.73
N VAL B 279 0.77 9.36 7.74
CA VAL B 279 1.35 10.63 7.35
C VAL B 279 0.28 11.69 7.54
N TYR B 280 0.65 12.74 8.25
CA TYR B 280 -0.28 13.78 8.65
C TYR B 280 0.20 15.13 8.09
N HIS B 281 -0.46 15.59 7.02
CA HIS B 281 -0.20 16.95 6.54
C HIS B 281 -0.96 17.93 7.44
N VAL B 282 -0.31 18.98 7.92
CA VAL B 282 -0.98 20.01 8.71
C VAL B 282 -0.75 21.41 8.08
N ASP B 283 -1.76 22.29 8.15
CA ASP B 283 -1.69 23.62 7.55
C ASP B 283 -1.45 24.76 8.55
N GLN B 284 -1.23 24.40 9.81
CA GLN B 284 -1.03 25.36 10.88
C GLN B 284 -0.26 24.54 11.95
N PRO B 285 0.53 25.20 12.82
CA PRO B 285 1.35 24.26 13.62
C PRO B 285 0.60 23.46 14.72
N ILE B 286 1.14 22.29 15.04
CA ILE B 286 0.74 21.53 16.20
C ILE B 286 1.22 22.23 17.42
N GLU B 287 0.32 22.35 18.39
CA GLU B 287 0.43 23.22 19.53
C GLU B 287 0.42 22.42 20.82
N ILE B 288 1.53 22.34 21.54
CA ILE B 288 1.52 21.62 22.82
C ILE B 288 1.96 22.56 23.96
N ASP B 289 0.95 23.16 24.62
CA ASP B 289 1.16 24.15 25.67
C ASP B 289 0.53 23.67 27.01
N ARG B 290 0.19 22.41 27.13
CA ARG B 290 -0.29 21.91 28.41
C ARG B 290 0.80 21.08 29.12
N ALA B 291 1.08 21.44 30.37
CA ALA B 291 2.12 20.73 31.09
C ALA B 291 1.83 19.22 31.11
N ASN B 292 2.88 18.42 31.03
CA ASN B 292 2.74 16.95 31.14
C ASN B 292 2.15 16.21 29.94
N THR B 293 1.95 16.93 28.85
CA THR B 293 1.39 16.33 27.65
C THR B 293 2.36 15.34 27.04
N VAL B 294 1.85 14.13 26.80
CA VAL B 294 2.55 13.12 25.99
C VAL B 294 2.06 13.16 24.55
N ALA B 295 3.00 13.20 23.63
CA ALA B 295 2.72 13.11 22.20
C ALA B 295 3.53 11.96 21.68
N LEU B 296 2.87 10.84 21.51
CA LEU B 296 3.57 9.58 21.20
C LEU B 296 3.18 9.09 19.80
N GLY B 297 4.17 8.90 18.93
CA GLY B 297 3.95 8.31 17.63
C GLY B 297 4.17 6.83 17.65
N LEU B 298 3.35 6.16 16.84
CA LEU B 298 3.45 4.76 16.56
C LEU B 298 3.93 4.52 15.12
N GLY B 299 4.76 3.50 14.91
CA GLY B 299 5.04 3.05 13.57
C GLY B 299 5.58 4.17 12.65
N LEU B 300 6.50 4.99 13.16
CA LEU B 300 7.16 6.06 12.39
C LEU B 300 6.13 7.07 11.82
N ALA B 301 5.12 7.35 12.65
CA ALA B 301 4.14 8.40 12.38
C ALA B 301 4.86 9.68 11.99
N THR B 302 4.38 10.30 10.92
CA THR B 302 5.09 11.39 10.27
C THR B 302 4.20 12.62 10.14
N ILE B 303 4.75 13.81 10.37
CA ILE B 303 4.02 15.06 10.26
C ILE B 303 4.70 15.86 9.17
N ILE B 304 3.92 16.34 8.20
CA ILE B 304 4.41 17.20 7.13
C ILE B 304 3.74 18.55 7.21
N PRO B 305 4.54 19.62 7.42
CA PRO B 305 4.00 20.98 7.46
C PRO B 305 3.86 21.59 6.05
N ASP B 306 2.61 21.90 5.69
CA ASP B 306 2.30 22.59 4.45
C ASP B 306 2.39 24.09 4.60
N ASN B 307 2.50 24.77 3.46
CA ASN B 307 2.38 26.23 3.40
C ASN B 307 3.46 26.95 4.21
N GLY B 308 4.57 26.27 4.41
CA GLY B 308 5.73 26.82 5.11
C GLY B 308 5.58 27.01 6.60
N VAL B 309 4.58 26.36 7.19
CA VAL B 309 4.37 26.48 8.62
C VAL B 309 5.35 25.63 9.42
N THR B 310 5.46 25.95 10.71
CA THR B 310 6.15 25.10 11.66
C THR B 310 5.26 23.89 11.97
N ALA B 311 5.83 22.69 12.05
CA ALA B 311 5.00 21.49 12.28
C ALA B 311 4.63 21.36 13.76
N LEU B 312 5.57 21.68 14.62
CA LEU B 312 5.38 21.42 16.04
C LEU B 312 5.99 22.51 16.93
N LYS B 313 5.14 23.05 17.82
CA LYS B 313 5.57 24.03 18.83
C LYS B 313 5.16 23.52 20.20
N VAL B 314 6.12 23.56 21.13
CA VAL B 314 5.85 23.24 22.53
C VAL B 314 6.00 24.54 23.29
N GLY B 315 4.99 24.84 24.11
CA GLY B 315 5.03 26.05 24.92
C GLY B 315 5.96 25.96 26.12
N ASP B 316 5.97 27.02 26.94
CA ASP B 316 6.92 27.17 28.05
C ASP B 316 6.53 26.43 29.34
N VAL B 317 6.11 25.18 29.17
CA VAL B 317 5.56 24.35 30.25
C VAL B 317 6.48 23.16 30.59
N ASP B 318 6.23 22.60 31.77
CA ASP B 318 6.97 21.44 32.25
C ASP B 318 6.47 20.15 31.57
N GLY B 319 7.36 19.16 31.45
CA GLY B 319 6.96 17.78 31.34
C GLY B 319 6.35 17.28 30.04
N VAL B 320 6.53 18.01 28.96
CA VAL B 320 5.99 17.56 27.69
C VAL B 320 6.93 16.47 27.19
N LYS B 321 6.36 15.36 26.79
CA LYS B 321 7.11 14.21 26.28
C LYS B 321 6.69 13.93 24.84
N VAL B 322 7.55 14.29 23.91
CA VAL B 322 7.34 14.00 22.51
C VAL B 322 8.23 12.86 22.11
N ALA B 323 7.66 11.85 21.48
CA ALA B 323 8.40 10.62 21.24
C ALA B 323 7.92 9.93 19.99
N GLY B 324 8.86 9.47 19.16
CA GLY B 324 8.55 8.59 18.06
C GLY B 324 7.81 9.16 16.88
N LEU B 325 8.24 10.36 16.46
CA LEU B 325 7.70 11.06 15.29
C LEU B 325 8.78 11.45 14.29
N LEU B 326 8.45 11.34 13.00
CA LEU B 326 9.28 11.88 11.92
C LEU B 326 8.63 13.17 11.44
N VAL B 327 9.37 14.27 11.44
CA VAL B 327 8.91 15.52 10.86
C VAL B 327 9.59 15.67 9.52
N ASP B 328 8.81 15.71 8.44
CA ASP B 328 9.38 15.77 7.08
C ASP B 328 8.95 17.09 6.44
N ALA B 329 9.93 17.85 5.98
CA ALA B 329 9.66 19.16 5.41
C ALA B 329 8.80 19.05 4.15
N GLY B 330 7.95 20.04 3.94
CA GLY B 330 7.22 20.20 2.69
C GLY B 330 8.08 20.99 1.69
N PRO B 331 7.70 20.97 0.40
CA PRO B 331 8.50 21.75 -0.57
C PRO B 331 8.50 23.28 -0.36
N VAL B 332 7.49 23.80 0.31
CA VAL B 332 7.52 25.23 0.71
C VAL B 332 8.39 25.38 1.94
N ASN B 333 9.37 26.26 1.83
CA ASN B 333 10.27 26.50 2.97
C ASN B 333 9.60 26.83 4.28
N SER B 334 9.94 26.05 5.31
CA SER B 334 9.52 26.37 6.66
C SER B 334 10.67 27.05 7.39
N GLU B 335 10.36 28.15 8.02
CA GLU B 335 11.31 28.89 8.83
C GLU B 335 11.87 28.03 9.96
N THR B 336 10.98 27.32 10.63
CA THR B 336 11.35 26.25 11.55
C THR B 336 10.51 25.00 11.35
N LEU B 337 11.03 23.82 11.71
CA LEU B 337 10.18 22.64 11.75
C LEU B 337 9.67 22.25 13.14
N VAL B 338 10.49 22.41 14.16
CA VAL B 338 10.13 22.08 15.56
C VAL B 338 10.69 23.17 16.47
N GLU B 339 9.82 23.78 17.27
CA GLU B 339 10.26 24.74 18.30
C GLU B 339 9.92 24.23 19.70
N VAL B 340 10.89 24.26 20.60
CA VAL B 340 10.64 23.83 21.97
C VAL B 340 10.80 25.03 22.86
N GLY B 341 9.67 25.63 23.20
CA GLY B 341 9.62 26.83 24.04
C GLY B 341 9.66 28.09 23.22
N SER B 342 9.34 29.21 23.85
CA SER B 342 9.28 30.49 23.15
C SER B 342 10.65 31.07 22.91
N ASP B 343 10.73 32.05 22.01
CA ASP B 343 11.95 32.83 21.91
C ASP B 343 12.21 33.68 23.17
N GLY B 344 13.40 33.54 23.76
CA GLY B 344 13.75 34.24 25.00
C GLY B 344 13.23 33.61 26.29
N ALA B 345 12.65 32.42 26.18
CA ALA B 345 12.12 31.70 27.36
C ALA B 345 13.11 31.51 28.54
N SER B 346 12.85 32.18 29.68
CA SER B 346 13.74 32.03 30.86
C SER B 346 13.17 31.32 32.10
N GLY B 347 12.08 30.58 31.94
CA GLY B 347 11.66 29.71 33.03
C GLY B 347 12.60 28.55 33.26
N ASP B 348 12.59 27.94 34.44
CA ASP B 348 13.32 26.70 34.67
C ASP B 348 12.39 25.50 34.80
N HIS B 349 12.80 24.34 34.27
CA HIS B 349 11.96 23.12 34.23
C HIS B 349 12.76 21.93 34.80
N ALA B 350 13.53 22.17 35.89
CA ALA B 350 14.52 21.17 36.31
C ALA B 350 13.91 19.88 36.88
N ALA B 351 12.83 19.99 37.66
CA ALA B 351 12.17 18.85 38.27
C ALA B 351 11.53 17.93 37.20
N ASN B 352 10.91 18.53 36.20
CA ASN B 352 10.17 17.82 35.16
C ASN B 352 10.37 18.48 33.80
N PRO B 353 11.52 18.20 33.17
CA PRO B 353 11.73 18.87 31.88
C PRO B 353 10.87 18.29 30.76
N THR B 354 10.91 19.02 29.66
CA THR B 354 10.39 18.57 28.36
C THR B 354 11.46 17.78 27.65
N SER B 355 11.02 16.77 26.93
CA SER B 355 11.95 16.01 26.14
C SER B 355 11.43 15.69 24.73
N LEU B 356 12.38 15.45 23.84
CA LEU B 356 12.12 14.92 22.53
C LEU B 356 12.95 13.62 22.48
N GLN B 357 12.32 12.54 22.07
CA GLN B 357 12.97 11.21 22.04
C GLN B 357 12.54 10.52 20.79
N ASP B 358 13.49 9.96 20.06
CA ASP B 358 13.18 9.35 18.76
C ASP B 358 12.37 10.34 17.92
N VAL B 359 12.88 11.57 17.86
CA VAL B 359 12.32 12.56 16.94
C VAL B 359 13.31 12.67 15.80
N PHE B 360 12.78 12.45 14.61
CA PHE B 360 13.58 12.44 13.42
C PHE B 360 13.06 13.54 12.51
N VAL B 361 13.98 14.17 11.80
CA VAL B 361 13.62 15.26 10.91
C VAL B 361 14.28 14.96 9.58
N ARG B 362 13.51 15.12 8.51
CA ARG B 362 14.00 14.86 7.15
C ARG B 362 13.67 16.06 6.28
N ILE B 363 14.67 16.53 5.53
CA ILE B 363 14.51 17.59 4.57
C ILE B 363 14.82 17.06 3.18
N GLY B 364 13.79 16.82 2.38
CA GLY B 364 13.96 16.28 1.04
C GLY B 364 14.11 14.78 1.04
N GLY B 365 14.31 14.18 -0.13
CA GLY B 365 14.51 12.75 -0.23
C GLY B 365 13.24 12.01 -0.67
N ALA B 366 12.11 12.39 -0.08
CA ALA B 366 10.81 11.85 -0.50
C ALA B 366 10.05 12.88 -1.32
N GLY B 367 10.82 13.62 -2.10
CA GLY B 367 10.32 14.76 -2.84
C GLY B 367 10.96 16.01 -2.28
N PRO B 368 10.90 17.11 -3.04
CA PRO B 368 11.62 18.31 -2.63
C PRO B 368 11.11 18.81 -1.30
N GLY B 369 12.02 19.31 -0.49
CA GLY B 369 11.68 19.78 0.82
C GLY B 369 12.73 20.82 1.27
N LYS B 370 12.28 21.87 1.98
CA LYS B 370 13.18 22.90 2.52
C LYS B 370 12.76 23.46 3.86
N ALA B 371 13.76 23.79 4.69
CA ALA B 371 13.56 24.50 5.95
C ALA B 371 14.82 25.26 6.36
N THR B 372 14.63 26.39 7.03
CA THR B 372 15.75 27.21 7.43
C THR B 372 16.47 26.64 8.65
N THR B 373 15.72 26.42 9.72
CA THR B 373 16.23 25.76 10.92
C THR B 373 15.29 24.63 11.32
N SER B 374 15.84 23.44 11.53
CA SER B 374 14.95 22.30 11.72
C SER B 374 14.40 22.23 13.16
N ILE B 375 15.28 22.36 14.14
CA ILE B 375 14.85 22.33 15.54
C ILE B 375 15.50 23.42 16.34
N VAL B 376 14.66 24.24 16.99
CA VAL B 376 15.13 25.27 17.93
C VAL B 376 14.69 24.86 19.29
N VAL B 377 15.68 24.70 20.16
CA VAL B 377 15.41 24.39 21.56
C VAL B 377 15.63 25.61 22.41
N ASN B 378 14.51 26.17 22.84
CA ASN B 378 14.51 27.38 23.66
C ASN B 378 14.43 27.09 25.16
N SER B 379 13.60 26.13 25.53
CA SER B 379 13.31 25.85 26.93
C SER B 379 14.47 25.29 27.73
N ASN B 380 14.73 25.91 28.87
CA ASN B 380 15.75 25.43 29.79
C ASN B 380 15.47 23.99 30.26
N ASP B 381 16.54 23.23 30.42
CA ASP B 381 16.53 21.90 31.02
C ASP B 381 15.97 20.78 30.10
N THR B 382 15.67 21.15 28.87
CA THR B 382 15.18 20.23 27.85
C THR B 382 16.15 19.08 27.62
N ILE B 383 15.59 17.88 27.51
CA ILE B 383 16.36 16.69 27.12
C ILE B 383 16.08 16.26 25.68
N ILE B 384 17.14 16.08 24.88
CA ILE B 384 17.02 15.59 23.54
C ILE B 384 17.72 14.25 23.56
N ASP B 385 16.93 13.18 23.53
CA ASP B 385 17.43 11.82 23.77
C ASP B 385 17.10 10.98 22.55
N HIS B 386 18.07 10.91 21.65
CA HIS B 386 17.96 10.29 20.32
C HIS B 386 17.23 11.14 19.30
N THR B 387 18.03 11.83 18.52
CA THR B 387 17.48 12.54 17.36
C THR B 387 18.35 12.33 16.12
N TRP B 388 17.72 12.27 14.95
CA TRP B 388 18.40 12.35 13.65
C TRP B 388 17.73 13.47 12.89
N VAL B 389 18.53 14.47 12.56
CA VAL B 389 18.09 15.68 11.89
C VAL B 389 18.91 15.67 10.60
N TRP B 390 18.23 15.37 9.50
CA TRP B 390 18.89 14.91 8.27
C TRP B 390 18.40 15.64 7.05
N ARG B 391 19.29 16.41 6.43
CA ARG B 391 19.03 16.99 5.12
C ARG B 391 19.38 15.91 4.13
N ALA B 392 18.40 15.47 3.35
CA ALA B 392 18.62 14.30 2.52
C ALA B 392 19.80 14.43 1.55
N ASP B 393 20.64 13.41 1.50
CA ASP B 393 21.74 13.37 0.55
C ASP B 393 21.44 12.53 -0.69
N HIS B 394 20.31 11.83 -0.71
CA HIS B 394 19.94 10.96 -1.82
C HIS B 394 18.44 10.83 -1.84
N GLY B 395 17.92 10.31 -2.92
CA GLY B 395 16.49 10.29 -3.17
C GLY B 395 16.01 11.45 -4.03
N GLU B 396 14.68 11.58 -4.12
CA GLU B 396 14.02 12.53 -5.03
C GLU B 396 13.85 13.86 -4.29
N GLY B 397 14.11 14.97 -4.97
CA GLY B 397 13.82 16.27 -4.37
C GLY B 397 15.04 16.83 -3.66
N VAL B 398 16.21 16.46 -4.17
CA VAL B 398 17.47 16.83 -3.57
C VAL B 398 18.37 17.70 -4.47
N GLY B 399 19.14 18.59 -3.81
CA GLY B 399 20.15 19.42 -4.47
C GLY B 399 20.56 20.59 -3.59
N TRP B 400 21.72 21.17 -3.89
CA TRP B 400 22.28 22.25 -3.08
C TRP B 400 21.28 23.37 -2.87
N GLU B 401 20.42 23.62 -3.86
CA GLU B 401 19.32 24.54 -3.68
C GLU B 401 17.96 23.83 -3.52
N THR B 402 17.77 22.75 -4.26
CA THR B 402 16.49 22.03 -4.27
C THR B 402 15.99 21.68 -2.85
N ASN B 403 16.82 21.04 -2.05
CA ASN B 403 16.48 20.80 -0.67
C ASN B 403 17.41 21.52 0.30
N ARG B 404 17.69 22.78 -0.02
CA ARG B 404 18.47 23.62 0.89
C ARG B 404 17.89 23.64 2.30
N ALA B 405 18.80 23.50 3.26
CA ALA B 405 18.47 23.63 4.66
C ALA B 405 19.68 24.15 5.39
N ASP B 406 19.64 25.39 5.85
CA ASP B 406 20.87 26.01 6.37
C ASP B 406 21.30 25.44 7.69
N TYR B 407 20.33 25.29 8.59
CA TYR B 407 20.62 24.99 10.00
C TYR B 407 19.86 23.81 10.56
N GLY B 408 20.56 22.93 11.24
CA GLY B 408 19.93 21.70 11.73
C GLY B 408 19.24 21.97 13.06
N VAL B 409 20.07 22.09 14.07
CA VAL B 409 19.59 22.31 15.45
C VAL B 409 20.24 23.53 16.03
N HIS B 410 19.42 24.36 16.68
CA HIS B 410 19.91 25.53 17.41
C HIS B 410 19.41 25.46 18.84
N VAL B 411 20.34 25.26 19.76
CA VAL B 411 20.02 25.20 21.20
C VAL B 411 20.26 26.59 21.83
N LYS B 412 19.18 27.24 22.22
CA LYS B 412 19.17 28.60 22.81
C LYS B 412 19.13 28.63 24.31
N GLY B 413 18.53 27.58 24.88
CA GLY B 413 18.22 27.51 26.31
C GLY B 413 19.39 26.95 27.10
N ASP B 414 19.26 27.01 28.43
CA ASP B 414 20.28 26.64 29.36
C ASP B 414 20.04 25.25 29.95
N ASN B 415 21.11 24.59 30.32
CA ASN B 415 21.06 23.27 30.94
C ASN B 415 20.38 22.20 30.08
N VAL B 416 20.50 22.37 28.78
CA VAL B 416 19.98 21.37 27.84
C VAL B 416 20.94 20.21 27.70
N LEU B 417 20.37 19.00 27.61
CA LEU B 417 21.19 17.80 27.50
C LEU B 417 20.78 17.09 26.23
N ALA B 418 21.74 16.76 25.39
CA ALA B 418 21.53 15.91 24.23
C ALA B 418 22.27 14.60 24.44
N THR B 419 21.56 13.48 24.30
CA THR B 419 22.17 12.16 24.37
C THR B 419 21.84 11.43 23.06
N GLY B 420 22.87 11.06 22.29
CA GLY B 420 22.63 10.47 20.97
C GLY B 420 22.12 11.48 19.98
N LEU B 421 22.98 12.42 19.63
CA LEU B 421 22.68 13.49 18.66
C LEU B 421 23.30 13.17 17.29
N PHE B 422 22.44 12.96 16.28
CA PHE B 422 22.86 12.67 14.90
C PHE B 422 22.32 13.81 13.99
N VAL B 423 23.19 14.59 13.36
CA VAL B 423 22.76 15.73 12.56
C VAL B 423 23.64 15.84 11.32
N GLU B 424 23.04 15.78 10.14
CA GLU B 424 23.86 15.68 8.91
C GLU B 424 23.37 16.49 7.70
N HIS B 425 24.36 17.02 7.01
CA HIS B 425 24.30 17.55 5.65
C HIS B 425 23.70 18.95 5.46
N PHE B 426 23.65 19.77 6.52
CA PHE B 426 23.12 21.11 6.40
C PHE B 426 24.04 22.05 5.61
N ASN B 427 23.46 22.98 4.84
CA ASN B 427 24.27 23.96 4.10
C ASN B 427 25.15 24.84 4.94
N LYS B 428 24.74 25.10 6.17
CA LYS B 428 25.49 25.93 7.12
C LYS B 428 25.78 25.11 8.38
N TYR B 429 25.64 25.68 9.57
CA TYR B 429 25.94 24.94 10.79
C TYR B 429 24.95 23.85 11.07
N ASP B 430 25.41 22.62 11.18
CA ASP B 430 24.52 21.52 11.52
C ASP B 430 23.94 21.75 12.90
N VAL B 431 24.83 22.05 13.85
CA VAL B 431 24.44 22.32 15.23
C VAL B 431 25.10 23.58 15.72
N GLN B 432 24.26 24.44 16.34
CA GLN B 432 24.70 25.71 16.91
C GLN B 432 24.17 25.77 18.35
N TRP B 433 25.03 26.10 19.30
CA TRP B 433 24.70 26.09 20.73
C TRP B 433 25.03 27.43 21.38
N SER B 434 23.95 28.17 21.68
CA SER B 434 23.96 29.54 22.16
C SER B 434 23.63 29.66 23.63
N GLY B 435 23.08 28.59 24.20
CA GLY B 435 22.67 28.58 25.59
C GLY B 435 23.83 28.23 26.49
N GLU B 436 23.59 28.28 27.80
CA GLU B 436 24.57 28.02 28.80
C GLU B 436 24.49 26.61 29.35
N ASN B 437 25.67 26.09 29.71
CA ASN B 437 25.72 24.82 30.40
C ASN B 437 25.12 23.67 29.63
N GLY B 438 25.22 23.72 28.31
CA GLY B 438 24.86 22.58 27.48
C GLY B 438 25.80 21.37 27.65
N LYS B 439 25.24 20.18 27.47
CA LYS B 439 26.02 18.95 27.41
C LYS B 439 25.55 18.09 26.25
N THR B 440 26.51 17.55 25.50
CA THR B 440 26.23 16.54 24.46
C THR B 440 27.05 15.27 24.74
N ILE B 441 26.34 14.16 24.82
CA ILE B 441 26.95 12.84 24.95
C ILE B 441 26.59 12.07 23.69
N PHE B 442 27.64 11.85 22.89
CA PHE B 442 27.60 11.28 21.52
C PHE B 442 27.03 12.22 20.46
N TYR B 443 27.87 12.54 19.47
CA TYR B 443 27.48 13.29 18.26
C TYR B 443 28.04 12.60 17.02
N GLN B 444 27.16 12.38 16.03
CA GLN B 444 27.56 11.97 14.68
C GLN B 444 27.03 12.96 13.66
N ASN B 445 27.98 13.51 12.91
CA ASN B 445 27.71 14.41 11.78
C ASN B 445 28.40 13.95 10.49
N ALA B 446 27.74 14.21 9.37
CA ALA B 446 28.39 14.24 8.06
C ALA B 446 28.04 15.58 7.45
N LYS B 447 29.04 16.21 6.84
CA LYS B 447 28.87 17.51 6.19
C LYS B 447 28.25 17.36 4.82
N ALA B 448 27.49 18.37 4.40
CA ALA B 448 26.86 18.37 3.07
C ALA B 448 27.77 17.76 2.00
N TYR B 449 27.25 16.92 1.11
CA TYR B 449 28.09 16.29 0.06
C TYR B 449 28.13 17.13 -1.20
N ASP B 450 27.11 17.98 -1.36
CA ASP B 450 26.83 18.62 -2.64
C ASP B 450 27.25 20.06 -2.81
N ALA B 451 28.04 20.57 -1.87
CA ALA B 451 28.56 21.89 -2.03
C ALA B 451 29.30 21.97 -3.37
N PRO B 452 28.94 22.96 -4.21
CA PRO B 452 29.53 22.92 -5.56
C PRO B 452 30.98 23.43 -5.68
N ASP B 453 31.40 24.21 -4.70
CA ASP B 453 32.74 24.79 -4.70
C ASP B 453 32.99 25.50 -3.36
N GLN B 454 34.26 25.88 -3.15
CA GLN B 454 34.70 26.37 -1.88
C GLN B 454 33.87 27.59 -1.43
N ALA B 455 33.56 28.50 -2.34
CA ALA B 455 32.82 29.68 -1.92
C ALA B 455 31.40 29.34 -1.49
N ALA B 456 30.88 28.20 -1.91
CA ALA B 456 29.49 27.82 -1.55
C ALA B 456 29.35 27.65 -0.06
N ILE B 457 30.50 27.45 0.61
CA ILE B 457 30.50 27.25 2.05
C ILE B 457 31.40 28.26 2.81
N GLN B 458 31.69 29.41 2.19
CA GLN B 458 32.50 30.41 2.88
C GLN B 458 31.75 30.89 4.11
N ASN B 459 32.46 30.88 5.22
CA ASN B 459 31.88 31.13 6.51
C ASN B 459 32.57 32.38 7.00
N GLY B 460 32.56 33.41 6.13
CA GLY B 460 33.28 34.64 6.36
C GLY B 460 34.77 34.45 6.19
N ASP B 461 35.54 34.57 7.29
CA ASP B 461 36.98 34.25 7.32
C ASP B 461 37.32 32.74 7.43
N ILE B 462 36.31 31.92 7.64
CA ILE B 462 36.43 30.47 7.85
C ILE B 462 36.01 29.69 6.60
N LYS B 463 36.80 28.68 6.22
CA LYS B 463 36.37 27.75 5.20
C LYS B 463 35.38 26.75 5.80
N GLY B 464 34.13 26.86 5.34
CA GLY B 464 33.07 25.95 5.75
C GLY B 464 32.47 26.36 7.08
N TYR B 465 31.34 25.73 7.38
CA TYR B 465 30.62 25.91 8.65
C TYR B 465 30.85 24.70 9.55
N ALA B 466 31.19 24.92 10.81
CA ALA B 466 31.35 23.81 11.76
C ALA B 466 30.10 22.90 11.80
N ALA B 467 30.33 21.62 12.03
CA ALA B 467 29.25 20.69 12.32
C ALA B 467 28.64 20.99 13.69
N TYR B 468 29.42 21.56 14.57
CA TYR B 468 28.97 21.81 15.93
C TYR B 468 29.71 23.02 16.43
N LYS B 469 28.94 24.10 16.61
CA LYS B 469 29.46 25.37 17.00
C LYS B 469 28.88 25.84 18.30
N VAL B 470 29.77 26.11 19.23
CA VAL B 470 29.41 26.76 20.48
C VAL B 470 29.74 28.22 20.37
N ASP B 471 28.75 29.07 20.66
CA ASP B 471 28.97 30.51 20.48
C ASP B 471 30.06 30.99 21.48
N ASP B 472 30.83 32.00 21.10
CA ASP B 472 32.00 32.43 21.90
C ASP B 472 31.48 33.16 23.18
N SER B 473 30.28 33.70 23.05
CA SER B 473 29.52 34.26 24.16
C SER B 473 29.32 33.23 25.29
N VAL B 474 29.36 31.95 24.96
CA VAL B 474 29.02 30.92 25.92
C VAL B 474 30.05 30.94 27.06
N THR B 475 29.73 30.33 28.19
CA THR B 475 30.59 30.31 29.37
C THR B 475 30.91 28.90 29.83
N THR B 476 29.91 28.04 29.70
CA THR B 476 29.99 26.67 30.18
C THR B 476 29.38 25.76 29.11
N HIS B 477 30.08 24.67 28.78
CA HIS B 477 29.59 23.66 27.80
C HIS B 477 30.48 22.42 27.87
N GLU B 478 29.93 21.26 27.53
CA GLU B 478 30.76 20.04 27.55
C GLU B 478 30.22 18.98 26.62
N GLY B 479 31.10 18.39 25.83
CA GLY B 479 30.70 17.41 24.85
C GLY B 479 31.64 16.21 24.91
N TRP B 480 31.07 15.02 24.68
CA TRP B 480 31.82 13.75 24.76
C TRP B 480 31.53 12.89 23.53
N GLY B 481 32.57 12.39 22.86
CA GLY B 481 32.35 11.38 21.82
C GLY B 481 31.70 11.88 20.55
N MET B 482 32.43 12.77 19.86
CA MET B 482 31.84 13.53 18.79
C MET B 482 32.64 13.43 17.50
N GLY B 483 31.93 13.12 16.40
CA GLY B 483 32.59 13.03 15.09
C GLY B 483 31.84 13.77 13.99
N SER B 484 32.64 14.37 13.11
CA SER B 484 32.16 14.93 11.86
C SER B 484 32.91 14.32 10.66
N TYR B 485 32.16 13.86 9.65
CA TYR B 485 32.76 13.23 8.46
C TYR B 485 32.46 14.06 7.20
N CYS B 486 33.41 14.06 6.25
CA CYS B 486 33.16 14.74 4.96
C CYS B 486 33.24 13.82 3.76
N TYR B 487 32.60 14.28 2.71
CA TYR B 487 32.44 13.55 1.45
C TYR B 487 31.85 14.53 0.47
N PHE B 488 32.73 15.41 0.03
CA PHE B 488 32.38 16.43 -0.96
C PHE B 488 32.62 15.72 -2.28
N ASN B 489 31.64 14.90 -2.63
CA ASN B 489 31.77 14.00 -3.78
C ASN B 489 31.59 14.79 -5.03
N VAL B 490 30.81 15.87 -4.95
CA VAL B 490 30.66 16.76 -6.08
C VAL B 490 31.93 17.49 -6.42
N ASN B 491 32.63 17.96 -5.38
CA ASN B 491 33.83 18.77 -5.57
C ASN B 491 34.87 18.42 -4.52
N PRO B 492 35.67 17.37 -4.80
CA PRO B 492 36.59 16.88 -3.78
C PRO B 492 37.69 17.88 -3.43
N ASP B 493 37.89 18.86 -4.31
CA ASP B 493 38.86 19.95 -4.05
C ASP B 493 38.62 20.70 -2.73
N ILE B 494 37.39 20.60 -2.18
CA ILE B 494 37.00 21.43 -1.04
C ILE B 494 37.78 21.11 0.23
N ARG B 495 37.94 22.14 1.03
CA ARG B 495 38.53 22.06 2.35
C ARG B 495 37.52 22.58 3.37
N GLN B 496 37.31 21.78 4.44
CA GLN B 496 36.51 22.13 5.59
C GLN B 496 37.47 22.49 6.72
N GLN B 497 37.42 23.71 7.23
CA GLN B 497 38.47 24.15 8.20
C GLN B 497 38.42 23.28 9.45
N HIS B 498 37.22 22.99 9.95
CA HIS B 498 37.11 22.20 11.17
C HIS B 498 35.74 21.55 11.30
N GLY B 499 35.67 20.54 12.17
CA GLY B 499 34.41 19.91 12.51
C GLY B 499 33.64 20.67 13.59
N PHE B 500 34.42 21.31 14.47
CA PHE B 500 33.93 21.93 15.70
C PHE B 500 34.53 23.32 15.87
N GLN B 501 33.74 24.24 16.38
CA GLN B 501 34.18 25.58 16.77
C GLN B 501 33.65 25.99 18.16
N ALA B 502 34.52 26.54 18.98
CA ALA B 502 34.17 26.84 20.36
C ALA B 502 35.10 27.84 20.99
N PRO B 503 34.59 28.58 21.99
CA PRO B 503 35.49 29.47 22.73
C PRO B 503 36.44 28.74 23.62
N VAL B 504 37.50 29.44 23.99
CA VAL B 504 38.59 28.85 24.74
C VAL B 504 38.49 29.35 26.23
N LYS B 505 37.86 28.54 27.09
CA LYS B 505 37.37 28.97 28.37
C LYS B 505 37.48 27.86 29.39
N PRO B 506 37.67 28.22 30.67
CA PRO B 506 37.81 27.21 31.71
C PRO B 506 36.62 26.29 31.81
N GLY B 507 35.42 26.70 31.42
CA GLY B 507 34.28 25.82 31.54
C GLY B 507 33.71 25.34 30.21
N VAL B 508 34.47 25.47 29.11
CA VAL B 508 34.08 24.87 27.81
C VAL B 508 35.09 23.74 27.48
N LYS B 509 34.63 22.50 27.64
CA LYS B 509 35.48 21.30 27.59
C LYS B 509 34.92 20.32 26.55
N PHE B 510 35.80 19.77 25.72
CA PHE B 510 35.40 18.63 24.87
C PHE B 510 36.29 17.43 25.12
N HIS B 511 35.68 16.26 24.92
CA HIS B 511 36.29 14.99 25.17
C HIS B 511 36.08 14.08 23.97
N ASP B 512 37.18 13.63 23.36
CA ASP B 512 37.19 12.61 22.32
C ASP B 512 36.48 13.11 21.09
N LEU B 513 37.20 13.92 20.32
CA LEU B 513 36.70 14.49 19.06
C LEU B 513 37.47 13.90 17.88
N LEU B 514 36.80 13.80 16.73
CA LEU B 514 37.46 13.39 15.51
C LEU B 514 36.76 13.93 14.29
N VAL B 515 37.55 14.04 13.23
CA VAL B 515 36.99 14.18 11.91
C VAL B 515 37.59 13.20 10.94
N VAL B 516 36.83 12.90 9.87
CA VAL B 516 37.21 11.85 8.93
C VAL B 516 36.85 12.30 7.52
N SER B 517 37.75 12.12 6.56
CA SER B 517 37.43 12.30 5.16
C SER B 517 37.14 10.95 4.55
N LEU B 518 36.01 10.79 3.90
CA LEU B 518 35.68 9.51 3.29
C LEU B 518 36.36 9.34 1.88
N GLY B 519 37.19 8.32 1.71
CA GLY B 519 37.98 8.13 0.51
C GLY B 519 38.59 9.40 -0.11
N GLY B 520 39.13 10.29 0.73
CA GLY B 520 39.78 11.52 0.28
C GLY B 520 38.92 12.51 -0.48
N LYS B 521 37.61 12.41 -0.27
CA LYS B 521 36.69 13.36 -0.88
C LYS B 521 36.53 14.64 -0.09
N GLY B 522 37.36 15.60 -0.43
CA GLY B 522 37.58 16.73 0.42
C GLY B 522 38.50 16.35 1.58
N GLN B 523 38.91 17.36 2.35
CA GLN B 523 39.68 17.15 3.56
C GLN B 523 39.34 18.22 4.59
N TYR B 524 39.53 17.84 5.85
CA TYR B 524 39.51 18.79 6.97
C TYR B 524 40.88 19.43 7.18
N GLU B 525 40.95 20.71 7.54
CA GLU B 525 42.25 21.36 7.85
C GLU B 525 42.65 21.15 9.30
N HIS B 526 41.64 20.96 10.14
CA HIS B 526 41.82 20.74 11.58
C HIS B 526 40.59 20.06 12.15
N VAL B 527 40.66 19.74 13.44
CA VAL B 527 39.53 19.09 14.11
C VAL B 527 38.58 20.08 14.80
N ILE B 528 39.13 20.97 15.62
CA ILE B 528 38.33 21.99 16.33
C ILE B 528 39.04 23.32 16.24
N ASN B 529 38.33 24.40 15.91
CA ASN B 529 38.95 25.69 15.67
C ASN B 529 40.11 25.48 14.66
N ASP B 530 41.37 25.85 14.98
CA ASP B 530 42.57 25.59 14.11
C ASP B 530 43.51 24.55 14.72
N ILE B 531 42.93 23.60 15.42
CA ILE B 531 43.64 22.60 16.26
C ILE B 531 43.53 21.16 15.80
N GLY B 532 44.62 20.44 16.01
CA GLY B 532 44.71 19.01 15.66
C GLY B 532 44.91 18.89 14.15
N ASP B 533 45.48 17.81 13.66
CA ASP B 533 45.96 17.90 12.29
C ASP B 533 44.86 17.76 11.27
N PRO B 534 45.16 18.25 10.05
CA PRO B 534 44.28 18.02 8.92
C PRO B 534 44.14 16.52 8.66
N THR B 535 43.09 16.15 7.95
CA THR B 535 43.03 14.82 7.40
C THR B 535 44.02 14.80 6.24
N SER B 536 44.26 13.60 5.69
CA SER B 536 45.24 13.42 4.64
C SER B 536 45.02 12.06 3.99
N GLY B 537 45.38 11.96 2.71
CA GLY B 537 45.28 10.71 1.97
C GLY B 537 43.85 10.41 1.53
N ASP B 538 43.66 9.21 0.96
CA ASP B 538 42.33 8.71 0.57
C ASP B 538 41.97 7.41 1.26
N THR B 539 42.54 7.16 2.44
CA THR B 539 42.30 5.92 3.18
C THR B 539 41.42 6.03 4.48
N THR B 540 40.76 7.18 4.66
CA THR B 540 39.86 7.51 5.82
C THR B 540 40.37 7.12 7.21
N ILE B 541 41.57 7.58 7.47
CA ILE B 541 42.09 7.58 8.83
C ILE B 541 41.62 8.81 9.58
N PRO B 542 40.97 8.63 10.74
CA PRO B 542 40.44 9.79 11.46
C PRO B 542 41.53 10.67 11.98
N SER B 543 41.26 11.96 12.11
CA SER B 543 42.14 12.85 12.84
C SER B 543 41.44 13.16 14.14
N GLN B 544 42.17 13.06 15.24
CA GLN B 544 41.54 13.07 16.54
C GLN B 544 42.13 14.09 17.49
N VAL B 545 41.26 14.53 18.41
CA VAL B 545 41.67 15.34 19.56
C VAL B 545 41.05 14.74 20.85
N VAL B 546 41.89 14.27 21.77
CA VAL B 546 41.37 13.60 22.97
C VAL B 546 40.75 14.63 23.91
N SER B 547 41.45 15.74 24.10
CA SER B 547 40.96 16.82 24.97
C SER B 547 41.13 18.20 24.36
N PHE B 548 40.03 18.95 24.36
CA PHE B 548 40.03 20.35 24.05
C PHE B 548 39.44 20.98 25.28
N PRO B 549 40.25 21.72 26.03
CA PRO B 549 41.68 21.35 26.21
C PRO B 549 41.84 20.11 27.14
C2 BGC C . 1.90 -27.53 -25.25
C3 BGC C . 1.35 -26.78 -24.16
C4 BGC C . 0.68 -27.51 -23.03
C5 BGC C . 1.27 -28.89 -22.79
C6 BGC C . 0.45 -29.73 -21.88
C1 BGC C . 2.49 -28.84 -24.77
O1 BGC C . 2.90 -29.54 -25.77
O2 BGC C . 2.97 -26.77 -25.85
O3 BGC C . 0.53 -25.68 -24.75
O4 BGC C . 0.83 -26.80 -21.83
O5 BGC C . 1.47 -29.58 -24.02
O6 BGC C . 0.98 -31.01 -21.62
C2 BGC C . 0.50 -23.30 -24.95
C3 BGC C . 1.14 -22.05 -24.51
C4 BGC C . 1.40 -22.02 -23.07
C5 BGC C . 2.07 -23.32 -22.63
C6 BGC C . 2.34 -23.43 -21.19
C1 BGC C . 1.20 -24.53 -24.43
O2 BGC C . 0.47 -23.38 -26.35
O3 BGC C . 0.20 -20.99 -24.95
O4 BGC C . 2.27 -20.93 -22.69
O5 BGC C . 1.26 -24.44 -23.01
O6 BGC C . 2.97 -24.62 -20.72
C2 BGC C . -0.16 -18.83 -25.93
C3 BGC C . 0.44 -17.72 -26.67
C4 BGC C . 1.48 -17.12 -25.83
C5 BGC C . 2.48 -18.20 -25.42
C6 BGC C . 3.55 -17.77 -24.49
C1 BGC C . 0.84 -19.96 -25.69
O2 BGC C . -1.24 -19.40 -26.66
O3 BGC C . -0.67 -16.74 -26.85
O4 BGC C . 2.17 -16.07 -26.49
O5 BGC C . 1.86 -19.37 -24.84
O6 BGC C . 4.52 -18.75 -24.28
C2 BGC C . -2.22 -15.39 -28.03
C3 BGC C . -2.59 -14.69 -29.30
C4 BGC C . -1.35 -14.33 -30.09
C5 BGC C . -0.40 -15.54 -30.23
C6 BGC C . 0.92 -15.25 -30.96
C1 BGC C . -1.12 -16.45 -28.15
O2 BGC C . -3.33 -15.92 -27.33
O3 BGC C . -3.24 -13.49 -28.87
O4 BGC C . -1.64 -13.72 -31.31
O5 BGC C . 0.00 -15.86 -28.90
O6 BGC C . 1.49 -14.03 -30.61
C2 BGC C . -5.31 -12.23 -28.86
C3 BGC C . -6.35 -11.61 -29.73
C4 BGC C . -5.66 -10.91 -30.84
C5 BGC C . -4.80 -11.86 -31.61
C6 BGC C . -4.04 -11.15 -32.73
C1 BGC C . -4.35 -13.12 -29.63
O2 BGC C . -5.88 -13.02 -27.86
O3 BGC C . -7.10 -10.56 -29.00
O4 BGC C . -6.59 -10.22 -31.64
O5 BGC C . -3.79 -12.37 -30.74
O6 BGC C . -3.13 -11.98 -33.43
C2 BGC C . -9.12 -9.69 -28.15
C3 BGC C . -10.58 -9.69 -28.44
C4 BGC C . -10.92 -9.95 -29.86
C5 BGC C . -10.35 -11.34 -30.27
C6 BGC C . -10.44 -11.94 -31.67
C1 BGC C . -8.44 -10.91 -28.79
O2 BGC C . -8.82 -9.66 -26.77
O3 BGC C . -11.16 -8.40 -28.01
O4 BGC C . -12.35 -9.72 -30.03
O5 BGC C . -8.90 -11.17 -30.12
O6 BGC C . -10.32 -13.30 -31.78
C2 BGC D . -5.18 -32.36 -30.55
C3 BGC D . -5.47 -31.49 -31.66
C4 BGC D . -4.28 -30.76 -32.18
C5 BGC D . -3.10 -31.67 -32.43
C6 BGC D . -1.88 -30.87 -32.68
C1 BGC D . -4.05 -33.31 -30.84
O1 BGC D . -3.74 -33.95 -29.71
O2 BGC D . -6.34 -33.09 -30.10
O3 BGC D . -6.50 -30.57 -31.17
O4 BGC D . -4.55 -30.03 -33.35
O5 BGC D . -2.87 -32.59 -31.34
O6 BGC D . -0.68 -31.35 -32.14
C2 BGC D . -8.79 -29.98 -31.60
C3 BGC D . -9.77 -29.33 -32.54
C4 BGC D . -9.18 -28.18 -33.26
C5 BGC D . -7.75 -28.42 -33.73
C6 BGC D . -7.21 -27.29 -34.49
C1 BGC D . -7.33 -30.07 -32.12
O2 BGC D . -9.19 -31.26 -31.13
O3 BGC D . -10.99 -28.97 -31.88
O4 BGC D . -9.96 -27.86 -34.39
O5 BGC D . -6.87 -28.76 -32.62
O6 BGC D . -6.06 -27.59 -35.19
C2 BGC D . -12.77 -29.94 -30.59
C3 BGC D . -13.94 -30.83 -30.67
C4 BGC D . -14.74 -30.71 -31.91
C5 BGC D . -13.89 -30.73 -33.16
C6 BGC D . -14.73 -30.39 -34.37
C1 BGC D . -11.92 -29.97 -31.84
O2 BGC D . -11.96 -30.32 -29.48
O3 BGC D . -14.77 -30.55 -29.48
O4 BGC D . -15.67 -31.76 -32.06
O5 BGC D . -12.74 -29.83 -33.05
O6 BGC D . -14.04 -30.37 -35.56
C2 BGC D . -15.66 -31.39 -27.44
C3 BGC D . -16.45 -32.49 -26.85
C4 BGC D . -17.74 -32.64 -27.59
C5 BGC D . -17.55 -32.68 -29.10
C6 BGC D . -18.63 -31.95 -29.79
C1 BGC D . -15.23 -31.69 -28.85
O2 BGC D . -14.48 -31.11 -26.66
O3 BGC D . -16.76 -32.23 -25.46
O4 BGC D . -18.42 -33.84 -27.16
O5 BGC D . -16.34 -32.18 -29.69
O6 BGC D . -19.81 -32.63 -30.04
C2 BGC D . -15.26 -32.04 -23.46
C3 BGC D . -14.48 -32.82 -22.50
C4 BGC D . -15.15 -34.07 -22.02
C5 BGC D . -15.54 -34.78 -23.29
C6 BGC D . -16.00 -36.18 -23.14
C1 BGC D . -15.89 -32.88 -24.57
O2 BGC D . -14.39 -31.07 -24.06
O3 BGC D . -13.93 -32.04 -21.42
O4 BGC D . -14.28 -34.89 -21.23
O5 BGC D . -16.56 -33.99 -23.94
O6 BGC D . -17.18 -36.41 -22.42
C2 BGC E . 35.87 -9.00 8.61
C3 BGC E . 35.95 -8.07 9.71
C4 BGC E . 35.44 -8.66 10.97
C5 BGC E . 36.12 -9.99 11.23
C6 BGC E . 35.58 -10.64 12.45
C1 BGC E . 36.53 -10.31 8.94
O1 BGC E . 36.40 -11.11 7.91
O2 BGC E . 36.37 -8.51 7.35
O3 BGC E . 35.19 -6.86 9.28
O4 BGC E . 35.65 -7.85 12.10
O5 BGC E . 35.89 -10.86 10.13
O6 BGC E . 35.95 -12.00 12.62
C2 BGC E . 35.15 -4.51 8.97
C3 BGC E . 35.79 -3.24 9.39
C4 BGC E . 36.12 -3.17 10.81
C5 BGC E . 36.78 -4.46 11.29
C6 BGC E . 37.06 -4.49 12.74
C1 BGC E . 35.88 -5.71 9.51
O2 BGC E . 35.13 -4.54 7.54
O3 BGC E . 34.82 -2.16 9.07
O4 BGC E . 37.03 -2.09 11.11
O5 BGC E . 35.98 -5.60 10.94
O6 BGC E . 37.67 -5.68 13.21
C2 BGC E . 34.35 -0.01 8.06
C3 BGC E . 34.98 1.10 7.33
C4 BGC E . 36.20 1.64 7.96
C5 BGC E . 37.13 0.48 8.23
C6 BGC E . 38.32 0.98 8.97
C1 BGC E . 35.36 -1.12 8.31
O2 BGC E . 33.31 -0.59 7.24
O3 BGC E . 34.00 2.18 7.31
O4 BGC E . 36.91 2.61 7.12
O5 BGC E . 36.46 -0.52 9.03
O6 BGC E . 39.19 -0.09 9.26
C2 BGC E . 32.49 3.64 6.19
C3 BGC E . 32.31 4.43 4.93
C4 BGC E . 33.62 4.88 4.31
C5 BGC E . 34.53 3.66 4.22
C6 BGC E . 35.90 3.93 3.59
C1 BGC E . 33.59 2.59 6.08
O2 BGC E . 31.30 2.99 6.63
O3 BGC E . 31.43 5.52 5.31
O4 BGC E . 33.43 5.41 3.01
O5 BGC E . 34.78 3.19 5.54
O6 BGC E . 36.56 2.69 3.27
C2 BGC E . 29.24 6.57 5.10
C3 BGC E . 28.18 7.07 4.16
C4 BGC E . 28.72 7.57 2.87
C5 BGC E . 29.75 6.59 2.34
C6 BGC E . 30.56 7.19 1.26
C1 BGC E . 30.33 5.74 4.46
O2 BGC E . 28.58 5.74 6.04
O3 BGC E . 27.46 8.17 4.85
O4 BGC E . 27.69 7.87 1.95
O5 BGC E . 30.82 6.47 3.31
O6 BGC E . 31.28 6.32 0.42
C2 BGC E . 25.43 9.08 5.72
C3 BGC E . 23.97 9.05 5.53
C4 BGC E . 23.62 8.87 4.13
C5 BGC E . 24.14 7.51 3.67
C6 BGC E . 23.90 7.20 2.24
C1 BGC E . 26.11 7.88 5.06
O2 BGC E . 25.75 9.11 7.10
O3 BGC E . 23.39 10.32 5.96
O4 BGC E . 22.19 8.98 3.90
O5 BGC E . 25.60 7.57 3.77
O6 BGC E . 24.30 5.89 1.94
C2 BGC F . 28.98 -13.97 3.65
C3 BGC F . 28.65 -13.13 2.52
C4 BGC F . 29.82 -12.46 1.89
C5 BGC F . 30.92 -13.46 1.65
C6 BGC F . 32.16 -12.81 1.14
C1 BGC F . 30.08 -14.95 3.33
O1 BGC F . 30.42 -15.63 4.44
O2 BGC F . 27.82 -14.69 4.06
O3 BGC F . 27.59 -12.22 2.99
O4 BGC F . 29.54 -11.78 0.69
O5 BGC F . 31.22 -14.21 2.82
O6 BGC F . 32.75 -11.85 1.96
C2 BGC F . 25.43 -11.45 2.44
C3 BGC F . 24.58 -10.71 1.45
C4 BGC F . 25.29 -9.55 0.85
C5 BGC F . 26.73 -9.83 0.41
C6 BGC F . 27.43 -8.62 0.04
C1 BGC F . 26.86 -11.73 1.96
O2 BGC F . 24.81 -12.64 2.90
O3 BGC F . 23.34 -10.24 2.02
O4 BGC F . 24.56 -9.06 -0.25
O5 BGC F . 27.55 -10.56 1.38
O6 BGC F . 28.68 -8.86 -0.51
C2 BGC F . 21.59 -11.21 3.30
C3 BGC F . 20.43 -12.13 3.24
C4 BGC F . 19.53 -11.78 2.12
C5 BGC F . 20.27 -11.58 0.80
C6 BGC F . 19.37 -11.00 -0.26
C1 BGC F . 22.34 -11.15 1.98
O2 BGC F . 22.49 -11.48 4.36
O3 BGC F . 19.70 -11.95 4.48
O4 BGC F . 18.53 -12.75 1.94
O5 BGC F . 21.45 -10.74 0.92
O6 BGC F . 19.92 -10.89 -1.51
C2 BGC F . 18.85 -12.75 6.48
C3 BGC F . 18.11 -13.85 7.13
C4 BGC F . 16.81 -14.02 6.42
C5 BGC F . 17.08 -14.37 4.96
C6 BGC F . 15.86 -14.53 4.13
C1 BGC F . 19.14 -13.07 5.04
O2 BGC F . 20.05 -12.39 7.21
O3 BGC F . 17.93 -13.43 8.50
O4 BGC F . 16.01 -15.02 7.05
O5 BGC F . 17.85 -13.33 4.36
O6 BGC F . 14.85 -13.57 4.28
C2 BGC F . 19.35 -13.24 10.49
C3 BGC F . 20.07 -14.08 11.45
C4 BGC F . 19.28 -15.21 11.98
C5 BGC F . 18.61 -15.95 10.87
C6 BGC F . 17.70 -17.02 11.35
C1 BGC F . 18.70 -14.12 9.42
O2 BGC F . 20.25 -12.30 9.83
O3 BGC F . 20.68 -13.33 12.54
O4 BGC F . 20.10 -16.18 12.67
O5 BGC F . 17.86 -15.05 10.09
O6 BGC F . 17.52 -18.06 10.40
C1 EDO G . -4.29 4.35 -29.49
O1 EDO G . -3.74 4.76 -28.24
C2 EDO G . -5.71 3.81 -29.37
O2 EDO G . -6.49 4.47 -28.34
H11 EDO G . -4.32 5.24 -30.11
H12 EDO G . -3.63 3.62 -29.97
HO1 EDO G . -2.81 4.92 -28.34
H21 EDO G . -5.67 2.74 -29.16
H22 EDO G . -6.23 3.92 -30.32
HO2 EDO G . -7.30 3.98 -28.20
C1 EDO H . 29.96 22.96 4.77
O1 EDO H . 30.85 23.68 5.62
C2 EDO H . 28.54 23.50 4.95
O2 EDO H . 28.00 23.26 6.26
H11 EDO H . 29.99 21.90 5.00
H12 EDO H . 30.28 23.08 3.73
HO1 EDO H . 31.74 23.31 5.53
H21 EDO H . 27.87 23.08 4.18
H22 EDO H . 28.59 24.58 4.78
HO2 EDO H . 27.09 23.60 6.33
N GLU A 1 -49.11 0.84 -13.46
CA GLU A 1 -49.71 0.07 -12.39
C GLU A 1 -49.35 -1.42 -12.65
N VAL A 2 -48.11 -1.75 -12.36
CA VAL A 2 -47.49 -2.91 -12.96
C VAL A 2 -47.58 -4.06 -11.99
N VAL A 3 -47.51 -5.26 -12.54
CA VAL A 3 -47.64 -6.44 -11.71
C VAL A 3 -46.49 -7.43 -11.83
N GLY A 4 -46.08 -7.96 -10.69
CA GLY A 4 -44.96 -8.88 -10.66
C GLY A 4 -45.26 -10.37 -10.70
N GLY A 5 -44.19 -11.14 -10.89
CA GLY A 5 -44.24 -12.59 -10.95
C GLY A 5 -44.72 -13.01 -12.33
N GLY A 6 -44.90 -14.31 -12.54
CA GLY A 6 -45.42 -14.80 -13.81
C GLY A 6 -44.44 -15.78 -14.44
N ASP A 7 -44.85 -16.39 -15.55
CA ASP A 7 -44.06 -17.44 -16.18
C ASP A 7 -42.80 -16.79 -16.76
N LEU A 8 -41.69 -17.53 -16.74
CA LEU A 8 -40.45 -16.95 -17.21
C LEU A 8 -40.30 -16.96 -18.75
N GLY A 9 -41.24 -17.60 -19.43
CA GLY A 9 -41.28 -17.57 -20.87
C GLY A 9 -40.52 -18.69 -21.60
N PRO A 10 -40.62 -18.67 -22.94
CA PRO A 10 -40.04 -19.78 -23.71
C PRO A 10 -38.49 -19.81 -23.70
N ASN A 11 -37.84 -18.68 -23.48
CA ASN A 11 -36.36 -18.74 -23.53
C ASN A 11 -35.64 -19.10 -22.24
N VAL A 12 -36.44 -19.46 -21.24
CA VAL A 12 -35.95 -20.07 -20.02
C VAL A 12 -36.35 -21.55 -20.08
N LEU A 13 -35.34 -22.39 -20.26
CA LEU A 13 -35.50 -23.84 -20.38
C LEU A 13 -35.29 -24.45 -18.99
N VAL A 14 -36.35 -25.01 -18.42
CA VAL A 14 -36.22 -25.60 -17.10
C VAL A 14 -36.34 -27.13 -17.13
N PHE A 15 -35.41 -27.77 -16.43
CA PHE A 15 -35.24 -29.22 -16.45
C PHE A 15 -35.37 -29.70 -15.01
N ASP A 16 -35.79 -30.95 -14.82
CA ASP A 16 -35.44 -31.61 -13.54
C ASP A 16 -34.91 -33.00 -13.80
N PRO A 17 -34.54 -33.74 -12.73
CA PRO A 17 -34.07 -35.06 -13.16
C PRO A 17 -35.25 -35.92 -13.66
N SER A 18 -36.52 -35.52 -13.46
CA SER A 18 -37.64 -36.16 -14.23
C SER A 18 -37.36 -36.05 -15.75
N THR A 19 -37.15 -34.86 -16.28
CA THR A 19 -37.33 -34.58 -17.73
C THR A 19 -36.60 -35.47 -18.79
N PRO A 20 -37.30 -35.82 -19.90
CA PRO A 20 -36.81 -36.62 -21.05
C PRO A 20 -35.83 -35.99 -22.09
N ASP A 21 -34.98 -36.82 -22.68
CA ASP A 21 -34.11 -36.45 -23.81
C ASP A 21 -33.22 -35.21 -23.58
N ILE A 22 -32.95 -34.89 -22.30
CA ILE A 22 -32.15 -33.70 -21.93
C ILE A 22 -30.97 -33.45 -22.88
N GLN A 23 -30.31 -34.51 -23.31
CA GLN A 23 -29.10 -34.34 -24.09
C GLN A 23 -29.45 -33.79 -25.47
N GLY A 24 -30.44 -34.41 -26.14
CA GLY A 24 -30.92 -33.90 -27.40
C GLY A 24 -31.35 -32.45 -27.24
N LYS A 25 -31.96 -32.15 -26.10
CA LYS A 25 -32.49 -30.80 -25.83
C LYS A 25 -31.35 -29.83 -25.78
N VAL A 26 -30.40 -30.12 -24.92
CA VAL A 26 -29.34 -29.17 -24.73
C VAL A 26 -28.46 -29.26 -26.01
N ASP A 27 -28.35 -30.44 -26.62
CA ASP A 27 -27.80 -30.53 -27.97
C ASP A 27 -28.56 -29.56 -28.92
N GLU A 28 -29.88 -29.45 -28.82
CA GLU A 28 -30.63 -28.59 -29.77
C GLU A 28 -30.18 -27.14 -29.69
N VAL A 29 -30.12 -26.64 -28.47
CA VAL A 29 -29.71 -25.27 -28.21
C VAL A 29 -28.24 -25.03 -28.65
N PHE A 30 -27.35 -25.99 -28.37
CA PHE A 30 -25.95 -25.83 -28.77
C PHE A 30 -25.78 -25.74 -30.29
N ARG A 31 -26.51 -26.56 -31.05
CA ARG A 31 -26.29 -26.53 -32.50
C ARG A 31 -26.66 -25.16 -33.08
N LYS A 32 -27.75 -24.60 -32.58
CA LYS A 32 -28.17 -23.25 -33.01
C LYS A 32 -27.17 -22.18 -32.56
N GLN A 33 -26.56 -22.38 -31.40
CA GLN A 33 -25.85 -21.26 -30.74
C GLN A 33 -24.34 -21.28 -30.90
N GLU A 34 -23.75 -22.41 -31.22
CA GLU A 34 -22.33 -22.56 -31.10
C GLU A 34 -21.50 -21.56 -31.91
N SER A 35 -21.97 -21.22 -33.08
CA SER A 35 -21.26 -20.25 -33.92
C SER A 35 -22.11 -19.02 -34.14
N ASN A 36 -23.07 -18.83 -33.25
CA ASN A 36 -24.04 -17.73 -33.36
C ASN A 36 -23.54 -16.50 -32.59
N GLN A 37 -22.43 -15.95 -33.10
CA GLN A 37 -21.69 -14.97 -32.33
C GLN A 37 -22.46 -13.66 -32.14
N PHE A 38 -23.23 -13.28 -33.15
CA PHE A 38 -23.86 -11.96 -33.15
C PHE A 38 -25.40 -11.98 -33.29
N GLY A 39 -25.96 -13.17 -33.36
CA GLY A 39 -27.41 -13.31 -33.49
C GLY A 39 -28.11 -12.90 -32.21
N THR A 40 -29.44 -12.81 -32.29
CA THR A 40 -30.24 -12.30 -31.23
C THR A 40 -30.95 -13.35 -30.37
N ASP A 41 -30.82 -14.64 -30.70
CA ASP A 41 -31.46 -15.63 -29.84
C ASP A 41 -30.74 -15.61 -28.47
N ARG A 42 -31.47 -15.98 -27.43
CA ARG A 42 -30.98 -15.96 -26.07
C ARG A 42 -31.58 -17.17 -25.36
N TYR A 43 -30.79 -17.85 -24.54
CA TYR A 43 -31.24 -19.03 -23.80
C TYR A 43 -30.68 -19.09 -22.37
N ALA A 44 -31.53 -19.44 -21.43
CA ALA A 44 -31.13 -19.78 -20.07
C ALA A 44 -31.59 -21.19 -19.80
N LEU A 45 -30.65 -22.03 -19.40
CA LEU A 45 -30.93 -23.43 -19.07
C LEU A 45 -30.89 -23.56 -17.55
N MET A 46 -32.02 -24.00 -16.97
CA MET A 46 -32.26 -23.89 -15.55
C MET A 46 -32.50 -25.30 -15.00
N PHE A 47 -31.58 -25.80 -14.19
CA PHE A 47 -31.75 -27.16 -13.64
C PHE A 47 -32.27 -27.17 -12.21
N LYS A 48 -33.42 -27.80 -12.01
CA LYS A 48 -33.98 -27.99 -10.66
C LYS A 48 -33.06 -28.90 -9.81
N PRO A 49 -33.06 -28.71 -8.48
CA PRO A 49 -32.19 -29.51 -7.60
C PRO A 49 -32.41 -31.02 -7.74
N GLY A 50 -31.30 -31.74 -7.79
CA GLY A 50 -31.28 -33.18 -8.04
C GLY A 50 -29.96 -33.65 -8.70
N THR A 51 -29.97 -34.90 -9.19
CA THR A 51 -28.80 -35.54 -9.79
C THR A 51 -29.10 -35.95 -11.22
N TYR A 52 -28.20 -35.57 -12.12
CA TYR A 52 -28.38 -35.76 -13.55
C TYR A 52 -27.27 -36.64 -14.09
N ASN A 53 -27.63 -37.69 -14.83
CA ASN A 53 -26.61 -38.59 -15.41
C ASN A 53 -26.30 -38.34 -16.90
N ASP A 54 -25.23 -38.99 -17.40
CA ASP A 54 -24.89 -39.08 -18.84
C ASP A 54 -25.11 -37.74 -19.62
N ILE A 55 -24.46 -36.68 -19.16
CA ILE A 55 -24.75 -35.34 -19.66
C ILE A 55 -23.46 -34.62 -19.99
N ASN A 56 -23.47 -33.99 -21.14
CA ASN A 56 -22.35 -33.16 -21.59
C ASN A 56 -23.01 -31.93 -22.16
N ALA A 57 -23.32 -30.95 -21.29
CA ALA A 57 -23.97 -29.70 -21.70
C ALA A 57 -22.92 -28.80 -22.34
N GLN A 58 -22.91 -28.75 -23.67
CA GLN A 58 -22.03 -27.87 -24.39
C GLN A 58 -22.74 -26.53 -24.49
N ILE A 59 -22.01 -25.47 -24.17
CA ILE A 59 -22.58 -24.14 -24.03
C ILE A 59 -22.05 -23.24 -25.17
N GLY A 60 -22.96 -22.74 -25.99
CA GLY A 60 -22.60 -21.89 -27.12
C GLY A 60 -22.81 -20.44 -26.71
N PHE A 61 -22.85 -19.55 -27.71
CA PHE A 61 -23.10 -18.15 -27.45
C PHE A 61 -24.46 -17.91 -26.80
N TYR A 62 -24.49 -16.90 -25.96
CA TYR A 62 -25.71 -16.37 -25.37
C TYR A 62 -26.53 -17.44 -24.68
N THR A 63 -25.85 -18.34 -24.00
CA THR A 63 -26.49 -19.41 -23.23
C THR A 63 -25.93 -19.35 -21.81
N SER A 64 -26.82 -19.23 -20.84
CA SER A 64 -26.48 -19.39 -19.43
C SER A 64 -26.98 -20.77 -18.94
N ILE A 65 -26.18 -21.44 -18.14
CA ILE A 65 -26.63 -22.68 -17.48
C ILE A 65 -26.49 -22.50 -16.00
N ALA A 66 -27.50 -22.96 -15.26
CA ALA A 66 -27.48 -22.81 -13.80
C ALA A 66 -28.31 -23.84 -13.09
N GLY A 67 -27.94 -24.04 -11.84
CA GLY A 67 -28.72 -24.81 -10.90
C GLY A 67 -29.67 -23.91 -10.11
N LEU A 68 -30.69 -24.53 -9.53
CA LEU A 68 -31.76 -23.81 -8.83
C LEU A 68 -31.89 -24.23 -7.38
N GLY A 69 -30.86 -24.90 -6.84
CA GLY A 69 -30.85 -25.26 -5.42
C GLY A 69 -30.35 -24.07 -4.65
N LEU A 70 -30.23 -24.16 -3.33
CA LEU A 70 -29.64 -23.02 -2.61
C LEU A 70 -28.14 -23.24 -2.62
N ASN A 71 -27.72 -24.49 -2.44
CA ASN A 71 -26.28 -24.80 -2.60
C ASN A 71 -25.86 -25.43 -3.97
N PRO A 72 -24.68 -25.07 -4.48
CA PRO A 72 -24.33 -25.60 -5.81
C PRO A 72 -24.47 -27.14 -5.85
N ASP A 73 -24.22 -27.77 -4.73
CA ASP A 73 -24.30 -29.22 -4.79
C ASP A 73 -25.69 -29.86 -4.71
N ASP A 74 -26.65 -29.09 -4.22
CA ASP A 74 -28.09 -29.32 -4.45
C ASP A 74 -28.37 -29.80 -5.90
N THR A 75 -27.55 -29.40 -6.87
CA THR A 75 -27.83 -29.66 -8.28
C THR A 75 -26.56 -30.18 -8.91
N THR A 76 -26.51 -31.50 -9.09
CA THR A 76 -25.29 -32.22 -9.39
C THR A 76 -25.32 -32.90 -10.76
N PHE A 77 -24.31 -32.62 -11.57
CA PHE A 77 -24.17 -33.28 -12.87
C PHE A 77 -23.08 -34.36 -12.73
N ASN A 78 -23.44 -35.59 -13.03
CA ASN A 78 -22.48 -36.63 -13.30
C ASN A 78 -22.23 -36.52 -14.77
N GLY A 79 -21.28 -35.65 -15.07
CA GLY A 79 -21.10 -35.12 -16.41
C GLY A 79 -20.53 -33.71 -16.37
N ASP A 80 -20.72 -32.99 -17.48
CA ASP A 80 -19.88 -31.84 -17.80
C ASP A 80 -20.69 -30.60 -18.22
N VAL A 81 -20.11 -29.43 -18.01
CA VAL A 81 -20.57 -28.19 -18.64
C VAL A 81 -19.37 -27.70 -19.44
N THR A 82 -19.45 -27.88 -20.74
CA THR A 82 -18.28 -27.82 -21.63
C THR A 82 -18.30 -26.62 -22.56
N VAL A 83 -17.22 -25.87 -22.56
CA VAL A 83 -16.91 -24.93 -23.65
C VAL A 83 -15.62 -25.38 -24.30
N ASP A 84 -15.65 -25.54 -25.62
CA ASP A 84 -14.48 -25.87 -26.42
C ASP A 84 -14.55 -24.93 -27.66
N ALA A 85 -13.60 -25.07 -28.58
CA ALA A 85 -13.51 -24.16 -29.74
C ALA A 85 -13.69 -24.85 -31.11
N GLY A 86 -14.38 -25.99 -31.11
CA GLY A 86 -14.85 -26.63 -32.34
C GLY A 86 -15.17 -25.70 -33.51
N TRP A 87 -16.04 -24.72 -33.29
CA TRP A 87 -16.58 -23.92 -34.37
C TRP A 87 -15.53 -22.97 -34.95
N PHE A 88 -14.31 -23.02 -34.42
CA PHE A 88 -13.26 -22.06 -34.75
C PHE A 88 -11.85 -22.69 -34.76
N ASP A 89 -11.73 -23.84 -35.44
CA ASP A 89 -10.70 -24.86 -35.16
C ASP A 89 -9.60 -24.52 -34.13
N GLY A 90 -10.12 -24.47 -32.91
CA GLY A 90 -9.27 -24.65 -31.75
C GLY A 90 -8.85 -23.37 -31.09
N ASN A 91 -9.17 -22.29 -31.78
CA ASN A 91 -8.96 -20.92 -31.32
C ASN A 91 -10.14 -20.50 -30.43
N ALA A 92 -9.89 -20.23 -29.14
CA ALA A 92 -10.98 -19.92 -28.20
C ALA A 92 -11.17 -18.41 -27.97
N THR A 93 -10.51 -17.56 -28.76
CA THR A 93 -10.55 -16.10 -28.51
C THR A 93 -11.82 -15.38 -28.93
N GLN A 94 -12.79 -16.14 -29.42
CA GLN A 94 -14.11 -15.56 -29.66
C GLN A 94 -15.20 -16.29 -28.84
N ASN A 95 -14.79 -17.00 -27.78
CA ASN A 95 -15.74 -17.71 -26.94
C ASN A 95 -16.27 -16.84 -25.81
N PHE A 96 -17.16 -15.95 -26.24
CA PHE A 96 -17.78 -14.93 -25.41
C PHE A 96 -19.24 -15.21 -25.00
N TRP A 97 -19.70 -14.41 -24.04
CA TRP A 97 -21.12 -14.18 -23.70
C TRP A 97 -21.87 -15.48 -23.35
N ARG A 98 -21.42 -16.13 -22.29
CA ARG A 98 -22.12 -17.31 -21.81
C ARG A 98 -21.76 -17.50 -20.35
N SER A 99 -22.46 -18.36 -19.63
CA SER A 99 -22.20 -18.40 -18.20
C SER A 99 -22.63 -19.72 -17.56
N ALA A 100 -21.99 -20.00 -16.43
CA ALA A 100 -22.36 -21.16 -15.60
C ALA A 100 -22.37 -20.73 -14.13
N GLU A 101 -23.44 -21.12 -13.44
CA GLU A 101 -23.58 -20.75 -12.02
C GLU A 101 -24.33 -21.85 -11.23
N ASN A 102 -23.90 -22.09 -10.01
CA ASN A 102 -24.72 -22.76 -8.97
C ASN A 102 -24.97 -24.23 -9.30
N LEU A 103 -23.91 -24.90 -9.71
CA LEU A 103 -23.93 -26.32 -10.06
C LEU A 103 -22.74 -27.06 -9.47
N ALA A 104 -22.94 -28.35 -9.18
CA ALA A 104 -21.83 -29.24 -8.87
C ALA A 104 -21.59 -30.12 -10.08
N LEU A 105 -20.32 -30.28 -10.48
CA LEU A 105 -19.94 -31.10 -11.64
C LEU A 105 -19.02 -32.24 -11.21
N ASN A 106 -19.36 -33.43 -11.68
CA ASN A 106 -18.55 -34.66 -11.55
C ASN A 106 -18.13 -35.08 -12.97
N PRO A 107 -17.07 -34.44 -13.50
CA PRO A 107 -16.80 -34.58 -14.94
C PRO A 107 -16.36 -35.98 -15.32
N VAL A 108 -16.70 -36.39 -16.53
CA VAL A 108 -16.61 -37.80 -16.88
C VAL A 108 -15.23 -38.34 -16.99
N ASN A 109 -14.29 -37.51 -17.44
CA ASN A 109 -12.90 -37.96 -17.55
C ASN A 109 -12.06 -37.47 -16.35
N GLY A 110 -12.72 -36.85 -15.37
CA GLY A 110 -12.00 -36.28 -14.24
C GLY A 110 -11.79 -34.76 -14.25
N THR A 111 -12.03 -34.14 -15.39
CA THR A 111 -11.67 -32.74 -15.63
C THR A 111 -12.72 -32.11 -16.50
N ASN A 112 -13.29 -30.99 -16.04
CA ASN A 112 -14.21 -30.24 -16.85
C ASN A 112 -13.47 -29.18 -17.68
N ARG A 113 -13.90 -29.00 -18.92
CA ARG A 113 -13.31 -28.03 -19.81
C ARG A 113 -14.21 -26.80 -19.98
N TRP A 114 -13.66 -25.63 -19.63
CA TRP A 114 -14.35 -24.33 -19.71
C TRP A 114 -13.39 -23.39 -20.44
N ALA A 115 -13.26 -23.62 -21.74
CA ALA A 115 -12.27 -22.91 -22.54
C ALA A 115 -12.86 -21.64 -23.14
N VAL A 116 -13.01 -20.64 -22.30
CA VAL A 116 -13.68 -19.40 -22.69
C VAL A 116 -12.71 -18.22 -22.84
N SER A 117 -13.20 -17.14 -23.44
CA SER A 117 -12.51 -15.86 -23.39
C SER A 117 -13.41 -14.89 -22.61
N GLN A 118 -13.58 -13.65 -23.06
CA GLN A 118 -14.21 -12.62 -22.22
C GLN A 118 -15.72 -12.81 -22.07
N ALA A 119 -16.27 -12.24 -20.97
CA ALA A 119 -17.70 -12.26 -20.66
C ALA A 119 -18.24 -13.69 -20.64
N ALA A 120 -17.52 -14.54 -19.91
CA ALA A 120 -17.96 -15.93 -19.74
C ALA A 120 -17.74 -16.38 -18.30
N PRO A 121 -18.56 -15.85 -17.39
CA PRO A 121 -18.26 -16.07 -15.97
C PRO A 121 -18.65 -17.47 -15.46
N PHE A 122 -17.94 -17.90 -14.41
CA PHE A 122 -18.05 -19.22 -13.79
C PHE A 122 -18.18 -18.90 -12.29
N ARG A 123 -19.43 -18.94 -11.79
CA ARG A 123 -19.73 -18.48 -10.45
C ARG A 123 -20.41 -19.56 -9.61
N ARG A 124 -20.01 -19.62 -8.34
CA ARG A 124 -20.70 -20.49 -7.38
C ARG A 124 -20.83 -21.92 -7.90
N MET A 125 -19.71 -22.38 -8.42
CA MET A 125 -19.59 -23.76 -8.95
C MET A 125 -18.77 -24.63 -8.03
N HIS A 126 -19.13 -25.90 -7.97
CA HIS A 126 -18.29 -26.90 -7.32
C HIS A 126 -17.85 -27.92 -8.32
N VAL A 127 -16.57 -27.91 -8.68
CA VAL A 127 -16.01 -28.90 -9.60
C VAL A 127 -15.34 -29.99 -8.80
N LYS A 128 -15.99 -31.12 -8.75
CA LYS A 128 -15.45 -32.21 -7.97
C LYS A 128 -14.61 -32.87 -9.03
N GLY A 129 -13.34 -32.46 -9.06
CA GLY A 129 -12.47 -32.66 -10.21
C GLY A 129 -11.55 -31.51 -10.57
N GLY A 130 -10.87 -31.68 -11.69
CA GLY A 130 -10.00 -30.66 -12.24
C GLY A 130 -10.78 -29.78 -13.20
N LEU A 131 -10.18 -28.69 -13.62
CA LEU A 131 -10.86 -27.70 -14.47
C LEU A 131 -9.83 -27.21 -15.50
N ASN A 132 -10.06 -27.59 -16.73
CA ASN A 132 -9.18 -27.21 -17.85
C ASN A 132 -9.79 -25.99 -18.55
N LEU A 133 -9.04 -24.89 -18.59
CA LEU A 133 -9.50 -23.66 -19.25
C LEU A 133 -9.03 -23.53 -20.69
N ALA A 134 -8.33 -24.53 -21.19
CA ALA A 134 -7.80 -24.50 -22.57
C ALA A 134 -8.64 -25.28 -23.56
N PRO A 135 -8.81 -24.76 -24.76
CA PRO A 135 -9.49 -25.61 -25.76
C PRO A 135 -8.70 -26.89 -26.07
N ASP A 136 -9.37 -27.90 -26.61
CA ASP A 136 -8.70 -29.15 -27.05
C ASP A 136 -7.75 -28.69 -28.15
N GLY A 137 -6.48 -29.09 -28.02
CA GLY A 137 -5.43 -28.70 -28.95
C GLY A 137 -4.69 -27.44 -28.56
N TYR A 138 -5.02 -26.90 -27.38
CA TYR A 138 -4.31 -25.82 -26.70
C TYR A 138 -4.13 -24.55 -27.57
N GLY A 139 -5.10 -24.30 -28.44
CA GLY A 139 -5.17 -23.08 -29.25
C GLY A 139 -5.26 -21.81 -28.38
N TRP A 140 -5.33 -20.65 -29.00
CA TRP A 140 -5.29 -19.44 -28.23
C TRP A 140 -6.56 -19.23 -27.42
N ALA A 141 -6.43 -18.51 -26.33
CA ALA A 141 -7.55 -18.24 -25.41
C ALA A 141 -7.21 -17.03 -24.52
N SER A 142 -8.21 -16.21 -24.18
CA SER A 142 -8.01 -14.96 -23.39
C SER A 142 -9.21 -14.71 -22.49
N GLY A 143 -9.40 -15.53 -21.47
CA GLY A 143 -10.43 -15.27 -20.50
C GLY A 143 -9.87 -14.36 -19.43
N GLY A 144 -10.36 -14.42 -18.20
CA GLY A 144 -11.45 -15.27 -17.77
C GLY A 144 -11.74 -14.93 -16.31
N TYR A 145 -12.80 -15.52 -15.76
CA TYR A 145 -13.32 -15.08 -14.48
C TYR A 145 -13.94 -16.24 -13.73
N ILE A 146 -13.42 -16.51 -12.54
CA ILE A 146 -14.02 -17.48 -11.62
C ILE A 146 -14.22 -16.78 -10.30
N ALA A 147 -15.42 -16.91 -9.74
CA ALA A 147 -15.70 -16.40 -8.41
C ALA A 147 -16.53 -17.35 -7.59
N ASP A 148 -16.30 -17.30 -6.30
CA ASP A 148 -17.12 -18.03 -5.32
C ASP A 148 -17.23 -19.51 -5.67
N SER A 149 -16.14 -20.09 -6.14
CA SER A 149 -16.16 -21.50 -6.57
C SER A 149 -15.16 -22.39 -5.84
N LYS A 150 -15.47 -23.68 -5.85
CA LYS A 150 -14.58 -24.69 -5.24
C LYS A 150 -14.20 -25.69 -6.30
N ILE A 151 -12.92 -25.73 -6.65
CA ILE A 151 -12.40 -26.72 -7.58
C ILE A 151 -11.51 -27.69 -6.78
N ASP A 152 -11.97 -28.93 -6.67
CA ASP A 152 -11.30 -29.87 -5.78
C ASP A 152 -9.87 -30.21 -6.23
N GLY A 153 -9.65 -30.29 -7.53
CA GLY A 153 -8.34 -30.58 -8.07
C GLY A 153 -7.68 -29.34 -8.64
N GLU A 154 -6.92 -29.52 -9.71
CA GLU A 154 -6.08 -28.48 -10.27
C GLU A 154 -6.76 -27.75 -11.42
N VAL A 155 -6.49 -26.46 -11.50
CA VAL A 155 -6.91 -25.65 -12.64
C VAL A 155 -5.72 -25.61 -13.59
N GLY A 156 -5.99 -25.89 -14.87
CA GLY A 156 -4.96 -25.87 -15.90
C GLY A 156 -5.27 -24.77 -16.89
N PRO A 157 -4.60 -23.61 -16.76
CA PRO A 157 -4.93 -22.59 -17.76
C PRO A 157 -4.30 -22.92 -19.11
N TYR A 158 -3.17 -23.63 -19.09
CA TYR A 158 -2.37 -23.87 -20.28
C TYR A 158 -2.18 -22.60 -21.15
N SER A 159 -2.90 -22.50 -22.26
CA SER A 159 -2.69 -21.38 -23.18
C SER A 159 -3.37 -20.07 -22.76
N GLN A 160 -4.33 -20.12 -21.83
CA GLN A 160 -4.96 -18.85 -21.38
C GLN A 160 -3.94 -17.77 -21.07
N GLN A 161 -4.11 -16.60 -21.68
CA GLN A 161 -3.15 -15.51 -21.47
C GLN A 161 -3.14 -14.99 -20.07
N GLN A 162 -4.35 -14.82 -19.54
CA GLN A 162 -4.54 -14.19 -18.26
C GLN A 162 -5.81 -14.76 -17.61
N TRP A 163 -6.02 -14.44 -16.34
CA TRP A 163 -7.19 -14.96 -15.62
C TRP A 163 -7.34 -14.27 -14.29
N TYR A 164 -8.59 -14.10 -13.85
CA TYR A 164 -8.89 -13.60 -12.51
C TYR A 164 -9.78 -14.58 -11.76
N THR A 165 -9.34 -14.90 -10.55
CA THR A 165 -10.10 -15.74 -9.65
C THR A 165 -10.23 -15.01 -8.34
N ARG A 166 -11.44 -14.99 -7.81
CA ARG A 166 -11.64 -14.45 -6.46
C ARG A 166 -12.55 -15.31 -5.57
N ASP A 167 -12.28 -15.19 -4.27
CA ASP A 167 -13.12 -15.69 -3.20
C ASP A 167 -13.59 -17.12 -3.48
N SER A 168 -12.60 -17.98 -3.60
CA SER A 168 -12.75 -19.32 -4.12
C SER A 168 -11.77 -20.25 -3.41
N SER A 169 -11.83 -21.53 -3.78
CA SER A 169 -10.85 -22.52 -3.33
C SER A 169 -10.44 -23.42 -4.49
N VAL A 170 -9.14 -23.61 -4.66
CA VAL A 170 -8.61 -24.48 -5.71
C VAL A 170 -7.67 -25.54 -5.09
N GLY A 171 -7.74 -26.76 -5.60
CA GLY A 171 -6.88 -27.83 -5.12
C GLY A 171 -5.51 -27.81 -5.78
N GLY A 172 -5.34 -26.88 -6.71
CA GLY A 172 -4.12 -26.76 -7.49
C GLY A 172 -4.30 -25.67 -8.53
N TRP A 173 -3.21 -24.99 -8.87
CA TRP A 173 -3.20 -24.07 -10.00
C TRP A 173 -1.91 -24.26 -10.79
N GLY A 174 -2.06 -24.67 -12.05
CA GLY A 174 -0.94 -25.25 -12.78
C GLY A 174 0.13 -24.36 -13.42
N ASN A 175 -0.27 -23.18 -13.91
CA ASN A 175 0.67 -22.37 -14.68
C ASN A 175 0.08 -20.98 -14.91
N GLY A 176 0.98 -20.06 -15.22
CA GLY A 176 0.58 -18.70 -15.58
C GLY A 176 1.35 -18.29 -16.83
N VAL A 177 0.69 -17.50 -17.68
CA VAL A 177 1.21 -17.12 -19.02
C VAL A 177 1.62 -15.66 -18.99
N TRP A 178 0.66 -14.72 -19.00
CA TRP A 178 1.01 -13.31 -18.85
C TRP A 178 0.52 -12.66 -17.54
N ASN A 179 -0.67 -13.06 -17.04
CA ASN A 179 -1.20 -12.38 -15.85
C ASN A 179 -2.32 -13.16 -15.19
N MET A 180 -1.96 -13.97 -14.19
CA MET A 180 -2.92 -14.76 -13.44
C MET A 180 -3.03 -14.07 -12.07
N THR A 181 -4.18 -13.49 -11.80
CA THR A 181 -4.39 -12.70 -10.58
C THR A 181 -5.42 -13.40 -9.70
N PHE A 182 -5.16 -13.35 -8.40
CA PHE A 182 -5.97 -14.04 -7.41
C PHE A 182 -6.25 -13.12 -6.26
N SER A 183 -7.52 -13.06 -5.81
CA SER A 183 -7.80 -12.42 -4.54
C SER A 183 -8.74 -13.28 -3.70
N GLY A 184 -8.31 -13.56 -2.48
CA GLY A 184 -9.15 -14.34 -1.56
C GLY A 184 -9.30 -15.79 -1.99
N VAL A 185 -8.27 -16.33 -2.62
CA VAL A 185 -8.32 -17.68 -3.16
C VAL A 185 -7.51 -18.67 -2.30
N GLU A 186 -8.22 -19.56 -1.63
CA GLU A 186 -7.61 -20.63 -0.87
C GLU A 186 -6.94 -21.55 -1.85
N GLY A 187 -5.63 -21.68 -1.71
CA GLY A 187 -4.86 -22.58 -2.57
C GLY A 187 -4.24 -21.90 -3.79
N ALA A 188 -4.33 -20.58 -3.88
CA ALA A 188 -3.64 -19.87 -4.95
C ALA A 188 -2.12 -20.04 -4.78
N PRO A 189 -1.37 -20.07 -5.90
CA PRO A 189 0.09 -19.91 -5.76
C PRO A 189 0.44 -18.55 -5.16
N ALA A 190 1.50 -18.48 -4.34
CA ALA A 190 1.89 -17.22 -3.67
C ALA A 190 2.30 -16.15 -4.70
N GLN A 191 2.37 -14.90 -4.27
CA GLN A 191 2.87 -13.79 -5.08
C GLN A 191 4.25 -14.14 -5.63
N SER A 192 4.42 -14.04 -6.95
CA SER A 192 5.66 -14.43 -7.58
C SER A 192 6.09 -13.57 -8.77
N PHE A 193 5.18 -12.69 -9.21
CA PHE A 193 5.34 -11.96 -10.48
C PHE A 193 6.76 -11.41 -10.57
N PRO A 194 7.45 -11.57 -11.73
CA PRO A 194 6.86 -12.03 -13.00
C PRO A 194 6.96 -13.51 -13.44
N GLU A 195 7.74 -14.41 -12.81
CA GLU A 195 7.81 -15.80 -13.34
C GLU A 195 7.61 -16.99 -12.33
N PRO A 196 6.42 -17.63 -12.35
CA PRO A 196 5.24 -17.27 -13.12
C PRO A 196 4.63 -15.92 -12.74
N PRO A 197 3.94 -15.26 -13.68
CA PRO A 197 3.30 -13.97 -13.37
C PRO A 197 2.02 -14.16 -12.56
N TYR A 198 2.21 -14.51 -11.28
CA TYR A 198 1.10 -14.65 -10.32
C TYR A 198 1.04 -13.44 -9.44
N THR A 199 -0.11 -12.77 -9.45
CA THR A 199 -0.42 -11.66 -8.55
C THR A 199 -1.47 -12.14 -7.56
N THR A 200 -1.11 -12.18 -6.27
CA THR A 200 -1.89 -12.93 -5.30
C THR A 200 -2.11 -12.08 -4.09
N LEU A 201 -3.38 -11.78 -3.85
CA LEU A 201 -3.82 -11.06 -2.69
C LEU A 201 -4.57 -11.97 -1.76
N GLU A 202 -4.24 -11.89 -0.48
CA GLU A 202 -4.82 -12.78 0.51
C GLU A 202 -6.36 -12.65 0.56
N THR A 203 -6.87 -11.44 0.34
CA THR A 203 -8.29 -11.17 0.52
C THR A 203 -8.79 -10.20 -0.54
N THR A 204 -10.11 -10.18 -0.71
CA THR A 204 -10.79 -9.19 -1.53
C THR A 204 -11.41 -8.13 -0.59
N PRO A 205 -11.05 -6.84 -0.76
CA PRO A 205 -11.41 -5.82 0.27
C PRO A 205 -12.91 -5.71 0.57
N VAL A 206 -13.68 -5.86 -0.49
CA VAL A 206 -15.12 -5.97 -0.39
C VAL A 206 -15.57 -6.83 -1.55
N SER A 207 -16.47 -7.78 -1.30
CA SER A 207 -17.18 -8.45 -2.42
C SER A 207 -18.58 -8.76 -1.97
N ARG A 208 -19.46 -8.88 -2.94
CA ARG A 208 -20.83 -9.27 -2.61
C ARG A 208 -21.24 -10.18 -3.76
N GLU A 209 -21.62 -11.42 -3.46
CA GLU A 209 -21.89 -12.36 -4.55
C GLU A 209 -23.13 -11.95 -5.39
N LYS A 210 -23.09 -12.28 -6.65
CA LYS A 210 -24.18 -11.94 -7.56
C LYS A 210 -25.48 -12.60 -7.17
N PRO A 211 -26.57 -11.85 -7.16
CA PRO A 211 -27.85 -12.49 -6.89
C PRO A 211 -28.19 -13.55 -7.92
N PHE A 212 -28.98 -14.54 -7.54
CA PHE A 212 -29.36 -15.60 -8.46
C PHE A 212 -30.75 -16.18 -8.19
N LEU A 213 -31.35 -16.67 -9.25
CA LEU A 213 -32.67 -17.30 -9.18
C LEU A 213 -32.55 -18.71 -8.59
N TYR A 214 -33.45 -19.08 -7.68
CA TYR A 214 -33.58 -20.48 -7.36
C TYR A 214 -35.03 -20.92 -7.23
N LEU A 215 -35.21 -22.18 -6.83
CA LEU A 215 -36.50 -22.76 -6.45
C LEU A 215 -36.60 -22.98 -4.94
N ASP A 216 -37.45 -22.19 -4.26
CA ASP A 216 -37.92 -22.43 -2.89
C ASP A 216 -38.99 -23.49 -2.98
N GLY A 217 -38.60 -24.67 -2.53
CA GLY A 217 -39.39 -25.85 -2.74
C GLY A 217 -39.88 -25.87 -4.16
N ASP A 218 -41.11 -25.45 -4.28
CA ASP A 218 -41.74 -25.52 -5.57
C ASP A 218 -41.96 -24.10 -6.17
N ASP A 219 -41.39 -23.05 -5.57
CA ASP A 219 -41.59 -21.66 -6.03
C ASP A 219 -40.32 -20.88 -6.34
N TYR A 220 -40.37 -20.00 -7.34
CA TYR A 220 -39.16 -19.21 -7.66
C TYR A 220 -38.90 -18.00 -6.75
N LYS A 221 -37.61 -17.83 -6.43
CA LYS A 221 -37.08 -16.67 -5.73
C LYS A 221 -35.70 -16.29 -6.24
N VAL A 222 -35.21 -15.15 -5.73
CA VAL A 222 -33.88 -14.65 -6.02
C VAL A 222 -33.10 -14.44 -4.73
N PHE A 223 -32.05 -15.20 -4.54
CA PHE A 223 -31.18 -15.01 -3.36
C PHE A 223 -30.28 -13.78 -3.53
N VAL A 224 -30.19 -12.98 -2.48
CA VAL A 224 -29.37 -11.77 -2.44
C VAL A 224 -28.39 -11.81 -1.27
N PRO A 225 -27.20 -12.31 -1.50
CA PRO A 225 -26.23 -12.28 -0.38
C PRO A 225 -25.74 -10.90 -0.06
N ALA A 226 -25.44 -10.68 1.21
CA ALA A 226 -24.89 -9.42 1.70
C ALA A 226 -23.40 -9.44 1.43
N LYS A 227 -22.80 -8.25 1.41
CA LYS A 227 -21.35 -8.12 1.25
C LYS A 227 -20.50 -8.77 2.33
N ARG A 228 -19.30 -9.18 1.92
CA ARG A 228 -18.23 -9.46 2.89
C ARG A 228 -17.14 -8.41 2.78
N THR A 229 -16.34 -8.31 3.84
CA THR A 229 -15.23 -7.42 3.87
C THR A 229 -13.96 -8.30 4.10
N ASN A 230 -12.93 -8.05 3.31
CA ASN A 230 -11.76 -8.94 3.26
C ASN A 230 -12.16 -10.40 3.07
N ALA A 231 -12.98 -10.61 2.05
CA ALA A 231 -13.40 -11.95 1.66
C ALA A 231 -12.24 -12.89 1.34
N ARG A 232 -12.45 -14.15 1.71
CA ARG A 232 -11.56 -15.21 1.28
C ARG A 232 -12.27 -16.52 1.32
N GLY A 233 -12.11 -17.29 0.26
CA GLY A 233 -12.81 -18.57 0.14
C GLY A 233 -14.25 -18.39 -0.27
N THR A 234 -14.97 -19.49 -0.41
CA THR A 234 -16.34 -19.41 -0.91
C THR A 234 -17.33 -18.94 0.17
N SER A 235 -18.45 -18.37 -0.26
CA SER A 235 -19.48 -17.86 0.66
C SER A 235 -20.29 -18.99 1.30
N TRP A 236 -20.50 -20.01 0.46
CA TRP A 236 -21.31 -21.20 0.69
C TRP A 236 -20.54 -22.45 1.09
N GLY A 237 -19.23 -22.44 0.81
CA GLY A 237 -18.41 -23.65 0.75
C GLY A 237 -18.49 -24.49 1.96
N ASN A 238 -19.01 -23.88 3.02
CA ASN A 238 -19.44 -24.63 4.18
C ASN A 238 -20.78 -24.04 4.71
N GLY A 239 -21.90 -24.60 4.24
CA GLY A 239 -23.24 -24.23 4.74
C GLY A 239 -23.75 -22.76 4.72
N THR A 240 -24.85 -22.57 3.99
CA THR A 240 -25.76 -21.40 3.97
C THR A 240 -25.19 -20.01 4.23
N PRO A 241 -25.00 -19.20 3.15
CA PRO A 241 -24.65 -17.78 3.35
C PRO A 241 -25.77 -16.81 3.81
N GLU A 242 -25.28 -15.66 4.29
CA GLU A 242 -26.09 -14.50 4.65
C GLU A 242 -26.71 -13.88 3.39
N GLY A 243 -27.97 -13.45 3.55
CA GLY A 243 -28.71 -12.73 2.52
C GLY A 243 -30.23 -12.72 2.66
N GLU A 244 -30.95 -12.37 1.58
CA GLU A 244 -32.35 -12.74 1.45
C GLU A 244 -32.85 -13.30 0.13
N SER A 245 -34.04 -13.84 0.25
CA SER A 245 -34.76 -14.53 -0.80
C SER A 245 -35.95 -13.71 -1.15
N LEU A 246 -35.91 -13.12 -2.32
CA LEU A 246 -37.02 -12.31 -2.75
C LEU A 246 -37.89 -13.18 -3.63
N PRO A 247 -39.17 -13.40 -3.22
CA PRO A 247 -40.05 -14.24 -4.07
C PRO A 247 -40.15 -13.72 -5.46
N LEU A 248 -40.69 -14.48 -6.41
CA LEU A 248 -40.69 -13.99 -7.79
C LEU A 248 -41.78 -12.90 -7.95
N ASP A 249 -42.81 -12.94 -7.11
CA ASP A 249 -43.89 -11.95 -7.29
C ASP A 249 -43.42 -10.52 -7.00
N GLN A 250 -42.26 -10.45 -6.34
CA GLN A 250 -41.46 -9.28 -6.06
C GLN A 250 -40.81 -8.61 -7.25
N PHE A 251 -40.75 -9.34 -8.38
CA PHE A 251 -40.11 -8.86 -9.58
C PHE A 251 -41.08 -8.64 -10.70
N TYR A 252 -40.81 -7.59 -11.48
CA TYR A 252 -41.46 -7.42 -12.75
C TYR A 252 -40.63 -8.24 -13.74
N VAL A 253 -41.30 -9.16 -14.41
CA VAL A 253 -40.56 -10.11 -15.24
C VAL A 253 -40.71 -9.57 -16.65
N VAL A 254 -39.59 -9.07 -17.16
CA VAL A 254 -39.53 -8.38 -18.43
C VAL A 254 -39.30 -9.42 -19.55
N LYS A 255 -40.23 -9.44 -20.50
CA LYS A 255 -40.18 -10.31 -21.68
C LYS A 255 -40.60 -9.48 -22.88
N PRO A 256 -40.49 -10.08 -24.10
CA PRO A 256 -40.90 -9.40 -25.32
C PRO A 256 -42.26 -8.78 -25.17
N GLY A 257 -42.15 -7.49 -24.97
CA GLY A 257 -43.29 -6.59 -25.04
C GLY A 257 -42.99 -5.30 -24.30
N ALA A 258 -41.91 -5.27 -23.54
CA ALA A 258 -41.79 -4.22 -22.54
C ALA A 258 -41.24 -2.93 -23.09
N THR A 259 -41.64 -1.84 -22.46
CA THR A 259 -41.12 -0.51 -22.80
C THR A 259 -40.31 -0.01 -21.65
N ALA A 260 -39.42 0.94 -21.89
CA ALA A 260 -38.73 1.60 -20.78
C ALA A 260 -39.74 2.22 -19.81
N GLU A 261 -40.76 2.90 -20.32
CA GLU A 261 -41.78 3.56 -19.45
C GLU A 261 -42.34 2.61 -18.34
N THR A 262 -42.65 1.39 -18.77
CA THR A 262 -43.25 0.38 -17.87
C THR A 262 -42.25 -0.30 -16.90
N ILE A 263 -41.13 -0.76 -17.44
CA ILE A 263 -39.98 -1.13 -16.61
C ILE A 263 -39.80 -0.07 -15.54
N ASN A 264 -39.80 1.19 -15.93
CA ASN A 264 -39.54 2.24 -14.96
C ASN A 264 -40.71 2.44 -14.02
N ALA A 265 -41.91 2.23 -14.55
CA ALA A 265 -43.12 2.17 -13.71
C ALA A 265 -42.99 1.03 -12.69
N ALA A 266 -42.41 -0.09 -13.10
CA ALA A 266 -42.28 -1.21 -12.17
C ALA A 266 -41.40 -0.80 -10.99
N VAL A 267 -40.23 -0.26 -11.33
CA VAL A 267 -39.28 0.15 -10.33
C VAL A 267 -39.90 1.24 -9.46
N ASP A 268 -40.59 2.18 -10.09
CA ASP A 268 -41.39 3.16 -9.38
C ASP A 268 -42.22 2.41 -8.33
N GLN A 269 -43.04 1.49 -8.80
CA GLN A 269 -44.02 0.82 -7.94
C GLN A 269 -43.39 0.01 -6.77
N GLY A 270 -42.08 -0.25 -6.83
CA GLY A 270 -41.42 -1.03 -5.79
C GLY A 270 -41.03 -2.45 -6.21
N LEU A 271 -41.18 -2.76 -7.48
CA LEU A 271 -40.81 -4.08 -7.99
C LEU A 271 -39.34 -4.10 -8.39
N HIS A 272 -38.73 -5.26 -8.20
CA HIS A 272 -37.41 -5.52 -8.77
C HIS A 272 -37.58 -5.88 -10.24
N LEU A 273 -36.46 -6.05 -10.94
CA LEU A 273 -36.48 -6.42 -12.36
C LEU A 273 -35.76 -7.74 -12.65
N LEU A 274 -36.46 -8.60 -13.37
CA LEU A 274 -35.92 -9.85 -13.87
C LEU A 274 -36.10 -9.85 -15.38
N PHE A 275 -35.01 -9.65 -16.09
CA PHE A 275 -35.02 -9.68 -17.55
C PHE A 275 -34.87 -11.09 -18.11
N THR A 276 -35.91 -11.58 -18.75
CA THR A 276 -35.87 -12.89 -19.35
C THR A 276 -35.02 -12.82 -20.64
N PRO A 277 -34.46 -13.97 -21.08
CA PRO A 277 -33.53 -13.94 -22.22
C PRO A 277 -34.18 -13.41 -23.46
N GLY A 278 -33.56 -12.36 -24.02
CA GLY A 278 -34.10 -11.68 -25.17
C GLY A 278 -33.29 -10.41 -25.39
N VAL A 279 -33.74 -9.65 -26.39
CA VAL A 279 -33.16 -8.39 -26.79
C VAL A 279 -34.26 -7.32 -26.67
N TYR A 280 -34.01 -6.32 -25.81
CA TYR A 280 -34.96 -5.27 -25.49
C TYR A 280 -34.47 -3.95 -26.10
N HIS A 281 -35.23 -3.39 -27.03
CA HIS A 281 -34.92 -2.06 -27.55
C HIS A 281 -35.74 -1.01 -26.81
N VAL A 282 -35.06 -0.03 -26.21
CA VAL A 282 -35.70 1.00 -25.43
C VAL A 282 -35.64 2.36 -26.12
N ASP A 283 -36.82 3.00 -26.07
CA ASP A 283 -37.15 4.44 -26.19
C ASP A 283 -36.37 5.46 -25.35
N GLN A 284 -36.06 5.05 -24.14
CA GLN A 284 -35.67 5.97 -23.10
C GLN A 284 -34.82 5.18 -22.09
N PRO A 285 -34.07 5.90 -21.25
CA PRO A 285 -33.26 5.31 -20.19
C PRO A 285 -34.08 4.42 -19.20
N ILE A 286 -33.55 3.25 -18.89
CA ILE A 286 -34.10 2.44 -17.80
C ILE A 286 -33.52 2.99 -16.49
N GLU A 287 -34.33 3.76 -15.75
CA GLU A 287 -33.88 4.44 -14.52
C GLU A 287 -34.16 3.56 -13.29
N ILE A 288 -33.14 3.38 -12.47
CA ILE A 288 -33.30 2.67 -11.22
C ILE A 288 -32.96 3.63 -10.07
N ASP A 289 -34.01 4.16 -9.44
CA ASP A 289 -33.85 5.19 -8.41
C ASP A 289 -34.50 4.83 -7.06
N ARG A 290 -34.50 3.56 -6.75
CA ARG A 290 -35.06 3.04 -5.52
C ARG A 290 -33.96 2.19 -4.89
N ALA A 291 -33.62 2.48 -3.64
CA ALA A 291 -32.59 1.74 -2.98
C ALA A 291 -32.85 0.24 -2.96
N ASN A 292 -31.79 -0.55 -3.03
CA ASN A 292 -31.85 -2.02 -2.96
C ASN A 292 -32.50 -2.74 -4.14
N THR A 293 -32.74 -2.04 -5.22
CA THR A 293 -33.35 -2.67 -6.40
C THR A 293 -32.40 -3.66 -7.02
N VAL A 294 -32.93 -4.84 -7.32
CA VAL A 294 -32.19 -5.85 -8.05
C VAL A 294 -32.68 -5.80 -9.48
N ALA A 295 -31.72 -5.77 -10.41
CA ALA A 295 -31.99 -5.85 -11.85
C ALA A 295 -31.13 -6.95 -12.40
N LEU A 296 -31.75 -8.09 -12.68
CA LEU A 296 -31.03 -9.35 -12.89
C LEU A 296 -31.43 -9.87 -14.25
N GLY A 297 -30.44 -10.07 -15.11
CA GLY A 297 -30.65 -10.63 -16.44
C GLY A 297 -30.48 -12.13 -16.45
N LEU A 298 -31.28 -12.77 -17.29
CA LEU A 298 -31.19 -14.22 -17.49
C LEU A 298 -30.76 -14.45 -18.94
N GLY A 299 -29.87 -15.41 -19.17
CA GLY A 299 -29.58 -15.84 -20.52
C GLY A 299 -29.02 -14.76 -21.45
N LEU A 300 -28.14 -13.90 -20.91
CA LEU A 300 -27.50 -12.81 -21.68
C LEU A 300 -28.51 -11.79 -22.23
N ALA A 301 -29.57 -11.54 -21.44
CA ALA A 301 -30.51 -10.49 -21.73
C ALA A 301 -29.79 -9.22 -22.12
N THR A 302 -30.28 -8.59 -23.19
CA THR A 302 -29.55 -7.49 -23.83
C THR A 302 -30.44 -6.28 -24.01
N ILE A 303 -29.92 -5.12 -23.61
CA ILE A 303 -30.59 -3.84 -23.78
C ILE A 303 -29.93 -3.09 -24.92
N ILE A 304 -30.74 -2.64 -25.89
CA ILE A 304 -30.25 -1.73 -26.92
C ILE A 304 -30.97 -0.38 -26.80
N PRO A 305 -30.20 0.69 -26.56
CA PRO A 305 -30.83 2.02 -26.53
C PRO A 305 -30.94 2.56 -27.94
N ASP A 306 -32.11 3.04 -28.30
CA ASP A 306 -32.33 3.64 -29.60
C ASP A 306 -32.24 5.15 -29.49
N ASN A 307 -32.19 5.86 -30.62
CA ASN A 307 -32.35 7.33 -30.63
C ASN A 307 -31.26 8.05 -29.82
N GLY A 308 -30.19 7.36 -29.54
CA GLY A 308 -29.02 7.93 -28.88
C GLY A 308 -29.14 8.08 -27.38
N VAL A 309 -30.13 7.41 -26.79
CA VAL A 309 -30.23 7.53 -25.34
C VAL A 309 -29.25 6.65 -24.55
N THR A 310 -29.14 6.93 -23.25
CA THR A 310 -28.42 6.06 -22.35
C THR A 310 -29.34 4.89 -22.03
N ALA A 311 -28.77 3.70 -21.95
CA ALA A 311 -29.58 2.50 -21.72
C ALA A 311 -30.02 2.37 -20.27
N LEU A 312 -29.12 2.69 -19.34
CA LEU A 312 -29.30 2.37 -17.94
C LEU A 312 -28.78 3.50 -17.07
N LYS A 313 -29.65 4.09 -16.27
CA LYS A 313 -29.19 5.02 -15.24
C LYS A 313 -29.60 4.53 -13.86
N VAL A 314 -28.65 4.66 -12.95
CA VAL A 314 -28.87 4.29 -11.56
C VAL A 314 -28.75 5.58 -10.75
N GLY A 315 -29.80 5.92 -10.04
CA GLY A 315 -29.79 7.12 -9.22
C GLY A 315 -28.88 6.99 -8.01
N ASP A 316 -28.92 8.03 -7.18
CA ASP A 316 -27.99 8.17 -6.08
C ASP A 316 -28.67 7.53 -4.89
N VAL A 317 -28.60 6.20 -4.83
CA VAL A 317 -29.25 5.39 -3.81
C VAL A 317 -28.34 4.20 -3.43
N ASP A 318 -28.48 3.68 -2.22
CA ASP A 318 -27.78 2.50 -1.76
C ASP A 318 -28.28 1.23 -2.47
N GLY A 319 -27.39 0.26 -2.57
CA GLY A 319 -27.74 -1.13 -2.70
C GLY A 319 -28.29 -1.66 -4.00
N VAL A 320 -28.20 -0.91 -5.09
CA VAL A 320 -28.72 -1.40 -6.35
C VAL A 320 -27.75 -2.45 -6.87
N LYS A 321 -28.31 -3.57 -7.34
CA LYS A 321 -27.51 -4.69 -7.82
C LYS A 321 -27.95 -4.93 -9.23
N VAL A 322 -27.09 -4.59 -10.16
CA VAL A 322 -27.33 -4.84 -11.56
C VAL A 322 -26.45 -6.00 -11.94
N ALA A 323 -27.01 -7.05 -12.54
CA ALA A 323 -26.15 -8.10 -12.99
C ALA A 323 -26.72 -8.95 -14.14
N GLY A 324 -25.79 -9.42 -14.98
CA GLY A 324 -26.11 -10.31 -16.07
C GLY A 324 -26.84 -9.66 -17.22
N LEU A 325 -26.48 -8.40 -17.49
CA LEU A 325 -26.98 -7.71 -18.66
C LEU A 325 -25.87 -7.42 -19.66
N LEU A 326 -26.19 -7.57 -20.96
CA LEU A 326 -25.38 -7.01 -22.05
C LEU A 326 -26.06 -5.72 -22.46
N VAL A 327 -25.27 -4.68 -22.71
CA VAL A 327 -25.78 -3.45 -23.29
C VAL A 327 -25.04 -3.28 -24.62
N ASP A 328 -25.81 -3.25 -25.70
CA ASP A 328 -25.31 -3.25 -27.09
C ASP A 328 -25.70 -1.89 -27.69
N ALA A 329 -24.70 -1.11 -28.10
CA ALA A 329 -24.97 0.22 -28.61
C ALA A 329 -25.81 0.16 -29.86
N GLY A 330 -26.61 1.19 -30.07
CA GLY A 330 -27.34 1.33 -31.33
C GLY A 330 -26.52 2.13 -32.32
N PRO A 331 -26.96 2.15 -33.59
CA PRO A 331 -26.26 2.89 -34.63
C PRO A 331 -26.21 4.41 -34.39
N VAL A 332 -27.23 4.97 -33.75
CA VAL A 332 -27.15 6.38 -33.35
C VAL A 332 -26.26 6.48 -32.14
N ASN A 333 -25.32 7.40 -32.15
CA ASN A 333 -24.41 7.58 -31.03
C ASN A 333 -25.11 7.97 -29.72
N SER A 334 -24.85 7.17 -28.68
CA SER A 334 -25.21 7.52 -27.33
C SER A 334 -24.07 8.19 -26.61
N GLU A 335 -24.40 9.28 -25.95
CA GLU A 335 -23.40 10.03 -25.17
C GLU A 335 -22.86 9.19 -24.01
N THR A 336 -23.74 8.42 -23.40
CA THR A 336 -23.34 7.40 -22.44
C THR A 336 -24.24 6.17 -22.59
N LEU A 337 -23.74 4.98 -22.22
CA LEU A 337 -24.59 3.78 -22.28
C LEU A 337 -25.09 3.36 -20.91
N VAL A 338 -24.21 3.47 -19.91
CA VAL A 338 -24.56 3.17 -18.53
C VAL A 338 -24.04 4.23 -17.60
N GLU A 339 -24.92 4.77 -16.76
CA GLU A 339 -24.47 5.69 -15.70
C GLU A 339 -24.74 5.06 -14.34
N VAL A 340 -23.84 5.29 -13.38
CA VAL A 340 -24.05 4.80 -12.04
C VAL A 340 -23.90 6.03 -11.12
N GLY A 341 -25.05 6.61 -10.81
CA GLY A 341 -25.11 7.80 -10.00
C GLY A 341 -25.25 9.04 -10.85
N SER A 342 -25.74 10.12 -10.23
CA SER A 342 -25.87 11.39 -10.92
C SER A 342 -24.54 12.09 -11.14
N ASP A 343 -24.52 12.97 -12.15
CA ASP A 343 -23.36 13.80 -12.32
C ASP A 343 -23.09 14.71 -11.12
N GLY A 344 -21.92 14.51 -10.57
CA GLY A 344 -21.54 15.20 -9.36
C GLY A 344 -22.19 14.69 -8.08
N ALA A 345 -22.67 13.44 -8.09
CA ALA A 345 -23.18 12.80 -6.87
C ALA A 345 -22.05 12.72 -5.83
N SER A 346 -22.33 12.91 -4.56
CA SER A 346 -21.29 12.51 -3.57
C SER A 346 -21.73 12.20 -2.14
N GLY A 347 -22.81 11.47 -2.03
CA GLY A 347 -23.10 10.84 -0.76
C GLY A 347 -22.00 9.87 -0.37
N ASP A 348 -22.31 8.88 0.44
CA ASP A 348 -21.46 7.72 0.55
C ASP A 348 -22.46 6.57 0.60
N HIS A 349 -21.99 5.37 0.19
CA HIS A 349 -22.82 4.18 0.19
C HIS A 349 -22.04 2.99 0.73
N ALA A 350 -21.30 3.21 1.81
CA ALA A 350 -20.22 2.28 2.15
C ALA A 350 -20.77 0.98 2.72
N ALA A 351 -21.83 1.06 3.53
CA ALA A 351 -22.33 -0.14 4.18
C ALA A 351 -23.15 -0.98 3.18
N ASN A 352 -23.71 -0.33 2.17
CA ASN A 352 -24.61 -0.96 1.22
C ASN A 352 -24.43 -0.37 -0.18
N PRO A 353 -23.31 -0.71 -0.85
CA PRO A 353 -23.07 -0.03 -2.13
C PRO A 353 -23.88 -0.56 -3.28
N THR A 354 -23.84 0.15 -4.40
CA THR A 354 -24.40 -0.32 -5.65
C THR A 354 -23.30 -1.10 -6.35
N SER A 355 -23.69 -2.18 -7.03
CA SER A 355 -22.73 -3.01 -7.77
C SER A 355 -23.20 -3.32 -9.19
N LEU A 356 -22.23 -3.40 -10.08
CA LEU A 356 -22.41 -3.91 -11.43
C LEU A 356 -21.67 -5.23 -11.54
N GLN A 357 -22.39 -6.28 -11.93
CA GLN A 357 -21.85 -7.64 -11.94
C GLN A 357 -22.23 -8.34 -13.23
N ASP A 358 -21.24 -8.91 -13.93
CA ASP A 358 -21.51 -9.51 -15.26
C ASP A 358 -22.36 -8.55 -16.11
N VAL A 359 -21.97 -7.28 -16.05
CA VAL A 359 -22.44 -6.26 -16.97
C VAL A 359 -21.42 -6.13 -18.12
N PHE A 360 -21.93 -6.37 -19.33
CA PHE A 360 -21.12 -6.37 -20.54
C PHE A 360 -21.62 -5.28 -21.44
N VAL A 361 -20.69 -4.62 -22.12
CA VAL A 361 -21.06 -3.57 -23.08
C VAL A 361 -20.40 -3.91 -24.40
N ARG A 362 -21.15 -3.77 -25.49
CA ARG A 362 -20.63 -4.01 -26.83
C ARG A 362 -20.95 -2.80 -27.68
N ILE A 363 -19.96 -2.30 -28.43
CA ILE A 363 -20.17 -1.23 -29.41
C ILE A 363 -19.82 -1.76 -30.80
N GLY A 364 -20.84 -2.08 -31.56
CA GLY A 364 -20.67 -2.64 -32.91
C GLY A 364 -20.57 -4.15 -32.89
N GLY A 365 -20.44 -4.77 -34.07
CA GLY A 365 -20.21 -6.20 -34.20
C GLY A 365 -21.44 -6.91 -34.72
N ALA A 366 -22.60 -6.56 -34.15
CA ALA A 366 -23.91 -7.12 -34.56
C ALA A 366 -24.69 -6.05 -35.32
N GLY A 367 -23.95 -5.21 -36.04
CA GLY A 367 -24.48 -4.04 -36.71
C GLY A 367 -23.69 -2.83 -36.27
N PRO A 368 -23.75 -1.72 -37.04
CA PRO A 368 -23.05 -0.52 -36.58
C PRO A 368 -23.57 -0.02 -35.23
N GLY A 369 -22.63 0.38 -34.37
CA GLY A 369 -22.96 0.92 -33.07
C GLY A 369 -21.93 1.99 -32.66
N LYS A 370 -22.36 2.96 -31.85
CA LYS A 370 -21.46 4.03 -31.43
C LYS A 370 -21.85 4.55 -30.08
N ALA A 371 -20.87 4.95 -29.28
CA ALA A 371 -21.14 5.68 -28.05
C ALA A 371 -19.89 6.38 -27.58
N THR A 372 -20.05 7.54 -26.96
CA THR A 372 -18.92 8.33 -26.51
C THR A 372 -18.19 7.73 -25.33
N THR A 373 -18.94 7.50 -24.25
CA THR A 373 -18.40 6.89 -23.04
C THR A 373 -19.38 5.78 -22.67
N SER A 374 -18.87 4.58 -22.41
CA SER A 374 -19.74 3.44 -22.20
C SER A 374 -20.30 3.36 -20.79
N ILE A 375 -19.43 3.38 -19.78
CA ILE A 375 -19.91 3.40 -18.40
C ILE A 375 -19.25 4.50 -17.60
N VAL A 376 -20.10 5.32 -17.00
CA VAL A 376 -19.67 6.38 -16.11
C VAL A 376 -20.08 6.01 -14.70
N VAL A 377 -19.09 5.96 -13.81
CA VAL A 377 -19.34 5.61 -12.42
C VAL A 377 -19.19 6.86 -11.54
N ASN A 378 -20.33 7.43 -11.17
CA ASN A 378 -20.36 8.60 -10.31
C ASN A 378 -20.44 8.28 -8.81
N SER A 379 -21.19 7.24 -8.47
CA SER A 379 -21.49 6.92 -7.06
C SER A 379 -20.31 6.39 -6.28
N ASN A 380 -20.06 7.04 -5.16
CA ASN A 380 -19.04 6.59 -4.27
C ASN A 380 -19.32 5.16 -3.79
N ASP A 381 -18.25 4.42 -3.58
CA ASP A 381 -18.29 3.09 -3.00
C ASP A 381 -18.83 2.00 -3.98
N THR A 382 -19.03 2.35 -5.23
CA THR A 382 -19.56 1.39 -6.20
C THR A 382 -18.57 0.22 -6.44
N ILE A 383 -19.13 -0.99 -6.53
CA ILE A 383 -18.36 -2.19 -6.86
C ILE A 383 -18.63 -2.62 -8.30
N ILE A 384 -17.56 -2.76 -9.10
CA ILE A 384 -17.67 -3.28 -10.45
C ILE A 384 -16.95 -4.61 -10.44
N ASP A 385 -17.68 -5.69 -10.66
CA ASP A 385 -17.20 -7.03 -10.34
C ASP A 385 -17.53 -7.88 -11.52
N HIS A 386 -16.53 -8.02 -12.36
CA HIS A 386 -16.60 -8.58 -13.70
C HIS A 386 -17.39 -7.71 -14.69
N THR A 387 -16.66 -6.91 -15.46
CA THR A 387 -17.27 -6.24 -16.61
C THR A 387 -16.40 -6.45 -17.83
N TRP A 388 -17.02 -6.56 -19.00
CA TRP A 388 -16.29 -6.52 -20.30
C TRP A 388 -16.94 -5.41 -21.09
N VAL A 389 -16.14 -4.41 -21.40
CA VAL A 389 -16.58 -3.19 -22.08
C VAL A 389 -15.75 -3.19 -23.36
N TRP A 390 -16.44 -3.46 -24.46
CA TRP A 390 -15.78 -3.93 -25.68
C TRP A 390 -16.27 -3.20 -26.91
N ARG A 391 -15.38 -2.44 -27.52
CA ARG A 391 -15.65 -1.84 -28.79
C ARG A 391 -15.27 -2.91 -29.80
N ALA A 392 -16.24 -3.38 -30.57
CA ALA A 392 -16.03 -4.56 -31.42
C ALA A 392 -14.84 -4.39 -32.37
N ASP A 393 -13.98 -5.42 -32.43
CA ASP A 393 -12.87 -5.46 -33.39
C ASP A 393 -13.13 -6.33 -34.62
N HIS A 394 -14.25 -7.03 -34.66
CA HIS A 394 -14.65 -7.83 -35.81
C HIS A 394 -16.16 -7.90 -35.82
N GLY A 395 -16.72 -8.42 -36.92
CA GLY A 395 -18.17 -8.42 -37.15
C GLY A 395 -18.64 -7.46 -38.24
N GLU A 396 -19.94 -7.18 -38.27
CA GLU A 396 -20.50 -6.17 -39.20
C GLU A 396 -20.56 -4.85 -38.43
N GLY A 397 -20.42 -3.74 -39.15
CA GLY A 397 -20.59 -2.44 -38.53
C GLY A 397 -19.41 -2.03 -37.67
N VAL A 398 -18.21 -2.37 -38.12
CA VAL A 398 -17.00 -1.96 -37.40
C VAL A 398 -16.05 -1.20 -38.31
N GLY A 399 -15.31 -0.30 -37.70
CA GLY A 399 -14.46 0.61 -38.44
C GLY A 399 -14.04 1.77 -37.56
N TRP A 400 -12.89 2.35 -37.89
CA TRP A 400 -12.29 3.39 -37.05
C TRP A 400 -13.31 4.52 -36.81
N GLU A 401 -14.16 4.78 -37.78
CA GLU A 401 -15.25 5.73 -37.55
C GLU A 401 -16.63 5.04 -37.50
N THR A 402 -16.82 3.95 -38.24
CA THR A 402 -18.13 3.29 -38.29
C THR A 402 -18.64 2.84 -36.91
N ASN A 403 -17.76 2.28 -36.09
CA ASN A 403 -18.10 2.00 -34.68
C ASN A 403 -17.18 2.74 -33.72
N ARG A 404 -16.80 3.97 -34.09
CA ARG A 404 -16.06 4.82 -33.17
C ARG A 404 -16.69 4.86 -31.77
N ALA A 405 -15.86 4.68 -30.77
CA ALA A 405 -16.26 4.79 -29.38
C ALA A 405 -15.06 5.28 -28.59
N ASP A 406 -15.09 6.52 -28.14
CA ASP A 406 -13.84 7.10 -27.63
C ASP A 406 -13.39 6.58 -26.26
N TYR A 407 -14.36 6.41 -25.35
CA TYR A 407 -14.05 6.17 -23.95
C TYR A 407 -14.82 4.96 -23.40
N GLY A 408 -14.12 4.08 -22.69
CA GLY A 408 -14.78 2.88 -22.19
C GLY A 408 -15.45 3.13 -20.85
N VAL A 409 -14.64 3.32 -19.82
CA VAL A 409 -15.08 3.45 -18.48
C VAL A 409 -14.41 4.67 -17.90
N HIS A 410 -15.26 5.50 -17.29
CA HIS A 410 -14.81 6.68 -16.57
C HIS A 410 -15.27 6.62 -15.12
N VAL A 411 -14.33 6.50 -14.18
CA VAL A 411 -14.69 6.39 -12.77
C VAL A 411 -14.47 7.76 -12.18
N LYS A 412 -15.58 8.37 -11.81
CA LYS A 412 -15.60 9.79 -11.48
C LYS A 412 -15.98 10.05 -10.02
N GLY A 413 -16.27 8.97 -9.26
CA GLY A 413 -16.49 9.06 -7.83
C GLY A 413 -15.47 8.28 -6.99
N ASP A 414 -15.66 8.25 -5.65
CA ASP A 414 -14.65 7.84 -4.68
C ASP A 414 -14.86 6.43 -4.08
N ASN A 415 -13.76 5.80 -3.66
CA ASN A 415 -13.76 4.46 -3.03
C ASN A 415 -14.40 3.37 -3.91
N VAL A 416 -14.26 3.53 -5.21
CA VAL A 416 -14.79 2.56 -6.18
C VAL A 416 -13.82 1.41 -6.34
N LEU A 417 -14.35 0.21 -6.50
CA LEU A 417 -13.55 -1.02 -6.52
C LEU A 417 -13.93 -1.73 -7.77
N ALA A 418 -12.93 -2.06 -8.58
CA ALA A 418 -13.15 -2.86 -9.78
C ALA A 418 -12.37 -4.16 -9.57
N THR A 419 -13.05 -5.30 -9.63
CA THR A 419 -12.43 -6.61 -9.56
C THR A 419 -12.79 -7.31 -10.87
N GLY A 420 -11.80 -7.64 -11.68
CA GLY A 420 -12.11 -8.36 -12.92
C GLY A 420 -12.53 -7.38 -14.01
N LEU A 421 -11.65 -6.45 -14.34
CA LEU A 421 -11.98 -5.36 -15.26
C LEU A 421 -11.38 -5.63 -16.66
N PHE A 422 -12.25 -5.80 -17.67
CA PHE A 422 -11.80 -6.12 -19.03
C PHE A 422 -12.33 -4.99 -19.97
N VAL A 423 -11.48 -4.19 -20.58
CA VAL A 423 -11.94 -3.08 -21.39
C VAL A 423 -11.06 -2.96 -22.65
N GLU A 424 -11.65 -3.00 -23.84
CA GLU A 424 -10.85 -3.14 -25.07
C GLU A 424 -11.33 -2.32 -26.25
N HIS A 425 -10.31 -1.74 -26.90
CA HIS A 425 -10.33 -1.25 -28.30
C HIS A 425 -10.90 0.15 -28.50
N PHE A 426 -11.04 0.93 -27.44
CA PHE A 426 -11.57 2.29 -27.59
C PHE A 426 -10.62 3.25 -28.37
N ASN A 427 -11.23 4.24 -29.05
CA ASN A 427 -10.44 5.18 -29.88
C ASN A 427 -9.57 6.11 -29.03
N LYS A 428 -9.99 6.37 -27.79
CA LYS A 428 -9.27 7.26 -26.86
C LYS A 428 -8.95 6.44 -25.59
N TYR A 429 -9.14 7.00 -24.37
CA TYR A 429 -8.80 6.25 -23.17
C TYR A 429 -9.79 5.09 -22.90
N ASP A 430 -9.29 3.87 -22.78
CA ASP A 430 -10.16 2.74 -22.44
C ASP A 430 -10.73 2.91 -21.04
N VAL A 431 -9.86 3.19 -20.09
CA VAL A 431 -10.29 3.51 -18.72
C VAL A 431 -9.65 4.80 -18.26
N GLN A 432 -10.49 5.69 -17.70
CA GLN A 432 -10.05 6.91 -17.01
C GLN A 432 -10.59 6.95 -15.57
N TRP A 433 -9.71 7.29 -14.64
CA TRP A 433 -10.05 7.32 -13.23
C TRP A 433 -9.70 8.67 -12.66
N SER A 434 -10.73 9.36 -12.18
CA SER A 434 -10.62 10.72 -11.65
C SER A 434 -11.05 10.79 -10.17
N GLY A 435 -11.67 9.71 -9.70
CA GLY A 435 -12.14 9.66 -8.33
C GLY A 435 -11.05 9.26 -7.37
N GLU A 436 -11.29 9.38 -6.06
CA GLU A 436 -10.26 9.10 -5.07
C GLU A 436 -10.32 7.67 -4.53
N ASN A 437 -9.15 7.18 -4.11
CA ASN A 437 -8.95 5.88 -3.46
C ASN A 437 -9.59 4.75 -4.26
N GLY A 438 -9.42 4.82 -5.57
CA GLY A 438 -9.86 3.73 -6.41
C GLY A 438 -8.94 2.54 -6.22
N LYS A 439 -9.50 1.36 -6.46
CA LYS A 439 -8.80 0.06 -6.37
C LYS A 439 -9.23 -0.76 -7.59
N THR A 440 -8.25 -1.29 -8.35
CA THR A 440 -8.51 -2.27 -9.43
C THR A 440 -7.68 -3.51 -9.18
N ILE A 441 -8.38 -4.63 -9.04
CA ILE A 441 -7.77 -5.94 -8.96
C ILE A 441 -8.10 -6.70 -10.23
N PHE A 442 -7.06 -6.86 -11.05
CA PHE A 442 -7.07 -7.43 -12.39
C PHE A 442 -7.64 -6.49 -13.46
N TYR A 443 -6.78 -6.20 -14.44
CA TYR A 443 -7.19 -5.46 -15.65
C TYR A 443 -6.64 -6.12 -16.90
N GLN A 444 -7.50 -6.27 -17.90
CA GLN A 444 -7.11 -6.73 -19.23
C GLN A 444 -7.62 -5.72 -20.26
N ASN A 445 -6.68 -5.24 -21.06
CA ASN A 445 -6.96 -4.36 -22.17
C ASN A 445 -6.26 -4.83 -23.43
N ALA A 446 -6.92 -4.65 -24.57
CA ALA A 446 -6.24 -4.60 -25.87
C ALA A 446 -6.57 -3.23 -26.49
N LYS A 447 -5.59 -2.65 -27.15
CA LYS A 447 -5.81 -1.35 -27.78
C LYS A 447 -6.61 -1.50 -29.06
N ALA A 448 -7.09 -0.37 -29.57
CA ALA A 448 -7.74 -0.36 -30.85
C ALA A 448 -6.85 -0.96 -31.91
N TYR A 449 -7.39 -1.86 -32.74
CA TYR A 449 -6.57 -2.48 -33.77
C TYR A 449 -6.54 -1.65 -35.06
N ASP A 450 -7.60 -0.86 -35.27
CA ASP A 450 -7.82 -0.21 -36.56
C ASP A 450 -7.37 1.27 -36.70
N ALA A 451 -6.53 1.74 -35.77
CA ALA A 451 -6.03 3.11 -35.87
C ALA A 451 -5.32 3.22 -37.22
N PRO A 452 -5.73 4.20 -38.04
CA PRO A 452 -5.21 4.22 -39.42
C PRO A 452 -3.76 4.66 -39.51
N ASP A 453 -3.28 5.38 -38.50
CA ASP A 453 -1.96 5.98 -38.55
C ASP A 453 -1.65 6.69 -37.24
N GLN A 454 -0.39 7.06 -37.06
CA GLN A 454 0.05 7.71 -35.83
C GLN A 454 -0.71 9.02 -35.53
N ALA A 455 -1.01 9.80 -36.57
CA ALA A 455 -1.80 10.99 -36.30
C ALA A 455 -3.09 10.57 -35.64
N ALA A 456 -3.80 9.64 -36.26
CA ALA A 456 -5.15 9.25 -35.73
C ALA A 456 -5.28 9.14 -34.19
N ILE A 457 -4.16 8.99 -33.48
CA ILE A 457 -4.18 8.66 -32.05
C ILE A 457 -3.28 9.54 -31.19
N GLN A 458 -2.92 10.68 -31.73
CA GLN A 458 -2.16 11.65 -30.97
C GLN A 458 -2.98 12.21 -29.77
N ASN A 459 -2.28 12.30 -28.62
CA ASN A 459 -2.89 12.56 -27.32
C ASN A 459 -2.11 13.70 -26.72
N GLY A 460 -2.01 14.77 -27.50
CA GLY A 460 -1.19 15.90 -27.17
C GLY A 460 0.23 15.68 -27.64
N ASP A 461 1.15 15.71 -26.68
CA ASP A 461 2.55 15.43 -26.95
C ASP A 461 2.77 13.94 -26.60
N ILE A 462 1.67 13.16 -26.56
CA ILE A 462 1.71 11.71 -26.29
C ILE A 462 1.23 10.90 -27.49
N LYS A 463 1.96 9.85 -27.87
CA LYS A 463 1.51 8.97 -28.95
C LYS A 463 0.47 7.94 -28.45
N GLY A 464 -0.72 7.94 -29.04
CA GLY A 464 -1.84 7.17 -28.51
C GLY A 464 -2.28 7.53 -27.09
N TYR A 465 -3.34 6.86 -26.63
CA TYR A 465 -3.99 7.09 -25.34
C TYR A 465 -3.79 5.89 -24.44
N ALA A 466 -3.53 6.14 -23.19
CA ALA A 466 -3.35 5.04 -22.27
C ALA A 466 -4.58 4.16 -22.26
N ALA A 467 -4.36 2.88 -22.06
CA ALA A 467 -5.44 1.96 -21.71
C ALA A 467 -6.04 2.25 -20.33
N TYR A 468 -5.25 2.80 -19.42
CA TYR A 468 -5.69 2.99 -18.05
C TYR A 468 -4.99 4.25 -17.55
N LYS A 469 -5.78 5.31 -17.40
CA LYS A 469 -5.32 6.61 -16.97
C LYS A 469 -5.90 7.05 -15.63
N VAL A 470 -5.01 7.44 -14.74
CA VAL A 470 -5.38 8.08 -13.51
C VAL A 470 -5.05 9.53 -13.69
N ASP A 471 -6.02 10.41 -13.44
CA ASP A 471 -5.75 11.83 -13.61
C ASP A 471 -4.66 12.27 -12.60
N ASP A 472 -3.87 13.25 -13.04
CA ASP A 472 -2.80 13.89 -12.26
C ASP A 472 -3.20 14.27 -10.85
N SER A 473 -4.40 14.82 -10.71
CA SER A 473 -4.80 15.44 -9.44
C SER A 473 -5.23 14.40 -8.41
N VAL A 474 -5.44 13.17 -8.86
CA VAL A 474 -5.83 12.10 -7.94
C VAL A 474 -4.77 11.95 -6.83
N THR A 475 -5.20 11.89 -5.56
CA THR A 475 -4.26 11.69 -4.46
C THR A 475 -3.85 10.23 -4.21
N THR A 476 -4.83 9.30 -4.13
CA THR A 476 -4.53 7.90 -3.84
C THR A 476 -5.26 7.01 -4.90
N HIS A 477 -4.53 6.01 -5.38
CA HIS A 477 -5.06 5.01 -6.33
C HIS A 477 -4.21 3.75 -6.29
N GLU A 478 -4.86 2.59 -6.32
CA GLU A 478 -4.08 1.35 -6.33
C GLU A 478 -4.59 0.30 -7.30
N GLY A 479 -3.66 -0.29 -8.05
CA GLY A 479 -4.00 -1.30 -9.05
C GLY A 479 -3.08 -2.51 -8.99
N TRP A 480 -3.65 -3.69 -9.16
CA TRP A 480 -2.91 -4.97 -9.14
C TRP A 480 -3.21 -5.84 -10.33
N GLY A 481 -2.15 -6.29 -11.00
CA GLY A 481 -2.31 -7.34 -12.02
C GLY A 481 -2.98 -6.86 -13.31
N MET A 482 -2.26 -6.03 -14.06
CA MET A 482 -2.85 -5.26 -15.13
C MET A 482 -2.01 -5.29 -16.41
N GLY A 483 -2.68 -5.63 -17.51
CA GLY A 483 -2.02 -5.75 -18.79
C GLY A 483 -2.76 -5.04 -19.92
N SER A 484 -1.97 -4.50 -20.83
CA SER A 484 -2.49 -3.90 -22.06
C SER A 484 -1.75 -4.48 -23.28
N TYR A 485 -2.51 -4.91 -24.28
CA TYR A 485 -1.90 -5.52 -25.49
C TYR A 485 -2.22 -4.69 -26.76
N CYS A 486 -1.30 -4.70 -27.71
CA CYS A 486 -1.52 -4.02 -28.99
C CYS A 486 -1.45 -4.99 -30.18
N TYR A 487 -2.19 -4.64 -31.22
CA TYR A 487 -2.24 -5.39 -32.46
C TYR A 487 -2.73 -4.41 -33.52
N PHE A 488 -1.80 -3.54 -33.90
CA PHE A 488 -2.10 -2.50 -34.86
C PHE A 488 -1.99 -3.16 -36.23
N ASN A 489 -3.08 -3.82 -36.62
CA ASN A 489 -3.17 -4.63 -37.86
C ASN A 489 -3.23 -3.75 -39.09
N VAL A 490 -3.92 -2.63 -38.96
CA VAL A 490 -4.10 -1.71 -40.07
C VAL A 490 -2.81 -0.95 -40.36
N ASN A 491 -2.09 -0.61 -39.30
CA ASN A 491 -0.83 0.09 -39.49
C ASN A 491 0.19 -0.33 -38.42
N PRO A 492 0.96 -1.41 -38.71
CA PRO A 492 1.86 -1.91 -37.67
C PRO A 492 3.12 -1.05 -37.46
N ASP A 493 3.29 0.07 -38.17
CA ASP A 493 4.36 1.00 -37.84
C ASP A 493 4.01 1.92 -36.65
N ILE A 494 2.76 1.87 -36.21
CA ILE A 494 2.32 2.68 -35.08
C ILE A 494 3.11 2.35 -33.81
N ARG A 495 3.25 3.38 -33.00
CA ARG A 495 3.77 3.29 -31.64
C ARG A 495 2.77 3.77 -30.61
N GLN A 496 2.65 2.98 -29.55
CA GLN A 496 1.83 3.31 -28.39
C GLN A 496 2.80 3.67 -27.24
N GLN A 497 2.73 4.88 -26.71
CA GLN A 497 3.74 5.33 -25.74
C GLN A 497 3.70 4.51 -24.50
N HIS A 498 2.49 4.16 -24.03
CA HIS A 498 2.38 3.39 -22.78
C HIS A 498 1.01 2.73 -22.64
N GLY A 499 0.94 1.69 -21.78
CA GLY A 499 -0.33 1.10 -21.42
C GLY A 499 -1.05 1.89 -20.33
N PHE A 500 -0.26 2.48 -19.43
CA PHE A 500 -0.75 3.13 -18.21
C PHE A 500 -0.23 4.57 -18.06
N GLN A 501 -1.07 5.45 -17.55
CA GLN A 501 -0.61 6.79 -17.16
C GLN A 501 -1.15 7.29 -15.83
N ALA A 502 -0.26 7.84 -15.01
CA ALA A 502 -0.62 8.29 -13.64
C ALA A 502 0.39 9.29 -13.17
N PRO A 503 -0.02 10.17 -12.26
CA PRO A 503 0.99 11.00 -11.62
C PRO A 503 1.86 10.17 -10.70
N VAL A 504 3.13 10.57 -10.53
CA VAL A 504 3.99 10.03 -9.47
C VAL A 504 3.71 10.79 -8.15
N LYS A 505 3.32 9.98 -7.15
CA LYS A 505 2.72 10.44 -5.90
C LYS A 505 2.70 9.21 -5.00
N PRO A 506 3.01 9.39 -3.72
CA PRO A 506 3.25 8.20 -2.90
C PRO A 506 2.02 7.26 -2.71
N GLY A 507 0.83 7.84 -2.79
CA GLY A 507 -0.39 7.10 -2.60
C GLY A 507 -0.98 6.56 -3.90
N VAL A 508 -0.35 6.85 -5.05
CA VAL A 508 -0.71 6.26 -6.35
C VAL A 508 0.28 5.10 -6.60
N LYS A 509 -0.22 3.87 -6.47
CA LYS A 509 0.60 2.67 -6.35
C LYS A 509 0.10 1.67 -7.38
N PHE A 510 1.00 1.09 -8.18
CA PHE A 510 0.67 -0.03 -9.06
C PHE A 510 1.58 -1.22 -8.80
N HIS A 511 1.00 -2.41 -8.98
CA HIS A 511 1.67 -3.69 -8.80
C HIS A 511 1.42 -4.62 -9.95
N ASP A 512 2.52 -5.11 -10.54
CA ASP A 512 2.51 -6.11 -11.62
C ASP A 512 1.77 -5.60 -12.85
N LEU A 513 2.44 -4.69 -13.56
CA LEU A 513 2.00 -4.10 -14.81
C LEU A 513 2.72 -4.76 -15.99
N LEU A 514 2.00 -4.97 -17.07
CA LEU A 514 2.64 -5.43 -18.31
C LEU A 514 2.01 -4.88 -19.58
N VAL A 515 2.83 -4.75 -20.62
CA VAL A 515 2.35 -4.50 -21.99
C VAL A 515 2.92 -5.53 -22.94
N VAL A 516 2.15 -5.84 -23.97
CA VAL A 516 2.54 -6.85 -24.93
C VAL A 516 2.14 -6.47 -26.35
N SER A 517 3.09 -6.58 -27.28
CA SER A 517 2.78 -6.46 -28.70
C SER A 517 2.48 -7.84 -29.31
N LEU A 518 1.29 -7.97 -29.88
CA LEU A 518 0.89 -9.24 -30.47
C LEU A 518 1.42 -9.40 -31.92
N GLY A 519 2.25 -10.41 -32.16
CA GLY A 519 2.90 -10.60 -33.44
C GLY A 519 3.64 -9.37 -33.99
N GLY A 520 4.03 -8.45 -33.12
CA GLY A 520 4.89 -7.37 -33.51
C GLY A 520 4.17 -6.32 -34.33
N LYS A 521 2.83 -6.34 -34.28
CA LYS A 521 1.97 -5.39 -34.95
C LYS A 521 1.88 -4.10 -34.13
N GLY A 522 2.77 -3.15 -34.43
CA GLY A 522 2.91 -2.01 -33.55
C GLY A 522 3.78 -2.40 -32.38
N GLN A 523 4.24 -1.39 -31.63
CA GLN A 523 4.98 -1.63 -30.41
C GLN A 523 4.64 -0.58 -29.34
N TYR A 524 4.87 -0.95 -28.09
CA TYR A 524 4.83 0.01 -26.98
C TYR A 524 6.21 0.63 -26.80
N GLU A 525 6.25 1.91 -26.43
CA GLU A 525 7.51 2.58 -26.05
C GLU A 525 7.93 2.30 -24.62
N HIS A 526 6.92 2.08 -23.79
CA HIS A 526 7.09 1.98 -22.35
C HIS A 526 5.87 1.30 -21.78
N VAL A 527 5.95 0.95 -20.49
CA VAL A 527 4.82 0.34 -19.81
C VAL A 527 3.85 1.39 -19.23
N ILE A 528 4.39 2.27 -18.40
CA ILE A 528 3.61 3.33 -17.76
C ILE A 528 4.36 4.67 -17.80
N ASN A 529 3.62 5.73 -18.10
CA ASN A 529 4.23 7.03 -18.29
C ASN A 529 5.39 6.84 -19.30
N ASP A 530 6.61 7.29 -18.99
CA ASP A 530 7.78 6.92 -19.80
C ASP A 530 8.78 5.96 -19.08
N ILE A 531 8.25 5.02 -18.25
CA ILE A 531 9.01 3.97 -17.50
C ILE A 531 8.84 2.49 -18.03
N GLY A 532 9.90 1.62 -18.01
CA GLY A 532 9.79 0.11 -18.08
C GLY A 532 10.32 -1.01 -19.06
N ASP A 533 10.53 -0.59 -20.30
CA ASP A 533 11.04 -1.31 -21.50
C ASP A 533 10.04 -1.12 -22.63
N PRO A 534 10.51 -0.67 -23.81
CA PRO A 534 9.59 -0.82 -24.93
C PRO A 534 9.42 -2.29 -25.23
N THR A 535 8.37 -2.66 -25.97
CA THR A 535 8.27 -4.02 -26.48
C THR A 535 9.05 -4.12 -27.78
N SER A 536 9.75 -5.24 -27.95
CA SER A 536 10.63 -5.41 -29.09
C SER A 536 10.37 -6.74 -29.77
N GLY A 537 10.61 -6.78 -31.08
CA GLY A 537 10.61 -8.02 -31.87
C GLY A 537 9.19 -8.38 -32.30
N ASP A 538 9.03 -9.59 -32.83
CA ASP A 538 7.72 -10.10 -33.26
C ASP A 538 7.29 -11.34 -32.48
N THR A 539 7.86 -11.51 -31.29
CA THR A 539 7.67 -12.74 -30.51
C THR A 539 6.80 -12.62 -29.25
N THR A 540 6.18 -11.46 -29.07
CA THR A 540 5.10 -11.40 -28.10
C THR A 540 5.66 -11.61 -26.67
N ILE A 541 6.83 -11.03 -26.43
CA ILE A 541 7.44 -10.96 -25.09
C ILE A 541 6.82 -9.79 -24.34
N PRO A 542 6.23 -10.01 -23.15
CA PRO A 542 5.78 -8.82 -22.40
C PRO A 542 6.90 -7.92 -21.92
N SER A 543 6.63 -6.62 -21.74
CA SER A 543 7.50 -5.73 -20.98
C SER A 543 6.78 -5.35 -19.68
N GLN A 544 7.51 -5.31 -18.55
CA GLN A 544 6.89 -5.32 -17.23
C GLN A 544 7.45 -4.31 -16.30
N VAL A 545 6.58 -3.88 -15.41
CA VAL A 545 6.97 -3.07 -14.30
C VAL A 545 6.34 -3.73 -13.05
N VAL A 546 7.17 -4.16 -12.09
CA VAL A 546 6.69 -4.87 -10.90
C VAL A 546 6.03 -3.88 -9.91
N SER A 547 6.72 -2.79 -9.61
CA SER A 547 6.13 -1.71 -8.77
C SER A 547 6.20 -0.39 -9.54
N PHE A 548 5.17 0.45 -9.44
CA PHE A 548 5.28 1.85 -9.84
C PHE A 548 4.72 2.72 -8.69
N PRO A 549 5.48 3.74 -8.28
CA PRO A 549 6.92 3.39 -8.25
C PRO A 549 7.03 1.94 -7.70
N VAL B 2 -13.80 15.56 18.87
CA VAL B 2 -12.60 15.07 19.59
C VAL B 2 -12.87 13.72 20.31
N VAL B 3 -12.77 13.57 21.65
CA VAL B 3 -13.25 12.35 22.44
C VAL B 3 -12.35 11.89 23.66
N GLY B 4 -12.00 10.61 23.67
CA GLY B 4 -10.75 10.04 24.17
C GLY B 4 -10.78 8.59 23.72
N GLY B 5 -9.60 8.00 23.54
CA GLY B 5 -9.41 6.60 23.19
C GLY B 5 -10.01 5.97 21.92
N GLY B 6 -10.51 4.75 22.03
CA GLY B 6 -11.02 4.10 20.82
C GLY B 6 -9.91 3.70 19.86
N ASP B 7 -10.29 2.92 18.87
CA ASP B 7 -9.40 1.90 18.34
C ASP B 7 -8.21 2.43 17.55
N LEU B 8 -7.20 1.57 17.47
CA LEU B 8 -5.87 1.91 16.97
C LEU B 8 -5.75 2.09 15.47
N GLY B 9 -6.68 1.50 14.71
CA GLY B 9 -6.62 1.55 13.28
C GLY B 9 -6.00 0.30 12.67
N PRO B 10 -6.06 0.18 11.31
CA PRO B 10 -5.55 -0.98 10.54
C PRO B 10 -4.04 -0.98 10.29
N ASN B 11 -3.36 0.16 10.51
CA ASN B 11 -1.91 0.18 10.52
C ASN B 11 -1.25 -0.19 11.86
N VAL B 12 -2.04 -0.38 12.94
CA VAL B 12 -1.55 -1.05 14.13
C VAL B 12 -1.95 -2.54 14.07
N LEU B 13 -0.97 -3.43 13.94
CA LEU B 13 -1.16 -4.85 13.83
C LEU B 13 -0.86 -5.54 15.16
N VAL B 14 -1.88 -6.13 15.75
CA VAL B 14 -1.79 -6.66 17.08
C VAL B 14 -1.81 -8.18 16.99
N PHE B 15 -0.83 -8.79 17.65
CA PHE B 15 -0.64 -10.21 17.66
C PHE B 15 -0.76 -10.73 19.08
N ASP B 16 -1.39 -11.88 19.24
CA ASP B 16 -1.28 -12.63 20.50
C ASP B 16 -0.79 -14.03 20.14
N PRO B 17 -0.53 -14.88 21.15
CA PRO B 17 -0.21 -16.26 20.81
C PRO B 17 -1.46 -17.09 20.62
N SER B 18 -2.40 -16.54 19.86
CA SER B 18 -3.48 -17.31 19.22
C SER B 18 -3.38 -17.06 17.69
N THR B 19 -2.77 -15.92 17.31
CA THR B 19 -2.87 -15.44 15.94
C THR B 19 -2.60 -16.43 14.84
N PRO B 20 -3.54 -16.54 13.89
CA PRO B 20 -3.18 -17.33 12.71
C PRO B 20 -1.99 -16.77 11.97
N ASP B 21 -0.97 -17.59 11.72
CA ASP B 21 -0.01 -17.27 10.67
C ASP B 21 0.82 -16.05 10.99
N ILE B 22 1.28 -15.92 12.22
CA ILE B 22 2.07 -14.74 12.57
C ILE B 22 3.25 -14.53 11.58
N GLN B 23 4.05 -15.55 11.31
CA GLN B 23 5.22 -15.35 10.47
C GLN B 23 4.86 -14.92 9.05
N GLY B 24 3.72 -15.40 8.53
CA GLY B 24 3.36 -15.04 7.16
C GLY B 24 3.07 -13.56 7.12
N LYS B 25 2.42 -13.10 8.17
CA LYS B 25 1.96 -11.73 8.26
C LYS B 25 3.15 -10.81 8.44
N VAL B 26 4.04 -11.16 9.36
CA VAL B 26 5.23 -10.30 9.56
C VAL B 26 6.10 -10.27 8.31
N ASP B 27 6.27 -11.40 7.63
CA ASP B 27 7.03 -11.41 6.37
C ASP B 27 6.33 -10.63 5.23
N GLU B 28 4.99 -10.57 5.25
CA GLU B 28 4.26 -9.81 4.24
C GLU B 28 4.44 -8.28 4.39
N VAL B 29 4.55 -7.81 5.64
CA VAL B 29 4.91 -6.40 5.87
C VAL B 29 6.36 -6.16 5.39
N PHE B 30 7.30 -7.05 5.72
CA PHE B 30 8.72 -6.88 5.32
C PHE B 30 8.85 -6.86 3.79
N ARG B 31 8.08 -7.68 3.10
CA ARG B 31 8.12 -7.73 1.64
C ARG B 31 7.79 -6.37 1.06
N LYS B 32 6.73 -5.75 1.55
CA LYS B 32 6.35 -4.42 1.04
C LYS B 32 7.31 -3.35 1.48
N GLN B 33 7.73 -3.43 2.74
CA GLN B 33 8.48 -2.33 3.31
C GLN B 33 10.03 -2.48 3.22
N GLU B 34 10.54 -3.66 2.85
CA GLU B 34 12.01 -3.92 2.72
C GLU B 34 12.78 -2.84 1.97
N SER B 35 12.23 -2.50 0.84
CA SER B 35 12.85 -1.63 -0.17
C SER B 35 12.25 -0.24 -0.19
N ASN B 36 11.27 0.00 0.67
CA ASN B 36 10.36 1.14 0.54
C ASN B 36 10.91 2.33 1.33
N GLN B 37 12.03 2.88 0.87
CA GLN B 37 12.74 3.84 1.68
C GLN B 37 11.96 5.15 1.88
N PHE B 38 11.25 5.58 0.84
CA PHE B 38 10.65 6.91 0.85
C PHE B 38 9.14 6.90 0.68
N GLY B 39 8.53 5.72 0.71
CA GLY B 39 7.06 5.61 0.63
C GLY B 39 6.35 6.08 1.89
N THR B 40 5.04 6.24 1.79
CA THR B 40 4.24 6.79 2.87
C THR B 40 3.60 5.71 3.77
N ASP B 41 3.75 4.47 3.40
CA ASP B 41 3.23 3.38 4.22
C ASP B 41 3.93 3.31 5.58
N ARG B 42 3.17 2.94 6.62
CA ARG B 42 3.62 2.91 8.00
C ARG B 42 2.94 1.76 8.73
N TYR B 43 3.72 1.02 9.53
CA TYR B 43 3.15 -0.03 10.37
C TYR B 43 3.74 -0.11 11.75
N ALA B 44 2.90 -0.44 12.73
CA ALA B 44 3.36 -0.83 14.06
C ALA B 44 2.94 -2.26 14.30
N LEU B 45 3.89 -3.11 14.67
CA LEU B 45 3.63 -4.53 14.95
C LEU B 45 3.70 -4.69 16.43
N MET B 46 2.55 -4.94 17.07
CA MET B 46 2.45 -4.98 18.53
C MET B 46 2.09 -6.39 18.98
N PHE B 47 2.90 -6.91 19.89
CA PHE B 47 2.74 -8.26 20.42
C PHE B 47 2.24 -8.30 21.87
N LYS B 48 1.08 -8.92 22.07
CA LYS B 48 0.56 -9.14 23.44
C LYS B 48 1.55 -9.99 24.23
N PRO B 49 1.57 -9.86 25.57
CA PRO B 49 2.47 -10.77 26.28
C PRO B 49 2.21 -12.24 26.06
N GLY B 50 3.31 -12.94 26.24
CA GLY B 50 3.33 -14.38 26.16
C GLY B 50 4.60 -14.80 25.45
N THR B 51 4.56 -15.99 24.88
CA THR B 51 5.71 -16.66 24.33
C THR B 51 5.49 -17.03 22.87
N TYR B 52 6.32 -16.50 21.99
CA TYR B 52 6.22 -16.74 20.57
C TYR B 52 7.40 -17.57 20.12
N ASN B 53 7.12 -18.57 19.28
CA ASN B 53 8.10 -19.49 18.80
C ASN B 53 8.11 -19.45 17.28
N ASP B 54 9.22 -19.92 16.72
CA ASP B 54 9.30 -20.10 15.30
C ASP B 54 9.05 -18.76 14.59
N ILE B 55 9.66 -17.70 15.13
CA ILE B 55 9.55 -16.40 14.48
C ILE B 55 10.86 -15.74 14.18
N ASN B 56 10.86 -15.08 13.02
CA ASN B 56 12.00 -14.29 12.54
C ASN B 56 11.38 -13.03 12.05
N ALA B 57 11.42 -11.97 12.85
CA ALA B 57 10.70 -10.73 12.51
C ALA B 57 11.70 -9.83 11.79
N GLN B 58 11.75 -9.90 10.47
CA GLN B 58 12.64 -9.03 9.68
C GLN B 58 11.90 -7.65 9.55
N ILE B 59 12.61 -6.57 9.87
CA ILE B 59 12.00 -5.28 9.97
C ILE B 59 12.52 -4.40 8.82
N GLY B 60 11.61 -3.93 7.96
CA GLY B 60 11.93 -2.98 6.92
C GLY B 60 11.69 -1.55 7.28
N PHE B 61 11.64 -0.68 6.26
CA PHE B 61 11.28 0.72 6.44
C PHE B 61 9.92 1.03 7.08
N TYR B 62 9.96 1.94 8.05
CA TYR B 62 8.78 2.52 8.66
C TYR B 62 7.96 1.44 9.35
N THR B 63 8.68 0.56 10.03
CA THR B 63 8.08 -0.53 10.79
C THR B 63 8.64 -0.46 12.21
N SER B 64 7.74 -0.33 13.17
CA SER B 64 8.08 -0.48 14.58
C SER B 64 7.61 -1.86 15.07
N ILE B 65 8.36 -2.45 15.97
CA ILE B 65 7.92 -3.73 16.59
C ILE B 65 8.12 -3.58 18.09
N ALA B 66 7.15 -4.03 18.86
CA ALA B 66 7.20 -3.89 20.31
C ALA B 66 6.32 -4.89 21.00
N GLY B 67 6.67 -5.15 22.25
CA GLY B 67 5.84 -5.90 23.17
C GLY B 67 4.90 -4.96 23.94
N LEU B 68 3.82 -5.54 24.46
CA LEU B 68 2.78 -4.80 25.17
C LEU B 68 2.71 -5.23 26.64
N GLY B 69 3.79 -5.82 27.13
CA GLY B 69 3.96 -6.02 28.56
C GLY B 69 4.37 -4.73 29.25
N LEU B 70 4.15 -4.66 30.56
CA LEU B 70 4.75 -3.63 31.43
C LEU B 70 6.27 -3.83 31.43
N ASN B 71 6.71 -5.07 31.22
CA ASN B 71 8.14 -5.45 31.27
C ASN B 71 8.60 -6.26 30.04
N PRO B 72 9.90 -6.17 29.67
CA PRO B 72 10.29 -6.79 28.39
C PRO B 72 10.13 -8.32 28.40
N ASP B 73 10.48 -8.92 29.52
CA ASP B 73 10.39 -10.39 29.62
C ASP B 73 8.93 -10.92 29.61
N ASP B 74 7.94 -10.04 29.75
CA ASP B 74 6.55 -10.46 29.54
C ASP B 74 6.25 -10.90 28.12
N THR B 75 7.05 -10.42 27.18
CA THR B 75 6.80 -10.72 25.78
C THR B 75 8.09 -11.25 25.18
N THR B 76 8.14 -12.58 25.01
CA THR B 76 9.35 -13.28 24.64
C THR B 76 9.21 -13.94 23.32
N PHE B 77 10.23 -13.73 22.51
CA PHE B 77 10.35 -14.40 21.24
C PHE B 77 11.43 -15.46 21.36
N ASN B 78 11.06 -16.69 21.01
CA ASN B 78 12.06 -17.71 20.71
C ASN B 78 12.30 -17.62 19.24
N GLY B 79 13.21 -16.72 18.93
CA GLY B 79 13.35 -16.21 17.59
C GLY B 79 14.00 -14.86 17.63
N ASP B 80 13.81 -14.10 16.56
CA ASP B 80 14.65 -12.96 16.26
C ASP B 80 13.84 -11.76 15.81
N VAL B 81 14.44 -10.59 16.05
CA VAL B 81 14.01 -9.33 15.44
C VAL B 81 15.21 -8.88 14.60
N THR B 82 15.11 -9.03 13.29
CA THR B 82 16.26 -8.98 12.41
C THR B 82 16.18 -7.77 11.49
N VAL B 83 17.26 -7.01 11.44
CA VAL B 83 17.49 -6.10 10.33
C VAL B 83 18.77 -6.51 9.66
N ASP B 84 18.67 -6.73 8.35
CA ASP B 84 19.81 -7.09 7.53
C ASP B 84 19.95 -6.15 6.29
N ALA B 85 21.09 -6.22 5.61
CA ALA B 85 21.40 -5.28 4.50
C ALA B 85 21.57 -5.96 3.13
N GLY B 86 20.64 -6.83 2.81
CA GLY B 86 20.70 -7.60 1.59
C GLY B 86 20.07 -6.84 0.46
N TRP B 87 19.21 -5.87 0.77
CA TRP B 87 18.50 -5.11 -0.25
C TRP B 87 19.38 -4.09 -0.94
N PHE B 88 20.47 -3.68 -0.27
CA PHE B 88 21.38 -2.64 -0.75
C PHE B 88 22.76 -3.23 -0.87
N ASP B 89 22.85 -4.38 -1.51
CA ASP B 89 24.15 -4.86 -1.90
C ASP B 89 25.07 -5.25 -0.66
N GLY B 90 24.50 -5.54 0.53
CA GLY B 90 25.30 -5.83 1.73
C GLY B 90 25.58 -4.58 2.57
N ASN B 91 25.15 -3.44 2.03
CA ASN B 91 25.41 -2.11 2.58
C ASN B 91 24.28 -1.69 3.50
N ALA B 92 24.56 -1.42 4.78
CA ALA B 92 23.51 -1.13 5.77
C ALA B 92 23.33 0.38 6.01
N THR B 93 23.96 1.22 5.19
CA THR B 93 23.99 2.66 5.49
C THR B 93 22.75 3.41 5.06
N GLN B 94 21.76 2.70 4.53
CA GLN B 94 20.46 3.30 4.33
C GLN B 94 19.37 2.57 5.14
N ASN B 95 19.78 1.83 6.17
CA ASN B 95 18.78 1.12 7.00
C ASN B 95 18.26 2.02 8.11
N PHE B 96 17.32 2.86 7.70
CA PHE B 96 16.77 3.93 8.53
C PHE B 96 15.33 3.68 8.99
N TRP B 97 14.89 4.46 9.97
CA TRP B 97 13.44 4.69 10.26
C TRP B 97 12.68 3.41 10.64
N ARG B 98 13.13 2.76 11.71
CA ARG B 98 12.46 1.56 12.20
C ARG B 98 12.79 1.42 13.69
N SER B 99 12.16 0.51 14.41
CA SER B 99 12.43 0.49 15.85
C SER B 99 12.01 -0.83 16.46
N ALA B 100 12.65 -1.16 17.57
CA ALA B 100 12.28 -2.32 18.41
C ALA B 100 12.23 -1.89 19.86
N GLU B 101 11.16 -2.28 20.56
CA GLU B 101 11.02 -1.93 21.98
C GLU B 101 10.29 -2.99 22.81
N ASN B 102 10.75 -3.16 24.04
CA ASN B 102 9.98 -3.86 25.09
C ASN B 102 9.67 -5.31 24.77
N LEU B 103 10.72 -6.01 24.33
CA LEU B 103 10.68 -7.42 23.97
C LEU B 103 11.92 -8.15 24.55
N ALA B 104 11.73 -9.44 24.83
CA ALA B 104 12.84 -10.34 25.12
C ALA B 104 13.06 -11.23 23.90
N LEU B 105 14.30 -11.39 23.49
CA LEU B 105 14.65 -12.24 22.38
C LEU B 105 15.57 -13.39 22.82
N ASN B 106 15.23 -14.58 22.36
CA ASN B 106 16.04 -15.78 22.50
C ASN B 106 16.44 -16.20 21.07
N PRO B 107 17.49 -15.59 20.56
CA PRO B 107 17.76 -15.72 19.12
C PRO B 107 18.15 -17.13 18.72
N VAL B 108 17.69 -17.51 17.54
CA VAL B 108 17.68 -18.90 17.16
C VAL B 108 19.06 -19.51 16.95
N ASN B 109 20.06 -18.65 16.70
CA ASN B 109 21.45 -19.09 16.73
C ASN B 109 22.20 -18.49 17.91
N GLY B 110 21.50 -17.92 18.87
CA GLY B 110 22.18 -17.33 20.00
C GLY B 110 22.66 -15.90 19.78
N THR B 111 22.49 -15.39 18.55
CA THR B 111 22.86 -14.01 18.22
C THR B 111 21.80 -13.34 17.36
N ASN B 112 21.26 -12.23 17.88
CA ASN B 112 20.29 -11.44 17.14
C ASN B 112 21.01 -10.39 16.30
N ARG B 113 20.55 -10.17 15.08
CA ARG B 113 21.15 -9.18 14.18
C ARG B 113 20.24 -7.91 14.04
N TRP B 114 20.75 -6.74 14.42
CA TRP B 114 20.08 -5.45 14.21
C TRP B 114 21.10 -4.56 13.47
N ALA B 115 21.27 -4.81 12.17
CA ALA B 115 22.25 -4.13 11.36
C ALA B 115 21.65 -2.87 10.74
N VAL B 116 21.62 -1.83 11.54
CA VAL B 116 20.91 -0.59 11.20
C VAL B 116 21.84 0.58 11.07
N SER B 117 21.38 1.66 10.44
CA SER B 117 22.05 2.94 10.55
C SER B 117 21.16 3.90 11.32
N GLN B 118 20.99 5.15 10.88
CA GLN B 118 20.37 6.16 11.73
C GLN B 118 18.87 5.99 11.90
N ALA B 119 18.34 6.53 12.99
CA ALA B 119 16.89 6.55 13.33
C ALA B 119 16.31 5.14 13.37
N ALA B 120 17.06 4.27 14.02
CA ALA B 120 16.65 2.88 14.25
C ALA B 120 16.85 2.51 15.71
N PRO B 121 16.03 3.07 16.60
CA PRO B 121 16.23 2.82 18.04
C PRO B 121 15.88 1.38 18.52
N PHE B 122 16.55 0.98 19.60
CA PHE B 122 16.45 -0.38 20.19
C PHE B 122 16.41 -0.06 21.68
N ARG B 123 15.20 -0.10 22.24
CA ARG B 123 14.95 0.37 23.61
C ARG B 123 14.26 -0.68 24.47
N ARG B 124 14.55 -0.66 25.77
CA ARG B 124 14.16 -1.70 26.75
C ARG B 124 13.88 -3.05 26.14
N MET B 125 14.95 -3.56 25.52
CA MET B 125 15.04 -4.92 25.00
C MET B 125 15.83 -5.78 25.97
N HIS B 126 15.48 -7.04 26.00
CA HIS B 126 16.30 -8.08 26.69
C HIS B 126 16.71 -9.12 25.68
N VAL B 127 17.98 -9.13 25.31
CA VAL B 127 18.53 -10.14 24.41
C VAL B 127 19.24 -11.25 25.17
N LYS B 128 18.66 -12.45 25.10
CA LYS B 128 19.19 -13.63 25.81
C LYS B 128 20.19 -14.32 24.90
N GLY B 129 21.24 -13.58 24.53
CA GLY B 129 22.28 -14.03 23.63
C GLY B 129 23.12 -12.84 23.22
N GLY B 130 23.61 -12.88 22.01
CA GLY B 130 24.50 -11.84 21.54
C GLY B 130 23.76 -10.93 20.60
N LEU B 131 24.39 -9.79 20.26
CA LEU B 131 23.79 -8.81 19.35
C LEU B 131 24.85 -8.43 18.31
N ASN B 132 24.52 -8.76 17.09
CA ASN B 132 25.31 -8.48 15.92
C ASN B 132 24.76 -7.21 15.27
N LEU B 133 25.58 -6.16 15.25
CA LEU B 133 25.15 -4.86 14.68
C LEU B 133 25.55 -4.68 13.21
N ALA B 134 26.26 -5.61 12.60
CA ALA B 134 26.71 -5.43 11.20
C ALA B 134 25.92 -6.38 10.32
N PRO B 135 25.71 -6.03 9.05
CA PRO B 135 25.01 -6.93 8.13
C PRO B 135 25.82 -8.17 7.86
N ASP B 136 25.17 -9.22 7.40
CA ASP B 136 25.86 -10.44 7.04
C ASP B 136 26.90 -10.06 6.02
N GLY B 137 28.15 -10.44 6.29
CA GLY B 137 29.30 -10.08 5.47
C GLY B 137 30.03 -8.76 5.75
N TYR B 138 29.61 -8.04 6.81
CA TYR B 138 30.40 -6.97 7.43
C TYR B 138 30.49 -5.64 6.66
N GLY B 139 29.78 -5.57 5.54
CA GLY B 139 29.59 -4.32 4.80
C GLY B 139 29.33 -3.05 5.64
N TRP B 140 29.26 -1.94 4.93
CA TRP B 140 29.15 -0.63 5.55
C TRP B 140 27.92 -0.45 6.48
N ALA B 141 28.13 0.23 7.60
CA ALA B 141 27.03 0.49 8.52
C ALA B 141 27.33 1.73 9.39
N SER B 142 26.30 2.53 9.62
CA SER B 142 26.47 3.81 10.31
C SER B 142 25.35 4.08 11.35
N GLY B 143 25.38 3.29 12.41
CA GLY B 143 24.40 3.38 13.49
C GLY B 143 24.80 4.42 14.51
N GLY B 144 24.22 4.43 15.70
CA GLY B 144 23.21 3.54 16.19
C GLY B 144 22.89 3.93 17.63
N TYR B 145 21.84 3.32 18.18
CA TYR B 145 21.27 3.78 19.45
C TYR B 145 20.65 2.64 20.23
N ILE B 146 21.20 2.36 21.41
CA ILE B 146 20.63 1.35 22.33
C ILE B 146 20.44 2.04 23.66
N ALA B 147 19.25 1.89 24.23
CA ALA B 147 19.00 2.40 25.57
C ALA B 147 18.11 1.47 26.39
N ASP B 148 18.32 1.53 27.70
CA ASP B 148 17.52 0.81 28.68
C ASP B 148 17.43 -0.68 28.35
N SER B 149 18.50 -1.27 27.83
CA SER B 149 18.49 -2.68 27.39
C SER B 149 19.52 -3.53 28.12
N LYS B 150 19.24 -4.82 28.12
CA LYS B 150 20.12 -5.82 28.77
C LYS B 150 20.47 -6.83 27.68
N ILE B 151 21.75 -6.86 27.28
CA ILE B 151 22.24 -7.82 26.29
C ILE B 151 23.05 -8.82 27.11
N ASP B 152 22.64 -10.08 27.15
CA ASP B 152 23.27 -11.01 28.09
C ASP B 152 24.71 -11.40 27.71
N GLY B 153 25.00 -11.52 26.43
CA GLY B 153 26.36 -11.78 26.02
C GLY B 153 26.90 -10.60 25.26
N GLU B 154 27.44 -10.89 24.10
CA GLU B 154 28.20 -9.92 23.36
C GLU B 154 27.39 -9.01 22.48
N VAL B 155 27.81 -7.76 22.42
CA VAL B 155 27.42 -6.85 21.36
C VAL B 155 28.61 -6.74 20.45
N GLY B 156 28.38 -7.08 19.18
CA GLY B 156 29.45 -7.07 18.20
C GLY B 156 29.16 -5.99 17.14
N PRO B 157 29.91 -4.88 17.18
CA PRO B 157 29.60 -3.86 16.15
C PRO B 157 30.24 -4.14 14.80
N TYR B 158 31.33 -4.92 14.81
CA TYR B 158 32.12 -5.18 13.61
C TYR B 158 32.41 -3.87 12.79
N SER B 159 31.79 -3.75 11.63
CA SER B 159 31.93 -2.59 10.73
C SER B 159 31.22 -1.29 11.13
N GLN B 160 30.36 -1.32 12.14
CA GLN B 160 29.68 -0.09 12.57
C GLN B 160 30.67 1.03 12.87
N GLN B 161 30.47 2.19 12.23
CA GLN B 161 31.45 3.25 12.41
C GLN B 161 31.47 3.76 13.82
N GLN B 162 30.26 3.92 14.36
CA GLN B 162 30.09 4.56 15.65
C GLN B 162 28.82 4.02 16.29
N TRP B 163 28.61 4.32 17.56
CA TRP B 163 27.44 3.83 18.27
C TRP B 163 27.28 4.54 19.62
N TYR B 164 26.02 4.69 20.09
CA TYR B 164 25.79 5.23 21.42
C TYR B 164 24.92 4.25 22.17
N THR B 165 25.36 3.91 23.38
CA THR B 165 24.61 3.04 24.26
C THR B 165 24.47 3.76 25.59
N ARG B 166 23.23 3.79 26.09
CA ARG B 166 23.02 4.32 27.46
C ARG B 166 22.14 3.49 28.35
N ASP B 167 22.47 3.57 29.63
CA ASP B 167 21.65 3.07 30.73
C ASP B 167 21.14 1.66 30.45
N SER B 168 22.11 0.78 30.35
CA SER B 168 21.94 -0.56 29.83
C SER B 168 22.93 -1.47 30.54
N SER B 169 22.88 -2.74 30.17
CA SER B 169 23.84 -3.75 30.64
C SER B 169 24.26 -4.62 29.45
N VAL B 170 25.55 -4.87 29.29
CA VAL B 170 26.05 -5.75 28.24
C VAL B 170 27.03 -6.78 28.81
N GLY B 171 27.15 -7.93 28.15
CA GLY B 171 28.09 -8.97 28.57
C GLY B 171 29.45 -8.91 27.91
N GLY B 172 29.82 -7.72 27.44
CA GLY B 172 30.99 -7.54 26.58
C GLY B 172 30.62 -6.76 25.35
N TRP B 173 31.67 -6.25 24.73
CA TRP B 173 31.59 -5.33 23.62
C TRP B 173 32.81 -5.66 22.76
N GLY B 174 32.56 -5.96 21.49
CA GLY B 174 33.56 -6.58 20.66
C GLY B 174 34.64 -5.64 20.15
N ASN B 175 34.24 -4.47 19.66
CA ASN B 175 35.15 -3.62 18.89
C ASN B 175 34.48 -2.30 18.65
N GLY B 176 35.16 -1.39 17.94
CA GLY B 176 34.58 -0.07 17.77
C GLY B 176 34.41 0.38 16.31
N VAL B 177 35.43 1.13 15.88
CA VAL B 177 35.80 1.59 14.53
C VAL B 177 36.25 3.05 14.73
N TRP B 178 35.30 4.00 14.73
CA TRP B 178 35.62 5.41 14.98
C TRP B 178 35.17 6.03 16.32
N ASN B 179 33.99 5.65 16.82
CA ASN B 179 33.43 6.33 18.02
C ASN B 179 32.31 5.55 18.66
N MET B 180 32.66 4.82 19.71
CA MET B 180 31.70 4.02 20.45
C MET B 180 31.65 4.69 21.81
N THR B 181 30.49 5.28 22.12
CA THR B 181 30.25 6.04 23.36
C THR B 181 29.22 5.34 24.25
N PHE B 182 29.45 5.42 25.55
CA PHE B 182 28.64 4.70 26.52
C PHE B 182 28.38 5.67 27.68
N SER B 183 27.14 5.74 28.17
CA SER B 183 26.87 6.44 29.40
C SER B 183 25.93 5.59 30.25
N GLY B 184 26.36 5.30 31.47
CA GLY B 184 25.58 4.45 32.34
C GLY B 184 25.47 3.01 31.91
N VAL B 185 26.49 2.50 31.25
CA VAL B 185 26.40 1.14 30.71
C VAL B 185 27.26 0.14 31.49
N GLU B 186 26.61 -0.85 32.08
CA GLU B 186 27.36 -1.85 32.80
C GLU B 186 27.89 -2.88 31.81
N GLY B 187 29.18 -3.12 31.91
CA GLY B 187 29.90 -3.99 30.98
C GLY B 187 30.58 -3.21 29.89
N ALA B 188 30.42 -1.88 29.86
CA ALA B 188 31.11 -1.11 28.82
C ALA B 188 32.62 -1.28 29.03
N PRO B 189 33.40 -1.52 27.96
CA PRO B 189 34.83 -1.34 28.31
C PRO B 189 35.18 0.07 28.82
N ALA B 190 36.25 0.19 29.61
CA ALA B 190 36.59 1.48 30.22
C ALA B 190 36.92 2.51 29.18
N GLN B 191 37.04 3.76 29.63
CA GLN B 191 37.51 4.87 28.81
C GLN B 191 38.87 4.47 28.20
N SER B 192 39.08 4.73 26.89
CA SER B 192 40.34 4.34 26.24
C SER B 192 40.66 5.09 24.95
N PHE B 193 39.84 6.09 24.61
CA PHE B 193 40.00 6.81 23.32
C PHE B 193 41.45 7.31 23.29
N PRO B 194 42.10 7.27 22.14
CA PRO B 194 41.57 6.92 20.82
C PRO B 194 41.57 5.48 20.40
N GLU B 195 42.24 4.61 21.12
CA GLU B 195 42.40 3.28 20.54
C GLU B 195 42.40 2.16 21.64
N PRO B 196 41.26 1.42 21.78
CA PRO B 196 40.03 1.61 20.99
C PRO B 196 39.37 2.98 21.26
N PRO B 197 38.49 3.42 20.36
CA PRO B 197 38.05 4.81 20.60
C PRO B 197 36.78 4.82 21.50
N TYR B 198 36.90 4.25 22.68
CA TYR B 198 35.77 4.11 23.59
C TYR B 198 35.71 5.33 24.47
N THR B 199 34.55 6.00 24.43
CA THR B 199 34.25 7.11 25.33
C THR B 199 33.25 6.60 26.33
N THR B 200 33.67 6.59 27.60
CA THR B 200 32.98 5.84 28.63
C THR B 200 32.69 6.72 29.85
N LEU B 201 31.39 6.97 30.10
CA LEU B 201 30.87 7.73 31.25
C LEU B 201 30.14 6.78 32.16
N GLU B 202 30.43 6.84 33.45
CA GLU B 202 29.83 5.91 34.41
C GLU B 202 28.32 6.09 34.51
N THR B 203 27.84 7.31 34.39
CA THR B 203 26.40 7.57 34.49
C THR B 203 25.96 8.59 33.44
N THR B 204 24.67 8.57 33.08
CA THR B 204 24.07 9.67 32.32
C THR B 204 23.54 10.69 33.32
N PRO B 205 23.87 11.99 33.16
CA PRO B 205 23.52 12.92 34.24
C PRO B 205 22.01 13.05 34.46
N VAL B 206 21.25 13.01 33.36
CA VAL B 206 19.79 12.90 33.46
C VAL B 206 19.27 12.10 32.27
N SER B 207 18.37 11.21 32.55
CA SER B 207 17.64 10.56 31.47
C SER B 207 16.23 10.48 31.97
N ARG B 208 15.38 9.88 31.13
CA ARG B 208 13.98 9.59 31.45
C ARG B 208 13.49 8.73 30.29
N GLU B 209 13.12 7.48 30.60
CA GLU B 209 12.87 6.53 29.53
C GLU B 209 11.64 6.90 28.70
N LYS B 210 11.66 6.45 27.45
CA LYS B 210 10.61 6.84 26.50
C LYS B 210 9.25 6.19 26.86
N PRO B 211 8.19 7.01 26.91
CA PRO B 211 6.83 6.44 27.07
C PRO B 211 6.47 5.35 26.05
N PHE B 212 5.64 4.38 26.43
CA PHE B 212 5.28 3.33 25.52
C PHE B 212 3.90 2.73 25.82
N LEU B 213 3.25 2.28 24.76
CA LEU B 213 1.96 1.61 24.83
C LEU B 213 2.14 0.19 25.41
N TYR B 214 1.23 -0.20 26.30
CA TYR B 214 1.17 -1.60 26.77
C TYR B 214 -0.28 -1.99 27.10
N LEU B 215 -0.54 -3.16 27.68
CA LEU B 215 -1.96 -3.62 27.82
C LEU B 215 -2.91 -3.68 29.08
N ASP B 216 -2.47 -3.29 30.29
CA ASP B 216 -3.09 -3.63 31.60
C ASP B 216 -4.26 -4.58 31.48
N GLY B 217 -4.07 -5.83 31.94
CA GLY B 217 -4.90 -6.93 31.50
C GLY B 217 -5.26 -6.72 30.05
N ASP B 218 -6.47 -6.22 29.84
CA ASP B 218 -6.98 -5.87 28.50
C ASP B 218 -7.17 -4.41 28.22
N ASP B 219 -6.82 -3.56 29.19
CA ASP B 219 -6.89 -2.11 29.04
C ASP B 219 -5.63 -1.52 28.34
N TYR B 220 -5.75 -0.90 27.16
CA TYR B 220 -4.55 -0.28 26.57
C TYR B 220 -4.18 0.96 27.43
N LYS B 221 -2.92 1.05 27.85
CA LYS B 221 -2.41 2.22 28.56
C LYS B 221 -1.06 2.64 27.95
N VAL B 222 -0.64 3.86 28.26
CA VAL B 222 0.70 4.29 27.95
C VAL B 222 1.47 4.43 29.29
N PHE B 223 2.61 3.76 29.37
CA PHE B 223 3.47 3.88 30.52
C PHE B 223 4.42 5.05 30.36
N VAL B 224 4.54 5.89 31.40
CA VAL B 224 5.37 7.08 31.35
C VAL B 224 6.42 7.00 32.45
N PRO B 225 7.60 6.46 32.12
CA PRO B 225 8.66 6.31 33.13
C PRO B 225 9.07 7.65 33.74
N ALA B 226 9.40 7.62 35.04
CA ALA B 226 9.88 8.79 35.74
C ALA B 226 11.37 8.94 35.43
N LYS B 227 11.98 10.02 35.89
CA LYS B 227 13.36 10.31 35.46
C LYS B 227 14.31 9.78 36.48
N ARG B 228 15.46 9.30 35.99
CA ARG B 228 16.65 9.12 36.79
C ARG B 228 17.68 10.23 36.63
N THR B 229 18.25 10.56 37.77
CA THR B 229 19.47 11.32 37.80
C THR B 229 20.68 10.39 38.06
N ASN B 230 21.78 10.57 37.31
CA ASN B 230 22.92 9.65 37.38
C ASN B 230 22.51 8.18 37.15
N ALA B 231 21.83 8.00 36.03
CA ALA B 231 21.37 6.71 35.56
C ALA B 231 22.56 5.82 35.19
N ARG B 232 22.45 4.56 35.57
CA ARG B 232 23.39 3.54 35.18
C ARG B 232 22.64 2.22 35.31
N GLY B 233 22.58 1.44 34.23
CA GLY B 233 21.81 0.20 34.20
C GLY B 233 20.35 0.44 33.79
N THR B 234 19.57 -0.62 33.69
CA THR B 234 18.21 -0.50 33.17
C THR B 234 17.24 -0.08 34.27
N SER B 235 16.21 0.63 33.86
CA SER B 235 15.15 1.07 34.74
C SER B 235 14.23 -0.06 35.19
N TRP B 236 14.31 -1.20 34.53
CA TRP B 236 13.41 -2.30 34.81
C TRP B 236 14.28 -3.34 35.52
N GLY B 237 13.87 -4.57 35.49
CA GLY B 237 14.71 -5.57 36.12
C GLY B 237 14.00 -5.71 37.47
N ASN B 238 14.02 -4.68 38.32
CA ASN B 238 13.22 -4.79 39.53
C ASN B 238 11.94 -3.99 39.91
N GLY B 239 10.83 -3.89 39.14
CA GLY B 239 9.58 -3.51 39.82
C GLY B 239 8.44 -2.61 39.35
N THR B 240 7.36 -2.66 40.18
CA THR B 240 6.09 -1.85 40.13
C THR B 240 6.23 -0.43 39.65
N PRO B 241 6.04 -0.25 38.36
CA PRO B 241 7.08 0.63 37.85
C PRO B 241 7.11 2.07 38.31
N GLU B 242 8.32 2.57 38.09
CA GLU B 242 8.66 3.95 38.38
C GLU B 242 8.47 4.83 37.11
N GLY B 243 7.47 5.73 37.23
CA GLY B 243 6.60 6.16 36.14
C GLY B 243 5.09 6.15 36.55
N GLU B 244 4.19 6.54 35.62
CA GLU B 244 2.73 6.34 35.82
C GLU B 244 1.98 5.88 34.51
N SER B 245 0.69 5.53 34.65
CA SER B 245 -0.17 5.06 33.51
C SER B 245 -1.24 6.05 33.14
N LEU B 246 -1.33 6.28 31.82
CA LEU B 246 -2.31 7.13 31.21
C LEU B 246 -3.24 6.27 30.34
N PRO B 247 -4.45 5.92 30.87
CA PRO B 247 -5.44 5.10 30.17
C PRO B 247 -5.64 5.61 28.75
N LEU B 248 -5.57 4.74 27.76
CA LEU B 248 -5.87 5.08 26.38
C LEU B 248 -7.00 6.14 26.21
N ASP B 249 -7.97 6.22 27.13
CA ASP B 249 -9.01 7.27 27.03
C ASP B 249 -8.56 8.64 27.57
N GLN B 250 -7.27 8.80 27.79
CA GLN B 250 -6.67 10.08 28.12
C GLN B 250 -6.00 10.62 26.84
N PHE B 251 -6.09 9.85 25.75
CA PHE B 251 -5.43 10.21 24.47
C PHE B 251 -6.41 10.46 23.33
N TYR B 252 -6.20 11.51 22.56
CA TYR B 252 -6.78 11.61 21.23
C TYR B 252 -5.99 10.64 20.36
N VAL B 253 -6.65 9.57 19.92
CA VAL B 253 -6.01 8.63 18.97
C VAL B 253 -6.08 9.26 17.61
N VAL B 254 -4.95 9.86 17.23
CA VAL B 254 -4.82 10.69 16.04
C VAL B 254 -4.71 9.81 14.82
N LYS B 255 -5.31 10.26 13.74
CA LYS B 255 -5.29 9.52 12.46
C LYS B 255 -5.36 10.53 11.28
N PRO B 256 -4.65 10.25 10.14
CA PRO B 256 -4.23 11.25 9.12
C PRO B 256 -5.04 12.64 8.81
N GLY B 257 -4.59 13.41 7.83
CA GLY B 257 -5.24 14.74 7.54
C GLY B 257 -5.67 15.79 8.61
N ALA B 258 -5.70 15.44 9.90
CA ALA B 258 -6.75 15.96 10.83
C ALA B 258 -6.58 17.25 11.46
N THR B 259 -7.36 18.21 10.93
CA THR B 259 -7.72 19.45 11.61
C THR B 259 -6.70 19.70 12.76
N ALA B 260 -5.56 20.28 12.40
CA ALA B 260 -4.49 20.68 13.32
C ALA B 260 -5.09 21.41 14.54
N GLU B 261 -5.95 22.41 14.25
CA GLU B 261 -6.90 22.94 15.24
C GLU B 261 -7.59 21.78 16.02
N THR B 262 -7.99 20.67 15.37
CA THR B 262 -8.54 19.52 16.17
C THR B 262 -7.49 18.87 17.06
N ILE B 263 -6.28 18.63 16.55
CA ILE B 263 -5.22 18.08 17.39
C ILE B 263 -4.98 19.08 18.50
N ASN B 264 -4.92 20.33 18.13
CA ASN B 264 -4.71 21.39 19.13
C ASN B 264 -5.90 21.50 20.06
N ALA B 265 -7.08 21.23 19.53
CA ALA B 265 -8.27 21.26 20.34
C ALA B 265 -8.20 20.13 21.36
N ALA B 266 -7.68 18.98 20.94
CA ALA B 266 -7.57 17.85 21.86
C ALA B 266 -6.68 18.25 23.05
N VAL B 267 -5.59 18.93 22.74
CA VAL B 267 -4.72 19.47 23.76
C VAL B 267 -5.44 20.49 24.64
N ASP B 268 -6.22 21.38 24.00
CA ASP B 268 -7.03 22.42 24.71
C ASP B 268 -8.05 21.80 25.69
N GLN B 269 -8.68 20.70 25.30
CA GLN B 269 -9.56 19.94 26.19
C GLN B 269 -8.83 18.97 27.17
N GLY B 270 -7.51 19.01 27.19
CA GLY B 270 -6.77 18.20 28.15
C GLY B 270 -6.33 16.80 27.76
N LEU B 271 -6.55 16.40 26.52
CA LEU B 271 -6.13 15.06 26.08
C LEU B 271 -4.63 15.02 25.76
N HIS B 272 -4.04 13.85 25.88
CA HIS B 272 -2.74 13.55 25.27
C HIS B 272 -2.93 13.16 23.81
N LEU B 273 -1.83 12.90 23.12
CA LEU B 273 -1.87 12.59 21.68
C LEU B 273 -1.17 11.26 21.39
N LEU B 274 -1.86 10.36 20.72
CA LEU B 274 -1.24 9.15 20.19
C LEU B 274 -1.41 9.18 18.69
N PHE B 275 -0.30 9.36 17.97
CA PHE B 275 -0.35 9.34 16.53
C PHE B 275 -0.24 7.90 16.05
N THR B 276 -1.32 7.37 15.51
CA THR B 276 -1.26 6.05 14.90
C THR B 276 -0.43 6.13 13.63
N PRO B 277 0.04 4.98 13.12
CA PRO B 277 1.00 5.10 12.03
C PRO B 277 0.37 5.63 10.76
N GLY B 278 0.98 6.69 10.22
CA GLY B 278 0.51 7.29 9.01
C GLY B 278 1.30 8.56 8.72
N VAL B 279 0.82 9.31 7.72
CA VAL B 279 1.42 10.58 7.31
C VAL B 279 0.37 11.65 7.44
N TYR B 280 0.71 12.70 8.19
CA TYR B 280 -0.22 13.73 8.64
C TYR B 280 0.20 15.12 8.14
N HIS B 281 -0.53 15.67 7.17
CA HIS B 281 -0.25 17.06 6.76
C HIS B 281 -0.95 18.04 7.76
N VAL B 282 -0.28 19.11 8.16
CA VAL B 282 -0.96 20.12 8.98
C VAL B 282 -0.83 21.50 8.30
N ASP B 283 -1.94 22.24 8.25
CA ASP B 283 -1.99 23.60 7.70
C ASP B 283 -1.54 24.70 8.69
N GLN B 284 -1.33 24.31 9.95
CA GLN B 284 -0.81 25.15 11.04
C GLN B 284 0.02 24.29 12.05
N PRO B 285 0.88 24.91 12.87
CA PRO B 285 1.61 24.06 13.83
C PRO B 285 0.75 23.36 14.88
N ILE B 286 1.07 22.11 15.13
CA ILE B 286 0.57 21.44 16.30
C ILE B 286 1.10 22.19 17.50
N GLU B 287 0.22 22.46 18.45
CA GLU B 287 0.54 23.28 19.61
C GLU B 287 0.43 22.46 20.88
N ILE B 288 1.50 22.39 21.66
CA ILE B 288 1.44 21.76 22.96
C ILE B 288 1.89 22.77 24.06
N ASP B 289 0.88 23.46 24.62
CA ASP B 289 0.97 24.60 25.58
C ASP B 289 0.37 24.08 26.93
N ARG B 290 0.34 22.75 27.12
CA ARG B 290 -0.17 22.11 28.36
C ARG B 290 0.87 21.17 29.05
N ALA B 291 1.11 21.41 30.35
CA ALA B 291 2.15 20.67 31.05
C ALA B 291 1.85 19.18 31.11
N ASN B 292 2.91 18.38 31.02
CA ASN B 292 2.83 16.92 31.15
C ASN B 292 2.18 16.18 29.96
N THR B 293 1.96 16.91 28.88
CA THR B 293 1.40 16.31 27.68
C THR B 293 2.37 15.34 27.06
N VAL B 294 1.86 14.13 26.81
CA VAL B 294 2.55 13.10 26.02
C VAL B 294 2.08 13.16 24.56
N ALA B 295 3.01 13.17 23.63
CA ALA B 295 2.74 13.11 22.20
C ALA B 295 3.55 11.98 21.63
N LEU B 296 2.89 10.85 21.43
CA LEU B 296 3.57 9.58 21.19
C LEU B 296 3.18 9.08 19.79
N GLY B 297 4.16 8.93 18.90
CA GLY B 297 3.93 8.32 17.59
C GLY B 297 4.17 6.83 17.60
N LEU B 298 3.34 6.12 16.83
CA LEU B 298 3.51 4.70 16.54
C LEU B 298 3.93 4.49 15.10
N GLY B 299 4.78 3.50 14.85
CA GLY B 299 5.06 3.08 13.49
C GLY B 299 5.60 4.20 12.59
N LEU B 300 6.48 5.05 13.14
CA LEU B 300 7.14 6.08 12.38
C LEU B 300 6.10 7.08 11.80
N ALA B 301 5.07 7.32 12.60
CA ALA B 301 4.11 8.39 12.33
C ALA B 301 4.84 9.67 11.95
N THR B 302 4.35 10.31 10.90
CA THR B 302 5.07 11.41 10.26
C THR B 302 4.18 12.63 10.13
N ILE B 303 4.73 13.81 10.42
CA ILE B 303 4.04 15.08 10.26
C ILE B 303 4.72 15.86 9.14
N ILE B 304 3.93 16.35 8.20
CA ILE B 304 4.42 17.21 7.14
C ILE B 304 3.74 18.58 7.21
N PRO B 305 4.54 19.62 7.41
CA PRO B 305 3.94 20.96 7.44
C PRO B 305 3.75 21.53 6.01
N ASP B 306 2.54 21.93 5.71
CA ASP B 306 2.22 22.56 4.43
C ASP B 306 2.31 24.07 4.62
N ASN B 307 2.28 24.83 3.51
CA ASN B 307 2.09 26.28 3.61
C ASN B 307 3.32 26.99 4.27
N GLY B 308 4.43 26.27 4.43
CA GLY B 308 5.61 26.81 5.10
C GLY B 308 5.52 26.97 6.61
N VAL B 309 4.54 26.33 7.21
CA VAL B 309 4.37 26.47 8.64
C VAL B 309 5.35 25.61 9.43
N THR B 310 5.48 25.94 10.71
CA THR B 310 6.20 25.10 11.64
C THR B 310 5.30 23.90 11.96
N ALA B 311 5.85 22.69 12.09
CA ALA B 311 5.00 21.53 12.31
C ALA B 311 4.63 21.40 13.78
N LEU B 312 5.59 21.69 14.65
CA LEU B 312 5.45 21.34 16.06
C LEU B 312 6.04 22.45 16.98
N LYS B 313 5.18 22.93 17.89
CA LYS B 313 5.53 24.07 18.79
C LYS B 313 5.10 23.76 20.19
N VAL B 314 6.09 23.54 21.06
CA VAL B 314 5.83 23.23 22.48
C VAL B 314 5.94 24.52 23.28
N GLY B 315 4.94 24.78 24.13
CA GLY B 315 4.93 25.98 24.95
C GLY B 315 5.92 25.93 26.09
N ASP B 316 5.91 26.99 26.91
CA ASP B 316 6.83 27.15 28.02
C ASP B 316 6.29 26.48 29.28
N VAL B 317 6.18 25.16 29.21
CA VAL B 317 5.62 24.35 30.29
C VAL B 317 6.58 23.21 30.65
N ASP B 318 6.27 22.57 31.78
CA ASP B 318 6.97 21.41 32.29
C ASP B 318 6.51 20.12 31.59
N GLY B 319 7.41 19.14 31.45
CA GLY B 319 7.00 17.77 31.35
C GLY B 319 6.39 17.25 30.05
N VAL B 320 6.54 18.01 28.98
CA VAL B 320 6.02 17.58 27.70
C VAL B 320 6.94 16.48 27.20
N LYS B 321 6.35 15.37 26.80
CA LYS B 321 7.10 14.22 26.31
C LYS B 321 6.71 13.97 24.84
N VAL B 322 7.62 14.26 23.93
CA VAL B 322 7.39 14.05 22.51
C VAL B 322 8.25 12.92 22.08
N ALA B 323 7.65 11.93 21.44
CA ALA B 323 8.38 10.71 21.19
C ALA B 323 7.86 9.97 19.96
N GLY B 324 8.80 9.48 19.16
CA GLY B 324 8.45 8.59 18.06
C GLY B 324 7.74 9.18 16.87
N LEU B 325 8.22 10.34 16.42
CA LEU B 325 7.65 11.06 15.29
C LEU B 325 8.72 11.50 14.31
N LEU B 326 8.43 11.33 13.01
CA LEU B 326 9.27 11.88 11.93
C LEU B 326 8.58 13.17 11.46
N VAL B 327 9.33 14.25 11.41
CA VAL B 327 8.83 15.49 10.83
C VAL B 327 9.53 15.64 9.51
N ASP B 328 8.77 15.64 8.39
CA ASP B 328 9.43 15.83 7.10
C ASP B 328 8.99 17.12 6.46
N ALA B 329 9.97 17.87 5.97
CA ALA B 329 9.67 19.17 5.38
C ALA B 329 8.78 19.03 4.16
N GLY B 330 7.94 20.04 3.95
CA GLY B 330 7.21 20.20 2.70
C GLY B 330 8.06 21.00 1.72
N PRO B 331 7.69 20.98 0.44
CA PRO B 331 8.53 21.71 -0.52
C PRO B 331 8.55 23.23 -0.33
N VAL B 332 7.51 23.79 0.27
CA VAL B 332 7.56 25.22 0.67
C VAL B 332 8.41 25.39 1.92
N ASN B 333 9.37 26.29 1.83
CA ASN B 333 10.27 26.52 2.98
C ASN B 333 9.59 26.84 4.28
N SER B 334 9.91 26.06 5.31
CA SER B 334 9.50 26.36 6.67
C SER B 334 10.64 27.08 7.42
N GLU B 335 10.34 28.19 8.07
CA GLU B 335 11.33 28.92 8.86
C GLU B 335 11.91 28.04 9.96
N THR B 336 11.03 27.28 10.59
CA THR B 336 11.43 26.24 11.50
C THR B 336 10.53 25.04 11.37
N LEU B 337 11.03 23.85 11.75
CA LEU B 337 10.18 22.67 11.75
C LEU B 337 9.66 22.28 13.14
N VAL B 338 10.52 22.37 14.16
CA VAL B 338 10.16 22.06 15.54
C VAL B 338 10.70 23.12 16.43
N GLU B 339 9.81 23.71 17.24
CA GLU B 339 10.20 24.79 18.13
C GLU B 339 9.84 24.40 19.58
N VAL B 340 10.84 24.26 20.45
CA VAL B 340 10.57 23.79 21.82
C VAL B 340 10.77 24.93 22.78
N GLY B 341 9.64 25.51 23.16
CA GLY B 341 9.55 26.74 23.93
C GLY B 341 9.51 27.94 23.04
N SER B 342 9.06 29.06 23.60
CA SER B 342 9.12 30.35 22.92
C SER B 342 10.49 31.06 23.11
N ASP B 343 10.79 32.02 22.22
CA ASP B 343 11.98 32.90 22.42
C ASP B 343 12.13 33.55 23.80
N GLY B 344 13.39 33.84 24.12
CA GLY B 344 13.75 34.40 25.42
C GLY B 344 13.14 33.67 26.61
N ALA B 345 12.70 32.43 26.37
CA ALA B 345 12.19 31.56 27.43
C ALA B 345 13.16 31.52 28.55
N SER B 346 12.66 31.99 29.69
CA SER B 346 13.36 32.34 30.91
C SER B 346 13.23 31.39 32.09
N GLY B 347 12.17 30.61 32.05
CA GLY B 347 11.84 29.83 33.22
C GLY B 347 12.63 28.59 33.27
N ASP B 348 12.66 27.95 34.44
CA ASP B 348 13.33 26.68 34.59
C ASP B 348 12.34 25.51 34.65
N HIS B 349 12.80 24.31 34.25
CA HIS B 349 11.95 23.12 34.24
C HIS B 349 12.76 21.93 34.82
N ALA B 350 13.57 22.18 35.86
CA ALA B 350 14.60 21.21 36.24
C ALA B 350 14.01 19.90 36.79
N ALA B 351 12.99 19.97 37.64
CA ALA B 351 12.42 18.76 38.24
C ALA B 351 11.65 17.88 37.20
N ASN B 352 10.90 18.54 36.32
CA ASN B 352 10.15 17.86 35.25
C ASN B 352 10.36 18.52 33.88
N PRO B 353 11.45 18.13 33.21
CA PRO B 353 11.73 18.76 31.92
C PRO B 353 10.84 18.27 30.80
N THR B 354 10.89 19.02 29.70
CA THR B 354 10.38 18.59 28.40
C THR B 354 11.43 17.77 27.67
N SER B 355 10.99 16.77 26.94
CA SER B 355 11.89 15.90 26.19
C SER B 355 11.43 15.59 24.75
N LEU B 356 12.43 15.38 23.89
CA LEU B 356 12.20 14.95 22.53
C LEU B 356 13.04 13.68 22.28
N GLN B 357 12.35 12.56 22.23
CA GLN B 357 13.01 11.25 22.05
C GLN B 357 12.55 10.56 20.81
N ASP B 358 13.49 9.98 20.08
CA ASP B 358 13.16 9.39 18.77
C ASP B 358 12.34 10.37 17.94
N VAL B 359 12.78 11.61 17.92
CA VAL B 359 12.27 12.60 16.97
C VAL B 359 13.27 12.66 15.83
N PHE B 360 12.76 12.48 14.62
CA PHE B 360 13.59 12.47 13.45
C PHE B 360 13.09 13.57 12.53
N VAL B 361 13.99 14.27 11.88
CA VAL B 361 13.64 15.31 10.88
C VAL B 361 14.27 14.95 9.56
N ARG B 362 13.51 15.08 8.48
CA ARG B 362 14.01 14.83 7.12
C ARG B 362 13.70 16.05 6.26
N ILE B 363 14.69 16.56 5.53
CA ILE B 363 14.48 17.60 4.57
C ILE B 363 14.82 17.09 3.17
N GLY B 364 13.80 16.83 2.37
CA GLY B 364 13.99 16.28 1.02
C GLY B 364 14.13 14.78 1.01
N GLY B 365 14.25 14.19 -0.19
CA GLY B 365 14.46 12.75 -0.29
C GLY B 365 13.26 11.98 -0.82
N ALA B 366 12.07 12.41 -0.42
CA ALA B 366 10.83 11.83 -0.96
C ALA B 366 10.20 12.72 -2.02
N GLY B 367 10.87 13.83 -2.27
CA GLY B 367 10.39 14.92 -3.09
C GLY B 367 10.90 16.17 -2.36
N PRO B 368 11.14 17.29 -3.10
CA PRO B 368 11.78 18.43 -2.45
C PRO B 368 11.13 18.86 -1.15
N GLY B 369 11.98 19.22 -0.21
CA GLY B 369 11.59 19.83 1.01
C GLY B 369 12.66 20.86 1.36
N LYS B 370 12.25 21.91 2.06
CA LYS B 370 13.16 22.95 2.52
C LYS B 370 12.76 23.48 3.89
N ALA B 371 13.75 23.78 4.72
CA ALA B 371 13.55 24.50 5.98
C ALA B 371 14.80 25.25 6.39
N THR B 372 14.62 26.37 7.08
CA THR B 372 15.75 27.21 7.45
C THR B 372 16.48 26.70 8.69
N THR B 373 15.72 26.39 9.74
CA THR B 373 16.28 25.83 10.97
C THR B 373 15.33 24.73 11.39
N SER B 374 15.86 23.52 11.54
CA SER B 374 14.97 22.37 11.75
C SER B 374 14.42 22.28 13.17
N ILE B 375 15.31 22.31 14.14
CA ILE B 375 14.87 22.28 15.53
C ILE B 375 15.50 23.39 16.33
N VAL B 376 14.64 24.18 16.97
CA VAL B 376 15.09 25.25 17.84
C VAL B 376 14.66 24.88 19.23
N VAL B 377 15.64 24.81 20.12
CA VAL B 377 15.38 24.49 21.53
C VAL B 377 15.63 25.69 22.40
N ASN B 378 14.52 26.29 22.85
CA ASN B 378 14.54 27.48 23.70
C ASN B 378 14.39 27.17 25.19
N SER B 379 13.62 26.16 25.53
CA SER B 379 13.31 25.89 26.93
C SER B 379 14.46 25.27 27.74
N ASN B 380 14.71 25.86 28.90
CA ASN B 380 15.74 25.38 29.80
C ASN B 380 15.42 23.95 30.26
N ASP B 381 16.48 23.20 30.50
CA ASP B 381 16.42 21.83 31.04
C ASP B 381 15.91 20.73 30.09
N THR B 382 15.67 21.12 28.85
CA THR B 382 15.17 20.19 27.84
C THR B 382 16.17 19.06 27.62
N ILE B 383 15.62 17.85 27.56
CA ILE B 383 16.42 16.68 27.18
C ILE B 383 16.11 16.25 25.73
N ILE B 384 17.17 16.05 24.93
CA ILE B 384 17.05 15.60 23.57
C ILE B 384 17.75 14.25 23.58
N ASP B 385 16.95 13.18 23.58
CA ASP B 385 17.46 11.82 23.79
C ASP B 385 17.12 10.98 22.57
N HIS B 386 18.08 10.94 21.66
CA HIS B 386 17.98 10.31 20.33
C HIS B 386 17.23 11.13 19.31
N THR B 387 18.02 11.85 18.53
CA THR B 387 17.48 12.55 17.37
C THR B 387 18.35 12.33 16.14
N TRP B 388 17.72 12.25 14.97
CA TRP B 388 18.40 12.33 13.68
C TRP B 388 17.75 13.44 12.89
N VAL B 389 18.56 14.44 12.57
CA VAL B 389 18.11 15.67 11.89
C VAL B 389 18.92 15.66 10.61
N TRP B 390 18.23 15.37 9.50
CA TRP B 390 18.86 14.90 8.26
C TRP B 390 18.37 15.65 7.05
N ARG B 391 19.27 16.40 6.45
CA ARG B 391 19.04 17.00 5.14
C ARG B 391 19.40 15.92 4.14
N ALA B 392 18.45 15.48 3.33
CA ALA B 392 18.68 14.29 2.53
C ALA B 392 19.87 14.42 1.57
N ASP B 393 20.76 13.42 1.54
CA ASP B 393 21.82 13.36 0.53
C ASP B 393 21.45 12.57 -0.71
N HIS B 394 20.33 11.89 -0.70
CA HIS B 394 19.96 10.99 -1.79
C HIS B 394 18.47 10.88 -1.79
N GLY B 395 17.95 10.18 -2.79
CA GLY B 395 16.51 10.09 -2.97
C GLY B 395 16.07 11.11 -3.99
N GLU B 396 14.84 11.60 -3.85
CA GLU B 396 14.20 12.56 -4.75
C GLU B 396 14.16 13.96 -4.14
N GLY B 397 14.26 14.97 -5.02
CA GLY B 397 14.11 16.34 -4.59
C GLY B 397 15.28 16.82 -3.77
N VAL B 398 16.45 16.32 -4.16
CA VAL B 398 17.71 16.65 -3.50
C VAL B 398 18.60 17.51 -4.42
N GLY B 399 19.32 18.43 -3.76
CA GLY B 399 20.22 19.36 -4.42
C GLY B 399 20.60 20.54 -3.54
N TRP B 400 21.77 21.10 -3.82
CA TRP B 400 22.34 22.20 -3.03
C TRP B 400 21.32 23.30 -2.79
N GLU B 401 20.50 23.59 -3.82
CA GLU B 401 19.35 24.49 -3.70
C GLU B 401 18.03 23.75 -3.49
N THR B 402 17.85 22.67 -4.25
CA THR B 402 16.56 21.99 -4.33
C THR B 402 16.00 21.50 -2.98
N ASN B 403 16.85 21.04 -2.09
CA ASN B 403 16.45 20.77 -0.73
C ASN B 403 17.36 21.49 0.26
N ARG B 404 17.65 22.74 -0.08
CA ARG B 404 18.33 23.64 0.84
C ARG B 404 17.82 23.59 2.29
N ALA B 405 18.78 23.52 3.21
CA ALA B 405 18.48 23.60 4.64
C ALA B 405 19.69 24.13 5.38
N ASP B 406 19.65 25.38 5.80
CA ASP B 406 20.89 25.97 6.35
C ASP B 406 21.32 25.41 7.67
N TYR B 407 20.35 25.28 8.59
CA TYR B 407 20.65 24.98 9.98
C TYR B 407 19.89 23.81 10.53
N GLY B 408 20.58 22.96 11.27
CA GLY B 408 19.97 21.74 11.76
C GLY B 408 19.27 22.00 13.09
N VAL B 409 20.09 22.05 14.12
CA VAL B 409 19.61 22.24 15.49
C VAL B 409 20.24 23.48 16.06
N HIS B 410 19.40 24.32 16.69
CA HIS B 410 19.89 25.50 17.40
C HIS B 410 19.41 25.44 18.84
N VAL B 411 20.35 25.29 19.75
CA VAL B 411 20.00 25.23 21.18
C VAL B 411 20.26 26.57 21.85
N LYS B 412 19.18 27.20 22.32
CA LYS B 412 19.27 28.51 22.98
C LYS B 412 18.97 28.44 24.46
N GLY B 413 18.35 27.34 24.89
CA GLY B 413 18.04 27.13 26.30
C GLY B 413 19.32 26.82 27.06
N ASP B 414 19.29 27.11 28.37
CA ASP B 414 20.37 26.78 29.24
C ASP B 414 20.05 25.40 29.89
N ASN B 415 21.10 24.73 30.34
CA ASN B 415 21.01 23.38 30.90
C ASN B 415 20.25 22.41 29.99
N VAL B 416 20.58 22.42 28.72
CA VAL B 416 20.03 21.42 27.79
C VAL B 416 20.99 20.24 27.63
N LEU B 417 20.41 19.03 27.55
CA LEU B 417 21.20 17.79 27.46
C LEU B 417 20.78 17.09 26.18
N ALA B 418 21.76 16.79 25.34
CA ALA B 418 21.57 15.92 24.21
C ALA B 418 22.31 14.60 24.44
N THR B 419 21.59 13.50 24.31
CA THR B 419 22.19 12.18 24.34
C THR B 419 21.84 11.50 23.00
N GLY B 420 22.87 11.06 22.27
CA GLY B 420 22.65 10.47 20.96
C GLY B 420 22.13 11.46 19.94
N LEU B 421 23.00 12.40 19.60
CA LEU B 421 22.70 13.47 18.66
C LEU B 421 23.29 13.14 17.29
N PHE B 422 22.44 12.94 16.29
CA PHE B 422 22.86 12.67 14.91
C PHE B 422 22.30 13.80 14.00
N VAL B 423 23.17 14.60 13.39
CA VAL B 423 22.73 15.71 12.56
C VAL B 423 23.62 15.82 11.31
N GLU B 424 23.01 15.78 10.12
CA GLU B 424 23.84 15.70 8.89
C GLU B 424 23.36 16.50 7.69
N HIS B 425 24.36 17.01 6.99
CA HIS B 425 24.32 17.56 5.64
C HIS B 425 23.75 18.97 5.46
N PHE B 426 23.69 19.78 6.52
CA PHE B 426 23.14 21.12 6.38
C PHE B 426 24.06 22.04 5.57
N ASN B 427 23.47 22.98 4.83
CA ASN B 427 24.27 23.94 4.06
C ASN B 427 25.22 24.77 4.90
N LYS B 428 24.81 25.09 6.13
CA LYS B 428 25.61 25.89 7.07
C LYS B 428 25.88 25.08 8.36
N TYR B 429 25.70 25.65 9.56
CA TYR B 429 26.03 24.91 10.76
C TYR B 429 25.01 23.83 11.06
N ASP B 430 25.46 22.60 11.25
CA ASP B 430 24.50 21.54 11.52
C ASP B 430 23.94 21.75 12.92
N VAL B 431 24.84 22.05 13.86
CA VAL B 431 24.45 22.32 15.23
C VAL B 431 25.11 23.58 15.73
N GLN B 432 24.27 24.43 16.33
CA GLN B 432 24.74 25.58 17.10
C GLN B 432 24.18 25.63 18.48
N TRP B 433 24.96 26.16 19.40
CA TRP B 433 24.63 26.15 20.81
C TRP B 433 25.01 27.47 21.43
N SER B 434 23.96 28.26 21.66
CA SER B 434 24.04 29.62 22.23
C SER B 434 23.74 29.64 23.72
N GLY B 435 23.06 28.60 24.23
CA GLY B 435 22.73 28.52 25.64
C GLY B 435 23.87 28.10 26.58
N GLU B 436 23.63 28.21 27.88
CA GLU B 436 24.63 27.92 28.89
C GLU B 436 24.49 26.49 29.46
N ASN B 437 25.62 25.96 29.96
CA ASN B 437 25.70 24.60 30.55
C ASN B 437 25.10 23.55 29.69
N GLY B 438 25.27 23.66 28.39
CA GLY B 438 24.88 22.60 27.49
C GLY B 438 25.81 21.38 27.63
N LYS B 439 25.25 20.20 27.41
CA LYS B 439 26.01 18.96 27.37
C LYS B 439 25.52 18.08 26.24
N THR B 440 26.46 17.51 25.51
CA THR B 440 26.20 16.52 24.46
C THR B 440 27.01 15.25 24.75
N ILE B 441 26.31 14.15 24.84
CA ILE B 441 26.91 12.84 24.96
C ILE B 441 26.60 12.09 23.67
N PHE B 442 27.65 11.92 22.88
CA PHE B 442 27.62 11.32 21.52
C PHE B 442 27.05 12.25 20.47
N TYR B 443 27.87 12.54 19.46
CA TYR B 443 27.48 13.30 18.25
C TYR B 443 28.03 12.63 17.01
N GLN B 444 27.15 12.44 16.02
CA GLN B 444 27.54 12.00 14.69
C GLN B 444 27.05 12.98 13.66
N ASN B 445 28.00 13.51 12.91
CA ASN B 445 27.72 14.41 11.80
C ASN B 445 28.41 13.94 10.52
N ALA B 446 27.74 14.16 9.38
CA ALA B 446 28.38 14.18 8.07
C ALA B 446 28.04 15.51 7.42
N LYS B 447 29.02 16.12 6.77
CA LYS B 447 28.79 17.40 6.13
C LYS B 447 28.07 17.23 4.80
N ALA B 448 27.52 18.34 4.30
CA ALA B 448 26.83 18.33 3.02
C ALA B 448 27.79 17.75 1.97
N TYR B 449 27.37 16.77 1.17
CA TYR B 449 28.27 16.19 0.15
C TYR B 449 28.24 16.99 -1.15
N ASP B 450 27.16 17.77 -1.31
CA ASP B 450 26.82 18.35 -2.59
C ASP B 450 27.19 19.82 -2.73
N ALA B 451 27.98 20.34 -1.81
CA ALA B 451 28.57 21.64 -2.04
C ALA B 451 29.32 21.66 -3.38
N PRO B 452 28.82 22.45 -4.36
CA PRO B 452 29.53 22.40 -5.64
C PRO B 452 30.93 22.98 -5.64
N ASP B 453 31.30 23.76 -4.62
CA ASP B 453 32.58 24.46 -4.65
C ASP B 453 32.83 25.30 -3.38
N GLN B 454 34.04 25.86 -3.29
CA GLN B 454 34.54 26.34 -2.03
C GLN B 454 33.88 27.63 -1.61
N ALA B 455 33.76 28.55 -2.57
CA ALA B 455 33.17 29.86 -2.35
C ALA B 455 31.76 29.69 -1.79
N ALA B 456 31.17 28.54 -2.06
CA ALA B 456 29.76 28.35 -1.76
C ALA B 456 29.52 27.94 -0.30
N ILE B 457 30.59 27.53 0.40
CA ILE B 457 30.52 27.29 1.85
C ILE B 457 31.35 28.28 2.67
N GLN B 458 31.73 29.38 2.03
CA GLN B 458 32.51 30.38 2.74
C GLN B 458 31.68 30.96 3.94
N ASN B 459 32.38 31.00 5.12
CA ASN B 459 31.87 31.51 6.38
C ASN B 459 32.80 32.65 6.84
N GLY B 460 32.98 33.67 5.99
CA GLY B 460 33.78 34.84 6.33
C GLY B 460 35.26 34.50 6.35
N ASP B 461 35.88 34.67 7.51
CA ASP B 461 37.27 34.28 7.69
C ASP B 461 37.49 32.76 7.61
N ILE B 462 36.40 32.00 7.71
CA ILE B 462 36.42 30.54 7.83
C ILE B 462 35.95 29.78 6.58
N LYS B 463 36.69 28.74 6.21
CA LYS B 463 36.25 27.82 5.17
C LYS B 463 35.28 26.80 5.76
N GLY B 464 34.05 26.88 5.31
CA GLY B 464 33.01 25.96 5.72
C GLY B 464 32.45 26.39 7.07
N TYR B 465 31.31 25.79 7.40
CA TYR B 465 30.65 25.98 8.69
C TYR B 465 30.87 24.74 9.55
N ALA B 466 31.23 24.92 10.80
CA ALA B 466 31.40 23.78 11.70
C ALA B 466 30.14 22.91 11.78
N ALA B 467 30.36 21.62 12.01
CA ALA B 467 29.26 20.72 12.32
C ALA B 467 28.65 21.03 13.69
N TYR B 468 29.44 21.57 14.58
CA TYR B 468 29.00 21.81 15.94
C TYR B 468 29.72 23.04 16.41
N LYS B 469 28.95 24.12 16.56
CA LYS B 469 29.46 25.38 17.00
C LYS B 469 28.89 25.77 18.33
N VAL B 470 29.77 26.17 19.24
CA VAL B 470 29.40 26.80 20.49
C VAL B 470 29.68 28.29 20.37
N ASP B 471 28.68 29.11 20.66
CA ASP B 471 28.86 30.55 20.58
C ASP B 471 30.02 31.05 21.45
N ASP B 472 30.74 32.06 20.95
CA ASP B 472 31.84 32.67 21.66
C ASP B 472 31.35 33.22 23.01
N SER B 473 30.07 33.55 23.05
CA SER B 473 29.37 34.13 24.19
C SER B 473 29.39 33.16 25.39
N VAL B 474 29.33 31.88 25.06
CA VAL B 474 29.05 30.84 26.04
C VAL B 474 30.12 30.70 27.12
N THR B 475 29.69 30.50 28.37
CA THR B 475 30.63 30.32 29.46
C THR B 475 30.90 28.83 29.84
N THR B 476 29.87 27.99 29.78
CA THR B 476 30.00 26.58 30.14
C THR B 476 29.42 25.70 29.05
N HIS B 477 30.12 24.63 28.73
CA HIS B 477 29.64 23.63 27.77
C HIS B 477 30.52 22.41 27.88
N GLU B 478 29.97 21.23 27.64
CA GLU B 478 30.78 20.02 27.64
C GLU B 478 30.22 19.00 26.63
N GLY B 479 31.09 18.38 25.86
CA GLY B 479 30.67 17.40 24.88
C GLY B 479 31.63 16.20 24.92
N TRP B 480 31.07 15.01 24.71
CA TRP B 480 31.84 13.76 24.78
C TRP B 480 31.53 12.90 23.55
N GLY B 481 32.59 12.42 22.88
CA GLY B 481 32.40 11.42 21.84
C GLY B 481 31.73 11.91 20.58
N MET B 482 32.44 12.78 19.86
CA MET B 482 31.82 13.50 18.79
C MET B 482 32.64 13.43 17.50
N GLY B 483 31.95 13.12 16.41
CA GLY B 483 32.61 13.04 15.10
C GLY B 483 31.90 13.77 13.98
N SER B 484 32.71 14.35 13.09
CA SER B 484 32.21 14.92 11.84
C SER B 484 32.94 14.30 10.65
N TYR B 485 32.17 13.84 9.66
CA TYR B 485 32.77 13.23 8.45
C TYR B 485 32.42 14.06 7.22
N CYS B 486 33.36 14.11 6.26
CA CYS B 486 33.10 14.80 4.97
C CYS B 486 33.23 13.88 3.79
N TYR B 487 32.44 14.19 2.77
CA TYR B 487 32.39 13.46 1.48
C TYR B 487 31.87 14.38 0.40
N PHE B 488 32.79 15.21 -0.07
CA PHE B 488 32.44 16.23 -1.04
C PHE B 488 32.65 15.62 -2.39
N ASN B 489 31.72 14.75 -2.82
CA ASN B 489 31.97 13.95 -4.06
C ASN B 489 31.68 14.76 -5.30
N VAL B 490 30.80 15.75 -5.15
CA VAL B 490 30.63 16.81 -6.14
C VAL B 490 31.89 17.61 -6.45
N ASN B 491 32.58 18.08 -5.39
CA ASN B 491 33.81 18.86 -5.57
C ASN B 491 34.84 18.48 -4.52
N PRO B 492 35.58 17.40 -4.81
CA PRO B 492 36.57 16.86 -3.87
C PRO B 492 37.70 17.79 -3.55
N ASP B 493 37.81 18.94 -4.22
CA ASP B 493 38.87 19.91 -3.95
C ASP B 493 38.64 20.74 -2.70
N ILE B 494 37.40 20.70 -2.19
CA ILE B 494 36.98 21.48 -1.04
C ILE B 494 37.78 21.12 0.22
N ARG B 495 37.97 22.14 1.04
CA ARG B 495 38.58 22.01 2.36
C ARG B 495 37.59 22.53 3.38
N GLN B 496 37.35 21.73 4.43
CA GLN B 496 36.52 22.10 5.56
C GLN B 496 37.46 22.44 6.72
N GLN B 497 37.41 23.67 7.24
CA GLN B 497 38.48 24.06 8.20
C GLN B 497 38.44 23.24 9.48
N HIS B 498 37.24 22.92 9.95
CA HIS B 498 37.11 22.14 11.18
C HIS B 498 35.73 21.52 11.31
N GLY B 499 35.65 20.52 12.19
CA GLY B 499 34.39 19.89 12.52
C GLY B 499 33.67 20.64 13.59
N PHE B 500 34.44 21.25 14.48
CA PHE B 500 33.94 21.83 15.72
C PHE B 500 34.51 23.24 15.92
N GLN B 501 33.74 24.08 16.58
CA GLN B 501 34.16 25.42 16.92
C GLN B 501 33.58 25.89 18.26
N ALA B 502 34.44 26.45 19.11
CA ALA B 502 34.01 26.82 20.45
C ALA B 502 35.05 27.70 21.07
N PRO B 503 34.60 28.58 21.99
CA PRO B 503 35.58 29.43 22.66
C PRO B 503 36.55 28.64 23.49
N VAL B 504 37.56 29.36 23.98
CA VAL B 504 38.69 28.77 24.64
C VAL B 504 38.65 29.29 26.11
N LYS B 505 37.86 28.61 26.93
CA LYS B 505 37.45 29.03 28.25
C LYS B 505 37.46 27.81 29.17
N PRO B 506 37.75 28.02 30.47
CA PRO B 506 37.80 26.89 31.41
C PRO B 506 36.57 26.00 31.30
N GLY B 507 35.40 26.61 31.32
CA GLY B 507 34.18 25.87 31.53
C GLY B 507 33.65 25.29 30.23
N VAL B 508 34.38 25.47 29.13
CA VAL B 508 34.02 24.89 27.81
C VAL B 508 35.04 23.77 27.48
N LYS B 509 34.56 22.54 27.51
CA LYS B 509 35.42 21.35 27.49
C LYS B 509 34.87 20.35 26.47
N PHE B 510 35.77 19.72 25.73
CA PHE B 510 35.37 18.62 24.86
C PHE B 510 36.25 17.40 25.12
N HIS B 511 35.70 16.20 24.92
CA HIS B 511 36.39 14.94 25.11
C HIS B 511 36.16 14.03 23.92
N ASP B 512 37.24 13.53 23.32
CA ASP B 512 37.19 12.51 22.29
C ASP B 512 36.47 13.03 21.06
N LEU B 513 37.21 13.86 20.32
CA LEU B 513 36.72 14.46 19.07
C LEU B 513 37.47 13.86 17.87
N LEU B 514 36.77 13.71 16.75
CA LEU B 514 37.38 13.19 15.54
C LEU B 514 36.75 13.82 14.32
N VAL B 515 37.57 13.98 13.30
CA VAL B 515 37.05 14.21 11.97
C VAL B 515 37.60 13.21 10.98
N VAL B 516 36.83 12.98 9.91
CA VAL B 516 37.18 11.93 8.97
C VAL B 516 36.81 12.34 7.54
N SER B 517 37.77 12.24 6.62
CA SER B 517 37.47 12.33 5.19
C SER B 517 37.16 10.94 4.67
N LEU B 518 35.96 10.76 4.12
CA LEU B 518 35.72 9.54 3.35
C LEU B 518 36.63 9.55 2.08
N GLY B 519 37.11 8.38 1.68
CA GLY B 519 37.92 8.21 0.47
C GLY B 519 38.54 9.46 -0.15
N GLY B 520 39.04 10.39 0.68
CA GLY B 520 39.71 11.59 0.19
C GLY B 520 38.85 12.57 -0.57
N LYS B 521 37.53 12.46 -0.39
CA LYS B 521 36.62 13.39 -1.03
C LYS B 521 36.49 14.65 -0.16
N GLY B 522 37.34 15.62 -0.48
CA GLY B 522 37.57 16.74 0.40
C GLY B 522 38.52 16.35 1.53
N GLN B 523 38.90 17.36 2.33
CA GLN B 523 39.66 17.15 3.54
C GLN B 523 39.34 18.22 4.59
N TYR B 524 39.50 17.84 5.85
CA TYR B 524 39.48 18.78 6.98
C TYR B 524 40.86 19.40 7.19
N GLU B 525 40.94 20.67 7.56
CA GLU B 525 42.25 21.29 7.87
C GLU B 525 42.64 21.10 9.33
N HIS B 526 41.61 20.99 10.18
CA HIS B 526 41.78 20.85 11.64
C HIS B 526 40.60 20.09 12.20
N VAL B 527 40.67 19.77 13.49
CA VAL B 527 39.56 19.11 14.19
C VAL B 527 38.57 20.11 14.79
N ILE B 528 39.07 21.02 15.63
CA ILE B 528 38.25 22.04 16.30
C ILE B 528 38.99 23.37 16.26
N ASN B 529 38.31 24.47 15.91
CA ASN B 529 38.99 25.73 15.70
C ASN B 529 40.16 25.46 14.73
N ASP B 530 41.37 25.90 15.07
CA ASP B 530 42.59 25.61 14.27
C ASP B 530 43.51 24.61 14.96
N ILE B 531 42.91 23.70 15.72
CA ILE B 531 43.61 22.64 16.46
C ILE B 531 43.35 21.26 15.91
N GLY B 532 44.40 20.45 16.01
CA GLY B 532 44.39 19.06 15.54
C GLY B 532 44.85 18.95 14.10
N ASP B 533 45.26 17.76 13.71
CA ASP B 533 45.78 17.53 12.39
C ASP B 533 44.71 17.65 11.30
N PRO B 534 45.11 18.15 10.11
CA PRO B 534 44.27 17.95 8.92
C PRO B 534 44.13 16.46 8.64
N THR B 535 43.07 16.09 7.92
CA THR B 535 42.96 14.74 7.37
C THR B 535 43.81 14.64 6.12
N SER B 536 44.24 13.41 5.82
CA SER B 536 45.23 13.13 4.82
C SER B 536 44.90 11.88 3.98
N GLY B 537 45.42 11.85 2.75
CA GLY B 537 45.28 10.69 1.89
C GLY B 537 43.82 10.41 1.51
N ASP B 538 43.60 9.22 0.95
CA ASP B 538 42.24 8.70 0.66
C ASP B 538 41.94 7.45 1.46
N THR B 539 42.59 7.36 2.61
CA THR B 539 42.67 6.12 3.37
C THR B 539 41.62 6.07 4.50
N THR B 540 40.87 7.14 4.66
CA THR B 540 39.72 7.08 5.57
C THR B 540 40.13 6.83 7.02
N ILE B 541 41.16 7.57 7.42
CA ILE B 541 41.77 7.56 8.75
C ILE B 541 41.44 8.81 9.54
N PRO B 542 40.77 8.65 10.69
CA PRO B 542 40.34 9.81 11.49
C PRO B 542 41.48 10.69 11.93
N SER B 543 41.20 11.98 12.05
CA SER B 543 42.09 12.91 12.74
C SER B 543 41.46 13.16 14.09
N GLN B 544 42.24 12.97 15.13
CA GLN B 544 41.70 12.80 16.48
C GLN B 544 42.20 13.83 17.49
N VAL B 545 41.31 14.21 18.41
CA VAL B 545 41.70 15.03 19.57
C VAL B 545 41.08 14.49 20.88
N VAL B 546 41.93 14.14 21.84
CA VAL B 546 41.44 13.53 23.08
C VAL B 546 40.71 14.56 23.96
N SER B 547 41.36 15.69 24.20
CA SER B 547 40.76 16.80 24.95
C SER B 547 41.04 18.13 24.30
N PHE B 548 40.03 18.97 24.28
CA PHE B 548 40.19 20.35 23.92
C PHE B 548 39.40 21.15 24.97
N PRO B 549 39.97 22.25 25.46
CA PRO B 549 41.30 22.77 25.10
C PRO B 549 42.46 21.99 25.71
C2 BGC C . 1.23 -27.79 -25.52
C3 BGC C . 1.17 -26.93 -24.37
C4 BGC C . 0.53 -27.60 -23.19
C5 BGC C . 1.10 -29.00 -22.99
C6 BGC C . 0.41 -29.78 -21.93
C1 BGC C . 1.84 -29.13 -25.20
O1 BGC C . 1.82 -29.90 -26.26
O2 BGC C . 2.01 -27.23 -26.59
O3 BGC C . 0.54 -25.63 -24.78
O4 BGC C . 0.74 -26.91 -22.01
O5 BGC C . 1.04 -29.77 -24.17
O6 BGC C . 0.89 -31.10 -21.88
C2 BGC C . 0.60 -23.29 -24.96
C3 BGC C . 1.18 -22.02 -24.48
C4 BGC C . 1.40 -21.99 -23.03
C5 BGC C . 2.12 -23.27 -22.61
C6 BGC C . 2.32 -23.38 -21.15
C1 BGC C . 1.29 -24.52 -24.46
O2 BGC C . 0.53 -23.31 -26.38
O3 BGC C . 0.21 -20.98 -24.92
O4 BGC C . 2.20 -20.86 -22.66
O5 BGC C . 1.37 -24.42 -23.02
O6 BGC C . 2.90 -24.58 -20.64
C2 BGC C . -0.16 -18.79 -25.82
C3 BGC C . 0.47 -17.65 -26.51
C4 BGC C . 1.59 -17.13 -25.73
C5 BGC C . 2.51 -18.25 -25.32
C6 BGC C . 3.57 -17.84 -24.37
C1 BGC C . 0.84 -19.92 -25.60
O2 BGC C . -1.23 -19.37 -26.60
O3 BGC C . -0.54 -16.58 -26.58
O4 BGC C . 2.33 -16.13 -26.42
O5 BGC C . 1.82 -19.37 -24.72
O6 BGC C . 4.63 -18.75 -24.41
C2 BGC C . -2.00 -15.10 -27.77
C3 BGC C . -2.31 -14.45 -29.08
C4 BGC C . -1.06 -13.93 -29.74
C5 BGC C . -0.06 -15.08 -29.86
C6 BGC C . 1.27 -14.69 -30.49
C1 BGC C . -0.94 -16.19 -27.86
O2 BGC C . -3.18 -15.71 -27.25
O3 BGC C . -3.20 -13.37 -28.76
O4 BGC C . -1.33 -13.48 -31.04
O5 BGC C . 0.22 -15.65 -28.58
O6 BGC C . 2.06 -15.83 -30.77
C2 BGC C . -5.32 -12.28 -28.91
C3 BGC C . -6.36 -11.67 -29.79
C4 BGC C . -5.71 -10.96 -30.90
C5 BGC C . -4.71 -11.87 -31.59
C6 BGC C . -3.98 -11.14 -32.71
C1 BGC C . -4.28 -13.11 -29.61
O2 BGC C . -5.92 -13.07 -27.92
O3 BGC C . -7.08 -10.62 -29.02
O4 BGC C . -6.67 -10.47 -31.79
O5 BGC C . -3.69 -12.31 -30.66
O6 BGC C . -3.08 -11.95 -33.41
C2 BGC C . -9.15 -9.77 -28.18
C3 BGC C . -10.63 -9.77 -28.42
C4 BGC C . -10.95 -9.92 -29.82
C5 BGC C . -10.33 -11.20 -30.37
C6 BGC C . -10.54 -11.28 -31.84
C1 BGC C . -8.43 -10.94 -28.83
O2 BGC C . -8.89 -9.79 -26.80
O3 BGC C . -11.23 -8.49 -28.01
O4 BGC C . -12.38 -9.94 -30.08
O5 BGC C . -8.89 -11.14 -30.19
O6 BGC C . -9.99 -12.43 -32.40
C2 BGC D . -5.32 -32.49 -30.55
C3 BGC D . -5.62 -31.61 -31.66
C4 BGC D . -4.47 -30.78 -32.11
C5 BGC D . -3.16 -31.53 -32.20
C6 BGC D . -2.05 -30.54 -32.19
C1 BGC D . -4.10 -33.33 -30.82
O1 BGC D . -3.83 -34.04 -29.72
O2 BGC D . -6.43 -33.33 -30.20
O3 BGC D . -6.73 -30.78 -31.17
O4 BGC D . -4.70 -30.14 -33.34
O5 BGC D . -2.96 -32.49 -31.15
O6 BGC D . -1.52 -30.18 -30.94
C2 BGC D . -8.99 -30.05 -31.63
C3 BGC D . -9.89 -29.31 -32.55
C4 BGC D . -9.24 -28.12 -33.12
C5 BGC D . -7.87 -28.46 -33.71
C6 BGC D . -7.26 -27.35 -34.41
C1 BGC D . -7.53 -30.24 -32.14
O2 BGC D . -9.57 -31.28 -31.24
O3 BGC D . -11.17 -28.98 -31.95
O4 BGC D . -10.04 -27.58 -34.14
O5 BGC D . -6.98 -28.98 -32.68
O6 BGC D . -6.11 -27.68 -35.08
C2 BGC D . -12.92 -29.92 -30.70
C3 BGC D . -14.14 -30.77 -30.77
C4 BGC D . -15.00 -30.48 -31.94
C5 BGC D . -14.22 -30.50 -33.24
C6 BGC D . -15.06 -30.07 -34.43
C1 BGC D . -12.14 -29.94 -31.99
O2 BGC D . -12.07 -30.28 -29.63
O3 BGC D . -14.88 -30.53 -29.53
O4 BGC D . -16.11 -31.33 -32.05
O5 BGC D . -13.01 -29.70 -33.13
O6 BGC D . -15.70 -28.83 -34.35
C2 BGC D . -15.62 -31.42 -27.45
C3 BGC D . -16.32 -32.54 -26.81
C4 BGC D . -17.65 -32.79 -27.44
C5 BGC D . -17.51 -32.95 -28.94
C6 BGC D . -18.86 -32.89 -29.52
C1 BGC D . -15.39 -31.67 -28.92
O2 BGC D . -14.37 -31.10 -26.79
O3 BGC D . -16.49 -32.25 -25.41
O4 BGC D . -18.29 -33.98 -26.95
O5 BGC D . -16.68 -31.94 -29.53
O6 BGC D . -19.03 -33.48 -30.77
C2 BGC D . -15.05 -32.18 -23.47
C3 BGC D . -14.25 -32.97 -22.55
C4 BGC D . -14.98 -34.15 -22.02
C5 BGC D . -15.61 -34.94 -23.15
C6 BGC D . -16.50 -36.02 -22.64
C1 BGC D . -15.66 -33.01 -24.60
O2 BGC D . -14.30 -31.12 -24.08
O3 BGC D . -13.79 -32.14 -21.46
O4 BGC D . -14.12 -34.99 -21.22
O5 BGC D . -16.42 -34.09 -23.99
O6 BGC D . -17.00 -36.91 -23.63
C2 BGC E . 35.91 -8.99 8.48
C3 BGC E . 35.75 -8.12 9.59
C4 BGC E . 35.06 -8.81 10.71
C5 BGC E . 35.70 -10.18 10.97
C6 BGC E . 34.83 -11.04 11.82
C1 BGC E . 36.83 -10.10 8.89
O1 BGC E . 37.21 -10.78 7.85
O2 BGC E . 36.32 -8.41 7.22
O3 BGC E . 35.06 -6.91 9.09
O4 BGC E . 35.21 -8.09 11.89
O5 BGC E . 35.97 -10.90 9.78
O6 BGC E . 35.45 -12.24 12.23
C2 BGC E . 35.08 -4.58 8.85
C3 BGC E . 35.68 -3.32 9.30
C4 BGC E . 35.84 -3.36 10.74
C5 BGC E . 36.56 -4.61 11.22
C6 BGC E . 36.65 -4.71 12.70
C1 BGC E . 35.80 -5.81 9.38
O2 BGC E . 35.20 -4.58 7.44
O3 BGC E . 34.75 -2.24 8.90
O4 BGC E . 36.58 -2.23 11.14
O5 BGC E . 35.88 -5.78 10.79
O6 BGC E . 37.43 -5.78 13.21
C2 BGC E . 34.29 -0.13 7.85
C3 BGC E . 34.91 1.01 7.13
C4 BGC E . 36.17 1.49 7.70
C5 BGC E . 37.12 0.36 8.03
C6 BGC E . 38.25 0.88 8.86
C1 BGC E . 35.28 -1.24 8.08
O2 BGC E . 33.17 -0.64 7.07
O3 BGC E . 33.99 2.14 7.28
O4 BGC E . 36.75 2.39 6.72
O5 BGC E . 36.41 -0.65 8.80
O6 BGC E . 39.03 -0.13 9.43
C2 BGC E . 32.51 3.68 6.21
C3 BGC E . 32.26 4.38 4.91
C4 BGC E . 33.52 4.85 4.21
C5 BGC E . 34.55 3.72 4.19
C6 BGC E . 35.89 4.10 3.56
C1 BGC E . 33.61 2.67 6.08
O2 BGC E . 31.37 3.01 6.74
O3 BGC E . 31.40 5.50 5.26
O4 BGC E . 33.22 5.29 2.90
O5 BGC E . 34.79 3.29 5.54
O6 BGC E . 36.64 2.95 3.15
C2 BGC E . 29.27 6.61 5.05
C3 BGC E . 28.25 7.18 4.13
C4 BGC E . 28.84 7.87 2.96
C5 BGC E . 29.87 6.97 2.30
C6 BGC E . 30.58 7.69 1.19
C1 BGC E . 30.37 5.84 4.34
O2 BGC E . 28.59 5.74 5.94
O3 BGC E . 27.47 8.18 4.90
O4 BGC E . 27.81 8.16 2.04
O5 BGC E . 30.93 6.63 3.25
O6 BGC E . 31.50 6.86 0.53
C2 BGC E . 25.44 9.05 5.76
C3 BGC E . 23.96 9.04 5.57
C4 BGC E . 23.62 8.85 4.18
C5 BGC E . 24.14 7.49 3.74
C6 BGC E . 23.84 7.27 2.30
C1 BGC E . 26.11 7.87 5.08
O2 BGC E . 25.77 9.11 7.13
O3 BGC E . 23.37 10.33 5.95
O4 BGC E . 22.19 8.87 3.95
O5 BGC E . 25.60 7.59 3.78
O6 BGC E . 24.45 8.17 1.43
C2 BGC F . 28.46 -14.08 3.20
C3 BGC F . 28.35 -13.12 2.11
C4 BGC F . 29.64 -12.53 1.68
C5 BGC F . 30.74 -13.56 1.53
C6 BGC F . 32.07 -12.95 1.23
C1 BGC F . 29.60 -15.06 3.02
O1 BGC F . 29.79 -15.78 4.13
O2 BGC F . 27.19 -14.74 3.35
O3 BGC F . 27.41 -12.09 2.57
O4 BGC F . 29.50 -11.78 0.49
O5 BGC F . 30.84 -14.35 2.72
O6 BGC F . 32.57 -12.04 2.17
C2 BGC F . 25.20 -11.35 2.17
C3 BGC F . 24.28 -10.64 1.24
C4 BGC F . 24.96 -9.51 0.56
C5 BGC F . 26.25 -9.93 -0.11
C6 BGC F . 26.82 -8.80 -0.82
C1 BGC F . 26.61 -11.63 1.59
O2 BGC F . 24.63 -12.52 2.76
O3 BGC F . 23.11 -10.18 1.94
O4 BGC F . 24.13 -8.81 -0.37
O5 BGC F . 27.19 -10.45 0.88
O6 BGC F . 27.35 -7.81 -0.05
C2 BGC F . 21.31 -11.07 3.23
C3 BGC F . 20.12 -11.94 3.17
C4 BGC F . 19.29 -11.69 1.98
C5 BGC F . 20.09 -11.70 0.67
C6 BGC F . 19.29 -11.24 -0.53
C1 BGC F . 22.12 -11.13 1.95
O2 BGC F . 22.15 -11.35 4.32
O3 BGC F . 19.31 -11.64 4.35
O4 BGC F . 18.27 -12.63 1.87
O5 BGC F . 21.27 -10.89 0.80
O6 BGC F . 18.70 -9.99 -0.46
C2 BGC F . 18.74 -12.51 6.51
C3 BGC F . 18.04 -13.64 7.18
C4 BGC F . 16.75 -13.98 6.52
C5 BGC F . 17.00 -14.24 5.05
C6 BGC F . 15.78 -14.57 4.31
C1 BGC F . 18.87 -12.74 5.03
O2 BGC F . 20.03 -12.25 7.11
O3 BGC F . 17.83 -13.31 8.57
O4 BGC F . 16.14 -15.12 7.10
O5 BGC F . 17.58 -13.08 4.44
O6 BGC F . 14.93 -13.48 4.09
C2 BGC F . 19.30 -13.24 10.53
C3 BGC F . 20.06 -14.10 11.43
C4 BGC F . 19.27 -15.20 11.99
C5 BGC F . 18.60 -15.95 10.88
C6 BGC F . 17.70 -17.01 11.42
C1 BGC F . 18.63 -14.06 9.44
O2 BGC F . 20.16 -12.23 9.94
O3 BGC F . 20.67 -13.34 12.50
O4 BGC F . 20.05 -16.14 12.74
O5 BGC F . 17.84 -15.06 10.07
O6 BGC F . 17.70 -18.15 10.59
C1 EDO G . -5.07 4.20 -29.44
O1 EDO G . -4.11 4.64 -28.47
C2 EDO G . -6.49 4.57 -29.02
O2 EDO G . -6.77 4.31 -27.65
H11 EDO G . -4.84 4.70 -30.38
H12 EDO G . -4.98 3.12 -29.60
HO1 EDO G . -3.22 4.45 -28.79
H21 EDO G . -7.23 4.05 -29.65
H22 EDO G . -6.59 5.64 -29.19
HO2 EDO G . -7.68 4.54 -27.42
C1 EDO H . 29.74 23.64 4.92
O1 EDO H . 30.99 23.34 5.55
C2 EDO H . 28.77 23.99 6.03
O2 EDO H . 27.80 23.01 6.23
H11 EDO H . 29.39 22.77 4.35
H12 EDO H . 29.82 24.48 4.25
HO1 EDO H . 31.66 23.16 4.88
H21 EDO H . 28.31 24.96 5.86
H22 EDO H . 29.37 24.03 6.93
HO2 EDO H . 27.31 23.22 7.03
N GLU A 1 -51.78 -0.85 -13.96
CA GLU A 1 -50.51 -0.70 -13.19
C GLU A 1 -49.83 -2.10 -12.88
N VAL A 2 -48.54 -2.14 -12.51
CA VAL A 2 -47.69 -3.34 -12.77
C VAL A 2 -47.79 -4.55 -11.84
N VAL A 3 -48.00 -5.71 -12.45
CA VAL A 3 -48.14 -6.99 -11.75
C VAL A 3 -46.80 -7.78 -11.75
N GLY A 4 -46.36 -8.24 -10.59
CA GLY A 4 -45.13 -9.02 -10.49
C GLY A 4 -45.30 -10.54 -10.65
N GLY A 5 -44.18 -11.27 -10.78
CA GLY A 5 -44.17 -12.71 -10.93
C GLY A 5 -44.62 -13.14 -12.33
N GLY A 6 -44.78 -14.44 -12.57
CA GLY A 6 -45.34 -14.93 -13.84
C GLY A 6 -44.40 -15.79 -14.67
N ASP A 7 -44.93 -16.45 -15.71
CA ASP A 7 -44.19 -17.39 -16.58
C ASP A 7 -42.88 -16.66 -16.89
N LEU A 8 -41.77 -17.40 -16.98
CA LEU A 8 -40.53 -16.75 -17.42
C LEU A 8 -40.29 -16.83 -18.94
N GLY A 9 -41.19 -17.44 -19.71
CA GLY A 9 -41.06 -17.46 -21.16
C GLY A 9 -40.35 -18.65 -21.83
N PRO A 10 -40.43 -18.72 -23.17
CA PRO A 10 -40.01 -19.90 -23.94
C PRO A 10 -38.48 -20.03 -24.08
N ASN A 11 -37.77 -19.10 -23.45
CA ASN A 11 -36.31 -19.00 -23.58
C ASN A 11 -35.63 -19.33 -22.26
N VAL A 12 -36.40 -19.56 -21.20
CA VAL A 12 -35.91 -20.11 -19.95
C VAL A 12 -36.38 -21.56 -19.92
N LEU A 13 -35.45 -22.45 -20.25
CA LEU A 13 -35.69 -23.88 -20.32
C LEU A 13 -35.46 -24.50 -18.96
N VAL A 14 -36.53 -25.02 -18.34
CA VAL A 14 -36.43 -25.58 -17.01
C VAL A 14 -36.41 -27.10 -17.13
N PHE A 15 -35.53 -27.71 -16.37
CA PHE A 15 -35.25 -29.13 -16.43
C PHE A 15 -35.36 -29.70 -15.03
N ASP A 16 -35.96 -30.89 -14.93
CA ASP A 16 -36.01 -31.65 -13.67
C ASP A 16 -35.25 -32.98 -13.92
N PRO A 17 -34.89 -33.76 -12.86
CA PRO A 17 -34.27 -35.03 -13.25
C PRO A 17 -35.12 -36.01 -14.07
N SER A 18 -36.45 -35.80 -14.16
CA SER A 18 -37.33 -36.63 -15.01
C SER A 18 -37.83 -35.94 -16.29
N THR A 19 -37.23 -34.81 -16.66
CA THR A 19 -37.44 -34.30 -17.99
C THR A 19 -36.83 -35.34 -18.87
N PRO A 20 -37.53 -35.72 -19.93
CA PRO A 20 -36.86 -36.70 -20.78
C PRO A 20 -36.06 -36.02 -21.88
N ASP A 21 -34.99 -36.70 -22.23
CA ASP A 21 -34.08 -36.22 -23.24
C ASP A 21 -33.52 -34.85 -22.96
N ILE A 22 -32.96 -34.70 -21.77
CA ILE A 22 -32.18 -33.53 -21.43
C ILE A 22 -30.98 -33.36 -22.35
N GLN A 23 -30.28 -34.45 -22.58
CA GLN A 23 -29.12 -34.36 -23.47
C GLN A 23 -29.62 -33.84 -24.82
N GLY A 24 -30.59 -34.54 -25.40
CA GLY A 24 -31.22 -34.08 -26.61
C GLY A 24 -31.57 -32.59 -26.61
N LYS A 25 -32.12 -32.08 -25.52
CA LYS A 25 -32.55 -30.69 -25.55
C LYS A 25 -31.43 -29.66 -25.48
N VAL A 26 -30.27 -30.08 -25.01
CA VAL A 26 -29.18 -29.12 -24.86
C VAL A 26 -28.17 -29.20 -26.04
N ASP A 27 -28.12 -30.34 -26.71
CA ASP A 27 -27.40 -30.46 -27.98
C ASP A 27 -28.02 -29.63 -29.15
N GLU A 28 -29.35 -29.52 -29.24
CA GLU A 28 -30.01 -28.71 -30.29
C GLU A 28 -29.83 -27.21 -30.02
N VAL A 29 -29.87 -26.80 -28.74
CA VAL A 29 -29.63 -25.39 -28.41
C VAL A 29 -28.17 -25.05 -28.78
N PHE A 30 -27.25 -25.98 -28.50
CA PHE A 30 -25.84 -25.76 -28.77
C PHE A 30 -25.61 -25.69 -30.27
N ARG A 31 -26.20 -26.66 -30.98
CA ARG A 31 -26.32 -26.64 -32.46
C ARG A 31 -26.66 -25.23 -32.97
N LYS A 32 -27.73 -24.67 -32.45
CA LYS A 32 -28.16 -23.33 -32.85
C LYS A 32 -27.22 -22.20 -32.44
N GLN A 33 -26.51 -22.40 -31.33
CA GLN A 33 -25.77 -21.29 -30.72
C GLN A 33 -24.25 -21.40 -30.83
N GLU A 34 -23.74 -22.52 -31.33
CA GLU A 34 -22.32 -22.74 -31.36
C GLU A 34 -21.56 -21.61 -32.02
N SER A 35 -21.99 -21.22 -33.21
CA SER A 35 -21.27 -20.21 -33.97
C SER A 35 -22.07 -18.91 -34.11
N ASN A 36 -23.13 -18.80 -33.32
CA ASN A 36 -24.09 -17.70 -33.41
C ASN A 36 -23.62 -16.44 -32.70
N GLN A 37 -22.46 -15.96 -33.13
CA GLN A 37 -21.73 -14.99 -32.34
C GLN A 37 -22.49 -13.68 -32.13
N PHE A 38 -23.22 -13.28 -33.15
CA PHE A 38 -23.85 -11.97 -33.15
C PHE A 38 -25.38 -12.02 -33.29
N GLY A 39 -25.96 -13.21 -33.29
CA GLY A 39 -27.42 -13.33 -33.43
C GLY A 39 -28.15 -12.79 -32.24
N THR A 40 -29.46 -12.60 -32.39
CA THR A 40 -30.25 -12.01 -31.37
C THR A 40 -30.78 -13.13 -30.48
N ASP A 41 -30.34 -14.36 -30.75
CA ASP A 41 -30.70 -15.36 -29.77
C ASP A 41 -30.05 -15.56 -28.44
N ARG A 42 -30.97 -15.96 -27.53
CA ARG A 42 -30.78 -15.97 -26.08
C ARG A 42 -31.50 -17.13 -25.38
N TYR A 43 -30.76 -17.86 -24.55
CA TYR A 43 -31.28 -18.99 -23.79
C TYR A 43 -30.71 -19.05 -22.38
N ALA A 44 -31.53 -19.45 -21.44
CA ALA A 44 -31.10 -19.77 -20.09
C ALA A 44 -31.58 -21.18 -19.82
N LEU A 45 -30.65 -22.01 -19.39
CA LEU A 45 -30.92 -23.41 -19.06
C LEU A 45 -30.84 -23.55 -17.54
N MET A 46 -31.96 -23.92 -16.91
CA MET A 46 -32.08 -23.87 -15.49
C MET A 46 -32.47 -25.28 -15.04
N PHE A 47 -31.66 -25.84 -14.15
CA PHE A 47 -31.85 -27.22 -13.68
C PHE A 47 -32.30 -27.23 -12.23
N LYS A 48 -33.47 -27.82 -12.01
CA LYS A 48 -33.97 -28.03 -10.66
C LYS A 48 -33.07 -29.01 -9.89
N PRO A 49 -33.04 -28.91 -8.55
CA PRO A 49 -32.23 -29.82 -7.74
C PRO A 49 -32.56 -31.28 -7.97
N GLY A 50 -31.51 -32.07 -7.87
CA GLY A 50 -31.55 -33.49 -8.19
C GLY A 50 -30.13 -33.84 -8.68
N THR A 51 -30.00 -35.03 -9.25
CA THR A 51 -28.75 -35.54 -9.77
C THR A 51 -29.05 -35.95 -11.19
N TYR A 52 -28.12 -35.60 -12.05
CA TYR A 52 -28.31 -35.66 -13.49
C TYR A 52 -27.19 -36.49 -14.09
N ASN A 53 -27.53 -37.53 -14.85
CA ASN A 53 -26.49 -38.41 -15.42
C ASN A 53 -26.21 -38.20 -16.93
N ASP A 54 -25.16 -38.87 -17.44
CA ASP A 54 -24.85 -38.97 -18.89
C ASP A 54 -25.10 -37.67 -19.65
N ILE A 55 -24.51 -36.60 -19.12
CA ILE A 55 -24.81 -35.27 -19.60
C ILE A 55 -23.51 -34.57 -19.94
N ASN A 56 -23.50 -33.98 -21.12
CA ASN A 56 -22.36 -33.20 -21.60
C ASN A 56 -23.02 -31.97 -22.17
N ALA A 57 -23.30 -30.99 -21.29
CA ALA A 57 -23.94 -29.73 -21.70
C ALA A 57 -22.93 -28.79 -22.31
N GLN A 58 -22.94 -28.73 -23.63
CA GLN A 58 -22.03 -27.81 -24.28
C GLN A 58 -22.74 -26.51 -24.49
N ILE A 59 -22.00 -25.45 -24.18
CA ILE A 59 -22.55 -24.11 -23.99
C ILE A 59 -22.03 -23.22 -25.15
N GLY A 60 -22.95 -22.74 -25.98
CA GLY A 60 -22.58 -21.87 -27.09
C GLY A 60 -22.78 -20.40 -26.70
N PHE A 61 -22.83 -19.54 -27.72
CA PHE A 61 -23.09 -18.14 -27.49
C PHE A 61 -24.45 -17.88 -26.81
N TYR A 62 -24.47 -16.88 -25.96
CA TYR A 62 -25.69 -16.35 -25.34
C TYR A 62 -26.52 -17.42 -24.66
N THR A 63 -25.82 -18.35 -24.01
CA THR A 63 -26.46 -19.40 -23.24
C THR A 63 -25.88 -19.34 -21.82
N SER A 64 -26.78 -19.24 -20.85
CA SER A 64 -26.46 -19.38 -19.44
C SER A 64 -26.97 -20.75 -18.96
N ILE A 65 -26.24 -21.35 -18.06
CA ILE A 65 -26.67 -22.61 -17.43
C ILE A 65 -26.55 -22.45 -15.94
N ALA A 66 -27.55 -22.90 -15.21
CA ALA A 66 -27.50 -22.78 -13.76
C ALA A 66 -28.34 -23.81 -13.07
N GLY A 67 -27.95 -24.05 -11.84
CA GLY A 67 -28.74 -24.83 -10.91
C GLY A 67 -29.70 -23.93 -10.13
N LEU A 68 -30.77 -24.53 -9.62
CA LEU A 68 -31.81 -23.77 -8.92
C LEU A 68 -31.89 -24.16 -7.45
N GLY A 69 -30.80 -24.76 -6.91
CA GLY A 69 -30.69 -24.97 -5.47
C GLY A 69 -30.27 -23.68 -4.80
N LEU A 70 -30.20 -23.69 -3.49
CA LEU A 70 -29.66 -22.57 -2.74
C LEU A 70 -28.18 -22.71 -2.91
N ASN A 71 -27.77 -23.96 -3.12
CA ASN A 71 -26.37 -24.29 -3.26
C ASN A 71 -25.94 -25.30 -4.35
N PRO A 72 -24.70 -25.15 -4.82
CA PRO A 72 -24.22 -25.88 -6.00
C PRO A 72 -24.43 -27.40 -5.91
N ASP A 73 -24.16 -28.01 -4.76
CA ASP A 73 -24.25 -29.48 -4.74
C ASP A 73 -25.66 -30.04 -4.64
N ASP A 74 -26.66 -29.19 -4.43
CA ASP A 74 -28.02 -29.69 -4.53
C ASP A 74 -28.45 -29.89 -5.98
N THR A 75 -27.68 -29.35 -6.93
CA THR A 75 -27.89 -29.61 -8.35
C THR A 75 -26.57 -30.13 -8.93
N THR A 76 -26.51 -31.45 -9.14
CA THR A 76 -25.26 -32.13 -9.45
C THR A 76 -25.29 -32.88 -10.77
N PHE A 77 -24.31 -32.59 -11.60
CA PHE A 77 -24.18 -33.28 -12.90
C PHE A 77 -23.09 -34.35 -12.74
N ASN A 78 -23.43 -35.58 -13.07
CA ASN A 78 -22.45 -36.62 -13.33
C ASN A 78 -22.22 -36.53 -14.80
N GLY A 79 -21.27 -35.66 -15.13
CA GLY A 79 -21.15 -35.12 -16.47
C GLY A 79 -20.55 -33.72 -16.45
N ASP A 80 -20.66 -33.03 -17.58
CA ASP A 80 -19.83 -31.86 -17.85
C ASP A 80 -20.66 -30.67 -18.29
N VAL A 81 -20.15 -29.47 -18.07
CA VAL A 81 -20.67 -28.28 -18.73
C VAL A 81 -19.46 -27.73 -19.46
N THR A 82 -19.50 -27.85 -20.78
CA THR A 82 -18.31 -27.80 -21.61
C THR A 82 -18.33 -26.59 -22.52
N VAL A 83 -17.19 -25.92 -22.63
CA VAL A 83 -16.90 -24.96 -23.69
C VAL A 83 -15.57 -25.33 -24.34
N ASP A 84 -15.59 -25.56 -25.64
CA ASP A 84 -14.40 -25.88 -26.42
C ASP A 84 -14.44 -24.96 -27.66
N ALA A 85 -13.50 -25.14 -28.55
CA ALA A 85 -13.32 -24.14 -29.58
C ALA A 85 -13.09 -24.80 -30.93
N GLY A 86 -13.95 -25.75 -31.29
CA GLY A 86 -13.80 -26.51 -32.53
C GLY A 86 -14.39 -25.75 -33.71
N TRP A 87 -15.35 -24.90 -33.39
CA TRP A 87 -16.11 -24.16 -34.40
C TRP A 87 -15.20 -23.15 -35.05
N PHE A 88 -14.00 -23.07 -34.52
CA PHE A 88 -13.07 -22.01 -34.85
C PHE A 88 -11.66 -22.63 -34.76
N ASP A 89 -11.53 -23.90 -35.17
CA ASP A 89 -10.22 -24.44 -35.46
C ASP A 89 -9.39 -24.37 -34.17
N GLY A 90 -10.05 -24.62 -33.04
CA GLY A 90 -9.30 -24.71 -31.80
C GLY A 90 -8.84 -23.39 -31.22
N ASN A 91 -9.23 -22.29 -31.85
CA ASN A 91 -8.97 -20.94 -31.36
C ASN A 91 -10.14 -20.49 -30.45
N ALA A 92 -9.88 -20.23 -29.17
CA ALA A 92 -10.96 -19.92 -28.21
C ALA A 92 -11.15 -18.42 -27.97
N THR A 93 -10.52 -17.56 -28.77
CA THR A 93 -10.56 -16.11 -28.52
C THR A 93 -11.83 -15.39 -28.96
N GLN A 94 -12.78 -16.13 -29.50
CA GLN A 94 -14.12 -15.57 -29.71
C GLN A 94 -15.20 -16.25 -28.85
N ASN A 95 -14.79 -16.97 -27.80
CA ASN A 95 -15.78 -17.73 -27.00
C ASN A 95 -16.36 -16.85 -25.86
N PHE A 96 -17.21 -15.93 -26.30
CA PHE A 96 -17.80 -14.91 -25.44
C PHE A 96 -19.25 -15.17 -25.01
N TRP A 97 -19.71 -14.38 -24.03
CA TRP A 97 -21.12 -14.17 -23.69
C TRP A 97 -21.85 -15.47 -23.36
N ARG A 98 -21.45 -16.09 -22.26
CA ARG A 98 -22.11 -17.30 -21.80
C ARG A 98 -21.78 -17.45 -20.32
N SER A 99 -22.41 -18.37 -19.62
CA SER A 99 -22.15 -18.42 -18.19
C SER A 99 -22.60 -19.72 -17.56
N ALA A 100 -22.00 -20.01 -16.41
CA ALA A 100 -22.33 -21.20 -15.60
C ALA A 100 -22.37 -20.78 -14.15
N GLU A 101 -23.43 -21.19 -13.45
CA GLU A 101 -23.59 -20.81 -12.03
C GLU A 101 -24.34 -21.88 -11.23
N ASN A 102 -23.96 -22.03 -9.96
CA ASN A 102 -24.72 -22.76 -8.93
C ASN A 102 -24.95 -24.24 -9.26
N LEU A 103 -23.89 -24.88 -9.69
CA LEU A 103 -23.92 -26.32 -10.04
C LEU A 103 -22.74 -27.04 -9.43
N ALA A 104 -22.91 -28.35 -9.16
CA ALA A 104 -21.78 -29.21 -8.87
C ALA A 104 -21.55 -30.12 -10.08
N LEU A 105 -20.29 -30.25 -10.49
CA LEU A 105 -19.90 -31.09 -11.62
C LEU A 105 -19.01 -32.23 -11.16
N ASN A 106 -19.31 -33.39 -11.70
CA ASN A 106 -18.49 -34.60 -11.52
C ASN A 106 -18.05 -35.04 -12.92
N PRO A 107 -16.97 -34.43 -13.43
CA PRO A 107 -16.77 -34.54 -14.89
C PRO A 107 -16.41 -35.94 -15.34
N VAL A 108 -16.82 -36.33 -16.54
CA VAL A 108 -16.79 -37.73 -16.88
C VAL A 108 -15.42 -38.34 -16.89
N ASN A 109 -14.40 -37.60 -17.30
CA ASN A 109 -13.05 -38.14 -17.19
C ASN A 109 -12.22 -37.49 -16.08
N GLY A 110 -12.89 -36.81 -15.17
CA GLY A 110 -12.16 -36.19 -14.07
C GLY A 110 -11.86 -34.69 -14.20
N THR A 111 -11.97 -34.16 -15.42
CA THR A 111 -11.65 -32.75 -15.68
C THR A 111 -12.72 -32.12 -16.55
N ASN A 112 -13.28 -31.01 -16.08
CA ASN A 112 -14.27 -30.25 -16.80
C ASN A 112 -13.52 -29.22 -17.65
N ARG A 113 -13.93 -29.05 -18.91
CA ARG A 113 -13.38 -28.02 -19.75
C ARG A 113 -14.30 -26.81 -19.92
N TRP A 114 -13.72 -25.63 -19.65
CA TRP A 114 -14.40 -24.35 -19.76
C TRP A 114 -13.40 -23.39 -20.47
N ALA A 115 -13.25 -23.61 -21.77
CA ALA A 115 -12.26 -22.91 -22.57
C ALA A 115 -12.83 -21.64 -23.19
N VAL A 116 -12.96 -20.63 -22.38
CA VAL A 116 -13.63 -19.38 -22.77
C VAL A 116 -12.68 -18.21 -22.89
N SER A 117 -13.18 -17.11 -23.45
CA SER A 117 -12.48 -15.83 -23.39
C SER A 117 -13.39 -14.88 -22.61
N GLN A 118 -13.58 -13.65 -23.06
CA GLN A 118 -14.19 -12.63 -22.21
C GLN A 118 -15.70 -12.81 -22.07
N ALA A 119 -16.23 -12.29 -20.95
CA ALA A 119 -17.66 -12.29 -20.65
C ALA A 119 -18.24 -13.70 -20.59
N ALA A 120 -17.51 -14.58 -19.92
CA ALA A 120 -17.95 -15.96 -19.69
C ALA A 120 -17.81 -16.39 -18.21
N PRO A 121 -18.57 -15.73 -17.33
CA PRO A 121 -18.36 -15.98 -15.89
C PRO A 121 -18.67 -17.43 -15.44
N PHE A 122 -17.96 -17.86 -14.40
CA PHE A 122 -18.04 -19.22 -13.82
C PHE A 122 -18.19 -18.92 -12.33
N ARG A 123 -19.43 -18.95 -11.82
CA ARG A 123 -19.73 -18.50 -10.48
C ARG A 123 -20.40 -19.58 -9.63
N ARG A 124 -20.03 -19.63 -8.35
CA ARG A 124 -20.77 -20.47 -7.41
C ARG A 124 -20.82 -21.92 -7.90
N MET A 125 -19.68 -22.36 -8.40
CA MET A 125 -19.57 -23.73 -8.95
C MET A 125 -18.75 -24.62 -8.01
N HIS A 126 -19.12 -25.89 -7.98
CA HIS A 126 -18.31 -26.92 -7.36
C HIS A 126 -17.84 -27.87 -8.45
N VAL A 127 -16.53 -28.02 -8.58
CA VAL A 127 -15.99 -28.98 -9.54
C VAL A 127 -15.31 -30.10 -8.77
N LYS A 128 -15.92 -31.27 -8.83
CA LYS A 128 -15.37 -32.39 -8.08
C LYS A 128 -14.39 -33.09 -9.03
N GLY A 129 -13.38 -32.32 -9.44
CA GLY A 129 -12.30 -32.77 -10.27
C GLY A 129 -11.47 -31.56 -10.65
N GLY A 130 -10.80 -31.67 -11.76
CA GLY A 130 -9.97 -30.59 -12.28
C GLY A 130 -10.77 -29.75 -13.23
N LEU A 131 -10.15 -28.66 -13.67
CA LEU A 131 -10.83 -27.67 -14.48
C LEU A 131 -9.82 -27.22 -15.52
N ASN A 132 -10.06 -27.60 -16.76
CA ASN A 132 -9.20 -27.23 -17.88
C ASN A 132 -9.80 -26.00 -18.56
N LEU A 133 -9.08 -24.89 -18.55
CA LEU A 133 -9.51 -23.66 -19.21
C LEU A 133 -9.04 -23.54 -20.66
N ALA A 134 -8.35 -24.55 -21.16
CA ALA A 134 -7.80 -24.57 -22.54
C ALA A 134 -8.65 -25.34 -23.56
N PRO A 135 -8.80 -24.81 -24.77
CA PRO A 135 -9.49 -25.64 -25.78
C PRO A 135 -8.68 -26.89 -26.08
N ASP A 136 -9.32 -27.92 -26.66
CA ASP A 136 -8.63 -29.16 -27.05
C ASP A 136 -7.62 -28.70 -28.10
N GLY A 137 -6.34 -29.05 -27.90
CA GLY A 137 -5.24 -28.65 -28.76
C GLY A 137 -4.42 -27.46 -28.29
N TYR A 138 -4.92 -26.81 -27.25
CA TYR A 138 -4.22 -25.71 -26.55
C TYR A 138 -4.06 -24.47 -27.42
N GLY A 139 -5.01 -24.26 -28.31
CA GLY A 139 -5.06 -23.05 -29.13
C GLY A 139 -5.23 -21.84 -28.24
N TRP A 140 -5.25 -20.67 -28.87
CA TRP A 140 -5.27 -19.44 -28.11
C TRP A 140 -6.48 -19.33 -27.21
N ALA A 141 -6.39 -18.48 -26.21
CA ALA A 141 -7.53 -18.24 -25.33
C ALA A 141 -7.27 -17.02 -24.49
N SER A 142 -8.31 -16.23 -24.21
CA SER A 142 -8.12 -14.93 -23.53
C SER A 142 -9.23 -14.64 -22.51
N GLY A 143 -9.35 -15.50 -21.51
CA GLY A 143 -10.31 -15.29 -20.44
C GLY A 143 -9.80 -14.38 -19.34
N GLY A 144 -10.37 -14.44 -18.15
CA GLY A 144 -11.47 -15.29 -17.77
C GLY A 144 -11.77 -14.94 -16.30
N TYR A 145 -12.83 -15.53 -15.74
CA TYR A 145 -13.36 -15.07 -14.47
C TYR A 145 -14.00 -16.22 -13.73
N ILE A 146 -13.45 -16.49 -12.55
CA ILE A 146 -14.04 -17.46 -11.64
C ILE A 146 -14.23 -16.77 -10.30
N ALA A 147 -15.43 -16.92 -9.74
CA ALA A 147 -15.72 -16.41 -8.41
C ALA A 147 -16.54 -17.35 -7.58
N ASP A 148 -16.29 -17.31 -6.28
CA ASP A 148 -17.10 -18.03 -5.30
C ASP A 148 -17.24 -19.51 -5.66
N SER A 149 -16.17 -20.10 -6.15
CA SER A 149 -16.18 -21.50 -6.58
C SER A 149 -15.18 -22.38 -5.85
N LYS A 150 -15.43 -23.68 -5.89
CA LYS A 150 -14.53 -24.66 -5.28
C LYS A 150 -14.13 -25.68 -6.33
N ILE A 151 -12.83 -25.70 -6.68
CA ILE A 151 -12.24 -26.71 -7.56
C ILE A 151 -11.43 -27.68 -6.72
N ASP A 152 -11.81 -28.95 -6.74
CA ASP A 152 -11.23 -29.91 -5.81
C ASP A 152 -9.76 -30.26 -6.18
N GLY A 153 -9.49 -30.51 -7.46
CA GLY A 153 -8.13 -30.71 -7.94
C GLY A 153 -7.62 -29.44 -8.63
N GLU A 154 -6.95 -29.62 -9.77
CA GLU A 154 -6.23 -28.58 -10.46
C GLU A 154 -7.07 -27.79 -11.47
N VAL A 155 -6.99 -26.47 -11.37
CA VAL A 155 -7.26 -25.62 -12.53
C VAL A 155 -6.02 -25.51 -13.41
N GLY A 156 -6.15 -25.90 -14.70
CA GLY A 156 -5.08 -25.81 -15.69
C GLY A 156 -5.35 -24.78 -16.78
N PRO A 157 -4.64 -23.64 -16.75
CA PRO A 157 -4.96 -22.64 -17.78
C PRO A 157 -4.32 -22.96 -19.12
N TYR A 158 -3.15 -23.60 -19.10
CA TYR A 158 -2.36 -23.89 -20.28
C TYR A 158 -2.16 -22.62 -21.15
N SER A 159 -2.86 -22.50 -22.27
CA SER A 159 -2.63 -21.38 -23.20
C SER A 159 -3.31 -20.07 -22.77
N GLN A 160 -4.15 -20.09 -21.74
CA GLN A 160 -4.87 -18.85 -21.36
C GLN A 160 -3.91 -17.75 -21.03
N GLN A 161 -4.07 -16.59 -21.68
CA GLN A 161 -3.14 -15.49 -21.49
C GLN A 161 -3.13 -14.97 -20.08
N GLN A 162 -4.33 -14.81 -19.55
CA GLN A 162 -4.54 -14.17 -18.28
C GLN A 162 -5.84 -14.72 -17.64
N TRP A 163 -6.03 -14.43 -16.35
CA TRP A 163 -7.18 -14.96 -15.62
C TRP A 163 -7.34 -14.28 -14.27
N TYR A 164 -8.58 -14.15 -13.82
CA TYR A 164 -8.88 -13.61 -12.51
C TYR A 164 -9.78 -14.57 -11.73
N THR A 165 -9.33 -14.88 -10.52
CA THR A 165 -10.09 -15.73 -9.62
C THR A 165 -10.25 -15.00 -8.31
N ARG A 166 -11.48 -14.95 -7.82
CA ARG A 166 -11.77 -14.31 -6.52
C ARG A 166 -12.58 -15.23 -5.59
N ASP A 167 -12.29 -15.07 -4.31
CA ASP A 167 -13.09 -15.59 -3.20
C ASP A 167 -13.58 -17.03 -3.41
N SER A 168 -12.61 -17.93 -3.49
CA SER A 168 -12.77 -19.26 -4.02
C SER A 168 -11.75 -20.23 -3.40
N SER A 169 -11.85 -21.50 -3.78
CA SER A 169 -10.91 -22.53 -3.29
C SER A 169 -10.45 -23.42 -4.44
N VAL A 170 -9.15 -23.62 -4.58
CA VAL A 170 -8.62 -24.50 -5.63
C VAL A 170 -7.69 -25.56 -5.00
N GLY A 171 -7.61 -26.72 -5.63
CA GLY A 171 -6.69 -27.75 -5.16
C GLY A 171 -5.27 -27.60 -5.71
N GLY A 172 -5.20 -27.18 -6.97
CA GLY A 172 -3.93 -26.97 -7.64
C GLY A 172 -4.13 -25.81 -8.62
N TRP A 173 -3.03 -25.17 -9.00
CA TRP A 173 -3.03 -24.20 -10.10
C TRP A 173 -1.83 -24.48 -10.96
N GLY A 174 -2.06 -24.80 -12.23
CA GLY A 174 -1.03 -25.38 -13.08
C GLY A 174 0.06 -24.46 -13.61
N ASN A 175 -0.34 -23.26 -14.03
CA ASN A 175 0.61 -22.35 -14.69
C ASN A 175 0.04 -20.95 -14.86
N GLY A 176 0.87 -20.11 -15.43
CA GLY A 176 0.39 -18.84 -15.92
C GLY A 176 0.78 -18.67 -17.38
N VAL A 177 0.57 -17.46 -17.86
CA VAL A 177 1.10 -17.08 -19.20
C VAL A 177 1.58 -15.66 -19.09
N TRP A 178 0.66 -14.68 -19.09
CA TRP A 178 1.02 -13.29 -18.86
C TRP A 178 0.52 -12.68 -17.53
N ASN A 179 -0.67 -13.07 -17.03
CA ASN A 179 -1.20 -12.38 -15.85
C ASN A 179 -2.33 -13.15 -15.20
N MET A 180 -1.97 -13.93 -14.15
CA MET A 180 -2.93 -14.73 -13.45
C MET A 180 -3.02 -14.05 -12.09
N THR A 181 -4.17 -13.48 -11.80
CA THR A 181 -4.37 -12.71 -10.56
C THR A 181 -5.40 -13.44 -9.69
N PHE A 182 -5.16 -13.37 -8.39
CA PHE A 182 -5.97 -14.04 -7.41
C PHE A 182 -6.23 -13.11 -6.24
N SER A 183 -7.48 -13.06 -5.78
CA SER A 183 -7.78 -12.38 -4.53
C SER A 183 -8.76 -13.22 -3.71
N GLY A 184 -8.39 -13.49 -2.47
CA GLY A 184 -9.22 -14.32 -1.60
C GLY A 184 -9.35 -15.78 -2.01
N VAL A 185 -8.31 -16.29 -2.67
CA VAL A 185 -8.30 -17.68 -3.16
C VAL A 185 -7.45 -18.62 -2.32
N GLU A 186 -8.13 -19.52 -1.61
CA GLU A 186 -7.46 -20.62 -0.91
C GLU A 186 -6.88 -21.56 -1.92
N GLY A 187 -5.57 -21.79 -1.86
CA GLY A 187 -4.91 -22.68 -2.80
C GLY A 187 -4.26 -21.93 -3.96
N ALA A 188 -4.39 -20.62 -4.00
CA ALA A 188 -3.71 -19.88 -5.05
C ALA A 188 -2.19 -20.05 -4.96
N PRO A 189 -1.52 -20.02 -6.12
CA PRO A 189 -0.04 -20.00 -6.12
C PRO A 189 0.45 -18.78 -5.36
N ALA A 190 1.70 -18.78 -4.91
CA ALA A 190 2.17 -17.66 -4.10
C ALA A 190 2.49 -16.45 -5.00
N GLN A 191 2.35 -15.24 -4.47
CA GLN A 191 2.78 -14.02 -5.15
C GLN A 191 4.20 -14.23 -5.65
N SER A 192 4.37 -14.15 -6.98
CA SER A 192 5.61 -14.53 -7.64
C SER A 192 6.02 -13.68 -8.85
N PHE A 193 5.14 -12.80 -9.31
CA PHE A 193 5.33 -12.05 -10.58
C PHE A 193 6.74 -11.48 -10.64
N PRO A 194 7.47 -11.59 -11.79
CA PRO A 194 7.12 -12.04 -13.14
C PRO A 194 6.99 -13.56 -13.36
N GLU A 195 7.65 -14.38 -12.51
CA GLU A 195 7.64 -15.85 -12.69
C GLU A 195 7.11 -16.81 -11.53
N PRO A 196 6.07 -17.64 -11.82
CA PRO A 196 5.18 -17.34 -12.94
C PRO A 196 4.57 -15.96 -12.73
N PRO A 197 3.82 -15.47 -13.70
CA PRO A 197 3.23 -14.13 -13.51
C PRO A 197 1.97 -14.25 -12.65
N TYR A 198 2.19 -14.45 -11.34
CA TYR A 198 1.10 -14.65 -10.36
C TYR A 198 1.05 -13.44 -9.45
N THR A 199 -0.10 -12.76 -9.46
CA THR A 199 -0.38 -11.65 -8.55
C THR A 199 -1.42 -12.15 -7.55
N THR A 200 -1.05 -12.20 -6.27
CA THR A 200 -1.83 -12.96 -5.30
C THR A 200 -2.06 -12.17 -4.06
N LEU A 201 -3.35 -11.93 -3.78
CA LEU A 201 -3.78 -11.12 -2.67
C LEU A 201 -4.58 -12.01 -1.75
N GLU A 202 -4.34 -11.93 -0.45
CA GLU A 202 -4.89 -13.00 0.41
C GLU A 202 -6.39 -12.68 0.64
N THR A 203 -6.70 -11.39 0.50
CA THR A 203 -7.97 -10.74 0.75
C THR A 203 -8.64 -10.11 -0.47
N THR A 204 -9.96 -10.25 -0.65
CA THR A 204 -10.70 -9.29 -1.49
C THR A 204 -11.31 -8.18 -0.62
N PRO A 205 -10.95 -6.91 -0.89
CA PRO A 205 -11.30 -5.81 0.05
C PRO A 205 -12.81 -5.66 0.37
N VAL A 206 -13.61 -5.82 -0.67
CA VAL A 206 -15.06 -5.92 -0.53
C VAL A 206 -15.56 -6.80 -1.64
N SER A 207 -16.49 -7.71 -1.30
CA SER A 207 -17.14 -8.59 -2.31
C SER A 207 -18.59 -8.69 -1.96
N ARG A 208 -19.43 -8.93 -2.94
CA ARG A 208 -20.83 -9.23 -2.64
C ARG A 208 -21.24 -10.15 -3.78
N GLU A 209 -21.58 -11.39 -3.46
CA GLU A 209 -21.83 -12.33 -4.54
C GLU A 209 -23.08 -11.98 -5.37
N LYS A 210 -23.05 -12.38 -6.62
CA LYS A 210 -24.08 -11.99 -7.56
C LYS A 210 -25.40 -12.66 -7.17
N PRO A 211 -26.50 -11.91 -7.22
CA PRO A 211 -27.81 -12.53 -6.99
C PRO A 211 -28.15 -13.60 -8.02
N PHE A 212 -28.98 -14.55 -7.62
CA PHE A 212 -29.37 -15.64 -8.50
C PHE A 212 -30.74 -16.22 -8.18
N LEU A 213 -31.40 -16.65 -9.24
CA LEU A 213 -32.68 -17.32 -9.13
C LEU A 213 -32.52 -18.73 -8.55
N TYR A 214 -33.41 -19.11 -7.63
CA TYR A 214 -33.43 -20.46 -7.13
C TYR A 214 -34.87 -20.89 -6.80
N LEU A 215 -34.99 -22.13 -6.36
CA LEU A 215 -36.26 -22.72 -5.94
C LEU A 215 -36.23 -22.91 -4.46
N ASP A 216 -37.31 -22.53 -3.80
CA ASP A 216 -37.28 -22.48 -2.37
C ASP A 216 -37.79 -23.84 -1.85
N GLY A 217 -38.62 -24.49 -2.64
CA GLY A 217 -38.87 -25.89 -2.41
C GLY A 217 -39.89 -26.40 -3.39
N ASP A 218 -40.66 -25.41 -3.89
CA ASP A 218 -41.29 -25.35 -5.21
C ASP A 218 -41.41 -23.90 -5.70
N ASP A 219 -41.12 -22.91 -4.83
CA ASP A 219 -41.42 -21.51 -5.11
C ASP A 219 -40.19 -20.87 -5.78
N TYR A 220 -40.39 -19.96 -6.72
CA TYR A 220 -39.24 -19.22 -7.30
C TYR A 220 -38.92 -17.99 -6.50
N LYS A 221 -37.63 -17.76 -6.37
CA LYS A 221 -37.10 -16.68 -5.57
C LYS A 221 -35.74 -16.31 -6.11
N VAL A 222 -35.24 -15.15 -5.66
CA VAL A 222 -33.91 -14.68 -5.99
C VAL A 222 -33.10 -14.50 -4.73
N PHE A 223 -32.03 -15.26 -4.57
CA PHE A 223 -31.15 -15.05 -3.42
C PHE A 223 -30.25 -13.84 -3.65
N VAL A 224 -30.10 -13.05 -2.58
CA VAL A 224 -29.35 -11.80 -2.59
C VAL A 224 -28.23 -11.88 -1.52
N PRO A 225 -27.01 -12.20 -1.94
CA PRO A 225 -25.90 -12.34 -0.98
C PRO A 225 -25.54 -11.08 -0.21
N ALA A 226 -25.20 -11.30 1.05
CA ALA A 226 -24.71 -10.24 1.92
C ALA A 226 -23.27 -9.89 1.53
N LYS A 227 -22.91 -8.63 1.68
CA LYS A 227 -21.56 -8.23 1.34
C LYS A 227 -20.54 -8.82 2.33
N ARG A 228 -19.32 -8.98 1.83
CA ARG A 228 -18.19 -9.50 2.63
C ARG A 228 -16.97 -8.63 2.50
N THR A 229 -16.59 -8.00 3.62
CA THR A 229 -15.36 -7.27 3.69
C THR A 229 -14.22 -8.25 3.89
N ASN A 230 -13.00 -7.79 3.59
CA ASN A 230 -11.81 -8.66 3.50
C ASN A 230 -12.12 -10.14 3.21
N ALA A 231 -12.89 -10.38 2.15
CA ALA A 231 -13.32 -11.72 1.75
C ALA A 231 -12.21 -12.72 1.32
N ARG A 232 -12.43 -14.00 1.69
CA ARG A 232 -11.58 -15.11 1.23
C ARG A 232 -12.29 -16.44 1.31
N GLY A 233 -12.08 -17.28 0.30
CA GLY A 233 -12.78 -18.56 0.23
C GLY A 233 -14.23 -18.39 -0.18
N THR A 234 -14.97 -19.49 -0.35
CA THR A 234 -16.34 -19.39 -0.82
C THR A 234 -17.31 -18.93 0.29
N SER A 235 -18.43 -18.35 -0.13
CA SER A 235 -19.49 -17.89 0.76
C SER A 235 -20.39 -19.02 1.27
N TRP A 236 -20.31 -20.17 0.62
CA TRP A 236 -21.27 -21.26 0.75
C TRP A 236 -20.79 -22.63 1.31
N GLY A 237 -19.49 -22.85 1.52
CA GLY A 237 -19.14 -24.15 2.06
C GLY A 237 -19.51 -24.18 3.54
N ASN A 238 -20.20 -25.20 4.05
CA ASN A 238 -20.43 -25.32 5.51
C ASN A 238 -21.73 -24.64 6.06
N GLY A 239 -22.10 -25.09 7.27
CA GLY A 239 -23.44 -24.98 7.86
C GLY A 239 -24.20 -23.68 7.69
N THR A 240 -25.52 -23.73 7.58
CA THR A 240 -26.29 -22.61 6.98
C THR A 240 -25.59 -21.91 5.77
N PRO A 241 -26.13 -20.76 5.26
CA PRO A 241 -25.50 -19.67 4.49
C PRO A 241 -26.12 -18.23 4.70
N GLU A 242 -25.60 -17.13 4.06
CA GLU A 242 -25.73 -15.68 4.48
C GLU A 242 -26.38 -14.63 3.47
N GLY A 243 -27.63 -14.20 3.79
CA GLY A 243 -28.29 -13.08 3.14
C GLY A 243 -29.83 -13.04 3.21
N GLU A 244 -30.49 -12.31 2.30
CA GLU A 244 -31.97 -12.14 2.25
C GLU A 244 -32.48 -12.70 0.92
N SER A 245 -33.68 -13.31 0.92
CA SER A 245 -34.30 -13.95 -0.26
C SER A 245 -35.58 -13.23 -0.76
N LEU A 246 -35.62 -12.85 -2.04
CA LEU A 246 -36.77 -12.11 -2.57
C LEU A 246 -37.77 -13.02 -3.26
N PRO A 247 -39.06 -12.91 -2.87
CA PRO A 247 -40.05 -13.72 -3.60
C PRO A 247 -40.17 -13.39 -5.08
N LEU A 248 -40.43 -14.39 -5.93
CA LEU A 248 -40.59 -14.12 -7.37
C LEU A 248 -41.65 -13.05 -7.68
N ASP A 249 -42.75 -13.02 -6.92
CA ASP A 249 -43.77 -12.04 -7.28
C ASP A 249 -43.43 -10.60 -6.90
N GLN A 250 -42.25 -10.38 -6.33
CA GLN A 250 -41.78 -9.03 -6.13
C GLN A 250 -40.85 -8.55 -7.24
N PHE A 251 -40.79 -9.33 -8.32
CA PHE A 251 -40.12 -8.91 -9.55
C PHE A 251 -41.08 -8.66 -10.67
N TYR A 252 -40.78 -7.65 -11.46
CA TYR A 252 -41.38 -7.51 -12.77
C TYR A 252 -40.58 -8.40 -13.71
N VAL A 253 -41.25 -9.41 -14.27
CA VAL A 253 -40.62 -10.33 -15.23
C VAL A 253 -40.72 -9.67 -16.62
N VAL A 254 -39.62 -9.05 -17.05
CA VAL A 254 -39.49 -8.38 -18.35
C VAL A 254 -39.34 -9.46 -19.44
N LYS A 255 -40.06 -9.30 -20.54
CA LYS A 255 -39.92 -10.20 -21.69
C LYS A 255 -39.93 -9.33 -22.95
N PRO A 256 -39.89 -9.98 -24.14
CA PRO A 256 -40.17 -9.22 -25.36
C PRO A 256 -41.47 -8.43 -25.31
N GLY A 257 -41.33 -7.14 -25.63
CA GLY A 257 -42.44 -6.19 -25.77
C GLY A 257 -42.48 -5.07 -24.72
N ALA A 258 -41.92 -5.31 -23.54
CA ALA A 258 -41.87 -4.27 -22.52
C ALA A 258 -41.16 -3.02 -23.00
N THR A 259 -41.53 -1.89 -22.40
CA THR A 259 -40.90 -0.59 -22.72
C THR A 259 -40.24 -0.02 -21.51
N ALA A 260 -39.36 0.95 -21.70
CA ALA A 260 -38.65 1.57 -20.58
C ALA A 260 -39.67 2.24 -19.65
N GLU A 261 -40.62 2.93 -20.30
CA GLU A 261 -41.91 3.33 -19.74
C GLU A 261 -42.43 2.36 -18.63
N THR A 262 -42.74 1.14 -19.03
CA THR A 262 -43.41 0.20 -18.15
C THR A 262 -42.37 -0.35 -17.14
N ILE A 263 -41.14 -0.58 -17.62
CA ILE A 263 -40.04 -1.00 -16.75
C ILE A 263 -39.81 0.01 -15.65
N ASN A 264 -39.97 1.27 -16.01
CA ASN A 264 -39.58 2.36 -15.14
C ASN A 264 -40.67 2.56 -14.06
N ALA A 265 -41.91 2.27 -14.43
CA ALA A 265 -43.04 2.38 -13.48
C ALA A 265 -43.04 1.19 -12.51
N ALA A 266 -42.60 0.05 -13.02
CA ALA A 266 -42.41 -1.11 -12.15
C ALA A 266 -41.47 -0.78 -10.99
N VAL A 267 -40.31 -0.22 -11.32
CA VAL A 267 -39.33 0.11 -10.31
C VAL A 267 -39.92 1.25 -9.48
N ASP A 268 -40.73 2.08 -10.11
CA ASP A 268 -41.36 3.13 -9.36
C ASP A 268 -42.32 2.62 -8.30
N GLN A 269 -42.74 1.40 -8.51
CA GLN A 269 -43.77 0.76 -7.75
C GLN A 269 -43.22 -0.22 -6.69
N GLY A 270 -41.90 -0.35 -6.62
CA GLY A 270 -41.33 -1.20 -5.59
C GLY A 270 -41.00 -2.58 -6.10
N LEU A 271 -41.11 -2.78 -7.40
CA LEU A 271 -40.76 -4.07 -8.00
C LEU A 271 -39.31 -4.06 -8.40
N HIS A 272 -38.69 -5.22 -8.23
CA HIS A 272 -37.38 -5.47 -8.78
C HIS A 272 -37.57 -5.88 -10.24
N LEU A 273 -36.46 -6.07 -10.95
CA LEU A 273 -36.49 -6.43 -12.36
C LEU A 273 -35.78 -7.75 -12.67
N LEU A 274 -36.45 -8.60 -13.43
CA LEU A 274 -35.88 -9.83 -13.94
C LEU A 274 -36.04 -9.84 -15.44
N PHE A 275 -34.94 -9.60 -16.13
CA PHE A 275 -34.93 -9.66 -17.59
C PHE A 275 -34.82 -11.10 -18.12
N THR A 276 -35.89 -11.61 -18.70
CA THR A 276 -35.87 -12.96 -19.27
C THR A 276 -35.13 -12.88 -20.62
N PRO A 277 -34.54 -14.01 -21.08
CA PRO A 277 -33.57 -13.93 -22.19
C PRO A 277 -34.15 -13.45 -23.51
N GLY A 278 -33.57 -12.36 -23.98
CA GLY A 278 -34.04 -11.71 -25.19
C GLY A 278 -33.30 -10.40 -25.37
N VAL A 279 -33.79 -9.64 -26.35
CA VAL A 279 -33.20 -8.40 -26.77
C VAL A 279 -34.25 -7.30 -26.63
N TYR A 280 -33.90 -6.26 -25.87
CA TYR A 280 -34.82 -5.22 -25.55
C TYR A 280 -34.35 -3.87 -26.07
N HIS A 281 -35.05 -3.36 -27.07
CA HIS A 281 -34.81 -2.00 -27.57
C HIS A 281 -35.68 -0.96 -26.85
N VAL A 282 -35.01 0.00 -26.18
CA VAL A 282 -35.69 1.04 -25.46
C VAL A 282 -35.47 2.41 -26.13
N ASP A 283 -36.48 3.28 -26.07
CA ASP A 283 -36.38 4.62 -26.61
C ASP A 283 -36.21 5.71 -25.54
N GLN A 284 -36.19 5.28 -24.30
CA GLN A 284 -35.97 6.14 -23.17
C GLN A 284 -35.07 5.32 -22.16
N PRO A 285 -34.24 5.98 -21.35
CA PRO A 285 -33.41 5.11 -20.52
C PRO A 285 -34.14 4.35 -19.40
N ILE A 286 -33.55 3.25 -18.98
CA ILE A 286 -34.05 2.56 -17.80
C ILE A 286 -33.50 3.30 -16.57
N GLU A 287 -34.41 3.67 -15.68
CA GLU A 287 -34.07 4.44 -14.52
C GLU A 287 -34.31 3.64 -13.24
N ILE A 288 -33.26 3.49 -12.45
CA ILE A 288 -33.36 2.75 -11.22
C ILE A 288 -33.02 3.73 -10.10
N ASP A 289 -34.06 4.23 -9.43
CA ASP A 289 -33.86 5.23 -8.36
C ASP A 289 -34.56 4.83 -7.07
N ARG A 290 -34.47 3.55 -6.75
CA ARG A 290 -34.98 3.02 -5.52
C ARG A 290 -33.87 2.16 -4.91
N ALA A 291 -33.56 2.43 -3.65
CA ALA A 291 -32.46 1.72 -3.05
C ALA A 291 -32.80 0.25 -2.98
N ASN A 292 -31.76 -0.57 -3.08
CA ASN A 292 -31.87 -2.01 -2.98
C ASN A 292 -32.54 -2.74 -4.15
N THR A 293 -32.73 -2.03 -5.24
CA THR A 293 -33.35 -2.64 -6.43
C THR A 293 -32.40 -3.62 -7.07
N VAL A 294 -32.94 -4.80 -7.34
CA VAL A 294 -32.18 -5.84 -8.04
C VAL A 294 -32.67 -5.80 -9.49
N ALA A 295 -31.72 -5.75 -10.43
CA ALA A 295 -31.99 -5.82 -11.86
C ALA A 295 -31.12 -6.90 -12.44
N LEU A 296 -31.74 -8.05 -12.71
CA LEU A 296 -31.01 -9.30 -12.91
C LEU A 296 -31.41 -9.85 -14.26
N GLY A 297 -30.43 -10.07 -15.12
CA GLY A 297 -30.66 -10.64 -16.43
C GLY A 297 -30.38 -12.13 -16.43
N LEU A 298 -31.19 -12.84 -17.21
CA LEU A 298 -31.02 -14.28 -17.48
C LEU A 298 -30.65 -14.48 -18.97
N GLY A 299 -29.84 -15.49 -19.28
CA GLY A 299 -29.61 -15.85 -20.66
C GLY A 299 -29.00 -14.75 -21.52
N LEU A 300 -28.15 -13.91 -20.91
CA LEU A 300 -27.49 -12.80 -21.58
C LEU A 300 -28.51 -11.81 -22.20
N ALA A 301 -29.58 -11.56 -21.44
CA ALA A 301 -30.53 -10.52 -21.77
C ALA A 301 -29.80 -9.25 -22.13
N THR A 302 -30.27 -8.61 -23.20
CA THR A 302 -29.55 -7.51 -23.83
C THR A 302 -30.44 -6.30 -23.99
N ILE A 303 -29.91 -5.13 -23.64
CA ILE A 303 -30.57 -3.85 -23.80
C ILE A 303 -29.93 -3.08 -24.95
N ILE A 304 -30.74 -2.58 -25.87
CA ILE A 304 -30.27 -1.69 -26.94
C ILE A 304 -30.93 -0.31 -26.87
N PRO A 305 -30.15 0.74 -26.55
CA PRO A 305 -30.81 2.05 -26.54
C PRO A 305 -30.95 2.59 -27.94
N ASP A 306 -32.16 2.95 -28.32
CA ASP A 306 -32.41 3.61 -29.60
C ASP A 306 -32.26 5.14 -29.45
N ASN A 307 -32.22 5.86 -30.57
CA ASN A 307 -32.41 7.31 -30.59
C ASN A 307 -31.30 8.04 -29.81
N GLY A 308 -30.21 7.34 -29.60
CA GLY A 308 -29.01 7.88 -28.94
C GLY A 308 -29.15 8.07 -27.44
N VAL A 309 -30.17 7.44 -26.86
CA VAL A 309 -30.32 7.63 -25.42
C VAL A 309 -29.37 6.72 -24.59
N THR A 310 -29.26 7.00 -23.28
CA THR A 310 -28.53 6.14 -22.37
C THR A 310 -29.37 4.91 -22.09
N ALA A 311 -28.75 3.75 -21.95
CA ALA A 311 -29.52 2.53 -21.72
C ALA A 311 -30.01 2.40 -20.28
N LEU A 312 -29.15 2.72 -19.32
CA LEU A 312 -29.45 2.50 -17.92
C LEU A 312 -28.90 3.64 -17.08
N LYS A 313 -29.75 4.23 -16.26
CA LYS A 313 -29.29 5.16 -15.25
C LYS A 313 -29.71 4.66 -13.86
N VAL A 314 -28.75 4.74 -12.95
CA VAL A 314 -28.96 4.39 -11.55
C VAL A 314 -28.78 5.70 -10.76
N GLY A 315 -29.82 6.14 -10.08
CA GLY A 315 -29.70 7.32 -9.22
C GLY A 315 -28.85 7.07 -8.00
N ASP A 316 -28.95 8.01 -7.05
CA ASP A 316 -27.97 8.12 -5.97
C ASP A 316 -28.54 7.48 -4.73
N VAL A 317 -28.68 6.16 -4.82
CA VAL A 317 -29.28 5.35 -3.78
C VAL A 317 -28.35 4.18 -3.47
N ASP A 318 -28.49 3.64 -2.26
CA ASP A 318 -27.77 2.47 -1.80
C ASP A 318 -28.31 1.21 -2.48
N GLY A 319 -27.41 0.25 -2.58
CA GLY A 319 -27.73 -1.15 -2.70
C GLY A 319 -28.31 -1.68 -3.98
N VAL A 320 -28.22 -0.94 -5.08
CA VAL A 320 -28.74 -1.41 -6.35
C VAL A 320 -27.77 -2.47 -6.85
N LYS A 321 -28.33 -3.54 -7.42
CA LYS A 321 -27.55 -4.70 -7.85
C LYS A 321 -27.94 -4.96 -9.27
N VAL A 322 -27.07 -4.55 -10.17
CA VAL A 322 -27.27 -4.74 -11.61
C VAL A 322 -26.42 -5.95 -12.01
N ALA A 323 -26.99 -6.87 -12.78
CA ALA A 323 -26.50 -8.23 -12.82
C ALA A 323 -26.88 -8.97 -14.11
N GLY A 324 -25.87 -9.40 -14.88
CA GLY A 324 -26.08 -10.29 -16.00
C GLY A 324 -26.80 -9.68 -17.18
N LEU A 325 -26.35 -8.49 -17.55
CA LEU A 325 -26.92 -7.77 -18.68
C LEU A 325 -25.86 -7.48 -19.72
N LEU A 326 -26.23 -7.57 -21.00
CA LEU A 326 -25.41 -7.02 -22.08
C LEU A 326 -26.09 -5.75 -22.57
N VAL A 327 -25.35 -4.65 -22.63
CA VAL A 327 -25.83 -3.43 -23.26
C VAL A 327 -25.08 -3.25 -24.58
N ASP A 328 -25.84 -3.19 -25.66
CA ASP A 328 -25.33 -3.19 -27.02
C ASP A 328 -25.71 -1.86 -27.68
N ALA A 329 -24.71 -1.09 -28.08
CA ALA A 329 -24.99 0.22 -28.63
C ALA A 329 -25.84 0.16 -29.89
N GLY A 330 -26.70 1.15 -30.06
CA GLY A 330 -27.39 1.30 -31.34
C GLY A 330 -26.56 2.10 -32.32
N PRO A 331 -26.99 2.13 -33.60
CA PRO A 331 -26.23 2.89 -34.61
C PRO A 331 -26.23 4.43 -34.41
N VAL A 332 -27.21 4.96 -33.68
CA VAL A 332 -27.14 6.37 -33.25
C VAL A 332 -26.28 6.52 -32.00
N ASN A 333 -25.26 7.35 -32.11
CA ASN A 333 -24.35 7.54 -30.99
C ASN A 333 -25.06 7.94 -29.71
N SER A 334 -24.82 7.16 -28.65
CA SER A 334 -25.22 7.51 -27.32
C SER A 334 -24.09 8.20 -26.58
N GLU A 335 -24.41 9.32 -25.96
CA GLU A 335 -23.37 10.05 -25.18
C GLU A 335 -22.82 9.18 -24.04
N THR A 336 -23.70 8.48 -23.36
CA THR A 336 -23.33 7.43 -22.41
C THR A 336 -24.22 6.21 -22.57
N LEU A 337 -23.71 5.02 -22.21
CA LEU A 337 -24.56 3.82 -22.28
C LEU A 337 -25.08 3.39 -20.90
N VAL A 338 -24.22 3.50 -19.88
CA VAL A 338 -24.59 3.17 -18.52
C VAL A 338 -24.07 4.22 -17.58
N GLU A 339 -24.94 4.75 -16.73
CA GLU A 339 -24.47 5.69 -15.69
C GLU A 339 -24.85 5.22 -14.31
N VAL A 340 -23.87 5.22 -13.39
CA VAL A 340 -24.14 4.88 -12.01
C VAL A 340 -23.98 6.12 -11.14
N GLY A 341 -25.14 6.66 -10.80
CA GLY A 341 -25.21 7.89 -10.06
C GLY A 341 -25.18 9.11 -10.92
N SER A 342 -25.55 10.23 -10.29
CA SER A 342 -25.48 11.52 -10.94
C SER A 342 -24.16 12.29 -10.82
N ASP A 343 -23.91 13.12 -11.83
CA ASP A 343 -22.73 13.99 -11.93
C ASP A 343 -22.44 14.86 -10.68
N GLY A 344 -23.41 15.68 -10.31
CA GLY A 344 -23.39 16.43 -9.04
C GLY A 344 -23.94 15.61 -7.87
N ALA A 345 -23.05 15.13 -6.98
CA ALA A 345 -23.35 13.99 -6.08
C ALA A 345 -22.13 13.39 -5.37
N SER A 346 -22.02 13.57 -4.05
CA SER A 346 -20.97 12.88 -3.24
C SER A 346 -21.56 12.21 -1.96
N GLY A 347 -22.75 11.66 -2.07
CA GLY A 347 -23.26 10.91 -0.92
C GLY A 347 -22.37 9.70 -0.84
N ASP A 348 -22.40 8.96 0.24
CA ASP A 348 -21.56 7.79 0.34
C ASP A 348 -22.45 6.57 0.57
N HIS A 349 -21.94 5.37 0.23
CA HIS A 349 -22.77 4.16 0.19
C HIS A 349 -22.03 2.96 0.73
N ALA A 350 -21.31 3.18 1.83
CA ALA A 350 -20.26 2.23 2.22
C ALA A 350 -20.87 0.95 2.79
N ALA A 351 -21.88 1.09 3.63
CA ALA A 351 -22.49 -0.07 4.26
C ALA A 351 -23.31 -0.92 3.28
N ASN A 352 -23.84 -0.28 2.23
CA ASN A 352 -24.68 -0.92 1.20
C ASN A 352 -24.47 -0.35 -0.20
N PRO A 353 -23.35 -0.72 -0.84
CA PRO A 353 -23.01 -0.10 -2.12
C PRO A 353 -23.85 -0.60 -3.28
N THR A 354 -23.83 0.13 -4.39
CA THR A 354 -24.37 -0.33 -5.66
C THR A 354 -23.29 -1.13 -6.36
N SER A 355 -23.69 -2.19 -7.08
CA SER A 355 -22.74 -3.00 -7.85
C SER A 355 -23.22 -3.30 -9.26
N LEU A 356 -22.28 -3.27 -10.19
CA LEU A 356 -22.44 -3.92 -11.52
C LEU A 356 -21.73 -5.27 -11.50
N GLN A 357 -22.43 -6.34 -11.86
CA GLN A 357 -21.82 -7.67 -11.95
C GLN A 357 -22.22 -8.37 -13.24
N ASP A 358 -21.23 -8.92 -13.93
CA ASP A 358 -21.46 -9.53 -15.24
C ASP A 358 -22.30 -8.58 -16.10
N VAL A 359 -21.87 -7.32 -16.11
CA VAL A 359 -22.38 -6.32 -17.03
C VAL A 359 -21.37 -6.16 -18.16
N PHE A 360 -21.87 -6.37 -19.37
CA PHE A 360 -21.06 -6.40 -20.57
C PHE A 360 -21.59 -5.34 -21.50
N VAL A 361 -20.69 -4.60 -22.13
CA VAL A 361 -21.09 -3.56 -23.09
C VAL A 361 -20.43 -3.89 -24.41
N ARG A 362 -21.18 -3.80 -25.50
CA ARG A 362 -20.64 -4.00 -26.84
C ARG A 362 -20.93 -2.76 -27.66
N ILE A 363 -19.95 -2.27 -28.42
CA ILE A 363 -20.18 -1.23 -29.42
C ILE A 363 -19.78 -1.77 -30.80
N GLY A 364 -20.79 -2.04 -31.61
CA GLY A 364 -20.62 -2.61 -32.95
C GLY A 364 -20.55 -4.13 -32.94
N GLY A 365 -20.48 -4.74 -34.14
CA GLY A 365 -20.18 -6.17 -34.29
C GLY A 365 -21.40 -6.90 -34.82
N ALA A 366 -22.56 -6.43 -34.42
CA ALA A 366 -23.82 -7.04 -34.81
C ALA A 366 -24.52 -6.01 -35.65
N GLY A 367 -23.71 -5.23 -36.38
CA GLY A 367 -24.19 -4.06 -37.07
C GLY A 367 -23.64 -2.81 -36.44
N PRO A 368 -23.91 -1.64 -37.06
CA PRO A 368 -23.23 -0.46 -36.53
C PRO A 368 -23.69 -0.05 -35.15
N GLY A 369 -22.71 0.32 -34.32
CA GLY A 369 -22.98 0.91 -33.04
C GLY A 369 -21.92 1.97 -32.68
N LYS A 370 -22.34 2.99 -31.92
CA LYS A 370 -21.46 4.06 -31.50
C LYS A 370 -21.85 4.56 -30.11
N ALA A 371 -20.87 4.96 -29.32
CA ALA A 371 -21.16 5.64 -28.06
C ALA A 371 -19.91 6.35 -27.59
N THR A 372 -20.10 7.51 -26.98
CA THR A 372 -19.00 8.37 -26.60
C THR A 372 -18.26 7.83 -25.34
N THR A 373 -19.01 7.57 -24.28
CA THR A 373 -18.45 6.90 -23.08
C THR A 373 -19.42 5.75 -22.77
N SER A 374 -18.90 4.57 -22.47
CA SER A 374 -19.78 3.43 -22.28
C SER A 374 -20.35 3.34 -20.84
N ILE A 375 -19.45 3.34 -19.85
CA ILE A 375 -19.89 3.36 -18.45
C ILE A 375 -19.24 4.51 -17.68
N VAL A 376 -20.07 5.30 -17.03
CA VAL A 376 -19.62 6.34 -16.11
C VAL A 376 -20.10 6.01 -14.70
N VAL A 377 -19.13 5.97 -13.78
CA VAL A 377 -19.39 5.54 -12.42
C VAL A 377 -19.19 6.75 -11.51
N ASN A 378 -20.29 7.41 -11.16
CA ASN A 378 -20.21 8.55 -10.26
C ASN A 378 -20.41 8.27 -8.78
N SER A 379 -21.23 7.28 -8.45
CA SER A 379 -21.52 6.98 -7.04
C SER A 379 -20.32 6.45 -6.27
N ASN A 380 -20.08 7.05 -5.13
CA ASN A 380 -19.06 6.57 -4.25
C ASN A 380 -19.36 5.14 -3.76
N ASP A 381 -18.28 4.38 -3.58
CA ASP A 381 -18.29 3.04 -3.01
C ASP A 381 -18.83 1.95 -3.96
N THR A 382 -19.06 2.32 -5.19
CA THR A 382 -19.59 1.37 -6.19
C THR A 382 -18.59 0.22 -6.43
N ILE A 383 -19.13 -0.98 -6.53
CA ILE A 383 -18.34 -2.16 -6.88
C ILE A 383 -18.62 -2.61 -8.29
N ILE A 384 -17.55 -2.80 -9.05
CA ILE A 384 -17.61 -3.21 -10.42
C ILE A 384 -16.94 -4.61 -10.45
N ASP A 385 -17.74 -5.68 -10.37
CA ASP A 385 -17.23 -7.06 -10.20
C ASP A 385 -17.56 -7.88 -11.43
N HIS A 386 -16.59 -7.91 -12.32
CA HIS A 386 -16.64 -8.51 -13.66
C HIS A 386 -17.41 -7.68 -14.68
N THR A 387 -16.69 -6.89 -15.46
CA THR A 387 -17.29 -6.21 -16.62
C THR A 387 -16.40 -6.45 -17.83
N TRP A 388 -17.02 -6.55 -19.01
CA TRP A 388 -16.28 -6.52 -20.29
C TRP A 388 -16.93 -5.42 -21.09
N VAL A 389 -16.12 -4.41 -21.40
CA VAL A 389 -16.58 -3.20 -22.08
C VAL A 389 -15.73 -3.17 -23.36
N TRP A 390 -16.41 -3.48 -24.46
CA TRP A 390 -15.76 -3.93 -25.68
C TRP A 390 -16.26 -3.18 -26.92
N ARG A 391 -15.37 -2.41 -27.52
CA ARG A 391 -15.65 -1.83 -28.81
C ARG A 391 -15.27 -2.90 -29.82
N ALA A 392 -16.24 -3.37 -30.60
CA ALA A 392 -16.02 -4.54 -31.43
C ALA A 392 -14.83 -4.37 -32.41
N ASP A 393 -13.96 -5.40 -32.46
CA ASP A 393 -12.82 -5.42 -33.39
C ASP A 393 -13.07 -6.30 -34.59
N HIS A 394 -14.21 -6.95 -34.63
CA HIS A 394 -14.60 -7.79 -35.76
C HIS A 394 -16.11 -7.88 -35.78
N GLY A 395 -16.62 -8.41 -36.87
CA GLY A 395 -18.06 -8.51 -37.10
C GLY A 395 -18.58 -7.43 -38.05
N GLU A 396 -19.88 -7.19 -38.00
CA GLU A 396 -20.53 -6.26 -38.91
C GLU A 396 -20.65 -4.87 -38.27
N GLY A 397 -20.44 -3.82 -39.06
CA GLY A 397 -20.59 -2.47 -38.53
C GLY A 397 -19.39 -1.99 -37.74
N VAL A 398 -18.20 -2.45 -38.13
CA VAL A 398 -16.96 -2.11 -37.44
C VAL A 398 -16.01 -1.32 -38.35
N GLY A 399 -15.46 -0.24 -37.81
CA GLY A 399 -14.67 0.71 -38.58
C GLY A 399 -14.15 1.80 -37.63
N TRP A 400 -12.97 2.34 -37.95
CA TRP A 400 -12.32 3.30 -37.05
C TRP A 400 -13.28 4.46 -36.76
N GLU A 401 -14.18 4.70 -37.69
CA GLU A 401 -15.20 5.70 -37.44
C GLU A 401 -16.62 5.06 -37.52
N THR A 402 -16.77 3.95 -38.25
CA THR A 402 -18.03 3.22 -38.29
C THR A 402 -18.56 2.82 -36.90
N ASN A 403 -17.68 2.31 -36.04
CA ASN A 403 -18.08 2.02 -34.66
C ASN A 403 -17.17 2.72 -33.68
N ARG A 404 -16.83 3.97 -34.01
CA ARG A 404 -16.09 4.79 -33.06
C ARG A 404 -16.72 4.78 -31.68
N ALA A 405 -15.86 4.70 -30.69
CA ALA A 405 -16.25 4.78 -29.29
C ALA A 405 -15.05 5.29 -28.52
N ASP A 406 -15.08 6.56 -28.12
CA ASP A 406 -13.85 7.18 -27.63
C ASP A 406 -13.40 6.62 -26.27
N TYR A 407 -14.36 6.42 -25.37
CA TYR A 407 -14.05 6.20 -23.97
C TYR A 407 -14.82 4.99 -23.41
N GLY A 408 -14.13 4.08 -22.73
CA GLY A 408 -14.79 2.90 -22.21
C GLY A 408 -15.47 3.13 -20.86
N VAL A 409 -14.66 3.43 -19.86
CA VAL A 409 -15.06 3.44 -18.48
C VAL A 409 -14.40 4.65 -17.87
N HIS A 410 -15.26 5.50 -17.29
CA HIS A 410 -14.83 6.72 -16.59
C HIS A 410 -15.27 6.62 -15.14
N VAL A 411 -14.33 6.55 -14.19
CA VAL A 411 -14.71 6.43 -12.79
C VAL A 411 -14.56 7.78 -12.12
N LYS A 412 -15.68 8.32 -11.71
CA LYS A 412 -15.65 9.63 -11.07
C LYS A 412 -15.76 9.58 -9.55
N GLY A 413 -16.64 8.72 -9.03
CA GLY A 413 -16.76 8.51 -7.60
C GLY A 413 -15.50 8.08 -6.85
N ASP A 414 -15.56 8.22 -5.53
CA ASP A 414 -14.47 7.87 -4.65
C ASP A 414 -14.77 6.50 -4.03
N ASN A 415 -13.72 5.79 -3.66
CA ASN A 415 -13.75 4.47 -3.01
C ASN A 415 -14.40 3.38 -3.90
N VAL A 416 -14.25 3.55 -5.20
CA VAL A 416 -14.79 2.58 -6.16
C VAL A 416 -13.83 1.41 -6.31
N LEU A 417 -14.38 0.20 -6.42
CA LEU A 417 -13.55 -1.01 -6.51
C LEU A 417 -13.94 -1.73 -7.76
N ALA A 418 -12.95 -2.07 -8.57
CA ALA A 418 -13.17 -2.91 -9.74
C ALA A 418 -12.38 -4.20 -9.55
N THR A 419 -13.07 -5.33 -9.60
CA THR A 419 -12.46 -6.65 -9.52
C THR A 419 -12.84 -7.40 -10.82
N GLY A 420 -11.85 -7.65 -11.66
CA GLY A 420 -12.13 -8.37 -12.91
C GLY A 420 -12.55 -7.39 -14.02
N LEU A 421 -11.68 -6.45 -14.34
CA LEU A 421 -12.01 -5.36 -15.25
C LEU A 421 -11.41 -5.63 -16.64
N PHE A 422 -12.25 -5.79 -17.66
CA PHE A 422 -11.79 -6.10 -19.02
C PHE A 422 -12.33 -4.98 -19.95
N VAL A 423 -11.48 -4.19 -20.59
CA VAL A 423 -11.95 -3.10 -21.41
C VAL A 423 -11.05 -2.96 -22.66
N GLU A 424 -11.64 -2.98 -23.85
CA GLU A 424 -10.84 -3.15 -25.08
C GLU A 424 -11.31 -2.31 -26.28
N HIS A 425 -10.30 -1.73 -26.91
CA HIS A 425 -10.31 -1.24 -28.31
C HIS A 425 -10.88 0.16 -28.51
N PHE A 426 -11.05 0.93 -27.44
CA PHE A 426 -11.57 2.29 -27.60
C PHE A 426 -10.64 3.25 -28.38
N ASN A 427 -11.23 4.26 -29.04
CA ASN A 427 -10.44 5.20 -29.87
C ASN A 427 -9.51 6.05 -29.02
N LYS A 428 -9.93 6.37 -27.79
CA LYS A 428 -9.16 7.16 -26.85
C LYS A 428 -8.90 6.35 -25.57
N TYR A 429 -9.13 6.92 -24.37
CA TYR A 429 -8.81 6.22 -23.12
C TYR A 429 -9.81 5.09 -22.86
N ASP A 430 -9.32 3.87 -22.71
CA ASP A 430 -10.20 2.75 -22.42
C ASP A 430 -10.77 2.92 -21.02
N VAL A 431 -9.89 3.17 -20.07
CA VAL A 431 -10.29 3.48 -18.70
C VAL A 431 -9.65 4.77 -18.23
N GLN A 432 -10.51 5.63 -17.64
CA GLN A 432 -10.12 6.85 -16.96
C GLN A 432 -10.62 6.82 -15.52
N TRP A 433 -9.78 7.28 -14.63
CA TRP A 433 -10.08 7.27 -13.22
C TRP A 433 -9.69 8.60 -12.59
N SER A 434 -10.71 9.33 -12.11
CA SER A 434 -10.45 10.64 -11.48
C SER A 434 -11.02 10.75 -10.10
N GLY A 435 -11.59 9.65 -9.62
CA GLY A 435 -12.07 9.57 -8.26
C GLY A 435 -10.93 9.20 -7.34
N GLU A 436 -11.10 9.48 -6.05
CA GLU A 436 -10.11 9.14 -5.06
C GLU A 436 -10.23 7.73 -4.50
N ASN A 437 -9.07 7.18 -4.12
CA ASN A 437 -8.97 5.87 -3.45
C ASN A 437 -9.61 4.75 -4.24
N GLY A 438 -9.46 4.84 -5.56
CA GLY A 438 -9.90 3.77 -6.42
C GLY A 438 -8.97 2.58 -6.27
N LYS A 439 -9.51 1.40 -6.55
CA LYS A 439 -8.75 0.13 -6.49
C LYS A 439 -9.18 -0.74 -7.65
N THR A 440 -8.21 -1.26 -8.43
CA THR A 440 -8.49 -2.26 -9.45
C THR A 440 -7.67 -3.51 -9.19
N ILE A 441 -8.38 -4.63 -9.09
CA ILE A 441 -7.78 -5.94 -8.97
C ILE A 441 -8.09 -6.69 -10.23
N PHE A 442 -7.05 -6.85 -11.04
CA PHE A 442 -7.10 -7.41 -12.40
C PHE A 442 -7.65 -6.49 -13.49
N TYR A 443 -6.79 -6.23 -14.47
CA TYR A 443 -7.16 -5.49 -15.68
C TYR A 443 -6.61 -6.13 -16.93
N GLN A 444 -7.48 -6.29 -17.91
CA GLN A 444 -7.11 -6.76 -19.25
C GLN A 444 -7.61 -5.73 -20.26
N ASN A 445 -6.68 -5.27 -21.08
CA ASN A 445 -6.95 -4.37 -22.18
C ASN A 445 -6.26 -4.83 -23.44
N ALA A 446 -6.91 -4.62 -24.58
CA ALA A 446 -6.24 -4.57 -25.87
C ALA A 446 -6.64 -3.27 -26.55
N LYS A 447 -5.66 -2.64 -27.15
CA LYS A 447 -5.86 -1.35 -27.80
C LYS A 447 -6.63 -1.52 -29.10
N ALA A 448 -7.11 -0.41 -29.65
CA ALA A 448 -7.76 -0.47 -30.97
C ALA A 448 -6.87 -1.15 -31.98
N TYR A 449 -7.40 -2.03 -32.83
CA TYR A 449 -6.58 -2.66 -33.86
C TYR A 449 -6.57 -1.91 -35.16
N ASP A 450 -7.53 -0.99 -35.28
CA ASP A 450 -7.84 -0.37 -36.55
C ASP A 450 -7.42 1.10 -36.73
N ALA A 451 -6.62 1.66 -35.82
CA ALA A 451 -6.17 3.02 -35.99
C ALA A 451 -5.46 3.06 -37.33
N PRO A 452 -5.78 4.05 -38.17
CA PRO A 452 -5.14 3.96 -39.50
C PRO A 452 -3.74 4.59 -39.55
N ASP A 453 -3.44 5.53 -38.67
CA ASP A 453 -2.06 6.04 -38.58
C ASP A 453 -1.77 6.74 -37.23
N GLN A 454 -0.51 7.13 -37.07
CA GLN A 454 -0.05 7.72 -35.82
C GLN A 454 -0.85 9.01 -35.46
N ALA A 455 -1.25 9.77 -36.47
CA ALA A 455 -2.03 11.01 -36.21
C ALA A 455 -3.29 10.75 -35.38
N ALA A 456 -4.05 9.79 -35.87
CA ALA A 456 -5.36 9.43 -35.35
C ALA A 456 -5.39 9.15 -33.85
N ILE A 457 -4.24 8.82 -33.28
CA ILE A 457 -4.11 8.47 -31.86
C ILE A 457 -3.20 9.46 -31.12
N GLN A 458 -2.81 10.51 -31.82
CA GLN A 458 -1.91 11.53 -31.30
C GLN A 458 -2.66 12.41 -30.31
N ASN A 459 -2.07 12.68 -29.13
CA ASN A 459 -2.85 13.04 -27.94
C ASN A 459 -2.06 13.95 -27.07
N GLY A 460 -2.33 15.25 -27.25
CA GLY A 460 -1.43 16.30 -26.80
C GLY A 460 0.03 15.94 -27.09
N ASP A 461 0.73 15.61 -26.03
CA ASP A 461 2.16 15.40 -26.08
C ASP A 461 2.53 13.95 -26.21
N ILE A 462 1.52 13.09 -26.06
CA ILE A 462 1.74 11.65 -26.01
C ILE A 462 1.44 10.95 -27.31
N LYS A 463 2.25 9.95 -27.68
CA LYS A 463 1.80 8.98 -28.67
C LYS A 463 0.78 8.01 -28.08
N GLY A 464 -0.49 8.28 -28.30
CA GLY A 464 -1.57 7.38 -27.93
C GLY A 464 -2.26 7.74 -26.69
N TYR A 465 -3.36 7.02 -26.44
CA TYR A 465 -4.15 7.13 -25.24
C TYR A 465 -3.88 5.92 -24.38
N ALA A 466 -3.52 6.16 -23.16
CA ALA A 466 -3.33 5.06 -22.22
C ALA A 466 -4.54 4.17 -22.23
N ALA A 467 -4.32 2.88 -22.06
CA ALA A 467 -5.43 1.98 -21.70
C ALA A 467 -6.06 2.27 -20.32
N TYR A 468 -5.27 2.82 -19.42
CA TYR A 468 -5.71 3.07 -18.05
C TYR A 468 -4.99 4.31 -17.55
N LYS A 469 -5.76 5.39 -17.43
CA LYS A 469 -5.32 6.71 -17.04
C LYS A 469 -5.86 7.09 -15.65
N VAL A 470 -4.96 7.31 -14.70
CA VAL A 470 -5.30 7.91 -13.42
C VAL A 470 -4.97 9.37 -13.53
N ASP A 471 -5.99 10.24 -13.39
CA ASP A 471 -5.81 11.69 -13.52
C ASP A 471 -4.71 12.22 -12.59
N ASP A 472 -3.98 13.25 -13.00
CA ASP A 472 -2.86 13.71 -12.17
C ASP A 472 -3.34 14.53 -10.95
N SER A 473 -4.60 15.02 -10.98
CA SER A 473 -5.25 15.61 -9.78
C SER A 473 -5.57 14.63 -8.69
N VAL A 474 -5.50 13.36 -9.02
CA VAL A 474 -5.88 12.32 -8.08
C VAL A 474 -4.77 12.21 -7.03
N THR A 475 -5.15 11.86 -5.81
CA THR A 475 -4.24 11.72 -4.70
C THR A 475 -3.91 10.25 -4.31
N THR A 476 -4.93 9.38 -4.25
CA THR A 476 -4.75 7.98 -3.83
C THR A 476 -5.39 7.06 -4.89
N HIS A 477 -4.69 5.99 -5.24
CA HIS A 477 -5.19 4.96 -6.21
C HIS A 477 -4.33 3.73 -6.04
N GLU A 478 -4.91 2.54 -6.29
CA GLU A 478 -4.06 1.35 -6.32
C GLU A 478 -4.58 0.30 -7.30
N GLY A 479 -3.66 -0.33 -8.03
CA GLY A 479 -4.01 -1.31 -9.04
C GLY A 479 -3.06 -2.49 -9.00
N TRP A 480 -3.61 -3.68 -9.20
CA TRP A 480 -2.86 -4.94 -9.16
C TRP A 480 -3.12 -5.80 -10.36
N GLY A 481 -2.04 -6.26 -11.00
CA GLY A 481 -2.18 -7.30 -12.01
C GLY A 481 -2.88 -6.83 -13.28
N MET A 482 -2.20 -5.96 -14.02
CA MET A 482 -2.82 -5.25 -15.12
C MET A 482 -1.98 -5.31 -16.40
N GLY A 483 -2.65 -5.65 -17.50
CA GLY A 483 -2.00 -5.77 -18.80
C GLY A 483 -2.73 -5.06 -19.93
N SER A 484 -1.94 -4.49 -20.82
CA SER A 484 -2.47 -3.88 -22.05
C SER A 484 -1.72 -4.46 -23.27
N TYR A 485 -2.46 -4.91 -24.27
CA TYR A 485 -1.86 -5.52 -25.47
C TYR A 485 -2.14 -4.64 -26.69
N CYS A 486 -1.33 -4.78 -27.73
CA CYS A 486 -1.55 -4.04 -28.97
C CYS A 486 -1.48 -4.97 -30.19
N TYR A 487 -2.27 -4.64 -31.20
CA TYR A 487 -2.29 -5.36 -32.45
C TYR A 487 -2.72 -4.40 -33.54
N PHE A 488 -1.78 -3.56 -33.94
CA PHE A 488 -2.09 -2.49 -34.87
C PHE A 488 -1.94 -3.04 -36.27
N ASN A 489 -2.83 -3.97 -36.63
CA ASN A 489 -2.77 -4.64 -37.94
C ASN A 489 -3.00 -3.71 -39.15
N VAL A 490 -3.89 -2.74 -39.03
CA VAL A 490 -4.08 -1.72 -40.08
C VAL A 490 -2.82 -0.89 -40.34
N ASN A 491 -2.06 -0.59 -39.29
CA ASN A 491 -0.76 0.04 -39.48
C ASN A 491 0.24 -0.35 -38.39
N PRO A 492 1.02 -1.43 -38.64
CA PRO A 492 1.97 -1.93 -37.65
C PRO A 492 3.13 -0.98 -37.30
N ASP A 493 3.35 0.10 -38.05
CA ASP A 493 4.41 1.02 -37.68
C ASP A 493 3.99 1.98 -36.56
N ILE A 494 2.72 1.90 -36.17
CA ILE A 494 2.25 2.70 -35.05
C ILE A 494 3.08 2.36 -33.81
N ARG A 495 3.24 3.38 -32.98
CA ARG A 495 3.79 3.29 -31.64
C ARG A 495 2.77 3.77 -30.59
N GLN A 496 2.66 2.99 -29.51
CA GLN A 496 1.78 3.30 -28.38
C GLN A 496 2.74 3.65 -27.24
N GLN A 497 2.64 4.85 -26.71
CA GLN A 497 3.67 5.30 -25.78
C GLN A 497 3.68 4.48 -24.52
N HIS A 498 2.49 4.15 -24.02
CA HIS A 498 2.39 3.35 -22.80
C HIS A 498 1.02 2.72 -22.65
N GLY A 499 0.91 1.69 -21.78
CA GLY A 499 -0.37 1.14 -21.46
C GLY A 499 -1.07 1.89 -20.35
N PHE A 500 -0.27 2.47 -19.45
CA PHE A 500 -0.76 3.07 -18.20
C PHE A 500 -0.21 4.48 -18.03
N GLN A 501 -0.99 5.33 -17.42
CA GLN A 501 -0.55 6.70 -17.17
C GLN A 501 -1.12 7.25 -15.87
N ALA A 502 -0.25 7.84 -15.07
CA ALA A 502 -0.67 8.25 -13.72
C ALA A 502 0.29 9.24 -13.14
N PRO A 503 -0.20 10.01 -12.17
CA PRO A 503 0.73 10.77 -11.36
C PRO A 503 1.71 9.88 -10.66
N VAL A 504 2.89 10.44 -10.45
CA VAL A 504 3.93 9.86 -9.62
C VAL A 504 3.85 10.51 -8.22
N LYS A 505 3.09 9.87 -7.33
CA LYS A 505 2.70 10.41 -6.02
C LYS A 505 2.72 9.29 -5.03
N PRO A 506 2.88 9.63 -3.74
CA PRO A 506 3.00 8.50 -2.83
C PRO A 506 1.78 7.58 -2.89
N GLY A 507 0.59 8.15 -2.73
CA GLY A 507 -0.60 7.37 -2.61
C GLY A 507 -1.13 6.72 -3.90
N VAL A 508 -0.44 6.93 -5.04
CA VAL A 508 -0.80 6.30 -6.34
C VAL A 508 0.16 5.16 -6.68
N LYS A 509 -0.33 3.91 -6.57
CA LYS A 509 0.54 2.72 -6.52
C LYS A 509 0.05 1.67 -7.50
N PHE A 510 0.96 1.03 -8.23
CA PHE A 510 0.64 -0.12 -9.09
C PHE A 510 1.58 -1.29 -8.82
N HIS A 511 1.03 -2.48 -8.98
CA HIS A 511 1.71 -3.73 -8.82
C HIS A 511 1.44 -4.63 -9.99
N ASP A 512 2.52 -5.13 -10.59
CA ASP A 512 2.50 -6.16 -11.62
C ASP A 512 1.78 -5.64 -12.86
N LEU A 513 2.49 -4.79 -13.60
CA LEU A 513 2.04 -4.21 -14.86
C LEU A 513 2.76 -4.86 -16.04
N LEU A 514 2.02 -5.07 -17.10
CA LEU A 514 2.65 -5.56 -18.34
C LEU A 514 2.03 -4.94 -19.59
N VAL A 515 2.87 -4.77 -20.62
CA VAL A 515 2.37 -4.54 -21.97
C VAL A 515 2.94 -5.57 -22.92
N VAL A 516 2.13 -5.94 -23.91
CA VAL A 516 2.49 -6.94 -24.89
C VAL A 516 2.14 -6.48 -26.29
N SER A 517 3.12 -6.55 -27.22
CA SER A 517 2.81 -6.43 -28.63
C SER A 517 2.49 -7.77 -29.24
N LEU A 518 1.30 -7.90 -29.82
CA LEU A 518 0.94 -9.18 -30.42
C LEU A 518 1.65 -9.40 -31.77
N GLY A 519 2.80 -10.06 -31.73
CA GLY A 519 3.44 -10.48 -32.96
C GLY A 519 3.95 -9.32 -33.82
N GLY A 520 4.35 -8.22 -33.19
CA GLY A 520 5.00 -7.14 -33.90
C GLY A 520 4.13 -6.13 -34.60
N LYS A 521 2.81 -6.23 -34.43
CA LYS A 521 1.89 -5.29 -35.05
C LYS A 521 1.77 -4.05 -34.14
N GLY A 522 2.67 -3.09 -34.38
CA GLY A 522 2.82 -1.99 -33.46
C GLY A 522 3.74 -2.39 -32.33
N GLN A 523 4.24 -1.39 -31.59
CA GLN A 523 4.98 -1.65 -30.37
C GLN A 523 4.64 -0.59 -29.32
N TYR A 524 4.87 -0.96 -28.06
CA TYR A 524 4.84 0.00 -26.96
C TYR A 524 6.21 0.63 -26.80
N GLU A 525 6.26 1.89 -26.42
CA GLU A 525 7.53 2.56 -26.09
C GLU A 525 7.95 2.37 -24.64
N HIS A 526 6.94 2.19 -23.78
CA HIS A 526 7.12 2.03 -22.35
C HIS A 526 5.91 1.31 -21.78
N VAL A 527 5.99 0.96 -20.50
CA VAL A 527 4.87 0.35 -19.81
C VAL A 527 3.90 1.38 -19.19
N ILE A 528 4.45 2.26 -18.34
CA ILE A 528 3.68 3.30 -17.68
C ILE A 528 4.43 4.64 -17.80
N ASN A 529 3.69 5.71 -18.03
CA ASN A 529 4.31 7.00 -18.25
C ASN A 529 5.51 6.81 -19.23
N ASP A 530 6.74 7.19 -18.83
CA ASP A 530 7.96 6.91 -19.62
C ASP A 530 8.88 5.84 -19.01
N ILE A 531 8.28 5.04 -18.13
CA ILE A 531 8.95 3.97 -17.39
C ILE A 531 8.69 2.60 -17.98
N GLY A 532 9.70 1.75 -17.94
CA GLY A 532 9.60 0.39 -18.43
C GLY A 532 10.11 0.32 -19.84
N ASP A 533 10.60 -0.84 -20.23
CA ASP A 533 11.24 -0.95 -21.52
C ASP A 533 10.17 -1.06 -22.62
N PRO A 534 10.55 -0.65 -23.82
CA PRO A 534 9.61 -0.84 -24.92
C PRO A 534 9.46 -2.32 -25.20
N THR A 535 8.41 -2.67 -25.92
CA THR A 535 8.36 -3.98 -26.52
C THR A 535 9.28 -3.94 -27.75
N SER A 536 9.66 -5.12 -28.21
CA SER A 536 10.56 -5.23 -29.34
C SER A 536 10.43 -6.65 -29.88
N GLY A 537 10.62 -6.79 -31.19
CA GLY A 537 10.58 -8.07 -31.91
C GLY A 537 9.15 -8.41 -32.35
N ASP A 538 8.98 -9.60 -32.95
CA ASP A 538 7.68 -10.15 -33.35
C ASP A 538 7.32 -11.36 -32.50
N THR A 539 8.05 -11.52 -31.40
CA THR A 539 8.09 -12.78 -30.65
C THR A 539 7.00 -12.83 -29.53
N THR A 540 6.25 -11.73 -29.42
CA THR A 540 5.20 -11.52 -28.39
C THR A 540 5.69 -11.84 -26.96
N ILE A 541 6.64 -11.03 -26.51
CA ILE A 541 7.23 -11.11 -25.17
C ILE A 541 6.80 -9.91 -24.32
N PRO A 542 6.30 -10.15 -23.11
CA PRO A 542 5.82 -8.96 -22.39
C PRO A 542 6.89 -8.06 -21.84
N SER A 543 6.59 -6.77 -21.81
CA SER A 543 7.36 -5.78 -21.07
C SER A 543 6.69 -5.48 -19.74
N GLN A 544 7.43 -5.59 -18.62
CA GLN A 544 6.85 -5.57 -17.28
C GLN A 544 7.42 -4.51 -16.38
N VAL A 545 6.55 -3.98 -15.52
CA VAL A 545 7.02 -3.21 -14.36
C VAL A 545 6.39 -3.85 -13.09
N VAL A 546 7.23 -4.19 -12.11
CA VAL A 546 6.78 -4.88 -10.91
C VAL A 546 6.12 -3.90 -9.90
N SER A 547 6.80 -2.81 -9.58
CA SER A 547 6.27 -1.77 -8.63
C SER A 547 6.41 -0.33 -9.18
N PHE A 548 5.41 0.51 -8.95
CA PHE A 548 5.45 1.93 -9.33
C PHE A 548 4.55 2.69 -8.34
N PRO A 549 4.99 3.88 -7.82
CA PRO A 549 6.28 4.58 -7.78
C PRO A 549 7.30 3.74 -7.00
N VAL B 2 -13.61 16.58 20.64
CA VAL B 2 -12.53 15.63 20.37
C VAL B 2 -12.59 14.23 20.95
N VAL B 3 -13.10 14.04 22.14
CA VAL B 3 -13.17 12.66 22.71
C VAL B 3 -11.81 11.90 22.81
N GLY B 4 -11.67 11.17 23.90
CA GLY B 4 -10.51 10.32 24.04
C GLY B 4 -10.69 8.89 23.62
N GLY B 5 -9.53 8.24 23.47
CA GLY B 5 -9.46 6.85 23.10
C GLY B 5 -9.97 6.63 21.68
N GLY B 6 -10.14 5.36 21.37
CA GLY B 6 -10.52 4.98 20.03
C GLY B 6 -9.73 3.76 19.61
N ASP B 7 -10.39 2.96 18.80
CA ASP B 7 -9.79 2.00 17.91
C ASP B 7 -8.42 2.48 17.41
N LEU B 8 -7.42 1.60 17.40
CA LEU B 8 -6.06 2.03 17.00
C LEU B 8 -5.81 2.07 15.49
N GLY B 9 -6.74 1.56 14.69
CA GLY B 9 -6.67 1.70 13.26
C GLY B 9 -6.20 0.47 12.52
N PRO B 10 -6.02 0.57 11.17
CA PRO B 10 -5.58 -0.52 10.29
C PRO B 10 -4.07 -0.74 10.21
N ASN B 11 -3.29 0.22 10.69
CA ASN B 11 -1.85 0.10 10.60
C ASN B 11 -1.16 -0.27 11.93
N VAL B 12 -1.95 -0.51 12.97
CA VAL B 12 -1.43 -1.16 14.16
C VAL B 12 -1.89 -2.63 14.12
N LEU B 13 -0.95 -3.52 13.83
CA LEU B 13 -1.21 -4.95 13.75
C LEU B 13 -0.93 -5.57 15.13
N VAL B 14 -1.95 -6.17 15.76
CA VAL B 14 -1.84 -6.63 17.14
C VAL B 14 -1.99 -8.14 17.21
N PHE B 15 -0.88 -8.80 17.56
CA PHE B 15 -0.76 -10.26 17.58
C PHE B 15 -0.86 -10.81 18.99
N ASP B 16 -1.29 -12.05 19.11
CA ASP B 16 -0.94 -12.84 20.30
C ASP B 16 -0.28 -14.17 19.86
N PRO B 17 0.41 -14.88 20.77
CA PRO B 17 1.01 -16.14 20.26
C PRO B 17 0.03 -17.09 19.46
N SER B 18 -1.27 -16.95 19.73
CA SER B 18 -2.30 -17.78 19.06
C SER B 18 -2.45 -17.66 17.56
N THR B 19 -2.40 -16.41 17.08
CA THR B 19 -3.08 -16.04 15.83
C THR B 19 -2.72 -16.91 14.65
N PRO B 20 -3.68 -17.14 13.72
CA PRO B 20 -3.19 -17.82 12.53
C PRO B 20 -2.01 -17.12 11.98
N ASP B 21 -1.02 -17.93 11.73
CA ASP B 21 0.19 -17.55 11.10
C ASP B 21 0.82 -16.36 11.85
N ILE B 22 2.10 -16.31 11.99
CA ILE B 22 2.65 -15.03 12.44
C ILE B 22 3.78 -14.67 11.50
N GLN B 23 4.51 -15.68 11.06
CA GLN B 23 5.59 -15.45 10.11
C GLN B 23 5.01 -14.90 8.82
N GLY B 24 3.84 -15.39 8.41
CA GLY B 24 3.31 -15.01 7.12
C GLY B 24 2.89 -13.55 7.12
N LYS B 25 2.41 -13.11 8.28
CA LYS B 25 1.99 -11.71 8.45
C LYS B 25 3.23 -10.82 8.48
N VAL B 26 4.15 -11.07 9.41
CA VAL B 26 5.31 -10.17 9.50
C VAL B 26 6.13 -10.25 8.21
N ASP B 27 6.12 -11.41 7.54
CA ASP B 27 6.79 -11.48 6.24
C ASP B 27 6.14 -10.64 5.10
N GLU B 28 4.79 -10.56 5.04
CA GLU B 28 4.11 -9.71 4.03
C GLU B 28 4.37 -8.22 4.29
N VAL B 29 4.39 -7.78 5.57
CA VAL B 29 4.76 -6.39 5.86
C VAL B 29 6.18 -6.14 5.35
N PHE B 30 7.06 -7.14 5.54
CA PHE B 30 8.50 -6.98 5.22
C PHE B 30 8.77 -6.86 3.72
N ARG B 31 8.09 -7.62 2.90
CA ARG B 31 8.36 -7.48 1.50
C ARG B 31 7.77 -6.16 1.00
N LYS B 32 6.61 -5.73 1.52
CA LYS B 32 6.09 -4.35 1.23
C LYS B 32 7.05 -3.24 1.62
N GLN B 33 7.81 -3.46 2.70
CA GLN B 33 8.59 -2.40 3.32
C GLN B 33 10.10 -2.55 3.21
N GLU B 34 10.57 -3.70 2.77
CA GLU B 34 11.99 -4.00 2.67
C GLU B 34 12.83 -2.87 2.08
N SER B 35 12.47 -2.43 0.90
CA SER B 35 13.22 -1.31 0.32
C SER B 35 12.34 -0.12 -0.01
N ASN B 36 11.28 0.02 0.77
CA ASN B 36 10.34 1.12 0.63
C ASN B 36 10.89 2.36 1.34
N GLN B 37 12.01 2.89 0.88
CA GLN B 37 12.75 3.87 1.68
C GLN B 37 12.02 5.21 1.89
N PHE B 38 11.28 5.63 0.89
CA PHE B 38 10.67 6.95 0.90
C PHE B 38 9.17 6.92 0.73
N GLY B 39 8.56 5.75 0.79
CA GLY B 39 7.10 5.62 0.69
C GLY B 39 6.35 6.18 1.90
N THR B 40 5.02 6.23 1.79
CA THR B 40 4.20 6.76 2.85
C THR B 40 3.56 5.66 3.71
N ASP B 41 3.78 4.40 3.34
CA ASP B 41 3.27 3.32 4.20
C ASP B 41 3.96 3.29 5.56
N ARG B 42 3.20 2.93 6.59
CA ARG B 42 3.64 2.94 7.99
C ARG B 42 3.01 1.75 8.71
N TYR B 43 3.82 1.06 9.51
CA TYR B 43 3.34 -0.07 10.30
C TYR B 43 3.88 -0.14 11.71
N ALA B 44 2.98 -0.47 12.63
CA ALA B 44 3.34 -0.84 14.00
C ALA B 44 2.87 -2.26 14.26
N LEU B 45 3.81 -3.12 14.65
CA LEU B 45 3.55 -4.52 14.95
C LEU B 45 3.65 -4.65 16.44
N MET B 46 2.55 -4.92 17.13
CA MET B 46 2.61 -4.92 18.57
C MET B 46 2.18 -6.33 19.04
N PHE B 47 2.94 -6.83 20.00
CA PHE B 47 2.81 -8.21 20.51
C PHE B 47 2.32 -8.25 21.95
N LYS B 48 1.15 -8.87 22.15
CA LYS B 48 0.65 -9.07 23.53
C LYS B 48 1.57 -9.98 24.31
N PRO B 49 1.60 -9.84 25.64
CA PRO B 49 2.49 -10.80 26.31
C PRO B 49 2.19 -12.26 26.04
N GLY B 50 3.24 -13.03 26.25
CA GLY B 50 3.21 -14.48 26.06
C GLY B 50 4.54 -14.90 25.44
N THR B 51 4.60 -16.12 24.90
CA THR B 51 5.77 -16.61 24.18
C THR B 51 5.43 -16.97 22.75
N TYR B 52 6.35 -16.66 21.84
CA TYR B 52 6.14 -16.81 20.42
C TYR B 52 7.35 -17.52 19.83
N ASN B 53 7.15 -18.74 19.33
CA ASN B 53 8.24 -19.52 18.79
C ASN B 53 8.27 -19.51 17.26
N ASP B 54 9.35 -20.06 16.70
CA ASP B 54 9.64 -20.08 15.26
C ASP B 54 9.20 -18.74 14.63
N ILE B 55 9.80 -17.67 15.16
CA ILE B 55 9.57 -16.33 14.64
C ILE B 55 10.87 -15.64 14.26
N ASN B 56 10.93 -15.15 13.02
CA ASN B 56 12.03 -14.29 12.63
C ASN B 56 11.40 -13.06 12.01
N ALA B 57 11.28 -12.01 12.81
CA ALA B 57 10.60 -10.80 12.39
C ALA B 57 11.63 -9.87 11.74
N GLN B 58 11.64 -9.89 10.42
CA GLN B 58 12.46 -8.96 9.67
C GLN B 58 11.76 -7.61 9.58
N ILE B 59 12.52 -6.58 9.88
CA ILE B 59 12.00 -5.25 10.07
C ILE B 59 12.50 -4.36 8.91
N GLY B 60 11.58 -3.93 8.05
CA GLY B 60 11.88 -3.01 6.97
C GLY B 60 11.69 -1.56 7.33
N PHE B 61 11.66 -0.70 6.30
CA PHE B 61 11.35 0.72 6.50
C PHE B 61 10.02 1.00 7.19
N TYR B 62 10.05 1.99 8.07
CA TYR B 62 8.86 2.54 8.73
C TYR B 62 8.02 1.45 9.39
N THR B 63 8.72 0.51 10.01
CA THR B 63 8.09 -0.57 10.74
C THR B 63 8.66 -0.49 12.16
N SER B 64 7.76 -0.38 13.13
CA SER B 64 8.10 -0.52 14.53
C SER B 64 7.64 -1.90 15.03
N ILE B 65 8.34 -2.42 16.00
CA ILE B 65 7.90 -3.69 16.63
C ILE B 65 8.11 -3.55 18.10
N ALA B 66 7.14 -4.02 18.88
CA ALA B 66 7.19 -3.91 20.32
C ALA B 66 6.30 -4.91 21.00
N GLY B 67 6.65 -5.21 22.24
CA GLY B 67 5.81 -5.94 23.17
C GLY B 67 4.87 -4.99 23.94
N LEU B 68 3.78 -5.56 24.44
CA LEU B 68 2.73 -4.81 25.12
C LEU B 68 2.63 -5.17 26.57
N GLY B 69 3.72 -5.71 27.09
CA GLY B 69 3.86 -5.92 28.50
C GLY B 69 4.38 -4.64 29.11
N LEU B 70 3.98 -4.42 30.36
CA LEU B 70 4.76 -3.62 31.27
C LEU B 70 6.24 -3.88 30.94
N ASN B 71 6.70 -5.07 31.35
CA ASN B 71 8.11 -5.54 31.38
C ASN B 71 8.56 -6.23 30.09
N PRO B 72 9.85 -6.12 29.74
CA PRO B 72 10.26 -6.70 28.43
C PRO B 72 10.10 -8.21 28.40
N ASP B 73 10.45 -8.88 29.49
CA ASP B 73 10.34 -10.34 29.40
C ASP B 73 8.95 -10.92 29.44
N ASP B 74 7.98 -10.04 29.68
CA ASP B 74 6.58 -10.45 29.56
C ASP B 74 6.28 -10.93 28.13
N THR B 75 7.08 -10.48 27.16
CA THR B 75 6.78 -10.72 25.73
C THR B 75 8.04 -11.26 25.10
N THR B 76 8.09 -12.59 24.99
CA THR B 76 9.29 -13.30 24.65
C THR B 76 9.16 -13.93 23.29
N PHE B 77 10.20 -13.76 22.52
CA PHE B 77 10.31 -14.44 21.25
C PHE B 77 11.39 -15.47 21.37
N ASN B 78 11.07 -16.71 21.00
CA ASN B 78 12.11 -17.69 20.71
C ASN B 78 12.36 -17.61 19.25
N GLY B 79 13.27 -16.70 18.93
CA GLY B 79 13.37 -16.17 17.60
C GLY B 79 14.06 -14.84 17.62
N ASP B 80 13.85 -14.07 16.55
CA ASP B 80 14.74 -12.98 16.20
C ASP B 80 13.93 -11.79 15.70
N VAL B 81 14.50 -10.61 15.93
CA VAL B 81 14.03 -9.36 15.32
C VAL B 81 15.23 -8.88 14.51
N THR B 82 15.20 -9.07 13.19
CA THR B 82 16.41 -8.86 12.42
C THR B 82 16.34 -7.79 11.34
N VAL B 83 17.35 -6.96 11.41
CA VAL B 83 17.68 -6.06 10.31
C VAL B 83 19.01 -6.49 9.70
N ASP B 84 18.96 -6.69 8.40
CA ASP B 84 20.10 -7.03 7.56
C ASP B 84 19.98 -6.15 6.28
N ALA B 85 20.90 -6.33 5.35
CA ALA B 85 21.08 -5.34 4.28
C ALA B 85 21.02 -6.00 2.90
N GLY B 86 20.24 -7.06 2.78
CA GLY B 86 20.19 -7.77 1.51
C GLY B 86 19.75 -6.87 0.37
N TRP B 87 18.76 -6.03 0.64
CA TRP B 87 18.08 -5.28 -0.39
C TRP B 87 19.02 -4.19 -0.96
N PHE B 88 20.12 -3.88 -0.26
CA PHE B 88 21.13 -2.89 -0.72
C PHE B 88 22.51 -3.54 -0.82
N ASP B 89 22.55 -4.78 -1.31
CA ASP B 89 23.83 -5.55 -1.42
C ASP B 89 24.74 -5.48 -0.16
N GLY B 90 24.17 -5.80 0.99
CA GLY B 90 24.95 -5.90 2.21
C GLY B 90 25.49 -4.61 2.75
N ASN B 91 25.08 -3.48 2.15
CA ASN B 91 25.42 -2.14 2.64
C ASN B 91 24.29 -1.66 3.55
N ALA B 92 24.57 -1.39 4.82
CA ALA B 92 23.50 -1.10 5.81
C ALA B 92 23.30 0.40 6.00
N THR B 93 24.00 1.22 5.23
CA THR B 93 23.98 2.67 5.47
C THR B 93 22.70 3.40 5.07
N GLN B 94 21.72 2.70 4.50
CA GLN B 94 20.42 3.30 4.33
C GLN B 94 19.31 2.57 5.12
N ASN B 95 19.70 1.83 6.16
CA ASN B 95 18.70 1.10 6.98
C ASN B 95 18.15 1.99 8.08
N PHE B 96 17.30 2.92 7.66
CA PHE B 96 16.78 3.95 8.53
C PHE B 96 15.34 3.69 8.98
N TRP B 97 14.90 4.46 9.97
CA TRP B 97 13.45 4.71 10.27
C TRP B 97 12.70 3.43 10.65
N ARG B 98 13.12 2.79 11.72
CA ARG B 98 12.47 1.58 12.21
C ARG B 98 12.80 1.41 13.68
N SER B 99 12.08 0.58 14.42
CA SER B 99 12.33 0.54 15.86
C SER B 99 11.96 -0.82 16.46
N ALA B 100 12.61 -1.14 17.56
CA ALA B 100 12.27 -2.32 18.39
C ALA B 100 12.24 -1.89 19.85
N GLU B 101 11.20 -2.29 20.59
CA GLU B 101 11.10 -1.93 22.01
C GLU B 101 10.33 -2.97 22.85
N ASN B 102 10.78 -3.16 24.08
CA ASN B 102 9.98 -3.87 25.09
C ASN B 102 9.67 -5.32 24.77
N LEU B 103 10.73 -6.02 24.36
CA LEU B 103 10.69 -7.43 23.98
C LEU B 103 11.91 -8.16 24.57
N ALA B 104 11.73 -9.46 24.82
CA ALA B 104 12.84 -10.34 25.14
C ALA B 104 13.07 -11.23 23.93
N LEU B 105 14.30 -11.38 23.51
CA LEU B 105 14.64 -12.23 22.39
C LEU B 105 15.57 -13.38 22.81
N ASN B 106 15.24 -14.56 22.32
CA ASN B 106 16.03 -15.79 22.49
C ASN B 106 16.43 -16.21 21.07
N PRO B 107 17.46 -15.54 20.54
CA PRO B 107 17.74 -15.65 19.10
C PRO B 107 18.16 -17.05 18.70
N VAL B 108 17.71 -17.49 17.54
CA VAL B 108 17.82 -18.89 17.20
C VAL B 108 19.26 -19.42 17.17
N ASN B 109 20.19 -18.60 16.70
CA ASN B 109 21.58 -19.03 16.67
C ASN B 109 22.38 -18.54 17.86
N GLY B 110 21.70 -17.93 18.82
CA GLY B 110 22.37 -17.37 19.97
C GLY B 110 22.70 -15.89 19.84
N THR B 111 22.58 -15.35 18.62
CA THR B 111 22.92 -13.95 18.35
C THR B 111 21.87 -13.30 17.47
N ASN B 112 21.30 -12.19 17.93
CA ASN B 112 20.32 -11.46 17.14
C ASN B 112 21.06 -10.42 16.30
N ARG B 113 20.68 -10.27 15.03
CA ARG B 113 21.32 -9.29 14.14
C ARG B 113 20.43 -8.04 13.99
N TRP B 114 21.03 -6.87 14.18
CA TRP B 114 20.34 -5.61 14.23
C TRP B 114 21.22 -4.59 13.47
N ALA B 115 21.33 -4.80 12.17
CA ALA B 115 22.30 -4.11 11.36
C ALA B 115 21.67 -2.85 10.76
N VAL B 116 21.57 -1.83 11.60
CA VAL B 116 20.86 -0.60 11.27
C VAL B 116 21.79 0.59 11.09
N SER B 117 21.25 1.67 10.53
CA SER B 117 21.93 2.97 10.55
C SER B 117 21.13 3.92 11.39
N GLN B 118 20.98 5.18 10.97
CA GLN B 118 20.39 6.19 11.83
C GLN B 118 18.89 6.01 11.94
N ALA B 119 18.33 6.54 13.02
CA ALA B 119 16.89 6.57 13.29
C ALA B 119 16.32 5.16 13.39
N ALA B 120 17.07 4.29 14.06
CA ALA B 120 16.66 2.90 14.30
C ALA B 120 16.90 2.53 15.75
N PRO B 121 16.09 3.09 16.64
CA PRO B 121 16.33 2.84 18.07
C PRO B 121 15.98 1.40 18.56
N PHE B 122 16.71 0.96 19.58
CA PHE B 122 16.55 -0.38 20.17
C PHE B 122 16.46 -0.06 21.66
N ARG B 123 15.24 -0.11 22.18
CA ARG B 123 14.98 0.37 23.53
C ARG B 123 14.27 -0.69 24.39
N ARG B 124 14.61 -0.74 25.66
CA ARG B 124 13.88 -1.61 26.57
C ARG B 124 13.84 -3.04 26.10
N MET B 125 14.98 -3.51 25.60
CA MET B 125 15.08 -4.86 25.03
C MET B 125 15.88 -5.74 25.99
N HIS B 126 15.50 -7.00 26.05
CA HIS B 126 16.32 -8.05 26.70
C HIS B 126 16.70 -9.10 25.68
N VAL B 127 17.99 -9.16 25.33
CA VAL B 127 18.50 -10.18 24.44
C VAL B 127 19.20 -11.31 25.21
N LYS B 128 18.58 -12.50 25.24
CA LYS B 128 19.13 -13.69 25.93
C LYS B 128 20.21 -14.31 25.04
N GLY B 129 21.31 -13.56 24.86
CA GLY B 129 22.39 -13.90 23.92
C GLY B 129 23.12 -12.64 23.45
N GLY B 130 23.80 -12.77 22.33
CA GLY B 130 24.56 -11.70 21.75
C GLY B 130 23.75 -10.87 20.78
N LEU B 131 24.38 -9.79 20.28
CA LEU B 131 23.70 -8.82 19.42
C LEU B 131 24.73 -8.33 18.44
N ASN B 132 24.60 -8.76 17.19
CA ASN B 132 25.45 -8.32 16.12
C ASN B 132 24.80 -7.15 15.40
N LEU B 133 25.60 -6.09 15.25
CA LEU B 133 25.12 -4.83 14.69
C LEU B 133 25.53 -4.67 13.23
N ALA B 134 26.19 -5.68 12.65
CA ALA B 134 26.65 -5.57 11.25
C ALA B 134 25.80 -6.43 10.32
N PRO B 135 25.68 -6.01 9.06
CA PRO B 135 25.05 -6.89 8.07
C PRO B 135 25.95 -8.10 7.88
N ASP B 136 25.40 -9.24 7.46
CA ASP B 136 26.29 -10.38 7.15
C ASP B 136 27.09 -10.00 5.95
N GLY B 137 28.36 -10.39 5.94
CA GLY B 137 29.30 -9.94 4.93
C GLY B 137 30.08 -8.70 5.35
N TYR B 138 29.67 -8.10 6.48
CA TYR B 138 30.32 -6.95 7.11
C TYR B 138 30.49 -5.73 6.21
N GLY B 139 29.48 -5.46 5.41
CA GLY B 139 29.46 -4.23 4.60
C GLY B 139 29.28 -3.03 5.51
N TRP B 140 29.26 -1.83 4.93
CA TRP B 140 29.22 -0.63 5.73
C TRP B 140 27.95 -0.43 6.58
N ALA B 141 28.12 0.26 7.70
CA ALA B 141 27.00 0.53 8.58
C ALA B 141 27.30 1.79 9.38
N SER B 142 26.26 2.57 9.65
CA SER B 142 26.42 3.87 10.31
C SER B 142 25.32 4.15 11.38
N GLY B 143 25.28 3.29 12.38
CA GLY B 143 24.33 3.44 13.48
C GLY B 143 24.83 4.38 14.55
N GLY B 144 24.25 4.38 15.75
CA GLY B 144 23.20 3.53 16.20
C GLY B 144 22.87 3.92 17.63
N TYR B 145 21.81 3.33 18.17
CA TYR B 145 21.25 3.78 19.44
C TYR B 145 20.64 2.63 20.24
N ILE B 146 21.21 2.33 21.40
CA ILE B 146 20.63 1.33 22.31
C ILE B 146 20.45 2.04 23.63
N ALA B 147 19.25 1.91 24.19
CA ALA B 147 19.02 2.39 25.56
C ALA B 147 18.14 1.46 26.38
N ASP B 148 18.38 1.48 27.68
CA ASP B 148 17.56 0.76 28.66
C ASP B 148 17.40 -0.71 28.31
N SER B 149 18.47 -1.31 27.83
CA SER B 149 18.46 -2.70 27.38
C SER B 149 19.49 -3.53 28.15
N LYS B 150 19.29 -4.83 28.08
CA LYS B 150 20.22 -5.78 28.71
C LYS B 150 20.52 -6.81 27.64
N ILE B 151 21.79 -6.86 27.27
CA ILE B 151 22.31 -7.87 26.35
C ILE B 151 23.09 -8.84 27.21
N ASP B 152 22.57 -10.05 27.36
CA ASP B 152 23.26 -11.05 28.16
C ASP B 152 24.65 -11.38 27.59
N GLY B 153 24.72 -11.53 26.27
CA GLY B 153 25.95 -11.86 25.59
C GLY B 153 26.81 -10.66 25.20
N GLU B 154 27.60 -10.80 24.14
CA GLU B 154 28.45 -9.72 23.67
C GLU B 154 27.75 -8.89 22.57
N VAL B 155 27.79 -7.57 22.70
CA VAL B 155 27.45 -6.71 21.57
C VAL B 155 28.64 -6.61 20.62
N GLY B 156 28.43 -6.97 19.36
CA GLY B 156 29.49 -6.93 18.37
C GLY B 156 29.16 -5.96 17.21
N PRO B 157 29.89 -4.86 17.12
CA PRO B 157 29.59 -3.91 16.04
C PRO B 157 30.10 -4.41 14.69
N TYR B 158 31.37 -4.84 14.73
CA TYR B 158 32.17 -5.15 13.56
C TYR B 158 32.41 -3.89 12.70
N SER B 159 31.75 -3.77 11.56
CA SER B 159 31.91 -2.63 10.66
C SER B 159 31.24 -1.32 11.10
N GLN B 160 30.38 -1.36 12.11
CA GLN B 160 29.68 -0.11 12.54
C GLN B 160 30.66 1.01 12.83
N GLN B 161 30.42 2.18 12.24
CA GLN B 161 31.41 3.25 12.40
C GLN B 161 31.45 3.76 13.82
N GLN B 162 30.24 3.92 14.38
CA GLN B 162 30.10 4.54 15.67
C GLN B 162 28.81 4.02 16.28
N TRP B 163 28.61 4.33 17.55
CA TRP B 163 27.44 3.82 18.27
C TRP B 163 27.29 4.53 19.61
N TYR B 164 26.04 4.68 20.08
CA TYR B 164 25.79 5.21 21.40
C TYR B 164 24.89 4.27 22.19
N THR B 165 25.33 3.93 23.39
CA THR B 165 24.58 3.08 24.28
C THR B 165 24.44 3.79 25.60
N ARG B 166 23.21 3.83 26.11
CA ARG B 166 23.02 4.36 27.47
C ARG B 166 22.13 3.52 28.36
N ASP B 167 22.47 3.56 29.65
CA ASP B 167 21.61 3.08 30.72
C ASP B 167 21.11 1.67 30.44
N SER B 168 22.10 0.80 30.30
CA SER B 168 21.95 -0.56 29.79
C SER B 168 22.97 -1.49 30.50
N SER B 169 22.89 -2.77 30.16
CA SER B 169 23.87 -3.77 30.62
C SER B 169 24.27 -4.63 29.42
N VAL B 170 25.57 -4.86 29.27
CA VAL B 170 26.05 -5.73 28.22
C VAL B 170 27.00 -6.77 28.81
N GLY B 171 26.97 -7.98 28.29
CA GLY B 171 27.86 -9.02 28.78
C GLY B 171 29.27 -8.84 28.26
N GLY B 172 29.41 -8.11 27.14
CA GLY B 172 30.71 -7.80 26.53
C GLY B 172 30.54 -6.88 25.34
N TRP B 173 31.64 -6.52 24.70
CA TRP B 173 31.64 -5.54 23.63
C TRP B 173 32.87 -5.81 22.76
N GLY B 174 32.63 -6.10 21.49
CA GLY B 174 33.67 -6.66 20.65
C GLY B 174 34.72 -5.68 20.21
N ASN B 175 34.30 -4.49 19.78
CA ASN B 175 35.22 -3.59 19.11
C ASN B 175 34.63 -2.22 18.92
N GLY B 176 35.52 -1.31 18.59
CA GLY B 176 35.13 0.05 18.22
C GLY B 176 35.90 0.46 16.99
N VAL B 177 35.23 1.18 16.10
CA VAL B 177 35.76 1.54 14.80
C VAL B 177 36.23 3.01 14.81
N TRP B 178 35.28 3.96 14.74
CA TRP B 178 35.61 5.38 14.97
C TRP B 178 35.16 6.02 16.30
N ASN B 179 33.99 5.65 16.82
CA ASN B 179 33.43 6.33 18.01
C ASN B 179 32.31 5.55 18.70
N MET B 180 32.67 4.68 19.63
CA MET B 180 31.69 3.97 20.46
C MET B 180 31.67 4.70 21.80
N THR B 181 30.52 5.30 22.12
CA THR B 181 30.30 6.05 23.36
C THR B 181 29.28 5.33 24.24
N PHE B 182 29.50 5.37 25.55
CA PHE B 182 28.67 4.67 26.51
C PHE B 182 28.44 5.62 27.68
N SER B 183 27.20 5.72 28.18
CA SER B 183 26.94 6.45 29.41
C SER B 183 25.99 5.60 30.25
N GLY B 184 26.38 5.33 31.48
CA GLY B 184 25.57 4.47 32.33
C GLY B 184 25.44 3.02 31.91
N VAL B 185 26.46 2.46 31.31
CA VAL B 185 26.36 1.09 30.78
C VAL B 185 27.21 0.09 31.60
N GLU B 186 26.53 -0.83 32.28
CA GLU B 186 27.25 -1.91 32.93
C GLU B 186 27.86 -2.83 31.91
N GLY B 187 29.15 -3.07 32.06
CA GLY B 187 29.85 -3.97 31.18
C GLY B 187 30.48 -3.19 30.05
N ALA B 188 30.31 -1.87 30.04
CA ALA B 188 30.95 -1.07 28.99
C ALA B 188 32.46 -1.24 29.09
N PRO B 189 33.13 -1.18 27.94
CA PRO B 189 34.60 -1.17 28.00
C PRO B 189 35.08 0.13 28.64
N ALA B 190 36.17 0.03 29.39
CA ALA B 190 36.75 1.20 30.02
C ALA B 190 37.10 2.27 28.99
N GLN B 191 37.03 3.53 29.42
CA GLN B 191 37.48 4.68 28.64
C GLN B 191 38.86 4.39 28.06
N SER B 192 39.07 4.69 26.78
CA SER B 192 40.33 4.32 26.10
C SER B 192 40.69 5.10 24.83
N PHE B 193 39.82 6.03 24.42
CA PHE B 193 39.98 6.75 23.14
C PHE B 193 41.43 7.31 23.18
N PRO B 194 42.14 7.28 22.07
CA PRO B 194 41.69 6.93 20.73
C PRO B 194 41.73 5.43 20.40
N GLU B 195 42.38 4.61 21.20
CA GLU B 195 42.53 3.18 20.85
C GLU B 195 42.30 2.16 21.97
N PRO B 196 41.24 1.32 21.85
CA PRO B 196 40.14 1.46 20.89
C PRO B 196 39.35 2.74 21.18
N PRO B 197 38.40 3.09 20.30
CA PRO B 197 37.86 4.48 20.41
C PRO B 197 36.59 4.49 21.27
N TYR B 198 36.81 4.29 22.57
CA TYR B 198 35.74 4.09 23.54
C TYR B 198 35.71 5.30 24.45
N THR B 199 34.55 5.99 24.43
CA THR B 199 34.27 7.09 25.33
C THR B 199 33.25 6.57 26.35
N THR B 200 33.66 6.55 27.62
CA THR B 200 32.89 5.83 28.63
C THR B 200 32.64 6.70 29.87
N LEU B 201 31.36 6.97 30.11
CA LEU B 201 30.87 7.74 31.25
C LEU B 201 30.12 6.81 32.18
N GLU B 202 30.41 6.89 33.48
CA GLU B 202 29.87 5.94 34.45
C GLU B 202 28.35 6.03 34.49
N THR B 203 27.83 7.24 34.42
CA THR B 203 26.40 7.49 34.54
C THR B 203 25.95 8.49 33.51
N THR B 204 24.64 8.49 33.23
CA THR B 204 24.06 9.51 32.37
C THR B 204 23.48 10.59 33.26
N PRO B 205 23.81 11.87 32.99
CA PRO B 205 23.48 12.90 33.99
C PRO B 205 22.00 13.01 34.32
N VAL B 206 21.17 13.02 33.29
CA VAL B 206 19.73 12.90 33.47
C VAL B 206 19.24 12.01 32.32
N SER B 207 18.32 11.12 32.63
CA SER B 207 17.62 10.39 31.56
C SER B 207 16.23 10.02 32.02
N ARG B 208 15.32 9.99 31.07
CA ARG B 208 13.96 9.63 31.40
C ARG B 208 13.51 8.77 30.25
N GLU B 209 13.11 7.54 30.56
CA GLU B 209 12.88 6.64 29.47
C GLU B 209 11.67 7.09 28.69
N LYS B 210 11.57 6.47 27.51
CA LYS B 210 10.56 6.88 26.57
C LYS B 210 9.22 6.23 26.93
N PRO B 211 8.14 7.00 26.88
CA PRO B 211 6.82 6.39 27.10
C PRO B 211 6.47 5.32 26.07
N PHE B 212 5.64 4.34 26.45
CA PHE B 212 5.32 3.27 25.54
C PHE B 212 3.92 2.70 25.83
N LEU B 213 3.26 2.29 24.76
CA LEU B 213 1.99 1.63 24.82
C LEU B 213 2.14 0.27 25.49
N TYR B 214 1.22 -0.04 26.38
CA TYR B 214 1.17 -1.41 26.93
C TYR B 214 -0.23 -1.87 27.28
N LEU B 215 -0.34 -3.16 27.60
CA LEU B 215 -1.53 -3.72 28.28
C LEU B 215 -1.28 -4.02 29.78
N ASP B 216 -2.08 -3.44 30.67
CA ASP B 216 -2.24 -4.12 31.98
C ASP B 216 -3.72 -4.35 32.32
N GLY B 217 -4.06 -5.61 32.58
CA GLY B 217 -5.41 -6.12 32.35
C GLY B 217 -5.38 -6.29 30.84
N ASP B 218 -6.49 -6.27 30.11
CA ASP B 218 -6.37 -5.93 28.68
C ASP B 218 -7.04 -4.60 28.26
N ASP B 219 -6.79 -3.60 29.10
CA ASP B 219 -7.00 -2.18 28.75
C ASP B 219 -5.65 -1.68 28.23
N TYR B 220 -5.65 -1.03 27.10
CA TYR B 220 -4.45 -0.33 26.69
C TYR B 220 -4.17 0.93 27.52
N LYS B 221 -2.89 1.15 27.77
CA LYS B 221 -2.40 2.29 28.53
C LYS B 221 -1.00 2.69 28.02
N VAL B 222 -0.55 3.87 28.42
CA VAL B 222 0.79 4.34 28.16
C VAL B 222 1.56 4.47 29.50
N PHE B 223 2.64 3.73 29.65
CA PHE B 223 3.55 3.94 30.77
C PHE B 223 4.48 5.09 30.50
N VAL B 224 4.68 5.95 31.50
CA VAL B 224 5.46 7.17 31.36
C VAL B 224 6.45 7.22 32.52
N PRO B 225 7.68 6.76 32.28
CA PRO B 225 8.71 6.69 33.33
C PRO B 225 9.08 8.02 33.96
N ALA B 226 9.30 8.02 35.28
CA ALA B 226 9.81 9.20 35.98
C ALA B 226 11.28 9.36 35.61
N LYS B 227 11.80 10.59 35.55
CA LYS B 227 13.24 10.78 35.31
C LYS B 227 14.14 10.00 36.27
N ARG B 228 15.38 9.86 35.83
CA ARG B 228 16.44 9.27 36.62
C ARG B 228 17.60 10.26 36.55
N THR B 229 18.20 10.54 37.70
CA THR B 229 19.43 11.31 37.70
C THR B 229 20.59 10.35 37.98
N ASN B 230 21.75 10.61 37.39
CA ASN B 230 22.87 9.67 37.46
C ASN B 230 22.48 8.21 37.15
N ALA B 231 21.74 8.07 36.05
CA ALA B 231 21.28 6.79 35.57
C ALA B 231 22.47 5.87 35.25
N ARG B 232 22.36 4.65 35.72
CA ARG B 232 23.28 3.59 35.37
C ARG B 232 22.48 2.29 35.39
N GLY B 233 22.58 1.51 34.33
CA GLY B 233 21.81 0.29 34.24
C GLY B 233 20.37 0.51 33.76
N THR B 234 19.65 -0.59 33.59
CA THR B 234 18.30 -0.52 33.05
C THR B 234 17.40 0.02 34.17
N SER B 235 16.27 0.57 33.74
CA SER B 235 15.28 1.09 34.65
C SER B 235 14.45 -0.04 35.24
N TRP B 236 14.45 -1.19 34.57
CA TRP B 236 13.48 -2.28 34.84
C TRP B 236 14.06 -3.53 35.48
N GLY B 237 15.37 -3.75 35.44
CA GLY B 237 15.90 -4.94 36.12
C GLY B 237 15.42 -5.42 37.52
N ASN B 238 14.66 -4.61 38.30
CA ASN B 238 14.66 -4.57 39.81
C ASN B 238 13.27 -4.34 40.50
N GLY B 239 12.22 -4.77 39.82
CA GLY B 239 10.86 -4.64 40.31
C GLY B 239 10.05 -3.64 39.49
N THR B 240 9.01 -3.13 40.11
CA THR B 240 8.13 -2.14 39.51
C THR B 240 8.86 -0.83 39.03
N PRO B 241 8.91 -0.54 37.73
CA PRO B 241 9.50 0.79 37.42
C PRO B 241 8.54 2.03 37.72
N GLU B 242 8.75 3.03 38.58
CA GLU B 242 7.59 3.95 39.08
C GLU B 242 6.72 4.94 38.10
N GLY B 243 5.34 4.87 38.08
CA GLY B 243 4.54 5.96 37.43
C GLY B 243 3.02 6.33 37.54
N GLU B 244 2.42 6.77 36.38
CA GLU B 244 0.91 7.10 36.09
C GLU B 244 0.37 6.57 34.70
N SER B 245 -0.02 5.30 34.70
CA SER B 245 -0.16 4.62 33.44
C SER B 245 -1.42 5.23 32.84
N LEU B 246 -1.19 5.99 31.78
CA LEU B 246 -2.20 6.85 31.21
C LEU B 246 -3.15 6.01 30.39
N PRO B 247 -4.42 5.97 30.82
CA PRO B 247 -5.36 5.09 30.14
C PRO B 247 -5.56 5.60 28.73
N LEU B 248 -5.77 4.71 27.77
CA LEU B 248 -5.95 5.09 26.37
C LEU B 248 -7.02 6.17 26.19
N ASP B 249 -8.06 6.19 27.03
CA ASP B 249 -9.16 7.13 26.78
C ASP B 249 -8.82 8.58 27.17
N GLN B 250 -7.60 8.83 27.65
CA GLN B 250 -7.13 10.20 27.88
C GLN B 250 -6.07 10.60 26.81
N PHE B 251 -6.02 9.79 25.78
CA PHE B 251 -5.33 10.16 24.53
C PHE B 251 -6.33 10.44 23.44
N TYR B 252 -6.09 11.49 22.66
CA TYR B 252 -6.70 11.60 21.35
C TYR B 252 -5.92 10.68 20.40
N VAL B 253 -6.63 9.74 19.76
CA VAL B 253 -6.01 8.78 18.82
C VAL B 253 -6.14 9.41 17.44
N VAL B 254 -5.00 9.88 16.93
CA VAL B 254 -4.91 10.55 15.64
C VAL B 254 -4.78 9.52 14.49
N LYS B 255 -5.80 9.49 13.65
CA LYS B 255 -5.96 8.57 12.53
C LYS B 255 -6.09 9.45 11.29
N PRO B 256 -5.79 8.93 10.05
CA PRO B 256 -5.96 9.80 8.87
C PRO B 256 -7.27 10.60 8.87
N GLY B 257 -7.21 11.78 8.26
CA GLY B 257 -8.24 12.81 8.34
C GLY B 257 -8.09 13.92 9.42
N ALA B 258 -7.35 13.67 10.50
CA ALA B 258 -7.10 14.73 11.50
C ALA B 258 -6.43 16.01 10.95
N THR B 259 -6.90 17.16 11.40
CA THR B 259 -6.30 18.46 11.06
C THR B 259 -5.44 19.09 12.14
N ALA B 260 -5.61 18.70 13.39
CA ALA B 260 -4.70 19.36 14.35
C ALA B 260 -5.14 20.75 14.83
N GLU B 261 -5.86 21.53 14.01
CA GLU B 261 -7.02 22.19 14.58
C GLU B 261 -7.61 21.14 15.52
N THR B 262 -7.88 19.94 14.99
CA THR B 262 -8.38 18.83 15.86
C THR B 262 -7.38 18.45 16.97
N ILE B 263 -6.15 18.10 16.59
CA ILE B 263 -5.02 17.92 17.53
C ILE B 263 -4.98 19.01 18.54
N ASN B 264 -5.02 20.25 18.12
CA ASN B 264 -4.83 21.35 19.06
C ASN B 264 -5.99 21.51 20.06
N ALA B 265 -7.22 21.23 19.64
CA ALA B 265 -8.35 21.26 20.58
C ALA B 265 -8.23 20.15 21.64
N ALA B 266 -7.74 18.99 21.28
CA ALA B 266 -7.55 17.92 22.23
C ALA B 266 -6.58 18.35 23.34
N VAL B 267 -5.49 18.96 22.92
CA VAL B 267 -4.46 19.40 23.82
C VAL B 267 -5.04 20.36 24.86
N ASP B 268 -5.84 21.30 24.38
CA ASP B 268 -6.48 22.32 25.22
C ASP B 268 -7.30 21.75 26.36
N GLN B 269 -7.87 20.57 26.12
CA GLN B 269 -8.95 20.06 26.95
C GLN B 269 -8.49 19.00 27.96
N GLY B 270 -7.26 18.51 27.84
CA GLY B 270 -6.80 17.55 28.81
C GLY B 270 -6.16 16.32 28.22
N LEU B 271 -6.40 16.12 26.92
CA LEU B 271 -6.00 14.90 26.28
C LEU B 271 -4.56 14.94 25.85
N HIS B 272 -3.95 13.78 25.92
CA HIS B 272 -2.69 13.53 25.28
C HIS B 272 -2.90 13.16 23.81
N LEU B 273 -1.80 12.94 23.09
CA LEU B 273 -1.84 12.64 21.67
C LEU B 273 -1.15 11.33 21.39
N LEU B 274 -1.84 10.42 20.73
CA LEU B 274 -1.23 9.20 20.25
C LEU B 274 -1.40 9.17 18.75
N PHE B 275 -0.27 9.28 18.07
CA PHE B 275 -0.26 9.30 16.62
C PHE B 275 -0.08 7.88 16.08
N THR B 276 -1.17 7.30 15.60
CA THR B 276 -1.06 5.98 15.01
C THR B 276 -0.41 6.07 13.64
N PRO B 277 0.07 4.93 13.09
CA PRO B 277 0.98 5.04 11.96
C PRO B 277 0.36 5.58 10.69
N GLY B 278 0.99 6.64 10.20
CA GLY B 278 0.50 7.32 9.04
C GLY B 278 1.28 8.59 8.77
N VAL B 279 0.83 9.32 7.74
CA VAL B 279 1.43 10.57 7.33
C VAL B 279 0.37 11.64 7.44
N TYR B 280 0.67 12.66 8.23
CA TYR B 280 -0.28 13.72 8.54
C TYR B 280 0.21 15.08 8.02
N HIS B 281 -0.43 15.55 6.94
CA HIS B 281 -0.24 16.90 6.43
C HIS B 281 -0.99 17.84 7.38
N VAL B 282 -0.33 18.89 7.83
CA VAL B 282 -0.93 19.96 8.63
C VAL B 282 -0.63 21.33 7.98
N ASP B 283 -1.52 22.30 8.16
CA ASP B 283 -1.29 23.63 7.60
C ASP B 283 -1.40 24.72 8.66
N GLN B 284 -1.40 24.31 9.93
CA GLN B 284 -1.08 25.14 11.07
C GLN B 284 -0.20 24.31 12.02
N PRO B 285 0.68 24.98 12.79
CA PRO B 285 1.47 24.28 13.79
C PRO B 285 0.68 23.45 14.83
N ILE B 286 1.07 22.20 14.98
CA ILE B 286 0.64 21.43 16.13
C ILE B 286 1.24 22.16 17.34
N GLU B 287 0.39 22.30 18.34
CA GLU B 287 0.63 23.22 19.44
C GLU B 287 0.41 22.48 20.77
N ILE B 288 1.47 22.34 21.54
CA ILE B 288 1.37 21.75 22.86
C ILE B 288 1.76 22.81 23.89
N ASP B 289 0.74 23.31 24.57
CA ASP B 289 0.91 24.27 25.65
C ASP B 289 0.22 23.84 26.92
N ARG B 290 0.45 22.59 27.28
CA ARG B 290 -0.21 22.00 28.43
C ARG B 290 0.80 21.09 29.15
N ALA B 291 1.07 21.43 30.41
CA ALA B 291 2.11 20.71 31.13
C ALA B 291 1.84 19.20 31.13
N ASN B 292 2.93 18.45 30.98
CA ASN B 292 2.91 16.98 31.08
C ASN B 292 2.16 16.22 29.96
N THR B 293 1.92 16.92 28.87
CA THR B 293 1.38 16.32 27.66
C THR B 293 2.35 15.33 27.07
N VAL B 294 1.84 14.13 26.80
CA VAL B 294 2.55 13.09 26.02
C VAL B 294 2.08 13.13 24.56
N ALA B 295 3.03 13.20 23.64
CA ALA B 295 2.77 13.15 22.20
C ALA B 295 3.58 12.01 21.65
N LEU B 296 2.90 10.92 21.38
CA LEU B 296 3.57 9.62 21.18
C LEU B 296 3.17 9.11 19.80
N GLY B 297 4.16 8.78 18.97
CA GLY B 297 3.93 8.20 17.67
C GLY B 297 4.21 6.73 17.66
N LEU B 298 3.38 6.01 16.92
CA LEU B 298 3.53 4.59 16.63
C LEU B 298 3.95 4.42 15.16
N GLY B 299 4.77 3.41 14.88
CA GLY B 299 5.06 3.02 13.53
C GLY B 299 5.58 4.15 12.63
N LEU B 300 6.47 5.01 13.18
CA LEU B 300 7.12 6.07 12.43
C LEU B 300 6.11 7.08 11.84
N ALA B 301 5.06 7.34 12.61
CA ALA B 301 4.10 8.41 12.34
C ALA B 301 4.84 9.68 11.95
N THR B 302 4.37 10.30 10.88
CA THR B 302 5.09 11.41 10.25
C THR B 302 4.20 12.63 10.11
N ILE B 303 4.73 13.81 10.40
CA ILE B 303 4.01 15.07 10.27
C ILE B 303 4.72 15.86 9.18
N ILE B 304 3.95 16.32 8.21
CA ILE B 304 4.43 17.20 7.17
C ILE B 304 3.74 18.55 7.27
N PRO B 305 4.51 19.63 7.56
CA PRO B 305 3.89 20.94 7.60
C PRO B 305 3.75 21.50 6.20
N ASP B 306 2.62 22.11 5.88
CA ASP B 306 2.51 22.73 4.58
C ASP B 306 2.40 24.20 4.68
N ASN B 307 2.41 24.85 3.51
CA ASN B 307 2.33 26.28 3.42
C ASN B 307 3.45 26.98 4.22
N GLY B 308 4.56 26.28 4.41
CA GLY B 308 5.72 26.83 5.09
C GLY B 308 5.61 26.98 6.61
N VAL B 309 4.59 26.37 7.20
CA VAL B 309 4.38 26.52 8.63
C VAL B 309 5.34 25.64 9.43
N THR B 310 5.42 25.94 10.74
CA THR B 310 6.16 25.10 11.66
C THR B 310 5.31 23.86 11.98
N ALA B 311 5.91 22.69 12.07
CA ALA B 311 5.14 21.46 12.32
C ALA B 311 4.72 21.33 13.78
N LEU B 312 5.63 21.67 14.67
CA LEU B 312 5.40 21.39 16.08
C LEU B 312 5.99 22.48 16.97
N LYS B 313 5.17 22.98 17.88
CA LYS B 313 5.62 23.96 18.87
C LYS B 313 5.20 23.50 20.26
N VAL B 314 6.18 23.44 21.15
CA VAL B 314 5.90 23.21 22.57
C VAL B 314 5.95 24.55 23.26
N GLY B 315 4.96 24.77 24.14
CA GLY B 315 4.96 25.99 24.92
C GLY B 315 5.91 25.93 26.10
N ASP B 316 5.89 26.98 26.92
CA ASP B 316 6.80 27.15 28.06
C ASP B 316 6.23 26.46 29.30
N VAL B 317 6.13 25.14 29.21
CA VAL B 317 5.52 24.33 30.26
C VAL B 317 6.41 23.13 30.61
N ASP B 318 6.21 22.59 31.81
CA ASP B 318 6.96 21.45 32.29
C ASP B 318 6.48 20.14 31.62
N GLY B 319 7.38 19.18 31.45
CA GLY B 319 6.99 17.79 31.34
C GLY B 319 6.38 17.28 30.05
N VAL B 320 6.52 18.03 28.98
CA VAL B 320 5.99 17.60 27.71
C VAL B 320 6.92 16.51 27.17
N LYS B 321 6.34 15.44 26.68
CA LYS B 321 7.11 14.28 26.21
C LYS B 321 6.71 13.97 24.77
N VAL B 322 7.61 14.28 23.86
CA VAL B 322 7.38 14.07 22.46
C VAL B 322 8.24 12.88 22.11
N ALA B 323 7.62 11.88 21.47
CA ALA B 323 8.36 10.67 21.16
C ALA B 323 7.82 9.93 19.94
N GLY B 324 8.71 9.44 19.09
CA GLY B 324 8.31 8.54 18.02
C GLY B 324 7.63 9.17 16.80
N LEU B 325 8.19 10.29 16.37
CA LEU B 325 7.64 11.06 15.26
C LEU B 325 8.72 11.47 14.30
N LEU B 326 8.41 11.33 13.02
CA LEU B 326 9.24 11.87 11.95
C LEU B 326 8.56 13.17 11.50
N VAL B 327 9.33 14.24 11.38
CA VAL B 327 8.83 15.50 10.84
C VAL B 327 9.52 15.68 9.51
N ASP B 328 8.74 15.73 8.43
CA ASP B 328 9.25 15.69 7.07
C ASP B 328 8.89 17.03 6.41
N ALA B 329 9.90 17.79 5.98
CA ALA B 329 9.64 19.10 5.41
C ALA B 329 8.78 19.01 4.15
N GLY B 330 7.96 20.03 3.94
CA GLY B 330 7.24 20.20 2.69
C GLY B 330 8.05 21.01 1.69
N PRO B 331 7.57 21.10 0.45
CA PRO B 331 8.30 21.79 -0.61
C PRO B 331 8.43 23.28 -0.32
N VAL B 332 7.38 23.88 0.23
CA VAL B 332 7.47 25.27 0.68
C VAL B 332 8.38 25.38 1.90
N ASN B 333 9.37 26.24 1.79
CA ASN B 333 10.30 26.40 2.92
C ASN B 333 9.63 26.77 4.23
N SER B 334 9.94 26.00 5.26
CA SER B 334 9.53 26.33 6.62
C SER B 334 10.66 27.03 7.37
N GLU B 335 10.30 28.12 8.00
CA GLU B 335 11.22 28.88 8.82
C GLU B 335 11.84 28.04 9.95
N THR B 336 10.97 27.33 10.65
CA THR B 336 11.39 26.27 11.57
C THR B 336 10.50 25.05 11.42
N LEU B 337 11.03 23.86 11.73
CA LEU B 337 10.18 22.68 11.72
C LEU B 337 9.66 22.27 13.13
N VAL B 338 10.48 22.42 14.14
CA VAL B 338 10.13 22.11 15.53
C VAL B 338 10.70 23.16 16.46
N GLU B 339 9.84 23.73 17.31
CA GLU B 339 10.28 24.66 18.35
C GLU B 339 9.96 24.13 19.72
N VAL B 340 10.93 24.20 20.64
CA VAL B 340 10.68 23.78 22.01
C VAL B 340 10.82 25.02 22.85
N GLY B 341 9.68 25.63 23.20
CA GLY B 341 9.64 26.89 23.94
C GLY B 341 9.64 28.09 23.04
N SER B 342 9.39 29.28 23.60
CA SER B 342 9.17 30.48 22.79
C SER B 342 10.43 31.27 22.42
N ASP B 343 10.29 32.36 21.65
CA ASP B 343 11.32 33.34 21.25
C ASP B 343 11.93 33.90 22.55
N GLY B 344 12.99 33.27 23.03
CA GLY B 344 13.51 33.58 24.34
C GLY B 344 12.83 32.46 25.12
N ALA B 345 12.60 32.57 26.41
CA ALA B 345 11.96 31.50 27.17
C ALA B 345 12.03 31.89 28.63
N SER B 346 13.09 31.41 29.28
CA SER B 346 13.61 31.77 30.61
C SER B 346 12.98 31.26 31.90
N GLY B 347 11.91 30.50 31.84
CA GLY B 347 11.61 29.70 33.03
C GLY B 347 12.59 28.57 33.22
N ASP B 348 12.62 27.92 34.39
CA ASP B 348 13.29 26.63 34.52
C ASP B 348 12.29 25.47 34.69
N HIS B 349 12.69 24.27 34.28
CA HIS B 349 11.80 23.10 34.25
C HIS B 349 12.50 21.88 34.88
N ALA B 350 13.36 22.17 35.88
CA ALA B 350 14.33 21.23 36.39
C ALA B 350 13.80 19.89 36.82
N ALA B 351 12.80 19.96 37.68
CA ALA B 351 12.20 18.78 38.28
C ALA B 351 11.52 17.91 37.21
N ASN B 352 10.92 18.54 36.21
CA ASN B 352 10.18 17.85 35.14
C ASN B 352 10.38 18.51 33.79
N PRO B 353 11.50 18.18 33.12
CA PRO B 353 11.71 18.89 31.86
C PRO B 353 10.86 18.33 30.75
N THR B 354 10.92 19.03 29.62
CA THR B 354 10.37 18.57 28.35
C THR B 354 11.44 17.78 27.66
N SER B 355 11.01 16.75 26.94
CA SER B 355 11.93 16.01 26.12
C SER B 355 11.42 15.71 24.72
N LEU B 356 12.40 15.48 23.85
CA LEU B 356 12.20 14.95 22.54
C LEU B 356 12.99 13.63 22.48
N GLN B 357 12.29 12.54 22.17
CA GLN B 357 12.91 11.22 22.05
C GLN B 357 12.47 10.54 20.78
N ASP B 358 13.44 9.99 20.05
CA ASP B 358 13.13 9.37 18.75
C ASP B 358 12.32 10.35 17.89
N VAL B 359 12.78 11.60 17.88
CA VAL B 359 12.20 12.62 17.03
C VAL B 359 13.21 12.80 15.89
N PHE B 360 12.75 12.50 14.68
CA PHE B 360 13.59 12.54 13.51
C PHE B 360 13.08 13.64 12.58
N VAL B 361 14.01 14.29 11.86
CA VAL B 361 13.65 15.32 10.86
C VAL B 361 14.26 14.93 9.54
N ARG B 362 13.49 15.06 8.47
CA ARG B 362 13.98 14.83 7.11
C ARG B 362 13.67 16.07 6.28
N ILE B 363 14.66 16.55 5.54
CA ILE B 363 14.49 17.61 4.58
C ILE B 363 14.83 17.09 3.20
N GLY B 364 13.79 16.83 2.40
CA GLY B 364 14.01 16.29 1.07
C GLY B 364 14.11 14.79 1.05
N GLY B 365 14.28 14.22 -0.14
CA GLY B 365 14.48 12.77 -0.24
C GLY B 365 13.19 12.06 -0.57
N ALA B 366 12.12 12.38 0.16
CA ALA B 366 10.77 11.85 -0.18
C ALA B 366 9.99 12.84 -1.08
N GLY B 367 10.75 13.57 -1.87
CA GLY B 367 10.24 14.69 -2.60
C GLY B 367 11.04 15.90 -2.17
N PRO B 368 10.90 16.99 -2.91
CA PRO B 368 11.69 18.16 -2.50
C PRO B 368 11.12 18.78 -1.22
N GLY B 369 12.01 19.23 -0.36
CA GLY B 369 11.65 19.82 0.91
C GLY B 369 12.71 20.84 1.31
N LYS B 370 12.28 21.88 2.04
CA LYS B 370 13.17 22.92 2.54
C LYS B 370 12.77 23.46 3.89
N ALA B 371 13.76 23.80 4.70
CA ALA B 371 13.57 24.49 5.96
C ALA B 371 14.82 25.24 6.37
N THR B 372 14.64 26.39 7.01
CA THR B 372 15.77 27.21 7.40
C THR B 372 16.52 26.63 8.60
N THR B 373 15.78 26.44 9.70
CA THR B 373 16.28 25.78 10.91
C THR B 373 15.33 24.68 11.28
N SER B 374 15.84 23.47 11.54
CA SER B 374 14.94 22.33 11.72
C SER B 374 14.40 22.25 13.16
N ILE B 375 15.29 22.20 14.14
CA ILE B 375 14.85 22.22 15.54
C ILE B 375 15.45 23.35 16.34
N VAL B 376 14.58 24.13 16.98
CA VAL B 376 15.01 25.21 17.85
C VAL B 376 14.61 24.85 19.26
N VAL B 377 15.60 24.81 20.15
CA VAL B 377 15.37 24.46 21.54
C VAL B 377 15.60 25.67 22.44
N ASN B 378 14.49 26.31 22.84
CA ASN B 378 14.54 27.49 23.72
C ASN B 378 14.39 27.15 25.20
N SER B 379 13.59 26.16 25.52
CA SER B 379 13.30 25.86 26.92
C SER B 379 14.46 25.27 27.73
N ASN B 380 14.73 25.89 28.88
CA ASN B 380 15.74 25.40 29.80
C ASN B 380 15.44 23.98 30.27
N ASP B 381 16.51 23.22 30.42
CA ASP B 381 16.49 21.88 31.01
C ASP B 381 15.93 20.78 30.08
N THR B 382 15.66 21.15 28.85
CA THR B 382 15.17 20.21 27.84
C THR B 382 16.16 19.08 27.61
N ILE B 383 15.60 17.88 27.46
CA ILE B 383 16.40 16.69 27.10
C ILE B 383 16.09 16.24 25.66
N ILE B 384 17.13 16.11 24.82
CA ILE B 384 16.98 15.55 23.47
C ILE B 384 17.68 14.20 23.54
N ASP B 385 16.91 13.14 23.55
CA ASP B 385 17.40 11.78 23.77
C ASP B 385 17.08 10.98 22.53
N HIS B 386 18.06 10.93 21.64
CA HIS B 386 17.95 10.32 20.31
C HIS B 386 17.23 11.15 19.28
N THR B 387 18.02 11.92 18.56
CA THR B 387 17.49 12.59 17.35
C THR B 387 18.38 12.38 16.13
N TRP B 388 17.74 12.25 14.96
CA TRP B 388 18.39 12.33 13.66
C TRP B 388 17.73 13.44 12.87
N VAL B 389 18.54 14.46 12.56
CA VAL B 389 18.09 15.65 11.87
C VAL B 389 18.92 15.66 10.59
N TRP B 390 18.23 15.39 9.49
CA TRP B 390 18.86 14.90 8.26
C TRP B 390 18.37 15.66 7.05
N ARG B 391 19.25 16.45 6.47
CA ARG B 391 19.04 17.01 5.14
C ARG B 391 19.38 15.92 4.13
N ALA B 392 18.42 15.49 3.33
CA ALA B 392 18.65 14.31 2.51
C ALA B 392 19.84 14.45 1.52
N ASP B 393 20.70 13.43 1.48
CA ASP B 393 21.79 13.37 0.50
C ASP B 393 21.47 12.52 -0.72
N HIS B 394 20.35 11.84 -0.73
CA HIS B 394 19.95 10.99 -1.84
C HIS B 394 18.45 10.88 -1.80
N GLY B 395 17.90 10.30 -2.85
CA GLY B 395 16.46 10.23 -3.04
C GLY B 395 15.99 11.26 -4.06
N GLU B 396 14.72 11.62 -3.96
CA GLU B 396 14.05 12.60 -4.81
C GLU B 396 14.00 13.98 -4.22
N GLY B 397 14.15 15.01 -5.06
CA GLY B 397 13.92 16.37 -4.58
C GLY B 397 15.14 16.91 -3.86
N VAL B 398 16.29 16.45 -4.36
CA VAL B 398 17.57 16.62 -3.71
C VAL B 398 18.56 17.48 -4.54
N GLY B 399 19.22 18.43 -3.84
CA GLY B 399 20.18 19.36 -4.47
C GLY B 399 20.49 20.62 -3.65
N TRP B 400 21.53 21.35 -4.07
CA TRP B 400 22.15 22.36 -3.22
C TRP B 400 21.23 23.55 -3.17
N GLU B 401 20.28 23.60 -4.07
CA GLU B 401 19.20 24.56 -3.94
C GLU B 401 17.94 23.82 -3.57
N THR B 402 17.66 22.78 -4.34
CA THR B 402 16.43 21.98 -4.30
C THR B 402 15.93 21.65 -2.88
N ASN B 403 16.81 21.07 -2.07
CA ASN B 403 16.48 20.84 -0.69
C ASN B 403 17.41 21.56 0.27
N ARG B 404 17.70 22.83 -0.03
CA ARG B 404 18.51 23.66 0.87
C ARG B 404 17.93 23.63 2.26
N ALA B 405 18.83 23.52 3.22
CA ALA B 405 18.46 23.59 4.62
C ALA B 405 19.67 24.08 5.34
N ASP B 406 19.66 25.32 5.83
CA ASP B 406 20.91 25.91 6.31
C ASP B 406 21.32 25.40 7.67
N TYR B 407 20.34 25.27 8.56
CA TYR B 407 20.61 25.00 9.97
C TYR B 407 19.86 23.80 10.50
N GLY B 408 20.55 22.94 11.21
CA GLY B 408 19.93 21.72 11.72
C GLY B 408 19.27 21.98 13.05
N VAL B 409 20.09 22.07 14.07
CA VAL B 409 19.63 22.26 15.45
C VAL B 409 20.26 23.50 16.02
N HIS B 410 19.43 24.31 16.69
CA HIS B 410 19.92 25.49 17.41
C HIS B 410 19.43 25.44 18.84
N VAL B 411 20.36 25.34 19.78
CA VAL B 411 20.00 25.27 21.20
C VAL B 411 20.24 26.62 21.86
N LYS B 412 19.14 27.23 22.28
CA LYS B 412 19.16 28.56 22.93
C LYS B 412 18.96 28.50 24.44
N GLY B 413 18.38 27.39 24.92
CA GLY B 413 18.05 27.23 26.33
C GLY B 413 19.24 26.78 27.18
N ASP B 414 19.16 26.99 28.50
CA ASP B 414 20.22 26.65 29.40
C ASP B 414 19.98 25.24 29.99
N ASN B 415 21.04 24.58 30.40
CA ASN B 415 20.96 23.25 31.02
C ASN B 415 20.36 22.20 30.08
N VAL B 416 20.49 22.41 28.78
CA VAL B 416 19.97 21.42 27.82
C VAL B 416 20.92 20.24 27.70
N LEU B 417 20.35 19.04 27.59
CA LEU B 417 21.17 17.80 27.49
C LEU B 417 20.78 17.08 26.22
N ALA B 418 21.77 16.76 25.40
CA ALA B 418 21.59 15.90 24.24
C ALA B 418 22.31 14.58 24.43
N THR B 419 21.58 13.47 24.34
CA THR B 419 22.17 12.13 24.42
C THR B 419 21.82 11.37 23.12
N GLY B 420 22.83 11.11 22.28
CA GLY B 420 22.62 10.47 20.99
C GLY B 420 22.13 11.45 19.94
N LEU B 421 22.99 12.40 19.60
CA LEU B 421 22.67 13.47 18.66
C LEU B 421 23.29 13.15 17.29
N PHE B 422 22.44 12.94 16.28
CA PHE B 422 22.86 12.65 14.90
C PHE B 422 22.30 13.78 13.99
N VAL B 423 23.17 14.58 13.37
CA VAL B 423 22.73 15.71 12.55
C VAL B 423 23.62 15.81 11.31
N GLU B 424 23.03 15.80 10.12
CA GLU B 424 23.85 15.64 8.90
C GLU B 424 23.39 16.48 7.69
N HIS B 425 24.40 17.02 7.02
CA HIS B 425 24.35 17.60 5.68
C HIS B 425 23.77 19.00 5.47
N PHE B 426 23.66 19.80 6.54
CA PHE B 426 23.12 21.14 6.40
C PHE B 426 24.05 22.07 5.58
N ASN B 427 23.46 23.03 4.86
CA ASN B 427 24.25 23.98 4.08
C ASN B 427 25.14 24.86 4.92
N LYS B 428 24.74 25.09 6.17
CA LYS B 428 25.49 25.94 7.11
C LYS B 428 25.77 25.12 8.38
N TYR B 429 25.66 25.70 9.59
CA TYR B 429 25.98 24.95 10.78
C TYR B 429 24.96 23.86 11.09
N ASP B 430 25.41 22.62 11.22
CA ASP B 430 24.47 21.52 11.52
C ASP B 430 23.91 21.75 12.90
N VAL B 431 24.81 22.02 13.85
CA VAL B 431 24.43 22.30 15.23
C VAL B 431 25.09 23.57 15.74
N GLN B 432 24.22 24.38 16.36
CA GLN B 432 24.50 25.68 16.93
C GLN B 432 24.10 25.67 18.41
N TRP B 433 24.93 26.20 19.30
CA TRP B 433 24.64 26.12 20.76
C TRP B 433 25.01 27.36 21.57
N SER B 434 23.94 28.11 21.86
CA SER B 434 24.00 29.44 22.44
C SER B 434 23.72 29.44 23.97
N GLY B 435 22.75 28.64 24.42
CA GLY B 435 22.49 28.44 25.84
C GLY B 435 23.69 28.06 26.68
N GLU B 436 23.55 28.18 27.99
CA GLU B 436 24.65 27.91 28.87
C GLU B 436 24.52 26.51 29.41
N ASN B 437 25.66 25.96 29.81
CA ASN B 437 25.72 24.66 30.46
C ASN B 437 25.10 23.56 29.67
N GLY B 438 25.23 23.64 28.34
CA GLY B 438 24.84 22.53 27.49
C GLY B 438 25.81 21.35 27.65
N LYS B 439 25.25 20.15 27.50
CA LYS B 439 26.03 18.90 27.48
C LYS B 439 25.57 18.08 26.27
N THR B 440 26.51 17.53 25.51
CA THR B 440 26.20 16.52 24.46
C THR B 440 27.01 15.26 24.73
N ILE B 441 26.31 14.14 24.84
CA ILE B 441 26.95 12.84 24.97
C ILE B 441 26.60 12.09 23.68
N PHE B 442 27.63 11.90 22.87
CA PHE B 442 27.59 11.32 21.51
C PHE B 442 27.02 12.25 20.46
N TYR B 443 27.84 12.53 19.45
CA TYR B 443 27.47 13.30 18.24
C TYR B 443 28.04 12.62 17.01
N GLN B 444 27.16 12.38 16.03
CA GLN B 444 27.57 11.97 14.68
C GLN B 444 27.06 12.98 13.67
N ASN B 445 28.00 13.51 12.90
CA ASN B 445 27.71 14.41 11.77
C ASN B 445 28.41 13.94 10.48
N ALA B 446 27.76 14.20 9.36
CA ALA B 446 28.38 14.22 8.04
C ALA B 446 28.03 15.56 7.43
N LYS B 447 29.00 16.17 6.79
CA LYS B 447 28.79 17.45 6.14
C LYS B 447 28.04 17.24 4.81
N ALA B 448 27.58 18.36 4.28
CA ALA B 448 26.87 18.34 3.01
C ALA B 448 27.80 17.79 1.91
N TYR B 449 27.34 16.85 1.09
CA TYR B 449 28.18 16.35 -0.04
C TYR B 449 28.21 17.29 -1.24
N ASP B 450 27.14 18.06 -1.41
CA ASP B 450 26.89 18.83 -2.65
C ASP B 450 27.30 20.30 -2.74
N ALA B 451 28.12 20.80 -1.82
CA ALA B 451 28.59 22.15 -1.97
C ALA B 451 29.32 22.22 -3.30
N PRO B 452 29.00 23.25 -4.10
CA PRO B 452 29.52 23.22 -5.48
C PRO B 452 31.00 23.57 -5.60
N ASP B 453 31.48 24.28 -4.60
CA ASP B 453 32.76 24.94 -4.67
C ASP B 453 33.09 25.40 -3.26
N GLN B 454 34.31 25.93 -3.12
CA GLN B 454 34.71 26.47 -1.85
C GLN B 454 33.88 27.70 -1.47
N ALA B 455 33.63 28.58 -2.45
CA ALA B 455 32.98 29.86 -2.16
C ALA B 455 31.62 29.63 -1.52
N ALA B 456 30.98 28.56 -1.95
CA ALA B 456 29.61 28.26 -1.57
C ALA B 456 29.44 27.93 -0.09
N ILE B 457 30.57 27.60 0.60
CA ILE B 457 30.55 27.28 2.03
C ILE B 457 31.47 28.22 2.85
N GLN B 458 31.87 29.31 2.22
CA GLN B 458 32.80 30.29 2.82
C GLN B 458 32.05 31.06 3.91
N ASN B 459 32.51 30.96 5.17
CA ASN B 459 31.83 31.51 6.37
C ASN B 459 32.73 32.13 7.44
N GLY B 460 32.18 33.11 8.16
CA GLY B 460 32.96 34.19 8.74
C GLY B 460 34.05 34.34 7.71
N ASP B 461 35.31 34.13 8.12
CA ASP B 461 36.46 33.95 7.23
C ASP B 461 37.12 32.53 7.40
N ILE B 462 36.20 31.59 7.53
CA ILE B 462 36.45 30.19 7.79
C ILE B 462 36.00 29.48 6.52
N LYS B 463 36.80 28.48 6.10
CA LYS B 463 36.41 27.58 5.03
C LYS B 463 35.36 26.63 5.66
N GLY B 464 34.12 26.74 5.20
CA GLY B 464 33.05 25.89 5.68
C GLY B 464 32.45 26.39 6.99
N TYR B 465 31.36 25.74 7.39
CA TYR B 465 30.67 25.99 8.67
C TYR B 465 30.85 24.76 9.54
N ALA B 466 31.22 24.95 10.79
CA ALA B 466 31.37 23.83 11.71
C ALA B 466 30.12 22.93 11.78
N ALA B 467 30.33 21.64 11.98
CA ALA B 467 29.24 20.72 12.31
C ALA B 467 28.63 21.03 13.67
N TYR B 468 29.43 21.57 14.57
CA TYR B 468 29.01 21.83 15.93
C TYR B 468 29.73 23.06 16.43
N LYS B 469 28.96 24.14 16.59
CA LYS B 469 29.46 25.43 17.00
C LYS B 469 28.92 25.85 18.32
N VAL B 470 29.83 26.10 19.25
CA VAL B 470 29.49 26.70 20.52
C VAL B 470 29.79 28.16 20.42
N ASP B 471 28.76 28.99 20.65
CA ASP B 471 28.94 30.43 20.52
C ASP B 471 29.99 30.90 21.52
N ASP B 472 30.89 31.81 21.12
CA ASP B 472 32.04 32.17 22.00
C ASP B 472 31.63 33.01 23.23
N SER B 473 30.41 33.53 23.23
CA SER B 473 29.87 34.23 24.40
C SER B 473 29.49 33.22 25.48
N VAL B 474 29.40 31.96 25.11
CA VAL B 474 29.00 30.94 26.05
C VAL B 474 30.08 30.77 27.11
N THR B 475 29.69 30.52 28.35
CA THR B 475 30.63 30.30 29.44
C THR B 475 30.95 28.85 29.79
N THR B 476 29.92 28.02 29.73
CA THR B 476 30.03 26.65 30.21
C THR B 476 29.42 25.74 29.14
N HIS B 477 30.12 24.66 28.77
CA HIS B 477 29.63 23.66 27.79
C HIS B 477 30.51 22.42 27.88
N GLU B 478 29.95 21.24 27.62
CA GLU B 478 30.78 20.03 27.62
C GLU B 478 30.22 18.99 26.65
N GLY B 479 31.09 18.39 25.87
CA GLY B 479 30.67 17.40 24.89
C GLY B 479 31.62 16.21 24.93
N TRP B 480 31.08 15.03 24.67
CA TRP B 480 31.83 13.77 24.75
C TRP B 480 31.52 12.90 23.53
N GLY B 481 32.57 12.40 22.87
CA GLY B 481 32.36 11.40 21.83
C GLY B 481 31.70 11.93 20.57
N MET B 482 32.43 12.82 19.89
CA MET B 482 31.84 13.55 18.80
C MET B 482 32.65 13.42 17.52
N GLY B 483 31.96 13.11 16.42
CA GLY B 483 32.63 13.05 15.11
C GLY B 483 31.90 13.73 13.98
N SER B 484 32.68 14.29 13.05
CA SER B 484 32.18 14.89 11.83
C SER B 484 32.93 14.30 10.64
N TYR B 485 32.19 13.85 9.63
CA TYR B 485 32.80 13.25 8.45
C TYR B 485 32.47 14.07 7.20
N CYS B 486 33.40 14.10 6.25
CA CYS B 486 33.12 14.78 4.97
C CYS B 486 33.22 13.83 3.79
N TYR B 487 32.43 14.13 2.78
CA TYR B 487 32.39 13.43 1.50
C TYR B 487 31.93 14.39 0.44
N PHE B 488 32.83 15.27 0.08
CA PHE B 488 32.52 16.32 -0.88
C PHE B 488 32.72 15.70 -2.25
N ASN B 489 31.74 14.91 -2.68
CA ASN B 489 31.95 14.06 -3.86
C ASN B 489 31.53 14.77 -5.11
N VAL B 490 30.86 15.91 -4.96
CA VAL B 490 30.66 16.84 -6.06
C VAL B 490 31.94 17.55 -6.42
N ASN B 491 32.57 18.19 -5.42
CA ASN B 491 33.88 18.83 -5.62
C ASN B 491 34.87 18.45 -4.54
N PRO B 492 35.66 17.39 -4.83
CA PRO B 492 36.61 16.88 -3.85
C PRO B 492 37.75 17.80 -3.50
N ASP B 493 38.00 18.87 -4.26
CA ASP B 493 39.07 19.78 -3.90
C ASP B 493 38.69 20.70 -2.75
N ILE B 494 37.45 20.58 -2.25
CA ILE B 494 37.00 21.42 -1.15
C ILE B 494 37.75 21.09 0.16
N ARG B 495 37.85 22.10 1.00
CA ARG B 495 38.48 22.02 2.30
C ARG B 495 37.55 22.54 3.37
N GLN B 496 37.34 21.74 4.42
CA GLN B 496 36.51 22.10 5.55
C GLN B 496 37.48 22.47 6.69
N GLN B 497 37.38 23.69 7.23
CA GLN B 497 38.40 24.13 8.21
C GLN B 497 38.39 23.20 9.41
N HIS B 498 37.21 22.97 9.95
CA HIS B 498 37.09 22.17 11.18
C HIS B 498 35.71 21.52 11.32
N GLY B 499 35.64 20.52 12.20
CA GLY B 499 34.38 19.89 12.55
C GLY B 499 33.63 20.66 13.62
N PHE B 500 34.40 21.27 14.52
CA PHE B 500 33.91 21.88 15.74
C PHE B 500 34.50 23.28 15.90
N GLN B 501 33.71 24.19 16.44
CA GLN B 501 34.15 25.52 16.81
C GLN B 501 33.58 25.93 18.19
N ALA B 502 34.44 26.51 19.02
CA ALA B 502 34.08 26.84 20.39
C ALA B 502 35.07 27.84 20.97
N PRO B 503 34.61 28.61 21.98
CA PRO B 503 35.52 29.50 22.71
C PRO B 503 36.51 28.76 23.56
N VAL B 504 37.60 29.44 23.86
CA VAL B 504 38.68 28.90 24.66
C VAL B 504 38.52 29.45 26.09
N LYS B 505 37.95 28.63 26.98
CA LYS B 505 37.50 29.04 28.30
C LYS B 505 37.52 27.90 29.27
N PRO B 506 37.79 28.19 30.57
CA PRO B 506 37.74 27.18 31.65
C PRO B 506 36.53 26.24 31.64
N GLY B 507 35.32 26.77 31.44
CA GLY B 507 34.14 25.92 31.58
C GLY B 507 33.65 25.32 30.27
N VAL B 508 34.39 25.49 29.17
CA VAL B 508 34.05 24.87 27.86
C VAL B 508 35.07 23.78 27.56
N LYS B 509 34.58 22.55 27.47
CA LYS B 509 35.44 21.38 27.40
C LYS B 509 34.88 20.33 26.46
N PHE B 510 35.77 19.71 25.72
CA PHE B 510 35.38 18.59 24.87
C PHE B 510 36.28 17.39 25.12
N HIS B 511 35.71 16.20 24.91
CA HIS B 511 36.37 14.94 25.12
C HIS B 511 36.15 14.04 23.93
N ASP B 512 37.23 13.56 23.31
CA ASP B 512 37.19 12.54 22.28
C ASP B 512 36.45 13.05 21.06
N LEU B 513 37.14 13.94 20.35
CA LEU B 513 36.68 14.50 19.08
C LEU B 513 37.43 13.84 17.91
N LEU B 514 36.74 13.67 16.78
CA LEU B 514 37.36 13.19 15.55
C LEU B 514 36.72 13.84 14.32
N VAL B 515 37.55 14.01 13.29
CA VAL B 515 37.03 14.26 11.96
C VAL B 515 37.60 13.26 10.97
N VAL B 516 36.83 12.97 9.90
CA VAL B 516 37.19 11.92 8.96
C VAL B 516 36.82 12.33 7.52
N SER B 517 37.74 12.21 6.57
CA SER B 517 37.40 12.32 5.15
C SER B 517 37.10 10.93 4.59
N LEU B 518 35.98 10.77 3.91
CA LEU B 518 35.65 9.49 3.23
C LEU B 518 36.37 9.34 1.84
N GLY B 519 37.37 8.47 1.73
CA GLY B 519 37.94 8.17 0.43
C GLY B 519 38.52 9.45 -0.17
N GLY B 520 39.13 10.29 0.68
CA GLY B 520 39.76 11.51 0.25
C GLY B 520 38.91 12.55 -0.47
N LYS B 521 37.59 12.46 -0.26
CA LYS B 521 36.67 13.38 -0.91
C LYS B 521 36.52 14.68 -0.12
N GLY B 522 37.37 15.63 -0.46
CA GLY B 522 37.58 16.77 0.41
C GLY B 522 38.50 16.38 1.54
N GLN B 523 38.93 17.37 2.33
CA GLN B 523 39.68 17.14 3.55
C GLN B 523 39.34 18.20 4.60
N TYR B 524 39.50 17.81 5.86
CA TYR B 524 39.48 18.77 6.98
C TYR B 524 40.85 19.41 7.16
N GLU B 525 40.95 20.69 7.53
CA GLU B 525 42.26 21.29 7.84
C GLU B 525 42.64 21.10 9.32
N HIS B 526 41.62 20.97 10.17
CA HIS B 526 41.77 20.86 11.63
C HIS B 526 40.58 20.11 12.19
N VAL B 527 40.64 19.80 13.49
CA VAL B 527 39.55 19.10 14.18
C VAL B 527 38.55 20.10 14.80
N ILE B 528 39.07 21.00 15.62
CA ILE B 528 38.27 22.02 16.32
C ILE B 528 39.04 23.33 16.27
N ASN B 529 38.37 24.44 15.90
CA ASN B 529 39.04 25.71 15.70
C ASN B 529 40.22 25.45 14.75
N ASP B 530 41.42 25.94 15.06
CA ASP B 530 42.64 25.62 14.27
C ASP B 530 43.51 24.55 14.95
N ILE B 531 42.90 23.83 15.90
CA ILE B 531 43.49 22.67 16.60
C ILE B 531 43.10 21.41 15.88
N GLY B 532 44.05 20.48 15.80
CA GLY B 532 43.81 19.20 15.17
C GLY B 532 44.65 19.05 13.91
N ASP B 533 45.15 17.85 13.70
CA ASP B 533 45.76 17.52 12.45
C ASP B 533 44.74 17.64 11.32
N PRO B 534 45.17 18.16 10.14
CA PRO B 534 44.29 18.00 8.98
C PRO B 534 44.14 16.52 8.67
N THR B 535 43.09 16.14 7.96
CA THR B 535 43.03 14.80 7.39
C THR B 535 43.93 14.76 6.17
N SER B 536 44.35 13.56 5.76
CA SER B 536 45.22 13.40 4.60
C SER B 536 45.00 12.03 3.97
N GLY B 537 45.46 11.88 2.73
CA GLY B 537 45.36 10.60 2.04
C GLY B 537 43.92 10.34 1.62
N ASP B 538 43.68 9.15 1.10
CA ASP B 538 42.33 8.77 0.66
C ASP B 538 41.88 7.47 1.28
N THR B 539 42.50 7.09 2.38
CA THR B 539 42.26 5.79 3.00
C THR B 539 41.47 5.91 4.33
N THR B 540 40.84 7.08 4.52
CA THR B 540 39.84 7.35 5.59
C THR B 540 40.29 6.95 7.02
N ILE B 541 41.35 7.65 7.41
CA ILE B 541 41.97 7.65 8.75
C ILE B 541 41.53 8.88 9.53
N PRO B 542 40.87 8.69 10.68
CA PRO B 542 40.40 9.86 11.42
C PRO B 542 41.54 10.71 11.96
N SER B 543 41.27 11.99 12.10
CA SER B 543 42.14 12.90 12.83
C SER B 543 41.44 13.16 14.14
N GLN B 544 42.16 12.99 15.24
CA GLN B 544 41.51 13.03 16.54
C GLN B 544 42.14 14.01 17.52
N VAL B 545 41.28 14.49 18.44
CA VAL B 545 41.71 15.30 19.60
C VAL B 545 41.07 14.69 20.87
N VAL B 546 41.91 14.26 21.82
CA VAL B 546 41.41 13.63 23.04
C VAL B 546 40.72 14.65 23.95
N SER B 547 41.38 15.79 24.13
CA SER B 547 40.88 16.85 25.04
C SER B 547 41.05 18.24 24.45
N PHE B 548 40.02 19.07 24.59
CA PHE B 548 40.11 20.48 24.25
C PHE B 548 39.26 21.26 25.30
N PRO B 549 39.70 22.48 25.73
CA PRO B 549 40.87 23.20 25.26
C PRO B 549 42.07 22.37 25.68
C2 BGC C . 1.33 -27.70 -25.20
C3 BGC C . 1.38 -26.72 -24.13
C4 BGC C . 0.82 -27.28 -22.86
C5 BGC C . 1.43 -28.63 -22.51
C6 BGC C . 0.71 -29.31 -21.40
C1 BGC C . 2.19 -28.86 -24.78
O1 BGC C . 2.36 -29.68 -25.77
O2 BGC C . 1.76 -27.22 -26.50
O3 BGC C . 0.73 -25.46 -24.61
O4 BGC C . 1.03 -26.44 -21.75
O5 BGC C . 1.54 -29.52 -23.63
O6 BGC C . 0.89 -30.70 -21.33
C2 BGC C . 0.75 -23.12 -24.78
C3 BGC C . 1.39 -21.85 -24.40
C4 BGC C . 1.69 -21.78 -22.97
C5 BGC C . 2.31 -23.07 -22.46
C6 BGC C . 2.50 -23.06 -20.99
C1 BGC C . 1.45 -24.34 -24.26
O2 BGC C . 0.60 -23.18 -26.19
O3 BGC C . 0.35 -20.89 -24.83
O4 BGC C . 2.55 -20.68 -22.64
O5 BGC C . 1.50 -24.21 -22.83
O6 BGC C . 3.01 -24.26 -20.41
C2 BGC C . -0.14 -18.77 -25.84
C3 BGC C . 0.46 -17.62 -26.55
C4 BGC C . 1.58 -17.06 -25.79
C5 BGC C . 2.57 -18.15 -25.43
C6 BGC C . 3.67 -17.73 -24.54
C1 BGC C . 0.91 -19.85 -25.60
O2 BGC C . -1.23 -19.35 -26.58
O3 BGC C . -0.62 -16.61 -26.60
O4 BGC C . 2.30 -16.05 -26.51
O5 BGC C . 1.92 -19.24 -24.77
O6 BGC C . 4.59 -18.80 -24.46
C2 BGC C . -2.08 -15.15 -27.79
C3 BGC C . -2.35 -14.43 -29.08
C4 BGC C . -1.07 -13.94 -29.71
C5 BGC C . -0.08 -15.11 -29.84
C6 BGC C . 1.27 -14.73 -30.46
C1 BGC C . -1.00 -16.22 -27.90
O2 BGC C . -3.25 -15.78 -27.29
O3 BGC C . -3.18 -13.31 -28.73
O4 BGC C . -1.27 -13.43 -31.00
O5 BGC C . 0.18 -15.62 -28.54
O6 BGC C . 2.05 -15.86 -30.79
C2 BGC C . -5.33 -12.23 -28.84
C3 BGC C . -6.36 -11.64 -29.74
C4 BGC C . -5.71 -10.94 -30.87
C5 BGC C . -4.70 -11.83 -31.56
C6 BGC C . -3.93 -11.12 -32.67
C1 BGC C . -4.27 -13.06 -29.56
O2 BGC C . -5.92 -13.05 -27.87
O3 BGC C . -7.08 -10.60 -28.94
O4 BGC C . -6.70 -10.48 -31.75
O5 BGC C . -3.69 -12.26 -30.63
O6 BGC C . -3.10 -11.99 -33.43
C2 BGC C . -9.12 -9.68 -28.19
C3 BGC C . -10.60 -9.71 -28.40
C4 BGC C . -10.92 -9.92 -29.80
C5 BGC C . -10.34 -11.27 -30.21
C6 BGC C . -10.68 -11.55 -31.63
C1 BGC C . -8.44 -10.91 -28.79
O2 BGC C . -8.76 -9.55 -26.83
O3 BGC C . -11.24 -8.45 -28.00
O4 BGC C . -12.33 -9.83 -30.13
O5 BGC C . -8.90 -11.14 -30.14
O6 BGC C . -10.11 -10.62 -32.51
C2 BGC D . -5.41 -32.75 -30.23
C3 BGC D . -5.83 -32.02 -31.39
C4 BGC D . -4.74 -31.11 -31.88
C5 BGC D . -3.39 -31.80 -32.02
C6 BGC D . -2.31 -30.77 -32.20
C1 BGC D . -4.19 -33.57 -30.54
O1 BGC D . -3.83 -34.27 -29.46
O2 BGC D . -6.48 -33.56 -29.74
O3 BGC D . -7.14 -31.43 -31.03
O4 BGC D . -5.02 -30.47 -33.12
O5 BGC D . -3.08 -32.69 -30.95
O6 BGC D . -1.59 -30.37 -31.07
C2 BGC D . -9.18 -30.29 -31.65
C3 BGC D . -9.84 -29.39 -32.64
C4 BGC D . -8.95 -28.30 -33.16
C5 BGC D . -7.43 -28.53 -33.19
C6 BGC D . -6.63 -27.34 -32.92
C1 BGC D . -7.74 -30.71 -32.02
O2 BGC D . -10.01 -31.40 -31.32
O3 BGC D . -11.11 -28.91 -32.11
O4 BGC D . -9.32 -27.98 -34.48
O5 BGC D . -6.89 -29.56 -32.32
O6 BGC D . -5.28 -27.39 -33.28
C2 BGC D . -13.07 -29.62 -30.85
C3 BGC D . -14.20 -30.57 -30.86
C4 BGC D . -15.02 -30.42 -32.07
C5 BGC D . -14.17 -30.53 -33.35
C6 BGC D . -14.95 -30.09 -34.58
C1 BGC D . -12.15 -29.82 -32.04
O2 BGC D . -12.34 -29.73 -29.64
O3 BGC D . -15.01 -30.39 -29.64
O4 BGC D . -16.03 -31.39 -32.14
O5 BGC D . -12.89 -29.82 -33.30
O6 BGC D . -15.70 -28.93 -34.48
C2 BGC D . -15.60 -31.36 -27.49
C3 BGC D . -16.28 -32.49 -26.84
C4 BGC D . -17.58 -32.77 -27.51
C5 BGC D . -17.30 -33.09 -28.96
C6 BGC D . -18.49 -33.50 -29.73
C1 BGC D . -15.43 -31.55 -28.99
O2 BGC D . -14.33 -31.02 -26.88
O3 BGC D . -16.49 -32.20 -25.43
O4 BGC D . -18.31 -33.87 -26.92
O5 BGC D . -16.72 -31.93 -29.57
O6 BGC D . -19.58 -32.64 -29.84
C2 BGC D . -15.13 -32.13 -23.43
C3 BGC D . -14.41 -32.93 -22.45
C4 BGC D . -15.21 -34.03 -21.86
C5 BGC D . -15.91 -34.80 -22.93
C6 BGC D . -16.99 -35.69 -22.40
C1 BGC D . -15.70 -32.97 -24.56
O2 BGC D . -14.30 -31.11 -24.05
O3 BGC D . -13.77 -32.14 -21.42
O4 BGC D . -14.33 -34.94 -21.18
O5 BGC D . -16.52 -34.00 -23.97
O6 BGC D . -17.25 -36.80 -23.28
C2 BGC E . 35.58 -8.98 7.91
C3 BGC E . 35.72 -8.22 9.14
C4 BGC E . 35.16 -8.98 10.27
C5 BGC E . 35.94 -10.29 10.41
C6 BGC E . 35.07 -11.39 10.89
C1 BGC E . 36.34 -10.28 7.93
O1 BGC E . 35.64 -11.26 7.40
O2 BGC E . 36.07 -8.31 6.74
O3 BGC E . 35.05 -6.89 9.02
O4 BGC E . 35.22 -8.32 11.49
O5 BGC E . 36.74 -10.68 9.28
O6 BGC E . 35.51 -12.06 12.07
C2 BGC E . 35.11 -4.57 8.90
C3 BGC E . 35.72 -3.31 9.37
C4 BGC E . 35.94 -3.33 10.81
C5 BGC E . 36.59 -4.62 11.27
C6 BGC E . 36.67 -4.73 12.73
C1 BGC E . 35.82 -5.81 9.39
O2 BGC E . 35.16 -4.54 7.49
O3 BGC E . 34.79 -2.24 8.95
O4 BGC E . 36.79 -2.25 11.26
O5 BGC E . 35.88 -5.79 10.80
O6 BGC E . 37.45 -5.82 13.21
C2 BGC E . 34.33 -0.09 7.93
C3 BGC E . 34.99 1.06 7.26
C4 BGC E . 36.12 1.64 8.05
C5 BGC E . 37.02 0.49 8.47
C6 BGC E . 38.23 0.84 9.26
C1 BGC E . 35.36 -1.16 8.27
O2 BGC E . 33.29 -0.68 7.13
O3 BGC E . 33.93 2.08 7.08
O4 BGC E . 36.88 2.61 7.28
O5 BGC E . 36.29 -0.54 9.18
O6 BGC E . 39.27 -0.08 9.09
C2 BGC E . 32.42 3.53 5.96
C3 BGC E . 32.12 4.25 4.69
C4 BGC E . 33.36 4.70 3.98
C5 BGC E . 34.38 3.57 3.88
C6 BGC E . 35.72 4.00 3.29
C1 BGC E . 33.52 2.47 5.82
O2 BGC E . 31.26 2.97 6.55
O3 BGC E . 31.34 5.40 5.11
O4 BGC E . 33.02 5.19 2.70
O5 BGC E . 34.67 3.09 5.19
O6 BGC E . 36.55 2.87 3.08
C2 BGC E . 29.27 6.66 4.97
C3 BGC E . 28.15 7.09 4.11
C4 BGC E . 28.63 7.68 2.83
C5 BGC E . 29.77 6.87 2.23
C6 BGC E . 30.54 7.66 1.19
C1 BGC E . 30.26 5.77 4.27
O2 BGC E . 28.75 5.95 6.09
O3 BGC E . 27.42 8.12 4.89
O4 BGC E . 27.57 7.86 1.91
O5 BGC E . 30.81 6.59 3.20
O6 BGC E . 31.45 6.84 0.50
C2 BGC E . 25.35 8.98 5.78
C3 BGC E . 23.90 9.04 5.52
C4 BGC E . 23.59 8.88 4.11
C5 BGC E . 24.15 7.53 3.67
C6 BGC E . 23.87 7.18 2.25
C1 BGC E . 26.06 7.84 5.08
O2 BGC E . 25.56 8.94 7.19
O3 BGC E . 23.42 10.37 5.92
O4 BGC E . 22.15 8.91 3.89
O5 BGC E . 25.59 7.63 3.76
O6 BGC E . 24.29 5.91 1.91
C2 BGC F . 28.83 -14.06 3.72
C3 BGC F . 28.62 -13.13 2.64
C4 BGC F . 29.84 -12.39 2.27
C5 BGC F . 31.01 -13.33 2.05
C6 BGC F . 32.27 -12.57 1.83
C1 BGC F . 29.96 -15.02 3.42
O1 BGC F . 30.21 -15.81 4.48
O2 BGC F . 27.61 -14.76 3.95
O3 BGC F . 27.46 -12.29 3.01
O4 BGC F . 29.67 -11.62 1.10
O5 BGC F . 31.18 -14.25 3.10
O6 BGC F . 32.90 -12.80 0.60
C2 BGC F . 25.33 -11.50 2.40
C3 BGC F . 24.51 -10.73 1.42
C4 BGC F . 25.26 -9.61 0.82
C5 BGC F . 26.69 -9.96 0.36
C6 BGC F . 27.40 -8.80 -0.13
C1 BGC F . 26.78 -11.79 1.95
O2 BGC F . 24.65 -12.67 2.87
O3 BGC F . 23.28 -10.25 2.00
O4 BGC F . 24.53 -9.03 -0.24
O5 BGC F . 27.49 -10.62 1.39
O6 BGC F . 28.45 -9.03 -0.99
C2 BGC F . 21.42 -11.11 3.27
C3 BGC F . 20.24 -11.99 3.20
C4 BGC F . 19.41 -11.73 2.02
C5 BGC F . 20.23 -11.70 0.72
C6 BGC F . 19.45 -11.29 -0.51
C1 BGC F . 22.24 -11.14 1.99
O2 BGC F . 22.24 -11.42 4.36
O3 BGC F . 19.46 -11.78 4.42
O4 BGC F . 18.38 -12.68 1.92
O5 BGC F . 21.38 -10.84 0.85
O6 BGC F . 18.73 -10.12 -0.47
C2 BGC F . 18.80 -12.67 6.50
C3 BGC F . 18.13 -13.81 7.15
C4 BGC F . 16.82 -14.07 6.48
C5 BGC F . 17.08 -14.35 5.01
C6 BGC F . 15.90 -14.67 4.18
C1 BGC F . 18.99 -12.91 5.04
O2 BGC F . 20.05 -12.31 7.15
O3 BGC F . 17.90 -13.46 8.53
O4 BGC F . 16.11 -15.14 7.12
O5 BGC F . 17.68 -13.20 4.43
O6 BGC F . 14.76 -14.95 4.92
C2 BGC F . 19.31 -13.27 10.51
C3 BGC F . 20.03 -14.10 11.46
C4 BGC F . 19.27 -15.23 12.02
C5 BGC F . 18.60 -15.99 10.92
C6 BGC F . 17.65 -17.02 11.43
C1 BGC F . 18.69 -14.15 9.44
O2 BGC F . 20.19 -12.30 9.87
O3 BGC F . 20.64 -13.31 12.52
O4 BGC F . 20.12 -16.16 12.70
O5 BGC F . 17.87 -15.13 10.07
O6 BGC F . 17.23 -17.94 10.43
C1 EDO G . -4.36 3.89 -29.45
O1 EDO G . -3.97 4.72 -28.36
C2 EDO G . -5.65 4.43 -30.05
O2 EDO G . -6.77 4.25 -29.16
H11 EDO G . -3.56 3.88 -30.21
H12 EDO G . -4.52 2.86 -29.13
HO1 EDO G . -3.14 4.39 -27.98
H21 EDO G . -5.86 3.94 -31.00
H22 EDO G . -5.52 5.50 -30.24
HO2 EDO G . -7.58 4.56 -29.59
C1 EDO H . 30.28 23.42 5.04
O1 EDO H . 30.25 24.62 5.82
C2 EDO H . 28.86 23.09 4.59
O2 EDO H . 27.97 23.15 5.67
H11 EDO H . 30.72 22.62 5.61
H12 EDO H . 30.89 23.56 4.15
HO1 EDO H . 30.57 25.35 5.28
H21 EDO H . 28.83 22.08 4.15
H22 EDO H . 28.51 23.80 3.84
HO2 EDO H . 27.09 22.86 5.38
N GLU A 1 -49.31 0.54 -13.36
CA GLU A 1 -49.52 -0.60 -12.42
C GLU A 1 -49.08 -1.98 -13.01
N VAL A 2 -47.87 -2.38 -12.66
CA VAL A 2 -47.28 -3.58 -13.20
C VAL A 2 -47.42 -4.68 -12.14
N VAL A 3 -48.00 -5.80 -12.57
CA VAL A 3 -48.25 -6.94 -11.71
C VAL A 3 -46.98 -7.83 -11.74
N GLY A 4 -46.44 -8.19 -10.57
CA GLY A 4 -45.24 -9.04 -10.49
C GLY A 4 -45.43 -10.57 -10.49
N GLY A 5 -44.35 -11.33 -10.70
CA GLY A 5 -44.42 -12.79 -10.67
C GLY A 5 -44.87 -13.37 -12.02
N GLY A 6 -45.12 -14.68 -12.05
CA GLY A 6 -45.62 -15.36 -13.24
C GLY A 6 -44.51 -16.10 -13.99
N ASP A 7 -44.86 -16.67 -15.15
CA ASP A 7 -43.94 -17.56 -15.86
C ASP A 7 -42.72 -16.80 -16.31
N LEU A 8 -41.66 -17.53 -16.66
CA LEU A 8 -40.41 -16.94 -17.13
C LEU A 8 -40.31 -16.86 -18.67
N GLY A 9 -41.22 -17.55 -19.35
CA GLY A 9 -41.31 -17.46 -20.78
C GLY A 9 -40.57 -18.55 -21.55
N PRO A 10 -40.72 -18.53 -22.88
CA PRO A 10 -40.22 -19.65 -23.66
C PRO A 10 -38.70 -19.71 -23.88
N ASN A 11 -37.91 -18.77 -23.36
CA ASN A 11 -36.44 -18.83 -23.53
C ASN A 11 -35.73 -19.25 -22.24
N VAL A 12 -36.49 -19.50 -21.17
CA VAL A 12 -35.97 -20.09 -19.94
C VAL A 12 -36.42 -21.53 -20.01
N LEU A 13 -35.46 -22.39 -20.34
CA LEU A 13 -35.72 -23.82 -20.53
C LEU A 13 -35.39 -24.55 -19.24
N VAL A 14 -36.39 -25.15 -18.62
CA VAL A 14 -36.17 -25.70 -17.30
C VAL A 14 -36.27 -27.20 -17.33
N PHE A 15 -35.41 -27.84 -16.56
CA PHE A 15 -35.31 -29.28 -16.53
C PHE A 15 -35.60 -29.77 -15.10
N ASP A 16 -36.54 -30.71 -15.01
CA ASP A 16 -36.82 -31.49 -13.81
C ASP A 16 -35.95 -32.72 -14.11
N PRO A 17 -35.57 -33.51 -13.08
CA PRO A 17 -34.63 -34.59 -13.41
C PRO A 17 -35.29 -35.66 -14.30
N SER A 18 -36.63 -35.64 -14.29
CA SER A 18 -37.50 -36.51 -15.10
C SER A 18 -37.60 -36.21 -16.61
N THR A 19 -37.04 -35.10 -17.07
CA THR A 19 -37.27 -34.66 -18.45
C THR A 19 -36.71 -35.63 -19.51
N PRO A 20 -37.55 -36.11 -20.46
CA PRO A 20 -36.89 -36.96 -21.45
C PRO A 20 -35.98 -36.15 -22.35
N ASP A 21 -34.96 -36.79 -22.90
CA ASP A 21 -34.20 -36.20 -23.99
C ASP A 21 -33.40 -34.98 -23.56
N ILE A 22 -33.08 -34.87 -22.25
CA ILE A 22 -32.28 -33.73 -21.74
C ILE A 22 -31.05 -33.49 -22.56
N GLN A 23 -30.29 -34.55 -22.76
CA GLN A 23 -29.05 -34.41 -23.48
C GLN A 23 -29.39 -33.89 -24.87
N GLY A 24 -30.54 -34.34 -25.41
CA GLY A 24 -30.97 -33.91 -26.71
C GLY A 24 -31.49 -32.47 -26.71
N LYS A 25 -32.12 -32.05 -25.61
CA LYS A 25 -32.69 -30.71 -25.53
C LYS A 25 -31.60 -29.67 -25.45
N VAL A 26 -30.59 -29.97 -24.67
CA VAL A 26 -29.53 -28.99 -24.60
C VAL A 26 -28.73 -28.96 -25.93
N ASP A 27 -28.57 -30.11 -26.61
CA ASP A 27 -27.86 -30.19 -27.90
C ASP A 27 -28.45 -29.36 -29.06
N GLU A 28 -29.77 -29.37 -29.31
CA GLU A 28 -30.26 -28.48 -30.42
C GLU A 28 -30.41 -26.97 -30.01
N VAL A 29 -30.35 -26.64 -28.72
CA VAL A 29 -29.88 -25.29 -28.33
C VAL A 29 -28.39 -25.13 -28.78
N PHE A 30 -27.51 -26.07 -28.42
CA PHE A 30 -26.08 -25.91 -28.76
C PHE A 30 -25.81 -25.78 -30.26
N ARG A 31 -26.53 -26.52 -31.11
CA ARG A 31 -26.19 -26.48 -32.56
C ARG A 31 -26.73 -25.15 -33.15
N LYS A 32 -27.73 -24.58 -32.52
CA LYS A 32 -28.17 -23.25 -32.96
C LYS A 32 -27.21 -22.16 -32.49
N GLN A 33 -26.62 -22.32 -31.32
CA GLN A 33 -25.84 -21.24 -30.71
C GLN A 33 -24.30 -21.33 -30.86
N GLU A 34 -23.80 -22.45 -31.35
CA GLU A 34 -22.39 -22.71 -31.31
C GLU A 34 -21.55 -21.63 -32.00
N SER A 35 -21.91 -21.28 -33.23
CA SER A 35 -21.15 -20.27 -33.94
C SER A 35 -21.88 -18.94 -34.16
N ASN A 36 -23.09 -18.81 -33.61
CA ASN A 36 -23.94 -17.60 -33.81
C ASN A 36 -23.53 -16.47 -32.84
N GLN A 37 -22.39 -15.90 -33.19
CA GLN A 37 -21.73 -14.96 -32.31
C GLN A 37 -22.49 -13.66 -32.13
N PHE A 38 -23.25 -13.27 -33.13
CA PHE A 38 -23.87 -11.95 -33.14
C PHE A 38 -25.41 -11.97 -33.27
N GLY A 39 -25.99 -13.15 -33.32
CA GLY A 39 -27.45 -13.28 -33.46
C GLY A 39 -28.17 -12.78 -32.22
N THR A 40 -29.50 -12.68 -32.30
CA THR A 40 -30.33 -12.17 -31.25
C THR A 40 -30.88 -13.28 -30.37
N ASP A 41 -30.73 -14.55 -30.73
CA ASP A 41 -31.30 -15.59 -29.89
C ASP A 41 -30.59 -15.64 -28.51
N ARG A 42 -31.36 -15.99 -27.49
CA ARG A 42 -30.92 -15.99 -26.10
C ARG A 42 -31.57 -17.17 -25.40
N TYR A 43 -30.79 -17.86 -24.56
CA TYR A 43 -31.23 -19.08 -23.86
C TYR A 43 -30.71 -19.08 -22.41
N ALA A 44 -31.56 -19.42 -21.45
CA ALA A 44 -31.13 -19.76 -20.11
C ALA A 44 -31.59 -21.17 -19.85
N LEU A 45 -30.68 -21.99 -19.37
CA LEU A 45 -30.94 -23.39 -19.04
C LEU A 45 -30.83 -23.53 -17.52
N MET A 46 -31.92 -23.87 -16.83
CA MET A 46 -31.92 -23.85 -15.39
C MET A 46 -32.36 -25.26 -14.97
N PHE A 47 -31.56 -25.84 -14.09
CA PHE A 47 -31.78 -27.22 -13.62
C PHE A 47 -32.27 -27.23 -12.19
N LYS A 48 -33.43 -27.85 -11.98
CA LYS A 48 -33.96 -28.07 -10.63
C LYS A 48 -33.02 -28.97 -9.80
N PRO A 49 -33.06 -28.82 -8.47
CA PRO A 49 -32.25 -29.64 -7.57
C PRO A 49 -32.55 -31.11 -7.77
N GLY A 50 -31.47 -31.87 -7.91
CA GLY A 50 -31.50 -33.28 -8.28
C GLY A 50 -30.09 -33.71 -8.75
N THR A 51 -29.98 -34.96 -9.19
CA THR A 51 -28.75 -35.51 -9.73
C THR A 51 -29.04 -35.96 -11.15
N TYR A 52 -28.19 -35.49 -12.06
CA TYR A 52 -28.38 -35.64 -13.48
C TYR A 52 -27.23 -36.44 -14.04
N ASN A 53 -27.55 -37.49 -14.79
CA ASN A 53 -26.54 -38.41 -15.23
C ASN A 53 -26.41 -38.43 -16.76
N ASP A 54 -25.26 -38.86 -17.28
CA ASP A 54 -24.98 -38.95 -18.74
C ASP A 54 -25.35 -37.67 -19.49
N ILE A 55 -24.73 -36.58 -19.05
CA ILE A 55 -24.95 -35.30 -19.66
C ILE A 55 -23.60 -34.67 -19.97
N ASN A 56 -23.54 -34.04 -21.13
CA ASN A 56 -22.41 -33.21 -21.51
C ASN A 56 -23.05 -31.99 -22.13
N ALA A 57 -23.26 -30.96 -21.30
CA ALA A 57 -23.90 -29.72 -21.74
C ALA A 57 -22.85 -28.85 -22.40
N GLN A 58 -22.94 -28.75 -23.72
CA GLN A 58 -22.07 -27.86 -24.45
C GLN A 58 -22.76 -26.52 -24.54
N ILE A 59 -22.02 -25.49 -24.16
CA ILE A 59 -22.55 -24.14 -23.99
C ILE A 59 -22.03 -23.25 -25.15
N GLY A 60 -22.94 -22.74 -25.96
CA GLY A 60 -22.57 -21.86 -27.07
C GLY A 60 -22.80 -20.40 -26.70
N PHE A 61 -22.84 -19.55 -27.72
CA PHE A 61 -23.08 -18.13 -27.49
C PHE A 61 -24.44 -17.88 -26.82
N TYR A 62 -24.48 -16.87 -26.00
CA TYR A 62 -25.70 -16.34 -25.38
C TYR A 62 -26.53 -17.44 -24.70
N THR A 63 -25.83 -18.35 -24.03
CA THR A 63 -26.48 -19.41 -23.27
C THR A 63 -25.94 -19.35 -21.84
N SER A 64 -26.85 -19.25 -20.90
CA SER A 64 -26.52 -19.37 -19.48
C SER A 64 -27.02 -20.75 -18.99
N ILE A 65 -26.28 -21.31 -18.04
CA ILE A 65 -26.67 -22.59 -17.43
C ILE A 65 -26.50 -22.46 -15.95
N ALA A 66 -27.50 -22.92 -15.20
CA ALA A 66 -27.39 -22.85 -13.77
C ALA A 66 -28.27 -23.84 -13.07
N GLY A 67 -27.94 -24.05 -11.80
CA GLY A 67 -28.75 -24.85 -10.89
C GLY A 67 -29.69 -23.95 -10.09
N LEU A 68 -30.71 -24.56 -9.48
CA LEU A 68 -31.76 -23.83 -8.75
C LEU A 68 -31.84 -24.23 -7.29
N GLY A 69 -30.78 -24.90 -6.82
CA GLY A 69 -30.63 -25.20 -5.40
C GLY A 69 -30.33 -23.94 -4.65
N LEU A 70 -30.49 -24.00 -3.33
CA LEU A 70 -30.02 -22.89 -2.51
C LEU A 70 -28.49 -22.98 -2.56
N ASN A 71 -27.97 -24.18 -2.85
CA ASN A 71 -26.51 -24.45 -2.95
C ASN A 71 -26.01 -25.20 -4.24
N PRO A 72 -24.79 -24.89 -4.76
CA PRO A 72 -24.39 -25.61 -5.98
C PRO A 72 -24.46 -27.16 -5.84
N ASP A 73 -24.27 -27.63 -4.61
CA ASP A 73 -24.20 -29.10 -4.39
C ASP A 73 -25.60 -29.76 -4.38
N ASP A 74 -26.67 -28.99 -4.43
CA ASP A 74 -28.01 -29.58 -4.53
C ASP A 74 -28.46 -29.82 -5.98
N THR A 75 -27.64 -29.34 -6.94
CA THR A 75 -27.86 -29.62 -8.35
C THR A 75 -26.55 -30.16 -8.94
N THR A 76 -26.50 -31.49 -9.07
CA THR A 76 -25.30 -32.23 -9.39
C THR A 76 -25.33 -32.90 -10.77
N PHE A 77 -24.32 -32.60 -11.57
CA PHE A 77 -24.15 -33.23 -12.90
C PHE A 77 -23.07 -34.32 -12.77
N ASN A 78 -23.44 -35.54 -13.09
CA ASN A 78 -22.48 -36.60 -13.36
C ASN A 78 -22.24 -36.51 -14.85
N GLY A 79 -21.27 -35.66 -15.16
CA GLY A 79 -21.08 -35.14 -16.49
C GLY A 79 -20.45 -33.76 -16.44
N ASP A 80 -20.66 -32.98 -17.51
CA ASP A 80 -19.84 -31.80 -17.79
C ASP A 80 -20.67 -30.60 -18.24
N VAL A 81 -20.13 -29.42 -17.96
CA VAL A 81 -20.59 -28.17 -18.56
C VAL A 81 -19.39 -27.68 -19.36
N THR A 82 -19.51 -27.80 -20.68
CA THR A 82 -18.34 -27.79 -21.56
C THR A 82 -18.35 -26.61 -22.52
N VAL A 83 -17.24 -25.90 -22.59
CA VAL A 83 -16.96 -24.99 -23.69
C VAL A 83 -15.62 -25.36 -24.31
N ASP A 84 -15.65 -25.54 -25.62
CA ASP A 84 -14.48 -25.86 -26.40
C ASP A 84 -14.56 -24.93 -27.64
N ALA A 85 -13.62 -25.08 -28.56
CA ALA A 85 -13.53 -24.16 -29.70
C ALA A 85 -13.71 -24.88 -31.05
N GLY A 86 -14.62 -25.83 -31.09
CA GLY A 86 -14.98 -26.52 -32.33
C GLY A 86 -15.21 -25.59 -33.51
N TRP A 87 -16.16 -24.68 -33.33
CA TRP A 87 -16.62 -23.82 -34.40
C TRP A 87 -15.53 -22.95 -35.01
N PHE A 88 -14.45 -22.71 -34.28
CA PHE A 88 -13.43 -21.75 -34.70
C PHE A 88 -12.04 -22.39 -34.88
N ASP A 89 -12.02 -23.54 -35.55
CA ASP A 89 -10.78 -24.30 -35.79
C ASP A 89 -9.84 -24.39 -34.57
N GLY A 90 -10.39 -24.38 -33.34
CA GLY A 90 -9.57 -24.58 -32.14
C GLY A 90 -9.05 -23.32 -31.49
N ASN A 91 -9.45 -22.16 -32.01
CA ASN A 91 -9.09 -20.88 -31.42
C ASN A 91 -10.23 -20.47 -30.47
N ALA A 92 -9.93 -20.24 -29.19
CA ALA A 92 -10.98 -19.91 -28.21
C ALA A 92 -11.15 -18.40 -27.99
N THR A 93 -10.44 -17.56 -28.73
CA THR A 93 -10.47 -16.10 -28.45
C THR A 93 -11.71 -15.38 -28.91
N GLN A 94 -12.67 -16.08 -29.47
CA GLN A 94 -13.99 -15.47 -29.52
C GLN A 94 -15.12 -16.27 -28.80
N ASN A 95 -14.76 -17.04 -27.78
CA ASN A 95 -15.77 -17.76 -27.01
C ASN A 95 -16.34 -16.87 -25.90
N PHE A 96 -17.24 -16.00 -26.33
CA PHE A 96 -17.82 -14.95 -25.48
C PHE A 96 -19.27 -15.19 -25.03
N TRP A 97 -19.73 -14.38 -24.07
CA TRP A 97 -21.15 -14.14 -23.74
C TRP A 97 -21.92 -15.41 -23.35
N ARG A 98 -21.37 -16.15 -22.41
CA ARG A 98 -22.09 -17.30 -21.86
C ARG A 98 -21.78 -17.42 -20.38
N SER A 99 -22.44 -18.32 -19.66
CA SER A 99 -22.21 -18.38 -18.22
C SER A 99 -22.62 -19.72 -17.60
N ALA A 100 -22.00 -19.99 -16.44
CA ALA A 100 -22.35 -21.18 -15.61
C ALA A 100 -22.33 -20.76 -14.15
N GLU A 101 -23.37 -21.19 -13.43
CA GLU A 101 -23.50 -20.82 -12.03
C GLU A 101 -24.28 -21.85 -11.22
N ASN A 102 -23.89 -22.03 -9.96
CA ASN A 102 -24.67 -22.76 -8.93
C ASN A 102 -24.96 -24.23 -9.29
N LEU A 103 -23.90 -24.90 -9.71
CA LEU A 103 -23.93 -26.34 -10.05
C LEU A 103 -22.73 -27.06 -9.45
N ALA A 104 -22.89 -28.35 -9.16
CA ALA A 104 -21.75 -29.22 -8.86
C ALA A 104 -21.54 -30.13 -10.06
N LEU A 105 -20.28 -30.26 -10.48
CA LEU A 105 -19.92 -31.11 -11.63
C LEU A 105 -19.03 -32.25 -11.17
N ASN A 106 -19.31 -33.41 -11.72
CA ASN A 106 -18.51 -34.62 -11.50
C ASN A 106 -18.05 -35.04 -12.91
N PRO A 107 -16.95 -34.41 -13.38
CA PRO A 107 -16.68 -34.53 -14.83
C PRO A 107 -16.32 -35.94 -15.28
N VAL A 108 -16.77 -36.32 -16.47
CA VAL A 108 -16.69 -37.72 -16.89
C VAL A 108 -15.33 -38.30 -16.90
N ASN A 109 -14.33 -37.50 -17.26
CA ASN A 109 -12.95 -37.96 -17.22
C ASN A 109 -12.18 -37.38 -16.06
N GLY A 110 -12.89 -36.74 -15.14
CA GLY A 110 -12.24 -36.17 -13.98
C GLY A 110 -11.90 -34.69 -14.12
N THR A 111 -11.99 -34.18 -15.35
CA THR A 111 -11.67 -32.78 -15.63
C THR A 111 -12.76 -32.16 -16.51
N ASN A 112 -13.32 -31.03 -16.05
CA ASN A 112 -14.27 -30.25 -16.82
C ASN A 112 -13.52 -29.21 -17.68
N ARG A 113 -13.94 -29.04 -18.93
CA ARG A 113 -13.37 -28.01 -19.77
C ARG A 113 -14.28 -26.78 -19.93
N TRP A 114 -13.72 -25.60 -19.60
CA TRP A 114 -14.39 -24.30 -19.73
C TRP A 114 -13.40 -23.39 -20.50
N ALA A 115 -13.29 -23.64 -21.80
CA ALA A 115 -12.32 -22.94 -22.65
C ALA A 115 -12.90 -21.68 -23.29
N VAL A 116 -12.99 -20.65 -22.49
CA VAL A 116 -13.66 -19.41 -22.85
C VAL A 116 -12.70 -18.22 -22.95
N SER A 117 -13.21 -17.11 -23.48
CA SER A 117 -12.51 -15.85 -23.39
C SER A 117 -13.40 -14.86 -22.63
N GLN A 118 -13.57 -13.64 -23.10
CA GLN A 118 -14.20 -12.61 -22.27
C GLN A 118 -15.72 -12.79 -22.10
N ALA A 119 -16.25 -12.23 -21.01
CA ALA A 119 -17.69 -12.26 -20.69
C ALA A 119 -18.22 -13.68 -20.66
N ALA A 120 -17.55 -14.53 -19.87
CA ALA A 120 -17.96 -15.91 -19.70
C ALA A 120 -17.80 -16.37 -18.23
N PRO A 121 -18.57 -15.75 -17.34
CA PRO A 121 -18.34 -16.02 -15.91
C PRO A 121 -18.66 -17.47 -15.46
N PHE A 122 -17.92 -17.89 -14.44
CA PHE A 122 -18.03 -19.22 -13.81
C PHE A 122 -18.16 -18.91 -12.31
N ARG A 123 -19.41 -18.97 -11.82
CA ARG A 123 -19.73 -18.51 -10.47
C ARG A 123 -20.42 -19.57 -9.61
N ARG A 124 -20.05 -19.62 -8.35
CA ARG A 124 -20.77 -20.49 -7.41
C ARG A 124 -20.83 -21.91 -7.91
N MET A 125 -19.68 -22.36 -8.39
CA MET A 125 -19.54 -23.72 -8.92
C MET A 125 -18.72 -24.61 -8.00
N HIS A 126 -19.10 -25.87 -7.96
CA HIS A 126 -18.27 -26.91 -7.31
C HIS A 126 -17.81 -27.88 -8.36
N VAL A 127 -16.51 -27.97 -8.58
CA VAL A 127 -15.99 -28.95 -9.53
C VAL A 127 -15.30 -30.07 -8.76
N LYS A 128 -15.90 -31.24 -8.79
CA LYS A 128 -15.37 -32.35 -8.01
C LYS A 128 -14.36 -33.09 -8.93
N GLY A 129 -13.19 -32.45 -9.04
CA GLY A 129 -12.18 -32.80 -10.02
C GLY A 129 -11.43 -31.56 -10.51
N GLY A 130 -10.83 -31.66 -11.68
CA GLY A 130 -10.04 -30.58 -12.25
C GLY A 130 -10.83 -29.74 -13.24
N LEU A 131 -10.26 -28.60 -13.62
CA LEU A 131 -10.91 -27.67 -14.54
C LEU A 131 -9.85 -27.23 -15.55
N ASN A 132 -10.06 -27.61 -16.79
CA ASN A 132 -9.18 -27.25 -17.91
C ASN A 132 -9.78 -26.01 -18.57
N LEU A 133 -9.06 -24.92 -18.59
CA LEU A 133 -9.49 -23.67 -19.24
C LEU A 133 -9.05 -23.49 -20.69
N ALA A 134 -8.31 -24.46 -21.23
CA ALA A 134 -7.83 -24.34 -22.64
C ALA A 134 -8.60 -25.24 -23.59
N PRO A 135 -8.84 -24.79 -24.81
CA PRO A 135 -9.54 -25.66 -25.76
C PRO A 135 -8.70 -26.89 -26.07
N ASP A 136 -9.35 -27.93 -26.58
CA ASP A 136 -8.61 -29.14 -26.94
C ASP A 136 -7.66 -28.72 -28.06
N GLY A 137 -6.38 -29.02 -27.87
CA GLY A 137 -5.33 -28.61 -28.79
C GLY A 137 -4.45 -27.46 -28.30
N TYR A 138 -4.90 -26.83 -27.23
CA TYR A 138 -4.14 -25.77 -26.53
C TYR A 138 -3.99 -24.49 -27.38
N GLY A 139 -4.98 -24.26 -28.24
CA GLY A 139 -5.03 -23.09 -29.09
C GLY A 139 -5.27 -21.82 -28.27
N TRP A 140 -5.26 -20.68 -28.93
CA TRP A 140 -5.31 -19.40 -28.23
C TRP A 140 -6.56 -19.25 -27.37
N ALA A 141 -6.40 -18.52 -26.27
CA ALA A 141 -7.54 -18.25 -25.37
C ALA A 141 -7.25 -17.02 -24.53
N SER A 142 -8.29 -16.25 -24.21
CA SER A 142 -8.08 -14.96 -23.52
C SER A 142 -9.17 -14.64 -22.48
N GLY A 143 -9.46 -15.57 -21.58
CA GLY A 143 -10.39 -15.30 -20.49
C GLY A 143 -9.82 -14.40 -19.40
N GLY A 144 -10.31 -14.49 -18.17
CA GLY A 144 -11.49 -15.24 -17.78
C GLY A 144 -11.76 -14.92 -16.31
N TYR A 145 -12.83 -15.52 -15.76
CA TYR A 145 -13.34 -15.08 -14.47
C TYR A 145 -13.98 -16.23 -13.73
N ILE A 146 -13.44 -16.52 -12.55
CA ILE A 146 -14.04 -17.46 -11.63
C ILE A 146 -14.24 -16.76 -10.30
N ALA A 147 -15.43 -16.89 -9.73
CA ALA A 147 -15.70 -16.40 -8.41
C ALA A 147 -16.53 -17.35 -7.60
N ASP A 148 -16.29 -17.30 -6.30
CA ASP A 148 -17.11 -18.03 -5.33
C ASP A 148 -17.25 -19.51 -5.68
N SER A 149 -16.16 -20.12 -6.14
CA SER A 149 -16.18 -21.51 -6.61
C SER A 149 -15.18 -22.38 -5.87
N LYS A 150 -15.47 -23.68 -5.85
CA LYS A 150 -14.54 -24.67 -5.27
C LYS A 150 -14.17 -25.70 -6.32
N ILE A 151 -12.88 -25.74 -6.70
CA ILE A 151 -12.37 -26.75 -7.61
C ILE A 151 -11.54 -27.71 -6.77
N ASP A 152 -12.04 -28.92 -6.63
CA ASP A 152 -11.37 -29.89 -5.76
C ASP A 152 -9.95 -30.22 -6.23
N GLY A 153 -9.77 -30.37 -7.55
CA GLY A 153 -8.43 -30.62 -8.10
C GLY A 153 -7.74 -29.37 -8.63
N GLU A 154 -6.98 -29.54 -9.71
CA GLU A 154 -6.24 -28.43 -10.29
C GLU A 154 -7.03 -27.72 -11.38
N VAL A 155 -7.01 -26.39 -11.31
CA VAL A 155 -7.32 -25.60 -12.50
C VAL A 155 -6.08 -25.43 -13.36
N GLY A 156 -6.18 -25.83 -14.64
CA GLY A 156 -5.10 -25.69 -15.60
C GLY A 156 -5.37 -24.70 -16.71
N PRO A 157 -4.64 -23.56 -16.71
CA PRO A 157 -4.93 -22.58 -17.75
C PRO A 157 -4.30 -22.94 -19.10
N TYR A 158 -3.15 -23.61 -19.07
CA TYR A 158 -2.38 -23.91 -20.26
C TYR A 158 -2.12 -22.62 -21.10
N SER A 159 -2.79 -22.47 -22.24
CA SER A 159 -2.53 -21.35 -23.14
C SER A 159 -3.26 -20.05 -22.75
N GLN A 160 -4.14 -20.10 -21.77
CA GLN A 160 -4.89 -18.90 -21.38
C GLN A 160 -3.94 -17.76 -21.06
N GLN A 161 -4.12 -16.61 -21.72
CA GLN A 161 -3.18 -15.51 -21.52
C GLN A 161 -3.18 -14.98 -20.11
N GLN A 162 -4.40 -14.82 -19.58
CA GLN A 162 -4.63 -14.11 -18.36
C GLN A 162 -5.86 -14.75 -17.66
N TRP A 163 -6.04 -14.45 -16.38
CA TRP A 163 -7.21 -14.97 -15.63
C TRP A 163 -7.37 -14.26 -14.31
N TYR A 164 -8.61 -14.11 -13.86
CA TYR A 164 -8.90 -13.61 -12.52
C TYR A 164 -9.80 -14.58 -11.76
N THR A 165 -9.35 -14.91 -10.56
CA THR A 165 -10.09 -15.76 -9.66
C THR A 165 -10.24 -15.04 -8.35
N ARG A 166 -11.46 -15.00 -7.84
CA ARG A 166 -11.64 -14.42 -6.48
C ARG A 166 -12.54 -15.27 -5.58
N ASP A 167 -12.21 -15.19 -4.29
CA ASP A 167 -13.03 -15.70 -3.22
C ASP A 167 -13.53 -17.12 -3.51
N SER A 168 -12.53 -17.97 -3.69
CA SER A 168 -12.69 -19.32 -4.17
C SER A 168 -11.74 -20.28 -3.46
N SER A 169 -11.85 -21.55 -3.79
CA SER A 169 -10.90 -22.57 -3.30
C SER A 169 -10.50 -23.44 -4.48
N VAL A 170 -9.18 -23.62 -4.64
CA VAL A 170 -8.65 -24.47 -5.69
C VAL A 170 -7.75 -25.57 -5.08
N GLY A 171 -7.68 -26.70 -5.76
CA GLY A 171 -6.87 -27.80 -5.30
C GLY A 171 -5.42 -27.60 -5.67
N GLY A 172 -5.23 -26.68 -6.61
CA GLY A 172 -3.93 -26.33 -7.14
C GLY A 172 -4.12 -25.54 -8.41
N TRP A 173 -3.02 -24.99 -8.91
CA TRP A 173 -3.07 -24.10 -10.07
C TRP A 173 -1.82 -24.33 -10.89
N GLY A 174 -2.00 -24.72 -12.14
CA GLY A 174 -0.90 -25.28 -12.93
C GLY A 174 0.15 -24.40 -13.59
N ASN A 175 -0.23 -23.22 -14.06
CA ASN A 175 0.70 -22.43 -14.85
C ASN A 175 0.08 -21.07 -15.08
N GLY A 176 0.94 -20.09 -15.33
CA GLY A 176 0.49 -18.80 -15.79
C GLY A 176 1.19 -18.41 -17.08
N VAL A 177 0.55 -17.55 -17.87
CA VAL A 177 1.11 -17.11 -19.19
C VAL A 177 1.59 -15.67 -19.06
N TRP A 178 0.68 -14.69 -19.08
CA TRP A 178 1.05 -13.28 -18.83
C TRP A 178 0.56 -12.68 -17.51
N ASN A 179 -0.63 -13.05 -17.05
CA ASN A 179 -1.20 -12.39 -15.87
C ASN A 179 -2.31 -13.18 -15.23
N MET A 180 -1.94 -14.00 -14.24
CA MET A 180 -2.92 -14.75 -13.47
C MET A 180 -3.00 -14.02 -12.12
N THR A 181 -4.17 -13.49 -11.80
CA THR A 181 -4.38 -12.72 -10.57
C THR A 181 -5.41 -13.44 -9.71
N PHE A 182 -5.18 -13.36 -8.41
CA PHE A 182 -5.99 -14.05 -7.43
C PHE A 182 -6.26 -13.13 -6.27
N SER A 183 -7.50 -13.07 -5.79
CA SER A 183 -7.79 -12.42 -4.54
C SER A 183 -8.76 -13.26 -3.69
N GLY A 184 -8.35 -13.53 -2.46
CA GLY A 184 -9.19 -14.34 -1.55
C GLY A 184 -9.35 -15.77 -2.00
N VAL A 185 -8.29 -16.31 -2.60
CA VAL A 185 -8.32 -17.66 -3.13
C VAL A 185 -7.48 -18.63 -2.30
N GLU A 186 -8.19 -19.51 -1.62
CA GLU A 186 -7.56 -20.59 -0.87
C GLU A 186 -6.95 -21.57 -1.85
N GLY A 187 -5.63 -21.75 -1.76
CA GLY A 187 -4.93 -22.68 -2.62
C GLY A 187 -4.29 -22.00 -3.82
N ALA A 188 -4.42 -20.68 -3.94
CA ALA A 188 -3.73 -19.97 -5.02
C ALA A 188 -2.21 -20.08 -4.90
N PRO A 189 -1.51 -20.06 -6.06
CA PRO A 189 -0.04 -20.01 -5.90
C PRO A 189 0.40 -18.72 -5.21
N ALA A 190 1.58 -18.75 -4.59
CA ALA A 190 2.07 -17.59 -3.85
C ALA A 190 2.44 -16.47 -4.84
N GLN A 191 2.39 -15.23 -4.38
CA GLN A 191 2.83 -14.10 -5.19
C GLN A 191 4.22 -14.43 -5.75
N SER A 192 4.44 -14.10 -7.03
CA SER A 192 5.74 -14.34 -7.60
C SER A 192 5.99 -13.63 -8.93
N PHE A 193 5.15 -12.64 -9.26
CA PHE A 193 5.32 -11.88 -10.51
C PHE A 193 6.77 -11.34 -10.59
N PRO A 194 7.42 -11.41 -11.77
CA PRO A 194 6.79 -11.87 -13.02
C PRO A 194 6.96 -13.36 -13.30
N GLU A 195 7.80 -14.10 -12.58
CA GLU A 195 7.97 -15.50 -12.93
C GLU A 195 7.66 -16.49 -11.79
N PRO A 196 6.53 -17.24 -11.90
CA PRO A 196 5.41 -17.07 -12.83
C PRO A 196 4.70 -15.74 -12.57
N PRO A 197 3.93 -15.25 -13.54
CA PRO A 197 3.26 -13.94 -13.38
C PRO A 197 1.98 -14.10 -12.56
N TYR A 198 2.20 -14.48 -11.31
CA TYR A 198 1.13 -14.63 -10.32
C TYR A 198 1.06 -13.42 -9.43
N THR A 199 -0.11 -12.75 -9.44
CA THR A 199 -0.41 -11.63 -8.54
C THR A 199 -1.47 -12.12 -7.55
N THR A 200 -1.13 -12.12 -6.26
CA THR A 200 -1.91 -12.89 -5.29
C THR A 200 -2.14 -12.06 -4.07
N LEU A 201 -3.42 -11.75 -3.85
CA LEU A 201 -3.89 -11.04 -2.68
C LEU A 201 -4.58 -12.01 -1.76
N GLU A 202 -4.25 -11.92 -0.47
CA GLU A 202 -4.88 -12.75 0.55
C GLU A 202 -6.41 -12.68 0.52
N THR A 203 -6.92 -11.45 0.44
CA THR A 203 -8.33 -11.19 0.57
C THR A 203 -8.77 -10.20 -0.51
N THR A 204 -10.08 -10.17 -0.73
CA THR A 204 -10.72 -9.16 -1.55
C THR A 204 -11.35 -8.11 -0.62
N PRO A 205 -11.01 -6.81 -0.79
CA PRO A 205 -11.35 -5.88 0.31
C PRO A 205 -12.85 -5.69 0.51
N VAL A 206 -13.58 -5.87 -0.58
CA VAL A 206 -15.03 -6.06 -0.50
C VAL A 206 -15.51 -6.87 -1.72
N SER A 207 -16.19 -7.99 -1.44
CA SER A 207 -17.01 -8.65 -2.50
C SER A 207 -18.45 -8.77 -2.02
N ARG A 208 -19.34 -8.89 -2.99
CA ARG A 208 -20.73 -9.23 -2.68
C ARG A 208 -21.18 -10.16 -3.81
N GLU A 209 -21.59 -11.36 -3.45
CA GLU A 209 -21.96 -12.35 -4.47
C GLU A 209 -23.18 -11.95 -5.35
N LYS A 210 -23.13 -12.38 -6.60
CA LYS A 210 -24.15 -12.01 -7.57
C LYS A 210 -25.46 -12.67 -7.20
N PRO A 211 -26.57 -11.92 -7.25
CA PRO A 211 -27.88 -12.54 -7.03
C PRO A 211 -28.29 -13.52 -8.12
N PHE A 212 -29.01 -14.56 -7.70
CA PHE A 212 -29.39 -15.66 -8.57
C PHE A 212 -30.78 -16.25 -8.27
N LEU A 213 -31.37 -16.82 -9.30
CA LEU A 213 -32.66 -17.54 -9.18
C LEU A 213 -32.48 -18.89 -8.48
N TYR A 214 -33.41 -19.25 -7.60
CA TYR A 214 -33.38 -20.56 -6.97
C TYR A 214 -34.79 -20.96 -6.57
N LEU A 215 -34.92 -22.21 -6.13
CA LEU A 215 -36.19 -22.70 -5.62
C LEU A 215 -36.12 -22.83 -4.11
N ASP A 216 -37.09 -22.24 -3.43
CA ASP A 216 -37.56 -22.71 -2.15
C ASP A 216 -38.92 -23.46 -2.47
N GLY A 217 -38.82 -24.72 -2.92
CA GLY A 217 -39.96 -25.58 -3.27
C GLY A 217 -40.25 -25.68 -4.77
N ASP A 218 -41.39 -25.15 -5.16
CA ASP A 218 -41.79 -25.11 -6.53
C ASP A 218 -41.89 -23.65 -6.92
N ASP A 219 -41.67 -22.79 -5.92
CA ASP A 219 -41.77 -21.36 -6.14
C ASP A 219 -40.42 -20.71 -6.38
N TYR A 220 -40.26 -20.08 -7.53
CA TYR A 220 -39.05 -19.26 -7.74
C TYR A 220 -38.83 -18.16 -6.72
N LYS A 221 -37.57 -17.98 -6.33
CA LYS A 221 -37.12 -16.74 -5.71
C LYS A 221 -35.72 -16.33 -6.21
N VAL A 222 -35.27 -15.16 -5.74
CA VAL A 222 -33.91 -14.67 -6.00
C VAL A 222 -33.16 -14.47 -4.69
N PHE A 223 -32.04 -15.17 -4.55
CA PHE A 223 -31.18 -15.02 -3.36
C PHE A 223 -30.28 -13.80 -3.57
N VAL A 224 -30.20 -12.97 -2.54
CA VAL A 224 -29.42 -11.75 -2.54
C VAL A 224 -28.41 -11.79 -1.38
N PRO A 225 -27.25 -12.38 -1.61
CA PRO A 225 -26.23 -12.56 -0.58
C PRO A 225 -25.71 -11.29 0.05
N ALA A 226 -25.21 -11.45 1.25
CA ALA A 226 -24.67 -10.38 2.03
C ALA A 226 -23.25 -10.06 1.60
N LYS A 227 -22.88 -8.80 1.71
CA LYS A 227 -21.52 -8.45 1.39
C LYS A 227 -20.60 -9.03 2.44
N ARG A 228 -19.34 -9.24 2.08
CA ARG A 228 -18.32 -9.45 3.12
C ARG A 228 -17.07 -8.67 2.82
N THR A 229 -16.34 -8.35 3.88
CA THR A 229 -15.20 -7.53 3.76
C THR A 229 -13.95 -8.42 3.99
N ASN A 230 -12.91 -8.14 3.19
CA ASN A 230 -11.70 -8.95 3.15
C ASN A 230 -12.07 -10.44 3.06
N ALA A 231 -12.88 -10.66 2.05
CA ALA A 231 -13.37 -11.96 1.71
C ALA A 231 -12.23 -12.91 1.35
N ARG A 232 -12.43 -14.18 1.69
CA ARG A 232 -11.52 -15.25 1.30
C ARG A 232 -12.24 -16.56 1.34
N GLY A 233 -12.12 -17.32 0.27
CA GLY A 233 -12.85 -18.59 0.14
C GLY A 233 -14.30 -18.40 -0.26
N THR A 234 -15.04 -19.50 -0.40
CA THR A 234 -16.43 -19.45 -0.85
C THR A 234 -17.43 -18.98 0.24
N SER A 235 -18.62 -18.56 -0.20
CA SER A 235 -19.73 -18.09 0.66
C SER A 235 -20.84 -19.12 0.93
N TRP A 236 -20.49 -20.36 0.71
CA TRP A 236 -21.41 -21.47 0.61
C TRP A 236 -20.37 -22.53 0.81
N GLY A 237 -20.65 -23.54 1.58
CA GLY A 237 -19.53 -24.36 2.05
C GLY A 237 -19.53 -24.41 3.56
N ASN A 238 -20.64 -23.89 4.14
CA ASN A 238 -20.80 -23.72 5.59
C ASN A 238 -22.19 -23.77 6.17
N GLY A 239 -23.23 -23.70 5.38
CA GLY A 239 -24.57 -23.76 5.93
C GLY A 239 -25.21 -22.86 4.98
N THR A 240 -26.37 -22.30 5.30
CA THR A 240 -27.19 -21.61 4.34
C THR A 240 -26.31 -20.84 3.32
N PRO A 241 -26.36 -19.55 3.35
CA PRO A 241 -25.20 -18.67 3.31
C PRO A 241 -25.84 -17.29 3.68
N GLU A 242 -25.07 -16.23 3.90
CA GLU A 242 -25.66 -14.98 4.46
C GLU A 242 -26.36 -14.14 3.37
N GLY A 243 -27.63 -13.72 3.60
CA GLY A 243 -28.33 -12.86 2.65
C GLY A 243 -29.84 -12.76 2.80
N GLU A 244 -30.54 -12.30 1.74
CA GLU A 244 -32.01 -12.26 1.68
C GLU A 244 -32.62 -12.98 0.44
N SER A 245 -33.85 -13.49 0.57
CA SER A 245 -34.57 -14.13 -0.55
C SER A 245 -35.83 -13.36 -1.04
N LEU A 246 -35.81 -12.89 -2.28
CA LEU A 246 -36.93 -12.13 -2.85
C LEU A 246 -37.84 -13.03 -3.68
N PRO A 247 -39.15 -13.11 -3.33
CA PRO A 247 -40.00 -13.92 -4.22
C PRO A 247 -40.16 -13.34 -5.60
N LEU A 248 -40.42 -14.20 -6.59
CA LEU A 248 -40.76 -13.78 -7.93
C LEU A 248 -41.92 -12.78 -7.86
N ASP A 249 -42.81 -12.97 -6.87
CA ASP A 249 -43.79 -11.95 -6.43
C ASP A 249 -43.34 -10.54 -6.73
N GLN A 250 -42.11 -10.25 -6.31
CA GLN A 250 -41.59 -8.91 -6.14
C GLN A 250 -40.77 -8.37 -7.32
N PHE A 251 -40.84 -9.08 -8.46
CA PHE A 251 -40.09 -8.73 -9.68
C PHE A 251 -41.01 -8.54 -10.85
N TYR A 252 -40.87 -7.44 -11.58
CA TYR A 252 -41.44 -7.33 -12.91
C TYR A 252 -40.60 -8.27 -13.74
N VAL A 253 -41.24 -9.35 -14.17
CA VAL A 253 -40.58 -10.33 -14.98
C VAL A 253 -40.76 -9.71 -16.35
N VAL A 254 -39.68 -9.11 -16.86
CA VAL A 254 -39.71 -8.35 -18.10
C VAL A 254 -39.54 -9.32 -19.26
N LYS A 255 -40.39 -9.20 -20.25
CA LYS A 255 -40.19 -9.92 -21.49
C LYS A 255 -40.53 -9.12 -22.73
N PRO A 256 -40.02 -9.60 -23.87
CA PRO A 256 -40.18 -8.82 -25.09
C PRO A 256 -41.63 -8.37 -25.39
N GLY A 257 -41.74 -7.13 -25.90
CA GLY A 257 -43.03 -6.62 -26.36
C GLY A 257 -43.41 -5.18 -26.13
N ALA A 258 -42.71 -4.54 -25.16
CA ALA A 258 -43.24 -3.61 -24.21
C ALA A 258 -42.42 -2.28 -24.20
N THR A 259 -42.04 -1.75 -23.01
CA THR A 259 -41.15 -0.54 -23.00
C THR A 259 -40.32 -0.14 -21.77
N ALA A 260 -39.39 0.80 -21.99
CA ALA A 260 -38.73 1.48 -20.89
C ALA A 260 -39.83 2.06 -20.00
N GLU A 261 -40.82 2.67 -20.64
CA GLU A 261 -42.07 3.07 -20.00
C GLU A 261 -42.51 2.16 -18.84
N THR A 262 -42.81 0.91 -19.16
CA THR A 262 -43.32 -0.08 -18.19
C THR A 262 -42.32 -0.40 -17.06
N ILE A 263 -41.13 -0.83 -17.48
CA ILE A 263 -40.02 -1.11 -16.60
C ILE A 263 -39.81 -0.01 -15.57
N ASN A 264 -39.84 1.23 -16.02
CA ASN A 264 -39.49 2.34 -15.14
C ASN A 264 -40.61 2.53 -14.11
N ALA A 265 -41.84 2.29 -14.56
CA ALA A 265 -42.99 2.32 -13.66
C ALA A 265 -42.94 1.12 -12.70
N ALA A 266 -42.34 0.02 -13.12
CA ALA A 266 -42.22 -1.12 -12.21
C ALA A 266 -41.39 -0.74 -10.99
N VAL A 267 -40.26 -0.08 -11.22
CA VAL A 267 -39.40 0.32 -10.13
C VAL A 267 -40.06 1.38 -9.23
N ASP A 268 -40.79 2.33 -9.82
CA ASP A 268 -41.45 3.36 -9.01
C ASP A 268 -42.56 2.79 -8.12
N GLN A 269 -43.05 1.62 -8.43
CA GLN A 269 -44.08 1.06 -7.56
C GLN A 269 -43.59 -0.09 -6.71
N GLY A 270 -42.27 -0.28 -6.66
CA GLY A 270 -41.75 -1.19 -5.66
C GLY A 270 -41.04 -2.41 -6.22
N LEU A 271 -41.29 -2.75 -7.48
CA LEU A 271 -40.81 -4.02 -8.02
C LEU A 271 -39.34 -4.02 -8.41
N HIS A 272 -38.71 -5.16 -8.19
CA HIS A 272 -37.41 -5.47 -8.77
C HIS A 272 -37.59 -5.87 -10.23
N LEU A 273 -36.48 -6.08 -10.95
CA LEU A 273 -36.53 -6.43 -12.37
C LEU A 273 -35.80 -7.73 -12.68
N LEU A 274 -36.48 -8.59 -13.43
CA LEU A 274 -35.90 -9.83 -13.92
C LEU A 274 -36.02 -9.87 -15.43
N PHE A 275 -34.90 -9.71 -16.10
CA PHE A 275 -34.91 -9.76 -17.56
C PHE A 275 -34.83 -11.19 -18.09
N THR A 276 -35.92 -11.67 -18.69
CA THR A 276 -35.88 -12.97 -19.31
C THR A 276 -35.00 -12.85 -20.56
N PRO A 277 -34.46 -13.98 -21.05
CA PRO A 277 -33.52 -13.88 -22.17
C PRO A 277 -34.19 -13.35 -23.42
N GLY A 278 -33.62 -12.29 -23.97
CA GLY A 278 -34.13 -11.67 -25.16
C GLY A 278 -33.35 -10.38 -25.40
N VAL A 279 -33.87 -9.59 -26.33
CA VAL A 279 -33.25 -8.35 -26.73
C VAL A 279 -34.32 -7.26 -26.62
N TYR A 280 -34.00 -6.20 -25.87
CA TYR A 280 -34.98 -5.19 -25.58
C TYR A 280 -34.45 -3.85 -26.07
N HIS A 281 -35.04 -3.37 -27.16
CA HIS A 281 -34.81 -2.02 -27.59
C HIS A 281 -35.64 -1.07 -26.70
N VAL A 282 -34.99 -0.02 -26.17
CA VAL A 282 -35.65 1.02 -25.42
C VAL A 282 -35.42 2.40 -26.11
N ASP A 283 -36.42 3.29 -26.03
CA ASP A 283 -36.27 4.65 -26.52
C ASP A 283 -36.15 5.66 -25.38
N GLN A 284 -36.09 5.14 -24.17
CA GLN A 284 -35.87 5.97 -23.02
C GLN A 284 -34.94 5.19 -22.09
N PRO A 285 -34.19 5.93 -21.27
CA PRO A 285 -33.29 5.23 -20.37
C PRO A 285 -34.06 4.47 -19.29
N ILE A 286 -33.56 3.29 -18.96
CA ILE A 286 -34.09 2.56 -17.83
C ILE A 286 -33.55 3.28 -16.60
N GLU A 287 -34.40 3.51 -15.59
CA GLU A 287 -33.99 4.30 -14.44
C GLU A 287 -34.33 3.68 -13.09
N ILE A 288 -33.26 3.28 -12.40
CA ILE A 288 -33.32 2.57 -11.14
C ILE A 288 -32.96 3.54 -10.03
N ASP A 289 -34.00 4.11 -9.43
CA ASP A 289 -33.80 5.11 -8.37
C ASP A 289 -34.54 4.78 -7.06
N ARG A 290 -34.52 3.52 -6.71
CA ARG A 290 -35.07 3.02 -5.48
C ARG A 290 -33.99 2.15 -4.84
N ALA A 291 -33.68 2.42 -3.58
CA ALA A 291 -32.65 1.68 -2.93
C ALA A 291 -32.93 0.19 -2.88
N ASN A 292 -31.86 -0.58 -3.04
CA ASN A 292 -31.91 -2.06 -2.97
C ASN A 292 -32.57 -2.75 -4.16
N THR A 293 -32.70 -2.06 -5.27
CA THR A 293 -33.34 -2.67 -6.44
C THR A 293 -32.39 -3.66 -7.10
N VAL A 294 -32.90 -4.87 -7.30
CA VAL A 294 -32.19 -5.87 -8.07
C VAL A 294 -32.69 -5.80 -9.50
N ALA A 295 -31.74 -5.75 -10.43
CA ALA A 295 -32.03 -5.89 -11.85
C ALA A 295 -31.13 -6.97 -12.40
N LEU A 296 -31.71 -8.16 -12.56
CA LEU A 296 -30.97 -9.38 -12.87
C LEU A 296 -31.44 -9.84 -14.24
N GLY A 297 -30.49 -10.07 -15.13
CA GLY A 297 -30.78 -10.61 -16.46
C GLY A 297 -30.44 -12.08 -16.49
N LEU A 298 -31.25 -12.81 -17.25
CA LEU A 298 -31.04 -14.23 -17.50
C LEU A 298 -30.63 -14.43 -18.97
N GLY A 299 -29.82 -15.45 -19.24
CA GLY A 299 -29.57 -15.86 -20.61
C GLY A 299 -28.99 -14.75 -21.50
N LEU A 300 -28.13 -13.90 -20.94
CA LEU A 300 -27.50 -12.80 -21.67
C LEU A 300 -28.52 -11.79 -22.23
N ALA A 301 -29.56 -11.53 -21.45
CA ALA A 301 -30.53 -10.52 -21.76
C ALA A 301 -29.81 -9.25 -22.14
N THR A 302 -30.29 -8.62 -23.21
CA THR A 302 -29.57 -7.52 -23.83
C THR A 302 -30.47 -6.32 -23.97
N ILE A 303 -29.92 -5.15 -23.67
CA ILE A 303 -30.62 -3.88 -23.76
C ILE A 303 -29.95 -3.06 -24.87
N ILE A 304 -30.74 -2.61 -25.84
CA ILE A 304 -30.25 -1.72 -26.91
C ILE A 304 -30.93 -0.36 -26.76
N PRO A 305 -30.13 0.70 -26.56
CA PRO A 305 -30.75 2.03 -26.53
C PRO A 305 -30.88 2.56 -27.91
N ASP A 306 -32.09 2.95 -28.31
CA ASP A 306 -32.33 3.59 -29.60
C ASP A 306 -32.18 5.11 -29.49
N ASN A 307 -32.02 5.77 -30.64
CA ASN A 307 -32.13 7.22 -30.75
C ASN A 307 -31.16 7.99 -29.87
N GLY A 308 -30.07 7.33 -29.56
CA GLY A 308 -28.96 7.96 -28.86
C GLY A 308 -29.14 8.09 -27.37
N VAL A 309 -30.18 7.43 -26.85
CA VAL A 309 -30.37 7.51 -25.40
C VAL A 309 -29.35 6.65 -24.58
N THR A 310 -29.22 6.98 -23.30
CA THR A 310 -28.50 6.13 -22.36
C THR A 310 -29.37 4.92 -22.07
N ALA A 311 -28.77 3.74 -21.95
CA ALA A 311 -29.55 2.53 -21.74
C ALA A 311 -30.02 2.40 -20.30
N LEU A 312 -29.13 2.71 -19.36
CA LEU A 312 -29.38 2.47 -17.95
C LEU A 312 -28.83 3.63 -17.14
N LYS A 313 -29.68 4.25 -16.34
CA LYS A 313 -29.19 5.19 -15.31
C LYS A 313 -29.67 4.80 -13.91
N VAL A 314 -28.71 4.56 -13.02
CA VAL A 314 -28.95 4.27 -11.60
C VAL A 314 -28.85 5.57 -10.80
N GLY A 315 -29.77 5.74 -9.87
CA GLY A 315 -29.80 6.94 -9.06
C GLY A 315 -28.85 6.95 -7.89
N ASP A 316 -28.95 7.99 -7.05
CA ASP A 316 -28.01 8.25 -5.97
C ASP A 316 -28.42 7.49 -4.70
N VAL A 317 -28.69 6.21 -4.86
CA VAL A 317 -29.27 5.37 -3.81
C VAL A 317 -28.34 4.18 -3.46
N ASP A 318 -28.50 3.67 -2.25
CA ASP A 318 -27.80 2.49 -1.80
C ASP A 318 -28.31 1.22 -2.47
N GLY A 319 -27.41 0.25 -2.60
CA GLY A 319 -27.74 -1.15 -2.72
C GLY A 319 -28.32 -1.68 -4.01
N VAL A 320 -28.21 -0.94 -5.10
CA VAL A 320 -28.73 -1.43 -6.36
C VAL A 320 -27.77 -2.48 -6.85
N LYS A 321 -28.34 -3.60 -7.32
CA LYS A 321 -27.55 -4.75 -7.77
C LYS A 321 -27.95 -5.03 -9.19
N VAL A 322 -27.13 -4.57 -10.12
CA VAL A 322 -27.34 -4.86 -11.53
C VAL A 322 -26.48 -6.06 -11.89
N ALA A 323 -27.04 -7.09 -12.53
CA ALA A 323 -26.25 -8.28 -12.78
C ALA A 323 -26.70 -9.03 -14.05
N GLY A 324 -25.70 -9.46 -14.83
CA GLY A 324 -25.93 -10.31 -15.97
C GLY A 324 -26.81 -9.64 -16.98
N LEU A 325 -26.18 -8.77 -17.76
CA LEU A 325 -26.87 -7.99 -18.79
C LEU A 325 -25.83 -7.59 -19.80
N LEU A 326 -26.22 -7.56 -21.07
CA LEU A 326 -25.37 -7.02 -22.13
C LEU A 326 -26.04 -5.74 -22.62
N VAL A 327 -25.27 -4.67 -22.66
CA VAL A 327 -25.73 -3.40 -23.20
C VAL A 327 -25.04 -3.23 -24.55
N ASP A 328 -25.84 -3.20 -25.61
CA ASP A 328 -25.34 -3.15 -26.96
C ASP A 328 -25.72 -1.83 -27.62
N ALA A 329 -24.72 -1.10 -28.07
CA ALA A 329 -24.98 0.23 -28.61
C ALA A 329 -25.82 0.16 -29.88
N GLY A 330 -26.64 1.18 -30.07
CA GLY A 330 -27.36 1.33 -31.32
C GLY A 330 -26.51 2.15 -32.30
N PRO A 331 -26.94 2.17 -33.56
CA PRO A 331 -26.18 2.91 -34.58
C PRO A 331 -26.17 4.43 -34.39
N VAL A 332 -27.20 4.97 -33.73
CA VAL A 332 -27.14 6.38 -33.33
C VAL A 332 -26.23 6.48 -32.12
N ASN A 333 -25.28 7.40 -32.16
CA ASN A 333 -24.37 7.57 -31.03
C ASN A 333 -25.08 7.95 -29.73
N SER A 334 -24.83 7.16 -28.69
CA SER A 334 -25.19 7.50 -27.34
C SER A 334 -24.07 8.20 -26.60
N GLU A 335 -24.41 9.31 -25.97
CA GLU A 335 -23.43 10.03 -25.15
C GLU A 335 -22.85 9.12 -24.07
N THR A 336 -23.73 8.43 -23.38
CA THR A 336 -23.35 7.38 -22.44
C THR A 336 -24.25 6.16 -22.60
N LEU A 337 -23.75 4.97 -22.23
CA LEU A 337 -24.60 3.77 -22.29
C LEU A 337 -25.09 3.36 -20.91
N VAL A 338 -24.21 3.48 -19.91
CA VAL A 338 -24.57 3.17 -18.54
C VAL A 338 -24.06 4.24 -17.62
N GLU A 339 -24.93 4.77 -16.76
CA GLU A 339 -24.51 5.72 -15.71
C GLU A 339 -24.86 5.23 -14.32
N VAL A 340 -23.88 5.28 -13.41
CA VAL A 340 -24.13 4.95 -12.02
C VAL A 340 -23.96 6.19 -11.14
N GLY A 341 -25.11 6.78 -10.81
CA GLY A 341 -25.15 8.00 -10.04
C GLY A 341 -25.27 9.26 -10.88
N SER A 342 -25.72 10.32 -10.21
CA SER A 342 -25.85 11.65 -10.80
C SER A 342 -24.51 12.21 -11.28
N ASP A 343 -24.57 13.13 -12.25
CA ASP A 343 -23.41 13.85 -12.81
C ASP A 343 -22.22 14.14 -11.88
N GLY A 344 -22.46 14.66 -10.67
CA GLY A 344 -21.42 14.94 -9.64
C GLY A 344 -21.74 14.50 -8.19
N ALA A 345 -22.33 13.32 -8.05
CA ALA A 345 -22.83 12.88 -6.74
C ALA A 345 -21.75 12.87 -5.66
N SER A 346 -22.19 12.75 -4.41
CA SER A 346 -21.32 13.10 -3.30
C SER A 346 -21.66 12.38 -1.99
N GLY A 347 -22.76 11.66 -2.03
CA GLY A 347 -23.13 10.87 -0.88
C GLY A 347 -22.26 9.65 -0.82
N ASP A 348 -22.26 9.00 0.33
CA ASP A 348 -21.54 7.77 0.50
C ASP A 348 -22.49 6.57 0.59
N HIS A 349 -22.00 5.37 0.21
CA HIS A 349 -22.82 4.16 0.19
C HIS A 349 -22.03 2.98 0.74
N ALA A 350 -21.30 3.22 1.85
CA ALA A 350 -20.31 2.26 2.31
C ALA A 350 -20.90 0.96 2.87
N ALA A 351 -21.94 1.09 3.68
CA ALA A 351 -22.56 -0.06 4.32
C ALA A 351 -23.25 -0.96 3.27
N ASN A 352 -23.67 -0.36 2.16
CA ASN A 352 -24.57 -0.98 1.19
C ASN A 352 -24.42 -0.38 -0.20
N PRO A 353 -23.29 -0.69 -0.87
CA PRO A 353 -23.02 -0.06 -2.15
C PRO A 353 -23.87 -0.56 -3.30
N THR A 354 -23.83 0.16 -4.41
CA THR A 354 -24.35 -0.32 -5.69
C THR A 354 -23.25 -1.13 -6.34
N SER A 355 -23.62 -2.22 -7.02
CA SER A 355 -22.65 -2.98 -7.83
C SER A 355 -23.15 -3.28 -9.23
N LEU A 356 -22.19 -3.39 -10.13
CA LEU A 356 -22.43 -3.93 -11.46
C LEU A 356 -21.69 -5.26 -11.56
N GLN A 357 -22.41 -6.34 -11.85
CA GLN A 357 -21.79 -7.67 -11.97
C GLN A 357 -22.21 -8.36 -13.26
N ASP A 358 -21.24 -8.93 -13.96
CA ASP A 358 -21.49 -9.49 -15.30
C ASP A 358 -22.33 -8.54 -16.15
N VAL A 359 -21.97 -7.26 -16.10
CA VAL A 359 -22.52 -6.27 -16.99
C VAL A 359 -21.51 -6.09 -18.12
N PHE A 360 -21.95 -6.40 -19.33
CA PHE A 360 -21.11 -6.37 -20.52
C PHE A 360 -21.62 -5.29 -21.47
N VAL A 361 -20.68 -4.63 -22.14
CA VAL A 361 -20.97 -3.56 -23.11
C VAL A 361 -20.38 -3.94 -24.44
N ARG A 362 -21.15 -3.80 -25.51
CA ARG A 362 -20.63 -4.00 -26.85
C ARG A 362 -20.94 -2.76 -27.68
N ILE A 363 -19.96 -2.31 -28.49
CA ILE A 363 -20.17 -1.25 -29.46
C ILE A 363 -19.83 -1.79 -30.86
N GLY A 364 -20.85 -2.05 -31.65
CA GLY A 364 -20.67 -2.60 -32.99
C GLY A 364 -20.54 -4.11 -33.00
N GLY A 365 -20.38 -4.72 -34.18
CA GLY A 365 -20.15 -6.16 -34.31
C GLY A 365 -21.37 -6.88 -34.83
N ALA A 366 -22.54 -6.46 -34.38
CA ALA A 366 -23.81 -7.00 -34.83
C ALA A 366 -24.58 -5.95 -35.62
N GLY A 367 -23.82 -5.18 -36.40
CA GLY A 367 -24.33 -4.01 -37.04
C GLY A 367 -23.76 -2.78 -36.37
N PRO A 368 -23.61 -1.68 -37.14
CA PRO A 368 -22.90 -0.50 -36.63
C PRO A 368 -23.47 -0.04 -35.30
N GLY A 369 -22.58 0.42 -34.44
CA GLY A 369 -22.95 0.93 -33.13
C GLY A 369 -21.93 1.98 -32.68
N LYS A 370 -22.35 2.97 -31.90
CA LYS A 370 -21.47 4.06 -31.48
C LYS A 370 -21.85 4.56 -30.10
N ALA A 371 -20.86 4.97 -29.30
CA ALA A 371 -21.13 5.61 -28.03
C ALA A 371 -19.90 6.38 -27.56
N THR A 372 -20.12 7.52 -26.92
CA THR A 372 -19.04 8.40 -26.50
C THR A 372 -18.33 7.93 -25.21
N THR A 373 -19.07 7.49 -24.21
CA THR A 373 -18.45 6.91 -23.00
C THR A 373 -19.39 5.79 -22.63
N SER A 374 -18.86 4.59 -22.40
CA SER A 374 -19.74 3.46 -22.21
C SER A 374 -20.32 3.40 -20.80
N ILE A 375 -19.46 3.40 -19.80
CA ILE A 375 -19.91 3.35 -18.42
C ILE A 375 -19.27 4.52 -17.70
N VAL A 376 -20.09 5.34 -17.04
CA VAL A 376 -19.57 6.31 -16.08
C VAL A 376 -20.06 5.97 -14.67
N VAL A 377 -19.09 5.87 -13.76
CA VAL A 377 -19.37 5.57 -12.37
C VAL A 377 -19.18 6.83 -11.53
N ASN A 378 -20.30 7.43 -11.15
CA ASN A 378 -20.31 8.58 -10.28
C ASN A 378 -20.42 8.27 -8.80
N SER A 379 -21.20 7.25 -8.43
CA SER A 379 -21.50 6.97 -7.02
C SER A 379 -20.30 6.43 -6.28
N ASN A 380 -20.05 7.04 -5.14
CA ASN A 380 -19.03 6.56 -4.26
C ASN A 380 -19.32 5.13 -3.80
N ASP A 381 -18.25 4.38 -3.59
CA ASP A 381 -18.30 3.05 -3.02
C ASP A 381 -18.83 1.96 -3.98
N THR A 382 -19.06 2.32 -5.21
CA THR A 382 -19.56 1.37 -6.21
C THR A 382 -18.55 0.23 -6.45
N ILE A 383 -19.09 -0.97 -6.58
CA ILE A 383 -18.33 -2.19 -6.91
C ILE A 383 -18.60 -2.63 -8.35
N ILE A 384 -17.55 -2.77 -9.15
CA ILE A 384 -17.68 -3.30 -10.50
C ILE A 384 -16.91 -4.60 -10.49
N ASP A 385 -17.64 -5.68 -10.70
CA ASP A 385 -17.15 -7.01 -10.38
C ASP A 385 -17.51 -7.87 -11.54
N HIS A 386 -16.50 -8.03 -12.36
CA HIS A 386 -16.58 -8.57 -13.71
C HIS A 386 -17.38 -7.71 -14.69
N THR A 387 -16.66 -6.94 -15.48
CA THR A 387 -17.26 -6.24 -16.60
C THR A 387 -16.38 -6.45 -17.82
N TRP A 388 -17.00 -6.58 -19.00
CA TRP A 388 -16.28 -6.52 -20.31
C TRP A 388 -16.94 -5.40 -21.08
N VAL A 389 -16.13 -4.40 -21.40
CA VAL A 389 -16.58 -3.19 -22.08
C VAL A 389 -15.74 -3.16 -23.36
N TRP A 390 -16.41 -3.46 -24.45
CA TRP A 390 -15.75 -3.91 -25.68
C TRP A 390 -16.26 -3.19 -26.92
N ARG A 391 -15.39 -2.40 -27.53
CA ARG A 391 -15.68 -1.84 -28.82
C ARG A 391 -15.28 -2.90 -29.83
N ALA A 392 -16.25 -3.38 -30.61
CA ALA A 392 -16.01 -4.57 -31.45
C ALA A 392 -14.83 -4.37 -32.42
N ASP A 393 -13.98 -5.40 -32.51
CA ASP A 393 -12.88 -5.44 -33.49
C ASP A 393 -13.20 -6.30 -34.72
N HIS A 394 -14.29 -7.04 -34.70
CA HIS A 394 -14.68 -7.85 -35.86
C HIS A 394 -16.20 -7.94 -35.91
N GLY A 395 -16.71 -8.43 -37.03
CA GLY A 395 -18.16 -8.54 -37.26
C GLY A 395 -18.60 -7.45 -38.24
N GLU A 396 -19.86 -7.03 -38.21
CA GLU A 396 -20.13 -5.84 -39.04
C GLU A 396 -20.58 -4.67 -38.25
N GLY A 397 -20.45 -3.53 -38.93
CA GLY A 397 -20.71 -2.27 -38.26
C GLY A 397 -19.44 -1.85 -37.55
N VAL A 398 -18.30 -2.29 -38.10
CA VAL A 398 -17.00 -2.15 -37.46
C VAL A 398 -16.08 -1.27 -38.35
N GLY A 399 -15.32 -0.38 -37.72
CA GLY A 399 -14.46 0.54 -38.45
C GLY A 399 -14.05 1.73 -37.58
N TRP A 400 -12.88 2.29 -37.90
CA TRP A 400 -12.31 3.39 -37.09
C TRP A 400 -13.33 4.52 -36.94
N GLU A 401 -14.19 4.70 -37.92
CA GLU A 401 -15.31 5.64 -37.78
C GLU A 401 -16.64 4.94 -37.54
N THR A 402 -16.86 3.81 -38.21
CA THR A 402 -18.22 3.33 -38.26
C THR A 402 -18.71 2.82 -36.90
N ASN A 403 -17.83 2.25 -36.07
CA ASN A 403 -18.17 2.00 -34.66
C ASN A 403 -17.25 2.70 -33.69
N ARG A 404 -16.91 3.95 -34.00
CA ARG A 404 -16.05 4.59 -33.05
C ARG A 404 -16.72 4.77 -31.67
N ALA A 405 -15.88 4.72 -30.66
CA ALA A 405 -16.29 4.80 -29.26
C ALA A 405 -15.06 5.29 -28.49
N ASP A 406 -15.09 6.54 -28.09
CA ASP A 406 -13.85 7.17 -27.61
C ASP A 406 -13.39 6.60 -26.26
N TYR A 407 -14.35 6.39 -25.36
CA TYR A 407 -14.03 6.15 -23.97
C TYR A 407 -14.83 4.96 -23.42
N GLY A 408 -14.15 4.06 -22.72
CA GLY A 408 -14.83 2.88 -22.19
C GLY A 408 -15.49 3.13 -20.84
N VAL A 409 -14.67 3.27 -19.81
CA VAL A 409 -15.09 3.41 -18.45
C VAL A 409 -14.44 4.66 -17.91
N HIS A 410 -15.26 5.50 -17.27
CA HIS A 410 -14.73 6.67 -16.57
C HIS A 410 -15.25 6.61 -15.15
N VAL A 411 -14.34 6.49 -14.19
CA VAL A 411 -14.73 6.36 -12.79
C VAL A 411 -14.52 7.74 -12.19
N LYS A 412 -15.60 8.40 -11.85
CA LYS A 412 -15.59 9.74 -11.27
C LYS A 412 -15.87 9.75 -9.79
N GLY A 413 -16.20 8.60 -9.22
CA GLY A 413 -16.59 8.52 -7.84
C GLY A 413 -15.44 8.06 -6.96
N ASP A 414 -15.60 8.18 -5.62
CA ASP A 414 -14.57 7.83 -4.65
C ASP A 414 -14.82 6.44 -4.05
N ASN A 415 -13.74 5.78 -3.66
CA ASN A 415 -13.79 4.44 -3.02
C ASN A 415 -14.44 3.36 -3.91
N VAL A 416 -14.29 3.54 -5.21
CA VAL A 416 -14.82 2.58 -6.19
C VAL A 416 -13.86 1.42 -6.31
N LEU A 417 -14.39 0.21 -6.48
CA LEU A 417 -13.59 -1.02 -6.52
C LEU A 417 -13.95 -1.73 -7.78
N ALA A 418 -12.94 -2.03 -8.60
CA ALA A 418 -13.14 -2.85 -9.80
C ALA A 418 -12.34 -4.14 -9.62
N THR A 419 -13.03 -5.28 -9.63
CA THR A 419 -12.39 -6.57 -9.60
C THR A 419 -12.78 -7.31 -10.90
N GLY A 420 -11.80 -7.68 -11.71
CA GLY A 420 -12.11 -8.38 -12.94
C GLY A 420 -12.54 -7.38 -14.01
N LEU A 421 -11.64 -6.46 -14.34
CA LEU A 421 -11.97 -5.34 -15.25
C LEU A 421 -11.38 -5.63 -16.64
N PHE A 422 -12.23 -5.82 -17.64
CA PHE A 422 -11.77 -6.12 -19.01
C PHE A 422 -12.32 -4.99 -19.94
N VAL A 423 -11.47 -4.22 -20.58
CA VAL A 423 -11.92 -3.11 -21.40
C VAL A 423 -11.03 -2.98 -22.66
N GLU A 424 -11.64 -2.97 -23.83
CA GLU A 424 -10.85 -3.15 -25.07
C GLU A 424 -11.32 -2.33 -26.27
N HIS A 425 -10.31 -1.76 -26.93
CA HIS A 425 -10.33 -1.28 -28.32
C HIS A 425 -10.90 0.13 -28.52
N PHE A 426 -11.04 0.91 -27.44
CA PHE A 426 -11.56 2.27 -27.59
C PHE A 426 -10.64 3.24 -28.39
N ASN A 427 -11.25 4.23 -29.06
CA ASN A 427 -10.48 5.21 -29.86
C ASN A 427 -9.58 6.09 -29.01
N LYS A 428 -10.01 6.44 -27.80
CA LYS A 428 -9.23 7.26 -26.87
C LYS A 428 -8.93 6.41 -25.61
N TYR A 429 -9.18 6.94 -24.41
CA TYR A 429 -8.83 6.23 -23.20
C TYR A 429 -9.81 5.08 -22.90
N ASP A 430 -9.31 3.85 -22.75
CA ASP A 430 -10.17 2.73 -22.42
C ASP A 430 -10.76 2.91 -21.02
N VAL A 431 -9.88 3.19 -20.07
CA VAL A 431 -10.28 3.50 -18.70
C VAL A 431 -9.63 4.79 -18.24
N GLN A 432 -10.46 5.67 -17.65
CA GLN A 432 -10.00 6.86 -16.93
C GLN A 432 -10.60 6.94 -15.54
N TRP A 433 -9.78 7.31 -14.56
CA TRP A 433 -10.20 7.34 -13.17
C TRP A 433 -9.86 8.69 -12.60
N SER A 434 -10.89 9.42 -12.18
CA SER A 434 -10.71 10.80 -11.69
C SER A 434 -11.16 10.94 -10.25
N GLY A 435 -11.87 9.93 -9.75
CA GLY A 435 -12.26 9.87 -8.36
C GLY A 435 -11.13 9.42 -7.48
N GLU A 436 -11.33 9.51 -6.14
CA GLU A 436 -10.30 9.16 -5.16
C GLU A 436 -10.35 7.73 -4.58
N ASN A 437 -9.19 7.28 -4.08
CA ASN A 437 -8.96 5.92 -3.51
C ASN A 437 -9.61 4.79 -4.30
N GLY A 438 -9.49 4.86 -5.61
CA GLY A 438 -9.93 3.76 -6.43
C GLY A 438 -8.99 2.58 -6.26
N LYS A 439 -9.54 1.39 -6.48
CA LYS A 439 -8.78 0.14 -6.47
C LYS A 439 -9.23 -0.73 -7.63
N THR A 440 -8.25 -1.27 -8.38
CA THR A 440 -8.50 -2.25 -9.44
C THR A 440 -7.70 -3.50 -9.18
N ILE A 441 -8.40 -4.62 -9.05
CA ILE A 441 -7.79 -5.94 -8.97
C ILE A 441 -8.12 -6.70 -10.23
N PHE A 442 -7.06 -6.86 -11.04
CA PHE A 442 -7.09 -7.42 -12.39
C PHE A 442 -7.65 -6.49 -13.47
N TYR A 443 -6.79 -6.21 -14.46
CA TYR A 443 -7.20 -5.47 -15.67
C TYR A 443 -6.64 -6.12 -16.92
N GLN A 444 -7.52 -6.34 -17.90
CA GLN A 444 -7.14 -6.80 -19.23
C GLN A 444 -7.61 -5.76 -20.25
N ASN A 445 -6.67 -5.29 -21.06
CA ASN A 445 -6.95 -4.40 -22.16
C ASN A 445 -6.26 -4.87 -23.42
N ALA A 446 -6.90 -4.60 -24.55
CA ALA A 446 -6.21 -4.58 -25.83
C ALA A 446 -6.62 -3.28 -26.53
N LYS A 447 -5.66 -2.65 -27.17
CA LYS A 447 -5.90 -1.36 -27.79
C LYS A 447 -6.66 -1.54 -29.10
N ALA A 448 -7.12 -0.42 -29.64
CA ALA A 448 -7.76 -0.42 -30.95
C ALA A 448 -6.84 -1.03 -32.00
N TYR A 449 -7.35 -1.96 -32.82
CA TYR A 449 -6.54 -2.51 -33.90
C TYR A 449 -6.50 -1.59 -35.12
N ASP A 450 -7.59 -0.85 -35.32
CA ASP A 450 -7.85 -0.18 -36.59
C ASP A 450 -7.38 1.29 -36.76
N ALA A 451 -6.61 1.82 -35.82
CA ALA A 451 -6.14 3.19 -35.95
C ALA A 451 -5.36 3.27 -37.27
N PRO A 452 -5.73 4.21 -38.14
CA PRO A 452 -5.17 4.20 -39.52
C PRO A 452 -3.69 4.55 -39.56
N ASP A 453 -3.22 5.23 -38.52
CA ASP A 453 -1.87 5.79 -38.55
C ASP A 453 -1.63 6.52 -37.23
N GLN A 454 -0.40 7.02 -37.06
CA GLN A 454 0.01 7.66 -35.81
C GLN A 454 -0.78 8.92 -35.47
N ALA A 455 -0.95 9.78 -36.47
CA ALA A 455 -1.66 11.05 -36.24
C ALA A 455 -3.05 10.82 -35.66
N ALA A 456 -3.67 9.69 -35.96
CA ALA A 456 -5.04 9.46 -35.47
C ALA A 456 -5.21 9.18 -33.96
N ILE A 457 -4.14 8.72 -33.29
CA ILE A 457 -4.17 8.44 -31.85
C ILE A 457 -3.28 9.37 -31.04
N GLN A 458 -2.87 10.44 -31.68
CA GLN A 458 -2.09 11.47 -31.03
C GLN A 458 -2.95 12.14 -29.95
N ASN A 459 -2.36 12.42 -28.79
CA ASN A 459 -3.07 13.29 -27.89
C ASN A 459 -2.10 14.15 -27.13
N GLY A 460 -1.99 15.39 -27.62
CA GLY A 460 -0.94 16.29 -27.19
C GLY A 460 0.34 15.81 -27.85
N ASP A 461 1.40 15.57 -27.10
CA ASP A 461 2.65 15.03 -27.69
C ASP A 461 2.94 13.60 -27.22
N ILE A 462 1.92 13.01 -26.58
CA ILE A 462 1.94 11.61 -26.25
C ILE A 462 1.36 10.83 -27.42
N LYS A 463 2.09 9.78 -27.81
CA LYS A 463 1.59 8.88 -28.83
C LYS A 463 0.63 7.87 -28.24
N GLY A 464 -0.59 7.89 -28.75
CA GLY A 464 -1.66 7.08 -28.18
C GLY A 464 -2.23 7.58 -26.88
N TYR A 465 -3.33 6.92 -26.50
CA TYR A 465 -4.02 7.14 -25.26
C TYR A 465 -3.79 5.93 -24.38
N ALA A 466 -3.54 6.16 -23.13
CA ALA A 466 -3.32 5.05 -22.22
C ALA A 466 -4.54 4.17 -22.24
N ALA A 467 -4.33 2.88 -22.03
CA ALA A 467 -5.44 1.97 -21.70
C ALA A 467 -6.07 2.27 -20.34
N TYR A 468 -5.31 2.81 -19.42
CA TYR A 468 -5.78 3.06 -18.06
C TYR A 468 -5.04 4.29 -17.56
N LYS A 469 -5.80 5.38 -17.43
CA LYS A 469 -5.29 6.64 -16.98
C LYS A 469 -5.87 7.03 -15.62
N VAL A 470 -4.98 7.48 -14.75
CA VAL A 470 -5.34 8.08 -13.51
C VAL A 470 -4.98 9.56 -13.66
N ASP A 471 -5.98 10.46 -13.47
CA ASP A 471 -5.76 11.93 -13.60
C ASP A 471 -4.69 12.37 -12.62
N ASP A 472 -3.95 13.37 -13.06
CA ASP A 472 -2.90 14.06 -12.29
C ASP A 472 -3.32 14.50 -10.87
N SER A 473 -4.57 14.94 -10.73
CA SER A 473 -4.98 15.49 -9.43
C SER A 473 -5.35 14.45 -8.35
N VAL A 474 -5.20 13.17 -8.66
CA VAL A 474 -5.48 12.09 -7.70
C VAL A 474 -4.34 11.80 -6.69
N THR A 475 -4.70 11.65 -5.41
CA THR A 475 -3.73 11.38 -4.35
C THR A 475 -3.57 9.91 -4.04
N THR A 476 -4.68 9.17 -4.14
CA THR A 476 -4.71 7.80 -3.68
C THR A 476 -5.36 6.96 -4.80
N HIS A 477 -4.62 5.98 -5.30
CA HIS A 477 -5.14 4.96 -6.23
C HIS A 477 -4.34 3.70 -5.99
N GLU A 478 -4.89 2.54 -6.34
CA GLU A 478 -4.07 1.33 -6.33
C GLU A 478 -4.58 0.27 -7.31
N GLY A 479 -3.66 -0.32 -8.07
CA GLY A 479 -4.00 -1.34 -9.05
C GLY A 479 -3.07 -2.54 -8.98
N TRP A 480 -3.65 -3.73 -9.16
CA TRP A 480 -2.91 -5.00 -9.15
C TRP A 480 -3.19 -5.85 -10.36
N GLY A 481 -2.12 -6.30 -11.01
CA GLY A 481 -2.27 -7.34 -12.03
C GLY A 481 -2.95 -6.85 -13.32
N MET A 482 -2.25 -6.01 -14.05
CA MET A 482 -2.85 -5.22 -15.10
C MET A 482 -2.02 -5.29 -16.39
N GLY A 483 -2.69 -5.62 -17.48
CA GLY A 483 -2.06 -5.71 -18.78
C GLY A 483 -2.78 -4.90 -19.86
N SER A 484 -1.99 -4.50 -20.86
CA SER A 484 -2.50 -3.87 -22.06
C SER A 484 -1.76 -4.46 -23.28
N TYR A 485 -2.51 -4.91 -24.27
CA TYR A 485 -1.92 -5.54 -25.48
C TYR A 485 -2.20 -4.70 -26.75
N CYS A 486 -1.28 -4.73 -27.70
CA CYS A 486 -1.49 -4.03 -28.97
C CYS A 486 -1.43 -4.97 -30.18
N TYR A 487 -2.16 -4.60 -31.21
CA TYR A 487 -2.26 -5.35 -32.43
C TYR A 487 -2.73 -4.38 -33.51
N PHE A 488 -1.79 -3.53 -33.92
CA PHE A 488 -2.11 -2.43 -34.82
C PHE A 488 -2.04 -3.00 -36.21
N ASN A 489 -3.07 -3.74 -36.58
CA ASN A 489 -2.95 -4.64 -37.71
C ASN A 489 -3.21 -3.91 -39.01
N VAL A 490 -3.93 -2.80 -38.93
CA VAL A 490 -4.08 -1.89 -40.05
C VAL A 490 -2.76 -1.21 -40.37
N ASN A 491 -2.10 -0.65 -39.35
CA ASN A 491 -0.84 0.07 -39.55
C ASN A 491 0.19 -0.32 -38.48
N PRO A 492 0.95 -1.39 -38.74
CA PRO A 492 1.88 -1.96 -37.76
C PRO A 492 3.10 -1.08 -37.48
N ASP A 493 3.22 0.06 -38.16
CA ASP A 493 4.27 0.99 -37.83
C ASP A 493 3.93 1.92 -36.66
N ILE A 494 2.70 1.84 -36.16
CA ILE A 494 2.30 2.69 -35.06
C ILE A 494 3.09 2.35 -33.79
N ARG A 495 3.27 3.38 -32.97
CA ARG A 495 3.81 3.29 -31.63
C ARG A 495 2.81 3.76 -30.57
N GLN A 496 2.73 3.01 -29.48
CA GLN A 496 1.87 3.34 -28.34
C GLN A 496 2.80 3.70 -27.18
N GLN A 497 2.69 4.91 -26.64
CA GLN A 497 3.69 5.38 -25.66
C GLN A 497 3.69 4.53 -24.43
N HIS A 498 2.49 4.15 -23.99
CA HIS A 498 2.37 3.36 -22.76
C HIS A 498 1.03 2.69 -22.63
N GLY A 499 0.97 1.67 -21.78
CA GLY A 499 -0.28 1.08 -21.38
C GLY A 499 -0.99 1.87 -20.30
N PHE A 500 -0.21 2.43 -19.36
CA PHE A 500 -0.71 3.11 -18.17
C PHE A 500 -0.16 4.53 -18.07
N GLN A 501 -1.00 5.46 -17.59
CA GLN A 501 -0.55 6.81 -17.26
C GLN A 501 -1.11 7.23 -15.91
N ALA A 502 -0.25 7.79 -15.05
CA ALA A 502 -0.66 8.16 -13.69
C ALA A 502 0.41 8.99 -13.06
N PRO A 503 0.04 9.77 -12.03
CA PRO A 503 1.02 10.59 -11.36
C PRO A 503 1.97 9.73 -10.57
N VAL A 504 3.15 10.29 -10.38
CA VAL A 504 4.16 9.78 -9.47
C VAL A 504 3.95 10.47 -8.15
N LYS A 505 3.25 9.77 -7.27
CA LYS A 505 2.87 10.27 -5.95
C LYS A 505 2.87 9.10 -5.03
N PRO A 506 3.06 9.37 -3.73
CA PRO A 506 3.28 8.21 -2.87
C PRO A 506 2.05 7.26 -2.80
N GLY A 507 0.87 7.85 -2.89
CA GLY A 507 -0.36 7.15 -2.64
C GLY A 507 -1.04 6.60 -3.89
N VAL A 508 -0.44 6.87 -5.07
CA VAL A 508 -0.95 6.40 -6.37
C VAL A 508 0.01 5.35 -6.93
N LYS A 509 -0.36 4.06 -6.80
CA LYS A 509 0.59 2.99 -7.10
C LYS A 509 0.02 1.76 -7.76
N PHE A 510 0.93 1.01 -8.36
CA PHE A 510 0.62 -0.16 -9.16
C PHE A 510 1.56 -1.32 -8.86
N HIS A 511 1.00 -2.51 -9.03
CA HIS A 511 1.68 -3.75 -8.85
C HIS A 511 1.42 -4.66 -10.00
N ASP A 512 2.51 -5.10 -10.63
CA ASP A 512 2.50 -6.12 -11.67
C ASP A 512 1.77 -5.64 -12.91
N LEU A 513 2.41 -4.68 -13.58
CA LEU A 513 1.94 -4.12 -14.84
C LEU A 513 2.68 -4.76 -16.02
N LEU A 514 1.98 -4.93 -17.10
CA LEU A 514 2.65 -5.39 -18.33
C LEU A 514 2.02 -4.86 -19.59
N VAL A 515 2.86 -4.71 -20.63
CA VAL A 515 2.37 -4.46 -21.98
C VAL A 515 2.94 -5.50 -22.93
N VAL A 516 2.15 -5.84 -23.94
CA VAL A 516 2.52 -6.85 -24.92
C VAL A 516 2.12 -6.45 -26.32
N SER A 517 3.07 -6.56 -27.26
CA SER A 517 2.77 -6.46 -28.67
C SER A 517 2.45 -7.84 -29.27
N LEU A 518 1.26 -7.97 -29.84
CA LEU A 518 0.85 -9.22 -30.44
C LEU A 518 1.41 -9.39 -31.89
N GLY A 519 2.34 -10.31 -32.07
CA GLY A 519 2.96 -10.53 -33.37
C GLY A 519 3.75 -9.34 -33.94
N GLY A 520 4.24 -8.45 -33.07
CA GLY A 520 5.00 -7.31 -33.49
C GLY A 520 4.24 -6.31 -34.34
N LYS A 521 2.91 -6.38 -34.28
CA LYS A 521 2.04 -5.42 -34.97
C LYS A 521 1.89 -4.12 -34.13
N GLY A 522 2.80 -3.19 -34.37
CA GLY A 522 2.92 -2.04 -33.50
C GLY A 522 3.78 -2.41 -32.33
N GLN A 523 4.25 -1.40 -31.61
CA GLN A 523 4.99 -1.62 -30.39
C GLN A 523 4.66 -0.56 -29.34
N TYR A 524 4.85 -0.92 -28.08
CA TYR A 524 4.82 0.04 -26.99
C TYR A 524 6.19 0.68 -26.79
N GLU A 525 6.24 1.97 -26.50
CA GLU A 525 7.49 2.67 -26.16
C GLU A 525 7.90 2.44 -24.71
N HIS A 526 6.89 2.27 -23.86
CA HIS A 526 7.10 2.05 -22.43
C HIS A 526 5.89 1.32 -21.83
N VAL A 527 5.98 0.97 -20.54
CA VAL A 527 4.86 0.35 -19.85
C VAL A 527 3.88 1.40 -19.25
N ILE A 528 4.42 2.25 -18.40
CA ILE A 528 3.65 3.28 -17.71
C ILE A 528 4.35 4.64 -17.80
N ASN A 529 3.58 5.69 -18.07
CA ASN A 529 4.16 6.99 -18.27
C ASN A 529 5.27 6.85 -19.30
N ASP A 530 6.49 7.20 -18.94
CA ASP A 530 7.63 7.03 -19.83
C ASP A 530 8.70 6.16 -19.18
N ILE A 531 8.21 5.19 -18.39
CA ILE A 531 9.01 4.14 -17.71
C ILE A 531 8.69 2.73 -18.19
N GLY A 532 9.70 1.88 -18.12
CA GLY A 532 9.56 0.51 -18.54
C GLY A 532 10.12 0.33 -19.94
N ASP A 533 10.58 -0.88 -20.24
CA ASP A 533 11.17 -1.13 -21.52
C ASP A 533 10.12 -1.06 -22.63
N PRO A 534 10.53 -0.58 -23.80
CA PRO A 534 9.62 -0.77 -24.94
C PRO A 534 9.47 -2.25 -25.21
N THR A 535 8.41 -2.64 -25.92
CA THR A 535 8.40 -3.96 -26.52
C THR A 535 9.39 -3.91 -27.70
N SER A 536 9.76 -5.10 -28.17
CA SER A 536 10.61 -5.28 -29.35
C SER A 536 10.39 -6.67 -29.92
N GLY A 537 10.73 -6.82 -31.18
CA GLY A 537 10.66 -8.09 -31.90
C GLY A 537 9.22 -8.41 -32.30
N ASP A 538 9.03 -9.60 -32.86
CA ASP A 538 7.70 -10.07 -33.28
C ASP A 538 7.21 -11.31 -32.54
N THR A 539 7.83 -11.58 -31.41
CA THR A 539 7.61 -12.83 -30.68
C THR A 539 6.72 -12.72 -29.43
N THR A 540 6.11 -11.56 -29.26
CA THR A 540 5.06 -11.44 -28.27
C THR A 540 5.65 -11.84 -26.92
N ILE A 541 6.53 -10.99 -26.44
CA ILE A 541 7.19 -11.14 -25.13
C ILE A 541 6.85 -9.86 -24.28
N PRO A 542 6.34 -10.06 -23.07
CA PRO A 542 5.88 -8.85 -22.33
C PRO A 542 6.96 -7.93 -21.73
N SER A 543 6.69 -6.64 -21.77
CA SER A 543 7.47 -5.68 -20.99
C SER A 543 6.74 -5.33 -19.68
N GLN A 544 7.48 -5.30 -18.57
CA GLN A 544 6.88 -5.36 -17.24
C GLN A 544 7.42 -4.31 -16.34
N VAL A 545 6.55 -3.86 -15.44
CA VAL A 545 6.97 -3.05 -14.31
C VAL A 545 6.38 -3.78 -13.08
N VAL A 546 7.21 -4.15 -12.12
CA VAL A 546 6.77 -4.96 -10.99
C VAL A 546 6.14 -4.06 -9.91
N SER A 547 6.91 -3.09 -9.45
CA SER A 547 6.41 -1.98 -8.62
C SER A 547 6.50 -0.70 -9.45
N PHE A 548 5.40 0.08 -9.46
CA PHE A 548 5.43 1.47 -9.82
C PHE A 548 4.71 1.94 -8.61
N PRO A 549 5.03 3.11 -8.11
CA PRO A 549 5.91 4.19 -8.54
C PRO A 549 7.27 3.98 -7.91
N VAL B 2 -13.91 16.60 19.59
CA VAL B 2 -12.91 15.56 19.87
C VAL B 2 -13.36 14.62 20.98
N VAL B 3 -12.74 13.43 21.03
CA VAL B 3 -12.87 12.47 22.14
C VAL B 3 -11.52 11.72 22.37
N GLY B 4 -11.47 10.82 23.36
CA GLY B 4 -10.35 9.88 23.50
C GLY B 4 -10.70 8.38 23.46
N GLY B 5 -9.68 7.48 23.39
CA GLY B 5 -9.81 6.04 23.76
C GLY B 5 -10.31 4.86 22.89
N GLY B 6 -10.26 5.07 21.60
CA GLY B 6 -10.83 4.17 20.61
C GLY B 6 -9.82 3.24 19.96
N ASP B 7 -10.21 2.68 18.82
CA ASP B 7 -9.36 1.67 18.22
C ASP B 7 -8.23 2.33 17.44
N LEU B 8 -7.12 1.60 17.34
CA LEU B 8 -5.88 2.15 16.80
C LEU B 8 -5.69 2.10 15.28
N GLY B 9 -6.57 1.36 14.58
CA GLY B 9 -6.63 1.48 13.14
C GLY B 9 -5.94 0.35 12.43
N PRO B 10 -5.96 0.38 11.08
CA PRO B 10 -5.50 -0.79 10.30
C PRO B 10 -4.02 -0.84 10.09
N ASN B 11 -3.28 0.08 10.69
CA ASN B 11 -1.84 0.06 10.56
C ASN B 11 -1.13 -0.28 11.87
N VAL B 12 -1.92 -0.54 12.93
CA VAL B 12 -1.41 -1.18 14.13
C VAL B 12 -1.90 -2.63 14.11
N LEU B 13 -0.99 -3.57 13.79
CA LEU B 13 -1.35 -4.98 13.71
C LEU B 13 -0.93 -5.61 15.04
N VAL B 14 -1.91 -6.22 15.69
CA VAL B 14 -1.76 -6.70 17.04
C VAL B 14 -1.77 -8.22 16.94
N PHE B 15 -0.77 -8.84 17.55
CA PHE B 15 -0.67 -10.28 17.59
C PHE B 15 -0.74 -10.77 19.04
N ASP B 16 -1.06 -12.04 19.20
CA ASP B 16 -1.41 -12.65 20.47
C ASP B 16 -0.98 -14.10 20.20
N PRO B 17 -0.90 -14.95 21.22
CA PRO B 17 -0.30 -16.23 20.82
C PRO B 17 -1.22 -17.16 20.02
N SER B 18 -2.52 -16.95 20.18
CA SER B 18 -3.52 -17.60 19.32
C SER B 18 -3.37 -17.22 17.85
N THR B 19 -3.08 -15.95 17.57
CA THR B 19 -3.30 -15.47 16.21
C THR B 19 -2.55 -16.25 15.16
N PRO B 20 -3.27 -16.57 14.08
CA PRO B 20 -2.63 -17.42 13.10
C PRO B 20 -1.81 -16.74 12.06
N ASP B 21 -1.31 -17.64 11.25
CA ASP B 21 0.08 -17.78 11.03
C ASP B 21 0.86 -16.99 12.14
N ILE B 22 1.27 -15.79 11.81
CA ILE B 22 2.08 -14.79 12.55
C ILE B 22 3.33 -14.55 11.68
N GLN B 23 4.04 -15.63 11.38
CA GLN B 23 5.22 -15.55 10.53
C GLN B 23 4.86 -14.97 9.15
N GLY B 24 3.78 -15.47 8.52
CA GLY B 24 3.51 -15.07 7.16
C GLY B 24 3.14 -13.61 7.12
N LYS B 25 2.43 -13.19 8.16
CA LYS B 25 1.93 -11.81 8.26
C LYS B 25 3.05 -10.84 8.41
N VAL B 26 4.06 -11.16 9.20
CA VAL B 26 5.16 -10.21 9.37
C VAL B 26 6.11 -10.26 8.14
N ASP B 27 6.20 -11.42 7.49
CA ASP B 27 6.91 -11.50 6.19
C ASP B 27 6.24 -10.63 5.09
N GLU B 28 4.89 -10.58 5.08
CA GLU B 28 4.18 -9.74 4.11
C GLU B 28 4.43 -8.24 4.33
N VAL B 29 4.46 -7.78 5.58
CA VAL B 29 4.85 -6.39 5.83
C VAL B 29 6.29 -6.17 5.34
N PHE B 30 7.17 -7.15 5.59
CA PHE B 30 8.56 -7.05 5.11
C PHE B 30 8.66 -7.09 3.56
N ARG B 31 7.80 -7.88 2.90
CA ARG B 31 7.70 -7.89 1.42
C ARG B 31 7.55 -6.43 0.99
N LYS B 32 6.58 -5.74 1.59
CA LYS B 32 6.18 -4.36 1.20
C LYS B 32 7.20 -3.28 1.57
N GLN B 33 7.86 -3.48 2.70
CA GLN B 33 8.70 -2.42 3.26
C GLN B 33 10.20 -2.57 3.12
N GLU B 34 10.68 -3.77 2.80
CA GLU B 34 12.10 -4.05 2.66
C GLU B 34 12.84 -2.93 1.90
N SER B 35 12.31 -2.56 0.75
CA SER B 35 12.94 -1.57 -0.14
C SER B 35 12.22 -0.22 -0.15
N ASN B 36 11.30 -0.01 0.79
CA ASN B 36 10.39 1.14 0.74
C ASN B 36 10.98 2.35 1.48
N GLN B 37 12.08 2.88 0.97
CA GLN B 37 12.80 3.89 1.72
C GLN B 37 12.02 5.20 1.92
N PHE B 38 11.26 5.59 0.91
CA PHE B 38 10.64 6.90 0.90
C PHE B 38 9.14 6.86 0.66
N GLY B 39 8.53 5.67 0.58
CA GLY B 39 7.06 5.58 0.53
C GLY B 39 6.33 5.97 1.82
N THR B 40 5.02 6.24 1.66
CA THR B 40 4.12 6.76 2.68
C THR B 40 3.56 5.70 3.64
N ASP B 41 3.77 4.43 3.33
CA ASP B 41 3.21 3.39 4.20
C ASP B 41 3.93 3.31 5.58
N ARG B 42 3.16 2.98 6.63
CA ARG B 42 3.64 2.92 8.00
C ARG B 42 2.95 1.76 8.72
N TYR B 43 3.76 0.99 9.47
CA TYR B 43 3.26 -0.13 10.26
C TYR B 43 3.86 -0.20 11.65
N ALA B 44 3.00 -0.45 12.63
CA ALA B 44 3.43 -0.84 13.97
C ALA B 44 2.97 -2.27 14.26
N LEU B 45 3.92 -3.11 14.69
CA LEU B 45 3.66 -4.51 15.04
C LEU B 45 3.72 -4.60 16.57
N MET B 46 2.58 -4.94 17.18
CA MET B 46 2.39 -4.88 18.62
C MET B 46 2.04 -6.30 19.12
N PHE B 47 2.91 -6.86 19.96
CA PHE B 47 2.77 -8.24 20.45
C PHE B 47 2.26 -8.31 21.87
N LYS B 48 1.12 -8.95 22.06
CA LYS B 48 0.64 -9.17 23.43
C LYS B 48 1.60 -10.02 24.27
N PRO B 49 1.57 -9.85 25.60
CA PRO B 49 2.37 -10.65 26.55
C PRO B 49 2.16 -12.13 26.32
N GLY B 50 3.28 -12.85 26.25
CA GLY B 50 3.29 -14.30 26.07
C GLY B 50 4.63 -14.73 25.49
N THR B 51 4.76 -15.99 25.01
CA THR B 51 5.98 -16.42 24.32
C THR B 51 5.63 -16.96 22.93
N TYR B 52 6.44 -16.55 21.98
CA TYR B 52 6.24 -16.80 20.58
C TYR B 52 7.39 -17.64 20.05
N ASN B 53 7.09 -18.83 19.50
CA ASN B 53 8.06 -19.69 18.85
C ASN B 53 8.15 -19.49 17.32
N ASP B 54 9.13 -20.15 16.70
CA ASP B 54 9.76 -19.73 15.46
C ASP B 54 9.18 -18.54 14.73
N ILE B 55 9.79 -17.48 15.15
CA ILE B 55 9.54 -16.20 14.58
C ILE B 55 10.85 -15.59 14.17
N ASN B 56 10.90 -15.15 12.90
CA ASN B 56 12.02 -14.36 12.42
C ASN B 56 11.39 -13.11 11.86
N ALA B 57 11.32 -12.08 12.67
CA ALA B 57 10.59 -10.85 12.30
C ALA B 57 11.61 -9.92 11.68
N GLN B 58 11.65 -9.92 10.37
CA GLN B 58 12.52 -9.00 9.66
C GLN B 58 11.80 -7.63 9.57
N ILE B 59 12.56 -6.59 9.89
CA ILE B 59 12.03 -5.27 10.06
C ILE B 59 12.54 -4.38 8.89
N GLY B 60 11.59 -3.96 8.04
CA GLY B 60 11.90 -3.01 6.97
C GLY B 60 11.72 -1.56 7.34
N PHE B 61 11.69 -0.69 6.32
CA PHE B 61 11.38 0.72 6.51
C PHE B 61 10.05 0.99 7.17
N TYR B 62 10.05 1.98 8.07
CA TYR B 62 8.84 2.52 8.69
C TYR B 62 8.01 1.45 9.39
N THR B 63 8.71 0.55 10.05
CA THR B 63 8.10 -0.55 10.79
C THR B 63 8.63 -0.47 12.21
N SER B 64 7.72 -0.35 13.17
CA SER B 64 8.06 -0.51 14.57
C SER B 64 7.58 -1.90 15.06
N ILE B 65 8.33 -2.47 15.99
CA ILE B 65 7.94 -3.78 16.58
C ILE B 65 8.13 -3.60 18.07
N ALA B 66 7.14 -4.02 18.85
CA ALA B 66 7.19 -3.90 20.30
C ALA B 66 6.30 -4.90 21.01
N GLY B 67 6.66 -5.17 22.25
CA GLY B 67 5.83 -5.91 23.17
C GLY B 67 4.90 -4.98 23.96
N LEU B 68 3.81 -5.56 24.45
CA LEU B 68 2.79 -4.85 25.19
C LEU B 68 2.68 -5.31 26.67
N GLY B 69 3.73 -5.95 27.19
CA GLY B 69 3.76 -6.38 28.62
C GLY B 69 4.30 -5.29 29.55
N LEU B 70 4.28 -5.41 30.89
CA LEU B 70 4.78 -4.24 31.70
C LEU B 70 6.27 -4.13 31.59
N ASN B 71 6.94 -5.27 31.67
CA ASN B 71 8.38 -5.23 31.49
C ASN B 71 8.80 -6.30 30.45
N PRO B 72 9.97 -6.11 29.83
CA PRO B 72 10.28 -6.74 28.53
C PRO B 72 10.15 -8.28 28.50
N ASP B 73 10.50 -8.95 29.60
CA ASP B 73 10.44 -10.40 29.59
C ASP B 73 8.99 -10.94 29.60
N ASP B 74 8.01 -10.05 29.75
CA ASP B 74 6.60 -10.45 29.64
C ASP B 74 6.28 -10.86 28.18
N THR B 75 7.10 -10.42 27.23
CA THR B 75 6.86 -10.70 25.80
C THR B 75 8.12 -11.22 25.15
N THR B 76 8.30 -12.54 25.20
CA THR B 76 9.50 -13.16 24.73
C THR B 76 9.30 -13.80 23.40
N PHE B 77 10.31 -13.70 22.56
CA PHE B 77 10.33 -14.39 21.29
C PHE B 77 11.40 -15.47 21.39
N ASN B 78 11.03 -16.68 21.02
CA ASN B 78 12.03 -17.69 20.72
C ASN B 78 12.24 -17.60 19.24
N GLY B 79 13.25 -16.78 18.92
CA GLY B 79 13.38 -16.22 17.60
C GLY B 79 13.99 -14.85 17.67
N ASP B 80 13.75 -14.05 16.62
CA ASP B 80 14.60 -12.93 16.31
C ASP B 80 13.78 -11.73 15.84
N VAL B 81 14.38 -10.57 16.06
CA VAL B 81 13.95 -9.33 15.41
C VAL B 81 15.15 -8.86 14.60
N THR B 82 15.10 -9.07 13.28
CA THR B 82 16.27 -9.00 12.41
C THR B 82 16.19 -7.75 11.54
N VAL B 83 17.33 -7.09 11.39
CA VAL B 83 17.60 -6.17 10.28
C VAL B 83 18.95 -6.54 9.66
N ASP B 84 18.97 -6.74 8.36
CA ASP B 84 20.20 -7.00 7.61
C ASP B 84 20.05 -6.17 6.30
N ALA B 85 20.94 -6.37 5.36
CA ALA B 85 21.09 -5.40 4.26
C ALA B 85 20.95 -6.05 2.86
N GLY B 86 20.21 -7.13 2.78
CA GLY B 86 20.06 -7.82 1.51
C GLY B 86 19.70 -6.90 0.36
N TRP B 87 18.72 -6.00 0.59
CA TRP B 87 18.15 -5.19 -0.48
C TRP B 87 19.14 -4.17 -1.06
N PHE B 88 20.22 -3.87 -0.33
CA PHE B 88 21.23 -2.89 -0.74
C PHE B 88 22.58 -3.59 -0.70
N ASP B 89 22.57 -4.87 -1.13
CA ASP B 89 23.81 -5.61 -1.38
C ASP B 89 24.79 -5.55 -0.21
N GLY B 90 24.28 -5.86 0.97
CA GLY B 90 25.09 -5.90 2.17
C GLY B 90 25.54 -4.56 2.67
N ASN B 91 25.13 -3.48 1.99
CA ASN B 91 25.39 -2.11 2.44
C ASN B 91 24.27 -1.73 3.42
N ALA B 92 24.59 -1.49 4.69
CA ALA B 92 23.58 -1.19 5.71
C ALA B 92 23.39 0.31 5.93
N THR B 93 24.08 1.15 5.15
CA THR B 93 24.06 2.59 5.44
C THR B 93 22.77 3.34 5.05
N GLN B 94 21.78 2.65 4.51
CA GLN B 94 20.48 3.26 4.36
C GLN B 94 19.38 2.55 5.16
N ASN B 95 19.75 1.79 6.19
CA ASN B 95 18.74 1.11 7.02
C ASN B 95 18.19 2.01 8.11
N PHE B 96 17.28 2.89 7.68
CA PHE B 96 16.76 3.94 8.53
C PHE B 96 15.32 3.68 8.97
N TRP B 97 14.88 4.45 9.97
CA TRP B 97 13.44 4.69 10.27
C TRP B 97 12.67 3.41 10.65
N ARG B 98 13.13 2.78 11.71
CA ARG B 98 12.45 1.58 12.20
C ARG B 98 12.78 1.44 13.68
N SER B 99 12.15 0.55 14.43
CA SER B 99 12.41 0.51 15.86
C SER B 99 12.01 -0.83 16.46
N ALA B 100 12.65 -1.15 17.58
CA ALA B 100 12.30 -2.32 18.40
C ALA B 100 12.24 -1.91 19.84
N GLU B 101 11.18 -2.33 20.55
CA GLU B 101 11.00 -1.93 21.94
C GLU B 101 10.28 -2.96 22.81
N ASN B 102 10.73 -3.12 24.04
CA ASN B 102 9.95 -3.84 25.06
C ASN B 102 9.64 -5.30 24.74
N LEU B 103 10.70 -5.99 24.31
CA LEU B 103 10.68 -7.43 23.99
C LEU B 103 11.90 -8.14 24.60
N ALA B 104 11.71 -9.44 24.90
CA ALA B 104 12.83 -10.33 25.14
C ALA B 104 13.03 -11.22 23.90
N LEU B 105 14.28 -11.41 23.52
CA LEU B 105 14.65 -12.25 22.39
C LEU B 105 15.58 -13.38 22.82
N ASN B 106 15.24 -14.58 22.36
CA ASN B 106 16.05 -15.78 22.54
C ASN B 106 16.44 -16.17 21.12
N PRO B 107 17.50 -15.54 20.61
CA PRO B 107 17.72 -15.66 19.16
C PRO B 107 18.20 -17.05 18.75
N VAL B 108 17.72 -17.45 17.60
CA VAL B 108 17.91 -18.79 17.09
C VAL B 108 19.35 -19.30 17.17
N ASN B 109 20.28 -18.59 16.56
CA ASN B 109 21.67 -19.05 16.51
C ASN B 109 22.48 -18.54 17.70
N GLY B 110 21.79 -17.96 18.67
CA GLY B 110 22.44 -17.42 19.86
C GLY B 110 22.71 -15.91 19.79
N THR B 111 22.53 -15.34 18.60
CA THR B 111 22.86 -13.93 18.33
C THR B 111 21.81 -13.31 17.44
N ASN B 112 21.28 -12.17 17.87
CA ASN B 112 20.29 -11.43 17.10
C ASN B 112 21.01 -10.35 16.27
N ARG B 113 20.56 -10.16 15.04
CA ARG B 113 21.19 -9.17 14.13
C ARG B 113 20.26 -7.90 13.98
N TRP B 114 20.75 -6.72 14.40
CA TRP B 114 20.08 -5.42 14.20
C TRP B 114 21.12 -4.54 13.48
N ALA B 115 21.27 -4.76 12.18
CA ALA B 115 22.28 -4.09 11.39
C ALA B 115 21.67 -2.83 10.80
N VAL B 116 21.54 -1.84 11.65
CA VAL B 116 20.82 -0.61 11.32
C VAL B 116 21.76 0.59 11.16
N SER B 117 21.27 1.66 10.54
CA SER B 117 21.98 2.94 10.55
C SER B 117 21.14 3.91 11.35
N GLN B 118 20.99 5.16 10.91
CA GLN B 118 20.39 6.17 11.78
C GLN B 118 18.88 6.00 11.91
N ALA B 119 18.36 6.54 13.02
CA ALA B 119 16.92 6.54 13.35
C ALA B 119 16.33 5.14 13.40
N ALA B 120 17.03 4.25 14.11
CA ALA B 120 16.59 2.85 14.26
C ALA B 120 16.74 2.38 15.70
N PRO B 121 16.04 3.07 16.61
CA PRO B 121 16.30 2.84 18.04
C PRO B 121 15.98 1.40 18.54
N PHE B 122 16.75 0.96 19.53
CA PHE B 122 16.61 -0.37 20.17
C PHE B 122 16.48 -0.05 21.66
N ARG B 123 15.24 -0.11 22.16
CA ARG B 123 14.95 0.33 23.53
C ARG B 123 14.27 -0.72 24.38
N ARG B 124 14.61 -0.75 25.65
CA ARG B 124 13.90 -1.60 26.57
C ARG B 124 13.85 -3.03 26.11
N MET B 125 14.97 -3.51 25.59
CA MET B 125 15.08 -4.85 25.04
C MET B 125 15.89 -5.72 26.00
N HIS B 126 15.52 -6.98 26.04
CA HIS B 126 16.34 -8.02 26.68
C HIS B 126 16.74 -9.06 25.64
N VAL B 127 18.02 -9.09 25.30
CA VAL B 127 18.57 -10.11 24.41
C VAL B 127 19.31 -11.19 25.17
N LYS B 128 18.78 -12.41 25.12
CA LYS B 128 19.31 -13.51 25.94
C LYS B 128 20.42 -14.27 25.17
N GLY B 129 21.23 -13.49 24.44
CA GLY B 129 22.44 -13.97 23.79
C GLY B 129 23.20 -12.72 23.36
N GLY B 130 23.86 -12.81 22.23
CA GLY B 130 24.60 -11.72 21.70
C GLY B 130 23.79 -10.89 20.73
N LEU B 131 24.43 -9.78 20.28
CA LEU B 131 23.83 -8.83 19.36
C LEU B 131 24.90 -8.49 18.32
N ASN B 132 24.54 -8.74 17.09
CA ASN B 132 25.35 -8.43 15.94
C ASN B 132 24.75 -7.17 15.30
N LEU B 133 25.55 -6.11 15.27
CA LEU B 133 25.13 -4.82 14.71
C LEU B 133 25.53 -4.67 13.25
N ALA B 134 26.12 -5.71 12.67
CA ALA B 134 26.64 -5.62 11.30
C ALA B 134 25.78 -6.45 10.34
N PRO B 135 25.71 -6.02 9.08
CA PRO B 135 25.03 -6.87 8.12
C PRO B 135 25.89 -8.10 7.86
N ASP B 136 25.27 -9.19 7.43
CA ASP B 136 26.02 -10.37 7.05
C ASP B 136 26.92 -9.98 5.89
N GLY B 137 28.21 -10.31 5.99
CA GLY B 137 29.22 -9.82 5.05
C GLY B 137 30.07 -8.68 5.59
N TYR B 138 29.64 -8.08 6.72
CA TYR B 138 30.37 -7.03 7.44
C TYR B 138 30.72 -5.79 6.57
N GLY B 139 29.92 -5.57 5.53
CA GLY B 139 29.96 -4.33 4.74
C GLY B 139 29.33 -3.14 5.48
N TRP B 140 29.48 -1.94 4.91
CA TRP B 140 29.25 -0.69 5.62
C TRP B 140 27.99 -0.53 6.53
N ALA B 141 28.16 0.20 7.65
CA ALA B 141 27.05 0.51 8.53
C ALA B 141 27.33 1.78 9.35
N SER B 142 26.29 2.55 9.64
CA SER B 142 26.43 3.85 10.32
C SER B 142 25.31 4.12 11.36
N GLY B 143 25.30 3.30 12.39
CA GLY B 143 24.35 3.43 13.50
C GLY B 143 24.84 4.39 14.57
N GLY B 144 24.25 4.37 15.76
CA GLY B 144 23.14 3.58 16.17
C GLY B 144 22.85 3.94 17.61
N TYR B 145 21.82 3.33 18.18
CA TYR B 145 21.27 3.78 19.45
C TYR B 145 20.65 2.64 20.25
N ILE B 146 21.20 2.35 21.41
CA ILE B 146 20.60 1.36 22.32
C ILE B 146 20.42 2.05 23.65
N ALA B 147 19.23 1.92 24.22
CA ALA B 147 18.97 2.43 25.56
C ALA B 147 18.11 1.47 26.37
N ASP B 148 18.34 1.50 27.68
CA ASP B 148 17.56 0.78 28.68
C ASP B 148 17.39 -0.69 28.31
N SER B 149 18.47 -1.29 27.83
CA SER B 149 18.46 -2.69 27.37
C SER B 149 19.45 -3.56 28.15
N LYS B 150 19.20 -4.85 28.14
CA LYS B 150 20.12 -5.84 28.73
C LYS B 150 20.47 -6.83 27.61
N ILE B 151 21.76 -6.84 27.24
CA ILE B 151 22.29 -7.85 26.33
C ILE B 151 23.06 -8.83 27.23
N ASP B 152 22.49 -10.03 27.42
CA ASP B 152 23.10 -11.02 28.29
C ASP B 152 24.44 -11.45 27.72
N GLY B 153 24.46 -11.58 26.40
CA GLY B 153 25.65 -11.90 25.66
C GLY B 153 26.51 -10.73 25.21
N GLU B 154 27.10 -10.86 24.04
CA GLU B 154 28.08 -9.86 23.58
C GLU B 154 27.53 -9.03 22.40
N VAL B 155 27.72 -7.72 22.47
CA VAL B 155 27.43 -6.83 21.34
C VAL B 155 28.66 -6.75 20.46
N GLY B 156 28.48 -7.06 19.19
CA GLY B 156 29.56 -6.97 18.22
C GLY B 156 29.20 -5.96 17.12
N PRO B 157 29.90 -4.83 17.09
CA PRO B 157 29.57 -3.84 16.05
C PRO B 157 30.23 -4.17 14.71
N TYR B 158 31.36 -4.89 14.76
CA TYR B 158 32.18 -5.17 13.59
C TYR B 158 32.45 -3.88 12.75
N SER B 159 31.79 -3.76 11.60
CA SER B 159 31.90 -2.61 10.70
C SER B 159 31.19 -1.33 11.13
N GLN B 160 30.33 -1.36 12.13
CA GLN B 160 29.65 -0.10 12.57
C GLN B 160 30.65 1.01 12.85
N GLN B 161 30.47 2.17 12.22
CA GLN B 161 31.44 3.25 12.38
C GLN B 161 31.46 3.76 13.80
N GLN B 162 30.26 3.92 14.34
CA GLN B 162 30.08 4.55 15.64
C GLN B 162 28.79 4.02 16.25
N TRP B 163 28.59 4.30 17.55
CA TRP B 163 27.42 3.82 18.27
C TRP B 163 27.27 4.52 19.62
N TYR B 164 26.02 4.66 20.08
CA TYR B 164 25.77 5.20 21.41
C TYR B 164 24.88 4.24 22.19
N THR B 165 25.35 3.87 23.37
CA THR B 165 24.58 3.02 24.27
C THR B 165 24.44 3.75 25.58
N ARG B 166 23.20 3.80 26.08
CA ARG B 166 23.00 4.35 27.45
C ARG B 166 22.13 3.51 28.35
N ASP B 167 22.47 3.58 29.64
CA ASP B 167 21.62 3.08 30.71
C ASP B 167 21.11 1.68 30.45
N SER B 168 22.10 0.81 30.28
CA SER B 168 21.92 -0.55 29.82
C SER B 168 22.92 -1.46 30.53
N SER B 169 22.85 -2.73 30.19
CA SER B 169 23.84 -3.70 30.64
C SER B 169 24.21 -4.63 29.48
N VAL B 170 25.51 -4.82 29.29
CA VAL B 170 26.01 -5.73 28.26
C VAL B 170 26.95 -6.74 28.92
N GLY B 171 26.88 -7.99 28.49
CA GLY B 171 27.76 -9.02 29.03
C GLY B 171 29.10 -9.00 28.28
N GLY B 172 29.27 -8.07 27.35
CA GLY B 172 30.52 -7.91 26.60
C GLY B 172 30.40 -6.92 25.47
N TRP B 173 31.52 -6.32 25.09
CA TRP B 173 31.53 -5.42 23.94
C TRP B 173 32.76 -5.70 23.08
N GLY B 174 32.53 -6.00 21.81
CA GLY B 174 33.54 -6.57 20.95
C GLY B 174 34.60 -5.65 20.34
N ASN B 175 34.21 -4.50 19.78
CA ASN B 175 35.18 -3.65 19.09
C ASN B 175 34.66 -2.25 18.84
N GLY B 176 35.61 -1.33 18.68
CA GLY B 176 35.30 0.06 18.40
C GLY B 176 35.99 0.50 17.12
N VAL B 177 35.25 1.13 16.22
CA VAL B 177 35.75 1.51 14.90
C VAL B 177 36.23 2.98 14.87
N TRP B 178 35.30 3.95 14.79
CA TRP B 178 35.63 5.37 14.98
C TRP B 178 35.20 6.02 16.31
N ASN B 179 34.00 5.68 16.81
CA ASN B 179 33.45 6.35 18.00
C ASN B 179 32.34 5.56 18.67
N MET B 180 32.70 4.77 19.69
CA MET B 180 31.72 4.02 20.46
C MET B 180 31.67 4.72 21.81
N THR B 181 30.51 5.29 22.12
CA THR B 181 30.26 6.04 23.36
C THR B 181 29.24 5.31 24.25
N PHE B 182 29.48 5.33 25.55
CA PHE B 182 28.63 4.65 26.52
C PHE B 182 28.38 5.64 27.66
N SER B 183 27.13 5.72 28.15
CA SER B 183 26.85 6.42 29.39
C SER B 183 25.93 5.57 30.25
N GLY B 184 26.36 5.29 31.46
CA GLY B 184 25.58 4.44 32.34
C GLY B 184 25.43 3.01 31.93
N VAL B 185 26.45 2.46 31.29
CA VAL B 185 26.36 1.11 30.77
C VAL B 185 27.17 0.14 31.63
N GLU B 186 26.46 -0.76 32.31
CA GLU B 186 27.14 -1.81 33.05
C GLU B 186 27.77 -2.77 32.06
N GLY B 187 29.09 -2.98 32.17
CA GLY B 187 29.78 -3.90 31.29
C GLY B 187 30.42 -3.21 30.10
N ALA B 188 30.27 -1.89 30.00
CA ALA B 188 30.95 -1.13 28.94
C ALA B 188 32.46 -1.31 29.06
N PRO B 189 33.17 -1.26 27.92
CA PRO B 189 34.63 -1.23 28.16
C PRO B 189 35.08 0.11 28.79
N ALA B 190 36.23 0.07 29.43
CA ALA B 190 36.74 1.23 30.14
C ALA B 190 37.03 2.37 29.17
N GLN B 191 37.07 3.61 29.67
CA GLN B 191 37.51 4.75 28.84
C GLN B 191 38.87 4.43 28.21
N SER B 192 38.95 4.49 26.87
CA SER B 192 40.15 4.03 26.15
C SER B 192 40.66 5.09 25.15
N PHE B 193 39.82 6.08 24.80
CA PHE B 193 40.04 6.89 23.58
C PHE B 193 41.46 7.46 23.54
N PRO B 194 42.17 7.25 22.43
CA PRO B 194 41.77 6.77 21.09
C PRO B 194 41.85 5.26 20.77
N GLU B 195 42.44 4.42 21.61
CA GLU B 195 42.54 2.98 21.21
C GLU B 195 42.18 1.90 22.25
N PRO B 196 41.12 1.09 21.94
CA PRO B 196 40.06 1.33 20.95
C PRO B 196 39.36 2.67 21.18
N PRO B 197 38.54 3.15 20.23
CA PRO B 197 38.04 4.52 20.51
C PRO B 197 36.71 4.48 21.29
N TYR B 198 36.87 4.23 22.59
CA TYR B 198 35.78 4.06 23.53
C TYR B 198 35.70 5.27 24.44
N THR B 199 34.53 5.91 24.41
CA THR B 199 34.23 7.05 25.27
C THR B 199 33.24 6.55 26.28
N THR B 200 33.68 6.48 27.54
CA THR B 200 32.91 5.75 28.54
C THR B 200 32.71 6.62 29.76
N LEU B 201 31.43 6.85 30.07
CA LEU B 201 30.97 7.68 31.17
C LEU B 201 30.22 6.82 32.15
N GLU B 202 30.58 6.98 33.42
CA GLU B 202 29.93 6.31 34.54
C GLU B 202 28.42 6.35 34.45
N THR B 203 27.85 7.52 34.29
CA THR B 203 26.42 7.71 34.42
C THR B 203 25.94 8.64 33.32
N THR B 204 24.63 8.58 33.05
CA THR B 204 23.99 9.61 32.23
C THR B 204 23.49 10.69 33.17
N PRO B 205 23.83 11.96 32.89
CA PRO B 205 23.52 13.01 33.87
C PRO B 205 22.04 13.12 34.23
N VAL B 206 21.18 13.06 33.24
CA VAL B 206 19.77 12.78 33.51
C VAL B 206 19.25 12.00 32.32
N SER B 207 18.31 11.13 32.58
CA SER B 207 17.58 10.47 31.49
C SER B 207 16.19 10.19 31.96
N ARG B 208 15.32 9.95 31.01
CA ARG B 208 13.93 9.63 31.31
C ARG B 208 13.46 8.75 30.20
N GLU B 209 13.09 7.52 30.54
CA GLU B 209 12.83 6.56 29.49
C GLU B 209 11.61 6.87 28.66
N LYS B 210 11.63 6.37 27.43
CA LYS B 210 10.57 6.71 26.46
C LYS B 210 9.22 6.13 26.88
N PRO B 211 8.16 6.95 26.86
CA PRO B 211 6.81 6.44 27.12
C PRO B 211 6.41 5.39 26.10
N PHE B 212 5.65 4.34 26.47
CA PHE B 212 5.28 3.31 25.52
C PHE B 212 3.89 2.72 25.83
N LEU B 213 3.21 2.26 24.79
CA LEU B 213 1.93 1.60 24.94
C LEU B 213 2.14 0.20 25.51
N TYR B 214 1.21 -0.21 26.36
CA TYR B 214 1.23 -1.59 26.84
C TYR B 214 -0.18 -2.05 27.12
N LEU B 215 -0.32 -3.23 27.71
CA LEU B 215 -1.64 -3.70 28.12
C LEU B 215 -1.71 -4.12 29.60
N ASP B 216 -2.92 -3.98 30.14
CA ASP B 216 -3.21 -4.35 31.53
C ASP B 216 -4.62 -4.92 31.61
N GLY B 217 -4.74 -6.25 31.73
CA GLY B 217 -6.05 -6.85 31.97
C GLY B 217 -7.17 -6.43 31.00
N ASP B 218 -6.75 -6.46 29.73
CA ASP B 218 -7.45 -6.07 28.49
C ASP B 218 -7.46 -4.57 28.10
N ASP B 219 -6.93 -3.72 28.98
CA ASP B 219 -6.93 -2.25 28.81
C ASP B 219 -5.62 -1.61 28.31
N TYR B 220 -5.60 -1.06 27.09
CA TYR B 220 -4.39 -0.34 26.65
C TYR B 220 -4.12 0.88 27.52
N LYS B 221 -2.84 1.10 27.78
CA LYS B 221 -2.37 2.29 28.48
C LYS B 221 -1.01 2.71 27.97
N VAL B 222 -0.57 3.87 28.40
CA VAL B 222 0.78 4.37 28.12
C VAL B 222 1.54 4.53 29.44
N PHE B 223 2.64 3.80 29.57
CA PHE B 223 3.53 3.98 30.68
C PHE B 223 4.42 5.17 30.47
N VAL B 224 4.56 5.98 31.52
CA VAL B 224 5.37 7.18 31.45
C VAL B 224 6.43 7.02 32.53
N PRO B 225 7.63 6.57 32.14
CA PRO B 225 8.69 6.35 33.10
C PRO B 225 9.12 7.58 33.86
N ALA B 226 9.78 7.31 34.97
CA ALA B 226 10.24 8.31 35.89
C ALA B 226 11.65 8.76 35.55
N LYS B 227 11.91 10.02 35.86
CA LYS B 227 13.16 10.64 35.47
C LYS B 227 14.21 10.18 36.45
N ARG B 228 15.39 9.87 35.94
CA ARG B 228 16.49 9.40 36.78
C ARG B 228 17.66 10.37 36.70
N THR B 229 18.15 10.82 37.85
CA THR B 229 19.47 11.43 37.89
C THR B 229 20.58 10.40 37.95
N ASN B 230 21.71 10.72 37.34
CA ASN B 230 22.89 9.86 37.35
C ASN B 230 22.61 8.36 37.11
N ALA B 231 21.92 8.12 36.00
CA ALA B 231 21.39 6.83 35.65
C ALA B 231 22.50 5.85 35.31
N ARG B 232 22.26 4.58 35.57
CA ARG B 232 23.22 3.54 35.23
C ARG B 232 22.59 2.17 35.38
N GLY B 233 22.48 1.46 34.27
CA GLY B 233 21.81 0.17 34.25
C GLY B 233 20.36 0.36 33.82
N THR B 234 19.59 -0.73 33.79
CA THR B 234 18.23 -0.62 33.25
C THR B 234 17.23 -0.13 34.32
N SER B 235 16.13 0.43 33.83
CA SER B 235 15.06 0.95 34.68
C SER B 235 14.10 -0.16 35.12
N TRP B 236 14.03 -1.20 34.31
CA TRP B 236 13.21 -2.38 34.56
C TRP B 236 13.97 -3.61 35.11
N GLY B 237 15.29 -3.62 35.20
CA GLY B 237 15.93 -4.70 35.95
C GLY B 237 15.43 -4.59 37.41
N ASN B 238 15.24 -5.69 38.13
CA ASN B 238 14.99 -5.68 39.60
C ASN B 238 13.55 -5.42 40.15
N GLY B 239 12.49 -6.02 39.62
CA GLY B 239 11.23 -6.09 40.36
C GLY B 239 10.42 -4.81 40.55
N THR B 240 10.84 -3.74 39.86
CA THR B 240 9.96 -2.68 39.24
C THR B 240 10.55 -1.30 38.79
N PRO B 241 9.90 -0.67 37.78
CA PRO B 241 10.04 0.74 37.37
C PRO B 241 8.78 1.58 37.70
N GLU B 242 8.99 2.66 38.43
CA GLU B 242 7.89 3.52 38.72
C GLU B 242 7.73 4.55 37.62
N GLY B 243 6.70 5.35 37.80
CA GLY B 243 6.24 6.27 36.77
C GLY B 243 4.81 5.86 36.57
N GLU B 244 4.04 6.72 35.92
CA GLU B 244 2.58 6.64 35.99
C GLU B 244 2.11 5.98 34.74
N SER B 245 0.86 5.52 34.80
CA SER B 245 0.22 4.85 33.66
C SER B 245 -1.03 5.62 33.31
N LEU B 246 -1.16 5.90 32.01
CA LEU B 246 -2.26 6.69 31.48
C LEU B 246 -3.17 5.81 30.63
N PRO B 247 -4.49 5.75 30.98
CA PRO B 247 -5.38 4.95 30.16
C PRO B 247 -5.55 5.54 28.77
N LEU B 248 -5.83 4.69 27.80
CA LEU B 248 -5.97 5.13 26.41
C LEU B 248 -7.04 6.22 26.20
N ASP B 249 -8.11 6.21 27.01
CA ASP B 249 -9.19 7.20 26.82
C ASP B 249 -8.73 8.62 27.19
N GLN B 250 -7.56 8.68 27.81
CA GLN B 250 -6.83 9.88 28.20
C GLN B 250 -6.09 10.47 26.96
N PHE B 251 -6.12 9.76 25.83
CA PHE B 251 -5.45 10.20 24.58
C PHE B 251 -6.41 10.48 23.43
N TYR B 252 -6.14 11.51 22.65
CA TYR B 252 -6.76 11.63 21.33
C TYR B 252 -5.99 10.72 20.39
N VAL B 253 -6.67 9.74 19.83
CA VAL B 253 -6.07 8.86 18.82
C VAL B 253 -6.16 9.59 17.50
N VAL B 254 -4.99 9.99 17.01
CA VAL B 254 -4.85 10.72 15.76
C VAL B 254 -4.78 9.72 14.62
N LYS B 255 -5.70 9.86 13.69
CA LYS B 255 -5.71 9.06 12.47
C LYS B 255 -5.71 10.02 11.28
N PRO B 256 -5.20 9.55 10.10
CA PRO B 256 -5.31 10.36 8.87
C PRO B 256 -6.70 10.90 8.72
N GLY B 257 -6.80 12.20 8.41
CA GLY B 257 -8.07 12.93 8.47
C GLY B 257 -8.22 13.78 9.76
N ALA B 258 -7.43 13.49 10.78
CA ALA B 258 -7.26 14.53 11.80
C ALA B 258 -6.66 15.73 11.07
N THR B 259 -6.85 16.92 11.64
CA THR B 259 -6.19 18.16 11.23
C THR B 259 -5.51 18.82 12.42
N ALA B 260 -4.65 19.83 12.16
CA ALA B 260 -4.05 20.62 13.20
C ALA B 260 -5.13 21.26 14.00
N GLU B 261 -6.22 21.64 13.35
CA GLU B 261 -7.33 22.14 14.12
C GLU B 261 -7.83 21.11 15.14
N THR B 262 -7.98 19.84 14.78
CA THR B 262 -8.56 18.96 15.82
C THR B 262 -7.50 18.48 16.84
N ILE B 263 -6.28 18.24 16.38
CA ILE B 263 -5.17 17.87 17.28
C ILE B 263 -5.01 18.93 18.34
N ASN B 264 -4.86 20.17 17.93
CA ASN B 264 -4.67 21.24 18.93
C ASN B 264 -5.84 21.44 19.90
N ALA B 265 -7.04 21.16 19.41
CA ALA B 265 -8.22 21.23 20.25
C ALA B 265 -8.24 20.07 21.24
N ALA B 266 -7.58 18.98 20.92
CA ALA B 266 -7.54 17.84 21.83
C ALA B 266 -6.67 18.23 23.01
N VAL B 267 -5.51 18.82 22.71
CA VAL B 267 -4.62 19.27 23.77
C VAL B 267 -5.27 20.40 24.53
N ASP B 268 -5.94 21.31 23.80
CA ASP B 268 -6.69 22.45 24.41
C ASP B 268 -7.54 21.95 25.57
N GLN B 269 -8.10 20.75 25.34
CA GLN B 269 -9.20 20.15 26.11
C GLN B 269 -8.80 18.97 27.06
N GLY B 270 -7.51 18.83 27.34
CA GLY B 270 -7.14 17.82 28.31
C GLY B 270 -6.57 16.50 27.80
N LEU B 271 -6.53 16.28 26.50
CA LEU B 271 -6.04 14.98 26.02
C LEU B 271 -4.57 14.98 25.64
N HIS B 272 -3.96 13.84 25.88
CA HIS B 272 -2.68 13.53 25.28
C HIS B 272 -2.89 13.12 23.82
N LEU B 273 -1.80 12.89 23.11
CA LEU B 273 -1.86 12.59 21.67
C LEU B 273 -1.15 11.27 21.39
N LEU B 274 -1.85 10.36 20.74
CA LEU B 274 -1.24 9.13 20.22
C LEU B 274 -1.42 9.15 18.72
N PHE B 275 -0.32 9.29 18.00
CA PHE B 275 -0.37 9.30 16.55
C PHE B 275 -0.31 7.88 16.01
N THR B 276 -1.36 7.43 15.35
CA THR B 276 -1.28 6.11 14.75
C THR B 276 -0.31 6.16 13.58
N PRO B 277 0.05 4.98 13.03
CA PRO B 277 1.02 5.04 11.93
C PRO B 277 0.40 5.57 10.67
N GLY B 278 0.98 6.67 10.19
CA GLY B 278 0.50 7.31 9.00
C GLY B 278 1.28 8.58 8.74
N VAL B 279 0.84 9.31 7.72
CA VAL B 279 1.47 10.54 7.27
C VAL B 279 0.41 11.61 7.35
N TYR B 280 0.69 12.62 8.17
CA TYR B 280 -0.25 13.69 8.54
C TYR B 280 0.20 15.07 8.00
N HIS B 281 -0.48 15.58 6.97
CA HIS B 281 -0.26 16.98 6.54
C HIS B 281 -1.07 17.90 7.45
N VAL B 282 -0.42 18.93 8.00
CA VAL B 282 -1.11 19.97 8.75
C VAL B 282 -0.82 21.33 8.06
N ASP B 283 -1.75 22.29 8.15
CA ASP B 283 -1.52 23.65 7.62
C ASP B 283 -1.48 24.77 8.67
N GLN B 284 -1.41 24.36 9.93
CA GLN B 284 -1.02 25.16 11.07
C GLN B 284 -0.17 24.29 11.97
N PRO B 285 0.71 24.89 12.78
CA PRO B 285 1.51 24.10 13.72
C PRO B 285 0.71 23.32 14.79
N ILE B 286 1.16 22.11 15.10
CA ILE B 286 0.69 21.37 16.25
C ILE B 286 1.31 21.97 17.49
N GLU B 287 0.41 22.57 18.29
CA GLU B 287 0.78 23.37 19.46
C GLU B 287 0.52 22.58 20.75
N ILE B 288 1.55 22.47 21.59
CA ILE B 288 1.41 21.80 22.87
C ILE B 288 1.80 22.82 23.96
N ASP B 289 0.77 23.35 24.64
CA ASP B 289 0.89 24.43 25.65
C ASP B 289 0.29 23.98 26.99
N ARG B 290 0.35 22.69 27.23
CA ARG B 290 -0.26 22.08 28.41
C ARG B 290 0.76 21.17 29.12
N ALA B 291 1.02 21.44 30.39
CA ALA B 291 2.10 20.76 31.06
C ALA B 291 1.85 19.23 31.11
N ASN B 292 2.93 18.47 31.01
CA ASN B 292 2.85 17.00 31.14
C ASN B 292 2.15 16.25 30.00
N THR B 293 1.95 16.92 28.89
CA THR B 293 1.37 16.27 27.72
C THR B 293 2.35 15.30 27.09
N VAL B 294 1.89 14.07 26.91
CA VAL B 294 2.56 13.08 26.03
C VAL B 294 2.06 13.16 24.58
N ALA B 295 3.00 13.19 23.64
CA ALA B 295 2.71 13.07 22.21
C ALA B 295 3.54 11.93 21.69
N LEU B 296 2.91 10.77 21.60
CA LEU B 296 3.62 9.51 21.30
C LEU B 296 3.25 9.06 19.88
N GLY B 297 4.26 8.82 19.03
CA GLY B 297 4.06 8.26 17.71
C GLY B 297 4.25 6.76 17.67
N LEU B 298 3.40 6.10 16.90
CA LEU B 298 3.50 4.69 16.57
C LEU B 298 3.95 4.47 15.13
N GLY B 299 4.76 3.45 14.88
CA GLY B 299 5.06 3.03 13.52
C GLY B 299 5.58 4.17 12.64
N LEU B 300 6.41 5.04 13.21
CA LEU B 300 7.08 6.12 12.46
C LEU B 300 6.07 7.10 11.85
N ALA B 301 5.00 7.32 12.61
CA ALA B 301 4.07 8.42 12.37
C ALA B 301 4.82 9.68 11.97
N THR B 302 4.36 10.31 10.89
CA THR B 302 5.08 11.41 10.25
C THR B 302 4.20 12.63 10.11
N ILE B 303 4.74 13.82 10.41
CA ILE B 303 4.03 15.07 10.27
C ILE B 303 4.70 15.85 9.16
N ILE B 304 3.93 16.30 8.18
CA ILE B 304 4.42 17.19 7.14
C ILE B 304 3.75 18.56 7.26
N PRO B 305 4.55 19.61 7.51
CA PRO B 305 4.04 20.99 7.54
C PRO B 305 3.87 21.58 6.15
N ASP B 306 2.63 21.97 5.81
CA ASP B 306 2.33 22.62 4.54
C ASP B 306 2.43 24.12 4.63
N ASN B 307 2.54 24.76 3.46
CA ASN B 307 2.40 26.21 3.36
C ASN B 307 3.47 26.96 4.19
N GLY B 308 4.59 26.28 4.40
CA GLY B 308 5.72 26.86 5.11
C GLY B 308 5.59 26.99 6.61
N VAL B 309 4.58 26.34 7.19
CA VAL B 309 4.38 26.48 8.63
C VAL B 309 5.35 25.60 9.43
N THR B 310 5.46 25.91 10.71
CA THR B 310 6.16 25.07 11.67
C THR B 310 5.28 23.86 11.99
N ALA B 311 5.86 22.66 12.06
CA ALA B 311 5.07 21.46 12.32
C ALA B 311 4.69 21.33 13.79
N LEU B 312 5.62 21.65 14.69
CA LEU B 312 5.39 21.37 16.09
C LEU B 312 5.99 22.45 16.98
N LYS B 313 5.16 22.97 17.87
CA LYS B 313 5.60 23.95 18.87
C LYS B 313 5.19 23.48 20.25
N VAL B 314 6.15 23.44 21.15
CA VAL B 314 5.86 23.16 22.55
C VAL B 314 5.94 24.47 23.31
N GLY B 315 4.99 24.68 24.23
CA GLY B 315 4.95 25.88 25.05
C GLY B 315 5.98 25.86 26.16
N ASP B 316 6.00 26.91 26.99
CA ASP B 316 7.02 27.10 28.03
C ASP B 316 6.69 26.35 29.32
N VAL B 317 6.15 25.14 29.16
CA VAL B 317 5.57 24.37 30.25
C VAL B 317 6.46 23.17 30.60
N ASP B 318 6.25 22.62 31.79
CA ASP B 318 6.97 21.45 32.26
C ASP B 318 6.47 20.16 31.59
N GLY B 319 7.36 19.17 31.45
CA GLY B 319 6.95 17.79 31.37
C GLY B 319 6.39 17.26 30.05
N VAL B 320 6.52 18.02 28.99
CA VAL B 320 6.00 17.59 27.71
C VAL B 320 6.94 16.49 27.19
N LYS B 321 6.35 15.42 26.71
CA LYS B 321 7.11 14.27 26.23
C LYS B 321 6.71 13.93 24.80
N VAL B 322 7.60 14.28 23.89
CA VAL B 322 7.39 14.05 22.48
C VAL B 322 8.26 12.86 22.13
N ALA B 323 7.65 11.83 21.55
CA ALA B 323 8.42 10.64 21.23
C ALA B 323 7.88 9.91 20.00
N GLY B 324 8.79 9.46 19.14
CA GLY B 324 8.45 8.55 18.07
C GLY B 324 7.92 9.11 16.77
N LEU B 325 8.21 10.38 16.48
CA LEU B 325 7.67 11.08 15.30
C LEU B 325 8.75 11.43 14.30
N LEU B 326 8.42 11.33 13.01
CA LEU B 326 9.24 11.90 11.95
C LEU B 326 8.55 13.21 11.55
N VAL B 327 9.35 14.24 11.34
CA VAL B 327 8.84 15.51 10.81
C VAL B 327 9.55 15.68 9.47
N ASP B 328 8.77 15.70 8.39
CA ASP B 328 9.30 15.67 7.03
C ASP B 328 8.94 17.02 6.39
N ALA B 329 9.94 17.79 5.99
CA ALA B 329 9.66 19.09 5.39
C ALA B 329 8.79 19.01 4.14
N GLY B 330 7.95 20.02 3.97
CA GLY B 330 7.21 20.22 2.73
C GLY B 330 8.07 21.00 1.74
N PRO B 331 7.65 21.04 0.48
CA PRO B 331 8.43 21.75 -0.56
C PRO B 331 8.51 23.26 -0.35
N VAL B 332 7.50 23.83 0.28
CA VAL B 332 7.55 25.25 0.67
C VAL B 332 8.43 25.40 1.91
N ASN B 333 9.38 26.30 1.81
CA ASN B 333 10.29 26.58 2.94
C ASN B 333 9.61 26.83 4.25
N SER B 334 9.94 26.01 5.26
CA SER B 334 9.53 26.30 6.61
C SER B 334 10.63 27.03 7.36
N GLU B 335 10.24 28.12 7.95
CA GLU B 335 11.08 28.96 8.79
C GLU B 335 11.73 28.12 9.93
N THR B 336 10.90 27.35 10.60
CA THR B 336 11.37 26.29 11.50
C THR B 336 10.48 25.06 11.36
N LEU B 337 11.01 23.88 11.73
CA LEU B 337 10.16 22.69 11.74
C LEU B 337 9.66 22.27 13.14
N VAL B 338 10.53 22.36 14.14
CA VAL B 338 10.16 22.07 15.53
C VAL B 338 10.73 23.15 16.44
N GLU B 339 9.86 23.73 17.28
CA GLU B 339 10.29 24.67 18.32
C GLU B 339 9.92 24.19 19.71
N VAL B 340 10.87 24.24 20.63
CA VAL B 340 10.63 23.81 22.00
C VAL B 340 10.82 25.02 22.90
N GLY B 341 9.70 25.65 23.26
CA GLY B 341 9.71 26.85 24.06
C GLY B 341 9.72 28.13 23.26
N SER B 342 9.16 29.17 23.85
CA SER B 342 9.03 30.42 23.12
C SER B 342 10.39 31.07 22.83
N ASP B 343 10.49 31.86 21.75
CA ASP B 343 11.77 32.44 21.42
C ASP B 343 12.07 33.46 22.49
N GLY B 344 13.05 33.13 23.32
CA GLY B 344 13.40 33.91 24.49
C GLY B 344 12.71 33.37 25.74
N ALA B 345 13.04 32.13 26.11
CA ALA B 345 12.34 31.41 27.17
C ALA B 345 13.15 31.42 28.44
N SER B 346 12.55 31.97 29.49
CA SER B 346 13.20 32.32 30.74
C SER B 346 13.09 31.36 31.93
N GLY B 347 12.03 30.58 31.93
CA GLY B 347 11.72 29.77 33.09
C GLY B 347 12.63 28.59 33.25
N ASP B 348 12.43 27.82 34.31
CA ASP B 348 13.25 26.65 34.58
C ASP B 348 12.32 25.44 34.70
N HIS B 349 12.78 24.26 34.26
CA HIS B 349 11.96 23.04 34.21
C HIS B 349 12.81 21.85 34.75
N ALA B 350 13.57 22.09 35.82
CA ALA B 350 14.59 21.12 36.23
C ALA B 350 13.99 19.84 36.82
N ALA B 351 12.95 19.99 37.65
CA ALA B 351 12.30 18.84 38.28
C ALA B 351 11.60 17.94 37.21
N ASN B 352 10.94 18.57 36.26
CA ASN B 352 10.16 17.89 35.20
C ASN B 352 10.34 18.55 33.83
N PRO B 353 11.48 18.24 33.19
CA PRO B 353 11.77 18.80 31.86
C PRO B 353 10.86 18.31 30.75
N THR B 354 10.89 19.06 29.65
CA THR B 354 10.37 18.62 28.36
C THR B 354 11.41 17.80 27.66
N SER B 355 10.96 16.77 26.95
CA SER B 355 11.89 15.99 26.14
C SER B 355 11.38 15.70 24.72
N LEU B 356 12.35 15.45 23.84
CA LEU B 356 12.11 14.92 22.54
C LEU B 356 12.95 13.62 22.47
N GLN B 357 12.30 12.52 22.10
CA GLN B 357 12.94 11.21 22.03
C GLN B 357 12.51 10.50 20.76
N ASP B 358 13.47 9.98 20.02
CA ASP B 358 13.14 9.37 18.72
C ASP B 358 12.33 10.37 17.87
N VAL B 359 12.80 11.60 17.84
CA VAL B 359 12.28 12.62 16.94
C VAL B 359 13.28 12.71 15.80
N PHE B 360 12.77 12.44 14.62
CA PHE B 360 13.58 12.47 13.44
C PHE B 360 13.07 13.62 12.55
N VAL B 361 13.99 14.24 11.83
CA VAL B 361 13.65 15.27 10.84
C VAL B 361 14.28 14.92 9.53
N ARG B 362 13.50 15.05 8.46
CA ARG B 362 13.98 14.83 7.10
C ARG B 362 13.66 16.08 6.29
N ILE B 363 14.63 16.54 5.52
CA ILE B 363 14.43 17.62 4.58
C ILE B 363 14.80 17.10 3.20
N GLY B 364 13.80 16.80 2.38
CA GLY B 364 14.03 16.27 1.05
C GLY B 364 14.14 14.77 1.04
N GLY B 365 14.25 14.18 -0.15
CA GLY B 365 14.48 12.75 -0.27
C GLY B 365 13.25 11.99 -0.68
N ALA B 366 12.13 12.34 -0.05
CA ALA B 366 10.82 11.79 -0.43
C ALA B 366 10.04 12.85 -1.21
N GLY B 367 10.79 13.58 -2.04
CA GLY B 367 10.32 14.73 -2.75
C GLY B 367 10.97 15.98 -2.21
N PRO B 368 10.98 17.06 -3.01
CA PRO B 368 11.69 18.26 -2.58
C PRO B 368 11.14 18.80 -1.27
N GLY B 369 12.03 19.32 -0.44
CA GLY B 369 11.67 19.81 0.87
C GLY B 369 12.68 20.86 1.30
N LYS B 370 12.22 21.89 2.01
CA LYS B 370 13.08 22.95 2.55
C LYS B 370 12.71 23.46 3.93
N ALA B 371 13.72 23.79 4.71
CA ALA B 371 13.55 24.48 5.98
C ALA B 371 14.80 25.24 6.37
N THR B 372 14.64 26.41 6.99
CA THR B 372 15.81 27.21 7.32
C THR B 372 16.50 26.65 8.58
N THR B 373 15.74 26.44 9.66
CA THR B 373 16.22 25.78 10.88
C THR B 373 15.28 24.66 11.28
N SER B 374 15.83 23.47 11.53
CA SER B 374 14.95 22.32 11.75
C SER B 374 14.41 22.22 13.18
N ILE B 375 15.30 22.19 14.15
CA ILE B 375 14.85 22.22 15.56
C ILE B 375 15.48 23.38 16.35
N VAL B 376 14.62 24.18 16.98
CA VAL B 376 15.07 25.22 17.90
C VAL B 376 14.67 24.84 19.28
N VAL B 377 15.65 24.76 20.17
CA VAL B 377 15.36 24.49 21.56
C VAL B 377 15.64 25.69 22.44
N ASN B 378 14.55 26.38 22.83
CA ASN B 378 14.63 27.54 23.72
C ASN B 378 14.47 27.20 25.21
N SER B 379 13.66 26.21 25.53
CA SER B 379 13.34 25.90 26.92
C SER B 379 14.48 25.28 27.73
N ASN B 380 14.74 25.88 28.89
CA ASN B 380 15.76 25.39 29.80
C ASN B 380 15.44 23.97 30.27
N ASP B 381 16.49 23.19 30.46
CA ASP B 381 16.44 21.86 31.04
C ASP B 381 15.95 20.77 30.09
N THR B 382 15.67 21.16 28.87
CA THR B 382 15.17 20.22 27.85
C THR B 382 16.16 19.09 27.62
N ILE B 383 15.61 17.88 27.55
CA ILE B 383 16.39 16.70 27.18
C ILE B 383 16.09 16.26 25.74
N ILE B 384 17.16 16.07 24.97
CA ILE B 384 17.05 15.62 23.61
C ILE B 384 17.75 14.26 23.58
N ASP B 385 16.96 13.19 23.59
CA ASP B 385 17.46 11.82 23.79
C ASP B 385 17.14 11.00 22.55
N HIS B 386 18.09 10.97 21.64
CA HIS B 386 17.95 10.35 20.31
C HIS B 386 17.21 11.19 19.28
N THR B 387 17.98 11.97 18.55
CA THR B 387 17.46 12.57 17.31
C THR B 387 18.36 12.33 16.11
N TRP B 388 17.74 12.24 14.94
CA TRP B 388 18.42 12.32 13.65
C TRP B 388 17.76 13.43 12.86
N VAL B 389 18.56 14.46 12.56
CA VAL B 389 18.09 15.65 11.87
C VAL B 389 18.92 15.66 10.59
N TRP B 390 18.25 15.36 9.50
CA TRP B 390 18.90 14.89 8.27
C TRP B 390 18.39 15.66 7.06
N ARG B 391 19.29 16.42 6.46
CA ARG B 391 19.03 17.02 5.16
C ARG B 391 19.37 15.95 4.16
N ALA B 392 18.41 15.49 3.38
CA ALA B 392 18.64 14.31 2.57
C ALA B 392 19.84 14.45 1.62
N ASP B 393 20.67 13.42 1.53
CA ASP B 393 21.77 13.41 0.59
C ASP B 393 21.49 12.56 -0.64
N HIS B 394 20.35 11.88 -0.67
CA HIS B 394 19.98 11.01 -1.78
C HIS B 394 18.48 10.91 -1.77
N GLY B 395 17.94 10.19 -2.73
CA GLY B 395 16.49 10.09 -2.86
C GLY B 395 16.09 10.99 -3.98
N GLU B 396 14.89 11.56 -3.88
CA GLU B 396 14.24 12.25 -4.96
C GLU B 396 13.99 13.70 -4.43
N GLY B 397 14.33 14.68 -5.28
CA GLY B 397 14.25 16.06 -4.93
C GLY B 397 15.29 16.59 -3.97
N VAL B 398 16.55 16.28 -4.24
CA VAL B 398 17.64 16.81 -3.46
C VAL B 398 18.54 17.65 -4.37
N GLY B 399 19.25 18.60 -3.76
CA GLY B 399 20.11 19.52 -4.50
C GLY B 399 20.54 20.66 -3.63
N TRP B 400 21.64 21.30 -4.00
CA TRP B 400 22.26 22.32 -3.16
C TRP B 400 21.28 23.45 -2.94
N GLU B 401 20.41 23.67 -3.90
CA GLU B 401 19.31 24.62 -3.71
C GLU B 401 17.97 23.86 -3.53
N THR B 402 17.82 22.78 -4.26
CA THR B 402 16.55 22.04 -4.31
C THR B 402 15.98 21.62 -2.95
N ASN B 403 16.83 21.08 -2.09
CA ASN B 403 16.44 20.81 -0.71
C ASN B 403 17.36 21.52 0.27
N ARG B 404 17.65 22.79 -0.02
CA ARG B 404 18.47 23.57 0.89
C ARG B 404 17.87 23.59 2.31
N ALA B 405 18.79 23.51 3.26
CA ALA B 405 18.44 23.65 4.65
C ALA B 405 19.67 24.15 5.38
N ASP B 406 19.63 25.38 5.85
CA ASP B 406 20.89 25.97 6.33
C ASP B 406 21.32 25.44 7.67
N TYR B 407 20.35 25.29 8.57
CA TYR B 407 20.63 25.00 9.97
C TYR B 407 19.90 23.80 10.51
N GLY B 408 20.61 22.97 11.24
CA GLY B 408 20.00 21.76 11.78
C GLY B 408 19.32 22.01 13.11
N VAL B 409 20.14 22.00 14.14
CA VAL B 409 19.67 22.22 15.51
C VAL B 409 20.26 23.50 16.05
N HIS B 410 19.42 24.32 16.70
CA HIS B 410 19.87 25.53 17.37
C HIS B 410 19.40 25.46 18.82
N VAL B 411 20.35 25.35 19.73
CA VAL B 411 20.00 25.27 21.16
C VAL B 411 20.25 26.62 21.81
N LYS B 412 19.17 27.27 22.21
CA LYS B 412 19.21 28.62 22.83
C LYS B 412 19.00 28.59 24.34
N GLY B 413 18.44 27.50 24.86
CA GLY B 413 18.12 27.34 26.28
C GLY B 413 19.33 26.86 27.10
N ASP B 414 19.22 27.02 28.43
CA ASP B 414 20.24 26.60 29.39
C ASP B 414 20.00 25.20 29.97
N ASN B 415 21.07 24.56 30.41
CA ASN B 415 21.06 23.19 30.94
C ASN B 415 20.41 22.16 30.04
N VAL B 416 20.51 22.37 28.75
CA VAL B 416 19.99 21.40 27.79
C VAL B 416 20.95 20.23 27.64
N LEU B 417 20.38 19.03 27.55
CA LEU B 417 21.19 17.80 27.47
C LEU B 417 20.77 17.11 26.19
N ALA B 418 21.76 16.82 25.36
CA ALA B 418 21.57 15.93 24.22
C ALA B 418 22.31 14.62 24.46
N THR B 419 21.59 13.51 24.31
CA THR B 419 22.19 12.18 24.34
C THR B 419 21.86 11.54 22.98
N GLY B 420 22.88 11.04 22.28
CA GLY B 420 22.65 10.46 20.95
C GLY B 420 22.14 11.46 19.95
N LEU B 421 22.98 12.42 19.63
CA LEU B 421 22.66 13.48 18.66
C LEU B 421 23.27 13.15 17.30
N PHE B 422 22.43 12.95 16.28
CA PHE B 422 22.86 12.67 14.90
C PHE B 422 22.32 13.80 14.00
N VAL B 423 23.18 14.59 13.37
CA VAL B 423 22.72 15.71 12.55
C VAL B 423 23.60 15.81 11.32
N GLU B 424 23.01 15.80 10.14
CA GLU B 424 23.83 15.69 8.93
C GLU B 424 23.36 16.50 7.71
N HIS B 425 24.36 17.02 7.02
CA HIS B 425 24.30 17.53 5.65
C HIS B 425 23.76 18.95 5.44
N PHE B 426 23.67 19.75 6.51
CA PHE B 426 23.13 21.10 6.38
C PHE B 426 24.05 22.05 5.59
N ASN B 427 23.47 23.01 4.86
CA ASN B 427 24.26 23.95 4.09
C ASN B 427 25.19 24.79 4.93
N LYS B 428 24.77 25.10 6.15
CA LYS B 428 25.52 25.95 7.08
C LYS B 428 25.75 25.13 8.38
N TYR B 429 25.60 25.70 9.56
CA TYR B 429 25.92 24.96 10.79
C TYR B 429 24.92 23.87 11.11
N ASP B 430 25.38 22.64 11.26
CA ASP B 430 24.46 21.54 11.54
C ASP B 430 23.91 21.76 12.92
N VAL B 431 24.81 22.05 13.86
CA VAL B 431 24.46 22.28 15.25
C VAL B 431 25.09 23.57 15.72
N GLN B 432 24.23 24.41 16.31
CA GLN B 432 24.59 25.70 16.86
C GLN B 432 24.14 25.76 18.32
N TRP B 433 25.02 26.13 19.23
CA TRP B 433 24.70 26.09 20.66
C TRP B 433 25.08 27.38 21.34
N SER B 434 24.05 28.07 21.84
CA SER B 434 24.26 29.35 22.52
C SER B 434 23.71 29.54 23.91
N GLY B 435 22.96 28.57 24.42
CA GLY B 435 22.62 28.55 25.82
C GLY B 435 23.75 28.04 26.69
N GLU B 436 23.61 28.20 28.00
CA GLU B 436 24.62 27.79 28.96
C GLU B 436 24.43 26.42 29.53
N ASN B 437 25.58 25.92 29.96
CA ASN B 437 25.68 24.61 30.59
C ASN B 437 25.08 23.53 29.72
N GLY B 438 25.26 23.67 28.40
CA GLY B 438 24.88 22.59 27.50
C GLY B 438 25.81 21.39 27.63
N LYS B 439 25.25 20.19 27.46
CA LYS B 439 26.03 18.96 27.40
C LYS B 439 25.56 18.10 26.25
N THR B 440 26.52 17.55 25.49
CA THR B 440 26.22 16.54 24.46
C THR B 440 27.03 15.26 24.74
N ILE B 441 26.33 14.15 24.88
CA ILE B 441 26.93 12.83 24.97
C ILE B 441 26.60 12.09 23.68
N PHE B 442 27.65 11.92 22.88
CA PHE B 442 27.64 11.32 21.52
C PHE B 442 27.05 12.23 20.45
N TYR B 443 27.89 12.53 19.44
CA TYR B 443 27.49 13.29 18.24
C TYR B 443 28.05 12.61 17.00
N GLN B 444 27.17 12.40 16.01
CA GLN B 444 27.57 11.97 14.66
C GLN B 444 27.06 12.96 13.65
N ASN B 445 28.00 13.48 12.89
CA ASN B 445 27.72 14.40 11.77
C ASN B 445 28.40 13.91 10.51
N ALA B 446 27.76 14.15 9.37
CA ALA B 446 28.42 14.18 8.07
C ALA B 446 28.00 15.46 7.40
N LYS B 447 28.98 16.15 6.81
CA LYS B 447 28.74 17.42 6.19
C LYS B 447 27.90 17.24 4.91
N ALA B 448 27.55 18.38 4.34
CA ALA B 448 26.84 18.40 3.08
C ALA B 448 27.74 17.74 2.03
N TYR B 449 27.17 17.04 1.06
CA TYR B 449 28.00 16.29 0.09
C TYR B 449 28.06 17.08 -1.24
N ASP B 450 27.08 17.98 -1.46
CA ASP B 450 26.87 18.67 -2.75
C ASP B 450 27.28 20.12 -2.84
N ALA B 451 28.06 20.59 -1.88
CA ALA B 451 28.66 21.90 -2.03
C ALA B 451 29.45 21.86 -3.32
N PRO B 452 29.15 22.78 -4.25
CA PRO B 452 29.79 22.69 -5.57
C PRO B 452 31.13 23.42 -5.67
N ASP B 453 31.44 24.22 -4.65
CA ASP B 453 32.66 25.02 -4.62
C ASP B 453 32.92 25.65 -3.24
N GLN B 454 34.18 26.00 -3.03
CA GLN B 454 34.62 26.60 -1.79
C GLN B 454 33.87 27.91 -1.46
N ALA B 455 33.60 28.72 -2.49
CA ALA B 455 32.95 30.02 -2.34
C ALA B 455 31.63 29.81 -1.59
N ALA B 456 30.98 28.72 -1.94
CA ALA B 456 29.59 28.45 -1.53
C ALA B 456 29.45 28.14 -0.05
N ILE B 457 30.56 27.77 0.60
CA ILE B 457 30.55 27.45 2.03
C ILE B 457 31.47 28.37 2.83
N GLN B 458 31.86 29.48 2.23
CA GLN B 458 32.73 30.42 2.92
C GLN B 458 31.93 31.02 4.08
N ASN B 459 32.59 31.17 5.23
CA ASN B 459 31.95 31.54 6.49
C ASN B 459 32.83 32.68 7.00
N GLY B 460 32.81 33.79 6.25
CA GLY B 460 33.82 34.83 6.35
C GLY B 460 35.26 34.35 6.43
N ASP B 461 35.87 34.51 7.59
CA ASP B 461 37.27 34.16 7.81
C ASP B 461 37.54 32.66 7.89
N ILE B 462 36.51 31.86 7.60
CA ILE B 462 36.52 30.42 7.81
C ILE B 462 36.01 29.67 6.58
N LYS B 463 36.76 28.64 6.19
CA LYS B 463 36.35 27.75 5.14
C LYS B 463 35.33 26.73 5.68
N GLY B 464 34.09 26.90 5.26
CA GLY B 464 33.02 26.03 5.70
C GLY B 464 32.45 26.40 7.07
N TYR B 465 31.35 25.74 7.39
CA TYR B 465 30.62 25.90 8.66
C TYR B 465 30.86 24.70 9.55
N ALA B 466 31.22 24.91 10.81
CA ALA B 466 31.38 23.79 11.74
C ALA B 466 30.13 22.90 11.79
N ALA B 467 30.35 21.61 11.98
CA ALA B 467 29.27 20.70 12.31
C ALA B 467 28.66 21.01 13.69
N TYR B 468 29.46 21.55 14.59
CA TYR B 468 29.02 21.80 15.95
C TYR B 468 29.75 23.03 16.45
N LYS B 469 28.95 24.07 16.72
CA LYS B 469 29.40 25.40 16.98
C LYS B 469 28.88 25.80 18.34
N VAL B 470 29.80 26.04 19.27
CA VAL B 470 29.49 26.65 20.58
C VAL B 470 29.83 28.11 20.41
N ASP B 471 28.87 28.98 20.66
CA ASP B 471 29.15 30.39 20.44
C ASP B 471 30.14 31.01 21.43
N ASP B 472 30.90 32.02 20.99
CA ASP B 472 32.12 32.47 21.70
C ASP B 472 31.70 33.05 23.06
N SER B 473 30.46 33.55 23.13
CA SER B 473 29.93 34.18 24.33
C SER B 473 29.63 33.20 25.47
N VAL B 474 29.56 31.91 25.14
CA VAL B 474 29.21 30.89 26.13
C VAL B 474 30.28 30.67 27.22
N THR B 475 29.82 30.53 28.48
CA THR B 475 30.69 30.28 29.64
C THR B 475 31.00 28.82 29.95
N THR B 476 29.97 27.98 29.88
CA THR B 476 30.11 26.58 30.27
C THR B 476 29.46 25.71 29.17
N HIS B 477 30.15 24.63 28.78
CA HIS B 477 29.64 23.65 27.80
C HIS B 477 30.52 22.41 27.91
N GLU B 478 29.96 21.23 27.63
CA GLU B 478 30.79 20.02 27.62
C GLU B 478 30.22 19.00 26.62
N GLY B 479 31.10 18.40 25.84
CA GLY B 479 30.69 17.41 24.86
C GLY B 479 31.63 16.19 24.93
N TRP B 480 31.08 15.01 24.71
CA TRP B 480 31.86 13.77 24.74
C TRP B 480 31.55 12.91 23.51
N GLY B 481 32.59 12.41 22.84
CA GLY B 481 32.38 11.40 21.82
C GLY B 481 31.72 11.90 20.57
N MET B 482 32.44 12.77 19.87
CA MET B 482 31.84 13.53 18.81
C MET B 482 32.64 13.43 17.52
N GLY B 483 31.95 13.09 16.42
CA GLY B 483 32.63 13.01 15.12
C GLY B 483 31.91 13.75 14.01
N SER B 484 32.71 14.33 13.11
CA SER B 484 32.20 14.90 11.88
C SER B 484 32.91 14.30 10.66
N TYR B 485 32.15 13.84 9.67
CA TYR B 485 32.74 13.24 8.46
C TYR B 485 32.43 14.06 7.19
N CYS B 486 33.37 14.08 6.25
CA CYS B 486 33.14 14.75 4.96
C CYS B 486 33.22 13.82 3.76
N TYR B 487 32.40 14.13 2.76
CA TYR B 487 32.35 13.44 1.48
C TYR B 487 31.85 14.41 0.41
N PHE B 488 32.78 15.23 -0.01
CA PHE B 488 32.51 16.32 -0.95
C PHE B 488 32.66 15.79 -2.35
N ASN B 489 31.66 15.02 -2.75
CA ASN B 489 31.79 14.19 -3.94
C ASN B 489 31.56 15.01 -5.19
N VAL B 490 30.81 16.09 -5.06
CA VAL B 490 30.60 16.99 -6.16
C VAL B 490 31.90 17.70 -6.48
N ASN B 491 32.61 18.13 -5.42
CA ASN B 491 33.88 18.83 -5.59
C ASN B 491 34.88 18.42 -4.53
N PRO B 492 35.65 17.36 -4.83
CA PRO B 492 36.53 16.78 -3.81
C PRO B 492 37.77 17.59 -3.53
N ASP B 493 37.88 18.76 -4.13
CA ASP B 493 38.99 19.64 -3.81
C ASP B 493 38.64 20.70 -2.74
N ILE B 494 37.39 20.67 -2.24
CA ILE B 494 36.99 21.49 -1.09
C ILE B 494 37.78 21.14 0.16
N ARG B 495 37.94 22.15 1.01
CA ARG B 495 38.51 22.01 2.34
C ARG B 495 37.52 22.52 3.37
N GLN B 496 37.33 21.72 4.44
CA GLN B 496 36.50 22.07 5.58
C GLN B 496 37.46 22.45 6.71
N GLN B 497 37.37 23.67 7.23
CA GLN B 497 38.42 24.11 8.19
C GLN B 497 38.42 23.27 9.46
N HIS B 498 37.23 22.96 9.97
CA HIS B 498 37.10 22.17 11.19
C HIS B 498 35.74 21.51 11.32
N GLY B 499 35.66 20.49 12.17
CA GLY B 499 34.40 19.86 12.51
C GLY B 499 33.66 20.64 13.58
N PHE B 500 34.46 21.24 14.47
CA PHE B 500 33.98 21.85 15.71
C PHE B 500 34.56 23.25 15.88
N GLN B 501 33.79 24.11 16.53
CA GLN B 501 34.14 25.48 16.73
C GLN B 501 33.60 25.96 18.08
N ALA B 502 34.48 26.50 18.92
CA ALA B 502 34.16 26.77 20.31
C ALA B 502 35.09 27.76 20.94
N PRO B 503 34.56 28.58 21.86
CA PRO B 503 35.52 29.41 22.58
C PRO B 503 36.51 28.63 23.38
N VAL B 504 37.54 29.37 23.77
CA VAL B 504 38.62 28.86 24.54
C VAL B 504 38.33 29.56 25.87
N LYS B 505 38.04 28.77 26.93
CA LYS B 505 37.53 29.19 28.25
C LYS B 505 37.54 28.01 29.23
N PRO B 506 37.68 28.26 30.56
CA PRO B 506 37.81 27.10 31.46
C PRO B 506 36.57 26.20 31.60
N GLY B 507 35.38 26.75 31.41
CA GLY B 507 34.18 25.95 31.60
C GLY B 507 33.69 25.33 30.30
N VAL B 508 34.45 25.50 29.20
CA VAL B 508 34.11 24.88 27.89
C VAL B 508 35.13 23.78 27.59
N LYS B 509 34.66 22.55 27.48
CA LYS B 509 35.57 21.50 27.09
C LYS B 509 34.93 20.33 26.39
N PHE B 510 35.79 19.66 25.65
CA PHE B 510 35.40 18.55 24.81
C PHE B 510 36.31 17.37 25.06
N HIS B 511 35.73 16.18 24.91
CA HIS B 511 36.40 14.93 25.10
C HIS B 511 36.15 14.04 23.92
N ASP B 512 37.24 13.57 23.30
CA ASP B 512 37.18 12.52 22.29
C ASP B 512 36.47 13.08 21.10
N LEU B 513 37.21 13.88 20.34
CA LEU B 513 36.74 14.51 19.11
C LEU B 513 37.45 13.91 17.89
N LEU B 514 36.74 13.80 16.78
CA LEU B 514 37.37 13.37 15.55
C LEU B 514 36.71 13.92 14.30
N VAL B 515 37.53 14.02 13.27
CA VAL B 515 37.03 14.28 11.94
C VAL B 515 37.58 13.27 10.95
N VAL B 516 36.82 13.00 9.88
CA VAL B 516 37.17 11.94 8.96
C VAL B 516 36.80 12.33 7.53
N SER B 517 37.75 12.23 6.60
CA SER B 517 37.46 12.34 5.18
C SER B 517 37.11 10.97 4.60
N LEU B 518 35.99 10.87 3.92
CA LEU B 518 35.61 9.64 3.25
C LEU B 518 36.27 9.54 1.81
N GLY B 519 37.07 8.51 1.58
CA GLY B 519 37.71 8.33 0.29
C GLY B 519 38.56 9.49 -0.17
N GLY B 520 38.91 10.46 0.69
CA GLY B 520 39.64 11.64 0.22
C GLY B 520 38.79 12.62 -0.55
N LYS B 521 37.48 12.51 -0.38
CA LYS B 521 36.54 13.43 -0.99
C LYS B 521 36.49 14.70 -0.15
N GLY B 522 37.39 15.62 -0.47
CA GLY B 522 37.61 16.75 0.38
C GLY B 522 38.53 16.37 1.54
N GLN B 523 38.94 17.37 2.32
CA GLN B 523 39.68 17.14 3.54
C GLN B 523 39.35 18.22 4.57
N TYR B 524 39.53 17.84 5.84
CA TYR B 524 39.51 18.79 6.97
C TYR B 524 40.88 19.43 7.18
N GLU B 525 40.94 20.72 7.52
CA GLU B 525 42.25 21.36 7.83
C GLU B 525 42.64 21.15 9.29
N HIS B 526 41.61 21.02 10.14
CA HIS B 526 41.78 20.83 11.58
C HIS B 526 40.57 20.07 12.13
N VAL B 527 40.64 19.77 13.43
CA VAL B 527 39.53 19.12 14.14
C VAL B 527 38.56 20.12 14.77
N ILE B 528 39.09 21.00 15.61
CA ILE B 528 38.31 22.03 16.30
C ILE B 528 39.07 23.33 16.20
N ASN B 529 38.38 24.44 15.91
CA ASN B 529 39.05 25.72 15.71
C ASN B 529 40.25 25.50 14.75
N ASP B 530 41.47 25.93 15.12
CA ASP B 530 42.67 25.59 14.33
C ASP B 530 43.52 24.55 15.06
N ILE B 531 42.86 23.69 15.82
CA ILE B 531 43.53 22.62 16.57
C ILE B 531 43.17 21.30 15.93
N GLY B 532 44.15 20.40 15.89
CA GLY B 532 43.93 19.08 15.28
C GLY B 532 44.67 19.00 13.96
N ASP B 533 45.15 17.80 13.66
CA ASP B 533 45.78 17.54 12.40
C ASP B 533 44.74 17.65 11.30
N PRO B 534 45.15 18.12 10.11
CA PRO B 534 44.29 17.95 8.93
C PRO B 534 44.14 16.46 8.65
N THR B 535 43.09 16.08 7.93
CA THR B 535 43.01 14.76 7.36
C THR B 535 43.87 14.73 6.12
N SER B 536 44.40 13.54 5.79
CA SER B 536 45.22 13.41 4.59
C SER B 536 45.03 12.02 3.98
N GLY B 537 45.43 11.90 2.73
CA GLY B 537 45.26 10.66 1.98
C GLY B 537 43.80 10.40 1.59
N ASP B 538 43.58 9.23 0.99
CA ASP B 538 42.24 8.77 0.62
C ASP B 538 41.90 7.47 1.32
N THR B 539 42.53 7.25 2.46
CA THR B 539 42.41 6.00 3.21
C THR B 539 41.42 6.04 4.37
N THR B 540 40.81 7.18 4.64
CA THR B 540 39.67 7.15 5.59
C THR B 540 40.08 6.79 7.02
N ILE B 541 41.03 7.62 7.47
CA ILE B 541 41.74 7.56 8.77
C ILE B 541 41.40 8.80 9.57
N PRO B 542 40.78 8.62 10.74
CA PRO B 542 40.35 9.80 11.52
C PRO B 542 41.49 10.64 11.99
N SER B 543 41.28 11.94 12.08
CA SER B 543 42.16 12.83 12.84
C SER B 543 41.49 13.15 14.15
N GLN B 544 42.21 12.93 15.25
CA GLN B 544 41.61 12.87 16.58
C GLN B 544 42.18 13.92 17.53
N VAL B 545 41.33 14.38 18.44
CA VAL B 545 41.80 15.13 19.64
C VAL B 545 41.13 14.54 20.89
N VAL B 546 41.96 14.20 21.88
CA VAL B 546 41.43 13.58 23.09
C VAL B 546 40.69 14.59 23.98
N SER B 547 41.34 15.71 24.23
CA SER B 547 40.75 16.74 25.06
C SER B 547 40.92 18.11 24.43
N PHE B 548 39.96 18.97 24.70
CA PHE B 548 39.99 20.37 24.32
C PHE B 548 39.36 21.14 25.49
N PRO B 549 39.93 22.31 25.87
CA PRO B 549 40.99 23.08 25.22
C PRO B 549 42.40 22.57 25.60
C2 BGC C . 1.19 -27.81 -25.41
C3 BGC C . 1.24 -26.90 -24.30
C4 BGC C . 0.66 -27.49 -23.04
C5 BGC C . 1.16 -28.91 -22.81
C6 BGC C . 0.43 -29.62 -21.72
C1 BGC C . 1.84 -29.12 -25.06
O1 BGC C . 1.83 -29.91 -26.10
O2 BGC C . 1.89 -27.32 -26.56
O3 BGC C . 0.60 -25.62 -24.74
O4 BGC C . 0.96 -26.76 -21.90
O5 BGC C . 1.07 -29.73 -23.98
O6 BGC C . 0.96 -30.88 -21.37
C2 BGC C . 0.58 -23.28 -24.91
C3 BGC C . 1.20 -22.01 -24.48
C4 BGC C . 1.47 -21.96 -23.04
C5 BGC C . 2.18 -23.24 -22.61
C6 BGC C . 2.37 -23.32 -21.15
C1 BGC C . 1.32 -24.49 -24.44
O2 BGC C . 0.52 -23.32 -26.32
O3 BGC C . 0.23 -20.95 -24.86
O4 BGC C . 2.28 -20.85 -22.65
O5 BGC C . 1.41 -24.39 -23.01
O6 BGC C . 2.94 -24.51 -20.63
C2 BGC C . -0.17 -18.74 -25.73
C3 BGC C . 0.47 -17.62 -26.43
C4 BGC C . 1.67 -17.17 -25.72
C5 BGC C . 2.61 -18.35 -25.55
C6 BGC C . 3.87 -18.03 -24.84
C1 BGC C . 0.84 -19.88 -25.54
O2 BGC C . -1.25 -19.26 -26.51
O3 BGC C . -0.50 -16.49 -26.47
O4 BGC C . 2.35 -16.12 -26.41
O5 BGC C . 1.93 -19.34 -24.76
O6 BGC C . 3.75 -17.20 -23.73
C2 BGC C . -1.98 -15.05 -27.68
C3 BGC C . -2.28 -14.40 -28.99
C4 BGC C . -1.03 -13.91 -29.67
C5 BGC C . 0.01 -15.04 -29.76
C6 BGC C . 1.36 -14.61 -30.31
C1 BGC C . -0.88 -16.10 -27.76
O2 BGC C . -3.12 -15.74 -27.15
O3 BGC C . -3.14 -13.29 -28.67
O4 BGC C . -1.32 -13.44 -30.96
O5 BGC C . 0.29 -15.54 -28.45
O6 BGC C . 2.42 -15.34 -29.71
C2 BGC C . -5.26 -12.18 -28.83
C3 BGC C . -6.30 -11.62 -29.74
C4 BGC C . -5.66 -10.92 -30.87
C5 BGC C . -4.63 -11.80 -31.51
C6 BGC C . -3.91 -11.07 -32.63
C1 BGC C . -4.19 -13.00 -29.53
O2 BGC C . -5.84 -13.01 -27.88
O3 BGC C . -7.08 -10.55 -29.06
O4 BGC C . -6.65 -10.49 -31.77
O5 BGC C . -3.60 -12.19 -30.59
O6 BGC C . -3.15 -11.95 -33.44
C2 BGC C . -9.10 -9.64 -28.22
C3 BGC C . -10.56 -9.65 -28.41
C4 BGC C . -10.93 -9.82 -29.78
C5 BGC C . -10.39 -11.17 -30.24
C6 BGC C . -10.69 -11.54 -31.65
C1 BGC C . -8.42 -10.88 -28.84
O2 BGC C . -8.78 -9.59 -26.85
O3 BGC C . -11.11 -8.35 -28.01
O4 BGC C . -12.38 -9.72 -29.95
O5 BGC C . -8.93 -11.10 -30.17
O6 BGC C . -10.29 -12.82 -32.05
C2 BGC D . -5.30 -32.43 -30.14
C3 BGC D . -5.44 -31.56 -31.28
C4 BGC D . -4.16 -30.90 -31.67
C5 BGC D . -3.02 -31.90 -31.79
C6 BGC D . -1.72 -31.18 -31.92
C1 BGC D . -4.23 -33.47 -30.38
O1 BGC D . -4.08 -34.19 -29.26
O2 BGC D . -6.53 -33.08 -29.79
O3 BGC D . -6.48 -30.58 -30.93
O4 BGC D . -4.28 -30.18 -32.87
O5 BGC D . -2.96 -32.83 -30.71
O6 BGC D . -1.20 -31.06 -33.21
C2 BGC D . -8.75 -30.01 -31.51
C3 BGC D . -9.71 -29.37 -32.47
C4 BGC D . -9.11 -28.23 -33.20
C5 BGC D . -7.70 -28.53 -33.67
C6 BGC D . -7.14 -27.44 -34.46
C1 BGC D . -7.27 -30.14 -31.96
O2 BGC D . -9.17 -31.27 -31.03
O3 BGC D . -10.97 -28.98 -31.87
O4 BGC D . -9.88 -27.89 -34.33
O5 BGC D . -6.81 -28.87 -32.56
O6 BGC D . -6.08 -27.78 -35.27
C2 BGC D . -12.84 -29.93 -30.68
C3 BGC D . -13.94 -30.92 -30.78
C4 BGC D . -14.60 -31.04 -32.11
C5 BGC D . -13.72 -30.74 -33.34
C6 BGC D . -14.45 -30.41 -34.64
C1 BGC D . -11.93 -29.95 -31.88
O2 BGC D . -12.06 -30.18 -29.51
O3 BGC D . -14.90 -30.64 -29.68
O4 BGC D . -15.06 -32.36 -32.27
O5 BGC D . -12.71 -29.73 -33.08
O6 BGC D . -14.99 -29.16 -34.80
C2 BGC D . -15.48 -31.55 -27.50
C3 BGC D . -16.23 -32.65 -26.83
C4 BGC D . -17.54 -32.91 -27.50
C5 BGC D . -17.29 -33.18 -28.98
C6 BGC D . -18.49 -33.45 -29.82
C1 BGC D . -15.29 -31.77 -28.99
O2 BGC D . -14.21 -31.30 -26.85
O3 BGC D . -16.46 -32.28 -25.45
O4 BGC D . -18.25 -34.00 -26.89
O5 BGC D . -16.60 -32.08 -29.57
O6 BGC D . -19.55 -32.53 -29.85
C2 BGC D . -15.09 -32.18 -23.42
C3 BGC D . -14.32 -33.00 -22.51
C4 BGC D . -15.07 -34.16 -21.98
C5 BGC D . -15.67 -34.94 -23.11
C6 BGC D . -16.58 -36.03 -22.64
C1 BGC D . -15.66 -33.01 -24.56
O2 BGC D . -14.29 -31.10 -23.96
O3 BGC D . -13.74 -32.20 -21.45
O4 BGC D . -14.23 -35.03 -21.21
O5 BGC D . -16.43 -34.09 -23.99
O6 BGC D . -17.04 -36.89 -23.68
C2 BGC E . 35.93 -8.97 8.46
C3 BGC E . 36.00 -8.09 9.60
C4 BGC E . 35.47 -8.72 10.84
C5 BGC E . 36.06 -10.12 11.00
C6 BGC E . 35.43 -10.84 12.14
C1 BGC E . 36.54 -10.32 8.71
O1 BGC E . 36.42 -11.06 7.63
O2 BGC E . 36.52 -8.46 7.25
O3 BGC E . 35.21 -6.88 9.25
O4 BGC E . 35.71 -7.97 11.99
O5 BGC E . 35.83 -10.92 9.85
O6 BGC E . 35.72 -12.23 12.19
C2 BGC E . 35.12 -4.52 9.03
C3 BGC E . 35.75 -3.25 9.44
C4 BGC E . 36.07 -3.20 10.85
C5 BGC E . 36.72 -4.48 11.31
C6 BGC E . 36.97 -4.56 12.76
C1 BGC E . 35.89 -5.72 9.55
O2 BGC E . 35.09 -4.55 7.62
O3 BGC E . 34.81 -2.18 9.07
O4 BGC E . 36.95 -2.12 11.20
O5 BGC E . 35.97 -5.65 10.96
O6 BGC E . 37.60 -5.76 13.17
C2 BGC E . 34.35 0.02 8.15
C3 BGC E . 35.00 1.17 7.47
C4 BGC E . 36.10 1.72 8.27
C5 BGC E . 37.03 0.59 8.65
C6 BGC E . 38.21 1.01 9.43
C1 BGC E . 35.39 -1.05 8.48
O2 BGC E . 33.37 -0.60 7.31
O3 BGC E . 33.97 2.21 7.29
O4 BGC E . 36.90 2.68 7.53
O5 BGC E . 36.34 -0.44 9.39
O6 BGC E . 39.08 -0.11 9.57
C2 BGC E . 32.51 3.61 6.11
C3 BGC E . 32.20 4.28 4.81
C4 BGC E . 33.45 4.74 4.08
C5 BGC E . 34.47 3.60 4.03
C6 BGC E . 35.80 4.03 3.41
C1 BGC E . 33.60 2.57 6.02
O2 BGC E . 31.36 2.96 6.68
O3 BGC E . 31.39 5.42 5.16
O4 BGC E . 33.11 5.20 2.79
O5 BGC E . 34.76 3.13 5.35
O6 BGC E . 36.62 2.90 3.14
C2 BGC E . 29.39 6.74 4.97
C3 BGC E . 28.28 7.20 4.14
C4 BGC E . 28.84 7.86 2.94
C5 BGC E . 29.84 6.94 2.26
C6 BGC E . 30.69 7.64 1.21
C1 BGC E . 30.33 5.79 4.29
O2 BGC E . 28.90 6.13 6.14
O3 BGC E . 27.50 8.21 4.91
O4 BGC E . 27.78 8.21 2.07
O5 BGC E . 30.88 6.54 3.18
O6 BGC E . 31.41 6.70 0.44
C2 BGC E . 25.46 9.11 5.73
C3 BGC E . 23.99 9.13 5.56
C4 BGC E . 23.64 8.93 4.16
C5 BGC E . 24.15 7.50 4.03
C6 BGC E . 23.45 6.63 3.12
C1 BGC E . 26.14 7.92 5.07
O2 BGC E . 25.83 9.21 7.09
O3 BGC E . 23.50 10.45 5.96
O4 BGC E . 22.22 9.01 3.88
O5 BGC E . 25.58 7.59 3.80
O6 BGC E . 23.67 5.30 3.45
C2 BGC F . 28.71 -13.93 3.27
C3 BGC F . 28.55 -13.00 2.16
C4 BGC F . 29.81 -12.37 1.71
C5 BGC F . 30.89 -13.42 1.53
C6 BGC F . 32.20 -12.87 1.10
C1 BGC F . 29.86 -14.90 3.10
O1 BGC F . 30.08 -15.56 4.24
O2 BGC F . 27.49 -14.67 3.50
O3 BGC F . 27.56 -12.01 2.59
O4 BGC F . 29.67 -11.58 0.54
O5 BGC F . 31.06 -14.15 2.73
O6 BGC F . 33.11 -13.77 0.51
C2 BGC F . 25.39 -11.23 2.17
C3 BGC F . 24.40 -10.62 1.23
C4 BGC F . 25.02 -9.46 0.52
C5 BGC F . 26.42 -9.77 -0.04
C6 BGC F . 27.02 -8.65 -0.73
C1 BGC F . 26.79 -11.50 1.59
O2 BGC F . 24.94 -12.39 2.87
O3 BGC F . 23.17 -10.22 1.90
O4 BGC F . 24.19 -8.94 -0.50
O5 BGC F . 27.36 -10.26 0.97
O6 BGC F . 28.27 -8.94 -1.23
C2 BGC F . 21.36 -11.09 3.23
C3 BGC F . 20.15 -11.96 3.18
C4 BGC F . 19.30 -11.67 2.03
C5 BGC F . 20.08 -11.64 0.71
C6 BGC F . 19.23 -11.15 -0.43
C1 BGC F . 22.17 -11.14 1.92
O2 BGC F . 22.18 -11.38 4.33
O3 BGC F . 19.36 -11.70 4.37
O4 BGC F . 18.27 -12.62 1.92
O5 BGC F . 21.27 -10.83 0.81
O6 BGC F . 19.93 -10.90 -1.59
C2 BGC F . 18.75 -12.60 6.50
C3 BGC F . 18.06 -13.73 7.16
C4 BGC F . 16.75 -14.01 6.51
C5 BGC F . 16.98 -14.26 5.03
C6 BGC F . 15.78 -14.61 4.29
C1 BGC F . 18.87 -12.80 5.02
O2 BGC F . 20.06 -12.34 7.09
O3 BGC F . 17.88 -13.40 8.56
O4 BGC F . 16.11 -15.14 7.12
O5 BGC F . 17.57 -13.12 4.43
O6 BGC F . 14.77 -13.66 4.32
C2 BGC F . 19.27 -13.26 10.51
C3 BGC F . 20.00 -14.06 11.46
C4 BGC F . 19.27 -15.23 11.98
C5 BGC F . 18.66 -16.00 10.86
C6 BGC F . 17.77 -17.09 11.34
C1 BGC F . 18.68 -14.12 9.42
O2 BGC F . 20.15 -12.27 9.91
O3 BGC F . 20.50 -13.25 12.55
O4 BGC F . 20.13 -16.11 12.71
O5 BGC F . 17.89 -15.14 10.04
O6 BGC F . 17.51 -18.08 10.34
C1 EDO G . -4.98 3.94 -29.06
O1 EDO G . -3.85 4.44 -28.33
C2 EDO G . -6.26 4.60 -28.52
O2 EDO G . -7.31 4.57 -29.45
H11 EDO G . -4.83 4.16 -30.11
H12 EDO G . -5.03 2.85 -28.99
HO1 EDO G . -3.05 4.05 -28.68
H21 EDO G . -6.03 5.62 -28.23
H22 EDO G . -6.65 4.09 -27.66
HO2 EDO G . -8.08 4.21 -28.97
C1 EDO H . 29.77 22.48 4.77
O1 EDO H . 30.76 23.23 5.51
C2 EDO H . 28.34 22.64 5.33
O2 EDO H . 27.80 21.32 5.63
H11 EDO H . 30.03 21.43 4.74
H12 EDO H . 29.79 22.85 3.74
HO1 EDO H . 31.63 23.02 5.16
H21 EDO H . 27.71 23.12 4.59
H22 EDO H . 28.32 23.26 6.23
HO2 EDO H . 26.94 21.43 6.04
N GLU A 1 -51.26 -0.66 -13.18
CA GLU A 1 -50.19 -1.09 -12.31
C GLU A 1 -49.63 -2.50 -12.70
N VAL A 2 -48.41 -2.81 -12.28
CA VAL A 2 -47.47 -3.55 -13.13
C VAL A 2 -47.34 -5.09 -12.90
N VAL A 3 -48.24 -5.65 -12.12
CA VAL A 3 -48.35 -7.10 -11.77
C VAL A 3 -47.05 -7.93 -11.77
N GLY A 4 -46.51 -8.14 -10.58
CA GLY A 4 -45.26 -8.88 -10.43
C GLY A 4 -45.35 -10.39 -10.64
N GLY A 5 -44.20 -11.01 -10.88
CA GLY A 5 -44.07 -12.45 -10.96
C GLY A 5 -44.81 -13.06 -12.13
N GLY A 6 -45.03 -14.36 -12.05
CA GLY A 6 -45.73 -15.15 -13.06
C GLY A 6 -44.73 -15.88 -13.95
N ASP A 7 -45.08 -16.04 -15.23
CA ASP A 7 -44.40 -16.89 -16.19
C ASP A 7 -43.01 -16.37 -16.59
N LEU A 8 -42.02 -17.25 -16.75
CA LEU A 8 -40.69 -16.83 -17.22
C LEU A 8 -40.44 -16.87 -18.74
N GLY A 9 -41.32 -17.52 -19.50
CA GLY A 9 -41.21 -17.50 -20.94
C GLY A 9 -40.47 -18.67 -21.57
N PRO A 10 -40.59 -18.84 -22.90
CA PRO A 10 -40.00 -20.08 -23.39
C PRO A 10 -38.53 -19.95 -23.85
N ASN A 11 -37.85 -18.85 -23.51
CA ASN A 11 -36.37 -18.77 -23.70
C ASN A 11 -35.67 -19.25 -22.43
N VAL A 12 -36.44 -19.60 -21.41
CA VAL A 12 -35.91 -20.22 -20.20
C VAL A 12 -36.38 -21.66 -20.20
N LEU A 13 -35.44 -22.57 -20.41
CA LEU A 13 -35.73 -23.99 -20.47
C LEU A 13 -35.44 -24.60 -19.11
N VAL A 14 -36.49 -25.07 -18.45
CA VAL A 14 -36.35 -25.61 -17.11
C VAL A 14 -36.37 -27.13 -17.19
N PHE A 15 -35.46 -27.75 -16.43
CA PHE A 15 -35.26 -29.18 -16.47
C PHE A 15 -35.33 -29.73 -15.06
N ASP A 16 -35.76 -30.99 -14.98
CA ASP A 16 -35.60 -31.76 -13.74
C ASP A 16 -35.06 -33.13 -14.12
N PRO A 17 -34.63 -33.95 -13.14
CA PRO A 17 -33.99 -35.15 -13.68
C PRO A 17 -34.92 -36.17 -14.35
N SER A 18 -36.26 -35.98 -14.30
CA SER A 18 -37.28 -36.78 -15.03
C SER A 18 -37.72 -36.19 -16.40
N THR A 19 -36.97 -35.23 -16.90
CA THR A 19 -37.23 -34.70 -18.23
C THR A 19 -36.71 -35.67 -19.31
N PRO A 20 -37.61 -36.19 -20.18
CA PRO A 20 -37.03 -37.08 -21.20
C PRO A 20 -36.03 -36.32 -22.04
N ASP A 21 -35.01 -37.01 -22.54
CA ASP A 21 -33.95 -36.41 -23.33
C ASP A 21 -33.58 -34.99 -22.94
N ILE A 22 -32.92 -34.85 -21.81
CA ILE A 22 -32.30 -33.57 -21.48
C ILE A 22 -31.13 -33.31 -22.41
N GLN A 23 -30.38 -34.36 -22.65
CA GLN A 23 -29.19 -34.21 -23.48
C GLN A 23 -29.54 -33.76 -24.91
N GLY A 24 -30.64 -34.28 -25.49
CA GLY A 24 -30.99 -33.94 -26.84
C GLY A 24 -31.46 -32.48 -26.96
N LYS A 25 -32.00 -31.97 -25.87
CA LYS A 25 -32.52 -30.60 -25.83
C LYS A 25 -31.37 -29.61 -25.67
N VAL A 26 -30.34 -30.02 -24.93
CA VAL A 26 -29.23 -29.12 -24.71
C VAL A 26 -28.30 -29.13 -25.96
N ASP A 27 -28.11 -30.30 -26.59
CA ASP A 27 -27.39 -30.38 -27.89
C ASP A 27 -28.13 -29.57 -28.98
N GLU A 28 -29.44 -29.53 -28.86
CA GLU A 28 -30.26 -28.77 -29.81
C GLU A 28 -29.96 -27.26 -29.69
N VAL A 29 -29.81 -26.77 -28.46
CA VAL A 29 -29.57 -25.32 -28.23
C VAL A 29 -28.13 -24.99 -28.66
N PHE A 30 -27.20 -25.87 -28.26
CA PHE A 30 -25.80 -25.70 -28.64
C PHE A 30 -25.65 -25.69 -30.17
N ARG A 31 -26.37 -26.59 -30.85
CA ARG A 31 -26.34 -26.67 -32.31
C ARG A 31 -26.61 -25.31 -32.90
N LYS A 32 -27.73 -24.75 -32.44
CA LYS A 32 -28.05 -23.36 -32.79
C LYS A 32 -26.83 -22.62 -32.20
N GLN A 33 -26.97 -22.00 -31.04
CA GLN A 33 -25.90 -21.13 -30.49
C GLN A 33 -24.36 -21.31 -30.74
N GLU A 34 -23.89 -22.48 -31.14
CA GLU A 34 -22.45 -22.73 -31.28
C GLU A 34 -21.67 -21.66 -32.03
N SER A 35 -22.26 -21.33 -33.16
CA SER A 35 -21.70 -20.60 -34.27
C SER A 35 -22.13 -19.16 -34.21
N ASN A 36 -23.08 -18.93 -33.32
CA ASN A 36 -24.01 -17.82 -33.40
C ASN A 36 -23.56 -16.61 -32.55
N GLN A 37 -22.52 -15.95 -33.07
CA GLN A 37 -21.77 -14.99 -32.28
C GLN A 37 -22.50 -13.66 -32.10
N PHE A 38 -23.23 -13.25 -33.14
CA PHE A 38 -23.87 -11.94 -33.13
C PHE A 38 -25.40 -11.97 -33.26
N GLY A 39 -25.97 -13.16 -33.34
CA GLY A 39 -27.43 -13.31 -33.48
C GLY A 39 -28.14 -12.83 -32.23
N THR A 40 -29.47 -12.70 -32.31
CA THR A 40 -30.28 -12.13 -31.27
C THR A 40 -30.93 -13.20 -30.41
N ASP A 41 -30.73 -14.46 -30.76
CA ASP A 41 -31.25 -15.57 -29.98
C ASP A 41 -30.57 -15.66 -28.58
N ARG A 42 -31.37 -15.95 -27.55
CA ARG A 42 -30.94 -15.99 -26.14
C ARG A 42 -31.57 -17.19 -25.40
N TYR A 43 -30.77 -17.87 -24.58
CA TYR A 43 -31.23 -19.03 -23.78
C TYR A 43 -30.67 -19.08 -22.37
N ALA A 44 -31.50 -19.44 -21.42
CA ALA A 44 -31.07 -19.77 -20.08
C ALA A 44 -31.56 -21.16 -19.76
N LEU A 45 -30.62 -22.03 -19.41
CA LEU A 45 -30.92 -23.43 -19.08
C LEU A 45 -30.86 -23.57 -17.57
N MET A 46 -31.99 -23.92 -16.94
CA MET A 46 -32.12 -23.85 -15.51
C MET A 46 -32.46 -25.26 -15.03
N PHE A 47 -31.61 -25.81 -14.17
CA PHE A 47 -31.79 -27.18 -13.65
C PHE A 47 -32.27 -27.18 -12.20
N LYS A 48 -33.44 -27.79 -11.97
CA LYS A 48 -33.96 -27.96 -10.62
C LYS A 48 -33.05 -28.87 -9.78
N PRO A 49 -33.07 -28.67 -8.46
CA PRO A 49 -32.19 -29.46 -7.58
C PRO A 49 -32.37 -30.99 -7.73
N GLY A 50 -31.23 -31.69 -7.76
CA GLY A 50 -31.19 -33.13 -7.95
C GLY A 50 -29.85 -33.58 -8.54
N THR A 51 -29.71 -34.87 -8.87
CA THR A 51 -28.49 -35.38 -9.51
C THR A 51 -28.91 -35.83 -10.92
N TYR A 52 -28.03 -35.58 -11.88
CA TYR A 52 -28.29 -35.70 -13.31
C TYR A 52 -27.20 -36.54 -13.94
N ASN A 53 -27.56 -37.72 -14.44
CA ASN A 53 -26.59 -38.59 -15.07
C ASN A 53 -26.47 -38.36 -16.57
N ASP A 54 -25.29 -38.61 -17.15
CA ASP A 54 -25.16 -38.65 -18.59
C ASP A 54 -25.62 -37.33 -19.29
N ILE A 55 -24.72 -36.33 -19.43
CA ILE A 55 -25.17 -34.94 -19.72
C ILE A 55 -24.16 -33.85 -20.29
N ASN A 56 -23.49 -34.14 -21.37
CA ASN A 56 -22.52 -33.13 -21.78
C ASN A 56 -23.31 -31.90 -22.17
N ALA A 57 -23.36 -30.89 -21.29
CA ALA A 57 -24.04 -29.61 -21.59
C ALA A 57 -23.02 -28.67 -22.21
N GLN A 58 -22.84 -28.78 -23.54
CA GLN A 58 -21.94 -27.87 -24.24
C GLN A 58 -22.65 -26.53 -24.43
N ILE A 59 -21.94 -25.47 -24.14
CA ILE A 59 -22.51 -24.13 -24.00
C ILE A 59 -22.01 -23.24 -25.16
N GLY A 60 -22.93 -22.78 -26.00
CA GLY A 60 -22.58 -21.88 -27.09
C GLY A 60 -22.79 -20.42 -26.70
N PHE A 61 -22.81 -19.55 -27.72
CA PHE A 61 -23.08 -18.15 -27.48
C PHE A 61 -24.43 -17.89 -26.81
N TYR A 62 -24.45 -16.89 -25.96
CA TYR A 62 -25.66 -16.37 -25.32
C TYR A 62 -26.50 -17.45 -24.66
N THR A 63 -25.81 -18.37 -24.00
CA THR A 63 -26.46 -19.43 -23.24
C THR A 63 -25.91 -19.36 -21.82
N SER A 64 -26.81 -19.25 -20.86
CA SER A 64 -26.46 -19.40 -19.45
C SER A 64 -26.97 -20.76 -18.95
N ILE A 65 -26.17 -21.43 -18.14
CA ILE A 65 -26.61 -22.67 -17.48
C ILE A 65 -26.48 -22.48 -15.99
N ALA A 66 -27.49 -22.94 -15.25
CA ALA A 66 -27.45 -22.81 -13.80
C ALA A 66 -28.30 -23.84 -13.09
N GLY A 67 -27.94 -24.05 -11.84
CA GLY A 67 -28.74 -24.83 -10.92
C GLY A 67 -29.67 -23.94 -10.09
N LEU A 68 -30.73 -24.54 -9.56
CA LEU A 68 -31.77 -23.81 -8.83
C LEU A 68 -31.85 -24.22 -7.39
N GLY A 69 -30.78 -24.88 -6.93
CA GLY A 69 -30.65 -25.21 -5.53
C GLY A 69 -30.26 -23.95 -4.82
N LEU A 70 -30.53 -23.90 -3.52
CA LEU A 70 -30.11 -22.78 -2.72
C LEU A 70 -28.61 -22.84 -2.70
N ASN A 71 -28.08 -24.00 -2.41
CA ASN A 71 -26.63 -24.23 -2.56
C ASN A 71 -26.17 -25.05 -3.81
N PRO A 72 -24.88 -24.94 -4.20
CA PRO A 72 -24.51 -25.52 -5.50
C PRO A 72 -24.56 -27.03 -5.46
N ASP A 73 -24.32 -27.56 -4.26
CA ASP A 73 -24.18 -29.00 -4.13
C ASP A 73 -25.51 -29.72 -4.20
N ASP A 74 -26.58 -28.98 -4.41
CA ASP A 74 -27.89 -29.61 -4.59
C ASP A 74 -28.31 -29.88 -6.02
N THR A 75 -27.52 -29.41 -6.97
CA THR A 75 -27.78 -29.69 -8.37
C THR A 75 -26.47 -30.24 -8.94
N THR A 76 -26.29 -31.59 -8.96
CA THR A 76 -25.08 -32.23 -9.47
C THR A 76 -25.26 -32.87 -10.82
N PHE A 77 -24.29 -32.60 -11.67
CA PHE A 77 -24.19 -33.30 -12.95
C PHE A 77 -23.10 -34.37 -12.78
N ASN A 78 -23.45 -35.60 -13.09
CA ASN A 78 -22.48 -36.65 -13.35
C ASN A 78 -22.22 -36.55 -14.83
N GLY A 79 -21.23 -35.73 -15.13
CA GLY A 79 -21.08 -35.13 -16.45
C GLY A 79 -20.47 -33.73 -16.37
N ASP A 80 -20.73 -32.94 -17.43
CA ASP A 80 -19.88 -31.81 -17.78
C ASP A 80 -20.68 -30.60 -18.23
N VAL A 81 -20.10 -29.43 -18.00
CA VAL A 81 -20.59 -28.16 -18.50
C VAL A 81 -19.40 -27.66 -19.35
N THR A 82 -19.52 -27.82 -20.66
CA THR A 82 -18.35 -27.80 -21.56
C THR A 82 -18.34 -26.61 -22.53
N VAL A 83 -17.22 -25.92 -22.62
CA VAL A 83 -16.93 -24.96 -23.70
C VAL A 83 -15.62 -25.38 -24.33
N ASP A 84 -15.64 -25.62 -25.64
CA ASP A 84 -14.43 -25.90 -26.41
C ASP A 84 -14.50 -24.95 -27.64
N ALA A 85 -13.52 -25.11 -28.54
CA ALA A 85 -13.39 -24.16 -29.66
C ALA A 85 -13.42 -24.84 -31.06
N GLY A 86 -14.13 -25.95 -31.18
CA GLY A 86 -14.30 -26.63 -32.49
C GLY A 86 -14.68 -25.74 -33.66
N TRP A 87 -15.76 -24.99 -33.50
CA TRP A 87 -16.28 -24.03 -34.49
C TRP A 87 -15.26 -23.02 -34.97
N PHE A 88 -14.09 -22.96 -34.34
CA PHE A 88 -13.05 -22.00 -34.72
C PHE A 88 -11.62 -22.56 -34.81
N ASP A 89 -11.51 -23.83 -35.17
CA ASP A 89 -10.21 -24.48 -35.31
C ASP A 89 -9.41 -24.41 -34.06
N GLY A 90 -10.15 -24.53 -32.97
CA GLY A 90 -9.54 -24.61 -31.69
C GLY A 90 -8.92 -23.32 -31.24
N ASN A 91 -9.32 -22.22 -31.88
CA ASN A 91 -9.01 -20.87 -31.40
C ASN A 91 -10.16 -20.46 -30.46
N ALA A 92 -9.89 -20.23 -29.18
CA ALA A 92 -10.98 -19.92 -28.22
C ALA A 92 -11.15 -18.43 -27.97
N THR A 93 -10.46 -17.61 -28.76
CA THR A 93 -10.45 -16.16 -28.53
C THR A 93 -11.73 -15.43 -28.94
N GLN A 94 -12.70 -16.15 -29.44
CA GLN A 94 -14.03 -15.57 -29.66
C GLN A 94 -15.12 -16.24 -28.82
N ASN A 95 -14.73 -17.00 -27.77
CA ASN A 95 -15.75 -17.70 -26.99
C ASN A 95 -16.29 -16.81 -25.88
N PHE A 96 -17.18 -15.93 -26.30
CA PHE A 96 -17.77 -14.91 -25.45
C PHE A 96 -19.23 -15.19 -25.02
N TRP A 97 -19.69 -14.40 -24.04
CA TRP A 97 -21.11 -14.19 -23.71
C TRP A 97 -21.85 -15.47 -23.36
N ARG A 98 -21.42 -16.09 -22.28
CA ARG A 98 -22.11 -17.28 -21.80
C ARG A 98 -21.85 -17.39 -20.32
N SER A 99 -22.45 -18.35 -19.64
CA SER A 99 -22.19 -18.41 -18.20
C SER A 99 -22.61 -19.74 -17.58
N ALA A 100 -21.95 -20.05 -16.49
CA ALA A 100 -22.29 -21.20 -15.62
C ALA A 100 -22.33 -20.77 -14.15
N GLU A 101 -23.36 -21.22 -13.44
CA GLU A 101 -23.42 -20.94 -12.01
C GLU A 101 -24.25 -21.94 -11.22
N ASN A 102 -23.87 -22.12 -9.95
CA ASN A 102 -24.71 -22.82 -8.95
C ASN A 102 -24.97 -24.27 -9.31
N LEU A 103 -23.90 -24.95 -9.65
CA LEU A 103 -23.92 -26.35 -10.05
C LEU A 103 -22.73 -27.07 -9.45
N ALA A 104 -22.89 -28.37 -9.18
CA ALA A 104 -21.75 -29.21 -8.87
C ALA A 104 -21.54 -30.12 -10.07
N LEU A 105 -20.28 -30.28 -10.49
CA LEU A 105 -19.91 -31.11 -11.64
C LEU A 105 -19.00 -32.24 -11.20
N ASN A 106 -19.27 -33.40 -11.75
CA ASN A 106 -18.50 -34.64 -11.54
C ASN A 106 -18.09 -35.07 -12.96
N PRO A 107 -17.01 -34.44 -13.49
CA PRO A 107 -16.77 -34.55 -14.93
C PRO A 107 -16.36 -35.95 -15.35
N VAL A 108 -16.84 -36.43 -16.49
CA VAL A 108 -16.63 -37.82 -16.88
C VAL A 108 -15.23 -38.30 -16.86
N ASN A 109 -14.27 -37.48 -17.30
CA ASN A 109 -12.89 -37.98 -17.35
C ASN A 109 -12.07 -37.48 -16.18
N GLY A 110 -12.71 -36.81 -15.24
CA GLY A 110 -11.98 -36.24 -14.11
C GLY A 110 -11.70 -34.75 -14.24
N THR A 111 -12.02 -34.18 -15.39
CA THR A 111 -11.68 -32.78 -15.66
C THR A 111 -12.74 -32.12 -16.53
N ASN A 112 -13.28 -30.99 -16.05
CA ASN A 112 -14.24 -30.19 -16.80
C ASN A 112 -13.47 -29.17 -17.66
N ARG A 113 -13.91 -29.00 -18.90
CA ARG A 113 -13.31 -28.05 -19.82
C ARG A 113 -14.20 -26.81 -19.99
N TRP A 114 -13.65 -25.65 -19.63
CA TRP A 114 -14.34 -24.36 -19.74
C TRP A 114 -13.36 -23.43 -20.44
N ALA A 115 -13.24 -23.62 -21.75
CA ALA A 115 -12.26 -22.91 -22.56
C ALA A 115 -12.83 -21.65 -23.20
N VAL A 116 -12.92 -20.61 -22.39
CA VAL A 116 -13.60 -19.37 -22.76
C VAL A 116 -12.66 -18.20 -22.88
N SER A 117 -13.15 -17.12 -23.47
CA SER A 117 -12.48 -15.84 -23.39
C SER A 117 -13.40 -14.89 -22.61
N GLN A 118 -13.57 -13.65 -23.05
CA GLN A 118 -14.18 -12.63 -22.22
C GLN A 118 -15.69 -12.81 -22.05
N ALA A 119 -16.24 -12.26 -20.96
CA ALA A 119 -17.68 -12.29 -20.65
C ALA A 119 -18.21 -13.70 -20.62
N ALA A 120 -17.54 -14.56 -19.86
CA ALA A 120 -18.00 -15.94 -19.67
C ALA A 120 -17.85 -16.38 -18.22
N PRO A 121 -18.62 -15.75 -17.33
CA PRO A 121 -18.39 -16.00 -15.89
C PRO A 121 -18.69 -17.46 -15.45
N PHE A 122 -17.97 -17.89 -14.43
CA PHE A 122 -18.05 -19.23 -13.81
C PHE A 122 -18.15 -18.91 -12.31
N ARG A 123 -19.38 -18.92 -11.81
CA ARG A 123 -19.65 -18.49 -10.44
C ARG A 123 -20.35 -19.55 -9.62
N ARG A 124 -19.96 -19.68 -8.37
CA ARG A 124 -20.78 -20.50 -7.47
C ARG A 124 -20.82 -21.96 -7.96
N MET A 125 -19.67 -22.39 -8.41
CA MET A 125 -19.55 -23.76 -8.95
C MET A 125 -18.75 -24.67 -8.02
N HIS A 126 -19.13 -25.93 -8.00
CA HIS A 126 -18.32 -26.94 -7.33
C HIS A 126 -17.88 -28.08 -8.22
N VAL A 127 -16.67 -27.96 -8.75
CA VAL A 127 -16.07 -28.98 -9.60
C VAL A 127 -15.38 -30.08 -8.79
N LYS A 128 -16.00 -31.24 -8.79
CA LYS A 128 -15.42 -32.37 -8.04
C LYS A 128 -14.49 -33.06 -9.02
N GLY A 129 -13.34 -32.41 -9.21
CA GLY A 129 -12.37 -32.76 -10.23
C GLY A 129 -11.53 -31.56 -10.60
N GLY A 130 -10.83 -31.69 -11.72
CA GLY A 130 -10.01 -30.62 -12.25
C GLY A 130 -10.80 -29.75 -13.23
N LEU A 131 -10.19 -28.64 -13.62
CA LEU A 131 -10.85 -27.64 -14.45
C LEU A 131 -9.82 -27.19 -15.49
N ASN A 132 -10.05 -27.57 -16.73
CA ASN A 132 -9.18 -27.20 -17.84
C ASN A 132 -9.79 -25.96 -18.51
N LEU A 133 -9.02 -24.89 -18.58
CA LEU A 133 -9.48 -23.63 -19.20
C LEU A 133 -9.05 -23.44 -20.65
N ALA A 134 -8.38 -24.43 -21.23
CA ALA A 134 -7.89 -24.33 -22.61
C ALA A 134 -8.63 -25.24 -23.58
N PRO A 135 -8.84 -24.78 -24.80
CA PRO A 135 -9.52 -25.63 -25.79
C PRO A 135 -8.65 -26.85 -26.08
N ASP A 136 -9.26 -27.89 -26.61
CA ASP A 136 -8.48 -29.08 -26.95
C ASP A 136 -7.49 -28.66 -28.03
N GLY A 137 -6.19 -28.94 -27.80
CA GLY A 137 -5.08 -28.53 -28.66
C GLY A 137 -4.18 -27.44 -28.10
N TYR A 138 -4.66 -26.80 -27.05
CA TYR A 138 -3.98 -25.68 -26.40
C TYR A 138 -3.89 -24.46 -27.30
N GLY A 139 -4.87 -24.29 -28.16
CA GLY A 139 -4.91 -23.09 -29.00
C GLY A 139 -5.13 -21.81 -28.19
N TRP A 140 -5.23 -20.69 -28.88
CA TRP A 140 -5.27 -19.42 -28.18
C TRP A 140 -6.53 -19.24 -27.32
N ALA A 141 -6.37 -18.51 -26.23
CA ALA A 141 -7.51 -18.20 -25.34
C ALA A 141 -7.21 -16.98 -24.50
N SER A 142 -8.25 -16.22 -24.16
CA SER A 142 -8.08 -14.93 -23.49
C SER A 142 -9.17 -14.63 -22.46
N GLY A 143 -9.46 -15.56 -21.56
CA GLY A 143 -10.39 -15.30 -20.48
C GLY A 143 -9.80 -14.40 -19.40
N GLY A 144 -10.34 -14.47 -18.18
CA GLY A 144 -11.46 -15.28 -17.78
C GLY A 144 -11.74 -14.94 -16.31
N TYR A 145 -12.79 -15.53 -15.75
CA TYR A 145 -13.32 -15.08 -14.48
C TYR A 145 -13.97 -16.22 -13.73
N ILE A 146 -13.44 -16.49 -12.55
CA ILE A 146 -14.02 -17.44 -11.64
C ILE A 146 -14.22 -16.75 -10.29
N ALA A 147 -15.42 -16.91 -9.74
CA ALA A 147 -15.73 -16.41 -8.42
C ALA A 147 -16.53 -17.36 -7.60
N ASP A 148 -16.29 -17.30 -6.30
CA ASP A 148 -17.10 -18.05 -5.33
C ASP A 148 -17.24 -19.52 -5.72
N SER A 149 -16.15 -20.11 -6.19
CA SER A 149 -16.15 -21.54 -6.57
C SER A 149 -15.16 -22.40 -5.80
N LYS A 150 -15.43 -23.70 -5.83
CA LYS A 150 -14.57 -24.71 -5.19
C LYS A 150 -14.20 -25.68 -6.29
N ILE A 151 -12.91 -25.66 -6.68
CA ILE A 151 -12.29 -26.63 -7.59
C ILE A 151 -11.52 -27.64 -6.74
N ASP A 152 -11.95 -28.89 -6.70
CA ASP A 152 -11.31 -29.80 -5.75
C ASP A 152 -9.87 -30.16 -6.16
N GLY A 153 -9.65 -30.32 -7.46
CA GLY A 153 -8.32 -30.60 -7.98
C GLY A 153 -7.69 -29.39 -8.66
N GLU A 154 -7.10 -29.65 -9.83
CA GLU A 154 -6.16 -28.75 -10.47
C GLU A 154 -6.83 -27.91 -11.57
N VAL A 155 -6.58 -26.61 -11.53
CA VAL A 155 -6.91 -25.71 -12.64
C VAL A 155 -5.69 -25.65 -13.59
N GLY A 156 -5.94 -25.87 -14.87
CA GLY A 156 -4.90 -25.88 -15.89
C GLY A 156 -5.19 -24.80 -16.91
N PRO A 157 -4.58 -23.62 -16.78
CA PRO A 157 -4.93 -22.61 -17.78
C PRO A 157 -4.30 -22.92 -19.14
N TYR A 158 -3.14 -23.60 -19.12
CA TYR A 158 -2.37 -23.92 -20.31
C TYR A 158 -2.16 -22.64 -21.16
N SER A 159 -2.82 -22.50 -22.29
CA SER A 159 -2.54 -21.36 -23.18
C SER A 159 -3.31 -20.08 -22.79
N GLN A 160 -4.17 -20.12 -21.79
CA GLN A 160 -4.88 -18.89 -21.37
C GLN A 160 -3.91 -17.78 -21.05
N GLN A 161 -4.09 -16.61 -21.69
CA GLN A 161 -3.13 -15.51 -21.50
C GLN A 161 -3.11 -14.97 -20.10
N GLN A 162 -4.31 -14.85 -19.55
CA GLN A 162 -4.52 -14.19 -18.29
C GLN A 162 -5.83 -14.74 -17.65
N TRP A 163 -6.04 -14.44 -16.37
CA TRP A 163 -7.20 -14.96 -15.64
C TRP A 163 -7.37 -14.26 -14.31
N TYR A 164 -8.62 -14.10 -13.87
CA TYR A 164 -8.91 -13.58 -12.55
C TYR A 164 -9.80 -14.54 -11.76
N THR A 165 -9.34 -14.86 -10.55
CA THR A 165 -10.10 -15.72 -9.68
C THR A 165 -10.24 -15.01 -8.36
N ARG A 166 -11.45 -15.01 -7.83
CA ARG A 166 -11.64 -14.44 -6.48
C ARG A 166 -12.53 -15.28 -5.57
N ASP A 167 -12.22 -15.15 -4.28
CA ASP A 167 -13.03 -15.65 -3.20
C ASP A 167 -13.55 -17.07 -3.48
N SER A 168 -12.59 -17.98 -3.46
CA SER A 168 -12.67 -19.28 -4.09
C SER A 168 -11.71 -20.23 -3.39
N SER A 169 -11.78 -21.50 -3.79
CA SER A 169 -10.86 -22.53 -3.29
C SER A 169 -10.40 -23.40 -4.47
N VAL A 170 -9.09 -23.61 -4.60
CA VAL A 170 -8.55 -24.45 -5.67
C VAL A 170 -7.53 -25.48 -5.08
N GLY A 171 -7.68 -26.74 -5.44
CA GLY A 171 -6.70 -27.75 -5.02
C GLY A 171 -5.30 -27.51 -5.59
N GLY A 172 -5.24 -26.94 -6.78
CA GLY A 172 -3.98 -26.68 -7.46
C GLY A 172 -4.16 -25.72 -8.62
N TRP A 173 -3.03 -25.30 -9.20
CA TRP A 173 -3.01 -24.31 -10.28
C TRP A 173 -1.78 -24.57 -11.13
N GLY A 174 -2.01 -24.87 -12.40
CA GLY A 174 -1.00 -25.46 -13.27
C GLY A 174 0.09 -24.55 -13.83
N ASN A 175 -0.27 -23.29 -14.09
CA ASN A 175 0.65 -22.37 -14.78
C ASN A 175 0.00 -21.02 -14.94
N GLY A 176 0.79 -20.10 -15.42
CA GLY A 176 0.23 -18.90 -15.99
C GLY A 176 1.09 -18.44 -17.14
N VAL A 177 0.58 -17.43 -17.83
CA VAL A 177 1.16 -17.01 -19.13
C VAL A 177 1.61 -15.59 -19.04
N TRP A 178 0.67 -14.65 -18.96
CA TRP A 178 1.01 -13.24 -18.80
C TRP A 178 0.54 -12.63 -17.48
N ASN A 179 -0.65 -13.02 -17.01
CA ASN A 179 -1.22 -12.36 -15.85
C ASN A 179 -2.34 -13.14 -15.21
N MET A 180 -1.96 -13.95 -14.21
CA MET A 180 -2.92 -14.77 -13.49
C MET A 180 -3.00 -14.10 -12.12
N THR A 181 -4.15 -13.52 -11.84
CA THR A 181 -4.37 -12.74 -10.60
C THR A 181 -5.41 -13.45 -9.73
N PHE A 182 -5.17 -13.37 -8.42
CA PHE A 182 -6.00 -14.03 -7.44
C PHE A 182 -6.27 -13.12 -6.28
N SER A 183 -7.51 -13.04 -5.82
CA SER A 183 -7.78 -12.43 -4.53
C SER A 183 -8.76 -13.25 -3.71
N GLY A 184 -8.39 -13.48 -2.45
CA GLY A 184 -9.24 -14.32 -1.59
C GLY A 184 -9.36 -15.78 -2.00
N VAL A 185 -8.33 -16.28 -2.67
CA VAL A 185 -8.35 -17.66 -3.16
C VAL A 185 -7.50 -18.61 -2.30
N GLU A 186 -8.19 -19.51 -1.62
CA GLU A 186 -7.55 -20.58 -0.87
C GLU A 186 -6.92 -21.52 -1.84
N GLY A 187 -5.60 -21.60 -1.79
CA GLY A 187 -4.86 -22.55 -2.62
C GLY A 187 -4.20 -21.89 -3.84
N ALA A 188 -4.33 -20.57 -3.97
CA ALA A 188 -3.68 -19.88 -5.06
C ALA A 188 -2.17 -20.04 -4.99
N PRO A 189 -1.49 -20.09 -6.16
CA PRO A 189 -0.02 -20.06 -6.06
C PRO A 189 0.46 -18.77 -5.39
N ALA A 190 1.63 -18.82 -4.77
CA ALA A 190 2.11 -17.67 -4.01
C ALA A 190 2.47 -16.55 -4.98
N GLN A 191 2.29 -15.32 -4.53
CA GLN A 191 2.72 -14.12 -5.24
C GLN A 191 4.16 -14.32 -5.70
N SER A 192 4.40 -14.13 -7.00
CA SER A 192 5.75 -14.27 -7.50
C SER A 192 6.05 -13.44 -8.75
N PHE A 193 5.12 -12.57 -9.14
CA PHE A 193 5.33 -11.70 -10.31
C PHE A 193 6.73 -11.09 -10.17
N PRO A 194 7.53 -11.13 -11.24
CA PRO A 194 7.17 -11.31 -12.63
C PRO A 194 7.27 -12.75 -13.09
N GLU A 195 7.80 -13.66 -12.26
CA GLU A 195 7.96 -15.04 -12.71
C GLU A 195 7.80 -16.13 -11.63
N PRO A 196 6.78 -16.98 -11.77
CA PRO A 196 5.75 -16.88 -12.82
C PRO A 196 4.87 -15.64 -12.54
N PRO A 197 4.08 -15.20 -13.53
CA PRO A 197 3.36 -13.90 -13.54
C PRO A 197 2.05 -13.95 -12.67
N TYR A 198 2.24 -14.46 -11.46
CA TYR A 198 1.15 -14.68 -10.49
C TYR A 198 1.04 -13.50 -9.54
N THR A 199 -0.12 -12.84 -9.51
CA THR A 199 -0.40 -11.73 -8.59
C THR A 199 -1.45 -12.16 -7.56
N THR A 200 -1.09 -12.15 -6.27
CA THR A 200 -1.90 -12.88 -5.27
C THR A 200 -2.12 -12.05 -4.05
N LEU A 201 -3.39 -11.83 -3.76
CA LEU A 201 -3.84 -11.03 -2.65
C LEU A 201 -4.58 -11.98 -1.70
N GLU A 202 -4.26 -11.97 -0.40
CA GLU A 202 -4.89 -12.94 0.55
C GLU A 202 -6.40 -12.77 0.54
N THR A 203 -6.84 -11.51 0.45
CA THR A 203 -8.27 -11.22 0.56
C THR A 203 -8.71 -10.27 -0.56
N THR A 204 -10.01 -10.29 -0.81
CA THR A 204 -10.67 -9.27 -1.59
C THR A 204 -11.25 -8.20 -0.66
N PRO A 205 -10.97 -6.91 -0.94
CA PRO A 205 -11.37 -5.84 0.00
C PRO A 205 -12.86 -5.83 0.44
N VAL A 206 -13.77 -5.74 -0.52
CA VAL A 206 -15.20 -5.98 -0.32
C VAL A 206 -15.64 -6.83 -1.49
N SER A 207 -16.70 -7.61 -1.31
CA SER A 207 -17.25 -8.39 -2.42
C SER A 207 -18.63 -8.81 -2.01
N ARG A 208 -19.51 -8.89 -2.97
CA ARG A 208 -20.88 -9.22 -2.66
C ARG A 208 -21.36 -10.10 -3.79
N GLU A 209 -21.54 -11.37 -3.46
CA GLU A 209 -21.89 -12.35 -4.48
C GLU A 209 -23.13 -11.94 -5.31
N LYS A 210 -23.16 -12.40 -6.53
CA LYS A 210 -24.17 -11.96 -7.49
C LYS A 210 -25.47 -12.63 -7.15
N PRO A 211 -26.57 -11.86 -7.20
CA PRO A 211 -27.86 -12.51 -6.97
C PRO A 211 -28.19 -13.57 -8.01
N PHE A 212 -29.00 -14.53 -7.61
CA PHE A 212 -29.38 -15.60 -8.50
C PHE A 212 -30.76 -16.19 -8.18
N LEU A 213 -31.42 -16.67 -9.21
CA LEU A 213 -32.71 -17.33 -9.05
C LEU A 213 -32.54 -18.71 -8.40
N TYR A 214 -33.41 -19.07 -7.46
CA TYR A 214 -33.41 -20.41 -6.93
C TYR A 214 -34.79 -20.83 -6.49
N LEU A 215 -34.94 -22.11 -6.19
CA LEU A 215 -36.17 -22.59 -5.59
C LEU A 215 -36.00 -22.89 -4.11
N ASP A 216 -37.04 -22.45 -3.41
CA ASP A 216 -37.30 -22.75 -2.04
C ASP A 216 -38.63 -23.48 -2.00
N GLY A 217 -38.56 -24.81 -2.13
CA GLY A 217 -39.75 -25.64 -2.28
C GLY A 217 -40.16 -25.52 -3.73
N ASP A 218 -41.47 -25.54 -3.99
CA ASP A 218 -41.96 -25.34 -5.35
C ASP A 218 -42.04 -23.87 -5.78
N ASP A 219 -41.52 -22.91 -5.01
CA ASP A 219 -41.57 -21.54 -5.50
C ASP A 219 -40.23 -20.84 -5.71
N TYR A 220 -40.22 -20.03 -6.76
CA TYR A 220 -39.02 -19.32 -7.20
C TYR A 220 -38.79 -18.11 -6.32
N LYS A 221 -37.51 -17.84 -6.10
CA LYS A 221 -37.04 -16.73 -5.33
C LYS A 221 -35.71 -16.27 -5.93
N VAL A 222 -35.33 -15.04 -5.67
CA VAL A 222 -34.01 -14.57 -6.01
C VAL A 222 -33.27 -14.50 -4.70
N PHE A 223 -32.06 -15.03 -4.72
CA PHE A 223 -31.17 -14.96 -3.57
C PHE A 223 -30.26 -13.80 -3.77
N VAL A 224 -30.15 -12.97 -2.74
CA VAL A 224 -29.35 -11.77 -2.79
C VAL A 224 -28.28 -11.89 -1.68
N PRO A 225 -27.05 -12.26 -2.06
CA PRO A 225 -25.95 -12.34 -1.10
C PRO A 225 -25.62 -11.02 -0.40
N ALA A 226 -25.27 -11.14 0.87
CA ALA A 226 -24.84 -10.03 1.68
C ALA A 226 -23.36 -9.72 1.43
N LYS A 227 -23.04 -8.42 1.40
CA LYS A 227 -21.67 -7.88 1.60
C LYS A 227 -20.74 -8.82 2.39
N ARG A 228 -19.54 -9.08 1.87
CA ARG A 228 -18.42 -9.53 2.70
C ARG A 228 -17.34 -8.43 2.79
N THR A 229 -16.57 -8.44 3.88
CA THR A 229 -15.45 -7.55 4.00
C THR A 229 -14.18 -8.35 4.20
N ASN A 230 -13.06 -7.75 3.78
CA ASN A 230 -11.85 -8.50 3.42
C ASN A 230 -12.13 -9.98 3.29
N ALA A 231 -12.57 -10.40 2.11
CA ALA A 231 -13.15 -11.70 1.89
C ALA A 231 -12.15 -12.77 1.38
N ARG A 232 -12.45 -14.02 1.72
CA ARG A 232 -11.60 -15.13 1.32
C ARG A 232 -12.32 -16.44 1.36
N GLY A 233 -12.10 -17.24 0.32
CA GLY A 233 -12.79 -18.54 0.19
C GLY A 233 -14.24 -18.38 -0.23
N THR A 234 -14.95 -19.49 -0.35
CA THR A 234 -16.32 -19.45 -0.83
C THR A 234 -17.30 -18.94 0.26
N SER A 235 -18.45 -18.48 -0.20
CA SER A 235 -19.50 -17.94 0.66
C SER A 235 -20.41 -19.02 1.24
N TRP A 236 -20.52 -20.08 0.46
CA TRP A 236 -21.37 -21.20 0.76
C TRP A 236 -20.48 -22.22 1.45
N GLY A 237 -21.06 -23.02 2.30
CA GLY A 237 -20.19 -23.71 3.26
C GLY A 237 -19.68 -22.93 4.48
N ASN A 238 -20.58 -22.36 5.30
CA ASN A 238 -20.74 -22.72 6.74
C ASN A 238 -22.09 -23.32 6.50
N GLY A 239 -22.16 -23.79 5.28
CA GLY A 239 -23.22 -23.51 4.37
C GLY A 239 -23.40 -22.04 3.99
N THR A 240 -24.68 -21.83 3.72
CA THR A 240 -25.39 -20.58 3.57
C THR A 240 -24.65 -19.22 3.73
N PRO A 241 -24.68 -18.37 2.67
CA PRO A 241 -24.29 -16.95 2.89
C PRO A 241 -25.39 -16.27 3.68
N GLU A 242 -25.15 -15.18 4.41
CA GLU A 242 -26.25 -14.34 4.82
C GLU A 242 -26.67 -13.67 3.53
N GLY A 243 -27.86 -13.09 3.54
CA GLY A 243 -28.39 -12.46 2.35
C GLY A 243 -29.89 -12.25 2.44
N GLU A 244 -30.57 -12.12 1.31
CA GLU A 244 -32.01 -11.85 1.37
C GLU A 244 -32.75 -12.64 0.26
N SER A 245 -33.73 -13.46 0.64
CA SER A 245 -34.51 -14.16 -0.40
C SER A 245 -35.67 -13.24 -0.78
N LEU A 246 -35.82 -12.99 -2.07
CA LEU A 246 -36.94 -12.21 -2.56
C LEU A 246 -37.84 -13.18 -3.30
N PRO A 247 -39.15 -13.14 -3.03
CA PRO A 247 -39.96 -14.01 -3.91
C PRO A 247 -40.10 -13.50 -5.34
N LEU A 248 -40.33 -14.39 -6.32
CA LEU A 248 -40.50 -13.98 -7.74
C LEU A 248 -41.56 -12.89 -7.96
N ASP A 249 -42.68 -13.00 -7.24
CA ASP A 249 -43.75 -12.03 -7.34
C ASP A 249 -43.38 -10.61 -6.95
N GLN A 250 -42.18 -10.40 -6.41
CA GLN A 250 -41.71 -9.05 -6.13
C GLN A 250 -40.83 -8.53 -7.26
N PHE A 251 -40.83 -9.26 -8.38
CA PHE A 251 -40.13 -8.83 -9.60
C PHE A 251 -41.08 -8.59 -10.74
N TYR A 252 -40.80 -7.54 -11.51
CA TYR A 252 -41.37 -7.37 -12.82
C TYR A 252 -40.58 -8.30 -13.69
N VAL A 253 -41.29 -9.29 -14.21
CA VAL A 253 -40.68 -10.37 -14.94
C VAL A 253 -40.77 -9.93 -16.39
N VAL A 254 -39.73 -9.22 -16.86
CA VAL A 254 -39.75 -8.50 -18.15
C VAL A 254 -39.52 -9.45 -19.34
N LYS A 255 -40.32 -9.26 -20.38
CA LYS A 255 -40.33 -10.12 -21.57
C LYS A 255 -40.31 -9.22 -22.84
N PRO A 256 -39.96 -9.82 -24.02
CA PRO A 256 -39.83 -9.05 -25.27
C PRO A 256 -41.03 -8.18 -25.68
N GLY A 257 -40.74 -6.90 -25.87
CA GLY A 257 -41.71 -5.85 -26.23
C GLY A 257 -41.66 -4.67 -25.23
N ALA A 258 -41.26 -4.95 -23.99
CA ALA A 258 -41.44 -4.00 -22.88
C ALA A 258 -40.81 -2.61 -23.01
N THR A 259 -41.64 -1.62 -22.78
CA THR A 259 -41.18 -0.25 -22.99
C THR A 259 -40.27 0.16 -21.89
N ALA A 260 -39.32 1.04 -22.24
CA ALA A 260 -38.80 1.99 -21.28
C ALA A 260 -39.86 2.19 -20.21
N GLU A 261 -40.99 2.76 -20.62
CA GLU A 261 -42.00 3.22 -19.67
C GLU A 261 -42.51 2.18 -18.66
N THR A 262 -42.76 0.95 -19.08
CA THR A 262 -43.36 0.01 -18.11
C THR A 262 -42.26 -0.57 -17.16
N ILE A 263 -41.03 -0.69 -17.64
CA ILE A 263 -39.95 -1.08 -16.75
C ILE A 263 -39.77 -0.01 -15.69
N ASN A 264 -39.78 1.24 -16.10
CA ASN A 264 -39.50 2.33 -15.19
C ASN A 264 -40.62 2.54 -14.12
N ALA A 265 -41.88 2.35 -14.49
CA ALA A 265 -43.00 2.51 -13.51
C ALA A 265 -43.01 1.41 -12.45
N ALA A 266 -42.83 0.20 -12.90
CA ALA A 266 -42.69 -0.92 -11.98
C ALA A 266 -41.60 -0.67 -10.91
N VAL A 267 -40.46 -0.12 -11.31
CA VAL A 267 -39.40 0.11 -10.33
C VAL A 267 -39.79 1.22 -9.38
N ASP A 268 -39.66 2.44 -9.92
CA ASP A 268 -39.79 3.70 -9.20
C ASP A 268 -40.53 3.35 -7.93
N GLN A 269 -41.79 2.91 -8.07
CA GLN A 269 -42.56 2.47 -6.92
C GLN A 269 -41.95 1.25 -6.15
N GLY A 270 -42.10 -0.02 -6.61
CA GLY A 270 -41.58 -1.12 -5.79
C GLY A 270 -41.14 -2.49 -6.27
N LEU A 271 -41.23 -2.78 -7.57
CA LEU A 271 -40.84 -4.10 -8.08
C LEU A 271 -39.38 -4.11 -8.50
N HIS A 272 -38.71 -5.21 -8.21
CA HIS A 272 -37.40 -5.48 -8.76
C HIS A 272 -37.57 -5.88 -10.23
N LEU A 273 -36.45 -6.05 -10.94
CA LEU A 273 -36.48 -6.42 -12.36
C LEU A 273 -35.78 -7.74 -12.66
N LEU A 274 -36.47 -8.59 -13.41
CA LEU A 274 -35.93 -9.83 -13.91
C LEU A 274 -36.06 -9.83 -15.42
N PHE A 275 -34.96 -9.59 -16.10
CA PHE A 275 -34.96 -9.65 -17.56
C PHE A 275 -34.82 -11.09 -18.04
N THR A 276 -35.88 -11.64 -18.59
CA THR A 276 -35.82 -12.96 -19.18
C THR A 276 -34.92 -12.85 -20.40
N PRO A 277 -34.51 -13.99 -20.96
CA PRO A 277 -33.56 -13.82 -22.06
C PRO A 277 -34.25 -13.02 -23.15
N GLY A 278 -33.47 -12.35 -24.00
CA GLY A 278 -34.05 -11.66 -25.13
C GLY A 278 -33.29 -10.37 -25.34
N VAL A 279 -33.79 -9.62 -26.30
CA VAL A 279 -33.19 -8.36 -26.72
C VAL A 279 -34.24 -7.24 -26.62
N TYR A 280 -33.94 -6.23 -25.82
CA TYR A 280 -34.88 -5.20 -25.48
C TYR A 280 -34.46 -3.86 -26.05
N HIS A 281 -35.20 -3.33 -27.00
CA HIS A 281 -34.93 -1.97 -27.41
C HIS A 281 -35.61 -1.02 -26.42
N VAL A 282 -34.93 0.06 -26.07
CA VAL A 282 -35.50 1.08 -25.25
C VAL A 282 -35.21 2.45 -25.89
N ASP A 283 -36.09 3.44 -25.71
CA ASP A 283 -35.78 4.67 -26.39
C ASP A 283 -36.04 5.85 -25.50
N GLN A 284 -36.16 5.56 -24.22
CA GLN A 284 -35.86 6.51 -23.16
C GLN A 284 -35.07 5.66 -22.09
N PRO A 285 -34.21 6.28 -21.28
CA PRO A 285 -33.38 5.39 -20.44
C PRO A 285 -34.13 4.62 -19.35
N ILE A 286 -33.61 3.44 -19.03
CA ILE A 286 -34.10 2.78 -17.84
C ILE A 286 -33.53 3.45 -16.60
N GLU A 287 -34.39 3.89 -15.69
CA GLU A 287 -33.94 4.55 -14.49
C GLU A 287 -34.27 3.77 -13.23
N ILE A 288 -33.22 3.49 -12.46
CA ILE A 288 -33.41 2.83 -11.18
C ILE A 288 -33.10 3.79 -10.08
N ASP A 289 -34.14 4.23 -9.40
CA ASP A 289 -33.97 5.18 -8.29
C ASP A 289 -34.71 4.75 -7.00
N ARG A 290 -34.51 3.50 -6.64
CA ARG A 290 -34.97 2.98 -5.36
C ARG A 290 -33.85 2.12 -4.80
N ALA A 291 -33.50 2.38 -3.54
CA ALA A 291 -32.43 1.63 -2.95
C ALA A 291 -32.79 0.16 -2.94
N ASN A 292 -31.76 -0.64 -3.05
CA ASN A 292 -31.85 -2.10 -3.15
C ASN A 292 -32.62 -2.77 -4.27
N THR A 293 -32.76 -2.06 -5.36
CA THR A 293 -33.39 -2.62 -6.54
C THR A 293 -32.43 -3.63 -7.11
N VAL A 294 -32.97 -4.80 -7.38
CA VAL A 294 -32.21 -5.83 -8.08
C VAL A 294 -32.70 -5.79 -9.51
N ALA A 295 -31.73 -5.80 -10.44
CA ALA A 295 -32.02 -5.86 -11.87
C ALA A 295 -31.17 -6.97 -12.46
N LEU A 296 -31.78 -8.14 -12.61
CA LEU A 296 -31.04 -9.38 -12.88
C LEU A 296 -31.43 -9.90 -14.24
N GLY A 297 -30.45 -10.05 -15.12
CA GLY A 297 -30.68 -10.62 -16.45
C GLY A 297 -30.37 -12.11 -16.50
N LEU A 298 -31.22 -12.85 -17.21
CA LEU A 298 -31.02 -14.27 -17.48
C LEU A 298 -30.65 -14.47 -18.96
N GLY A 299 -29.86 -15.48 -19.26
CA GLY A 299 -29.60 -15.84 -20.64
C GLY A 299 -29.00 -14.73 -21.51
N LEU A 300 -28.15 -13.88 -20.95
CA LEU A 300 -27.51 -12.78 -21.67
C LEU A 300 -28.52 -11.79 -22.25
N ALA A 301 -29.59 -11.54 -21.47
CA ALA A 301 -30.54 -10.52 -21.78
C ALA A 301 -29.81 -9.24 -22.13
N THR A 302 -30.27 -8.60 -23.20
CA THR A 302 -29.54 -7.52 -23.85
C THR A 302 -30.43 -6.31 -24.02
N ILE A 303 -29.92 -5.14 -23.65
CA ILE A 303 -30.63 -3.87 -23.82
C ILE A 303 -29.95 -3.08 -24.94
N ILE A 304 -30.74 -2.60 -25.90
CA ILE A 304 -30.26 -1.70 -26.93
C ILE A 304 -30.94 -0.35 -26.82
N PRO A 305 -30.18 0.72 -26.54
CA PRO A 305 -30.87 2.01 -26.56
C PRO A 305 -31.00 2.48 -27.98
N ASP A 306 -32.15 3.02 -28.31
CA ASP A 306 -32.37 3.63 -29.63
C ASP A 306 -32.26 5.16 -29.51
N ASN A 307 -32.23 5.87 -30.65
CA ASN A 307 -32.40 7.33 -30.64
C ASN A 307 -31.28 8.03 -29.86
N GLY A 308 -30.17 7.35 -29.68
CA GLY A 308 -28.99 7.88 -28.98
C GLY A 308 -29.16 8.05 -27.47
N VAL A 309 -30.19 7.41 -26.92
CA VAL A 309 -30.39 7.58 -25.49
C VAL A 309 -29.42 6.71 -24.65
N THR A 310 -29.33 7.01 -23.34
CA THR A 310 -28.58 6.20 -22.42
C THR A 310 -29.39 4.96 -22.06
N ALA A 311 -28.78 3.78 -21.96
CA ALA A 311 -29.54 2.56 -21.70
C ALA A 311 -29.99 2.42 -20.24
N LEU A 312 -29.08 2.64 -19.30
CA LEU A 312 -29.38 2.40 -17.91
C LEU A 312 -28.82 3.54 -17.08
N LYS A 313 -29.69 4.16 -16.31
CA LYS A 313 -29.25 5.11 -15.28
C LYS A 313 -29.67 4.64 -13.90
N VAL A 314 -28.77 4.85 -12.94
CA VAL A 314 -28.99 4.44 -11.56
C VAL A 314 -28.82 5.71 -10.72
N GLY A 315 -29.86 6.09 -9.98
CA GLY A 315 -29.77 7.26 -9.12
C GLY A 315 -28.85 7.07 -7.92
N ASP A 316 -28.85 8.08 -7.02
CA ASP A 316 -27.90 8.17 -5.89
C ASP A 316 -28.41 7.46 -4.65
N VAL A 317 -28.69 6.18 -4.83
CA VAL A 317 -29.25 5.34 -3.79
C VAL A 317 -28.32 4.18 -3.42
N ASP A 318 -28.47 3.68 -2.20
CA ASP A 318 -27.80 2.48 -1.74
C ASP A 318 -28.30 1.21 -2.44
N GLY A 319 -27.40 0.24 -2.58
CA GLY A 319 -27.76 -1.15 -2.71
C GLY A 319 -28.31 -1.68 -4.02
N VAL A 320 -28.21 -0.92 -5.10
CA VAL A 320 -28.71 -1.41 -6.37
C VAL A 320 -27.74 -2.47 -6.85
N LYS A 321 -28.32 -3.56 -7.38
CA LYS A 321 -27.56 -4.72 -7.79
C LYS A 321 -28.00 -5.01 -9.20
N VAL A 322 -27.17 -4.61 -10.15
CA VAL A 322 -27.41 -4.88 -11.56
C VAL A 322 -26.55 -6.05 -12.01
N ALA A 323 -27.15 -7.13 -12.53
CA ALA A 323 -26.38 -8.33 -12.80
C ALA A 323 -26.83 -9.01 -14.11
N GLY A 324 -25.86 -9.36 -14.97
CA GLY A 324 -26.11 -10.24 -16.08
C GLY A 324 -26.75 -9.71 -17.34
N LEU A 325 -26.52 -8.42 -17.60
CA LEU A 325 -27.02 -7.77 -18.80
C LEU A 325 -25.90 -7.51 -19.80
N LEU A 326 -26.26 -7.54 -21.08
CA LEU A 326 -25.39 -7.04 -22.15
C LEU A 326 -26.00 -5.79 -22.76
N VAL A 327 -25.39 -4.65 -22.51
CA VAL A 327 -25.82 -3.41 -23.15
C VAL A 327 -25.08 -3.24 -24.46
N ASP A 328 -25.85 -3.16 -25.54
CA ASP A 328 -25.38 -3.18 -26.90
C ASP A 328 -25.75 -1.85 -27.60
N ALA A 329 -24.72 -1.10 -28.04
CA ALA A 329 -24.99 0.22 -28.60
C ALA A 329 -25.83 0.16 -29.86
N GLY A 330 -26.69 1.15 -30.05
CA GLY A 330 -27.41 1.31 -31.31
C GLY A 330 -26.57 2.11 -32.32
N PRO A 331 -27.00 2.11 -33.58
CA PRO A 331 -26.28 2.86 -34.62
C PRO A 331 -26.23 4.38 -34.39
N VAL A 332 -27.24 4.95 -33.73
CA VAL A 332 -27.16 6.35 -33.32
C VAL A 332 -26.27 6.49 -32.08
N ASN A 333 -25.30 7.38 -32.14
CA ASN A 333 -24.39 7.56 -31.03
C ASN A 333 -25.09 7.95 -29.72
N SER A 334 -24.84 7.15 -28.68
CA SER A 334 -25.21 7.50 -27.33
C SER A 334 -24.08 8.20 -26.60
N GLU A 335 -24.35 9.32 -25.95
CA GLU A 335 -23.25 9.97 -25.22
C GLU A 335 -22.78 9.13 -24.03
N THR A 336 -23.70 8.41 -23.40
CA THR A 336 -23.35 7.36 -22.45
C THR A 336 -24.24 6.14 -22.58
N LEU A 337 -23.74 4.96 -22.18
CA LEU A 337 -24.58 3.77 -22.22
C LEU A 337 -25.10 3.39 -20.84
N VAL A 338 -24.25 3.56 -19.82
CA VAL A 338 -24.60 3.19 -18.44
C VAL A 338 -24.11 4.23 -17.43
N GLU A 339 -25.02 4.82 -16.69
CA GLU A 339 -24.63 5.86 -15.69
C GLU A 339 -24.99 5.46 -14.27
N VAL A 340 -23.97 5.29 -13.40
CA VAL A 340 -24.21 4.95 -12.01
C VAL A 340 -24.02 6.21 -11.13
N GLY A 341 -25.15 6.78 -10.76
CA GLY A 341 -25.17 8.01 -10.03
C GLY A 341 -25.18 9.21 -10.96
N SER A 342 -25.67 10.34 -10.43
CA SER A 342 -25.65 11.61 -11.14
C SER A 342 -24.25 12.23 -11.29
N ASP A 343 -24.09 13.23 -12.17
CA ASP A 343 -22.79 13.98 -12.21
C ASP A 343 -22.33 14.62 -10.84
N GLY A 344 -23.13 15.42 -10.15
CA GLY A 344 -22.58 15.99 -8.88
C GLY A 344 -22.39 15.17 -7.55
N ALA A 345 -22.44 13.84 -7.60
CA ALA A 345 -22.93 13.10 -6.42
C ALA A 345 -21.86 12.83 -5.40
N SER A 346 -22.07 13.26 -4.14
CA SER A 346 -21.00 13.14 -3.13
C SER A 346 -21.42 12.47 -1.81
N GLY A 347 -22.53 11.77 -1.86
CA GLY A 347 -22.94 10.97 -0.73
C GLY A 347 -22.14 9.69 -0.71
N ASP A 348 -22.16 9.00 0.42
CA ASP A 348 -21.42 7.77 0.55
C ASP A 348 -22.40 6.61 0.65
N HIS A 349 -21.95 5.44 0.20
CA HIS A 349 -22.79 4.25 0.17
C HIS A 349 -22.01 3.07 0.69
N ALA A 350 -21.18 3.29 1.72
CA ALA A 350 -20.18 2.28 2.09
C ALA A 350 -20.80 1.03 2.73
N ALA A 351 -21.84 1.20 3.55
CA ALA A 351 -22.44 0.04 4.21
C ALA A 351 -23.11 -0.89 3.16
N ASN A 352 -23.92 -0.28 2.28
CA ASN A 352 -24.66 -0.98 1.22
C ASN A 352 -24.46 -0.37 -0.17
N PRO A 353 -23.33 -0.73 -0.82
CA PRO A 353 -23.02 -0.11 -2.11
C PRO A 353 -23.85 -0.61 -3.28
N THR A 354 -23.79 0.14 -4.38
CA THR A 354 -24.35 -0.30 -5.66
C THR A 354 -23.28 -1.12 -6.35
N SER A 355 -23.70 -2.15 -7.07
CA SER A 355 -22.78 -3.01 -7.82
C SER A 355 -23.25 -3.28 -9.24
N LEU A 356 -22.29 -3.38 -10.13
CA LEU A 356 -22.50 -3.96 -11.45
C LEU A 356 -21.71 -5.26 -11.57
N GLN A 357 -22.42 -6.34 -11.90
CA GLN A 357 -21.85 -7.68 -11.96
C GLN A 357 -22.24 -8.37 -13.25
N ASP A 358 -21.25 -8.91 -13.96
CA ASP A 358 -21.51 -9.49 -15.28
C ASP A 358 -22.35 -8.54 -16.12
N VAL A 359 -21.90 -7.29 -16.15
CA VAL A 359 -22.46 -6.28 -17.03
C VAL A 359 -21.46 -6.17 -18.18
N PHE A 360 -21.95 -6.38 -19.39
CA PHE A 360 -21.08 -6.37 -20.56
C PHE A 360 -21.59 -5.25 -21.46
N VAL A 361 -20.68 -4.60 -22.16
CA VAL A 361 -21.05 -3.53 -23.09
C VAL A 361 -20.41 -3.88 -24.42
N ARG A 362 -21.18 -3.78 -25.49
CA ARG A 362 -20.65 -4.01 -26.83
C ARG A 362 -20.96 -2.82 -27.70
N ILE A 363 -19.97 -2.36 -28.47
CA ILE A 363 -20.15 -1.26 -29.40
C ILE A 363 -19.77 -1.77 -30.79
N GLY A 364 -20.79 -2.02 -31.63
CA GLY A 364 -20.61 -2.58 -32.96
C GLY A 364 -20.51 -4.10 -32.94
N GLY A 365 -20.38 -4.73 -34.13
CA GLY A 365 -20.08 -6.16 -34.28
C GLY A 365 -21.30 -6.88 -34.83
N ALA A 366 -22.46 -6.41 -34.41
CA ALA A 366 -23.74 -6.93 -34.88
C ALA A 366 -24.47 -5.90 -35.73
N GLY A 367 -23.69 -5.17 -36.51
CA GLY A 367 -24.18 -4.01 -37.20
C GLY A 367 -23.67 -2.77 -36.49
N PRO A 368 -23.56 -1.64 -37.22
CA PRO A 368 -22.83 -0.50 -36.68
C PRO A 368 -23.41 -0.04 -35.36
N GLY A 369 -22.51 0.44 -34.50
CA GLY A 369 -22.88 0.95 -33.20
C GLY A 369 -21.84 2.00 -32.76
N LYS A 370 -22.29 3.04 -32.04
CA LYS A 370 -21.40 4.09 -31.55
C LYS A 370 -21.80 4.55 -30.17
N ALA A 371 -20.83 4.96 -29.34
CA ALA A 371 -21.14 5.63 -28.09
C ALA A 371 -19.89 6.36 -27.59
N THR A 372 -20.06 7.56 -27.04
CA THR A 372 -18.95 8.37 -26.58
C THR A 372 -18.20 7.76 -25.39
N THR A 373 -18.95 7.51 -24.31
CA THR A 373 -18.40 6.92 -23.10
C THR A 373 -19.36 5.81 -22.68
N SER A 374 -18.86 4.60 -22.47
CA SER A 374 -19.75 3.48 -22.26
C SER A 374 -20.34 3.40 -20.85
N ILE A 375 -19.47 3.43 -19.85
CA ILE A 375 -19.92 3.38 -18.47
C ILE A 375 -19.28 4.53 -17.72
N VAL A 376 -20.12 5.28 -17.01
CA VAL A 376 -19.67 6.35 -16.13
C VAL A 376 -20.07 5.99 -14.71
N VAL A 377 -19.07 5.87 -13.83
CA VAL A 377 -19.34 5.54 -12.43
C VAL A 377 -19.19 6.80 -11.56
N ASN A 378 -20.32 7.38 -11.20
CA ASN A 378 -20.32 8.57 -10.36
C ASN A 378 -20.41 8.31 -8.87
N SER A 379 -21.20 7.32 -8.49
CA SER A 379 -21.49 7.08 -7.07
C SER A 379 -20.32 6.48 -6.29
N ASN A 380 -20.10 7.07 -5.14
CA ASN A 380 -19.08 6.56 -4.28
C ASN A 380 -19.36 5.14 -3.80
N ASP A 381 -18.28 4.40 -3.60
CA ASP A 381 -18.29 3.06 -3.02
C ASP A 381 -18.83 1.96 -3.98
N THR A 382 -19.07 2.31 -5.21
CA THR A 382 -19.58 1.36 -6.20
C THR A 382 -18.58 0.21 -6.43
N ILE A 383 -19.12 -1.00 -6.55
CA ILE A 383 -18.35 -2.20 -6.87
C ILE A 383 -18.62 -2.63 -8.30
N ILE A 384 -17.55 -2.80 -9.08
CA ILE A 384 -17.64 -3.26 -10.44
C ILE A 384 -16.95 -4.63 -10.43
N ASP A 385 -17.74 -5.70 -10.41
CA ASP A 385 -17.23 -7.06 -10.20
C ASP A 385 -17.57 -7.86 -11.43
N HIS A 386 -16.65 -7.79 -12.37
CA HIS A 386 -16.68 -8.45 -13.68
C HIS A 386 -17.45 -7.66 -14.69
N THR A 387 -16.74 -6.88 -15.48
CA THR A 387 -17.39 -6.35 -16.64
C THR A 387 -16.46 -6.43 -17.84
N TRP A 388 -17.06 -6.54 -19.03
CA TRP A 388 -16.31 -6.50 -20.31
C TRP A 388 -16.96 -5.39 -21.09
N VAL A 389 -16.15 -4.37 -21.40
CA VAL A 389 -16.60 -3.15 -22.08
C VAL A 389 -15.75 -3.14 -23.36
N TRP A 390 -16.41 -3.43 -24.46
CA TRP A 390 -15.75 -3.90 -25.68
C TRP A 390 -16.26 -3.19 -26.92
N ARG A 391 -15.39 -2.41 -27.52
CA ARG A 391 -15.66 -1.85 -28.81
C ARG A 391 -15.27 -2.93 -29.79
N ALA A 392 -16.23 -3.36 -30.61
CA ALA A 392 -16.02 -4.53 -31.44
C ALA A 392 -14.82 -4.34 -32.38
N ASP A 393 -13.98 -5.36 -32.42
CA ASP A 393 -12.84 -5.39 -33.33
C ASP A 393 -13.06 -6.30 -34.52
N HIS A 394 -14.22 -6.93 -34.63
CA HIS A 394 -14.55 -7.77 -35.77
C HIS A 394 -16.06 -7.93 -35.84
N GLY A 395 -16.53 -8.47 -36.95
CA GLY A 395 -17.95 -8.65 -37.24
C GLY A 395 -18.48 -7.63 -38.23
N GLU A 396 -19.75 -7.24 -38.05
CA GLU A 396 -20.43 -6.31 -38.95
C GLU A 396 -20.57 -4.96 -38.31
N GLY A 397 -20.38 -3.90 -39.09
CA GLY A 397 -20.54 -2.57 -38.56
C GLY A 397 -19.43 -2.20 -37.60
N VAL A 398 -18.18 -2.36 -38.04
CA VAL A 398 -17.05 -1.87 -37.25
C VAL A 398 -16.10 -1.08 -38.16
N GLY A 399 -15.19 -0.34 -37.56
CA GLY A 399 -14.27 0.48 -38.31
C GLY A 399 -14.00 1.78 -37.55
N TRP A 400 -12.88 2.41 -37.89
CA TRP A 400 -12.31 3.46 -37.03
C TRP A 400 -13.35 4.55 -36.82
N GLU A 401 -14.14 4.79 -37.86
CA GLU A 401 -15.31 5.67 -37.76
C GLU A 401 -16.64 4.92 -37.60
N THR A 402 -16.86 3.79 -38.30
CA THR A 402 -18.16 3.07 -38.20
C THR A 402 -18.45 3.03 -36.74
N ASN A 403 -17.69 2.25 -35.97
CA ASN A 403 -18.09 2.02 -34.59
C ASN A 403 -17.17 2.73 -33.64
N ARG A 404 -16.79 3.96 -34.04
CA ARG A 404 -16.14 4.86 -33.11
C ARG A 404 -16.76 4.86 -31.70
N ALA A 405 -15.89 4.67 -30.71
CA ALA A 405 -16.27 4.79 -29.29
C ALA A 405 -15.04 5.27 -28.54
N ASP A 406 -15.07 6.51 -28.08
CA ASP A 406 -13.83 7.10 -27.56
C ASP A 406 -13.36 6.55 -26.22
N TYR A 407 -14.30 6.41 -25.29
CA TYR A 407 -14.00 6.17 -23.90
C TYR A 407 -14.75 4.95 -23.37
N GLY A 408 -14.07 4.07 -22.67
CA GLY A 408 -14.75 2.89 -22.13
C GLY A 408 -15.46 3.13 -20.81
N VAL A 409 -14.67 3.20 -19.74
CA VAL A 409 -15.14 3.43 -18.40
C VAL A 409 -14.48 4.67 -17.88
N HIS A 410 -15.30 5.53 -17.29
CA HIS A 410 -14.78 6.70 -16.59
C HIS A 410 -15.27 6.65 -15.16
N VAL A 411 -14.34 6.52 -14.22
CA VAL A 411 -14.71 6.46 -12.80
C VAL A 411 -14.51 7.82 -12.16
N LYS A 412 -15.61 8.45 -11.76
CA LYS A 412 -15.57 9.78 -11.12
C LYS A 412 -15.75 9.73 -9.59
N GLY A 413 -16.40 8.68 -9.08
CA GLY A 413 -16.66 8.57 -7.66
C GLY A 413 -15.46 8.05 -6.88
N ASP A 414 -15.57 8.15 -5.55
CA ASP A 414 -14.52 7.80 -4.61
C ASP A 414 -14.78 6.41 -4.03
N ASN A 415 -13.71 5.73 -3.66
CA ASN A 415 -13.75 4.40 -3.04
C ASN A 415 -14.44 3.35 -3.92
N VAL A 416 -14.30 3.54 -5.21
CA VAL A 416 -14.85 2.59 -6.18
C VAL A 416 -13.87 1.44 -6.31
N LEU A 417 -14.39 0.22 -6.39
CA LEU A 417 -13.54 -0.98 -6.51
C LEU A 417 -13.96 -1.71 -7.75
N ALA A 418 -12.96 -2.06 -8.57
CA ALA A 418 -13.16 -2.89 -9.75
C ALA A 418 -12.38 -4.17 -9.54
N THR A 419 -13.06 -5.31 -9.62
CA THR A 419 -12.48 -6.63 -9.53
C THR A 419 -12.83 -7.39 -10.82
N GLY A 420 -11.83 -7.64 -11.66
CA GLY A 420 -12.11 -8.34 -12.91
C GLY A 420 -12.53 -7.36 -14.01
N LEU A 421 -11.65 -6.42 -14.33
CA LEU A 421 -11.95 -5.32 -15.26
C LEU A 421 -11.37 -5.61 -16.65
N PHE A 422 -12.22 -5.79 -17.66
CA PHE A 422 -11.77 -6.11 -19.03
C PHE A 422 -12.32 -5.01 -19.97
N VAL A 423 -11.47 -4.22 -20.60
CA VAL A 423 -11.94 -3.11 -21.42
C VAL A 423 -11.05 -2.98 -22.66
N GLU A 424 -11.63 -3.00 -23.86
CA GLU A 424 -10.80 -3.16 -25.07
C GLU A 424 -11.28 -2.33 -26.27
N HIS A 425 -10.29 -1.72 -26.90
CA HIS A 425 -10.32 -1.25 -28.30
C HIS A 425 -10.89 0.15 -28.51
N PHE A 426 -11.03 0.92 -27.44
CA PHE A 426 -11.56 2.28 -27.60
C PHE A 426 -10.65 3.24 -28.40
N ASN A 427 -11.25 4.23 -29.07
CA ASN A 427 -10.45 5.15 -29.90
C ASN A 427 -9.55 6.06 -29.06
N LYS A 428 -9.94 6.30 -27.81
CA LYS A 428 -9.15 7.07 -26.88
C LYS A 428 -8.86 6.30 -25.59
N TYR A 429 -9.07 6.90 -24.41
CA TYR A 429 -8.77 6.22 -23.17
C TYR A 429 -9.79 5.12 -22.88
N ASP A 430 -9.32 3.89 -22.71
CA ASP A 430 -10.22 2.80 -22.42
C ASP A 430 -10.77 2.93 -21.01
N VAL A 431 -9.88 3.19 -20.07
CA VAL A 431 -10.28 3.49 -18.69
C VAL A 431 -9.61 4.77 -18.22
N GLN A 432 -10.46 5.66 -17.67
CA GLN A 432 -10.03 6.89 -17.01
C GLN A 432 -10.58 6.94 -15.57
N TRP A 433 -9.70 7.21 -14.62
CA TRP A 433 -10.06 7.27 -13.21
C TRP A 433 -9.79 8.66 -12.67
N SER A 434 -10.84 9.32 -12.19
CA SER A 434 -10.78 10.71 -11.73
C SER A 434 -11.06 10.78 -10.24
N GLY A 435 -11.99 9.94 -9.77
CA GLY A 435 -12.31 9.84 -8.36
C GLY A 435 -11.15 9.40 -7.49
N GLU A 436 -11.30 9.52 -6.16
CA GLU A 436 -10.25 9.19 -5.22
C GLU A 436 -10.30 7.77 -4.64
N ASN A 437 -9.12 7.27 -4.27
CA ASN A 437 -9.00 6.02 -3.56
C ASN A 437 -9.58 4.82 -4.31
N GLY A 438 -9.43 4.85 -5.62
CA GLY A 438 -9.90 3.77 -6.42
C GLY A 438 -8.97 2.57 -6.27
N LYS A 439 -9.52 1.40 -6.52
CA LYS A 439 -8.76 0.13 -6.50
C LYS A 439 -9.20 -0.74 -7.68
N THR A 440 -8.22 -1.28 -8.40
CA THR A 440 -8.50 -2.28 -9.44
C THR A 440 -7.68 -3.51 -9.17
N ILE A 441 -8.37 -4.65 -9.05
CA ILE A 441 -7.75 -5.95 -8.98
C ILE A 441 -8.08 -6.70 -10.23
N PHE A 442 -7.05 -6.89 -11.06
CA PHE A 442 -7.11 -7.44 -12.41
C PHE A 442 -7.65 -6.49 -13.48
N TYR A 443 -6.78 -6.22 -14.46
CA TYR A 443 -7.17 -5.48 -15.67
C TYR A 443 -6.62 -6.13 -16.93
N GLN A 444 -7.50 -6.31 -17.91
CA GLN A 444 -7.11 -6.77 -19.24
C GLN A 444 -7.60 -5.76 -20.27
N ASN A 445 -6.66 -5.27 -21.08
CA ASN A 445 -6.97 -4.37 -22.18
C ASN A 445 -6.28 -4.84 -23.45
N ALA A 446 -6.93 -4.61 -24.58
CA ALA A 446 -6.25 -4.57 -25.87
C ALA A 446 -6.61 -3.23 -26.49
N LYS A 447 -5.64 -2.62 -27.13
CA LYS A 447 -5.89 -1.34 -27.75
C LYS A 447 -6.73 -1.49 -29.03
N ALA A 448 -7.05 -0.37 -29.63
CA ALA A 448 -7.70 -0.36 -30.93
C ALA A 448 -6.81 -0.98 -31.97
N TYR A 449 -7.32 -1.97 -32.71
CA TYR A 449 -6.53 -2.60 -33.76
C TYR A 449 -6.57 -1.81 -35.06
N ASP A 450 -7.62 -0.99 -35.20
CA ASP A 450 -7.96 -0.36 -36.47
C ASP A 450 -7.44 1.10 -36.73
N ALA A 451 -6.64 1.66 -35.82
CA ALA A 451 -6.16 3.03 -36.00
C ALA A 451 -5.42 3.13 -37.34
N PRO A 452 -5.73 4.14 -38.15
CA PRO A 452 -5.14 4.15 -39.52
C PRO A 452 -3.71 4.67 -39.59
N ASP A 453 -3.27 5.37 -38.55
CA ASP A 453 -1.97 6.04 -38.58
C ASP A 453 -1.68 6.65 -37.23
N GLN A 454 -0.45 7.10 -37.06
CA GLN A 454 -0.01 7.65 -35.78
C GLN A 454 -0.77 8.92 -35.33
N ALA A 455 -0.90 9.88 -36.24
CA ALA A 455 -1.51 11.15 -35.88
C ALA A 455 -2.95 10.99 -35.46
N ALA A 456 -3.63 10.02 -36.00
CA ALA A 456 -5.02 9.81 -35.57
C ALA A 456 -5.20 9.40 -34.11
N ILE A 457 -4.14 8.89 -33.48
CA ILE A 457 -4.13 8.58 -32.06
C ILE A 457 -3.24 9.52 -31.23
N GLN A 458 -2.92 10.66 -31.81
CA GLN A 458 -2.13 11.65 -31.06
C GLN A 458 -2.96 12.22 -29.89
N ASN A 459 -2.28 12.40 -28.75
CA ASN A 459 -2.91 12.71 -27.49
C ASN A 459 -2.12 13.88 -27.04
N GLY A 460 -2.19 14.93 -27.88
CA GLY A 460 -1.37 16.11 -27.79
C GLY A 460 0.11 15.75 -27.90
N ASP A 461 0.72 15.60 -26.73
CA ASP A 461 2.16 15.40 -26.60
C ASP A 461 2.58 13.93 -26.59
N ILE A 462 1.57 13.08 -26.45
CA ILE A 462 1.80 11.66 -26.23
C ILE A 462 1.33 10.89 -27.43
N LYS A 463 2.07 9.85 -27.81
CA LYS A 463 1.60 8.93 -28.85
C LYS A 463 0.62 7.90 -28.28
N GLY A 464 -0.60 7.90 -28.81
CA GLY A 464 -1.68 7.08 -28.26
C GLY A 464 -2.24 7.55 -26.95
N TYR A 465 -3.34 6.90 -26.55
CA TYR A 465 -4.03 7.12 -25.30
C TYR A 465 -3.82 5.92 -24.41
N ALA A 466 -3.50 6.16 -23.16
CA ALA A 466 -3.33 5.07 -22.23
C ALA A 466 -4.54 4.18 -22.24
N ALA A 467 -4.32 2.89 -22.06
CA ALA A 467 -5.42 1.98 -21.69
C ALA A 467 -6.03 2.25 -20.31
N TYR A 468 -5.24 2.80 -19.40
CA TYR A 468 -5.69 3.07 -18.03
C TYR A 468 -4.98 4.31 -17.54
N LYS A 469 -5.78 5.39 -17.41
CA LYS A 469 -5.34 6.69 -16.97
C LYS A 469 -5.88 7.05 -15.58
N VAL A 470 -4.99 7.29 -14.62
CA VAL A 470 -5.32 7.95 -13.37
C VAL A 470 -5.04 9.43 -13.56
N ASP A 471 -6.05 10.29 -13.35
CA ASP A 471 -5.84 11.71 -13.57
C ASP A 471 -4.76 12.29 -12.62
N ASP A 472 -4.16 13.40 -13.04
CA ASP A 472 -3.14 14.09 -12.24
C ASP A 472 -3.56 14.62 -10.87
N SER A 473 -4.73 15.24 -10.81
CA SER A 473 -5.28 15.73 -9.55
C SER A 473 -5.41 14.61 -8.49
N VAL A 474 -5.51 13.37 -8.95
CA VAL A 474 -5.81 12.27 -8.07
C VAL A 474 -4.72 12.09 -7.00
N THR A 475 -5.14 11.88 -5.77
CA THR A 475 -4.21 11.69 -4.67
C THR A 475 -3.91 10.22 -4.29
N THR A 476 -4.95 9.36 -4.30
CA THR A 476 -4.86 7.99 -3.78
C THR A 476 -5.46 7.04 -4.84
N HIS A 477 -4.76 5.94 -5.12
CA HIS A 477 -5.21 4.94 -6.11
C HIS A 477 -4.32 3.73 -6.02
N GLU A 478 -4.87 2.53 -6.25
CA GLU A 478 -4.01 1.35 -6.33
C GLU A 478 -4.55 0.30 -7.30
N GLY A 479 -3.65 -0.35 -8.02
CA GLY A 479 -4.02 -1.35 -9.00
C GLY A 479 -3.10 -2.56 -8.95
N TRP A 480 -3.68 -3.75 -9.11
CA TRP A 480 -2.94 -5.01 -9.14
C TRP A 480 -3.26 -5.88 -10.36
N GLY A 481 -2.22 -6.36 -11.03
CA GLY A 481 -2.38 -7.43 -12.03
C GLY A 481 -3.03 -6.94 -13.32
N MET A 482 -2.27 -6.20 -14.10
CA MET A 482 -2.85 -5.37 -15.11
C MET A 482 -2.04 -5.25 -16.41
N GLY A 483 -2.67 -5.64 -17.50
CA GLY A 483 -2.02 -5.73 -18.80
C GLY A 483 -2.76 -5.03 -19.93
N SER A 484 -1.98 -4.48 -20.83
CA SER A 484 -2.51 -3.87 -22.06
C SER A 484 -1.75 -4.45 -23.26
N TYR A 485 -2.50 -4.92 -24.27
CA TYR A 485 -1.88 -5.51 -25.47
C TYR A 485 -2.20 -4.69 -26.75
N CYS A 486 -1.29 -4.73 -27.72
CA CYS A 486 -1.52 -4.03 -29.00
C CYS A 486 -1.46 -4.97 -30.20
N TYR A 487 -2.26 -4.68 -31.21
CA TYR A 487 -2.29 -5.41 -32.46
C TYR A 487 -2.74 -4.42 -33.53
N PHE A 488 -1.81 -3.56 -33.91
CA PHE A 488 -2.11 -2.50 -34.86
C PHE A 488 -1.97 -3.08 -36.26
N ASN A 489 -2.96 -3.89 -36.63
CA ASN A 489 -2.94 -4.65 -37.88
C ASN A 489 -3.03 -3.72 -39.07
N VAL A 490 -3.91 -2.73 -38.95
CA VAL A 490 -4.11 -1.75 -40.00
C VAL A 490 -2.80 -1.08 -40.33
N ASN A 491 -2.10 -0.62 -39.29
CA ASN A 491 -0.83 0.10 -39.47
C ASN A 491 0.19 -0.30 -38.40
N PRO A 492 0.92 -1.39 -38.63
CA PRO A 492 1.79 -1.84 -37.53
C PRO A 492 3.03 -0.97 -37.32
N ASP A 493 3.25 0.02 -38.17
CA ASP A 493 4.28 0.98 -37.89
C ASP A 493 3.91 1.91 -36.69
N ILE A 494 2.67 1.87 -36.22
CA ILE A 494 2.26 2.70 -35.09
C ILE A 494 3.07 2.37 -33.83
N ARG A 495 3.23 3.39 -32.99
CA ARG A 495 3.79 3.29 -31.66
C ARG A 495 2.79 3.78 -30.61
N GLN A 496 2.68 3.00 -29.53
CA GLN A 496 1.85 3.32 -28.38
C GLN A 496 2.78 3.67 -27.23
N GLN A 497 2.72 4.90 -26.74
CA GLN A 497 3.73 5.32 -25.79
C GLN A 497 3.71 4.52 -24.52
N HIS A 498 2.50 4.16 -24.06
CA HIS A 498 2.40 3.37 -22.83
C HIS A 498 1.02 2.72 -22.67
N GLY A 499 0.94 1.70 -21.80
CA GLY A 499 -0.33 1.12 -21.43
C GLY A 499 -1.04 1.88 -20.33
N PHE A 500 -0.26 2.48 -19.44
CA PHE A 500 -0.75 3.11 -18.20
C PHE A 500 -0.22 4.54 -18.06
N GLN A 501 -1.05 5.44 -17.54
CA GLN A 501 -0.63 6.82 -17.24
C GLN A 501 -1.14 7.23 -15.88
N ALA A 502 -0.27 7.80 -15.07
CA ALA A 502 -0.68 8.20 -13.71
C ALA A 502 0.31 9.17 -13.15
N PRO A 503 -0.17 10.12 -12.34
CA PRO A 503 0.82 10.97 -11.68
C PRO A 503 1.76 10.13 -10.81
N VAL A 504 2.88 10.73 -10.47
CA VAL A 504 3.88 10.12 -9.63
C VAL A 504 3.79 10.62 -8.17
N LYS A 505 2.87 10.03 -7.40
CA LYS A 505 2.62 10.39 -5.99
C LYS A 505 2.76 9.17 -5.10
N PRO A 506 3.09 9.40 -3.83
CA PRO A 506 3.25 8.20 -3.03
C PRO A 506 2.01 7.29 -2.95
N GLY A 507 0.84 7.91 -2.84
CA GLY A 507 -0.38 7.15 -2.62
C GLY A 507 -1.05 6.66 -3.90
N VAL A 508 -0.39 6.88 -5.05
CA VAL A 508 -0.80 6.30 -6.35
C VAL A 508 0.15 5.15 -6.68
N LYS A 509 -0.33 3.92 -6.52
CA LYS A 509 0.58 2.79 -6.69
C LYS A 509 0.04 1.61 -7.44
N PHE A 510 0.92 1.08 -8.27
CA PHE A 510 0.63 -0.04 -9.12
C PHE A 510 1.59 -1.22 -8.87
N HIS A 511 0.99 -2.40 -8.94
CA HIS A 511 1.65 -3.67 -8.81
C HIS A 511 1.42 -4.54 -10.01
N ASP A 512 2.52 -5.09 -10.53
CA ASP A 512 2.50 -6.09 -11.59
C ASP A 512 1.80 -5.58 -12.85
N LEU A 513 2.49 -4.67 -13.52
CA LEU A 513 2.06 -4.08 -14.79
C LEU A 513 2.75 -4.76 -15.98
N LEU A 514 2.02 -4.89 -17.05
CA LEU A 514 2.66 -5.36 -18.31
C LEU A 514 2.01 -4.82 -19.58
N VAL A 515 2.83 -4.69 -20.63
CA VAL A 515 2.32 -4.42 -21.96
C VAL A 515 2.91 -5.43 -22.92
N VAL A 516 2.13 -5.78 -23.94
CA VAL A 516 2.54 -6.78 -24.89
C VAL A 516 2.14 -6.44 -26.31
N SER A 517 3.10 -6.56 -27.23
CA SER A 517 2.80 -6.49 -28.64
C SER A 517 2.50 -7.86 -29.23
N LEU A 518 1.29 -8.00 -29.78
CA LEU A 518 0.96 -9.28 -30.37
C LEU A 518 1.62 -9.42 -31.75
N GLY A 519 2.82 -9.98 -31.79
CA GLY A 519 3.38 -10.38 -33.07
C GLY A 519 3.95 -9.20 -33.89
N GLY A 520 4.50 -8.20 -33.21
CA GLY A 520 5.17 -7.09 -33.88
C GLY A 520 4.26 -6.08 -34.56
N LYS A 521 2.96 -6.23 -34.32
CA LYS A 521 1.97 -5.37 -34.93
C LYS A 521 1.86 -4.11 -34.07
N GLY A 522 2.76 -3.18 -34.36
CA GLY A 522 2.91 -2.04 -33.48
C GLY A 522 3.81 -2.43 -32.34
N GLN A 523 4.27 -1.44 -31.60
CA GLN A 523 5.01 -1.65 -30.37
C GLN A 523 4.65 -0.60 -29.31
N TYR A 524 4.86 -0.96 -28.05
CA TYR A 524 4.82 0.00 -26.97
C TYR A 524 6.20 0.63 -26.77
N GLU A 525 6.23 1.90 -26.42
CA GLU A 525 7.49 2.59 -26.08
C GLU A 525 7.91 2.39 -24.64
N HIS A 526 6.90 2.23 -23.79
CA HIS A 526 7.10 2.08 -22.37
C HIS A 526 5.90 1.34 -21.82
N VAL A 527 5.97 0.99 -20.53
CA VAL A 527 4.85 0.37 -19.84
C VAL A 527 3.86 1.38 -19.24
N ILE A 528 4.37 2.29 -18.41
CA ILE A 528 3.57 3.31 -17.74
C ILE A 528 4.32 4.64 -17.69
N ASN A 529 3.66 5.72 -18.12
CA ASN A 529 4.36 6.98 -18.31
C ASN A 529 5.59 6.69 -19.25
N ASP A 530 6.79 7.23 -18.95
CA ASP A 530 8.00 6.88 -19.73
C ASP A 530 8.90 5.83 -19.02
N ILE A 531 8.26 5.01 -18.19
CA ILE A 531 8.91 3.92 -17.46
C ILE A 531 8.63 2.55 -18.03
N GLY A 532 9.66 1.71 -18.02
CA GLY A 532 9.56 0.35 -18.47
C GLY A 532 10.15 0.28 -19.87
N ASP A 533 10.54 -0.90 -20.28
CA ASP A 533 11.16 -1.03 -21.57
C ASP A 533 10.11 -1.07 -22.66
N PRO A 534 10.50 -0.60 -23.86
CA PRO A 534 9.58 -0.80 -24.98
C PRO A 534 9.43 -2.27 -25.24
N THR A 535 8.38 -2.64 -25.96
CA THR A 535 8.31 -3.98 -26.49
C THR A 535 9.14 -3.99 -27.76
N SER A 536 9.49 -5.19 -28.22
CA SER A 536 10.44 -5.30 -29.28
C SER A 536 10.40 -6.70 -29.83
N GLY A 537 10.68 -6.83 -31.12
CA GLY A 537 10.67 -8.11 -31.84
C GLY A 537 9.24 -8.40 -32.32
N ASP A 538 9.03 -9.61 -32.85
CA ASP A 538 7.73 -10.08 -33.31
C ASP A 538 7.26 -11.31 -32.53
N THR A 539 7.88 -11.56 -31.39
CA THR A 539 7.79 -12.87 -30.73
C THR A 539 6.86 -12.85 -29.46
N THR A 540 6.29 -11.69 -29.16
CA THR A 540 5.16 -11.53 -28.18
C THR A 540 5.64 -11.60 -26.71
N ILE A 541 6.76 -10.97 -26.47
CA ILE A 541 7.36 -10.98 -25.15
C ILE A 541 6.88 -9.78 -24.30
N PRO A 542 6.31 -10.05 -23.11
CA PRO A 542 5.81 -8.88 -22.36
C PRO A 542 6.87 -7.97 -21.77
N SER A 543 6.63 -6.67 -21.82
CA SER A 543 7.43 -5.71 -21.06
C SER A 543 6.74 -5.44 -19.74
N GLN A 544 7.47 -5.63 -18.64
CA GLN A 544 6.85 -5.66 -17.32
C GLN A 544 7.35 -4.54 -16.43
N VAL A 545 6.53 -4.20 -15.46
CA VAL A 545 6.96 -3.32 -14.37
C VAL A 545 6.32 -3.88 -13.10
N VAL A 546 7.15 -4.28 -12.13
CA VAL A 546 6.68 -4.96 -10.93
C VAL A 546 6.06 -3.96 -9.94
N SER A 547 6.78 -2.87 -9.73
CA SER A 547 6.46 -1.85 -8.72
C SER A 547 6.45 -0.43 -9.32
N PHE A 548 5.35 0.32 -9.11
CA PHE A 548 5.30 1.74 -9.44
C PHE A 548 4.65 2.45 -8.26
N PRO A 549 5.20 3.58 -7.79
CA PRO A 549 6.41 4.23 -8.37
C PRO A 549 7.75 3.83 -7.72
N VAL B 2 -13.36 16.69 21.50
CA VAL B 2 -12.51 15.61 20.97
C VAL B 2 -12.48 14.34 21.85
N VAL B 3 -13.14 13.28 21.38
CA VAL B 3 -13.26 12.08 22.18
C VAL B 3 -11.87 11.47 22.33
N GLY B 4 -11.51 11.16 23.57
CA GLY B 4 -10.31 10.39 23.78
C GLY B 4 -10.57 8.94 23.48
N GLY B 5 -9.50 8.14 23.41
CA GLY B 5 -9.61 6.70 23.29
C GLY B 5 -10.04 6.13 21.94
N GLY B 6 -10.35 4.83 21.97
CA GLY B 6 -10.72 4.14 20.77
C GLY B 6 -9.65 3.49 19.92
N ASP B 7 -10.20 2.75 18.97
CA ASP B 7 -9.68 2.42 17.67
C ASP B 7 -8.31 2.98 17.18
N LEU B 8 -7.32 2.09 16.97
CA LEU B 8 -5.96 2.47 16.49
C LEU B 8 -5.75 2.25 14.97
N GLY B 9 -6.80 1.81 14.30
CA GLY B 9 -6.76 1.74 12.86
C GLY B 9 -6.02 0.53 12.33
N PRO B 10 -5.96 0.42 10.99
CA PRO B 10 -5.48 -0.84 10.42
C PRO B 10 -4.00 -0.88 10.17
N ASN B 11 -3.28 0.19 10.53
CA ASN B 11 -1.82 0.19 10.46
C ASN B 11 -1.13 -0.27 11.75
N VAL B 12 -1.90 -0.47 12.83
CA VAL B 12 -1.41 -1.18 13.99
C VAL B 12 -1.87 -2.64 13.98
N LEU B 13 -0.92 -3.55 13.77
CA LEU B 13 -1.17 -4.98 13.77
C LEU B 13 -0.88 -5.57 15.13
N VAL B 14 -1.91 -6.12 15.76
CA VAL B 14 -1.81 -6.60 17.11
C VAL B 14 -1.86 -8.13 17.11
N PHE B 15 -0.80 -8.73 17.63
CA PHE B 15 -0.63 -10.17 17.68
C PHE B 15 -0.82 -10.74 19.08
N ASP B 16 -1.32 -11.97 19.16
CA ASP B 16 -1.20 -12.74 20.38
C ASP B 16 -0.79 -14.17 19.98
N PRO B 17 -0.47 -15.03 20.96
CA PRO B 17 0.03 -16.36 20.58
C PRO B 17 -0.96 -17.22 19.79
N SER B 18 -2.20 -16.77 19.77
CA SER B 18 -3.28 -17.53 19.14
C SER B 18 -3.55 -17.05 17.70
N THR B 19 -3.10 -15.84 17.34
CA THR B 19 -3.30 -15.39 15.97
C THR B 19 -2.58 -16.36 15.05
N PRO B 20 -3.27 -16.76 13.98
CA PRO B 20 -2.57 -17.73 13.14
C PRO B 20 -1.70 -16.95 12.20
N ASP B 21 -0.82 -17.66 11.50
CA ASP B 21 -0.05 -17.08 10.43
C ASP B 21 0.90 -15.94 10.85
N ILE B 22 1.39 -15.95 12.09
CA ILE B 22 2.18 -14.82 12.56
C ILE B 22 3.43 -14.57 11.65
N GLN B 23 4.17 -15.62 11.30
CA GLN B 23 5.36 -15.41 10.50
C GLN B 23 4.97 -14.93 9.09
N GLY B 24 3.84 -15.43 8.56
CA GLY B 24 3.45 -15.07 7.21
C GLY B 24 3.06 -13.61 7.17
N LYS B 25 2.43 -13.18 8.24
CA LYS B 25 1.99 -11.78 8.37
C LYS B 25 3.17 -10.84 8.48
N VAL B 26 4.09 -11.10 9.42
CA VAL B 26 5.21 -10.17 9.57
C VAL B 26 6.06 -10.19 8.30
N ASP B 27 6.06 -11.32 7.61
CA ASP B 27 6.77 -11.41 6.32
C ASP B 27 6.15 -10.58 5.19
N GLU B 28 4.81 -10.55 5.11
CA GLU B 28 4.20 -9.79 4.02
C GLU B 28 4.38 -8.29 4.28
N VAL B 29 4.51 -7.88 5.55
CA VAL B 29 4.88 -6.49 5.82
C VAL B 29 6.32 -6.22 5.34
N PHE B 30 7.29 -7.10 5.68
CA PHE B 30 8.69 -6.90 5.24
C PHE B 30 8.79 -6.93 3.72
N ARG B 31 7.97 -7.76 3.08
CA ARG B 31 7.88 -7.77 1.63
C ARG B 31 7.61 -6.36 1.12
N LYS B 32 6.57 -5.75 1.68
CA LYS B 32 6.06 -4.39 1.35
C LYS B 32 7.13 -3.31 1.64
N GLN B 33 7.87 -3.49 2.71
CA GLN B 33 8.69 -2.39 3.23
C GLN B 33 10.20 -2.53 3.11
N GLU B 34 10.73 -3.71 2.86
CA GLU B 34 12.16 -3.93 2.83
C GLU B 34 12.96 -2.84 2.09
N SER B 35 12.52 -2.48 0.90
CA SER B 35 13.23 -1.44 0.15
C SER B 35 12.39 -0.17 -0.07
N ASN B 36 11.35 -0.03 0.74
CA ASN B 36 10.39 1.08 0.61
C ASN B 36 10.94 2.31 1.35
N GLN B 37 12.05 2.87 0.89
CA GLN B 37 12.78 3.87 1.67
C GLN B 37 12.04 5.20 1.87
N PHE B 38 11.29 5.60 0.87
CA PHE B 38 10.67 6.92 0.88
C PHE B 38 9.15 6.89 0.71
N GLY B 39 8.56 5.69 0.69
CA GLY B 39 7.10 5.56 0.61
C GLY B 39 6.40 6.05 1.87
N THR B 40 5.08 6.20 1.79
CA THR B 40 4.30 6.77 2.86
C THR B 40 3.53 5.71 3.69
N ASP B 41 3.80 4.46 3.40
CA ASP B 41 3.24 3.34 4.13
C ASP B 41 3.93 3.29 5.51
N ARG B 42 3.20 2.91 6.56
CA ARG B 42 3.70 2.85 7.94
C ARG B 42 3.03 1.70 8.68
N TYR B 43 3.82 0.97 9.48
CA TYR B 43 3.34 -0.17 10.23
C TYR B 43 3.82 -0.17 11.67
N ALA B 44 2.93 -0.48 12.61
CA ALA B 44 3.32 -0.83 13.97
C ALA B 44 2.87 -2.24 14.27
N LEU B 45 3.81 -3.11 14.63
CA LEU B 45 3.51 -4.51 14.92
C LEU B 45 3.59 -4.66 16.39
N MET B 46 2.45 -4.93 17.04
CA MET B 46 2.47 -5.07 18.46
C MET B 46 1.99 -6.40 19.04
N PHE B 47 2.81 -6.87 19.96
CA PHE B 47 2.72 -8.23 20.48
C PHE B 47 2.22 -8.29 21.92
N LYS B 48 1.04 -8.88 22.11
CA LYS B 48 0.51 -9.19 23.48
C LYS B 48 1.53 -10.03 24.28
N PRO B 49 1.54 -9.88 25.61
CA PRO B 49 2.29 -10.75 26.54
C PRO B 49 2.15 -12.23 26.24
N GLY B 50 3.30 -12.90 26.25
CA GLY B 50 3.36 -14.35 26.09
C GLY B 50 4.67 -14.78 25.43
N THR B 51 4.68 -16.03 24.94
CA THR B 51 5.83 -16.64 24.34
C THR B 51 5.51 -17.00 22.90
N TYR B 52 6.37 -16.58 21.97
CA TYR B 52 6.20 -16.82 20.56
C TYR B 52 7.35 -17.65 20.06
N ASN B 53 7.04 -18.77 19.42
CA ASN B 53 7.99 -19.66 18.79
C ASN B 53 8.18 -19.37 17.30
N ASP B 54 9.29 -19.88 16.78
CA ASP B 54 9.47 -20.01 15.34
C ASP B 54 9.20 -18.70 14.63
N ILE B 55 9.77 -17.65 15.18
CA ILE B 55 9.56 -16.32 14.64
C ILE B 55 10.86 -15.62 14.30
N ASN B 56 10.90 -15.06 13.10
CA ASN B 56 12.03 -14.24 12.68
C ASN B 56 11.39 -13.05 12.04
N ALA B 57 11.27 -11.98 12.81
CA ALA B 57 10.56 -10.80 12.35
C ALA B 57 11.59 -9.88 11.73
N GLN B 58 11.63 -9.87 10.42
CA GLN B 58 12.53 -8.96 9.72
C GLN B 58 11.83 -7.60 9.59
N ILE B 59 12.58 -6.55 9.88
CA ILE B 59 12.03 -5.23 10.03
C ILE B 59 12.55 -4.36 8.89
N GLY B 60 11.62 -3.92 8.04
CA GLY B 60 11.94 -3.00 6.96
C GLY B 60 11.73 -1.55 7.32
N PHE B 61 11.73 -0.69 6.31
CA PHE B 61 11.41 0.71 6.52
C PHE B 61 10.07 0.98 7.22
N TYR B 62 10.08 1.98 8.09
CA TYR B 62 8.89 2.52 8.74
C TYR B 62 8.02 1.45 9.39
N THR B 63 8.71 0.50 10.05
CA THR B 63 8.08 -0.57 10.79
C THR B 63 8.64 -0.48 12.21
N SER B 64 7.74 -0.35 13.19
CA SER B 64 8.07 -0.40 14.60
C SER B 64 7.56 -1.77 15.16
N ILE B 65 8.37 -2.41 15.98
CA ILE B 65 7.93 -3.69 16.60
C ILE B 65 8.11 -3.55 18.10
N ALA B 66 7.11 -4.02 18.86
CA ALA B 66 7.15 -3.89 20.30
C ALA B 66 6.28 -4.92 20.99
N GLY B 67 6.66 -5.18 22.24
CA GLY B 67 5.85 -5.94 23.19
C GLY B 67 4.96 -5.02 24.04
N LEU B 68 3.83 -5.59 24.48
CA LEU B 68 2.79 -4.87 25.22
C LEU B 68 2.68 -5.29 26.67
N GLY B 69 3.73 -5.95 27.18
CA GLY B 69 3.78 -6.38 28.58
C GLY B 69 4.33 -5.35 29.55
N LEU B 70 4.23 -5.66 30.86
CA LEU B 70 4.74 -4.80 31.94
C LEU B 70 6.18 -4.53 31.65
N ASN B 71 6.89 -5.65 31.53
CA ASN B 71 8.32 -5.73 31.31
C ASN B 71 8.65 -6.34 29.95
N PRO B 72 9.91 -6.19 29.52
CA PRO B 72 10.31 -6.77 28.22
C PRO B 72 10.15 -8.29 28.31
N ASP B 73 10.46 -8.77 29.50
CA ASP B 73 10.45 -10.20 29.74
C ASP B 73 9.06 -10.84 29.65
N ASP B 74 8.03 -10.01 29.59
CA ASP B 74 6.65 -10.52 29.50
C ASP B 74 6.26 -10.91 28.08
N THR B 75 7.04 -10.43 27.12
CA THR B 75 6.74 -10.70 25.71
C THR B 75 7.99 -11.26 25.09
N THR B 76 8.00 -12.59 24.93
CA THR B 76 9.19 -13.35 24.66
C THR B 76 9.12 -13.98 23.31
N PHE B 77 10.19 -13.81 22.58
CA PHE B 77 10.35 -14.46 21.29
C PHE B 77 11.44 -15.50 21.37
N ASN B 78 11.08 -16.72 21.00
CA ASN B 78 12.08 -17.75 20.72
C ASN B 78 12.34 -17.66 19.25
N GLY B 79 13.40 -16.93 18.92
CA GLY B 79 13.53 -16.34 17.62
C GLY B 79 14.05 -14.92 17.68
N ASP B 80 13.80 -14.14 16.62
CA ASP B 80 14.60 -12.97 16.33
C ASP B 80 13.80 -11.75 15.87
N VAL B 81 14.46 -10.60 15.98
CA VAL B 81 14.04 -9.34 15.39
C VAL B 81 15.25 -8.86 14.57
N THR B 82 15.15 -8.99 13.24
CA THR B 82 16.30 -8.99 12.34
C THR B 82 16.28 -7.82 11.34
N VAL B 83 17.34 -7.02 11.39
CA VAL B 83 17.65 -6.11 10.30
C VAL B 83 19.01 -6.50 9.69
N ASP B 84 19.02 -6.68 8.37
CA ASP B 84 20.20 -6.97 7.58
C ASP B 84 20.05 -6.16 6.30
N ALA B 85 20.97 -6.32 5.36
CA ALA B 85 21.09 -5.37 4.26
C ALA B 85 20.97 -6.00 2.87
N GLY B 86 20.25 -7.11 2.79
CA GLY B 86 20.14 -7.81 1.52
C GLY B 86 19.78 -6.89 0.37
N TRP B 87 18.81 -6.00 0.62
CA TRP B 87 18.13 -5.25 -0.43
C TRP B 87 19.09 -4.21 -1.03
N PHE B 88 20.13 -3.81 -0.28
CA PHE B 88 21.09 -2.84 -0.81
C PHE B 88 22.44 -3.53 -0.95
N ASP B 89 22.35 -4.78 -1.38
CA ASP B 89 23.53 -5.56 -1.74
C ASP B 89 24.64 -5.64 -0.66
N GLY B 90 24.23 -5.63 0.63
CA GLY B 90 25.13 -5.86 1.76
C GLY B 90 25.52 -4.60 2.53
N ASN B 91 25.06 -3.46 2.01
CA ASN B 91 25.40 -2.13 2.54
C ASN B 91 24.25 -1.68 3.46
N ALA B 92 24.51 -1.42 4.74
CA ALA B 92 23.44 -1.11 5.70
C ALA B 92 23.30 0.38 6.00
N THR B 93 23.96 1.23 5.21
CA THR B 93 23.95 2.68 5.50
C THR B 93 22.69 3.43 5.09
N GLN B 94 21.70 2.70 4.61
CA GLN B 94 20.43 3.28 4.30
C GLN B 94 19.33 2.56 5.09
N ASN B 95 19.71 1.79 6.09
CA ASN B 95 18.70 1.08 6.91
C ASN B 95 18.14 1.97 8.00
N PHE B 96 17.28 2.89 7.58
CA PHE B 96 16.77 3.92 8.48
C PHE B 96 15.34 3.67 8.95
N TRP B 97 14.90 4.45 9.94
CA TRP B 97 13.45 4.69 10.23
C TRP B 97 12.68 3.42 10.63
N ARG B 98 13.14 2.76 11.69
CA ARG B 98 12.43 1.57 12.18
C ARG B 98 12.77 1.41 13.67
N SER B 99 12.11 0.54 14.41
CA SER B 99 12.38 0.49 15.84
C SER B 99 11.99 -0.84 16.45
N ALA B 100 12.67 -1.20 17.54
CA ALA B 100 12.30 -2.35 18.39
C ALA B 100 12.19 -1.89 19.83
N GLU B 101 11.08 -2.27 20.48
CA GLU B 101 10.79 -1.86 21.85
C GLU B 101 10.23 -2.99 22.75
N ASN B 102 10.72 -3.12 23.97
CA ASN B 102 9.97 -3.83 25.03
C ASN B 102 9.66 -5.30 24.74
N LEU B 103 10.71 -5.99 24.30
CA LEU B 103 10.68 -7.43 23.96
C LEU B 103 11.91 -8.15 24.56
N ALA B 104 11.73 -9.43 24.88
CA ALA B 104 12.83 -10.33 25.14
C ALA B 104 13.05 -11.26 23.93
N LEU B 105 14.29 -11.37 23.50
CA LEU B 105 14.65 -12.23 22.38
C LEU B 105 15.55 -13.40 22.83
N ASN B 106 15.22 -14.57 22.33
CA ASN B 106 16.01 -15.78 22.51
C ASN B 106 16.42 -16.20 21.08
N PRO B 107 17.46 -15.57 20.54
CA PRO B 107 17.74 -15.69 19.10
C PRO B 107 18.15 -17.09 18.72
N VAL B 108 17.75 -17.50 17.53
CA VAL B 108 17.78 -18.90 17.18
C VAL B 108 19.21 -19.45 17.09
N ASN B 109 20.19 -18.59 16.75
CA ASN B 109 21.59 -19.03 16.83
C ASN B 109 22.34 -18.46 18.00
N GLY B 110 21.66 -17.89 18.97
CA GLY B 110 22.35 -17.29 20.10
C GLY B 110 22.73 -15.83 19.87
N THR B 111 22.55 -15.32 18.65
CA THR B 111 22.87 -13.92 18.35
C THR B 111 21.81 -13.29 17.45
N ASN B 112 21.26 -12.16 17.90
CA ASN B 112 20.29 -11.41 17.11
C ASN B 112 21.04 -10.39 16.27
N ARG B 113 20.63 -10.25 15.01
CA ARG B 113 21.25 -9.26 14.11
C ARG B 113 20.36 -8.01 13.98
N TRP B 114 20.93 -6.86 14.28
CA TRP B 114 20.25 -5.58 14.21
C TRP B 114 21.18 -4.60 13.48
N ALA B 115 21.28 -4.78 12.16
CA ALA B 115 22.27 -4.08 11.38
C ALA B 115 21.67 -2.83 10.77
N VAL B 116 21.58 -1.82 11.61
CA VAL B 116 20.90 -0.58 11.26
C VAL B 116 21.87 0.57 11.11
N SER B 117 21.47 1.62 10.39
CA SER B 117 22.15 2.92 10.52
C SER B 117 21.18 3.86 11.25
N GLN B 118 21.01 5.12 10.82
CA GLN B 118 20.39 6.12 11.69
C GLN B 118 18.89 5.95 11.86
N ALA B 119 18.37 6.48 12.97
CA ALA B 119 16.93 6.56 13.28
C ALA B 119 16.31 5.16 13.39
N ALA B 120 17.01 4.29 14.12
CA ALA B 120 16.58 2.90 14.28
C ALA B 120 16.75 2.43 15.73
N PRO B 121 16.04 3.09 16.64
CA PRO B 121 16.34 2.83 18.05
C PRO B 121 15.96 1.40 18.54
N PHE B 122 16.69 0.97 19.57
CA PHE B 122 16.54 -0.38 20.18
C PHE B 122 16.44 -0.06 21.67
N ARG B 123 15.21 -0.11 22.19
CA ARG B 123 14.91 0.36 23.53
C ARG B 123 14.25 -0.71 24.37
N ARG B 124 14.61 -0.75 25.64
CA ARG B 124 13.89 -1.60 26.55
C ARG B 124 13.84 -3.04 26.09
N MET B 125 14.98 -3.52 25.58
CA MET B 125 15.08 -4.86 25.03
C MET B 125 15.88 -5.73 25.98
N HIS B 126 15.56 -7.01 25.96
CA HIS B 126 16.37 -8.03 26.64
C HIS B 126 16.73 -9.08 25.61
N VAL B 127 18.01 -9.14 25.27
CA VAL B 127 18.53 -10.16 24.40
C VAL B 127 19.22 -11.27 25.19
N LYS B 128 18.70 -12.48 25.10
CA LYS B 128 19.24 -13.66 25.81
C LYS B 128 20.29 -14.36 24.95
N GLY B 129 21.16 -13.55 24.34
CA GLY B 129 22.29 -14.03 23.58
C GLY B 129 23.14 -12.83 23.23
N GLY B 130 23.73 -12.88 22.06
CA GLY B 130 24.57 -11.81 21.60
C GLY B 130 23.78 -10.93 20.67
N LEU B 131 24.41 -9.80 20.27
CA LEU B 131 23.75 -8.83 19.40
C LEU B 131 24.79 -8.39 18.40
N ASN B 132 24.57 -8.77 17.17
CA ASN B 132 25.40 -8.39 16.05
C ASN B 132 24.78 -7.17 15.35
N LEU B 133 25.58 -6.12 15.24
CA LEU B 133 25.14 -4.83 14.67
C LEU B 133 25.55 -4.68 13.21
N ALA B 134 26.20 -5.68 12.65
CA ALA B 134 26.69 -5.59 11.26
C ALA B 134 25.87 -6.46 10.31
N PRO B 135 25.67 -6.01 9.07
CA PRO B 135 24.98 -6.85 8.10
C PRO B 135 25.78 -8.08 7.81
N ASP B 136 25.13 -9.10 7.29
CA ASP B 136 25.82 -10.33 6.94
C ASP B 136 26.81 -9.96 5.86
N GLY B 137 28.10 -10.26 6.10
CA GLY B 137 29.19 -9.83 5.19
C GLY B 137 30.04 -8.66 5.68
N TYR B 138 29.65 -8.03 6.79
CA TYR B 138 30.47 -7.05 7.50
C TYR B 138 30.72 -5.76 6.63
N GLY B 139 29.86 -5.54 5.63
CA GLY B 139 29.85 -4.28 4.85
C GLY B 139 29.44 -3.04 5.65
N TRP B 140 29.39 -1.88 5.00
CA TRP B 140 29.29 -0.62 5.69
C TRP B 140 27.99 -0.40 6.52
N ALA B 141 28.15 0.27 7.65
CA ALA B 141 27.02 0.55 8.52
C ALA B 141 27.34 1.78 9.38
N SER B 142 26.29 2.55 9.69
CA SER B 142 26.44 3.85 10.34
C SER B 142 25.29 4.14 11.33
N GLY B 143 25.21 3.31 12.36
CA GLY B 143 24.25 3.47 13.45
C GLY B 143 24.81 4.37 14.54
N GLY B 144 24.28 4.31 15.77
CA GLY B 144 23.16 3.53 16.19
C GLY B 144 22.87 3.91 17.63
N TYR B 145 21.82 3.32 18.18
CA TYR B 145 21.26 3.76 19.46
C TYR B 145 20.66 2.61 20.25
N ILE B 146 21.22 2.34 21.43
CA ILE B 146 20.65 1.36 22.36
C ILE B 146 20.45 2.05 23.69
N ALA B 147 19.25 1.92 24.24
CA ALA B 147 18.98 2.41 25.57
C ALA B 147 18.11 1.46 26.37
N ASP B 148 18.36 1.48 27.67
CA ASP B 148 17.55 0.75 28.65
C ASP B 148 17.39 -0.71 28.26
N SER B 149 18.48 -1.28 27.78
CA SER B 149 18.49 -2.67 27.33
C SER B 149 19.53 -3.51 28.05
N LYS B 150 19.41 -4.79 27.73
CA LYS B 150 19.97 -5.85 28.53
C LYS B 150 20.40 -6.86 27.50
N ILE B 151 21.70 -6.86 27.18
CA ILE B 151 22.26 -7.85 26.25
C ILE B 151 23.09 -8.85 27.06
N ASP B 152 22.65 -10.10 27.14
CA ASP B 152 23.28 -11.03 28.07
C ASP B 152 24.71 -11.39 27.69
N GLY B 153 24.98 -11.56 26.40
CA GLY B 153 26.35 -11.79 25.97
C GLY B 153 26.95 -10.58 25.30
N GLU B 154 27.66 -10.81 24.21
CA GLU B 154 28.46 -9.77 23.61
C GLU B 154 27.73 -9.04 22.47
N VAL B 155 28.19 -7.83 22.25
CA VAL B 155 27.61 -6.94 21.28
C VAL B 155 28.76 -6.80 20.33
N GLY B 156 28.50 -7.15 19.08
CA GLY B 156 29.53 -7.11 18.05
C GLY B 156 29.17 -6.00 17.06
N PRO B 157 29.88 -4.87 17.14
CA PRO B 157 29.61 -3.84 16.12
C PRO B 157 30.24 -4.15 14.77
N TYR B 158 31.39 -4.84 14.78
CA TYR B 158 32.19 -5.13 13.58
C TYR B 158 32.43 -3.86 12.71
N SER B 159 31.75 -3.75 11.58
CA SER B 159 31.90 -2.62 10.67
C SER B 159 31.21 -1.32 11.08
N GLN B 160 30.36 -1.38 12.09
CA GLN B 160 29.69 -0.13 12.52
C GLN B 160 30.67 1.01 12.85
N GLN B 161 30.46 2.19 12.24
CA GLN B 161 31.45 3.25 12.39
C GLN B 161 31.47 3.79 13.80
N GLN B 162 30.27 3.92 14.36
CA GLN B 162 30.09 4.55 15.66
C GLN B 162 28.81 4.01 16.27
N TRP B 163 28.59 4.33 17.56
CA TRP B 163 27.42 3.82 18.27
C TRP B 163 27.27 4.53 19.60
N TYR B 164 26.02 4.68 20.07
CA TYR B 164 25.77 5.22 21.40
C TYR B 164 24.89 4.26 22.17
N THR B 165 25.33 3.91 23.37
CA THR B 165 24.56 3.06 24.25
C THR B 165 24.42 3.77 25.57
N ARG B 166 23.18 3.82 26.09
CA ARG B 166 22.99 4.36 27.46
C ARG B 166 22.11 3.52 28.36
N ASP B 167 22.48 3.56 29.63
CA ASP B 167 21.64 3.04 30.71
C ASP B 167 21.15 1.64 30.40
N SER B 168 22.13 0.77 30.29
CA SER B 168 21.96 -0.58 29.80
C SER B 168 22.96 -1.48 30.52
N SER B 169 22.89 -2.75 30.16
CA SER B 169 23.83 -3.76 30.63
C SER B 169 24.22 -4.63 29.43
N VAL B 170 25.53 -4.82 29.25
CA VAL B 170 26.05 -5.71 28.21
C VAL B 170 26.96 -6.75 28.88
N GLY B 171 26.83 -8.01 28.48
CA GLY B 171 27.71 -9.02 29.02
C GLY B 171 29.12 -8.80 28.45
N GLY B 172 29.20 -8.16 27.28
CA GLY B 172 30.48 -7.86 26.64
C GLY B 172 30.37 -6.92 25.45
N TRP B 173 31.49 -6.35 25.05
CA TRP B 173 31.55 -5.44 23.90
C TRP B 173 32.82 -5.72 23.08
N GLY B 174 32.65 -5.99 21.78
CA GLY B 174 33.69 -6.58 20.97
C GLY B 174 34.72 -5.62 20.39
N ASN B 175 34.28 -4.48 19.86
CA ASN B 175 35.21 -3.60 19.17
C ASN B 175 34.64 -2.23 18.96
N GLY B 176 35.55 -1.29 18.71
CA GLY B 176 35.18 0.05 18.28
C GLY B 176 35.95 0.48 17.05
N VAL B 177 35.22 1.11 16.12
CA VAL B 177 35.73 1.52 14.82
C VAL B 177 36.20 2.99 14.88
N TRP B 178 35.28 3.96 14.76
CA TRP B 178 35.62 5.37 14.99
C TRP B 178 35.20 6.00 16.33
N ASN B 179 34.02 5.65 16.85
CA ASN B 179 33.47 6.36 18.02
C ASN B 179 32.36 5.58 18.70
N MET B 180 32.72 4.79 19.70
CA MET B 180 31.74 4.04 20.46
C MET B 180 31.68 4.72 21.82
N THR B 181 30.50 5.27 22.14
CA THR B 181 30.27 6.02 23.37
C THR B 181 29.25 5.31 24.25
N PHE B 182 29.49 5.34 25.56
CA PHE B 182 28.67 4.66 26.54
C PHE B 182 28.42 5.62 27.69
N SER B 183 27.17 5.71 28.17
CA SER B 183 26.90 6.41 29.41
C SER B 183 25.94 5.57 30.25
N GLY B 184 26.32 5.33 31.48
CA GLY B 184 25.52 4.47 32.33
C GLY B 184 25.42 3.03 31.92
N VAL B 185 26.42 2.48 31.27
CA VAL B 185 26.33 1.12 30.72
C VAL B 185 27.13 0.14 31.55
N GLU B 186 26.41 -0.74 32.24
CA GLU B 186 27.09 -1.74 33.04
C GLU B 186 27.66 -2.77 32.09
N GLY B 187 28.96 -2.98 32.19
CA GLY B 187 29.65 -3.91 31.33
C GLY B 187 30.38 -3.25 30.19
N ALA B 188 30.23 -1.93 30.02
CA ALA B 188 30.95 -1.23 28.94
C ALA B 188 32.48 -1.32 29.09
N PRO B 189 33.20 -1.23 27.96
CA PRO B 189 34.66 -1.13 28.13
C PRO B 189 35.09 0.19 28.80
N ALA B 190 36.22 0.15 29.50
CA ALA B 190 36.74 1.35 30.12
C ALA B 190 37.10 2.36 29.08
N GLN B 191 37.05 3.62 29.51
CA GLN B 191 37.52 4.75 28.73
C GLN B 191 38.89 4.43 28.17
N SER B 192 39.06 4.59 26.86
CA SER B 192 40.28 4.11 26.18
C SER B 192 40.75 5.01 25.04
N PHE B 193 39.87 5.94 24.62
CA PHE B 193 40.00 6.64 23.32
C PHE B 193 41.40 7.24 23.27
N PRO B 194 42.04 7.19 22.11
CA PRO B 194 41.56 6.60 20.86
C PRO B 194 41.67 5.08 20.68
N GLU B 195 42.46 4.35 21.47
CA GLU B 195 42.64 2.88 21.23
C GLU B 195 42.13 1.90 22.29
N PRO B 196 41.04 1.20 21.98
CA PRO B 196 40.08 1.42 20.90
C PRO B 196 39.34 2.74 21.17
N PRO B 197 38.37 3.11 20.33
CA PRO B 197 37.95 4.51 20.51
C PRO B 197 36.64 4.51 21.31
N TYR B 198 36.81 4.21 22.59
CA TYR B 198 35.73 4.07 23.54
C TYR B 198 35.70 5.28 24.44
N THR B 199 34.54 5.96 24.42
CA THR B 199 34.23 7.07 25.31
C THR B 199 33.23 6.56 26.33
N THR B 200 33.66 6.52 27.59
CA THR B 200 32.89 5.84 28.64
C THR B 200 32.64 6.74 29.85
N LEU B 201 31.36 7.01 30.08
CA LEU B 201 30.87 7.80 31.21
C LEU B 201 30.15 6.83 32.10
N GLU B 202 30.44 6.87 33.39
CA GLU B 202 29.83 5.93 34.31
C GLU B 202 28.33 6.02 34.39
N THR B 203 27.83 7.24 34.40
CA THR B 203 26.43 7.46 34.55
C THR B 203 26.01 8.47 33.54
N THR B 204 24.70 8.49 33.25
CA THR B 204 24.11 9.50 32.39
C THR B 204 23.52 10.57 33.30
N PRO B 205 23.81 11.85 33.01
CA PRO B 205 23.46 12.91 33.98
C PRO B 205 21.96 12.97 34.31
N VAL B 206 21.15 12.95 33.25
CA VAL B 206 19.72 12.73 33.35
C VAL B 206 19.32 11.75 32.29
N SER B 207 18.29 11.01 32.59
CA SER B 207 17.54 10.36 31.52
C SER B 207 16.15 10.06 32.00
N ARG B 208 15.25 9.98 31.06
CA ARG B 208 13.88 9.62 31.40
C ARG B 208 13.44 8.74 30.26
N GLU B 209 13.10 7.51 30.58
CA GLU B 209 12.84 6.58 29.51
C GLU B 209 11.61 6.97 28.69
N LYS B 210 11.59 6.47 27.47
CA LYS B 210 10.55 6.89 26.54
C LYS B 210 9.20 6.28 26.92
N PRO B 211 8.12 7.04 26.79
CA PRO B 211 6.80 6.44 27.04
C PRO B 211 6.47 5.34 26.04
N PHE B 212 5.61 4.39 26.43
CA PHE B 212 5.24 3.35 25.51
C PHE B 212 3.88 2.72 25.84
N LEU B 213 3.22 2.28 24.77
CA LEU B 213 1.93 1.62 24.85
C LEU B 213 2.13 0.24 25.45
N TYR B 214 1.23 -0.14 26.34
CA TYR B 214 1.23 -1.52 26.83
C TYR B 214 -0.17 -1.93 27.25
N LEU B 215 -0.30 -3.20 27.62
CA LEU B 215 -1.60 -3.69 28.10
C LEU B 215 -1.64 -3.91 29.60
N ASP B 216 -2.72 -3.44 30.19
CA ASP B 216 -3.02 -3.73 31.59
C ASP B 216 -4.18 -4.69 31.58
N GLY B 217 -3.86 -5.97 31.79
CA GLY B 217 -4.70 -7.04 31.29
C GLY B 217 -4.87 -7.01 29.75
N ASP B 218 -5.92 -6.25 29.45
CA ASP B 218 -6.84 -6.28 28.28
C ASP B 218 -7.20 -4.77 27.97
N ASP B 219 -6.79 -3.86 28.87
CA ASP B 219 -6.91 -2.39 28.74
C ASP B 219 -5.57 -1.72 28.30
N TYR B 220 -5.60 -0.98 27.20
CA TYR B 220 -4.42 -0.18 26.82
C TYR B 220 -4.17 1.05 27.74
N LYS B 221 -2.88 1.28 28.05
CA LYS B 221 -2.37 2.37 28.88
C LYS B 221 -1.02 2.80 28.26
N VAL B 222 -0.65 4.07 28.42
CA VAL B 222 0.72 4.47 28.13
C VAL B 222 1.49 4.57 29.44
N PHE B 223 2.60 3.83 29.53
CA PHE B 223 3.51 3.96 30.65
C PHE B 223 4.43 5.13 30.43
N VAL B 224 4.61 5.95 31.48
CA VAL B 224 5.40 7.18 31.40
C VAL B 224 6.46 7.10 32.49
N PRO B 225 7.67 6.63 32.13
CA PRO B 225 8.76 6.50 33.11
C PRO B 225 9.18 7.83 33.73
N ALA B 226 9.33 7.83 35.06
CA ALA B 226 9.84 8.99 35.78
C ALA B 226 11.33 9.18 35.50
N LYS B 227 11.81 10.38 35.74
CA LYS B 227 13.23 10.70 35.43
C LYS B 227 14.16 10.08 36.43
N ARG B 228 15.37 9.85 35.95
CA ARG B 228 16.47 9.46 36.81
C ARG B 228 17.50 10.53 36.66
N THR B 229 18.09 10.87 37.78
CA THR B 229 19.34 11.55 37.76
C THR B 229 20.36 10.51 38.14
N ASN B 230 21.58 10.72 37.66
CA ASN B 230 22.73 9.84 37.91
C ASN B 230 22.62 8.40 37.39
N ALA B 231 21.99 8.22 36.22
CA ALA B 231 21.53 6.92 35.73
C ALA B 231 22.61 5.94 35.27
N ARG B 232 22.41 4.69 35.64
CA ARG B 232 23.30 3.61 35.26
C ARG B 232 22.45 2.33 35.31
N GLY B 233 22.57 1.49 34.28
CA GLY B 233 21.79 0.27 34.23
C GLY B 233 20.34 0.49 33.84
N THR B 234 19.57 -0.59 33.74
CA THR B 234 18.23 -0.48 33.17
C THR B 234 17.20 -0.13 34.26
N SER B 235 16.09 0.39 33.77
CA SER B 235 15.00 0.86 34.59
C SER B 235 14.06 -0.24 35.13
N TRP B 236 14.24 -1.46 34.64
CA TRP B 236 13.18 -2.47 34.71
C TRP B 236 13.61 -3.83 35.17
N GLY B 237 14.89 -4.05 35.40
CA GLY B 237 15.39 -5.43 35.48
C GLY B 237 15.75 -5.80 36.88
N ASN B 238 14.99 -5.23 37.75
CA ASN B 238 15.52 -5.00 39.03
C ASN B 238 14.50 -4.38 39.85
N GLY B 239 13.27 -4.32 39.33
CA GLY B 239 12.21 -3.74 40.11
C GLY B 239 10.80 -4.18 39.79
N THR B 240 10.22 -3.60 38.73
CA THR B 240 8.75 -3.61 38.37
C THR B 240 8.44 -2.13 38.16
N PRO B 241 8.50 -1.70 36.89
CA PRO B 241 8.99 -0.35 36.49
C PRO B 241 9.03 0.70 37.62
N GLU B 242 8.13 1.74 37.77
CA GLU B 242 8.39 2.96 38.64
C GLU B 242 7.42 4.30 38.65
N GLY B 243 7.00 4.83 37.47
CA GLY B 243 6.39 6.14 37.18
C GLY B 243 4.86 6.25 36.91
N GLU B 244 4.35 6.51 35.67
CA GLU B 244 2.88 6.75 35.44
C GLU B 244 2.17 5.90 34.37
N SER B 245 0.95 5.39 34.64
CA SER B 245 0.12 4.69 33.60
C SER B 245 -1.08 5.55 33.17
N LEU B 246 -1.01 6.08 31.92
CA LEU B 246 -2.06 6.95 31.34
C LEU B 246 -3.00 6.12 30.43
N PRO B 247 -4.22 5.84 30.90
CA PRO B 247 -5.07 5.00 30.06
C PRO B 247 -5.37 5.60 28.68
N LEU B 248 -5.61 4.74 27.69
CA LEU B 248 -5.86 5.19 26.31
C LEU B 248 -7.00 6.20 26.20
N ASP B 249 -7.93 6.19 27.16
CA ASP B 249 -9.09 7.09 27.11
C ASP B 249 -8.78 8.58 27.22
N GLN B 250 -7.58 8.95 27.67
CA GLN B 250 -7.22 10.38 27.70
C GLN B 250 -6.19 10.72 26.63
N PHE B 251 -6.09 9.83 25.66
CA PHE B 251 -5.35 10.15 24.43
C PHE B 251 -6.34 10.39 23.32
N TYR B 252 -6.18 11.50 22.60
CA TYR B 252 -6.75 11.61 21.27
C TYR B 252 -5.94 10.70 20.37
N VAL B 253 -6.59 9.67 19.84
CA VAL B 253 -5.98 8.71 18.92
C VAL B 253 -6.12 9.37 17.54
N VAL B 254 -4.99 9.85 17.02
CA VAL B 254 -4.89 10.54 15.74
C VAL B 254 -4.78 9.55 14.57
N LYS B 255 -5.69 9.65 13.61
CA LYS B 255 -5.69 8.77 12.44
C LYS B 255 -5.77 9.63 11.16
N PRO B 256 -5.64 8.99 9.96
CA PRO B 256 -5.84 9.78 8.74
C PRO B 256 -7.20 10.47 8.75
N GLY B 257 -7.23 11.67 8.19
CA GLY B 257 -8.36 12.58 8.35
C GLY B 257 -7.98 13.83 9.15
N ALA B 258 -7.37 13.65 10.33
CA ALA B 258 -7.12 14.77 11.29
C ALA B 258 -6.49 16.06 10.72
N THR B 259 -6.59 17.12 11.52
CA THR B 259 -6.24 18.48 11.18
C THR B 259 -5.49 19.04 12.38
N ALA B 260 -4.52 19.94 12.18
CA ALA B 260 -3.89 20.58 13.31
C ALA B 260 -5.01 21.25 14.12
N GLU B 261 -6.16 21.45 13.49
CA GLU B 261 -7.31 21.90 14.25
C GLU B 261 -7.94 20.86 15.14
N THR B 262 -7.84 19.60 14.76
CA THR B 262 -8.41 18.53 15.56
C THR B 262 -7.36 17.96 16.57
N ILE B 263 -6.09 17.91 16.18
CA ILE B 263 -5.00 17.71 17.14
C ILE B 263 -4.97 18.82 18.21
N ASN B 264 -4.88 20.07 17.80
CA ASN B 264 -4.64 21.14 18.80
C ASN B 264 -5.78 21.35 19.80
N ALA B 265 -7.00 21.07 19.36
CA ALA B 265 -8.15 21.16 20.23
C ALA B 265 -8.16 20.05 21.28
N ALA B 266 -7.57 18.91 20.97
CA ALA B 266 -7.56 17.83 21.95
C ALA B 266 -6.68 18.25 23.12
N VAL B 267 -5.56 18.86 22.81
CA VAL B 267 -4.63 19.26 23.82
C VAL B 267 -5.22 20.31 24.72
N ASP B 268 -5.89 21.28 24.09
CA ASP B 268 -6.56 22.35 24.84
C ASP B 268 -7.56 21.74 25.85
N GLN B 269 -8.20 20.67 25.42
CA GLN B 269 -9.22 20.00 26.22
C GLN B 269 -8.68 18.86 27.13
N GLY B 270 -7.36 18.81 27.32
CA GLY B 270 -6.79 17.91 28.31
C GLY B 270 -6.35 16.54 27.83
N LEU B 271 -6.51 16.26 26.54
CA LEU B 271 -6.11 14.96 26.03
C LEU B 271 -4.63 14.93 25.67
N HIS B 272 -4.02 13.78 25.88
CA HIS B 272 -2.72 13.51 25.30
C HIS B 272 -2.90 13.12 23.84
N LEU B 273 -1.80 12.90 23.15
CA LEU B 273 -1.83 12.61 21.71
C LEU B 273 -1.15 11.27 21.40
N LEU B 274 -1.86 10.40 20.71
CA LEU B 274 -1.25 9.18 20.19
C LEU B 274 -1.41 9.16 18.70
N PHE B 275 -0.29 9.30 17.99
CA PHE B 275 -0.31 9.30 16.56
C PHE B 275 -0.24 7.86 16.06
N THR B 276 -1.31 7.38 15.43
CA THR B 276 -1.25 6.07 14.81
C THR B 276 -0.36 6.11 13.58
N PRO B 277 0.08 4.94 13.07
CA PRO B 277 1.02 5.02 11.96
C PRO B 277 0.40 5.58 10.69
N GLY B 278 1.00 6.66 10.20
CA GLY B 278 0.53 7.29 9.00
C GLY B 278 1.28 8.58 8.76
N VAL B 279 0.89 9.29 7.71
CA VAL B 279 1.42 10.62 7.43
C VAL B 279 0.33 11.66 7.48
N TYR B 280 0.65 12.71 8.24
CA TYR B 280 -0.29 13.77 8.60
C TYR B 280 0.18 15.11 8.09
N HIS B 281 -0.53 15.65 7.08
CA HIS B 281 -0.27 17.01 6.65
C HIS B 281 -0.99 17.97 7.61
N VAL B 282 -0.29 19.00 8.05
CA VAL B 282 -0.92 20.04 8.82
C VAL B 282 -0.76 21.38 8.09
N ASP B 283 -1.76 22.24 8.25
CA ASP B 283 -1.77 23.55 7.63
C ASP B 283 -1.39 24.62 8.64
N GLN B 284 -0.89 24.19 9.79
CA GLN B 284 -0.49 25.10 10.86
C GLN B 284 0.08 24.26 12.02
N PRO B 285 0.89 24.88 12.86
CA PRO B 285 1.66 24.12 13.85
C PRO B 285 0.76 23.37 14.83
N ILE B 286 1.13 22.12 15.08
CA ILE B 286 0.64 21.44 16.24
C ILE B 286 1.21 22.15 17.44
N GLU B 287 0.34 22.50 18.38
CA GLU B 287 0.72 23.29 19.55
C GLU B 287 0.50 22.50 20.79
N ILE B 288 1.54 22.36 21.60
CA ILE B 288 1.40 21.67 22.84
C ILE B 288 1.77 22.69 23.93
N ASP B 289 0.81 23.40 24.49
CA ASP B 289 1.18 24.02 25.75
C ASP B 289 0.30 23.92 26.96
N ARG B 290 0.31 22.63 27.30
CA ARG B 290 -0.26 22.01 28.46
C ARG B 290 0.86 21.20 29.15
N ALA B 291 1.14 21.50 30.41
CA ALA B 291 2.17 20.75 31.11
C ALA B 291 1.87 19.25 31.11
N ASN B 292 2.93 18.46 31.02
CA ASN B 292 2.84 16.99 31.10
C ASN B 292 2.16 16.23 29.95
N THR B 293 1.95 16.92 28.85
CA THR B 293 1.37 16.31 27.67
C THR B 293 2.33 15.33 27.06
N VAL B 294 1.80 14.15 26.72
CA VAL B 294 2.53 13.14 25.94
C VAL B 294 2.05 13.19 24.49
N ALA B 295 3.01 13.18 23.58
CA ALA B 295 2.74 13.12 22.16
C ALA B 295 3.55 11.99 21.61
N LEU B 296 2.93 10.82 21.59
CA LEU B 296 3.59 9.55 21.26
C LEU B 296 3.19 9.10 19.85
N GLY B 297 4.19 8.86 18.98
CA GLY B 297 3.96 8.27 17.67
C GLY B 297 4.21 6.77 17.67
N LEU B 298 3.38 6.05 16.92
CA LEU B 298 3.59 4.65 16.63
C LEU B 298 3.96 4.44 15.16
N GLY B 299 4.80 3.45 14.87
CA GLY B 299 5.07 3.06 13.51
C GLY B 299 5.62 4.19 12.63
N LEU B 300 6.49 5.04 13.19
CA LEU B 300 7.15 6.11 12.44
C LEU B 300 6.12 7.10 11.85
N ALA B 301 5.07 7.32 12.62
CA ALA B 301 4.11 8.38 12.36
C ALA B 301 4.82 9.68 11.97
N THR B 302 4.35 10.30 10.91
CA THR B 302 5.08 11.40 10.26
C THR B 302 4.18 12.63 10.15
N ILE B 303 4.73 13.82 10.44
CA ILE B 303 4.01 15.07 10.28
C ILE B 303 4.70 15.86 9.17
N ILE B 304 3.93 16.34 8.20
CA ILE B 304 4.43 17.21 7.15
C ILE B 304 3.74 18.55 7.25
N PRO B 305 4.50 19.62 7.51
CA PRO B 305 3.82 20.91 7.49
C PRO B 305 3.73 21.51 6.09
N ASP B 306 2.53 21.95 5.74
CA ASP B 306 2.24 22.58 4.46
C ASP B 306 2.34 24.08 4.63
N ASN B 307 2.31 24.84 3.52
CA ASN B 307 2.16 26.30 3.59
C ASN B 307 3.37 26.98 4.24
N GLY B 308 4.47 26.25 4.44
CA GLY B 308 5.65 26.77 5.11
C GLY B 308 5.55 26.94 6.60
N VAL B 309 4.57 26.30 7.21
CA VAL B 309 4.39 26.46 8.65
C VAL B 309 5.37 25.63 9.45
N THR B 310 5.47 25.95 10.72
CA THR B 310 6.17 25.11 11.66
C THR B 310 5.32 23.87 11.97
N ALA B 311 5.93 22.71 12.11
CA ALA B 311 5.19 21.47 12.37
C ALA B 311 4.78 21.34 13.82
N LEU B 312 5.69 21.67 14.72
CA LEU B 312 5.45 21.47 16.14
C LEU B 312 6.01 22.59 16.95
N LYS B 313 5.20 23.12 17.86
CA LYS B 313 5.59 24.14 18.83
C LYS B 313 5.16 23.74 20.21
N VAL B 314 6.13 23.51 21.09
CA VAL B 314 5.87 23.24 22.50
C VAL B 314 5.98 24.58 23.22
N GLY B 315 5.07 24.83 24.16
CA GLY B 315 5.20 26.08 24.89
C GLY B 315 6.05 25.93 26.13
N ASP B 316 6.02 26.98 26.97
CA ASP B 316 6.96 27.14 28.08
C ASP B 316 6.52 26.42 29.35
N VAL B 317 6.12 25.17 29.18
CA VAL B 317 5.58 24.35 30.25
C VAL B 317 6.53 23.18 30.59
N ASP B 318 6.27 22.57 31.76
CA ASP B 318 7.02 21.42 32.24
C ASP B 318 6.48 20.13 31.58
N GLY B 319 7.35 19.14 31.42
CA GLY B 319 6.92 17.78 31.35
C GLY B 319 6.34 17.27 30.05
N VAL B 320 6.52 18.01 28.97
CA VAL B 320 6.01 17.56 27.70
C VAL B 320 6.94 16.46 27.19
N LYS B 321 6.36 15.37 26.70
CA LYS B 321 7.13 14.24 26.19
C LYS B 321 6.75 13.96 24.77
N VAL B 322 7.60 14.36 23.86
CA VAL B 322 7.38 14.11 22.46
C VAL B 322 8.27 12.94 22.15
N ALA B 323 7.68 11.88 21.61
CA ALA B 323 8.51 10.75 21.25
C ALA B 323 7.99 9.97 20.05
N GLY B 324 8.92 9.54 19.21
CA GLY B 324 8.60 8.66 18.11
C GLY B 324 7.87 9.24 16.93
N LEU B 325 8.28 10.44 16.54
CA LEU B 325 7.75 11.09 15.34
C LEU B 325 8.82 11.46 14.35
N LEU B 326 8.46 11.37 13.06
CA LEU B 326 9.28 11.90 11.97
C LEU B 326 8.60 13.19 11.49
N VAL B 327 9.36 14.26 11.38
CA VAL B 327 8.86 15.50 10.79
C VAL B 327 9.52 15.63 9.44
N ASP B 328 8.73 15.70 8.36
CA ASP B 328 9.24 15.66 6.99
C ASP B 328 8.90 17.02 6.36
N ALA B 329 9.91 17.79 5.98
CA ALA B 329 9.65 19.12 5.42
C ALA B 329 8.79 19.03 4.17
N GLY B 330 7.94 20.02 3.97
CA GLY B 330 7.24 20.19 2.71
C GLY B 330 8.08 20.99 1.72
N PRO B 331 7.69 21.00 0.45
CA PRO B 331 8.41 21.74 -0.58
C PRO B 331 8.49 23.26 -0.35
N VAL B 332 7.48 23.82 0.29
CA VAL B 332 7.55 25.24 0.70
C VAL B 332 8.41 25.37 1.95
N ASN B 333 9.40 26.25 1.87
CA ASN B 333 10.29 26.46 3.03
C ASN B 333 9.59 26.85 4.31
N SER B 334 9.86 26.09 5.38
CA SER B 334 9.44 26.44 6.71
C SER B 334 10.59 27.14 7.44
N GLU B 335 10.30 28.26 8.08
CA GLU B 335 11.31 28.97 8.86
C GLU B 335 11.86 28.10 9.99
N THR B 336 10.98 27.33 10.62
CA THR B 336 11.36 26.33 11.61
C THR B 336 10.51 25.09 11.46
N LEU B 337 11.04 23.89 11.76
CA LEU B 337 10.20 22.70 11.76
C LEU B 337 9.67 22.29 13.14
N VAL B 338 10.52 22.40 14.15
CA VAL B 338 10.17 22.03 15.52
C VAL B 338 10.67 23.08 16.48
N GLU B 339 9.77 23.50 17.36
CA GLU B 339 10.03 24.53 18.35
C GLU B 339 9.81 24.05 19.77
N VAL B 340 10.82 24.18 20.63
CA VAL B 340 10.62 23.82 22.02
C VAL B 340 10.81 25.06 22.89
N GLY B 341 9.68 25.67 23.22
CA GLY B 341 9.62 26.90 24.02
C GLY B 341 9.63 28.10 23.13
N SER B 342 9.33 29.27 23.70
CA SER B 342 9.41 30.55 22.97
C SER B 342 10.82 31.16 22.94
N ASP B 343 11.19 32.02 21.96
CA ASP B 343 12.53 32.65 22.10
C ASP B 343 12.51 33.47 23.34
N GLY B 344 13.66 33.56 23.98
CA GLY B 344 13.77 34.32 25.21
C GLY B 344 13.13 33.69 26.45
N ALA B 345 12.49 32.52 26.34
CA ALA B 345 11.98 31.83 27.54
C ALA B 345 13.08 31.75 28.62
N SER B 346 12.80 32.20 29.86
CA SER B 346 13.79 32.20 30.95
C SER B 346 13.38 31.42 32.22
N GLY B 347 12.33 30.65 32.11
CA GLY B 347 11.94 29.80 33.23
C GLY B 347 12.67 28.49 33.31
N ASP B 348 12.87 27.98 34.55
CA ASP B 348 13.46 26.67 34.80
C ASP B 348 12.41 25.52 34.69
N HIS B 349 12.84 24.33 34.24
CA HIS B 349 11.98 23.13 34.19
C HIS B 349 12.78 21.92 34.75
N ALA B 350 13.53 22.16 35.85
CA ALA B 350 14.53 21.20 36.30
C ALA B 350 13.94 19.90 36.83
N ALA B 351 12.94 20.00 37.71
CA ALA B 351 12.39 18.83 38.37
C ALA B 351 11.63 17.95 37.34
N ASN B 352 11.13 18.58 36.28
CA ASN B 352 10.18 17.96 35.35
C ASN B 352 10.32 18.52 33.92
N PRO B 353 11.41 18.14 33.24
CA PRO B 353 11.74 18.69 31.93
C PRO B 353 10.83 18.24 30.78
N THR B 354 10.87 19.02 29.69
CA THR B 354 10.36 18.61 28.38
C THR B 354 11.40 17.81 27.65
N SER B 355 10.95 16.84 26.87
CA SER B 355 11.87 16.01 26.15
C SER B 355 11.42 15.67 24.72
N LEU B 356 12.42 15.45 23.86
CA LEU B 356 12.24 14.98 22.50
C LEU B 356 13.03 13.66 22.36
N GLN B 357 12.32 12.57 22.18
CA GLN B 357 12.95 11.24 22.05
C GLN B 357 12.52 10.55 20.78
N ASP B 358 13.48 9.99 20.07
CA ASP B 358 13.18 9.40 18.76
C ASP B 358 12.36 10.36 17.90
N VAL B 359 12.81 11.61 17.88
CA VAL B 359 12.27 12.62 16.97
C VAL B 359 13.27 12.72 15.83
N PHE B 360 12.76 12.47 14.63
CA PHE B 360 13.59 12.48 13.46
C PHE B 360 13.09 13.58 12.55
N VAL B 361 14.00 14.25 11.87
CA VAL B 361 13.62 15.26 10.89
C VAL B 361 14.26 14.94 9.57
N ARG B 362 13.49 15.11 8.50
CA ARG B 362 13.98 14.86 7.14
C ARG B 362 13.67 16.08 6.29
N ILE B 363 14.66 16.56 5.55
CA ILE B 363 14.47 17.62 4.60
C ILE B 363 14.83 17.10 3.21
N GLY B 364 13.81 16.83 2.40
CA GLY B 364 14.02 16.28 1.07
C GLY B 364 14.11 14.78 1.05
N GLY B 365 14.27 14.21 -0.13
CA GLY B 365 14.48 12.76 -0.23
C GLY B 365 13.22 12.02 -0.65
N ALA B 366 12.09 12.37 -0.04
CA ALA B 366 10.79 11.83 -0.47
C ALA B 366 10.02 12.93 -1.20
N GLY B 367 10.75 13.59 -2.10
CA GLY B 367 10.27 14.74 -2.82
C GLY B 367 10.99 15.98 -2.30
N PRO B 368 10.84 17.10 -3.01
CA PRO B 368 11.58 18.29 -2.59
C PRO B 368 11.07 18.81 -1.27
N GLY B 369 11.99 19.29 -0.46
CA GLY B 369 11.68 19.78 0.86
C GLY B 369 12.72 20.82 1.27
N LYS B 370 12.28 21.87 1.98
CA LYS B 370 13.18 22.91 2.51
C LYS B 370 12.76 23.46 3.86
N ALA B 371 13.73 23.80 4.68
CA ALA B 371 13.52 24.49 5.94
C ALA B 371 14.77 25.24 6.36
N THR B 372 14.61 26.40 6.99
CA THR B 372 15.76 27.21 7.34
C THR B 372 16.48 26.65 8.57
N THR B 373 15.73 26.43 9.66
CA THR B 373 16.28 25.82 10.88
C THR B 373 15.34 24.73 11.35
N SER B 374 15.86 23.51 11.53
CA SER B 374 14.96 22.38 11.72
C SER B 374 14.40 22.27 13.15
N ILE B 375 15.29 22.16 14.12
CA ILE B 375 14.86 22.17 15.53
C ILE B 375 15.47 23.31 16.32
N VAL B 376 14.59 24.07 16.97
CA VAL B 376 14.98 25.20 17.79
C VAL B 376 14.60 24.87 19.22
N VAL B 377 15.61 24.85 20.08
CA VAL B 377 15.43 24.42 21.46
C VAL B 377 15.63 25.59 22.42
N ASN B 378 14.50 26.21 22.79
CA ASN B 378 14.49 27.42 23.64
C ASN B 378 14.30 27.17 25.14
N SER B 379 13.64 26.08 25.50
CA SER B 379 13.33 25.82 26.90
C SER B 379 14.48 25.24 27.72
N ASN B 380 14.71 25.86 28.88
CA ASN B 380 15.71 25.38 29.83
C ASN B 380 15.43 23.94 30.27
N ASP B 381 16.51 23.20 30.45
CA ASP B 381 16.53 21.85 31.01
C ASP B 381 15.94 20.76 30.08
N THR B 382 15.67 21.13 28.86
CA THR B 382 15.17 20.20 27.85
C THR B 382 16.17 19.07 27.62
N ILE B 383 15.62 17.86 27.51
CA ILE B 383 16.40 16.68 27.13
C ILE B 383 16.08 16.28 25.67
N ILE B 384 17.13 16.09 24.87
CA ILE B 384 17.03 15.56 23.51
C ILE B 384 17.73 14.22 23.56
N ASP B 385 16.94 13.15 23.59
CA ASP B 385 17.46 11.80 23.78
C ASP B 385 17.12 11.00 22.54
N HIS B 386 18.12 10.90 21.66
CA HIS B 386 17.99 10.29 20.33
C HIS B 386 17.25 11.13 19.32
N THR B 387 18.02 11.86 18.53
CA THR B 387 17.46 12.51 17.35
C THR B 387 18.32 12.30 16.11
N TRP B 388 17.68 12.26 14.95
CA TRP B 388 18.38 12.34 13.66
C TRP B 388 17.73 13.45 12.88
N VAL B 389 18.54 14.45 12.54
CA VAL B 389 18.08 15.67 11.87
C VAL B 389 18.91 15.66 10.60
N TRP B 390 18.24 15.35 9.50
CA TRP B 390 18.89 14.89 8.27
C TRP B 390 18.38 15.63 7.05
N ARG B 391 19.29 16.40 6.45
CA ARG B 391 19.05 16.97 5.15
C ARG B 391 19.39 15.90 4.14
N ALA B 392 18.42 15.45 3.37
CA ALA B 392 18.64 14.29 2.52
C ALA B 392 19.83 14.44 1.56
N ASP B 393 20.66 13.42 1.47
CA ASP B 393 21.75 13.38 0.51
C ASP B 393 21.45 12.52 -0.72
N HIS B 394 20.33 11.83 -0.71
CA HIS B 394 19.94 10.96 -1.82
C HIS B 394 18.43 10.86 -1.83
N GLY B 395 17.89 10.33 -2.92
CA GLY B 395 16.44 10.28 -3.10
C GLY B 395 15.95 11.32 -4.10
N GLU B 396 14.65 11.59 -4.06
CA GLU B 396 14.04 12.60 -4.93
C GLU B 396 14.03 13.95 -4.23
N GLY B 397 14.23 15.01 -5.01
CA GLY B 397 14.12 16.35 -4.48
C GLY B 397 15.31 16.84 -3.68
N VAL B 398 16.49 16.35 -4.02
CA VAL B 398 17.71 16.81 -3.35
C VAL B 398 18.57 17.62 -4.34
N GLY B 399 19.28 18.59 -3.77
CA GLY B 399 20.18 19.48 -4.50
C GLY B 399 20.55 20.64 -3.58
N TRP B 400 21.73 21.20 -3.82
CA TRP B 400 22.31 22.27 -2.99
C TRP B 400 21.25 23.29 -2.61
N GLU B 401 20.50 23.75 -3.60
CA GLU B 401 19.28 24.53 -3.35
C GLU B 401 17.96 23.75 -3.32
N THR B 402 17.81 22.77 -4.18
CA THR B 402 16.56 21.97 -4.25
C THR B 402 15.99 21.61 -2.88
N ASN B 403 16.83 21.02 -2.05
CA ASN B 403 16.50 20.82 -0.66
C ASN B 403 17.44 21.54 0.29
N ARG B 404 17.74 22.80 -0.02
CA ARG B 404 18.54 23.60 0.91
C ARG B 404 17.93 23.60 2.30
N ALA B 405 18.83 23.49 3.27
CA ALA B 405 18.47 23.66 4.67
C ALA B 405 19.70 24.14 5.38
N ASP B 406 19.69 25.40 5.82
CA ASP B 406 20.92 25.99 6.35
C ASP B 406 21.35 25.44 7.68
N TYR B 407 20.36 25.29 8.58
CA TYR B 407 20.65 25.01 9.99
C TYR B 407 19.91 23.81 10.55
N GLY B 408 20.60 22.98 11.29
CA GLY B 408 19.98 21.75 11.79
C GLY B 408 19.29 21.99 13.11
N VAL B 409 20.09 22.01 14.14
CA VAL B 409 19.61 22.23 15.51
C VAL B 409 20.23 23.49 16.06
N HIS B 410 19.39 24.33 16.69
CA HIS B 410 19.86 25.52 17.41
C HIS B 410 19.40 25.42 18.84
N VAL B 411 20.34 25.29 19.75
CA VAL B 411 19.99 25.26 21.18
C VAL B 411 20.23 26.62 21.83
N LYS B 412 19.15 27.25 22.27
CA LYS B 412 19.20 28.54 23.00
C LYS B 412 18.92 28.42 24.50
N GLY B 413 18.29 27.32 24.92
CA GLY B 413 17.95 27.11 26.34
C GLY B 413 19.19 26.74 27.15
N ASP B 414 19.10 26.91 28.49
CA ASP B 414 20.19 26.62 29.38
C ASP B 414 20.00 25.22 29.97
N ASN B 415 21.10 24.59 30.30
CA ASN B 415 21.12 23.23 30.87
C ASN B 415 20.38 22.21 30.02
N VAL B 416 20.52 22.37 28.73
CA VAL B 416 19.98 21.39 27.79
C VAL B 416 20.95 20.22 27.66
N LEU B 417 20.39 19.02 27.56
CA LEU B 417 21.20 17.80 27.48
C LEU B 417 20.79 17.09 26.19
N ALA B 418 21.77 16.76 25.38
CA ALA B 418 21.56 15.91 24.22
C ALA B 418 22.31 14.59 24.39
N THR B 419 21.57 13.48 24.32
CA THR B 419 22.16 12.15 24.40
C THR B 419 21.82 11.39 23.12
N GLY B 420 22.84 11.16 22.29
CA GLY B 420 22.63 10.49 20.99
C GLY B 420 22.13 11.45 19.94
N LEU B 421 22.99 12.40 19.60
CA LEU B 421 22.69 13.48 18.64
C LEU B 421 23.28 13.14 17.28
N PHE B 422 22.42 12.93 16.27
CA PHE B 422 22.85 12.67 14.88
C PHE B 422 22.31 13.80 13.98
N VAL B 423 23.18 14.59 13.36
CA VAL B 423 22.75 15.71 12.53
C VAL B 423 23.64 15.81 11.31
N GLU B 424 23.04 15.78 10.12
CA GLU B 424 23.85 15.68 8.90
C GLU B 424 23.38 16.50 7.69
N HIS B 425 24.37 17.04 7.00
CA HIS B 425 24.31 17.55 5.65
C HIS B 425 23.74 18.95 5.43
N PHE B 426 23.65 19.76 6.51
CA PHE B 426 23.12 21.11 6.39
C PHE B 426 24.04 22.05 5.59
N ASN B 427 23.46 23.05 4.91
CA ASN B 427 24.27 23.97 4.13
C ASN B 427 25.23 24.77 4.98
N LYS B 428 24.79 25.12 6.18
CA LYS B 428 25.55 25.97 7.12
C LYS B 428 25.79 25.14 8.42
N TYR B 429 25.70 25.73 9.62
CA TYR B 429 25.96 24.97 10.84
C TYR B 429 24.95 23.87 11.10
N ASP B 430 25.41 22.64 11.25
CA ASP B 430 24.48 21.55 11.52
C ASP B 430 23.91 21.74 12.89
N VAL B 431 24.80 22.00 13.85
CA VAL B 431 24.40 22.30 15.22
C VAL B 431 25.06 23.58 15.69
N GLN B 432 24.22 24.45 16.25
CA GLN B 432 24.67 25.67 16.91
C GLN B 432 24.16 25.73 18.34
N TRP B 433 25.05 26.01 19.26
CA TRP B 433 24.72 26.08 20.70
C TRP B 433 25.06 27.45 21.27
N SER B 434 24.01 28.14 21.76
CA SER B 434 24.05 29.42 22.49
C SER B 434 23.88 29.34 23.98
N GLY B 435 22.93 28.50 24.39
CA GLY B 435 22.59 28.39 25.78
C GLY B 435 23.77 28.02 26.63
N GLU B 436 23.61 28.27 27.91
CA GLU B 436 24.62 28.03 28.88
C GLU B 436 24.53 26.61 29.39
N ASN B 437 25.69 26.09 29.73
CA ASN B 437 25.76 24.81 30.42
C ASN B 437 25.12 23.66 29.66
N GLY B 438 25.27 23.68 28.34
CA GLY B 438 24.83 22.56 27.52
C GLY B 438 25.81 21.37 27.63
N LYS B 439 25.28 20.19 27.39
CA LYS B 439 26.05 18.96 27.41
C LYS B 439 25.57 18.08 26.26
N THR B 440 26.51 17.52 25.51
CA THR B 440 26.22 16.52 24.47
C THR B 440 27.04 15.26 24.75
N ILE B 441 26.33 14.14 24.86
CA ILE B 441 26.95 12.83 24.96
C ILE B 441 26.61 12.07 23.67
N PHE B 442 27.65 11.89 22.86
CA PHE B 442 27.61 11.32 21.50
C PHE B 442 27.02 12.25 20.45
N TYR B 443 27.84 12.54 19.43
CA TYR B 443 27.45 13.31 18.24
C TYR B 443 28.02 12.62 17.00
N GLN B 444 27.15 12.39 16.00
CA GLN B 444 27.56 11.95 14.67
C GLN B 444 27.06 12.96 13.66
N ASN B 445 28.00 13.51 12.91
CA ASN B 445 27.71 14.43 11.79
C ASN B 445 28.39 13.95 10.52
N ALA B 446 27.74 14.20 9.40
CA ALA B 446 28.39 14.25 8.08
C ALA B 446 28.01 15.60 7.46
N LYS B 447 28.99 16.20 6.80
CA LYS B 447 28.81 17.49 6.17
C LYS B 447 28.12 17.32 4.83
N ALA B 448 27.50 18.39 4.35
CA ALA B 448 26.87 18.36 3.05
C ALA B 448 27.80 17.70 2.02
N TYR B 449 27.31 16.67 1.32
CA TYR B 449 28.11 15.89 0.35
C TYR B 449 28.01 16.51 -1.04
N ASP B 450 27.17 17.54 -1.20
CA ASP B 450 26.82 18.10 -2.49
C ASP B 450 27.19 19.57 -2.65
N ALA B 451 27.95 20.08 -1.71
CA ALA B 451 28.55 21.39 -1.89
C ALA B 451 29.34 21.50 -3.21
N PRO B 452 29.11 22.57 -4.01
CA PRO B 452 29.65 22.63 -5.37
C PRO B 452 31.05 23.24 -5.55
N ASP B 453 31.42 24.13 -4.64
CA ASP B 453 32.58 25.02 -4.76
C ASP B 453 33.02 25.34 -3.32
N GLN B 454 34.23 25.88 -3.17
CA GLN B 454 34.64 26.39 -1.88
C GLN B 454 33.82 27.62 -1.45
N ALA B 455 33.49 28.50 -2.41
CA ALA B 455 32.76 29.72 -2.09
C ALA B 455 31.40 29.45 -1.42
N ALA B 456 30.74 28.37 -1.80
CA ALA B 456 29.36 28.09 -1.37
C ALA B 456 29.31 27.86 0.12
N ILE B 457 30.48 27.64 0.73
CA ILE B 457 30.53 27.32 2.15
C ILE B 457 31.46 28.25 2.96
N GLN B 458 31.82 29.38 2.36
CA GLN B 458 32.68 30.36 3.04
C GLN B 458 31.97 31.26 4.09
N ASN B 459 32.26 31.01 5.37
CA ASN B 459 31.69 31.79 6.50
C ASN B 459 32.70 32.76 7.13
N GLY B 460 32.63 34.02 6.71
CA GLY B 460 33.65 35.01 7.07
C GLY B 460 35.03 34.60 6.51
N ASP B 461 36.06 34.53 7.35
CA ASP B 461 37.35 34.05 6.90
C ASP B 461 37.54 32.55 7.18
N ILE B 462 36.43 31.84 7.39
CA ILE B 462 36.49 30.42 7.68
C ILE B 462 35.96 29.62 6.50
N LYS B 463 36.72 28.59 6.14
CA LYS B 463 36.29 27.69 5.10
C LYS B 463 35.32 26.67 5.69
N GLY B 464 34.08 26.80 5.29
CA GLY B 464 33.02 25.92 5.73
C GLY B 464 32.45 26.37 7.08
N TYR B 465 31.34 25.72 7.42
CA TYR B 465 30.67 25.90 8.72
C TYR B 465 30.90 24.68 9.59
N ALA B 466 31.25 24.88 10.83
CA ALA B 466 31.42 23.75 11.75
C ALA B 466 30.17 22.88 11.80
N ALA B 467 30.36 21.59 12.01
CA ALA B 467 29.27 20.68 12.33
C ALA B 467 28.64 21.01 13.69
N TYR B 468 29.42 21.58 14.58
CA TYR B 468 28.97 21.85 15.94
C TYR B 468 29.72 23.08 16.44
N LYS B 469 28.93 24.17 16.56
CA LYS B 469 29.41 25.47 16.94
C LYS B 469 28.85 25.86 18.26
N VAL B 470 29.73 26.19 19.20
CA VAL B 470 29.33 26.83 20.43
C VAL B 470 29.68 28.32 20.35
N ASP B 471 28.68 29.19 20.53
CA ASP B 471 28.82 30.66 20.46
C ASP B 471 30.03 31.04 21.35
N ASP B 472 30.90 31.92 20.86
CA ASP B 472 32.14 32.25 21.59
C ASP B 472 31.83 32.93 22.90
N SER B 473 30.60 33.44 23.05
CA SER B 473 30.19 34.09 24.29
C SER B 473 29.75 33.16 25.42
N VAL B 474 29.47 31.92 25.08
CA VAL B 474 29.05 30.94 26.07
C VAL B 474 30.13 30.80 27.17
N THR B 475 29.72 30.63 28.45
CA THR B 475 30.66 30.28 29.56
C THR B 475 31.02 28.81 29.71
N THR B 476 29.98 28.00 29.76
CA THR B 476 30.12 26.61 30.18
C THR B 476 29.45 25.71 29.13
N HIS B 477 30.15 24.63 28.76
CA HIS B 477 29.63 23.65 27.80
C HIS B 477 30.51 22.42 27.90
N GLU B 478 29.97 21.24 27.62
CA GLU B 478 30.79 20.02 27.61
C GLU B 478 30.22 19.01 26.65
N GLY B 479 31.11 18.38 25.87
CA GLY B 479 30.68 17.39 24.90
C GLY B 479 31.62 16.18 24.95
N TRP B 480 31.07 15.00 24.71
CA TRP B 480 31.85 13.76 24.76
C TRP B 480 31.55 12.89 23.54
N GLY B 481 32.59 12.38 22.88
CA GLY B 481 32.39 11.38 21.84
C GLY B 481 31.73 11.91 20.58
N MET B 482 32.47 12.76 19.86
CA MET B 482 31.87 13.52 18.80
C MET B 482 32.66 13.41 17.52
N GLY B 483 31.97 13.08 16.42
CA GLY B 483 32.64 13.00 15.12
C GLY B 483 31.91 13.71 14.00
N SER B 484 32.69 14.31 13.10
CA SER B 484 32.19 14.88 11.87
C SER B 484 32.94 14.30 10.66
N TYR B 485 32.19 13.86 9.67
CA TYR B 485 32.79 13.26 8.48
C TYR B 485 32.46 14.09 7.22
N CYS B 486 33.40 14.13 6.27
CA CYS B 486 33.12 14.81 4.99
C CYS B 486 33.21 13.86 3.82
N TYR B 487 32.42 14.16 2.80
CA TYR B 487 32.37 13.42 1.52
C TYR B 487 31.91 14.38 0.45
N PHE B 488 32.83 15.23 0.05
CA PHE B 488 32.50 16.29 -0.90
C PHE B 488 32.70 15.70 -2.25
N ASN B 489 31.68 15.00 -2.71
CA ASN B 489 31.84 14.24 -3.93
C ASN B 489 31.87 15.29 -5.00
N VAL B 490 30.80 16.08 -5.06
CA VAL B 490 30.64 17.02 -6.14
C VAL B 490 31.88 17.86 -6.39
N ASN B 491 32.60 18.21 -5.31
CA ASN B 491 33.83 18.99 -5.44
C ASN B 491 34.86 18.51 -4.45
N PRO B 492 35.62 17.47 -4.82
CA PRO B 492 36.54 16.94 -3.82
C PRO B 492 37.74 17.82 -3.54
N ASP B 493 37.86 18.95 -4.24
CA ASP B 493 38.89 19.95 -3.95
C ASP B 493 38.64 20.71 -2.68
N ILE B 494 37.39 20.66 -2.20
CA ILE B 494 36.98 21.47 -1.06
C ILE B 494 37.73 21.12 0.20
N ARG B 495 37.83 22.14 1.04
CA ARG B 495 38.42 22.07 2.36
C ARG B 495 37.40 22.54 3.40
N GLN B 496 37.28 21.76 4.49
CA GLN B 496 36.47 22.09 5.64
C GLN B 496 37.46 22.47 6.73
N GLN B 497 37.40 23.69 7.23
CA GLN B 497 38.44 24.10 8.21
C GLN B 497 38.43 23.27 9.47
N HIS B 498 37.23 22.91 9.93
CA HIS B 498 37.11 22.14 11.17
C HIS B 498 35.75 21.50 11.33
N GLY B 499 35.67 20.50 12.22
CA GLY B 499 34.41 19.87 12.55
C GLY B 499 33.66 20.64 13.61
N PHE B 500 34.43 21.23 14.51
CA PHE B 500 33.90 21.89 15.70
C PHE B 500 34.51 23.26 15.88
N GLN B 501 33.76 24.11 16.54
CA GLN B 501 34.21 25.41 16.86
C GLN B 501 33.63 25.91 18.20
N ALA B 502 34.49 26.52 19.00
CA ALA B 502 34.16 26.89 20.35
C ALA B 502 35.15 27.90 20.93
N PRO B 503 34.72 28.62 21.98
CA PRO B 503 35.73 29.43 22.66
C PRO B 503 36.61 28.59 23.53
N VAL B 504 37.77 29.15 23.86
CA VAL B 504 38.68 28.57 24.82
C VAL B 504 38.41 29.33 26.13
N LYS B 505 37.91 28.58 27.12
CA LYS B 505 37.45 29.06 28.40
C LYS B 505 37.47 27.87 29.31
N PRO B 506 37.68 28.08 30.63
CA PRO B 506 37.82 26.90 31.51
C PRO B 506 36.57 26.03 31.49
N GLY B 507 35.41 26.66 31.39
CA GLY B 507 34.17 25.92 31.54
C GLY B 507 33.69 25.34 30.22
N VAL B 508 34.44 25.53 29.13
CA VAL B 508 34.10 24.89 27.82
C VAL B 508 35.13 23.76 27.52
N LYS B 509 34.64 22.53 27.57
CA LYS B 509 35.50 21.33 27.50
C LYS B 509 34.94 20.35 26.49
N PHE B 510 35.83 19.73 25.74
CA PHE B 510 35.42 18.60 24.91
C PHE B 510 36.31 17.39 25.14
N HIS B 511 35.72 16.22 24.93
CA HIS B 511 36.36 14.95 25.16
C HIS B 511 36.17 14.06 23.94
N ASP B 512 37.26 13.57 23.37
CA ASP B 512 37.24 12.59 22.29
C ASP B 512 36.51 13.13 21.09
N LEU B 513 37.23 13.94 20.32
CA LEU B 513 36.74 14.54 19.09
C LEU B 513 37.47 13.90 17.90
N LEU B 514 36.74 13.74 16.80
CA LEU B 514 37.35 13.28 15.56
C LEU B 514 36.70 13.89 14.33
N VAL B 515 37.54 14.03 13.30
CA VAL B 515 37.04 14.30 11.97
C VAL B 515 37.59 13.28 10.97
N VAL B 516 36.82 13.01 9.91
CA VAL B 516 37.16 11.94 8.99
C VAL B 516 36.79 12.36 7.56
N SER B 517 37.75 12.26 6.62
CA SER B 517 37.47 12.35 5.20
C SER B 517 37.13 10.97 4.64
N LEU B 518 35.95 10.81 4.07
CA LEU B 518 35.59 9.54 3.46
C LEU B 518 36.19 9.37 2.02
N GLY B 519 37.30 8.65 1.90
CA GLY B 519 37.79 8.32 0.58
C GLY B 519 38.54 9.49 -0.04
N GLY B 520 38.93 10.48 0.77
CA GLY B 520 39.64 11.64 0.28
C GLY B 520 38.81 12.63 -0.52
N LYS B 521 37.49 12.52 -0.35
CA LYS B 521 36.56 13.43 -1.00
C LYS B 521 36.47 14.68 -0.17
N GLY B 522 37.35 15.62 -0.48
CA GLY B 522 37.57 16.73 0.41
C GLY B 522 38.50 16.35 1.55
N GLN B 523 38.89 17.36 2.33
CA GLN B 523 39.66 17.14 3.54
C GLN B 523 39.34 18.21 4.58
N TYR B 524 39.50 17.84 5.85
CA TYR B 524 39.48 18.78 6.98
C TYR B 524 40.86 19.41 7.18
N GLU B 525 40.95 20.70 7.52
CA GLU B 525 42.26 21.30 7.83
C GLU B 525 42.65 21.10 9.30
N HIS B 526 41.63 20.99 10.15
CA HIS B 526 41.82 20.79 11.59
C HIS B 526 40.61 20.08 12.17
N VAL B 527 40.66 19.78 13.46
CA VAL B 527 39.55 19.12 14.15
C VAL B 527 38.58 20.13 14.77
N ILE B 528 39.11 21.01 15.60
CA ILE B 528 38.32 22.01 16.33
C ILE B 528 39.07 23.32 16.28
N ASN B 529 38.39 24.43 15.94
CA ASN B 529 39.07 25.70 15.72
C ASN B 529 40.31 25.47 14.82
N ASP B 530 41.50 25.93 15.21
CA ASP B 530 42.69 25.75 14.36
C ASP B 530 43.56 24.64 14.95
N ILE B 531 42.92 23.70 15.63
CA ILE B 531 43.59 22.66 16.43
C ILE B 531 43.39 21.22 15.93
N GLY B 532 44.47 20.45 16.02
CA GLY B 532 44.47 19.05 15.62
C GLY B 532 44.81 18.92 14.14
N ASP B 533 45.24 17.73 13.73
CA ASP B 533 45.79 17.55 12.40
C ASP B 533 44.71 17.69 11.32
N PRO B 534 45.11 18.20 10.14
CA PRO B 534 44.26 18.04 8.96
C PRO B 534 44.12 16.54 8.66
N THR B 535 43.07 16.17 7.94
CA THR B 535 43.00 14.83 7.38
C THR B 535 43.87 14.82 6.13
N SER B 536 44.17 13.62 5.64
CA SER B 536 45.08 13.51 4.54
C SER B 536 45.02 12.08 3.97
N GLY B 537 45.34 11.94 2.68
CA GLY B 537 45.27 10.65 2.00
C GLY B 537 43.84 10.33 1.57
N ASP B 538 43.65 9.16 0.93
CA ASP B 538 42.30 8.60 0.67
C ASP B 538 42.07 7.34 1.50
N THR B 539 42.76 7.27 2.63
CA THR B 539 42.75 6.09 3.49
C THR B 539 41.65 6.11 4.54
N THR B 540 40.96 7.23 4.68
CA THR B 540 39.82 7.27 5.61
C THR B 540 40.25 7.05 7.06
N ILE B 541 41.38 7.66 7.41
CA ILE B 541 41.89 7.61 8.77
C ILE B 541 41.50 8.86 9.54
N PRO B 542 40.82 8.67 10.68
CA PRO B 542 40.39 9.85 11.45
C PRO B 542 41.53 10.72 11.94
N SER B 543 41.26 12.01 12.07
CA SER B 543 42.14 12.90 12.80
C SER B 543 41.48 13.15 14.14
N GLN B 544 42.24 12.97 15.21
CA GLN B 544 41.65 12.89 16.55
C GLN B 544 42.19 13.95 17.51
N VAL B 545 41.33 14.37 18.43
CA VAL B 545 41.76 15.13 19.62
C VAL B 545 41.08 14.51 20.87
N VAL B 546 41.87 14.17 21.88
CA VAL B 546 41.32 13.45 23.04
C VAL B 546 40.58 14.44 23.95
N SER B 547 41.22 15.57 24.12
CA SER B 547 40.87 16.48 25.18
C SER B 547 41.08 17.86 24.56
N PHE B 548 40.06 18.72 24.60
CA PHE B 548 40.20 20.06 24.09
C PHE B 548 39.52 20.94 25.11
N PRO B 549 40.18 22.04 25.53
CA PRO B 549 41.47 22.51 24.94
C PRO B 549 42.77 21.76 25.28
C2 BGC C . 1.40 -27.76 -25.19
C3 BGC C . 1.35 -26.80 -24.10
C4 BGC C . 0.75 -27.41 -22.85
C5 BGC C . 1.32 -28.79 -22.52
C6 BGC C . 0.58 -29.47 -21.42
C1 BGC C . 2.08 -29.04 -24.78
O1 BGC C . 2.11 -29.84 -25.81
O2 BGC C . 1.83 -27.34 -26.50
O3 BGC C . 0.65 -25.54 -24.54
O4 BGC C . 0.97 -26.60 -21.73
O5 BGC C . 1.38 -29.67 -23.64
O6 BGC C . 0.99 -30.78 -21.12
C2 BGC C . 0.67 -23.21 -24.76
C3 BGC C . 1.30 -21.93 -24.36
C4 BGC C . 1.58 -21.84 -22.92
C5 BGC C . 2.21 -23.14 -22.41
C6 BGC C . 2.42 -23.15 -20.94
C1 BGC C . 1.36 -24.41 -24.20
O2 BGC C . 0.54 -23.30 -26.17
O3 BGC C . 0.31 -20.92 -24.80
O4 BGC C . 2.45 -20.74 -22.59
O5 BGC C . 1.43 -24.30 -22.77
O6 BGC C . 3.04 -24.33 -20.42
C2 BGC C . -0.16 -18.76 -25.74
C3 BGC C . 0.43 -17.58 -26.43
C4 BGC C . 1.60 -17.06 -25.74
C5 BGC C . 2.55 -18.20 -25.40
C6 BGC C . 3.67 -17.74 -24.55
C1 BGC C . 0.88 -19.86 -25.54
O2 BGC C . -1.21 -19.29 -26.57
O3 BGC C . -0.59 -16.53 -26.39
O4 BGC C . 2.31 -16.11 -26.56
O5 BGC C . 1.91 -19.27 -24.72
O6 BGC C . 4.52 -18.80 -24.23
C2 BGC C . -2.04 -15.05 -27.65
C3 BGC C . -2.27 -14.37 -28.98
C4 BGC C . -0.97 -13.86 -29.53
C5 BGC C . -0.02 -15.05 -29.64
C6 BGC C . 1.28 -14.73 -30.36
C1 BGC C . -0.94 -16.08 -27.68
O2 BGC C . -3.21 -15.75 -27.23
O3 BGC C . -3.18 -13.28 -28.73
O4 BGC C . -1.09 -13.30 -30.79
O5 BGC C . 0.25 -15.51 -28.31
O6 BGC C . 2.01 -15.88 -30.75
C2 BGC C . -5.30 -12.23 -28.87
C3 BGC C . -6.37 -11.68 -29.77
C4 BGC C . -5.78 -11.09 -30.99
C5 BGC C . -4.88 -12.08 -31.67
C6 BGC C . -4.16 -11.48 -32.86
C1 BGC C . -4.28 -13.09 -29.57
O2 BGC C . -5.87 -13.01 -27.87
O3 BGC C . -7.09 -10.59 -29.06
O4 BGC C . -6.81 -10.60 -31.81
O5 BGC C . -3.81 -12.40 -30.76
O6 BGC C . -3.24 -12.34 -33.52
C2 BGC C . -9.15 -9.75 -28.16
C3 BGC C . -10.63 -9.75 -28.39
C4 BGC C . -10.93 -9.96 -29.79
C5 BGC C . -10.39 -11.34 -30.14
C6 BGC C . -10.85 -11.82 -31.46
C1 BGC C . -8.44 -10.93 -28.84
O2 BGC C . -8.86 -9.79 -26.79
O3 BGC C . -11.25 -8.48 -27.99
O4 BGC C . -12.34 -9.87 -30.15
O5 BGC C . -8.95 -11.18 -30.16
O6 BGC C . -10.52 -13.18 -31.68
C2 BGC D . -5.31 -32.50 -30.56
C3 BGC D . -5.56 -31.56 -31.63
C4 BGC D . -4.37 -30.76 -32.07
C5 BGC D . -3.07 -31.54 -32.12
C6 BGC D . -1.90 -30.62 -32.19
C1 BGC D . -4.07 -33.33 -30.75
O1 BGC D . -3.86 -33.99 -29.60
O2 BGC D . -6.46 -33.32 -30.29
O3 BGC D . -6.61 -30.70 -31.13
O4 BGC D . -4.60 -30.14 -33.31
O5 BGC D . -2.91 -32.51 -31.07
O6 BGC D . -1.08 -30.52 -31.05
C2 BGC D . -8.85 -29.96 -31.56
C3 BGC D . -9.80 -29.31 -32.52
C4 BGC D . -9.18 -28.14 -33.19
C5 BGC D . -7.73 -28.36 -33.59
C6 BGC D . -7.12 -27.23 -34.29
C1 BGC D . -7.39 -30.09 -32.07
O2 BGC D . -9.28 -31.22 -31.07
O3 BGC D . -11.07 -28.95 -31.92
O4 BGC D . -9.89 -27.82 -34.36
O5 BGC D . -6.88 -28.77 -32.48
O6 BGC D . -5.91 -27.55 -34.85
C2 BGC D . -12.87 -29.88 -30.65
C3 BGC D . -14.07 -30.76 -30.72
C4 BGC D . -14.92 -30.48 -31.90
C5 BGC D . -14.11 -30.48 -33.18
C6 BGC D . -14.94 -30.10 -34.38
C1 BGC D . -12.07 -29.87 -31.93
O2 BGC D . -12.02 -30.22 -29.57
O3 BGC D . -14.87 -30.55 -29.51
O4 BGC D . -15.95 -31.43 -32.06
O5 BGC D . -12.94 -29.62 -33.07
O6 BGC D . -14.25 -30.13 -35.57
C2 BGC D . -15.60 -31.44 -27.45
C3 BGC D . -16.33 -32.55 -26.83
C4 BGC D . -17.64 -32.78 -27.52
C5 BGC D . -17.31 -33.10 -28.97
C6 BGC D . -18.45 -33.44 -29.85
C1 BGC D . -15.33 -31.69 -28.91
O2 BGC D . -14.36 -31.12 -26.79
O3 BGC D . -16.53 -32.26 -25.42
O4 BGC D . -18.35 -33.87 -26.94
O5 BGC D . -16.60 -32.02 -29.59
O6 BGC D . -19.75 -33.31 -29.35
C2 BGC D . -15.12 -32.13 -23.45
C3 BGC D . -14.36 -32.93 -22.51
C4 BGC D . -15.11 -34.08 -21.95
C5 BGC D . -15.73 -34.87 -23.06
C6 BGC D . -16.66 -35.92 -22.56
C1 BGC D . -15.70 -32.97 -24.57
O2 BGC D . -14.31 -31.10 -24.05
O3 BGC D . -13.76 -32.13 -21.47
O4 BGC D . -14.25 -34.95 -21.18
O5 BGC D . -16.47 -34.03 -23.96
O6 BGC D . -17.08 -36.85 -23.55
C2 BGC E . 35.51 -9.05 8.13
C3 BGC E . 35.68 -8.22 9.30
C4 BGC E . 35.13 -8.86 10.51
C5 BGC E . 35.80 -10.22 10.65
C6 BGC E . 35.47 -10.81 11.96
C1 BGC E . 35.92 -10.51 8.32
O1 BGC E . 35.55 -11.26 7.29
O2 BGC E . 36.20 -8.53 6.98
O3 BGC E . 35.01 -6.92 9.03
O4 BGC E . 35.35 -8.16 11.70
O5 BGC E . 35.39 -11.05 9.57
O6 BGC E . 34.36 -11.66 12.01
C2 BGC E . 35.06 -4.59 8.87
C3 BGC E . 35.66 -3.33 9.37
C4 BGC E . 35.85 -3.36 10.81
C5 BGC E . 36.52 -4.64 11.26
C6 BGC E . 36.58 -4.81 12.73
C1 BGC E . 35.77 -5.83 9.37
O2 BGC E . 35.16 -4.59 7.46
O3 BGC E . 34.76 -2.25 8.93
O4 BGC E . 36.67 -2.29 11.30
O5 BGC E . 35.85 -5.80 10.78
O6 BGC E . 37.37 -5.90 13.17
C2 BGC E . 34.30 -0.14 7.83
C3 BGC E . 34.95 1.00 7.13
C4 BGC E . 36.15 1.53 7.80
C5 BGC E . 37.12 0.39 8.06
C6 BGC E . 38.28 0.90 8.86
C1 BGC E . 35.31 -1.24 8.11
O2 BGC E . 33.21 -0.68 7.06
O3 BGC E . 33.97 2.10 7.13
O4 BGC E . 36.82 2.57 7.02
O5 BGC E . 36.42 -0.63 8.82
O6 BGC E . 39.07 -0.14 9.40
C2 BGC E . 32.46 3.58 6.05
C3 BGC E . 32.18 4.30 4.77
C4 BGC E . 33.44 4.79 4.08
C5 BGC E . 34.44 3.64 3.96
C6 BGC E . 35.76 4.06 3.34
C1 BGC E . 33.55 2.54 5.90
O2 BGC E . 31.29 2.95 6.59
O3 BGC E . 31.34 5.41 5.15
O4 BGC E . 33.12 5.30 2.81
O5 BGC E . 34.71 3.14 5.27
O6 BGC E . 36.60 2.93 3.06
C2 BGC E . 29.24 6.57 5.03
C3 BGC E . 28.20 7.12 4.12
C4 BGC E . 28.77 7.77 2.92
C5 BGC E . 29.79 6.89 2.23
C6 BGC E . 30.58 7.67 1.22
C1 BGC E . 30.28 5.75 4.30
O2 BGC E . 28.59 5.75 6.00
O3 BGC E . 27.47 8.13 4.91
O4 BGC E . 27.74 8.14 2.03
O5 BGC E . 30.82 6.52 3.18
O6 BGC E . 31.62 6.92 0.62
C2 BGC E . 25.45 9.08 5.69
C3 BGC E . 23.99 9.07 5.53
C4 BGC E . 23.67 9.09 4.12
C5 BGC E . 24.29 7.95 3.38
C6 BGC E . 24.29 8.66 2.09
C1 BGC E . 26.09 7.89 5.01
O2 BGC E . 25.78 9.14 7.08
O3 BGC E . 23.42 10.34 6.01
O4 BGC E . 22.24 9.01 3.89
O5 BGC E . 25.69 7.72 3.65
O6 BGC E . 24.38 8.00 0.97
C2 BGC F . 28.84 -13.94 3.41
C3 BGC F . 28.55 -13.07 2.30
C4 BGC F . 29.76 -12.44 1.72
C5 BGC F . 30.79 -13.47 1.28
C6 BGC F . 32.20 -13.02 1.47
C1 BGC F . 29.84 -15.02 3.08
O1 BGC F . 30.61 -15.22 4.15
O2 BGC F . 27.64 -14.58 3.89
O3 BGC F . 27.52 -12.11 2.77
O4 BGC F . 29.47 -11.60 0.62
O5 BGC F . 30.65 -14.76 1.88
O6 BGC F . 32.48 -11.68 1.70
C2 BGC F . 25.32 -11.38 2.28
C3 BGC F . 24.43 -10.66 1.31
C4 BGC F . 25.13 -9.55 0.62
C5 BGC F . 26.48 -9.99 0.03
C6 BGC F . 27.07 -8.92 -0.77
C1 BGC F . 26.75 -11.64 1.76
O2 BGC F . 24.69 -12.55 2.82
O3 BGC F . 23.23 -10.16 1.97
O4 BGC F . 24.32 -8.98 -0.39
O5 BGC F . 27.37 -10.45 1.08
O6 BGC F . 27.30 -7.76 -0.10
C2 BGC F . 21.44 -11.05 3.31
C3 BGC F . 20.23 -11.93 3.22
C4 BGC F . 19.41 -11.66 2.04
C5 BGC F . 20.22 -11.64 0.72
C6 BGC F . 19.43 -11.26 -0.51
C1 BGC F . 22.23 -11.08 2.00
O2 BGC F . 22.30 -11.41 4.35
O3 BGC F . 19.43 -11.70 4.42
O4 BGC F . 18.40 -12.62 1.91
O5 BGC F . 21.39 -10.81 0.85
O6 BGC F . 18.63 -10.14 -0.48
C2 BGC F . 18.85 -12.68 6.52
C3 BGC F . 18.21 -13.86 7.15
C4 BGC F . 16.88 -14.08 6.53
C5 BGC F . 17.10 -14.31 5.03
C6 BGC F . 15.90 -14.73 4.28
C1 BGC F . 18.95 -12.82 5.02
O2 BGC F . 20.12 -12.33 7.11
O3 BGC F . 18.04 -13.51 8.52
O4 BGC F . 16.19 -15.19 7.14
O5 BGC F . 17.63 -13.11 4.45
O6 BGC F . 14.78 -13.91 4.38
C2 BGC F . 19.33 -13.34 10.56
C3 BGC F . 20.06 -14.17 11.50
C4 BGC F . 19.25 -15.28 12.04
C5 BGC F . 18.60 -16.04 10.94
C6 BGC F . 17.62 -17.05 11.42
C1 BGC F . 18.77 -14.22 9.46
O2 BGC F . 20.19 -12.33 9.99
O3 BGC F . 20.69 -13.39 12.55
O4 BGC F . 20.05 -16.21 12.79
O5 BGC F . 17.89 -15.14 10.09
O6 BGC F . 17.14 -17.90 10.38
C1 EDO G . -4.41 4.01 -29.58
O1 EDO G . -3.81 4.85 -28.58
C2 EDO G . -5.76 4.63 -29.88
O2 EDO G . -6.52 4.60 -28.66
H11 EDO G . -3.79 3.93 -30.47
H12 EDO G . -4.56 3.01 -29.17
HO1 EDO G . -3.06 4.39 -28.18
H21 EDO G . -6.27 4.05 -30.65
H22 EDO G . -5.63 5.65 -30.24
HO2 EDO G . -7.37 5.03 -28.83
C1 EDO H . 29.61 24.14 5.29
O1 EDO H . 30.85 23.40 5.35
C2 EDO H . 28.60 23.29 4.56
O2 EDO H . 27.75 22.94 5.61
H11 EDO H . 29.72 25.10 4.83
H12 EDO H . 29.26 24.29 6.30
HO1 EDO H . 31.54 23.95 5.73
H21 EDO H . 29.08 22.40 4.15
H22 EDO H . 28.08 23.81 3.77
HO2 EDO H . 27.05 22.35 5.28
N GLU A 1 -50.58 -0.21 -12.56
CA GLU A 1 -50.86 -1.67 -12.47
C GLU A 1 -49.82 -2.63 -13.21
N VAL A 2 -48.54 -2.69 -12.71
CA VAL A 2 -47.53 -3.71 -13.15
C VAL A 2 -47.62 -4.90 -12.15
N VAL A 3 -48.09 -6.03 -12.67
CA VAL A 3 -48.23 -7.30 -11.97
C VAL A 3 -46.89 -7.75 -11.35
N GLY A 4 -46.91 -8.80 -10.54
CA GLY A 4 -45.67 -9.35 -10.01
C GLY A 4 -45.40 -10.77 -10.51
N GLY A 5 -44.20 -10.97 -11.03
CA GLY A 5 -43.67 -12.27 -11.42
C GLY A 5 -44.43 -12.93 -12.56
N GLY A 6 -44.99 -14.09 -12.26
CA GLY A 6 -45.74 -14.84 -13.26
C GLY A 6 -44.75 -15.64 -14.10
N ASP A 7 -45.17 -15.98 -15.31
CA ASP A 7 -44.41 -16.92 -16.07
C ASP A 7 -43.06 -16.31 -16.52
N LEU A 8 -42.10 -17.19 -16.86
CA LEU A 8 -40.76 -16.76 -17.24
C LEU A 8 -40.41 -16.91 -18.73
N GLY A 9 -41.31 -17.54 -19.49
CA GLY A 9 -41.25 -17.45 -20.93
C GLY A 9 -40.51 -18.54 -21.69
N PRO A 10 -40.46 -18.38 -23.02
CA PRO A 10 -40.08 -19.40 -23.98
C PRO A 10 -38.56 -19.69 -23.95
N ASN A 11 -37.80 -18.69 -23.52
CA ASN A 11 -36.31 -18.75 -23.61
C ASN A 11 -35.64 -19.22 -22.32
N VAL A 12 -36.43 -19.56 -21.30
CA VAL A 12 -35.90 -20.19 -20.08
C VAL A 12 -36.36 -21.64 -20.14
N LEU A 13 -35.41 -22.54 -20.35
CA LEU A 13 -35.68 -23.95 -20.61
C LEU A 13 -35.39 -24.67 -19.30
N VAL A 14 -36.42 -25.17 -18.62
CA VAL A 14 -36.23 -25.71 -17.27
C VAL A 14 -36.28 -27.21 -17.28
N PHE A 15 -35.34 -27.82 -16.57
CA PHE A 15 -35.13 -29.25 -16.58
C PHE A 15 -35.22 -29.84 -15.18
N ASP A 16 -35.43 -31.16 -15.14
CA ASP A 16 -35.21 -31.92 -13.91
C ASP A 16 -34.77 -33.34 -14.32
N PRO A 17 -34.33 -34.19 -13.36
CA PRO A 17 -33.82 -35.48 -13.81
C PRO A 17 -34.69 -36.26 -14.83
N SER A 18 -36.01 -36.16 -14.72
CA SER A 18 -36.91 -36.94 -15.60
C SER A 18 -37.55 -36.23 -16.78
N THR A 19 -37.15 -35.00 -17.06
CA THR A 19 -37.46 -34.38 -18.34
C THR A 19 -36.89 -35.36 -19.37
N PRO A 20 -37.70 -35.79 -20.34
CA PRO A 20 -37.09 -36.73 -21.27
C PRO A 20 -36.01 -36.04 -22.04
N ASP A 21 -34.97 -36.78 -22.44
CA ASP A 21 -34.09 -36.29 -23.46
C ASP A 21 -33.50 -34.95 -23.07
N ILE A 22 -32.91 -34.87 -21.89
CA ILE A 22 -32.18 -33.64 -21.55
C ILE A 22 -31.04 -33.43 -22.54
N GLN A 23 -30.34 -34.50 -22.85
CA GLN A 23 -29.14 -34.32 -23.64
C GLN A 23 -29.47 -33.82 -25.05
N GLY A 24 -30.60 -34.30 -25.59
CA GLY A 24 -30.98 -33.90 -26.92
C GLY A 24 -31.53 -32.48 -26.96
N LYS A 25 -32.10 -32.02 -25.87
CA LYS A 25 -32.62 -30.64 -25.84
C LYS A 25 -31.42 -29.71 -25.77
N VAL A 26 -30.54 -29.99 -24.82
CA VAL A 26 -29.35 -29.16 -24.72
C VAL A 26 -28.45 -29.19 -26.00
N ASP A 27 -28.37 -30.32 -26.72
CA ASP A 27 -27.56 -30.35 -27.96
C ASP A 27 -28.23 -29.56 -29.12
N GLU A 28 -29.57 -29.58 -29.16
CA GLU A 28 -30.37 -28.74 -30.09
C GLU A 28 -30.02 -27.25 -29.89
N VAL A 29 -29.84 -26.83 -28.65
CA VAL A 29 -29.51 -25.41 -28.35
C VAL A 29 -28.07 -25.05 -28.75
N PHE A 30 -27.09 -25.83 -28.25
CA PHE A 30 -25.68 -25.65 -28.61
C PHE A 30 -25.56 -25.59 -30.11
N ARG A 31 -26.26 -26.50 -30.78
CA ARG A 31 -26.20 -26.57 -32.25
C ARG A 31 -26.49 -25.26 -32.90
N LYS A 32 -27.57 -24.65 -32.47
CA LYS A 32 -27.95 -23.36 -33.02
C LYS A 32 -27.07 -22.23 -32.52
N GLN A 33 -26.49 -22.39 -31.34
CA GLN A 33 -25.78 -21.27 -30.71
C GLN A 33 -24.26 -21.32 -30.85
N GLU A 34 -23.73 -22.43 -31.34
CA GLU A 34 -22.32 -22.68 -31.31
C GLU A 34 -21.54 -21.60 -32.04
N SER A 35 -22.01 -21.26 -33.23
CA SER A 35 -21.29 -20.30 -34.04
C SER A 35 -22.13 -19.03 -34.24
N ASN A 36 -23.11 -18.84 -33.36
CA ASN A 36 -24.05 -17.72 -33.46
C ASN A 36 -23.58 -16.48 -32.71
N GLN A 37 -22.47 -15.94 -33.16
CA GLN A 37 -21.75 -14.99 -32.33
C GLN A 37 -22.50 -13.68 -32.15
N PHE A 38 -23.24 -13.26 -33.16
CA PHE A 38 -23.86 -11.93 -33.14
C PHE A 38 -25.42 -11.96 -33.18
N GLY A 39 -25.97 -13.17 -33.19
CA GLY A 39 -27.41 -13.36 -33.31
C GLY A 39 -28.22 -12.70 -32.20
N THR A 40 -29.54 -12.75 -32.34
CA THR A 40 -30.40 -12.21 -31.34
C THR A 40 -31.02 -13.29 -30.44
N ASP A 41 -30.79 -14.57 -30.73
CA ASP A 41 -31.37 -15.58 -29.87
C ASP A 41 -30.63 -15.62 -28.52
N ARG A 42 -31.37 -16.01 -27.49
CA ARG A 42 -30.91 -15.99 -26.11
C ARG A 42 -31.55 -17.17 -25.40
N TYR A 43 -30.79 -17.85 -24.54
CA TYR A 43 -31.30 -18.97 -23.75
C TYR A 43 -30.73 -19.05 -22.36
N ALA A 44 -31.57 -19.38 -21.39
CA ALA A 44 -31.10 -19.74 -20.06
C ALA A 44 -31.58 -21.13 -19.79
N LEU A 45 -30.64 -21.99 -19.44
CA LEU A 45 -30.92 -23.39 -19.08
C LEU A 45 -30.86 -23.51 -17.57
N MET A 46 -31.97 -23.98 -16.97
CA MET A 46 -32.13 -23.93 -15.55
C MET A 46 -32.45 -25.32 -15.09
N PHE A 47 -31.71 -25.77 -14.09
CA PHE A 47 -31.83 -27.13 -13.60
C PHE A 47 -32.32 -27.17 -12.15
N LYS A 48 -33.54 -27.72 -11.95
CA LYS A 48 -34.06 -27.98 -10.60
C LYS A 48 -33.12 -28.94 -9.84
N PRO A 49 -33.06 -28.79 -8.51
CA PRO A 49 -32.16 -29.71 -7.79
C PRO A 49 -32.53 -31.17 -7.93
N GLY A 50 -31.49 -31.98 -7.90
CA GLY A 50 -31.54 -33.39 -8.24
C GLY A 50 -30.14 -33.78 -8.73
N THR A 51 -30.03 -35.01 -9.26
CA THR A 51 -28.79 -35.57 -9.77
C THR A 51 -29.08 -35.95 -11.20
N TYR A 52 -28.18 -35.54 -12.09
CA TYR A 52 -28.34 -35.70 -13.53
C TYR A 52 -27.18 -36.53 -14.07
N ASN A 53 -27.49 -37.68 -14.66
CA ASN A 53 -26.47 -38.55 -15.23
C ASN A 53 -26.31 -38.37 -16.74
N ASP A 54 -25.15 -38.78 -17.30
CA ASP A 54 -24.96 -38.88 -18.76
C ASP A 54 -25.25 -37.57 -19.49
N ILE A 55 -24.45 -36.56 -19.20
CA ILE A 55 -24.76 -35.22 -19.66
C ILE A 55 -23.48 -34.49 -19.98
N ASN A 56 -23.50 -33.91 -21.17
CA ASN A 56 -22.38 -33.16 -21.73
C ASN A 56 -23.11 -31.90 -22.21
N ALA A 57 -23.29 -30.93 -21.29
CA ALA A 57 -23.98 -29.66 -21.61
C ALA A 57 -22.98 -28.71 -22.24
N GLN A 58 -22.86 -28.80 -23.57
CA GLN A 58 -22.02 -27.89 -24.33
C GLN A 58 -22.72 -26.54 -24.44
N ILE A 59 -22.00 -25.48 -24.09
CA ILE A 59 -22.55 -24.13 -23.97
C ILE A 59 -22.03 -23.24 -25.13
N GLY A 60 -22.93 -22.75 -25.97
CA GLY A 60 -22.55 -21.87 -27.07
C GLY A 60 -22.78 -20.41 -26.66
N PHE A 61 -22.82 -19.54 -27.68
CA PHE A 61 -23.08 -18.12 -27.47
C PHE A 61 -24.44 -17.88 -26.80
N TYR A 62 -24.49 -16.87 -25.98
CA TYR A 62 -25.71 -16.34 -25.37
C TYR A 62 -26.54 -17.42 -24.69
N THR A 63 -25.85 -18.32 -24.03
CA THR A 63 -26.49 -19.40 -23.26
C THR A 63 -25.92 -19.34 -21.84
N SER A 64 -26.82 -19.22 -20.89
CA SER A 64 -26.46 -19.39 -19.47
C SER A 64 -26.99 -20.76 -18.99
N ILE A 65 -26.23 -21.37 -18.10
CA ILE A 65 -26.66 -22.64 -17.48
C ILE A 65 -26.52 -22.50 -15.99
N ALA A 66 -27.51 -22.96 -15.26
CA ALA A 66 -27.49 -22.82 -13.82
C ALA A 66 -28.34 -23.84 -13.11
N GLY A 67 -27.95 -24.04 -11.86
CA GLY A 67 -28.75 -24.82 -10.93
C GLY A 67 -29.68 -23.92 -10.12
N LEU A 68 -30.75 -24.52 -9.58
CA LEU A 68 -31.77 -23.79 -8.85
C LEU A 68 -31.86 -24.20 -7.39
N GLY A 69 -30.81 -24.84 -6.86
CA GLY A 69 -30.73 -25.05 -5.42
C GLY A 69 -30.25 -23.78 -4.75
N LEU A 70 -30.61 -23.59 -3.49
CA LEU A 70 -29.99 -22.55 -2.67
C LEU A 70 -28.45 -22.77 -2.66
N ASN A 71 -28.01 -24.05 -2.67
CA ASN A 71 -26.56 -24.39 -2.81
C ASN A 71 -26.07 -25.26 -4.08
N PRO A 72 -24.94 -24.90 -4.72
CA PRO A 72 -24.69 -25.59 -5.99
C PRO A 72 -24.56 -27.16 -5.85
N ASP A 73 -24.25 -27.69 -4.66
CA ASP A 73 -24.26 -29.17 -4.52
C ASP A 73 -25.68 -29.77 -4.51
N ASP A 74 -26.67 -28.98 -4.12
CA ASP A 74 -28.06 -29.38 -4.34
C ASP A 74 -28.37 -29.79 -5.80
N THR A 75 -27.58 -29.33 -6.79
CA THR A 75 -27.85 -29.63 -8.20
C THR A 75 -26.56 -30.18 -8.85
N THR A 76 -26.44 -31.51 -8.92
CA THR A 76 -25.20 -32.17 -9.38
C THR A 76 -25.29 -32.86 -10.74
N PHE A 77 -24.30 -32.59 -11.58
CA PHE A 77 -24.19 -33.26 -12.89
C PHE A 77 -23.11 -34.34 -12.76
N ASN A 78 -23.48 -35.57 -13.08
CA ASN A 78 -22.55 -36.65 -13.31
C ASN A 78 -22.25 -36.55 -14.78
N GLY A 79 -21.26 -35.72 -15.07
CA GLY A 79 -21.08 -35.16 -16.39
C GLY A 79 -20.44 -33.79 -16.36
N ASP A 80 -20.70 -32.98 -17.40
CA ASP A 80 -19.86 -31.85 -17.76
C ASP A 80 -20.67 -30.63 -18.24
N VAL A 81 -20.11 -29.45 -18.01
CA VAL A 81 -20.64 -28.18 -18.48
C VAL A 81 -19.47 -27.63 -19.31
N THR A 82 -19.58 -27.79 -20.63
CA THR A 82 -18.40 -27.78 -21.52
C THR A 82 -18.38 -26.60 -22.48
N VAL A 83 -17.27 -25.90 -22.53
CA VAL A 83 -16.93 -24.98 -23.62
C VAL A 83 -15.64 -25.44 -24.27
N ASP A 84 -15.65 -25.52 -25.60
CA ASP A 84 -14.47 -25.85 -26.38
C ASP A 84 -14.50 -24.97 -27.64
N ALA A 85 -13.53 -25.18 -28.52
CA ALA A 85 -13.25 -24.26 -29.60
C ALA A 85 -13.44 -24.89 -31.01
N GLY A 86 -14.28 -25.92 -31.08
CA GLY A 86 -14.62 -26.57 -32.34
C GLY A 86 -14.84 -25.64 -33.52
N TRP A 87 -15.77 -24.71 -33.35
CA TRP A 87 -16.24 -23.90 -34.46
C TRP A 87 -15.21 -22.95 -35.04
N PHE A 88 -14.17 -22.61 -34.27
CA PHE A 88 -13.21 -21.57 -34.66
C PHE A 88 -11.92 -22.34 -34.87
N ASP A 89 -12.14 -23.41 -35.63
CA ASP A 89 -11.33 -24.62 -35.68
C ASP A 89 -10.11 -24.60 -34.65
N GLY A 90 -10.47 -24.40 -33.36
CA GLY A 90 -9.54 -24.57 -32.23
C GLY A 90 -9.05 -23.32 -31.51
N ASN A 91 -9.46 -22.17 -32.01
CA ASN A 91 -9.11 -20.88 -31.44
C ASN A 91 -10.23 -20.49 -30.46
N ALA A 92 -9.91 -20.28 -29.18
CA ALA A 92 -10.96 -19.94 -28.20
C ALA A 92 -11.12 -18.43 -27.94
N THR A 93 -10.50 -17.60 -28.78
CA THR A 93 -10.51 -16.15 -28.50
C THR A 93 -11.77 -15.42 -28.93
N GLN A 94 -12.75 -16.15 -29.44
CA GLN A 94 -14.07 -15.58 -29.64
C GLN A 94 -15.16 -16.29 -28.83
N ASN A 95 -14.79 -17.03 -27.78
CA ASN A 95 -15.79 -17.74 -26.98
C ASN A 95 -16.34 -16.87 -25.85
N PHE A 96 -17.24 -15.99 -26.27
CA PHE A 96 -17.80 -14.94 -25.43
C PHE A 96 -19.24 -15.19 -24.99
N TRP A 97 -19.70 -14.38 -24.03
CA TRP A 97 -21.11 -14.15 -23.71
C TRP A 97 -21.86 -15.45 -23.36
N ARG A 98 -21.42 -16.11 -22.30
CA ARG A 98 -22.14 -17.27 -21.81
C ARG A 98 -21.82 -17.42 -20.32
N SER A 99 -22.46 -18.34 -19.62
CA SER A 99 -22.21 -18.38 -18.18
C SER A 99 -22.62 -19.71 -17.56
N ALA A 100 -21.99 -20.02 -16.42
CA ALA A 100 -22.34 -21.20 -15.60
C ALA A 100 -22.37 -20.78 -14.15
N GLU A 101 -23.45 -21.17 -13.44
CA GLU A 101 -23.59 -20.79 -12.02
C GLU A 101 -24.29 -21.89 -11.23
N ASN A 102 -23.88 -22.10 -9.99
CA ASN A 102 -24.71 -22.77 -8.95
C ASN A 102 -24.96 -24.23 -9.30
N LEU A 103 -23.90 -24.89 -9.75
CA LEU A 103 -23.93 -26.34 -10.05
C LEU A 103 -22.72 -27.04 -9.44
N ALA A 104 -22.89 -28.34 -9.14
CA ALA A 104 -21.76 -29.22 -8.85
C ALA A 104 -21.55 -30.13 -10.05
N LEU A 105 -20.28 -30.26 -10.48
CA LEU A 105 -19.91 -31.09 -11.65
C LEU A 105 -19.01 -32.23 -11.21
N ASN A 106 -19.36 -33.41 -11.68
CA ASN A 106 -18.53 -34.62 -11.57
C ASN A 106 -18.08 -35.06 -12.98
N PRO A 107 -16.99 -34.44 -13.47
CA PRO A 107 -16.70 -34.56 -14.91
C PRO A 107 -16.31 -35.96 -15.34
N VAL A 108 -16.67 -36.34 -16.54
CA VAL A 108 -16.65 -37.75 -16.90
C VAL A 108 -15.29 -38.34 -17.12
N ASN A 109 -14.27 -37.49 -17.27
CA ASN A 109 -12.88 -37.95 -17.33
C ASN A 109 -12.08 -37.40 -16.17
N GLY A 110 -12.77 -36.80 -15.22
CA GLY A 110 -12.09 -36.21 -14.07
C GLY A 110 -11.81 -34.71 -14.17
N THR A 111 -11.96 -34.15 -15.37
CA THR A 111 -11.66 -32.74 -15.61
C THR A 111 -12.74 -32.12 -16.47
N ASN A 112 -13.29 -30.99 -16.02
CA ASN A 112 -14.25 -30.22 -16.76
C ASN A 112 -13.51 -29.16 -17.60
N ARG A 113 -13.95 -28.99 -18.84
CA ARG A 113 -13.33 -28.06 -19.75
C ARG A 113 -14.20 -26.83 -20.02
N TRP A 114 -13.63 -25.65 -19.72
CA TRP A 114 -14.35 -24.37 -19.83
C TRP A 114 -13.38 -23.40 -20.51
N ALA A 115 -13.19 -23.63 -21.80
CA ALA A 115 -12.23 -22.89 -22.59
C ALA A 115 -12.85 -21.65 -23.20
N VAL A 116 -12.95 -20.63 -22.38
CA VAL A 116 -13.61 -19.38 -22.74
C VAL A 116 -12.66 -18.18 -22.86
N SER A 117 -13.18 -17.11 -23.45
CA SER A 117 -12.51 -15.83 -23.39
C SER A 117 -13.43 -14.87 -22.62
N GLN A 118 -13.57 -13.63 -23.05
CA GLN A 118 -14.19 -12.59 -22.22
C GLN A 118 -15.70 -12.79 -22.03
N ALA A 119 -16.23 -12.26 -20.92
CA ALA A 119 -17.65 -12.33 -20.55
C ALA A 119 -18.20 -13.74 -20.59
N ALA A 120 -17.45 -14.66 -19.96
CA ALA A 120 -17.93 -16.03 -19.69
C ALA A 120 -17.82 -16.41 -18.21
N PRO A 121 -18.59 -15.76 -17.35
CA PRO A 121 -18.32 -15.99 -15.91
C PRO A 121 -18.64 -17.43 -15.43
N PHE A 122 -17.90 -17.86 -14.41
CA PHE A 122 -17.98 -19.20 -13.79
C PHE A 122 -18.12 -18.87 -12.30
N ARG A 123 -19.36 -18.90 -11.83
CA ARG A 123 -19.64 -18.46 -10.49
C ARG A 123 -20.26 -19.55 -9.69
N ARG A 124 -19.78 -19.69 -8.47
CA ARG A 124 -20.63 -20.35 -7.54
C ARG A 124 -20.76 -21.84 -7.96
N MET A 125 -19.63 -22.35 -8.42
CA MET A 125 -19.57 -23.71 -8.94
C MET A 125 -18.78 -24.63 -8.01
N HIS A 126 -19.13 -25.90 -8.02
CA HIS A 126 -18.33 -26.92 -7.32
C HIS A 126 -17.87 -28.01 -8.25
N VAL A 127 -16.63 -27.91 -8.71
CA VAL A 127 -16.03 -28.92 -9.57
C VAL A 127 -15.37 -30.03 -8.76
N LYS A 128 -16.04 -31.15 -8.69
CA LYS A 128 -15.49 -32.28 -7.97
C LYS A 128 -14.69 -32.87 -9.12
N GLY A 129 -13.41 -32.48 -9.17
CA GLY A 129 -12.57 -32.68 -10.33
C GLY A 129 -11.61 -31.54 -10.62
N GLY A 130 -10.86 -31.68 -11.71
CA GLY A 130 -10.00 -30.62 -12.20
C GLY A 130 -10.79 -29.73 -13.16
N LEU A 131 -10.16 -28.65 -13.59
CA LEU A 131 -10.80 -27.66 -14.44
C LEU A 131 -9.80 -27.21 -15.49
N ASN A 132 -10.07 -27.57 -16.73
CA ASN A 132 -9.17 -27.21 -17.85
C ASN A 132 -9.76 -25.98 -18.54
N LEU A 133 -9.02 -24.88 -18.55
CA LEU A 133 -9.47 -23.64 -19.21
C LEU A 133 -9.06 -23.44 -20.66
N ALA A 134 -8.32 -24.40 -21.23
CA ALA A 134 -7.83 -24.27 -22.63
C ALA A 134 -8.57 -25.17 -23.61
N PRO A 135 -8.81 -24.69 -24.82
CA PRO A 135 -9.47 -25.56 -25.81
C PRO A 135 -8.67 -26.84 -26.07
N ASP A 136 -9.33 -27.88 -26.56
CA ASP A 136 -8.64 -29.13 -26.92
C ASP A 136 -7.72 -28.76 -28.06
N GLY A 137 -6.41 -29.00 -27.88
CA GLY A 137 -5.39 -28.60 -28.84
C GLY A 137 -4.54 -27.41 -28.42
N TYR A 138 -4.87 -26.86 -27.26
CA TYR A 138 -4.12 -25.80 -26.57
C TYR A 138 -3.98 -24.53 -27.43
N GLY A 139 -4.97 -24.32 -28.29
CA GLY A 139 -5.04 -23.14 -29.15
C GLY A 139 -5.41 -21.89 -28.35
N TRP A 140 -5.30 -20.73 -28.98
CA TRP A 140 -5.32 -19.46 -28.26
C TRP A 140 -6.58 -19.25 -27.41
N ALA A 141 -6.42 -18.49 -26.33
CA ALA A 141 -7.53 -18.25 -25.37
C ALA A 141 -7.25 -17.01 -24.53
N SER A 142 -8.30 -16.23 -24.23
CA SER A 142 -8.11 -14.95 -23.53
C SER A 142 -9.22 -14.63 -22.51
N GLY A 143 -9.46 -15.54 -21.56
CA GLY A 143 -10.41 -15.28 -20.48
C GLY A 143 -9.83 -14.39 -19.38
N GLY A 144 -10.36 -14.45 -18.16
CA GLY A 144 -11.46 -15.28 -17.75
C GLY A 144 -11.75 -14.92 -16.29
N TYR A 145 -12.81 -15.51 -15.73
CA TYR A 145 -13.35 -15.05 -14.46
C TYR A 145 -13.99 -16.19 -13.69
N ILE A 146 -13.43 -16.49 -12.53
CA ILE A 146 -14.02 -17.45 -11.60
C ILE A 146 -14.22 -16.76 -10.28
N ALA A 147 -15.42 -16.90 -9.73
CA ALA A 147 -15.71 -16.41 -8.40
C ALA A 147 -16.54 -17.36 -7.60
N ASP A 148 -16.34 -17.31 -6.31
CA ASP A 148 -17.21 -18.04 -5.39
C ASP A 148 -17.25 -19.52 -5.73
N SER A 149 -16.14 -20.09 -6.18
CA SER A 149 -16.13 -21.50 -6.60
C SER A 149 -15.13 -22.37 -5.85
N LYS A 150 -15.42 -23.67 -5.84
CA LYS A 150 -14.52 -24.67 -5.24
C LYS A 150 -14.17 -25.69 -6.31
N ILE A 151 -12.88 -25.72 -6.70
CA ILE A 151 -12.38 -26.73 -7.62
C ILE A 151 -11.52 -27.71 -6.81
N ASP A 152 -12.00 -28.95 -6.70
CA ASP A 152 -11.37 -29.91 -5.81
C ASP A 152 -9.94 -30.26 -6.24
N GLY A 153 -9.74 -30.43 -7.55
CA GLY A 153 -8.41 -30.68 -8.07
C GLY A 153 -7.75 -29.43 -8.64
N GLU A 154 -7.03 -29.61 -9.76
CA GLU A 154 -6.18 -28.57 -10.33
C GLU A 154 -6.92 -27.75 -11.36
N VAL A 155 -6.67 -26.44 -11.35
CA VAL A 155 -7.04 -25.61 -12.50
C VAL A 155 -5.84 -25.57 -13.47
N GLY A 156 -6.10 -25.85 -14.75
CA GLY A 156 -5.08 -25.83 -15.79
C GLY A 156 -5.36 -24.76 -16.84
N PRO A 157 -4.66 -23.61 -16.77
CA PRO A 157 -4.96 -22.61 -17.79
C PRO A 157 -4.32 -22.95 -19.13
N TYR A 158 -3.17 -23.64 -19.10
CA TYR A 158 -2.42 -23.96 -20.30
C TYR A 158 -2.16 -22.66 -21.13
N SER A 159 -2.78 -22.51 -22.28
CA SER A 159 -2.50 -21.40 -23.19
C SER A 159 -3.23 -20.11 -22.79
N GLN A 160 -4.01 -20.14 -21.71
CA GLN A 160 -4.79 -18.95 -21.33
C GLN A 160 -3.87 -17.80 -21.01
N GLN A 161 -4.07 -16.64 -21.64
CA GLN A 161 -3.13 -15.53 -21.44
C GLN A 161 -3.13 -14.99 -20.05
N GLN A 162 -4.34 -14.84 -19.52
CA GLN A 162 -4.54 -14.19 -18.26
C GLN A 162 -5.82 -14.75 -17.63
N TRP A 163 -6.03 -14.44 -16.35
CA TRP A 163 -7.20 -14.96 -15.64
C TRP A 163 -7.37 -14.27 -14.31
N TYR A 164 -8.62 -14.12 -13.87
CA TYR A 164 -8.91 -13.61 -12.54
C TYR A 164 -9.81 -14.59 -11.76
N THR A 165 -9.36 -14.89 -10.55
CA THR A 165 -10.13 -15.72 -9.64
C THR A 165 -10.30 -15.00 -8.35
N ARG A 166 -11.54 -14.94 -7.87
CA ARG A 166 -11.83 -14.30 -6.58
C ARG A 166 -12.65 -15.20 -5.63
N ASP A 167 -12.36 -14.98 -4.35
CA ASP A 167 -13.00 -15.63 -3.25
C ASP A 167 -13.53 -17.07 -3.53
N SER A 168 -12.56 -17.98 -3.60
CA SER A 168 -12.71 -19.32 -4.12
C SER A 168 -11.75 -20.27 -3.40
N SER A 169 -11.85 -21.55 -3.77
CA SER A 169 -10.96 -22.60 -3.25
C SER A 169 -10.47 -23.43 -4.44
N VAL A 170 -9.15 -23.62 -4.57
CA VAL A 170 -8.61 -24.49 -5.61
C VAL A 170 -7.65 -25.53 -5.01
N GLY A 171 -7.73 -26.75 -5.53
CA GLY A 171 -6.86 -27.83 -5.09
C GLY A 171 -5.50 -27.81 -5.75
N GLY A 172 -5.36 -26.96 -6.77
CA GLY A 172 -4.08 -26.71 -7.41
C GLY A 172 -4.25 -25.69 -8.54
N TRP A 173 -3.13 -25.13 -8.98
CA TRP A 173 -3.13 -24.20 -10.12
C TRP A 173 -1.86 -24.38 -10.91
N GLY A 174 -2.00 -24.70 -12.19
CA GLY A 174 -0.92 -25.33 -12.93
C GLY A 174 0.15 -24.47 -13.57
N ASN A 175 -0.24 -23.32 -14.08
CA ASN A 175 0.70 -22.52 -14.87
C ASN A 175 0.00 -21.24 -15.19
N GLY A 176 0.80 -20.25 -15.57
CA GLY A 176 0.25 -19.03 -16.09
C GLY A 176 1.20 -18.37 -17.06
N VAL A 177 0.60 -17.49 -17.86
CA VAL A 177 1.15 -17.09 -19.17
C VAL A 177 1.58 -15.65 -19.10
N TRP A 178 0.64 -14.70 -19.07
CA TRP A 178 0.98 -13.29 -18.88
C TRP A 178 0.52 -12.67 -17.55
N ASN A 179 -0.65 -13.06 -17.03
CA ASN A 179 -1.18 -12.38 -15.86
C ASN A 179 -2.31 -13.14 -15.19
N MET A 180 -1.94 -13.92 -14.18
CA MET A 180 -2.90 -14.69 -13.41
C MET A 180 -3.01 -13.98 -12.07
N THR A 181 -4.19 -13.48 -11.77
CA THR A 181 -4.42 -12.70 -10.56
C THR A 181 -5.43 -13.44 -9.70
N PHE A 182 -5.17 -13.39 -8.40
CA PHE A 182 -5.98 -14.04 -7.42
C PHE A 182 -6.24 -13.11 -6.27
N SER A 183 -7.49 -13.05 -5.80
CA SER A 183 -7.74 -12.41 -4.51
C SER A 183 -8.73 -13.24 -3.69
N GLY A 184 -8.34 -13.53 -2.46
CA GLY A 184 -9.20 -14.33 -1.59
C GLY A 184 -9.32 -15.80 -1.99
N VAL A 185 -8.28 -16.31 -2.62
CA VAL A 185 -8.29 -17.67 -3.14
C VAL A 185 -7.43 -18.64 -2.31
N GLU A 186 -8.13 -19.52 -1.61
CA GLU A 186 -7.50 -20.62 -0.89
C GLU A 186 -6.91 -21.60 -1.89
N GLY A 187 -5.60 -21.80 -1.84
CA GLY A 187 -4.92 -22.70 -2.77
C GLY A 187 -4.26 -21.99 -3.95
N ALA A 188 -4.37 -20.66 -4.01
CA ALA A 188 -3.66 -19.94 -5.07
C ALA A 188 -2.15 -20.18 -4.98
N PRO A 189 -1.45 -20.07 -6.12
CA PRO A 189 0.02 -20.02 -6.03
C PRO A 189 0.48 -18.73 -5.35
N ALA A 190 1.71 -18.74 -4.83
CA ALA A 190 2.19 -17.59 -4.05
C ALA A 190 2.51 -16.38 -4.95
N GLN A 191 2.34 -15.17 -4.43
CA GLN A 191 2.72 -13.93 -5.12
C GLN A 191 4.13 -14.10 -5.65
N SER A 192 4.31 -14.03 -6.98
CA SER A 192 5.59 -14.34 -7.59
C SER A 192 5.96 -13.60 -8.88
N PHE A 193 5.09 -12.70 -9.36
CA PHE A 193 5.31 -11.95 -10.61
C PHE A 193 6.77 -11.45 -10.63
N PRO A 194 7.48 -11.59 -11.77
CA PRO A 194 7.02 -11.92 -13.12
C PRO A 194 7.29 -13.37 -13.53
N GLU A 195 7.54 -14.29 -12.57
CA GLU A 195 7.86 -15.69 -12.88
C GLU A 195 7.46 -16.71 -11.80
N PRO A 196 6.41 -17.52 -12.07
CA PRO A 196 5.42 -17.27 -13.11
C PRO A 196 4.68 -16.00 -12.75
N PRO A 197 3.86 -15.48 -13.68
CA PRO A 197 3.19 -14.19 -13.58
C PRO A 197 1.96 -14.24 -12.65
N TYR A 198 2.19 -14.49 -11.35
CA TYR A 198 1.10 -14.66 -10.37
C TYR A 198 1.04 -13.45 -9.46
N THR A 199 -0.11 -12.75 -9.48
CA THR A 199 -0.42 -11.64 -8.56
C THR A 199 -1.47 -12.13 -7.54
N THR A 200 -1.09 -12.14 -6.25
CA THR A 200 -1.87 -12.87 -5.25
C THR A 200 -2.09 -12.01 -4.05
N LEU A 201 -3.37 -11.76 -3.79
CA LEU A 201 -3.83 -11.00 -2.66
C LEU A 201 -4.56 -11.94 -1.73
N GLU A 202 -4.29 -11.82 -0.44
CA GLU A 202 -4.83 -12.76 0.54
C GLU A 202 -6.36 -12.65 0.59
N THR A 203 -6.86 -11.42 0.46
CA THR A 203 -8.28 -11.18 0.58
C THR A 203 -8.73 -10.22 -0.53
N THR A 204 -10.05 -10.22 -0.78
CA THR A 204 -10.70 -9.21 -1.62
C THR A 204 -11.29 -8.16 -0.68
N PRO A 205 -11.02 -6.86 -0.91
CA PRO A 205 -11.34 -5.88 0.17
C PRO A 205 -12.85 -5.78 0.49
N VAL A 206 -13.65 -5.86 -0.56
CA VAL A 206 -15.10 -5.92 -0.46
C VAL A 206 -15.58 -6.86 -1.54
N SER A 207 -16.57 -7.69 -1.24
CA SER A 207 -17.29 -8.36 -2.35
C SER A 207 -18.66 -8.79 -1.91
N ARG A 208 -19.52 -8.95 -2.89
CA ARG A 208 -20.90 -9.26 -2.60
C ARG A 208 -21.32 -10.16 -3.74
N GLU A 209 -21.62 -11.42 -3.43
CA GLU A 209 -21.87 -12.35 -4.52
C GLU A 209 -23.12 -11.96 -5.34
N LYS A 210 -23.15 -12.40 -6.58
CA LYS A 210 -24.18 -11.91 -7.49
C LYS A 210 -25.47 -12.61 -7.16
N PRO A 211 -26.60 -11.89 -7.20
CA PRO A 211 -27.88 -12.56 -6.93
C PRO A 211 -28.21 -13.61 -7.97
N PHE A 212 -29.00 -14.61 -7.59
CA PHE A 212 -29.37 -15.65 -8.50
C PHE A 212 -30.75 -16.22 -8.18
N LEU A 213 -31.42 -16.68 -9.21
CA LEU A 213 -32.72 -17.35 -9.11
C LEU A 213 -32.55 -18.76 -8.50
N TYR A 214 -33.45 -19.16 -7.62
CA TYR A 214 -33.40 -20.51 -7.09
C TYR A 214 -34.76 -20.93 -6.56
N LEU A 215 -34.77 -22.08 -5.89
CA LEU A 215 -35.95 -22.69 -5.23
C LEU A 215 -35.77 -22.94 -3.72
N ASP A 216 -36.79 -22.50 -2.97
CA ASP A 216 -36.90 -22.57 -1.51
C ASP A 216 -38.11 -23.43 -1.28
N GLY A 217 -37.87 -24.72 -1.48
CA GLY A 217 -38.94 -25.64 -1.79
C GLY A 217 -39.28 -25.65 -3.25
N ASP A 218 -40.59 -25.69 -3.42
CA ASP A 218 -41.28 -25.53 -4.69
C ASP A 218 -41.90 -24.13 -4.82
N ASP A 219 -41.07 -23.09 -5.02
CA ASP A 219 -41.46 -21.68 -5.26
C ASP A 219 -40.20 -20.94 -5.80
N TYR A 220 -40.25 -20.25 -6.93
CA TYR A 220 -39.01 -19.52 -7.31
C TYR A 220 -38.75 -18.38 -6.29
N LYS A 221 -37.52 -17.90 -6.27
CA LYS A 221 -37.05 -16.78 -5.43
C LYS A 221 -35.72 -16.31 -6.05
N VAL A 222 -35.27 -15.12 -5.66
CA VAL A 222 -33.95 -14.64 -5.98
C VAL A 222 -33.18 -14.46 -4.71
N PHE A 223 -32.07 -15.18 -4.59
CA PHE A 223 -31.19 -15.02 -3.43
C PHE A 223 -30.28 -13.81 -3.61
N VAL A 224 -30.22 -12.98 -2.58
CA VAL A 224 -29.40 -11.76 -2.55
C VAL A 224 -28.38 -11.81 -1.40
N PRO A 225 -27.19 -12.33 -1.68
CA PRO A 225 -26.13 -12.45 -0.67
C PRO A 225 -25.66 -11.15 -0.08
N ALA A 226 -25.21 -11.23 1.15
CA ALA A 226 -24.72 -10.07 1.88
C ALA A 226 -23.24 -9.77 1.55
N LYS A 227 -22.82 -8.52 1.77
CA LYS A 227 -21.41 -8.06 1.69
C LYS A 227 -20.48 -8.98 2.48
N ARG A 228 -19.38 -9.44 1.89
CA ARG A 228 -18.15 -9.79 2.66
C ARG A 228 -17.12 -8.64 2.58
N THR A 229 -16.48 -8.33 3.72
CA THR A 229 -15.26 -7.54 3.71
C THR A 229 -14.03 -8.46 3.93
N ASN A 230 -12.93 -8.17 3.21
CA ASN A 230 -11.80 -9.12 3.08
C ASN A 230 -12.30 -10.52 2.95
N ALA A 231 -13.02 -10.73 1.86
CA ALA A 231 -13.47 -12.03 1.48
C ALA A 231 -12.28 -12.92 1.27
N ARG A 232 -12.45 -14.16 1.67
CA ARG A 232 -11.52 -15.21 1.32
C ARG A 232 -12.23 -16.52 1.35
N GLY A 233 -12.09 -17.28 0.28
CA GLY A 233 -12.79 -18.55 0.15
C GLY A 233 -14.25 -18.34 -0.22
N THR A 234 -15.00 -19.43 -0.33
CA THR A 234 -16.36 -19.33 -0.83
C THR A 234 -17.32 -18.89 0.27
N SER A 235 -18.48 -18.43 -0.14
CA SER A 235 -19.52 -17.97 0.77
C SER A 235 -20.35 -19.11 1.34
N TRP A 236 -20.38 -20.22 0.60
CA TRP A 236 -21.30 -21.34 0.80
C TRP A 236 -20.64 -22.62 1.34
N GLY A 237 -21.49 -23.60 1.57
CA GLY A 237 -21.06 -24.80 2.29
C GLY A 237 -20.64 -24.28 3.67
N ASN A 238 -21.65 -23.87 4.42
CA ASN A 238 -21.48 -23.36 5.79
C ASN A 238 -22.94 -23.32 5.94
N GLY A 239 -23.52 -22.26 5.41
CA GLY A 239 -24.93 -22.02 5.62
C GLY A 239 -25.23 -20.73 4.90
N THR A 240 -25.59 -20.93 3.64
CA THR A 240 -26.50 -20.10 2.92
C THR A 240 -26.09 -18.67 3.33
N PRO A 241 -24.80 -18.44 3.05
CA PRO A 241 -23.80 -17.53 3.65
C PRO A 241 -24.55 -16.57 4.59
N GLU A 242 -24.79 -15.36 4.12
CA GLU A 242 -25.66 -14.39 4.69
C GLU A 242 -26.33 -13.85 3.46
N GLY A 243 -27.64 -13.66 3.59
CA GLY A 243 -28.40 -13.09 2.50
C GLY A 243 -29.89 -13.01 2.64
N GLU A 244 -30.45 -12.27 1.69
CA GLU A 244 -31.88 -12.03 1.58
C GLU A 244 -32.47 -12.95 0.50
N SER A 245 -33.68 -13.45 0.75
CA SER A 245 -34.40 -14.20 -0.29
C SER A 245 -35.51 -13.26 -0.74
N LEU A 246 -35.90 -13.32 -2.01
CA LEU A 246 -36.96 -12.45 -2.53
C LEU A 246 -37.87 -13.20 -3.49
N PRO A 247 -39.18 -13.29 -3.17
CA PRO A 247 -40.01 -14.07 -4.12
C PRO A 247 -40.12 -13.51 -5.52
N LEU A 248 -40.32 -14.41 -6.51
CA LEU A 248 -40.58 -13.98 -7.90
C LEU A 248 -41.64 -12.86 -7.92
N ASP A 249 -42.55 -12.91 -6.96
CA ASP A 249 -43.52 -11.85 -6.75
C ASP A 249 -43.03 -10.45 -6.49
N GLN A 250 -41.77 -10.28 -6.12
CA GLN A 250 -41.23 -8.94 -5.89
C GLN A 250 -40.62 -8.42 -7.20
N PHE A 251 -40.73 -9.22 -8.29
CA PHE A 251 -40.12 -8.85 -9.59
C PHE A 251 -41.09 -8.66 -10.71
N TYR A 252 -40.84 -7.61 -11.50
CA TYR A 252 -41.45 -7.43 -12.80
C TYR A 252 -40.67 -8.31 -13.77
N VAL A 253 -41.35 -9.31 -14.33
CA VAL A 253 -40.72 -10.21 -15.29
C VAL A 253 -40.75 -9.55 -16.65
N VAL A 254 -39.60 -9.03 -17.06
CA VAL A 254 -39.45 -8.37 -18.34
C VAL A 254 -39.37 -9.48 -19.38
N LYS A 255 -40.18 -9.37 -20.41
CA LYS A 255 -39.90 -10.14 -21.62
C LYS A 255 -39.82 -9.15 -22.77
N PRO A 256 -39.24 -9.57 -23.91
CA PRO A 256 -39.38 -8.60 -24.98
C PRO A 256 -40.87 -8.38 -25.39
N GLY A 257 -41.09 -7.18 -25.90
CA GLY A 257 -42.37 -6.49 -25.86
C GLY A 257 -42.33 -5.26 -24.92
N ALA A 258 -41.88 -5.48 -23.67
CA ALA A 258 -41.94 -4.41 -22.64
C ALA A 258 -41.28 -3.14 -23.16
N THR A 259 -41.71 -1.99 -22.65
CA THR A 259 -41.04 -0.68 -22.90
C THR A 259 -40.31 -0.15 -21.69
N ALA A 260 -39.37 0.79 -21.89
CA ALA A 260 -38.74 1.47 -20.76
C ALA A 260 -39.85 2.16 -19.96
N GLU A 261 -40.95 2.48 -20.63
CA GLU A 261 -42.03 3.11 -19.92
C GLU A 261 -42.51 2.20 -18.78
N THR A 262 -42.89 0.99 -19.13
CA THR A 262 -43.42 0.05 -18.13
C THR A 262 -42.33 -0.40 -17.13
N ILE A 263 -41.12 -0.56 -17.63
CA ILE A 263 -40.04 -1.03 -16.79
C ILE A 263 -39.75 -0.01 -15.71
N ASN A 264 -39.68 1.26 -16.10
CA ASN A 264 -39.47 2.33 -15.16
C ASN A 264 -40.66 2.41 -14.17
N ALA A 265 -41.85 2.14 -14.72
CA ALA A 265 -43.10 1.96 -13.98
C ALA A 265 -43.00 0.86 -12.92
N ALA A 266 -42.32 -0.25 -13.25
CA ALA A 266 -42.25 -1.36 -12.29
C ALA A 266 -41.40 -0.89 -11.12
N VAL A 267 -40.24 -0.33 -11.47
CA VAL A 267 -39.32 0.10 -10.45
C VAL A 267 -39.91 1.23 -9.61
N ASP A 268 -40.78 2.07 -10.19
CA ASP A 268 -41.41 3.15 -9.41
C ASP A 268 -42.50 2.62 -8.41
N GLN A 269 -43.09 1.48 -8.73
CA GLN A 269 -44.04 0.82 -7.84
C GLN A 269 -43.38 -0.04 -6.73
N GLY A 270 -42.06 -0.21 -6.79
CA GLY A 270 -41.36 -1.02 -5.81
C GLY A 270 -40.95 -2.42 -6.24
N LEU A 271 -41.21 -2.76 -7.51
CA LEU A 271 -40.80 -4.06 -8.04
C LEU A 271 -39.32 -4.09 -8.42
N HIS A 272 -38.71 -5.25 -8.25
CA HIS A 272 -37.39 -5.49 -8.79
C HIS A 272 -37.55 -5.88 -10.27
N LEU A 273 -36.44 -6.09 -10.96
CA LEU A 273 -36.48 -6.43 -12.38
C LEU A 273 -35.77 -7.75 -12.66
N LEU A 274 -36.48 -8.61 -13.39
CA LEU A 274 -35.93 -9.87 -13.87
C LEU A 274 -36.06 -9.89 -15.38
N PHE A 275 -34.95 -9.74 -16.07
CA PHE A 275 -34.94 -9.81 -17.53
C PHE A 275 -34.88 -11.24 -18.08
N THR A 276 -35.97 -11.72 -18.65
CA THR A 276 -35.93 -13.03 -19.27
C THR A 276 -35.09 -12.93 -20.55
N PRO A 277 -34.62 -14.07 -21.09
CA PRO A 277 -33.60 -13.94 -22.14
C PRO A 277 -34.16 -13.41 -23.46
N GLY A 278 -33.54 -12.35 -23.97
CA GLY A 278 -34.02 -11.71 -25.18
C GLY A 278 -33.25 -10.43 -25.41
N VAL A 279 -33.71 -9.70 -26.45
CA VAL A 279 -33.16 -8.41 -26.84
C VAL A 279 -34.22 -7.34 -26.69
N TYR A 280 -33.84 -6.25 -26.02
CA TYR A 280 -34.78 -5.24 -25.61
C TYR A 280 -34.34 -3.85 -26.09
N HIS A 281 -34.92 -3.43 -27.23
CA HIS A 281 -34.87 -2.04 -27.68
C HIS A 281 -35.70 -1.14 -26.75
N VAL A 282 -35.08 -0.07 -26.22
CA VAL A 282 -35.82 0.91 -25.47
C VAL A 282 -35.89 2.21 -26.25
N ASP A 283 -36.94 3.02 -26.04
CA ASP A 283 -36.88 4.42 -26.50
C ASP A 283 -36.48 5.48 -25.46
N GLN A 284 -36.34 5.09 -24.21
CA GLN A 284 -35.76 5.92 -23.12
C GLN A 284 -34.87 5.11 -22.15
N PRO A 285 -34.08 5.83 -21.31
CA PRO A 285 -33.26 5.08 -20.36
C PRO A 285 -34.08 4.34 -19.32
N ILE A 286 -33.54 3.20 -18.93
CA ILE A 286 -34.06 2.52 -17.78
C ILE A 286 -33.54 3.30 -16.58
N GLU A 287 -34.46 3.68 -15.70
CA GLU A 287 -34.16 4.46 -14.54
C GLU A 287 -34.28 3.57 -13.31
N ILE A 288 -33.28 3.60 -12.44
CA ILE A 288 -33.40 2.88 -11.18
C ILE A 288 -33.03 3.85 -10.09
N ASP A 289 -34.05 4.47 -9.50
CA ASP A 289 -33.88 5.48 -8.43
C ASP A 289 -34.64 4.99 -7.21
N ARG A 290 -34.38 3.74 -6.90
CA ARG A 290 -35.04 3.14 -5.79
C ARG A 290 -34.07 2.24 -5.03
N ALA A 291 -33.86 2.57 -3.76
CA ALA A 291 -32.93 1.83 -2.96
C ALA A 291 -33.11 0.31 -3.01
N ASN A 292 -31.97 -0.40 -3.00
CA ASN A 292 -31.88 -1.87 -2.89
C ASN A 292 -32.48 -2.67 -4.04
N THR A 293 -32.88 -2.01 -5.11
CA THR A 293 -33.41 -2.68 -6.31
C THR A 293 -32.43 -3.68 -6.86
N VAL A 294 -32.98 -4.76 -7.39
CA VAL A 294 -32.21 -5.82 -8.01
C VAL A 294 -32.68 -5.83 -9.46
N ALA A 295 -31.72 -5.76 -10.40
CA ALA A 295 -31.98 -5.83 -11.83
C ALA A 295 -31.13 -6.95 -12.39
N LEU A 296 -31.75 -8.09 -12.63
CA LEU A 296 -31.03 -9.32 -12.89
C LEU A 296 -31.44 -9.85 -14.25
N GLY A 297 -30.44 -10.08 -15.10
CA GLY A 297 -30.69 -10.69 -16.40
C GLY A 297 -30.58 -12.21 -16.31
N LEU A 298 -31.24 -12.86 -17.26
CA LEU A 298 -31.09 -14.28 -17.51
C LEU A 298 -30.69 -14.47 -18.98
N GLY A 299 -29.90 -15.50 -19.27
CA GLY A 299 -29.61 -15.87 -20.64
C GLY A 299 -28.99 -14.76 -21.50
N LEU A 300 -28.12 -13.93 -20.90
CA LEU A 300 -27.44 -12.82 -21.59
C LEU A 300 -28.47 -11.82 -22.21
N ALA A 301 -29.52 -11.54 -21.42
CA ALA A 301 -30.50 -10.53 -21.77
C ALA A 301 -29.78 -9.26 -22.16
N THR A 302 -30.27 -8.63 -23.22
CA THR A 302 -29.56 -7.52 -23.85
C THR A 302 -30.45 -6.30 -24.00
N ILE A 303 -29.91 -5.13 -23.65
CA ILE A 303 -30.59 -3.86 -23.79
C ILE A 303 -29.91 -3.06 -24.91
N ILE A 304 -30.71 -2.62 -25.87
CA ILE A 304 -30.25 -1.72 -26.93
C ILE A 304 -30.94 -0.37 -26.76
N PRO A 305 -30.16 0.71 -26.57
CA PRO A 305 -30.82 2.03 -26.54
C PRO A 305 -30.92 2.59 -27.92
N ASP A 306 -32.13 2.96 -28.31
CA ASP A 306 -32.39 3.61 -29.61
C ASP A 306 -32.28 5.13 -29.48
N ASN A 307 -32.25 5.84 -30.62
CA ASN A 307 -32.44 7.30 -30.63
C ASN A 307 -31.31 8.02 -29.85
N GLY A 308 -30.21 7.34 -29.63
CA GLY A 308 -29.03 7.90 -28.95
C GLY A 308 -29.17 8.06 -27.44
N VAL A 309 -30.20 7.43 -26.88
CA VAL A 309 -30.34 7.58 -25.42
C VAL A 309 -29.36 6.71 -24.59
N THR A 310 -29.31 6.98 -23.28
CA THR A 310 -28.57 6.14 -22.35
C THR A 310 -29.41 4.92 -22.04
N ALA A 311 -28.80 3.75 -21.95
CA ALA A 311 -29.55 2.52 -21.71
C ALA A 311 -30.00 2.39 -20.25
N LEU A 312 -29.09 2.68 -19.32
CA LEU A 312 -29.36 2.47 -17.92
C LEU A 312 -28.78 3.58 -17.07
N LYS A 313 -29.65 4.22 -16.30
CA LYS A 313 -29.20 5.13 -15.25
C LYS A 313 -29.65 4.66 -13.88
N VAL A 314 -28.70 4.67 -12.96
CA VAL A 314 -28.94 4.35 -11.56
C VAL A 314 -28.80 5.64 -10.76
N GLY A 315 -29.78 5.88 -9.92
CA GLY A 315 -29.78 7.09 -9.11
C GLY A 315 -28.82 7.02 -7.93
N ASP A 316 -28.85 8.07 -7.12
CA ASP A 316 -27.96 8.20 -5.98
C ASP A 316 -28.69 7.53 -4.86
N VAL A 317 -28.57 6.20 -4.79
CA VAL A 317 -29.24 5.39 -3.78
C VAL A 317 -28.34 4.17 -3.43
N ASP A 318 -28.49 3.64 -2.23
CA ASP A 318 -27.76 2.45 -1.81
C ASP A 318 -28.30 1.19 -2.50
N GLY A 319 -27.42 0.19 -2.59
CA GLY A 319 -27.80 -1.19 -2.72
C GLY A 319 -28.35 -1.72 -4.01
N VAL A 320 -28.24 -0.96 -5.10
CA VAL A 320 -28.74 -1.41 -6.37
C VAL A 320 -27.79 -2.48 -6.86
N LYS A 321 -28.35 -3.54 -7.44
CA LYS A 321 -27.58 -4.70 -7.86
C LYS A 321 -27.96 -4.98 -9.28
N VAL A 322 -27.12 -4.53 -10.19
CA VAL A 322 -27.31 -4.80 -11.61
C VAL A 322 -26.48 -6.03 -11.95
N ALA A 323 -27.07 -7.01 -12.64
CA ALA A 323 -26.48 -8.31 -12.74
C ALA A 323 -26.85 -9.01 -14.06
N GLY A 324 -25.84 -9.39 -14.85
CA GLY A 324 -26.03 -10.23 -16.00
C GLY A 324 -26.81 -9.63 -17.14
N LEU A 325 -26.42 -8.41 -17.50
CA LEU A 325 -26.99 -7.72 -18.67
C LEU A 325 -25.90 -7.33 -19.65
N LEU A 326 -26.18 -7.56 -20.94
CA LEU A 326 -25.40 -6.99 -22.05
C LEU A 326 -26.07 -5.72 -22.54
N VAL A 327 -25.31 -4.64 -22.61
CA VAL A 327 -25.79 -3.40 -23.19
C VAL A 327 -25.09 -3.23 -24.53
N ASP A 328 -25.89 -3.13 -25.58
CA ASP A 328 -25.40 -3.17 -26.94
C ASP A 328 -25.76 -1.85 -27.64
N ALA A 329 -24.74 -1.11 -28.07
CA ALA A 329 -24.99 0.23 -28.60
C ALA A 329 -25.82 0.18 -29.86
N GLY A 330 -26.66 1.20 -30.04
CA GLY A 330 -27.38 1.36 -31.29
C GLY A 330 -26.55 2.14 -32.29
N PRO A 331 -26.96 2.13 -33.57
CA PRO A 331 -26.19 2.87 -34.58
C PRO A 331 -26.16 4.40 -34.34
N VAL A 332 -27.19 4.96 -33.70
CA VAL A 332 -27.15 6.36 -33.29
C VAL A 332 -26.26 6.49 -32.06
N ASN A 333 -25.30 7.40 -32.13
CA ASN A 333 -24.37 7.58 -31.00
C ASN A 333 -25.08 8.00 -29.71
N SER A 334 -24.84 7.22 -28.64
CA SER A 334 -25.22 7.59 -27.30
C SER A 334 -24.07 8.27 -26.57
N GLU A 335 -24.30 9.41 -25.94
CA GLU A 335 -23.20 10.02 -25.18
C GLU A 335 -22.76 9.12 -24.05
N THR A 336 -23.70 8.43 -23.40
CA THR A 336 -23.34 7.40 -22.43
C THR A 336 -24.23 6.19 -22.57
N LEU A 337 -23.72 4.98 -22.28
CA LEU A 337 -24.58 3.79 -22.30
C LEU A 337 -25.07 3.38 -20.92
N VAL A 338 -24.17 3.46 -19.94
CA VAL A 338 -24.53 3.18 -18.54
C VAL A 338 -24.01 4.24 -17.62
N GLU A 339 -24.88 4.68 -16.74
CA GLU A 339 -24.53 5.73 -15.76
C GLU A 339 -24.88 5.31 -14.34
N VAL A 340 -23.88 5.29 -13.44
CA VAL A 340 -24.12 4.92 -12.06
C VAL A 340 -23.97 6.16 -11.16
N GLY A 341 -25.12 6.73 -10.84
CA GLY A 341 -25.16 7.96 -10.09
C GLY A 341 -25.14 9.21 -10.94
N SER A 342 -25.49 10.32 -10.30
CA SER A 342 -25.46 11.63 -10.92
C SER A 342 -24.02 12.25 -11.05
N ASP A 343 -23.77 13.27 -11.90
CA ASP A 343 -22.45 14.01 -11.88
C ASP A 343 -22.25 14.85 -10.64
N GLY A 344 -21.04 14.82 -10.06
CA GLY A 344 -20.78 15.54 -8.82
C GLY A 344 -21.53 14.99 -7.62
N ALA A 345 -22.20 13.85 -7.84
CA ALA A 345 -22.98 13.24 -6.79
C ALA A 345 -22.06 12.90 -5.69
N SER A 346 -22.67 13.06 -4.54
CA SER A 346 -22.01 13.40 -3.33
C SER A 346 -22.37 12.57 -2.12
N GLY A 347 -23.07 11.47 -2.30
CA GLY A 347 -23.39 10.67 -1.11
C GLY A 347 -22.35 9.59 -0.86
N ASP A 348 -22.35 9.04 0.36
CA ASP A 348 -21.63 7.82 0.67
C ASP A 348 -22.57 6.59 0.56
N HIS A 349 -21.98 5.41 0.23
CA HIS A 349 -22.76 4.19 0.13
C HIS A 349 -21.99 2.99 0.68
N ALA A 350 -21.25 3.23 1.76
CA ALA A 350 -20.21 2.27 2.12
C ALA A 350 -20.80 0.98 2.69
N ALA A 351 -21.82 1.10 3.54
CA ALA A 351 -22.39 -0.06 4.19
C ALA A 351 -23.12 -0.94 3.15
N ASN A 352 -23.68 -0.32 2.11
CA ASN A 352 -24.60 -0.96 1.19
C ASN A 352 -24.46 -0.38 -0.20
N PRO A 353 -23.35 -0.74 -0.88
CA PRO A 353 -23.00 -0.08 -2.13
C PRO A 353 -23.75 -0.61 -3.35
N THR A 354 -23.80 0.17 -4.42
CA THR A 354 -24.36 -0.28 -5.68
C THR A 354 -23.28 -1.10 -6.36
N SER A 355 -23.69 -2.14 -7.09
CA SER A 355 -22.76 -2.96 -7.87
C SER A 355 -23.24 -3.27 -9.27
N LEU A 356 -22.29 -3.32 -10.19
CA LEU A 356 -22.45 -3.91 -11.52
C LEU A 356 -21.68 -5.23 -11.57
N GLN A 357 -22.38 -6.34 -11.84
CA GLN A 357 -21.71 -7.64 -11.93
C GLN A 357 -22.16 -8.34 -13.19
N ASP A 358 -21.21 -8.89 -13.93
CA ASP A 358 -21.51 -9.43 -15.26
C ASP A 358 -22.41 -8.48 -16.06
N VAL A 359 -22.09 -7.18 -16.02
CA VAL A 359 -22.70 -6.20 -16.90
C VAL A 359 -21.78 -5.78 -18.03
N PHE A 360 -21.98 -6.40 -19.21
CA PHE A 360 -21.12 -6.23 -20.38
C PHE A 360 -21.63 -5.13 -21.31
N VAL A 361 -20.71 -4.58 -22.12
CA VAL A 361 -21.11 -3.54 -23.08
C VAL A 361 -20.43 -3.88 -24.40
N ARG A 362 -21.18 -3.78 -25.49
CA ARG A 362 -20.64 -4.01 -26.83
C ARG A 362 -20.96 -2.80 -27.67
N ILE A 363 -19.96 -2.31 -28.42
CA ILE A 363 -20.17 -1.24 -29.40
C ILE A 363 -19.81 -1.77 -30.80
N GLY A 364 -20.83 -2.07 -31.58
CA GLY A 364 -20.66 -2.60 -32.94
C GLY A 364 -20.55 -4.11 -32.95
N GLY A 365 -20.44 -4.72 -34.15
CA GLY A 365 -20.18 -6.14 -34.31
C GLY A 365 -21.39 -6.88 -34.83
N ALA A 366 -22.56 -6.43 -34.42
CA ALA A 366 -23.84 -7.00 -34.85
C ALA A 366 -24.60 -5.96 -35.66
N GLY A 367 -23.82 -5.15 -36.37
CA GLY A 367 -24.33 -3.94 -36.97
C GLY A 367 -23.64 -2.75 -36.38
N PRO A 368 -23.73 -1.60 -37.07
CA PRO A 368 -23.04 -0.44 -36.53
C PRO A 368 -23.59 -0.02 -35.17
N GLY A 369 -22.66 0.40 -34.30
CA GLY A 369 -22.99 0.93 -33.01
C GLY A 369 -21.94 1.98 -32.62
N LYS A 370 -22.34 2.98 -31.83
CA LYS A 370 -21.46 4.06 -31.44
C LYS A 370 -21.85 4.59 -30.08
N ALA A 371 -20.86 4.98 -29.29
CA ALA A 371 -21.13 5.64 -28.02
C ALA A 371 -19.89 6.37 -27.58
N THR A 372 -20.08 7.51 -26.95
CA THR A 372 -18.98 8.39 -26.54
C THR A 372 -18.25 7.86 -25.29
N THR A 373 -19.00 7.53 -24.25
CA THR A 373 -18.43 6.99 -23.00
C THR A 373 -19.36 5.85 -22.59
N SER A 374 -18.85 4.63 -22.43
CA SER A 374 -19.74 3.51 -22.24
C SER A 374 -20.33 3.40 -20.84
N ILE A 375 -19.46 3.38 -19.83
CA ILE A 375 -19.92 3.29 -18.45
C ILE A 375 -19.32 4.50 -17.76
N VAL A 376 -20.16 5.24 -17.02
CA VAL A 376 -19.70 6.31 -16.13
C VAL A 376 -20.12 5.99 -14.71
N VAL A 377 -19.13 5.98 -13.83
CA VAL A 377 -19.36 5.62 -12.43
C VAL A 377 -19.16 6.84 -11.54
N ASN A 378 -20.27 7.47 -11.16
CA ASN A 378 -20.22 8.63 -10.29
C ASN A 378 -20.34 8.33 -8.79
N SER A 379 -21.18 7.36 -8.44
CA SER A 379 -21.51 7.13 -7.03
C SER A 379 -20.35 6.55 -6.27
N ASN A 380 -20.13 7.08 -5.09
CA ASN A 380 -19.10 6.56 -4.23
C ASN A 380 -19.38 5.12 -3.78
N ASP A 381 -18.28 4.41 -3.57
CA ASP A 381 -18.28 3.06 -2.99
C ASP A 381 -18.81 1.97 -3.94
N THR A 382 -19.07 2.32 -5.17
CA THR A 382 -19.56 1.37 -6.18
C THR A 382 -18.56 0.23 -6.43
N ILE A 383 -19.10 -0.99 -6.56
CA ILE A 383 -18.30 -2.16 -6.93
C ILE A 383 -18.62 -2.61 -8.34
N ILE A 384 -17.58 -2.77 -9.16
CA ILE A 384 -17.72 -3.28 -10.51
C ILE A 384 -16.98 -4.59 -10.50
N ASP A 385 -17.71 -5.68 -10.66
CA ASP A 385 -17.20 -7.00 -10.34
C ASP A 385 -17.51 -7.87 -11.51
N HIS A 386 -16.52 -8.00 -12.36
CA HIS A 386 -16.61 -8.56 -13.69
C HIS A 386 -17.40 -7.70 -14.68
N THR A 387 -16.66 -6.95 -15.45
CA THR A 387 -17.27 -6.25 -16.59
C THR A 387 -16.37 -6.45 -17.82
N TRP A 388 -17.00 -6.56 -19.00
CA TRP A 388 -16.27 -6.50 -20.30
C TRP A 388 -16.92 -5.40 -21.08
N VAL A 389 -16.11 -4.40 -21.42
CA VAL A 389 -16.57 -3.18 -22.09
C VAL A 389 -15.73 -3.18 -23.37
N TRP A 390 -16.41 -3.45 -24.46
CA TRP A 390 -15.77 -3.91 -25.69
C TRP A 390 -16.27 -3.19 -26.93
N ARG A 391 -15.40 -2.37 -27.52
CA ARG A 391 -15.66 -1.82 -28.81
C ARG A 391 -15.28 -2.90 -29.80
N ALA A 392 -16.25 -3.37 -30.58
CA ALA A 392 -16.03 -4.56 -31.41
C ALA A 392 -14.84 -4.37 -32.37
N ASP A 393 -13.96 -5.39 -32.44
CA ASP A 393 -12.85 -5.38 -33.38
C ASP A 393 -13.07 -6.28 -34.59
N HIS A 394 -14.20 -6.97 -34.63
CA HIS A 394 -14.60 -7.82 -35.76
C HIS A 394 -16.13 -7.84 -35.72
N GLY A 395 -16.73 -8.39 -36.75
CA GLY A 395 -18.20 -8.35 -36.89
C GLY A 395 -18.71 -7.38 -37.96
N GLU A 396 -20.04 -7.28 -38.06
CA GLU A 396 -20.70 -6.30 -38.95
C GLU A 396 -20.67 -4.95 -38.25
N GLY A 397 -20.42 -3.88 -38.99
CA GLY A 397 -20.61 -2.55 -38.42
C GLY A 397 -19.44 -2.04 -37.62
N VAL A 398 -18.24 -2.47 -38.00
CA VAL A 398 -17.03 -1.95 -37.36
C VAL A 398 -16.09 -1.22 -38.35
N GLY A 399 -15.51 -0.15 -37.85
CA GLY A 399 -14.52 0.63 -38.56
C GLY A 399 -14.11 1.82 -37.71
N TRP A 400 -12.99 2.44 -38.09
CA TRP A 400 -12.36 3.46 -37.24
C TRP A 400 -13.38 4.57 -37.01
N GLU A 401 -14.25 4.78 -37.97
CA GLU A 401 -15.37 5.71 -37.83
C GLU A 401 -16.66 4.97 -37.53
N THR A 402 -16.87 3.89 -38.25
CA THR A 402 -18.17 3.28 -38.32
C THR A 402 -18.69 2.78 -36.93
N ASN A 403 -17.79 2.27 -36.08
CA ASN A 403 -18.14 2.00 -34.66
C ASN A 403 -17.21 2.71 -33.70
N ARG A 404 -16.82 3.93 -34.09
CA ARG A 404 -16.08 4.81 -33.20
C ARG A 404 -16.68 4.92 -31.79
N ALA A 405 -15.86 4.65 -30.78
CA ALA A 405 -16.22 4.85 -29.37
C ALA A 405 -15.02 5.39 -28.57
N ASP A 406 -15.05 6.68 -28.22
CA ASP A 406 -13.89 7.38 -27.60
C ASP A 406 -13.44 6.67 -26.29
N TYR A 407 -14.40 6.43 -25.40
CA TYR A 407 -14.09 6.18 -23.99
C TYR A 407 -14.86 4.98 -23.45
N GLY A 408 -14.17 4.10 -22.73
CA GLY A 408 -14.82 2.90 -22.21
C GLY A 408 -15.48 3.11 -20.86
N VAL A 409 -14.66 3.28 -19.83
CA VAL A 409 -15.09 3.46 -18.47
C VAL A 409 -14.44 4.70 -17.90
N HIS A 410 -15.28 5.54 -17.31
CA HIS A 410 -14.79 6.72 -16.56
C HIS A 410 -15.29 6.59 -15.13
N VAL A 411 -14.35 6.53 -14.17
CA VAL A 411 -14.72 6.40 -12.77
C VAL A 411 -14.50 7.78 -12.11
N LYS A 412 -15.57 8.45 -11.71
CA LYS A 412 -15.48 9.75 -11.01
C LYS A 412 -15.63 9.61 -9.48
N GLY A 413 -16.58 8.79 -9.07
CA GLY A 413 -16.80 8.49 -7.67
C GLY A 413 -15.57 8.04 -6.90
N ASP A 414 -15.72 8.08 -5.57
CA ASP A 414 -14.64 7.78 -4.64
C ASP A 414 -14.87 6.40 -4.03
N ASN A 415 -13.78 5.76 -3.64
CA ASN A 415 -13.83 4.42 -3.02
C ASN A 415 -14.44 3.35 -3.92
N VAL A 416 -14.27 3.53 -5.22
CA VAL A 416 -14.82 2.57 -6.19
C VAL A 416 -13.84 1.41 -6.33
N LEU A 417 -14.37 0.21 -6.47
CA LEU A 417 -13.56 -1.01 -6.53
C LEU A 417 -13.97 -1.72 -7.77
N ALA A 418 -12.97 -2.08 -8.57
CA ALA A 418 -13.17 -2.88 -9.77
C ALA A 418 -12.39 -4.19 -9.60
N THR A 419 -13.08 -5.32 -9.63
CA THR A 419 -12.48 -6.63 -9.58
C THR A 419 -12.85 -7.37 -10.88
N GLY A 420 -11.84 -7.67 -11.68
CA GLY A 420 -12.11 -8.37 -12.94
C GLY A 420 -12.54 -7.38 -14.03
N LEU A 421 -11.67 -6.44 -14.34
CA LEU A 421 -11.99 -5.36 -15.26
C LEU A 421 -11.40 -5.63 -16.65
N PHE A 422 -12.24 -5.81 -17.66
CA PHE A 422 -11.78 -6.12 -19.02
C PHE A 422 -12.33 -4.99 -19.94
N VAL A 423 -11.47 -4.20 -20.58
CA VAL A 423 -11.94 -3.10 -21.42
C VAL A 423 -11.04 -2.97 -22.66
N GLU A 424 -11.63 -3.00 -23.85
CA GLU A 424 -10.82 -3.14 -25.08
C GLU A 424 -11.30 -2.33 -26.27
N HIS A 425 -10.29 -1.74 -26.90
CA HIS A 425 -10.30 -1.24 -28.30
C HIS A 425 -10.88 0.16 -28.49
N PHE A 426 -11.06 0.90 -27.42
CA PHE A 426 -11.58 2.26 -27.57
C PHE A 426 -10.65 3.21 -28.35
N ASN A 427 -11.23 4.21 -29.03
CA ASN A 427 -10.41 5.13 -29.84
C ASN A 427 -9.48 5.99 -28.97
N LYS A 428 -9.94 6.37 -27.79
CA LYS A 428 -9.16 7.15 -26.83
C LYS A 428 -8.91 6.32 -25.55
N TYR A 429 -9.12 6.89 -24.36
CA TYR A 429 -8.78 6.17 -23.14
C TYR A 429 -9.79 5.05 -22.86
N ASP A 430 -9.32 3.82 -22.72
CA ASP A 430 -10.22 2.73 -22.43
C ASP A 430 -10.81 2.91 -21.03
N VAL A 431 -9.94 3.19 -20.09
CA VAL A 431 -10.33 3.51 -18.71
C VAL A 431 -9.65 4.79 -18.25
N GLN A 432 -10.47 5.67 -17.66
CA GLN A 432 -10.01 6.85 -16.91
C GLN A 432 -10.57 6.89 -15.49
N TRP A 433 -9.74 7.33 -14.56
CA TRP A 433 -10.10 7.29 -13.17
C TRP A 433 -9.67 8.56 -12.50
N SER A 434 -10.66 9.27 -11.99
CA SER A 434 -10.43 10.59 -11.39
C SER A 434 -11.14 10.77 -10.07
N GLY A 435 -11.66 9.65 -9.55
CA GLY A 435 -12.17 9.56 -8.20
C GLY A 435 -11.02 9.20 -7.30
N GLU A 436 -11.21 9.42 -6.00
CA GLU A 436 -10.20 9.13 -5.03
C GLU A 436 -10.29 7.71 -4.49
N ASN A 437 -9.13 7.21 -4.06
CA ASN A 437 -8.97 5.87 -3.48
C ASN A 437 -9.64 4.78 -4.29
N GLY A 438 -9.44 4.82 -5.59
CA GLY A 438 -9.89 3.73 -6.41
C GLY A 438 -8.96 2.54 -6.24
N LYS A 439 -9.50 1.35 -6.49
CA LYS A 439 -8.79 0.08 -6.37
C LYS A 439 -9.22 -0.76 -7.60
N THR A 440 -8.25 -1.24 -8.38
CA THR A 440 -8.50 -2.25 -9.42
C THR A 440 -7.68 -3.50 -9.15
N ILE A 441 -8.39 -4.61 -9.02
CA ILE A 441 -7.77 -5.93 -8.96
C ILE A 441 -8.11 -6.68 -10.22
N PHE A 442 -7.07 -6.86 -11.03
CA PHE A 442 -7.09 -7.43 -12.38
C PHE A 442 -7.65 -6.49 -13.47
N TYR A 443 -6.78 -6.20 -14.44
CA TYR A 443 -7.17 -5.47 -15.66
C TYR A 443 -6.63 -6.13 -16.91
N GLN A 444 -7.52 -6.29 -17.87
CA GLN A 444 -7.14 -6.74 -19.21
C GLN A 444 -7.63 -5.75 -20.24
N ASN A 445 -6.68 -5.28 -21.06
CA ASN A 445 -6.95 -4.40 -22.16
C ASN A 445 -6.26 -4.86 -23.44
N ALA A 446 -6.91 -4.64 -24.58
CA ALA A 446 -6.26 -4.58 -25.87
C ALA A 446 -6.60 -3.24 -26.52
N LYS A 447 -5.61 -2.67 -27.19
CA LYS A 447 -5.80 -1.38 -27.82
C LYS A 447 -6.61 -1.54 -29.11
N ALA A 448 -7.10 -0.43 -29.61
CA ALA A 448 -7.76 -0.43 -30.91
C ALA A 448 -6.85 -1.02 -31.97
N TYR A 449 -7.36 -1.99 -32.73
CA TYR A 449 -6.58 -2.61 -33.78
C TYR A 449 -6.51 -1.73 -35.04
N ASP A 450 -7.53 -0.89 -35.22
CA ASP A 450 -7.78 -0.27 -36.51
C ASP A 450 -7.34 1.21 -36.73
N ALA A 451 -6.58 1.80 -35.80
CA ALA A 451 -6.14 3.18 -35.99
C ALA A 451 -5.35 3.24 -37.30
N PRO A 452 -5.67 4.21 -38.17
CA PRO A 452 -5.12 4.18 -39.55
C PRO A 452 -3.65 4.64 -39.65
N ASP A 453 -3.18 5.35 -38.65
CA ASP A 453 -1.80 5.84 -38.60
C ASP A 453 -1.63 6.59 -37.29
N GLN A 454 -0.40 7.05 -37.06
CA GLN A 454 -0.01 7.64 -35.78
C GLN A 454 -0.87 8.83 -35.34
N ALA A 455 -1.11 9.76 -36.25
CA ALA A 455 -1.81 10.97 -35.81
C ALA A 455 -3.23 10.68 -35.34
N ALA A 456 -3.90 9.73 -35.98
CA ALA A 456 -5.26 9.36 -35.54
C ALA A 456 -5.36 9.07 -34.02
N ILE A 457 -4.21 8.85 -33.39
CA ILE A 457 -4.14 8.61 -31.94
C ILE A 457 -3.15 9.52 -31.23
N GLN A 458 -2.64 10.54 -31.92
CA GLN A 458 -1.74 11.47 -31.26
C GLN A 458 -2.54 12.16 -30.19
N ASN A 459 -2.15 11.98 -28.92
CA ASN A 459 -2.85 12.58 -27.78
C ASN A 459 -2.12 13.81 -27.26
N GLY A 460 -2.31 14.91 -28.01
CA GLY A 460 -1.50 16.12 -27.91
C GLY A 460 -0.05 15.72 -28.08
N ASP A 461 0.62 15.62 -26.96
CA ASP A 461 1.92 15.03 -26.97
C ASP A 461 1.66 13.54 -27.23
N ILE A 462 1.22 12.90 -26.20
CA ILE A 462 1.52 11.52 -26.04
C ILE A 462 1.21 10.77 -27.34
N LYS A 463 2.08 9.84 -27.70
CA LYS A 463 1.77 8.84 -28.72
C LYS A 463 0.74 7.84 -28.18
N GLY A 464 -0.50 7.93 -28.65
CA GLY A 464 -1.57 7.10 -28.15
C GLY A 464 -2.21 7.57 -26.86
N TYR A 465 -3.33 6.92 -26.53
CA TYR A 465 -4.04 7.10 -25.29
C TYR A 465 -3.81 5.90 -24.40
N ALA A 466 -3.50 6.15 -23.16
CA ALA A 466 -3.34 5.05 -22.22
C ALA A 466 -4.55 4.15 -22.22
N ALA A 467 -4.33 2.87 -22.04
CA ALA A 467 -5.43 1.97 -21.69
C ALA A 467 -6.04 2.28 -20.32
N TYR A 468 -5.23 2.80 -19.41
CA TYR A 468 -5.66 3.03 -18.03
C TYR A 468 -4.95 4.28 -17.55
N LYS A 469 -5.75 5.33 -17.35
CA LYS A 469 -5.26 6.62 -16.89
C LYS A 469 -5.87 7.10 -15.57
N VAL A 470 -4.99 7.35 -14.59
CA VAL A 470 -5.29 8.11 -13.39
C VAL A 470 -4.97 9.59 -13.63
N ASP A 471 -5.94 10.51 -13.41
CA ASP A 471 -5.66 11.97 -13.35
C ASP A 471 -4.71 12.32 -12.12
N ASP A 472 -4.09 13.52 -12.04
CA ASP A 472 -3.06 13.88 -10.97
C ASP A 472 -3.39 14.54 -9.66
N SER A 473 -4.50 15.27 -9.59
CA SER A 473 -5.20 15.42 -8.34
C SER A 473 -5.56 14.12 -7.78
N VAL A 474 -5.42 13.04 -8.56
CA VAL A 474 -5.62 11.79 -7.84
C VAL A 474 -4.45 11.67 -6.82
N THR A 475 -4.83 11.49 -5.56
CA THR A 475 -3.90 11.34 -4.45
C THR A 475 -3.65 9.89 -4.08
N THR A 476 -4.74 9.11 -4.11
CA THR A 476 -4.76 7.76 -3.63
C THR A 476 -5.37 6.94 -4.79
N HIS A 477 -4.64 5.93 -5.24
CA HIS A 477 -5.11 4.91 -6.21
C HIS A 477 -4.21 3.68 -6.08
N GLU A 478 -4.78 2.50 -6.24
CA GLU A 478 -3.96 1.29 -6.29
C GLU A 478 -4.55 0.26 -7.27
N GLY A 479 -3.66 -0.34 -8.08
CA GLY A 479 -4.01 -1.32 -9.08
C GLY A 479 -3.08 -2.51 -8.99
N TRP A 480 -3.62 -3.70 -9.21
CA TRP A 480 -2.86 -4.95 -9.15
C TRP A 480 -3.11 -5.80 -10.36
N GLY A 481 -2.04 -6.26 -11.00
CA GLY A 481 -2.18 -7.30 -12.03
C GLY A 481 -2.88 -6.84 -13.31
N MET A 482 -2.21 -5.97 -14.06
CA MET A 482 -2.84 -5.21 -15.11
C MET A 482 -2.02 -5.26 -16.42
N GLY A 483 -2.69 -5.62 -17.49
CA GLY A 483 -2.04 -5.75 -18.79
C GLY A 483 -2.77 -5.03 -19.92
N SER A 484 -1.97 -4.49 -20.84
CA SER A 484 -2.50 -3.89 -22.07
C SER A 484 -1.75 -4.48 -23.28
N TYR A 485 -2.50 -4.94 -24.28
CA TYR A 485 -1.88 -5.55 -25.48
C TYR A 485 -2.17 -4.70 -26.73
N CYS A 486 -1.30 -4.76 -27.72
CA CYS A 486 -1.52 -4.05 -28.97
C CYS A 486 -1.44 -5.00 -30.18
N TYR A 487 -2.16 -4.64 -31.22
CA TYR A 487 -2.20 -5.37 -32.47
C TYR A 487 -2.65 -4.37 -33.51
N PHE A 488 -1.70 -3.59 -33.96
CA PHE A 488 -1.98 -2.46 -34.87
C PHE A 488 -1.86 -3.01 -36.28
N ASN A 489 -2.98 -3.49 -36.80
CA ASN A 489 -2.96 -4.32 -38.03
C ASN A 489 -3.19 -3.50 -39.26
N VAL A 490 -3.99 -2.45 -39.14
CA VAL A 490 -4.17 -1.50 -40.23
C VAL A 490 -2.83 -0.78 -40.46
N ASN A 491 -2.10 -0.52 -39.36
CA ASN A 491 -0.83 0.21 -39.46
C ASN A 491 0.19 -0.31 -38.46
N PRO A 492 0.91 -1.38 -38.82
CA PRO A 492 1.84 -2.00 -37.87
C PRO A 492 3.13 -1.18 -37.64
N ASP A 493 3.21 0.02 -38.19
CA ASP A 493 4.26 0.97 -37.84
C ASP A 493 3.93 1.85 -36.63
N ILE A 494 2.69 1.78 -36.14
CA ILE A 494 2.30 2.64 -35.04
C ILE A 494 3.09 2.32 -33.77
N ARG A 495 3.26 3.36 -32.97
CA ARG A 495 3.78 3.28 -31.63
C ARG A 495 2.76 3.74 -30.60
N GLN A 496 2.65 2.96 -29.53
CA GLN A 496 1.78 3.29 -28.41
C GLN A 496 2.70 3.67 -27.28
N GLN A 497 2.60 4.88 -26.75
CA GLN A 497 3.68 5.32 -25.86
C GLN A 497 3.65 4.57 -24.57
N HIS A 498 2.45 4.23 -24.05
CA HIS A 498 2.38 3.42 -22.83
C HIS A 498 1.03 2.74 -22.66
N GLY A 499 0.98 1.73 -21.78
CA GLY A 499 -0.27 1.13 -21.41
C GLY A 499 -0.99 1.90 -20.30
N PHE A 500 -0.22 2.47 -19.38
CA PHE A 500 -0.71 3.12 -18.16
C PHE A 500 -0.19 4.56 -18.04
N GLN A 501 -1.03 5.46 -17.52
CA GLN A 501 -0.63 6.84 -17.23
C GLN A 501 -1.14 7.27 -15.86
N ALA A 502 -0.24 7.84 -15.06
CA ALA A 502 -0.58 8.25 -13.68
C ALA A 502 0.44 9.24 -13.18
N PRO A 503 0.03 10.08 -12.25
CA PRO A 503 0.97 10.96 -11.59
C PRO A 503 1.92 10.14 -10.78
N VAL A 504 3.05 10.75 -10.47
CA VAL A 504 4.02 10.21 -9.54
C VAL A 504 3.80 10.84 -8.17
N LYS A 505 3.46 9.98 -7.22
CA LYS A 505 2.90 10.40 -5.95
C LYS A 505 2.90 9.22 -5.00
N PRO A 506 3.04 9.50 -3.69
CA PRO A 506 3.12 8.38 -2.78
C PRO A 506 1.92 7.42 -2.76
N GLY A 507 0.72 7.99 -2.86
CA GLY A 507 -0.50 7.22 -2.70
C GLY A 507 -1.06 6.65 -3.99
N VAL A 508 -0.32 6.77 -5.11
CA VAL A 508 -0.74 6.21 -6.44
C VAL A 508 0.23 5.07 -6.79
N LYS A 509 -0.25 3.85 -6.59
CA LYS A 509 0.60 2.66 -6.59
C LYS A 509 0.06 1.67 -7.60
N PHE A 510 0.97 1.01 -8.32
CA PHE A 510 0.65 -0.15 -9.12
C PHE A 510 1.56 -1.33 -8.80
N HIS A 511 1.01 -2.52 -9.00
CA HIS A 511 1.71 -3.77 -8.85
C HIS A 511 1.47 -4.64 -10.04
N ASP A 512 2.57 -5.14 -10.60
CA ASP A 512 2.53 -6.15 -11.65
C ASP A 512 1.79 -5.63 -12.87
N LEU A 513 2.50 -4.76 -13.58
CA LEU A 513 2.02 -4.14 -14.81
C LEU A 513 2.73 -4.78 -16.01
N LEU A 514 2.00 -4.97 -17.08
CA LEU A 514 2.64 -5.43 -18.32
C LEU A 514 2.00 -4.84 -19.59
N VAL A 515 2.83 -4.70 -20.63
CA VAL A 515 2.32 -4.42 -21.97
C VAL A 515 2.90 -5.46 -22.92
N VAL A 516 2.17 -5.73 -24.00
CA VAL A 516 2.56 -6.75 -24.94
C VAL A 516 2.14 -6.43 -26.35
N SER A 517 3.09 -6.53 -27.28
CA SER A 517 2.77 -6.44 -28.70
C SER A 517 2.50 -7.83 -29.28
N LEU A 518 1.33 -7.99 -29.89
CA LEU A 518 0.96 -9.26 -30.49
C LEU A 518 1.58 -9.43 -31.91
N GLY A 519 2.54 -10.32 -32.03
CA GLY A 519 3.23 -10.57 -33.28
C GLY A 519 3.87 -9.33 -33.96
N GLY A 520 4.40 -8.41 -33.18
CA GLY A 520 5.11 -7.25 -33.71
C GLY A 520 4.26 -6.25 -34.46
N LYS A 521 2.94 -6.35 -34.32
CA LYS A 521 2.02 -5.42 -34.95
C LYS A 521 1.92 -4.14 -34.12
N GLY A 522 2.85 -3.23 -34.38
CA GLY A 522 2.99 -2.06 -33.56
C GLY A 522 3.82 -2.41 -32.35
N GLN A 523 4.27 -1.40 -31.62
CA GLN A 523 5.01 -1.63 -30.39
C GLN A 523 4.66 -0.59 -29.34
N TYR A 524 4.87 -0.96 -28.07
CA TYR A 524 4.83 0.00 -26.98
C TYR A 524 6.20 0.63 -26.80
N GLU A 525 6.25 1.89 -26.40
CA GLU A 525 7.51 2.57 -26.11
C GLU A 525 7.92 2.43 -24.64
N HIS A 526 6.91 2.26 -23.79
CA HIS A 526 7.09 2.09 -22.35
C HIS A 526 5.89 1.37 -21.78
N VAL A 527 5.94 1.06 -20.49
CA VAL A 527 4.84 0.40 -19.82
C VAL A 527 3.87 1.42 -19.19
N ILE A 528 4.41 2.28 -18.34
CA ILE A 528 3.65 3.32 -17.69
C ILE A 528 4.40 4.65 -17.83
N ASN A 529 3.64 5.71 -18.09
CA ASN A 529 4.21 7.02 -18.28
C ASN A 529 5.32 6.95 -19.34
N ASP A 530 6.60 7.14 -18.95
CA ASP A 530 7.75 6.89 -19.81
C ASP A 530 8.78 6.01 -19.03
N ILE A 531 8.21 5.07 -18.26
CA ILE A 531 8.89 4.01 -17.45
C ILE A 531 8.71 2.59 -18.00
N GLY A 532 9.80 1.80 -17.98
CA GLY A 532 9.79 0.41 -18.43
C GLY A 532 10.33 0.29 -19.84
N ASP A 533 10.64 -0.93 -20.26
CA ASP A 533 11.20 -1.12 -21.57
C ASP A 533 10.13 -1.04 -22.65
N PRO A 534 10.54 -0.62 -23.85
CA PRO A 534 9.59 -0.80 -24.94
C PRO A 534 9.43 -2.27 -25.21
N THR A 535 8.39 -2.64 -25.96
CA THR A 535 8.34 -3.98 -26.50
C THR A 535 9.28 -4.00 -27.71
N SER A 536 9.68 -5.20 -28.12
CA SER A 536 10.52 -5.35 -29.31
C SER A 536 10.32 -6.72 -29.94
N GLY A 537 10.77 -6.86 -31.18
CA GLY A 537 10.67 -8.11 -31.94
C GLY A 537 9.22 -8.41 -32.31
N ASP A 538 9.00 -9.60 -32.88
CA ASP A 538 7.64 -10.11 -33.14
C ASP A 538 7.35 -11.36 -32.33
N THR A 539 8.03 -11.51 -31.19
CA THR A 539 7.89 -12.73 -30.35
C THR A 539 6.86 -12.66 -29.21
N THR A 540 6.16 -11.54 -29.11
CA THR A 540 5.06 -11.44 -28.15
C THR A 540 5.61 -11.68 -26.75
N ILE A 541 6.69 -10.97 -26.47
CA ILE A 541 7.33 -11.01 -25.16
C ILE A 541 6.87 -9.81 -24.32
N PRO A 542 6.23 -10.06 -23.17
CA PRO A 542 5.82 -8.89 -22.38
C PRO A 542 6.90 -8.01 -21.79
N SER A 543 6.66 -6.71 -21.84
CA SER A 543 7.44 -5.75 -21.05
C SER A 543 6.71 -5.50 -19.73
N GLN A 544 7.41 -5.77 -18.63
CA GLN A 544 6.78 -5.86 -17.32
C GLN A 544 7.33 -4.77 -16.42
N VAL A 545 6.49 -4.24 -15.55
CA VAL A 545 6.96 -3.39 -14.46
C VAL A 545 6.32 -3.91 -13.15
N VAL A 546 7.16 -4.30 -12.19
CA VAL A 546 6.69 -5.01 -11.00
C VAL A 546 6.01 -4.08 -9.98
N SER A 547 6.58 -2.90 -9.81
CA SER A 547 6.28 -2.02 -8.66
C SER A 547 6.42 -0.54 -9.11
N PHE A 548 5.41 0.30 -8.89
CA PHE A 548 5.47 1.74 -9.23
C PHE A 548 4.80 2.52 -8.08
N PRO A 549 5.33 3.71 -7.64
CA PRO A 549 6.14 4.74 -8.36
C PRO A 549 7.60 5.16 -8.02
N VAL B 2 -14.70 16.34 22.90
CA VAL B 2 -14.37 15.78 21.58
C VAL B 2 -14.34 14.23 21.56
N VAL B 3 -13.15 13.62 21.38
CA VAL B 3 -13.04 12.22 21.75
C VAL B 3 -11.68 11.78 22.32
N GLY B 4 -11.72 11.29 23.55
CA GLY B 4 -10.63 10.49 24.04
C GLY B 4 -10.81 9.04 23.64
N GLY B 5 -9.72 8.39 23.23
CA GLY B 5 -9.78 6.98 22.91
C GLY B 5 -10.29 6.59 21.52
N GLY B 6 -10.49 5.30 21.37
CA GLY B 6 -10.93 4.75 20.11
C GLY B 6 -9.96 3.79 19.49
N ASP B 7 -10.41 3.29 18.34
CA ASP B 7 -9.73 2.29 17.52
C ASP B 7 -8.39 2.80 17.03
N LEU B 8 -7.35 1.97 17.19
CA LEU B 8 -6.00 2.34 16.74
C LEU B 8 -5.83 2.19 15.24
N GLY B 9 -6.70 1.43 14.59
CA GLY B 9 -6.78 1.45 13.15
C GLY B 9 -5.99 0.38 12.43
N PRO B 10 -6.04 0.40 11.09
CA PRO B 10 -5.54 -0.69 10.22
C PRO B 10 -4.06 -1.00 10.36
N ASN B 11 -3.27 -0.01 10.77
CA ASN B 11 -1.83 -0.18 10.71
C ASN B 11 -1.16 -0.36 12.07
N VAL B 12 -1.95 -0.49 13.15
CA VAL B 12 -1.46 -1.12 14.38
C VAL B 12 -1.90 -2.60 14.27
N LEU B 13 -0.97 -3.49 13.93
CA LEU B 13 -1.21 -4.93 13.84
C LEU B 13 -0.92 -5.56 15.19
N VAL B 14 -1.92 -6.19 15.77
CA VAL B 14 -1.82 -6.67 17.15
C VAL B 14 -1.87 -8.18 17.09
N PHE B 15 -0.80 -8.80 17.60
CA PHE B 15 -0.68 -10.25 17.64
C PHE B 15 -0.80 -10.72 19.10
N ASP B 16 -1.26 -11.95 19.26
CA ASP B 16 -1.46 -12.57 20.56
C ASP B 16 -1.04 -14.01 20.33
N PRO B 17 -1.09 -14.84 21.37
CA PRO B 17 -0.46 -16.12 21.06
C PRO B 17 -1.29 -17.16 20.32
N SER B 18 -2.38 -16.78 19.65
CA SER B 18 -3.06 -17.74 18.74
C SER B 18 -3.15 -17.26 17.29
N THR B 19 -2.67 -16.03 17.05
CA THR B 19 -2.74 -15.38 15.75
C THR B 19 -2.23 -16.21 14.56
N PRO B 20 -3.16 -16.79 13.78
CA PRO B 20 -2.64 -17.72 12.79
C PRO B 20 -1.63 -17.06 11.89
N ASP B 21 -0.64 -17.80 11.48
CA ASP B 21 0.36 -17.31 10.56
C ASP B 21 1.00 -15.94 10.92
N ILE B 22 1.49 -15.82 12.14
CA ILE B 22 2.21 -14.62 12.56
C ILE B 22 3.38 -14.40 11.57
N GLN B 23 4.15 -15.44 11.36
CA GLN B 23 5.33 -15.35 10.54
C GLN B 23 4.95 -14.91 9.12
N GLY B 24 3.84 -15.45 8.59
CA GLY B 24 3.43 -15.06 7.26
C GLY B 24 3.04 -13.59 7.24
N LYS B 25 2.39 -13.17 8.30
CA LYS B 25 1.98 -11.76 8.43
C LYS B 25 3.15 -10.83 8.50
N VAL B 26 4.13 -11.13 9.36
CA VAL B 26 5.27 -10.21 9.47
C VAL B 26 6.11 -10.25 8.20
N ASP B 27 6.17 -11.40 7.53
CA ASP B 27 6.87 -11.50 6.25
C ASP B 27 6.22 -10.66 5.12
N GLU B 28 4.87 -10.59 5.09
CA GLU B 28 4.18 -9.78 4.08
C GLU B 28 4.38 -8.26 4.31
N VAL B 29 4.45 -7.84 5.58
CA VAL B 29 4.81 -6.44 5.85
C VAL B 29 6.23 -6.19 5.34
N PHE B 30 7.13 -7.16 5.60
CA PHE B 30 8.54 -6.99 5.21
C PHE B 30 8.75 -6.95 3.70
N ARG B 31 8.06 -7.74 2.92
CA ARG B 31 8.39 -7.69 1.52
C ARG B 31 7.89 -6.38 0.92
N LYS B 32 6.80 -5.84 1.44
CA LYS B 32 6.39 -4.47 1.03
C LYS B 32 7.37 -3.40 1.48
N GLN B 33 7.87 -3.52 2.70
CA GLN B 33 8.64 -2.43 3.28
C GLN B 33 10.16 -2.56 3.20
N GLU B 34 10.69 -3.72 2.85
CA GLU B 34 12.13 -3.94 2.86
C GLU B 34 12.93 -2.85 2.15
N SER B 35 12.46 -2.43 1.00
CA SER B 35 13.18 -1.37 0.28
C SER B 35 12.34 -0.17 -0.11
N ASN B 36 11.26 0.07 0.64
CA ASN B 36 10.39 1.23 0.40
C ASN B 36 10.92 2.39 1.24
N GLN B 37 12.07 2.93 0.83
CA GLN B 37 12.79 3.89 1.66
C GLN B 37 12.06 5.24 1.86
N PHE B 38 11.26 5.62 0.88
CA PHE B 38 10.65 6.95 0.90
C PHE B 38 9.14 6.93 0.69
N GLY B 39 8.53 5.75 0.72
CA GLY B 39 7.08 5.62 0.60
C GLY B 39 6.34 6.09 1.85
N THR B 40 5.02 6.24 1.73
CA THR B 40 4.16 6.74 2.78
C THR B 40 3.54 5.64 3.65
N ASP B 41 3.76 4.39 3.31
CA ASP B 41 3.19 3.32 4.15
C ASP B 41 3.89 3.27 5.52
N ARG B 42 3.16 2.84 6.55
CA ARG B 42 3.65 2.87 7.92
C ARG B 42 2.99 1.72 8.70
N TYR B 43 3.77 1.09 9.57
CA TYR B 43 3.33 -0.07 10.33
C TYR B 43 3.82 -0.11 11.75
N ALA B 44 2.94 -0.43 12.68
CA ALA B 44 3.34 -0.85 14.03
C ALA B 44 2.87 -2.29 14.26
N LEU B 45 3.82 -3.15 14.63
CA LEU B 45 3.54 -4.55 14.92
C LEU B 45 3.63 -4.70 16.44
N MET B 46 2.49 -4.94 17.08
CA MET B 46 2.40 -4.99 18.55
C MET B 46 2.11 -6.41 18.98
N PHE B 47 2.90 -6.88 19.93
CA PHE B 47 2.79 -8.25 20.44
C PHE B 47 2.29 -8.31 21.88
N LYS B 48 1.15 -8.96 22.10
CA LYS B 48 0.66 -9.22 23.48
C LYS B 48 1.64 -10.02 24.32
N PRO B 49 1.59 -9.83 25.64
CA PRO B 49 2.41 -10.64 26.57
C PRO B 49 2.18 -12.12 26.34
N GLY B 50 3.27 -12.86 26.27
CA GLY B 50 3.21 -14.31 26.10
C GLY B 50 4.55 -14.76 25.52
N THR B 51 4.58 -15.96 24.92
CA THR B 51 5.79 -16.55 24.35
C THR B 51 5.50 -16.96 22.91
N TYR B 52 6.43 -16.62 22.01
CA TYR B 52 6.26 -16.83 20.58
C TYR B 52 7.40 -17.67 20.04
N ASN B 53 7.06 -18.73 19.31
CA ASN B 53 8.00 -19.68 18.78
C ASN B 53 8.13 -19.45 17.26
N ASP B 54 9.22 -19.95 16.68
CA ASP B 54 9.31 -20.17 15.24
C ASP B 54 9.21 -18.87 14.44
N ILE B 55 9.78 -17.83 15.02
CA ILE B 55 9.60 -16.49 14.51
C ILE B 55 10.90 -15.80 14.18
N ASN B 56 10.91 -15.12 13.04
CA ASN B 56 12.02 -14.27 12.67
C ASN B 56 11.37 -13.09 11.99
N ALA B 57 11.25 -12.01 12.73
CA ALA B 57 10.54 -10.83 12.24
C ALA B 57 11.57 -9.89 11.65
N GLN B 58 11.60 -9.86 10.33
CA GLN B 58 12.51 -8.97 9.64
C GLN B 58 11.79 -7.61 9.57
N ILE B 59 12.54 -6.57 9.89
CA ILE B 59 12.01 -5.25 10.11
C ILE B 59 12.50 -4.34 8.94
N GLY B 60 11.57 -3.96 8.06
CA GLY B 60 11.86 -3.02 6.99
C GLY B 60 11.71 -1.55 7.35
N PHE B 61 11.70 -0.70 6.33
CA PHE B 61 11.40 0.71 6.51
C PHE B 61 10.08 0.97 7.23
N TYR B 62 10.09 1.99 8.09
CA TYR B 62 8.90 2.52 8.75
C TYR B 62 8.04 1.45 9.39
N THR B 63 8.72 0.52 10.05
CA THR B 63 8.10 -0.56 10.78
C THR B 63 8.67 -0.48 12.19
N SER B 64 7.75 -0.36 13.16
CA SER B 64 8.09 -0.48 14.57
C SER B 64 7.59 -1.86 15.08
N ILE B 65 8.33 -2.44 15.98
CA ILE B 65 7.90 -3.73 16.59
C ILE B 65 8.10 -3.58 18.08
N ALA B 66 7.11 -4.02 18.85
CA ALA B 66 7.18 -3.90 20.31
C ALA B 66 6.31 -4.92 21.01
N GLY B 67 6.67 -5.20 22.26
CA GLY B 67 5.85 -5.99 23.18
C GLY B 67 4.96 -5.07 24.05
N LEU B 68 3.87 -5.65 24.55
CA LEU B 68 2.85 -4.91 25.29
C LEU B 68 2.75 -5.25 26.79
N GLY B 69 3.81 -5.85 27.36
CA GLY B 69 3.93 -5.97 28.83
C GLY B 69 4.56 -4.75 29.50
N LEU B 70 4.74 -4.75 30.85
CA LEU B 70 5.94 -4.13 31.48
C LEU B 70 6.91 -5.30 31.46
N ASN B 71 8.18 -5.08 31.77
CA ASN B 71 9.16 -6.10 31.69
C ASN B 71 9.14 -6.55 30.22
N PRO B 72 10.16 -6.17 29.50
CA PRO B 72 10.51 -6.84 28.25
C PRO B 72 10.28 -8.36 28.37
N ASP B 73 10.57 -8.87 29.55
CA ASP B 73 10.53 -10.31 29.77
C ASP B 73 9.10 -10.90 29.76
N ASP B 74 8.06 -10.07 29.68
CA ASP B 74 6.71 -10.63 29.56
C ASP B 74 6.26 -10.92 28.12
N THR B 75 7.05 -10.46 27.14
CA THR B 75 6.80 -10.77 25.73
C THR B 75 8.10 -11.30 25.14
N THR B 76 8.20 -12.63 25.06
CA THR B 76 9.42 -13.29 24.65
C THR B 76 9.27 -13.98 23.33
N PHE B 77 10.21 -13.70 22.45
CA PHE B 77 10.32 -14.42 21.19
C PHE B 77 11.42 -15.47 21.33
N ASN B 78 11.06 -16.72 21.05
CA ASN B 78 12.07 -17.72 20.73
C ASN B 78 12.24 -17.60 19.25
N GLY B 79 13.15 -16.70 18.92
CA GLY B 79 13.25 -16.17 17.60
C GLY B 79 13.96 -14.83 17.63
N ASP B 80 13.75 -14.05 16.59
CA ASP B 80 14.64 -12.94 16.27
C ASP B 80 13.83 -11.75 15.82
N VAL B 81 14.46 -10.60 15.98
CA VAL B 81 14.01 -9.35 15.35
C VAL B 81 15.20 -8.88 14.55
N THR B 82 15.14 -9.08 13.24
CA THR B 82 16.28 -8.99 12.35
C THR B 82 16.18 -7.75 11.50
N VAL B 83 17.30 -7.04 11.42
CA VAL B 83 17.56 -6.12 10.30
C VAL B 83 18.87 -6.52 9.68
N ASP B 84 18.83 -6.75 8.37
CA ASP B 84 19.99 -7.03 7.56
C ASP B 84 19.91 -6.16 6.29
N ALA B 85 20.85 -6.35 5.37
CA ALA B 85 21.08 -5.39 4.28
C ALA B 85 20.98 -6.02 2.88
N GLY B 86 20.29 -7.15 2.77
CA GLY B 86 20.14 -7.78 1.47
C GLY B 86 19.69 -6.84 0.37
N TRP B 87 18.78 -5.94 0.70
CA TRP B 87 18.07 -5.10 -0.28
C TRP B 87 18.96 -4.06 -0.94
N PHE B 88 19.97 -3.60 -0.22
CA PHE B 88 20.98 -2.67 -0.74
C PHE B 88 22.32 -3.41 -0.78
N ASP B 89 22.25 -4.67 -1.22
CA ASP B 89 23.45 -5.55 -1.47
C ASP B 89 24.55 -5.62 -0.39
N GLY B 90 24.10 -5.57 0.87
CA GLY B 90 24.94 -5.82 2.02
C GLY B 90 25.44 -4.55 2.67
N ASN B 91 25.13 -3.41 2.04
CA ASN B 91 25.45 -2.08 2.58
C ASN B 91 24.30 -1.68 3.50
N ALA B 92 24.57 -1.45 4.79
CA ALA B 92 23.53 -1.13 5.76
C ALA B 92 23.34 0.37 5.97
N THR B 93 24.01 1.22 5.18
CA THR B 93 23.98 2.66 5.46
C THR B 93 22.71 3.39 5.03
N GLN B 94 21.72 2.68 4.52
CA GLN B 94 20.42 3.27 4.32
C GLN B 94 19.33 2.55 5.15
N ASN B 95 19.72 1.82 6.19
CA ASN B 95 18.72 1.11 7.01
C ASN B 95 18.12 1.99 8.10
N PHE B 96 17.27 2.90 7.66
CA PHE B 96 16.76 3.96 8.54
C PHE B 96 15.33 3.70 8.99
N TRP B 97 14.89 4.44 10.01
CA TRP B 97 13.46 4.70 10.29
C TRP B 97 12.67 3.42 10.64
N ARG B 98 13.09 2.78 11.72
CA ARG B 98 12.41 1.58 12.19
C ARG B 98 12.76 1.42 13.68
N SER B 99 12.06 0.57 14.43
CA SER B 99 12.35 0.54 15.87
C SER B 99 11.93 -0.79 16.48
N ALA B 100 12.58 -1.11 17.59
CA ALA B 100 12.19 -2.28 18.41
C ALA B 100 12.18 -1.86 19.86
N GLU B 101 11.12 -2.24 20.58
CA GLU B 101 11.02 -1.88 22.01
C GLU B 101 10.30 -2.96 22.85
N ASN B 102 10.75 -3.13 24.08
CA ASN B 102 9.97 -3.86 25.10
C ASN B 102 9.65 -5.32 24.76
N LEU B 103 10.70 -6.01 24.32
CA LEU B 103 10.66 -7.43 23.94
C LEU B 103 11.89 -8.15 24.56
N ALA B 104 11.71 -9.45 24.82
CA ALA B 104 12.83 -10.33 25.14
C ALA B 104 13.04 -11.25 23.92
N LEU B 105 14.29 -11.41 23.52
CA LEU B 105 14.64 -12.24 22.40
C LEU B 105 15.56 -13.39 22.81
N ASN B 106 15.24 -14.58 22.31
CA ASN B 106 16.04 -15.77 22.50
C ASN B 106 16.45 -16.21 21.08
N PRO B 107 17.50 -15.57 20.56
CA PRO B 107 17.78 -15.70 19.12
C PRO B 107 18.18 -17.10 18.71
N VAL B 108 17.76 -17.49 17.52
CA VAL B 108 17.80 -18.90 17.15
C VAL B 108 19.19 -19.50 17.02
N ASN B 109 20.19 -18.69 16.65
CA ASN B 109 21.58 -19.16 16.63
C ASN B 109 22.38 -18.58 17.78
N GLY B 110 21.71 -17.94 18.72
CA GLY B 110 22.38 -17.43 19.90
C GLY B 110 22.71 -15.94 19.82
N THR B 111 22.59 -15.35 18.64
CA THR B 111 22.87 -13.92 18.45
C THR B 111 21.84 -13.28 17.55
N ASN B 112 21.31 -12.14 17.97
CA ASN B 112 20.33 -11.41 17.17
C ASN B 112 21.06 -10.37 16.30
N ARG B 113 20.58 -10.17 15.07
CA ARG B 113 21.19 -9.19 14.16
C ARG B 113 20.29 -7.93 14.00
N TRP B 114 20.79 -6.75 14.39
CA TRP B 114 20.12 -5.45 14.20
C TRP B 114 21.14 -4.55 13.45
N ALA B 115 21.29 -4.80 12.15
CA ALA B 115 22.27 -4.11 11.33
C ALA B 115 21.66 -2.85 10.73
N VAL B 116 21.57 -1.83 11.56
CA VAL B 116 20.86 -0.60 11.22
C VAL B 116 21.80 0.58 11.09
N SER B 117 21.33 1.67 10.47
CA SER B 117 22.05 2.94 10.55
C SER B 117 21.19 3.91 11.33
N GLN B 118 20.96 5.14 10.85
CA GLN B 118 20.37 6.15 11.72
C GLN B 118 18.86 6.00 11.89
N ALA B 119 18.35 6.53 13.00
CA ALA B 119 16.93 6.55 13.35
C ALA B 119 16.33 5.14 13.40
N ALA B 120 17.03 4.24 14.09
CA ALA B 120 16.63 2.84 14.26
C ALA B 120 16.76 2.40 15.72
N PRO B 121 16.02 3.06 16.61
CA PRO B 121 16.22 2.82 18.04
C PRO B 121 15.87 1.38 18.54
N PHE B 122 16.59 0.97 19.59
CA PHE B 122 16.50 -0.38 20.19
C PHE B 122 16.44 -0.05 21.68
N ARG B 123 15.23 -0.14 22.23
CA ARG B 123 15.00 0.33 23.58
C ARG B 123 14.28 -0.71 24.43
N ARG B 124 14.58 -0.72 25.70
CA ARG B 124 13.87 -1.58 26.63
C ARG B 124 13.83 -3.01 26.13
N MET B 125 14.97 -3.49 25.62
CA MET B 125 15.05 -4.85 25.09
C MET B 125 15.89 -5.73 26.00
N HIS B 126 15.54 -7.00 25.99
CA HIS B 126 16.34 -8.05 26.63
C HIS B 126 16.75 -9.02 25.54
N VAL B 127 18.05 -9.16 25.35
CA VAL B 127 18.56 -10.14 24.42
C VAL B 127 19.27 -11.25 25.18
N LYS B 128 18.70 -12.44 25.09
CA LYS B 128 19.20 -13.61 25.84
C LYS B 128 20.19 -14.33 24.91
N GLY B 129 21.27 -13.61 24.62
CA GLY B 129 22.34 -14.05 23.71
C GLY B 129 23.17 -12.83 23.30
N GLY B 130 23.79 -12.87 22.16
CA GLY B 130 24.58 -11.77 21.67
C GLY B 130 23.75 -10.89 20.76
N LEU B 131 24.38 -9.79 20.30
CA LEU B 131 23.67 -8.81 19.46
C LEU B 131 24.68 -8.28 18.48
N ASN B 132 24.53 -8.74 17.25
CA ASN B 132 25.36 -8.39 16.13
C ASN B 132 24.78 -7.17 15.40
N LEU B 133 25.59 -6.12 15.31
CA LEU B 133 25.14 -4.84 14.72
C LEU B 133 25.55 -4.69 13.26
N ALA B 134 26.21 -5.69 12.69
CA ALA B 134 26.71 -5.58 11.30
C ALA B 134 25.87 -6.43 10.35
N PRO B 135 25.70 -5.96 9.11
CA PRO B 135 25.03 -6.80 8.12
C PRO B 135 25.88 -8.02 7.90
N ASP B 136 25.29 -9.08 7.39
CA ASP B 136 26.12 -10.24 7.08
C ASP B 136 27.16 -9.73 6.11
N GLY B 137 28.34 -10.32 6.11
CA GLY B 137 29.44 -9.89 5.25
C GLY B 137 30.21 -8.66 5.74
N TYR B 138 29.72 -8.01 6.80
CA TYR B 138 30.47 -6.99 7.53
C TYR B 138 30.71 -5.74 6.64
N GLY B 139 29.67 -5.45 5.84
CA GLY B 139 29.58 -4.23 5.04
C GLY B 139 29.37 -2.95 5.86
N TRP B 140 29.26 -1.86 5.13
CA TRP B 140 29.22 -0.56 5.70
C TRP B 140 28.00 -0.35 6.61
N ALA B 141 28.21 0.28 7.75
CA ALA B 141 27.08 0.57 8.63
C ALA B 141 27.38 1.83 9.43
N SER B 142 26.33 2.61 9.70
CA SER B 142 26.46 3.89 10.36
C SER B 142 25.32 4.17 11.40
N GLY B 143 25.23 3.28 12.37
CA GLY B 143 24.28 3.44 13.47
C GLY B 143 24.78 4.40 14.52
N GLY B 144 24.25 4.37 15.74
CA GLY B 144 23.17 3.56 16.19
C GLY B 144 22.87 3.92 17.64
N TYR B 145 21.82 3.32 18.19
CA TYR B 145 21.28 3.77 19.47
C TYR B 145 20.67 2.62 20.27
N ILE B 146 21.22 2.37 21.45
CA ILE B 146 20.67 1.37 22.37
C ILE B 146 20.44 2.07 23.68
N ALA B 147 19.24 1.91 24.22
CA ALA B 147 18.96 2.41 25.56
C ALA B 147 18.09 1.47 26.38
N ASP B 148 18.32 1.53 27.69
CA ASP B 148 17.53 0.78 28.67
C ASP B 148 17.40 -0.69 28.31
N SER B 149 18.50 -1.28 27.83
CA SER B 149 18.50 -2.67 27.38
C SER B 149 19.51 -3.54 28.13
N LYS B 150 19.29 -4.83 28.03
CA LYS B 150 20.20 -5.82 28.64
C LYS B 150 20.51 -6.83 27.57
N ILE B 151 21.79 -6.86 27.18
CA ILE B 151 22.27 -7.84 26.23
C ILE B 151 23.09 -8.81 27.08
N ASP B 152 22.65 -10.06 27.16
CA ASP B 152 23.25 -10.93 28.17
C ASP B 152 24.58 -11.52 27.68
N GLY B 153 24.72 -11.64 26.37
CA GLY B 153 26.01 -11.93 25.76
C GLY B 153 26.78 -10.71 25.25
N GLU B 154 27.57 -10.91 24.19
CA GLU B 154 28.46 -9.87 23.67
C GLU B 154 27.73 -9.00 22.63
N VAL B 155 28.21 -7.78 22.50
CA VAL B 155 27.70 -6.88 21.46
C VAL B 155 28.79 -6.78 20.44
N GLY B 156 28.45 -7.06 19.19
CA GLY B 156 29.43 -7.09 18.12
C GLY B 156 29.14 -6.01 17.08
N PRO B 157 29.86 -4.89 17.15
CA PRO B 157 29.59 -3.86 16.14
C PRO B 157 30.21 -4.18 14.78
N TYR B 158 31.39 -4.80 14.82
CA TYR B 158 32.17 -5.13 13.62
C TYR B 158 32.41 -3.86 12.75
N SER B 159 31.71 -3.75 11.62
CA SER B 159 31.86 -2.62 10.70
C SER B 159 31.17 -1.31 11.13
N GLN B 160 30.31 -1.34 12.14
CA GLN B 160 29.64 -0.08 12.60
C GLN B 160 30.64 1.03 12.86
N GLN B 161 30.45 2.19 12.23
CA GLN B 161 31.44 3.27 12.39
C GLN B 161 31.47 3.78 13.82
N GLN B 162 30.26 3.92 14.35
CA GLN B 162 30.07 4.54 15.65
C GLN B 162 28.80 4.00 16.26
N TRP B 163 28.57 4.34 17.52
CA TRP B 163 27.42 3.82 18.26
C TRP B 163 27.27 4.52 19.60
N TYR B 164 26.04 4.66 20.08
CA TYR B 164 25.78 5.20 21.42
C TYR B 164 24.91 4.24 22.21
N THR B 165 25.38 3.90 23.39
CA THR B 165 24.62 3.04 24.27
C THR B 165 24.44 3.76 25.59
N ARG B 166 23.19 3.73 26.06
CA ARG B 166 22.80 4.41 27.29
C ARG B 166 22.04 3.51 28.27
N ASP B 167 22.47 3.62 29.51
CA ASP B 167 21.78 3.01 30.65
C ASP B 167 21.11 1.67 30.45
N SER B 168 22.03 0.72 30.43
CA SER B 168 21.87 -0.61 29.90
C SER B 168 22.91 -1.51 30.60
N SER B 169 22.84 -2.81 30.30
CA SER B 169 23.88 -3.77 30.70
C SER B 169 24.30 -4.60 29.47
N VAL B 170 25.60 -4.83 29.30
CA VAL B 170 26.06 -5.71 28.21
C VAL B 170 27.00 -6.78 28.77
N GLY B 171 27.04 -7.92 28.10
CA GLY B 171 27.91 -9.00 28.56
C GLY B 171 29.34 -8.81 28.11
N GLY B 172 29.57 -7.87 27.20
CA GLY B 172 30.85 -7.61 26.57
C GLY B 172 30.64 -6.78 25.32
N TRP B 173 31.70 -6.17 24.83
CA TRP B 173 31.66 -5.30 23.66
C TRP B 173 32.86 -5.65 22.76
N GLY B 174 32.58 -6.06 21.53
CA GLY B 174 33.60 -6.65 20.70
C GLY B 174 34.67 -5.69 20.22
N ASN B 175 34.28 -4.48 19.83
CA ASN B 175 35.23 -3.59 19.21
C ASN B 175 34.67 -2.22 18.99
N GLY B 176 35.60 -1.28 18.77
CA GLY B 176 35.26 0.06 18.37
C GLY B 176 35.99 0.42 17.10
N VAL B 177 35.32 1.23 16.28
CA VAL B 177 35.73 1.54 14.92
C VAL B 177 36.20 3.01 14.87
N TRP B 178 35.28 3.97 14.82
CA TRP B 178 35.61 5.39 15.00
C TRP B 178 35.16 6.05 16.32
N ASN B 179 33.99 5.69 16.84
CA ASN B 179 33.44 6.39 18.02
C ASN B 179 32.34 5.63 18.75
N MET B 180 32.70 4.72 19.64
CA MET B 180 31.72 4.01 20.47
C MET B 180 31.69 4.74 21.81
N THR B 181 30.51 5.29 22.14
CA THR B 181 30.26 6.02 23.37
C THR B 181 29.25 5.30 24.24
N PHE B 182 29.49 5.31 25.55
CA PHE B 182 28.66 4.63 26.52
C PHE B 182 28.40 5.61 27.66
N SER B 183 27.16 5.70 28.16
CA SER B 183 26.90 6.40 29.40
C SER B 183 25.96 5.56 30.26
N GLY B 184 26.41 5.28 31.47
CA GLY B 184 25.64 4.43 32.36
C GLY B 184 25.48 2.99 31.93
N VAL B 185 26.47 2.42 31.26
CA VAL B 185 26.34 1.06 30.74
C VAL B 185 27.16 0.09 31.60
N GLU B 186 26.45 -0.77 32.33
CA GLU B 186 27.15 -1.83 33.08
C GLU B 186 27.77 -2.80 32.09
N GLY B 187 29.08 -2.97 32.15
CA GLY B 187 29.76 -3.88 31.25
C GLY B 187 30.46 -3.22 30.08
N ALA B 188 30.31 -1.90 29.90
CA ALA B 188 31.03 -1.23 28.81
C ALA B 188 32.55 -1.35 29.01
N PRO B 189 33.32 -1.34 27.93
CA PRO B 189 34.77 -1.30 28.21
C PRO B 189 35.17 0.07 28.74
N ALA B 190 36.21 0.13 29.56
CA ALA B 190 36.58 1.42 30.12
C ALA B 190 37.09 2.35 29.04
N GLN B 191 37.07 3.61 29.44
CA GLN B 191 37.57 4.74 28.68
C GLN B 191 38.96 4.44 28.17
N SER B 192 39.17 4.57 26.85
CA SER B 192 40.51 4.43 26.28
C SER B 192 40.77 5.19 25.02
N PHE B 193 39.89 6.15 24.70
CA PHE B 193 39.98 6.82 23.38
C PHE B 193 41.41 7.29 23.29
N PRO B 194 42.06 7.07 22.15
CA PRO B 194 41.61 6.41 20.90
C PRO B 194 41.74 4.86 20.78
N GLU B 195 42.21 4.13 21.80
CA GLU B 195 42.53 2.68 21.67
C GLU B 195 41.80 1.63 22.55
N PRO B 196 40.81 1.02 21.98
CA PRO B 196 39.98 1.43 20.86
C PRO B 196 39.36 2.79 21.19
N PRO B 197 38.63 3.34 20.25
CA PRO B 197 38.03 4.66 20.50
C PRO B 197 36.69 4.54 21.30
N TYR B 198 36.83 4.15 22.57
CA TYR B 198 35.73 4.06 23.52
C TYR B 198 35.70 5.29 24.41
N THR B 199 34.54 5.96 24.42
CA THR B 199 34.27 7.07 25.33
C THR B 199 33.25 6.56 26.35
N THR B 200 33.65 6.54 27.61
CA THR B 200 32.89 5.85 28.65
C THR B 200 32.63 6.74 29.86
N LEU B 201 31.35 7.00 30.11
CA LEU B 201 30.85 7.75 31.25
C LEU B 201 30.12 6.76 32.12
N GLU B 202 30.50 6.72 33.40
CA GLU B 202 29.95 5.71 34.30
C GLU B 202 28.45 6.00 34.59
N THR B 203 27.97 7.22 34.45
CA THR B 203 26.52 7.49 34.52
C THR B 203 26.08 8.54 33.51
N THR B 204 24.78 8.55 33.16
CA THR B 204 24.15 9.62 32.36
C THR B 204 23.59 10.69 33.28
N PRO B 205 23.93 11.98 33.04
CA PRO B 205 23.59 13.00 34.06
C PRO B 205 22.09 13.10 34.33
N VAL B 206 21.27 13.02 33.28
CA VAL B 206 19.87 12.65 33.50
C VAL B 206 19.30 11.91 32.30
N SER B 207 18.28 11.14 32.57
CA SER B 207 17.57 10.44 31.51
C SER B 207 16.16 10.10 31.96
N ARG B 208 15.30 9.89 30.98
CA ARG B 208 13.92 9.55 31.26
C ARG B 208 13.45 8.73 30.08
N GLU B 209 12.98 7.53 30.37
CA GLU B 209 12.78 6.59 29.30
C GLU B 209 11.53 6.88 28.50
N LYS B 210 11.59 6.46 27.24
CA LYS B 210 10.52 6.68 26.26
C LYS B 210 9.18 6.22 26.85
N PRO B 211 8.13 7.04 26.75
CA PRO B 211 6.82 6.44 27.05
C PRO B 211 6.45 5.37 26.03
N PHE B 212 5.67 4.36 26.43
CA PHE B 212 5.31 3.32 25.49
C PHE B 212 3.92 2.75 25.81
N LEU B 213 3.24 2.31 24.75
CA LEU B 213 1.97 1.63 24.82
C LEU B 213 2.14 0.23 25.42
N TYR B 214 1.23 -0.13 26.32
CA TYR B 214 1.18 -1.51 26.80
C TYR B 214 -0.25 -1.89 27.21
N LEU B 215 -0.43 -3.18 27.45
CA LEU B 215 -1.72 -3.70 27.92
C LEU B 215 -1.72 -4.09 29.46
N ASP B 216 -2.95 -4.18 29.99
CA ASP B 216 -3.17 -4.59 31.40
C ASP B 216 -4.56 -5.22 31.49
N GLY B 217 -4.54 -6.55 31.60
CA GLY B 217 -5.71 -7.33 31.33
C GLY B 217 -6.05 -7.07 29.88
N ASP B 218 -7.26 -6.60 29.63
CA ASP B 218 -7.54 -6.04 28.31
C ASP B 218 -7.42 -4.53 28.18
N ASP B 219 -6.85 -3.83 29.17
CA ASP B 219 -6.72 -2.35 29.03
C ASP B 219 -5.42 -1.76 28.46
N TYR B 220 -5.55 -1.12 27.31
CA TYR B 220 -4.41 -0.33 26.82
C TYR B 220 -4.18 0.87 27.73
N LYS B 221 -2.89 1.17 27.91
CA LYS B 221 -2.40 2.30 28.69
C LYS B 221 -1.08 2.71 28.06
N VAL B 222 -0.61 3.89 28.46
CA VAL B 222 0.72 4.34 28.09
C VAL B 222 1.53 4.54 29.38
N PHE B 223 2.59 3.75 29.51
CA PHE B 223 3.53 3.88 30.60
C PHE B 223 4.43 5.07 30.40
N VAL B 224 4.56 5.91 31.41
CA VAL B 224 5.36 7.14 31.34
C VAL B 224 6.41 7.06 32.45
N PRO B 225 7.63 6.62 32.10
CA PRO B 225 8.72 6.48 33.08
C PRO B 225 9.11 7.75 33.83
N ALA B 226 9.65 7.52 35.02
CA ALA B 226 10.09 8.58 35.89
C ALA B 226 11.52 8.90 35.50
N LYS B 227 11.97 10.10 35.81
CA LYS B 227 13.34 10.45 35.43
C LYS B 227 14.30 9.98 36.47
N ARG B 228 15.49 9.63 35.98
CA ARG B 228 16.64 9.31 36.78
C ARG B 228 17.69 10.38 36.54
N THR B 229 18.34 10.84 37.59
CA THR B 229 19.63 11.51 37.45
C THR B 229 20.78 10.53 37.66
N ASN B 230 21.97 10.84 37.11
CA ASN B 230 23.15 9.99 37.24
C ASN B 230 22.80 8.51 37.12
N ALA B 231 22.05 8.23 36.05
CA ALA B 231 21.49 6.92 35.79
C ALA B 231 22.59 5.95 35.41
N ARG B 232 22.36 4.69 35.76
CA ARG B 232 23.22 3.56 35.38
C ARG B 232 22.40 2.27 35.29
N GLY B 233 22.62 1.49 34.23
CA GLY B 233 21.90 0.24 34.04
C GLY B 233 20.45 0.43 33.64
N THR B 234 19.70 -0.66 33.50
CA THR B 234 18.31 -0.55 33.08
C THR B 234 17.44 -0.04 34.23
N SER B 235 16.21 0.28 33.87
CA SER B 235 15.22 0.88 34.74
C SER B 235 14.21 -0.17 35.24
N TRP B 236 14.32 -1.35 34.67
CA TRP B 236 13.34 -2.43 34.86
C TRP B 236 14.04 -3.71 35.33
N GLY B 237 15.37 -3.74 35.35
CA GLY B 237 16.07 -5.00 35.62
C GLY B 237 15.93 -5.65 36.98
N ASN B 238 16.60 -5.11 38.00
CA ASN B 238 16.40 -5.71 39.31
C ASN B 238 14.88 -5.71 39.65
N GLY B 239 14.25 -4.52 39.64
CA GLY B 239 12.95 -4.34 40.28
C GLY B 239 11.75 -3.87 39.44
N THR B 240 11.01 -2.91 39.98
CA THR B 240 9.71 -2.50 39.44
C THR B 240 9.57 -1.04 38.97
N PRO B 241 9.12 -0.84 37.73
CA PRO B 241 9.53 0.47 37.17
C PRO B 241 8.93 1.85 37.68
N GLU B 242 9.77 2.81 37.98
CA GLU B 242 9.25 4.16 38.33
C GLU B 242 8.42 4.81 37.23
N GLY B 243 7.15 5.21 37.47
CA GLY B 243 6.36 5.85 36.41
C GLY B 243 4.83 5.95 36.55
N GLU B 244 4.11 6.49 35.54
CA GLU B 244 2.61 6.42 35.50
C GLU B 244 2.00 5.79 34.25
N SER B 245 0.84 5.17 34.48
CA SER B 245 0.06 4.34 33.55
C SER B 245 -1.18 5.15 33.13
N LEU B 246 -1.13 5.87 32.01
CA LEU B 246 -2.29 6.65 31.62
C LEU B 246 -3.13 5.88 30.63
N PRO B 247 -4.43 5.74 30.95
CA PRO B 247 -5.20 4.89 30.07
C PRO B 247 -5.46 5.54 28.74
N LEU B 248 -5.78 4.70 27.77
CA LEU B 248 -5.92 5.14 26.39
C LEU B 248 -6.97 6.22 26.22
N ASP B 249 -8.03 6.21 27.05
CA ASP B 249 -9.11 7.15 26.78
C ASP B 249 -8.74 8.56 27.25
N GLN B 250 -7.53 8.71 27.81
CA GLN B 250 -6.93 10.02 28.13
C GLN B 250 -6.06 10.50 26.92
N PHE B 251 -6.20 9.82 25.79
CA PHE B 251 -5.49 10.21 24.55
C PHE B 251 -6.47 10.51 23.43
N TYR B 252 -6.15 11.48 22.59
CA TYR B 252 -6.80 11.60 21.28
C TYR B 252 -6.02 10.71 20.32
N VAL B 253 -6.68 9.73 19.73
CA VAL B 253 -6.06 8.86 18.73
C VAL B 253 -6.17 9.61 17.42
N VAL B 254 -5.01 10.05 16.96
CA VAL B 254 -4.86 10.72 15.68
C VAL B 254 -4.84 9.59 14.66
N LYS B 255 -5.51 9.78 13.54
CA LYS B 255 -5.68 8.71 12.57
C LYS B 255 -6.21 9.36 11.29
N PRO B 256 -5.50 9.21 10.09
CA PRO B 256 -5.82 9.89 8.80
C PRO B 256 -7.15 10.55 8.73
N GLY B 257 -7.08 11.78 8.25
CA GLY B 257 -7.98 12.79 8.72
C GLY B 257 -7.41 13.10 10.09
N ALA B 258 -7.68 14.31 10.54
CA ALA B 258 -7.17 14.96 11.75
C ALA B 258 -6.48 16.19 11.24
N THR B 259 -6.96 17.33 11.68
CA THR B 259 -6.34 18.59 11.34
C THR B 259 -5.59 19.12 12.56
N ALA B 260 -4.64 20.04 12.34
CA ALA B 260 -4.10 20.84 13.43
C ALA B 260 -5.19 21.22 14.42
N GLU B 261 -6.04 22.17 13.98
CA GLU B 261 -7.19 22.61 14.73
C GLU B 261 -7.74 21.57 15.71
N THR B 262 -8.14 20.42 15.19
CA THR B 262 -8.63 19.40 16.13
C THR B 262 -7.54 18.76 16.99
N ILE B 263 -6.33 18.58 16.47
CA ILE B 263 -5.25 18.06 17.33
C ILE B 263 -5.05 19.03 18.44
N ASN B 264 -5.00 20.27 18.07
CA ASN B 264 -4.82 21.35 19.05
C ASN B 264 -5.96 21.48 20.04
N ALA B 265 -7.18 21.29 19.57
CA ALA B 265 -8.33 21.31 20.47
C ALA B 265 -8.23 20.14 21.42
N ALA B 266 -7.74 19.00 20.95
CA ALA B 266 -7.56 17.87 21.85
C ALA B 266 -6.65 18.25 23.02
N VAL B 267 -5.52 18.88 22.72
CA VAL B 267 -4.58 19.17 23.78
C VAL B 267 -5.12 20.24 24.71
N ASP B 268 -5.66 21.31 24.14
CA ASP B 268 -6.12 22.46 24.96
C ASP B 268 -7.23 22.02 25.92
N GLN B 269 -7.87 20.90 25.57
CA GLN B 269 -8.94 20.33 26.39
C GLN B 269 -8.43 19.31 27.44
N GLY B 270 -7.17 18.90 27.31
CA GLY B 270 -6.59 18.02 28.33
C GLY B 270 -6.20 16.62 27.89
N LEU B 271 -6.42 16.30 26.62
CA LEU B 271 -6.04 14.98 26.11
C LEU B 271 -4.58 14.94 25.65
N HIS B 272 -3.97 13.80 25.88
CA HIS B 272 -2.69 13.51 25.27
C HIS B 272 -2.89 13.10 23.83
N LEU B 273 -1.78 12.87 23.13
CA LEU B 273 -1.83 12.56 21.70
C LEU B 273 -1.12 11.24 21.40
N LEU B 274 -1.81 10.37 20.69
CA LEU B 274 -1.24 9.11 20.22
C LEU B 274 -1.40 9.11 18.73
N PHE B 275 -0.30 9.25 18.03
CA PHE B 275 -0.31 9.28 16.58
C PHE B 275 -0.24 7.86 16.03
N THR B 276 -1.33 7.38 15.44
CA THR B 276 -1.31 6.07 14.82
C THR B 276 -0.48 6.13 13.56
N PRO B 277 0.08 4.98 13.11
CA PRO B 277 1.00 5.07 11.99
C PRO B 277 0.36 5.60 10.73
N GLY B 278 0.98 6.65 10.20
CA GLY B 278 0.46 7.33 9.04
C GLY B 278 1.28 8.57 8.78
N VAL B 279 0.84 9.33 7.78
CA VAL B 279 1.46 10.57 7.36
C VAL B 279 0.39 11.63 7.44
N TYR B 280 0.67 12.66 8.24
CA TYR B 280 -0.29 13.70 8.61
C TYR B 280 0.15 15.08 8.11
N HIS B 281 -0.60 15.66 7.16
CA HIS B 281 -0.29 17.02 6.74
C HIS B 281 -1.01 18.02 7.68
N VAL B 282 -0.33 19.10 8.05
CA VAL B 282 -0.96 20.17 8.81
C VAL B 282 -0.65 21.48 8.08
N ASP B 283 -1.57 22.45 8.07
CA ASP B 283 -1.18 23.79 7.60
C ASP B 283 -1.36 24.79 8.72
N GLN B 284 -1.25 24.31 9.95
CA GLN B 284 -1.08 25.10 11.14
C GLN B 284 -0.15 24.28 12.03
N PRO B 285 0.70 24.95 12.79
CA PRO B 285 1.52 24.19 13.75
C PRO B 285 0.69 23.41 14.79
N ILE B 286 1.14 22.21 15.11
CA ILE B 286 0.65 21.49 16.27
C ILE B 286 1.22 22.19 17.47
N GLU B 287 0.33 22.58 18.37
CA GLU B 287 0.68 23.43 19.52
C GLU B 287 0.44 22.65 20.80
N ILE B 288 1.49 22.45 21.56
CA ILE B 288 1.37 21.82 22.87
C ILE B 288 1.76 22.83 23.97
N ASP B 289 0.72 23.36 24.61
CA ASP B 289 0.84 24.40 25.65
C ASP B 289 0.15 23.94 26.93
N ARG B 290 0.32 22.66 27.24
CA ARG B 290 -0.19 22.09 28.47
C ARG B 290 0.84 21.17 29.12
N ALA B 291 1.11 21.44 30.40
CA ALA B 291 2.15 20.72 31.10
C ALA B 291 1.88 19.22 31.11
N ASN B 292 2.96 18.45 31.02
CA ASN B 292 2.89 16.99 31.14
C ASN B 292 2.20 16.24 29.98
N THR B 293 1.98 16.94 28.89
CA THR B 293 1.38 16.33 27.69
C THR B 293 2.34 15.35 27.05
N VAL B 294 1.82 14.16 26.78
CA VAL B 294 2.52 13.11 26.03
C VAL B 294 2.04 13.11 24.57
N ALA B 295 2.99 13.18 23.64
CA ALA B 295 2.74 13.10 22.20
C ALA B 295 3.56 11.95 21.66
N LEU B 296 2.92 10.80 21.57
CA LEU B 296 3.59 9.53 21.27
C LEU B 296 3.18 9.01 19.88
N GLY B 297 4.17 8.80 18.99
CA GLY B 297 3.90 8.23 17.68
C GLY B 297 4.19 6.75 17.66
N LEU B 298 3.37 6.02 16.91
CA LEU B 298 3.59 4.62 16.61
C LEU B 298 3.97 4.44 15.14
N GLY B 299 4.75 3.40 14.85
CA GLY B 299 5.01 3.01 13.48
C GLY B 299 5.54 4.15 12.60
N LEU B 300 6.40 5.02 13.14
CA LEU B 300 7.08 6.05 12.34
C LEU B 300 6.07 7.09 11.79
N ALA B 301 5.04 7.31 12.59
CA ALA B 301 4.10 8.40 12.36
C ALA B 301 4.84 9.68 11.97
N THR B 302 4.34 10.33 10.92
CA THR B 302 5.08 11.41 10.27
C THR B 302 4.19 12.64 10.14
N ILE B 303 4.76 13.82 10.38
CA ILE B 303 4.06 15.08 10.27
C ILE B 303 4.73 15.87 9.16
N ILE B 304 3.93 16.39 8.24
CA ILE B 304 4.42 17.21 7.15
C ILE B 304 3.73 18.57 7.21
N PRO B 305 4.50 19.64 7.48
CA PRO B 305 3.90 20.96 7.48
C PRO B 305 3.74 21.53 6.07
N ASP B 306 2.53 22.00 5.75
CA ASP B 306 2.25 22.61 4.48
C ASP B 306 2.35 24.10 4.63
N ASN B 307 2.37 24.83 3.50
CA ASN B 307 2.23 26.29 3.52
C ASN B 307 3.41 26.99 4.23
N GLY B 308 4.51 26.29 4.41
CA GLY B 308 5.68 26.82 5.08
C GLY B 308 5.56 26.97 6.58
N VAL B 309 4.56 26.35 7.18
CA VAL B 309 4.36 26.50 8.61
C VAL B 309 5.35 25.65 9.40
N THR B 310 5.44 25.95 10.70
CA THR B 310 6.17 25.09 11.61
C THR B 310 5.30 23.88 11.93
N ALA B 311 5.90 22.70 12.04
CA ALA B 311 5.12 21.48 12.30
C ALA B 311 4.80 21.40 13.77
N LEU B 312 5.77 21.82 14.57
CA LEU B 312 5.76 21.53 15.98
C LEU B 312 6.17 22.65 16.90
N LYS B 313 5.23 23.07 17.78
CA LYS B 313 5.49 24.20 18.70
C LYS B 313 5.12 23.78 20.11
N VAL B 314 6.10 23.65 21.00
CA VAL B 314 5.84 23.30 22.41
C VAL B 314 5.96 24.57 23.25
N GLY B 315 4.99 24.78 24.13
CA GLY B 315 4.96 25.98 24.93
C GLY B 315 5.88 25.94 26.13
N ASP B 316 5.82 27.01 26.95
CA ASP B 316 6.71 27.19 28.10
C ASP B 316 6.14 26.49 29.34
N VAL B 317 6.15 25.17 29.28
CA VAL B 317 5.51 24.34 30.28
C VAL B 317 6.43 23.14 30.63
N ASP B 318 6.22 22.61 31.82
CA ASP B 318 6.95 21.47 32.34
C ASP B 318 6.50 20.16 31.63
N GLY B 319 7.40 19.18 31.49
CA GLY B 319 7.00 17.81 31.36
C GLY B 319 6.42 17.26 30.06
N VAL B 320 6.52 18.00 28.98
CA VAL B 320 5.99 17.56 27.72
C VAL B 320 6.93 16.49 27.18
N LYS B 321 6.35 15.40 26.72
CA LYS B 321 7.11 14.26 26.20
C LYS B 321 6.70 14.02 24.76
N VAL B 322 7.62 14.34 23.88
CA VAL B 322 7.41 14.10 22.46
C VAL B 322 8.25 12.89 22.14
N ALA B 323 7.67 11.97 21.40
CA ALA B 323 8.31 10.66 21.26
C ALA B 323 7.88 9.93 19.99
N GLY B 324 8.86 9.49 19.23
CA GLY B 324 8.61 8.60 18.10
C GLY B 324 7.94 9.16 16.89
N LEU B 325 8.26 10.41 16.55
CA LEU B 325 7.72 11.09 15.35
C LEU B 325 8.79 11.49 14.35
N LEU B 326 8.43 11.42 13.07
CA LEU B 326 9.27 11.89 11.97
C LEU B 326 8.65 13.14 11.35
N VAL B 327 9.30 14.28 11.51
CA VAL B 327 8.83 15.51 10.87
C VAL B 327 9.54 15.66 9.51
N ASP B 328 8.77 15.65 8.41
CA ASP B 328 9.29 15.67 7.02
C ASP B 328 8.95 17.04 6.41
N ALA B 329 9.95 17.81 6.01
CA ALA B 329 9.68 19.13 5.43
C ALA B 329 8.81 19.04 4.19
N GLY B 330 8.00 20.06 3.97
CA GLY B 330 7.27 20.21 2.71
C GLY B 330 8.09 21.01 1.72
N PRO B 331 7.65 21.02 0.44
CA PRO B 331 8.39 21.74 -0.61
C PRO B 331 8.49 23.25 -0.38
N VAL B 332 7.48 23.82 0.28
CA VAL B 332 7.57 25.23 0.68
C VAL B 332 8.45 25.37 1.91
N ASN B 333 9.40 26.28 1.83
CA ASN B 333 10.32 26.53 2.97
C ASN B 333 9.61 26.81 4.26
N SER B 334 9.92 26.00 5.28
CA SER B 334 9.52 26.31 6.64
C SER B 334 10.64 27.02 7.36
N GLU B 335 10.27 28.10 7.99
CA GLU B 335 11.15 28.86 8.84
C GLU B 335 11.83 28.02 9.92
N THR B 336 11.00 27.29 10.63
CA THR B 336 11.43 26.29 11.58
C THR B 336 10.53 25.08 11.44
N LEU B 337 11.02 23.86 11.76
CA LEU B 337 10.14 22.70 11.76
C LEU B 337 9.62 22.31 13.15
N VAL B 338 10.45 22.46 14.18
CA VAL B 338 10.11 22.10 15.56
C VAL B 338 10.69 23.16 16.48
N GLU B 339 9.82 23.72 17.33
CA GLU B 339 10.27 24.66 18.36
C GLU B 339 9.92 24.11 19.72
N VAL B 340 10.91 24.11 20.61
CA VAL B 340 10.69 23.65 21.97
C VAL B 340 10.84 24.87 22.85
N GLY B 341 9.70 25.41 23.26
CA GLY B 341 9.66 26.69 23.92
C GLY B 341 9.46 27.78 22.89
N SER B 342 8.94 28.91 23.37
CA SER B 342 8.79 30.09 22.52
C SER B 342 10.10 30.85 22.49
N ASP B 343 10.32 31.69 21.48
CA ASP B 343 11.34 32.69 21.61
C ASP B 343 10.93 33.92 22.45
N GLY B 344 11.60 34.03 23.60
CA GLY B 344 11.19 34.83 24.74
C GLY B 344 10.67 34.04 25.93
N ALA B 345 11.60 33.39 26.64
CA ALA B 345 11.28 32.45 27.71
C ALA B 345 12.59 32.21 28.43
N SER B 346 12.54 32.00 29.75
CA SER B 346 13.73 31.73 30.53
C SER B 346 13.42 31.06 31.86
N GLY B 347 12.19 30.57 31.98
CA GLY B 347 11.84 29.83 33.18
C GLY B 347 12.58 28.52 33.29
N ASP B 348 12.65 27.96 34.49
CA ASP B 348 13.30 26.68 34.71
C ASP B 348 12.33 25.49 34.83
N HIS B 349 12.75 24.33 34.30
CA HIS B 349 11.92 23.11 34.24
C HIS B 349 12.72 21.93 34.81
N ALA B 350 13.33 22.15 35.98
CA ALA B 350 14.36 21.26 36.51
C ALA B 350 13.85 19.91 36.91
N ALA B 351 12.82 19.94 37.73
CA ALA B 351 12.25 18.76 38.32
C ALA B 351 11.61 17.90 37.20
N ASN B 352 11.00 18.57 36.25
CA ASN B 352 10.16 17.94 35.24
C ASN B 352 10.34 18.55 33.83
N PRO B 353 11.45 18.16 33.18
CA PRO B 353 11.80 18.75 31.89
C PRO B 353 10.87 18.30 30.77
N THR B 354 10.90 19.05 29.67
CA THR B 354 10.38 18.60 28.38
C THR B 354 11.44 17.79 27.68
N SER B 355 11.01 16.74 27.00
CA SER B 355 11.93 15.91 26.26
C SER B 355 11.39 15.56 24.89
N LEU B 356 12.30 15.45 23.93
CA LEU B 356 12.01 14.85 22.65
C LEU B 356 12.86 13.58 22.58
N GLN B 357 12.28 12.50 22.10
CA GLN B 357 12.94 11.20 22.06
C GLN B 357 12.51 10.51 20.80
N ASP B 358 13.47 9.98 20.07
CA ASP B 358 13.16 9.39 18.76
C ASP B 358 12.33 10.37 17.91
N VAL B 359 12.79 11.62 17.89
CA VAL B 359 12.26 12.62 16.96
C VAL B 359 13.25 12.72 15.81
N PHE B 360 12.76 12.46 14.62
CA PHE B 360 13.58 12.48 13.45
C PHE B 360 13.09 13.56 12.52
N VAL B 361 14.01 14.23 11.85
CA VAL B 361 13.64 15.28 10.89
C VAL B 361 14.27 14.96 9.58
N ARG B 362 13.48 15.08 8.52
CA ARG B 362 13.98 14.84 7.16
C ARG B 362 13.68 16.07 6.31
N ILE B 363 14.66 16.53 5.55
CA ILE B 363 14.48 17.60 4.60
C ILE B 363 14.80 17.08 3.22
N GLY B 364 13.78 16.85 2.40
CA GLY B 364 13.99 16.31 1.07
C GLY B 364 14.13 14.81 1.07
N GLY B 365 14.25 14.22 -0.11
CA GLY B 365 14.46 12.79 -0.21
C GLY B 365 13.21 12.04 -0.67
N ALA B 366 12.08 12.35 -0.05
CA ALA B 366 10.79 11.78 -0.49
C ALA B 366 10.08 12.80 -1.38
N GLY B 367 10.91 13.61 -2.03
CA GLY B 367 10.43 14.70 -2.83
C GLY B 367 10.97 15.98 -2.25
N PRO B 368 10.80 17.10 -2.95
CA PRO B 368 11.51 18.31 -2.60
C PRO B 368 11.04 18.83 -1.26
N GLY B 369 11.98 19.29 -0.45
CA GLY B 369 11.68 19.79 0.87
C GLY B 369 12.72 20.84 1.28
N LYS B 370 12.28 21.88 1.99
CA LYS B 370 13.18 22.92 2.52
C LYS B 370 12.76 23.45 3.88
N ALA B 371 13.74 23.75 4.72
CA ALA B 371 13.54 24.50 5.97
C ALA B 371 14.78 25.25 6.36
N THR B 372 14.61 26.40 7.01
CA THR B 372 15.76 27.22 7.37
C THR B 372 16.48 26.64 8.59
N THR B 373 15.72 26.34 9.65
CA THR B 373 16.24 25.77 10.88
C THR B 373 15.32 24.67 11.41
N SER B 374 15.84 23.45 11.55
CA SER B 374 14.94 22.32 11.75
C SER B 374 14.38 22.27 13.17
N ILE B 375 15.27 22.28 14.14
CA ILE B 375 14.84 22.26 15.54
C ILE B 375 15.48 23.39 16.32
N VAL B 376 14.61 24.18 16.96
CA VAL B 376 15.06 25.22 17.88
C VAL B 376 14.66 24.84 19.26
N VAL B 377 15.65 24.77 20.13
CA VAL B 377 15.40 24.40 21.52
C VAL B 377 15.61 25.63 22.37
N ASN B 378 14.51 26.18 22.85
CA ASN B 378 14.53 27.38 23.69
C ASN B 378 14.46 27.05 25.18
N SER B 379 13.57 26.15 25.53
CA SER B 379 13.28 25.83 26.93
C SER B 379 14.46 25.28 27.72
N ASN B 380 14.72 25.89 28.88
CA ASN B 380 15.74 25.41 29.78
C ASN B 380 15.44 24.00 30.25
N ASP B 381 16.50 23.23 30.46
CA ASP B 381 16.46 21.89 31.04
C ASP B 381 15.92 20.77 30.10
N THR B 382 15.66 21.16 28.86
CA THR B 382 15.17 20.22 27.83
C THR B 382 16.16 19.08 27.59
N ILE B 383 15.59 17.90 27.35
CA ILE B 383 16.37 16.71 27.02
C ILE B 383 16.05 16.26 25.58
N ILE B 384 17.07 16.11 24.73
CA ILE B 384 16.90 15.47 23.44
C ILE B 384 17.65 14.17 23.58
N ASP B 385 16.90 13.08 23.54
CA ASP B 385 17.43 11.74 23.77
C ASP B 385 17.10 10.94 22.53
N HIS B 386 18.08 10.89 21.64
CA HIS B 386 17.97 10.27 20.32
C HIS B 386 17.23 11.11 19.30
N THR B 387 18.02 11.82 18.51
CA THR B 387 17.48 12.55 17.37
C THR B 387 18.36 12.37 16.14
N TRP B 388 17.73 12.24 14.97
CA TRP B 388 18.41 12.33 13.67
C TRP B 388 17.75 13.45 12.89
N VAL B 389 18.56 14.46 12.57
CA VAL B 389 18.10 15.65 11.88
C VAL B 389 18.92 15.64 10.60
N TRP B 390 18.25 15.36 9.50
CA TRP B 390 18.88 14.90 8.26
C TRP B 390 18.39 15.66 7.05
N ARG B 391 19.26 16.45 6.44
CA ARG B 391 18.99 17.02 5.13
C ARG B 391 19.36 15.95 4.14
N ALA B 392 18.41 15.49 3.35
CA ALA B 392 18.62 14.32 2.54
C ALA B 392 19.81 14.48 1.58
N ASP B 393 20.67 13.46 1.53
CA ASP B 393 21.77 13.41 0.57
C ASP B 393 21.47 12.55 -0.66
N HIS B 394 20.34 11.86 -0.68
CA HIS B 394 19.96 10.99 -1.78
C HIS B 394 18.45 10.89 -1.76
N GLY B 395 17.89 10.26 -2.78
CA GLY B 395 16.44 10.16 -2.91
C GLY B 395 15.95 11.21 -3.89
N GLU B 396 14.66 11.51 -3.88
CA GLU B 396 14.15 12.54 -4.75
C GLU B 396 14.09 13.92 -4.05
N GLY B 397 14.25 14.98 -4.84
CA GLY B 397 14.04 16.33 -4.36
C GLY B 397 15.25 16.85 -3.62
N VAL B 398 16.43 16.40 -4.06
CA VAL B 398 17.70 16.70 -3.41
C VAL B 398 18.62 17.52 -4.35
N GLY B 399 19.32 18.48 -3.73
CA GLY B 399 20.23 19.39 -4.42
C GLY B 399 20.61 20.54 -3.50
N TRP B 400 21.85 21.00 -3.67
CA TRP B 400 22.38 22.15 -2.93
C TRP B 400 21.31 23.19 -2.65
N GLU B 401 20.59 23.57 -3.71
CA GLU B 401 19.44 24.49 -3.67
C GLU B 401 18.06 23.83 -3.48
N THR B 402 17.74 22.84 -4.31
CA THR B 402 16.39 22.24 -4.29
C THR B 402 15.92 21.76 -2.91
N ASN B 403 16.82 21.19 -2.11
CA ASN B 403 16.51 20.88 -0.73
C ASN B 403 17.43 21.56 0.25
N ARG B 404 17.73 22.83 -0.02
CA ARG B 404 18.56 23.63 0.89
C ARG B 404 17.95 23.65 2.30
N ALA B 405 18.83 23.54 3.27
CA ALA B 405 18.45 23.64 4.68
C ALA B 405 19.66 24.13 5.40
N ASP B 406 19.64 25.38 5.83
CA ASP B 406 20.88 25.99 6.33
C ASP B 406 21.32 25.43 7.67
N TYR B 407 20.35 25.30 8.57
CA TYR B 407 20.63 25.00 9.97
C TYR B 407 19.87 23.80 10.50
N GLY B 408 20.55 22.95 11.23
CA GLY B 408 19.95 21.73 11.76
C GLY B 408 19.28 22.00 13.10
N VAL B 409 20.11 22.05 14.12
CA VAL B 409 19.60 22.26 15.49
C VAL B 409 20.25 23.49 16.07
N HIS B 410 19.42 24.33 16.71
CA HIS B 410 19.90 25.51 17.42
C HIS B 410 19.42 25.44 18.85
N VAL B 411 20.35 25.31 19.77
CA VAL B 411 20.01 25.26 21.20
C VAL B 411 20.28 26.61 21.83
N LYS B 412 19.21 27.27 22.26
CA LYS B 412 19.30 28.64 22.82
C LYS B 412 19.18 28.70 24.32
N GLY B 413 18.56 27.66 24.90
CA GLY B 413 18.31 27.59 26.33
C GLY B 413 19.46 26.98 27.11
N ASP B 414 19.35 27.10 28.45
CA ASP B 414 20.35 26.67 29.37
C ASP B 414 20.04 25.27 29.97
N ASN B 415 21.09 24.60 30.41
CA ASN B 415 21.01 23.25 31.00
C ASN B 415 20.37 22.21 30.07
N VAL B 416 20.52 22.41 28.77
CA VAL B 416 20.02 21.42 27.79
C VAL B 416 20.98 20.23 27.64
N LEU B 417 20.40 19.03 27.58
CA LEU B 417 21.20 17.79 27.49
C LEU B 417 20.76 17.07 26.24
N ALA B 418 21.72 16.79 25.37
CA ALA B 418 21.53 15.91 24.24
C ALA B 418 22.29 14.60 24.44
N THR B 419 21.57 13.49 24.33
CA THR B 419 22.16 12.16 24.41
C THR B 419 21.81 11.41 23.11
N GLY B 420 22.81 11.16 22.28
CA GLY B 420 22.60 10.49 20.99
C GLY B 420 22.14 11.43 19.91
N LEU B 421 22.98 12.42 19.63
CA LEU B 421 22.69 13.49 18.65
C LEU B 421 23.30 13.16 17.27
N PHE B 422 22.44 12.98 16.26
CA PHE B 422 22.85 12.69 14.88
C PHE B 422 22.31 13.82 14.00
N VAL B 423 23.17 14.59 13.35
CA VAL B 423 22.73 15.72 12.54
C VAL B 423 23.62 15.82 11.29
N GLU B 424 23.02 15.77 10.11
CA GLU B 424 23.83 15.68 8.88
C GLU B 424 23.36 16.51 7.68
N HIS B 425 24.38 17.03 6.99
CA HIS B 425 24.32 17.57 5.64
C HIS B 425 23.72 18.96 5.43
N PHE B 426 23.64 19.77 6.49
CA PHE B 426 23.11 21.11 6.35
C PHE B 426 24.04 22.04 5.55
N ASN B 427 23.47 23.01 4.82
CA ASN B 427 24.29 23.95 4.06
C ASN B 427 25.21 24.80 4.92
N LYS B 428 24.76 25.09 6.13
CA LYS B 428 25.53 25.91 7.08
C LYS B 428 25.74 25.10 8.36
N TYR B 429 25.58 25.68 9.55
CA TYR B 429 25.92 24.97 10.78
C TYR B 429 24.94 23.87 11.12
N ASP B 430 25.39 22.64 11.25
CA ASP B 430 24.47 21.54 11.53
C ASP B 430 23.91 21.74 12.92
N VAL B 431 24.81 22.02 13.86
CA VAL B 431 24.45 22.30 15.23
C VAL B 431 25.10 23.58 15.71
N GLN B 432 24.27 24.43 16.30
CA GLN B 432 24.73 25.67 16.94
C GLN B 432 24.20 25.75 18.35
N TRP B 433 25.06 26.01 19.32
CA TRP B 433 24.68 26.06 20.72
C TRP B 433 25.04 27.43 21.26
N SER B 434 24.01 28.14 21.72
CA SER B 434 24.15 29.47 22.30
C SER B 434 23.75 29.56 23.76
N GLY B 435 23.04 28.55 24.27
CA GLY B 435 22.68 28.49 25.67
C GLY B 435 23.84 28.08 26.55
N GLU B 436 23.63 28.21 27.86
CA GLU B 436 24.61 27.89 28.88
C GLU B 436 24.49 26.48 29.43
N ASN B 437 25.63 25.96 29.91
CA ASN B 437 25.71 24.62 30.53
C ASN B 437 25.11 23.54 29.68
N GLY B 438 25.27 23.65 28.37
CA GLY B 438 24.87 22.57 27.49
C GLY B 438 25.80 21.36 27.65
N LYS B 439 25.24 20.16 27.46
CA LYS B 439 26.03 18.92 27.44
C LYS B 439 25.55 18.08 26.25
N THR B 440 26.50 17.53 25.50
CA THR B 440 26.22 16.52 24.46
C THR B 440 27.04 15.26 24.75
N ILE B 441 26.32 14.15 24.89
CA ILE B 441 26.95 12.84 24.97
C ILE B 441 26.62 12.10 23.68
N PHE B 442 27.66 11.96 22.87
CA PHE B 442 27.64 11.33 21.53
C PHE B 442 27.07 12.23 20.44
N TYR B 443 27.91 12.54 19.44
CA TYR B 443 27.49 13.28 18.24
C TYR B 443 28.04 12.60 17.00
N GLN B 444 27.15 12.37 16.03
CA GLN B 444 27.55 11.97 14.67
C GLN B 444 27.03 12.97 13.64
N ASN B 445 27.99 13.52 12.91
CA ASN B 445 27.73 14.41 11.78
C ASN B 445 28.41 13.93 10.49
N ALA B 446 27.76 14.21 9.36
CA ALA B 446 28.40 14.22 8.04
C ALA B 446 28.02 15.51 7.36
N LYS B 447 29.04 16.22 6.86
CA LYS B 447 28.87 17.49 6.17
C LYS B 447 28.25 17.33 4.78
N ALA B 448 27.49 18.33 4.37
CA ALA B 448 26.83 18.35 3.06
C ALA B 448 27.76 17.81 1.94
N TYR B 449 27.27 16.99 1.03
CA TYR B 449 28.10 16.49 -0.12
C TYR B 449 28.17 17.49 -1.30
N ASP B 450 27.08 18.22 -1.53
CA ASP B 450 26.86 18.94 -2.81
C ASP B 450 27.22 20.42 -2.86
N ALA B 451 28.06 20.87 -1.93
CA ALA B 451 28.54 22.23 -1.99
C ALA B 451 29.25 22.31 -3.33
N PRO B 452 28.96 23.39 -4.09
CA PRO B 452 29.44 23.59 -5.47
C PRO B 452 30.94 23.71 -5.62
N ASP B 453 31.50 24.26 -4.57
CA ASP B 453 32.82 24.84 -4.61
C ASP B 453 33.07 25.48 -3.24
N GLN B 454 34.29 25.93 -3.04
CA GLN B 454 34.72 26.51 -1.81
C GLN B 454 33.93 27.78 -1.46
N ALA B 455 33.71 28.61 -2.48
CA ALA B 455 33.04 29.90 -2.34
C ALA B 455 31.69 29.70 -1.69
N ALA B 456 30.99 28.70 -2.17
CA ALA B 456 29.62 28.45 -1.75
C ALA B 456 29.49 28.16 -0.25
N ILE B 457 30.57 27.73 0.42
CA ILE B 457 30.52 27.46 1.85
C ILE B 457 31.44 28.41 2.62
N GLN B 458 31.76 29.55 2.01
CA GLN B 458 32.66 30.47 2.67
C GLN B 458 31.84 31.07 3.81
N ASN B 459 32.16 30.61 5.00
CA ASN B 459 31.54 31.02 6.27
C ASN B 459 32.33 32.27 6.71
N GLY B 460 32.36 33.26 5.81
CA GLY B 460 33.08 34.50 6.04
C GLY B 460 34.58 34.30 5.92
N ASP B 461 35.33 34.44 7.03
CA ASP B 461 36.78 34.19 6.96
C ASP B 461 37.25 32.78 7.39
N ILE B 462 36.29 31.88 7.53
CA ILE B 462 36.52 30.46 7.79
C ILE B 462 36.04 29.64 6.58
N LYS B 463 36.81 28.63 6.22
CA LYS B 463 36.40 27.71 5.18
C LYS B 463 35.32 26.77 5.73
N GLY B 464 34.09 27.00 5.32
CA GLY B 464 32.98 26.11 5.65
C GLY B 464 32.44 26.41 7.04
N TYR B 465 31.35 25.73 7.36
CA TYR B 465 30.63 25.88 8.64
C TYR B 465 30.88 24.68 9.53
N ALA B 466 31.22 24.91 10.80
CA ALA B 466 31.38 23.79 11.72
C ALA B 466 30.12 22.91 11.79
N ALA B 467 30.32 21.61 11.97
CA ALA B 467 29.24 20.71 12.29
C ALA B 467 28.61 21.01 13.65
N TYR B 468 29.40 21.57 14.55
CA TYR B 468 28.98 21.82 15.92
C TYR B 468 29.72 23.04 16.39
N LYS B 469 28.96 24.15 16.52
CA LYS B 469 29.47 25.45 16.89
C LYS B 469 28.90 25.90 18.20
N VAL B 470 29.77 26.10 19.18
CA VAL B 470 29.34 26.71 20.42
C VAL B 470 29.70 28.15 20.33
N ASP B 471 28.80 29.10 20.54
CA ASP B 471 29.40 30.41 20.15
C ASP B 471 30.05 31.16 21.33
N ASP B 472 30.58 32.31 20.98
CA ASP B 472 31.65 33.05 21.65
C ASP B 472 31.20 33.47 23.07
N SER B 473 29.94 33.81 23.27
CA SER B 473 29.59 34.33 24.60
C SER B 473 29.33 33.26 25.64
N VAL B 474 29.39 31.99 25.25
CA VAL B 474 29.03 30.93 26.17
C VAL B 474 30.01 30.96 27.35
N THR B 475 29.72 30.24 28.43
CA THR B 475 30.62 30.16 29.57
C THR B 475 30.96 28.72 30.05
N THR B 476 30.00 27.82 29.90
CA THR B 476 30.18 26.45 30.33
C THR B 476 29.54 25.61 29.22
N HIS B 477 30.23 24.58 28.74
CA HIS B 477 29.66 23.63 27.77
C HIS B 477 30.53 22.37 27.88
N GLU B 478 29.97 21.19 27.62
CA GLU B 478 30.79 19.99 27.63
C GLU B 478 30.23 18.99 26.63
N GLY B 479 31.10 18.38 25.84
CA GLY B 479 30.68 17.39 24.87
C GLY B 479 31.63 16.18 24.92
N TRP B 480 31.08 14.99 24.71
CA TRP B 480 31.86 13.76 24.75
C TRP B 480 31.54 12.89 23.53
N GLY B 481 32.58 12.39 22.84
CA GLY B 481 32.33 11.36 21.84
C GLY B 481 31.70 11.86 20.57
N MET B 482 32.45 12.72 19.87
CA MET B 482 31.87 13.49 18.82
C MET B 482 32.67 13.43 17.52
N GLY B 483 31.97 13.14 16.42
CA GLY B 483 32.62 13.08 15.11
C GLY B 483 31.87 13.75 13.98
N SER B 484 32.66 14.30 13.05
CA SER B 484 32.16 14.89 11.82
C SER B 484 32.92 14.30 10.60
N TYR B 485 32.18 13.86 9.60
CA TYR B 485 32.77 13.22 8.41
C TYR B 485 32.44 14.03 7.15
N CYS B 486 33.33 13.98 6.15
CA CYS B 486 33.05 14.60 4.83
C CYS B 486 33.20 13.63 3.64
N TYR B 487 32.26 13.66 2.69
CA TYR B 487 32.34 13.03 1.31
C TYR B 487 31.88 14.19 0.38
N PHE B 488 32.83 15.08 0.05
CA PHE B 488 32.55 16.23 -0.83
C PHE B 488 32.66 15.73 -2.25
N ASN B 489 31.58 15.11 -2.68
CA ASN B 489 31.63 14.12 -3.75
C ASN B 489 31.30 14.80 -5.05
N VAL B 490 30.68 15.97 -4.94
CA VAL B 490 30.54 16.89 -6.05
C VAL B 490 31.87 17.50 -6.38
N ASN B 491 32.53 18.07 -5.36
CA ASN B 491 33.75 18.82 -5.57
C ASN B 491 34.79 18.44 -4.55
N PRO B 492 35.54 17.37 -4.87
CA PRO B 492 36.54 16.80 -3.94
C PRO B 492 37.69 17.73 -3.67
N ASP B 493 37.75 18.86 -4.39
CA ASP B 493 38.78 19.89 -4.24
C ASP B 493 38.56 20.70 -2.91
N ILE B 494 37.35 20.61 -2.33
CA ILE B 494 36.98 21.41 -1.16
C ILE B 494 37.73 21.10 0.14
N ARG B 495 37.82 22.13 0.96
CA ARG B 495 38.42 22.06 2.29
C ARG B 495 37.43 22.55 3.36
N GLN B 496 37.32 21.76 4.44
CA GLN B 496 36.52 22.07 5.61
C GLN B 496 37.49 22.46 6.72
N GLN B 497 37.41 23.69 7.20
CA GLN B 497 38.44 24.14 8.19
C GLN B 497 38.40 23.28 9.45
N HIS B 498 37.20 22.94 9.91
CA HIS B 498 37.07 22.17 11.15
C HIS B 498 35.70 21.53 11.30
N GLY B 499 35.64 20.53 12.18
CA GLY B 499 34.39 19.88 12.54
C GLY B 499 33.65 20.65 13.62
N PHE B 500 34.45 21.25 14.50
CA PHE B 500 33.99 21.87 15.73
C PHE B 500 34.55 23.28 15.89
N GLN B 501 33.75 24.16 16.46
CA GLN B 501 34.12 25.54 16.75
C GLN B 501 33.60 25.97 18.13
N ALA B 502 34.49 26.50 18.96
CA ALA B 502 34.18 26.83 20.35
C ALA B 502 35.16 27.81 20.95
N PRO B 503 34.71 28.56 21.98
CA PRO B 503 35.66 29.43 22.65
C PRO B 503 36.57 28.71 23.61
N VAL B 504 37.72 29.30 23.87
CA VAL B 504 38.69 28.71 24.79
C VAL B 504 38.50 29.34 26.20
N LYS B 505 37.82 28.61 27.07
CA LYS B 505 37.38 29.06 28.36
C LYS B 505 37.45 27.89 29.31
N PRO B 506 37.76 28.15 30.60
CA PRO B 506 37.84 27.08 31.61
C PRO B 506 36.60 26.19 31.69
N GLY B 507 35.44 26.74 31.36
CA GLY B 507 34.20 26.03 31.55
C GLY B 507 33.72 25.33 30.28
N VAL B 508 34.41 25.54 29.15
CA VAL B 508 34.12 24.82 27.88
C VAL B 508 35.12 23.68 27.70
N LYS B 509 34.63 22.45 27.65
CA LYS B 509 35.50 21.27 27.57
C LYS B 509 34.92 20.23 26.59
N PHE B 510 35.77 19.72 25.72
CA PHE B 510 35.40 18.60 24.85
C PHE B 510 36.29 17.38 25.10
N HIS B 511 35.70 16.20 24.97
CA HIS B 511 36.38 14.93 25.14
C HIS B 511 36.17 14.08 23.92
N ASP B 512 37.27 13.58 23.32
CA ASP B 512 37.23 12.56 22.30
C ASP B 512 36.50 13.09 21.09
N LEU B 513 37.24 13.87 20.32
CA LEU B 513 36.73 14.46 19.08
C LEU B 513 37.47 13.84 17.90
N LEU B 514 36.75 13.63 16.80
CA LEU B 514 37.35 13.16 15.58
C LEU B 514 36.76 13.86 14.36
N VAL B 515 37.58 13.97 13.33
CA VAL B 515 37.04 14.21 11.99
C VAL B 515 37.61 13.24 10.97
N VAL B 516 36.84 13.00 9.90
CA VAL B 516 37.18 11.94 8.96
C VAL B 516 36.79 12.34 7.54
N SER B 517 37.73 12.23 6.61
CA SER B 517 37.43 12.34 5.18
C SER B 517 37.07 10.97 4.62
N LEU B 518 35.90 10.85 4.06
CA LEU B 518 35.46 9.58 3.52
C LEU B 518 36.01 9.42 2.07
N GLY B 519 37.19 8.83 1.88
CA GLY B 519 37.62 8.58 0.53
C GLY B 519 38.35 9.73 -0.15
N GLY B 520 38.97 10.65 0.62
CA GLY B 520 39.65 11.81 0.05
C GLY B 520 38.74 12.77 -0.65
N LYS B 521 37.45 12.64 -0.38
CA LYS B 521 36.50 13.54 -0.96
C LYS B 521 36.40 14.78 -0.11
N GLY B 522 37.31 15.69 -0.42
CA GLY B 522 37.61 16.81 0.42
C GLY B 522 38.47 16.38 1.58
N GLN B 523 38.93 17.38 2.34
CA GLN B 523 39.68 17.16 3.55
C GLN B 523 39.34 18.22 4.60
N TYR B 524 39.52 17.83 5.87
CA TYR B 524 39.49 18.78 7.00
C TYR B 524 40.85 19.44 7.18
N GLU B 525 40.93 20.73 7.53
CA GLU B 525 42.23 21.37 7.85
C GLU B 525 42.63 21.14 9.31
N HIS B 526 41.63 21.00 10.16
CA HIS B 526 41.80 20.79 11.61
C HIS B 526 40.58 20.05 12.16
N VAL B 527 40.65 19.73 13.44
CA VAL B 527 39.53 19.09 14.15
C VAL B 527 38.56 20.10 14.79
N ILE B 528 39.10 20.99 15.61
CA ILE B 528 38.32 22.02 16.30
C ILE B 528 39.09 23.34 16.26
N ASN B 529 38.44 24.46 15.93
CA ASN B 529 39.14 25.72 15.74
C ASN B 529 40.35 25.44 14.84
N ASP B 530 41.59 25.67 15.31
CA ASP B 530 42.81 25.35 14.52
C ASP B 530 43.65 24.24 15.11
N ILE B 531 42.98 23.36 15.83
CA ILE B 531 43.66 22.40 16.64
C ILE B 531 43.56 20.99 16.05
N GLY B 532 44.68 20.29 16.18
CA GLY B 532 44.78 18.89 15.77
C GLY B 532 44.89 18.79 14.25
N ASP B 533 45.38 17.67 13.78
CA ASP B 533 45.84 17.55 12.41
C ASP B 533 44.76 17.65 11.33
N PRO B 534 45.16 18.12 10.12
CA PRO B 534 44.29 17.94 8.96
C PRO B 534 44.15 16.46 8.68
N THR B 535 43.09 16.08 7.96
CA THR B 535 42.99 14.74 7.41
C THR B 535 43.75 14.69 6.10
N SER B 536 44.43 13.57 5.84
CA SER B 536 45.18 13.42 4.59
C SER B 536 45.00 12.04 3.99
N GLY B 537 45.42 11.90 2.74
CA GLY B 537 45.31 10.65 2.02
C GLY B 537 43.88 10.37 1.59
N ASP B 538 43.66 9.15 1.11
CA ASP B 538 42.33 8.71 0.65
C ASP B 538 41.83 7.43 1.28
N THR B 539 42.45 7.00 2.37
CA THR B 539 42.19 5.69 2.99
C THR B 539 41.45 5.81 4.36
N THR B 540 40.80 6.95 4.56
CA THR B 540 39.88 7.24 5.70
C THR B 540 40.35 6.85 7.12
N ILE B 541 41.41 7.56 7.47
CA ILE B 541 42.04 7.59 8.79
C ILE B 541 41.58 8.84 9.55
N PRO B 542 40.97 8.66 10.74
CA PRO B 542 40.45 9.82 11.46
C PRO B 542 41.56 10.69 12.00
N SER B 543 41.30 11.98 12.13
CA SER B 543 42.16 12.88 12.88
C SER B 543 41.45 13.21 14.17
N GLN B 544 42.17 13.15 15.28
CA GLN B 544 41.51 13.14 16.58
C GLN B 544 42.12 14.14 17.55
N VAL B 545 41.25 14.62 18.45
CA VAL B 545 41.64 15.44 19.61
C VAL B 545 41.04 14.79 20.88
N VAL B 546 41.91 14.33 21.80
CA VAL B 546 41.43 13.65 23.00
C VAL B 546 40.71 14.62 23.93
N SER B 547 41.39 15.72 24.21
CA SER B 547 40.87 16.77 25.09
C SER B 547 41.07 18.13 24.47
N PHE B 548 40.03 18.96 24.56
CA PHE B 548 40.13 20.34 24.18
C PHE B 548 39.37 21.13 25.25
N PRO B 549 39.93 22.27 25.70
CA PRO B 549 41.20 22.86 25.24
C PRO B 549 42.33 22.39 26.16
C2 BGC C . 1.39 -27.72 -25.58
C3 BGC C . 1.25 -26.89 -24.41
C4 BGC C . 0.60 -27.59 -23.25
C5 BGC C . 1.17 -29.00 -23.09
C6 BGC C . 0.47 -29.81 -22.06
C1 BGC C . 1.97 -29.07 -25.26
O1 BGC C . 2.03 -29.80 -26.34
O2 BGC C . 2.28 -27.13 -26.54
O3 BGC C . 0.57 -25.61 -24.78
O4 BGC C . 0.79 -26.90 -22.06
O5 BGC C . 1.10 -29.72 -24.30
O6 BGC C . 1.03 -31.11 -21.92
C2 BGC C . 0.62 -23.25 -24.94
C3 BGC C . 1.27 -21.99 -24.49
C4 BGC C . 1.54 -21.95 -23.06
C5 BGC C . 2.15 -23.28 -22.62
C6 BGC C . 2.34 -23.36 -21.17
C1 BGC C . 1.30 -24.50 -24.44
O2 BGC C . 0.48 -23.31 -26.35
O3 BGC C . 0.31 -20.91 -24.85
O4 BGC C . 2.42 -20.87 -22.70
O5 BGC C . 1.34 -24.41 -23.01
O6 BGC C . 2.88 -24.59 -20.69
C2 BGC C . -0.13 -18.76 -25.81
C3 BGC C . 0.45 -17.64 -26.59
C4 BGC C . 1.64 -17.13 -25.93
C5 BGC C . 2.63 -18.26 -25.78
C6 BGC C . 3.87 -17.72 -25.17
C1 BGC C . 0.89 -19.88 -25.61
O2 BGC C . -1.26 -19.30 -26.49
O3 BGC C . -0.53 -16.54 -26.56
O4 BGC C . 2.28 -16.04 -26.60
O5 BGC C . 2.02 -19.27 -24.93
O6 BGC C . 4.22 -18.38 -24.00
C2 BGC C . -2.04 -15.12 -27.75
C3 BGC C . -2.31 -14.42 -29.06
C4 BGC C . -1.04 -13.91 -29.71
C5 BGC C . -0.02 -15.05 -29.78
C6 BGC C . 1.29 -14.67 -30.47
C1 BGC C . -0.93 -16.14 -27.84
O2 BGC C . -3.22 -15.77 -27.26
O3 BGC C . -3.17 -13.31 -28.75
O4 BGC C . -1.27 -13.45 -30.99
O5 BGC C . 0.24 -15.53 -28.44
O6 BGC C . 2.02 -15.78 -30.99
C2 BGC C . -5.33 -12.23 -28.87
C3 BGC C . -6.40 -11.69 -29.76
C4 BGC C . -5.81 -11.10 -30.97
C5 BGC C . -4.84 -12.04 -31.64
C6 BGC C . -4.16 -11.35 -32.81
C1 BGC C . -4.28 -13.09 -29.57
O2 BGC C . -5.92 -13.01 -27.88
O3 BGC C . -7.10 -10.59 -29.02
O4 BGC C . -6.82 -10.66 -31.85
O5 BGC C . -3.78 -12.36 -30.73
O6 BGC C . -3.12 -12.08 -33.44
C2 BGC C . -9.12 -9.70 -28.21
C3 BGC C . -10.58 -9.68 -28.45
C4 BGC C . -10.93 -9.93 -29.83
C5 BGC C . -10.35 -11.29 -30.25
C6 BGC C . -10.54 -11.74 -31.68
C1 BGC C . -8.44 -10.93 -28.80
O2 BGC C . -8.82 -9.64 -26.82
O3 BGC C . -11.02 -8.33 -28.13
O4 BGC C . -12.37 -9.84 -30.05
O5 BGC C . -8.91 -11.21 -30.13
O6 BGC C . -11.37 -11.06 -32.57
C2 BGC D . -5.60 -32.96 -30.26
C3 BGC D . -5.98 -32.23 -31.44
C4 BGC D . -4.88 -31.30 -31.84
C5 BGC D . -3.50 -31.94 -31.90
C6 BGC D . -2.46 -30.87 -31.95
C1 BGC D . -4.33 -33.74 -30.45
O1 BGC D . -4.01 -34.34 -29.30
O2 BGC D . -6.68 -33.80 -29.80
O3 BGC D . -7.28 -31.58 -31.11
O4 BGC D . -5.09 -30.67 -33.09
O5 BGC D . -3.23 -32.85 -30.84
O6 BGC D . -2.88 -29.53 -31.90
C2 BGC D . -9.24 -30.35 -31.65
C3 BGC D . -9.93 -29.40 -32.57
C4 BGC D . -9.05 -28.28 -33.01
C5 BGC D . -7.55 -28.61 -33.19
C6 BGC D . -6.66 -27.46 -33.07
C1 BGC D . -7.82 -30.79 -32.07
O2 BGC D . -10.06 -31.49 -31.36
O3 BGC D . -11.19 -28.97 -31.99
O4 BGC D . -9.52 -27.83 -34.27
O5 BGC D . -6.98 -29.61 -32.30
O6 BGC D . -5.32 -27.68 -33.36
C2 BGC D . -13.00 -29.87 -30.70
C3 BGC D . -14.23 -30.71 -30.78
C4 BGC D . -15.05 -30.47 -31.97
C5 BGC D . -14.25 -30.53 -33.28
C6 BGC D . -15.08 -30.06 -34.44
C1 BGC D . -12.20 -29.91 -31.98
O2 BGC D . -12.19 -30.25 -29.60
O3 BGC D . -15.05 -30.46 -29.59
O4 BGC D . -16.15 -31.37 -32.06
O5 BGC D . -13.01 -29.76 -33.18
O6 BGC D . -15.70 -28.84 -34.33
C2 BGC D . -15.70 -31.41 -27.46
C3 BGC D . -16.40 -32.56 -26.84
C4 BGC D . -17.68 -32.83 -27.55
C5 BGC D . -17.36 -33.12 -29.00
C6 BGC D . -18.51 -33.43 -29.89
C1 BGC D . -15.47 -31.61 -28.94
O2 BGC D . -14.45 -31.09 -26.81
O3 BGC D . -16.66 -32.28 -25.45
O4 BGC D . -18.41 -33.94 -26.98
O5 BGC D . -16.75 -31.95 -29.55
O6 BGC D . -19.59 -32.55 -29.88
C2 BGC D . -15.28 -32.12 -23.45
C3 BGC D . -14.54 -32.89 -22.45
C4 BGC D . -15.28 -34.02 -21.84
C5 BGC D . -15.93 -34.82 -22.93
C6 BGC D . -16.92 -35.83 -22.45
C1 BGC D . -15.85 -32.99 -24.55
O2 BGC D . -14.39 -31.22 -24.14
O3 BGC D . -13.93 -32.04 -21.46
O4 BGC D . -14.35 -34.90 -21.15
O5 BGC D . -16.61 -34.03 -23.91
O6 BGC D . -17.18 -36.83 -23.42
C2 BGC E . 35.64 -8.99 8.30
C3 BGC E . 35.81 -8.16 9.48
C4 BGC E . 35.25 -8.78 10.71
C5 BGC E . 35.69 -10.25 10.85
C6 BGC E . 34.88 -10.91 11.90
C1 BGC E . 36.16 -10.40 8.50
O1 BGC E . 35.93 -11.11 7.42
O2 BGC E . 36.26 -8.48 7.11
O3 BGC E . 35.12 -6.86 9.21
O4 BGC E . 35.60 -8.10 11.87
O5 BGC E . 35.48 -11.00 9.65
O6 BGC E . 35.38 -12.17 12.30
C2 BGC E . 35.17 -4.51 8.99
C3 BGC E . 35.79 -3.26 9.45
C4 BGC E . 36.14 -3.24 10.86
C5 BGC E . 36.78 -4.55 11.25
C6 BGC E . 37.05 -4.71 12.68
C1 BGC E . 35.88 -5.76 9.46
O2 BGC E . 35.18 -4.49 7.57
O3 BGC E . 34.85 -2.17 9.15
O4 BGC E . 37.06 -2.16 11.20
O5 BGC E . 35.98 -5.69 10.87
O6 BGC E . 36.12 -4.25 13.60
C2 BGC E . 34.42 0.02 8.16
C3 BGC E . 35.02 1.16 7.43
C4 BGC E . 36.15 1.73 8.17
C5 BGC E . 37.05 0.57 8.56
C6 BGC E . 38.31 1.01 9.21
C1 BGC E . 35.43 -1.07 8.51
O2 BGC E . 33.42 -0.60 7.35
O3 BGC E . 33.99 2.19 7.28
O4 BGC E . 36.90 2.66 7.35
O5 BGC E . 36.37 -0.42 9.38
O6 BGC E . 39.23 -0.07 9.25
C2 BGC E . 32.48 3.61 6.08
C3 BGC E . 32.23 4.32 4.78
C4 BGC E . 33.49 4.80 4.12
C5 BGC E . 34.48 3.65 4.07
C6 BGC E . 35.79 4.05 3.41
C1 BGC E . 33.60 2.59 6.02
O2 BGC E . 31.27 2.99 6.52
O3 BGC E . 31.40 5.44 5.15
O4 BGC E . 33.18 5.28 2.83
O5 BGC E . 34.76 3.21 5.41
O6 BGC E . 36.60 2.91 3.10
C2 BGC E . 29.27 6.61 5.09
C3 BGC E . 28.24 7.22 4.22
C4 BGC E . 28.87 7.96 3.10
C5 BGC E . 29.76 7.00 2.32
C6 BGC E . 30.53 7.65 1.21
C1 BGC E . 30.29 5.78 4.34
O2 BGC E . 28.62 5.77 6.03
O3 BGC E . 27.46 8.19 5.03
O4 BGC E . 27.84 8.55 2.33
O5 BGC E . 30.81 6.58 3.22
O6 BGC E . 31.44 6.78 0.54
C2 BGC E . 25.46 9.17 5.65
C3 BGC E . 23.98 9.06 5.57
C4 BGC E . 23.57 8.77 4.20
C5 BGC E . 24.10 7.41 3.78
C6 BGC E . 23.64 7.06 2.39
C1 BGC E . 26.08 7.92 5.12
O2 BGC E . 25.97 9.35 6.96
O3 BGC E . 23.36 10.34 5.92
O4 BGC E . 22.13 8.81 4.04
O5 BGC E . 25.55 7.52 3.84
O6 BGC E . 22.35 6.52 2.20
C2 BGC F . 28.64 -14.03 3.44
C3 BGC F . 28.44 -13.11 2.36
C4 BGC F . 29.67 -12.41 1.92
C5 BGC F . 30.89 -13.33 1.83
C6 BGC F . 32.17 -12.59 1.62
C1 BGC F . 29.83 -14.95 3.24
O1 BGC F . 30.02 -15.74 4.31
O2 BGC F . 27.44 -14.80 3.66
O3 BGC F . 27.37 -12.18 2.79
O4 BGC F . 29.49 -11.74 0.69
O5 BGC F . 31.02 -14.14 2.99
O6 BGC F . 32.54 -11.60 2.55
C2 BGC F . 25.23 -11.38 2.23
C3 BGC F . 24.37 -10.62 1.28
C4 BGC F . 25.09 -9.47 0.67
C5 BGC F . 26.50 -9.83 0.17
C6 BGC F . 27.15 -8.71 -0.51
C1 BGC F . 26.68 -11.63 1.76
O2 BGC F . 24.59 -12.57 2.71
O3 BGC F . 23.16 -10.16 1.94
O4 BGC F . 24.31 -8.89 -0.37
O5 BGC F . 27.34 -10.40 1.20
O6 BGC F . 28.41 -8.99 -1.00
C2 BGC F . 21.35 -11.08 3.25
C3 BGC F . 20.14 -11.95 3.18
C4 BGC F . 19.33 -11.71 1.98
C5 BGC F . 20.17 -11.71 0.70
C6 BGC F . 19.37 -11.30 -0.52
C1 BGC F . 22.16 -11.10 1.96
O2 BGC F . 22.20 -11.43 4.32
O3 BGC F . 19.26 -11.69 4.32
O4 BGC F . 18.33 -12.68 1.87
O5 BGC F . 21.30 -10.83 0.83
O6 BGC F . 19.35 -9.95 -0.78
C2 BGC F . 18.74 -12.57 6.51
C3 BGC F . 18.06 -13.69 7.19
C4 BGC F . 16.76 -14.02 6.54
C5 BGC F . 17.02 -14.34 5.09
C6 BGC F . 15.78 -14.75 4.42
C1 BGC F . 18.87 -12.80 5.02
O2 BGC F . 20.02 -12.27 7.14
O3 BGC F . 17.85 -13.32 8.57
O4 BGC F . 16.09 -15.14 7.16
O5 BGC F . 17.59 -13.21 4.43
O6 BGC F . 14.92 -13.72 4.10
C2 BGC F . 19.27 -13.23 10.53
C3 BGC F . 20.02 -14.06 11.43
C4 BGC F . 19.29 -15.21 11.98
C5 BGC F . 18.55 -15.98 10.93
C6 BGC F . 17.59 -16.96 11.52
C1 BGC F . 18.61 -14.08 9.46
O2 BGC F . 20.17 -12.30 9.87
O3 BGC F . 20.60 -13.28 12.51
O4 BGC F . 20.19 -16.09 12.66
O5 BGC F . 17.79 -15.08 10.11
O6 BGC F . 16.50 -17.35 10.68
C1 EDO G . -4.55 4.26 -29.08
O1 EDO G . -3.61 5.02 -28.35
C2 EDO G . -5.97 4.79 -28.93
O2 EDO G . -6.57 4.54 -27.65
H11 EDO G . -4.26 4.27 -30.13
H12 EDO G . -4.50 3.22 -28.75
HO1 EDO G . -2.73 4.66 -28.50
H21 EDO G . -6.61 4.35 -29.70
H22 EDO G . -5.94 5.88 -29.10
HO2 EDO G . -7.47 4.87 -27.63
C1 EDO H . 30.08 22.99 4.55
O1 EDO H . 30.85 23.56 5.61
C2 EDO H . 28.68 23.60 4.57
O2 EDO H . 27.96 23.13 5.70
H11 EDO H . 30.01 21.91 4.68
H12 EDO H . 30.54 23.20 3.58
HO1 EDO H . 31.70 23.09 5.67
H21 EDO H . 28.13 23.34 3.66
H22 EDO H . 28.77 24.69 4.61
HO2 EDO H . 27.02 23.34 5.60
N GLU A 1 -50.52 -0.62 -12.75
CA GLU A 1 -49.50 -0.97 -11.76
C GLU A 1 -48.58 -2.14 -12.26
N VAL A 2 -48.45 -2.43 -13.54
CA VAL A 2 -47.62 -3.57 -13.91
C VAL A 2 -48.18 -4.85 -13.26
N VAL A 3 -47.52 -5.96 -13.42
CA VAL A 3 -47.78 -7.09 -12.61
C VAL A 3 -46.39 -7.57 -12.37
N GLY A 4 -46.00 -7.72 -11.13
CA GLY A 4 -44.87 -8.61 -10.90
C GLY A 4 -45.20 -10.03 -11.35
N GLY A 5 -44.58 -11.05 -10.73
CA GLY A 5 -45.07 -12.41 -10.82
C GLY A 5 -44.92 -13.20 -12.11
N GLY A 6 -45.32 -14.46 -12.06
CA GLY A 6 -45.62 -15.29 -13.24
C GLY A 6 -44.52 -15.83 -14.15
N ASP A 7 -44.91 -16.15 -15.41
CA ASP A 7 -44.15 -16.99 -16.36
C ASP A 7 -42.85 -16.38 -16.93
N LEU A 8 -41.78 -17.17 -16.99
CA LEU A 8 -40.49 -16.67 -17.44
C LEU A 8 -40.26 -16.82 -18.94
N GLY A 9 -41.24 -17.44 -19.61
CA GLY A 9 -41.32 -17.40 -21.02
C GLY A 9 -40.54 -18.50 -21.73
N PRO A 10 -40.63 -18.50 -23.07
CA PRO A 10 -40.18 -19.60 -23.91
C PRO A 10 -38.65 -19.72 -23.98
N ASN A 11 -37.92 -18.71 -23.50
CA ASN A 11 -36.45 -18.74 -23.63
C ASN A 11 -35.72 -19.23 -22.38
N VAL A 12 -36.48 -19.62 -21.37
CA VAL A 12 -35.93 -20.23 -20.19
C VAL A 12 -36.35 -21.70 -20.23
N LEU A 13 -35.39 -22.56 -20.56
CA LEU A 13 -35.57 -24.02 -20.64
C LEU A 13 -35.33 -24.64 -19.27
N VAL A 14 -36.36 -25.19 -18.65
CA VAL A 14 -36.16 -25.68 -17.30
C VAL A 14 -36.32 -27.19 -17.26
N PHE A 15 -35.38 -27.83 -16.61
CA PHE A 15 -35.23 -29.27 -16.66
C PHE A 15 -35.39 -29.84 -15.28
N ASP A 16 -35.73 -31.12 -15.20
CA ASP A 16 -35.59 -31.82 -13.93
C ASP A 16 -35.08 -33.23 -14.21
N PRO A 17 -34.81 -34.03 -13.16
CA PRO A 17 -34.27 -35.39 -13.33
C PRO A 17 -34.91 -36.20 -14.45
N SER A 18 -36.24 -36.08 -14.49
CA SER A 18 -37.15 -36.90 -15.29
C SER A 18 -37.50 -36.35 -16.66
N THR A 19 -36.99 -35.17 -16.99
CA THR A 19 -37.33 -34.56 -18.27
C THR A 19 -36.75 -35.41 -19.42
N PRO A 20 -37.57 -35.74 -20.43
CA PRO A 20 -37.04 -36.63 -21.48
C PRO A 20 -35.88 -36.01 -22.22
N ASP A 21 -35.26 -36.84 -23.05
CA ASP A 21 -34.00 -36.55 -23.73
C ASP A 21 -33.27 -35.23 -23.42
N ILE A 22 -32.67 -35.16 -22.24
CA ILE A 22 -31.95 -33.94 -21.84
C ILE A 22 -30.83 -33.61 -22.79
N GLN A 23 -30.03 -34.61 -23.14
CA GLN A 23 -28.87 -34.37 -23.96
C GLN A 23 -29.27 -33.81 -25.32
N GLY A 24 -30.38 -34.32 -25.88
CA GLY A 24 -30.84 -33.88 -27.17
C GLY A 24 -31.34 -32.43 -27.13
N LYS A 25 -32.00 -32.05 -26.06
CA LYS A 25 -32.53 -30.68 -25.96
C LYS A 25 -31.41 -29.68 -25.74
N VAL A 26 -30.49 -30.00 -24.84
CA VAL A 26 -29.36 -29.10 -24.63
C VAL A 26 -28.43 -29.13 -25.88
N ASP A 27 -28.23 -30.31 -26.50
CA ASP A 27 -27.55 -30.48 -27.79
C ASP A 27 -28.21 -29.53 -28.78
N GLU A 28 -29.51 -29.52 -28.73
CA GLU A 28 -30.26 -28.84 -29.77
C GLU A 28 -30.01 -27.33 -29.64
N VAL A 29 -30.02 -26.80 -28.43
CA VAL A 29 -29.70 -25.38 -28.26
C VAL A 29 -28.24 -25.10 -28.71
N PHE A 30 -27.33 -26.03 -28.39
CA PHE A 30 -25.91 -25.80 -28.67
C PHE A 30 -25.61 -25.77 -30.16
N ARG A 31 -26.16 -26.70 -30.91
CA ARG A 31 -25.76 -26.79 -32.33
C ARG A 31 -26.24 -25.52 -33.04
N LYS A 32 -27.29 -24.86 -32.51
CA LYS A 32 -27.69 -23.55 -33.04
C LYS A 32 -26.87 -22.36 -32.51
N GLN A 33 -26.54 -22.38 -31.23
CA GLN A 33 -25.84 -21.26 -30.60
C GLN A 33 -24.29 -21.33 -30.75
N GLU A 34 -23.78 -22.48 -31.15
CA GLU A 34 -22.36 -22.73 -31.20
C GLU A 34 -21.52 -21.67 -31.96
N SER A 35 -21.96 -21.27 -33.14
CA SER A 35 -21.22 -20.26 -33.90
C SER A 35 -21.99 -18.97 -34.04
N ASN A 36 -23.06 -18.84 -33.26
CA ASN A 36 -24.00 -17.72 -33.35
C ASN A 36 -23.50 -16.47 -32.65
N GLN A 37 -22.37 -15.96 -33.12
CA GLN A 37 -21.62 -14.95 -32.37
C GLN A 37 -22.43 -13.65 -32.15
N PHE A 38 -23.20 -13.27 -33.17
CA PHE A 38 -23.84 -11.95 -33.21
C PHE A 38 -25.35 -12.02 -33.48
N GLY A 39 -25.97 -13.08 -32.99
CA GLY A 39 -27.41 -13.27 -33.12
C GLY A 39 -28.24 -12.54 -32.06
N THR A 40 -29.55 -12.69 -32.23
CA THR A 40 -30.60 -12.07 -31.48
C THR A 40 -31.02 -13.06 -30.39
N ASP A 41 -30.75 -14.35 -30.64
CA ASP A 41 -31.31 -15.37 -29.79
C ASP A 41 -30.57 -15.56 -28.47
N ARG A 42 -31.34 -15.98 -27.47
CA ARG A 42 -30.92 -16.02 -26.08
C ARG A 42 -31.56 -17.19 -25.37
N TYR A 43 -30.78 -17.88 -24.54
CA TYR A 43 -31.28 -19.01 -23.75
C TYR A 43 -30.69 -19.07 -22.35
N ALA A 44 -31.52 -19.46 -21.40
CA ALA A 44 -31.07 -19.76 -20.06
C ALA A 44 -31.56 -21.16 -19.80
N LEU A 45 -30.65 -21.99 -19.35
CA LEU A 45 -30.93 -23.40 -19.08
C LEU A 45 -30.89 -23.57 -17.54
N MET A 46 -32.02 -23.97 -16.95
CA MET A 46 -32.20 -23.92 -15.53
C MET A 46 -32.41 -25.36 -15.10
N PHE A 47 -31.62 -25.82 -14.13
CA PHE A 47 -31.76 -27.19 -13.62
C PHE A 47 -32.28 -27.21 -12.19
N LYS A 48 -33.45 -27.83 -12.04
CA LYS A 48 -34.06 -28.13 -10.75
C LYS A 48 -33.11 -28.98 -9.89
N PRO A 49 -33.13 -28.80 -8.57
CA PRO A 49 -32.27 -29.61 -7.70
C PRO A 49 -32.38 -31.11 -7.98
N GLY A 50 -31.26 -31.80 -7.83
CA GLY A 50 -31.21 -33.24 -8.00
C GLY A 50 -29.86 -33.68 -8.59
N THR A 51 -29.87 -34.88 -9.17
CA THR A 51 -28.68 -35.50 -9.76
C THR A 51 -29.02 -35.89 -11.18
N TYR A 52 -28.12 -35.51 -12.08
CA TYR A 52 -28.31 -35.63 -13.52
C TYR A 52 -27.20 -36.46 -14.10
N ASN A 53 -27.55 -37.62 -14.66
CA ASN A 53 -26.54 -38.53 -15.20
C ASN A 53 -26.43 -38.47 -16.70
N ASP A 54 -25.25 -38.82 -17.23
CA ASP A 54 -25.05 -38.91 -18.67
C ASP A 54 -25.48 -37.55 -19.28
N ILE A 55 -24.65 -36.56 -19.00
CA ILE A 55 -24.93 -35.17 -19.38
C ILE A 55 -23.61 -34.56 -19.86
N ASN A 56 -23.67 -33.92 -21.03
CA ASN A 56 -22.52 -33.21 -21.61
C ASN A 56 -23.17 -31.96 -22.18
N ALA A 57 -23.32 -30.95 -21.31
CA ALA A 57 -23.94 -29.67 -21.70
C ALA A 57 -22.90 -28.77 -22.32
N GLN A 58 -22.89 -28.72 -23.64
CA GLN A 58 -22.01 -27.83 -24.35
C GLN A 58 -22.74 -26.48 -24.44
N ILE A 59 -21.98 -25.44 -24.15
CA ILE A 59 -22.49 -24.08 -23.97
C ILE A 59 -21.99 -23.19 -25.13
N GLY A 60 -22.90 -22.75 -25.99
CA GLY A 60 -22.57 -21.89 -27.11
C GLY A 60 -22.79 -20.43 -26.72
N PHE A 61 -22.85 -19.56 -27.72
CA PHE A 61 -23.09 -18.15 -27.47
C PHE A 61 -24.45 -17.89 -26.81
N TYR A 62 -24.47 -16.89 -25.95
CA TYR A 62 -25.68 -16.36 -25.34
C TYR A 62 -26.51 -17.45 -24.67
N THR A 63 -25.81 -18.37 -24.05
CA THR A 63 -26.44 -19.43 -23.27
C THR A 63 -25.88 -19.36 -21.86
N SER A 64 -26.77 -19.29 -20.89
CA SER A 64 -26.43 -19.40 -19.49
C SER A 64 -26.95 -20.77 -18.98
N ILE A 65 -26.19 -21.38 -18.11
CA ILE A 65 -26.64 -22.63 -17.48
C ILE A 65 -26.49 -22.48 -15.99
N ALA A 66 -27.50 -22.93 -15.25
CA ALA A 66 -27.44 -22.83 -13.81
C ALA A 66 -28.34 -23.81 -13.08
N GLY A 67 -27.98 -23.99 -11.83
CA GLY A 67 -28.74 -24.82 -10.89
C GLY A 67 -29.66 -23.97 -10.01
N LEU A 68 -30.71 -24.58 -9.46
CA LEU A 68 -31.76 -23.84 -8.74
C LEU A 68 -31.82 -24.25 -7.26
N GLY A 69 -30.81 -25.01 -6.81
CA GLY A 69 -30.74 -25.37 -5.40
C GLY A 69 -30.26 -24.15 -4.64
N LEU A 70 -30.34 -24.21 -3.32
CA LEU A 70 -29.81 -23.14 -2.48
C LEU A 70 -28.30 -23.16 -2.46
N ASN A 71 -27.75 -24.38 -2.50
CA ASN A 71 -26.30 -24.67 -2.55
C ASN A 71 -25.92 -25.19 -3.95
N PRO A 72 -24.68 -24.99 -4.38
CA PRO A 72 -24.36 -25.67 -5.66
C PRO A 72 -24.45 -27.23 -5.61
N ASP A 73 -24.05 -27.83 -4.49
CA ASP A 73 -24.11 -29.31 -4.33
C ASP A 73 -25.55 -29.85 -4.59
N ASP A 74 -26.54 -29.03 -4.29
CA ASP A 74 -27.94 -29.38 -4.52
C ASP A 74 -28.28 -29.83 -5.92
N THR A 75 -27.51 -29.36 -6.90
CA THR A 75 -27.81 -29.63 -8.31
C THR A 75 -26.54 -30.18 -8.93
N THR A 76 -26.51 -31.52 -9.07
CA THR A 76 -25.33 -32.28 -9.41
C THR A 76 -25.36 -32.87 -10.80
N PHE A 77 -24.31 -32.60 -11.57
CA PHE A 77 -24.15 -33.21 -12.91
C PHE A 77 -23.07 -34.31 -12.77
N ASN A 78 -23.43 -35.54 -13.10
CA ASN A 78 -22.46 -36.58 -13.36
C ASN A 78 -22.20 -36.53 -14.83
N GLY A 79 -21.24 -35.67 -15.15
CA GLY A 79 -21.09 -35.12 -16.50
C GLY A 79 -20.51 -33.72 -16.44
N ASP A 80 -20.68 -32.98 -17.54
CA ASP A 80 -19.81 -31.83 -17.84
C ASP A 80 -20.62 -30.61 -18.26
N VAL A 81 -20.07 -29.44 -17.96
CA VAL A 81 -20.60 -28.15 -18.40
C VAL A 81 -19.44 -27.64 -19.26
N THR A 82 -19.59 -27.72 -20.57
CA THR A 82 -18.42 -27.77 -21.48
C THR A 82 -18.39 -26.61 -22.48
N VAL A 83 -17.26 -25.93 -22.60
CA VAL A 83 -17.01 -24.96 -23.68
C VAL A 83 -15.68 -25.26 -24.35
N ASP A 84 -15.73 -25.59 -25.63
CA ASP A 84 -14.57 -25.89 -26.44
C ASP A 84 -14.65 -24.95 -27.66
N ALA A 85 -13.70 -25.11 -28.57
CA ALA A 85 -13.53 -24.16 -29.63
C ALA A 85 -13.76 -24.99 -30.88
N GLY A 86 -13.20 -24.68 -32.01
CA GLY A 86 -13.53 -25.68 -33.03
C GLY A 86 -14.85 -25.58 -33.78
N TRP A 87 -15.75 -24.69 -33.40
CA TRP A 87 -16.39 -23.96 -34.49
C TRP A 87 -15.24 -23.15 -35.13
N PHE A 88 -14.21 -22.88 -34.33
CA PHE A 88 -13.13 -21.96 -34.71
C PHE A 88 -11.73 -22.64 -34.84
N ASP A 89 -11.71 -23.91 -35.29
CA ASP A 89 -10.49 -24.65 -35.59
C ASP A 89 -9.58 -24.57 -34.39
N GLY A 90 -10.16 -24.65 -33.19
CA GLY A 90 -9.35 -24.71 -31.99
C GLY A 90 -8.91 -23.40 -31.36
N ASN A 91 -9.32 -22.27 -31.93
CA ASN A 91 -9.01 -20.96 -31.36
C ASN A 91 -10.17 -20.51 -30.46
N ALA A 92 -9.90 -20.24 -29.16
CA ALA A 92 -10.96 -19.92 -28.21
C ALA A 92 -11.12 -18.42 -27.97
N THR A 93 -10.42 -17.59 -28.74
CA THR A 93 -10.43 -16.14 -28.46
C THR A 93 -11.70 -15.41 -28.85
N GLN A 94 -12.66 -16.14 -29.39
CA GLN A 94 -13.94 -15.51 -29.65
C GLN A 94 -15.12 -16.25 -28.91
N ASN A 95 -14.78 -16.98 -27.83
CA ASN A 95 -15.79 -17.70 -27.05
C ASN A 95 -16.35 -16.84 -25.91
N PHE A 96 -17.23 -15.95 -26.32
CA PHE A 96 -17.81 -14.93 -25.48
C PHE A 96 -19.27 -15.18 -25.04
N TRP A 97 -19.74 -14.37 -24.10
CA TRP A 97 -21.16 -14.17 -23.75
C TRP A 97 -21.87 -15.46 -23.39
N ARG A 98 -21.44 -16.08 -22.30
CA ARG A 98 -22.08 -17.28 -21.80
C ARG A 98 -21.74 -17.43 -20.32
N SER A 99 -22.43 -18.31 -19.59
CA SER A 99 -22.17 -18.37 -18.14
C SER A 99 -22.60 -19.70 -17.54
N ALA A 100 -21.98 -20.01 -16.40
CA ALA A 100 -22.32 -21.20 -15.59
C ALA A 100 -22.36 -20.75 -14.13
N GLU A 101 -23.45 -21.12 -13.43
CA GLU A 101 -23.58 -20.75 -12.01
C GLU A 101 -24.31 -21.84 -11.21
N ASN A 102 -23.90 -22.06 -9.96
CA ASN A 102 -24.72 -22.75 -8.96
C ASN A 102 -24.95 -24.24 -9.29
N LEU A 103 -23.89 -24.89 -9.73
CA LEU A 103 -23.91 -26.32 -10.06
C LEU A 103 -22.72 -27.06 -9.46
N ALA A 104 -22.90 -28.35 -9.17
CA ALA A 104 -21.78 -29.23 -8.87
C ALA A 104 -21.57 -30.12 -10.08
N LEU A 105 -20.32 -30.29 -10.48
CA LEU A 105 -19.95 -31.10 -11.65
C LEU A 105 -19.01 -32.23 -11.23
N ASN A 106 -19.31 -33.40 -11.75
CA ASN A 106 -18.52 -34.64 -11.55
C ASN A 106 -18.13 -35.09 -12.96
N PRO A 107 -17.05 -34.48 -13.52
CA PRO A 107 -16.84 -34.59 -14.97
C PRO A 107 -16.45 -36.01 -15.41
N VAL A 108 -16.83 -36.41 -16.61
CA VAL A 108 -16.67 -37.80 -17.01
C VAL A 108 -15.26 -38.28 -16.88
N ASN A 109 -14.34 -37.48 -17.39
CA ASN A 109 -12.96 -37.93 -17.46
C ASN A 109 -12.19 -37.43 -16.24
N GLY A 110 -12.90 -36.81 -15.31
CA GLY A 110 -12.25 -36.23 -14.14
C GLY A 110 -11.94 -34.74 -14.21
N THR A 111 -11.98 -34.16 -15.40
CA THR A 111 -11.67 -32.73 -15.59
C THR A 111 -12.72 -32.10 -16.46
N ASN A 112 -13.26 -30.97 -16.00
CA ASN A 112 -14.21 -30.21 -16.78
C ASN A 112 -13.47 -29.18 -17.62
N ARG A 113 -13.91 -29.00 -18.86
CA ARG A 113 -13.38 -27.94 -19.67
C ARG A 113 -14.31 -26.77 -19.87
N TRP A 114 -13.75 -25.59 -19.58
CA TRP A 114 -14.40 -24.29 -19.70
C TRP A 114 -13.39 -23.38 -20.43
N ALA A 115 -13.26 -23.61 -21.73
CA ALA A 115 -12.27 -22.90 -22.55
C ALA A 115 -12.89 -21.65 -23.13
N VAL A 116 -12.99 -20.64 -22.30
CA VAL A 116 -13.71 -19.40 -22.62
C VAL A 116 -12.73 -18.23 -22.80
N SER A 117 -13.21 -17.17 -23.46
CA SER A 117 -12.53 -15.89 -23.41
C SER A 117 -13.44 -14.93 -22.64
N GLN A 118 -13.59 -13.68 -23.08
CA GLN A 118 -14.20 -12.65 -22.24
C GLN A 118 -15.72 -12.81 -22.07
N ALA A 119 -16.24 -12.25 -20.97
CA ALA A 119 -17.67 -12.27 -20.66
C ALA A 119 -18.22 -13.68 -20.59
N ALA A 120 -17.50 -14.54 -19.87
CA ALA A 120 -17.94 -15.92 -19.67
C ALA A 120 -17.80 -16.37 -18.21
N PRO A 121 -18.57 -15.75 -17.32
CA PRO A 121 -18.35 -16.00 -15.88
C PRO A 121 -18.69 -17.43 -15.42
N PHE A 122 -17.96 -17.88 -14.38
CA PHE A 122 -18.05 -19.20 -13.78
C PHE A 122 -18.18 -18.90 -12.29
N ARG A 123 -19.42 -18.90 -11.78
CA ARG A 123 -19.72 -18.46 -10.43
C ARG A 123 -20.40 -19.53 -9.58
N ARG A 124 -20.05 -19.60 -8.31
CA ARG A 124 -20.79 -20.47 -7.40
C ARG A 124 -20.86 -21.90 -7.89
N MET A 125 -19.76 -22.36 -8.45
CA MET A 125 -19.63 -23.75 -8.93
C MET A 125 -18.81 -24.66 -8.01
N HIS A 126 -19.16 -25.94 -8.01
CA HIS A 126 -18.33 -26.96 -7.32
C HIS A 126 -17.90 -28.10 -8.21
N VAL A 127 -16.68 -27.98 -8.73
CA VAL A 127 -16.07 -28.99 -9.59
C VAL A 127 -15.37 -30.07 -8.78
N LYS A 128 -15.96 -31.25 -8.76
CA LYS A 128 -15.39 -32.35 -7.99
C LYS A 128 -14.38 -33.05 -8.90
N GLY A 129 -13.25 -32.37 -9.11
CA GLY A 129 -12.32 -32.72 -10.16
C GLY A 129 -11.46 -31.54 -10.55
N GLY A 130 -10.88 -31.65 -11.73
CA GLY A 130 -9.99 -30.62 -12.26
C GLY A 130 -10.75 -29.76 -13.25
N LEU A 131 -10.17 -28.61 -13.61
CA LEU A 131 -10.83 -27.64 -14.48
C LEU A 131 -9.81 -27.20 -15.52
N ASN A 132 -10.05 -27.59 -16.76
CA ASN A 132 -9.16 -27.21 -17.88
C ASN A 132 -9.77 -25.97 -18.55
N LEU A 133 -9.04 -24.87 -18.54
CA LEU A 133 -9.50 -23.62 -19.18
C LEU A 133 -9.04 -23.45 -20.63
N ALA A 134 -8.34 -24.44 -21.17
CA ALA A 134 -7.84 -24.34 -22.56
C ALA A 134 -8.60 -25.20 -23.55
N PRO A 135 -8.79 -24.71 -24.76
CA PRO A 135 -9.40 -25.59 -25.77
C PRO A 135 -8.53 -26.82 -26.08
N ASP A 136 -9.19 -27.82 -26.65
CA ASP A 136 -8.52 -29.03 -27.19
C ASP A 136 -7.47 -28.53 -28.21
N GLY A 137 -6.21 -28.95 -28.01
CA GLY A 137 -5.07 -28.52 -28.83
C GLY A 137 -4.21 -27.44 -28.22
N TYR A 138 -4.78 -26.79 -27.20
CA TYR A 138 -4.13 -25.72 -26.47
C TYR A 138 -4.02 -24.45 -27.32
N GLY A 139 -4.95 -24.28 -28.23
CA GLY A 139 -5.03 -23.07 -29.07
C GLY A 139 -5.24 -21.80 -28.26
N TRP A 140 -5.26 -20.66 -28.94
CA TRP A 140 -5.28 -19.39 -28.27
C TRP A 140 -6.54 -19.20 -27.42
N ALA A 141 -6.35 -18.55 -26.28
CA ALA A 141 -7.48 -18.27 -25.39
C ALA A 141 -7.26 -17.01 -24.58
N SER A 142 -8.33 -16.27 -24.30
CA SER A 142 -8.19 -14.97 -23.60
C SER A 142 -9.35 -14.71 -22.63
N GLY A 143 -9.35 -15.42 -21.51
CA GLY A 143 -10.33 -15.23 -20.45
C GLY A 143 -9.76 -14.40 -19.32
N GLY A 144 -10.28 -14.52 -18.11
CA GLY A 144 -11.44 -15.29 -17.76
C GLY A 144 -11.75 -14.94 -16.29
N TYR A 145 -12.81 -15.54 -15.73
CA TYR A 145 -13.33 -15.07 -14.47
C TYR A 145 -13.99 -16.23 -13.72
N ILE A 146 -13.45 -16.51 -12.55
CA ILE A 146 -14.05 -17.46 -11.63
C ILE A 146 -14.25 -16.77 -10.30
N ALA A 147 -15.43 -16.91 -9.74
CA ALA A 147 -15.73 -16.38 -8.43
C ALA A 147 -16.53 -17.34 -7.60
N ASP A 148 -16.26 -17.29 -6.31
CA ASP A 148 -17.03 -18.03 -5.30
C ASP A 148 -17.20 -19.50 -5.65
N SER A 149 -16.14 -20.10 -6.20
CA SER A 149 -16.17 -21.51 -6.61
C SER A 149 -15.18 -22.38 -5.87
N LYS A 150 -15.46 -23.68 -5.87
CA LYS A 150 -14.54 -24.67 -5.28
C LYS A 150 -14.17 -25.67 -6.34
N ILE A 151 -12.88 -25.71 -6.71
CA ILE A 151 -12.34 -26.71 -7.63
C ILE A 151 -11.61 -27.75 -6.80
N ASP A 152 -12.24 -28.89 -6.55
CA ASP A 152 -11.60 -29.91 -5.72
C ASP A 152 -10.21 -30.28 -6.27
N GLY A 153 -10.08 -30.29 -7.60
CA GLY A 153 -8.80 -30.53 -8.24
C GLY A 153 -7.93 -29.34 -8.65
N GLU A 154 -7.16 -29.54 -9.73
CA GLU A 154 -6.21 -28.56 -10.24
C GLU A 154 -6.90 -27.69 -11.28
N VAL A 155 -6.77 -26.37 -11.17
CA VAL A 155 -7.10 -25.52 -12.32
C VAL A 155 -5.93 -25.43 -13.31
N GLY A 156 -6.14 -25.82 -14.58
CA GLY A 156 -5.11 -25.76 -15.61
C GLY A 156 -5.36 -24.74 -16.72
N PRO A 157 -4.61 -23.64 -16.74
CA PRO A 157 -4.93 -22.65 -17.77
C PRO A 157 -4.28 -22.96 -19.12
N TYR A 158 -3.12 -23.61 -19.09
CA TYR A 158 -2.34 -23.91 -20.28
C TYR A 158 -2.14 -22.63 -21.15
N SER A 159 -2.86 -22.50 -22.25
CA SER A 159 -2.66 -21.38 -23.16
C SER A 159 -3.33 -20.06 -22.73
N GLN A 160 -4.21 -20.10 -21.74
CA GLN A 160 -4.90 -18.86 -21.33
C GLN A 160 -3.89 -17.77 -21.03
N GLN A 161 -4.07 -16.60 -21.68
CA GLN A 161 -3.13 -15.50 -21.47
C GLN A 161 -3.13 -14.97 -20.07
N GLN A 162 -4.35 -14.81 -19.54
CA GLN A 162 -4.55 -14.17 -18.28
C GLN A 162 -5.83 -14.72 -17.64
N TRP A 163 -6.01 -14.45 -16.35
CA TRP A 163 -7.17 -14.95 -15.62
C TRP A 163 -7.33 -14.25 -14.28
N TYR A 164 -8.58 -14.10 -13.85
CA TYR A 164 -8.89 -13.59 -12.52
C TYR A 164 -9.78 -14.57 -11.76
N THR A 165 -9.34 -14.90 -10.55
CA THR A 165 -10.09 -15.75 -9.66
C THR A 165 -10.25 -15.02 -8.35
N ARG A 166 -11.47 -14.98 -7.84
CA ARG A 166 -11.65 -14.42 -6.48
C ARG A 166 -12.54 -15.27 -5.57
N ASP A 167 -12.24 -15.11 -4.28
CA ASP A 167 -13.01 -15.63 -3.17
C ASP A 167 -13.54 -17.05 -3.42
N SER A 168 -12.57 -17.96 -3.52
CA SER A 168 -12.73 -19.29 -4.07
C SER A 168 -11.74 -20.27 -3.41
N SER A 169 -11.88 -21.54 -3.79
CA SER A 169 -11.00 -22.60 -3.30
C SER A 169 -10.52 -23.47 -4.48
N VAL A 170 -9.20 -23.62 -4.64
CA VAL A 170 -8.64 -24.46 -5.70
C VAL A 170 -7.62 -25.47 -5.10
N GLY A 171 -7.77 -26.74 -5.42
CA GLY A 171 -6.78 -27.72 -4.96
C GLY A 171 -5.35 -27.43 -5.43
N GLY A 172 -5.24 -26.62 -6.47
CA GLY A 172 -3.97 -26.35 -7.12
C GLY A 172 -4.16 -25.53 -8.38
N TRP A 173 -3.11 -24.85 -8.77
CA TRP A 173 -3.12 -23.97 -9.95
C TRP A 173 -1.90 -24.23 -10.79
N GLY A 174 -2.11 -24.60 -12.04
CA GLY A 174 -1.03 -25.21 -12.83
C GLY A 174 0.06 -24.32 -13.43
N ASN A 175 -0.32 -23.14 -13.92
CA ASN A 175 0.62 -22.30 -14.68
C ASN A 175 0.09 -20.88 -14.88
N GLY A 176 1.02 -20.00 -15.23
CA GLY A 176 0.68 -18.64 -15.59
C GLY A 176 1.39 -18.27 -16.87
N VAL A 177 0.69 -17.52 -17.72
CA VAL A 177 1.21 -17.11 -19.07
C VAL A 177 1.68 -15.66 -18.98
N TRP A 178 0.76 -14.70 -19.06
CA TRP A 178 1.06 -13.27 -18.83
C TRP A 178 0.53 -12.66 -17.51
N ASN A 179 -0.67 -13.04 -17.06
CA ASN A 179 -1.22 -12.37 -15.87
C ASN A 179 -2.33 -13.16 -15.20
N MET A 180 -1.96 -13.93 -14.17
CA MET A 180 -2.93 -14.74 -13.45
C MET A 180 -3.04 -14.08 -12.06
N THR A 181 -4.18 -13.46 -11.80
CA THR A 181 -4.38 -12.70 -10.56
C THR A 181 -5.38 -13.42 -9.69
N PHE A 182 -5.14 -13.37 -8.39
CA PHE A 182 -5.95 -14.04 -7.41
C PHE A 182 -6.24 -13.11 -6.25
N SER A 183 -7.49 -13.11 -5.78
CA SER A 183 -7.81 -12.41 -4.54
C SER A 183 -8.74 -13.26 -3.69
N GLY A 184 -8.32 -13.54 -2.45
CA GLY A 184 -9.17 -14.35 -1.57
C GLY A 184 -9.33 -15.80 -2.00
N VAL A 185 -8.30 -16.33 -2.64
CA VAL A 185 -8.32 -17.68 -3.15
C VAL A 185 -7.50 -18.65 -2.28
N GLU A 186 -8.21 -19.52 -1.57
CA GLU A 186 -7.61 -20.60 -0.80
C GLU A 186 -6.96 -21.54 -1.80
N GLY A 187 -5.64 -21.71 -1.69
CA GLY A 187 -4.90 -22.62 -2.56
C GLY A 187 -4.28 -21.94 -3.78
N ALA A 188 -4.39 -20.61 -3.84
CA ALA A 188 -3.73 -19.87 -4.91
C ALA A 188 -2.22 -19.99 -4.83
N PRO A 189 -1.53 -19.94 -5.99
CA PRO A 189 -0.07 -19.91 -5.95
C PRO A 189 0.43 -18.60 -5.33
N ALA A 190 1.64 -18.61 -4.80
CA ALA A 190 2.12 -17.43 -4.03
C ALA A 190 2.50 -16.20 -4.91
N GLN A 191 2.35 -14.99 -4.36
CA GLN A 191 2.75 -13.73 -5.01
C GLN A 191 4.19 -13.84 -5.51
N SER A 192 4.39 -13.81 -6.83
CA SER A 192 5.67 -14.17 -7.42
C SER A 192 6.03 -13.44 -8.73
N PHE A 193 5.16 -12.53 -9.15
CA PHE A 193 5.34 -11.80 -10.41
C PHE A 193 6.75 -11.22 -10.45
N PRO A 194 7.43 -11.27 -11.63
CA PRO A 194 6.94 -11.62 -12.97
C PRO A 194 6.99 -13.10 -13.39
N GLU A 195 7.65 -14.01 -12.64
CA GLU A 195 7.86 -15.42 -13.10
C GLU A 195 7.59 -16.49 -12.00
N PRO A 196 6.47 -17.29 -12.10
CA PRO A 196 5.29 -17.03 -12.94
C PRO A 196 4.71 -15.65 -12.68
N PRO A 197 3.90 -15.11 -13.62
CA PRO A 197 3.27 -13.81 -13.39
C PRO A 197 1.99 -13.98 -12.55
N TYR A 198 2.19 -14.44 -11.31
CA TYR A 198 1.09 -14.65 -10.35
C TYR A 198 1.05 -13.45 -9.44
N THR A 199 -0.10 -12.75 -9.45
CA THR A 199 -0.40 -11.63 -8.54
C THR A 199 -1.45 -12.12 -7.53
N THR A 200 -1.09 -12.18 -6.25
CA THR A 200 -1.88 -12.92 -5.26
C THR A 200 -2.11 -12.08 -4.05
N LEU A 201 -3.38 -11.82 -3.76
CA LEU A 201 -3.84 -10.99 -2.67
C LEU A 201 -4.62 -11.85 -1.70
N GLU A 202 -4.52 -11.56 -0.40
CA GLU A 202 -5.03 -12.48 0.59
C GLU A 202 -6.54 -12.47 0.66
N THR A 203 -7.07 -11.27 0.58
CA THR A 203 -8.46 -11.07 0.74
C THR A 203 -8.87 -10.15 -0.41
N THR A 204 -10.16 -10.19 -0.71
CA THR A 204 -10.74 -9.21 -1.60
C THR A 204 -11.31 -8.10 -0.70
N PRO A 205 -10.96 -6.84 -0.98
CA PRO A 205 -11.27 -5.81 0.03
C PRO A 205 -12.77 -5.72 0.39
N VAL A 206 -13.58 -5.85 -0.65
CA VAL A 206 -15.02 -6.06 -0.47
C VAL A 206 -15.52 -6.87 -1.64
N SER A 207 -16.46 -7.77 -1.38
CA SER A 207 -17.20 -8.46 -2.46
C SER A 207 -18.60 -8.73 -2.02
N ARG A 208 -19.47 -8.93 -2.98
CA ARG A 208 -20.85 -9.25 -2.65
C ARG A 208 -21.33 -10.11 -3.80
N GLU A 209 -21.63 -11.37 -3.51
CA GLU A 209 -21.85 -12.32 -4.60
C GLU A 209 -23.12 -11.95 -5.45
N LYS A 210 -23.10 -12.37 -6.70
CA LYS A 210 -24.17 -12.00 -7.62
C LYS A 210 -25.46 -12.66 -7.20
N PRO A 211 -26.56 -11.91 -7.23
CA PRO A 211 -27.86 -12.54 -7.01
C PRO A 211 -28.19 -13.60 -8.03
N PHE A 212 -29.03 -14.55 -7.64
CA PHE A 212 -29.43 -15.64 -8.51
C PHE A 212 -30.79 -16.24 -8.19
N LEU A 213 -31.42 -16.81 -9.20
CA LEU A 213 -32.70 -17.49 -9.06
C LEU A 213 -32.52 -18.84 -8.34
N TYR A 214 -33.41 -19.17 -7.41
CA TYR A 214 -33.54 -20.55 -6.97
C TYR A 214 -34.95 -20.95 -6.68
N LEU A 215 -35.10 -22.26 -6.47
CA LEU A 215 -36.36 -22.86 -6.08
C LEU A 215 -36.40 -23.15 -4.61
N ASP A 216 -37.59 -23.02 -4.06
CA ASP A 216 -37.78 -23.50 -2.73
C ASP A 216 -39.16 -24.11 -2.65
N GLY A 217 -39.16 -25.41 -2.33
CA GLY A 217 -40.29 -26.24 -2.64
C GLY A 217 -40.28 -26.05 -4.12
N ASP A 218 -41.46 -25.85 -4.73
CA ASP A 218 -41.51 -25.59 -6.16
C ASP A 218 -41.57 -24.07 -6.43
N ASP A 219 -41.44 -23.25 -5.38
CA ASP A 219 -41.49 -21.78 -5.50
C ASP A 219 -40.15 -21.13 -5.85
N TYR A 220 -40.17 -20.14 -6.74
CA TYR A 220 -38.93 -19.44 -7.10
C TYR A 220 -38.68 -18.31 -6.13
N LYS A 221 -37.42 -17.92 -6.06
CA LYS A 221 -36.98 -16.74 -5.34
C LYS A 221 -35.70 -16.28 -6.04
N VAL A 222 -35.26 -15.08 -5.65
CA VAL A 222 -33.91 -14.61 -5.92
C VAL A 222 -33.18 -14.47 -4.59
N PHE A 223 -32.00 -15.08 -4.54
CA PHE A 223 -31.04 -15.00 -3.41
C PHE A 223 -30.23 -13.75 -3.65
N VAL A 224 -30.16 -12.89 -2.65
CA VAL A 224 -29.34 -11.70 -2.70
C VAL A 224 -28.24 -11.80 -1.65
N PRO A 225 -27.02 -12.17 -2.08
CA PRO A 225 -25.90 -12.20 -1.12
C PRO A 225 -25.63 -10.85 -0.44
N ALA A 226 -25.47 -10.90 0.87
CA ALA A 226 -24.98 -9.75 1.64
C ALA A 226 -23.50 -9.58 1.29
N LYS A 227 -22.95 -8.39 1.49
CA LYS A 227 -21.52 -8.21 1.27
C LYS A 227 -20.60 -8.90 2.29
N ARG A 228 -19.40 -9.23 1.83
CA ARG A 228 -18.29 -9.64 2.71
C ARG A 228 -17.14 -8.66 2.68
N THR A 229 -16.68 -8.23 3.87
CA THR A 229 -15.43 -7.49 3.96
C THR A 229 -14.22 -8.40 4.08
N ASN A 230 -13.08 -7.84 3.68
CA ASN A 230 -11.82 -8.59 3.53
C ASN A 230 -12.12 -10.06 3.29
N ALA A 231 -12.63 -10.36 2.11
CA ALA A 231 -13.20 -11.64 1.84
C ALA A 231 -12.17 -12.68 1.35
N ARG A 232 -12.43 -13.93 1.75
CA ARG A 232 -11.61 -15.06 1.33
C ARG A 232 -12.39 -16.33 1.36
N GLY A 233 -12.13 -17.19 0.37
CA GLY A 233 -12.80 -18.49 0.27
C GLY A 233 -14.25 -18.34 -0.19
N THR A 234 -14.95 -19.45 -0.33
CA THR A 234 -16.31 -19.39 -0.85
C THR A 234 -17.31 -18.92 0.23
N SER A 235 -18.47 -18.46 -0.21
CA SER A 235 -19.54 -17.97 0.66
C SER A 235 -20.53 -19.05 1.11
N TRP A 236 -20.45 -20.20 0.46
CA TRP A 236 -21.39 -21.30 0.64
C TRP A 236 -20.71 -22.57 1.17
N GLY A 237 -19.39 -22.54 1.35
CA GLY A 237 -18.68 -23.75 1.73
C GLY A 237 -18.97 -24.25 3.15
N ASN A 238 -18.94 -23.34 4.11
CA ASN A 238 -19.40 -23.67 5.44
C ASN A 238 -20.97 -23.53 5.43
N GLY A 239 -21.66 -23.53 6.56
CA GLY A 239 -23.08 -24.01 6.55
C GLY A 239 -24.31 -23.20 6.10
N THR A 240 -25.14 -23.79 5.25
CA THR A 240 -26.21 -23.04 4.54
C THR A 240 -25.64 -21.66 4.25
N PRO A 241 -26.49 -20.60 4.07
CA PRO A 241 -26.10 -19.20 4.05
C PRO A 241 -27.21 -18.05 4.02
N GLU A 242 -26.70 -16.88 3.75
CA GLU A 242 -27.25 -15.61 4.16
C GLU A 242 -27.90 -14.65 3.18
N GLY A 243 -27.82 -13.34 3.48
CA GLY A 243 -28.30 -12.35 2.55
C GLY A 243 -29.80 -12.45 2.66
N GLU A 244 -30.51 -12.07 1.58
CA GLU A 244 -31.96 -12.16 1.60
C GLU A 244 -32.51 -12.89 0.41
N SER A 245 -33.60 -13.60 0.65
CA SER A 245 -34.31 -14.23 -0.46
C SER A 245 -35.59 -13.43 -0.73
N LEU A 246 -35.85 -13.14 -2.01
CA LEU A 246 -37.03 -12.38 -2.39
C LEU A 246 -37.91 -13.32 -3.17
N PRO A 247 -39.24 -13.16 -3.11
CA PRO A 247 -40.12 -13.92 -4.01
C PRO A 247 -40.22 -13.40 -5.42
N LEU A 248 -40.28 -14.30 -6.40
CA LEU A 248 -40.55 -13.93 -7.78
C LEU A 248 -41.67 -12.90 -7.91
N ASP A 249 -42.68 -13.00 -7.07
CA ASP A 249 -43.76 -12.04 -7.16
C ASP A 249 -43.38 -10.65 -6.67
N GLN A 250 -42.13 -10.41 -6.27
CA GLN A 250 -41.72 -9.03 -6.08
C GLN A 250 -40.82 -8.51 -7.21
N PHE A 251 -40.80 -9.26 -8.33
CA PHE A 251 -40.10 -8.86 -9.54
C PHE A 251 -41.06 -8.64 -10.66
N TYR A 252 -40.78 -7.63 -11.49
CA TYR A 252 -41.42 -7.48 -12.77
C TYR A 252 -40.63 -8.34 -13.75
N VAL A 253 -41.32 -9.29 -14.38
CA VAL A 253 -40.67 -10.25 -15.27
C VAL A 253 -40.71 -9.66 -16.70
N VAL A 254 -39.58 -9.13 -17.14
CA VAL A 254 -39.44 -8.43 -18.42
C VAL A 254 -39.45 -9.42 -19.61
N LYS A 255 -40.46 -9.21 -20.45
CA LYS A 255 -40.87 -10.03 -21.59
C LYS A 255 -40.80 -9.27 -22.90
N PRO A 256 -40.85 -10.03 -24.04
CA PRO A 256 -41.06 -9.45 -25.38
C PRO A 256 -42.06 -8.31 -25.38
N GLY A 257 -43.18 -8.52 -24.71
CA GLY A 257 -44.20 -7.47 -24.57
C GLY A 257 -43.87 -6.09 -23.93
N ALA A 258 -42.60 -5.81 -23.58
CA ALA A 258 -42.22 -4.61 -22.77
C ALA A 258 -41.89 -3.29 -23.48
N THR A 259 -41.55 -2.29 -22.65
CA THR A 259 -41.27 -0.88 -23.04
C THR A 259 -40.51 -0.08 -21.95
N ALA A 260 -39.85 1.00 -22.36
CA ALA A 260 -39.16 1.93 -21.44
C ALA A 260 -39.95 2.36 -20.17
N GLU A 261 -41.03 3.12 -20.31
CA GLU A 261 -41.72 3.68 -19.10
C GLU A 261 -42.41 2.53 -18.31
N THR A 262 -42.68 1.42 -18.99
CA THR A 262 -43.28 0.24 -18.36
C THR A 262 -42.28 -0.31 -17.31
N ILE A 263 -41.03 -0.42 -17.72
CA ILE A 263 -40.02 -0.97 -16.83
C ILE A 263 -39.78 0.03 -15.72
N ASN A 264 -39.75 1.30 -16.08
CA ASN A 264 -39.46 2.36 -15.15
C ASN A 264 -40.63 2.54 -14.14
N ALA A 265 -41.85 2.30 -14.61
CA ALA A 265 -43.05 2.30 -13.73
C ALA A 265 -42.96 1.17 -12.69
N ALA A 266 -42.46 0.02 -13.11
CA ALA A 266 -42.34 -1.13 -12.18
C ALA A 266 -41.43 -0.78 -11.01
N VAL A 267 -40.28 -0.15 -11.29
CA VAL A 267 -39.34 0.19 -10.24
C VAL A 267 -39.91 1.20 -9.23
N ASP A 268 -40.45 2.31 -9.70
CA ASP A 268 -40.92 3.31 -8.75
C ASP A 268 -42.21 2.74 -8.09
N GLN A 269 -42.87 1.78 -8.75
CA GLN A 269 -44.00 1.02 -8.16
C GLN A 269 -43.61 0.03 -7.05
N GLY A 270 -42.31 -0.14 -6.78
CA GLY A 270 -41.87 -1.09 -5.76
C GLY A 270 -41.07 -2.28 -6.29
N LEU A 271 -41.28 -2.67 -7.53
CA LEU A 271 -40.79 -3.98 -8.02
C LEU A 271 -39.30 -4.00 -8.35
N HIS A 272 -38.71 -5.18 -8.19
CA HIS A 272 -37.41 -5.47 -8.77
C HIS A 272 -37.59 -5.84 -10.24
N LEU A 273 -36.49 -6.05 -10.96
CA LEU A 273 -36.51 -6.42 -12.37
C LEU A 273 -35.77 -7.73 -12.67
N LEU A 274 -36.46 -8.61 -13.39
CA LEU A 274 -35.87 -9.84 -13.89
C LEU A 274 -36.02 -9.85 -15.39
N PHE A 275 -34.92 -9.64 -16.09
CA PHE A 275 -34.94 -9.65 -17.53
C PHE A 275 -34.81 -11.08 -18.05
N THR A 276 -35.86 -11.59 -18.68
CA THR A 276 -35.80 -12.91 -19.29
C THR A 276 -34.89 -12.79 -20.51
N PRO A 277 -34.35 -13.92 -21.01
CA PRO A 277 -33.44 -13.83 -22.16
C PRO A 277 -34.13 -13.24 -23.37
N GLY A 278 -33.44 -12.31 -24.02
CA GLY A 278 -34.00 -11.67 -25.18
C GLY A 278 -33.25 -10.37 -25.39
N VAL A 279 -33.73 -9.62 -26.38
CA VAL A 279 -33.21 -8.33 -26.76
C VAL A 279 -34.29 -7.25 -26.58
N TYR A 280 -33.94 -6.22 -25.82
CA TYR A 280 -34.89 -5.20 -25.43
C TYR A 280 -34.43 -3.86 -25.98
N HIS A 281 -35.08 -3.40 -27.02
CA HIS A 281 -34.86 -2.04 -27.45
C HIS A 281 -35.53 -1.07 -26.45
N VAL A 282 -34.89 0.06 -26.20
CA VAL A 282 -35.50 1.08 -25.38
C VAL A 282 -35.37 2.41 -26.13
N ASP A 283 -36.42 3.22 -26.11
CA ASP A 283 -36.35 4.56 -26.67
C ASP A 283 -36.16 5.65 -25.63
N GLN A 284 -36.08 5.21 -24.37
CA GLN A 284 -35.77 6.02 -23.20
C GLN A 284 -34.93 5.19 -22.19
N PRO A 285 -34.18 5.86 -21.30
CA PRO A 285 -33.32 5.07 -20.44
C PRO A 285 -34.06 4.31 -19.34
N ILE A 286 -33.55 3.13 -19.02
CA ILE A 286 -34.06 2.37 -17.89
C ILE A 286 -33.51 3.12 -16.66
N GLU A 287 -34.40 3.52 -15.78
CA GLU A 287 -34.13 4.58 -14.81
C GLU A 287 -34.44 4.08 -13.40
N ILE A 288 -33.40 3.57 -12.72
CA ILE A 288 -33.51 2.87 -11.43
C ILE A 288 -33.17 3.81 -10.27
N ASP A 289 -34.20 4.18 -9.54
CA ASP A 289 -34.01 5.15 -8.43
C ASP A 289 -34.62 4.75 -7.09
N ARG A 290 -34.60 3.47 -6.77
CA ARG A 290 -35.02 2.98 -5.45
C ARG A 290 -33.90 2.15 -4.83
N ALA A 291 -33.61 2.44 -3.58
CA ALA A 291 -32.59 1.70 -2.89
C ALA A 291 -32.86 0.20 -2.88
N ASN A 292 -31.80 -0.57 -3.05
CA ASN A 292 -31.84 -2.05 -2.97
C ASN A 292 -32.54 -2.75 -4.12
N THR A 293 -32.81 -2.03 -5.19
CA THR A 293 -33.38 -2.64 -6.40
C THR A 293 -32.42 -3.65 -6.99
N VAL A 294 -32.95 -4.83 -7.27
CA VAL A 294 -32.21 -5.86 -7.99
C VAL A 294 -32.69 -5.82 -9.44
N ALA A 295 -31.72 -5.76 -10.35
CA ALA A 295 -31.96 -5.78 -11.79
C ALA A 295 -31.15 -6.90 -12.37
N LEU A 296 -31.77 -8.06 -12.47
CA LEU A 296 -31.08 -9.29 -12.82
C LEU A 296 -31.47 -9.56 -14.26
N GLY A 297 -30.55 -10.15 -15.01
CA GLY A 297 -30.82 -10.66 -16.35
C GLY A 297 -30.53 -12.15 -16.40
N LEU A 298 -31.27 -12.84 -17.26
CA LEU A 298 -31.08 -14.27 -17.51
C LEU A 298 -30.68 -14.47 -19.01
N GLY A 299 -29.93 -15.51 -19.32
CA GLY A 299 -29.66 -15.87 -20.70
C GLY A 299 -29.05 -14.75 -21.55
N LEU A 300 -28.13 -13.96 -20.98
CA LEU A 300 -27.50 -12.81 -21.65
C LEU A 300 -28.52 -11.81 -22.22
N ALA A 301 -29.59 -11.57 -21.45
CA ALA A 301 -30.53 -10.51 -21.75
C ALA A 301 -29.80 -9.26 -22.13
N THR A 302 -30.26 -8.62 -23.20
CA THR A 302 -29.55 -7.52 -23.84
C THR A 302 -30.45 -6.31 -23.98
N ILE A 303 -29.92 -5.14 -23.65
CA ILE A 303 -30.63 -3.87 -23.79
C ILE A 303 -29.96 -3.07 -24.91
N ILE A 304 -30.76 -2.63 -25.89
CA ILE A 304 -30.29 -1.72 -26.94
C ILE A 304 -30.99 -0.37 -26.83
N PRO A 305 -30.20 0.70 -26.60
CA PRO A 305 -30.82 2.01 -26.57
C PRO A 305 -30.93 2.58 -27.97
N ASP A 306 -32.13 2.98 -28.34
CA ASP A 306 -32.36 3.62 -29.64
C ASP A 306 -32.28 5.15 -29.50
N ASN A 307 -32.27 5.89 -30.61
CA ASN A 307 -32.46 7.35 -30.56
C ASN A 307 -31.31 8.06 -29.81
N GLY A 308 -30.22 7.36 -29.63
CA GLY A 308 -29.02 7.89 -28.97
C GLY A 308 -29.16 8.05 -27.46
N VAL A 309 -30.18 7.40 -26.89
CA VAL A 309 -30.36 7.55 -25.45
C VAL A 309 -29.39 6.66 -24.60
N THR A 310 -29.22 6.99 -23.31
CA THR A 310 -28.51 6.13 -22.37
C THR A 310 -29.38 4.93 -22.04
N ALA A 311 -28.79 3.75 -21.92
CA ALA A 311 -29.55 2.55 -21.71
C ALA A 311 -29.99 2.39 -20.25
N LEU A 312 -29.09 2.66 -19.31
CA LEU A 312 -29.35 2.38 -17.90
C LEU A 312 -28.76 3.48 -17.05
N LYS A 313 -29.62 4.12 -16.27
CA LYS A 313 -29.19 5.15 -15.32
C LYS A 313 -29.63 4.72 -13.93
N VAL A 314 -28.72 4.86 -12.99
CA VAL A 314 -28.94 4.45 -11.62
C VAL A 314 -28.83 5.69 -10.75
N GLY A 315 -29.77 5.84 -9.84
CA GLY A 315 -29.81 7.00 -8.95
C GLY A 315 -28.80 6.96 -7.82
N ASP A 316 -28.84 7.98 -6.96
CA ASP A 316 -27.83 8.20 -5.92
C ASP A 316 -28.27 7.51 -4.62
N VAL A 317 -28.70 6.25 -4.80
CA VAL A 317 -29.24 5.42 -3.74
C VAL A 317 -28.31 4.23 -3.40
N ASP A 318 -28.50 3.68 -2.20
CA ASP A 318 -27.79 2.49 -1.73
C ASP A 318 -28.28 1.24 -2.45
N GLY A 319 -27.39 0.28 -2.58
CA GLY A 319 -27.73 -1.12 -2.70
C GLY A 319 -28.29 -1.66 -3.99
N VAL A 320 -28.20 -0.92 -5.10
CA VAL A 320 -28.74 -1.42 -6.34
C VAL A 320 -27.78 -2.50 -6.83
N LYS A 321 -28.36 -3.61 -7.31
CA LYS A 321 -27.59 -4.73 -7.80
C LYS A 321 -27.96 -5.00 -9.23
N VAL A 322 -27.12 -4.56 -10.14
CA VAL A 322 -27.35 -4.83 -11.56
C VAL A 322 -26.50 -6.04 -11.92
N ALA A 323 -27.09 -7.06 -12.52
CA ALA A 323 -26.38 -8.31 -12.73
C ALA A 323 -26.82 -9.02 -14.02
N GLY A 324 -25.84 -9.43 -14.82
CA GLY A 324 -26.07 -10.23 -15.99
C GLY A 324 -26.89 -9.57 -17.07
N LEU A 325 -26.27 -8.58 -17.70
CA LEU A 325 -26.93 -7.83 -18.74
C LEU A 325 -25.87 -7.46 -19.75
N LEU A 326 -26.26 -7.53 -21.03
CA LEU A 326 -25.41 -7.05 -22.13
C LEU A 326 -26.02 -5.82 -22.80
N VAL A 327 -25.42 -4.67 -22.59
CA VAL A 327 -25.87 -3.46 -23.27
C VAL A 327 -25.12 -3.32 -24.59
N ASP A 328 -25.88 -3.15 -25.66
CA ASP A 328 -25.40 -3.23 -27.03
C ASP A 328 -25.73 -1.87 -27.66
N ALA A 329 -24.71 -1.13 -28.09
CA ALA A 329 -24.98 0.20 -28.63
C ALA A 329 -25.81 0.15 -29.88
N GLY A 330 -26.64 1.16 -30.07
CA GLY A 330 -27.35 1.32 -31.33
C GLY A 330 -26.51 2.12 -32.32
N PRO A 331 -26.92 2.09 -33.59
CA PRO A 331 -26.20 2.86 -34.61
C PRO A 331 -26.18 4.39 -34.37
N VAL A 332 -27.20 4.93 -33.70
CA VAL A 332 -27.15 6.34 -33.31
C VAL A 332 -26.28 6.49 -32.07
N ASN A 333 -25.31 7.38 -32.15
CA ASN A 333 -24.38 7.54 -31.04
C ASN A 333 -25.06 7.93 -29.74
N SER A 334 -24.83 7.11 -28.72
CA SER A 334 -25.22 7.46 -27.38
C SER A 334 -24.10 8.14 -26.63
N GLU A 335 -24.46 9.24 -25.99
CA GLU A 335 -23.46 9.97 -25.23
C GLU A 335 -22.90 9.15 -24.04
N THR A 336 -23.78 8.43 -23.36
CA THR A 336 -23.39 7.38 -22.42
C THR A 336 -24.26 6.17 -22.59
N LEU A 337 -23.75 4.97 -22.26
CA LEU A 337 -24.58 3.78 -22.31
C LEU A 337 -25.10 3.37 -20.94
N VAL A 338 -24.21 3.48 -19.94
CA VAL A 338 -24.57 3.18 -18.55
C VAL A 338 -24.04 4.26 -17.63
N GLU A 339 -24.90 4.74 -16.75
CA GLU A 339 -24.48 5.68 -15.69
C GLU A 339 -24.82 5.15 -14.32
N VAL A 340 -23.87 5.22 -13.38
CA VAL A 340 -24.15 4.85 -12.01
C VAL A 340 -23.97 6.09 -11.12
N GLY A 341 -25.11 6.64 -10.75
CA GLY A 341 -25.15 7.83 -9.95
C GLY A 341 -25.05 9.05 -10.81
N SER A 342 -25.32 10.19 -10.23
CA SER A 342 -25.19 11.41 -10.98
C SER A 342 -23.82 12.06 -10.90
N ASP A 343 -23.43 12.71 -12.00
CA ASP A 343 -22.14 13.40 -12.03
C ASP A 343 -22.17 14.49 -10.92
N GLY A 344 -21.09 14.64 -10.18
CA GLY A 344 -21.07 15.41 -8.93
C GLY A 344 -21.62 14.74 -7.64
N ALA A 345 -22.21 13.56 -7.75
CA ALA A 345 -22.68 12.82 -6.55
C ALA A 345 -21.59 12.61 -5.51
N SER A 346 -21.87 13.02 -4.26
CA SER A 346 -20.87 12.97 -3.20
C SER A 346 -21.41 12.36 -1.88
N GLY A 347 -22.55 11.70 -1.98
CA GLY A 347 -23.05 10.93 -0.85
C GLY A 347 -22.23 9.68 -0.76
N ASP A 348 -22.31 8.97 0.36
CA ASP A 348 -21.52 7.79 0.55
C ASP A 348 -22.43 6.57 0.65
N HIS A 349 -21.94 5.40 0.24
CA HIS A 349 -22.75 4.18 0.20
C HIS A 349 -21.95 2.99 0.71
N ALA A 350 -21.16 3.20 1.76
CA ALA A 350 -20.18 2.19 2.16
C ALA A 350 -20.84 0.94 2.77
N ALA A 351 -21.90 1.14 3.56
CA ALA A 351 -22.52 0.03 4.28
C ALA A 351 -23.34 -0.86 3.34
N ASN A 352 -23.62 -0.36 2.14
CA ASN A 352 -24.55 -0.97 1.20
C ASN A 352 -24.43 -0.37 -0.19
N PRO A 353 -23.29 -0.64 -0.87
CA PRO A 353 -23.07 0.02 -2.16
C PRO A 353 -23.87 -0.54 -3.33
N THR A 354 -23.85 0.18 -4.43
CA THR A 354 -24.38 -0.27 -5.68
C THR A 354 -23.30 -1.08 -6.37
N SER A 355 -23.72 -2.16 -7.03
CA SER A 355 -22.79 -3.09 -7.68
C SER A 355 -23.24 -3.37 -9.11
N LEU A 356 -22.28 -3.43 -10.02
CA LEU A 356 -22.50 -3.93 -11.37
C LEU A 356 -21.72 -5.24 -11.54
N GLN A 357 -22.42 -6.33 -11.86
CA GLN A 357 -21.81 -7.66 -11.96
C GLN A 357 -22.24 -8.35 -13.25
N ASP A 358 -21.28 -8.95 -13.95
CA ASP A 358 -21.52 -9.52 -15.29
C ASP A 358 -22.33 -8.57 -16.15
N VAL A 359 -21.86 -7.32 -16.16
CA VAL A 359 -22.31 -6.32 -17.10
C VAL A 359 -21.31 -6.25 -18.23
N PHE A 360 -21.84 -6.41 -19.44
CA PHE A 360 -21.03 -6.43 -20.63
C PHE A 360 -21.57 -5.41 -21.58
N VAL A 361 -20.67 -4.61 -22.15
CA VAL A 361 -20.98 -3.55 -23.11
C VAL A 361 -20.37 -3.92 -24.42
N ARG A 362 -21.15 -3.80 -25.50
CA ARG A 362 -20.64 -4.02 -26.84
C ARG A 362 -20.94 -2.78 -27.66
N ILE A 363 -19.95 -2.30 -28.43
CA ILE A 363 -20.13 -1.24 -29.42
C ILE A 363 -19.79 -1.79 -30.81
N GLY A 364 -20.82 -2.06 -31.60
CA GLY A 364 -20.65 -2.61 -32.94
C GLY A 364 -20.55 -4.11 -32.94
N GLY A 365 -20.40 -4.74 -34.12
CA GLY A 365 -20.16 -6.17 -34.24
C GLY A 365 -21.38 -6.88 -34.77
N ALA A 366 -22.55 -6.46 -34.31
CA ALA A 366 -23.81 -7.06 -34.77
C ALA A 366 -24.58 -6.05 -35.57
N GLY A 367 -23.83 -5.18 -36.22
CA GLY A 367 -24.36 -3.97 -36.80
C GLY A 367 -23.50 -2.80 -36.35
N PRO A 368 -23.60 -1.66 -37.06
CA PRO A 368 -22.89 -0.50 -36.56
C PRO A 368 -23.48 -0.03 -35.24
N GLY A 369 -22.60 0.45 -34.36
CA GLY A 369 -23.02 0.97 -33.08
C GLY A 369 -21.95 1.97 -32.63
N LYS A 370 -22.33 2.96 -31.83
CA LYS A 370 -21.43 4.03 -31.45
C LYS A 370 -21.84 4.60 -30.10
N ALA A 371 -20.86 4.95 -29.27
CA ALA A 371 -21.15 5.63 -28.03
C ALA A 371 -19.92 6.39 -27.60
N THR A 372 -20.10 7.57 -27.03
CA THR A 372 -18.98 8.38 -26.60
C THR A 372 -18.28 7.77 -25.39
N THR A 373 -19.04 7.54 -24.32
CA THR A 373 -18.53 6.89 -23.13
C THR A 373 -19.48 5.70 -22.87
N SER A 374 -18.93 4.59 -22.40
CA SER A 374 -19.78 3.43 -22.22
C SER A 374 -20.34 3.35 -20.80
N ILE A 375 -19.46 3.46 -19.82
CA ILE A 375 -19.86 3.39 -18.42
C ILE A 375 -19.21 4.53 -17.68
N VAL A 376 -20.02 5.34 -17.01
CA VAL A 376 -19.53 6.32 -16.06
C VAL A 376 -20.02 5.94 -14.67
N VAL A 377 -19.07 5.88 -13.75
CA VAL A 377 -19.36 5.54 -12.38
C VAL A 377 -19.19 6.80 -11.53
N ASN A 378 -20.31 7.41 -11.17
CA ASN A 378 -20.32 8.60 -10.32
C ASN A 378 -20.41 8.29 -8.82
N SER A 379 -21.17 7.26 -8.47
CA SER A 379 -21.48 6.95 -7.07
C SER A 379 -20.30 6.38 -6.28
N ASN A 380 -20.06 7.02 -5.16
CA ASN A 380 -19.05 6.58 -4.27
C ASN A 380 -19.34 5.16 -3.80
N ASP A 381 -18.27 4.40 -3.56
CA ASP A 381 -18.33 3.06 -2.99
C ASP A 381 -18.82 1.96 -3.97
N THR A 382 -19.04 2.33 -5.21
CA THR A 382 -19.55 1.38 -6.21
C THR A 382 -18.55 0.25 -6.44
N ILE A 383 -19.09 -0.95 -6.63
CA ILE A 383 -18.29 -2.14 -6.92
C ILE A 383 -18.61 -2.62 -8.32
N ILE A 384 -17.58 -2.76 -9.14
CA ILE A 384 -17.72 -3.32 -10.47
C ILE A 384 -17.00 -4.67 -10.41
N ASP A 385 -17.78 -5.73 -10.33
CA ASP A 385 -17.26 -7.09 -10.18
C ASP A 385 -17.59 -7.89 -11.44
N HIS A 386 -16.63 -7.86 -12.35
CA HIS A 386 -16.65 -8.48 -13.68
C HIS A 386 -17.41 -7.65 -14.71
N THR A 387 -16.67 -6.85 -15.46
CA THR A 387 -17.26 -6.22 -16.63
C THR A 387 -16.37 -6.45 -17.83
N TRP A 388 -16.99 -6.58 -19.01
CA TRP A 388 -16.27 -6.54 -20.30
C TRP A 388 -16.91 -5.43 -21.09
N VAL A 389 -16.11 -4.41 -21.41
CA VAL A 389 -16.56 -3.20 -22.07
C VAL A 389 -15.72 -3.16 -23.35
N TRP A 390 -16.39 -3.44 -24.46
CA TRP A 390 -15.74 -3.90 -25.69
C TRP A 390 -16.24 -3.17 -26.94
N ARG A 391 -15.36 -2.38 -27.54
CA ARG A 391 -15.64 -1.81 -28.84
C ARG A 391 -15.26 -2.92 -29.82
N ALA A 392 -16.23 -3.36 -30.61
CA ALA A 392 -16.00 -4.55 -31.46
C ALA A 392 -14.83 -4.37 -32.43
N ASP A 393 -13.97 -5.39 -32.47
CA ASP A 393 -12.84 -5.43 -33.41
C ASP A 393 -13.12 -6.29 -34.63
N HIS A 394 -14.24 -6.99 -34.64
CA HIS A 394 -14.64 -7.81 -35.78
C HIS A 394 -16.14 -7.92 -35.77
N GLY A 395 -16.68 -8.53 -36.82
CA GLY A 395 -18.12 -8.56 -37.06
C GLY A 395 -18.57 -7.50 -38.03
N GLU A 396 -19.89 -7.28 -38.05
CA GLU A 396 -20.52 -6.39 -39.02
C GLU A 396 -20.62 -5.00 -38.41
N GLY A 397 -20.39 -3.98 -39.23
CA GLY A 397 -20.48 -2.60 -38.78
C GLY A 397 -19.33 -2.09 -37.94
N VAL A 398 -18.13 -2.58 -38.20
CA VAL A 398 -16.95 -2.14 -37.46
C VAL A 398 -16.04 -1.28 -38.34
N GLY A 399 -15.32 -0.36 -37.70
CA GLY A 399 -14.44 0.54 -38.41
C GLY A 399 -14.07 1.77 -37.58
N TRP A 400 -12.94 2.39 -37.94
CA TRP A 400 -12.37 3.48 -37.12
C TRP A 400 -13.40 4.61 -36.87
N GLU A 401 -14.24 4.92 -37.84
CA GLU A 401 -15.38 5.81 -37.58
C GLU A 401 -16.68 5.04 -37.47
N THR A 402 -16.83 3.95 -38.22
CA THR A 402 -18.08 3.22 -38.28
C THR A 402 -18.60 2.81 -36.89
N ASN A 403 -17.76 2.22 -36.06
CA ASN A 403 -18.14 1.97 -34.66
C ASN A 403 -17.21 2.71 -33.70
N ARG A 404 -16.88 3.94 -34.08
CA ARG A 404 -16.11 4.80 -33.19
C ARG A 404 -16.71 4.87 -31.78
N ALA A 405 -15.86 4.65 -30.79
CA ALA A 405 -16.23 4.76 -29.38
C ALA A 405 -15.03 5.27 -28.58
N ASP A 406 -15.08 6.52 -28.17
CA ASP A 406 -13.85 7.14 -27.64
C ASP A 406 -13.41 6.60 -26.27
N TYR A 407 -14.37 6.39 -25.37
CA TYR A 407 -14.06 6.16 -23.97
C TYR A 407 -14.81 4.96 -23.39
N GLY A 408 -14.12 4.07 -22.68
CA GLY A 408 -14.76 2.88 -22.13
C GLY A 408 -15.46 3.14 -20.80
N VAL A 409 -14.67 3.18 -19.73
CA VAL A 409 -15.14 3.48 -18.41
C VAL A 409 -14.45 4.73 -17.91
N HIS A 410 -15.26 5.59 -17.31
CA HIS A 410 -14.76 6.74 -16.57
C HIS A 410 -15.25 6.65 -15.13
N VAL A 411 -14.34 6.46 -14.18
CA VAL A 411 -14.76 6.37 -12.77
C VAL A 411 -14.54 7.73 -12.15
N LYS A 412 -15.63 8.38 -11.77
CA LYS A 412 -15.58 9.68 -11.10
C LYS A 412 -15.76 9.63 -9.60
N GLY A 413 -16.22 8.49 -9.08
CA GLY A 413 -16.48 8.37 -7.66
C GLY A 413 -15.28 7.97 -6.83
N ASP A 414 -15.29 8.41 -5.58
CA ASP A 414 -14.30 8.03 -4.59
C ASP A 414 -14.69 6.64 -4.01
N ASN A 415 -13.67 5.85 -3.73
CA ASN A 415 -13.74 4.52 -3.06
C ASN A 415 -14.41 3.42 -3.92
N VAL A 416 -14.28 3.56 -5.23
CA VAL A 416 -14.84 2.58 -6.17
C VAL A 416 -13.87 1.41 -6.29
N LEU A 417 -14.40 0.21 -6.44
CA LEU A 417 -13.59 -1.02 -6.47
C LEU A 417 -13.94 -1.72 -7.74
N ALA A 418 -12.94 -2.06 -8.56
CA ALA A 418 -13.15 -2.88 -9.75
C ALA A 418 -12.38 -4.18 -9.58
N THR A 419 -13.09 -5.31 -9.61
CA THR A 419 -12.50 -6.63 -9.52
C THR A 419 -12.85 -7.39 -10.80
N GLY A 420 -11.86 -7.65 -11.65
CA GLY A 420 -12.13 -8.36 -12.90
C GLY A 420 -12.54 -7.38 -14.00
N LEU A 421 -11.66 -6.46 -14.32
CA LEU A 421 -11.98 -5.36 -15.26
C LEU A 421 -11.38 -5.64 -16.65
N PHE A 422 -12.22 -5.80 -17.67
CA PHE A 422 -11.78 -6.12 -19.04
C PHE A 422 -12.32 -4.98 -19.96
N VAL A 423 -11.47 -4.17 -20.58
CA VAL A 423 -11.92 -3.07 -21.42
C VAL A 423 -11.03 -2.95 -22.66
N GLU A 424 -11.62 -2.98 -23.85
CA GLU A 424 -10.83 -3.17 -25.08
C GLU A 424 -11.30 -2.33 -26.26
N HIS A 425 -10.30 -1.74 -26.88
CA HIS A 425 -10.32 -1.25 -28.27
C HIS A 425 -10.88 0.16 -28.48
N PHE A 426 -11.04 0.92 -27.41
CA PHE A 426 -11.54 2.28 -27.57
C PHE A 426 -10.59 3.21 -28.38
N ASN A 427 -11.17 4.21 -29.08
CA ASN A 427 -10.35 5.13 -29.90
C ASN A 427 -9.49 6.09 -29.08
N LYS A 428 -9.80 6.21 -27.78
CA LYS A 428 -9.06 7.04 -26.84
C LYS A 428 -8.79 6.27 -25.54
N TYR A 429 -8.99 6.88 -24.36
CA TYR A 429 -8.72 6.15 -23.12
C TYR A 429 -9.78 5.06 -22.86
N ASP A 430 -9.32 3.83 -22.73
CA ASP A 430 -10.20 2.73 -22.44
C ASP A 430 -10.78 2.91 -21.03
N VAL A 431 -9.92 3.19 -20.08
CA VAL A 431 -10.31 3.49 -18.70
C VAL A 431 -9.66 4.79 -18.23
N GLN A 432 -10.49 5.67 -17.66
CA GLN A 432 -10.04 6.91 -17.00
C GLN A 432 -10.61 6.96 -15.57
N TRP A 433 -9.77 7.35 -14.61
CA TRP A 433 -10.12 7.35 -13.21
C TRP A 433 -9.81 8.68 -12.59
N SER A 434 -10.87 9.37 -12.19
CA SER A 434 -10.81 10.76 -11.74
C SER A 434 -11.30 10.87 -10.25
N GLY A 435 -11.79 9.76 -9.67
CA GLY A 435 -12.21 9.71 -8.26
C GLY A 435 -11.07 9.31 -7.36
N GLU A 436 -11.17 9.49 -6.05
CA GLU A 436 -10.04 9.23 -5.17
C GLU A 436 -10.18 7.83 -4.52
N ASN A 437 -9.04 7.25 -4.17
CA ASN A 437 -8.98 5.97 -3.46
C ASN A 437 -9.60 4.80 -4.22
N GLY A 438 -9.48 4.85 -5.53
CA GLY A 438 -9.95 3.78 -6.36
C GLY A 438 -9.02 2.59 -6.25
N LYS A 439 -9.57 1.42 -6.47
CA LYS A 439 -8.81 0.16 -6.48
C LYS A 439 -9.25 -0.73 -7.63
N THR A 440 -8.27 -1.26 -8.37
CA THR A 440 -8.49 -2.24 -9.43
C THR A 440 -7.68 -3.50 -9.16
N ILE A 441 -8.40 -4.61 -9.02
CA ILE A 441 -7.79 -5.93 -8.96
C ILE A 441 -8.11 -6.69 -10.22
N PHE A 442 -7.06 -6.84 -11.04
CA PHE A 442 -7.07 -7.42 -12.39
C PHE A 442 -7.62 -6.49 -13.49
N TYR A 443 -6.76 -6.21 -14.47
CA TYR A 443 -7.17 -5.49 -15.69
C TYR A 443 -6.62 -6.13 -16.93
N GLN A 444 -7.49 -6.30 -17.90
CA GLN A 444 -7.11 -6.75 -19.23
C GLN A 444 -7.62 -5.72 -20.24
N ASN A 445 -6.68 -5.25 -21.04
CA ASN A 445 -6.96 -4.38 -22.16
C ASN A 445 -6.26 -4.85 -23.43
N ALA A 446 -6.92 -4.62 -24.56
CA ALA A 446 -6.24 -4.59 -25.85
C ALA A 446 -6.62 -3.28 -26.52
N LYS A 447 -5.66 -2.68 -27.16
CA LYS A 447 -5.93 -1.40 -27.77
C LYS A 447 -6.83 -1.55 -29.02
N ALA A 448 -7.04 -0.42 -29.67
CA ALA A 448 -7.76 -0.41 -30.91
C ALA A 448 -6.82 -0.91 -31.98
N TYR A 449 -7.30 -1.83 -32.83
CA TYR A 449 -6.46 -2.32 -33.92
C TYR A 449 -6.46 -1.41 -35.13
N ASP A 450 -7.60 -0.77 -35.36
CA ASP A 450 -7.84 -0.07 -36.61
C ASP A 450 -7.48 1.42 -36.56
N ALA A 451 -6.51 1.78 -35.73
CA ALA A 451 -5.97 3.12 -35.79
C ALA A 451 -5.25 3.13 -37.12
N PRO A 452 -5.65 4.03 -38.03
CA PRO A 452 -5.11 3.95 -39.39
C PRO A 452 -3.69 4.50 -39.52
N ASP A 453 -3.27 5.30 -38.55
CA ASP A 453 -1.95 5.90 -38.60
C ASP A 453 -1.69 6.60 -37.27
N GLN A 454 -0.43 7.03 -37.08
CA GLN A 454 0.01 7.63 -35.82
C GLN A 454 -0.75 8.91 -35.46
N ALA A 455 -0.90 9.78 -36.44
CA ALA A 455 -1.59 11.03 -36.15
C ALA A 455 -3.02 10.76 -35.75
N ALA A 456 -3.60 9.67 -36.25
CA ALA A 456 -4.99 9.31 -35.88
C ALA A 456 -5.23 9.20 -34.36
N ILE A 457 -4.16 9.12 -33.59
CA ILE A 457 -4.24 8.83 -32.16
C ILE A 457 -3.26 9.64 -31.34
N GLN A 458 -2.80 10.75 -31.90
CA GLN A 458 -2.01 11.64 -31.07
C GLN A 458 -2.90 12.21 -29.94
N ASN A 459 -2.35 12.15 -28.71
CA ASN A 459 -2.98 12.62 -27.49
C ASN A 459 -2.05 13.72 -27.01
N GLY A 460 -2.31 14.96 -27.41
CA GLY A 460 -1.35 16.04 -27.17
C GLY A 460 0.09 15.71 -27.59
N ASP A 461 0.99 15.70 -26.60
CA ASP A 461 2.38 15.35 -26.81
C ASP A 461 2.64 13.90 -26.39
N ILE A 462 1.61 13.05 -26.49
CA ILE A 462 1.76 11.62 -26.26
C ILE A 462 1.26 10.84 -27.46
N LYS A 463 2.00 9.82 -27.90
CA LYS A 463 1.50 8.93 -28.96
C LYS A 463 0.49 7.97 -28.38
N GLY A 464 -0.74 8.04 -28.90
CA GLY A 464 -1.83 7.24 -28.38
C GLY A 464 -2.32 7.60 -26.99
N TYR A 465 -3.38 6.91 -26.57
CA TYR A 465 -4.03 7.12 -25.28
C TYR A 465 -3.84 5.90 -24.40
N ALA A 466 -3.52 6.16 -23.16
CA ALA A 466 -3.32 5.05 -22.24
C ALA A 466 -4.54 4.16 -22.23
N ALA A 467 -4.32 2.88 -22.05
CA ALA A 467 -5.41 1.96 -21.69
C ALA A 467 -6.03 2.24 -20.33
N TYR A 468 -5.24 2.81 -19.42
CA TYR A 468 -5.68 3.04 -18.05
C TYR A 468 -4.97 4.30 -17.58
N LYS A 469 -5.76 5.36 -17.46
CA LYS A 469 -5.29 6.64 -17.02
C LYS A 469 -5.86 7.08 -15.68
N VAL A 470 -4.95 7.43 -14.78
CA VAL A 470 -5.29 8.04 -13.52
C VAL A 470 -5.07 9.52 -13.67
N ASP A 471 -6.09 10.30 -13.31
CA ASP A 471 -6.02 11.75 -13.40
C ASP A 471 -4.83 12.31 -12.57
N ASP A 472 -4.18 13.37 -13.08
CA ASP A 472 -3.03 13.98 -12.42
C ASP A 472 -3.37 14.44 -11.03
N SER A 473 -4.60 14.95 -10.90
CA SER A 473 -5.08 15.56 -9.65
C SER A 473 -5.49 14.53 -8.61
N VAL A 474 -5.45 13.25 -8.98
CA VAL A 474 -5.88 12.21 -8.09
C VAL A 474 -4.79 12.13 -7.02
N THR A 475 -5.20 11.93 -5.78
CA THR A 475 -4.24 11.79 -4.72
C THR A 475 -3.95 10.34 -4.32
N THR A 476 -4.96 9.46 -4.42
CA THR A 476 -4.92 8.11 -3.87
C THR A 476 -5.48 7.13 -4.95
N HIS A 477 -4.72 6.07 -5.26
CA HIS A 477 -5.15 5.01 -6.22
C HIS A 477 -4.28 3.74 -6.05
N GLU A 478 -4.84 2.56 -6.27
CA GLU A 478 -4.00 1.35 -6.30
C GLU A 478 -4.55 0.30 -7.27
N GLY A 479 -3.64 -0.31 -8.03
CA GLY A 479 -4.01 -1.32 -9.01
C GLY A 479 -3.08 -2.52 -8.94
N TRP A 480 -3.64 -3.69 -9.19
CA TRP A 480 -2.89 -4.97 -9.14
C TRP A 480 -3.18 -5.84 -10.35
N GLY A 481 -2.10 -6.32 -10.98
CA GLY A 481 -2.21 -7.37 -12.01
C GLY A 481 -2.91 -6.88 -13.29
N MET A 482 -2.22 -6.02 -14.04
CA MET A 482 -2.83 -5.26 -15.10
C MET A 482 -2.01 -5.32 -16.39
N GLY A 483 -2.69 -5.64 -17.49
CA GLY A 483 -2.06 -5.73 -18.79
C GLY A 483 -2.79 -4.96 -19.87
N SER A 484 -2.00 -4.53 -20.84
CA SER A 484 -2.52 -3.92 -22.06
C SER A 484 -1.75 -4.48 -23.28
N TYR A 485 -2.49 -4.93 -24.29
CA TYR A 485 -1.89 -5.53 -25.49
C TYR A 485 -2.18 -4.69 -26.75
N CYS A 486 -1.29 -4.73 -27.72
CA CYS A 486 -1.51 -4.02 -28.99
C CYS A 486 -1.43 -4.98 -30.20
N TYR A 487 -2.09 -4.58 -31.28
CA TYR A 487 -2.23 -5.37 -32.50
C TYR A 487 -2.71 -4.39 -33.55
N PHE A 488 -1.79 -3.51 -33.92
CA PHE A 488 -2.11 -2.44 -34.84
C PHE A 488 -1.98 -3.04 -36.22
N ASN A 489 -3.00 -3.80 -36.60
CA ASN A 489 -2.94 -4.62 -37.81
C ASN A 489 -3.08 -3.79 -39.04
N VAL A 490 -3.89 -2.74 -38.95
CA VAL A 490 -4.07 -1.85 -40.08
C VAL A 490 -2.75 -1.19 -40.38
N ASN A 491 -2.10 -0.65 -39.35
CA ASN A 491 -0.83 0.07 -39.51
C ASN A 491 0.18 -0.34 -38.45
N PRO A 492 0.95 -1.42 -38.72
CA PRO A 492 1.88 -2.00 -37.75
C PRO A 492 3.12 -1.14 -37.49
N ASP A 493 3.27 0.00 -38.17
CA ASP A 493 4.35 0.93 -37.85
C ASP A 493 3.99 1.86 -36.67
N ILE A 494 2.75 1.78 -36.21
CA ILE A 494 2.30 2.60 -35.09
C ILE A 494 3.10 2.30 -33.82
N ARG A 495 3.26 3.36 -33.03
CA ARG A 495 3.78 3.30 -31.66
C ARG A 495 2.78 3.79 -30.61
N GLN A 496 2.67 3.00 -29.53
CA GLN A 496 1.80 3.34 -28.40
C GLN A 496 2.71 3.71 -27.24
N GLN A 497 2.68 4.95 -26.77
CA GLN A 497 3.67 5.41 -25.79
C GLN A 497 3.69 4.52 -24.59
N HIS A 498 2.50 4.20 -24.05
CA HIS A 498 2.40 3.41 -22.82
C HIS A 498 1.04 2.76 -22.66
N GLY A 499 0.97 1.72 -21.80
CA GLY A 499 -0.29 1.14 -21.41
C GLY A 499 -1.00 1.90 -20.31
N PHE A 500 -0.23 2.46 -19.40
CA PHE A 500 -0.73 3.10 -18.17
C PHE A 500 -0.17 4.50 -18.03
N GLN A 501 -0.97 5.39 -17.46
CA GLN A 501 -0.56 6.75 -17.22
C GLN A 501 -1.13 7.22 -15.90
N ALA A 502 -0.30 7.83 -15.07
CA ALA A 502 -0.73 8.17 -13.70
C ALA A 502 0.33 8.98 -13.05
N PRO A 503 -0.08 9.79 -12.06
CA PRO A 503 0.92 10.65 -11.43
C PRO A 503 1.98 9.89 -10.66
N VAL A 504 3.08 10.57 -10.39
CA VAL A 504 4.03 10.15 -9.37
C VAL A 504 3.71 10.89 -8.08
N LYS A 505 3.31 10.07 -7.11
CA LYS A 505 2.69 10.49 -5.85
C LYS A 505 2.70 9.26 -4.97
N PRO A 506 3.03 9.44 -3.69
CA PRO A 506 3.22 8.22 -2.90
C PRO A 506 1.96 7.33 -2.73
N GLY A 507 0.80 7.96 -2.89
CA GLY A 507 -0.46 7.28 -2.72
C GLY A 507 -1.08 6.73 -4.01
N VAL A 508 -0.33 6.78 -5.12
CA VAL A 508 -0.76 6.24 -6.43
C VAL A 508 0.19 5.09 -6.80
N LYS A 509 -0.29 3.86 -6.61
CA LYS A 509 0.58 2.67 -6.65
C LYS A 509 0.05 1.69 -7.66
N PHE A 510 0.96 0.98 -8.32
CA PHE A 510 0.61 -0.17 -9.12
C PHE A 510 1.46 -1.37 -8.72
N HIS A 511 0.98 -2.54 -9.07
CA HIS A 511 1.66 -3.77 -8.81
C HIS A 511 1.41 -4.64 -9.99
N ASP A 512 2.52 -5.12 -10.56
CA ASP A 512 2.50 -6.12 -11.61
C ASP A 512 1.80 -5.63 -12.86
N LEU A 513 2.47 -4.71 -13.55
CA LEU A 513 2.01 -4.14 -14.81
C LEU A 513 2.74 -4.77 -15.99
N LEU A 514 2.01 -4.96 -17.07
CA LEU A 514 2.65 -5.45 -18.30
C LEU A 514 2.01 -4.88 -19.58
N VAL A 515 2.84 -4.75 -20.62
CA VAL A 515 2.34 -4.50 -21.96
C VAL A 515 2.92 -5.53 -22.91
N VAL A 516 2.16 -5.80 -23.98
CA VAL A 516 2.52 -6.84 -24.92
C VAL A 516 2.16 -6.45 -26.33
N SER A 517 3.12 -6.52 -27.25
CA SER A 517 2.80 -6.42 -28.65
C SER A 517 2.46 -7.78 -29.26
N LEU A 518 1.26 -7.89 -29.79
CA LEU A 518 0.85 -9.14 -30.40
C LEU A 518 1.50 -9.35 -31.80
N GLY A 519 2.61 -10.06 -31.83
CA GLY A 519 3.20 -10.46 -33.09
C GLY A 519 3.89 -9.30 -33.84
N GLY A 520 4.36 -8.31 -33.12
CA GLY A 520 5.07 -7.21 -33.73
C GLY A 520 4.22 -6.20 -34.47
N LYS A 521 2.90 -6.31 -34.33
CA LYS A 521 1.98 -5.34 -34.94
C LYS A 521 1.93 -4.09 -34.09
N GLY A 522 2.83 -3.16 -34.39
CA GLY A 522 2.98 -2.00 -33.54
C GLY A 522 3.81 -2.40 -32.36
N GLN A 523 4.25 -1.40 -31.60
CA GLN A 523 4.98 -1.63 -30.38
C GLN A 523 4.66 -0.56 -29.34
N TYR A 524 4.87 -0.92 -28.08
CA TYR A 524 4.80 0.04 -26.98
C TYR A 524 6.17 0.68 -26.78
N GLU A 525 6.24 1.96 -26.44
CA GLU A 525 7.51 2.64 -26.10
C GLU A 525 7.93 2.37 -24.65
N HIS A 526 6.92 2.17 -23.81
CA HIS A 526 7.11 2.03 -22.37
C HIS A 526 5.89 1.34 -21.80
N VAL A 527 5.97 1.02 -20.50
CA VAL A 527 4.82 0.45 -19.80
C VAL A 527 3.91 1.50 -19.15
N ILE A 528 4.47 2.29 -18.24
CA ILE A 528 3.75 3.35 -17.52
C ILE A 528 4.49 4.67 -17.76
N ASN A 529 3.73 5.73 -18.05
CA ASN A 529 4.33 7.02 -18.28
C ASN A 529 5.49 6.75 -19.24
N ASP A 530 6.68 7.27 -18.98
CA ASP A 530 7.82 6.96 -19.85
C ASP A 530 8.87 6.03 -19.16
N ILE A 531 8.33 5.18 -18.30
CA ILE A 531 9.00 4.08 -17.60
C ILE A 531 8.64 2.69 -18.15
N GLY A 532 9.61 1.79 -18.11
CA GLY A 532 9.43 0.41 -18.54
C GLY A 532 10.02 0.27 -19.93
N ASP A 533 10.46 -0.92 -20.28
CA ASP A 533 11.06 -1.10 -21.57
C ASP A 533 10.02 -1.03 -22.66
N PRO A 534 10.47 -0.61 -23.85
CA PRO A 534 9.58 -0.80 -24.99
C PRO A 534 9.42 -2.28 -25.22
N THR A 535 8.38 -2.67 -25.94
CA THR A 535 8.32 -4.02 -26.43
C THR A 535 9.26 -4.11 -27.63
N SER A 536 9.73 -5.33 -27.89
CA SER A 536 10.78 -5.58 -28.87
C SER A 536 10.41 -6.81 -29.69
N GLY A 537 10.61 -6.77 -31.01
CA GLY A 537 10.55 -7.97 -31.87
C GLY A 537 9.11 -8.34 -32.30
N ASP A 538 8.95 -9.57 -32.81
CA ASP A 538 7.65 -10.09 -33.28
C ASP A 538 7.24 -11.37 -32.56
N THR A 539 7.81 -11.58 -31.39
CA THR A 539 7.66 -12.83 -30.65
C THR A 539 6.74 -12.71 -29.42
N THR A 540 6.16 -11.53 -29.29
CA THR A 540 5.06 -11.30 -28.35
C THR A 540 5.54 -11.64 -26.92
N ILE A 541 6.69 -11.10 -26.57
CA ILE A 541 7.25 -11.26 -25.24
C ILE A 541 6.91 -9.99 -24.40
N PRO A 542 6.33 -10.17 -23.20
CA PRO A 542 5.88 -8.96 -22.46
C PRO A 542 6.98 -8.02 -21.97
N SER A 543 6.66 -6.74 -21.86
CA SER A 543 7.45 -5.79 -21.09
C SER A 543 6.74 -5.49 -19.77
N GLN A 544 7.47 -5.58 -18.66
CA GLN A 544 6.87 -5.65 -17.35
C GLN A 544 7.42 -4.61 -16.42
N VAL A 545 6.57 -4.20 -15.49
CA VAL A 545 7.02 -3.42 -14.36
C VAL A 545 6.42 -4.09 -13.12
N VAL A 546 7.28 -4.65 -12.25
CA VAL A 546 6.85 -5.32 -11.05
C VAL A 546 6.23 -4.33 -10.01
N SER A 547 6.96 -3.24 -9.77
CA SER A 547 6.68 -2.28 -8.71
C SER A 547 6.70 -0.80 -9.21
N PHE A 548 5.57 -0.08 -9.15
CA PHE A 548 5.51 1.35 -9.47
C PHE A 548 4.81 2.05 -8.33
N PRO A 549 5.31 3.22 -7.92
CA PRO A 549 6.55 3.92 -8.31
C PRO A 549 7.64 3.68 -7.26
N VAL B 2 -13.35 16.73 21.89
CA VAL B 2 -12.78 15.52 21.32
C VAL B 2 -12.89 14.31 22.27
N VAL B 3 -13.27 13.18 21.68
CA VAL B 3 -13.38 11.96 22.44
C VAL B 3 -11.93 11.60 22.65
N GLY B 4 -11.57 11.29 23.89
CA GLY B 4 -10.39 10.50 24.09
C GLY B 4 -10.74 9.12 23.59
N GLY B 5 -9.73 8.29 23.41
CA GLY B 5 -9.96 6.88 23.16
C GLY B 5 -10.32 6.54 21.72
N GLY B 6 -10.43 5.24 21.43
CA GLY B 6 -10.63 4.81 20.04
C GLY B 6 -9.80 3.61 19.61
N ASP B 7 -10.26 2.95 18.54
CA ASP B 7 -9.58 1.76 17.98
C ASP B 7 -8.30 2.32 17.34
N LEU B 8 -7.24 1.52 17.34
CA LEU B 8 -5.92 1.93 16.86
C LEU B 8 -5.75 2.06 15.35
N GLY B 9 -6.67 1.48 14.57
CA GLY B 9 -6.62 1.54 13.12
C GLY B 9 -6.01 0.28 12.55
N PRO B 10 -5.97 0.13 11.19
CA PRO B 10 -5.49 -1.15 10.65
C PRO B 10 -4.02 -1.13 10.31
N ASN B 11 -3.36 0.00 10.59
CA ASN B 11 -1.93 0.11 10.44
C ASN B 11 -1.20 -0.33 11.73
N VAL B 12 -1.92 -0.49 12.86
CA VAL B 12 -1.35 -1.13 14.05
C VAL B 12 -1.80 -2.59 14.11
N LEU B 13 -0.91 -3.50 13.71
CA LEU B 13 -1.22 -4.92 13.66
C LEU B 13 -0.85 -5.59 14.98
N VAL B 14 -1.83 -6.26 15.56
CA VAL B 14 -1.72 -6.76 16.90
C VAL B 14 -1.70 -8.28 16.80
N PHE B 15 -0.81 -8.91 17.56
CA PHE B 15 -0.73 -10.35 17.57
C PHE B 15 -0.82 -10.82 19.02
N ASP B 16 -1.42 -11.98 19.22
CA ASP B 16 -1.41 -12.58 20.55
C ASP B 16 -0.94 -14.02 20.29
N PRO B 17 -0.90 -14.87 21.32
CA PRO B 17 -0.36 -16.16 20.92
C PRO B 17 -1.29 -17.00 20.03
N SER B 18 -2.55 -16.57 19.93
CA SER B 18 -3.59 -17.30 19.16
C SER B 18 -3.57 -16.99 17.64
N THR B 19 -2.84 -15.95 17.22
CA THR B 19 -2.86 -15.49 15.84
C THR B 19 -2.31 -16.50 14.81
N PRO B 20 -3.15 -16.93 13.87
CA PRO B 20 -2.59 -17.80 12.84
C PRO B 20 -1.57 -17.12 11.92
N ASP B 21 -0.59 -17.90 11.51
CA ASP B 21 0.40 -17.49 10.53
C ASP B 21 1.16 -16.19 10.88
N ILE B 22 1.50 -16.00 12.15
CA ILE B 22 2.24 -14.80 12.55
C ILE B 22 3.36 -14.48 11.54
N GLN B 23 4.16 -15.49 11.20
CA GLN B 23 5.34 -15.24 10.38
C GLN B 23 4.97 -14.76 8.98
N GLY B 24 3.92 -15.35 8.37
CA GLY B 24 3.63 -14.97 6.99
C GLY B 24 3.17 -13.53 7.02
N LYS B 25 2.49 -13.17 8.09
CA LYS B 25 1.96 -11.83 8.25
C LYS B 25 3.07 -10.82 8.36
N VAL B 26 4.05 -11.11 9.21
CA VAL B 26 5.17 -10.18 9.37
C VAL B 26 6.09 -10.25 8.13
N ASP B 27 6.23 -11.43 7.52
CA ASP B 27 6.98 -11.56 6.27
C ASP B 27 6.34 -10.73 5.12
N GLU B 28 5.00 -10.60 5.13
CA GLU B 28 4.32 -9.78 4.12
C GLU B 28 4.54 -8.27 4.35
N VAL B 29 4.56 -7.82 5.61
CA VAL B 29 4.88 -6.41 5.86
C VAL B 29 6.31 -6.14 5.39
N PHE B 30 7.23 -7.06 5.71
CA PHE B 30 8.62 -6.92 5.26
C PHE B 30 8.71 -6.97 3.73
N ARG B 31 7.90 -7.79 3.08
CA ARG B 31 7.91 -7.90 1.63
C ARG B 31 7.73 -6.53 1.01
N LYS B 32 6.84 -5.76 1.59
CA LYS B 32 6.47 -4.45 1.06
C LYS B 32 7.39 -3.36 1.52
N GLN B 33 7.69 -3.39 2.80
CA GLN B 33 8.45 -2.30 3.39
C GLN B 33 9.96 -2.39 3.19
N GLU B 34 10.44 -3.56 2.81
CA GLU B 34 11.87 -3.85 2.73
C GLU B 34 12.77 -2.81 2.02
N SER B 35 12.43 -2.41 0.82
CA SER B 35 13.22 -1.38 0.14
C SER B 35 12.39 -0.15 -0.11
N ASN B 36 11.33 -0.01 0.68
CA ASN B 36 10.32 1.05 0.52
C ASN B 36 10.82 2.32 1.25
N GLN B 37 11.97 2.85 0.84
CA GLN B 37 12.71 3.84 1.65
C GLN B 37 11.99 5.19 1.86
N PHE B 38 11.21 5.58 0.87
CA PHE B 38 10.62 6.92 0.88
C PHE B 38 9.11 6.91 0.70
N GLY B 39 8.48 5.74 0.53
CA GLY B 39 7.02 5.66 0.51
C GLY B 39 6.34 6.04 1.83
N THR B 40 5.03 6.26 1.75
CA THR B 40 4.24 6.75 2.85
C THR B 40 3.54 5.66 3.69
N ASP B 41 3.74 4.39 3.30
CA ASP B 41 3.23 3.22 4.05
C ASP B 41 3.89 3.25 5.47
N ARG B 42 3.11 2.99 6.53
CA ARG B 42 3.62 2.94 7.92
C ARG B 42 2.97 1.77 8.69
N TYR B 43 3.78 1.08 9.49
CA TYR B 43 3.29 -0.06 10.26
C TYR B 43 3.80 -0.14 11.68
N ALA B 44 2.92 -0.45 12.62
CA ALA B 44 3.33 -0.83 13.97
C ALA B 44 2.90 -2.25 14.27
N LEU B 45 3.86 -3.09 14.68
CA LEU B 45 3.61 -4.50 14.99
C LEU B 45 3.68 -4.62 16.49
N MET B 46 2.54 -4.92 17.13
CA MET B 46 2.42 -4.93 18.57
C MET B 46 2.11 -6.36 19.02
N PHE B 47 2.90 -6.84 19.96
CA PHE B 47 2.78 -8.23 20.47
C PHE B 47 2.27 -8.30 21.90
N LYS B 48 1.11 -8.90 22.09
CA LYS B 48 0.61 -9.16 23.46
C LYS B 48 1.58 -10.03 24.23
N PRO B 49 1.61 -9.90 25.55
CA PRO B 49 2.45 -10.82 26.32
C PRO B 49 2.16 -12.28 26.04
N GLY B 50 3.24 -13.03 26.15
CA GLY B 50 3.24 -14.46 25.91
C GLY B 50 4.65 -14.88 25.47
N THR B 51 4.74 -16.08 24.87
CA THR B 51 5.95 -16.61 24.29
C THR B 51 5.62 -16.99 22.86
N TYR B 52 6.48 -16.60 21.93
CA TYR B 52 6.26 -16.83 20.50
C TYR B 52 7.42 -17.64 19.92
N ASN B 53 7.10 -18.76 19.27
CA ASN B 53 8.05 -19.71 18.72
C ASN B 53 8.25 -19.48 17.23
N ASP B 54 9.38 -19.98 16.73
CA ASP B 54 9.78 -20.02 15.32
C ASP B 54 9.47 -18.74 14.54
N ILE B 55 9.92 -17.65 15.15
CA ILE B 55 9.74 -16.33 14.58
C ILE B 55 11.06 -15.66 14.15
N ASN B 56 11.08 -15.14 12.91
CA ASN B 56 12.22 -14.49 12.22
C ASN B 56 11.57 -13.14 11.84
N ALA B 57 11.50 -12.15 12.72
CA ALA B 57 10.74 -10.91 12.42
C ALA B 57 11.67 -9.91 11.76
N GLN B 58 11.69 -9.93 10.44
CA GLN B 58 12.51 -8.99 9.70
C GLN B 58 11.79 -7.61 9.59
N ILE B 59 12.57 -6.59 9.86
CA ILE B 59 12.06 -5.25 10.07
C ILE B 59 12.55 -4.35 8.91
N GLY B 60 11.61 -3.95 8.06
CA GLY B 60 11.90 -3.02 6.96
C GLY B 60 11.70 -1.58 7.34
N PHE B 61 11.69 -0.71 6.32
CA PHE B 61 11.38 0.70 6.53
C PHE B 61 10.03 0.95 7.20
N TYR B 62 10.01 1.95 8.08
CA TYR B 62 8.77 2.51 8.63
C TYR B 62 7.94 1.45 9.35
N THR B 63 8.67 0.55 10.02
CA THR B 63 8.06 -0.54 10.78
C THR B 63 8.63 -0.46 12.21
N SER B 64 7.73 -0.34 13.18
CA SER B 64 8.06 -0.49 14.59
C SER B 64 7.57 -1.87 15.08
N ILE B 65 8.34 -2.47 15.97
CA ILE B 65 7.92 -3.77 16.57
C ILE B 65 8.12 -3.60 18.08
N ALA B 66 7.14 -4.06 18.85
CA ALA B 66 7.20 -3.90 20.29
C ALA B 66 6.30 -4.91 21.00
N GLY B 67 6.64 -5.16 22.25
CA GLY B 67 5.84 -5.97 23.17
C GLY B 67 4.96 -5.08 24.08
N LEU B 68 3.89 -5.67 24.62
CA LEU B 68 2.85 -4.94 25.35
C LEU B 68 2.70 -5.29 26.85
N GLY B 69 3.71 -5.94 27.45
CA GLY B 69 3.77 -6.12 28.91
C GLY B 69 4.58 -4.97 29.53
N LEU B 70 4.32 -4.53 30.77
CA LEU B 70 5.21 -3.52 31.43
C LEU B 70 6.71 -3.85 31.29
N ASN B 71 7.00 -5.16 31.46
CA ASN B 71 8.34 -5.80 31.48
C ASN B 71 8.71 -6.35 30.10
N PRO B 72 9.97 -6.18 29.67
CA PRO B 72 10.35 -6.80 28.39
C PRO B 72 10.13 -8.32 28.38
N ASP B 73 10.49 -8.95 29.50
CA ASP B 73 10.45 -10.40 29.54
C ASP B 73 9.01 -10.96 29.48
N ASP B 74 8.01 -10.08 29.63
CA ASP B 74 6.60 -10.49 29.55
C ASP B 74 6.23 -10.89 28.11
N THR B 75 7.03 -10.46 27.14
CA THR B 75 6.82 -10.79 25.72
C THR B 75 8.15 -11.30 25.14
N THR B 76 8.32 -12.63 25.03
CA THR B 76 9.55 -13.24 24.53
C THR B 76 9.33 -13.89 23.22
N PHE B 77 10.29 -13.72 22.33
CA PHE B 77 10.32 -14.45 21.10
C PHE B 77 11.40 -15.49 21.27
N ASN B 78 11.06 -16.75 20.96
CA ASN B 78 12.08 -17.75 20.69
C ASN B 78 12.34 -17.67 19.21
N GLY B 79 13.41 -16.97 18.87
CA GLY B 79 13.47 -16.30 17.58
C GLY B 79 14.06 -14.91 17.63
N ASP B 80 13.85 -14.14 16.55
CA ASP B 80 14.68 -12.99 16.23
C ASP B 80 13.88 -11.77 15.76
N VAL B 81 14.45 -10.60 15.99
CA VAL B 81 13.98 -9.34 15.41
C VAL B 81 15.17 -8.85 14.58
N THR B 82 15.12 -9.04 13.27
CA THR B 82 16.28 -8.97 12.40
C THR B 82 16.23 -7.79 11.44
N VAL B 83 17.31 -7.02 11.42
CA VAL B 83 17.61 -6.12 10.31
C VAL B 83 18.95 -6.49 9.70
N ASP B 84 18.95 -6.69 8.39
CA ASP B 84 20.13 -7.02 7.59
C ASP B 84 20.01 -6.17 6.32
N ALA B 85 20.93 -6.33 5.38
CA ALA B 85 21.03 -5.39 4.25
C ALA B 85 20.72 -6.00 2.86
N GLY B 86 20.37 -7.26 2.79
CA GLY B 86 19.87 -7.87 1.56
C GLY B 86 19.51 -6.94 0.41
N TRP B 87 18.56 -6.02 0.65
CA TRP B 87 17.94 -5.24 -0.39
C TRP B 87 18.86 -4.15 -0.95
N PHE B 88 19.84 -3.68 -0.18
CA PHE B 88 20.88 -2.80 -0.71
C PHE B 88 22.12 -3.63 -0.71
N ASP B 89 21.97 -4.86 -1.25
CA ASP B 89 22.95 -5.96 -1.08
C ASP B 89 23.23 -6.27 0.38
N GLY B 90 24.28 -5.61 0.87
CA GLY B 90 24.91 -5.88 2.11
C GLY B 90 25.41 -4.60 2.74
N ASN B 91 24.99 -3.47 2.21
CA ASN B 91 25.45 -2.15 2.67
C ASN B 91 24.35 -1.65 3.59
N ALA B 92 24.63 -1.41 4.85
CA ALA B 92 23.56 -1.11 5.80
C ALA B 92 23.35 0.38 6.00
N THR B 93 24.04 1.21 5.22
CA THR B 93 24.02 2.66 5.48
C THR B 93 22.72 3.40 5.16
N GLN B 94 21.76 2.75 4.49
CA GLN B 94 20.45 3.34 4.32
C GLN B 94 19.35 2.59 5.14
N ASN B 95 19.75 1.82 6.15
CA ASN B 95 18.73 1.11 7.00
C ASN B 95 18.18 2.02 8.11
N PHE B 96 17.30 2.90 7.67
CA PHE B 96 16.77 3.95 8.52
C PHE B 96 15.33 3.68 8.99
N TRP B 97 14.88 4.46 9.96
CA TRP B 97 13.43 4.69 10.23
C TRP B 97 12.68 3.41 10.63
N ARG B 98 13.13 2.78 11.71
CA ARG B 98 12.45 1.59 12.22
C ARG B 98 12.78 1.43 13.71
N SER B 99 12.13 0.53 14.44
CA SER B 99 12.36 0.52 15.88
C SER B 99 11.99 -0.82 16.48
N ALA B 100 12.64 -1.14 17.58
CA ALA B 100 12.29 -2.31 18.41
C ALA B 100 12.24 -1.88 19.86
N GLU B 101 11.18 -2.30 20.57
CA GLU B 101 11.05 -1.94 21.98
C GLU B 101 10.31 -3.00 22.83
N ASN B 102 10.76 -3.19 24.05
CA ASN B 102 9.96 -3.86 25.06
C ASN B 102 9.64 -5.32 24.76
N LEU B 103 10.71 -6.00 24.37
CA LEU B 103 10.69 -7.41 23.99
C LEU B 103 11.93 -8.13 24.56
N ALA B 104 11.74 -9.43 24.86
CA ALA B 104 12.83 -10.34 25.15
C ALA B 104 13.06 -11.23 23.91
N LEU B 105 14.29 -11.40 23.53
CA LEU B 105 14.65 -12.24 22.39
C LEU B 105 15.58 -13.38 22.81
N ASN B 106 15.27 -14.56 22.31
CA ASN B 106 16.06 -15.77 22.49
C ASN B 106 16.47 -16.20 21.07
N PRO B 107 17.52 -15.57 20.55
CA PRO B 107 17.78 -15.70 19.10
C PRO B 107 18.12 -17.11 18.67
N VAL B 108 17.61 -17.49 17.50
CA VAL B 108 17.56 -18.88 17.10
C VAL B 108 18.94 -19.48 17.00
N ASN B 109 19.95 -18.65 16.82
CA ASN B 109 21.29 -19.16 17.01
C ASN B 109 22.19 -18.42 17.97
N GLY B 110 21.60 -17.90 19.04
CA GLY B 110 22.39 -17.29 20.08
C GLY B 110 22.64 -15.81 19.87
N THR B 111 22.54 -15.34 18.63
CA THR B 111 22.90 -13.97 18.28
C THR B 111 21.83 -13.31 17.43
N ASN B 112 21.27 -12.19 17.91
CA ASN B 112 20.28 -11.43 17.14
C ASN B 112 21.02 -10.39 16.26
N ARG B 113 20.59 -10.27 15.01
CA ARG B 113 21.21 -9.33 14.03
C ARG B 113 20.36 -8.04 13.93
N TRP B 114 20.98 -6.89 14.23
CA TRP B 114 20.34 -5.59 14.24
C TRP B 114 21.23 -4.60 13.47
N ALA B 115 21.34 -4.80 12.17
CA ALA B 115 22.31 -4.10 11.36
C ALA B 115 21.69 -2.84 10.78
N VAL B 116 21.58 -1.84 11.63
CA VAL B 116 20.85 -0.61 11.31
C VAL B 116 21.79 0.58 11.13
N SER B 117 21.27 1.67 10.55
CA SER B 117 21.99 2.94 10.54
C SER B 117 21.15 3.93 11.34
N GLN B 118 20.96 5.16 10.88
CA GLN B 118 20.38 6.18 11.75
C GLN B 118 18.88 6.01 11.91
N ALA B 119 18.36 6.53 13.03
CA ALA B 119 16.92 6.57 13.33
C ALA B 119 16.33 5.17 13.41
N ALA B 120 17.06 4.28 14.05
CA ALA B 120 16.63 2.89 14.26
C ALA B 120 16.82 2.48 15.70
N PRO B 121 16.03 3.08 16.60
CA PRO B 121 16.33 2.84 18.02
C PRO B 121 15.95 1.42 18.54
N PHE B 122 16.69 0.99 19.57
CA PHE B 122 16.55 -0.36 20.19
C PHE B 122 16.44 -0.04 21.69
N ARG B 123 15.21 -0.10 22.22
CA ARG B 123 14.93 0.38 23.57
C ARG B 123 14.26 -0.70 24.41
N ARG B 124 14.58 -0.74 25.68
CA ARG B 124 13.88 -1.63 26.62
C ARG B 124 13.82 -3.05 26.11
N MET B 125 14.95 -3.52 25.57
CA MET B 125 15.06 -4.87 25.04
C MET B 125 15.87 -5.74 26.01
N HIS B 126 15.54 -7.02 25.99
CA HIS B 126 16.34 -8.06 26.64
C HIS B 126 16.74 -9.07 25.60
N VAL B 127 18.03 -9.15 25.33
CA VAL B 127 18.58 -10.14 24.41
C VAL B 127 19.28 -11.25 25.20
N LYS B 128 18.75 -12.47 25.10
CA LYS B 128 19.26 -13.63 25.87
C LYS B 128 20.31 -14.37 25.04
N GLY B 129 21.26 -13.57 24.55
CA GLY B 129 22.38 -14.03 23.74
C GLY B 129 23.13 -12.77 23.32
N GLY B 130 23.75 -12.82 22.16
CA GLY B 130 24.55 -11.73 21.69
C GLY B 130 23.76 -10.88 20.72
N LEU B 131 24.34 -9.75 20.31
CA LEU B 131 23.68 -8.80 19.41
C LEU B 131 24.73 -8.36 18.43
N ASN B 132 24.55 -8.77 17.19
CA ASN B 132 25.38 -8.39 16.09
C ASN B 132 24.76 -7.18 15.38
N LEU B 133 25.52 -6.10 15.33
CA LEU B 133 25.05 -4.82 14.75
C LEU B 133 25.45 -4.66 13.30
N ALA B 134 25.92 -5.73 12.67
CA ALA B 134 26.42 -5.63 11.29
C ALA B 134 25.62 -6.49 10.31
N PRO B 135 25.59 -6.06 9.05
CA PRO B 135 24.91 -6.86 8.04
C PRO B 135 25.72 -8.11 7.77
N ASP B 136 25.08 -9.13 7.21
CA ASP B 136 25.83 -10.33 6.86
C ASP B 136 26.82 -9.92 5.78
N GLY B 137 28.08 -10.32 5.92
CA GLY B 137 29.15 -9.92 4.99
C GLY B 137 30.00 -8.73 5.42
N TYR B 138 29.64 -8.09 6.56
CA TYR B 138 30.44 -7.07 7.23
C TYR B 138 30.56 -5.79 6.39
N GLY B 139 29.51 -5.52 5.63
CA GLY B 139 29.37 -4.30 4.82
C GLY B 139 29.20 -3.04 5.64
N TRP B 140 28.95 -1.95 4.94
CA TRP B 140 29.05 -0.71 5.63
C TRP B 140 27.84 -0.44 6.55
N ALA B 141 28.09 0.20 7.69
CA ALA B 141 27.02 0.53 8.62
C ALA B 141 27.36 1.80 9.41
N SER B 142 26.32 2.58 9.69
CA SER B 142 26.45 3.88 10.33
C SER B 142 25.33 4.16 11.38
N GLY B 143 25.28 3.31 12.39
CA GLY B 143 24.33 3.42 13.48
C GLY B 143 24.79 4.39 14.55
N GLY B 144 24.22 4.38 15.74
CA GLY B 144 23.18 3.52 16.20
C GLY B 144 22.87 3.92 17.63
N TYR B 145 21.82 3.32 18.18
CA TYR B 145 21.27 3.77 19.46
C TYR B 145 20.66 2.64 20.26
N ILE B 146 21.22 2.36 21.43
CA ILE B 146 20.66 1.36 22.35
C ILE B 146 20.45 2.08 23.67
N ALA B 147 19.24 1.94 24.21
CA ALA B 147 18.95 2.42 25.56
C ALA B 147 18.11 1.46 26.37
N ASP B 148 18.35 1.49 27.67
CA ASP B 148 17.55 0.77 28.65
C ASP B 148 17.39 -0.72 28.29
N SER B 149 18.48 -1.31 27.84
CA SER B 149 18.46 -2.69 27.35
C SER B 149 19.47 -3.55 28.08
N LYS B 150 19.24 -4.85 28.01
CA LYS B 150 20.16 -5.80 28.65
C LYS B 150 20.52 -6.81 27.59
N ILE B 151 21.81 -6.83 27.24
CA ILE B 151 22.35 -7.82 26.29
C ILE B 151 23.14 -8.82 27.11
N ASP B 152 22.72 -10.08 27.04
CA ASP B 152 23.20 -11.08 28.00
C ASP B 152 24.62 -11.51 27.71
N GLY B 153 25.00 -11.51 26.44
CA GLY B 153 26.40 -11.73 26.09
C GLY B 153 26.96 -10.53 25.36
N GLU B 154 27.63 -10.77 24.23
CA GLU B 154 28.49 -9.76 23.64
C GLU B 154 27.75 -8.96 22.55
N VAL B 155 27.95 -7.64 22.58
CA VAL B 155 27.52 -6.78 21.48
C VAL B 155 28.66 -6.71 20.51
N GLY B 156 28.41 -7.06 19.25
CA GLY B 156 29.46 -7.04 18.25
C GLY B 156 29.16 -6.01 17.16
N PRO B 157 29.86 -4.87 17.19
CA PRO B 157 29.51 -3.85 16.19
C PRO B 157 30.21 -4.09 14.85
N TYR B 158 31.35 -4.80 14.88
CA TYR B 158 32.16 -5.09 13.67
C TYR B 158 32.46 -3.85 12.78
N SER B 159 31.79 -3.73 11.63
CA SER B 159 31.93 -2.60 10.71
C SER B 159 31.23 -1.31 11.10
N GLN B 160 30.34 -1.35 12.08
CA GLN B 160 29.68 -0.10 12.55
C GLN B 160 30.67 1.02 12.86
N GLN B 161 30.47 2.19 12.25
CA GLN B 161 31.47 3.25 12.40
C GLN B 161 31.48 3.77 13.82
N GLN B 162 30.28 3.88 14.36
CA GLN B 162 30.08 4.52 15.65
C GLN B 162 28.79 4.01 16.26
N TRP B 163 28.57 4.32 17.53
CA TRP B 163 27.41 3.81 18.27
C TRP B 163 27.26 4.51 19.61
N TYR B 164 26.02 4.64 20.09
CA TYR B 164 25.78 5.19 21.42
C TYR B 164 24.90 4.25 22.20
N THR B 165 25.33 3.92 23.41
CA THR B 165 24.57 3.06 24.29
C THR B 165 24.36 3.79 25.60
N ARG B 166 23.08 3.81 26.01
CA ARG B 166 22.64 4.53 27.24
C ARG B 166 21.97 3.56 28.24
N ASP B 167 22.42 3.63 29.49
CA ASP B 167 21.67 3.09 30.63
C ASP B 167 21.16 1.65 30.40
N SER B 168 22.14 0.78 30.31
CA SER B 168 21.97 -0.58 29.84
C SER B 168 22.99 -1.50 30.55
N SER B 169 22.89 -2.79 30.25
CA SER B 169 23.89 -3.75 30.69
C SER B 169 24.28 -4.61 29.48
N VAL B 170 25.58 -4.82 29.30
CA VAL B 170 26.06 -5.70 28.23
C VAL B 170 27.01 -6.75 28.80
N GLY B 171 27.01 -7.92 28.20
CA GLY B 171 27.88 -9.02 28.65
C GLY B 171 29.28 -8.89 28.11
N GLY B 172 29.45 -8.13 27.02
CA GLY B 172 30.75 -7.82 26.44
C GLY B 172 30.56 -6.91 25.26
N TRP B 173 31.66 -6.48 24.66
CA TRP B 173 31.67 -5.50 23.59
C TRP B 173 32.87 -5.79 22.71
N GLY B 174 32.59 -6.09 21.45
CA GLY B 174 33.57 -6.69 20.59
C GLY B 174 34.63 -5.74 20.08
N ASN B 175 34.22 -4.54 19.65
CA ASN B 175 35.14 -3.67 18.93
C ASN B 175 34.53 -2.34 18.70
N GLY B 176 35.37 -1.44 18.23
CA GLY B 176 34.94 -0.13 17.81
C GLY B 176 35.80 0.37 16.65
N VAL B 177 35.16 1.12 15.76
CA VAL B 177 35.77 1.57 14.54
C VAL B 177 36.23 3.01 14.73
N TRP B 178 35.30 3.97 14.70
CA TRP B 178 35.62 5.38 14.96
C TRP B 178 35.19 6.03 16.31
N ASN B 179 33.99 5.69 16.81
CA ASN B 179 33.44 6.36 18.01
C ASN B 179 32.33 5.57 18.71
N MET B 180 32.70 4.72 19.66
CA MET B 180 31.70 4.01 20.49
C MET B 180 31.67 4.75 21.82
N THR B 181 30.50 5.28 22.15
CA THR B 181 30.25 6.04 23.37
C THR B 181 29.22 5.34 24.25
N PHE B 182 29.44 5.41 25.56
CA PHE B 182 28.64 4.69 26.52
C PHE B 182 28.39 5.65 27.68
N SER B 183 27.15 5.73 28.18
CA SER B 183 26.89 6.41 29.44
C SER B 183 25.93 5.56 30.26
N GLY B 184 26.33 5.28 31.49
CA GLY B 184 25.51 4.45 32.36
C GLY B 184 25.41 3.01 31.95
N VAL B 185 26.43 2.49 31.29
CA VAL B 185 26.38 1.14 30.77
C VAL B 185 27.20 0.16 31.61
N GLU B 186 26.49 -0.74 32.29
CA GLU B 186 27.11 -1.81 33.05
C GLU B 186 27.75 -2.77 32.07
N GLY B 187 29.06 -2.96 32.19
CA GLY B 187 29.76 -3.88 31.32
C GLY B 187 30.46 -3.24 30.14
N ALA B 188 30.31 -1.93 29.93
CA ALA B 188 31.02 -1.34 28.79
C ALA B 188 32.54 -1.33 29.04
N PRO B 189 33.34 -1.39 27.95
CA PRO B 189 34.78 -1.25 28.23
C PRO B 189 35.17 0.11 28.78
N ALA B 190 36.22 0.15 29.58
CA ALA B 190 36.63 1.41 30.18
C ALA B 190 37.06 2.38 29.10
N GLN B 191 37.12 3.63 29.52
CA GLN B 191 37.59 4.74 28.69
C GLN B 191 38.91 4.32 28.05
N SER B 192 39.10 4.65 26.77
CA SER B 192 40.37 4.31 26.09
C SER B 192 40.68 5.12 24.83
N PHE B 193 39.81 6.06 24.45
CA PHE B 193 39.98 6.81 23.18
C PHE B 193 41.40 7.37 23.17
N PRO B 194 42.17 7.15 22.09
CA PRO B 194 41.72 6.55 20.82
C PRO B 194 41.77 5.03 20.72
N GLU B 195 42.66 4.36 21.45
CA GLU B 195 42.66 2.89 21.34
C GLU B 195 42.26 2.02 22.55
N PRO B 196 41.12 1.34 22.43
CA PRO B 196 40.00 1.45 21.48
C PRO B 196 39.41 2.84 21.42
N PRO B 197 38.60 3.14 20.39
CA PRO B 197 37.91 4.46 20.41
C PRO B 197 36.62 4.43 21.26
N TYR B 198 36.80 4.10 22.55
CA TYR B 198 35.71 4.05 23.52
C TYR B 198 35.72 5.27 24.41
N THR B 199 34.57 5.96 24.43
CA THR B 199 34.30 7.07 25.32
C THR B 199 33.30 6.60 26.35
N THR B 200 33.68 6.63 27.63
CA THR B 200 32.91 5.94 28.68
C THR B 200 32.62 6.79 29.92
N LEU B 201 31.32 7.03 30.15
CA LEU B 201 30.83 7.80 31.27
C LEU B 201 30.12 6.83 32.19
N GLU B 202 30.45 6.91 33.49
CA GLU B 202 29.88 6.03 34.51
C GLU B 202 28.37 6.06 34.55
N THR B 203 27.83 7.26 34.45
CA THR B 203 26.42 7.52 34.63
C THR B 203 26.01 8.47 33.55
N THR B 204 24.70 8.49 33.25
CA THR B 204 24.12 9.50 32.37
C THR B 204 23.55 10.63 33.22
N PRO B 205 23.92 11.88 32.89
CA PRO B 205 23.53 13.09 33.62
C PRO B 205 22.08 13.07 34.14
N VAL B 206 21.12 13.10 33.22
CA VAL B 206 19.77 12.66 33.55
C VAL B 206 19.25 11.93 32.35
N SER B 207 18.40 10.95 32.60
CA SER B 207 17.65 10.31 31.52
C SER B 207 16.24 10.04 31.96
N ARG B 208 15.34 9.99 31.01
CA ARG B 208 13.97 9.65 31.31
C ARG B 208 13.44 8.77 30.19
N GLU B 209 13.10 7.55 30.52
CA GLU B 209 12.80 6.62 29.46
C GLU B 209 11.54 7.01 28.69
N LYS B 210 11.58 6.66 27.42
CA LYS B 210 10.51 6.98 26.47
C LYS B 210 9.20 6.33 26.91
N PRO B 211 8.08 7.05 26.82
CA PRO B 211 6.79 6.38 27.07
C PRO B 211 6.45 5.31 26.03
N PHE B 212 5.64 4.33 26.41
CA PHE B 212 5.31 3.28 25.47
C PHE B 212 3.91 2.73 25.79
N LEU B 213 3.24 2.31 24.74
CA LEU B 213 1.97 1.63 24.85
C LEU B 213 2.17 0.24 25.47
N TYR B 214 1.27 -0.11 26.37
CA TYR B 214 1.29 -1.45 26.94
C TYR B 214 -0.10 -1.88 27.36
N LEU B 215 -0.13 -3.03 28.05
CA LEU B 215 -1.35 -3.58 28.64
C LEU B 215 -1.17 -3.96 30.14
N ASP B 216 -1.91 -3.33 31.05
CA ASP B 216 -2.09 -3.92 32.43
C ASP B 216 -3.36 -4.84 32.59
N GLY B 217 -4.17 -5.11 31.55
CA GLY B 217 -5.15 -6.21 31.59
C GLY B 217 -6.09 -6.44 30.38
N ASP B 218 -7.24 -5.78 30.36
CA ASP B 218 -8.08 -5.75 29.13
C ASP B 218 -7.55 -4.45 28.43
N ASP B 219 -6.85 -3.64 29.24
CA ASP B 219 -6.85 -2.18 29.16
C ASP B 219 -5.60 -1.60 28.44
N TYR B 220 -5.71 -1.10 27.21
CA TYR B 220 -4.62 -0.30 26.62
C TYR B 220 -4.24 0.91 27.52
N LYS B 221 -2.96 1.04 27.82
CA LYS B 221 -2.44 2.19 28.54
C LYS B 221 -1.09 2.63 27.94
N VAL B 222 -0.64 3.82 28.33
CA VAL B 222 0.71 4.31 28.01
C VAL B 222 1.48 4.50 29.33
N PHE B 223 2.63 3.85 29.46
CA PHE B 223 3.50 4.00 30.61
C PHE B 223 4.43 5.18 30.45
N VAL B 224 4.51 6.01 31.49
CA VAL B 224 5.32 7.20 31.49
C VAL B 224 6.34 7.12 32.64
N PRO B 225 7.56 6.68 32.32
CA PRO B 225 8.63 6.57 33.33
C PRO B 225 8.98 7.88 34.01
N ALA B 226 9.06 7.94 35.33
CA ALA B 226 9.64 9.14 35.93
C ALA B 226 11.12 9.21 35.52
N LYS B 227 11.71 10.37 35.74
CA LYS B 227 13.10 10.62 35.35
C LYS B 227 14.08 9.94 36.27
N ARG B 228 15.32 9.92 35.83
CA ARG B 228 16.42 9.31 36.60
C ARG B 228 17.59 10.25 36.59
N THR B 229 18.19 10.46 37.75
CA THR B 229 19.37 11.31 37.78
C THR B 229 20.62 10.45 38.07
N ASN B 230 21.70 10.74 37.35
CA ASN B 230 22.89 9.87 37.30
C ASN B 230 22.58 8.38 37.11
N ALA B 231 21.89 8.13 35.99
CA ALA B 231 21.41 6.82 35.63
C ALA B 231 22.53 5.87 35.27
N ARG B 232 22.36 4.62 35.68
CA ARG B 232 23.24 3.54 35.24
C ARG B 232 22.41 2.25 35.22
N GLY B 233 22.64 1.43 34.21
CA GLY B 233 21.90 0.21 34.03
C GLY B 233 20.43 0.42 33.67
N THR B 234 19.69 -0.66 33.56
CA THR B 234 18.30 -0.58 33.11
C THR B 234 17.40 -0.07 34.24
N SER B 235 16.21 0.36 33.84
CA SER B 235 15.18 0.89 34.71
C SER B 235 14.22 -0.20 35.22
N TRP B 236 14.29 -1.34 34.55
CA TRP B 236 13.50 -2.52 34.85
C TRP B 236 14.56 -3.51 35.29
N GLY B 237 14.33 -4.79 35.12
CA GLY B 237 15.29 -5.69 35.70
C GLY B 237 14.76 -5.43 37.09
N ASN B 238 15.55 -5.59 38.13
CA ASN B 238 15.03 -5.31 39.48
C ASN B 238 14.07 -4.16 39.69
N GLY B 239 12.84 -4.37 39.23
CA GLY B 239 11.67 -3.96 40.00
C GLY B 239 10.46 -3.34 39.28
N THR B 240 9.30 -3.24 39.99
CA THR B 240 8.13 -2.53 39.43
C THR B 240 8.61 -1.17 39.02
N PRO B 241 8.52 -0.90 37.73
CA PRO B 241 9.11 0.36 37.29
C PRO B 241 8.38 1.61 37.83
N GLU B 242 9.19 2.52 38.35
CA GLU B 242 8.77 3.79 38.84
C GLU B 242 8.22 4.58 37.64
N GLY B 243 7.05 5.23 37.78
CA GLY B 243 6.45 5.93 36.66
C GLY B 243 4.93 5.99 36.63
N GLU B 244 4.38 6.85 35.77
CA GLU B 244 2.93 7.07 35.72
C GLU B 244 2.46 6.25 34.53
N SER B 245 1.19 5.83 34.56
CA SER B 245 0.60 5.26 33.36
C SER B 245 -0.87 5.56 33.20
N LEU B 246 -1.20 5.83 31.93
CA LEU B 246 -2.33 6.63 31.52
C LEU B 246 -3.22 5.92 30.50
N PRO B 247 -4.50 5.64 30.88
CA PRO B 247 -5.41 4.97 29.97
C PRO B 247 -5.58 5.66 28.64
N LEU B 248 -5.71 4.84 27.60
CA LEU B 248 -5.97 5.30 26.25
C LEU B 248 -7.18 6.24 26.21
N ASP B 249 -8.12 6.14 27.19
CA ASP B 249 -9.27 7.08 27.20
C ASP B 249 -8.80 8.52 27.44
N GLN B 250 -7.55 8.67 27.89
CA GLN B 250 -6.90 9.97 28.15
C GLN B 250 -6.08 10.48 26.94
N PHE B 251 -6.11 9.73 25.85
CA PHE B 251 -5.44 10.11 24.58
C PHE B 251 -6.41 10.38 23.43
N TYR B 252 -6.18 11.44 22.66
CA TYR B 252 -6.77 11.55 21.34
C TYR B 252 -5.98 10.66 20.40
N VAL B 253 -6.64 9.62 19.88
CA VAL B 253 -6.04 8.71 18.89
C VAL B 253 -6.13 9.42 17.57
N VAL B 254 -5.01 10.07 17.24
CA VAL B 254 -4.90 10.79 15.99
C VAL B 254 -4.88 9.71 14.93
N LYS B 255 -5.57 9.95 13.83
CA LYS B 255 -5.55 9.01 12.69
C LYS B 255 -5.69 9.83 11.37
N PRO B 256 -5.31 9.26 10.18
CA PRO B 256 -5.45 10.05 8.95
C PRO B 256 -6.90 10.62 8.72
N GLY B 257 -7.00 11.82 8.15
CA GLY B 257 -8.11 12.72 8.46
C GLY B 257 -7.70 13.97 9.30
N ALA B 258 -7.32 13.78 10.58
CA ALA B 258 -7.02 14.89 11.56
C ALA B 258 -6.22 16.16 11.22
N THR B 259 -6.94 17.25 11.20
CA THR B 259 -6.36 18.55 11.08
C THR B 259 -5.64 18.97 12.35
N ALA B 260 -4.73 19.92 12.19
CA ALA B 260 -4.18 20.56 13.34
C ALA B 260 -5.33 21.13 14.20
N GLU B 261 -6.38 21.69 13.58
CA GLU B 261 -7.48 22.25 14.38
C GLU B 261 -7.87 21.24 15.44
N THR B 262 -8.01 20.01 15.02
CA THR B 262 -8.49 18.97 15.93
C THR B 262 -7.45 18.44 16.92
N ILE B 263 -6.22 18.24 16.44
CA ILE B 263 -5.12 17.85 17.32
C ILE B 263 -4.99 18.92 18.36
N ASN B 264 -4.89 20.13 17.90
CA ASN B 264 -4.61 21.23 18.80
C ASN B 264 -5.79 21.44 19.79
N ALA B 265 -6.99 21.18 19.31
CA ALA B 265 -8.17 21.24 20.16
C ALA B 265 -8.15 20.10 21.18
N ALA B 266 -7.58 18.97 20.80
CA ALA B 266 -7.53 17.83 21.73
C ALA B 266 -6.69 18.20 22.93
N VAL B 267 -5.54 18.85 22.67
CA VAL B 267 -4.67 19.24 23.75
C VAL B 267 -5.43 20.17 24.67
N ASP B 268 -6.14 21.15 24.10
CA ASP B 268 -6.77 22.22 24.89
C ASP B 268 -7.77 21.61 25.92
N GLN B 269 -8.61 20.69 25.45
CA GLN B 269 -9.52 19.89 26.31
C GLN B 269 -8.76 19.10 27.38
N GLY B 270 -7.45 18.94 27.20
CA GLY B 270 -6.63 18.20 28.17
C GLY B 270 -6.23 16.77 27.81
N LEU B 271 -6.40 16.39 26.56
CA LEU B 271 -6.01 15.07 26.13
C LEU B 271 -4.57 14.98 25.67
N HIS B 272 -3.98 13.84 25.91
CA HIS B 272 -2.71 13.50 25.30
C HIS B 272 -2.92 13.11 23.83
N LEU B 273 -1.83 12.87 23.12
CA LEU B 273 -1.89 12.57 21.69
C LEU B 273 -1.19 11.25 21.37
N LEU B 274 -1.87 10.35 20.68
CA LEU B 274 -1.25 9.12 20.17
C LEU B 274 -1.44 9.14 18.67
N PHE B 275 -0.35 9.31 17.94
CA PHE B 275 -0.40 9.33 16.50
C PHE B 275 -0.31 7.90 15.99
N THR B 276 -1.37 7.42 15.36
CA THR B 276 -1.32 6.08 14.76
C THR B 276 -0.44 6.13 13.52
N PRO B 277 0.03 4.97 13.03
CA PRO B 277 0.99 5.03 11.94
C PRO B 277 0.41 5.55 10.64
N GLY B 278 0.96 6.67 10.19
CA GLY B 278 0.52 7.32 8.98
C GLY B 278 1.31 8.60 8.76
N VAL B 279 0.88 9.35 7.74
CA VAL B 279 1.49 10.60 7.32
C VAL B 279 0.42 11.67 7.41
N TYR B 280 0.71 12.69 8.22
CA TYR B 280 -0.26 13.71 8.60
C TYR B 280 0.18 15.09 8.09
N HIS B 281 -0.62 15.70 7.23
CA HIS B 281 -0.35 17.08 6.83
C HIS B 281 -0.95 18.08 7.88
N VAL B 282 -0.28 19.18 8.09
CA VAL B 282 -0.85 20.19 8.95
C VAL B 282 -0.66 21.53 8.26
N ASP B 283 -1.74 22.31 8.14
CA ASP B 283 -1.63 23.65 7.59
C ASP B 283 -1.46 24.74 8.66
N GLN B 284 -1.13 24.31 9.87
CA GLN B 284 -0.92 25.17 11.01
C GLN B 284 -0.08 24.32 12.01
N PRO B 285 0.76 24.97 12.83
CA PRO B 285 1.54 24.20 13.80
C PRO B 285 0.69 23.42 14.82
N ILE B 286 1.07 22.19 15.08
CA ILE B 286 0.58 21.52 16.27
C ILE B 286 1.13 22.39 17.41
N GLU B 287 0.34 22.58 18.45
CA GLU B 287 0.80 23.38 19.60
C GLU B 287 0.52 22.57 20.83
N ILE B 288 1.57 22.37 21.61
CA ILE B 288 1.46 21.65 22.85
C ILE B 288 1.89 22.61 23.97
N ASP B 289 0.88 23.17 24.63
CA ASP B 289 1.06 24.21 25.66
C ASP B 289 0.35 23.86 26.97
N ARG B 290 0.38 22.58 27.28
CA ARG B 290 -0.19 22.04 28.50
C ARG B 290 0.86 21.16 29.17
N ALA B 291 1.17 21.45 30.43
CA ALA B 291 2.20 20.73 31.11
C ALA B 291 1.89 19.21 31.12
N ASN B 292 2.95 18.42 31.01
CA ASN B 292 2.83 16.95 31.11
C ASN B 292 2.15 16.21 29.96
N THR B 293 1.93 16.92 28.87
CA THR B 293 1.37 16.32 27.66
C THR B 293 2.34 15.34 27.05
N VAL B 294 1.84 14.12 26.80
CA VAL B 294 2.55 13.10 26.00
C VAL B 294 2.07 13.15 24.55
N ALA B 295 3.02 13.16 23.63
CA ALA B 295 2.78 13.17 22.20
C ALA B 295 3.56 12.03 21.62
N LEU B 296 2.88 10.91 21.44
CA LEU B 296 3.55 9.65 21.15
C LEU B 296 3.12 9.17 19.75
N GLY B 297 4.12 8.93 18.89
CA GLY B 297 3.90 8.29 17.60
C GLY B 297 4.17 6.79 17.62
N LEU B 298 3.35 6.06 16.88
CA LEU B 298 3.55 4.65 16.60
C LEU B 298 3.96 4.47 15.13
N GLY B 299 4.76 3.46 14.86
CA GLY B 299 5.05 3.06 13.51
C GLY B 299 5.59 4.20 12.63
N LEU B 300 6.48 5.04 13.18
CA LEU B 300 7.15 6.09 12.42
C LEU B 300 6.12 7.09 11.82
N ALA B 301 5.07 7.33 12.60
CA ALA B 301 4.12 8.39 12.34
C ALA B 301 4.84 9.67 11.97
N THR B 302 4.40 10.28 10.87
CA THR B 302 5.09 11.41 10.27
C THR B 302 4.19 12.63 10.15
N ILE B 303 4.75 13.82 10.41
CA ILE B 303 4.04 15.08 10.26
C ILE B 303 4.72 15.85 9.13
N ILE B 304 3.93 16.33 8.19
CA ILE B 304 4.41 17.20 7.12
C ILE B 304 3.73 18.56 7.21
N PRO B 305 4.53 19.61 7.39
CA PRO B 305 4.03 20.98 7.46
C PRO B 305 3.82 21.56 6.06
N ASP B 306 2.59 21.99 5.77
CA ASP B 306 2.26 22.59 4.49
C ASP B 306 2.41 24.09 4.61
N ASN B 307 2.52 24.76 3.44
CA ASN B 307 2.47 26.23 3.36
C ASN B 307 3.53 26.94 4.19
N GLY B 308 4.63 26.26 4.44
CA GLY B 308 5.75 26.83 5.16
C GLY B 308 5.57 26.99 6.66
N VAL B 309 4.56 26.34 7.22
CA VAL B 309 4.33 26.42 8.65
C VAL B 309 5.33 25.59 9.44
N THR B 310 5.47 25.93 10.73
CA THR B 310 6.16 25.10 11.68
C THR B 310 5.27 23.89 12.00
N ALA B 311 5.83 22.69 12.10
CA ALA B 311 4.98 21.51 12.29
C ALA B 311 4.64 21.32 13.77
N LEU B 312 5.56 21.70 14.65
CA LEU B 312 5.39 21.42 16.06
C LEU B 312 6.00 22.51 16.96
N LYS B 313 5.19 23.03 17.87
CA LYS B 313 5.62 24.09 18.82
C LYS B 313 5.17 23.69 20.20
N VAL B 314 6.15 23.51 21.09
CA VAL B 314 5.88 23.18 22.50
C VAL B 314 6.02 24.46 23.30
N GLY B 315 5.13 24.61 24.29
CA GLY B 315 5.05 25.85 25.05
C GLY B 315 6.03 25.85 26.18
N ASP B 316 6.06 26.94 26.97
CA ASP B 316 7.02 27.11 28.07
C ASP B 316 6.60 26.35 29.33
N VAL B 317 6.13 25.12 29.15
CA VAL B 317 5.59 24.33 30.23
C VAL B 317 6.51 23.16 30.61
N ASP B 318 6.24 22.59 31.78
CA ASP B 318 6.96 21.44 32.27
C ASP B 318 6.45 20.14 31.58
N GLY B 319 7.35 19.16 31.45
CA GLY B 319 6.95 17.79 31.33
C GLY B 319 6.37 17.28 30.02
N VAL B 320 6.54 18.02 28.95
CA VAL B 320 6.02 17.58 27.68
C VAL B 320 6.97 16.48 27.18
N LYS B 321 6.37 15.38 26.73
CA LYS B 321 7.12 14.23 26.21
C LYS B 321 6.75 13.93 24.73
N VAL B 322 7.64 14.32 23.82
CA VAL B 322 7.44 14.14 22.39
C VAL B 322 8.21 12.88 22.00
N ALA B 323 7.56 11.95 21.30
CA ALA B 323 8.16 10.63 21.13
C ALA B 323 7.72 9.90 19.88
N GLY B 324 8.66 9.42 19.05
CA GLY B 324 8.33 8.52 17.96
C GLY B 324 8.10 9.05 16.55
N LEU B 325 8.19 10.36 16.42
CA LEU B 325 7.68 11.09 15.25
C LEU B 325 8.77 11.44 14.29
N LEU B 326 8.43 11.36 13.01
CA LEU B 326 9.27 11.87 11.93
C LEU B 326 8.63 13.17 11.40
N VAL B 327 9.35 14.26 11.44
CA VAL B 327 8.89 15.52 10.85
C VAL B 327 9.56 15.69 9.50
N ASP B 328 8.78 15.73 8.43
CA ASP B 328 9.29 15.68 7.06
C ASP B 328 8.92 17.01 6.39
N ALA B 329 9.93 17.78 5.97
CA ALA B 329 9.66 19.09 5.39
C ALA B 329 8.77 18.99 4.12
N GLY B 330 7.90 19.99 3.93
CA GLY B 330 7.18 20.18 2.67
C GLY B 330 8.03 20.98 1.69
N PRO B 331 7.58 21.11 0.43
CA PRO B 331 8.47 21.80 -0.52
C PRO B 331 8.48 23.31 -0.32
N VAL B 332 7.43 23.85 0.28
CA VAL B 332 7.47 25.26 0.70
C VAL B 332 8.38 25.37 1.92
N ASN B 333 9.37 26.23 1.80
CA ASN B 333 10.28 26.40 2.93
C ASN B 333 9.64 26.79 4.23
N SER B 334 9.93 26.01 5.28
CA SER B 334 9.53 26.36 6.62
C SER B 334 10.68 27.04 7.36
N GLU B 335 10.36 28.15 7.99
CA GLU B 335 11.29 28.89 8.81
C GLU B 335 11.87 28.04 9.96
N THR B 336 11.00 27.30 10.61
CA THR B 336 11.39 26.27 11.55
C THR B 336 10.52 25.05 11.39
N LEU B 337 11.02 23.87 11.76
CA LEU B 337 10.17 22.69 11.74
C LEU B 337 9.65 22.29 13.15
N VAL B 338 10.49 22.44 14.16
CA VAL B 338 10.13 22.09 15.55
C VAL B 338 10.70 23.14 16.49
N GLU B 339 9.83 23.75 17.29
CA GLU B 339 10.27 24.69 18.32
C GLU B 339 9.92 24.17 19.70
N VAL B 340 10.87 24.27 20.63
CA VAL B 340 10.65 23.79 21.99
C VAL B 340 10.85 25.02 22.87
N GLY B 341 9.72 25.63 23.23
CA GLY B 341 9.69 26.84 24.02
C GLY B 341 9.66 28.10 23.17
N SER B 342 9.29 29.19 23.81
CA SER B 342 9.22 30.49 23.16
C SER B 342 10.58 31.21 23.12
N ASP B 343 10.88 31.91 22.01
CA ASP B 343 12.21 32.51 21.82
C ASP B 343 12.97 32.85 23.12
N GLY B 344 12.68 33.94 23.77
CA GLY B 344 13.46 34.31 24.95
C GLY B 344 13.02 33.69 26.28
N ALA B 345 12.54 32.45 26.25
CA ALA B 345 12.01 31.83 27.46
C ALA B 345 13.08 31.60 28.50
N SER B 346 12.85 32.12 29.71
CA SER B 346 13.82 32.01 30.75
C SER B 346 13.35 31.36 32.05
N GLY B 347 12.21 30.70 32.00
CA GLY B 347 11.82 29.86 33.13
C GLY B 347 12.62 28.60 33.20
N ASP B 348 12.64 27.96 34.38
CA ASP B 348 13.31 26.69 34.56
C ASP B 348 12.35 25.50 34.74
N HIS B 349 12.78 24.32 34.29
CA HIS B 349 11.95 23.11 34.24
C HIS B 349 12.75 21.91 34.81
N ALA B 350 13.55 22.12 35.86
CA ALA B 350 14.55 21.14 36.27
C ALA B 350 13.92 19.85 36.80
N ALA B 351 12.90 19.98 37.64
CA ALA B 351 12.25 18.85 38.29
C ALA B 351 11.48 17.98 37.27
N ASN B 352 10.94 18.61 36.23
CA ASN B 352 10.18 17.89 35.19
C ASN B 352 10.37 18.52 33.81
N PRO B 353 11.48 18.16 33.16
CA PRO B 353 11.80 18.74 31.86
C PRO B 353 10.87 18.29 30.74
N THR B 354 10.90 19.04 29.65
CA THR B 354 10.35 18.61 28.37
C THR B 354 11.38 17.78 27.66
N SER B 355 10.92 16.75 26.96
CA SER B 355 11.81 15.85 26.26
C SER B 355 11.38 15.54 24.83
N LEU B 356 12.40 15.37 24.00
CA LEU B 356 12.26 14.98 22.62
C LEU B 356 13.02 13.65 22.51
N GLN B 357 12.33 12.60 22.11
CA GLN B 357 12.92 11.25 22.04
C GLN B 357 12.48 10.54 20.79
N ASP B 358 13.44 9.97 20.06
CA ASP B 358 13.12 9.38 18.75
C ASP B 358 12.31 10.35 17.90
N VAL B 359 12.78 11.60 17.87
CA VAL B 359 12.23 12.62 16.96
C VAL B 359 13.24 12.74 15.83
N PHE B 360 12.76 12.47 14.63
CA PHE B 360 13.61 12.46 13.45
C PHE B 360 13.10 13.53 12.49
N VAL B 361 14.02 14.25 11.87
CA VAL B 361 13.65 15.27 10.88
C VAL B 361 14.26 14.94 9.54
N ARG B 362 13.47 15.08 8.48
CA ARG B 362 13.96 14.85 7.12
C ARG B 362 13.66 16.06 6.26
N ILE B 363 14.66 16.56 5.55
CA ILE B 363 14.48 17.60 4.57
C ILE B 363 14.84 17.08 3.18
N GLY B 364 13.82 16.81 2.37
CA GLY B 364 14.02 16.29 1.03
C GLY B 364 14.12 14.79 1.01
N GLY B 365 14.26 14.21 -0.18
CA GLY B 365 14.49 12.78 -0.29
C GLY B 365 13.26 12.02 -0.72
N ALA B 366 12.14 12.37 -0.11
CA ALA B 366 10.84 11.85 -0.51
C ALA B 366 10.06 12.92 -1.29
N GLY B 367 10.81 13.68 -2.09
CA GLY B 367 10.28 14.82 -2.81
C GLY B 367 11.01 16.05 -2.31
N PRO B 368 11.04 17.13 -3.10
CA PRO B 368 11.74 18.29 -2.61
C PRO B 368 11.14 18.81 -1.30
N GLY B 369 12.02 19.27 -0.44
CA GLY B 369 11.66 19.78 0.86
C GLY B 369 12.72 20.82 1.29
N LYS B 370 12.28 21.85 2.03
CA LYS B 370 13.17 22.90 2.53
C LYS B 370 12.76 23.46 3.88
N ALA B 371 13.74 23.80 4.71
CA ALA B 371 13.53 24.50 5.97
C ALA B 371 14.78 25.25 6.38
N THR B 372 14.62 26.39 7.03
CA THR B 372 15.76 27.21 7.39
C THR B 372 16.50 26.67 8.62
N THR B 373 15.75 26.35 9.68
CA THR B 373 16.33 25.82 10.92
C THR B 373 15.47 24.72 11.52
N SER B 374 15.94 23.49 11.52
CA SER B 374 15.03 22.36 11.78
C SER B 374 14.47 22.25 13.20
N ILE B 375 15.32 22.46 14.21
CA ILE B 375 14.85 22.36 15.59
C ILE B 375 15.46 23.45 16.42
N VAL B 376 14.61 24.26 17.03
CA VAL B 376 15.04 25.28 17.98
C VAL B 376 14.66 24.81 19.34
N VAL B 377 15.64 24.76 20.22
CA VAL B 377 15.37 24.46 21.61
C VAL B 377 15.63 25.68 22.48
N ASN B 378 14.56 26.35 22.89
CA ASN B 378 14.65 27.48 23.83
C ASN B 378 14.43 27.12 25.28
N SER B 379 13.58 26.17 25.56
CA SER B 379 13.28 25.83 26.95
C SER B 379 14.47 25.28 27.75
N ASN B 380 14.71 25.88 28.90
CA ASN B 380 15.76 25.42 29.80
C ASN B 380 15.46 24.00 30.27
N ASP B 381 16.51 23.22 30.47
CA ASP B 381 16.46 21.89 31.07
C ASP B 381 15.94 20.79 30.11
N THR B 382 15.69 21.17 28.86
CA THR B 382 15.19 20.22 27.85
C THR B 382 16.15 19.08 27.62
N ILE B 383 15.59 17.88 27.49
CA ILE B 383 16.36 16.68 27.14
C ILE B 383 16.06 16.25 25.70
N ILE B 384 17.13 16.09 24.90
CA ILE B 384 17.05 15.65 23.52
C ILE B 384 17.72 14.28 23.53
N ASP B 385 16.92 13.21 23.54
CA ASP B 385 17.43 11.85 23.75
C ASP B 385 17.11 11.01 22.52
N HIS B 386 18.08 10.94 21.63
CA HIS B 386 17.97 10.31 20.30
C HIS B 386 17.23 11.13 19.28
N THR B 387 18.00 11.90 18.54
CA THR B 387 17.47 12.56 17.34
C THR B 387 18.37 12.34 16.13
N TRP B 388 17.73 12.24 14.96
CA TRP B 388 18.41 12.33 13.67
C TRP B 388 17.75 13.45 12.88
N VAL B 389 18.56 14.46 12.57
CA VAL B 389 18.11 15.67 11.90
C VAL B 389 18.92 15.66 10.61
N TRP B 390 18.24 15.37 9.51
CA TRP B 390 18.88 14.90 8.27
C TRP B 390 18.39 15.67 7.05
N ARG B 391 19.30 16.44 6.45
CA ARG B 391 19.04 17.03 5.14
C ARG B 391 19.38 15.95 4.15
N ALA B 392 18.42 15.51 3.34
CA ALA B 392 18.63 14.31 2.57
C ALA B 392 19.85 14.45 1.64
N ASP B 393 20.63 13.37 1.52
CA ASP B 393 21.74 13.36 0.60
C ASP B 393 21.49 12.51 -0.63
N HIS B 394 20.35 11.84 -0.69
CA HIS B 394 19.97 10.97 -1.81
C HIS B 394 18.46 10.88 -1.79
N GLY B 395 17.88 10.29 -2.83
CA GLY B 395 16.41 10.29 -2.99
C GLY B 395 15.98 11.31 -4.03
N GLU B 396 14.68 11.61 -4.07
CA GLU B 396 14.12 12.58 -5.01
C GLU B 396 14.01 13.97 -4.35
N GLY B 397 14.31 15.02 -5.11
CA GLY B 397 14.18 16.39 -4.60
C GLY B 397 15.31 16.82 -3.69
N VAL B 398 16.53 16.40 -4.05
CA VAL B 398 17.74 16.75 -3.29
C VAL B 398 18.74 17.41 -4.23
N GLY B 399 19.41 18.42 -3.68
CA GLY B 399 20.29 19.31 -4.42
C GLY B 399 20.62 20.54 -3.59
N TRP B 400 21.75 21.15 -3.89
CA TRP B 400 22.29 22.25 -3.11
C TRP B 400 21.32 23.43 -3.01
N GLU B 401 20.41 23.58 -3.95
CA GLU B 401 19.30 24.55 -3.82
C GLU B 401 17.99 23.78 -3.62
N THR B 402 17.89 22.66 -4.32
CA THR B 402 16.67 21.83 -4.33
C THR B 402 16.07 21.57 -2.92
N ASN B 403 16.87 20.97 -2.04
CA ASN B 403 16.49 20.83 -0.66
C ASN B 403 17.43 21.57 0.30
N ARG B 404 17.71 22.82 -0.03
CA ARG B 404 18.47 23.68 0.87
C ARG B 404 17.89 23.65 2.29
N ALA B 405 18.81 23.54 3.23
CA ALA B 405 18.46 23.62 4.64
C ALA B 405 19.68 24.14 5.38
N ASP B 406 19.63 25.37 5.84
CA ASP B 406 20.90 25.96 6.31
C ASP B 406 21.32 25.44 7.67
N TYR B 407 20.35 25.29 8.59
CA TYR B 407 20.66 25.00 9.98
C TYR B 407 19.91 23.79 10.53
N GLY B 408 20.61 22.92 11.23
CA GLY B 408 19.96 21.73 11.78
C GLY B 408 19.29 22.00 13.11
N VAL B 409 20.13 22.05 14.12
CA VAL B 409 19.66 22.24 15.50
C VAL B 409 20.25 23.52 16.03
N HIS B 410 19.42 24.33 16.71
CA HIS B 410 19.90 25.54 17.40
C HIS B 410 19.42 25.46 18.84
N VAL B 411 20.36 25.33 19.77
CA VAL B 411 19.98 25.29 21.19
C VAL B 411 20.26 26.64 21.82
N LYS B 412 19.17 27.28 22.24
CA LYS B 412 19.22 28.62 22.86
C LYS B 412 19.06 28.54 24.38
N GLY B 413 18.46 27.45 24.88
CA GLY B 413 18.16 27.29 26.30
C GLY B 413 19.33 26.81 27.15
N ASP B 414 19.19 26.97 28.47
CA ASP B 414 20.19 26.59 29.42
C ASP B 414 20.01 25.20 29.97
N ASN B 415 21.11 24.61 30.32
CA ASN B 415 21.13 23.28 30.93
C ASN B 415 20.37 22.27 30.05
N VAL B 416 20.55 22.38 28.75
CA VAL B 416 19.99 21.41 27.80
C VAL B 416 20.94 20.23 27.65
N LEU B 417 20.37 19.03 27.56
CA LEU B 417 21.18 17.80 27.47
C LEU B 417 20.75 17.07 26.23
N ALA B 418 21.72 16.79 25.36
CA ALA B 418 21.55 15.92 24.23
C ALA B 418 22.30 14.62 24.43
N THR B 419 21.58 13.51 24.30
CA THR B 419 22.16 12.17 24.39
C THR B 419 21.83 11.44 23.09
N GLY B 420 22.85 11.13 22.28
CA GLY B 420 22.63 10.49 20.98
C GLY B 420 22.13 11.46 19.94
N LEU B 421 22.99 12.41 19.61
CA LEU B 421 22.66 13.47 18.65
C LEU B 421 23.27 13.15 17.28
N PHE B 422 22.43 12.94 16.26
CA PHE B 422 22.85 12.66 14.88
C PHE B 422 22.31 13.81 13.98
N VAL B 423 23.17 14.60 13.36
CA VAL B 423 22.74 15.71 12.52
C VAL B 423 23.63 15.81 11.30
N GLU B 424 23.02 15.77 10.11
CA GLU B 424 23.82 15.63 8.88
C GLU B 424 23.38 16.47 7.69
N HIS B 425 24.39 17.02 7.02
CA HIS B 425 24.34 17.59 5.67
C HIS B 425 23.76 18.99 5.49
N PHE B 426 23.65 19.78 6.56
CA PHE B 426 23.13 21.12 6.41
C PHE B 426 24.07 22.05 5.60
N ASN B 427 23.47 23.01 4.88
CA ASN B 427 24.25 23.97 4.10
C ASN B 427 25.17 24.84 4.91
N LYS B 428 24.78 25.12 6.15
CA LYS B 428 25.55 25.95 7.07
C LYS B 428 25.76 25.13 8.36
N TYR B 429 25.56 25.70 9.54
CA TYR B 429 25.86 24.98 10.77
C TYR B 429 24.89 23.87 11.11
N ASP B 430 25.38 22.66 11.25
CA ASP B 430 24.47 21.54 11.54
C ASP B 430 23.91 21.76 12.92
N VAL B 431 24.80 22.05 13.85
CA VAL B 431 24.40 22.32 15.24
C VAL B 431 25.06 23.58 15.72
N GLN B 432 24.22 24.44 16.30
CA GLN B 432 24.68 25.67 16.96
C GLN B 432 24.15 25.75 18.37
N TRP B 433 25.04 26.00 19.31
CA TRP B 433 24.70 26.03 20.72
C TRP B 433 25.14 27.33 21.38
N SER B 434 24.16 28.09 21.86
CA SER B 434 24.49 29.32 22.59
C SER B 434 23.82 29.54 23.91
N GLY B 435 23.04 28.57 24.37
CA GLY B 435 22.65 28.53 25.76
C GLY B 435 23.82 28.10 26.63
N GLU B 436 23.65 28.30 27.93
CA GLU B 436 24.66 27.99 28.90
C GLU B 436 24.52 26.56 29.40
N ASN B 437 25.67 26.02 29.80
CA ASN B 437 25.71 24.71 30.46
C ASN B 437 25.09 23.60 29.65
N GLY B 438 25.24 23.66 28.34
CA GLY B 438 24.86 22.54 27.49
C GLY B 438 25.82 21.35 27.63
N LYS B 439 25.27 20.16 27.43
CA LYS B 439 26.06 18.92 27.42
C LYS B 439 25.58 18.07 26.26
N THR B 440 26.52 17.53 25.50
CA THR B 440 26.22 16.52 24.46
C THR B 440 27.02 15.26 24.75
N ILE B 441 26.32 14.15 24.85
CA ILE B 441 26.95 12.84 24.96
C ILE B 441 26.58 12.08 23.67
N PHE B 442 27.62 11.90 22.86
CA PHE B 442 27.59 11.31 21.51
C PHE B 442 27.01 12.23 20.43
N TYR B 443 27.85 12.54 19.44
CA TYR B 443 27.47 13.30 18.24
C TYR B 443 28.05 12.61 17.00
N GLN B 444 27.16 12.39 16.02
CA GLN B 444 27.57 11.97 14.68
C GLN B 444 27.05 12.98 13.66
N ASN B 445 28.00 13.53 12.92
CA ASN B 445 27.74 14.44 11.80
C ASN B 445 28.41 13.95 10.53
N ALA B 446 27.76 14.22 9.40
CA ALA B 446 28.42 14.24 8.09
C ALA B 446 28.06 15.56 7.43
N LYS B 447 29.04 16.15 6.75
CA LYS B 447 28.85 17.46 6.12
C LYS B 447 28.18 17.30 4.77
N ALA B 448 27.53 18.37 4.33
CA ALA B 448 26.85 18.35 3.04
C ALA B 448 27.79 17.76 1.98
N TYR B 449 27.32 16.85 1.14
CA TYR B 449 28.18 16.22 0.13
C TYR B 449 28.18 17.01 -1.17
N ASP B 450 27.12 17.81 -1.34
CA ASP B 450 26.77 18.44 -2.61
C ASP B 450 27.21 19.88 -2.75
N ALA B 451 28.02 20.32 -1.80
CA ALA B 451 28.62 21.63 -1.89
C ALA B 451 29.32 21.84 -3.24
N PRO B 452 28.99 22.95 -3.95
CA PRO B 452 29.55 23.12 -5.32
C PRO B 452 31.01 23.56 -5.48
N ASP B 453 31.46 24.36 -4.52
CA ASP B 453 32.72 25.09 -4.61
C ASP B 453 33.07 25.50 -3.18
N GLN B 454 34.26 26.03 -3.00
CA GLN B 454 34.67 26.55 -1.73
C GLN B 454 33.84 27.77 -1.27
N ALA B 455 33.44 28.63 -2.19
CA ALA B 455 32.67 29.80 -1.77
C ALA B 455 31.27 29.44 -1.25
N ALA B 456 30.74 28.29 -1.63
CA ALA B 456 29.36 27.88 -1.24
C ALA B 456 29.26 27.65 0.24
N ILE B 457 30.43 27.43 0.84
CA ILE B 457 30.51 27.13 2.25
C ILE B 457 31.47 28.10 2.98
N GLN B 458 31.84 29.19 2.31
CA GLN B 458 32.67 30.21 2.95
C GLN B 458 31.87 30.88 4.09
N ASN B 459 32.44 30.89 5.29
CA ASN B 459 31.79 31.42 6.51
C ASN B 459 32.68 32.60 6.95
N GLY B 460 32.70 33.71 6.18
CA GLY B 460 33.73 34.73 6.36
C GLY B 460 35.15 34.31 5.93
N ASP B 461 36.14 34.36 6.82
CA ASP B 461 37.45 33.76 6.52
C ASP B 461 37.61 32.42 7.22
N ILE B 462 36.49 31.78 7.53
CA ILE B 462 36.49 30.34 7.79
C ILE B 462 35.93 29.62 6.56
N LYS B 463 36.67 28.59 6.16
CA LYS B 463 36.25 27.74 5.07
C LYS B 463 35.29 26.69 5.65
N GLY B 464 34.04 26.75 5.23
CA GLY B 464 33.03 25.83 5.69
C GLY B 464 32.45 26.28 7.02
N TYR B 465 31.32 25.68 7.38
CA TYR B 465 30.65 25.89 8.66
C TYR B 465 30.86 24.68 9.57
N ALA B 466 31.22 24.90 10.81
CA ALA B 466 31.37 23.80 11.76
C ALA B 466 30.12 22.91 11.79
N ALA B 467 30.34 21.62 11.99
CA ALA B 467 29.24 20.71 12.32
C ALA B 467 28.64 21.01 13.69
N TYR B 468 29.43 21.56 14.58
CA TYR B 468 29.02 21.82 15.94
C TYR B 468 29.76 23.04 16.45
N LYS B 469 29.01 24.14 16.60
CA LYS B 469 29.54 25.42 17.04
C LYS B 469 28.92 25.85 18.32
N VAL B 470 29.78 26.14 19.28
CA VAL B 470 29.39 26.78 20.52
C VAL B 470 29.70 28.26 20.38
N ASP B 471 28.72 29.09 20.66
CA ASP B 471 28.96 30.52 20.52
C ASP B 471 30.04 30.95 21.54
N ASP B 472 30.86 31.94 21.19
CA ASP B 472 31.99 32.34 22.06
C ASP B 472 31.44 33.12 23.29
N SER B 473 30.14 33.38 23.27
CA SER B 473 29.44 33.98 24.42
C SER B 473 29.31 32.97 25.57
N VAL B 474 29.42 31.71 25.22
CA VAL B 474 29.13 30.64 26.17
C VAL B 474 30.22 30.60 27.25
N THR B 475 29.83 30.28 28.48
CA THR B 475 30.78 30.17 29.59
C THR B 475 30.99 28.75 30.09
N THR B 476 29.97 27.94 29.85
CA THR B 476 30.01 26.53 30.22
C THR B 476 29.41 25.71 29.08
N HIS B 477 30.15 24.69 28.65
CA HIS B 477 29.65 23.69 27.71
C HIS B 477 30.52 22.42 27.84
N GLU B 478 29.94 21.24 27.62
CA GLU B 478 30.75 20.02 27.62
C GLU B 478 30.21 19.02 26.62
N GLY B 479 31.09 18.36 25.87
CA GLY B 479 30.67 17.38 24.90
C GLY B 479 31.63 16.19 24.94
N TRP B 480 31.07 15.00 24.70
CA TRP B 480 31.85 13.74 24.76
C TRP B 480 31.54 12.88 23.55
N GLY B 481 32.59 12.40 22.86
CA GLY B 481 32.39 11.39 21.83
C GLY B 481 31.72 11.90 20.57
N MET B 482 32.44 12.77 19.86
CA MET B 482 31.83 13.52 18.81
C MET B 482 32.63 13.45 17.53
N GLY B 483 31.93 13.16 16.43
CA GLY B 483 32.59 13.04 15.14
C GLY B 483 31.86 13.74 14.01
N SER B 484 32.65 14.26 13.08
CA SER B 484 32.16 14.89 11.87
C SER B 484 32.90 14.30 10.66
N TYR B 485 32.16 13.84 9.66
CA TYR B 485 32.77 13.25 8.47
C TYR B 485 32.45 14.07 7.23
N CYS B 486 33.39 14.09 6.27
CA CYS B 486 33.13 14.76 4.98
C CYS B 486 33.24 13.82 3.80
N TYR B 487 32.49 14.16 2.76
CA TYR B 487 32.42 13.42 1.50
C TYR B 487 31.95 14.39 0.46
N PHE B 488 32.86 15.27 0.11
CA PHE B 488 32.52 16.38 -0.74
C PHE B 488 32.68 15.80 -2.09
N ASN B 489 31.72 15.02 -2.59
CA ASN B 489 32.06 14.41 -3.85
C ASN B 489 32.08 15.63 -4.64
N VAL B 490 30.88 16.09 -4.96
CA VAL B 490 30.66 16.97 -6.09
C VAL B 490 31.92 17.70 -6.49
N ASN B 491 32.63 18.19 -5.46
CA ASN B 491 33.90 18.88 -5.65
C ASN B 491 34.89 18.48 -4.58
N PRO B 492 35.69 17.43 -4.87
CA PRO B 492 36.52 16.91 -3.77
C PRO B 492 37.73 17.73 -3.54
N ASP B 493 37.89 18.83 -4.28
CA ASP B 493 39.00 19.74 -4.02
C ASP B 493 38.64 20.69 -2.88
N ILE B 494 37.42 20.57 -2.32
CA ILE B 494 36.99 21.39 -1.20
C ILE B 494 37.74 21.09 0.11
N ARG B 495 37.82 22.10 0.95
CA ARG B 495 38.43 22.00 2.27
C ARG B 495 37.48 22.53 3.34
N GLN B 496 37.29 21.73 4.42
CA GLN B 496 36.51 22.08 5.58
C GLN B 496 37.49 22.46 6.68
N GLN B 497 37.42 23.69 7.19
CA GLN B 497 38.43 24.10 8.19
C GLN B 497 38.39 23.20 9.40
N HIS B 498 37.21 22.97 9.95
CA HIS B 498 37.10 22.17 11.17
C HIS B 498 35.73 21.53 11.31
N GLY B 499 35.65 20.53 12.19
CA GLY B 499 34.40 19.90 12.55
C GLY B 499 33.65 20.67 13.62
N PHE B 500 34.42 21.26 14.53
CA PHE B 500 33.94 21.90 15.74
C PHE B 500 34.51 23.31 15.89
N GLN B 501 33.73 24.18 16.49
CA GLN B 501 34.16 25.51 16.87
C GLN B 501 33.60 25.94 18.23
N ALA B 502 34.44 26.53 19.05
CA ALA B 502 34.04 26.91 20.39
C ALA B 502 35.06 27.85 21.00
N PRO B 503 34.64 28.59 22.03
CA PRO B 503 35.60 29.43 22.73
C PRO B 503 36.54 28.65 23.63
N VAL B 504 37.58 29.33 24.11
CA VAL B 504 38.62 28.70 24.89
C VAL B 504 38.58 29.23 26.37
N LYS B 505 37.85 28.52 27.21
CA LYS B 505 37.51 28.92 28.56
C LYS B 505 37.52 27.69 29.46
N PRO B 506 37.90 27.85 30.75
CA PRO B 506 37.94 26.61 31.54
C PRO B 506 36.62 25.86 31.59
N GLY B 507 35.49 26.55 31.41
CA GLY B 507 34.19 25.92 31.58
C GLY B 507 33.67 25.33 30.27
N VAL B 508 34.38 25.53 29.15
CA VAL B 508 34.01 24.92 27.84
C VAL B 508 35.03 23.82 27.53
N LYS B 509 34.54 22.60 27.37
CA LYS B 509 35.43 21.47 27.30
C LYS B 509 34.85 20.35 26.45
N PHE B 510 35.75 19.70 25.72
CA PHE B 510 35.36 18.59 24.86
C PHE B 510 36.28 17.38 25.09
N HIS B 511 35.71 16.19 24.91
CA HIS B 511 36.40 14.93 25.10
C HIS B 511 36.16 14.03 23.91
N ASP B 512 37.23 13.56 23.26
CA ASP B 512 37.15 12.51 22.27
C ASP B 512 36.42 13.01 21.03
N LEU B 513 37.09 13.94 20.34
CA LEU B 513 36.61 14.47 19.06
C LEU B 513 37.40 13.87 17.88
N LEU B 514 36.71 13.67 16.76
CA LEU B 514 37.37 13.19 15.55
C LEU B 514 36.74 13.82 14.33
N VAL B 515 37.56 13.98 13.30
CA VAL B 515 37.04 14.24 11.97
C VAL B 515 37.62 13.26 10.97
N VAL B 516 36.86 12.98 9.89
CA VAL B 516 37.24 11.94 8.95
C VAL B 516 36.82 12.33 7.52
N SER B 517 37.75 12.22 6.57
CA SER B 517 37.42 12.32 5.15
C SER B 517 37.10 10.94 4.62
N LEU B 518 35.94 10.74 4.01
CA LEU B 518 35.68 9.46 3.34
C LEU B 518 36.39 9.31 1.95
N GLY B 519 37.40 8.46 1.85
CA GLY B 519 38.00 8.20 0.56
C GLY B 519 38.51 9.49 -0.07
N GLY B 520 39.13 10.34 0.77
CA GLY B 520 39.75 11.58 0.32
C GLY B 520 38.88 12.55 -0.47
N LYS B 521 37.57 12.46 -0.25
CA LYS B 521 36.64 13.39 -0.90
C LYS B 521 36.53 14.68 -0.11
N GLY B 522 37.38 15.63 -0.46
CA GLY B 522 37.61 16.75 0.39
C GLY B 522 38.49 16.36 1.56
N GLN B 523 38.93 17.36 2.33
CA GLN B 523 39.68 17.14 3.54
C GLN B 523 39.33 18.22 4.58
N TYR B 524 39.50 17.84 5.85
CA TYR B 524 39.49 18.79 6.98
C TYR B 524 40.87 19.42 7.18
N GLU B 525 40.96 20.70 7.54
CA GLU B 525 42.26 21.32 7.85
C GLU B 525 42.65 21.11 9.32
N HIS B 526 41.63 21.00 10.16
CA HIS B 526 41.80 20.86 11.61
C HIS B 526 40.58 20.10 12.18
N VAL B 527 40.64 19.82 13.47
CA VAL B 527 39.54 19.13 14.15
C VAL B 527 38.57 20.13 14.77
N ILE B 528 39.10 21.02 15.61
CA ILE B 528 38.31 22.03 16.31
C ILE B 528 39.05 23.37 16.29
N ASN B 529 38.36 24.45 15.92
CA ASN B 529 39.01 25.73 15.72
C ASN B 529 40.19 25.49 14.76
N ASP B 530 41.41 25.95 15.10
CA ASP B 530 42.60 25.67 14.28
C ASP B 530 43.51 24.67 14.96
N ILE B 531 42.89 23.87 15.83
CA ILE B 531 43.53 22.76 16.55
C ILE B 531 43.15 21.47 15.90
N GLY B 532 44.11 20.57 15.83
CA GLY B 532 43.87 19.28 15.21
C GLY B 532 44.66 19.15 13.93
N ASP B 533 45.13 17.94 13.69
CA ASP B 533 45.82 17.63 12.47
C ASP B 533 44.78 17.65 11.33
N PRO B 534 45.19 18.15 10.14
CA PRO B 534 44.33 17.97 8.97
C PRO B 534 44.17 16.49 8.67
N THR B 535 43.12 16.12 7.93
CA THR B 535 43.03 14.79 7.38
C THR B 535 43.95 14.77 6.16
N SER B 536 44.35 13.58 5.73
CA SER B 536 45.18 13.44 4.53
C SER B 536 44.99 12.07 3.92
N GLY B 537 45.32 11.97 2.63
CA GLY B 537 45.23 10.71 1.90
C GLY B 537 43.78 10.39 1.53
N ASP B 538 43.60 9.21 0.90
CA ASP B 538 42.28 8.61 0.63
C ASP B 538 42.05 7.38 1.51
N THR B 539 42.72 7.32 2.64
CA THR B 539 42.71 6.13 3.50
C THR B 539 41.63 6.15 4.64
N THR B 540 40.82 7.20 4.66
CA THR B 540 39.79 7.45 5.72
C THR B 540 40.30 7.18 7.12
N ILE B 541 41.43 7.78 7.42
CA ILE B 541 41.96 7.73 8.77
C ILE B 541 41.53 8.95 9.53
N PRO B 542 40.77 8.74 10.61
CA PRO B 542 40.36 9.90 11.40
C PRO B 542 41.51 10.70 11.96
N SER B 543 41.27 12.01 12.08
CA SER B 543 42.16 12.90 12.77
C SER B 543 41.45 13.21 14.05
N GLN B 544 42.15 13.13 15.17
CA GLN B 544 41.39 13.38 16.39
C GLN B 544 42.12 14.07 17.50
N VAL B 545 41.30 14.44 18.47
CA VAL B 545 41.75 15.16 19.66
C VAL B 545 41.20 14.41 20.88
N VAL B 546 42.01 14.23 21.92
CA VAL B 546 41.50 13.58 23.13
C VAL B 546 40.77 14.60 24.03
N SER B 547 41.42 15.74 24.23
CA SER B 547 40.87 16.82 25.05
C SER B 547 41.09 18.18 24.39
N PHE B 548 40.03 18.97 24.40
CA PHE B 548 40.10 20.36 24.02
C PHE B 548 39.55 21.14 25.21
N PRO B 549 40.25 22.22 25.61
CA PRO B 549 41.60 22.60 25.13
C PRO B 549 42.72 21.72 25.70
C2 BGC C . 1.35 -27.77 -25.13
C3 BGC C . 1.30 -26.81 -24.07
C4 BGC C . 0.69 -27.42 -22.83
C5 BGC C . 1.24 -28.81 -22.51
C6 BGC C . 0.41 -29.60 -21.56
C1 BGC C . 2.25 -28.87 -24.60
O1 BGC C . 2.77 -29.59 -25.54
O2 BGC C . 1.79 -27.33 -26.43
O3 BGC C . 0.64 -25.56 -24.57
O4 BGC C . 0.87 -26.63 -21.70
O5 BGC C . 1.46 -29.64 -23.65
O6 BGC C . 1.02 -30.75 -21.04
C2 BGC C . 0.68 -23.21 -24.82
C3 BGC C . 1.32 -21.93 -24.45
C4 BGC C . 1.67 -21.83 -23.03
C5 BGC C . 2.28 -23.14 -22.56
C6 BGC C . 2.53 -23.23 -21.10
C1 BGC C . 1.37 -24.43 -24.29
O2 BGC C . 0.53 -23.33 -26.23
O3 BGC C . 0.31 -20.95 -24.90
O4 BGC C . 2.58 -20.75 -22.71
O5 BGC C . 1.44 -24.28 -22.88
O6 BGC C . 2.91 -24.52 -20.65
C2 BGC C . -0.15 -18.87 -26.07
C3 BGC C . 0.47 -17.69 -26.70
C4 BGC C . 1.54 -17.13 -25.84
C5 BGC C . 2.52 -18.21 -25.43
C6 BGC C . 3.57 -17.75 -24.48
C1 BGC C . 0.88 -19.93 -25.68
O2 BGC C . -1.14 -19.51 -26.92
O3 BGC C . -0.61 -16.67 -26.75
O4 BGC C . 2.29 -16.10 -26.49
O5 BGC C . 1.85 -19.30 -24.81
O6 BGC C . 4.53 -18.77 -24.29
C2 BGC C . -2.10 -15.22 -27.92
C3 BGC C . -2.37 -14.49 -29.20
C4 BGC C . -1.12 -13.99 -29.87
C5 BGC C . -0.15 -15.16 -30.07
C6 BGC C . 1.19 -14.74 -30.67
C1 BGC C . -1.04 -16.29 -28.05
O2 BGC C . -3.29 -15.80 -27.40
O3 BGC C . -3.23 -13.40 -28.79
O4 BGC C . -1.41 -13.52 -31.14
O5 BGC C . 0.12 -15.77 -28.82
O6 BGC C . 2.13 -15.80 -30.66
C2 BGC C . -5.33 -12.28 -28.88
C3 BGC C . -6.37 -11.67 -29.76
C4 BGC C . -5.73 -10.98 -30.89
C5 BGC C . -4.77 -11.89 -31.58
C6 BGC C . -3.99 -11.15 -32.65
C1 BGC C . -4.32 -13.14 -29.62
O2 BGC C . -5.89 -13.06 -27.87
O3 BGC C . -7.08 -10.62 -28.98
O4 BGC C . -6.71 -10.45 -31.75
O5 BGC C . -3.76 -12.34 -30.68
O6 BGC C . -3.13 -11.96 -33.43
C2 BGC C . -9.09 -9.66 -28.22
C3 BGC C . -10.56 -9.66 -28.43
C4 BGC C . -10.91 -9.87 -29.82
C5 BGC C . -10.34 -11.19 -30.31
C6 BGC C . -10.62 -11.40 -31.76
C1 BGC C . -8.44 -10.91 -28.83
O2 BGC C . -8.79 -9.58 -26.84
O3 BGC C . -11.00 -8.30 -28.17
O4 BGC C . -12.35 -9.80 -30.04
O5 BGC C . -8.89 -11.15 -30.18
O6 BGC C . -10.11 -12.60 -32.27
C2 BGC D . -5.25 -32.33 -30.21
C3 BGC D . -5.43 -31.40 -31.31
C4 BGC D . -4.17 -30.76 -31.82
C5 BGC D . -3.05 -31.77 -31.99
C6 BGC D . -1.74 -31.06 -32.18
C1 BGC D . -4.20 -33.37 -30.55
O1 BGC D . -4.00 -34.17 -29.49
O2 BGC D . -6.48 -32.97 -29.82
O3 BGC D . -6.42 -30.42 -30.91
O4 BGC D . -4.38 -30.08 -33.05
O5 BGC D . -2.94 -32.71 -30.92
O6 BGC D . -1.00 -30.76 -31.02
C2 BGC D . -8.72 -30.02 -31.51
C3 BGC D . -9.69 -29.38 -32.46
C4 BGC D . -9.07 -28.21 -33.15
C5 BGC D . -7.65 -28.48 -33.63
C6 BGC D . -7.17 -27.36 -34.42
C1 BGC D . -7.21 -30.04 -31.94
O2 BGC D . -9.06 -31.34 -31.12
O3 BGC D . -10.95 -29.03 -31.82
O4 BGC D . -9.71 -27.87 -34.34
O5 BGC D . -6.77 -28.75 -32.51
O6 BGC D . -6.09 -27.65 -35.21
C2 BGC D . -12.83 -29.95 -30.64
C3 BGC D . -13.99 -30.88 -30.72
C4 BGC D . -14.66 -31.02 -32.04
C5 BGC D . -13.83 -30.71 -33.29
C6 BGC D . -14.66 -30.25 -34.48
C1 BGC D . -11.94 -29.98 -31.86
O2 BGC D . -12.01 -30.25 -29.53
O3 BGC D . -14.98 -30.53 -29.66
O4 BGC D . -15.13 -32.33 -32.19
O5 BGC D . -12.74 -29.77 -33.06
O6 BGC D . -15.61 -29.26 -34.27
C2 BGC D . -15.67 -31.39 -27.48
C3 BGC D . -16.38 -32.53 -26.84
C4 BGC D . -17.69 -32.80 -27.48
C5 BGC D . -17.41 -33.07 -28.95
C6 BGC D . -18.54 -33.53 -29.79
C1 BGC D . -15.49 -31.61 -28.98
O2 BGC D . -14.41 -31.14 -26.84
O3 BGC D . -16.54 -32.24 -25.43
O4 BGC D . -18.31 -33.94 -26.86
O5 BGC D . -16.82 -31.91 -29.55
O6 BGC D . -19.71 -32.76 -29.83
C2 BGC D . -15.14 -32.16 -23.47
C3 BGC D . -14.39 -32.96 -22.51
C4 BGC D . -15.16 -34.08 -21.91
C5 BGC D . -15.82 -34.85 -23.02
C6 BGC D . -16.80 -35.87 -22.53
C1 BGC D . -15.72 -33.00 -24.59
O2 BGC D . -14.31 -31.14 -24.08
O3 BGC D . -13.77 -32.12 -21.50
O4 BGC D . -14.28 -34.98 -21.21
O5 BGC D . -16.51 -34.03 -23.97
O6 BGC D . -17.11 -36.85 -23.52
C2 BGC E . 35.70 -9.00 8.23
C3 BGC E . 35.74 -8.23 9.46
C4 BGC E . 34.97 -8.93 10.51
C5 BGC E . 35.44 -10.38 10.64
C6 BGC E . 34.70 -11.13 11.68
C1 BGC E . 36.17 -10.42 8.41
O1 BGC E . 36.14 -11.08 7.27
O2 BGC E . 36.47 -8.44 7.16
O3 BGC E . 35.15 -6.89 9.25
O4 BGC E . 35.14 -8.29 11.73
O5 BGC E . 35.31 -11.07 9.39
O6 BGC E . 35.45 -12.16 12.28
C2 BGC E . 35.20 -4.56 9.01
C3 BGC E . 35.82 -3.27 9.36
C4 BGC E . 36.17 -3.19 10.76
C5 BGC E . 36.81 -4.46 11.25
C6 BGC E . 37.12 -4.50 12.69
C1 BGC E . 35.92 -5.79 9.52
O2 BGC E . 35.02 -4.63 7.60
O3 BGC E . 34.86 -2.21 8.99
O4 BGC E . 37.06 -2.07 11.01
O5 BGC E . 36.05 -5.64 10.93
O6 BGC E . 37.60 -5.73 13.19
C2 BGC E . 34.34 -0.06 8.01
C3 BGC E . 34.96 1.10 7.32
C4 BGC E . 36.17 1.62 8.00
C5 BGC E . 37.13 0.48 8.23
C6 BGC E . 38.28 0.97 9.02
C1 BGC E . 35.38 -1.17 8.22
O2 BGC E . 33.28 -0.65 7.25
O3 BGC E . 33.97 2.18 7.34
O4 BGC E . 36.89 2.59 7.18
O5 BGC E . 36.47 -0.58 8.97
O6 BGC E . 39.09 -0.08 9.50
C2 BGC E . 32.51 3.67 6.18
C3 BGC E . 32.30 4.38 4.88
C4 BGC E . 33.61 4.89 4.30
C5 BGC E . 34.57 3.71 4.21
C6 BGC E . 35.91 4.10 3.60
C1 BGC E . 33.61 2.63 6.09
O2 BGC E . 31.33 3.01 6.68
O3 BGC E . 31.40 5.46 5.17
O4 BGC E . 33.39 5.44 3.02
O5 BGC E . 34.80 3.24 5.55
O6 BGC E . 36.68 2.97 3.18
C2 BGC E . 29.25 6.54 5.01
C3 BGC E . 28.19 7.11 4.13
C4 BGC E . 28.74 7.66 2.87
C5 BGC E . 29.62 6.66 2.16
C6 BGC E . 30.26 7.22 0.91
C1 BGC E . 30.28 5.70 4.31
O2 BGC E . 28.62 5.69 5.97
O3 BGC E . 27.46 8.15 4.89
O4 BGC E . 27.72 8.11 2.01
O5 BGC E . 30.72 6.35 3.06
O6 BGC E . 30.74 6.28 -0.04
C2 BGC E . 25.41 9.04 5.72
C3 BGC E . 23.94 8.95 5.53
C4 BGC E . 23.58 8.61 4.15
C5 BGC E . 24.20 7.22 3.79
C6 BGC E . 24.05 6.60 2.40
C1 BGC E . 26.11 7.85 5.09
O2 BGC E . 25.75 9.13 7.09
O3 BGC E . 23.34 10.23 5.93
O4 BGC E . 22.14 8.69 3.95
O5 BGC E . 25.60 7.55 3.80
O6 BGC E . 23.83 7.68 1.62
C2 BGC F . 28.85 -14.01 3.64
C3 BGC F . 28.68 -13.05 2.58
C4 BGC F . 29.93 -12.37 2.15
C5 BGC F . 30.97 -13.41 1.82
C6 BGC F . 32.26 -12.81 1.34
C1 BGC F . 30.00 -14.97 3.37
O1 BGC F . 30.28 -15.71 4.46
O2 BGC F . 27.62 -14.72 3.79
O3 BGC F . 27.62 -12.13 3.02
O4 BGC F . 29.74 -11.50 1.05
O5 BGC F . 31.21 -14.24 2.94
O6 BGC F . 32.96 -11.97 2.21
C2 BGC F . 25.42 -11.42 2.44
C3 BGC F . 24.58 -10.69 1.44
C4 BGC F . 25.30 -9.55 0.82
C5 BGC F . 26.75 -9.82 0.39
C6 BGC F . 27.48 -8.60 0.07
C1 BGC F . 26.88 -11.69 1.98
O2 BGC F . 24.80 -12.62 2.90
O3 BGC F . 23.32 -10.21 2.00
O4 BGC F . 24.57 -9.09 -0.31
O5 BGC F . 27.56 -10.51 1.38
O6 BGC F . 28.78 -8.85 -0.32
C2 BGC F . 21.46 -11.10 3.29
C3 BGC F . 20.24 -11.94 3.19
C4 BGC F . 19.42 -11.63 2.01
C5 BGC F . 20.25 -11.59 0.70
C6 BGC F . 19.43 -11.22 -0.52
C1 BGC F . 22.26 -11.09 1.98
O2 BGC F . 22.32 -11.47 4.36
O3 BGC F . 19.40 -11.74 4.37
O4 BGC F . 18.39 -12.56 1.88
O5 BGC F . 21.40 -10.74 0.86
O6 BGC F . 18.45 -10.25 -0.41
C2 BGC F . 18.76 -12.61 6.50
C3 BGC F . 18.07 -13.75 7.15
C4 BGC F . 16.76 -14.03 6.52
C5 BGC F . 16.99 -14.32 5.04
C6 BGC F . 15.76 -14.59 4.29
C1 BGC F . 18.94 -12.86 5.02
O2 BGC F . 20.02 -12.31 7.13
O3 BGC F . 17.90 -13.40 8.54
O4 BGC F . 16.13 -15.13 7.18
O5 BGC F . 17.64 -13.22 4.41
O6 BGC F . 14.79 -13.59 4.32
C2 BGC F . 19.28 -13.27 10.52
C3 BGC F . 20.04 -14.08 11.47
C4 BGC F . 19.30 -15.25 12.00
C5 BGC F . 18.66 -16.00 10.89
C6 BGC F . 17.76 -17.09 11.33
C1 BGC F . 18.68 -14.13 9.44
O2 BGC F . 20.15 -12.27 9.94
O3 BGC F . 20.63 -13.24 12.51
O4 BGC F . 20.21 -16.14 12.67
O5 BGC F . 17.89 -15.14 10.05
O6 BGC F . 17.51 -18.11 10.36
C1 EDO G . -4.69 4.38 -28.97
O1 EDO G . -3.68 5.23 -28.47
C2 EDO G . -6.07 4.97 -28.70
O2 EDO G . -6.63 4.55 -27.46
H11 EDO G . -4.56 4.25 -30.04
H12 EDO G . -4.59 3.40 -28.52
HO1 EDO G . -2.84 4.75 -28.47
H21 EDO G . -6.75 4.70 -29.51
H22 EDO G . -5.97 6.06 -28.70
HO2 EDO G . -7.55 4.84 -27.38
C1 EDO H . 29.41 23.63 5.01
O1 EDO H . 30.72 23.30 5.49
C2 EDO H . 28.36 23.58 6.11
O2 EDO H . 27.50 22.52 5.87
H11 EDO H . 29.12 22.93 4.22
H12 EDO H . 29.40 24.63 4.58
HO1 EDO H . 31.38 23.63 4.86
H21 EDO H . 27.80 24.51 6.14
H22 EDO H . 28.82 23.43 7.08
HO2 EDO H . 26.76 22.57 6.47
N GLU A 1 -50.62 -3.44 -12.69
CA GLU A 1 -49.59 -2.77 -11.92
C GLU A 1 -48.35 -3.69 -11.76
N VAL A 2 -47.88 -4.08 -12.92
CA VAL A 2 -46.74 -4.86 -12.99
C VAL A 2 -46.90 -6.09 -12.09
N VAL A 3 -48.15 -6.51 -11.96
CA VAL A 3 -48.46 -7.84 -11.51
C VAL A 3 -47.17 -8.66 -11.36
N GLY A 4 -46.53 -8.56 -10.20
CA GLY A 4 -45.21 -9.16 -10.14
C GLY A 4 -45.28 -10.66 -10.39
N GLY A 5 -44.14 -11.25 -10.75
CA GLY A 5 -44.04 -12.66 -11.04
C GLY A 5 -44.55 -12.97 -12.45
N GLY A 6 -45.05 -14.18 -12.63
CA GLY A 6 -45.62 -14.54 -13.93
C GLY A 6 -44.62 -15.42 -14.66
N ASP A 7 -45.04 -15.96 -15.80
CA ASP A 7 -44.24 -16.96 -16.50
C ASP A 7 -42.87 -16.43 -16.92
N LEU A 8 -41.90 -17.35 -17.04
CA LEU A 8 -40.56 -17.04 -17.53
C LEU A 8 -40.38 -16.95 -19.07
N GLY A 9 -41.37 -17.41 -19.83
CA GLY A 9 -41.28 -17.33 -21.27
C GLY A 9 -40.50 -18.49 -21.87
N PRO A 10 -40.49 -18.57 -23.21
CA PRO A 10 -40.03 -19.78 -23.87
C PRO A 10 -38.49 -19.90 -23.92
N ASN A 11 -37.77 -18.83 -23.57
CA ASN A 11 -36.28 -18.85 -23.66
C ASN A 11 -35.62 -19.26 -22.34
N VAL A 12 -36.42 -19.63 -21.34
CA VAL A 12 -35.90 -20.21 -20.09
C VAL A 12 -36.35 -21.66 -20.08
N LEU A 13 -35.42 -22.55 -20.42
CA LEU A 13 -35.63 -24.00 -20.39
C LEU A 13 -35.39 -24.55 -18.97
N VAL A 14 -36.44 -25.08 -18.35
CA VAL A 14 -36.37 -25.51 -16.97
C VAL A 14 -36.46 -27.03 -16.92
N PHE A 15 -35.44 -27.63 -16.34
CA PHE A 15 -35.24 -29.07 -16.35
C PHE A 15 -35.27 -29.64 -14.95
N ASP A 16 -35.77 -30.88 -14.89
CA ASP A 16 -35.52 -31.77 -13.77
C ASP A 16 -35.21 -33.17 -14.35
N PRO A 17 -35.18 -34.23 -13.50
CA PRO A 17 -35.30 -35.62 -14.01
C PRO A 17 -36.60 -36.04 -14.77
N SER A 18 -37.78 -35.62 -14.31
CA SER A 18 -38.99 -35.94 -15.09
C SER A 18 -38.69 -35.81 -16.58
N THR A 19 -37.71 -34.92 -16.90
CA THR A 19 -37.45 -34.38 -18.22
C THR A 19 -36.89 -35.37 -19.21
N PRO A 20 -37.77 -35.86 -20.08
CA PRO A 20 -37.33 -36.64 -21.24
C PRO A 20 -36.17 -35.98 -21.97
N ASP A 21 -35.29 -36.81 -22.52
CA ASP A 21 -34.26 -36.39 -23.49
C ASP A 21 -33.52 -35.08 -23.14
N ILE A 22 -32.86 -35.02 -21.99
CA ILE A 22 -32.10 -33.78 -21.67
C ILE A 22 -30.94 -33.53 -22.62
N GLN A 23 -30.23 -34.58 -22.97
CA GLN A 23 -29.08 -34.40 -23.82
C GLN A 23 -29.51 -33.80 -25.19
N GLY A 24 -30.60 -34.33 -25.78
CA GLY A 24 -31.00 -33.92 -27.10
C GLY A 24 -31.45 -32.45 -27.14
N LYS A 25 -31.92 -31.99 -26.01
CA LYS A 25 -32.43 -30.63 -25.90
C LYS A 25 -31.32 -29.63 -25.73
N VAL A 26 -30.38 -29.96 -24.87
CA VAL A 26 -29.28 -29.05 -24.67
C VAL A 26 -28.40 -29.10 -25.94
N ASP A 27 -28.32 -30.27 -26.58
CA ASP A 27 -27.63 -30.37 -27.87
C ASP A 27 -28.33 -29.53 -28.99
N GLU A 28 -29.66 -29.53 -29.07
CA GLU A 28 -30.34 -28.66 -30.08
C GLU A 28 -30.03 -27.18 -29.83
N VAL A 29 -30.09 -26.74 -28.57
CA VAL A 29 -29.73 -25.34 -28.26
C VAL A 29 -28.26 -25.04 -28.63
N PHE A 30 -27.36 -25.98 -28.30
CA PHE A 30 -25.96 -25.79 -28.62
C PHE A 30 -25.77 -25.61 -30.12
N ARG A 31 -26.53 -26.35 -30.93
CA ARG A 31 -26.33 -26.33 -32.39
C ARG A 31 -26.82 -24.99 -32.94
N LYS A 32 -27.92 -24.52 -32.39
CA LYS A 32 -28.43 -23.20 -32.74
C LYS A 32 -27.45 -22.07 -32.40
N GLN A 33 -26.64 -22.24 -31.36
CA GLN A 33 -25.86 -21.11 -30.87
C GLN A 33 -24.32 -21.26 -30.90
N GLU A 34 -23.83 -22.39 -31.40
CA GLU A 34 -22.41 -22.68 -31.31
C GLU A 34 -21.55 -21.65 -32.06
N SER A 35 -21.92 -21.36 -33.30
CA SER A 35 -21.21 -20.37 -34.12
C SER A 35 -21.93 -19.03 -34.11
N ASN A 36 -22.99 -18.92 -33.31
CA ASN A 36 -23.93 -17.78 -33.37
C ASN A 36 -23.49 -16.53 -32.57
N GLN A 37 -22.40 -15.93 -33.04
CA GLN A 37 -21.71 -14.95 -32.26
C GLN A 37 -22.48 -13.64 -32.11
N PHE A 38 -23.20 -13.28 -33.15
CA PHE A 38 -23.85 -11.96 -33.19
C PHE A 38 -25.38 -12.02 -33.42
N GLY A 39 -25.96 -13.19 -33.24
CA GLY A 39 -27.41 -13.34 -33.41
C GLY A 39 -28.12 -12.84 -32.18
N THR A 40 -29.45 -12.70 -32.25
CA THR A 40 -30.23 -12.13 -31.19
C THR A 40 -30.92 -13.20 -30.34
N ASP A 41 -30.74 -14.47 -30.69
CA ASP A 41 -31.33 -15.52 -29.90
C ASP A 41 -30.61 -15.63 -28.55
N ARG A 42 -31.37 -16.00 -27.52
CA ARG A 42 -30.92 -16.02 -26.14
C ARG A 42 -31.51 -17.23 -25.42
N TYR A 43 -30.71 -17.88 -24.57
CA TYR A 43 -31.13 -19.07 -23.78
C TYR A 43 -30.64 -19.08 -22.36
N ALA A 44 -31.51 -19.44 -21.44
CA ALA A 44 -31.14 -19.76 -20.07
C ALA A 44 -31.60 -21.18 -19.84
N LEU A 45 -30.66 -22.01 -19.41
CA LEU A 45 -30.94 -23.39 -19.06
C LEU A 45 -30.90 -23.44 -17.53
N MET A 46 -31.97 -23.91 -16.91
CA MET A 46 -32.08 -23.89 -15.48
C MET A 46 -32.42 -25.31 -15.05
N PHE A 47 -31.62 -25.83 -14.13
CA PHE A 47 -31.80 -27.20 -13.64
C PHE A 47 -32.28 -27.21 -12.20
N LYS A 48 -33.45 -27.81 -12.01
CA LYS A 48 -33.96 -28.04 -10.66
C LYS A 48 -33.02 -28.96 -9.86
N PRO A 49 -33.04 -28.85 -8.52
CA PRO A 49 -32.18 -29.75 -7.76
C PRO A 49 -32.46 -31.22 -8.02
N GLY A 50 -31.40 -32.01 -7.89
CA GLY A 50 -31.43 -33.43 -8.21
C GLY A 50 -30.01 -33.79 -8.66
N THR A 51 -29.85 -35.01 -9.17
CA THR A 51 -28.55 -35.48 -9.64
C THR A 51 -28.83 -36.03 -11.02
N TYR A 52 -28.08 -35.51 -12.00
CA TYR A 52 -28.30 -35.73 -13.43
C TYR A 52 -27.15 -36.54 -14.03
N ASN A 53 -27.48 -37.71 -14.59
CA ASN A 53 -26.49 -38.59 -15.22
C ASN A 53 -26.29 -38.35 -16.71
N ASP A 54 -25.11 -38.76 -17.24
CA ASP A 54 -24.71 -38.76 -18.69
C ASP A 54 -25.24 -37.55 -19.41
N ILE A 55 -24.71 -36.45 -18.94
CA ILE A 55 -25.01 -35.16 -19.46
C ILE A 55 -23.63 -34.61 -19.83
N ASN A 56 -23.54 -34.05 -21.03
CA ASN A 56 -22.39 -33.22 -21.41
C ASN A 56 -22.97 -32.00 -22.09
N ALA A 57 -23.28 -31.01 -21.25
CA ALA A 57 -23.79 -29.73 -21.69
C ALA A 57 -22.71 -28.95 -22.45
N GLN A 58 -22.95 -28.71 -23.73
CA GLN A 58 -22.04 -27.86 -24.46
C GLN A 58 -22.72 -26.51 -24.57
N ILE A 59 -21.99 -25.48 -24.15
CA ILE A 59 -22.53 -24.14 -24.00
C ILE A 59 -22.00 -23.24 -25.15
N GLY A 60 -22.92 -22.74 -25.96
CA GLY A 60 -22.58 -21.87 -27.08
C GLY A 60 -22.80 -20.40 -26.69
N PHE A 61 -22.88 -19.56 -27.72
CA PHE A 61 -23.14 -18.14 -27.50
C PHE A 61 -24.51 -17.89 -26.85
N TYR A 62 -24.55 -16.87 -26.03
CA TYR A 62 -25.74 -16.36 -25.37
C TYR A 62 -26.58 -17.44 -24.70
N THR A 63 -25.88 -18.32 -24.01
CA THR A 63 -26.50 -19.39 -23.24
C THR A 63 -25.91 -19.34 -21.82
N SER A 64 -26.80 -19.27 -20.85
CA SER A 64 -26.43 -19.42 -19.45
C SER A 64 -26.95 -20.79 -18.96
N ILE A 65 -26.18 -21.45 -18.12
CA ILE A 65 -26.64 -22.69 -17.50
C ILE A 65 -26.50 -22.53 -16.00
N ALA A 66 -27.49 -23.00 -15.25
CA ALA A 66 -27.42 -22.90 -13.80
C ALA A 66 -28.33 -23.86 -13.08
N GLY A 67 -27.97 -24.05 -11.82
CA GLY A 67 -28.76 -24.81 -10.88
C GLY A 67 -29.68 -23.91 -10.06
N LEU A 68 -30.77 -24.51 -9.58
CA LEU A 68 -31.80 -23.76 -8.86
C LEU A 68 -31.90 -24.24 -7.42
N GLY A 69 -30.88 -24.95 -6.94
CA GLY A 69 -30.87 -25.41 -5.55
C GLY A 69 -30.42 -24.33 -4.65
N LEU A 70 -30.46 -24.58 -3.35
CA LEU A 70 -30.01 -23.55 -2.45
C LEU A 70 -28.51 -23.24 -2.68
N ASN A 71 -27.77 -24.31 -2.88
CA ASN A 71 -26.31 -24.27 -3.06
C ASN A 71 -25.81 -25.28 -4.16
N PRO A 72 -24.62 -25.05 -4.77
CA PRO A 72 -24.30 -25.81 -6.00
C PRO A 72 -24.51 -27.32 -5.87
N ASP A 73 -24.34 -27.80 -4.64
CA ASP A 73 -24.29 -29.25 -4.44
C ASP A 73 -25.70 -29.86 -4.48
N ASP A 74 -26.71 -29.01 -4.40
CA ASP A 74 -28.10 -29.38 -4.65
C ASP A 74 -28.36 -29.85 -6.08
N THR A 75 -27.59 -29.32 -7.02
CA THR A 75 -27.82 -29.61 -8.43
C THR A 75 -26.50 -30.15 -8.96
N THR A 76 -26.44 -31.48 -9.07
CA THR A 76 -25.26 -32.24 -9.42
C THR A 76 -25.32 -32.85 -10.81
N PHE A 77 -24.31 -32.57 -11.63
CA PHE A 77 -24.17 -33.27 -12.92
C PHE A 77 -23.07 -34.33 -12.75
N ASN A 78 -23.43 -35.57 -13.03
CA ASN A 78 -22.49 -36.62 -13.30
C ASN A 78 -22.21 -36.49 -14.76
N GLY A 79 -21.29 -35.58 -15.06
CA GLY A 79 -21.14 -35.04 -16.40
C GLY A 79 -20.60 -33.63 -16.41
N ASP A 80 -20.64 -32.99 -17.58
CA ASP A 80 -19.84 -31.80 -17.83
C ASP A 80 -20.66 -30.59 -18.26
N VAL A 81 -20.07 -29.43 -18.00
CA VAL A 81 -20.56 -28.14 -18.47
C VAL A 81 -19.39 -27.63 -19.30
N THR A 82 -19.52 -27.74 -20.62
CA THR A 82 -18.34 -27.74 -21.51
C THR A 82 -18.35 -26.59 -22.53
N VAL A 83 -17.24 -25.86 -22.60
CA VAL A 83 -16.97 -24.93 -23.68
C VAL A 83 -15.64 -25.32 -24.33
N ASP A 84 -15.69 -25.55 -25.63
CA ASP A 84 -14.53 -25.87 -26.45
C ASP A 84 -14.61 -24.93 -27.68
N ALA A 85 -13.67 -25.11 -28.59
CA ALA A 85 -13.45 -24.14 -29.67
C ALA A 85 -13.48 -24.80 -31.07
N GLY A 86 -14.22 -25.90 -31.19
CA GLY A 86 -14.38 -26.61 -32.46
C GLY A 86 -14.74 -25.69 -33.62
N TRP A 87 -15.73 -24.80 -33.39
CA TRP A 87 -16.28 -23.95 -34.45
C TRP A 87 -15.29 -22.96 -34.99
N PHE A 88 -14.21 -22.73 -34.25
CA PHE A 88 -13.21 -21.75 -34.62
C PHE A 88 -11.86 -22.46 -34.70
N ASP A 89 -11.92 -23.76 -35.00
CA ASP A 89 -10.76 -24.56 -35.37
C ASP A 89 -9.67 -24.47 -34.30
N GLY A 90 -10.13 -24.58 -33.06
CA GLY A 90 -9.23 -24.69 -31.93
C GLY A 90 -8.84 -23.40 -31.24
N ASN A 91 -9.15 -22.27 -31.88
CA ASN A 91 -8.92 -20.94 -31.32
C ASN A 91 -10.11 -20.50 -30.43
N ALA A 92 -9.86 -20.23 -29.14
CA ALA A 92 -10.95 -19.93 -28.20
C ALA A 92 -11.13 -18.44 -27.95
N THR A 93 -10.50 -17.59 -28.75
CA THR A 93 -10.53 -16.14 -28.49
C THR A 93 -11.80 -15.41 -28.94
N GLN A 94 -12.77 -16.16 -29.43
CA GLN A 94 -14.10 -15.57 -29.64
C GLN A 94 -15.21 -16.28 -28.84
N ASN A 95 -14.83 -17.00 -27.77
CA ASN A 95 -15.81 -17.72 -26.99
C ASN A 95 -16.37 -16.85 -25.86
N PHE A 96 -17.21 -15.91 -26.29
CA PHE A 96 -17.80 -14.92 -25.43
C PHE A 96 -19.25 -15.18 -25.00
N TRP A 97 -19.70 -14.41 -24.01
CA TRP A 97 -21.12 -14.17 -23.67
C TRP A 97 -21.86 -15.45 -23.34
N ARG A 98 -21.41 -16.11 -22.29
CA ARG A 98 -22.08 -17.31 -21.83
C ARG A 98 -21.74 -17.48 -20.36
N SER A 99 -22.45 -18.31 -19.62
CA SER A 99 -22.12 -18.41 -18.21
C SER A 99 -22.65 -19.69 -17.54
N ALA A 100 -22.08 -19.94 -16.36
CA ALA A 100 -22.39 -21.15 -15.57
C ALA A 100 -22.43 -20.73 -14.10
N GLU A 101 -23.53 -21.04 -13.42
CA GLU A 101 -23.68 -20.67 -12.00
C GLU A 101 -24.35 -21.82 -11.22
N ASN A 102 -23.91 -22.03 -9.98
CA ASN A 102 -24.71 -22.73 -8.96
C ASN A 102 -24.95 -24.21 -9.28
N LEU A 103 -23.88 -24.88 -9.68
CA LEU A 103 -23.94 -26.30 -10.04
C LEU A 103 -22.74 -27.06 -9.47
N ALA A 104 -22.92 -28.36 -9.20
CA ALA A 104 -21.81 -29.25 -8.87
C ALA A 104 -21.57 -30.16 -10.07
N LEU A 105 -20.31 -30.28 -10.47
CA LEU A 105 -19.92 -31.09 -11.63
C LEU A 105 -18.98 -32.23 -11.20
N ASN A 106 -19.32 -33.41 -11.67
CA ASN A 106 -18.51 -34.64 -11.51
C ASN A 106 -18.09 -35.04 -12.92
N PRO A 107 -17.00 -34.43 -13.44
CA PRO A 107 -16.77 -34.56 -14.89
C PRO A 107 -16.38 -35.97 -15.33
N VAL A 108 -16.83 -36.42 -16.50
CA VAL A 108 -16.64 -37.82 -16.88
C VAL A 108 -15.19 -38.29 -16.90
N ASN A 109 -14.25 -37.45 -17.31
CA ASN A 109 -12.85 -37.88 -17.27
C ASN A 109 -12.11 -37.33 -16.07
N GLY A 110 -12.82 -36.75 -15.12
CA GLY A 110 -12.17 -36.11 -13.99
C GLY A 110 -11.69 -34.67 -14.25
N THR A 111 -12.00 -34.12 -15.41
CA THR A 111 -11.66 -32.72 -15.67
C THR A 111 -12.74 -32.11 -16.49
N ASN A 112 -13.29 -30.98 -16.03
CA ASN A 112 -14.26 -30.22 -16.80
C ASN A 112 -13.49 -29.19 -17.65
N ARG A 113 -13.90 -29.05 -18.91
CA ARG A 113 -13.31 -28.06 -19.79
C ARG A 113 -14.23 -26.87 -19.99
N TRP A 114 -13.65 -25.71 -19.76
CA TRP A 114 -14.41 -24.50 -19.81
C TRP A 114 -13.48 -23.44 -20.41
N ALA A 115 -13.25 -23.63 -21.72
CA ALA A 115 -12.27 -22.87 -22.48
C ALA A 115 -12.87 -21.62 -23.10
N VAL A 116 -13.02 -20.61 -22.27
CA VAL A 116 -13.69 -19.38 -22.67
C VAL A 116 -12.71 -18.22 -22.82
N SER A 117 -13.19 -17.14 -23.45
CA SER A 117 -12.50 -15.87 -23.39
C SER A 117 -13.41 -14.89 -22.62
N GLN A 118 -13.56 -13.65 -23.06
CA GLN A 118 -14.20 -12.63 -22.22
C GLN A 118 -15.72 -12.82 -22.07
N ALA A 119 -16.25 -12.27 -20.97
CA ALA A 119 -17.70 -12.28 -20.70
C ALA A 119 -18.24 -13.70 -20.64
N ALA A 120 -17.52 -14.55 -19.90
CA ALA A 120 -17.93 -15.93 -19.72
C ALA A 120 -17.77 -16.39 -18.28
N PRO A 121 -18.53 -15.78 -17.37
CA PRO A 121 -18.26 -16.02 -15.94
C PRO A 121 -18.65 -17.44 -15.45
N PHE A 122 -17.96 -17.88 -14.40
CA PHE A 122 -18.09 -19.22 -13.81
C PHE A 122 -18.20 -18.91 -12.31
N ARG A 123 -19.44 -18.96 -11.80
CA ARG A 123 -19.72 -18.50 -10.44
C ARG A 123 -20.43 -19.56 -9.60
N ARG A 124 -20.09 -19.60 -8.31
CA ARG A 124 -20.82 -20.46 -7.37
C ARG A 124 -20.86 -21.91 -7.88
N MET A 125 -19.72 -22.34 -8.40
CA MET A 125 -19.57 -23.72 -8.92
C MET A 125 -18.73 -24.61 -8.01
N HIS A 126 -19.13 -25.87 -7.95
CA HIS A 126 -18.31 -26.90 -7.31
C HIS A 126 -17.86 -27.93 -8.33
N VAL A 127 -16.57 -27.97 -8.62
CA VAL A 127 -16.03 -28.96 -9.56
C VAL A 127 -15.34 -30.07 -8.78
N LYS A 128 -15.90 -31.27 -8.86
CA LYS A 128 -15.34 -32.38 -8.10
C LYS A 128 -14.31 -33.11 -8.98
N GLY A 129 -13.33 -32.32 -9.43
CA GLY A 129 -12.24 -32.76 -10.25
C GLY A 129 -11.44 -31.54 -10.65
N GLY A 130 -10.69 -31.68 -11.73
CA GLY A 130 -9.94 -30.55 -12.27
C GLY A 130 -10.78 -29.71 -13.20
N LEU A 131 -10.23 -28.56 -13.59
CA LEU A 131 -10.91 -27.61 -14.50
C LEU A 131 -9.84 -27.19 -15.51
N ASN A 132 -10.05 -27.58 -16.75
CA ASN A 132 -9.17 -27.21 -17.86
C ASN A 132 -9.77 -25.97 -18.53
N LEU A 133 -9.01 -24.89 -18.58
CA LEU A 133 -9.48 -23.64 -19.19
C LEU A 133 -9.05 -23.45 -20.63
N ALA A 134 -8.32 -24.41 -21.18
CA ALA A 134 -7.82 -24.32 -22.56
C ALA A 134 -8.61 -25.16 -23.53
N PRO A 135 -8.81 -24.67 -24.74
CA PRO A 135 -9.42 -25.56 -25.74
C PRO A 135 -8.50 -26.73 -25.96
N ASP A 136 -9.06 -27.82 -26.47
CA ASP A 136 -8.25 -28.98 -26.83
C ASP A 136 -7.35 -28.56 -28.00
N GLY A 137 -6.08 -28.92 -27.91
CA GLY A 137 -5.04 -28.46 -28.83
C GLY A 137 -4.17 -27.37 -28.22
N TYR A 138 -4.68 -26.77 -27.17
CA TYR A 138 -3.97 -25.72 -26.41
C TYR A 138 -3.79 -24.44 -27.22
N GLY A 139 -4.65 -24.23 -28.21
CA GLY A 139 -4.60 -23.03 -29.03
C GLY A 139 -5.17 -21.84 -28.27
N TRP A 140 -5.24 -20.68 -28.91
CA TRP A 140 -5.28 -19.43 -28.17
C TRP A 140 -6.57 -19.20 -27.40
N ALA A 141 -6.44 -18.47 -26.30
CA ALA A 141 -7.56 -18.18 -25.41
C ALA A 141 -7.29 -16.96 -24.58
N SER A 142 -8.35 -16.22 -24.23
CA SER A 142 -8.18 -14.92 -23.56
C SER A 142 -9.29 -14.62 -22.52
N GLY A 143 -9.40 -15.48 -21.51
CA GLY A 143 -10.34 -15.26 -20.44
C GLY A 143 -9.77 -14.38 -19.34
N GLY A 144 -10.32 -14.44 -18.13
CA GLY A 144 -11.47 -15.22 -17.78
C GLY A 144 -11.76 -14.92 -16.29
N TYR A 145 -12.82 -15.53 -15.76
CA TYR A 145 -13.35 -15.09 -14.47
C TYR A 145 -13.99 -16.25 -13.73
N ILE A 146 -13.45 -16.53 -12.55
CA ILE A 146 -14.03 -17.50 -11.63
C ILE A 146 -14.24 -16.77 -10.31
N ALA A 147 -15.45 -16.89 -9.75
CA ALA A 147 -15.76 -16.37 -8.44
C ALA A 147 -16.55 -17.34 -7.60
N ASP A 148 -16.27 -17.32 -6.31
CA ASP A 148 -17.13 -18.01 -5.35
C ASP A 148 -17.24 -19.51 -5.66
N SER A 149 -16.15 -20.09 -6.13
CA SER A 149 -16.16 -21.49 -6.58
C SER A 149 -15.16 -22.39 -5.83
N LYS A 150 -15.46 -23.69 -5.87
CA LYS A 150 -14.65 -24.73 -5.20
C LYS A 150 -14.21 -25.71 -6.30
N ILE A 151 -12.92 -25.71 -6.62
CA ILE A 151 -12.34 -26.66 -7.57
C ILE A 151 -11.54 -27.65 -6.74
N ASP A 152 -12.00 -28.90 -6.65
CA ASP A 152 -11.34 -29.85 -5.79
C ASP A 152 -9.90 -30.18 -6.22
N GLY A 153 -9.69 -30.42 -7.51
CA GLY A 153 -8.34 -30.68 -8.03
C GLY A 153 -7.70 -29.44 -8.64
N GLU A 154 -7.06 -29.63 -9.81
CA GLU A 154 -6.16 -28.67 -10.44
C GLU A 154 -6.96 -27.77 -11.39
N VAL A 155 -6.94 -26.46 -11.16
CA VAL A 155 -7.26 -25.51 -12.24
C VAL A 155 -6.07 -25.42 -13.23
N GLY A 156 -6.27 -25.80 -14.51
CA GLY A 156 -5.24 -25.72 -15.53
C GLY A 156 -5.43 -24.73 -16.68
N PRO A 157 -4.64 -23.64 -16.73
CA PRO A 157 -4.95 -22.67 -17.79
C PRO A 157 -4.29 -22.98 -19.12
N TYR A 158 -3.09 -23.58 -19.08
CA TYR A 158 -2.36 -23.91 -20.29
C TYR A 158 -2.17 -22.62 -21.15
N SER A 159 -2.89 -22.49 -22.24
CA SER A 159 -2.69 -21.38 -23.16
C SER A 159 -3.35 -20.06 -22.74
N GLN A 160 -4.28 -20.08 -21.79
CA GLN A 160 -4.95 -18.84 -21.38
C GLN A 160 -3.96 -17.75 -21.09
N GLN A 161 -4.11 -16.59 -21.74
CA GLN A 161 -3.15 -15.51 -21.53
C GLN A 161 -3.14 -15.00 -20.11
N GLN A 162 -4.35 -14.86 -19.57
CA GLN A 162 -4.56 -14.22 -18.30
C GLN A 162 -5.86 -14.75 -17.66
N TRP A 163 -6.06 -14.45 -16.37
CA TRP A 163 -7.23 -14.96 -15.64
C TRP A 163 -7.39 -14.25 -14.33
N TYR A 164 -8.64 -14.11 -13.88
CA TYR A 164 -8.92 -13.60 -12.54
C TYR A 164 -9.80 -14.58 -11.77
N THR A 165 -9.34 -14.90 -10.57
CA THR A 165 -10.09 -15.77 -9.66
C THR A 165 -10.29 -15.05 -8.36
N ARG A 166 -11.54 -15.09 -7.90
CA ARG A 166 -12.04 -14.37 -6.71
C ARG A 166 -12.68 -15.27 -5.69
N ASP A 167 -12.29 -15.09 -4.43
CA ASP A 167 -13.04 -15.64 -3.30
C ASP A 167 -13.52 -17.08 -3.52
N SER A 168 -12.54 -17.96 -3.55
CA SER A 168 -12.70 -19.30 -4.07
C SER A 168 -11.74 -20.26 -3.37
N SER A 169 -11.86 -21.55 -3.71
CA SER A 169 -10.89 -22.56 -3.23
C SER A 169 -10.45 -23.44 -4.40
N VAL A 170 -9.13 -23.64 -4.56
CA VAL A 170 -8.60 -24.49 -5.64
C VAL A 170 -7.59 -25.51 -5.09
N GLY A 171 -7.71 -26.74 -5.54
CA GLY A 171 -6.75 -27.77 -5.13
C GLY A 171 -5.37 -27.64 -5.73
N GLY A 172 -5.25 -26.86 -6.80
CA GLY A 172 -3.97 -26.73 -7.51
C GLY A 172 -4.10 -25.69 -8.61
N TRP A 173 -2.95 -25.17 -9.08
CA TRP A 173 -2.91 -24.24 -10.22
C TRP A 173 -1.77 -24.68 -11.15
N GLY A 174 -2.09 -24.86 -12.43
CA GLY A 174 -1.14 -25.47 -13.35
C GLY A 174 0.00 -24.57 -13.86
N ASN A 175 -0.35 -23.34 -14.22
CA ASN A 175 0.62 -22.45 -14.88
C ASN A 175 0.01 -21.08 -15.07
N GLY A 176 0.88 -20.11 -15.35
CA GLY A 176 0.46 -18.76 -15.69
C GLY A 176 1.28 -18.20 -16.85
N VAL A 177 0.57 -17.56 -17.79
CA VAL A 177 1.13 -17.14 -19.11
C VAL A 177 1.60 -15.69 -19.01
N TRP A 178 0.67 -14.73 -19.07
CA TRP A 178 1.00 -13.32 -18.87
C TRP A 178 0.53 -12.70 -17.53
N ASN A 179 -0.69 -13.03 -17.08
CA ASN A 179 -1.21 -12.37 -15.89
C ASN A 179 -2.32 -13.15 -15.22
N MET A 180 -1.94 -13.92 -14.20
CA MET A 180 -2.89 -14.74 -13.49
C MET A 180 -2.99 -14.07 -12.11
N THR A 181 -4.16 -13.54 -11.81
CA THR A 181 -4.37 -12.73 -10.61
C THR A 181 -5.41 -13.44 -9.72
N PHE A 182 -5.16 -13.36 -8.41
CA PHE A 182 -5.98 -14.03 -7.43
C PHE A 182 -6.27 -13.10 -6.27
N SER A 183 -7.51 -13.08 -5.80
CA SER A 183 -7.80 -12.43 -4.54
C SER A 183 -8.78 -13.26 -3.71
N GLY A 184 -8.40 -13.51 -2.47
CA GLY A 184 -9.23 -14.34 -1.59
C GLY A 184 -9.37 -15.79 -2.02
N VAL A 185 -8.33 -16.28 -2.68
CA VAL A 185 -8.32 -17.65 -3.18
C VAL A 185 -7.48 -18.60 -2.31
N GLU A 186 -8.18 -19.48 -1.62
CA GLU A 186 -7.55 -20.55 -0.85
C GLU A 186 -6.97 -21.57 -1.83
N GLY A 187 -5.65 -21.75 -1.79
CA GLY A 187 -4.94 -22.63 -2.73
C GLY A 187 -4.24 -21.91 -3.88
N ALA A 188 -4.35 -20.59 -3.94
CA ALA A 188 -3.69 -19.85 -5.01
C ALA A 188 -2.17 -19.97 -4.95
N PRO A 189 -1.49 -19.88 -6.12
CA PRO A 189 -0.01 -19.78 -6.01
C PRO A 189 0.41 -18.57 -5.20
N ALA A 190 1.57 -18.60 -4.58
CA ALA A 190 2.06 -17.44 -3.82
C ALA A 190 2.44 -16.31 -4.79
N GLN A 191 2.28 -15.06 -4.37
CA GLN A 191 2.74 -13.90 -5.11
C GLN A 191 4.12 -14.14 -5.70
N SER A 192 4.23 -14.23 -7.03
CA SER A 192 5.50 -14.56 -7.66
C SER A 192 5.87 -13.79 -8.96
N PHE A 193 5.06 -12.78 -9.33
CA PHE A 193 5.32 -11.94 -10.51
C PHE A 193 6.66 -11.22 -10.32
N PRO A 194 7.46 -11.06 -11.40
CA PRO A 194 7.15 -11.30 -12.82
C PRO A 194 7.05 -12.77 -13.18
N GLU A 195 7.62 -13.64 -12.36
CA GLU A 195 7.89 -14.99 -12.85
C GLU A 195 7.79 -16.16 -11.89
N PRO A 196 6.77 -17.01 -12.07
CA PRO A 196 5.55 -16.94 -12.90
C PRO A 196 4.79 -15.64 -12.62
N PRO A 197 4.21 -14.97 -13.64
CA PRO A 197 3.38 -13.79 -13.35
C PRO A 197 2.10 -14.20 -12.62
N TYR A 198 2.22 -14.39 -11.31
CA TYR A 198 1.10 -14.63 -10.40
C TYR A 198 0.99 -13.44 -9.46
N THR A 199 -0.17 -12.78 -9.47
CA THR A 199 -0.45 -11.65 -8.56
C THR A 199 -1.48 -12.12 -7.55
N THR A 200 -1.10 -12.13 -6.26
CA THR A 200 -1.89 -12.87 -5.27
C THR A 200 -2.11 -12.03 -4.05
N LEU A 201 -3.39 -11.78 -3.79
CA LEU A 201 -3.85 -11.03 -2.64
C LEU A 201 -4.59 -11.94 -1.70
N GLU A 202 -4.32 -11.78 -0.40
CA GLU A 202 -4.85 -12.68 0.60
C GLU A 202 -6.39 -12.61 0.66
N THR A 203 -6.92 -11.38 0.62
CA THR A 203 -8.34 -11.20 0.64
C THR A 203 -8.77 -10.27 -0.50
N THR A 204 -10.08 -10.30 -0.75
CA THR A 204 -10.73 -9.32 -1.58
C THR A 204 -11.30 -8.25 -0.65
N PRO A 205 -10.93 -6.99 -0.88
CA PRO A 205 -11.47 -5.86 -0.11
C PRO A 205 -12.91 -5.98 0.40
N VAL A 206 -13.77 -5.98 -0.59
CA VAL A 206 -15.19 -6.08 -0.43
C VAL A 206 -15.61 -6.95 -1.59
N SER A 207 -16.57 -7.83 -1.37
CA SER A 207 -17.26 -8.48 -2.49
C SER A 207 -18.65 -8.68 -2.02
N ARG A 208 -19.52 -8.91 -2.97
CA ARG A 208 -20.88 -9.24 -2.62
C ARG A 208 -21.32 -10.12 -3.75
N GLU A 209 -21.60 -11.38 -3.46
CA GLU A 209 -21.86 -12.32 -4.53
C GLU A 209 -23.10 -11.94 -5.39
N LYS A 210 -23.06 -12.32 -6.65
CA LYS A 210 -24.12 -11.97 -7.57
C LYS A 210 -25.42 -12.64 -7.19
N PRO A 211 -26.53 -11.88 -7.20
CA PRO A 211 -27.83 -12.52 -6.98
C PRO A 211 -28.11 -13.62 -8.00
N PHE A 212 -29.02 -14.53 -7.67
CA PHE A 212 -29.37 -15.63 -8.53
C PHE A 212 -30.75 -16.22 -8.23
N LEU A 213 -31.37 -16.73 -9.28
CA LEU A 213 -32.68 -17.37 -9.17
C LEU A 213 -32.54 -18.76 -8.54
N TYR A 214 -33.46 -19.11 -7.65
CA TYR A 214 -33.53 -20.48 -7.19
C TYR A 214 -34.92 -20.85 -6.75
N LEU A 215 -35.05 -22.12 -6.39
CA LEU A 215 -36.30 -22.62 -5.85
C LEU A 215 -36.06 -22.79 -4.37
N ASP A 216 -36.66 -21.89 -3.60
CA ASP A 216 -36.92 -22.16 -2.21
C ASP A 216 -38.01 -23.07 -2.60
N GLY A 217 -38.22 -24.13 -1.81
CA GLY A 217 -38.97 -25.32 -2.22
C GLY A 217 -39.41 -25.48 -3.66
N ASP A 218 -40.73 -25.59 -3.90
CA ASP A 218 -41.35 -25.25 -5.19
C ASP A 218 -41.88 -23.82 -5.07
N ASP A 219 -41.03 -22.88 -5.38
CA ASP A 219 -41.20 -21.49 -4.96
C ASP A 219 -40.00 -20.67 -5.48
N TYR A 220 -40.21 -19.89 -6.51
CA TYR A 220 -39.10 -19.15 -7.09
C TYR A 220 -38.82 -17.89 -6.29
N LYS A 221 -37.54 -17.59 -6.23
CA LYS A 221 -36.99 -16.58 -5.35
C LYS A 221 -35.64 -16.20 -5.94
N VAL A 222 -35.24 -14.97 -5.71
CA VAL A 222 -33.90 -14.53 -6.02
C VAL A 222 -33.13 -14.37 -4.72
N PHE A 223 -32.06 -15.14 -4.59
CA PHE A 223 -31.22 -15.02 -3.41
C PHE A 223 -30.31 -13.82 -3.58
N VAL A 224 -30.21 -13.01 -2.53
CA VAL A 224 -29.41 -11.79 -2.51
C VAL A 224 -28.34 -11.87 -1.40
N PRO A 225 -27.11 -12.21 -1.79
CA PRO A 225 -26.06 -12.40 -0.79
C PRO A 225 -25.61 -11.16 -0.04
N ALA A 226 -25.24 -11.42 1.19
CA ALA A 226 -24.69 -10.42 2.08
C ALA A 226 -23.31 -10.05 1.59
N LYS A 227 -23.02 -8.75 1.59
CA LYS A 227 -21.66 -8.29 1.34
C LYS A 227 -20.66 -8.85 2.35
N ARG A 228 -19.50 -9.28 1.86
CA ARG A 228 -18.36 -9.58 2.77
C ARG A 228 -17.27 -8.48 2.82
N THR A 229 -16.38 -8.61 3.81
CA THR A 229 -15.29 -7.70 3.93
C THR A 229 -14.07 -8.56 4.18
N ASN A 230 -13.00 -8.28 3.45
CA ASN A 230 -11.81 -9.08 3.61
C ASN A 230 -12.08 -10.51 3.21
N ALA A 231 -12.86 -10.65 2.16
CA ALA A 231 -13.37 -11.93 1.77
C ALA A 231 -12.27 -12.92 1.36
N ARG A 232 -12.53 -14.19 1.67
CA ARG A 232 -11.64 -15.28 1.24
C ARG A 232 -12.39 -16.58 1.24
N GLY A 233 -12.11 -17.41 0.26
CA GLY A 233 -12.84 -18.66 0.11
C GLY A 233 -14.28 -18.46 -0.30
N THR A 234 -15.02 -19.55 -0.44
CA THR A 234 -16.39 -19.47 -0.91
C THR A 234 -17.34 -18.94 0.17
N SER A 235 -18.46 -18.38 -0.26
CA SER A 235 -19.42 -17.78 0.64
C SER A 235 -20.35 -18.84 1.23
N TRP A 236 -20.42 -19.97 0.53
CA TRP A 236 -21.45 -21.00 0.70
C TRP A 236 -21.08 -22.30 1.39
N GLY A 237 -19.81 -22.59 1.60
CA GLY A 237 -19.53 -23.94 2.06
C GLY A 237 -20.04 -24.17 3.49
N ASN A 238 -19.82 -23.16 4.32
CA ASN A 238 -20.12 -23.23 5.74
C ASN A 238 -21.63 -23.15 6.03
N GLY A 239 -22.44 -23.46 5.02
CA GLY A 239 -23.89 -23.37 5.12
C GLY A 239 -24.33 -22.26 4.21
N THR A 240 -25.62 -22.26 3.88
CA THR A 240 -26.21 -21.17 3.13
C THR A 240 -25.89 -19.84 3.80
N PRO A 241 -25.27 -18.90 3.05
CA PRO A 241 -24.73 -17.65 3.62
C PRO A 241 -25.80 -16.67 4.11
N GLU A 242 -25.43 -15.54 4.72
CA GLU A 242 -26.43 -14.52 5.06
C GLU A 242 -26.89 -14.04 3.71
N GLY A 243 -28.19 -13.80 3.62
CA GLY A 243 -28.85 -13.31 2.42
C GLY A 243 -30.29 -12.97 2.72
N GLU A 244 -30.83 -11.89 2.13
CA GLU A 244 -32.23 -11.40 2.39
C GLU A 244 -32.99 -11.71 1.13
N SER A 245 -33.52 -12.95 1.05
CA SER A 245 -34.08 -13.56 -0.17
C SER A 245 -35.39 -12.91 -0.65
N LEU A 246 -35.65 -12.86 -1.97
CA LEU A 246 -36.86 -12.17 -2.46
C LEU A 246 -37.78 -13.15 -3.17
N PRO A 247 -39.12 -13.03 -2.99
CA PRO A 247 -39.91 -13.93 -3.84
C PRO A 247 -40.09 -13.42 -5.27
N LEU A 248 -40.28 -14.36 -6.19
CA LEU A 248 -40.36 -14.01 -7.62
C LEU A 248 -41.50 -13.02 -7.92
N ASP A 249 -42.60 -13.06 -7.18
CA ASP A 249 -43.69 -12.12 -7.48
C ASP A 249 -43.37 -10.67 -7.07
N GLN A 250 -42.22 -10.43 -6.43
CA GLN A 250 -41.73 -9.08 -6.21
C GLN A 250 -40.91 -8.52 -7.37
N PHE A 251 -40.91 -9.24 -8.49
CA PHE A 251 -40.12 -8.88 -9.66
C PHE A 251 -41.02 -8.65 -10.83
N TYR A 252 -40.83 -7.55 -11.55
CA TYR A 252 -41.39 -7.44 -12.87
C TYR A 252 -40.61 -8.33 -13.80
N VAL A 253 -41.34 -9.17 -14.54
CA VAL A 253 -40.72 -10.10 -15.49
C VAL A 253 -40.76 -9.49 -16.89
N VAL A 254 -39.61 -8.97 -17.29
CA VAL A 254 -39.42 -8.34 -18.58
C VAL A 254 -39.46 -9.37 -19.69
N LYS A 255 -40.49 -9.17 -20.52
CA LYS A 255 -40.82 -9.89 -21.73
C LYS A 255 -40.82 -8.93 -22.93
N PRO A 256 -40.73 -9.51 -24.16
CA PRO A 256 -41.21 -8.84 -25.38
C PRO A 256 -42.62 -8.24 -25.18
N GLY A 257 -42.83 -7.01 -25.64
CA GLY A 257 -43.91 -6.17 -25.19
C GLY A 257 -43.42 -5.04 -24.26
N ALA A 258 -42.46 -5.36 -23.39
CA ALA A 258 -42.05 -4.40 -22.36
C ALA A 258 -41.48 -3.18 -23.02
N THR A 259 -41.71 -2.04 -22.39
CA THR A 259 -41.20 -0.75 -22.88
C THR A 259 -40.40 -0.08 -21.80
N ALA A 260 -39.52 0.84 -22.20
CA ALA A 260 -38.97 1.83 -21.28
C ALA A 260 -40.06 2.21 -20.27
N GLU A 261 -41.19 2.62 -20.79
CA GLU A 261 -42.24 3.19 -19.99
C GLU A 261 -42.62 2.29 -18.81
N THR A 262 -42.90 1.04 -19.11
CA THR A 262 -43.45 0.14 -18.10
C THR A 262 -42.38 -0.33 -17.14
N ILE A 263 -41.19 -0.55 -17.67
CA ILE A 263 -40.14 -1.09 -16.84
C ILE A 263 -39.80 -0.06 -15.79
N ASN A 264 -39.84 1.19 -16.19
CA ASN A 264 -39.48 2.27 -15.30
C ASN A 264 -40.58 2.55 -14.28
N ALA A 265 -41.81 2.25 -14.64
CA ALA A 265 -42.92 2.34 -13.69
C ALA A 265 -42.89 1.14 -12.72
N ALA A 266 -42.28 0.04 -13.16
CA ALA A 266 -42.30 -1.14 -12.29
C ALA A 266 -41.38 -0.86 -11.10
N VAL A 267 -40.24 -0.26 -11.41
CA VAL A 267 -39.29 0.12 -10.38
C VAL A 267 -39.88 1.17 -9.43
N ASP A 268 -40.45 2.23 -9.97
CA ASP A 268 -40.98 3.27 -9.12
C ASP A 268 -41.98 2.63 -8.11
N GLN A 269 -42.78 1.67 -8.60
CA GLN A 269 -43.87 0.99 -7.85
C GLN A 269 -43.46 -0.09 -6.81
N GLY A 270 -42.16 -0.33 -6.61
CA GLY A 270 -41.73 -1.26 -5.57
C GLY A 270 -41.14 -2.57 -6.09
N LEU A 271 -41.18 -2.78 -7.40
CA LEU A 271 -40.73 -4.05 -7.97
C LEU A 271 -39.28 -4.03 -8.39
N HIS A 272 -38.66 -5.19 -8.21
CA HIS A 272 -37.37 -5.48 -8.78
C HIS A 272 -37.56 -5.87 -10.25
N LEU A 273 -36.45 -6.05 -10.96
CA LEU A 273 -36.50 -6.40 -12.38
C LEU A 273 -35.77 -7.72 -12.67
N LEU A 274 -36.47 -8.58 -13.40
CA LEU A 274 -35.90 -9.82 -13.90
C LEU A 274 -36.06 -9.84 -15.41
N PHE A 275 -34.96 -9.62 -16.10
CA PHE A 275 -34.99 -9.67 -17.56
C PHE A 275 -34.83 -11.10 -18.04
N THR A 276 -35.85 -11.63 -18.70
CA THR A 276 -35.75 -12.96 -19.27
C THR A 276 -34.78 -12.87 -20.44
N PRO A 277 -34.45 -13.99 -21.08
CA PRO A 277 -33.47 -13.91 -22.17
C PRO A 277 -34.12 -13.38 -23.42
N GLY A 278 -33.51 -12.33 -23.97
CA GLY A 278 -34.04 -11.69 -25.15
C GLY A 278 -33.24 -10.43 -25.37
N VAL A 279 -33.63 -9.75 -26.46
CA VAL A 279 -33.07 -8.48 -26.86
C VAL A 279 -34.14 -7.40 -26.78
N TYR A 280 -33.87 -6.36 -25.99
CA TYR A 280 -34.84 -5.35 -25.68
C TYR A 280 -34.36 -3.95 -26.12
N HIS A 281 -34.97 -3.43 -27.19
CA HIS A 281 -34.79 -2.04 -27.55
C HIS A 281 -35.59 -1.11 -26.63
N VAL A 282 -34.95 -0.02 -26.17
CA VAL A 282 -35.62 1.04 -25.47
C VAL A 282 -35.50 2.37 -26.23
N ASP A 283 -36.55 3.19 -26.16
CA ASP A 283 -36.46 4.58 -26.59
C ASP A 283 -36.11 5.58 -25.48
N GLN A 284 -35.80 5.07 -24.30
CA GLN A 284 -35.39 5.90 -23.19
C GLN A 284 -34.67 5.10 -22.13
N PRO A 285 -33.97 5.80 -21.25
CA PRO A 285 -33.12 5.14 -20.29
C PRO A 285 -33.97 4.41 -19.25
N ILE A 286 -33.57 3.19 -18.99
CA ILE A 286 -34.10 2.45 -17.88
C ILE A 286 -33.50 3.19 -16.69
N GLU A 287 -34.36 3.61 -15.77
CA GLU A 287 -33.92 4.36 -14.62
C GLU A 287 -34.16 3.53 -13.35
N ILE A 288 -33.21 3.57 -12.44
CA ILE A 288 -33.36 2.81 -11.20
C ILE A 288 -33.03 3.70 -10.03
N ASP A 289 -34.08 4.35 -9.53
CA ASP A 289 -33.95 5.40 -8.47
C ASP A 289 -34.57 4.94 -7.13
N ARG A 290 -34.55 3.64 -6.84
CA ARG A 290 -35.03 3.11 -5.55
C ARG A 290 -33.94 2.29 -4.90
N ALA A 291 -33.69 2.57 -3.65
CA ALA A 291 -32.74 1.80 -2.91
C ALA A 291 -33.01 0.29 -2.98
N ASN A 292 -31.92 -0.47 -3.00
CA ASN A 292 -31.93 -1.94 -2.95
C ASN A 292 -32.51 -2.69 -4.13
N THR A 293 -32.76 -2.00 -5.21
CA THR A 293 -33.36 -2.64 -6.40
C THR A 293 -32.40 -3.62 -7.01
N VAL A 294 -32.95 -4.78 -7.35
CA VAL A 294 -32.20 -5.84 -7.99
C VAL A 294 -32.67 -5.84 -9.43
N ALA A 295 -31.71 -5.80 -10.36
CA ALA A 295 -31.94 -5.79 -11.80
C ALA A 295 -31.11 -6.93 -12.40
N LEU A 296 -31.77 -8.05 -12.66
CA LEU A 296 -31.09 -9.32 -12.88
C LEU A 296 -31.48 -9.86 -14.23
N GLY A 297 -30.48 -10.10 -15.07
CA GLY A 297 -30.70 -10.68 -16.40
C GLY A 297 -30.38 -12.16 -16.41
N LEU A 298 -31.22 -12.92 -17.12
CA LEU A 298 -30.96 -14.33 -17.41
C LEU A 298 -30.62 -14.48 -18.91
N GLY A 299 -29.82 -15.48 -19.24
CA GLY A 299 -29.67 -15.87 -20.63
C GLY A 299 -29.05 -14.79 -21.52
N LEU A 300 -28.17 -13.95 -20.94
CA LEU A 300 -27.54 -12.86 -21.66
C LEU A 300 -28.54 -11.81 -22.23
N ALA A 301 -29.59 -11.55 -21.45
CA ALA A 301 -30.53 -10.51 -21.75
C ALA A 301 -29.81 -9.24 -22.14
N THR A 302 -30.28 -8.64 -23.23
CA THR A 302 -29.57 -7.53 -23.84
C THR A 302 -30.47 -6.33 -23.96
N ILE A 303 -29.93 -5.15 -23.67
CA ILE A 303 -30.66 -3.90 -23.81
C ILE A 303 -29.98 -3.07 -24.89
N ILE A 304 -30.78 -2.61 -25.86
CA ILE A 304 -30.29 -1.73 -26.92
C ILE A 304 -30.95 -0.37 -26.81
N PRO A 305 -30.14 0.67 -26.55
CA PRO A 305 -30.71 2.02 -26.51
C PRO A 305 -30.80 2.58 -27.92
N ASP A 306 -32.02 2.86 -28.34
CA ASP A 306 -32.27 3.54 -29.60
C ASP A 306 -32.25 5.07 -29.41
N ASN A 307 -32.19 5.80 -30.52
CA ASN A 307 -32.44 7.25 -30.51
C ASN A 307 -31.33 8.03 -29.79
N GLY A 308 -30.21 7.37 -29.61
CA GLY A 308 -29.03 7.94 -28.94
C GLY A 308 -29.15 8.07 -27.44
N VAL A 309 -30.16 7.41 -26.88
CA VAL A 309 -30.35 7.55 -25.44
C VAL A 309 -29.37 6.66 -24.62
N THR A 310 -29.23 6.96 -23.31
CA THR A 310 -28.47 6.08 -22.42
C THR A 310 -29.35 4.90 -22.07
N ALA A 311 -28.76 3.73 -21.92
CA ALA A 311 -29.53 2.53 -21.72
C ALA A 311 -30.03 2.39 -20.28
N LEU A 312 -29.18 2.70 -19.31
CA LEU A 312 -29.49 2.40 -17.92
C LEU A 312 -28.88 3.46 -17.04
N LYS A 313 -29.72 4.21 -16.35
CA LYS A 313 -29.20 5.10 -15.31
C LYS A 313 -29.66 4.68 -13.92
N VAL A 314 -28.81 5.01 -12.96
CA VAL A 314 -28.98 4.53 -11.60
C VAL A 314 -28.82 5.76 -10.75
N GLY A 315 -29.84 6.05 -9.99
CA GLY A 315 -29.79 7.24 -9.15
C GLY A 315 -28.86 7.06 -7.97
N ASP A 316 -28.91 8.07 -7.10
CA ASP A 316 -27.96 8.19 -6.02
C ASP A 316 -28.63 7.52 -4.83
N VAL A 317 -28.60 6.19 -4.82
CA VAL A 317 -29.24 5.38 -3.78
C VAL A 317 -28.33 4.19 -3.42
N ASP A 318 -28.53 3.62 -2.24
CA ASP A 318 -27.82 2.44 -1.78
C ASP A 318 -28.31 1.17 -2.49
N GLY A 319 -27.42 0.19 -2.56
CA GLY A 319 -27.78 -1.20 -2.73
C GLY A 319 -28.35 -1.70 -4.03
N VAL A 320 -28.23 -0.95 -5.11
CA VAL A 320 -28.75 -1.42 -6.37
C VAL A 320 -27.80 -2.49 -6.87
N LYS A 321 -28.39 -3.57 -7.41
CA LYS A 321 -27.62 -4.73 -7.83
C LYS A 321 -28.00 -5.00 -9.27
N VAL A 322 -27.15 -4.55 -10.17
CA VAL A 322 -27.35 -4.77 -11.60
C VAL A 322 -26.49 -5.96 -12.01
N ALA A 323 -27.08 -7.04 -12.54
CA ALA A 323 -26.27 -8.19 -12.92
C ALA A 323 -26.78 -9.00 -14.14
N GLY A 324 -25.82 -9.45 -14.98
CA GLY A 324 -26.08 -10.43 -16.00
C GLY A 324 -26.47 -9.93 -17.36
N LEU A 325 -26.33 -8.62 -17.55
CA LEU A 325 -26.90 -7.92 -18.70
C LEU A 325 -25.87 -7.52 -19.72
N LEU A 326 -26.26 -7.55 -20.99
CA LEU A 326 -25.43 -6.99 -22.06
C LEU A 326 -26.09 -5.70 -22.50
N VAL A 327 -25.32 -4.64 -22.60
CA VAL A 327 -25.79 -3.38 -23.17
C VAL A 327 -25.08 -3.23 -24.51
N ASP A 328 -25.86 -3.12 -25.59
CA ASP A 328 -25.37 -3.19 -26.95
C ASP A 328 -25.71 -1.86 -27.65
N ALA A 329 -24.70 -1.11 -28.08
CA ALA A 329 -24.95 0.22 -28.60
C ALA A 329 -25.81 0.18 -29.85
N GLY A 330 -26.64 1.20 -30.03
CA GLY A 330 -27.35 1.36 -31.29
C GLY A 330 -26.54 2.15 -32.30
N PRO A 331 -27.00 2.18 -33.56
CA PRO A 331 -26.28 2.92 -34.60
C PRO A 331 -26.23 4.43 -34.39
N VAL A 332 -27.23 4.97 -33.70
CA VAL A 332 -27.15 6.37 -33.29
C VAL A 332 -26.26 6.51 -32.07
N ASN A 333 -25.27 7.38 -32.16
CA ASN A 333 -24.36 7.55 -31.03
C ASN A 333 -25.05 7.94 -29.73
N SER A 334 -24.83 7.15 -28.69
CA SER A 334 -25.19 7.51 -27.34
C SER A 334 -24.06 8.19 -26.59
N GLU A 335 -24.40 9.29 -25.96
CA GLU A 335 -23.46 10.02 -25.11
C GLU A 335 -22.86 9.14 -24.02
N THR A 336 -23.73 8.42 -23.36
CA THR A 336 -23.35 7.34 -22.44
C THR A 336 -24.26 6.15 -22.61
N LEU A 337 -23.76 4.96 -22.25
CA LEU A 337 -24.60 3.77 -22.31
C LEU A 337 -25.09 3.37 -20.93
N VAL A 338 -24.20 3.49 -19.95
CA VAL A 338 -24.55 3.19 -18.57
C VAL A 338 -24.04 4.28 -17.69
N GLU A 339 -24.89 4.74 -16.78
CA GLU A 339 -24.46 5.70 -15.73
C GLU A 339 -24.75 5.11 -14.36
N VAL A 340 -23.83 5.30 -13.42
CA VAL A 340 -24.08 4.93 -12.04
C VAL A 340 -23.94 6.16 -11.13
N GLY A 341 -25.10 6.69 -10.78
CA GLY A 341 -25.15 7.90 -10.00
C GLY A 341 -25.19 9.10 -10.89
N SER A 342 -25.62 10.22 -10.32
CA SER A 342 -25.63 11.48 -11.03
C SER A 342 -24.25 12.13 -11.13
N ASP A 343 -24.05 13.06 -12.08
CA ASP A 343 -22.83 13.89 -12.12
C ASP A 343 -22.72 14.72 -10.85
N GLY A 344 -21.54 14.74 -10.22
CA GLY A 344 -21.36 15.46 -8.97
C GLY A 344 -21.68 14.68 -7.69
N ALA A 345 -22.32 13.51 -7.82
CA ALA A 345 -22.66 12.61 -6.68
C ALA A 345 -21.67 12.55 -5.50
N SER A 346 -22.10 13.02 -4.32
CA SER A 346 -21.20 13.13 -3.17
C SER A 346 -21.60 12.26 -1.96
N GLY A 347 -22.74 11.59 -2.05
CA GLY A 347 -23.15 10.77 -0.93
C GLY A 347 -22.16 9.66 -0.72
N ASP A 348 -22.27 8.96 0.39
CA ASP A 348 -21.48 7.77 0.59
C ASP A 348 -22.44 6.56 0.66
N HIS A 349 -21.96 5.39 0.24
CA HIS A 349 -22.77 4.19 0.19
C HIS A 349 -22.00 2.99 0.74
N ALA A 350 -21.23 3.22 1.79
CA ALA A 350 -20.23 2.24 2.21
C ALA A 350 -20.83 0.96 2.77
N ALA A 351 -21.88 1.06 3.57
CA ALA A 351 -22.40 -0.14 4.22
C ALA A 351 -23.16 -1.01 3.20
N ASN A 352 -23.73 -0.36 2.18
CA ASN A 352 -24.62 -0.99 1.19
C ASN A 352 -24.43 -0.38 -0.20
N PRO A 353 -23.32 -0.74 -0.86
CA PRO A 353 -22.99 -0.13 -2.16
C PRO A 353 -23.86 -0.61 -3.30
N THR A 354 -23.80 0.11 -4.41
CA THR A 354 -24.36 -0.34 -5.67
C THR A 354 -23.26 -1.13 -6.40
N SER A 355 -23.65 -2.18 -7.13
CA SER A 355 -22.70 -2.95 -7.96
C SER A 355 -23.19 -3.31 -9.36
N LEU A 356 -22.26 -3.26 -10.31
CA LEU A 356 -22.46 -3.91 -11.60
C LEU A 356 -21.70 -5.25 -11.59
N GLN A 357 -22.40 -6.33 -11.92
CA GLN A 357 -21.80 -7.68 -11.98
C GLN A 357 -22.21 -8.37 -13.27
N ASP A 358 -21.25 -8.92 -13.99
CA ASP A 358 -21.50 -9.48 -15.32
C ASP A 358 -22.37 -8.53 -16.14
N VAL A 359 -21.90 -7.29 -16.29
CA VAL A 359 -22.62 -6.28 -17.03
C VAL A 359 -21.74 -5.92 -18.20
N PHE A 360 -21.99 -6.51 -19.37
CA PHE A 360 -21.11 -6.39 -20.51
C PHE A 360 -21.60 -5.28 -21.45
N VAL A 361 -20.68 -4.60 -22.12
CA VAL A 361 -21.09 -3.61 -23.13
C VAL A 361 -20.43 -3.94 -24.43
N ARG A 362 -21.16 -3.78 -25.52
CA ARG A 362 -20.62 -4.02 -26.85
C ARG A 362 -20.96 -2.81 -27.70
N ILE A 363 -19.96 -2.32 -28.46
CA ILE A 363 -20.16 -1.24 -29.41
C ILE A 363 -19.80 -1.78 -30.80
N GLY A 364 -20.83 -2.09 -31.59
CA GLY A 364 -20.68 -2.70 -32.90
C GLY A 364 -20.51 -4.20 -32.88
N GLY A 365 -20.38 -4.82 -34.08
CA GLY A 365 -20.10 -6.23 -34.24
C GLY A 365 -21.32 -6.92 -34.82
N ALA A 366 -22.48 -6.42 -34.45
CA ALA A 366 -23.76 -6.95 -34.94
C ALA A 366 -24.53 -5.90 -35.70
N GLY A 367 -23.78 -5.11 -36.45
CA GLY A 367 -24.29 -3.90 -37.03
C GLY A 367 -23.53 -2.72 -36.46
N PRO A 368 -23.59 -1.57 -37.16
CA PRO A 368 -22.90 -0.40 -36.63
C PRO A 368 -23.47 -0.01 -35.27
N GLY A 369 -22.57 0.42 -34.41
CA GLY A 369 -22.92 0.91 -33.10
C GLY A 369 -21.92 1.97 -32.66
N LYS A 370 -22.35 2.97 -31.88
CA LYS A 370 -21.47 4.05 -31.47
C LYS A 370 -21.87 4.57 -30.12
N ALA A 371 -20.88 4.99 -29.32
CA ALA A 371 -21.17 5.64 -28.05
C ALA A 371 -19.93 6.37 -27.56
N THR A 372 -20.12 7.51 -26.93
CA THR A 372 -19.02 8.36 -26.51
C THR A 372 -18.25 7.79 -25.31
N THR A 373 -18.96 7.55 -24.20
CA THR A 373 -18.38 6.92 -23.00
C THR A 373 -19.35 5.79 -22.65
N SER A 374 -18.84 4.59 -22.47
CA SER A 374 -19.73 3.46 -22.25
C SER A 374 -20.32 3.40 -20.84
N ILE A 375 -19.43 3.40 -19.85
CA ILE A 375 -19.87 3.36 -18.46
C ILE A 375 -19.23 4.49 -17.68
N VAL A 376 -20.09 5.28 -17.04
CA VAL A 376 -19.66 6.33 -16.13
C VAL A 376 -20.06 5.97 -14.71
N VAL A 377 -19.08 5.90 -13.82
CA VAL A 377 -19.33 5.57 -12.43
C VAL A 377 -19.15 6.81 -11.55
N ASN A 378 -20.28 7.41 -11.17
CA ASN A 378 -20.27 8.59 -10.33
C ASN A 378 -20.42 8.35 -8.83
N SER A 379 -21.20 7.34 -8.45
CA SER A 379 -21.48 7.07 -7.04
C SER A 379 -20.30 6.51 -6.28
N ASN A 380 -20.07 7.08 -5.12
CA ASN A 380 -19.05 6.58 -4.25
C ASN A 380 -19.35 5.15 -3.79
N ASP A 381 -18.28 4.42 -3.57
CA ASP A 381 -18.29 3.08 -2.98
C ASP A 381 -18.82 1.98 -3.93
N THR A 382 -19.04 2.33 -5.19
CA THR A 382 -19.56 1.38 -6.18
C THR A 382 -18.57 0.22 -6.44
N ILE A 383 -19.13 -0.97 -6.60
CA ILE A 383 -18.39 -2.18 -6.89
C ILE A 383 -18.67 -2.59 -8.34
N ILE A 384 -17.59 -2.78 -9.11
CA ILE A 384 -17.71 -3.25 -10.48
C ILE A 384 -16.96 -4.58 -10.50
N ASP A 385 -17.71 -5.67 -10.60
CA ASP A 385 -17.20 -7.01 -10.31
C ASP A 385 -17.53 -7.88 -11.49
N HIS A 386 -16.55 -7.97 -12.36
CA HIS A 386 -16.64 -8.54 -13.70
C HIS A 386 -17.41 -7.69 -14.69
N THR A 387 -16.68 -6.93 -15.47
CA THR A 387 -17.28 -6.20 -16.60
C THR A 387 -16.41 -6.44 -17.84
N TRP A 388 -17.02 -6.57 -19.01
CA TRP A 388 -16.29 -6.51 -20.31
C TRP A 388 -16.95 -5.41 -21.09
N VAL A 389 -16.14 -4.39 -21.40
CA VAL A 389 -16.59 -3.18 -22.10
C VAL A 389 -15.74 -3.18 -23.37
N TRP A 390 -16.41 -3.45 -24.47
CA TRP A 390 -15.74 -3.91 -25.68
C TRP A 390 -16.25 -3.20 -26.92
N ARG A 391 -15.37 -2.42 -27.53
CA ARG A 391 -15.65 -1.85 -28.81
C ARG A 391 -15.28 -2.91 -29.82
N ALA A 392 -16.24 -3.37 -30.61
CA ALA A 392 -16.02 -4.56 -31.43
C ALA A 392 -14.83 -4.36 -32.38
N ASP A 393 -13.95 -5.36 -32.42
CA ASP A 393 -12.82 -5.38 -33.34
C ASP A 393 -13.06 -6.23 -34.56
N HIS A 394 -14.18 -6.95 -34.60
CA HIS A 394 -14.53 -7.75 -35.75
C HIS A 394 -16.04 -7.92 -35.82
N GLY A 395 -16.43 -8.58 -36.88
CA GLY A 395 -17.82 -8.86 -37.18
C GLY A 395 -18.29 -7.76 -38.10
N GLU A 396 -19.47 -7.22 -37.83
CA GLU A 396 -20.06 -6.26 -38.74
C GLU A 396 -20.48 -4.93 -38.14
N GLY A 397 -20.41 -3.90 -38.99
CA GLY A 397 -20.60 -2.55 -38.50
C GLY A 397 -19.40 -2.05 -37.70
N VAL A 398 -18.19 -2.42 -38.15
CA VAL A 398 -16.95 -2.02 -37.49
C VAL A 398 -16.05 -1.20 -38.40
N GLY A 399 -15.34 -0.27 -37.80
CA GLY A 399 -14.51 0.64 -38.54
C GLY A 399 -14.10 1.79 -37.64
N TRP A 400 -12.95 2.38 -37.96
CA TRP A 400 -12.38 3.43 -37.12
C TRP A 400 -13.40 4.57 -36.89
N GLU A 401 -14.24 4.83 -37.89
CA GLU A 401 -15.34 5.76 -37.74
C GLU A 401 -16.67 5.01 -37.57
N THR A 402 -16.82 3.88 -38.25
CA THR A 402 -18.08 3.18 -38.28
C THR A 402 -18.60 2.81 -36.88
N ASN A 403 -17.77 2.17 -36.06
CA ASN A 403 -18.14 1.94 -34.66
C ASN A 403 -17.23 2.68 -33.68
N ARG A 404 -16.92 3.92 -34.05
CA ARG A 404 -16.23 4.81 -33.12
C ARG A 404 -16.79 4.78 -31.69
N ALA A 405 -15.89 4.73 -30.73
CA ALA A 405 -16.24 4.85 -29.31
C ALA A 405 -15.02 5.33 -28.54
N ASP A 406 -15.04 6.59 -28.14
CA ASP A 406 -13.83 7.21 -27.62
C ASP A 406 -13.38 6.62 -26.28
N TYR A 407 -14.33 6.40 -25.37
CA TYR A 407 -14.00 6.15 -23.98
C TYR A 407 -14.78 4.96 -23.42
N GLY A 408 -14.11 4.06 -22.70
CA GLY A 408 -14.78 2.89 -22.17
C GLY A 408 -15.47 3.13 -20.84
N VAL A 409 -14.66 3.27 -19.80
CA VAL A 409 -15.10 3.44 -18.45
C VAL A 409 -14.43 4.66 -17.89
N HIS A 410 -15.26 5.50 -17.27
CA HIS A 410 -14.78 6.69 -16.56
C HIS A 410 -15.28 6.61 -15.13
N VAL A 411 -14.37 6.55 -14.15
CA VAL A 411 -14.81 6.50 -12.76
C VAL A 411 -14.55 7.85 -12.09
N LYS A 412 -15.59 8.49 -11.58
CA LYS A 412 -15.45 9.75 -10.81
C LYS A 412 -15.70 9.65 -9.32
N GLY A 413 -16.61 8.75 -8.96
CA GLY A 413 -16.86 8.46 -7.57
C GLY A 413 -15.58 8.07 -6.85
N ASP A 414 -15.65 8.18 -5.52
CA ASP A 414 -14.53 7.88 -4.66
C ASP A 414 -14.77 6.48 -4.06
N ASN A 415 -13.68 5.82 -3.77
CA ASN A 415 -13.69 4.53 -3.05
C ASN A 415 -14.38 3.41 -3.90
N VAL A 416 -14.27 3.56 -5.21
CA VAL A 416 -14.84 2.58 -6.16
C VAL A 416 -13.87 1.42 -6.31
N LEU A 417 -14.40 0.22 -6.42
CA LEU A 417 -13.54 -0.98 -6.52
C LEU A 417 -13.95 -1.71 -7.77
N ALA A 418 -12.96 -2.04 -8.60
CA ALA A 418 -13.18 -2.86 -9.78
C ALA A 418 -12.39 -4.16 -9.61
N THR A 419 -13.09 -5.30 -9.63
CA THR A 419 -12.48 -6.62 -9.55
C THR A 419 -12.85 -7.36 -10.86
N GLY A 420 -11.84 -7.67 -11.67
CA GLY A 420 -12.13 -8.34 -12.93
C GLY A 420 -12.55 -7.34 -14.01
N LEU A 421 -11.66 -6.40 -14.31
CA LEU A 421 -11.96 -5.32 -15.26
C LEU A 421 -11.38 -5.63 -16.64
N PHE A 422 -12.24 -5.80 -17.65
CA PHE A 422 -11.79 -6.10 -19.01
C PHE A 422 -12.34 -4.98 -19.95
N VAL A 423 -11.48 -4.20 -20.59
CA VAL A 423 -11.94 -3.11 -21.42
C VAL A 423 -11.04 -2.98 -22.67
N GLU A 424 -11.63 -2.99 -23.86
CA GLU A 424 -10.82 -3.16 -25.08
C GLU A 424 -11.29 -2.34 -26.27
N HIS A 425 -10.30 -1.74 -26.91
CA HIS A 425 -10.32 -1.24 -28.30
C HIS A 425 -10.92 0.15 -28.50
N PHE A 426 -11.05 0.92 -27.43
CA PHE A 426 -11.56 2.28 -27.60
C PHE A 426 -10.63 3.23 -28.38
N ASN A 427 -11.22 4.21 -29.07
CA ASN A 427 -10.42 5.13 -29.90
C ASN A 427 -9.54 6.03 -29.04
N LYS A 428 -9.95 6.29 -27.81
CA LYS A 428 -9.17 7.09 -26.86
C LYS A 428 -8.88 6.29 -25.56
N TYR A 429 -9.06 6.87 -24.36
CA TYR A 429 -8.71 6.12 -23.16
C TYR A 429 -9.75 5.04 -22.88
N ASP A 430 -9.30 3.80 -22.74
CA ASP A 430 -10.18 2.71 -22.43
C ASP A 430 -10.77 2.89 -21.02
N VAL A 431 -9.89 3.20 -20.08
CA VAL A 431 -10.30 3.49 -18.71
C VAL A 431 -9.63 4.78 -18.25
N GLN A 432 -10.48 5.64 -17.67
CA GLN A 432 -10.09 6.90 -17.03
C GLN A 432 -10.56 6.90 -15.57
N TRP A 433 -9.67 7.21 -14.64
CA TRP A 433 -9.99 7.24 -13.23
C TRP A 433 -9.62 8.59 -12.65
N SER A 434 -10.68 9.27 -12.22
CA SER A 434 -10.51 10.63 -11.73
C SER A 434 -10.87 10.74 -10.28
N GLY A 435 -11.52 9.70 -9.72
CA GLY A 435 -12.00 9.73 -8.36
C GLY A 435 -10.94 9.28 -7.39
N GLU A 436 -11.19 9.47 -6.10
CA GLU A 436 -10.21 9.13 -5.07
C GLU A 436 -10.29 7.68 -4.54
N ASN A 437 -9.12 7.19 -4.08
CA ASN A 437 -8.90 5.81 -3.58
C ASN A 437 -9.62 4.82 -4.45
N GLY A 438 -9.38 4.86 -5.75
CA GLY A 438 -9.84 3.80 -6.60
C GLY A 438 -8.96 2.59 -6.34
N LYS A 439 -9.53 1.40 -6.53
CA LYS A 439 -8.78 0.14 -6.47
C LYS A 439 -9.20 -0.72 -7.64
N THR A 440 -8.23 -1.26 -8.38
CA THR A 440 -8.50 -2.25 -9.43
C THR A 440 -7.68 -3.51 -9.16
N ILE A 441 -8.39 -4.62 -9.05
CA ILE A 441 -7.77 -5.94 -8.98
C ILE A 441 -8.11 -6.69 -10.24
N PHE A 442 -7.05 -6.89 -11.05
CA PHE A 442 -7.08 -7.45 -12.41
C PHE A 442 -7.65 -6.50 -13.47
N TYR A 443 -6.78 -6.20 -14.44
CA TYR A 443 -7.18 -5.46 -15.66
C TYR A 443 -6.63 -6.13 -16.91
N GLN A 444 -7.48 -6.28 -17.90
CA GLN A 444 -7.11 -6.76 -19.22
C GLN A 444 -7.61 -5.75 -20.24
N ASN A 445 -6.69 -5.26 -21.06
CA ASN A 445 -7.00 -4.40 -22.17
C ASN A 445 -6.27 -4.85 -23.43
N ALA A 446 -6.90 -4.59 -24.58
CA ALA A 446 -6.18 -4.55 -25.85
C ALA A 446 -6.53 -3.21 -26.50
N LYS A 447 -5.54 -2.62 -27.15
CA LYS A 447 -5.76 -1.36 -27.82
C LYS A 447 -6.62 -1.54 -29.07
N ALA A 448 -7.09 -0.43 -29.62
CA ALA A 448 -7.79 -0.51 -30.90
C ALA A 448 -6.87 -1.05 -31.97
N TYR A 449 -7.37 -1.98 -32.79
CA TYR A 449 -6.55 -2.58 -33.83
C TYR A 449 -6.57 -1.76 -35.12
N ASP A 450 -7.65 -0.98 -35.25
CA ASP A 450 -8.04 -0.35 -36.50
C ASP A 450 -7.52 1.09 -36.68
N ALA A 451 -6.61 1.54 -35.82
CA ALA A 451 -6.09 2.89 -35.90
C ALA A 451 -5.40 3.05 -37.25
N PRO A 452 -5.70 4.13 -37.98
CA PRO A 452 -5.16 4.17 -39.36
C PRO A 452 -3.71 4.65 -39.51
N ASP A 453 -3.26 5.44 -38.55
CA ASP A 453 -1.91 6.00 -38.58
C ASP A 453 -1.66 6.61 -37.22
N GLN A 454 -0.43 7.07 -37.03
CA GLN A 454 -0.02 7.69 -35.76
C GLN A 454 -0.82 8.95 -35.41
N ALA A 455 -1.18 9.77 -36.41
CA ALA A 455 -1.87 11.02 -36.07
C ALA A 455 -3.26 10.81 -35.50
N ALA A 456 -3.91 9.71 -35.89
CA ALA A 456 -5.26 9.38 -35.40
C ALA A 456 -5.31 8.99 -33.90
N ILE A 457 -4.14 8.82 -33.30
CA ILE A 457 -4.03 8.51 -31.86
C ILE A 457 -3.05 9.44 -31.14
N GLN A 458 -2.53 10.43 -31.86
CA GLN A 458 -1.62 11.42 -31.25
C GLN A 458 -2.39 12.24 -30.24
N ASN A 459 -1.95 12.26 -28.98
CA ASN A 459 -2.77 12.68 -27.82
C ASN A 459 -2.04 13.77 -27.05
N GLY A 460 -2.28 15.01 -27.47
CA GLY A 460 -1.40 16.11 -27.10
C GLY A 460 0.02 15.76 -27.52
N ASP A 461 0.91 15.69 -26.52
CA ASP A 461 2.33 15.44 -26.77
C ASP A 461 2.69 13.97 -26.58
N ILE A 462 1.67 13.10 -26.58
CA ILE A 462 1.92 11.69 -26.28
C ILE A 462 1.34 10.84 -27.40
N LYS A 463 2.08 9.80 -27.79
CA LYS A 463 1.60 8.87 -28.82
C LYS A 463 0.62 7.89 -28.22
N GLY A 464 -0.62 8.00 -28.67
CA GLY A 464 -1.70 7.17 -28.18
C GLY A 464 -2.26 7.62 -26.87
N TYR A 465 -3.36 6.94 -26.50
CA TYR A 465 -4.07 7.15 -25.25
C TYR A 465 -3.85 5.94 -24.40
N ALA A 466 -3.51 6.16 -23.16
CA ALA A 466 -3.32 5.05 -22.24
C ALA A 466 -4.54 4.16 -22.24
N ALA A 467 -4.32 2.88 -22.06
CA ALA A 467 -5.41 1.97 -21.68
C ALA A 467 -6.03 2.27 -20.31
N TYR A 468 -5.26 2.81 -19.39
CA TYR A 468 -5.74 3.07 -18.03
C TYR A 468 -5.02 4.33 -17.56
N LYS A 469 -5.81 5.40 -17.50
CA LYS A 469 -5.35 6.72 -17.13
C LYS A 469 -5.88 7.11 -15.77
N VAL A 470 -4.95 7.44 -14.90
CA VAL A 470 -5.26 7.99 -13.61
C VAL A 470 -5.01 9.47 -13.68
N ASP A 471 -6.05 10.26 -13.41
CA ASP A 471 -5.97 11.71 -13.49
C ASP A 471 -4.86 12.31 -12.58
N ASP A 472 -4.30 13.44 -13.04
CA ASP A 472 -3.13 14.03 -12.41
C ASP A 472 -3.48 14.63 -11.03
N SER A 473 -4.71 15.13 -10.89
CA SER A 473 -5.24 15.69 -9.64
C SER A 473 -5.64 14.68 -8.56
N VAL A 474 -5.41 13.40 -8.83
CA VAL A 474 -5.74 12.32 -7.90
C VAL A 474 -4.58 12.09 -6.90
N THR A 475 -4.91 11.80 -5.64
CA THR A 475 -3.89 11.52 -4.61
C THR A 475 -3.69 10.07 -4.26
N THR A 476 -4.77 9.29 -4.35
CA THR A 476 -4.81 7.97 -3.78
C THR A 476 -5.44 7.07 -4.88
N HIS A 477 -4.66 6.08 -5.32
CA HIS A 477 -5.13 5.03 -6.27
C HIS A 477 -4.28 3.77 -6.11
N GLU A 478 -4.88 2.60 -6.34
CA GLU A 478 -4.07 1.38 -6.32
C GLU A 478 -4.59 0.31 -7.30
N GLY A 479 -3.68 -0.30 -8.06
CA GLY A 479 -4.02 -1.33 -9.05
C GLY A 479 -3.10 -2.54 -8.97
N TRP A 480 -3.68 -3.73 -9.14
CA TRP A 480 -2.94 -5.00 -9.13
C TRP A 480 -3.23 -5.88 -10.34
N GLY A 481 -2.17 -6.32 -11.00
CA GLY A 481 -2.31 -7.34 -12.05
C GLY A 481 -2.97 -6.85 -13.34
N MET A 482 -2.26 -6.01 -14.08
CA MET A 482 -2.85 -5.25 -15.15
C MET A 482 -2.01 -5.27 -16.43
N GLY A 483 -2.66 -5.64 -17.53
CA GLY A 483 -2.01 -5.78 -18.82
C GLY A 483 -2.76 -5.08 -19.95
N SER A 484 -1.97 -4.50 -20.85
CA SER A 484 -2.50 -3.88 -22.07
C SER A 484 -1.76 -4.48 -23.29
N TYR A 485 -2.50 -4.96 -24.28
CA TYR A 485 -1.88 -5.54 -25.50
C TYR A 485 -2.20 -4.72 -26.76
N CYS A 486 -1.32 -4.78 -27.75
CA CYS A 486 -1.54 -4.06 -29.01
C CYS A 486 -1.45 -5.00 -30.25
N TYR A 487 -2.26 -4.70 -31.25
CA TYR A 487 -2.27 -5.41 -32.52
C TYR A 487 -2.74 -4.38 -33.54
N PHE A 488 -1.81 -3.51 -33.89
CA PHE A 488 -2.13 -2.33 -34.71
C PHE A 488 -2.05 -2.73 -36.14
N ASN A 489 -3.00 -3.48 -36.64
CA ASN A 489 -2.69 -4.00 -37.95
C ASN A 489 -3.58 -3.61 -39.10
N VAL A 490 -4.09 -2.41 -38.95
CA VAL A 490 -4.28 -1.56 -40.11
C VAL A 490 -2.91 -0.95 -40.40
N ASN A 491 -2.16 -0.63 -39.34
CA ASN A 491 -0.89 0.08 -39.49
C ASN A 491 0.14 -0.31 -38.43
N PRO A 492 0.89 -1.41 -38.68
CA PRO A 492 1.79 -1.88 -37.62
C PRO A 492 3.05 -1.02 -37.42
N ASP A 493 3.19 0.04 -38.21
CA ASP A 493 4.21 1.02 -37.93
C ASP A 493 3.90 1.88 -36.69
N ILE A 494 2.67 1.80 -36.20
CA ILE A 494 2.27 2.62 -35.07
C ILE A 494 3.09 2.32 -33.82
N ARG A 495 3.23 3.36 -32.99
CA ARG A 495 3.79 3.27 -31.65
C ARG A 495 2.78 3.74 -30.58
N GLN A 496 2.68 2.96 -29.51
CA GLN A 496 1.85 3.29 -28.36
C GLN A 496 2.79 3.67 -27.22
N GLN A 497 2.71 4.88 -26.70
CA GLN A 497 3.72 5.32 -25.71
C GLN A 497 3.72 4.46 -24.51
N HIS A 498 2.52 4.15 -24.02
CA HIS A 498 2.38 3.37 -22.78
C HIS A 498 1.00 2.73 -22.68
N GLY A 499 0.88 1.71 -21.82
CA GLY A 499 -0.41 1.15 -21.50
C GLY A 499 -1.13 1.92 -20.39
N PHE A 500 -0.36 2.63 -19.57
CA PHE A 500 -0.81 3.23 -18.30
C PHE A 500 -0.24 4.67 -18.12
N GLN A 501 -1.09 5.59 -17.62
CA GLN A 501 -0.74 7.01 -17.34
C GLN A 501 -1.16 7.35 -15.89
N ALA A 502 -0.24 7.92 -15.10
CA ALA A 502 -0.57 8.40 -13.72
C ALA A 502 0.52 9.36 -13.26
N PRO A 503 0.18 10.31 -12.37
CA PRO A 503 1.21 11.09 -11.74
C PRO A 503 2.03 10.20 -10.85
N VAL A 504 3.19 10.70 -10.49
CA VAL A 504 4.10 10.04 -9.58
C VAL A 504 3.88 10.66 -8.20
N LYS A 505 3.43 9.80 -7.27
CA LYS A 505 2.96 10.23 -5.95
C LYS A 505 2.92 9.03 -5.02
N PRO A 506 3.15 9.27 -3.72
CA PRO A 506 3.27 8.11 -2.83
C PRO A 506 2.00 7.28 -2.66
N GLY A 507 0.85 7.90 -2.91
CA GLY A 507 -0.44 7.27 -2.68
C GLY A 507 -1.08 6.68 -3.94
N VAL A 508 -0.39 6.80 -5.09
CA VAL A 508 -0.87 6.31 -6.41
C VAL A 508 0.10 5.22 -6.92
N LYS A 509 -0.23 3.95 -6.71
CA LYS A 509 0.68 2.88 -7.06
C LYS A 509 0.07 1.71 -7.76
N PHE A 510 0.96 0.93 -8.34
CA PHE A 510 0.64 -0.19 -9.17
C PHE A 510 1.60 -1.32 -8.88
N HIS A 511 1.02 -2.51 -8.98
CA HIS A 511 1.69 -3.75 -8.79
C HIS A 511 1.44 -4.64 -9.97
N ASP A 512 2.53 -5.13 -10.56
CA ASP A 512 2.47 -6.13 -11.62
C ASP A 512 1.74 -5.62 -12.87
N LEU A 513 2.42 -4.70 -13.56
CA LEU A 513 1.97 -4.14 -14.82
C LEU A 513 2.71 -4.77 -15.99
N LEU A 514 2.02 -4.96 -17.08
CA LEU A 514 2.74 -5.30 -18.33
C LEU A 514 2.05 -4.83 -19.60
N VAL A 515 2.85 -4.73 -20.66
CA VAL A 515 2.34 -4.50 -22.00
C VAL A 515 2.92 -5.53 -22.94
N VAL A 516 2.14 -5.85 -23.98
CA VAL A 516 2.51 -6.87 -24.94
C VAL A 516 2.14 -6.47 -26.35
N SER A 517 3.10 -6.57 -27.27
CA SER A 517 2.79 -6.46 -28.68
C SER A 517 2.45 -7.83 -29.28
N LEU A 518 1.26 -7.95 -29.84
CA LEU A 518 0.86 -9.20 -30.45
C LEU A 518 1.45 -9.39 -31.86
N GLY A 519 2.48 -10.21 -31.96
CA GLY A 519 3.10 -10.51 -33.24
C GLY A 519 3.78 -9.31 -33.93
N GLY A 520 4.25 -8.34 -33.17
CA GLY A 520 4.99 -7.22 -33.71
C GLY A 520 4.19 -6.16 -34.46
N LYS A 521 2.87 -6.22 -34.34
CA LYS A 521 1.98 -5.28 -35.01
C LYS A 521 1.82 -4.03 -34.11
N GLY A 522 2.65 -3.01 -34.37
CA GLY A 522 2.81 -1.94 -33.42
C GLY A 522 3.76 -2.37 -32.34
N GLN A 523 4.26 -1.39 -31.59
CA GLN A 523 5.00 -1.65 -30.36
C GLN A 523 4.65 -0.59 -29.31
N TYR A 524 4.86 -0.95 -28.04
CA TYR A 524 4.81 0.03 -26.96
C TYR A 524 6.19 0.67 -26.80
N GLU A 525 6.25 1.96 -26.47
CA GLU A 525 7.51 2.62 -26.12
C GLU A 525 7.92 2.33 -24.67
N HIS A 526 6.91 2.19 -23.82
CA HIS A 526 7.08 1.96 -22.39
C HIS A 526 5.85 1.29 -21.80
N VAL A 527 5.91 0.96 -20.51
CA VAL A 527 4.80 0.33 -19.81
C VAL A 527 3.85 1.37 -19.21
N ILE A 528 4.39 2.24 -18.38
CA ILE A 528 3.61 3.28 -17.70
C ILE A 528 4.35 4.61 -17.74
N ASN A 529 3.63 5.67 -18.14
CA ASN A 529 4.27 6.95 -18.32
C ASN A 529 5.47 6.71 -19.24
N ASP A 530 6.71 6.92 -18.77
CA ASP A 530 7.91 6.49 -19.52
C ASP A 530 8.90 5.56 -18.83
N ILE A 531 8.30 4.77 -17.97
CA ILE A 531 8.99 3.76 -17.21
C ILE A 531 8.79 2.42 -17.86
N GLY A 532 9.88 1.65 -17.87
CA GLY A 532 9.89 0.29 -18.40
C GLY A 532 10.21 0.23 -19.88
N ASP A 533 10.71 -0.92 -20.31
CA ASP A 533 11.26 -1.08 -21.63
C ASP A 533 10.19 -1.00 -22.68
N PRO A 534 10.58 -0.64 -23.89
CA PRO A 534 9.64 -0.83 -25.00
C PRO A 534 9.46 -2.30 -25.22
N THR A 535 8.41 -2.67 -25.95
CA THR A 535 8.32 -4.01 -26.47
C THR A 535 9.16 -4.07 -27.75
N SER A 536 9.74 -5.24 -28.02
CA SER A 536 10.61 -5.40 -29.19
C SER A 536 10.39 -6.76 -29.83
N GLY A 537 10.67 -6.83 -31.13
CA GLY A 537 10.64 -8.07 -31.91
C GLY A 537 9.21 -8.40 -32.32
N ASP A 538 9.01 -9.58 -32.89
CA ASP A 538 7.70 -10.08 -33.28
C ASP A 538 7.33 -11.30 -32.43
N THR A 539 7.92 -11.36 -31.25
CA THR A 539 7.98 -12.60 -30.45
C THR A 539 6.96 -12.65 -29.30
N THR A 540 6.22 -11.56 -29.14
CA THR A 540 5.13 -11.50 -28.18
C THR A 540 5.68 -11.79 -26.80
N ILE A 541 6.66 -10.99 -26.41
CA ILE A 541 7.16 -11.05 -25.04
C ILE A 541 6.83 -9.81 -24.20
N PRO A 542 6.36 -10.04 -22.99
CA PRO A 542 5.90 -8.84 -22.29
C PRO A 542 6.94 -7.95 -21.63
N SER A 543 6.72 -6.65 -21.73
CA SER A 543 7.52 -5.70 -20.96
C SER A 543 6.78 -5.35 -19.66
N GLN A 544 7.48 -5.37 -18.52
CA GLN A 544 6.79 -5.19 -17.23
C GLN A 544 7.41 -4.21 -16.33
N VAL A 545 6.58 -3.77 -15.41
CA VAL A 545 7.02 -2.99 -14.28
C VAL A 545 6.39 -3.65 -13.03
N VAL A 546 7.19 -3.91 -11.99
CA VAL A 546 6.72 -4.69 -10.85
C VAL A 546 6.05 -3.74 -9.88
N SER A 547 6.71 -2.63 -9.64
CA SER A 547 6.17 -1.59 -8.75
C SER A 547 6.26 -0.19 -9.35
N PHE A 548 5.18 0.56 -9.16
CA PHE A 548 5.14 1.96 -9.48
C PHE A 548 4.57 2.68 -8.27
N PRO A 549 5.20 3.76 -7.79
CA PRO A 549 6.41 4.37 -8.33
C PRO A 549 7.71 3.85 -7.67
N VAL B 2 -13.62 17.18 20.42
CA VAL B 2 -12.60 16.11 20.47
C VAL B 2 -12.94 15.00 21.46
N VAL B 3 -12.40 13.79 21.29
CA VAL B 3 -12.60 12.69 22.28
C VAL B 3 -11.37 11.76 22.55
N GLY B 4 -11.46 10.84 23.53
CA GLY B 4 -10.41 9.85 23.77
C GLY B 4 -10.65 8.34 23.57
N GLY B 5 -9.55 7.61 23.37
CA GLY B 5 -9.55 6.16 23.29
C GLY B 5 -9.90 5.61 21.92
N GLY B 6 -10.34 4.36 21.87
CA GLY B 6 -10.81 3.74 20.63
C GLY B 6 -9.81 2.95 19.81
N ASP B 7 -10.19 2.75 18.54
CA ASP B 7 -9.55 1.86 17.53
C ASP B 7 -8.15 2.31 17.11
N LEU B 8 -7.13 1.50 17.36
CA LEU B 8 -5.80 1.94 16.90
C LEU B 8 -5.65 2.00 15.37
N GLY B 9 -6.53 1.30 14.63
CA GLY B 9 -6.55 1.41 13.18
C GLY B 9 -5.96 0.23 12.44
N PRO B 10 -5.97 0.26 11.08
CA PRO B 10 -5.48 -0.93 10.39
C PRO B 10 -4.00 -0.92 10.16
N ASN B 11 -3.30 0.16 10.56
CA ASN B 11 -1.85 0.17 10.55
C ASN B 11 -1.16 -0.26 11.83
N VAL B 12 -1.94 -0.51 12.90
CA VAL B 12 -1.40 -1.24 14.03
C VAL B 12 -1.91 -2.69 13.94
N LEU B 13 -0.99 -3.63 13.74
CA LEU B 13 -1.32 -5.05 13.71
C LEU B 13 -1.02 -5.60 15.11
N VAL B 14 -2.06 -6.05 15.81
CA VAL B 14 -1.94 -6.51 17.18
C VAL B 14 -1.94 -8.04 17.20
N PHE B 15 -0.87 -8.56 17.75
CA PHE B 15 -0.54 -9.98 17.72
C PHE B 15 -0.67 -10.64 19.06
N ASP B 16 -1.03 -11.93 19.03
CA ASP B 16 -1.01 -12.77 20.20
C ASP B 16 -0.53 -14.18 19.83
N PRO B 17 -0.11 -14.99 20.81
CA PRO B 17 0.51 -16.27 20.47
C PRO B 17 -0.34 -17.23 19.60
N SER B 18 -1.67 -17.14 19.68
CA SER B 18 -2.55 -17.96 18.83
C SER B 18 -2.95 -17.33 17.50
N THR B 19 -2.51 -16.10 17.26
CA THR B 19 -2.87 -15.41 16.04
C THR B 19 -2.46 -16.25 14.83
N PRO B 20 -3.35 -16.36 13.82
CA PRO B 20 -2.96 -17.26 12.73
C PRO B 20 -1.81 -16.71 11.88
N ASP B 21 -0.89 -17.59 11.48
CA ASP B 21 0.19 -17.26 10.56
C ASP B 21 0.99 -15.98 10.93
N ILE B 22 1.54 -15.95 12.13
CA ILE B 22 2.33 -14.77 12.52
C ILE B 22 3.54 -14.55 11.57
N GLN B 23 4.31 -15.61 11.30
CA GLN B 23 5.50 -15.49 10.46
C GLN B 23 5.04 -14.97 9.10
N GLY B 24 3.88 -15.45 8.65
CA GLY B 24 3.38 -15.07 7.35
C GLY B 24 3.00 -13.61 7.30
N LYS B 25 2.31 -13.17 8.34
CA LYS B 25 1.88 -11.76 8.43
C LYS B 25 3.09 -10.84 8.48
N VAL B 26 4.04 -11.10 9.38
CA VAL B 26 5.19 -10.19 9.53
C VAL B 26 6.04 -10.20 8.26
N ASP B 27 6.11 -11.34 7.60
CA ASP B 27 6.83 -11.41 6.33
C ASP B 27 6.16 -10.57 5.21
N GLU B 28 4.83 -10.56 5.17
CA GLU B 28 4.10 -9.76 4.17
C GLU B 28 4.33 -8.26 4.36
N VAL B 29 4.42 -7.80 5.62
CA VAL B 29 4.75 -6.40 5.88
C VAL B 29 6.18 -6.14 5.37
N PHE B 30 7.06 -7.13 5.61
CA PHE B 30 8.47 -6.99 5.23
C PHE B 30 8.69 -6.93 3.71
N ARG B 31 7.98 -7.74 2.93
CA ARG B 31 8.17 -7.69 1.48
C ARG B 31 7.68 -6.34 0.96
N LYS B 32 6.60 -5.84 1.53
CA LYS B 32 6.13 -4.44 1.31
C LYS B 32 7.22 -3.39 1.64
N GLN B 33 7.81 -3.51 2.82
CA GLN B 33 8.63 -2.43 3.35
C GLN B 33 10.13 -2.54 3.15
N GLU B 34 10.62 -3.70 2.78
CA GLU B 34 12.04 -3.96 2.66
C GLU B 34 12.85 -2.85 1.98
N SER B 35 12.41 -2.46 0.79
CA SER B 35 13.11 -1.42 0.02
C SER B 35 12.37 -0.10 0.06
N ASN B 36 11.31 0.00 0.88
CA ASN B 36 10.38 1.15 0.85
C ASN B 36 10.93 2.40 1.52
N GLN B 37 12.05 2.91 1.02
CA GLN B 37 12.80 3.90 1.74
C GLN B 37 12.04 5.23 1.93
N PHE B 38 11.30 5.62 0.91
CA PHE B 38 10.69 6.94 0.91
C PHE B 38 9.18 6.90 0.74
N GLY B 39 8.58 5.73 0.60
CA GLY B 39 7.11 5.62 0.52
C GLY B 39 6.43 5.93 1.83
N THR B 40 5.13 6.25 1.74
CA THR B 40 4.34 6.69 2.86
C THR B 40 3.57 5.60 3.60
N ASP B 41 3.83 4.33 3.30
CA ASP B 41 3.29 3.26 4.16
C ASP B 41 3.94 3.29 5.55
N ARG B 42 3.17 2.92 6.58
CA ARG B 42 3.64 2.92 7.96
C ARG B 42 2.95 1.76 8.70
N TYR B 43 3.73 1.05 9.51
CA TYR B 43 3.23 -0.08 10.29
C TYR B 43 3.79 -0.14 11.69
N ALA B 44 2.93 -0.48 12.64
CA ALA B 44 3.37 -0.87 13.98
C ALA B 44 2.94 -2.32 14.25
N LEU B 45 3.91 -3.14 14.66
CA LEU B 45 3.71 -4.54 15.04
C LEU B 45 3.73 -4.58 16.55
N MET B 46 2.60 -4.97 17.15
CA MET B 46 2.49 -4.95 18.60
C MET B 46 2.09 -6.35 19.08
N PHE B 47 2.90 -6.85 19.99
CA PHE B 47 2.77 -8.23 20.47
C PHE B 47 2.27 -8.28 21.91
N LYS B 48 1.11 -8.91 22.11
CA LYS B 48 0.64 -9.15 23.47
C LYS B 48 1.62 -10.03 24.23
N PRO B 49 1.68 -9.85 25.54
CA PRO B 49 2.60 -10.72 26.28
C PRO B 49 2.27 -12.22 26.14
N GLY B 50 3.33 -13.00 26.24
CA GLY B 50 3.25 -14.43 26.00
C GLY B 50 4.62 -14.86 25.47
N THR B 51 4.75 -16.10 24.99
CA THR B 51 5.98 -16.61 24.42
C THR B 51 5.67 -17.10 23.00
N TYR B 52 6.46 -16.63 22.04
CA TYR B 52 6.23 -16.85 20.63
C TYR B 52 7.40 -17.63 20.07
N ASN B 53 7.14 -18.78 19.44
CA ASN B 53 8.17 -19.60 18.85
C ASN B 53 8.26 -19.48 17.30
N ASP B 54 9.39 -19.98 16.78
CA ASP B 54 9.78 -20.00 15.37
C ASP B 54 9.53 -18.67 14.65
N ILE B 55 9.93 -17.59 15.31
CA ILE B 55 9.66 -16.23 14.82
C ILE B 55 10.93 -15.57 14.33
N ASN B 56 10.90 -15.12 13.08
CA ASN B 56 11.98 -14.28 12.58
C ASN B 56 11.35 -13.07 11.96
N ALA B 57 11.20 -12.04 12.77
CA ALA B 57 10.53 -10.81 12.35
C ALA B 57 11.58 -9.89 11.76
N GLN B 58 11.65 -9.88 10.44
CA GLN B 58 12.56 -8.98 9.75
C GLN B 58 11.84 -7.62 9.59
N ILE B 59 12.57 -6.56 9.89
CA ILE B 59 12.00 -5.25 10.06
C ILE B 59 12.50 -4.36 8.90
N GLY B 60 11.57 -3.94 8.04
CA GLY B 60 11.87 -3.01 6.96
C GLY B 60 11.72 -1.56 7.34
N PHE B 61 11.75 -0.68 6.34
CA PHE B 61 11.40 0.73 6.55
C PHE B 61 10.05 0.97 7.22
N TYR B 62 10.02 1.98 8.08
CA TYR B 62 8.78 2.50 8.67
C TYR B 62 7.95 1.41 9.34
N THR B 63 8.68 0.53 10.03
CA THR B 63 8.08 -0.56 10.79
C THR B 63 8.65 -0.49 12.20
N SER B 64 7.75 -0.40 13.18
CA SER B 64 8.07 -0.48 14.58
C SER B 64 7.58 -1.84 15.12
N ILE B 65 8.37 -2.46 15.97
CA ILE B 65 7.93 -3.75 16.59
C ILE B 65 8.14 -3.60 18.09
N ALA B 66 7.15 -4.03 18.86
CA ALA B 66 7.20 -3.89 20.29
C ALA B 66 6.30 -4.88 20.98
N GLY B 67 6.65 -5.15 22.23
CA GLY B 67 5.83 -5.92 23.15
C GLY B 67 4.89 -4.98 23.94
N LEU B 68 3.83 -5.56 24.47
CA LEU B 68 2.80 -4.82 25.19
C LEU B 68 2.72 -5.24 26.68
N GLY B 69 3.76 -5.89 27.17
CA GLY B 69 3.91 -6.16 28.59
C GLY B 69 4.33 -4.93 29.38
N LEU B 70 4.00 -4.93 30.67
CA LEU B 70 4.60 -4.10 31.72
C LEU B 70 6.15 -4.03 31.53
N ASN B 71 6.77 -5.17 31.30
CA ASN B 71 8.23 -5.22 31.15
C ASN B 71 8.64 -6.22 30.04
N PRO B 72 9.93 -6.23 29.64
CA PRO B 72 10.22 -6.89 28.35
C PRO B 72 10.19 -8.43 28.40
N ASP B 73 10.52 -8.97 29.57
CA ASP B 73 10.48 -10.41 29.78
C ASP B 73 9.03 -10.94 29.90
N ASP B 74 8.03 -10.09 29.63
CA ASP B 74 6.63 -10.53 29.54
C ASP B 74 6.28 -10.95 28.10
N THR B 75 7.04 -10.46 27.13
CA THR B 75 6.76 -10.73 25.71
C THR B 75 8.04 -11.28 25.10
N THR B 76 8.07 -12.61 24.93
CA THR B 76 9.26 -13.33 24.58
C THR B 76 9.16 -13.98 23.24
N PHE B 77 10.16 -13.73 22.40
CA PHE B 77 10.29 -14.43 21.14
C PHE B 77 11.39 -15.47 21.31
N ASN B 78 11.07 -16.72 21.02
CA ASN B 78 12.09 -17.72 20.75
C ASN B 78 12.32 -17.65 19.27
N GLY B 79 13.32 -16.87 18.92
CA GLY B 79 13.42 -16.28 17.61
C GLY B 79 14.01 -14.89 17.67
N ASP B 80 13.77 -14.10 16.62
CA ASP B 80 14.62 -12.96 16.32
C ASP B 80 13.82 -11.75 15.85
N VAL B 81 14.40 -10.59 16.06
CA VAL B 81 13.95 -9.37 15.39
C VAL B 81 15.14 -8.84 14.62
N THR B 82 15.11 -9.04 13.30
CA THR B 82 16.28 -8.91 12.44
C THR B 82 16.16 -7.70 11.53
N VAL B 83 17.32 -7.08 11.34
CA VAL B 83 17.59 -6.17 10.23
C VAL B 83 18.94 -6.53 9.60
N ASP B 84 18.95 -6.67 8.28
CA ASP B 84 20.13 -6.95 7.48
C ASP B 84 19.92 -6.10 6.22
N ALA B 85 20.77 -6.28 5.25
CA ALA B 85 20.90 -5.29 4.19
C ALA B 85 20.66 -5.96 2.86
N GLY B 86 20.24 -7.22 2.82
CA GLY B 86 20.05 -7.88 1.53
C GLY B 86 19.73 -6.95 0.36
N TRP B 87 18.81 -6.00 0.57
CA TRP B 87 18.24 -5.21 -0.55
C TRP B 87 19.27 -4.26 -1.10
N PHE B 88 20.28 -3.94 -0.31
CA PHE B 88 21.35 -3.10 -0.82
C PHE B 88 22.66 -3.81 -0.82
N ASP B 89 22.62 -5.02 -1.37
CA ASP B 89 23.81 -5.78 -1.64
C ASP B 89 24.84 -5.74 -0.50
N GLY B 90 24.33 -5.75 0.74
CA GLY B 90 25.13 -5.88 1.96
C GLY B 90 25.51 -4.57 2.63
N ASN B 91 25.21 -3.45 1.97
CA ASN B 91 25.45 -2.11 2.53
C ASN B 91 24.28 -1.70 3.45
N ALA B 92 24.52 -1.43 4.73
CA ALA B 92 23.45 -1.15 5.68
C ALA B 92 23.30 0.35 5.94
N THR B 93 23.94 1.18 5.13
CA THR B 93 23.94 2.62 5.38
C THR B 93 22.70 3.38 4.90
N GLN B 94 21.67 2.69 4.41
CA GLN B 94 20.38 3.31 4.21
C GLN B 94 19.27 2.58 5.08
N ASN B 95 19.67 1.83 6.10
CA ASN B 95 18.67 1.10 6.93
C ASN B 95 18.11 1.97 8.04
N PHE B 96 17.26 2.91 7.63
CA PHE B 96 16.76 3.94 8.53
C PHE B 96 15.32 3.70 8.99
N TRP B 97 14.88 4.47 9.97
CA TRP B 97 13.44 4.71 10.27
C TRP B 97 12.68 3.42 10.64
N ARG B 98 13.14 2.78 11.70
CA ARG B 98 12.45 1.60 12.21
C ARG B 98 12.79 1.46 13.70
N SER B 99 12.16 0.56 14.42
CA SER B 99 12.38 0.53 15.88
C SER B 99 12.01 -0.82 16.47
N ALA B 100 12.64 -1.15 17.58
CA ALA B 100 12.27 -2.32 18.41
C ALA B 100 12.22 -1.88 19.87
N GLU B 101 11.15 -2.24 20.58
CA GLU B 101 11.00 -1.86 21.99
C GLU B 101 10.29 -2.95 22.84
N ASN B 102 10.76 -3.15 24.06
CA ASN B 102 9.96 -3.84 25.08
C ASN B 102 9.66 -5.30 24.76
N LEU B 103 10.72 -5.99 24.37
CA LEU B 103 10.69 -7.42 24.01
C LEU B 103 11.93 -8.14 24.59
N ALA B 104 11.75 -9.44 24.89
CA ALA B 104 12.86 -10.33 25.15
C ALA B 104 13.06 -11.24 23.93
N LEU B 105 14.30 -11.38 23.49
CA LEU B 105 14.65 -12.24 22.37
C LEU B 105 15.55 -13.39 22.82
N ASN B 106 15.24 -14.57 22.33
CA ASN B 106 16.03 -15.79 22.51
C ASN B 106 16.46 -16.22 21.09
N PRO B 107 17.52 -15.60 20.60
CA PRO B 107 17.76 -15.71 19.16
C PRO B 107 18.21 -17.10 18.72
N VAL B 108 17.86 -17.47 17.50
CA VAL B 108 18.14 -18.82 16.98
C VAL B 108 19.57 -19.31 17.21
N ASN B 109 20.52 -18.66 16.57
CA ASN B 109 21.87 -19.15 16.60
C ASN B 109 22.61 -18.56 17.77
N GLY B 110 21.85 -17.94 18.67
CA GLY B 110 22.40 -17.39 19.90
C GLY B 110 22.72 -15.90 19.83
N THR B 111 22.58 -15.31 18.64
CA THR B 111 22.85 -13.89 18.46
C THR B 111 21.82 -13.26 17.55
N ASN B 112 21.27 -12.12 17.99
CA ASN B 112 20.31 -11.39 17.18
C ASN B 112 21.06 -10.35 16.31
N ARG B 113 20.57 -10.12 15.08
CA ARG B 113 21.21 -9.13 14.19
C ARG B 113 20.29 -7.86 14.01
N TRP B 114 20.75 -6.69 14.46
CA TRP B 114 20.09 -5.38 14.21
C TRP B 114 21.14 -4.53 13.46
N ALA B 115 21.30 -4.78 12.16
CA ALA B 115 22.30 -4.11 11.36
C ALA B 115 21.71 -2.84 10.76
N VAL B 116 21.56 -1.85 11.61
CA VAL B 116 20.84 -0.62 11.28
C VAL B 116 21.78 0.55 11.12
N SER B 117 21.29 1.64 10.49
CA SER B 117 21.99 2.92 10.52
C SER B 117 21.13 3.89 11.32
N GLN B 118 20.93 5.13 10.85
CA GLN B 118 20.34 6.14 11.73
C GLN B 118 18.84 5.98 11.90
N ALA B 119 18.34 6.53 13.02
CA ALA B 119 16.91 6.57 13.33
C ALA B 119 16.34 5.16 13.40
N ALA B 120 17.08 4.30 14.08
CA ALA B 120 16.68 2.90 14.29
C ALA B 120 16.92 2.53 15.75
N PRO B 121 16.10 3.11 16.63
CA PRO B 121 16.28 2.86 18.07
C PRO B 121 15.95 1.41 18.55
N PHE B 122 16.64 1.00 19.61
CA PHE B 122 16.52 -0.36 20.20
C PHE B 122 16.43 -0.03 21.69
N ARG B 123 15.21 -0.07 22.22
CA ARG B 123 14.97 0.36 23.60
C ARG B 123 14.28 -0.71 24.41
N ARG B 124 14.59 -0.74 25.69
CA ARG B 124 13.88 -1.60 26.61
C ARG B 124 13.82 -3.05 26.13
N MET B 125 14.94 -3.53 25.62
CA MET B 125 15.03 -4.89 25.08
C MET B 125 15.85 -5.76 26.01
N HIS B 126 15.55 -7.04 25.97
CA HIS B 126 16.34 -8.07 26.64
C HIS B 126 16.74 -9.06 25.59
N VAL B 127 18.04 -9.15 25.34
CA VAL B 127 18.56 -10.15 24.44
C VAL B 127 19.31 -11.23 25.23
N LYS B 128 18.71 -12.40 25.31
CA LYS B 128 19.31 -13.57 26.00
C LYS B 128 20.37 -14.21 25.09
N GLY B 129 21.45 -13.49 24.85
CA GLY B 129 22.49 -13.91 23.92
C GLY B 129 23.24 -12.69 23.41
N GLY B 130 23.70 -12.77 22.19
CA GLY B 130 24.54 -11.73 21.63
C GLY B 130 23.79 -10.90 20.63
N LEU B 131 24.38 -9.76 20.28
CA LEU B 131 23.74 -8.80 19.38
C LEU B 131 24.82 -8.41 18.38
N ASN B 132 24.57 -8.77 17.14
CA ASN B 132 25.41 -8.38 16.05
C ASN B 132 24.78 -7.16 15.36
N LEU B 133 25.56 -6.09 15.32
CA LEU B 133 25.10 -4.82 14.75
C LEU B 133 25.48 -4.67 13.28
N ALA B 134 26.08 -5.70 12.69
CA ALA B 134 26.59 -5.62 11.30
C ALA B 134 25.78 -6.48 10.33
N PRO B 135 25.68 -6.03 9.08
CA PRO B 135 24.98 -6.85 8.10
C PRO B 135 25.77 -8.11 7.76
N ASP B 136 25.11 -9.08 7.14
CA ASP B 136 25.84 -10.25 6.70
C ASP B 136 26.72 -9.77 5.55
N GLY B 137 28.03 -9.99 5.69
CA GLY B 137 29.03 -9.41 4.79
C GLY B 137 30.05 -8.52 5.49
N TYR B 138 29.66 -7.93 6.65
CA TYR B 138 30.48 -6.97 7.40
C TYR B 138 30.73 -5.70 6.57
N GLY B 139 29.81 -5.47 5.65
CA GLY B 139 29.74 -4.25 4.87
C GLY B 139 29.36 -3.01 5.67
N TRP B 140 29.29 -1.88 4.98
CA TRP B 140 29.17 -0.60 5.60
C TRP B 140 27.91 -0.42 6.48
N ALA B 141 28.09 0.27 7.60
CA ALA B 141 26.99 0.51 8.49
C ALA B 141 27.32 1.77 9.29
N SER B 142 26.28 2.53 9.64
CA SER B 142 26.47 3.81 10.31
C SER B 142 25.35 4.08 11.35
N GLY B 143 25.36 3.28 12.41
CA GLY B 143 24.40 3.37 13.49
C GLY B 143 24.83 4.35 14.57
N GLY B 144 24.21 4.35 15.74
CA GLY B 144 23.15 3.51 16.17
C GLY B 144 22.84 3.90 17.61
N TYR B 145 21.80 3.29 18.17
CA TYR B 145 21.27 3.75 19.45
C TYR B 145 20.64 2.61 20.24
N ILE B 146 21.20 2.32 21.42
CA ILE B 146 20.61 1.33 22.33
C ILE B 146 20.43 2.04 23.65
N ALA B 147 19.23 1.91 24.21
CA ALA B 147 18.99 2.41 25.55
C ALA B 147 18.13 1.49 26.36
N ASP B 148 18.37 1.53 27.66
CA ASP B 148 17.58 0.79 28.65
C ASP B 148 17.42 -0.69 28.31
N SER B 149 18.48 -1.30 27.78
CA SER B 149 18.44 -2.72 27.41
C SER B 149 19.47 -3.55 28.16
N LYS B 150 19.19 -4.84 28.22
CA LYS B 150 20.16 -5.83 28.75
C LYS B 150 20.48 -6.82 27.63
N ILE B 151 21.75 -6.86 27.21
CA ILE B 151 22.23 -7.89 26.27
C ILE B 151 23.05 -8.85 27.08
N ASP B 152 22.49 -10.02 27.35
CA ASP B 152 23.16 -11.02 28.17
C ASP B 152 24.55 -11.39 27.63
N GLY B 153 24.67 -11.45 26.31
CA GLY B 153 25.90 -11.78 25.66
C GLY B 153 26.73 -10.59 25.17
N GLU B 154 27.50 -10.79 24.10
CA GLU B 154 28.41 -9.76 23.63
C GLU B 154 27.75 -8.95 22.50
N VAL B 155 27.95 -7.63 22.54
CA VAL B 155 27.51 -6.77 21.46
C VAL B 155 28.66 -6.68 20.50
N GLY B 156 28.40 -7.02 19.23
CA GLY B 156 29.42 -7.03 18.21
C GLY B 156 29.13 -6.00 17.12
N PRO B 157 29.88 -4.89 17.12
CA PRO B 157 29.60 -3.89 16.08
C PRO B 157 30.22 -4.23 14.71
N TYR B 158 31.35 -4.95 14.73
CA TYR B 158 32.16 -5.21 13.53
C TYR B 158 32.42 -3.91 12.71
N SER B 159 31.72 -3.75 11.59
CA SER B 159 31.90 -2.62 10.68
C SER B 159 31.23 -1.32 11.11
N GLN B 160 30.39 -1.36 12.12
CA GLN B 160 29.70 -0.13 12.58
C GLN B 160 30.67 1.01 12.87
N GLN B 161 30.46 2.17 12.24
CA GLN B 161 31.44 3.24 12.39
C GLN B 161 31.46 3.75 13.81
N GLN B 162 30.26 3.91 14.37
CA GLN B 162 30.07 4.54 15.65
C GLN B 162 28.80 4.02 16.26
N TRP B 163 28.60 4.31 17.56
CA TRP B 163 27.43 3.81 18.28
C TRP B 163 27.29 4.52 19.62
N TYR B 164 26.04 4.65 20.09
CA TYR B 164 25.79 5.20 21.41
C TYR B 164 24.90 4.24 22.17
N THR B 165 25.33 3.92 23.38
CA THR B 165 24.58 3.05 24.27
C THR B 165 24.44 3.77 25.59
N ARG B 166 23.19 3.80 26.09
CA ARG B 166 23.00 4.36 27.44
C ARG B 166 22.13 3.52 28.36
N ASP B 167 22.48 3.59 29.63
CA ASP B 167 21.66 3.07 30.71
C ASP B 167 21.13 1.68 30.43
N SER B 168 22.10 0.79 30.29
CA SER B 168 21.92 -0.57 29.82
C SER B 168 22.93 -1.49 30.51
N SER B 169 22.83 -2.77 30.17
CA SER B 169 23.79 -3.77 30.63
C SER B 169 24.23 -4.63 29.44
N VAL B 170 25.54 -4.82 29.28
CA VAL B 170 26.07 -5.71 28.25
C VAL B 170 27.02 -6.73 28.90
N GLY B 171 26.86 -8.00 28.56
CA GLY B 171 27.79 -9.01 29.05
C GLY B 171 29.09 -9.03 28.21
N GLY B 172 29.22 -8.13 27.24
CA GLY B 172 30.42 -8.03 26.38
C GLY B 172 30.36 -6.93 25.34
N TRP B 173 31.51 -6.48 24.85
CA TRP B 173 31.61 -5.50 23.75
C TRP B 173 32.89 -5.71 22.93
N GLY B 174 32.71 -5.99 21.65
CA GLY B 174 33.74 -6.64 20.85
C GLY B 174 34.80 -5.77 20.18
N ASN B 175 34.50 -4.49 19.93
CA ASN B 175 35.40 -3.64 19.17
C ASN B 175 34.72 -2.30 18.90
N GLY B 176 35.54 -1.35 18.49
CA GLY B 176 35.06 -0.03 18.10
C GLY B 176 35.86 0.44 16.89
N VAL B 177 35.18 1.11 15.96
CA VAL B 177 35.73 1.57 14.70
C VAL B 177 36.17 3.03 14.82
N TRP B 178 35.24 3.98 14.76
CA TRP B 178 35.58 5.39 14.97
C TRP B 178 35.16 6.05 16.32
N ASN B 179 33.99 5.67 16.85
CA ASN B 179 33.45 6.36 18.04
C ASN B 179 32.33 5.58 18.71
N MET B 180 32.66 4.76 19.69
CA MET B 180 31.67 4.02 20.47
C MET B 180 31.65 4.69 21.83
N THR B 181 30.49 5.27 22.14
CA THR B 181 30.24 6.03 23.37
C THR B 181 29.21 5.31 24.25
N PHE B 182 29.43 5.37 25.55
CA PHE B 182 28.63 4.66 26.52
C PHE B 182 28.41 5.63 27.67
N SER B 183 27.16 5.74 28.18
CA SER B 183 26.91 6.43 29.42
C SER B 183 25.97 5.57 30.25
N GLY B 184 26.37 5.29 31.47
CA GLY B 184 25.57 4.44 32.34
C GLY B 184 25.43 2.99 31.92
N VAL B 185 26.44 2.44 31.29
CA VAL B 185 26.36 1.09 30.76
C VAL B 185 27.19 0.10 31.60
N GLU B 186 26.49 -0.75 32.34
CA GLU B 186 27.17 -1.81 33.07
C GLU B 186 27.77 -2.80 32.08
N GLY B 187 29.08 -2.99 32.16
CA GLY B 187 29.77 -3.90 31.27
C GLY B 187 30.45 -3.19 30.10
N ALA B 188 30.29 -1.88 29.99
CA ALA B 188 30.97 -1.17 28.89
C ALA B 188 32.48 -1.33 29.08
N PRO B 189 33.23 -1.32 27.97
CA PRO B 189 34.67 -1.22 28.24
C PRO B 189 35.04 0.08 28.97
N ALA B 190 36.26 0.14 29.48
CA ALA B 190 36.72 1.33 30.16
C ALA B 190 37.05 2.37 29.11
N GLN B 191 37.07 3.61 29.56
CA GLN B 191 37.56 4.73 28.76
C GLN B 191 38.90 4.33 28.14
N SER B 192 39.07 4.54 26.82
CA SER B 192 40.36 4.29 26.15
C SER B 192 40.61 5.04 24.85
N PHE B 193 39.80 6.08 24.56
CA PHE B 193 40.00 6.85 23.31
C PHE B 193 41.46 7.32 23.38
N PRO B 194 42.19 7.29 22.26
CA PRO B 194 41.70 7.02 20.90
C PRO B 194 41.72 5.58 20.45
N GLU B 195 42.40 4.71 21.18
CA GLU B 195 42.70 3.38 20.64
C GLU B 195 42.51 2.24 21.69
N PRO B 196 41.42 1.42 21.56
CA PRO B 196 40.24 1.71 20.72
C PRO B 196 39.43 2.92 21.20
N PRO B 197 38.53 3.45 20.36
CA PRO B 197 38.00 4.80 20.67
C PRO B 197 36.85 4.86 21.77
N TYR B 198 36.83 3.90 22.64
CA TYR B 198 35.78 3.94 23.65
C TYR B 198 35.75 5.23 24.50
N THR B 199 34.59 5.92 24.45
CA THR B 199 34.27 7.07 25.28
C THR B 199 33.26 6.58 26.29
N THR B 200 33.67 6.53 27.56
CA THR B 200 32.91 5.82 28.58
C THR B 200 32.67 6.70 29.81
N LEU B 201 31.38 6.91 30.10
CA LEU B 201 30.92 7.69 31.22
C LEU B 201 30.15 6.80 32.15
N GLU B 202 30.45 6.92 33.43
CA GLU B 202 29.81 6.14 34.46
C GLU B 202 28.29 6.26 34.47
N THR B 203 27.78 7.46 34.33
CA THR B 203 26.35 7.68 34.38
C THR B 203 25.92 8.57 33.23
N THR B 204 24.62 8.54 32.96
CA THR B 204 23.97 9.60 32.17
C THR B 204 23.51 10.65 33.18
N PRO B 205 23.83 11.91 32.92
CA PRO B 205 23.54 12.97 33.91
C PRO B 205 22.05 13.05 34.23
N VAL B 206 21.24 13.16 33.20
CA VAL B 206 19.81 12.97 33.35
C VAL B 206 19.33 12.03 32.26
N SER B 207 18.35 11.23 32.59
CA SER B 207 17.57 10.58 31.55
C SER B 207 16.15 10.56 32.01
N ARG B 208 15.35 9.86 31.20
CA ARG B 208 13.95 9.58 31.45
C ARG B 208 13.52 8.74 30.26
N GLU B 209 13.06 7.53 30.54
CA GLU B 209 12.82 6.62 29.45
C GLU B 209 11.58 6.94 28.63
N LYS B 210 11.61 6.49 27.38
CA LYS B 210 10.57 6.80 26.39
C LYS B 210 9.22 6.21 26.83
N PRO B 211 8.15 7.00 26.80
CA PRO B 211 6.83 6.43 27.10
C PRO B 211 6.43 5.38 26.08
N PHE B 212 5.63 4.38 26.46
CA PHE B 212 5.29 3.34 25.51
C PHE B 212 3.92 2.73 25.83
N LEU B 213 3.26 2.28 24.77
CA LEU B 213 1.99 1.59 24.87
C LEU B 213 2.17 0.21 25.51
N TYR B 214 1.27 -0.12 26.43
CA TYR B 214 1.23 -1.49 26.98
C TYR B 214 -0.20 -1.90 27.39
N LEU B 215 -0.31 -3.14 27.83
CA LEU B 215 -1.59 -3.69 28.28
C LEU B 215 -1.62 -3.88 29.80
N ASP B 216 -2.64 -3.25 30.37
CA ASP B 216 -3.13 -3.50 31.73
C ASP B 216 -4.33 -4.38 31.31
N GLY B 217 -3.94 -5.43 30.57
CA GLY B 217 -4.77 -6.46 29.95
C GLY B 217 -6.11 -6.06 29.31
N ASP B 218 -6.12 -5.66 28.05
CA ASP B 218 -7.33 -5.42 27.23
C ASP B 218 -7.77 -3.95 27.35
N ASP B 219 -6.94 -3.14 28.02
CA ASP B 219 -7.27 -1.77 28.42
C ASP B 219 -6.59 -0.64 27.61
N TYR B 220 -5.53 -1.01 26.89
CA TYR B 220 -4.40 -0.13 26.54
C TYR B 220 -4.15 1.03 27.49
N LYS B 221 -2.87 1.28 27.70
CA LYS B 221 -2.41 2.39 28.52
C LYS B 221 -1.04 2.75 27.98
N VAL B 222 -0.60 3.94 28.29
CA VAL B 222 0.76 4.36 27.99
C VAL B 222 1.52 4.52 29.32
N PHE B 223 2.64 3.85 29.46
CA PHE B 223 3.50 4.01 30.62
C PHE B 223 4.41 5.21 30.49
N VAL B 224 4.56 5.97 31.57
CA VAL B 224 5.31 7.21 31.58
C VAL B 224 6.37 7.14 32.67
N PRO B 225 7.60 6.76 32.30
CA PRO B 225 8.69 6.69 33.27
C PRO B 225 9.04 8.01 33.94
N ALA B 226 9.31 7.91 35.24
CA ALA B 226 9.83 9.01 36.02
C ALA B 226 11.31 9.18 35.67
N LYS B 227 11.82 10.41 35.70
CA LYS B 227 13.27 10.58 35.45
C LYS B 227 14.17 9.78 36.38
N ARG B 228 15.43 9.65 35.93
CA ARG B 228 16.55 9.25 36.78
C ARG B 228 17.67 10.25 36.66
N THR B 229 18.23 10.61 37.79
CA THR B 229 19.49 11.33 37.81
C THR B 229 20.61 10.33 38.11
N ASN B 230 21.80 10.57 37.54
CA ASN B 230 22.85 9.54 37.46
C ASN B 230 22.39 8.12 37.20
N ALA B 231 21.68 8.01 36.09
CA ALA B 231 21.24 6.77 35.56
C ALA B 231 22.43 5.87 35.26
N ARG B 232 22.31 4.63 35.71
CA ARG B 232 23.18 3.55 35.31
C ARG B 232 22.34 2.28 35.26
N GLY B 233 22.60 1.45 34.26
CA GLY B 233 21.85 0.22 34.10
C GLY B 233 20.40 0.38 33.66
N THR B 234 19.69 -0.74 33.56
CA THR B 234 18.31 -0.72 33.10
C THR B 234 17.43 -0.10 34.18
N SER B 235 16.24 0.31 33.74
CA SER B 235 15.23 0.93 34.58
C SER B 235 14.38 -0.15 35.26
N TRP B 236 14.45 -1.35 34.71
CA TRP B 236 13.48 -2.41 34.97
C TRP B 236 14.08 -3.68 35.55
N GLY B 237 15.34 -3.67 35.95
CA GLY B 237 15.97 -4.85 36.56
C GLY B 237 15.55 -5.04 38.02
N ASN B 238 15.67 -3.97 38.81
CA ASN B 238 15.25 -4.01 40.22
C ASN B 238 13.75 -4.28 40.35
N GLY B 239 13.04 -4.21 39.24
CA GLY B 239 11.62 -3.96 39.33
C GLY B 239 11.24 -2.73 38.51
N THR B 240 10.00 -2.81 38.05
CA THR B 240 8.98 -1.76 37.97
C THR B 240 9.35 -0.34 38.31
N PRO B 241 9.79 0.45 37.31
CA PRO B 241 10.33 1.76 37.72
C PRO B 241 9.27 2.65 38.35
N GLU B 242 9.72 3.72 39.01
CA GLU B 242 8.82 4.85 39.33
C GLU B 242 8.13 5.40 38.06
N GLY B 243 6.87 5.82 38.16
CA GLY B 243 6.16 6.39 37.01
C GLY B 243 4.66 6.25 37.07
N GLU B 244 3.96 6.41 35.93
CA GLU B 244 2.49 6.49 35.94
C GLU B 244 1.85 5.80 34.72
N SER B 245 0.57 5.47 34.90
CA SER B 245 -0.28 4.56 34.10
C SER B 245 -1.36 5.37 33.37
N LEU B 246 -1.19 5.75 32.10
CA LEU B 246 -2.24 6.52 31.43
C LEU B 246 -3.15 5.78 30.42
N PRO B 247 -4.44 5.53 30.80
CA PRO B 247 -5.47 4.96 29.95
C PRO B 247 -5.56 5.57 28.60
N LEU B 248 -5.81 4.73 27.60
CA LEU B 248 -5.87 5.17 26.23
C LEU B 248 -7.01 6.16 26.11
N ASP B 249 -7.96 6.09 27.03
CA ASP B 249 -9.13 6.93 26.91
C ASP B 249 -8.76 8.44 27.31
N GLN B 250 -7.49 8.70 27.65
CA GLN B 250 -6.97 10.07 27.91
C GLN B 250 -6.12 10.60 26.74
N PHE B 251 -6.09 9.81 25.68
CA PHE B 251 -5.36 10.13 24.45
C PHE B 251 -6.29 10.33 23.27
N TYR B 252 -6.20 11.47 22.61
CA TYR B 252 -6.77 11.62 21.27
C TYR B 252 -5.96 10.73 20.34
N VAL B 253 -6.63 9.76 19.71
CA VAL B 253 -5.91 8.73 18.95
C VAL B 253 -5.96 9.15 17.49
N VAL B 254 -4.91 9.89 17.11
CA VAL B 254 -4.80 10.62 15.85
C VAL B 254 -4.73 9.70 14.64
N LYS B 255 -5.57 9.99 13.65
CA LYS B 255 -5.65 9.21 12.44
C LYS B 255 -5.37 10.12 11.25
N PRO B 256 -4.94 9.51 10.10
CA PRO B 256 -4.66 10.26 8.87
C PRO B 256 -5.84 11.07 8.41
N GLY B 257 -5.79 12.39 8.42
CA GLY B 257 -6.97 13.19 8.07
C GLY B 257 -7.47 13.95 9.29
N ALA B 258 -6.52 14.21 10.20
CA ALA B 258 -6.78 15.02 11.37
C ALA B 258 -6.07 16.36 11.20
N THR B 259 -6.81 17.43 11.26
CA THR B 259 -6.19 18.74 11.20
C THR B 259 -5.48 19.11 12.51
N ALA B 260 -4.53 20.04 12.41
CA ALA B 260 -3.86 20.60 13.58
C ALA B 260 -4.86 21.18 14.59
N GLU B 261 -5.92 21.80 14.05
CA GLU B 261 -6.94 22.44 14.84
C GLU B 261 -7.60 21.41 15.79
N THR B 262 -7.93 20.24 15.24
CA THR B 262 -8.47 19.14 16.06
C THR B 262 -7.42 18.55 17.03
N ILE B 263 -6.21 18.39 16.54
CA ILE B 263 -5.08 18.00 17.39
C ILE B 263 -4.95 19.03 18.48
N ASN B 264 -4.96 20.29 18.08
CA ASN B 264 -4.81 21.37 19.06
C ASN B 264 -5.94 21.44 20.05
N ALA B 265 -7.15 21.21 19.55
CA ALA B 265 -8.31 21.27 20.43
C ALA B 265 -8.23 20.14 21.42
N ALA B 266 -7.70 18.99 21.01
CA ALA B 266 -7.56 17.87 21.92
C ALA B 266 -6.68 18.26 23.10
N VAL B 267 -5.55 18.89 22.79
CA VAL B 267 -4.65 19.31 23.85
C VAL B 267 -5.26 20.41 24.71
N ASP B 268 -6.16 21.23 24.16
CA ASP B 268 -6.79 22.25 25.03
C ASP B 268 -7.97 21.74 25.87
N GLN B 269 -8.35 20.48 25.71
CA GLN B 269 -9.38 19.90 26.59
C GLN B 269 -8.82 18.83 27.56
N GLY B 270 -7.52 18.54 27.45
CA GLY B 270 -6.84 17.74 28.46
C GLY B 270 -6.23 16.44 27.98
N LEU B 271 -6.47 16.13 26.71
CA LEU B 271 -6.06 14.84 26.16
C LEU B 271 -4.63 14.82 25.67
N HIS B 272 -3.97 13.71 25.91
CA HIS B 272 -2.69 13.46 25.28
C HIS B 272 -2.91 13.10 23.82
N LEU B 273 -1.81 12.90 23.10
CA LEU B 273 -1.87 12.58 21.67
C LEU B 273 -1.15 11.27 21.37
N LEU B 274 -1.84 10.37 20.69
CA LEU B 274 -1.22 9.15 20.18
C LEU B 274 -1.41 9.13 18.69
N PHE B 275 -0.31 9.26 17.97
CA PHE B 275 -0.36 9.29 16.54
C PHE B 275 -0.25 7.88 16.01
N THR B 276 -1.30 7.40 15.36
CA THR B 276 -1.23 6.08 14.76
C THR B 276 -0.35 6.15 13.54
N PRO B 277 0.12 4.99 13.04
CA PRO B 277 1.05 5.05 11.92
C PRO B 277 0.43 5.56 10.66
N GLY B 278 1.04 6.63 10.16
CA GLY B 278 0.50 7.33 9.03
C GLY B 278 1.29 8.59 8.76
N VAL B 279 0.85 9.32 7.73
CA VAL B 279 1.47 10.57 7.31
C VAL B 279 0.41 11.65 7.42
N TYR B 280 0.73 12.66 8.22
CA TYR B 280 -0.20 13.72 8.61
C TYR B 280 0.25 15.07 8.06
N HIS B 281 -0.49 15.58 7.07
CA HIS B 281 -0.20 16.93 6.55
C HIS B 281 -0.99 17.93 7.43
N VAL B 282 -0.33 18.98 7.87
CA VAL B 282 -0.93 20.00 8.72
C VAL B 282 -0.71 21.40 8.12
N ASP B 283 -1.68 22.30 8.26
CA ASP B 283 -1.54 23.65 7.72
C ASP B 283 -1.46 24.77 8.77
N GLN B 284 -1.35 24.37 10.03
CA GLN B 284 -1.04 25.27 11.13
C GLN B 284 -0.18 24.41 12.07
N PRO B 285 0.65 25.04 12.91
CA PRO B 285 1.46 24.16 13.77
C PRO B 285 0.64 23.38 14.81
N ILE B 286 1.07 22.18 15.14
CA ILE B 286 0.57 21.52 16.33
C ILE B 286 1.20 22.21 17.53
N GLU B 287 0.37 22.73 18.41
CA GLU B 287 0.81 23.47 19.60
C GLU B 287 0.53 22.63 20.82
N ILE B 288 1.55 22.44 21.64
CA ILE B 288 1.40 21.76 22.90
C ILE B 288 1.87 22.73 24.00
N ASP B 289 0.91 23.35 24.66
CA ASP B 289 1.23 24.33 25.70
C ASP B 289 0.52 23.96 27.01
N ARG B 290 0.42 22.65 27.23
CA ARG B 290 -0.22 22.10 28.41
C ARG B 290 0.77 21.17 29.14
N ALA B 291 1.01 21.44 30.41
CA ALA B 291 2.08 20.75 31.11
C ALA B 291 1.83 19.23 31.14
N ASN B 292 2.92 18.48 31.02
CA ASN B 292 2.88 17.01 31.14
C ASN B 292 2.17 16.25 30.00
N THR B 293 1.94 16.95 28.90
CA THR B 293 1.36 16.32 27.72
C THR B 293 2.33 15.34 27.09
N VAL B 294 1.82 14.14 26.82
CA VAL B 294 2.53 13.14 26.02
C VAL B 294 2.06 13.15 24.56
N ALA B 295 3.00 13.18 23.63
CA ALA B 295 2.76 13.12 22.21
C ALA B 295 3.57 11.98 21.66
N LEU B 296 2.88 10.89 21.41
CA LEU B 296 3.51 9.57 21.24
C LEU B 296 3.16 9.03 19.86
N GLY B 297 4.16 8.85 18.98
CA GLY B 297 3.93 8.25 17.67
C GLY B 297 4.23 6.77 17.69
N LEU B 298 3.41 6.02 16.97
CA LEU B 298 3.60 4.62 16.68
C LEU B 298 4.00 4.44 15.20
N GLY B 299 4.78 3.41 14.90
CA GLY B 299 5.02 3.02 13.53
C GLY B 299 5.59 4.15 12.64
N LEU B 300 6.48 5.00 13.18
CA LEU B 300 7.17 6.04 12.42
C LEU B 300 6.16 7.06 11.83
N ALA B 301 5.11 7.30 12.61
CA ALA B 301 4.17 8.37 12.34
C ALA B 301 4.88 9.66 11.95
N THR B 302 4.38 10.28 10.90
CA THR B 302 5.10 11.39 10.26
C THR B 302 4.20 12.63 10.14
N ILE B 303 4.75 13.81 10.43
CA ILE B 303 4.06 15.08 10.27
C ILE B 303 4.74 15.85 9.15
N ILE B 304 3.95 16.33 8.20
CA ILE B 304 4.46 17.19 7.16
C ILE B 304 3.74 18.53 7.22
N PRO B 305 4.48 19.61 7.54
CA PRO B 305 3.73 20.86 7.49
C PRO B 305 3.63 21.44 6.10
N ASP B 306 2.48 22.05 5.81
CA ASP B 306 2.24 22.66 4.52
C ASP B 306 2.34 24.15 4.67
N ASN B 307 2.39 24.86 3.53
CA ASN B 307 2.22 26.31 3.53
C ASN B 307 3.39 27.00 4.25
N GLY B 308 4.49 26.29 4.41
CA GLY B 308 5.68 26.81 5.10
C GLY B 308 5.56 26.98 6.60
N VAL B 309 4.56 26.36 7.19
CA VAL B 309 4.37 26.49 8.64
C VAL B 309 5.34 25.62 9.42
N THR B 310 5.41 25.92 10.72
CA THR B 310 6.14 25.09 11.66
C THR B 310 5.28 23.86 11.98
N ALA B 311 5.89 22.68 12.11
CA ALA B 311 5.15 21.45 12.38
C ALA B 311 4.71 21.35 13.82
N LEU B 312 5.61 21.68 14.73
CA LEU B 312 5.35 21.46 16.14
C LEU B 312 5.95 22.58 16.98
N LYS B 313 5.11 23.18 17.83
CA LYS B 313 5.58 24.13 18.85
C LYS B 313 5.22 23.53 20.23
N VAL B 314 6.21 23.44 21.10
CA VAL B 314 5.94 23.12 22.52
C VAL B 314 6.07 24.39 23.32
N GLY B 315 5.13 24.60 24.23
CA GLY B 315 5.11 25.87 24.96
C GLY B 315 6.01 25.83 26.17
N ASP B 316 6.00 26.94 26.94
CA ASP B 316 6.91 27.13 28.07
C ASP B 316 6.35 26.43 29.32
N VAL B 317 6.13 25.13 29.19
CA VAL B 317 5.55 24.32 30.25
C VAL B 317 6.47 23.15 30.63
N ASP B 318 6.20 22.61 31.81
CA ASP B 318 6.91 21.49 32.38
C ASP B 318 6.46 20.16 31.68
N GLY B 319 7.38 19.19 31.53
CA GLY B 319 7.01 17.80 31.37
C GLY B 319 6.42 17.27 30.07
N VAL B 320 6.56 18.01 28.99
CA VAL B 320 6.03 17.57 27.73
C VAL B 320 6.97 16.50 27.19
N LYS B 321 6.38 15.42 26.66
CA LYS B 321 7.14 14.29 26.15
C LYS B 321 6.74 13.99 24.71
N VAL B 322 7.64 14.31 23.81
CA VAL B 322 7.41 14.14 22.40
C VAL B 322 8.20 12.94 22.01
N ALA B 323 7.53 11.92 21.46
CA ALA B 323 8.15 10.60 21.35
C ALA B 323 7.83 9.94 20.04
N GLY B 324 8.85 9.46 19.35
CA GLY B 324 8.69 8.74 18.12
C GLY B 324 7.86 9.41 17.04
N LEU B 325 8.34 10.49 16.44
CA LEU B 325 7.66 11.12 15.29
C LEU B 325 8.71 11.51 14.29
N LEU B 326 8.41 11.39 13.00
CA LEU B 326 9.27 11.94 11.94
C LEU B 326 8.64 13.21 11.40
N VAL B 327 9.33 14.34 11.52
CA VAL B 327 8.87 15.57 10.87
C VAL B 327 9.52 15.60 9.49
N ASP B 328 8.71 15.78 8.45
CA ASP B 328 9.18 15.66 7.05
C ASP B 328 8.87 17.00 6.40
N ALA B 329 9.90 17.75 6.00
CA ALA B 329 9.65 19.07 5.41
C ALA B 329 8.77 18.99 4.15
N GLY B 330 7.96 20.03 3.95
CA GLY B 330 7.23 20.21 2.71
C GLY B 330 8.06 21.03 1.73
N PRO B 331 7.65 21.04 0.47
CA PRO B 331 8.35 21.75 -0.60
C PRO B 331 8.48 23.25 -0.36
N VAL B 332 7.48 23.82 0.30
CA VAL B 332 7.55 25.23 0.69
C VAL B 332 8.42 25.40 1.93
N ASN B 333 9.40 26.28 1.79
CA ASN B 333 10.35 26.58 2.87
C ASN B 333 9.65 26.84 4.21
N SER B 334 9.94 26.01 5.22
CA SER B 334 9.53 26.30 6.58
C SER B 334 10.64 27.02 7.33
N GLU B 335 10.27 28.09 7.99
CA GLU B 335 11.19 28.87 8.78
C GLU B 335 11.80 28.06 9.93
N THR B 336 10.93 27.33 10.62
CA THR B 336 11.32 26.34 11.60
C THR B 336 10.48 25.09 11.41
N LEU B 337 11.03 23.90 11.73
CA LEU B 337 10.18 22.72 11.75
C LEU B 337 9.68 22.31 13.15
N VAL B 338 10.51 22.48 14.18
CA VAL B 338 10.15 22.14 15.56
C VAL B 338 10.72 23.20 16.48
N GLU B 339 9.84 23.82 17.28
CA GLU B 339 10.25 24.75 18.32
C GLU B 339 9.90 24.21 19.70
N VAL B 340 10.87 24.25 20.63
CA VAL B 340 10.61 23.86 22.00
C VAL B 340 10.81 25.09 22.87
N GLY B 341 9.69 25.69 23.25
CA GLY B 341 9.64 26.93 24.02
C GLY B 341 9.75 28.17 23.18
N SER B 342 9.60 29.33 23.81
CA SER B 342 9.66 30.62 23.10
C SER B 342 11.06 31.25 23.00
N ASP B 343 11.32 32.14 22.02
CA ASP B 343 12.59 32.90 22.12
C ASP B 343 12.63 33.75 23.36
N GLY B 344 13.74 33.63 24.09
CA GLY B 344 13.98 34.39 25.29
C GLY B 344 13.29 33.70 26.46
N ALA B 345 12.69 32.55 26.17
CA ALA B 345 12.30 31.60 27.21
C ALA B 345 13.34 31.57 28.32
N SER B 346 12.86 31.38 29.55
CA SER B 346 13.46 32.03 30.71
C SER B 346 13.19 31.35 32.09
N GLY B 347 12.16 30.56 32.11
CA GLY B 347 11.85 29.79 33.29
C GLY B 347 12.66 28.54 33.33
N ASP B 348 12.83 27.99 34.54
CA ASP B 348 13.47 26.68 34.73
C ASP B 348 12.44 25.53 34.72
N HIS B 349 12.85 24.33 34.24
CA HIS B 349 12.00 23.13 34.23
C HIS B 349 12.80 21.92 34.78
N ALA B 350 13.61 22.15 35.82
CA ALA B 350 14.61 21.15 36.21
C ALA B 350 14.00 19.87 36.79
N ALA B 351 12.97 19.97 37.63
CA ALA B 351 12.38 18.78 38.24
C ALA B 351 11.77 17.89 37.15
N ASN B 352 10.97 18.53 36.29
CA ASN B 352 10.13 17.87 35.28
C ASN B 352 10.34 18.45 33.87
N PRO B 353 11.47 18.09 33.24
CA PRO B 353 11.86 18.59 31.91
C PRO B 353 10.90 18.21 30.79
N THR B 354 10.94 18.99 29.70
CA THR B 354 10.41 18.57 28.40
C THR B 354 11.43 17.75 27.66
N SER B 355 10.94 16.69 27.02
CA SER B 355 11.79 15.78 26.28
C SER B 355 11.37 15.62 24.81
N LEU B 356 12.39 15.43 23.97
CA LEU B 356 12.24 15.00 22.61
C LEU B 356 13.01 13.65 22.50
N GLN B 357 12.32 12.59 22.14
CA GLN B 357 12.91 11.25 22.03
C GLN B 357 12.44 10.55 20.78
N ASP B 358 13.41 9.99 20.06
CA ASP B 358 13.13 9.40 18.75
C ASP B 358 12.30 10.37 17.90
N VAL B 359 12.72 11.63 17.91
CA VAL B 359 12.20 12.64 16.99
C VAL B 359 13.21 12.76 15.86
N PHE B 360 12.74 12.45 14.65
CA PHE B 360 13.57 12.48 13.47
C PHE B 360 13.06 13.58 12.56
N VAL B 361 13.97 14.20 11.84
CA VAL B 361 13.59 15.27 10.91
C VAL B 361 14.24 14.98 9.58
N ARG B 362 13.49 15.14 8.51
CA ARG B 362 13.99 14.90 7.15
C ARG B 362 13.66 16.11 6.28
N ILE B 363 14.63 16.59 5.52
CA ILE B 363 14.40 17.64 4.54
C ILE B 363 14.81 17.11 3.20
N GLY B 364 13.81 16.81 2.37
CA GLY B 364 14.08 16.27 1.04
C GLY B 364 14.16 14.76 1.02
N GLY B 365 14.31 14.19 -0.17
CA GLY B 365 14.52 12.75 -0.30
C GLY B 365 13.27 12.00 -0.74
N ALA B 366 12.13 12.43 -0.24
CA ALA B 366 10.84 11.90 -0.67
C ALA B 366 10.08 12.99 -1.39
N GLY B 367 10.81 13.63 -2.29
CA GLY B 367 10.34 14.79 -2.99
C GLY B 367 10.98 16.01 -2.38
N PRO B 368 10.79 17.16 -3.01
CA PRO B 368 11.47 18.39 -2.68
C PRO B 368 11.03 18.85 -1.29
N GLY B 369 11.98 19.33 -0.52
CA GLY B 369 11.69 19.76 0.84
C GLY B 369 12.72 20.82 1.28
N LYS B 370 12.25 21.85 1.99
CA LYS B 370 13.12 22.92 2.50
C LYS B 370 12.74 23.46 3.87
N ALA B 371 13.74 23.80 4.68
CA ALA B 371 13.55 24.49 5.95
C ALA B 371 14.80 25.24 6.35
N THR B 372 14.62 26.39 7.00
CA THR B 372 15.75 27.22 7.36
C THR B 372 16.50 26.64 8.57
N THR B 373 15.76 26.43 9.67
CA THR B 373 16.28 25.81 10.88
C THR B 373 15.33 24.69 11.26
N SER B 374 15.88 23.51 11.55
CA SER B 374 15.02 22.35 11.75
C SER B 374 14.46 22.25 13.17
N ILE B 375 15.33 22.32 14.18
CA ILE B 375 14.87 22.26 15.56
C ILE B 375 15.48 23.38 16.38
N VAL B 376 14.61 24.15 17.01
CA VAL B 376 15.01 25.21 17.90
C VAL B 376 14.61 24.82 19.29
N VAL B 377 15.61 24.74 20.16
CA VAL B 377 15.35 24.43 21.56
C VAL B 377 15.59 25.64 22.45
N ASN B 378 14.50 26.28 22.85
CA ASN B 378 14.53 27.46 23.73
C ASN B 378 14.36 27.13 25.22
N SER B 379 13.59 26.10 25.52
CA SER B 379 13.27 25.78 26.92
C SER B 379 14.45 25.23 27.73
N ASN B 380 14.70 25.86 28.88
CA ASN B 380 15.75 25.41 29.78
C ASN B 380 15.48 23.98 30.27
N ASP B 381 16.55 23.23 30.45
CA ASP B 381 16.53 21.90 31.05
C ASP B 381 15.94 20.79 30.12
N THR B 382 15.64 21.16 28.88
CA THR B 382 15.18 20.21 27.87
C THR B 382 16.17 19.06 27.63
N ILE B 383 15.66 17.84 27.56
CA ILE B 383 16.49 16.69 27.17
C ILE B 383 16.12 16.24 25.72
N ILE B 384 17.15 16.07 24.88
CA ILE B 384 17.03 15.61 23.52
C ILE B 384 17.72 14.26 23.53
N ASP B 385 16.93 13.19 23.53
CA ASP B 385 17.44 11.83 23.75
C ASP B 385 17.10 10.98 22.54
N HIS B 386 18.10 10.85 21.67
CA HIS B 386 17.97 10.26 20.33
C HIS B 386 17.24 11.08 19.30
N THR B 387 18.03 11.74 18.48
CA THR B 387 17.46 12.50 17.37
C THR B 387 18.34 12.34 16.14
N TRP B 388 17.72 12.23 14.96
CA TRP B 388 18.40 12.31 13.67
C TRP B 388 17.75 13.41 12.87
N VAL B 389 18.55 14.43 12.57
CA VAL B 389 18.09 15.62 11.86
C VAL B 389 18.92 15.65 10.59
N TRP B 390 18.25 15.34 9.48
CA TRP B 390 18.91 14.89 8.26
C TRP B 390 18.40 15.63 7.03
N ARG B 391 19.29 16.40 6.45
CA ARG B 391 19.06 16.99 5.13
C ARG B 391 19.42 15.92 4.12
N ALA B 392 18.45 15.48 3.33
CA ALA B 392 18.66 14.30 2.51
C ALA B 392 19.82 14.44 1.53
N ASP B 393 20.64 13.39 1.45
CA ASP B 393 21.74 13.33 0.52
C ASP B 393 21.45 12.50 -0.72
N HIS B 394 20.34 11.78 -0.73
CA HIS B 394 19.95 10.93 -1.85
C HIS B 394 18.44 10.79 -1.87
N GLY B 395 17.94 10.15 -2.90
CA GLY B 395 16.50 10.12 -3.15
C GLY B 395 16.09 11.34 -3.94
N GLU B 396 14.80 11.65 -3.95
CA GLU B 396 14.28 12.64 -4.85
C GLU B 396 14.03 14.00 -4.18
N GLY B 397 14.19 15.07 -4.96
CA GLY B 397 14.02 16.42 -4.43
C GLY B 397 15.24 16.82 -3.64
N VAL B 398 16.39 16.40 -4.15
CA VAL B 398 17.68 16.54 -3.48
C VAL B 398 18.70 17.33 -4.36
N GLY B 399 19.38 18.29 -3.71
CA GLY B 399 20.32 19.21 -4.35
C GLY B 399 20.65 20.47 -3.53
N TRP B 400 21.77 21.10 -3.87
CA TRP B 400 22.33 22.22 -3.10
C TRP B 400 21.32 23.32 -2.84
N GLU B 401 20.47 23.61 -3.83
CA GLU B 401 19.38 24.55 -3.59
C GLU B 401 18.05 23.82 -3.44
N THR B 402 17.91 22.70 -4.16
CA THR B 402 16.64 21.98 -4.24
C THR B 402 16.06 21.63 -2.88
N ASN B 403 16.86 21.01 -2.03
CA ASN B 403 16.49 20.82 -0.64
C ASN B 403 17.42 21.54 0.31
N ARG B 404 17.70 22.81 -0.01
CA ARG B 404 18.50 23.63 0.88
C ARG B 404 17.91 23.64 2.28
N ALA B 405 18.81 23.50 3.24
CA ALA B 405 18.45 23.63 4.65
C ALA B 405 19.68 24.13 5.37
N ASP B 406 19.66 25.38 5.81
CA ASP B 406 20.90 25.97 6.34
C ASP B 406 21.31 25.42 7.68
N TYR B 407 20.34 25.29 8.60
CA TYR B 407 20.64 24.99 9.99
C TYR B 407 19.89 23.81 10.57
N GLY B 408 20.60 22.93 11.25
CA GLY B 408 19.98 21.71 11.77
C GLY B 408 19.30 21.97 13.09
N VAL B 409 20.11 22.06 14.13
CA VAL B 409 19.61 22.28 15.49
C VAL B 409 20.24 23.54 16.04
N HIS B 410 19.42 24.37 16.70
CA HIS B 410 19.92 25.55 17.41
C HIS B 410 19.43 25.48 18.84
N VAL B 411 20.37 25.34 19.77
CA VAL B 411 20.02 25.26 21.18
C VAL B 411 20.26 26.60 21.84
N LYS B 412 19.18 27.22 22.28
CA LYS B 412 19.23 28.52 22.98
C LYS B 412 18.90 28.42 24.45
N GLY B 413 18.31 27.31 24.88
CA GLY B 413 17.97 27.10 26.28
C GLY B 413 19.23 26.78 27.10
N ASP B 414 19.12 26.96 28.42
CA ASP B 414 20.14 26.63 29.35
C ASP B 414 19.94 25.25 29.95
N ASN B 415 21.03 24.64 30.36
CA ASN B 415 21.06 23.28 30.90
C ASN B 415 20.32 22.27 30.03
N VAL B 416 20.51 22.39 28.74
CA VAL B 416 19.99 21.40 27.79
C VAL B 416 20.95 20.23 27.69
N LEU B 417 20.39 19.02 27.61
CA LEU B 417 21.22 17.80 27.48
C LEU B 417 20.80 17.10 26.21
N ALA B 418 21.77 16.77 25.37
CA ALA B 418 21.55 15.91 24.22
C ALA B 418 22.29 14.59 24.42
N THR B 419 21.56 13.49 24.31
CA THR B 419 22.15 12.16 24.37
C THR B 419 21.81 11.44 23.05
N GLY B 420 22.85 11.10 22.27
CA GLY B 420 22.63 10.46 20.98
C GLY B 420 22.14 11.45 19.95
N LEU B 421 22.99 12.41 19.62
CA LEU B 421 22.68 13.47 18.67
C LEU B 421 23.28 13.14 17.29
N PHE B 422 22.43 12.94 16.28
CA PHE B 422 22.85 12.67 14.88
C PHE B 422 22.31 13.80 13.99
N VAL B 423 23.18 14.59 13.36
CA VAL B 423 22.73 15.71 12.55
C VAL B 423 23.63 15.80 11.31
N GLU B 424 23.03 15.76 10.13
CA GLU B 424 23.85 15.67 8.90
C GLU B 424 23.38 16.52 7.69
N HIS B 425 24.39 17.06 7.01
CA HIS B 425 24.34 17.60 5.65
C HIS B 425 23.77 19.01 5.45
N PHE B 426 23.68 19.81 6.52
CA PHE B 426 23.14 21.14 6.39
C PHE B 426 24.06 22.08 5.59
N ASN B 427 23.47 23.07 4.90
CA ASN B 427 24.25 24.07 4.15
C ASN B 427 25.09 25.03 4.97
N LYS B 428 24.77 25.17 6.23
CA LYS B 428 25.55 26.02 7.14
C LYS B 428 25.78 25.17 8.42
N TYR B 429 25.67 25.74 9.63
CA TYR B 429 25.95 24.96 10.83
C TYR B 429 24.94 23.86 11.10
N ASP B 430 25.40 22.63 11.25
CA ASP B 430 24.46 21.53 11.54
C ASP B 430 23.91 21.75 12.93
N VAL B 431 24.81 22.03 13.86
CA VAL B 431 24.44 22.28 15.24
C VAL B 431 25.08 23.54 15.75
N GLN B 432 24.22 24.35 16.39
CA GLN B 432 24.53 25.64 16.94
C GLN B 432 24.15 25.67 18.41
N TRP B 433 25.02 26.15 19.30
CA TRP B 433 24.74 26.10 20.75
C TRP B 433 25.10 27.40 21.47
N SER B 434 24.06 28.18 21.75
CA SER B 434 24.18 29.47 22.41
C SER B 434 23.79 29.51 23.88
N GLY B 435 22.92 28.62 24.33
CA GLY B 435 22.58 28.58 25.74
C GLY B 435 23.79 28.25 26.60
N GLU B 436 23.65 28.38 27.92
CA GLU B 436 24.69 28.10 28.87
C GLU B 436 24.57 26.65 29.34
N ASN B 437 25.72 26.13 29.74
CA ASN B 437 25.76 24.84 30.41
C ASN B 437 25.10 23.73 29.65
N GLY B 438 25.30 23.69 28.34
CA GLY B 438 24.86 22.56 27.54
C GLY B 438 25.81 21.36 27.63
N LYS B 439 25.25 20.17 27.42
CA LYS B 439 26.03 18.94 27.39
C LYS B 439 25.56 18.09 26.24
N THR B 440 26.51 17.53 25.49
CA THR B 440 26.23 16.55 24.43
C THR B 440 27.03 15.28 24.72
N ILE B 441 26.33 14.17 24.84
CA ILE B 441 26.95 12.86 24.92
C ILE B 441 26.61 12.09 23.65
N PHE B 442 27.65 11.90 22.86
CA PHE B 442 27.61 11.31 21.50
C PHE B 442 27.03 12.25 20.45
N TYR B 443 27.86 12.53 19.44
CA TYR B 443 27.49 13.29 18.24
C TYR B 443 28.07 12.60 17.02
N GLN B 444 27.19 12.38 16.02
CA GLN B 444 27.58 11.95 14.68
C GLN B 444 27.06 12.96 13.66
N ASN B 445 28.00 13.47 12.88
CA ASN B 445 27.73 14.39 11.78
C ASN B 445 28.41 13.92 10.50
N ALA B 446 27.75 14.20 9.38
CA ALA B 446 28.40 14.24 8.07
C ALA B 446 28.04 15.59 7.49
N LYS B 447 29.02 16.18 6.83
CA LYS B 447 28.80 17.46 6.19
C LYS B 447 28.02 17.28 4.90
N ALA B 448 27.55 18.41 4.37
CA ALA B 448 26.93 18.43 3.06
C ALA B 448 27.77 17.59 2.11
N TYR B 449 27.16 17.08 1.07
CA TYR B 449 27.86 16.22 0.12
C TYR B 449 27.99 16.91 -1.19
N ASP B 450 27.15 17.93 -1.38
CA ASP B 450 26.89 18.53 -2.67
C ASP B 450 27.25 19.99 -2.76
N ALA B 451 28.05 20.49 -1.82
CA ALA B 451 28.57 21.84 -1.96
C ALA B 451 29.28 21.94 -3.29
N PRO B 452 28.83 22.85 -4.16
CA PRO B 452 29.51 22.80 -5.48
C PRO B 452 30.94 23.37 -5.58
N ASP B 453 31.37 24.16 -4.62
CA ASP B 453 32.72 24.73 -4.61
C ASP B 453 32.96 25.45 -3.27
N GLN B 454 34.20 25.91 -3.11
CA GLN B 454 34.65 26.47 -1.85
C GLN B 454 33.88 27.74 -1.38
N ALA B 455 33.71 28.74 -2.24
CA ALA B 455 33.01 29.98 -1.87
C ALA B 455 31.61 29.72 -1.34
N ALA B 456 31.01 28.65 -1.82
CA ALA B 456 29.59 28.40 -1.54
C ALA B 456 29.43 28.01 -0.07
N ILE B 457 30.57 27.75 0.60
CA ILE B 457 30.61 27.49 2.04
C ILE B 457 31.60 28.44 2.79
N GLN B 458 31.92 29.59 2.19
CA GLN B 458 33.00 30.50 2.70
C GLN B 458 32.54 31.56 3.67
N ASN B 459 32.50 31.19 4.94
CA ASN B 459 31.67 31.87 5.93
C ASN B 459 32.45 32.70 6.96
N GLY B 460 32.33 34.02 6.81
CA GLY B 460 33.23 34.97 7.44
C GLY B 460 34.65 34.67 6.98
N ASP B 461 35.49 34.42 7.96
CA ASP B 461 36.64 33.68 7.70
C ASP B 461 36.18 32.37 8.30
N ILE B 462 36.72 31.29 7.79
CA ILE B 462 36.26 29.93 7.91
C ILE B 462 35.75 29.44 6.54
N LYS B 463 36.56 28.51 6.02
CA LYS B 463 36.21 27.66 4.94
C LYS B 463 35.23 26.65 5.55
N GLY B 464 33.99 26.74 5.13
CA GLY B 464 32.95 25.87 5.61
C GLY B 464 32.46 26.27 7.00
N TYR B 465 31.33 25.72 7.36
CA TYR B 465 30.69 25.96 8.66
C TYR B 465 30.88 24.75 9.55
N ALA B 466 31.21 24.94 10.82
CA ALA B 466 31.41 23.78 11.69
C ALA B 466 30.14 22.91 11.78
N ALA B 467 30.34 21.61 11.98
CA ALA B 467 29.25 20.70 12.31
C ALA B 467 28.64 21.00 13.68
N TYR B 468 29.45 21.53 14.58
CA TYR B 468 29.03 21.76 15.94
C TYR B 468 29.75 22.99 16.46
N LYS B 469 28.95 24.05 16.63
CA LYS B 469 29.43 25.37 16.90
C LYS B 469 28.87 25.87 18.20
N VAL B 470 29.75 26.17 19.14
CA VAL B 470 29.32 26.81 20.37
C VAL B 470 29.71 28.27 20.34
N ASP B 471 28.75 29.16 20.61
CA ASP B 471 29.04 30.60 20.50
C ASP B 471 30.19 31.01 21.40
N ASP B 472 30.98 32.00 20.96
CA ASP B 472 32.28 32.31 21.58
C ASP B 472 32.01 32.93 22.92
N SER B 473 30.76 33.35 23.13
CA SER B 473 30.37 34.13 24.30
C SER B 473 29.60 33.27 25.33
N VAL B 474 29.52 31.96 25.12
CA VAL B 474 29.04 31.07 26.16
C VAL B 474 30.11 30.80 27.23
N THR B 475 29.71 30.57 28.49
CA THR B 475 30.68 30.30 29.57
C THR B 475 30.97 28.83 29.90
N THR B 476 29.93 28.01 29.82
CA THR B 476 30.02 26.60 30.23
C THR B 476 29.42 25.70 29.12
N HIS B 477 30.15 24.66 28.74
CA HIS B 477 29.63 23.66 27.78
C HIS B 477 30.52 22.42 27.87
N GLU B 478 29.96 21.23 27.64
CA GLU B 478 30.78 20.02 27.64
C GLU B 478 30.22 19.01 26.65
N GLY B 479 31.09 18.40 25.83
CA GLY B 479 30.67 17.40 24.87
C GLY B 479 31.62 16.19 24.94
N TRP B 480 31.07 15.01 24.68
CA TRP B 480 31.86 13.77 24.76
C TRP B 480 31.55 12.90 23.53
N GLY B 481 32.60 12.40 22.86
CA GLY B 481 32.40 11.41 21.81
C GLY B 481 31.73 11.91 20.55
N MET B 482 32.44 12.79 19.85
CA MET B 482 31.83 13.55 18.80
C MET B 482 32.63 13.47 17.51
N GLY B 483 31.93 13.16 16.41
CA GLY B 483 32.61 13.03 15.11
C GLY B 483 31.90 13.77 13.99
N SER B 484 32.69 14.32 13.08
CA SER B 484 32.19 14.89 11.85
C SER B 484 32.93 14.32 10.63
N TYR B 485 32.17 13.84 9.64
CA TYR B 485 32.78 13.24 8.45
C TYR B 485 32.45 14.07 7.21
N CYS B 486 33.38 14.06 6.23
CA CYS B 486 33.13 14.75 4.96
C CYS B 486 33.24 13.82 3.77
N TYR B 487 32.47 14.15 2.75
CA TYR B 487 32.43 13.42 1.48
C TYR B 487 31.91 14.39 0.44
N PHE B 488 32.84 15.25 0.04
CA PHE B 488 32.50 16.33 -0.87
C PHE B 488 32.62 15.74 -2.25
N ASN B 489 31.53 15.08 -2.65
CA ASN B 489 31.54 14.23 -3.85
C ASN B 489 31.39 15.04 -5.10
N VAL B 490 30.75 16.20 -5.00
CA VAL B 490 30.58 17.05 -6.15
C VAL B 490 31.88 17.77 -6.48
N ASN B 491 32.58 18.23 -5.42
CA ASN B 491 33.88 18.88 -5.60
C ASN B 491 34.88 18.46 -4.52
N PRO B 492 35.70 17.45 -4.85
CA PRO B 492 36.57 16.89 -3.82
C PRO B 492 37.86 17.65 -3.56
N ASP B 493 38.00 18.86 -4.12
CA ASP B 493 39.12 19.74 -3.76
C ASP B 493 38.74 20.70 -2.65
N ILE B 494 37.48 20.63 -2.20
CA ILE B 494 37.01 21.44 -1.10
C ILE B 494 37.77 21.11 0.19
N ARG B 495 37.93 22.14 1.01
CA ARG B 495 38.50 22.04 2.35
C ARG B 495 37.49 22.52 3.38
N GLN B 496 37.32 21.74 4.46
CA GLN B 496 36.51 22.09 5.60
C GLN B 496 37.50 22.47 6.72
N GLN B 497 37.43 23.71 7.22
CA GLN B 497 38.48 24.14 8.18
C GLN B 497 38.46 23.25 9.43
N HIS B 498 37.26 22.96 9.94
CA HIS B 498 37.13 22.15 11.15
C HIS B 498 35.75 21.52 11.30
N GLY B 499 35.66 20.52 12.19
CA GLY B 499 34.40 19.89 12.52
C GLY B 499 33.66 20.66 13.61
N PHE B 500 34.45 21.26 14.51
CA PHE B 500 33.97 21.87 15.73
C PHE B 500 34.54 23.26 15.88
N GLN B 501 33.77 24.13 16.52
CA GLN B 501 34.13 25.51 16.71
C GLN B 501 33.60 25.97 18.09
N ALA B 502 34.50 26.49 18.93
CA ALA B 502 34.18 26.81 20.31
C ALA B 502 35.17 27.75 20.97
N PRO B 503 34.71 28.53 21.97
CA PRO B 503 35.68 29.36 22.71
C PRO B 503 36.60 28.57 23.61
N VAL B 504 37.71 29.20 24.02
CA VAL B 504 38.66 28.60 24.95
C VAL B 504 38.49 29.23 26.36
N LYS B 505 37.82 28.51 27.25
CA LYS B 505 37.42 28.97 28.56
C LYS B 505 37.52 27.78 29.48
N PRO B 506 37.81 27.99 30.78
CA PRO B 506 37.81 26.82 31.67
C PRO B 506 36.54 25.97 31.56
N GLY B 507 35.39 26.62 31.42
CA GLY B 507 34.13 25.93 31.55
C GLY B 507 33.64 25.35 30.23
N VAL B 508 34.40 25.53 29.14
CA VAL B 508 34.09 24.87 27.85
C VAL B 508 35.09 23.72 27.65
N LYS B 509 34.58 22.50 27.58
CA LYS B 509 35.47 21.38 27.39
C LYS B 509 34.89 20.27 26.53
N PHE B 510 35.77 19.67 25.76
CA PHE B 510 35.38 18.55 24.91
C PHE B 510 36.30 17.36 25.14
N HIS B 511 35.73 16.18 24.94
CA HIS B 511 36.41 14.92 25.12
C HIS B 511 36.16 14.04 23.92
N ASP B 512 37.23 13.58 23.25
CA ASP B 512 37.15 12.53 22.26
C ASP B 512 36.43 13.03 21.01
N LEU B 513 37.13 13.94 20.32
CA LEU B 513 36.69 14.50 19.05
C LEU B 513 37.44 13.84 17.87
N LEU B 514 36.74 13.67 16.75
CA LEU B 514 37.37 13.14 15.54
C LEU B 514 36.74 13.80 14.32
N VAL B 515 37.57 13.98 13.31
CA VAL B 515 37.06 14.23 11.96
C VAL B 515 37.62 13.22 10.97
N VAL B 516 36.86 12.96 9.91
CA VAL B 516 37.21 11.91 8.95
C VAL B 516 36.83 12.34 7.53
N SER B 517 37.76 12.20 6.59
CA SER B 517 37.45 12.33 5.16
C SER B 517 37.14 10.96 4.61
N LEU B 518 35.98 10.80 4.03
CA LEU B 518 35.61 9.53 3.41
C LEU B 518 36.24 9.33 2.00
N GLY B 519 37.35 8.60 1.92
CA GLY B 519 37.90 8.22 0.64
C GLY B 519 38.66 9.38 0.01
N GLY B 520 39.06 10.35 0.84
CA GLY B 520 39.80 11.50 0.39
C GLY B 520 38.95 12.47 -0.40
N LYS B 521 37.65 12.38 -0.26
CA LYS B 521 36.74 13.30 -0.94
C LYS B 521 36.60 14.58 -0.11
N GLY B 522 37.39 15.58 -0.48
CA GLY B 522 37.58 16.72 0.39
C GLY B 522 38.49 16.36 1.56
N GLN B 523 38.92 17.37 2.32
CA GLN B 523 39.67 17.14 3.54
C GLN B 523 39.33 18.21 4.59
N TYR B 524 39.49 17.82 5.85
CA TYR B 524 39.49 18.77 6.98
C TYR B 524 40.86 19.37 7.17
N GLU B 525 40.96 20.64 7.57
CA GLU B 525 42.27 21.22 7.87
C GLU B 525 42.63 21.11 9.35
N HIS B 526 41.61 21.00 10.19
CA HIS B 526 41.79 20.89 11.64
C HIS B 526 40.60 20.11 12.20
N VAL B 527 40.65 19.81 13.49
CA VAL B 527 39.54 19.12 14.15
C VAL B 527 38.57 20.11 14.79
N ILE B 528 39.08 20.96 15.68
CA ILE B 528 38.29 22.02 16.35
C ILE B 528 39.11 23.29 16.29
N ASN B 529 38.48 24.42 15.92
CA ASN B 529 39.21 25.65 15.75
C ASN B 529 40.45 25.35 14.84
N ASP B 530 41.62 25.96 15.08
CA ASP B 530 42.85 25.58 14.33
C ASP B 530 43.61 24.46 14.99
N ILE B 531 42.92 23.66 15.79
CA ILE B 531 43.55 22.58 16.54
C ILE B 531 43.30 21.20 15.93
N GLY B 532 44.32 20.36 15.97
CA GLY B 532 44.23 18.98 15.49
C GLY B 532 44.75 18.87 14.07
N ASP B 533 45.24 17.69 13.70
CA ASP B 533 45.76 17.44 12.36
C ASP B 533 44.68 17.67 11.30
N PRO B 534 45.08 18.16 10.11
CA PRO B 534 44.23 18.00 8.94
C PRO B 534 44.11 16.51 8.62
N THR B 535 43.06 16.13 7.91
CA THR B 535 42.97 14.78 7.38
C THR B 535 43.79 14.71 6.10
N SER B 536 44.22 13.50 5.75
CA SER B 536 45.20 13.33 4.70
C SER B 536 45.01 12.01 3.98
N GLY B 537 45.41 11.97 2.71
CA GLY B 537 45.30 10.75 1.90
C GLY B 537 43.85 10.40 1.57
N ASP B 538 43.67 9.18 1.04
CA ASP B 538 42.36 8.57 0.77
C ASP B 538 42.19 7.32 1.61
N THR B 539 42.85 7.28 2.77
CA THR B 539 42.89 6.05 3.55
C THR B 539 41.80 6.02 4.63
N THR B 540 41.02 7.07 4.70
CA THR B 540 39.84 7.06 5.58
C THR B 540 40.27 6.88 7.06
N ILE B 541 41.35 7.58 7.41
CA ILE B 541 41.90 7.52 8.78
C ILE B 541 41.56 8.79 9.56
N PRO B 542 40.89 8.63 10.70
CA PRO B 542 40.45 9.86 11.37
C PRO B 542 41.55 10.69 11.95
N SER B 543 41.27 11.98 12.13
CA SER B 543 42.13 12.88 12.87
C SER B 543 41.46 13.20 14.18
N GLN B 544 42.18 13.04 15.29
CA GLN B 544 41.55 13.07 16.60
C GLN B 544 42.13 14.09 17.57
N VAL B 545 41.27 14.58 18.47
CA VAL B 545 41.73 15.32 19.67
C VAL B 545 41.12 14.64 20.92
N VAL B 546 41.96 14.24 21.87
CA VAL B 546 41.48 13.58 23.07
C VAL B 546 40.76 14.58 23.98
N SER B 547 41.40 15.73 24.17
CA SER B 547 40.89 16.77 25.07
C SER B 547 41.09 18.15 24.47
N PHE B 548 40.08 19.00 24.61
CA PHE B 548 40.20 20.40 24.26
C PHE B 548 39.39 21.16 25.34
N PRO B 549 39.87 22.33 25.79
CA PRO B 549 41.11 23.00 25.39
C PRO B 549 42.24 22.44 26.24
C2 BGC C . 1.62 -27.63 -25.58
C3 BGC C . 1.50 -26.82 -24.39
C4 BGC C . 0.74 -27.54 -23.31
C5 BGC C . 1.26 -28.97 -23.13
C6 BGC C . 0.45 -29.80 -22.20
C1 BGC C . 2.19 -29.01 -25.28
O1 BGC C . 2.22 -29.73 -26.36
O2 BGC C . 2.45 -27.02 -26.58
O3 BGC C . 0.89 -25.49 -24.79
O4 BGC C . 0.76 -26.91 -22.08
O5 BGC C . 1.29 -29.68 -24.35
O6 BGC C . 0.91 -31.13 -22.11
C2 BGC C . 0.79 -23.15 -24.80
C3 BGC C . 1.41 -21.87 -24.39
C4 BGC C . 1.71 -21.79 -22.96
C5 BGC C . 2.31 -23.12 -22.48
C6 BGC C . 2.48 -23.17 -21.01
C1 BGC C . 1.53 -24.35 -24.33
O2 BGC C . 0.62 -23.22 -26.21
O3 BGC C . 0.38 -20.88 -24.80
O4 BGC C . 2.63 -20.72 -22.68
O5 BGC C . 1.52 -24.26 -22.90
O6 BGC C . 3.03 -24.38 -20.49
C2 BGC C . -0.12 -18.72 -25.70
C3 BGC C . 0.46 -17.63 -26.51
C4 BGC C . 1.61 -17.08 -25.81
C5 BGC C . 2.61 -18.21 -25.58
C6 BGC C . 3.80 -17.75 -24.82
C1 BGC C . 0.92 -19.84 -25.55
O2 BGC C . -1.27 -19.31 -26.29
O3 BGC C . -0.56 -16.55 -26.62
O4 BGC C . 2.31 -16.05 -26.51
O5 BGC C . 1.99 -19.26 -24.81
O6 BGC C . 4.55 -18.84 -24.37
C2 BGC C . -2.10 -15.18 -27.83
C3 BGC C . -2.40 -14.51 -29.14
C4 BGC C . -1.15 -14.08 -29.86
C5 BGC C . -0.16 -15.24 -29.98
C6 BGC C . 1.16 -14.85 -30.64
C1 BGC C . -0.98 -16.22 -27.91
O2 BGC C . -3.26 -15.83 -27.34
O3 BGC C . -3.16 -13.35 -28.76
O4 BGC C . -1.44 -13.61 -31.14
O5 BGC C . 0.16 -15.66 -28.64
O6 BGC C . 1.97 -15.97 -30.93
C2 BGC C . -5.27 -12.23 -28.86
C3 BGC C . -6.32 -11.66 -29.75
C4 BGC C . -5.69 -11.11 -30.96
C5 BGC C . -4.79 -12.12 -31.61
C6 BGC C . -4.19 -11.60 -32.92
C1 BGC C . -4.25 -13.09 -29.58
O2 BGC C . -5.85 -13.03 -27.87
O3 BGC C . -7.05 -10.55 -29.07
O4 BGC C . -6.67 -10.63 -31.85
O5 BGC C . -3.72 -12.35 -30.70
O6 BGC C . -3.90 -12.58 -33.90
C2 BGC C . -9.10 -9.69 -28.20
C3 BGC C . -10.58 -9.66 -28.43
C4 BGC C . -10.90 -9.89 -29.83
C5 BGC C . -10.33 -11.22 -30.28
C6 BGC C . -10.63 -11.57 -31.70
C1 BGC C . -8.40 -10.87 -28.89
O2 BGC C . -8.77 -9.81 -26.81
O3 BGC C . -11.19 -8.36 -28.10
O4 BGC C . -12.31 -9.79 -30.10
O5 BGC C . -8.87 -11.13 -30.23
O6 BGC C . -10.15 -12.78 -32.17
C2 BGC D . -5.76 -32.56 -30.56
C3 BGC D . -5.96 -31.75 -31.74
C4 BGC D . -4.73 -31.04 -32.16
C5 BGC D . -3.53 -31.97 -32.26
C6 BGC D . -2.32 -31.17 -32.57
C1 BGC D . -4.56 -33.48 -30.65
O1 BGC D . -4.32 -34.06 -29.45
O2 BGC D . -6.93 -33.32 -30.21
O3 BGC D . -7.01 -30.77 -31.44
O4 BGC D . -4.88 -30.32 -33.37
O5 BGC D . -3.34 -32.77 -31.09
O6 BGC D . -1.31 -31.07 -31.60
C2 BGC D . -9.28 -30.18 -31.85
C3 BGC D . -10.22 -29.37 -32.70
C4 BGC D . -9.61 -28.19 -33.31
C5 BGC D . -8.32 -28.58 -34.05
C6 BGC D . -7.71 -27.41 -34.67
C1 BGC D . -7.86 -30.42 -32.44
O2 BGC D . -9.92 -31.40 -31.46
O3 BGC D . -11.39 -28.99 -31.97
O4 BGC D . -10.54 -27.57 -34.18
O5 BGC D . -7.37 -29.21 -33.14
O6 BGC D . -6.71 -27.67 -35.57
C2 BGC D . -13.10 -29.91 -30.70
C3 BGC D . -14.31 -30.75 -30.74
C4 BGC D . -15.15 -30.56 -31.94
C5 BGC D . -14.38 -30.56 -33.24
C6 BGC D . -15.26 -30.13 -34.39
C1 BGC D . -12.34 -29.95 -32.00
O2 BGC D . -12.21 -30.24 -29.65
O3 BGC D . -15.07 -30.43 -29.55
O4 BGC D . -16.16 -31.53 -32.04
O5 BGC D . -13.19 -29.73 -33.16
O6 BGC D . -15.86 -28.88 -34.30
C2 BGC D . -15.74 -31.30 -27.39
C3 BGC D . -16.46 -32.42 -26.76
C4 BGC D . -17.79 -32.63 -27.39
C5 BGC D . -17.57 -32.87 -28.86
C6 BGC D . -18.81 -33.12 -29.63
C1 BGC D . -15.57 -31.53 -28.88
O2 BGC D . -14.44 -31.08 -26.77
O3 BGC D . -16.56 -32.16 -25.34
O4 BGC D . -18.41 -33.81 -26.87
O5 BGC D . -16.90 -31.77 -29.45
O6 BGC D . -19.58 -32.01 -30.00
C2 BGC D . -15.05 -32.16 -23.46
C3 BGC D . -14.28 -33.00 -22.56
C4 BGC D . -15.07 -34.10 -21.98
C5 BGC D . -15.75 -34.88 -23.07
C6 BGC D . -16.74 -35.86 -22.54
C1 BGC D . -15.71 -32.96 -24.56
O2 BGC D . -14.25 -31.15 -24.10
O3 BGC D . -13.62 -32.24 -21.51
O4 BGC D . -14.24 -35.03 -21.27
O5 BGC D . -16.48 -34.04 -23.98
O6 BGC D . -17.01 -36.91 -23.49
C2 BGC E . 35.83 -8.96 8.19
C3 BGC E . 35.78 -8.18 9.40
C4 BGC E . 35.08 -8.88 10.51
C5 BGC E . 35.56 -10.32 10.64
C6 BGC E . 34.75 -11.11 11.60
C1 BGC E . 36.41 -10.34 8.44
O1 BGC E . 36.47 -11.04 7.33
O2 BGC E . 36.53 -8.37 7.11
O3 BGC E . 35.11 -6.87 9.09
O4 BGC E . 35.29 -8.23 11.71
O5 BGC E . 35.53 -11.02 9.40
O6 BGC E . 35.23 -12.42 11.74
C2 BGC E . 35.14 -4.52 8.93
C3 BGC E . 35.76 -3.25 9.38
C4 BGC E . 36.03 -3.24 10.80
C5 BGC E . 36.69 -4.53 11.26
C6 BGC E . 36.84 -4.62 12.73
C1 BGC E . 35.86 -5.76 9.40
O2 BGC E . 35.16 -4.53 7.52
O3 BGC E . 34.82 -2.17 9.02
O4 BGC E . 36.91 -2.17 11.17
O5 BGC E . 36.00 -5.72 10.82
O6 BGC E . 37.57 -5.75 13.20
C2 BGC E . 34.38 0.05 8.17
C3 BGC E . 35.01 1.15 7.41
C4 BGC E . 36.16 1.71 8.15
C5 BGC E . 37.08 0.58 8.55
C6 BGC E . 38.25 1.06 9.33
C1 BGC E . 35.40 -1.04 8.44
O2 BGC E . 33.34 -0.58 7.42
O3 BGC E . 34.05 2.26 7.28
O4 BGC E . 36.95 2.64 7.35
O5 BGC E . 36.39 -0.44 9.32
O6 BGC E . 39.07 -0.05 9.63
C2 BGC E . 32.51 3.63 6.16
C3 BGC E . 32.23 4.37 4.89
C4 BGC E . 33.49 4.83 4.19
C5 BGC E . 34.38 3.61 4.02
C6 BGC E . 35.68 3.90 3.27
C1 BGC E . 33.61 2.60 6.03
O2 BGC E . 31.37 2.95 6.71
O3 BGC E . 31.40 5.49 5.26
O4 BGC E . 33.22 5.43 2.93
O5 BGC E . 34.75 3.16 5.32
O6 BGC E . 36.55 2.77 3.19
C2 BGC E . 29.27 6.63 5.07
C3 BGC E . 28.22 7.14 4.16
C4 BGC E . 28.80 7.79 2.97
C5 BGC E . 29.80 6.89 2.28
C6 BGC E . 30.61 7.64 1.25
C1 BGC E . 30.32 5.78 4.38
O2 BGC E . 28.63 5.83 6.04
O3 BGC E . 27.45 8.16 4.90
O4 BGC E . 27.79 8.16 2.07
O5 BGC E . 30.83 6.50 3.22
O6 BGC E . 31.53 6.82 0.56
C2 BGC E . 25.41 9.08 5.72
C3 BGC E . 23.93 9.05 5.53
C4 BGC E . 23.60 8.88 4.13
C5 BGC E . 24.14 7.54 3.68
C6 BGC E . 23.81 7.16 2.28
C1 BGC E . 26.08 7.88 5.06
O2 BGC E . 25.72 9.15 7.11
O3 BGC E . 23.36 10.35 5.92
O4 BGC E . 22.17 8.89 3.95
O5 BGC E . 25.60 7.62 3.74
O6 BGC E . 24.26 5.89 1.89
C2 BGC F . 28.80 -13.94 3.41
C3 BGC F . 28.52 -13.07 2.29
C4 BGC F . 29.73 -12.38 1.75
C5 BGC F . 30.88 -13.36 1.58
C6 BGC F . 32.14 -12.72 1.09
C1 BGC F . 29.99 -14.86 3.22
O1 BGC F . 30.27 -15.54 4.34
O2 BGC F . 27.66 -14.73 3.74
O3 BGC F . 27.42 -12.16 2.67
O4 BGC F . 29.52 -11.68 0.54
O5 BGC F . 31.14 -14.07 2.78
O6 BGC F . 32.84 -11.87 1.96
C2 BGC F . 25.24 -11.42 2.17
C3 BGC F . 24.32 -10.71 1.22
C4 BGC F . 24.99 -9.55 0.57
C5 BGC F . 26.34 -9.91 -0.02
C6 BGC F . 26.90 -8.74 -0.65
C1 BGC F . 26.67 -11.69 1.64
O2 BGC F . 24.66 -12.59 2.78
O3 BGC F . 23.12 -10.24 1.90
O4 BGC F . 24.17 -8.94 -0.42
O5 BGC F . 27.26 -10.49 0.98
O6 BGC F . 28.10 -8.95 -1.31
C2 BGC F . 21.26 -11.09 3.20
C3 BGC F . 20.06 -11.96 3.16
C4 BGC F . 19.25 -11.73 1.95
C5 BGC F . 20.09 -11.75 0.66
C6 BGC F . 19.31 -11.37 -0.59
C1 BGC F . 22.10 -11.16 1.92
O2 BGC F . 22.10 -11.33 4.30
O3 BGC F . 19.24 -11.69 4.33
O4 BGC F . 18.24 -12.70 1.86
O5 BGC F . 21.24 -10.88 0.79
O6 BGC F . 18.50 -10.27 -0.50
C2 BGC F . 18.72 -12.58 6.53
C3 BGC F . 18.07 -13.73 7.19
C4 BGC F . 16.75 -14.00 6.60
C5 BGC F . 16.91 -14.29 5.12
C6 BGC F . 15.60 -14.59 4.53
C1 BGC F . 18.82 -12.79 5.03
O2 BGC F . 20.02 -12.29 7.12
O3 BGC F . 17.95 -13.44 8.59
O4 BGC F . 16.11 -15.12 7.20
O5 BGC F . 17.49 -13.15 4.48
O6 BGC F . 14.79 -13.48 4.32
C2 BGC F . 19.39 -13.33 10.52
C3 BGC F . 20.13 -14.16 11.45
C4 BGC F . 19.32 -15.27 11.99
C5 BGC F . 18.73 -16.06 10.88
C6 BGC F . 17.78 -17.09 11.37
C1 BGC F . 18.79 -14.18 9.41
O2 BGC F . 20.24 -12.33 9.92
O3 BGC F . 20.73 -13.37 12.52
O4 BGC F . 20.15 -16.16 12.74
O5 BGC F . 18.00 -15.21 10.01
O6 BGC F . 17.33 -17.99 10.36
C1 EDO G . -5.22 4.25 -28.99
O1 EDO G . -4.08 4.43 -28.18
C2 EDO G . -6.50 4.87 -28.41
O2 EDO G . -6.97 4.34 -27.19
H11 EDO G . -5.01 4.72 -29.95
H12 EDO G . -5.38 3.19 -29.16
HO1 EDO G . -3.29 4.38 -28.75
H21 EDO G . -7.26 4.68 -29.16
H22 EDO G . -6.37 5.94 -28.30
HO2 EDO G . -7.90 4.58 -27.09
C1 EDO H . 29.75 23.04 4.87
O1 EDO H . 30.78 23.64 5.64
C2 EDO H . 28.32 23.38 5.33
O2 EDO H . 28.08 23.36 6.76
H11 EDO H . 29.89 21.96 4.89
H12 EDO H . 29.88 23.36 3.84
HO1 EDO H . 31.64 23.32 5.33
H21 EDO H . 27.64 22.67 4.86
H22 EDO H . 28.06 24.36 4.94
HO2 EDO H . 27.13 23.39 6.95
N GLU A 1 -50.29 0.61 -13.83
CA GLU A 1 -49.31 0.09 -12.90
C GLU A 1 -48.42 -1.03 -13.50
N VAL A 2 -48.24 -2.13 -12.72
CA VAL A 2 -47.51 -3.33 -13.10
C VAL A 2 -48.05 -4.60 -12.37
N VAL A 3 -47.28 -5.10 -11.39
CA VAL A 3 -47.29 -6.49 -10.83
C VAL A 3 -46.01 -7.24 -11.20
N GLY A 4 -45.61 -8.20 -10.36
CA GLY A 4 -44.66 -9.17 -10.83
C GLY A 4 -45.09 -10.62 -10.82
N GLY A 5 -44.08 -11.48 -11.04
CA GLY A 5 -44.19 -12.92 -10.94
C GLY A 5 -44.67 -13.58 -12.24
N GLY A 6 -45.16 -14.81 -12.12
CA GLY A 6 -45.68 -15.58 -13.27
C GLY A 6 -44.66 -16.38 -14.10
N ASP A 7 -45.08 -16.74 -15.32
CA ASP A 7 -44.34 -17.56 -16.30
C ASP A 7 -43.05 -16.84 -16.72
N LEU A 8 -41.95 -17.58 -16.83
CA LEU A 8 -40.70 -16.96 -17.28
C LEU A 8 -40.44 -16.95 -18.79
N GLY A 9 -41.29 -17.59 -19.56
CA GLY A 9 -41.21 -17.53 -21.01
C GLY A 9 -40.46 -18.64 -21.73
N PRO A 10 -40.54 -18.61 -23.08
CA PRO A 10 -40.06 -19.59 -24.05
C PRO A 10 -38.53 -19.79 -24.05
N ASN A 11 -37.80 -18.83 -23.47
CA ASN A 11 -36.33 -18.81 -23.57
C ASN A 11 -35.65 -19.24 -22.27
N VAL A 12 -36.45 -19.57 -21.26
CA VAL A 12 -35.94 -20.10 -19.98
C VAL A 12 -36.35 -21.56 -19.93
N LEU A 13 -35.38 -22.42 -20.23
CA LEU A 13 -35.60 -23.84 -20.40
C LEU A 13 -35.30 -24.52 -19.10
N VAL A 14 -36.33 -25.12 -18.52
CA VAL A 14 -36.20 -25.65 -17.21
C VAL A 14 -36.28 -27.16 -17.26
N PHE A 15 -35.22 -27.80 -16.80
CA PHE A 15 -35.20 -29.24 -16.68
C PHE A 15 -35.32 -29.75 -15.25
N ASP A 16 -35.74 -31.01 -15.12
CA ASP A 16 -35.56 -31.74 -13.87
C ASP A 16 -35.06 -33.11 -14.25
N PRO A 17 -34.65 -33.94 -13.25
CA PRO A 17 -33.95 -35.16 -13.64
C PRO A 17 -34.82 -36.15 -14.42
N SER A 18 -36.14 -35.99 -14.38
CA SER A 18 -37.05 -36.85 -15.14
C SER A 18 -37.43 -36.28 -16.50
N THR A 19 -36.98 -35.08 -16.87
CA THR A 19 -37.31 -34.67 -18.22
C THR A 19 -36.63 -35.52 -19.27
N PRO A 20 -37.43 -35.91 -20.26
CA PRO A 20 -36.98 -36.74 -21.37
C PRO A 20 -35.87 -36.10 -22.16
N ASP A 21 -34.93 -36.94 -22.57
CA ASP A 21 -33.85 -36.58 -23.49
C ASP A 21 -33.19 -35.23 -23.30
N ILE A 22 -32.70 -34.98 -22.10
CA ILE A 22 -31.97 -33.74 -21.85
C ILE A 22 -30.88 -33.48 -22.89
N GLN A 23 -30.19 -34.52 -23.31
CA GLN A 23 -28.97 -34.35 -24.09
C GLN A 23 -29.29 -33.79 -25.47
N GLY A 24 -30.27 -34.38 -26.17
CA GLY A 24 -30.56 -33.91 -27.50
C GLY A 24 -31.05 -32.48 -27.44
N LYS A 25 -31.80 -32.19 -26.39
CA LYS A 25 -32.34 -30.86 -26.15
C LYS A 25 -31.21 -29.86 -25.95
N VAL A 26 -30.45 -30.05 -24.90
CA VAL A 26 -29.35 -29.09 -24.67
C VAL A 26 -28.45 -29.08 -25.92
N ASP A 27 -28.32 -30.22 -26.59
CA ASP A 27 -27.60 -30.28 -27.86
C ASP A 27 -28.31 -29.47 -28.95
N GLU A 28 -29.62 -29.54 -29.01
CA GLU A 28 -30.40 -28.72 -29.94
C GLU A 28 -30.09 -27.23 -29.79
N VAL A 29 -29.97 -26.79 -28.55
CA VAL A 29 -29.63 -25.38 -28.29
C VAL A 29 -28.18 -25.10 -28.75
N PHE A 30 -27.25 -26.01 -28.41
CA PHE A 30 -25.85 -25.80 -28.72
C PHE A 30 -25.57 -25.73 -30.22
N ARG A 31 -25.99 -26.80 -30.91
CA ARG A 31 -26.09 -26.88 -32.37
C ARG A 31 -26.16 -25.55 -33.00
N LYS A 32 -27.13 -24.77 -32.52
CA LYS A 32 -27.47 -23.53 -33.18
C LYS A 32 -26.89 -22.27 -32.56
N GLN A 33 -26.45 -22.37 -31.31
CA GLN A 33 -25.78 -21.26 -30.65
C GLN A 33 -24.27 -21.32 -30.80
N GLU A 34 -23.75 -22.46 -31.26
CA GLU A 34 -22.33 -22.71 -31.26
C GLU A 34 -21.55 -21.63 -31.99
N SER A 35 -22.03 -21.28 -33.18
CA SER A 35 -21.33 -20.28 -34.00
C SER A 35 -22.13 -18.99 -34.17
N ASN A 36 -23.12 -18.80 -33.30
CA ASN A 36 -24.05 -17.69 -33.41
C ASN A 36 -23.55 -16.44 -32.71
N GLN A 37 -22.38 -15.96 -33.16
CA GLN A 37 -21.63 -14.98 -32.38
C GLN A 37 -22.44 -13.67 -32.20
N PHE A 38 -23.18 -13.28 -33.22
CA PHE A 38 -23.85 -11.98 -33.21
C PHE A 38 -25.40 -12.01 -33.35
N GLY A 39 -26.00 -13.19 -33.23
CA GLY A 39 -27.47 -13.30 -33.36
C GLY A 39 -28.21 -12.73 -32.17
N THR A 40 -29.55 -12.64 -32.26
CA THR A 40 -30.40 -12.07 -31.23
C THR A 40 -31.00 -13.17 -30.35
N ASP A 41 -30.70 -14.42 -30.68
CA ASP A 41 -31.17 -15.54 -29.90
C ASP A 41 -30.48 -15.61 -28.51
N ARG A 42 -31.29 -15.97 -27.51
CA ARG A 42 -30.87 -15.99 -26.10
C ARG A 42 -31.54 -17.17 -25.38
N TYR A 43 -30.77 -17.87 -24.55
CA TYR A 43 -31.30 -18.99 -23.75
C TYR A 43 -30.68 -19.08 -22.36
N ALA A 44 -31.50 -19.45 -21.40
CA ALA A 44 -31.03 -19.78 -20.06
C ALA A 44 -31.55 -21.16 -19.73
N LEU A 45 -30.62 -22.02 -19.38
CA LEU A 45 -30.89 -23.42 -19.07
C LEU A 45 -30.82 -23.55 -17.57
N MET A 46 -31.95 -23.91 -16.94
CA MET A 46 -32.11 -23.86 -15.52
C MET A 46 -32.39 -25.29 -15.06
N PHE A 47 -31.56 -25.79 -14.14
CA PHE A 47 -31.75 -27.15 -13.61
C PHE A 47 -32.25 -27.17 -12.16
N LYS A 48 -33.42 -27.77 -11.96
CA LYS A 48 -33.97 -28.04 -10.62
C LYS A 48 -33.04 -28.92 -9.76
N PRO A 49 -33.04 -28.71 -8.43
CA PRO A 49 -32.19 -29.57 -7.59
C PRO A 49 -32.47 -31.06 -7.80
N GLY A 50 -31.40 -31.84 -7.83
CA GLY A 50 -31.43 -33.27 -8.10
C GLY A 50 -30.08 -33.76 -8.63
N THR A 51 -30.12 -34.88 -9.38
CA THR A 51 -28.96 -35.55 -9.90
C THR A 51 -29.18 -35.88 -11.34
N TYR A 52 -28.18 -35.55 -12.13
CA TYR A 52 -28.28 -35.62 -13.57
C TYR A 52 -27.11 -36.45 -14.06
N ASN A 53 -27.41 -37.64 -14.54
CA ASN A 53 -26.39 -38.50 -15.13
C ASN A 53 -26.32 -38.32 -16.64
N ASP A 54 -25.20 -38.71 -17.23
CA ASP A 54 -25.11 -38.91 -18.67
C ASP A 54 -25.40 -37.58 -19.40
N ILE A 55 -24.81 -36.52 -18.86
CA ILE A 55 -25.01 -35.19 -19.39
C ILE A 55 -23.67 -34.56 -19.77
N ASN A 56 -23.57 -34.08 -21.01
CA ASN A 56 -22.48 -33.18 -21.42
C ASN A 56 -23.14 -31.97 -22.05
N ALA A 57 -23.33 -30.92 -21.24
CA ALA A 57 -23.99 -29.67 -21.63
C ALA A 57 -22.99 -28.73 -22.26
N GLN A 58 -22.88 -28.76 -23.58
CA GLN A 58 -22.02 -27.84 -24.29
C GLN A 58 -22.75 -26.51 -24.42
N ILE A 59 -22.01 -25.46 -24.12
CA ILE A 59 -22.54 -24.11 -23.95
C ILE A 59 -22.05 -23.22 -25.12
N GLY A 60 -22.97 -22.76 -25.95
CA GLY A 60 -22.62 -21.88 -27.07
C GLY A 60 -22.81 -20.41 -26.68
N PHE A 61 -22.87 -19.56 -27.70
CA PHE A 61 -23.11 -18.15 -27.48
C PHE A 61 -24.46 -17.88 -26.80
N TYR A 62 -24.47 -16.87 -25.96
CA TYR A 62 -25.67 -16.34 -25.33
C TYR A 62 -26.52 -17.43 -24.67
N THR A 63 -25.84 -18.33 -24.00
CA THR A 63 -26.47 -19.40 -23.25
C THR A 63 -25.92 -19.34 -21.82
N SER A 64 -26.84 -19.21 -20.87
CA SER A 64 -26.52 -19.37 -19.46
C SER A 64 -27.02 -20.76 -18.99
N ILE A 65 -26.29 -21.33 -18.04
CA ILE A 65 -26.70 -22.61 -17.42
C ILE A 65 -26.54 -22.44 -15.93
N ALA A 66 -27.54 -22.87 -15.18
CA ALA A 66 -27.43 -22.80 -13.73
C ALA A 66 -28.29 -23.82 -13.05
N GLY A 67 -27.94 -24.05 -11.81
CA GLY A 67 -28.73 -24.84 -10.89
C GLY A 67 -29.67 -23.93 -10.10
N LEU A 68 -30.73 -24.53 -9.55
CA LEU A 68 -31.79 -23.77 -8.88
C LEU A 68 -31.92 -24.14 -7.40
N GLY A 69 -30.85 -24.65 -6.77
CA GLY A 69 -30.86 -24.86 -5.33
C GLY A 69 -30.32 -23.60 -4.68
N LEU A 70 -30.59 -23.38 -3.39
CA LEU A 70 -29.91 -22.32 -2.64
C LEU A 70 -28.40 -22.58 -2.60
N ASN A 71 -28.05 -23.87 -2.71
CA ASN A 71 -26.66 -24.36 -2.74
C ASN A 71 -26.13 -25.03 -3.99
N PRO A 72 -24.82 -24.98 -4.20
CA PRO A 72 -24.35 -25.60 -5.45
C PRO A 72 -24.53 -27.15 -5.53
N ASP A 73 -24.28 -27.91 -4.47
CA ASP A 73 -24.41 -29.38 -4.65
C ASP A 73 -25.84 -29.84 -4.70
N ASP A 74 -26.78 -28.98 -4.42
CA ASP A 74 -28.17 -29.36 -4.61
C ASP A 74 -28.42 -29.84 -6.01
N THR A 75 -27.63 -29.35 -6.95
CA THR A 75 -27.83 -29.64 -8.35
C THR A 75 -26.51 -30.17 -8.91
N THR A 76 -26.44 -31.51 -9.05
CA THR A 76 -25.26 -32.22 -9.43
C THR A 76 -25.34 -32.90 -10.80
N PHE A 77 -24.36 -32.60 -11.64
CA PHE A 77 -24.23 -33.32 -12.92
C PHE A 77 -23.14 -34.39 -12.74
N ASN A 78 -23.50 -35.63 -13.02
CA ASN A 78 -22.52 -36.67 -13.30
C ASN A 78 -22.22 -36.53 -14.77
N GLY A 79 -21.26 -35.65 -15.04
CA GLY A 79 -21.11 -35.10 -16.38
C GLY A 79 -20.47 -33.71 -16.33
N ASP A 80 -20.73 -32.94 -17.40
CA ASP A 80 -19.86 -31.81 -17.76
C ASP A 80 -20.69 -30.60 -18.22
N VAL A 81 -20.16 -29.42 -17.96
CA VAL A 81 -20.62 -28.19 -18.63
C VAL A 81 -19.41 -27.70 -19.42
N THR A 82 -19.49 -27.86 -20.74
CA THR A 82 -18.32 -27.83 -21.60
C THR A 82 -18.34 -26.63 -22.54
N VAL A 83 -17.24 -25.91 -22.60
CA VAL A 83 -16.98 -24.98 -23.71
C VAL A 83 -15.63 -25.32 -24.34
N ASP A 84 -15.65 -25.57 -25.64
CA ASP A 84 -14.43 -25.85 -26.38
C ASP A 84 -14.47 -24.95 -27.64
N ALA A 85 -13.50 -25.13 -28.51
CA ALA A 85 -13.19 -24.16 -29.56
C ALA A 85 -13.21 -24.76 -30.97
N GLY A 86 -14.02 -25.80 -31.19
CA GLY A 86 -14.01 -26.54 -32.46
C GLY A 86 -14.49 -25.71 -33.64
N TRP A 87 -15.50 -24.87 -33.42
CA TRP A 87 -16.05 -24.06 -34.51
C TRP A 87 -15.00 -23.15 -35.12
N PHE A 88 -13.93 -22.89 -34.38
CA PHE A 88 -12.91 -21.90 -34.77
C PHE A 88 -11.51 -22.58 -34.81
N ASP A 89 -11.41 -23.76 -35.43
CA ASP A 89 -10.20 -24.59 -35.42
C ASP A 89 -9.40 -24.52 -34.12
N GLY A 90 -10.14 -24.57 -33.01
CA GLY A 90 -9.51 -24.65 -31.73
C GLY A 90 -8.97 -23.36 -31.20
N ASN A 91 -9.34 -22.27 -31.86
CA ASN A 91 -9.05 -20.92 -31.41
C ASN A 91 -10.19 -20.49 -30.49
N ALA A 92 -9.92 -20.25 -29.20
CA ALA A 92 -10.97 -19.93 -28.22
C ALA A 92 -11.13 -18.43 -27.98
N THR A 93 -10.43 -17.60 -28.75
CA THR A 93 -10.42 -16.14 -28.47
C THR A 93 -11.68 -15.41 -28.89
N GLN A 94 -12.65 -16.14 -29.40
CA GLN A 94 -13.98 -15.54 -29.60
C GLN A 94 -15.12 -16.25 -28.84
N ASN A 95 -14.78 -16.99 -27.78
CA ASN A 95 -15.81 -17.72 -27.00
C ASN A 95 -16.45 -16.87 -25.91
N PHE A 96 -17.24 -15.93 -26.36
CA PHE A 96 -17.79 -14.91 -25.49
C PHE A 96 -19.23 -15.18 -25.03
N TRP A 97 -19.67 -14.39 -24.06
CA TRP A 97 -21.09 -14.20 -23.71
C TRP A 97 -21.79 -15.51 -23.40
N ARG A 98 -21.46 -16.09 -22.26
CA ARG A 98 -22.15 -17.27 -21.78
C ARG A 98 -21.93 -17.28 -20.27
N SER A 99 -22.33 -18.34 -19.57
CA SER A 99 -22.08 -18.37 -18.13
C SER A 99 -22.56 -19.70 -17.55
N ALA A 100 -21.99 -20.02 -16.38
CA ALA A 100 -22.38 -21.20 -15.61
C ALA A 100 -22.40 -20.79 -14.14
N GLU A 101 -23.46 -21.20 -13.44
CA GLU A 101 -23.58 -20.82 -12.04
C GLU A 101 -24.33 -21.89 -11.22
N ASN A 102 -23.92 -22.04 -9.96
CA ASN A 102 -24.72 -22.73 -8.93
C ASN A 102 -24.98 -24.19 -9.28
N LEU A 103 -23.91 -24.87 -9.68
CA LEU A 103 -23.95 -26.31 -10.03
C LEU A 103 -22.76 -27.04 -9.44
N ALA A 104 -22.94 -28.34 -9.17
CA ALA A 104 -21.81 -29.21 -8.85
C ALA A 104 -21.58 -30.12 -10.05
N LEU A 105 -20.32 -30.24 -10.45
CA LEU A 105 -19.92 -31.08 -11.59
C LEU A 105 -19.00 -32.22 -11.15
N ASN A 106 -19.31 -33.39 -11.68
CA ASN A 106 -18.52 -34.62 -11.47
C ASN A 106 -18.07 -35.04 -12.87
N PRO A 107 -16.96 -34.41 -13.35
CA PRO A 107 -16.67 -34.53 -14.79
C PRO A 107 -16.32 -35.93 -15.26
N VAL A 108 -16.69 -36.24 -16.50
CA VAL A 108 -16.74 -37.63 -16.94
C VAL A 108 -15.35 -38.25 -17.04
N ASN A 109 -14.32 -37.47 -17.43
CA ASN A 109 -12.93 -37.97 -17.36
C ASN A 109 -12.13 -37.40 -16.18
N GLY A 110 -12.81 -36.80 -15.23
CA GLY A 110 -12.12 -36.21 -14.09
C GLY A 110 -11.81 -34.72 -14.17
N THR A 111 -11.97 -34.15 -15.36
CA THR A 111 -11.68 -32.73 -15.59
C THR A 111 -12.74 -32.12 -16.46
N ASN A 112 -13.29 -30.99 -16.02
CA ASN A 112 -14.23 -30.22 -16.79
C ASN A 112 -13.49 -29.17 -17.62
N ARG A 113 -13.91 -29.00 -18.87
CA ARG A 113 -13.32 -28.00 -19.74
C ARG A 113 -14.24 -26.79 -19.93
N TRP A 114 -13.68 -25.61 -19.63
CA TRP A 114 -14.38 -24.34 -19.78
C TRP A 114 -13.38 -23.39 -20.48
N ALA A 115 -13.21 -23.62 -21.78
CA ALA A 115 -12.25 -22.91 -22.59
C ALA A 115 -12.83 -21.64 -23.21
N VAL A 116 -12.97 -20.63 -22.37
CA VAL A 116 -13.66 -19.40 -22.72
C VAL A 116 -12.70 -18.21 -22.87
N SER A 117 -13.21 -17.12 -23.45
CA SER A 117 -12.52 -15.85 -23.39
C SER A 117 -13.41 -14.88 -22.61
N GLN A 118 -13.58 -13.65 -23.06
CA GLN A 118 -14.19 -12.62 -22.22
C GLN A 118 -15.70 -12.79 -22.06
N ALA A 119 -16.25 -12.22 -20.99
CA ALA A 119 -17.68 -12.28 -20.66
C ALA A 119 -18.24 -13.69 -20.62
N ALA A 120 -17.57 -14.56 -19.86
CA ALA A 120 -18.06 -15.91 -19.69
C ALA A 120 -17.89 -16.39 -18.23
N PRO A 121 -18.59 -15.73 -17.32
CA PRO A 121 -18.36 -16.00 -15.89
C PRO A 121 -18.71 -17.44 -15.43
N PHE A 122 -17.96 -17.90 -14.42
CA PHE A 122 -18.06 -19.23 -13.80
C PHE A 122 -18.15 -18.91 -12.30
N ARG A 123 -19.41 -18.92 -11.81
CA ARG A 123 -19.71 -18.50 -10.45
C ARG A 123 -20.39 -19.58 -9.62
N ARG A 124 -20.03 -19.61 -8.34
CA ARG A 124 -20.71 -20.50 -7.39
C ARG A 124 -20.81 -21.92 -7.93
N MET A 125 -19.68 -22.37 -8.43
CA MET A 125 -19.57 -23.74 -8.97
C MET A 125 -18.74 -24.62 -8.04
N HIS A 126 -19.09 -25.89 -8.02
CA HIS A 126 -18.26 -26.91 -7.35
C HIS A 126 -17.84 -27.95 -8.36
N VAL A 127 -16.54 -28.08 -8.59
CA VAL A 127 -16.02 -29.08 -9.55
C VAL A 127 -15.30 -30.19 -8.79
N LYS A 128 -15.72 -31.42 -8.98
CA LYS A 128 -15.13 -32.52 -8.20
C LYS A 128 -13.93 -33.13 -8.91
N GLY A 129 -13.07 -32.28 -9.43
CA GLY A 129 -11.76 -32.72 -9.87
C GLY A 129 -11.22 -31.50 -10.51
N GLY A 130 -10.74 -31.65 -11.74
CA GLY A 130 -9.97 -30.61 -12.39
C GLY A 130 -10.79 -29.74 -13.31
N LEU A 131 -10.22 -28.60 -13.66
CA LEU A 131 -10.87 -27.61 -14.51
C LEU A 131 -9.83 -27.19 -15.55
N ASN A 132 -10.05 -27.59 -16.78
CA ASN A 132 -9.16 -27.24 -17.90
C ASN A 132 -9.76 -26.00 -18.56
N LEU A 133 -8.99 -24.91 -18.60
CA LEU A 133 -9.48 -23.66 -19.21
C LEU A 133 -9.03 -23.46 -20.66
N ALA A 134 -8.31 -24.44 -21.21
CA ALA A 134 -7.81 -24.34 -22.60
C ALA A 134 -8.60 -25.23 -23.56
N PRO A 135 -8.79 -24.77 -24.78
CA PRO A 135 -9.49 -25.62 -25.76
C PRO A 135 -8.70 -26.89 -26.04
N ASP A 136 -9.38 -27.93 -26.54
CA ASP A 136 -8.66 -29.15 -26.91
C ASP A 136 -7.74 -28.73 -28.02
N GLY A 137 -6.44 -29.05 -27.87
CA GLY A 137 -5.42 -28.67 -28.81
C GLY A 137 -4.58 -27.47 -28.43
N TYR A 138 -4.88 -26.93 -27.25
CA TYR A 138 -4.17 -25.81 -26.61
C TYR A 138 -4.06 -24.56 -27.49
N GLY A 139 -5.10 -24.30 -28.28
CA GLY A 139 -5.18 -23.10 -29.12
C GLY A 139 -5.28 -21.82 -28.28
N TRP A 140 -5.33 -20.67 -28.96
CA TRP A 140 -5.29 -19.40 -28.25
C TRP A 140 -6.52 -19.23 -27.36
N ALA A 141 -6.34 -18.52 -26.27
CA ALA A 141 -7.47 -18.25 -25.36
C ALA A 141 -7.23 -16.99 -24.57
N SER A 142 -8.32 -16.26 -24.25
CA SER A 142 -8.19 -14.96 -23.59
C SER A 142 -9.34 -14.72 -22.61
N GLY A 143 -9.37 -15.49 -21.53
CA GLY A 143 -10.36 -15.30 -20.48
C GLY A 143 -9.79 -14.39 -19.39
N GLY A 144 -10.31 -14.47 -18.16
CA GLY A 144 -11.46 -15.24 -17.77
C GLY A 144 -11.73 -14.91 -16.30
N TYR A 145 -12.77 -15.51 -15.74
CA TYR A 145 -13.32 -15.05 -14.47
C TYR A 145 -13.96 -16.19 -13.72
N ILE A 146 -13.44 -16.47 -12.54
CA ILE A 146 -14.05 -17.42 -11.64
C ILE A 146 -14.24 -16.72 -10.30
N ALA A 147 -15.42 -16.93 -9.71
CA ALA A 147 -15.72 -16.39 -8.41
C ALA A 147 -16.53 -17.34 -7.57
N ASP A 148 -16.28 -17.28 -6.27
CA ASP A 148 -17.04 -18.03 -5.27
C ASP A 148 -17.20 -19.49 -5.65
N SER A 149 -16.13 -20.07 -6.17
CA SER A 149 -16.15 -21.47 -6.58
C SER A 149 -15.15 -22.35 -5.85
N LYS A 150 -15.43 -23.65 -5.89
CA LYS A 150 -14.53 -24.64 -5.27
C LYS A 150 -14.16 -25.67 -6.33
N ILE A 151 -12.89 -25.71 -6.72
CA ILE A 151 -12.37 -26.70 -7.65
C ILE A 151 -11.60 -27.71 -6.82
N ASP A 152 -12.18 -28.88 -6.60
CA ASP A 152 -11.51 -29.84 -5.73
C ASP A 152 -10.16 -30.29 -6.30
N GLY A 153 -10.07 -30.32 -7.62
CA GLY A 153 -8.80 -30.55 -8.30
C GLY A 153 -7.92 -29.34 -8.67
N GLU A 154 -7.10 -29.54 -9.70
CA GLU A 154 -6.17 -28.53 -10.20
C GLU A 154 -6.96 -27.61 -11.12
N VAL A 155 -6.82 -26.29 -10.98
CA VAL A 155 -7.27 -25.43 -12.09
C VAL A 155 -6.16 -25.27 -13.12
N GLY A 156 -6.39 -25.69 -14.38
CA GLY A 156 -5.36 -25.65 -15.41
C GLY A 156 -5.50 -24.72 -16.62
N PRO A 157 -4.69 -23.63 -16.69
CA PRO A 157 -4.94 -22.66 -17.77
C PRO A 157 -4.30 -22.97 -19.11
N TYR A 158 -3.13 -23.62 -19.09
CA TYR A 158 -2.37 -23.90 -20.29
C TYR A 158 -2.19 -22.63 -21.15
N SER A 159 -2.92 -22.51 -22.24
CA SER A 159 -2.76 -21.39 -23.18
C SER A 159 -3.39 -20.06 -22.73
N GLN A 160 -4.24 -20.06 -21.73
CA GLN A 160 -4.92 -18.82 -21.32
C GLN A 160 -3.91 -17.74 -21.01
N GLN A 161 -4.08 -16.58 -21.65
CA GLN A 161 -3.13 -15.49 -21.46
C GLN A 161 -3.13 -14.96 -20.06
N GLN A 162 -4.35 -14.80 -19.55
CA GLN A 162 -4.60 -14.18 -18.28
C GLN A 162 -5.88 -14.77 -17.65
N TRP A 163 -6.06 -14.44 -16.37
CA TRP A 163 -7.23 -14.96 -15.63
C TRP A 163 -7.35 -14.26 -14.29
N TYR A 164 -8.60 -14.10 -13.84
CA TYR A 164 -8.89 -13.58 -12.51
C TYR A 164 -9.78 -14.56 -11.74
N THR A 165 -9.32 -14.89 -10.54
CA THR A 165 -10.08 -15.73 -9.63
C THR A 165 -10.27 -15.02 -8.30
N ARG A 166 -11.53 -15.02 -7.86
CA ARG A 166 -12.07 -14.29 -6.67
C ARG A 166 -12.63 -15.25 -5.64
N ASP A 167 -12.27 -15.06 -4.38
CA ASP A 167 -13.00 -15.61 -3.24
C ASP A 167 -13.50 -17.06 -3.45
N SER A 168 -12.53 -17.93 -3.63
CA SER A 168 -12.70 -19.29 -4.10
C SER A 168 -11.72 -20.24 -3.39
N SER A 169 -11.81 -21.52 -3.73
CA SER A 169 -10.82 -22.53 -3.30
C SER A 169 -10.44 -23.39 -4.49
N VAL A 170 -9.13 -23.58 -4.69
CA VAL A 170 -8.61 -24.42 -5.76
C VAL A 170 -7.60 -25.45 -5.20
N GLY A 171 -7.74 -26.70 -5.61
CA GLY A 171 -6.78 -27.71 -5.21
C GLY A 171 -5.39 -27.34 -5.72
N GLY A 172 -5.31 -27.13 -7.02
CA GLY A 172 -4.04 -26.83 -7.64
C GLY A 172 -4.27 -25.71 -8.63
N TRP A 173 -3.18 -25.07 -9.04
CA TRP A 173 -3.22 -24.12 -10.14
C TRP A 173 -1.92 -24.24 -10.87
N GLY A 174 -2.00 -24.62 -12.14
CA GLY A 174 -0.88 -25.22 -12.81
C GLY A 174 0.16 -24.33 -13.50
N ASN A 175 -0.28 -23.21 -14.07
CA ASN A 175 0.62 -22.33 -14.83
C ASN A 175 0.08 -20.90 -14.93
N GLY A 176 0.97 -19.98 -15.26
CA GLY A 176 0.61 -18.58 -15.49
C GLY A 176 1.40 -18.04 -16.67
N VAL A 177 0.67 -17.47 -17.63
CA VAL A 177 1.18 -17.14 -18.98
C VAL A 177 1.62 -15.70 -19.00
N TRP A 178 0.67 -14.75 -19.02
CA TRP A 178 0.99 -13.33 -18.87
C TRP A 178 0.52 -12.71 -17.54
N ASN A 179 -0.67 -13.07 -17.06
CA ASN A 179 -1.21 -12.38 -15.88
C ASN A 179 -2.33 -13.16 -15.23
N MET A 180 -1.95 -13.97 -14.24
CA MET A 180 -2.91 -14.71 -13.45
C MET A 180 -2.98 -13.97 -12.13
N THR A 181 -4.17 -13.49 -11.80
CA THR A 181 -4.40 -12.69 -10.59
C THR A 181 -5.42 -13.42 -9.71
N PHE A 182 -5.16 -13.37 -8.41
CA PHE A 182 -5.97 -14.05 -7.42
C PHE A 182 -6.26 -13.12 -6.27
N SER A 183 -7.52 -13.09 -5.80
CA SER A 183 -7.80 -12.44 -4.53
C SER A 183 -8.77 -13.27 -3.69
N GLY A 184 -8.35 -13.52 -2.46
CA GLY A 184 -9.18 -14.33 -1.56
C GLY A 184 -9.33 -15.77 -2.00
N VAL A 185 -8.30 -16.28 -2.67
CA VAL A 185 -8.32 -17.64 -3.15
C VAL A 185 -7.49 -18.59 -2.28
N GLU A 186 -8.20 -19.48 -1.59
CA GLU A 186 -7.59 -20.55 -0.81
C GLU A 186 -6.96 -21.52 -1.79
N GLY A 187 -5.64 -21.67 -1.70
CA GLY A 187 -4.92 -22.55 -2.61
C GLY A 187 -4.29 -21.82 -3.80
N ALA A 188 -4.36 -20.50 -3.80
CA ALA A 188 -3.68 -19.74 -4.83
C ALA A 188 -2.18 -19.93 -4.72
N PRO A 189 -1.47 -19.91 -5.85
CA PRO A 189 -0.02 -19.74 -5.70
C PRO A 189 0.37 -18.43 -5.00
N ALA A 190 1.50 -18.45 -4.32
CA ALA A 190 2.03 -17.22 -3.70
C ALA A 190 2.37 -16.12 -4.71
N GLN A 191 2.33 -14.86 -4.27
CA GLN A 191 2.78 -13.70 -5.02
C GLN A 191 4.20 -13.90 -5.57
N SER A 192 4.36 -13.89 -6.91
CA SER A 192 5.61 -14.30 -7.51
C SER A 192 6.01 -13.58 -8.81
N PHE A 193 5.10 -12.80 -9.37
CA PHE A 193 5.31 -12.09 -10.67
C PHE A 193 6.77 -11.64 -10.88
N PRO A 194 7.32 -11.72 -12.12
CA PRO A 194 6.82 -12.17 -13.43
C PRO A 194 6.96 -13.65 -13.58
N GLU A 195 7.72 -14.22 -12.64
CA GLU A 195 8.20 -15.57 -12.80
C GLU A 195 8.04 -16.11 -11.37
N PRO A 196 6.99 -16.90 -11.18
CA PRO A 196 5.83 -17.21 -12.04
C PRO A 196 4.85 -15.90 -12.20
N PRO A 197 4.00 -15.69 -13.28
CA PRO A 197 3.36 -14.33 -13.30
C PRO A 197 2.04 -14.21 -12.50
N TYR A 198 2.19 -14.56 -11.23
CA TYR A 198 1.08 -14.66 -10.30
C TYR A 198 1.04 -13.44 -9.42
N THR A 199 -0.10 -12.75 -9.45
CA THR A 199 -0.41 -11.63 -8.55
C THR A 199 -1.45 -12.14 -7.56
N THR A 200 -1.08 -12.17 -6.27
CA THR A 200 -1.86 -12.91 -5.29
C THR A 200 -2.10 -12.06 -4.09
N LEU A 201 -3.38 -11.78 -3.85
CA LEU A 201 -3.85 -10.99 -2.73
C LEU A 201 -4.56 -11.92 -1.77
N GLU A 202 -4.25 -11.78 -0.48
CA GLU A 202 -4.82 -12.68 0.50
C GLU A 202 -6.36 -12.63 0.53
N THR A 203 -6.89 -11.42 0.39
CA THR A 203 -8.30 -11.18 0.59
C THR A 203 -8.74 -10.24 -0.54
N THR A 204 -10.04 -10.28 -0.80
CA THR A 204 -10.72 -9.29 -1.59
C THR A 204 -11.27 -8.22 -0.65
N PRO A 205 -10.95 -6.93 -0.90
CA PRO A 205 -11.32 -5.88 0.07
C PRO A 205 -12.82 -5.87 0.43
N VAL A 206 -13.63 -5.91 -0.61
CA VAL A 206 -15.08 -6.00 -0.51
C VAL A 206 -15.57 -6.88 -1.67
N SER A 207 -16.45 -7.85 -1.39
CA SER A 207 -17.17 -8.63 -2.45
C SER A 207 -18.57 -8.84 -2.00
N ARG A 208 -19.49 -8.82 -2.94
CA ARG A 208 -20.86 -9.22 -2.63
C ARG A 208 -21.30 -10.13 -3.76
N GLU A 209 -21.60 -11.38 -3.44
CA GLU A 209 -21.89 -12.34 -4.49
C GLU A 209 -23.09 -11.97 -5.40
N LYS A 210 -23.09 -12.49 -6.61
CA LYS A 210 -24.09 -12.08 -7.57
C LYS A 210 -25.42 -12.67 -7.17
N PRO A 211 -26.50 -11.87 -7.24
CA PRO A 211 -27.83 -12.44 -6.98
C PRO A 211 -28.20 -13.51 -8.00
N PHE A 212 -28.99 -14.50 -7.59
CA PHE A 212 -29.38 -15.58 -8.48
C PHE A 212 -30.76 -16.18 -8.20
N LEU A 213 -31.39 -16.68 -9.23
CA LEU A 213 -32.68 -17.36 -9.10
C LEU A 213 -32.51 -18.76 -8.49
N TYR A 214 -33.43 -19.15 -7.62
CA TYR A 214 -33.53 -20.54 -7.23
C TYR A 214 -34.99 -20.85 -6.86
N LEU A 215 -35.22 -22.10 -6.42
CA LEU A 215 -36.54 -22.38 -5.81
C LEU A 215 -36.74 -21.76 -4.37
N ASP A 216 -36.73 -22.61 -3.32
CA ASP A 216 -36.89 -22.36 -1.86
C ASP A 216 -38.00 -23.31 -1.39
N GLY A 217 -38.13 -24.42 -2.12
CA GLY A 217 -39.21 -25.37 -2.03
C GLY A 217 -39.71 -25.58 -3.44
N ASP A 218 -41.02 -25.40 -3.67
CA ASP A 218 -41.50 -25.23 -5.06
C ASP A 218 -41.68 -23.75 -5.47
N ASP A 219 -41.15 -22.79 -4.69
CA ASP A 219 -41.39 -21.35 -5.00
C ASP A 219 -40.20 -20.70 -5.73
N TYR A 220 -40.37 -20.11 -6.90
CA TYR A 220 -39.25 -19.27 -7.43
C TYR A 220 -38.92 -18.04 -6.55
N LYS A 221 -37.64 -17.89 -6.22
CA LYS A 221 -37.09 -16.75 -5.45
C LYS A 221 -35.73 -16.32 -6.05
N VAL A 222 -35.27 -15.12 -5.69
CA VAL A 222 -33.90 -14.70 -5.96
C VAL A 222 -33.19 -14.50 -4.64
N PHE A 223 -32.01 -15.07 -4.53
CA PHE A 223 -31.20 -14.93 -3.32
C PHE A 223 -30.29 -13.72 -3.43
N VAL A 224 -30.30 -12.86 -2.43
CA VAL A 224 -29.43 -11.69 -2.37
C VAL A 224 -28.33 -11.85 -1.32
N PRO A 225 -27.08 -12.02 -1.78
CA PRO A 225 -25.97 -12.25 -0.85
C PRO A 225 -25.54 -11.08 0.02
N ALA A 226 -25.25 -11.43 1.25
CA ALA A 226 -24.64 -10.50 2.15
C ALA A 226 -23.20 -10.30 1.76
N LYS A 227 -22.79 -9.06 1.78
CA LYS A 227 -21.45 -8.81 1.31
C LYS A 227 -20.48 -9.16 2.37
N ARG A 228 -19.26 -9.32 1.90
CA ARG A 228 -18.13 -9.66 2.74
C ARG A 228 -17.06 -8.64 2.64
N THR A 229 -16.43 -8.37 3.78
CA THR A 229 -15.32 -7.49 3.82
C THR A 229 -14.08 -8.38 4.08
N ASN A 230 -13.01 -8.05 3.37
CA ASN A 230 -11.79 -8.83 3.42
C ASN A 230 -12.10 -10.27 3.18
N ALA A 231 -12.80 -10.50 2.08
CA ALA A 231 -13.34 -11.80 1.80
C ALA A 231 -12.26 -12.81 1.35
N ARG A 232 -12.47 -14.07 1.70
CA ARG A 232 -11.62 -15.16 1.22
C ARG A 232 -12.29 -16.49 1.29
N GLY A 233 -12.12 -17.29 0.26
CA GLY A 233 -12.80 -18.58 0.17
C GLY A 233 -14.25 -18.39 -0.23
N THR A 234 -15.00 -19.48 -0.36
CA THR A 234 -16.37 -19.37 -0.82
C THR A 234 -17.35 -18.91 0.28
N SER A 235 -18.52 -18.44 -0.16
CA SER A 235 -19.59 -17.97 0.71
C SER A 235 -20.53 -19.07 1.19
N TRP A 236 -20.51 -20.18 0.47
CA TRP A 236 -21.41 -21.29 0.69
C TRP A 236 -20.64 -22.43 1.30
N GLY A 237 -19.31 -22.30 1.24
CA GLY A 237 -18.42 -22.78 2.30
C GLY A 237 -19.03 -23.27 3.62
N ASN A 238 -18.79 -22.60 4.74
CA ASN A 238 -19.26 -23.23 6.02
C ASN A 238 -20.75 -22.95 6.34
N GLY A 239 -20.99 -22.34 7.50
CA GLY A 239 -22.30 -22.09 8.10
C GLY A 239 -23.55 -22.24 7.26
N THR A 240 -24.13 -21.12 6.81
CA THR A 240 -25.13 -21.16 5.69
C THR A 240 -25.33 -19.75 5.14
N PRO A 241 -25.93 -19.61 3.93
CA PRO A 241 -25.63 -18.38 3.21
C PRO A 241 -26.27 -17.05 3.78
N GLU A 242 -25.40 -16.09 4.11
CA GLU A 242 -25.77 -14.76 4.61
C GLU A 242 -26.43 -13.88 3.51
N GLY A 243 -27.62 -13.32 3.77
CA GLY A 243 -28.36 -12.66 2.70
C GLY A 243 -29.86 -12.58 2.87
N GLU A 244 -30.55 -12.10 1.82
CA GLU A 244 -32.03 -12.03 1.78
C GLU A 244 -32.60 -12.74 0.53
N SER A 245 -33.82 -13.32 0.65
CA SER A 245 -34.55 -13.87 -0.51
C SER A 245 -35.75 -13.02 -0.97
N LEU A 246 -35.83 -12.81 -2.29
CA LEU A 246 -36.85 -11.95 -2.88
C LEU A 246 -37.84 -12.77 -3.69
N PRO A 247 -39.06 -13.04 -3.13
CA PRO A 247 -40.10 -13.81 -3.82
C PRO A 247 -40.32 -13.40 -5.23
N LEU A 248 -40.83 -14.26 -6.11
CA LEU A 248 -40.85 -13.82 -7.50
C LEU A 248 -41.90 -12.72 -7.83
N ASP A 249 -42.97 -12.57 -7.03
CA ASP A 249 -43.97 -11.53 -7.32
C ASP A 249 -43.39 -10.17 -7.21
N GLN A 250 -42.32 -10.06 -6.42
CA GLN A 250 -41.75 -8.79 -6.17
C GLN A 250 -40.77 -8.37 -7.28
N PHE A 251 -40.75 -9.11 -8.39
CA PHE A 251 -40.04 -8.72 -9.65
C PHE A 251 -40.92 -8.55 -10.86
N TYR A 252 -40.82 -7.44 -11.57
CA TYR A 252 -41.39 -7.38 -12.90
C TYR A 252 -40.58 -8.34 -13.76
N VAL A 253 -41.24 -9.38 -14.26
CA VAL A 253 -40.60 -10.34 -15.14
C VAL A 253 -40.72 -9.73 -16.54
N VAL A 254 -39.61 -9.14 -17.01
CA VAL A 254 -39.51 -8.45 -18.29
C VAL A 254 -39.41 -9.46 -19.45
N LYS A 255 -40.32 -9.33 -20.40
CA LYS A 255 -40.34 -10.17 -21.61
C LYS A 255 -40.56 -9.27 -22.84
N PRO A 256 -40.41 -9.84 -24.06
CA PRO A 256 -40.47 -8.96 -25.23
C PRO A 256 -41.82 -8.25 -25.34
N GLY A 257 -41.79 -6.99 -25.78
CA GLY A 257 -42.94 -6.11 -25.75
C GLY A 257 -42.88 -5.07 -24.61
N ALA A 258 -41.97 -5.24 -23.66
CA ALA A 258 -41.80 -4.24 -22.59
C ALA A 258 -41.14 -2.95 -23.04
N THR A 259 -41.53 -1.83 -22.43
CA THR A 259 -40.92 -0.53 -22.74
C THR A 259 -40.26 0.04 -21.52
N ALA A 260 -39.33 0.97 -21.73
CA ALA A 260 -38.61 1.57 -20.60
C ALA A 260 -39.56 2.31 -19.61
N GLU A 261 -40.52 3.06 -20.14
CA GLU A 261 -41.54 3.77 -19.34
C GLU A 261 -42.21 2.81 -18.34
N THR A 262 -42.61 1.66 -18.88
CA THR A 262 -43.20 0.55 -18.16
C THR A 262 -42.20 -0.12 -17.19
N ILE A 263 -40.98 -0.35 -17.66
CA ILE A 263 -39.95 -0.91 -16.79
C ILE A 263 -39.76 0.04 -15.60
N ASN A 264 -39.73 1.32 -15.90
CA ASN A 264 -39.49 2.33 -14.89
C ASN A 264 -40.64 2.50 -13.92
N ALA A 265 -41.85 2.27 -14.43
CA ALA A 265 -43.05 2.27 -13.57
C ALA A 265 -43.00 1.10 -12.58
N ALA A 266 -42.46 -0.01 -13.08
CA ALA A 266 -42.20 -1.18 -12.24
C ALA A 266 -41.36 -0.77 -11.03
N VAL A 267 -40.16 -0.20 -11.28
CA VAL A 267 -39.29 0.15 -10.19
C VAL A 267 -39.91 1.22 -9.32
N ASP A 268 -40.58 2.18 -9.96
CA ASP A 268 -41.05 3.38 -9.28
C ASP A 268 -41.92 3.00 -8.10
N GLN A 269 -42.62 1.88 -8.22
CA GLN A 269 -43.47 1.46 -7.09
C GLN A 269 -43.14 0.09 -6.53
N GLY A 270 -41.87 -0.26 -6.67
CA GLY A 270 -41.26 -1.17 -5.73
C GLY A 270 -40.99 -2.58 -6.17
N LEU A 271 -41.13 -2.83 -7.47
CA LEU A 271 -40.82 -4.15 -8.01
C LEU A 271 -39.39 -4.15 -8.48
N HIS A 272 -38.70 -5.24 -8.20
CA HIS A 272 -37.38 -5.47 -8.78
C HIS A 272 -37.57 -5.87 -10.25
N LEU A 273 -36.46 -6.05 -10.95
CA LEU A 273 -36.50 -6.43 -12.37
C LEU A 273 -35.77 -7.72 -12.68
N LEU A 274 -36.44 -8.56 -13.45
CA LEU A 274 -35.90 -9.81 -13.93
C LEU A 274 -36.07 -9.83 -15.44
N PHE A 275 -34.98 -9.59 -16.13
CA PHE A 275 -34.98 -9.62 -17.58
C PHE A 275 -34.84 -11.06 -18.09
N THR A 276 -35.86 -11.53 -18.79
CA THR A 276 -35.87 -12.88 -19.32
C THR A 276 -35.14 -12.86 -20.68
N PRO A 277 -34.55 -14.00 -21.09
CA PRO A 277 -33.56 -13.93 -22.19
C PRO A 277 -34.18 -13.45 -23.49
N GLY A 278 -33.65 -12.32 -23.93
CA GLY A 278 -34.09 -11.69 -25.14
C GLY A 278 -33.28 -10.42 -25.38
N VAL A 279 -33.70 -9.72 -26.43
CA VAL A 279 -33.09 -8.48 -26.87
C VAL A 279 -34.16 -7.42 -26.87
N TYR A 280 -33.89 -6.35 -26.10
CA TYR A 280 -34.85 -5.35 -25.75
C TYR A 280 -34.40 -3.95 -26.19
N HIS A 281 -35.10 -3.38 -27.15
CA HIS A 281 -34.87 -1.99 -27.53
C HIS A 281 -35.68 -1.03 -26.68
N VAL A 282 -35.01 0.00 -26.14
CA VAL A 282 -35.69 1.04 -25.40
C VAL A 282 -35.60 2.40 -26.12
N ASP A 283 -36.71 3.15 -26.04
CA ASP A 283 -36.82 4.57 -26.42
C ASP A 283 -36.30 5.61 -25.43
N GLN A 284 -36.11 5.21 -24.20
CA GLN A 284 -35.74 6.11 -23.08
C GLN A 284 -34.86 5.27 -22.11
N PRO A 285 -34.01 5.93 -21.29
CA PRO A 285 -33.25 5.11 -20.36
C PRO A 285 -34.10 4.37 -19.34
N ILE A 286 -33.62 3.20 -18.99
CA ILE A 286 -34.15 2.52 -17.84
C ILE A 286 -33.59 3.25 -16.61
N GLU A 287 -34.45 3.74 -15.73
CA GLU A 287 -34.00 4.41 -14.50
C GLU A 287 -34.26 3.52 -13.26
N ILE A 288 -33.25 3.43 -12.41
CA ILE A 288 -33.33 2.64 -11.20
C ILE A 288 -33.01 3.60 -10.05
N ASP A 289 -34.05 4.20 -9.49
CA ASP A 289 -33.88 5.21 -8.42
C ASP A 289 -34.59 4.80 -7.13
N ARG A 290 -34.39 3.55 -6.75
CA ARG A 290 -34.97 3.00 -5.55
C ARG A 290 -33.92 2.13 -4.88
N ALA A 291 -33.63 2.42 -3.61
CA ALA A 291 -32.59 1.68 -2.94
C ALA A 291 -32.87 0.19 -2.93
N ASN A 292 -31.83 -0.62 -3.05
CA ASN A 292 -31.92 -2.08 -3.00
C ASN A 292 -32.65 -2.75 -4.16
N THR A 293 -32.74 -2.07 -5.28
CA THR A 293 -33.36 -2.66 -6.46
C THR A 293 -32.40 -3.66 -7.06
N VAL A 294 -32.90 -4.87 -7.24
CA VAL A 294 -32.19 -5.89 -8.01
C VAL A 294 -32.68 -5.81 -9.44
N ALA A 295 -31.71 -5.76 -10.36
CA ALA A 295 -31.94 -5.81 -11.80
C ALA A 295 -31.11 -6.93 -12.38
N LEU A 296 -31.76 -8.04 -12.70
CA LEU A 296 -31.07 -9.30 -12.91
C LEU A 296 -31.47 -9.89 -14.24
N GLY A 297 -30.50 -10.04 -15.14
CA GLY A 297 -30.74 -10.64 -16.45
C GLY A 297 -30.41 -12.12 -16.47
N LEU A 298 -31.22 -12.84 -17.24
CA LEU A 298 -31.01 -14.25 -17.50
C LEU A 298 -30.62 -14.45 -18.99
N GLY A 299 -29.78 -15.44 -19.28
CA GLY A 299 -29.50 -15.78 -20.66
C GLY A 299 -28.87 -14.63 -21.46
N LEU A 300 -28.04 -13.83 -20.81
CA LEU A 300 -27.41 -12.69 -21.45
C LEU A 300 -28.47 -11.75 -22.08
N ALA A 301 -29.55 -11.49 -21.33
CA ALA A 301 -30.52 -10.52 -21.74
C ALA A 301 -29.79 -9.25 -22.12
N THR A 302 -30.26 -8.62 -23.19
CA THR A 302 -29.56 -7.52 -23.83
C THR A 302 -30.46 -6.31 -23.99
N ILE A 303 -29.92 -5.14 -23.66
CA ILE A 303 -30.63 -3.87 -23.80
C ILE A 303 -29.95 -3.06 -24.89
N ILE A 304 -30.74 -2.62 -25.86
CA ILE A 304 -30.27 -1.73 -26.92
C ILE A 304 -30.96 -0.38 -26.83
N PRO A 305 -30.19 0.68 -26.56
CA PRO A 305 -30.82 2.00 -26.53
C PRO A 305 -30.96 2.51 -27.94
N ASP A 306 -32.13 2.99 -28.30
CA ASP A 306 -32.36 3.60 -29.60
C ASP A 306 -32.24 5.13 -29.47
N ASN A 307 -32.20 5.85 -30.59
CA ASN A 307 -32.41 7.31 -30.56
C ASN A 307 -31.29 8.03 -29.80
N GLY A 308 -30.19 7.35 -29.59
CA GLY A 308 -29.02 7.90 -28.92
C GLY A 308 -29.16 8.06 -27.42
N VAL A 309 -30.18 7.41 -26.86
CA VAL A 309 -30.34 7.55 -25.41
C VAL A 309 -29.33 6.69 -24.61
N THR A 310 -29.22 6.99 -23.31
CA THR A 310 -28.52 6.10 -22.41
C THR A 310 -29.40 4.91 -22.10
N ALA A 311 -28.81 3.74 -21.97
CA ALA A 311 -29.60 2.53 -21.75
C ALA A 311 -30.07 2.42 -20.30
N LEU A 312 -29.26 2.85 -19.36
CA LEU A 312 -29.52 2.51 -17.98
C LEU A 312 -28.85 3.53 -17.07
N LYS A 313 -29.67 4.16 -16.24
CA LYS A 313 -29.18 5.12 -15.27
C LYS A 313 -29.66 4.71 -13.88
N VAL A 314 -28.71 4.71 -12.96
CA VAL A 314 -28.96 4.35 -11.57
C VAL A 314 -28.81 5.63 -10.75
N GLY A 315 -29.83 5.97 -9.99
CA GLY A 315 -29.78 7.14 -9.14
C GLY A 315 -28.87 7.02 -7.94
N ASP A 316 -28.89 8.06 -7.11
CA ASP A 316 -27.97 8.21 -6.02
C ASP A 316 -28.61 7.53 -4.83
N VAL A 317 -28.61 6.19 -4.85
CA VAL A 317 -29.25 5.40 -3.82
C VAL A 317 -28.33 4.20 -3.44
N ASP A 318 -28.51 3.65 -2.24
CA ASP A 318 -27.79 2.46 -1.79
C ASP A 318 -28.28 1.21 -2.50
N GLY A 319 -27.39 0.24 -2.58
CA GLY A 319 -27.74 -1.15 -2.69
C GLY A 319 -28.31 -1.67 -3.99
N VAL A 320 -28.19 -0.94 -5.08
CA VAL A 320 -28.72 -1.42 -6.34
C VAL A 320 -27.77 -2.49 -6.81
N LYS A 321 -28.35 -3.57 -7.34
CA LYS A 321 -27.58 -4.72 -7.80
C LYS A 321 -28.01 -5.00 -9.21
N VAL A 322 -27.16 -4.63 -10.15
CA VAL A 322 -27.38 -4.91 -11.56
C VAL A 322 -26.51 -6.09 -11.96
N ALA A 323 -27.09 -7.18 -12.46
CA ALA A 323 -26.33 -8.37 -12.75
C ALA A 323 -26.79 -9.05 -14.04
N GLY A 324 -25.81 -9.49 -14.84
CA GLY A 324 -26.05 -10.29 -16.01
C GLY A 324 -26.87 -9.63 -17.07
N LEU A 325 -26.34 -8.53 -17.58
CA LEU A 325 -26.96 -7.80 -18.68
C LEU A 325 -25.88 -7.40 -19.66
N LEU A 326 -26.19 -7.58 -20.96
CA LEU A 326 -25.37 -7.01 -22.04
C LEU A 326 -26.04 -5.74 -22.52
N VAL A 327 -25.30 -4.65 -22.57
CA VAL A 327 -25.78 -3.43 -23.20
C VAL A 327 -25.06 -3.24 -24.54
N ASP A 328 -25.84 -3.16 -25.60
CA ASP A 328 -25.34 -3.16 -26.97
C ASP A 328 -25.72 -1.85 -27.64
N ALA A 329 -24.71 -1.09 -28.07
CA ALA A 329 -24.97 0.22 -28.61
C ALA A 329 -25.81 0.14 -29.87
N GLY A 330 -26.62 1.17 -30.08
CA GLY A 330 -27.34 1.32 -31.35
C GLY A 330 -26.51 2.13 -32.32
N PRO A 331 -26.95 2.16 -33.59
CA PRO A 331 -26.20 2.90 -34.60
C PRO A 331 -26.19 4.43 -34.38
N VAL A 332 -27.21 4.96 -33.70
CA VAL A 332 -27.15 6.37 -33.30
C VAL A 332 -26.28 6.49 -32.08
N ASN A 333 -25.28 7.35 -32.15
CA ASN A 333 -24.37 7.52 -31.02
C ASN A 333 -25.06 7.95 -29.73
N SER A 334 -24.83 7.17 -28.68
CA SER A 334 -25.20 7.53 -27.33
C SER A 334 -24.05 8.20 -26.60
N GLU A 335 -24.33 9.32 -25.95
CA GLU A 335 -23.25 9.98 -25.18
C GLU A 335 -22.79 9.14 -24.01
N THR A 336 -23.72 8.46 -23.36
CA THR A 336 -23.38 7.39 -22.43
C THR A 336 -24.25 6.17 -22.60
N LEU A 337 -23.76 4.98 -22.24
CA LEU A 337 -24.60 3.78 -22.29
C LEU A 337 -25.11 3.37 -20.92
N VAL A 338 -24.24 3.48 -19.93
CA VAL A 338 -24.62 3.25 -18.55
C VAL A 338 -24.08 4.31 -17.63
N GLU A 339 -24.94 4.81 -16.75
CA GLU A 339 -24.49 5.73 -15.69
C GLU A 339 -24.84 5.24 -14.29
N VAL A 340 -23.86 5.23 -13.39
CA VAL A 340 -24.13 4.88 -12.01
C VAL A 340 -23.96 6.13 -11.14
N GLY A 341 -25.11 6.65 -10.76
CA GLY A 341 -25.16 7.86 -10.00
C GLY A 341 -25.20 9.12 -10.83
N SER A 342 -25.74 10.17 -10.23
CA SER A 342 -25.66 11.50 -10.80
C SER A 342 -24.21 12.01 -11.09
N ASP A 343 -24.09 12.85 -12.12
CA ASP A 343 -22.92 13.74 -12.24
C ASP A 343 -22.74 14.55 -10.93
N GLY A 344 -21.55 14.61 -10.34
CA GLY A 344 -21.33 15.41 -9.11
C GLY A 344 -21.71 14.86 -7.70
N ALA A 345 -22.45 13.76 -7.66
CA ALA A 345 -22.87 13.13 -6.37
C ALA A 345 -21.70 12.79 -5.45
N SER A 346 -21.67 13.35 -4.20
CA SER A 346 -20.56 13.14 -3.20
C SER A 346 -21.04 12.70 -1.77
N GLY A 347 -22.08 11.87 -1.80
CA GLY A 347 -22.62 11.21 -0.63
C GLY A 347 -22.21 9.77 -0.76
N ASP A 348 -22.38 9.01 0.30
CA ASP A 348 -21.74 7.73 0.40
C ASP A 348 -22.66 6.52 0.44
N HIS A 349 -22.06 5.35 0.17
CA HIS A 349 -22.83 4.14 0.14
C HIS A 349 -22.03 2.97 0.70
N ALA A 350 -21.31 3.21 1.81
CA ALA A 350 -20.26 2.26 2.20
C ALA A 350 -20.84 0.96 2.75
N ALA A 351 -21.85 1.04 3.61
CA ALA A 351 -22.40 -0.18 4.21
C ALA A 351 -23.09 -1.04 3.13
N ASN A 352 -23.72 -0.36 2.17
CA ASN A 352 -24.59 -0.97 1.16
C ASN A 352 -24.39 -0.38 -0.23
N PRO A 353 -23.26 -0.74 -0.89
CA PRO A 353 -22.82 -0.44 -2.25
C PRO A 353 -23.85 -0.64 -3.32
N THR A 354 -23.80 0.14 -4.39
CA THR A 354 -24.38 -0.28 -5.66
C THR A 354 -23.30 -1.09 -6.36
N SER A 355 -23.71 -2.14 -7.08
CA SER A 355 -22.76 -2.96 -7.85
C SER A 355 -23.23 -3.25 -9.27
N LEU A 356 -22.26 -3.37 -10.15
CA LEU A 356 -22.46 -3.92 -11.49
C LEU A 356 -21.68 -5.24 -11.58
N GLN A 357 -22.39 -6.32 -11.88
CA GLN A 357 -21.78 -7.66 -11.95
C GLN A 357 -22.20 -8.35 -13.23
N ASP A 358 -21.23 -8.92 -13.93
CA ASP A 358 -21.50 -9.49 -15.27
C ASP A 358 -22.35 -8.52 -16.07
N VAL A 359 -21.89 -7.27 -16.09
CA VAL A 359 -22.42 -6.24 -16.95
C VAL A 359 -21.44 -6.13 -18.11
N PHE A 360 -21.94 -6.37 -19.31
CA PHE A 360 -21.12 -6.32 -20.51
C PHE A 360 -21.63 -5.20 -21.41
N VAL A 361 -20.71 -4.59 -22.15
CA VAL A 361 -21.08 -3.55 -23.10
C VAL A 361 -20.43 -3.89 -24.42
N ARG A 362 -21.18 -3.78 -25.51
CA ARG A 362 -20.66 -4.00 -26.85
C ARG A 362 -20.96 -2.77 -27.69
N ILE A 363 -19.96 -2.31 -28.45
CA ILE A 363 -20.15 -1.24 -29.42
C ILE A 363 -19.76 -1.75 -30.82
N GLY A 364 -20.78 -2.05 -31.62
CA GLY A 364 -20.59 -2.60 -32.96
C GLY A 364 -20.53 -4.11 -32.98
N GLY A 365 -20.44 -4.72 -34.17
CA GLY A 365 -20.18 -6.15 -34.30
C GLY A 365 -21.41 -6.89 -34.80
N ALA A 366 -22.56 -6.54 -34.27
CA ALA A 366 -23.84 -7.14 -34.69
C ALA A 366 -24.59 -6.17 -35.56
N GLY A 367 -23.83 -5.26 -36.16
CA GLY A 367 -24.41 -4.09 -36.79
C GLY A 367 -23.69 -2.84 -36.33
N PRO A 368 -23.78 -1.75 -37.12
CA PRO A 368 -23.01 -0.57 -36.77
C PRO A 368 -23.46 -0.06 -35.39
N GLY A 369 -22.54 0.39 -34.56
CA GLY A 369 -22.89 0.89 -33.25
C GLY A 369 -21.90 1.96 -32.75
N LYS A 370 -22.35 2.97 -31.99
CA LYS A 370 -21.47 4.03 -31.52
C LYS A 370 -21.86 4.54 -30.13
N ALA A 371 -20.88 4.95 -29.33
CA ALA A 371 -21.17 5.66 -28.09
C ALA A 371 -19.92 6.37 -27.61
N THR A 372 -20.11 7.55 -27.02
CA THR A 372 -19.00 8.38 -26.57
C THR A 372 -18.26 7.78 -25.37
N THR A 373 -18.98 7.57 -24.26
CA THR A 373 -18.46 6.90 -23.06
C THR A 373 -19.42 5.75 -22.71
N SER A 374 -18.89 4.56 -22.49
CA SER A 374 -19.75 3.41 -22.22
C SER A 374 -20.29 3.32 -20.78
N ILE A 375 -19.41 3.40 -19.79
CA ILE A 375 -19.86 3.37 -18.41
C ILE A 375 -19.23 4.49 -17.61
N VAL A 376 -20.10 5.32 -17.04
CA VAL A 376 -19.70 6.38 -16.12
C VAL A 376 -20.10 5.99 -14.71
N VAL A 377 -19.11 5.94 -13.82
CA VAL A 377 -19.38 5.59 -12.42
C VAL A 377 -19.17 6.82 -11.53
N ASN A 378 -20.30 7.43 -11.16
CA ASN A 378 -20.28 8.61 -10.32
C ASN A 378 -20.37 8.32 -8.82
N SER A 379 -21.17 7.33 -8.45
CA SER A 379 -21.47 7.05 -7.05
C SER A 379 -20.32 6.46 -6.28
N ASN A 380 -20.08 7.05 -5.13
CA ASN A 380 -19.07 6.60 -4.26
C ASN A 380 -19.35 5.16 -3.78
N ASP A 381 -18.28 4.41 -3.60
CA ASP A 381 -18.31 3.07 -3.02
C ASP A 381 -18.84 1.97 -3.97
N THR A 382 -19.10 2.33 -5.20
CA THR A 382 -19.59 1.37 -6.21
C THR A 382 -18.58 0.24 -6.46
N ILE A 383 -19.12 -0.98 -6.58
CA ILE A 383 -18.37 -2.20 -6.89
C ILE A 383 -18.64 -2.62 -8.34
N ILE A 384 -17.60 -2.77 -9.15
CA ILE A 384 -17.75 -3.34 -10.47
C ILE A 384 -16.97 -4.65 -10.47
N ASP A 385 -17.73 -5.74 -10.43
CA ASP A 385 -17.23 -7.08 -10.26
C ASP A 385 -17.56 -7.90 -11.50
N HIS A 386 -16.56 -7.98 -12.36
CA HIS A 386 -16.62 -8.55 -13.71
C HIS A 386 -17.40 -7.71 -14.69
N THR A 387 -16.66 -6.95 -15.48
CA THR A 387 -17.26 -6.23 -16.60
C THR A 387 -16.41 -6.49 -17.85
N TRP A 388 -17.05 -6.57 -19.01
CA TRP A 388 -16.32 -6.51 -20.29
C TRP A 388 -16.96 -5.40 -21.07
N VAL A 389 -16.13 -4.42 -21.42
CA VAL A 389 -16.57 -3.20 -22.10
C VAL A 389 -15.74 -3.18 -23.37
N TRP A 390 -16.41 -3.46 -24.47
CA TRP A 390 -15.75 -3.92 -25.69
C TRP A 390 -16.26 -3.17 -26.92
N ARG A 391 -15.38 -2.39 -27.52
CA ARG A 391 -15.65 -1.83 -28.81
C ARG A 391 -15.27 -2.91 -29.80
N ALA A 392 -16.24 -3.38 -30.60
CA ALA A 392 -15.99 -4.55 -31.45
C ALA A 392 -14.80 -4.38 -32.40
N ASP A 393 -13.92 -5.38 -32.43
CA ASP A 393 -12.80 -5.40 -33.38
C ASP A 393 -13.07 -6.27 -34.59
N HIS A 394 -14.21 -6.95 -34.63
CA HIS A 394 -14.60 -7.77 -35.77
C HIS A 394 -16.11 -7.86 -35.79
N GLY A 395 -16.63 -8.46 -36.84
CA GLY A 395 -18.06 -8.57 -37.09
C GLY A 395 -18.54 -7.49 -38.04
N GLU A 396 -19.84 -7.19 -38.01
CA GLU A 396 -20.39 -6.19 -38.91
C GLU A 396 -20.53 -4.82 -38.26
N GLY A 397 -20.36 -3.79 -39.09
CA GLY A 397 -20.56 -2.44 -38.60
C GLY A 397 -19.38 -2.00 -37.78
N VAL A 398 -18.18 -2.42 -38.19
CA VAL A 398 -16.94 -2.05 -37.49
C VAL A 398 -16.00 -1.26 -38.38
N GLY A 399 -15.37 -0.25 -37.79
CA GLY A 399 -14.53 0.68 -38.52
C GLY A 399 -14.10 1.82 -37.60
N TRP A 400 -12.93 2.40 -37.91
CA TRP A 400 -12.35 3.47 -37.07
C TRP A 400 -13.37 4.61 -36.86
N GLU A 401 -14.24 4.80 -37.83
CA GLU A 401 -15.36 5.72 -37.68
C GLU A 401 -16.68 4.97 -37.53
N THR A 402 -16.82 3.86 -38.25
CA THR A 402 -18.09 3.15 -38.30
C THR A 402 -18.58 2.81 -36.89
N ASN A 403 -17.72 2.25 -36.05
CA ASN A 403 -18.08 2.00 -34.66
C ASN A 403 -17.17 2.74 -33.69
N ARG A 404 -16.85 3.98 -34.05
CA ARG A 404 -16.13 4.84 -33.13
C ARG A 404 -16.72 4.85 -31.70
N ALA A 405 -15.87 4.66 -30.71
CA ALA A 405 -16.26 4.78 -29.30
C ALA A 405 -15.05 5.29 -28.54
N ASP A 406 -15.10 6.56 -28.15
CA ASP A 406 -13.91 7.23 -27.61
C ASP A 406 -13.44 6.65 -26.26
N TYR A 407 -14.38 6.43 -25.35
CA TYR A 407 -14.04 6.18 -23.96
C TYR A 407 -14.82 4.98 -23.42
N GLY A 408 -14.14 4.10 -22.70
CA GLY A 408 -14.78 2.91 -22.17
C GLY A 408 -15.47 3.14 -20.84
N VAL A 409 -14.66 3.23 -19.79
CA VAL A 409 -15.10 3.44 -18.44
C VAL A 409 -14.44 4.66 -17.88
N HIS A 410 -15.26 5.53 -17.30
CA HIS A 410 -14.81 6.72 -16.60
C HIS A 410 -15.29 6.63 -15.16
N VAL A 411 -14.35 6.47 -14.21
CA VAL A 411 -14.75 6.40 -12.81
C VAL A 411 -14.56 7.80 -12.20
N LYS A 412 -15.65 8.45 -11.84
CA LYS A 412 -15.60 9.80 -11.25
C LYS A 412 -15.79 9.77 -9.72
N GLY A 413 -16.33 8.68 -9.20
CA GLY A 413 -16.62 8.59 -7.77
C GLY A 413 -15.46 8.08 -6.94
N ASP A 414 -15.61 8.20 -5.62
CA ASP A 414 -14.57 7.84 -4.66
C ASP A 414 -14.81 6.43 -4.08
N ASN A 415 -13.71 5.76 -3.79
CA ASN A 415 -13.70 4.44 -3.11
C ASN A 415 -14.42 3.36 -3.92
N VAL A 416 -14.32 3.53 -5.21
CA VAL A 416 -14.84 2.55 -6.17
C VAL A 416 -13.85 1.40 -6.30
N LEU A 417 -14.37 0.19 -6.44
CA LEU A 417 -13.56 -1.03 -6.48
C LEU A 417 -13.94 -1.74 -7.74
N ALA A 418 -12.95 -2.08 -8.55
CA ALA A 418 -13.18 -2.91 -9.74
C ALA A 418 -12.38 -4.20 -9.60
N THR A 419 -13.07 -5.33 -9.60
CA THR A 419 -12.48 -6.65 -9.52
C THR A 419 -12.83 -7.38 -10.83
N GLY A 420 -11.84 -7.67 -11.66
CA GLY A 420 -12.11 -8.36 -12.91
C GLY A 420 -12.54 -7.39 -14.02
N LEU A 421 -11.67 -6.43 -14.32
CA LEU A 421 -12.00 -5.33 -15.26
C LEU A 421 -11.39 -5.61 -16.64
N PHE A 422 -12.22 -5.79 -17.66
CA PHE A 422 -11.77 -6.09 -19.04
C PHE A 422 -12.34 -4.98 -19.97
N VAL A 423 -11.50 -4.19 -20.64
CA VAL A 423 -11.96 -3.04 -21.41
C VAL A 423 -11.07 -2.92 -22.66
N GLU A 424 -11.66 -2.95 -23.84
CA GLU A 424 -10.84 -3.13 -25.07
C GLU A 424 -11.31 -2.32 -26.27
N HIS A 425 -10.30 -1.76 -26.91
CA HIS A 425 -10.32 -1.28 -28.31
C HIS A 425 -10.91 0.12 -28.49
N PHE A 426 -11.01 0.91 -27.43
CA PHE A 426 -11.55 2.26 -27.58
C PHE A 426 -10.64 3.23 -28.37
N ASN A 427 -11.24 4.23 -29.03
CA ASN A 427 -10.45 5.15 -29.88
C ASN A 427 -9.56 6.04 -29.04
N LYS A 428 -9.95 6.28 -27.79
CA LYS A 428 -9.17 7.10 -26.85
C LYS A 428 -8.87 6.30 -25.57
N TYR A 429 -9.09 6.88 -24.38
CA TYR A 429 -8.74 6.16 -23.17
C TYR A 429 -9.77 5.05 -22.87
N ASP A 430 -9.31 3.83 -22.70
CA ASP A 430 -10.21 2.74 -22.39
C ASP A 430 -10.79 2.93 -21.00
N VAL A 431 -9.91 3.25 -20.08
CA VAL A 431 -10.30 3.53 -18.69
C VAL A 431 -9.64 4.81 -18.21
N GLN A 432 -10.46 5.72 -17.64
CA GLN A 432 -10.04 6.94 -16.91
C GLN A 432 -10.57 6.94 -15.50
N TRP A 433 -9.73 7.28 -14.55
CA TRP A 433 -10.09 7.26 -13.16
C TRP A 433 -9.73 8.56 -12.48
N SER A 434 -10.77 9.34 -12.19
CA SER A 434 -10.58 10.67 -11.62
C SER A 434 -11.06 10.77 -10.20
N GLY A 435 -11.73 9.72 -9.71
CA GLY A 435 -12.21 9.73 -8.34
C GLY A 435 -11.09 9.38 -7.42
N GLU A 436 -11.29 9.52 -6.11
CA GLU A 436 -10.26 9.21 -5.14
C GLU A 436 -10.31 7.80 -4.58
N ASN A 437 -9.13 7.35 -4.15
CA ASN A 437 -8.85 5.97 -3.74
C ASN A 437 -9.65 4.93 -4.43
N GLY A 438 -9.46 4.87 -5.71
CA GLY A 438 -9.95 3.74 -6.46
C GLY A 438 -9.01 2.57 -6.27
N LYS A 439 -9.55 1.39 -6.53
CA LYS A 439 -8.77 0.15 -6.56
C LYS A 439 -9.21 -0.75 -7.70
N THR A 440 -8.25 -1.29 -8.42
CA THR A 440 -8.50 -2.28 -9.46
C THR A 440 -7.68 -3.51 -9.18
N ILE A 441 -8.37 -4.63 -9.03
CA ILE A 441 -7.75 -5.93 -8.97
C ILE A 441 -8.09 -6.68 -10.23
N PHE A 442 -7.06 -6.87 -11.04
CA PHE A 442 -7.09 -7.44 -12.39
C PHE A 442 -7.63 -6.50 -13.47
N TYR A 443 -6.76 -6.23 -14.45
CA TYR A 443 -7.15 -5.49 -15.66
C TYR A 443 -6.59 -6.13 -16.93
N GLN A 444 -7.48 -6.30 -17.90
CA GLN A 444 -7.11 -6.76 -19.23
C GLN A 444 -7.61 -5.74 -20.25
N ASN A 445 -6.67 -5.27 -21.07
CA ASN A 445 -6.97 -4.39 -22.18
C ASN A 445 -6.25 -4.83 -23.45
N ALA A 446 -6.90 -4.62 -24.59
CA ALA A 446 -6.22 -4.58 -25.88
C ALA A 446 -6.64 -3.25 -26.52
N LYS A 447 -5.67 -2.61 -27.16
CA LYS A 447 -5.93 -1.30 -27.72
C LYS A 447 -6.65 -1.48 -29.06
N ALA A 448 -7.10 -0.38 -29.64
CA ALA A 448 -7.77 -0.43 -30.93
C ALA A 448 -6.86 -1.05 -31.96
N TYR A 449 -7.37 -1.99 -32.77
CA TYR A 449 -6.54 -2.60 -33.81
C TYR A 449 -6.56 -1.80 -35.08
N ASP A 450 -7.63 -1.02 -35.21
CA ASP A 450 -8.02 -0.41 -36.47
C ASP A 450 -7.50 1.02 -36.69
N ALA A 451 -6.62 1.51 -35.81
CA ALA A 451 -6.11 2.85 -35.93
C ALA A 451 -5.37 2.96 -37.26
N PRO A 452 -5.68 4.00 -38.06
CA PRO A 452 -5.13 4.04 -39.43
C PRO A 452 -3.71 4.63 -39.56
N ASP A 453 -3.32 5.50 -38.63
CA ASP A 453 -1.98 6.08 -38.66
C ASP A 453 -1.67 6.67 -37.29
N GLN A 454 -0.42 7.04 -37.08
CA GLN A 454 0.02 7.62 -35.81
C GLN A 454 -0.71 8.92 -35.49
N ALA A 455 -0.88 9.76 -36.51
CA ALA A 455 -1.52 11.04 -36.24
C ALA A 455 -2.97 10.84 -35.85
N ALA A 456 -3.54 9.68 -36.12
CA ALA A 456 -4.94 9.47 -35.67
C ALA A 456 -5.07 9.31 -34.13
N ILE A 457 -4.04 8.77 -33.48
CA ILE A 457 -4.06 8.47 -32.05
C ILE A 457 -3.25 9.44 -31.19
N GLN A 458 -3.07 10.65 -31.68
CA GLN A 458 -2.31 11.62 -30.89
C GLN A 458 -3.12 12.08 -29.64
N ASN A 459 -2.44 12.16 -28.50
CA ASN A 459 -3.04 12.75 -27.34
C ASN A 459 -2.20 13.92 -26.95
N GLY A 460 -2.58 15.11 -27.40
CA GLY A 460 -1.77 16.29 -27.13
C GLY A 460 -0.37 16.03 -27.63
N ASP A 461 0.54 15.75 -26.71
CA ASP A 461 1.91 15.47 -27.11
C ASP A 461 2.33 14.11 -26.56
N ILE A 462 1.35 13.21 -26.46
CA ILE A 462 1.61 11.77 -26.26
C ILE A 462 1.14 10.94 -27.46
N LYS A 463 1.93 9.92 -27.87
CA LYS A 463 1.51 8.97 -28.92
C LYS A 463 0.49 7.92 -28.40
N GLY A 464 -0.71 7.88 -28.98
CA GLY A 464 -1.79 7.07 -28.45
C GLY A 464 -2.30 7.49 -27.09
N TYR A 465 -3.38 6.83 -26.65
CA TYR A 465 -4.04 7.09 -25.38
C TYR A 465 -3.84 5.91 -24.46
N ALA A 466 -3.54 6.17 -23.22
CA ALA A 466 -3.36 5.09 -22.27
C ALA A 466 -4.57 4.17 -22.25
N ALA A 467 -4.33 2.89 -22.06
CA ALA A 467 -5.42 1.97 -21.72
C ALA A 467 -6.06 2.26 -20.35
N TYR A 468 -5.29 2.84 -19.44
CA TYR A 468 -5.78 3.08 -18.06
C TYR A 468 -5.05 4.31 -17.57
N LYS A 469 -5.81 5.40 -17.45
CA LYS A 469 -5.31 6.63 -16.96
C LYS A 469 -5.90 7.06 -15.62
N VAL A 470 -5.01 7.39 -14.70
CA VAL A 470 -5.33 8.04 -13.45
C VAL A 470 -5.06 9.53 -13.58
N ASP A 471 -6.10 10.34 -13.32
CA ASP A 471 -6.00 11.81 -13.37
C ASP A 471 -4.80 12.37 -12.54
N ASP A 472 -4.18 13.46 -13.02
CA ASP A 472 -3.17 14.20 -12.25
C ASP A 472 -3.63 14.66 -10.88
N SER A 473 -4.82 15.25 -10.82
CA SER A 473 -5.39 15.76 -9.57
C SER A 473 -5.54 14.69 -8.46
N VAL A 474 -5.42 13.43 -8.84
CA VAL A 474 -5.73 12.33 -7.93
C VAL A 474 -4.64 12.09 -6.85
N THR A 475 -5.07 11.97 -5.60
CA THR A 475 -4.14 11.72 -4.50
C THR A 475 -3.83 10.23 -4.22
N THR A 476 -4.86 9.36 -4.17
CA THR A 476 -4.66 7.94 -3.82
C THR A 476 -5.36 7.04 -4.86
N HIS A 477 -4.67 5.96 -5.23
CA HIS A 477 -5.17 4.94 -6.18
C HIS A 477 -4.31 3.71 -6.00
N GLU A 478 -4.85 2.53 -6.28
CA GLU A 478 -4.01 1.33 -6.30
C GLU A 478 -4.54 0.27 -7.29
N GLY A 479 -3.63 -0.35 -8.03
CA GLY A 479 -3.98 -1.32 -9.05
C GLY A 479 -3.07 -2.52 -8.97
N TRP A 480 -3.65 -3.71 -9.19
CA TRP A 480 -2.91 -4.98 -9.13
C TRP A 480 -3.22 -5.84 -10.33
N GLY A 481 -2.18 -6.31 -10.99
CA GLY A 481 -2.33 -7.36 -11.99
C GLY A 481 -2.97 -6.87 -13.30
N MET A 482 -2.26 -5.97 -13.98
CA MET A 482 -2.84 -5.23 -15.09
C MET A 482 -1.99 -5.33 -16.38
N GLY A 483 -2.66 -5.63 -17.49
CA GLY A 483 -2.00 -5.76 -18.79
C GLY A 483 -2.74 -5.05 -19.91
N SER A 484 -1.95 -4.52 -20.84
CA SER A 484 -2.48 -3.89 -22.06
C SER A 484 -1.73 -4.47 -23.29
N TYR A 485 -2.50 -4.90 -24.28
CA TYR A 485 -1.93 -5.54 -25.47
C TYR A 485 -2.22 -4.70 -26.74
N CYS A 486 -1.32 -4.75 -27.71
CA CYS A 486 -1.53 -4.05 -29.00
C CYS A 486 -1.44 -4.98 -30.20
N TYR A 487 -2.26 -4.69 -31.19
CA TYR A 487 -2.29 -5.40 -32.47
C TYR A 487 -2.76 -4.40 -33.51
N PHE A 488 -1.85 -3.52 -33.86
CA PHE A 488 -2.13 -2.48 -34.81
C PHE A 488 -1.94 -3.15 -36.15
N ASN A 489 -2.91 -3.98 -36.55
CA ASN A 489 -2.73 -4.73 -37.79
C ASN A 489 -3.09 -4.03 -39.04
N VAL A 490 -3.77 -2.92 -38.94
CA VAL A 490 -3.96 -2.10 -40.12
C VAL A 490 -2.72 -1.26 -40.42
N ASN A 491 -2.08 -0.74 -39.39
CA ASN A 491 -0.83 0.04 -39.56
C ASN A 491 0.20 -0.36 -38.50
N PRO A 492 0.99 -1.40 -38.80
CA PRO A 492 1.90 -1.92 -37.77
C PRO A 492 3.11 -1.00 -37.49
N ASP A 493 3.27 0.12 -38.18
CA ASP A 493 4.31 1.10 -37.84
C ASP A 493 3.98 1.91 -36.59
N ILE A 494 2.73 1.88 -36.16
CA ILE A 494 2.30 2.69 -35.05
C ILE A 494 3.08 2.36 -33.79
N ARG A 495 3.25 3.39 -32.97
CA ARG A 495 3.79 3.27 -31.63
C ARG A 495 2.78 3.74 -30.60
N GLN A 496 2.62 2.93 -29.55
CA GLN A 496 1.80 3.28 -28.40
C GLN A 496 2.75 3.67 -27.26
N GLN A 497 2.66 4.90 -26.76
CA GLN A 497 3.66 5.38 -25.81
C GLN A 497 3.67 4.49 -24.60
N HIS A 498 2.48 4.19 -24.05
CA HIS A 498 2.38 3.38 -22.83
C HIS A 498 1.01 2.72 -22.68
N GLY A 499 0.93 1.70 -21.80
CA GLY A 499 -0.36 1.14 -21.46
C GLY A 499 -1.06 1.91 -20.34
N PHE A 500 -0.26 2.51 -19.46
CA PHE A 500 -0.75 3.15 -18.23
C PHE A 500 -0.21 4.58 -18.07
N GLN A 501 -1.03 5.47 -17.51
CA GLN A 501 -0.62 6.86 -17.23
C GLN A 501 -1.11 7.27 -15.85
N ALA A 502 -0.24 7.82 -15.04
CA ALA A 502 -0.63 8.24 -13.68
C ALA A 502 0.40 9.19 -13.16
N PRO A 503 -0.01 10.04 -12.22
CA PRO A 503 1.00 10.85 -11.56
C PRO A 503 2.01 9.98 -10.81
N VAL A 504 3.08 10.64 -10.39
CA VAL A 504 4.06 10.08 -9.49
C VAL A 504 3.84 10.75 -8.13
N LYS A 505 3.11 10.04 -7.26
CA LYS A 505 2.72 10.51 -5.92
C LYS A 505 2.72 9.30 -4.99
N PRO A 506 3.28 9.43 -3.77
CA PRO A 506 3.29 8.16 -3.05
C PRO A 506 1.95 7.52 -2.62
N GLY A 507 0.81 8.12 -2.97
CA GLY A 507 -0.49 7.52 -2.73
C GLY A 507 -1.03 6.77 -3.94
N VAL A 508 -0.30 6.84 -5.07
CA VAL A 508 -0.70 6.23 -6.36
C VAL A 508 0.24 5.06 -6.70
N LYS A 509 -0.30 3.85 -6.54
CA LYS A 509 0.51 2.63 -6.46
C LYS A 509 0.02 1.62 -7.47
N PHE A 510 0.94 1.04 -8.23
CA PHE A 510 0.64 -0.11 -9.09
C PHE A 510 1.55 -1.28 -8.78
N HIS A 511 1.00 -2.46 -9.02
CA HIS A 511 1.66 -3.72 -8.88
C HIS A 511 1.39 -4.60 -10.04
N ASP A 512 2.50 -5.09 -10.63
CA ASP A 512 2.48 -6.14 -11.64
C ASP A 512 1.78 -5.65 -12.90
N LEU A 513 2.47 -4.78 -13.61
CA LEU A 513 2.01 -4.18 -14.86
C LEU A 513 2.73 -4.82 -16.04
N LEU A 514 2.00 -5.01 -17.11
CA LEU A 514 2.65 -5.51 -18.35
C LEU A 514 2.02 -4.92 -19.59
N VAL A 515 2.84 -4.75 -20.63
CA VAL A 515 2.33 -4.46 -21.98
C VAL A 515 2.91 -5.49 -22.92
N VAL A 516 2.15 -5.80 -23.97
CA VAL A 516 2.54 -6.84 -24.91
C VAL A 516 2.13 -6.47 -26.32
N SER A 517 3.09 -6.56 -27.26
CA SER A 517 2.76 -6.44 -28.67
C SER A 517 2.44 -7.80 -29.29
N LEU A 518 1.26 -7.92 -29.87
CA LEU A 518 0.88 -9.20 -30.46
C LEU A 518 1.45 -9.37 -31.89
N GLY A 519 2.40 -10.28 -32.02
CA GLY A 519 3.04 -10.57 -33.29
C GLY A 519 3.78 -9.37 -33.91
N GLY A 520 4.25 -8.46 -33.07
CA GLY A 520 5.06 -7.34 -33.49
C GLY A 520 4.30 -6.34 -34.33
N LYS A 521 2.96 -6.32 -34.22
CA LYS A 521 2.13 -5.30 -34.88
C LYS A 521 1.90 -4.04 -34.04
N GLY A 522 2.66 -3.00 -34.35
CA GLY A 522 2.84 -1.91 -33.41
C GLY A 522 3.75 -2.36 -32.30
N GLN A 523 4.27 -1.38 -31.57
CA GLN A 523 5.02 -1.63 -30.37
C GLN A 523 4.66 -0.58 -29.32
N TYR A 524 4.91 -0.92 -28.06
CA TYR A 524 4.82 0.05 -26.97
C TYR A 524 6.19 0.68 -26.75
N GLU A 525 6.26 1.96 -26.44
CA GLU A 525 7.50 2.64 -26.05
C GLU A 525 7.92 2.38 -24.61
N HIS A 526 6.91 2.27 -23.76
CA HIS A 526 7.09 2.06 -22.34
C HIS A 526 5.89 1.34 -21.79
N VAL A 527 5.95 0.98 -20.50
CA VAL A 527 4.83 0.35 -19.82
C VAL A 527 3.88 1.39 -19.21
N ILE A 528 4.43 2.25 -18.36
CA ILE A 528 3.68 3.29 -17.67
C ILE A 528 4.42 4.62 -17.74
N ASN A 529 3.70 5.70 -18.04
CA ASN A 529 4.37 6.96 -18.19
C ASN A 529 5.57 6.74 -19.15
N ASP A 530 6.81 6.99 -18.72
CA ASP A 530 7.98 6.70 -19.56
C ASP A 530 8.96 5.71 -18.92
N ILE A 531 8.40 4.93 -18.02
CA ILE A 531 9.04 3.85 -17.31
C ILE A 531 8.68 2.55 -17.98
N GLY A 532 9.63 1.63 -17.99
CA GLY A 532 9.42 0.31 -18.55
C GLY A 532 10.03 0.26 -19.91
N ASP A 533 10.54 -0.90 -20.27
CA ASP A 533 11.14 -1.10 -21.55
C ASP A 533 10.09 -1.04 -22.65
N PRO A 534 10.51 -0.61 -23.84
CA PRO A 534 9.60 -0.79 -24.97
C PRO A 534 9.43 -2.27 -25.26
N THR A 535 8.37 -2.63 -25.98
CA THR A 535 8.31 -3.98 -26.51
C THR A 535 9.13 -4.03 -27.78
N SER A 536 9.76 -5.17 -28.05
CA SER A 536 10.57 -5.32 -29.26
C SER A 536 10.38 -6.70 -29.84
N GLY A 537 10.64 -6.82 -31.14
CA GLY A 537 10.61 -8.09 -31.86
C GLY A 537 9.18 -8.38 -32.31
N ASP A 538 8.96 -9.58 -32.85
CA ASP A 538 7.62 -10.01 -33.25
C ASP A 538 7.22 -11.36 -32.62
N THR A 539 7.86 -11.69 -31.51
CA THR A 539 7.62 -12.97 -30.81
C THR A 539 6.78 -12.80 -29.51
N THR A 540 6.27 -11.59 -29.31
CA THR A 540 5.18 -11.35 -28.35
C THR A 540 5.62 -11.73 -26.92
N ILE A 541 6.68 -11.10 -26.46
CA ILE A 541 7.15 -11.25 -25.08
C ILE A 541 6.78 -10.00 -24.29
N PRO A 542 6.14 -10.15 -23.13
CA PRO A 542 5.70 -8.93 -22.42
C PRO A 542 6.83 -8.03 -21.97
N SER A 543 6.61 -6.73 -21.87
CA SER A 543 7.45 -5.83 -21.07
C SER A 543 6.75 -5.57 -19.73
N GLN A 544 7.46 -5.88 -18.64
CA GLN A 544 6.84 -5.91 -17.31
C GLN A 544 7.36 -4.83 -16.39
N VAL A 545 6.53 -4.45 -15.42
CA VAL A 545 6.97 -3.52 -14.38
C VAL A 545 6.29 -3.88 -13.04
N VAL A 546 7.06 -3.92 -11.94
CA VAL A 546 6.60 -4.52 -10.69
C VAL A 546 5.97 -3.51 -9.72
N SER A 547 6.64 -2.39 -9.48
CA SER A 547 6.12 -1.36 -8.54
C SER A 547 6.20 0.00 -9.20
N PHE A 548 5.22 0.82 -8.89
CA PHE A 548 5.19 2.22 -9.27
C PHE A 548 4.55 2.92 -8.08
N PRO A 549 5.22 3.91 -7.44
CA PRO A 549 6.49 4.65 -7.62
C PRO A 549 7.77 3.81 -7.65
N VAL B 2 -13.86 16.28 19.52
CA VAL B 2 -12.67 15.51 19.84
C VAL B 2 -12.94 14.62 21.03
N VAL B 3 -12.58 13.36 20.91
CA VAL B 3 -12.84 12.43 22.02
C VAL B 3 -11.56 11.70 22.32
N GLY B 4 -11.43 11.22 23.56
CA GLY B 4 -10.34 10.31 23.87
C GLY B 4 -10.66 8.84 23.67
N GLY B 5 -9.60 8.05 23.49
CA GLY B 5 -9.67 6.59 23.37
C GLY B 5 -10.02 6.07 21.97
N GLY B 6 -10.43 4.79 21.91
CA GLY B 6 -10.84 4.18 20.66
C GLY B 6 -9.85 3.12 20.20
N ASP B 7 -9.70 2.93 18.89
CA ASP B 7 -8.57 2.11 18.45
C ASP B 7 -7.76 2.57 17.24
N LEU B 8 -6.81 1.71 16.93
CA LEU B 8 -5.52 2.10 16.43
C LEU B 8 -5.47 2.01 14.91
N GLY B 9 -6.53 1.46 14.34
CA GLY B 9 -6.64 1.49 12.90
C GLY B 9 -5.72 0.50 12.24
N PRO B 10 -5.75 0.49 10.90
CA PRO B 10 -5.31 -0.65 10.10
C PRO B 10 -3.79 -0.95 10.10
N ASN B 11 -2.96 0.03 10.47
CA ASN B 11 -1.52 -0.17 10.57
C ASN B 11 -0.94 -0.36 11.98
N VAL B 12 -1.79 -0.74 12.94
CA VAL B 12 -1.34 -1.18 14.25
C VAL B 12 -1.77 -2.63 14.34
N LEU B 13 -0.88 -3.53 13.92
CA LEU B 13 -1.16 -4.95 13.90
C LEU B 13 -0.89 -5.53 15.28
N VAL B 14 -1.92 -6.13 15.83
CA VAL B 14 -1.84 -6.63 17.19
C VAL B 14 -1.88 -8.16 17.11
N PHE B 15 -0.81 -8.74 17.64
CA PHE B 15 -0.60 -10.17 17.62
C PHE B 15 -0.72 -10.67 19.05
N ASP B 16 -1.34 -11.85 19.20
CA ASP B 16 -1.33 -12.57 20.47
C ASP B 16 -0.85 -13.97 20.10
N PRO B 17 -0.24 -14.73 21.02
CA PRO B 17 0.42 -15.99 20.66
C PRO B 17 -0.39 -17.04 19.89
N SER B 18 -1.71 -16.87 19.76
CA SER B 18 -2.54 -17.78 18.95
C SER B 18 -2.90 -17.21 17.59
N THR B 19 -2.42 -16.00 17.31
CA THR B 19 -2.68 -15.40 16.02
C THR B 19 -2.29 -16.31 14.84
N PRO B 20 -3.26 -16.60 13.97
CA PRO B 20 -3.09 -17.30 12.71
C PRO B 20 -1.88 -16.82 11.91
N ASP B 21 -0.89 -17.69 11.75
CA ASP B 21 0.11 -17.48 10.72
C ASP B 21 1.01 -16.22 10.95
N ILE B 22 1.69 -16.19 12.10
CA ILE B 22 2.47 -14.99 12.45
C ILE B 22 3.72 -14.78 11.55
N GLN B 23 4.40 -15.84 11.10
CA GLN B 23 5.60 -15.67 10.26
C GLN B 23 5.19 -15.14 8.89
N GLY B 24 3.99 -15.48 8.42
CA GLY B 24 3.62 -15.07 7.07
C GLY B 24 3.23 -13.61 7.05
N LYS B 25 2.51 -13.21 8.09
CA LYS B 25 2.05 -11.84 8.23
C LYS B 25 3.20 -10.87 8.41
N VAL B 26 4.20 -11.23 9.24
CA VAL B 26 5.34 -10.30 9.37
C VAL B 26 6.19 -10.30 8.09
N ASP B 27 6.30 -11.43 7.40
CA ASP B 27 6.97 -11.45 6.10
C ASP B 27 6.25 -10.59 5.03
N GLU B 28 4.89 -10.56 5.05
CA GLU B 28 4.12 -9.73 4.11
C GLU B 28 4.35 -8.23 4.33
N VAL B 29 4.45 -7.80 5.58
CA VAL B 29 4.80 -6.40 5.83
C VAL B 29 6.24 -6.15 5.35
N PHE B 30 7.15 -7.08 5.68
CA PHE B 30 8.56 -6.93 5.28
C PHE B 30 8.73 -6.96 3.75
N ARG B 31 7.92 -7.76 3.08
CA ARG B 31 7.88 -7.78 1.63
C ARG B 31 7.62 -6.38 1.11
N LYS B 32 6.57 -5.76 1.61
CA LYS B 32 6.18 -4.38 1.24
C LYS B 32 7.27 -3.36 1.59
N GLN B 33 7.86 -3.51 2.77
CA GLN B 33 8.65 -2.43 3.34
C GLN B 33 10.16 -2.51 3.17
N GLU B 34 10.71 -3.68 2.89
CA GLU B 34 12.14 -3.84 2.81
C GLU B 34 12.84 -2.78 1.93
N SER B 35 12.25 -2.54 0.77
CA SER B 35 12.76 -1.57 -0.22
C SER B 35 12.31 -0.16 -0.02
N ASN B 36 11.31 0.03 0.83
CA ASN B 36 10.50 1.20 0.68
C ASN B 36 11.00 2.41 1.47
N GLN B 37 12.16 2.90 1.08
CA GLN B 37 12.85 3.95 1.80
C GLN B 37 12.06 5.24 1.96
N PHE B 38 11.32 5.62 0.92
CA PHE B 38 10.69 6.94 0.90
C PHE B 38 9.17 6.89 0.73
N GLY B 39 8.57 5.72 0.90
CA GLY B 39 7.11 5.59 0.79
C GLY B 39 6.33 6.21 1.94
N THR B 40 5.02 6.16 1.81
CA THR B 40 4.13 6.69 2.80
C THR B 40 3.56 5.59 3.70
N ASP B 41 3.76 4.33 3.31
CA ASP B 41 3.29 3.23 4.16
C ASP B 41 3.98 3.28 5.53
N ARG B 42 3.24 2.90 6.57
CA ARG B 42 3.74 2.91 7.95
C ARG B 42 3.11 1.74 8.70
N TYR B 43 3.87 1.06 9.55
CA TYR B 43 3.33 -0.05 10.31
C TYR B 43 3.87 -0.13 11.73
N ALA B 44 2.97 -0.43 12.67
CA ALA B 44 3.37 -0.84 14.02
C ALA B 44 2.93 -2.28 14.25
N LEU B 45 3.88 -3.12 14.65
CA LEU B 45 3.60 -4.53 14.96
C LEU B 45 3.70 -4.63 16.47
N MET B 46 2.57 -4.97 17.11
CA MET B 46 2.46 -4.98 18.55
C MET B 46 2.11 -6.39 19.00
N PHE B 47 2.92 -6.88 19.93
CA PHE B 47 2.79 -8.24 20.44
C PHE B 47 2.33 -8.28 21.87
N LYS B 48 1.16 -8.88 22.08
CA LYS B 48 0.66 -9.06 23.44
C LYS B 48 1.55 -10.00 24.27
N PRO B 49 1.55 -9.84 25.59
CA PRO B 49 2.30 -10.69 26.54
C PRO B 49 2.13 -12.17 26.24
N GLY B 50 3.25 -12.88 26.20
CA GLY B 50 3.27 -14.32 26.05
C GLY B 50 4.61 -14.80 25.49
N THR B 51 4.64 -16.02 24.93
CA THR B 51 5.83 -16.61 24.31
C THR B 51 5.49 -16.96 22.87
N TYR B 52 6.44 -16.74 21.97
CA TYR B 52 6.22 -16.84 20.53
C TYR B 52 7.37 -17.60 19.89
N ASN B 53 7.10 -18.80 19.38
CA ASN B 53 8.10 -19.67 18.78
C ASN B 53 8.17 -19.48 17.25
N ASP B 54 9.25 -19.99 16.64
CA ASP B 54 9.46 -20.03 15.19
C ASP B 54 9.15 -18.69 14.55
N ILE B 55 9.74 -17.66 15.11
CA ILE B 55 9.46 -16.31 14.63
C ILE B 55 10.77 -15.65 14.25
N ASN B 56 10.78 -15.08 13.04
CA ASN B 56 11.96 -14.36 12.55
C ASN B 56 11.37 -13.11 11.93
N ALA B 57 11.31 -12.06 12.71
CA ALA B 57 10.63 -10.85 12.26
C ALA B 57 11.66 -9.92 11.68
N GLN B 58 11.76 -9.95 10.36
CA GLN B 58 12.66 -9.04 9.64
C GLN B 58 11.91 -7.68 9.54
N ILE B 59 12.63 -6.61 9.86
CA ILE B 59 12.03 -5.31 9.97
C ILE B 59 12.54 -4.42 8.83
N GLY B 60 11.59 -3.99 8.00
CA GLY B 60 11.89 -3.03 6.95
C GLY B 60 11.69 -1.58 7.31
N PHE B 61 11.63 -0.72 6.28
CA PHE B 61 11.36 0.70 6.48
C PHE B 61 10.03 0.99 7.18
N TYR B 62 10.06 1.96 8.08
CA TYR B 62 8.87 2.52 8.74
C TYR B 62 8.02 1.45 9.39
N THR B 63 8.72 0.53 10.05
CA THR B 63 8.09 -0.56 10.79
C THR B 63 8.64 -0.47 12.20
N SER B 64 7.72 -0.33 13.15
CA SER B 64 8.04 -0.46 14.57
C SER B 64 7.56 -1.84 15.08
N ILE B 65 8.32 -2.42 15.97
CA ILE B 65 7.89 -3.69 16.61
C ILE B 65 8.10 -3.56 18.09
N ALA B 66 7.10 -3.99 18.86
CA ALA B 66 7.18 -3.89 20.31
C ALA B 66 6.28 -4.89 21.01
N GLY B 67 6.64 -5.17 22.26
CA GLY B 67 5.84 -5.95 23.18
C GLY B 67 4.95 -5.06 24.06
N LEU B 68 3.85 -5.63 24.55
CA LEU B 68 2.83 -4.92 25.31
C LEU B 68 2.78 -5.30 26.82
N GLY B 69 3.81 -5.99 27.31
CA GLY B 69 3.95 -6.31 28.74
C GLY B 69 4.49 -5.19 29.62
N LEU B 70 4.36 -5.30 30.95
CA LEU B 70 4.88 -4.22 31.78
C LEU B 70 6.39 -4.15 31.62
N ASN B 71 6.99 -5.33 31.41
CA ASN B 71 8.44 -5.57 31.48
C ASN B 71 8.87 -6.38 30.25
N PRO B 72 10.10 -6.18 29.76
CA PRO B 72 10.37 -6.82 28.45
C PRO B 72 10.21 -8.34 28.50
N ASP B 73 10.46 -8.93 29.67
CA ASP B 73 10.41 -10.38 29.72
C ASP B 73 8.97 -10.94 29.61
N ASP B 74 7.98 -10.04 29.72
CA ASP B 74 6.55 -10.40 29.52
C ASP B 74 6.27 -10.93 28.10
N THR B 75 7.01 -10.41 27.12
CA THR B 75 6.73 -10.72 25.69
C THR B 75 8.01 -11.26 25.10
N THR B 76 8.03 -12.59 24.92
CA THR B 76 9.22 -13.34 24.59
C THR B 76 9.10 -14.00 23.24
N PHE B 77 10.13 -13.77 22.43
CA PHE B 77 10.26 -14.45 21.16
C PHE B 77 11.36 -15.49 21.30
N ASN B 78 11.02 -16.74 21.02
CA ASN B 78 12.06 -17.73 20.72
C ASN B 78 12.28 -17.63 19.25
N GLY B 79 13.24 -16.79 18.93
CA GLY B 79 13.32 -16.21 17.61
C GLY B 79 13.97 -14.85 17.68
N ASP B 80 13.74 -14.06 16.61
CA ASP B 80 14.62 -12.95 16.28
C ASP B 80 13.81 -11.74 15.83
N VAL B 81 14.42 -10.58 16.04
CA VAL B 81 13.96 -9.32 15.43
C VAL B 81 15.15 -8.84 14.61
N THR B 82 15.07 -9.02 13.29
CA THR B 82 16.22 -8.99 12.41
C THR B 82 16.16 -7.78 11.48
N VAL B 83 17.27 -7.06 11.41
CA VAL B 83 17.54 -6.13 10.29
C VAL B 83 18.88 -6.52 9.67
N ASP B 84 18.87 -6.74 8.36
CA ASP B 84 20.08 -6.99 7.56
C ASP B 84 19.99 -6.15 6.26
N ALA B 85 20.90 -6.36 5.33
CA ALA B 85 21.09 -5.39 4.25
C ALA B 85 20.98 -6.04 2.84
N GLY B 86 19.94 -6.86 2.68
CA GLY B 86 19.74 -7.65 1.46
C GLY B 86 19.13 -6.92 0.26
N TRP B 87 18.51 -5.79 0.52
CA TRP B 87 17.99 -5.00 -0.57
C TRP B 87 19.06 -4.05 -1.13
N PHE B 88 20.09 -3.74 -0.33
CA PHE B 88 21.19 -2.84 -0.76
C PHE B 88 22.51 -3.61 -0.86
N ASP B 89 22.43 -4.87 -1.34
CA ASP B 89 23.58 -5.80 -1.62
C ASP B 89 24.68 -5.86 -0.52
N GLY B 90 24.28 -5.73 0.74
CA GLY B 90 25.17 -5.87 1.88
C GLY B 90 25.56 -4.60 2.60
N ASN B 91 25.12 -3.45 2.07
CA ASN B 91 25.45 -2.13 2.62
C ASN B 91 24.28 -1.68 3.49
N ALA B 92 24.53 -1.43 4.78
CA ALA B 92 23.47 -1.11 5.74
C ALA B 92 23.32 0.40 5.95
N THR B 93 24.07 1.19 5.17
CA THR B 93 24.13 2.63 5.42
C THR B 93 22.84 3.40 5.10
N GLN B 94 21.86 2.73 4.50
CA GLN B 94 20.55 3.32 4.34
C GLN B 94 19.44 2.59 5.16
N ASN B 95 19.83 1.80 6.16
CA ASN B 95 18.80 1.12 7.01
C ASN B 95 18.25 2.03 8.11
N PHE B 96 17.31 2.89 7.68
CA PHE B 96 16.78 3.94 8.53
C PHE B 96 15.34 3.69 9.00
N TRP B 97 14.90 4.47 9.99
CA TRP B 97 13.45 4.71 10.30
C TRP B 97 12.68 3.42 10.65
N ARG B 98 13.13 2.79 11.72
CA ARG B 98 12.44 1.60 12.23
C ARG B 98 12.78 1.46 13.71
N SER B 99 12.10 0.60 14.45
CA SER B 99 12.35 0.55 15.91
C SER B 99 11.96 -0.80 16.49
N ALA B 100 12.61 -1.14 17.58
CA ALA B 100 12.28 -2.31 18.41
C ALA B 100 12.23 -1.88 19.87
N GLU B 101 11.19 -2.32 20.59
CA GLU B 101 11.04 -1.94 22.00
C GLU B 101 10.31 -3.00 22.84
N ASN B 102 10.74 -3.15 24.08
CA ASN B 102 9.97 -3.87 25.10
C ASN B 102 9.64 -5.31 24.77
N LEU B 103 10.68 -5.99 24.30
CA LEU B 103 10.68 -7.43 23.99
C LEU B 103 11.91 -8.14 24.59
N ALA B 104 11.73 -9.45 24.85
CA ALA B 104 12.84 -10.33 25.13
C ALA B 104 13.06 -11.23 23.91
N LEU B 105 14.30 -11.37 23.50
CA LEU B 105 14.65 -12.24 22.39
C LEU B 105 15.55 -13.39 22.84
N ASN B 106 15.23 -14.57 22.35
CA ASN B 106 16.03 -15.78 22.51
C ASN B 106 16.44 -16.20 21.09
N PRO B 107 17.48 -15.56 20.54
CA PRO B 107 17.74 -15.69 19.11
C PRO B 107 18.10 -17.10 18.67
N VAL B 108 17.65 -17.43 17.49
CA VAL B 108 17.59 -18.82 17.08
C VAL B 108 18.99 -19.44 16.95
N ASN B 109 20.00 -18.62 16.66
CA ASN B 109 21.40 -19.11 16.65
C ASN B 109 22.27 -18.52 17.75
N GLY B 110 21.64 -17.92 18.77
CA GLY B 110 22.37 -17.38 19.91
C GLY B 110 22.74 -15.92 19.79
N THR B 111 22.62 -15.37 18.58
CA THR B 111 22.91 -13.96 18.33
C THR B 111 21.83 -13.32 17.48
N ASN B 112 21.30 -12.20 17.96
CA ASN B 112 20.32 -11.42 17.21
C ASN B 112 21.04 -10.37 16.34
N ARG B 113 20.57 -10.19 15.11
CA ARG B 113 21.22 -9.24 14.17
C ARG B 113 20.37 -7.96 14.03
N TRP B 114 20.99 -6.82 14.30
CA TRP B 114 20.34 -5.51 14.29
C TRP B 114 21.19 -4.56 13.45
N ALA B 115 21.28 -4.80 12.14
CA ALA B 115 22.27 -4.12 11.33
C ALA B 115 21.66 -2.86 10.72
N VAL B 116 21.55 -1.85 11.56
CA VAL B 116 20.84 -0.62 11.24
C VAL B 116 21.78 0.56 11.09
N SER B 117 21.26 1.67 10.53
CA SER B 117 21.97 2.94 10.54
C SER B 117 21.16 3.92 11.37
N GLN B 118 21.02 5.18 10.95
CA GLN B 118 20.39 6.18 11.81
C GLN B 118 18.89 6.01 11.94
N ALA B 119 18.35 6.55 13.02
CA ALA B 119 16.91 6.56 13.33
C ALA B 119 16.33 5.15 13.40
N ALA B 120 17.04 4.27 14.09
CA ALA B 120 16.62 2.89 14.26
C ALA B 120 16.79 2.45 15.70
N PRO B 121 16.02 3.07 16.61
CA PRO B 121 16.23 2.81 18.04
C PRO B 121 15.87 1.39 18.55
N PHE B 122 16.60 0.97 19.57
CA PHE B 122 16.50 -0.39 20.17
C PHE B 122 16.43 -0.08 21.65
N ARG B 123 15.21 -0.13 22.19
CA ARG B 123 14.94 0.35 23.54
C ARG B 123 14.24 -0.68 24.41
N ARG B 124 14.58 -0.72 25.68
CA ARG B 124 13.89 -1.61 26.59
C ARG B 124 13.85 -3.04 26.07
N MET B 125 14.97 -3.52 25.52
CA MET B 125 15.07 -4.88 25.00
C MET B 125 15.86 -5.75 25.96
N HIS B 126 15.50 -7.03 25.98
CA HIS B 126 16.33 -8.05 26.65
C HIS B 126 16.72 -9.11 25.62
N VAL B 127 18.00 -9.15 25.28
CA VAL B 127 18.53 -10.16 24.39
C VAL B 127 19.27 -11.24 25.17
N LYS B 128 18.68 -12.43 25.16
CA LYS B 128 19.23 -13.58 25.88
C LYS B 128 20.25 -14.27 24.95
N GLY B 129 21.26 -13.51 24.57
CA GLY B 129 22.34 -13.95 23.69
C GLY B 129 23.16 -12.73 23.30
N GLY B 130 23.86 -12.84 22.19
CA GLY B 130 24.60 -11.73 21.65
C GLY B 130 23.77 -10.89 20.71
N LEU B 131 24.38 -9.76 20.29
CA LEU B 131 23.74 -8.80 19.41
C LEU B 131 24.78 -8.36 18.40
N ASN B 132 24.53 -8.75 17.17
CA ASN B 132 25.37 -8.38 16.06
C ASN B 132 24.76 -7.15 15.38
N LEU B 133 25.55 -6.08 15.34
CA LEU B 133 25.13 -4.82 14.72
C LEU B 133 25.53 -4.68 13.24
N ALA B 134 26.17 -5.68 12.65
CA ALA B 134 26.66 -5.57 11.27
C ALA B 134 25.85 -6.47 10.34
N PRO B 135 25.67 -6.07 9.08
CA PRO B 135 24.99 -6.88 8.09
C PRO B 135 25.83 -8.12 7.76
N ASP B 136 25.20 -9.17 7.23
CA ASP B 136 25.93 -10.38 6.86
C ASP B 136 26.98 -9.99 5.83
N GLY B 137 28.20 -10.52 5.99
CA GLY B 137 29.33 -10.15 5.14
C GLY B 137 30.03 -8.84 5.52
N TYR B 138 29.56 -8.19 6.60
CA TYR B 138 30.30 -7.12 7.27
C TYR B 138 30.56 -5.88 6.33
N GLY B 139 29.59 -5.59 5.46
CA GLY B 139 29.57 -4.35 4.63
C GLY B 139 29.27 -3.10 5.45
N TRP B 140 29.02 -1.95 4.84
CA TRP B 140 29.09 -0.73 5.63
C TRP B 140 27.83 -0.47 6.49
N ALA B 141 28.04 0.25 7.59
CA ALA B 141 26.97 0.53 8.54
C ALA B 141 27.30 1.77 9.38
N SER B 142 26.25 2.55 9.68
CA SER B 142 26.42 3.85 10.33
C SER B 142 25.30 4.14 11.38
N GLY B 143 25.25 3.30 12.40
CA GLY B 143 24.32 3.44 13.50
C GLY B 143 24.84 4.37 14.59
N GLY B 144 24.27 4.37 15.78
CA GLY B 144 23.17 3.57 16.22
C GLY B 144 22.86 3.95 17.66
N TYR B 145 21.81 3.34 18.20
CA TYR B 145 21.26 3.77 19.48
C TYR B 145 20.65 2.61 20.27
N ILE B 146 21.22 2.33 21.44
CA ILE B 146 20.65 1.34 22.35
C ILE B 146 20.45 2.04 23.67
N ALA B 147 19.25 1.92 24.22
CA ALA B 147 18.97 2.43 25.56
C ALA B 147 18.10 1.47 26.39
N ASP B 148 18.32 1.51 27.69
CA ASP B 148 17.52 0.76 28.66
C ASP B 148 17.39 -0.72 28.30
N SER B 149 18.49 -1.30 27.85
CA SER B 149 18.49 -2.69 27.38
C SER B 149 19.48 -3.54 28.16
N LYS B 150 19.19 -4.84 28.18
CA LYS B 150 20.10 -5.83 28.79
C LYS B 150 20.42 -6.82 27.68
N ILE B 151 21.71 -6.89 27.31
CA ILE B 151 22.20 -7.86 26.34
C ILE B 151 23.05 -8.81 27.19
N ASP B 152 22.48 -9.96 27.57
CA ASP B 152 23.26 -10.94 28.34
C ASP B 152 24.59 -11.27 27.66
N GLY B 153 24.53 -11.47 26.36
CA GLY B 153 25.70 -11.77 25.56
C GLY B 153 26.67 -10.63 25.21
N GLU B 154 27.37 -10.82 24.10
CA GLU B 154 28.35 -9.84 23.60
C GLU B 154 27.70 -9.03 22.45
N VAL B 155 27.76 -7.71 22.54
CA VAL B 155 27.37 -6.85 21.42
C VAL B 155 28.56 -6.69 20.50
N GLY B 156 28.40 -7.09 19.25
CA GLY B 156 29.47 -7.03 18.27
C GLY B 156 29.16 -5.99 17.17
N PRO B 157 29.90 -4.87 17.16
CA PRO B 157 29.60 -3.84 16.13
C PRO B 157 30.24 -4.13 14.79
N TYR B 158 31.35 -4.87 14.78
CA TYR B 158 32.15 -5.14 13.59
C TYR B 158 32.43 -3.87 12.73
N SER B 159 31.79 -3.75 11.58
CA SER B 159 31.94 -2.60 10.68
C SER B 159 31.24 -1.30 11.11
N GLN B 160 30.35 -1.35 12.09
CA GLN B 160 29.68 -0.11 12.55
C GLN B 160 30.66 1.01 12.86
N GLN B 161 30.47 2.18 12.23
CA GLN B 161 31.45 3.24 12.39
C GLN B 161 31.47 3.76 13.81
N GLN B 162 30.26 3.92 14.35
CA GLN B 162 30.09 4.55 15.64
C GLN B 162 28.80 4.04 16.26
N TRP B 163 28.59 4.35 17.54
CA TRP B 163 27.41 3.84 18.26
C TRP B 163 27.26 4.54 19.60
N TYR B 164 26.00 4.68 20.07
CA TYR B 164 25.77 5.21 21.40
C TYR B 164 24.89 4.25 22.19
N THR B 165 25.33 3.98 23.41
CA THR B 165 24.59 3.11 24.31
C THR B 165 24.49 3.79 25.65
N ARG B 166 23.26 3.80 26.17
CA ARG B 166 23.06 4.33 27.52
C ARG B 166 22.19 3.47 28.42
N ASP B 167 22.48 3.54 29.71
CA ASP B 167 21.61 3.04 30.76
C ASP B 167 21.09 1.65 30.47
N SER B 168 22.08 0.77 30.35
CA SER B 168 21.91 -0.57 29.85
C SER B 168 22.93 -1.47 30.54
N SER B 169 22.83 -2.75 30.23
CA SER B 169 23.83 -3.74 30.64
C SER B 169 24.24 -4.60 29.44
N VAL B 170 25.54 -4.83 29.29
CA VAL B 170 26.06 -5.73 28.24
C VAL B 170 27.02 -6.74 28.87
N GLY B 171 26.95 -7.98 28.44
CA GLY B 171 27.84 -9.01 28.99
C GLY B 171 29.23 -8.91 28.35
N GLY B 172 29.37 -8.04 27.34
CA GLY B 172 30.66 -7.72 26.74
C GLY B 172 30.50 -6.83 25.52
N TRP B 173 31.59 -6.21 25.11
CA TRP B 173 31.57 -5.33 23.94
C TRP B 173 32.76 -5.62 23.02
N GLY B 174 32.45 -5.88 21.75
CA GLY B 174 33.39 -6.51 20.85
C GLY B 174 34.51 -5.64 20.30
N ASN B 175 34.18 -4.44 19.83
CA ASN B 175 35.18 -3.63 19.16
C ASN B 175 34.62 -2.28 18.86
N GLY B 176 35.52 -1.42 18.44
CA GLY B 176 35.13 -0.13 17.90
C GLY B 176 35.75 0.04 16.53
N VAL B 177 35.31 1.11 15.88
CA VAL B 177 35.79 1.56 14.59
C VAL B 177 36.23 3.02 14.76
N TRP B 178 35.28 3.97 14.73
CA TRP B 178 35.59 5.39 14.96
C TRP B 178 35.15 6.02 16.31
N ASN B 179 33.98 5.66 16.82
CA ASN B 179 33.43 6.35 18.01
C ASN B 179 32.32 5.58 18.70
N MET B 180 32.68 4.77 19.69
CA MET B 180 31.71 4.02 20.49
C MET B 180 31.67 4.72 21.82
N THR B 181 30.51 5.29 22.15
CA THR B 181 30.28 6.05 23.38
C THR B 181 29.24 5.33 24.25
N PHE B 182 29.43 5.42 25.56
CA PHE B 182 28.62 4.67 26.50
C PHE B 182 28.40 5.62 27.67
N SER B 183 27.15 5.71 28.17
CA SER B 183 26.89 6.42 29.42
C SER B 183 25.96 5.58 30.29
N GLY B 184 26.39 5.31 31.51
CA GLY B 184 25.63 4.45 32.38
C GLY B 184 25.44 3.01 31.93
N VAL B 185 26.45 2.47 31.27
CA VAL B 185 26.34 1.12 30.74
C VAL B 185 27.16 0.16 31.59
N GLU B 186 26.50 -0.76 32.27
CA GLU B 186 27.24 -1.78 33.00
C GLU B 186 27.81 -2.77 32.02
N GLY B 187 29.12 -2.99 32.10
CA GLY B 187 29.79 -3.88 31.16
C GLY B 187 30.45 -3.12 30.04
N ALA B 188 30.34 -1.79 30.04
CA ALA B 188 30.98 -0.99 29.00
C ALA B 188 32.49 -1.19 29.15
N PRO B 189 33.23 -1.18 28.03
CA PRO B 189 34.68 -1.05 28.28
C PRO B 189 35.01 0.24 29.06
N ALA B 190 36.19 0.32 29.67
CA ALA B 190 36.59 1.56 30.32
C ALA B 190 36.95 2.57 29.26
N GLN B 191 37.08 3.81 29.68
CA GLN B 191 37.57 4.91 28.84
C GLN B 191 38.88 4.52 28.18
N SER B 192 39.04 4.83 26.89
CA SER B 192 40.03 4.14 26.04
C SER B 192 40.51 4.97 24.84
N PHE B 193 39.77 6.02 24.52
CA PHE B 193 39.99 6.79 23.29
C PHE B 193 41.45 7.33 23.38
N PRO B 194 42.16 7.38 22.25
CA PRO B 194 41.65 7.17 20.90
C PRO B 194 41.56 5.73 20.42
N GLU B 195 42.12 4.76 21.14
CA GLU B 195 42.30 3.41 20.58
C GLU B 195 42.35 2.29 21.68
N PRO B 196 41.41 1.30 21.63
CA PRO B 196 40.16 1.38 20.87
C PRO B 196 39.39 2.68 21.20
N PRO B 197 38.51 3.12 20.29
CA PRO B 197 37.93 4.47 20.46
C PRO B 197 36.63 4.46 21.29
N TYR B 198 36.81 4.19 22.58
CA TYR B 198 35.72 4.08 23.55
C TYR B 198 35.71 5.30 24.45
N THR B 199 34.56 5.98 24.45
CA THR B 199 34.27 7.11 25.34
C THR B 199 33.26 6.61 26.37
N THR B 200 33.69 6.59 27.64
CA THR B 200 32.92 5.92 28.71
C THR B 200 32.62 6.82 29.92
N LEU B 201 31.32 7.02 30.13
CA LEU B 201 30.82 7.77 31.27
C LEU B 201 30.10 6.79 32.16
N GLU B 202 30.41 6.84 33.44
CA GLU B 202 29.88 5.87 34.39
C GLU B 202 28.36 6.12 34.62
N THR B 203 27.86 7.30 34.32
CA THR B 203 26.41 7.55 34.38
C THR B 203 25.93 8.55 33.32
N THR B 204 24.62 8.52 33.06
CA THR B 204 23.99 9.54 32.23
C THR B 204 23.49 10.67 33.13
N PRO B 205 23.90 11.90 32.83
CA PRO B 205 23.57 13.11 33.61
C PRO B 205 22.10 13.18 34.02
N VAL B 206 21.20 13.05 33.05
CA VAL B 206 19.78 12.88 33.33
C VAL B 206 19.21 11.96 32.25
N SER B 207 18.22 11.17 32.59
CA SER B 207 17.58 10.33 31.56
C SER B 207 16.20 9.81 31.95
N ARG B 208 15.26 10.00 31.04
CA ARG B 208 13.87 9.63 31.29
C ARG B 208 13.42 8.76 30.14
N GLU B 209 13.07 7.53 30.47
CA GLU B 209 12.78 6.58 29.41
C GLU B 209 11.52 6.94 28.64
N LYS B 210 11.61 6.73 27.34
CA LYS B 210 10.52 7.01 26.40
C LYS B 210 9.20 6.36 26.86
N PRO B 211 8.08 7.09 26.79
CA PRO B 211 6.80 6.41 27.11
C PRO B 211 6.45 5.35 26.08
N PHE B 212 5.68 4.33 26.46
CA PHE B 212 5.32 3.30 25.52
C PHE B 212 3.93 2.74 25.85
N LEU B 213 3.26 2.30 24.79
CA LEU B 213 1.98 1.62 24.90
C LEU B 213 2.18 0.26 25.58
N TYR B 214 1.32 -0.03 26.53
CA TYR B 214 1.31 -1.40 27.10
C TYR B 214 -0.15 -1.89 27.29
N LEU B 215 -0.33 -3.15 27.66
CA LEU B 215 -1.65 -3.58 28.18
C LEU B 215 -1.64 -3.87 29.70
N ASP B 216 -2.68 -3.32 30.37
CA ASP B 216 -3.01 -3.65 31.75
C ASP B 216 -4.36 -4.35 31.75
N GLY B 217 -4.44 -5.54 32.32
CA GLY B 217 -5.75 -6.13 32.62
C GLY B 217 -6.89 -5.83 31.62
N ASP B 218 -6.52 -6.11 30.35
CA ASP B 218 -7.30 -5.95 29.12
C ASP B 218 -7.46 -4.53 28.59
N ASP B 219 -6.72 -3.61 29.17
CA ASP B 219 -6.86 -2.22 28.77
C ASP B 219 -5.52 -1.64 28.28
N TYR B 220 -5.51 -0.97 27.12
CA TYR B 220 -4.25 -0.29 26.73
C TYR B 220 -4.06 0.87 27.66
N LYS B 221 -2.80 1.23 27.81
CA LYS B 221 -2.34 2.30 28.67
C LYS B 221 -1.04 2.74 28.06
N VAL B 222 -0.62 3.96 28.38
CA VAL B 222 0.74 4.37 28.10
C VAL B 222 1.51 4.52 29.44
N PHE B 223 2.64 3.82 29.56
CA PHE B 223 3.53 3.98 30.70
C PHE B 223 4.43 5.17 30.51
N VAL B 224 4.56 5.98 31.59
CA VAL B 224 5.34 7.19 31.55
C VAL B 224 6.38 7.13 32.67
N PRO B 225 7.60 6.77 32.30
CA PRO B 225 8.69 6.63 33.27
C PRO B 225 8.99 7.87 34.10
N ALA B 226 9.37 7.63 35.34
CA ALA B 226 9.99 8.65 36.12
C ALA B 226 11.41 8.86 35.65
N LYS B 227 11.93 9.97 36.10
CA LYS B 227 13.16 10.48 35.56
C LYS B 227 14.15 9.79 36.41
N ARG B 228 15.41 9.81 36.01
CA ARG B 228 16.48 9.42 36.92
C ARG B 228 17.61 10.40 36.70
N THR B 229 18.40 10.53 37.75
CA THR B 229 19.56 11.38 37.71
C THR B 229 20.83 10.52 37.85
N ASN B 230 21.89 10.89 37.12
CA ASN B 230 23.10 10.07 37.03
C ASN B 230 22.76 8.57 36.96
N ALA B 231 22.06 8.21 35.88
CA ALA B 231 21.51 6.89 35.66
C ALA B 231 22.57 5.90 35.23
N ARG B 232 22.37 4.63 35.61
CA ARG B 232 23.25 3.56 35.21
C ARG B 232 22.51 2.22 35.27
N GLY B 233 22.62 1.45 34.19
CA GLY B 233 21.94 0.17 34.10
C GLY B 233 20.48 0.36 33.70
N THR B 234 19.72 -0.73 33.64
CA THR B 234 18.34 -0.61 33.15
C THR B 234 17.43 -0.05 34.26
N SER B 235 16.25 0.37 33.82
CA SER B 235 15.23 0.94 34.66
C SER B 235 14.30 -0.15 35.23
N TRP B 236 14.36 -1.31 34.60
CA TRP B 236 13.38 -2.39 34.75
C TRP B 236 14.08 -3.65 35.18
N GLY B 237 15.41 -3.65 35.24
CA GLY B 237 16.07 -4.69 35.99
C GLY B 237 15.44 -4.74 37.39
N ASN B 238 16.01 -3.97 38.33
CA ASN B 238 15.72 -4.21 39.75
C ASN B 238 14.21 -4.20 40.03
N GLY B 239 13.45 -3.31 39.34
CA GLY B 239 12.22 -2.70 39.88
C GLY B 239 10.92 -2.41 39.06
N THR B 240 10.12 -1.35 39.38
CA THR B 240 8.72 -1.22 38.93
C THR B 240 8.58 -0.08 38.02
N PRO B 241 9.75 0.41 37.58
CA PRO B 241 10.18 1.80 37.51
C PRO B 241 9.17 2.75 38.13
N GLU B 242 9.65 3.77 38.84
CA GLU B 242 8.84 4.96 39.14
C GLU B 242 8.16 5.35 37.82
N GLY B 243 6.88 5.71 37.86
CA GLY B 243 6.21 6.17 36.65
C GLY B 243 4.74 6.43 36.84
N GLU B 244 4.03 6.68 35.73
CA GLU B 244 2.58 6.92 35.73
C GLU B 244 2.04 6.06 34.63
N SER B 245 0.78 5.63 34.73
CA SER B 245 0.09 5.05 33.58
C SER B 245 -1.10 5.90 33.15
N LEU B 246 -1.12 6.18 31.84
CA LEU B 246 -2.19 6.91 31.23
C LEU B 246 -3.11 5.93 30.49
N PRO B 247 -4.39 5.81 30.93
CA PRO B 247 -5.37 5.05 30.14
C PRO B 247 -5.47 5.56 28.71
N LEU B 248 -5.64 4.69 27.71
CA LEU B 248 -5.82 5.16 26.32
C LEU B 248 -6.98 6.15 26.18
N ASP B 249 -8.02 6.07 27.02
CA ASP B 249 -9.13 7.01 26.83
C ASP B 249 -8.75 8.45 27.20
N GLN B 250 -7.57 8.61 27.81
CA GLN B 250 -6.96 9.91 28.08
C GLN B 250 -6.22 10.48 26.84
N PHE B 251 -6.11 9.69 25.77
CA PHE B 251 -5.47 10.16 24.51
C PHE B 251 -6.43 10.40 23.36
N TYR B 252 -6.21 11.48 22.61
CA TYR B 252 -6.79 11.63 21.27
C TYR B 252 -6.00 10.73 20.31
N VAL B 253 -6.71 9.85 19.61
CA VAL B 253 -6.09 8.92 18.66
C VAL B 253 -6.05 9.55 17.27
N VAL B 254 -4.88 10.01 16.87
CA VAL B 254 -4.71 10.58 15.53
C VAL B 254 -4.81 9.52 14.43
N LYS B 255 -5.71 9.77 13.46
CA LYS B 255 -5.81 9.07 12.13
C LYS B 255 -5.82 10.07 10.93
N PRO B 256 -5.66 9.61 9.64
CA PRO B 256 -5.43 10.53 8.49
C PRO B 256 -6.55 11.54 8.16
N GLY B 257 -6.23 12.76 7.75
CA GLY B 257 -7.28 13.77 7.66
C GLY B 257 -7.66 14.29 9.06
N ALA B 258 -7.18 13.67 10.14
CA ALA B 258 -7.00 14.47 11.37
C ALA B 258 -6.41 15.78 10.91
N THR B 259 -6.90 16.88 11.45
CA THR B 259 -6.39 18.14 11.04
C THR B 259 -5.71 18.71 12.25
N ALA B 260 -4.73 19.57 11.95
CA ALA B 260 -4.02 20.28 12.97
C ALA B 260 -5.05 20.83 13.93
N GLU B 261 -6.02 21.61 13.41
CA GLU B 261 -6.96 22.25 14.31
C GLU B 261 -7.58 21.22 15.30
N THR B 262 -7.93 20.02 14.84
CA THR B 262 -8.50 19.02 15.77
C THR B 262 -7.48 18.56 16.81
N ILE B 263 -6.26 18.25 16.36
CA ILE B 263 -5.20 17.85 17.25
C ILE B 263 -5.01 18.90 18.31
N ASN B 264 -4.95 20.14 17.88
CA ASN B 264 -4.76 21.23 18.85
C ASN B 264 -5.89 21.40 19.86
N ALA B 265 -7.13 21.18 19.44
CA ALA B 265 -8.26 21.26 20.35
C ALA B 265 -8.19 20.15 21.42
N ALA B 266 -7.61 19.00 21.08
CA ALA B 266 -7.49 17.93 22.05
C ALA B 266 -6.56 18.36 23.19
N VAL B 267 -5.47 19.02 22.82
CA VAL B 267 -4.54 19.49 23.82
C VAL B 267 -5.20 20.46 24.75
N ASP B 268 -5.97 21.41 24.20
CA ASP B 268 -6.62 22.39 25.06
C ASP B 268 -7.69 21.71 25.93
N GLN B 269 -8.41 20.74 25.34
CA GLN B 269 -9.38 19.95 26.13
C GLN B 269 -8.73 19.10 27.26
N GLY B 270 -7.44 18.87 27.19
CA GLY B 270 -6.79 18.03 28.20
C GLY B 270 -6.34 16.65 27.77
N LEU B 271 -6.48 16.31 26.50
CA LEU B 271 -6.05 14.99 26.04
C LEU B 271 -4.57 14.97 25.69
N HIS B 272 -3.99 13.79 25.86
CA HIS B 272 -2.70 13.49 25.28
C HIS B 272 -2.92 13.11 23.81
N LEU B 273 -1.82 12.92 23.09
CA LEU B 273 -1.86 12.60 21.67
C LEU B 273 -1.18 11.27 21.39
N LEU B 274 -1.84 10.41 20.67
CA LEU B 274 -1.25 9.16 20.23
C LEU B 274 -1.39 9.14 18.72
N PHE B 275 -0.27 9.26 18.01
CA PHE B 275 -0.32 9.27 16.56
C PHE B 275 -0.24 7.84 16.01
N THR B 276 -1.34 7.38 15.42
CA THR B 276 -1.31 6.09 14.74
C THR B 276 -0.40 6.15 13.53
N PRO B 277 0.06 4.98 13.03
CA PRO B 277 1.01 5.03 11.91
C PRO B 277 0.40 5.57 10.66
N GLY B 278 1.02 6.63 10.16
CA GLY B 278 0.51 7.32 9.01
C GLY B 278 1.28 8.61 8.76
N VAL B 279 0.82 9.34 7.74
CA VAL B 279 1.43 10.58 7.29
C VAL B 279 0.36 11.65 7.43
N TYR B 280 0.68 12.69 8.18
CA TYR B 280 -0.25 13.74 8.58
C TYR B 280 0.20 15.12 8.09
N HIS B 281 -0.55 15.67 7.14
CA HIS B 281 -0.22 17.01 6.67
C HIS B 281 -0.96 18.00 7.59
N VAL B 282 -0.28 19.06 8.02
CA VAL B 282 -0.94 20.09 8.78
C VAL B 282 -0.76 21.45 8.09
N ASP B 283 -1.81 22.28 8.23
CA ASP B 283 -1.85 23.66 7.74
C ASP B 283 -1.47 24.70 8.80
N GLN B 284 -1.06 24.22 9.97
CA GLN B 284 -0.63 25.05 11.08
C GLN B 284 0.14 24.19 12.07
N PRO B 285 0.94 24.84 12.91
CA PRO B 285 1.69 24.08 13.89
C PRO B 285 0.80 23.31 14.86
N ILE B 286 1.19 22.08 15.14
CA ILE B 286 0.67 21.38 16.27
C ILE B 286 1.27 22.09 17.45
N GLU B 287 0.38 22.50 18.36
CA GLU B 287 0.76 23.34 19.48
C GLU B 287 0.48 22.62 20.79
N ILE B 288 1.52 22.45 21.59
CA ILE B 288 1.37 21.82 22.89
C ILE B 288 1.76 22.82 24.00
N ASP B 289 0.74 23.43 24.60
CA ASP B 289 0.89 24.43 25.66
C ASP B 289 0.27 23.98 26.96
N ARG B 290 0.53 22.72 27.33
CA ARG B 290 -0.11 22.10 28.46
C ARG B 290 0.90 21.17 29.15
N ALA B 291 1.17 21.43 30.43
CA ALA B 291 2.18 20.68 31.12
C ALA B 291 1.87 19.17 31.12
N ASN B 292 2.91 18.37 31.10
CA ASN B 292 2.78 16.89 31.20
C ASN B 292 2.14 16.19 29.99
N THR B 293 1.93 16.91 28.90
CA THR B 293 1.37 16.31 27.70
C THR B 293 2.35 15.35 27.07
N VAL B 294 1.86 14.14 26.83
CA VAL B 294 2.57 13.13 26.03
C VAL B 294 2.09 13.16 24.56
N ALA B 295 3.04 13.18 23.63
CA ALA B 295 2.75 13.09 22.21
C ALA B 295 3.56 11.96 21.65
N LEU B 296 2.92 10.81 21.59
CA LEU B 296 3.61 9.55 21.27
C LEU B 296 3.20 9.05 19.88
N GLY B 297 4.18 8.90 18.99
CA GLY B 297 3.96 8.29 17.68
C GLY B 297 4.18 6.78 17.65
N LEU B 298 3.35 6.12 16.85
CA LEU B 298 3.43 4.71 16.58
C LEU B 298 3.90 4.49 15.13
N GLY B 299 4.74 3.48 14.89
CA GLY B 299 5.05 3.07 13.55
C GLY B 299 5.57 4.20 12.64
N LEU B 300 6.46 5.04 13.17
CA LEU B 300 7.15 6.05 12.34
C LEU B 300 6.12 7.07 11.79
N ALA B 301 5.07 7.31 12.58
CA ALA B 301 4.12 8.39 12.34
C ALA B 301 4.84 9.67 11.95
N THR B 302 4.34 10.31 10.90
CA THR B 302 5.06 11.42 10.27
C THR B 302 4.16 12.64 10.13
N ILE B 303 4.70 13.84 10.46
CA ILE B 303 4.00 15.11 10.30
C ILE B 303 4.70 15.87 9.18
N ILE B 304 3.94 16.33 8.20
CA ILE B 304 4.44 17.21 7.16
C ILE B 304 3.72 18.55 7.26
N PRO B 305 4.45 19.62 7.58
CA PRO B 305 3.78 20.92 7.53
C PRO B 305 3.71 21.50 6.11
N ASP B 306 2.51 21.90 5.71
CA ASP B 306 2.26 22.52 4.42
C ASP B 306 2.41 24.01 4.54
N ASN B 307 2.56 24.68 3.39
CA ASN B 307 2.45 26.14 3.30
C ASN B 307 3.49 26.89 4.15
N GLY B 308 4.62 26.25 4.42
CA GLY B 308 5.72 26.86 5.14
C GLY B 308 5.56 27.00 6.63
N VAL B 309 4.55 26.35 7.20
CA VAL B 309 4.36 26.48 8.64
C VAL B 309 5.35 25.61 9.43
N THR B 310 5.47 25.93 10.71
CA THR B 310 6.20 25.08 11.65
C THR B 310 5.34 23.86 11.98
N ALA B 311 5.96 22.69 12.13
CA ALA B 311 5.22 21.47 12.45
C ALA B 311 4.76 21.39 13.91
N LEU B 312 5.67 21.68 14.82
CA LEU B 312 5.41 21.43 16.22
C LEU B 312 6.01 22.58 17.01
N LYS B 313 5.16 23.25 17.80
CA LYS B 313 5.59 24.34 18.71
C LYS B 313 5.14 23.99 20.09
N VAL B 314 6.09 23.77 20.98
CA VAL B 314 5.78 23.42 22.34
C VAL B 314 5.93 24.67 23.17
N GLY B 315 4.94 24.91 24.03
CA GLY B 315 4.95 26.08 24.88
C GLY B 315 5.86 25.97 26.09
N ASP B 316 5.81 27.01 26.93
CA ASP B 316 6.70 27.17 28.08
C ASP B 316 6.10 26.48 29.32
N VAL B 317 6.16 25.15 29.29
CA VAL B 317 5.57 24.32 30.31
C VAL B 317 6.50 23.14 30.63
N ASP B 318 6.26 22.58 31.80
CA ASP B 318 6.96 21.43 32.33
C ASP B 318 6.50 20.13 31.64
N GLY B 319 7.39 19.14 31.49
CA GLY B 319 6.98 17.76 31.36
C GLY B 319 6.38 17.26 30.06
N VAL B 320 6.54 18.00 28.99
CA VAL B 320 6.02 17.57 27.72
C VAL B 320 6.94 16.49 27.18
N LYS B 321 6.36 15.42 26.68
CA LYS B 321 7.12 14.28 26.17
C LYS B 321 6.73 14.00 24.72
N VAL B 322 7.64 14.33 23.83
CA VAL B 322 7.44 14.13 22.40
C VAL B 322 8.24 12.89 22.07
N ALA B 323 7.58 11.92 21.45
CA ALA B 323 8.21 10.61 21.30
C ALA B 323 7.82 9.93 20.00
N GLY B 324 8.82 9.50 19.25
CA GLY B 324 8.60 8.64 18.11
C GLY B 324 7.85 9.24 16.94
N LEU B 325 8.25 10.44 16.53
CA LEU B 325 7.71 11.14 15.35
C LEU B 325 8.77 11.43 14.33
N LEU B 326 8.42 11.32 13.05
CA LEU B 326 9.24 11.84 11.96
C LEU B 326 8.56 13.15 11.50
N VAL B 327 9.33 14.21 11.39
CA VAL B 327 8.82 15.47 10.84
C VAL B 327 9.54 15.67 9.51
N ASP B 328 8.76 15.70 8.42
CA ASP B 328 9.30 15.67 7.05
C ASP B 328 8.94 17.02 6.41
N ALA B 329 9.95 17.79 6.02
CA ALA B 329 9.68 19.11 5.42
C ALA B 329 8.82 19.03 4.16
N GLY B 330 7.96 20.04 3.97
CA GLY B 330 7.24 20.22 2.72
C GLY B 330 8.08 21.00 1.73
N PRO B 331 7.66 21.03 0.46
CA PRO B 331 8.51 21.73 -0.51
C PRO B 331 8.55 23.24 -0.30
N VAL B 332 7.52 23.78 0.32
CA VAL B 332 7.57 25.22 0.69
C VAL B 332 8.41 25.39 1.95
N ASN B 333 9.39 26.27 1.85
CA ASN B 333 10.30 26.50 2.99
C ASN B 333 9.61 26.84 4.28
N SER B 334 9.91 26.07 5.33
CA SER B 334 9.50 26.41 6.68
C SER B 334 10.65 27.09 7.42
N GLU B 335 10.34 28.19 8.10
CA GLU B 335 11.34 28.91 8.87
C GLU B 335 11.92 28.05 10.00
N THR B 336 11.05 27.29 10.63
CA THR B 336 11.46 26.26 11.59
C THR B 336 10.54 25.07 11.44
N LEU B 337 11.04 23.85 11.76
CA LEU B 337 10.18 22.69 11.74
C LEU B 337 9.63 22.30 13.14
N VAL B 338 10.45 22.47 14.17
CA VAL B 338 10.09 22.12 15.56
C VAL B 338 10.65 23.20 16.48
N GLU B 339 9.78 23.80 17.30
CA GLU B 339 10.24 24.77 18.30
C GLU B 339 9.89 24.28 19.68
N VAL B 340 10.88 24.19 20.57
CA VAL B 340 10.63 23.79 21.95
C VAL B 340 10.81 25.00 22.82
N GLY B 341 9.69 25.59 23.21
CA GLY B 341 9.65 26.82 23.99
C GLY B 341 9.70 28.06 23.13
N SER B 342 9.44 29.21 23.76
CA SER B 342 9.53 30.49 23.06
C SER B 342 10.85 31.28 23.20
N ASP B 343 11.08 32.20 22.23
CA ASP B 343 12.36 32.91 22.18
C ASP B 343 12.56 33.91 23.33
N GLY B 344 13.66 33.66 24.05
CA GLY B 344 13.88 34.21 25.38
C GLY B 344 13.12 33.50 26.53
N ALA B 345 12.63 32.27 26.31
CA ALA B 345 12.03 31.47 27.40
C ALA B 345 12.92 31.33 28.66
N SER B 346 12.67 32.11 29.72
CA SER B 346 13.59 32.13 30.84
C SER B 346 13.20 31.29 32.06
N GLY B 347 12.11 30.57 31.97
CA GLY B 347 11.69 29.76 33.09
C GLY B 347 12.53 28.54 33.18
N ASP B 348 12.52 27.87 34.34
CA ASP B 348 13.29 26.68 34.55
C ASP B 348 12.35 25.48 34.72
N HIS B 349 12.81 24.29 34.30
CA HIS B 349 11.96 23.09 34.21
C HIS B 349 12.73 21.87 34.81
N ALA B 350 13.54 22.12 35.86
CA ALA B 350 14.54 21.14 36.29
C ALA B 350 13.92 19.85 36.83
N ALA B 351 12.88 19.99 37.65
CA ALA B 351 12.28 18.84 38.31
C ALA B 351 11.58 17.95 37.27
N ASN B 352 11.08 18.56 36.19
CA ASN B 352 10.21 17.89 35.24
C ASN B 352 10.35 18.52 33.84
N PRO B 353 11.47 18.21 33.17
CA PRO B 353 11.75 18.83 31.88
C PRO B 353 10.86 18.32 30.75
N THR B 354 10.92 19.04 29.63
CA THR B 354 10.37 18.57 28.35
C THR B 354 11.44 17.78 27.65
N SER B 355 11.01 16.74 26.95
CA SER B 355 11.93 15.93 26.15
C SER B 355 11.45 15.66 24.72
N LEU B 356 12.44 15.45 23.87
CA LEU B 356 12.26 14.99 22.52
C LEU B 356 13.04 13.67 22.41
N GLN B 357 12.31 12.59 22.18
CA GLN B 357 12.90 11.25 22.06
C GLN B 357 12.45 10.55 20.80
N ASP B 358 13.42 10.00 20.06
CA ASP B 358 13.12 9.39 18.78
C ASP B 358 12.31 10.36 17.90
N VAL B 359 12.76 11.61 17.88
CA VAL B 359 12.25 12.61 16.92
C VAL B 359 13.25 12.67 15.80
N PHE B 360 12.76 12.42 14.60
CA PHE B 360 13.60 12.43 13.43
C PHE B 360 13.09 13.48 12.48
N VAL B 361 13.99 14.20 11.84
CA VAL B 361 13.61 15.27 10.93
C VAL B 361 14.25 14.98 9.59
N ARG B 362 13.46 15.10 8.52
CA ARG B 362 13.95 14.86 7.16
C ARG B 362 13.66 16.09 6.32
N ILE B 363 14.65 16.56 5.58
CA ILE B 363 14.46 17.61 4.60
C ILE B 363 14.82 17.09 3.21
N GLY B 364 13.80 16.85 2.38
CA GLY B 364 14.02 16.27 1.06
C GLY B 364 14.13 14.76 1.06
N GLY B 365 14.29 14.18 -0.12
CA GLY B 365 14.50 12.74 -0.22
C GLY B 365 13.25 12.01 -0.70
N ALA B 366 12.11 12.41 -0.14
CA ALA B 366 10.81 11.90 -0.59
C ALA B 366 10.06 12.98 -1.36
N GLY B 367 10.84 13.68 -2.17
CA GLY B 367 10.35 14.82 -2.93
C GLY B 367 11.02 16.05 -2.34
N PRO B 368 11.03 17.17 -3.08
CA PRO B 368 11.77 18.29 -2.53
C PRO B 368 11.15 18.82 -1.23
N GLY B 369 12.03 19.26 -0.35
CA GLY B 369 11.65 19.80 0.93
C GLY B 369 12.69 20.85 1.32
N LYS B 370 12.25 21.88 2.04
CA LYS B 370 13.14 22.93 2.56
C LYS B 370 12.74 23.46 3.93
N ALA B 371 13.73 23.80 4.74
CA ALA B 371 13.52 24.52 5.99
C ALA B 371 14.77 25.26 6.39
N THR B 372 14.60 26.41 7.02
CA THR B 372 15.74 27.24 7.37
C THR B 372 16.45 26.68 8.62
N THR B 373 15.70 26.55 9.72
CA THR B 373 16.15 25.76 10.88
C THR B 373 15.24 24.57 11.01
N SER B 374 15.76 23.46 11.52
CA SER B 374 14.91 22.30 11.73
C SER B 374 14.38 22.21 13.16
N ILE B 375 15.28 22.16 14.12
CA ILE B 375 14.86 22.18 15.54
C ILE B 375 15.49 23.34 16.29
N VAL B 376 14.63 24.16 16.91
CA VAL B 376 15.11 25.21 17.78
C VAL B 376 14.66 24.92 19.19
N VAL B 377 15.63 24.84 20.07
CA VAL B 377 15.40 24.52 21.47
C VAL B 377 15.62 25.72 22.33
N ASN B 378 14.51 26.27 22.83
CA ASN B 378 14.50 27.48 23.66
C ASN B 378 14.40 27.19 25.15
N SER B 379 13.59 26.21 25.52
CA SER B 379 13.29 26.00 26.93
C SER B 379 14.41 25.31 27.73
N ASN B 380 14.70 25.90 28.89
CA ASN B 380 15.73 25.41 29.78
C ASN B 380 15.42 23.99 30.25
N ASP B 381 16.49 23.23 30.45
CA ASP B 381 16.44 21.89 31.04
C ASP B 381 15.94 20.80 30.08
N THR B 382 15.67 21.18 28.85
CA THR B 382 15.21 20.22 27.82
C THR B 382 16.18 19.08 27.59
N ILE B 383 15.61 17.91 27.37
CA ILE B 383 16.39 16.70 27.09
C ILE B 383 16.09 16.23 25.66
N ILE B 384 17.15 16.08 24.85
CA ILE B 384 17.03 15.59 23.49
C ILE B 384 17.72 14.23 23.55
N ASP B 385 16.91 13.17 23.54
CA ASP B 385 17.42 11.82 23.75
C ASP B 385 17.10 10.97 22.52
N HIS B 386 18.07 10.94 21.62
CA HIS B 386 17.98 10.33 20.29
C HIS B 386 17.23 11.16 19.28
N THR B 387 17.98 11.92 18.51
CA THR B 387 17.43 12.53 17.28
C THR B 387 18.34 12.32 16.09
N TRP B 388 17.72 12.24 14.92
CA TRP B 388 18.41 12.34 13.63
C TRP B 388 17.74 13.45 12.86
N VAL B 389 18.54 14.47 12.55
CA VAL B 389 18.09 15.68 11.88
C VAL B 389 18.91 15.67 10.59
N TRP B 390 18.22 15.36 9.49
CA TRP B 390 18.87 14.88 8.27
C TRP B 390 18.39 15.66 7.05
N ARG B 391 19.30 16.40 6.47
CA ARG B 391 19.07 17.00 5.16
C ARG B 391 19.42 15.92 4.16
N ALA B 392 18.45 15.45 3.38
CA ALA B 392 18.69 14.27 2.58
C ALA B 392 19.90 14.40 1.64
N ASP B 393 20.78 13.38 1.61
CA ASP B 393 21.85 13.33 0.61
C ASP B 393 21.54 12.45 -0.63
N HIS B 394 20.38 11.80 -0.66
CA HIS B 394 19.97 10.94 -1.79
C HIS B 394 18.47 10.84 -1.82
N GLY B 395 17.92 10.22 -2.86
CA GLY B 395 16.47 10.25 -3.10
C GLY B 395 16.03 11.30 -4.10
N GLU B 396 14.74 11.62 -4.12
CA GLU B 396 14.18 12.59 -5.07
C GLU B 396 14.14 14.00 -4.45
N GLY B 397 14.42 14.98 -5.32
CA GLY B 397 14.45 16.38 -4.96
C GLY B 397 15.52 16.79 -3.97
N VAL B 398 16.72 16.25 -4.16
CA VAL B 398 17.90 16.63 -3.38
C VAL B 398 18.87 17.36 -4.30
N GLY B 399 19.53 18.37 -3.72
CA GLY B 399 20.28 19.37 -4.46
C GLY B 399 20.58 20.60 -3.61
N TRP B 400 21.73 21.20 -3.90
CA TRP B 400 22.30 22.27 -3.08
C TRP B 400 21.28 23.34 -2.82
N GLU B 401 20.47 23.64 -3.83
CA GLU B 401 19.34 24.54 -3.66
C GLU B 401 17.98 23.87 -3.50
N THR B 402 17.72 22.83 -4.29
CA THR B 402 16.40 22.17 -4.29
C THR B 402 15.96 21.76 -2.86
N ASN B 403 16.83 21.11 -2.08
CA ASN B 403 16.52 20.83 -0.69
C ASN B 403 17.46 21.54 0.28
N ARG B 404 17.73 22.80 -0.01
CA ARG B 404 18.55 23.59 0.89
C ARG B 404 17.95 23.61 2.29
N ALA B 405 18.84 23.48 3.26
CA ALA B 405 18.47 23.63 4.65
C ALA B 405 19.68 24.14 5.37
N ASP B 406 19.67 25.40 5.81
CA ASP B 406 20.93 25.96 6.30
C ASP B 406 21.35 25.44 7.65
N TYR B 407 20.37 25.30 8.54
CA TYR B 407 20.65 25.00 9.94
C TYR B 407 19.88 23.81 10.48
N GLY B 408 20.55 22.96 11.24
CA GLY B 408 19.93 21.75 11.75
C GLY B 408 19.28 22.00 13.08
N VAL B 409 20.10 22.02 14.11
CA VAL B 409 19.62 22.22 15.48
C VAL B 409 20.25 23.47 16.03
N HIS B 410 19.44 24.31 16.68
CA HIS B 410 19.98 25.47 17.42
C HIS B 410 19.44 25.43 18.85
N VAL B 411 20.36 25.27 19.79
CA VAL B 411 20.01 25.22 21.21
C VAL B 411 20.28 26.57 21.84
N LYS B 412 19.21 27.20 22.29
CA LYS B 412 19.26 28.53 22.93
C LYS B 412 18.89 28.46 24.41
N GLY B 413 18.32 27.35 24.86
CA GLY B 413 17.97 27.15 26.27
C GLY B 413 19.19 26.79 27.10
N ASP B 414 19.05 26.89 28.44
CA ASP B 414 20.10 26.58 29.35
C ASP B 414 19.94 25.20 29.94
N ASN B 415 21.07 24.62 30.27
CA ASN B 415 21.13 23.33 30.93
C ASN B 415 20.41 22.24 30.09
N VAL B 416 20.51 22.40 28.78
CA VAL B 416 19.98 21.40 27.82
C VAL B 416 20.95 20.24 27.66
N LEU B 417 20.40 19.03 27.60
CA LEU B 417 21.20 17.80 27.49
C LEU B 417 20.79 17.11 26.21
N ALA B 418 21.77 16.80 25.37
CA ALA B 418 21.57 15.92 24.24
C ALA B 418 22.33 14.61 24.46
N THR B 419 21.61 13.50 24.32
CA THR B 419 22.24 12.18 24.32
C THR B 419 21.91 11.52 22.97
N GLY B 420 22.93 11.09 22.24
CA GLY B 420 22.69 10.47 20.94
C GLY B 420 22.14 11.46 19.95
N LEU B 421 22.98 12.43 19.63
CA LEU B 421 22.66 13.50 18.68
C LEU B 421 23.26 13.16 17.31
N PHE B 422 22.41 12.96 16.29
CA PHE B 422 22.84 12.68 14.92
C PHE B 422 22.30 13.81 14.00
N VAL B 423 23.17 14.59 13.38
CA VAL B 423 22.73 15.71 12.56
C VAL B 423 23.60 15.82 11.31
N GLU B 424 23.00 15.80 10.13
CA GLU B 424 23.82 15.69 8.91
C GLU B 424 23.36 16.51 7.71
N HIS B 425 24.36 17.04 7.02
CA HIS B 425 24.31 17.56 5.66
C HIS B 425 23.75 18.97 5.47
N PHE B 426 23.66 19.77 6.54
CA PHE B 426 23.12 21.12 6.42
C PHE B 426 24.04 22.05 5.60
N ASN B 427 23.44 23.02 4.89
CA ASN B 427 24.24 23.97 4.10
C ASN B 427 25.12 24.90 4.91
N LYS B 428 24.76 25.10 6.18
CA LYS B 428 25.51 25.94 7.11
C LYS B 428 25.78 25.12 8.40
N TYR B 429 25.67 25.69 9.60
CA TYR B 429 25.97 24.93 10.81
C TYR B 429 24.97 23.84 11.09
N ASP B 430 25.42 22.62 11.28
CA ASP B 430 24.48 21.52 11.53
C ASP B 430 23.91 21.73 12.92
N VAL B 431 24.79 22.02 13.86
CA VAL B 431 24.42 22.32 15.23
C VAL B 431 25.08 23.59 15.71
N GLN B 432 24.23 24.44 16.30
CA GLN B 432 24.68 25.65 16.94
C GLN B 432 24.14 25.72 18.36
N TRP B 433 25.02 26.04 19.28
CA TRP B 433 24.66 26.08 20.70
C TRP B 433 25.03 27.45 21.25
N SER B 434 23.98 28.13 21.72
CA SER B 434 24.03 29.49 22.26
C SER B 434 23.70 29.56 23.75
N GLY B 435 22.98 28.57 24.28
CA GLY B 435 22.65 28.55 25.70
C GLY B 435 23.81 28.12 26.59
N GLU B 436 23.64 28.26 27.90
CA GLU B 436 24.65 27.98 28.91
C GLU B 436 24.54 26.54 29.41
N ASN B 437 25.69 26.00 29.83
CA ASN B 437 25.72 24.69 30.48
C ASN B 437 25.10 23.58 29.66
N GLY B 438 25.22 23.67 28.35
CA GLY B 438 24.84 22.54 27.52
C GLY B 438 25.81 21.34 27.67
N LYS B 439 25.25 20.16 27.48
CA LYS B 439 26.02 18.91 27.44
C LYS B 439 25.55 18.07 26.26
N THR B 440 26.50 17.54 25.49
CA THR B 440 26.22 16.54 24.45
C THR B 440 27.03 15.26 24.74
N ILE B 441 26.33 14.16 24.85
CA ILE B 441 26.95 12.84 24.95
C ILE B 441 26.61 12.07 23.66
N PHE B 442 27.67 11.87 22.88
CA PHE B 442 27.63 11.30 21.51
C PHE B 442 27.04 12.23 20.46
N TYR B 443 27.87 12.53 19.45
CA TYR B 443 27.47 13.30 18.24
C TYR B 443 28.05 12.61 17.00
N GLN B 444 27.17 12.38 16.02
CA GLN B 444 27.57 11.96 14.67
C GLN B 444 27.08 12.97 13.66
N ASN B 445 28.02 13.50 12.90
CA ASN B 445 27.72 14.40 11.77
C ASN B 445 28.40 13.93 10.50
N ALA B 446 27.73 14.16 9.38
CA ALA B 446 28.37 14.22 8.06
C ALA B 446 28.01 15.56 7.44
N LYS B 447 29.00 16.18 6.82
CA LYS B 447 28.83 17.45 6.16
C LYS B 447 28.10 17.29 4.82
N ALA B 448 27.55 18.40 4.32
CA ALA B 448 26.91 18.39 3.01
C ALA B 448 27.80 17.75 1.94
N TYR B 449 27.27 16.75 1.22
CA TYR B 449 28.03 15.97 0.23
C TYR B 449 27.96 16.63 -1.17
N ASP B 450 27.28 17.79 -1.27
CA ASP B 450 26.97 18.44 -2.56
C ASP B 450 27.30 19.95 -2.71
N ALA B 451 28.05 20.54 -1.79
CA ALA B 451 28.51 21.91 -1.98
C ALA B 451 29.23 22.07 -3.32
N PRO B 452 28.79 23.02 -4.16
CA PRO B 452 29.41 23.02 -5.50
C PRO B 452 30.90 23.37 -5.57
N ASP B 453 31.36 24.18 -4.61
CA ASP B 453 32.76 24.27 -4.30
C ASP B 453 33.04 25.13 -3.06
N GLN B 454 34.12 25.90 -3.06
CA GLN B 454 34.61 26.49 -1.83
C GLN B 454 33.84 27.78 -1.47
N ALA B 455 33.64 28.62 -2.48
CA ALA B 455 32.92 29.88 -2.38
C ALA B 455 31.58 29.64 -1.71
N ALA B 456 30.96 28.53 -2.05
CA ALA B 456 29.57 28.24 -1.66
C ALA B 456 29.42 27.95 -0.16
N ILE B 457 30.52 27.57 0.52
CA ILE B 457 30.49 27.35 1.98
C ILE B 457 31.39 28.35 2.75
N GLN B 458 31.80 29.41 2.08
CA GLN B 458 32.68 30.38 2.73
C GLN B 458 31.91 31.12 3.81
N ASN B 459 32.25 30.79 5.06
CA ASN B 459 31.68 31.31 6.31
C ASN B 459 32.55 32.51 6.72
N GLY B 460 32.26 33.65 6.07
CA GLY B 460 33.10 34.82 6.19
C GLY B 460 34.54 34.52 5.83
N ASP B 461 35.41 34.54 6.84
CA ASP B 461 36.77 34.11 6.63
C ASP B 461 37.09 32.66 7.03
N ILE B 462 36.09 31.92 7.51
CA ILE B 462 36.26 30.48 7.76
C ILE B 462 35.84 29.67 6.52
N LYS B 463 36.63 28.65 6.19
CA LYS B 463 36.29 27.73 5.12
C LYS B 463 35.30 26.69 5.66
N GLY B 464 34.07 26.83 5.25
CA GLY B 464 33.00 25.95 5.67
C GLY B 464 32.43 26.39 7.01
N TYR B 465 31.34 25.75 7.39
CA TYR B 465 30.69 25.98 8.69
C TYR B 465 30.88 24.75 9.56
N ALA B 466 31.25 24.92 10.82
CA ALA B 466 31.44 23.74 11.67
C ALA B 466 30.17 22.89 11.78
N ALA B 467 30.36 21.60 11.99
CA ALA B 467 29.26 20.70 12.30
C ALA B 467 28.65 21.01 13.66
N TYR B 468 29.44 21.56 14.55
CA TYR B 468 29.02 21.79 15.92
C TYR B 468 29.75 23.00 16.44
N LYS B 469 28.97 24.06 16.66
CA LYS B 469 29.46 25.37 16.99
C LYS B 469 28.94 25.77 18.36
N VAL B 470 29.86 26.04 19.29
CA VAL B 470 29.53 26.67 20.57
C VAL B 470 29.84 28.15 20.39
N ASP B 471 28.83 28.95 20.60
CA ASP B 471 28.96 30.38 20.44
C ASP B 471 30.11 30.99 21.32
N ASP B 472 30.83 31.99 20.80
CA ASP B 472 32.06 32.53 21.46
C ASP B 472 31.71 33.09 22.81
N SER B 473 30.45 33.50 23.01
CA SER B 473 30.09 34.05 24.31
C SER B 473 29.53 33.08 25.33
N VAL B 474 29.55 31.80 25.03
CA VAL B 474 29.12 30.84 26.04
C VAL B 474 30.25 30.65 27.07
N THR B 475 29.89 30.54 28.35
CA THR B 475 30.92 30.27 29.38
C THR B 475 31.11 28.79 29.78
N THR B 476 30.01 28.04 29.71
CA THR B 476 30.01 26.65 30.16
C THR B 476 29.40 25.75 29.08
N HIS B 477 30.11 24.66 28.76
CA HIS B 477 29.61 23.65 27.79
C HIS B 477 30.50 22.41 27.87
N GLU B 478 29.94 21.24 27.61
CA GLU B 478 30.77 20.02 27.64
C GLU B 478 30.22 19.00 26.66
N GLY B 479 31.09 18.37 25.89
CA GLY B 479 30.67 17.41 24.90
C GLY B 479 31.62 16.20 24.93
N TRP B 480 31.05 15.01 24.71
CA TRP B 480 31.83 13.76 24.77
C TRP B 480 31.54 12.90 23.54
N GLY B 481 32.59 12.44 22.87
CA GLY B 481 32.42 11.44 21.83
C GLY B 481 31.72 11.94 20.58
N MET B 482 32.41 12.83 19.86
CA MET B 482 31.79 13.53 18.76
C MET B 482 32.60 13.40 17.48
N GLY B 483 31.94 13.05 16.39
CA GLY B 483 32.62 12.97 15.09
C GLY B 483 31.93 13.77 14.00
N SER B 484 32.72 14.29 13.06
CA SER B 484 32.20 14.91 11.84
C SER B 484 32.91 14.31 10.62
N TYR B 485 32.15 13.85 9.63
CA TYR B 485 32.74 13.23 8.43
C TYR B 485 32.42 14.06 7.20
N CYS B 486 33.35 14.06 6.23
CA CYS B 486 33.12 14.75 4.96
C CYS B 486 33.23 13.83 3.75
N TYR B 487 32.48 14.18 2.73
CA TYR B 487 32.44 13.46 1.45
C TYR B 487 31.89 14.43 0.42
N PHE B 488 32.81 15.26 -0.05
CA PHE B 488 32.53 16.34 -0.98
C PHE B 488 32.72 15.76 -2.38
N ASN B 489 31.69 15.03 -2.79
CA ASN B 489 31.82 14.13 -3.94
C ASN B 489 31.31 14.82 -5.17
N VAL B 490 30.88 16.07 -5.03
CA VAL B 490 30.62 16.92 -6.17
C VAL B 490 31.91 17.61 -6.53
N ASN B 491 32.63 18.03 -5.49
CA ASN B 491 33.89 18.75 -5.69
C ASN B 491 34.86 18.42 -4.57
N PRO B 492 35.62 17.34 -4.79
CA PRO B 492 36.50 16.88 -3.72
C PRO B 492 37.76 17.70 -3.53
N ASP B 493 37.90 18.85 -4.18
CA ASP B 493 38.99 19.79 -3.85
C ASP B 493 38.67 20.71 -2.67
N ILE B 494 37.42 20.65 -2.20
CA ILE B 494 36.99 21.44 -1.08
C ILE B 494 37.76 21.14 0.20
N ARG B 495 37.90 22.19 1.00
CA ARG B 495 38.45 22.11 2.33
C ARG B 495 37.41 22.59 3.37
N GLN B 496 37.29 21.81 4.45
CA GLN B 496 36.48 22.11 5.59
C GLN B 496 37.47 22.47 6.72
N GLN B 497 37.39 23.69 7.24
CA GLN B 497 38.41 24.11 8.22
C GLN B 497 38.40 23.26 9.46
N HIS B 498 37.20 22.92 9.94
CA HIS B 498 37.08 22.16 11.18
C HIS B 498 35.71 21.52 11.32
N GLY B 499 35.63 20.51 12.20
CA GLY B 499 34.37 19.89 12.52
C GLY B 499 33.63 20.65 13.59
N PHE B 500 34.40 21.25 14.49
CA PHE B 500 33.93 21.82 15.74
C PHE B 500 34.52 23.19 15.94
N GLN B 501 33.77 24.07 16.57
CA GLN B 501 34.13 25.44 16.78
C GLN B 501 33.61 25.92 18.15
N ALA B 502 34.50 26.49 18.96
CA ALA B 502 34.17 26.84 20.32
C ALA B 502 35.13 27.84 20.92
N PRO B 503 34.65 28.62 21.90
CA PRO B 503 35.58 29.48 22.63
C PRO B 503 36.45 28.72 23.62
N VAL B 504 37.66 29.26 23.84
CA VAL B 504 38.61 28.67 24.78
C VAL B 504 38.40 29.36 26.17
N LYS B 505 37.88 28.60 27.14
CA LYS B 505 37.41 29.09 28.44
C LYS B 505 37.45 27.90 29.39
N PRO B 506 37.68 28.15 30.71
CA PRO B 506 37.78 27.01 31.65
C PRO B 506 36.57 26.10 31.64
N GLY B 507 35.38 26.65 31.44
CA GLY B 507 34.16 25.88 31.58
C GLY B 507 33.67 25.30 30.26
N VAL B 508 34.41 25.49 29.17
CA VAL B 508 34.07 24.85 27.86
C VAL B 508 35.08 23.72 27.60
N LYS B 509 34.59 22.49 27.69
CA LYS B 509 35.44 21.31 27.60
C LYS B 509 34.87 20.35 26.56
N PHE B 510 35.75 19.76 25.75
CA PHE B 510 35.36 18.63 24.91
C PHE B 510 36.27 17.43 25.16
N HIS B 511 35.71 16.26 24.90
CA HIS B 511 36.35 14.98 25.14
C HIS B 511 36.13 14.07 23.94
N ASP B 512 37.21 13.59 23.29
CA ASP B 512 37.14 12.51 22.31
C ASP B 512 36.45 12.97 21.03
N LEU B 513 37.14 13.89 20.36
CA LEU B 513 36.67 14.49 19.11
C LEU B 513 37.42 13.89 17.91
N LEU B 514 36.71 13.73 16.78
CA LEU B 514 37.36 13.28 15.56
C LEU B 514 36.73 13.89 14.33
N VAL B 515 37.55 14.02 13.29
CA VAL B 515 37.01 14.24 11.97
C VAL B 515 37.56 13.24 10.98
N VAL B 516 36.80 12.98 9.91
CA VAL B 516 37.16 11.92 8.98
C VAL B 516 36.80 12.33 7.55
N SER B 517 37.75 12.22 6.61
CA SER B 517 37.44 12.34 5.19
C SER B 517 37.11 10.96 4.65
N LEU B 518 35.94 10.81 4.05
CA LEU B 518 35.56 9.55 3.42
C LEU B 518 36.23 9.33 2.02
N GLY B 519 37.33 8.59 1.93
CA GLY B 519 37.92 8.30 0.64
C GLY B 519 38.54 9.51 -0.04
N GLY B 520 39.04 10.46 0.75
CA GLY B 520 39.72 11.63 0.21
C GLY B 520 38.86 12.62 -0.54
N LYS B 521 37.54 12.50 -0.36
CA LYS B 521 36.62 13.42 -0.98
C LYS B 521 36.52 14.67 -0.13
N GLY B 522 37.38 15.62 -0.46
CA GLY B 522 37.60 16.76 0.40
C GLY B 522 38.50 16.36 1.55
N GLN B 523 38.88 17.36 2.36
CA GLN B 523 39.66 17.13 3.56
C GLN B 523 39.34 18.21 4.60
N TYR B 524 39.54 17.83 5.85
CA TYR B 524 39.49 18.77 6.98
C TYR B 524 40.85 19.43 7.18
N GLU B 525 40.92 20.71 7.54
CA GLU B 525 42.18 21.38 7.87
C GLU B 525 42.61 21.14 9.33
N HIS B 526 41.62 21.04 10.20
CA HIS B 526 41.83 20.77 11.63
C HIS B 526 40.59 20.07 12.19
N VAL B 527 40.67 19.74 13.48
CA VAL B 527 39.55 19.11 14.16
C VAL B 527 38.59 20.12 14.78
N ILE B 528 39.13 20.98 15.65
CA ILE B 528 38.34 21.99 16.37
C ILE B 528 39.05 23.35 16.38
N ASN B 529 38.36 24.41 15.93
CA ASN B 529 39.02 25.70 15.71
C ASN B 529 40.23 25.43 14.79
N ASP B 530 41.46 25.79 15.20
CA ASP B 530 42.68 25.55 14.38
C ASP B 530 43.61 24.51 15.01
N ILE B 531 42.99 23.56 15.66
CA ILE B 531 43.69 22.56 16.46
C ILE B 531 43.40 21.18 15.91
N GLY B 532 44.40 20.30 16.02
CA GLY B 532 44.28 18.92 15.55
C GLY B 532 44.73 18.85 14.10
N ASP B 533 45.29 17.72 13.72
CA ASP B 533 45.84 17.55 12.40
C ASP B 533 44.76 17.65 11.32
N PRO B 534 45.15 18.14 10.12
CA PRO B 534 44.28 17.97 8.96
C PRO B 534 44.12 16.48 8.67
N THR B 535 43.08 16.12 7.94
CA THR B 535 42.99 14.77 7.39
C THR B 535 43.79 14.72 6.11
N SER B 536 44.41 13.58 5.82
CA SER B 536 45.24 13.45 4.62
C SER B 536 45.06 12.08 4.00
N GLY B 537 45.44 11.98 2.73
CA GLY B 537 45.27 10.74 1.95
C GLY B 537 43.81 10.43 1.61
N ASP B 538 43.59 9.24 1.04
CA ASP B 538 42.21 8.77 0.75
C ASP B 538 41.99 7.46 1.45
N THR B 539 42.67 7.27 2.57
CA THR B 539 42.58 6.05 3.35
C THR B 539 41.51 6.08 4.45
N THR B 540 40.88 7.23 4.61
CA THR B 540 39.79 7.49 5.62
C THR B 540 40.17 7.05 7.05
N ILE B 541 41.24 7.68 7.49
CA ILE B 541 41.76 7.49 8.83
C ILE B 541 41.51 8.78 9.61
N PRO B 542 40.84 8.66 10.76
CA PRO B 542 40.41 9.86 11.48
C PRO B 542 41.53 10.73 11.96
N SER B 543 41.24 12.02 12.07
CA SER B 543 42.11 12.94 12.79
C SER B 543 41.45 13.18 14.12
N GLN B 544 42.21 13.01 15.18
CA GLN B 544 41.61 12.89 16.51
C GLN B 544 42.15 13.93 17.50
N VAL B 545 41.27 14.38 18.40
CA VAL B 545 41.68 15.23 19.55
C VAL B 545 41.06 14.69 20.85
N VAL B 546 41.89 14.25 21.79
CA VAL B 546 41.36 13.66 23.03
C VAL B 546 40.64 14.68 23.92
N SER B 547 41.27 15.83 24.12
CA SER B 547 40.78 16.86 25.05
C SER B 547 40.91 18.25 24.41
N PHE B 548 39.86 19.05 24.58
CA PHE B 548 39.91 20.47 24.30
C PHE B 548 39.45 21.16 25.57
N PRO B 549 40.12 22.27 25.94
CA PRO B 549 41.33 22.75 25.22
C PRO B 549 42.62 22.01 25.57
C2 BGC C . 1.09 -27.86 -25.32
C3 BGC C . 1.09 -26.93 -24.23
C4 BGC C . 0.60 -27.50 -22.93
C5 BGC C . 1.20 -28.86 -22.63
C6 BGC C . 0.52 -29.52 -21.48
C1 BGC C . 1.71 -29.19 -24.95
O1 BGC C . 1.49 -30.03 -25.92
O2 BGC C . 1.80 -27.34 -26.46
O3 BGC C . 0.38 -25.70 -24.72
O4 BGC C . 0.93 -26.69 -21.83
O5 BGC C . 1.12 -29.75 -23.73
O6 BGC C . 0.99 -30.80 -21.10
C2 BGC C . 0.43 -23.35 -24.97
C3 BGC C . 0.93 -22.11 -24.37
C4 BGC C . 0.77 -22.33 -22.96
C5 BGC C . 1.82 -23.37 -22.56
C6 BGC C . 2.06 -23.50 -21.11
C1 BGC C . 1.13 -24.59 -24.47
O2 BGC C . 0.62 -23.28 -26.35
O3 BGC C . 0.14 -20.96 -24.89
O4 BGC C . 0.87 -21.17 -22.15
O5 BGC C . 1.26 -24.59 -23.04
O6 BGC C . 2.85 -24.59 -20.66
C2 BGC C . -0.18 -18.82 -25.88
C3 BGC C . 0.44 -17.67 -26.57
C4 BGC C . 1.54 -17.14 -25.78
C5 BGC C . 2.50 -18.23 -25.34
C6 BGC C . 3.49 -17.75 -24.35
C1 BGC C . 0.82 -19.94 -25.61
O2 BGC C . -1.22 -19.40 -26.68
O3 BGC C . -0.57 -16.59 -26.62
O4 BGC C . 2.28 -16.13 -26.49
O5 BGC C . 1.84 -19.37 -24.76
O6 BGC C . 4.44 -18.73 -24.04
C2 BGC C . -2.07 -15.16 -27.78
C3 BGC C . -2.37 -14.45 -29.07
C4 BGC C . -1.11 -13.99 -29.78
C5 BGC C . -0.15 -15.18 -29.93
C6 BGC C . 1.18 -14.81 -30.58
C1 BGC C . -1.00 -16.22 -27.90
O2 BGC C . -3.24 -15.80 -27.29
O3 BGC C . -3.20 -13.31 -28.74
O4 BGC C . -1.42 -13.50 -31.05
O5 BGC C . 0.16 -15.67 -28.61
O6 BGC C . 2.09 -15.87 -30.69
C2 BGC C . -5.33 -12.23 -28.87
C3 BGC C . -6.38 -11.65 -29.77
C4 BGC C . -5.75 -10.99 -30.91
C5 BGC C . -4.76 -11.87 -31.59
C6 BGC C . -4.04 -11.04 -32.63
C1 BGC C . -4.28 -13.07 -29.57
O2 BGC C . -5.91 -13.02 -27.88
O3 BGC C . -7.08 -10.54 -29.07
O4 BGC C . -6.72 -10.53 -31.83
O5 BGC C . -3.73 -12.31 -30.68
O6 BGC C . -3.08 -11.75 -33.37
C2 BGC C . -9.12 -9.65 -28.21
C3 BGC C . -10.59 -9.69 -28.41
C4 BGC C . -10.93 -9.90 -29.81
C5 BGC C . -10.37 -11.26 -30.22
C6 BGC C . -10.70 -11.73 -31.61
C1 BGC C . -8.42 -10.86 -28.84
O2 BGC C . -8.81 -9.60 -26.82
O3 BGC C . -11.16 -8.41 -27.98
O4 BGC C . -12.38 -9.79 -30.06
O5 BGC C . -8.92 -11.12 -30.18
O6 BGC C . -11.21 -10.79 -32.48
C2 BGC D . -5.46 -32.62 -30.17
C3 BGC D . -5.70 -31.77 -31.31
C4 BGC D . -4.49 -30.98 -31.70
C5 BGC D . -3.22 -31.83 -31.78
C6 BGC D . -1.99 -31.02 -32.00
C1 BGC D . -4.27 -33.52 -30.38
O1 BGC D . -4.06 -34.31 -29.32
O2 BGC D . -6.62 -33.40 -29.86
O3 BGC D . -6.92 -30.98 -31.00
O4 BGC D . -4.62 -30.32 -32.95
O5 BGC D . -3.06 -32.74 -30.68
O6 BGC D . -1.02 -31.55 -32.87
C2 BGC D . -9.15 -30.22 -31.71
C3 BGC D . -9.93 -29.37 -32.66
C4 BGC D . -9.12 -28.27 -33.25
C5 BGC D . -7.70 -28.66 -33.65
C6 BGC D . -6.87 -27.54 -34.04
C1 BGC D . -7.64 -30.54 -32.06
O2 BGC D . -9.92 -31.39 -31.43
O3 BGC D . -11.18 -28.93 -32.07
O4 BGC D . -9.75 -27.79 -34.41
O5 BGC D . -6.97 -29.36 -32.62
O6 BGC D . -5.49 -27.75 -33.97
C2 BGC D . -12.97 -29.87 -30.70
C3 BGC D . -14.22 -30.68 -30.79
C4 BGC D . -15.04 -30.42 -31.98
C5 BGC D . -14.22 -30.50 -33.26
C6 BGC D . -15.01 -30.13 -34.48
C1 BGC D . -12.20 -29.85 -32.01
O2 BGC D . -12.12 -30.31 -29.66
O3 BGC D . -15.09 -30.46 -29.61
O4 BGC D . -16.13 -31.30 -32.09
O5 BGC D . -13.06 -29.63 -33.17
O6 BGC D . -14.26 -30.04 -35.64
C2 BGC D . -15.68 -31.38 -27.46
C3 BGC D . -16.34 -32.53 -26.81
C4 BGC D . -17.66 -32.82 -27.40
C5 BGC D . -17.47 -33.05 -28.89
C6 BGC D . -18.74 -33.28 -29.60
C1 BGC D . -15.50 -31.60 -28.96
O2 BGC D . -14.43 -31.05 -26.82
O3 BGC D . -16.48 -32.22 -25.42
O4 BGC D . -18.25 -34.00 -26.81
O5 BGC D . -16.81 -31.95 -29.51
O6 BGC D . -19.40 -32.14 -30.11
C2 BGC D . -15.11 -32.12 -23.45
C3 BGC D . -14.36 -32.92 -22.49
C4 BGC D . -15.10 -34.09 -21.96
C5 BGC D . -15.72 -34.88 -23.07
C6 BGC D . -16.72 -35.88 -22.57
C1 BGC D . -15.65 -32.97 -24.58
O2 BGC D . -14.28 -31.08 -24.01
O3 BGC D . -13.84 -32.09 -21.42
O4 BGC D . -14.22 -34.96 -21.22
O5 BGC D . -16.40 -34.08 -24.04
O6 BGC D . -17.10 -36.85 -23.55
C2 BGC E . 35.74 -9.03 8.43
C3 BGC E . 35.73 -8.17 9.56
C4 BGC E . 35.06 -8.80 10.73
C5 BGC E . 35.80 -10.08 11.04
C6 BGC E . 35.25 -10.57 12.31
C1 BGC E . 36.21 -10.44 8.79
O1 BGC E . 35.98 -11.22 7.78
O2 BGC E . 36.60 -8.52 7.39
O3 BGC E . 35.06 -6.87 9.21
O4 BGC E . 35.15 -8.04 11.88
O5 BGC E . 35.57 -11.00 9.99
O6 BGC E . 34.64 -11.83 12.21
C2 BGC E . 35.14 -4.54 8.92
C3 BGC E . 35.76 -3.26 9.30
C4 BGC E . 36.12 -3.19 10.70
C5 BGC E . 36.77 -4.45 11.20
C6 BGC E . 37.05 -4.44 12.66
C1 BGC E . 35.83 -5.78 9.49
O2 BGC E . 35.13 -4.57 7.50
O3 BGC E . 34.80 -2.21 8.92
O4 BGC E . 37.02 -2.08 10.92
O5 BGC E . 35.98 -5.64 10.90
O6 BGC E . 37.61 -5.64 13.17
C2 BGC E . 34.35 -0.05 7.99
C3 BGC E . 34.97 1.09 7.27
C4 BGC E . 36.14 1.63 8.00
C5 BGC E . 37.09 0.51 8.32
C6 BGC E . 38.19 0.97 9.21
C1 BGC E . 35.36 -1.16 8.19
O2 BGC E . 33.25 -0.59 7.22
O3 BGC E . 33.90 2.11 7.23
O4 BGC E . 36.86 2.63 7.24
O5 BGC E . 36.43 -0.60 8.98
O6 BGC E . 39.00 -0.11 9.58
C2 BGC E . 32.51 3.67 6.17
C3 BGC E . 32.32 4.47 4.93
C4 BGC E . 33.62 4.99 4.38
C5 BGC E . 34.64 3.88 4.26
C6 BGC E . 35.92 4.63 3.88
C1 BGC E . 33.61 2.63 6.00
O2 BGC E . 31.31 2.99 6.59
O3 BGC E . 31.42 5.54 5.34
O4 BGC E . 33.45 5.59 3.09
O5 BGC E . 34.82 3.27 5.55
O6 BGC E . 36.88 3.98 3.05
C2 BGC E . 29.28 6.65 5.12
C3 BGC E . 28.29 7.21 4.18
C4 BGC E . 28.99 7.92 3.07
C5 BGC E . 29.88 6.92 2.36
C6 BGC E . 30.46 7.33 1.00
C1 BGC E . 30.40 5.90 4.42
O2 BGC E . 28.60 5.79 6.02
O3 BGC E . 27.48 8.21 4.90
O4 BGC E . 28.03 8.57 2.28
O5 BGC E . 30.96 6.68 3.31
O6 BGC E . 30.61 6.33 -0.01
C2 BGC E . 25.40 9.04 5.80
C3 BGC E . 23.93 9.01 5.63
C4 BGC E . 23.55 8.67 4.26
C5 BGC E . 24.16 7.33 3.93
C6 BGC E . 23.75 6.77 2.62
C1 BGC E . 26.12 7.89 5.10
O2 BGC E . 25.73 9.11 7.18
O3 BGC E . 23.44 10.38 5.91
O4 BGC E . 22.11 8.60 4.03
O5 BGC E . 25.58 7.60 3.82
O6 BGC E . 24.39 5.54 2.38
C2 BGC F . 29.05 -13.85 3.66
C3 BGC F . 28.65 -13.09 2.49
C4 BGC F . 29.81 -12.46 1.80
C5 BGC F . 30.88 -13.52 1.52
C6 BGC F . 32.10 -12.95 0.88
C1 BGC F . 30.12 -14.86 3.36
O1 BGC F . 30.52 -15.50 4.46
O2 BGC F . 27.93 -14.52 4.23
O3 BGC F . 27.64 -12.12 2.92
O4 BGC F . 29.50 -11.77 0.61
O5 BGC F . 31.25 -14.17 2.73
O6 BGC F . 33.25 -13.75 0.92
C2 BGC F . 25.43 -11.39 2.38
C3 BGC F . 24.54 -10.69 1.40
C4 BGC F . 25.23 -9.55 0.77
C5 BGC F . 26.62 -9.88 0.24
C6 BGC F . 27.20 -8.71 -0.38
C1 BGC F . 26.88 -11.63 1.91
O2 BGC F . 24.82 -12.58 2.89
O3 BGC F . 23.28 -10.25 2.01
O4 BGC F . 24.46 -9.00 -0.29
O5 BGC F . 27.49 -10.43 1.27
O6 BGC F . 27.49 -7.69 0.49
C2 BGC F . 21.46 -11.11 3.31
C3 BGC F . 20.23 -11.93 3.23
C4 BGC F . 19.39 -11.63 2.08
C5 BGC F . 20.18 -11.54 0.76
C6 BGC F . 19.32 -10.89 -0.32
C1 BGC F . 22.27 -11.16 2.00
O2 BGC F . 22.28 -11.46 4.37
O3 BGC F . 19.44 -11.68 4.44
O4 BGC F . 18.40 -12.59 1.90
O5 BGC F . 21.42 -10.82 0.87
O6 BGC F . 19.91 -10.91 -1.56
C2 BGC F . 18.80 -12.60 6.53
C3 BGC F . 18.11 -13.75 7.19
C4 BGC F . 16.77 -13.99 6.56
C5 BGC F . 16.96 -14.18 5.07
C6 BGC F . 15.73 -14.48 4.35
C1 BGC F . 18.92 -12.79 5.05
O2 BGC F . 20.08 -12.29 7.11
O3 BGC F . 17.92 -13.41 8.56
O4 BGC F . 16.11 -15.14 7.13
O5 BGC F . 17.59 -13.03 4.47
O6 BGC F . 15.91 -14.62 2.97
C2 BGC F . 19.30 -13.26 10.53
C3 BGC F . 20.06 -14.10 11.44
C4 BGC F . 19.31 -15.28 11.92
C5 BGC F . 18.80 -16.07 10.77
C6 BGC F . 17.97 -17.23 11.20
C1 BGC F . 18.73 -14.13 9.44
O2 BGC F . 20.16 -12.27 9.92
O3 BGC F . 20.61 -13.31 12.54
O4 BGC F . 20.12 -16.16 12.72
O5 BGC F . 17.98 -15.23 9.99
O6 BGC F . 18.07 -18.40 10.39
C1 EDO G . -4.56 3.96 -29.50
O1 EDO G . -3.90 4.67 -28.44
C2 EDO G . -5.97 4.51 -29.65
O2 EDO G . -6.63 4.46 -28.37
H11 EDO G . -3.99 4.05 -30.43
H12 EDO G . -4.61 2.89 -29.25
HO1 EDO G . -3.03 4.27 -28.29
H21 EDO G . -6.53 3.92 -30.38
H22 EDO G . -5.90 5.54 -30.00
HO2 EDO G . -7.55 4.22 -28.51
C1 EDO H . 30.06 22.91 4.75
O1 EDO H . 30.95 23.52 5.67
C2 EDO H . 28.71 23.62 4.82
O2 EDO H . 27.97 23.22 5.97
H11 EDO H . 29.93 21.85 4.98
H12 EDO H . 30.48 23.00 3.75
HO1 EDO H . 31.78 23.04 5.68
H21 EDO H . 28.12 23.40 3.92
H22 EDO H . 28.89 24.70 4.85
HO2 EDO H . 27.04 23.47 5.87
N GLU A 1 -52.06 -1.45 -13.12
CA GLU A 1 -50.97 -1.63 -12.17
C GLU A 1 -49.68 -1.62 -12.93
N VAL A 2 -48.69 -2.38 -12.38
CA VAL A 2 -47.68 -3.14 -13.18
C VAL A 2 -47.77 -4.70 -13.37
N VAL A 3 -47.85 -5.51 -12.32
CA VAL A 3 -47.94 -6.99 -12.41
C VAL A 3 -46.64 -7.73 -11.95
N GLY A 4 -46.84 -8.51 -10.88
CA GLY A 4 -45.74 -9.14 -10.17
C GLY A 4 -45.51 -10.58 -10.64
N GLY A 5 -44.25 -10.97 -10.60
CA GLY A 5 -43.70 -11.95 -11.49
C GLY A 5 -44.21 -11.82 -12.92
N GLY A 6 -44.69 -13.00 -13.30
CA GLY A 6 -45.05 -13.50 -14.63
C GLY A 6 -44.51 -14.94 -14.80
N ASP A 7 -45.13 -15.73 -15.68
CA ASP A 7 -44.49 -16.83 -16.39
C ASP A 7 -43.05 -16.40 -16.75
N LEU A 8 -42.06 -17.33 -16.76
CA LEU A 8 -40.66 -17.05 -17.16
C LEU A 8 -40.45 -16.93 -18.69
N GLY A 9 -41.35 -17.53 -19.46
CA GLY A 9 -41.36 -17.34 -20.90
C GLY A 9 -40.55 -18.37 -21.68
N PRO A 10 -40.51 -18.20 -23.00
CA PRO A 10 -40.12 -19.37 -23.77
C PRO A 10 -38.60 -19.59 -23.80
N ASN A 11 -37.81 -18.56 -23.52
CA ASN A 11 -36.34 -18.71 -23.64
C ASN A 11 -35.64 -19.19 -22.38
N VAL A 12 -36.42 -19.57 -21.38
CA VAL A 12 -35.90 -20.19 -20.17
C VAL A 12 -36.37 -21.64 -20.22
N LEU A 13 -35.43 -22.55 -20.33
CA LEU A 13 -35.74 -23.97 -20.42
C LEU A 13 -35.45 -24.59 -19.06
N VAL A 14 -36.50 -25.05 -18.40
CA VAL A 14 -36.39 -25.55 -17.03
C VAL A 14 -36.38 -27.09 -17.13
N PHE A 15 -35.48 -27.69 -16.37
CA PHE A 15 -35.07 -29.06 -16.54
C PHE A 15 -35.24 -29.75 -15.21
N ASP A 16 -35.69 -31.00 -15.29
CA ASP A 16 -35.98 -31.81 -14.13
C ASP A 16 -35.21 -33.15 -14.37
N PRO A 17 -34.80 -33.89 -13.31
CA PRO A 17 -34.02 -35.12 -13.56
C PRO A 17 -34.82 -36.13 -14.43
N SER A 18 -36.15 -36.03 -14.38
CA SER A 18 -37.10 -36.83 -15.18
C SER A 18 -37.60 -36.20 -16.49
N THR A 19 -37.02 -35.07 -16.87
CA THR A 19 -37.26 -34.53 -18.19
C THR A 19 -36.67 -35.48 -19.20
N PRO A 20 -37.47 -35.91 -20.19
CA PRO A 20 -36.86 -36.86 -21.13
C PRO A 20 -35.92 -36.17 -22.08
N ASP A 21 -34.97 -36.93 -22.59
CA ASP A 21 -34.09 -36.47 -23.64
C ASP A 21 -33.35 -35.18 -23.29
N ILE A 22 -32.59 -35.16 -22.20
CA ILE A 22 -31.83 -33.93 -21.92
C ILE A 22 -30.71 -33.72 -22.92
N GLN A 23 -29.91 -34.76 -23.19
CA GLN A 23 -28.75 -34.58 -24.03
C GLN A 23 -29.14 -33.97 -25.41
N GLY A 24 -30.25 -34.44 -26.02
CA GLY A 24 -30.65 -33.91 -27.31
C GLY A 24 -31.05 -32.42 -27.29
N LYS A 25 -31.84 -32.08 -26.30
CA LYS A 25 -32.37 -30.70 -26.13
C LYS A 25 -31.28 -29.70 -25.90
N VAL A 26 -30.35 -30.09 -25.05
CA VAL A 26 -29.18 -29.22 -24.81
C VAL A 26 -28.23 -29.19 -26.05
N ASP A 27 -28.02 -30.34 -26.71
CA ASP A 27 -27.30 -30.37 -28.00
C ASP A 27 -28.05 -29.56 -29.09
N GLU A 28 -29.37 -29.55 -29.04
CA GLU A 28 -30.08 -28.78 -30.08
C GLU A 28 -29.75 -27.30 -29.90
N VAL A 29 -30.15 -26.73 -28.77
CA VAL A 29 -29.79 -25.34 -28.43
C VAL A 29 -28.32 -25.13 -28.81
N PHE A 30 -27.45 -26.07 -28.41
CA PHE A 30 -26.03 -25.90 -28.70
C PHE A 30 -25.75 -25.80 -30.19
N ARG A 31 -26.38 -26.63 -31.03
CA ARG A 31 -25.97 -26.60 -32.45
C ARG A 31 -26.49 -25.31 -33.10
N LYS A 32 -27.56 -24.73 -32.56
CA LYS A 32 -28.00 -23.36 -32.97
C LYS A 32 -27.10 -22.21 -32.47
N GLN A 33 -26.59 -22.32 -31.25
CA GLN A 33 -25.83 -21.23 -30.62
C GLN A 33 -24.30 -21.34 -30.77
N GLU A 34 -23.87 -22.50 -31.22
CA GLU A 34 -22.50 -22.82 -31.53
C GLU A 34 -21.66 -21.66 -32.09
N SER A 35 -22.02 -21.22 -33.27
CA SER A 35 -21.26 -20.18 -33.94
C SER A 35 -22.09 -18.93 -34.07
N ASN A 36 -23.14 -18.83 -33.24
CA ASN A 36 -24.06 -17.68 -33.35
C ASN A 36 -23.56 -16.48 -32.57
N GLN A 37 -22.45 -15.93 -33.06
CA GLN A 37 -21.72 -14.91 -32.30
C GLN A 37 -22.50 -13.62 -32.15
N PHE A 38 -23.26 -13.27 -33.18
CA PHE A 38 -23.89 -11.94 -33.26
C PHE A 38 -25.40 -11.97 -33.60
N GLY A 39 -26.08 -13.06 -33.26
CA GLY A 39 -27.53 -13.18 -33.48
C GLY A 39 -28.26 -12.77 -32.22
N THR A 40 -29.59 -12.76 -32.29
CA THR A 40 -30.55 -12.25 -31.29
C THR A 40 -31.15 -13.33 -30.41
N ASP A 41 -30.94 -14.61 -30.69
CA ASP A 41 -31.50 -15.61 -29.79
C ASP A 41 -30.75 -15.62 -28.45
N ARG A 42 -31.45 -15.97 -27.39
CA ARG A 42 -30.92 -15.96 -26.04
C ARG A 42 -31.52 -17.16 -25.34
N TYR A 43 -30.72 -17.84 -24.51
CA TYR A 43 -31.13 -19.06 -23.80
C TYR A 43 -30.60 -19.11 -22.39
N ALA A 44 -31.49 -19.44 -21.48
CA ALA A 44 -31.15 -19.76 -20.10
C ALA A 44 -31.61 -21.16 -19.82
N LEU A 45 -30.68 -22.00 -19.41
CA LEU A 45 -30.95 -23.41 -19.07
C LEU A 45 -30.84 -23.57 -17.56
N MET A 46 -31.96 -23.95 -16.93
CA MET A 46 -32.09 -23.83 -15.50
C MET A 46 -32.51 -25.23 -15.01
N PHE A 47 -31.65 -25.79 -14.16
CA PHE A 47 -31.80 -27.17 -13.67
C PHE A 47 -32.30 -27.23 -12.24
N LYS A 48 -33.45 -27.86 -12.06
CA LYS A 48 -33.97 -28.10 -10.73
C LYS A 48 -33.03 -29.01 -9.93
N PRO A 49 -33.02 -28.87 -8.60
CA PRO A 49 -32.10 -29.64 -7.75
C PRO A 49 -32.30 -31.12 -7.95
N GLY A 50 -31.20 -31.82 -7.79
CA GLY A 50 -31.20 -33.27 -7.93
C GLY A 50 -29.90 -33.68 -8.60
N THR A 51 -29.93 -34.88 -9.22
CA THR A 51 -28.76 -35.50 -9.79
C THR A 51 -29.07 -35.95 -11.19
N TYR A 52 -28.24 -35.46 -12.11
CA TYR A 52 -28.42 -35.63 -13.54
C TYR A 52 -27.26 -36.39 -14.10
N ASN A 53 -27.53 -37.52 -14.73
CA ASN A 53 -26.41 -38.31 -15.23
C ASN A 53 -26.37 -38.35 -16.74
N ASP A 54 -25.25 -38.81 -17.32
CA ASP A 54 -25.21 -38.98 -18.77
C ASP A 54 -25.38 -37.63 -19.49
N ILE A 55 -24.73 -36.60 -18.96
CA ILE A 55 -24.93 -35.22 -19.43
C ILE A 55 -23.60 -34.53 -19.77
N ASN A 56 -23.54 -33.96 -20.97
CA ASN A 56 -22.36 -33.22 -21.44
C ASN A 56 -22.92 -31.98 -22.07
N ALA A 57 -23.26 -30.97 -21.25
CA ALA A 57 -23.92 -29.76 -21.75
C ALA A 57 -22.91 -28.81 -22.35
N GLN A 58 -22.84 -28.78 -23.67
CA GLN A 58 -21.96 -27.85 -24.35
C GLN A 58 -22.69 -26.51 -24.44
N ILE A 59 -21.96 -25.45 -24.15
CA ILE A 59 -22.53 -24.11 -23.98
C ILE A 59 -22.03 -23.20 -25.13
N GLY A 60 -22.96 -22.75 -25.97
CA GLY A 60 -22.62 -21.88 -27.09
C GLY A 60 -22.80 -20.40 -26.69
N PHE A 61 -22.85 -19.55 -27.71
CA PHE A 61 -23.09 -18.14 -27.48
C PHE A 61 -24.45 -17.89 -26.81
N TYR A 62 -24.49 -16.87 -25.98
CA TYR A 62 -25.72 -16.35 -25.39
C TYR A 62 -26.55 -17.42 -24.67
N THR A 63 -25.85 -18.32 -24.00
CA THR A 63 -26.49 -19.40 -23.25
C THR A 63 -25.95 -19.34 -21.82
N SER A 64 -26.86 -19.27 -20.86
CA SER A 64 -26.53 -19.40 -19.44
C SER A 64 -27.01 -20.77 -18.96
N ILE A 65 -26.24 -21.37 -18.08
CA ILE A 65 -26.68 -22.63 -17.46
C ILE A 65 -26.52 -22.48 -15.97
N ALA A 66 -27.53 -22.92 -15.23
CA ALA A 66 -27.47 -22.82 -13.78
C ALA A 66 -28.33 -23.84 -13.08
N GLY A 67 -27.93 -24.07 -11.84
CA GLY A 67 -28.73 -24.82 -10.89
C GLY A 67 -29.67 -23.93 -10.09
N LEU A 68 -30.72 -24.55 -9.55
CA LEU A 68 -31.77 -23.83 -8.82
C LEU A 68 -31.89 -24.26 -7.37
N GLY A 69 -30.85 -24.93 -6.83
CA GLY A 69 -30.85 -25.34 -5.42
C GLY A 69 -30.32 -24.19 -4.59
N LEU A 70 -30.39 -24.22 -3.26
CA LEU A 70 -29.96 -23.00 -2.52
C LEU A 70 -28.44 -22.98 -2.46
N ASN A 71 -27.84 -24.16 -2.42
CA ASN A 71 -26.37 -24.20 -2.47
C ASN A 71 -25.87 -25.12 -3.64
N PRO A 72 -24.58 -25.06 -4.01
CA PRO A 72 -24.31 -25.70 -5.31
C PRO A 72 -24.49 -27.23 -5.37
N ASP A 73 -24.10 -27.98 -4.35
CA ASP A 73 -24.20 -29.44 -4.46
C ASP A 73 -25.66 -29.96 -4.51
N ASP A 74 -26.64 -29.09 -4.32
CA ASP A 74 -28.04 -29.47 -4.52
C ASP A 74 -28.37 -29.88 -5.96
N THR A 75 -27.56 -29.40 -6.92
CA THR A 75 -27.76 -29.71 -8.34
C THR A 75 -26.43 -30.23 -8.89
N THR A 76 -26.24 -31.58 -8.89
CA THR A 76 -25.04 -32.22 -9.43
C THR A 76 -25.23 -32.88 -10.79
N PHE A 77 -24.30 -32.60 -11.68
CA PHE A 77 -24.22 -33.37 -12.93
C PHE A 77 -23.09 -34.38 -12.73
N ASN A 78 -23.37 -35.64 -13.01
CA ASN A 78 -22.31 -36.60 -13.30
C ASN A 78 -22.13 -36.51 -14.78
N GLY A 79 -21.16 -35.67 -15.13
CA GLY A 79 -21.07 -35.09 -16.46
C GLY A 79 -20.55 -33.68 -16.42
N ASP A 80 -20.67 -32.96 -17.54
CA ASP A 80 -19.84 -31.80 -17.80
C ASP A 80 -20.66 -30.60 -18.24
N VAL A 81 -20.10 -29.42 -18.00
CA VAL A 81 -20.59 -28.17 -18.58
C VAL A 81 -19.38 -27.69 -19.40
N THR A 82 -19.47 -27.84 -20.73
CA THR A 82 -18.29 -27.80 -21.61
C THR A 82 -18.31 -26.61 -22.55
N VAL A 83 -17.20 -25.88 -22.61
CA VAL A 83 -16.93 -24.93 -23.70
C VAL A 83 -15.60 -25.31 -24.35
N ASP A 84 -15.63 -25.53 -25.66
CA ASP A 84 -14.45 -25.83 -26.47
C ASP A 84 -14.54 -24.89 -27.71
N ALA A 85 -13.55 -24.95 -28.58
CA ALA A 85 -13.51 -24.07 -29.76
C ALA A 85 -13.64 -24.83 -31.10
N GLY A 86 -14.45 -25.89 -31.10
CA GLY A 86 -14.79 -26.59 -32.35
C GLY A 86 -15.10 -25.68 -33.53
N TRP A 87 -16.05 -24.77 -33.32
CA TRP A 87 -16.58 -23.94 -34.40
C TRP A 87 -15.52 -23.02 -35.00
N PHE A 88 -14.39 -22.88 -34.32
CA PHE A 88 -13.37 -21.91 -34.72
C PHE A 88 -11.95 -22.49 -34.81
N ASP A 89 -11.84 -23.72 -35.33
CA ASP A 89 -10.57 -24.37 -35.56
C ASP A 89 -9.69 -24.39 -34.33
N GLY A 90 -10.34 -24.37 -33.16
CA GLY A 90 -9.62 -24.57 -31.91
C GLY A 90 -9.02 -23.32 -31.32
N ASN A 91 -9.38 -22.18 -31.92
CA ASN A 91 -9.02 -20.87 -31.40
C ASN A 91 -10.17 -20.46 -30.46
N ALA A 92 -9.90 -20.24 -29.18
CA ALA A 92 -10.96 -19.92 -28.22
C ALA A 92 -11.13 -18.41 -27.97
N THR A 93 -10.47 -17.58 -28.77
CA THR A 93 -10.49 -16.12 -28.49
C THR A 93 -11.75 -15.40 -28.93
N GLN A 94 -12.73 -16.13 -29.41
CA GLN A 94 -14.04 -15.55 -29.62
C GLN A 94 -15.15 -16.27 -28.85
N ASN A 95 -14.78 -17.00 -27.79
CA ASN A 95 -15.78 -17.72 -27.02
C ASN A 95 -16.35 -16.85 -25.90
N PHE A 96 -17.23 -15.97 -26.33
CA PHE A 96 -17.80 -14.93 -25.47
C PHE A 96 -19.24 -15.19 -25.01
N TRP A 97 -19.69 -14.36 -24.08
CA TRP A 97 -21.11 -14.15 -23.75
C TRP A 97 -21.82 -15.46 -23.41
N ARG A 98 -21.38 -16.09 -22.34
CA ARG A 98 -22.04 -17.28 -21.82
C ARG A 98 -21.80 -17.35 -20.31
N SER A 99 -22.31 -18.37 -19.63
CA SER A 99 -22.08 -18.43 -18.20
C SER A 99 -22.55 -19.73 -17.57
N ALA A 100 -21.96 -20.03 -16.42
CA ALA A 100 -22.32 -21.21 -15.62
C ALA A 100 -22.37 -20.76 -14.16
N GLU A 101 -23.43 -21.17 -13.46
CA GLU A 101 -23.56 -20.81 -12.05
C GLU A 101 -24.32 -21.87 -11.23
N ASN A 102 -23.89 -22.04 -9.98
CA ASN A 102 -24.68 -22.74 -8.95
C ASN A 102 -24.94 -24.21 -9.29
N LEU A 103 -23.88 -24.89 -9.68
CA LEU A 103 -23.90 -26.33 -10.00
C LEU A 103 -22.71 -27.04 -9.39
N ALA A 104 -22.88 -28.35 -9.13
CA ALA A 104 -21.76 -29.23 -8.85
C ALA A 104 -21.53 -30.12 -10.07
N LEU A 105 -20.27 -30.28 -10.46
CA LEU A 105 -19.91 -31.11 -11.63
C LEU A 105 -18.97 -32.24 -11.22
N ASN A 106 -19.31 -33.41 -11.68
CA ASN A 106 -18.53 -34.66 -11.51
C ASN A 106 -18.13 -35.09 -12.93
N PRO A 107 -17.05 -34.49 -13.47
CA PRO A 107 -16.84 -34.60 -14.91
C PRO A 107 -16.41 -35.98 -15.33
N VAL A 108 -16.82 -36.40 -16.52
CA VAL A 108 -16.62 -37.78 -16.94
C VAL A 108 -15.15 -38.19 -16.98
N ASN A 109 -14.25 -37.25 -17.36
CA ASN A 109 -12.77 -37.45 -17.42
C ASN A 109 -12.19 -37.36 -16.10
N GLY A 110 -12.94 -36.77 -15.20
CA GLY A 110 -12.35 -36.19 -14.01
C GLY A 110 -11.92 -34.72 -14.15
N THR A 111 -12.03 -34.19 -15.36
CA THR A 111 -11.68 -32.79 -15.65
C THR A 111 -12.75 -32.17 -16.51
N ASN A 112 -13.29 -31.03 -16.07
CA ASN A 112 -14.21 -30.23 -16.86
C ASN A 112 -13.46 -29.18 -17.68
N ARG A 113 -13.89 -29.01 -18.93
CA ARG A 113 -13.30 -28.05 -19.86
C ARG A 113 -14.21 -26.82 -19.97
N TRP A 114 -13.67 -25.64 -19.62
CA TRP A 114 -14.37 -24.35 -19.74
C TRP A 114 -13.41 -23.41 -20.47
N ALA A 115 -13.26 -23.64 -21.78
CA ALA A 115 -12.28 -22.92 -22.58
C ALA A 115 -12.88 -21.66 -23.20
N VAL A 116 -12.96 -20.64 -22.38
CA VAL A 116 -13.60 -19.37 -22.76
C VAL A 116 -12.65 -18.20 -22.87
N SER A 117 -13.17 -17.10 -23.45
CA SER A 117 -12.49 -15.83 -23.36
C SER A 117 -13.40 -14.87 -22.59
N GLN A 118 -13.56 -13.63 -23.04
CA GLN A 118 -14.20 -12.61 -22.21
C GLN A 118 -15.70 -12.80 -22.06
N ALA A 119 -16.25 -12.27 -20.95
CA ALA A 119 -17.68 -12.31 -20.64
C ALA A 119 -18.24 -13.73 -20.61
N ALA A 120 -17.52 -14.60 -19.90
CA ALA A 120 -17.97 -15.98 -19.69
C ALA A 120 -17.78 -16.41 -18.23
N PRO A 121 -18.56 -15.78 -17.35
CA PRO A 121 -18.34 -16.02 -15.91
C PRO A 121 -18.67 -17.46 -15.46
N PHE A 122 -17.94 -17.90 -14.44
CA PHE A 122 -18.03 -19.22 -13.81
C PHE A 122 -18.15 -18.91 -12.30
N ARG A 123 -19.41 -18.94 -11.80
CA ARG A 123 -19.71 -18.49 -10.44
C ARG A 123 -20.38 -19.57 -9.60
N ARG A 124 -20.05 -19.61 -8.33
CA ARG A 124 -20.77 -20.46 -7.40
C ARG A 124 -20.83 -21.89 -7.89
N MET A 125 -19.69 -22.36 -8.37
CA MET A 125 -19.57 -23.72 -8.92
C MET A 125 -18.75 -24.61 -8.01
N HIS A 126 -19.10 -25.88 -8.00
CA HIS A 126 -18.28 -26.89 -7.31
C HIS A 126 -17.85 -27.99 -8.23
N VAL A 127 -16.60 -27.94 -8.69
CA VAL A 127 -16.07 -28.98 -9.56
C VAL A 127 -15.36 -30.08 -8.78
N LYS A 128 -15.91 -31.27 -8.90
CA LYS A 128 -15.39 -32.40 -8.16
C LYS A 128 -14.44 -33.12 -9.12
N GLY A 129 -13.32 -32.45 -9.35
CA GLY A 129 -12.32 -32.83 -10.33
C GLY A 129 -11.50 -31.59 -10.66
N GLY A 130 -10.82 -31.65 -11.79
CA GLY A 130 -10.04 -30.53 -12.30
C GLY A 130 -10.85 -29.70 -13.29
N LEU A 131 -10.35 -28.51 -13.59
CA LEU A 131 -11.00 -27.60 -14.54
C LEU A 131 -9.91 -27.18 -15.54
N ASN A 132 -10.10 -27.61 -16.78
CA ASN A 132 -9.19 -27.24 -17.88
C ASN A 132 -9.79 -26.00 -18.54
N LEU A 133 -9.04 -24.90 -18.59
CA LEU A 133 -9.50 -23.66 -19.22
C LEU A 133 -9.01 -23.51 -20.65
N ALA A 134 -8.32 -24.52 -21.17
CA ALA A 134 -7.76 -24.47 -22.53
C ALA A 134 -8.58 -25.24 -23.52
N PRO A 135 -8.72 -24.73 -24.72
CA PRO A 135 -9.28 -25.58 -25.77
C PRO A 135 -8.41 -26.83 -25.91
N ASP A 136 -9.05 -27.95 -26.21
CA ASP A 136 -8.33 -29.12 -26.68
C ASP A 136 -7.34 -28.65 -27.75
N GLY A 137 -6.12 -29.18 -27.72
CA GLY A 137 -5.11 -28.76 -28.66
C GLY A 137 -4.41 -27.48 -28.29
N TYR A 138 -4.90 -26.80 -27.26
CA TYR A 138 -4.18 -25.71 -26.57
C TYR A 138 -3.99 -24.47 -27.44
N GLY A 139 -5.00 -24.23 -28.26
CA GLY A 139 -5.06 -23.05 -29.12
C GLY A 139 -5.24 -21.79 -28.28
N TRP A 140 -5.31 -20.65 -28.95
CA TRP A 140 -5.29 -19.41 -28.23
C TRP A 140 -6.53 -19.21 -27.37
N ALA A 141 -6.34 -18.52 -26.26
CA ALA A 141 -7.45 -18.31 -25.31
C ALA A 141 -7.23 -17.04 -24.50
N SER A 142 -8.31 -16.28 -24.24
CA SER A 142 -8.18 -14.95 -23.59
C SER A 142 -9.31 -14.65 -22.57
N GLY A 143 -9.41 -15.49 -21.54
CA GLY A 143 -10.37 -15.30 -20.45
C GLY A 143 -9.80 -14.41 -19.35
N GLY A 144 -10.34 -14.48 -18.13
CA GLY A 144 -11.48 -15.26 -17.78
C GLY A 144 -11.75 -14.92 -16.30
N TYR A 145 -12.82 -15.49 -15.75
CA TYR A 145 -13.32 -15.03 -14.46
C TYR A 145 -13.93 -16.21 -13.73
N ILE A 146 -13.41 -16.49 -12.54
CA ILE A 146 -14.00 -17.44 -11.60
C ILE A 146 -14.22 -16.75 -10.26
N ALA A 147 -15.41 -16.91 -9.72
CA ALA A 147 -15.74 -16.38 -8.41
C ALA A 147 -16.54 -17.35 -7.59
N ASP A 148 -16.28 -17.33 -6.29
CA ASP A 148 -17.14 -18.04 -5.34
C ASP A 148 -17.24 -19.53 -5.69
N SER A 149 -16.14 -20.09 -6.17
CA SER A 149 -16.16 -21.48 -6.63
C SER A 149 -15.16 -22.38 -5.91
N LYS A 150 -15.44 -23.68 -5.98
CA LYS A 150 -14.62 -24.68 -5.29
C LYS A 150 -14.20 -25.70 -6.35
N ILE A 151 -12.91 -25.71 -6.69
CA ILE A 151 -12.36 -26.68 -7.61
C ILE A 151 -11.51 -27.66 -6.80
N ASP A 152 -12.01 -28.88 -6.68
CA ASP A 152 -11.38 -29.83 -5.80
C ASP A 152 -9.97 -30.20 -6.30
N GLY A 153 -9.78 -30.25 -7.61
CA GLY A 153 -8.51 -30.59 -8.21
C GLY A 153 -7.74 -29.38 -8.78
N GLU A 154 -6.99 -29.61 -9.85
CA GLU A 154 -6.11 -28.60 -10.40
C GLU A 154 -6.84 -27.80 -11.47
N VAL A 155 -6.67 -26.48 -11.43
CA VAL A 155 -7.00 -25.63 -12.56
C VAL A 155 -5.78 -25.56 -13.51
N GLY A 156 -6.01 -25.88 -14.79
CA GLY A 156 -4.97 -25.82 -15.80
C GLY A 156 -5.26 -24.75 -16.84
N PRO A 157 -4.60 -23.59 -16.74
CA PRO A 157 -4.92 -22.60 -17.77
C PRO A 157 -4.28 -22.94 -19.12
N TYR A 158 -3.12 -23.61 -19.09
CA TYR A 158 -2.35 -23.91 -20.28
C TYR A 158 -2.13 -22.62 -21.13
N SER A 159 -2.83 -22.48 -22.24
CA SER A 159 -2.58 -21.39 -23.18
C SER A 159 -3.30 -20.08 -22.78
N GLN A 160 -4.12 -20.11 -21.75
CA GLN A 160 -4.86 -18.89 -21.34
C GLN A 160 -3.91 -17.77 -21.04
N GLN A 161 -4.09 -16.63 -21.70
CA GLN A 161 -3.17 -15.51 -21.52
C GLN A 161 -3.17 -14.98 -20.12
N GLN A 162 -4.39 -14.80 -19.62
CA GLN A 162 -4.63 -14.15 -18.35
C GLN A 162 -5.94 -14.71 -17.73
N TRP A 163 -6.11 -14.47 -16.43
CA TRP A 163 -7.29 -14.97 -15.67
C TRP A 163 -7.41 -14.27 -14.34
N TYR A 164 -8.64 -14.12 -13.87
CA TYR A 164 -8.92 -13.59 -12.53
C TYR A 164 -9.80 -14.56 -11.75
N THR A 165 -9.36 -14.87 -10.53
CA THR A 165 -10.11 -15.73 -9.66
C THR A 165 -10.25 -15.02 -8.35
N ARG A 166 -11.47 -14.95 -7.84
CA ARG A 166 -11.65 -14.44 -6.47
C ARG A 166 -12.55 -15.31 -5.60
N ASP A 167 -12.23 -15.22 -4.32
CA ASP A 167 -13.03 -15.74 -3.25
C ASP A 167 -13.56 -17.16 -3.52
N SER A 168 -12.59 -18.05 -3.66
CA SER A 168 -12.75 -19.39 -4.16
C SER A 168 -11.78 -20.33 -3.42
N SER A 169 -11.87 -21.63 -3.69
CA SER A 169 -10.82 -22.59 -3.25
C SER A 169 -10.42 -23.49 -4.44
N VAL A 170 -9.11 -23.65 -4.64
CA VAL A 170 -8.59 -24.52 -5.69
C VAL A 170 -7.61 -25.54 -5.06
N GLY A 171 -7.68 -26.78 -5.52
CA GLY A 171 -6.74 -27.80 -5.05
C GLY A 171 -5.33 -27.70 -5.65
N GLY A 172 -5.20 -26.93 -6.73
CA GLY A 172 -3.94 -26.75 -7.42
C GLY A 172 -4.11 -25.73 -8.54
N TRP A 173 -3.05 -25.02 -8.88
CA TRP A 173 -3.07 -24.09 -10.01
C TRP A 173 -1.84 -24.29 -10.82
N GLY A 174 -2.01 -24.64 -12.08
CA GLY A 174 -0.91 -25.19 -12.86
C GLY A 174 0.14 -24.30 -13.48
N ASN A 175 -0.27 -23.13 -13.95
CA ASN A 175 0.66 -22.32 -14.71
C ASN A 175 0.12 -20.91 -14.89
N GLY A 176 1.08 -20.01 -15.09
CA GLY A 176 0.79 -18.64 -15.48
C GLY A 176 1.48 -18.36 -16.82
N VAL A 177 0.89 -17.44 -17.59
CA VAL A 177 1.34 -17.16 -18.97
C VAL A 177 1.76 -15.70 -19.00
N TRP A 178 0.82 -14.77 -19.17
CA TRP A 178 1.07 -13.34 -18.92
C TRP A 178 0.55 -12.74 -17.60
N ASN A 179 -0.65 -13.09 -17.15
CA ASN A 179 -1.18 -12.45 -15.94
C ASN A 179 -2.31 -13.22 -15.27
N MET A 180 -1.96 -14.10 -14.32
CA MET A 180 -2.98 -14.79 -13.55
C MET A 180 -3.04 -14.17 -12.15
N THR A 181 -4.18 -13.56 -11.84
CA THR A 181 -4.35 -12.77 -10.62
C THR A 181 -5.37 -13.46 -9.71
N PHE A 182 -5.13 -13.39 -8.42
CA PHE A 182 -5.94 -14.06 -7.42
C PHE A 182 -6.22 -13.14 -6.27
N SER A 183 -7.47 -13.11 -5.79
CA SER A 183 -7.75 -12.46 -4.54
C SER A 183 -8.72 -13.29 -3.70
N GLY A 184 -8.32 -13.54 -2.47
CA GLY A 184 -9.15 -14.36 -1.56
C GLY A 184 -9.32 -15.80 -1.99
N VAL A 185 -8.28 -16.34 -2.62
CA VAL A 185 -8.30 -17.70 -3.12
C VAL A 185 -7.44 -18.68 -2.29
N GLU A 186 -8.12 -19.56 -1.58
CA GLU A 186 -7.48 -20.66 -0.87
C GLU A 186 -6.89 -21.61 -1.89
N GLY A 187 -5.59 -21.89 -1.81
CA GLY A 187 -4.92 -22.75 -2.77
C GLY A 187 -4.24 -21.97 -3.90
N ALA A 188 -4.40 -20.64 -3.90
CA ALA A 188 -3.69 -19.85 -4.88
C ALA A 188 -2.17 -20.03 -4.77
N PRO A 189 -1.46 -19.99 -5.90
CA PRO A 189 0.01 -19.90 -5.78
C PRO A 189 0.42 -18.60 -5.12
N ALA A 190 1.56 -18.59 -4.44
CA ALA A 190 2.01 -17.36 -3.77
C ALA A 190 2.39 -16.31 -4.81
N GLN A 191 2.34 -15.04 -4.43
CA GLN A 191 2.88 -13.93 -5.20
C GLN A 191 4.28 -14.26 -5.75
N SER A 192 4.44 -14.23 -7.08
CA SER A 192 5.70 -14.58 -7.70
C SER A 192 6.09 -13.64 -8.86
N PHE A 193 5.16 -12.79 -9.30
CA PHE A 193 5.32 -12.01 -10.56
C PHE A 193 6.73 -11.38 -10.56
N PRO A 194 7.47 -11.46 -11.69
CA PRO A 194 6.96 -11.85 -13.01
C PRO A 194 6.93 -13.35 -13.29
N GLU A 195 7.81 -14.17 -12.65
CA GLU A 195 7.90 -15.66 -12.76
C GLU A 195 7.43 -16.43 -11.55
N PRO A 196 6.42 -17.34 -11.70
CA PRO A 196 5.38 -17.16 -12.73
C PRO A 196 4.70 -15.82 -12.56
N PRO A 197 3.79 -15.47 -13.47
CA PRO A 197 3.18 -14.12 -13.40
C PRO A 197 1.91 -14.12 -12.53
N TYR A 198 2.11 -14.55 -11.28
CA TYR A 198 1.04 -14.68 -10.29
C TYR A 198 1.03 -13.46 -9.41
N THR A 199 -0.11 -12.75 -9.44
CA THR A 199 -0.42 -11.65 -8.54
C THR A 199 -1.46 -12.15 -7.55
N THR A 200 -1.10 -12.18 -6.26
CA THR A 200 -1.87 -12.95 -5.29
C THR A 200 -2.11 -12.14 -4.06
N LEU A 201 -3.38 -11.83 -3.84
CA LEU A 201 -3.82 -11.09 -2.68
C LEU A 201 -4.55 -12.02 -1.75
N GLU A 202 -4.18 -11.96 -0.47
CA GLU A 202 -4.81 -12.81 0.55
C GLU A 202 -6.33 -12.74 0.50
N THR A 203 -6.85 -11.56 0.19
CA THR A 203 -8.28 -11.37 0.27
C THR A 203 -8.74 -10.29 -0.70
N THR A 204 -10.06 -10.20 -0.80
CA THR A 204 -10.74 -9.13 -1.51
C THR A 204 -11.39 -8.17 -0.49
N PRO A 205 -11.11 -6.86 -0.59
CA PRO A 205 -11.52 -5.94 0.51
C PRO A 205 -13.05 -5.88 0.76
N VAL A 206 -13.77 -5.91 -0.36
CA VAL A 206 -15.22 -6.02 -0.37
C VAL A 206 -15.57 -6.95 -1.52
N SER A 207 -16.56 -7.80 -1.33
CA SER A 207 -17.24 -8.45 -2.49
C SER A 207 -18.62 -8.74 -2.03
N ARG A 208 -19.51 -8.93 -2.98
CA ARG A 208 -20.88 -9.29 -2.66
C ARG A 208 -21.33 -10.16 -3.80
N GLU A 209 -21.63 -11.41 -3.51
CA GLU A 209 -21.93 -12.35 -4.57
C GLU A 209 -23.15 -11.96 -5.45
N LYS A 210 -23.12 -12.38 -6.71
CA LYS A 210 -24.19 -12.03 -7.64
C LYS A 210 -25.49 -12.66 -7.22
N PRO A 211 -26.59 -11.90 -7.28
CA PRO A 211 -27.90 -12.52 -7.08
C PRO A 211 -28.21 -13.56 -8.12
N PHE A 212 -29.01 -14.55 -7.73
CA PHE A 212 -29.38 -15.63 -8.62
C PHE A 212 -30.76 -16.20 -8.30
N LEU A 213 -31.44 -16.63 -9.34
CA LEU A 213 -32.71 -17.34 -9.17
C LEU A 213 -32.50 -18.73 -8.54
N TYR A 214 -33.37 -19.11 -7.59
CA TYR A 214 -33.39 -20.46 -7.04
C TYR A 214 -34.79 -20.87 -6.63
N LEU A 215 -34.94 -22.12 -6.19
CA LEU A 215 -36.23 -22.64 -5.73
C LEU A 215 -36.25 -23.00 -4.28
N ASP A 216 -37.39 -22.65 -3.68
CA ASP A 216 -37.81 -23.11 -2.38
C ASP A 216 -39.03 -24.07 -2.56
N GLY A 217 -40.24 -23.55 -2.58
CA GLY A 217 -41.39 -24.40 -2.27
C GLY A 217 -42.22 -24.93 -3.42
N ASP A 218 -41.60 -25.30 -4.56
CA ASP A 218 -42.23 -25.20 -5.87
C ASP A 218 -42.15 -23.68 -6.16
N ASP A 219 -41.41 -22.97 -5.30
CA ASP A 219 -41.46 -21.50 -5.22
C ASP A 219 -40.13 -20.82 -5.63
N TYR A 220 -40.22 -20.10 -6.73
CA TYR A 220 -39.07 -19.32 -7.24
C TYR A 220 -38.75 -18.20 -6.25
N LYS A 221 -37.47 -17.84 -6.17
CA LYS A 221 -37.02 -16.72 -5.36
C LYS A 221 -35.70 -16.28 -5.97
N VAL A 222 -35.32 -15.05 -5.66
CA VAL A 222 -33.99 -14.57 -6.00
C VAL A 222 -33.22 -14.38 -4.72
N PHE A 223 -32.10 -15.09 -4.66
CA PHE A 223 -31.23 -14.97 -3.50
C PHE A 223 -30.30 -13.78 -3.63
N VAL A 224 -30.25 -12.99 -2.56
CA VAL A 224 -29.45 -11.76 -2.51
C VAL A 224 -28.39 -11.84 -1.40
N PRO A 225 -27.20 -12.34 -1.74
CA PRO A 225 -26.13 -12.51 -0.75
C PRO A 225 -25.65 -11.22 -0.12
N ALA A 226 -25.18 -11.34 1.10
CA ALA A 226 -24.64 -10.24 1.86
C ALA A 226 -23.18 -9.90 1.52
N LYS A 227 -22.78 -8.66 1.77
CA LYS A 227 -21.39 -8.25 1.52
C LYS A 227 -20.42 -9.00 2.47
N ARG A 228 -19.35 -9.59 1.91
CA ARG A 228 -18.17 -10.06 2.69
C ARG A 228 -17.04 -9.03 2.61
N THR A 229 -16.55 -8.58 3.77
CA THR A 229 -15.40 -7.70 3.82
C THR A 229 -14.10 -8.51 4.06
N ASN A 230 -13.06 -8.21 3.28
CA ASN A 230 -11.82 -9.00 3.28
C ASN A 230 -12.16 -10.46 3.04
N ALA A 231 -13.07 -10.63 2.09
CA ALA A 231 -13.53 -11.96 1.72
C ALA A 231 -12.36 -12.89 1.33
N ARG A 232 -12.51 -14.15 1.71
CA ARG A 232 -11.61 -15.22 1.27
C ARG A 232 -12.35 -16.51 1.34
N GLY A 233 -12.08 -17.40 0.39
CA GLY A 233 -12.80 -18.67 0.35
C GLY A 233 -14.23 -18.43 -0.08
N THR A 234 -14.99 -19.50 -0.30
CA THR A 234 -16.35 -19.37 -0.83
C THR A 234 -17.34 -18.89 0.24
N SER A 235 -18.52 -18.49 -0.20
CA SER A 235 -19.57 -18.00 0.68
C SER A 235 -20.45 -19.09 1.28
N TRP A 236 -20.43 -20.27 0.66
CA TRP A 236 -21.49 -21.27 0.76
C TRP A 236 -21.13 -22.65 1.27
N GLY A 237 -19.97 -22.81 1.88
CA GLY A 237 -19.64 -24.07 2.53
C GLY A 237 -19.83 -23.93 4.04
N ASN A 238 -18.76 -24.16 4.82
CA ASN A 238 -18.66 -23.76 6.25
C ASN A 238 -19.65 -22.66 6.55
N GLY A 239 -20.97 -22.91 6.54
CA GLY A 239 -21.93 -21.80 6.39
C GLY A 239 -22.23 -21.12 5.01
N THR A 240 -23.52 -20.84 4.85
CA THR A 240 -24.11 -20.20 3.69
C THR A 240 -23.76 -18.70 3.64
N PRO A 241 -24.13 -18.00 2.55
CA PRO A 241 -24.10 -16.53 2.58
C PRO A 241 -25.32 -16.15 3.38
N GLU A 242 -25.70 -14.87 3.53
CA GLU A 242 -26.06 -14.42 4.83
C GLU A 242 -27.44 -13.63 4.82
N GLY A 243 -28.06 -13.66 3.64
CA GLY A 243 -28.79 -12.56 3.04
C GLY A 243 -30.32 -12.54 2.82
N GLU A 244 -30.85 -12.18 1.61
CA GLU A 244 -32.30 -12.08 1.41
C GLU A 244 -32.89 -12.85 0.21
N SER A 245 -34.11 -13.34 0.40
CA SER A 245 -34.73 -14.12 -0.65
C SER A 245 -36.04 -13.50 -1.08
N LEU A 246 -35.96 -12.83 -2.24
CA LEU A 246 -37.11 -12.13 -2.81
C LEU A 246 -37.93 -13.05 -3.68
N PRO A 247 -39.21 -13.26 -3.33
CA PRO A 247 -40.06 -14.08 -4.20
C PRO A 247 -40.17 -13.50 -5.59
N LEU A 248 -40.26 -14.36 -6.61
CA LEU A 248 -40.46 -13.91 -7.98
C LEU A 248 -41.60 -12.89 -8.09
N ASP A 249 -42.62 -13.02 -7.25
CA ASP A 249 -43.74 -12.08 -7.35
C ASP A 249 -43.35 -10.64 -7.02
N GLN A 250 -42.21 -10.45 -6.33
CA GLN A 250 -41.71 -9.11 -6.09
C GLN A 250 -40.84 -8.56 -7.23
N PHE A 251 -40.79 -9.29 -8.36
CA PHE A 251 -40.17 -8.80 -9.59
C PHE A 251 -41.20 -8.52 -10.65
N TYR A 252 -40.81 -7.62 -11.56
CA TYR A 252 -41.43 -7.48 -12.85
C TYR A 252 -40.62 -8.37 -13.77
N VAL A 253 -41.28 -9.37 -14.33
CA VAL A 253 -40.61 -10.30 -15.26
C VAL A 253 -40.72 -9.65 -16.63
N VAL A 254 -39.61 -9.07 -17.07
CA VAL A 254 -39.50 -8.37 -18.34
C VAL A 254 -39.45 -9.42 -19.46
N LYS A 255 -40.36 -9.27 -20.43
CA LYS A 255 -40.55 -10.24 -21.51
C LYS A 255 -40.82 -9.44 -22.81
N PRO A 256 -40.68 -10.08 -24.00
CA PRO A 256 -40.68 -9.21 -25.20
C PRO A 256 -41.97 -8.40 -25.34
N GLY A 257 -41.82 -7.11 -25.61
CA GLY A 257 -42.93 -6.17 -25.64
C GLY A 257 -42.76 -5.01 -24.65
N ALA A 258 -41.97 -5.22 -23.60
CA ALA A 258 -41.75 -4.16 -22.60
C ALA A 258 -41.07 -2.93 -23.16
N THR A 259 -41.46 -1.80 -22.58
CA THR A 259 -40.92 -0.49 -22.90
C THR A 259 -40.24 0.04 -21.66
N ALA A 260 -39.34 1.02 -21.77
CA ALA A 260 -38.62 1.49 -20.58
C ALA A 260 -39.51 2.16 -19.52
N GLU A 261 -40.61 2.76 -19.91
CA GLU A 261 -41.40 3.48 -18.89
C GLU A 261 -42.40 2.51 -18.15
N THR A 262 -42.77 1.38 -18.77
CA THR A 262 -43.36 0.24 -17.99
C THR A 262 -42.35 -0.28 -16.93
N ILE A 263 -41.16 -0.66 -17.41
CA ILE A 263 -40.03 -1.03 -16.53
C ILE A 263 -39.78 0.03 -15.45
N ASN A 264 -39.65 1.29 -15.86
CA ASN A 264 -39.43 2.36 -14.90
C ASN A 264 -40.63 2.43 -13.92
N ALA A 265 -41.84 2.28 -14.48
CA ALA A 265 -43.07 2.20 -13.66
C ALA A 265 -43.01 1.06 -12.64
N ALA A 266 -42.46 -0.08 -13.06
CA ALA A 266 -42.34 -1.21 -12.14
C ALA A 266 -41.41 -0.81 -10.99
N VAL A 267 -40.29 -0.20 -11.33
CA VAL A 267 -39.30 0.20 -10.36
C VAL A 267 -39.84 1.29 -9.43
N ASP A 268 -40.60 2.24 -9.99
CA ASP A 268 -41.23 3.29 -9.20
C ASP A 268 -42.14 2.72 -8.10
N GLN A 269 -43.00 1.81 -8.51
CA GLN A 269 -43.95 1.11 -7.62
C GLN A 269 -43.28 0.21 -6.59
N GLY A 270 -41.98 -0.04 -6.79
CA GLY A 270 -41.23 -0.89 -5.89
C GLY A 270 -40.89 -2.31 -6.30
N LEU A 271 -41.14 -2.68 -7.55
CA LEU A 271 -40.77 -4.00 -8.04
C LEU A 271 -39.29 -4.03 -8.44
N HIS A 272 -38.68 -5.19 -8.24
CA HIS A 272 -37.37 -5.47 -8.78
C HIS A 272 -37.56 -5.90 -10.24
N LEU A 273 -36.45 -6.11 -10.95
CA LEU A 273 -36.51 -6.46 -12.36
C LEU A 273 -35.79 -7.78 -12.69
N LEU A 274 -36.49 -8.65 -13.41
CA LEU A 274 -35.89 -9.87 -13.95
C LEU A 274 -36.04 -9.86 -15.47
N PHE A 275 -34.93 -9.61 -16.14
CA PHE A 275 -34.94 -9.65 -17.59
C PHE A 275 -34.85 -11.09 -18.11
N THR A 276 -35.91 -11.56 -18.76
CA THR A 276 -35.89 -12.89 -19.35
C THR A 276 -35.07 -12.82 -20.65
N PRO A 277 -34.46 -13.95 -21.05
CA PRO A 277 -33.51 -13.90 -22.18
C PRO A 277 -34.16 -13.39 -23.45
N GLY A 278 -33.58 -12.31 -23.97
CA GLY A 278 -34.07 -11.69 -25.18
C GLY A 278 -33.30 -10.40 -25.40
N VAL A 279 -33.75 -9.65 -26.40
CA VAL A 279 -33.15 -8.40 -26.82
C VAL A 279 -34.20 -7.31 -26.74
N TYR A 280 -33.89 -6.27 -25.96
CA TYR A 280 -34.83 -5.27 -25.63
C TYR A 280 -34.36 -3.89 -26.15
N HIS A 281 -34.98 -3.41 -27.21
CA HIS A 281 -34.83 -2.02 -27.63
C HIS A 281 -35.66 -1.03 -26.80
N VAL A 282 -35.00 0.01 -26.26
CA VAL A 282 -35.60 1.04 -25.44
C VAL A 282 -35.31 2.43 -26.08
N ASP A 283 -36.09 3.47 -25.80
CA ASP A 283 -35.70 4.76 -26.37
C ASP A 283 -36.04 5.89 -25.44
N GLN A 284 -36.20 5.47 -24.20
CA GLN A 284 -36.18 6.28 -23.02
C GLN A 284 -35.22 5.49 -22.13
N PRO A 285 -34.36 6.17 -21.41
CA PRO A 285 -33.51 5.33 -20.57
C PRO A 285 -34.23 4.61 -19.42
N ILE A 286 -33.70 3.45 -19.08
CA ILE A 286 -34.17 2.75 -17.91
C ILE A 286 -33.58 3.46 -16.70
N GLU A 287 -34.40 3.58 -15.66
CA GLU A 287 -33.99 4.26 -14.45
C GLU A 287 -34.17 3.33 -13.29
N ILE A 288 -33.22 3.40 -12.37
CA ILE A 288 -33.36 2.72 -11.10
C ILE A 288 -32.96 3.71 -10.04
N ASP A 289 -33.99 4.25 -9.39
CA ASP A 289 -33.79 5.27 -8.34
C ASP A 289 -34.47 4.87 -7.03
N ARG A 290 -34.49 3.58 -6.76
CA ARG A 290 -35.06 3.00 -5.54
C ARG A 290 -33.98 2.14 -4.87
N ALA A 291 -33.66 2.41 -3.61
CA ALA A 291 -32.59 1.67 -2.99
C ALA A 291 -32.88 0.18 -2.95
N ASN A 292 -31.81 -0.60 -3.01
CA ASN A 292 -31.85 -2.06 -2.97
C ASN A 292 -32.51 -2.76 -4.12
N THR A 293 -32.79 -2.02 -5.18
CA THR A 293 -33.36 -2.65 -6.38
C THR A 293 -32.39 -3.62 -6.99
N VAL A 294 -32.95 -4.78 -7.31
CA VAL A 294 -32.19 -5.82 -7.98
C VAL A 294 -32.69 -5.83 -9.42
N ALA A 295 -31.71 -5.78 -10.35
CA ALA A 295 -31.93 -5.78 -11.80
C ALA A 295 -31.11 -6.90 -12.42
N LEU A 296 -31.76 -8.03 -12.65
CA LEU A 296 -31.05 -9.29 -12.87
C LEU A 296 -31.44 -9.83 -14.22
N GLY A 297 -30.46 -10.07 -15.07
CA GLY A 297 -30.69 -10.64 -16.39
C GLY A 297 -30.41 -12.13 -16.39
N LEU A 298 -31.18 -12.85 -17.20
CA LEU A 298 -30.93 -14.26 -17.49
C LEU A 298 -30.62 -14.45 -18.98
N GLY A 299 -29.85 -15.48 -19.28
CA GLY A 299 -29.62 -15.85 -20.66
C GLY A 299 -29.01 -14.74 -21.52
N LEU A 300 -28.13 -13.92 -20.93
CA LEU A 300 -27.50 -12.81 -21.64
C LEU A 300 -28.50 -11.79 -22.22
N ALA A 301 -29.56 -11.55 -21.43
CA ALA A 301 -30.52 -10.53 -21.76
C ALA A 301 -29.80 -9.25 -22.14
N THR A 302 -30.26 -8.64 -23.23
CA THR A 302 -29.56 -7.52 -23.85
C THR A 302 -30.45 -6.30 -23.97
N ILE A 303 -29.91 -5.13 -23.65
CA ILE A 303 -30.59 -3.85 -23.77
C ILE A 303 -29.96 -3.07 -24.91
N ILE A 304 -30.77 -2.60 -25.86
CA ILE A 304 -30.31 -1.71 -26.94
C ILE A 304 -30.98 -0.34 -26.83
N PRO A 305 -30.18 0.72 -26.57
CA PRO A 305 -30.76 2.06 -26.52
C PRO A 305 -30.86 2.69 -27.90
N ASP A 306 -32.08 2.95 -28.33
CA ASP A 306 -32.34 3.60 -29.62
C ASP A 306 -32.21 5.12 -29.50
N ASN A 307 -32.12 5.83 -30.63
CA ASN A 307 -32.28 7.29 -30.67
C ASN A 307 -31.22 8.02 -29.85
N GLY A 308 -30.12 7.34 -29.63
CA GLY A 308 -28.96 7.92 -28.95
C GLY A 308 -29.11 8.05 -27.45
N VAL A 309 -30.12 7.39 -26.89
CA VAL A 309 -30.28 7.55 -25.44
C VAL A 309 -29.31 6.67 -24.60
N THR A 310 -29.21 6.96 -23.30
CA THR A 310 -28.49 6.11 -22.37
C THR A 310 -29.36 4.90 -22.06
N ALA A 311 -28.76 3.73 -21.91
CA ALA A 311 -29.53 2.53 -21.67
C ALA A 311 -29.98 2.35 -20.22
N LEU A 312 -29.08 2.58 -19.26
CA LEU A 312 -29.35 2.29 -17.85
C LEU A 312 -28.84 3.46 -17.07
N LYS A 313 -29.69 4.07 -16.26
CA LYS A 313 -29.23 5.03 -15.25
C LYS A 313 -29.67 4.62 -13.87
N VAL A 314 -28.72 4.69 -12.95
CA VAL A 314 -28.94 4.35 -11.55
C VAL A 314 -28.82 5.64 -10.75
N GLY A 315 -29.81 5.90 -9.92
CA GLY A 315 -29.77 7.11 -9.11
C GLY A 315 -28.85 6.99 -7.91
N ASP A 316 -28.88 8.02 -7.05
CA ASP A 316 -27.95 8.15 -5.94
C ASP A 316 -28.50 7.43 -4.71
N VAL A 317 -28.64 6.12 -4.82
CA VAL A 317 -29.23 5.30 -3.78
C VAL A 317 -28.30 4.13 -3.42
N ASP A 318 -28.45 3.63 -2.21
CA ASP A 318 -27.76 2.44 -1.75
C ASP A 318 -28.28 1.18 -2.44
N GLY A 319 -27.41 0.19 -2.57
CA GLY A 319 -27.79 -1.19 -2.72
C GLY A 319 -28.36 -1.69 -4.03
N VAL A 320 -28.22 -0.94 -5.11
CA VAL A 320 -28.72 -1.42 -6.38
C VAL A 320 -27.77 -2.51 -6.85
N LYS A 321 -28.34 -3.57 -7.42
CA LYS A 321 -27.56 -4.74 -7.83
C LYS A 321 -27.89 -4.98 -9.29
N VAL A 322 -27.05 -4.49 -10.19
CA VAL A 322 -27.22 -4.74 -11.62
C VAL A 322 -26.45 -6.01 -11.95
N ALA A 323 -27.06 -6.96 -12.65
CA ALA A 323 -26.46 -8.26 -12.79
C ALA A 323 -26.87 -8.99 -14.09
N GLY A 324 -25.88 -9.41 -14.89
CA GLY A 324 -26.13 -10.33 -15.98
C GLY A 324 -26.83 -9.76 -17.18
N LEU A 325 -26.31 -8.64 -17.64
CA LEU A 325 -26.91 -7.91 -18.75
C LEU A 325 -25.84 -7.57 -19.76
N LEU A 326 -26.23 -7.54 -21.03
CA LEU A 326 -25.38 -7.02 -22.10
C LEU A 326 -26.05 -5.74 -22.60
N VAL A 327 -25.36 -4.63 -22.50
CA VAL A 327 -25.82 -3.40 -23.16
C VAL A 327 -25.10 -3.24 -24.50
N ASP A 328 -25.91 -3.08 -25.53
CA ASP A 328 -25.60 -3.22 -26.95
C ASP A 328 -25.83 -1.86 -27.63
N ALA A 329 -24.76 -1.16 -28.06
CA ALA A 329 -24.99 0.17 -28.63
C ALA A 329 -25.82 0.14 -29.90
N GLY A 330 -26.65 1.17 -30.08
CA GLY A 330 -27.38 1.33 -31.33
C GLY A 330 -26.55 2.13 -32.33
N PRO A 331 -26.99 2.16 -33.59
CA PRO A 331 -26.22 2.89 -34.62
C PRO A 331 -26.21 4.42 -34.41
N VAL A 332 -27.22 4.96 -33.74
CA VAL A 332 -27.15 6.34 -33.31
C VAL A 332 -26.25 6.47 -32.09
N ASN A 333 -25.31 7.39 -32.14
CA ASN A 333 -24.39 7.55 -31.02
C ASN A 333 -25.07 7.95 -29.71
N SER A 334 -24.85 7.16 -28.67
CA SER A 334 -25.21 7.53 -27.32
C SER A 334 -24.08 8.23 -26.58
N GLU A 335 -24.39 9.33 -25.93
CA GLU A 335 -23.35 10.04 -25.14
C GLU A 335 -22.84 9.17 -23.99
N THR A 336 -23.74 8.44 -23.35
CA THR A 336 -23.40 7.44 -22.35
C THR A 336 -24.25 6.19 -22.55
N LEU A 337 -23.74 5.01 -22.17
CA LEU A 337 -24.58 3.81 -22.25
C LEU A 337 -25.10 3.38 -20.89
N VAL A 338 -24.22 3.50 -19.89
CA VAL A 338 -24.59 3.18 -18.53
C VAL A 338 -24.07 4.24 -17.57
N GLU A 339 -24.96 4.79 -16.75
CA GLU A 339 -24.55 5.76 -15.71
C GLU A 339 -24.91 5.32 -14.31
N VAL A 340 -23.90 5.30 -13.42
CA VAL A 340 -24.15 4.95 -12.04
C VAL A 340 -23.95 6.17 -11.14
N GLY A 341 -25.08 6.68 -10.73
CA GLY A 341 -25.11 7.91 -10.02
C GLY A 341 -24.97 8.99 -11.02
N SER A 342 -24.74 10.13 -10.45
CA SER A 342 -25.19 11.31 -11.10
C SER A 342 -23.95 12.18 -11.05
N ASP A 343 -23.75 13.10 -12.00
CA ASP A 343 -22.58 13.96 -11.92
C ASP A 343 -22.51 14.90 -10.73
N GLY A 344 -21.39 14.74 -10.02
CA GLY A 344 -21.04 15.44 -8.80
C GLY A 344 -21.72 14.88 -7.56
N ALA A 345 -22.15 13.63 -7.61
CA ALA A 345 -22.83 13.05 -6.44
C ALA A 345 -21.79 12.82 -5.32
N SER A 346 -22.04 13.31 -4.10
CA SER A 346 -21.03 13.20 -3.01
C SER A 346 -21.43 12.42 -1.77
N GLY A 347 -22.51 11.69 -1.90
CA GLY A 347 -22.98 10.90 -0.80
C GLY A 347 -22.18 9.63 -0.75
N ASP A 348 -22.11 9.04 0.43
CA ASP A 348 -21.43 7.79 0.62
C ASP A 348 -22.42 6.60 0.67
N HIS A 349 -21.94 5.42 0.24
CA HIS A 349 -22.75 4.22 0.20
C HIS A 349 -21.98 3.01 0.73
N ALA A 350 -21.20 3.24 1.80
CA ALA A 350 -20.22 2.25 2.22
C ALA A 350 -20.87 0.98 2.76
N ALA A 351 -21.91 1.15 3.58
CA ALA A 351 -22.54 0.01 4.24
C ALA A 351 -23.28 -0.88 3.22
N ASN A 352 -23.77 -0.26 2.13
CA ASN A 352 -24.62 -0.93 1.14
C ASN A 352 -24.42 -0.37 -0.28
N PRO A 353 -23.27 -0.69 -0.92
CA PRO A 353 -22.84 -0.44 -2.29
C PRO A 353 -23.88 -0.69 -3.33
N THR A 354 -23.84 0.09 -4.41
CA THR A 354 -24.44 -0.33 -5.67
C THR A 354 -23.33 -1.09 -6.38
N SER A 355 -23.67 -2.17 -7.09
CA SER A 355 -22.68 -2.83 -7.98
C SER A 355 -23.21 -3.13 -9.35
N LEU A 356 -22.26 -3.29 -10.25
CA LEU A 356 -22.46 -3.93 -11.55
C LEU A 356 -21.70 -5.26 -11.56
N GLN A 357 -22.40 -6.35 -11.89
CA GLN A 357 -21.79 -7.68 -11.99
C GLN A 357 -22.22 -8.35 -13.29
N ASP A 358 -21.24 -8.90 -13.99
CA ASP A 358 -21.49 -9.52 -15.29
C ASP A 358 -22.29 -8.57 -16.18
N VAL A 359 -21.81 -7.34 -16.21
CA VAL A 359 -22.33 -6.31 -17.08
C VAL A 359 -21.32 -6.23 -18.22
N PHE A 360 -21.85 -6.40 -19.42
CA PHE A 360 -21.05 -6.40 -20.62
C PHE A 360 -21.59 -5.31 -21.52
N VAL A 361 -20.67 -4.60 -22.16
CA VAL A 361 -21.00 -3.53 -23.11
C VAL A 361 -20.39 -3.91 -24.42
N ARG A 362 -21.15 -3.79 -25.50
CA ARG A 362 -20.64 -4.00 -26.84
C ARG A 362 -20.95 -2.76 -27.67
N ILE A 363 -19.96 -2.31 -28.45
CA ILE A 363 -20.15 -1.25 -29.44
C ILE A 363 -19.80 -1.77 -30.83
N GLY A 364 -20.82 -2.04 -31.63
CA GLY A 364 -20.67 -2.63 -32.95
C GLY A 364 -20.54 -4.15 -32.93
N GLY A 365 -20.39 -4.78 -34.12
CA GLY A 365 -20.10 -6.20 -34.24
C GLY A 365 -21.31 -6.90 -34.83
N ALA A 366 -22.47 -6.40 -34.49
CA ALA A 366 -23.74 -6.94 -34.99
C ALA A 366 -24.47 -5.91 -35.82
N GLY A 367 -23.70 -5.17 -36.60
CA GLY A 367 -24.17 -3.96 -37.22
C GLY A 367 -23.54 -2.78 -36.52
N PRO A 368 -23.48 -1.61 -37.20
CA PRO A 368 -22.78 -0.49 -36.62
C PRO A 368 -23.41 -0.08 -35.29
N GLY A 369 -22.56 0.41 -34.39
CA GLY A 369 -22.97 0.91 -33.11
C GLY A 369 -21.94 1.96 -32.67
N LYS A 370 -22.36 2.93 -31.87
CA LYS A 370 -21.47 4.01 -31.45
C LYS A 370 -21.85 4.57 -30.09
N ALA A 371 -20.86 4.96 -29.29
CA ALA A 371 -21.13 5.63 -28.02
C ALA A 371 -19.88 6.36 -27.58
N THR A 372 -20.07 7.49 -26.92
CA THR A 372 -18.98 8.36 -26.54
C THR A 372 -18.25 7.88 -25.28
N THR A 373 -19.01 7.55 -24.25
CA THR A 373 -18.47 6.96 -23.02
C THR A 373 -19.44 5.82 -22.66
N SER A 374 -18.91 4.61 -22.46
CA SER A 374 -19.79 3.48 -22.22
C SER A 374 -20.36 3.43 -20.79
N ILE A 375 -19.49 3.46 -19.80
CA ILE A 375 -19.90 3.35 -18.41
C ILE A 375 -19.27 4.50 -17.67
N VAL A 376 -20.11 5.28 -17.02
CA VAL A 376 -19.66 6.34 -16.13
C VAL A 376 -20.08 6.00 -14.72
N VAL A 377 -19.08 5.93 -13.84
CA VAL A 377 -19.33 5.57 -12.46
C VAL A 377 -19.16 6.80 -11.56
N ASN A 378 -20.29 7.35 -11.15
CA ASN A 378 -20.34 8.55 -10.37
C ASN A 378 -20.43 8.30 -8.86
N SER A 379 -21.23 7.31 -8.45
CA SER A 379 -21.49 7.02 -7.03
C SER A 379 -20.30 6.47 -6.27
N ASN A 380 -20.05 7.08 -5.13
CA ASN A 380 -19.02 6.58 -4.29
C ASN A 380 -19.30 5.14 -3.80
N ASP A 381 -18.22 4.39 -3.62
CA ASP A 381 -18.24 3.06 -3.04
C ASP A 381 -18.81 1.96 -3.96
N THR A 382 -19.07 2.32 -5.20
CA THR A 382 -19.58 1.36 -6.18
C THR A 382 -18.58 0.22 -6.44
N ILE A 383 -19.12 -0.99 -6.55
CA ILE A 383 -18.34 -2.18 -6.89
C ILE A 383 -18.63 -2.62 -8.33
N ILE A 384 -17.58 -2.78 -9.11
CA ILE A 384 -17.66 -3.25 -10.46
C ILE A 384 -16.96 -4.61 -10.44
N ASP A 385 -17.76 -5.68 -10.40
CA ASP A 385 -17.26 -7.04 -10.21
C ASP A 385 -17.56 -7.86 -11.45
N HIS A 386 -16.57 -7.91 -12.31
CA HIS A 386 -16.60 -8.51 -13.67
C HIS A 386 -17.38 -7.68 -14.68
N THR A 387 -16.67 -6.90 -15.47
CA THR A 387 -17.28 -6.23 -16.62
C THR A 387 -16.39 -6.48 -17.84
N TRP A 388 -17.02 -6.59 -19.02
CA TRP A 388 -16.28 -6.53 -20.30
C TRP A 388 -16.92 -5.42 -21.07
N VAL A 389 -16.10 -4.43 -21.40
CA VAL A 389 -16.55 -3.22 -22.09
C VAL A 389 -15.71 -3.19 -23.37
N TRP A 390 -16.38 -3.45 -24.47
CA TRP A 390 -15.73 -3.93 -25.69
C TRP A 390 -16.25 -3.20 -26.93
N ARG A 391 -15.37 -2.39 -27.52
CA ARG A 391 -15.63 -1.82 -28.80
C ARG A 391 -15.26 -2.88 -29.82
N ALA A 392 -16.24 -3.35 -30.61
CA ALA A 392 -16.03 -4.53 -31.45
C ALA A 392 -14.83 -4.39 -32.39
N ASP A 393 -13.97 -5.40 -32.41
CA ASP A 393 -12.87 -5.42 -33.38
C ASP A 393 -13.13 -6.29 -34.60
N HIS A 394 -14.24 -6.99 -34.61
CA HIS A 394 -14.64 -7.80 -35.76
C HIS A 394 -16.15 -7.93 -35.78
N GLY A 395 -16.66 -8.51 -36.86
CA GLY A 395 -18.10 -8.58 -37.12
C GLY A 395 -18.58 -7.51 -38.09
N GLU A 396 -19.88 -7.24 -38.07
CA GLU A 396 -20.49 -6.26 -38.95
C GLU A 396 -20.62 -4.93 -38.23
N GLY A 397 -20.45 -3.82 -38.95
CA GLY A 397 -20.68 -2.52 -38.33
C GLY A 397 -19.49 -2.08 -37.50
N VAL A 398 -18.32 -2.43 -38.02
CA VAL A 398 -17.04 -2.13 -37.41
C VAL A 398 -16.23 -1.17 -38.28
N GLY A 399 -15.32 -0.46 -37.64
CA GLY A 399 -14.35 0.39 -38.31
C GLY A 399 -14.02 1.64 -37.47
N TRP A 400 -12.85 2.22 -37.76
CA TRP A 400 -12.30 3.35 -36.97
C TRP A 400 -13.33 4.49 -36.82
N GLU A 401 -14.19 4.69 -37.81
CA GLU A 401 -15.31 5.65 -37.69
C GLU A 401 -16.65 4.94 -37.56
N THR A 402 -16.80 3.83 -38.27
CA THR A 402 -18.10 3.18 -38.32
C THR A 402 -18.62 2.80 -36.91
N ASN A 403 -17.79 2.15 -36.09
CA ASN A 403 -18.16 1.89 -34.69
C ASN A 403 -17.25 2.63 -33.72
N ARG A 404 -16.88 3.83 -34.14
CA ARG A 404 -16.21 4.76 -33.27
C ARG A 404 -16.75 4.82 -31.83
N ALA A 405 -15.86 4.72 -30.85
CA ALA A 405 -16.23 4.77 -29.44
C ALA A 405 -15.03 5.24 -28.61
N ASP A 406 -15.11 6.45 -28.11
CA ASP A 406 -13.93 7.11 -27.53
C ASP A 406 -13.42 6.56 -26.21
N TYR A 407 -14.35 6.41 -25.29
CA TYR A 407 -14.02 6.20 -23.90
C TYR A 407 -14.82 5.00 -23.39
N GLY A 408 -14.13 4.08 -22.73
CA GLY A 408 -14.83 2.91 -22.22
C GLY A 408 -15.45 3.14 -20.85
N VAL A 409 -14.62 3.38 -19.86
CA VAL A 409 -15.02 3.41 -18.48
C VAL A 409 -14.43 4.63 -17.87
N HIS A 410 -15.30 5.45 -17.30
CA HIS A 410 -14.86 6.62 -16.55
C HIS A 410 -15.32 6.57 -15.11
N VAL A 411 -14.38 6.51 -14.16
CA VAL A 411 -14.76 6.45 -12.75
C VAL A 411 -14.53 7.82 -12.10
N LYS A 412 -15.61 8.48 -11.71
CA LYS A 412 -15.53 9.80 -11.02
C LYS A 412 -15.74 9.72 -9.50
N GLY A 413 -16.65 8.85 -9.08
CA GLY A 413 -16.86 8.57 -7.67
C GLY A 413 -15.63 8.03 -6.95
N ASP A 414 -15.75 7.94 -5.63
CA ASP A 414 -14.62 7.69 -4.76
C ASP A 414 -14.80 6.37 -4.01
N ASN A 415 -13.68 5.76 -3.63
CA ASN A 415 -13.65 4.44 -3.02
C ASN A 415 -14.36 3.38 -3.88
N VAL A 416 -14.26 3.55 -5.20
CA VAL A 416 -14.82 2.57 -6.17
C VAL A 416 -13.85 1.43 -6.32
N LEU A 417 -14.37 0.22 -6.43
CA LEU A 417 -13.54 -1.00 -6.52
C LEU A 417 -13.94 -1.71 -7.77
N ALA A 418 -12.95 -2.05 -8.59
CA ALA A 418 -13.15 -2.87 -9.78
C ALA A 418 -12.36 -4.18 -9.59
N THR A 419 -13.05 -5.31 -9.64
CA THR A 419 -12.45 -6.63 -9.56
C THR A 419 -12.83 -7.38 -10.83
N GLY A 420 -11.85 -7.65 -11.69
CA GLY A 420 -12.14 -8.36 -12.93
C GLY A 420 -12.53 -7.39 -14.02
N LEU A 421 -11.63 -6.48 -14.35
CA LEU A 421 -11.95 -5.38 -15.26
C LEU A 421 -11.37 -5.66 -16.65
N PHE A 422 -12.24 -5.82 -17.66
CA PHE A 422 -11.79 -6.11 -19.02
C PHE A 422 -12.33 -4.98 -19.95
N VAL A 423 -11.48 -4.19 -20.58
CA VAL A 423 -11.93 -3.07 -21.40
C VAL A 423 -11.05 -2.95 -22.66
N GLU A 424 -11.65 -3.01 -23.85
CA GLU A 424 -10.85 -3.17 -25.07
C GLU A 424 -11.32 -2.33 -26.25
N HIS A 425 -10.31 -1.73 -26.88
CA HIS A 425 -10.31 -1.24 -28.28
C HIS A 425 -10.90 0.15 -28.48
N PHE A 426 -11.05 0.92 -27.42
CA PHE A 426 -11.56 2.29 -27.58
C PHE A 426 -10.60 3.22 -28.35
N ASN A 427 -11.17 4.26 -28.99
CA ASN A 427 -10.35 5.17 -29.81
C ASN A 427 -9.49 6.11 -28.99
N LYS A 428 -9.91 6.41 -27.75
CA LYS A 428 -9.11 7.17 -26.81
C LYS A 428 -8.86 6.32 -25.55
N TYR A 429 -9.01 6.86 -24.35
CA TYR A 429 -8.68 6.07 -23.16
C TYR A 429 -9.74 5.00 -22.92
N ASP A 430 -9.32 3.78 -22.73
CA ASP A 430 -10.24 2.70 -22.42
C ASP A 430 -10.80 2.90 -21.02
N VAL A 431 -9.92 3.17 -20.09
CA VAL A 431 -10.30 3.46 -18.69
C VAL A 431 -9.64 4.74 -18.23
N GLN A 432 -10.47 5.58 -17.62
CA GLN A 432 -10.06 6.84 -17.03
C GLN A 432 -10.63 6.93 -15.60
N TRP A 433 -9.75 7.27 -14.67
CA TRP A 433 -10.08 7.25 -13.26
C TRP A 433 -9.72 8.58 -12.61
N SER A 434 -10.75 9.31 -12.19
CA SER A 434 -10.51 10.62 -11.58
C SER A 434 -10.93 10.67 -10.13
N GLY A 435 -11.73 9.69 -9.67
CA GLY A 435 -12.16 9.67 -8.28
C GLY A 435 -11.02 9.30 -7.34
N GLU A 436 -11.16 9.52 -6.03
CA GLU A 436 -10.05 9.13 -5.15
C GLU A 436 -10.19 7.71 -4.56
N ASN A 437 -9.06 7.16 -4.14
CA ASN A 437 -8.99 5.89 -3.45
C ASN A 437 -9.59 4.74 -4.26
N GLY A 438 -9.48 4.85 -5.58
CA GLY A 438 -9.91 3.76 -6.42
C GLY A 438 -8.97 2.58 -6.24
N LYS A 439 -9.51 1.39 -6.49
CA LYS A 439 -8.74 0.13 -6.46
C LYS A 439 -9.20 -0.74 -7.65
N THR A 440 -8.24 -1.27 -8.42
CA THR A 440 -8.52 -2.28 -9.46
C THR A 440 -7.69 -3.52 -9.18
N ILE A 441 -8.39 -4.64 -9.06
CA ILE A 441 -7.77 -5.95 -8.97
C ILE A 441 -8.10 -6.72 -10.23
N PHE A 442 -7.05 -6.86 -11.06
CA PHE A 442 -7.08 -7.42 -12.42
C PHE A 442 -7.63 -6.48 -13.49
N TYR A 443 -6.77 -6.19 -14.48
CA TYR A 443 -7.17 -5.45 -15.68
C TYR A 443 -6.61 -6.12 -16.92
N GLN A 444 -7.48 -6.28 -17.92
CA GLN A 444 -7.10 -6.74 -19.24
C GLN A 444 -7.60 -5.73 -20.26
N ASN A 445 -6.67 -5.29 -21.09
CA ASN A 445 -6.96 -4.40 -22.19
C ASN A 445 -6.25 -4.85 -23.45
N ALA A 446 -6.88 -4.62 -24.58
CA ALA A 446 -6.19 -4.60 -25.86
C ALA A 446 -6.56 -3.24 -26.46
N LYS A 447 -5.62 -2.66 -27.19
CA LYS A 447 -5.85 -1.37 -27.77
C LYS A 447 -6.59 -1.50 -29.11
N ALA A 448 -7.07 -0.39 -29.61
CA ALA A 448 -7.73 -0.38 -30.90
C ALA A 448 -6.83 -0.95 -31.98
N TYR A 449 -7.35 -1.94 -32.71
CA TYR A 449 -6.55 -2.57 -33.74
C TYR A 449 -6.50 -1.74 -35.02
N ASP A 450 -7.56 -0.94 -35.23
CA ASP A 450 -7.76 -0.24 -36.50
C ASP A 450 -7.38 1.26 -36.60
N ALA A 451 -6.53 1.78 -35.71
CA ALA A 451 -6.12 3.17 -35.88
C ALA A 451 -5.40 3.20 -37.22
N PRO A 452 -5.73 4.17 -38.09
CA PRO A 452 -5.11 4.02 -39.42
C PRO A 452 -3.66 4.53 -39.55
N ASP A 453 -3.21 5.37 -38.60
CA ASP A 453 -1.83 5.89 -38.60
C ASP A 453 -1.61 6.62 -37.27
N GLN A 454 -0.39 7.10 -37.05
CA GLN A 454 0.00 7.70 -35.77
C GLN A 454 -0.78 8.98 -35.36
N ALA A 455 -1.13 9.84 -36.31
CA ALA A 455 -1.87 11.04 -35.90
C ALA A 455 -3.18 10.65 -35.17
N ALA A 456 -4.08 10.03 -35.91
CA ALA A 456 -5.34 9.51 -35.36
C ALA A 456 -5.36 8.99 -33.89
N ILE A 457 -4.21 8.83 -33.23
CA ILE A 457 -4.19 8.38 -31.83
C ILE A 457 -3.33 9.27 -30.95
N GLN A 458 -2.98 10.43 -31.48
CA GLN A 458 -2.19 11.32 -30.67
C GLN A 458 -3.04 11.81 -29.50
N ASN A 459 -2.34 12.17 -28.42
CA ASN A 459 -2.94 12.52 -27.18
C ASN A 459 -2.17 13.77 -26.87
N GLY A 460 -2.32 14.78 -27.74
CA GLY A 460 -1.51 15.98 -27.66
C GLY A 460 -0.01 15.72 -27.83
N ASP A 461 0.71 15.68 -26.71
CA ASP A 461 2.16 15.42 -26.70
C ASP A 461 2.47 13.97 -26.30
N ILE A 462 1.47 13.09 -26.33
CA ILE A 462 1.72 11.66 -26.11
C ILE A 462 1.36 10.89 -27.36
N LYS A 463 2.14 9.85 -27.70
CA LYS A 463 1.74 8.89 -28.72
C LYS A 463 0.83 7.83 -28.08
N GLY A 464 -0.40 7.77 -28.53
CA GLY A 464 -1.37 6.85 -27.96
C GLY A 464 -2.13 7.47 -26.81
N TYR A 465 -3.32 6.90 -26.53
CA TYR A 465 -4.05 7.13 -25.28
C TYR A 465 -3.85 5.92 -24.42
N ALA A 466 -3.49 6.14 -23.19
CA ALA A 466 -3.34 5.04 -22.24
C ALA A 466 -4.57 4.16 -22.24
N ALA A 467 -4.35 2.88 -22.05
CA ALA A 467 -5.45 1.97 -21.70
C ALA A 467 -6.06 2.26 -20.33
N TYR A 468 -5.28 2.83 -19.42
CA TYR A 468 -5.73 3.09 -18.05
C TYR A 468 -4.96 4.30 -17.56
N LYS A 469 -5.69 5.42 -17.40
CA LYS A 469 -5.14 6.65 -16.90
C LYS A 469 -5.79 7.06 -15.58
N VAL A 470 -4.96 7.33 -14.59
CA VAL A 470 -5.38 8.00 -13.38
C VAL A 470 -5.10 9.48 -13.55
N ASP A 471 -6.11 10.30 -13.24
CA ASP A 471 -5.91 11.75 -13.24
C ASP A 471 -4.73 12.24 -12.40
N ASP A 472 -4.12 13.29 -12.95
CA ASP A 472 -3.09 14.07 -12.29
C ASP A 472 -3.43 14.52 -10.90
N SER A 473 -4.67 14.96 -10.71
CA SER A 473 -5.06 15.52 -9.43
C SER A 473 -5.38 14.45 -8.39
N VAL A 474 -5.39 13.20 -8.81
CA VAL A 474 -5.70 12.11 -7.90
C VAL A 474 -4.57 11.91 -6.86
N THR A 475 -4.96 11.84 -5.59
CA THR A 475 -3.97 11.68 -4.55
C THR A 475 -3.77 10.20 -4.16
N THR A 476 -4.85 9.40 -4.16
CA THR A 476 -4.77 7.97 -3.78
C THR A 476 -5.41 7.09 -4.90
N HIS A 477 -4.69 6.05 -5.31
CA HIS A 477 -5.18 5.01 -6.24
C HIS A 477 -4.36 3.75 -6.00
N GLU A 478 -4.92 2.58 -6.31
CA GLU A 478 -4.09 1.38 -6.34
C GLU A 478 -4.60 0.33 -7.34
N GLY A 479 -3.67 -0.30 -8.05
CA GLY A 479 -4.02 -1.30 -9.06
C GLY A 479 -3.10 -2.51 -8.97
N TRP A 480 -3.65 -3.70 -9.17
CA TRP A 480 -2.89 -4.95 -9.15
C TRP A 480 -3.18 -5.82 -10.37
N GLY A 481 -2.13 -6.26 -11.04
CA GLY A 481 -2.28 -7.31 -12.07
C GLY A 481 -2.96 -6.83 -13.35
N MET A 482 -2.28 -5.96 -14.07
CA MET A 482 -2.86 -5.21 -15.15
C MET A 482 -2.01 -5.32 -16.42
N GLY A 483 -2.67 -5.63 -17.53
CA GLY A 483 -1.99 -5.77 -18.81
C GLY A 483 -2.72 -5.09 -19.94
N SER A 484 -1.93 -4.52 -20.83
CA SER A 484 -2.45 -3.89 -22.05
C SER A 484 -1.72 -4.47 -23.27
N TYR A 485 -2.49 -4.91 -24.27
CA TYR A 485 -1.93 -5.54 -25.48
C TYR A 485 -2.22 -4.72 -26.75
N CYS A 486 -1.31 -4.75 -27.72
CA CYS A 486 -1.53 -4.05 -29.00
C CYS A 486 -1.46 -5.01 -30.19
N TYR A 487 -2.19 -4.66 -31.23
CA TYR A 487 -2.26 -5.41 -32.49
C TYR A 487 -2.72 -4.43 -33.55
N PHE A 488 -1.81 -3.52 -33.88
CA PHE A 488 -2.11 -2.45 -34.85
C PHE A 488 -1.91 -3.08 -36.21
N ASN A 489 -2.92 -3.85 -36.65
CA ASN A 489 -2.81 -4.73 -37.83
C ASN A 489 -3.06 -3.92 -39.08
N VAL A 490 -3.86 -2.87 -38.92
CA VAL A 490 -4.07 -1.93 -40.02
C VAL A 490 -2.75 -1.25 -40.34
N ASN A 491 -2.13 -0.63 -39.32
CA ASN A 491 -0.87 0.09 -39.52
C ASN A 491 0.16 -0.37 -38.48
N PRO A 492 0.91 -1.45 -38.80
CA PRO A 492 1.83 -2.04 -37.82
C PRO A 492 3.13 -1.26 -37.61
N ASP A 493 3.28 -0.08 -38.22
CA ASP A 493 4.36 0.81 -37.89
C ASP A 493 3.96 1.83 -36.78
N ILE A 494 2.74 1.74 -36.24
CA ILE A 494 2.33 2.59 -35.11
C ILE A 494 3.12 2.31 -33.84
N ARG A 495 3.25 3.34 -33.02
CA ARG A 495 3.81 3.27 -31.67
C ARG A 495 2.82 3.74 -30.60
N GLN A 496 2.70 2.96 -29.53
CA GLN A 496 1.85 3.30 -28.38
C GLN A 496 2.77 3.67 -27.23
N GLN A 497 2.68 4.90 -26.72
CA GLN A 497 3.68 5.36 -25.73
C GLN A 497 3.66 4.55 -24.49
N HIS A 498 2.46 4.19 -24.02
CA HIS A 498 2.35 3.41 -22.78
C HIS A 498 1.00 2.75 -22.65
N GLY A 499 0.95 1.71 -21.79
CA GLY A 499 -0.32 1.13 -21.42
C GLY A 499 -1.05 1.90 -20.33
N PHE A 500 -0.28 2.54 -19.45
CA PHE A 500 -0.76 3.17 -18.22
C PHE A 500 -0.21 4.60 -18.09
N GLN A 501 -1.03 5.52 -17.59
CA GLN A 501 -0.66 6.92 -17.36
C GLN A 501 -1.13 7.31 -15.95
N ALA A 502 -0.24 7.85 -15.12
CA ALA A 502 -0.64 8.27 -13.75
C ALA A 502 0.38 9.21 -13.18
N PRO A 503 -0.05 10.07 -12.25
CA PRO A 503 0.92 10.92 -11.59
C PRO A 503 1.88 10.14 -10.71
N VAL A 504 2.98 10.79 -10.40
CA VAL A 504 4.01 10.27 -9.55
C VAL A 504 3.83 10.82 -8.13
N LYS A 505 3.23 10.01 -7.26
CA LYS A 505 2.80 10.44 -5.91
C LYS A 505 2.68 9.21 -5.04
N PRO A 506 3.15 9.30 -3.77
CA PRO A 506 3.15 8.09 -2.96
C PRO A 506 1.80 7.38 -2.71
N GLY A 507 0.70 8.13 -2.85
CA GLY A 507 -0.65 7.61 -2.67
C GLY A 507 -1.18 6.85 -3.89
N VAL A 508 -0.49 6.99 -5.05
CA VAL A 508 -0.85 6.30 -6.33
C VAL A 508 0.13 5.15 -6.62
N LYS A 509 -0.37 3.91 -6.54
CA LYS A 509 0.51 2.73 -6.51
C LYS A 509 0.02 1.62 -7.40
N PHE A 510 0.90 1.09 -8.25
CA PHE A 510 0.61 -0.09 -9.06
C PHE A 510 1.51 -1.28 -8.72
N HIS A 511 0.96 -2.45 -8.95
CA HIS A 511 1.66 -3.71 -8.85
C HIS A 511 1.44 -4.59 -10.03
N ASP A 512 2.54 -5.10 -10.60
CA ASP A 512 2.51 -6.13 -11.62
C ASP A 512 1.81 -5.65 -12.88
N LEU A 513 2.51 -4.75 -13.58
CA LEU A 513 2.04 -4.17 -14.84
C LEU A 513 2.76 -4.83 -16.02
N LEU A 514 2.02 -4.97 -17.10
CA LEU A 514 2.65 -5.49 -18.34
C LEU A 514 2.01 -4.88 -19.59
N VAL A 515 2.85 -4.70 -20.64
CA VAL A 515 2.35 -4.43 -21.98
C VAL A 515 2.91 -5.46 -22.94
N VAL A 516 2.14 -5.76 -23.98
CA VAL A 516 2.52 -6.77 -24.95
C VAL A 516 2.11 -6.42 -26.36
N SER A 517 3.06 -6.52 -27.30
CA SER A 517 2.74 -6.45 -28.70
C SER A 517 2.46 -7.83 -29.27
N LEU A 518 1.26 -8.00 -29.81
CA LEU A 518 0.91 -9.26 -30.41
C LEU A 518 1.56 -9.43 -31.81
N GLY A 519 2.76 -10.00 -31.82
CA GLY A 519 3.35 -10.46 -33.06
C GLY A 519 3.99 -9.31 -33.86
N GLY A 520 4.39 -8.26 -33.17
CA GLY A 520 5.08 -7.15 -33.77
C GLY A 520 4.22 -6.15 -34.50
N LYS A 521 2.89 -6.27 -34.33
CA LYS A 521 1.95 -5.34 -34.97
C LYS A 521 1.79 -4.07 -34.10
N GLY A 522 2.63 -3.08 -34.39
CA GLY A 522 2.83 -1.98 -33.47
C GLY A 522 3.76 -2.39 -32.36
N GLN A 523 4.25 -1.39 -31.62
CA GLN A 523 4.99 -1.64 -30.39
C GLN A 523 4.66 -0.59 -29.33
N TYR A 524 4.87 -0.95 -28.06
CA TYR A 524 4.83 0.03 -26.97
C TYR A 524 6.20 0.68 -26.77
N GLU A 525 6.26 1.98 -26.47
CA GLU A 525 7.50 2.68 -26.07
C GLU A 525 7.91 2.39 -24.64
N HIS A 526 6.90 2.22 -23.80
CA HIS A 526 7.08 2.05 -22.38
C HIS A 526 5.89 1.34 -21.80
N VAL A 527 5.95 1.01 -20.52
CA VAL A 527 4.82 0.38 -19.84
C VAL A 527 3.87 1.44 -19.20
N ILE A 528 4.44 2.27 -18.36
CA ILE A 528 3.69 3.32 -17.66
C ILE A 528 4.42 4.66 -17.79
N ASN A 529 3.66 5.70 -18.11
CA ASN A 529 4.24 7.01 -18.29
C ASN A 529 5.42 6.93 -19.29
N ASP A 530 6.67 7.04 -18.83
CA ASP A 530 7.87 6.81 -19.65
C ASP A 530 8.84 5.81 -18.96
N ILE A 531 8.25 5.04 -18.05
CA ILE A 531 8.88 3.92 -17.33
C ILE A 531 8.57 2.58 -17.98
N GLY A 532 9.51 1.66 -17.90
CA GLY A 532 9.34 0.35 -18.50
C GLY A 532 10.00 0.33 -19.86
N ASP A 533 10.51 -0.83 -20.24
CA ASP A 533 11.17 -0.99 -21.51
C ASP A 533 10.14 -1.07 -22.63
N PRO A 534 10.54 -0.65 -23.84
CA PRO A 534 9.61 -0.84 -24.96
C PRO A 534 9.46 -2.31 -25.24
N THR A 535 8.40 -2.69 -25.93
CA THR A 535 8.33 -4.03 -26.50
C THR A 535 9.18 -4.04 -27.77
N SER A 536 9.68 -5.23 -28.13
CA SER A 536 10.52 -5.36 -29.34
C SER A 536 10.35 -6.74 -29.93
N GLY A 537 10.74 -6.86 -31.18
CA GLY A 537 10.66 -8.09 -31.96
C GLY A 537 9.21 -8.41 -32.36
N ASP A 538 9.02 -9.59 -32.94
CA ASP A 538 7.68 -10.12 -33.19
C ASP A 538 7.40 -11.38 -32.35
N THR A 539 8.13 -11.52 -31.26
CA THR A 539 8.07 -12.77 -30.47
C THR A 539 6.98 -12.72 -29.38
N THR A 540 6.18 -11.66 -29.44
CA THR A 540 5.15 -11.39 -28.44
C THR A 540 5.68 -11.74 -27.02
N ILE A 541 6.64 -10.96 -26.53
CA ILE A 541 7.17 -11.06 -25.15
C ILE A 541 6.71 -9.86 -24.33
N PRO A 542 6.14 -10.10 -23.16
CA PRO A 542 5.72 -8.91 -22.42
C PRO A 542 6.87 -8.04 -21.97
N SER A 543 6.60 -6.74 -21.83
CA SER A 543 7.44 -5.84 -21.07
C SER A 543 6.76 -5.54 -19.73
N GLN A 544 7.50 -5.75 -18.65
CA GLN A 544 6.92 -5.82 -17.32
C GLN A 544 7.47 -4.76 -16.40
N VAL A 545 6.61 -4.31 -15.51
CA VAL A 545 7.04 -3.50 -14.37
C VAL A 545 6.44 -4.10 -13.07
N VAL A 546 7.28 -4.41 -12.09
CA VAL A 546 6.78 -4.95 -10.84
C VAL A 546 6.15 -3.84 -9.97
N SER A 547 6.78 -2.66 -9.95
CA SER A 547 6.35 -1.60 -9.06
C SER A 547 6.40 -0.15 -9.55
N PHE A 548 5.28 0.54 -9.41
CA PHE A 548 5.23 1.97 -9.63
C PHE A 548 4.59 2.61 -8.40
N PRO A 549 5.09 3.79 -7.95
CA PRO A 549 6.21 4.55 -8.53
C PRO A 549 7.53 4.06 -7.97
N VAL B 2 -13.31 13.85 18.96
CA VAL B 2 -12.64 14.54 20.08
C VAL B 2 -13.01 13.98 21.45
N VAL B 3 -13.54 12.78 21.40
CA VAL B 3 -13.41 11.87 22.50
C VAL B 3 -11.96 11.49 22.60
N GLY B 4 -11.55 11.03 23.78
CA GLY B 4 -10.32 10.27 23.84
C GLY B 4 -10.50 8.86 23.31
N GLY B 5 -9.47 8.04 23.48
CA GLY B 5 -9.53 6.61 23.23
C GLY B 5 -9.95 6.09 21.86
N GLY B 6 -10.11 4.77 21.81
CA GLY B 6 -10.59 4.15 20.61
C GLY B 6 -9.55 3.61 19.67
N ASP B 7 -10.06 3.37 18.46
CA ASP B 7 -9.51 2.43 17.52
C ASP B 7 -8.17 2.87 16.87
N LEU B 8 -7.19 1.98 16.99
CA LEU B 8 -5.82 2.23 16.54
C LEU B 8 -5.65 2.02 15.03
N GLY B 9 -6.61 1.36 14.40
CA GLY B 9 -6.69 1.37 12.95
C GLY B 9 -5.97 0.24 12.25
N PRO B 10 -5.95 0.29 10.90
CA PRO B 10 -5.51 -0.92 10.22
C PRO B 10 -4.01 -1.02 10.14
N ASN B 11 -3.33 0.09 10.47
CA ASN B 11 -1.90 0.14 10.44
C ASN B 11 -1.21 -0.21 11.78
N VAL B 12 -1.97 -0.41 12.86
CA VAL B 12 -1.46 -1.11 14.05
C VAL B 12 -1.97 -2.56 13.97
N LEU B 13 -1.04 -3.50 13.90
CA LEU B 13 -1.37 -4.90 13.73
C LEU B 13 -0.97 -5.62 15.02
N VAL B 14 -1.95 -6.23 15.68
CA VAL B 14 -1.77 -6.72 17.01
C VAL B 14 -1.75 -8.25 16.91
N PHE B 15 -0.84 -8.87 17.63
CA PHE B 15 -0.73 -10.32 17.65
C PHE B 15 -0.79 -10.84 19.07
N ASP B 16 -1.22 -12.10 19.19
CA ASP B 16 -1.20 -12.82 20.45
C ASP B 16 -0.55 -14.18 20.15
N PRO B 17 -0.11 -14.92 21.18
CA PRO B 17 0.55 -16.17 20.84
C PRO B 17 -0.37 -17.16 20.13
N SER B 18 -1.70 -16.97 20.16
CA SER B 18 -2.66 -17.75 19.34
C SER B 18 -2.90 -17.21 17.92
N THR B 19 -2.43 -16.00 17.63
CA THR B 19 -2.70 -15.43 16.31
C THR B 19 -2.17 -16.41 15.23
N PRO B 20 -3.04 -16.89 14.32
CA PRO B 20 -2.62 -17.73 13.21
C PRO B 20 -1.66 -17.04 12.29
N ASP B 21 -0.72 -17.79 11.73
CA ASP B 21 0.17 -17.30 10.68
C ASP B 21 0.91 -15.99 11.01
N ILE B 22 1.43 -15.90 12.23
CA ILE B 22 2.19 -14.71 12.61
C ILE B 22 3.41 -14.46 11.68
N GLN B 23 4.19 -15.50 11.40
CA GLN B 23 5.35 -15.30 10.54
C GLN B 23 4.92 -14.84 9.16
N GLY B 24 3.79 -15.38 8.68
CA GLY B 24 3.33 -15.02 7.37
C GLY B 24 2.89 -13.57 7.35
N LYS B 25 2.28 -13.12 8.44
CA LYS B 25 1.75 -11.76 8.53
C LYS B 25 2.87 -10.75 8.64
N VAL B 26 3.95 -11.09 9.36
CA VAL B 26 5.09 -10.16 9.49
C VAL B 26 6.02 -10.21 8.28
N ASP B 27 6.13 -11.36 7.62
CA ASP B 27 6.96 -11.44 6.41
C ASP B 27 6.29 -10.67 5.25
N GLU B 28 4.96 -10.61 5.32
CA GLU B 28 4.15 -9.86 4.39
C GLU B 28 4.43 -8.34 4.46
N VAL B 29 4.47 -7.82 5.69
CA VAL B 29 4.85 -6.42 5.89
C VAL B 29 6.29 -6.20 5.39
N PHE B 30 7.22 -7.10 5.71
CA PHE B 30 8.64 -6.91 5.32
C PHE B 30 8.79 -6.89 3.81
N ARG B 31 8.02 -7.67 3.09
CA ARG B 31 8.33 -7.63 1.69
C ARG B 31 7.77 -6.41 1.02
N LYS B 32 6.76 -5.78 1.59
CA LYS B 32 6.33 -4.44 1.13
C LYS B 32 7.22 -3.30 1.58
N GLN B 33 7.74 -3.41 2.78
CA GLN B 33 8.48 -2.31 3.37
C GLN B 33 10.01 -2.44 3.21
N GLU B 34 10.49 -3.61 2.81
CA GLU B 34 11.90 -3.91 2.60
C GLU B 34 12.76 -2.82 1.95
N SER B 35 12.35 -2.41 0.76
CA SER B 35 13.12 -1.46 -0.04
C SER B 35 12.37 -0.14 -0.14
N ASN B 36 11.34 0.03 0.69
CA ASN B 36 10.38 1.14 0.57
C ASN B 36 10.89 2.38 1.29
N GLN B 37 12.06 2.87 0.89
CA GLN B 37 12.78 3.87 1.69
C GLN B 37 12.01 5.19 1.88
N PHE B 38 11.30 5.60 0.85
CA PHE B 38 10.69 6.92 0.86
C PHE B 38 9.20 6.88 0.66
N GLY B 39 8.59 5.68 0.62
CA GLY B 39 7.13 5.56 0.56
C GLY B 39 6.45 6.01 1.84
N THR B 40 5.14 6.28 1.75
CA THR B 40 4.39 6.78 2.88
C THR B 40 3.87 5.70 3.85
N ASP B 41 3.84 4.46 3.39
CA ASP B 41 3.29 3.39 4.21
C ASP B 41 3.98 3.31 5.57
N ARG B 42 3.21 2.96 6.61
CA ARG B 42 3.66 2.93 8.00
C ARG B 42 3.01 1.73 8.70
N TYR B 43 3.80 1.03 9.52
CA TYR B 43 3.27 -0.08 10.29
C TYR B 43 3.84 -0.16 11.68
N ALA B 44 2.98 -0.47 12.63
CA ALA B 44 3.39 -0.85 13.98
C ALA B 44 2.93 -2.27 14.26
N LEU B 45 3.87 -3.11 14.69
CA LEU B 45 3.62 -4.50 15.08
C LEU B 45 3.69 -4.53 16.61
N MET B 46 2.55 -4.92 17.21
CA MET B 46 2.36 -4.91 18.65
C MET B 46 2.07 -6.35 19.08
N PHE B 47 2.92 -6.88 19.94
CA PHE B 47 2.79 -8.26 20.42
C PHE B 47 2.34 -8.29 21.87
N LYS B 48 1.21 -8.90 22.11
CA LYS B 48 0.79 -9.11 23.50
C LYS B 48 1.64 -10.04 24.27
N PRO B 49 1.59 -9.92 25.59
CA PRO B 49 2.29 -10.88 26.46
C PRO B 49 2.15 -12.33 26.00
N GLY B 50 3.26 -13.02 26.19
CA GLY B 50 3.33 -14.47 25.95
C GLY B 50 4.69 -14.86 25.42
N THR B 51 4.78 -16.09 24.89
CA THR B 51 5.96 -16.67 24.30
C THR B 51 5.62 -17.05 22.89
N TYR B 52 6.45 -16.59 21.96
CA TYR B 52 6.26 -16.79 20.54
C TYR B 52 7.43 -17.58 20.00
N ASN B 53 7.16 -18.55 19.14
CA ASN B 53 8.12 -19.53 18.66
C ASN B 53 8.08 -19.56 17.11
N ASP B 54 9.11 -20.15 16.50
CA ASP B 54 9.16 -20.32 15.05
C ASP B 54 9.02 -18.88 14.48
N ILE B 55 9.75 -17.89 15.06
CA ILE B 55 9.62 -16.49 14.62
C ILE B 55 10.92 -15.79 14.23
N ASN B 56 10.90 -15.12 13.07
CA ASN B 56 12.03 -14.33 12.58
C ASN B 56 11.40 -13.10 11.99
N ALA B 57 11.33 -12.03 12.76
CA ALA B 57 10.63 -10.83 12.33
C ALA B 57 11.66 -9.93 11.69
N GLN B 58 11.71 -9.93 10.37
CA GLN B 58 12.59 -9.01 9.66
C GLN B 58 11.85 -7.65 9.56
N ILE B 59 12.58 -6.58 9.86
CA ILE B 59 12.01 -5.28 10.06
C ILE B 59 12.49 -4.37 8.90
N GLY B 60 11.54 -3.95 8.06
CA GLY B 60 11.86 -3.03 6.98
C GLY B 60 11.71 -1.57 7.33
N PHE B 61 11.66 -0.73 6.31
CA PHE B 61 11.38 0.70 6.52
C PHE B 61 10.05 0.96 7.23
N TYR B 62 10.05 2.00 8.05
CA TYR B 62 8.85 2.53 8.69
C TYR B 62 8.02 1.46 9.38
N THR B 63 8.72 0.55 10.05
CA THR B 63 8.11 -0.53 10.79
C THR B 63 8.65 -0.47 12.20
N SER B 64 7.73 -0.35 13.15
CA SER B 64 8.03 -0.46 14.58
C SER B 64 7.57 -1.84 15.07
N ILE B 65 8.32 -2.42 15.99
CA ILE B 65 7.90 -3.71 16.59
C ILE B 65 8.09 -3.57 18.09
N ALA B 66 7.11 -4.01 18.86
CA ALA B 66 7.18 -3.88 20.32
C ALA B 66 6.29 -4.88 21.00
N GLY B 67 6.64 -5.15 22.25
CA GLY B 67 5.81 -5.93 23.16
C GLY B 67 4.90 -5.00 23.98
N LEU B 68 3.84 -5.58 24.52
CA LEU B 68 2.78 -4.86 25.21
C LEU B 68 2.64 -5.26 26.68
N GLY B 69 3.65 -5.95 27.21
CA GLY B 69 3.75 -6.11 28.64
C GLY B 69 4.49 -4.84 29.03
N LEU B 70 3.97 -4.10 30.03
CA LEU B 70 4.81 -3.26 30.89
C LEU B 70 6.27 -3.62 30.57
N ASN B 71 6.70 -4.77 31.11
CA ASN B 71 8.10 -5.24 30.91
C ASN B 71 8.46 -6.21 29.77
N PRO B 72 9.74 -6.17 29.34
CA PRO B 72 10.22 -6.83 28.13
C PRO B 72 10.10 -8.32 28.34
N ASP B 73 10.43 -8.73 29.56
CA ASP B 73 10.51 -10.17 29.79
C ASP B 73 9.10 -10.85 29.82
N ASP B 74 8.04 -10.04 29.72
CA ASP B 74 6.65 -10.53 29.53
C ASP B 74 6.29 -10.95 28.09
N THR B 75 7.06 -10.49 27.10
CA THR B 75 6.79 -10.78 25.68
C THR B 75 8.09 -11.28 25.09
N THR B 76 8.19 -12.61 24.96
CA THR B 76 9.43 -13.27 24.63
C THR B 76 9.30 -13.98 23.31
N PHE B 77 10.23 -13.71 22.42
CA PHE B 77 10.31 -14.44 21.17
C PHE B 77 11.40 -15.49 21.30
N ASN B 78 11.07 -16.73 20.96
CA ASN B 78 12.12 -17.71 20.70
C ASN B 78 12.38 -17.64 19.23
N GLY B 79 13.38 -16.85 18.90
CA GLY B 79 13.46 -16.27 17.59
C GLY B 79 14.07 -14.89 17.64
N ASP B 80 13.86 -14.14 16.56
CA ASP B 80 14.69 -12.99 16.24
C ASP B 80 13.88 -11.79 15.77
N VAL B 81 14.44 -10.62 16.02
CA VAL B 81 13.98 -9.36 15.40
C VAL B 81 15.16 -8.86 14.58
N THR B 82 15.10 -9.08 13.27
CA THR B 82 16.24 -8.99 12.38
C THR B 82 16.15 -7.72 11.52
N VAL B 83 17.28 -7.05 11.41
CA VAL B 83 17.54 -6.11 10.30
C VAL B 83 18.86 -6.50 9.67
N ASP B 84 18.82 -6.73 8.36
CA ASP B 84 19.99 -7.06 7.58
C ASP B 84 20.04 -6.15 6.34
N ALA B 85 21.12 -6.25 5.59
CA ALA B 85 21.38 -5.34 4.48
C ALA B 85 21.38 -6.02 3.11
N GLY B 86 20.45 -6.93 2.87
CA GLY B 86 20.43 -7.66 1.62
C GLY B 86 19.93 -6.80 0.48
N TRP B 87 19.03 -5.86 0.79
CA TRP B 87 18.42 -5.03 -0.23
C TRP B 87 19.38 -4.09 -0.97
N PHE B 88 20.55 -3.76 -0.39
CA PHE B 88 21.46 -2.71 -0.91
C PHE B 88 22.91 -3.20 -1.12
N ASP B 89 23.18 -3.99 -2.16
CA ASP B 89 24.53 -4.58 -2.33
C ASP B 89 25.06 -5.41 -1.08
N GLY B 90 24.68 -5.03 0.15
CA GLY B 90 25.18 -5.66 1.39
C GLY B 90 25.48 -4.54 2.38
N ASN B 91 25.04 -3.36 1.99
CA ASN B 91 25.42 -2.12 2.62
C ASN B 91 24.28 -1.69 3.53
N ALA B 92 24.57 -1.45 4.81
CA ALA B 92 23.53 -1.15 5.79
C ALA B 92 23.34 0.35 5.99
N THR B 93 24.03 1.17 5.19
CA THR B 93 24.00 2.61 5.44
C THR B 93 22.73 3.34 4.97
N GLN B 94 21.69 2.62 4.55
CA GLN B 94 20.42 3.26 4.37
C GLN B 94 19.33 2.55 5.16
N ASN B 95 19.73 1.82 6.19
CA ASN B 95 18.73 1.09 7.00
C ASN B 95 18.19 1.99 8.10
N PHE B 96 17.30 2.88 7.67
CA PHE B 96 16.78 3.93 8.52
C PHE B 96 15.35 3.68 9.00
N TRP B 97 14.90 4.48 9.96
CA TRP B 97 13.45 4.69 10.25
C TRP B 97 12.69 3.39 10.62
N ARG B 98 13.12 2.77 11.71
CA ARG B 98 12.46 1.57 12.21
C ARG B 98 12.80 1.45 13.70
N SER B 99 12.19 0.52 14.41
CA SER B 99 12.42 0.48 15.86
C SER B 99 12.00 -0.86 16.46
N ALA B 100 12.64 -1.17 17.57
CA ALA B 100 12.28 -2.33 18.40
C ALA B 100 12.22 -1.88 19.87
N GLU B 101 11.18 -2.30 20.58
CA GLU B 101 10.95 -1.88 21.98
C GLU B 101 10.25 -2.96 22.83
N ASN B 102 10.75 -3.19 24.03
CA ASN B 102 9.96 -3.89 25.06
C ASN B 102 9.63 -5.33 24.71
N LEU B 103 10.67 -6.02 24.28
CA LEU B 103 10.66 -7.44 23.91
C LEU B 103 11.88 -8.16 24.54
N ALA B 104 11.73 -9.46 24.78
CA ALA B 104 12.85 -10.33 25.11
C ALA B 104 13.08 -11.25 23.91
N LEU B 105 14.32 -11.39 23.48
CA LEU B 105 14.68 -12.25 22.36
C LEU B 105 15.58 -13.39 22.82
N ASN B 106 15.25 -14.57 22.34
CA ASN B 106 16.05 -15.78 22.51
C ASN B 106 16.45 -16.20 21.09
N PRO B 107 17.52 -15.59 20.58
CA PRO B 107 17.80 -15.72 19.14
C PRO B 107 18.21 -17.12 18.72
N VAL B 108 17.76 -17.49 17.54
CA VAL B 108 17.74 -18.88 17.14
C VAL B 108 19.15 -19.49 17.04
N ASN B 109 20.15 -18.69 16.65
CA ASN B 109 21.54 -19.18 16.58
C ASN B 109 22.42 -18.62 17.69
N GLY B 110 21.80 -17.97 18.67
CA GLY B 110 22.49 -17.44 19.83
C GLY B 110 22.77 -15.94 19.76
N THR B 111 22.62 -15.36 18.57
CA THR B 111 22.86 -13.94 18.36
C THR B 111 21.79 -13.32 17.49
N ASN B 112 21.26 -12.18 17.95
CA ASN B 112 20.30 -11.41 17.15
C ASN B 112 21.04 -10.36 16.32
N ARG B 113 20.61 -10.18 15.08
CA ARG B 113 21.25 -9.22 14.15
C ARG B 113 20.32 -7.98 13.99
N TRP B 114 20.81 -6.80 14.39
CA TRP B 114 20.10 -5.52 14.20
C TRP B 114 21.10 -4.60 13.49
N ALA B 115 21.26 -4.80 12.19
CA ALA B 115 22.27 -4.10 11.40
C ALA B 115 21.67 -2.85 10.80
N VAL B 116 21.56 -1.83 11.64
CA VAL B 116 20.85 -0.60 11.30
C VAL B 116 21.80 0.58 11.14
N SER B 117 21.30 1.66 10.55
CA SER B 117 22.00 2.95 10.59
C SER B 117 21.14 3.91 11.39
N GLN B 118 21.04 5.18 10.99
CA GLN B 118 20.39 6.18 11.81
C GLN B 118 18.89 6.00 11.94
N ALA B 119 18.34 6.52 13.04
CA ALA B 119 16.90 6.55 13.30
C ALA B 119 16.31 5.14 13.37
N ALA B 120 17.02 4.27 14.09
CA ALA B 120 16.62 2.88 14.26
C ALA B 120 16.78 2.45 15.73
N PRO B 121 16.02 3.09 16.62
CA PRO B 121 16.27 2.84 18.06
C PRO B 121 15.93 1.41 18.54
N PHE B 122 16.70 0.97 19.54
CA PHE B 122 16.55 -0.36 20.18
C PHE B 122 16.45 -0.03 21.67
N ARG B 123 15.22 -0.09 22.19
CA ARG B 123 14.95 0.37 23.55
C ARG B 123 14.27 -0.69 24.40
N ARG B 124 14.63 -0.73 25.66
CA ARG B 124 13.90 -1.57 26.58
C ARG B 124 13.84 -3.01 26.10
N MET B 125 14.97 -3.50 25.56
CA MET B 125 15.05 -4.85 25.02
C MET B 125 15.87 -5.72 25.96
N HIS B 126 15.53 -7.01 25.97
CA HIS B 126 16.39 -8.01 26.62
C HIS B 126 16.76 -9.06 25.60
N VAL B 127 18.03 -9.11 25.26
CA VAL B 127 18.55 -10.15 24.38
C VAL B 127 19.24 -11.25 25.17
N LYS B 128 18.68 -12.46 25.12
CA LYS B 128 19.23 -13.62 25.82
C LYS B 128 20.22 -14.31 24.86
N GLY B 129 21.28 -13.58 24.56
CA GLY B 129 22.31 -13.99 23.62
C GLY B 129 23.15 -12.77 23.27
N GLY B 130 23.77 -12.82 22.12
CA GLY B 130 24.58 -11.73 21.67
C GLY B 130 23.78 -10.86 20.74
N LEU B 131 24.43 -9.77 20.27
CA LEU B 131 23.81 -8.79 19.39
C LEU B 131 24.86 -8.40 18.37
N ASN B 132 24.54 -8.76 17.14
CA ASN B 132 25.35 -8.45 15.99
C ASN B 132 24.77 -7.20 15.32
N LEU B 133 25.56 -6.14 15.28
CA LEU B 133 25.13 -4.84 14.71
C LEU B 133 25.55 -4.68 13.25
N ALA B 134 26.23 -5.69 12.67
CA ALA B 134 26.70 -5.59 11.28
C ALA B 134 25.87 -6.46 10.34
N PRO B 135 25.69 -6.00 9.09
CA PRO B 135 25.02 -6.85 8.11
C PRO B 135 25.84 -8.08 7.83
N ASP B 136 25.18 -9.13 7.35
CA ASP B 136 25.89 -10.35 6.97
C ASP B 136 26.88 -10.02 5.91
N GLY B 137 28.14 -10.44 6.12
CA GLY B 137 29.27 -10.09 5.26
C GLY B 137 29.97 -8.77 5.57
N TYR B 138 29.56 -8.11 6.67
CA TYR B 138 30.22 -6.95 7.23
C TYR B 138 30.34 -5.75 6.29
N GLY B 139 29.25 -5.45 5.60
CA GLY B 139 29.15 -4.24 4.78
C GLY B 139 29.19 -2.98 5.63
N TRP B 140 29.17 -1.84 4.97
CA TRP B 140 29.21 -0.59 5.67
C TRP B 140 27.96 -0.40 6.57
N ALA B 141 28.15 0.29 7.70
CA ALA B 141 27.04 0.54 8.61
C ALA B 141 27.35 1.78 9.45
N SER B 142 26.31 2.59 9.67
CA SER B 142 26.44 3.89 10.33
C SER B 142 25.32 4.18 11.38
N GLY B 143 25.24 3.30 12.37
CA GLY B 143 24.29 3.43 13.46
C GLY B 143 24.80 4.36 14.54
N GLY B 144 24.24 4.34 15.74
CA GLY B 144 23.17 3.52 16.18
C GLY B 144 22.89 3.93 17.63
N TYR B 145 21.85 3.33 18.21
CA TYR B 145 21.30 3.80 19.49
C TYR B 145 20.67 2.66 20.27
N ILE B 146 21.22 2.35 21.44
CA ILE B 146 20.67 1.34 22.36
C ILE B 146 20.47 2.04 23.68
N ALA B 147 19.27 1.92 24.23
CA ALA B 147 18.98 2.42 25.57
C ALA B 147 18.11 1.48 26.38
N ASP B 148 18.33 1.53 27.69
CA ASP B 148 17.54 0.81 28.69
C ASP B 148 17.41 -0.68 28.37
N SER B 149 18.46 -1.27 27.82
CA SER B 149 18.44 -2.67 27.40
C SER B 149 19.46 -3.53 28.15
N LYS B 150 19.21 -4.84 28.15
CA LYS B 150 20.15 -5.82 28.73
C LYS B 150 20.44 -6.84 27.63
N ILE B 151 21.71 -6.90 27.22
CA ILE B 151 22.18 -7.94 26.28
C ILE B 151 23.07 -8.87 27.09
N ASP B 152 22.62 -10.11 27.22
CA ASP B 152 23.27 -11.04 28.13
C ASP B 152 24.65 -11.44 27.62
N GLY B 153 24.75 -11.60 26.30
CA GLY B 153 26.01 -11.90 25.66
C GLY B 153 26.82 -10.66 25.31
N GLU B 154 27.57 -10.73 24.22
CA GLU B 154 28.53 -9.67 23.93
C GLU B 154 27.70 -8.52 23.31
N VAL B 155 28.22 -7.96 22.23
CA VAL B 155 27.53 -6.99 21.39
C VAL B 155 28.66 -6.84 20.42
N GLY B 156 28.42 -7.16 19.16
CA GLY B 156 29.46 -7.13 18.14
C GLY B 156 29.19 -6.03 17.11
N PRO B 157 29.89 -4.90 17.24
CA PRO B 157 29.57 -3.85 16.25
C PRO B 157 30.26 -4.09 14.89
N TYR B 158 31.33 -4.90 14.86
CA TYR B 158 32.14 -5.14 13.65
C TYR B 158 32.44 -3.86 12.81
N SER B 159 31.76 -3.72 11.66
CA SER B 159 31.93 -2.60 10.71
C SER B 159 31.23 -1.29 11.11
N GLN B 160 30.31 -1.35 12.08
CA GLN B 160 29.64 -0.10 12.53
C GLN B 160 30.60 1.04 12.85
N GLN B 161 30.43 2.21 12.22
CA GLN B 161 31.45 3.25 12.42
C GLN B 161 31.48 3.76 13.85
N GLN B 162 30.27 3.91 14.38
CA GLN B 162 30.10 4.55 15.67
C GLN B 162 28.81 4.02 16.28
N TRP B 163 28.60 4.32 17.55
CA TRP B 163 27.43 3.82 18.27
C TRP B 163 27.29 4.52 19.62
N TYR B 164 26.05 4.65 20.11
CA TYR B 164 25.82 5.20 21.43
C TYR B 164 24.96 4.24 22.21
N THR B 165 25.42 3.87 23.38
CA THR B 165 24.65 3.04 24.28
C THR B 165 24.50 3.76 25.59
N ARG B 166 23.26 3.76 26.07
CA ARG B 166 22.99 4.38 27.38
C ARG B 166 22.13 3.53 28.32
N ASP B 167 22.49 3.58 29.60
CA ASP B 167 21.64 3.09 30.70
C ASP B 167 21.14 1.66 30.45
N SER B 168 22.12 0.79 30.35
CA SER B 168 21.95 -0.56 29.86
C SER B 168 22.96 -1.46 30.57
N SER B 169 22.93 -2.72 30.18
CA SER B 169 23.85 -3.74 30.68
C SER B 169 24.26 -4.60 29.47
N VAL B 170 25.56 -4.84 29.32
CA VAL B 170 26.04 -5.72 28.26
C VAL B 170 26.99 -6.76 28.86
N GLY B 171 26.93 -7.98 28.36
CA GLY B 171 27.85 -9.01 28.85
C GLY B 171 29.27 -8.76 28.40
N GLY B 172 29.43 -8.12 27.23
CA GLY B 172 30.71 -7.71 26.67
C GLY B 172 30.53 -6.81 25.44
N TRP B 173 31.61 -6.23 24.96
CA TRP B 173 31.57 -5.33 23.81
C TRP B 173 32.80 -5.65 22.95
N GLY B 174 32.57 -5.95 21.68
CA GLY B 174 33.54 -6.61 20.83
C GLY B 174 34.60 -5.75 20.17
N ASN B 175 34.25 -4.52 19.80
CA ASN B 175 35.18 -3.67 19.05
C ASN B 175 34.54 -2.33 18.78
N GLY B 176 35.40 -1.35 18.50
CA GLY B 176 34.95 -0.05 18.02
C GLY B 176 35.78 0.32 16.80
N VAL B 177 35.18 1.13 15.92
CA VAL B 177 35.77 1.62 14.67
C VAL B 177 36.25 3.04 14.86
N TRP B 178 35.33 4.00 14.84
CA TRP B 178 35.65 5.40 15.03
C TRP B 178 35.17 6.05 16.34
N ASN B 179 33.97 5.67 16.84
CA ASN B 179 33.42 6.34 18.03
C ASN B 179 32.31 5.55 18.70
N MET B 180 32.67 4.70 19.66
CA MET B 180 31.69 3.98 20.48
C MET B 180 31.65 4.70 21.83
N THR B 181 30.50 5.29 22.13
CA THR B 181 30.26 6.03 23.37
C THR B 181 29.23 5.31 24.25
N PHE B 182 29.48 5.30 25.55
CA PHE B 182 28.62 4.64 26.51
C PHE B 182 28.38 5.63 27.63
N SER B 183 27.15 5.72 28.14
CA SER B 183 26.89 6.42 29.39
C SER B 183 25.94 5.58 30.24
N GLY B 184 26.35 5.33 31.46
CA GLY B 184 25.57 4.48 32.34
C GLY B 184 25.43 3.02 31.93
N VAL B 185 26.46 2.48 31.31
CA VAL B 185 26.39 1.12 30.78
C VAL B 185 27.22 0.13 31.60
N GLU B 186 26.51 -0.77 32.28
CA GLU B 186 27.17 -1.81 33.04
C GLU B 186 27.78 -2.79 32.07
N GLY B 187 29.08 -3.02 32.17
CA GLY B 187 29.79 -3.93 31.28
C GLY B 187 30.43 -3.21 30.11
N ALA B 188 30.24 -1.90 30.00
CA ALA B 188 30.91 -1.15 28.95
C ALA B 188 32.42 -1.33 29.05
N PRO B 189 33.11 -1.21 27.93
CA PRO B 189 34.57 -1.22 28.06
C PRO B 189 35.06 0.06 28.77
N ALA B 190 36.22 -0.04 29.38
CA ALA B 190 36.81 1.12 30.04
C ALA B 190 37.24 2.17 29.01
N GLN B 191 37.07 3.43 29.44
CA GLN B 191 37.50 4.62 28.71
C GLN B 191 38.90 4.42 28.17
N SER B 192 39.11 4.65 26.86
CA SER B 192 40.46 4.55 26.26
C SER B 192 40.73 5.27 24.97
N PHE B 193 39.84 6.16 24.54
CA PHE B 193 40.01 6.90 23.27
C PHE B 193 41.44 7.46 23.32
N PRO B 194 42.20 7.34 22.22
CA PRO B 194 41.73 6.99 20.87
C PRO B 194 41.65 5.52 20.53
N GLU B 195 42.31 4.63 21.27
CA GLU B 195 42.32 3.22 20.81
C GLU B 195 42.27 2.12 21.90
N PRO B 196 41.19 1.28 21.89
CA PRO B 196 40.07 1.40 20.96
C PRO B 196 39.34 2.73 21.22
N PRO B 197 38.46 3.14 20.30
CA PRO B 197 37.88 4.49 20.43
C PRO B 197 36.60 4.49 21.30
N TYR B 198 36.81 4.23 22.58
CA TYR B 198 35.72 4.09 23.56
C TYR B 198 35.69 5.30 24.48
N THR B 199 34.56 6.01 24.43
CA THR B 199 34.27 7.11 25.34
C THR B 199 33.25 6.57 26.33
N THR B 200 33.64 6.55 27.61
CA THR B 200 32.89 5.84 28.62
C THR B 200 32.65 6.73 29.85
N LEU B 201 31.37 7.00 30.12
CA LEU B 201 30.90 7.76 31.29
C LEU B 201 30.17 6.78 32.18
N GLU B 202 30.51 6.72 33.48
CA GLU B 202 29.94 5.69 34.37
C GLU B 202 28.41 5.98 34.56
N THR B 203 27.96 7.21 34.34
CA THR B 203 26.52 7.54 34.40
C THR B 203 26.03 8.52 33.32
N THR B 204 24.70 8.54 33.09
CA THR B 204 24.06 9.60 32.27
C THR B 204 23.54 10.67 33.24
N PRO B 205 23.85 11.95 32.97
CA PRO B 205 23.52 12.97 34.00
C PRO B 205 22.02 13.10 34.32
N VAL B 206 21.16 13.00 33.32
CA VAL B 206 19.78 12.60 33.59
C VAL B 206 19.23 11.92 32.36
N SER B 207 18.27 11.04 32.59
CA SER B 207 17.55 10.39 31.51
C SER B 207 16.15 10.04 31.96
N ARG B 208 15.27 9.90 31.00
CA ARG B 208 13.88 9.58 31.32
C ARG B 208 13.43 8.69 30.18
N GLU B 209 13.10 7.46 30.52
CA GLU B 209 12.82 6.52 29.48
C GLU B 209 11.59 6.90 28.65
N LYS B 210 11.58 6.42 27.43
CA LYS B 210 10.54 6.80 26.45
C LYS B 210 9.20 6.19 26.84
N PRO B 211 8.10 6.97 26.76
CA PRO B 211 6.80 6.34 27.04
C PRO B 211 6.43 5.28 26.02
N PHE B 212 5.61 4.29 26.39
CA PHE B 212 5.30 3.24 25.45
C PHE B 212 3.92 2.69 25.80
N LEU B 213 3.20 2.27 24.76
CA LEU B 213 1.91 1.61 24.91
C LEU B 213 2.15 0.22 25.46
N TYR B 214 1.28 -0.18 26.37
CA TYR B 214 1.32 -1.57 26.86
C TYR B 214 -0.09 -2.03 27.20
N LEU B 215 -0.22 -3.25 27.69
CA LEU B 215 -1.48 -3.71 28.27
C LEU B 215 -1.42 -3.89 29.81
N ASP B 216 -2.26 -3.14 30.52
CA ASP B 216 -2.27 -3.06 32.00
C ASP B 216 -3.14 -4.18 32.62
N GLY B 217 -3.19 -5.31 31.93
CA GLY B 217 -4.31 -6.18 32.04
C GLY B 217 -5.29 -5.50 31.11
N ASP B 218 -6.20 -6.31 30.56
CA ASP B 218 -6.91 -6.13 29.25
C ASP B 218 -7.09 -4.75 28.52
N ASP B 219 -6.89 -3.61 29.22
CA ASP B 219 -7.07 -2.35 28.48
C ASP B 219 -5.72 -1.79 28.04
N TYR B 220 -5.76 -0.74 27.21
CA TYR B 220 -4.52 -0.11 26.77
C TYR B 220 -4.18 1.08 27.64
N LYS B 221 -2.90 1.17 27.96
CA LYS B 221 -2.33 2.30 28.69
C LYS B 221 -0.99 2.69 28.07
N VAL B 222 -0.54 3.90 28.36
CA VAL B 222 0.82 4.33 28.08
C VAL B 222 1.55 4.52 29.43
N PHE B 223 2.68 3.83 29.61
CA PHE B 223 3.55 4.06 30.76
C PHE B 223 4.46 5.21 30.50
N VAL B 224 4.62 6.05 31.51
CA VAL B 224 5.41 7.26 31.43
C VAL B 224 6.45 7.17 32.51
N PRO B 225 7.66 6.74 32.14
CA PRO B 225 8.79 6.66 33.08
C PRO B 225 9.06 7.99 33.74
N ALA B 226 9.52 7.96 34.98
CA ALA B 226 9.81 9.22 35.67
C ALA B 226 11.32 9.41 35.66
N LYS B 227 11.80 10.61 35.40
CA LYS B 227 13.24 10.74 35.16
C LYS B 227 14.16 10.23 36.25
N ARG B 228 15.38 9.99 35.82
CA ARG B 228 16.43 9.39 36.62
C ARG B 228 17.62 10.31 36.64
N THR B 229 18.24 10.43 37.80
CA THR B 229 19.47 11.19 37.94
C THR B 229 20.68 10.27 38.02
N ASN B 230 21.81 10.64 37.43
CA ASN B 230 22.99 9.79 37.53
C ASN B 230 22.66 8.33 37.20
N ALA B 231 21.93 8.16 36.10
CA ALA B 231 21.42 6.86 35.68
C ALA B 231 22.53 5.89 35.28
N ARG B 232 22.36 4.65 35.72
CA ARG B 232 23.22 3.55 35.29
C ARG B 232 22.43 2.24 35.32
N GLY B 233 22.61 1.43 34.29
CA GLY B 233 21.89 0.19 34.17
C GLY B 233 20.42 0.41 33.78
N THR B 234 19.66 -0.66 33.73
CA THR B 234 18.28 -0.62 33.22
C THR B 234 17.28 -0.21 34.31
N SER B 235 16.20 0.41 33.88
CA SER B 235 15.12 0.88 34.73
C SER B 235 14.11 -0.18 35.17
N TRP B 236 14.39 -1.42 34.84
CA TRP B 236 13.36 -2.45 34.84
C TRP B 236 13.75 -3.81 35.39
N GLY B 237 15.00 -4.05 35.72
CA GLY B 237 15.24 -5.21 36.57
C GLY B 237 14.60 -4.89 37.92
N ASN B 238 15.34 -4.12 38.73
CA ASN B 238 15.08 -3.97 40.17
C ASN B 238 13.58 -3.86 40.62
N GLY B 239 12.99 -2.66 40.77
CA GLY B 239 11.68 -2.50 41.48
C GLY B 239 10.47 -1.99 40.69
N THR B 240 9.27 -2.56 40.97
CA THR B 240 8.19 -2.58 39.96
C THR B 240 8.37 -1.30 39.19
N PRO B 241 8.70 -1.39 37.91
CA PRO B 241 9.26 -0.20 37.23
C PRO B 241 8.49 1.13 37.53
N GLU B 242 9.13 2.28 37.31
CA GLU B 242 8.70 3.55 37.93
C GLU B 242 8.23 4.66 36.99
N GLY B 243 7.03 5.18 37.26
CA GLY B 243 6.43 6.22 36.43
C GLY B 243 4.94 6.02 36.50
N GLU B 244 4.19 6.63 35.58
CA GLU B 244 2.74 6.53 35.66
C GLU B 244 2.19 5.69 34.54
N SER B 245 0.96 5.23 34.73
CA SER B 245 0.20 4.46 33.75
C SER B 245 -1.01 5.31 33.40
N LEU B 246 -1.17 5.59 32.11
CA LEU B 246 -2.23 6.45 31.64
C LEU B 246 -3.18 5.66 30.76
N PRO B 247 -4.50 5.75 31.03
CA PRO B 247 -5.45 5.04 30.17
C PRO B 247 -5.46 5.57 28.75
N LEU B 248 -5.50 4.67 27.77
CA LEU B 248 -5.74 5.03 26.36
C LEU B 248 -6.84 6.06 26.17
N ASP B 249 -7.90 5.98 26.98
CA ASP B 249 -9.06 6.79 26.64
C ASP B 249 -8.89 8.24 27.16
N GLN B 250 -7.69 8.54 27.68
CA GLN B 250 -7.24 9.90 27.97
C GLN B 250 -6.33 10.46 26.85
N PHE B 251 -6.16 9.70 25.77
CA PHE B 251 -5.46 10.18 24.54
C PHE B 251 -6.42 10.46 23.38
N TYR B 252 -6.15 11.51 22.60
CA TYR B 252 -6.75 11.62 21.27
C TYR B 252 -5.95 10.71 20.33
N VAL B 253 -6.63 9.75 19.70
CA VAL B 253 -5.96 8.73 18.86
C VAL B 253 -5.99 9.19 17.40
N VAL B 254 -4.94 9.91 17.02
CA VAL B 254 -4.81 10.59 15.75
C VAL B 254 -4.87 9.54 14.61
N LYS B 255 -5.67 9.85 13.59
CA LYS B 255 -6.15 8.92 12.56
C LYS B 255 -6.09 9.69 11.23
N PRO B 256 -5.90 9.01 10.07
CA PRO B 256 -6.23 9.76 8.83
C PRO B 256 -7.57 10.54 8.89
N GLY B 257 -7.59 11.77 8.31
CA GLY B 257 -8.62 12.77 8.60
C GLY B 257 -8.35 14.02 9.50
N ALA B 258 -7.63 13.88 10.61
CA ALA B 258 -7.69 14.90 11.73
C ALA B 258 -7.88 16.50 11.55
N THR B 259 -6.79 17.18 11.16
CA THR B 259 -6.56 18.64 11.17
C THR B 259 -5.73 19.07 12.40
N ALA B 260 -4.75 19.96 12.20
CA ALA B 260 -4.08 20.61 13.32
C ALA B 260 -5.08 21.20 14.32
N GLU B 261 -6.03 21.95 13.76
CA GLU B 261 -7.11 22.56 14.53
C GLU B 261 -7.62 21.61 15.60
N THR B 262 -8.16 20.49 15.16
CA THR B 262 -8.77 19.59 16.13
C THR B 262 -7.71 19.00 17.07
N ILE B 263 -6.50 18.82 16.55
CA ILE B 263 -5.46 18.16 17.34
C ILE B 263 -5.11 19.07 18.46
N ASN B 264 -4.89 20.30 18.10
CA ASN B 264 -4.66 21.36 19.07
C ASN B 264 -5.80 21.52 20.05
N ALA B 265 -7.02 21.39 19.56
CA ALA B 265 -8.18 21.43 20.44
C ALA B 265 -8.17 20.22 21.39
N ALA B 266 -7.67 19.08 20.92
CA ALA B 266 -7.58 17.91 21.77
C ALA B 266 -6.65 18.21 22.95
N VAL B 267 -5.50 18.80 22.63
CA VAL B 267 -4.55 19.13 23.67
C VAL B 267 -5.14 20.23 24.54
N ASP B 268 -5.57 21.31 23.91
CA ASP B 268 -6.03 22.46 24.70
C ASP B 268 -7.34 22.10 25.42
N GLN B 269 -8.01 21.02 25.02
CA GLN B 269 -9.08 20.49 25.83
C GLN B 269 -8.61 19.69 27.08
N GLY B 270 -7.56 18.86 26.96
CA GLY B 270 -7.10 18.02 28.09
C GLY B 270 -6.46 16.68 27.77
N LEU B 271 -6.49 16.29 26.51
CA LEU B 271 -6.06 14.96 26.10
C LEU B 271 -4.60 14.91 25.66
N HIS B 272 -3.98 13.77 25.89
CA HIS B 272 -2.70 13.48 25.27
C HIS B 272 -2.89 13.13 23.78
N LEU B 273 -1.78 12.91 23.08
CA LEU B 273 -1.82 12.58 21.65
C LEU B 273 -1.14 11.25 21.37
N LEU B 274 -1.86 10.32 20.77
CA LEU B 274 -1.26 9.10 20.25
C LEU B 274 -1.41 9.11 18.75
N PHE B 275 -0.29 9.24 18.05
CA PHE B 275 -0.34 9.27 16.61
C PHE B 275 -0.26 7.87 16.05
N THR B 276 -1.34 7.40 15.46
CA THR B 276 -1.31 6.08 14.81
C THR B 276 -0.44 6.15 13.57
N PRO B 277 0.04 4.99 13.07
CA PRO B 277 0.98 5.04 11.96
C PRO B 277 0.36 5.56 10.68
N GLY B 278 0.96 6.64 10.18
CA GLY B 278 0.48 7.29 8.99
C GLY B 278 1.28 8.57 8.74
N VAL B 279 0.86 9.31 7.72
CA VAL B 279 1.47 10.56 7.31
C VAL B 279 0.40 11.64 7.42
N TYR B 280 0.73 12.67 8.18
CA TYR B 280 -0.22 13.72 8.57
C TYR B 280 0.21 15.10 8.08
N HIS B 281 -0.50 15.61 7.09
CA HIS B 281 -0.26 16.98 6.64
C HIS B 281 -1.00 17.96 7.54
N VAL B 282 -0.32 19.03 7.91
CA VAL B 282 -0.89 20.07 8.72
C VAL B 282 -0.67 21.42 7.99
N ASP B 283 -1.69 22.27 7.96
CA ASP B 283 -1.55 23.56 7.30
C ASP B 283 -1.39 24.69 8.31
N GLN B 284 -1.19 24.28 9.56
CA GLN B 284 -1.13 25.13 10.76
C GLN B 284 -0.33 24.38 11.81
N PRO B 285 0.44 25.10 12.63
CA PRO B 285 1.28 24.36 13.58
C PRO B 285 0.55 23.51 14.66
N ILE B 286 1.15 22.40 15.05
CA ILE B 286 0.71 21.64 16.21
C ILE B 286 1.26 22.31 17.42
N GLU B 287 0.37 22.58 18.35
CA GLU B 287 0.65 23.54 19.39
C GLU B 287 0.40 22.75 20.73
N ILE B 288 1.48 22.45 21.45
CA ILE B 288 1.39 21.71 22.73
C ILE B 288 1.80 22.61 23.88
N ASP B 289 0.78 23.10 24.54
CA ASP B 289 0.91 24.13 25.55
C ASP B 289 0.35 23.84 26.94
N ARG B 290 0.43 22.57 27.29
CA ARG B 290 -0.22 22.04 28.46
C ARG B 290 0.80 21.13 29.16
N ALA B 291 1.10 21.44 30.42
CA ALA B 291 2.15 20.70 31.13
C ALA B 291 1.87 19.20 31.11
N ASN B 292 2.94 18.42 30.96
CA ASN B 292 2.91 16.96 31.04
C ASN B 292 2.19 16.21 29.92
N THR B 293 1.94 16.92 28.84
CA THR B 293 1.39 16.31 27.64
C THR B 293 2.36 15.32 27.03
N VAL B 294 1.87 14.10 26.83
CA VAL B 294 2.57 13.10 26.01
C VAL B 294 2.08 13.17 24.56
N ALA B 295 3.03 13.17 23.64
CA ALA B 295 2.74 13.11 22.21
C ALA B 295 3.54 11.98 21.62
N LEU B 296 2.90 10.82 21.55
CA LEU B 296 3.59 9.55 21.25
C LEU B 296 3.22 9.02 19.87
N GLY B 297 4.22 8.82 19.00
CA GLY B 297 4.00 8.22 17.69
C GLY B 297 4.22 6.74 17.71
N LEU B 298 3.41 6.05 16.92
CA LEU B 298 3.55 4.63 16.63
C LEU B 298 3.95 4.43 15.16
N GLY B 299 4.80 3.45 14.90
CA GLY B 299 5.07 3.04 13.55
C GLY B 299 5.59 4.19 12.65
N LEU B 300 6.49 5.03 13.17
CA LEU B 300 7.14 6.10 12.42
C LEU B 300 6.11 7.09 11.84
N ALA B 301 5.08 7.34 12.62
CA ALA B 301 4.11 8.41 12.36
C ALA B 301 4.82 9.69 11.98
N THR B 302 4.36 10.29 10.89
CA THR B 302 5.07 11.40 10.25
C THR B 302 4.19 12.63 10.12
N ILE B 303 4.76 13.81 10.39
CA ILE B 303 4.05 15.07 10.26
C ILE B 303 4.72 15.86 9.14
N ILE B 304 3.93 16.36 8.21
CA ILE B 304 4.43 17.23 7.16
C ILE B 304 3.71 18.56 7.22
N PRO B 305 4.46 19.63 7.49
CA PRO B 305 3.80 20.93 7.47
C PRO B 305 3.70 21.49 6.05
N ASP B 306 2.52 22.00 5.72
CA ASP B 306 2.25 22.60 4.43
C ASP B 306 2.37 24.10 4.59
N ASN B 307 2.38 24.83 3.47
CA ASN B 307 2.25 26.29 3.51
C ASN B 307 3.44 26.98 4.19
N GLY B 308 4.54 26.28 4.38
CA GLY B 308 5.70 26.81 5.07
C GLY B 308 5.57 26.97 6.57
N VAL B 309 4.57 26.33 7.17
CA VAL B 309 4.37 26.48 8.60
C VAL B 309 5.35 25.61 9.42
N THR B 310 5.47 25.94 10.70
CA THR B 310 6.16 25.09 11.65
C THR B 310 5.30 23.86 11.97
N ALA B 311 5.90 22.68 12.08
CA ALA B 311 5.15 21.46 12.31
C ALA B 311 4.72 21.35 13.77
N LEU B 312 5.64 21.63 14.67
CA LEU B 312 5.41 21.37 16.08
C LEU B 312 6.03 22.45 16.94
N LYS B 313 5.25 22.89 17.93
CA LYS B 313 5.60 24.06 18.77
C LYS B 313 5.17 23.80 20.17
N VAL B 314 6.13 23.55 21.06
CA VAL B 314 5.83 23.28 22.47
C VAL B 314 5.94 24.57 23.26
N GLY B 315 4.99 24.79 24.17
CA GLY B 315 5.03 25.97 25.01
C GLY B 315 5.97 25.91 26.17
N ASP B 316 5.96 27.00 26.94
CA ASP B 316 6.81 27.15 28.12
C ASP B 316 6.16 26.46 29.33
N VAL B 317 6.20 25.13 29.30
CA VAL B 317 5.56 24.30 30.30
C VAL B 317 6.43 23.08 30.62
N ASP B 318 6.24 22.58 31.83
CA ASP B 318 6.96 21.44 32.34
C ASP B 318 6.48 20.14 31.67
N GLY B 319 7.38 19.16 31.49
CA GLY B 319 6.98 17.78 31.41
C GLY B 319 6.48 17.20 30.10
N VAL B 320 6.47 17.98 29.05
CA VAL B 320 5.98 17.53 27.76
C VAL B 320 6.92 16.45 27.25
N LYS B 321 6.33 15.37 26.76
CA LYS B 321 7.07 14.21 26.30
C LYS B 321 6.71 13.94 24.84
N VAL B 322 7.61 14.31 23.95
CA VAL B 322 7.44 14.06 22.53
C VAL B 322 8.23 12.82 22.21
N ALA B 323 7.59 11.87 21.54
CA ALA B 323 8.29 10.61 21.30
C ALA B 323 7.86 9.96 19.99
N GLY B 324 8.83 9.48 19.22
CA GLY B 324 8.55 8.60 18.11
C GLY B 324 7.82 9.19 16.92
N LEU B 325 8.24 10.38 16.50
CA LEU B 325 7.69 11.08 15.32
C LEU B 325 8.77 11.44 14.32
N LEU B 326 8.46 11.31 13.02
CA LEU B 326 9.28 11.86 11.94
C LEU B 326 8.63 13.16 11.45
N VAL B 327 9.38 14.25 11.44
CA VAL B 327 8.90 15.50 10.85
C VAL B 327 9.57 15.65 9.50
N ASP B 328 8.77 15.69 8.40
CA ASP B 328 9.26 15.63 7.02
C ASP B 328 8.92 17.00 6.39
N ALA B 329 9.94 17.77 6.01
CA ALA B 329 9.67 19.10 5.42
C ALA B 329 8.81 19.00 4.15
N GLY B 330 7.96 20.01 3.94
CA GLY B 330 7.24 20.17 2.68
C GLY B 330 8.09 21.00 1.70
N PRO B 331 7.69 21.03 0.43
CA PRO B 331 8.54 21.82 -0.49
C PRO B 331 8.53 23.33 -0.32
N VAL B 332 7.49 23.87 0.29
CA VAL B 332 7.54 25.28 0.69
C VAL B 332 8.42 25.40 1.94
N ASN B 333 9.43 26.24 1.85
CA ASN B 333 10.33 26.43 3.02
C ASN B 333 9.62 26.83 4.29
N SER B 334 9.87 26.05 5.35
CA SER B 334 9.45 26.39 6.69
C SER B 334 10.61 27.10 7.40
N GLU B 335 10.31 28.20 8.06
CA GLU B 335 11.32 28.90 8.84
C GLU B 335 11.87 28.04 9.98
N THR B 336 10.98 27.32 10.63
CA THR B 336 11.37 26.28 11.56
C THR B 336 10.51 25.06 11.41
N LEU B 337 11.04 23.87 11.73
CA LEU B 337 10.21 22.68 11.76
C LEU B 337 9.72 22.29 13.16
N VAL B 338 10.57 22.43 14.16
CA VAL B 338 10.20 22.09 15.54
C VAL B 338 10.77 23.13 16.47
N GLU B 339 9.88 23.68 17.27
CA GLU B 339 10.26 24.71 18.21
C GLU B 339 9.89 24.26 19.64
N VAL B 340 10.88 24.19 20.54
CA VAL B 340 10.64 23.78 21.93
C VAL B 340 10.82 24.97 22.83
N GLY B 341 9.70 25.53 23.24
CA GLY B 341 9.65 26.76 24.02
C GLY B 341 9.59 27.95 23.11
N SER B 342 9.21 29.09 23.66
CA SER B 342 9.13 30.30 22.86
C SER B 342 10.46 31.05 22.82
N ASP B 343 10.70 31.79 21.73
CA ASP B 343 11.97 32.48 21.58
C ASP B 343 12.12 33.52 22.67
N GLY B 344 13.21 33.32 23.39
CA GLY B 344 13.33 33.64 24.79
C GLY B 344 13.15 32.31 25.55
N ALA B 345 12.07 32.23 26.34
CA ALA B 345 11.56 31.05 27.09
C ALA B 345 11.79 31.07 28.58
N SER B 346 12.87 31.74 28.99
CA SER B 346 13.17 32.27 30.40
C SER B 346 12.97 31.49 31.76
N GLY B 347 12.06 30.55 31.82
CA GLY B 347 11.83 29.83 33.08
C GLY B 347 12.60 28.55 33.23
N ASP B 348 12.51 27.91 34.39
CA ASP B 348 13.27 26.71 34.69
C ASP B 348 12.38 25.47 34.81
N HIS B 349 12.81 24.34 34.25
CA HIS B 349 12.02 23.09 34.19
C HIS B 349 12.87 21.92 34.70
N ALA B 350 13.60 22.12 35.80
CA ALA B 350 14.63 21.14 36.17
C ALA B 350 13.98 19.87 36.78
N ALA B 351 12.95 20.04 37.61
CA ALA B 351 12.29 18.92 38.29
C ALA B 351 11.55 18.00 37.26
N ASN B 352 10.97 18.61 36.23
CA ASN B 352 10.16 17.92 35.24
C ASN B 352 10.35 18.52 33.83
N PRO B 353 11.47 18.16 33.20
CA PRO B 353 11.75 18.80 31.90
C PRO B 353 10.87 18.30 30.76
N THR B 354 10.93 19.03 29.66
CA THR B 354 10.39 18.58 28.37
C THR B 354 11.44 17.79 27.63
N SER B 355 10.99 16.76 26.95
CA SER B 355 11.88 15.92 26.18
C SER B 355 11.41 15.60 24.76
N LEU B 356 12.38 15.42 23.89
CA LEU B 356 12.21 14.93 22.55
C LEU B 356 13.00 13.62 22.48
N GLN B 357 12.31 12.56 22.09
CA GLN B 357 12.89 11.22 22.01
C GLN B 357 12.45 10.53 20.74
N ASP B 358 13.41 9.96 20.02
CA ASP B 358 13.10 9.34 18.73
C ASP B 358 12.30 10.34 17.89
N VAL B 359 12.76 11.59 17.90
CA VAL B 359 12.24 12.61 16.97
C VAL B 359 13.25 12.74 15.85
N PHE B 360 12.76 12.47 14.64
CA PHE B 360 13.60 12.49 13.48
C PHE B 360 13.10 13.55 12.52
N VAL B 361 14.02 14.23 11.86
CA VAL B 361 13.64 15.27 10.90
C VAL B 361 14.26 14.94 9.57
N ARG B 362 13.48 15.10 8.51
CA ARG B 362 13.96 14.88 7.14
C ARG B 362 13.64 16.10 6.29
N ILE B 363 14.63 16.56 5.54
CA ILE B 363 14.45 17.62 4.57
C ILE B 363 14.79 17.09 3.19
N GLY B 364 13.77 16.84 2.38
CA GLY B 364 13.98 16.28 1.05
C GLY B 364 14.12 14.77 1.04
N GLY B 365 14.27 14.19 -0.14
CA GLY B 365 14.51 12.76 -0.26
C GLY B 365 13.28 12.04 -0.79
N ALA B 366 12.12 12.44 -0.28
CA ALA B 366 10.84 11.93 -0.77
C ALA B 366 10.09 13.01 -1.53
N GLY B 367 10.86 13.78 -2.29
CA GLY B 367 10.35 14.95 -2.97
C GLY B 367 11.01 16.15 -2.34
N PRO B 368 10.89 17.33 -2.98
CA PRO B 368 11.58 18.50 -2.47
C PRO B 368 11.05 18.88 -1.12
N GLY B 369 11.98 19.22 -0.24
CA GLY B 369 11.65 19.78 1.04
C GLY B 369 12.71 20.83 1.35
N LYS B 370 12.29 21.88 2.04
CA LYS B 370 13.19 22.93 2.51
C LYS B 370 12.79 23.47 3.86
N ALA B 371 13.78 23.82 4.68
CA ALA B 371 13.56 24.48 5.97
C ALA B 371 14.81 25.23 6.38
N THR B 372 14.62 26.37 7.04
CA THR B 372 15.75 27.22 7.38
C THR B 372 16.50 26.66 8.61
N THR B 373 15.76 26.43 9.70
CA THR B 373 16.29 25.84 10.91
C THR B 373 15.34 24.74 11.34
N SER B 374 15.85 23.51 11.53
CA SER B 374 14.96 22.38 11.72
C SER B 374 14.39 22.30 13.15
N ILE B 375 15.28 22.18 14.13
CA ILE B 375 14.84 22.23 15.53
C ILE B 375 15.48 23.36 16.29
N VAL B 376 14.61 24.13 16.95
CA VAL B 376 15.02 25.22 17.81
C VAL B 376 14.65 24.88 19.23
N VAL B 377 15.66 24.80 20.08
CA VAL B 377 15.42 24.47 21.49
C VAL B 377 15.63 25.67 22.41
N ASN B 378 14.51 26.27 22.81
CA ASN B 378 14.48 27.44 23.70
C ASN B 378 14.37 27.10 25.19
N SER B 379 13.58 26.09 25.52
CA SER B 379 13.31 25.74 26.91
C SER B 379 14.50 25.24 27.71
N ASN B 380 14.73 25.87 28.88
CA ASN B 380 15.76 25.41 29.79
C ASN B 380 15.47 23.97 30.24
N ASP B 381 16.54 23.23 30.43
CA ASP B 381 16.53 21.91 31.05
C ASP B 381 15.94 20.79 30.12
N THR B 382 15.66 21.14 28.89
CA THR B 382 15.18 20.20 27.86
C THR B 382 16.17 19.08 27.62
N ILE B 383 15.59 17.89 27.46
CA ILE B 383 16.36 16.68 27.15
C ILE B 383 16.08 16.25 25.72
N ILE B 384 17.15 16.09 24.96
CA ILE B 384 17.06 15.64 23.61
C ILE B 384 17.71 14.26 23.70
N ASP B 385 16.92 13.21 23.54
CA ASP B 385 17.40 11.83 23.74
C ASP B 385 17.09 10.99 22.52
N HIS B 386 18.06 10.92 21.63
CA HIS B 386 17.95 10.30 20.31
C HIS B 386 17.22 11.11 19.27
N THR B 387 18.01 11.87 18.54
CA THR B 387 17.48 12.54 17.35
C THR B 387 18.37 12.35 16.12
N TRP B 388 17.73 12.25 14.95
CA TRP B 388 18.40 12.35 13.66
C TRP B 388 17.74 13.48 12.89
N VAL B 389 18.55 14.48 12.57
CA VAL B 389 18.09 15.70 11.90
C VAL B 389 18.90 15.68 10.59
N TRP B 390 18.21 15.36 9.51
CA TRP B 390 18.85 14.90 8.27
C TRP B 390 18.36 15.65 7.05
N ARG B 391 19.26 16.41 6.44
CA ARG B 391 19.02 16.99 5.14
C ARG B 391 19.38 15.93 4.12
N ALA B 392 18.42 15.48 3.32
CA ALA B 392 18.66 14.31 2.49
C ALA B 392 19.83 14.45 1.49
N ASP B 393 20.69 13.44 1.47
CA ASP B 393 21.79 13.36 0.53
C ASP B 393 21.48 12.52 -0.70
N HIS B 394 20.37 11.81 -0.70
CA HIS B 394 19.99 10.95 -1.81
C HIS B 394 18.49 10.86 -1.86
N GLY B 395 17.98 10.39 -2.98
CA GLY B 395 16.54 10.29 -3.21
C GLY B 395 16.01 11.34 -4.17
N GLU B 396 14.74 11.64 -4.02
CA GLU B 396 14.05 12.55 -4.91
C GLU B 396 13.96 13.94 -4.25
N GLY B 397 14.20 14.99 -5.04
CA GLY B 397 14.07 16.36 -4.55
C GLY B 397 15.29 16.87 -3.80
N VAL B 398 16.47 16.36 -4.16
CA VAL B 398 17.71 16.70 -3.48
C VAL B 398 18.61 17.51 -4.41
N GLY B 399 19.28 18.49 -3.79
CA GLY B 399 20.14 19.44 -4.49
C GLY B 399 20.56 20.59 -3.60
N TRP B 400 21.73 21.14 -3.90
CA TRP B 400 22.33 22.20 -3.08
C TRP B 400 21.33 23.31 -2.85
N GLU B 401 20.47 23.59 -3.83
CA GLU B 401 19.37 24.54 -3.66
C GLU B 401 18.02 23.83 -3.49
N THR B 402 17.81 22.77 -4.25
CA THR B 402 16.50 22.11 -4.26
C THR B 402 15.98 21.69 -2.87
N ASN B 403 16.85 21.09 -2.05
CA ASN B 403 16.52 20.83 -0.66
C ASN B 403 17.44 21.54 0.30
N ARG B 404 17.74 22.81 0.00
CA ARG B 404 18.56 23.59 0.91
C ARG B 404 17.94 23.60 2.31
N ALA B 405 18.82 23.49 3.29
CA ALA B 405 18.46 23.66 4.69
C ALA B 405 19.69 24.15 5.40
N ASP B 406 19.68 25.40 5.88
CA ASP B 406 20.92 25.97 6.41
C ASP B 406 21.34 25.38 7.71
N TYR B 407 20.38 25.26 8.62
CA TYR B 407 20.65 24.99 10.02
C TYR B 407 19.90 23.80 10.57
N GLY B 408 20.60 22.93 11.26
CA GLY B 408 19.97 21.71 11.76
C GLY B 408 19.28 21.97 13.08
N VAL B 409 20.09 22.05 14.10
CA VAL B 409 19.60 22.25 15.48
C VAL B 409 20.21 23.51 16.01
N HIS B 410 19.38 24.33 16.66
CA HIS B 410 19.87 25.50 17.39
C HIS B 410 19.39 25.44 18.83
N VAL B 411 20.34 25.32 19.74
CA VAL B 411 20.00 25.25 21.16
C VAL B 411 20.25 26.61 21.81
N LYS B 412 19.16 27.25 22.23
CA LYS B 412 19.23 28.58 22.88
C LYS B 412 19.01 28.51 24.39
N GLY B 413 18.44 27.40 24.86
CA GLY B 413 18.12 27.23 26.28
C GLY B 413 19.32 26.80 27.14
N ASP B 414 19.19 26.95 28.47
CA ASP B 414 20.23 26.58 29.40
C ASP B 414 20.01 25.18 29.96
N ASN B 415 21.08 24.55 30.40
CA ASN B 415 21.08 23.19 30.94
C ASN B 415 20.41 22.17 30.05
N VAL B 416 20.50 22.36 28.75
CA VAL B 416 19.96 21.37 27.82
C VAL B 416 20.92 20.21 27.69
N LEU B 417 20.35 19.01 27.61
CA LEU B 417 21.16 17.79 27.50
C LEU B 417 20.72 17.08 26.22
N ALA B 418 21.68 16.79 25.36
CA ALA B 418 21.47 15.93 24.21
C ALA B 418 22.22 14.61 24.42
N THR B 419 21.51 13.48 24.29
CA THR B 419 22.13 12.17 24.41
C THR B 419 21.78 11.38 23.15
N GLY B 420 22.78 11.16 22.30
CA GLY B 420 22.57 10.49 21.02
C GLY B 420 22.12 11.45 19.93
N LEU B 421 23.00 12.40 19.62
CA LEU B 421 22.70 13.48 18.67
C LEU B 421 23.30 13.13 17.29
N PHE B 422 22.44 12.94 16.29
CA PHE B 422 22.85 12.66 14.90
C PHE B 422 22.32 13.80 14.00
N VAL B 423 23.17 14.58 13.37
CA VAL B 423 22.72 15.71 12.55
C VAL B 423 23.60 15.81 11.31
N GLU B 424 23.00 15.80 10.12
CA GLU B 424 23.83 15.70 8.91
C GLU B 424 23.35 16.51 7.71
N HIS B 425 24.37 17.01 7.01
CA HIS B 425 24.33 17.56 5.66
C HIS B 425 23.76 18.97 5.46
N PHE B 426 23.65 19.77 6.54
CA PHE B 426 23.12 21.11 6.41
C PHE B 426 24.04 22.06 5.62
N ASN B 427 23.44 23.03 4.93
CA ASN B 427 24.22 24.03 4.17
C ASN B 427 25.13 24.92 4.97
N LYS B 428 24.78 25.13 6.22
CA LYS B 428 25.55 25.96 7.12
C LYS B 428 25.79 25.14 8.40
N TYR B 429 25.63 25.71 9.60
CA TYR B 429 25.93 24.95 10.80
C TYR B 429 24.92 23.85 11.09
N ASP B 430 25.38 22.62 11.29
CA ASP B 430 24.46 21.52 11.55
C ASP B 430 23.89 21.75 12.93
N VAL B 431 24.78 22.04 13.88
CA VAL B 431 24.38 22.36 15.25
C VAL B 431 25.07 23.61 15.71
N GLN B 432 24.25 24.47 16.33
CA GLN B 432 24.75 25.67 16.98
C GLN B 432 24.20 25.71 18.40
N TRP B 433 25.04 26.09 19.35
CA TRP B 433 24.69 26.07 20.77
C TRP B 433 25.03 27.40 21.44
N SER B 434 23.96 28.17 21.68
CA SER B 434 24.00 29.53 22.22
C SER B 434 23.66 29.63 23.70
N GLY B 435 22.97 28.61 24.25
CA GLY B 435 22.66 28.57 25.66
C GLY B 435 23.84 28.14 26.50
N GLU B 436 23.76 28.34 27.81
CA GLU B 436 24.80 27.90 28.72
C GLU B 436 24.56 26.52 29.38
N ASN B 437 25.66 25.95 29.87
CA ASN B 437 25.66 24.63 30.51
C ASN B 437 25.08 23.54 29.63
N GLY B 438 25.20 23.68 28.33
CA GLY B 438 24.88 22.58 27.43
C GLY B 438 25.83 21.38 27.61
N LYS B 439 25.27 20.19 27.42
CA LYS B 439 26.04 18.95 27.37
C LYS B 439 25.55 18.07 26.22
N THR B 440 26.49 17.49 25.48
CA THR B 440 26.19 16.52 24.44
C THR B 440 27.01 15.25 24.72
N ILE B 441 26.31 14.14 24.83
CA ILE B 441 26.95 12.84 24.93
C ILE B 441 26.60 12.08 23.65
N PHE B 442 27.65 11.89 22.86
CA PHE B 442 27.62 11.31 21.51
C PHE B 442 27.05 12.23 20.45
N TYR B 443 27.88 12.53 19.45
CA TYR B 443 27.49 13.31 18.24
C TYR B 443 28.05 12.62 17.01
N GLN B 444 27.18 12.41 16.01
CA GLN B 444 27.59 11.98 14.67
C GLN B 444 27.07 12.98 13.65
N ASN B 445 28.01 13.52 12.89
CA ASN B 445 27.71 14.42 11.77
C ASN B 445 28.41 13.95 10.50
N ALA B 446 27.76 14.21 9.37
CA ALA B 446 28.43 14.21 8.07
C ALA B 446 28.04 15.50 7.37
N LYS B 447 29.05 16.15 6.79
CA LYS B 447 28.85 17.44 6.15
C LYS B 447 28.19 17.31 4.79
N ALA B 448 27.61 18.42 4.33
CA ALA B 448 26.94 18.42 3.04
C ALA B 448 27.83 17.83 1.93
N TYR B 449 27.33 16.84 1.18
CA TYR B 449 28.12 16.24 0.07
C TYR B 449 28.15 17.08 -1.17
N ASP B 450 27.16 17.96 -1.30
CA ASP B 450 26.81 18.58 -2.57
C ASP B 450 27.25 20.02 -2.76
N ALA B 451 28.05 20.55 -1.85
CA ALA B 451 28.58 21.89 -2.06
C ALA B 451 29.35 21.91 -3.37
N PRO B 452 29.09 22.92 -4.23
CA PRO B 452 29.62 22.93 -5.60
C PRO B 452 31.06 23.40 -5.69
N ASP B 453 31.47 24.17 -4.68
CA ASP B 453 32.78 24.81 -4.67
C ASP B 453 33.07 25.38 -3.28
N GLN B 454 34.26 25.93 -3.12
CA GLN B 454 34.69 26.43 -1.84
C GLN B 454 33.87 27.65 -1.42
N ALA B 455 33.62 28.56 -2.37
CA ALA B 455 32.95 29.82 -2.11
C ALA B 455 31.55 29.62 -1.53
N ALA B 456 30.92 28.52 -1.90
CA ALA B 456 29.53 28.27 -1.52
C ALA B 456 29.40 27.92 -0.05
N ILE B 457 30.54 27.66 0.62
CA ILE B 457 30.54 27.34 2.06
C ILE B 457 31.47 28.27 2.87
N GLN B 458 31.85 29.39 2.28
CA GLN B 458 32.68 30.31 3.03
C GLN B 458 31.85 30.94 4.16
N ASN B 459 32.47 31.10 5.31
CA ASN B 459 31.82 31.63 6.51
C ASN B 459 32.74 32.78 6.90
N GLY B 460 32.61 33.91 6.17
CA GLY B 460 33.54 35.02 6.26
C GLY B 460 34.97 34.50 6.19
N ASP B 461 35.57 34.30 7.36
CA ASP B 461 37.00 34.02 7.44
C ASP B 461 37.37 32.52 7.64
N ILE B 462 36.33 31.70 7.75
CA ILE B 462 36.42 30.24 7.90
C ILE B 462 35.99 29.55 6.60
N LYS B 463 36.77 28.54 6.18
CA LYS B 463 36.34 27.65 5.12
C LYS B 463 35.31 26.64 5.68
N GLY B 464 34.09 26.72 5.18
CA GLY B 464 33.00 25.87 5.62
C GLY B 464 32.42 26.32 6.95
N TYR B 465 31.31 25.68 7.34
CA TYR B 465 30.68 25.90 8.64
C TYR B 465 30.90 24.70 9.53
N ALA B 466 31.22 24.91 10.79
CA ALA B 466 31.36 23.82 11.74
C ALA B 466 30.11 22.92 11.78
N ALA B 467 30.32 21.63 12.01
CA ALA B 467 29.23 20.73 12.31
C ALA B 467 28.61 21.01 13.68
N TYR B 468 29.42 21.57 14.57
CA TYR B 468 28.98 21.83 15.93
C TYR B 468 29.72 23.05 16.44
N LYS B 469 28.95 24.15 16.60
CA LYS B 469 29.48 25.40 17.04
C LYS B 469 28.90 25.83 18.35
N VAL B 470 29.80 26.10 19.29
CA VAL B 470 29.47 26.73 20.56
C VAL B 470 29.75 28.21 20.39
N ASP B 471 28.75 29.04 20.62
CA ASP B 471 28.93 30.47 20.49
C ASP B 471 30.05 31.02 21.43
N ASP B 472 30.72 32.07 20.97
CA ASP B 472 31.72 32.86 21.72
C ASP B 472 31.25 33.28 23.14
N SER B 473 29.96 33.53 23.26
CA SER B 473 29.35 34.06 24.48
C SER B 473 29.11 32.96 25.52
N VAL B 474 29.32 31.73 25.13
CA VAL B 474 29.09 30.62 26.06
C VAL B 474 30.22 30.50 27.12
N THR B 475 29.85 30.51 28.40
CA THR B 475 30.84 30.27 29.47
C THR B 475 31.07 28.79 29.89
N THR B 476 30.01 27.99 30.02
CA THR B 476 30.17 26.55 30.28
C THR B 476 29.49 25.71 29.17
N HIS B 477 30.17 24.64 28.75
CA HIS B 477 29.65 23.66 27.78
C HIS B 477 30.52 22.41 27.86
N GLU B 478 29.97 21.24 27.58
CA GLU B 478 30.78 20.02 27.59
C GLU B 478 30.23 19.00 26.61
N GLY B 479 31.10 18.35 25.87
CA GLY B 479 30.68 17.39 24.88
C GLY B 479 31.63 16.19 24.94
N TRP B 480 31.07 15.00 24.70
CA TRP B 480 31.84 13.73 24.79
C TRP B 480 31.55 12.89 23.55
N GLY B 481 32.59 12.42 22.86
CA GLY B 481 32.38 11.41 21.83
C GLY B 481 31.71 11.91 20.57
N MET B 482 32.43 12.78 19.86
CA MET B 482 31.83 13.51 18.79
C MET B 482 32.65 13.41 17.49
N GLY B 483 31.97 13.08 16.39
CA GLY B 483 32.66 12.98 15.10
C GLY B 483 31.95 13.73 13.99
N SER B 484 32.74 14.31 13.09
CA SER B 484 32.22 14.89 11.86
C SER B 484 32.95 14.31 10.65
N TYR B 485 32.19 13.87 9.64
CA TYR B 485 32.79 13.25 8.45
C TYR B 485 32.46 14.08 7.22
N CYS B 486 33.41 14.14 6.28
CA CYS B 486 33.13 14.80 4.98
C CYS B 486 33.21 13.84 3.81
N TYR B 487 32.47 14.18 2.77
CA TYR B 487 32.40 13.43 1.51
C TYR B 487 31.89 14.38 0.45
N PHE B 488 32.81 15.25 0.05
CA PHE B 488 32.48 16.31 -0.89
C PHE B 488 32.68 15.73 -2.26
N ASN B 489 31.68 15.03 -2.76
CA ASN B 489 31.94 14.25 -3.96
C ASN B 489 31.70 15.10 -5.17
N VAL B 490 30.86 16.12 -5.04
CA VAL B 490 30.63 17.01 -6.14
C VAL B 490 31.90 17.80 -6.45
N ASN B 491 32.54 18.37 -5.42
CA ASN B 491 33.85 18.98 -5.59
C ASN B 491 34.83 18.52 -4.52
N PRO B 492 35.53 17.42 -4.80
CA PRO B 492 36.43 16.90 -3.76
C PRO B 492 37.71 17.68 -3.60
N ASP B 493 37.76 18.89 -4.19
CA ASP B 493 38.87 19.81 -3.95
C ASP B 493 38.63 20.69 -2.72
N ILE B 494 37.41 20.65 -2.17
CA ILE B 494 37.04 21.46 -1.01
C ILE B 494 37.84 21.12 0.23
N ARG B 495 38.04 22.14 1.05
CA ARG B 495 38.59 22.00 2.39
C ARG B 495 37.55 22.49 3.38
N GLN B 496 37.35 21.73 4.46
CA GLN B 496 36.50 22.09 5.58
C GLN B 496 37.47 22.47 6.72
N GLN B 497 37.38 23.69 7.24
CA GLN B 497 38.43 24.11 8.22
C GLN B 497 38.42 23.25 9.46
N HIS B 498 37.22 22.95 9.96
CA HIS B 498 37.12 22.14 11.17
C HIS B 498 35.76 21.50 11.31
N GLY B 499 35.68 20.49 12.18
CA GLY B 499 34.42 19.87 12.53
C GLY B 499 33.70 20.64 13.61
N PHE B 500 34.47 21.23 14.51
CA PHE B 500 33.98 21.87 15.73
C PHE B 500 34.55 23.27 15.90
N GLN B 501 33.76 24.15 16.50
CA GLN B 501 34.14 25.50 16.80
C GLN B 501 33.59 25.94 18.18
N ALA B 502 34.48 26.48 19.03
CA ALA B 502 34.14 26.73 20.42
C ALA B 502 35.15 27.68 21.04
N PRO B 503 34.74 28.41 22.10
CA PRO B 503 35.66 29.32 22.77
C PRO B 503 36.63 28.61 23.70
N VAL B 504 37.69 29.32 24.07
CA VAL B 504 38.89 28.75 24.64
C VAL B 504 38.97 29.01 26.16
N LYS B 505 37.87 28.66 26.84
CA LYS B 505 37.55 29.04 28.20
C LYS B 505 37.52 27.87 29.16
N PRO B 506 37.71 28.12 30.47
CA PRO B 506 37.81 26.97 31.38
C PRO B 506 36.53 26.14 31.52
N GLY B 507 35.37 26.75 31.38
CA GLY B 507 34.13 26.00 31.56
C GLY B 507 33.69 25.31 30.28
N VAL B 508 34.44 25.47 29.17
CA VAL B 508 34.09 24.84 27.85
C VAL B 508 35.06 23.73 27.48
N LYS B 509 34.56 22.51 27.57
CA LYS B 509 35.38 21.31 27.48
C LYS B 509 34.86 20.40 26.38
N PHE B 510 35.76 19.74 25.69
CA PHE B 510 35.37 18.59 24.86
C PHE B 510 36.29 17.41 25.10
N HIS B 511 35.72 16.22 24.93
CA HIS B 511 36.41 14.96 25.14
C HIS B 511 36.13 14.04 23.96
N ASP B 512 37.19 13.59 23.29
CA ASP B 512 37.13 12.56 22.25
C ASP B 512 36.41 13.06 21.01
N LEU B 513 37.10 13.96 20.31
CA LEU B 513 36.67 14.51 19.03
C LEU B 513 37.46 13.86 17.87
N LEU B 514 36.76 13.66 16.73
CA LEU B 514 37.37 13.13 15.54
C LEU B 514 36.75 13.81 14.32
N VAL B 515 37.58 13.98 13.30
CA VAL B 515 37.06 14.26 11.98
C VAL B 515 37.61 13.28 10.97
N VAL B 516 36.85 13.04 9.89
CA VAL B 516 37.17 11.97 8.97
C VAL B 516 36.79 12.34 7.53
N SER B 517 37.75 12.24 6.59
CA SER B 517 37.44 12.36 5.17
C SER B 517 37.09 10.98 4.61
N LEU B 518 35.93 10.87 3.98
CA LEU B 518 35.47 9.59 3.45
C LEU B 518 36.02 9.34 2.02
N GLY B 519 37.18 8.70 1.90
CA GLY B 519 37.71 8.37 0.59
C GLY B 519 38.45 9.54 -0.04
N GLY B 520 38.93 10.49 0.80
CA GLY B 520 39.65 11.66 0.31
C GLY B 520 38.81 12.64 -0.48
N LYS B 521 37.50 12.51 -0.34
CA LYS B 521 36.57 13.43 -0.99
C LYS B 521 36.44 14.71 -0.16
N GLY B 522 37.33 15.64 -0.46
CA GLY B 522 37.56 16.75 0.43
C GLY B 522 38.49 16.34 1.56
N GLN B 523 38.90 17.33 2.37
CA GLN B 523 39.68 17.11 3.57
C GLN B 523 39.35 18.19 4.59
N TYR B 524 39.49 17.82 5.86
CA TYR B 524 39.50 18.77 6.98
C TYR B 524 40.87 19.40 7.17
N GLU B 525 40.96 20.67 7.56
CA GLU B 525 42.27 21.28 7.86
C GLU B 525 42.65 21.11 9.33
N HIS B 526 41.64 20.97 10.19
CA HIS B 526 41.81 20.86 11.64
C HIS B 526 40.62 20.08 12.21
N VAL B 527 40.70 19.77 13.49
CA VAL B 527 39.60 19.10 14.19
C VAL B 527 38.60 20.10 14.79
N ILE B 528 39.11 21.01 15.62
CA ILE B 528 38.31 22.02 16.32
C ILE B 528 39.10 23.31 16.30
N ASN B 529 38.49 24.45 15.95
CA ASN B 529 39.24 25.68 15.77
C ASN B 529 40.53 25.33 14.96
N ASP B 530 41.71 25.85 15.32
CA ASP B 530 42.92 25.49 14.53
C ASP B 530 43.71 24.39 15.20
N ILE B 531 43.01 23.55 15.94
CA ILE B 531 43.67 22.45 16.58
C ILE B 531 43.16 21.17 15.96
N GLY B 532 44.05 20.19 15.87
CA GLY B 532 43.79 18.94 15.19
C GLY B 532 44.61 18.94 13.92
N ASP B 533 45.20 17.80 13.61
CA ASP B 533 45.89 17.64 12.36
C ASP B 533 44.82 17.66 11.27
N PRO B 534 45.17 18.20 10.08
CA PRO B 534 44.28 18.00 8.93
C PRO B 534 44.15 16.51 8.66
N THR B 535 43.09 16.13 7.94
CA THR B 535 43.03 14.80 7.39
C THR B 535 43.97 14.79 6.18
N SER B 536 44.37 13.60 5.73
CA SER B 536 45.16 13.47 4.52
C SER B 536 45.00 12.08 3.93
N GLY B 537 45.36 11.95 2.66
CA GLY B 537 45.29 10.67 1.97
C GLY B 537 43.85 10.36 1.59
N ASP B 538 43.65 9.16 1.06
CA ASP B 538 42.32 8.65 0.73
C ASP B 538 42.04 7.34 1.42
N THR B 539 42.69 7.07 2.52
CA THR B 539 42.49 5.76 3.16
C THR B 539 41.68 5.86 4.48
N THR B 540 41.00 6.97 4.63
CA THR B 540 39.88 7.08 5.59
C THR B 540 40.33 6.98 7.07
N ILE B 541 41.46 7.64 7.34
CA ILE B 541 42.05 7.75 8.70
C ILE B 541 41.52 8.94 9.48
N PRO B 542 40.88 8.71 10.63
CA PRO B 542 40.42 9.87 11.40
C PRO B 542 41.53 10.73 11.96
N SER B 543 41.25 12.03 12.10
CA SER B 543 42.11 12.93 12.83
C SER B 543 41.43 13.18 14.16
N GLN B 544 42.16 13.01 15.25
CA GLN B 544 41.54 13.01 16.57
C GLN B 544 42.13 14.05 17.53
N VAL B 545 41.27 14.49 18.44
CA VAL B 545 41.69 15.31 19.60
C VAL B 545 41.07 14.72 20.90
N VAL B 546 41.92 14.28 21.83
CA VAL B 546 41.44 13.60 23.04
C VAL B 546 40.77 14.64 23.94
N SER B 547 41.44 15.77 24.10
CA SER B 547 40.79 16.92 24.75
C SER B 547 41.03 18.30 24.17
N PHE B 548 39.95 19.07 24.06
CA PHE B 548 40.06 20.51 23.87
C PHE B 548 39.47 21.17 25.12
N PRO B 549 40.06 22.29 25.56
CA PRO B 549 41.25 22.90 24.91
C PRO B 549 42.60 22.16 25.07
C2 BGC C . 1.30 -27.73 -25.44
C3 BGC C . 1.24 -26.87 -24.29
C4 BGC C . 0.61 -27.51 -23.07
C5 BGC C . 1.18 -28.91 -22.86
C6 BGC C . 0.48 -29.70 -21.82
C1 BGC C . 1.90 -29.08 -25.11
O1 BGC C . 1.82 -29.86 -26.16
O2 BGC C . 2.10 -27.16 -26.49
O3 BGC C . 0.58 -25.60 -24.73
O4 BGC C . 0.80 -26.80 -21.90
O5 BGC C . 1.12 -29.69 -24.05
O6 BGC C . 1.01 -31.00 -21.65
C2 BGC C . 0.58 -23.25 -24.88
C3 BGC C . 1.21 -21.99 -24.44
C4 BGC C . 1.50 -21.93 -23.00
C5 BGC C . 2.15 -23.25 -22.58
C6 BGC C . 2.37 -23.35 -21.13
C1 BGC C . 1.27 -24.48 -24.37
O2 BGC C . 0.54 -23.31 -26.28
O3 BGC C . 0.24 -20.96 -24.87
O4 BGC C . 2.36 -20.82 -22.67
O5 BGC C . 1.33 -24.39 -22.95
O6 BGC C . 2.84 -24.61 -20.65
C2 BGC C . -0.13 -18.75 -25.78
C3 BGC C . 0.50 -17.59 -26.44
C4 BGC C . 1.60 -17.06 -25.62
C5 BGC C . 2.52 -18.19 -25.18
C6 BGC C . 3.62 -17.81 -24.28
C1 BGC C . 0.88 -19.88 -25.52
O2 BGC C . -1.21 -19.33 -26.55
O3 BGC C . -0.53 -16.54 -26.49
O4 BGC C . 2.38 -16.10 -26.35
O5 BGC C . 1.84 -19.33 -24.61
O6 BGC C . 4.62 -18.79 -24.40
C2 BGC C . -2.03 -15.12 -27.71
C3 BGC C . -2.28 -14.40 -29.00
C4 BGC C . -0.99 -13.92 -29.63
C5 BGC C . -0.03 -15.10 -29.76
C6 BGC C . 1.30 -14.74 -30.44
C1 BGC C . -0.94 -16.17 -27.78
O2 BGC C . -3.22 -15.78 -27.27
O3 BGC C . -3.14 -13.27 -28.70
O4 BGC C . -1.21 -13.41 -30.90
O5 BGC C . 0.25 -15.62 -28.46
O6 BGC C . 2.02 -15.87 -30.89
C2 BGC C . -5.29 -12.23 -28.85
C3 BGC C . -6.32 -11.59 -29.73
C4 BGC C . -5.65 -10.90 -30.83
C5 BGC C . -4.72 -11.81 -31.57
C6 BGC C . -3.99 -11.07 -32.69
C1 BGC C . -4.23 -13.07 -29.55
O2 BGC C . -5.90 -13.06 -27.92
O3 BGC C . -7.09 -10.58 -28.94
O4 BGC C . -6.58 -10.38 -31.75
O5 BGC C . -3.70 -12.35 -30.70
O6 BGC C . -3.15 -11.91 -33.46
C2 BGC C . -9.15 -9.73 -28.13
C3 BGC C . -10.61 -9.74 -28.37
C4 BGC C . -10.92 -9.97 -29.80
C5 BGC C . -10.36 -11.34 -30.26
C6 BGC C . -10.54 -11.93 -31.66
C1 BGC C . -8.44 -10.93 -28.75
O2 BGC C . -8.81 -9.66 -26.76
O3 BGC C . -11.22 -8.45 -27.98
O4 BGC C . -12.33 -9.81 -30.15
O5 BGC C . -8.91 -11.18 -30.10
O6 BGC C . -10.29 -13.26 -31.88
C2 BGC D . -5.10 -32.34 -30.48
C3 BGC D . -5.47 -31.50 -31.59
C4 BGC D . -4.39 -30.60 -32.07
C5 BGC D . -2.96 -31.13 -32.00
C6 BGC D . -2.09 -29.99 -31.58
C1 BGC D . -3.86 -33.14 -30.80
O1 BGC D . -3.57 -33.88 -29.72
O2 BGC D . -6.14 -33.20 -30.00
O3 BGC D . -6.60 -30.71 -31.10
O4 BGC D . -4.61 -30.11 -33.38
O5 BGC D . -2.73 -32.26 -31.13
O6 BGC D . -2.56 -28.68 -31.81
C2 BGC D . -8.83 -30.01 -31.55
C3 BGC D . -9.80 -29.38 -32.50
C4 BGC D . -9.22 -28.25 -33.25
C5 BGC D . -7.81 -28.54 -33.75
C6 BGC D . -7.27 -27.43 -34.53
C1 BGC D . -7.38 -30.17 -32.07
O2 BGC D . -9.20 -31.29 -31.08
O3 BGC D . -11.04 -29.00 -31.87
O4 BGC D . -10.01 -27.88 -34.36
O5 BGC D . -6.91 -28.89 -32.65
O6 BGC D . -6.12 -27.74 -35.21
C2 BGC D . -12.86 -29.91 -30.62
C3 BGC D . -14.11 -30.72 -30.75
C4 BGC D . -14.86 -30.42 -31.98
C5 BGC D . -14.03 -30.53 -33.25
C6 BGC D . -14.80 -30.07 -34.47
C1 BGC D . -12.01 -29.96 -31.88
O2 BGC D . -12.05 -30.30 -29.52
O3 BGC D . -14.99 -30.47 -29.59
O4 BGC D . -16.01 -31.24 -32.14
O5 BGC D . -12.79 -29.78 -33.11
O6 BGC D . -15.65 -28.98 -34.35
C2 BGC D . -15.74 -31.36 -27.47
C3 BGC D . -16.46 -32.50 -26.84
C4 BGC D . -17.71 -32.81 -27.56
C5 BGC D . -17.36 -33.10 -29.01
C6 BGC D . -18.52 -33.44 -29.87
C1 BGC D . -15.45 -31.60 -28.95
O2 BGC D . -14.53 -31.02 -26.76
O3 BGC D . -16.73 -32.24 -25.44
O4 BGC D . -18.36 -33.97 -27.00
O5 BGC D . -16.71 -31.96 -29.60
O6 BGC D . -19.59 -32.56 -29.91
C2 BGC D . -15.21 -32.14 -23.55
C3 BGC D . -14.40 -32.91 -22.62
C4 BGC D . -15.10 -34.13 -22.08
C5 BGC D . -15.69 -34.91 -23.20
C6 BGC D . -16.56 -36.01 -22.67
C1 BGC D . -15.86 -32.98 -24.63
O2 BGC D . -14.47 -31.17 -24.29
O3 BGC D . -13.89 -32.11 -21.53
O4 BGC D . -14.27 -34.96 -21.27
O5 BGC D . -16.54 -34.07 -24.02
O6 BGC D . -17.06 -36.92 -23.64
C2 BGC E . 35.86 -9.01 8.36
C3 BGC E . 35.91 -8.14 9.51
C4 BGC E . 35.28 -8.77 10.71
C5 BGC E . 35.71 -10.24 10.86
C6 BGC E . 34.96 -10.95 11.93
C1 BGC E . 36.41 -10.39 8.64
O1 BGC E . 36.43 -11.11 7.54
O2 BGC E . 36.49 -8.49 7.17
O3 BGC E . 35.21 -6.87 9.15
O4 BGC E . 35.60 -8.07 11.88
O5 BGC E . 35.55 -10.98 9.65
O6 BGC E . 35.56 -12.14 12.40
C2 BGC E . 35.20 -4.53 8.93
C3 BGC E . 35.76 -3.26 9.39
C4 BGC E . 36.00 -3.22 10.83
C5 BGC E . 36.64 -4.50 11.33
C6 BGC E . 36.76 -4.59 12.80
C1 BGC E . 35.91 -5.74 9.46
O2 BGC E . 35.28 -4.51 7.50
O3 BGC E . 34.79 -2.22 8.98
O4 BGC E . 36.86 -2.13 11.21
O5 BGC E . 35.94 -5.67 10.88
O6 BGC E . 37.45 -5.74 13.27
C2 BGC E . 34.33 -0.10 7.88
C3 BGC E . 34.99 1.05 7.19
C4 BGC E . 36.17 1.57 7.90
C5 BGC E . 37.10 0.44 8.22
C6 BGC E . 38.24 0.95 9.03
C1 BGC E . 35.33 -1.20 8.19
O2 BGC E . 33.25 -0.66 7.11
O3 BGC E . 34.03 2.17 7.14
O4 BGC E . 36.93 2.56 7.14
O5 BGC E . 36.38 -0.59 8.98
O6 BGC E . 39.13 -0.10 9.32
C2 BGC E . 32.43 3.55 5.98
C3 BGC E . 32.16 4.27 4.71
C4 BGC E . 33.42 4.75 4.03
C5 BGC E . 34.38 3.58 3.91
C6 BGC E . 35.72 3.97 3.28
C1 BGC E . 33.54 2.52 5.89
O2 BGC E . 31.26 2.97 6.55
O3 BGC E . 31.31 5.37 5.13
O4 BGC E . 33.13 5.25 2.74
O5 BGC E . 34.68 3.14 5.23
O6 BGC E . 36.60 2.86 3.10
C2 BGC E . 29.29 6.62 5.01
C3 BGC E . 28.23 7.15 4.13
C4 BGC E . 28.86 7.86 3.01
C5 BGC E . 29.77 6.94 2.24
C6 BGC E . 30.58 7.72 1.24
C1 BGC E . 30.26 5.72 4.28
O2 BGC E . 28.70 5.90 6.07
O3 BGC E . 27.46 8.14 4.90
O4 BGC E . 27.88 8.42 2.17
O5 BGC E . 30.82 6.44 3.13
O6 BGC E . 31.56 6.93 0.59
C2 BGC E . 25.45 9.11 5.63
C3 BGC E . 23.99 9.10 5.42
C4 BGC E . 23.67 9.08 4.00
C5 BGC E . 24.26 7.84 3.36
C6 BGC E . 24.10 7.85 1.88
C1 BGC E . 26.08 7.91 4.97
O2 BGC E . 25.78 9.16 7.01
O3 BGC E . 23.40 10.32 5.98
O4 BGC E . 22.23 8.96 3.85
O5 BGC E . 25.68 7.75 3.62
O6 BGC E . 24.47 6.64 1.42
C2 BGC F . 28.83 -14.00 3.45
C3 BGC F . 28.54 -13.15 2.32
C4 BGC F . 29.71 -12.50 1.69
C5 BGC F . 30.80 -13.53 1.46
C6 BGC F . 32.02 -12.92 0.86
C1 BGC F . 29.99 -14.94 3.20
O1 BGC F . 30.32 -15.57 4.33
O2 BGC F . 27.64 -14.72 3.79
O3 BGC F . 27.55 -12.18 2.82
O4 BGC F . 29.43 -11.84 0.48
O5 BGC F . 31.12 -14.18 2.69
O6 BGC F . 32.92 -13.78 0.21
C2 BGC F . 25.38 -11.42 2.34
C3 BGC F . 24.51 -10.66 1.38
C4 BGC F . 25.23 -9.51 0.79
C5 BGC F . 26.64 -9.84 0.29
C6 BGC F . 27.33 -8.68 -0.20
C1 BGC F . 26.81 -11.68 1.82
O2 BGC F . 24.78 -12.61 2.84
O3 BGC F . 23.28 -10.21 1.99
O4 BGC F . 24.46 -8.99 -0.28
O5 BGC F . 27.47 -10.48 1.29
O6 BGC F . 28.44 -8.98 -0.96
C2 BGC F . 21.49 -11.10 3.31
C3 BGC F . 20.31 -11.99 3.26
C4 BGC F . 19.46 -11.74 2.08
C5 BGC F . 20.25 -11.73 0.76
C6 BGC F . 19.42 -11.36 -0.46
C1 BGC F . 22.28 -11.13 1.99
O2 BGC F . 22.38 -11.41 4.35
O3 BGC F . 19.55 -11.78 4.48
O4 BGC F . 18.43 -12.66 1.98
O5 BGC F . 21.40 -10.87 0.87
O6 BGC F . 18.78 -10.14 -0.47
C2 BGC F . 18.83 -12.64 6.54
C3 BGC F . 18.07 -13.73 7.19
C4 BGC F . 16.74 -13.92 6.58
C5 BGC F . 16.83 -14.08 5.08
C6 BGC F . 15.49 -14.15 4.45
C1 BGC F . 18.95 -12.87 5.06
O2 BGC F . 20.10 -12.33 7.16
O3 BGC F . 17.88 -13.38 8.57
O4 BGC F . 16.07 -15.06 7.12
O5 BGC F . 17.62 -13.06 4.45
O6 BGC F . 15.58 -14.58 3.13
C2 BGC F . 19.26 -13.23 10.57
C3 BGC F . 20.03 -14.06 11.48
C4 BGC F . 19.29 -15.24 11.99
C5 BGC F . 18.71 -16.01 10.85
C6 BGC F . 17.83 -17.11 11.32
C1 BGC F . 18.69 -14.09 9.46
O2 BGC F . 20.10 -12.22 9.95
O3 BGC F . 20.59 -13.29 12.59
O4 BGC F . 20.14 -16.15 12.73
O5 BGC F . 17.93 -15.17 10.02
O6 BGC F . 17.78 -18.19 10.40
C1 EDO G . -5.24 4.63 -29.48
O1 EDO G . -4.04 4.50 -28.69
C2 EDO G . -6.53 4.16 -28.82
O2 EDO G . -6.69 4.70 -27.54
H11 EDO G . -5.38 5.68 -29.74
H12 EDO G . -5.11 4.08 -30.40
HO1 EDO G . -3.32 4.97 -29.11
H21 EDO G . -6.55 3.07 -28.75
H22 EDO G . -7.37 4.44 -29.44
HO2 EDO G . -7.59 4.54 -27.21
C1 EDO H . 29.93 22.99 4.70
O1 EDO H . 30.91 23.57 5.53
C2 EDO H . 28.57 23.57 5.05
O2 EDO H . 27.87 22.73 5.94
H11 EDO H . 29.92 21.90 4.83
H12 EDO H . 30.17 23.21 3.66
HO1 EDO H . 31.75 23.11 5.43
H21 EDO H . 27.97 23.68 4.13
H22 EDO H . 28.70 24.56 5.50
HO2 EDO H . 27.21 23.24 6.45
N GLU A 1 -50.52 -0.17 -13.04
CA GLU A 1 -49.65 -0.38 -11.87
C GLU A 1 -49.10 -1.84 -11.76
N VAL A 2 -48.45 -2.28 -12.85
CA VAL A 2 -47.63 -3.52 -12.99
C VAL A 2 -47.82 -4.79 -12.11
N VAL A 3 -47.40 -4.79 -10.86
CA VAL A 3 -47.24 -6.12 -10.14
C VAL A 3 -46.53 -7.27 -10.90
N GLY A 4 -45.49 -7.81 -10.31
CA GLY A 4 -44.62 -8.67 -11.05
C GLY A 4 -45.04 -10.09 -11.34
N GLY A 5 -44.17 -11.02 -10.96
CA GLY A 5 -44.25 -12.42 -11.33
C GLY A 5 -44.65 -12.65 -12.77
N GLY A 6 -44.81 -13.92 -13.12
CA GLY A 6 -45.21 -14.27 -14.48
C GLY A 6 -44.34 -15.42 -14.93
N ASP A 7 -44.62 -15.98 -16.10
CA ASP A 7 -43.69 -16.98 -16.65
C ASP A 7 -42.46 -16.37 -17.29
N LEU A 8 -41.40 -17.15 -17.23
CA LEU A 8 -40.12 -16.70 -17.69
C LEU A 8 -39.92 -16.93 -19.19
N GLY A 9 -40.92 -17.53 -19.83
CA GLY A 9 -40.98 -17.60 -21.26
C GLY A 9 -40.31 -18.78 -21.95
N PRO A 10 -40.33 -18.76 -23.29
CA PRO A 10 -39.90 -19.87 -24.12
C PRO A 10 -38.37 -20.02 -24.20
N ASN A 11 -37.67 -19.02 -23.66
CA ASN A 11 -36.19 -18.93 -23.73
C ASN A 11 -35.55 -19.26 -22.35
N VAL A 12 -36.38 -19.57 -21.37
CA VAL A 12 -35.93 -20.16 -20.10
C VAL A 12 -36.38 -21.61 -20.10
N LEU A 13 -35.44 -22.54 -20.17
CA LEU A 13 -35.79 -23.95 -20.23
C LEU A 13 -35.47 -24.54 -18.88
N VAL A 14 -36.51 -25.04 -18.23
CA VAL A 14 -36.40 -25.56 -16.89
C VAL A 14 -36.44 -27.07 -16.97
N PHE A 15 -35.39 -27.68 -16.45
CA PHE A 15 -35.14 -29.10 -16.50
C PHE A 15 -35.31 -29.67 -15.13
N ASP A 16 -35.85 -30.88 -15.05
CA ASP A 16 -35.80 -31.59 -13.77
C ASP A 16 -35.16 -32.94 -14.03
N PRO A 17 -34.80 -33.66 -12.96
CA PRO A 17 -34.15 -34.93 -13.28
C PRO A 17 -35.15 -35.91 -13.90
N SER A 18 -36.46 -35.67 -13.82
CA SER A 18 -37.38 -36.52 -14.59
C SER A 18 -37.22 -36.33 -16.10
N THR A 19 -36.93 -35.09 -16.52
CA THR A 19 -37.26 -34.62 -17.87
C THR A 19 -36.85 -35.46 -19.07
N PRO A 20 -37.81 -35.80 -19.93
CA PRO A 20 -37.46 -36.40 -21.22
C PRO A 20 -36.25 -35.77 -21.97
N ASP A 21 -35.25 -36.64 -22.18
CA ASP A 21 -34.19 -36.46 -23.15
C ASP A 21 -33.33 -35.23 -23.02
N ILE A 22 -32.81 -34.96 -21.83
CA ILE A 22 -32.10 -33.73 -21.54
C ILE A 22 -30.91 -33.52 -22.44
N GLN A 23 -30.07 -34.53 -22.57
CA GLN A 23 -28.91 -34.40 -23.43
C GLN A 23 -29.41 -33.88 -24.78
N GLY A 24 -30.58 -34.39 -25.18
CA GLY A 24 -31.17 -34.00 -26.44
C GLY A 24 -31.55 -32.52 -26.52
N LYS A 25 -32.21 -31.98 -25.52
CA LYS A 25 -32.68 -30.61 -25.63
C LYS A 25 -31.49 -29.65 -25.62
N VAL A 26 -30.49 -30.00 -24.83
CA VAL A 26 -29.39 -29.07 -24.67
C VAL A 26 -28.51 -29.11 -25.93
N ASP A 27 -28.36 -30.28 -26.55
CA ASP A 27 -27.66 -30.37 -27.83
C ASP A 27 -28.35 -29.53 -28.94
N GLU A 28 -29.67 -29.50 -28.94
CA GLU A 28 -30.39 -28.71 -29.98
C GLU A 28 -30.08 -27.22 -29.83
N VAL A 29 -29.93 -26.77 -28.58
CA VAL A 29 -29.62 -25.36 -28.31
C VAL A 29 -28.16 -25.07 -28.75
N PHE A 30 -27.23 -25.97 -28.41
CA PHE A 30 -25.83 -25.79 -28.77
C PHE A 30 -25.70 -25.66 -30.27
N ARG A 31 -26.53 -26.43 -30.98
CA ARG A 31 -26.46 -26.44 -32.43
C ARG A 31 -27.00 -25.12 -33.05
N LYS A 32 -28.03 -24.55 -32.48
CA LYS A 32 -28.38 -23.19 -32.94
C LYS A 32 -27.31 -22.16 -32.49
N GLN A 33 -26.64 -22.38 -31.36
CA GLN A 33 -25.83 -21.30 -30.74
C GLN A 33 -24.30 -21.32 -30.89
N GLU A 34 -23.70 -22.46 -31.20
CA GLU A 34 -22.27 -22.59 -31.08
C GLU A 34 -21.48 -21.58 -31.93
N SER A 35 -22.06 -21.17 -33.04
CA SER A 35 -21.43 -20.21 -33.95
C SER A 35 -22.27 -18.97 -34.15
N ASN A 36 -23.30 -18.80 -33.34
CA ASN A 36 -24.19 -17.65 -33.48
C ASN A 36 -23.65 -16.45 -32.68
N GLN A 37 -22.55 -15.88 -33.18
CA GLN A 37 -21.76 -14.97 -32.38
C GLN A 37 -22.50 -13.65 -32.18
N PHE A 38 -23.26 -13.25 -33.18
CA PHE A 38 -23.89 -11.94 -33.19
C PHE A 38 -25.42 -11.99 -33.35
N GLY A 39 -25.99 -13.18 -33.36
CA GLY A 39 -27.44 -13.32 -33.46
C GLY A 39 -28.14 -12.80 -32.22
N THR A 40 -29.46 -12.68 -32.31
CA THR A 40 -30.27 -12.15 -31.26
C THR A 40 -30.91 -13.25 -30.42
N ASP A 41 -30.71 -14.51 -30.78
CA ASP A 41 -31.19 -15.62 -29.96
C ASP A 41 -30.57 -15.59 -28.55
N ARG A 42 -31.38 -15.91 -27.53
CA ARG A 42 -30.94 -16.02 -26.13
C ARG A 42 -31.60 -17.19 -25.42
N TYR A 43 -30.80 -17.89 -24.58
CA TYR A 43 -31.24 -19.08 -23.82
C TYR A 43 -30.69 -19.08 -22.39
N ALA A 44 -31.56 -19.41 -21.44
CA ALA A 44 -31.12 -19.74 -20.08
C ALA A 44 -31.56 -21.18 -19.84
N LEU A 45 -30.65 -21.98 -19.36
CA LEU A 45 -30.91 -23.42 -19.12
C LEU A 45 -30.81 -23.71 -17.63
N MET A 46 -31.96 -23.92 -16.98
CA MET A 46 -32.04 -23.90 -15.55
C MET A 46 -32.33 -25.33 -15.12
N PHE A 47 -31.60 -25.81 -14.12
CA PHE A 47 -31.80 -27.20 -13.65
C PHE A 47 -32.30 -27.25 -12.21
N LYS A 48 -33.46 -27.88 -12.03
CA LYS A 48 -34.05 -28.08 -10.70
C LYS A 48 -33.09 -28.91 -9.82
N PRO A 49 -33.13 -28.70 -8.50
CA PRO A 49 -32.22 -29.49 -7.64
C PRO A 49 -32.43 -30.99 -7.78
N GLY A 50 -31.31 -31.69 -7.82
CA GLY A 50 -31.28 -33.12 -7.92
C GLY A 50 -29.97 -33.55 -8.56
N THR A 51 -30.10 -34.63 -9.33
CA THR A 51 -29.00 -35.45 -9.72
C THR A 51 -29.23 -35.88 -11.16
N TYR A 52 -28.23 -35.60 -12.00
CA TYR A 52 -28.35 -35.68 -13.45
C TYR A 52 -27.20 -36.48 -14.04
N ASN A 53 -27.53 -37.64 -14.62
CA ASN A 53 -26.49 -38.49 -15.22
C ASN A 53 -26.36 -38.33 -16.73
N ASP A 54 -25.21 -38.76 -17.26
CA ASP A 54 -25.02 -38.94 -18.71
C ASP A 54 -25.27 -37.65 -19.49
N ILE A 55 -24.49 -36.63 -19.15
CA ILE A 55 -24.76 -35.31 -19.68
C ILE A 55 -23.46 -34.59 -19.99
N ASN A 56 -23.48 -33.99 -21.17
CA ASN A 56 -22.38 -33.15 -21.63
C ASN A 56 -23.08 -31.94 -22.18
N ALA A 57 -23.29 -30.93 -21.31
CA ALA A 57 -23.98 -29.67 -21.68
C ALA A 57 -23.00 -28.68 -22.28
N GLN A 58 -22.80 -28.79 -23.59
CA GLN A 58 -21.97 -27.86 -24.34
C GLN A 58 -22.69 -26.52 -24.45
N ILE A 59 -21.98 -25.45 -24.15
CA ILE A 59 -22.55 -24.11 -24.01
C ILE A 59 -22.04 -23.21 -25.16
N GLY A 60 -22.95 -22.74 -25.98
CA GLY A 60 -22.60 -21.85 -27.09
C GLY A 60 -22.82 -20.40 -26.69
N PHE A 61 -22.86 -19.53 -27.71
CA PHE A 61 -23.12 -18.12 -27.47
C PHE A 61 -24.48 -17.89 -26.80
N TYR A 62 -24.51 -16.88 -25.97
CA TYR A 62 -25.73 -16.35 -25.36
C TYR A 62 -26.54 -17.45 -24.68
N THR A 63 -25.84 -18.35 -24.02
CA THR A 63 -26.46 -19.41 -23.24
C THR A 63 -25.89 -19.35 -21.82
N SER A 64 -26.79 -19.24 -20.85
CA SER A 64 -26.46 -19.40 -19.45
C SER A 64 -26.98 -20.78 -18.96
N ILE A 65 -26.22 -21.38 -18.07
CA ILE A 65 -26.65 -22.63 -17.44
C ILE A 65 -26.51 -22.50 -15.95
N ALA A 66 -27.51 -22.97 -15.23
CA ALA A 66 -27.46 -22.84 -13.78
C ALA A 66 -28.34 -23.84 -13.09
N GLY A 67 -27.99 -24.01 -11.82
CA GLY A 67 -28.76 -24.81 -10.90
C GLY A 67 -29.72 -23.92 -10.09
N LEU A 68 -30.75 -24.55 -9.51
CA LEU A 68 -31.81 -23.81 -8.82
C LEU A 68 -31.97 -24.19 -7.32
N GLY A 69 -30.97 -24.83 -6.71
CA GLY A 69 -30.97 -25.07 -5.27
C GLY A 69 -30.48 -23.84 -4.57
N LEU A 70 -29.96 -22.96 -5.38
CA LEU A 70 -29.17 -21.87 -4.90
C LEU A 70 -27.87 -22.47 -4.36
N ASN A 71 -27.72 -23.81 -4.38
CA ASN A 71 -26.55 -24.38 -3.71
C ASN A 71 -25.94 -25.51 -4.43
N PRO A 72 -24.69 -25.26 -4.87
CA PRO A 72 -24.29 -25.96 -6.09
C PRO A 72 -24.44 -27.45 -5.88
N ASP A 73 -24.17 -27.87 -4.66
CA ASP A 73 -24.18 -29.32 -4.41
C ASP A 73 -25.61 -29.86 -4.45
N ASP A 74 -26.61 -28.97 -4.41
CA ASP A 74 -28.01 -29.40 -4.55
C ASP A 74 -28.30 -29.85 -5.98
N THR A 75 -27.52 -29.35 -6.95
CA THR A 75 -27.81 -29.62 -8.35
C THR A 75 -26.52 -30.12 -8.97
N THR A 76 -26.52 -31.41 -9.30
CA THR A 76 -25.32 -32.17 -9.45
C THR A 76 -25.32 -32.89 -10.80
N PHE A 77 -24.32 -32.60 -11.61
CA PHE A 77 -24.18 -33.29 -12.91
C PHE A 77 -23.08 -34.35 -12.76
N ASN A 78 -23.43 -35.58 -13.07
CA ASN A 78 -22.45 -36.62 -13.33
C ASN A 78 -22.19 -36.51 -14.80
N GLY A 79 -21.24 -35.65 -15.11
CA GLY A 79 -21.10 -35.08 -16.45
C GLY A 79 -20.58 -33.66 -16.42
N ASP A 80 -20.67 -32.99 -17.59
CA ASP A 80 -19.84 -31.82 -17.85
C ASP A 80 -20.66 -30.60 -18.27
N VAL A 81 -20.10 -29.43 -18.00
CA VAL A 81 -20.59 -28.16 -18.53
C VAL A 81 -19.41 -27.67 -19.37
N THR A 82 -19.51 -27.82 -20.68
CA THR A 82 -18.34 -27.80 -21.57
C THR A 82 -18.36 -26.60 -22.52
N VAL A 83 -17.23 -25.91 -22.61
CA VAL A 83 -16.97 -24.95 -23.68
C VAL A 83 -15.66 -25.27 -24.36
N ASP A 84 -15.73 -25.63 -25.63
CA ASP A 84 -14.56 -25.90 -26.44
C ASP A 84 -14.62 -24.96 -27.66
N ALA A 85 -13.64 -25.12 -28.54
CA ALA A 85 -13.43 -24.15 -29.61
C ALA A 85 -13.44 -24.81 -31.00
N GLY A 86 -14.07 -25.97 -31.16
CA GLY A 86 -14.05 -26.62 -32.46
C GLY A 86 -14.37 -25.66 -33.61
N TRP A 87 -15.42 -24.92 -33.33
CA TRP A 87 -16.16 -24.13 -34.30
C TRP A 87 -15.27 -23.11 -34.96
N PHE A 88 -14.23 -22.68 -34.25
CA PHE A 88 -13.27 -21.75 -34.84
C PHE A 88 -11.88 -22.31 -34.87
N ASP A 89 -11.75 -23.52 -35.41
CA ASP A 89 -10.45 -24.15 -35.63
C ASP A 89 -9.63 -24.25 -34.34
N GLY A 90 -10.29 -24.36 -33.19
CA GLY A 90 -9.57 -24.57 -31.95
C GLY A 90 -9.02 -23.31 -31.33
N ASN A 91 -9.32 -22.17 -31.96
CA ASN A 91 -9.03 -20.84 -31.43
C ASN A 91 -10.19 -20.41 -30.51
N ALA A 92 -9.92 -20.14 -29.23
CA ALA A 92 -10.99 -19.90 -28.25
C ALA A 92 -11.19 -18.41 -28.00
N THR A 93 -10.56 -17.57 -28.82
CA THR A 93 -10.55 -16.13 -28.54
C THR A 93 -11.83 -15.37 -28.96
N GLN A 94 -12.77 -16.08 -29.55
CA GLN A 94 -14.13 -15.53 -29.70
C GLN A 94 -15.20 -16.27 -28.86
N ASN A 95 -14.80 -16.99 -27.79
CA ASN A 95 -15.80 -17.73 -27.01
C ASN A 95 -16.38 -16.87 -25.88
N PHE A 96 -17.22 -15.95 -26.32
CA PHE A 96 -17.78 -14.94 -25.46
C PHE A 96 -19.24 -15.20 -24.99
N TRP A 97 -19.69 -14.40 -24.04
CA TRP A 97 -21.12 -14.18 -23.70
C TRP A 97 -21.86 -15.47 -23.36
N ARG A 98 -21.45 -16.10 -22.27
CA ARG A 98 -22.11 -17.31 -21.82
C ARG A 98 -21.78 -17.43 -20.34
N SER A 99 -22.37 -18.39 -19.63
CA SER A 99 -22.13 -18.43 -18.20
C SER A 99 -22.57 -19.75 -17.57
N ALA A 100 -21.97 -20.03 -16.42
CA ALA A 100 -22.32 -21.22 -15.61
C ALA A 100 -22.37 -20.80 -14.16
N GLU A 101 -23.40 -21.25 -13.44
CA GLU A 101 -23.49 -20.90 -12.02
C GLU A 101 -24.31 -21.89 -11.18
N ASN A 102 -23.93 -22.03 -9.92
CA ASN A 102 -24.69 -22.79 -8.90
C ASN A 102 -24.97 -24.23 -9.30
N LEU A 103 -23.92 -24.89 -9.74
CA LEU A 103 -23.93 -26.32 -10.05
C LEU A 103 -22.73 -27.05 -9.44
N ALA A 104 -22.91 -28.34 -9.15
CA ALA A 104 -21.77 -29.23 -8.86
C ALA A 104 -21.54 -30.12 -10.07
N LEU A 105 -20.29 -30.27 -10.49
CA LEU A 105 -19.93 -31.11 -11.63
C LEU A 105 -19.02 -32.25 -11.18
N ASN A 106 -19.31 -33.41 -11.71
CA ASN A 106 -18.51 -34.63 -11.52
C ASN A 106 -18.09 -35.06 -12.93
N PRO A 107 -17.00 -34.45 -13.45
CA PRO A 107 -16.76 -34.56 -14.90
C PRO A 107 -16.35 -35.95 -15.35
N VAL A 108 -16.82 -36.35 -16.52
CA VAL A 108 -16.78 -37.75 -16.92
C VAL A 108 -15.37 -38.32 -16.98
N ASN A 109 -14.36 -37.49 -17.32
CA ASN A 109 -12.97 -37.97 -17.31
C ASN A 109 -12.15 -37.40 -16.16
N GLY A 110 -12.81 -36.77 -15.21
CA GLY A 110 -12.11 -36.18 -14.08
C GLY A 110 -11.91 -34.68 -14.15
N THR A 111 -12.01 -34.15 -15.37
CA THR A 111 -11.67 -32.75 -15.64
C THR A 111 -12.73 -32.10 -16.51
N ASN A 112 -13.29 -30.98 -16.05
CA ASN A 112 -14.25 -30.22 -16.80
C ASN A 112 -13.49 -29.17 -17.66
N ARG A 113 -13.93 -29.00 -18.91
CA ARG A 113 -13.36 -27.99 -19.79
C ARG A 113 -14.27 -26.77 -19.95
N TRP A 114 -13.71 -25.60 -19.63
CA TRP A 114 -14.39 -24.31 -19.73
C TRP A 114 -13.40 -23.39 -20.48
N ALA A 115 -13.27 -23.64 -21.78
CA ALA A 115 -12.30 -22.92 -22.60
C ALA A 115 -12.90 -21.66 -23.21
N VAL A 116 -12.98 -20.64 -22.38
CA VAL A 116 -13.66 -19.38 -22.75
C VAL A 116 -12.70 -18.23 -22.88
N SER A 117 -13.18 -17.13 -23.47
CA SER A 117 -12.49 -15.86 -23.38
C SER A 117 -13.40 -14.90 -22.59
N GLN A 118 -13.55 -13.66 -23.03
CA GLN A 118 -14.17 -12.64 -22.19
C GLN A 118 -15.69 -12.83 -22.04
N ALA A 119 -16.23 -12.32 -20.92
CA ALA A 119 -17.67 -12.31 -20.62
C ALA A 119 -18.25 -13.71 -20.58
N ALA A 120 -17.52 -14.60 -19.91
CA ALA A 120 -17.96 -15.98 -19.68
C ALA A 120 -17.79 -16.39 -18.22
N PRO A 121 -18.56 -15.77 -17.34
CA PRO A 121 -18.33 -16.03 -15.91
C PRO A 121 -18.66 -17.46 -15.45
N PHE A 122 -17.93 -17.88 -14.41
CA PHE A 122 -18.03 -19.21 -13.78
C PHE A 122 -18.14 -18.89 -12.28
N ARG A 123 -19.38 -18.93 -11.78
CA ARG A 123 -19.65 -18.50 -10.41
C ARG A 123 -20.36 -19.56 -9.58
N ARG A 124 -20.05 -19.60 -8.29
CA ARG A 124 -20.77 -20.49 -7.37
C ARG A 124 -20.83 -21.91 -7.91
N MET A 125 -19.69 -22.36 -8.40
CA MET A 125 -19.55 -23.71 -8.93
C MET A 125 -18.73 -24.61 -8.02
N HIS A 126 -19.09 -25.88 -8.01
CA HIS A 126 -18.26 -26.90 -7.35
C HIS A 126 -17.82 -27.97 -8.31
N VAL A 127 -16.54 -27.99 -8.64
CA VAL A 127 -16.00 -29.00 -9.54
C VAL A 127 -15.29 -30.09 -8.73
N LYS A 128 -15.83 -31.29 -8.77
CA LYS A 128 -15.29 -32.39 -7.96
C LYS A 128 -14.21 -33.14 -8.77
N GLY A 129 -13.34 -32.32 -9.36
CA GLY A 129 -12.29 -32.78 -10.25
C GLY A 129 -11.45 -31.57 -10.63
N GLY A 130 -10.77 -31.68 -11.75
CA GLY A 130 -9.96 -30.60 -12.27
C GLY A 130 -10.79 -29.72 -13.18
N LEU A 131 -10.20 -28.60 -13.61
CA LEU A 131 -10.86 -27.64 -14.49
C LEU A 131 -9.81 -27.20 -15.51
N ASN A 132 -10.05 -27.59 -16.76
CA ASN A 132 -9.17 -27.23 -17.88
C ASN A 132 -9.77 -26.00 -18.55
N LEU A 133 -9.01 -24.92 -18.61
CA LEU A 133 -9.47 -23.66 -19.23
C LEU A 133 -9.04 -23.50 -20.70
N ALA A 134 -8.32 -24.49 -21.23
CA ALA A 134 -7.84 -24.45 -22.63
C ALA A 134 -8.67 -25.29 -23.60
N PRO A 135 -8.83 -24.83 -24.82
CA PRO A 135 -9.55 -25.65 -25.81
C PRO A 135 -8.74 -26.89 -26.15
N ASP A 136 -9.37 -27.90 -26.75
CA ASP A 136 -8.63 -29.09 -27.15
C ASP A 136 -7.61 -28.68 -28.22
N GLY A 137 -6.37 -29.12 -28.05
CA GLY A 137 -5.30 -28.79 -28.98
C GLY A 137 -4.54 -27.52 -28.65
N TYR A 138 -5.11 -26.75 -27.72
CA TYR A 138 -4.34 -25.84 -26.88
C TYR A 138 -4.17 -24.51 -27.55
N GLY A 139 -5.11 -24.24 -28.45
CA GLY A 139 -5.16 -23.02 -29.24
C GLY A 139 -5.33 -21.80 -28.34
N TRP A 140 -5.26 -20.62 -28.95
CA TRP A 140 -5.25 -19.38 -28.19
C TRP A 140 -6.52 -19.20 -27.39
N ALA A 141 -6.39 -18.48 -26.29
CA ALA A 141 -7.54 -18.28 -25.38
C ALA A 141 -7.28 -17.08 -24.47
N SER A 142 -8.33 -16.28 -24.22
CA SER A 142 -8.15 -14.98 -23.53
C SER A 142 -9.26 -14.65 -22.50
N GLY A 143 -9.43 -15.52 -21.52
CA GLY A 143 -10.37 -15.28 -20.44
C GLY A 143 -9.79 -14.39 -19.35
N GLY A 144 -10.36 -14.42 -18.14
CA GLY A 144 -11.47 -15.25 -17.75
C GLY A 144 -11.75 -14.91 -16.29
N TYR A 145 -12.81 -15.51 -15.75
CA TYR A 145 -13.34 -15.06 -14.46
C TYR A 145 -13.99 -16.20 -13.72
N ILE A 146 -13.44 -16.49 -12.55
CA ILE A 146 -14.03 -17.45 -11.63
C ILE A 146 -14.23 -16.75 -10.29
N ALA A 147 -15.42 -16.91 -9.73
CA ALA A 147 -15.74 -16.38 -8.43
C ALA A 147 -16.54 -17.35 -7.61
N ASP A 148 -16.32 -17.30 -6.31
CA ASP A 148 -17.22 -18.00 -5.39
C ASP A 148 -17.25 -19.51 -5.66
N SER A 149 -16.16 -20.08 -6.15
CA SER A 149 -16.14 -21.50 -6.56
C SER A 149 -15.14 -22.38 -5.83
N LYS A 150 -15.39 -23.68 -5.90
CA LYS A 150 -14.49 -24.67 -5.30
C LYS A 150 -14.13 -25.69 -6.37
N ILE A 151 -12.85 -25.73 -6.76
CA ILE A 151 -12.33 -26.74 -7.67
C ILE A 151 -11.62 -27.73 -6.79
N ASP A 152 -12.17 -28.93 -6.63
CA ASP A 152 -11.51 -29.88 -5.75
C ASP A 152 -10.12 -30.24 -6.28
N GLY A 153 -9.97 -30.18 -7.60
CA GLY A 153 -8.70 -30.53 -8.24
C GLY A 153 -7.86 -29.34 -8.68
N GLU A 154 -7.08 -29.55 -9.74
CA GLU A 154 -6.19 -28.56 -10.30
C GLU A 154 -6.94 -27.71 -11.31
N VAL A 155 -6.82 -26.38 -11.21
CA VAL A 155 -7.17 -25.56 -12.36
C VAL A 155 -5.98 -25.46 -13.33
N GLY A 156 -6.18 -25.83 -14.61
CA GLY A 156 -5.15 -25.76 -15.64
C GLY A 156 -5.37 -24.74 -16.76
N PRO A 157 -4.65 -23.61 -16.72
CA PRO A 157 -4.93 -22.61 -17.76
C PRO A 157 -4.29 -22.92 -19.10
N TYR A 158 -3.15 -23.61 -19.08
CA TYR A 158 -2.38 -23.91 -20.28
C TYR A 158 -2.16 -22.63 -21.14
N SER A 159 -2.86 -22.48 -22.26
CA SER A 159 -2.61 -21.36 -23.16
C SER A 159 -3.30 -20.05 -22.73
N GLN A 160 -4.20 -20.09 -21.76
CA GLN A 160 -4.92 -18.88 -21.36
C GLN A 160 -3.95 -17.76 -21.04
N GLN A 161 -4.12 -16.61 -21.70
CA GLN A 161 -3.18 -15.50 -21.52
C GLN A 161 -3.15 -14.99 -20.10
N GLN A 162 -4.35 -14.82 -19.56
CA GLN A 162 -4.55 -14.18 -18.30
C GLN A 162 -5.84 -14.75 -17.66
N TRP A 163 -6.04 -14.45 -16.37
CA TRP A 163 -7.22 -14.95 -15.65
C TRP A 163 -7.36 -14.26 -14.31
N TYR A 164 -8.61 -14.12 -13.85
CA TYR A 164 -8.89 -13.60 -12.53
C TYR A 164 -9.78 -14.58 -11.75
N THR A 165 -9.34 -14.89 -10.53
CA THR A 165 -10.09 -15.76 -9.64
C THR A 165 -10.29 -15.03 -8.34
N ARG A 166 -11.54 -15.04 -7.89
CA ARG A 166 -11.97 -14.34 -6.67
C ARG A 166 -12.64 -15.29 -5.68
N ASP A 167 -12.27 -15.15 -4.40
CA ASP A 167 -13.05 -15.68 -3.29
C ASP A 167 -13.53 -17.12 -3.53
N SER A 168 -12.55 -17.98 -3.66
CA SER A 168 -12.70 -19.33 -4.15
C SER A 168 -11.72 -20.26 -3.43
N SER A 169 -11.80 -21.52 -3.81
CA SER A 169 -10.87 -22.55 -3.30
C SER A 169 -10.43 -23.43 -4.47
N VAL A 170 -9.11 -23.60 -4.64
CA VAL A 170 -8.59 -24.47 -5.69
C VAL A 170 -7.63 -25.53 -5.08
N GLY A 171 -7.66 -26.72 -5.65
CA GLY A 171 -6.80 -27.80 -5.20
C GLY A 171 -5.36 -27.62 -5.64
N GLY A 172 -5.19 -26.80 -6.67
CA GLY A 172 -3.91 -26.52 -7.27
C GLY A 172 -4.09 -25.60 -8.47
N TRP A 173 -3.01 -24.98 -8.90
CA TRP A 173 -3.02 -24.09 -10.06
C TRP A 173 -1.81 -24.38 -10.93
N GLY A 174 -2.05 -24.75 -12.19
CA GLY A 174 -1.01 -25.34 -13.03
C GLY A 174 0.07 -24.45 -13.68
N ASN A 175 -0.29 -23.22 -14.04
CA ASN A 175 0.68 -22.37 -14.75
C ASN A 175 0.12 -20.97 -14.91
N GLY A 176 1.06 -20.05 -15.07
CA GLY A 176 0.76 -18.66 -15.41
C GLY A 176 1.48 -18.32 -16.70
N VAL A 177 0.85 -17.45 -17.50
CA VAL A 177 1.28 -17.13 -18.87
C VAL A 177 1.67 -15.66 -18.95
N TRP A 178 0.70 -14.75 -19.00
CA TRP A 178 0.97 -13.30 -18.88
C TRP A 178 0.50 -12.69 -17.53
N ASN A 179 -0.68 -13.06 -17.05
CA ASN A 179 -1.21 -12.39 -15.85
C ASN A 179 -2.33 -13.15 -15.20
N MET A 180 -1.97 -13.96 -14.19
CA MET A 180 -2.93 -14.73 -13.44
C MET A 180 -3.00 -14.01 -12.10
N THR A 181 -4.18 -13.49 -11.80
CA THR A 181 -4.38 -12.70 -10.57
C THR A 181 -5.41 -13.43 -9.71
N PHE A 182 -5.13 -13.40 -8.40
CA PHE A 182 -5.97 -14.04 -7.42
C PHE A 182 -6.26 -13.11 -6.27
N SER A 183 -7.50 -13.08 -5.82
CA SER A 183 -7.82 -12.44 -4.56
C SER A 183 -8.78 -13.28 -3.72
N GLY A 184 -8.37 -13.56 -2.50
CA GLY A 184 -9.23 -14.35 -1.60
C GLY A 184 -9.36 -15.80 -2.02
N VAL A 185 -8.31 -16.30 -2.65
CA VAL A 185 -8.32 -17.66 -3.16
C VAL A 185 -7.46 -18.61 -2.32
N GLU A 186 -8.15 -19.50 -1.62
CA GLU A 186 -7.50 -20.59 -0.91
C GLU A 186 -6.87 -21.54 -1.90
N GLY A 187 -5.57 -21.79 -1.74
CA GLY A 187 -4.85 -22.65 -2.67
C GLY A 187 -4.25 -21.90 -3.86
N ALA A 188 -4.38 -20.58 -3.89
CA ALA A 188 -3.71 -19.82 -4.94
C ALA A 188 -2.20 -19.99 -4.88
N PRO A 189 -1.55 -20.02 -6.05
CA PRO A 189 -0.08 -20.00 -5.97
C PRO A 189 0.41 -18.74 -5.25
N ALA A 190 1.64 -18.80 -4.77
CA ALA A 190 2.17 -17.68 -3.98
C ALA A 190 2.49 -16.54 -4.93
N GLN A 191 2.44 -15.32 -4.43
CA GLN A 191 2.84 -14.16 -5.19
C GLN A 191 4.24 -14.42 -5.78
N SER A 192 4.40 -14.24 -7.10
CA SER A 192 5.70 -14.53 -7.71
C SER A 192 6.04 -13.75 -8.99
N PHE A 193 5.15 -12.87 -9.44
CA PHE A 193 5.34 -12.09 -10.71
C PHE A 193 6.79 -11.57 -10.71
N PRO A 194 7.54 -11.71 -11.83
CA PRO A 194 7.27 -12.19 -13.21
C PRO A 194 7.21 -13.70 -13.51
N GLU A 195 8.05 -14.54 -12.88
CA GLU A 195 7.91 -15.98 -13.11
C GLU A 195 7.53 -16.85 -11.89
N PRO A 196 6.53 -17.73 -12.10
CA PRO A 196 5.49 -17.49 -13.11
C PRO A 196 4.69 -16.23 -12.74
N PRO A 197 3.78 -15.79 -13.62
CA PRO A 197 3.17 -14.45 -13.48
C PRO A 197 1.94 -14.48 -12.59
N TYR A 198 2.18 -14.51 -11.29
CA TYR A 198 1.13 -14.65 -10.27
C TYR A 198 1.06 -13.44 -9.38
N THR A 199 -0.09 -12.75 -9.43
CA THR A 199 -0.43 -11.63 -8.56
C THR A 199 -1.47 -12.14 -7.56
N THR A 200 -1.12 -12.16 -6.27
CA THR A 200 -1.89 -12.93 -5.28
C THR A 200 -2.10 -12.09 -4.07
N LEU A 201 -3.37 -11.81 -3.81
CA LEU A 201 -3.83 -11.02 -2.69
C LEU A 201 -4.61 -11.93 -1.78
N GLU A 202 -4.38 -11.80 -0.48
CA GLU A 202 -4.93 -12.74 0.48
C GLU A 202 -6.46 -12.61 0.60
N THR A 203 -6.94 -11.37 0.54
CA THR A 203 -8.34 -11.12 0.72
C THR A 203 -8.76 -10.19 -0.43
N THR A 204 -10.06 -10.23 -0.74
CA THR A 204 -10.68 -9.17 -1.54
C THR A 204 -11.29 -8.16 -0.56
N PRO A 205 -10.92 -6.86 -0.67
CA PRO A 205 -11.34 -6.00 0.48
C PRO A 205 -12.86 -5.85 0.61
N VAL A 206 -13.53 -5.90 -0.53
CA VAL A 206 -14.99 -5.89 -0.56
C VAL A 206 -15.50 -6.80 -1.66
N SER A 207 -16.45 -7.68 -1.35
CA SER A 207 -17.19 -8.42 -2.41
C SER A 207 -18.62 -8.64 -1.98
N ARG A 208 -19.46 -8.90 -2.96
CA ARG A 208 -20.84 -9.26 -2.65
C ARG A 208 -21.29 -10.16 -3.78
N GLU A 209 -21.64 -11.40 -3.45
CA GLU A 209 -21.96 -12.35 -4.50
C GLU A 209 -23.20 -11.94 -5.31
N LYS A 210 -23.12 -12.23 -6.59
CA LYS A 210 -24.17 -11.90 -7.51
C LYS A 210 -25.46 -12.59 -7.14
N PRO A 211 -26.56 -11.85 -7.12
CA PRO A 211 -27.87 -12.50 -6.90
C PRO A 211 -28.22 -13.53 -7.98
N PHE A 212 -29.01 -14.53 -7.59
CA PHE A 212 -29.40 -15.59 -8.51
C PHE A 212 -30.77 -16.19 -8.21
N LEU A 213 -31.40 -16.68 -9.25
CA LEU A 213 -32.71 -17.35 -9.12
C LEU A 213 -32.54 -18.73 -8.49
N TYR A 214 -33.46 -19.10 -7.58
CA TYR A 214 -33.52 -20.47 -7.11
C TYR A 214 -34.94 -20.87 -6.75
N LEU A 215 -35.09 -22.13 -6.34
CA LEU A 215 -36.36 -22.63 -5.79
C LEU A 215 -36.25 -22.96 -4.30
N ASP A 216 -37.20 -22.42 -3.52
CA ASP A 216 -37.55 -22.90 -2.19
C ASP A 216 -38.99 -23.57 -2.42
N GLY A 217 -39.07 -24.89 -2.69
CA GLY A 217 -40.31 -25.67 -2.98
C GLY A 217 -41.63 -25.27 -3.71
N ASP A 218 -41.55 -25.30 -5.04
CA ASP A 218 -42.46 -24.75 -6.05
C ASP A 218 -42.60 -23.18 -6.03
N ASP A 219 -41.72 -22.50 -5.29
CA ASP A 219 -41.64 -21.04 -5.39
C ASP A 219 -40.23 -20.64 -5.90
N TYR A 220 -40.17 -19.90 -7.00
CA TYR A 220 -38.92 -19.22 -7.32
C TYR A 220 -38.71 -18.02 -6.40
N LYS A 221 -37.44 -17.86 -6.02
CA LYS A 221 -36.96 -16.79 -5.17
C LYS A 221 -35.67 -16.30 -5.88
N VAL A 222 -35.28 -15.08 -5.60
CA VAL A 222 -33.95 -14.61 -5.98
C VAL A 222 -33.15 -14.45 -4.71
N PHE A 223 -32.11 -15.24 -4.54
CA PHE A 223 -31.24 -15.07 -3.37
C PHE A 223 -30.33 -13.85 -3.57
N VAL A 224 -30.24 -13.04 -2.53
CA VAL A 224 -29.39 -11.85 -2.56
C VAL A 224 -28.31 -11.96 -1.46
N PRO A 225 -27.10 -12.36 -1.84
CA PRO A 225 -25.98 -12.53 -0.91
C PRO A 225 -25.60 -11.28 -0.14
N ALA A 226 -25.22 -11.46 1.11
CA ALA A 226 -24.63 -10.39 1.89
C ALA A 226 -23.19 -10.14 1.47
N LYS A 227 -22.77 -8.88 1.50
CA LYS A 227 -21.37 -8.63 1.19
C LYS A 227 -20.53 -9.17 2.29
N ARG A 228 -19.27 -9.23 1.96
CA ARG A 228 -18.20 -9.62 2.84
C ARG A 228 -17.19 -8.46 2.80
N THR A 229 -16.38 -8.32 3.84
CA THR A 229 -15.22 -7.48 3.74
C THR A 229 -13.99 -8.34 3.97
N ASN A 230 -12.89 -8.01 3.30
CA ASN A 230 -11.69 -8.82 3.40
C ASN A 230 -12.09 -10.28 3.18
N ALA A 231 -12.80 -10.48 2.08
CA ALA A 231 -13.28 -11.81 1.71
C ALA A 231 -12.16 -12.77 1.32
N ARG A 232 -12.36 -14.03 1.69
CA ARG A 232 -11.48 -15.13 1.28
C ARG A 232 -12.28 -16.39 1.35
N GLY A 233 -12.06 -17.29 0.40
CA GLY A 233 -12.81 -18.55 0.36
C GLY A 233 -14.23 -18.34 -0.12
N THR A 234 -15.00 -19.41 -0.30
CA THR A 234 -16.32 -19.30 -0.89
C THR A 234 -17.35 -18.88 0.18
N SER A 235 -18.46 -18.31 -0.25
CA SER A 235 -19.47 -17.77 0.63
C SER A 235 -20.40 -18.84 1.18
N TRP A 236 -20.43 -19.97 0.49
CA TRP A 236 -21.39 -21.06 0.70
C TRP A 236 -20.67 -22.26 1.22
N GLY A 237 -19.36 -22.11 1.30
CA GLY A 237 -18.47 -23.23 1.01
C GLY A 237 -18.62 -24.31 2.00
N ASN A 238 -19.01 -23.87 3.20
CA ASN A 238 -19.41 -24.67 4.36
C ASN A 238 -20.86 -24.37 4.87
N GLY A 239 -21.80 -23.62 4.23
CA GLY A 239 -23.08 -23.30 4.93
C GLY A 239 -24.26 -22.32 4.51
N THR A 240 -24.29 -21.07 4.95
CA THR A 240 -25.47 -20.12 4.66
C THR A 240 -24.97 -18.61 4.65
N PRO A 241 -25.67 -17.64 3.93
CA PRO A 241 -25.18 -16.23 3.95
C PRO A 241 -26.04 -15.07 4.41
N GLU A 242 -26.53 -14.12 3.54
CA GLU A 242 -27.58 -13.21 3.99
C GLU A 242 -28.42 -12.38 2.95
N GLY A 243 -29.71 -12.70 2.83
CA GLY A 243 -30.50 -12.12 1.79
C GLY A 243 -31.94 -12.49 1.80
N GLU A 244 -32.64 -12.08 2.85
CA GLU A 244 -34.08 -12.13 2.83
C GLU A 244 -34.55 -13.31 1.94
N SER A 245 -34.27 -13.20 0.60
CA SER A 245 -34.52 -14.10 -0.60
C SER A 245 -35.47 -13.72 -1.82
N LEU A 246 -35.76 -12.43 -1.99
CA LEU A 246 -36.93 -11.92 -2.74
C LEU A 246 -37.82 -12.96 -3.55
N PRO A 247 -39.07 -13.24 -3.11
CA PRO A 247 -39.95 -13.92 -4.07
C PRO A 247 -40.21 -13.31 -5.43
N LEU A 248 -40.50 -14.19 -6.39
CA LEU A 248 -40.74 -13.81 -7.79
C LEU A 248 -41.81 -12.68 -8.01
N ASP A 249 -42.86 -12.62 -7.20
CA ASP A 249 -43.93 -11.65 -7.44
C ASP A 249 -43.50 -10.24 -7.19
N GLN A 250 -42.32 -10.11 -6.59
CA GLN A 250 -41.76 -8.86 -6.26
C GLN A 250 -40.85 -8.35 -7.36
N PHE A 251 -40.80 -9.11 -8.47
CA PHE A 251 -40.09 -8.73 -9.68
C PHE A 251 -41.04 -8.54 -10.80
N TYR A 252 -40.83 -7.49 -11.58
CA TYR A 252 -41.38 -7.40 -12.90
C TYR A 252 -40.56 -8.32 -13.79
N VAL A 253 -41.27 -9.27 -14.40
CA VAL A 253 -40.61 -10.25 -15.26
C VAL A 253 -40.72 -9.68 -16.67
N VAL A 254 -39.65 -8.99 -17.08
CA VAL A 254 -39.52 -8.32 -18.38
C VAL A 254 -39.45 -9.36 -19.50
N LYS A 255 -40.32 -9.19 -20.49
CA LYS A 255 -40.42 -10.10 -21.62
C LYS A 255 -40.65 -9.32 -22.93
N PRO A 256 -40.54 -10.02 -24.09
CA PRO A 256 -40.66 -9.36 -25.41
C PRO A 256 -41.81 -8.35 -25.74
N GLY A 257 -42.67 -7.95 -24.81
CA GLY A 257 -43.42 -6.67 -25.03
C GLY A 257 -43.01 -5.33 -24.34
N ALA A 258 -42.01 -5.33 -23.49
CA ALA A 258 -41.85 -4.20 -22.56
C ALA A 258 -41.28 -2.89 -23.14
N THR A 259 -41.92 -1.75 -22.82
CA THR A 259 -41.23 -0.42 -22.96
C THR A 259 -40.42 -0.06 -21.70
N ALA A 260 -39.50 0.90 -21.80
CA ALA A 260 -38.74 1.36 -20.62
C ALA A 260 -39.69 2.18 -19.70
N GLU A 261 -40.73 2.74 -20.32
CA GLU A 261 -41.79 3.40 -19.55
C GLU A 261 -42.43 2.42 -18.55
N THR A 262 -42.73 1.22 -19.00
CA THR A 262 -43.28 0.18 -18.11
C THR A 262 -42.24 -0.37 -17.09
N ILE A 263 -41.03 -0.63 -17.58
CA ILE A 263 -39.93 -1.04 -16.70
C ILE A 263 -39.75 -0.01 -15.61
N ASN A 264 -39.80 1.26 -15.98
CA ASN A 264 -39.52 2.35 -15.06
C ASN A 264 -40.68 2.49 -14.03
N ALA A 265 -41.91 2.35 -14.51
CA ALA A 265 -43.11 2.33 -13.63
C ALA A 265 -43.01 1.22 -12.55
N ALA A 266 -42.62 0.04 -13.00
CA ALA A 266 -42.45 -1.08 -12.07
C ALA A 266 -41.47 -0.74 -10.93
N VAL A 267 -40.33 -0.13 -11.25
CA VAL A 267 -39.36 0.18 -10.21
C VAL A 267 -39.94 1.16 -9.20
N ASP A 268 -40.50 2.24 -9.73
CA ASP A 268 -40.98 3.31 -8.89
C ASP A 268 -42.11 2.79 -7.99
N GLN A 269 -42.76 1.74 -8.45
CA GLN A 269 -43.77 1.00 -7.70
C GLN A 269 -43.18 0.21 -6.57
N GLY A 270 -41.93 -0.19 -6.74
CA GLY A 270 -41.31 -1.05 -5.78
C GLY A 270 -40.98 -2.46 -6.21
N LEU A 271 -41.19 -2.77 -7.49
CA LEU A 271 -40.79 -4.08 -8.00
C LEU A 271 -39.30 -4.07 -8.31
N HIS A 272 -38.71 -5.26 -8.26
CA HIS A 272 -37.38 -5.47 -8.77
C HIS A 272 -37.55 -5.88 -10.24
N LEU A 273 -36.43 -6.08 -10.94
CA LEU A 273 -36.48 -6.45 -12.36
C LEU A 273 -35.76 -7.77 -12.66
N LEU A 274 -36.47 -8.64 -13.37
CA LEU A 274 -35.89 -9.86 -13.90
C LEU A 274 -36.05 -9.86 -15.42
N PHE A 275 -34.94 -9.63 -16.10
CA PHE A 275 -34.91 -9.69 -17.55
C PHE A 275 -34.81 -11.12 -18.07
N THR A 276 -35.87 -11.63 -18.68
CA THR A 276 -35.85 -12.96 -19.26
C THR A 276 -35.01 -12.87 -20.55
N PRO A 277 -34.48 -14.01 -21.03
CA PRO A 277 -33.52 -13.92 -22.13
C PRO A 277 -34.15 -13.38 -23.40
N GLY A 278 -33.54 -12.32 -23.90
CA GLY A 278 -34.01 -11.70 -25.12
C GLY A 278 -33.25 -10.41 -25.33
N VAL A 279 -33.67 -9.72 -26.39
CA VAL A 279 -33.13 -8.44 -26.80
C VAL A 279 -34.21 -7.35 -26.73
N TYR A 280 -33.92 -6.32 -25.92
CA TYR A 280 -34.87 -5.29 -25.60
C TYR A 280 -34.41 -3.92 -26.09
N HIS A 281 -35.11 -3.38 -27.07
CA HIS A 281 -34.90 -2.01 -27.48
C HIS A 281 -35.73 -1.06 -26.61
N VAL A 282 -35.06 0.00 -26.13
CA VAL A 282 -35.70 1.04 -25.36
C VAL A 282 -35.51 2.36 -26.10
N ASP A 283 -36.34 3.36 -25.81
CA ASP A 283 -36.03 4.66 -26.38
C ASP A 283 -36.11 5.74 -25.32
N GLN A 284 -35.97 5.31 -24.09
CA GLN A 284 -35.72 6.16 -22.94
C GLN A 284 -34.81 5.35 -21.99
N PRO A 285 -33.96 6.04 -21.19
CA PRO A 285 -33.15 5.32 -20.21
C PRO A 285 -34.01 4.42 -19.32
N ILE A 286 -33.49 3.26 -18.98
CA ILE A 286 -34.06 2.50 -17.87
C ILE A 286 -33.52 3.20 -16.61
N GLU A 287 -34.44 3.69 -15.78
CA GLU A 287 -34.07 4.48 -14.62
C GLU A 287 -34.35 3.72 -13.30
N ILE A 288 -33.29 3.50 -12.53
CA ILE A 288 -33.41 2.81 -11.25
C ILE A 288 -33.05 3.76 -10.12
N ASP A 289 -34.08 4.35 -9.52
CA ASP A 289 -33.86 5.35 -8.44
C ASP A 289 -34.51 4.93 -7.11
N ARG A 290 -34.42 3.65 -6.82
CA ARG A 290 -34.98 3.07 -5.62
C ARG A 290 -33.93 2.20 -4.92
N ALA A 291 -33.69 2.46 -3.64
CA ALA A 291 -32.65 1.73 -2.97
C ALA A 291 -32.92 0.23 -2.94
N ASN A 292 -31.84 -0.53 -3.03
CA ASN A 292 -31.88 -2.02 -2.98
C ASN A 292 -32.55 -2.73 -4.13
N THR A 293 -32.77 -2.03 -5.22
CA THR A 293 -33.37 -2.67 -6.40
C THR A 293 -32.39 -3.66 -6.97
N VAL A 294 -32.89 -4.86 -7.17
CA VAL A 294 -32.18 -5.86 -7.97
C VAL A 294 -32.68 -5.81 -9.42
N ALA A 295 -31.74 -5.79 -10.36
CA ALA A 295 -32.02 -5.90 -11.80
C ALA A 295 -31.16 -6.99 -12.39
N LEU A 296 -31.76 -8.17 -12.54
CA LEU A 296 -31.03 -9.39 -12.87
C LEU A 296 -31.45 -9.85 -14.25
N GLY A 297 -30.48 -10.03 -15.13
CA GLY A 297 -30.71 -10.61 -16.47
C GLY A 297 -30.44 -12.10 -16.47
N LEU A 298 -31.28 -12.84 -17.18
CA LEU A 298 -31.10 -14.27 -17.42
C LEU A 298 -30.73 -14.46 -18.92
N GLY A 299 -29.91 -15.46 -19.21
CA GLY A 299 -29.62 -15.84 -20.58
C GLY A 299 -29.02 -14.75 -21.47
N LEU A 300 -28.14 -13.92 -20.90
CA LEU A 300 -27.50 -12.81 -21.61
C LEU A 300 -28.51 -11.80 -22.18
N ALA A 301 -29.55 -11.53 -21.39
CA ALA A 301 -30.51 -10.51 -21.73
C ALA A 301 -29.79 -9.23 -22.10
N THR A 302 -30.27 -8.60 -23.17
CA THR A 302 -29.54 -7.50 -23.81
C THR A 302 -30.42 -6.27 -23.98
N ILE A 303 -29.89 -5.10 -23.62
CA ILE A 303 -30.58 -3.82 -23.78
C ILE A 303 -29.91 -3.07 -24.92
N ILE A 304 -30.72 -2.63 -25.89
CA ILE A 304 -30.26 -1.71 -26.94
C ILE A 304 -30.93 -0.36 -26.82
N PRO A 305 -30.15 0.71 -26.55
CA PRO A 305 -30.76 2.04 -26.53
C PRO A 305 -30.87 2.62 -27.92
N ASP A 306 -32.09 2.96 -28.33
CA ASP A 306 -32.34 3.60 -29.62
C ASP A 306 -32.24 5.12 -29.48
N ASN A 307 -32.20 5.84 -30.61
CA ASN A 307 -32.36 7.30 -30.61
C ASN A 307 -31.28 8.01 -29.81
N GLY A 308 -30.19 7.31 -29.59
CA GLY A 308 -29.01 7.88 -28.94
C GLY A 308 -29.14 8.08 -27.44
N VAL A 309 -30.17 7.47 -26.86
CA VAL A 309 -30.30 7.66 -25.42
C VAL A 309 -29.36 6.73 -24.63
N THR A 310 -29.20 7.01 -23.33
CA THR A 310 -28.50 6.13 -22.41
C THR A 310 -29.35 4.92 -22.13
N ALA A 311 -28.73 3.76 -21.91
CA ALA A 311 -29.50 2.54 -21.67
C ALA A 311 -29.94 2.38 -20.21
N LEU A 312 -29.03 2.60 -19.26
CA LEU A 312 -29.20 2.16 -17.88
C LEU A 312 -28.59 3.29 -17.00
N LYS A 313 -29.29 3.66 -15.93
CA LYS A 313 -28.89 4.83 -15.15
C LYS A 313 -29.51 4.76 -13.77
N VAL A 314 -28.62 4.44 -12.86
CA VAL A 314 -28.89 4.26 -11.47
C VAL A 314 -28.79 5.61 -10.75
N GLY A 315 -29.82 5.95 -9.99
CA GLY A 315 -29.79 7.15 -9.16
C GLY A 315 -28.87 7.01 -7.96
N ASP A 316 -28.92 8.00 -7.06
CA ASP A 316 -27.94 8.15 -5.98
C ASP A 316 -28.45 7.45 -4.72
N VAL A 317 -28.68 6.15 -4.84
CA VAL A 317 -29.30 5.35 -3.80
C VAL A 317 -28.39 4.16 -3.44
N ASP A 318 -28.48 3.68 -2.22
CA ASP A 318 -27.77 2.48 -1.76
C ASP A 318 -28.28 1.22 -2.46
N GLY A 319 -27.37 0.26 -2.60
CA GLY A 319 -27.74 -1.13 -2.73
C GLY A 319 -28.34 -1.64 -4.03
N VAL A 320 -28.22 -0.92 -5.12
CA VAL A 320 -28.74 -1.42 -6.37
C VAL A 320 -27.80 -2.53 -6.82
N LYS A 321 -28.39 -3.57 -7.40
CA LYS A 321 -27.65 -4.77 -7.81
C LYS A 321 -28.03 -5.04 -9.24
N VAL A 322 -27.17 -4.63 -10.14
CA VAL A 322 -27.40 -4.90 -11.56
C VAL A 322 -26.52 -6.03 -12.00
N ALA A 323 -27.07 -7.17 -12.43
CA ALA A 323 -26.22 -8.23 -12.90
C ALA A 323 -26.75 -9.02 -14.11
N GLY A 324 -25.81 -9.40 -14.98
CA GLY A 324 -26.08 -10.36 -16.03
C GLY A 324 -26.70 -9.79 -17.29
N LEU A 325 -26.34 -8.54 -17.56
CA LEU A 325 -26.93 -7.81 -18.68
C LEU A 325 -25.85 -7.37 -19.64
N LEU A 326 -26.14 -7.57 -20.92
CA LEU A 326 -25.35 -7.00 -22.01
C LEU A 326 -26.00 -5.69 -22.41
N VAL A 327 -25.21 -4.65 -22.64
CA VAL A 327 -25.70 -3.42 -23.22
C VAL A 327 -25.01 -3.24 -24.57
N ASP A 328 -25.87 -3.15 -25.58
CA ASP A 328 -25.56 -3.32 -26.98
C ASP A 328 -25.80 -1.98 -27.69
N ALA A 329 -24.75 -1.27 -28.12
CA ALA A 329 -24.99 0.09 -28.60
C ALA A 329 -25.81 0.10 -29.88
N GLY A 330 -26.59 1.15 -30.07
CA GLY A 330 -27.32 1.31 -31.32
C GLY A 330 -26.52 2.13 -32.31
N PRO A 331 -26.94 2.14 -33.59
CA PRO A 331 -26.21 2.91 -34.62
C PRO A 331 -26.19 4.43 -34.39
N VAL A 332 -27.20 4.96 -33.71
CA VAL A 332 -27.15 6.37 -33.29
C VAL A 332 -26.28 6.51 -32.05
N ASN A 333 -25.28 7.36 -32.14
CA ASN A 333 -24.36 7.55 -31.01
C ASN A 333 -25.07 7.95 -29.72
N SER A 334 -24.84 7.16 -28.68
CA SER A 334 -25.21 7.50 -27.32
C SER A 334 -24.08 8.20 -26.58
N GLU A 335 -24.40 9.31 -25.96
CA GLU A 335 -23.37 10.02 -25.21
C GLU A 335 -22.85 9.19 -24.02
N THR A 336 -23.73 8.45 -23.37
CA THR A 336 -23.35 7.40 -22.43
C THR A 336 -24.23 6.17 -22.60
N LEU A 337 -23.73 4.99 -22.20
CA LEU A 337 -24.57 3.79 -22.26
C LEU A 337 -25.10 3.36 -20.90
N VAL A 338 -24.23 3.48 -19.88
CA VAL A 338 -24.59 3.15 -18.51
C VAL A 338 -24.07 4.21 -17.56
N GLU A 339 -24.96 4.78 -16.75
CA GLU A 339 -24.51 5.70 -15.70
C GLU A 339 -24.86 5.21 -14.31
N VAL A 340 -23.89 5.26 -13.40
CA VAL A 340 -24.09 4.79 -12.05
C VAL A 340 -23.93 6.03 -11.13
N GLY A 341 -25.06 6.61 -10.79
CA GLY A 341 -25.08 7.81 -9.98
C GLY A 341 -25.13 9.09 -10.78
N SER A 342 -25.41 10.19 -10.06
CA SER A 342 -25.69 11.46 -10.71
C SER A 342 -24.44 12.14 -11.26
N ASP A 343 -24.64 12.88 -12.35
CA ASP A 343 -23.69 13.83 -12.84
C ASP A 343 -23.45 14.75 -11.65
N GLY A 344 -22.39 14.47 -10.87
CA GLY A 344 -22.03 15.32 -9.74
C GLY A 344 -22.53 15.16 -8.29
N ALA A 345 -22.31 13.98 -7.68
CA ALA A 345 -22.83 13.71 -6.32
C ALA A 345 -21.65 13.96 -5.32
N SER A 346 -21.82 13.66 -4.02
CA SER A 346 -20.74 13.14 -3.10
C SER A 346 -21.24 12.42 -1.82
N GLY A 347 -22.38 11.75 -1.91
CA GLY A 347 -22.89 10.97 -0.78
C GLY A 347 -22.02 9.75 -0.64
N ASP A 348 -22.23 8.95 0.39
CA ASP A 348 -21.47 7.76 0.55
C ASP A 348 -22.43 6.58 0.66
N HIS A 349 -21.98 5.41 0.22
CA HIS A 349 -22.84 4.24 0.18
C HIS A 349 -22.12 3.01 0.73
N ALA A 350 -21.27 3.22 1.75
CA ALA A 350 -20.30 2.18 2.08
C ALA A 350 -20.92 0.93 2.68
N ALA A 351 -21.91 1.12 3.55
CA ALA A 351 -22.54 -0.02 4.23
C ALA A 351 -23.21 -0.95 3.18
N ASN A 352 -23.79 -0.31 2.16
CA ASN A 352 -24.63 -0.96 1.16
C ASN A 352 -24.46 -0.32 -0.21
N PRO A 353 -23.35 -0.69 -0.87
CA PRO A 353 -23.01 -0.06 -2.15
C PRO A 353 -23.84 -0.56 -3.30
N THR A 354 -23.80 0.18 -4.41
CA THR A 354 -24.36 -0.26 -5.67
C THR A 354 -23.29 -1.06 -6.40
N SER A 355 -23.75 -2.08 -7.12
CA SER A 355 -22.87 -2.99 -7.83
C SER A 355 -23.28 -3.22 -9.26
N LEU A 356 -22.27 -3.32 -10.10
CA LEU A 356 -22.42 -3.84 -11.45
C LEU A 356 -21.67 -5.16 -11.55
N GLN A 357 -22.36 -6.26 -11.85
CA GLN A 357 -21.71 -7.58 -11.98
C GLN A 357 -22.17 -8.31 -13.23
N ASP A 358 -21.22 -8.91 -13.96
CA ASP A 358 -21.51 -9.49 -15.28
C ASP A 358 -22.37 -8.53 -16.08
N VAL A 359 -22.00 -7.26 -16.02
CA VAL A 359 -22.50 -6.26 -16.95
C VAL A 359 -21.48 -6.12 -18.08
N PHE A 360 -21.96 -6.37 -19.30
CA PHE A 360 -21.12 -6.32 -20.48
C PHE A 360 -21.57 -5.14 -21.37
N VAL A 361 -20.65 -4.61 -22.17
CA VAL A 361 -21.05 -3.60 -23.15
C VAL A 361 -20.39 -3.94 -24.45
N ARG A 362 -21.16 -3.80 -25.53
CA ARG A 362 -20.64 -4.01 -26.87
C ARG A 362 -20.95 -2.80 -27.74
N ILE A 363 -19.93 -2.24 -28.41
CA ILE A 363 -20.16 -1.24 -29.44
C ILE A 363 -19.83 -1.80 -30.83
N GLY A 364 -20.86 -2.07 -31.61
CA GLY A 364 -20.70 -2.68 -32.93
C GLY A 364 -20.53 -4.19 -32.89
N GLY A 365 -20.39 -4.81 -34.09
CA GLY A 365 -20.10 -6.23 -34.24
C GLY A 365 -21.32 -6.91 -34.82
N ALA A 366 -22.47 -6.36 -34.51
CA ALA A 366 -23.75 -6.88 -35.01
C ALA A 366 -24.49 -5.82 -35.80
N GLY A 367 -23.70 -5.11 -36.59
CA GLY A 367 -24.17 -3.92 -37.24
C GLY A 367 -23.56 -2.74 -36.53
N PRO A 368 -23.51 -1.58 -37.22
CA PRO A 368 -22.78 -0.45 -36.68
C PRO A 368 -23.37 -0.04 -35.34
N GLY A 369 -22.52 0.46 -34.44
CA GLY A 369 -22.93 0.95 -33.16
C GLY A 369 -21.91 2.00 -32.69
N LYS A 370 -22.35 2.97 -31.89
CA LYS A 370 -21.46 4.03 -31.45
C LYS A 370 -21.86 4.55 -30.10
N ALA A 371 -20.88 4.95 -29.29
CA ALA A 371 -21.16 5.65 -28.05
C ALA A 371 -19.90 6.37 -27.60
N THR A 372 -20.09 7.52 -26.98
CA THR A 372 -18.97 8.33 -26.54
C THR A 372 -18.22 7.73 -25.34
N THR A 373 -18.93 7.52 -24.24
CA THR A 373 -18.35 6.94 -23.00
C THR A 373 -19.30 5.86 -22.55
N SER A 374 -18.84 4.61 -22.46
CA SER A 374 -19.75 3.50 -22.26
C SER A 374 -20.32 3.43 -20.85
N ILE A 375 -19.42 3.37 -19.87
CA ILE A 375 -19.84 3.35 -18.49
C ILE A 375 -19.22 4.50 -17.73
N VAL A 376 -20.08 5.26 -17.05
CA VAL A 376 -19.65 6.33 -16.14
C VAL A 376 -20.08 5.97 -14.71
N VAL A 377 -19.10 5.89 -13.82
CA VAL A 377 -19.37 5.56 -12.42
C VAL A 377 -19.17 6.80 -11.54
N ASN A 378 -20.29 7.44 -11.20
CA ASN A 378 -20.24 8.61 -10.30
C ASN A 378 -20.36 8.30 -8.80
N SER A 379 -21.15 7.29 -8.46
CA SER A 379 -21.50 7.01 -7.05
C SER A 379 -20.33 6.45 -6.28
N ASN A 380 -20.09 7.04 -5.13
CA ASN A 380 -19.08 6.56 -4.25
C ASN A 380 -19.37 5.13 -3.79
N ASP A 381 -18.29 4.39 -3.60
CA ASP A 381 -18.31 3.06 -3.01
C ASP A 381 -18.83 1.95 -3.96
N THR A 382 -19.07 2.33 -5.20
CA THR A 382 -19.57 1.37 -6.20
C THR A 382 -18.56 0.23 -6.42
N ILE A 383 -19.10 -0.98 -6.53
CA ILE A 383 -18.33 -2.17 -6.86
C ILE A 383 -18.61 -2.60 -8.28
N ILE A 384 -17.56 -2.77 -9.09
CA ILE A 384 -17.70 -3.23 -10.45
C ILE A 384 -16.96 -4.58 -10.46
N ASP A 385 -17.73 -5.66 -10.51
CA ASP A 385 -17.23 -7.01 -10.28
C ASP A 385 -17.57 -7.87 -11.47
N HIS A 386 -16.58 -7.95 -12.33
CA HIS A 386 -16.64 -8.55 -13.67
C HIS A 386 -17.40 -7.72 -14.68
N THR A 387 -16.66 -6.96 -15.46
CA THR A 387 -17.27 -6.28 -16.60
C THR A 387 -16.39 -6.45 -17.83
N TRP A 388 -17.02 -6.56 -18.99
CA TRP A 388 -16.30 -6.51 -20.30
C TRP A 388 -16.95 -5.42 -21.07
N VAL A 389 -16.15 -4.40 -21.38
CA VAL A 389 -16.60 -3.19 -22.07
C VAL A 389 -15.77 -3.15 -23.35
N TRP A 390 -16.42 -3.45 -24.45
CA TRP A 390 -15.76 -3.92 -25.67
C TRP A 390 -16.27 -3.20 -26.92
N ARG A 391 -15.39 -2.41 -27.52
CA ARG A 391 -15.66 -1.82 -28.79
C ARG A 391 -15.28 -2.90 -29.80
N ALA A 392 -16.24 -3.36 -30.60
CA ALA A 392 -16.02 -4.55 -31.44
C ALA A 392 -14.83 -4.35 -32.38
N ASP A 393 -13.98 -5.38 -32.48
CA ASP A 393 -12.86 -5.43 -33.41
C ASP A 393 -13.13 -6.29 -34.64
N HIS A 394 -14.24 -7.00 -34.64
CA HIS A 394 -14.63 -7.85 -35.76
C HIS A 394 -16.14 -7.92 -35.80
N GLY A 395 -16.65 -8.50 -36.88
CA GLY A 395 -18.09 -8.55 -37.15
C GLY A 395 -18.56 -7.55 -38.18
N GLU A 396 -19.86 -7.24 -38.12
CA GLU A 396 -20.48 -6.28 -39.03
C GLU A 396 -20.55 -4.90 -38.38
N GLY A 397 -20.37 -3.86 -39.20
CA GLY A 397 -20.49 -2.50 -38.72
C GLY A 397 -19.35 -2.00 -37.86
N VAL A 398 -18.14 -2.45 -38.22
CA VAL A 398 -16.91 -2.12 -37.50
C VAL A 398 -16.02 -1.25 -38.37
N GLY A 399 -15.34 -0.31 -37.74
CA GLY A 399 -14.49 0.62 -38.47
C GLY A 399 -14.07 1.79 -37.59
N TRP A 400 -12.90 2.35 -37.89
CA TRP A 400 -12.34 3.44 -37.07
C TRP A 400 -13.39 4.56 -36.86
N GLU A 401 -14.21 4.81 -37.88
CA GLU A 401 -15.33 5.74 -37.75
C GLU A 401 -16.65 5.01 -37.54
N THR A 402 -16.85 3.92 -38.26
CA THR A 402 -18.14 3.25 -38.29
C THR A 402 -18.62 2.83 -36.91
N ASN A 403 -17.73 2.31 -36.06
CA ASN A 403 -18.12 2.01 -34.66
C ASN A 403 -17.24 2.73 -33.66
N ARG A 404 -16.95 4.00 -33.99
CA ARG A 404 -16.26 4.88 -33.05
C ARG A 404 -16.81 4.76 -31.63
N ALA A 405 -15.89 4.76 -30.68
CA ALA A 405 -16.27 4.79 -29.28
C ALA A 405 -15.04 5.28 -28.54
N ASP A 406 -15.08 6.52 -28.11
CA ASP A 406 -13.83 7.13 -27.63
C ASP A 406 -13.38 6.60 -26.25
N TYR A 407 -14.33 6.41 -25.34
CA TYR A 407 -14.02 6.18 -23.94
C TYR A 407 -14.81 4.97 -23.40
N GLY A 408 -14.12 4.06 -22.70
CA GLY A 408 -14.78 2.87 -22.17
C GLY A 408 -15.46 3.12 -20.82
N VAL A 409 -14.65 3.26 -19.78
CA VAL A 409 -15.12 3.42 -18.43
C VAL A 409 -14.47 4.66 -17.86
N HIS A 410 -15.31 5.52 -17.27
CA HIS A 410 -14.85 6.71 -16.58
C HIS A 410 -15.31 6.63 -15.13
N VAL A 411 -14.36 6.55 -14.19
CA VAL A 411 -14.75 6.45 -12.78
C VAL A 411 -14.50 7.81 -12.11
N LYS A 412 -15.56 8.47 -11.64
CA LYS A 412 -15.41 9.75 -10.89
C LYS A 412 -15.66 9.67 -9.38
N GLY A 413 -16.56 8.79 -8.99
CA GLY A 413 -16.80 8.52 -7.60
C GLY A 413 -15.55 8.07 -6.85
N ASP A 414 -15.63 8.15 -5.52
CA ASP A 414 -14.54 7.83 -4.61
C ASP A 414 -14.79 6.44 -4.02
N ASN A 415 -13.72 5.79 -3.64
CA ASN A 415 -13.77 4.45 -3.02
C ASN A 415 -14.42 3.38 -3.91
N VAL A 416 -14.26 3.53 -5.21
CA VAL A 416 -14.84 2.58 -6.17
C VAL A 416 -13.88 1.41 -6.32
N LEU A 417 -14.41 0.20 -6.39
CA LEU A 417 -13.56 -1.00 -6.50
C LEU A 417 -13.94 -1.73 -7.74
N ALA A 418 -12.94 -2.08 -8.54
CA ALA A 418 -13.16 -2.89 -9.75
C ALA A 418 -12.36 -4.20 -9.59
N THR A 419 -13.07 -5.33 -9.61
CA THR A 419 -12.47 -6.65 -9.55
C THR A 419 -12.84 -7.36 -10.86
N GLY A 420 -11.84 -7.66 -11.67
CA GLY A 420 -12.12 -8.36 -12.92
C GLY A 420 -12.55 -7.38 -14.01
N LEU A 421 -11.66 -6.44 -14.33
CA LEU A 421 -11.98 -5.35 -15.25
C LEU A 421 -11.38 -5.64 -16.64
N PHE A 422 -12.22 -5.79 -17.66
CA PHE A 422 -11.78 -6.13 -19.01
C PHE A 422 -12.33 -5.00 -19.95
N VAL A 423 -11.47 -4.22 -20.60
CA VAL A 423 -11.95 -3.12 -21.42
C VAL A 423 -11.05 -2.98 -22.66
N GLU A 424 -11.64 -2.99 -23.86
CA GLU A 424 -10.83 -3.13 -25.08
C GLU A 424 -11.30 -2.31 -26.26
N HIS A 425 -10.29 -1.72 -26.89
CA HIS A 425 -10.30 -1.24 -28.29
C HIS A 425 -10.88 0.17 -28.50
N PHE A 426 -11.05 0.93 -27.44
CA PHE A 426 -11.57 2.29 -27.60
C PHE A 426 -10.64 3.23 -28.39
N ASN A 427 -11.23 4.23 -29.07
CA ASN A 427 -10.45 5.18 -29.87
C ASN A 427 -9.52 6.05 -29.01
N LYS A 428 -9.91 6.34 -27.76
CA LYS A 428 -9.12 7.14 -26.82
C LYS A 428 -8.88 6.32 -25.54
N TYR A 429 -9.08 6.87 -24.34
CA TYR A 429 -8.79 6.11 -23.12
C TYR A 429 -9.82 5.02 -22.88
N ASP A 430 -9.36 3.81 -22.72
CA ASP A 430 -10.24 2.71 -22.41
C ASP A 430 -10.81 2.90 -21.02
N VAL A 431 -9.93 3.19 -20.09
CA VAL A 431 -10.32 3.49 -18.71
C VAL A 431 -9.68 4.78 -18.25
N GLN A 432 -10.53 5.64 -17.68
CA GLN A 432 -10.13 6.86 -16.96
C GLN A 432 -10.64 6.85 -15.54
N TRP A 433 -9.77 7.26 -14.62
CA TRP A 433 -10.06 7.24 -13.22
C TRP A 433 -9.72 8.57 -12.58
N SER A 434 -10.78 9.29 -12.20
CA SER A 434 -10.67 10.66 -11.69
C SER A 434 -11.00 10.69 -10.21
N GLY A 435 -11.60 9.61 -9.70
CA GLY A 435 -12.05 9.56 -8.32
C GLY A 435 -10.96 9.16 -7.35
N GLU A 436 -11.16 9.47 -6.05
CA GLU A 436 -10.18 9.14 -5.03
C GLU A 436 -10.28 7.70 -4.50
N ASN A 437 -9.12 7.15 -4.10
CA ASN A 437 -8.99 5.85 -3.43
C ASN A 437 -9.63 4.73 -4.24
N GLY A 438 -9.47 4.83 -5.56
CA GLY A 438 -9.92 3.76 -6.41
C GLY A 438 -9.00 2.56 -6.23
N LYS A 439 -9.54 1.38 -6.49
CA LYS A 439 -8.83 0.10 -6.40
C LYS A 439 -9.25 -0.75 -7.62
N THR A 440 -8.27 -1.26 -8.37
CA THR A 440 -8.52 -2.25 -9.42
C THR A 440 -7.70 -3.51 -9.18
N ILE A 441 -8.41 -4.62 -9.06
CA ILE A 441 -7.79 -5.94 -8.99
C ILE A 441 -8.11 -6.70 -10.24
N PHE A 442 -7.05 -6.89 -11.04
CA PHE A 442 -7.08 -7.44 -12.40
C PHE A 442 -7.63 -6.49 -13.48
N TYR A 443 -6.76 -6.21 -14.46
CA TYR A 443 -7.18 -5.48 -15.67
C TYR A 443 -6.64 -6.13 -16.93
N GLN A 444 -7.51 -6.28 -17.90
CA GLN A 444 -7.13 -6.76 -19.21
C GLN A 444 -7.62 -5.74 -20.24
N ASN A 445 -6.68 -5.27 -21.04
CA ASN A 445 -6.97 -4.42 -22.18
C ASN A 445 -6.27 -4.86 -23.45
N ALA A 446 -6.93 -4.63 -24.58
CA ALA A 446 -6.26 -4.60 -25.89
C ALA A 446 -6.64 -3.28 -26.55
N LYS A 447 -5.66 -2.66 -27.17
CA LYS A 447 -5.89 -1.37 -27.78
C LYS A 447 -6.70 -1.51 -29.08
N ALA A 448 -7.08 -0.38 -29.65
CA ALA A 448 -7.76 -0.40 -30.92
C ALA A 448 -6.84 -0.99 -31.98
N TYR A 449 -7.35 -1.94 -32.76
CA TYR A 449 -6.55 -2.59 -33.79
C TYR A 449 -6.53 -1.80 -35.09
N ASP A 450 -7.59 -1.01 -35.27
CA ASP A 450 -7.92 -0.44 -36.57
C ASP A 450 -7.47 1.03 -36.74
N ALA A 451 -6.65 1.51 -35.82
CA ALA A 451 -6.13 2.86 -35.89
C ALA A 451 -5.37 3.00 -37.21
N PRO A 452 -5.70 4.03 -38.02
CA PRO A 452 -5.11 4.00 -39.38
C PRO A 452 -3.68 4.56 -39.52
N ASP A 453 -3.25 5.36 -38.57
CA ASP A 453 -1.97 6.02 -38.67
C ASP A 453 -1.68 6.62 -37.30
N GLN A 454 -0.43 7.04 -37.08
CA GLN A 454 -0.02 7.56 -35.78
C GLN A 454 -0.88 8.76 -35.35
N ALA A 455 -0.93 9.76 -36.22
CA ALA A 455 -1.64 11.00 -35.91
C ALA A 455 -3.09 10.78 -35.46
N ALA A 456 -3.72 9.71 -35.94
CA ALA A 456 -5.13 9.44 -35.54
C ALA A 456 -5.28 9.04 -34.05
N ILE A 457 -4.16 9.01 -33.34
CA ILE A 457 -4.16 8.66 -31.93
C ILE A 457 -3.17 9.52 -31.17
N GLN A 458 -2.71 10.60 -31.78
CA GLN A 458 -1.86 11.52 -31.03
C GLN A 458 -2.71 12.12 -29.94
N ASN A 459 -2.18 12.07 -28.70
CA ASN A 459 -2.82 12.47 -27.45
C ASN A 459 -2.08 13.73 -27.12
N GLY A 460 -2.30 14.81 -27.87
CA GLY A 460 -1.44 15.96 -27.75
C GLY A 460 0.02 15.62 -28.00
N ASP A 461 0.81 15.42 -26.93
CA ASP A 461 2.27 15.27 -27.06
C ASP A 461 2.82 13.83 -26.81
N ILE A 462 1.86 12.91 -26.67
CA ILE A 462 2.14 11.54 -26.30
C ILE A 462 1.54 10.77 -27.42
N LYS A 463 2.19 9.70 -27.84
CA LYS A 463 1.60 8.86 -28.87
C LYS A 463 0.64 7.86 -28.26
N GLY A 464 -0.59 7.94 -28.73
CA GLY A 464 -1.69 7.14 -28.22
C GLY A 464 -2.26 7.57 -26.89
N TYR A 465 -3.36 6.91 -26.53
CA TYR A 465 -4.06 7.13 -25.28
C TYR A 465 -3.84 5.92 -24.40
N ALA A 466 -3.49 6.16 -23.17
CA ALA A 466 -3.35 5.06 -22.24
C ALA A 466 -4.56 4.17 -22.24
N ALA A 467 -4.34 2.89 -22.04
CA ALA A 467 -5.44 1.97 -21.70
C ALA A 467 -6.04 2.27 -20.32
N TYR A 468 -5.24 2.81 -19.42
CA TYR A 468 -5.66 3.03 -18.03
C TYR A 468 -4.96 4.28 -17.54
N LYS A 469 -5.78 5.32 -17.37
CA LYS A 469 -5.35 6.62 -17.02
C LYS A 469 -5.88 7.07 -15.66
N VAL A 470 -4.96 7.32 -14.73
CA VAL A 470 -5.26 7.94 -13.46
C VAL A 470 -5.01 9.41 -13.63
N ASP A 471 -6.06 10.21 -13.40
CA ASP A 471 -5.94 11.66 -13.55
C ASP A 471 -4.91 12.25 -12.60
N ASP A 472 -4.39 13.40 -13.02
CA ASP A 472 -3.79 14.33 -12.13
C ASP A 472 -4.89 15.05 -11.35
N SER A 473 -4.47 15.45 -10.17
CA SER A 473 -5.25 15.79 -9.02
C SER A 473 -5.43 14.52 -8.18
N VAL A 474 -5.44 13.35 -8.83
CA VAL A 474 -5.66 12.11 -8.05
C VAL A 474 -4.58 11.82 -6.98
N THR A 475 -5.03 12.01 -5.76
CA THR A 475 -4.21 11.79 -4.60
C THR A 475 -3.95 10.30 -4.27
N THR A 476 -5.00 9.45 -4.26
CA THR A 476 -4.91 8.05 -3.81
C THR A 476 -5.44 7.11 -4.92
N HIS A 477 -4.68 6.06 -5.27
CA HIS A 477 -5.13 5.01 -6.23
C HIS A 477 -4.29 3.76 -6.06
N GLU A 478 -4.89 2.59 -6.30
CA GLU A 478 -4.10 1.36 -6.31
C GLU A 478 -4.62 0.31 -7.29
N GLY A 479 -3.69 -0.33 -8.01
CA GLY A 479 -4.02 -1.31 -9.01
C GLY A 479 -3.09 -2.52 -8.98
N TRP A 480 -3.65 -3.71 -9.17
CA TRP A 480 -2.90 -4.97 -9.13
C TRP A 480 -3.19 -5.85 -10.33
N GLY A 481 -2.13 -6.30 -10.99
CA GLY A 481 -2.28 -7.36 -12.00
C GLY A 481 -2.94 -6.91 -13.30
N MET A 482 -2.22 -6.08 -14.05
CA MET A 482 -2.83 -5.36 -15.15
C MET A 482 -1.98 -5.34 -16.44
N GLY A 483 -2.64 -5.65 -17.55
CA GLY A 483 -1.98 -5.77 -18.84
C GLY A 483 -2.74 -5.09 -19.97
N SER A 484 -1.96 -4.49 -20.86
CA SER A 484 -2.50 -3.88 -22.07
C SER A 484 -1.74 -4.45 -23.30
N TYR A 485 -2.49 -4.91 -24.29
CA TYR A 485 -1.90 -5.53 -25.50
C TYR A 485 -2.20 -4.71 -26.77
N CYS A 486 -1.30 -4.73 -27.72
CA CYS A 486 -1.52 -4.03 -29.00
C CYS A 486 -1.44 -4.99 -30.20
N TYR A 487 -2.19 -4.67 -31.25
CA TYR A 487 -2.26 -5.41 -32.49
C TYR A 487 -2.75 -4.45 -33.55
N PHE A 488 -1.86 -3.53 -33.88
CA PHE A 488 -2.17 -2.49 -34.84
C PHE A 488 -2.02 -3.14 -36.20
N ASN A 489 -3.11 -3.74 -36.67
CA ASN A 489 -3.03 -4.55 -37.89
C ASN A 489 -3.20 -3.70 -39.13
N VAL A 490 -3.96 -2.62 -39.01
CA VAL A 490 -4.12 -1.70 -40.13
C VAL A 490 -2.84 -0.93 -40.39
N ASN A 491 -2.08 -0.68 -39.32
CA ASN A 491 -0.84 0.09 -39.46
C ASN A 491 0.20 -0.30 -38.40
N PRO A 492 0.96 -1.39 -38.65
CA PRO A 492 1.89 -1.92 -37.67
C PRO A 492 3.12 -1.03 -37.39
N ASP A 493 3.35 0.02 -38.17
CA ASP A 493 4.45 0.91 -37.84
C ASP A 493 4.09 1.88 -36.69
N ILE A 494 2.83 1.83 -36.26
CA ILE A 494 2.35 2.63 -35.15
C ILE A 494 3.11 2.32 -33.84
N ARG A 495 3.25 3.36 -33.02
CA ARG A 495 3.78 3.27 -31.65
C ARG A 495 2.79 3.78 -30.60
N GLN A 496 2.70 3.02 -29.50
CA GLN A 496 1.83 3.35 -28.37
C GLN A 496 2.72 3.71 -27.21
N GLN A 497 2.65 4.93 -26.72
CA GLN A 497 3.65 5.42 -25.78
C GLN A 497 3.68 4.57 -24.55
N HIS A 498 2.49 4.20 -24.05
CA HIS A 498 2.41 3.39 -22.82
C HIS A 498 1.04 2.71 -22.67
N GLY A 499 0.97 1.71 -21.79
CA GLY A 499 -0.31 1.15 -21.42
C GLY A 499 -1.02 1.91 -20.32
N PHE A 500 -0.24 2.52 -19.43
CA PHE A 500 -0.70 3.16 -18.20
C PHE A 500 -0.17 4.59 -18.08
N GLN A 501 -1.01 5.49 -17.56
CA GLN A 501 -0.68 6.90 -17.37
C GLN A 501 -1.17 7.30 -15.98
N ALA A 502 -0.28 7.84 -15.15
CA ALA A 502 -0.69 8.23 -13.78
C ALA A 502 0.33 9.16 -13.20
N PRO A 503 -0.12 10.04 -12.30
CA PRO A 503 0.84 10.87 -11.59
C PRO A 503 1.81 10.04 -10.79
N VAL A 504 2.91 10.68 -10.43
CA VAL A 504 3.92 10.09 -9.60
C VAL A 504 3.81 10.71 -8.20
N LYS A 505 3.26 9.93 -7.28
CA LYS A 505 2.88 10.37 -5.92
C LYS A 505 2.84 9.17 -4.99
N PRO A 506 3.23 9.34 -3.73
CA PRO A 506 3.32 8.12 -2.91
C PRO A 506 1.98 7.46 -2.55
N GLY A 507 0.85 8.05 -2.96
CA GLY A 507 -0.46 7.49 -2.72
C GLY A 507 -1.10 6.86 -3.97
N VAL A 508 -0.38 6.94 -5.11
CA VAL A 508 -0.77 6.28 -6.37
C VAL A 508 0.19 5.12 -6.67
N LYS A 509 -0.32 3.90 -6.59
CA LYS A 509 0.52 2.71 -6.65
C LYS A 509 0.00 1.70 -7.66
N PHE A 510 0.93 1.01 -8.31
CA PHE A 510 0.64 -0.11 -9.15
C PHE A 510 1.58 -1.28 -8.87
N HIS A 511 1.02 -2.47 -9.02
CA HIS A 511 1.69 -3.73 -8.83
C HIS A 511 1.43 -4.62 -10.00
N ASP A 512 2.52 -5.13 -10.57
CA ASP A 512 2.50 -6.13 -11.63
C ASP A 512 1.77 -5.62 -12.85
N LEU A 513 2.45 -4.70 -13.55
CA LEU A 513 1.98 -4.11 -14.79
C LEU A 513 2.71 -4.73 -15.98
N LEU A 514 2.00 -4.89 -17.07
CA LEU A 514 2.65 -5.34 -18.31
C LEU A 514 2.01 -4.83 -19.58
N VAL A 515 2.83 -4.74 -20.63
CA VAL A 515 2.33 -4.50 -21.97
C VAL A 515 2.92 -5.53 -22.93
N VAL A 516 2.12 -5.86 -23.95
CA VAL A 516 2.47 -6.89 -24.90
C VAL A 516 2.14 -6.44 -26.30
N SER A 517 3.13 -6.52 -27.21
CA SER A 517 2.85 -6.38 -28.62
C SER A 517 2.47 -7.72 -29.24
N LEU A 518 1.28 -7.81 -29.81
CA LEU A 518 0.89 -9.08 -30.35
C LEU A 518 1.68 -9.31 -31.63
N GLY A 519 2.91 -9.77 -31.50
CA GLY A 519 3.71 -10.18 -32.66
C GLY A 519 4.07 -9.13 -33.73
N GLY A 520 4.66 -8.01 -33.36
CA GLY A 520 5.21 -7.09 -34.35
C GLY A 520 4.28 -5.98 -34.78
N LYS A 521 3.01 -6.13 -34.41
CA LYS A 521 1.97 -5.27 -34.97
C LYS A 521 1.84 -4.01 -34.09
N GLY A 522 2.73 -3.06 -34.36
CA GLY A 522 2.90 -1.95 -33.46
C GLY A 522 3.75 -2.39 -32.30
N GLN A 523 4.27 -1.40 -31.57
CA GLN A 523 4.99 -1.66 -30.35
C GLN A 523 4.66 -0.60 -29.30
N TYR A 524 4.86 -0.97 -28.03
CA TYR A 524 4.81 0.00 -26.94
C TYR A 524 6.18 0.64 -26.79
N GLU A 525 6.24 1.92 -26.45
CA GLU A 525 7.51 2.58 -26.15
C GLU A 525 7.91 2.42 -24.68
N HIS A 526 6.90 2.25 -23.83
CA HIS A 526 7.09 2.04 -22.39
C HIS A 526 5.88 1.33 -21.81
N VAL A 527 5.97 0.98 -20.52
CA VAL A 527 4.84 0.36 -19.82
C VAL A 527 3.87 1.37 -19.18
N ILE A 528 4.41 2.25 -18.35
CA ILE A 528 3.67 3.30 -17.65
C ILE A 528 4.42 4.61 -17.80
N ASN A 529 3.72 5.69 -18.11
CA ASN A 529 4.39 6.96 -18.31
C ASN A 529 5.62 6.69 -19.24
N ASP A 530 6.85 7.06 -18.86
CA ASP A 530 8.05 6.68 -19.64
C ASP A 530 8.96 5.67 -18.90
N ILE A 531 8.34 4.88 -18.03
CA ILE A 531 9.01 3.80 -17.31
C ILE A 531 8.65 2.38 -17.84
N GLY A 532 9.65 1.50 -17.85
CA GLY A 532 9.52 0.16 -18.43
C GLY A 532 10.01 0.12 -19.86
N ASP A 533 10.58 -1.00 -20.25
CA ASP A 533 11.15 -1.12 -21.57
C ASP A 533 10.10 -1.06 -22.66
N PRO A 534 10.50 -0.61 -23.85
CA PRO A 534 9.58 -0.81 -24.97
C PRO A 534 9.42 -2.29 -25.23
N THR A 535 8.37 -2.69 -25.93
CA THR A 535 8.35 -4.03 -26.48
C THR A 535 9.27 -4.06 -27.70
N SER A 536 9.77 -5.25 -28.04
CA SER A 536 10.62 -5.43 -29.23
C SER A 536 10.37 -6.78 -29.88
N GLY A 537 10.81 -6.91 -31.13
CA GLY A 537 10.69 -8.14 -31.92
C GLY A 537 9.24 -8.40 -32.33
N ASP A 538 9.02 -9.56 -32.96
CA ASP A 538 7.67 -10.09 -33.18
C ASP A 538 7.40 -11.36 -32.34
N THR A 539 8.05 -11.51 -31.19
CA THR A 539 7.90 -12.76 -30.38
C THR A 539 6.94 -12.65 -29.18
N THR A 540 6.18 -11.58 -29.14
CA THR A 540 5.10 -11.41 -28.15
C THR A 540 5.61 -11.62 -26.71
N ILE A 541 6.81 -11.16 -26.46
CA ILE A 541 7.36 -11.18 -25.12
C ILE A 541 6.85 -9.95 -24.34
N PRO A 542 6.25 -10.16 -23.16
CA PRO A 542 5.76 -8.95 -22.46
C PRO A 542 6.88 -8.02 -22.04
N SER A 543 6.59 -6.75 -21.86
CA SER A 543 7.44 -5.86 -21.09
C SER A 543 6.73 -5.57 -19.76
N GLN A 544 7.40 -5.95 -18.67
CA GLN A 544 6.79 -5.97 -17.34
C GLN A 544 7.36 -4.87 -16.44
N VAL A 545 6.51 -4.36 -15.55
CA VAL A 545 6.93 -3.40 -14.52
C VAL A 545 6.34 -3.90 -13.16
N VAL A 546 7.19 -4.27 -12.22
CA VAL A 546 6.74 -4.96 -11.02
C VAL A 546 6.08 -4.03 -9.96
N SER A 547 6.68 -2.87 -9.73
CA SER A 547 6.31 -2.01 -8.62
C SER A 547 6.44 -0.51 -9.05
N PHE A 548 5.43 0.30 -8.76
CA PHE A 548 5.42 1.74 -9.04
C PHE A 548 4.59 2.45 -7.95
N PRO A 549 5.04 3.64 -7.46
CA PRO A 549 6.05 4.52 -8.06
C PRO A 549 7.31 4.49 -7.22
N VAL B 2 -13.89 16.80 21.66
CA VAL B 2 -13.14 15.58 21.34
C VAL B 2 -13.33 14.48 22.41
N VAL B 3 -13.55 13.25 21.96
CA VAL B 3 -13.58 12.11 22.89
C VAL B 3 -12.22 11.38 22.82
N GLY B 4 -11.79 10.85 23.96
CA GLY B 4 -10.54 10.12 24.02
C GLY B 4 -10.78 8.65 23.75
N GLY B 5 -9.69 7.94 23.46
CA GLY B 5 -9.72 6.51 23.19
C GLY B 5 -10.09 6.21 21.74
N GLY B 6 -10.30 4.95 21.41
CA GLY B 6 -10.69 4.61 20.05
C GLY B 6 -9.72 3.69 19.33
N ASP B 7 -10.18 3.13 18.21
CA ASP B 7 -9.49 2.03 17.51
C ASP B 7 -8.08 2.41 17.01
N LEU B 8 -7.08 1.64 17.44
CA LEU B 8 -5.70 1.84 17.01
C LEU B 8 -5.60 1.97 15.48
N GLY B 9 -6.53 1.32 14.77
CA GLY B 9 -6.57 1.39 13.34
C GLY B 9 -5.95 0.18 12.68
N PRO B 10 -6.09 0.06 11.33
CA PRO B 10 -5.52 -1.04 10.52
C PRO B 10 -4.02 -1.08 10.40
N ASN B 11 -3.36 0.07 10.55
CA ASN B 11 -1.91 0.15 10.42
C ASN B 11 -1.16 -0.26 11.70
N VAL B 12 -1.92 -0.57 12.75
CA VAL B 12 -1.36 -1.27 13.89
C VAL B 12 -1.81 -2.74 13.83
N LEU B 13 -0.84 -3.63 13.64
CA LEU B 13 -1.05 -5.08 13.61
C LEU B 13 -0.86 -5.61 15.07
N VAL B 14 -1.93 -6.04 15.76
CA VAL B 14 -1.83 -6.55 17.15
C VAL B 14 -1.96 -8.09 17.19
N PHE B 15 -0.86 -8.77 17.52
CA PHE B 15 -0.79 -10.22 17.54
C PHE B 15 -0.85 -10.76 18.96
N ASP B 16 -1.27 -12.02 19.10
CA ASP B 16 -0.95 -12.79 20.31
C ASP B 16 -0.19 -14.07 19.92
N PRO B 17 0.57 -14.68 20.87
CA PRO B 17 1.13 -15.97 20.42
C PRO B 17 -0.13 -16.70 20.16
N SER B 18 -0.29 -17.66 19.24
CA SER B 18 -1.68 -18.16 18.91
C SER B 18 -2.38 -17.49 17.71
N THR B 19 -2.07 -16.22 17.42
CA THR B 19 -2.52 -15.64 16.17
C THR B 19 -2.17 -16.55 14.99
N PRO B 20 -3.17 -17.04 14.25
CA PRO B 20 -2.90 -17.67 12.95
C PRO B 20 -1.77 -17.02 12.15
N ASP B 21 -0.76 -17.81 11.77
CA ASP B 21 0.14 -17.40 10.72
C ASP B 21 1.04 -16.15 11.00
N ILE B 22 1.29 -15.85 12.28
CA ILE B 22 2.08 -14.64 12.67
C ILE B 22 3.22 -14.45 11.69
N GLN B 23 3.92 -15.55 11.45
CA GLN B 23 5.13 -15.49 10.68
C GLN B 23 4.83 -14.94 9.24
N GLY B 24 3.79 -15.44 8.54
CA GLY B 24 3.58 -14.99 7.17
C GLY B 24 3.14 -13.54 7.10
N LYS B 25 2.41 -13.13 8.12
CA LYS B 25 1.92 -11.76 8.25
C LYS B 25 3.04 -10.76 8.38
N VAL B 26 4.00 -11.02 9.28
CA VAL B 26 5.16 -10.12 9.37
C VAL B 26 6.06 -10.30 8.15
N ASP B 27 6.15 -11.52 7.63
CA ASP B 27 6.86 -11.77 6.38
C ASP B 27 6.21 -11.00 5.18
N GLU B 28 4.89 -10.78 5.19
CA GLU B 28 4.25 -10.00 4.11
C GLU B 28 4.38 -8.47 4.31
N VAL B 29 4.51 -8.00 5.57
CA VAL B 29 4.82 -6.56 5.80
C VAL B 29 6.26 -6.22 5.38
N PHE B 30 7.22 -7.12 5.67
CA PHE B 30 8.63 -6.92 5.28
C PHE B 30 8.75 -6.93 3.74
N ARG B 31 7.92 -7.75 3.10
CA ARG B 31 7.90 -7.87 1.65
C ARG B 31 7.83 -6.49 1.03
N LYS B 32 6.85 -5.72 1.47
CA LYS B 32 6.63 -4.41 0.88
C LYS B 32 7.46 -3.32 1.47
N GLN B 33 7.84 -3.45 2.74
CA GLN B 33 8.53 -2.35 3.38
C GLN B 33 10.05 -2.43 3.19
N GLU B 34 10.59 -3.60 2.89
CA GLU B 34 12.04 -3.82 2.88
C GLU B 34 12.85 -2.79 2.09
N SER B 35 12.38 -2.46 0.90
CA SER B 35 13.08 -1.53 0.00
C SER B 35 12.36 -0.20 -0.06
N ASN B 36 11.38 -0.02 0.82
CA ASN B 36 10.43 1.09 0.75
C ASN B 36 10.94 2.34 1.50
N GLN B 37 12.12 2.83 1.10
CA GLN B 37 12.80 3.90 1.77
C GLN B 37 12.00 5.21 1.94
N PHE B 38 11.27 5.60 0.92
CA PHE B 38 10.68 6.95 0.91
C PHE B 38 9.17 6.93 0.76
N GLY B 39 8.57 5.74 0.68
CA GLY B 39 7.12 5.60 0.58
C GLY B 39 6.37 6.12 1.82
N THR B 40 5.03 6.16 1.70
CA THR B 40 4.20 6.69 2.75
C THR B 40 3.53 5.63 3.65
N ASP B 41 3.61 4.35 3.33
CA ASP B 41 2.92 3.42 4.25
C ASP B 41 3.76 3.26 5.55
N ARG B 42 3.10 2.86 6.62
CA ARG B 42 3.65 2.87 7.97
C ARG B 42 2.98 1.71 8.72
N TYR B 43 3.77 1.00 9.51
CA TYR B 43 3.28 -0.16 10.26
C TYR B 43 3.79 -0.19 11.67
N ALA B 44 2.90 -0.48 12.62
CA ALA B 44 3.31 -0.85 13.98
C ALA B 44 2.91 -2.30 14.23
N LEU B 45 3.88 -3.11 14.66
CA LEU B 45 3.63 -4.49 15.07
C LEU B 45 3.69 -4.49 16.59
N MET B 46 2.58 -4.93 17.20
CA MET B 46 2.43 -4.90 18.63
C MET B 46 2.09 -6.33 19.10
N PHE B 47 2.93 -6.82 20.00
CA PHE B 47 2.80 -8.20 20.50
C PHE B 47 2.34 -8.27 21.93
N LYS B 48 1.20 -8.92 22.15
CA LYS B 48 0.70 -9.12 23.52
C LYS B 48 1.61 -10.02 24.35
N PRO B 49 1.60 -9.87 25.68
CA PRO B 49 2.40 -10.78 26.51
C PRO B 49 2.19 -12.24 26.19
N GLY B 50 3.31 -12.93 26.17
CA GLY B 50 3.33 -14.38 25.93
C GLY B 50 4.66 -14.80 25.33
N THR B 51 4.71 -16.06 24.85
CA THR B 51 5.88 -16.68 24.26
C THR B 51 5.55 -16.99 22.83
N TYR B 52 6.42 -16.57 21.92
CA TYR B 52 6.24 -16.78 20.51
C TYR B 52 7.38 -17.60 19.98
N ASN B 53 7.07 -18.74 19.38
CA ASN B 53 8.04 -19.64 18.81
C ASN B 53 8.11 -19.50 17.30
N ASP B 54 9.26 -19.92 16.78
CA ASP B 54 9.52 -20.02 15.36
C ASP B 54 9.11 -18.70 14.66
N ILE B 55 9.76 -17.65 15.15
CA ILE B 55 9.55 -16.30 14.58
C ILE B 55 10.86 -15.64 14.16
N ASN B 56 10.93 -15.22 12.89
CA ASN B 56 11.99 -14.33 12.41
C ASN B 56 11.29 -13.10 11.88
N ALA B 57 11.24 -12.06 12.70
CA ALA B 57 10.60 -10.80 12.31
C ALA B 57 11.65 -9.90 11.71
N GLN B 58 11.69 -9.89 10.40
CA GLN B 58 12.57 -8.97 9.69
C GLN B 58 11.83 -7.61 9.59
N ILE B 59 12.57 -6.55 9.90
CA ILE B 59 12.00 -5.24 10.02
C ILE B 59 12.52 -4.36 8.87
N GLY B 60 11.57 -3.94 8.02
CA GLY B 60 11.90 -3.01 6.94
C GLY B 60 11.72 -1.56 7.31
N PHE B 61 11.66 -0.69 6.30
CA PHE B 61 11.38 0.72 6.52
C PHE B 61 10.04 0.98 7.22
N TYR B 62 10.05 1.98 8.10
CA TYR B 62 8.84 2.50 8.74
C TYR B 62 7.98 1.42 9.38
N THR B 63 8.68 0.51 10.04
CA THR B 63 8.06 -0.56 10.78
C THR B 63 8.62 -0.48 12.19
N SER B 64 7.73 -0.33 13.16
CA SER B 64 8.07 -0.49 14.57
C SER B 64 7.62 -1.89 15.02
N ILE B 65 8.32 -2.41 16.00
CA ILE B 65 7.88 -3.69 16.62
C ILE B 65 8.10 -3.58 18.10
N ALA B 66 7.13 -4.04 18.88
CA ALA B 66 7.19 -3.91 20.31
C ALA B 66 6.29 -4.91 21.01
N GLY B 67 6.65 -5.18 22.25
CA GLY B 67 5.85 -5.97 23.17
C GLY B 67 4.94 -5.03 23.97
N LEU B 68 3.82 -5.58 24.41
CA LEU B 68 2.80 -4.85 25.16
C LEU B 68 2.80 -5.24 26.64
N GLY B 69 3.89 -5.87 27.07
CA GLY B 69 4.14 -6.07 28.49
C GLY B 69 4.35 -4.78 29.24
N LEU B 70 4.45 -4.96 30.59
CA LEU B 70 4.89 -3.98 31.56
C LEU B 70 6.36 -4.05 31.54
N ASN B 71 6.87 -5.29 31.42
CA ASN B 71 8.32 -5.53 31.36
C ASN B 71 8.74 -6.35 30.11
N PRO B 72 9.98 -6.15 29.61
CA PRO B 72 10.31 -6.73 28.29
C PRO B 72 10.18 -8.26 28.30
N ASP B 73 10.47 -8.81 29.48
CA ASP B 73 10.45 -10.26 29.61
C ASP B 73 9.05 -10.82 29.80
N ASP B 74 8.03 -9.98 29.61
CA ASP B 74 6.65 -10.43 29.54
C ASP B 74 6.27 -10.89 28.12
N THR B 75 7.05 -10.44 27.14
CA THR B 75 6.79 -10.74 25.72
C THR B 75 8.10 -11.25 25.14
N THR B 76 8.22 -12.58 25.03
CA THR B 76 9.47 -13.21 24.65
C THR B 76 9.31 -13.88 23.33
N PHE B 77 10.33 -13.77 22.53
CA PHE B 77 10.37 -14.39 21.22
C PHE B 77 11.46 -15.44 21.27
N ASN B 78 11.09 -16.70 21.00
CA ASN B 78 12.08 -17.72 20.71
C ASN B 78 12.33 -17.62 19.24
N GLY B 79 13.33 -16.82 18.92
CA GLY B 79 13.46 -16.26 17.60
C GLY B 79 14.04 -14.87 17.65
N ASP B 80 13.80 -14.11 16.57
CA ASP B 80 14.65 -12.96 16.27
C ASP B 80 13.84 -11.77 15.80
N VAL B 81 14.45 -10.60 15.97
CA VAL B 81 13.93 -9.35 15.41
C VAL B 81 15.11 -8.84 14.59
N THR B 82 15.08 -9.09 13.28
CA THR B 82 16.25 -8.99 12.42
C THR B 82 16.16 -7.74 11.56
N VAL B 83 17.28 -7.04 11.45
CA VAL B 83 17.52 -6.13 10.33
C VAL B 83 18.83 -6.56 9.69
N ASP B 84 18.78 -6.74 8.38
CA ASP B 84 19.92 -7.07 7.57
C ASP B 84 19.84 -6.17 6.29
N ALA B 85 20.79 -6.33 5.38
CA ALA B 85 20.96 -5.38 4.28
C ALA B 85 20.81 -6.03 2.88
N GLY B 86 19.94 -7.01 2.75
CA GLY B 86 19.77 -7.72 1.49
C GLY B 86 19.33 -6.88 0.28
N TRP B 87 18.57 -5.82 0.53
CA TRP B 87 18.05 -5.01 -0.59
C TRP B 87 19.09 -4.06 -1.15
N PHE B 88 20.20 -3.87 -0.46
CA PHE B 88 21.19 -2.86 -0.86
C PHE B 88 22.54 -3.53 -0.85
N ASP B 89 22.52 -4.80 -1.31
CA ASP B 89 23.74 -5.55 -1.61
C ASP B 89 24.77 -5.59 -0.48
N GLY B 90 24.26 -5.73 0.74
CA GLY B 90 25.09 -5.91 1.92
C GLY B 90 25.50 -4.63 2.63
N ASN B 91 25.12 -3.47 2.05
CA ASN B 91 25.45 -2.16 2.60
C ASN B 91 24.30 -1.71 3.50
N ALA B 92 24.56 -1.47 4.78
CA ALA B 92 23.50 -1.13 5.73
C ALA B 92 23.34 0.36 5.96
N THR B 93 24.02 1.20 5.18
CA THR B 93 24.01 2.64 5.45
C THR B 93 22.75 3.38 5.05
N GLN B 94 21.74 2.68 4.53
CA GLN B 94 20.45 3.28 4.35
C GLN B 94 19.34 2.56 5.14
N ASN B 95 19.71 1.84 6.19
CA ASN B 95 18.70 1.11 7.00
C ASN B 95 18.13 1.99 8.10
N PHE B 96 17.28 2.91 7.65
CA PHE B 96 16.75 3.96 8.52
C PHE B 96 15.32 3.68 8.99
N TRP B 97 14.87 4.46 9.96
CA TRP B 97 13.43 4.69 10.24
C TRP B 97 12.67 3.41 10.61
N ARG B 98 13.11 2.80 11.70
CA ARG B 98 12.43 1.62 12.21
C ARG B 98 12.75 1.50 13.70
N SER B 99 12.21 0.52 14.41
CA SER B 99 12.45 0.49 15.86
C SER B 99 12.06 -0.85 16.46
N ALA B 100 12.66 -1.14 17.58
CA ALA B 100 12.28 -2.32 18.41
C ALA B 100 12.24 -1.88 19.86
N GLU B 101 11.19 -2.31 20.58
CA GLU B 101 11.05 -1.94 22.00
C GLU B 101 10.29 -2.97 22.85
N ASN B 102 10.73 -3.16 24.08
CA ASN B 102 9.94 -3.86 25.10
C ASN B 102 9.64 -5.31 24.74
N LEU B 103 10.68 -5.99 24.29
CA LEU B 103 10.67 -7.42 23.96
C LEU B 103 11.92 -8.14 24.52
N ALA B 104 11.72 -9.43 24.83
CA ALA B 104 12.82 -10.33 25.10
C ALA B 104 13.04 -11.25 23.89
N LEU B 105 14.28 -11.41 23.49
CA LEU B 105 14.62 -12.27 22.36
C LEU B 105 15.55 -13.40 22.79
N ASN B 106 15.24 -14.59 22.32
CA ASN B 106 16.05 -15.77 22.50
C ASN B 106 16.45 -16.18 21.08
N PRO B 107 17.50 -15.55 20.55
CA PRO B 107 17.71 -15.70 19.10
C PRO B 107 18.17 -17.10 18.75
N VAL B 108 17.82 -17.61 17.59
CA VAL B 108 18.06 -19.02 17.32
C VAL B 108 19.54 -19.45 17.38
N ASN B 109 20.38 -18.84 16.55
CA ASN B 109 21.79 -19.21 16.53
C ASN B 109 22.59 -18.63 17.69
N GLY B 110 21.90 -17.97 18.60
CA GLY B 110 22.53 -17.42 19.80
C GLY B 110 22.83 -15.93 19.73
N THR B 111 22.62 -15.33 18.57
CA THR B 111 22.91 -13.91 18.33
C THR B 111 21.84 -13.27 17.50
N ASN B 112 21.29 -12.14 17.96
CA ASN B 112 20.32 -11.38 17.18
C ASN B 112 21.06 -10.36 16.29
N ARG B 113 20.60 -10.17 15.06
CA ARG B 113 21.21 -9.16 14.18
C ARG B 113 20.30 -7.91 14.04
N TRP B 114 20.87 -6.75 14.35
CA TRP B 114 20.21 -5.45 14.25
C TRP B 114 21.18 -4.55 13.47
N ALA B 115 21.28 -4.78 12.16
CA ALA B 115 22.29 -4.13 11.35
C ALA B 115 21.71 -2.85 10.76
N VAL B 116 21.59 -1.85 11.59
CA VAL B 116 20.90 -0.60 11.23
C VAL B 116 21.85 0.57 11.05
N SER B 117 21.34 1.66 10.48
CA SER B 117 22.02 2.95 10.52
C SER B 117 21.14 3.90 11.30
N GLN B 118 20.97 5.15 10.86
CA GLN B 118 20.37 6.15 11.75
C GLN B 118 18.87 5.99 11.90
N ALA B 119 18.33 6.53 13.01
CA ALA B 119 16.90 6.55 13.34
C ALA B 119 16.30 5.13 13.42
N ALA B 120 16.98 4.26 14.14
CA ALA B 120 16.56 2.86 14.28
C ALA B 120 16.76 2.42 15.72
N PRO B 121 16.10 3.12 16.65
CA PRO B 121 16.34 2.88 18.08
C PRO B 121 16.00 1.44 18.56
N PHE B 122 16.74 0.99 19.59
CA PHE B 122 16.59 -0.35 20.20
C PHE B 122 16.48 -0.02 21.69
N ARG B 123 15.25 -0.11 22.22
CA ARG B 123 14.94 0.36 23.56
C ARG B 123 14.25 -0.69 24.43
N ARG B 124 14.59 -0.70 25.72
CA ARG B 124 14.05 -1.67 26.68
C ARG B 124 13.86 -3.04 26.11
N MET B 125 14.96 -3.53 25.55
CA MET B 125 15.06 -4.87 25.01
C MET B 125 15.86 -5.75 25.98
N HIS B 126 15.52 -7.03 25.98
CA HIS B 126 16.34 -8.06 26.64
C HIS B 126 16.76 -9.06 25.59
N VAL B 127 18.05 -9.14 25.33
CA VAL B 127 18.56 -10.12 24.39
C VAL B 127 19.26 -11.23 25.15
N LYS B 128 18.70 -12.44 25.05
CA LYS B 128 19.24 -13.62 25.75
C LYS B 128 20.28 -14.33 24.87
N GLY B 129 21.27 -13.55 24.46
CA GLY B 129 22.39 -13.98 23.64
C GLY B 129 23.21 -12.74 23.26
N GLY B 130 23.97 -12.83 22.20
CA GLY B 130 24.65 -11.69 21.65
C GLY B 130 23.81 -10.89 20.70
N LEU B 131 24.36 -9.73 20.29
CA LEU B 131 23.67 -8.79 19.45
C LEU B 131 24.70 -8.28 18.47
N ASN B 132 24.54 -8.72 17.23
CA ASN B 132 25.39 -8.34 16.12
C ASN B 132 24.78 -7.14 15.40
N LEU B 133 25.56 -6.08 15.32
CA LEU B 133 25.12 -4.82 14.72
C LEU B 133 25.53 -4.67 13.25
N ALA B 134 26.16 -5.71 12.67
CA ALA B 134 26.65 -5.62 11.28
C ALA B 134 25.83 -6.50 10.33
N PRO B 135 25.67 -6.08 9.07
CA PRO B 135 24.99 -6.91 8.09
C PRO B 135 25.79 -8.17 7.76
N ASP B 136 25.10 -9.13 7.16
CA ASP B 136 25.72 -10.32 6.59
C ASP B 136 26.66 -9.82 5.48
N GLY B 137 27.95 -10.14 5.58
CA GLY B 137 28.98 -9.52 4.71
C GLY B 137 29.96 -8.58 5.41
N TYR B 138 29.58 -8.04 6.58
CA TYR B 138 30.37 -7.07 7.36
C TYR B 138 30.61 -5.76 6.56
N GLY B 139 29.76 -5.54 5.57
CA GLY B 139 29.67 -4.28 4.84
C GLY B 139 29.41 -3.04 5.72
N TRP B 140 29.11 -1.93 5.05
CA TRP B 140 29.17 -0.65 5.70
C TRP B 140 27.94 -0.42 6.60
N ALA B 141 28.13 0.27 7.71
CA ALA B 141 27.02 0.58 8.61
C ALA B 141 27.33 1.83 9.43
N SER B 142 26.29 2.62 9.71
CA SER B 142 26.40 3.92 10.37
C SER B 142 25.25 4.21 11.38
N GLY B 143 25.13 3.33 12.37
CA GLY B 143 24.19 3.51 13.47
C GLY B 143 24.78 4.37 14.56
N GLY B 144 24.23 4.33 15.77
CA GLY B 144 23.13 3.54 16.18
C GLY B 144 22.86 3.91 17.63
N TYR B 145 21.84 3.28 18.19
CA TYR B 145 21.28 3.73 19.45
C TYR B 145 20.64 2.61 20.26
N ILE B 146 21.20 2.34 21.43
CA ILE B 146 20.65 1.34 22.35
C ILE B 146 20.44 2.06 23.65
N ALA B 147 19.25 1.92 24.21
CA ALA B 147 18.97 2.41 25.55
C ALA B 147 18.11 1.46 26.36
N ASP B 148 18.38 1.48 27.66
CA ASP B 148 17.57 0.78 28.64
C ASP B 148 17.42 -0.69 28.30
N SER B 149 18.49 -1.31 27.82
CA SER B 149 18.45 -2.71 27.38
C SER B 149 19.47 -3.54 28.12
N LYS B 150 19.26 -4.85 28.06
CA LYS B 150 20.21 -5.81 28.65
C LYS B 150 20.52 -6.82 27.57
N ILE B 151 21.79 -6.86 27.20
CA ILE B 151 22.32 -7.84 26.27
C ILE B 151 23.14 -8.83 27.09
N ASP B 152 22.78 -10.10 27.05
CA ASP B 152 23.47 -11.05 27.92
C ASP B 152 24.90 -11.45 27.50
N GLY B 153 25.24 -11.39 26.20
CA GLY B 153 26.62 -11.65 25.74
C GLY B 153 27.35 -10.63 24.80
N GLU B 154 28.00 -11.10 23.71
CA GLU B 154 29.11 -10.45 22.85
C GLU B 154 29.09 -9.02 22.39
N VAL B 155 27.91 -8.56 21.97
CA VAL B 155 27.70 -7.16 21.43
C VAL B 155 28.79 -6.79 20.41
N GLY B 156 28.49 -7.02 19.15
CA GLY B 156 29.50 -7.03 18.10
C GLY B 156 29.16 -5.99 17.03
N PRO B 157 29.84 -4.84 17.07
CA PRO B 157 29.57 -3.83 16.05
C PRO B 157 30.15 -4.22 14.70
N TYR B 158 31.35 -4.84 14.76
CA TYR B 158 32.14 -5.16 13.57
C TYR B 158 32.39 -3.90 12.71
N SER B 159 31.69 -3.75 11.60
CA SER B 159 31.86 -2.63 10.68
C SER B 159 31.18 -1.31 11.09
N GLN B 160 30.27 -1.35 12.06
CA GLN B 160 29.63 -0.10 12.54
C GLN B 160 30.62 1.02 12.84
N GLN B 161 30.44 2.19 12.23
CA GLN B 161 31.42 3.25 12.39
C GLN B 161 31.46 3.76 13.82
N GLN B 162 30.26 3.93 14.36
CA GLN B 162 30.09 4.56 15.65
C GLN B 162 28.79 4.04 16.27
N TRP B 163 28.59 4.35 17.54
CA TRP B 163 27.42 3.85 18.27
C TRP B 163 27.27 4.54 19.61
N TYR B 164 26.02 4.66 20.09
CA TYR B 164 25.78 5.22 21.41
C TYR B 164 24.89 4.27 22.19
N THR B 165 25.33 3.95 23.40
CA THR B 165 24.57 3.07 24.27
C THR B 165 24.42 3.78 25.58
N ARG B 166 23.17 3.80 26.08
CA ARG B 166 22.98 4.30 27.46
C ARG B 166 22.09 3.47 28.35
N ASP B 167 22.41 3.61 29.63
CA ASP B 167 21.60 3.08 30.72
C ASP B 167 21.11 1.66 30.44
N SER B 168 22.10 0.80 30.29
CA SER B 168 21.92 -0.56 29.83
C SER B 168 22.93 -1.48 30.54
N SER B 169 22.94 -2.73 30.10
CA SER B 169 23.92 -3.74 30.55
C SER B 169 24.30 -4.66 29.39
N VAL B 170 25.60 -4.86 29.22
CA VAL B 170 26.10 -5.75 28.21
C VAL B 170 27.02 -6.74 28.92
N GLY B 171 26.91 -8.00 28.57
CA GLY B 171 27.87 -8.97 29.06
C GLY B 171 29.06 -8.91 28.13
N GLY B 172 28.88 -8.32 26.95
CA GLY B 172 29.82 -8.49 25.85
C GLY B 172 30.70 -7.30 25.60
N TRP B 173 30.38 -6.44 24.62
CA TRP B 173 31.33 -5.52 23.71
C TRP B 173 32.64 -5.88 22.87
N GLY B 174 32.44 -6.09 21.57
CA GLY B 174 33.45 -6.66 20.69
C GLY B 174 34.53 -5.76 20.10
N ASN B 175 34.13 -4.61 19.53
CA ASN B 175 35.10 -3.79 18.79
C ASN B 175 34.55 -2.41 18.64
N GLY B 176 35.44 -1.49 18.32
CA GLY B 176 35.05 -0.14 17.98
C GLY B 176 35.89 0.35 16.82
N VAL B 177 35.24 1.12 15.95
CA VAL B 177 35.80 1.56 14.67
C VAL B 177 36.27 3.01 14.79
N TRP B 178 35.34 3.97 14.75
CA TRP B 178 35.66 5.38 15.00
C TRP B 178 35.19 6.02 16.33
N ASN B 179 34.00 5.66 16.80
CA ASN B 179 33.44 6.34 17.99
C ASN B 179 32.33 5.54 18.65
N MET B 180 32.68 4.78 19.67
CA MET B 180 31.71 4.01 20.44
C MET B 180 31.64 4.68 21.82
N THR B 181 30.49 5.28 22.12
CA THR B 181 30.25 6.01 23.37
C THR B 181 29.22 5.29 24.25
N PHE B 182 29.45 5.33 25.55
CA PHE B 182 28.62 4.67 26.52
C PHE B 182 28.40 5.65 27.66
N SER B 183 27.17 5.73 28.17
CA SER B 183 26.93 6.43 29.41
C SER B 183 25.98 5.60 30.25
N GLY B 184 26.37 5.32 31.48
CA GLY B 184 25.56 4.48 32.35
C GLY B 184 25.43 3.03 31.93
N VAL B 185 26.45 2.49 31.30
CA VAL B 185 26.37 1.13 30.76
C VAL B 185 27.18 0.14 31.60
N GLU B 186 26.46 -0.76 32.26
CA GLU B 186 27.12 -1.80 33.02
C GLU B 186 27.75 -2.75 32.03
N GLY B 187 29.05 -2.98 32.18
CA GLY B 187 29.76 -3.90 31.31
C GLY B 187 30.42 -3.24 30.13
N ALA B 188 30.30 -1.93 29.97
CA ALA B 188 31.03 -1.28 28.86
C ALA B 188 32.56 -1.34 29.10
N PRO B 189 33.34 -1.33 28.01
CA PRO B 189 34.79 -1.19 28.25
C PRO B 189 35.15 0.19 28.85
N ALA B 190 36.14 0.27 29.73
CA ALA B 190 36.50 1.57 30.33
C ALA B 190 36.94 2.53 29.24
N GLN B 191 37.12 3.78 29.64
CA GLN B 191 37.63 4.82 28.75
C GLN B 191 38.95 4.36 28.08
N SER B 192 39.02 4.52 26.74
CA SER B 192 40.10 4.00 25.90
C SER B 192 40.65 4.99 24.87
N PHE B 193 39.81 5.96 24.49
CA PHE B 193 40.02 6.75 23.27
C PHE B 193 41.43 7.30 23.31
N PRO B 194 42.15 7.26 22.19
CA PRO B 194 41.70 6.92 20.83
C PRO B 194 41.64 5.44 20.48
N GLU B 195 42.26 4.56 21.26
CA GLU B 195 42.36 3.12 20.89
C GLU B 195 42.06 2.03 21.98
N PRO B 196 40.99 1.23 21.76
CA PRO B 196 39.95 1.45 20.77
C PRO B 196 39.24 2.76 21.08
N PRO B 197 38.26 3.16 20.25
CA PRO B 197 37.87 4.56 20.48
C PRO B 197 36.58 4.58 21.33
N TYR B 198 36.79 4.31 22.60
CA TYR B 198 35.69 4.13 23.54
C TYR B 198 35.66 5.32 24.45
N THR B 199 34.51 5.99 24.46
CA THR B 199 34.23 7.12 25.35
C THR B 199 33.24 6.60 26.34
N THR B 200 33.65 6.54 27.60
CA THR B 200 32.89 5.82 28.61
C THR B 200 32.68 6.71 29.83
N LEU B 201 31.40 6.96 30.14
CA LEU B 201 30.93 7.74 31.27
C LEU B 201 30.17 6.82 32.20
N GLU B 202 30.53 6.90 33.49
CA GLU B 202 29.95 6.04 34.52
C GLU B 202 28.42 6.05 34.54
N THR B 203 27.85 7.22 34.49
CA THR B 203 26.41 7.39 34.55
C THR B 203 26.02 8.42 33.52
N THR B 204 24.73 8.48 33.18
CA THR B 204 24.21 9.59 32.36
C THR B 204 23.59 10.61 33.29
N PRO B 205 23.86 11.90 33.06
CA PRO B 205 23.48 12.92 34.07
C PRO B 205 21.99 12.87 34.46
N VAL B 206 21.16 12.69 33.46
CA VAL B 206 19.75 12.59 33.68
C VAL B 206 19.20 11.93 32.43
N SER B 207 18.21 11.11 32.68
CA SER B 207 17.56 10.29 31.69
C SER B 207 16.11 10.19 32.04
N ARG B 208 15.28 10.00 31.04
CA ARG B 208 13.89 9.65 31.32
C ARG B 208 13.46 8.72 30.20
N GLU B 209 13.12 7.48 30.55
CA GLU B 209 12.82 6.54 29.52
C GLU B 209 11.58 6.96 28.73
N LYS B 210 11.60 6.57 27.46
CA LYS B 210 10.54 6.95 26.54
C LYS B 210 9.20 6.30 26.92
N PRO B 211 8.10 7.05 26.80
CA PRO B 211 6.80 6.38 27.04
C PRO B 211 6.49 5.31 25.99
N PHE B 212 5.65 4.33 26.37
CA PHE B 212 5.31 3.27 25.45
C PHE B 212 3.91 2.70 25.79
N LEU B 213 3.22 2.26 24.74
CA LEU B 213 1.93 1.60 24.84
C LEU B 213 2.11 0.21 25.46
N TYR B 214 1.19 -0.14 26.34
CA TYR B 214 1.25 -1.46 26.96
C TYR B 214 -0.08 -1.81 27.58
N LEU B 215 -0.24 -3.08 27.89
CA LEU B 215 -1.42 -3.53 28.58
C LEU B 215 -1.14 -3.75 30.09
N ASP B 216 -1.69 -2.91 30.95
CA ASP B 216 -1.87 -3.31 32.33
C ASP B 216 -3.06 -4.27 32.34
N GLY B 217 -2.79 -5.47 31.83
CA GLY B 217 -3.76 -6.54 31.88
C GLY B 217 -4.69 -6.56 30.69
N ASP B 218 -5.93 -6.24 30.98
CA ASP B 218 -6.95 -6.21 29.94
C ASP B 218 -6.95 -4.95 29.03
N ASP B 219 -6.44 -3.80 29.53
CA ASP B 219 -6.72 -2.45 28.92
C ASP B 219 -5.49 -1.67 28.33
N TYR B 220 -5.61 -1.01 27.17
CA TYR B 220 -4.45 -0.19 26.67
C TYR B 220 -4.15 1.03 27.57
N LYS B 221 -2.87 1.16 27.94
CA LYS B 221 -2.35 2.30 28.70
C LYS B 221 -0.97 2.72 28.17
N VAL B 222 -0.60 3.96 28.45
CA VAL B 222 0.76 4.38 28.15
C VAL B 222 1.55 4.56 29.44
N PHE B 223 2.58 3.74 29.63
CA PHE B 223 3.51 3.93 30.73
C PHE B 223 4.40 5.13 30.49
N VAL B 224 4.53 5.97 31.51
CA VAL B 224 5.35 7.16 31.41
C VAL B 224 6.42 7.06 32.47
N PRO B 225 7.58 6.50 32.12
CA PRO B 225 8.69 6.39 33.08
C PRO B 225 9.14 7.69 33.68
N ALA B 226 9.75 7.54 34.85
CA ALA B 226 10.15 8.65 35.69
C ALA B 226 11.58 9.11 35.38
N LYS B 227 11.84 10.38 35.68
CA LYS B 227 13.17 11.00 35.50
C LYS B 227 14.17 10.30 36.38
N ARG B 228 15.34 10.01 35.83
CA ARG B 228 16.45 9.44 36.61
C ARG B 228 17.61 10.42 36.58
N THR B 229 18.45 10.38 37.62
CA THR B 229 19.62 11.23 37.65
C THR B 229 20.87 10.41 37.93
N ASN B 230 21.99 10.69 37.26
CA ASN B 230 23.15 9.85 37.42
C ASN B 230 22.78 8.40 37.09
N ALA B 231 22.01 8.24 36.01
CA ALA B 231 21.46 6.94 35.67
C ALA B 231 22.52 5.92 35.27
N ARG B 232 22.26 4.69 35.67
CA ARG B 232 23.12 3.57 35.36
C ARG B 232 22.27 2.31 35.32
N GLY B 233 22.53 1.46 34.33
CA GLY B 233 21.78 0.23 34.19
C GLY B 233 20.34 0.42 33.72
N THR B 234 19.59 -0.68 33.66
CA THR B 234 18.24 -0.67 33.14
C THR B 234 17.25 -0.14 34.22
N SER B 235 16.08 0.29 33.77
CA SER B 235 15.06 0.88 34.61
C SER B 235 14.00 -0.15 35.08
N TRP B 236 14.18 -1.39 34.65
CA TRP B 236 13.22 -2.48 34.88
C TRP B 236 14.00 -3.67 35.35
N GLY B 237 15.26 -3.43 35.62
CA GLY B 237 16.27 -4.42 35.42
C GLY B 237 16.20 -5.69 36.16
N ASN B 238 15.72 -5.57 37.40
CA ASN B 238 15.10 -6.55 38.26
C ASN B 238 13.58 -6.28 38.37
N GLY B 239 12.81 -6.61 37.33
CA GLY B 239 11.38 -6.62 37.50
C GLY B 239 10.79 -5.28 37.14
N THR B 240 10.52 -4.44 38.16
CA THR B 240 9.53 -3.38 37.98
C THR B 240 9.83 -1.87 38.21
N PRO B 241 9.62 -1.08 37.16
CA PRO B 241 9.85 0.36 37.26
C PRO B 241 8.90 1.28 38.02
N GLU B 242 9.39 2.51 38.02
CA GLU B 242 8.71 3.63 38.62
C GLU B 242 8.19 4.56 37.55
N GLY B 243 6.96 5.06 37.77
CA GLY B 243 6.28 5.90 36.80
C GLY B 243 4.79 5.85 37.03
N GLU B 244 4.02 6.35 36.07
CA GLU B 244 2.57 6.56 36.19
C GLU B 244 2.05 5.98 34.90
N SER B 245 0.96 5.20 34.92
CA SER B 245 0.48 4.52 33.70
C SER B 245 -0.92 5.10 33.33
N LEU B 246 -1.04 5.62 32.09
CA LEU B 246 -2.18 6.46 31.64
C LEU B 246 -3.15 5.69 30.75
N PRO B 247 -4.47 5.70 31.06
CA PRO B 247 -5.39 5.00 30.17
C PRO B 247 -5.42 5.54 28.75
N LEU B 248 -5.52 4.62 27.79
CA LEU B 248 -5.71 5.01 26.41
C LEU B 248 -6.84 6.02 26.28
N ASP B 249 -7.82 5.92 27.17
CA ASP B 249 -9.00 6.73 26.99
C ASP B 249 -8.72 8.23 27.41
N GLN B 250 -7.54 8.54 28.02
CA GLN B 250 -7.05 9.94 28.20
C GLN B 250 -6.23 10.44 26.99
N PHE B 251 -6.18 9.69 25.89
CA PHE B 251 -5.50 10.16 24.65
C PHE B 251 -6.47 10.44 23.51
N TYR B 252 -6.17 11.47 22.70
CA TYR B 252 -6.76 11.57 21.37
C TYR B 252 -5.97 10.68 20.39
N VAL B 253 -6.65 9.74 19.74
CA VAL B 253 -5.98 8.74 18.86
C VAL B 253 -5.96 9.29 17.44
N VAL B 254 -4.89 9.97 17.09
CA VAL B 254 -4.88 10.72 15.83
C VAL B 254 -4.70 9.74 14.66
N LYS B 255 -5.64 9.77 13.73
CA LYS B 255 -5.53 8.96 12.51
C LYS B 255 -5.45 9.89 11.29
N PRO B 256 -4.92 9.38 10.15
CA PRO B 256 -4.85 10.13 8.89
C PRO B 256 -6.12 10.85 8.58
N GLY B 257 -6.09 12.20 8.48
CA GLY B 257 -7.27 13.03 8.19
C GLY B 257 -7.57 14.04 9.29
N ALA B 258 -6.98 13.80 10.46
CA ALA B 258 -7.01 14.80 11.54
C ALA B 258 -6.33 16.11 11.14
N THR B 259 -6.95 17.23 11.45
CA THR B 259 -6.34 18.51 11.18
C THR B 259 -5.55 19.02 12.38
N ALA B 260 -4.62 19.95 12.14
CA ALA B 260 -3.91 20.63 13.23
C ALA B 260 -4.92 21.22 14.22
N GLU B 261 -5.98 21.79 13.64
CA GLU B 261 -7.08 22.32 14.40
C GLU B 261 -7.62 21.27 15.40
N THR B 262 -7.88 20.06 14.91
CA THR B 262 -8.37 18.99 15.84
C THR B 262 -7.37 18.53 16.88
N ILE B 263 -6.16 18.22 16.42
CA ILE B 263 -5.06 17.86 17.30
C ILE B 263 -4.95 18.91 18.37
N ASN B 264 -4.92 20.15 17.94
CA ASN B 264 -4.73 21.24 18.91
C ASN B 264 -5.92 21.38 19.84
N ALA B 265 -7.09 21.14 19.30
CA ALA B 265 -8.32 21.16 20.07
C ALA B 265 -8.24 20.05 21.11
N ALA B 266 -7.69 18.90 20.72
CA ALA B 266 -7.63 17.77 21.63
C ALA B 266 -6.78 18.14 22.82
N VAL B 267 -5.64 18.76 22.52
CA VAL B 267 -4.78 19.25 23.56
C VAL B 267 -5.40 20.45 24.24
N ASP B 268 -5.98 21.37 23.43
CA ASP B 268 -6.79 22.52 23.92
C ASP B 268 -7.73 22.01 24.99
N GLN B 269 -8.42 20.91 24.67
CA GLN B 269 -9.38 20.40 25.63
C GLN B 269 -8.73 19.61 26.78
N GLY B 270 -7.43 19.34 26.70
CA GLY B 270 -6.73 18.67 27.79
C GLY B 270 -6.25 17.24 27.62
N LEU B 271 -6.48 16.62 26.46
CA LEU B 271 -6.01 15.25 26.22
C LEU B 271 -4.56 15.16 25.75
N HIS B 272 -4.01 13.95 25.89
CA HIS B 272 -2.73 13.59 25.28
C HIS B 272 -2.92 13.18 23.82
N LEU B 273 -1.81 12.90 23.13
CA LEU B 273 -1.83 12.60 21.70
C LEU B 273 -1.15 11.27 21.40
N LEU B 274 -1.82 10.41 20.66
CA LEU B 274 -1.21 9.18 20.17
C LEU B 274 -1.39 9.16 18.67
N PHE B 275 -0.30 9.35 17.93
CA PHE B 275 -0.40 9.33 16.48
C PHE B 275 -0.33 7.89 15.98
N THR B 276 -1.39 7.41 15.34
CA THR B 276 -1.35 6.07 14.76
C THR B 276 -0.48 6.11 13.51
N PRO B 277 -0.02 4.94 13.02
CA PRO B 277 0.98 5.04 11.96
C PRO B 277 0.39 5.54 10.66
N GLY B 278 0.96 6.65 10.19
CA GLY B 278 0.50 7.28 9.00
C GLY B 278 1.24 8.59 8.75
N VAL B 279 0.79 9.33 7.74
CA VAL B 279 1.42 10.57 7.33
C VAL B 279 0.35 11.65 7.42
N TYR B 280 0.68 12.69 8.16
CA TYR B 280 -0.25 13.72 8.54
C TYR B 280 0.20 15.09 8.03
N HIS B 281 -0.45 15.52 6.94
CA HIS B 281 -0.28 16.87 6.41
C HIS B 281 -0.99 17.83 7.34
N VAL B 282 -0.32 18.92 7.68
CA VAL B 282 -0.85 19.92 8.58
C VAL B 282 -0.74 21.34 7.98
N ASP B 283 -1.85 22.07 8.04
CA ASP B 283 -1.98 23.41 7.50
C ASP B 283 -1.58 24.55 8.45
N GLN B 284 -1.61 24.30 9.77
CA GLN B 284 -0.83 25.09 10.75
C GLN B 284 -0.19 24.26 11.84
N PRO B 285 0.58 24.95 12.70
CA PRO B 285 1.37 24.13 13.63
C PRO B 285 0.54 23.48 14.72
N ILE B 286 1.09 22.40 15.22
CA ILE B 286 0.59 21.75 16.40
C ILE B 286 1.17 22.48 17.58
N GLU B 287 0.33 22.95 18.49
CA GLU B 287 0.79 23.59 19.73
C GLU B 287 0.57 22.63 20.86
N ILE B 288 1.61 22.37 21.61
CA ILE B 288 1.49 21.62 22.84
C ILE B 288 1.83 22.60 23.97
N ASP B 289 0.78 23.14 24.56
CA ASP B 289 0.91 24.10 25.65
C ASP B 289 0.10 23.73 26.89
N ARG B 290 0.19 22.46 27.28
CA ARG B 290 -0.37 21.96 28.52
C ARG B 290 0.73 21.13 29.19
N ALA B 291 1.00 21.42 30.46
CA ALA B 291 2.09 20.72 31.12
C ALA B 291 1.85 19.21 31.13
N ASN B 292 2.94 18.47 31.04
CA ASN B 292 2.93 17.00 31.05
C ASN B 292 2.17 16.24 29.95
N THR B 293 1.96 16.93 28.85
CA THR B 293 1.39 16.33 27.67
C THR B 293 2.36 15.35 27.05
N VAL B 294 1.84 14.15 26.80
CA VAL B 294 2.54 13.10 26.03
C VAL B 294 2.06 13.14 24.58
N ALA B 295 3.01 13.22 23.66
CA ALA B 295 2.76 13.14 22.23
C ALA B 295 3.55 11.99 21.70
N LEU B 296 2.89 10.89 21.44
CA LEU B 296 3.58 9.61 21.19
C LEU B 296 3.17 9.11 19.80
N GLY B 297 4.13 8.91 18.90
CA GLY B 297 3.85 8.27 17.63
C GLY B 297 4.18 6.79 17.65
N LEU B 298 3.37 6.05 16.91
CA LEU B 298 3.55 4.64 16.62
C LEU B 298 3.99 4.46 15.17
N GLY B 299 4.78 3.44 14.89
CA GLY B 299 5.05 3.05 13.51
C GLY B 299 5.58 4.21 12.63
N LEU B 300 6.48 5.04 13.18
CA LEU B 300 7.13 6.11 12.44
C LEU B 300 6.10 7.09 11.84
N ALA B 301 5.06 7.35 12.63
CA ALA B 301 4.10 8.41 12.32
C ALA B 301 4.82 9.70 11.97
N THR B 302 4.33 10.36 10.93
CA THR B 302 5.06 11.45 10.29
C THR B 302 4.16 12.68 10.20
N ILE B 303 4.74 13.86 10.41
CA ILE B 303 4.04 15.12 10.26
C ILE B 303 4.73 15.86 9.13
N ILE B 304 3.96 16.32 8.17
CA ILE B 304 4.45 17.20 7.12
C ILE B 304 3.74 18.54 7.22
N PRO B 305 4.49 19.61 7.51
CA PRO B 305 3.91 20.95 7.51
C PRO B 305 3.71 21.47 6.08
N ASP B 306 2.50 21.95 5.78
CA ASP B 306 2.21 22.53 4.48
C ASP B 306 2.37 24.04 4.61
N ASN B 307 2.42 24.73 3.45
CA ASN B 307 2.28 26.18 3.44
C ASN B 307 3.41 26.92 4.19
N GLY B 308 4.50 26.23 4.45
CA GLY B 308 5.68 26.80 5.09
C GLY B 308 5.55 26.97 6.58
N VAL B 309 4.58 26.31 7.18
CA VAL B 309 4.37 26.44 8.60
C VAL B 309 5.35 25.60 9.42
N THR B 310 5.43 25.92 10.71
CA THR B 310 6.15 25.08 11.65
C THR B 310 5.27 23.86 11.95
N ALA B 311 5.85 22.67 12.10
CA ALA B 311 5.04 21.48 12.33
C ALA B 311 4.66 21.34 13.80
N LEU B 312 5.63 21.61 14.68
CA LEU B 312 5.39 21.41 16.09
C LEU B 312 6.00 22.50 16.95
N LYS B 313 5.18 23.09 17.81
CA LYS B 313 5.62 24.11 18.79
C LYS B 313 5.18 23.68 20.17
N VAL B 314 6.15 23.46 21.05
CA VAL B 314 5.86 23.21 22.46
C VAL B 314 5.95 24.50 23.24
N GLY B 315 4.98 24.72 24.12
CA GLY B 315 4.93 25.95 24.90
C GLY B 315 5.86 25.92 26.09
N ASP B 316 5.83 26.98 26.90
CA ASP B 316 6.79 27.14 27.98
C ASP B 316 6.29 26.48 29.27
N VAL B 317 6.15 25.16 29.20
CA VAL B 317 5.55 24.36 30.26
C VAL B 317 6.44 23.15 30.61
N ASP B 318 6.22 22.63 31.83
CA ASP B 318 6.92 21.46 32.35
C ASP B 318 6.46 20.16 31.68
N GLY B 319 7.38 19.22 31.46
CA GLY B 319 7.00 17.84 31.38
C GLY B 319 6.41 17.28 30.10
N VAL B 320 6.52 18.02 29.01
CA VAL B 320 6.03 17.57 27.73
C VAL B 320 6.97 16.47 27.20
N LYS B 321 6.38 15.38 26.75
CA LYS B 321 7.12 14.23 26.23
C LYS B 321 6.71 13.96 24.79
N VAL B 322 7.55 14.38 23.87
CA VAL B 322 7.32 14.12 22.46
C VAL B 322 8.20 12.94 22.13
N ALA B 323 7.60 11.88 21.59
CA ALA B 323 8.40 10.68 21.32
C ALA B 323 7.97 9.96 20.04
N GLY B 324 8.92 9.49 19.26
CA GLY B 324 8.62 8.69 18.09
C GLY B 324 7.74 9.35 17.06
N LEU B 325 8.27 10.39 16.44
CA LEU B 325 7.65 11.08 15.32
C LEU B 325 8.73 11.51 14.34
N LEU B 326 8.43 11.37 13.06
CA LEU B 326 9.27 11.89 11.98
C LEU B 326 8.61 13.16 11.47
N VAL B 327 9.35 14.25 11.40
CA VAL B 327 8.86 15.47 10.75
C VAL B 327 9.56 15.59 9.38
N ASP B 328 8.84 15.56 8.25
CA ASP B 328 9.48 15.76 6.90
C ASP B 328 9.00 17.10 6.40
N ALA B 329 9.96 17.92 6.01
CA ALA B 329 9.64 19.19 5.42
C ALA B 329 8.77 19.09 4.16
N GLY B 330 7.90 20.07 3.97
CA GLY B 330 7.19 20.23 2.71
C GLY B 330 8.06 21.02 1.75
N PRO B 331 7.66 21.07 0.48
CA PRO B 331 8.52 21.76 -0.49
C PRO B 331 8.54 23.28 -0.32
N VAL B 332 7.49 23.83 0.26
CA VAL B 332 7.54 25.25 0.68
C VAL B 332 8.40 25.38 1.93
N ASN B 333 9.37 26.27 1.84
CA ASN B 333 10.26 26.50 2.99
C ASN B 333 9.57 26.85 4.29
N SER B 334 9.88 26.09 5.35
CA SER B 334 9.45 26.44 6.69
C SER B 334 10.60 27.15 7.44
N GLU B 335 10.32 28.26 8.12
CA GLU B 335 11.35 28.95 8.91
C GLU B 335 11.91 28.06 10.01
N THR B 336 11.02 27.32 10.65
CA THR B 336 11.44 26.27 11.56
C THR B 336 10.53 25.07 11.41
N LEU B 337 11.04 23.87 11.74
CA LEU B 337 10.18 22.69 11.74
C LEU B 337 9.68 22.30 13.13
N VAL B 338 10.51 22.46 14.15
CA VAL B 338 10.16 22.11 15.53
C VAL B 338 10.72 23.15 16.47
N GLU B 339 9.86 23.74 17.30
CA GLU B 339 10.31 24.69 18.34
C GLU B 339 9.91 24.26 19.72
N VAL B 340 10.87 24.24 20.65
CA VAL B 340 10.58 23.90 22.05
C VAL B 340 10.76 25.13 22.92
N GLY B 341 9.64 25.71 23.31
CA GLY B 341 9.61 26.88 24.17
C GLY B 341 9.72 28.11 23.31
N SER B 342 9.69 29.29 23.95
CA SER B 342 9.73 30.53 23.21
C SER B 342 10.99 31.34 23.34
N ASP B 343 11.01 32.33 22.46
CA ASP B 343 12.18 33.07 22.20
C ASP B 343 12.53 34.18 23.17
N GLY B 344 11.70 34.39 24.17
CA GLY B 344 12.23 34.89 25.45
C GLY B 344 12.54 33.95 26.64
N ALA B 345 11.92 32.77 26.71
CA ALA B 345 12.13 31.76 27.80
C ALA B 345 11.82 32.12 29.23
N SER B 346 12.84 31.78 30.02
CA SER B 346 13.25 32.50 31.12
C SER B 346 12.66 31.79 32.34
N GLY B 347 12.21 30.57 32.11
CA GLY B 347 11.81 29.68 33.19
C GLY B 347 12.66 28.44 33.24
N ASP B 348 12.87 27.88 34.45
CA ASP B 348 13.55 26.59 34.58
C ASP B 348 12.53 25.45 34.75
N HIS B 349 12.88 24.25 34.23
CA HIS B 349 11.99 23.10 34.21
C HIS B 349 12.75 21.86 34.77
N ALA B 350 13.56 22.08 35.82
CA ALA B 350 14.56 21.09 36.25
C ALA B 350 13.92 19.83 36.83
N ALA B 351 12.89 19.99 37.67
CA ALA B 351 12.21 18.87 38.32
C ALA B 351 11.33 18.04 37.33
N ASN B 352 11.04 18.58 36.17
CA ASN B 352 10.23 17.86 35.18
C ASN B 352 10.38 18.51 33.82
N PRO B 353 11.51 18.18 33.15
CA PRO B 353 11.72 18.89 31.89
C PRO B 353 10.88 18.32 30.75
N THR B 354 10.93 19.04 29.63
CA THR B 354 10.39 18.57 28.36
C THR B 354 11.47 17.78 27.65
N SER B 355 11.07 16.71 26.98
CA SER B 355 11.98 15.97 26.12
C SER B 355 11.43 15.67 24.73
N LEU B 356 12.35 15.51 23.79
CA LEU B 356 12.04 14.89 22.52
C LEU B 356 12.85 13.59 22.55
N GLN B 357 12.31 12.54 21.97
CA GLN B 357 12.91 11.21 22.02
C GLN B 357 12.49 10.50 20.77
N ASP B 358 13.46 9.96 20.05
CA ASP B 358 13.16 9.37 18.74
C ASP B 358 12.33 10.35 17.89
N VAL B 359 12.79 11.59 17.88
CA VAL B 359 12.26 12.60 16.95
C VAL B 359 13.25 12.68 15.81
N PHE B 360 12.73 12.45 14.61
CA PHE B 360 13.56 12.46 13.43
C PHE B 360 13.05 13.53 12.50
N VAL B 361 13.97 14.19 11.81
CA VAL B 361 13.63 15.26 10.90
C VAL B 361 14.27 14.95 9.58
N ARG B 362 13.50 15.09 8.50
CA ARG B 362 14.01 14.83 7.15
C ARG B 362 13.70 16.07 6.30
N ILE B 363 14.68 16.53 5.55
CA ILE B 363 14.48 17.60 4.60
C ILE B 363 14.83 17.07 3.21
N GLY B 364 13.80 16.82 2.40
CA GLY B 364 14.00 16.26 1.07
C GLY B 364 14.12 14.75 1.05
N GLY B 365 14.22 14.17 -0.14
CA GLY B 365 14.50 12.75 -0.27
C GLY B 365 13.25 11.99 -0.68
N ALA B 366 12.13 12.35 -0.07
CA ALA B 366 10.82 11.81 -0.47
C ALA B 366 10.07 12.86 -1.28
N GLY B 367 10.83 13.58 -2.10
CA GLY B 367 10.32 14.72 -2.83
C GLY B 367 10.93 15.96 -2.22
N PRO B 368 10.99 17.05 -2.99
CA PRO B 368 11.71 18.23 -2.56
C PRO B 368 11.13 18.79 -1.26
N GLY B 369 12.03 19.28 -0.42
CA GLY B 369 11.67 19.79 0.88
C GLY B 369 12.72 20.82 1.30
N LYS B 370 12.28 21.87 2.02
CA LYS B 370 13.15 22.92 2.54
C LYS B 370 12.75 23.44 3.90
N ALA B 371 13.74 23.80 4.72
CA ALA B 371 13.53 24.51 5.98
C ALA B 371 14.79 25.27 6.38
N THR B 372 14.63 26.43 7.00
CA THR B 372 15.78 27.23 7.33
C THR B 372 16.49 26.69 8.60
N THR B 373 15.74 26.48 9.68
CA THR B 373 16.26 25.84 10.90
C THR B 373 15.34 24.71 11.30
N SER B 374 15.84 23.49 11.50
CA SER B 374 14.92 22.37 11.72
C SER B 374 14.40 22.28 13.18
N ILE B 375 15.29 22.20 14.14
CA ILE B 375 14.88 22.23 15.56
C ILE B 375 15.50 23.36 16.33
N VAL B 376 14.62 24.12 16.99
CA VAL B 376 15.01 25.22 17.87
C VAL B 376 14.62 24.84 19.26
N VAL B 377 15.60 24.81 20.14
CA VAL B 377 15.37 24.44 21.53
C VAL B 377 15.61 25.64 22.44
N ASN B 378 14.51 26.27 22.86
CA ASN B 378 14.57 27.44 23.75
C ASN B 378 14.44 27.08 25.23
N SER B 379 13.57 26.15 25.55
CA SER B 379 13.30 25.78 26.94
C SER B 379 14.49 25.23 27.74
N ASN B 380 14.72 25.84 28.90
CA ASN B 380 15.77 25.40 29.78
C ASN B 380 15.44 23.99 30.27
N ASP B 381 16.49 23.20 30.48
CA ASP B 381 16.41 21.86 31.05
C ASP B 381 15.91 20.77 30.08
N THR B 382 15.68 21.15 28.84
CA THR B 382 15.19 20.21 27.84
C THR B 382 16.17 19.08 27.61
N ILE B 383 15.62 17.87 27.51
CA ILE B 383 16.40 16.68 27.18
C ILE B 383 16.12 16.26 25.73
N ILE B 384 17.17 16.06 24.92
CA ILE B 384 17.04 15.52 23.59
C ILE B 384 17.74 14.18 23.58
N ASP B 385 16.94 13.13 23.60
CA ASP B 385 17.43 11.77 23.79
C ASP B 385 17.10 10.98 22.55
N HIS B 386 18.08 10.94 21.66
CA HIS B 386 17.97 10.33 20.34
C HIS B 386 17.23 11.15 19.31
N THR B 387 17.99 11.90 18.55
CA THR B 387 17.46 12.53 17.34
C THR B 387 18.37 12.34 16.13
N TRP B 388 17.74 12.25 14.96
CA TRP B 388 18.41 12.34 13.66
C TRP B 388 17.75 13.46 12.89
N VAL B 389 18.56 14.46 12.56
CA VAL B 389 18.08 15.68 11.88
C VAL B 389 18.89 15.66 10.59
N TRP B 390 18.21 15.34 9.50
CA TRP B 390 18.87 14.88 8.28
C TRP B 390 18.39 15.65 7.06
N ARG B 391 19.30 16.41 6.47
CA ARG B 391 19.07 17.01 5.15
C ARG B 391 19.42 15.93 4.14
N ALA B 392 18.45 15.49 3.34
CA ALA B 392 18.66 14.29 2.55
C ALA B 392 19.84 14.41 1.58
N ASP B 393 20.67 13.36 1.51
CA ASP B 393 21.77 13.33 0.56
C ASP B 393 21.46 12.51 -0.69
N HIS B 394 20.33 11.81 -0.72
CA HIS B 394 19.97 10.94 -1.85
C HIS B 394 18.47 10.83 -1.87
N GLY B 395 17.92 10.36 -2.97
CA GLY B 395 16.47 10.33 -3.16
C GLY B 395 15.98 11.36 -4.19
N GLU B 396 14.68 11.67 -4.18
CA GLU B 396 14.07 12.59 -5.14
C GLU B 396 13.95 13.97 -4.40
N GLY B 397 14.15 15.05 -5.15
CA GLY B 397 13.97 16.37 -4.57
C GLY B 397 15.14 16.80 -3.72
N VAL B 398 16.33 16.42 -4.17
CA VAL B 398 17.58 16.79 -3.53
C VAL B 398 18.50 17.59 -4.47
N GLY B 399 19.18 18.58 -3.86
CA GLY B 399 20.05 19.53 -4.57
C GLY B 399 20.52 20.63 -3.65
N TRP B 400 21.65 21.22 -4.00
CA TRP B 400 22.30 22.20 -3.11
C TRP B 400 21.33 23.34 -2.87
N GLU B 401 20.45 23.59 -3.84
CA GLU B 401 19.35 24.55 -3.67
C GLU B 401 17.97 23.87 -3.53
N THR B 402 17.73 22.81 -4.29
CA THR B 402 16.39 22.18 -4.29
C THR B 402 15.95 21.72 -2.87
N ASN B 403 16.79 21.01 -2.12
CA ASN B 403 16.51 20.79 -0.71
C ASN B 403 17.45 21.52 0.26
N ARG B 404 17.69 22.81 -0.02
CA ARG B 404 18.52 23.59 0.90
C ARG B 404 17.92 23.62 2.30
N ALA B 405 18.83 23.51 3.26
CA ALA B 405 18.47 23.62 4.67
C ALA B 405 19.68 24.14 5.38
N ASP B 406 19.65 25.39 5.82
CA ASP B 406 20.88 25.99 6.32
C ASP B 406 21.32 25.44 7.66
N TYR B 407 20.35 25.27 8.56
CA TYR B 407 20.66 25.00 9.97
C TYR B 407 19.86 23.83 10.52
N GLY B 408 20.54 22.98 11.26
CA GLY B 408 19.92 21.76 11.77
C GLY B 408 19.26 22.00 13.10
N VAL B 409 20.10 22.10 14.11
CA VAL B 409 19.62 22.29 15.49
C VAL B 409 20.25 23.53 16.06
N HIS B 410 19.43 24.35 16.70
CA HIS B 410 19.90 25.54 17.41
C HIS B 410 19.41 25.47 18.85
N VAL B 411 20.35 25.31 19.77
CA VAL B 411 20.00 25.24 21.19
C VAL B 411 20.23 26.60 21.84
N LYS B 412 19.15 27.25 22.26
CA LYS B 412 19.24 28.56 22.92
C LYS B 412 18.99 28.49 24.43
N GLY B 413 18.37 27.41 24.89
CA GLY B 413 18.07 27.23 26.31
C GLY B 413 19.30 26.84 27.12
N ASP B 414 19.19 26.97 28.44
CA ASP B 414 20.23 26.61 29.38
C ASP B 414 20.00 25.21 29.99
N ASN B 415 21.07 24.57 30.41
CA ASN B 415 21.02 23.22 31.00
C ASN B 415 20.41 22.18 30.06
N VAL B 416 20.48 22.41 28.76
CA VAL B 416 19.97 21.43 27.80
C VAL B 416 20.92 20.24 27.65
N LEU B 417 20.33 19.05 27.57
CA LEU B 417 21.14 17.81 27.47
C LEU B 417 20.71 17.08 26.21
N ALA B 418 21.69 16.78 25.37
CA ALA B 418 21.51 15.91 24.22
C ALA B 418 22.26 14.60 24.42
N THR B 419 21.55 13.49 24.29
CA THR B 419 22.15 12.16 24.37
C THR B 419 21.84 11.45 23.05
N GLY B 420 22.86 11.08 22.29
CA GLY B 420 22.62 10.46 20.99
C GLY B 420 22.12 11.44 19.95
N LEU B 421 22.98 12.41 19.63
CA LEU B 421 22.67 13.49 18.67
C LEU B 421 23.29 13.16 17.31
N PHE B 422 22.43 12.96 16.30
CA PHE B 422 22.84 12.67 14.92
C PHE B 422 22.30 13.79 14.00
N VAL B 423 23.17 14.57 13.37
CA VAL B 423 22.74 15.70 12.55
C VAL B 423 23.63 15.81 11.32
N GLU B 424 23.02 15.78 10.13
CA GLU B 424 23.84 15.67 8.90
C GLU B 424 23.38 16.50 7.70
N HIS B 425 24.39 17.02 7.01
CA HIS B 425 24.35 17.58 5.65
C HIS B 425 23.76 18.98 5.45
N PHE B 426 23.65 19.78 6.52
CA PHE B 426 23.11 21.12 6.39
C PHE B 426 24.03 22.05 5.57
N ASN B 427 23.44 23.01 4.83
CA ASN B 427 24.22 23.99 4.06
C ASN B 427 25.09 24.91 4.90
N LYS B 428 24.77 25.06 6.18
CA LYS B 428 25.57 25.91 7.09
C LYS B 428 25.81 25.10 8.38
N TYR B 429 25.65 25.68 9.57
CA TYR B 429 25.96 24.95 10.79
C TYR B 429 24.95 23.84 11.08
N ASP B 430 25.42 22.62 11.26
CA ASP B 430 24.49 21.52 11.53
C ASP B 430 23.92 21.75 12.91
N VAL B 431 24.82 22.04 13.85
CA VAL B 431 24.44 22.30 15.22
C VAL B 431 25.11 23.56 15.72
N GLN B 432 24.31 24.42 16.33
CA GLN B 432 24.89 25.54 17.06
C GLN B 432 24.25 25.67 18.43
N TRP B 433 25.06 26.10 19.38
CA TRP B 433 24.69 26.08 20.79
C TRP B 433 25.08 27.42 21.38
N SER B 434 24.04 28.18 21.73
CA SER B 434 24.21 29.50 22.35
C SER B 434 23.75 29.60 23.79
N GLY B 435 23.01 28.59 24.27
CA GLY B 435 22.63 28.52 25.67
C GLY B 435 23.80 28.10 26.55
N GLU B 436 23.65 28.27 27.87
CA GLU B 436 24.67 27.92 28.83
C GLU B 436 24.52 26.51 29.37
N ASN B 437 25.66 26.00 29.82
CA ASN B 437 25.70 24.72 30.50
C ASN B 437 25.12 23.60 29.65
N GLY B 438 25.24 23.70 28.34
CA GLY B 438 24.87 22.58 27.48
C GLY B 438 25.80 21.37 27.64
N LYS B 439 25.25 20.20 27.37
CA LYS B 439 26.04 18.97 27.39
C LYS B 439 25.55 18.08 26.25
N THR B 440 26.50 17.52 25.49
CA THR B 440 26.19 16.51 24.47
C THR B 440 27.02 15.26 24.73
N ILE B 441 26.33 14.14 24.83
CA ILE B 441 26.94 12.84 24.95
C ILE B 441 26.59 12.07 23.67
N PHE B 442 27.63 11.87 22.88
CA PHE B 442 27.61 11.30 21.52
C PHE B 442 27.04 12.24 20.46
N TYR B 443 27.87 12.56 19.46
CA TYR B 443 27.48 13.33 18.26
C TYR B 443 28.03 12.63 17.03
N GLN B 444 27.14 12.41 16.05
CA GLN B 444 27.52 11.98 14.70
C GLN B 444 27.03 12.99 13.68
N ASN B 445 27.99 13.52 12.93
CA ASN B 445 27.72 14.42 11.80
C ASN B 445 28.41 13.94 10.52
N ALA B 446 27.76 14.19 9.39
CA ALA B 446 28.42 14.19 8.08
C ALA B 446 28.03 15.49 7.40
N LYS B 447 29.03 16.17 6.84
CA LYS B 447 28.79 17.43 6.15
C LYS B 447 28.05 17.25 4.82
N ALA B 448 27.53 18.36 4.32
CA ALA B 448 26.86 18.36 3.02
C ALA B 448 27.78 17.77 1.94
N TYR B 449 27.30 16.85 1.13
CA TYR B 449 28.13 16.21 0.09
C TYR B 449 28.17 17.01 -1.17
N ASP B 450 27.12 17.82 -1.33
CA ASP B 450 26.79 18.38 -2.61
C ASP B 450 27.18 19.84 -2.77
N ALA B 451 27.97 20.33 -1.83
CA ALA B 451 28.52 21.66 -1.99
C ALA B 451 29.29 21.79 -3.31
N PRO B 452 28.94 22.77 -4.17
CA PRO B 452 29.61 22.80 -5.48
C PRO B 452 31.02 23.42 -5.56
N ASP B 453 31.35 24.29 -4.61
CA ASP B 453 32.57 25.08 -4.64
C ASP B 453 32.92 25.61 -3.25
N GLN B 454 34.19 25.94 -3.07
CA GLN B 454 34.65 26.48 -1.82
C GLN B 454 33.88 27.75 -1.40
N ALA B 455 33.63 28.64 -2.37
CA ALA B 455 32.96 29.91 -2.07
C ALA B 455 31.54 29.69 -1.57
N ALA B 456 30.98 28.52 -1.84
CA ALA B 456 29.59 28.22 -1.47
C ALA B 456 29.41 28.01 0.02
N ILE B 457 30.51 27.66 0.70
CA ILE B 457 30.49 27.40 2.14
C ILE B 457 31.45 28.34 2.89
N GLN B 458 31.82 29.44 2.25
CA GLN B 458 32.65 30.42 2.93
C GLN B 458 31.84 31.00 4.11
N ASN B 459 32.52 31.11 5.24
CA ASN B 459 31.88 31.30 6.56
C ASN B 459 32.58 32.47 7.25
N GLY B 460 32.50 33.65 6.62
CA GLY B 460 33.44 34.72 6.88
C GLY B 460 34.85 34.39 6.38
N ASP B 461 35.83 34.57 7.28
CA ASP B 461 37.23 34.10 7.26
C ASP B 461 37.37 32.57 7.16
N ILE B 462 36.30 31.87 7.47
CA ILE B 462 36.37 30.45 7.74
C ILE B 462 35.90 29.68 6.53
N LYS B 463 36.70 28.68 6.15
CA LYS B 463 36.29 27.77 5.12
C LYS B 463 35.33 26.75 5.72
N GLY B 464 34.06 26.94 5.40
CA GLY B 464 33.02 26.04 5.83
C GLY B 464 32.45 26.46 7.17
N TYR B 465 31.36 25.79 7.50
CA TYR B 465 30.63 25.95 8.75
C TYR B 465 30.86 24.72 9.60
N ALA B 466 31.26 24.91 10.83
CA ALA B 466 31.38 23.78 11.76
C ALA B 466 30.13 22.91 11.80
N ALA B 467 30.34 21.61 11.95
CA ALA B 467 29.26 20.70 12.29
C ALA B 467 28.64 21.01 13.65
N TYR B 468 29.43 21.56 14.56
CA TYR B 468 28.99 21.82 15.91
C TYR B 468 29.70 23.05 16.40
N LYS B 469 28.91 24.13 16.55
CA LYS B 469 29.39 25.40 16.95
C LYS B 469 28.87 25.78 18.32
N VAL B 470 29.80 26.05 19.23
CA VAL B 470 29.46 26.67 20.49
C VAL B 470 29.73 28.14 20.32
N ASP B 471 28.73 28.96 20.65
CA ASP B 471 28.84 30.40 20.50
C ASP B 471 29.98 31.00 21.33
N ASP B 472 30.60 32.05 20.80
CA ASP B 472 31.70 32.77 21.44
C ASP B 472 31.38 33.14 22.91
N SER B 473 30.22 33.74 23.11
CA SER B 473 29.71 34.16 24.42
C SER B 473 29.69 33.10 25.53
N VAL B 474 29.40 31.88 25.11
CA VAL B 474 29.07 30.80 26.05
C VAL B 474 30.12 30.62 27.17
N THR B 475 29.63 30.52 28.42
CA THR B 475 30.51 30.31 29.58
C THR B 475 30.85 28.85 29.95
N THR B 476 29.86 27.96 29.88
CA THR B 476 30.05 26.54 30.15
C THR B 476 29.47 25.71 29.04
N HIS B 477 30.18 24.64 28.69
CA HIS B 477 29.65 23.66 27.74
C HIS B 477 30.54 22.42 27.85
N GLU B 478 29.98 21.23 27.64
CA GLU B 478 30.80 20.02 27.63
C GLU B 478 30.23 19.00 26.66
N GLY B 479 31.11 18.37 25.91
CA GLY B 479 30.72 17.40 24.92
C GLY B 479 31.66 16.19 24.94
N TRP B 480 31.08 15.00 24.71
CA TRP B 480 31.83 13.74 24.78
C TRP B 480 31.53 12.87 23.56
N GLY B 481 32.57 12.37 22.89
CA GLY B 481 32.35 11.36 21.86
C GLY B 481 31.70 11.90 20.60
N MET B 482 32.44 12.78 19.91
CA MET B 482 31.85 13.54 18.84
C MET B 482 32.65 13.43 17.55
N GLY B 483 31.97 13.14 16.45
CA GLY B 483 32.66 13.01 15.17
C GLY B 483 31.93 13.70 14.03
N SER B 484 32.69 14.33 13.15
CA SER B 484 32.20 14.88 11.90
C SER B 484 32.92 14.28 10.68
N TYR B 485 32.17 13.84 9.67
CA TYR B 485 32.77 13.24 8.47
C TYR B 485 32.45 14.07 7.23
N CYS B 486 33.37 14.08 6.26
CA CYS B 486 33.13 14.75 4.99
C CYS B 486 33.27 13.82 3.80
N TYR B 487 32.44 14.09 2.82
CA TYR B 487 32.43 13.39 1.53
C TYR B 487 31.94 14.35 0.45
N PHE B 488 32.87 15.20 0.03
CA PHE B 488 32.54 16.29 -0.91
C PHE B 488 32.67 15.73 -2.31
N ASN B 489 31.62 15.06 -2.74
CA ASN B 489 31.71 14.21 -3.91
C ASN B 489 31.50 14.98 -5.18
N VAL B 490 30.79 16.10 -5.06
CA VAL B 490 30.59 17.00 -6.17
C VAL B 490 31.89 17.72 -6.48
N ASN B 491 32.62 18.12 -5.43
CA ASN B 491 33.87 18.85 -5.63
C ASN B 491 34.87 18.49 -4.57
N PRO B 492 35.65 17.41 -4.83
CA PRO B 492 36.55 16.90 -3.79
C PRO B 492 37.93 17.56 -3.68
N ASP B 493 38.12 18.78 -4.21
CA ASP B 493 39.20 19.65 -3.72
C ASP B 493 38.75 20.64 -2.66
N ILE B 494 37.49 20.56 -2.24
CA ILE B 494 37.01 21.42 -1.16
C ILE B 494 37.76 21.08 0.14
N ARG B 495 37.88 22.10 0.98
CA ARG B 495 38.47 22.02 2.31
C ARG B 495 37.50 22.55 3.38
N GLN B 496 37.31 21.75 4.45
CA GLN B 496 36.48 22.09 5.59
C GLN B 496 37.46 22.47 6.70
N GLN B 497 37.39 23.71 7.19
CA GLN B 497 38.43 24.13 8.16
C GLN B 497 38.39 23.20 9.35
N HIS B 498 37.21 23.01 9.94
CA HIS B 498 37.09 22.16 11.13
C HIS B 498 35.71 21.54 11.27
N GLY B 499 35.63 20.54 12.14
CA GLY B 499 34.38 19.92 12.53
C GLY B 499 33.66 20.68 13.62
N PHE B 500 34.44 21.28 14.51
CA PHE B 500 33.97 21.91 15.75
C PHE B 500 34.53 23.32 15.90
N GLN B 501 33.71 24.26 16.39
CA GLN B 501 34.08 25.63 16.74
C GLN B 501 33.61 25.96 18.17
N ALA B 502 34.49 26.51 19.00
CA ALA B 502 34.15 26.88 20.35
C ALA B 502 35.16 27.85 20.95
N PRO B 503 34.71 28.64 21.93
CA PRO B 503 35.67 29.49 22.64
C PRO B 503 36.54 28.72 23.58
N VAL B 504 37.75 29.23 23.86
CA VAL B 504 38.62 28.64 24.87
C VAL B 504 38.39 29.31 26.24
N LYS B 505 37.90 28.52 27.20
CA LYS B 505 37.50 28.97 28.53
C LYS B 505 37.52 27.78 29.48
N PRO B 506 37.89 27.99 30.77
CA PRO B 506 37.87 26.86 31.69
C PRO B 506 36.56 26.10 31.72
N GLY B 507 35.45 26.74 31.38
CA GLY B 507 34.16 26.10 31.49
C GLY B 507 33.69 25.41 30.22
N VAL B 508 34.43 25.54 29.10
CA VAL B 508 34.05 24.93 27.80
C VAL B 508 35.05 23.81 27.46
N LYS B 509 34.54 22.58 27.35
CA LYS B 509 35.38 21.39 27.29
C LYS B 509 34.83 20.34 26.37
N PHE B 510 35.74 19.69 25.65
CA PHE B 510 35.37 18.57 24.82
C PHE B 510 36.29 17.37 25.10
N HIS B 511 35.74 16.19 24.91
CA HIS B 511 36.43 14.93 25.13
C HIS B 511 36.18 14.06 23.92
N ASP B 512 37.25 13.58 23.26
CA ASP B 512 37.17 12.57 22.23
C ASP B 512 36.43 13.07 20.99
N LEU B 513 37.10 14.00 20.30
CA LEU B 513 36.68 14.52 19.01
C LEU B 513 37.45 13.85 17.85
N LEU B 514 36.74 13.58 16.75
CA LEU B 514 37.38 13.12 15.53
C LEU B 514 36.76 13.79 14.31
N VAL B 515 37.58 13.99 13.29
CA VAL B 515 37.06 14.27 11.95
C VAL B 515 37.61 13.27 10.95
N VAL B 516 36.84 13.04 9.87
CA VAL B 516 37.15 11.95 8.97
C VAL B 516 36.81 12.33 7.53
N SER B 517 37.78 12.20 6.63
CA SER B 517 37.52 12.29 5.20
C SER B 517 37.13 10.94 4.64
N LEU B 518 35.99 10.89 3.98
CA LEU B 518 35.52 9.65 3.35
C LEU B 518 36.16 9.47 1.93
N GLY B 519 37.27 8.75 1.90
CA GLY B 519 37.82 8.37 0.63
C GLY B 519 38.58 9.53 0.02
N GLY B 520 38.75 10.62 0.77
CA GLY B 520 39.54 11.77 0.33
C GLY B 520 38.74 12.71 -0.53
N LYS B 521 37.42 12.62 -0.38
CA LYS B 521 36.52 13.52 -1.05
C LYS B 521 36.43 14.76 -0.19
N GLY B 522 37.34 15.68 -0.48
CA GLY B 522 37.58 16.77 0.43
C GLY B 522 38.50 16.35 1.56
N GLN B 523 38.94 17.35 2.34
CA GLN B 523 39.69 17.13 3.56
C GLN B 523 39.35 18.21 4.59
N TYR B 524 39.51 17.83 5.86
CA TYR B 524 39.49 18.78 6.99
C TYR B 524 40.85 19.41 7.18
N GLU B 525 40.94 20.68 7.57
CA GLU B 525 42.24 21.30 7.87
C GLU B 525 42.61 21.12 9.33
N HIS B 526 41.60 21.05 10.18
CA HIS B 526 41.77 20.84 11.62
C HIS B 526 40.56 20.07 12.16
N VAL B 527 40.61 19.78 13.45
CA VAL B 527 39.52 19.11 14.15
C VAL B 527 38.56 20.12 14.79
N ILE B 528 39.13 20.97 15.63
CA ILE B 528 38.38 21.98 16.37
C ILE B 528 39.14 23.29 16.32
N ASN B 529 38.45 24.37 15.94
CA ASN B 529 39.11 25.64 15.71
C ASN B 529 40.25 25.53 14.70
N ASP B 530 41.49 25.90 15.07
CA ASP B 530 42.68 25.64 14.21
C ASP B 530 43.57 24.60 14.87
N ILE B 531 42.95 23.71 15.63
CA ILE B 531 43.68 22.69 16.37
C ILE B 531 43.39 21.23 15.92
N GLY B 532 44.42 20.38 16.03
CA GLY B 532 44.34 19.00 15.55
C GLY B 532 44.80 18.91 14.09
N ASP B 533 45.28 17.75 13.68
CA ASP B 533 45.86 17.60 12.36
C ASP B 533 44.78 17.68 11.28
N PRO B 534 45.17 18.15 10.08
CA PRO B 534 44.29 17.97 8.92
C PRO B 534 44.15 16.48 8.64
N THR B 535 43.09 16.12 7.95
CA THR B 535 43.01 14.80 7.37
C THR B 535 43.90 14.76 6.14
N SER B 536 44.36 13.57 5.76
CA SER B 536 45.23 13.43 4.62
C SER B 536 45.05 12.05 4.01
N GLY B 537 45.43 11.92 2.75
CA GLY B 537 45.30 10.66 2.04
C GLY B 537 43.87 10.35 1.63
N ASP B 538 43.69 9.14 1.08
CA ASP B 538 42.37 8.57 0.77
C ASP B 538 42.14 7.34 1.64
N THR B 539 42.82 7.27 2.77
CA THR B 539 42.81 6.08 3.63
C THR B 539 41.64 6.03 4.63
N THR B 540 40.87 7.10 4.68
CA THR B 540 39.84 7.34 5.73
C THR B 540 40.34 6.98 7.13
N ILE B 541 41.43 7.63 7.48
CA ILE B 541 41.93 7.60 8.86
C ILE B 541 41.50 8.86 9.58
N PRO B 542 40.75 8.71 10.67
CA PRO B 542 40.35 9.92 11.40
C PRO B 542 41.49 10.74 11.94
N SER B 543 41.25 12.03 12.10
CA SER B 543 42.13 12.91 12.85
C SER B 543 41.43 13.21 14.14
N GLN B 544 42.15 13.10 15.25
CA GLN B 544 41.49 13.13 16.55
C GLN B 544 42.13 14.10 17.53
N VAL B 545 41.29 14.55 18.48
CA VAL B 545 41.77 15.28 19.68
C VAL B 545 41.17 14.60 20.92
N VAL B 546 42.00 14.25 21.90
CA VAL B 546 41.46 13.59 23.08
C VAL B 546 40.76 14.59 24.01
N SER B 547 41.45 15.70 24.27
CA SER B 547 40.94 16.73 25.19
C SER B 547 41.17 18.10 24.58
N PHE B 548 40.16 18.95 24.53
CA PHE B 548 40.50 20.33 24.23
C PHE B 548 40.70 21.11 25.56
N PRO B 549 42.00 21.22 26.08
CA PRO B 549 43.26 21.19 25.31
C PRO B 549 44.54 20.36 25.76
C2 BGC C . 1.39 -27.72 -25.21
C3 BGC C . 1.42 -26.79 -24.10
C4 BGC C . 0.88 -27.44 -22.85
C5 BGC C . 1.53 -28.82 -22.64
C6 BGC C . 0.86 -29.75 -21.70
C1 BGC C . 2.21 -28.94 -24.89
O1 BGC C . 2.23 -29.76 -25.90
O2 BGC C . 1.83 -27.25 -26.49
O3 BGC C . 0.73 -25.54 -24.52
O4 BGC C . 1.03 -26.67 -21.69
O5 BGC C . 1.51 -29.60 -23.81
O6 BGC C . 1.04 -31.10 -22.09
C2 BGC C . 0.75 -23.15 -24.79
C3 BGC C . 1.39 -21.88 -24.39
C4 BGC C . 1.73 -21.79 -22.97
C5 BGC C . 2.35 -23.11 -22.49
C6 BGC C . 2.61 -23.19 -21.04
C1 BGC C . 1.44 -24.38 -24.24
O2 BGC C . 0.61 -23.25 -26.19
O3 BGC C . 0.37 -20.87 -24.79
O4 BGC C . 2.66 -20.72 -22.69
O5 BGC C . 1.52 -24.24 -22.83
O6 BGC C . 3.06 -24.44 -20.53
C2 BGC C . -0.13 -18.77 -25.86
C3 BGC C . 0.47 -17.67 -26.67
C4 BGC C . 1.59 -17.07 -25.94
C5 BGC C . 2.61 -18.12 -25.55
C6 BGC C . 3.67 -17.50 -24.73
C1 BGC C . 0.93 -19.83 -25.56
O2 BGC C . -1.22 -19.40 -26.56
O3 BGC C . -0.60 -16.66 -26.74
O4 BGC C . 2.28 -16.04 -26.66
O5 BGC C . 1.98 -19.18 -24.82
O6 BGC C . 4.15 -18.35 -23.73
C2 BGC C . -2.11 -15.26 -27.91
C3 BGC C . -2.46 -14.58 -29.20
C4 BGC C . -1.24 -14.16 -29.93
C5 BGC C . -0.40 -15.44 -30.08
C6 BGC C . 0.82 -15.17 -30.90
C1 BGC C . -1.04 -16.35 -28.02
O2 BGC C . -3.26 -15.83 -27.30
O3 BGC C . -3.22 -13.43 -28.79
O4 BGC C . -1.51 -13.63 -31.21
O5 BGC C . 0.06 -15.79 -28.78
O6 BGC C . 1.90 -16.06 -30.73
C2 BGC C . -5.29 -12.21 -28.87
C3 BGC C . -6.33 -11.64 -29.79
C4 BGC C . -5.64 -11.05 -30.96
C5 BGC C . -4.75 -12.08 -31.63
C6 BGC C . -4.08 -11.56 -32.92
C1 BGC C . -4.30 -13.11 -29.59
O2 BGC C . -5.89 -12.99 -27.87
O3 BGC C . -7.09 -10.54 -29.11
O4 BGC C . -6.59 -10.48 -31.84
O5 BGC C . -3.71 -12.40 -30.70
O6 BGC C . -3.98 -12.44 -34.02
C2 BGC C . -9.08 -9.69 -28.21
C3 BGC C . -10.56 -9.69 -28.39
C4 BGC C . -10.89 -9.99 -29.76
C5 BGC C . -10.44 -11.40 -30.00
C6 BGC C . -10.95 -11.86 -31.31
C1 BGC C . -8.40 -10.92 -28.79
O2 BGC C . -8.77 -9.60 -26.84
O3 BGC C . -11.05 -8.33 -28.18
O4 BGC C . -12.30 -9.80 -30.09
O5 BGC C . -8.99 -11.32 -30.04
O6 BGC C . -10.40 -13.04 -31.82
C2 BGC D . -5.25 -32.49 -30.48
C3 BGC D . -5.58 -31.62 -31.58
C4 BGC D . -4.44 -30.73 -31.99
C5 BGC D . -3.06 -31.40 -32.01
C6 BGC D . -2.00 -30.38 -31.77
C1 BGC D . -4.03 -33.33 -30.76
O1 BGC D . -3.77 -34.08 -29.68
O2 BGC D . -6.35 -33.33 -30.10
O3 BGC D . -6.77 -30.87 -31.14
O4 BGC D . -4.67 -30.10 -33.24
O5 BGC D . -2.87 -32.49 -31.09
O6 BGC D . -0.72 -30.79 -31.36
C2 BGC D . -9.00 -30.09 -31.61
C3 BGC D . -9.90 -29.35 -32.54
C4 BGC D . -9.23 -28.21 -33.18
C5 BGC D . -7.90 -28.63 -33.77
C6 BGC D . -7.19 -27.60 -34.52
C1 BGC D . -7.57 -30.38 -32.13
O2 BGC D . -9.62 -31.28 -31.15
O3 BGC D . -11.16 -29.00 -31.90
O4 BGC D . -10.05 -27.65 -34.18
O5 BGC D . -7.00 -29.18 -32.75
O6 BGC D . -5.80 -27.75 -34.55
C2 BGC D . -12.97 -29.91 -30.64
C3 BGC D . -14.23 -30.67 -30.77
C4 BGC D . -14.98 -30.34 -32.01
C5 BGC D . -14.12 -30.52 -33.25
C6 BGC D . -14.81 -30.07 -34.53
C1 BGC D . -12.10 -29.99 -31.88
O2 BGC D . -12.21 -30.30 -29.51
O3 BGC D . -15.08 -30.44 -29.59
O4 BGC D . -16.16 -31.11 -32.14
O5 BGC D . -12.84 -29.82 -33.12
O6 BGC D . -15.65 -28.97 -34.47
C2 BGC D . -15.74 -31.38 -27.45
C3 BGC D . -16.44 -32.51 -26.84
C4 BGC D . -17.72 -32.85 -27.52
C5 BGC D . -17.35 -33.13 -28.97
C6 BGC D . -18.45 -33.60 -29.85
C1 BGC D . -15.49 -31.58 -28.93
O2 BGC D . -14.49 -31.10 -26.77
O3 BGC D . -16.70 -32.27 -25.43
O4 BGC D . -18.36 -33.99 -26.93
O5 BGC D . -16.78 -31.96 -29.54
O6 BGC D . -19.73 -33.09 -29.65
C2 BGC D . -15.21 -32.08 -23.51
C3 BGC D . -14.48 -32.83 -22.51
C4 BGC D . -15.18 -34.02 -21.94
C5 BGC D . -15.75 -34.84 -23.06
C6 BGC D . -16.63 -35.93 -22.57
C1 BGC D . -15.81 -32.96 -24.59
O2 BGC D . -14.34 -31.10 -24.15
O3 BGC D . -14.00 -31.96 -21.47
O4 BGC D . -14.30 -34.86 -21.19
O5 BGC D . -16.54 -34.02 -23.95
O6 BGC D . -17.01 -36.87 -23.58
C2 BGC E . 35.77 -8.97 8.46
C3 BGC E . 35.97 -8.09 9.59
C4 BGC E . 35.46 -8.68 10.84
C5 BGC E . 36.01 -10.09 11.05
C6 BGC E . 35.36 -10.71 12.22
C1 BGC E . 36.25 -10.38 8.68
O1 BGC E . 35.82 -11.11 7.69
O2 BGC E . 36.35 -8.50 7.22
O3 BGC E . 35.24 -6.83 9.24
O4 BGC E . 35.75 -7.92 11.98
O5 BGC E . 35.70 -10.91 9.93
O6 BGC E . 35.35 -12.11 12.24
C2 BGC E . 35.17 -4.50 9.03
C3 BGC E . 35.77 -3.22 9.47
C4 BGC E . 36.15 -3.18 10.88
C5 BGC E . 36.75 -4.49 11.36
C6 BGC E . 36.85 -4.59 12.83
C1 BGC E . 35.93 -5.71 9.52
O2 BGC E . 35.13 -4.53 7.61
O3 BGC E . 34.80 -2.17 9.18
O4 BGC E . 37.11 -2.13 11.14
O5 BGC E . 36.03 -5.65 10.93
O6 BGC E . 37.55 -5.73 13.27
C2 BGC E . 34.32 0.04 8.26
C3 BGC E . 34.94 1.18 7.54
C4 BGC E . 36.01 1.79 8.35
C5 BGC E . 36.94 0.70 8.85
C6 BGC E . 38.10 1.17 9.65
C1 BGC E . 35.38 -1.00 8.63
O2 BGC E . 33.33 -0.62 7.44
O3 BGC E . 33.89 2.17 7.29
O4 BGC E . 36.85 2.70 7.58
O5 BGC E . 36.27 -0.37 9.58
O6 BGC E . 38.96 0.08 9.89
C2 BGC E . 32.43 3.58 6.02
C3 BGC E . 32.25 4.36 4.76
C4 BGC E . 33.55 4.86 4.19
C5 BGC E . 34.51 3.67 4.13
C6 BGC E . 35.86 4.04 3.53
C1 BGC E . 33.56 2.55 6.00
O2 BGC E . 31.17 3.01 6.40
O3 BGC E . 31.39 5.43 5.20
O4 BGC E . 33.34 5.42 2.91
O5 BGC E . 34.76 3.16 5.46
O6 BGC E . 36.62 2.89 3.17
C2 BGC E . 29.22 6.53 5.07
C3 BGC E . 28.21 7.12 4.17
C4 BGC E . 28.85 7.83 3.04
C5 BGC E . 29.78 6.89 2.30
C6 BGC E . 30.49 7.64 1.21
C1 BGC E . 30.31 5.75 4.34
O2 BGC E . 28.54 5.63 5.94
O3 BGC E . 27.45 8.12 4.94
O4 BGC E . 27.90 8.34 2.13
O5 BGC E . 30.84 6.52 3.20
O6 BGC E . 31.58 6.91 0.65
C2 BGC E . 25.43 9.09 5.70
C3 BGC E . 23.97 9.12 5.47
C4 BGC E . 23.63 9.02 4.07
C5 BGC E . 24.15 7.73 3.46
C6 BGC E . 23.99 7.57 1.97
C1 BGC E . 26.06 7.89 5.03
O2 BGC E . 25.73 9.12 7.09
O3 BGC E . 23.44 10.42 5.90
O4 BGC E . 22.19 9.01 3.94
O5 BGC E . 25.59 7.69 3.69
O6 BGC E . 22.94 8.07 1.19
C2 BGC F . 28.57 -14.06 3.33
C3 BGC F . 28.38 -13.12 2.26
C4 BGC F . 29.59 -12.30 1.95
C5 BGC F . 30.94 -12.98 2.09
C6 BGC F . 31.96 -11.99 2.58
C1 BGC F . 29.77 -14.93 3.06
O1 BGC F . 29.90 -15.79 4.07
O2 BGC F . 27.35 -14.81 3.51
O3 BGC F . 27.22 -12.31 2.69
O4 BGC F . 29.49 -11.73 0.65
O5 BGC F . 30.98 -14.11 2.97
O6 BGC F . 33.11 -11.75 1.82
C2 BGC F . 25.18 -11.42 2.18
C3 BGC F . 24.35 -10.60 1.26
C4 BGC F . 25.09 -9.45 0.68
C5 BGC F . 26.51 -9.79 0.20
C6 BGC F . 27.29 -8.62 -0.13
C1 BGC F . 26.58 -11.76 1.67
O2 BGC F . 24.51 -12.58 2.72
O3 BGC F . 23.17 -10.14 1.95
O4 BGC F . 24.34 -8.85 -0.37
O5 BGC F . 27.30 -10.56 1.15
O6 BGC F . 28.52 -8.93 -0.68
C2 BGC F . 21.39 -11.10 3.26
C3 BGC F . 20.20 -11.99 3.18
C4 BGC F . 19.38 -11.77 1.98
C5 BGC F . 20.20 -11.67 0.68
C6 BGC F . 19.44 -11.25 -0.58
C1 BGC F . 22.17 -11.07 1.96
O2 BGC F . 22.29 -11.37 4.31
O3 BGC F . 19.39 -11.76 4.37
O4 BGC F . 18.41 -12.77 1.83
O5 BGC F . 21.31 -10.76 0.84
O6 BGC F . 18.35 -10.42 -0.48
C2 BGC F . 18.80 -12.66 6.52
C3 BGC F . 18.13 -13.81 7.16
C4 BGC F . 16.81 -14.04 6.52
C5 BGC F . 17.00 -14.35 5.06
C6 BGC F . 15.70 -14.61 4.43
C1 BGC F . 18.94 -12.87 5.03
O2 BGC F . 20.06 -12.32 7.14
O3 BGC F . 17.92 -13.45 8.54
O4 BGC F . 16.08 -15.10 7.15
O5 BGC F . 17.63 -13.21 4.44
O6 BGC F . 14.83 -13.52 4.29
C2 BGC F . 19.34 -13.28 10.50
C3 BGC F . 20.10 -14.11 11.43
C4 BGC F . 19.41 -15.36 11.84
C5 BGC F . 19.08 -16.10 10.59
C6 BGC F . 18.57 -17.48 10.72
C1 BGC F . 18.74 -14.16 9.42
O2 BGC F . 20.20 -12.31 9.85
O3 BGC F . 20.60 -13.36 12.58
O4 BGC F . 20.19 -16.16 12.72
O5 BGC F . 18.06 -15.28 10.02
O6 BGC F . 17.57 -17.68 11.71
C1 EDO G . -4.62 4.19 -29.29
O1 EDO G . -3.80 4.74 -28.27
C2 EDO G . -6.01 4.83 -29.16
O2 EDO G . -6.55 4.54 -27.87
H11 EDO G . -4.19 4.41 -30.27
H12 EDO G . -4.70 3.11 -29.18
HO1 EDO G . -2.94 4.32 -28.31
H21 EDO G . -6.68 4.43 -29.93
H22 EDO G . -5.91 5.91 -29.30
HO2 EDO G . -7.42 4.98 -27.77
C1 EDO H . 30.54 23.64 5.62
O1 EDO H . 30.35 23.24 7.01
C2 EDO H . 29.74 22.88 4.58
O2 EDO H . 28.36 23.36 4.56
H11 EDO H . 31.60 23.61 5.35
H12 EDO H . 30.23 24.67 5.51
HO1 EDO H . 31.15 23.45 7.51
H21 EDO H . 29.75 21.81 4.80
H22 EDO H . 30.19 23.03 3.61
HO2 EDO H . 27.87 22.97 3.82
N GLU A 1 -49.80 -0.70 -14.55
CA GLU A 1 -49.45 -0.43 -13.15
C GLU A 1 -48.20 -1.24 -12.69
N VAL A 2 -48.39 -2.54 -12.69
CA VAL A 2 -47.41 -3.58 -12.99
C VAL A 2 -47.61 -4.68 -11.98
N VAL A 3 -47.88 -5.86 -12.52
CA VAL A 3 -48.26 -7.06 -11.80
C VAL A 3 -47.01 -7.86 -11.28
N GLY A 4 -46.06 -8.25 -12.08
CA GLY A 4 -44.94 -8.92 -11.35
C GLY A 4 -45.18 -10.41 -10.97
N GLY A 5 -44.12 -11.21 -10.83
CA GLY A 5 -44.21 -12.65 -10.88
C GLY A 5 -44.64 -13.18 -12.27
N GLY A 6 -44.99 -14.44 -12.38
CA GLY A 6 -45.48 -14.96 -13.66
C GLY A 6 -44.49 -15.80 -14.45
N ASP A 7 -44.91 -16.13 -15.68
CA ASP A 7 -44.23 -16.96 -16.69
C ASP A 7 -42.83 -16.48 -16.97
N LEU A 8 -41.82 -17.35 -16.89
CA LEU A 8 -40.46 -16.91 -17.22
C LEU A 8 -40.23 -16.90 -18.74
N GLY A 9 -41.15 -17.54 -19.46
CA GLY A 9 -41.22 -17.44 -20.89
C GLY A 9 -40.55 -18.60 -21.62
N PRO A 10 -40.74 -18.64 -22.94
CA PRO A 10 -40.24 -19.80 -23.67
C PRO A 10 -38.72 -19.87 -23.80
N ASN A 11 -37.98 -18.84 -23.38
CA ASN A 11 -36.52 -18.88 -23.53
C ASN A 11 -35.77 -19.25 -22.26
N VAL A 12 -36.51 -19.55 -21.20
CA VAL A 12 -35.97 -20.16 -19.99
C VAL A 12 -36.41 -21.62 -20.05
N LEU A 13 -35.44 -22.50 -20.28
CA LEU A 13 -35.66 -23.93 -20.36
C LEU A 13 -35.39 -24.54 -18.99
N VAL A 14 -36.45 -24.98 -18.34
CA VAL A 14 -36.36 -25.57 -17.02
C VAL A 14 -36.36 -27.09 -17.17
N PHE A 15 -35.43 -27.72 -16.49
CA PHE A 15 -35.15 -29.13 -16.66
C PHE A 15 -35.34 -29.73 -15.32
N ASP A 16 -35.73 -31.00 -15.30
CA ASP A 16 -35.53 -31.72 -14.06
C ASP A 16 -34.99 -33.09 -14.33
N PRO A 17 -34.48 -33.75 -13.28
CA PRO A 17 -33.79 -35.01 -13.47
C PRO A 17 -34.92 -36.00 -13.55
N SER A 18 -35.51 -36.11 -14.72
CA SER A 18 -36.67 -36.96 -15.06
C SER A 18 -37.16 -36.55 -16.47
N THR A 19 -36.98 -35.28 -16.84
CA THR A 19 -37.31 -34.81 -18.19
C THR A 19 -36.64 -35.72 -19.21
N PRO A 20 -37.36 -36.20 -20.25
CA PRO A 20 -36.59 -37.14 -21.07
C PRO A 20 -35.84 -36.33 -22.10
N ASP A 21 -34.82 -36.90 -22.70
CA ASP A 21 -34.12 -36.24 -23.80
C ASP A 21 -33.53 -34.89 -23.35
N ILE A 22 -33.14 -34.79 -22.07
CA ILE A 22 -32.47 -33.56 -21.59
C ILE A 22 -31.27 -33.28 -22.44
N GLN A 23 -30.43 -34.29 -22.54
CA GLN A 23 -29.26 -34.16 -23.35
C GLN A 23 -29.68 -33.69 -24.74
N GLY A 24 -30.63 -34.41 -25.37
CA GLY A 24 -31.18 -33.94 -26.60
C GLY A 24 -31.59 -32.47 -26.56
N LYS A 25 -32.30 -32.03 -25.52
CA LYS A 25 -32.85 -30.67 -25.46
C LYS A 25 -31.75 -29.64 -25.34
N VAL A 26 -30.67 -30.10 -24.76
CA VAL A 26 -29.55 -29.23 -24.47
C VAL A 26 -28.70 -29.09 -25.74
N ASP A 27 -28.47 -30.19 -26.48
CA ASP A 27 -27.75 -30.21 -27.78
C ASP A 27 -28.48 -29.38 -28.86
N GLU A 28 -29.78 -29.59 -28.97
CA GLU A 28 -30.69 -28.76 -29.80
C GLU A 28 -30.27 -27.27 -29.74
N VAL A 29 -30.11 -26.76 -28.53
CA VAL A 29 -29.71 -25.35 -28.35
C VAL A 29 -28.24 -25.09 -28.77
N PHE A 30 -27.33 -25.98 -28.39
CA PHE A 30 -25.93 -25.80 -28.74
C PHE A 30 -25.70 -25.91 -30.24
N ARG A 31 -26.62 -26.59 -30.92
CA ARG A 31 -26.54 -26.75 -32.37
C ARG A 31 -26.65 -25.35 -32.93
N LYS A 32 -27.68 -24.66 -32.43
CA LYS A 32 -28.06 -23.33 -32.92
C LYS A 32 -27.08 -22.24 -32.50
N GLN A 33 -26.45 -22.40 -31.33
CA GLN A 33 -25.73 -21.28 -30.72
C GLN A 33 -24.19 -21.34 -30.79
N GLU A 34 -23.64 -22.47 -31.20
CA GLU A 34 -22.22 -22.66 -31.17
C GLU A 34 -21.49 -21.62 -32.02
N SER A 35 -22.07 -21.29 -33.17
CA SER A 35 -21.45 -20.36 -34.12
C SER A 35 -22.11 -18.99 -34.07
N ASN A 36 -23.16 -18.87 -33.28
CA ASN A 36 -24.07 -17.72 -33.38
C ASN A 36 -23.55 -16.48 -32.64
N GLN A 37 -22.41 -15.98 -33.09
CA GLN A 37 -21.66 -15.00 -32.33
C GLN A 37 -22.45 -13.71 -32.11
N PHE A 38 -23.23 -13.32 -33.11
CA PHE A 38 -23.85 -11.98 -33.11
C PHE A 38 -25.39 -11.98 -33.20
N GLY A 39 -25.97 -13.16 -33.33
CA GLY A 39 -27.42 -13.28 -33.50
C GLY A 39 -28.18 -12.79 -32.28
N THR A 40 -29.51 -12.75 -32.38
CA THR A 40 -30.36 -12.20 -31.36
C THR A 40 -30.99 -13.25 -30.43
N ASP A 41 -30.86 -14.55 -30.71
CA ASP A 41 -31.49 -15.50 -29.78
C ASP A 41 -30.72 -15.56 -28.47
N ARG A 42 -31.44 -15.98 -27.42
CA ARG A 42 -30.93 -16.00 -26.07
C ARG A 42 -31.58 -17.17 -25.35
N TYR A 43 -30.80 -17.88 -24.52
CA TYR A 43 -31.30 -19.01 -23.71
C TYR A 43 -30.71 -19.04 -22.33
N ALA A 44 -31.54 -19.41 -21.39
CA ALA A 44 -31.10 -19.77 -20.06
C ALA A 44 -31.57 -21.19 -19.84
N LEU A 45 -30.65 -22.01 -19.40
CA LEU A 45 -30.91 -23.41 -19.12
C LEU A 45 -30.85 -23.55 -17.59
N MET A 46 -31.96 -23.94 -16.98
CA MET A 46 -32.09 -23.91 -15.55
C MET A 46 -32.42 -25.33 -15.09
N PHE A 47 -31.61 -25.82 -14.17
CA PHE A 47 -31.76 -27.18 -13.65
C PHE A 47 -32.23 -27.21 -12.20
N LYS A 48 -33.39 -27.83 -12.00
CA LYS A 48 -33.91 -28.09 -10.67
C LYS A 48 -32.96 -28.93 -9.80
N PRO A 49 -33.02 -28.75 -8.47
CA PRO A 49 -32.20 -29.57 -7.57
C PRO A 49 -32.40 -31.06 -7.80
N GLY A 50 -31.30 -31.78 -7.80
CA GLY A 50 -31.28 -33.22 -8.02
C GLY A 50 -29.95 -33.65 -8.63
N THR A 51 -29.91 -34.88 -9.13
CA THR A 51 -28.73 -35.42 -9.78
C THR A 51 -29.09 -35.80 -11.19
N TYR A 52 -28.08 -35.69 -12.04
CA TYR A 52 -28.24 -35.66 -13.47
C TYR A 52 -27.11 -36.45 -14.07
N ASN A 53 -27.43 -37.62 -14.60
CA ASN A 53 -26.41 -38.48 -15.16
C ASN A 53 -26.37 -38.38 -16.68
N ASP A 54 -25.26 -38.82 -17.27
CA ASP A 54 -25.16 -39.04 -18.73
C ASP A 54 -25.39 -37.69 -19.48
N ILE A 55 -24.67 -36.66 -19.02
CA ILE A 55 -24.90 -35.30 -19.51
C ILE A 55 -23.59 -34.61 -19.88
N ASN A 56 -23.56 -34.08 -21.11
CA ASN A 56 -22.49 -33.19 -21.54
C ASN A 56 -23.19 -31.96 -22.11
N ALA A 57 -23.34 -30.93 -21.27
CA ALA A 57 -23.99 -29.67 -21.67
C ALA A 57 -22.95 -28.76 -22.35
N GLN A 58 -22.96 -28.74 -23.67
CA GLN A 58 -22.06 -27.87 -24.43
C GLN A 58 -22.77 -26.52 -24.48
N ILE A 59 -22.02 -25.49 -24.14
CA ILE A 59 -22.56 -24.12 -23.98
C ILE A 59 -22.06 -23.23 -25.14
N GLY A 60 -22.97 -22.76 -25.98
CA GLY A 60 -22.60 -21.89 -27.10
C GLY A 60 -22.78 -20.43 -26.70
N PHE A 61 -22.82 -19.55 -27.70
CA PHE A 61 -23.07 -18.14 -27.47
C PHE A 61 -24.43 -17.89 -26.80
N TYR A 62 -24.47 -16.87 -25.97
CA TYR A 62 -25.70 -16.35 -25.36
C TYR A 62 -26.53 -17.44 -24.67
N THR A 63 -25.83 -18.37 -24.04
CA THR A 63 -26.46 -19.42 -23.25
C THR A 63 -25.92 -19.34 -21.81
N SER A 64 -26.83 -19.24 -20.86
CA SER A 64 -26.50 -19.35 -19.45
C SER A 64 -27.02 -20.72 -18.93
N ILE A 65 -26.24 -21.34 -18.07
CA ILE A 65 -26.66 -22.60 -17.44
C ILE A 65 -26.51 -22.44 -15.94
N ALA A 66 -27.50 -22.90 -15.20
CA ALA A 66 -27.42 -22.82 -13.75
C ALA A 66 -28.30 -23.82 -13.06
N GLY A 67 -27.91 -24.07 -11.82
CA GLY A 67 -28.71 -24.86 -10.91
C GLY A 67 -29.68 -23.94 -10.17
N LEU A 68 -30.78 -24.52 -9.71
CA LEU A 68 -31.80 -23.76 -8.99
C LEU A 68 -31.79 -24.20 -7.55
N GLY A 69 -30.69 -24.85 -7.15
CA GLY A 69 -30.56 -25.45 -5.85
C GLY A 69 -31.05 -24.56 -4.79
N LEU A 70 -30.19 -23.63 -4.42
CA LEU A 70 -30.13 -23.19 -2.99
C LEU A 70 -28.64 -23.00 -2.71
N ASN A 71 -27.95 -24.15 -2.84
CA ASN A 71 -26.50 -24.39 -2.73
C ASN A 71 -26.04 -25.11 -4.01
N PRO A 72 -24.76 -24.94 -4.41
CA PRO A 72 -24.38 -25.64 -5.65
C PRO A 72 -24.49 -27.19 -5.64
N ASP A 73 -24.18 -27.81 -4.51
CA ASP A 73 -24.20 -29.28 -4.50
C ASP A 73 -25.63 -29.86 -4.51
N ASP A 74 -26.63 -29.00 -4.38
CA ASP A 74 -28.03 -29.42 -4.54
C ASP A 74 -28.35 -29.83 -5.97
N THR A 75 -27.55 -29.37 -6.92
CA THR A 75 -27.78 -29.66 -8.34
C THR A 75 -26.46 -30.17 -8.94
N THR A 76 -26.30 -31.50 -9.03
CA THR A 76 -25.09 -32.14 -9.51
C THR A 76 -25.22 -32.86 -10.83
N PHE A 77 -24.27 -32.59 -11.71
CA PHE A 77 -24.18 -33.31 -12.98
C PHE A 77 -23.09 -34.37 -12.78
N ASN A 78 -23.44 -35.60 -13.05
CA ASN A 78 -22.48 -36.65 -13.32
C ASN A 78 -22.22 -36.54 -14.79
N GLY A 79 -21.27 -35.70 -15.11
CA GLY A 79 -21.14 -35.15 -16.44
C GLY A 79 -20.39 -33.83 -16.42
N ASP A 80 -20.69 -32.97 -17.41
CA ASP A 80 -19.83 -31.83 -17.79
C ASP A 80 -20.64 -30.62 -18.27
N VAL A 81 -20.10 -29.44 -18.03
CA VAL A 81 -20.57 -28.19 -18.66
C VAL A 81 -19.37 -27.71 -19.48
N THR A 82 -19.43 -27.91 -20.79
CA THR A 82 -18.26 -27.86 -21.66
C THR A 82 -18.32 -26.61 -22.52
N VAL A 83 -17.19 -25.91 -22.64
CA VAL A 83 -16.96 -24.96 -23.72
C VAL A 83 -15.61 -25.30 -24.35
N ASP A 84 -15.65 -25.59 -25.64
CA ASP A 84 -14.45 -25.87 -26.42
C ASP A 84 -14.58 -24.94 -27.65
N ALA A 85 -13.65 -25.06 -28.57
CA ALA A 85 -13.59 -24.13 -29.70
C ALA A 85 -13.54 -24.84 -31.06
N GLY A 86 -14.16 -26.01 -31.16
CA GLY A 86 -14.16 -26.72 -32.45
C GLY A 86 -14.63 -25.83 -33.60
N TRP A 87 -15.57 -24.93 -33.28
CA TRP A 87 -16.23 -24.13 -34.31
C TRP A 87 -15.29 -23.10 -34.93
N PHE A 88 -14.21 -22.76 -34.23
CA PHE A 88 -13.18 -21.85 -34.74
C PHE A 88 -11.81 -22.54 -34.81
N ASP A 89 -11.82 -23.82 -35.18
CA ASP A 89 -10.60 -24.53 -35.54
C ASP A 89 -9.62 -24.59 -34.37
N GLY A 90 -10.14 -24.57 -33.14
CA GLY A 90 -9.28 -24.72 -31.98
C GLY A 90 -8.90 -23.41 -31.32
N ASN A 91 -9.34 -22.30 -31.92
CA ASN A 91 -9.07 -20.97 -31.39
C ASN A 91 -10.22 -20.52 -30.48
N ALA A 92 -9.94 -20.27 -29.20
CA ALA A 92 -11.00 -19.94 -28.22
C ALA A 92 -11.13 -18.44 -27.96
N THR A 93 -10.46 -17.61 -28.76
CA THR A 93 -10.45 -16.15 -28.45
C THR A 93 -11.71 -15.40 -28.87
N GLN A 94 -12.66 -16.11 -29.44
CA GLN A 94 -13.98 -15.51 -29.66
C GLN A 94 -15.08 -16.24 -28.87
N ASN A 95 -14.71 -16.98 -27.81
CA ASN A 95 -15.71 -17.70 -27.02
C ASN A 95 -16.27 -16.83 -25.89
N PHE A 96 -17.17 -15.95 -26.31
CA PHE A 96 -17.77 -14.94 -25.46
C PHE A 96 -19.22 -15.20 -25.02
N TRP A 97 -19.67 -14.41 -24.05
CA TRP A 97 -21.09 -14.19 -23.72
C TRP A 97 -21.83 -15.47 -23.38
N ARG A 98 -21.43 -16.10 -22.28
CA ARG A 98 -22.11 -17.29 -21.81
C ARG A 98 -21.76 -17.45 -20.34
N SER A 99 -22.44 -18.32 -19.62
CA SER A 99 -22.16 -18.41 -18.19
C SER A 99 -22.60 -19.72 -17.57
N ALA A 100 -21.97 -20.02 -16.44
CA ALA A 100 -22.33 -21.20 -15.61
C ALA A 100 -22.36 -20.76 -14.14
N GLU A 101 -23.42 -21.19 -13.43
CA GLU A 101 -23.66 -20.73 -12.05
C GLU A 101 -24.34 -21.84 -11.23
N ASN A 102 -23.90 -22.01 -9.98
CA ASN A 102 -24.68 -22.73 -8.94
C ASN A 102 -24.95 -24.20 -9.29
N LEU A 103 -23.90 -24.86 -9.71
CA LEU A 103 -23.96 -26.29 -10.04
C LEU A 103 -22.75 -27.03 -9.48
N ALA A 104 -22.93 -28.33 -9.20
CA ALA A 104 -21.81 -29.20 -8.86
C ALA A 104 -21.56 -30.11 -10.04
N LEU A 105 -20.30 -30.26 -10.44
CA LEU A 105 -19.93 -31.06 -11.62
C LEU A 105 -18.99 -32.21 -11.20
N ASN A 106 -19.31 -33.38 -11.70
CA ASN A 106 -18.53 -34.62 -11.52
C ASN A 106 -18.11 -35.06 -12.92
N PRO A 107 -17.03 -34.43 -13.45
CA PRO A 107 -16.77 -34.56 -14.88
C PRO A 107 -16.36 -35.96 -15.31
N VAL A 108 -16.75 -36.34 -16.51
CA VAL A 108 -16.74 -37.72 -16.90
C VAL A 108 -15.34 -38.32 -16.93
N ASN A 109 -14.31 -37.52 -17.17
CA ASN A 109 -12.94 -38.03 -17.05
C ASN A 109 -12.10 -37.36 -16.01
N GLY A 110 -12.75 -36.75 -15.04
CA GLY A 110 -12.00 -36.16 -13.94
C GLY A 110 -11.72 -34.68 -14.10
N THR A 111 -11.93 -34.14 -15.30
CA THR A 111 -11.67 -32.72 -15.56
C THR A 111 -12.72 -32.12 -16.45
N ASN A 112 -13.29 -30.99 -16.02
CA ASN A 112 -14.22 -30.22 -16.80
C ASN A 112 -13.49 -29.19 -17.66
N ARG A 113 -13.93 -29.01 -18.91
CA ARG A 113 -13.35 -28.03 -19.79
C ARG A 113 -14.27 -26.81 -19.93
N TRP A 114 -13.68 -25.64 -19.65
CA TRP A 114 -14.36 -24.36 -19.75
C TRP A 114 -13.42 -23.40 -20.49
N ALA A 115 -13.29 -23.62 -21.80
CA ALA A 115 -12.32 -22.93 -22.64
C ALA A 115 -12.91 -21.69 -23.30
N VAL A 116 -12.79 -20.60 -22.59
CA VAL A 116 -13.45 -19.35 -22.94
C VAL A 116 -12.56 -18.14 -22.93
N SER A 117 -13.10 -17.08 -23.51
CA SER A 117 -12.48 -15.78 -23.40
C SER A 117 -13.41 -14.85 -22.62
N GLN A 118 -13.59 -13.62 -23.08
CA GLN A 118 -14.20 -12.60 -22.25
C GLN A 118 -15.73 -12.79 -22.09
N ALA A 119 -16.26 -12.21 -21.01
CA ALA A 119 -17.69 -12.27 -20.65
C ALA A 119 -18.23 -13.70 -20.61
N ALA A 120 -17.50 -14.55 -19.89
CA ALA A 120 -17.90 -15.95 -19.70
C ALA A 120 -17.81 -16.39 -18.23
N PRO A 121 -18.62 -15.78 -17.38
CA PRO A 121 -18.37 -16.03 -15.94
C PRO A 121 -18.71 -17.46 -15.46
N PHE A 122 -17.99 -17.89 -14.42
CA PHE A 122 -18.07 -19.21 -13.80
C PHE A 122 -18.18 -18.90 -12.29
N ARG A 123 -19.44 -18.91 -11.80
CA ARG A 123 -19.74 -18.47 -10.45
C ARG A 123 -20.40 -19.55 -9.61
N ARG A 124 -20.04 -19.60 -8.33
CA ARG A 124 -20.73 -20.46 -7.39
C ARG A 124 -20.81 -21.89 -7.90
N MET A 125 -19.69 -22.37 -8.39
CA MET A 125 -19.58 -23.73 -8.94
C MET A 125 -18.75 -24.62 -8.02
N HIS A 126 -19.10 -25.90 -8.02
CA HIS A 126 -18.26 -26.89 -7.35
C HIS A 126 -17.86 -27.96 -8.32
N VAL A 127 -16.58 -27.98 -8.68
CA VAL A 127 -16.04 -29.01 -9.57
C VAL A 127 -15.33 -30.12 -8.79
N LYS A 128 -15.82 -31.32 -8.94
CA LYS A 128 -15.23 -32.48 -8.23
C LYS A 128 -14.14 -33.14 -9.09
N GLY A 129 -13.37 -32.32 -9.77
CA GLY A 129 -12.13 -32.79 -10.33
C GLY A 129 -11.37 -31.55 -10.68
N GLY A 130 -10.72 -31.61 -11.82
CA GLY A 130 -9.97 -30.49 -12.34
C GLY A 130 -10.82 -29.67 -13.29
N LEU A 131 -10.27 -28.52 -13.69
CA LEU A 131 -10.93 -27.59 -14.61
C LEU A 131 -9.86 -27.22 -15.61
N ASN A 132 -10.06 -27.64 -16.84
CA ASN A 132 -9.18 -27.26 -17.95
C ASN A 132 -9.79 -26.00 -18.58
N LEU A 133 -9.05 -24.91 -18.57
CA LEU A 133 -9.49 -23.66 -19.23
C LEU A 133 -9.04 -23.51 -20.69
N ALA A 134 -8.39 -24.53 -21.24
CA ALA A 134 -7.89 -24.49 -22.63
C ALA A 134 -8.75 -25.27 -23.58
N PRO A 135 -8.86 -24.81 -24.81
CA PRO A 135 -9.47 -25.68 -25.81
C PRO A 135 -8.51 -26.84 -26.07
N ASP A 136 -8.98 -27.91 -26.70
CA ASP A 136 -8.09 -29.04 -26.95
C ASP A 136 -7.06 -28.50 -27.97
N GLY A 137 -5.78 -28.89 -27.79
CA GLY A 137 -4.66 -28.44 -28.65
C GLY A 137 -3.81 -27.37 -27.99
N TYR A 138 -4.35 -26.77 -26.95
CA TYR A 138 -3.69 -25.71 -26.20
C TYR A 138 -3.55 -24.41 -27.04
N GLY A 139 -4.45 -24.23 -28.01
CA GLY A 139 -4.40 -23.05 -28.85
C GLY A 139 -5.02 -21.85 -28.12
N TRP A 140 -5.19 -20.77 -28.85
CA TRP A 140 -5.31 -19.46 -28.24
C TRP A 140 -6.58 -19.26 -27.40
N ALA A 141 -6.41 -18.49 -26.34
CA ALA A 141 -7.51 -18.26 -25.38
C ALA A 141 -7.24 -17.04 -24.53
N SER A 142 -8.29 -16.27 -24.25
CA SER A 142 -8.13 -14.97 -23.55
C SER A 142 -9.27 -14.69 -22.55
N GLY A 143 -9.38 -15.52 -21.51
CA GLY A 143 -10.36 -15.30 -20.46
C GLY A 143 -9.81 -14.37 -19.37
N GLY A 144 -10.35 -14.44 -18.16
CA GLY A 144 -11.45 -15.28 -17.77
C GLY A 144 -11.72 -14.95 -16.30
N TYR A 145 -12.77 -15.56 -15.75
CA TYR A 145 -13.31 -15.08 -14.47
C TYR A 145 -13.97 -16.23 -13.73
N ILE A 146 -13.44 -16.49 -12.54
CA ILE A 146 -14.03 -17.46 -11.62
C ILE A 146 -14.22 -16.75 -10.29
N ALA A 147 -15.41 -16.92 -9.72
CA ALA A 147 -15.71 -16.39 -8.40
C ALA A 147 -16.54 -17.34 -7.57
N ASP A 148 -16.31 -17.31 -6.28
CA ASP A 148 -17.19 -18.01 -5.34
C ASP A 148 -17.25 -19.51 -5.64
N SER A 149 -16.15 -20.08 -6.12
CA SER A 149 -16.15 -21.49 -6.56
C SER A 149 -15.14 -22.37 -5.82
N LYS A 150 -15.43 -23.66 -5.83
CA LYS A 150 -14.56 -24.67 -5.23
C LYS A 150 -14.20 -25.66 -6.31
N ILE A 151 -12.91 -25.70 -6.67
CA ILE A 151 -12.39 -26.65 -7.65
C ILE A 151 -11.58 -27.67 -6.83
N ASP A 152 -12.11 -28.87 -6.66
CA ASP A 152 -11.45 -29.87 -5.81
C ASP A 152 -9.99 -30.15 -6.23
N GLY A 153 -9.76 -30.27 -7.54
CA GLY A 153 -8.44 -30.57 -8.04
C GLY A 153 -7.74 -29.35 -8.64
N GLU A 154 -7.09 -29.57 -9.78
CA GLU A 154 -6.23 -28.64 -10.47
C GLU A 154 -7.02 -27.83 -11.50
N VAL A 155 -6.94 -26.50 -11.40
CA VAL A 155 -7.27 -25.67 -12.55
C VAL A 155 -6.02 -25.50 -13.43
N GLY A 156 -6.13 -25.88 -14.72
CA GLY A 156 -5.05 -25.77 -15.69
C GLY A 156 -5.31 -24.76 -16.79
N PRO A 157 -4.60 -23.62 -16.75
CA PRO A 157 -4.94 -22.63 -17.78
C PRO A 157 -4.30 -22.93 -19.12
N TYR A 158 -3.12 -23.57 -19.11
CA TYR A 158 -2.38 -23.91 -20.33
C TYR A 158 -2.20 -22.64 -21.20
N SER A 159 -2.92 -22.52 -22.30
CA SER A 159 -2.70 -21.40 -23.22
C SER A 159 -3.33 -20.07 -22.79
N GLN A 160 -4.14 -20.07 -21.75
CA GLN A 160 -4.85 -18.85 -21.36
C GLN A 160 -3.87 -17.75 -21.03
N GLN A 161 -4.07 -16.58 -21.65
CA GLN A 161 -3.13 -15.48 -21.46
C GLN A 161 -3.10 -14.97 -20.04
N GLN A 162 -4.32 -14.82 -19.52
CA GLN A 162 -4.53 -14.19 -18.25
C GLN A 162 -5.82 -14.75 -17.63
N TRP A 163 -6.04 -14.44 -16.35
CA TRP A 163 -7.21 -14.96 -15.63
C TRP A 163 -7.35 -14.26 -14.30
N TYR A 164 -8.59 -14.09 -13.85
CA TYR A 164 -8.89 -13.58 -12.52
C TYR A 164 -9.78 -14.56 -11.75
N THR A 165 -9.33 -14.88 -10.54
CA THR A 165 -10.10 -15.73 -9.66
C THR A 165 -10.25 -15.01 -8.33
N ARG A 166 -11.47 -14.94 -7.84
CA ARG A 166 -11.66 -14.45 -6.47
C ARG A 166 -12.57 -15.31 -5.58
N ASP A 167 -12.28 -15.22 -4.30
CA ASP A 167 -13.12 -15.77 -3.26
C ASP A 167 -13.56 -17.22 -3.57
N SER A 168 -12.59 -18.08 -3.47
CA SER A 168 -12.60 -19.35 -4.13
C SER A 168 -11.67 -20.29 -3.39
N SER A 169 -11.78 -21.56 -3.74
CA SER A 169 -10.86 -22.58 -3.24
C SER A 169 -10.41 -23.41 -4.43
N VAL A 170 -9.10 -23.60 -4.60
CA VAL A 170 -8.59 -24.46 -5.67
C VAL A 170 -7.56 -25.46 -5.11
N GLY A 171 -7.65 -26.70 -5.56
CA GLY A 171 -6.72 -27.74 -5.13
C GLY A 171 -5.31 -27.55 -5.67
N GLY A 172 -5.20 -26.76 -6.73
CA GLY A 172 -3.91 -26.38 -7.31
C GLY A 172 -4.10 -25.56 -8.57
N TRP A 173 -2.98 -25.18 -9.18
CA TRP A 173 -2.97 -24.24 -10.29
C TRP A 173 -1.81 -24.57 -11.21
N GLY A 174 -2.11 -24.88 -12.46
CA GLY A 174 -1.11 -25.43 -13.37
C GLY A 174 0.00 -24.53 -13.91
N ASN A 175 -0.33 -23.26 -14.19
CA ASN A 175 0.62 -22.33 -14.84
C ASN A 175 0.10 -20.86 -14.86
N GLY A 176 1.08 -19.96 -14.95
CA GLY A 176 0.83 -18.53 -15.20
C GLY A 176 1.51 -18.25 -16.51
N VAL A 177 0.96 -17.32 -17.28
CA VAL A 177 1.37 -17.11 -18.66
C VAL A 177 1.66 -15.65 -18.88
N TRP A 178 0.65 -14.78 -18.85
CA TRP A 178 0.91 -13.34 -18.86
C TRP A 178 0.49 -12.69 -17.54
N ASN A 179 -0.70 -13.04 -17.04
CA ASN A 179 -1.21 -12.37 -15.86
C ASN A 179 -2.32 -13.16 -15.22
N MET A 180 -1.96 -13.98 -14.21
CA MET A 180 -2.94 -14.75 -13.46
C MET A 180 -3.01 -14.06 -12.10
N THR A 181 -4.16 -13.48 -11.79
CA THR A 181 -4.35 -12.77 -10.52
C THR A 181 -5.41 -13.47 -9.69
N PHE A 182 -5.17 -13.41 -8.38
CA PHE A 182 -5.99 -14.06 -7.41
C PHE A 182 -6.26 -13.12 -6.25
N SER A 183 -7.51 -13.06 -5.77
CA SER A 183 -7.78 -12.41 -4.51
C SER A 183 -8.76 -13.22 -3.69
N GLY A 184 -8.39 -13.48 -2.45
CA GLY A 184 -9.25 -14.30 -1.58
C GLY A 184 -9.34 -15.76 -2.00
N VAL A 185 -8.27 -16.28 -2.59
CA VAL A 185 -8.28 -17.64 -3.13
C VAL A 185 -7.44 -18.64 -2.30
N GLU A 186 -8.16 -19.52 -1.61
CA GLU A 186 -7.57 -20.63 -0.90
C GLU A 186 -6.95 -21.57 -1.88
N GLY A 187 -5.64 -21.76 -1.78
CA GLY A 187 -4.92 -22.65 -2.67
C GLY A 187 -4.27 -21.90 -3.83
N ALA A 188 -4.40 -20.58 -3.85
CA ALA A 188 -3.70 -19.78 -4.84
C ALA A 188 -2.19 -19.91 -4.59
N PRO A 189 -1.42 -20.06 -5.66
CA PRO A 189 0.04 -20.06 -5.47
C PRO A 189 0.51 -18.69 -5.07
N ALA A 190 1.63 -18.64 -4.36
CA ALA A 190 2.08 -17.40 -3.74
C ALA A 190 2.44 -16.35 -4.79
N GLN A 191 2.23 -15.09 -4.42
CA GLN A 191 2.75 -13.94 -5.13
C GLN A 191 4.16 -14.24 -5.66
N SER A 192 4.36 -14.09 -6.98
CA SER A 192 5.61 -14.45 -7.61
C SER A 192 5.93 -13.65 -8.87
N PHE A 193 5.13 -12.64 -9.19
CA PHE A 193 5.35 -11.86 -10.40
C PHE A 193 6.77 -11.29 -10.29
N PRO A 194 7.57 -11.42 -11.35
CA PRO A 194 7.09 -11.62 -12.71
C PRO A 194 7.29 -13.04 -13.26
N GLU A 195 7.87 -13.97 -12.46
CA GLU A 195 8.22 -15.32 -12.93
C GLU A 195 7.86 -16.42 -11.93
N PRO A 196 6.74 -17.13 -12.13
CA PRO A 196 5.57 -16.96 -13.00
C PRO A 196 4.81 -15.67 -12.69
N PRO A 197 3.86 -15.29 -13.57
CA PRO A 197 3.17 -13.99 -13.44
C PRO A 197 1.93 -14.04 -12.54
N TYR A 198 2.15 -14.51 -11.31
CA TYR A 198 1.07 -14.66 -10.34
C TYR A 198 1.02 -13.44 -9.43
N THR A 199 -0.13 -12.76 -9.46
CA THR A 199 -0.43 -11.65 -8.55
C THR A 199 -1.48 -12.11 -7.54
N THR A 200 -1.13 -12.12 -6.25
CA THR A 200 -1.89 -12.89 -5.28
C THR A 200 -2.10 -12.07 -4.04
N LEU A 201 -3.38 -11.81 -3.78
CA LEU A 201 -3.85 -11.01 -2.67
C LEU A 201 -4.58 -11.93 -1.73
N GLU A 202 -4.35 -11.79 -0.43
CA GLU A 202 -4.85 -12.78 0.53
C GLU A 202 -6.40 -12.67 0.64
N THR A 203 -6.91 -11.44 0.53
CA THR A 203 -8.30 -11.16 0.79
C THR A 203 -8.76 -10.16 -0.28
N THR A 204 -10.07 -10.19 -0.60
CA THR A 204 -10.70 -9.20 -1.46
C THR A 204 -11.34 -8.11 -0.60
N PRO A 205 -11.01 -6.83 -0.84
CA PRO A 205 -11.40 -5.83 0.20
C PRO A 205 -12.90 -5.74 0.51
N VAL A 206 -13.69 -5.80 -0.54
CA VAL A 206 -15.13 -5.89 -0.40
C VAL A 206 -15.62 -6.73 -1.58
N SER A 207 -16.52 -7.68 -1.34
CA SER A 207 -17.16 -8.41 -2.47
C SER A 207 -18.57 -8.73 -2.02
N ARG A 208 -19.46 -8.92 -2.97
CA ARG A 208 -20.84 -9.27 -2.65
C ARG A 208 -21.31 -10.18 -3.77
N GLU A 209 -21.65 -11.42 -3.44
CA GLU A 209 -21.98 -12.37 -4.50
C GLU A 209 -23.19 -11.94 -5.37
N LYS A 210 -23.13 -12.31 -6.64
CA LYS A 210 -24.16 -11.93 -7.58
C LYS A 210 -25.46 -12.61 -7.18
N PRO A 211 -26.57 -11.85 -7.15
CA PRO A 211 -27.81 -12.57 -6.87
C PRO A 211 -28.14 -13.61 -7.94
N PHE A 212 -28.99 -14.57 -7.59
CA PHE A 212 -29.36 -15.64 -8.52
C PHE A 212 -30.75 -16.21 -8.25
N LEU A 213 -31.35 -16.75 -9.30
CA LEU A 213 -32.65 -17.42 -9.18
C LEU A 213 -32.49 -18.79 -8.49
N TYR A 214 -33.45 -19.17 -7.65
CA TYR A 214 -33.45 -20.50 -7.08
C TYR A 214 -34.89 -20.92 -6.75
N LEU A 215 -35.08 -22.18 -6.34
CA LEU A 215 -36.43 -22.74 -6.14
C LEU A 215 -36.69 -23.35 -4.76
N ASP A 216 -37.98 -23.50 -4.41
CA ASP A 216 -38.45 -24.13 -3.14
C ASP A 216 -39.22 -25.39 -3.50
N GLY A 217 -39.16 -25.80 -4.74
CA GLY A 217 -40.25 -26.56 -5.25
C GLY A 217 -41.43 -25.61 -5.39
N ASP A 218 -41.59 -25.11 -6.58
CA ASP A 218 -42.76 -24.37 -6.95
C ASP A 218 -42.81 -23.00 -6.25
N ASP A 219 -41.85 -22.66 -5.36
CA ASP A 219 -41.62 -21.21 -5.14
C ASP A 219 -40.24 -20.69 -5.69
N TYR A 220 -40.29 -20.11 -6.88
CA TYR A 220 -39.10 -19.38 -7.40
C TYR A 220 -38.86 -18.12 -6.61
N LYS A 221 -37.57 -17.88 -6.34
CA LYS A 221 -37.11 -16.71 -5.63
C LYS A 221 -35.73 -16.32 -6.13
N VAL A 222 -35.28 -15.14 -5.69
CA VAL A 222 -33.96 -14.63 -6.01
C VAL A 222 -33.18 -14.47 -4.72
N PHE A 223 -32.06 -15.17 -4.64
CA PHE A 223 -31.20 -15.03 -3.47
C PHE A 223 -30.26 -13.86 -3.73
N VAL A 224 -30.16 -12.98 -2.74
CA VAL A 224 -29.34 -11.79 -2.83
C VAL A 224 -28.26 -11.85 -1.72
N PRO A 225 -27.04 -12.22 -2.10
CA PRO A 225 -25.90 -12.31 -1.15
C PRO A 225 -25.59 -11.02 -0.40
N ALA A 226 -25.28 -11.18 0.87
CA ALA A 226 -24.75 -10.11 1.70
C ALA A 226 -23.25 -9.92 1.42
N LYS A 227 -22.83 -8.67 1.41
CA LYS A 227 -21.41 -8.37 1.14
C LYS A 227 -20.52 -9.05 2.18
N ARG A 228 -19.31 -9.44 1.77
CA ARG A 228 -18.20 -9.68 2.70
C ARG A 228 -17.18 -8.52 2.58
N THR A 229 -16.46 -8.18 3.64
CA THR A 229 -15.27 -7.37 3.50
C THR A 229 -14.09 -8.27 3.86
N ASN A 230 -12.91 -7.89 3.37
CA ASN A 230 -11.73 -8.77 3.29
C ASN A 230 -12.10 -10.21 3.19
N ALA A 231 -12.73 -10.48 2.06
CA ALA A 231 -13.28 -11.76 1.75
C ALA A 231 -12.19 -12.74 1.31
N ARG A 232 -12.37 -13.98 1.73
CA ARG A 232 -11.53 -15.09 1.26
C ARG A 232 -12.33 -16.35 1.32
N GLY A 233 -12.12 -17.20 0.31
CA GLY A 233 -12.84 -18.49 0.24
C GLY A 233 -14.29 -18.31 -0.20
N THR A 234 -15.01 -19.42 -0.34
CA THR A 234 -16.36 -19.34 -0.85
C THR A 234 -17.34 -18.86 0.23
N SER A 235 -18.50 -18.38 -0.20
CA SER A 235 -19.55 -17.93 0.70
C SER A 235 -20.49 -19.03 1.18
N TRP A 236 -20.37 -20.19 0.56
CA TRP A 236 -21.21 -21.37 0.84
C TRP A 236 -20.39 -22.54 1.46
N GLY A 237 -19.17 -22.24 1.89
CA GLY A 237 -18.41 -23.16 2.76
C GLY A 237 -19.14 -23.92 3.87
N ASN A 238 -20.24 -23.39 4.42
CA ASN A 238 -20.72 -23.79 5.77
C ASN A 238 -22.23 -24.14 5.86
N GLY A 239 -22.99 -23.28 6.50
CA GLY A 239 -24.42 -23.45 6.53
C GLY A 239 -25.00 -22.54 5.46
N THR A 240 -26.32 -22.58 5.35
CA THR A 240 -27.13 -21.59 4.65
C THR A 240 -26.52 -20.13 4.71
N PRO A 241 -25.79 -19.70 3.64
CA PRO A 241 -24.76 -18.63 3.46
C PRO A 241 -24.72 -17.24 4.25
N GLU A 242 -25.66 -16.34 4.01
CA GLU A 242 -25.79 -14.97 4.59
C GLU A 242 -26.38 -14.04 3.47
N GLY A 243 -27.62 -13.58 3.69
CA GLY A 243 -28.36 -12.79 2.73
C GLY A 243 -29.88 -12.91 2.83
N GLU A 244 -30.55 -12.41 1.81
CA GLU A 244 -32.00 -12.41 1.73
C GLU A 244 -32.61 -13.03 0.47
N SER A 245 -33.81 -13.54 0.64
CA SER A 245 -34.53 -14.14 -0.48
C SER A 245 -35.80 -13.39 -0.89
N LEU A 246 -35.83 -12.98 -2.16
CA LEU A 246 -36.96 -12.22 -2.67
C LEU A 246 -37.87 -13.15 -3.47
N PRO A 247 -39.20 -13.09 -3.22
CA PRO A 247 -40.14 -13.83 -4.07
C PRO A 247 -40.22 -13.32 -5.49
N LEU A 248 -40.50 -14.22 -6.46
CA LEU A 248 -40.72 -13.82 -7.85
C LEU A 248 -41.79 -12.72 -8.00
N ASP A 249 -42.82 -12.73 -7.15
CA ASP A 249 -43.88 -11.73 -7.27
C ASP A 249 -43.42 -10.34 -6.96
N GLN A 250 -42.22 -10.20 -6.37
CA GLN A 250 -41.67 -8.89 -6.12
C GLN A 250 -40.75 -8.42 -7.24
N PHE A 251 -40.74 -9.21 -8.32
CA PHE A 251 -40.05 -8.86 -9.55
C PHE A 251 -41.03 -8.66 -10.66
N TYR A 252 -40.78 -7.62 -11.45
CA TYR A 252 -41.37 -7.53 -12.75
C TYR A 252 -40.56 -8.44 -13.65
N VAL A 253 -41.19 -9.53 -14.09
CA VAL A 253 -40.53 -10.52 -14.93
C VAL A 253 -40.68 -9.98 -16.36
N VAL A 254 -39.63 -9.33 -16.89
CA VAL A 254 -39.70 -8.57 -18.17
C VAL A 254 -39.56 -9.43 -19.46
N LYS A 255 -40.41 -9.13 -20.45
CA LYS A 255 -40.57 -9.90 -21.71
C LYS A 255 -40.54 -8.97 -22.98
N PRO A 256 -40.01 -9.46 -24.18
CA PRO A 256 -39.46 -8.53 -25.23
C PRO A 256 -40.10 -7.29 -25.95
N GLY A 257 -41.41 -7.06 -25.95
CA GLY A 257 -41.90 -5.74 -26.31
C GLY A 257 -41.91 -4.73 -25.14
N ALA A 258 -41.53 -5.15 -23.92
CA ALA A 258 -41.65 -4.26 -22.76
C ALA A 258 -41.01 -2.91 -23.04
N THR A 259 -41.49 -1.90 -22.36
CA THR A 259 -40.98 -0.56 -22.66
C THR A 259 -40.27 -0.03 -21.47
N ALA A 260 -39.28 0.82 -21.74
CA ALA A 260 -38.59 1.57 -20.71
C ALA A 260 -39.59 2.17 -19.73
N GLU A 261 -40.61 2.81 -20.29
CA GLU A 261 -41.63 3.53 -19.52
C GLU A 261 -42.33 2.57 -18.53
N THR A 262 -42.70 1.38 -19.00
CA THR A 262 -43.32 0.39 -18.10
C THR A 262 -42.30 -0.18 -17.11
N ILE A 263 -41.09 -0.41 -17.60
CA ILE A 263 -40.06 -0.97 -16.75
C ILE A 263 -39.75 0.02 -15.63
N ASN A 264 -39.61 1.28 -16.00
CA ASN A 264 -39.40 2.36 -15.04
C ASN A 264 -40.55 2.49 -14.02
N ALA A 265 -41.78 2.25 -14.48
CA ALA A 265 -42.96 2.30 -13.60
C ALA A 265 -42.96 1.12 -12.63
N ALA A 266 -42.43 0.00 -13.09
CA ALA A 266 -42.31 -1.17 -12.21
C ALA A 266 -41.42 -0.86 -11.00
N VAL A 267 -40.35 -0.10 -11.19
CA VAL A 267 -39.41 0.18 -10.09
C VAL A 267 -39.97 1.19 -9.07
N ASP A 268 -40.42 2.35 -9.52
CA ASP A 268 -40.96 3.37 -8.61
C ASP A 268 -41.83 2.80 -7.52
N GLN A 269 -42.54 1.78 -7.93
CA GLN A 269 -43.62 1.19 -7.17
C GLN A 269 -43.12 0.07 -6.33
N GLY A 270 -41.87 -0.31 -6.55
CA GLY A 270 -41.21 -1.16 -5.61
C GLY A 270 -40.94 -2.56 -6.10
N LEU A 271 -41.12 -2.78 -7.40
CA LEU A 271 -40.76 -4.07 -7.97
C LEU A 271 -39.32 -4.07 -8.42
N HIS A 272 -38.69 -5.20 -8.21
CA HIS A 272 -37.39 -5.48 -8.78
C HIS A 272 -37.58 -5.87 -10.24
N LEU A 273 -36.46 -6.08 -10.95
CA LEU A 273 -36.48 -6.42 -12.37
C LEU A 273 -35.76 -7.73 -12.69
N LEU A 274 -36.44 -8.57 -13.44
CA LEU A 274 -35.90 -9.82 -13.91
C LEU A 274 -36.07 -9.84 -15.42
N PHE A 275 -34.99 -9.58 -16.12
CA PHE A 275 -35.00 -9.65 -17.56
C PHE A 275 -34.85 -11.09 -18.03
N THR A 276 -35.88 -11.63 -18.69
CA THR A 276 -35.84 -12.96 -19.24
C THR A 276 -34.99 -12.87 -20.53
N PRO A 277 -34.53 -14.01 -21.07
CA PRO A 277 -33.55 -13.91 -22.15
C PRO A 277 -34.17 -13.38 -23.41
N GLY A 278 -33.56 -12.32 -23.93
CA GLY A 278 -34.04 -11.69 -25.14
C GLY A 278 -33.26 -10.41 -25.37
N VAL A 279 -33.69 -9.69 -26.40
CA VAL A 279 -33.11 -8.45 -26.84
C VAL A 279 -34.19 -7.37 -26.78
N TYR A 280 -33.93 -6.33 -25.98
CA TYR A 280 -34.89 -5.35 -25.60
C TYR A 280 -34.46 -3.96 -26.03
N HIS A 281 -35.23 -3.34 -26.91
CA HIS A 281 -34.92 -1.96 -27.27
C HIS A 281 -35.59 -1.01 -26.29
N VAL A 282 -34.96 0.15 -26.09
CA VAL A 282 -35.61 1.19 -25.37
C VAL A 282 -35.37 2.53 -26.07
N ASP A 283 -36.36 3.42 -25.93
CA ASP A 283 -36.37 4.74 -26.48
C ASP A 283 -36.14 5.79 -25.40
N GLN A 284 -35.89 5.33 -24.18
CA GLN A 284 -35.54 6.22 -23.07
C GLN A 284 -34.76 5.39 -22.04
N PRO A 285 -33.91 6.04 -21.21
CA PRO A 285 -33.10 5.35 -20.20
C PRO A 285 -33.93 4.52 -19.22
N ILE A 286 -33.47 3.30 -18.96
CA ILE A 286 -33.99 2.59 -17.81
C ILE A 286 -33.47 3.32 -16.57
N GLU A 287 -34.39 3.67 -15.68
CA GLU A 287 -34.09 4.46 -14.51
C GLU A 287 -34.32 3.62 -13.24
N ILE A 288 -33.27 3.46 -12.45
CA ILE A 288 -33.41 2.79 -11.17
C ILE A 288 -33.06 3.79 -10.10
N ASP A 289 -34.09 4.38 -9.51
CA ASP A 289 -33.83 5.23 -8.32
C ASP A 289 -34.60 4.81 -7.08
N ARG A 290 -34.47 3.56 -6.74
CA ARG A 290 -35.05 3.05 -5.52
C ARG A 290 -33.99 2.19 -4.88
N ALA A 291 -33.71 2.49 -3.61
CA ALA A 291 -32.73 1.75 -2.89
C ALA A 291 -32.97 0.24 -2.93
N ASN A 292 -31.86 -0.49 -2.99
CA ASN A 292 -31.83 -1.95 -2.89
C ASN A 292 -32.43 -2.73 -4.05
N THR A 293 -32.81 -2.04 -5.10
CA THR A 293 -33.37 -2.70 -6.29
C THR A 293 -32.42 -3.70 -6.90
N VAL A 294 -32.96 -4.87 -7.22
CA VAL A 294 -32.24 -5.84 -8.04
C VAL A 294 -32.71 -5.76 -9.48
N ALA A 295 -31.74 -5.75 -10.40
CA ALA A 295 -31.99 -5.80 -11.84
C ALA A 295 -31.17 -6.92 -12.43
N LEU A 296 -31.78 -8.08 -12.60
CA LEU A 296 -31.07 -9.33 -12.87
C LEU A 296 -31.44 -9.84 -14.25
N GLY A 297 -30.45 -10.07 -15.09
CA GLY A 297 -30.67 -10.62 -16.43
C GLY A 297 -30.40 -12.11 -16.49
N LEU A 298 -31.26 -12.81 -17.23
CA LEU A 298 -31.11 -14.25 -17.47
C LEU A 298 -30.69 -14.46 -18.95
N GLY A 299 -29.86 -15.46 -19.22
CA GLY A 299 -29.61 -15.87 -20.59
C GLY A 299 -29.03 -14.76 -21.49
N LEU A 300 -28.14 -13.92 -20.93
CA LEU A 300 -27.53 -12.81 -21.67
C LEU A 300 -28.54 -11.79 -22.23
N ALA A 301 -29.58 -11.55 -21.42
CA ALA A 301 -30.55 -10.52 -21.74
C ALA A 301 -29.82 -9.25 -22.12
N THR A 302 -30.31 -8.62 -23.19
CA THR A 302 -29.59 -7.52 -23.83
C THR A 302 -30.47 -6.30 -24.00
N ILE A 303 -29.92 -5.13 -23.66
CA ILE A 303 -30.61 -3.85 -23.79
C ILE A 303 -29.94 -3.08 -24.92
N ILE A 304 -30.74 -2.61 -25.88
CA ILE A 304 -30.25 -1.71 -26.91
C ILE A 304 -30.94 -0.36 -26.78
N PRO A 305 -30.15 0.71 -26.54
CA PRO A 305 -30.80 2.02 -26.50
C PRO A 305 -30.93 2.56 -27.91
N ASP A 306 -32.13 2.96 -28.29
CA ASP A 306 -32.33 3.58 -29.60
C ASP A 306 -32.22 5.11 -29.50
N ASN A 307 -32.12 5.79 -30.64
CA ASN A 307 -32.24 7.25 -30.72
C ASN A 307 -31.20 7.98 -29.86
N GLY A 308 -30.11 7.32 -29.62
CA GLY A 308 -28.96 7.92 -28.94
C GLY A 308 -29.15 8.07 -27.44
N VAL A 309 -30.21 7.45 -26.92
CA VAL A 309 -30.45 7.60 -25.49
C VAL A 309 -29.49 6.76 -24.65
N THR A 310 -29.42 7.04 -23.33
CA THR A 310 -28.64 6.21 -22.43
C THR A 310 -29.47 4.96 -22.13
N ALA A 311 -28.83 3.82 -21.95
CA ALA A 311 -29.57 2.59 -21.73
C ALA A 311 -30.02 2.42 -20.28
N LEU A 312 -29.14 2.73 -19.34
CA LEU A 312 -29.42 2.46 -17.96
C LEU A 312 -28.82 3.54 -17.07
N LYS A 313 -29.66 4.14 -16.23
CA LYS A 313 -29.22 5.12 -15.25
C LYS A 313 -29.72 4.77 -13.86
N VAL A 314 -28.75 4.54 -12.98
CA VAL A 314 -28.98 4.31 -11.56
C VAL A 314 -28.84 5.65 -10.83
N GLY A 315 -29.83 6.01 -10.05
CA GLY A 315 -29.74 7.23 -9.27
C GLY A 315 -28.86 7.06 -8.05
N ASP A 316 -28.91 8.07 -7.18
CA ASP A 316 -28.00 8.19 -6.07
C ASP A 316 -28.66 7.53 -4.86
N VAL A 317 -28.58 6.20 -4.81
CA VAL A 317 -29.22 5.39 -3.78
C VAL A 317 -28.31 4.21 -3.40
N ASP A 318 -28.49 3.68 -2.20
CA ASP A 318 -27.80 2.48 -1.74
C ASP A 318 -28.29 1.22 -2.45
N GLY A 319 -27.40 0.25 -2.54
CA GLY A 319 -27.75 -1.15 -2.71
C GLY A 319 -28.32 -1.66 -4.01
N VAL A 320 -28.20 -0.91 -5.12
CA VAL A 320 -28.71 -1.39 -6.38
C VAL A 320 -27.75 -2.45 -6.87
N LYS A 321 -28.33 -3.52 -7.41
CA LYS A 321 -27.55 -4.68 -7.82
C LYS A 321 -27.94 -4.95 -9.25
N VAL A 322 -27.07 -4.54 -10.16
CA VAL A 322 -27.27 -4.81 -11.58
C VAL A 322 -26.45 -6.02 -11.98
N ALA A 323 -27.06 -7.03 -12.59
CA ALA A 323 -26.43 -8.31 -12.74
C ALA A 323 -26.81 -8.98 -14.06
N GLY A 324 -25.79 -9.40 -14.83
CA GLY A 324 -25.97 -10.23 -15.99
C GLY A 324 -26.76 -9.64 -17.13
N LEU A 325 -26.39 -8.42 -17.52
CA LEU A 325 -26.99 -7.75 -18.66
C LEU A 325 -25.90 -7.37 -19.66
N LEU A 326 -26.18 -7.56 -20.96
CA LEU A 326 -25.36 -7.02 -22.05
C LEU A 326 -26.04 -5.77 -22.61
N VAL A 327 -25.35 -4.64 -22.57
CA VAL A 327 -25.83 -3.43 -23.21
C VAL A 327 -25.09 -3.27 -24.54
N ASP A 328 -25.85 -3.18 -25.62
CA ASP A 328 -25.36 -3.21 -26.99
C ASP A 328 -25.72 -1.87 -27.65
N ALA A 329 -24.71 -1.11 -28.09
CA ALA A 329 -24.98 0.21 -28.64
C ALA A 329 -25.82 0.14 -29.91
N GLY A 330 -26.63 1.17 -30.10
CA GLY A 330 -27.36 1.33 -31.36
C GLY A 330 -26.53 2.14 -32.33
N PRO A 331 -26.99 2.19 -33.60
CA PRO A 331 -26.27 2.94 -34.64
C PRO A 331 -26.15 4.45 -34.37
N VAL A 332 -27.18 5.01 -33.73
CA VAL A 332 -27.14 6.40 -33.31
C VAL A 332 -26.26 6.51 -32.09
N ASN A 333 -25.28 7.39 -32.15
CA ASN A 333 -24.37 7.56 -31.03
C ASN A 333 -25.06 7.96 -29.73
N SER A 334 -24.80 7.19 -28.69
CA SER A 334 -25.20 7.52 -27.34
C SER A 334 -24.07 8.21 -26.59
N GLU A 335 -24.40 9.32 -25.95
CA GLU A 335 -23.40 10.03 -25.13
C GLU A 335 -22.85 9.16 -24.01
N THR A 336 -23.74 8.43 -23.37
CA THR A 336 -23.38 7.40 -22.40
C THR A 336 -24.26 6.17 -22.58
N LEU A 337 -23.76 4.99 -22.24
CA LEU A 337 -24.60 3.79 -22.30
C LEU A 337 -25.09 3.38 -20.93
N VAL A 338 -24.20 3.49 -19.94
CA VAL A 338 -24.55 3.20 -18.55
C VAL A 338 -24.04 4.28 -17.62
N GLU A 339 -24.90 4.77 -16.75
CA GLU A 339 -24.47 5.71 -15.68
C GLU A 339 -24.79 5.17 -14.31
N VAL A 340 -23.83 5.25 -13.39
CA VAL A 340 -24.10 4.89 -12.03
C VAL A 340 -23.95 6.14 -11.14
N GLY A 341 -25.09 6.71 -10.86
CA GLY A 341 -25.19 7.93 -10.10
C GLY A 341 -25.11 9.16 -10.96
N SER A 342 -25.37 10.29 -10.31
CA SER A 342 -25.41 11.56 -11.01
C SER A 342 -24.06 12.21 -11.16
N ASP A 343 -23.95 13.10 -12.17
CA ASP A 343 -22.73 13.86 -12.33
C ASP A 343 -22.37 14.61 -11.05
N GLY A 344 -21.25 14.21 -10.46
CA GLY A 344 -20.76 14.69 -9.17
C GLY A 344 -21.68 14.37 -7.96
N ALA A 345 -21.96 13.09 -7.78
CA ALA A 345 -23.18 12.62 -7.11
C ALA A 345 -23.32 12.95 -5.65
N SER A 346 -22.20 12.78 -4.93
CA SER A 346 -21.91 13.38 -3.59
C SER A 346 -22.23 12.72 -2.23
N GLY A 347 -22.80 11.54 -2.20
CA GLY A 347 -23.00 10.87 -0.93
C GLY A 347 -22.25 9.57 -0.87
N ASP A 348 -22.11 9.00 0.33
CA ASP A 348 -21.54 7.67 0.44
C ASP A 348 -22.56 6.50 0.44
N HIS A 349 -22.01 5.30 0.22
CA HIS A 349 -22.81 4.09 0.18
C HIS A 349 -22.02 2.93 0.75
N ALA A 350 -21.32 3.19 1.85
CA ALA A 350 -20.27 2.29 2.32
C ALA A 350 -20.82 0.96 2.81
N ALA A 351 -21.84 1.02 3.66
CA ALA A 351 -22.33 -0.24 4.23
C ALA A 351 -23.12 -1.05 3.19
N ASN A 352 -23.69 -0.37 2.19
CA ASN A 352 -24.57 -0.98 1.19
C ASN A 352 -24.41 -0.37 -0.20
N PRO A 353 -23.31 -0.75 -0.88
CA PRO A 353 -22.99 -0.13 -2.17
C PRO A 353 -23.91 -0.57 -3.29
N THR A 354 -23.84 0.15 -4.42
CA THR A 354 -24.38 -0.31 -5.67
C THR A 354 -23.28 -1.11 -6.35
N SER A 355 -23.67 -2.16 -7.08
CA SER A 355 -22.73 -2.95 -7.90
C SER A 355 -23.17 -3.21 -9.33
N LEU A 356 -22.18 -3.38 -10.21
CA LEU A 356 -22.37 -3.97 -11.53
C LEU A 356 -21.67 -5.31 -11.54
N GLN A 357 -22.40 -6.36 -11.90
CA GLN A 357 -21.84 -7.70 -11.97
C GLN A 357 -22.25 -8.38 -13.27
N ASP A 358 -21.26 -8.93 -13.96
CA ASP A 358 -21.52 -9.51 -15.28
C ASP A 358 -22.31 -8.57 -16.14
N VAL A 359 -21.86 -7.32 -16.15
CA VAL A 359 -22.33 -6.32 -17.08
C VAL A 359 -21.36 -6.29 -18.23
N PHE A 360 -21.90 -6.43 -19.43
CA PHE A 360 -21.09 -6.40 -20.61
C PHE A 360 -21.61 -5.29 -21.49
N VAL A 361 -20.69 -4.58 -22.14
CA VAL A 361 -21.06 -3.54 -23.11
C VAL A 361 -20.39 -3.89 -24.41
N ARG A 362 -21.15 -3.79 -25.50
CA ARG A 362 -20.62 -4.03 -26.83
C ARG A 362 -20.91 -2.81 -27.69
N ILE A 363 -19.92 -2.35 -28.47
CA ILE A 363 -20.11 -1.23 -29.42
C ILE A 363 -19.74 -1.73 -30.82
N GLY A 364 -20.75 -2.06 -31.61
CA GLY A 364 -20.58 -2.60 -32.96
C GLY A 364 -20.49 -4.11 -32.99
N GLY A 365 -20.38 -4.72 -34.19
CA GLY A 365 -20.06 -6.15 -34.36
C GLY A 365 -21.25 -6.91 -34.89
N ALA A 366 -22.42 -6.42 -34.54
CA ALA A 366 -23.68 -6.95 -35.06
C ALA A 366 -24.42 -5.87 -35.85
N GLY A 367 -23.63 -5.18 -36.66
CA GLY A 367 -24.10 -3.99 -37.34
C GLY A 367 -23.62 -2.79 -36.56
N PRO A 368 -23.51 -1.62 -37.22
CA PRO A 368 -22.87 -0.47 -36.61
C PRO A 368 -23.48 -0.02 -35.27
N GLY A 369 -22.60 0.44 -34.39
CA GLY A 369 -22.99 0.99 -33.12
C GLY A 369 -21.94 2.02 -32.65
N LYS A 370 -22.36 3.00 -31.85
CA LYS A 370 -21.48 4.06 -31.40
C LYS A 370 -21.89 4.59 -30.05
N ALA A 371 -20.92 5.00 -29.24
CA ALA A 371 -21.19 5.68 -28.00
C ALA A 371 -19.92 6.39 -27.56
N THR A 372 -20.07 7.58 -26.98
CA THR A 372 -18.94 8.39 -26.55
C THR A 372 -18.22 7.79 -25.35
N THR A 373 -18.96 7.54 -24.28
CA THR A 373 -18.39 6.96 -23.04
C THR A 373 -19.35 5.85 -22.63
N SER A 374 -18.84 4.63 -22.45
CA SER A 374 -19.72 3.49 -22.24
C SER A 374 -20.30 3.40 -20.83
N ILE A 375 -19.43 3.38 -19.83
CA ILE A 375 -19.90 3.39 -18.45
C ILE A 375 -19.26 4.53 -17.73
N VAL A 376 -20.10 5.30 -17.03
CA VAL A 376 -19.66 6.36 -16.13
C VAL A 376 -20.06 5.99 -14.71
N VAL A 377 -19.06 5.91 -13.82
CA VAL A 377 -19.34 5.58 -12.43
C VAL A 377 -19.18 6.82 -11.55
N ASN A 378 -20.32 7.40 -11.19
CA ASN A 378 -20.37 8.58 -10.34
C ASN A 378 -20.44 8.29 -8.84
N SER A 379 -21.23 7.30 -8.45
CA SER A 379 -21.51 7.02 -7.03
C SER A 379 -20.32 6.49 -6.26
N ASN A 380 -20.09 7.08 -5.12
CA ASN A 380 -19.08 6.58 -4.24
C ASN A 380 -19.34 5.14 -3.80
N ASP A 381 -18.25 4.41 -3.59
CA ASP A 381 -18.27 3.10 -2.99
C ASP A 381 -18.83 1.99 -3.93
N THR A 382 -19.04 2.34 -5.18
CA THR A 382 -19.54 1.37 -6.18
C THR A 382 -18.55 0.24 -6.43
N ILE A 383 -19.11 -0.96 -6.60
CA ILE A 383 -18.35 -2.17 -6.88
C ILE A 383 -18.63 -2.62 -8.31
N ILE A 384 -17.56 -2.80 -9.07
CA ILE A 384 -17.64 -3.22 -10.45
C ILE A 384 -16.94 -4.59 -10.46
N ASP A 385 -17.73 -5.67 -10.44
CA ASP A 385 -17.24 -7.04 -10.25
C ASP A 385 -17.55 -7.89 -11.46
N HIS A 386 -16.54 -8.03 -12.28
CA HIS A 386 -16.60 -8.58 -13.63
C HIS A 386 -17.38 -7.74 -14.64
N THR A 387 -16.65 -6.97 -15.44
CA THR A 387 -17.24 -6.27 -16.57
C THR A 387 -16.38 -6.48 -17.82
N TRP A 388 -17.02 -6.58 -18.99
CA TRP A 388 -16.30 -6.51 -20.30
C TRP A 388 -16.96 -5.40 -21.09
N VAL A 389 -16.16 -4.39 -21.39
CA VAL A 389 -16.59 -3.17 -22.07
C VAL A 389 -15.75 -3.16 -23.35
N TRP A 390 -16.41 -3.45 -24.46
CA TRP A 390 -15.76 -3.93 -25.68
C TRP A 390 -16.27 -3.19 -26.93
N ARG A 391 -15.39 -2.41 -27.54
CA ARG A 391 -15.67 -1.83 -28.81
C ARG A 391 -15.28 -2.89 -29.83
N ALA A 392 -16.24 -3.36 -30.60
CA ALA A 392 -16.02 -4.55 -31.44
C ALA A 392 -14.82 -4.39 -32.38
N ASP A 393 -13.96 -5.40 -32.43
CA ASP A 393 -12.84 -5.42 -33.39
C ASP A 393 -13.08 -6.30 -34.61
N HIS A 394 -14.23 -6.96 -34.66
CA HIS A 394 -14.63 -7.80 -35.77
C HIS A 394 -16.14 -7.88 -35.78
N GLY A 395 -16.69 -8.46 -36.84
CA GLY A 395 -18.12 -8.48 -37.07
C GLY A 395 -18.63 -7.43 -38.05
N GLU A 396 -19.95 -7.27 -38.10
CA GLU A 396 -20.59 -6.31 -39.00
C GLU A 396 -20.61 -4.93 -38.34
N GLY A 397 -20.41 -3.86 -39.12
CA GLY A 397 -20.60 -2.53 -38.58
C GLY A 397 -19.46 -1.99 -37.72
N VAL A 398 -18.26 -2.38 -38.10
CA VAL A 398 -17.07 -1.99 -37.39
C VAL A 398 -16.19 -1.13 -38.33
N GLY A 399 -15.43 -0.22 -37.77
CA GLY A 399 -14.74 0.81 -38.53
C GLY A 399 -14.18 1.88 -37.59
N TRP A 400 -13.01 2.43 -37.93
CA TRP A 400 -12.34 3.41 -37.05
C TRP A 400 -13.33 4.52 -36.74
N GLU A 401 -14.12 4.88 -37.72
CA GLU A 401 -15.22 5.81 -37.54
C GLU A 401 -16.60 5.13 -37.47
N THR A 402 -16.87 4.08 -38.24
CA THR A 402 -18.21 3.49 -38.25
C THR A 402 -18.66 2.93 -36.89
N ASN A 403 -17.74 2.37 -36.12
CA ASN A 403 -18.06 2.05 -34.69
C ASN A 403 -17.14 2.76 -33.72
N ARG A 404 -16.79 4.02 -34.06
CA ARG A 404 -16.08 4.90 -33.14
C ARG A 404 -16.71 4.89 -31.73
N ALA A 405 -15.85 4.73 -30.73
CA ALA A 405 -16.25 4.80 -29.32
C ALA A 405 -15.04 5.29 -28.53
N ASP A 406 -15.08 6.54 -28.07
CA ASP A 406 -13.85 7.16 -27.58
C ASP A 406 -13.39 6.59 -26.23
N TYR A 407 -14.34 6.37 -25.34
CA TYR A 407 -14.03 6.14 -23.94
C TYR A 407 -14.79 4.93 -23.39
N GLY A 408 -14.09 4.07 -22.66
CA GLY A 408 -14.71 2.87 -22.09
C GLY A 408 -15.43 3.09 -20.77
N VAL A 409 -14.66 3.12 -19.69
CA VAL A 409 -15.14 3.44 -18.37
C VAL A 409 -14.47 4.71 -17.89
N HIS A 410 -15.29 5.56 -17.31
CA HIS A 410 -14.78 6.72 -16.57
C HIS A 410 -15.27 6.64 -15.12
N VAL A 411 -14.35 6.49 -14.17
CA VAL A 411 -14.76 6.41 -12.77
C VAL A 411 -14.55 7.78 -12.12
N LYS A 412 -15.63 8.42 -11.73
CA LYS A 412 -15.56 9.73 -11.03
C LYS A 412 -15.83 9.66 -9.53
N GLY A 413 -16.40 8.55 -9.06
CA GLY A 413 -16.66 8.38 -7.65
C GLY A 413 -15.44 7.97 -6.83
N ASP A 414 -15.55 8.16 -5.52
CA ASP A 414 -14.50 7.82 -4.58
C ASP A 414 -14.78 6.44 -4.03
N ASN A 415 -13.72 5.74 -3.65
CA ASN A 415 -13.85 4.43 -3.00
C ASN A 415 -14.43 3.35 -3.89
N VAL A 416 -14.28 3.53 -5.19
CA VAL A 416 -14.82 2.56 -6.17
C VAL A 416 -13.84 1.40 -6.32
N LEU A 417 -14.38 0.19 -6.44
CA LEU A 417 -13.58 -1.03 -6.50
C LEU A 417 -13.96 -1.74 -7.77
N ALA A 418 -12.96 -2.08 -8.58
CA ALA A 418 -13.17 -2.91 -9.77
C ALA A 418 -12.37 -4.18 -9.57
N THR A 419 -13.05 -5.33 -9.62
CA THR A 419 -12.44 -6.64 -9.53
C THR A 419 -12.82 -7.39 -10.81
N GLY A 420 -11.83 -7.65 -11.67
CA GLY A 420 -12.11 -8.36 -12.91
C GLY A 420 -12.53 -7.39 -14.02
N LEU A 421 -11.65 -6.45 -14.32
CA LEU A 421 -11.96 -5.36 -15.26
C LEU A 421 -11.38 -5.65 -16.65
N PHE A 422 -12.23 -5.80 -17.65
CA PHE A 422 -11.79 -6.10 -19.03
C PHE A 422 -12.34 -4.98 -19.95
N VAL A 423 -11.49 -4.18 -20.59
CA VAL A 423 -11.95 -3.06 -21.39
C VAL A 423 -11.06 -2.94 -22.64
N GLU A 424 -11.65 -3.00 -23.84
CA GLU A 424 -10.84 -3.15 -25.06
C GLU A 424 -11.32 -2.34 -26.25
N HIS A 425 -10.31 -1.74 -26.90
CA HIS A 425 -10.32 -1.26 -28.29
C HIS A 425 -10.89 0.15 -28.49
N PHE A 426 -11.05 0.91 -27.43
CA PHE A 426 -11.57 2.27 -27.58
C PHE A 426 -10.64 3.22 -28.37
N ASN A 427 -11.22 4.22 -29.04
CA ASN A 427 -10.41 5.13 -29.87
C ASN A 427 -9.46 5.98 -29.02
N LYS A 428 -9.92 6.35 -27.83
CA LYS A 428 -9.15 7.13 -26.88
C LYS A 428 -8.90 6.33 -25.59
N TYR A 429 -9.12 6.92 -24.42
CA TYR A 429 -8.79 6.22 -23.18
C TYR A 429 -9.79 5.10 -22.89
N ASP A 430 -9.32 3.87 -22.75
CA ASP A 430 -10.20 2.76 -22.43
C ASP A 430 -10.79 2.94 -21.03
N VAL A 431 -9.92 3.23 -20.08
CA VAL A 431 -10.32 3.52 -18.70
C VAL A 431 -9.68 4.80 -18.24
N GLN A 432 -10.54 5.69 -17.70
CA GLN A 432 -10.15 6.91 -16.98
C GLN A 432 -10.61 6.82 -15.52
N TRP A 433 -9.74 7.24 -14.61
CA TRP A 433 -10.04 7.24 -13.20
C TRP A 433 -9.75 8.58 -12.58
N SER A 434 -10.82 9.30 -12.26
CA SER A 434 -10.67 10.65 -11.72
C SER A 434 -10.88 10.67 -10.24
N GLY A 435 -11.83 9.85 -9.78
CA GLY A 435 -12.20 9.77 -8.38
C GLY A 435 -11.07 9.38 -7.47
N GLU A 436 -11.27 9.56 -6.16
CA GLU A 436 -10.25 9.25 -5.19
C GLU A 436 -10.27 7.83 -4.68
N ASN A 437 -9.07 7.30 -4.41
CA ASN A 437 -8.95 6.10 -3.64
C ASN A 437 -9.59 4.88 -4.35
N GLY A 438 -9.41 4.87 -5.65
CA GLY A 438 -9.90 3.76 -6.43
C GLY A 438 -8.98 2.57 -6.27
N LYS A 439 -9.55 1.39 -6.52
CA LYS A 439 -8.80 0.14 -6.49
C LYS A 439 -9.23 -0.73 -7.65
N THR A 440 -8.25 -1.26 -8.38
CA THR A 440 -8.51 -2.23 -9.43
C THR A 440 -7.69 -3.48 -9.18
N ILE A 441 -8.40 -4.61 -9.06
CA ILE A 441 -7.78 -5.93 -8.97
C ILE A 441 -8.09 -6.68 -10.23
N PHE A 442 -7.05 -6.87 -11.04
CA PHE A 442 -7.09 -7.43 -12.40
C PHE A 442 -7.64 -6.50 -13.48
N TYR A 443 -6.77 -6.21 -14.45
CA TYR A 443 -7.17 -5.47 -15.66
C TYR A 443 -6.62 -6.11 -16.92
N GLN A 444 -7.49 -6.27 -17.89
CA GLN A 444 -7.10 -6.74 -19.21
C GLN A 444 -7.60 -5.74 -20.26
N ASN A 445 -6.67 -5.33 -21.11
CA ASN A 445 -6.95 -4.43 -22.20
C ASN A 445 -6.24 -4.88 -23.46
N ALA A 446 -6.93 -4.69 -24.59
CA ALA A 446 -6.26 -4.60 -25.90
C ALA A 446 -6.50 -3.19 -26.45
N LYS A 447 -5.56 -2.72 -27.24
CA LYS A 447 -5.68 -1.40 -27.87
C LYS A 447 -6.60 -1.50 -29.08
N ALA A 448 -7.07 -0.37 -29.57
CA ALA A 448 -7.76 -0.36 -30.84
C ALA A 448 -6.85 -0.90 -31.93
N TYR A 449 -7.32 -1.95 -32.64
CA TYR A 449 -6.50 -2.61 -33.65
C TYR A 449 -6.60 -1.92 -35.02
N ASP A 450 -7.63 -1.08 -35.19
CA ASP A 450 -7.95 -0.49 -36.50
C ASP A 450 -7.37 0.92 -36.79
N ALA A 451 -6.72 1.51 -35.79
CA ALA A 451 -6.08 2.80 -35.90
C ALA A 451 -5.35 2.94 -37.23
N PRO A 452 -5.69 3.96 -38.02
CA PRO A 452 -5.07 3.90 -39.37
C PRO A 452 -3.63 4.46 -39.46
N ASP A 453 -3.18 5.17 -38.44
CA ASP A 453 -1.96 5.96 -38.59
C ASP A 453 -1.68 6.59 -37.24
N GLN A 454 -0.42 7.03 -37.05
CA GLN A 454 -0.03 7.68 -35.79
C GLN A 454 -0.84 8.95 -35.43
N ALA A 455 -1.25 9.74 -36.41
CA ALA A 455 -1.95 11.00 -36.07
C ALA A 455 -3.30 10.83 -35.39
N ALA A 456 -4.02 9.79 -35.82
CA ALA A 456 -5.34 9.41 -35.29
C ALA A 456 -5.39 9.18 -33.78
N ILE A 457 -4.24 8.84 -33.20
CA ILE A 457 -4.14 8.48 -31.79
C ILE A 457 -3.23 9.43 -31.03
N GLN A 458 -2.78 10.47 -31.70
CA GLN A 458 -1.93 11.44 -31.04
C GLN A 458 -2.75 12.13 -29.93
N ASN A 459 -2.18 12.15 -28.71
CA ASN A 459 -2.79 12.60 -27.47
C ASN A 459 -1.97 13.77 -26.96
N GLY A 460 -1.81 14.83 -27.78
CA GLY A 460 -1.00 15.98 -27.38
C GLY A 460 0.48 15.68 -27.51
N ASP A 461 1.20 15.77 -26.40
CA ASP A 461 2.59 15.32 -26.34
C ASP A 461 2.71 13.82 -26.21
N ILE A 462 1.59 13.10 -26.19
CA ILE A 462 1.66 11.64 -26.08
C ILE A 462 1.27 10.92 -27.38
N LYS A 463 2.02 9.88 -27.79
CA LYS A 463 1.53 8.96 -28.85
C LYS A 463 0.55 7.92 -28.31
N GLY A 464 -0.68 7.98 -28.80
CA GLY A 464 -1.74 7.14 -28.30
C GLY A 464 -2.30 7.58 -26.97
N TYR A 465 -3.37 6.90 -26.55
CA TYR A 465 -4.03 7.11 -25.28
C TYR A 465 -3.81 5.91 -24.39
N ALA A 466 -3.50 6.16 -23.15
CA ALA A 466 -3.34 5.06 -22.21
C ALA A 466 -4.55 4.17 -22.23
N ALA A 467 -4.32 2.88 -22.05
CA ALA A 467 -5.43 1.97 -21.71
C ALA A 467 -6.06 2.27 -20.35
N TYR A 468 -5.28 2.78 -19.42
CA TYR A 468 -5.74 3.04 -18.04
C TYR A 468 -4.99 4.25 -17.54
N LYS A 469 -5.75 5.33 -17.42
CA LYS A 469 -5.27 6.61 -16.95
C LYS A 469 -5.84 6.99 -15.58
N VAL A 470 -4.96 7.32 -14.65
CA VAL A 470 -5.35 7.99 -13.43
C VAL A 470 -5.10 9.50 -13.58
N ASP A 471 -6.13 10.30 -13.33
CA ASP A 471 -6.03 11.74 -13.47
C ASP A 471 -4.95 12.40 -12.62
N ASP A 472 -4.50 13.56 -13.12
CA ASP A 472 -3.74 14.53 -12.36
C ASP A 472 -4.47 15.54 -11.51
N SER A 473 -4.94 14.92 -10.48
CA SER A 473 -5.46 15.55 -9.34
C SER A 473 -5.73 14.43 -8.34
N VAL A 474 -5.35 13.20 -8.67
CA VAL A 474 -5.57 12.08 -7.77
C VAL A 474 -4.42 11.87 -6.77
N THR A 475 -4.80 11.68 -5.51
CA THR A 475 -3.83 11.52 -4.45
C THR A 475 -3.67 10.06 -4.09
N THR A 476 -4.77 9.29 -4.19
CA THR A 476 -4.81 7.91 -3.73
C THR A 476 -5.42 7.02 -4.84
N HIS A 477 -4.70 5.99 -5.25
CA HIS A 477 -5.19 4.97 -6.21
C HIS A 477 -4.36 3.71 -6.01
N GLU A 478 -4.90 2.55 -6.31
CA GLU A 478 -4.06 1.35 -6.33
C GLU A 478 -4.59 0.28 -7.31
N GLY A 479 -3.66 -0.34 -8.04
CA GLY A 479 -3.98 -1.32 -9.06
C GLY A 479 -3.06 -2.52 -8.97
N TRP A 480 -3.64 -3.71 -9.15
CA TRP A 480 -2.88 -4.96 -9.13
C TRP A 480 -3.16 -5.81 -10.33
N GLY A 481 -2.10 -6.26 -11.00
CA GLY A 481 -2.25 -7.32 -12.01
C GLY A 481 -2.91 -6.85 -13.31
N MET A 482 -2.22 -5.99 -14.05
CA MET A 482 -2.83 -5.23 -15.12
C MET A 482 -2.01 -5.26 -16.43
N GLY A 483 -2.65 -5.66 -17.52
CA GLY A 483 -1.99 -5.76 -18.80
C GLY A 483 -2.75 -5.05 -19.93
N SER A 484 -1.96 -4.50 -20.84
CA SER A 484 -2.50 -3.89 -22.07
C SER A 484 -1.76 -4.48 -23.29
N TYR A 485 -2.52 -4.94 -24.29
CA TYR A 485 -1.92 -5.53 -25.50
C TYR A 485 -2.24 -4.70 -26.76
N CYS A 486 -1.33 -4.71 -27.72
CA CYS A 486 -1.57 -4.02 -29.00
C CYS A 486 -1.50 -4.98 -30.20
N TYR A 487 -2.30 -4.70 -31.22
CA TYR A 487 -2.32 -5.42 -32.49
C TYR A 487 -2.76 -4.44 -33.55
N PHE A 488 -1.83 -3.57 -33.92
CA PHE A 488 -2.15 -2.50 -34.84
C PHE A 488 -2.00 -3.08 -36.23
N ASN A 489 -2.99 -3.85 -36.67
CA ASN A 489 -2.83 -4.62 -37.92
C ASN A 489 -3.09 -3.76 -39.16
N VAL A 490 -3.97 -2.78 -39.05
CA VAL A 490 -4.11 -1.84 -40.15
C VAL A 490 -2.81 -1.07 -40.41
N ASN A 491 -2.09 -0.67 -39.36
CA ASN A 491 -0.80 0.04 -39.53
C ASN A 491 0.19 -0.36 -38.44
N PRO A 492 0.94 -1.45 -38.67
CA PRO A 492 1.85 -1.92 -37.61
C PRO A 492 3.15 -1.12 -37.45
N ASP A 493 3.33 -0.01 -38.16
CA ASP A 493 4.44 0.88 -37.84
C ASP A 493 4.06 1.87 -36.70
N ILE A 494 2.81 1.81 -36.26
CA ILE A 494 2.34 2.62 -35.16
C ILE A 494 3.11 2.33 -33.85
N ARG A 495 3.24 3.37 -33.05
CA ARG A 495 3.77 3.30 -31.68
C ARG A 495 2.76 3.77 -30.62
N GLN A 496 2.67 2.99 -29.54
CA GLN A 496 1.85 3.32 -28.38
C GLN A 496 2.81 3.66 -27.24
N GLN A 497 2.76 4.87 -26.70
CA GLN A 497 3.81 5.28 -25.74
C GLN A 497 3.75 4.44 -24.51
N HIS A 498 2.54 4.19 -24.01
CA HIS A 498 2.39 3.40 -22.77
C HIS A 498 1.04 2.71 -22.63
N GLY A 499 0.97 1.69 -21.76
CA GLY A 499 -0.30 1.11 -21.40
C GLY A 499 -1.03 1.89 -20.33
N PHE A 500 -0.25 2.48 -19.42
CA PHE A 500 -0.74 3.12 -18.18
C PHE A 500 -0.17 4.53 -18.05
N GLN A 501 -0.95 5.42 -17.46
CA GLN A 501 -0.47 6.76 -17.15
C GLN A 501 -1.04 7.27 -15.85
N ALA A 502 -0.19 7.86 -15.03
CA ALA A 502 -0.59 8.30 -13.68
C ALA A 502 0.45 9.25 -13.15
N PRO A 503 0.06 10.07 -12.18
CA PRO A 503 1.05 10.91 -11.51
C PRO A 503 1.97 10.03 -10.70
N VAL A 504 3.19 10.50 -10.49
CA VAL A 504 4.10 9.93 -9.49
C VAL A 504 3.86 10.65 -8.16
N LYS A 505 3.34 9.89 -7.20
CA LYS A 505 2.88 10.41 -5.90
C LYS A 505 2.76 9.22 -4.99
N PRO A 506 3.08 9.42 -3.70
CA PRO A 506 3.03 8.29 -2.78
C PRO A 506 1.70 7.53 -2.72
N GLY A 507 0.59 8.25 -2.80
CA GLY A 507 -0.71 7.63 -2.70
C GLY A 507 -1.19 6.90 -3.95
N VAL A 508 -0.43 6.99 -5.07
CA VAL A 508 -0.78 6.33 -6.36
C VAL A 508 0.18 5.15 -6.70
N LYS A 509 -0.34 3.93 -6.56
CA LYS A 509 0.49 2.72 -6.54
C LYS A 509 0.00 1.70 -7.55
N PHE A 510 0.93 1.04 -8.24
CA PHE A 510 0.61 -0.10 -9.09
C PHE A 510 1.49 -1.30 -8.75
N HIS A 511 0.95 -2.49 -9.02
CA HIS A 511 1.65 -3.73 -8.87
C HIS A 511 1.41 -4.61 -10.06
N ASP A 512 2.52 -5.13 -10.60
CA ASP A 512 2.49 -6.15 -11.64
C ASP A 512 1.77 -5.66 -12.88
N LEU A 513 2.42 -4.72 -13.55
CA LEU A 513 1.94 -4.10 -14.77
C LEU A 513 2.69 -4.70 -15.94
N LEU A 514 1.99 -4.83 -17.03
CA LEU A 514 2.66 -5.27 -18.25
C LEU A 514 2.01 -4.86 -19.57
N VAL A 515 2.83 -4.76 -20.62
CA VAL A 515 2.34 -4.51 -21.97
C VAL A 515 2.93 -5.52 -22.92
N VAL A 516 2.14 -5.88 -23.92
CA VAL A 516 2.54 -6.88 -24.89
C VAL A 516 2.15 -6.47 -26.31
N SER A 517 3.10 -6.57 -27.22
CA SER A 517 2.79 -6.45 -28.64
C SER A 517 2.46 -7.81 -29.26
N LEU A 518 1.28 -7.90 -29.86
CA LEU A 518 0.85 -9.16 -30.45
C LEU A 518 1.39 -9.33 -31.90
N GLY A 519 2.43 -10.14 -32.07
CA GLY A 519 2.95 -10.39 -33.40
C GLY A 519 3.63 -9.19 -34.07
N GLY A 520 4.32 -8.36 -33.29
CA GLY A 520 5.04 -7.22 -33.83
C GLY A 520 4.19 -6.16 -34.51
N LYS A 521 2.89 -6.24 -34.29
CA LYS A 521 1.94 -5.32 -34.89
C LYS A 521 1.82 -4.04 -34.05
N GLY A 522 2.68 -3.09 -34.34
CA GLY A 522 2.87 -1.97 -33.46
C GLY A 522 3.77 -2.38 -32.33
N GLN A 523 4.27 -1.38 -31.60
CA GLN A 523 5.01 -1.62 -30.38
C GLN A 523 4.67 -0.58 -29.32
N TYR A 524 4.88 -0.94 -28.07
CA TYR A 524 4.83 0.03 -26.98
C TYR A 524 6.21 0.66 -26.76
N GLU A 525 6.26 1.94 -26.43
CA GLU A 525 7.51 2.63 -26.10
C GLU A 525 7.94 2.41 -24.65
N HIS A 526 6.92 2.24 -23.81
CA HIS A 526 7.11 2.13 -22.36
C HIS A 526 5.93 1.37 -21.80
N VAL A 527 5.99 1.00 -20.51
CA VAL A 527 4.85 0.39 -19.83
C VAL A 527 3.89 1.42 -19.22
N ILE A 528 4.41 2.30 -18.38
CA ILE A 528 3.64 3.33 -17.73
C ILE A 528 4.40 4.67 -17.77
N ASN A 529 3.69 5.75 -18.10
CA ASN A 529 4.35 7.02 -18.26
C ASN A 529 5.52 6.82 -19.23
N ASP A 530 6.76 7.13 -18.82
CA ASP A 530 7.97 6.81 -19.60
C ASP A 530 8.89 5.78 -18.92
N ILE A 531 8.27 4.96 -18.08
CA ILE A 531 8.89 3.87 -17.34
C ILE A 531 8.62 2.54 -17.98
N GLY A 532 9.60 1.65 -17.94
CA GLY A 532 9.47 0.29 -18.41
C GLY A 532 9.97 0.23 -19.83
N ASP A 533 10.44 -0.94 -20.24
CA ASP A 533 11.07 -1.12 -21.53
C ASP A 533 10.05 -1.05 -22.65
N PRO A 534 10.49 -0.64 -23.84
CA PRO A 534 9.58 -0.81 -24.97
C PRO A 534 9.43 -2.29 -25.25
N THR A 535 8.38 -2.69 -25.98
CA THR A 535 8.31 -4.04 -26.48
C THR A 535 9.12 -4.15 -27.76
N SER A 536 9.73 -5.32 -27.98
CA SER A 536 10.58 -5.53 -29.15
C SER A 536 10.30 -6.84 -29.91
N GLY A 537 10.87 -6.95 -31.10
CA GLY A 537 10.71 -8.13 -31.97
C GLY A 537 9.25 -8.39 -32.36
N ASP A 538 9.00 -9.60 -32.86
CA ASP A 538 7.64 -10.03 -33.24
C ASP A 538 7.23 -11.31 -32.50
N THR A 539 7.85 -11.49 -31.35
CA THR A 539 7.79 -12.74 -30.56
C THR A 539 6.81 -12.71 -29.39
N THR A 540 6.15 -11.58 -29.21
CA THR A 540 5.07 -11.46 -28.25
C THR A 540 5.61 -11.73 -26.83
N ILE A 541 6.65 -11.01 -26.48
CA ILE A 541 7.22 -11.09 -25.15
C ILE A 541 6.87 -9.83 -24.34
N PRO A 542 6.22 -10.00 -23.17
CA PRO A 542 5.83 -8.80 -22.40
C PRO A 542 6.98 -7.98 -21.86
N SER A 543 6.75 -6.69 -21.67
CA SER A 543 7.62 -5.82 -20.90
C SER A 543 6.87 -5.49 -19.62
N GLN A 544 7.54 -5.57 -18.46
CA GLN A 544 6.83 -5.47 -17.19
C GLN A 544 7.43 -4.46 -16.29
N VAL A 545 6.58 -4.00 -15.41
CA VAL A 545 7.03 -3.18 -14.32
C VAL A 545 6.40 -3.83 -13.08
N VAL A 546 7.23 -4.13 -12.08
CA VAL A 546 6.77 -4.82 -10.89
C VAL A 546 6.11 -3.80 -9.92
N SER A 547 6.75 -2.65 -9.71
CA SER A 547 6.13 -1.58 -8.88
C SER A 547 6.28 -0.15 -9.37
N PHE A 548 5.24 0.59 -9.08
CA PHE A 548 5.13 1.98 -9.39
C PHE A 548 4.35 2.53 -8.20
N PRO A 549 4.98 3.29 -7.30
CA PRO A 549 6.40 3.45 -6.97
C PRO A 549 6.75 2.36 -5.98
N VAL B 2 -14.20 14.93 18.91
CA VAL B 2 -13.01 14.85 19.77
C VAL B 2 -13.16 13.96 21.04
N VAL B 3 -13.32 12.66 20.85
CA VAL B 3 -13.50 11.76 22.00
C VAL B 3 -12.26 10.89 22.21
N GLY B 4 -12.02 10.44 23.44
CA GLY B 4 -10.74 9.87 23.78
C GLY B 4 -10.77 8.37 23.55
N GLY B 5 -9.58 7.76 23.40
CA GLY B 5 -9.46 6.32 23.24
C GLY B 5 -9.96 5.76 21.91
N GLY B 6 -10.45 4.53 21.93
CA GLY B 6 -10.97 3.90 20.74
C GLY B 6 -9.92 3.11 19.95
N ASP B 7 -10.31 2.69 18.77
CA ASP B 7 -9.54 1.67 18.09
C ASP B 7 -8.29 2.24 17.42
N LEU B 8 -7.21 1.46 17.43
CA LEU B 8 -5.90 1.94 16.96
C LEU B 8 -5.68 2.02 15.44
N GLY B 9 -6.54 1.39 14.64
CA GLY B 9 -6.47 1.49 13.20
C GLY B 9 -5.76 0.35 12.48
N PRO B 10 -5.90 0.26 11.13
CA PRO B 10 -5.47 -0.98 10.49
C PRO B 10 -3.97 -1.07 10.30
N ASN B 11 -3.28 0.06 10.45
CA ASN B 11 -1.84 0.08 10.36
C ASN B 11 -1.13 -0.40 11.61
N VAL B 12 -1.92 -0.73 12.64
CA VAL B 12 -1.38 -1.35 13.82
C VAL B 12 -1.89 -2.77 13.86
N LEU B 13 -0.96 -3.71 13.71
CA LEU B 13 -1.25 -5.13 13.69
C LEU B 13 -0.94 -5.68 15.09
N VAL B 14 -1.91 -6.29 15.76
CA VAL B 14 -1.81 -6.62 17.19
C VAL B 14 -1.92 -8.11 17.51
N PHE B 15 -0.78 -8.77 17.39
CA PHE B 15 -0.61 -10.20 17.57
C PHE B 15 -0.73 -10.79 18.96
N ASP B 16 -1.15 -12.06 19.01
CA ASP B 16 -0.96 -12.87 20.21
C ASP B 16 -0.45 -14.27 19.82
N PRO B 17 -0.19 -15.14 20.79
CA PRO B 17 0.54 -16.34 20.38
C PRO B 17 -0.43 -17.27 19.70
N SER B 18 -1.73 -17.14 20.01
CA SER B 18 -2.86 -17.81 19.35
C SER B 18 -2.74 -17.42 17.92
N THR B 19 -2.44 -16.13 17.69
CA THR B 19 -2.76 -15.47 16.44
C THR B 19 -2.33 -16.37 15.28
N PRO B 20 -3.25 -16.58 14.31
CA PRO B 20 -2.93 -17.41 13.17
C PRO B 20 -1.91 -16.67 12.34
N ASP B 21 -0.98 -17.40 11.77
CA ASP B 21 -0.12 -16.85 10.73
C ASP B 21 0.88 -15.73 11.07
N ILE B 22 1.47 -15.78 12.26
CA ILE B 22 2.28 -14.64 12.68
C ILE B 22 3.46 -14.42 11.69
N GLN B 23 4.29 -15.43 11.47
CA GLN B 23 5.41 -15.30 10.54
C GLN B 23 4.95 -14.75 9.17
N GLY B 24 3.96 -15.37 8.53
CA GLY B 24 3.65 -15.01 7.16
C GLY B 24 3.14 -13.59 7.12
N LYS B 25 2.48 -13.22 8.20
CA LYS B 25 2.00 -11.85 8.44
C LYS B 25 3.11 -10.85 8.41
N VAL B 26 4.12 -11.06 9.23
CA VAL B 26 5.14 -10.03 9.32
C VAL B 26 6.14 -10.21 8.16
N ASP B 27 6.16 -11.40 7.55
CA ASP B 27 6.88 -11.62 6.29
C ASP B 27 6.28 -10.84 5.09
N GLU B 28 4.94 -10.63 5.13
CA GLU B 28 4.23 -9.82 4.11
C GLU B 28 4.43 -8.31 4.35
N VAL B 29 4.47 -7.88 5.61
CA VAL B 29 4.78 -6.46 5.88
C VAL B 29 6.20 -6.18 5.39
N PHE B 30 7.10 -7.12 5.69
CA PHE B 30 8.50 -6.98 5.24
C PHE B 30 8.61 -7.07 3.71
N ARG B 31 7.72 -7.81 3.06
CA ARG B 31 7.74 -7.81 1.61
C ARG B 31 7.55 -6.38 1.12
N LYS B 32 6.51 -5.74 1.64
CA LYS B 32 6.17 -4.34 1.32
C LYS B 32 7.30 -3.39 1.67
N GLN B 33 7.71 -3.43 2.92
CA GLN B 33 8.57 -2.38 3.48
C GLN B 33 10.10 -2.50 3.24
N GLU B 34 10.58 -3.70 2.92
CA GLU B 34 11.94 -3.98 2.48
C GLU B 34 12.77 -2.85 1.90
N SER B 35 12.34 -2.43 0.72
CA SER B 35 13.06 -1.47 -0.09
C SER B 35 12.31 -0.16 -0.13
N ASN B 36 11.28 0.00 0.72
CA ASN B 36 10.35 1.13 0.61
C ASN B 36 10.92 2.36 1.34
N GLN B 37 12.04 2.89 0.88
CA GLN B 37 12.80 3.86 1.67
C GLN B 37 12.06 5.21 1.86
N PHE B 38 11.30 5.60 0.85
CA PHE B 38 10.68 6.91 0.88
C PHE B 38 9.16 6.88 0.69
N GLY B 39 8.56 5.68 0.67
CA GLY B 39 7.10 5.57 0.57
C GLY B 39 6.37 5.92 1.86
N THR B 40 5.08 6.26 1.70
CA THR B 40 4.21 6.71 2.76
C THR B 40 3.58 5.62 3.64
N ASP B 41 3.79 4.34 3.30
CA ASP B 41 3.26 3.27 4.16
C ASP B 41 3.92 3.25 5.53
N ARG B 42 3.17 2.88 6.56
CA ARG B 42 3.69 2.84 7.93
C ARG B 42 3.00 1.71 8.71
N TYR B 43 3.79 1.02 9.51
CA TYR B 43 3.35 -0.14 10.26
C TYR B 43 3.86 -0.16 11.67
N ALA B 44 2.97 -0.45 12.62
CA ALA B 44 3.38 -0.85 13.98
C ALA B 44 2.92 -2.28 14.24
N LEU B 45 3.87 -3.13 14.65
CA LEU B 45 3.61 -4.53 14.97
C LEU B 45 3.67 -4.63 16.48
N MET B 46 2.54 -4.96 17.09
CA MET B 46 2.41 -4.99 18.53
C MET B 46 2.12 -6.42 18.96
N PHE B 47 2.92 -6.90 19.90
CA PHE B 47 2.80 -8.28 20.42
C PHE B 47 2.30 -8.31 21.88
N LYS B 48 1.13 -8.91 22.10
CA LYS B 48 0.63 -9.12 23.48
C LYS B 48 1.58 -9.99 24.31
N PRO B 49 1.57 -9.81 25.63
CA PRO B 49 2.34 -10.67 26.57
C PRO B 49 2.12 -12.14 26.34
N GLY B 50 3.23 -12.85 26.17
CA GLY B 50 3.20 -14.29 25.97
C GLY B 50 4.54 -14.77 25.42
N THR B 51 4.57 -16.00 24.89
CA THR B 51 5.75 -16.62 24.32
C THR B 51 5.45 -17.02 22.88
N TYR B 52 6.40 -16.77 21.99
CA TYR B 52 6.21 -16.87 20.55
C TYR B 52 7.36 -17.62 19.94
N ASN B 53 7.10 -18.84 19.49
CA ASN B 53 8.10 -19.67 18.87
C ASN B 53 8.20 -19.47 17.36
N ASP B 54 9.35 -19.86 16.81
CA ASP B 54 9.47 -20.09 15.39
C ASP B 54 9.30 -18.79 14.57
N ILE B 55 9.79 -17.71 15.14
CA ILE B 55 9.58 -16.39 14.56
C ILE B 55 10.86 -15.71 14.18
N ASN B 56 10.88 -15.18 12.96
CA ASN B 56 12.00 -14.37 12.48
C ASN B 56 11.38 -13.13 11.88
N ALA B 57 11.29 -12.09 12.68
CA ALA B 57 10.61 -10.87 12.26
C ALA B 57 11.63 -9.92 11.67
N GLN B 58 11.67 -9.90 10.36
CA GLN B 58 12.59 -9.01 9.67
C GLN B 58 11.85 -7.64 9.56
N ILE B 59 12.57 -6.58 9.87
CA ILE B 59 11.99 -5.28 10.07
C ILE B 59 12.49 -4.37 8.94
N GLY B 60 11.56 -3.95 8.07
CA GLY B 60 11.88 -3.03 6.99
C GLY B 60 11.74 -1.58 7.37
N PHE B 61 11.73 -0.71 6.36
CA PHE B 61 11.42 0.69 6.59
C PHE B 61 10.12 0.89 7.36
N TYR B 62 10.05 2.02 8.05
CA TYR B 62 8.84 2.54 8.70
C TYR B 62 7.99 1.47 9.39
N THR B 63 8.70 0.57 10.06
CA THR B 63 8.09 -0.53 10.79
C THR B 63 8.66 -0.46 12.21
N SER B 64 7.75 -0.35 13.18
CA SER B 64 8.07 -0.50 14.59
C SER B 64 7.59 -1.89 15.08
N ILE B 65 8.36 -2.49 15.97
CA ILE B 65 7.96 -3.79 16.58
C ILE B 65 8.14 -3.60 18.07
N ALA B 66 7.14 -4.01 18.85
CA ALA B 66 7.20 -3.88 20.30
C ALA B 66 6.29 -4.87 21.00
N GLY B 67 6.66 -5.15 22.24
CA GLY B 67 5.83 -5.92 23.16
C GLY B 67 4.92 -5.01 23.99
N LEU B 68 3.87 -5.60 24.52
CA LEU B 68 2.81 -4.90 25.24
C LEU B 68 2.69 -5.34 26.71
N GLY B 69 3.66 -6.10 27.23
CA GLY B 69 3.73 -6.45 28.65
C GLY B 69 4.25 -5.29 29.49
N LEU B 70 4.18 -5.35 30.84
CA LEU B 70 4.65 -4.18 31.60
C LEU B 70 6.17 -4.12 31.56
N ASN B 71 6.79 -5.29 31.38
CA ASN B 71 8.24 -5.41 31.23
C ASN B 71 8.65 -6.31 30.06
N PRO B 72 9.91 -6.20 29.59
CA PRO B 72 10.33 -6.82 28.32
C PRO B 72 10.24 -8.34 28.37
N ASP B 73 10.57 -8.90 29.53
CA ASP B 73 10.58 -10.37 29.65
C ASP B 73 9.17 -10.97 29.78
N ASP B 74 8.14 -10.14 29.53
CA ASP B 74 6.77 -10.65 29.45
C ASP B 74 6.30 -10.95 28.04
N THR B 75 7.05 -10.43 27.07
CA THR B 75 6.76 -10.67 25.65
C THR B 75 8.04 -11.20 25.05
N THR B 76 8.03 -12.51 24.88
CA THR B 76 9.20 -13.30 24.79
C THR B 76 9.18 -14.00 23.43
N PHE B 77 10.18 -13.73 22.60
CA PHE B 77 10.30 -14.40 21.29
C PHE B 77 11.38 -15.47 21.36
N ASN B 78 11.02 -16.70 21.01
CA ASN B 78 12.03 -17.72 20.70
C ASN B 78 12.30 -17.63 19.23
N GLY B 79 13.26 -16.79 18.93
CA GLY B 79 13.42 -16.25 17.61
C GLY B 79 14.03 -14.87 17.65
N ASP B 80 13.77 -14.08 16.61
CA ASP B 80 14.65 -13.01 16.21
C ASP B 80 13.86 -11.79 15.76
N VAL B 81 14.46 -10.62 15.95
CA VAL B 81 13.97 -9.37 15.36
C VAL B 81 15.13 -8.84 14.57
N THR B 82 15.10 -9.04 13.26
CA THR B 82 16.27 -8.96 12.40
C THR B 82 16.20 -7.76 11.47
N VAL B 83 17.30 -7.01 11.43
CA VAL B 83 17.58 -6.10 10.32
C VAL B 83 18.90 -6.50 9.67
N ASP B 84 18.86 -6.71 8.36
CA ASP B 84 20.02 -7.02 7.56
C ASP B 84 19.92 -6.17 6.29
N ALA B 85 20.83 -6.37 5.35
CA ALA B 85 21.00 -5.40 4.26
C ALA B 85 20.81 -6.03 2.86
N GLY B 86 19.98 -7.05 2.79
CA GLY B 86 19.79 -7.76 1.53
C GLY B 86 19.37 -6.88 0.35
N TRP B 87 18.43 -5.97 0.62
CA TRP B 87 17.81 -5.20 -0.44
C TRP B 87 18.80 -4.15 -1.01
N PHE B 88 19.89 -3.88 -0.29
CA PHE B 88 20.95 -2.96 -0.75
C PHE B 88 22.31 -3.64 -0.69
N ASP B 89 22.34 -4.90 -1.14
CA ASP B 89 23.59 -5.61 -1.51
C ASP B 89 24.72 -5.59 -0.45
N GLY B 90 24.31 -5.85 0.79
CA GLY B 90 25.20 -5.96 1.93
C GLY B 90 25.54 -4.67 2.62
N ASN B 91 25.07 -3.56 2.06
CA ASN B 91 25.38 -2.24 2.59
C ASN B 91 24.25 -1.72 3.45
N ALA B 92 24.51 -1.41 4.72
CA ALA B 92 23.44 -1.11 5.68
C ALA B 92 23.29 0.39 5.94
N THR B 93 23.98 1.23 5.16
CA THR B 93 23.95 2.66 5.42
C THR B 93 22.71 3.39 4.94
N GLN B 94 21.68 2.66 4.52
CA GLN B 94 20.40 3.27 4.34
C GLN B 94 19.31 2.55 5.14
N ASN B 95 19.71 1.78 6.16
CA ASN B 95 18.71 1.09 7.00
C ASN B 95 18.16 1.99 8.09
N PHE B 96 17.29 2.91 7.64
CA PHE B 96 16.78 3.95 8.50
C PHE B 96 15.35 3.69 8.97
N TRP B 97 14.90 4.46 9.97
CA TRP B 97 13.45 4.69 10.24
C TRP B 97 12.69 3.40 10.61
N ARG B 98 13.11 2.78 11.71
CA ARG B 98 12.43 1.59 12.21
C ARG B 98 12.75 1.44 13.70
N SER B 99 12.06 0.59 14.45
CA SER B 99 12.29 0.58 15.91
C SER B 99 11.93 -0.76 16.50
N ALA B 100 12.60 -1.08 17.59
CA ALA B 100 12.30 -2.29 18.40
C ALA B 100 12.24 -1.88 19.86
N GLU B 101 11.17 -2.28 20.55
CA GLU B 101 11.02 -1.94 21.96
C GLU B 101 10.29 -3.00 22.81
N ASN B 102 10.74 -3.17 24.04
CA ASN B 102 9.94 -3.85 25.07
C ASN B 102 9.63 -5.30 24.77
N LEU B 103 10.68 -5.99 24.33
CA LEU B 103 10.67 -7.43 24.04
C LEU B 103 11.90 -8.16 24.64
N ALA B 104 11.72 -9.46 24.90
CA ALA B 104 12.82 -10.35 25.16
C ALA B 104 13.04 -11.23 23.92
N LEU B 105 14.27 -11.38 23.50
CA LEU B 105 14.63 -12.24 22.38
C LEU B 105 15.52 -13.41 22.83
N ASN B 106 15.21 -14.59 22.32
CA ASN B 106 16.02 -15.79 22.48
C ASN B 106 16.45 -16.22 21.06
N PRO B 107 17.50 -15.60 20.55
CA PRO B 107 17.74 -15.73 19.10
C PRO B 107 18.17 -17.14 18.68
N VAL B 108 17.73 -17.54 17.51
CA VAL B 108 17.88 -18.93 17.11
C VAL B 108 19.33 -19.40 17.09
N ASN B 109 20.26 -18.61 16.57
CA ASN B 109 21.66 -19.06 16.56
C ASN B 109 22.42 -18.54 17.75
N GLY B 110 21.70 -17.93 18.68
CA GLY B 110 22.31 -17.39 19.89
C GLY B 110 22.69 -15.90 19.79
N THR B 111 22.48 -15.32 18.60
CA THR B 111 22.89 -13.96 18.29
C THR B 111 21.82 -13.32 17.42
N ASN B 112 21.27 -12.18 17.87
CA ASN B 112 20.32 -11.41 17.08
C ASN B 112 21.05 -10.35 16.24
N ARG B 113 20.65 -10.19 14.99
CA ARG B 113 21.24 -9.21 14.04
C ARG B 113 20.32 -7.94 13.95
N TRP B 114 20.81 -6.76 14.40
CA TRP B 114 20.14 -5.44 14.23
C TRP B 114 21.12 -4.55 13.45
N ALA B 115 21.26 -4.81 12.15
CA ALA B 115 22.25 -4.13 11.35
C ALA B 115 21.66 -2.86 10.75
N VAL B 116 21.58 -1.84 11.58
CA VAL B 116 20.87 -0.61 11.25
C VAL B 116 21.81 0.57 11.12
N SER B 117 21.33 1.64 10.49
CA SER B 117 22.03 2.93 10.56
C SER B 117 21.16 3.90 11.34
N GLN B 118 21.02 5.15 10.91
CA GLN B 118 20.39 6.16 11.76
C GLN B 118 18.89 5.98 11.91
N ALA B 119 18.36 6.52 13.03
CA ALA B 119 16.93 6.56 13.33
C ALA B 119 16.30 5.16 13.39
N ALA B 120 16.95 4.29 14.14
CA ALA B 120 16.52 2.89 14.27
C ALA B 120 16.68 2.40 15.71
N PRO B 121 15.98 3.06 16.65
CA PRO B 121 16.36 2.82 18.04
C PRO B 121 15.96 1.41 18.56
N PHE B 122 16.68 0.96 19.59
CA PHE B 122 16.52 -0.38 20.19
C PHE B 122 16.42 -0.04 21.67
N ARG B 123 15.19 -0.09 22.21
CA ARG B 123 14.93 0.37 23.56
C ARG B 123 14.25 -0.69 24.40
N ARG B 124 14.58 -0.70 25.68
CA ARG B 124 13.88 -1.59 26.59
C ARG B 124 13.83 -3.02 26.09
N MET B 125 14.97 -3.50 25.60
CA MET B 125 15.06 -4.86 25.05
C MET B 125 15.89 -5.75 25.99
N HIS B 126 15.55 -7.02 25.98
CA HIS B 126 16.36 -8.07 26.64
C HIS B 126 16.74 -9.07 25.57
N VAL B 127 18.03 -9.17 25.30
CA VAL B 127 18.55 -10.16 24.39
C VAL B 127 19.29 -11.25 25.15
N LYS B 128 18.78 -12.47 25.06
CA LYS B 128 19.31 -13.58 25.85
C LYS B 128 20.30 -14.30 24.92
N GLY B 129 21.38 -13.58 24.65
CA GLY B 129 22.40 -14.00 23.72
C GLY B 129 23.20 -12.77 23.30
N GLY B 130 23.77 -12.84 22.13
CA GLY B 130 24.58 -11.76 21.62
C GLY B 130 23.77 -10.90 20.68
N LEU B 131 24.37 -9.76 20.31
CA LEU B 131 23.72 -8.80 19.41
C LEU B 131 24.78 -8.39 18.41
N ASN B 132 24.52 -8.74 17.17
CA ASN B 132 25.36 -8.37 16.08
C ASN B 132 24.75 -7.16 15.38
N LEU B 133 25.55 -6.10 15.28
CA LEU B 133 25.10 -4.82 14.75
C LEU B 133 25.47 -4.65 13.27
N ALA B 134 25.91 -5.74 12.64
CA ALA B 134 26.45 -5.63 11.29
C ALA B 134 25.60 -6.44 10.31
N PRO B 135 25.60 -6.02 9.04
CA PRO B 135 24.93 -6.83 8.04
C PRO B 135 25.79 -8.04 7.74
N ASP B 136 25.18 -9.12 7.28
CA ASP B 136 25.93 -10.30 6.89
C ASP B 136 26.85 -9.87 5.79
N GLY B 137 28.13 -10.24 5.88
CA GLY B 137 29.16 -9.78 4.95
C GLY B 137 30.03 -8.67 5.52
N TYR B 138 29.60 -8.06 6.64
CA TYR B 138 30.35 -7.01 7.32
C TYR B 138 30.54 -5.75 6.43
N GLY B 139 29.61 -5.52 5.51
CA GLY B 139 29.55 -4.28 4.72
C GLY B 139 29.27 -3.03 5.56
N TRP B 140 29.16 -1.87 4.93
CA TRP B 140 29.19 -0.65 5.70
C TRP B 140 27.92 -0.42 6.54
N ALA B 141 28.11 0.30 7.65
CA ALA B 141 27.00 0.57 8.54
C ALA B 141 27.32 1.81 9.37
N SER B 142 26.28 2.59 9.65
CA SER B 142 26.44 3.88 10.33
C SER B 142 25.32 4.16 11.36
N GLY B 143 25.27 3.31 12.38
CA GLY B 143 24.32 3.44 13.47
C GLY B 143 24.80 4.41 14.53
N GLY B 144 24.24 4.38 15.74
CA GLY B 144 23.19 3.53 16.20
C GLY B 144 22.89 3.92 17.64
N TYR B 145 21.84 3.33 18.18
CA TYR B 145 21.30 3.78 19.47
C TYR B 145 20.67 2.63 20.26
N ILE B 146 21.23 2.34 21.44
CA ILE B 146 20.67 1.36 22.36
C ILE B 146 20.44 2.07 23.68
N ALA B 147 19.25 1.92 24.24
CA ALA B 147 18.97 2.40 25.58
C ALA B 147 18.11 1.45 26.39
N ASP B 148 18.34 1.49 27.71
CA ASP B 148 17.53 0.78 28.69
C ASP B 148 17.40 -0.69 28.32
N SER B 149 18.49 -1.28 27.85
CA SER B 149 18.48 -2.69 27.41
C SER B 149 19.50 -3.53 28.18
N LYS B 150 19.25 -4.83 28.15
CA LYS B 150 20.14 -5.82 28.78
C LYS B 150 20.46 -6.82 27.68
N ILE B 151 21.74 -6.85 27.25
CA ILE B 151 22.24 -7.85 26.31
C ILE B 151 23.08 -8.81 27.13
N ASP B 152 22.53 -9.97 27.45
CA ASP B 152 23.28 -10.98 28.23
C ASP B 152 24.67 -11.27 27.65
N GLY B 153 24.72 -11.44 26.33
CA GLY B 153 25.95 -11.77 25.65
C GLY B 153 26.79 -10.62 25.11
N GLU B 154 27.48 -10.89 24.01
CA GLU B 154 28.36 -9.88 23.44
C GLU B 154 27.61 -9.03 22.41
N VAL B 155 27.77 -7.71 22.48
CA VAL B 155 27.39 -6.86 21.34
C VAL B 155 28.62 -6.67 20.48
N GLY B 156 28.49 -7.07 19.22
CA GLY B 156 29.60 -6.99 18.28
C GLY B 156 29.26 -5.96 17.20
N PRO B 157 29.97 -4.85 17.17
CA PRO B 157 29.63 -3.87 16.12
C PRO B 157 30.24 -4.19 14.75
N TYR B 158 31.35 -4.92 14.74
CA TYR B 158 32.19 -5.16 13.55
C TYR B 158 32.43 -3.87 12.71
N SER B 159 31.77 -3.76 11.56
CA SER B 159 31.92 -2.60 10.66
C SER B 159 31.23 -1.31 11.10
N GLN B 160 30.34 -1.36 12.10
CA GLN B 160 29.69 -0.11 12.58
C GLN B 160 30.67 1.03 12.87
N GLN B 161 30.46 2.20 12.25
CA GLN B 161 31.45 3.25 12.40
C GLN B 161 31.47 3.77 13.82
N GLN B 162 30.27 3.91 14.36
CA GLN B 162 30.10 4.54 15.66
C GLN B 162 28.82 4.00 16.28
N TRP B 163 28.62 4.31 17.56
CA TRP B 163 27.43 3.82 18.27
C TRP B 163 27.28 4.52 19.59
N TYR B 164 26.03 4.66 20.07
CA TYR B 164 25.78 5.22 21.40
C TYR B 164 24.90 4.26 22.18
N THR B 165 25.36 3.92 23.38
CA THR B 165 24.59 3.07 24.27
C THR B 165 24.46 3.77 25.59
N ARG B 166 23.23 3.78 26.10
CA ARG B 166 23.01 4.33 27.46
C ARG B 166 22.11 3.50 28.35
N ASP B 167 22.47 3.56 29.63
CA ASP B 167 21.63 3.07 30.72
C ASP B 167 21.12 1.66 30.45
N SER B 168 22.11 0.79 30.32
CA SER B 168 21.94 -0.57 29.86
C SER B 168 22.94 -1.48 30.56
N SER B 169 22.85 -2.76 30.22
CA SER B 169 23.82 -3.77 30.65
C SER B 169 24.22 -4.61 29.45
N VAL B 170 25.52 -4.84 29.28
CA VAL B 170 26.02 -5.72 28.23
C VAL B 170 26.98 -6.75 28.85
N GLY B 171 26.96 -7.98 28.35
CA GLY B 171 27.90 -8.98 28.82
C GLY B 171 29.32 -8.63 28.37
N GLY B 172 29.43 -8.14 27.14
CA GLY B 172 30.71 -7.76 26.55
C GLY B 172 30.53 -6.86 25.34
N TRP B 173 31.63 -6.36 24.80
CA TRP B 173 31.65 -5.44 23.67
C TRP B 173 32.83 -5.76 22.73
N GLY B 174 32.53 -5.98 21.46
CA GLY B 174 33.47 -6.62 20.57
C GLY B 174 34.62 -5.75 20.08
N ASN B 175 34.36 -4.46 19.87
CA ASN B 175 35.35 -3.60 19.26
C ASN B 175 34.71 -2.26 18.98
N GLY B 176 35.55 -1.31 18.59
CA GLY B 176 35.07 -0.03 18.12
C GLY B 176 35.89 0.42 16.93
N VAL B 177 35.24 1.12 16.01
CA VAL B 177 35.80 1.55 14.73
C VAL B 177 36.24 3.01 14.81
N TRP B 178 35.29 3.96 14.78
CA TRP B 178 35.61 5.38 14.98
C TRP B 178 35.17 6.05 16.32
N ASN B 179 33.99 5.69 16.82
CA ASN B 179 33.43 6.38 18.01
C ASN B 179 32.33 5.60 18.69
N MET B 180 32.70 4.78 19.67
CA MET B 180 31.73 4.01 20.47
C MET B 180 31.71 4.75 21.80
N THR B 181 30.51 5.27 22.15
CA THR B 181 30.28 6.03 23.37
C THR B 181 29.24 5.34 24.25
N PHE B 182 29.49 5.35 25.55
CA PHE B 182 28.66 4.65 26.51
C PHE B 182 28.41 5.63 27.65
N SER B 183 27.17 5.72 28.15
CA SER B 183 26.92 6.42 29.39
C SER B 183 25.97 5.58 30.25
N GLY B 184 26.39 5.31 31.46
CA GLY B 184 25.59 4.49 32.35
C GLY B 184 25.44 3.05 31.94
N VAL B 185 26.47 2.50 31.31
CA VAL B 185 26.38 1.13 30.78
C VAL B 185 27.21 0.17 31.65
N GLU B 186 26.51 -0.77 32.26
CA GLU B 186 27.20 -1.82 33.01
C GLU B 186 27.80 -2.79 32.02
N GLY B 187 29.10 -3.04 32.10
CA GLY B 187 29.79 -3.91 31.16
C GLY B 187 30.46 -3.14 30.02
N ALA B 188 30.29 -1.82 30.02
CA ALA B 188 30.95 -1.02 28.99
C ALA B 188 32.46 -1.19 29.12
N PRO B 189 33.17 -1.29 27.99
CA PRO B 189 34.62 -1.22 28.15
C PRO B 189 35.09 0.12 28.75
N ALA B 190 36.15 0.12 29.53
CA ALA B 190 36.64 1.37 30.13
C ALA B 190 37.07 2.32 29.06
N GLN B 191 37.10 3.59 29.44
CA GLN B 191 37.61 4.69 28.62
C GLN B 191 38.97 4.32 28.06
N SER B 192 39.13 4.46 26.75
CA SER B 192 40.46 4.24 26.18
C SER B 192 40.80 5.09 24.96
N PHE B 193 39.89 5.98 24.54
CA PHE B 193 40.07 6.78 23.31
C PHE B 193 41.51 7.33 23.37
N PRO B 194 42.21 7.36 22.25
CA PRO B 194 41.75 7.08 20.89
C PRO B 194 41.70 5.60 20.52
N GLU B 195 42.32 4.73 21.31
CA GLU B 195 42.51 3.31 20.90
C GLU B 195 42.28 2.25 22.01
N PRO B 196 41.23 1.39 21.85
CA PRO B 196 40.15 1.50 20.86
C PRO B 196 39.34 2.78 21.12
N PRO B 197 38.44 3.12 20.21
CA PRO B 197 37.78 4.46 20.27
C PRO B 197 36.58 4.52 21.24
N TYR B 198 36.85 4.37 22.54
CA TYR B 198 35.84 4.15 23.56
C TYR B 198 35.73 5.33 24.49
N THR B 199 34.55 5.99 24.43
CA THR B 199 34.23 7.11 25.32
C THR B 199 33.24 6.58 26.32
N THR B 200 33.67 6.52 27.59
CA THR B 200 32.90 5.82 28.62
C THR B 200 32.67 6.70 29.84
N LEU B 201 31.39 6.93 30.11
CA LEU B 201 30.93 7.71 31.23
C LEU B 201 30.21 6.80 32.18
N GLU B 202 30.62 6.89 33.44
CA GLU B 202 30.02 6.17 34.57
C GLU B 202 28.49 6.13 34.57
N THR B 203 27.88 7.29 34.69
CA THR B 203 26.44 7.43 34.70
C THR B 203 26.07 8.44 33.63
N THR B 204 24.76 8.50 33.29
CA THR B 204 24.17 9.54 32.45
C THR B 204 23.56 10.59 33.35
N PRO B 205 23.83 11.87 33.10
CA PRO B 205 23.45 12.86 34.14
C PRO B 205 21.95 12.94 34.45
N VAL B 206 21.16 12.88 33.40
CA VAL B 206 19.70 12.86 33.51
C VAL B 206 19.23 11.97 32.37
N SER B 207 18.35 11.05 32.66
CA SER B 207 17.62 10.34 31.59
C SER B 207 16.19 10.07 32.01
N ARG B 208 15.33 9.91 31.02
CA ARG B 208 13.94 9.60 31.28
C ARG B 208 13.48 8.70 30.17
N GLU B 209 13.11 7.46 30.51
CA GLU B 209 12.83 6.52 29.46
C GLU B 209 11.60 6.92 28.65
N LYS B 210 11.62 6.51 27.37
CA LYS B 210 10.55 6.83 26.41
C LYS B 210 9.22 6.25 26.90
N PRO B 211 8.13 7.03 26.85
CA PRO B 211 6.82 6.43 27.14
C PRO B 211 6.42 5.35 26.12
N PHE B 212 5.65 4.33 26.50
CA PHE B 212 5.29 3.30 25.56
C PHE B 212 3.88 2.72 25.85
N LEU B 213 3.20 2.28 24.79
CA LEU B 213 1.91 1.60 24.90
C LEU B 213 2.14 0.22 25.56
N TYR B 214 1.25 -0.13 26.48
CA TYR B 214 1.32 -1.43 27.15
C TYR B 214 -0.02 -1.83 27.75
N LEU B 215 -0.36 -3.10 27.58
CA LEU B 215 -1.54 -3.65 28.25
C LEU B 215 -1.32 -3.94 29.74
N ASP B 216 -2.19 -3.36 30.56
CA ASP B 216 -2.54 -4.06 31.79
C ASP B 216 -3.93 -4.64 31.57
N GLY B 217 -3.95 -5.93 31.18
CA GLY B 217 -5.19 -6.67 30.91
C GLY B 217 -5.80 -6.50 29.53
N ASP B 218 -6.83 -5.67 29.51
CA ASP B 218 -7.52 -5.12 28.35
C ASP B 218 -7.74 -3.69 28.87
N ASP B 219 -6.70 -3.18 29.54
CA ASP B 219 -6.55 -1.77 29.74
C ASP B 219 -5.31 -1.35 28.93
N TYR B 220 -5.54 -0.86 27.71
CA TYR B 220 -4.44 -0.28 26.93
C TYR B 220 -4.12 1.03 27.66
N LYS B 221 -2.82 1.25 27.89
CA LYS B 221 -2.32 2.35 28.71
C LYS B 221 -0.88 2.75 28.27
N VAL B 222 -0.59 4.04 28.30
CA VAL B 222 0.77 4.44 28.02
C VAL B 222 1.53 4.58 29.35
N PHE B 223 2.63 3.85 29.46
CA PHE B 223 3.52 3.97 30.59
C PHE B 223 4.42 5.16 30.38
N VAL B 224 4.54 5.99 31.42
CA VAL B 224 5.39 7.16 31.36
C VAL B 224 6.50 6.97 32.36
N PRO B 225 7.63 6.38 31.94
CA PRO B 225 8.76 6.22 32.85
C PRO B 225 9.14 7.54 33.46
N ALA B 226 9.67 7.48 34.66
CA ALA B 226 10.00 8.67 35.36
C ALA B 226 11.50 8.88 35.31
N LYS B 227 11.88 10.06 35.75
CA LYS B 227 13.23 10.52 35.46
C LYS B 227 14.22 9.97 36.46
N ARG B 228 15.39 9.60 35.95
CA ARG B 228 16.54 9.24 36.77
C ARG B 228 17.69 10.20 36.56
N THR B 229 18.29 10.69 37.65
CA THR B 229 19.56 11.39 37.55
C THR B 229 20.69 10.39 37.90
N ASN B 230 21.87 10.48 37.28
CA ASN B 230 22.96 9.54 37.58
C ASN B 230 22.57 8.12 37.22
N ALA B 231 21.93 8.04 36.06
CA ALA B 231 21.40 6.77 35.58
C ALA B 231 22.52 5.81 35.24
N ARG B 232 22.34 4.56 35.64
CA ARG B 232 23.27 3.50 35.27
C ARG B 232 22.61 2.13 35.34
N GLY B 233 22.60 1.44 34.21
CA GLY B 233 21.92 0.17 34.06
C GLY B 233 20.46 0.37 33.64
N THR B 234 19.73 -0.72 33.44
CA THR B 234 18.35 -0.60 33.00
C THR B 234 17.47 -0.05 34.13
N SER B 235 16.32 0.44 33.71
CA SER B 235 15.31 0.94 34.61
C SER B 235 14.51 -0.18 35.31
N TRP B 236 14.47 -1.37 34.71
CA TRP B 236 13.38 -2.37 34.93
C TRP B 236 13.72 -3.74 35.49
N GLY B 237 14.97 -4.12 35.55
CA GLY B 237 15.28 -5.50 35.93
C GLY B 237 15.41 -5.45 37.45
N ASN B 238 14.30 -5.24 38.17
CA ASN B 238 14.33 -4.72 39.58
C ASN B 238 12.86 -4.54 40.14
N GLY B 239 11.86 -5.09 39.42
CA GLY B 239 10.41 -5.03 39.67
C GLY B 239 9.58 -4.02 38.79
N THR B 240 8.60 -3.27 39.32
CA THR B 240 7.94 -2.16 38.50
C THR B 240 8.83 -0.89 38.47
N PRO B 241 8.93 -0.15 37.32
CA PRO B 241 9.86 0.99 37.41
C PRO B 241 9.49 2.25 38.24
N GLU B 242 9.70 3.44 37.68
CA GLU B 242 9.15 4.66 38.27
C GLU B 242 8.29 5.36 37.23
N GLY B 243 7.03 5.68 37.58
CA GLY B 243 6.18 6.39 36.63
C GLY B 243 4.68 6.27 36.80
N GLU B 244 3.99 6.75 35.76
CA GLU B 244 2.53 6.90 35.72
C GLU B 244 2.01 6.01 34.62
N SER B 245 0.79 5.48 34.79
CA SER B 245 0.15 4.75 33.68
C SER B 245 -1.09 5.50 33.21
N LEU B 246 -0.98 6.10 32.02
CA LEU B 246 -2.12 6.83 31.53
C LEU B 246 -3.03 5.99 30.61
N PRO B 247 -4.32 5.87 31.02
CA PRO B 247 -5.18 5.04 30.21
C PRO B 247 -5.42 5.59 28.81
N LEU B 248 -5.65 4.71 27.84
CA LEU B 248 -5.80 5.17 26.46
C LEU B 248 -6.97 6.17 26.30
N ASP B 249 -7.94 6.17 27.25
CA ASP B 249 -9.09 7.12 27.18
C ASP B 249 -8.80 8.61 27.16
N GLN B 250 -7.60 9.05 27.53
CA GLN B 250 -7.29 10.50 27.36
C GLN B 250 -6.13 10.73 26.46
N PHE B 251 -6.01 9.81 25.52
CA PHE B 251 -5.31 10.13 24.28
C PHE B 251 -6.34 10.41 23.21
N TYR B 252 -6.17 11.52 22.52
CA TYR B 252 -6.77 11.67 21.21
C TYR B 252 -5.95 10.77 20.28
N VAL B 253 -6.64 9.84 19.62
CA VAL B 253 -6.01 8.92 18.65
C VAL B 253 -6.09 9.61 17.31
N VAL B 254 -4.92 10.07 16.85
CA VAL B 254 -4.75 10.72 15.56
C VAL B 254 -4.78 9.66 14.48
N LYS B 255 -5.77 9.78 13.59
CA LYS B 255 -5.86 9.10 12.28
C LYS B 255 -5.32 10.10 11.24
N PRO B 256 -4.77 9.62 10.10
CA PRO B 256 -4.46 10.63 9.05
C PRO B 256 -5.76 11.25 8.59
N GLY B 257 -5.86 12.60 8.50
CA GLY B 257 -7.15 13.24 8.24
C GLY B 257 -7.72 14.01 9.46
N ALA B 258 -7.36 13.58 10.67
CA ALA B 258 -7.30 14.52 11.79
C ALA B 258 -6.40 15.72 11.41
N THR B 259 -6.93 16.92 11.47
CA THR B 259 -6.17 18.16 11.21
C THR B 259 -5.50 18.86 12.42
N ALA B 260 -4.64 19.85 12.14
CA ALA B 260 -4.06 20.71 13.17
C ALA B 260 -5.12 21.20 14.16
N GLU B 261 -6.25 21.60 13.58
CA GLU B 261 -7.27 22.19 14.39
C GLU B 261 -7.77 21.19 15.42
N THR B 262 -8.11 19.99 14.97
CA THR B 262 -8.65 18.98 15.90
C THR B 262 -7.58 18.60 16.94
N ILE B 263 -6.36 18.39 16.49
CA ILE B 263 -5.27 17.99 17.36
C ILE B 263 -5.04 19.02 18.44
N ASN B 264 -4.95 20.26 18.04
CA ASN B 264 -4.77 21.33 19.01
C ASN B 264 -5.94 21.46 19.98
N ALA B 265 -7.15 21.24 19.47
CA ALA B 265 -8.33 21.21 20.33
C ALA B 265 -8.23 20.09 21.33
N ALA B 266 -7.68 18.94 20.93
CA ALA B 266 -7.57 17.84 21.88
C ALA B 266 -6.68 18.23 23.07
N VAL B 267 -5.59 18.91 22.78
CA VAL B 267 -4.63 19.20 23.83
C VAL B 267 -5.11 20.30 24.75
N ASP B 268 -5.76 21.31 24.16
CA ASP B 268 -6.41 22.34 24.96
C ASP B 268 -7.63 21.76 25.67
N GLN B 269 -8.02 20.56 25.26
CA GLN B 269 -9.08 19.79 25.90
C GLN B 269 -8.65 19.06 27.17
N GLY B 270 -7.35 18.85 27.34
CA GLY B 270 -6.89 17.98 28.41
C GLY B 270 -6.34 16.63 27.96
N LEU B 271 -6.49 16.33 26.67
CA LEU B 271 -6.04 15.04 26.15
C LEU B 271 -4.58 15.02 25.74
N HIS B 272 -4.01 13.84 25.86
CA HIS B 272 -2.72 13.53 25.27
C HIS B 272 -2.90 13.13 23.82
N LEU B 273 -1.80 12.87 23.13
CA LEU B 273 -1.84 12.58 21.70
C LEU B 273 -1.13 11.27 21.38
N LEU B 274 -1.83 10.37 20.71
CA LEU B 274 -1.23 9.14 20.23
C LEU B 274 -1.39 9.14 18.72
N PHE B 275 -0.28 9.30 18.00
CA PHE B 275 -0.34 9.31 16.56
C PHE B 275 -0.24 7.88 16.02
N THR B 276 -1.33 7.38 15.46
CA THR B 276 -1.27 6.06 14.83
C THR B 276 -0.40 6.11 13.60
N PRO B 277 0.06 4.94 13.09
CA PRO B 277 1.00 5.04 11.97
C PRO B 277 0.38 5.59 10.72
N GLY B 278 0.97 6.66 10.22
CA GLY B 278 0.47 7.32 9.03
C GLY B 278 1.28 8.57 8.74
N VAL B 279 0.84 9.33 7.74
CA VAL B 279 1.46 10.58 7.34
C VAL B 279 0.41 11.65 7.43
N TYR B 280 0.72 12.67 8.23
CA TYR B 280 -0.23 13.69 8.66
C TYR B 280 0.19 15.08 8.16
N HIS B 281 -0.57 15.62 7.19
CA HIS B 281 -0.29 16.99 6.74
C HIS B 281 -1.00 17.99 7.68
N VAL B 282 -0.32 19.07 8.02
CA VAL B 282 -0.92 20.09 8.86
C VAL B 282 -0.75 21.47 8.19
N ASP B 283 -1.79 22.31 8.26
CA ASP B 283 -1.76 23.69 7.75
C ASP B 283 -1.54 24.75 8.84
N GLN B 284 -1.39 24.28 10.06
CA GLN B 284 -1.15 25.07 11.27
C GLN B 284 -0.13 24.24 12.07
N PRO B 285 0.78 24.87 12.81
CA PRO B 285 1.54 24.02 13.74
C PRO B 285 0.66 23.35 14.78
N ILE B 286 1.07 22.17 15.16
CA ILE B 286 0.51 21.52 16.31
C ILE B 286 0.96 22.39 17.47
N GLU B 287 0.21 22.40 18.54
CA GLU B 287 0.54 23.29 19.64
C GLU B 287 0.35 22.56 20.94
N ILE B 288 1.46 22.35 21.63
CA ILE B 288 1.44 21.70 22.91
C ILE B 288 1.84 22.75 23.98
N ASP B 289 0.81 23.28 24.62
CA ASP B 289 0.90 24.46 25.50
C ASP B 289 0.34 24.06 26.87
N ARG B 290 0.33 22.75 27.14
CA ARG B 290 -0.09 22.22 28.43
C ARG B 290 0.94 21.28 29.07
N ALA B 291 1.18 21.51 30.35
CA ALA B 291 2.17 20.74 31.07
C ALA B 291 1.87 19.22 31.08
N ASN B 292 2.94 18.44 31.01
CA ASN B 292 2.83 16.98 31.09
C ASN B 292 2.17 16.23 29.92
N THR B 293 1.94 16.94 28.85
CA THR B 293 1.39 16.32 27.64
C THR B 293 2.35 15.33 27.04
N VAL B 294 1.86 14.11 26.83
CA VAL B 294 2.55 13.10 26.02
C VAL B 294 2.06 13.16 24.57
N ALA B 295 3.00 13.21 23.65
CA ALA B 295 2.74 13.17 22.22
C ALA B 295 3.52 12.02 21.65
N LEU B 296 2.84 10.91 21.45
CA LEU B 296 3.50 9.62 21.18
C LEU B 296 3.12 9.09 19.80
N GLY B 297 4.10 8.90 18.91
CA GLY B 297 3.86 8.28 17.62
C GLY B 297 4.15 6.80 17.61
N LEU B 298 3.33 6.05 16.88
CA LEU B 298 3.54 4.64 16.60
C LEU B 298 3.93 4.45 15.14
N GLY B 299 4.78 3.46 14.87
CA GLY B 299 5.05 3.06 13.52
C GLY B 299 5.62 4.19 12.63
N LEU B 300 6.51 5.03 13.16
CA LEU B 300 7.17 6.07 12.37
C LEU B 300 6.14 7.08 11.80
N ALA B 301 5.09 7.30 12.58
CA ALA B 301 4.14 8.38 12.35
C ALA B 301 4.86 9.66 11.97
N THR B 302 4.37 10.31 10.91
CA THR B 302 5.09 11.40 10.26
C THR B 302 4.19 12.62 10.13
N ILE B 303 4.73 13.81 10.40
CA ILE B 303 4.03 15.07 10.25
C ILE B 303 4.71 15.86 9.14
N ILE B 304 3.92 16.34 8.19
CA ILE B 304 4.38 17.20 7.12
C ILE B 304 3.69 18.54 7.25
N PRO B 305 4.48 19.61 7.51
CA PRO B 305 3.88 20.95 7.50
C PRO B 305 3.74 21.49 6.08
N ASP B 306 2.54 21.94 5.74
CA ASP B 306 2.29 22.55 4.45
C ASP B 306 2.35 24.06 4.63
N ASN B 307 2.37 24.80 3.51
CA ASN B 307 2.16 26.25 3.58
C ASN B 307 3.33 26.97 4.26
N GLY B 308 4.45 26.27 4.43
CA GLY B 308 5.64 26.80 5.08
C GLY B 308 5.53 27.00 6.58
N VAL B 309 4.57 26.33 7.20
CA VAL B 309 4.38 26.48 8.63
C VAL B 309 5.35 25.62 9.44
N THR B 310 5.45 25.94 10.72
CA THR B 310 6.16 25.10 11.69
C THR B 310 5.27 23.88 11.97
N ALA B 311 5.83 22.69 12.08
CA ALA B 311 5.02 21.49 12.29
C ALA B 311 4.65 21.34 13.77
N LEU B 312 5.59 21.61 14.66
CA LEU B 312 5.40 21.32 16.08
C LEU B 312 6.00 22.42 16.98
N LYS B 313 5.17 23.01 17.84
CA LYS B 313 5.58 24.11 18.76
C LYS B 313 5.14 23.84 20.18
N VAL B 314 6.11 23.57 21.05
CA VAL B 314 5.81 23.30 22.47
C VAL B 314 5.92 24.63 23.21
N GLY B 315 4.90 24.92 24.03
CA GLY B 315 4.92 26.09 24.91
C GLY B 315 5.88 25.97 26.08
N ASP B 316 5.86 27.01 26.94
CA ASP B 316 6.80 27.14 28.06
C ASP B 316 6.28 26.45 29.31
N VAL B 317 6.13 25.13 29.20
CA VAL B 317 5.52 24.32 30.22
C VAL B 317 6.39 23.10 30.57
N ASP B 318 6.21 22.62 31.80
CA ASP B 318 6.91 21.46 32.30
C ASP B 318 6.44 20.15 31.61
N GLY B 319 7.34 19.17 31.49
CA GLY B 319 6.95 17.79 31.37
C GLY B 319 6.38 17.27 30.06
N VAL B 320 6.52 18.01 28.99
CA VAL B 320 6.01 17.57 27.72
C VAL B 320 6.93 16.49 27.18
N LYS B 321 6.34 15.38 26.76
CA LYS B 321 7.10 14.26 26.23
C LYS B 321 6.71 13.99 24.78
N VAL B 322 7.61 14.34 23.89
CA VAL B 322 7.40 14.09 22.47
C VAL B 322 8.27 12.93 22.13
N ALA B 323 7.69 11.90 21.54
CA ALA B 323 8.51 10.74 21.24
C ALA B 323 8.01 9.94 20.04
N GLY B 324 8.97 9.47 19.25
CA GLY B 324 8.72 8.67 18.08
C GLY B 324 7.86 9.33 17.05
N LEU B 325 8.39 10.33 16.36
CA LEU B 325 7.71 11.04 15.28
C LEU B 325 8.75 11.47 14.27
N LEU B 326 8.46 11.34 12.98
CA LEU B 326 9.31 11.88 11.92
C LEU B 326 8.64 13.15 11.40
N VAL B 327 9.34 14.27 11.48
CA VAL B 327 8.85 15.51 10.86
C VAL B 327 9.54 15.65 9.52
N ASP B 328 8.74 15.71 8.43
CA ASP B 328 9.23 15.65 7.05
C ASP B 328 8.90 17.01 6.38
N ALA B 329 9.92 17.77 5.98
CA ALA B 329 9.66 19.10 5.40
C ALA B 329 8.79 19.01 4.14
N GLY B 330 7.92 20.00 3.96
CA GLY B 330 7.21 20.19 2.69
C GLY B 330 8.06 20.99 1.73
N PRO B 331 7.69 20.98 0.44
CA PRO B 331 8.57 21.74 -0.47
C PRO B 331 8.55 23.28 -0.30
N VAL B 332 7.51 23.81 0.33
CA VAL B 332 7.54 25.23 0.71
C VAL B 332 8.40 25.39 1.95
N ASN B 333 9.39 26.26 1.85
CA ASN B 333 10.31 26.43 2.99
C ASN B 333 9.62 26.81 4.28
N SER B 334 9.89 26.03 5.33
CA SER B 334 9.48 26.39 6.68
C SER B 334 10.62 27.10 7.41
N GLU B 335 10.31 28.23 8.02
CA GLU B 335 11.23 28.97 8.86
C GLU B 335 11.84 28.08 9.95
N THR B 336 11.00 27.29 10.59
CA THR B 336 11.41 26.28 11.55
C THR B 336 10.51 25.08 11.39
N LEU B 337 11.00 23.87 11.74
CA LEU B 337 10.13 22.71 11.73
C LEU B 337 9.63 22.31 13.12
N VAL B 338 10.48 22.43 14.13
CA VAL B 338 10.14 22.10 15.52
C VAL B 338 10.70 23.18 16.42
N GLU B 339 9.84 23.74 17.26
CA GLU B 339 10.29 24.66 18.31
C GLU B 339 9.93 24.15 19.70
N VAL B 340 10.91 24.16 20.61
CA VAL B 340 10.64 23.81 22.00
C VAL B 340 10.83 25.03 22.85
N GLY B 341 9.70 25.61 23.24
CA GLY B 341 9.67 26.81 24.05
C GLY B 341 9.60 28.02 23.15
N SER B 342 9.19 29.12 23.75
CA SER B 342 9.11 30.38 23.04
C SER B 342 10.46 31.01 22.73
N ASP B 343 10.49 31.91 21.73
CA ASP B 343 11.68 32.68 21.54
C ASP B 343 11.98 33.48 22.79
N GLY B 344 13.20 33.25 23.28
CA GLY B 344 13.61 33.53 24.63
C GLY B 344 13.49 32.27 25.50
N ALA B 345 12.49 32.35 26.35
CA ALA B 345 12.21 31.32 27.34
C ALA B 345 13.34 31.16 28.41
N SER B 346 12.85 31.10 29.61
CA SER B 346 13.60 31.68 30.73
C SER B 346 13.31 31.08 32.06
N GLY B 347 12.13 30.51 32.11
CA GLY B 347 11.76 29.73 33.25
C GLY B 347 12.57 28.47 33.28
N ASP B 348 12.67 27.90 34.47
CA ASP B 348 13.36 26.65 34.69
C ASP B 348 12.37 25.49 34.77
N HIS B 349 12.80 24.31 34.28
CA HIS B 349 11.99 23.08 34.25
C HIS B 349 12.84 21.90 34.80
N ALA B 350 13.56 22.10 35.91
CA ALA B 350 14.58 21.14 36.33
C ALA B 350 14.03 19.87 36.96
N ALA B 351 12.92 19.99 37.67
CA ALA B 351 12.31 18.84 38.33
C ALA B 351 11.61 17.94 37.26
N ASN B 352 10.98 18.60 36.28
CA ASN B 352 10.13 17.94 35.29
C ASN B 352 10.34 18.52 33.87
N PRO B 353 11.46 18.16 33.24
CA PRO B 353 11.82 18.70 31.92
C PRO B 353 10.89 18.25 30.78
N THR B 354 10.91 19.02 29.69
CA THR B 354 10.39 18.58 28.39
C THR B 354 11.42 17.77 27.66
N SER B 355 10.96 16.73 26.97
CA SER B 355 11.87 15.92 26.17
C SER B 355 11.44 15.71 24.70
N LEU B 356 12.45 15.41 23.89
CA LEU B 356 12.28 14.99 22.53
C LEU B 356 13.07 13.67 22.40
N GLN B 357 12.35 12.58 22.18
CA GLN B 357 12.97 11.24 22.05
C GLN B 357 12.53 10.54 20.80
N ASP B 358 13.50 9.99 20.06
CA ASP B 358 13.18 9.40 18.76
C ASP B 358 12.35 10.37 17.91
N VAL B 359 12.78 11.62 17.90
CA VAL B 359 12.25 12.62 16.97
C VAL B 359 13.25 12.72 15.84
N PHE B 360 12.74 12.47 14.64
CA PHE B 360 13.56 12.50 13.47
C PHE B 360 13.07 13.65 12.60
N VAL B 361 13.98 14.25 11.85
CA VAL B 361 13.62 15.29 10.89
C VAL B 361 14.25 14.96 9.57
N ARG B 362 13.47 15.08 8.51
CA ARG B 362 13.97 14.83 7.17
C ARG B 362 13.68 16.07 6.33
N ILE B 363 14.66 16.49 5.56
CA ILE B 363 14.54 17.60 4.66
C ILE B 363 14.85 17.10 3.24
N GLY B 364 13.81 16.84 2.44
CA GLY B 364 14.03 16.30 1.11
C GLY B 364 14.12 14.78 1.07
N GLY B 365 14.25 14.20 -0.13
CA GLY B 365 14.45 12.76 -0.26
C GLY B 365 13.24 12.00 -0.79
N ALA B 366 12.05 12.41 -0.35
CA ALA B 366 10.80 11.82 -0.84
C ALA B 366 10.13 12.79 -1.80
N GLY B 367 10.91 13.77 -2.21
CA GLY B 367 10.42 14.88 -2.97
C GLY B 367 11.08 16.09 -2.37
N PRO B 368 11.04 17.22 -3.07
CA PRO B 368 11.76 18.36 -2.53
C PRO B 368 11.16 18.86 -1.22
N GLY B 369 12.02 19.27 -0.32
CA GLY B 369 11.63 19.82 0.95
C GLY B 369 12.69 20.87 1.32
N LYS B 370 12.27 21.91 2.04
CA LYS B 370 13.17 22.93 2.56
C LYS B 370 12.78 23.48 3.92
N ALA B 371 13.76 23.82 4.74
CA ALA B 371 13.57 24.50 6.01
C ALA B 371 14.81 25.26 6.42
N THR B 372 14.63 26.40 7.07
CA THR B 372 15.75 27.23 7.45
C THR B 372 16.52 26.67 8.66
N THR B 373 15.79 26.28 9.71
CA THR B 373 16.41 25.80 10.95
C THR B 373 15.54 24.73 11.58
N SER B 374 15.97 23.47 11.51
CA SER B 374 15.04 22.38 11.77
C SER B 374 14.47 22.31 13.18
N ILE B 375 15.31 22.47 14.17
CA ILE B 375 14.83 22.35 15.56
C ILE B 375 15.45 23.43 16.39
N VAL B 376 14.58 24.26 17.01
CA VAL B 376 15.01 25.27 17.98
C VAL B 376 14.64 24.79 19.34
N VAL B 377 15.63 24.79 20.21
CA VAL B 377 15.41 24.41 21.59
C VAL B 377 15.59 25.61 22.52
N ASN B 378 14.46 26.24 22.86
CA ASN B 378 14.43 27.45 23.70
C ASN B 378 14.20 27.20 25.20
N SER B 379 13.65 26.06 25.54
CA SER B 379 13.32 25.79 26.95
C SER B 379 14.49 25.26 27.75
N ASN B 380 14.72 25.88 28.90
CA ASN B 380 15.73 25.38 29.82
C ASN B 380 15.41 23.96 30.26
N ASP B 381 16.46 23.20 30.46
CA ASP B 381 16.41 21.86 31.05
C ASP B 381 15.92 20.76 30.09
N THR B 382 15.65 21.14 28.85
CA THR B 382 15.18 20.19 27.84
C THR B 382 16.17 19.06 27.61
N ILE B 383 15.61 17.85 27.51
CA ILE B 383 16.38 16.65 27.18
C ILE B 383 16.10 16.24 25.73
N ILE B 384 17.16 16.09 24.93
CA ILE B 384 17.08 15.64 23.57
C ILE B 384 17.76 14.27 23.55
N ASP B 385 16.95 13.22 23.55
CA ASP B 385 17.44 11.85 23.77
C ASP B 385 17.13 11.01 22.54
N HIS B 386 18.11 10.96 21.65
CA HIS B 386 17.98 10.34 20.32
C HIS B 386 17.23 11.17 19.29
N THR B 387 17.99 11.92 18.54
CA THR B 387 17.44 12.55 17.33
C THR B 387 18.34 12.35 16.12
N TRP B 388 17.72 12.25 14.95
CA TRP B 388 18.40 12.32 13.65
C TRP B 388 17.74 13.43 12.87
N VAL B 389 18.55 14.45 12.57
CA VAL B 389 18.09 15.65 11.87
C VAL B 389 18.92 15.65 10.59
N TRP B 390 18.24 15.36 9.48
CA TRP B 390 18.89 14.89 8.25
C TRP B 390 18.40 15.63 7.04
N ARG B 391 19.29 16.41 6.45
CA ARG B 391 19.04 17.01 5.14
C ARG B 391 19.39 15.94 4.13
N ALA B 392 18.43 15.48 3.35
CA ALA B 392 18.65 14.29 2.53
C ALA B 392 19.83 14.43 1.55
N ASP B 393 20.69 13.41 1.49
CA ASP B 393 21.77 13.35 0.51
C ASP B 393 21.44 12.52 -0.73
N HIS B 394 20.32 11.80 -0.72
CA HIS B 394 19.94 10.95 -1.85
C HIS B 394 18.42 10.88 -1.88
N GLY B 395 17.89 10.29 -2.94
CA GLY B 395 16.44 10.31 -3.16
C GLY B 395 15.96 11.40 -4.09
N GLU B 396 14.65 11.62 -4.13
CA GLU B 396 14.03 12.62 -5.01
C GLU B 396 13.94 13.96 -4.27
N GLY B 397 14.14 15.06 -5.00
CA GLY B 397 13.95 16.38 -4.42
C GLY B 397 15.16 16.86 -3.66
N VAL B 398 16.34 16.41 -4.11
CA VAL B 398 17.62 16.74 -3.50
C VAL B 398 18.54 17.58 -4.44
N GLY B 399 19.23 18.54 -3.82
CA GLY B 399 20.13 19.46 -4.52
C GLY B 399 20.55 20.62 -3.62
N TRP B 400 21.68 21.23 -3.95
CA TRP B 400 22.26 22.29 -3.13
C TRP B 400 21.29 23.44 -2.95
N GLU B 401 20.38 23.62 -3.90
CA GLU B 401 19.27 24.56 -3.70
C GLU B 401 17.94 23.85 -3.53
N THR B 402 17.76 22.76 -4.26
CA THR B 402 16.48 22.05 -4.27
C THR B 402 15.97 21.66 -2.87
N ASN B 403 16.84 21.07 -2.05
CA ASN B 403 16.50 20.82 -0.66
C ASN B 403 17.42 21.55 0.31
N ARG B 404 17.70 22.81 -0.03
CA ARG B 404 18.44 23.72 0.84
C ARG B 404 17.90 23.67 2.28
N ALA B 405 18.82 23.52 3.22
CA ALA B 405 18.48 23.62 4.62
C ALA B 405 19.69 24.13 5.36
N ASP B 406 19.64 25.38 5.83
CA ASP B 406 20.89 25.98 6.36
C ASP B 406 21.31 25.42 7.69
N TYR B 407 20.35 25.28 8.61
CA TYR B 407 20.66 24.97 10.00
C TYR B 407 19.89 23.80 10.53
N GLY B 408 20.56 22.94 11.27
CA GLY B 408 19.94 21.73 11.79
C GLY B 408 19.27 22.02 13.11
N VAL B 409 20.10 22.07 14.13
CA VAL B 409 19.63 22.29 15.50
C VAL B 409 20.27 23.55 16.06
N HIS B 410 19.47 24.39 16.71
CA HIS B 410 19.98 25.58 17.41
C HIS B 410 19.46 25.50 18.84
N VAL B 411 20.37 25.34 19.78
CA VAL B 411 19.99 25.27 21.19
C VAL B 411 20.24 26.61 21.86
N LYS B 412 19.16 27.26 22.30
CA LYS B 412 19.22 28.58 22.94
C LYS B 412 19.00 28.50 24.44
N GLY B 413 18.37 27.42 24.91
CA GLY B 413 18.09 27.25 26.32
C GLY B 413 19.34 26.88 27.09
N ASP B 414 19.31 27.07 28.42
CA ASP B 414 20.39 26.66 29.28
C ASP B 414 20.08 25.30 29.92
N ASN B 415 21.11 24.62 30.36
CA ASN B 415 21.01 23.28 30.96
C ASN B 415 20.34 22.23 30.08
N VAL B 416 20.49 22.39 28.78
CA VAL B 416 19.97 21.39 27.81
C VAL B 416 20.93 20.22 27.67
N LEU B 417 20.36 19.01 27.58
CA LEU B 417 21.18 17.77 27.50
C LEU B 417 20.76 17.03 26.26
N ALA B 418 21.72 16.77 25.39
CA ALA B 418 21.54 15.90 24.25
C ALA B 418 22.27 14.59 24.52
N THR B 419 21.57 13.47 24.29
CA THR B 419 22.15 12.14 24.37
C THR B 419 21.83 11.42 23.05
N GLY B 420 22.85 11.07 22.28
CA GLY B 420 22.63 10.44 20.98
C GLY B 420 22.13 11.43 19.95
N LEU B 421 22.99 12.39 19.63
CA LEU B 421 22.68 13.47 18.67
C LEU B 421 23.29 13.15 17.30
N PHE B 422 22.43 12.96 16.29
CA PHE B 422 22.85 12.68 14.89
C PHE B 422 22.30 13.81 14.00
N VAL B 423 23.17 14.58 13.36
CA VAL B 423 22.74 15.73 12.55
C VAL B 423 23.61 15.83 11.30
N GLU B 424 23.01 15.80 10.13
CA GLU B 424 23.82 15.68 8.89
C GLU B 424 23.35 16.51 7.68
N HIS B 425 24.36 17.05 7.00
CA HIS B 425 24.34 17.58 5.64
C HIS B 425 23.80 19.01 5.42
N PHE B 426 23.67 19.80 6.50
CA PHE B 426 23.11 21.13 6.38
C PHE B 426 24.03 22.07 5.59
N ASN B 427 23.45 23.03 4.86
CA ASN B 427 24.25 23.99 4.10
C ASN B 427 25.15 24.85 4.95
N LYS B 428 24.74 25.10 6.18
CA LYS B 428 25.47 25.97 7.10
C LYS B 428 25.70 25.16 8.40
N TYR B 429 25.57 25.75 9.58
CA TYR B 429 25.89 25.00 10.80
C TYR B 429 24.92 23.87 11.09
N ASP B 430 25.40 22.66 11.22
CA ASP B 430 24.48 21.55 11.52
C ASP B 430 23.91 21.75 12.90
N VAL B 431 24.80 22.02 13.85
CA VAL B 431 24.43 22.29 15.24
C VAL B 431 25.08 23.56 15.72
N GLN B 432 24.23 24.43 16.28
CA GLN B 432 24.70 25.62 16.98
C GLN B 432 24.17 25.62 18.37
N TRP B 433 25.00 26.07 19.30
CA TRP B 433 24.64 26.10 20.71
C TRP B 433 25.00 27.46 21.27
N SER B 434 23.94 28.14 21.74
CA SER B 434 24.01 29.50 22.26
C SER B 434 23.72 29.56 23.76
N GLY B 435 22.96 28.58 24.27
CA GLY B 435 22.63 28.55 25.67
C GLY B 435 23.79 28.15 26.53
N GLU B 436 23.62 28.31 27.84
CA GLU B 436 24.63 28.04 28.81
C GLU B 436 24.50 26.61 29.37
N ASN B 437 25.64 26.07 29.80
CA ASN B 437 25.68 24.74 30.44
C ASN B 437 25.09 23.61 29.64
N GLY B 438 25.23 23.68 28.34
CA GLY B 438 24.85 22.56 27.49
C GLY B 438 25.81 21.36 27.63
N LYS B 439 25.26 20.17 27.39
CA LYS B 439 26.04 18.94 27.39
C LYS B 439 25.53 18.06 26.25
N THR B 440 26.47 17.53 25.48
CA THR B 440 26.18 16.53 24.45
C THR B 440 27.00 15.27 24.73
N ILE B 441 26.31 14.15 24.84
CA ILE B 441 26.94 12.85 24.96
C ILE B 441 26.62 12.08 23.68
N PHE B 442 27.66 11.91 22.87
CA PHE B 442 27.64 11.32 21.51
C PHE B 442 27.06 12.21 20.45
N TYR B 443 27.90 12.52 19.45
CA TYR B 443 27.49 13.29 18.26
C TYR B 443 28.04 12.61 17.01
N GLN B 444 27.16 12.41 16.03
CA GLN B 444 27.54 12.00 14.68
C GLN B 444 27.04 13.00 13.67
N ASN B 445 27.99 13.52 12.91
CA ASN B 445 27.72 14.44 11.79
C ASN B 445 28.39 13.94 10.50
N ALA B 446 27.72 14.17 9.38
CA ALA B 446 28.37 14.24 8.06
C ALA B 446 28.02 15.61 7.48
N LYS B 447 29.01 16.23 6.86
CA LYS B 447 28.83 17.53 6.22
C LYS B 447 28.23 17.37 4.82
N ALA B 448 27.49 18.39 4.39
CA ALA B 448 26.85 18.38 3.08
C ALA B 448 27.76 17.82 1.97
N TYR B 449 27.28 16.90 1.14
CA TYR B 449 28.10 16.27 0.08
C TYR B 449 28.15 17.18 -1.17
N ASP B 450 27.07 17.93 -1.38
CA ASP B 450 26.79 18.66 -2.62
C ASP B 450 27.28 20.10 -2.80
N ALA B 451 28.09 20.61 -1.87
CA ALA B 451 28.60 21.97 -2.05
C ALA B 451 29.34 22.02 -3.39
N PRO B 452 28.98 22.98 -4.26
CA PRO B 452 29.61 22.93 -5.59
C PRO B 452 31.03 23.45 -5.66
N ASP B 453 31.48 24.12 -4.62
CA ASP B 453 32.76 24.80 -4.68
C ASP B 453 33.01 25.47 -3.34
N GLN B 454 34.26 25.84 -3.14
CA GLN B 454 34.70 26.38 -1.88
C GLN B 454 33.84 27.58 -1.55
N ALA B 455 33.67 28.48 -2.52
CA ALA B 455 33.08 29.77 -2.21
C ALA B 455 31.64 29.62 -1.69
N ALA B 456 30.97 28.52 -2.05
CA ALA B 456 29.58 28.30 -1.63
C ALA B 456 29.43 28.05 -0.13
N ILE B 457 30.57 27.78 0.52
CA ILE B 457 30.57 27.45 1.94
C ILE B 457 31.50 28.39 2.71
N GLN B 458 31.91 29.45 2.04
CA GLN B 458 32.87 30.36 2.65
C GLN B 458 32.08 31.22 3.60
N ASN B 459 32.51 31.18 4.87
CA ASN B 459 31.70 31.56 6.02
C ASN B 459 32.51 32.62 6.81
N GLY B 460 32.58 33.83 6.23
CA GLY B 460 33.47 34.88 6.69
C GLY B 460 34.90 34.49 6.34
N ASP B 461 35.78 34.43 7.34
CA ASP B 461 37.14 33.95 7.10
C ASP B 461 37.34 32.44 7.22
N ILE B 462 36.30 31.75 7.68
CA ILE B 462 36.37 30.30 7.87
C ILE B 462 35.95 29.59 6.60
N LYS B 463 36.75 28.60 6.20
CA LYS B 463 36.39 27.69 5.13
C LYS B 463 35.34 26.72 5.71
N GLY B 464 34.11 26.82 5.23
CA GLY B 464 33.02 25.94 5.64
C GLY B 464 32.46 26.36 7.00
N TYR B 465 31.35 25.72 7.36
CA TYR B 465 30.68 25.93 8.66
C TYR B 465 30.87 24.72 9.56
N ALA B 466 31.21 24.93 10.81
CA ALA B 466 31.39 23.82 11.73
C ALA B 466 30.13 22.94 11.82
N ALA B 467 30.34 21.64 12.00
CA ALA B 467 29.25 20.73 12.31
C ALA B 467 28.61 21.03 13.68
N TYR B 468 29.40 21.55 14.58
CA TYR B 468 28.96 21.80 15.95
C TYR B 468 29.68 23.05 16.43
N LYS B 469 28.90 24.13 16.58
CA LYS B 469 29.40 25.43 16.96
C LYS B 469 28.86 25.89 18.28
N VAL B 470 29.77 26.17 19.21
CA VAL B 470 29.44 26.81 20.49
C VAL B 470 29.72 28.30 20.39
N ASP B 471 28.70 29.15 20.66
CA ASP B 471 28.86 30.61 20.55
C ASP B 471 30.04 31.09 21.45
N ASP B 472 30.75 32.11 20.99
CA ASP B 472 31.82 32.79 21.72
C ASP B 472 31.35 33.18 23.17
N SER B 473 30.12 33.65 23.31
CA SER B 473 29.73 34.14 24.64
C SER B 473 29.40 33.05 25.69
N VAL B 474 29.34 31.79 25.27
CA VAL B 474 29.08 30.68 26.21
C VAL B 474 30.16 30.56 27.29
N THR B 475 29.70 30.46 28.55
CA THR B 475 30.59 30.31 29.70
C THR B 475 30.81 28.84 30.16
N THR B 476 29.77 28.01 30.04
CA THR B 476 29.91 26.55 30.32
C THR B 476 29.34 25.69 29.17
N HIS B 477 30.04 24.60 28.87
CA HIS B 477 29.59 23.62 27.85
C HIS B 477 30.50 22.38 27.92
N GLU B 478 29.95 21.17 27.76
CA GLU B 478 30.79 19.97 27.72
C GLU B 478 30.24 19.01 26.68
N GLY B 479 31.11 18.35 25.93
CA GLY B 479 30.68 17.41 24.92
C GLY B 479 31.64 16.21 24.94
N TRP B 480 31.09 15.03 24.67
CA TRP B 480 31.87 13.78 24.75
C TRP B 480 31.56 12.91 23.53
N GLY B 481 32.60 12.43 22.85
CA GLY B 481 32.38 11.41 21.83
C GLY B 481 31.72 11.92 20.57
N MET B 482 32.43 12.80 19.87
CA MET B 482 31.83 13.55 18.79
C MET B 482 32.63 13.42 17.50
N GLY B 483 31.93 13.12 16.40
CA GLY B 483 32.60 13.04 15.10
C GLY B 483 31.86 13.74 13.98
N SER B 484 32.66 14.32 13.08
CA SER B 484 32.15 14.90 11.85
C SER B 484 32.90 14.31 10.65
N TYR B 485 32.16 13.86 9.65
CA TYR B 485 32.76 13.24 8.45
C TYR B 485 32.44 14.07 7.21
N CYS B 486 33.37 14.06 6.24
CA CYS B 486 33.12 14.74 4.97
C CYS B 486 33.23 13.79 3.79
N TYR B 487 32.45 14.12 2.76
CA TYR B 487 32.40 13.39 1.48
C TYR B 487 31.93 14.35 0.41
N PHE B 488 32.84 15.23 0.04
CA PHE B 488 32.51 16.31 -0.88
C PHE B 488 32.64 15.72 -2.26
N ASN B 489 31.55 15.07 -2.69
CA ASN B 489 31.68 14.15 -3.81
C ASN B 489 31.35 14.85 -5.11
N VAL B 490 30.67 16.00 -5.00
CA VAL B 490 30.55 16.90 -6.12
C VAL B 490 31.87 17.62 -6.44
N ASN B 491 32.59 18.06 -5.39
CA ASN B 491 33.79 18.85 -5.58
C ASN B 491 34.84 18.48 -4.54
N PRO B 492 35.60 17.41 -4.85
CA PRO B 492 36.56 16.86 -3.89
C PRO B 492 37.73 17.74 -3.57
N ASP B 493 37.84 18.90 -4.22
CA ASP B 493 38.92 19.86 -3.94
C ASP B 493 38.63 20.71 -2.71
N ILE B 494 37.39 20.65 -2.20
CA ILE B 494 36.97 21.47 -1.08
C ILE B 494 37.76 21.14 0.18
N ARG B 495 37.90 22.16 1.00
CA ARG B 495 38.49 22.07 2.32
C ARG B 495 37.49 22.55 3.36
N GLN B 496 37.33 21.75 4.44
CA GLN B 496 36.50 22.08 5.58
C GLN B 496 37.47 22.45 6.70
N GLN B 497 37.39 23.67 7.21
CA GLN B 497 38.42 24.12 8.18
C GLN B 497 38.41 23.24 9.41
N HIS B 498 37.22 22.97 9.95
CA HIS B 498 37.12 22.16 11.16
C HIS B 498 35.75 21.50 11.30
N GLY B 499 35.68 20.52 12.20
CA GLY B 499 34.43 19.86 12.55
C GLY B 499 33.67 20.67 13.59
N PHE B 500 34.45 21.30 14.47
CA PHE B 500 33.96 21.89 15.71
C PHE B 500 34.54 23.29 15.89
N GLN B 501 33.76 24.15 16.50
CA GLN B 501 34.18 25.50 16.81
C GLN B 501 33.62 25.94 18.17
N ALA B 502 34.48 26.53 18.99
CA ALA B 502 34.10 26.89 20.35
C ALA B 502 35.10 27.87 20.94
N PRO B 503 34.62 28.73 21.85
CA PRO B 503 35.58 29.58 22.56
C PRO B 503 36.49 28.80 23.44
N VAL B 504 37.59 29.46 23.82
CA VAL B 504 38.65 28.84 24.54
C VAL B 504 38.57 29.40 25.95
N LYS B 505 37.99 28.63 26.86
CA LYS B 505 37.65 29.06 28.18
C LYS B 505 37.55 27.92 29.18
N PRO B 506 37.76 28.24 30.47
CA PRO B 506 37.83 27.25 31.56
C PRO B 506 36.63 26.33 31.70
N GLY B 507 35.44 26.79 31.33
CA GLY B 507 34.24 25.99 31.51
C GLY B 507 33.71 25.38 30.22
N VAL B 508 34.43 25.53 29.11
CA VAL B 508 34.07 24.88 27.82
C VAL B 508 35.07 23.78 27.50
N LYS B 509 34.63 22.53 27.60
CA LYS B 509 35.54 21.41 27.36
C LYS B 509 34.93 20.36 26.45
N PHE B 510 35.79 19.68 25.71
CA PHE B 510 35.37 18.56 24.90
C PHE B 510 36.29 17.36 25.13
N HIS B 511 35.73 16.18 24.93
CA HIS B 511 36.40 14.92 25.10
C HIS B 511 36.17 14.04 23.90
N ASP B 512 37.26 13.57 23.29
CA ASP B 512 37.21 12.56 22.25
C ASP B 512 36.48 13.10 21.05
N LEU B 513 37.20 13.90 20.29
CA LEU B 513 36.74 14.51 19.04
C LEU B 513 37.47 13.88 17.85
N LEU B 514 36.76 13.67 16.75
CA LEU B 514 37.38 13.18 15.52
C LEU B 514 36.75 13.83 14.30
N VAL B 515 37.56 14.03 13.28
CA VAL B 515 37.03 14.25 11.94
C VAL B 515 37.60 13.26 10.96
N VAL B 516 36.83 12.98 9.89
CA VAL B 516 37.20 11.93 8.96
C VAL B 516 36.81 12.35 7.53
N SER B 517 37.76 12.28 6.59
CA SER B 517 37.40 12.37 5.17
C SER B 517 37.10 10.98 4.65
N LEU B 518 35.94 10.79 4.06
CA LEU B 518 35.61 9.49 3.46
C LEU B 518 36.24 9.33 2.04
N GLY B 519 37.26 8.50 1.87
CA GLY B 519 37.76 8.28 0.52
C GLY B 519 38.47 9.47 -0.11
N GLY B 520 38.88 10.45 0.70
CA GLY B 520 39.61 11.62 0.22
C GLY B 520 38.78 12.62 -0.56
N LYS B 521 37.48 12.53 -0.37
CA LYS B 521 36.56 13.43 -1.03
C LYS B 521 36.47 14.71 -0.22
N GLY B 522 37.42 15.61 -0.49
CA GLY B 522 37.62 16.73 0.38
C GLY B 522 38.52 16.34 1.55
N GLN B 523 38.91 17.35 2.34
CA GLN B 523 39.66 17.13 3.55
C GLN B 523 39.35 18.20 4.61
N TYR B 524 39.50 17.80 5.86
CA TYR B 524 39.50 18.75 7.00
C TYR B 524 40.88 19.34 7.17
N GLU B 525 40.99 20.58 7.63
CA GLU B 525 42.31 21.19 7.91
C GLU B 525 42.68 21.07 9.37
N HIS B 526 41.66 20.93 10.20
CA HIS B 526 41.80 20.85 11.66
C HIS B 526 40.61 20.09 12.20
N VAL B 527 40.66 19.80 13.50
CA VAL B 527 39.54 19.14 14.17
C VAL B 527 38.55 20.14 14.78
N ILE B 528 39.06 21.07 15.60
CA ILE B 528 38.21 22.07 16.28
C ILE B 528 38.90 23.42 16.16
N ASN B 529 38.22 24.51 15.82
CA ASN B 529 38.91 25.79 15.67
C ASN B 529 40.08 25.67 14.66
N ASP B 530 41.34 25.85 15.11
CA ASP B 530 42.53 25.67 14.27
C ASP B 530 43.49 24.66 14.90
N ILE B 531 42.89 23.70 15.60
CA ILE B 531 43.60 22.68 16.40
C ILE B 531 43.35 21.27 15.86
N GLY B 532 44.38 20.42 15.97
CA GLY B 532 44.31 19.05 15.53
C GLY B 532 44.73 18.95 14.08
N ASP B 533 45.23 17.79 13.70
CA ASP B 533 45.81 17.67 12.39
C ASP B 533 44.75 17.66 11.28
N PRO B 534 45.14 18.14 10.09
CA PRO B 534 44.27 17.95 8.93
C PRO B 534 44.13 16.45 8.65
N THR B 535 43.08 16.09 7.92
CA THR B 535 43.01 14.76 7.36
C THR B 535 43.89 14.74 6.14
N SER B 536 44.37 13.56 5.76
CA SER B 536 45.21 13.41 4.57
C SER B 536 45.00 12.05 3.98
N GLY B 537 45.45 11.93 2.74
CA GLY B 537 45.31 10.68 2.00
C GLY B 537 43.87 10.38 1.62
N ASP B 538 43.66 9.18 1.07
CA ASP B 538 42.32 8.68 0.74
C ASP B 538 41.96 7.39 1.50
N THR B 539 42.63 7.14 2.61
CA THR B 539 42.34 5.94 3.39
C THR B 539 41.36 6.16 4.53
N THR B 540 40.85 7.37 4.61
CA THR B 540 39.78 7.71 5.58
C THR B 540 40.21 7.33 6.98
N ILE B 541 41.35 7.88 7.37
CA ILE B 541 41.89 7.78 8.73
C ILE B 541 41.45 8.95 9.56
N PRO B 542 40.80 8.67 10.71
CA PRO B 542 40.35 9.81 11.53
C PRO B 542 41.50 10.68 11.93
N SER B 543 41.28 11.98 12.02
CA SER B 543 42.18 12.87 12.74
C SER B 543 41.54 13.15 14.07
N GLN B 544 42.31 12.97 15.13
CA GLN B 544 41.72 12.82 16.45
C GLN B 544 42.23 13.84 17.46
N VAL B 545 41.34 14.27 18.35
CA VAL B 545 41.81 14.94 19.58
C VAL B 545 41.20 14.27 20.82
N VAL B 546 41.99 14.14 21.88
CA VAL B 546 41.47 13.55 23.11
C VAL B 546 40.73 14.59 23.97
N SER B 547 41.38 15.72 24.18
CA SER B 547 40.93 16.77 25.12
C SER B 547 41.07 18.12 24.46
N PHE B 548 40.01 18.90 24.55
CA PHE B 548 40.06 20.30 24.18
C PHE B 548 39.41 21.10 25.32
N PRO B 549 39.99 22.28 25.70
CA PRO B 549 41.15 22.92 25.10
C PRO B 549 42.50 22.28 25.44
C2 BGC C . 1.65 -27.61 -25.46
C3 BGC C . 1.67 -26.72 -24.32
C4 BGC C . 1.16 -27.41 -23.07
C5 BGC C . 1.78 -28.78 -22.87
C6 BGC C . 1.23 -29.53 -21.72
C1 BGC C . 2.29 -28.96 -25.17
O1 BGC C . 2.14 -29.72 -26.21
O2 BGC C . 2.26 -27.04 -26.64
O3 BGC C . 0.84 -25.55 -24.72
O4 BGC C . 1.08 -26.67 -21.87
O5 BGC C . 1.57 -29.56 -24.04
O6 BGC C . 1.13 -30.93 -21.88
C2 BGC C . 0.63 -23.22 -24.82
C3 BGC C . 1.23 -21.93 -24.37
C4 BGC C . 1.42 -21.88 -22.92
C5 BGC C . 2.08 -23.18 -22.45
C6 BGC C . 2.26 -23.32 -20.99
C1 BGC C . 1.41 -24.38 -24.29
O2 BGC C . 0.56 -23.31 -26.22
O3 BGC C . 0.27 -20.90 -24.85
O4 BGC C . 2.28 -20.78 -22.61
O5 BGC C . 1.33 -24.33 -22.88
O6 BGC C . 2.87 -24.53 -20.54
C2 BGC C . -0.16 -18.83 -25.97
C3 BGC C . 0.43 -17.77 -26.80
C4 BGC C . 1.57 -17.17 -26.11
C5 BGC C . 2.57 -18.24 -25.75
C6 BGC C . 3.74 -17.73 -24.97
C1 BGC C . 0.87 -19.92 -25.66
O2 BGC C . -1.26 -19.44 -26.65
O3 BGC C . -0.63 -16.75 -26.83
O4 BGC C . 2.20 -16.16 -26.91
O5 BGC C . 1.94 -19.26 -24.93
O6 BGC C . 4.49 -18.75 -24.37
C2 BGC C . -2.06 -15.25 -27.91
C3 BGC C . -2.39 -14.50 -29.16
C4 BGC C . -1.13 -14.01 -29.83
C5 BGC C . -0.16 -15.19 -30.05
C6 BGC C . 1.18 -14.77 -30.62
C1 BGC C . -1.04 -16.36 -28.10
O2 BGC C . -3.19 -15.80 -27.28
O3 BGC C . -3.20 -13.38 -28.74
O4 BGC C . -1.38 -13.44 -31.07
O5 BGC C . 0.13 -15.78 -28.77
O6 BGC C . 2.07 -15.86 -30.75
C2 BGC C . -5.33 -12.24 -28.87
C3 BGC C . -6.40 -11.69 -29.76
C4 BGC C . -5.73 -10.94 -30.85
C5 BGC C . -4.72 -11.81 -31.54
C6 BGC C . -3.97 -11.03 -32.61
C1 BGC C . -4.28 -13.08 -29.58
O2 BGC C . -5.90 -13.04 -27.86
O3 BGC C . -7.16 -10.67 -28.99
O4 BGC C . -6.68 -10.41 -31.74
O5 BGC C . -3.71 -12.28 -30.63
O6 BGC C . -3.10 -11.82 -33.38
C2 BGC C . -9.12 -9.72 -28.25
C3 BGC C . -10.58 -9.70 -28.44
C4 BGC C . -10.97 -9.90 -29.83
C5 BGC C . -10.41 -11.20 -30.41
C6 BGC C . -10.39 -11.24 -31.91
C1 BGC C . -8.50 -10.98 -28.81
O2 BGC C . -8.78 -9.60 -26.88
O3 BGC C . -11.02 -8.36 -28.10
O4 BGC C . -12.42 -9.89 -29.99
O5 BGC C . -8.97 -11.26 -30.15
O6 BGC C . -11.34 -10.66 -32.70
C2 BGC D . -5.37 -32.43 -30.42
C3 BGC D . -5.52 -31.55 -31.55
C4 BGC D . -4.28 -30.82 -31.93
C5 BGC D . -3.06 -31.72 -31.99
C6 BGC D . -1.84 -30.88 -32.11
C1 BGC D . -4.19 -33.36 -30.55
O1 BGC D . -4.02 -34.05 -29.41
O2 BGC D . -6.56 -33.16 -30.17
O3 BGC D . -6.57 -30.61 -31.17
O4 BGC D . -4.40 -30.12 -33.15
O5 BGC D . -2.96 -32.64 -30.89
O6 BGC D . -1.35 -30.27 -30.95
C2 BGC D . -8.85 -30.03 -31.62
C3 BGC D . -9.81 -29.38 -32.57
C4 BGC D . -9.21 -28.28 -33.37
C5 BGC D . -7.82 -28.62 -33.89
C6 BGC D . -7.12 -27.54 -34.57
C1 BGC D . -7.41 -30.23 -32.16
O2 BGC D . -9.30 -31.28 -31.12
O3 BGC D . -11.03 -28.97 -31.90
O4 BGC D . -10.04 -27.98 -34.47
O5 BGC D . -6.96 -28.97 -32.77
O6 BGC D . -5.76 -27.71 -34.58
C2 BGC D . -12.86 -29.90 -30.67
C3 BGC D . -14.06 -30.76 -30.77
C4 BGC D . -14.84 -30.54 -32.02
C5 BGC D . -13.97 -30.58 -33.27
C6 BGC D . -14.71 -30.27 -34.56
C1 BGC D . -12.02 -29.90 -31.92
O2 BGC D . -12.03 -30.24 -29.56
O3 BGC D . -14.92 -30.50 -29.59
O4 BGC D . -15.88 -31.49 -32.14
O5 BGC D . -12.83 -29.69 -33.12
O6 BGC D . -15.54 -29.16 -34.59
C2 BGC D . -15.60 -31.43 -27.46
C3 BGC D . -16.30 -32.56 -26.82
C4 BGC D . -17.63 -32.81 -27.44
C5 BGC D . -17.44 -32.99 -28.94
C6 BGC D . -18.74 -33.08 -29.65
C1 BGC D . -15.39 -31.63 -28.95
O2 BGC D . -14.38 -31.08 -26.78
O3 BGC D . -16.49 -32.26 -25.44
O4 BGC D . -18.26 -33.99 -26.91
O5 BGC D . -16.70 -31.92 -29.53
O6 BGC D . -18.65 -33.60 -30.95
C2 BGC D . -15.11 -32.16 -23.45
C3 BGC D . -14.36 -32.94 -22.47
C4 BGC D . -15.11 -34.10 -21.93
C5 BGC D . -15.72 -34.88 -23.04
C6 BGC D . -16.68 -35.92 -22.56
C1 BGC D . -15.66 -32.99 -24.58
O2 BGC D . -14.26 -31.15 -24.03
O3 BGC D . -13.77 -32.12 -21.43
O4 BGC D . -14.22 -34.96 -21.20
O5 BGC D . -16.42 -34.08 -24.01
O6 BGC D . -16.98 -36.89 -23.56
C2 BGC E . 36.19 -8.81 8.30
C3 BGC E . 35.92 -8.11 9.54
C4 BGC E . 35.21 -8.87 10.59
C5 BGC E . 35.73 -10.30 10.67
C6 BGC E . 34.91 -11.10 11.62
C1 BGC E . 36.60 -10.26 8.49
O1 BGC E . 36.60 -10.88 7.33
O2 BGC E . 37.27 -8.14 7.65
O3 BGC E . 35.11 -6.91 9.17
O4 BGC E . 35.37 -8.22 11.82
O5 BGC E . 35.64 -10.92 9.39
O6 BGC E . 35.57 -12.17 12.25
C2 BGC E . 35.07 -4.60 8.83
C3 BGC E . 35.70 -3.33 9.25
C4 BGC E . 35.88 -3.32 10.68
C5 BGC E . 36.69 -4.50 11.15
C6 BGC E . 36.94 -4.52 12.60
C1 BGC E . 35.83 -5.79 9.39
O2 BGC E . 35.09 -4.65 7.42
O3 BGC E . 34.78 -2.24 8.86
O4 BGC E . 36.59 -2.17 11.11
O5 BGC E . 36.01 -5.71 10.80
O6 BGC E . 37.78 -5.55 13.08
C2 BGC E . 34.35 -0.06 7.96
C3 BGC E . 34.97 1.07 7.23
C4 BGC E . 36.14 1.61 7.95
C5 BGC E . 37.10 0.50 8.29
C6 BGC E . 38.22 1.02 9.11
C1 BGC E . 35.37 -1.16 8.20
O2 BGC E . 33.27 -0.65 7.21
O3 BGC E . 33.97 2.14 7.16
O4 BGC E . 36.87 2.60 7.17
O5 BGC E . 36.42 -0.56 9.02
O6 BGC E . 39.07 -0.01 9.56
C2 BGC E . 32.43 3.55 6.01
C3 BGC E . 32.16 4.25 4.73
C4 BGC E . 33.42 4.69 4.00
C5 BGC E . 34.38 3.51 3.90
C6 BGC E . 35.72 3.92 3.30
C1 BGC E . 33.52 2.50 5.90
O2 BGC E . 31.25 2.98 6.58
O3 BGC E . 31.37 5.39 5.12
O4 BGC E . 33.12 5.21 2.72
O5 BGC E . 34.67 3.07 5.22
O6 BGC E . 36.56 2.79 3.06
C2 BGC E . 29.31 6.62 5.03
C3 BGC E . 28.25 7.17 4.16
C4 BGC E . 28.81 7.84 2.95
C5 BGC E . 29.79 6.94 2.23
C6 BGC E . 30.65 7.73 1.26
C1 BGC E . 30.27 5.72 4.29
O2 BGC E . 28.68 5.86 6.04
O3 BGC E . 27.51 8.20 4.93
O4 BGC E . 27.77 8.20 2.07
O5 BGC E . 30.80 6.46 3.14
O6 BGC E . 31.59 6.89 0.63
C2 BGC E . 25.50 9.19 5.62
C3 BGC E . 24.04 9.13 5.42
C4 BGC E . 23.71 9.01 4.01
C5 BGC E . 24.25 7.62 3.61
C6 BGC E . 23.86 7.06 2.28
C1 BGC E . 26.14 8.00 4.95
O2 BGC E . 25.81 9.21 7.00
O3 BGC E . 23.41 10.35 5.93
O4 BGC E . 22.29 9.12 3.80
O5 BGC E . 25.68 7.79 3.61
O6 BGC E . 24.33 5.81 1.90
C2 BGC F . 28.30 -14.09 3.29
C3 BGC F . 28.28 -13.16 2.18
C4 BGC F . 29.59 -12.57 1.84
C5 BGC F . 30.71 -13.59 1.82
C6 BGC F . 32.05 -12.97 1.67
C1 BGC F . 29.44 -15.08 3.22
O1 BGC F . 29.54 -15.77 4.37
O2 BGC F . 27.02 -14.73 3.37
O3 BGC F . 27.31 -12.09 2.55
O4 BGC F . 29.54 -11.87 0.60
O5 BGC F . 30.71 -14.38 3.00
O6 BGC F . 32.94 -13.60 0.79
C2 BGC F . 25.17 -11.39 2.08
C3 BGC F . 24.25 -10.66 1.14
C4 BGC F . 24.93 -9.49 0.53
C5 BGC F . 26.31 -9.81 -0.06
C6 BGC F . 26.88 -8.61 -0.62
C1 BGC F . 26.59 -11.63 1.53
O2 BGC F . 24.61 -12.55 2.72
O3 BGC F . 23.08 -10.20 1.85
O4 BGC F . 24.14 -8.83 -0.45
O5 BGC F . 27.20 -10.41 0.93
O6 BGC F . 28.00 -8.80 -1.41
C2 BGC F . 21.30 -11.09 3.20
C3 BGC F . 20.08 -11.93 3.14
C4 BGC F . 19.21 -11.57 2.00
C5 BGC F . 19.99 -11.63 0.67
C6 BGC F . 19.21 -11.22 -0.57
C1 BGC F . 22.08 -11.14 1.89
O2 BGC F . 22.14 -11.40 4.28
O3 BGC F . 19.39 -11.74 4.41
O4 BGC F . 18.09 -12.40 1.90
O5 BGC F . 21.21 -10.87 0.76
O6 BGC F . 18.27 -10.23 -0.43
C2 BGC F . 18.81 -12.68 6.53
C3 BGC F . 18.15 -13.83 7.17
C4 BGC F . 16.82 -14.08 6.55
C5 BGC F . 17.02 -14.34 5.07
C6 BGC F . 15.76 -14.67 4.39
C1 BGC F . 18.93 -12.87 5.04
O2 BGC F . 20.07 -12.32 7.16
O3 BGC F . 17.95 -13.49 8.54
O4 BGC F . 16.14 -15.18 7.18
O5 BGC F . 17.60 -13.17 4.46
O6 BGC F . 14.85 -13.63 4.25
C2 BGC F . 19.33 -13.30 10.54
C3 BGC F . 20.07 -14.15 11.46
C4 BGC F . 19.30 -15.30 11.96
C5 BGC F . 18.70 -16.06 10.83
C6 BGC F . 17.78 -17.15 11.25
C1 BGC F . 18.77 -14.17 9.43
O2 BGC F . 20.21 -12.29 9.99
O3 BGC F . 20.68 -13.40 12.56
O4 BGC F . 20.13 -16.21 12.68
O5 BGC F . 17.95 -15.18 10.01
O6 BGC F . 17.38 -18.04 10.22
C1 EDO G . -4.35 3.99 -29.52
O1 EDO G . -3.82 4.66 -28.37
C2 EDO G . -5.71 4.61 -29.79
O2 EDO G . -6.56 4.46 -28.64
H11 EDO G . -3.69 4.09 -30.38
H12 EDO G . -4.48 2.93 -29.31
HO1 EDO G . -2.90 4.38 -28.25
H21 EDO G . -6.17 4.12 -30.65
H22 EDO G . -5.58 5.67 -30.02
HO2 EDO G . -7.49 4.52 -28.93
C1 EDO H . 30.18 23.35 4.77
O1 EDO H . 30.59 23.48 3.38
C2 EDO H . 28.66 23.51 4.61
O2 EDO H . 27.98 23.12 5.78
H11 EDO H . 30.63 24.11 5.40
H12 EDO H . 30.43 22.37 5.19
HO1 EDO H . 31.34 22.91 3.19
H21 EDO H . 28.30 22.91 3.78
H22 EDO H . 28.46 24.56 4.37
HO2 EDO H . 27.03 23.11 5.62
N GLU A 1 -51.41 -1.01 -14.19
CA GLU A 1 -50.13 -0.62 -13.60
C GLU A 1 -49.31 -1.84 -13.11
N VAL A 2 -48.64 -2.49 -14.07
CA VAL A 2 -47.59 -3.56 -13.90
C VAL A 2 -47.75 -4.72 -12.90
N VAL A 3 -47.70 -5.94 -13.42
CA VAL A 3 -47.96 -7.11 -12.59
C VAL A 3 -46.74 -7.70 -11.91
N GLY A 4 -45.69 -8.10 -12.54
CA GLY A 4 -44.71 -8.80 -11.65
C GLY A 4 -45.13 -10.20 -11.08
N GLY A 5 -44.15 -11.08 -10.91
CA GLY A 5 -44.40 -12.51 -10.84
C GLY A 5 -44.88 -13.09 -12.18
N GLY A 6 -45.64 -14.17 -12.10
CA GLY A 6 -46.10 -14.89 -13.29
C GLY A 6 -44.93 -15.52 -14.08
N ASP A 7 -45.27 -16.19 -15.18
CA ASP A 7 -44.39 -17.15 -15.88
C ASP A 7 -43.10 -16.54 -16.52
N LEU A 8 -42.03 -17.33 -16.63
CA LEU A 8 -40.74 -16.79 -17.11
C LEU A 8 -40.50 -16.99 -18.61
N GLY A 9 -41.46 -17.63 -19.27
CA GLY A 9 -41.50 -17.64 -20.70
C GLY A 9 -40.64 -18.69 -21.42
N PRO A 10 -40.77 -18.75 -22.74
CA PRO A 10 -40.17 -19.85 -23.52
C PRO A 10 -38.65 -19.79 -23.73
N ASN A 11 -38.00 -18.71 -23.31
CA ASN A 11 -36.54 -18.63 -23.40
C ASN A 11 -35.79 -19.18 -22.16
N VAL A 12 -36.50 -19.45 -21.07
CA VAL A 12 -35.95 -20.07 -19.87
C VAL A 12 -36.40 -21.52 -19.90
N LEU A 13 -35.43 -22.40 -20.14
CA LEU A 13 -35.69 -23.83 -20.25
C LEU A 13 -35.40 -24.48 -18.89
N VAL A 14 -36.46 -25.01 -18.28
CA VAL A 14 -36.34 -25.54 -16.93
C VAL A 14 -36.48 -27.07 -16.94
N PHE A 15 -35.41 -27.75 -16.53
CA PHE A 15 -35.38 -29.20 -16.49
C PHE A 15 -35.49 -29.75 -15.07
N ASP A 16 -36.07 -30.96 -14.97
CA ASP A 16 -35.91 -31.81 -13.75
C ASP A 16 -35.06 -33.03 -14.09
N PRO A 17 -34.51 -33.71 -13.06
CA PRO A 17 -33.70 -34.87 -13.41
C PRO A 17 -34.55 -35.95 -14.11
N SER A 18 -35.88 -35.81 -13.99
CA SER A 18 -36.82 -36.64 -14.72
C SER A 18 -37.01 -36.23 -16.16
N THR A 19 -37.00 -34.92 -16.43
CA THR A 19 -37.41 -34.37 -17.74
C THR A 19 -36.85 -35.10 -18.94
N PRO A 20 -37.73 -35.48 -19.88
CA PRO A 20 -37.21 -36.26 -21.00
C PRO A 20 -36.25 -35.56 -21.96
N ASP A 21 -35.51 -36.39 -22.67
CA ASP A 21 -34.57 -36.00 -23.73
C ASP A 21 -33.62 -34.84 -23.39
N ILE A 22 -33.24 -34.72 -22.10
CA ILE A 22 -32.37 -33.63 -21.62
C ILE A 22 -31.16 -33.40 -22.49
N GLN A 23 -30.31 -34.39 -22.54
CA GLN A 23 -29.11 -34.27 -23.38
C GLN A 23 -29.50 -33.86 -24.80
N GLY A 24 -30.67 -34.31 -25.25
CA GLY A 24 -31.16 -33.94 -26.55
C GLY A 24 -31.57 -32.46 -26.58
N LYS A 25 -32.16 -31.96 -25.50
CA LYS A 25 -32.60 -30.58 -25.50
C LYS A 25 -31.43 -29.60 -25.46
N VAL A 26 -30.29 -30.09 -24.97
CA VAL A 26 -29.12 -29.22 -24.82
C VAL A 26 -28.18 -29.31 -26.06
N ASP A 27 -28.09 -30.48 -26.68
CA ASP A 27 -27.40 -30.58 -27.96
C ASP A 27 -28.06 -29.73 -29.08
N GLU A 28 -29.38 -29.55 -29.06
CA GLU A 28 -30.08 -28.74 -30.10
C GLU A 28 -29.82 -27.24 -29.91
N VAL A 29 -29.87 -26.78 -28.66
CA VAL A 29 -29.68 -25.35 -28.36
C VAL A 29 -28.22 -25.03 -28.69
N PHE A 30 -27.33 -25.97 -28.35
CA PHE A 30 -25.92 -25.79 -28.68
C PHE A 30 -25.75 -25.85 -30.19
N ARG A 31 -26.58 -26.65 -30.87
CA ARG A 31 -26.46 -26.87 -32.31
C ARG A 31 -26.54 -25.48 -32.92
N LYS A 32 -27.52 -24.73 -32.43
CA LYS A 32 -27.89 -23.43 -33.00
C LYS A 32 -27.07 -22.25 -32.47
N GLN A 33 -26.58 -22.34 -31.24
CA GLN A 33 -25.82 -21.24 -30.63
C GLN A 33 -24.29 -21.33 -30.78
N GLU A 34 -23.76 -22.49 -31.13
CA GLU A 34 -22.33 -22.72 -31.18
C GLU A 34 -21.55 -21.66 -31.95
N SER A 35 -22.05 -21.32 -33.13
CA SER A 35 -21.36 -20.33 -33.96
C SER A 35 -22.18 -19.06 -34.17
N ASN A 36 -23.21 -18.85 -33.35
CA ASN A 36 -24.05 -17.66 -33.50
C ASN A 36 -23.54 -16.46 -32.70
N GLN A 37 -22.44 -15.90 -33.19
CA GLN A 37 -21.67 -14.95 -32.38
C GLN A 37 -22.45 -13.64 -32.17
N PHE A 38 -23.22 -13.26 -33.17
CA PHE A 38 -23.85 -11.94 -33.20
C PHE A 38 -25.39 -11.96 -33.40
N GLY A 39 -26.02 -13.08 -33.09
CA GLY A 39 -27.48 -13.18 -33.25
C GLY A 39 -28.29 -12.54 -32.13
N THR A 40 -29.60 -12.70 -32.20
CA THR A 40 -30.48 -12.09 -31.26
C THR A 40 -31.09 -13.15 -30.35
N ASP A 41 -30.81 -14.43 -30.63
CA ASP A 41 -31.32 -15.48 -29.77
C ASP A 41 -30.53 -15.63 -28.46
N ARG A 42 -31.27 -16.06 -27.43
CA ARG A 42 -30.87 -16.01 -26.03
C ARG A 42 -31.53 -17.20 -25.34
N TYR A 43 -30.77 -17.90 -24.51
CA TYR A 43 -31.23 -19.12 -23.84
C TYR A 43 -30.75 -19.12 -22.39
N ALA A 44 -31.61 -19.46 -21.45
CA ALA A 44 -31.17 -19.78 -20.10
C ALA A 44 -31.61 -21.20 -19.85
N LEU A 45 -30.67 -22.01 -19.42
CA LEU A 45 -30.94 -23.42 -19.12
C LEU A 45 -30.84 -23.56 -17.61
N MET A 46 -31.96 -23.91 -16.97
CA MET A 46 -32.06 -23.90 -15.54
C MET A 46 -32.38 -25.33 -15.11
N PHE A 47 -31.62 -25.83 -14.14
CA PHE A 47 -31.83 -27.21 -13.64
C PHE A 47 -32.30 -27.25 -12.19
N LYS A 48 -33.45 -27.90 -11.99
CA LYS A 48 -33.96 -28.15 -10.66
C LYS A 48 -32.96 -28.96 -9.82
N PRO A 49 -32.99 -28.77 -8.49
CA PRO A 49 -32.16 -29.61 -7.62
C PRO A 49 -32.42 -31.10 -7.84
N GLY A 50 -31.34 -31.86 -7.80
CA GLY A 50 -31.34 -33.30 -8.04
C GLY A 50 -29.95 -33.73 -8.53
N THR A 51 -29.87 -34.95 -9.10
CA THR A 51 -28.66 -35.39 -9.76
C THR A 51 -29.01 -35.92 -11.15
N TYR A 52 -28.16 -35.53 -12.11
CA TYR A 52 -28.38 -35.69 -13.54
C TYR A 52 -27.26 -36.50 -14.15
N ASN A 53 -27.60 -37.51 -14.95
CA ASN A 53 -26.57 -38.39 -15.52
C ASN A 53 -26.24 -38.17 -17.00
N ASP A 54 -25.19 -38.87 -17.45
CA ASP A 54 -24.79 -38.98 -18.87
C ASP A 54 -25.05 -37.68 -19.64
N ILE A 55 -24.51 -36.59 -19.10
CA ILE A 55 -24.74 -35.28 -19.67
C ILE A 55 -23.44 -34.56 -19.99
N ASN A 56 -23.46 -33.99 -21.18
CA ASN A 56 -22.37 -33.19 -21.68
C ASN A 56 -23.10 -31.97 -22.21
N ALA A 57 -23.33 -30.97 -21.32
CA ALA A 57 -24.00 -29.72 -21.67
C ALA A 57 -22.99 -28.77 -22.32
N GLN A 58 -22.86 -28.86 -23.64
CA GLN A 58 -22.02 -27.93 -24.37
C GLN A 58 -22.73 -26.58 -24.50
N ILE A 59 -22.00 -25.52 -24.18
CA ILE A 59 -22.56 -24.17 -24.01
C ILE A 59 -22.05 -23.27 -25.16
N GLY A 60 -22.96 -22.77 -25.99
CA GLY A 60 -22.61 -21.89 -27.09
C GLY A 60 -22.82 -20.42 -26.71
N PHE A 61 -22.85 -19.56 -27.72
CA PHE A 61 -23.10 -18.15 -27.48
C PHE A 61 -24.45 -17.90 -26.80
N TYR A 62 -24.48 -16.89 -25.95
CA TYR A 62 -25.69 -16.37 -25.33
C TYR A 62 -26.54 -17.45 -24.67
N THR A 63 -25.85 -18.37 -24.00
CA THR A 63 -26.51 -19.42 -23.25
C THR A 63 -25.96 -19.36 -21.82
N SER A 64 -26.86 -19.25 -20.86
CA SER A 64 -26.52 -19.35 -19.44
C SER A 64 -27.02 -20.75 -18.95
N ILE A 65 -26.25 -21.35 -18.07
CA ILE A 65 -26.67 -22.64 -17.47
C ILE A 65 -26.51 -22.50 -15.98
N ALA A 66 -27.51 -22.97 -15.23
CA ALA A 66 -27.46 -22.84 -13.79
C ALA A 66 -28.34 -23.84 -13.08
N GLY A 67 -27.97 -24.04 -11.83
CA GLY A 67 -28.75 -24.82 -10.88
C GLY A 67 -29.65 -23.93 -10.02
N LEU A 68 -30.72 -24.54 -9.51
CA LEU A 68 -31.76 -23.82 -8.76
C LEU A 68 -31.85 -24.26 -7.30
N GLY A 69 -30.83 -24.98 -6.82
CA GLY A 69 -30.79 -25.35 -5.41
C GLY A 69 -30.36 -24.11 -4.66
N LEU A 70 -30.46 -24.12 -3.34
CA LEU A 70 -29.89 -23.02 -2.59
C LEU A 70 -28.58 -23.58 -2.16
N ASN A 71 -27.76 -24.04 -3.10
CA ASN A 71 -26.30 -24.31 -2.95
C ASN A 71 -25.86 -25.17 -4.18
N PRO A 72 -24.63 -24.98 -4.67
CA PRO A 72 -24.25 -25.67 -5.93
C PRO A 72 -24.41 -27.21 -5.81
N ASP A 73 -24.09 -27.75 -4.66
CA ASP A 73 -24.08 -29.22 -4.56
C ASP A 73 -25.47 -29.87 -4.48
N ASP A 74 -26.52 -29.09 -4.47
CA ASP A 74 -27.86 -29.66 -4.52
C ASP A 74 -28.36 -29.87 -5.95
N THR A 75 -27.60 -29.37 -6.93
CA THR A 75 -27.88 -29.64 -8.34
C THR A 75 -26.59 -30.18 -8.95
N THR A 76 -26.51 -31.51 -9.06
CA THR A 76 -25.29 -32.22 -9.38
C THR A 76 -25.33 -32.89 -10.76
N PHE A 77 -24.32 -32.60 -11.57
CA PHE A 77 -24.19 -33.27 -12.87
C PHE A 77 -23.11 -34.34 -12.74
N ASN A 78 -23.48 -35.56 -13.10
CA ASN A 78 -22.55 -36.64 -13.32
C ASN A 78 -22.24 -36.56 -14.80
N GLY A 79 -21.20 -35.80 -15.06
CA GLY A 79 -21.05 -35.16 -16.36
C GLY A 79 -20.44 -33.76 -16.28
N ASP A 80 -20.75 -32.96 -17.31
CA ASP A 80 -19.88 -31.86 -17.74
C ASP A 80 -20.68 -30.62 -18.19
N VAL A 81 -20.05 -29.46 -18.04
CA VAL A 81 -20.52 -28.19 -18.61
C VAL A 81 -19.33 -27.71 -19.45
N THR A 82 -19.42 -27.93 -20.76
CA THR A 82 -18.26 -27.87 -21.65
C THR A 82 -18.33 -26.62 -22.50
N VAL A 83 -17.22 -25.89 -22.57
CA VAL A 83 -16.97 -24.95 -23.66
C VAL A 83 -15.64 -25.32 -24.31
N ASP A 84 -15.67 -25.44 -25.62
CA ASP A 84 -14.52 -25.81 -26.43
C ASP A 84 -14.58 -24.88 -27.68
N ALA A 85 -13.59 -25.02 -28.54
CA ALA A 85 -13.45 -24.10 -29.67
C ALA A 85 -13.62 -24.77 -31.04
N GLY A 86 -14.12 -26.00 -31.05
CA GLY A 86 -14.59 -26.66 -32.27
C GLY A 86 -14.95 -25.78 -33.47
N TRP A 87 -15.74 -24.73 -33.26
CA TRP A 87 -16.28 -23.95 -34.37
C TRP A 87 -15.30 -22.95 -35.00
N PHE A 88 -14.19 -22.69 -34.30
CA PHE A 88 -13.23 -21.66 -34.73
C PHE A 88 -11.85 -22.33 -34.86
N ASP A 89 -11.83 -23.46 -35.56
CA ASP A 89 -11.06 -24.64 -35.12
C ASP A 89 -9.86 -24.47 -34.19
N GLY A 90 -10.25 -24.51 -32.93
CA GLY A 90 -9.32 -24.67 -31.83
C GLY A 90 -8.84 -23.37 -31.28
N ASN A 91 -9.32 -22.27 -31.87
CA ASN A 91 -9.02 -20.92 -31.37
C ASN A 91 -10.19 -20.47 -30.47
N ALA A 92 -9.92 -20.22 -29.19
CA ALA A 92 -10.98 -19.92 -28.22
C ALA A 92 -11.16 -18.41 -27.98
N THR A 93 -10.44 -17.58 -28.73
CA THR A 93 -10.48 -16.12 -28.48
C THR A 93 -11.76 -15.41 -28.90
N GLN A 94 -12.72 -16.15 -29.43
CA GLN A 94 -14.05 -15.57 -29.66
C GLN A 94 -15.16 -16.27 -28.85
N ASN A 95 -14.79 -17.03 -27.81
CA ASN A 95 -15.79 -17.73 -26.99
C ASN A 95 -16.35 -16.86 -25.88
N PHE A 96 -17.21 -15.94 -26.31
CA PHE A 96 -17.79 -14.93 -25.48
C PHE A 96 -19.25 -15.19 -25.04
N TRP A 97 -19.70 -14.38 -24.08
CA TRP A 97 -21.11 -14.17 -23.73
C TRP A 97 -21.85 -15.47 -23.39
N ARG A 98 -21.40 -16.12 -22.33
CA ARG A 98 -22.11 -17.29 -21.82
C ARG A 98 -21.81 -17.42 -20.33
N SER A 99 -22.41 -18.38 -19.63
CA SER A 99 -22.16 -18.44 -18.20
C SER A 99 -22.60 -19.74 -17.57
N ALA A 100 -21.96 -20.05 -16.45
CA ALA A 100 -22.29 -21.22 -15.61
C ALA A 100 -22.35 -20.78 -14.15
N GLU A 101 -23.41 -21.18 -13.44
CA GLU A 101 -23.56 -20.82 -12.03
C GLU A 101 -24.30 -21.87 -11.25
N ASN A 102 -23.92 -22.08 -9.99
CA ASN A 102 -24.81 -22.74 -9.03
C ASN A 102 -24.98 -24.24 -9.29
N LEU A 103 -23.91 -24.89 -9.69
CA LEU A 103 -23.93 -26.32 -10.05
C LEU A 103 -22.74 -27.04 -9.46
N ALA A 104 -22.92 -28.34 -9.19
CA ALA A 104 -21.81 -29.22 -8.88
C ALA A 104 -21.56 -30.13 -10.08
N LEU A 105 -20.30 -30.26 -10.48
CA LEU A 105 -19.92 -31.09 -11.64
C LEU A 105 -18.99 -32.21 -11.20
N ASN A 106 -19.32 -33.39 -11.69
CA ASN A 106 -18.51 -34.62 -11.50
C ASN A 106 -18.10 -35.05 -12.91
N PRO A 107 -17.00 -34.45 -13.43
CA PRO A 107 -16.70 -34.59 -14.86
C PRO A 107 -16.38 -36.00 -15.30
N VAL A 108 -16.80 -36.37 -16.49
CA VAL A 108 -16.73 -37.76 -16.89
C VAL A 108 -15.34 -38.32 -16.97
N ASN A 109 -14.38 -37.52 -17.42
CA ASN A 109 -13.00 -37.98 -17.45
C ASN A 109 -12.20 -37.43 -16.28
N GLY A 110 -12.87 -36.79 -15.34
CA GLY A 110 -12.17 -36.20 -14.18
C GLY A 110 -11.69 -34.75 -14.32
N THR A 111 -12.03 -34.11 -15.42
CA THR A 111 -11.66 -32.71 -15.65
C THR A 111 -12.76 -32.09 -16.47
N ASN A 112 -13.29 -30.96 -16.00
CA ASN A 112 -14.22 -30.17 -16.76
C ASN A 112 -13.46 -29.15 -17.63
N ARG A 113 -13.88 -29.00 -18.89
CA ARG A 113 -13.32 -27.98 -19.78
C ARG A 113 -14.25 -26.79 -19.94
N TRP A 114 -13.70 -25.62 -19.62
CA TRP A 114 -14.38 -24.34 -19.74
C TRP A 114 -13.39 -23.40 -20.43
N ALA A 115 -13.23 -23.62 -21.73
CA ALA A 115 -12.26 -22.91 -22.54
C ALA A 115 -12.85 -21.63 -23.15
N VAL A 116 -12.93 -20.60 -22.34
CA VAL A 116 -13.59 -19.36 -22.73
C VAL A 116 -12.64 -18.17 -22.87
N SER A 117 -13.15 -17.09 -23.46
CA SER A 117 -12.49 -15.81 -23.39
C SER A 117 -13.39 -14.86 -22.60
N GLN A 118 -13.58 -13.62 -23.06
CA GLN A 118 -14.17 -12.59 -22.20
C GLN A 118 -15.69 -12.78 -22.06
N ALA A 119 -16.24 -12.24 -20.96
CA ALA A 119 -17.68 -12.29 -20.67
C ALA A 119 -18.22 -13.72 -20.64
N ALA A 120 -17.54 -14.56 -19.86
CA ALA A 120 -17.98 -15.94 -19.68
C ALA A 120 -17.80 -16.39 -18.23
N PRO A 121 -18.56 -15.76 -17.33
CA PRO A 121 -18.34 -16.00 -15.90
C PRO A 121 -18.66 -17.44 -15.44
N PHE A 122 -17.96 -17.87 -14.40
CA PHE A 122 -18.08 -19.20 -13.80
C PHE A 122 -18.18 -18.90 -12.29
N ARG A 123 -19.43 -18.91 -11.79
CA ARG A 123 -19.71 -18.49 -10.43
C ARG A 123 -20.42 -19.56 -9.59
N ARG A 124 -20.08 -19.59 -8.30
CA ARG A 124 -20.78 -20.47 -7.37
C ARG A 124 -20.83 -21.91 -7.91
N MET A 125 -19.70 -22.35 -8.42
CA MET A 125 -19.56 -23.71 -8.97
C MET A 125 -18.74 -24.61 -8.04
N HIS A 126 -19.08 -25.88 -8.03
CA HIS A 126 -18.27 -26.90 -7.35
C HIS A 126 -17.82 -27.93 -8.36
N VAL A 127 -16.52 -27.94 -8.67
CA VAL A 127 -15.97 -28.93 -9.59
C VAL A 127 -15.28 -30.04 -8.80
N LYS A 128 -15.87 -31.21 -8.85
CA LYS A 128 -15.39 -32.34 -8.06
C LYS A 128 -14.44 -33.10 -9.00
N GLY A 129 -13.28 -32.47 -9.24
CA GLY A 129 -12.33 -32.85 -10.29
C GLY A 129 -11.48 -31.64 -10.64
N GLY A 130 -10.73 -31.76 -11.72
CA GLY A 130 -9.89 -30.67 -12.22
C GLY A 130 -10.72 -29.77 -13.13
N LEU A 131 -10.12 -28.68 -13.60
CA LEU A 131 -10.81 -27.70 -14.44
C LEU A 131 -9.78 -27.20 -15.48
N ASN A 132 -10.01 -27.57 -16.73
CA ASN A 132 -9.13 -27.19 -17.85
C ASN A 132 -9.76 -25.96 -18.50
N LEU A 133 -8.99 -24.88 -18.59
CA LEU A 133 -9.47 -23.61 -19.17
C LEU A 133 -9.04 -23.40 -20.61
N ALA A 134 -8.36 -24.37 -21.21
CA ALA A 134 -7.89 -24.19 -22.61
C ALA A 134 -8.60 -25.13 -23.55
N PRO A 135 -8.81 -24.69 -24.78
CA PRO A 135 -9.46 -25.58 -25.74
C PRO A 135 -8.59 -26.76 -26.02
N ASP A 136 -9.20 -27.78 -26.59
CA ASP A 136 -8.44 -28.81 -27.29
C ASP A 136 -7.30 -28.23 -28.08
N GLY A 137 -6.22 -28.97 -28.21
CA GLY A 137 -5.15 -28.49 -29.06
C GLY A 137 -4.36 -27.33 -28.46
N TYR A 138 -4.81 -26.85 -27.30
CA TYR A 138 -4.08 -25.87 -26.49
C TYR A 138 -3.84 -24.54 -27.24
N GLY A 139 -4.75 -24.26 -28.16
CA GLY A 139 -4.65 -23.04 -28.95
C GLY A 139 -5.03 -21.81 -28.15
N TRP A 140 -5.21 -20.70 -28.85
CA TRP A 140 -5.22 -19.43 -28.18
C TRP A 140 -6.48 -19.21 -27.36
N ALA A 141 -6.31 -18.53 -26.24
CA ALA A 141 -7.46 -18.23 -25.35
C ALA A 141 -7.22 -16.98 -24.53
N SER A 142 -8.29 -16.25 -24.21
CA SER A 142 -8.17 -14.94 -23.54
C SER A 142 -9.30 -14.64 -22.56
N GLY A 143 -9.39 -15.46 -21.51
CA GLY A 143 -10.35 -15.26 -20.45
C GLY A 143 -9.79 -14.38 -19.33
N GLY A 144 -10.34 -14.45 -18.13
CA GLY A 144 -11.47 -15.27 -17.75
C GLY A 144 -11.76 -14.92 -16.29
N TYR A 145 -12.84 -15.48 -15.75
CA TYR A 145 -13.36 -15.03 -14.46
C TYR A 145 -13.98 -16.20 -13.72
N ILE A 146 -13.43 -16.48 -12.54
CA ILE A 146 -14.02 -17.43 -11.62
C ILE A 146 -14.23 -16.74 -10.27
N ALA A 147 -15.42 -16.90 -9.73
CA ALA A 147 -15.73 -16.39 -8.40
C ALA A 147 -16.54 -17.36 -7.58
N ASP A 148 -16.30 -17.30 -6.28
CA ASP A 148 -17.10 -18.03 -5.29
C ASP A 148 -17.25 -19.50 -5.64
N SER A 149 -16.16 -20.10 -6.10
CA SER A 149 -16.19 -21.50 -6.54
C SER A 149 -15.16 -22.37 -5.81
N LYS A 150 -15.42 -23.67 -5.83
CA LYS A 150 -14.48 -24.66 -5.23
C LYS A 150 -14.14 -25.68 -6.32
N ILE A 151 -12.85 -25.73 -6.69
CA ILE A 151 -12.32 -26.70 -7.63
C ILE A 151 -11.49 -27.67 -6.80
N ASP A 152 -11.90 -28.91 -6.72
CA ASP A 152 -11.24 -29.85 -5.82
C ASP A 152 -9.77 -30.17 -6.17
N GLY A 153 -9.47 -30.37 -7.45
CA GLY A 153 -8.10 -30.60 -7.87
C GLY A 153 -7.60 -29.37 -8.60
N GLU A 154 -6.93 -29.60 -9.72
CA GLU A 154 -6.15 -28.56 -10.34
C GLU A 154 -6.93 -27.77 -11.38
N VAL A 155 -6.83 -26.45 -11.30
CA VAL A 155 -7.15 -25.64 -12.47
C VAL A 155 -5.92 -25.52 -13.39
N GLY A 156 -6.10 -25.87 -14.68
CA GLY A 156 -5.06 -25.80 -15.68
C GLY A 156 -5.31 -24.78 -16.79
N PRO A 157 -4.61 -23.64 -16.75
CA PRO A 157 -4.94 -22.64 -17.78
C PRO A 157 -4.29 -22.93 -19.12
N TYR A 158 -3.14 -23.62 -19.09
CA TYR A 158 -2.38 -23.93 -20.29
C TYR A 158 -2.14 -22.63 -21.13
N SER A 159 -2.82 -22.48 -22.26
CA SER A 159 -2.57 -21.35 -23.16
C SER A 159 -3.31 -20.06 -22.77
N GLN A 160 -4.18 -20.09 -21.77
CA GLN A 160 -4.88 -18.87 -21.35
C GLN A 160 -3.90 -17.76 -21.02
N GLN A 161 -4.08 -16.60 -21.68
CA GLN A 161 -3.13 -15.50 -21.50
C GLN A 161 -3.11 -14.97 -20.10
N GLN A 162 -4.32 -14.86 -19.54
CA GLN A 162 -4.54 -14.20 -18.27
C GLN A 162 -5.84 -14.76 -17.65
N TRP A 163 -6.03 -14.47 -16.36
CA TRP A 163 -7.21 -14.96 -15.64
C TRP A 163 -7.36 -14.25 -14.31
N TYR A 164 -8.59 -14.09 -13.85
CA TYR A 164 -8.88 -13.59 -12.53
C TYR A 164 -9.76 -14.57 -11.76
N THR A 165 -9.33 -14.88 -10.55
CA THR A 165 -10.08 -15.74 -9.65
C THR A 165 -10.26 -15.02 -8.33
N ARG A 166 -11.50 -15.03 -7.85
CA ARG A 166 -11.91 -14.34 -6.63
C ARG A 166 -12.62 -15.28 -5.67
N ASP A 167 -12.25 -15.24 -4.39
CA ASP A 167 -13.08 -15.80 -3.34
C ASP A 167 -13.50 -17.24 -3.66
N SER A 168 -12.50 -18.09 -3.71
CA SER A 168 -12.66 -19.41 -4.23
C SER A 168 -11.72 -20.33 -3.48
N SER A 169 -11.81 -21.60 -3.83
CA SER A 169 -10.90 -22.62 -3.29
C SER A 169 -10.45 -23.47 -4.47
N VAL A 170 -9.14 -23.65 -4.62
CA VAL A 170 -8.58 -24.50 -5.67
C VAL A 170 -7.58 -25.53 -5.09
N GLY A 171 -7.65 -26.77 -5.57
CA GLY A 171 -6.69 -27.78 -5.12
C GLY A 171 -5.28 -27.60 -5.68
N GLY A 172 -5.22 -27.14 -6.93
CA GLY A 172 -3.97 -26.94 -7.64
C GLY A 172 -4.15 -25.79 -8.62
N TRP A 173 -3.05 -25.23 -9.09
CA TRP A 173 -3.07 -24.26 -10.20
C TRP A 173 -1.85 -24.50 -11.05
N GLY A 174 -2.06 -24.81 -12.33
CA GLY A 174 -1.01 -25.39 -13.16
C GLY A 174 0.07 -24.52 -13.78
N ASN A 175 -0.27 -23.29 -14.17
CA ASN A 175 0.68 -22.43 -14.89
C ASN A 175 0.07 -21.05 -15.06
N GLY A 176 0.95 -20.06 -15.20
CA GLY A 176 0.58 -18.71 -15.59
C GLY A 176 1.35 -18.30 -16.84
N VAL A 177 0.72 -17.48 -17.66
CA VAL A 177 1.24 -17.14 -19.02
C VAL A 177 1.65 -15.67 -19.00
N TRP A 178 0.68 -14.74 -19.05
CA TRP A 178 0.99 -13.31 -18.88
C TRP A 178 0.53 -12.69 -17.55
N ASN A 179 -0.66 -13.06 -17.06
CA ASN A 179 -1.19 -12.39 -15.88
C ASN A 179 -2.33 -13.15 -15.21
N MET A 180 -1.97 -13.93 -14.20
CA MET A 180 -2.94 -14.72 -13.45
C MET A 180 -3.02 -14.03 -12.09
N THR A 181 -4.19 -13.50 -11.78
CA THR A 181 -4.39 -12.72 -10.55
C THR A 181 -5.42 -13.43 -9.69
N PHE A 182 -5.19 -13.36 -8.38
CA PHE A 182 -5.99 -14.05 -7.41
C PHE A 182 -6.28 -13.13 -6.26
N SER A 183 -7.52 -13.09 -5.80
CA SER A 183 -7.82 -12.42 -4.53
C SER A 183 -8.78 -13.28 -3.70
N GLY A 184 -8.37 -13.53 -2.47
CA GLY A 184 -9.17 -14.36 -1.57
C GLY A 184 -9.33 -15.78 -2.03
N VAL A 185 -8.29 -16.31 -2.67
CA VAL A 185 -8.31 -17.66 -3.20
C VAL A 185 -7.46 -18.61 -2.33
N GLU A 186 -8.13 -19.51 -1.63
CA GLU A 186 -7.46 -20.60 -0.93
C GLU A 186 -6.89 -21.56 -1.93
N GLY A 187 -5.59 -21.74 -1.90
CA GLY A 187 -4.91 -22.63 -2.85
C GLY A 187 -4.26 -21.85 -3.98
N ALA A 188 -4.30 -20.52 -3.91
CA ALA A 188 -3.62 -19.75 -4.94
C ALA A 188 -2.13 -19.99 -4.80
N PRO A 189 -1.43 -20.09 -5.94
CA PRO A 189 0.05 -20.08 -5.85
C PRO A 189 0.50 -18.77 -5.22
N ALA A 190 1.70 -18.73 -4.65
CA ALA A 190 2.11 -17.54 -3.91
C ALA A 190 2.49 -16.42 -4.89
N GLN A 191 2.42 -15.19 -4.41
CA GLN A 191 2.86 -14.02 -5.17
C GLN A 191 4.26 -14.33 -5.76
N SER A 192 4.40 -14.32 -7.10
CA SER A 192 5.69 -14.55 -7.72
C SER A 192 6.05 -13.64 -8.92
N PHE A 193 5.07 -12.86 -9.40
CA PHE A 193 5.15 -12.14 -10.71
C PHE A 193 6.54 -11.56 -10.92
N PRO A 194 7.10 -11.74 -12.12
CA PRO A 194 6.42 -12.24 -13.31
C PRO A 194 6.64 -13.73 -13.51
N GLU A 195 6.96 -14.44 -12.43
CA GLU A 195 7.86 -15.55 -12.61
C GLU A 195 7.67 -16.85 -11.78
N PRO A 196 6.60 -17.62 -12.07
CA PRO A 196 5.55 -17.36 -13.05
C PRO A 196 4.69 -16.16 -12.68
N PRO A 197 3.85 -15.71 -13.61
CA PRO A 197 3.17 -14.41 -13.52
C PRO A 197 1.95 -14.43 -12.59
N TYR A 198 2.19 -14.55 -11.28
CA TYR A 198 1.11 -14.68 -10.29
C TYR A 198 1.05 -13.46 -9.40
N THR A 199 -0.11 -12.78 -9.42
CA THR A 199 -0.40 -11.65 -8.54
C THR A 199 -1.44 -12.13 -7.53
N THR A 200 -1.07 -12.15 -6.24
CA THR A 200 -1.84 -12.92 -5.28
C THR A 200 -2.07 -12.09 -4.08
N LEU A 201 -3.34 -11.80 -3.85
CA LEU A 201 -3.78 -11.03 -2.73
C LEU A 201 -4.55 -11.93 -1.80
N GLU A 202 -4.05 -12.08 -0.59
CA GLU A 202 -4.73 -12.88 0.43
C GLU A 202 -6.27 -12.65 0.50
N THR A 203 -6.75 -11.41 0.33
CA THR A 203 -8.16 -11.13 0.58
C THR A 203 -8.70 -10.16 -0.47
N THR A 204 -10.03 -10.20 -0.68
CA THR A 204 -10.71 -9.21 -1.49
C THR A 204 -11.36 -8.18 -0.57
N PRO A 205 -11.02 -6.91 -0.76
CA PRO A 205 -11.34 -5.82 0.20
C PRO A 205 -12.84 -5.69 0.48
N VAL A 206 -13.61 -5.98 -0.54
CA VAL A 206 -15.06 -6.13 -0.41
C VAL A 206 -15.57 -6.88 -1.63
N SER A 207 -16.50 -7.79 -1.41
CA SER A 207 -17.21 -8.46 -2.52
C SER A 207 -18.60 -8.75 -2.04
N ARG A 208 -19.49 -8.92 -2.99
CA ARG A 208 -20.86 -9.27 -2.66
C ARG A 208 -21.33 -10.17 -3.80
N GLU A 209 -21.69 -11.39 -3.47
CA GLU A 209 -22.00 -12.34 -4.53
C GLU A 209 -23.23 -11.97 -5.39
N LYS A 210 -23.13 -12.31 -6.66
CA LYS A 210 -24.17 -11.98 -7.62
C LYS A 210 -25.46 -12.63 -7.18
N PRO A 211 -26.55 -11.86 -7.19
CA PRO A 211 -27.86 -12.47 -6.91
C PRO A 211 -28.20 -13.53 -7.94
N PHE A 212 -28.97 -14.54 -7.55
CA PHE A 212 -29.36 -15.60 -8.47
C PHE A 212 -30.75 -16.18 -8.19
N LEU A 213 -31.41 -16.63 -9.24
CA LEU A 213 -32.69 -17.30 -9.12
C LEU A 213 -32.53 -18.71 -8.52
N TYR A 214 -33.41 -19.10 -7.61
CA TYR A 214 -33.45 -20.46 -7.14
C TYR A 214 -34.83 -20.85 -6.62
N LEU A 215 -35.02 -22.13 -6.32
CA LEU A 215 -36.25 -22.57 -5.64
C LEU A 215 -35.96 -22.72 -4.13
N ASP A 216 -36.73 -22.03 -3.28
CA ASP A 216 -36.73 -22.31 -1.83
C ASP A 216 -38.07 -22.94 -1.63
N GLY A 217 -38.16 -24.10 -2.28
CA GLY A 217 -39.23 -25.04 -2.18
C GLY A 217 -40.39 -24.50 -2.94
N ASP A 218 -40.88 -25.36 -3.84
CA ASP A 218 -41.79 -25.05 -4.91
C ASP A 218 -41.78 -23.64 -5.57
N ASP A 219 -41.26 -22.66 -4.88
CA ASP A 219 -41.49 -21.30 -5.29
C ASP A 219 -40.20 -20.71 -5.75
N TYR A 220 -40.28 -19.98 -6.84
CA TYR A 220 -39.10 -19.31 -7.33
C TYR A 220 -38.83 -18.06 -6.53
N LYS A 221 -37.54 -17.84 -6.33
CA LYS A 221 -37.05 -16.68 -5.63
C LYS A 221 -35.70 -16.31 -6.18
N VAL A 222 -35.26 -15.12 -5.81
CA VAL A 222 -33.91 -14.69 -6.04
C VAL A 222 -33.19 -14.47 -4.73
N PHE A 223 -32.01 -15.06 -4.66
CA PHE A 223 -31.17 -14.94 -3.50
C PHE A 223 -30.27 -13.74 -3.73
N VAL A 224 -30.25 -12.86 -2.74
CA VAL A 224 -29.46 -11.66 -2.81
C VAL A 224 -28.48 -11.70 -1.59
N PRO A 225 -27.26 -12.23 -1.82
CA PRO A 225 -26.29 -12.37 -0.72
C PRO A 225 -25.77 -11.04 -0.21
N ALA A 226 -25.44 -11.02 1.07
CA ALA A 226 -24.90 -9.84 1.75
C ALA A 226 -23.44 -9.73 1.36
N LYS A 227 -22.92 -8.51 1.27
CA LYS A 227 -21.49 -8.40 0.99
C LYS A 227 -20.63 -9.01 2.11
N ARG A 228 -19.35 -9.21 1.82
CA ARG A 228 -18.36 -9.47 2.89
C ARG A 228 -17.12 -8.60 2.64
N THR A 229 -16.48 -8.20 3.74
CA THR A 229 -15.30 -7.39 3.68
C THR A 229 -14.09 -8.30 3.94
N ASN A 230 -12.97 -8.03 3.24
CA ASN A 230 -11.79 -8.89 3.32
C ASN A 230 -12.12 -10.36 3.09
N ALA A 231 -12.95 -10.59 2.09
CA ALA A 231 -13.37 -11.93 1.71
C ALA A 231 -12.22 -12.88 1.33
N ARG A 232 -12.41 -14.14 1.67
CA ARG A 232 -11.52 -15.22 1.25
C ARG A 232 -12.24 -16.52 1.31
N GLY A 233 -12.06 -17.34 0.28
CA GLY A 233 -12.76 -18.62 0.19
C GLY A 233 -14.21 -18.42 -0.21
N THR A 234 -14.95 -19.52 -0.39
CA THR A 234 -16.33 -19.43 -0.85
C THR A 234 -17.33 -18.96 0.24
N SER A 235 -18.48 -18.49 -0.21
CA SER A 235 -19.53 -17.95 0.66
C SER A 235 -20.45 -19.03 1.24
N TRP A 236 -20.40 -20.22 0.66
CA TRP A 236 -21.36 -21.30 0.91
C TRP A 236 -20.79 -22.58 1.55
N GLY A 237 -19.48 -22.70 1.66
CA GLY A 237 -18.90 -23.98 2.13
C GLY A 237 -19.25 -24.44 3.55
N ASN A 238 -19.37 -23.49 4.47
CA ASN A 238 -19.63 -23.83 5.87
C ASN A 238 -21.14 -23.56 6.14
N GLY A 239 -21.94 -23.66 5.07
CA GLY A 239 -23.35 -23.27 5.08
C GLY A 239 -23.75 -22.14 4.15
N THR A 240 -25.06 -22.07 3.93
CA THR A 240 -25.81 -20.82 3.67
C THR A 240 -25.08 -19.69 3.02
N PRO A 241 -25.38 -19.36 1.70
CA PRO A 241 -24.39 -18.31 1.41
C PRO A 241 -24.71 -17.05 2.24
N GLU A 242 -25.72 -17.15 3.13
CA GLU A 242 -26.25 -16.06 3.86
C GLU A 242 -26.82 -15.04 2.87
N GLY A 243 -28.03 -14.52 3.11
CA GLY A 243 -28.50 -13.34 2.37
C GLY A 243 -29.94 -12.97 2.68
N GLU A 244 -30.72 -12.61 1.67
CA GLU A 244 -32.18 -12.42 1.82
C GLU A 244 -32.89 -13.04 0.61
N SER A 245 -34.11 -13.56 0.76
CA SER A 245 -34.72 -14.25 -0.39
C SER A 245 -36.04 -13.65 -0.93
N LEU A 246 -35.92 -13.14 -2.15
CA LEU A 246 -36.87 -12.21 -2.72
C LEU A 246 -37.84 -12.97 -3.56
N PRO A 247 -39.11 -13.00 -3.15
CA PRO A 247 -40.13 -13.69 -3.95
C PRO A 247 -40.18 -13.27 -5.42
N LEU A 248 -40.23 -14.24 -6.36
CA LEU A 248 -40.35 -13.90 -7.79
C LEU A 248 -41.45 -12.85 -8.05
N ASP A 249 -42.41 -12.81 -7.14
CA ASP A 249 -43.63 -12.07 -7.31
C ASP A 249 -43.38 -10.62 -6.83
N GLN A 250 -42.18 -10.37 -6.28
CA GLN A 250 -41.72 -9.00 -6.05
C GLN A 250 -40.78 -8.50 -7.18
N PHE A 251 -40.68 -9.31 -8.25
CA PHE A 251 -39.96 -8.92 -9.45
C PHE A 251 -40.96 -8.68 -10.55
N TYR A 252 -40.71 -7.63 -11.35
CA TYR A 252 -41.37 -7.50 -12.62
C TYR A 252 -40.61 -8.34 -13.64
N VAL A 253 -41.31 -9.30 -14.22
CA VAL A 253 -40.68 -10.30 -15.08
C VAL A 253 -40.74 -9.77 -16.52
N VAL A 254 -39.69 -9.04 -16.90
CA VAL A 254 -39.67 -8.30 -18.15
C VAL A 254 -39.48 -9.25 -19.34
N LYS A 255 -40.39 -9.14 -20.27
CA LYS A 255 -40.26 -9.81 -21.54
C LYS A 255 -40.19 -8.67 -22.57
N PRO A 256 -39.60 -8.95 -23.73
CA PRO A 256 -39.31 -7.89 -24.75
C PRO A 256 -40.46 -6.87 -25.21
N GLY A 257 -41.71 -7.31 -25.37
CA GLY A 257 -42.80 -6.32 -25.54
C GLY A 257 -42.71 -5.11 -24.57
N ALA A 258 -41.96 -5.29 -23.48
CA ALA A 258 -41.80 -4.24 -22.49
C ALA A 258 -41.11 -2.98 -23.02
N THR A 259 -41.72 -1.85 -22.69
CA THR A 259 -41.15 -0.53 -22.99
C THR A 259 -40.41 0.02 -21.79
N ALA A 260 -39.55 1.02 -22.01
CA ALA A 260 -38.87 1.68 -20.89
C ALA A 260 -39.93 2.23 -19.93
N GLU A 261 -40.98 2.82 -20.49
CA GLU A 261 -42.11 3.28 -19.68
C GLU A 261 -42.77 2.18 -18.82
N THR A 262 -42.73 0.93 -19.22
CA THR A 262 -43.30 -0.07 -18.31
C THR A 262 -42.22 -0.47 -17.24
N ILE A 263 -40.97 -0.53 -17.65
CA ILE A 263 -39.90 -0.95 -16.75
C ILE A 263 -39.73 0.05 -15.62
N ASN A 264 -39.68 1.33 -15.98
CA ASN A 264 -39.45 2.40 -15.01
C ASN A 264 -40.61 2.52 -13.99
N ALA A 265 -41.83 2.33 -14.47
CA ALA A 265 -43.02 2.38 -13.60
C ALA A 265 -43.00 1.24 -12.57
N ALA A 266 -42.59 0.07 -13.02
CA ALA A 266 -42.40 -1.05 -12.09
C ALA A 266 -41.38 -0.74 -10.99
N VAL A 267 -40.19 -0.22 -11.36
CA VAL A 267 -39.15 0.13 -10.38
C VAL A 267 -39.72 0.94 -9.21
N ASP A 268 -39.84 2.25 -9.39
CA ASP A 268 -40.16 3.14 -8.28
C ASP A 268 -41.55 2.88 -7.65
N GLN A 269 -42.36 2.04 -8.29
CA GLN A 269 -43.56 1.42 -7.65
C GLN A 269 -43.14 0.37 -6.64
N GLY A 270 -41.91 -0.15 -6.76
CA GLY A 270 -41.38 -1.08 -5.78
C GLY A 270 -40.98 -2.46 -6.23
N LEU A 271 -41.20 -2.78 -7.50
CA LEU A 271 -40.82 -4.09 -8.04
C LEU A 271 -39.38 -4.10 -8.49
N HIS A 272 -38.72 -5.21 -8.23
CA HIS A 272 -37.41 -5.48 -8.79
C HIS A 272 -37.59 -5.89 -10.26
N LEU A 273 -36.47 -6.09 -10.95
CA LEU A 273 -36.50 -6.43 -12.38
C LEU A 273 -35.79 -7.74 -12.67
N LEU A 274 -36.50 -8.60 -13.39
CA LEU A 274 -35.93 -9.84 -13.89
C LEU A 274 -36.06 -9.85 -15.41
N PHE A 275 -34.92 -9.70 -16.06
CA PHE A 275 -34.86 -9.69 -17.50
C PHE A 275 -34.76 -11.11 -18.06
N THR A 276 -35.85 -11.63 -18.61
CA THR A 276 -35.82 -12.94 -19.23
C THR A 276 -34.92 -12.85 -20.47
N PRO A 277 -34.50 -14.00 -21.02
CA PRO A 277 -33.53 -13.88 -22.12
C PRO A 277 -34.19 -13.30 -23.35
N GLY A 278 -33.55 -12.28 -23.92
CA GLY A 278 -34.08 -11.63 -25.10
C GLY A 278 -33.29 -10.36 -25.34
N VAL A 279 -33.73 -9.66 -26.38
CA VAL A 279 -33.18 -8.37 -26.78
C VAL A 279 -34.25 -7.28 -26.60
N TYR A 280 -33.88 -6.23 -25.89
CA TYR A 280 -34.78 -5.20 -25.47
C TYR A 280 -34.35 -3.86 -26.03
N HIS A 281 -35.02 -3.39 -27.07
CA HIS A 281 -34.82 -2.02 -27.49
C HIS A 281 -35.61 -1.07 -26.57
N VAL A 282 -34.97 0.03 -26.14
CA VAL A 282 -35.60 1.05 -25.36
C VAL A 282 -35.52 2.43 -26.12
N ASP A 283 -36.66 3.17 -26.22
CA ASP A 283 -36.76 4.57 -26.72
C ASP A 283 -36.29 5.52 -25.57
N GLN A 284 -36.16 4.96 -24.37
CA GLN A 284 -35.92 5.72 -23.14
C GLN A 284 -34.93 4.97 -22.20
N PRO A 285 -34.18 5.73 -21.39
CA PRO A 285 -33.30 5.07 -20.42
C PRO A 285 -34.07 4.40 -19.30
N ILE A 286 -33.56 3.26 -18.90
CA ILE A 286 -34.09 2.58 -17.75
C ILE A 286 -33.52 3.27 -16.54
N GLU A 287 -34.39 3.67 -15.63
CA GLU A 287 -33.95 4.41 -14.47
C GLU A 287 -34.18 3.54 -13.23
N ILE A 288 -33.15 3.43 -12.41
CA ILE A 288 -33.26 2.68 -11.17
C ILE A 288 -32.91 3.66 -10.05
N ASP A 289 -33.96 4.15 -9.40
CA ASP A 289 -33.80 5.23 -8.40
C ASP A 289 -34.42 4.90 -7.07
N ARG A 290 -34.51 3.60 -6.80
CA ARG A 290 -35.04 3.09 -5.54
C ARG A 290 -33.98 2.22 -4.89
N ALA A 291 -33.68 2.51 -3.63
CA ALA A 291 -32.68 1.73 -2.95
C ALA A 291 -32.96 0.23 -2.98
N ASN A 292 -31.87 -0.53 -3.04
CA ASN A 292 -31.88 -2.01 -2.97
C ASN A 292 -32.55 -2.74 -4.14
N THR A 293 -32.77 -2.03 -5.23
CA THR A 293 -33.39 -2.65 -6.41
C THR A 293 -32.42 -3.62 -7.03
N VAL A 294 -32.96 -4.78 -7.35
CA VAL A 294 -32.21 -5.81 -8.05
C VAL A 294 -32.70 -5.81 -9.48
N ALA A 295 -31.74 -5.76 -10.42
CA ALA A 295 -32.02 -5.88 -11.85
C ALA A 295 -31.16 -6.99 -12.41
N LEU A 296 -31.76 -8.17 -12.58
CA LEU A 296 -31.03 -9.41 -12.88
C LEU A 296 -31.44 -9.87 -14.27
N GLY A 297 -30.46 -10.09 -15.12
CA GLY A 297 -30.69 -10.63 -16.46
C GLY A 297 -30.41 -12.12 -16.52
N LEU A 298 -31.28 -12.82 -17.24
CA LEU A 298 -31.16 -14.25 -17.49
C LEU A 298 -30.77 -14.46 -18.97
N GLY A 299 -29.95 -15.46 -19.25
CA GLY A 299 -29.69 -15.86 -20.62
C GLY A 299 -29.06 -14.77 -21.51
N LEU A 300 -28.18 -13.93 -20.94
CA LEU A 300 -27.52 -12.86 -21.67
C LEU A 300 -28.51 -11.83 -22.22
N ALA A 301 -29.53 -11.52 -21.40
CA ALA A 301 -30.50 -10.53 -21.74
C ALA A 301 -29.80 -9.26 -22.14
N THR A 302 -30.27 -8.66 -23.22
CA THR A 302 -29.56 -7.55 -23.86
C THR A 302 -30.47 -6.34 -23.94
N ILE A 303 -29.92 -5.17 -23.67
CA ILE A 303 -30.66 -3.90 -23.76
C ILE A 303 -29.97 -3.07 -24.85
N ILE A 304 -30.77 -2.60 -25.83
CA ILE A 304 -30.26 -1.70 -26.88
C ILE A 304 -30.94 -0.34 -26.80
N PRO A 305 -30.16 0.73 -26.53
CA PRO A 305 -30.82 2.03 -26.49
C PRO A 305 -30.95 2.60 -27.89
N ASP A 306 -32.16 2.98 -28.25
CA ASP A 306 -32.40 3.62 -29.55
C ASP A 306 -32.29 5.15 -29.41
N ASN A 307 -32.28 5.85 -30.55
CA ASN A 307 -32.48 7.31 -30.55
C ASN A 307 -31.33 8.04 -29.82
N GLY A 308 -30.24 7.33 -29.64
CA GLY A 308 -29.05 7.87 -28.97
C GLY A 308 -29.16 8.02 -27.47
N VAL A 309 -30.17 7.40 -26.87
CA VAL A 309 -30.32 7.56 -25.42
C VAL A 309 -29.33 6.69 -24.60
N THR A 310 -29.22 6.97 -23.29
CA THR A 310 -28.49 6.09 -22.39
C THR A 310 -29.36 4.89 -22.10
N ALA A 311 -28.76 3.72 -21.95
CA ALA A 311 -29.54 2.52 -21.74
C ALA A 311 -29.99 2.40 -20.30
N LEU A 312 -29.12 2.75 -19.37
CA LEU A 312 -29.29 2.36 -18.00
C LEU A 312 -28.65 3.37 -17.05
N LYS A 313 -29.40 3.70 -16.04
CA LYS A 313 -29.07 4.83 -15.18
C LYS A 313 -29.61 4.48 -13.82
N VAL A 314 -28.79 4.82 -12.85
CA VAL A 314 -28.99 4.43 -11.49
C VAL A 314 -28.83 5.73 -10.72
N GLY A 315 -29.88 6.13 -10.00
CA GLY A 315 -29.76 7.30 -9.14
C GLY A 315 -28.86 7.07 -7.94
N ASP A 316 -28.91 8.05 -7.02
CA ASP A 316 -27.91 8.20 -5.97
C ASP A 316 -28.42 7.52 -4.69
N VAL A 317 -28.66 6.23 -4.83
CA VAL A 317 -29.25 5.40 -3.79
C VAL A 317 -28.31 4.24 -3.42
N ASP A 318 -28.52 3.68 -2.24
CA ASP A 318 -27.81 2.50 -1.76
C ASP A 318 -28.30 1.23 -2.45
N GLY A 319 -27.39 0.26 -2.56
CA GLY A 319 -27.72 -1.13 -2.70
C GLY A 319 -28.31 -1.66 -3.99
N VAL A 320 -28.18 -0.93 -5.09
CA VAL A 320 -28.73 -1.40 -6.35
C VAL A 320 -27.77 -2.46 -6.86
N LYS A 321 -28.35 -3.54 -7.39
CA LYS A 321 -27.59 -4.71 -7.84
C LYS A 321 -27.98 -4.97 -9.29
N VAL A 322 -27.11 -4.55 -10.19
CA VAL A 322 -27.30 -4.75 -11.62
C VAL A 322 -26.47 -5.98 -11.98
N ALA A 323 -27.06 -7.02 -12.58
CA ALA A 323 -26.37 -8.29 -12.73
C ALA A 323 -26.75 -8.99 -14.04
N GLY A 324 -25.74 -9.34 -14.84
CA GLY A 324 -25.96 -10.10 -16.05
C GLY A 324 -26.81 -9.41 -17.10
N LEU A 325 -26.45 -8.19 -17.45
CA LEU A 325 -27.02 -7.58 -18.63
C LEU A 325 -25.92 -7.26 -19.63
N LEU A 326 -26.20 -7.50 -20.92
CA LEU A 326 -25.36 -7.01 -22.03
C LEU A 326 -26.04 -5.74 -22.55
N VAL A 327 -25.33 -4.63 -22.54
CA VAL A 327 -25.83 -3.43 -23.19
C VAL A 327 -25.09 -3.21 -24.47
N ASP A 328 -25.87 -3.09 -25.51
CA ASP A 328 -25.41 -3.13 -26.86
C ASP A 328 -25.76 -1.83 -27.58
N ALA A 329 -24.73 -1.10 -28.05
CA ALA A 329 -25.00 0.22 -28.61
C ALA A 329 -25.84 0.15 -29.88
N GLY A 330 -26.67 1.15 -30.08
CA GLY A 330 -27.39 1.31 -31.35
C GLY A 330 -26.55 2.13 -32.32
N PRO A 331 -26.95 2.15 -33.61
CA PRO A 331 -26.14 2.91 -34.58
C PRO A 331 -26.18 4.44 -34.40
N VAL A 332 -27.18 4.96 -33.70
CA VAL A 332 -27.13 6.37 -33.30
C VAL A 332 -26.26 6.52 -32.07
N ASN A 333 -25.27 7.40 -32.14
CA ASN A 333 -24.37 7.59 -31.02
C ASN A 333 -25.08 7.96 -29.70
N SER A 334 -24.86 7.15 -28.67
CA SER A 334 -25.22 7.50 -27.32
C SER A 334 -24.09 8.20 -26.61
N GLU A 335 -24.42 9.30 -25.97
CA GLU A 335 -23.44 10.02 -25.18
C GLU A 335 -22.86 9.14 -24.07
N THR A 336 -23.73 8.44 -23.36
CA THR A 336 -23.33 7.36 -22.45
C THR A 336 -24.23 6.15 -22.59
N LEU A 337 -23.73 4.97 -22.22
CA LEU A 337 -24.57 3.78 -22.26
C LEU A 337 -25.08 3.39 -20.87
N VAL A 338 -24.21 3.53 -19.87
CA VAL A 338 -24.57 3.21 -18.49
C VAL A 338 -24.06 4.26 -17.52
N GLU A 339 -24.96 4.81 -16.70
CA GLU A 339 -24.52 5.74 -15.64
C GLU A 339 -24.89 5.31 -14.22
N VAL A 340 -23.86 5.17 -13.36
CA VAL A 340 -24.05 4.85 -11.96
C VAL A 340 -23.93 6.10 -11.09
N GLY A 341 -25.09 6.59 -10.73
CA GLY A 341 -25.20 7.82 -9.98
C GLY A 341 -24.95 9.01 -10.87
N SER A 342 -24.89 10.20 -10.29
CA SER A 342 -24.82 11.42 -11.11
C SER A 342 -23.50 12.14 -11.11
N ASP A 343 -23.37 13.14 -11.99
CA ASP A 343 -22.17 14.01 -12.00
C ASP A 343 -22.03 14.86 -10.72
N GLY A 344 -20.97 14.65 -9.92
CA GLY A 344 -20.74 15.44 -8.71
C GLY A 344 -21.29 14.79 -7.44
N ALA A 345 -21.74 13.54 -7.56
CA ALA A 345 -22.21 12.73 -6.44
C ALA A 345 -21.18 11.88 -5.72
N SER A 346 -19.98 12.40 -5.55
CA SER A 346 -19.11 12.01 -4.40
C SER A 346 -20.07 12.07 -3.19
N GLY A 347 -19.81 11.27 -2.13
CA GLY A 347 -20.62 11.22 -0.88
C GLY A 347 -21.30 9.83 -0.72
N ASP A 348 -21.52 9.27 0.49
CA ASP A 348 -21.22 7.81 0.68
C ASP A 348 -22.29 6.66 0.74
N HIS A 349 -21.89 5.47 0.24
CA HIS A 349 -22.73 4.27 0.25
C HIS A 349 -21.96 3.05 0.76
N ALA A 350 -21.16 3.25 1.81
CA ALA A 350 -20.17 2.24 2.18
C ALA A 350 -20.80 0.96 2.74
N ALA A 351 -21.80 1.08 3.58
CA ALA A 351 -22.40 -0.12 4.18
C ALA A 351 -23.04 -0.99 3.07
N ASN A 352 -23.88 -0.34 2.25
CA ASN A 352 -24.67 -0.97 1.20
C ASN A 352 -24.45 -0.35 -0.18
N PRO A 353 -23.34 -0.73 -0.83
CA PRO A 353 -22.99 -0.10 -2.11
C PRO A 353 -23.84 -0.58 -3.26
N THR A 354 -23.79 0.16 -4.36
CA THR A 354 -24.34 -0.30 -5.62
C THR A 354 -23.26 -1.14 -6.30
N SER A 355 -23.68 -2.15 -7.05
CA SER A 355 -22.76 -2.99 -7.81
C SER A 355 -23.25 -3.27 -9.22
N LEU A 356 -22.28 -3.35 -10.12
CA LEU A 356 -22.44 -3.95 -11.44
C LEU A 356 -21.67 -5.25 -11.50
N GLN A 357 -22.36 -6.34 -11.82
CA GLN A 357 -21.72 -7.65 -11.93
C GLN A 357 -22.19 -8.34 -13.20
N ASP A 358 -21.24 -8.91 -13.94
CA ASP A 358 -21.54 -9.47 -15.27
C ASP A 358 -22.38 -8.49 -16.09
N VAL A 359 -21.89 -7.26 -16.17
CA VAL A 359 -22.48 -6.25 -17.02
C VAL A 359 -21.52 -5.98 -18.16
N PHE A 360 -21.89 -6.42 -19.35
CA PHE A 360 -21.06 -6.39 -20.54
C PHE A 360 -21.60 -5.36 -21.50
N VAL A 361 -20.70 -4.60 -22.13
CA VAL A 361 -21.08 -3.57 -23.12
C VAL A 361 -20.46 -3.94 -24.44
N ARG A 362 -21.21 -3.77 -25.51
CA ARG A 362 -20.69 -4.00 -26.85
C ARG A 362 -20.97 -2.78 -27.67
N ILE A 363 -19.96 -2.32 -28.42
CA ILE A 363 -20.12 -1.26 -29.41
C ILE A 363 -19.79 -1.80 -30.81
N GLY A 364 -20.81 -2.03 -31.61
CA GLY A 364 -20.65 -2.61 -32.94
C GLY A 364 -20.53 -4.12 -32.92
N GLY A 365 -20.44 -4.76 -34.10
CA GLY A 365 -20.15 -6.17 -34.23
C GLY A 365 -21.33 -6.91 -34.83
N ALA A 366 -22.51 -6.40 -34.52
CA ALA A 366 -23.75 -6.97 -35.05
C ALA A 366 -24.46 -6.01 -35.98
N GLY A 367 -23.66 -5.12 -36.55
CA GLY A 367 -24.18 -3.96 -37.20
C GLY A 367 -23.66 -2.74 -36.49
N PRO A 368 -23.66 -1.59 -37.17
CA PRO A 368 -22.98 -0.43 -36.61
C PRO A 368 -23.53 -0.02 -35.24
N GLY A 369 -22.61 0.39 -34.37
CA GLY A 369 -22.95 0.92 -33.07
C GLY A 369 -21.91 1.97 -32.66
N LYS A 370 -22.32 2.96 -31.87
CA LYS A 370 -21.44 4.04 -31.48
C LYS A 370 -21.83 4.54 -30.11
N ALA A 371 -20.84 4.93 -29.30
CA ALA A 371 -21.13 5.63 -28.05
C ALA A 371 -19.88 6.35 -27.59
N THR A 372 -20.06 7.49 -26.94
CA THR A 372 -18.95 8.33 -26.53
C THR A 372 -18.21 7.76 -25.31
N THR A 373 -18.94 7.52 -24.23
CA THR A 373 -18.38 6.92 -23.00
C THR A 373 -19.33 5.79 -22.64
N SER A 374 -18.82 4.58 -22.45
CA SER A 374 -19.72 3.46 -22.20
C SER A 374 -20.28 3.42 -20.77
N ILE A 375 -19.39 3.46 -19.79
CA ILE A 375 -19.80 3.37 -18.40
C ILE A 375 -19.20 4.50 -17.57
N VAL A 376 -20.08 5.35 -17.07
CA VAL A 376 -19.68 6.40 -16.15
C VAL A 376 -20.12 6.03 -14.75
N VAL A 377 -19.14 6.01 -13.86
CA VAL A 377 -19.32 5.48 -12.54
C VAL A 377 -19.13 6.73 -11.56
N ASN A 378 -20.23 7.37 -11.20
CA ASN A 378 -20.15 8.56 -10.32
C ASN A 378 -20.35 8.32 -8.83
N SER A 379 -21.22 7.40 -8.47
CA SER A 379 -21.56 7.17 -7.06
C SER A 379 -20.41 6.54 -6.27
N ASN A 380 -20.14 7.10 -5.12
CA ASN A 380 -19.12 6.57 -4.27
C ASN A 380 -19.38 5.14 -3.80
N ASP A 381 -18.29 4.42 -3.58
CA ASP A 381 -18.29 3.08 -3.02
C ASP A 381 -18.81 1.97 -3.95
N THR A 382 -19.05 2.33 -5.20
CA THR A 382 -19.55 1.38 -6.19
C THR A 382 -18.55 0.24 -6.43
N ILE A 383 -19.11 -0.95 -6.57
CA ILE A 383 -18.36 -2.16 -6.88
C ILE A 383 -18.65 -2.61 -8.32
N ILE A 384 -17.58 -2.79 -9.10
CA ILE A 384 -17.71 -3.26 -10.47
C ILE A 384 -16.97 -4.62 -10.49
N ASP A 385 -17.75 -5.69 -10.32
CA ASP A 385 -17.25 -7.05 -10.17
C ASP A 385 -17.57 -7.87 -11.40
N HIS A 386 -16.61 -7.88 -12.30
CA HIS A 386 -16.66 -8.50 -13.63
C HIS A 386 -17.42 -7.70 -14.66
N THR A 387 -16.68 -6.95 -15.46
CA THR A 387 -17.28 -6.27 -16.59
C THR A 387 -16.40 -6.46 -17.83
N TRP A 388 -17.02 -6.57 -19.01
CA TRP A 388 -16.30 -6.52 -20.31
C TRP A 388 -16.94 -5.41 -21.09
N VAL A 389 -16.13 -4.41 -21.38
CA VAL A 389 -16.57 -3.20 -22.08
C VAL A 389 -15.73 -3.17 -23.36
N TRP A 390 -16.40 -3.44 -24.46
CA TRP A 390 -15.74 -3.90 -25.69
C TRP A 390 -16.26 -3.17 -26.92
N ARG A 391 -15.36 -2.41 -27.54
CA ARG A 391 -15.63 -1.84 -28.82
C ARG A 391 -15.25 -2.91 -29.83
N ALA A 392 -16.24 -3.39 -30.58
CA ALA A 392 -16.04 -4.56 -31.42
C ALA A 392 -14.85 -4.37 -32.39
N ASP A 393 -13.98 -5.38 -32.48
CA ASP A 393 -12.88 -5.41 -33.43
C ASP A 393 -13.15 -6.29 -34.63
N HIS A 394 -14.27 -7.01 -34.63
CA HIS A 394 -14.67 -7.83 -35.77
C HIS A 394 -16.18 -7.91 -35.74
N GLY A 395 -16.74 -8.53 -36.76
CA GLY A 395 -18.19 -8.52 -36.99
C GLY A 395 -18.58 -7.40 -37.94
N GLU A 396 -19.87 -7.18 -38.18
CA GLU A 396 -20.24 -6.08 -39.10
C GLU A 396 -20.49 -4.79 -38.38
N GLY A 397 -20.38 -3.68 -39.11
CA GLY A 397 -20.62 -2.40 -38.49
C GLY A 397 -19.41 -1.94 -37.69
N VAL A 398 -18.23 -2.39 -38.14
CA VAL A 398 -16.96 -2.04 -37.51
C VAL A 398 -16.07 -1.19 -38.42
N GLY A 399 -15.34 -0.26 -37.82
CA GLY A 399 -14.58 0.71 -38.58
C GLY A 399 -14.12 1.85 -37.67
N TRP A 400 -12.99 2.47 -38.03
CA TRP A 400 -12.38 3.45 -37.14
C TRP A 400 -13.38 4.60 -36.88
N GLU A 401 -14.23 4.87 -37.86
CA GLU A 401 -15.35 5.80 -37.70
C GLU A 401 -16.64 5.04 -37.49
N THR A 402 -16.80 3.95 -38.24
CA THR A 402 -18.04 3.19 -38.27
C THR A 402 -18.55 2.85 -36.87
N ASN A 403 -17.72 2.25 -36.04
CA ASN A 403 -18.11 2.03 -34.64
C ASN A 403 -17.19 2.77 -33.69
N ARG A 404 -16.87 4.03 -34.03
CA ARG A 404 -16.12 4.90 -33.12
C ARG A 404 -16.73 4.86 -31.72
N ALA A 405 -15.86 4.66 -30.73
CA ALA A 405 -16.23 4.77 -29.32
C ALA A 405 -15.00 5.26 -28.55
N ASP A 406 -15.05 6.50 -28.10
CA ASP A 406 -13.83 7.12 -27.60
C ASP A 406 -13.38 6.59 -26.23
N TYR A 407 -14.33 6.41 -25.31
CA TYR A 407 -14.01 6.14 -23.91
C TYR A 407 -14.79 4.94 -23.41
N GLY A 408 -14.10 4.05 -22.71
CA GLY A 408 -14.78 2.87 -22.18
C GLY A 408 -15.46 3.11 -20.85
N VAL A 409 -14.64 3.22 -19.81
CA VAL A 409 -15.08 3.42 -18.47
C VAL A 409 -14.44 4.67 -17.91
N HIS A 410 -15.27 5.52 -17.32
CA HIS A 410 -14.78 6.66 -16.56
C HIS A 410 -15.27 6.58 -15.12
N VAL A 411 -14.35 6.44 -14.17
CA VAL A 411 -14.77 6.37 -12.76
C VAL A 411 -14.50 7.73 -12.17
N LYS A 412 -15.54 8.42 -11.75
CA LYS A 412 -15.40 9.75 -11.13
C LYS A 412 -15.65 9.69 -9.60
N GLY A 413 -16.47 8.74 -9.15
CA GLY A 413 -16.71 8.55 -7.73
C GLY A 413 -15.52 8.03 -6.93
N ASP A 414 -15.63 8.13 -5.59
CA ASP A 414 -14.57 7.76 -4.66
C ASP A 414 -14.81 6.39 -4.06
N ASN A 415 -13.71 5.75 -3.69
CA ASN A 415 -13.68 4.41 -3.09
C ASN A 415 -14.41 3.36 -3.91
N VAL A 416 -14.28 3.53 -5.21
CA VAL A 416 -14.83 2.57 -6.18
C VAL A 416 -13.86 1.42 -6.33
N LEU A 417 -14.40 0.20 -6.46
CA LEU A 417 -13.57 -1.01 -6.50
C LEU A 417 -13.95 -1.74 -7.74
N ALA A 418 -12.95 -2.08 -8.55
CA ALA A 418 -13.15 -2.90 -9.74
C ALA A 418 -12.38 -4.19 -9.53
N THR A 419 -13.06 -5.32 -9.61
CA THR A 419 -12.47 -6.64 -9.53
C THR A 419 -12.85 -7.38 -10.83
N GLY A 420 -11.84 -7.66 -11.67
CA GLY A 420 -12.12 -8.36 -12.92
C GLY A 420 -12.54 -7.37 -14.01
N LEU A 421 -11.65 -6.44 -14.33
CA LEU A 421 -11.97 -5.34 -15.25
C LEU A 421 -11.39 -5.64 -16.63
N PHE A 422 -12.24 -5.80 -17.64
CA PHE A 422 -11.79 -6.11 -19.02
C PHE A 422 -12.34 -4.99 -19.95
N VAL A 423 -11.48 -4.20 -20.60
CA VAL A 423 -11.94 -3.11 -21.41
C VAL A 423 -11.05 -2.96 -22.66
N GLU A 424 -11.64 -2.99 -23.86
CA GLU A 424 -10.84 -3.17 -25.08
C GLU A 424 -11.30 -2.33 -26.26
N HIS A 425 -10.30 -1.75 -26.91
CA HIS A 425 -10.32 -1.26 -28.29
C HIS A 425 -10.90 0.15 -28.49
N PHE A 426 -11.07 0.92 -27.43
CA PHE A 426 -11.56 2.28 -27.59
C PHE A 426 -10.64 3.24 -28.39
N ASN A 427 -11.25 4.21 -29.09
CA ASN A 427 -10.49 5.19 -29.90
C ASN A 427 -9.55 6.05 -29.04
N LYS A 428 -9.93 6.33 -27.79
CA LYS A 428 -9.13 7.13 -26.85
C LYS A 428 -8.84 6.32 -25.56
N TYR A 429 -9.04 6.89 -24.36
CA TYR A 429 -8.71 6.12 -23.15
C TYR A 429 -9.76 5.03 -22.88
N ASP A 430 -9.31 3.79 -22.79
CA ASP A 430 -10.18 2.71 -22.43
C ASP A 430 -10.77 2.91 -21.03
N VAL A 431 -9.89 3.19 -20.09
CA VAL A 431 -10.28 3.48 -18.71
C VAL A 431 -9.61 4.74 -18.24
N GLN A 432 -10.37 5.60 -17.58
CA GLN A 432 -9.82 6.75 -16.89
C GLN A 432 -10.45 6.91 -15.49
N TRP A 433 -9.64 7.33 -14.53
CA TRP A 433 -10.01 7.26 -13.12
C TRP A 433 -9.70 8.54 -12.41
N SER A 434 -10.77 9.29 -12.17
CA SER A 434 -10.72 10.62 -11.59
C SER A 434 -11.04 10.68 -10.12
N GLY A 435 -11.75 9.66 -9.64
CA GLY A 435 -12.16 9.63 -8.25
C GLY A 435 -11.01 9.26 -7.35
N GLU A 436 -11.20 9.37 -6.04
CA GLU A 436 -10.16 9.09 -5.07
C GLU A 436 -10.26 7.66 -4.50
N ASN A 437 -9.09 7.15 -4.06
CA ASN A 437 -8.88 5.79 -3.48
C ASN A 437 -9.55 4.67 -4.23
N GLY A 438 -9.47 4.79 -5.54
CA GLY A 438 -9.93 3.73 -6.40
C GLY A 438 -8.99 2.55 -6.24
N LYS A 439 -9.51 1.37 -6.52
CA LYS A 439 -8.76 0.11 -6.48
C LYS A 439 -9.19 -0.75 -7.66
N THR A 440 -8.21 -1.27 -8.41
CA THR A 440 -8.48 -2.27 -9.44
C THR A 440 -7.66 -3.51 -9.18
N ILE A 441 -8.37 -4.64 -9.06
CA ILE A 441 -7.75 -5.95 -8.98
C ILE A 441 -8.10 -6.71 -10.23
N PHE A 442 -7.06 -6.91 -11.05
CA PHE A 442 -7.10 -7.46 -12.40
C PHE A 442 -7.64 -6.50 -13.48
N TYR A 443 -6.77 -6.21 -14.44
CA TYR A 443 -7.15 -5.48 -15.65
C TYR A 443 -6.61 -6.14 -16.91
N GLN A 444 -7.49 -6.30 -17.90
CA GLN A 444 -7.10 -6.74 -19.23
C GLN A 444 -7.62 -5.73 -20.25
N ASN A 445 -6.68 -5.24 -21.06
CA ASN A 445 -6.98 -4.36 -22.17
C ASN A 445 -6.26 -4.81 -23.43
N ALA A 446 -6.90 -4.61 -24.57
CA ALA A 446 -6.20 -4.58 -25.85
C ALA A 446 -6.60 -3.28 -26.53
N LYS A 447 -5.65 -2.66 -27.19
CA LYS A 447 -5.89 -1.36 -27.77
C LYS A 447 -6.61 -1.50 -29.10
N ALA A 448 -7.11 -0.39 -29.61
CA ALA A 448 -7.78 -0.40 -30.90
C ALA A 448 -6.86 -1.04 -31.93
N TYR A 449 -7.39 -2.02 -32.68
CA TYR A 449 -6.57 -2.76 -33.63
C TYR A 449 -6.62 -2.05 -35.00
N ASP A 450 -7.57 -1.11 -35.17
CA ASP A 450 -7.80 -0.46 -36.44
C ASP A 450 -7.42 1.05 -36.54
N ALA A 451 -6.45 1.49 -35.73
CA ALA A 451 -6.00 2.85 -35.82
C ALA A 451 -5.28 2.99 -37.15
N PRO A 452 -5.65 4.00 -37.96
CA PRO A 452 -5.08 3.96 -39.33
C PRO A 452 -3.69 4.58 -39.46
N ASP A 453 -3.33 5.46 -38.52
CA ASP A 453 -2.04 6.16 -38.60
C ASP A 453 -1.69 6.71 -37.23
N GLN A 454 -0.43 7.06 -37.05
CA GLN A 454 0.03 7.65 -35.79
C GLN A 454 -0.77 8.92 -35.47
N ALA A 455 -0.99 9.73 -36.48
CA ALA A 455 -1.66 11.01 -36.22
C ALA A 455 -3.03 10.78 -35.66
N ALA A 456 -3.67 9.67 -36.01
CA ALA A 456 -5.03 9.40 -35.50
C ALA A 456 -5.11 9.36 -33.97
N ILE A 457 -4.09 8.79 -33.34
CA ILE A 457 -4.10 8.53 -31.90
C ILE A 457 -3.19 9.48 -31.12
N GLN A 458 -2.78 10.57 -31.78
CA GLN A 458 -1.88 11.54 -31.17
C GLN A 458 -2.68 12.27 -30.07
N ASN A 459 -2.09 12.36 -28.86
CA ASN A 459 -2.78 12.67 -27.58
C ASN A 459 -2.02 13.82 -26.95
N GLY A 460 -2.10 14.99 -27.57
CA GLY A 460 -1.23 16.10 -27.19
C GLY A 460 0.19 15.75 -27.61
N ASP A 461 1.11 15.69 -26.64
CA ASP A 461 2.48 15.31 -26.96
C ASP A 461 2.68 13.86 -26.50
N ILE A 462 1.57 13.10 -26.41
CA ILE A 462 1.64 11.65 -26.18
C ILE A 462 1.21 10.90 -27.46
N LYS A 463 1.93 9.85 -27.87
CA LYS A 463 1.44 8.99 -28.98
C LYS A 463 0.46 7.95 -28.44
N GLY A 464 -0.76 7.91 -28.98
CA GLY A 464 -1.83 7.11 -28.38
C GLY A 464 -2.32 7.59 -27.03
N TYR A 465 -3.41 6.97 -26.57
CA TYR A 465 -4.01 7.20 -25.27
C TYR A 465 -3.81 5.96 -24.40
N ALA A 466 -3.48 6.18 -23.15
CA ALA A 466 -3.32 5.06 -22.25
C ALA A 466 -4.55 4.18 -22.25
N ALA A 467 -4.32 2.90 -22.06
CA ALA A 467 -5.42 1.99 -21.69
C ALA A 467 -6.03 2.27 -20.32
N TYR A 468 -5.25 2.83 -19.41
CA TYR A 468 -5.71 3.04 -18.04
C TYR A 468 -4.99 4.27 -17.54
N LYS A 469 -5.76 5.35 -17.42
CA LYS A 469 -5.29 6.64 -16.99
C LYS A 469 -5.85 7.06 -15.64
N VAL A 470 -4.95 7.37 -14.72
CA VAL A 470 -5.31 7.99 -13.46
C VAL A 470 -5.02 9.45 -13.63
N ASP A 471 -6.03 10.30 -13.41
CA ASP A 471 -5.84 11.73 -13.54
C ASP A 471 -4.75 12.31 -12.64
N ASP A 472 -4.15 13.40 -13.09
CA ASP A 472 -3.00 14.03 -12.43
C ASP A 472 -3.38 14.44 -11.03
N SER A 473 -4.61 14.91 -10.88
CA SER A 473 -5.07 15.44 -9.60
C SER A 473 -5.07 14.43 -8.44
N VAL A 474 -5.38 13.19 -8.76
CA VAL A 474 -5.59 12.15 -7.76
C VAL A 474 -4.47 11.94 -6.69
N THR A 475 -4.85 11.90 -5.41
CA THR A 475 -3.90 11.57 -4.34
C THR A 475 -3.66 10.08 -4.14
N THR A 476 -4.74 9.30 -4.30
CA THR A 476 -4.79 7.95 -3.77
C THR A 476 -5.42 7.04 -4.85
N HIS A 477 -4.68 6.01 -5.26
CA HIS A 477 -5.15 4.98 -6.22
C HIS A 477 -4.31 3.74 -6.06
N GLU A 478 -4.88 2.57 -6.30
CA GLU A 478 -4.08 1.35 -6.30
C GLU A 478 -4.58 0.29 -7.29
N GLY A 479 -3.65 -0.31 -8.04
CA GLY A 479 -3.97 -1.32 -9.02
C GLY A 479 -3.06 -2.53 -8.96
N TRP A 480 -3.63 -3.71 -9.16
CA TRP A 480 -2.91 -4.97 -9.12
C TRP A 480 -3.20 -5.83 -10.33
N GLY A 481 -2.14 -6.26 -11.02
CA GLY A 481 -2.27 -7.29 -12.05
C GLY A 481 -2.94 -6.83 -13.35
N MET A 482 -2.25 -5.95 -14.07
CA MET A 482 -2.84 -5.21 -15.15
C MET A 482 -1.99 -5.31 -16.44
N GLY A 483 -2.64 -5.68 -17.54
CA GLY A 483 -1.95 -5.81 -18.82
C GLY A 483 -2.71 -5.15 -19.97
N SER A 484 -1.95 -4.49 -20.83
CA SER A 484 -2.49 -3.91 -22.05
C SER A 484 -1.76 -4.49 -23.27
N TYR A 485 -2.51 -4.92 -24.29
CA TYR A 485 -1.90 -5.53 -25.50
C TYR A 485 -2.22 -4.71 -26.79
N CYS A 486 -1.31 -4.72 -27.76
CA CYS A 486 -1.55 -4.05 -29.03
C CYS A 486 -1.46 -5.01 -30.25
N TYR A 487 -2.33 -4.80 -31.25
CA TYR A 487 -2.31 -5.51 -32.54
C TYR A 487 -2.75 -4.48 -33.57
N PHE A 488 -1.81 -3.61 -33.91
CA PHE A 488 -2.13 -2.49 -34.80
C PHE A 488 -2.04 -3.03 -36.21
N ASN A 489 -3.10 -3.70 -36.63
CA ASN A 489 -3.09 -4.46 -37.89
C ASN A 489 -3.27 -3.60 -39.12
N VAL A 490 -4.03 -2.52 -39.01
CA VAL A 490 -4.21 -1.59 -40.12
C VAL A 490 -2.88 -0.92 -40.39
N ASN A 491 -2.15 -0.60 -39.32
CA ASN A 491 -0.87 0.09 -39.48
C ASN A 491 0.16 -0.32 -38.44
N PRO A 492 0.93 -1.40 -38.71
CA PRO A 492 1.87 -1.91 -37.71
C PRO A 492 3.15 -1.08 -37.52
N ASP A 493 3.29 0.06 -38.18
CA ASP A 493 4.37 0.98 -37.85
C ASP A 493 3.97 1.91 -36.66
N ILE A 494 2.72 1.85 -36.22
CA ILE A 494 2.28 2.65 -35.09
C ILE A 494 3.07 2.33 -33.81
N ARG A 495 3.23 3.38 -33.00
CA ARG A 495 3.77 3.28 -31.65
C ARG A 495 2.76 3.78 -30.61
N GLN A 496 2.63 3.00 -29.54
CA GLN A 496 1.80 3.31 -28.38
C GLN A 496 2.74 3.69 -27.23
N GLN A 497 2.65 4.90 -26.71
CA GLN A 497 3.66 5.37 -25.75
C GLN A 497 3.69 4.52 -24.54
N HIS A 498 2.49 4.18 -24.03
CA HIS A 498 2.38 3.40 -22.80
C HIS A 498 1.03 2.72 -22.66
N GLY A 499 0.95 1.72 -21.77
CA GLY A 499 -0.32 1.14 -21.40
C GLY A 499 -1.04 1.90 -20.31
N PHE A 500 -0.26 2.51 -19.42
CA PHE A 500 -0.73 3.13 -18.17
C PHE A 500 -0.19 4.55 -18.03
N GLN A 501 -1.00 5.43 -17.46
CA GLN A 501 -0.60 6.83 -17.23
C GLN A 501 -1.10 7.29 -15.87
N ALA A 502 -0.21 7.86 -15.06
CA ALA A 502 -0.58 8.32 -13.70
C ALA A 502 0.39 9.36 -13.20
N PRO A 503 -0.03 10.17 -12.25
CA PRO A 503 0.94 11.03 -11.59
C PRO A 503 1.87 10.20 -10.72
N VAL A 504 3.08 10.68 -10.45
CA VAL A 504 4.01 9.98 -9.55
C VAL A 504 3.89 10.61 -8.16
N LYS A 505 3.34 9.82 -7.24
CA LYS A 505 2.92 10.28 -5.91
C LYS A 505 2.84 9.07 -5.02
N PRO A 506 3.08 9.27 -3.71
CA PRO A 506 3.28 8.10 -2.85
C PRO A 506 1.97 7.43 -2.42
N GLY A 507 0.85 7.97 -2.91
CA GLY A 507 -0.47 7.44 -2.65
C GLY A 507 -1.09 6.80 -3.90
N VAL A 508 -0.46 7.00 -5.07
CA VAL A 508 -0.78 6.25 -6.34
C VAL A 508 0.20 5.09 -6.60
N LYS A 509 -0.31 3.87 -6.55
CA LYS A 509 0.53 2.67 -6.53
C LYS A 509 0.01 1.62 -7.49
N PHE A 510 0.91 1.05 -8.30
CA PHE A 510 0.62 -0.14 -9.08
C PHE A 510 1.55 -1.30 -8.76
N HIS A 511 0.99 -2.48 -8.99
CA HIS A 511 1.66 -3.74 -8.84
C HIS A 511 1.41 -4.64 -10.02
N ASP A 512 2.51 -5.18 -10.55
CA ASP A 512 2.51 -6.15 -11.64
C ASP A 512 1.79 -5.64 -12.86
N LEU A 513 2.47 -4.70 -13.55
CA LEU A 513 2.00 -4.09 -14.80
C LEU A 513 2.71 -4.75 -15.98
N LEU A 514 1.98 -4.93 -17.06
CA LEU A 514 2.64 -5.38 -18.31
C LEU A 514 2.01 -4.80 -19.57
N VAL A 515 2.84 -4.70 -20.63
CA VAL A 515 2.36 -4.45 -21.98
C VAL A 515 2.94 -5.48 -22.93
N VAL A 516 2.17 -5.81 -23.95
CA VAL A 516 2.55 -6.84 -24.89
C VAL A 516 2.17 -6.44 -26.29
N SER A 517 3.14 -6.55 -27.19
CA SER A 517 2.86 -6.46 -28.61
C SER A 517 2.51 -7.81 -29.21
N LEU A 518 1.35 -7.92 -29.83
CA LEU A 518 0.96 -9.18 -30.40
C LEU A 518 1.68 -9.37 -31.75
N GLY A 519 2.83 -10.04 -31.69
CA GLY A 519 3.52 -10.48 -32.90
C GLY A 519 4.13 -9.39 -33.78
N GLY A 520 4.38 -8.19 -33.26
CA GLY A 520 5.06 -7.16 -34.03
C GLY A 520 4.17 -6.08 -34.63
N LYS A 521 2.88 -6.20 -34.40
CA LYS A 521 1.88 -5.28 -34.93
C LYS A 521 1.85 -4.03 -34.06
N GLY A 522 2.78 -3.13 -34.36
CA GLY A 522 2.98 -1.99 -33.52
C GLY A 522 3.76 -2.38 -32.30
N GLN A 523 4.25 -1.37 -31.59
CA GLN A 523 5.02 -1.61 -30.39
C GLN A 523 4.67 -0.57 -29.33
N TYR A 524 4.87 -0.95 -28.07
CA TYR A 524 4.82 0.01 -26.98
C TYR A 524 6.20 0.65 -26.80
N GLU A 525 6.26 1.93 -26.48
CA GLU A 525 7.52 2.60 -26.14
C GLU A 525 7.90 2.42 -24.67
N HIS A 526 6.88 2.29 -23.83
CA HIS A 526 7.07 2.04 -22.40
C HIS A 526 5.86 1.32 -21.83
N VAL A 527 5.94 0.98 -20.54
CA VAL A 527 4.82 0.39 -19.83
C VAL A 527 3.88 1.44 -19.21
N ILE A 528 4.42 2.30 -18.35
CA ILE A 528 3.66 3.33 -17.72
C ILE A 528 4.39 4.68 -17.79
N ASN A 529 3.65 5.73 -18.11
CA ASN A 529 4.27 7.03 -18.28
C ASN A 529 5.46 6.89 -19.27
N ASP A 530 6.68 7.26 -18.84
CA ASP A 530 7.88 7.07 -19.64
C ASP A 530 8.82 6.02 -19.06
N ILE A 531 8.22 5.09 -18.32
CA ILE A 531 8.93 4.00 -17.62
C ILE A 531 8.52 2.62 -18.13
N GLY A 532 9.51 1.74 -18.16
CA GLY A 532 9.30 0.37 -18.62
C GLY A 532 10.05 0.20 -19.93
N ASP A 533 10.48 -1.02 -20.23
CA ASP A 533 11.08 -1.30 -21.52
C ASP A 533 10.06 -1.09 -22.60
N PRO A 534 10.49 -0.61 -23.77
CA PRO A 534 9.60 -0.76 -24.90
C PRO A 534 9.41 -2.23 -25.18
N THR A 535 8.37 -2.59 -25.91
CA THR A 535 8.34 -3.93 -26.48
C THR A 535 9.23 -3.88 -27.72
N SER A 536 9.53 -5.05 -28.28
CA SER A 536 10.55 -5.17 -29.31
C SER A 536 10.50 -6.57 -29.79
N GLY A 537 10.61 -6.72 -31.10
CA GLY A 537 10.65 -8.02 -31.77
C GLY A 537 9.24 -8.33 -32.27
N ASP A 538 9.07 -9.54 -32.80
CA ASP A 538 7.80 -10.04 -33.30
C ASP A 538 7.38 -11.26 -32.49
N THR A 539 7.95 -11.45 -31.31
CA THR A 539 7.80 -12.73 -30.61
C THR A 539 6.81 -12.73 -29.43
N THR A 540 6.25 -11.56 -29.14
CA THR A 540 5.15 -11.39 -28.19
C THR A 540 5.64 -11.64 -26.75
N ILE A 541 6.78 -11.09 -26.42
CA ILE A 541 7.29 -11.20 -25.05
C ILE A 541 6.90 -9.92 -24.26
N PRO A 542 6.31 -10.08 -23.07
CA PRO A 542 5.83 -8.89 -22.35
C PRO A 542 6.87 -7.96 -21.71
N SER A 543 6.63 -6.67 -21.84
CA SER A 543 7.42 -5.70 -21.11
C SER A 543 6.74 -5.43 -19.77
N GLN A 544 7.45 -5.68 -18.67
CA GLN A 544 6.84 -5.69 -17.36
C GLN A 544 7.41 -4.64 -16.45
N VAL A 545 6.57 -4.21 -15.54
CA VAL A 545 7.05 -3.43 -14.43
C VAL A 545 6.48 -4.07 -13.17
N VAL A 546 7.36 -4.62 -12.33
CA VAL A 546 6.94 -5.30 -11.12
C VAL A 546 6.20 -4.38 -10.09
N SER A 547 6.72 -3.18 -9.85
CA SER A 547 6.26 -2.30 -8.77
C SER A 547 6.45 -0.80 -9.22
N PHE A 548 5.51 0.09 -8.83
CA PHE A 548 5.42 1.50 -9.28
C PHE A 548 4.71 2.37 -8.23
N PRO A 549 5.28 3.54 -7.87
CA PRO A 549 6.49 4.19 -8.36
C PRO A 549 7.79 3.57 -7.73
N VAL B 2 -13.20 16.92 21.14
CA VAL B 2 -12.60 15.73 20.62
C VAL B 2 -13.18 14.66 21.49
N VAL B 3 -12.88 13.41 21.22
CA VAL B 3 -13.11 12.38 22.23
C VAL B 3 -11.71 11.89 22.67
N GLY B 4 -11.65 11.33 23.86
CA GLY B 4 -10.53 10.48 24.20
C GLY B 4 -10.78 9.10 23.64
N GLY B 5 -9.75 8.37 23.26
CA GLY B 5 -9.90 6.96 22.92
C GLY B 5 -10.16 6.50 21.47
N GLY B 6 -10.34 5.19 21.31
CA GLY B 6 -10.71 4.63 20.01
C GLY B 6 -9.80 3.51 19.53
N ASP B 7 -10.23 2.82 18.49
CA ASP B 7 -9.42 1.77 17.84
C ASP B 7 -8.12 2.38 17.40
N LEU B 8 -7.06 1.57 17.25
CA LEU B 8 -5.79 2.11 16.72
C LEU B 8 -5.69 2.13 15.20
N GLY B 9 -6.61 1.45 14.54
CA GLY B 9 -6.66 1.50 13.09
C GLY B 9 -5.87 0.40 12.41
N PRO B 10 -5.85 0.44 11.05
CA PRO B 10 -5.42 -0.71 10.25
C PRO B 10 -3.91 -0.97 10.30
N ASN B 11 -3.16 0.08 10.66
CA ASN B 11 -1.71 0.02 10.71
C ASN B 11 -1.08 -0.27 12.07
N VAL B 12 -1.90 -0.56 13.09
CA VAL B 12 -1.36 -1.15 14.30
C VAL B 12 -1.76 -2.62 14.37
N LEU B 13 -0.94 -3.51 13.79
CA LEU B 13 -1.20 -4.95 13.80
C LEU B 13 -0.92 -5.53 15.18
N VAL B 14 -1.91 -6.21 15.72
CA VAL B 14 -1.81 -6.73 17.05
C VAL B 14 -1.77 -8.25 16.92
N PHE B 15 -0.87 -8.82 17.70
CA PHE B 15 -0.61 -10.24 17.69
C PHE B 15 -0.74 -10.75 19.11
N ASP B 16 -1.30 -11.95 19.24
CA ASP B 16 -1.32 -12.66 20.52
C ASP B 16 -0.81 -14.06 20.17
N PRO B 17 -0.59 -14.94 21.17
CA PRO B 17 0.15 -16.12 20.72
C PRO B 17 -0.58 -17.11 19.82
N SER B 18 -1.88 -16.91 19.62
CA SER B 18 -2.71 -17.80 18.80
C SER B 18 -3.11 -17.22 17.45
N THR B 19 -2.54 -16.07 17.13
CA THR B 19 -2.80 -15.45 15.87
C THR B 19 -2.37 -16.34 14.70
N PRO B 20 -3.28 -16.60 13.76
CA PRO B 20 -2.88 -17.49 12.67
C PRO B 20 -1.75 -16.93 11.80
N ASP B 21 -0.75 -17.74 11.49
CA ASP B 21 0.17 -17.38 10.41
C ASP B 21 1.02 -16.14 10.80
N ILE B 22 1.38 -16.00 12.07
CA ILE B 22 2.16 -14.82 12.49
C ILE B 22 3.33 -14.50 11.52
N GLN B 23 4.26 -15.45 11.39
CA GLN B 23 5.40 -15.28 10.50
C GLN B 23 4.96 -14.82 9.11
N GLY B 24 3.82 -15.38 8.64
CA GLY B 24 3.32 -15.01 7.33
C GLY B 24 3.03 -13.55 7.24
N LYS B 25 2.38 -13.10 8.29
CA LYS B 25 1.93 -11.73 8.35
C LYS B 25 3.07 -10.75 8.49
N VAL B 26 4.02 -11.02 9.40
CA VAL B 26 5.18 -10.11 9.49
C VAL B 26 6.05 -10.19 8.22
N ASP B 27 6.08 -11.37 7.60
CA ASP B 27 6.77 -11.51 6.31
C ASP B 27 6.17 -10.65 5.17
N GLU B 28 4.82 -10.52 5.14
CA GLU B 28 4.16 -9.67 4.12
C GLU B 28 4.41 -8.18 4.37
N VAL B 29 4.45 -7.77 5.65
CA VAL B 29 4.78 -6.38 5.93
C VAL B 29 6.22 -6.14 5.47
N PHE B 30 7.12 -7.08 5.81
CA PHE B 30 8.51 -6.94 5.37
C PHE B 30 8.62 -6.97 3.83
N ARG B 31 7.76 -7.73 3.19
CA ARG B 31 7.74 -7.75 1.73
C ARG B 31 7.41 -6.36 1.23
N LYS B 32 6.38 -5.75 1.82
CA LYS B 32 5.88 -4.42 1.44
C LYS B 32 6.87 -3.29 1.71
N GLN B 33 7.77 -3.53 2.67
CA GLN B 33 8.60 -2.47 3.26
C GLN B 33 10.12 -2.56 3.10
N GLU B 34 10.64 -3.73 2.75
CA GLU B 34 12.09 -3.94 2.60
C GLU B 34 12.82 -2.81 1.87
N SER B 35 12.28 -2.40 0.74
CA SER B 35 12.90 -1.37 -0.10
C SER B 35 12.20 -0.01 0.01
N ASN B 36 11.12 0.09 0.82
CA ASN B 36 10.27 1.30 0.74
C ASN B 36 10.84 2.51 1.44
N GLN B 37 12.07 2.88 1.10
CA GLN B 37 12.79 3.90 1.80
C GLN B 37 12.04 5.23 1.95
N PHE B 38 11.29 5.59 0.92
CA PHE B 38 10.66 6.91 0.91
C PHE B 38 9.14 6.93 0.72
N GLY B 39 8.50 5.78 0.50
CA GLY B 39 7.03 5.73 0.40
C GLY B 39 6.31 6.01 1.73
N THR B 40 5.00 6.18 1.64
CA THR B 40 4.18 6.68 2.73
C THR B 40 3.62 5.59 3.70
N ASP B 41 3.70 4.31 3.32
CA ASP B 41 3.21 3.24 4.23
C ASP B 41 3.91 3.29 5.60
N ARG B 42 3.18 2.93 6.66
CA ARG B 42 3.68 2.91 8.03
C ARG B 42 3.03 1.74 8.79
N TYR B 43 3.83 0.98 9.52
CA TYR B 43 3.34 -0.12 10.33
C TYR B 43 3.85 -0.13 11.75
N ALA B 44 2.97 -0.47 12.67
CA ALA B 44 3.36 -0.86 14.02
C ALA B 44 2.90 -2.29 14.26
N LEU B 45 3.85 -3.14 14.64
CA LEU B 45 3.54 -4.55 14.92
C LEU B 45 3.69 -4.70 16.42
N MET B 46 2.56 -4.94 17.11
CA MET B 46 2.53 -5.00 18.54
C MET B 46 2.22 -6.42 18.96
N PHE B 47 2.98 -6.91 19.93
CA PHE B 47 2.83 -8.28 20.43
C PHE B 47 2.36 -8.30 21.90
N LYS B 48 1.19 -8.89 22.12
CA LYS B 48 0.67 -9.06 23.50
C LYS B 48 1.52 -10.02 24.31
N PRO B 49 1.56 -9.85 25.65
CA PRO B 49 2.38 -10.82 26.41
C PRO B 49 2.12 -12.28 26.12
N GLY B 50 3.25 -12.97 26.16
CA GLY B 50 3.27 -14.40 25.97
C GLY B 50 4.64 -14.79 25.43
N THR B 51 4.76 -16.05 25.03
CA THR B 51 5.92 -16.56 24.35
C THR B 51 5.55 -16.99 22.94
N TYR B 52 6.42 -16.67 22.00
CA TYR B 52 6.18 -16.82 20.57
C TYR B 52 7.34 -17.61 20.02
N ASN B 53 7.05 -18.79 19.45
CA ASN B 53 8.07 -19.63 18.85
C ASN B 53 8.14 -19.42 17.33
N ASP B 54 9.22 -19.94 16.74
CA ASP B 54 9.42 -19.96 15.30
C ASP B 54 9.03 -18.61 14.66
N ILE B 55 9.81 -17.61 15.09
CA ILE B 55 9.61 -16.22 14.68
C ILE B 55 10.88 -15.53 14.22
N ASN B 56 10.90 -15.19 12.92
CA ASN B 56 11.98 -14.36 12.40
C ASN B 56 11.31 -13.09 11.92
N ALA B 57 11.38 -12.05 12.73
CA ALA B 57 10.67 -10.80 12.48
C ALA B 57 11.66 -9.89 11.77
N GLN B 58 11.64 -9.91 10.45
CA GLN B 58 12.51 -8.99 9.71
C GLN B 58 11.80 -7.63 9.60
N ILE B 59 12.56 -6.59 9.89
CA ILE B 59 12.02 -5.26 10.02
C ILE B 59 12.53 -4.38 8.86
N GLY B 60 11.59 -3.93 8.03
CA GLY B 60 11.90 -3.00 6.96
C GLY B 60 11.74 -1.56 7.33
N PHE B 61 11.74 -0.69 6.32
CA PHE B 61 11.42 0.71 6.54
C PHE B 61 10.09 0.95 7.25
N TYR B 62 10.04 2.01 8.07
CA TYR B 62 8.81 2.54 8.66
C TYR B 62 8.00 1.46 9.36
N THR B 63 8.71 0.57 10.04
CA THR B 63 8.10 -0.51 10.79
C THR B 63 8.69 -0.46 12.21
N SER B 64 7.79 -0.38 13.20
CA SER B 64 8.13 -0.42 14.62
C SER B 64 7.62 -1.73 15.25
N ILE B 65 8.46 -2.50 15.91
CA ILE B 65 7.98 -3.76 16.54
C ILE B 65 8.14 -3.61 18.04
N ALA B 66 7.15 -4.06 18.81
CA ALA B 66 7.18 -3.92 20.25
C ALA B 66 6.29 -4.92 20.95
N GLY B 67 6.64 -5.15 22.22
CA GLY B 67 5.82 -5.91 23.16
C GLY B 67 4.90 -4.97 23.98
N LEU B 68 3.88 -5.58 24.58
CA LEU B 68 2.81 -4.86 25.27
C LEU B 68 2.68 -5.21 26.76
N GLY B 69 3.73 -5.83 27.31
CA GLY B 69 3.74 -6.10 28.75
C GLY B 69 4.19 -4.88 29.55
N LEU B 70 3.85 -4.80 30.85
CA LEU B 70 4.74 -4.15 31.86
C LEU B 70 6.24 -4.07 31.51
N ASN B 71 6.74 -5.25 31.20
CA ASN B 71 8.18 -5.60 31.26
C ASN B 71 8.60 -6.15 29.93
N PRO B 72 9.89 -6.07 29.60
CA PRO B 72 10.26 -6.73 28.33
C PRO B 72 10.13 -8.25 28.37
N ASP B 73 10.39 -8.81 29.55
CA ASP B 73 10.33 -10.27 29.66
C ASP B 73 8.89 -10.84 29.61
N ASP B 74 7.88 -9.98 29.72
CA ASP B 74 6.49 -10.41 29.55
C ASP B 74 6.21 -10.89 28.12
N THR B 75 7.05 -10.49 27.15
CA THR B 75 6.81 -10.78 25.73
C THR B 75 8.11 -11.28 25.11
N THR B 76 8.28 -12.61 25.01
CA THR B 76 9.54 -13.15 24.51
C THR B 76 9.33 -13.97 23.28
N PHE B 77 10.23 -13.71 22.35
CA PHE B 77 10.29 -14.44 21.10
C PHE B 77 11.36 -15.48 21.27
N ASN B 78 11.02 -16.73 21.00
CA ASN B 78 12.04 -17.73 20.72
C ASN B 78 12.28 -17.59 19.25
N GLY B 79 13.12 -16.62 18.96
CA GLY B 79 13.27 -16.15 17.62
C GLY B 79 13.97 -14.82 17.64
N ASP B 80 13.80 -14.07 16.55
CA ASP B 80 14.69 -12.95 16.25
C ASP B 80 13.87 -11.75 15.79
N VAL B 81 14.44 -10.58 16.01
CA VAL B 81 13.98 -9.32 15.42
C VAL B 81 15.15 -8.82 14.60
N THR B 82 15.06 -9.01 13.28
CA THR B 82 16.21 -8.97 12.39
C THR B 82 16.16 -7.75 11.48
N VAL B 83 17.29 -7.04 11.42
CA VAL B 83 17.54 -6.12 10.32
C VAL B 83 18.86 -6.51 9.69
N ASP B 84 18.82 -6.73 8.39
CA ASP B 84 20.00 -7.03 7.59
C ASP B 84 19.92 -6.17 6.31
N ALA B 85 20.87 -6.33 5.42
CA ALA B 85 21.06 -5.37 4.33
C ALA B 85 20.86 -6.01 2.95
N GLY B 86 19.97 -7.00 2.89
CA GLY B 86 19.72 -7.71 1.65
C GLY B 86 19.53 -6.81 0.45
N TRP B 87 18.60 -5.87 0.57
CA TRP B 87 18.15 -5.06 -0.54
C TRP B 87 19.20 -4.07 -1.07
N PHE B 88 20.17 -3.66 -0.26
CA PHE B 88 21.24 -2.74 -0.72
C PHE B 88 22.58 -3.49 -0.81
N ASP B 89 22.52 -4.80 -1.10
CA ASP B 89 23.75 -5.61 -1.42
C ASP B 89 24.75 -5.62 -0.25
N GLY B 90 24.21 -5.79 0.95
CA GLY B 90 25.01 -5.88 2.18
C GLY B 90 25.49 -4.57 2.74
N ASN B 91 25.11 -3.46 2.08
CA ASN B 91 25.42 -2.11 2.57
C ASN B 91 24.24 -1.68 3.46
N ALA B 92 24.49 -1.43 4.75
CA ALA B 92 23.39 -1.12 5.69
C ALA B 92 23.31 0.38 5.95
N THR B 93 23.98 1.17 5.12
CA THR B 93 24.02 2.62 5.31
C THR B 93 22.74 3.37 4.95
N GLN B 94 21.71 2.69 4.44
CA GLN B 94 20.43 3.32 4.31
C GLN B 94 19.35 2.59 5.13
N ASN B 95 19.75 1.81 6.14
CA ASN B 95 18.76 1.10 6.98
C ASN B 95 18.20 2.00 8.09
N PHE B 96 17.30 2.88 7.66
CA PHE B 96 16.77 3.93 8.51
C PHE B 96 15.33 3.66 8.96
N TRP B 97 14.91 4.43 9.95
CA TRP B 97 13.47 4.69 10.24
C TRP B 97 12.70 3.41 10.60
N ARG B 98 13.15 2.77 11.67
CA ARG B 98 12.49 1.58 12.17
C ARG B 98 12.81 1.42 13.67
N SER B 99 12.21 0.48 14.36
CA SER B 99 12.45 0.43 15.82
C SER B 99 12.06 -0.92 16.43
N ALA B 100 12.68 -1.20 17.56
CA ALA B 100 12.33 -2.36 18.42
C ALA B 100 12.27 -1.91 19.86
N GLU B 101 11.23 -2.34 20.59
CA GLU B 101 11.13 -1.98 22.01
C GLU B 101 10.29 -2.95 22.85
N ASN B 102 10.70 -3.13 24.10
CA ASN B 102 9.92 -3.88 25.09
C ASN B 102 9.63 -5.34 24.74
N LEU B 103 10.69 -6.00 24.31
CA LEU B 103 10.67 -7.42 23.95
C LEU B 103 11.90 -8.15 24.54
N ALA B 104 11.70 -9.45 24.83
CA ALA B 104 12.81 -10.33 25.13
C ALA B 104 13.03 -11.25 23.93
N LEU B 105 14.28 -11.39 23.51
CA LEU B 105 14.63 -12.26 22.40
C LEU B 105 15.54 -13.41 22.83
N ASN B 106 15.21 -14.59 22.34
CA ASN B 106 16.00 -15.79 22.52
C ASN B 106 16.42 -16.21 21.10
N PRO B 107 17.48 -15.59 20.60
CA PRO B 107 17.74 -15.68 19.16
C PRO B 107 18.16 -17.09 18.75
N VAL B 108 17.68 -17.52 17.59
CA VAL B 108 17.81 -18.90 17.21
C VAL B 108 19.30 -19.34 17.17
N ASN B 109 20.18 -18.53 16.59
CA ASN B 109 21.60 -18.96 16.53
C ASN B 109 22.40 -18.48 17.74
N GLY B 110 21.73 -17.92 18.74
CA GLY B 110 22.39 -17.40 19.93
C GLY B 110 22.70 -15.90 19.87
N THR B 111 22.51 -15.31 18.69
CA THR B 111 22.82 -13.91 18.47
C THR B 111 21.82 -13.32 17.52
N ASN B 112 21.27 -12.17 17.93
CA ASN B 112 20.30 -11.44 17.14
C ASN B 112 21.03 -10.40 16.28
N ARG B 113 20.61 -10.26 15.02
CA ARG B 113 21.20 -9.24 14.14
C ARG B 113 20.31 -7.98 14.03
N TRP B 114 20.91 -6.83 14.33
CA TRP B 114 20.29 -5.52 14.25
C TRP B 114 21.23 -4.58 13.46
N ALA B 115 21.33 -4.80 12.16
CA ALA B 115 22.29 -4.10 11.34
C ALA B 115 21.67 -2.85 10.75
N VAL B 116 21.57 -1.82 11.58
CA VAL B 116 20.86 -0.60 11.25
C VAL B 116 21.79 0.60 11.13
N SER B 117 21.28 1.68 10.51
CA SER B 117 21.97 2.97 10.50
C SER B 117 21.13 3.92 11.32
N GLN B 118 20.99 5.18 10.90
CA GLN B 118 20.39 6.18 11.78
C GLN B 118 18.90 6.00 11.90
N ALA B 119 18.34 6.53 12.99
CA ALA B 119 16.89 6.56 13.24
C ALA B 119 16.32 5.15 13.36
N ALA B 120 17.02 4.29 14.11
CA ALA B 120 16.63 2.89 14.27
C ALA B 120 16.78 2.43 15.72
N PRO B 121 16.08 3.11 16.64
CA PRO B 121 16.30 2.84 18.07
C PRO B 121 15.94 1.40 18.55
N PHE B 122 16.68 0.96 19.56
CA PHE B 122 16.53 -0.38 20.18
C PHE B 122 16.43 -0.04 21.68
N ARG B 123 15.20 -0.11 22.21
CA ARG B 123 14.93 0.37 23.56
C ARG B 123 14.26 -0.70 24.41
N ARG B 124 14.63 -0.74 25.66
CA ARG B 124 13.92 -1.60 26.58
C ARG B 124 13.86 -3.04 26.11
N MET B 125 14.98 -3.52 25.57
CA MET B 125 15.07 -4.88 25.05
C MET B 125 15.92 -5.74 25.97
N HIS B 126 15.60 -7.03 25.97
CA HIS B 126 16.40 -8.02 26.70
C HIS B 126 16.76 -9.12 25.72
N VAL B 127 18.01 -9.11 25.27
CA VAL B 127 18.53 -10.15 24.40
C VAL B 127 19.22 -11.26 25.18
N LYS B 128 18.60 -12.44 25.17
CA LYS B 128 19.14 -13.63 25.83
C LYS B 128 20.11 -14.32 24.86
N GLY B 129 21.13 -13.54 24.47
CA GLY B 129 22.18 -13.95 23.53
C GLY B 129 23.08 -12.74 23.25
N GLY B 130 23.86 -12.85 22.19
CA GLY B 130 24.60 -11.74 21.68
C GLY B 130 23.78 -10.88 20.76
N LEU B 131 24.38 -9.76 20.32
CA LEU B 131 23.70 -8.80 19.46
C LEU B 131 24.71 -8.30 18.47
N ASN B 132 24.55 -8.74 17.23
CA ASN B 132 25.39 -8.34 16.12
C ASN B 132 24.78 -7.14 15.39
N LEU B 133 25.56 -6.07 15.32
CA LEU B 133 25.10 -4.81 14.72
C LEU B 133 25.51 -4.68 13.25
N ALA B 134 26.12 -5.71 12.66
CA ALA B 134 26.62 -5.59 11.28
C ALA B 134 25.80 -6.46 10.33
N PRO B 135 25.68 -6.03 9.05
CA PRO B 135 25.03 -6.89 8.08
C PRO B 135 25.86 -8.16 7.84
N ASP B 136 25.19 -9.18 7.32
CA ASP B 136 25.80 -10.47 6.98
C ASP B 136 26.91 -10.09 6.02
N GLY B 137 28.14 -10.46 6.34
CA GLY B 137 29.33 -10.10 5.56
C GLY B 137 30.03 -8.76 5.82
N TYR B 138 29.61 -8.04 6.88
CA TYR B 138 30.39 -6.95 7.46
C TYR B 138 30.57 -5.68 6.57
N GLY B 139 29.67 -5.53 5.61
CA GLY B 139 29.50 -4.29 4.86
C GLY B 139 29.33 -3.00 5.68
N TRP B 140 29.20 -1.89 4.96
CA TRP B 140 29.14 -0.60 5.56
C TRP B 140 27.91 -0.43 6.50
N ALA B 141 28.10 0.26 7.63
CA ALA B 141 27.00 0.52 8.55
C ALA B 141 27.30 1.76 9.39
N SER B 142 26.25 2.54 9.66
CA SER B 142 26.39 3.87 10.28
C SER B 142 25.33 4.16 11.38
N GLY B 143 25.35 3.30 12.39
CA GLY B 143 24.41 3.37 13.50
C GLY B 143 24.80 4.43 14.52
N GLY B 144 24.18 4.46 15.70
CA GLY B 144 23.18 3.56 16.20
C GLY B 144 22.87 3.95 17.64
N TYR B 145 21.82 3.34 18.19
CA TYR B 145 21.25 3.80 19.47
C TYR B 145 20.65 2.63 20.25
N ILE B 146 21.19 2.37 21.44
CA ILE B 146 20.66 1.37 22.36
C ILE B 146 20.46 2.06 23.68
N ALA B 147 19.25 1.93 24.24
CA ALA B 147 18.97 2.44 25.57
C ALA B 147 18.11 1.49 26.37
N ASP B 148 18.34 1.51 27.68
CA ASP B 148 17.53 0.79 28.65
C ASP B 148 17.38 -0.70 28.29
N SER B 149 18.47 -1.31 27.84
CA SER B 149 18.44 -2.71 27.42
C SER B 149 19.46 -3.56 28.17
N LYS B 150 19.20 -4.86 28.15
CA LYS B 150 20.10 -5.86 28.76
C LYS B 150 20.43 -6.86 27.66
N ILE B 151 21.72 -6.91 27.28
CA ILE B 151 22.21 -7.91 26.33
C ILE B 151 23.06 -8.85 27.16
N ASP B 152 22.54 -10.05 27.46
CA ASP B 152 23.29 -10.99 28.29
C ASP B 152 24.64 -11.36 27.69
N GLY B 153 24.65 -11.47 26.37
CA GLY B 153 25.83 -11.80 25.61
C GLY B 153 26.67 -10.62 25.15
N GLU B 154 27.38 -10.81 24.04
CA GLU B 154 28.36 -9.83 23.55
C GLU B 154 27.73 -8.96 22.45
N VAL B 155 27.80 -7.64 22.58
CA VAL B 155 27.45 -6.82 21.41
C VAL B 155 28.67 -6.64 20.50
N GLY B 156 28.45 -6.98 19.24
CA GLY B 156 29.51 -6.96 18.25
C GLY B 156 29.18 -5.96 17.14
N PRO B 157 29.90 -4.83 17.12
CA PRO B 157 29.59 -3.84 16.08
C PRO B 157 30.18 -4.22 14.74
N TYR B 158 31.34 -4.88 14.76
CA TYR B 158 32.13 -5.20 13.57
C TYR B 158 32.43 -3.93 12.74
N SER B 159 31.71 -3.76 11.63
CA SER B 159 31.89 -2.63 10.71
C SER B 159 31.20 -1.32 11.12
N GLN B 160 30.30 -1.35 12.10
CA GLN B 160 29.66 -0.09 12.58
C GLN B 160 30.65 1.02 12.87
N GLN B 161 30.46 2.19 12.23
CA GLN B 161 31.44 3.26 12.38
C GLN B 161 31.47 3.76 13.81
N GLN B 162 30.27 3.90 14.36
CA GLN B 162 30.08 4.55 15.65
C GLN B 162 28.80 4.02 16.28
N TRP B 163 28.59 4.33 17.55
CA TRP B 163 27.43 3.83 18.28
C TRP B 163 27.28 4.53 19.61
N TYR B 164 26.04 4.65 20.09
CA TYR B 164 25.80 5.21 21.42
C TYR B 164 24.93 4.26 22.20
N THR B 165 25.41 3.88 23.38
CA THR B 165 24.64 3.04 24.27
C THR B 165 24.46 3.77 25.57
N ARG B 166 23.22 3.83 26.01
CA ARG B 166 22.99 4.34 27.39
C ARG B 166 22.13 3.46 28.28
N ASP B 167 22.54 3.49 29.55
CA ASP B 167 21.79 2.93 30.68
C ASP B 167 21.16 1.59 30.38
N SER B 168 22.08 0.65 30.29
CA SER B 168 21.89 -0.69 29.78
C SER B 168 22.93 -1.55 30.49
N SER B 169 22.89 -2.83 30.18
CA SER B 169 23.86 -3.79 30.70
C SER B 169 24.26 -4.65 29.50
N VAL B 170 25.56 -4.82 29.30
CA VAL B 170 26.05 -5.72 28.25
C VAL B 170 26.98 -6.75 28.87
N GLY B 171 26.97 -7.96 28.34
CA GLY B 171 27.88 -9.00 28.84
C GLY B 171 29.30 -8.77 28.36
N GLY B 172 29.43 -8.12 27.19
CA GLY B 172 30.72 -7.76 26.58
C GLY B 172 30.54 -6.86 25.37
N TRP B 173 31.66 -6.37 24.85
CA TRP B 173 31.67 -5.43 23.73
C TRP B 173 32.92 -5.67 22.89
N GLY B 174 32.75 -5.98 21.61
CA GLY B 174 33.77 -6.68 20.85
C GLY B 174 34.73 -5.88 19.99
N ASN B 175 34.41 -4.62 19.70
CA ASN B 175 35.35 -3.76 18.92
C ASN B 175 34.72 -2.41 18.75
N GLY B 176 35.56 -1.42 18.43
CA GLY B 176 35.10 -0.10 18.07
C GLY B 176 35.88 0.36 16.86
N VAL B 177 35.21 1.11 15.97
CA VAL B 177 35.76 1.57 14.71
C VAL B 177 36.20 3.03 14.82
N TRP B 178 35.27 4.00 14.76
CA TRP B 178 35.61 5.42 14.97
C TRP B 178 35.17 6.07 16.31
N ASN B 179 33.99 5.68 16.83
CA ASN B 179 33.43 6.36 18.00
C ASN B 179 32.32 5.56 18.68
N MET B 180 32.70 4.78 19.67
CA MET B 180 31.73 4.02 20.46
C MET B 180 31.68 4.73 21.81
N THR B 181 30.51 5.29 22.12
CA THR B 181 30.27 6.03 23.35
C THR B 181 29.24 5.33 24.24
N PHE B 182 29.45 5.39 25.54
CA PHE B 182 28.64 4.69 26.52
C PHE B 182 28.39 5.65 27.66
N SER B 183 27.15 5.72 28.17
CA SER B 183 26.89 6.42 29.42
C SER B 183 25.95 5.57 30.26
N GLY B 184 26.37 5.28 31.48
CA GLY B 184 25.56 4.44 32.34
C GLY B 184 25.44 2.99 31.95
N VAL B 185 26.43 2.47 31.26
CA VAL B 185 26.35 1.09 30.75
C VAL B 185 27.17 0.13 31.62
N GLU B 186 26.46 -0.75 32.33
CA GLU B 186 27.13 -1.81 33.08
C GLU B 186 27.77 -2.76 32.06
N GLY B 187 29.07 -2.98 32.16
CA GLY B 187 29.78 -3.85 31.23
C GLY B 187 30.42 -3.11 30.08
N ALA B 188 30.31 -1.78 30.05
CA ALA B 188 30.90 -0.99 28.97
C ALA B 188 32.41 -1.22 28.98
N PRO B 189 33.04 -1.25 27.80
CA PRO B 189 34.50 -1.38 27.95
C PRO B 189 35.06 -0.09 28.57
N ALA B 190 36.30 -0.13 28.99
CA ALA B 190 36.87 0.98 29.76
C ALA B 190 37.19 2.16 28.86
N GLN B 191 37.05 3.37 29.41
CA GLN B 191 37.49 4.60 28.72
C GLN B 191 38.90 4.42 28.16
N SER B 192 39.05 4.49 26.83
CA SER B 192 40.38 4.26 26.21
C SER B 192 40.71 5.06 24.96
N PHE B 193 39.84 6.00 24.58
CA PHE B 193 40.02 6.77 23.32
C PHE B 193 41.44 7.38 23.39
N PRO B 194 42.19 7.36 22.28
CA PRO B 194 41.74 7.11 20.91
C PRO B 194 41.77 5.68 20.43
N GLU B 195 42.48 4.78 21.11
CA GLU B 195 42.57 3.36 20.65
C GLU B 195 42.42 2.32 21.80
N PRO B 196 41.37 1.45 21.74
CA PRO B 196 40.19 1.60 20.86
C PRO B 196 39.45 2.87 21.23
N PRO B 197 38.65 3.42 20.30
CA PRO B 197 38.08 4.73 20.61
C PRO B 197 36.76 4.59 21.38
N TYR B 198 36.91 4.29 22.67
CA TYR B 198 35.78 4.07 23.56
C TYR B 198 35.70 5.28 24.46
N THR B 199 34.55 5.94 24.42
CA THR B 199 34.23 7.07 25.29
C THR B 199 33.23 6.58 26.29
N THR B 200 33.65 6.52 27.55
CA THR B 200 32.89 5.80 28.56
C THR B 200 32.68 6.66 29.80
N LEU B 201 31.41 6.91 30.09
CA LEU B 201 30.93 7.69 31.22
C LEU B 201 30.16 6.76 32.14
N GLU B 202 30.47 6.82 33.44
CA GLU B 202 29.90 5.87 34.39
C GLU B 202 28.39 6.04 34.54
N THR B 203 27.91 7.27 34.44
CA THR B 203 26.47 7.52 34.50
C THR B 203 26.03 8.50 33.44
N THR B 204 24.71 8.57 33.21
CA THR B 204 24.11 9.56 32.33
C THR B 204 23.54 10.68 33.17
N PRO B 205 23.94 11.94 32.88
CA PRO B 205 23.50 13.17 33.53
C PRO B 205 22.06 13.15 34.01
N VAL B 206 21.15 13.12 33.05
CA VAL B 206 19.76 12.86 33.37
C VAL B 206 19.24 11.98 32.26
N SER B 207 18.31 11.12 32.57
CA SER B 207 17.61 10.35 31.52
C SER B 207 16.21 9.93 31.95
N ARG B 208 15.29 9.97 31.01
CA ARG B 208 13.91 9.59 31.33
C ARG B 208 13.41 8.71 30.20
N GLU B 209 13.07 7.47 30.53
CA GLU B 209 12.80 6.52 29.50
C GLU B 209 11.53 6.89 28.73
N LYS B 210 11.55 6.64 27.45
CA LYS B 210 10.48 7.23 26.62
C LYS B 210 9.16 6.47 26.95
N PRO B 211 8.02 7.14 26.78
CA PRO B 211 6.75 6.46 27.07
C PRO B 211 6.45 5.37 26.06
N PHE B 212 5.67 4.37 26.44
CA PHE B 212 5.33 3.32 25.51
C PHE B 212 3.92 2.75 25.83
N LEU B 213 3.26 2.28 24.78
CA LEU B 213 1.98 1.62 24.86
C LEU B 213 2.15 0.21 25.46
N TYR B 214 1.22 -0.18 26.32
CA TYR B 214 1.22 -1.55 26.84
C TYR B 214 -0.17 -1.89 27.35
N LEU B 215 -0.35 -3.08 27.92
CA LEU B 215 -1.59 -3.42 28.63
C LEU B 215 -1.39 -3.86 30.14
N ASP B 216 -2.30 -3.48 31.07
CA ASP B 216 -2.52 -4.33 32.33
C ASP B 216 -3.55 -5.46 32.15
N GLY B 217 -4.65 -5.24 31.47
CA GLY B 217 -5.40 -6.42 31.01
C GLY B 217 -6.37 -6.21 29.88
N ASP B 218 -6.69 -4.96 29.56
CA ASP B 218 -7.56 -4.70 28.41
C ASP B 218 -7.45 -3.24 28.07
N ASP B 219 -6.99 -2.45 29.03
CA ASP B 219 -6.58 -1.14 28.65
C ASP B 219 -5.11 -1.12 28.42
N TYR B 220 -4.92 -0.90 27.13
CA TYR B 220 -3.94 -0.01 26.70
C TYR B 220 -3.91 1.05 27.76
N LYS B 221 -2.68 1.24 28.23
CA LYS B 221 -2.27 2.33 29.05
C LYS B 221 -0.96 2.75 28.36
N VAL B 222 -0.59 4.01 28.46
CA VAL B 222 0.76 4.43 28.10
C VAL B 222 1.54 4.58 29.43
N PHE B 223 2.64 3.85 29.60
CA PHE B 223 3.53 4.05 30.76
C PHE B 223 4.49 5.18 30.51
N VAL B 224 4.58 6.09 31.48
CA VAL B 224 5.45 7.24 31.40
C VAL B 224 6.46 7.08 32.54
N PRO B 225 7.69 6.70 32.19
CA PRO B 225 8.73 6.57 33.21
C PRO B 225 9.12 7.88 33.84
N ALA B 226 9.24 7.92 35.17
CA ALA B 226 9.71 9.13 35.83
C ALA B 226 11.23 9.18 35.61
N LYS B 227 11.83 10.34 35.90
CA LYS B 227 13.23 10.64 35.46
C LYS B 227 14.16 9.82 36.28
N ARG B 228 15.44 9.82 35.88
CA ARG B 228 16.54 9.34 36.72
C ARG B 228 17.65 10.37 36.64
N THR B 229 18.25 10.71 37.77
CA THR B 229 19.46 11.51 37.72
C THR B 229 20.69 10.62 37.88
N ASN B 230 21.80 11.02 37.26
CA ASN B 230 23.00 10.18 37.13
C ASN B 230 22.72 8.65 37.03
N ALA B 231 21.97 8.31 35.99
CA ALA B 231 21.51 6.96 35.68
C ALA B 231 22.63 5.98 35.30
N ARG B 232 22.43 4.70 35.66
CA ARG B 232 23.31 3.58 35.29
C ARG B 232 22.52 2.26 35.32
N GLY B 233 22.61 1.49 34.24
CA GLY B 233 21.85 0.26 34.13
C GLY B 233 20.40 0.47 33.77
N THR B 234 19.63 -0.62 33.71
CA THR B 234 18.26 -0.55 33.18
C THR B 234 17.28 -0.06 34.25
N SER B 235 16.20 0.56 33.77
CA SER B 235 15.14 1.06 34.59
C SER B 235 14.29 -0.07 35.20
N TRP B 236 14.33 -1.24 34.57
CA TRP B 236 13.38 -2.35 34.82
C TRP B 236 14.02 -3.62 35.35
N GLY B 237 15.34 -3.71 35.40
CA GLY B 237 15.96 -4.98 35.79
C GLY B 237 15.75 -5.51 37.21
N ASN B 238 15.10 -4.72 38.05
CA ASN B 238 14.94 -5.10 39.46
C ASN B 238 13.49 -4.87 39.85
N GLY B 239 12.64 -4.77 38.83
CA GLY B 239 11.20 -4.77 39.02
C GLY B 239 10.66 -3.40 39.28
N THR B 240 9.36 -3.40 39.58
CA THR B 240 8.52 -2.27 39.93
C THR B 240 8.98 -0.94 39.24
N PRO B 241 8.70 -0.75 37.94
CA PRO B 241 9.33 0.47 37.37
C PRO B 241 8.72 1.83 37.89
N GLU B 242 9.43 2.85 38.41
CA GLU B 242 8.75 4.14 38.70
C GLU B 242 8.29 4.88 37.45
N GLY B 243 7.05 5.37 37.53
CA GLY B 243 6.41 6.05 36.42
C GLY B 243 4.92 5.81 36.45
N GLU B 244 4.18 6.59 35.64
CA GLU B 244 2.72 6.65 35.68
C GLU B 244 2.26 5.98 34.45
N SER B 245 1.02 5.48 34.51
CA SER B 245 0.38 4.93 33.34
C SER B 245 -0.69 5.92 32.96
N LEU B 246 -0.97 6.01 31.68
CA LEU B 246 -2.14 6.74 31.23
C LEU B 246 -3.08 5.82 30.46
N PRO B 247 -4.37 5.75 30.89
CA PRO B 247 -5.30 4.98 30.08
C PRO B 247 -5.48 5.59 28.69
N LEU B 248 -5.77 4.75 27.71
CA LEU B 248 -5.93 5.18 26.32
C LEU B 248 -7.00 6.26 26.15
N ASP B 249 -8.01 6.29 27.03
CA ASP B 249 -9.13 7.24 26.86
C ASP B 249 -8.70 8.64 27.34
N GLN B 250 -7.47 8.78 27.82
CA GLN B 250 -6.87 10.09 28.13
C GLN B 250 -6.02 10.58 26.94
N PHE B 251 -6.08 9.83 25.85
CA PHE B 251 -5.42 10.22 24.58
C PHE B 251 -6.41 10.47 23.46
N TYR B 252 -6.16 11.50 22.66
CA TYR B 252 -6.77 11.59 21.33
C TYR B 252 -5.99 10.68 20.40
N VAL B 253 -6.62 9.61 19.91
CA VAL B 253 -6.00 8.75 18.92
C VAL B 253 -6.15 9.46 17.58
N VAL B 254 -5.00 9.89 17.07
CA VAL B 254 -4.85 10.68 15.86
C VAL B 254 -4.76 9.71 14.66
N LYS B 255 -5.62 9.93 13.68
CA LYS B 255 -5.62 9.13 12.45
C LYS B 255 -5.44 10.15 11.27
N PRO B 256 -4.54 9.82 10.30
CA PRO B 256 -4.07 10.70 9.20
C PRO B 256 -5.18 11.52 8.55
N GLY B 257 -4.93 12.77 8.15
CA GLY B 257 -6.05 13.63 7.82
C GLY B 257 -6.62 14.46 8.96
N ALA B 258 -6.70 13.93 10.18
CA ALA B 258 -6.95 14.81 11.36
C ALA B 258 -6.13 16.07 11.19
N THR B 259 -6.76 17.22 11.37
CA THR B 259 -6.08 18.47 11.15
C THR B 259 -5.41 18.97 12.42
N ALA B 260 -4.51 19.94 12.26
CA ALA B 260 -3.96 20.67 13.39
C ALA B 260 -5.09 21.18 14.29
N GLU B 261 -6.19 21.60 13.66
CA GLU B 261 -7.37 22.06 14.37
C GLU B 261 -7.91 21.01 15.36
N THR B 262 -8.07 19.77 14.94
CA THR B 262 -8.59 18.78 15.90
C THR B 262 -7.49 18.44 16.94
N ILE B 263 -6.26 18.37 16.47
CA ILE B 263 -5.13 18.02 17.33
C ILE B 263 -4.98 19.03 18.43
N ASN B 264 -5.01 20.29 18.07
CA ASN B 264 -4.81 21.36 19.07
C ASN B 264 -5.96 21.49 20.06
N ALA B 265 -7.18 21.26 19.61
CA ALA B 265 -8.33 21.34 20.49
C ALA B 265 -8.27 20.19 21.49
N ALA B 266 -7.83 19.03 21.04
CA ALA B 266 -7.63 17.91 21.96
C ALA B 266 -6.72 18.32 23.11
N VAL B 267 -5.65 19.02 22.76
CA VAL B 267 -4.68 19.40 23.76
C VAL B 267 -5.14 20.58 24.60
N ASP B 268 -5.86 21.53 23.98
CA ASP B 268 -6.46 22.64 24.74
C ASP B 268 -7.41 22.06 25.82
N GLN B 269 -7.98 20.89 25.49
CA GLN B 269 -8.99 20.25 26.33
C GLN B 269 -8.46 19.25 27.41
N GLY B 270 -7.19 18.90 27.35
CA GLY B 270 -6.62 18.03 28.37
C GLY B 270 -6.18 16.66 27.93
N LEU B 271 -6.41 16.34 26.66
CA LEU B 271 -6.04 15.04 26.12
C LEU B 271 -4.58 15.00 25.70
N HIS B 272 -3.99 13.85 25.92
CA HIS B 272 -2.72 13.52 25.30
C HIS B 272 -2.94 13.11 23.86
N LEU B 273 -1.84 12.87 23.16
CA LEU B 273 -1.86 12.58 21.73
C LEU B 273 -1.17 11.26 21.42
N LEU B 274 -1.85 10.38 20.73
CA LEU B 274 -1.24 9.15 20.24
C LEU B 274 -1.42 9.15 18.74
N PHE B 275 -0.30 9.31 18.04
CA PHE B 275 -0.32 9.30 16.61
C PHE B 275 -0.21 7.86 16.10
N THR B 276 -1.29 7.32 15.58
CA THR B 276 -1.22 5.99 14.96
C THR B 276 -0.58 6.09 13.59
N PRO B 277 0.10 5.01 13.13
CA PRO B 277 1.01 5.09 11.98
C PRO B 277 0.37 5.61 10.73
N GLY B 278 0.94 6.69 10.22
CA GLY B 278 0.47 7.31 9.02
C GLY B 278 1.25 8.57 8.74
N VAL B 279 0.85 9.28 7.70
CA VAL B 279 1.46 10.54 7.31
C VAL B 279 0.39 11.62 7.43
N TYR B 280 0.71 12.66 8.20
CA TYR B 280 -0.24 13.70 8.60
C TYR B 280 0.20 15.08 8.11
N HIS B 281 -0.53 15.66 7.16
CA HIS B 281 -0.24 17.04 6.77
C HIS B 281 -0.92 18.03 7.74
N VAL B 282 -0.26 19.12 8.07
CA VAL B 282 -0.86 20.15 8.89
C VAL B 282 -0.71 21.52 8.20
N ASP B 283 -1.81 22.26 8.05
CA ASP B 283 -1.78 23.60 7.47
C ASP B 283 -1.42 24.67 8.50
N GLN B 284 -1.26 24.23 9.75
CA GLN B 284 -0.84 25.06 10.86
C GLN B 284 -0.08 24.21 11.90
N PRO B 285 0.76 24.87 12.69
CA PRO B 285 1.52 24.17 13.73
C PRO B 285 0.68 23.37 14.75
N ILE B 286 1.11 22.15 15.03
CA ILE B 286 0.63 21.42 16.19
C ILE B 286 1.17 22.12 17.42
N GLU B 287 0.28 22.40 18.37
CA GLU B 287 0.62 23.22 19.52
C GLU B 287 0.45 22.44 20.82
N ILE B 288 1.51 22.37 21.59
CA ILE B 288 1.43 21.69 22.87
C ILE B 288 1.80 22.68 23.99
N ASP B 289 0.75 23.27 24.57
CA ASP B 289 0.92 24.26 25.63
C ASP B 289 0.26 23.86 26.95
N ARG B 290 0.36 22.58 27.26
CA ARG B 290 -0.18 22.01 28.49
C ARG B 290 0.87 21.12 29.15
N ALA B 291 1.17 21.40 30.42
CA ALA B 291 2.20 20.65 31.08
C ALA B 291 1.85 19.16 31.07
N ASN B 292 2.88 18.35 30.98
CA ASN B 292 2.72 16.90 31.14
C ASN B 292 2.10 16.16 29.96
N THR B 293 1.87 16.88 28.89
CA THR B 293 1.37 16.31 27.65
C THR B 293 2.37 15.33 27.05
N VAL B 294 1.89 14.10 26.85
CA VAL B 294 2.59 13.10 26.03
C VAL B 294 2.09 13.14 24.58
N ALA B 295 3.02 13.21 23.65
CA ALA B 295 2.73 13.14 22.22
C ALA B 295 3.56 12.00 21.68
N LEU B 296 2.88 10.89 21.44
CA LEU B 296 3.56 9.62 21.15
C LEU B 296 3.14 9.11 19.76
N GLY B 297 4.13 8.90 18.89
CA GLY B 297 3.89 8.27 17.60
C GLY B 297 4.19 6.79 17.64
N LEU B 298 3.39 6.03 16.88
CA LEU B 298 3.58 4.62 16.62
C LEU B 298 3.98 4.43 15.15
N GLY B 299 4.77 3.41 14.85
CA GLY B 299 5.04 3.04 13.49
C GLY B 299 5.60 4.19 12.61
N LEU B 300 6.49 5.03 13.17
CA LEU B 300 7.15 6.10 12.41
C LEU B 300 6.12 7.08 11.82
N ALA B 301 5.07 7.31 12.60
CA ALA B 301 4.12 8.40 12.36
C ALA B 301 4.84 9.68 11.97
N THR B 302 4.35 10.31 10.90
CA THR B 302 5.09 11.40 10.25
C THR B 302 4.20 12.63 10.11
N ILE B 303 4.75 13.82 10.40
CA ILE B 303 4.03 15.08 10.25
C ILE B 303 4.71 15.88 9.14
N ILE B 304 3.95 16.27 8.14
CA ILE B 304 4.40 17.17 7.08
C ILE B 304 3.72 18.54 7.25
N PRO B 305 4.51 19.60 7.45
CA PRO B 305 4.00 20.98 7.49
C PRO B 305 3.73 21.50 6.09
N ASP B 306 2.56 22.10 5.84
CA ASP B 306 2.24 22.66 4.55
C ASP B 306 2.39 24.13 4.63
N ASN B 307 2.49 24.78 3.46
CA ASN B 307 2.37 26.23 3.38
C ASN B 307 3.47 26.96 4.19
N GLY B 308 4.60 26.27 4.40
CA GLY B 308 5.75 26.84 5.10
C GLY B 308 5.64 26.98 6.61
N VAL B 309 4.62 26.34 7.18
CA VAL B 309 4.40 26.49 8.60
C VAL B 309 5.36 25.63 9.42
N THR B 310 5.46 25.95 10.71
CA THR B 310 6.17 25.11 11.64
C THR B 310 5.32 23.86 11.95
N ALA B 311 5.91 22.69 12.07
CA ALA B 311 5.12 21.48 12.30
C ALA B 311 4.73 21.34 13.76
N LEU B 312 5.66 21.65 14.63
CA LEU B 312 5.41 21.40 16.04
C LEU B 312 6.02 22.47 16.93
N LYS B 313 5.20 22.97 17.85
CA LYS B 313 5.68 23.92 18.84
C LYS B 313 5.21 23.45 20.21
N VAL B 314 6.12 23.55 21.15
CA VAL B 314 5.85 23.20 22.54
C VAL B 314 5.96 24.50 23.29
N GLY B 315 4.97 24.76 24.14
CA GLY B 315 4.99 25.98 24.93
C GLY B 315 5.95 25.89 26.09
N ASP B 316 5.96 26.94 26.92
CA ASP B 316 6.95 27.09 27.98
C ASP B 316 6.54 26.37 29.28
N VAL B 317 6.05 25.15 29.12
CA VAL B 317 5.53 24.36 30.24
C VAL B 317 6.46 23.18 30.61
N ASP B 318 6.22 22.62 31.80
CA ASP B 318 6.96 21.46 32.28
C ASP B 318 6.48 20.17 31.60
N GLY B 319 7.37 19.19 31.47
CA GLY B 319 6.96 17.81 31.36
C GLY B 319 6.34 17.31 30.06
N VAL B 320 6.54 18.03 28.98
CA VAL B 320 6.00 17.58 27.71
C VAL B 320 6.93 16.50 27.18
N LYS B 321 6.33 15.42 26.69
CA LYS B 321 7.09 14.26 26.20
C LYS B 321 6.70 13.97 24.74
N VAL B 322 7.61 14.28 23.84
CA VAL B 322 7.40 14.05 22.43
C VAL B 322 8.26 12.88 22.08
N ALA B 323 7.65 11.88 21.43
CA ALA B 323 8.35 10.63 21.21
C ALA B 323 7.85 9.92 19.96
N GLY B 324 8.76 9.44 19.12
CA GLY B 324 8.41 8.57 18.03
C GLY B 324 7.74 9.18 16.82
N LEU B 325 8.23 10.36 16.43
CA LEU B 325 7.72 11.10 15.27
C LEU B 325 8.80 11.47 14.30
N LEU B 326 8.51 11.32 13.00
CA LEU B 326 9.31 11.91 11.94
C LEU B 326 8.57 13.17 11.48
N VAL B 327 9.28 14.29 11.45
CA VAL B 327 8.79 15.51 10.82
C VAL B 327 9.47 15.54 9.46
N ASP B 328 8.70 15.73 8.38
CA ASP B 328 9.23 15.65 7.02
C ASP B 328 8.89 17.00 6.38
N ALA B 329 9.91 17.78 6.01
CA ALA B 329 9.65 19.10 5.42
C ALA B 329 8.80 19.01 4.16
N GLY B 330 7.94 20.01 3.97
CA GLY B 330 7.21 20.21 2.73
C GLY B 330 8.04 21.03 1.73
N PRO B 331 7.59 21.06 0.47
CA PRO B 331 8.37 21.74 -0.58
C PRO B 331 8.49 23.24 -0.35
N VAL B 332 7.49 23.81 0.31
CA VAL B 332 7.55 25.22 0.71
C VAL B 332 8.41 25.37 1.94
N ASN B 333 9.38 26.27 1.85
CA ASN B 333 10.27 26.50 3.00
C ASN B 333 9.58 26.86 4.29
N SER B 334 9.89 26.09 5.34
CA SER B 334 9.48 26.43 6.69
C SER B 334 10.63 27.11 7.42
N GLU B 335 10.33 28.18 8.14
CA GLU B 335 11.33 28.86 8.95
C GLU B 335 11.95 27.98 9.99
N THR B 336 11.07 27.25 10.65
CA THR B 336 11.46 26.23 11.58
C THR B 336 10.52 25.04 11.42
N LEU B 337 11.03 23.84 11.74
CA LEU B 337 10.16 22.67 11.76
C LEU B 337 9.68 22.29 13.17
N VAL B 338 10.49 22.50 14.19
CA VAL B 338 10.13 22.14 15.57
C VAL B 338 10.71 23.21 16.47
N GLU B 339 9.84 23.78 17.31
CA GLU B 339 10.28 24.74 18.31
C GLU B 339 9.91 24.27 19.69
N VAL B 340 10.90 24.12 20.56
CA VAL B 340 10.64 23.77 21.95
C VAL B 340 10.80 24.97 22.84
N GLY B 341 9.66 25.55 23.20
CA GLY B 341 9.61 26.81 23.94
C GLY B 341 9.52 27.97 22.99
N SER B 342 9.01 29.08 23.50
CA SER B 342 8.98 30.32 22.73
C SER B 342 10.36 30.98 22.72
N ASP B 343 10.55 32.11 22.03
CA ASP B 343 11.86 32.74 22.09
C ASP B 343 12.16 33.65 23.27
N GLY B 344 13.37 33.52 23.82
CA GLY B 344 13.75 34.21 25.05
C GLY B 344 13.13 33.54 26.27
N ALA B 345 12.87 32.24 26.16
CA ALA B 345 12.36 31.45 27.27
C ALA B 345 13.31 31.42 28.47
N SER B 346 12.90 32.03 29.60
CA SER B 346 13.68 32.07 30.86
C SER B 346 12.81 31.76 32.08
N GLY B 347 12.27 30.56 32.01
CA GLY B 347 11.87 29.85 33.19
C GLY B 347 12.57 28.53 33.21
N ASP B 348 12.42 27.86 34.34
CA ASP B 348 13.25 26.78 34.79
C ASP B 348 12.34 25.54 34.72
N HIS B 349 12.83 24.36 34.27
CA HIS B 349 12.01 23.13 34.20
C HIS B 349 12.89 21.93 34.69
N ALA B 350 13.55 22.11 35.83
CA ALA B 350 14.58 21.17 36.24
C ALA B 350 14.00 19.88 36.83
N ALA B 351 12.98 20.00 37.69
CA ALA B 351 12.39 18.83 38.33
C ALA B 351 11.63 17.96 37.29
N ASN B 352 11.11 18.60 36.25
CA ASN B 352 10.16 17.98 35.33
C ASN B 352 10.33 18.54 33.90
N PRO B 353 11.42 18.14 33.23
CA PRO B 353 11.81 18.63 31.90
C PRO B 353 10.86 18.24 30.77
N THR B 354 10.92 19.02 29.69
CA THR B 354 10.38 18.60 28.38
C THR B 354 11.44 17.80 27.67
N SER B 355 10.99 16.76 26.98
CA SER B 355 11.91 15.89 26.25
C SER B 355 11.45 15.57 24.82
N LEU B 356 12.43 15.41 23.94
CA LEU B 356 12.25 14.93 22.59
C LEU B 356 13.07 13.64 22.38
N GLN B 357 12.35 12.55 22.23
CA GLN B 357 12.96 11.22 22.07
C GLN B 357 12.48 10.53 20.80
N ASP B 358 13.42 9.96 20.07
CA ASP B 358 13.12 9.38 18.77
C ASP B 358 12.31 10.35 17.91
N VAL B 359 12.76 11.60 17.89
CA VAL B 359 12.21 12.62 17.02
C VAL B 359 13.20 12.78 15.90
N PHE B 360 12.72 12.48 14.70
CA PHE B 360 13.55 12.53 13.53
C PHE B 360 13.05 13.69 12.65
N VAL B 361 13.96 14.22 11.83
CA VAL B 361 13.58 15.26 10.88
C VAL B 361 14.22 14.96 9.56
N ARG B 362 13.44 15.09 8.49
CA ARG B 362 13.94 14.84 7.14
C ARG B 362 13.65 16.07 6.29
N ILE B 363 14.65 16.53 5.55
CA ILE B 363 14.50 17.61 4.61
C ILE B 363 14.84 17.09 3.22
N GLY B 364 13.83 16.81 2.42
CA GLY B 364 14.05 16.30 1.07
C GLY B 364 14.15 14.78 1.02
N GLY B 365 14.29 14.22 -0.17
CA GLY B 365 14.51 12.78 -0.29
C GLY B 365 13.27 12.04 -0.78
N ALA B 366 12.12 12.43 -0.26
CA ALA B 366 10.85 11.88 -0.71
C ALA B 366 10.09 12.94 -1.50
N GLY B 367 10.87 13.75 -2.23
CA GLY B 367 10.38 14.90 -2.96
C GLY B 367 10.98 16.13 -2.31
N PRO B 368 10.98 17.27 -3.02
CA PRO B 368 11.69 18.42 -2.48
C PRO B 368 11.11 18.86 -1.17
N GLY B 369 12.00 19.27 -0.30
CA GLY B 369 11.67 19.80 0.99
C GLY B 369 12.73 20.84 1.35
N LYS B 370 12.30 21.88 2.07
CA LYS B 370 13.18 22.94 2.53
C LYS B 370 12.77 23.46 3.89
N ALA B 371 13.75 23.78 4.72
CA ALA B 371 13.54 24.50 5.97
C ALA B 371 14.79 25.25 6.37
N THR B 372 14.62 26.40 7.01
CA THR B 372 15.77 27.22 7.34
C THR B 372 16.49 26.64 8.55
N THR B 373 15.73 26.43 9.64
CA THR B 373 16.22 25.74 10.83
C THR B 373 15.26 24.58 11.14
N SER B 374 15.79 23.44 11.55
CA SER B 374 14.89 22.29 11.75
C SER B 374 14.38 22.18 13.20
N ILE B 375 15.25 22.39 14.16
CA ILE B 375 14.82 22.30 15.56
C ILE B 375 15.46 23.40 16.35
N VAL B 376 14.62 24.24 16.97
CA VAL B 376 15.14 25.22 17.90
C VAL B 376 14.66 24.89 19.28
N VAL B 377 15.64 24.83 20.16
CA VAL B 377 15.42 24.41 21.52
C VAL B 377 15.65 25.60 22.43
N ASN B 378 14.52 26.20 22.85
CA ASN B 378 14.50 27.41 23.69
C ASN B 378 14.32 27.13 25.18
N SER B 379 13.60 26.08 25.50
CA SER B 379 13.31 25.76 26.91
C SER B 379 14.49 25.24 27.70
N ASN B 380 14.74 25.87 28.85
CA ASN B 380 15.76 25.39 29.77
C ASN B 380 15.43 23.97 30.24
N ASP B 381 16.47 23.19 30.50
CA ASP B 381 16.39 21.84 31.05
C ASP B 381 15.92 20.75 30.07
N THR B 382 15.68 21.15 28.84
CA THR B 382 15.18 20.23 27.82
C THR B 382 16.17 19.10 27.60
N ILE B 383 15.62 17.90 27.44
CA ILE B 383 16.41 16.72 27.10
C ILE B 383 16.12 16.26 25.64
N ILE B 384 17.14 16.18 24.77
CA ILE B 384 17.02 15.57 23.46
C ILE B 384 17.69 14.22 23.57
N ASP B 385 16.90 13.16 23.58
CA ASP B 385 17.40 11.80 23.78
C ASP B 385 17.08 10.98 22.53
N HIS B 386 18.04 10.96 21.62
CA HIS B 386 17.95 10.36 20.28
C HIS B 386 17.20 11.21 19.27
N THR B 387 17.97 12.03 18.57
CA THR B 387 17.46 12.64 17.33
C THR B 387 18.36 12.35 16.14
N TRP B 388 17.72 12.24 14.97
CA TRP B 388 18.40 12.34 13.68
C TRP B 388 17.73 13.46 12.90
N VAL B 389 18.54 14.47 12.60
CA VAL B 389 18.10 15.68 11.90
C VAL B 389 18.92 15.65 10.60
N TRP B 390 18.23 15.35 9.50
CA TRP B 390 18.87 14.89 8.27
C TRP B 390 18.39 15.66 7.05
N ARG B 391 19.30 16.43 6.46
CA ARG B 391 19.08 17.04 5.15
C ARG B 391 19.42 15.97 4.15
N ALA B 392 18.44 15.51 3.36
CA ALA B 392 18.66 14.34 2.55
C ALA B 392 19.84 14.48 1.56
N ASP B 393 20.68 13.43 1.49
CA ASP B 393 21.77 13.37 0.54
C ASP B 393 21.49 12.50 -0.67
N HIS B 394 20.35 11.84 -0.69
CA HIS B 394 19.96 10.98 -1.81
C HIS B 394 18.47 10.91 -1.79
N GLY B 395 17.91 10.34 -2.85
CA GLY B 395 16.47 10.32 -3.02
C GLY B 395 16.00 11.20 -4.15
N GLU B 396 14.76 11.67 -4.02
CA GLU B 396 14.06 12.48 -5.01
C GLU B 396 13.85 13.87 -4.34
N GLY B 397 14.18 14.94 -5.07
CA GLY B 397 13.96 16.28 -4.54
C GLY B 397 15.16 16.81 -3.77
N VAL B 398 16.33 16.52 -4.33
CA VAL B 398 17.59 16.61 -3.65
C VAL B 398 18.65 17.41 -4.46
N GLY B 399 19.32 18.38 -3.79
CA GLY B 399 20.17 19.38 -4.46
C GLY B 399 20.55 20.59 -3.61
N TRP B 400 21.58 21.32 -4.02
CA TRP B 400 22.22 22.32 -3.14
C TRP B 400 21.25 23.41 -2.78
N GLU B 401 20.39 23.73 -3.74
CA GLU B 401 19.31 24.70 -3.57
C GLU B 401 17.96 24.00 -3.39
N THR B 402 17.70 23.00 -4.24
CA THR B 402 16.42 22.29 -4.26
C THR B 402 15.92 21.78 -2.90
N ASN B 403 16.82 21.21 -2.09
CA ASN B 403 16.50 20.84 -0.74
C ASN B 403 17.44 21.52 0.26
N ARG B 404 17.74 22.79 -0.01
CA ARG B 404 18.58 23.54 0.89
C ARG B 404 17.96 23.64 2.30
N ALA B 405 18.84 23.50 3.27
CA ALA B 405 18.47 23.63 4.70
C ALA B 405 19.67 24.17 5.41
N ASP B 406 19.62 25.41 5.86
CA ASP B 406 20.87 26.01 6.37
C ASP B 406 21.29 25.47 7.68
N TYR B 407 20.34 25.30 8.61
CA TYR B 407 20.69 24.99 9.99
C TYR B 407 19.92 23.82 10.54
N GLY B 408 20.60 22.96 11.27
CA GLY B 408 19.96 21.75 11.78
C GLY B 408 19.29 22.00 13.11
N VAL B 409 20.12 22.03 14.13
CA VAL B 409 19.65 22.22 15.51
C VAL B 409 20.28 23.48 16.07
N HIS B 410 19.45 24.32 16.71
CA HIS B 410 19.92 25.52 17.41
C HIS B 410 19.42 25.45 18.84
N VAL B 411 20.36 25.28 19.77
CA VAL B 411 20.00 25.22 21.20
C VAL B 411 20.25 26.59 21.83
N LYS B 412 19.17 27.23 22.27
CA LYS B 412 19.24 28.57 22.91
C LYS B 412 19.06 28.49 24.43
N GLY B 413 18.40 27.43 24.89
CA GLY B 413 18.09 27.24 26.31
C GLY B 413 19.31 26.82 27.12
N ASP B 414 19.22 27.00 28.45
CA ASP B 414 20.28 26.66 29.35
C ASP B 414 20.05 25.27 29.96
N ASN B 415 21.12 24.62 30.34
CA ASN B 415 21.08 23.30 30.95
C ASN B 415 20.37 22.28 30.05
N VAL B 416 20.53 22.42 28.75
CA VAL B 416 20.01 21.43 27.80
C VAL B 416 20.96 20.24 27.66
N LEU B 417 20.38 19.05 27.61
CA LEU B 417 21.19 17.81 27.51
C LEU B 417 20.77 17.07 26.23
N ALA B 418 21.74 16.77 25.39
CA ALA B 418 21.54 15.92 24.22
C ALA B 418 22.28 14.61 24.42
N THR B 419 21.56 13.49 24.33
CA THR B 419 22.18 12.17 24.38
C THR B 419 21.86 11.44 23.06
N GLY B 420 22.87 11.12 22.26
CA GLY B 420 22.63 10.47 20.97
C GLY B 420 22.12 11.44 19.92
N LEU B 421 22.97 12.41 19.63
CA LEU B 421 22.68 13.46 18.66
C LEU B 421 23.28 13.11 17.29
N PHE B 422 22.44 12.94 16.27
CA PHE B 422 22.86 12.67 14.90
C PHE B 422 22.32 13.81 14.00
N VAL B 423 23.19 14.61 13.38
CA VAL B 423 22.74 15.73 12.56
C VAL B 423 23.62 15.83 11.31
N GLU B 424 23.01 15.80 10.13
CA GLU B 424 23.83 15.68 8.91
C GLU B 424 23.37 16.51 7.70
N HIS B 425 24.38 17.04 7.01
CA HIS B 425 24.34 17.56 5.65
C HIS B 425 23.77 18.97 5.45
N PHE B 426 23.64 19.75 6.53
CA PHE B 426 23.11 21.08 6.40
C PHE B 426 24.04 21.99 5.58
N ASN B 427 23.45 22.92 4.82
CA ASN B 427 24.30 23.89 4.12
C ASN B 427 25.25 24.68 4.99
N LYS B 428 24.75 25.24 6.09
CA LYS B 428 25.58 25.98 7.05
C LYS B 428 25.80 25.13 8.32
N TYR B 429 25.65 25.70 9.51
CA TYR B 429 25.94 24.96 10.73
C TYR B 429 24.96 23.85 11.04
N ASP B 430 25.42 22.62 11.16
CA ASP B 430 24.49 21.52 11.50
C ASP B 430 23.91 21.74 12.89
N VAL B 431 24.80 22.04 13.84
CA VAL B 431 24.42 22.31 15.21
C VAL B 431 25.06 23.57 15.71
N GLN B 432 24.22 24.42 16.31
CA GLN B 432 24.66 25.63 16.95
C GLN B 432 24.16 25.67 18.38
N TRP B 433 25.02 26.08 19.29
CA TRP B 433 24.69 26.09 20.71
C TRP B 433 25.09 27.44 21.27
N SER B 434 24.03 28.15 21.70
CA SER B 434 24.09 29.51 22.26
C SER B 434 23.74 29.56 23.74
N GLY B 435 22.94 28.62 24.24
CA GLY B 435 22.59 28.62 25.64
C GLY B 435 23.74 28.18 26.54
N GLU B 436 23.51 28.19 27.85
CA GLU B 436 24.54 27.96 28.84
C GLU B 436 24.46 26.54 29.41
N ASN B 437 25.62 26.04 29.82
CA ASN B 437 25.67 24.74 30.49
C ASN B 437 25.10 23.60 29.67
N GLY B 438 25.24 23.67 28.36
CA GLY B 438 24.84 22.56 27.51
C GLY B 438 25.80 21.37 27.64
N LYS B 439 25.26 20.17 27.41
CA LYS B 439 26.05 18.95 27.40
C LYS B 439 25.58 18.08 26.24
N THR B 440 26.54 17.55 25.47
CA THR B 440 26.24 16.53 24.44
C THR B 440 27.05 15.27 24.72
N ILE B 441 26.34 14.16 24.85
CA ILE B 441 26.95 12.86 24.94
C ILE B 441 26.60 12.09 23.66
N PHE B 442 27.66 11.89 22.87
CA PHE B 442 27.61 11.32 21.50
C PHE B 442 27.03 12.23 20.44
N TYR B 443 27.86 12.55 19.44
CA TYR B 443 27.47 13.30 18.23
C TYR B 443 28.05 12.61 17.00
N GLN B 444 27.18 12.39 16.00
CA GLN B 444 27.59 11.97 14.66
C GLN B 444 27.07 12.98 13.66
N ASN B 445 28.01 13.52 12.89
CA ASN B 445 27.72 14.42 11.79
C ASN B 445 28.40 13.93 10.51
N ALA B 446 27.75 14.17 9.38
CA ALA B 446 28.42 14.18 8.08
C ALA B 446 28.02 15.45 7.38
N LYS B 447 29.02 16.17 6.88
CA LYS B 447 28.77 17.45 6.23
C LYS B 447 27.97 17.27 4.91
N ALA B 448 27.59 18.41 4.33
CA ALA B 448 26.88 18.41 3.06
C ALA B 448 27.79 17.80 1.97
N TYR B 449 27.27 16.95 1.09
CA TYR B 449 28.09 16.37 -0.01
C TYR B 449 28.15 17.23 -1.26
N ASP B 450 27.14 18.10 -1.44
CA ASP B 450 26.88 18.80 -2.70
C ASP B 450 27.29 20.27 -2.85
N ALA B 451 28.05 20.82 -1.89
CA ALA B 451 28.53 22.18 -2.02
C ALA B 451 29.32 22.22 -3.30
N PRO B 452 28.90 23.05 -4.28
CA PRO B 452 29.54 22.99 -5.60
C PRO B 452 31.00 23.41 -5.64
N ASP B 453 31.39 24.29 -4.73
CA ASP B 453 32.74 24.81 -4.66
C ASP B 453 32.94 25.65 -3.37
N GLN B 454 34.21 25.87 -3.07
CA GLN B 454 34.61 26.48 -1.83
C GLN B 454 33.84 27.77 -1.49
N ALA B 455 33.64 28.57 -2.55
CA ALA B 455 32.79 29.76 -2.54
C ALA B 455 31.51 29.49 -1.79
N ALA B 456 30.87 28.38 -2.13
CA ALA B 456 29.54 28.07 -1.63
C ALA B 456 29.45 28.05 -0.12
N ILE B 457 30.54 27.64 0.57
CA ILE B 457 30.51 27.43 2.01
C ILE B 457 31.48 28.37 2.77
N GLN B 458 31.86 29.47 2.14
CA GLN B 458 32.83 30.39 2.73
C GLN B 458 32.08 31.20 3.78
N ASN B 459 32.47 31.00 5.05
CA ASN B 459 31.69 31.35 6.29
C ASN B 459 32.42 32.49 7.02
N GLY B 460 32.13 33.74 6.62
CA GLY B 460 33.03 34.82 6.91
C GLY B 460 34.46 34.38 6.62
N ASP B 461 35.36 34.56 7.60
CA ASP B 461 36.77 34.21 7.46
C ASP B 461 37.17 32.73 7.67
N ILE B 462 36.20 31.83 7.58
CA ILE B 462 36.40 30.41 7.84
C ILE B 462 35.98 29.64 6.59
N LYS B 463 36.76 28.62 6.23
CA LYS B 463 36.37 27.73 5.14
C LYS B 463 35.33 26.73 5.68
N GLY B 464 34.08 26.97 5.36
CA GLY B 464 33.00 26.06 5.69
C GLY B 464 32.44 26.39 7.06
N TYR B 465 31.34 25.73 7.38
CA TYR B 465 30.66 25.92 8.67
C TYR B 465 30.90 24.71 9.56
N ALA B 466 31.24 24.93 10.82
CA ALA B 466 31.37 23.82 11.75
C ALA B 466 30.13 22.92 11.81
N ALA B 467 30.35 21.63 11.97
CA ALA B 467 29.27 20.70 12.30
C ALA B 467 28.65 21.02 13.67
N TYR B 468 29.43 21.59 14.56
CA TYR B 468 28.98 21.85 15.92
C TYR B 468 29.71 23.09 16.42
N LYS B 469 28.96 24.20 16.55
CA LYS B 469 29.50 25.45 17.06
C LYS B 469 28.92 25.81 18.40
N VAL B 470 29.83 26.03 19.34
CA VAL B 470 29.54 26.60 20.64
C VAL B 470 29.89 28.04 20.49
N ASP B 471 28.89 28.89 20.66
CA ASP B 471 29.09 30.25 20.31
C ASP B 471 30.10 30.97 21.28
N ASP B 472 30.92 31.86 20.70
CA ASP B 472 31.94 32.68 21.38
C ASP B 472 31.54 33.12 22.76
N SER B 473 30.26 33.47 22.88
CA SER B 473 29.74 34.10 24.06
C SER B 473 29.60 33.19 25.26
N VAL B 474 29.47 31.91 24.98
CA VAL B 474 29.13 30.93 25.99
C VAL B 474 30.24 30.68 27.05
N THR B 475 29.83 30.54 28.31
CA THR B 475 30.73 30.29 29.44
C THR B 475 31.01 28.83 29.80
N THR B 476 29.96 28.02 29.73
CA THR B 476 30.04 26.64 30.21
C THR B 476 29.41 25.72 29.14
N HIS B 477 30.14 24.65 28.76
CA HIS B 477 29.64 23.65 27.79
C HIS B 477 30.52 22.41 27.89
N GLU B 478 29.98 21.23 27.62
CA GLU B 478 30.80 20.01 27.63
C GLU B 478 30.24 18.98 26.66
N GLY B 479 31.10 18.38 25.86
CA GLY B 479 30.69 17.39 24.89
C GLY B 479 31.63 16.18 24.94
N TRP B 480 31.06 14.99 24.73
CA TRP B 480 31.83 13.74 24.78
C TRP B 480 31.52 12.89 23.54
N GLY B 481 32.57 12.41 22.86
CA GLY B 481 32.36 11.40 21.83
C GLY B 481 31.69 11.90 20.57
N MET B 482 32.41 12.77 19.88
CA MET B 482 31.82 13.52 18.81
C MET B 482 32.61 13.43 17.54
N GLY B 483 31.91 13.15 16.43
CA GLY B 483 32.58 13.03 15.13
C GLY B 483 31.89 13.79 14.04
N SER B 484 32.68 14.32 13.12
CA SER B 484 32.19 14.90 11.88
C SER B 484 32.93 14.30 10.68
N TYR B 485 32.17 13.85 9.68
CA TYR B 485 32.76 13.24 8.49
C TYR B 485 32.45 14.08 7.26
N CYS B 486 33.37 14.09 6.29
CA CYS B 486 33.12 14.76 5.00
C CYS B 486 33.23 13.83 3.80
N TYR B 487 32.47 14.18 2.77
CA TYR B 487 32.40 13.45 1.50
C TYR B 487 31.91 14.42 0.43
N PHE B 488 32.82 15.29 0.06
CA PHE B 488 32.53 16.36 -0.89
C PHE B 488 32.66 15.76 -2.26
N ASN B 489 31.59 15.09 -2.70
CA ASN B 489 31.74 14.15 -3.82
C ASN B 489 31.47 14.86 -5.12
N VAL B 490 30.77 15.99 -5.02
CA VAL B 490 30.59 16.87 -6.15
C VAL B 490 31.88 17.59 -6.47
N ASN B 491 32.59 18.04 -5.41
CA ASN B 491 33.78 18.85 -5.61
C ASN B 491 34.83 18.48 -4.58
N PRO B 492 35.62 17.43 -4.88
CA PRO B 492 36.51 16.84 -3.89
C PRO B 492 37.73 17.68 -3.58
N ASP B 493 37.80 18.88 -4.19
CA ASP B 493 38.83 19.87 -3.91
C ASP B 493 38.62 20.66 -2.64
N ILE B 494 37.39 20.64 -2.12
CA ILE B 494 37.01 21.47 -0.99
C ILE B 494 37.78 21.12 0.27
N ARG B 495 37.97 22.15 1.07
CA ARG B 495 38.56 22.04 2.39
C ARG B 495 37.56 22.55 3.41
N GLN B 496 37.32 21.74 4.45
CA GLN B 496 36.48 22.07 5.56
C GLN B 496 37.44 22.46 6.67
N GLN B 497 37.34 23.67 7.20
CA GLN B 497 38.38 24.10 8.16
C GLN B 497 38.40 23.24 9.40
N HIS B 498 37.21 22.95 9.94
CA HIS B 498 37.12 22.18 11.17
C HIS B 498 35.75 21.52 11.32
N GLY B 499 35.67 20.51 12.19
CA GLY B 499 34.43 19.87 12.55
C GLY B 499 33.67 20.64 13.59
N PHE B 500 34.44 21.27 14.48
CA PHE B 500 33.94 21.89 15.71
C PHE B 500 34.54 23.29 15.89
N GLN B 501 33.75 24.19 16.44
CA GLN B 501 34.19 25.53 16.79
C GLN B 501 33.64 25.94 18.17
N ALA B 502 34.50 26.53 18.99
CA ALA B 502 34.16 26.83 20.37
C ALA B 502 35.16 27.79 21.00
N PRO B 503 34.74 28.45 22.08
CA PRO B 503 35.63 29.39 22.76
C PRO B 503 36.62 28.67 23.67
N VAL B 504 37.79 29.28 23.91
CA VAL B 504 38.77 28.71 24.82
C VAL B 504 38.59 29.31 26.23
N LYS B 505 37.93 28.55 27.10
CA LYS B 505 37.47 29.00 28.38
C LYS B 505 37.48 27.84 29.35
N PRO B 506 37.77 28.10 30.64
CA PRO B 506 37.90 26.96 31.55
C PRO B 506 36.62 26.16 31.77
N GLY B 507 35.45 26.69 31.41
CA GLY B 507 34.21 25.95 31.61
C GLY B 507 33.70 25.33 30.32
N VAL B 508 34.40 25.54 29.20
CA VAL B 508 34.07 24.86 27.93
C VAL B 508 35.08 23.72 27.74
N LYS B 509 34.57 22.52 27.54
CA LYS B 509 35.51 21.42 27.33
C LYS B 509 34.93 20.30 26.48
N PHE B 510 35.79 19.70 25.68
CA PHE B 510 35.39 18.59 24.84
C PHE B 510 36.31 17.38 25.04
N HIS B 511 35.71 16.21 24.93
CA HIS B 511 36.38 14.96 25.15
C HIS B 511 36.13 14.06 23.94
N ASP B 512 37.21 13.63 23.27
CA ASP B 512 37.16 12.59 22.25
C ASP B 512 36.44 13.09 21.00
N LEU B 513 37.11 14.01 20.33
CA LEU B 513 36.67 14.59 19.06
C LEU B 513 37.41 13.92 17.90
N LEU B 514 36.70 13.71 16.80
CA LEU B 514 37.34 13.26 15.59
C LEU B 514 36.71 13.87 14.34
N VAL B 515 37.54 13.99 13.32
CA VAL B 515 37.04 14.25 11.98
C VAL B 515 37.59 13.24 10.99
N VAL B 516 36.82 12.96 9.93
CA VAL B 516 37.20 11.92 8.99
C VAL B 516 36.81 12.32 7.55
N SER B 517 37.77 12.24 6.63
CA SER B 517 37.48 12.35 5.21
C SER B 517 37.13 10.99 4.69
N LEU B 518 35.93 10.86 4.16
CA LEU B 518 35.48 9.62 3.57
C LEU B 518 35.99 9.43 2.13
N GLY B 519 37.17 8.85 1.95
CA GLY B 519 37.64 8.51 0.62
C GLY B 519 38.54 9.58 0.00
N GLY B 520 38.89 10.62 0.76
CA GLY B 520 39.60 11.79 0.25
C GLY B 520 38.73 12.74 -0.54
N LYS B 521 37.43 12.58 -0.41
CA LYS B 521 36.49 13.49 -1.03
C LYS B 521 36.43 14.73 -0.17
N GLY B 522 37.35 15.65 -0.44
CA GLY B 522 37.55 16.76 0.44
C GLY B 522 38.48 16.37 1.57
N GLN B 523 38.91 17.38 2.35
CA GLN B 523 39.67 17.15 3.55
C GLN B 523 39.35 18.21 4.61
N TYR B 524 39.54 17.82 5.86
CA TYR B 524 39.51 18.78 7.00
C TYR B 524 40.87 19.42 7.18
N GLU B 525 40.95 20.73 7.47
CA GLU B 525 42.22 21.39 7.81
C GLU B 525 42.61 21.15 9.29
N HIS B 526 41.59 21.02 10.13
CA HIS B 526 41.75 20.91 11.60
C HIS B 526 40.57 20.12 12.17
N VAL B 527 40.64 19.80 13.46
CA VAL B 527 39.52 19.12 14.13
C VAL B 527 38.54 20.13 14.76
N ILE B 528 39.07 21.02 15.60
CA ILE B 528 38.27 22.05 16.27
C ILE B 528 39.02 23.38 16.23
N ASN B 529 38.32 24.47 15.90
CA ASN B 529 38.95 25.77 15.73
C ASN B 529 40.08 25.55 14.70
N ASP B 530 41.34 25.80 15.07
CA ASP B 530 42.49 25.48 14.20
C ASP B 530 43.45 24.55 14.96
N ILE B 531 42.84 23.72 15.79
CA ILE B 531 43.54 22.67 16.48
C ILE B 531 43.25 21.26 15.94
N GLY B 532 44.28 20.42 16.01
CA GLY B 532 44.21 19.05 15.51
C GLY B 532 44.72 18.97 14.07
N ASP B 533 45.18 17.78 13.70
CA ASP B 533 45.83 17.58 12.43
C ASP B 533 44.77 17.63 11.32
N PRO B 534 45.18 18.14 10.12
CA PRO B 534 44.28 17.99 8.97
C PRO B 534 44.14 16.50 8.67
N THR B 535 43.09 16.15 7.95
CA THR B 535 43.01 14.82 7.38
C THR B 535 43.90 14.81 6.15
N SER B 536 44.14 13.60 5.64
CA SER B 536 45.22 13.38 4.72
C SER B 536 45.02 12.07 3.98
N GLY B 537 45.37 12.04 2.70
CA GLY B 537 45.28 10.83 1.89
C GLY B 537 43.83 10.46 1.55
N ASP B 538 43.64 9.24 1.00
CA ASP B 538 42.29 8.73 0.75
C ASP B 538 41.95 7.39 1.42
N THR B 539 42.62 7.00 2.50
CA THR B 539 42.30 5.70 3.13
C THR B 539 41.51 5.86 4.43
N THR B 540 40.88 7.01 4.56
CA THR B 540 39.81 7.17 5.57
C THR B 540 40.32 6.99 7.01
N ILE B 541 41.42 7.67 7.32
CA ILE B 541 41.93 7.64 8.71
C ILE B 541 41.55 8.88 9.52
N PRO B 542 40.96 8.66 10.70
CA PRO B 542 40.50 9.83 11.45
C PRO B 542 41.60 10.72 11.99
N SER B 543 41.28 12.00 12.16
CA SER B 543 42.14 12.91 12.87
C SER B 543 41.44 13.22 14.18
N GLN B 544 42.14 13.04 15.29
CA GLN B 544 41.48 13.09 16.59
C GLN B 544 42.08 14.10 17.55
N VAL B 545 41.24 14.54 18.47
CA VAL B 545 41.69 15.33 19.64
C VAL B 545 41.08 14.66 20.90
N VAL B 546 41.92 14.22 21.83
CA VAL B 546 41.40 13.53 23.02
C VAL B 546 40.70 14.55 23.94
N SER B 547 41.37 15.68 24.09
CA SER B 547 40.98 16.74 25.00
C SER B 547 41.11 18.09 24.32
N PHE B 548 40.09 18.93 24.40
CA PHE B 548 40.23 20.31 23.97
C PHE B 548 39.47 21.11 25.02
N PRO B 549 40.04 22.26 25.47
CA PRO B 549 41.28 22.88 24.94
C PRO B 549 42.59 22.15 25.31
C2 BGC C . 1.23 -27.75 -25.38
C3 BGC C . 1.30 -26.87 -24.23
C4 BGC C . 0.67 -27.51 -23.03
C5 BGC C . 1.24 -28.89 -22.81
C6 BGC C . 0.58 -29.67 -21.73
C1 BGC C . 1.78 -29.13 -25.11
O1 BGC C . 1.54 -29.89 -26.14
O2 BGC C . 1.97 -27.27 -26.53
O3 BGC C . 0.66 -25.56 -24.64
O4 BGC C . 0.86 -26.77 -21.85
O5 BGC C . 1.11 -29.70 -23.96
O6 BGC C . 0.93 -31.03 -21.77
C2 BGC C . 0.66 -23.22 -24.84
C3 BGC C . 1.30 -21.95 -24.43
C4 BGC C . 1.59 -21.86 -23.00
C5 BGC C . 2.20 -23.16 -22.49
C6 BGC C . 2.35 -23.22 -21.02
C1 BGC C . 1.37 -24.43 -24.30
O2 BGC C . 0.54 -23.32 -26.25
O3 BGC C . 0.31 -20.92 -24.88
O4 BGC C . 2.48 -20.79 -22.69
O5 BGC C . 1.42 -24.32 -22.88
O6 BGC C . 2.98 -24.38 -20.50
C2 BGC C . -0.12 -18.82 -25.96
C3 BGC C . 0.46 -17.69 -26.72
C4 BGC C . 1.61 -17.13 -26.00
C5 BGC C . 2.59 -18.24 -25.68
C6 BGC C . 3.74 -17.79 -24.87
C1 BGC C . 0.90 -19.92 -25.69
O2 BGC C . -1.20 -19.43 -26.68
O3 BGC C . -0.58 -16.64 -26.73
O4 BGC C . 2.27 -16.11 -26.74
O5 BGC C . 1.94 -19.30 -24.94
O6 BGC C . 4.66 -18.84 -24.62
C2 BGC C . -2.13 -15.21 -27.89
C3 BGC C . -2.42 -14.52 -29.19
C4 BGC C . -1.17 -14.10 -29.92
C5 BGC C . -0.18 -15.28 -30.03
C6 BGC C . 1.17 -15.03 -30.73
C1 BGC C . -1.02 -16.25 -28.00
O2 BGC C . -3.27 -15.83 -27.32
O3 BGC C . -3.23 -13.37 -28.83
O4 BGC C . -1.48 -13.60 -31.20
O5 BGC C . 0.12 -15.66 -28.67
O6 BGC C . 1.89 -16.13 -31.23
C2 BGC C . -5.35 -12.25 -28.89
C3 BGC C . -6.45 -11.73 -29.75
C4 BGC C . -5.90 -11.10 -30.96
C5 BGC C . -4.91 -11.96 -31.67
C6 BGC C . -4.21 -11.10 -32.72
C1 BGC C . -4.35 -13.12 -29.63
O2 BGC C . -5.90 -13.05 -27.87
O3 BGC C . -7.14 -10.67 -28.95
O4 BGC C . -6.90 -10.68 -31.85
O5 BGC C . -3.86 -12.38 -30.78
O6 BGC C . -3.17 -11.73 -33.41
C2 BGC C . -9.18 -9.78 -28.13
C3 BGC C . -10.66 -9.83 -28.34
C4 BGC C . -10.96 -9.94 -29.75
C5 BGC C . -10.35 -11.23 -30.31
C6 BGC C . -10.39 -11.41 -31.79
C1 BGC C . -8.48 -10.98 -28.74
O2 BGC C . -8.81 -9.68 -26.77
O3 BGC C . -11.32 -8.59 -27.92
O4 BGC C . -12.40 -9.86 -30.02
O5 BGC C . -8.91 -11.18 -30.09
O6 BGC C . -9.56 -10.58 -32.57
C2 BGC D . -5.53 -32.81 -30.21
C3 BGC D . -5.86 -32.02 -31.39
C4 BGC D . -4.70 -31.20 -31.86
C5 BGC D . -3.43 -32.02 -32.02
C6 BGC D . -2.30 -31.10 -32.27
C1 BGC D . -4.32 -33.68 -30.44
O1 BGC D . -4.00 -34.28 -29.30
O2 BGC D . -6.64 -33.58 -29.72
O3 BGC D . -7.06 -31.26 -31.03
O4 BGC D . -4.89 -30.52 -33.08
O5 BGC D . -3.17 -32.88 -30.90
O6 BGC D . -1.28 -31.54 -33.12
C2 BGC D . -9.14 -30.28 -31.73
C3 BGC D . -9.87 -29.47 -32.74
C4 BGC D . -9.03 -28.38 -33.30
C5 BGC D . -7.54 -28.69 -33.49
C6 BGC D . -6.76 -27.47 -33.70
C1 BGC D . -7.67 -30.64 -32.07
O2 BGC D . -9.91 -31.43 -31.38
O3 BGC D . -11.14 -29.03 -32.21
O4 BGC D . -9.44 -28.11 -34.62
O5 BGC D . -6.91 -29.43 -32.43
O6 BGC D . -5.39 -27.66 -33.88
C2 BGC D . -12.93 -29.92 -30.81
C3 BGC D . -14.14 -30.77 -30.80
C4 BGC D . -15.07 -30.49 -31.92
C5 BGC D . -14.34 -30.47 -33.26
C6 BGC D . -15.22 -29.99 -34.37
C1 BGC D . -12.19 -29.95 -32.13
O2 BGC D . -12.06 -30.24 -29.74
O3 BGC D . -14.86 -30.56 -29.54
O4 BGC D . -16.10 -31.44 -32.02
O5 BGC D . -13.11 -29.69 -33.22
O6 BGC D . -14.55 -29.79 -35.55
C2 BGC D . -15.62 -31.44 -27.45
C3 BGC D . -16.31 -32.57 -26.82
C4 BGC D . -17.60 -32.86 -27.50
C5 BGC D . -17.27 -33.16 -28.95
C6 BGC D . -18.45 -33.50 -29.76
C1 BGC D . -15.32 -31.70 -28.91
O2 BGC D . -14.43 -31.05 -26.74
O3 BGC D . -16.55 -32.27 -25.44
O4 BGC D . -18.28 -33.99 -26.90
O5 BGC D . -16.58 -32.05 -29.56
O6 BGC D . -19.54 -32.64 -29.81
C2 BGC D . -15.14 -32.15 -23.50
C3 BGC D . -14.41 -32.94 -22.52
C4 BGC D . -15.17 -34.10 -21.99
C5 BGC D . -15.80 -34.89 -23.09
C6 BGC D . -16.82 -35.85 -22.57
C1 BGC D . -15.71 -33.00 -24.62
O2 BGC D . -14.34 -31.08 -24.07
O3 BGC D . -13.95 -32.11 -21.42
O4 BGC D . -14.30 -34.95 -21.24
O5 BGC D . -16.49 -34.05 -24.04
O6 BGC D . -17.15 -36.83 -23.54
C2 BGC E . 35.61 -9.10 8.13
C3 BGC E . 35.71 -8.31 9.36
C4 BGC E . 34.89 -9.01 10.37
C5 BGC E . 35.38 -10.46 10.48
C6 BGC E . 34.67 -11.19 11.56
C1 BGC E . 36.04 -10.56 8.23
O1 BGC E . 35.90 -11.23 7.09
O2 BGC E . 36.23 -8.55 6.95
O3 BGC E . 35.11 -6.93 9.23
O4 BGC E . 34.98 -8.37 11.59
O5 BGC E . 35.22 -11.16 9.26
O6 BGC E . 35.50 -12.12 12.21
C2 BGC E . 35.17 -4.57 9.00
C3 BGC E . 35.73 -3.28 9.47
C4 BGC E . 36.01 -3.26 10.89
C5 BGC E . 36.70 -4.54 11.32
C6 BGC E . 36.98 -4.59 12.77
C1 BGC E . 35.85 -5.82 9.55
O2 BGC E . 35.25 -4.56 7.57
O3 BGC E . 34.80 -2.19 9.15
O4 BGC E . 36.89 -2.19 11.24
O5 BGC E . 35.93 -5.69 10.96
O6 BGC E . 37.94 -5.57 13.11
C2 BGC E . 34.35 -0.02 8.13
C3 BGC E . 34.96 1.12 7.43
C4 BGC E . 36.10 1.70 8.16
C5 BGC E . 37.04 0.57 8.54
C6 BGC E . 38.24 1.04 9.29
C1 BGC E . 35.38 -1.10 8.47
O2 BGC E . 33.37 -0.66 7.29
O3 BGC E . 33.91 2.13 7.32
O4 BGC E . 36.88 2.61 7.35
O5 BGC E . 36.36 -0.45 9.31
O6 BGC E . 39.14 -0.05 9.39
C2 BGC E . 32.49 3.62 6.15
C3 BGC E . 32.30 4.38 4.88
C4 BGC E . 33.61 4.91 4.36
C5 BGC E . 34.56 3.73 4.28
C6 BGC E . 35.90 4.02 3.63
C1 BGC E . 33.61 2.59 6.07
O2 BGC E . 31.30 2.96 6.59
O3 BGC E . 31.37 5.44 5.22
O4 BGC E . 33.43 5.44 3.05
O5 BGC E . 34.79 3.26 5.62
O6 BGC E . 36.56 2.81 3.19
C2 BGC E . 29.27 6.57 5.05
C3 BGC E . 28.24 7.13 4.14
C4 BGC E . 28.85 7.79 2.96
C5 BGC E . 29.78 6.82 2.26
C6 BGC E . 30.55 7.37 1.08
C1 BGC E . 30.29 5.72 4.33
O2 BGC E . 28.62 5.77 6.02
O3 BGC E . 27.47 8.15 4.91
O4 BGC E . 27.82 8.27 2.12
O5 BGC E . 30.83 6.48 3.20
O6 BGC E . 30.92 6.38 0.14
C2 BGC E . 25.44 9.10 5.69
C3 BGC E . 23.97 9.07 5.49
C4 BGC E . 23.63 8.96 4.09
C5 BGC E . 24.20 7.64 3.58
C6 BGC E . 23.93 7.34 2.14
C1 BGC E . 26.10 7.90 5.02
O2 BGC E . 25.76 9.16 7.08
O3 BGC E . 23.43 10.36 5.94
O4 BGC E . 22.20 8.95 3.93
O5 BGC E . 25.64 7.69 3.68
O6 BGC E . 24.26 5.99 1.89
C2 BGC F . 29.12 -13.71 3.61
C3 BGC F . 28.69 -12.98 2.43
C4 BGC F . 29.87 -12.31 1.83
C5 BGC F . 30.97 -13.31 1.53
C6 BGC F . 32.20 -12.61 1.06
C1 BGC F . 30.11 -14.78 3.22
O1 BGC F . 30.45 -15.54 4.27
O2 BGC F . 28.06 -14.29 4.38
O3 BGC F . 27.59 -12.05 2.76
O4 BGC F . 29.58 -11.57 0.66
O5 BGC F . 31.28 -14.13 2.65
O6 BGC F . 32.96 -13.24 0.07
C2 BGC F . 25.29 -11.46 2.20
C3 BGC F . 24.37 -10.73 1.27
C4 BGC F . 25.07 -9.60 0.61
C5 BGC F . 26.44 -10.00 0.05
C6 BGC F . 26.99 -8.85 -0.63
C1 BGC F . 26.77 -11.68 1.74
O2 BGC F . 24.67 -12.65 2.70
O3 BGC F . 23.15 -10.28 1.94
O4 BGC F . 24.28 -8.99 -0.42
O5 BGC F . 27.33 -10.47 1.09
O6 BGC F . 27.45 -7.86 0.19
C2 BGC F . 21.25 -11.00 3.22
C3 BGC F . 19.99 -11.77 3.19
C4 BGC F . 19.13 -11.43 2.05
C5 BGC F . 19.91 -11.39 0.73
C6 BGC F . 19.11 -10.73 -0.37
C1 BGC F . 22.08 -11.14 1.94
O2 BGC F . 21.98 -11.34 4.37
O3 BGC F . 19.33 -11.47 4.47
O4 BGC F . 18.16 -12.42 1.89
O5 BGC F . 21.25 -10.82 0.80
O6 BGC F . 19.81 -10.63 -1.55
C2 BGC F . 18.65 -12.36 6.59
C3 BGC F . 17.95 -13.50 7.23
C4 BGC F . 16.65 -13.83 6.59
C5 BGC F . 16.93 -13.97 5.08
C6 BGC F . 15.82 -14.57 4.31
C1 BGC F . 18.74 -12.53 5.10
O2 BGC F . 20.00 -12.21 7.09
O3 BGC F . 17.79 -13.30 8.66
O4 BGC F . 16.19 -15.07 7.15
O5 BGC F . 17.42 -12.76 4.51
O6 BGC F . 14.91 -15.30 5.05
C2 BGC F . 19.34 -13.28 10.53
C3 BGC F . 20.10 -14.12 11.46
C4 BGC F . 19.32 -15.26 11.99
C5 BGC F . 18.70 -16.01 10.87
C6 BGC F . 17.81 -17.09 11.38
C1 BGC F . 18.65 -14.08 9.45
O2 BGC F . 20.18 -12.31 9.89
O3 BGC F . 20.65 -13.32 12.55
O4 BGC F . 20.13 -16.19 12.72
O5 BGC F . 17.91 -15.15 10.06
O6 BGC F . 17.59 -18.11 10.42
C1 EDO G . -4.57 3.86 -29.41
O1 EDO G . -3.93 4.63 -28.39
C2 EDO G . -5.99 4.39 -29.65
O2 EDO G . -6.86 4.06 -28.56
H11 EDO G . -3.99 3.90 -30.33
H12 EDO G . -4.62 2.81 -29.09
HO1 EDO G . -3.08 4.23 -28.19
H21 EDO G . -6.39 3.96 -30.57
H22 EDO G . -5.93 5.48 -29.75
HO2 EDO G . -7.79 4.18 -28.83
C1 EDO H . 30.14 22.84 4.70
O1 EDO H . 30.93 23.63 5.57
C2 EDO H . 28.74 23.41 4.74
O2 EDO H . 28.18 23.43 6.08
H11 EDO H . 30.14 21.80 5.01
H12 EDO H . 30.53 22.89 3.69
HO1 EDO H . 31.76 23.16 5.74
H21 EDO H . 28.07 22.87 4.07
H22 EDO H . 28.82 24.44 4.38
HO2 EDO H . 27.22 23.59 6.04
#